data_7RK9
#
_entry.id   7RK9
#
_cell.length_a   1.00
_cell.length_b   1.00
_cell.length_c   1.00
_cell.angle_alpha   90.00
_cell.angle_beta   90.00
_cell.angle_gamma   90.00
#
_symmetry.space_group_name_H-M   'P 1'
#
_entity_poly.entity_id   1
_entity_poly.type   'polypeptide(L)'
_entity_poly.pdbx_seq_one_letter_code
;MAADGYLPDWLEDNLSEGIREWWDLKPGAPKPKANQQKQDDGRGLVLPGYKYLGPFNGLDKGEPVNAADAAALEHDKAYD
QQLKAGDNPYLRYNHADAEFQERLQEDTSFGGNLGRAVFQAKKRVLEPLGLVEEGAKTAPGKKRPVEQSPQEPDSSSGIG
KTGQQPAKKRLNFGQTGDSESVPDPQPLGEPPATPAAVGPTTMASGGGAPMADNNEGADGVGNASGNWHCDSTWLGDRVI
TTSTRTWALPTYNNHLYKQISSASTGASNDNHYFGYSTPWGYFDFNRFHCHFSPRDWQRLINNNWGFRPKRLNFKLFNIQ
VKEVTTNDGVTTIANNLTSTVQVFSDSEYQLPYVLGSAHQGCLPPFPADVFMIPQYGYLTLNNGSQAVGRSSFYCLEYFP
SQMLRTGNNFTFSYTFEEVPFHSSYAHSQSLDRLMNPLIDQYLYYLNRTQNQSGSAQNKDLLFSRGSPAGMSVQPKNWLP
GPCYRQQRVSKTKTDNNNSNFTWTGASKYNLNGRESIINPGTAMASHKDDEDKFFPMSGVMIFGKESAGASNTALDNVMI
TDEEEIKATNPVATERFGTVAVNFQSSSTLAVPFKTDPATGDVHAMGALPGMVWQDRDVYLQGPIWAKIPHTDGHFHPSP
LMGGFGLKNPPPQILIKNTPVPANPPAEFSATKFASFITQYSTGQVSVEIEWELQKENSKRWNPEVQYTSNYAKSANVDF
TVDNNGLYTEPRPIGTRYLTRPL
;
_entity_poly.pdbx_strand_id   A,B,C,D,E,F,G,H,I,J,K,L,M,N,O,P,Q,R,S,T,V,W,X,Y,Z,AA,BA,CA,DA,EA,FA,GA,HA,IA,JA,KA,LA,MA,NA,OA,PA,QA,RA,SA,TA,UA,VA,WA,XA,YA,ZA,AB,BB,CB,DB,EB,FB,GB,HB,IB
#
# COMPACT_ATOMS: atom_id res chain seq x y z
N ASP A 219 -24.73 50.77 -66.06
CA ASP A 219 -25.58 50.49 -64.92
C ASP A 219 -27.05 50.70 -65.24
N GLY A 220 -27.35 51.01 -66.50
CA GLY A 220 -28.71 51.11 -66.97
C GLY A 220 -28.98 52.43 -67.67
N VAL A 221 -30.10 52.45 -68.38
CA VAL A 221 -30.54 53.65 -69.09
C VAL A 221 -31.00 54.73 -68.12
N GLY A 222 -31.73 54.35 -67.08
CA GLY A 222 -32.35 55.33 -66.19
C GLY A 222 -31.60 55.59 -64.91
N ASN A 223 -30.33 55.23 -64.87
CA ASN A 223 -29.49 55.41 -63.70
C ASN A 223 -28.27 56.22 -64.09
N ALA A 224 -28.03 57.32 -63.39
CA ALA A 224 -26.87 58.17 -63.68
C ALA A 224 -25.59 57.46 -63.25
N SER A 225 -24.55 57.56 -64.07
CA SER A 225 -23.29 56.90 -63.80
C SER A 225 -22.27 57.79 -63.11
N GLY A 226 -22.66 59.00 -62.73
CA GLY A 226 -21.76 59.84 -61.97
C GLY A 226 -22.47 61.09 -61.51
N ASN A 227 -21.81 61.81 -60.62
CA ASN A 227 -22.33 63.03 -60.05
C ASN A 227 -21.44 64.21 -60.43
N TRP A 228 -21.97 65.41 -60.22
CA TRP A 228 -21.23 66.63 -60.49
C TRP A 228 -20.30 66.91 -59.33
N HIS A 229 -19.00 66.82 -59.57
CA HIS A 229 -17.98 67.07 -58.56
C HIS A 229 -17.15 68.25 -59.01
N CYS A 230 -17.52 69.45 -58.59
CA CYS A 230 -16.78 70.66 -58.88
C CYS A 230 -16.57 71.41 -57.57
N ASP A 231 -15.34 71.41 -57.09
CA ASP A 231 -15.06 71.85 -55.73
C ASP A 231 -13.58 72.20 -55.63
N SER A 232 -13.17 72.68 -54.47
CA SER A 232 -11.77 72.92 -54.16
C SER A 232 -11.59 72.82 -52.67
N THR A 233 -10.77 71.88 -52.22
CA THR A 233 -10.53 71.64 -50.81
C THR A 233 -9.10 72.02 -50.48
N TRP A 234 -8.93 72.85 -49.46
CA TRP A 234 -7.63 73.32 -49.05
C TRP A 234 -7.25 72.64 -47.74
N LEU A 235 -6.27 71.78 -47.80
CA LEU A 235 -5.69 71.18 -46.61
C LEU A 235 -4.49 72.00 -46.19
N GLY A 236 -3.70 71.50 -45.25
CA GLY A 236 -2.56 72.29 -44.78
C GLY A 236 -1.53 72.54 -45.85
N ASP A 237 -1.09 71.49 -46.53
CA ASP A 237 -0.06 71.61 -47.54
C ASP A 237 -0.51 71.10 -48.90
N ARG A 238 -1.75 70.69 -49.05
CA ARG A 238 -2.30 70.24 -50.31
C ARG A 238 -3.50 71.09 -50.66
N VAL A 239 -3.81 71.16 -51.95
CA VAL A 239 -5.11 71.63 -52.41
C VAL A 239 -5.60 70.66 -53.47
N ILE A 240 -6.85 70.24 -53.34
CA ILE A 240 -7.47 69.32 -54.29
C ILE A 240 -8.53 70.08 -55.06
N THR A 241 -8.35 70.19 -56.37
CA THR A 241 -9.28 70.89 -57.24
C THR A 241 -10.03 69.87 -58.09
N THR A 242 -11.36 69.93 -58.06
CA THR A 242 -12.21 69.08 -58.88
C THR A 242 -13.01 69.95 -59.84
N SER A 243 -13.13 69.50 -61.08
CA SER A 243 -13.84 70.23 -62.10
C SER A 243 -14.67 69.28 -62.94
N THR A 244 -15.96 69.54 -63.05
CA THR A 244 -16.85 68.81 -63.94
C THR A 244 -17.33 69.75 -65.03
N ARG A 245 -17.35 69.25 -66.26
CA ARG A 245 -17.82 70.00 -67.41
C ARG A 245 -18.70 69.12 -68.29
N THR A 246 -19.52 69.75 -69.09
CA THR A 246 -20.36 69.06 -70.07
C THR A 246 -19.73 69.20 -71.45
N TRP A 247 -19.50 68.07 -72.11
CA TRP A 247 -18.85 68.04 -73.40
C TRP A 247 -19.80 67.50 -74.47
N ALA A 248 -19.56 67.95 -75.69
CA ALA A 248 -20.19 67.44 -76.90
C ALA A 248 -19.11 66.97 -77.86
N LEU A 249 -19.24 65.75 -78.35
CA LEU A 249 -18.31 65.14 -79.28
C LEU A 249 -19.02 64.84 -80.58
N PRO A 250 -18.64 65.45 -81.68
CA PRO A 250 -19.26 65.12 -82.98
C PRO A 250 -18.57 63.96 -83.66
N THR A 251 -19.00 63.64 -84.86
CA THR A 251 -18.28 62.72 -85.72
C THR A 251 -17.33 63.52 -86.59
N TYR A 252 -16.05 63.16 -86.55
CA TYR A 252 -15.01 63.86 -87.28
C TYR A 252 -14.61 63.06 -88.51
N ASN A 253 -14.52 63.76 -89.65
CA ASN A 253 -14.01 63.20 -90.90
C ASN A 253 -14.91 62.14 -91.51
N ASN A 254 -16.14 62.01 -91.03
CA ASN A 254 -17.02 60.90 -91.40
C ASN A 254 -16.37 59.56 -91.09
N HIS A 255 -15.77 59.47 -89.90
CA HIS A 255 -15.13 58.25 -89.40
C HIS A 255 -13.92 57.84 -90.24
N LEU A 256 -13.29 58.81 -90.89
CA LEU A 256 -12.19 58.51 -91.81
C LEU A 256 -10.88 59.06 -91.26
N TYR A 257 -9.80 58.37 -91.59
CA TYR A 257 -8.45 58.87 -91.40
C TYR A 257 -8.04 59.55 -92.70
N LYS A 258 -7.63 60.81 -92.62
CA LYS A 258 -7.28 61.55 -93.81
C LYS A 258 -5.84 62.04 -93.71
N GLN A 259 -5.14 62.01 -94.83
CA GLN A 259 -3.77 62.51 -94.91
C GLN A 259 -3.82 63.99 -95.27
N ILE A 260 -3.18 64.81 -94.45
CA ILE A 260 -3.21 66.26 -94.64
C ILE A 260 -1.78 66.74 -94.87
N SER A 261 -1.65 67.75 -95.72
CA SER A 261 -0.36 68.36 -95.99
C SER A 261 -0.58 69.79 -96.45
N SER A 262 0.48 70.46 -96.86
CA SER A 262 0.42 71.84 -97.30
C SER A 262 0.46 71.98 -98.82
N ALA A 263 0.36 70.86 -99.55
CA ALA A 263 0.49 70.90 -101.00
C ALA A 263 -0.62 71.72 -101.64
N SER A 264 -1.86 71.52 -101.21
CA SER A 264 -2.95 72.33 -101.74
C SER A 264 -2.93 73.74 -101.16
N THR A 265 -2.43 73.90 -99.93
CA THR A 265 -2.35 75.22 -99.33
C THR A 265 -1.42 76.14 -100.09
N GLY A 266 -0.32 75.58 -100.62
CA GLY A 266 0.65 76.43 -101.30
C GLY A 266 1.38 77.37 -100.37
N ALA A 267 1.81 76.88 -99.21
CA ALA A 267 2.44 77.71 -98.20
C ALA A 267 3.91 77.93 -98.54
N SER A 268 4.57 78.73 -97.72
CA SER A 268 6.00 78.95 -97.85
C SER A 268 6.76 77.73 -97.34
N ASN A 269 8.06 77.71 -97.62
CA ASN A 269 8.89 76.57 -97.21
C ASN A 269 8.90 76.41 -95.69
N ASP A 270 8.73 77.51 -94.95
CA ASP A 270 8.73 77.44 -93.50
C ASP A 270 7.46 76.85 -92.93
N ASN A 271 6.36 76.87 -93.69
CA ASN A 271 5.06 76.45 -93.20
C ASN A 271 4.62 75.11 -93.78
N HIS A 272 5.52 74.41 -94.46
CA HIS A 272 5.19 73.11 -95.03
C HIS A 272 4.98 72.08 -93.93
N TYR A 273 4.06 71.15 -94.15
CA TYR A 273 3.82 70.10 -93.17
C TYR A 273 3.20 68.89 -93.86
N PHE A 274 3.28 67.76 -93.16
CA PHE A 274 2.67 66.51 -93.59
C PHE A 274 2.18 65.81 -92.34
N GLY A 275 0.97 65.30 -92.38
CA GLY A 275 0.44 64.63 -91.20
C GLY A 275 -0.86 63.93 -91.49
N TYR A 276 -1.58 63.63 -90.42
CA TYR A 276 -2.82 62.88 -90.51
C TYR A 276 -3.87 63.49 -89.59
N SER A 277 -5.12 63.42 -90.05
CA SER A 277 -6.30 63.82 -89.30
C SER A 277 -7.07 62.56 -88.94
N THR A 278 -7.32 62.35 -87.66
CA THR A 278 -8.04 61.15 -87.27
C THR A 278 -9.49 61.48 -86.98
N PRO A 279 -10.38 60.48 -86.97
CA PRO A 279 -11.76 60.71 -86.55
C PRO A 279 -11.95 60.82 -85.05
N TRP A 280 -10.88 60.78 -84.27
CA TRP A 280 -10.95 60.84 -82.82
C TRP A 280 -10.87 62.27 -82.33
N GLY A 281 -11.47 62.52 -81.16
CA GLY A 281 -11.23 63.72 -80.39
C GLY A 281 -10.43 63.36 -79.16
N TYR A 282 -9.96 64.39 -78.47
CA TYR A 282 -9.18 64.17 -77.27
C TYR A 282 -9.64 65.12 -76.18
N PHE A 283 -9.38 64.74 -74.94
CA PHE A 283 -9.72 65.53 -73.78
C PHE A 283 -8.50 66.31 -73.32
N ASP A 284 -8.67 67.62 -73.14
CA ASP A 284 -7.60 68.52 -72.76
C ASP A 284 -7.99 69.30 -71.52
N PHE A 285 -7.16 69.23 -70.48
CA PHE A 285 -7.34 70.03 -69.29
C PHE A 285 -5.98 70.60 -68.88
N ASN A 286 -5.23 71.08 -69.86
CA ASN A 286 -3.87 71.57 -69.64
C ASN A 286 -3.82 73.08 -69.55
N ARG A 287 -4.79 73.69 -68.88
CA ARG A 287 -4.75 75.09 -68.50
C ARG A 287 -5.12 75.21 -67.04
N PHE A 288 -4.59 76.24 -66.38
CA PHE A 288 -4.78 76.35 -64.94
C PHE A 288 -6.22 76.73 -64.58
N HIS A 289 -6.92 77.45 -65.46
CA HIS A 289 -8.28 77.85 -65.16
C HIS A 289 -9.29 76.73 -65.40
N CYS A 290 -8.87 75.60 -65.96
CA CYS A 290 -9.72 74.41 -65.98
C CYS A 290 -9.87 73.83 -64.58
N HIS A 291 -9.02 74.22 -63.65
CA HIS A 291 -8.99 73.65 -62.31
C HIS A 291 -9.16 74.67 -61.21
N PHE A 292 -8.67 75.89 -61.38
CA PHE A 292 -8.73 76.92 -60.35
C PHE A 292 -9.73 77.99 -60.76
N SER A 293 -10.64 78.33 -59.84
CA SER A 293 -11.39 79.56 -59.98
C SER A 293 -10.44 80.73 -59.75
N PRO A 294 -10.80 81.93 -60.21
CA PRO A 294 -9.93 83.08 -59.91
C PRO A 294 -9.74 83.31 -58.43
N ARG A 295 -10.75 83.07 -57.60
CA ARG A 295 -10.59 83.17 -56.15
C ARG A 295 -9.59 82.15 -55.64
N ASP A 296 -9.66 80.91 -56.12
CA ASP A 296 -8.71 79.89 -55.69
C ASP A 296 -7.29 80.22 -56.16
N TRP A 297 -7.17 80.75 -57.36
CA TRP A 297 -5.87 81.17 -57.86
C TRP A 297 -5.28 82.27 -57.00
N GLN A 298 -6.09 83.25 -56.63
CA GLN A 298 -5.63 84.32 -55.76
C GLN A 298 -5.22 83.78 -54.40
N ARG A 299 -6.02 82.86 -53.85
CA ARG A 299 -5.69 82.24 -52.57
C ARG A 299 -4.37 81.50 -52.65
N LEU A 300 -4.11 80.82 -53.76
CA LEU A 300 -2.85 80.10 -53.94
C LEU A 300 -1.67 81.06 -54.03
N ILE A 301 -1.77 82.06 -54.92
CA ILE A 301 -0.62 82.89 -55.24
C ILE A 301 -0.33 83.93 -54.17
N ASN A 302 -1.31 84.29 -53.34
CA ASN A 302 -1.06 85.27 -52.29
C ASN A 302 -0.49 84.64 -51.04
N ASN A 303 -0.45 83.31 -50.95
CA ASN A 303 -0.10 82.64 -49.71
C ASN A 303 0.97 81.59 -49.86
N ASN A 304 1.29 81.13 -51.06
CA ASN A 304 2.23 80.03 -51.22
C ASN A 304 3.46 80.48 -51.96
N TRP A 305 4.61 79.99 -51.51
CA TRP A 305 5.88 80.23 -52.21
C TRP A 305 6.07 79.31 -53.39
N GLY A 306 5.37 78.19 -53.44
CA GLY A 306 5.49 77.35 -54.61
C GLY A 306 4.39 76.30 -54.65
N PHE A 307 4.27 75.67 -55.80
CA PHE A 307 3.27 74.60 -55.89
C PHE A 307 3.63 73.64 -57.01
N ARG A 308 3.05 72.45 -56.95
CA ARG A 308 3.28 71.46 -58.01
C ARG A 308 2.16 70.43 -57.97
N PRO A 309 1.91 69.72 -59.07
CA PRO A 309 0.88 68.68 -59.06
C PRO A 309 1.39 67.32 -58.59
N LYS A 310 0.57 66.67 -57.77
CA LYS A 310 0.82 65.37 -57.19
C LYS A 310 0.06 64.26 -57.89
N ARG A 311 -1.26 64.38 -58.03
CA ARG A 311 -1.96 63.26 -58.66
C ARG A 311 -3.24 63.75 -59.31
N LEU A 312 -3.82 62.91 -60.16
CA LEU A 312 -5.07 63.27 -60.80
C LEU A 312 -5.96 62.05 -61.02
N ASN A 313 -7.26 62.30 -61.01
CA ASN A 313 -8.31 61.36 -61.36
C ASN A 313 -9.13 61.93 -62.50
N PHE A 314 -9.46 61.09 -63.46
CA PHE A 314 -10.25 61.47 -64.62
C PHE A 314 -11.44 60.54 -64.67
N LYS A 315 -12.63 61.11 -64.85
CA LYS A 315 -13.85 60.33 -64.97
C LYS A 315 -14.67 60.86 -66.14
N LEU A 316 -15.31 59.94 -66.84
CA LEU A 316 -16.18 60.21 -67.98
C LEU A 316 -17.49 59.50 -67.72
N PHE A 317 -18.59 60.24 -67.65
CA PHE A 317 -19.82 59.64 -67.17
C PHE A 317 -21.01 60.33 -67.84
N ASN A 318 -22.16 59.66 -67.73
CA ASN A 318 -23.45 60.14 -68.25
C ASN A 318 -23.40 60.33 -69.76
N ILE A 319 -23.02 59.27 -70.46
CA ILE A 319 -22.90 59.30 -71.90
C ILE A 319 -24.29 59.27 -72.54
N GLN A 320 -24.52 60.15 -73.50
CA GLN A 320 -25.74 60.14 -74.29
C GLN A 320 -25.37 60.26 -75.75
N VAL A 321 -25.69 59.25 -76.54
CA VAL A 321 -25.50 59.29 -77.97
C VAL A 321 -26.80 59.74 -78.61
N LYS A 322 -26.71 60.72 -79.50
CA LYS A 322 -27.87 61.31 -80.15
C LYS A 322 -27.75 61.13 -81.66
N GLU A 323 -28.82 60.61 -82.25
CA GLU A 323 -28.98 60.47 -83.69
C GLU A 323 -29.63 61.72 -84.27
N VAL A 324 -29.10 62.17 -85.41
CA VAL A 324 -29.55 63.39 -86.06
C VAL A 324 -30.00 63.06 -87.48
N THR A 325 -31.21 63.51 -87.85
CA THR A 325 -31.72 63.38 -89.21
C THR A 325 -32.21 64.74 -89.67
N THR A 326 -31.72 65.23 -90.80
CA THR A 326 -32.21 66.47 -91.40
C THR A 326 -32.99 66.13 -92.66
N ASN A 327 -34.28 66.46 -92.64
CA ASN A 327 -35.17 66.25 -93.78
C ASN A 327 -35.91 67.54 -94.10
N ASP A 328 -35.89 67.93 -95.37
CA ASP A 328 -36.59 69.13 -95.84
C ASP A 328 -36.18 70.37 -95.06
N GLY A 329 -34.96 70.36 -94.51
CA GLY A 329 -34.45 71.48 -93.77
C GLY A 329 -34.69 71.44 -92.28
N VAL A 330 -35.56 70.55 -91.80
CA VAL A 330 -35.84 70.46 -90.37
C VAL A 330 -35.08 69.27 -89.79
N THR A 331 -34.57 69.46 -88.58
CA THR A 331 -33.65 68.53 -87.95
C THR A 331 -34.32 67.86 -86.76
N THR A 332 -34.27 66.53 -86.75
CA THR A 332 -34.76 65.71 -85.65
C THR A 332 -33.58 65.09 -84.93
N ILE A 333 -33.60 65.18 -83.60
CA ILE A 333 -32.60 64.55 -82.76
C ILE A 333 -33.30 63.55 -81.86
N ALA A 334 -32.79 62.32 -81.83
CA ALA A 334 -33.34 61.26 -81.00
C ALA A 334 -32.22 60.64 -80.19
N ASN A 335 -32.60 59.87 -79.18
CA ASN A 335 -31.62 59.12 -78.41
C ASN A 335 -31.31 57.80 -79.10
N ASN A 336 -30.04 57.45 -79.13
CA ASN A 336 -29.61 56.16 -79.64
C ASN A 336 -29.09 55.38 -78.43
N LEU A 337 -29.95 54.53 -77.87
CA LEU A 337 -29.64 53.88 -76.60
C LEU A 337 -28.61 52.78 -76.72
N THR A 338 -28.36 52.27 -77.92
CA THR A 338 -27.47 51.13 -78.11
C THR A 338 -26.14 51.51 -78.76
N SER A 339 -25.87 52.80 -78.95
CA SER A 339 -24.62 53.22 -79.55
C SER A 339 -23.54 53.40 -78.48
N THR A 340 -22.29 53.37 -78.91
CA THR A 340 -21.15 53.41 -78.02
C THR A 340 -20.21 54.54 -78.38
N VAL A 341 -19.46 54.99 -77.38
CA VAL A 341 -18.28 55.81 -77.57
C VAL A 341 -17.08 54.99 -77.14
N GLN A 342 -16.03 55.00 -77.96
CA GLN A 342 -14.76 54.36 -77.62
C GLN A 342 -13.86 55.37 -76.94
N VAL A 343 -13.32 54.99 -75.78
CA VAL A 343 -12.41 55.84 -75.02
C VAL A 343 -11.17 55.03 -74.67
N PHE A 344 -10.00 55.63 -74.84
CA PHE A 344 -8.81 55.00 -74.31
C PHE A 344 -7.80 56.07 -73.89
N SER A 345 -6.95 55.68 -72.95
CA SER A 345 -5.87 56.53 -72.46
C SER A 345 -4.56 56.01 -73.01
N ASP A 346 -3.74 56.91 -73.56
CA ASP A 346 -2.47 56.51 -74.16
C ASP A 346 -1.39 56.54 -73.08
N SER A 347 -1.47 55.55 -72.19
CA SER A 347 -0.64 55.53 -71.00
C SER A 347 0.82 55.19 -71.27
N GLU A 348 1.13 54.59 -72.41
CA GLU A 348 2.49 54.24 -72.76
C GLU A 348 3.13 55.24 -73.72
N TYR A 349 2.44 56.34 -74.02
CA TYR A 349 2.97 57.41 -74.86
C TYR A 349 3.44 56.87 -76.21
N GLN A 350 2.62 56.03 -76.81
CA GLN A 350 2.91 55.45 -78.11
C GLN A 350 2.39 56.30 -79.26
N LEU A 351 1.66 57.34 -78.97
CA LEU A 351 1.10 58.25 -79.94
C LEU A 351 1.83 59.58 -79.91
N PRO A 352 1.78 60.35 -80.98
CA PRO A 352 2.30 61.72 -80.92
C PRO A 352 1.53 62.53 -79.89
N TYR A 353 2.28 63.24 -79.05
CA TYR A 353 1.69 64.04 -77.97
C TYR A 353 1.40 65.43 -78.49
N VAL A 354 0.12 65.71 -78.75
CA VAL A 354 -0.25 67.03 -79.26
C VAL A 354 -0.67 67.97 -78.14
N LEU A 355 -0.83 67.47 -76.92
CA LEU A 355 -1.00 68.35 -75.78
C LEU A 355 0.31 69.07 -75.52
N GLY A 356 0.24 70.17 -74.79
CA GLY A 356 1.44 70.93 -74.53
C GLY A 356 1.87 71.83 -75.67
N SER A 357 1.02 72.05 -76.66
CA SER A 357 1.25 73.03 -77.71
C SER A 357 0.33 74.23 -77.60
N ALA A 358 -0.37 74.36 -76.47
CA ALA A 358 -1.24 75.50 -76.18
C ALA A 358 -2.38 75.62 -77.19
N HIS A 359 -3.12 74.53 -77.36
CA HIS A 359 -4.22 74.51 -78.30
C HIS A 359 -5.55 74.78 -77.61
N GLN A 360 -6.50 75.24 -78.41
CA GLN A 360 -7.87 75.38 -77.94
C GLN A 360 -8.51 74.02 -77.75
N GLY A 361 -9.62 74.00 -77.00
CA GLY A 361 -10.32 72.77 -76.77
C GLY A 361 -10.23 72.23 -75.36
N CYS A 362 -9.61 72.99 -74.46
CA CYS A 362 -9.56 72.60 -73.06
C CYS A 362 -10.95 72.73 -72.43
N LEU A 363 -11.07 72.25 -71.21
CA LEU A 363 -12.27 72.53 -70.45
C LEU A 363 -12.40 74.03 -70.25
N PRO A 364 -13.59 74.59 -70.41
CA PRO A 364 -13.76 76.04 -70.26
C PRO A 364 -13.50 76.48 -68.84
N PRO A 365 -13.06 77.72 -68.63
CA PRO A 365 -12.84 78.20 -67.26
C PRO A 365 -14.09 78.22 -66.41
N PHE A 366 -15.22 78.57 -66.99
CA PHE A 366 -16.46 78.66 -66.25
C PHE A 366 -17.16 77.31 -66.21
N PRO A 367 -17.50 76.79 -65.03
CA PRO A 367 -18.08 75.45 -64.94
C PRO A 367 -19.42 75.29 -65.62
N ALA A 368 -20.12 76.39 -65.92
CA ALA A 368 -21.41 76.29 -66.57
C ALA A 368 -21.31 76.15 -68.08
N ASP A 369 -20.11 76.27 -68.65
CA ASP A 369 -19.96 76.26 -70.09
C ASP A 369 -19.87 74.84 -70.63
N VAL A 370 -20.51 74.63 -71.78
CA VAL A 370 -20.50 73.35 -72.47
C VAL A 370 -19.51 73.46 -73.62
N PHE A 371 -18.61 72.50 -73.72
CA PHE A 371 -17.52 72.61 -74.68
C PHE A 371 -17.52 71.45 -75.67
N MET A 372 -17.09 71.77 -76.89
CA MET A 372 -16.92 70.81 -77.96
C MET A 372 -15.55 70.18 -77.85
N ILE A 373 -15.48 68.87 -78.11
CA ILE A 373 -14.22 68.15 -77.99
C ILE A 373 -13.40 68.34 -79.25
N PRO A 374 -12.13 68.74 -79.15
CA PRO A 374 -11.32 68.98 -80.34
C PRO A 374 -10.89 67.71 -81.04
N GLN A 375 -10.69 67.82 -82.35
CA GLN A 375 -10.30 66.68 -83.16
C GLN A 375 -8.82 66.35 -82.99
N TYR A 376 -8.49 65.07 -83.02
CA TYR A 376 -7.11 64.65 -82.92
C TYR A 376 -6.46 64.57 -84.30
N GLY A 377 -5.26 65.10 -84.39
CA GLY A 377 -4.46 65.00 -85.59
C GLY A 377 -3.02 65.19 -85.19
N TYR A 378 -2.13 64.71 -86.03
CA TYR A 378 -0.71 64.82 -85.73
C TYR A 378 0.05 65.11 -87.00
N LEU A 379 1.30 65.52 -86.83
CA LEU A 379 2.22 65.76 -87.92
C LEU A 379 3.35 64.74 -87.82
N THR A 380 3.92 64.40 -88.97
CA THR A 380 5.05 63.48 -89.03
C THR A 380 6.14 64.12 -89.86
N LEU A 381 7.24 63.39 -90.04
CA LEU A 381 8.36 63.91 -90.80
C LEU A 381 7.93 64.28 -92.20
N ASN A 382 8.35 65.46 -92.65
CA ASN A 382 7.99 65.94 -93.97
C ASN A 382 9.21 66.51 -94.67
N ASN A 383 9.22 66.38 -95.99
CA ASN A 383 10.22 66.97 -96.87
C ASN A 383 9.47 67.91 -97.80
N GLY A 384 9.25 69.13 -97.33
CA GLY A 384 8.33 70.01 -98.01
C GLY A 384 6.91 69.61 -97.67
N SER A 385 6.08 69.45 -98.69
CA SER A 385 4.74 68.93 -98.50
C SER A 385 4.67 67.42 -98.64
N GLN A 386 5.81 66.77 -98.83
CA GLN A 386 5.87 65.33 -99.02
C GLN A 386 6.28 64.64 -97.73
N ALA A 387 6.15 63.31 -97.72
CA ALA A 387 6.56 62.49 -96.61
C ALA A 387 7.93 61.90 -96.89
N VAL A 388 8.44 61.12 -95.94
CA VAL A 388 9.67 60.36 -96.11
C VAL A 388 9.39 58.92 -95.70
N GLY A 389 10.43 58.09 -95.78
CA GLY A 389 10.28 56.70 -95.38
C GLY A 389 10.02 56.53 -93.90
N ARG A 390 10.60 57.39 -93.08
CA ARG A 390 10.48 57.32 -91.63
C ARG A 390 9.26 58.06 -91.12
N SER A 391 8.46 58.64 -92.00
CA SER A 391 7.19 59.22 -91.59
C SER A 391 6.28 58.13 -91.07
N SER A 392 5.71 58.35 -89.90
CA SER A 392 4.89 57.36 -89.23
C SER A 392 3.41 57.61 -89.48
N PHE A 393 2.64 56.54 -89.44
CA PHE A 393 1.19 56.58 -89.47
C PHE A 393 0.68 55.78 -88.29
N TYR A 394 -0.32 56.31 -87.60
CA TYR A 394 -0.88 55.67 -86.42
C TYR A 394 -2.37 55.50 -86.63
N CYS A 395 -2.82 54.25 -86.65
CA CYS A 395 -4.24 53.96 -86.53
C CYS A 395 -4.58 53.91 -85.04
N LEU A 396 -5.51 54.75 -84.62
CA LEU A 396 -5.90 54.76 -83.21
C LEU A 396 -6.88 53.65 -82.89
N GLU A 397 -7.48 53.01 -83.89
CA GLU A 397 -8.24 51.80 -83.66
C GLU A 397 -7.37 50.60 -83.39
N TYR A 398 -6.06 50.73 -83.58
CA TYR A 398 -5.09 49.70 -83.25
C TYR A 398 -4.71 49.71 -81.79
N PHE A 399 -5.54 50.32 -80.94
CA PHE A 399 -5.38 50.34 -79.50
C PHE A 399 -6.56 49.64 -78.85
N PRO A 400 -6.38 49.07 -77.67
CA PRO A 400 -7.53 48.62 -76.88
C PRO A 400 -8.32 49.81 -76.35
N SER A 401 -9.60 49.85 -76.68
CA SER A 401 -10.50 50.91 -76.24
C SER A 401 -11.58 50.31 -75.36
N GLN A 402 -12.08 51.12 -74.43
CA GLN A 402 -13.28 50.77 -73.70
C GLN A 402 -14.48 51.34 -74.44
N MET A 403 -15.45 50.48 -74.73
CA MET A 403 -16.69 50.88 -75.39
C MET A 403 -17.74 51.18 -74.34
N LEU A 404 -18.32 52.37 -74.40
CA LEU A 404 -19.24 52.86 -73.39
C LEU A 404 -20.60 53.08 -74.02
N ARG A 405 -21.60 52.38 -73.51
CA ARG A 405 -22.99 52.69 -73.82
C ARG A 405 -23.49 53.71 -72.81
N THR A 406 -24.78 54.03 -72.84
CA THR A 406 -25.28 55.14 -72.04
C THR A 406 -25.24 54.87 -70.55
N GLY A 407 -25.04 53.64 -70.12
CA GLY A 407 -24.99 53.34 -68.71
C GLY A 407 -23.60 53.13 -68.15
N ASN A 408 -22.58 53.26 -69.00
CA ASN A 408 -21.20 53.00 -68.62
C ASN A 408 -20.46 54.29 -68.32
N ASN A 409 -19.40 54.17 -67.54
CA ASN A 409 -18.48 55.26 -67.27
C ASN A 409 -17.05 54.79 -67.45
N PHE A 410 -16.13 55.74 -67.41
CA PHE A 410 -14.71 55.51 -67.64
C PHE A 410 -13.92 56.23 -66.56
N THR A 411 -12.99 55.53 -65.92
CA THR A 411 -12.16 56.15 -64.89
C THR A 411 -10.69 55.90 -65.20
N PHE A 412 -9.85 56.79 -64.70
CA PHE A 412 -8.42 56.68 -64.95
C PHE A 412 -7.66 57.50 -63.92
N SER A 413 -6.67 56.89 -63.28
CA SER A 413 -5.85 57.59 -62.30
C SER A 413 -4.43 57.76 -62.81
N TYR A 414 -3.78 58.83 -62.35
CA TYR A 414 -2.43 59.11 -62.79
C TYR A 414 -1.68 59.79 -61.65
N THR A 415 -0.41 59.44 -61.49
CA THR A 415 0.46 60.06 -60.50
C THR A 415 1.55 60.83 -61.21
N PHE A 416 1.73 62.09 -60.82
CA PHE A 416 2.81 62.89 -61.37
C PHE A 416 4.15 62.45 -60.83
N GLU A 417 5.18 62.55 -61.66
CA GLU A 417 6.54 62.37 -61.20
C GLU A 417 6.95 63.53 -60.30
N GLU A 418 8.02 63.33 -59.55
CA GLU A 418 8.52 64.36 -58.65
C GLU A 418 9.14 65.47 -59.48
N VAL A 419 8.35 66.52 -59.71
CA VAL A 419 8.76 67.68 -60.48
C VAL A 419 9.10 68.77 -59.47
N PRO A 420 10.00 69.71 -59.76
CA PRO A 420 10.24 70.81 -58.82
C PRO A 420 9.02 71.71 -58.70
N PHE A 421 8.89 72.31 -57.51
CA PHE A 421 7.85 73.30 -57.29
C PHE A 421 8.02 74.46 -58.25
N HIS A 422 6.92 74.92 -58.82
CA HIS A 422 6.92 76.21 -59.47
C HIS A 422 7.01 77.30 -58.43
N SER A 423 7.77 78.34 -58.76
CA SER A 423 8.10 79.44 -57.87
C SER A 423 7.01 80.51 -57.93
N SER A 424 6.18 80.59 -56.91
CA SER A 424 5.17 81.63 -56.81
C SER A 424 5.70 82.87 -56.10
N TYR A 425 6.99 83.13 -56.19
CA TYR A 425 7.62 84.24 -55.50
C TYR A 425 8.46 85.06 -56.47
N ALA A 426 8.65 86.32 -56.12
CA ALA A 426 9.71 87.15 -56.65
C ALA A 426 10.85 87.22 -55.65
N HIS A 427 11.97 87.77 -56.10
CA HIS A 427 13.13 87.94 -55.25
C HIS A 427 13.18 89.36 -54.72
N SER A 428 13.46 89.49 -53.42
CA SER A 428 13.58 90.78 -52.78
C SER A 428 14.94 91.43 -53.01
N GLN A 429 15.90 90.68 -53.54
CA GLN A 429 17.22 91.19 -53.84
C GLN A 429 17.52 90.97 -55.32
N SER A 430 18.39 91.81 -55.85
CA SER A 430 18.92 91.64 -57.19
C SER A 430 20.24 90.90 -57.12
N LEU A 431 20.58 90.23 -58.23
CA LEU A 431 21.78 89.38 -58.23
C LEU A 431 23.05 90.20 -58.13
N ASP A 432 23.06 91.42 -58.65
CA ASP A 432 24.21 92.29 -58.56
C ASP A 432 24.19 93.16 -57.31
N ARG A 433 23.34 92.84 -56.34
CA ARG A 433 23.19 93.61 -55.11
C ARG A 433 23.11 92.67 -53.92
N LEU A 434 23.98 91.66 -53.87
CA LEU A 434 23.94 90.65 -52.84
C LEU A 434 24.95 90.90 -51.73
N MET A 435 25.60 92.06 -51.75
CA MET A 435 26.70 92.36 -50.84
C MET A 435 26.20 93.10 -49.61
N ASN A 436 27.05 93.15 -48.60
CA ASN A 436 26.85 94.05 -47.47
C ASN A 436 27.16 95.47 -47.93
N PRO A 437 26.21 96.40 -47.84
CA PRO A 437 26.47 97.78 -48.29
C PRO A 437 27.26 98.63 -47.33
N LEU A 438 27.74 98.07 -46.22
CA LEU A 438 28.51 98.84 -45.25
C LEU A 438 29.97 98.45 -45.19
N ILE A 439 30.31 97.22 -45.55
CA ILE A 439 31.67 96.70 -45.39
C ILE A 439 32.35 96.66 -46.74
N ASP A 440 33.65 96.94 -46.75
CA ASP A 440 34.45 96.81 -47.94
C ASP A 440 34.78 95.34 -48.20
N GLN A 441 35.40 95.08 -49.33
CA GLN A 441 35.89 93.76 -49.67
C GLN A 441 37.37 93.65 -49.35
N TYR A 442 37.87 92.42 -49.32
CA TYR A 442 39.31 92.21 -49.26
C TYR A 442 39.90 91.91 -50.62
N LEU A 443 39.09 92.01 -51.68
CA LEU A 443 39.53 91.76 -53.04
C LEU A 443 39.75 93.09 -53.76
N TYR A 444 40.82 93.16 -54.53
CA TYR A 444 41.14 94.35 -55.29
C TYR A 444 40.83 94.14 -56.76
N TYR A 445 40.62 95.25 -57.47
CA TYR A 445 40.38 95.23 -58.89
C TYR A 445 41.18 96.35 -59.53
N LEU A 446 41.49 96.19 -60.80
CA LEU A 446 42.17 97.26 -61.53
C LEU A 446 41.20 98.40 -61.78
N ASN A 447 41.51 99.56 -61.23
CA ASN A 447 40.61 100.71 -61.28
C ASN A 447 41.02 101.73 -62.33
N ARG A 448 42.30 102.03 -62.43
CA ARG A 448 42.82 102.99 -63.40
C ARG A 448 43.99 102.38 -64.14
N THR A 449 44.04 102.61 -65.46
CA THR A 449 45.25 102.37 -66.23
C THR A 449 45.91 103.66 -66.69
N GLN A 450 45.48 104.80 -66.17
CA GLN A 450 46.09 106.09 -66.41
C GLN A 450 46.24 106.82 -65.08
N ASN A 451 47.09 107.84 -65.07
CA ASN A 451 47.31 108.60 -63.84
C ASN A 451 46.07 109.39 -63.47
N GLN A 452 45.74 109.38 -62.18
CA GLN A 452 44.54 110.03 -61.70
C GLN A 452 44.66 111.55 -61.67
N SER A 453 45.88 112.08 -61.52
CA SER A 453 46.07 113.52 -61.36
C SER A 453 45.59 114.30 -62.58
N GLY A 454 45.95 113.84 -63.78
CA GLY A 454 45.50 114.46 -65.00
C GLY A 454 46.40 115.57 -65.53
N SER A 455 47.34 116.07 -64.73
CA SER A 455 48.28 117.07 -65.24
C SER A 455 49.12 116.48 -66.36
N ALA A 456 49.56 115.25 -66.20
CA ALA A 456 50.12 114.44 -67.28
C ALA A 456 49.13 113.35 -67.64
N GLN A 457 49.35 112.71 -68.78
CA GLN A 457 48.48 111.65 -69.28
C GLN A 457 49.21 110.31 -69.35
N ASN A 458 49.94 109.99 -68.29
CA ASN A 458 50.76 108.79 -68.28
C ASN A 458 49.92 107.57 -67.88
N LYS A 459 50.35 106.41 -68.34
CA LYS A 459 49.70 105.17 -67.97
C LYS A 459 50.11 104.76 -66.56
N ASP A 460 49.38 103.80 -66.01
CA ASP A 460 49.67 103.29 -64.68
C ASP A 460 48.91 101.99 -64.47
N LEU A 461 49.04 101.43 -63.27
CA LEU A 461 48.28 100.25 -62.86
C LEU A 461 47.86 100.52 -61.42
N LEU A 462 46.68 101.09 -61.25
CA LEU A 462 46.15 101.49 -59.96
C LEU A 462 45.00 100.57 -59.57
N PHE A 463 45.06 100.02 -58.37
CA PHE A 463 44.11 99.03 -57.91
C PHE A 463 43.31 99.59 -56.74
N SER A 464 42.00 99.33 -56.75
CA SER A 464 41.13 99.78 -55.69
C SER A 464 40.50 98.58 -55.00
N ARG A 465 40.06 98.81 -53.78
CA ARG A 465 39.36 97.80 -53.00
C ARG A 465 37.88 97.86 -53.27
N GLY A 466 37.25 96.68 -53.32
CA GLY A 466 35.82 96.60 -53.49
C GLY A 466 35.09 97.30 -52.36
N SER A 467 34.36 98.36 -52.68
CA SER A 467 33.72 99.22 -51.69
C SER A 467 32.26 99.43 -52.04
N PRO A 468 31.43 99.79 -51.06
CA PRO A 468 30.02 100.08 -51.35
C PRO A 468 29.82 101.30 -52.23
N ALA A 469 30.83 102.17 -52.38
CA ALA A 469 30.71 103.29 -53.30
C ALA A 469 30.56 102.80 -54.73
N GLY A 470 31.44 101.92 -55.18
CA GLY A 470 31.28 101.31 -56.47
C GLY A 470 30.87 99.86 -56.36
N MET A 471 29.59 99.59 -56.55
CA MET A 471 29.06 98.24 -56.47
C MET A 471 29.09 97.53 -57.80
N SER A 472 29.20 98.26 -58.90
CA SER A 472 29.23 97.65 -60.22
C SER A 472 30.56 96.99 -60.53
N VAL A 473 31.64 97.38 -59.85
CA VAL A 473 32.97 96.86 -60.13
C VAL A 473 33.43 95.86 -59.07
N GLN A 474 32.60 95.59 -58.08
CA GLN A 474 32.97 94.61 -57.07
C GLN A 474 33.01 93.21 -57.67
N PRO A 475 34.01 92.40 -57.32
CA PRO A 475 33.95 90.98 -57.68
C PRO A 475 32.70 90.32 -57.10
N LYS A 476 32.11 89.44 -57.90
CA LYS A 476 30.87 88.76 -57.52
C LYS A 476 31.00 87.28 -57.81
N ASN A 477 30.04 86.51 -57.30
CA ASN A 477 30.12 85.06 -57.34
C ASN A 477 29.26 84.43 -58.43
N TRP A 478 28.27 85.13 -58.96
CA TRP A 478 27.29 84.54 -59.85
C TRP A 478 27.07 85.44 -61.05
N LEU A 479 26.41 84.88 -62.06
CA LEU A 479 26.11 85.55 -63.31
C LEU A 479 24.62 85.47 -63.61
N PRO A 480 24.08 86.44 -64.33
CA PRO A 480 22.68 86.34 -64.75
C PRO A 480 22.49 85.24 -65.78
N GLY A 481 21.26 84.75 -65.86
CA GLY A 481 20.93 83.64 -66.73
C GLY A 481 21.20 83.90 -68.19
N PRO A 482 21.02 82.88 -69.02
CA PRO A 482 21.29 83.03 -70.46
C PRO A 482 20.27 83.92 -71.14
N CYS A 483 20.67 84.45 -72.29
CA CYS A 483 19.81 85.36 -73.02
C CYS A 483 19.83 85.02 -74.50
N TYR A 484 18.77 85.42 -75.20
CA TYR A 484 18.68 85.36 -76.65
C TYR A 484 17.86 86.56 -77.11
N ARG A 485 18.55 87.62 -77.49
CA ARG A 485 17.93 88.94 -77.60
C ARG A 485 16.75 88.95 -78.56
N GLN A 486 15.70 89.67 -78.18
CA GLN A 486 14.51 89.88 -78.98
C GLN A 486 14.44 91.33 -79.43
N GLN A 487 13.57 91.59 -80.39
CA GLN A 487 13.36 92.94 -80.87
C GLN A 487 12.37 93.66 -79.97
N ARG A 488 12.60 94.96 -79.77
CA ARG A 488 11.83 95.75 -78.82
C ARG A 488 10.70 96.44 -79.56
N VAL A 489 9.46 96.14 -79.17
CA VAL A 489 8.27 96.74 -79.76
C VAL A 489 7.59 97.58 -78.69
N SER A 490 7.18 98.78 -79.06
CA SER A 490 6.47 99.66 -78.16
C SER A 490 4.96 99.43 -78.26
N LYS A 491 4.30 99.39 -77.10
CA LYS A 491 2.85 99.30 -77.07
C LYS A 491 2.19 100.55 -77.64
N THR A 492 2.92 101.67 -77.68
CA THR A 492 2.49 102.87 -78.38
C THR A 492 2.99 102.80 -79.81
N LYS A 493 2.08 102.62 -80.76
CA LYS A 493 2.47 102.26 -82.11
C LYS A 493 3.25 103.34 -82.84
N THR A 494 3.15 104.61 -82.40
CA THR A 494 3.85 105.68 -83.10
C THR A 494 5.36 105.62 -82.94
N ASP A 495 5.86 104.97 -81.89
CA ASP A 495 7.29 104.87 -81.67
C ASP A 495 7.93 103.68 -82.36
N ASN A 496 7.16 102.87 -83.07
CA ASN A 496 7.70 101.73 -83.79
C ASN A 496 8.08 102.13 -85.21
N ASN A 497 9.05 101.40 -85.75
CA ASN A 497 9.51 101.67 -87.11
C ASN A 497 8.38 101.42 -88.11
N ASN A 498 8.37 102.21 -89.18
CA ASN A 498 7.34 102.09 -90.20
C ASN A 498 7.73 100.99 -91.20
N SER A 499 7.56 99.75 -90.75
CA SER A 499 7.75 98.57 -91.58
C SER A 499 7.09 97.41 -90.86
N ASN A 500 7.05 96.26 -91.54
CA ASN A 500 6.43 95.10 -90.91
C ASN A 500 7.38 94.46 -89.89
N PHE A 501 8.50 93.92 -90.36
CA PHE A 501 9.61 93.46 -89.52
C PHE A 501 9.18 92.49 -88.42
N THR A 502 7.96 91.97 -88.48
CA THR A 502 7.58 90.90 -87.57
C THR A 502 8.15 89.56 -87.97
N TRP A 503 8.58 89.41 -89.20
CA TRP A 503 9.28 88.21 -89.63
C TRP A 503 10.72 88.48 -90.02
N THR A 504 11.00 89.60 -90.69
CA THR A 504 12.36 89.87 -91.10
C THR A 504 13.24 90.32 -89.94
N GLY A 505 12.68 90.95 -88.92
CA GLY A 505 13.47 91.46 -87.83
C GLY A 505 13.31 90.69 -86.54
N ALA A 506 12.92 89.43 -86.65
CA ALA A 506 12.58 88.64 -85.48
C ALA A 506 13.62 87.55 -85.20
N SER A 507 13.75 87.21 -83.93
CA SER A 507 14.63 86.12 -83.52
C SER A 507 14.00 84.79 -83.90
N LYS A 508 14.69 84.02 -84.72
CA LYS A 508 14.15 82.75 -85.17
C LYS A 508 15.28 81.75 -85.26
N TYR A 509 14.92 80.46 -85.29
CA TYR A 509 15.91 79.41 -85.38
C TYR A 509 15.73 78.61 -86.65
N ASN A 510 16.83 78.03 -87.10
CA ASN A 510 16.90 77.26 -88.34
C ASN A 510 16.89 75.78 -88.01
N LEU A 511 15.96 75.03 -88.61
CA LEU A 511 15.88 73.60 -88.38
C LEU A 511 15.51 72.91 -89.69
N ASN A 512 16.43 72.12 -90.23
CA ASN A 512 16.22 71.39 -91.48
C ASN A 512 15.86 72.33 -92.63
N GLY A 513 16.43 73.53 -92.61
CA GLY A 513 16.27 74.46 -93.69
C GLY A 513 15.09 75.39 -93.60
N ARG A 514 14.22 75.23 -92.60
CA ARG A 514 13.09 76.12 -92.45
C ARG A 514 13.14 76.80 -91.08
N GLU A 515 12.80 78.09 -91.08
CA GLU A 515 12.94 78.95 -89.93
C GLU A 515 11.67 78.94 -89.10
N SER A 516 11.86 79.08 -87.78
CA SER A 516 10.75 79.10 -86.84
C SER A 516 11.00 80.20 -85.83
N ILE A 517 9.98 81.03 -85.59
CA ILE A 517 10.10 82.07 -84.58
C ILE A 517 10.30 81.42 -83.22
N ILE A 518 11.14 82.04 -82.39
CA ILE A 518 11.44 81.46 -81.09
C ILE A 518 10.18 81.41 -80.23
N ASN A 519 9.64 82.57 -79.86
CA ASN A 519 8.28 82.69 -79.31
C ASN A 519 7.92 81.66 -78.24
N PRO A 520 8.30 81.87 -76.97
CA PRO A 520 8.93 83.06 -76.41
C PRO A 520 10.40 82.84 -76.03
N GLY A 521 10.83 81.59 -76.05
CA GLY A 521 12.24 81.31 -75.84
C GLY A 521 12.66 81.50 -74.40
N THR A 522 13.88 82.02 -74.23
CA THR A 522 14.49 82.14 -72.92
C THR A 522 13.65 83.02 -72.01
N ALA A 523 13.60 82.65 -70.73
CA ALA A 523 12.86 83.40 -69.74
C ALA A 523 13.64 84.64 -69.37
N MET A 524 13.22 85.78 -69.90
CA MET A 524 13.90 87.04 -69.67
C MET A 524 12.89 88.10 -69.28
N ALA A 525 13.38 89.16 -68.66
CA ALA A 525 12.53 90.27 -68.29
C ALA A 525 11.97 90.96 -69.52
N SER A 526 10.69 91.32 -69.47
CA SER A 526 10.05 91.95 -70.62
C SER A 526 10.66 93.32 -70.90
N HIS A 527 10.97 94.09 -69.87
CA HIS A 527 11.49 95.44 -70.04
C HIS A 527 12.30 95.79 -68.81
N LYS A 528 12.85 97.00 -68.82
CA LYS A 528 13.58 97.53 -67.68
C LYS A 528 12.63 98.27 -66.75
N ASP A 529 13.19 98.98 -65.78
CA ASP A 529 12.40 99.87 -64.94
C ASP A 529 11.96 101.08 -65.74
N ASP A 530 10.73 101.52 -65.49
CA ASP A 530 10.17 102.72 -66.12
C ASP A 530 10.10 102.58 -67.65
N GLU A 531 9.90 101.36 -68.12
CA GLU A 531 9.87 101.08 -69.55
C GLU A 531 8.76 100.09 -69.89
N ASP A 532 7.64 100.20 -69.18
CA ASP A 532 6.52 99.27 -69.38
C ASP A 532 5.88 99.38 -70.75
N LYS A 533 6.18 100.44 -71.50
CA LYS A 533 5.64 100.62 -72.84
C LYS A 533 6.27 99.71 -73.88
N PHE A 534 7.34 99.01 -73.53
CA PHE A 534 8.05 98.13 -74.46
C PHE A 534 7.87 96.68 -74.07
N PHE A 535 7.77 95.82 -75.08
CA PHE A 535 7.77 94.38 -74.88
C PHE A 535 8.59 93.73 -75.98
N PRO A 536 9.20 92.58 -75.70
CA PRO A 536 9.88 91.85 -76.77
C PRO A 536 8.90 91.36 -77.82
N MET A 537 9.34 91.36 -79.07
CA MET A 537 8.41 91.15 -80.18
C MET A 537 7.75 89.78 -80.09
N SER A 538 8.52 88.75 -79.73
CA SER A 538 7.97 87.41 -79.55
C SER A 538 8.52 86.79 -78.28
N GLY A 539 8.56 87.57 -77.21
CA GLY A 539 9.12 87.09 -75.96
C GLY A 539 8.12 87.00 -74.83
N VAL A 540 6.86 87.30 -75.13
CA VAL A 540 5.83 87.38 -74.12
C VAL A 540 4.66 86.49 -74.51
N MET A 541 3.98 85.96 -73.51
CA MET A 541 2.75 85.21 -73.74
C MET A 541 1.60 86.19 -73.90
N ILE A 542 0.89 86.09 -75.01
CA ILE A 542 -0.20 87.02 -75.32
C ILE A 542 -1.48 86.21 -75.34
N PHE A 543 -2.40 86.56 -74.44
CA PHE A 543 -3.73 85.95 -74.40
C PHE A 543 -4.73 86.88 -75.04
N GLY A 544 -5.66 86.32 -75.81
CA GLY A 544 -6.70 87.09 -76.43
C GLY A 544 -7.90 87.23 -75.49
N LYS A 545 -8.48 88.41 -75.48
CA LYS A 545 -9.74 88.59 -74.78
C LYS A 545 -10.88 88.01 -75.61
N GLU A 546 -12.02 87.83 -74.97
CA GLU A 546 -13.21 87.47 -75.74
C GLU A 546 -13.55 88.63 -76.68
N SER A 547 -14.09 88.26 -77.85
CA SER A 547 -14.25 89.19 -78.96
C SER A 547 -12.91 89.65 -79.51
N ALA A 548 -11.96 88.73 -79.61
CA ALA A 548 -10.71 88.95 -80.34
C ALA A 548 -10.72 88.08 -81.58
N GLY A 549 -10.41 88.68 -82.72
CA GLY A 549 -10.40 87.94 -83.97
C GLY A 549 -9.27 86.94 -84.02
N ALA A 550 -9.35 86.06 -85.01
CA ALA A 550 -8.31 85.06 -85.20
C ALA A 550 -7.05 85.65 -85.80
N SER A 551 -7.20 86.64 -86.69
CA SER A 551 -6.07 87.20 -87.41
C SER A 551 -6.12 88.73 -87.37
N ASN A 552 -4.96 89.34 -87.13
CA ASN A 552 -4.80 90.79 -87.17
C ASN A 552 -5.78 91.50 -86.25
N THR A 553 -5.98 90.96 -85.06
CA THR A 553 -6.79 91.64 -84.06
C THR A 553 -5.97 92.78 -83.43
N ALA A 554 -6.59 93.49 -82.50
CA ALA A 554 -5.99 94.72 -81.99
C ALA A 554 -5.34 94.51 -80.63
N LEU A 555 -4.40 95.42 -80.34
CA LEU A 555 -3.77 95.47 -79.04
C LEU A 555 -4.80 95.62 -77.94
N ASP A 556 -5.92 96.26 -78.24
CA ASP A 556 -7.01 96.37 -77.28
C ASP A 556 -7.69 95.03 -77.06
N ASN A 557 -7.61 94.14 -78.04
CA ASN A 557 -8.26 92.84 -77.93
C ASN A 557 -7.34 91.76 -77.38
N VAL A 558 -6.04 92.03 -77.27
CA VAL A 558 -5.13 91.05 -76.68
C VAL A 558 -4.64 91.54 -75.32
N MET A 559 -4.22 90.59 -74.50
CA MET A 559 -3.61 90.86 -73.20
C MET A 559 -2.16 90.38 -73.21
N ILE A 560 -1.23 91.32 -73.12
CA ILE A 560 0.20 91.01 -73.14
C ILE A 560 0.67 90.80 -71.70
N THR A 561 1.34 89.69 -71.45
CA THR A 561 1.86 89.44 -70.12
C THR A 561 3.15 90.22 -69.89
N ASP A 562 3.57 90.25 -68.64
CA ASP A 562 4.79 90.93 -68.23
C ASP A 562 5.61 89.99 -67.36
N GLU A 563 6.92 90.01 -67.55
CA GLU A 563 7.86 89.23 -66.75
C GLU A 563 8.75 90.14 -65.91
N GLU A 564 8.13 91.14 -65.29
CA GLU A 564 8.88 92.18 -64.61
C GLU A 564 9.50 91.68 -63.30
N GLU A 565 9.01 90.56 -62.78
CA GLU A 565 9.45 90.11 -61.46
C GLU A 565 10.79 89.40 -61.51
N ILE A 566 11.26 88.99 -62.68
CA ILE A 566 12.49 88.22 -62.78
C ILE A 566 13.65 89.08 -63.27
N LYS A 567 13.52 90.40 -63.15
CA LYS A 567 14.65 91.29 -63.42
C LYS A 567 15.79 91.09 -62.43
N ALA A 568 15.52 90.47 -61.28
CA ALA A 568 16.54 90.30 -60.26
C ALA A 568 17.62 89.33 -60.69
N THR A 569 17.30 88.37 -61.54
CA THR A 569 18.24 87.34 -61.95
C THR A 569 18.35 87.15 -63.45
N ASN A 570 17.39 87.60 -64.24
CA ASN A 570 17.38 87.34 -65.66
C ASN A 570 17.66 88.60 -66.46
N PRO A 571 18.36 88.49 -67.59
CA PRO A 571 18.58 89.66 -68.43
C PRO A 571 17.27 90.13 -69.05
N VAL A 572 17.24 91.43 -69.39
CA VAL A 572 16.08 91.97 -70.08
C VAL A 572 16.05 91.45 -71.51
N ALA A 573 14.87 91.05 -71.95
CA ALA A 573 14.73 90.32 -73.21
C ALA A 573 15.17 91.12 -74.42
N THR A 574 15.06 92.44 -74.38
CA THR A 574 15.32 93.28 -75.54
C THR A 574 16.71 93.89 -75.54
N GLU A 575 17.56 93.56 -74.58
CA GLU A 575 18.89 94.13 -74.48
C GLU A 575 19.95 93.04 -74.42
N ARG A 576 21.18 93.43 -74.69
CA ARG A 576 22.28 92.50 -74.76
C ARG A 576 22.56 91.88 -73.39
N PHE A 577 23.15 90.69 -73.41
CA PHE A 577 23.63 90.10 -72.16
C PHE A 577 24.72 90.97 -71.55
N GLY A 578 25.61 91.49 -72.38
CA GLY A 578 26.70 92.31 -71.91
C GLY A 578 27.69 92.54 -73.03
N THR A 579 28.87 93.00 -72.64
CA THR A 579 29.96 93.23 -73.58
C THR A 579 31.10 92.26 -73.31
N VAL A 580 31.90 92.05 -74.33
CA VAL A 580 33.03 91.13 -74.27
C VAL A 580 34.21 91.76 -74.99
N ALA A 581 35.42 91.51 -74.49
CA ALA A 581 36.61 91.97 -75.18
C ALA A 581 36.78 91.21 -76.48
N VAL A 582 37.21 91.90 -77.53
CA VAL A 582 37.32 91.30 -78.85
C VAL A 582 38.70 91.46 -79.47
N ASN A 583 39.66 92.04 -78.77
CA ASN A 583 40.99 92.23 -79.33
C ASN A 583 42.00 92.27 -78.19
N PHE A 584 43.26 92.56 -78.53
CA PHE A 584 44.31 92.79 -77.55
C PHE A 584 44.66 94.27 -77.57
N GLN A 585 44.53 94.93 -76.43
CA GLN A 585 44.98 96.31 -76.31
C GLN A 585 46.49 96.34 -76.18
N SER A 586 47.10 97.36 -76.77
CA SER A 586 48.54 97.52 -76.72
C SER A 586 48.89 98.98 -76.95
N SER A 587 50.11 99.32 -76.59
CA SER A 587 50.65 100.66 -76.83
C SER A 587 51.51 100.67 -78.08
N SER A 588 51.75 101.87 -78.60
CA SER A 588 52.61 102.03 -79.76
C SER A 588 54.06 101.72 -79.41
N THR A 589 54.79 101.17 -80.38
CA THR A 589 56.19 100.85 -80.19
C THR A 589 57.01 101.21 -81.42
N VAL A 592 56.63 98.18 -83.09
CA VAL A 592 55.32 98.06 -83.70
C VAL A 592 54.53 99.34 -83.47
N PRO A 593 54.75 100.34 -84.33
CA PRO A 593 54.10 101.64 -84.12
C PRO A 593 52.65 101.67 -84.57
N PHE A 594 51.89 100.62 -84.23
CA PHE A 594 50.46 100.54 -84.52
C PHE A 594 49.74 100.31 -83.20
N LYS A 595 49.41 101.40 -82.52
CA LYS A 595 48.69 101.33 -81.26
C LYS A 595 47.32 100.70 -81.46
N THR A 596 46.95 99.80 -80.54
CA THR A 596 45.67 99.10 -80.60
C THR A 596 44.83 99.50 -79.40
N ASP A 597 43.74 100.23 -79.66
CA ASP A 597 42.81 100.54 -78.60
C ASP A 597 42.02 99.29 -78.20
N PRO A 598 41.68 99.14 -76.93
CA PRO A 598 40.81 98.03 -76.53
C PRO A 598 39.44 98.16 -77.19
N ALA A 599 38.87 97.01 -77.53
CA ALA A 599 37.60 96.98 -78.24
C ALA A 599 36.68 95.94 -77.60
N THR A 600 35.42 96.32 -77.44
CA THR A 600 34.40 95.44 -76.90
C THR A 600 33.28 95.26 -77.92
N GLY A 601 32.60 94.14 -77.82
CA GLY A 601 31.45 93.87 -78.65
C GLY A 601 30.29 93.41 -77.80
N ASP A 602 29.09 93.74 -78.25
CA ASP A 602 27.88 93.37 -77.55
C ASP A 602 27.59 91.88 -77.72
N VAL A 603 27.17 91.25 -76.63
CA VAL A 603 26.84 89.83 -76.61
C VAL A 603 25.32 89.73 -76.63
N HIS A 604 24.76 89.29 -77.75
CA HIS A 604 23.32 89.29 -77.94
C HIS A 604 22.68 87.95 -77.60
N ALA A 605 23.38 86.85 -77.87
CA ALA A 605 22.94 85.52 -77.48
C ALA A 605 24.03 84.88 -76.64
N MET A 606 23.69 84.51 -75.41
CA MET A 606 24.64 83.92 -74.47
C MET A 606 24.09 82.59 -74.00
N GLY A 607 24.86 81.53 -74.21
CA GLY A 607 24.51 80.23 -73.70
C GLY A 607 24.90 80.10 -72.24
N ALA A 608 24.61 78.93 -71.69
CA ALA A 608 24.82 78.71 -70.26
C ALA A 608 26.31 78.72 -69.93
N LEU A 609 26.69 79.57 -68.99
CA LEU A 609 28.01 79.61 -68.37
C LEU A 609 27.93 79.11 -66.94
N PRO A 610 28.96 78.44 -66.44
CA PRO A 610 28.94 78.05 -65.02
C PRO A 610 28.89 79.28 -64.13
N GLY A 611 28.12 79.18 -63.06
CA GLY A 611 27.83 80.29 -62.20
C GLY A 611 26.57 81.05 -62.56
N MET A 612 25.93 80.71 -63.68
CA MET A 612 24.69 81.37 -64.07
C MET A 612 23.53 80.91 -63.20
N VAL A 613 22.65 81.86 -62.87
CA VAL A 613 21.43 81.57 -62.15
C VAL A 613 20.29 82.31 -62.84
N TRP A 614 19.12 81.70 -62.87
CA TRP A 614 17.99 82.29 -63.55
C TRP A 614 16.69 81.79 -62.95
N GLN A 615 15.61 82.49 -63.27
CA GLN A 615 14.25 82.05 -62.97
C GLN A 615 13.57 81.61 -64.26
N ASP A 616 12.63 80.69 -64.12
CA ASP A 616 11.85 80.23 -65.25
C ASP A 616 10.70 81.19 -65.51
N ARG A 617 9.99 80.95 -66.61
CA ARG A 617 8.82 81.76 -66.94
C ARG A 617 7.70 81.52 -65.93
N ASP A 618 6.90 82.55 -65.72
CA ASP A 618 5.76 82.45 -64.83
C ASP A 618 4.63 81.65 -65.46
N VAL A 619 3.80 81.07 -64.62
CA VAL A 619 2.58 80.42 -65.06
C VAL A 619 1.42 81.35 -64.79
N TYR A 620 0.36 81.21 -65.58
CA TYR A 620 -0.80 82.10 -65.50
C TYR A 620 -2.05 81.25 -65.36
N LEU A 621 -3.11 81.88 -64.84
CA LEU A 621 -4.37 81.16 -64.71
C LEU A 621 -4.90 80.70 -66.06
N GLN A 622 -4.64 81.46 -67.11
CA GLN A 622 -5.06 81.10 -68.46
C GLN A 622 -4.02 80.29 -69.22
N GLY A 623 -2.88 79.98 -68.60
CA GLY A 623 -1.79 79.37 -69.31
C GLY A 623 -1.69 77.87 -69.12
N PRO A 624 -0.75 77.24 -69.83
CA PRO A 624 -0.60 75.78 -69.73
C PRO A 624 -0.01 75.35 -68.40
N ILE A 625 -0.30 74.11 -68.03
CA ILE A 625 0.22 73.53 -66.79
C ILE A 625 1.50 72.76 -67.04
N TRP A 626 1.49 71.84 -67.99
CA TRP A 626 2.61 70.94 -68.19
C TRP A 626 2.94 70.85 -69.67
N ALA A 627 4.04 70.15 -69.94
CA ALA A 627 4.43 69.79 -71.29
C ALA A 627 5.24 68.51 -71.24
N LYS A 628 5.08 67.66 -72.24
CA LYS A 628 5.92 66.48 -72.36
C LYS A 628 7.32 66.86 -72.79
N ILE A 629 8.31 66.40 -72.04
CA ILE A 629 9.70 66.60 -72.43
C ILE A 629 10.02 65.65 -73.58
N PRO A 630 10.56 66.15 -74.70
CA PRO A 630 10.85 65.26 -75.82
C PRO A 630 11.81 64.15 -75.43
N HIS A 631 11.56 62.96 -75.97
CA HIS A 631 12.41 61.80 -75.68
C HIS A 631 13.64 61.89 -76.57
N THR A 632 14.64 62.59 -76.07
CA THR A 632 15.90 62.82 -76.77
C THR A 632 17.05 62.36 -75.91
N ASP A 633 18.23 62.29 -76.54
CA ASP A 633 19.43 61.91 -75.79
C ASP A 633 19.80 62.96 -74.76
N GLY A 634 19.71 64.23 -75.12
CA GLY A 634 20.07 65.29 -74.21
C GLY A 634 19.03 66.39 -74.20
N HIS A 635 18.95 67.05 -73.06
CA HIS A 635 18.14 68.25 -72.90
C HIS A 635 18.70 69.04 -71.73
N PHE A 636 18.69 70.36 -71.85
CA PHE A 636 19.23 71.23 -70.83
C PHE A 636 18.09 71.95 -70.14
N HIS A 637 17.93 71.72 -68.84
CA HIS A 637 16.92 72.34 -68.00
C HIS A 637 15.53 72.19 -68.63
N PRO A 638 14.98 70.99 -68.64
CA PRO A 638 13.78 70.72 -69.46
C PRO A 638 12.51 71.31 -68.87
N SER A 639 12.52 72.62 -68.69
CA SER A 639 11.34 73.37 -68.29
C SER A 639 10.72 74.00 -69.52
N PRO A 640 9.43 73.81 -69.77
CA PRO A 640 8.83 74.30 -71.01
C PRO A 640 8.97 75.81 -71.13
N LEU A 641 9.17 76.28 -72.36
CA LEU A 641 9.44 77.69 -72.56
C LEU A 641 8.18 78.53 -72.47
N MET A 642 7.00 77.92 -72.66
CA MET A 642 5.76 78.63 -72.38
C MET A 642 5.46 78.73 -70.90
N GLY A 643 6.17 78.00 -70.06
CA GLY A 643 5.91 77.98 -68.64
C GLY A 643 5.21 76.72 -68.22
N GLY A 644 5.47 76.30 -66.99
CA GLY A 644 4.83 75.10 -66.48
C GLY A 644 5.81 74.03 -66.07
N PHE A 645 5.32 72.81 -65.96
CA PHE A 645 6.10 71.67 -65.52
C PHE A 645 6.44 70.79 -66.72
N GLY A 646 7.71 70.53 -66.92
CA GLY A 646 8.12 69.57 -67.93
C GLY A 646 8.12 68.19 -67.34
N LEU A 647 7.35 67.28 -67.93
CA LEU A 647 7.22 65.93 -67.42
C LEU A 647 7.70 64.95 -68.47
N LYS A 648 8.52 63.98 -68.06
CA LYS A 648 8.92 62.91 -68.97
C LYS A 648 7.74 62.02 -69.31
N ASN A 649 6.94 61.67 -68.30
CA ASN A 649 5.68 60.95 -68.47
C ASN A 649 4.56 61.89 -68.06
N PRO A 650 4.05 62.72 -68.95
CA PRO A 650 2.99 63.65 -68.59
C PRO A 650 1.67 62.92 -68.44
N PRO A 651 0.60 63.59 -68.04
CA PRO A 651 -0.72 62.97 -68.08
C PRO A 651 -1.04 62.52 -69.49
N PRO A 652 -1.43 61.27 -69.67
CA PRO A 652 -1.63 60.74 -71.01
C PRO A 652 -2.86 61.32 -71.68
N GLN A 653 -2.86 61.23 -73.00
CA GLN A 653 -3.99 61.70 -73.78
C GLN A 653 -5.16 60.74 -73.67
N ILE A 654 -6.34 61.28 -73.40
CA ILE A 654 -7.57 60.52 -73.41
C ILE A 654 -8.26 60.79 -74.73
N LEU A 655 -8.44 59.74 -75.52
CA LEU A 655 -8.98 59.84 -76.86
C LEU A 655 -10.33 59.17 -76.91
N ILE A 656 -11.29 59.84 -77.54
CA ILE A 656 -12.68 59.44 -77.52
C ILE A 656 -13.25 59.62 -78.91
N LYS A 657 -14.09 58.68 -79.33
CA LYS A 657 -14.80 58.87 -80.59
C LYS A 657 -16.12 58.11 -80.54
N ASN A 658 -17.03 58.49 -81.41
CA ASN A 658 -18.29 57.78 -81.54
C ASN A 658 -18.07 56.55 -82.41
N THR A 659 -18.54 55.40 -81.97
CA THR A 659 -18.43 54.21 -82.80
C THR A 659 -19.35 54.38 -84.01
N PRO A 660 -18.83 54.18 -85.23
CA PRO A 660 -19.68 54.36 -86.42
C PRO A 660 -20.84 53.37 -86.44
N VAL A 661 -22.02 53.87 -86.80
CA VAL A 661 -23.21 53.06 -86.98
C VAL A 661 -23.57 53.10 -88.46
N PRO A 662 -23.39 52.02 -89.21
CA PRO A 662 -23.70 52.04 -90.64
C PRO A 662 -25.18 52.22 -90.90
N ALA A 663 -25.49 52.85 -92.02
CA ALA A 663 -26.86 52.94 -92.49
C ALA A 663 -27.28 51.63 -93.14
N ASN A 664 -28.41 51.65 -93.84
CA ASN A 664 -28.97 50.43 -94.40
C ASN A 664 -28.04 49.86 -95.48
N PRO A 665 -27.57 48.63 -95.34
CA PRO A 665 -26.69 48.05 -96.35
C PRO A 665 -27.49 47.59 -97.56
N PRO A 666 -26.84 47.37 -98.69
CA PRO A 666 -27.55 46.88 -99.87
C PRO A 666 -28.02 45.45 -99.68
N ALA A 667 -28.99 45.06 -100.50
CA ALA A 667 -29.51 43.69 -100.44
C ALA A 667 -28.47 42.67 -100.90
N GLU A 668 -27.70 43.00 -101.92
CA GLU A 668 -26.61 42.17 -102.39
C GLU A 668 -25.29 42.61 -101.77
N PHE A 669 -24.38 41.65 -101.61
CA PHE A 669 -23.11 41.90 -100.96
C PHE A 669 -22.20 42.78 -101.83
N SER A 670 -21.53 43.72 -101.18
CA SER A 670 -20.54 44.57 -101.83
C SER A 670 -19.32 44.64 -100.94
N ALA A 671 -18.14 44.38 -101.51
CA ALA A 671 -16.91 44.44 -100.73
C ALA A 671 -16.39 45.86 -100.56
N THR A 672 -16.94 46.82 -101.28
CA THR A 672 -16.58 48.21 -101.07
C THR A 672 -16.89 48.61 -99.63
N LYS A 673 -15.94 49.29 -98.99
CA LYS A 673 -16.11 49.65 -97.60
C LYS A 673 -17.27 50.62 -97.43
N PHE A 674 -17.89 50.55 -96.27
CA PHE A 674 -19.07 51.35 -95.99
C PHE A 674 -18.72 52.83 -96.01
N ALA A 675 -19.59 53.62 -96.65
CA ALA A 675 -19.45 55.07 -96.66
C ALA A 675 -20.70 55.77 -96.16
N SER A 676 -21.81 55.05 -96.01
CA SER A 676 -23.06 55.61 -95.54
C SER A 676 -23.22 55.25 -94.06
N PHE A 677 -23.24 56.26 -93.21
CA PHE A 677 -23.34 56.06 -91.78
C PHE A 677 -24.50 56.85 -91.22
N ILE A 678 -25.01 56.37 -90.10
CA ILE A 678 -26.04 57.08 -89.36
C ILE A 678 -25.38 58.24 -88.64
N THR A 679 -25.89 59.45 -88.87
CA THR A 679 -25.26 60.66 -88.35
C THR A 679 -25.58 60.79 -86.86
N GLN A 680 -24.55 60.87 -86.03
CA GLN A 680 -24.79 60.98 -84.61
C GLN A 680 -23.64 61.68 -83.92
N TYR A 681 -23.93 62.17 -82.72
CA TYR A 681 -22.94 62.78 -81.86
C TYR A 681 -23.16 62.24 -80.46
N SER A 682 -22.32 62.66 -79.52
CA SER A 682 -22.48 62.24 -78.13
C SER A 682 -22.24 63.41 -77.21
N THR A 683 -22.81 63.33 -76.02
CA THR A 683 -22.64 64.34 -75.00
C THR A 683 -22.42 63.62 -73.68
N GLY A 684 -21.85 64.35 -72.72
CA GLY A 684 -21.63 63.74 -71.44
C GLY A 684 -20.96 64.69 -70.47
N GLN A 685 -20.55 64.14 -69.35
CA GLN A 685 -19.88 64.90 -68.30
C GLN A 685 -18.48 64.33 -68.08
N VAL A 686 -17.53 65.22 -67.84
CA VAL A 686 -16.15 64.87 -67.59
C VAL A 686 -15.72 65.52 -66.27
N SER A 687 -15.07 64.76 -65.42
CA SER A 687 -14.54 65.22 -64.14
C SER A 687 -13.04 65.03 -64.12
N VAL A 688 -12.32 66.07 -63.69
CA VAL A 688 -10.89 65.99 -63.46
C VAL A 688 -10.62 66.49 -62.05
N GLU A 689 -9.90 65.69 -61.27
CA GLU A 689 -9.52 66.05 -59.91
C GLU A 689 -8.01 66.00 -59.80
N ILE A 690 -7.38 67.12 -59.46
CA ILE A 690 -5.94 67.18 -59.27
C ILE A 690 -5.63 67.54 -57.83
N GLU A 691 -4.79 66.73 -57.21
CA GLU A 691 -4.15 67.08 -55.94
C GLU A 691 -2.84 67.77 -56.24
N TRP A 692 -2.64 68.94 -55.63
CA TRP A 692 -1.44 69.76 -55.74
C TRP A 692 -0.79 69.88 -54.37
N GLU A 693 0.53 69.73 -54.35
CA GLU A 693 1.32 70.00 -53.16
C GLU A 693 1.74 71.46 -53.13
N LEU A 694 1.60 72.07 -51.96
CA LEU A 694 1.91 73.47 -51.73
C LEU A 694 3.23 73.58 -50.97
N GLN A 695 3.89 74.70 -51.18
CA GLN A 695 5.12 75.06 -50.47
C GLN A 695 4.86 76.42 -49.86
N LYS A 696 4.64 76.42 -48.54
CA LYS A 696 4.21 77.59 -47.82
C LYS A 696 5.34 78.60 -47.67
N GLU A 697 4.98 79.87 -47.61
CA GLU A 697 5.94 80.90 -47.29
C GLU A 697 6.40 80.76 -45.84
N ASN A 698 7.65 81.08 -45.60
CA ASN A 698 8.22 81.08 -44.25
C ASN A 698 8.97 82.39 -43.99
N SER A 699 8.40 83.49 -44.47
CA SER A 699 9.13 84.75 -44.57
C SER A 699 9.23 85.44 -43.22
N LYS A 700 10.34 86.15 -43.03
CA LYS A 700 10.56 87.00 -41.87
C LYS A 700 10.47 88.47 -42.24
N ARG A 701 9.94 88.77 -43.41
CA ARG A 701 9.79 90.15 -43.88
C ARG A 701 8.87 90.92 -42.96
N TRP A 702 9.22 92.17 -42.68
CA TRP A 702 8.46 92.98 -41.73
C TRP A 702 7.31 93.73 -42.41
N ASN A 703 7.60 94.44 -43.48
CA ASN A 703 6.59 95.22 -44.16
C ASN A 703 5.62 94.31 -44.92
N PRO A 704 4.42 94.79 -45.21
CA PRO A 704 3.45 93.95 -45.91
C PRO A 704 3.88 93.63 -47.34
N GLU A 705 3.44 92.48 -47.82
CA GLU A 705 3.77 92.00 -49.15
C GLU A 705 2.82 92.57 -50.20
N VAL A 706 3.23 92.48 -51.45
CA VAL A 706 2.35 92.76 -52.57
C VAL A 706 1.45 91.56 -52.80
N GLN A 707 0.15 91.79 -52.89
CA GLN A 707 -0.82 90.74 -53.10
C GLN A 707 -1.62 91.04 -54.36
N TYR A 708 -2.12 89.99 -54.99
CA TYR A 708 -3.10 90.18 -56.05
C TYR A 708 -4.44 90.51 -55.41
N THR A 709 -5.06 91.59 -55.84
CA THR A 709 -6.30 92.04 -55.24
C THR A 709 -7.28 92.47 -56.32
N SER A 710 -8.56 92.35 -56.00
CA SER A 710 -9.60 93.01 -56.79
C SER A 710 -9.56 94.51 -56.54
N ASN A 711 -9.92 95.27 -57.56
CA ASN A 711 -10.01 96.71 -57.41
C ASN A 711 -11.34 97.05 -56.75
N TYR A 712 -11.28 97.86 -55.70
CA TYR A 712 -12.47 98.37 -55.04
C TYR A 712 -12.83 99.68 -55.74
N ALA A 713 -13.94 99.67 -56.46
CA ALA A 713 -14.42 100.85 -57.14
C ALA A 713 -15.74 100.51 -57.81
N LYS A 714 -16.60 101.50 -57.94
CA LYS A 714 -17.82 101.29 -58.69
C LYS A 714 -17.47 101.02 -60.14
N SER A 715 -17.87 99.84 -60.62
CA SER A 715 -17.61 99.42 -61.99
C SER A 715 -18.89 98.86 -62.57
N ALA A 716 -19.01 98.97 -63.90
CA ALA A 716 -20.22 98.46 -64.56
C ALA A 716 -20.34 96.96 -64.40
N ASN A 717 -19.21 96.26 -64.33
CA ASN A 717 -19.18 94.81 -64.18
C ASN A 717 -18.22 94.43 -63.05
N VAL A 718 -18.33 93.20 -62.60
CA VAL A 718 -17.37 92.60 -61.68
C VAL A 718 -16.38 91.79 -62.49
N ASP A 719 -15.11 91.86 -62.12
CA ASP A 719 -14.07 91.13 -62.84
C ASP A 719 -14.25 89.62 -62.64
N PHE A 720 -13.93 88.88 -63.70
CA PHE A 720 -14.03 87.41 -63.70
C PHE A 720 -15.45 86.95 -63.43
N THR A 721 -16.41 87.58 -64.10
CA THR A 721 -17.82 87.21 -63.98
C THR A 721 -18.46 87.15 -65.35
N VAL A 722 -19.76 87.00 -65.39
CA VAL A 722 -20.52 87.04 -66.63
C VAL A 722 -21.09 88.44 -66.81
N ASP A 723 -21.41 88.78 -68.04
CA ASP A 723 -22.06 90.05 -68.32
C ASP A 723 -23.58 89.82 -68.41
N ASN A 724 -24.31 90.84 -68.85
CA ASN A 724 -25.76 90.69 -68.98
C ASN A 724 -26.14 89.74 -70.11
N ASN A 725 -25.23 89.42 -71.01
CA ASN A 725 -25.48 88.43 -72.06
C ASN A 725 -25.10 87.02 -71.66
N GLY A 726 -24.49 86.83 -70.51
CA GLY A 726 -24.09 85.51 -70.07
C GLY A 726 -22.71 85.08 -70.48
N LEU A 727 -21.86 85.99 -70.91
CA LEU A 727 -20.54 85.66 -71.43
C LEU A 727 -19.50 85.83 -70.33
N TYR A 728 -18.85 84.74 -69.96
CA TYR A 728 -17.78 84.80 -68.97
C TYR A 728 -16.52 85.36 -69.61
N THR A 729 -15.90 86.33 -68.94
CA THR A 729 -14.70 86.98 -69.43
C THR A 729 -13.67 87.05 -68.31
N GLU A 730 -12.40 87.01 -68.70
CA GLU A 730 -11.29 87.21 -67.78
C GLU A 730 -10.59 88.52 -68.14
N PRO A 731 -10.68 89.54 -67.30
CA PRO A 731 -10.17 90.87 -67.67
C PRO A 731 -8.66 90.94 -67.91
N ARG A 732 -7.88 90.15 -67.19
CA ARG A 732 -6.43 90.27 -67.23
C ARG A 732 -5.82 88.92 -66.96
N PRO A 733 -4.58 88.69 -67.40
CA PRO A 733 -3.86 87.48 -66.99
C PRO A 733 -3.22 87.67 -65.63
N ILE A 734 -3.37 86.67 -64.77
CA ILE A 734 -2.83 86.70 -63.42
C ILE A 734 -1.66 85.73 -63.33
N GLY A 735 -0.50 86.25 -62.94
CA GLY A 735 0.65 85.41 -62.68
C GLY A 735 0.65 84.85 -61.28
N THR A 736 1.82 84.44 -60.83
CA THR A 736 1.97 83.80 -59.52
C THR A 736 2.90 84.56 -58.58
N ARG A 737 3.79 85.39 -59.09
CA ARG A 737 4.90 85.92 -58.31
C ARG A 737 4.46 87.19 -57.59
N TYR A 738 3.92 87.04 -56.38
CA TYR A 738 3.49 88.18 -55.59
C TYR A 738 4.25 88.22 -54.27
N LEU A 739 4.31 87.10 -53.57
CA LEU A 739 5.16 87.01 -52.39
C LEU A 739 6.61 87.14 -52.81
N THR A 740 7.48 87.46 -51.86
CA THR A 740 8.90 87.60 -52.14
C THR A 740 9.72 86.74 -51.20
N ARG A 741 10.95 86.50 -51.60
CA ARG A 741 11.92 85.83 -50.75
C ARG A 741 13.30 86.35 -51.09
N PRO A 742 14.25 86.30 -50.16
CA PRO A 742 15.60 86.78 -50.46
C PRO A 742 16.32 85.89 -51.45
N LEU A 743 17.16 86.53 -52.26
CA LEU A 743 17.84 85.83 -53.34
C LEU A 743 18.96 84.93 -52.82
N ASP B 219 -27.04 41.75 -71.27
CA ASP B 219 -26.74 42.43 -70.01
C ASP B 219 -27.45 43.79 -69.92
N GLY B 220 -28.28 44.10 -70.91
CA GLY B 220 -29.10 45.28 -70.88
C GLY B 220 -28.93 46.12 -72.14
N VAL B 221 -29.88 47.05 -72.30
CA VAL B 221 -29.85 47.97 -73.43
C VAL B 221 -28.73 48.99 -73.29
N GLY B 222 -28.52 49.51 -72.08
CA GLY B 222 -27.58 50.60 -71.89
C GLY B 222 -26.22 50.19 -71.39
N ASN B 223 -25.88 48.92 -71.53
CA ASN B 223 -24.60 48.38 -71.08
C ASN B 223 -23.92 47.71 -72.25
N ALA B 224 -22.68 48.11 -72.53
CA ALA B 224 -21.93 47.52 -73.63
C ALA B 224 -21.51 46.10 -73.28
N SER B 225 -21.61 45.20 -74.24
CA SER B 225 -21.30 43.80 -74.02
C SER B 225 -19.88 43.43 -74.42
N GLY B 226 -19.06 44.39 -74.80
CA GLY B 226 -17.67 44.11 -75.08
C GLY B 226 -16.91 45.39 -75.33
N ASN B 227 -15.59 45.25 -75.37
CA ASN B 227 -14.69 46.37 -75.58
C ASN B 227 -13.92 46.17 -76.88
N TRP B 228 -13.29 47.24 -77.33
CA TRP B 228 -12.47 47.21 -78.53
C TRP B 228 -11.11 46.64 -78.17
N HIS B 229 -10.80 45.46 -78.70
CA HIS B 229 -9.53 44.79 -78.46
C HIS B 229 -8.82 44.63 -79.79
N CYS B 230 -7.98 45.60 -80.13
CA CYS B 230 -7.18 45.56 -81.34
C CYS B 230 -5.74 45.84 -80.95
N ASP B 231 -4.89 44.83 -81.00
CA ASP B 231 -3.57 44.91 -80.41
C ASP B 231 -2.70 43.83 -81.03
N SER B 232 -1.43 43.81 -80.63
CA SER B 232 -0.50 42.75 -81.02
C SER B 232 0.57 42.66 -79.95
N THR B 233 0.66 41.52 -79.30
CA THR B 233 1.61 41.30 -78.21
C THR B 233 2.65 40.29 -78.67
N TRP B 234 3.91 40.65 -78.54
CA TRP B 234 5.02 39.79 -78.95
C TRP B 234 5.69 39.23 -77.72
N LEU B 235 5.55 37.93 -77.51
CA LEU B 235 6.27 37.23 -76.46
C LEU B 235 7.54 36.65 -77.07
N GLY B 236 8.24 35.79 -76.33
CA GLY B 236 9.48 35.25 -76.85
C GLY B 236 9.29 34.41 -78.10
N ASP B 237 8.39 33.44 -78.04
CA ASP B 237 8.15 32.54 -79.16
C ASP B 237 6.72 32.56 -79.65
N ARG B 238 5.87 33.41 -79.10
CA ARG B 238 4.50 33.56 -79.53
C ARG B 238 4.26 34.99 -79.94
N VAL B 239 3.27 35.19 -80.80
CA VAL B 239 2.69 36.51 -81.03
C VAL B 239 1.18 36.36 -80.99
N ILE B 240 0.51 37.23 -80.26
CA ILE B 240 -0.94 37.22 -80.15
C ILE B 240 -1.47 38.46 -80.84
N THR B 241 -2.26 38.26 -81.89
CA THR B 241 -2.85 39.35 -82.66
C THR B 241 -4.35 39.41 -82.38
N THR B 242 -4.82 40.58 -81.99
CA THR B 242 -6.24 40.82 -81.75
C THR B 242 -6.74 41.87 -82.74
N SER B 243 -7.92 41.65 -83.28
CA SER B 243 -8.50 42.56 -84.26
C SER B 243 -9.99 42.72 -83.98
N THR B 244 -10.44 43.96 -83.83
CA THR B 244 -11.85 44.28 -83.72
C THR B 244 -12.27 45.08 -84.94
N ARG B 245 -13.44 44.75 -85.46
CA ARG B 245 -14.00 45.43 -86.62
C ARG B 245 -15.49 45.68 -86.39
N THR B 246 -16.02 46.64 -87.11
CA THR B 246 -17.45 46.94 -87.10
C THR B 246 -18.08 46.36 -88.36
N TRP B 247 -19.11 45.54 -88.18
CA TRP B 247 -19.78 44.86 -89.27
C TRP B 247 -21.22 45.32 -89.38
N ALA B 248 -21.73 45.25 -90.61
CA ALA B 248 -23.14 45.44 -90.94
C ALA B 248 -23.65 44.21 -91.67
N LEU B 249 -24.75 43.67 -91.17
CA LEU B 249 -25.39 42.48 -91.73
C LEU B 249 -26.77 42.84 -92.24
N PRO B 250 -27.03 42.74 -93.54
CA PRO B 250 -28.39 43.00 -94.03
C PRO B 250 -29.26 41.77 -94.00
N THR B 251 -30.48 41.88 -94.50
CA THR B 251 -31.33 40.72 -94.75
C THR B 251 -31.09 40.24 -96.17
N TYR B 252 -30.75 38.96 -96.30
CA TYR B 252 -30.42 38.37 -97.59
C TYR B 252 -31.59 37.53 -98.07
N ASN B 253 -31.95 37.71 -99.35
CA ASN B 253 -32.95 36.90 -100.03
C ASN B 253 -34.36 37.09 -99.51
N ASN B 254 -34.61 38.13 -98.71
CA ASN B 254 -35.88 38.29 -97.99
C ASN B 254 -36.16 37.07 -97.11
N HIS B 255 -35.13 36.60 -96.40
CA HIS B 255 -35.23 35.47 -95.47
C HIS B 255 -35.57 34.16 -96.18
N LEU B 256 -35.22 34.05 -97.45
CA LEU B 256 -35.59 32.90 -98.24
C LEU B 256 -34.35 32.09 -98.62
N TYR B 257 -34.55 30.79 -98.75
CA TYR B 257 -33.57 29.89 -99.36
C TYR B 257 -33.92 29.78 -100.83
N LYS B 258 -32.97 30.08 -101.70
CA LYS B 258 -33.22 30.05 -103.13
C LYS B 258 -32.29 29.07 -103.81
N GLN B 259 -32.81 28.37 -104.80
CA GLN B 259 -32.02 27.44 -105.60
C GLN B 259 -31.44 28.20 -106.78
N ILE B 260 -30.13 28.14 -106.93
CA ILE B 260 -29.42 28.86 -107.98
C ILE B 260 -28.73 27.86 -108.89
N SER B 261 -28.68 28.20 -110.17
CA SER B 261 -27.99 27.37 -111.16
C SER B 261 -27.58 28.26 -112.32
N SER B 262 -27.05 27.64 -113.37
CA SER B 262 -26.58 28.36 -114.54
C SER B 262 -27.56 28.29 -115.71
N ALA B 263 -28.76 27.75 -115.48
CA ALA B 263 -29.70 27.54 -116.58
C ALA B 263 -30.13 28.86 -117.20
N SER B 264 -30.45 29.87 -116.38
CA SER B 264 -30.79 31.17 -116.94
C SER B 264 -29.55 31.91 -117.43
N THR B 265 -28.40 31.65 -116.82
CA THR B 265 -27.17 32.30 -117.26
C THR B 265 -26.80 31.90 -118.68
N GLY B 266 -27.05 30.64 -119.04
CA GLY B 266 -26.64 30.18 -120.35
C GLY B 266 -25.13 30.11 -120.52
N ALA B 267 -24.43 29.58 -119.52
CA ALA B 267 -22.98 29.53 -119.54
C ALA B 267 -22.49 28.35 -120.37
N SER B 268 -21.18 28.26 -120.51
CA SER B 268 -20.57 27.12 -121.19
C SER B 268 -20.60 25.89 -120.28
N ASN B 269 -20.29 24.73 -120.87
CA ASN B 269 -20.32 23.50 -120.11
C ASN B 269 -19.35 23.52 -118.95
N ASP B 270 -18.26 24.27 -119.08
CA ASP B 270 -17.27 24.35 -118.01
C ASP B 270 -17.73 25.20 -116.83
N ASN B 271 -18.69 26.08 -117.04
CA ASN B 271 -19.13 27.03 -116.02
C ASN B 271 -20.49 26.68 -115.44
N HIS B 272 -21.01 25.51 -115.75
CA HIS B 272 -22.31 25.09 -115.23
C HIS B 272 -22.21 24.83 -113.73
N TYR B 273 -23.28 25.14 -113.01
CA TYR B 273 -23.30 24.88 -111.58
C TYR B 273 -24.74 24.75 -111.10
N PHE B 274 -24.88 24.17 -109.91
CA PHE B 274 -26.14 24.04 -109.22
C PHE B 274 -25.87 24.20 -107.74
N GLY B 275 -26.69 24.97 -107.05
CA GLY B 275 -26.47 25.18 -105.65
C GLY B 275 -27.60 25.92 -105.00
N TYR B 276 -27.32 26.47 -103.83
CA TYR B 276 -28.32 27.15 -103.04
C TYR B 276 -27.76 28.44 -102.44
N SER B 277 -28.61 29.43 -102.34
CA SER B 277 -28.34 30.71 -101.69
C SER B 277 -29.13 30.76 -100.40
N THR B 278 -28.46 30.97 -99.28
CA THR B 278 -29.17 31.01 -98.02
C THR B 278 -29.37 32.45 -97.57
N PRO B 279 -30.30 32.71 -96.66
CA PRO B 279 -30.43 34.05 -96.08
C PRO B 279 -29.38 34.38 -95.03
N TRP B 280 -28.41 33.50 -94.79
CA TRP B 280 -27.39 33.70 -93.78
C TRP B 280 -26.18 34.40 -94.37
N GLY B 281 -25.46 35.13 -93.52
CA GLY B 281 -24.12 35.59 -93.81
C GLY B 281 -23.14 34.81 -92.97
N TYR B 282 -21.86 34.99 -93.28
CA TYR B 282 -20.82 34.29 -92.54
C TYR B 282 -19.69 35.27 -92.23
N PHE B 283 -18.94 34.93 -91.20
CA PHE B 283 -17.79 35.73 -90.77
C PHE B 283 -16.52 35.11 -91.33
N ASP B 284 -15.71 35.93 -91.99
CA ASP B 284 -14.47 35.49 -92.62
C ASP B 284 -13.31 36.32 -92.11
N PHE B 285 -12.29 35.66 -91.60
CA PHE B 285 -11.05 36.31 -91.22
C PHE B 285 -9.88 35.46 -91.70
N ASN B 286 -9.98 34.98 -92.94
CA ASN B 286 -9.00 34.08 -93.52
C ASN B 286 -8.02 34.81 -94.44
N ARG B 287 -7.60 36.01 -94.06
CA ARG B 287 -6.50 36.70 -94.70
C ARG B 287 -5.55 37.19 -93.62
N PHE B 288 -4.26 37.31 -93.98
CA PHE B 288 -3.27 37.64 -92.97
C PHE B 288 -3.38 39.09 -92.52
N HIS B 289 -3.86 39.99 -93.37
CA HIS B 289 -3.97 41.38 -92.99
C HIS B 289 -5.20 41.67 -92.13
N CYS B 290 -6.09 40.69 -91.95
CA CYS B 290 -7.12 40.81 -90.94
C CYS B 290 -6.55 40.77 -89.53
N HIS B 291 -5.31 40.31 -89.39
CA HIS B 291 -4.69 40.10 -88.09
C HIS B 291 -3.38 40.84 -87.91
N PHE B 292 -2.60 41.02 -88.96
CA PHE B 292 -1.30 41.68 -88.87
C PHE B 292 -1.37 43.05 -89.53
N SER B 293 -0.90 44.07 -88.82
CA SER B 293 -0.59 45.32 -89.47
C SER B 293 0.64 45.12 -90.34
N PRO B 294 0.87 46.00 -91.32
CA PRO B 294 2.10 45.87 -92.11
C PRO B 294 3.37 45.92 -91.27
N ARG B 295 3.39 46.73 -90.22
CA ARG B 295 4.53 46.76 -89.32
C ARG B 295 4.72 45.43 -88.61
N ASP B 296 3.62 44.82 -88.13
CA ASP B 296 3.71 43.53 -87.48
C ASP B 296 4.15 42.44 -88.46
N TRP B 297 3.66 42.50 -89.69
CA TRP B 297 4.09 41.56 -90.71
C TRP B 297 5.57 41.68 -90.99
N GLN B 298 6.07 42.90 -91.10
CA GLN B 298 7.50 43.12 -91.32
C GLN B 298 8.31 42.60 -90.13
N ARG B 299 7.83 42.87 -88.91
CA ARG B 299 8.50 42.36 -87.72
C ARG B 299 8.55 40.85 -87.70
N LEU B 300 7.49 40.19 -88.14
CA LEU B 300 7.45 38.74 -88.20
C LEU B 300 8.43 38.20 -89.25
N ILE B 301 8.34 38.72 -90.47
CA ILE B 301 9.06 38.13 -91.59
C ILE B 301 10.54 38.49 -91.59
N ASN B 302 10.94 39.57 -90.93
CA ASN B 302 12.34 39.93 -90.89
C ASN B 302 13.10 39.22 -89.78
N ASN B 303 12.40 38.53 -88.89
CA ASN B 303 13.02 37.98 -87.70
C ASN B 303 12.75 36.52 -87.46
N ASN B 304 11.77 35.92 -88.12
CA ASN B 304 11.38 34.56 -87.82
C ASN B 304 11.63 33.66 -89.02
N TRP B 305 12.13 32.46 -88.74
CA TRP B 305 12.30 31.44 -89.77
C TRP B 305 11.00 30.72 -90.09
N GLY B 306 10.03 30.75 -89.19
CA GLY B 306 8.76 30.12 -89.51
C GLY B 306 7.69 30.54 -88.53
N PHE B 307 6.45 30.23 -88.90
CA PHE B 307 5.36 30.54 -87.97
C PHE B 307 4.16 29.66 -88.27
N ARG B 308 3.27 29.55 -87.29
CA ARG B 308 2.05 28.78 -87.47
C ARG B 308 1.02 29.23 -86.44
N PRO B 309 -0.26 28.99 -86.69
CA PRO B 309 -1.29 29.35 -85.70
C PRO B 309 -1.53 28.26 -84.66
N LYS B 310 -1.66 28.71 -83.41
CA LYS B 310 -1.92 27.87 -82.25
C LYS B 310 -3.37 27.91 -81.80
N ARG B 311 -3.93 29.10 -81.56
CA ARG B 311 -5.31 29.09 -81.08
C ARG B 311 -6.00 30.38 -81.46
N LEU B 312 -7.33 30.39 -81.35
CA LEU B 312 -8.08 31.61 -81.63
C LEU B 312 -9.30 31.72 -80.73
N ASN B 313 -9.68 32.97 -80.48
CA ASN B 313 -10.90 33.36 -79.80
C ASN B 313 -11.70 34.27 -80.71
N PHE B 314 -13.00 34.06 -80.75
CA PHE B 314 -13.92 34.84 -81.56
C PHE B 314 -14.99 35.39 -80.64
N LYS B 315 -15.26 36.68 -80.76
CA LYS B 315 -16.29 37.33 -79.97
C LYS B 315 -17.14 38.21 -80.86
N LEU B 316 -18.43 38.25 -80.58
CA LEU B 316 -19.42 39.05 -81.29
C LEU B 316 -20.19 39.83 -80.25
N PHE B 317 -20.16 41.15 -80.33
CA PHE B 317 -20.68 41.95 -79.23
C PHE B 317 -21.23 43.26 -79.76
N ASN B 318 -22.00 43.93 -78.90
CA ASN B 318 -22.60 45.23 -79.18
C ASN B 318 -23.54 45.17 -80.37
N ILE B 319 -24.50 44.25 -80.31
CA ILE B 319 -25.46 44.04 -81.38
C ILE B 319 -26.48 45.17 -81.37
N GLN B 320 -26.74 45.73 -82.55
CA GLN B 320 -27.79 46.72 -82.72
C GLN B 320 -28.61 46.35 -83.94
N VAL B 321 -29.88 46.05 -83.75
CA VAL B 321 -30.80 45.80 -84.86
C VAL B 321 -31.51 47.10 -85.19
N LYS B 322 -31.53 47.45 -86.47
CA LYS B 322 -32.12 48.69 -86.94
C LYS B 322 -33.23 48.38 -87.92
N GLU B 323 -34.39 48.98 -87.67
CA GLU B 323 -35.54 48.94 -88.54
C GLU B 323 -35.50 50.08 -89.56
N VAL B 324 -35.81 49.77 -90.82
CA VAL B 324 -35.75 50.72 -91.91
C VAL B 324 -37.13 50.83 -92.56
N THR B 325 -37.62 52.06 -92.73
CA THR B 325 -38.85 52.33 -93.45
C THR B 325 -38.60 53.41 -94.49
N THR B 326 -38.91 53.14 -95.74
CA THR B 326 -38.79 54.14 -96.81
C THR B 326 -40.20 54.55 -97.24
N ASN B 327 -40.53 55.82 -97.04
CA ASN B 327 -41.81 56.38 -97.43
C ASN B 327 -41.58 57.65 -98.25
N ASP B 328 -42.24 57.74 -99.40
CA ASP B 328 -42.17 58.91 -100.28
C ASP B 328 -40.72 59.25 -100.64
N GLY B 329 -39.85 58.24 -100.63
CA GLY B 329 -38.46 58.42 -100.98
C GLY B 329 -37.54 58.72 -99.82
N VAL B 330 -38.07 59.06 -98.65
CA VAL B 330 -37.24 59.36 -97.49
C VAL B 330 -37.21 58.16 -96.57
N THR B 331 -36.03 57.91 -95.99
CA THR B 331 -35.75 56.69 -95.24
C THR B 331 -35.58 57.02 -93.76
N THR B 332 -36.32 56.31 -92.92
CA THR B 332 -36.23 56.41 -91.48
C THR B 332 -35.60 55.13 -90.94
N ILE B 333 -34.62 55.30 -90.05
CA ILE B 333 -33.99 54.18 -89.37
C ILE B 333 -34.23 54.36 -87.88
N ALA B 334 -34.71 53.30 -87.24
CA ALA B 334 -34.96 53.30 -85.81
C ALA B 334 -34.29 52.08 -85.19
N ASN B 335 -34.19 52.10 -83.86
CA ASN B 335 -33.68 50.94 -83.15
C ASN B 335 -34.81 49.96 -82.89
N ASN B 336 -34.53 48.69 -83.09
CA ASN B 336 -35.45 47.61 -82.75
C ASN B 336 -34.85 46.88 -81.57
N LEU B 337 -35.29 47.23 -80.37
CA LEU B 337 -34.65 46.73 -79.15
C LEU B 337 -34.95 45.28 -78.85
N THR B 338 -36.00 44.71 -79.46
CA THR B 338 -36.43 43.36 -79.15
C THR B 338 -36.13 42.36 -80.25
N SER B 339 -35.41 42.76 -81.28
CA SER B 339 -35.07 41.85 -82.37
C SER B 339 -33.78 41.10 -82.06
N THR B 340 -33.60 39.98 -82.74
CA THR B 340 -32.47 39.09 -82.48
C THR B 340 -31.69 38.82 -83.76
N VAL B 341 -30.41 38.48 -83.57
CA VAL B 341 -29.60 37.87 -84.60
C VAL B 341 -29.28 36.45 -84.15
N GLN B 342 -29.43 35.49 -85.05
CA GLN B 342 -29.05 34.11 -84.79
C GLN B 342 -27.61 33.90 -85.24
N VAL B 343 -26.80 33.33 -84.36
CA VAL B 343 -25.39 33.03 -84.64
C VAL B 343 -25.12 31.59 -84.27
N PHE B 344 -24.41 30.88 -85.13
CA PHE B 344 -23.92 29.56 -84.73
C PHE B 344 -22.60 29.29 -85.42
N SER B 345 -21.81 28.43 -84.78
CA SER B 345 -20.54 27.97 -85.30
C SER B 345 -20.70 26.54 -85.77
N ASP B 346 -20.23 26.24 -86.98
CA ASP B 346 -20.37 24.90 -87.55
C ASP B 346 -19.15 24.08 -87.15
N SER B 347 -19.13 23.71 -85.86
CA SER B 347 -17.96 23.08 -85.26
C SER B 347 -17.75 21.64 -85.69
N GLU B 348 -18.79 20.98 -86.21
CA GLU B 348 -18.68 19.60 -86.66
C GLU B 348 -18.53 19.49 -88.17
N TYR B 349 -18.37 20.61 -88.87
CA TYR B 349 -18.13 20.63 -90.31
C TYR B 349 -19.20 19.85 -91.07
N GLN B 350 -20.44 20.09 -90.69
CA GLN B 350 -21.58 19.44 -91.33
C GLN B 350 -22.11 20.22 -92.53
N LEU B 351 -21.60 21.39 -92.76
CA LEU B 351 -21.97 22.27 -93.85
C LEU B 351 -20.88 22.30 -94.90
N PRO B 352 -21.21 22.66 -96.13
CA PRO B 352 -20.16 22.91 -97.12
C PRO B 352 -19.27 24.06 -96.68
N TYR B 353 -17.96 23.85 -96.76
CA TYR B 353 -16.98 24.83 -96.33
C TYR B 353 -16.66 25.75 -97.49
N VAL B 354 -17.20 26.97 -97.46
CA VAL B 354 -16.94 27.92 -98.53
C VAL B 354 -15.78 28.83 -98.22
N LEU B 355 -15.27 28.82 -96.99
CA LEU B 355 -14.03 29.50 -96.70
C LEU B 355 -12.89 28.76 -97.39
N GLY B 356 -11.77 29.43 -97.54
CA GLY B 356 -10.65 28.80 -98.21
C GLY B 356 -10.75 28.80 -99.72
N SER B 357 -11.67 29.57 -100.30
CA SER B 357 -11.74 29.77 -101.74
C SER B 357 -11.35 31.19 -102.14
N ALA B 358 -10.76 31.94 -101.21
CA ALA B 358 -10.24 33.30 -101.46
C ALA B 358 -11.34 34.25 -101.88
N HIS B 359 -12.39 34.32 -101.09
CA HIS B 359 -13.52 35.18 -101.39
C HIS B 359 -13.42 36.51 -100.68
N GLN B 360 -14.10 37.51 -101.23
CA GLN B 360 -14.25 38.79 -100.57
C GLN B 360 -15.16 38.67 -99.35
N GLY B 361 -15.10 39.67 -98.48
CA GLY B 361 -15.94 39.66 -97.31
C GLY B 361 -15.22 39.43 -96.01
N CYS B 362 -13.89 39.34 -96.04
CA CYS B 362 -13.12 39.22 -94.83
C CYS B 362 -13.15 40.53 -94.04
N LEU B 363 -12.62 40.48 -92.82
CA LEU B 363 -12.41 41.71 -92.08
C LEU B 363 -11.45 42.61 -92.87
N PRO B 364 -11.72 43.89 -92.97
CA PRO B 364 -10.85 44.79 -93.74
C PRO B 364 -9.48 44.90 -93.09
N PRO B 365 -8.44 45.16 -93.88
CA PRO B 365 -7.10 45.31 -93.28
C PRO B 365 -6.99 46.46 -92.31
N PHE B 366 -7.65 47.57 -92.59
CA PHE B 366 -7.59 48.74 -91.74
C PHE B 366 -8.63 48.66 -90.63
N PRO B 367 -8.23 48.78 -89.36
CA PRO B 367 -9.20 48.61 -88.26
C PRO B 367 -10.30 49.64 -88.23
N ALA B 368 -10.16 50.76 -88.91
CA ALA B 368 -11.20 51.77 -88.92
C ALA B 368 -12.31 51.49 -89.92
N ASP B 369 -12.15 50.49 -90.77
CA ASP B 369 -13.11 50.24 -91.83
C ASP B 369 -14.28 49.40 -91.34
N VAL B 370 -15.48 49.75 -91.81
CA VAL B 370 -16.70 49.04 -91.48
C VAL B 370 -17.05 48.16 -92.67
N PHE B 371 -17.32 46.88 -92.41
CA PHE B 371 -17.48 45.94 -93.50
C PHE B 371 -18.85 45.27 -93.46
N MET B 372 -19.35 44.97 -94.66
CA MET B 372 -20.59 44.26 -94.85
C MET B 372 -20.33 42.76 -94.79
N ILE B 373 -21.25 42.03 -94.18
CA ILE B 373 -21.06 40.59 -94.01
C ILE B 373 -21.51 39.88 -95.28
N PRO B 374 -20.70 39.00 -95.85
CA PRO B 374 -21.06 38.34 -97.11
C PRO B 374 -22.12 37.26 -96.93
N GLN B 375 -22.89 37.05 -97.98
CA GLN B 375 -23.98 36.07 -97.94
C GLN B 375 -23.44 34.65 -98.08
N TYR B 376 -24.07 33.71 -97.39
CA TYR B 376 -23.69 32.31 -97.47
C TYR B 376 -24.44 31.62 -98.59
N GLY B 377 -23.71 30.84 -99.37
CA GLY B 377 -24.29 30.01 -100.40
C GLY B 377 -23.31 28.90 -100.69
N TYR B 378 -23.82 27.82 -101.25
CA TYR B 378 -22.97 26.68 -101.55
C TYR B 378 -23.39 26.08 -102.87
N LEU B 379 -22.52 25.24 -103.40
CA LEU B 379 -22.77 24.47 -104.60
C LEU B 379 -22.84 23.00 -104.25
N THR B 380 -23.62 22.25 -105.00
CA THR B 380 -23.73 20.81 -104.81
C THR B 380 -23.50 20.14 -106.15
N LEU B 381 -23.61 18.81 -106.16
CA LEU B 381 -23.39 18.04 -107.37
C LEU B 381 -24.33 18.49 -108.47
N ASN B 382 -23.80 18.69 -109.66
CA ASN B 382 -24.59 19.14 -110.79
C ASN B 382 -24.25 18.32 -112.03
N ASN B 383 -25.26 18.14 -112.87
CA ASN B 383 -25.13 17.51 -114.18
C ASN B 383 -25.54 18.57 -115.19
N GLY B 384 -24.59 19.41 -115.57
CA GLY B 384 -24.93 20.60 -116.33
C GLY B 384 -25.50 21.63 -115.39
N SER B 385 -26.65 22.19 -115.76
CA SER B 385 -27.36 23.10 -114.88
C SER B 385 -28.36 22.37 -113.99
N GLN B 386 -28.42 21.05 -114.05
CA GLN B 386 -29.37 20.25 -113.29
C GLN B 386 -28.70 19.65 -112.07
N ALA B 387 -29.51 19.10 -111.19
CA ALA B 387 -29.04 18.42 -110.00
C ALA B 387 -29.03 16.92 -110.25
N VAL B 388 -28.61 16.16 -109.25
CA VAL B 388 -28.66 14.71 -109.26
C VAL B 388 -29.33 14.25 -107.97
N GLY B 389 -29.44 12.93 -107.81
CA GLY B 389 -30.03 12.40 -106.60
C GLY B 389 -29.19 12.64 -105.36
N ARG B 390 -27.88 12.63 -105.52
CA ARG B 390 -26.95 12.82 -104.42
C ARG B 390 -26.64 14.28 -104.15
N SER B 391 -27.27 15.20 -104.89
CA SER B 391 -27.15 16.61 -104.58
C SER B 391 -27.78 16.88 -103.22
N SER B 392 -27.06 17.58 -102.37
CA SER B 392 -27.51 17.84 -101.01
C SER B 392 -28.14 19.22 -100.89
N PHE B 393 -29.04 19.34 -99.94
CA PHE B 393 -29.62 20.59 -99.54
C PHE B 393 -29.47 20.72 -98.04
N TYR B 394 -29.08 21.91 -97.58
CA TYR B 394 -28.85 22.16 -96.16
C TYR B 394 -29.71 23.33 -95.73
N CYS B 395 -30.63 23.08 -94.81
CA CYS B 395 -31.28 24.17 -94.10
C CYS B 395 -30.40 24.55 -92.92
N LEU B 396 -29.99 25.81 -92.86
CA LEU B 396 -29.16 26.26 -91.76
C LEU B 396 -29.97 26.58 -90.51
N GLU B 397 -31.29 26.67 -90.63
CA GLU B 397 -32.15 26.74 -89.46
C GLU B 397 -32.30 25.40 -88.78
N TYR B 398 -31.83 24.33 -89.40
CA TYR B 398 -31.80 23.01 -88.82
C TYR B 398 -30.61 22.80 -87.90
N PHE B 399 -29.99 23.88 -87.43
CA PHE B 399 -28.90 23.86 -86.48
C PHE B 399 -29.33 24.58 -85.21
N PRO B 400 -28.74 24.23 -84.07
CA PRO B 400 -28.93 25.06 -82.87
C PRO B 400 -28.18 26.38 -83.01
N SER B 401 -28.91 27.47 -82.86
CA SER B 401 -28.36 28.81 -82.95
C SER B 401 -28.52 29.52 -81.62
N GLN B 402 -27.60 30.42 -81.31
CA GLN B 402 -27.78 31.33 -80.20
C GLN B 402 -28.45 32.59 -80.72
N MET B 403 -29.54 32.98 -80.08
CA MET B 403 -30.28 34.18 -80.42
C MET B 403 -29.79 35.32 -79.53
N LEU B 404 -29.39 36.41 -80.16
CA LEU B 404 -28.75 37.54 -79.47
C LEU B 404 -29.63 38.75 -79.63
N ARG B 405 -30.08 39.31 -78.52
CA ARG B 405 -30.68 40.63 -78.49
C ARG B 405 -29.57 41.66 -78.28
N THR B 406 -29.94 42.92 -78.10
CA THR B 406 -28.94 43.97 -78.10
C THR B 406 -28.02 43.93 -76.88
N GLY B 407 -28.36 43.16 -75.85
CA GLY B 407 -27.52 43.07 -74.67
C GLY B 407 -26.68 41.82 -74.60
N ASN B 408 -26.79 40.95 -75.59
CA ASN B 408 -26.12 39.66 -75.58
C ASN B 408 -24.85 39.70 -76.43
N ASN B 409 -23.94 38.77 -76.12
CA ASN B 409 -22.74 38.57 -76.92
C ASN B 409 -22.56 37.08 -77.18
N PHE B 410 -21.60 36.78 -78.05
CA PHE B 410 -21.33 35.42 -78.52
C PHE B 410 -19.83 35.19 -78.45
N THR B 411 -19.40 34.09 -77.86
CA THR B 411 -17.98 33.77 -77.77
C THR B 411 -17.75 32.36 -78.29
N PHE B 412 -16.53 32.13 -78.77
CA PHE B 412 -16.20 30.82 -79.33
C PHE B 412 -14.68 30.67 -79.35
N SER B 413 -14.18 29.56 -78.82
CA SER B 413 -12.75 29.28 -78.82
C SER B 413 -12.44 28.11 -79.73
N TYR B 414 -11.24 28.13 -80.29
CA TYR B 414 -10.82 27.07 -81.20
C TYR B 414 -9.33 26.85 -81.06
N THR B 415 -8.90 25.60 -81.12
CA THR B 415 -7.49 25.24 -81.09
C THR B 415 -7.10 24.64 -82.43
N PHE B 416 -6.02 25.15 -83.00
CA PHE B 416 -5.50 24.60 -84.24
C PHE B 416 -4.82 23.26 -84.00
N GLU B 417 -4.94 22.36 -84.96
CA GLU B 417 -4.17 21.13 -84.94
C GLU B 417 -2.69 21.44 -85.18
N GLU B 418 -1.84 20.47 -84.86
CA GLU B 418 -0.40 20.64 -85.03
C GLU B 418 -0.10 20.60 -86.53
N VAL B 419 0.03 21.79 -87.10
CA VAL B 419 0.34 21.97 -88.52
C VAL B 419 1.83 22.30 -88.60
N PRO B 420 2.52 21.99 -89.69
CA PRO B 420 3.92 22.41 -89.80
C PRO B 420 4.04 23.92 -89.90
N PHE B 421 5.17 24.43 -89.41
CA PHE B 421 5.49 25.84 -89.56
C PHE B 421 5.55 26.21 -91.03
N HIS B 422 4.96 27.34 -91.38
CA HIS B 422 5.26 27.94 -92.66
C HIS B 422 6.66 28.50 -92.66
N SER B 423 7.35 28.35 -93.78
CA SER B 423 8.75 28.69 -93.97
C SER B 423 8.88 30.16 -94.35
N SER B 424 9.32 31.00 -93.42
CA SER B 424 9.59 32.40 -93.70
C SER B 424 11.01 32.62 -94.14
N TYR B 425 11.63 31.63 -94.78
CA TYR B 425 13.02 31.71 -95.20
C TYR B 425 13.15 31.32 -96.66
N ALA B 426 14.20 31.83 -97.27
CA ALA B 426 14.74 31.31 -98.52
C ALA B 426 15.94 30.43 -98.21
N HIS B 427 16.41 29.71 -99.23
CA HIS B 427 17.58 28.86 -99.09
C HIS B 427 18.80 29.58 -99.64
N SER B 428 19.90 29.51 -98.88
CA SER B 428 21.16 30.10 -99.30
C SER B 428 21.92 29.24 -100.29
N GLN B 429 21.50 28.01 -100.49
CA GLN B 429 22.12 27.11 -101.44
C GLN B 429 21.08 26.62 -102.43
N SER B 430 21.55 26.26 -103.62
CA SER B 430 20.71 25.62 -104.62
C SER B 430 20.87 24.10 -104.51
N LEU B 431 19.84 23.39 -104.96
CA LEU B 431 19.83 21.94 -104.80
C LEU B 431 20.89 21.25 -105.64
N ASP B 432 21.24 21.83 -106.79
CA ASP B 432 22.29 21.29 -107.64
C ASP B 432 23.66 21.83 -107.31
N ARG B 433 23.81 22.48 -106.15
CA ARG B 433 25.07 23.09 -105.73
C ARG B 433 25.34 22.78 -104.27
N LEU B 434 25.12 21.54 -103.86
CA LEU B 434 25.25 21.13 -102.48
C LEU B 434 26.59 20.47 -102.18
N MET B 435 27.52 20.50 -103.13
CA MET B 435 28.77 19.79 -103.01
C MET B 435 29.87 20.69 -102.47
N ASN B 436 30.96 20.06 -102.04
CA ASN B 436 32.20 20.77 -101.77
C ASN B 436 32.82 21.19 -103.09
N PRO B 437 33.04 22.48 -103.33
CA PRO B 437 33.62 22.92 -104.60
C PRO B 437 35.13 22.74 -104.71
N LEU B 438 35.77 22.13 -103.72
CA LEU B 438 37.21 21.94 -103.76
C LEU B 438 37.63 20.49 -103.94
N ILE B 439 36.79 19.55 -103.51
CA ILE B 439 37.15 18.13 -103.48
C ILE B 439 36.46 17.42 -104.62
N ASP B 440 37.15 16.45 -105.21
CA ASP B 440 36.55 15.59 -106.22
C ASP B 440 35.65 14.56 -105.56
N GLN B 441 34.96 13.80 -106.40
CA GLN B 441 34.15 12.69 -105.95
C GLN B 441 34.91 11.39 -106.11
N TYR B 442 34.42 10.33 -105.46
CA TYR B 442 34.92 8.99 -105.73
C TYR B 442 34.02 8.24 -106.68
N LEU B 443 33.01 8.89 -107.24
CA LEU B 443 32.08 8.28 -108.18
C LEU B 443 32.44 8.72 -109.59
N TYR B 444 32.36 7.77 -110.52
CA TYR B 444 32.66 8.03 -111.92
C TYR B 444 31.38 8.08 -112.72
N TYR B 445 31.45 8.76 -113.85
CA TYR B 445 30.32 8.84 -114.78
C TYR B 445 30.86 8.68 -116.19
N LEU B 446 29.99 8.23 -117.08
CA LEU B 446 30.36 8.13 -118.49
C LEU B 446 30.46 9.52 -119.08
N ASN B 447 31.66 9.89 -119.53
CA ASN B 447 31.93 11.24 -120.02
C ASN B 447 31.94 11.32 -121.54
N ARG B 448 32.56 10.36 -122.21
CA ARG B 448 32.65 10.33 -123.66
C ARG B 448 32.24 8.96 -124.16
N THR B 449 31.49 8.92 -125.25
CA THR B 449 31.29 7.70 -126.01
C THR B 449 31.98 7.75 -127.37
N GLN B 450 32.83 8.75 -127.58
CA GLN B 450 33.67 8.85 -128.77
C GLN B 450 35.09 9.20 -128.34
N ASN B 451 36.03 8.98 -129.25
CA ASN B 451 37.43 9.27 -128.94
C ASN B 451 37.64 10.76 -128.79
N GLN B 452 38.41 11.14 -127.78
CA GLN B 452 38.65 12.55 -127.48
C GLN B 452 39.61 13.20 -128.47
N SER B 453 40.51 12.44 -129.07
CA SER B 453 41.54 13.02 -129.93
C SER B 453 40.93 13.73 -131.14
N GLY B 454 39.97 13.10 -131.81
CA GLY B 454 39.29 13.70 -132.93
C GLY B 454 39.91 13.44 -134.29
N SER B 455 41.16 12.95 -134.33
CA SER B 455 41.76 12.61 -135.61
C SER B 455 40.97 11.51 -136.31
N ALA B 456 40.55 10.51 -135.54
CA ALA B 456 39.55 9.54 -135.96
C ALA B 456 38.26 9.81 -135.20
N GLN B 457 37.17 9.21 -135.68
CA GLN B 457 35.85 9.38 -135.09
C GLN B 457 35.33 8.08 -134.50
N ASN B 458 36.18 7.36 -133.78
CA ASN B 458 35.82 6.06 -133.25
C ASN B 458 35.05 6.19 -131.95
N LYS B 459 34.22 5.20 -131.67
CA LYS B 459 33.50 5.16 -130.42
C LYS B 459 34.42 4.71 -129.29
N ASP B 460 33.95 4.91 -128.06
CA ASP B 460 34.71 4.50 -126.87
C ASP B 460 33.79 4.50 -125.67
N LEU B 461 34.36 4.21 -124.51
CA LEU B 461 33.66 4.29 -123.23
C LEU B 461 34.65 4.90 -122.25
N LEU B 462 34.63 6.23 -122.13
CA LEU B 462 35.56 6.96 -121.30
C LEU B 462 34.82 7.52 -120.10
N PHE B 463 35.38 7.28 -118.92
CA PHE B 463 34.75 7.64 -117.66
C PHE B 463 35.56 8.70 -116.95
N SER B 464 34.88 9.69 -116.39
CA SER B 464 35.53 10.76 -115.65
C SER B 464 35.06 10.74 -114.20
N ARG B 465 35.88 11.34 -113.35
CA ARG B 465 35.57 11.48 -111.94
C ARG B 465 34.79 12.77 -111.71
N GLY B 466 33.83 12.71 -110.80
CA GLY B 466 33.08 13.90 -110.42
C GLY B 466 33.98 14.95 -109.84
N SER B 467 34.07 16.09 -110.52
CA SER B 467 35.01 17.15 -110.18
C SER B 467 34.30 18.49 -110.10
N PRO B 468 34.86 19.45 -109.37
CA PRO B 468 34.25 20.79 -109.33
C PRO B 468 34.26 21.51 -110.67
N ALA B 469 35.07 21.07 -111.63
CA ALA B 469 35.03 21.67 -112.96
C ALA B 469 33.68 21.45 -113.62
N GLY B 470 33.21 20.21 -113.65
CA GLY B 470 31.87 19.93 -114.12
C GLY B 470 30.94 19.56 -112.99
N MET B 471 30.13 20.51 -112.56
CA MET B 471 29.19 20.29 -111.47
C MET B 471 27.84 19.79 -111.96
N SER B 472 27.54 19.99 -113.24
CA SER B 472 26.27 19.55 -113.79
C SER B 472 26.21 18.05 -113.99
N VAL B 473 27.35 17.37 -114.11
CA VAL B 473 27.39 15.94 -114.38
C VAL B 473 27.74 15.13 -113.14
N GLN B 474 27.95 15.77 -112.01
CA GLN B 474 28.24 15.05 -110.79
C GLN B 474 27.01 14.26 -110.34
N PRO B 475 27.19 13.02 -109.89
CA PRO B 475 26.10 12.32 -109.21
C PRO B 475 25.61 13.11 -108.00
N LYS B 476 24.29 13.12 -107.81
CA LYS B 476 23.67 13.86 -106.73
C LYS B 476 22.65 12.97 -106.02
N ASN B 477 22.18 13.45 -104.88
CA ASN B 477 21.33 12.65 -104.02
C ASN B 477 19.85 12.98 -104.11
N TRP B 478 19.49 14.15 -104.62
CA TRP B 478 18.11 14.61 -104.57
C TRP B 478 17.70 15.18 -105.92
N LEU B 479 16.39 15.37 -106.07
CA LEU B 479 15.78 15.87 -107.29
C LEU B 479 14.92 17.09 -106.99
N PRO B 480 14.75 17.99 -107.94
CA PRO B 480 13.83 19.11 -107.74
C PRO B 480 12.39 18.63 -107.71
N GLY B 481 11.55 19.43 -107.07
CA GLY B 481 10.16 19.09 -106.87
C GLY B 481 9.39 18.87 -108.16
N PRO B 482 8.14 18.46 -108.03
CA PRO B 482 7.33 18.18 -109.22
C PRO B 482 6.95 19.45 -109.95
N CYS B 483 6.60 19.30 -111.22
CA CYS B 483 6.28 20.43 -112.05
C CYS B 483 5.04 20.14 -112.89
N TYR B 484 4.35 21.19 -113.31
CA TYR B 484 3.25 21.12 -114.27
C TYR B 484 3.30 22.39 -115.10
N ARG B 485 3.93 22.31 -116.26
CA ARG B 485 4.37 23.50 -116.98
C ARG B 485 3.22 24.44 -117.30
N GLN B 486 3.47 25.74 -117.16
CA GLN B 486 2.54 26.80 -117.48
C GLN B 486 3.04 27.56 -118.71
N GLN B 487 2.17 28.37 -119.28
CA GLN B 487 2.53 29.20 -120.42
C GLN B 487 3.18 30.49 -119.94
N ARG B 488 4.17 30.96 -120.69
CA ARG B 488 4.99 32.09 -120.28
C ARG B 488 4.41 33.36 -120.89
N VAL B 489 4.01 34.30 -120.04
CA VAL B 489 3.46 35.58 -120.48
C VAL B 489 4.42 36.67 -120.05
N SER B 490 4.68 37.61 -120.94
CA SER B 490 5.55 38.73 -120.65
C SER B 490 4.74 39.90 -120.10
N LYS B 491 5.26 40.53 -119.04
CA LYS B 491 4.63 41.74 -118.52
C LYS B 491 4.70 42.88 -119.52
N THR B 492 5.61 42.83 -120.48
CA THR B 492 5.64 43.76 -121.60
C THR B 492 4.80 43.18 -122.73
N LYS B 493 3.66 43.79 -123.00
CA LYS B 493 2.65 43.17 -123.84
C LYS B 493 3.10 43.00 -125.30
N THR B 494 4.09 43.75 -125.75
CA THR B 494 4.50 43.64 -127.15
C THR B 494 5.19 42.32 -127.46
N ASP B 495 5.76 41.65 -126.46
CA ASP B 495 6.45 40.38 -126.68
C ASP B 495 5.52 39.17 -126.61
N ASN B 496 4.24 39.38 -126.37
CA ASN B 496 3.29 38.28 -126.31
C ASN B 496 2.67 38.04 -127.69
N ASN B 497 2.26 36.80 -127.91
CA ASN B 497 1.64 36.44 -129.17
C ASN B 497 0.35 37.20 -129.37
N ASN B 498 0.04 37.52 -130.63
CA ASN B 498 -1.17 38.26 -130.96
C ASN B 498 -2.35 37.30 -131.09
N SER B 499 -2.83 36.86 -129.92
CA SER B 499 -4.02 36.03 -129.82
C SER B 499 -4.47 36.07 -128.36
N ASN B 500 -5.62 35.47 -128.10
CA ASN B 500 -6.11 35.46 -126.71
C ASN B 500 -5.38 34.41 -125.89
N PHE B 501 -5.56 33.14 -126.23
CA PHE B 501 -4.79 32.01 -125.69
C PHE B 501 -4.75 31.96 -124.15
N THR B 502 -5.59 32.75 -123.49
CA THR B 502 -5.73 32.62 -122.05
C THR B 502 -6.56 31.41 -121.65
N TRP B 503 -7.34 30.87 -122.56
CA TRP B 503 -8.05 29.64 -122.31
C TRP B 503 -7.59 28.50 -123.20
N THR B 504 -7.30 28.78 -124.48
CA THR B 504 -6.86 27.71 -125.37
C THR B 504 -5.44 27.26 -125.10
N GLY B 505 -4.58 28.15 -124.61
CA GLY B 505 -3.19 27.81 -124.42
C GLY B 505 -2.80 27.65 -122.97
N ALA B 506 -3.76 27.34 -122.11
CA ALA B 506 -3.54 27.33 -120.67
C ALA B 506 -3.55 25.91 -120.12
N SER B 507 -2.80 25.72 -119.05
CA SER B 507 -2.79 24.45 -118.34
C SER B 507 -4.08 24.29 -117.56
N LYS B 508 -4.83 23.24 -117.86
CA LYS B 508 -6.12 23.03 -117.20
C LYS B 508 -6.30 21.54 -116.98
N TYR B 509 -7.21 21.20 -116.07
CA TYR B 509 -7.48 19.81 -115.76
C TYR B 509 -8.92 19.46 -116.11
N ASN B 510 -9.13 18.18 -116.39
CA ASN B 510 -10.42 17.65 -116.80
C ASN B 510 -11.05 16.93 -115.61
N LEU B 511 -12.28 17.29 -115.28
CA LEU B 511 -12.99 16.67 -114.17
C LEU B 511 -14.47 16.54 -114.53
N ASN B 512 -14.92 15.31 -114.71
CA ASN B 512 -16.32 15.02 -115.06
C ASN B 512 -16.72 15.71 -116.36
N GLY B 513 -15.78 15.83 -117.29
CA GLY B 513 -16.08 16.35 -118.60
C GLY B 513 -15.94 17.85 -118.74
N ARG B 514 -15.68 18.59 -117.68
CA ARG B 514 -15.52 20.03 -117.79
C ARG B 514 -14.15 20.43 -117.27
N GLU B 515 -13.54 21.38 -117.99
CA GLU B 515 -12.17 21.78 -117.76
C GLU B 515 -12.09 22.93 -116.77
N SER B 516 -11.02 22.95 -116.00
CA SER B 516 -10.79 23.98 -114.99
C SER B 516 -9.34 24.40 -115.06
N ILE B 517 -9.09 25.71 -115.11
CA ILE B 517 -7.73 26.22 -115.10
C ILE B 517 -7.07 25.82 -113.79
N ILE B 518 -5.78 25.47 -113.85
CA ILE B 518 -5.08 25.03 -112.65
C ILE B 518 -5.02 26.15 -111.63
N ASN B 519 -4.30 27.23 -111.94
CA ASN B 519 -4.40 28.49 -111.21
C ASN B 519 -4.38 28.37 -109.69
N PRO B 520 -3.22 28.25 -109.04
CA PRO B 520 -1.87 28.35 -109.59
C PRO B 520 -1.14 27.01 -109.64
N GLY B 521 -1.71 26.00 -109.00
CA GLY B 521 -1.15 24.67 -109.11
C GLY B 521 0.14 24.51 -108.35
N THR B 522 1.06 23.75 -108.94
CA THR B 522 2.31 23.39 -108.28
C THR B 522 3.12 24.62 -107.93
N ALA B 523 3.78 24.57 -106.79
CA ALA B 523 4.61 25.67 -106.32
C ALA B 523 5.92 25.65 -107.11
N MET B 524 6.04 26.55 -108.07
CA MET B 524 7.21 26.62 -108.92
C MET B 524 7.69 28.06 -109.01
N ALA B 525 8.95 28.22 -109.40
CA ALA B 525 9.52 29.55 -109.59
C ALA B 525 8.81 30.27 -110.72
N SER B 526 8.53 31.56 -110.51
CA SER B 526 7.84 32.35 -111.53
C SER B 526 8.68 32.50 -112.79
N HIS B 527 9.98 32.69 -112.65
CA HIS B 527 10.85 32.92 -113.79
C HIS B 527 12.26 32.49 -113.40
N LYS B 528 13.18 32.63 -114.35
CA LYS B 528 14.59 32.36 -114.11
C LYS B 528 15.29 33.63 -113.63
N ASP B 529 16.61 33.57 -113.57
CA ASP B 529 17.39 34.77 -113.30
C ASP B 529 17.36 35.70 -114.50
N ASP B 530 17.30 37.00 -114.22
CA ASP B 530 17.31 38.04 -115.25
C ASP B 530 16.13 37.90 -116.22
N GLU B 531 15.01 37.42 -115.71
CA GLU B 531 13.82 37.19 -116.54
C GLU B 531 12.57 37.63 -115.80
N ASP B 532 12.66 38.70 -115.03
CA ASP B 532 11.54 39.17 -114.22
C ASP B 532 10.37 39.66 -115.07
N LYS B 533 10.58 39.89 -116.35
CA LYS B 533 9.53 40.34 -117.26
C LYS B 533 8.52 39.26 -117.60
N PHE B 534 8.78 38.00 -117.24
CA PHE B 534 7.91 36.89 -117.56
C PHE B 534 7.26 36.33 -116.30
N PHE B 535 6.01 35.91 -116.43
CA PHE B 535 5.32 35.19 -115.37
C PHE B 535 4.50 34.08 -115.99
N PRO B 536 4.27 32.99 -115.25
CA PRO B 536 3.37 31.95 -115.75
C PRO B 536 1.96 32.47 -115.87
N MET B 537 1.25 31.99 -116.90
CA MET B 537 -0.04 32.60 -117.24
C MET B 537 -1.04 32.47 -116.11
N SER B 538 -1.08 31.33 -115.44
CA SER B 538 -1.95 31.13 -114.29
C SER B 538 -1.19 30.45 -113.16
N GLY B 539 0.03 30.90 -112.92
CA GLY B 539 0.86 30.26 -111.91
C GLY B 539 1.19 31.17 -110.75
N VAL B 540 0.65 32.38 -110.75
CA VAL B 540 0.99 33.39 -109.77
C VAL B 540 -0.28 33.91 -109.12
N MET B 541 -0.17 34.29 -107.86
CA MET B 541 -1.26 34.96 -107.17
C MET B 541 -1.26 36.44 -107.54
N ILE B 542 -2.39 36.91 -108.04
CA ILE B 542 -2.52 38.28 -108.51
C ILE B 542 -3.52 38.98 -107.61
N PHE B 543 -3.06 40.02 -106.92
CA PHE B 543 -3.92 40.84 -106.09
C PHE B 543 -4.24 42.13 -106.82
N GLY B 544 -5.48 42.58 -106.71
CA GLY B 544 -5.89 43.83 -107.32
C GLY B 544 -5.65 44.99 -106.37
N LYS B 545 -5.18 46.09 -106.94
CA LYS B 545 -5.09 47.32 -106.17
C LYS B 545 -6.48 47.94 -106.04
N GLU B 546 -6.60 48.88 -105.11
CA GLU B 546 -7.82 49.66 -105.05
C GLU B 546 -7.97 50.46 -106.35
N SER B 547 -9.21 50.65 -106.77
CA SER B 547 -9.53 51.17 -108.10
C SER B 547 -9.09 50.21 -109.20
N ALA B 548 -9.32 48.93 -108.98
CA ALA B 548 -9.19 47.91 -110.02
C ALA B 548 -10.58 47.38 -110.34
N GLY B 549 -10.91 47.32 -111.62
CA GLY B 549 -12.21 46.85 -112.03
C GLY B 549 -12.37 45.36 -111.78
N ALA B 550 -13.62 44.91 -111.90
CA ALA B 550 -13.91 43.50 -111.71
C ALA B 550 -13.47 42.66 -112.91
N SER B 551 -13.59 43.22 -114.11
CA SER B 551 -13.32 42.48 -115.34
C SER B 551 -12.42 43.30 -116.26
N ASN B 552 -11.42 42.63 -116.84
CA ASN B 552 -10.54 43.22 -117.84
C ASN B 552 -9.87 44.50 -117.35
N THR B 553 -9.42 44.49 -116.09
CA THR B 553 -8.65 45.59 -115.57
C THR B 553 -7.22 45.53 -116.11
N ALA B 554 -6.41 46.49 -115.72
CA ALA B 554 -5.09 46.64 -116.32
C ALA B 554 -3.98 46.09 -115.44
N LEU B 555 -2.87 45.76 -116.10
CA LEU B 555 -1.66 45.34 -115.41
C LEU B 555 -1.22 46.39 -114.40
N ASP B 556 -1.52 47.65 -114.68
CA ASP B 556 -1.22 48.72 -113.74
C ASP B 556 -2.11 48.64 -112.51
N ASN B 557 -3.30 48.04 -112.66
CA ASN B 557 -4.24 47.95 -111.56
C ASN B 557 -4.11 46.66 -110.77
N VAL B 558 -3.35 45.69 -111.27
CA VAL B 558 -3.13 44.46 -110.51
C VAL B 558 -1.69 44.39 -110.02
N MET B 559 -1.49 43.61 -108.95
CA MET B 559 -0.17 43.33 -108.41
C MET B 559 0.13 41.84 -108.56
N ILE B 560 1.11 41.52 -109.38
CA ILE B 560 1.51 40.13 -109.64
C ILE B 560 2.59 39.74 -108.64
N THR B 561 2.39 38.61 -107.97
CA THR B 561 3.39 38.14 -107.03
C THR B 561 4.54 37.45 -107.77
N ASP B 562 5.61 37.19 -107.02
CA ASP B 562 6.79 36.53 -107.56
C ASP B 562 7.18 35.42 -106.60
N GLU B 563 7.60 34.28 -107.16
CA GLU B 563 8.08 33.14 -106.38
C GLU B 563 9.56 32.91 -106.66
N GLU B 564 10.34 34.00 -106.65
CA GLU B 564 11.73 33.92 -107.07
C GLU B 564 12.61 33.25 -106.02
N GLU B 565 12.13 33.15 -104.79
CA GLU B 565 12.98 32.63 -103.71
C GLU B 565 13.07 31.12 -103.71
N ILE B 566 12.19 30.42 -104.41
CA ILE B 566 12.17 28.96 -104.38
C ILE B 566 12.80 28.37 -105.64
N LYS B 567 13.60 29.15 -106.35
CA LYS B 567 14.40 28.62 -107.46
C LYS B 567 15.44 27.61 -106.98
N ALA B 568 15.78 27.63 -105.70
CA ALA B 568 16.81 26.74 -105.19
C ALA B 568 16.38 25.28 -105.21
N THR B 569 15.09 25.02 -105.10
CA THR B 569 14.59 23.64 -105.03
C THR B 569 13.46 23.34 -105.99
N ASN B 570 12.78 24.33 -106.54
CA ASN B 570 11.61 24.10 -107.37
C ASN B 570 11.91 24.43 -108.83
N PRO B 571 11.33 23.69 -109.76
CA PRO B 571 11.50 24.03 -111.17
C PRO B 571 10.81 25.34 -111.51
N VAL B 572 11.31 26.00 -112.55
CA VAL B 572 10.68 27.21 -113.04
C VAL B 572 9.36 26.86 -113.70
N ALA B 573 8.32 27.64 -113.39
CA ALA B 573 6.96 27.29 -113.77
C ALA B 573 6.76 27.22 -115.27
N THR B 574 7.51 27.99 -116.05
CA THR B 574 7.28 28.10 -117.48
C THR B 574 8.19 27.21 -118.31
N GLU B 575 9.04 26.40 -117.68
CA GLU B 575 9.97 25.55 -118.39
C GLU B 575 9.80 24.10 -117.98
N ARG B 576 10.35 23.21 -118.81
CA ARG B 576 10.20 21.78 -118.60
C ARG B 576 10.92 21.35 -117.33
N PHE B 577 10.46 20.23 -116.77
CA PHE B 577 11.19 19.61 -115.66
C PHE B 577 12.56 19.16 -116.12
N GLY B 578 12.63 18.60 -117.32
CA GLY B 578 13.89 18.12 -117.84
C GLY B 578 13.65 17.30 -119.09
N THR B 579 14.66 16.54 -119.48
CA THR B 579 14.58 15.65 -120.62
C THR B 579 14.66 14.21 -120.16
N VAL B 580 14.15 13.31 -121.01
CA VAL B 580 14.12 11.89 -120.72
C VAL B 580 14.46 11.14 -122.01
N ALA B 581 15.16 10.03 -121.86
CA ALA B 581 15.42 9.18 -123.01
C ALA B 581 14.13 8.54 -123.50
N VAL B 582 13.97 8.44 -124.82
CA VAL B 582 12.74 7.93 -125.40
C VAL B 582 12.95 6.78 -126.37
N ASN B 583 14.18 6.31 -126.54
CA ASN B 583 14.43 5.22 -127.47
C ASN B 583 15.66 4.46 -127.00
N PHE B 584 16.11 3.50 -127.82
CA PHE B 584 17.35 2.78 -127.60
C PHE B 584 18.35 3.23 -128.67
N GLN B 585 19.48 3.76 -128.24
CA GLN B 585 20.54 4.08 -129.18
C GLN B 585 21.28 2.82 -129.58
N SER B 586 21.70 2.76 -130.83
CA SER B 586 22.41 1.61 -131.34
C SER B 586 23.24 2.03 -132.54
N SER B 587 24.20 1.18 -132.90
CA SER B 587 25.03 1.38 -134.07
C SER B 587 24.49 0.54 -135.24
N SER B 588 24.92 0.90 -136.44
CA SER B 588 24.54 0.15 -137.63
C SER B 588 25.20 -1.22 -137.63
N THR B 589 24.49 -2.19 -138.19
CA THR B 589 25.00 -3.56 -138.29
C THR B 589 24.69 -4.16 -139.64
N VAL B 592 21.59 -5.52 -138.77
CA VAL B 592 20.56 -4.48 -138.72
C VAL B 592 21.15 -3.15 -139.13
N PRO B 593 21.21 -2.90 -140.43
CA PRO B 593 21.85 -1.67 -140.92
C PRO B 593 20.96 -0.44 -140.80
N PHE B 594 20.30 -0.29 -139.66
CA PHE B 594 19.46 0.87 -139.37
C PHE B 594 19.96 1.48 -138.07
N LYS B 595 20.94 2.38 -138.18
CA LYS B 595 21.49 3.06 -137.02
C LYS B 595 20.43 3.90 -136.33
N THR B 596 20.40 3.83 -135.00
CA THR B 596 19.43 4.57 -134.20
C THR B 596 20.16 5.58 -133.35
N ASP B 597 19.97 6.86 -133.65
CA ASP B 597 20.52 7.91 -132.81
C ASP B 597 19.75 7.99 -131.50
N PRO B 598 20.42 8.31 -130.40
CA PRO B 598 19.70 8.53 -129.14
C PRO B 598 18.75 9.71 -129.25
N ALA B 599 17.61 9.60 -128.59
CA ALA B 599 16.57 10.62 -128.66
C ALA B 599 16.06 10.94 -127.27
N THR B 600 15.87 12.22 -127.01
CA THR B 600 15.33 12.69 -125.75
C THR B 600 14.05 13.48 -126.02
N GLY B 601 13.19 13.51 -125.01
CA GLY B 601 11.99 14.30 -125.07
C GLY B 601 11.85 15.14 -123.81
N ASP B 602 11.22 16.30 -123.97
CA ASP B 602 11.02 17.20 -122.85
C ASP B 602 9.91 16.68 -121.94
N VAL B 603 10.14 16.81 -120.64
CA VAL B 603 9.19 16.38 -119.63
C VAL B 603 8.50 17.62 -119.10
N HIS B 604 7.24 17.79 -119.44
CA HIS B 604 6.51 19.02 -119.12
C HIS B 604 5.72 18.91 -117.83
N ALA B 605 5.17 17.74 -117.54
CA ALA B 605 4.49 17.48 -116.27
C ALA B 605 5.16 16.28 -115.61
N MET B 606 5.66 16.48 -114.40
CA MET B 606 6.37 15.44 -113.67
C MET B 606 5.71 15.28 -112.32
N GLY B 607 5.25 14.07 -112.03
CA GLY B 607 4.73 13.75 -110.72
C GLY B 607 5.83 13.47 -109.74
N ALA B 608 5.43 13.16 -108.51
CA ALA B 608 6.39 12.98 -107.43
C ALA B 608 7.23 11.74 -107.67
N LEU B 609 8.54 11.90 -107.66
CA LEU B 609 9.54 10.84 -107.67
C LEU B 609 10.21 10.78 -106.31
N PRO B 610 10.60 9.59 -105.85
CA PRO B 610 11.37 9.52 -104.60
C PRO B 610 12.68 10.25 -104.74
N GLY B 611 13.06 10.94 -103.67
CA GLY B 611 14.20 11.83 -103.69
C GLY B 611 13.88 13.26 -104.04
N MET B 612 12.64 13.55 -104.41
CA MET B 612 12.24 14.91 -104.72
C MET B 612 12.11 15.76 -103.46
N VAL B 613 12.55 17.00 -103.55
CA VAL B 613 12.39 17.98 -102.48
C VAL B 613 11.87 19.27 -103.08
N TRP B 614 11.01 19.97 -102.34
CA TRP B 614 10.42 21.20 -102.86
C TRP B 614 10.02 22.10 -101.71
N GLN B 615 9.77 23.35 -102.05
CA GLN B 615 9.17 24.31 -101.14
C GLN B 615 7.73 24.59 -101.54
N ASP B 616 6.91 24.94 -100.57
CA ASP B 616 5.52 25.29 -100.83
C ASP B 616 5.43 26.74 -101.27
N ARG B 617 4.23 27.15 -101.67
CA ARG B 617 4.00 28.53 -102.06
C ARG B 617 4.12 29.45 -100.85
N ASP B 618 4.53 30.68 -101.10
CA ASP B 618 4.65 31.67 -100.06
C ASP B 618 3.28 32.18 -99.64
N VAL B 619 3.19 32.68 -98.41
CA VAL B 619 2.01 33.36 -97.93
C VAL B 619 2.27 34.86 -97.98
N TYR B 620 1.20 35.63 -98.13
CA TYR B 620 1.30 37.08 -98.26
C TYR B 620 0.40 37.75 -97.23
N LEU B 621 0.70 39.01 -96.94
CA LEU B 621 -0.13 39.74 -96.00
C LEU B 621 -1.57 39.86 -96.50
N GLN B 622 -1.76 39.93 -97.80
CA GLN B 622 -3.09 40.00 -98.41
C GLN B 622 -3.67 38.64 -98.74
N GLY B 623 -2.97 37.56 -98.45
CA GLY B 623 -3.37 36.25 -98.91
C GLY B 623 -4.07 35.43 -97.85
N PRO B 624 -4.56 34.26 -98.24
CA PRO B 624 -5.27 33.39 -97.30
C PRO B 624 -4.34 32.76 -96.26
N ILE B 625 -4.92 32.42 -95.11
CA ILE B 625 -4.18 31.78 -94.04
C ILE B 625 -4.28 30.27 -94.11
N TRP B 626 -5.49 29.73 -94.20
CA TRP B 626 -5.70 28.30 -94.12
C TRP B 626 -6.66 27.86 -95.20
N ALA B 627 -6.82 26.54 -95.29
CA ALA B 627 -7.82 25.91 -96.14
C ALA B 627 -8.19 24.57 -95.54
N LYS B 628 -9.46 24.21 -95.65
CA LYS B 628 -9.89 22.89 -95.24
C LYS B 628 -9.40 21.83 -96.22
N ILE B 629 -8.74 20.81 -95.70
CA ILE B 629 -8.34 19.69 -96.54
C ILE B 629 -9.56 18.84 -96.85
N PRO B 630 -9.85 18.54 -98.12
CA PRO B 630 -11.04 17.75 -98.44
C PRO B 630 -11.02 16.40 -97.76
N HIS B 631 -12.19 15.97 -97.30
CA HIS B 631 -12.32 14.68 -96.62
C HIS B 631 -12.39 13.59 -97.68
N THR B 632 -11.22 13.13 -98.10
CA THR B 632 -11.07 12.12 -99.13
C THR B 632 -10.26 10.94 -98.58
N ASP B 633 -10.26 9.85 -99.34
CA ASP B 633 -9.47 8.69 -98.95
C ASP B 633 -7.99 8.98 -99.00
N GLY B 634 -7.54 9.68 -100.05
CA GLY B 634 -6.13 9.97 -100.19
C GLY B 634 -5.91 11.42 -100.56
N HIS B 635 -4.75 11.91 -100.15
CA HIS B 635 -4.27 13.22 -100.55
C HIS B 635 -2.77 13.24 -100.40
N PHE B 636 -2.09 13.90 -101.32
CA PHE B 636 -0.64 13.96 -101.33
C PHE B 636 -0.19 15.36 -100.94
N HIS B 637 0.52 15.47 -99.83
CA HIS B 637 1.06 16.73 -99.33
C HIS B 637 -0.03 17.79 -99.24
N PRO B 638 -0.97 17.66 -98.32
CA PRO B 638 -2.19 18.49 -98.34
C PRO B 638 -1.95 19.93 -97.91
N SER B 639 -1.06 20.60 -98.62
CA SER B 639 -0.81 22.02 -98.44
C SER B 639 -1.56 22.78 -99.53
N PRO B 640 -2.37 23.77 -99.18
CA PRO B 640 -3.21 24.43 -100.18
C PRO B 640 -2.36 25.08 -101.26
N LEU B 641 -2.87 25.03 -102.50
CA LEU B 641 -2.08 25.50 -103.63
C LEU B 641 -2.03 27.02 -103.70
N MET B 642 -3.00 27.70 -103.07
CA MET B 642 -2.90 29.15 -102.96
C MET B 642 -1.92 29.58 -101.88
N GLY B 643 -1.47 28.67 -101.04
CA GLY B 643 -0.58 28.99 -99.95
C GLY B 643 -1.31 28.99 -98.62
N GLY B 644 -0.59 28.65 -97.57
CA GLY B 644 -1.18 28.63 -96.25
C GLY B 644 -1.11 27.27 -95.59
N PHE B 645 -1.95 27.09 -94.58
CA PHE B 645 -1.98 25.87 -93.78
C PHE B 645 -3.20 25.06 -94.18
N GLY B 646 -2.97 23.81 -94.55
CA GLY B 646 -4.07 22.90 -94.77
C GLY B 646 -4.47 22.24 -93.47
N LEU B 647 -5.71 22.40 -93.07
CA LEU B 647 -6.21 21.86 -91.81
C LEU B 647 -7.32 20.87 -92.08
N LYS B 648 -7.26 19.72 -91.42
CA LYS B 648 -8.36 18.76 -91.52
C LYS B 648 -9.60 19.30 -90.81
N ASN B 649 -9.40 19.89 -89.63
CA ASN B 649 -10.46 20.59 -88.90
C ASN B 649 -10.08 22.06 -88.85
N PRO B 650 -10.43 22.85 -89.86
CA PRO B 650 -10.07 24.26 -89.86
C PRO B 650 -10.93 25.03 -88.89
N PRO B 651 -10.68 26.32 -88.69
CA PRO B 651 -11.61 27.14 -87.93
C PRO B 651 -13.00 27.08 -88.53
N PRO B 652 -14.01 26.77 -87.74
CA PRO B 652 -15.35 26.56 -88.28
C PRO B 652 -15.97 27.86 -88.74
N GLN B 653 -16.97 27.72 -89.61
CA GLN B 653 -17.69 28.86 -90.12
C GLN B 653 -18.65 29.39 -89.06
N ILE B 654 -18.62 30.69 -88.85
CA ILE B 654 -19.57 31.38 -87.98
C ILE B 654 -20.63 32.00 -88.88
N LEU B 655 -21.87 31.56 -88.72
CA LEU B 655 -22.97 31.97 -89.56
C LEU B 655 -23.95 32.79 -88.74
N ILE B 656 -24.39 33.90 -89.32
CA ILE B 656 -25.18 34.90 -88.62
C ILE B 656 -26.29 35.37 -89.54
N LYS B 657 -27.46 35.58 -88.97
CA LYS B 657 -28.53 36.20 -89.75
C LYS B 657 -29.47 36.94 -88.83
N ASN B 658 -30.24 37.86 -89.40
CA ASN B 658 -31.26 38.56 -88.65
C ASN B 658 -32.49 37.68 -88.55
N THR B 659 -33.04 37.54 -87.34
CA THR B 659 -34.27 36.79 -87.22
C THR B 659 -35.40 37.56 -87.90
N PRO B 660 -36.17 36.93 -88.78
CA PRO B 660 -37.25 37.65 -89.48
C PRO B 660 -38.30 38.15 -88.49
N VAL B 661 -38.74 39.37 -88.71
CA VAL B 661 -39.84 39.98 -87.95
C VAL B 661 -41.00 40.19 -88.90
N PRO B 662 -42.09 39.44 -88.79
CA PRO B 662 -43.20 39.60 -89.72
C PRO B 662 -43.88 40.95 -89.56
N ALA B 663 -44.44 41.43 -90.66
CA ALA B 663 -45.26 42.63 -90.62
C ALA B 663 -46.66 42.27 -90.12
N ASN B 664 -47.59 43.20 -90.26
CA ASN B 664 -48.93 43.02 -89.72
C ASN B 664 -49.64 41.85 -90.40
N PRO B 665 -50.06 40.83 -89.67
CA PRO B 665 -50.76 39.71 -90.28
C PRO B 665 -52.20 40.07 -90.58
N PRO B 666 -52.87 39.31 -91.46
CA PRO B 666 -54.28 39.58 -91.75
C PRO B 666 -55.17 39.28 -90.56
N ALA B 667 -56.37 39.84 -90.58
CA ALA B 667 -57.33 39.60 -89.51
C ALA B 667 -57.82 38.16 -89.50
N GLU B 668 -58.04 37.59 -90.68
CA GLU B 668 -58.41 36.18 -90.83
C GLU B 668 -57.17 35.33 -91.07
N PHE B 669 -57.26 34.08 -90.62
CA PHE B 669 -56.13 33.16 -90.73
C PHE B 669 -55.87 32.76 -92.17
N SER B 670 -54.59 32.70 -92.53
CA SER B 670 -54.15 32.23 -93.84
C SER B 670 -52.98 31.29 -93.64
N ALA B 671 -53.06 30.11 -94.24
CA ALA B 671 -51.98 29.14 -94.10
C ALA B 671 -50.82 29.42 -95.04
N THR B 672 -51.00 30.33 -96.01
CA THR B 672 -49.89 30.73 -96.85
C THR B 672 -48.77 31.32 -96.00
N LYS B 673 -47.54 30.89 -96.28
CA LYS B 673 -46.42 31.32 -95.47
C LYS B 673 -46.21 32.83 -95.60
N PHE B 674 -45.67 33.41 -94.54
CA PHE B 674 -45.49 34.85 -94.50
C PHE B 674 -44.50 35.31 -95.56
N ALA B 675 -44.84 36.39 -96.25
CA ALA B 675 -43.96 37.01 -97.22
C ALA B 675 -43.70 38.48 -96.92
N SER B 676 -44.46 39.08 -96.02
CA SER B 676 -44.32 40.48 -95.65
C SER B 676 -43.55 40.54 -94.33
N PHE B 677 -42.37 41.14 -94.38
CA PHE B 677 -41.52 41.23 -93.21
C PHE B 677 -41.14 42.68 -92.95
N ILE B 678 -40.84 42.97 -91.69
CA ILE B 678 -40.32 44.26 -91.29
C ILE B 678 -38.87 44.33 -91.74
N THR B 679 -38.53 45.36 -92.52
CA THR B 679 -37.20 45.48 -93.11
C THR B 679 -36.22 45.94 -92.05
N GLN B 680 -35.17 45.16 -91.84
CA GLN B 680 -34.21 45.53 -90.82
C GLN B 680 -32.83 44.95 -91.15
N TYR B 681 -31.82 45.54 -90.52
CA TYR B 681 -30.45 45.05 -90.61
C TYR B 681 -29.87 45.08 -89.21
N SER B 682 -28.63 44.64 -89.08
CA SER B 682 -27.97 44.69 -87.79
C SER B 682 -26.53 45.14 -87.96
N THR B 683 -25.97 45.68 -86.88
CA THR B 683 -24.60 46.12 -86.86
C THR B 683 -23.99 45.68 -85.55
N GLY B 684 -22.67 45.64 -85.51
CA GLY B 684 -22.02 45.23 -84.28
C GLY B 684 -20.53 45.22 -84.41
N GLN B 685 -19.88 44.67 -83.40
CA GLN B 685 -18.43 44.55 -83.35
C GLN B 685 -18.04 43.08 -83.28
N VAL B 686 -16.96 42.75 -83.97
CA VAL B 686 -16.42 41.39 -83.99
C VAL B 686 -14.95 41.46 -83.61
N SER B 687 -14.53 40.57 -82.72
CA SER B 687 -13.14 40.47 -82.29
C SER B 687 -12.63 39.08 -82.62
N VAL B 688 -11.43 39.02 -83.19
CA VAL B 688 -10.73 37.76 -83.43
C VAL B 688 -9.33 37.89 -82.84
N GLU B 689 -8.96 36.94 -82.00
CA GLU B 689 -7.64 36.90 -81.38
C GLU B 689 -6.98 35.57 -81.76
N ILE B 690 -5.84 35.64 -82.42
CA ILE B 690 -5.08 34.44 -82.78
C ILE B 690 -3.73 34.47 -82.08
N GLU B 691 -3.41 33.39 -81.39
CA GLU B 691 -2.07 33.12 -80.92
C GLU B 691 -1.34 32.31 -81.97
N TRP B 692 -0.15 32.78 -82.35
CA TRP B 692 0.75 32.16 -83.32
C TRP B 692 2.04 31.77 -82.64
N GLU B 693 2.50 30.56 -82.94
CA GLU B 693 3.81 30.10 -82.51
C GLU B 693 4.86 30.49 -83.55
N LEU B 694 5.98 31.01 -83.07
CA LEU B 694 7.09 31.46 -83.89
C LEU B 694 8.22 30.45 -83.85
N GLN B 695 9.00 30.42 -84.91
CA GLN B 695 10.20 29.60 -85.03
C GLN B 695 11.32 30.57 -85.37
N LYS B 696 12.15 30.86 -84.38
CA LYS B 696 13.18 31.89 -84.48
C LYS B 696 14.32 31.42 -85.37
N GLU B 697 14.95 32.39 -86.02
CA GLU B 697 16.17 32.11 -86.75
C GLU B 697 17.28 31.75 -85.79
N ASN B 698 18.17 30.85 -86.20
CA ASN B 698 19.35 30.47 -85.45
C ASN B 698 20.59 30.51 -86.33
N SER B 699 20.66 31.53 -87.18
CA SER B 699 21.63 31.52 -88.28
C SER B 699 23.02 31.89 -87.80
N LYS B 700 24.01 31.30 -88.46
CA LYS B 700 25.41 31.65 -88.25
C LYS B 700 25.98 32.43 -89.42
N ARG B 701 25.11 32.95 -90.28
CA ARG B 701 25.53 33.73 -91.44
C ARG B 701 26.24 35.00 -91.00
N TRP B 702 27.31 35.35 -91.71
CA TRP B 702 28.14 36.47 -91.32
C TRP B 702 27.63 37.79 -91.90
N ASN B 703 27.40 37.82 -93.21
CA ASN B 703 26.97 39.04 -93.88
C ASN B 703 25.51 39.34 -93.53
N PRO B 704 25.10 40.60 -93.66
CA PRO B 704 23.72 40.95 -93.32
C PRO B 704 22.71 40.32 -94.26
N GLU B 705 21.52 40.06 -93.73
CA GLU B 705 20.44 39.44 -94.46
C GLU B 705 19.65 40.46 -95.26
N VAL B 706 18.89 39.96 -96.23
CA VAL B 706 17.90 40.78 -96.93
C VAL B 706 16.67 40.92 -96.03
N GLN B 707 16.22 42.14 -95.85
CA GLN B 707 15.06 42.44 -95.02
C GLN B 707 14.02 43.17 -95.86
N TYR B 708 12.76 43.02 -95.48
CA TYR B 708 11.74 43.88 -96.04
C TYR B 708 11.82 45.25 -95.38
N THR B 709 11.89 46.30 -96.18
CA THR B 709 12.08 47.64 -95.65
C THR B 709 11.17 48.61 -96.39
N SER B 710 10.81 49.67 -95.69
CA SER B 710 10.21 50.83 -96.34
C SER B 710 11.28 51.58 -97.13
N ASN B 711 10.85 52.18 -98.22
CA ASN B 711 11.75 53.01 -99.01
C ASN B 711 11.89 54.38 -98.35
N TYR B 712 13.12 54.81 -98.14
CA TYR B 712 13.39 56.15 -97.62
C TYR B 712 13.52 57.06 -98.84
N ALA B 713 12.56 57.95 -99.00
CA ALA B 713 12.57 58.91 -100.09
C ALA B 713 11.36 59.83 -99.93
N LYS B 714 11.50 61.06 -100.39
CA LYS B 714 10.35 61.94 -100.41
C LYS B 714 9.30 61.38 -101.36
N SER B 715 8.13 61.09 -100.83
CA SER B 715 7.03 60.56 -101.60
C SER B 715 5.76 61.33 -101.27
N ALA B 716 4.85 61.39 -102.22
CA ALA B 716 3.60 62.11 -101.99
C ALA B 716 2.78 61.47 -100.88
N ASN B 717 2.88 60.15 -100.74
CA ASN B 717 2.17 59.41 -99.72
C ASN B 717 3.12 58.48 -98.99
N VAL B 718 2.67 57.98 -97.84
CA VAL B 718 3.37 56.93 -97.11
C VAL B 718 2.73 55.60 -97.48
N ASP B 719 3.55 54.57 -97.65
CA ASP B 719 3.03 53.26 -98.01
C ASP B 719 2.23 52.66 -96.87
N PHE B 720 1.18 51.93 -97.23
CA PHE B 720 0.28 51.28 -96.28
C PHE B 720 -0.37 52.29 -95.34
N THR B 721 -0.86 53.38 -95.92
CA THR B 721 -1.56 54.40 -95.15
C THR B 721 -2.83 54.83 -95.89
N VAL B 722 -3.48 55.86 -95.41
CA VAL B 722 -4.63 56.45 -96.07
C VAL B 722 -4.18 57.62 -96.92
N ASP B 723 -4.98 57.98 -97.91
CA ASP B 723 -4.70 59.16 -98.71
C ASP B 723 -5.51 60.33 -98.16
N ASN B 724 -5.53 61.45 -98.89
CA ASN B 724 -6.29 62.60 -98.44
C ASN B 724 -7.80 62.36 -98.50
N ASN B 725 -8.25 61.34 -99.22
CA ASN B 725 -9.67 60.99 -99.25
C ASN B 725 -10.06 59.97 -98.20
N GLY B 726 -9.11 59.44 -97.45
CA GLY B 726 -9.40 58.47 -96.42
C GLY B 726 -9.37 57.03 -96.86
N LEU B 727 -8.80 56.72 -98.02
CA LEU B 727 -8.82 55.38 -98.58
C LEU B 727 -7.52 54.66 -98.23
N TYR B 728 -7.63 53.58 -97.48
CA TYR B 728 -6.47 52.76 -97.16
C TYR B 728 -6.08 51.92 -98.36
N THR B 729 -4.80 51.93 -98.69
CA THR B 729 -4.27 51.18 -99.82
C THR B 729 -3.03 50.42 -99.40
N GLU B 730 -2.80 49.28 -100.05
CA GLU B 730 -1.59 48.50 -99.88
C GLU B 730 -0.80 48.53 -101.18
N PRO B 731 0.35 49.20 -101.21
CA PRO B 731 1.06 49.40 -102.48
C PRO B 731 1.56 48.12 -103.15
N ARG B 732 1.92 47.11 -102.38
CA ARG B 732 2.55 45.92 -102.94
C ARG B 732 2.20 44.73 -102.08
N PRO B 733 2.26 43.52 -102.64
CA PRO B 733 2.13 42.32 -101.80
C PRO B 733 3.47 41.97 -101.16
N ILE B 734 3.43 41.65 -99.87
CA ILE B 734 4.63 41.32 -99.10
C ILE B 734 4.59 39.83 -98.79
N GLY B 735 5.64 39.11 -99.19
CA GLY B 735 5.80 37.72 -98.84
C GLY B 735 6.47 37.56 -97.49
N THR B 736 7.03 36.37 -97.27
CA THR B 736 7.63 36.02 -96.00
C THR B 736 9.11 35.69 -96.10
N ARG B 737 9.59 35.30 -97.27
CA ARG B 737 10.90 34.67 -97.40
C ARG B 737 11.97 35.75 -97.57
N TYR B 738 12.51 36.24 -96.46
CA TYR B 738 13.57 37.24 -96.50
C TYR B 738 14.83 36.72 -95.82
N LEU B 739 14.69 36.16 -94.63
CA LEU B 739 15.82 35.47 -94.00
C LEU B 739 16.18 34.25 -94.82
N THR B 740 17.39 33.74 -94.63
CA THR B 740 17.84 32.58 -95.37
C THR B 740 18.35 31.51 -94.41
N ARG B 741 18.42 30.29 -94.92
CA ARG B 741 19.03 29.19 -94.19
C ARG B 741 19.66 28.23 -95.19
N PRO B 742 20.66 27.46 -94.80
CA PRO B 742 21.29 26.53 -95.74
C PRO B 742 20.37 25.38 -96.10
N LEU B 743 20.50 24.92 -97.34
CA LEU B 743 19.61 23.89 -97.86
C LEU B 743 19.91 22.52 -97.28
N ASP C 219 -36.91 38.77 -68.47
CA ASP C 219 -35.52 38.95 -68.11
C ASP C 219 -34.95 40.25 -68.68
N GLY C 220 -35.81 41.04 -69.33
CA GLY C 220 -35.43 42.35 -69.81
C GLY C 220 -35.76 42.54 -71.28
N VAL C 221 -35.72 43.80 -71.69
CA VAL C 221 -35.97 44.16 -73.08
C VAL C 221 -34.82 43.72 -73.98
N GLY C 222 -33.59 43.89 -73.53
CA GLY C 222 -32.43 43.65 -74.38
C GLY C 222 -31.75 42.32 -74.19
N ASN C 223 -32.46 41.37 -73.58
CA ASN C 223 -31.93 40.04 -73.31
C ASN C 223 -32.88 39.02 -73.92
N ALA C 224 -32.34 38.14 -74.76
CA ALA C 224 -33.15 37.10 -75.39
C ALA C 224 -33.55 36.05 -74.37
N SER C 225 -34.80 35.61 -74.45
CA SER C 225 -35.33 34.65 -73.50
C SER C 225 -35.24 33.21 -73.99
N GLY C 226 -34.62 32.96 -75.13
CA GLY C 226 -34.42 31.60 -75.57
C GLY C 226 -33.54 31.58 -76.79
N ASN C 227 -33.12 30.37 -77.15
CA ASN C 227 -32.25 30.15 -78.29
C ASN C 227 -32.96 29.28 -79.32
N TRP C 228 -32.40 29.25 -80.52
CA TRP C 228 -32.93 28.44 -81.60
C TRP C 228 -32.47 27.01 -81.41
N HIS C 229 -33.39 26.11 -81.12
CA HIS C 229 -33.10 24.70 -80.91
C HIS C 229 -33.83 23.90 -81.98
N CYS C 230 -33.17 23.64 -83.10
CA CYS C 230 -33.72 22.83 -84.17
C CYS C 230 -32.70 21.77 -84.53
N ASP C 231 -32.98 20.53 -84.17
CA ASP C 231 -31.97 19.48 -84.23
C ASP C 231 -32.68 18.13 -84.24
N SER C 232 -31.90 17.07 -84.35
CA SER C 232 -32.41 15.71 -84.23
C SER C 232 -31.27 14.82 -83.76
N THR C 233 -31.44 14.21 -82.59
CA THR C 233 -30.42 13.37 -81.99
C THR C 233 -30.91 11.93 -81.98
N TRP C 234 -30.09 11.05 -82.52
CA TRP C 234 -30.43 9.62 -82.61
C TRP C 234 -29.61 8.87 -81.59
N LEU C 235 -30.27 8.35 -80.57
CA LEU C 235 -29.65 7.46 -79.60
C LEU C 235 -29.90 6.03 -80.06
N GLY C 236 -29.60 5.05 -79.21
CA GLY C 236 -29.77 3.67 -79.61
C GLY C 236 -31.22 3.30 -79.90
N ASP C 237 -32.11 3.60 -78.96
CA ASP C 237 -33.51 3.25 -79.10
C ASP C 237 -34.43 4.46 -79.02
N ARG C 238 -33.90 5.66 -78.91
CA ARG C 238 -34.68 6.88 -78.88
C ARG C 238 -34.22 7.78 -80.02
N VAL C 239 -35.12 8.66 -80.43
CA VAL C 239 -34.75 9.80 -81.25
C VAL C 239 -35.43 11.03 -80.67
N ILE C 240 -34.67 12.11 -80.49
CA ILE C 240 -35.19 13.35 -79.96
C ILE C 240 -35.18 14.38 -81.08
N THR C 241 -36.35 14.88 -81.45
CA THR C 241 -36.50 15.86 -82.50
C THR C 241 -36.87 17.20 -81.87
N THR C 242 -36.11 18.25 -82.19
CA THR C 242 -36.38 19.60 -81.74
C THR C 242 -36.66 20.48 -82.94
N SER C 243 -37.67 21.35 -82.82
CA SER C 243 -38.06 22.23 -83.90
C SER C 243 -38.37 23.61 -83.34
N THR C 244 -37.73 24.62 -83.89
CA THR C 244 -38.03 26.01 -83.59
C THR C 244 -38.60 26.68 -84.83
N ARG C 245 -39.64 27.48 -84.63
CA ARG C 245 -40.28 28.23 -85.70
C ARG C 245 -40.58 29.64 -85.24
N THR C 246 -40.75 30.53 -86.19
CA THR C 246 -41.15 31.91 -85.92
C THR C 246 -42.63 32.06 -86.25
N TRP C 247 -43.39 32.54 -85.28
CA TRP C 247 -44.82 32.69 -85.41
C TRP C 247 -45.23 34.16 -85.33
N ALA C 248 -46.34 34.46 -86.00
CA ALA C 248 -47.03 35.73 -85.91
C ALA C 248 -48.47 35.49 -85.47
N LEU C 249 -48.90 36.20 -84.44
CA LEU C 249 -50.24 36.10 -83.89
C LEU C 249 -50.94 37.43 -84.04
N PRO C 250 -52.02 37.51 -84.81
CA PRO C 250 -52.78 38.76 -84.91
C PRO C 250 -53.82 38.89 -83.82
N THR C 251 -54.60 39.96 -83.88
CA THR C 251 -55.79 40.08 -83.05
C THR C 251 -56.98 39.52 -83.81
N TYR C 252 -57.68 38.58 -83.21
CA TYR C 252 -58.80 37.89 -83.84
C TYR C 252 -60.10 38.44 -83.29
N ASN C 253 -61.05 38.74 -84.18
CA ASN C 253 -62.41 39.13 -83.84
C ASN C 253 -62.50 40.48 -83.14
N ASN C 254 -61.43 41.28 -83.17
CA ASN C 254 -61.35 42.50 -82.37
C ASN C 254 -61.56 42.20 -80.88
N HIS C 255 -60.91 41.14 -80.41
CA HIS C 255 -60.95 40.72 -79.00
C HIS C 255 -62.34 40.30 -78.56
N LEU C 256 -63.16 39.84 -79.50
CA LEU C 256 -64.54 39.50 -79.20
C LEU C 256 -64.78 38.01 -79.34
N TYR C 257 -65.70 37.51 -78.54
CA TYR C 257 -66.26 36.17 -78.71
C TYR C 257 -67.50 36.30 -79.56
N LYS C 258 -67.55 35.56 -80.66
CA LYS C 258 -68.68 35.66 -81.58
C LYS C 258 -69.35 34.31 -81.72
N GLN C 259 -70.67 34.32 -81.80
CA GLN C 259 -71.45 33.12 -82.03
C GLN C 259 -71.60 32.91 -83.53
N ILE C 260 -71.21 31.73 -84.00
CA ILE C 260 -71.24 31.41 -85.42
C ILE C 260 -72.18 30.24 -85.64
N SER C 261 -72.88 30.27 -86.78
CA SER C 261 -73.76 29.18 -87.16
C SER C 261 -73.90 29.19 -88.67
N SER C 262 -74.78 28.33 -89.19
CA SER C 262 -75.00 28.20 -90.62
C SER C 262 -76.26 28.91 -91.09
N ALA C 263 -76.91 29.69 -90.21
CA ALA C 263 -78.17 30.31 -90.56
C ALA C 263 -78.03 31.30 -91.71
N SER C 264 -77.00 32.14 -91.67
CA SER C 264 -76.76 33.05 -92.79
C SER C 264 -76.19 32.32 -93.98
N THR C 265 -75.43 31.24 -93.75
CA THR C 265 -74.86 30.49 -94.86
C THR C 265 -75.95 29.86 -95.72
N GLY C 266 -77.03 29.40 -95.09
CA GLY C 266 -78.06 28.71 -95.85
C GLY C 266 -77.61 27.37 -96.39
N ALA C 267 -76.93 26.57 -95.58
CA ALA C 267 -76.38 25.31 -96.00
C ALA C 267 -77.45 24.22 -95.99
N SER C 268 -77.07 23.03 -96.44
CA SER C 268 -77.95 21.89 -96.38
C SER C 268 -78.05 21.37 -94.95
N ASN C 269 -79.01 20.47 -94.73
CA ASN C 269 -79.21 19.92 -93.40
C ASN C 269 -77.98 19.19 -92.89
N ASP C 270 -77.19 18.62 -93.80
CA ASP C 270 -75.98 17.90 -93.40
C ASP C 270 -74.85 18.81 -92.97
N ASN C 271 -74.88 20.09 -93.38
CA ASN C 271 -73.78 21.01 -93.12
C ASN C 271 -74.13 22.05 -92.07
N HIS C 272 -75.25 21.89 -91.38
CA HIS C 272 -75.64 22.83 -90.34
C HIS C 272 -74.71 22.72 -89.15
N TYR C 273 -74.45 23.86 -88.51
CA TYR C 273 -73.60 23.86 -87.33
C TYR C 273 -73.93 25.06 -86.45
N PHE C 274 -73.49 24.97 -85.20
CA PHE C 274 -73.59 26.06 -84.24
C PHE C 274 -72.34 26.02 -83.38
N GLY C 275 -71.75 27.17 -83.15
CA GLY C 275 -70.55 27.19 -82.35
C GLY C 275 -70.12 28.60 -82.01
N TYR C 276 -68.85 28.72 -81.62
CA TYR C 276 -68.30 29.99 -81.19
C TYR C 276 -66.92 30.19 -81.76
N SER C 277 -66.61 31.45 -82.06
CA SER C 277 -65.30 31.90 -82.50
C SER C 277 -64.68 32.71 -81.37
N THR C 278 -63.49 32.32 -80.92
CA THR C 278 -62.88 33.06 -79.84
C THR C 278 -61.80 33.99 -80.38
N PRO C 279 -61.39 35.00 -79.62
CA PRO C 279 -60.25 35.83 -80.01
C PRO C 279 -58.90 35.18 -79.81
N TRP C 280 -58.85 33.93 -79.38
CA TRP C 280 -57.60 33.23 -79.12
C TRP C 280 -57.12 32.49 -80.35
N GLY C 281 -55.80 32.31 -80.44
CA GLY C 281 -55.19 31.37 -81.35
C GLY C 281 -54.65 30.19 -80.57
N TYR C 282 -54.25 29.16 -81.31
CA TYR C 282 -53.71 27.98 -80.66
C TYR C 282 -52.47 27.52 -81.41
N PHE C 283 -51.62 26.79 -80.71
CA PHE C 283 -50.40 26.23 -81.27
C PHE C 283 -50.64 24.79 -81.66
N ASP C 284 -50.28 24.46 -82.90
CA ASP C 284 -50.49 23.13 -83.46
C ASP C 284 -49.18 22.59 -83.98
N PHE C 285 -48.79 21.41 -83.51
CA PHE C 285 -47.63 20.71 -84.06
C PHE C 285 -47.99 19.23 -84.22
N ASN C 286 -49.18 18.98 -84.74
CA ASN C 286 -49.72 17.64 -84.90
C ASN C 286 -49.53 17.09 -86.31
N ARG C 287 -48.40 17.36 -86.93
CA ARG C 287 -48.01 16.72 -88.16
C ARG C 287 -46.57 16.23 -88.02
N PHE C 288 -46.24 15.18 -88.74
CA PHE C 288 -44.93 14.57 -88.55
C PHE C 288 -43.81 15.42 -89.11
N HIS C 289 -44.08 16.22 -90.14
CA HIS C 289 -43.05 17.06 -90.73
C HIS C 289 -42.78 18.32 -89.92
N CYS C 290 -43.57 18.60 -88.90
CA CYS C 290 -43.22 19.64 -87.94
C CYS C 290 -42.02 19.23 -87.09
N HIS C 291 -41.69 17.95 -87.09
CA HIS C 291 -40.64 17.42 -86.23
C HIS C 291 -39.55 16.68 -86.98
N PHE C 292 -39.87 16.01 -88.08
CA PHE C 292 -38.89 15.24 -88.84
C PHE C 292 -38.58 15.94 -90.15
N SER C 293 -37.31 16.11 -90.45
CA SER C 293 -36.90 16.42 -91.80
C SER C 293 -37.14 15.19 -92.67
N PRO C 294 -37.22 15.36 -93.99
CA PRO C 294 -37.35 14.18 -94.86
C PRO C 294 -36.21 13.18 -94.69
N ARG C 295 -34.99 13.66 -94.48
CA ARG C 295 -33.88 12.76 -94.21
C ARG C 295 -34.07 11.99 -92.92
N ASP C 296 -34.54 12.66 -91.86
CA ASP C 296 -34.80 11.97 -90.59
C ASP C 296 -35.94 10.97 -90.73
N TRP C 297 -36.96 11.33 -91.48
CA TRP C 297 -38.07 10.40 -91.74
C TRP C 297 -37.59 9.16 -92.46
N GLN C 298 -36.75 9.34 -93.48
CA GLN C 298 -36.19 8.21 -94.21
C GLN C 298 -35.33 7.35 -93.30
N ARG C 299 -34.51 7.98 -92.46
CA ARG C 299 -33.70 7.24 -91.51
C ARG C 299 -34.54 6.44 -90.55
N LEU C 300 -35.67 6.98 -90.11
CA LEU C 300 -36.57 6.27 -89.21
C LEU C 300 -37.22 5.09 -89.91
N ILE C 301 -37.82 5.33 -91.09
CA ILE C 301 -38.65 4.32 -91.72
C ILE C 301 -37.84 3.23 -92.41
N ASN C 302 -36.59 3.49 -92.76
CA ASN C 302 -35.77 2.47 -93.39
C ASN C 302 -35.10 1.55 -92.39
N ASN C 303 -35.17 1.87 -91.11
CA ASN C 303 -34.38 1.16 -90.11
C ASN C 303 -35.19 0.66 -88.93
N ASN C 304 -36.39 1.15 -88.70
CA ASN C 304 -37.13 0.81 -87.51
C ASN C 304 -38.40 0.05 -87.85
N TRP C 305 -38.70 -0.96 -87.04
CA TRP C 305 -39.95 -1.70 -87.18
C TRP C 305 -41.12 -0.97 -86.54
N GLY C 306 -40.86 -0.05 -85.62
CA GLY C 306 -41.97 0.69 -85.05
C GLY C 306 -41.48 1.90 -84.30
N PHE C 307 -42.42 2.78 -83.98
CA PHE C 307 -42.03 3.94 -83.18
C PHE C 307 -43.23 4.51 -82.46
N ARG C 308 -42.96 5.30 -81.42
CA ARG C 308 -44.05 5.95 -80.69
C ARG C 308 -43.48 7.13 -79.92
N PRO C 309 -44.31 8.09 -79.54
CA PRO C 309 -43.82 9.23 -78.75
C PRO C 309 -43.82 8.98 -77.26
N LYS C 310 -42.73 9.42 -76.61
CA LYS C 310 -42.50 9.30 -75.18
C LYS C 310 -42.76 10.60 -74.44
N ARG C 311 -42.14 11.70 -74.86
CA ARG C 311 -42.35 12.92 -74.08
C ARG C 311 -42.15 14.14 -74.96
N LEU C 312 -42.61 15.29 -74.47
CA LEU C 312 -42.40 16.52 -75.21
C LEU C 312 -42.21 17.71 -74.27
N ASN C 313 -41.46 18.69 -74.77
CA ASN C 313 -41.24 19.98 -74.16
C ASN C 313 -41.68 21.06 -75.14
N PHE C 314 -42.36 22.07 -74.62
CA PHE C 314 -42.86 23.18 -75.40
C PHE C 314 -42.32 24.45 -74.78
N LYS C 315 -41.76 25.33 -75.60
CA LYS C 315 -41.25 26.61 -75.13
C LYS C 315 -41.71 27.71 -76.07
N LEU C 316 -42.02 28.86 -75.48
CA LEU C 316 -42.45 30.05 -76.18
C LEU C 316 -41.58 31.20 -75.71
N PHE C 317 -40.85 31.83 -76.62
CA PHE C 317 -39.82 32.76 -76.19
C PHE C 317 -39.65 33.86 -77.22
N ASN C 318 -38.98 34.93 -76.81
CA ASN C 318 -38.66 36.09 -77.65
C ASN C 318 -39.92 36.77 -78.16
N ILE C 319 -40.80 37.13 -77.23
CA ILE C 319 -42.07 37.76 -77.56
C ILE C 319 -41.83 39.22 -77.96
N GLN C 320 -42.43 39.64 -79.06
CA GLN C 320 -42.40 41.03 -79.49
C GLN C 320 -43.81 41.44 -79.85
N VAL C 321 -44.36 42.40 -79.14
CA VAL C 321 -45.65 42.97 -79.47
C VAL C 321 -45.43 44.22 -80.31
N LYS C 322 -46.13 44.30 -81.43
CA LYS C 322 -45.98 45.40 -82.37
C LYS C 322 -47.31 46.13 -82.52
N GLU C 323 -47.26 47.45 -82.37
CA GLU C 323 -48.38 48.35 -82.60
C GLU C 323 -48.40 48.81 -84.04
N VAL C 324 -49.59 48.82 -84.64
CA VAL C 324 -49.78 49.17 -86.04
C VAL C 324 -50.73 50.35 -86.15
N THR C 325 -50.33 51.38 -86.89
CA THR C 325 -51.19 52.53 -87.20
C THR C 325 -51.18 52.76 -88.69
N THR C 326 -52.36 52.80 -89.31
CA THR C 326 -52.48 53.12 -90.73
C THR C 326 -53.12 54.51 -90.85
N ASN C 327 -52.37 55.45 -91.42
CA ASN C 327 -52.84 56.81 -91.67
C ASN C 327 -52.58 57.18 -93.11
N ASP C 328 -53.62 57.71 -93.77
CA ASP C 328 -53.52 58.16 -95.16
C ASP C 328 -52.99 57.07 -96.08
N GLY C 329 -53.22 55.81 -95.70
CA GLY C 329 -52.79 54.67 -96.50
C GLY C 329 -51.42 54.13 -96.16
N VAL C 330 -50.63 54.85 -95.38
CA VAL C 330 -49.29 54.38 -95.03
C VAL C 330 -49.33 53.81 -93.61
N THR C 331 -48.59 52.72 -93.41
CA THR C 331 -48.65 51.92 -92.20
C THR C 331 -47.35 52.06 -91.42
N THR C 332 -47.48 52.40 -90.14
CA THR C 332 -46.37 52.49 -89.20
C THR C 332 -46.47 51.34 -88.21
N ILE C 333 -45.35 50.66 -88.00
CA ILE C 333 -45.26 49.60 -87.00
C ILE C 333 -44.22 50.02 -85.98
N ALA C 334 -44.57 49.94 -84.71
CA ALA C 334 -43.66 50.26 -83.63
C ALA C 334 -43.66 49.13 -82.61
N ASN C 335 -42.68 49.14 -81.73
CA ASN C 335 -42.65 48.18 -80.65
C ASN C 335 -43.49 48.67 -79.49
N ASN C 336 -44.26 47.77 -78.89
CA ASN C 336 -45.02 48.05 -77.69
C ASN C 336 -44.37 47.25 -76.56
N LEU C 337 -43.49 47.91 -75.80
CA LEU C 337 -42.67 47.20 -74.84
C LEU C 337 -43.43 46.75 -73.61
N THR C 338 -44.61 47.31 -73.35
CA THR C 338 -45.34 47.03 -72.13
C THR C 338 -46.59 46.17 -72.38
N SER C 339 -46.79 45.68 -73.58
CA SER C 339 -47.94 44.84 -73.87
C SER C 339 -47.64 43.38 -73.58
N THR C 340 -48.70 42.60 -73.39
CA THR C 340 -48.57 41.21 -73.00
C THR C 340 -49.31 40.29 -73.97
N VAL C 341 -48.85 39.05 -74.02
CA VAL C 341 -49.61 37.95 -74.60
C VAL C 341 -49.99 36.99 -73.47
N GLN C 342 -51.24 36.56 -73.46
CA GLN C 342 -51.71 35.56 -72.53
C GLN C 342 -51.55 34.19 -73.15
N VAL C 343 -50.94 33.26 -72.42
CA VAL C 343 -50.74 31.89 -72.86
C VAL C 343 -51.21 30.96 -71.77
N PHE C 344 -51.94 29.91 -72.14
CA PHE C 344 -52.22 28.86 -71.17
C PHE C 344 -52.33 27.54 -71.89
N SER C 345 -52.05 26.47 -71.14
CA SER C 345 -52.18 25.11 -71.62
C SER C 345 -53.40 24.48 -70.98
N ASP C 346 -54.24 23.84 -71.80
CA ASP C 346 -55.48 23.23 -71.30
C ASP C 346 -55.17 21.80 -70.86
N SER C 347 -54.48 21.70 -69.73
CA SER C 347 -53.94 20.42 -69.28
C SER C 347 -55.00 19.49 -68.72
N GLU C 348 -56.17 20.00 -68.34
CA GLU C 348 -57.25 19.16 -67.82
C GLU C 348 -58.31 18.86 -68.85
N TYR C 349 -58.09 19.25 -70.11
CA TYR C 349 -59.00 18.93 -71.22
C TYR C 349 -60.42 19.39 -70.92
N GLN C 350 -60.53 20.61 -70.42
CA GLN C 350 -61.81 21.22 -70.11
C GLN C 350 -62.41 21.96 -71.29
N LEU C 351 -61.68 22.10 -72.35
CA LEU C 351 -62.09 22.79 -73.57
C LEU C 351 -62.37 21.78 -74.67
N PRO C 352 -63.17 22.15 -75.66
CA PRO C 352 -63.29 21.30 -76.85
C PRO C 352 -61.95 21.15 -77.54
N TYR C 353 -61.60 19.90 -77.88
CA TYR C 353 -60.32 19.60 -78.50
C TYR C 353 -60.47 19.69 -80.00
N VAL C 354 -59.96 20.78 -80.59
CA VAL C 354 -60.07 20.95 -82.04
C VAL C 354 -58.82 20.44 -82.76
N LEU C 355 -57.77 20.09 -82.04
CA LEU C 355 -56.67 19.39 -82.66
C LEU C 355 -57.12 17.98 -83.02
N GLY C 356 -56.38 17.34 -83.90
CA GLY C 356 -56.77 16.02 -84.33
C GLY C 356 -57.87 15.98 -85.36
N SER C 357 -58.20 17.12 -85.97
CA SER C 357 -59.13 17.18 -87.09
C SER C 357 -58.43 17.52 -88.40
N ALA C 358 -57.09 17.47 -88.41
CA ALA C 358 -56.27 17.69 -89.60
C ALA C 358 -56.47 19.08 -90.17
N HIS C 359 -56.29 20.09 -89.33
CA HIS C 359 -56.47 21.47 -89.74
C HIS C 359 -55.14 22.11 -90.11
N GLN C 360 -55.23 23.16 -90.92
CA GLN C 360 -54.07 23.98 -91.23
C GLN C 360 -53.66 24.80 -90.01
N GLY C 361 -52.43 25.31 -90.05
CA GLY C 361 -51.95 26.13 -88.96
C GLY C 361 -50.89 25.49 -88.12
N CYS C 362 -50.42 24.30 -88.50
CA CYS C 362 -49.32 23.68 -87.80
C CYS C 362 -48.03 24.43 -88.07
N LEU C 363 -46.97 24.05 -87.34
CA LEU C 363 -45.66 24.55 -87.68
C LEU C 363 -45.30 24.11 -89.10
N PRO C 364 -44.74 24.99 -89.91
CA PRO C 364 -44.39 24.62 -91.28
C PRO C 364 -43.32 23.55 -91.32
N PRO C 365 -43.30 22.73 -92.37
CA PRO C 365 -42.25 21.70 -92.46
C PRO C 365 -40.85 22.28 -92.54
N PHE C 366 -40.66 23.38 -93.25
CA PHE C 366 -39.35 23.99 -93.41
C PHE C 366 -39.05 24.92 -92.26
N PRO C 367 -37.93 24.74 -91.55
CA PRO C 367 -37.65 25.56 -90.37
C PRO C 367 -37.47 27.04 -90.65
N ALA C 368 -37.24 27.43 -91.91
CA ALA C 368 -37.08 28.84 -92.23
C ALA C 368 -38.40 29.57 -92.41
N ASP C 369 -39.52 28.87 -92.41
CA ASP C 369 -40.79 29.48 -92.72
C ASP C 369 -41.41 30.10 -91.47
N VAL C 370 -42.02 31.26 -91.65
CA VAL C 370 -42.70 31.98 -90.59
C VAL C 370 -44.20 31.74 -90.76
N PHE C 371 -44.87 31.35 -89.68
CA PHE C 371 -46.25 30.93 -89.79
C PHE C 371 -47.17 31.77 -88.92
N MET C 372 -48.39 31.95 -89.41
CA MET C 372 -49.44 32.65 -88.71
C MET C 372 -50.17 31.67 -87.80
N ILE C 373 -50.53 32.13 -86.61
CA ILE C 373 -51.17 31.25 -85.63
C ILE C 373 -52.67 31.19 -85.94
N PRO C 374 -53.26 29.99 -86.03
CA PRO C 374 -54.67 29.88 -86.38
C PRO C 374 -55.60 30.26 -85.24
N GLN C 375 -56.79 30.73 -85.61
CA GLN C 375 -57.76 31.16 -84.62
C GLN C 375 -58.46 29.97 -83.98
N TYR C 376 -58.78 30.10 -82.70
CA TYR C 376 -59.50 29.06 -81.99
C TYR C 376 -61.00 29.26 -82.10
N GLY C 377 -61.70 28.18 -82.39
CA GLY C 377 -63.15 28.18 -82.41
C GLY C 377 -63.60 26.75 -82.20
N TYR C 378 -64.83 26.60 -81.75
CA TYR C 378 -65.36 25.27 -81.50
C TYR C 378 -66.81 25.22 -81.92
N LEU C 379 -67.32 24.00 -82.03
CA LEU C 379 -68.72 23.74 -82.31
C LEU C 379 -69.34 23.08 -81.09
N THR C 380 -70.64 23.31 -80.92
CA THR C 380 -71.38 22.71 -79.83
C THR C 380 -72.63 22.05 -80.41
N LEU C 381 -73.44 21.48 -79.53
CA LEU C 381 -74.65 20.80 -79.96
C LEU C 381 -75.54 21.75 -80.74
N ASN C 382 -76.06 21.30 -81.87
CA ASN C 382 -76.91 22.12 -82.71
C ASN C 382 -78.12 21.32 -83.18
N ASN C 383 -79.23 22.02 -83.34
CA ASN C 383 -80.47 21.50 -83.90
C ASN C 383 -80.74 22.30 -85.15
N GLY C 384 -80.12 21.89 -86.26
CA GLY C 384 -80.11 22.71 -87.44
C GLY C 384 -79.08 23.80 -87.26
N SER C 385 -79.47 25.04 -87.52
CA SER C 385 -78.61 26.18 -87.25
C SER C 385 -78.82 26.74 -85.86
N GLN C 386 -79.65 26.12 -85.04
CA GLN C 386 -79.97 26.59 -83.71
C GLN C 386 -79.18 25.81 -82.67
N ALA C 387 -79.22 26.29 -81.44
CA ALA C 387 -78.59 25.64 -80.31
C ALA C 387 -79.64 24.85 -79.53
N VAL C 388 -79.19 24.19 -78.48
CA VAL C 388 -80.07 23.49 -77.55
C VAL C 388 -79.70 23.94 -76.14
N GLY C 389 -80.40 23.38 -75.15
CA GLY C 389 -80.10 23.71 -73.77
C GLY C 389 -78.75 23.21 -73.33
N ARG C 390 -78.32 22.06 -73.84
CA ARG C 390 -77.06 21.45 -73.46
C ARG C 390 -75.90 21.95 -74.31
N SER C 391 -76.13 22.89 -75.21
CA SER C 391 -75.05 23.53 -75.92
C SER C 391 -74.19 24.32 -74.94
N SER C 392 -72.89 24.12 -75.01
CA SER C 392 -71.96 24.73 -74.08
C SER C 392 -71.33 25.98 -74.67
N PHE C 393 -70.97 26.90 -73.79
CA PHE C 393 -70.18 28.06 -74.15
C PHE C 393 -68.99 28.11 -73.21
N TYR C 394 -67.82 28.42 -73.76
CA TYR C 394 -66.58 28.46 -72.99
C TYR C 394 -65.94 29.82 -73.17
N CYS C 395 -65.81 30.56 -72.08
CA CYS C 395 -64.95 31.72 -72.05
C CYS C 395 -63.54 31.26 -71.74
N LEU C 396 -62.61 31.54 -72.63
CA LEU C 396 -61.22 31.14 -72.40
C LEU C 396 -60.49 32.09 -71.47
N GLU C 397 -61.05 33.27 -71.20
CA GLU C 397 -60.54 34.13 -70.16
C GLU C 397 -60.90 33.63 -68.78
N TYR C 398 -61.77 32.64 -68.68
CA TYR C 398 -62.12 31.99 -67.43
C TYR C 398 -61.10 30.94 -67.02
N PHE C 399 -59.91 30.99 -67.57
CA PHE C 399 -58.79 30.12 -67.23
C PHE C 399 -57.66 30.95 -66.65
N PRO C 400 -56.83 30.36 -65.81
CA PRO C 400 -55.57 31.02 -65.43
C PRO C 400 -54.60 31.04 -66.61
N SER C 401 -54.15 32.23 -66.98
CA SER C 401 -53.21 32.43 -68.06
C SER C 401 -51.94 33.03 -67.52
N GLN C 402 -50.82 32.72 -68.17
CA GLN C 402 -49.58 33.42 -67.91
C GLN C 402 -49.49 34.59 -68.87
N MET C 403 -49.25 35.78 -68.31
CA MET C 403 -49.08 37.00 -69.10
C MET C 403 -47.60 37.23 -69.35
N LEU C 404 -47.23 37.38 -70.62
CA LEU C 404 -45.85 37.45 -71.04
C LEU C 404 -45.61 38.82 -71.66
N ARG C 405 -44.67 39.57 -71.08
CA ARG C 405 -44.14 40.76 -71.72
C ARG C 405 -42.94 40.34 -72.57
N THR C 406 -42.23 41.31 -73.13
CA THR C 406 -41.20 40.98 -74.12
C THR C 406 -40.00 40.26 -73.50
N GLY C 407 -39.86 40.25 -72.19
CA GLY C 407 -38.74 39.57 -71.57
C GLY C 407 -39.08 38.23 -70.96
N ASN C 408 -40.33 37.80 -71.09
CA ASN C 408 -40.80 36.57 -70.47
C ASN C 408 -40.85 35.43 -71.49
N ASN C 409 -40.81 34.22 -70.96
CA ASN C 409 -41.01 33.02 -71.77
C ASN C 409 -41.98 32.09 -71.06
N PHE C 410 -42.38 31.04 -71.78
CA PHE C 410 -43.38 30.08 -71.32
C PHE C 410 -42.86 28.69 -71.60
N THR C 411 -42.91 27.80 -70.62
CA THR C 411 -42.46 26.43 -70.79
C THR C 411 -43.55 25.48 -70.33
N PHE C 412 -43.53 24.27 -70.89
CA PHE C 412 -44.54 23.28 -70.56
C PHE C 412 -44.03 21.90 -70.95
N SER C 413 -44.10 20.96 -70.03
CA SER C 413 -43.68 19.59 -70.29
C SER C 413 -44.87 18.65 -70.29
N TYR C 414 -44.78 17.58 -71.07
CA TYR C 414 -45.86 16.62 -71.17
C TYR C 414 -45.27 15.23 -71.40
N THR C 415 -45.87 14.23 -70.77
CA THR C 415 -45.49 12.85 -70.95
C THR C 415 -46.62 12.09 -71.64
N PHE C 416 -46.29 11.38 -72.71
CA PHE C 416 -47.27 10.56 -73.39
C PHE C 416 -47.60 9.31 -72.57
N GLU C 417 -48.86 8.90 -72.65
CA GLU C 417 -49.24 7.61 -72.09
C GLU C 417 -48.63 6.48 -72.91
N GLU C 418 -48.61 5.28 -72.33
CA GLU C 418 -48.06 4.12 -73.01
C GLU C 418 -49.01 3.73 -74.14
N VAL C 419 -48.67 4.16 -75.34
CA VAL C 419 -49.44 3.88 -76.55
C VAL C 419 -48.70 2.77 -77.28
N PRO C 420 -49.36 1.92 -78.06
CA PRO C 420 -48.63 0.93 -78.85
C PRO C 420 -47.77 1.58 -79.92
N PHE C 421 -46.67 0.90 -80.25
CA PHE C 421 -45.83 1.33 -81.35
C PHE C 421 -46.62 1.35 -82.64
N HIS C 422 -46.45 2.40 -83.42
CA HIS C 422 -46.89 2.35 -84.80
C HIS C 422 -45.98 1.43 -85.59
N SER C 423 -46.59 0.67 -86.51
CA SER C 423 -45.94 -0.37 -87.29
C SER C 423 -45.32 0.23 -88.53
N SER C 424 -43.98 0.36 -88.54
CA SER C 424 -43.26 0.81 -89.71
C SER C 424 -42.86 -0.35 -90.62
N TYR C 425 -43.63 -1.42 -90.64
CA TYR C 425 -43.32 -2.60 -91.40
C TYR C 425 -44.52 -3.03 -92.23
N ALA C 426 -44.24 -3.73 -93.31
CA ALA C 426 -45.20 -4.55 -94.03
C ALA C 426 -45.00 -6.01 -93.62
N HIS C 427 -45.94 -6.85 -94.02
CA HIS C 427 -45.87 -8.27 -93.76
C HIS C 427 -45.32 -9.00 -94.98
N SER C 428 -44.40 -9.92 -94.74
CA SER C 428 -43.83 -10.73 -95.81
C SER C 428 -44.72 -11.91 -96.19
N GLN C 429 -45.76 -12.18 -95.42
CA GLN C 429 -46.70 -13.25 -95.71
C GLN C 429 -48.10 -12.68 -95.78
N SER C 430 -48.95 -13.35 -96.53
CA SER C 430 -50.37 -13.03 -96.56
C SER C 430 -51.11 -13.93 -95.57
N LEU C 431 -52.26 -13.44 -95.11
CA LEU C 431 -53.00 -14.15 -94.07
C LEU C 431 -53.55 -15.49 -94.57
N ASP C 432 -53.89 -15.58 -95.84
CA ASP C 432 -54.38 -16.82 -96.42
C ASP C 432 -53.26 -17.69 -96.96
N ARG C 433 -52.01 -17.41 -96.61
CA ARG C 433 -50.85 -18.14 -97.10
C ARG C 433 -49.89 -18.41 -95.95
N LEU C 434 -50.42 -18.83 -94.81
CA LEU C 434 -49.62 -19.03 -93.60
C LEU C 434 -49.26 -20.50 -93.39
N MET C 435 -49.53 -21.35 -94.36
CA MET C 435 -49.35 -22.79 -94.23
C MET C 435 -47.99 -23.23 -94.75
N ASN C 436 -47.62 -24.45 -94.38
CA ASN C 436 -46.51 -25.13 -95.03
C ASN C 436 -46.94 -25.56 -96.42
N PRO C 437 -46.27 -25.11 -97.48
CA PRO C 437 -46.67 -25.49 -98.84
C PRO C 437 -46.24 -26.88 -99.27
N LEU C 438 -45.64 -27.67 -98.38
CA LEU C 438 -45.19 -29.01 -98.73
C LEU C 438 -45.98 -30.10 -98.07
N ILE C 439 -46.57 -29.84 -96.91
CA ILE C 439 -47.23 -30.85 -96.10
C ILE C 439 -48.73 -30.71 -96.24
N ASP C 440 -49.44 -31.84 -96.25
CA ASP C 440 -50.88 -31.83 -96.23
C ASP C 440 -51.40 -31.53 -94.83
N GLN C 441 -52.70 -31.39 -94.72
CA GLN C 441 -53.36 -31.22 -93.43
C GLN C 441 -53.93 -32.55 -92.95
N TYR C 442 -54.27 -32.60 -91.68
CA TYR C 442 -55.04 -33.73 -91.17
C TYR C 442 -56.52 -33.43 -91.08
N LEU C 443 -56.94 -32.27 -91.58
CA LEU C 443 -58.33 -31.85 -91.57
C LEU C 443 -58.93 -32.05 -92.95
N TYR C 444 -60.16 -32.54 -92.98
CA TYR C 444 -60.87 -32.77 -94.22
C TYR C 444 -61.94 -31.71 -94.42
N TYR C 445 -62.31 -31.50 -95.67
CA TYR C 445 -63.37 -30.57 -96.03
C TYR C 445 -64.24 -31.22 -97.09
N LEU C 446 -65.48 -30.78 -97.17
CA LEU C 446 -66.39 -31.26 -98.20
C LEU C 446 -65.95 -30.68 -99.54
N ASN C 447 -65.57 -31.56 -100.48
CA ASN C 447 -65.02 -31.14 -101.75
C ASN C 447 -66.03 -31.24 -102.89
N ARG C 448 -66.81 -32.31 -102.93
CA ARG C 448 -67.81 -32.52 -103.97
C ARG C 448 -69.13 -32.90 -103.31
N THR C 449 -70.23 -32.36 -103.83
CA THR C 449 -71.56 -32.86 -103.52
C THR C 449 -72.19 -33.54 -104.73
N GLN C 450 -71.43 -33.79 -105.79
CA GLN C 450 -71.87 -34.54 -106.95
C GLN C 450 -70.78 -35.55 -107.31
N ASN C 451 -71.17 -36.54 -108.10
CA ASN C 451 -70.21 -37.57 -108.50
C ASN C 451 -69.15 -36.98 -109.41
N GLN C 452 -67.89 -37.38 -109.18
CA GLN C 452 -66.78 -36.85 -109.94
C GLN C 452 -66.70 -37.41 -111.35
N SER C 453 -67.21 -38.63 -111.58
CA SER C 453 -67.06 -39.29 -112.87
C SER C 453 -67.74 -38.50 -113.99
N GLY C 454 -68.97 -38.05 -113.75
CA GLY C 454 -69.68 -37.24 -114.72
C GLY C 454 -70.53 -38.01 -115.71
N SER C 455 -70.35 -39.33 -115.82
CA SER C 455 -71.21 -40.13 -116.70
C SER C 455 -72.66 -40.06 -116.23
N ALA C 456 -72.87 -40.15 -114.92
CA ALA C 456 -74.12 -39.80 -114.29
C ALA C 456 -73.97 -38.50 -113.52
N GLN C 457 -75.09 -37.90 -113.14
CA GLN C 457 -75.12 -36.64 -112.43
C GLN C 457 -75.68 -36.80 -111.02
N ASN C 458 -75.24 -37.84 -110.31
CA ASN C 458 -75.77 -38.15 -109.00
C ASN C 458 -75.09 -37.32 -107.92
N LYS C 459 -75.81 -37.09 -106.83
CA LYS C 459 -75.24 -36.38 -105.70
C LYS C 459 -74.33 -37.31 -104.91
N ASP C 460 -73.53 -36.73 -104.01
CA ASP C 460 -72.63 -37.48 -103.17
C ASP C 460 -72.16 -36.60 -102.04
N LEU C 461 -71.28 -37.15 -101.20
CA LEU C 461 -70.61 -36.40 -100.12
C LEU C 461 -69.16 -36.87 -100.14
N LEU C 462 -68.33 -36.17 -100.88
CA LEU C 462 -66.93 -36.53 -101.08
C LEU C 462 -66.06 -35.53 -100.34
N PHE C 463 -65.14 -36.03 -99.53
CA PHE C 463 -64.31 -35.20 -98.68
C PHE C 463 -62.85 -35.31 -99.10
N SER C 464 -62.16 -34.18 -99.13
CA SER C 464 -60.75 -34.15 -99.49
C SER C 464 -59.94 -33.64 -98.30
N ARG C 465 -58.66 -33.97 -98.33
CA ARG C 465 -57.71 -33.52 -97.34
C ARG C 465 -57.11 -32.18 -97.76
N GLY C 466 -56.89 -31.32 -96.78
CA GLY C 466 -56.25 -30.05 -97.03
C GLY C 466 -54.85 -30.23 -97.57
N SER C 467 -54.63 -29.79 -98.80
CA SER C 467 -53.39 -30.04 -99.53
C SER C 467 -52.85 -28.74 -100.11
N PRO C 468 -51.54 -28.68 -100.38
CA PRO C 468 -50.99 -27.48 -101.02
C PRO C 468 -51.51 -27.23 -102.43
N ALA C 469 -52.11 -28.22 -103.08
CA ALA C 469 -52.72 -27.99 -104.38
C ALA C 469 -53.86 -26.98 -104.28
N GLY C 470 -54.79 -27.22 -103.36
CA GLY C 470 -55.83 -26.25 -103.11
C GLY C 470 -55.63 -25.55 -101.79
N MET C 471 -55.09 -24.32 -101.84
CA MET C 471 -54.84 -23.55 -100.64
C MET C 471 -56.02 -22.68 -100.25
N SER C 472 -56.93 -22.43 -101.18
CA SER C 472 -58.10 -21.60 -100.90
C SER C 472 -59.14 -22.32 -100.06
N VAL C 473 -59.15 -23.65 -100.06
CA VAL C 473 -60.15 -24.44 -99.36
C VAL C 473 -59.62 -25.05 -98.09
N GLN C 474 -58.35 -24.81 -97.76
CA GLN C 474 -57.80 -25.33 -96.52
C GLN C 474 -58.44 -24.64 -95.32
N PRO C 475 -58.78 -25.39 -94.27
CA PRO C 475 -59.15 -24.75 -93.00
C PRO C 475 -58.04 -23.84 -92.50
N LYS C 476 -58.43 -22.69 -91.96
CA LYS C 476 -57.49 -21.70 -91.48
C LYS C 476 -57.92 -21.21 -90.10
N ASN C 477 -57.04 -20.47 -89.45
CA ASN C 477 -57.23 -20.08 -88.06
C ASN C 477 -57.71 -18.65 -87.88
N TRP C 478 -57.54 -17.79 -88.88
CA TRP C 478 -57.79 -16.36 -88.72
C TRP C 478 -58.59 -15.83 -89.89
N LEU C 479 -59.11 -14.63 -89.72
CA LEU C 479 -59.93 -13.93 -90.71
C LEU C 479 -59.36 -12.56 -91.00
N PRO C 480 -59.57 -12.04 -92.20
CA PRO C 480 -59.15 -10.65 -92.49
C PRO C 480 -59.99 -9.66 -91.71
N GLY C 481 -59.42 -8.48 -91.50
CA GLY C 481 -60.05 -7.45 -90.72
C GLY C 481 -61.39 -7.00 -91.24
N PRO C 482 -62.05 -6.11 -90.50
CA PRO C 482 -63.39 -5.66 -90.91
C PRO C 482 -63.32 -4.75 -92.12
N CYS C 483 -64.44 -4.63 -92.81
CA CYS C 483 -64.50 -3.83 -94.03
C CYS C 483 -65.76 -2.99 -94.04
N TYR C 484 -65.72 -1.90 -94.79
CA TYR C 484 -66.88 -1.07 -95.08
C TYR C 484 -66.70 -0.53 -96.49
N ARG C 485 -67.32 -1.20 -97.45
CA ARG C 485 -66.95 -1.04 -98.86
C ARG C 485 -67.10 0.40 -99.33
N GLN C 486 -66.14 0.85 -100.13
CA GLN C 486 -66.13 2.16 -100.75
C GLN C 486 -66.35 2.01 -102.25
N GLN C 487 -66.64 3.14 -102.90
CA GLN C 487 -66.81 3.16 -104.34
C GLN C 487 -65.46 3.29 -105.02
N ARG C 488 -65.31 2.61 -106.16
CA ARG C 488 -64.03 2.53 -106.85
C ARG C 488 -63.96 3.61 -107.90
N VAL C 489 -62.98 4.49 -107.78
CA VAL C 489 -62.76 5.57 -108.73
C VAL C 489 -61.43 5.34 -109.42
N SER C 490 -61.41 5.51 -110.73
CA SER C 490 -60.19 5.36 -111.51
C SER C 490 -59.47 6.69 -111.62
N LYS C 491 -58.15 6.66 -111.43
CA LYS C 491 -57.32 7.85 -111.65
C LYS C 491 -57.33 8.29 -113.10
N THR C 492 -57.68 7.40 -114.02
CA THR C 492 -57.91 7.75 -115.41
C THR C 492 -59.38 8.09 -115.58
N LYS C 493 -59.68 9.37 -115.81
CA LYS C 493 -61.04 9.85 -115.69
C LYS C 493 -61.99 9.28 -116.74
N THR C 494 -61.47 8.76 -117.86
CA THR C 494 -62.35 8.24 -118.90
C THR C 494 -63.06 6.95 -118.50
N ASP C 495 -62.51 6.21 -117.53
CA ASP C 495 -63.13 4.96 -117.10
C ASP C 495 -64.15 5.14 -115.99
N ASN C 496 -64.38 6.37 -115.56
CA ASN C 496 -65.37 6.64 -114.52
C ASN C 496 -66.73 6.94 -115.14
N ASN C 497 -67.78 6.65 -114.38
CA ASN C 497 -69.13 6.89 -114.85
C ASN C 497 -69.36 8.39 -115.08
N ASN C 498 -70.17 8.71 -116.07
CA ASN C 498 -70.47 10.10 -116.40
C ASN C 498 -71.60 10.61 -115.50
N SER C 499 -71.23 10.89 -114.26
CA SER C 499 -72.11 11.50 -113.28
C SER C 499 -71.25 12.02 -112.15
N ASN C 500 -71.88 12.73 -111.22
CA ASN C 500 -71.12 13.25 -110.09
C ASN C 500 -70.85 12.15 -109.06
N PHE C 501 -71.90 11.64 -108.43
CA PHE C 501 -71.86 10.45 -107.57
C PHE C 501 -70.79 10.52 -106.48
N THR C 502 -70.21 11.69 -106.24
CA THR C 502 -69.32 11.86 -105.10
C THR C 502 -70.09 11.99 -103.79
N TRP C 503 -71.36 12.31 -103.85
CA TRP C 503 -72.20 12.32 -102.66
C TRP C 503 -73.29 11.27 -102.72
N THR C 504 -73.92 11.07 -103.88
CA THR C 504 -74.99 10.08 -103.96
C THR C 504 -74.48 8.65 -103.94
N GLY C 505 -73.27 8.41 -104.42
CA GLY C 505 -72.76 7.06 -104.50
C GLY C 505 -71.68 6.75 -103.49
N ALA C 506 -71.64 7.50 -102.40
CA ALA C 506 -70.55 7.40 -101.45
C ALA C 506 -70.99 6.75 -100.14
N SER C 507 -70.04 6.08 -99.50
CA SER C 507 -70.27 5.49 -98.20
C SER C 507 -70.34 6.58 -97.15
N LYS C 508 -71.48 6.67 -96.45
CA LYS C 508 -71.65 7.71 -95.45
C LYS C 508 -72.44 7.14 -94.29
N TYR C 509 -72.36 7.81 -93.15
CA TYR C 509 -73.06 7.37 -91.97
C TYR C 509 -74.10 8.41 -91.54
N ASN C 510 -75.12 7.91 -90.86
CA ASN C 510 -76.24 8.72 -90.41
C ASN C 510 -76.08 8.99 -88.92
N LEU C 511 -76.14 10.26 -88.53
CA LEU C 511 -76.02 10.65 -87.12
C LEU C 511 -76.94 11.81 -86.85
N ASN C 512 -77.98 11.57 -86.04
CA ASN C 512 -78.95 12.59 -85.66
C ASN C 512 -79.63 13.20 -86.90
N GLY C 513 -79.84 12.37 -87.92
CA GLY C 513 -80.57 12.78 -89.09
C GLY C 513 -79.75 13.41 -90.19
N ARG C 514 -78.47 13.65 -89.98
CA ARG C 514 -77.63 14.23 -91.03
C ARG C 514 -76.47 13.30 -91.36
N GLU C 515 -76.19 13.19 -92.64
CA GLU C 515 -75.23 12.23 -93.18
C GLU C 515 -73.84 12.83 -93.23
N SER C 516 -72.84 11.97 -93.04
CA SER C 516 -71.45 12.38 -93.04
C SER C 516 -70.66 11.34 -93.81
N ILE C 517 -69.82 11.80 -94.75
CA ILE C 517 -68.97 10.88 -95.50
C ILE C 517 -68.01 10.21 -94.52
N ILE C 518 -67.73 8.93 -94.75
CA ILE C 518 -66.87 8.19 -93.84
C ILE C 518 -65.46 8.79 -93.85
N ASN C 519 -64.76 8.69 -94.98
CA ASN C 519 -63.55 9.48 -95.24
C ASN C 519 -62.55 9.51 -94.09
N PRO C 520 -61.68 8.51 -93.93
CA PRO C 520 -61.47 7.36 -94.79
C PRO C 520 -61.98 6.05 -94.20
N GLY C 521 -62.35 6.07 -92.93
CA GLY C 521 -62.98 4.92 -92.33
C GLY C 521 -62.00 3.78 -92.09
N THR C 522 -62.50 2.56 -92.32
CA THR C 522 -61.74 1.36 -92.01
C THR C 522 -60.44 1.31 -92.79
N ALA C 523 -59.39 0.81 -92.16
CA ALA C 523 -58.08 0.69 -92.80
C ALA C 523 -58.12 -0.50 -93.74
N MET C 524 -58.23 -0.23 -95.04
CA MET C 524 -58.31 -1.26 -96.05
C MET C 524 -57.33 -0.95 -97.17
N ALA C 525 -57.00 -1.99 -97.94
CA ALA C 525 -56.13 -1.82 -99.09
C ALA C 525 -56.80 -0.94 -100.14
N SER C 526 -56.02 -0.03 -100.72
CA SER C 526 -56.56 0.88 -101.72
C SER C 526 -57.02 0.15 -102.96
N HIS C 527 -56.28 -0.86 -103.40
CA HIS C 527 -56.60 -1.59 -104.62
C HIS C 527 -56.00 -2.98 -104.51
N LYS C 528 -56.21 -3.78 -105.55
CA LYS C 528 -55.62 -5.11 -105.65
C LYS C 528 -54.27 -5.03 -106.33
N ASP C 529 -53.71 -6.19 -106.67
CA ASP C 529 -52.51 -6.24 -107.49
C ASP C 529 -52.83 -5.83 -108.91
N ASP C 530 -51.90 -5.09 -109.53
CA ASP C 530 -52.02 -4.67 -110.92
C ASP C 530 -53.26 -3.80 -111.14
N GLU C 531 -53.64 -3.03 -110.14
CA GLU C 531 -54.83 -2.19 -110.20
C GLU C 531 -54.57 -0.84 -109.56
N ASP C 532 -53.36 -0.32 -109.73
CA ASP C 532 -52.98 0.95 -109.12
C ASP C 532 -53.76 2.13 -109.66
N LYS C 533 -54.46 1.97 -110.78
CA LYS C 533 -55.25 3.03 -111.38
C LYS C 533 -56.53 3.33 -110.61
N PHE C 534 -56.90 2.50 -109.64
CA PHE C 534 -58.13 2.65 -108.89
C PHE C 534 -57.83 3.02 -107.45
N PHE C 535 -58.68 3.87 -106.89
CA PHE C 535 -58.63 4.19 -105.47
C PHE C 535 -60.05 4.28 -104.94
N PRO C 536 -60.26 3.99 -103.65
CA PRO C 536 -61.58 4.19 -103.06
C PRO C 536 -61.94 5.67 -103.04
N MET C 537 -63.23 5.95 -103.23
CA MET C 537 -63.64 7.33 -103.46
C MET C 537 -63.32 8.21 -102.27
N SER C 538 -63.53 7.72 -101.06
CA SER C 538 -63.19 8.47 -99.86
C SER C 538 -62.49 7.56 -98.86
N GLY C 539 -61.55 6.76 -99.35
CA GLY C 539 -60.87 5.80 -98.50
C GLY C 539 -59.39 6.06 -98.36
N VAL C 540 -58.92 7.14 -98.97
CA VAL C 540 -57.50 7.43 -99.01
C VAL C 540 -57.26 8.83 -98.50
N MET C 541 -56.09 9.04 -97.88
CA MET C 541 -55.67 10.36 -97.48
C MET C 541 -55.07 11.09 -98.69
N ILE C 542 -55.62 12.25 -99.00
CA ILE C 542 -55.19 13.02 -100.16
C ILE C 542 -54.56 14.31 -99.66
N PHE C 543 -53.28 14.49 -99.97
CA PHE C 543 -52.56 15.71 -99.64
C PHE C 543 -52.46 16.58 -100.88
N GLY C 544 -52.63 17.88 -100.70
CA GLY C 544 -52.50 18.81 -101.80
C GLY C 544 -51.06 19.27 -101.95
N LYS C 545 -50.62 19.38 -103.20
CA LYS C 545 -49.34 19.99 -103.46
C LYS C 545 -49.44 21.49 -103.33
N GLU C 546 -48.29 22.16 -103.24
CA GLU C 546 -48.31 23.61 -103.32
C GLU C 546 -48.80 24.03 -104.68
N SER C 547 -49.50 25.16 -104.73
CA SER C 547 -50.25 25.59 -105.90
C SER C 547 -51.41 24.65 -106.19
N ALA C 548 -52.10 24.21 -105.15
CA ALA C 548 -53.37 23.51 -105.28
C ALA C 548 -54.47 24.41 -104.73
N GLY C 549 -55.54 24.56 -105.50
CA GLY C 549 -56.63 25.40 -105.08
C GLY C 549 -57.39 24.81 -103.92
N ALA C 550 -58.24 25.65 -103.31
CA ALA C 550 -59.04 25.19 -102.19
C ALA C 550 -60.20 24.31 -102.65
N SER C 551 -60.76 24.59 -103.81
CA SER C 551 -61.95 23.88 -104.29
C SER C 551 -61.76 23.46 -105.74
N ASN C 552 -62.15 22.22 -106.03
CA ASN C 552 -62.15 21.68 -107.39
C ASN C 552 -60.79 21.79 -108.07
N THR C 553 -59.74 21.51 -107.31
CA THR C 553 -58.40 21.44 -107.89
C THR C 553 -58.25 20.14 -108.67
N ALA C 554 -57.07 19.95 -109.27
CA ALA C 554 -56.88 18.85 -110.19
C ALA C 554 -56.13 17.68 -109.56
N LEU C 555 -56.35 16.51 -110.16
CA LEU C 555 -55.60 15.32 -109.79
C LEU C 555 -54.11 15.55 -109.88
N ASP C 556 -53.69 16.42 -110.79
CA ASP C 556 -52.27 16.77 -110.89
C ASP C 556 -51.83 17.61 -109.70
N ASN C 557 -52.76 18.31 -109.06
CA ASN C 557 -52.41 19.16 -107.93
C ASN C 557 -52.56 18.45 -106.59
N VAL C 558 -53.16 17.27 -106.56
CA VAL C 558 -53.26 16.52 -105.32
C VAL C 558 -52.36 15.28 -105.37
N MET C 559 -51.99 14.80 -104.18
CA MET C 559 -51.23 13.56 -104.02
C MET C 559 -52.09 12.54 -103.28
N ILE C 560 -52.44 11.47 -103.96
CA ILE C 560 -53.27 10.42 -103.38
C ILE C 560 -52.36 9.36 -102.76
N THR C 561 -52.61 9.02 -101.51
CA THR C 561 -51.83 7.99 -100.85
C THR C 561 -52.28 6.60 -101.29
N ASP C 562 -51.48 5.61 -100.94
CA ASP C 562 -51.76 4.22 -101.25
C ASP C 562 -51.56 3.39 -100.00
N GLU C 563 -52.44 2.42 -99.80
CA GLU C 563 -52.37 1.48 -98.68
C GLU C 563 -52.09 0.07 -99.18
N GLU C 564 -51.14 -0.05 -100.11
CA GLU C 564 -50.92 -1.31 -100.79
C GLU C 564 -50.22 -2.32 -99.89
N GLU C 565 -49.60 -1.87 -98.81
CA GLU C 565 -48.80 -2.76 -97.98
C GLU C 565 -49.63 -3.62 -97.04
N ILE C 566 -50.89 -3.27 -96.83
CA ILE C 566 -51.72 -3.99 -95.87
C ILE C 566 -52.70 -4.92 -96.57
N LYS C 567 -52.43 -5.28 -97.83
CA LYS C 567 -53.19 -6.31 -98.51
C LYS C 567 -53.03 -7.67 -97.86
N ALA C 568 -51.97 -7.86 -97.07
CA ALA C 568 -51.70 -9.16 -96.47
C ALA C 568 -52.74 -9.54 -95.42
N THR C 569 -53.35 -8.55 -94.77
CA THR C 569 -54.29 -8.80 -93.68
C THR C 569 -55.61 -8.07 -93.83
N ASN C 570 -55.70 -7.03 -94.63
CA ASN C 570 -56.89 -6.21 -94.71
C ASN C 570 -57.61 -6.40 -96.04
N PRO C 571 -58.94 -6.36 -96.05
CA PRO C 571 -59.66 -6.44 -97.31
C PRO C 571 -59.41 -5.21 -98.17
N VAL C 572 -59.56 -5.39 -99.48
CA VAL C 572 -59.45 -4.26 -100.40
C VAL C 572 -60.67 -3.36 -100.23
N ALA C 573 -60.41 -2.05 -100.19
CA ALA C 573 -61.44 -1.09 -99.81
C ALA C 573 -62.62 -1.07 -100.76
N THR C 574 -62.42 -1.38 -102.03
CA THR C 574 -63.45 -1.25 -103.04
C THR C 574 -64.18 -2.56 -103.34
N GLU C 575 -63.86 -3.63 -102.65
CA GLU C 575 -64.48 -4.92 -102.89
C GLU C 575 -65.10 -5.49 -101.62
N ARG C 576 -65.97 -6.46 -101.82
CA ARG C 576 -66.73 -7.04 -100.72
C ARG C 576 -65.79 -7.78 -99.77
N PHE C 577 -66.23 -7.90 -98.51
CA PHE C 577 -65.51 -8.76 -97.58
C PHE C 577 -65.54 -10.20 -98.03
N GLY C 578 -66.68 -10.64 -98.55
CA GLY C 578 -66.82 -12.01 -98.99
C GLY C 578 -68.28 -12.30 -99.27
N THR C 579 -68.58 -13.59 -99.38
CA THR C 579 -69.93 -14.06 -99.59
C THR C 579 -70.42 -14.83 -98.37
N VAL C 580 -71.74 -14.91 -98.25
CA VAL C 580 -72.38 -15.58 -97.13
C VAL C 580 -73.57 -16.34 -97.66
N ALA C 581 -73.85 -17.50 -97.07
CA ALA C 581 -75.04 -18.25 -97.43
C ALA C 581 -76.28 -17.50 -96.96
N VAL C 582 -77.33 -17.52 -97.78
CA VAL C 582 -78.53 -16.75 -97.48
C VAL C 582 -79.80 -17.60 -97.50
N ASN C 583 -79.70 -18.90 -97.70
CA ASN C 583 -80.89 -19.75 -97.73
C ASN C 583 -80.49 -21.16 -97.31
N PHE C 584 -81.44 -22.09 -97.41
CA PHE C 584 -81.21 -23.50 -97.19
C PHE C 584 -81.30 -24.21 -98.53
N GLN C 585 -80.22 -24.88 -98.92
CA GLN C 585 -80.26 -25.71 -100.12
C GLN C 585 -80.98 -27.02 -99.82
N SER C 586 -81.73 -27.50 -100.81
CA SER C 586 -82.47 -28.74 -100.65
C SER C 586 -82.73 -29.33 -102.02
N SER C 587 -83.08 -30.61 -102.03
CA SER C 587 -83.47 -31.31 -103.24
C SER C 587 -84.98 -31.37 -103.36
N SER C 588 -85.44 -31.65 -104.58
CA SER C 588 -86.87 -31.79 -104.82
C SER C 588 -87.41 -33.05 -104.16
N THR C 589 -88.66 -32.98 -103.71
CA THR C 589 -89.31 -34.12 -103.07
C THR C 589 -90.75 -34.27 -103.53
N VAL C 592 -92.18 -32.22 -101.11
CA VAL C 592 -91.96 -30.81 -101.39
C VAL C 592 -91.23 -30.66 -102.73
N PRO C 593 -91.98 -30.69 -103.82
CA PRO C 593 -91.34 -30.66 -105.14
C PRO C 593 -90.91 -29.26 -105.57
N PHE C 594 -90.30 -28.52 -104.65
CA PHE C 594 -89.76 -27.20 -104.93
C PHE C 594 -88.28 -27.22 -104.55
N LYS C 595 -87.44 -27.62 -105.50
CA LYS C 595 -86.00 -27.66 -105.30
C LYS C 595 -85.46 -26.26 -105.00
N THR C 596 -84.56 -26.16 -104.02
CA THR C 596 -83.97 -24.89 -103.63
C THR C 596 -82.48 -24.95 -103.90
N ASP C 597 -82.03 -24.16 -104.87
CA ASP C 597 -80.60 -24.04 -105.11
C ASP C 597 -79.94 -23.23 -103.99
N PRO C 598 -78.71 -23.56 -103.63
CA PRO C 598 -78.00 -22.73 -102.66
C PRO C 598 -77.76 -21.33 -103.21
N ALA C 599 -77.83 -20.36 -102.31
CA ALA C 599 -77.72 -18.96 -102.68
C ALA C 599 -76.76 -18.23 -101.74
N THR C 600 -75.91 -17.41 -102.32
CA THR C 600 -74.96 -16.61 -101.56
C THR C 600 -75.21 -15.13 -101.86
N GLY C 601 -74.83 -14.30 -100.90
CA GLY C 601 -74.90 -12.86 -101.07
C GLY C 601 -73.60 -12.23 -100.67
N ASP C 602 -73.28 -11.11 -101.33
CA ASP C 602 -72.05 -10.39 -101.05
C ASP C 602 -72.16 -9.64 -99.73
N VAL C 603 -71.08 -9.67 -98.97
CA VAL C 603 -71.00 -8.99 -97.68
C VAL C 603 -70.18 -7.73 -97.89
N HIS C 604 -70.84 -6.57 -97.85
CA HIS C 604 -70.20 -5.31 -98.18
C HIS C 604 -69.68 -4.58 -96.95
N ALA C 605 -70.36 -4.68 -95.82
CA ALA C 605 -69.91 -4.13 -94.56
C ALA C 605 -69.87 -5.26 -93.54
N MET C 606 -68.69 -5.50 -92.98
CA MET C 606 -68.49 -6.58 -92.01
C MET C 606 -67.90 -5.98 -90.74
N GLY C 607 -68.59 -6.18 -89.63
CA GLY C 607 -68.08 -5.78 -88.34
C GLY C 607 -67.10 -6.80 -87.81
N ALA C 608 -66.58 -6.51 -86.62
CA ALA C 608 -65.53 -7.34 -86.05
C ALA C 608 -66.08 -8.72 -85.67
N LEU C 609 -65.44 -9.75 -86.19
CA LEU C 609 -65.66 -11.15 -85.83
C LEU C 609 -64.47 -11.66 -85.04
N PRO C 610 -64.67 -12.55 -84.08
CA PRO C 610 -63.53 -13.15 -83.39
C PRO C 610 -62.65 -13.92 -84.36
N GLY C 611 -61.35 -13.82 -84.17
CA GLY C 611 -60.39 -14.35 -85.10
C GLY C 611 -59.92 -13.37 -86.16
N MET C 612 -60.52 -12.19 -86.22
CA MET C 612 -60.11 -11.18 -87.19
C MET C 612 -58.79 -10.55 -86.79
N VAL C 613 -57.94 -10.29 -87.78
CA VAL C 613 -56.69 -9.58 -87.59
C VAL C 613 -56.57 -8.53 -88.69
N TRP C 614 -56.00 -7.39 -88.35
CA TRP C 614 -55.89 -6.29 -89.30
C TRP C 614 -54.71 -5.41 -88.95
N GLN C 615 -54.33 -4.58 -89.91
CA GLN C 615 -53.37 -3.51 -89.69
C GLN C 615 -54.09 -2.16 -89.70
N ASP C 616 -53.52 -1.20 -88.98
CA ASP C 616 -54.07 0.15 -88.95
C ASP C 616 -53.57 0.93 -90.17
N ARG C 617 -54.10 2.13 -90.33
CA ARG C 617 -53.67 2.99 -91.41
C ARG C 617 -52.23 3.46 -91.19
N ASP C 618 -51.53 3.69 -92.28
CA ASP C 618 -50.16 4.19 -92.20
C ASP C 618 -50.14 5.66 -91.81
N VAL C 619 -49.02 6.07 -91.24
CA VAL C 619 -48.77 7.48 -90.96
C VAL C 619 -47.82 8.00 -92.04
N TYR C 620 -47.90 9.30 -92.29
CA TYR C 620 -47.13 9.94 -93.35
C TYR C 620 -46.38 11.12 -92.77
N LEU C 621 -45.31 11.53 -93.45
CA LEU C 621 -44.56 12.70 -93.00
C LEU C 621 -45.42 13.94 -92.97
N GLN C 622 -46.39 14.05 -93.88
CA GLN C 622 -47.30 15.18 -93.94
C GLN C 622 -48.57 14.97 -93.13
N GLY C 623 -48.71 13.83 -92.46
CA GLY C 623 -49.96 13.48 -91.82
C GLY C 623 -49.98 13.75 -90.33
N PRO C 624 -51.13 13.55 -89.70
CA PRO C 624 -51.26 13.79 -88.27
C PRO C 624 -50.52 12.75 -87.44
N ILE C 625 -50.14 13.16 -86.23
CA ILE C 625 -49.45 12.30 -85.29
C ILE C 625 -50.42 11.61 -84.35
N TRP C 626 -51.30 12.37 -83.69
CA TRP C 626 -52.16 11.83 -82.66
C TRP C 626 -53.57 12.35 -82.84
N ALA C 627 -54.46 11.81 -82.01
CA ALA C 627 -55.83 12.29 -81.90
C ALA C 627 -56.34 11.97 -80.51
N LYS C 628 -57.14 12.87 -79.96
CA LYS C 628 -57.80 12.60 -78.69
C LYS C 628 -58.90 11.57 -78.87
N ILE C 629 -58.87 10.52 -78.06
CA ILE C 629 -59.95 9.55 -78.06
C ILE C 629 -61.16 10.15 -77.35
N PRO C 630 -62.34 10.14 -77.97
CA PRO C 630 -63.50 10.74 -77.33
C PRO C 630 -63.81 10.10 -75.99
N HIS C 631 -64.21 10.92 -75.03
CA HIS C 631 -64.54 10.44 -73.69
C HIS C 631 -65.95 9.86 -73.72
N THR C 632 -66.03 8.59 -74.09
CA THR C 632 -67.28 7.87 -74.21
C THR C 632 -67.25 6.63 -73.32
N ASP C 633 -68.43 6.01 -73.16
CA ASP C 633 -68.51 4.78 -72.39
C ASP C 633 -67.77 3.65 -73.09
N GLY C 634 -67.91 3.53 -74.41
CA GLY C 634 -67.28 2.46 -75.13
C GLY C 634 -66.60 2.97 -76.38
N HIS C 635 -65.55 2.26 -76.77
CA HIS C 635 -64.87 2.48 -78.04
C HIS C 635 -64.15 1.20 -78.40
N PHE C 636 -64.14 0.88 -79.69
CA PHE C 636 -63.52 -0.33 -80.18
C PHE C 636 -62.26 0.03 -80.94
N HIS C 637 -61.11 -0.45 -80.44
CA HIS C 637 -59.81 -0.23 -81.06
C HIS C 637 -59.58 1.24 -81.33
N PRO C 638 -59.37 2.06 -80.31
CA PRO C 638 -59.41 3.53 -80.48
C PRO C 638 -58.17 4.08 -81.16
N SER C 639 -57.92 3.59 -82.36
CA SER C 639 -56.87 4.11 -83.23
C SER C 639 -57.50 5.06 -84.24
N PRO C 640 -57.00 6.29 -84.37
CA PRO C 640 -57.66 7.26 -85.25
C PRO C 640 -57.71 6.77 -86.68
N LEU C 641 -58.80 7.10 -87.36
CA LEU C 641 -59.01 6.56 -88.70
C LEU C 641 -58.16 7.29 -89.73
N MET C 642 -57.72 8.51 -89.43
CA MET C 642 -56.74 9.17 -90.30
C MET C 642 -55.34 8.62 -90.12
N GLY C 643 -55.10 7.84 -89.08
CA GLY C 643 -53.78 7.33 -88.80
C GLY C 643 -53.14 8.05 -87.64
N GLY C 644 -52.31 7.34 -86.91
CA GLY C 644 -51.63 7.94 -85.77
C GLY C 644 -51.92 7.26 -84.46
N PHE C 645 -51.66 7.96 -83.37
CA PHE C 645 -51.81 7.44 -82.02
C PHE C 645 -53.06 8.04 -81.41
N GLY C 646 -53.96 7.19 -80.94
CA GLY C 646 -55.10 7.65 -80.18
C GLY C 646 -54.73 7.76 -78.73
N LEU C 647 -54.87 8.94 -78.15
CA LEU C 647 -54.48 9.20 -76.77
C LEU C 647 -55.70 9.63 -75.98
N LYS C 648 -55.89 9.03 -74.80
CA LYS C 648 -56.95 9.50 -73.92
C LYS C 648 -56.64 10.89 -73.37
N ASN C 649 -55.39 11.11 -72.98
CA ASN C 649 -54.90 12.43 -72.59
C ASN C 649 -53.86 12.85 -73.61
N PRO C 650 -54.26 13.47 -74.72
CA PRO C 650 -53.28 13.88 -75.72
C PRO C 650 -52.50 15.08 -75.26
N PRO C 651 -51.52 15.54 -76.03
CA PRO C 651 -50.88 16.81 -75.72
C PRO C 651 -51.90 17.92 -75.67
N PRO C 652 -51.93 18.69 -74.58
CA PRO C 652 -52.98 19.70 -74.44
C PRO C 652 -52.80 20.86 -75.40
N GLN C 653 -53.91 21.57 -75.61
CA GLN C 653 -53.90 22.74 -76.47
C GLN C 653 -53.23 23.91 -75.76
N ILE C 654 -52.31 24.56 -76.45
CA ILE C 654 -51.70 25.79 -75.98
C ILE C 654 -52.40 26.94 -76.68
N LEU C 655 -53.03 27.80 -75.89
CA LEU C 655 -53.84 28.89 -76.40
C LEU C 655 -53.17 30.21 -76.05
N ILE C 656 -53.13 31.10 -77.03
CA ILE C 656 -52.36 32.33 -76.92
C ILE C 656 -53.19 33.46 -77.53
N LYS C 657 -53.15 34.62 -76.89
CA LYS C 657 -53.77 35.78 -77.51
C LYS C 657 -53.07 37.04 -77.04
N ASN C 658 -53.25 38.11 -77.79
CA ASN C 658 -52.73 39.41 -77.39
C ASN C 658 -53.68 40.03 -76.38
N THR C 659 -53.14 40.52 -75.27
CA THR C 659 -53.98 41.22 -74.32
C THR C 659 -54.48 42.51 -74.94
N PRO C 660 -55.78 42.79 -74.91
CA PRO C 660 -56.29 44.03 -75.52
C PRO C 660 -55.73 45.26 -74.82
N VAL C 661 -55.35 46.25 -75.63
CA VAL C 661 -54.90 47.55 -75.13
C VAL C 661 -55.93 48.58 -75.59
N PRO C 662 -56.73 49.14 -74.68
CA PRO C 662 -57.74 50.11 -75.10
C PRO C 662 -57.12 51.39 -75.63
N ALA C 663 -57.84 52.03 -76.54
CA ALA C 663 -57.45 53.35 -77.02
C ALA C 663 -57.88 54.40 -76.00
N ASN C 664 -57.82 55.66 -76.41
CA ASN C 664 -58.08 56.76 -75.49
C ASN C 664 -59.53 56.73 -75.01
N PRO C 665 -59.78 56.63 -73.71
CA PRO C 665 -61.15 56.61 -73.21
C PRO C 665 -61.75 58.01 -73.21
N PRO C 666 -63.06 58.12 -73.13
CA PRO C 666 -63.68 59.46 -73.07
C PRO C 666 -63.39 60.15 -71.76
N ALA C 667 -63.56 61.48 -71.78
CA ALA C 667 -63.34 62.27 -70.56
C ALA C 667 -64.37 61.96 -69.49
N GLU C 668 -65.62 61.76 -69.88
CA GLU C 668 -66.68 61.36 -68.97
C GLU C 668 -66.85 59.85 -68.98
N PHE C 669 -67.31 59.32 -67.85
CA PHE C 669 -67.45 57.89 -67.69
C PHE C 669 -68.60 57.34 -68.54
N SER C 670 -68.37 56.18 -69.15
CA SER C 670 -69.38 55.47 -69.91
C SER C 670 -69.31 54.00 -69.53
N ALA C 671 -70.46 53.42 -69.17
CA ALA C 671 -70.49 52.02 -68.80
C ALA C 671 -70.52 51.08 -70.00
N THR C 672 -70.73 51.62 -71.20
CA THR C 672 -70.64 50.80 -72.40
C THR C 672 -69.25 50.21 -72.52
N LYS C 673 -69.19 48.91 -72.83
CA LYS C 673 -67.91 48.23 -72.88
C LYS C 673 -67.04 48.80 -74.00
N PHE C 674 -65.74 48.72 -73.79
CA PHE C 674 -64.80 49.31 -74.73
C PHE C 674 -64.88 48.60 -76.08
N ALA C 675 -64.86 49.39 -77.15
CA ALA C 675 -64.84 48.86 -78.50
C ALA C 675 -63.67 49.41 -79.31
N SER C 676 -63.00 50.43 -78.82
CA SER C 676 -61.86 51.05 -79.50
C SER C 676 -60.59 50.53 -78.84
N PHE C 677 -59.78 49.82 -79.62
CA PHE C 677 -58.56 49.22 -79.12
C PHE C 677 -57.38 49.64 -79.98
N ILE C 678 -56.21 49.63 -79.37
CA ILE C 678 -54.97 49.87 -80.07
C ILE C 678 -54.65 48.63 -80.89
N THR C 679 -54.46 48.80 -82.19
CA THR C 679 -54.27 47.67 -83.09
C THR C 679 -52.86 47.13 -82.95
N GLN C 680 -52.73 45.85 -82.63
CA GLN C 680 -51.41 45.29 -82.44
C GLN C 680 -51.42 43.80 -82.73
N TYR C 681 -50.22 43.27 -82.98
CA TYR C 681 -50.01 41.85 -83.16
C TYR C 681 -48.77 41.47 -82.37
N SER C 682 -48.43 40.19 -82.39
CA SER C 682 -47.22 39.74 -81.70
C SER C 682 -46.49 38.73 -82.57
N THR C 683 -45.20 38.61 -82.32
CA THR C 683 -44.36 37.65 -83.01
C THR C 683 -43.45 37.01 -81.99
N GLY C 684 -42.91 35.85 -82.35
CA GLY C 684 -42.02 35.19 -81.43
C GLY C 684 -41.52 33.89 -81.98
N GLN C 685 -40.85 33.13 -81.11
CA GLN C 685 -40.30 31.83 -81.46
C GLN C 685 -40.94 30.76 -80.59
N VAL C 686 -41.17 29.61 -81.20
CA VAL C 686 -41.76 28.46 -80.52
C VAL C 686 -40.87 27.26 -80.75
N SER C 687 -40.58 26.52 -79.69
CA SER C 687 -39.77 25.31 -79.74
C SER C 687 -40.60 24.13 -79.25
N VAL C 688 -40.56 23.04 -79.99
CA VAL C 688 -41.17 21.77 -79.58
C VAL C 688 -40.11 20.69 -79.68
N GLU C 689 -39.92 19.95 -78.60
CA GLU C 689 -38.97 18.84 -78.54
C GLU C 689 -39.74 17.59 -78.17
N ILE C 690 -39.70 16.58 -79.03
CA ILE C 690 -40.35 15.30 -78.76
C ILE C 690 -39.29 14.21 -78.70
N GLU C 691 -39.30 13.44 -77.62
CA GLU C 691 -38.59 12.18 -77.53
C GLU C 691 -39.50 11.07 -78.00
N TRP C 692 -39.00 10.25 -78.94
CA TRP C 692 -39.68 9.10 -79.49
C TRP C 692 -38.91 7.84 -79.17
N GLU C 693 -39.62 6.80 -78.75
CA GLU C 693 -39.07 5.48 -78.58
C GLU C 693 -39.15 4.69 -79.87
N LEU C 694 -38.04 4.03 -80.21
CA LEU C 694 -37.92 3.25 -81.43
C LEU C 694 -38.00 1.76 -81.10
N GLN C 695 -38.46 1.00 -82.09
CA GLN C 695 -38.52 -0.45 -82.01
C GLN C 695 -37.76 -0.95 -83.22
N LYS C 696 -36.55 -1.44 -82.96
CA LYS C 696 -35.61 -1.81 -84.00
C LYS C 696 -36.03 -3.10 -84.69
N GLU C 697 -35.68 -3.21 -85.96
CA GLU C 697 -35.86 -4.45 -86.68
C GLU C 697 -34.93 -5.52 -86.11
N ASN C 698 -35.39 -6.76 -86.11
CA ASN C 698 -34.59 -7.91 -85.70
C ASN C 698 -34.69 -9.02 -86.73
N SER C 699 -34.67 -8.65 -88.01
CA SER C 699 -35.06 -9.55 -89.07
C SER C 699 -33.93 -10.52 -89.41
N LYS C 700 -34.34 -11.73 -89.81
CA LYS C 700 -33.42 -12.74 -90.32
C LYS C 700 -33.56 -12.92 -91.82
N ARG C 701 -34.23 -11.99 -92.48
CA ARG C 701 -34.41 -12.04 -93.92
C ARG C 701 -33.07 -11.97 -94.64
N TRP C 702 -32.93 -12.77 -95.70
CA TRP C 702 -31.66 -12.87 -96.40
C TRP C 702 -31.52 -11.83 -97.50
N ASN C 703 -32.52 -11.71 -98.37
CA ASN C 703 -32.45 -10.78 -99.47
C ASN C 703 -32.62 -9.36 -98.97
N PRO C 704 -32.16 -8.36 -99.74
CA PRO C 704 -32.27 -6.98 -99.29
C PRO C 704 -33.72 -6.51 -99.24
N GLU C 705 -33.97 -5.58 -98.33
CA GLU C 705 -35.29 -5.02 -98.11
C GLU C 705 -35.58 -3.88 -99.08
N VAL C 706 -36.86 -3.55 -99.21
CA VAL C 706 -37.28 -2.35 -99.92
C VAL C 706 -37.07 -1.15 -98.99
N GLN C 707 -36.41 -0.12 -99.50
CA GLN C 707 -36.13 1.08 -98.75
C GLN C 707 -36.70 2.28 -99.48
N TYR C 708 -37.04 3.32 -98.73
CA TYR C 708 -37.35 4.59 -99.35
C TYR C 708 -36.06 5.26 -99.78
N THR C 709 -35.99 5.66 -101.04
CA THR C 709 -34.76 6.22 -101.58
C THR C 709 -35.07 7.44 -102.43
N SER C 710 -34.11 8.34 -102.51
CA SER C 710 -34.13 9.39 -103.51
C SER C 710 -33.83 8.79 -104.88
N ASN C 711 -34.42 9.37 -105.91
CA ASN C 711 -34.13 8.95 -107.27
C ASN C 711 -32.82 9.58 -107.71
N TYR C 712 -31.91 8.77 -108.23
CA TYR C 712 -30.65 9.24 -108.80
C TYR C 712 -30.93 9.50 -110.28
N ALA C 713 -30.92 10.78 -110.66
CA ALA C 713 -31.12 11.16 -112.05
C ALA C 713 -30.97 12.67 -112.13
N LYS C 714 -30.52 13.14 -113.29
CA LYS C 714 -30.48 14.57 -113.50
C LYS C 714 -31.91 15.11 -113.50
N SER C 715 -32.18 16.02 -112.57
CA SER C 715 -33.49 16.63 -112.43
C SER C 715 -33.32 18.13 -112.29
N ALA C 716 -34.33 18.88 -112.73
CA ALA C 716 -34.25 20.33 -112.63
C ALA C 716 -34.18 20.79 -111.19
N ASN C 717 -34.80 20.05 -110.28
CA ASN C 717 -34.80 20.37 -108.86
C ASN C 717 -34.44 19.14 -108.05
N VAL C 718 -34.10 19.36 -106.79
CA VAL C 718 -33.92 18.29 -105.82
C VAL C 718 -35.22 18.14 -105.04
N ASP C 719 -35.60 16.90 -104.76
CA ASP C 719 -36.83 16.65 -104.01
C ASP C 719 -36.69 17.13 -102.58
N PHE C 720 -37.80 17.64 -102.04
CA PHE C 720 -37.87 18.15 -100.67
C PHE C 720 -36.89 19.30 -100.45
N THR C 721 -36.86 20.22 -101.40
CA THR C 721 -36.02 21.41 -101.29
C THR C 721 -36.81 22.64 -101.69
N VAL C 722 -36.13 23.76 -101.82
CA VAL C 722 -36.73 25.00 -102.29
C VAL C 722 -36.45 25.13 -103.77
N ASP C 723 -37.28 25.93 -104.45
CA ASP C 723 -37.04 26.23 -105.85
C ASP C 723 -36.29 27.56 -105.97
N ASN C 724 -36.17 28.07 -107.18
CA ASN C 724 -35.49 29.36 -107.37
C ASN C 724 -36.28 30.52 -106.79
N ASN C 725 -37.57 30.34 -106.50
CA ASN C 725 -38.37 31.37 -105.86
C ASN C 725 -38.38 31.28 -104.36
N GLY C 726 -37.78 30.25 -103.78
CA GLY C 726 -37.74 30.09 -102.35
C GLY C 726 -38.87 29.31 -101.74
N LEU C 727 -39.63 28.57 -102.55
CA LEU C 727 -40.81 27.87 -102.07
C LEU C 727 -40.47 26.41 -101.79
N TYR C 728 -40.60 26.02 -100.53
CA TYR C 728 -40.38 24.64 -100.14
C TYR C 728 -41.56 23.78 -100.57
N THR C 729 -41.27 22.66 -101.21
CA THR C 729 -42.29 21.74 -101.70
C THR C 729 -41.92 20.31 -101.31
N GLU C 730 -42.95 19.50 -101.10
CA GLU C 730 -42.79 18.07 -100.85
C GLU C 730 -43.36 17.30 -102.05
N PRO C 731 -42.53 16.65 -102.85
CA PRO C 731 -43.02 16.04 -104.09
C PRO C 731 -44.04 14.92 -103.91
N ARG C 732 -43.93 14.16 -102.84
CA ARG C 732 -44.76 12.97 -102.67
C ARG C 732 -44.99 12.74 -101.19
N PRO C 733 -46.07 12.03 -100.83
CA PRO C 733 -46.23 11.60 -99.44
C PRO C 733 -45.44 10.32 -99.18
N ILE C 734 -44.72 10.29 -98.05
CA ILE C 734 -43.90 9.15 -97.67
C ILE C 734 -44.55 8.46 -96.50
N GLY C 735 -44.82 7.16 -96.65
CA GLY C 735 -45.32 6.36 -95.56
C GLY C 735 -44.20 5.81 -94.71
N THR C 736 -44.51 4.75 -93.98
CA THR C 736 -43.57 4.14 -93.05
C THR C 736 -43.23 2.69 -93.36
N ARG C 737 -44.09 1.99 -94.09
CA ARG C 737 -44.00 0.53 -94.19
C ARG C 737 -43.06 0.15 -95.32
N TYR C 738 -41.78 0.02 -95.01
CA TYR C 738 -40.79 -0.38 -96.01
C TYR C 738 -40.11 -1.68 -95.60
N LEU C 739 -39.65 -1.76 -94.36
CA LEU C 739 -39.15 -3.01 -93.82
C LEU C 739 -40.29 -4.01 -93.74
N THR C 740 -39.96 -5.30 -93.66
CA THR C 740 -40.97 -6.34 -93.58
C THR C 740 -40.71 -7.22 -92.37
N ARG C 741 -41.75 -7.95 -91.99
CA ARG C 741 -41.64 -8.98 -90.95
C ARG C 741 -42.64 -10.06 -91.25
N PRO C 742 -42.39 -11.29 -90.80
CA PRO C 742 -43.34 -12.37 -91.06
C PRO C 742 -44.65 -12.19 -90.29
N LEU C 743 -45.73 -12.64 -90.91
CA LEU C 743 -47.06 -12.43 -90.36
C LEU C 743 -47.32 -13.34 -89.15
N ASP D 219 -40.70 45.95 -61.52
CA ASP D 219 -39.77 44.87 -61.82
C ASP D 219 -39.19 45.00 -63.23
N GLY D 220 -39.52 46.08 -63.92
CA GLY D 220 -38.96 46.38 -65.22
C GLY D 220 -40.02 46.64 -66.27
N VAL D 221 -39.55 47.22 -67.38
CA VAL D 221 -40.43 47.51 -68.50
C VAL D 221 -40.85 46.22 -69.22
N GLY D 222 -39.93 45.28 -69.40
CA GLY D 222 -40.19 44.11 -70.20
C GLY D 222 -40.57 42.87 -69.42
N ASN D 223 -40.97 43.04 -68.17
CA ASN D 223 -41.35 41.93 -67.30
C ASN D 223 -42.75 42.18 -66.79
N ALA D 224 -43.64 41.20 -66.99
CA ALA D 224 -45.01 41.33 -66.53
C ALA D 224 -45.06 41.23 -65.01
N SER D 225 -45.89 42.07 -64.39
CA SER D 225 -45.99 42.11 -62.93
C SER D 225 -47.14 41.27 -62.40
N GLY D 226 -47.82 40.53 -63.24
CA GLY D 226 -48.86 39.63 -62.75
C GLY D 226 -49.37 38.76 -63.88
N ASN D 227 -50.15 37.77 -63.49
CA ASN D 227 -50.73 36.82 -64.41
C ASN D 227 -52.24 36.90 -64.37
N TRP D 228 -52.88 36.31 -65.37
CA TRP D 228 -54.33 36.28 -65.44
C TRP D 228 -54.84 35.17 -64.54
N HIS D 229 -55.54 35.53 -63.49
CA HIS D 229 -56.10 34.58 -62.52
C HIS D 229 -57.62 34.72 -62.54
N CYS D 230 -58.28 33.94 -63.37
CA CYS D 230 -59.73 33.92 -63.44
C CYS D 230 -60.19 32.47 -63.34
N ASP D 231 -60.77 32.11 -62.21
CA ASP D 231 -61.01 30.71 -61.89
C ASP D 231 -62.09 30.64 -60.82
N SER D 232 -62.47 29.42 -60.46
CA SER D 232 -63.38 29.18 -59.35
C SER D 232 -63.10 27.80 -58.80
N THR D 233 -62.70 27.72 -57.54
CA THR D 233 -62.34 26.47 -56.90
C THR D 233 -63.38 26.16 -55.82
N TRP D 234 -63.95 24.96 -55.89
CA TRP D 234 -64.97 24.54 -54.95
C TRP D 234 -64.36 23.52 -53.99
N LEU D 235 -64.22 23.91 -52.74
CA LEU D 235 -63.80 23.01 -51.69
C LEU D 235 -65.06 22.46 -51.02
N GLY D 236 -64.90 21.77 -49.89
CA GLY D 236 -66.06 21.19 -49.25
C GLY D 236 -67.06 22.22 -48.76
N ASP D 237 -66.59 23.21 -48.01
CA ASP D 237 -67.46 24.23 -47.45
C ASP D 237 -67.08 25.64 -47.88
N ARG D 238 -66.08 25.79 -48.74
CA ARG D 238 -65.68 27.09 -49.25
C ARG D 238 -65.77 27.07 -50.76
N VAL D 239 -65.91 28.25 -51.34
CA VAL D 239 -65.67 28.44 -52.76
C VAL D 239 -64.82 29.69 -52.93
N ILE D 240 -63.76 29.59 -53.72
CA ILE D 240 -62.88 30.72 -53.98
C ILE D 240 -63.06 31.13 -55.43
N THR D 241 -63.51 32.36 -55.63
CA THR D 241 -63.74 32.92 -56.96
C THR D 241 -62.66 33.95 -57.25
N THR D 242 -61.98 33.81 -58.38
CA THR D 242 -60.98 34.76 -58.84
C THR D 242 -61.43 35.35 -60.17
N SER D 243 -61.25 36.66 -60.32
CA SER D 243 -61.66 37.36 -61.53
C SER D 243 -60.59 38.37 -61.91
N THR D 244 -60.12 38.29 -63.14
CA THR D 244 -59.22 39.28 -63.72
C THR D 244 -59.93 40.00 -64.84
N ARG D 245 -59.76 41.31 -64.89
CA ARG D 245 -60.34 42.16 -65.92
C ARG D 245 -59.31 43.16 -66.39
N THR D 246 -59.53 43.69 -67.59
CA THR D 246 -58.71 44.75 -68.15
C THR D 246 -59.45 46.07 -68.01
N TRP D 247 -58.79 47.05 -67.41
CA TRP D 247 -59.38 48.34 -67.14
C TRP D 247 -58.65 49.44 -67.90
N ALA D 248 -59.39 50.50 -68.21
CA ALA D 248 -58.87 51.74 -68.76
C ALA D 248 -59.28 52.89 -67.84
N LEU D 249 -58.32 53.70 -67.44
CA LEU D 249 -58.53 54.83 -66.57
C LEU D 249 -58.15 56.11 -67.31
N PRO D 250 -59.09 57.02 -67.56
CA PRO D 250 -58.73 58.28 -68.19
C PRO D 250 -58.31 59.33 -67.18
N THR D 251 -58.05 60.55 -67.66
CA THR D 251 -57.88 61.69 -66.78
C THR D 251 -59.23 62.36 -66.60
N TYR D 252 -59.64 62.53 -65.35
CA TYR D 252 -60.93 63.10 -65.01
C TYR D 252 -60.76 64.54 -64.56
N ASN D 253 -61.60 65.43 -65.09
CA ASN D 253 -61.69 66.84 -64.68
C ASN D 253 -60.44 67.65 -65.02
N ASN D 254 -59.56 67.13 -65.88
CA ASN D 254 -58.26 67.74 -66.12
C ASN D 254 -57.46 67.88 -64.81
N HIS D 255 -57.49 66.83 -64.00
CA HIS D 255 -56.76 66.76 -62.74
C HIS D 255 -57.26 67.79 -61.72
N LEU D 256 -58.52 68.18 -61.84
CA LEU D 256 -59.07 69.22 -60.98
C LEU D 256 -60.13 68.65 -60.06
N TYR D 257 -60.24 69.26 -58.88
CA TYR D 257 -61.36 69.04 -57.98
C TYR D 257 -62.39 70.11 -58.28
N LYS D 258 -63.61 69.70 -58.57
CA LYS D 258 -64.66 70.64 -58.93
C LYS D 258 -65.82 70.52 -57.95
N GLN D 259 -66.41 71.66 -57.62
CA GLN D 259 -67.59 71.70 -56.77
C GLN D 259 -68.82 71.60 -57.64
N ILE D 260 -69.69 70.64 -57.34
CA ILE D 260 -70.88 70.40 -58.14
C ILE D 260 -72.10 70.59 -57.25
N SER D 261 -73.16 71.10 -57.85
CA SER D 261 -74.43 71.30 -57.15
C SER D 261 -75.54 71.30 -58.19
N SER D 262 -76.76 71.58 -57.73
CA SER D 262 -77.94 71.59 -58.58
C SER D 262 -78.37 72.99 -58.98
N ALA D 263 -77.56 74.00 -58.66
CA ALA D 263 -77.96 75.39 -58.90
C ALA D 263 -78.14 75.66 -60.39
N SER D 264 -77.19 75.22 -61.22
CA SER D 264 -77.36 75.38 -62.66
C SER D 264 -78.40 74.42 -63.22
N THR D 265 -78.54 73.25 -62.60
CA THR D 265 -79.54 72.30 -63.07
C THR D 265 -80.95 72.84 -62.95
N GLY D 266 -81.22 73.59 -61.89
CA GLY D 266 -82.57 74.06 -61.65
C GLY D 266 -83.55 72.96 -61.32
N ALA D 267 -83.15 72.04 -60.45
CA ALA D 267 -83.97 70.88 -60.12
C ALA D 267 -85.04 71.26 -59.09
N SER D 268 -85.88 70.30 -58.76
CA SER D 268 -86.87 70.48 -57.72
C SER D 268 -86.20 70.41 -56.35
N ASN D 269 -86.96 70.80 -55.32
CA ASN D 269 -86.42 70.81 -53.97
C ASN D 269 -85.99 69.42 -53.53
N ASP D 270 -86.63 68.37 -54.05
CA ASP D 270 -86.30 67.01 -53.68
C ASP D 270 -84.99 66.54 -54.31
N ASN D 271 -84.56 67.16 -55.40
CA ASN D 271 -83.40 66.71 -56.15
C ASN D 271 -82.19 67.62 -55.97
N HIS D 272 -82.25 68.54 -55.03
CA HIS D 272 -81.13 69.44 -54.77
C HIS D 272 -79.97 68.68 -54.16
N TYR D 273 -78.75 69.08 -54.51
CA TYR D 273 -77.57 68.45 -53.94
C TYR D 273 -76.39 69.41 -53.99
N PHE D 274 -75.38 69.08 -53.19
CA PHE D 274 -74.12 69.80 -53.16
C PHE D 274 -73.03 68.77 -52.92
N GLY D 275 -71.95 68.85 -53.67
CA GLY D 275 -70.88 67.90 -53.50
C GLY D 275 -69.66 68.27 -54.28
N TYR D 276 -68.80 67.27 -54.48
CA TYR D 276 -67.53 67.48 -55.15
C TYR D 276 -67.25 66.35 -56.12
N SER D 277 -66.60 66.70 -57.22
CA SER D 277 -66.12 65.76 -58.23
C SER D 277 -64.61 65.73 -58.15
N THR D 278 -64.03 64.55 -57.95
CA THR D 278 -62.59 64.48 -57.86
C THR D 278 -61.99 63.98 -59.15
N PRO D 279 -60.69 64.20 -59.38
CA PRO D 279 -60.03 63.61 -60.55
C PRO D 279 -59.72 62.12 -60.41
N TRP D 280 -60.12 61.49 -59.33
CA TRP D 280 -59.84 60.09 -59.08
C TRP D 280 -60.94 59.20 -59.64
N GLY D 281 -60.56 57.97 -59.99
CA GLY D 281 -61.50 56.91 -60.23
C GLY D 281 -61.41 55.90 -59.10
N TYR D 282 -62.38 54.99 -59.07
CA TYR D 282 -62.39 53.96 -58.03
C TYR D 282 -62.68 52.62 -58.67
N PHE D 283 -62.27 51.57 -57.95
CA PHE D 283 -62.49 50.20 -58.38
C PHE D 283 -63.71 49.64 -57.66
N ASP D 284 -64.63 49.07 -58.44
CA ASP D 284 -65.87 48.53 -57.92
C ASP D 284 -66.02 47.08 -58.35
N PHE D 285 -66.23 46.19 -57.39
CA PHE D 285 -66.54 44.80 -57.68
C PHE D 285 -67.66 44.35 -56.75
N ASN D 286 -68.67 45.21 -56.58
CA ASN D 286 -69.77 44.98 -55.67
C ASN D 286 -71.00 44.43 -56.38
N ARG D 287 -70.83 43.55 -57.34
CA ARG D 287 -71.90 42.78 -57.93
C ARG D 287 -71.50 41.32 -57.96
N PHE D 288 -72.49 40.44 -57.90
CA PHE D 288 -72.19 39.02 -57.79
C PHE D 288 -71.62 38.44 -59.08
N HIS D 289 -72.00 39.01 -60.22
CA HIS D 289 -71.50 38.49 -61.49
C HIS D 289 -70.09 38.96 -61.81
N CYS D 290 -69.52 39.87 -61.01
CA CYS D 290 -68.10 40.16 -61.12
C CYS D 290 -67.26 38.99 -60.64
N HIS D 291 -67.86 38.06 -59.91
CA HIS D 291 -67.14 36.96 -59.29
C HIS D 291 -67.66 35.59 -59.68
N PHE D 292 -68.95 35.44 -59.95
CA PHE D 292 -69.54 34.15 -60.29
C PHE D 292 -69.92 34.14 -61.76
N SER D 293 -69.52 33.09 -62.47
CA SER D 293 -70.13 32.81 -63.74
C SER D 293 -71.54 32.32 -63.51
N PRO D 294 -72.41 32.38 -64.52
CA PRO D 294 -73.76 31.82 -64.33
C PRO D 294 -73.76 30.35 -63.94
N ARG D 295 -72.84 29.56 -64.47
CA ARG D 295 -72.71 28.16 -64.06
C ARG D 295 -72.34 28.05 -62.59
N ASP D 296 -71.40 28.87 -62.12
CA ASP D 296 -71.01 28.85 -60.72
C ASP D 296 -72.15 29.31 -59.82
N TRP D 297 -72.90 30.31 -60.26
CA TRP D 297 -74.05 30.76 -59.50
C TRP D 297 -75.10 29.67 -59.39
N GLN D 298 -75.37 28.97 -60.48
CA GLN D 298 -76.32 27.86 -60.44
C GLN D 298 -75.82 26.76 -59.52
N ARG D 299 -74.53 26.44 -59.58
CA ARG D 299 -73.96 25.44 -58.70
C ARG D 299 -74.09 25.83 -57.24
N LEU D 300 -73.92 27.11 -56.94
CA LEU D 300 -74.07 27.59 -55.56
C LEU D 300 -75.52 27.50 -55.10
N ILE D 301 -76.44 28.04 -55.90
CA ILE D 301 -77.82 28.20 -55.44
C ILE D 301 -78.61 26.90 -55.48
N ASN D 302 -78.19 25.92 -56.28
CA ASN D 302 -78.89 24.66 -56.34
C ASN D 302 -78.46 23.69 -55.25
N ASN D 303 -77.40 24.00 -54.53
CA ASN D 303 -76.79 23.06 -53.61
C ASN D 303 -76.57 23.59 -52.22
N ASN D 304 -76.62 24.89 -52.00
CA ASN D 304 -76.27 25.44 -50.71
C ASN D 304 -77.47 26.12 -50.07
N TRP D 305 -77.62 25.93 -48.76
CA TRP D 305 -78.65 26.62 -48.00
C TRP D 305 -78.26 28.04 -47.65
N GLY D 306 -76.97 28.36 -47.66
CA GLY D 306 -76.59 29.74 -47.40
C GLY D 306 -75.15 29.98 -47.79
N PHE D 307 -74.79 31.26 -47.83
CA PHE D 307 -73.40 31.57 -48.13
C PHE D 307 -73.05 32.95 -47.61
N ARG D 308 -71.75 33.21 -47.46
CA ARG D 308 -71.30 34.52 -47.01
C ARG D 308 -69.84 34.68 -47.41
N PRO D 309 -69.34 35.92 -47.49
CA PRO D 309 -67.93 36.13 -47.82
C PRO D 309 -67.02 36.13 -46.60
N LYS D 310 -65.87 35.47 -46.76
CA LYS D 310 -64.84 35.32 -45.75
C LYS D 310 -63.67 36.25 -45.97
N ARG D 311 -63.06 36.25 -47.16
CA ARG D 311 -61.89 37.11 -47.32
C ARG D 311 -61.73 37.48 -48.79
N LEU D 312 -60.90 38.49 -49.03
CA LEU D 312 -60.61 38.89 -50.41
C LEU D 312 -59.19 39.39 -50.56
N ASN D 313 -58.67 39.20 -51.77
CA ASN D 313 -57.39 39.72 -52.23
C ASN D 313 -57.64 40.56 -53.47
N PHE D 314 -56.96 41.70 -53.53
CA PHE D 314 -57.06 42.63 -54.65
C PHE D 314 -55.66 42.85 -55.18
N LYS D 315 -55.51 42.76 -56.49
CA LYS D 315 -54.23 43.00 -57.13
C LYS D 315 -54.43 43.89 -58.35
N LEU D 316 -53.48 44.77 -58.57
CA LEU D 316 -53.45 45.70 -59.69
C LEU D 316 -52.10 45.57 -60.36
N PHE D 317 -52.07 45.18 -61.63
CA PHE D 317 -50.81 44.81 -62.25
C PHE D 317 -50.83 45.14 -63.73
N ASN D 318 -49.64 45.13 -64.33
CA ASN D 318 -49.43 45.38 -65.75
C ASN D 318 -49.92 46.77 -66.15
N ILE D 319 -49.40 47.78 -65.46
CA ILE D 319 -49.78 49.16 -65.70
C ILE D 319 -49.12 49.65 -66.98
N GLN D 320 -49.89 50.30 -67.84
CA GLN D 320 -49.37 50.94 -69.03
C GLN D 320 -49.97 52.34 -69.13
N VAL D 321 -49.12 53.35 -69.05
CA VAL D 321 -49.55 54.72 -69.25
C VAL D 321 -49.33 55.09 -70.71
N LYS D 322 -50.36 55.65 -71.33
CA LYS D 322 -50.32 56.00 -72.74
C LYS D 322 -50.54 57.51 -72.89
N GLU D 323 -49.64 58.13 -73.65
CA GLU D 323 -49.73 59.53 -74.03
C GLU D 323 -50.50 59.67 -75.34
N VAL D 324 -51.40 60.66 -75.41
CA VAL D 324 -52.26 60.89 -76.56
C VAL D 324 -52.03 62.30 -77.08
N THR D 325 -51.80 62.41 -78.39
CA THR D 325 -51.69 63.70 -79.07
C THR D 325 -52.60 63.70 -80.28
N THR D 326 -53.50 64.68 -80.37
CA THR D 326 -54.36 64.83 -81.54
C THR D 326 -53.90 66.07 -82.31
N ASN D 327 -53.45 65.87 -83.55
CA ASN D 327 -53.02 66.94 -84.43
C ASN D 327 -53.72 66.79 -85.77
N ASP D 328 -54.30 67.89 -86.25
CA ASP D 328 -54.97 67.93 -87.56
C ASP D 328 -56.05 66.85 -87.67
N GLY D 329 -56.60 66.43 -86.54
CA GLY D 329 -57.65 65.44 -86.50
C GLY D 329 -57.17 64.01 -86.34
N VAL D 330 -55.87 63.75 -86.50
CA VAL D 330 -55.35 62.39 -86.36
C VAL D 330 -54.71 62.25 -84.99
N THR D 331 -54.91 61.08 -84.39
CA THR D 331 -54.53 60.83 -83.00
C THR D 331 -53.38 59.84 -82.94
N THR D 332 -52.33 60.22 -82.22
CA THR D 332 -51.17 59.39 -81.96
C THR D 332 -51.18 58.96 -80.50
N ILE D 333 -50.97 57.68 -80.26
CA ILE D 333 -50.85 57.14 -78.91
C ILE D 333 -49.47 56.53 -78.78
N ALA D 334 -48.76 56.90 -77.72
CA ALA D 334 -47.43 56.37 -77.45
C ALA D 334 -47.38 55.88 -76.01
N ASN D 335 -46.35 55.11 -75.70
CA ASN D 335 -46.13 54.68 -74.33
C ASN D 335 -45.37 55.74 -73.57
N ASN D 336 -45.79 55.99 -72.34
CA ASN D 336 -45.09 56.88 -71.43
C ASN D 336 -44.50 56.01 -70.33
N LEU D 337 -43.22 55.65 -70.48
CA LEU D 337 -42.63 54.66 -69.60
C LEU D 337 -42.32 55.19 -68.21
N THR D 338 -42.29 56.50 -68.02
CA THR D 338 -41.90 57.08 -66.74
C THR D 338 -43.08 57.70 -65.99
N SER D 339 -44.30 57.53 -66.47
CA SER D 339 -45.46 58.08 -65.78
C SER D 339 -45.98 57.09 -64.74
N THR D 340 -46.73 57.63 -63.77
CA THR D 340 -47.22 56.85 -62.65
C THR D 340 -48.73 56.94 -62.52
N VAL D 341 -49.30 55.92 -61.91
CA VAL D 341 -50.66 55.96 -61.39
C VAL D 341 -50.57 55.89 -59.87
N GLN D 342 -51.32 56.75 -59.20
CA GLN D 342 -51.43 56.72 -57.75
C GLN D 342 -52.62 55.85 -57.36
N VAL D 343 -52.39 54.91 -56.45
CA VAL D 343 -53.41 54.00 -55.96
C VAL D 343 -53.38 54.02 -54.44
N PHE D 344 -54.54 54.10 -53.81
CA PHE D 344 -54.59 53.87 -52.38
C PHE D 344 -55.91 53.24 -51.99
N SER D 345 -55.89 52.53 -50.87
CA SER D 345 -57.07 51.91 -50.30
C SER D 345 -57.49 52.70 -49.07
N ASP D 346 -58.77 53.03 -48.98
CA ASP D 346 -59.28 53.81 -47.86
C ASP D 346 -59.68 52.87 -46.73
N SER D 347 -58.66 52.30 -46.09
CA SER D 347 -58.86 51.24 -45.12
C SER D 347 -59.45 51.72 -43.80
N GLU D 348 -59.36 53.01 -43.50
CA GLU D 348 -59.91 53.56 -42.27
C GLU D 348 -61.25 54.24 -42.47
N TYR D 349 -61.83 54.14 -43.67
CA TYR D 349 -63.15 54.67 -43.97
C TYR D 349 -63.26 56.15 -43.61
N GLN D 350 -62.24 56.90 -44.01
CA GLN D 350 -62.18 58.33 -43.77
C GLN D 350 -62.82 59.13 -44.89
N LEU D 351 -63.21 58.50 -45.96
CA LEU D 351 -63.83 59.10 -47.13
C LEU D 351 -65.29 58.74 -47.17
N PRO D 352 -66.11 59.53 -47.86
CA PRO D 352 -67.49 59.12 -48.11
C PRO D 352 -67.52 57.83 -48.92
N TYR D 353 -68.34 56.88 -48.48
CA TYR D 353 -68.43 55.57 -49.12
C TYR D 353 -69.50 55.63 -50.19
N VAL D 354 -69.08 55.71 -51.46
CA VAL D 354 -70.04 55.76 -52.56
C VAL D 354 -70.34 54.39 -53.13
N LEU D 355 -69.60 53.36 -52.72
CA LEU D 355 -70.00 52.00 -53.06
C LEU D 355 -71.25 51.65 -52.27
N GLY D 356 -71.95 50.62 -52.72
CA GLY D 356 -73.18 50.26 -52.05
C GLY D 356 -74.37 51.11 -52.42
N SER D 357 -74.27 51.91 -53.47
CA SER D 357 -75.40 52.65 -54.01
C SER D 357 -75.84 52.12 -55.36
N ALA D 358 -75.34 50.95 -55.75
CA ALA D 358 -75.72 50.26 -56.99
C ALA D 358 -75.39 51.08 -58.23
N HIS D 359 -74.14 51.51 -58.32
CA HIS D 359 -73.70 52.33 -59.44
C HIS D 359 -73.05 51.48 -60.53
N GLN D 360 -73.05 52.03 -61.73
CA GLN D 360 -72.31 51.43 -62.83
C GLN D 360 -70.82 51.59 -62.63
N GLY D 361 -70.04 50.79 -63.36
CA GLY D 361 -68.61 50.87 -63.26
C GLY D 361 -67.94 49.70 -62.59
N CYS D 362 -68.72 48.67 -62.24
CA CYS D 362 -68.15 47.46 -61.69
C CYS D 362 -67.37 46.70 -62.77
N LEU D 363 -66.65 45.67 -62.34
CA LEU D 363 -66.06 44.76 -63.30
C LEU D 363 -67.17 44.12 -64.13
N PRO D 364 -66.99 44.02 -65.44
CA PRO D 364 -68.04 43.44 -66.29
C PRO D 364 -68.25 41.97 -65.97
N PRO D 365 -69.46 41.44 -66.19
CA PRO D 365 -69.69 40.02 -65.92
C PRO D 365 -68.84 39.10 -66.79
N PHE D 366 -68.62 39.45 -68.03
CA PHE D 366 -67.86 38.61 -68.94
C PHE D 366 -66.37 38.92 -68.82
N PRO D 367 -65.53 37.91 -68.56
CA PRO D 367 -64.10 38.18 -68.34
C PRO D 367 -63.37 38.75 -69.54
N ALA D 368 -63.93 38.66 -70.74
CA ALA D 368 -63.27 39.20 -71.92
C ALA D 368 -63.51 40.69 -72.10
N ASP D 369 -64.39 41.30 -71.30
CA ASP D 369 -64.76 42.68 -71.51
C ASP D 369 -63.76 43.63 -70.83
N VAL D 370 -63.48 44.73 -71.51
CA VAL D 370 -62.59 45.77 -71.02
C VAL D 370 -63.44 46.91 -70.51
N PHE D 371 -63.19 47.37 -69.29
CA PHE D 371 -64.07 48.33 -68.66
C PHE D 371 -63.35 49.61 -68.30
N MET D 372 -64.09 50.71 -68.39
CA MET D 372 -63.61 52.03 -68.01
C MET D 372 -63.83 52.23 -66.52
N ILE D 373 -62.87 52.86 -65.86
CA ILE D 373 -62.96 53.06 -64.41
C ILE D 373 -63.82 54.29 -64.12
N PRO D 374 -64.83 54.18 -63.25
CA PRO D 374 -65.71 55.31 -62.97
C PRO D 374 -65.06 56.38 -62.14
N GLN D 375 -65.53 57.61 -62.32
CA GLN D 375 -64.98 58.75 -61.60
C GLN D 375 -65.51 58.80 -60.16
N TYR D 376 -64.66 59.24 -59.25
CA TYR D 376 -65.05 59.38 -57.86
C TYR D 376 -65.63 60.77 -57.61
N GLY D 377 -66.74 60.80 -56.90
CA GLY D 377 -67.34 62.04 -56.46
C GLY D 377 -68.21 61.72 -55.28
N TYR D 378 -68.49 62.74 -54.48
CA TYR D 378 -69.30 62.54 -53.28
C TYR D 378 -70.21 63.73 -53.10
N LEU D 379 -71.20 63.54 -52.24
CA LEU D 379 -72.11 64.58 -51.84
C LEU D 379 -71.90 64.88 -50.37
N THR D 380 -72.17 66.12 -49.98
CA THR D 380 -72.06 66.54 -48.60
C THR D 380 -73.35 67.24 -48.21
N LEU D 381 -73.41 67.72 -46.97
CA LEU D 381 -74.60 68.38 -46.47
C LEU D 381 -74.95 69.58 -47.34
N ASN D 382 -76.22 69.69 -47.70
CA ASN D 382 -76.68 70.77 -48.54
C ASN D 382 -77.96 71.38 -47.98
N ASN D 383 -78.12 72.67 -48.20
CA ASN D 383 -79.32 73.42 -47.88
C ASN D 383 -79.85 73.97 -49.20
N GLY D 384 -80.62 73.14 -49.89
CA GLY D 384 -80.97 73.45 -51.27
C GLY D 384 -79.79 73.14 -52.15
N SER D 385 -79.41 74.08 -53.00
CA SER D 385 -78.21 73.94 -53.81
C SER D 385 -76.97 74.50 -53.12
N GLN D 386 -77.12 74.98 -51.88
CA GLN D 386 -76.02 75.58 -51.14
C GLN D 386 -75.43 74.59 -50.15
N ALA D 387 -74.30 74.97 -49.59
CA ALA D 387 -73.63 74.18 -48.57
C ALA D 387 -73.96 74.74 -47.19
N VAL D 388 -73.42 74.10 -46.16
CA VAL D 388 -73.53 74.58 -44.80
C VAL D 388 -72.13 74.60 -44.20
N GLY D 389 -72.04 75.00 -42.93
CA GLY D 389 -70.76 75.02 -42.26
C GLY D 389 -70.18 73.64 -42.05
N ARG D 390 -71.03 72.66 -41.81
CA ARG D 390 -70.61 71.29 -41.54
C ARG D 390 -70.44 70.48 -42.81
N SER D 391 -70.64 71.09 -43.98
CA SER D 391 -70.32 70.42 -45.22
C SER D 391 -68.83 70.16 -45.30
N SER D 392 -68.46 68.93 -45.64
CA SER D 392 -67.06 68.54 -45.65
C SER D 392 -66.50 68.57 -47.06
N PHE D 393 -65.20 68.78 -47.14
CA PHE D 393 -64.45 68.67 -48.37
C PHE D 393 -63.28 67.74 -48.12
N TYR D 394 -63.01 66.85 -49.06
CA TYR D 394 -61.95 65.87 -48.92
C TYR D 394 -61.02 66.00 -50.13
N CYS D 395 -59.77 66.35 -49.86
CA CYS D 395 -58.72 66.20 -50.87
C CYS D 395 -58.20 64.77 -50.77
N LEU D 396 -58.29 64.04 -51.89
CA LEU D 396 -57.79 62.67 -51.88
C LEU D 396 -56.29 62.60 -52.06
N GLU D 397 -55.64 63.69 -52.46
CA GLU D 397 -54.19 63.77 -52.43
C GLU D 397 -53.65 63.93 -51.02
N TYR D 398 -54.52 64.19 -50.05
CA TYR D 398 -54.16 64.26 -48.65
C TYR D 398 -54.08 62.89 -47.99
N PHE D 399 -53.94 61.84 -48.79
CA PHE D 399 -53.76 60.47 -48.35
C PHE D 399 -52.41 59.96 -48.82
N PRO D 400 -51.81 59.01 -48.11
CA PRO D 400 -50.65 58.30 -48.66
C PRO D 400 -51.07 57.39 -49.80
N SER D 401 -50.45 57.58 -50.95
CA SER D 401 -50.73 56.78 -52.14
C SER D 401 -49.47 56.02 -52.53
N GLN D 402 -49.66 54.87 -53.14
CA GLN D 402 -48.57 54.17 -53.79
C GLN D 402 -48.51 54.61 -55.25
N MET D 403 -47.34 55.05 -55.68
CA MET D 403 -47.12 55.46 -57.06
C MET D 403 -46.56 54.28 -57.84
N LEU D 404 -47.22 53.94 -58.95
CA LEU D 404 -46.90 52.77 -59.73
C LEU D 404 -46.44 53.19 -61.11
N ARG D 405 -45.23 52.82 -61.47
CA ARG D 405 -44.78 52.91 -62.85
C ARG D 405 -45.12 51.60 -63.55
N THR D 406 -44.67 51.44 -64.79
CA THR D 406 -45.13 50.31 -65.59
C THR D 406 -44.63 48.97 -65.07
N GLY D 407 -43.65 48.94 -64.18
CA GLY D 407 -43.15 47.68 -63.66
C GLY D 407 -43.65 47.34 -62.28
N ASN D 408 -44.49 48.19 -61.69
CA ASN D 408 -44.96 48.01 -60.33
C ASN D 408 -46.36 47.41 -60.30
N ASN D 409 -46.69 46.80 -59.17
CA ASN D 409 -48.03 46.30 -58.91
C ASN D 409 -48.47 46.72 -57.52
N PHE D 410 -49.74 46.47 -57.25
CA PHE D 410 -50.39 46.90 -56.01
C PHE D 410 -51.19 45.71 -55.47
N THR D 411 -51.02 45.39 -54.19
CA THR D 411 -51.76 44.30 -53.58
C THR D 411 -52.44 44.78 -52.31
N PHE D 412 -53.53 44.11 -51.95
CA PHE D 412 -54.27 44.51 -50.76
C PHE D 412 -55.15 43.34 -50.32
N SER D 413 -55.08 43.00 -49.04
CA SER D 413 -55.89 41.92 -48.49
C SER D 413 -56.91 42.47 -47.52
N TYR D 414 -58.05 41.78 -47.42
CA TYR D 414 -59.12 42.22 -46.54
C TYR D 414 -59.85 41.00 -46.00
N THR D 415 -60.23 41.07 -44.74
CA THR D 415 -61.02 40.01 -44.10
C THR D 415 -62.39 40.55 -43.76
N PHE D 416 -63.43 39.82 -44.15
CA PHE D 416 -64.79 40.20 -43.81
C PHE D 416 -65.06 39.92 -42.34
N GLU D 417 -65.87 40.76 -41.73
CA GLU D 417 -66.39 40.49 -40.40
C GLU D 417 -67.37 39.33 -40.46
N GLU D 418 -67.65 38.76 -39.28
CA GLU D 418 -68.58 37.65 -39.19
C GLU D 418 -69.99 38.17 -39.44
N VAL D 419 -70.45 38.02 -40.68
CA VAL D 419 -71.77 38.43 -41.11
C VAL D 419 -72.64 37.17 -41.15
N PRO D 420 -73.94 37.26 -40.95
CA PRO D 420 -74.79 36.07 -41.10
C PRO D 420 -74.81 35.57 -42.54
N PHE D 421 -74.99 34.26 -42.68
CA PHE D 421 -75.17 33.67 -43.99
C PHE D 421 -76.39 34.25 -44.67
N HIS D 422 -76.26 34.57 -45.95
CA HIS D 422 -77.45 34.83 -46.75
C HIS D 422 -78.16 33.51 -47.00
N SER D 423 -79.49 33.58 -46.97
CA SER D 423 -80.38 32.44 -47.06
C SER D 423 -80.66 32.10 -48.51
N SER D 424 -80.06 31.02 -49.01
CA SER D 424 -80.32 30.54 -50.36
C SER D 424 -81.47 29.54 -50.39
N TYR D 425 -82.42 29.67 -49.47
CA TYR D 425 -83.53 28.73 -49.36
C TYR D 425 -84.84 29.49 -49.30
N ALA D 426 -85.89 28.80 -49.70
CA ALA D 426 -87.26 29.15 -49.38
C ALA D 426 -87.75 28.28 -48.23
N HIS D 427 -88.90 28.63 -47.69
CA HIS D 427 -89.51 27.86 -46.61
C HIS D 427 -90.58 26.94 -47.18
N SER D 428 -90.57 25.69 -46.71
CA SER D 428 -91.56 24.71 -47.12
C SER D 428 -92.87 24.86 -46.37
N GLN D 429 -92.91 25.67 -45.33
CA GLN D 429 -94.11 25.91 -44.56
C GLN D 429 -94.41 27.40 -44.53
N SER D 430 -95.67 27.73 -44.37
CA SER D 430 -96.09 29.11 -44.16
C SER D 430 -96.21 29.37 -42.66
N LEU D 431 -96.08 30.64 -42.29
CA LEU D 431 -96.06 30.99 -40.87
C LEU D 431 -97.40 30.76 -40.20
N ASP D 432 -98.49 30.90 -40.94
CA ASP D 432 -99.82 30.65 -40.40
C ASP D 432 -100.26 29.20 -40.57
N ARG D 433 -99.33 28.31 -40.90
CA ARG D 433 -99.63 26.90 -41.13
C ARG D 433 -98.59 26.03 -40.45
N LEU D 434 -98.24 26.35 -39.21
CA LEU D 434 -97.19 25.66 -38.49
C LEU D 434 -97.74 24.62 -37.52
N MET D 435 -99.03 24.35 -37.57
CA MET D 435 -99.70 23.49 -36.61
C MET D 435 -99.77 22.05 -37.13
N ASN D 436 -100.08 21.14 -36.21
CA ASN D 436 -100.47 19.80 -36.58
C ASN D 436 -101.88 19.84 -37.14
N PRO D 437 -102.09 19.40 -38.39
CA PRO D 437 -103.43 19.46 -38.99
C PRO D 437 -104.37 18.35 -38.54
N LEU D 438 -103.97 17.50 -37.60
CA LEU D 438 -104.81 16.41 -37.13
C LEU D 438 -105.30 16.59 -35.70
N ILE D 439 -104.57 17.33 -34.88
CA ILE D 439 -104.85 17.43 -33.46
C ILE D 439 -105.47 18.79 -33.18
N ASP D 440 -106.42 18.82 -32.24
CA ASP D 440 -106.99 20.07 -31.79
C ASP D 440 -106.05 20.76 -30.83
N GLN D 441 -106.41 21.98 -30.44
CA GLN D 441 -105.68 22.73 -29.43
C GLN D 441 -106.35 22.58 -28.08
N TYR D 442 -105.63 22.95 -27.03
CA TYR D 442 -106.23 23.08 -25.72
C TYR D 442 -106.59 24.51 -25.40
N LEU D 443 -106.44 25.42 -26.35
CA LEU D 443 -106.75 26.82 -26.17
C LEU D 443 -108.09 27.14 -26.84
N TYR D 444 -108.89 27.94 -26.17
CA TYR D 444 -110.19 28.34 -26.67
C TYR D 444 -110.14 29.78 -27.16
N TYR D 445 -111.07 30.10 -28.06
CA TYR D 445 -111.21 31.45 -28.58
C TYR D 445 -112.68 31.78 -28.63
N LEU D 446 -112.98 33.07 -28.59
CA LEU D 446 -114.36 33.52 -28.73
C LEU D 446 -114.79 33.33 -30.18
N ASN D 447 -115.80 32.49 -30.39
CA ASN D 447 -116.25 32.13 -31.73
C ASN D 447 -117.51 32.86 -32.16
N ARG D 448 -118.49 32.99 -31.27
CA ARG D 448 -119.73 33.66 -31.55
C ARG D 448 -120.04 34.65 -30.44
N THR D 449 -120.52 35.83 -30.81
CA THR D 449 -121.15 36.74 -29.86
C THR D 449 -122.65 36.85 -30.08
N GLN D 450 -123.22 35.98 -30.91
CA GLN D 450 -124.66 35.88 -31.11
C GLN D 450 -125.06 34.42 -31.05
N ASN D 451 -126.35 34.17 -30.86
CA ASN D 451 -126.85 32.81 -30.79
C ASN D 451 -126.72 32.12 -32.14
N GLN D 452 -126.27 30.87 -32.10
CA GLN D 452 -126.04 30.12 -33.33
C GLN D 452 -127.33 29.66 -33.99
N SER D 453 -128.40 29.45 -33.21
CA SER D 453 -129.63 28.89 -33.76
C SER D 453 -130.24 29.78 -34.83
N GLY D 454 -130.31 31.09 -34.58
CA GLY D 454 -130.82 32.03 -35.55
C GLY D 454 -132.31 32.29 -35.48
N SER D 455 -133.08 31.46 -34.78
CA SER D 455 -134.50 31.73 -34.62
C SER D 455 -134.73 33.04 -33.89
N ALA D 456 -133.95 33.29 -32.85
CA ALA D 456 -133.81 34.59 -32.23
C ALA D 456 -132.44 35.17 -32.58
N GLN D 457 -132.29 36.47 -32.33
CA GLN D 457 -131.06 37.19 -32.63
C GLN D 457 -130.39 37.70 -31.35
N ASN D 458 -130.33 36.85 -30.33
CA ASN D 458 -129.79 37.26 -29.04
C ASN D 458 -128.27 37.17 -29.03
N LYS D 459 -127.66 37.99 -28.18
CA LYS D 459 -126.23 37.95 -28.01
C LYS D 459 -125.84 36.75 -27.14
N ASP D 460 -124.54 36.45 -27.13
CA ASP D 460 -124.02 35.35 -26.32
C ASP D 460 -122.51 35.49 -26.24
N LEU D 461 -121.89 34.52 -25.58
CA LEU D 461 -120.43 34.40 -25.50
C LEU D 461 -120.12 32.92 -25.66
N LEU D 462 -119.90 32.50 -26.90
CA LEU D 462 -119.67 31.09 -27.22
C LEU D 462 -118.22 30.91 -27.62
N PHE D 463 -117.56 29.94 -27.01
CA PHE D 463 -116.14 29.71 -27.20
C PHE D 463 -115.91 28.37 -27.88
N SER D 464 -114.99 28.34 -28.83
CA SER D 464 -114.65 27.12 -29.54
C SER D 464 -113.20 26.76 -29.29
N ARG D 465 -112.89 25.50 -29.49
CA ARG D 465 -111.54 24.99 -29.37
C ARG D 465 -110.82 25.11 -30.71
N GLY D 466 -109.52 25.46 -30.64
CA GLY D 466 -108.71 25.52 -31.83
C GLY D 466 -108.63 24.17 -32.53
N SER D 467 -109.15 24.11 -33.74
CA SER D 467 -109.30 22.87 -34.48
C SER D 467 -108.73 23.02 -35.88
N PRO D 468 -108.36 21.90 -36.52
CA PRO D 468 -107.88 21.99 -37.91
C PRO D 468 -108.94 22.45 -38.90
N ALA D 469 -110.23 22.41 -38.53
CA ALA D 469 -111.25 22.95 -39.41
C ALA D 469 -111.07 24.45 -39.63
N GLY D 470 -110.94 25.20 -38.55
CA GLY D 470 -110.61 26.61 -38.66
C GLY D 470 -109.18 26.90 -38.25
N MET D 471 -108.30 27.05 -39.22
CA MET D 471 -106.89 27.31 -38.95
C MET D 471 -106.59 28.80 -38.86
N SER D 472 -107.48 29.64 -39.40
CA SER D 472 -107.28 31.08 -39.36
C SER D 472 -107.52 31.68 -37.99
N VAL D 473 -108.30 31.01 -37.14
CA VAL D 473 -108.67 31.53 -35.83
C VAL D 473 -107.91 30.86 -34.71
N GLN D 474 -107.03 29.92 -35.01
CA GLN D 474 -106.24 29.28 -33.99
C GLN D 474 -105.25 30.27 -33.38
N PRO D 475 -105.08 30.26 -32.06
CA PRO D 475 -103.97 31.01 -31.46
C PRO D 475 -102.63 30.55 -32.03
N LYS D 476 -101.74 31.51 -32.26
CA LYS D 476 -100.44 31.25 -32.85
C LYS D 476 -99.37 31.97 -32.05
N ASN D 477 -98.12 31.64 -32.34
CA ASN D 477 -97.00 32.11 -31.54
C ASN D 477 -96.23 33.25 -32.18
N TRP D 478 -96.36 33.47 -33.48
CA TRP D 478 -95.52 34.42 -34.20
C TRP D 478 -96.36 35.28 -35.12
N LEU D 479 -95.75 36.35 -35.60
CA LEU D 479 -96.37 37.32 -36.48
C LEU D 479 -95.55 37.51 -37.74
N PRO D 480 -96.17 37.86 -38.87
CA PRO D 480 -95.41 38.18 -40.07
C PRO D 480 -94.63 39.47 -39.90
N GLY D 481 -93.56 39.58 -40.69
CA GLY D 481 -92.67 40.71 -40.59
C GLY D 481 -93.32 42.05 -40.83
N PRO D 482 -92.55 43.12 -40.67
CA PRO D 482 -93.11 44.46 -40.84
C PRO D 482 -93.41 44.77 -42.28
N CYS D 483 -94.28 45.74 -42.49
CA CYS D 483 -94.70 46.10 -43.84
C CYS D 483 -94.74 47.61 -43.99
N TYR D 484 -94.61 48.07 -45.23
CA TYR D 484 -94.80 49.46 -45.60
C TYR D 484 -95.42 49.48 -47.00
N ARG D 485 -96.73 49.58 -47.06
CA ARG D 485 -97.47 49.24 -48.27
C ARG D 485 -97.02 50.06 -49.48
N GLN D 486 -96.94 49.40 -50.62
CA GLN D 486 -96.62 50.01 -51.90
C GLN D 486 -97.84 50.01 -52.80
N GLN D 487 -97.76 50.76 -53.88
CA GLN D 487 -98.84 50.81 -54.86
C GLN D 487 -98.69 49.66 -55.85
N ARG D 488 -99.83 49.10 -56.26
CA ARG D 488 -99.84 47.91 -57.09
C ARG D 488 -99.93 48.31 -58.55
N VAL D 489 -98.93 47.92 -59.32
CA VAL D 489 -98.88 48.21 -60.76
C VAL D 489 -98.96 46.90 -61.50
N SER D 490 -99.78 46.86 -62.54
CA SER D 490 -99.91 45.68 -63.38
C SER D 490 -98.92 45.72 -64.52
N LYS D 491 -98.28 44.58 -64.78
CA LYS D 491 -97.40 44.45 -65.94
C LYS D 491 -98.16 44.58 -67.25
N THR D 492 -99.47 44.35 -67.23
CA THR D 492 -100.35 44.62 -68.35
C THR D 492 -100.86 46.05 -68.23
N LYS D 493 -100.40 46.92 -69.12
CA LYS D 493 -100.60 48.36 -68.93
C LYS D 493 -102.06 48.79 -68.99
N THR D 494 -102.94 48.00 -69.62
CA THR D 494 -104.32 48.41 -69.75
C THR D 494 -105.08 48.39 -68.43
N ASP D 495 -104.61 47.62 -67.44
CA ASP D 495 -105.28 47.57 -66.15
C ASP D 495 -104.81 48.62 -65.18
N ASN D 496 -103.89 49.48 -65.57
CA ASN D 496 -103.40 50.53 -64.71
C ASN D 496 -104.21 51.80 -64.92
N ASN D 497 -104.27 52.62 -63.87
CA ASN D 497 -105.01 53.87 -63.92
C ASN D 497 -104.39 54.80 -64.97
N ASN D 498 -105.25 55.58 -65.62
CA ASN D 498 -104.79 56.52 -66.65
C ASN D 498 -104.31 57.82 -66.00
N SER D 499 -103.13 57.74 -65.40
CA SER D 499 -102.45 58.89 -64.84
C SER D 499 -101.00 58.49 -64.63
N ASN D 500 -100.18 59.47 -64.23
CA ASN D 500 -98.78 59.16 -64.01
C ASN D 500 -98.57 58.45 -62.67
N PHE D 501 -98.85 59.15 -61.57
CA PHE D 501 -98.93 58.59 -60.22
C PHE D 501 -97.69 57.79 -59.82
N THR D 502 -96.60 57.90 -60.58
CA THR D 502 -95.33 57.31 -60.15
C THR D 502 -94.65 58.14 -59.08
N TRP D 503 -95.01 59.38 -58.93
CA TRP D 503 -94.52 60.21 -57.84
C TRP D 503 -95.62 60.62 -56.86
N THR D 504 -96.80 60.95 -57.37
CA THR D 504 -97.87 61.37 -56.47
C THR D 504 -98.48 60.21 -55.70
N GLY D 505 -98.47 59.01 -56.26
CA GLY D 505 -99.11 57.88 -55.61
C GLY D 505 -98.13 56.88 -55.04
N ALA D 506 -96.92 57.31 -54.75
CA ALA D 506 -95.85 56.40 -54.36
C ALA D 506 -95.49 56.55 -52.89
N SER D 507 -95.04 55.44 -52.30
CA SER D 507 -94.56 55.44 -50.93
C SER D 507 -93.21 56.14 -50.87
N LYS D 508 -93.13 57.21 -50.09
CA LYS D 508 -91.90 57.97 -49.99
C LYS D 508 -91.73 58.44 -48.56
N TYR D 509 -90.51 58.81 -48.21
CA TYR D 509 -90.21 59.29 -46.87
C TYR D 509 -89.73 60.72 -46.91
N ASN D 510 -89.96 61.41 -45.80
CA ASN D 510 -89.62 62.82 -45.65
C ASN D 510 -88.35 62.93 -44.81
N LEU D 511 -87.37 63.66 -45.33
CA LEU D 511 -86.10 63.86 -44.62
C LEU D 511 -85.61 65.27 -44.88
N ASN D 512 -85.60 66.10 -43.84
CA ASN D 512 -85.13 67.48 -43.93
C ASN D 512 -85.92 68.27 -44.97
N GLY D 513 -87.21 67.95 -45.10
CA GLY D 513 -88.09 68.70 -45.96
C GLY D 513 -88.17 68.23 -47.39
N ARG D 514 -87.37 67.25 -47.80
CA ARG D 514 -87.42 66.75 -49.16
C ARG D 514 -87.73 65.27 -49.15
N GLU D 515 -88.58 64.86 -50.09
CA GLU D 515 -89.12 63.52 -50.14
C GLU D 515 -88.25 62.61 -51.00
N SER D 516 -88.20 61.33 -50.62
CA SER D 516 -87.40 60.35 -51.33
C SER D 516 -88.23 59.08 -51.45
N ILE D 517 -88.29 58.52 -52.66
CA ILE D 517 -88.99 57.26 -52.87
C ILE D 517 -88.31 56.18 -52.06
N ILE D 518 -89.10 55.28 -51.48
CA ILE D 518 -88.54 54.23 -50.64
C ILE D 518 -87.63 53.32 -51.46
N ASN D 519 -88.19 52.58 -52.42
CA ASN D 519 -87.43 51.91 -53.47
C ASN D 519 -86.18 51.17 -53.00
N PRO D 520 -86.30 49.93 -52.51
CA PRO D 520 -87.50 49.10 -52.46
C PRO D 520 -88.06 48.93 -51.05
N GLY D 521 -87.29 49.35 -50.05
CA GLY D 521 -87.80 49.35 -48.69
C GLY D 521 -87.90 47.95 -48.11
N THR D 522 -88.96 47.75 -47.33
CA THR D 522 -89.14 46.51 -46.59
C THR D 522 -89.19 45.31 -47.52
N ALA D 523 -88.61 44.21 -47.07
CA ALA D 523 -88.60 42.97 -47.85
C ALA D 523 -89.96 42.33 -47.75
N MET D 524 -90.77 42.46 -48.80
CA MET D 524 -92.11 41.92 -48.84
C MET D 524 -92.32 41.15 -50.12
N ALA D 525 -93.33 40.29 -50.11
CA ALA D 525 -93.69 39.53 -51.29
C ALA D 525 -94.20 40.47 -52.39
N SER D 526 -93.75 40.22 -53.62
CA SER D 526 -94.14 41.06 -54.74
C SER D 526 -95.64 40.98 -55.01
N HIS D 527 -96.23 39.80 -54.91
CA HIS D 527 -97.64 39.61 -55.20
C HIS D 527 -98.14 38.41 -54.42
N LYS D 528 -99.41 38.10 -54.58
CA LYS D 528 -100.02 36.92 -53.98
C LYS D 528 -99.90 35.74 -54.94
N ASP D 529 -100.59 34.65 -54.62
CA ASP D 529 -100.70 33.53 -55.52
C ASP D 529 -101.60 33.89 -56.69
N ASP D 530 -101.22 33.42 -57.89
CA ASP D 530 -102.01 33.63 -59.11
C ASP D 530 -102.16 35.11 -59.43
N GLU D 531 -101.16 35.91 -59.09
CA GLU D 531 -101.21 37.36 -59.30
C GLU D 531 -99.86 37.87 -59.80
N ASP D 532 -99.19 37.07 -60.63
CA ASP D 532 -97.87 37.44 -61.12
C ASP D 532 -97.88 38.67 -62.01
N LYS D 533 -99.04 39.10 -62.49
CA LYS D 533 -99.17 40.27 -63.33
C LYS D 533 -98.98 41.57 -62.58
N PHE D 534 -98.93 41.55 -61.25
CA PHE D 534 -98.81 42.74 -60.43
C PHE D 534 -97.45 42.78 -59.75
N PHE D 535 -96.91 43.99 -59.63
CA PHE D 535 -95.71 44.22 -58.85
C PHE D 535 -95.85 45.53 -58.10
N PRO D 536 -95.21 45.65 -56.93
CA PRO D 536 -95.21 46.95 -56.23
C PRO D 536 -94.48 48.00 -57.05
N MET D 537 -94.98 49.23 -56.97
CA MET D 537 -94.51 50.26 -57.88
C MET D 537 -93.02 50.54 -57.71
N SER D 538 -92.54 50.56 -56.47
CA SER D 538 -91.12 50.74 -56.20
C SER D 538 -90.66 49.75 -55.13
N GLY D 539 -91.09 48.51 -55.26
CA GLY D 539 -90.78 47.51 -54.26
C GLY D 539 -89.93 46.38 -54.79
N VAL D 540 -89.53 46.47 -56.05
CA VAL D 540 -88.81 45.38 -56.71
C VAL D 540 -87.53 45.94 -57.31
N MET D 541 -86.52 45.08 -57.37
CA MET D 541 -85.28 45.42 -58.07
C MET D 541 -85.47 45.18 -59.56
N ILE D 542 -85.23 46.21 -60.36
CA ILE D 542 -85.43 46.15 -61.80
C ILE D 542 -84.07 46.29 -62.46
N PHE D 543 -83.67 45.26 -63.20
CA PHE D 543 -82.43 45.29 -63.96
C PHE D 543 -82.76 45.54 -65.42
N GLY D 544 -81.94 46.36 -66.08
CA GLY D 544 -82.12 46.63 -67.49
C GLY D 544 -81.37 45.61 -68.33
N LYS D 545 -82.01 45.20 -69.42
CA LYS D 545 -81.32 44.37 -70.38
C LYS D 545 -80.39 45.25 -71.22
N GLU D 546 -79.48 44.60 -71.94
CA GLU D 546 -78.69 45.33 -72.91
C GLU D 546 -79.62 45.86 -73.99
N SER D 547 -79.26 47.04 -74.53
CA SER D 547 -80.16 47.81 -75.39
C SER D 547 -81.38 48.31 -74.64
N ALA D 548 -81.18 48.76 -73.41
CA ALA D 548 -82.19 49.48 -72.67
C ALA D 548 -81.73 50.93 -72.50
N GLY D 549 -82.62 51.86 -72.81
CA GLY D 549 -82.29 53.26 -72.71
C GLY D 549 -82.11 53.70 -71.28
N ALA D 550 -81.55 54.90 -71.13
CA ALA D 550 -81.35 55.45 -69.79
C ALA D 550 -82.65 55.96 -69.19
N SER D 551 -83.54 56.50 -70.02
CA SER D 551 -84.77 57.12 -69.54
C SER D 551 -85.96 56.63 -70.35
N ASN D 552 -87.05 56.32 -69.65
CA ASN D 552 -88.32 55.94 -70.26
C ASN D 552 -88.17 54.77 -71.23
N THR D 553 -87.38 53.78 -70.84
CA THR D 553 -87.29 52.56 -71.62
C THR D 553 -88.53 51.70 -71.38
N ALA D 554 -88.59 50.56 -72.06
CA ALA D 554 -89.79 49.75 -72.07
C ALA D 554 -89.72 48.57 -71.11
N LEU D 555 -90.91 48.11 -70.72
CA LEU D 555 -91.05 46.90 -69.92
C LEU D 555 -90.37 45.73 -70.61
N ASP D 556 -90.33 45.74 -71.93
CA ASP D 556 -89.62 44.70 -72.67
C ASP D 556 -88.12 44.83 -72.49
N ASN D 557 -87.63 46.03 -72.21
CA ASN D 557 -86.20 46.25 -72.05
C ASN D 557 -85.74 46.12 -70.61
N VAL D 558 -86.65 46.05 -69.64
CA VAL D 558 -86.25 45.85 -68.26
C VAL D 558 -86.63 44.45 -67.80
N MET D 559 -85.94 43.97 -66.76
CA MET D 559 -86.23 42.70 -66.10
C MET D 559 -86.65 42.99 -64.66
N ILE D 560 -87.89 42.70 -64.34
CA ILE D 560 -88.44 42.92 -63.01
C ILE D 560 -88.25 41.66 -62.18
N THR D 561 -87.67 41.80 -61.00
CA THR D 561 -87.48 40.65 -60.13
C THR D 561 -88.78 40.31 -59.41
N ASP D 562 -88.78 39.14 -58.79
CA ASP D 562 -89.93 38.66 -58.03
C ASP D 562 -89.45 38.17 -56.67
N GLU D 563 -90.23 38.46 -55.64
CA GLU D 563 -89.95 38.00 -54.29
C GLU D 563 -91.02 37.01 -53.83
N GLU D 564 -91.35 36.07 -54.70
CA GLU D 564 -92.47 35.18 -54.44
C GLU D 564 -92.15 34.13 -53.39
N GLU D 565 -90.86 33.92 -53.10
CA GLU D 565 -90.48 32.84 -52.19
C GLU D 565 -90.65 33.20 -50.73
N ILE D 566 -90.81 34.48 -50.40
CA ILE D 566 -90.90 34.89 -49.02
C ILE D 566 -92.33 35.21 -48.61
N LYS D 567 -93.31 34.69 -49.36
CA LYS D 567 -94.70 34.78 -48.94
C LYS D 567 -94.97 33.99 -47.66
N ALA D 568 -94.10 33.06 -47.31
CA ALA D 568 -94.32 32.22 -46.15
C ALA D 568 -94.22 33.01 -44.85
N THR D 569 -93.43 34.07 -44.83
CA THR D 569 -93.20 34.84 -43.61
C THR D 569 -93.41 36.34 -43.76
N ASN D 570 -93.41 36.88 -44.97
CA ASN D 570 -93.47 38.31 -45.18
C ASN D 570 -94.81 38.71 -45.77
N PRO D 571 -95.33 39.88 -45.39
CA PRO D 571 -96.56 40.37 -46.00
C PRO D 571 -96.35 40.70 -47.47
N VAL D 572 -97.44 40.65 -48.24
CA VAL D 572 -97.39 41.04 -49.63
C VAL D 572 -97.24 42.55 -49.71
N ALA D 573 -96.34 43.00 -50.60
CA ALA D 573 -95.93 44.41 -50.62
C ALA D 573 -97.08 45.36 -50.94
N THR D 574 -98.07 44.91 -51.70
CA THR D 574 -99.12 45.80 -52.17
C THR D 574 -100.39 45.74 -51.33
N GLU D 575 -100.39 44.98 -50.25
CA GLU D 575 -101.57 44.84 -49.41
C GLU D 575 -101.25 45.19 -47.96
N ARG D 576 -102.32 45.42 -47.20
CA ARG D 576 -102.18 45.86 -45.83
C ARG D 576 -101.56 44.76 -44.98
N PHE D 577 -100.93 45.18 -43.88
CA PHE D 577 -100.47 44.20 -42.90
C PHE D 577 -101.65 43.46 -42.29
N GLY D 578 -102.73 44.18 -42.02
CA GLY D 578 -103.90 43.57 -41.42
C GLY D 578 -104.87 44.65 -40.98
N THR D 579 -105.80 44.25 -40.13
CA THR D 579 -106.78 45.16 -39.57
C THR D 579 -106.56 45.28 -38.07
N VAL D 580 -107.06 46.39 -37.52
CA VAL D 580 -106.92 46.69 -36.10
C VAL D 580 -108.24 47.28 -35.62
N ALA D 581 -108.60 46.98 -34.38
CA ALA D 581 -109.77 47.60 -33.78
C ALA D 581 -109.51 49.08 -33.55
N VAL D 582 -110.52 49.90 -33.78
CA VAL D 582 -110.35 51.35 -33.69
C VAL D 582 -111.37 52.01 -32.78
N ASN D 583 -112.23 51.25 -32.11
CA ASN D 583 -113.23 51.84 -31.23
C ASN D 583 -113.60 50.83 -30.15
N PHE D 584 -114.59 51.16 -29.34
CA PHE D 584 -115.17 50.27 -28.35
C PHE D 584 -116.56 49.88 -28.82
N GLN D 585 -116.79 48.58 -29.01
CA GLN D 585 -118.12 48.11 -29.32
C GLN D 585 -118.96 48.09 -28.05
N SER D 586 -120.25 48.40 -28.21
CA SER D 586 -121.16 48.42 -27.06
C SER D 586 -122.58 48.25 -27.57
N SER D 587 -123.47 47.90 -26.65
CA SER D 587 -124.89 47.78 -26.95
C SER D 587 -125.63 49.04 -26.53
N SER D 588 -126.83 49.20 -27.05
CA SER D 588 -127.66 50.33 -26.70
C SER D 588 -128.15 50.20 -25.26
N THR D 589 -128.31 51.36 -24.60
CA THR D 589 -128.77 51.39 -23.22
C THR D 589 -129.77 52.52 -23.01
N VAL D 592 -127.45 54.97 -22.16
CA VAL D 592 -126.74 55.47 -23.33
C VAL D 592 -127.30 54.82 -24.59
N PRO D 593 -128.40 55.36 -25.11
CA PRO D 593 -129.06 54.72 -26.26
C PRO D 593 -128.37 55.02 -27.58
N PHE D 594 -127.04 54.94 -27.60
CA PHE D 594 -126.25 55.13 -28.81
C PHE D 594 -125.39 53.87 -28.98
N LYS D 595 -125.95 52.88 -29.67
CA LYS D 595 -125.24 51.64 -29.94
C LYS D 595 -124.01 51.90 -30.79
N THR D 596 -122.89 51.27 -30.43
CA THR D 596 -121.63 51.42 -31.15
C THR D 596 -121.24 50.09 -31.77
N ASP D 597 -121.29 50.03 -33.10
CA ASP D 597 -120.81 48.85 -33.79
C ASP D 597 -119.29 48.78 -33.73
N PRO D 598 -118.72 47.58 -33.63
CA PRO D 598 -117.26 47.45 -33.70
C PRO D 598 -116.74 47.92 -35.05
N ALA D 599 -115.57 48.55 -35.02
CA ALA D 599 -114.97 49.12 -36.21
C ALA D 599 -113.51 48.74 -36.31
N THR D 600 -113.08 48.38 -37.50
CA THR D 600 -111.69 48.03 -37.78
C THR D 600 -111.14 48.97 -38.85
N GLY D 601 -109.83 49.15 -38.82
CA GLY D 601 -109.14 49.91 -39.83
C GLY D 601 -107.96 49.15 -40.36
N ASP D 602 -107.65 49.39 -41.62
CA ASP D 602 -106.54 48.72 -42.27
C ASP D 602 -105.22 49.30 -41.80
N VAL D 603 -104.25 48.42 -41.58
CA VAL D 603 -102.93 48.79 -41.12
C VAL D 603 -102.00 48.71 -42.33
N HIS D 604 -101.56 49.86 -42.82
CA HIS D 604 -100.80 49.92 -44.06
C HIS D 604 -99.30 49.93 -43.83
N ALA D 605 -98.85 50.57 -42.75
CA ALA D 605 -97.45 50.56 -42.35
C ALA D 605 -97.37 50.03 -40.93
N MET D 606 -96.63 48.94 -40.74
CA MET D 606 -96.50 48.30 -39.44
C MET D 606 -95.02 48.20 -39.11
N GLY D 607 -94.63 48.78 -37.98
CA GLY D 607 -93.28 48.64 -37.48
C GLY D 607 -93.10 47.33 -36.76
N ALA D 608 -91.89 47.11 -36.27
CA ALA D 608 -91.54 45.83 -35.66
C ALA D 608 -92.29 45.64 -34.35
N LEU D 609 -93.01 44.53 -34.25
CA LEU D 609 -93.65 44.05 -33.05
C LEU D 609 -92.90 42.82 -32.53
N PRO D 610 -92.84 42.62 -31.22
CA PRO D 610 -92.23 41.38 -30.71
C PRO D 610 -93.02 40.17 -31.17
N GLY D 611 -92.29 39.11 -31.51
CA GLY D 611 -92.86 37.95 -32.12
C GLY D 611 -92.84 37.96 -33.63
N MET D 612 -92.44 39.06 -34.25
CA MET D 612 -92.37 39.15 -35.70
C MET D 612 -91.18 38.37 -36.24
N VAL D 613 -91.40 37.69 -37.36
CA VAL D 613 -90.33 36.99 -38.07
C VAL D 613 -90.45 37.34 -39.55
N TRP D 614 -89.31 37.44 -40.22
CA TRP D 614 -89.30 37.83 -41.62
C TRP D 614 -88.05 37.30 -42.30
N GLN D 615 -88.09 37.31 -43.62
CA GLN D 615 -86.92 37.05 -44.45
C GLN D 615 -86.45 38.34 -45.09
N ASP D 616 -85.16 38.40 -45.37
CA ASP D 616 -84.57 39.55 -46.04
C ASP D 616 -84.76 39.43 -47.54
N ARG D 617 -84.41 40.48 -48.27
CA ARG D 617 -84.48 40.45 -49.72
C ARG D 617 -83.47 39.47 -50.29
N ASP D 618 -83.81 38.90 -51.43
CA ASP D 618 -82.92 37.98 -52.12
C ASP D 618 -81.78 38.73 -52.79
N VAL D 619 -80.67 38.03 -53.00
CA VAL D 619 -79.57 38.55 -53.78
C VAL D 619 -79.63 37.91 -55.16
N TYR D 620 -79.09 38.62 -56.15
CA TYR D 620 -79.14 38.19 -57.53
C TYR D 620 -77.73 38.20 -58.11
N LEU D 621 -77.55 37.44 -59.18
CA LEU D 621 -76.26 37.41 -59.84
C LEU D 621 -75.86 38.79 -60.36
N GLN D 622 -76.84 39.60 -60.76
CA GLN D 622 -76.59 40.95 -61.24
C GLN D 622 -76.65 41.99 -60.14
N GLY D 623 -76.91 41.59 -58.90
CA GLY D 623 -77.16 42.54 -57.84
C GLY D 623 -75.96 42.80 -56.95
N PRO D 624 -76.11 43.74 -56.02
CA PRO D 624 -75.01 44.09 -55.12
C PRO D 624 -74.71 43.00 -54.10
N ILE D 625 -73.48 42.98 -53.64
CA ILE D 625 -73.04 42.01 -52.63
C ILE D 625 -73.18 42.58 -51.23
N TRP D 626 -72.62 43.76 -50.97
CA TRP D 626 -72.56 44.31 -49.64
C TRP D 626 -72.96 45.77 -49.65
N ALA D 627 -73.06 46.33 -48.45
CA ALA D 627 -73.26 47.75 -48.26
C ALA D 627 -72.66 48.14 -46.92
N LYS D 628 -72.08 49.33 -46.85
CA LYS D 628 -71.61 49.86 -45.58
C LYS D 628 -72.78 50.27 -44.71
N ILE D 629 -72.81 49.78 -43.48
CA ILE D 629 -73.82 50.21 -42.52
C ILE D 629 -73.46 51.61 -42.03
N PRO D 630 -74.38 52.58 -42.10
CA PRO D 630 -74.05 53.93 -41.66
C PRO D 630 -73.61 53.97 -40.21
N HIS D 631 -72.61 54.80 -39.93
CA HIS D 631 -72.09 54.94 -38.57
C HIS D 631 -73.02 55.87 -37.80
N THR D 632 -74.05 55.27 -37.21
CA THR D 632 -75.07 55.97 -36.46
C THR D 632 -75.15 55.38 -35.05
N ASP D 633 -75.87 56.09 -34.19
CA ASP D 633 -76.08 55.60 -32.83
C ASP D 633 -76.93 54.33 -32.83
N GLY D 634 -77.98 54.29 -33.63
CA GLY D 634 -78.86 53.14 -33.66
C GLY D 634 -79.17 52.73 -35.08
N HIS D 635 -79.43 51.44 -35.23
CA HIS D 635 -79.92 50.87 -36.47
C HIS D 635 -80.63 49.58 -36.14
N PHE D 636 -81.71 49.30 -36.85
CA PHE D 636 -82.51 48.12 -36.61
C PHE D 636 -82.32 47.16 -37.77
N HIS D 637 -81.78 45.97 -37.48
CA HIS D 637 -81.56 44.90 -38.44
C HIS D 637 -80.80 45.43 -39.66
N PRO D 638 -79.53 45.75 -39.51
CA PRO D 638 -78.80 46.52 -40.55
C PRO D 638 -78.45 45.67 -41.77
N SER D 639 -79.49 45.11 -42.40
CA SER D 639 -79.36 44.42 -43.65
C SER D 639 -79.79 45.35 -44.78
N PRO D 640 -78.96 45.54 -45.81
CA PRO D 640 -79.27 46.53 -46.84
C PRO D 640 -80.60 46.21 -47.53
N LEU D 641 -81.34 47.26 -47.87
CA LEU D 641 -82.67 47.06 -48.41
C LEU D 641 -82.63 46.61 -49.87
N MET D 642 -81.53 46.87 -50.57
CA MET D 642 -81.36 46.30 -51.90
C MET D 642 -80.98 44.83 -51.86
N GLY D 643 -80.61 44.32 -50.71
CA GLY D 643 -80.17 42.94 -50.59
C GLY D 643 -78.66 42.86 -50.44
N GLY D 644 -78.22 41.84 -49.72
CA GLY D 644 -76.81 41.64 -49.53
C GLY D 644 -76.39 41.64 -48.07
N PHE D 645 -75.11 41.87 -47.83
CA PHE D 645 -74.53 41.84 -46.50
C PHE D 645 -74.25 43.27 -46.06
N GLY D 646 -74.79 43.65 -44.91
CA GLY D 646 -74.45 44.92 -44.32
C GLY D 646 -73.21 44.77 -43.47
N LEU D 647 -72.17 45.53 -43.79
CA LEU D 647 -70.89 45.43 -43.08
C LEU D 647 -70.57 46.76 -42.42
N LYS D 648 -70.17 46.72 -41.16
CA LYS D 648 -69.71 47.94 -40.50
C LYS D 648 -68.39 48.41 -41.09
N ASN D 649 -67.47 47.49 -41.35
CA ASN D 649 -66.23 47.77 -42.06
C ASN D 649 -66.28 47.00 -43.38
N PRO D 650 -66.86 47.57 -44.43
CA PRO D 650 -66.95 46.86 -45.70
C PRO D 650 -65.60 46.83 -46.39
N PRO D 651 -65.47 46.16 -47.52
CA PRO D 651 -64.26 46.27 -48.31
C PRO D 651 -63.99 47.72 -48.67
N PRO D 652 -62.79 48.22 -48.39
CA PRO D 652 -62.52 49.64 -48.60
C PRO D 652 -62.46 50.00 -50.07
N GLN D 653 -62.64 51.29 -50.32
CA GLN D 653 -62.56 51.80 -51.68
C GLN D 653 -61.11 51.88 -52.12
N ILE D 654 -60.84 51.36 -53.31
CA ILE D 654 -59.55 51.49 -53.96
C ILE D 654 -59.65 52.63 -54.97
N LEU D 655 -58.86 53.67 -54.77
CA LEU D 655 -58.91 54.87 -55.57
C LEU D 655 -57.63 55.00 -56.37
N ILE D 656 -57.78 55.32 -57.64
CA ILE D 656 -56.68 55.30 -58.59
C ILE D 656 -56.78 56.54 -59.47
N LYS D 657 -55.65 57.14 -59.79
CA LYS D 657 -55.66 58.21 -60.76
C LYS D 657 -54.31 58.28 -61.45
N ASN D 658 -54.30 58.93 -62.61
CA ASN D 658 -53.05 59.17 -63.32
C ASN D 658 -52.35 60.37 -62.71
N THR D 659 -51.07 60.24 -62.40
CA THR D 659 -50.33 61.39 -61.91
C THR D 659 -50.21 62.43 -63.02
N PRO D 660 -50.57 63.69 -62.77
CA PRO D 660 -50.48 64.69 -63.84
C PRO D 660 -49.05 64.90 -64.31
N VAL D 661 -48.88 65.01 -65.62
CA VAL D 661 -47.60 65.33 -66.23
C VAL D 661 -47.74 66.69 -66.89
N PRO D 662 -47.10 67.73 -66.37
CA PRO D 662 -47.24 69.06 -66.96
C PRO D 662 -46.62 69.13 -68.34
N ALA D 663 -47.18 70.00 -69.17
CA ALA D 663 -46.60 70.30 -70.47
C ALA D 663 -45.43 71.27 -70.30
N ASN D 664 -44.96 71.83 -71.40
CA ASN D 664 -43.79 72.69 -71.37
C ASN D 664 -44.06 73.95 -70.56
N PRO D 665 -43.30 74.22 -69.50
CA PRO D 665 -43.52 75.43 -68.72
C PRO D 665 -42.94 76.64 -69.42
N PRO D 666 -43.36 77.85 -69.03
CA PRO D 666 -42.80 79.05 -69.64
C PRO D 666 -41.34 79.25 -69.25
N ALA D 667 -40.65 80.06 -70.05
CA ALA D 667 -39.25 80.37 -69.77
C ALA D 667 -39.10 81.18 -68.49
N GLU D 668 -39.99 82.13 -68.25
CA GLU D 668 -40.02 82.92 -67.03
C GLU D 668 -40.97 82.29 -66.02
N PHE D 669 -40.67 82.51 -64.75
CA PHE D 669 -41.45 81.91 -63.67
C PHE D 669 -42.83 82.55 -63.57
N SER D 670 -43.84 81.73 -63.34
CA SER D 670 -45.20 82.18 -63.10
C SER D 670 -45.76 81.41 -61.91
N ALA D 671 -46.31 82.12 -60.94
CA ALA D 671 -46.88 81.47 -59.78
C ALA D 671 -48.28 80.92 -60.02
N THR D 672 -48.90 81.29 -61.14
CA THR D 672 -50.18 80.71 -61.49
C THR D 672 -50.06 79.20 -61.63
N LYS D 673 -51.00 78.47 -61.04
CA LYS D 673 -50.91 77.02 -61.04
C LYS D 673 -51.02 76.49 -62.46
N PHE D 674 -50.39 75.34 -62.67
CA PHE D 674 -50.32 74.74 -64.00
C PHE D 674 -51.71 74.35 -64.47
N ALA D 675 -52.00 74.66 -65.74
CA ALA D 675 -53.25 74.26 -66.36
C ALA D 675 -53.03 73.47 -67.64
N SER D 676 -51.81 73.45 -68.16
CA SER D 676 -51.46 72.73 -69.38
C SER D 676 -50.80 71.43 -68.99
N PHE D 677 -51.43 70.31 -69.33
CA PHE D 677 -50.93 68.99 -68.97
C PHE D 677 -50.80 68.13 -70.22
N ILE D 678 -49.91 67.17 -70.14
CA ILE D 678 -49.76 66.16 -71.18
C ILE D 678 -50.93 65.19 -71.06
N THR D 679 -51.66 65.02 -72.14
CA THR D 679 -52.88 64.21 -72.12
C THR D 679 -52.52 62.74 -72.12
N GLN D 680 -52.98 62.02 -71.12
CA GLN D 680 -52.65 60.60 -71.04
C GLN D 680 -53.72 59.83 -70.28
N TYR D 681 -53.71 58.53 -70.50
CA TYR D 681 -54.58 57.61 -69.78
C TYR D 681 -53.74 56.42 -69.37
N SER D 682 -54.35 55.48 -68.67
CA SER D 682 -53.64 54.26 -68.29
C SER D 682 -54.55 53.05 -68.47
N THR D 683 -53.91 51.90 -68.62
CA THR D 683 -54.62 50.64 -68.77
C THR D 683 -53.90 49.61 -67.92
N GLY D 684 -54.61 48.54 -67.60
CA GLY D 684 -53.97 47.51 -66.80
C GLY D 684 -54.92 46.37 -66.52
N GLN D 685 -54.49 45.49 -65.63
CA GLN D 685 -55.26 44.33 -65.22
C GLN D 685 -55.53 44.40 -63.73
N VAL D 686 -56.72 43.98 -63.35
CA VAL D 686 -57.15 43.96 -61.95
C VAL D 686 -57.65 42.56 -61.63
N SER D 687 -57.21 42.02 -60.50
CA SER D 687 -57.63 40.72 -60.02
C SER D 687 -58.30 40.87 -58.67
N VAL D 688 -59.45 40.22 -58.50
CA VAL D 688 -60.13 40.14 -57.22
C VAL D 688 -60.40 38.68 -56.92
N GLU D 689 -59.99 38.22 -55.75
CA GLU D 689 -60.22 36.85 -55.30
C GLU D 689 -61.00 36.90 -54.00
N ILE D 690 -62.18 36.29 -53.97
CA ILE D 690 -62.99 36.22 -52.76
C ILE D 690 -63.16 34.77 -52.36
N GLU D 691 -62.85 34.47 -51.10
CA GLU D 691 -63.22 33.23 -50.46
C GLU D 691 -64.58 33.41 -49.80
N TRP D 692 -65.50 32.50 -50.09
CA TRP D 692 -66.84 32.46 -49.54
C TRP D 692 -67.03 31.17 -48.75
N GLU D 693 -67.64 31.31 -47.58
CA GLU D 693 -68.05 30.17 -46.77
C GLU D 693 -69.46 29.75 -47.16
N LEU D 694 -69.63 28.44 -47.33
CA LEU D 694 -70.89 27.83 -47.72
C LEU D 694 -71.57 27.18 -46.52
N GLN D 695 -72.88 27.11 -46.59
CA GLN D 695 -73.70 26.44 -45.59
C GLN D 695 -74.53 25.44 -46.36
N LYS D 696 -74.14 24.16 -46.25
CA LYS D 696 -74.71 23.08 -47.03
C LYS D 696 -76.12 22.74 -46.57
N GLU D 697 -76.93 22.28 -47.51
CA GLU D 697 -78.23 21.75 -47.16
C GLU D 697 -78.08 20.46 -46.38
N ASN D 698 -78.99 20.23 -45.43
CA ASN D 698 -79.04 19.00 -44.66
C ASN D 698 -80.45 18.43 -44.66
N SER D 699 -81.13 18.52 -45.80
CA SER D 699 -82.56 18.30 -45.85
C SER D 699 -82.91 16.82 -45.82
N LYS D 700 -84.06 16.52 -45.21
CA LYS D 700 -84.63 15.19 -45.21
C LYS D 700 -85.84 15.10 -46.11
N ARG D 701 -86.04 16.08 -46.97
CA ARG D 701 -87.16 16.11 -47.90
C ARG D 701 -87.09 14.93 -48.85
N TRP D 702 -88.23 14.32 -49.13
CA TRP D 702 -88.27 13.13 -49.96
C TRP D 702 -88.38 13.45 -51.44
N ASN D 703 -89.34 14.29 -51.82
CA ASN D 703 -89.54 14.63 -53.21
C ASN D 703 -88.43 15.54 -53.72
N PRO D 704 -88.20 15.56 -55.03
CA PRO D 704 -87.13 16.41 -55.57
C PRO D 704 -87.41 17.89 -55.38
N GLU D 705 -86.32 18.65 -55.26
CA GLU D 705 -86.38 20.09 -55.05
C GLU D 705 -86.53 20.83 -56.37
N VAL D 706 -86.94 22.09 -56.27
CA VAL D 706 -86.91 23.00 -57.40
C VAL D 706 -85.48 23.49 -57.58
N GLN D 707 -84.97 23.41 -58.80
CA GLN D 707 -83.63 23.84 -59.12
C GLN D 707 -83.67 24.88 -60.22
N TYR D 708 -82.68 25.75 -60.26
CA TYR D 708 -82.51 26.62 -61.40
C TYR D 708 -81.89 25.81 -62.53
N THR D 709 -82.53 25.85 -63.70
CA THR D 709 -82.07 25.04 -64.81
C THR D 709 -82.10 25.87 -66.09
N SER D 710 -81.23 25.48 -67.02
CA SER D 710 -81.34 25.95 -68.39
C SER D 710 -82.52 25.28 -69.08
N ASN D 711 -83.15 26.01 -69.98
CA ASN D 711 -84.23 25.44 -70.76
C ASN D 711 -83.65 24.59 -71.88
N TYR D 712 -84.13 23.36 -72.01
CA TYR D 712 -83.74 22.48 -73.11
C TYR D 712 -84.73 22.73 -74.23
N ALA D 713 -84.26 23.33 -75.32
CA ALA D 713 -85.09 23.60 -76.47
C ALA D 713 -84.22 24.22 -77.55
N LYS D 714 -84.57 23.98 -78.80
CA LYS D 714 -83.88 24.66 -79.88
C LYS D 714 -84.14 26.15 -79.77
N SER D 715 -83.07 26.92 -79.61
CA SER D 715 -83.15 28.36 -79.50
C SER D 715 -82.11 28.98 -80.41
N ALA D 716 -82.38 30.19 -80.87
CA ALA D 716 -81.45 30.87 -81.77
C ALA D 716 -80.13 31.16 -81.06
N ASN D 717 -80.17 31.38 -79.75
CA ASN D 717 -78.99 31.66 -78.95
C ASN D 717 -78.99 30.79 -77.71
N VAL D 718 -77.84 30.72 -77.07
CA VAL D 718 -77.71 30.10 -75.76
C VAL D 718 -77.76 31.19 -74.71
N ASP D 719 -78.44 30.92 -73.60
CA ASP D 719 -78.57 31.90 -72.53
C ASP D 719 -77.22 32.15 -71.87
N PHE D 720 -77.00 33.40 -71.47
CA PHE D 720 -75.77 33.82 -70.81
C PHE D 720 -74.54 33.58 -71.69
N THR D 721 -74.66 33.95 -72.96
CA THR D 721 -73.56 33.83 -73.90
C THR D 721 -73.44 35.10 -74.72
N VAL D 722 -72.60 35.07 -75.74
CA VAL D 722 -72.45 36.17 -76.67
C VAL D 722 -73.31 35.89 -77.88
N ASP D 723 -73.66 36.94 -78.62
CA ASP D 723 -74.38 36.78 -79.87
C ASP D 723 -73.38 36.81 -81.03
N ASN D 724 -73.88 36.86 -82.26
CA ASN D 724 -73.00 36.92 -83.41
C ASN D 724 -72.23 38.23 -83.50
N ASN D 725 -72.66 39.26 -82.78
CA ASN D 725 -71.94 40.52 -82.74
C ASN D 725 -70.93 40.61 -81.61
N GLY D 726 -70.88 39.61 -80.73
CA GLY D 726 -69.95 39.61 -79.64
C GLY D 726 -70.44 40.23 -78.36
N LEU D 727 -71.74 40.45 -78.23
CA LEU D 727 -72.30 41.15 -77.08
C LEU D 727 -72.79 40.14 -76.05
N TYR D 728 -72.20 40.16 -74.87
CA TYR D 728 -72.64 39.30 -73.78
C TYR D 728 -73.92 39.84 -73.18
N THR D 729 -74.91 38.97 -73.00
CA THR D 729 -76.20 39.34 -72.45
C THR D 729 -76.60 38.35 -71.37
N GLU D 730 -77.35 38.84 -70.39
CA GLU D 730 -77.94 37.99 -69.36
C GLU D 730 -79.45 38.00 -69.53
N PRO D 731 -80.07 36.89 -69.94
CA PRO D 731 -81.50 36.91 -70.28
C PRO D 731 -82.44 37.23 -69.11
N ARG D 732 -82.08 36.83 -67.91
CA ARG D 732 -82.99 36.96 -66.78
C ARG D 732 -82.17 37.16 -65.51
N PRO D 733 -82.77 37.74 -64.47
CA PRO D 733 -82.11 37.78 -63.16
C PRO D 733 -82.34 36.48 -62.42
N ILE D 734 -81.27 35.94 -61.82
CA ILE D 734 -81.33 34.68 -61.09
C ILE D 734 -81.17 34.99 -59.61
N GLY D 735 -82.15 34.55 -58.82
CA GLY D 735 -82.06 34.65 -57.37
C GLY D 735 -81.32 33.47 -56.77
N THR D 736 -81.55 33.27 -55.48
CA THR D 736 -80.85 32.23 -54.74
C THR D 736 -81.78 31.18 -54.14
N ARG D 737 -83.05 31.50 -53.94
CA ARG D 737 -83.94 30.69 -53.11
C ARG D 737 -84.57 29.60 -53.96
N TYR D 738 -83.91 28.45 -54.05
CA TYR D 738 -84.44 27.32 -54.81
C TYR D 738 -84.63 26.11 -53.90
N LEU D 739 -83.62 25.78 -53.12
CA LEU D 739 -83.77 24.76 -52.09
C LEU D 739 -84.76 25.24 -51.05
N THR D 740 -85.30 24.30 -50.28
CA THR D 740 -86.27 24.65 -49.24
C THR D 740 -85.83 24.08 -47.91
N ARG D 741 -86.41 24.63 -46.84
CA ARG D 741 -86.22 24.10 -45.51
C ARG D 741 -87.48 24.39 -44.70
N PRO D 742 -87.77 23.60 -43.68
CA PRO D 742 -88.98 23.84 -42.88
C PRO D 742 -88.85 25.11 -42.06
N LEU D 743 -89.99 25.76 -41.87
CA LEU D 743 -90.02 27.05 -41.20
C LEU D 743 -89.81 26.92 -39.68
N ASP E 219 -33.16 53.38 -60.02
CA ASP E 219 -33.62 52.01 -59.84
C ASP E 219 -34.31 51.46 -61.09
N GLY E 220 -34.30 52.25 -62.16
CA GLY E 220 -34.80 51.81 -63.45
C GLY E 220 -35.83 52.76 -64.02
N VAL E 221 -36.08 52.58 -65.31
CA VAL E 221 -37.07 53.38 -66.02
C VAL E 221 -38.48 53.03 -65.58
N GLY E 222 -38.78 51.76 -65.39
CA GLY E 222 -40.14 51.34 -65.13
C GLY E 222 -40.46 51.09 -63.67
N ASN E 223 -39.65 51.62 -62.77
CA ASN E 223 -39.83 51.44 -61.34
C ASN E 223 -39.90 52.83 -60.70
N ALA E 224 -40.97 53.07 -59.95
CA ALA E 224 -41.12 54.35 -59.27
C ALA E 224 -40.14 54.47 -58.12
N SER E 225 -39.55 55.65 -57.97
CA SER E 225 -38.54 55.87 -56.94
C SER E 225 -39.12 56.48 -55.66
N GLY E 226 -40.43 56.63 -55.56
CA GLY E 226 -41.02 57.09 -54.33
C GLY E 226 -42.52 57.02 -54.41
N ASN E 227 -43.15 57.20 -53.26
CA ASN E 227 -44.59 57.15 -53.13
C ASN E 227 -45.12 58.50 -52.69
N TRP E 228 -46.43 58.67 -52.81
CA TRP E 228 -47.10 59.89 -52.39
C TRP E 228 -47.32 59.84 -50.89
N HIS E 229 -46.64 60.70 -50.16
CA HIS E 229 -46.76 60.77 -48.71
C HIS E 229 -47.29 62.16 -48.34
N CYS E 230 -48.60 62.26 -48.22
CA CYS E 230 -49.25 63.49 -47.81
C CYS E 230 -50.21 63.15 -46.66
N ASP E 231 -49.85 63.57 -45.46
CA ASP E 231 -50.55 63.09 -44.26
C ASP E 231 -50.28 64.07 -43.13
N SER E 232 -50.88 63.80 -41.98
CA SER E 232 -50.61 64.55 -40.77
C SER E 232 -50.92 63.65 -39.59
N THR E 233 -49.91 63.37 -38.77
CA THR E 233 -50.04 62.48 -37.63
C THR E 233 -49.89 63.30 -36.36
N TRP E 234 -50.86 63.18 -35.46
CA TRP E 234 -50.86 63.91 -34.21
C TRP E 234 -50.53 62.95 -33.07
N LEU E 235 -49.36 63.12 -32.48
CA LEU E 235 -48.98 62.39 -31.29
C LEU E 235 -49.34 63.25 -30.08
N GLY E 236 -48.88 62.86 -28.90
CA GLY E 236 -49.23 63.61 -27.71
C GLY E 236 -48.70 65.03 -27.72
N ASP E 237 -47.41 65.18 -27.97
CA ASP E 237 -46.77 66.49 -27.95
C ASP E 237 -46.10 66.84 -29.26
N ARG E 238 -46.21 65.99 -30.28
CA ARG E 238 -45.64 66.26 -31.59
C ARG E 238 -46.77 66.20 -32.62
N VAL E 239 -46.54 66.88 -33.74
CA VAL E 239 -47.34 66.66 -34.94
C VAL E 239 -46.38 66.55 -36.11
N ILE E 240 -46.57 65.53 -36.94
CA ILE E 240 -45.73 65.31 -38.11
C ILE E 240 -46.58 65.57 -39.34
N THR E 241 -46.19 66.56 -40.13
CA THR E 241 -46.90 66.93 -41.35
C THR E 241 -46.06 66.52 -42.56
N THR E 242 -46.67 65.76 -43.46
CA THR E 242 -46.03 65.35 -44.71
C THR E 242 -46.80 65.93 -45.88
N SER E 243 -46.08 66.43 -46.87
CA SER E 243 -46.68 67.04 -48.05
C SER E 243 -45.93 66.61 -49.29
N THR E 244 -46.66 66.05 -50.25
CA THR E 244 -46.12 65.74 -51.57
C THR E 244 -46.78 66.63 -52.60
N ARG E 245 -45.98 67.14 -53.52
CA ARG E 245 -46.45 67.99 -54.61
C ARG E 245 -45.78 67.58 -55.90
N THR E 246 -46.41 67.94 -57.02
CA THR E 246 -45.85 67.73 -58.34
C THR E 246 -45.29 69.04 -58.85
N TRP E 247 -44.02 69.02 -59.26
CA TRP E 247 -43.32 70.20 -59.72
C TRP E 247 -42.92 70.06 -61.17
N ALA E 248 -42.83 71.21 -61.83
CA ALA E 248 -42.27 71.35 -63.17
C ALA E 248 -41.14 72.35 -63.13
N LEU E 249 -39.99 71.96 -63.66
CA LEU E 249 -38.79 72.79 -63.71
C LEU E 249 -38.42 73.06 -65.16
N PRO E 250 -38.45 74.29 -65.62
CA PRO E 250 -38.01 74.58 -66.99
C PRO E 250 -36.53 74.84 -67.07
N THR E 251 -36.06 75.19 -68.26
CA THR E 251 -34.70 75.69 -68.43
C THR E 251 -34.73 77.20 -68.31
N TYR E 252 -33.91 77.73 -67.41
CA TYR E 252 -33.87 79.16 -67.13
C TYR E 252 -32.64 79.78 -67.78
N ASN E 253 -32.84 80.91 -68.47
CA ASN E 253 -31.78 81.72 -69.04
C ASN E 253 -31.04 81.04 -70.18
N ASN E 254 -31.58 79.96 -70.74
CA ASN E 254 -30.87 79.12 -71.70
C ASN E 254 -29.55 78.62 -71.12
N HIS E 255 -29.59 78.17 -69.86
CA HIS E 255 -28.45 77.60 -69.15
C HIS E 255 -27.33 78.63 -68.93
N LEU E 256 -27.71 79.91 -68.88
CA LEU E 256 -26.72 80.98 -68.77
C LEU E 256 -26.83 81.67 -67.41
N TYR E 257 -25.70 82.16 -66.94
CA TYR E 257 -25.63 83.08 -65.82
C TYR E 257 -25.65 84.49 -66.39
N LYS E 258 -26.59 85.31 -65.95
CA LYS E 258 -26.72 86.65 -66.48
C LYS E 258 -26.58 87.67 -65.36
N GLN E 259 -25.91 88.78 -65.66
CA GLN E 259 -25.77 89.87 -64.72
C GLN E 259 -26.95 90.82 -64.89
N ILE E 260 -27.65 91.09 -63.80
CA ILE E 260 -28.83 91.93 -63.84
C ILE E 260 -28.60 93.15 -62.96
N SER E 261 -29.15 94.28 -63.38
CA SER E 261 -29.07 95.52 -62.62
C SER E 261 -30.25 96.39 -62.99
N SER E 262 -30.25 97.62 -62.48
CA SER E 262 -31.32 98.57 -62.72
C SER E 262 -30.97 99.62 -63.76
N ALA E 263 -29.82 99.46 -64.42
CA ALA E 263 -29.35 100.48 -65.36
C ALA E 263 -30.31 100.65 -66.53
N SER E 264 -30.77 99.56 -67.11
CA SER E 264 -31.75 99.67 -68.18
C SER E 264 -33.13 100.04 -67.65
N THR E 265 -33.44 99.62 -66.42
CA THR E 265 -34.74 99.94 -65.84
C THR E 265 -34.89 101.45 -65.65
N GLY E 266 -33.82 102.14 -65.31
CA GLY E 266 -33.93 103.56 -65.02
C GLY E 266 -34.74 103.87 -63.78
N ALA E 267 -34.51 103.13 -62.70
CA ALA E 267 -35.27 103.28 -61.47
C ALA E 267 -34.75 104.46 -60.67
N SER E 268 -35.44 104.73 -59.55
CA SER E 268 -34.99 105.75 -58.62
C SER E 268 -33.80 105.25 -57.83
N ASN E 269 -33.16 106.18 -57.11
CA ASN E 269 -31.98 105.82 -56.33
C ASN E 269 -32.30 104.78 -55.26
N ASP E 270 -33.54 104.76 -54.77
CA ASP E 270 -33.94 103.81 -53.75
C ASP E 270 -34.12 102.41 -54.29
N ASN E 271 -34.36 102.26 -55.59
CA ASN E 271 -34.67 100.98 -56.20
C ASN E 271 -33.52 100.42 -57.03
N HIS E 272 -32.34 101.02 -56.93
CA HIS E 272 -31.19 100.52 -57.67
C HIS E 272 -30.73 99.19 -57.11
N TYR E 273 -30.24 98.32 -57.99
CA TYR E 273 -29.73 97.03 -57.55
C TYR E 273 -28.73 96.50 -58.57
N PHE E 274 -27.95 95.53 -58.10
CA PHE E 274 -26.99 94.81 -58.93
C PHE E 274 -26.98 93.37 -58.45
N GLY E 275 -27.02 92.42 -59.37
CA GLY E 275 -27.02 91.04 -58.97
C GLY E 275 -26.86 90.11 -60.14
N TYR E 276 -27.23 88.86 -59.91
CA TYR E 276 -27.07 87.82 -60.91
C TYR E 276 -28.29 86.92 -60.96
N SER E 277 -28.60 86.46 -62.16
CA SER E 277 -29.66 85.50 -62.44
C SER E 277 -29.00 84.19 -62.82
N THR E 278 -29.33 83.11 -62.11
CA THR E 278 -28.70 81.85 -62.44
C THR E 278 -29.66 80.97 -63.23
N PRO E 279 -29.18 79.96 -63.92
CA PRO E 279 -30.07 78.99 -64.58
C PRO E 279 -30.71 77.98 -63.64
N TRP E 280 -30.48 78.09 -62.35
CA TRP E 280 -31.01 77.16 -61.37
C TRP E 280 -32.36 77.62 -60.85
N GLY E 281 -33.18 76.64 -60.43
CA GLY E 281 -34.35 76.90 -59.63
C GLY E 281 -34.10 76.40 -58.21
N TYR E 282 -35.00 76.76 -57.32
CA TYR E 282 -34.86 76.33 -55.94
C TYR E 282 -36.22 75.85 -55.42
N PHE E 283 -36.16 75.03 -54.39
CA PHE E 283 -37.35 74.49 -53.75
C PHE E 283 -37.66 75.31 -52.51
N ASP E 284 -38.91 75.75 -52.41
CA ASP E 284 -39.36 76.59 -51.30
C ASP E 284 -40.58 75.95 -50.64
N PHE E 285 -40.49 75.75 -49.34
CA PHE E 285 -41.63 75.30 -48.55
C PHE E 285 -41.69 76.10 -47.26
N ASN E 286 -41.49 77.42 -47.38
CA ASN E 286 -41.43 78.31 -46.25
C ASN E 286 -42.75 79.05 -46.01
N ARG E 287 -43.87 78.37 -46.19
CA ARG E 287 -45.17 78.87 -45.78
C ARG E 287 -45.88 77.77 -44.99
N PHE E 288 -46.75 78.18 -44.08
CA PHE E 288 -47.37 77.21 -43.19
C PHE E 288 -48.39 76.34 -43.92
N HIS E 289 -49.02 76.85 -44.96
CA HIS E 289 -50.01 76.07 -45.68
C HIS E 289 -49.38 75.07 -46.65
N CYS E 290 -48.07 75.11 -46.84
CA CYS E 290 -47.39 74.02 -47.53
C CYS E 290 -47.39 72.75 -46.71
N HIS E 291 -47.66 72.85 -45.42
CA HIS E 291 -47.58 71.73 -44.50
C HIS E 291 -48.87 71.44 -43.76
N PHE E 292 -49.66 72.46 -43.44
CA PHE E 292 -50.88 72.28 -42.69
C PHE E 292 -52.09 72.49 -43.60
N SER E 293 -53.03 71.56 -43.55
CA SER E 293 -54.34 71.84 -44.08
C SER E 293 -55.04 72.83 -43.16
N PRO E 294 -56.08 73.52 -43.64
CA PRO E 294 -56.81 74.41 -42.74
C PRO E 294 -57.39 73.70 -41.53
N ARG E 295 -57.84 72.46 -41.68
CA ARG E 295 -58.32 71.69 -40.54
C ARG E 295 -57.20 71.42 -39.55
N ASP E 296 -56.00 71.06 -40.03
CA ASP E 296 -54.88 70.83 -39.14
C ASP E 296 -54.44 72.11 -38.45
N TRP E 297 -54.47 73.23 -39.17
CA TRP E 297 -54.14 74.51 -38.57
C TRP E 297 -55.12 74.87 -37.46
N GLN E 298 -56.41 74.65 -37.71
CA GLN E 298 -57.41 74.90 -36.68
C GLN E 298 -57.21 73.99 -35.48
N ARG E 299 -56.91 72.73 -35.72
CA ARG E 299 -56.64 71.79 -34.64
C ARG E 299 -55.43 72.23 -33.82
N LEU E 300 -54.40 72.75 -34.47
CA LEU E 300 -53.22 73.23 -33.76
C LEU E 300 -53.53 74.47 -32.93
N ILE E 301 -54.15 75.47 -33.54
CA ILE E 301 -54.30 76.76 -32.89
C ILE E 301 -55.42 76.78 -31.86
N ASN E 302 -56.37 75.86 -31.93
CA ASN E 302 -57.43 75.83 -30.94
C ASN E 302 -57.05 75.05 -29.69
N ASN E 303 -55.92 74.35 -29.71
CA ASN E 303 -55.59 73.43 -28.65
C ASN E 303 -54.21 73.61 -28.07
N ASN E 304 -53.32 74.33 -28.73
CA ASN E 304 -51.94 74.42 -28.28
C ASN E 304 -51.59 75.84 -27.89
N TRP E 305 -50.84 75.97 -26.80
CA TRP E 305 -50.31 77.27 -26.39
C TRP E 305 -49.08 77.67 -27.17
N GLY E 306 -48.38 76.73 -27.78
CA GLY E 306 -47.25 77.12 -28.59
C GLY E 306 -46.79 75.98 -29.46
N PHE E 307 -45.94 76.31 -30.42
CA PHE E 307 -45.39 75.25 -31.26
C PHE E 307 -44.07 75.69 -31.89
N ARG E 308 -43.30 74.72 -32.34
CA ARG E 308 -42.04 75.01 -33.00
C ARG E 308 -41.63 73.82 -33.84
N PRO E 309 -40.77 74.02 -34.84
CA PRO E 309 -40.29 72.88 -35.65
C PRO E 309 -39.07 72.19 -35.06
N LYS E 310 -39.10 70.86 -35.12
CA LYS E 310 -38.05 69.99 -34.63
C LYS E 310 -37.19 69.42 -35.75
N ARG E 311 -37.78 68.81 -36.77
CA ARG E 311 -36.93 68.23 -37.79
C ARG E 311 -37.67 68.16 -39.12
N LEU E 312 -36.91 67.94 -40.19
CA LEU E 312 -37.54 67.78 -41.50
C LEU E 312 -36.77 66.80 -42.37
N ASN E 313 -37.53 66.17 -43.26
CA ASN E 313 -37.04 65.29 -44.31
C ASN E 313 -37.51 65.84 -45.65
N PHE E 314 -36.62 65.83 -46.63
CA PHE E 314 -36.90 66.30 -47.97
C PHE E 314 -36.58 65.16 -48.93
N LYS E 315 -37.50 64.88 -49.84
CA LYS E 315 -37.29 63.85 -50.85
C LYS E 315 -37.71 64.39 -52.21
N LEU E 316 -36.97 63.99 -53.23
CA LEU E 316 -37.21 64.35 -54.62
C LEU E 316 -37.21 63.06 -55.42
N PHE E 317 -38.32 62.75 -56.09
CA PHE E 317 -38.44 61.43 -56.67
C PHE E 317 -39.30 61.50 -57.92
N ASN E 318 -39.25 60.43 -58.70
CA ASN E 318 -40.02 60.25 -59.93
C ASN E 318 -39.70 61.35 -60.95
N ILE E 319 -38.41 61.46 -61.25
CA ILE E 319 -37.93 62.48 -62.20
C ILE E 319 -38.27 62.05 -63.61
N GLN E 320 -38.82 62.98 -64.39
CA GLN E 320 -39.07 62.77 -65.81
C GLN E 320 -38.57 63.98 -66.58
N VAL E 321 -37.59 63.77 -67.43
CA VAL E 321 -37.10 64.81 -68.31
C VAL E 321 -37.82 64.70 -69.64
N LYS E 322 -38.35 65.81 -70.12
CA LYS E 322 -39.12 65.85 -71.35
C LYS E 322 -38.45 66.78 -72.35
N GLU E 323 -38.26 66.27 -73.56
CA GLU E 323 -37.76 67.03 -74.70
C GLU E 323 -38.90 67.66 -75.47
N VAL E 324 -38.73 68.92 -75.86
CA VAL E 324 -39.76 69.69 -76.56
C VAL E 324 -39.22 70.16 -77.89
N THR E 325 -39.98 69.91 -78.97
CA THR E 325 -39.66 70.42 -80.30
C THR E 325 -40.89 71.12 -80.87
N THR E 326 -40.75 72.37 -81.28
CA THR E 326 -41.83 73.10 -81.94
C THR E 326 -41.47 73.28 -83.41
N ASN E 327 -42.27 72.67 -84.29
CA ASN E 327 -42.10 72.78 -85.73
C ASN E 327 -43.42 73.20 -86.37
N ASP E 328 -43.35 74.23 -87.22
CA ASP E 328 -44.52 74.72 -87.96
C ASP E 328 -45.66 75.08 -87.02
N GLY E 329 -45.33 75.44 -85.78
CA GLY E 329 -46.31 75.84 -84.80
C GLY E 329 -46.84 74.72 -83.92
N VAL E 330 -46.57 73.46 -84.27
CA VAL E 330 -47.05 72.33 -83.47
C VAL E 330 -45.91 71.82 -82.61
N THR E 331 -46.24 71.44 -81.38
CA THR E 331 -45.26 71.10 -80.35
C THR E 331 -45.33 69.61 -80.05
N THR E 332 -44.17 68.96 -80.10
CA THR E 332 -44.00 67.57 -79.74
C THR E 332 -43.22 67.48 -78.45
N ILE E 333 -43.71 66.66 -77.52
CA ILE E 333 -43.02 66.39 -76.27
C ILE E 333 -42.72 64.90 -76.22
N ALA E 334 -41.48 64.56 -75.93
CA ALA E 334 -41.06 63.18 -75.81
C ALA E 334 -40.31 63.00 -74.49
N ASN E 335 -40.12 61.75 -74.11
CA ASN E 335 -39.32 61.45 -72.94
C ASN E 335 -37.84 61.39 -73.31
N ASN E 336 -37.01 61.99 -72.47
CA ASN E 336 -35.56 61.91 -72.62
C ASN E 336 -35.06 61.04 -71.47
N LEU E 337 -34.86 59.75 -71.74
CA LEU E 337 -34.58 58.80 -70.68
C LEU E 337 -33.16 58.92 -70.12
N THR E 338 -32.25 59.57 -70.84
CA THR E 338 -30.85 59.64 -70.43
C THR E 338 -30.44 61.01 -69.93
N SER E 339 -31.37 61.94 -69.76
CA SER E 339 -31.05 63.26 -69.27
C SER E 339 -31.09 63.30 -67.75
N THR E 340 -30.41 64.29 -67.18
CA THR E 340 -30.27 64.40 -65.73
C THR E 340 -30.74 65.75 -65.24
N VAL E 341 -31.14 65.78 -63.97
CA VAL E 341 -31.29 67.01 -63.21
C VAL E 341 -30.23 67.02 -62.12
N GLN E 342 -29.56 68.15 -61.97
CA GLN E 342 -28.61 68.35 -60.89
C GLN E 342 -29.32 68.95 -59.69
N VAL E 343 -29.13 68.35 -58.52
CA VAL E 343 -29.73 68.81 -57.28
C VAL E 343 -28.63 68.91 -56.23
N PHE E 344 -28.62 70.00 -55.47
CA PHE E 344 -27.75 70.04 -54.31
C PHE E 344 -28.40 70.88 -53.23
N SER E 345 -28.01 70.59 -51.98
CA SER E 345 -28.46 71.34 -50.82
C SER E 345 -27.29 72.19 -50.32
N ASP E 346 -27.56 73.47 -50.07
CA ASP E 346 -26.52 74.39 -49.62
C ASP E 346 -26.45 74.35 -48.11
N SER E 347 -25.90 73.24 -47.60
CA SER E 347 -25.92 72.94 -46.18
C SER E 347 -24.95 73.79 -45.37
N GLU E 348 -23.95 74.40 -46.01
CA GLU E 348 -22.99 75.24 -45.32
C GLU E 348 -23.28 76.71 -45.47
N TYR E 349 -24.41 77.07 -46.08
CA TYR E 349 -24.86 78.46 -46.22
C TYR E 349 -23.79 79.33 -46.88
N GLN E 350 -23.22 78.79 -47.95
CA GLN E 350 -22.20 79.50 -48.71
C GLN E 350 -22.78 80.37 -49.81
N LEU E 351 -24.06 80.28 -50.05
CA LEU E 351 -24.78 81.02 -51.06
C LEU E 351 -25.62 82.10 -50.41
N PRO E 352 -25.97 83.15 -51.15
CA PRO E 352 -26.95 84.10 -50.63
C PRO E 352 -28.29 83.41 -50.37
N TYR E 353 -28.86 83.68 -49.21
CA TYR E 353 -30.11 83.04 -48.79
C TYR E 353 -31.26 83.91 -49.26
N VAL E 354 -31.95 83.48 -50.32
CA VAL E 354 -33.08 84.25 -50.83
C VAL E 354 -34.39 83.77 -50.27
N LEU E 355 -34.41 82.65 -49.56
CA LEU E 355 -35.59 82.27 -48.81
C LEU E 355 -35.76 83.24 -47.64
N GLY E 356 -36.96 83.28 -47.09
CA GLY E 356 -37.20 84.20 -46.01
C GLY E 356 -37.44 85.63 -46.43
N SER E 357 -37.67 85.88 -47.71
CA SER E 357 -38.09 87.17 -48.21
C SER E 357 -39.53 87.17 -48.69
N ALA E 358 -40.28 86.11 -48.38
CA ALA E 358 -41.71 86.00 -48.69
C ALA E 358 -41.96 86.04 -50.19
N HIS E 359 -41.28 85.17 -50.93
CA HIS E 359 -41.40 85.12 -52.37
C HIS E 359 -42.40 84.04 -52.80
N GLN E 360 -42.93 84.22 -54.00
CA GLN E 360 -43.75 83.21 -54.62
C GLN E 360 -42.91 82.01 -55.04
N GLY E 361 -43.57 80.89 -55.29
CA GLY E 361 -42.87 79.71 -55.73
C GLY E 361 -42.81 78.59 -54.70
N CYS E 362 -43.48 78.76 -53.57
CA CYS E 362 -43.57 77.71 -52.58
C CYS E 362 -44.45 76.57 -53.09
N LEU E 363 -44.46 75.47 -52.36
CA LEU E 363 -45.42 74.42 -52.64
C LEU E 363 -46.84 74.98 -52.48
N PRO E 364 -47.74 74.68 -53.39
CA PRO E 364 -49.10 75.22 -53.30
C PRO E 364 -49.82 74.68 -52.07
N PRO E 365 -50.78 75.44 -51.51
CA PRO E 365 -51.51 74.94 -50.34
C PRO E 365 -52.30 73.68 -50.63
N PHE E 366 -52.89 73.57 -51.81
CA PHE E 366 -53.71 72.42 -52.15
C PHE E 366 -52.83 71.31 -52.72
N PRO E 367 -52.90 70.09 -52.16
CA PRO E 367 -52.00 69.02 -52.62
C PRO E 367 -52.21 68.59 -54.06
N ALA E 368 -53.34 68.92 -54.67
CA ALA E 368 -53.58 68.54 -56.04
C ALA E 368 -52.94 69.49 -57.05
N ASP E 369 -52.39 70.60 -56.60
CA ASP E 369 -51.87 71.61 -57.52
C ASP E 369 -50.45 71.29 -57.95
N VAL E 370 -50.17 71.54 -59.22
CA VAL E 370 -48.86 71.34 -59.81
C VAL E 370 -48.18 72.70 -59.92
N PHE E 371 -46.96 72.80 -59.42
CA PHE E 371 -46.32 74.10 -59.32
C PHE E 371 -45.01 74.16 -60.11
N MET E 372 -44.74 75.33 -60.64
CA MET E 372 -43.51 75.63 -61.35
C MET E 372 -42.44 76.03 -60.37
N ILE E 373 -41.22 75.58 -60.60
CA ILE E 373 -40.12 75.87 -59.67
C ILE E 373 -39.55 77.26 -59.99
N PRO E 374 -39.41 78.12 -58.99
CA PRO E 374 -38.93 79.48 -59.24
C PRO E 374 -37.43 79.53 -59.53
N GLN E 375 -37.04 80.54 -60.30
CA GLN E 375 -35.64 80.70 -60.69
C GLN E 375 -34.83 81.29 -59.55
N TYR E 376 -33.58 80.86 -59.44
CA TYR E 376 -32.68 81.38 -58.43
C TYR E 376 -31.93 82.60 -58.96
N GLY E 377 -31.86 83.62 -58.13
CA GLY E 377 -31.07 84.80 -58.43
C GLY E 377 -30.78 85.48 -57.12
N TYR E 378 -29.74 86.30 -57.12
CA TYR E 378 -29.35 86.98 -55.90
C TYR E 378 -28.89 88.38 -56.24
N LEU E 379 -28.80 89.21 -55.21
CA LEU E 379 -28.28 90.55 -55.31
C LEU E 379 -26.98 90.64 -54.53
N THR E 380 -26.10 91.52 -54.96
CA THR E 380 -24.84 91.76 -54.29
C THR E 380 -24.68 93.24 -54.05
N LEU E 381 -23.55 93.63 -53.46
CA LEU E 381 -23.30 95.03 -53.17
C LEU E 381 -23.37 95.86 -54.44
N ASN E 382 -24.06 96.99 -54.35
CA ASN E 382 -24.21 97.86 -55.50
C ASN E 382 -24.00 99.31 -55.09
N ASN E 383 -23.46 100.09 -56.03
CA ASN E 383 -23.29 101.53 -55.91
C ASN E 383 -24.12 102.15 -57.01
N GLY E 384 -25.40 102.34 -56.74
CA GLY E 384 -26.32 102.69 -57.81
C GLY E 384 -26.65 101.45 -58.59
N SER E 385 -26.55 101.53 -59.91
CA SER E 385 -26.70 100.37 -60.76
C SER E 385 -25.38 99.65 -61.02
N GLN E 386 -24.30 100.10 -60.40
CA GLN E 386 -22.99 99.53 -60.61
C GLN E 386 -22.62 98.59 -59.46
N ALA E 387 -21.54 97.85 -59.66
CA ALA E 387 -21.01 96.96 -58.65
C ALA E 387 -19.86 97.64 -57.93
N VAL E 388 -19.28 96.94 -56.96
CA VAL E 388 -18.08 97.38 -56.27
C VAL E 388 -17.08 96.23 -56.29
N GLY E 389 -15.91 96.47 -55.68
CA GLY E 389 -14.91 95.42 -55.62
C GLY E 389 -15.32 94.23 -54.77
N ARG E 390 -16.08 94.49 -53.71
CA ARG E 390 -16.51 93.46 -52.78
C ARG E 390 -17.82 92.81 -53.21
N SER E 391 -18.36 93.19 -54.36
CA SER E 391 -19.50 92.48 -54.92
C SER E 391 -19.10 91.06 -55.27
N SER E 392 -19.90 90.10 -54.83
CA SER E 392 -19.58 88.70 -55.02
C SER E 392 -20.32 88.12 -56.22
N PHE E 393 -19.72 87.11 -56.80
CA PHE E 393 -20.34 86.31 -57.84
C PHE E 393 -20.22 84.86 -57.43
N TYR E 394 -21.30 84.10 -57.61
CA TYR E 394 -21.34 82.69 -57.23
C TYR E 394 -21.73 81.88 -58.44
N CYS E 395 -20.84 80.99 -58.87
CA CYS E 395 -21.21 79.95 -59.80
C CYS E 395 -21.77 78.78 -59.00
N LEU E 396 -23.00 78.39 -59.28
CA LEU E 396 -23.60 77.28 -58.57
C LEU E 396 -23.15 75.93 -59.11
N GLU E 397 -22.53 75.90 -60.29
CA GLU E 397 -21.87 74.70 -60.77
C GLU E 397 -20.57 74.43 -60.05
N TYR E 398 -20.09 75.37 -59.25
CA TYR E 398 -18.91 75.21 -58.43
C TYR E 398 -19.22 74.50 -57.12
N PHE E 399 -20.35 73.79 -57.05
CA PHE E 399 -20.75 72.98 -55.94
C PHE E 399 -20.83 71.52 -56.36
N PRO E 400 -20.64 70.58 -55.43
CA PRO E 400 -20.96 69.18 -55.73
C PRO E 400 -22.46 69.00 -55.81
N SER E 401 -22.93 68.47 -56.95
CA SER E 401 -24.33 68.21 -57.19
C SER E 401 -24.54 66.72 -57.37
N GLN E 402 -25.72 66.24 -57.01
CA GLN E 402 -26.13 64.90 -57.36
C GLN E 402 -26.88 64.97 -58.68
N MET E 403 -26.46 64.15 -59.64
CA MET E 403 -27.10 64.05 -60.94
C MET E 403 -28.11 62.92 -60.92
N LEU E 404 -29.34 63.22 -61.28
CA LEU E 404 -30.46 62.29 -61.17
C LEU E 404 -31.00 62.01 -62.56
N ARG E 405 -30.97 60.75 -62.96
CA ARG E 405 -31.70 60.30 -64.12
C ARG E 405 -33.10 59.87 -63.69
N THR E 406 -33.88 59.31 -64.59
CA THR E 406 -35.29 59.07 -64.29
C THR E 406 -35.51 58.01 -63.23
N GLY E 407 -34.49 57.22 -62.89
CA GLY E 407 -34.66 56.20 -61.88
C GLY E 407 -34.08 56.55 -60.52
N ASN E 408 -33.53 57.75 -60.39
CA ASN E 408 -32.86 58.18 -59.18
C ASN E 408 -33.75 59.08 -58.33
N ASN E 409 -33.45 59.13 -57.04
CA ASN E 409 -34.10 60.06 -56.13
C ASN E 409 -33.05 60.76 -55.28
N PHE E 410 -33.51 61.75 -54.53
CA PHE E 410 -32.68 62.62 -53.72
C PHE E 410 -33.30 62.74 -52.34
N THR E 411 -32.52 62.54 -51.29
CA THR E 411 -33.03 62.67 -49.93
C THR E 411 -32.13 63.59 -49.13
N PHE E 412 -32.70 64.22 -48.11
CA PHE E 412 -31.94 65.15 -47.30
C PHE E 412 -32.66 65.35 -45.97
N SER E 413 -31.94 65.22 -44.87
CA SER E 413 -32.51 65.41 -43.55
C SER E 413 -31.92 66.66 -42.89
N TYR E 414 -32.71 67.28 -42.03
CA TYR E 414 -32.28 68.49 -41.36
C TYR E 414 -32.89 68.54 -39.98
N THR E 415 -32.13 69.01 -39.01
CA THR E 415 -32.61 69.20 -37.64
C THR E 415 -32.61 70.68 -37.31
N PHE E 416 -33.73 71.17 -36.81
CA PHE E 416 -33.82 72.55 -36.39
C PHE E 416 -33.07 72.76 -35.08
N GLU E 417 -32.47 73.94 -34.95
CA GLU E 417 -31.91 74.34 -33.67
C GLU E 417 -33.02 74.59 -32.66
N GLU E 418 -32.64 74.65 -31.39
CA GLU E 418 -33.61 74.88 -30.33
C GLU E 418 -34.05 76.33 -30.39
N VAL E 419 -35.20 76.56 -31.02
CA VAL E 419 -35.80 77.87 -31.18
C VAL E 419 -36.91 77.97 -30.14
N PRO E 420 -37.25 79.16 -29.65
CA PRO E 420 -38.39 79.26 -28.74
C PRO E 420 -39.70 78.93 -29.42
N PHE E 421 -40.64 78.41 -28.63
CA PHE E 421 -41.98 78.15 -29.13
C PHE E 421 -42.61 79.45 -29.60
N HIS E 422 -43.27 79.40 -30.75
CA HIS E 422 -44.18 80.48 -31.10
C HIS E 422 -45.40 80.41 -30.22
N SER E 423 -45.89 81.59 -29.84
CA SER E 423 -46.98 81.77 -28.89
C SER E 423 -48.31 81.72 -29.61
N SER E 424 -49.05 80.62 -29.46
CA SER E 424 -50.38 80.50 -30.01
C SER E 424 -51.45 80.98 -29.05
N TYR E 425 -51.12 81.93 -28.18
CA TYR E 425 -52.04 82.41 -27.17
C TYR E 425 -52.09 83.92 -27.20
N ALA E 426 -53.20 84.46 -26.72
CA ALA E 426 -53.32 85.84 -26.29
C ALA E 426 -53.22 85.90 -24.77
N HIS E 427 -53.10 87.11 -24.25
CA HIS E 427 -53.04 87.34 -22.82
C HIS E 427 -54.40 87.73 -22.30
N SER E 428 -54.80 87.14 -21.18
CA SER E 428 -56.07 87.47 -20.54
C SER E 428 -55.99 88.72 -19.69
N GLN E 429 -54.79 89.24 -19.46
CA GLN E 429 -54.60 90.46 -18.70
C GLN E 429 -53.84 91.46 -19.55
N SER E 430 -54.04 92.74 -19.25
CA SER E 430 -53.26 93.81 -19.84
C SER E 430 -52.10 94.16 -18.91
N LEU E 431 -51.05 94.73 -19.50
CA LEU E 431 -49.84 94.99 -18.74
C LEU E 431 -50.05 96.08 -17.70
N ASP E 432 -50.93 97.03 -17.97
CA ASP E 432 -51.24 98.09 -17.01
C ASP E 432 -52.38 97.72 -16.08
N ARG E 433 -52.75 96.45 -16.02
CA ARG E 433 -53.85 95.97 -15.20
C ARG E 433 -53.46 94.69 -14.48
N LEU E 434 -52.25 94.65 -13.93
CA LEU E 434 -51.72 93.45 -13.30
C LEU E 434 -51.86 93.48 -11.79
N MET E 435 -52.59 94.45 -11.25
CA MET E 435 -52.69 94.66 -9.82
C MET E 435 -53.91 93.96 -9.24
N ASN E 436 -53.92 93.84 -7.92
CA ASN E 436 -55.12 93.46 -7.20
C ASN E 436 -56.07 94.64 -7.19
N PRO E 437 -57.28 94.51 -7.73
CA PRO E 437 -58.21 95.63 -7.76
C PRO E 437 -58.93 95.92 -6.45
N LEU E 438 -58.60 95.21 -5.37
CA LEU E 438 -59.24 95.43 -4.08
C LEU E 438 -58.33 96.05 -3.04
N ILE E 439 -57.03 95.86 -3.16
CA ILE E 439 -56.08 96.27 -2.13
C ILE E 439 -55.35 97.51 -2.60
N ASP E 440 -55.05 98.41 -1.67
CA ASP E 440 -54.24 99.57 -1.96
C ASP E 440 -52.77 99.18 -2.03
N GLN E 441 -51.95 100.14 -2.41
CA GLN E 441 -50.50 99.97 -2.41
C GLN E 441 -49.91 100.57 -1.15
N TYR E 442 -48.66 100.23 -0.87
CA TYR E 442 -47.91 100.92 0.16
C TYR E 442 -46.99 101.98 -0.41
N LEU E 443 -47.08 102.23 -1.71
CA LEU E 443 -46.27 103.22 -2.39
C LEU E 443 -47.08 104.47 -2.64
N TYR E 444 -46.47 105.63 -2.43
CA TYR E 444 -47.13 106.91 -2.63
C TYR E 444 -46.62 107.56 -3.91
N TYR E 445 -47.44 108.44 -4.46
CA TYR E 445 -47.08 109.20 -5.64
C TYR E 445 -47.52 110.64 -5.44
N LEU E 446 -46.86 111.55 -6.14
CA LEU E 446 -47.27 112.95 -6.09
C LEU E 446 -48.56 113.12 -6.86
N ASN E 447 -49.62 113.53 -6.16
CA ASN E 447 -50.95 113.62 -6.74
C ASN E 447 -51.33 115.05 -7.11
N ARG E 448 -51.03 116.02 -6.26
CA ARG E 448 -51.35 117.42 -6.50
C ARG E 448 -50.12 118.25 -6.25
N THR E 449 -49.89 119.25 -7.12
CA THR E 449 -48.95 120.31 -6.83
C THR E 449 -49.65 121.65 -6.59
N GLN E 450 -50.97 121.63 -6.44
CA GLN E 450 -51.75 122.80 -6.08
C GLN E 450 -52.73 122.41 -4.97
N ASN E 451 -53.26 123.41 -4.29
CA ASN E 451 -54.20 123.15 -3.21
C ASN E 451 -55.50 122.59 -3.76
N GLN E 452 -56.03 121.57 -3.08
CA GLN E 452 -57.24 120.90 -3.54
C GLN E 452 -58.49 121.72 -3.31
N SER E 453 -58.50 122.60 -2.30
CA SER E 453 -59.71 123.33 -1.95
C SER E 453 -60.19 124.22 -3.08
N GLY E 454 -59.28 124.96 -3.71
CA GLY E 454 -59.62 125.80 -4.84
C GLY E 454 -60.04 127.21 -4.50
N SER E 455 -60.34 127.51 -3.23
CA SER E 455 -60.65 128.88 -2.85
C SER E 455 -59.46 129.79 -3.09
N ALA E 456 -58.26 129.32 -2.76
CA ALA E 456 -57.02 129.92 -3.20
C ALA E 456 -56.36 129.01 -4.24
N GLN E 457 -55.37 129.56 -4.94
CA GLN E 457 -54.67 128.84 -5.99
C GLN E 457 -53.20 128.62 -5.62
N ASN E 458 -52.94 128.21 -4.38
CA ASN E 458 -51.58 128.07 -3.90
C ASN E 458 -51.00 126.72 -4.30
N LYS E 459 -49.68 126.68 -4.42
CA LYS E 459 -49.01 125.44 -4.71
C LYS E 459 -48.92 124.57 -3.46
N ASP E 460 -48.58 123.30 -3.66
CA ASP E 460 -48.43 122.37 -2.56
C ASP E 460 -47.68 121.13 -3.06
N LEU E 461 -47.52 120.16 -2.16
CA LEU E 461 -46.94 118.86 -2.49
C LEU E 461 -47.79 117.83 -1.75
N LEU E 462 -48.82 117.34 -2.42
CA LEU E 462 -49.77 116.40 -1.83
C LEU E 462 -49.57 115.02 -2.45
N PHE E 463 -49.44 114.01 -1.60
CA PHE E 463 -49.13 112.66 -2.02
C PHE E 463 -50.29 111.74 -1.72
N SER E 464 -50.61 110.86 -2.67
CA SER E 464 -51.67 109.89 -2.50
C SER E 464 -51.11 108.49 -2.55
N ARG E 465 -51.87 107.56 -1.98
CA ARG E 465 -51.52 106.16 -1.99
C ARG E 465 -52.10 105.50 -3.24
N GLY E 466 -51.33 104.56 -3.80
CA GLY E 466 -51.79 103.80 -4.93
C GLY E 466 -53.04 103.01 -4.60
N SER E 467 -54.14 103.31 -5.25
CA SER E 467 -55.45 102.76 -4.94
C SER E 467 -56.12 102.24 -6.19
N PRO E 468 -57.07 101.31 -6.05
CA PRO E 468 -57.80 100.83 -7.23
C PRO E 468 -58.65 101.89 -7.90
N ALA E 469 -58.95 103.00 -7.22
CA ALA E 469 -59.68 104.09 -7.86
C ALA E 469 -58.87 104.67 -9.02
N GLY E 470 -57.62 105.02 -8.78
CA GLY E 470 -56.76 105.45 -9.87
C GLY E 470 -55.71 104.40 -10.19
N MET E 471 -55.94 103.64 -11.25
CA MET E 471 -55.03 102.58 -11.66
C MET E 471 -53.98 103.09 -12.64
N SER E 472 -54.22 104.23 -13.28
CA SER E 472 -53.29 104.79 -14.24
C SER E 472 -52.07 105.41 -13.57
N VAL E 473 -52.19 105.82 -12.30
CA VAL E 473 -51.11 106.50 -11.60
C VAL E 473 -50.40 105.59 -10.62
N GLN E 474 -50.80 104.33 -10.51
CA GLN E 474 -50.13 103.40 -9.63
C GLN E 474 -48.72 103.11 -10.13
N PRO E 475 -47.73 103.06 -9.25
CA PRO E 475 -46.42 102.53 -9.64
C PRO E 475 -46.54 101.11 -10.17
N LYS E 476 -45.78 100.82 -11.21
CA LYS E 476 -45.82 99.51 -11.87
C LYS E 476 -44.41 99.03 -12.11
N ASN E 477 -44.29 97.75 -12.48
CA ASN E 477 -43.00 97.09 -12.57
C ASN E 477 -42.47 96.96 -13.99
N TRP E 478 -43.32 97.08 -15.01
CA TRP E 478 -42.93 96.78 -16.37
C TRP E 478 -43.41 97.87 -17.31
N LEU E 479 -42.89 97.85 -18.53
CA LEU E 479 -43.19 98.81 -19.57
C LEU E 479 -43.64 98.09 -20.83
N PRO E 480 -44.48 98.72 -21.65
CA PRO E 480 -44.83 98.13 -22.95
C PRO E 480 -43.64 98.11 -23.88
N GLY E 481 -43.69 97.20 -24.85
CA GLY E 481 -42.61 97.01 -25.78
C GLY E 481 -42.26 98.24 -26.60
N PRO E 482 -41.21 98.13 -27.40
CA PRO E 482 -40.77 99.28 -28.20
C PRO E 482 -41.74 99.57 -29.33
N CYS E 483 -41.68 100.80 -29.82
CA CYS E 483 -42.59 101.23 -30.88
C CYS E 483 -41.83 102.01 -31.93
N TYR E 484 -42.39 102.04 -33.13
CA TYR E 484 -41.91 102.88 -34.23
C TYR E 484 -43.14 103.30 -35.04
N ARG E 485 -43.66 104.49 -34.73
CA ARG E 485 -45.01 104.85 -35.14
C ARG E 485 -45.19 104.80 -36.65
N GLN E 486 -46.36 104.30 -37.06
CA GLN E 486 -46.77 104.21 -38.46
C GLN E 486 -47.91 105.20 -38.70
N GLN E 487 -48.19 105.44 -39.97
CA GLN E 487 -49.29 106.31 -40.36
C GLN E 487 -50.59 105.51 -40.37
N ARG E 488 -51.67 106.18 -39.96
CA ARG E 488 -52.96 105.52 -39.77
C ARG E 488 -53.79 105.69 -41.03
N VAL E 489 -54.16 104.57 -41.65
CA VAL E 489 -54.97 104.57 -42.85
C VAL E 489 -56.30 103.91 -42.51
N SER E 490 -57.39 104.51 -42.98
CA SER E 490 -58.72 103.97 -42.77
C SER E 490 -59.09 103.04 -43.92
N LYS E 491 -59.68 101.89 -43.57
CA LYS E 491 -60.21 100.99 -44.57
C LYS E 491 -61.37 101.60 -45.34
N THR E 492 -62.02 102.62 -44.77
CA THR E 492 -63.01 103.41 -45.48
C THR E 492 -62.31 104.59 -46.13
N LYS E 493 -62.23 104.56 -47.45
CA LYS E 493 -61.34 105.47 -48.17
C LYS E 493 -61.74 106.94 -48.05
N THR E 494 -62.99 107.24 -47.71
CA THR E 494 -63.41 108.63 -47.63
C THR E 494 -62.79 109.38 -46.46
N ASP E 495 -62.36 108.66 -45.42
CA ASP E 495 -61.76 109.31 -44.26
C ASP E 495 -60.26 109.52 -44.39
N ASN E 496 -59.67 109.12 -45.50
CA ASN E 496 -58.24 109.32 -45.71
C ASN E 496 -57.99 110.64 -46.42
N ASN E 497 -56.80 111.18 -46.18
CA ASN E 497 -56.41 112.44 -46.79
C ASN E 497 -56.35 112.30 -48.30
N ASN E 498 -56.71 113.38 -49.01
CA ASN E 498 -56.69 113.37 -50.47
C ASN E 498 -55.29 113.68 -50.99
N SER E 499 -54.44 112.67 -50.88
CA SER E 499 -53.09 112.71 -51.42
C SER E 499 -52.58 111.28 -51.49
N ASN E 500 -51.40 111.10 -52.07
CA ASN E 500 -50.85 109.75 -52.15
C ASN E 500 -50.24 109.33 -50.82
N PHE E 501 -49.17 110.01 -50.40
CA PHE E 501 -48.58 109.90 -49.07
C PHE E 501 -48.25 108.45 -48.66
N THR E 502 -48.29 107.52 -49.60
CA THR E 502 -47.81 106.18 -49.33
C THR E 502 -46.30 106.08 -49.30
N TRP E 503 -45.61 107.05 -49.88
CA TRP E 503 -44.17 107.12 -49.78
C TRP E 503 -43.69 108.34 -49.02
N THR E 504 -44.33 109.49 -49.22
CA THR E 504 -43.89 110.69 -48.53
C THR E 504 -44.27 110.68 -47.05
N GLY E 505 -45.36 110.03 -46.68
CA GLY E 505 -45.81 110.05 -45.31
C GLY E 505 -45.61 108.75 -44.57
N ALA E 506 -44.66 107.95 -45.02
CA ALA E 506 -44.47 106.60 -44.49
C ALA E 506 -43.21 106.49 -43.66
N SER E 507 -43.25 105.58 -42.68
CA SER E 507 -42.09 105.29 -41.87
C SER E 507 -41.09 104.49 -42.69
N LYS E 508 -39.89 105.02 -42.84
CA LYS E 508 -38.87 104.35 -43.64
C LYS E 508 -37.52 104.56 -42.98
N TYR E 509 -36.56 103.72 -43.35
CA TYR E 509 -35.23 103.81 -42.80
C TYR E 509 -34.21 104.12 -43.90
N ASN E 510 -33.12 104.75 -43.48
CA ASN E 510 -32.06 105.19 -44.37
C ASN E 510 -30.90 104.22 -44.26
N LEU E 511 -30.44 103.69 -45.39
CA LEU E 511 -29.31 102.76 -45.41
C LEU E 511 -28.48 103.03 -46.64
N ASN E 512 -27.25 103.52 -46.44
CA ASN E 512 -26.31 103.82 -47.52
C ASN E 512 -26.91 104.82 -48.52
N GLY E 513 -27.71 105.74 -48.00
CA GLY E 513 -28.25 106.82 -48.81
C GLY E 513 -29.56 106.53 -49.50
N ARG E 514 -30.08 105.32 -49.43
CA ARG E 514 -31.36 105.01 -50.04
C ARG E 514 -32.35 104.52 -48.99
N GLU E 515 -33.59 104.97 -49.13
CA GLU E 515 -34.63 104.76 -48.15
C GLU E 515 -35.40 103.48 -48.44
N SER E 516 -35.86 102.82 -47.39
CA SER E 516 -36.61 101.58 -47.50
C SER E 516 -37.77 101.64 -46.53
N ILE E 517 -38.97 101.31 -47.00
CA ILE E 517 -40.13 101.26 -46.13
C ILE E 517 -39.91 100.19 -45.08
N ILE E 518 -40.36 100.46 -43.84
CA ILE E 518 -40.14 99.51 -42.76
C ILE E 518 -40.88 98.22 -43.05
N ASN E 519 -42.21 98.25 -43.07
CA ASN E 519 -43.03 97.17 -43.63
C ASN E 519 -42.63 95.76 -43.21
N PRO E 520 -43.05 95.28 -42.04
CA PRO E 520 -43.98 95.89 -41.09
C PRO E 520 -43.32 96.38 -39.82
N GLY E 521 -42.06 96.03 -39.63
CA GLY E 521 -41.31 96.57 -38.50
C GLY E 521 -41.75 95.99 -37.18
N THR E 522 -41.76 96.86 -36.17
CA THR E 522 -42.02 96.44 -34.80
C THR E 522 -43.39 95.81 -34.68
N ALA E 523 -43.49 94.78 -33.84
CA ALA E 523 -44.74 94.09 -33.60
C ALA E 523 -45.61 94.96 -32.69
N MET E 524 -46.59 95.62 -33.27
CA MET E 524 -47.48 96.51 -32.54
C MET E 524 -48.92 96.20 -32.90
N ALA E 525 -49.83 96.63 -32.02
CA ALA E 525 -51.25 96.46 -32.27
C ALA E 525 -51.68 97.28 -33.48
N SER E 526 -52.52 96.67 -34.32
CA SER E 526 -52.97 97.35 -35.53
C SER E 526 -53.81 98.58 -35.20
N HIS E 527 -54.67 98.49 -34.19
CA HIS E 527 -55.56 99.59 -33.84
C HIS E 527 -55.91 99.46 -32.37
N LYS E 528 -56.73 100.39 -31.89
CA LYS E 528 -57.24 100.37 -30.53
C LYS E 528 -58.55 99.59 -30.49
N ASP E 529 -59.23 99.65 -29.35
CA ASP E 529 -60.57 99.11 -29.25
C ASP E 529 -61.55 99.98 -30.02
N ASP E 530 -62.51 99.32 -30.68
CA ASP E 530 -63.57 100.00 -31.43
C ASP E 530 -63.00 100.86 -32.55
N GLU E 531 -61.88 100.43 -33.13
CA GLU E 531 -61.21 101.19 -34.19
C GLU E 531 -60.72 100.26 -35.28
N ASP E 532 -61.49 99.21 -35.57
CA ASP E 532 -61.08 98.21 -36.55
C ASP E 532 -61.01 98.77 -37.97
N LYS E 533 -61.56 99.96 -38.21
CA LYS E 533 -61.52 100.59 -39.52
C LYS E 533 -60.16 101.15 -39.88
N PHE E 534 -59.22 101.19 -38.94
CA PHE E 534 -57.91 101.77 -39.17
C PHE E 534 -56.85 100.67 -39.13
N PHE E 535 -55.83 100.82 -39.98
CA PHE E 535 -54.67 99.96 -39.95
C PHE E 535 -53.42 100.82 -40.20
N PRO E 536 -52.28 100.42 -39.67
CA PRO E 536 -51.03 101.12 -39.99
C PRO E 536 -50.70 100.97 -41.47
N MET E 537 -50.13 102.02 -42.04
CA MET E 537 -49.98 102.07 -43.49
C MET E 537 -49.09 100.94 -44.00
N SER E 538 -48.01 100.64 -43.29
CA SER E 538 -47.13 99.53 -43.66
C SER E 538 -46.78 98.72 -42.42
N GLY E 539 -47.76 98.45 -41.58
CA GLY E 539 -47.51 97.75 -40.33
C GLY E 539 -48.20 96.41 -40.26
N VAL E 540 -48.88 96.02 -41.33
CA VAL E 540 -49.68 94.80 -41.33
C VAL E 540 -49.26 93.94 -42.50
N MET E 541 -49.38 92.62 -42.32
CA MET E 541 -49.18 91.67 -43.40
C MET E 541 -50.44 91.60 -44.25
N ILE E 542 -50.31 91.85 -45.54
CA ILE E 542 -51.43 91.89 -46.45
C ILE E 542 -51.27 90.74 -47.43
N PHE E 543 -52.22 89.81 -47.43
CA PHE E 543 -52.24 88.71 -48.36
C PHE E 543 -53.26 89.00 -49.45
N GLY E 544 -52.91 88.66 -50.69
CA GLY E 544 -53.82 88.84 -51.80
C GLY E 544 -54.70 87.62 -51.99
N LYS E 545 -55.97 87.87 -52.28
CA LYS E 545 -56.85 86.78 -52.66
C LYS E 545 -56.55 86.36 -54.09
N GLU E 546 -57.07 85.20 -54.47
CA GLU E 546 -57.00 84.81 -55.86
C GLU E 546 -57.83 85.80 -56.68
N SER E 547 -57.38 86.04 -57.92
CA SER E 547 -57.90 87.12 -58.75
C SER E 547 -57.58 88.49 -58.14
N ALA E 548 -56.37 88.64 -57.63
CA ALA E 548 -55.83 89.93 -57.24
C ALA E 548 -54.70 90.28 -58.20
N GLY E 549 -54.74 91.50 -58.73
CA GLY E 549 -53.71 91.92 -59.66
C GLY E 549 -52.37 92.11 -58.98
N ALA E 550 -51.34 92.25 -59.81
CA ALA E 550 -50.00 92.46 -59.28
C ALA E 550 -49.81 93.88 -58.78
N SER E 551 -50.44 94.85 -59.44
CA SER E 551 -50.23 96.26 -59.10
C SER E 551 -51.58 96.97 -58.99
N ASN E 552 -51.71 97.79 -57.96
CA ASN E 552 -52.88 98.65 -57.76
C ASN E 552 -54.18 97.86 -57.74
N THR E 553 -54.16 96.71 -57.08
CA THR E 553 -55.38 95.95 -56.88
C THR E 553 -56.22 96.60 -55.78
N ALA E 554 -57.38 96.02 -55.51
CA ALA E 554 -58.35 96.66 -54.63
C ALA E 554 -58.33 96.06 -53.23
N LEU E 555 -58.82 96.89 -52.30
CA LEU E 555 -59.01 96.45 -50.92
C LEU E 555 -59.89 95.22 -50.85
N ASP E 556 -60.81 95.09 -51.81
CA ASP E 556 -61.64 93.90 -51.89
C ASP E 556 -60.84 92.69 -52.32
N ASN E 557 -59.73 92.91 -53.04
CA ASN E 557 -58.92 91.80 -53.50
C ASN E 557 -57.78 91.44 -52.56
N VAL E 558 -57.52 92.27 -51.55
CA VAL E 558 -56.50 91.92 -50.57
C VAL E 558 -57.14 91.58 -49.22
N MET E 559 -56.40 90.83 -48.42
CA MET E 559 -56.79 90.49 -47.05
C MET E 559 -55.79 91.10 -46.09
N ILE E 560 -56.24 92.06 -45.28
CA ILE E 560 -55.38 92.74 -44.32
C ILE E 560 -55.47 92.00 -42.99
N THR E 561 -54.31 91.66 -42.42
CA THR E 561 -54.30 91.00 -41.14
C THR E 561 -54.51 92.00 -40.01
N ASP E 562 -54.75 91.46 -38.82
CA ASP E 562 -54.97 92.26 -37.62
C ASP E 562 -54.10 91.70 -36.51
N GLU E 563 -53.53 92.59 -35.71
CA GLU E 563 -52.72 92.24 -34.55
C GLU E 563 -53.40 92.69 -33.28
N GLU E 564 -54.70 92.43 -33.18
CA GLU E 564 -55.50 92.96 -32.08
C GLU E 564 -55.23 92.24 -30.77
N GLU E 565 -54.63 91.05 -30.83
CA GLU E 565 -54.47 90.24 -29.63
C GLU E 565 -53.29 90.69 -28.77
N ILE E 566 -52.39 91.50 -29.31
CA ILE E 566 -51.20 91.89 -28.57
C ILE E 566 -51.32 93.32 -28.04
N LYS E 567 -52.54 93.84 -27.93
CA LYS E 567 -52.76 95.11 -27.26
C LYS E 567 -52.43 95.04 -25.78
N ALA E 568 -52.38 93.84 -25.20
CA ALA E 568 -52.13 93.70 -23.77
C ALA E 568 -50.71 94.12 -23.39
N THR E 569 -49.76 93.97 -24.31
CA THR E 569 -48.36 94.27 -24.01
C THR E 569 -47.68 95.19 -25.00
N ASN E 570 -48.22 95.37 -26.20
CA ASN E 570 -47.56 96.12 -27.23
C ASN E 570 -48.29 97.44 -27.49
N PRO E 571 -47.56 98.51 -27.82
CA PRO E 571 -48.21 99.76 -28.17
C PRO E 571 -48.96 99.63 -29.48
N VAL E 572 -49.97 100.47 -29.64
CA VAL E 572 -50.70 100.53 -30.90
C VAL E 572 -49.82 101.16 -31.97
N ALA E 573 -49.82 100.55 -33.16
CA ALA E 573 -48.85 100.90 -34.20
C ALA E 573 -48.99 102.34 -34.68
N THR E 574 -50.18 102.91 -34.61
CA THR E 574 -50.44 104.22 -35.18
C THR E 574 -50.39 105.35 -34.16
N GLU E 575 -50.07 105.05 -32.91
CA GLU E 575 -50.04 106.05 -31.87
C GLU E 575 -48.69 106.08 -31.16
N ARG E 576 -48.45 107.18 -30.45
CA ARG E 576 -47.17 107.39 -29.80
C ARG E 576 -46.96 106.36 -28.69
N PHE E 577 -45.68 106.11 -28.38
CA PHE E 577 -45.37 105.30 -27.21
C PHE E 577 -45.86 105.98 -25.94
N GLY E 578 -45.68 107.30 -25.86
CA GLY E 578 -46.09 108.05 -24.69
C GLY E 578 -45.55 109.45 -24.77
N THR E 579 -45.58 110.12 -23.62
CA THR E 579 -45.04 111.47 -23.50
C THR E 579 -43.82 111.47 -22.60
N VAL E 580 -43.00 112.49 -22.76
CA VAL E 580 -41.78 112.63 -21.99
C VAL E 580 -41.62 114.10 -21.62
N ALA E 581 -41.07 114.35 -20.44
CA ALA E 581 -40.76 115.73 -20.05
C ALA E 581 -39.63 116.27 -20.91
N VAL E 582 -39.72 117.54 -21.28
CA VAL E 582 -38.75 118.14 -22.20
C VAL E 582 -38.14 119.41 -21.65
N ASN E 583 -38.47 119.83 -20.43
CA ASN E 583 -37.91 121.05 -19.88
C ASN E 583 -37.89 120.93 -18.36
N PHE E 584 -37.52 122.02 -17.70
CA PHE E 584 -37.59 122.14 -16.24
C PHE E 584 -38.71 123.10 -15.89
N GLN E 585 -39.69 122.62 -15.13
CA GLN E 585 -40.72 123.51 -14.62
C GLN E 585 -40.18 124.32 -13.45
N SER E 586 -40.63 125.57 -13.37
CA SER E 586 -40.18 126.45 -12.30
C SER E 586 -41.23 127.54 -12.10
N SER E 587 -41.14 128.20 -10.96
CA SER E 587 -42.00 129.34 -10.64
C SER E 587 -41.26 130.64 -10.93
N SER E 588 -42.04 131.72 -11.02
CA SER E 588 -41.45 133.04 -11.23
C SER E 588 -40.72 133.51 -9.99
N THR E 589 -39.65 134.26 -10.22
CA THR E 589 -38.85 134.79 -9.12
C THR E 589 -38.46 136.25 -9.36
N VAL E 592 -35.48 135.55 -11.05
CA VAL E 592 -35.73 135.12 -12.42
C VAL E 592 -37.21 135.16 -12.71
N PRO E 593 -37.71 136.33 -13.09
CA PRO E 593 -39.16 136.48 -13.29
C PRO E 593 -39.64 135.94 -14.63
N PHE E 594 -39.16 134.76 -15.00
CA PHE E 594 -39.58 134.08 -16.22
C PHE E 594 -40.09 132.69 -15.81
N LYS E 595 -41.37 132.62 -15.48
CA LYS E 595 -41.99 131.36 -15.10
C LYS E 595 -41.94 130.36 -16.26
N THR E 596 -41.61 129.12 -15.94
CA THR E 596 -41.51 128.06 -16.95
C THR E 596 -42.57 127.00 -16.66
N ASP E 597 -43.55 126.90 -17.54
CA ASP E 597 -44.53 125.84 -17.43
C ASP E 597 -43.90 124.51 -17.81
N PRO E 598 -44.31 123.42 -17.15
CA PRO E 598 -43.84 122.10 -17.58
C PRO E 598 -44.30 121.78 -18.98
N ALA E 599 -43.44 121.08 -19.72
CA ALA E 599 -43.71 120.78 -21.13
C ALA E 599 -43.39 119.32 -21.39
N THR E 600 -44.27 118.67 -22.15
CA THR E 600 -44.11 117.29 -22.55
C THR E 600 -44.09 117.20 -24.07
N GLY E 601 -43.43 116.17 -24.57
CA GLY E 601 -43.41 115.89 -25.98
C GLY E 601 -43.76 114.44 -26.23
N ASP E 602 -44.38 114.20 -27.38
CA ASP E 602 -44.77 112.85 -27.76
C ASP E 602 -43.57 112.05 -28.20
N VAL E 603 -43.53 110.79 -27.78
CA VAL E 603 -42.45 109.87 -28.11
C VAL E 603 -42.97 108.94 -29.20
N HIS E 604 -42.48 109.11 -30.42
CA HIS E 604 -43.00 108.38 -31.57
C HIS E 604 -42.22 107.12 -31.88
N ALA E 605 -40.91 107.15 -31.66
CA ALA E 605 -40.06 105.96 -31.81
C ALA E 605 -39.34 105.74 -30.49
N MET E 606 -39.54 104.58 -29.90
CA MET E 606 -38.94 104.24 -28.61
C MET E 606 -38.16 102.94 -28.77
N GLY E 607 -36.87 102.99 -28.46
CA GLY E 607 -36.06 101.79 -28.44
C GLY E 607 -36.24 101.03 -27.15
N ALA E 608 -35.52 99.92 -27.05
CA ALA E 608 -35.69 99.03 -25.91
C ALA E 608 -35.19 99.68 -24.63
N LEU E 609 -36.05 99.74 -23.64
CA LEU E 609 -35.76 100.14 -22.28
C LEU E 609 -35.80 98.92 -21.36
N PRO E 610 -34.97 98.86 -20.33
CA PRO E 610 -35.07 97.76 -19.37
C PRO E 610 -36.43 97.77 -18.68
N GLY E 611 -36.98 96.59 -18.47
CA GLY E 611 -38.33 96.44 -17.98
C GLY E 611 -39.38 96.32 -19.06
N MET E 612 -39.00 96.49 -20.32
CA MET E 612 -39.95 96.36 -21.42
C MET E 612 -40.30 94.89 -21.68
N VAL E 613 -41.57 94.65 -21.97
CA VAL E 613 -42.05 93.32 -22.35
C VAL E 613 -42.93 93.49 -23.58
N TRP E 614 -42.87 92.50 -24.47
CA TRP E 614 -43.64 92.59 -25.71
C TRP E 614 -43.92 91.20 -26.24
N GLN E 615 -44.86 91.12 -27.17
CA GLN E 615 -45.12 89.92 -27.95
C GLN E 615 -44.63 90.12 -29.37
N ASP E 616 -44.26 89.02 -30.01
CA ASP E 616 -43.83 89.04 -31.40
C ASP E 616 -45.04 89.03 -32.32
N ARG E 617 -44.79 89.19 -33.61
CA ARG E 617 -45.86 89.14 -34.59
C ARG E 617 -46.42 87.72 -34.69
N ASP E 618 -47.69 87.64 -35.03
CA ASP E 618 -48.35 86.35 -35.21
C ASP E 618 -47.92 85.70 -36.51
N VAL E 619 -48.02 84.39 -36.55
CA VAL E 619 -47.83 83.63 -37.77
C VAL E 619 -49.19 83.25 -38.33
N TYR E 620 -49.26 83.07 -39.64
CA TYR E 620 -50.51 82.79 -40.32
C TYR E 620 -50.34 81.55 -41.18
N LEU E 621 -51.47 80.91 -41.50
CA LEU E 621 -51.41 79.73 -42.35
C LEU E 621 -50.81 80.06 -43.72
N GLN E 622 -51.02 81.26 -44.22
CA GLN E 622 -50.47 81.70 -45.49
C GLN E 622 -49.12 82.37 -45.36
N GLY E 623 -48.57 82.48 -44.15
CA GLY E 623 -47.39 83.26 -43.92
C GLY E 623 -46.11 82.44 -43.84
N PRO E 624 -44.98 83.12 -43.74
CA PRO E 624 -43.69 82.41 -43.67
C PRO E 624 -43.50 81.69 -42.35
N ILE E 625 -42.67 80.65 -42.38
CA ILE E 625 -42.35 79.87 -41.20
C ILE E 625 -41.08 80.39 -40.53
N TRP E 626 -40.00 80.52 -41.27
CA TRP E 626 -38.71 80.85 -40.70
C TRP E 626 -38.03 81.93 -41.52
N ALA E 627 -36.90 82.39 -41.00
CA ALA E 627 -36.01 83.31 -41.70
C ALA E 627 -34.60 83.10 -41.19
N LYS E 628 -33.62 83.21 -42.08
CA LYS E 628 -32.23 83.16 -41.67
C LYS E 628 -31.86 84.45 -40.95
N ILE E 629 -31.29 84.32 -39.76
CA ILE E 629 -30.77 85.48 -39.05
C ILE E 629 -29.47 85.92 -39.70
N PRO E 630 -29.33 87.19 -40.08
CA PRO E 630 -28.10 87.62 -40.74
C PRO E 630 -26.87 87.38 -39.87
N HIS E 631 -25.79 86.97 -40.52
CA HIS E 631 -24.54 86.70 -39.81
C HIS E 631 -23.83 88.02 -39.57
N THR E 632 -24.19 88.65 -38.45
CA THR E 632 -23.67 89.93 -38.05
C THR E 632 -23.05 89.83 -36.65
N ASP E 633 -22.31 90.87 -36.27
CA ASP E 633 -21.74 90.91 -34.93
C ASP E 633 -22.82 91.00 -33.87
N GLY E 634 -23.83 91.82 -34.09
CA GLY E 634 -24.87 91.98 -33.11
C GLY E 634 -26.24 91.93 -33.74
N HIS E 635 -27.20 91.49 -32.93
CA HIS E 635 -28.60 91.52 -33.31
C HIS E 635 -29.42 91.51 -32.02
N PHE E 636 -30.52 92.23 -32.02
CA PHE E 636 -31.36 92.35 -30.84
C PHE E 636 -32.67 91.61 -31.11
N HIS E 637 -32.93 90.57 -30.31
CA HIS E 637 -34.14 89.76 -30.38
C HIS E 637 -34.38 89.29 -31.82
N PRO E 638 -33.57 88.36 -32.31
CA PRO E 638 -33.56 88.04 -33.75
C PRO E 638 -34.78 87.23 -34.19
N SER E 639 -35.95 87.78 -33.95
CA SER E 639 -37.20 87.23 -34.44
C SER E 639 -37.62 87.96 -35.69
N PRO E 640 -37.90 87.27 -36.79
CA PRO E 640 -38.17 87.97 -38.05
C PRO E 640 -39.38 88.88 -37.93
N LEU E 641 -39.32 90.02 -38.61
CA LEU E 641 -40.36 91.02 -38.45
C LEU E 641 -41.63 90.64 -39.21
N MET E 642 -41.52 89.78 -40.21
CA MET E 642 -42.72 89.24 -40.84
C MET E 642 -43.39 88.17 -39.99
N GLY E 643 -42.73 87.68 -38.97
CA GLY E 643 -43.27 86.62 -38.14
C GLY E 643 -42.60 85.29 -38.44
N GLY E 644 -42.51 84.46 -37.42
CA GLY E 644 -41.90 83.16 -37.60
C GLY E 644 -40.70 82.92 -36.71
N PHE E 645 -39.89 81.95 -37.07
CA PHE E 645 -38.73 81.55 -36.30
C PHE E 645 -37.48 82.06 -36.98
N GLY E 646 -36.67 82.80 -36.24
CA GLY E 646 -35.37 83.19 -36.75
C GLY E 646 -34.36 82.12 -36.44
N LEU E 647 -33.71 81.59 -37.47
CA LEU E 647 -32.76 80.50 -37.31
C LEU E 647 -31.38 80.96 -37.79
N LYS E 648 -30.36 80.68 -36.99
CA LYS E 648 -29.00 80.95 -37.45
C LYS E 648 -28.61 80.02 -38.58
N ASN E 649 -28.95 78.74 -38.46
CA ASN E 649 -28.79 77.76 -39.53
C ASN E 649 -30.18 77.31 -39.94
N PRO E 650 -30.82 78.01 -40.86
CA PRO E 650 -32.16 77.63 -41.28
C PRO E 650 -32.11 76.40 -42.18
N PRO E 651 -33.26 75.86 -42.58
CA PRO E 651 -33.25 74.81 -43.60
C PRO E 651 -32.55 75.29 -44.85
N PRO E 652 -31.58 74.54 -45.35
CA PRO E 652 -30.78 75.01 -46.48
C PRO E 652 -31.59 75.02 -47.77
N GLN E 653 -31.09 75.80 -48.72
CA GLN E 653 -31.72 75.89 -50.01
C GLN E 653 -31.40 74.65 -50.84
N ILE E 654 -32.43 74.06 -51.43
CA ILE E 654 -32.28 72.96 -52.37
C ILE E 654 -32.37 73.55 -53.77
N LEU E 655 -31.30 73.41 -54.53
CA LEU E 655 -31.19 74.01 -55.85
C LEU E 655 -31.15 72.90 -56.89
N ILE E 656 -31.92 73.10 -57.96
CA ILE E 656 -32.15 72.07 -58.95
C ILE E 656 -32.10 72.71 -60.33
N LYS E 657 -31.51 72.01 -61.29
CA LYS E 657 -31.58 72.50 -62.66
C LYS E 657 -31.47 71.31 -63.60
N ASN E 658 -31.91 71.53 -64.84
CA ASN E 658 -31.76 70.52 -65.87
C ASN E 658 -30.35 70.59 -66.43
N THR E 659 -29.68 69.45 -66.53
CA THR E 659 -28.37 69.43 -67.14
C THR E 659 -28.50 69.77 -68.63
N PRO E 660 -27.74 70.73 -69.15
CA PRO E 660 -27.88 71.09 -70.56
C PRO E 660 -27.50 69.92 -71.46
N VAL E 661 -28.28 69.72 -72.51
CA VAL E 661 -28.02 68.74 -73.54
C VAL E 661 -27.74 69.49 -74.84
N PRO E 662 -26.51 69.51 -75.33
CA PRO E 662 -26.21 70.26 -76.56
C PRO E 662 -26.88 69.65 -77.77
N ALA E 663 -27.20 70.51 -78.73
CA ALA E 663 -27.70 70.06 -80.01
C ALA E 663 -26.53 69.56 -80.88
N ASN E 664 -26.80 69.36 -82.15
CA ASN E 664 -25.81 68.78 -83.04
C ASN E 664 -24.61 69.72 -83.19
N PRO E 665 -23.39 69.28 -82.85
CA PRO E 665 -22.23 70.14 -83.00
C PRO E 665 -21.78 70.21 -84.45
N PRO E 666 -20.98 71.21 -84.81
CA PRO E 666 -20.48 71.28 -86.18
C PRO E 666 -19.49 70.17 -86.50
N ALA E 667 -19.30 69.92 -87.79
CA ALA E 667 -18.36 68.90 -88.22
C ALA E 667 -16.92 69.27 -87.89
N GLU E 668 -16.56 70.55 -88.04
CA GLU E 668 -15.26 71.07 -87.67
C GLU E 668 -15.30 71.65 -86.26
N PHE E 669 -14.15 71.60 -85.59
CA PHE E 669 -14.06 72.05 -84.21
C PHE E 669 -14.17 73.56 -84.12
N SER E 670 -14.90 74.03 -83.12
CA SER E 670 -15.02 75.44 -82.82
C SER E 670 -14.87 75.63 -81.32
N ALA E 671 -13.99 76.54 -80.90
CA ALA E 671 -13.78 76.80 -79.49
C ALA E 671 -14.84 77.70 -78.89
N THR E 672 -15.67 78.33 -79.72
CA THR E 672 -16.79 79.11 -79.20
C THR E 672 -17.70 78.22 -78.38
N LYS E 673 -18.09 78.71 -77.21
CA LYS E 673 -18.91 77.91 -76.31
C LYS E 673 -20.26 77.61 -76.93
N PHE E 674 -20.82 76.47 -76.54
CA PHE E 674 -22.07 76.02 -77.12
C PHE E 674 -23.19 76.98 -76.78
N ALA E 675 -24.03 77.28 -77.77
CA ALA E 675 -25.21 78.10 -77.57
C ALA E 675 -26.47 77.41 -78.05
N SER E 676 -26.36 76.31 -78.77
CA SER E 676 -27.50 75.55 -79.28
C SER E 676 -27.70 74.35 -78.38
N PHE E 677 -28.85 74.31 -77.72
CA PHE E 677 -29.16 73.24 -76.78
C PHE E 677 -30.49 72.60 -77.15
N ILE E 678 -30.63 71.34 -76.75
CA ILE E 678 -31.89 70.63 -76.90
C ILE E 678 -32.84 71.15 -75.83
N THR E 679 -34.02 71.61 -76.27
CA THR E 679 -34.96 72.25 -75.35
C THR E 679 -35.67 71.19 -74.52
N GLN E 680 -35.57 71.31 -73.21
CA GLN E 680 -36.20 70.31 -72.37
C GLN E 680 -36.55 70.90 -71.01
N TYR E 681 -37.47 70.22 -70.33
CA TYR E 681 -37.85 70.55 -68.97
C TYR E 681 -37.91 69.26 -68.18
N SER E 682 -38.22 69.36 -66.89
CA SER E 682 -38.36 68.18 -66.07
C SER E 682 -39.55 68.32 -65.16
N THR E 683 -40.07 67.19 -64.72
CA THR E 683 -41.19 67.14 -63.80
C THR E 683 -40.91 66.08 -62.76
N GLY E 684 -41.59 66.17 -61.64
CA GLY E 684 -41.37 65.16 -60.62
C GLY E 684 -42.22 65.42 -59.40
N GLN E 685 -41.93 64.66 -58.35
CA GLN E 685 -42.62 64.78 -57.08
C GLN E 685 -41.64 65.16 -55.98
N VAL E 686 -42.11 66.00 -55.08
CA VAL E 686 -41.31 66.48 -53.96
C VAL E 686 -42.10 66.22 -52.67
N SER E 687 -41.44 65.66 -51.67
CA SER E 687 -42.03 65.39 -50.36
C SER E 687 -41.26 66.16 -49.30
N VAL E 688 -41.99 66.83 -48.42
CA VAL E 688 -41.42 67.48 -47.25
C VAL E 688 -42.18 66.98 -46.02
N GLU E 689 -41.44 66.50 -45.04
CA GLU E 689 -42.00 66.04 -43.78
C GLU E 689 -41.38 66.83 -42.65
N ILE E 690 -42.20 67.53 -41.87
CA ILE E 690 -41.72 68.29 -40.72
C ILE E 690 -42.35 67.74 -39.47
N GLU E 691 -41.51 67.42 -38.48
CA GLU E 691 -41.94 67.16 -37.12
C GLU E 691 -41.91 68.47 -36.35
N TRP E 692 -43.03 68.78 -35.70
CA TRP E 692 -43.21 69.96 -34.86
C TRP E 692 -43.46 69.53 -33.43
N GLU E 693 -42.81 70.21 -32.49
CA GLU E 693 -43.07 70.06 -31.08
C GLU E 693 -44.18 71.01 -30.64
N LEU E 694 -45.12 70.49 -29.87
CA LEU E 694 -46.26 71.24 -29.38
C LEU E 694 -46.07 71.58 -27.90
N GLN E 695 -46.69 72.66 -27.50
CA GLN E 695 -46.71 73.11 -26.10
C GLN E 695 -48.18 73.25 -25.75
N LYS E 696 -48.68 72.29 -24.98
CA LYS E 696 -50.09 72.17 -24.67
C LYS E 696 -50.53 73.24 -23.69
N GLU E 697 -51.80 73.64 -23.81
CA GLU E 697 -52.40 74.52 -22.82
C GLU E 697 -52.52 73.79 -21.49
N ASN E 698 -52.36 74.53 -20.40
CA ASN E 698 -52.56 74.00 -19.06
C ASN E 698 -53.46 74.94 -18.25
N SER E 699 -54.49 75.47 -18.90
CA SER E 699 -55.24 76.58 -18.36
C SER E 699 -56.22 76.14 -17.28
N LYS E 700 -56.43 77.01 -16.30
CA LYS E 700 -57.44 76.84 -15.27
C LYS E 700 -58.62 77.77 -15.47
N ARG E 701 -58.73 78.36 -16.65
CA ARG E 701 -59.82 79.26 -16.97
C ARG E 701 -61.15 78.52 -16.92
N TRP E 702 -62.17 79.19 -16.37
CA TRP E 702 -63.46 78.56 -16.17
C TRP E 702 -64.36 78.69 -17.40
N ASN E 703 -64.52 79.91 -17.91
CA ASN E 703 -65.40 80.15 -19.03
C ASN E 703 -64.78 79.61 -20.32
N PRO E 704 -65.59 79.33 -21.34
CA PRO E 704 -65.04 78.79 -22.58
C PRO E 704 -64.16 79.80 -23.31
N GLU E 705 -63.19 79.26 -24.04
CA GLU E 705 -62.22 80.05 -24.79
C GLU E 705 -62.79 80.44 -26.15
N VAL E 706 -62.15 81.44 -26.75
CA VAL E 706 -62.41 81.79 -28.14
C VAL E 706 -61.66 80.80 -29.03
N GLN E 707 -62.37 80.23 -29.99
CA GLN E 707 -61.79 79.27 -30.91
C GLN E 707 -61.99 79.75 -32.34
N TYR E 708 -61.09 79.32 -33.22
CA TYR E 708 -61.33 79.52 -34.64
C TYR E 708 -62.34 78.50 -35.11
N THR E 709 -63.40 78.97 -35.76
CA THR E 709 -64.47 78.09 -36.18
C THR E 709 -64.91 78.42 -37.60
N SER E 710 -65.43 77.41 -38.28
CA SER E 710 -66.17 77.64 -39.50
C SER E 710 -67.51 78.26 -39.19
N ASN E 711 -67.99 79.10 -40.10
CA ASN E 711 -69.32 79.67 -39.95
C ASN E 711 -70.35 78.66 -40.39
N TYR E 712 -71.36 78.43 -39.54
CA TYR E 712 -72.49 77.57 -39.88
C TYR E 712 -73.54 78.47 -40.53
N ALA E 713 -73.76 78.28 -41.82
CA ALA E 713 -74.76 79.04 -42.54
C ALA E 713 -74.79 78.52 -43.96
N LYS E 714 -75.96 78.60 -44.58
CA LYS E 714 -76.04 78.26 -46.00
C LYS E 714 -75.21 79.25 -46.80
N SER E 715 -74.21 78.73 -47.50
CA SER E 715 -73.33 79.54 -48.32
C SER E 715 -73.18 78.89 -49.67
N ALA E 716 -72.92 79.70 -50.70
CA ALA E 716 -72.77 79.17 -52.05
C ALA E 716 -71.57 78.24 -52.14
N ASN E 717 -70.53 78.49 -51.35
CA ASN E 717 -69.33 77.68 -51.32
C ASN E 717 -68.97 77.33 -49.89
N VAL E 718 -68.08 76.36 -49.76
CA VAL E 718 -67.46 76.03 -48.47
C VAL E 718 -66.11 76.72 -48.41
N ASP E 719 -65.78 77.25 -47.25
CA ASP E 719 -64.49 77.94 -47.08
C ASP E 719 -63.34 76.96 -47.19
N PHE E 720 -62.24 77.43 -47.77
CA PHE E 720 -61.02 76.64 -47.95
C PHE E 720 -61.29 75.40 -48.80
N THR E 721 -62.01 75.58 -49.90
CA THR E 721 -62.30 74.50 -50.83
C THR E 721 -62.09 74.98 -52.26
N VAL E 722 -62.48 74.17 -53.22
CA VAL E 722 -62.43 74.52 -54.62
C VAL E 722 -63.81 75.02 -55.03
N ASP E 723 -63.85 75.80 -56.11
CA ASP E 723 -65.12 76.23 -56.67
C ASP E 723 -65.51 75.29 -57.81
N ASN E 724 -66.55 75.66 -58.56
CA ASN E 724 -66.97 74.83 -59.67
C ASN E 724 -65.96 74.84 -60.82
N ASN E 725 -65.03 75.79 -60.83
CA ASN E 725 -63.97 75.80 -61.84
C ASN E 725 -62.72 75.07 -61.41
N GLY E 726 -62.66 74.59 -60.17
CA GLY E 726 -61.51 73.88 -59.68
C GLY E 726 -60.44 74.72 -59.03
N LEU E 727 -60.75 75.95 -58.67
CA LEU E 727 -59.76 76.88 -58.12
C LEU E 727 -59.83 76.87 -56.60
N TYR E 728 -58.75 76.46 -55.97
CA TYR E 728 -58.65 76.48 -54.51
C TYR E 728 -58.44 77.91 -54.04
N THR E 729 -59.23 78.33 -53.05
CA THR E 729 -59.14 79.67 -52.50
C THR E 729 -59.13 79.60 -50.98
N GLU E 730 -58.46 80.57 -50.37
CA GLU E 730 -58.47 80.73 -48.92
C GLU E 730 -59.19 82.02 -48.58
N PRO E 731 -60.38 81.96 -47.97
CA PRO E 731 -61.18 83.17 -47.76
C PRO E 731 -60.56 84.22 -46.86
N ARG E 732 -59.79 83.82 -45.87
CA ARG E 732 -59.30 84.75 -44.87
C ARG E 732 -57.96 84.25 -44.36
N PRO E 733 -57.13 85.14 -43.81
CA PRO E 733 -55.92 84.68 -43.12
C PRO E 733 -56.24 84.29 -41.68
N ILE E 734 -55.71 83.14 -41.26
CA ILE E 734 -55.95 82.61 -39.92
C ILE E 734 -54.66 82.76 -39.12
N GLY E 735 -54.75 83.43 -37.98
CA GLY E 735 -53.64 83.52 -37.05
C GLY E 735 -53.60 82.34 -36.11
N THR E 736 -52.90 82.53 -35.00
CA THR E 736 -52.70 81.47 -34.02
C THR E 736 -53.26 81.78 -32.65
N ARG E 737 -53.46 83.05 -32.32
CA ARG E 737 -53.71 83.47 -30.94
C ARG E 737 -55.20 83.40 -30.64
N TYR E 738 -55.66 82.24 -30.18
CA TYR E 738 -57.06 82.06 -29.83
C TYR E 738 -57.20 81.68 -28.36
N LEU E 739 -56.43 80.70 -27.91
CA LEU E 739 -56.38 80.40 -26.50
C LEU E 739 -55.77 81.57 -25.76
N THR E 740 -55.97 81.64 -24.45
CA THR E 740 -55.44 82.72 -23.64
C THR E 740 -54.65 82.16 -22.47
N ARG E 741 -53.81 83.01 -21.90
CA ARG E 741 -53.11 82.69 -20.67
C ARG E 741 -52.89 83.99 -19.90
N PRO E 742 -52.75 83.91 -18.58
CA PRO E 742 -52.53 85.13 -17.80
C PRO E 742 -51.16 85.73 -18.06
N LEU E 743 -51.11 87.06 -17.99
CA LEU E 743 -49.89 87.79 -18.33
C LEU E 743 -48.84 87.66 -17.24
N ASP F 219 18.99 84.18 -10.25
CA ASP F 219 19.90 83.11 -10.63
C ASP F 219 21.35 83.59 -10.70
N GLY F 220 21.58 84.84 -10.33
CA GLY F 220 22.91 85.39 -10.23
C GLY F 220 23.07 86.68 -11.01
N VAL F 221 24.17 87.38 -10.70
CA VAL F 221 24.50 88.62 -11.37
C VAL F 221 24.92 88.37 -12.81
N GLY F 222 25.72 87.33 -13.05
CA GLY F 222 26.30 87.12 -14.37
C GLY F 222 25.58 86.11 -15.22
N ASN F 223 24.34 85.82 -14.90
CA ASN F 223 23.52 84.84 -15.62
C ASN F 223 22.24 85.53 -16.06
N ALA F 224 21.95 85.47 -17.36
CA ALA F 224 20.74 86.07 -17.89
C ALA F 224 19.53 85.26 -17.47
N SER F 225 18.45 85.96 -17.09
CA SER F 225 17.24 85.30 -16.61
C SER F 225 16.20 85.10 -17.70
N GLY F 226 16.52 85.42 -18.94
CA GLY F 226 15.59 85.16 -20.02
C GLY F 226 16.24 85.44 -21.35
N ASN F 227 15.56 85.02 -22.40
CA ASN F 227 16.03 85.18 -23.77
C ASN F 227 15.06 86.06 -24.54
N TRP F 228 15.51 86.53 -25.70
CA TRP F 228 14.69 87.34 -26.58
C TRP F 228 13.78 86.43 -27.38
N HIS F 229 12.48 86.51 -27.13
CA HIS F 229 11.48 85.71 -27.83
C HIS F 229 10.56 86.65 -28.57
N CYS F 230 10.88 86.91 -29.84
CA CYS F 230 10.05 87.75 -30.70
C CYS F 230 9.83 86.99 -32.00
N ASP F 231 8.62 86.50 -32.21
CA ASP F 231 8.36 85.55 -33.27
C ASP F 231 6.86 85.56 -33.56
N SER F 232 6.48 84.77 -34.57
CA SER F 232 5.06 84.55 -34.88
C SER F 232 4.94 83.21 -35.56
N THR F 233 4.20 82.29 -34.95
CA THR F 233 4.03 80.94 -35.46
C THR F 233 2.59 80.76 -35.91
N TRP F 234 2.41 80.32 -37.14
CA TRP F 234 1.09 80.12 -37.70
C TRP F 234 0.81 78.63 -37.78
N LEU F 235 -0.12 78.17 -36.97
CA LEU F 235 -0.61 76.80 -37.06
C LEU F 235 -1.84 76.79 -37.94
N GLY F 236 -2.57 75.67 -37.97
CA GLY F 236 -3.73 75.60 -38.85
C GLY F 236 -4.82 76.59 -38.46
N ASP F 237 -5.22 76.60 -37.20
CA ASP F 237 -6.29 77.47 -36.74
C ASP F 237 -5.86 78.40 -35.62
N ARG F 238 -4.59 78.40 -35.24
CA ARG F 238 -4.06 79.28 -34.22
C ARG F 238 -2.93 80.09 -34.81
N VAL F 239 -2.67 81.24 -34.22
CA VAL F 239 -1.44 81.97 -34.43
C VAL F 239 -0.91 82.40 -33.07
N ILE F 240 0.37 82.16 -32.82
CA ILE F 240 1.01 82.54 -31.57
C ILE F 240 1.99 83.65 -31.87
N THR F 241 1.76 84.82 -31.27
CA THR F 241 2.61 85.98 -31.45
C THR F 241 3.40 86.23 -30.17
N THR F 242 4.71 86.33 -30.29
CA THR F 242 5.58 86.64 -29.17
C THR F 242 6.30 87.95 -29.44
N SER F 243 6.40 88.79 -28.43
CA SER F 243 7.04 90.10 -28.55
C SER F 243 7.88 90.37 -27.32
N THR F 244 9.15 90.68 -27.55
CA THR F 244 10.05 91.13 -26.51
C THR F 244 10.43 92.58 -26.75
N ARG F 245 10.44 93.37 -25.70
CA ARG F 245 10.82 94.78 -25.76
C ARG F 245 11.73 95.11 -24.59
N THR F 246 12.48 96.20 -24.74
CA THR F 246 13.31 96.72 -23.67
C THR F 246 12.62 97.93 -23.06
N TRP F 247 12.45 97.90 -21.75
CA TRP F 247 11.76 98.96 -21.03
C TRP F 247 12.70 99.65 -20.04
N ALA F 248 12.38 100.92 -19.80
CA ALA F 248 13.02 101.73 -18.76
C ALA F 248 11.93 102.25 -17.82
N LEU F 249 12.13 102.03 -16.52
CA LEU F 249 11.20 102.45 -15.49
C LEU F 249 11.89 103.46 -14.59
N PRO F 250 11.42 104.70 -14.53
CA PRO F 250 12.01 105.67 -13.60
C PRO F 250 11.37 105.62 -12.23
N THR F 251 11.78 106.52 -11.35
CA THR F 251 11.10 106.72 -10.08
C THR F 251 10.06 107.83 -10.29
N TYR F 252 8.81 107.52 -9.96
CA TYR F 252 7.70 108.44 -10.15
C TYR F 252 7.31 109.06 -8.82
N ASN F 253 7.13 110.38 -8.81
CA ASN F 253 6.62 111.14 -7.67
C ASN F 253 7.57 111.16 -6.48
N ASN F 254 8.82 110.78 -6.67
CA ASN F 254 9.75 110.57 -5.55
C ASN F 254 9.20 109.57 -4.55
N HIS F 255 8.65 108.47 -5.06
CA HIS F 255 8.11 107.37 -4.26
C HIS F 255 6.91 107.80 -3.43
N LEU F 256 6.18 108.82 -3.89
CA LEU F 256 5.07 109.38 -3.12
C LEU F 256 3.75 109.12 -3.83
N TYR F 257 2.71 108.97 -3.02
CA TYR F 257 1.33 108.99 -3.51
C TYR F 257 0.84 110.42 -3.41
N LYS F 258 0.35 110.97 -4.50
CA LYS F 258 -0.10 112.35 -4.52
C LYS F 258 -1.56 112.41 -4.93
N GLN F 259 -2.29 113.31 -4.30
CA GLN F 259 -3.69 113.55 -4.64
C GLN F 259 -3.74 114.62 -5.71
N ILE F 260 -4.40 114.31 -6.82
CA ILE F 260 -4.49 115.22 -7.96
C ILE F 260 -5.95 115.57 -8.20
N SER F 261 -6.17 116.80 -8.63
CA SER F 261 -7.52 117.27 -8.96
C SER F 261 -7.39 118.41 -9.95
N SER F 262 -8.51 119.04 -10.27
CA SER F 262 -8.57 120.13 -11.22
C SER F 262 -8.65 121.49 -10.56
N ALA F 263 -8.52 121.56 -9.23
CA ALA F 263 -8.69 122.81 -8.51
C ALA F 263 -7.67 123.85 -8.92
N SER F 264 -6.39 123.45 -9.02
CA SER F 264 -5.39 124.39 -9.49
C SER F 264 -5.48 124.62 -10.99
N THR F 265 -5.95 123.62 -11.73
CA THR F 265 -6.08 123.77 -13.18
C THR F 265 -7.10 124.85 -13.52
N GLY F 266 -8.17 124.94 -12.74
CA GLY F 266 -9.23 125.88 -13.08
C GLY F 266 -9.97 125.54 -14.34
N ALA F 267 -10.33 124.26 -14.51
CA ALA F 267 -10.98 123.78 -15.71
C ALA F 267 -12.47 124.09 -15.67
N SER F 268 -13.16 123.76 -16.76
CA SER F 268 -14.60 123.89 -16.82
C SER F 268 -15.26 122.78 -16.01
N ASN F 269 -16.57 122.93 -15.80
CA ASN F 269 -17.30 121.94 -15.01
C ASN F 269 -17.25 120.55 -15.65
N ASP F 270 -17.13 120.50 -16.98
CA ASP F 270 -17.07 119.22 -17.67
C ASP F 270 -15.74 118.51 -17.51
N ASN F 271 -14.68 119.24 -17.17
CA ASN F 271 -13.34 118.69 -17.11
C ASN F 271 -12.83 118.53 -15.69
N HIS F 272 -13.70 118.69 -14.70
CA HIS F 272 -13.30 118.53 -13.31
C HIS F 272 -13.01 117.07 -13.01
N TYR F 273 -12.02 116.85 -12.14
CA TYR F 273 -11.69 115.48 -11.74
C TYR F 273 -11.03 115.49 -10.38
N PHE F 274 -11.00 114.31 -9.77
CA PHE F 274 -10.32 114.07 -8.51
C PHE F 274 -9.75 112.66 -8.56
N GLY F 275 -8.50 112.51 -8.16
CA GLY F 275 -7.89 111.21 -8.21
C GLY F 275 -6.56 111.18 -7.51
N TYR F 276 -5.79 110.15 -7.83
CA TYR F 276 -4.51 109.93 -7.19
C TYR F 276 -3.47 109.51 -8.21
N SER F 277 -2.24 109.96 -7.97
CA SER F 277 -1.06 109.60 -8.75
C SER F 277 -0.19 108.68 -7.88
N THR F 278 0.12 107.49 -8.37
CA THR F 278 0.92 106.60 -7.57
C THR F 278 2.37 106.60 -8.05
N PRO F 279 3.31 106.15 -7.23
CA PRO F 279 4.68 105.99 -7.71
C PRO F 279 4.92 104.77 -8.59
N TRP F 280 3.88 104.02 -8.92
CA TRP F 280 4.01 102.82 -9.71
C TRP F 280 3.85 103.12 -11.19
N GLY F 281 4.48 102.29 -12.02
CA GLY F 281 4.19 102.23 -13.43
C GLY F 281 3.46 100.94 -13.74
N TYR F 282 2.94 100.85 -14.96
CA TYR F 282 2.22 99.66 -15.36
C TYR F 282 2.66 99.25 -16.76
N PHE F 283 2.47 97.97 -17.05
CA PHE F 283 2.80 97.41 -18.35
C PHE F 283 1.55 97.34 -19.21
N ASP F 284 1.65 97.87 -20.42
CA ASP F 284 0.53 97.94 -21.35
C ASP F 284 0.92 97.30 -22.67
N PHE F 285 0.13 96.33 -23.11
CA PHE F 285 0.30 95.73 -24.43
C PHE F 285 -1.07 95.58 -25.08
N ASN F 286 -1.90 96.62 -24.95
CA ASN F 286 -3.27 96.60 -25.43
C ASN F 286 -3.41 97.29 -26.78
N ARG F 287 -2.46 97.10 -27.68
CA ARG F 287 -2.58 97.49 -29.07
C ARG F 287 -2.17 96.32 -29.94
N PHE F 288 -2.74 96.25 -31.15
CA PHE F 288 -2.50 95.09 -31.99
C PHE F 288 -1.08 95.07 -32.55
N HIS F 289 -0.46 96.23 -32.74
CA HIS F 289 0.88 96.26 -33.29
C HIS F 289 1.94 95.96 -32.24
N CYS F 290 1.58 95.84 -30.96
CA CYS F 290 2.50 95.29 -29.98
C CYS F 290 2.75 93.81 -30.20
N HIS F 291 1.90 93.16 -30.99
CA HIS F 291 1.96 91.73 -31.19
C HIS F 291 2.10 91.31 -32.64
N PHE F 292 1.52 92.06 -33.58
CA PHE F 292 1.56 91.71 -34.99
C PHE F 292 2.48 92.67 -35.72
N SER F 293 3.38 92.11 -36.53
CA SER F 293 4.05 92.92 -37.53
C SER F 293 3.03 93.26 -38.62
N PRO F 294 3.30 94.29 -39.42
CA PRO F 294 2.38 94.57 -40.54
C PRO F 294 2.22 93.40 -41.49
N ARG F 295 3.27 92.64 -41.74
CA ARG F 295 3.17 91.45 -42.57
C ARG F 295 2.24 90.41 -41.93
N ASP F 296 2.38 90.19 -40.62
CA ASP F 296 1.51 89.24 -39.94
C ASP F 296 0.07 89.72 -39.92
N TRP F 297 -0.14 91.02 -39.75
CA TRP F 297 -1.48 91.57 -39.81
C TRP F 297 -2.11 91.37 -41.17
N GLN F 298 -1.35 91.61 -42.23
CA GLN F 298 -1.84 91.39 -43.58
C GLN F 298 -2.16 89.91 -43.80
N ARG F 299 -1.29 89.02 -43.34
CA ARG F 299 -1.54 87.60 -43.45
C ARG F 299 -2.81 87.19 -42.72
N LEU F 300 -3.06 87.78 -41.55
CA LEU F 300 -4.28 87.47 -40.81
C LEU F 300 -5.52 87.97 -41.53
N ILE F 301 -5.52 89.25 -41.93
CA ILE F 301 -6.73 89.88 -42.44
C ILE F 301 -7.04 89.48 -43.88
N ASN F 302 -6.07 89.02 -44.64
CA ASN F 302 -6.33 88.61 -46.00
C ASN F 302 -6.83 87.17 -46.10
N ASN F 303 -6.77 86.43 -45.01
CA ASN F 303 -7.04 84.99 -45.06
C ASN F 303 -8.05 84.50 -44.05
N ASN F 304 -8.38 85.28 -43.02
CA ASN F 304 -9.23 84.80 -41.97
C ASN F 304 -10.54 85.58 -41.93
N TRP F 305 -11.63 84.87 -41.69
CA TRP F 305 -12.92 85.50 -41.49
C TRP F 305 -13.10 86.03 -40.08
N GLY F 306 -12.33 85.55 -39.13
CA GLY F 306 -12.44 86.10 -37.79
C GLY F 306 -11.28 85.68 -36.93
N PHE F 307 -11.15 86.34 -35.79
CA PHE F 307 -10.11 85.93 -34.86
C PHE F 307 -10.44 86.38 -33.45
N ARG F 308 -9.79 85.75 -32.48
CA ARG F 308 -9.98 86.13 -31.08
C ARG F 308 -8.79 85.65 -30.28
N PRO F 309 -8.55 86.23 -29.10
CA PRO F 309 -7.45 85.75 -28.25
C PRO F 309 -7.85 84.62 -27.32
N LYS F 310 -6.96 83.64 -27.21
CA LYS F 310 -7.11 82.45 -26.39
C LYS F 310 -6.30 82.54 -25.10
N ARG F 311 -5.01 82.81 -25.17
CA ARG F 311 -4.25 82.81 -23.93
C ARG F 311 -3.03 83.70 -24.06
N LEU F 312 -2.43 84.04 -22.92
CA LEU F 312 -1.22 84.84 -22.95
C LEU F 312 -0.27 84.47 -21.82
N ASN F 313 1.01 84.67 -22.08
CA ASN F 313 2.10 84.55 -21.14
C ASN F 313 2.83 85.87 -21.07
N PHE F 314 3.19 86.28 -19.87
CA PHE F 314 3.91 87.51 -19.61
C PHE F 314 5.17 87.16 -18.84
N LYS F 315 6.31 87.68 -19.28
CA LYS F 315 7.57 87.47 -18.61
C LYS F 315 8.31 88.79 -18.48
N LEU F 316 8.98 88.95 -17.35
CA LEU F 316 9.79 90.12 -17.04
C LEU F 316 11.15 89.62 -16.60
N PHE F 317 12.20 90.01 -17.32
CA PHE F 317 13.50 89.38 -17.09
C PHE F 317 14.61 90.37 -17.38
N ASN F 318 15.82 90.01 -16.91
CA ASN F 318 17.04 90.79 -17.10
C ASN F 318 16.92 92.17 -16.48
N ILE F 319 16.59 92.19 -15.20
CA ILE F 319 16.42 93.45 -14.47
C ILE F 319 17.77 94.05 -14.16
N GLN F 320 17.91 95.35 -14.43
CA GLN F 320 19.11 96.10 -14.07
C GLN F 320 18.68 97.39 -13.40
N VAL F 321 19.03 97.55 -12.14
CA VAL F 321 18.79 98.80 -11.42
C VAL F 321 20.04 99.67 -11.53
N LYS F 322 19.85 100.91 -11.91
CA LYS F 322 20.94 101.85 -12.11
C LYS F 322 20.79 103.03 -11.18
N GLU F 323 21.87 103.34 -10.46
CA GLU F 323 21.98 104.51 -9.61
C GLU F 323 22.52 105.70 -10.39
N VAL F 324 21.93 106.87 -10.19
CA VAL F 324 22.28 108.09 -10.90
C VAL F 324 22.70 109.16 -9.90
N THR F 325 23.86 109.77 -10.14
CA THR F 325 24.33 110.91 -9.35
C THR F 325 24.72 112.03 -10.29
N THR F 326 24.15 113.22 -10.10
CA THR F 326 24.53 114.39 -10.89
C THR F 326 25.30 115.36 -9.97
N ASN F 327 26.56 115.59 -10.30
CA ASN F 327 27.41 116.52 -9.56
C ASN F 327 28.06 117.50 -10.54
N ASP F 328 27.97 118.78 -10.22
CA ASP F 328 28.58 119.85 -11.02
C ASP F 328 28.12 119.79 -12.47
N GLY F 329 26.93 119.25 -12.71
CA GLY F 329 26.37 119.14 -14.03
C GLY F 329 26.67 117.86 -14.77
N VAL F 330 27.61 117.05 -14.28
CA VAL F 330 27.95 115.80 -14.95
C VAL F 330 27.28 114.65 -14.21
N THR F 331 26.80 113.68 -14.99
CA THR F 331 25.96 112.60 -14.49
C THR F 331 26.73 111.28 -14.54
N THR F 332 26.76 110.59 -13.41
CA THR F 332 27.34 109.26 -13.28
C THR F 332 26.23 108.24 -13.10
N ILE F 333 26.29 107.16 -13.85
CA ILE F 333 25.36 106.04 -13.72
C ILE F 333 26.16 104.81 -13.33
N ALA F 334 25.73 104.12 -12.29
CA ALA F 334 26.37 102.90 -11.85
C ALA F 334 25.33 101.81 -11.68
N ASN F 335 25.79 100.58 -11.56
CA ASN F 335 24.88 99.47 -11.28
C ASN F 335 24.65 99.36 -9.78
N ASN F 336 23.40 99.14 -9.42
CA ASN F 336 23.03 98.87 -8.03
C ASN F 336 22.60 97.41 -7.97
N LEU F 337 23.54 96.54 -7.57
CA LEU F 337 23.31 95.11 -7.67
C LEU F 337 22.35 94.58 -6.61
N THR F 338 22.09 95.33 -5.55
CA THR F 338 21.27 94.86 -4.45
C THR F 338 19.90 95.51 -4.38
N SER F 339 19.54 96.32 -5.37
CA SER F 339 18.25 96.97 -5.39
C SER F 339 17.20 96.08 -6.05
N THR F 340 15.94 96.35 -5.75
CA THR F 340 14.84 95.53 -6.21
C THR F 340 13.81 96.37 -6.95
N VAL F 341 13.07 95.69 -7.83
CA VAL F 341 11.82 96.21 -8.39
C VAL F 341 10.69 95.34 -7.86
N GLN F 342 9.62 95.98 -7.41
CA GLN F 342 8.42 95.27 -7.00
C GLN F 342 7.48 95.15 -8.18
N VAL F 343 6.99 93.94 -8.43
CA VAL F 343 6.07 93.66 -9.51
C VAL F 343 4.89 92.88 -8.95
N PHE F 344 3.68 93.25 -9.34
CA PHE F 344 2.55 92.39 -9.03
C PHE F 344 1.49 92.51 -10.12
N SER F 345 0.70 91.46 -10.25
CA SER F 345 -0.41 91.41 -11.19
C SER F 345 -1.70 91.53 -10.40
N ASP F 346 -2.59 92.41 -10.85
CA ASP F 346 -3.86 92.64 -10.17
C ASP F 346 -4.89 91.67 -10.71
N SER F 347 -4.73 90.40 -10.32
CA SER F 347 -5.51 89.30 -10.90
C SER F 347 -6.95 89.27 -10.42
N GLU F 348 -7.26 89.93 -9.30
CA GLU F 348 -8.62 89.96 -8.77
C GLU F 348 -9.34 91.25 -9.10
N TYR F 349 -8.74 92.11 -9.91
CA TYR F 349 -9.36 93.35 -10.37
C TYR F 349 -9.86 94.20 -9.21
N GLN F 350 -9.00 94.34 -8.20
CA GLN F 350 -9.30 95.13 -7.02
C GLN F 350 -8.88 96.59 -7.18
N LEU F 351 -8.21 96.92 -8.24
CA LEU F 351 -7.74 98.25 -8.54
C LEU F 351 -8.56 98.86 -9.67
N PRO F 352 -8.59 100.18 -9.77
CA PRO F 352 -9.19 100.79 -10.96
C PRO F 352 -8.45 100.38 -12.21
N TYR F 353 -9.21 99.98 -13.23
CA TYR F 353 -8.63 99.50 -14.48
C TYR F 353 -8.45 100.68 -15.42
N VAL F 354 -7.20 101.13 -15.57
CA VAL F 354 -6.93 102.26 -16.45
C VAL F 354 -6.54 101.81 -17.85
N LEU F 355 -6.31 100.52 -18.06
CA LEU F 355 -6.14 100.02 -19.41
C LEU F 355 -7.49 100.08 -20.11
N GLY F 356 -7.47 100.02 -21.42
CA GLY F 356 -8.71 100.12 -22.17
C GLY F 356 -9.24 101.52 -22.34
N SER F 357 -8.43 102.53 -22.04
CA SER F 357 -8.77 103.92 -22.32
C SER F 357 -7.92 104.50 -23.44
N ALA F 358 -7.19 103.65 -24.17
CA ALA F 358 -6.39 104.04 -25.33
C ALA F 358 -5.29 105.03 -24.95
N HIS F 359 -4.49 104.67 -23.96
CA HIS F 359 -3.42 105.54 -23.49
C HIS F 359 -2.09 105.18 -24.13
N GLN F 360 -1.19 106.15 -24.14
CA GLN F 360 0.17 105.92 -24.55
C GLN F 360 0.91 105.09 -23.52
N GLY F 361 2.03 104.51 -23.93
CA GLY F 361 2.83 103.73 -23.02
C GLY F 361 2.83 102.24 -23.29
N CYS F 362 2.19 101.82 -24.37
CA CYS F 362 2.22 100.42 -24.76
C CYS F 362 3.61 100.04 -25.25
N LEU F 363 3.80 98.75 -25.47
CA LEU F 363 5.02 98.31 -26.15
C LEU F 363 5.05 98.93 -27.55
N PRO F 364 6.20 99.43 -27.98
CA PRO F 364 6.28 100.06 -29.30
C PRO F 364 6.04 99.04 -30.41
N PRO F 365 5.53 99.49 -31.56
CA PRO F 365 5.32 98.54 -32.67
C PRO F 365 6.60 97.90 -33.16
N PHE F 366 7.68 98.65 -33.22
CA PHE F 366 8.95 98.14 -33.73
C PHE F 366 9.73 97.46 -32.61
N PRO F 367 10.14 96.20 -32.79
CA PRO F 367 10.81 95.47 -31.70
C PRO F 367 12.14 96.06 -31.27
N ALA F 368 12.75 96.92 -32.08
CA ALA F 368 14.03 97.51 -31.72
C ALA F 368 13.88 98.73 -30.80
N ASP F 369 12.66 99.20 -30.56
CA ASP F 369 12.46 100.42 -29.82
C ASP F 369 12.44 100.15 -28.32
N VAL F 370 13.05 101.06 -27.57
CA VAL F 370 13.09 101.00 -26.12
C VAL F 370 12.07 101.96 -25.57
N PHE F 371 11.23 101.50 -24.66
CA PHE F 371 10.10 102.32 -24.23
C PHE F 371 10.13 102.57 -22.72
N MET F 372 9.64 103.75 -22.35
CA MET F 372 9.50 104.15 -20.97
C MET F 372 8.17 103.65 -20.43
N ILE F 373 8.18 103.20 -19.19
CA ILE F 373 6.97 102.64 -18.58
C ILE F 373 6.10 103.77 -18.06
N PRO F 374 4.81 103.80 -18.41
CA PRO F 374 3.95 104.90 -17.97
C PRO F 374 3.56 104.82 -16.50
N GLN F 375 3.31 105.98 -15.92
CA GLN F 375 2.97 106.05 -14.50
C GLN F 375 1.53 105.65 -14.27
N TYR F 376 1.27 105.00 -13.14
CA TYR F 376 -0.07 104.61 -12.78
C TYR F 376 -0.77 105.71 -11.98
N GLY F 377 -2.00 105.98 -12.34
CA GLY F 377 -2.83 106.90 -11.60
C GLY F 377 -4.27 106.56 -11.92
N TYR F 378 -5.16 106.99 -11.04
CA TYR F 378 -6.57 106.69 -11.24
C TYR F 378 -7.39 107.88 -10.80
N LEU F 379 -8.65 107.86 -11.20
CA LEU F 379 -9.62 108.86 -10.80
C LEU F 379 -10.69 108.19 -9.94
N THR F 380 -11.27 108.95 -9.03
CA THR F 380 -12.33 108.46 -8.18
C THR F 380 -13.50 109.44 -8.25
N LEU F 381 -14.55 109.14 -7.50
CA LEU F 381 -15.73 109.98 -7.50
C LEU F 381 -15.38 111.41 -7.12
N ASN F 382 -15.89 112.36 -7.88
CA ASN F 382 -15.61 113.76 -7.62
C ASN F 382 -16.88 114.58 -7.71
N ASN F 383 -16.94 115.64 -6.90
CA ASN F 383 -18.00 116.63 -6.92
C ASN F 383 -17.35 117.95 -7.27
N GLY F 384 -17.19 118.19 -8.57
CA GLY F 384 -16.35 119.29 -9.01
C GLY F 384 -14.90 118.88 -8.88
N SER F 385 -14.10 119.73 -8.26
CA SER F 385 -12.72 119.38 -7.97
C SER F 385 -12.56 118.73 -6.60
N GLN F 386 -13.66 118.47 -5.90
CA GLN F 386 -13.63 117.91 -4.57
C GLN F 386 -13.95 116.42 -4.63
N ALA F 387 -13.73 115.74 -3.51
CA ALA F 387 -14.05 114.34 -3.36
C ALA F 387 -15.40 114.19 -2.65
N VAL F 388 -15.82 112.95 -2.46
CA VAL F 388 -16.99 112.62 -1.69
C VAL F 388 -16.62 111.54 -0.67
N GLY F 389 -17.60 111.12 0.12
CA GLY F 389 -17.34 110.08 1.10
C GLY F 389 -17.03 108.75 0.47
N ARG F 390 -17.63 108.44 -0.67
CA ARG F 390 -17.45 107.18 -1.36
C ARG F 390 -16.27 107.19 -2.31
N SER F 391 -15.54 108.31 -2.37
CA SER F 391 -14.29 108.33 -3.12
C SER F 391 -13.30 107.37 -2.50
N SER F 392 -12.70 106.52 -3.32
CA SER F 392 -11.79 105.50 -2.83
C SER F 392 -10.34 105.94 -2.99
N PHE F 393 -9.51 105.40 -2.11
CA PHE F 393 -8.07 105.54 -2.19
C PHE F 393 -7.47 104.15 -2.13
N TYR F 394 -6.47 103.90 -2.97
CA TYR F 394 -5.84 102.60 -3.06
C TYR F 394 -4.34 102.78 -2.85
N CYS F 395 -3.81 102.19 -1.80
CA CYS F 395 -2.37 102.01 -1.66
C CYS F 395 -1.98 100.75 -2.40
N LEU F 396 -1.09 100.87 -3.37
CA LEU F 396 -0.65 99.71 -4.12
C LEU F 396 0.42 98.92 -3.38
N GLU F 397 1.00 99.48 -2.33
CA GLU F 397 1.87 98.72 -1.44
C GLU F 397 1.06 97.81 -0.52
N TYR F 398 -0.25 97.96 -0.49
CA TYR F 398 -1.13 97.09 0.26
C TYR F 398 -1.46 95.81 -0.49
N PHE F 399 -0.65 95.46 -1.48
CA PHE F 399 -0.75 94.22 -2.23
C PHE F 399 0.49 93.39 -2.01
N PRO F 400 0.39 92.07 -2.14
CA PRO F 400 1.60 91.23 -2.20
C PRO F 400 2.32 91.44 -3.52
N SER F 401 3.59 91.83 -3.43
CA SER F 401 4.43 92.06 -4.60
C SER F 401 5.59 91.07 -4.58
N GLN F 402 6.07 90.72 -5.77
CA GLN F 402 7.30 89.99 -5.89
C GLN F 402 8.44 90.99 -6.03
N MET F 403 9.46 90.86 -5.20
CA MET F 403 10.64 91.71 -5.24
C MET F 403 11.70 91.02 -6.08
N LEU F 404 12.20 91.73 -7.08
CA LEU F 404 13.13 91.18 -8.07
C LEU F 404 14.45 91.91 -7.97
N ARG F 405 15.51 91.18 -7.67
CA ARG F 405 16.86 91.69 -7.83
C ARG F 405 17.33 91.38 -9.25
N THR F 406 18.60 91.65 -9.55
CA THR F 406 19.05 91.58 -10.93
C THR F 406 19.09 90.16 -11.47
N GLY F 407 18.98 89.14 -10.62
CA GLY F 407 19.00 87.77 -11.10
C GLY F 407 17.64 87.11 -11.15
N ASN F 408 16.59 87.84 -10.80
CA ASN F 408 15.25 87.29 -10.71
C ASN F 408 14.44 87.65 -11.95
N ASN F 409 13.40 86.84 -12.20
CA ASN F 409 12.43 87.12 -13.24
C ASN F 409 11.03 86.93 -12.69
N PHE F 410 10.05 87.33 -13.50
CA PHE F 410 8.65 87.33 -13.13
C PHE F 410 7.85 86.72 -14.27
N THR F 411 6.99 85.76 -13.97
CA THR F 411 6.16 85.14 -14.99
C THR F 411 4.70 85.18 -14.58
N PHE F 412 3.82 85.16 -15.56
CA PHE F 412 2.39 85.23 -15.28
C PHE F 412 1.62 84.72 -16.50
N SER F 413 0.69 83.80 -16.26
CA SER F 413 -0.14 83.25 -17.34
C SER F 413 -1.58 83.69 -17.17
N TYR F 414 -2.28 83.81 -18.29
CA TYR F 414 -3.67 84.24 -18.26
C TYR F 414 -4.42 83.57 -19.40
N THR F 415 -5.66 83.17 -19.14
CA THR F 415 -6.53 82.58 -20.14
C THR F 415 -7.69 83.52 -20.40
N PHE F 416 -7.93 83.82 -21.67
CA PHE F 416 -9.07 84.65 -22.04
C PHE F 416 -10.37 83.86 -21.89
N GLU F 417 -11.43 84.56 -21.51
CA GLU F 417 -12.76 83.98 -21.54
C GLU F 417 -13.21 83.78 -22.98
N GLU F 418 -14.25 82.97 -23.15
CA GLU F 418 -14.77 82.69 -24.49
C GLU F 418 -15.49 83.95 -24.98
N VAL F 419 -14.79 84.73 -25.79
CA VAL F 419 -15.30 85.96 -26.38
C VAL F 419 -15.66 85.63 -27.82
N PRO F 420 -16.63 86.31 -28.43
CA PRO F 420 -16.91 86.06 -29.86
C PRO F 420 -15.75 86.48 -30.73
N PHE F 421 -15.62 85.79 -31.86
CA PHE F 421 -14.64 86.16 -32.86
C PHE F 421 -14.91 87.58 -33.35
N HIS F 422 -13.86 88.37 -33.50
CA HIS F 422 -13.97 89.60 -34.25
C HIS F 422 -14.09 89.26 -35.73
N SER F 423 -14.93 90.03 -36.42
CA SER F 423 -15.29 89.81 -37.82
C SER F 423 -14.29 90.48 -38.73
N SER F 424 -13.41 89.69 -39.36
CA SER F 424 -12.48 90.21 -40.35
C SER F 424 -13.06 90.20 -41.75
N TYR F 425 -14.37 90.33 -41.88
CA TYR F 425 -15.04 90.27 -43.16
C TYR F 425 -15.97 91.46 -43.32
N ALA F 426 -16.23 91.80 -44.57
CA ALA F 426 -17.36 92.63 -44.98
C ALA F 426 -18.47 91.73 -45.51
N HIS F 427 -19.63 92.32 -45.71
CA HIS F 427 -20.77 91.61 -46.24
C HIS F 427 -20.89 91.87 -47.74
N SER F 428 -21.12 90.81 -48.50
CA SER F 428 -21.32 90.92 -49.93
C SER F 428 -22.72 91.36 -50.31
N GLN F 429 -23.64 91.37 -49.37
CA GLN F 429 -25.01 91.81 -49.61
C GLN F 429 -25.35 92.94 -48.64
N SER F 430 -26.28 93.78 -49.06
CA SER F 430 -26.84 94.80 -48.20
C SER F 430 -28.12 94.28 -47.55
N LEU F 431 -28.46 94.85 -46.40
CA LEU F 431 -29.59 94.35 -45.63
C LEU F 431 -30.91 94.59 -46.34
N ASP F 432 -31.02 95.67 -47.10
CA ASP F 432 -32.22 95.96 -47.86
C ASP F 432 -32.22 95.34 -49.25
N ARG F 433 -31.31 94.41 -49.50
CA ARG F 433 -31.16 93.76 -50.80
C ARG F 433 -30.98 92.26 -50.63
N LEU F 434 -31.77 91.65 -49.75
CA LEU F 434 -31.63 90.24 -49.42
C LEU F 434 -32.63 89.37 -50.17
N MET F 435 -33.35 89.93 -51.13
CA MET F 435 -34.42 89.23 -51.82
C MET F 435 -33.94 88.60 -53.10
N ASN F 436 -34.75 87.70 -53.63
CA ASN F 436 -34.57 87.22 -54.99
C ASN F 436 -34.99 88.32 -55.96
N PRO F 437 -34.09 88.78 -56.83
CA PRO F 437 -34.45 89.86 -57.76
C PRO F 437 -35.27 89.41 -58.96
N LEU F 438 -35.67 88.15 -59.04
CA LEU F 438 -36.45 87.67 -60.16
C LEU F 438 -37.88 87.32 -59.82
N ILE F 439 -38.16 86.98 -58.57
CA ILE F 439 -39.46 86.48 -58.15
C ILE F 439 -40.19 87.58 -57.40
N ASP F 440 -41.50 87.65 -57.59
CA ASP F 440 -42.34 88.55 -56.82
C ASP F 440 -42.58 87.99 -55.43
N GLN F 441 -43.23 88.80 -54.60
CA GLN F 441 -43.64 88.37 -53.27
C GLN F 441 -45.11 87.95 -53.29
N TYR F 442 -45.52 87.26 -52.24
CA TYR F 442 -46.93 87.00 -52.04
C TYR F 442 -47.55 87.98 -51.04
N LEU F 443 -46.80 88.98 -50.62
CA LEU F 443 -47.27 89.99 -49.69
C LEU F 443 -47.58 91.28 -50.44
N TYR F 444 -48.69 91.91 -50.07
CA TYR F 444 -49.12 93.14 -50.69
C TYR F 444 -48.84 94.32 -49.75
N TYR F 445 -48.74 95.50 -50.35
CA TYR F 445 -48.54 96.72 -49.60
C TYR F 445 -49.44 97.80 -50.21
N LEU F 446 -49.79 98.78 -49.40
CA LEU F 446 -50.54 99.92 -49.90
C LEU F 446 -49.66 100.78 -50.79
N ASN F 447 -50.03 100.88 -52.06
CA ASN F 447 -49.22 101.57 -53.05
C ASN F 447 -49.72 102.97 -53.37
N ARG F 448 -51.03 103.13 -53.52
CA ARG F 448 -51.63 104.41 -53.82
C ARG F 448 -52.79 104.67 -52.88
N THR F 449 -52.91 105.90 -52.39
CA THR F 449 -54.12 106.36 -51.75
C THR F 449 -54.88 107.38 -52.59
N GLN F 450 -54.50 107.54 -53.85
CA GLN F 450 -55.21 108.37 -54.81
C GLN F 450 -55.35 107.60 -56.10
N ASN F 451 -56.27 108.06 -56.95
CA ASN F 451 -56.50 107.40 -58.23
C ASN F 451 -55.29 107.56 -59.13
N GLN F 452 -54.92 106.47 -59.81
CA GLN F 452 -53.74 106.48 -60.67
C GLN F 452 -53.97 107.22 -61.98
N SER F 453 -55.21 107.28 -62.46
CA SER F 453 -55.48 107.87 -63.77
C SER F 453 -55.09 109.34 -63.82
N GLY F 454 -55.47 110.11 -62.80
CA GLY F 454 -55.10 111.50 -62.72
C GLY F 454 -56.08 112.47 -63.35
N SER F 455 -57.03 111.98 -64.17
CA SER F 455 -58.05 112.87 -64.72
C SER F 455 -58.89 113.48 -63.61
N ALA F 456 -59.26 112.68 -62.62
CA ALA F 456 -59.79 113.15 -61.36
C ALA F 456 -58.74 112.96 -60.26
N GLN F 457 -58.97 113.60 -59.13
CA GLN F 457 -58.05 113.55 -57.99
C GLN F 457 -58.69 112.85 -56.79
N ASN F 458 -59.38 111.74 -57.03
CA ASN F 458 -60.10 111.06 -55.97
C ASN F 458 -59.17 110.15 -55.17
N LYS F 459 -59.55 109.92 -53.92
CA LYS F 459 -58.80 109.01 -53.08
C LYS F 459 -59.13 107.57 -53.44
N ASP F 460 -58.32 106.65 -52.93
CA ASP F 460 -58.53 105.23 -53.17
C ASP F 460 -57.68 104.44 -52.19
N LEU F 461 -57.74 103.11 -52.33
CA LEU F 461 -56.89 102.19 -51.56
C LEU F 461 -56.43 101.13 -52.55
N LEU F 462 -55.28 101.36 -53.17
CA LEU F 462 -54.74 100.48 -54.20
C LEU F 462 -53.52 99.76 -53.64
N PHE F 463 -53.51 98.45 -53.79
CA PHE F 463 -52.48 97.60 -53.22
C PHE F 463 -51.67 96.94 -54.33
N SER F 464 -50.36 96.91 -54.16
CA SER F 464 -49.47 96.28 -55.12
C SER F 464 -48.75 95.11 -54.48
N ARG F 465 -48.27 94.21 -55.31
CA ARG F 465 -47.49 93.07 -54.88
C ARG F 465 -46.01 93.43 -54.84
N GLY F 466 -45.32 92.90 -53.84
CA GLY F 466 -43.89 93.10 -53.74
C GLY F 466 -43.16 92.54 -54.94
N SER F 467 -42.51 93.40 -55.71
CA SER F 467 -41.91 93.05 -56.97
C SER F 467 -40.47 93.54 -57.03
N PRO F 468 -39.63 92.93 -57.87
CA PRO F 468 -38.25 93.43 -58.03
C PRO F 468 -38.17 94.84 -58.62
N ALA F 469 -39.24 95.33 -59.25
CA ALA F 469 -39.22 96.70 -59.74
C ALA F 469 -39.09 97.69 -58.59
N GLY F 470 -39.93 97.56 -57.58
CA GLY F 470 -39.78 98.36 -56.39
C GLY F 470 -39.27 97.55 -55.22
N MET F 471 -37.98 97.66 -54.94
CA MET F 471 -37.36 96.92 -53.85
C MET F 471 -37.40 97.69 -52.55
N SER F 472 -37.59 99.01 -52.60
CA SER F 472 -37.63 99.82 -51.41
C SER F 472 -38.93 99.65 -50.62
N VAL F 473 -40.01 99.21 -51.27
CA VAL F 473 -41.31 99.09 -50.63
C VAL F 473 -41.66 97.65 -50.31
N GLN F 474 -40.78 96.71 -50.62
CA GLN F 474 -41.04 95.32 -50.28
C GLN F 474 -41.02 95.12 -48.77
N PRO F 475 -41.95 94.35 -48.22
CA PRO F 475 -41.82 93.91 -46.83
C PRO F 475 -40.51 93.17 -46.61
N LYS F 476 -39.88 93.43 -45.47
CA LYS F 476 -38.59 92.83 -45.13
C LYS F 476 -38.63 92.32 -43.71
N ASN F 477 -37.61 91.55 -43.35
CA ASN F 477 -37.60 90.83 -42.07
C ASN F 477 -36.74 91.49 -41.02
N TRP F 478 -35.81 92.37 -41.38
CA TRP F 478 -34.84 92.90 -40.44
C TRP F 478 -34.71 94.40 -40.60
N LEU F 479 -34.07 95.02 -39.62
CA LEU F 479 -33.84 96.44 -39.55
C LEU F 479 -32.36 96.76 -39.39
N PRO F 480 -31.91 97.91 -39.87
CA PRO F 480 -30.52 98.31 -39.62
C PRO F 480 -30.30 98.63 -38.16
N GLY F 481 -29.05 98.52 -37.74
CA GLY F 481 -28.69 98.72 -36.35
C GLY F 481 -29.02 100.10 -35.81
N PRO F 482 -28.80 100.29 -34.51
CA PRO F 482 -29.14 101.57 -33.89
C PRO F 482 -28.20 102.67 -34.34
N CYS F 483 -28.67 103.91 -34.18
CA CYS F 483 -27.90 105.06 -34.62
C CYS F 483 -27.94 106.16 -33.57
N TYR F 484 -26.95 107.03 -33.59
CA TYR F 484 -26.90 108.24 -32.78
C TYR F 484 -26.18 109.30 -33.60
N ARG F 485 -26.95 110.13 -34.30
CA ARG F 485 -26.42 110.93 -35.39
C ARG F 485 -25.28 111.84 -34.94
N GLN F 486 -24.26 111.94 -35.79
CA GLN F 486 -23.12 112.81 -35.60
C GLN F 486 -23.16 113.95 -36.61
N GLN F 487 -22.34 114.96 -36.38
CA GLN F 487 -22.23 116.09 -37.29
C GLN F 487 -21.26 115.75 -38.41
N ARG F 488 -21.56 116.22 -39.61
CA ARG F 488 -20.81 115.87 -40.80
C ARG F 488 -19.76 116.92 -41.06
N VAL F 489 -18.49 116.52 -41.05
CA VAL F 489 -17.37 117.41 -41.30
C VAL F 489 -16.70 116.97 -42.60
N SER F 490 -16.38 117.93 -43.45
CA SER F 490 -15.69 117.65 -44.69
C SER F 490 -14.19 117.73 -44.50
N LYS F 491 -13.48 116.74 -45.08
CA LYS F 491 -12.03 116.78 -45.08
C LYS F 491 -11.48 117.94 -45.88
N THR F 492 -12.27 118.50 -46.78
CA THR F 492 -11.94 119.74 -47.47
C THR F 492 -12.49 120.90 -46.65
N LYS F 493 -11.61 121.68 -46.04
CA LYS F 493 -12.02 122.63 -45.02
C LYS F 493 -12.89 123.76 -45.55
N THR F 494 -12.86 124.04 -46.86
CA THR F 494 -13.65 125.14 -47.38
C THR F 494 -15.15 124.87 -47.36
N ASP F 495 -15.55 123.61 -47.33
CA ASP F 495 -16.98 123.27 -47.30
C ASP F 495 -17.57 123.21 -45.91
N ASN F 496 -16.76 123.47 -44.88
CA ASN F 496 -17.25 123.45 -43.51
C ASN F 496 -17.72 124.85 -43.11
N ASN F 497 -18.65 124.89 -42.17
CA ASN F 497 -19.18 126.15 -41.67
C ASN F 497 -18.07 126.95 -40.99
N ASN F 498 -18.16 128.26 -41.11
CA ASN F 498 -17.16 129.15 -40.51
C ASN F 498 -17.51 129.42 -39.05
N SER F 499 -17.24 128.41 -38.22
CA SER F 499 -17.39 128.49 -36.79
C SER F 499 -16.62 127.34 -36.18
N ASN F 500 -16.53 127.32 -34.85
CA ASN F 500 -15.82 126.22 -34.21
C ASN F 500 -16.68 124.96 -34.15
N PHE F 501 -17.78 125.02 -33.41
CA PHE F 501 -18.84 124.00 -33.40
C PHE F 501 -18.31 122.58 -33.16
N THR F 502 -17.06 122.44 -32.73
CA THR F 502 -16.57 121.14 -32.30
C THR F 502 -17.07 120.75 -30.92
N TRP F 503 -17.54 121.71 -30.15
CA TRP F 503 -18.17 121.41 -28.87
C TRP F 503 -19.64 121.78 -28.86
N THR F 504 -20.02 122.92 -29.44
CA THR F 504 -21.41 123.33 -29.43
C THR F 504 -22.27 122.50 -30.36
N GLY F 505 -21.71 121.99 -31.45
CA GLY F 505 -22.49 121.26 -32.43
C GLY F 505 -22.25 119.78 -32.43
N ALA F 506 -21.77 119.25 -31.32
CA ALA F 506 -21.34 117.86 -31.25
C ALA F 506 -22.30 117.01 -30.43
N SER F 507 -22.37 115.73 -30.80
CA SER F 507 -23.16 114.77 -30.04
C SER F 507 -22.45 114.45 -28.72
N LYS F 508 -23.12 114.71 -27.61
CA LYS F 508 -22.52 114.48 -26.31
C LYS F 508 -23.59 113.96 -25.37
N TYR F 509 -23.15 113.35 -24.28
CA TYR F 509 -24.07 112.82 -23.29
C TYR F 509 -23.89 113.52 -21.96
N ASN F 510 -24.96 113.53 -21.18
CA ASN F 510 -25.02 114.19 -19.90
C ASN F 510 -24.90 113.15 -18.79
N LEU F 511 -23.96 113.33 -17.88
CA LEU F 511 -23.76 112.41 -16.77
C LEU F 511 -23.39 113.20 -15.52
N ASN F 512 -24.29 113.20 -14.53
CA ASN F 512 -24.08 113.91 -13.27
C ASN F 512 -23.82 115.39 -13.49
N GLY F 513 -24.47 115.96 -14.50
CA GLY F 513 -24.41 117.37 -14.75
C GLY F 513 -23.28 117.85 -15.64
N ARG F 514 -22.38 116.98 -16.05
CA ARG F 514 -21.29 117.36 -16.93
C ARG F 514 -21.34 116.55 -18.22
N GLU F 515 -21.08 117.22 -19.33
CA GLU F 515 -21.24 116.68 -20.66
C GLU F 515 -19.95 116.03 -21.13
N SER F 516 -20.09 114.98 -21.93
CA SER F 516 -18.95 114.25 -22.46
C SER F 516 -19.23 113.93 -23.91
N ILE F 517 -18.27 114.21 -24.78
CA ILE F 517 -18.41 113.88 -26.19
C ILE F 517 -18.53 112.37 -26.33
N ILE F 518 -19.38 111.92 -27.26
CA ILE F 518 -19.59 110.49 -27.42
C ILE F 518 -18.30 109.81 -27.87
N ASN F 519 -17.82 110.12 -29.08
CA ASN F 519 -16.46 109.80 -29.51
C ASN F 519 -15.99 108.39 -29.20
N PRO F 520 -16.33 107.38 -30.01
CA PRO F 520 -17.03 107.46 -31.31
C PRO F 520 -18.46 106.94 -31.26
N GLY F 521 -18.81 106.29 -30.16
CA GLY F 521 -20.19 105.87 -29.98
C GLY F 521 -20.57 104.71 -30.87
N THR F 522 -21.80 104.76 -31.35
CA THR F 522 -22.38 103.66 -32.11
C THR F 522 -21.56 103.38 -33.36
N ALA F 523 -21.46 102.10 -33.70
CA ALA F 523 -20.72 101.68 -34.89
C ALA F 523 -21.58 101.97 -36.11
N MET F 524 -21.25 103.02 -36.83
CA MET F 524 -21.99 103.43 -38.01
C MET F 524 -21.03 103.71 -39.15
N ALA F 525 -21.58 103.69 -40.36
CA ALA F 525 -20.79 104.00 -41.55
C ALA F 525 -20.32 105.45 -41.51
N SER F 526 -19.06 105.66 -41.88
CA SER F 526 -18.50 107.01 -41.87
C SER F 526 -19.20 107.93 -42.87
N HIS F 527 -19.52 107.41 -44.04
CA HIS F 527 -20.14 108.22 -45.09
C HIS F 527 -20.94 107.30 -45.99
N LYS F 528 -21.56 107.89 -47.01
CA LYS F 528 -22.28 107.15 -48.02
C LYS F 528 -21.35 106.79 -49.17
N ASP F 529 -21.91 106.28 -50.25
CA ASP F 529 -21.15 106.07 -51.47
C ASP F 529 -20.82 107.41 -52.13
N ASP F 530 -19.61 107.50 -52.68
CA ASP F 530 -19.15 108.70 -53.38
C ASP F 530 -19.13 109.92 -52.49
N GLU F 531 -18.87 109.72 -51.19
CA GLU F 531 -18.88 110.80 -50.22
C GLU F 531 -17.71 110.65 -49.26
N ASP F 532 -16.57 110.18 -49.75
CA ASP F 532 -15.41 109.94 -48.90
C ASP F 532 -14.84 111.21 -48.30
N LYS F 533 -15.22 112.38 -48.81
CA LYS F 533 -14.74 113.66 -48.30
C LYS F 533 -15.35 114.03 -46.94
N PHE F 534 -16.36 113.30 -46.49
CA PHE F 534 -17.05 113.61 -45.24
C PHE F 534 -16.76 112.53 -44.20
N PHE F 535 -16.64 112.96 -42.95
CA PHE F 535 -16.54 112.06 -41.82
C PHE F 535 -17.35 112.61 -40.66
N PRO F 536 -17.88 111.75 -39.81
CA PRO F 536 -18.55 112.23 -38.60
C PRO F 536 -17.57 112.94 -37.68
N MET F 537 -18.06 113.99 -37.01
CA MET F 537 -17.16 114.88 -36.29
C MET F 537 -16.41 114.14 -35.19
N SER F 538 -17.09 113.26 -34.47
CA SER F 538 -16.46 112.46 -33.43
C SER F 538 -16.91 111.01 -33.54
N GLY F 539 -16.97 110.49 -34.76
CA GLY F 539 -17.45 109.15 -34.97
C GLY F 539 -16.41 108.21 -35.52
N VAL F 540 -15.19 108.70 -35.67
CA VAL F 540 -14.12 107.93 -36.29
C VAL F 540 -12.92 107.88 -35.37
N MET F 541 -12.17 106.80 -35.45
CA MET F 541 -10.90 106.69 -34.74
C MET F 541 -9.82 107.40 -35.54
N ILE F 542 -9.14 108.35 -34.91
CA ILE F 542 -8.13 109.16 -35.58
C ILE F 542 -6.80 108.84 -34.93
N PHE F 543 -5.87 108.31 -35.72
CA PHE F 543 -4.52 108.05 -35.28
C PHE F 543 -3.59 109.14 -35.78
N GLY F 544 -2.66 109.55 -34.93
CA GLY F 544 -1.69 110.55 -35.32
C GLY F 544 -0.47 109.91 -35.95
N LYS F 545 0.04 110.53 -37.00
CA LYS F 545 1.30 110.11 -37.56
C LYS F 545 2.44 110.60 -36.67
N GLU F 546 3.62 110.03 -36.89
CA GLU F 546 4.79 110.58 -36.24
C GLU F 546 5.02 111.99 -36.74
N SER F 547 5.55 112.84 -35.85
CA SER F 547 5.61 114.29 -36.08
C SER F 547 4.22 114.91 -36.15
N ALA F 548 3.33 114.46 -35.27
CA ALA F 548 2.06 115.12 -35.04
C ALA F 548 2.07 115.73 -33.64
N GLY F 549 1.68 116.99 -33.56
CA GLY F 549 1.67 117.67 -32.30
C GLY F 549 0.60 117.14 -31.37
N ALA F 550 0.71 117.54 -30.10
CA ALA F 550 -0.27 117.11 -29.11
C ALA F 550 -1.58 117.86 -29.26
N SER F 551 -1.53 119.13 -29.65
CA SER F 551 -2.72 119.97 -29.71
C SER F 551 -2.76 120.72 -31.03
N ASN F 552 -3.95 120.76 -31.65
CA ASN F 552 -4.21 121.52 -32.86
C ASN F 552 -3.24 121.17 -33.98
N THR F 553 -2.96 119.88 -34.15
CA THR F 553 -2.18 119.42 -35.28
C THR F 553 -3.03 119.42 -36.53
N ALA F 554 -2.43 119.04 -37.65
CA ALA F 554 -3.08 119.19 -38.94
C ALA F 554 -3.68 117.88 -39.45
N LEU F 555 -4.66 118.04 -40.33
CA LEU F 555 -5.25 116.90 -41.03
C LEU F 555 -4.19 116.11 -41.77
N ASP F 556 -3.12 116.77 -42.20
CA ASP F 556 -2.01 116.07 -42.83
C ASP F 556 -1.24 115.24 -41.82
N ASN F 557 -1.29 115.61 -40.54
CA ASN F 557 -0.56 114.89 -39.51
C ASN F 557 -1.40 113.81 -38.84
N VAL F 558 -2.70 113.77 -39.08
CA VAL F 558 -3.53 112.71 -38.52
C VAL F 558 -3.99 111.77 -39.62
N MET F 559 -4.32 110.54 -39.22
CA MET F 559 -4.91 109.53 -40.09
C MET F 559 -6.31 109.22 -39.62
N ILE F 560 -7.31 109.55 -40.44
CA ILE F 560 -8.71 109.31 -40.11
C ILE F 560 -9.11 107.95 -40.66
N THR F 561 -9.70 107.12 -39.81
CA THR F 561 -10.16 105.82 -40.26
C THR F 561 -11.48 105.94 -41.01
N ASP F 562 -11.87 104.85 -41.66
CA ASP F 562 -13.12 104.78 -42.41
C ASP F 562 -13.83 103.51 -42.02
N GLU F 563 -15.15 103.59 -41.89
CA GLU F 563 -16.01 102.44 -41.60
C GLU F 563 -16.92 102.15 -42.79
N GLU F 564 -16.34 102.15 -43.99
CA GLU F 564 -17.15 102.06 -45.20
C GLU F 564 -17.68 100.65 -45.43
N GLU F 565 -17.10 99.66 -44.75
CA GLU F 565 -17.46 98.27 -45.03
C GLU F 565 -18.75 97.86 -44.34
N ILE F 566 -19.24 98.62 -43.37
CA ILE F 566 -20.41 98.23 -42.62
C ILE F 566 -21.65 99.02 -43.06
N LYS F 567 -21.60 99.61 -44.26
CA LYS F 567 -22.80 100.22 -44.85
C LYS F 567 -23.88 99.19 -45.14
N ALA F 568 -23.53 97.91 -45.21
CA ALA F 568 -24.50 96.89 -45.56
C ALA F 568 -25.54 96.68 -44.47
N THR F 569 -25.17 96.95 -43.21
CA THR F 569 -26.07 96.71 -42.09
C THR F 569 -26.22 97.88 -41.14
N ASN F 570 -25.32 98.85 -41.16
CA ASN F 570 -25.33 99.94 -40.19
C ASN F 570 -25.73 101.24 -40.86
N PRO F 571 -26.46 102.11 -40.15
CA PRO F 571 -26.78 103.42 -40.71
C PRO F 571 -25.53 104.28 -40.85
N VAL F 572 -25.59 105.23 -41.77
CA VAL F 572 -24.50 106.17 -41.94
C VAL F 572 -24.48 107.13 -40.75
N ALA F 573 -23.29 107.39 -40.22
CA ALA F 573 -23.16 108.10 -38.95
C ALA F 573 -23.70 109.51 -38.99
N THR F 574 -23.67 110.16 -40.15
CA THR F 574 -24.03 111.57 -40.26
C THR F 574 -25.45 111.79 -40.72
N GLU F 575 -26.23 110.75 -40.92
CA GLU F 575 -27.60 110.88 -41.40
C GLU F 575 -28.57 110.19 -40.46
N ARG F 576 -29.84 110.55 -40.62
CA ARG F 576 -30.89 110.06 -39.74
C ARG F 576 -31.08 108.56 -39.91
N PHE F 577 -31.58 107.92 -38.85
CA PHE F 577 -31.98 106.53 -38.98
C PHE F 577 -33.10 106.38 -39.99
N GLY F 578 -34.05 107.30 -39.98
CA GLY F 578 -35.17 107.24 -40.88
C GLY F 578 -36.22 108.26 -40.47
N THR F 579 -37.42 108.07 -41.02
CA THR F 579 -38.55 108.93 -40.69
C THR F 579 -39.61 108.13 -39.95
N VAL F 580 -40.44 108.85 -39.21
CA VAL F 580 -41.50 108.24 -38.42
C VAL F 580 -42.75 109.11 -38.55
N ALA F 581 -43.91 108.48 -38.55
CA ALA F 581 -45.15 109.23 -38.55
C ALA F 581 -45.32 109.94 -37.22
N VAL F 582 -45.84 111.17 -37.25
CA VAL F 582 -45.95 111.98 -36.05
C VAL F 582 -47.36 112.51 -35.81
N ASN F 583 -48.34 112.14 -36.64
CA ASN F 583 -49.69 112.63 -36.46
C ASN F 583 -50.65 111.62 -37.05
N PHE F 584 -51.94 111.97 -37.07
CA PHE F 584 -52.98 111.20 -37.73
C PHE F 584 -53.42 111.95 -38.98
N GLN F 585 -53.29 111.31 -40.14
CA GLN F 585 -53.82 111.89 -41.36
C GLN F 585 -55.32 111.70 -41.41
N SER F 586 -56.02 112.70 -41.95
CA SER F 586 -57.47 112.64 -42.05
C SER F 586 -57.92 113.56 -43.17
N SER F 587 -59.15 113.36 -43.61
CA SER F 587 -59.77 114.21 -44.61
C SER F 587 -60.68 115.23 -43.94
N SER F 588 -61.02 116.27 -44.69
CA SER F 588 -61.93 117.30 -44.19
C SER F 588 -63.33 116.75 -44.05
N THR F 589 -64.06 117.24 -43.06
CA THR F 589 -65.43 116.83 -42.83
C THR F 589 -66.32 118.02 -42.48
N VAL F 592 -65.80 117.91 -39.03
CA VAL F 592 -64.50 118.45 -38.66
C VAL F 592 -63.80 118.97 -39.91
N PRO F 593 -64.11 120.20 -40.31
CA PRO F 593 -63.54 120.73 -41.56
C PRO F 593 -62.11 121.22 -41.40
N PHE F 594 -61.28 120.45 -40.72
CA PHE F 594 -59.86 120.75 -40.54
C PHE F 594 -59.08 119.54 -41.05
N LYS F 595 -58.79 119.54 -42.35
CA LYS F 595 -58.02 118.47 -42.97
C LYS F 595 -56.62 118.40 -42.38
N THR F 596 -56.16 117.18 -42.09
CA THR F 596 -54.85 116.96 -41.51
C THR F 596 -53.99 116.19 -42.50
N ASP F 597 -52.97 116.85 -43.03
CA ASP F 597 -52.01 116.15 -43.89
C ASP F 597 -51.13 115.23 -43.04
N PRO F 598 -50.73 114.09 -43.59
CA PRO F 598 -49.79 113.23 -42.88
C PRO F 598 -48.45 113.94 -42.70
N ALA F 599 -47.81 113.69 -41.56
CA ALA F 599 -46.57 114.35 -41.20
C ALA F 599 -45.57 113.34 -40.69
N THR F 600 -44.32 113.48 -41.14
CA THR F 600 -43.24 112.62 -40.70
C THR F 600 -42.15 113.48 -40.07
N GLY F 601 -41.39 112.86 -39.18
CA GLY F 601 -40.25 113.51 -38.57
C GLY F 601 -39.04 112.62 -38.66
N ASP F 602 -37.87 113.26 -38.74
CA ASP F 602 -36.61 112.53 -38.83
C ASP F 602 -36.24 111.93 -37.49
N VAL F 603 -35.75 110.71 -37.52
CA VAL F 603 -35.32 109.99 -36.33
C VAL F 603 -33.80 110.04 -36.29
N HIS F 604 -33.26 110.81 -35.35
CA HIS F 604 -31.83 111.07 -35.31
C HIS F 604 -31.10 110.13 -34.36
N ALA F 605 -31.73 109.75 -33.26
CA ALA F 605 -31.18 108.75 -32.33
C ALA F 605 -32.20 107.64 -32.19
N MET F 606 -31.79 106.42 -32.51
CA MET F 606 -32.67 105.26 -32.47
C MET F 606 -32.03 104.21 -31.58
N GLY F 607 -32.72 103.79 -30.54
CA GLY F 607 -32.28 102.70 -29.71
C GLY F 607 -32.60 101.37 -30.34
N ALA F 608 -32.23 100.31 -29.64
CA ALA F 608 -32.38 98.97 -30.18
C ALA F 608 -33.84 98.58 -30.30
N LEU F 609 -34.25 98.19 -31.49
CA LEU F 609 -35.54 97.61 -31.80
C LEU F 609 -35.37 96.14 -32.11
N PRO F 610 -36.33 95.29 -31.76
CA PRO F 610 -36.25 93.89 -32.16
C PRO F 610 -36.25 93.76 -33.67
N GLY F 611 -35.44 92.82 -34.16
CA GLY F 611 -35.18 92.69 -35.58
C GLY F 611 -33.99 93.46 -36.08
N MET F 612 -33.37 94.28 -35.24
CA MET F 612 -32.20 95.04 -35.64
C MET F 612 -30.97 94.14 -35.75
N VAL F 613 -30.15 94.39 -36.76
CA VAL F 613 -28.88 93.71 -36.93
C VAL F 613 -27.82 94.75 -37.25
N TRP F 614 -26.61 94.53 -36.75
CA TRP F 614 -25.54 95.51 -36.95
C TRP F 614 -24.20 94.81 -36.88
N GLN F 615 -23.17 95.52 -37.36
CA GLN F 615 -21.79 95.12 -37.17
C GLN F 615 -21.12 96.04 -36.17
N ASP F 616 -20.12 95.50 -35.48
CA ASP F 616 -19.35 96.28 -34.53
C ASP F 616 -18.27 97.07 -35.25
N ARG F 617 -17.58 97.94 -34.51
CA ARG F 617 -16.49 98.70 -35.09
C ARG F 617 -15.33 97.79 -35.44
N ASP F 618 -14.58 98.19 -36.46
CA ASP F 618 -13.41 97.44 -36.88
C ASP F 618 -12.25 97.65 -35.91
N VAL F 619 -11.36 96.69 -35.87
CA VAL F 619 -10.11 96.81 -35.13
C VAL F 619 -9.01 97.14 -36.12
N TYR F 620 -7.97 97.81 -35.63
CA TYR F 620 -6.87 98.26 -36.47
C TYR F 620 -5.56 97.78 -35.87
N LEU F 621 -4.52 97.74 -36.70
CA LEU F 621 -3.21 97.33 -36.21
C LEU F 621 -2.70 98.29 -35.13
N GLN F 622 -3.06 99.56 -35.23
CA GLN F 622 -2.67 100.56 -34.25
C GLN F 622 -3.67 100.72 -33.13
N GLY F 623 -4.77 99.96 -33.13
CA GLY F 623 -5.84 100.19 -32.20
C GLY F 623 -5.84 99.25 -31.02
N PRO F 624 -6.74 99.47 -30.07
CA PRO F 624 -6.81 98.63 -28.87
C PRO F 624 -7.33 97.23 -29.17
N ILE F 625 -6.93 96.29 -28.32
CA ILE F 625 -7.37 94.91 -28.43
C ILE F 625 -8.61 94.64 -27.60
N TRP F 626 -8.58 94.98 -26.33
CA TRP F 626 -9.65 94.62 -25.41
C TRP F 626 -10.02 95.82 -24.55
N ALA F 627 -11.08 95.62 -23.77
CA ALA F 627 -11.50 96.58 -22.75
C ALA F 627 -12.22 95.81 -21.66
N LYS F 628 -12.03 96.24 -20.42
CA LYS F 628 -12.80 95.68 -19.32
C LYS F 628 -14.24 96.15 -19.37
N ILE F 629 -15.17 95.20 -19.33
CA ILE F 629 -16.59 95.56 -19.24
C ILE F 629 -16.89 96.04 -17.83
N PRO F 630 -17.49 97.22 -17.65
CA PRO F 630 -17.77 97.70 -16.30
C PRO F 630 -18.65 96.74 -15.52
N HIS F 631 -18.34 96.60 -14.23
CA HIS F 631 -19.10 95.71 -13.36
C HIS F 631 -20.36 96.43 -12.93
N THR F 632 -21.38 96.31 -13.76
CA THR F 632 -22.67 96.94 -13.54
C THR F 632 -23.77 95.89 -13.55
N ASP F 633 -24.96 96.31 -13.12
CA ASP F 633 -26.11 95.41 -13.14
C ASP F 633 -26.51 95.04 -14.56
N GLY F 634 -26.51 96.02 -15.46
CA GLY F 634 -26.92 95.75 -16.83
C GLY F 634 -25.94 96.38 -17.81
N HIS F 635 -25.87 95.75 -18.98
CA HIS F 635 -25.12 96.28 -20.10
C HIS F 635 -25.69 95.65 -21.35
N PHE F 636 -25.77 96.42 -22.43
CA PHE F 636 -26.33 95.96 -23.69
C PHE F 636 -25.21 95.82 -24.69
N HIS F 637 -25.00 94.59 -25.17
CA HIS F 637 -24.00 94.26 -26.17
C HIS F 637 -22.63 94.81 -25.77
N PRO F 638 -22.00 94.25 -24.77
CA PRO F 638 -20.82 94.88 -24.15
C PRO F 638 -19.56 94.75 -25.01
N SER F 639 -19.65 95.28 -26.22
CA SER F 639 -18.51 95.39 -27.11
C SER F 639 -17.98 96.82 -27.05
N PRO F 640 -16.69 97.00 -26.79
CA PRO F 640 -16.17 98.37 -26.60
C PRO F 640 -16.40 99.23 -27.82
N LEU F 641 -16.68 100.50 -27.58
CA LEU F 641 -17.05 101.40 -28.67
C LEU F 641 -15.83 101.82 -29.49
N MET F 642 -14.63 101.75 -28.91
CA MET F 642 -13.44 101.95 -29.71
C MET F 642 -13.09 100.76 -30.57
N GLY F 643 -13.72 99.62 -30.35
CA GLY F 643 -13.41 98.41 -31.08
C GLY F 643 -12.60 97.45 -30.24
N GLY F 644 -12.79 96.16 -30.51
CA GLY F 644 -12.07 95.15 -29.77
C GLY F 644 -12.96 94.18 -29.03
N PHE F 645 -12.39 93.50 -28.05
CA PHE F 645 -13.07 92.48 -27.28
C PHE F 645 -13.40 93.05 -25.90
N GLY F 646 -14.66 93.00 -25.53
CA GLY F 646 -15.04 93.34 -24.17
C GLY F 646 -14.93 92.13 -23.29
N LEU F 647 -14.12 92.22 -22.24
CA LEU F 647 -13.89 91.10 -21.35
C LEU F 647 -14.34 91.46 -19.94
N LYS F 648 -15.09 90.56 -19.30
CA LYS F 648 -15.44 90.76 -17.90
C LYS F 648 -14.21 90.66 -17.01
N ASN F 649 -13.37 89.67 -17.27
CA ASN F 649 -12.08 89.53 -16.61
C ASN F 649 -11.00 89.73 -17.66
N PRO F 650 -10.58 90.96 -17.94
CA PRO F 650 -9.57 91.19 -18.95
C PRO F 650 -8.19 90.77 -18.44
N PRO F 651 -7.16 90.84 -19.28
CA PRO F 651 -5.81 90.64 -18.77
C PRO F 651 -5.50 91.64 -17.67
N PRO F 652 -5.04 91.17 -16.52
CA PRO F 652 -4.86 92.06 -15.38
C PRO F 652 -3.70 93.01 -15.58
N GLN F 653 -3.72 94.09 -14.82
CA GLN F 653 -2.67 95.08 -14.86
C GLN F 653 -1.44 94.55 -14.14
N ILE F 654 -0.28 94.68 -14.78
CA ILE F 654 1.00 94.37 -14.17
C ILE F 654 1.61 95.70 -13.75
N LEU F 655 1.83 95.84 -12.45
CA LEU F 655 2.32 97.08 -11.86
C LEU F 655 3.71 96.85 -11.31
N ILE F 656 4.59 97.80 -11.59
CA ILE F 656 6.02 97.67 -11.32
C ILE F 656 6.52 99.00 -10.76
N LYS F 657 7.40 98.92 -9.78
CA LYS F 657 8.06 100.14 -9.33
C LYS F 657 9.42 99.79 -8.74
N ASN F 658 10.28 100.79 -8.66
CA ASN F 658 11.57 100.62 -8.02
C ASN F 658 11.40 100.72 -6.52
N THR F 659 11.95 99.77 -5.78
CA THR F 659 11.90 99.87 -4.33
C THR F 659 12.75 101.06 -3.88
N PRO F 660 12.21 101.96 -3.06
CA PRO F 660 13.00 103.12 -2.63
C PRO F 660 14.22 102.70 -1.82
N VAL F 661 15.35 103.35 -2.10
CA VAL F 661 16.58 103.16 -1.35
C VAL F 661 16.89 104.46 -0.64
N PRO F 662 16.76 104.54 0.67
CA PRO F 662 17.01 105.79 1.39
C PRO F 662 18.47 106.20 1.31
N ALA F 663 18.70 107.51 1.36
CA ALA F 663 20.04 108.05 1.45
C ALA F 663 20.52 107.96 2.90
N ASN F 664 21.61 108.63 3.20
CA ASN F 664 22.23 108.53 4.51
C ASN F 664 21.30 109.09 5.59
N PRO F 665 20.92 108.31 6.58
CA PRO F 665 20.04 108.82 7.64
C PRO F 665 20.82 109.67 8.63
N PRO F 666 20.15 110.49 9.42
CA PRO F 666 20.86 111.28 10.43
C PRO F 666 21.42 110.42 11.54
N ALA F 667 22.39 110.98 12.26
CA ALA F 667 23.00 110.26 13.38
C ALA F 667 22.01 110.06 14.52
N GLU F 668 21.18 111.06 14.80
CA GLU F 668 20.13 110.97 15.80
C GLU F 668 18.81 110.57 15.14
N PHE F 669 17.97 109.89 15.92
CA PHE F 669 16.70 109.38 15.41
C PHE F 669 15.72 110.51 15.14
N SER F 670 15.00 110.40 14.03
CA SER F 670 13.94 111.33 13.68
C SER F 670 12.75 110.53 13.20
N ALA F 671 11.57 110.81 13.76
CA ALA F 671 10.37 110.09 13.35
C ALA F 671 9.77 110.64 12.07
N THR F 672 10.23 111.79 11.59
CA THR F 672 9.78 112.30 10.31
C THR F 672 10.11 111.30 9.22
N LYS F 673 9.15 111.04 8.34
CA LYS F 673 9.34 110.03 7.31
C LYS F 673 10.45 110.47 6.35
N PHE F 674 11.11 109.47 5.77
CA PHE F 674 12.25 109.72 4.91
C PHE F 674 11.81 110.48 3.67
N ALA F 675 12.59 111.48 3.29
CA ALA F 675 12.36 112.23 2.07
C ALA F 675 13.58 112.24 1.15
N SER F 676 14.74 111.82 1.65
CA SER F 676 15.97 111.77 0.88
C SER F 676 16.20 110.34 0.44
N PHE F 677 16.18 110.14 -0.88
CA PHE F 677 16.34 108.81 -1.45
C PHE F 677 17.48 108.82 -2.47
N ILE F 678 18.06 107.64 -2.64
CA ILE F 678 19.07 107.43 -3.67
C ILE F 678 18.36 107.38 -5.01
N THR F 679 18.77 108.23 -5.95
CA THR F 679 18.10 108.36 -7.23
C THR F 679 18.45 107.18 -8.12
N GLN F 680 17.46 106.45 -8.58
CA GLN F 680 17.74 105.29 -9.41
C GLN F 680 16.57 105.00 -10.34
N TYR F 681 16.87 104.24 -11.38
CA TYR F 681 15.87 103.74 -12.31
C TYR F 681 16.18 102.29 -12.58
N SER F 682 15.35 101.64 -13.39
CA SER F 682 15.59 100.26 -13.75
C SER F 682 15.30 100.06 -15.23
N THR F 683 15.91 99.03 -15.78
CA THR F 683 15.72 98.66 -17.18
C THR F 683 15.59 97.15 -17.24
N GLY F 684 15.02 96.68 -18.33
CA GLY F 684 14.87 95.24 -18.45
C GLY F 684 14.19 94.87 -19.75
N GLN F 685 13.84 93.59 -19.85
CA GLN F 685 13.16 93.05 -21.01
C GLN F 685 11.82 92.48 -20.59
N VAL F 686 10.83 92.66 -21.45
CA VAL F 686 9.47 92.17 -21.22
C VAL F 686 9.05 91.36 -22.44
N SER F 687 8.48 90.19 -22.20
CA SER F 687 7.98 89.31 -23.24
C SER F 687 6.48 89.10 -23.04
N VAL F 688 5.71 89.22 -24.11
CA VAL F 688 4.30 88.89 -24.12
C VAL F 688 4.05 87.92 -25.26
N GLU F 689 3.42 86.79 -24.96
CA GLU F 689 3.07 85.78 -25.94
C GLU F 689 1.56 85.58 -25.90
N ILE F 690 0.89 85.82 -27.01
CA ILE F 690 -0.56 85.60 -27.10
C ILE F 690 -0.83 84.53 -28.14
N GLU F 691 -1.60 83.53 -27.75
CA GLU F 691 -2.21 82.59 -28.67
C GLU F 691 -3.58 83.12 -29.07
N TRP F 692 -3.83 83.18 -30.38
CA TRP F 692 -5.08 83.62 -30.98
C TRP F 692 -5.69 82.47 -31.76
N GLU F 693 -6.99 82.29 -31.60
CA GLU F 693 -7.77 81.36 -32.40
C GLU F 693 -8.27 82.05 -33.66
N LEU F 694 -8.13 81.37 -34.79
CA LEU F 694 -8.53 81.87 -36.09
C LEU F 694 -9.81 81.20 -36.54
N GLN F 695 -10.56 81.91 -37.37
CA GLN F 695 -11.78 81.41 -37.98
C GLN F 695 -11.59 81.60 -39.47
N LYS F 696 -11.31 80.50 -40.16
CA LYS F 696 -10.94 80.50 -41.56
C LYS F 696 -12.13 80.81 -42.46
N GLU F 697 -11.84 81.44 -43.58
CA GLU F 697 -12.86 81.64 -44.60
C GLU F 697 -13.26 80.30 -45.20
N ASN F 698 -14.53 80.17 -45.56
CA ASN F 698 -15.05 78.99 -46.24
C ASN F 698 -15.86 79.40 -47.46
N SER F 699 -15.37 80.40 -48.18
CA SER F 699 -16.19 81.08 -49.18
C SER F 699 -16.29 80.28 -50.47
N LYS F 700 -17.44 80.41 -51.13
CA LYS F 700 -17.66 79.84 -52.45
C LYS F 700 -17.69 80.92 -53.52
N ARG F 701 -17.22 82.12 -53.19
CA ARG F 701 -17.18 83.22 -54.13
C ARG F 701 -16.26 82.89 -55.30
N TRP F 702 -16.70 83.28 -56.51
CA TRP F 702 -15.95 82.93 -57.71
C TRP F 702 -14.87 83.96 -58.04
N ASN F 703 -15.25 85.23 -58.08
CA ASN F 703 -14.32 86.27 -58.44
C ASN F 703 -13.33 86.52 -57.30
N PRO F 704 -12.16 87.09 -57.61
CA PRO F 704 -11.17 87.32 -56.56
C PRO F 704 -11.62 88.36 -55.55
N GLU F 705 -11.14 88.19 -54.33
CA GLU F 705 -11.48 89.07 -53.21
C GLU F 705 -10.60 90.31 -53.20
N VAL F 706 -11.06 91.32 -52.47
CA VAL F 706 -10.23 92.48 -52.15
C VAL F 706 -9.27 92.11 -51.04
N GLN F 707 -8.00 92.40 -51.24
CA GLN F 707 -6.96 92.10 -50.27
C GLN F 707 -6.22 93.37 -49.90
N TYR F 708 -5.68 93.41 -48.69
CA TYR F 708 -4.76 94.47 -48.35
C TYR F 708 -3.41 94.19 -49.00
N THR F 709 -2.88 95.15 -49.73
CA THR F 709 -1.66 94.95 -50.48
C THR F 709 -0.74 96.15 -50.32
N SER F 710 0.55 95.90 -50.44
CA SER F 710 1.52 96.97 -50.63
C SER F 710 1.39 97.53 -52.03
N ASN F 711 1.65 98.82 -52.17
CA ASN F 711 1.67 99.44 -53.47
C ASN F 711 2.99 99.13 -54.16
N TYR F 712 2.91 98.64 -55.40
CA TYR F 712 4.10 98.41 -56.22
C TYR F 712 4.35 99.71 -57.00
N ALA F 713 5.42 100.40 -56.65
CA ALA F 713 5.81 101.62 -57.33
C ALA F 713 7.12 102.10 -56.74
N LYS F 714 7.91 102.77 -57.56
CA LYS F 714 9.12 103.39 -57.03
C LYS F 714 8.73 104.46 -56.03
N SER F 715 9.18 104.30 -54.80
CA SER F 715 8.91 105.23 -53.73
C SER F 715 10.20 105.53 -52.98
N ALA F 716 10.27 106.72 -52.40
CA ALA F 716 11.47 107.10 -51.67
C ALA F 716 11.70 106.20 -50.47
N ASN F 717 10.62 105.71 -49.87
CA ASN F 717 10.70 104.84 -48.71
C ASN F 717 9.81 103.62 -48.93
N VAL F 718 10.00 102.61 -48.11
CA VAL F 718 9.13 101.45 -48.03
C VAL F 718 8.15 101.67 -46.88
N ASP F 719 6.89 101.30 -47.09
CA ASP F 719 5.89 101.47 -46.06
C ASP F 719 6.16 100.54 -44.88
N PHE F 720 5.86 101.05 -43.68
CA PHE F 720 6.05 100.30 -42.44
C PHE F 720 7.52 99.92 -42.23
N THR F 721 8.41 100.88 -42.46
CA THR F 721 9.83 100.67 -42.26
C THR F 721 10.42 101.86 -41.52
N VAL F 722 11.74 101.90 -41.42
CA VAL F 722 12.45 103.02 -40.83
C VAL F 722 12.92 103.93 -41.96
N ASP F 723 13.17 105.19 -41.63
CA ASP F 723 13.73 106.12 -42.60
C ASP F 723 15.25 106.17 -42.41
N ASN F 724 15.90 107.12 -43.08
CA ASN F 724 17.35 107.25 -42.94
C ASN F 724 17.75 107.74 -41.56
N ASN F 725 16.82 108.29 -40.78
CA ASN F 725 17.11 108.71 -39.41
C ASN F 725 16.84 107.62 -38.39
N GLY F 726 16.28 106.49 -38.80
CA GLY F 726 15.98 105.42 -37.88
C GLY F 726 14.61 105.45 -37.26
N LEU F 727 13.69 106.24 -37.79
CA LEU F 727 12.38 106.42 -37.18
C LEU F 727 11.37 105.50 -37.86
N TYR F 728 10.80 104.58 -37.09
CA TYR F 728 9.76 103.71 -37.60
C TYR F 728 8.45 104.46 -37.72
N THR F 729 7.80 104.35 -38.87
CA THR F 729 6.54 105.02 -39.12
C THR F 729 5.55 104.04 -39.72
N GLU F 730 4.27 104.27 -39.45
CA GLU F 730 3.18 103.52 -40.05
C GLU F 730 2.39 104.45 -40.96
N PRO F 731 2.45 104.26 -42.27
CA PRO F 731 1.83 105.23 -43.20
C PRO F 731 0.32 105.37 -43.09
N ARG F 732 -0.38 104.29 -42.75
CA ARG F 732 -1.84 104.30 -42.78
C ARG F 732 -2.35 103.34 -41.73
N PRO F 733 -3.59 103.52 -41.27
CA PRO F 733 -4.21 102.50 -40.41
C PRO F 733 -4.81 101.39 -41.25
N ILE F 734 -4.57 100.15 -40.85
CA ILE F 734 -5.06 98.98 -41.56
C ILE F 734 -6.16 98.33 -40.73
N GLY F 735 -7.34 98.18 -41.33
CA GLY F 735 -8.43 97.46 -40.70
C GLY F 735 -8.33 95.98 -40.95
N THR F 736 -9.46 95.30 -40.79
CA THR F 736 -9.53 93.85 -40.91
C THR F 736 -10.46 93.37 -42.01
N ARG F 737 -11.43 94.19 -42.42
CA ARG F 737 -12.54 93.71 -43.24
C ARG F 737 -12.16 93.78 -44.72
N TYR F 738 -11.56 92.70 -45.23
CA TYR F 738 -11.18 92.63 -46.63
C TYR F 738 -11.90 91.49 -47.33
N LEU F 739 -11.86 90.30 -46.72
CA LEU F 739 -12.66 89.19 -47.22
C LEU F 739 -14.13 89.53 -47.06
N THR F 740 -14.98 88.81 -47.80
CA THR F 740 -16.41 89.05 -47.72
C THR F 740 -17.14 87.74 -47.44
N ARG F 741 -18.38 87.88 -46.97
CA ARG F 741 -19.26 86.75 -46.82
C ARG F 741 -20.69 87.22 -47.03
N PRO F 742 -21.60 86.33 -47.42
CA PRO F 742 -22.98 86.75 -47.64
C PRO F 742 -23.69 87.10 -46.34
N LEU F 743 -24.60 88.06 -46.43
CA LEU F 743 -25.26 88.59 -45.25
C LEU F 743 -26.31 87.62 -44.71
N ASP G 219 21.69 84.16 0.08
CA ASP G 219 21.40 83.41 -1.13
C ASP G 219 22.02 84.08 -2.36
N GLY G 220 22.79 85.14 -2.15
CA GLY G 220 23.54 85.78 -3.21
C GLY G 220 23.27 87.27 -3.27
N VAL G 221 24.14 87.95 -4.01
CA VAL G 221 24.02 89.39 -4.22
C VAL G 221 22.84 89.71 -5.12
N GLY G 222 22.64 88.93 -6.18
CA GLY G 222 21.64 89.27 -7.18
C GLY G 222 20.33 88.54 -7.04
N ASN G 223 20.07 87.99 -5.87
CA ASN G 223 18.84 87.24 -5.59
C ASN G 223 18.16 87.86 -4.39
N ALA G 224 16.89 88.22 -4.54
CA ALA G 224 16.14 88.81 -3.45
C ALA G 224 15.83 87.76 -2.39
N SER G 225 15.95 88.13 -1.13
CA SER G 225 15.74 87.20 -0.03
C SER G 225 14.33 87.26 0.54
N GLY G 226 13.44 88.03 -0.06
CA GLY G 226 12.05 88.03 0.38
C GLY G 226 11.21 88.85 -0.56
N ASN G 227 9.90 88.73 -0.37
CA ASN G 227 8.93 89.43 -1.18
C ASN G 227 8.12 90.39 -0.32
N TRP G 228 7.41 91.28 -0.98
CA TRP G 228 6.55 92.24 -0.30
C TRP G 228 5.24 91.56 0.06
N HIS G 229 4.99 91.38 1.35
CA HIS G 229 3.77 90.75 1.84
C HIS G 229 3.03 91.76 2.69
N CYS G 230 2.12 92.49 2.06
CA CYS G 230 1.27 93.46 2.75
C CYS G 230 -0.16 93.18 2.37
N ASP G 231 -0.95 92.64 3.29
CA ASP G 231 -2.25 92.10 2.96
C ASP G 231 -3.07 92.02 4.23
N SER G 232 -4.32 91.58 4.09
CA SER G 232 -5.19 91.31 5.23
C SER G 232 -6.22 90.28 4.79
N THR G 233 -6.21 89.13 5.44
CA THR G 233 -7.10 88.03 5.11
C THR G 233 -8.09 87.83 6.24
N TRP G 234 -9.38 87.83 5.92
CA TRP G 234 -10.43 87.67 6.90
C TRP G 234 -11.02 86.28 6.76
N LEU G 235 -10.79 85.44 7.76
CA LEU G 235 -11.43 84.14 7.84
C LEU G 235 -12.68 84.28 8.70
N GLY G 236 -13.29 83.17 9.09
CA GLY G 236 -14.51 83.25 9.86
C GLY G 236 -14.31 83.90 11.21
N ASP G 237 -13.35 83.41 11.98
CA ASP G 237 -13.10 83.92 13.32
C ASP G 237 -11.69 84.44 13.51
N ARG G 238 -10.87 84.46 12.46
CA ARG G 238 -9.53 85.00 12.51
C ARG G 238 -9.40 86.10 11.49
N VAL G 239 -8.45 87.00 11.73
CA VAL G 239 -7.98 87.91 10.69
C VAL G 239 -6.45 87.90 10.75
N ILE G 240 -5.82 87.76 9.60
CA ILE G 240 -4.37 87.76 9.50
C ILE G 240 -3.95 89.02 8.77
N THR G 241 -3.18 89.87 9.46
CA THR G 241 -2.69 91.12 8.90
C THR G 241 -1.19 91.01 8.66
N THR G 242 -0.78 91.30 7.43
CA THR G 242 0.63 91.32 7.05
C THR G 242 1.02 92.73 6.65
N SER G 243 2.20 93.16 7.08
CA SER G 243 2.70 94.50 6.78
C SER G 243 4.16 94.44 6.44
N THR G 244 4.54 94.97 5.29
CA THR G 244 5.93 95.14 4.91
C THR G 244 6.26 96.61 4.83
N ARG G 245 7.42 96.97 5.34
CA ARG G 245 7.89 98.35 5.34
C ARG G 245 9.37 98.38 4.95
N THR G 246 9.82 99.52 4.48
CA THR G 246 11.22 99.75 4.18
C THR G 246 11.84 100.57 5.29
N TRP G 247 12.93 100.07 5.86
CA TRP G 247 13.60 100.69 6.98
C TRP G 247 15.00 101.12 6.60
N ALA G 248 15.47 102.17 7.27
CA ALA G 248 16.85 102.64 7.23
C ALA G 248 17.41 102.66 8.64
N LEU G 249 18.57 102.03 8.82
CA LEU G 249 19.25 101.93 10.10
C LEU G 249 20.59 102.65 10.00
N PRO G 250 20.81 103.71 10.74
CA PRO G 250 22.13 104.37 10.72
C PRO G 250 23.08 103.76 11.73
N THR G 251 24.27 104.32 11.85
CA THR G 251 25.18 104.00 12.93
C THR G 251 24.92 104.95 14.09
N TYR G 252 24.65 104.39 15.27
CA TYR G 252 24.32 105.16 16.44
C TYR G 252 25.53 105.23 17.38
N ASN G 253 25.83 106.42 17.87
CA ASN G 253 26.86 106.66 18.88
C ASN G 253 28.27 106.39 18.40
N ASN G 254 28.48 106.27 17.08
CA ASN G 254 29.75 105.81 16.53
C ASN G 254 30.15 104.45 17.11
N HIS G 255 29.18 103.54 17.18
CA HIS G 255 29.39 102.17 17.66
C HIS G 255 29.78 102.12 19.13
N LEU G 256 29.39 103.13 19.89
CA LEU G 256 29.81 103.24 21.28
C LEU G 256 28.61 103.07 22.21
N TYR G 257 28.88 102.52 23.38
CA TYR G 257 27.95 102.53 24.50
C TYR G 257 28.25 103.75 25.34
N LYS G 258 27.25 104.59 25.57
CA LYS G 258 27.45 105.81 26.32
C LYS G 258 26.56 105.82 27.55
N GLN G 259 27.09 106.35 28.64
CA GLN G 259 26.33 106.51 29.88
C GLN G 259 25.66 107.87 29.85
N ILE G 260 24.35 107.88 30.03
CA ILE G 260 23.56 109.11 29.98
C ILE G 260 22.91 109.33 31.34
N SER G 261 22.78 110.59 31.71
CA SER G 261 22.12 110.97 32.95
C SER G 261 21.60 112.39 32.81
N SER G 262 21.08 112.94 33.89
CA SER G 262 20.52 114.28 33.91
C SER G 262 21.46 115.30 34.54
N ALA G 263 22.70 114.91 34.83
CA ALA G 263 23.62 115.80 35.54
C ALA G 263 23.93 117.04 34.72
N SER G 264 24.22 116.88 33.43
CA SER G 264 24.45 118.04 32.59
C SER G 264 23.15 118.76 32.26
N THR G 265 22.04 118.03 32.20
CA THR G 265 20.76 118.67 31.91
C THR G 265 20.36 119.65 33.01
N GLY G 266 20.68 119.33 34.26
CA GLY G 266 20.25 120.19 35.35
C GLY G 266 18.75 120.20 35.55
N ALA G 267 18.12 119.03 35.52
CA ALA G 267 16.67 118.92 35.62
C ALA G 267 16.23 119.00 37.07
N SER G 268 14.92 118.99 37.28
CA SER G 268 14.36 118.94 38.62
C SER G 268 14.52 117.54 39.20
N ASN G 269 14.25 117.43 40.50
CA ASN G 269 14.39 116.15 41.18
C ASN G 269 13.46 115.10 40.59
N ASP G 270 12.32 115.53 40.05
CA ASP G 270 11.36 114.59 39.46
C ASP G 270 11.81 114.04 38.11
N ASN G 271 12.71 114.74 37.43
CA ASN G 271 13.13 114.38 36.08
C ASN G 271 14.53 113.80 36.03
N HIS G 272 15.11 113.49 37.18
CA HIS G 272 16.44 112.91 37.21
C HIS G 272 16.42 111.49 36.67
N TYR G 273 17.50 111.10 35.98
CA TYR G 273 17.58 109.75 35.47
C TYR G 273 19.05 109.36 35.28
N PHE G 274 19.26 108.05 35.17
CA PHE G 274 20.56 107.48 34.88
C PHE G 274 20.33 106.27 33.99
N GLY G 275 21.13 106.15 32.94
CA GLY G 275 20.94 105.03 32.04
C GLY G 275 22.05 104.94 31.03
N TYR G 276 21.77 104.19 29.96
CA TYR G 276 22.75 103.93 28.93
C TYR G 276 22.13 104.03 27.56
N SER G 277 22.92 104.52 26.61
CA SER G 277 22.59 104.60 25.20
C SER G 277 23.43 103.58 24.46
N THR G 278 22.78 102.68 23.72
CA THR G 278 23.54 101.67 23.01
C THR G 278 23.65 102.04 21.54
N PRO G 279 24.60 101.45 20.82
CA PRO G 279 24.67 101.65 19.37
C PRO G 279 23.63 100.86 18.57
N TRP G 280 22.74 100.14 19.24
CA TRP G 280 21.74 99.31 18.58
C TRP G 280 20.47 100.09 18.34
N GLY G 281 19.73 99.70 17.30
CA GLY G 281 18.36 100.10 17.11
C GLY G 281 17.46 98.91 17.37
N TYR G 282 16.16 99.19 17.43
CA TYR G 282 15.20 98.13 17.68
C TYR G 282 14.02 98.29 16.73
N PHE G 283 13.32 97.19 16.51
CA PHE G 283 12.14 97.16 15.65
C PHE G 283 10.89 97.24 16.51
N ASP G 284 10.01 98.17 16.18
CA ASP G 284 8.79 98.41 16.93
C ASP G 284 7.60 98.33 16.00
N PHE G 285 6.64 97.47 16.34
CA PHE G 285 5.37 97.40 15.63
C PHE G 285 4.24 97.31 16.65
N ASN G 286 4.32 98.12 17.69
CA ASN G 286 3.38 98.10 18.80
C ASN G 286 2.32 99.20 18.69
N ARG G 287 1.85 99.46 17.48
CA ARG G 287 0.68 100.29 17.26
C ARG G 287 -0.27 99.57 16.32
N PHE G 288 -1.55 99.85 16.45
CA PHE G 288 -2.53 99.09 15.67
C PHE G 288 -2.50 99.45 14.20
N HIS G 289 -2.12 100.68 13.85
CA HIS G 289 -2.08 101.08 12.46
C HIS G 289 -0.84 100.56 11.72
N CYS G 290 0.11 99.96 12.44
CA CYS G 290 1.18 99.23 11.77
C CYS G 290 0.66 97.96 11.10
N HIS G 291 -0.54 97.53 11.47
CA HIS G 291 -1.10 96.27 11.00
C HIS G 291 -2.45 96.41 10.32
N PHE G 292 -3.27 97.35 10.74
CA PHE G 292 -4.61 97.53 10.17
C PHE G 292 -4.64 98.80 9.34
N SER G 293 -5.16 98.69 8.11
CA SER G 293 -5.57 99.87 7.39
C SER G 293 -6.82 100.42 8.06
N PRO G 294 -7.14 101.70 7.82
CA PRO G 294 -8.39 102.23 8.38
C PRO G 294 -9.63 101.46 7.95
N ARG G 295 -9.66 100.98 6.72
CA ARG G 295 -10.77 100.15 6.27
C ARG G 295 -10.84 98.84 7.04
N ASP G 296 -9.69 98.19 7.28
CA ASP G 296 -9.67 96.97 8.07
C ASP G 296 -10.08 97.22 9.51
N TRP G 297 -9.64 98.34 10.07
CA TRP G 297 -10.04 98.70 11.43
C TRP G 297 -11.55 98.90 11.52
N GLN G 298 -12.12 99.59 10.54
CA GLN G 298 -13.56 99.79 10.52
C GLN G 298 -14.30 98.47 10.38
N ARG G 299 -13.80 97.59 9.51
CA ARG G 299 -14.40 96.27 9.36
C ARG G 299 -14.34 95.47 10.64
N LEU G 300 -13.25 95.57 11.39
CA LEU G 300 -13.13 94.88 12.66
C LEU G 300 -14.10 95.44 13.70
N ILE G 301 -14.09 96.76 13.89
CA ILE G 301 -14.82 97.37 14.99
C ILE G 301 -16.32 97.46 14.74
N ASN G 302 -16.76 97.43 13.49
CA ASN G 302 -18.18 97.48 13.20
C ASN G 302 -18.85 96.12 13.27
N ASN G 303 -18.08 95.04 13.38
CA ASN G 303 -18.61 93.71 13.25
C ASN G 303 -18.24 92.77 14.37
N ASN G 304 -17.25 93.09 15.19
CA ASN G 304 -16.76 92.16 16.19
C ASN G 304 -17.00 92.71 17.58
N TRP G 305 -17.41 91.82 18.49
CA TRP G 305 -17.55 92.16 19.89
C TRP G 305 -16.22 92.15 20.63
N GLY G 306 -15.22 91.46 20.10
CA GLY G 306 -13.93 91.50 20.76
C GLY G 306 -12.85 90.94 19.86
N PHE G 307 -11.60 91.18 20.27
CA PHE G 307 -10.51 90.61 19.48
C PHE G 307 -9.26 90.50 20.35
N ARG G 308 -8.34 89.65 19.90
CA ARG G 308 -7.07 89.49 20.61
C ARG G 308 -6.04 88.91 19.65
N PRO G 309 -4.75 89.08 19.94
CA PRO G 309 -3.72 88.49 19.08
C PRO G 309 -3.37 87.05 19.46
N LYS G 310 -3.21 86.23 18.44
CA LYS G 310 -2.87 84.81 18.55
C LYS G 310 -1.41 84.54 18.23
N ARG G 311 -0.91 84.99 17.07
CA ARG G 311 0.48 84.65 16.78
C ARG G 311 1.07 85.69 15.84
N LEU G 312 2.40 85.68 15.73
CA LEU G 312 3.06 86.60 14.80
C LEU G 312 4.30 85.96 14.20
N ASN G 313 4.61 86.42 12.99
CA ASN G 313 5.82 86.11 12.25
C ASN G 313 6.53 87.41 11.92
N PHE G 314 7.84 87.42 12.07
CA PHE G 314 8.69 88.57 11.80
C PHE G 314 9.74 88.14 10.81
N LYS G 315 9.93 88.92 9.75
CA LYS G 315 10.94 88.64 8.76
C LYS G 315 11.70 89.91 8.43
N LEU G 316 12.99 89.77 8.21
CA LEU G 316 13.90 90.85 7.85
C LEU G 316 14.66 90.42 6.62
N PHE G 317 14.54 91.16 5.53
CA PHE G 317 15.05 90.67 4.26
C PHE G 317 15.50 91.83 3.39
N ASN G 318 16.25 91.49 2.35
CA ASN G 318 16.76 92.43 1.36
C ASN G 318 17.66 93.49 2.00
N ILE G 319 18.67 93.01 2.71
CA ILE G 319 19.60 93.89 3.41
C ILE G 319 20.55 94.53 2.41
N GLN G 320 20.73 95.84 2.52
CA GLN G 320 21.71 96.56 1.72
C GLN G 320 22.50 97.47 2.64
N VAL G 321 23.80 97.23 2.75
CA VAL G 321 24.68 98.11 3.50
C VAL G 321 25.30 99.10 2.54
N LYS G 322 25.25 100.37 2.90
CA LYS G 322 25.74 101.46 2.06
C LYS G 322 26.84 102.21 2.79
N GLU G 323 27.96 102.38 2.10
CA GLU G 323 29.08 103.18 2.55
C GLU G 323 28.93 104.63 2.10
N VAL G 324 29.22 105.57 3.01
CA VAL G 324 29.05 106.99 2.75
C VAL G 324 30.40 107.69 2.95
N THR G 325 30.80 108.49 1.96
CA THR G 325 31.99 109.33 2.06
C THR G 325 31.62 110.76 1.68
N THR G 326 31.91 111.71 2.55
CA THR G 326 31.69 113.13 2.25
C THR G 326 33.05 113.80 2.07
N ASN G 327 33.31 114.30 0.87
CA ASN G 327 34.53 115.01 0.54
C ASN G 327 34.19 116.35 -0.12
N ASP G 328 34.80 117.42 0.38
CA ASP G 328 34.62 118.77 -0.16
C ASP G 328 33.15 119.16 -0.22
N GLY G 329 32.34 118.58 0.67
CA GLY G 329 30.93 118.87 0.75
C GLY G 329 30.03 117.98 -0.07
N VAL G 330 30.59 117.18 -0.98
CA VAL G 330 29.78 116.30 -1.81
C VAL G 330 29.86 114.89 -1.25
N THR G 331 28.72 114.19 -1.30
CA THR G 331 28.54 112.91 -0.63
C THR G 331 28.41 111.80 -1.67
N THR G 332 29.23 110.76 -1.53
CA THR G 332 29.19 109.57 -2.34
C THR G 332 28.65 108.41 -1.52
N ILE G 333 27.70 107.68 -2.08
CA ILE G 333 27.16 106.48 -1.46
C ILE G 333 27.46 105.31 -2.38
N ALA G 334 28.02 104.25 -1.83
CA ALA G 334 28.32 103.04 -2.57
C ALA G 334 27.76 101.84 -1.83
N ASN G 335 27.69 100.71 -2.52
CA ASN G 335 27.29 99.47 -1.88
C ASN G 335 28.49 98.82 -1.22
N ASN G 336 28.28 98.31 -0.01
CA ASN G 336 29.29 97.54 0.70
C ASN G 336 28.77 96.11 0.74
N LEU G 337 29.24 95.29 -0.20
CA LEU G 337 28.67 93.95 -0.38
C LEU G 337 29.08 92.97 0.70
N THR G 338 30.14 93.26 1.46
CA THR G 338 30.67 92.33 2.44
C THR G 338 30.40 92.74 3.88
N SER G 339 29.61 93.78 4.09
CA SER G 339 29.29 94.23 5.44
C SER G 339 28.06 93.50 5.97
N THR G 340 27.93 93.49 7.29
CA THR G 340 26.88 92.74 7.96
C THR G 340 26.06 93.64 8.88
N VAL G 341 24.82 93.22 9.11
CA VAL G 341 24.01 93.73 10.20
C VAL G 341 23.80 92.60 11.19
N GLN G 342 23.98 92.89 12.47
CA GLN G 342 23.70 91.94 13.53
C GLN G 342 22.26 92.12 14.00
N VAL G 343 21.51 91.02 14.06
CA VAL G 343 20.13 91.02 14.51
C VAL G 343 19.96 89.94 15.57
N PHE G 344 19.27 90.27 16.65
CA PHE G 344 18.87 89.22 17.58
C PHE G 344 17.55 89.58 18.22
N SER G 345 16.84 88.54 18.66
CA SER G 345 15.59 88.67 19.36
C SER G 345 15.82 88.35 20.82
N ASP G 346 15.33 89.20 21.72
CA ASP G 346 15.53 89.01 23.15
C ASP G 346 14.38 88.16 23.70
N SER G 347 14.44 86.87 23.35
CA SER G 347 13.34 85.96 23.62
C SER G 347 13.21 85.58 25.09
N GLU G 348 14.25 85.74 25.88
CA GLU G 348 14.22 85.41 27.29
C GLU G 348 14.02 86.63 28.18
N TYR G 349 13.77 87.80 27.58
CA TYR G 349 13.47 89.03 28.32
C TYR G 349 14.56 89.35 29.34
N GLN G 350 15.80 89.23 28.90
CA GLN G 350 16.95 89.52 29.73
C GLN G 350 17.38 90.98 29.67
N LEU G 351 16.79 91.75 28.80
CA LEU G 351 17.07 93.15 28.60
C LEU G 351 15.95 93.99 29.15
N PRO G 352 16.21 95.25 29.47
CA PRO G 352 15.10 96.16 29.81
C PRO G 352 14.16 96.32 28.63
N TYR G 353 12.86 96.20 28.90
CA TYR G 353 11.84 96.26 27.87
C TYR G 353 11.41 97.71 27.70
N VAL G 354 11.88 98.35 26.62
CA VAL G 354 11.51 99.73 26.37
C VAL G 354 10.31 99.86 25.46
N LEU G 355 9.85 98.77 24.86
CA LEU G 355 8.58 98.79 24.17
C LEU G 355 7.47 98.93 25.20
N GLY G 356 6.30 99.33 24.75
CA GLY G 356 5.20 99.51 25.68
C GLY G 356 5.25 100.81 26.46
N SER G 357 6.09 101.75 26.06
CA SER G 357 6.10 103.10 26.63
C SER G 357 5.60 104.13 25.64
N ALA G 358 4.99 103.70 24.53
CA ALA G 358 4.38 104.57 23.52
C ALA G 358 5.41 105.50 22.88
N HIS G 359 6.48 104.92 22.37
CA HIS G 359 7.54 105.69 21.75
C HIS G 359 7.38 105.76 20.25
N GLN G 360 7.98 106.78 19.66
CA GLN G 360 8.07 106.89 18.22
C GLN G 360 9.02 105.84 17.66
N GLY G 361 8.93 105.60 16.36
CA GLY G 361 9.81 104.66 15.72
C GLY G 361 9.16 103.38 15.28
N CYS G 362 7.84 103.28 15.42
CA CYS G 362 7.11 102.12 14.92
C CYS G 362 7.10 102.13 13.40
N LEU G 363 6.62 101.02 12.83
CA LEU G 363 6.34 101.01 11.40
C LEU G 363 5.31 102.07 11.08
N PRO G 364 5.49 102.85 10.02
CA PRO G 364 4.54 103.90 9.68
C PRO G 364 3.19 103.31 9.31
N PRO G 365 2.10 104.06 9.52
CA PRO G 365 0.77 103.54 9.14
C PRO G 365 0.63 103.29 7.65
N PHE G 366 1.21 104.15 6.82
CA PHE G 366 1.10 104.02 5.38
C PHE G 366 2.19 103.09 4.84
N PRO G 367 1.83 102.04 4.10
CA PRO G 367 2.83 101.08 3.65
C PRO G 367 3.88 101.65 2.71
N ALA G 368 3.64 102.80 2.10
CA ALA G 368 4.61 103.39 1.20
C ALA G 368 5.70 104.17 1.92
N ASP G 369 5.57 104.37 3.23
CA ASP G 369 6.51 105.22 3.95
C ASP G 369 7.75 104.44 4.37
N VAL G 370 8.90 105.10 4.27
CA VAL G 370 10.18 104.54 4.66
C VAL G 370 10.54 105.12 6.02
N PHE G 371 10.90 104.26 6.97
CA PHE G 371 11.09 104.72 8.33
C PHE G 371 12.50 104.43 8.84
N MET G 372 12.97 105.33 9.68
CA MET G 372 14.24 105.20 10.36
C MET G 372 14.08 104.38 11.61
N ILE G 373 15.06 103.53 11.89
CA ILE G 373 14.98 102.64 13.04
C ILE G 373 15.42 103.39 14.29
N PRO G 374 14.65 103.37 15.37
CA PRO G 374 15.01 104.14 16.57
C PRO G 374 16.15 103.49 17.36
N GLN G 375 16.90 104.34 18.06
CA GLN G 375 18.04 103.87 18.83
C GLN G 375 17.58 103.22 20.14
N TYR G 376 18.30 102.19 20.56
CA TYR G 376 18.00 101.52 21.82
C TYR G 376 18.76 102.17 22.96
N GLY G 377 18.05 102.39 24.05
CA GLY G 377 18.65 102.88 25.27
C GLY G 377 17.73 102.49 26.41
N TYR G 378 18.29 102.46 27.60
CA TYR G 378 17.51 102.07 28.76
C TYR G 378 17.91 102.91 29.94
N LEU G 379 17.08 102.89 30.98
CA LEU G 379 17.34 103.53 32.24
C LEU G 379 17.51 102.48 33.31
N THR G 380 18.31 102.80 34.32
CA THR G 380 18.52 101.90 35.44
C THR G 380 18.29 102.67 36.73
N LEU G 381 18.48 102.01 37.86
CA LEU G 381 18.27 102.63 39.15
C LEU G 381 19.14 103.87 39.29
N ASN G 382 18.55 104.95 39.76
CA ASN G 382 19.27 106.20 39.93
C ASN G 382 18.94 106.82 41.28
N ASN G 383 19.92 107.51 41.83
CA ASN G 383 19.79 108.30 43.06
C ASN G 383 20.09 109.74 42.66
N GLY G 384 19.07 110.44 42.17
CA GLY G 384 19.31 111.72 41.53
C GLY G 384 19.85 111.48 40.14
N SER G 385 20.95 112.16 39.81
CA SER G 385 21.62 111.91 38.55
C SER G 385 22.70 110.85 38.68
N GLN G 386 22.85 110.22 39.84
CA GLN G 386 23.87 109.23 40.09
C GLN G 386 23.28 107.83 40.00
N ALA G 387 24.16 106.84 39.99
CA ALA G 387 23.78 105.44 39.98
C ALA G 387 23.86 104.88 41.40
N VAL G 388 23.52 103.61 41.54
CA VAL G 388 23.66 102.89 42.78
C VAL G 388 24.41 101.58 42.49
N GLY G 389 24.62 100.78 43.53
CA GLY G 389 25.28 99.51 43.34
C GLY G 389 24.47 98.53 42.53
N ARG G 390 23.15 98.56 42.66
CA ARG G 390 22.26 97.66 41.96
C ARG G 390 21.87 98.16 40.58
N SER G 391 22.40 99.31 40.16
CA SER G 391 22.21 99.76 38.80
C SER G 391 22.87 98.77 37.84
N SER G 392 22.13 98.36 36.82
CA SER G 392 22.62 97.36 35.89
C SER G 392 23.16 98.00 34.62
N PHE G 393 24.08 97.30 34.00
CA PHE G 393 24.60 97.65 32.69
C PHE G 393 24.49 96.42 31.81
N TYR G 394 24.05 96.61 30.58
CA TYR G 394 23.86 95.51 29.64
C TYR G 394 24.65 95.80 28.38
N CYS G 395 25.62 94.95 28.09
CA CYS G 395 26.22 94.94 26.76
C CYS G 395 25.36 94.07 25.86
N LEU G 396 24.87 94.64 24.77
CA LEU G 396 24.06 93.88 23.85
C LEU G 396 24.89 93.02 22.90
N GLU G 397 26.20 93.26 22.84
CA GLU G 397 27.10 92.35 22.14
C GLU G 397 27.35 91.08 22.93
N TYR G 398 26.93 91.04 24.18
CA TYR G 398 27.01 89.85 25.02
C TYR G 398 25.87 88.89 24.76
N PHE G 399 25.20 89.00 23.62
CA PHE G 399 24.15 88.11 23.18
C PHE G 399 24.58 87.42 21.90
N PRO G 400 24.06 86.22 21.64
CA PRO G 400 24.22 85.62 20.30
C PRO G 400 23.40 86.38 19.26
N SER G 401 24.06 86.87 18.23
CA SER G 401 23.41 87.59 17.15
C SER G 401 23.58 86.83 15.85
N GLN G 402 22.62 86.97 14.95
CA GLN G 402 22.77 86.50 13.60
C GLN G 402 23.35 87.64 12.77
N MET G 403 24.43 87.35 12.05
CA MET G 403 25.08 88.31 11.17
C MET G 403 24.55 88.10 9.76
N LEU G 404 24.05 89.17 9.16
CA LEU G 404 23.38 89.12 7.88
C LEU G 404 24.17 89.94 6.87
N ARG G 405 24.62 89.30 5.81
CA ARG G 405 25.13 90.00 4.65
C ARG G 405 23.97 90.27 3.69
N THR G 406 24.26 90.79 2.51
CA THR G 406 23.19 91.27 1.65
C THR G 406 22.32 90.15 1.09
N GLY G 407 22.75 88.89 1.20
CA GLY G 407 21.96 87.78 0.70
C GLY G 407 21.21 87.02 1.76
N ASN G 408 21.34 87.43 3.01
CA ASN G 408 20.75 86.72 4.14
C ASN G 408 19.45 87.37 4.60
N ASN G 409 18.62 86.58 5.26
CA ASN G 409 17.41 87.08 5.89
C ASN G 409 17.31 86.54 7.30
N PHE G 410 16.34 87.06 8.04
CA PHE G 410 16.14 86.75 9.45
C PHE G 410 14.66 86.47 9.67
N THR G 411 14.33 85.37 10.33
CA THR G 411 12.94 85.04 10.60
C THR G 411 12.77 84.75 12.08
N PHE G 412 11.56 84.96 12.58
CA PHE G 412 11.29 84.74 14.00
C PHE G 412 9.79 84.58 14.19
N SER G 413 9.38 83.53 14.89
CA SER G 413 7.97 83.29 15.18
C SER G 413 7.70 83.45 16.66
N TYR G 414 6.48 83.87 16.98
CA TYR G 414 6.10 84.08 18.37
C TYR G 414 4.63 83.75 18.53
N THR G 415 4.28 83.13 19.65
CA THR G 415 2.90 82.82 20.00
C THR G 415 2.50 83.64 21.22
N PHE G 416 1.37 84.32 21.11
CA PHE G 416 0.84 85.07 22.25
C PHE G 416 0.26 84.13 23.29
N GLU G 417 0.40 84.50 24.55
CA GLU G 417 -0.29 83.80 25.62
C GLU G 417 -1.79 84.07 25.53
N GLU G 418 -2.56 83.24 26.23
CA GLU G 418 -4.02 83.39 26.23
C GLU G 418 -4.37 84.62 27.04
N VAL G 419 -4.60 85.72 26.33
CA VAL G 419 -4.97 87.00 26.92
C VAL G 419 -6.47 87.15 26.73
N PRO G 420 -7.18 87.87 27.58
CA PRO G 420 -8.61 88.09 27.34
C PRO G 420 -8.84 88.95 26.10
N PHE G 421 -9.97 88.72 25.45
CA PHE G 421 -10.39 89.55 24.33
C PHE G 421 -10.53 90.99 24.78
N HIS G 422 -10.03 91.91 23.97
CA HIS G 422 -10.40 93.30 24.13
C HIS G 422 -11.85 93.49 23.70
N SER G 423 -12.56 94.33 24.43
CA SER G 423 -13.99 94.57 24.28
C SER G 423 -14.23 95.65 23.23
N SER G 424 -14.68 95.25 22.05
CA SER G 424 -15.05 96.20 21.01
C SER G 424 -16.50 96.60 21.09
N TYR G 425 -17.07 96.60 22.29
CA TYR G 425 -18.48 96.90 22.49
C TYR G 425 -18.64 97.95 23.58
N ALA G 426 -19.75 98.67 23.51
CA ALA G 426 -20.30 99.43 24.61
C ALA G 426 -21.43 98.63 25.26
N HIS G 427 -21.88 99.11 26.40
CA HIS G 427 -22.98 98.48 27.11
C HIS G 427 -24.27 99.24 26.81
N SER G 428 -25.34 98.48 26.53
CA SER G 428 -26.65 99.06 26.28
C SER G 428 -27.39 99.42 27.56
N GLN G 429 -26.90 98.99 28.70
CA GLN G 429 -27.49 99.30 29.99
C GLN G 429 -26.46 99.96 30.88
N SER G 430 -26.94 100.76 31.81
CA SER G 430 -26.10 101.33 32.85
C SER G 430 -26.16 100.46 34.10
N LEU G 431 -25.11 100.54 34.90
CA LEU G 431 -24.99 99.66 36.06
C LEU G 431 -26.04 99.96 37.12
N ASP G 432 -26.46 101.22 37.23
CA ASP G 432 -27.51 101.60 38.17
C ASP G 432 -28.90 101.51 37.58
N ARG G 433 -29.05 100.84 36.43
CA ARG G 433 -30.33 100.72 35.74
C ARG G 433 -30.52 99.29 35.26
N LEU G 434 -30.22 98.32 36.11
CA LEU G 434 -30.26 96.92 35.74
C LEU G 434 -31.54 96.24 36.20
N MET G 435 -32.51 97.00 36.71
CA MET G 435 -33.71 96.45 37.30
C MET G 435 -34.84 96.38 36.29
N ASN G 436 -35.87 95.62 36.65
CA ASN G 436 -37.14 95.68 35.94
C ASN G 436 -37.84 96.98 36.29
N PRO G 437 -38.15 97.83 35.31
CA PRO G 437 -38.80 99.11 35.61
C PRO G 437 -40.30 99.01 35.88
N LEU G 438 -40.86 97.81 35.91
CA LEU G 438 -42.29 97.66 36.15
C LEU G 438 -42.62 97.04 37.50
N ILE G 439 -41.72 96.24 38.06
CA ILE G 439 -41.98 95.47 39.26
C ILE G 439 -41.28 96.12 40.44
N ASP G 440 -41.93 96.08 41.59
CA ASP G 440 -41.31 96.54 42.83
C ASP G 440 -40.32 95.51 43.34
N GLN G 441 -39.62 95.88 44.40
CA GLN G 441 -38.72 94.97 45.08
C GLN G 441 -39.40 94.40 46.31
N TYR G 442 -38.82 93.33 46.86
CA TYR G 442 -39.25 92.84 48.16
C TYR G 442 -38.34 93.32 49.27
N LEU G 443 -37.39 94.20 48.96
CA LEU G 443 -36.46 94.75 49.93
C LEU G 443 -36.89 96.16 50.30
N TYR G 444 -36.80 96.48 51.58
CA TYR G 444 -37.15 97.79 52.09
C TYR G 444 -35.91 98.58 52.42
N TYR G 445 -36.06 99.89 52.43
CA TYR G 445 -34.98 100.80 52.79
C TYR G 445 -35.56 101.89 53.68
N LEU G 446 -34.70 102.48 54.49
CA LEU G 446 -35.10 103.61 55.32
C LEU G 446 -35.32 104.82 54.44
N ASN G 447 -36.55 105.32 54.40
CA ASN G 447 -36.92 106.41 53.51
C ASN G 447 -37.00 107.76 54.23
N ARG G 448 -37.58 107.79 55.41
CA ARG G 448 -37.72 109.01 56.20
C ARG G 448 -37.24 108.76 57.61
N THR G 449 -36.53 109.72 58.18
CA THR G 449 -36.28 109.76 59.61
C THR G 449 -37.02 110.91 60.29
N GLN G 450 -37.94 111.55 59.58
CA GLN G 450 -38.83 112.56 60.14
C GLN G 450 -40.24 112.28 59.67
N ASN G 451 -41.21 112.88 60.36
CA ASN G 451 -42.61 112.68 60.00
C ASN G 451 -42.91 113.31 58.65
N GLN G 452 -43.67 112.58 57.84
CA GLN G 452 -43.99 113.04 56.49
C GLN G 452 -45.01 114.16 56.48
N SER G 453 -45.88 114.23 57.47
CA SER G 453 -46.99 115.19 57.45
C SER G 453 -46.47 116.62 57.45
N GLY G 454 -45.50 116.93 58.30
CA GLY G 454 -44.90 118.25 58.33
C GLY G 454 -45.55 119.24 59.28
N SER G 455 -46.76 118.95 59.77
CA SER G 455 -47.39 119.83 60.74
C SER G 455 -46.56 119.91 62.02
N ALA G 456 -46.04 118.76 62.46
CA ALA G 456 -45.00 118.69 63.47
C ALA G 456 -43.70 118.26 62.80
N GLN G 457 -42.59 118.43 63.52
CA GLN G 457 -41.26 118.10 63.03
C GLN G 457 -40.63 116.97 63.82
N ASN G 458 -41.41 115.92 64.08
CA ASN G 458 -40.95 114.83 64.92
C ASN G 458 -40.15 113.83 64.10
N LYS G 459 -39.25 113.13 64.78
CA LYS G 459 -38.48 112.09 64.13
C LYS G 459 -39.33 110.83 63.97
N ASP G 460 -38.83 109.91 63.15
CA ASP G 460 -39.52 108.64 62.91
C ASP G 460 -38.55 107.67 62.26
N LEU G 461 -39.06 106.48 61.93
CA LEU G 461 -38.32 105.48 61.17
C LEU G 461 -39.32 104.88 60.18
N LEU G 462 -39.37 105.47 58.99
CA LEU G 462 -40.32 105.08 57.96
C LEU G 462 -39.58 104.39 56.83
N PHE G 463 -40.07 103.22 56.45
CA PHE G 463 -39.41 102.37 55.48
C PHE G 463 -40.27 102.25 54.22
N SER G 464 -39.64 102.32 53.07
CA SER G 464 -40.32 102.19 51.79
C SER G 464 -39.81 100.98 51.05
N ARG G 465 -40.63 100.50 50.13
CA ARG G 465 -40.28 99.39 49.27
C ARG G 465 -39.58 99.90 48.01
N GLY G 466 -38.58 99.16 47.56
CA GLY G 466 -37.89 99.48 46.33
C GLY G 466 -38.84 99.48 45.15
N SER G 467 -39.03 100.64 44.53
CA SER G 467 -40.02 100.83 43.48
C SER G 467 -39.39 101.49 42.27
N PRO G 468 -39.99 101.33 41.09
CA PRO G 468 -39.46 102.03 39.91
C PRO G 468 -39.57 103.54 39.98
N ALA G 469 -40.39 104.08 40.88
CA ALA G 469 -40.43 105.53 41.06
C ALA G 469 -39.09 106.07 41.54
N GLY G 470 -38.55 105.48 42.59
CA GLY G 470 -37.21 105.83 43.02
C GLY G 470 -36.22 104.74 42.73
N MET G 471 -35.45 104.91 41.66
CA MET G 471 -34.47 103.92 41.25
C MET G 471 -33.11 104.17 41.88
N SER G 472 -32.86 105.39 42.36
CA SER G 472 -31.59 105.72 42.98
C SER G 472 -31.44 105.12 44.37
N VAL G 473 -32.54 104.80 45.04
CA VAL G 473 -32.50 104.30 46.41
C VAL G 473 -32.75 102.80 46.48
N GLN G 474 -32.96 102.14 45.35
CA GLN G 474 -33.15 100.71 45.35
C GLN G 474 -31.87 99.99 45.75
N PRO G 475 -31.95 98.96 46.58
CA PRO G 475 -30.79 98.10 46.80
C PRO G 475 -30.31 97.50 45.48
N LYS G 476 -29.00 97.42 45.33
CA LYS G 476 -28.38 96.92 44.11
C LYS G 476 -27.28 95.92 44.46
N ASN G 477 -26.79 95.22 43.45
CA ASN G 477 -25.87 94.13 43.66
C ASN G 477 -24.42 94.47 43.37
N TRP G 478 -24.15 95.53 42.62
CA TRP G 478 -22.80 95.82 42.15
C TRP G 478 -22.48 97.29 42.34
N LEU G 479 -21.19 97.60 42.21
CA LEU G 479 -20.65 98.93 42.39
C LEU G 479 -19.86 99.36 41.15
N PRO G 480 -19.79 100.65 40.87
CA PRO G 480 -18.93 101.12 39.78
C PRO G 480 -17.47 100.93 40.12
N GLY G 481 -16.66 100.85 39.07
CA GLY G 481 -15.24 100.60 39.21
C GLY G 481 -14.51 101.63 40.04
N PRO G 482 -13.23 101.40 40.27
CA PRO G 482 -12.45 102.32 41.10
C PRO G 482 -12.17 103.62 40.37
N CYS G 483 -11.87 104.65 41.15
CA CYS G 483 -11.65 105.97 40.60
C CYS G 483 -10.42 106.61 41.24
N TYR G 484 -9.82 107.56 40.53
CA TYR G 484 -8.76 108.41 41.04
C TYR G 484 -8.91 109.77 40.39
N ARG G 485 -9.58 110.68 41.08
CA ARG G 485 -10.12 111.88 40.45
C ARG G 485 -9.04 112.71 39.77
N GLN G 486 -9.38 113.24 38.59
CA GLN G 486 -8.53 114.13 37.81
C GLN G 486 -9.12 115.53 37.82
N GLN G 487 -8.32 116.49 37.39
CA GLN G 487 -8.78 117.87 37.28
C GLN G 487 -9.49 118.08 35.95
N ARG G 488 -10.54 118.90 35.97
CA ARG G 488 -11.41 119.08 34.82
C ARG G 488 -10.93 120.29 34.04
N VAL G 489 -10.56 120.07 32.78
CA VAL G 489 -10.12 121.13 31.88
C VAL G 489 -11.13 121.26 30.77
N SER G 490 -11.48 122.50 30.43
CA SER G 490 -12.41 122.77 29.35
C SER G 490 -11.66 122.94 28.05
N LYS G 491 -12.17 122.34 26.98
CA LYS G 491 -11.62 122.56 25.65
C LYS G 491 -11.78 123.99 25.18
N THR G 492 -12.72 124.72 25.77
CA THR G 492 -12.86 126.15 25.55
C THR G 492 -12.03 126.87 26.61
N LYS G 493 -10.93 127.50 26.16
CA LYS G 493 -9.92 127.96 27.10
C LYS G 493 -10.41 129.09 28.01
N THR G 494 -11.46 129.80 27.64
CA THR G 494 -11.92 130.91 28.48
C THR G 494 -12.53 130.46 29.78
N ASP G 495 -13.01 129.22 29.86
CA ASP G 495 -13.63 128.72 31.09
C ASP G 495 -12.63 128.10 32.05
N ASN G 496 -11.35 128.08 31.70
CA ASN G 496 -10.33 127.53 32.58
C ASN G 496 -9.75 128.62 33.47
N ASN G 497 -9.27 128.20 34.63
CA ASN G 497 -8.67 129.13 35.58
C ASN G 497 -7.43 129.78 34.98
N ASN G 498 -7.20 131.04 35.34
CA ASN G 498 -6.05 131.78 34.83
C ASN G 498 -4.81 131.47 35.68
N SER G 499 -4.27 130.28 35.44
CA SER G 499 -3.03 129.84 36.05
C SER G 499 -2.53 128.64 35.25
N ASN G 500 -1.33 128.18 35.58
CA ASN G 500 -0.79 127.03 34.86
C ASN G 500 -1.42 125.73 35.36
N PHE G 501 -1.17 125.38 36.61
CA PHE G 501 -1.84 124.29 37.33
C PHE G 501 -1.83 122.95 36.58
N THR G 502 -1.01 122.85 35.53
CA THR G 502 -0.81 121.54 34.90
C THR G 502 0.10 120.64 35.70
N TRP G 503 0.88 121.19 36.60
CA TRP G 503 1.68 120.40 37.51
C TRP G 503 1.26 120.54 38.95
N THR G 504 0.90 121.76 39.38
CA THR G 504 0.51 121.94 40.78
C THR G 504 -0.88 121.39 41.07
N GLY G 505 -1.77 121.37 40.08
CA GLY G 505 -3.13 120.95 40.32
C GLY G 505 -3.45 119.59 39.72
N ALA G 506 -2.44 118.77 39.51
CA ALA G 506 -2.61 117.52 38.80
C ALA G 506 -2.49 116.32 39.72
N SER G 507 -3.19 115.25 39.36
CA SER G 507 -3.09 113.99 40.08
C SER G 507 -1.77 113.33 39.76
N LYS G 508 -0.96 113.09 40.79
CA LYS G 508 0.36 112.50 40.58
C LYS G 508 0.64 111.56 41.74
N TYR G 509 1.61 110.66 41.52
CA TYR G 509 1.98 109.71 42.55
C TYR G 509 3.43 109.91 42.97
N ASN G 510 3.70 109.51 44.20
CA ASN G 510 5.01 109.67 44.82
C ASN G 510 5.73 108.32 44.80
N LEU G 511 6.95 108.31 44.27
CA LEU G 511 7.74 107.09 44.21
C LEU G 511 9.19 107.43 44.46
N ASN G 512 9.73 106.97 45.59
CA ASN G 512 11.12 107.21 45.96
C ASN G 512 11.44 108.70 46.02
N GLY G 513 10.46 109.49 46.44
CA GLY G 513 10.67 110.90 46.66
C GLY G 513 10.44 111.79 45.46
N ARG G 514 10.17 111.24 44.28
CA ARG G 514 9.90 112.06 43.11
C ARG G 514 8.53 111.75 42.55
N GLU G 515 7.84 112.80 42.14
CA GLU G 515 6.45 112.73 41.73
C GLU G 515 6.34 112.47 40.23
N SER G 516 5.29 111.74 39.85
CA SER G 516 5.04 111.40 38.46
C SER G 516 3.56 111.58 38.19
N ILE G 517 3.23 112.28 37.10
CA ILE G 517 1.84 112.44 36.71
C ILE G 517 1.26 111.08 36.40
N ILE G 518 -0.01 110.87 36.77
CA ILE G 518 -0.64 109.57 36.57
C ILE G 518 -0.73 109.27 35.08
N ASN G 519 -1.53 110.04 34.33
CA ASN G 519 -1.49 110.07 32.88
C ASN G 519 -1.44 108.70 32.20
N PRO G 520 -2.57 108.01 32.00
CA PRO G 520 -3.94 108.45 32.25
C PRO G 520 -4.58 107.76 33.45
N GLY G 521 -3.93 106.73 33.96
CA GLY G 521 -4.40 106.10 35.18
C GLY G 521 -5.66 105.28 34.97
N THR G 522 -6.55 105.35 35.96
CA THR G 522 -7.74 104.51 35.98
C THR G 522 -8.62 104.79 34.77
N ALA G 523 -9.23 103.75 34.25
CA ALA G 523 -10.11 103.86 33.10
C ALA G 523 -11.44 104.44 33.57
N MET G 524 -11.65 105.72 33.31
CA MET G 524 -12.86 106.41 33.72
C MET G 524 -13.43 107.19 32.55
N ALA G 525 -14.72 107.52 32.66
CA ALA G 525 -15.37 108.33 31.64
C ALA G 525 -14.76 109.72 31.59
N SER G 526 -14.56 110.22 30.36
CA SER G 526 -13.96 111.53 30.19
C SER G 526 -14.84 112.64 30.74
N HIS G 527 -16.14 112.54 30.55
CA HIS G 527 -17.08 113.57 30.98
C HIS G 527 -18.43 112.93 31.20
N LYS G 528 -19.40 113.75 31.60
CA LYS G 528 -20.77 113.32 31.76
C LYS G 528 -21.54 113.50 30.45
N ASP G 529 -22.85 113.35 30.52
CA ASP G 529 -23.70 113.68 29.38
C ASP G 529 -23.77 115.18 29.20
N ASP G 530 -23.78 115.62 27.94
CA ASP G 530 -23.90 117.04 27.59
C ASP G 530 -22.75 117.87 28.16
N GLU G 531 -21.57 117.26 28.28
CA GLU G 531 -20.41 117.92 28.85
C GLU G 531 -19.16 117.60 28.05
N ASP G 532 -19.30 117.48 26.73
CA ASP G 532 -18.17 117.11 25.88
C ASP G 532 -17.08 118.16 25.85
N LYS G 533 -17.34 119.36 26.33
CA LYS G 533 -16.36 120.44 26.36
C LYS G 533 -15.29 120.23 27.43
N PHE G 534 -15.45 119.26 28.33
CA PHE G 534 -14.53 119.02 29.42
C PHE G 534 -13.81 117.70 29.22
N PHE G 535 -12.54 117.67 29.61
CA PHE G 535 -11.76 116.45 29.65
C PHE G 535 -10.89 116.45 30.89
N PRO G 536 -10.57 115.28 31.43
CA PRO G 536 -9.63 115.23 32.55
C PRO G 536 -8.25 115.69 32.11
N MET G 537 -7.55 116.37 33.03
CA MET G 537 -6.32 117.05 32.64
C MET G 537 -5.27 116.09 32.12
N SER G 538 -5.13 114.93 32.76
CA SER G 538 -4.21 113.90 32.30
C SER G 538 -4.89 112.54 32.33
N GLY G 539 -6.12 112.48 31.87
CA GLY G 539 -6.87 111.24 31.92
C GLY G 539 -7.22 110.70 30.55
N VAL G 540 -6.76 111.36 29.51
CA VAL G 540 -7.12 111.01 28.14
C VAL G 540 -5.87 110.80 27.32
N MET G 541 -5.96 109.91 26.34
CA MET G 541 -4.88 109.73 25.37
C MET G 541 -5.00 110.81 24.30
N ILE G 542 -3.92 111.55 24.11
CA ILE G 542 -3.89 112.67 23.18
C ILE G 542 -2.91 112.32 22.08
N PHE G 543 -3.40 112.24 20.85
CA PHE G 543 -2.57 112.00 19.68
C PHE G 543 -2.37 113.31 18.95
N GLY G 544 -1.15 113.52 18.46
CA GLY G 544 -0.84 114.71 17.69
C GLY G 544 -1.12 114.49 16.22
N LYS G 545 -1.69 115.51 15.58
CA LYS G 545 -1.82 115.48 14.14
C LYS G 545 -0.47 115.77 13.49
N GLU G 546 -0.38 115.47 12.21
CA GLU G 546 0.79 115.89 11.47
C GLU G 546 0.84 117.42 11.45
N SER G 547 2.05 117.96 11.45
CA SER G 547 2.28 119.39 11.68
C SER G 547 1.87 119.80 13.09
N ALA G 548 2.19 118.97 14.06
CA ALA G 548 2.09 119.33 15.48
C ALA G 548 3.49 119.42 16.04
N GLY G 549 3.78 120.51 16.75
CA GLY G 549 5.09 120.70 17.31
C GLY G 549 5.36 119.74 18.45
N ALA G 550 6.63 119.68 18.85
CA ALA G 550 7.01 118.81 19.95
C ALA G 550 6.59 119.39 21.30
N SER G 551 6.63 120.71 21.44
CA SER G 551 6.36 121.36 22.71
C SER G 551 5.38 122.51 22.52
N ASN G 552 4.41 122.60 23.43
CA ASN G 552 3.45 123.70 23.48
C ASN G 552 2.72 123.90 22.15
N THR G 553 2.32 122.78 21.53
CA THR G 553 1.49 122.86 20.34
C THR G 553 0.06 123.19 20.73
N ALA G 554 -0.80 123.30 19.74
CA ALA G 554 -2.15 123.81 19.96
C ALA G 554 -3.19 122.70 20.02
N LEU G 555 -4.29 123.03 20.69
CA LEU G 555 -5.45 122.14 20.73
C LEU G 555 -5.92 121.79 19.33
N ASP G 556 -5.71 122.70 18.38
CA ASP G 556 -6.05 122.42 16.99
C ASP G 556 -5.10 121.39 16.40
N ASN G 557 -3.89 121.28 16.94
CA ASN G 557 -2.90 120.35 16.42
C ASN G 557 -2.93 119.00 17.12
N VAL G 558 -3.64 118.88 18.23
CA VAL G 558 -3.75 117.59 18.90
C VAL G 558 -5.17 117.04 18.76
N MET G 559 -5.28 115.71 18.89
CA MET G 559 -6.56 115.02 18.89
C MET G 559 -6.76 114.37 20.26
N ILE G 560 -7.75 114.84 20.99
CA ILE G 560 -8.07 114.32 22.33
C ILE G 560 -9.09 113.20 22.18
N THR G 561 -8.79 112.06 22.79
CA THR G 561 -9.73 110.95 22.75
C THR G 561 -10.85 111.15 23.76
N ASP G 562 -11.87 110.31 23.64
CA ASP G 562 -13.02 110.36 24.53
C ASP G 562 -13.31 108.94 24.99
N GLU G 563 -13.68 108.81 26.27
CA GLU G 563 -14.06 107.53 26.86
C GLU G 563 -15.53 107.55 27.26
N GLU G 564 -16.37 108.05 26.35
CA GLU G 564 -17.77 108.28 26.68
C GLU G 564 -18.56 106.99 26.75
N GLU G 565 -18.03 105.91 26.18
CA GLU G 565 -18.80 104.67 26.10
C GLU G 565 -18.80 103.88 27.39
N ILE G 566 -17.90 104.18 28.33
CA ILE G 566 -17.79 103.41 29.55
C ILE G 566 -18.43 104.14 30.73
N LYS G 567 -19.31 105.10 30.46
CA LYS G 567 -20.10 105.72 31.51
C LYS G 567 -21.06 104.73 32.17
N ALA G 568 -21.35 103.61 31.51
CA ALA G 568 -22.31 102.66 32.04
C ALA G 568 -21.78 101.95 33.28
N THR G 569 -20.47 101.80 33.41
CA THR G 569 -19.88 101.07 34.52
C THR G 569 -18.78 101.81 35.25
N ASN G 570 -18.18 102.84 34.65
CA ASN G 570 -17.03 103.50 35.23
C ASN G 570 -17.40 104.90 35.72
N PRO G 571 -16.81 105.36 36.81
CA PRO G 571 -17.05 106.72 37.26
C PRO G 571 -16.47 107.73 36.28
N VAL G 572 -17.04 108.93 36.28
CA VAL G 572 -16.50 110.01 35.46
C VAL G 572 -15.19 110.48 36.06
N ALA G 573 -14.19 110.68 35.20
CA ALA G 573 -12.83 110.91 35.64
C ALA G 573 -12.67 112.18 36.48
N THR G 574 -13.50 113.19 36.24
CA THR G 574 -13.33 114.48 36.88
C THR G 574 -14.22 114.68 38.10
N GLU G 575 -14.98 113.66 38.50
CA GLU G 575 -15.89 113.78 39.63
C GLU G 575 -15.61 112.69 40.65
N ARG G 576 -16.13 112.91 41.85
CA ARG G 576 -15.89 112.01 42.97
C ARG G 576 -16.53 110.66 42.71
N PHE G 577 -15.97 109.63 43.35
CA PHE G 577 -16.62 108.32 43.34
C PHE G 577 -17.98 108.39 44.01
N GLY G 578 -18.06 109.12 45.11
CA GLY G 578 -19.29 109.24 45.85
C GLY G 578 -19.05 109.90 47.18
N THR G 579 -20.03 109.78 48.07
CA THR G 579 -19.93 110.30 49.42
C THR G 579 -19.89 109.16 50.42
N VAL G 580 -19.36 109.47 51.60
CA VAL G 580 -19.24 108.49 52.67
C VAL G 580 -19.57 109.18 53.98
N ALA G 581 -20.19 108.44 54.89
CA ALA G 581 -20.44 108.98 56.22
C ALA G 581 -19.13 109.15 56.97
N VAL G 582 -19.01 110.23 57.74
CA VAL G 582 -17.77 110.55 58.42
C VAL G 582 -17.94 110.78 59.91
N ASN G 583 -19.14 110.61 60.45
CA ASN G 583 -19.36 110.82 61.87
C ASN G 583 -20.53 109.96 62.33
N PHE G 584 -20.93 110.13 63.58
CA PHE G 584 -22.12 109.50 64.13
C PHE G 584 -23.18 110.58 64.34
N GLN G 585 -24.32 110.41 63.70
CA GLN G 585 -25.45 111.31 63.95
C GLN G 585 -26.11 110.95 65.26
N SER G 586 -26.57 111.97 65.97
CA SER G 586 -27.23 111.76 67.25
C SER G 586 -28.12 112.95 67.54
N SER G 587 -29.04 112.76 68.48
CA SER G 587 -29.92 113.82 68.95
C SER G 587 -29.38 114.42 70.25
N SER G 588 -29.87 115.59 70.58
CA SER G 588 -29.49 116.26 71.82
C SER G 588 -30.06 115.51 73.02
N THR G 589 -29.31 115.55 74.12
CA THR G 589 -29.73 114.89 75.35
C THR G 589 -29.43 115.75 76.56
N VAL G 592 -26.22 114.52 77.15
CA VAL G 592 -25.25 115.06 76.21
C VAL G 592 -25.94 116.07 75.29
N PRO G 593 -26.07 117.31 75.75
CA PRO G 593 -26.81 118.31 74.98
C PRO G 593 -25.99 118.90 73.84
N PHE G 594 -25.29 118.05 73.10
CA PHE G 594 -24.52 118.45 71.92
C PHE G 594 -25.02 117.61 70.75
N LYS G 595 -26.05 118.11 70.07
CA LYS G 595 -26.61 117.42 68.92
C LYS G 595 -25.58 117.33 67.80
N THR G 596 -25.49 116.17 67.16
CA THR G 596 -24.55 115.93 66.08
C THR G 596 -25.31 115.67 64.80
N ASP G 597 -25.21 116.60 63.86
CA ASP G 597 -25.79 116.38 62.55
C ASP G 597 -24.98 115.34 61.78
N PRO G 598 -25.64 114.53 60.96
CA PRO G 598 -24.89 113.60 60.09
C PRO G 598 -24.02 114.37 59.10
N ALA G 599 -22.85 113.83 58.82
CA ALA G 599 -21.88 114.48 57.95
C ALA G 599 -21.33 113.48 56.94
N THR G 600 -21.23 113.93 55.69
CA THR G 600 -20.67 113.13 54.62
C THR G 600 -19.46 113.85 54.04
N GLY G 601 -18.56 113.05 53.47
CA GLY G 601 -17.42 113.58 52.77
C GLY G 601 -17.28 112.95 51.41
N ASP G 602 -16.75 113.72 50.47
CA ASP G 602 -16.56 113.24 49.12
C ASP G 602 -15.39 112.27 49.05
N VAL G 603 -15.58 111.21 48.27
CA VAL G 603 -14.57 110.18 48.08
C VAL G 603 -13.94 110.41 46.72
N HIS G 604 -12.69 110.87 46.71
CA HIS G 604 -12.04 111.28 45.46
C HIS G 604 -11.20 110.17 44.86
N ALA G 605 -10.58 109.34 45.69
CA ALA G 605 -9.83 108.17 45.23
C ALA G 605 -10.39 106.95 45.95
N MET G 606 -10.87 105.99 45.17
CA MET G 606 -11.48 104.78 45.71
C MET G 606 -10.76 103.58 45.13
N GLY G 607 -10.21 102.75 45.99
CA GLY G 607 -9.62 101.50 45.58
C GLY G 607 -10.66 100.44 45.35
N ALA G 608 -10.20 99.26 44.96
CA ALA G 608 -11.11 98.18 44.59
C ALA G 608 -11.88 97.68 45.81
N LEU G 609 -13.20 97.68 45.71
CA LEU G 609 -14.11 97.08 46.65
C LEU G 609 -14.74 95.85 46.04
N PRO G 610 -15.03 94.82 46.83
CA PRO G 610 -15.75 93.66 46.27
C PRO G 610 -17.12 94.07 45.77
N GLY G 611 -17.51 93.49 44.64
CA GLY G 611 -18.69 93.89 43.93
C GLY G 611 -18.48 94.93 42.88
N MET G 612 -17.27 95.48 42.77
CA MET G 612 -16.97 96.48 41.75
C MET G 612 -16.85 95.84 40.37
N VAL G 613 -17.37 96.52 39.37
CA VAL G 613 -17.23 96.12 37.97
C VAL G 613 -16.83 97.33 37.16
N TRP G 614 -15.99 97.11 36.15
CA TRP G 614 -15.49 98.22 35.36
C TRP G 614 -15.11 97.73 33.97
N GLN G 615 -14.95 98.68 33.06
CA GLN G 615 -14.38 98.43 31.74
C GLN G 615 -12.98 99.01 31.67
N ASP G 616 -12.14 98.41 30.83
CA ASP G 616 -10.80 98.91 30.62
C ASP G 616 -10.81 100.03 29.61
N ARG G 617 -9.66 100.66 29.42
CA ARG G 617 -9.53 101.72 28.43
C ARG G 617 -9.67 101.15 27.02
N ASP G 618 -10.17 101.97 26.11
CA ASP G 618 -10.31 101.58 24.73
C ASP G 618 -8.96 101.58 24.02
N VAL G 619 -8.85 100.79 22.97
CA VAL G 619 -7.70 100.80 22.09
C VAL G 619 -8.06 101.59 20.85
N TYR G 620 -7.06 102.18 20.22
CA TYR G 620 -7.25 103.04 19.06
C TYR G 620 -6.36 102.56 17.92
N LEU G 621 -6.73 102.93 16.70
CA LEU G 621 -5.91 102.56 15.55
C LEU G 621 -4.50 103.14 15.66
N GLN G 622 -4.35 104.31 16.27
CA GLN G 622 -3.06 104.94 16.47
C GLN G 622 -2.41 104.57 17.78
N GLY G 623 -3.03 103.72 18.59
CA GLY G 623 -2.56 103.46 19.92
C GLY G 623 -1.77 102.18 20.06
N PRO G 624 -1.22 101.94 21.24
CA PRO G 624 -0.42 100.74 21.47
C PRO G 624 -1.28 99.47 21.51
N ILE G 625 -0.64 98.35 21.19
CA ILE G 625 -1.29 97.05 21.20
C ILE G 625 -1.10 96.34 22.54
N TRP G 626 0.14 96.22 23.00
CA TRP G 626 0.45 95.43 24.18
C TRP G 626 1.39 96.19 25.08
N ALA G 627 1.63 95.60 26.25
CA ALA G 627 2.64 96.07 27.18
C ALA G 627 3.11 94.89 28.01
N LYS G 628 4.41 94.88 28.33
CA LYS G 628 4.93 93.88 29.23
C LYS G 628 4.48 94.15 30.66
N ILE G 629 3.90 93.13 31.29
CA ILE G 629 3.54 93.24 32.70
C ILE G 629 4.81 93.16 33.54
N PRO G 630 5.06 94.11 34.44
CA PRO G 630 6.29 94.06 35.24
C PRO G 630 6.38 92.77 36.04
N HIS G 631 7.59 92.23 36.13
CA HIS G 631 7.83 91.00 36.88
C HIS G 631 7.94 91.36 38.35
N THR G 632 6.78 91.40 39.00
CA THR G 632 6.66 91.75 40.41
C THR G 632 5.95 90.63 41.16
N ASP G 633 5.99 90.72 42.49
CA ASP G 633 5.29 89.74 43.31
C ASP G 633 3.79 89.84 43.14
N GLY G 634 3.26 91.06 43.10
CA GLY G 634 1.84 91.24 42.98
C GLY G 634 1.51 92.29 41.93
N HIS G 635 0.33 92.12 41.34
CA HIS G 635 -0.24 93.10 40.45
C HIS G 635 -1.74 92.88 40.41
N PHE G 636 -2.49 93.97 40.34
CA PHE G 636 -3.94 93.91 40.35
C PHE G 636 -4.46 94.27 38.96
N HIS G 637 -5.14 93.33 38.32
CA HIS G 637 -5.74 93.51 37.01
C HIS G 637 -4.72 94.05 36.02
N PRO G 638 -3.74 93.26 35.61
CA PRO G 638 -2.58 93.78 34.87
C PRO G 638 -2.90 94.14 33.43
N SER G 639 -3.86 95.03 33.26
CA SER G 639 -4.18 95.59 31.96
C SER G 639 -3.53 96.96 31.84
N PRO G 640 -2.76 97.22 30.78
CA PRO G 640 -2.01 98.47 30.70
C PRO G 640 -2.93 99.68 30.75
N LEU G 641 -2.47 100.74 31.40
CA LEU G 641 -3.33 101.90 31.61
C LEU G 641 -3.47 102.74 30.35
N MET G 642 -2.53 102.61 29.40
CA MET G 642 -2.72 103.24 28.11
C MET G 642 -3.69 102.48 27.22
N GLY G 643 -4.05 101.27 27.58
CA GLY G 643 -4.92 100.44 26.78
C GLY G 643 -4.14 99.36 26.06
N GLY G 644 -4.81 98.23 25.85
CA GLY G 644 -4.16 97.13 25.16
C GLY G 644 -4.12 95.86 25.98
N PHE G 645 -3.24 94.96 25.58
CA PHE G 645 -3.10 93.65 26.21
C PHE G 645 -1.84 93.66 27.07
N GLY G 646 -2.00 93.31 28.34
CA GLY G 646 -0.85 93.12 29.19
C GLY G 646 -0.37 91.69 29.07
N LEU G 647 0.88 91.51 28.68
CA LEU G 647 1.45 90.19 28.47
C LEU G 647 2.61 89.97 29.41
N LYS G 648 2.65 88.82 30.07
CA LYS G 648 3.81 88.48 30.89
C LYS G 648 5.03 88.23 30.02
N ASN G 649 4.84 87.51 28.91
CA ASN G 649 5.88 87.32 27.90
C ASN G 649 5.40 88.00 26.63
N PRO G 650 5.67 89.30 26.46
CA PRO G 650 5.22 89.99 25.27
C PRO G 650 6.07 89.61 24.08
N PRO G 651 5.74 90.10 22.89
CA PRO G 651 6.63 89.92 21.75
C PRO G 651 8.01 90.50 22.06
N PRO G 652 9.06 89.72 21.89
CA PRO G 652 10.39 90.17 22.29
C PRO G 652 10.91 91.27 21.40
N GLN G 653 11.88 92.00 21.93
CA GLN G 653 12.51 93.07 21.19
C GLN G 653 13.47 92.49 20.16
N ILE G 654 13.37 92.98 18.93
CA ILE G 654 14.31 92.66 17.87
C ILE G 654 15.29 93.81 17.76
N LEU G 655 16.56 93.52 18.01
CA LEU G 655 17.60 94.52 18.05
C LEU G 655 18.55 94.31 16.89
N ILE G 656 18.90 95.39 16.22
CA ILE G 656 19.65 95.36 14.97
C ILE G 656 20.69 96.46 15.01
N LYS G 657 21.87 96.16 14.49
CA LYS G 657 22.86 97.22 14.33
C LYS G 657 23.79 96.87 13.18
N ASN G 658 24.47 97.88 12.66
CA ASN G 658 25.47 97.67 11.64
C ASN G 658 26.76 97.21 12.30
N THR G 659 27.36 96.14 11.78
CA THR G 659 28.65 95.72 12.31
C THR G 659 29.70 96.78 11.96
N PRO G 660 30.48 97.25 12.93
CA PRO G 660 31.48 98.29 12.63
C PRO G 660 32.52 97.77 11.66
N VAL G 661 32.88 98.62 10.70
CA VAL G 661 33.96 98.34 9.76
C VAL G 661 35.07 99.35 10.02
N PRO G 662 36.21 98.93 10.57
CA PRO G 662 37.28 99.88 10.86
C PRO G 662 37.88 100.48 9.61
N ALA G 663 38.36 101.71 9.74
CA ALA G 663 39.11 102.34 8.67
C ALA G 663 40.54 101.82 8.66
N ASN G 664 41.41 102.48 7.91
CA ASN G 664 42.77 102.01 7.73
C ASN G 664 43.52 102.04 9.06
N PRO G 665 44.04 100.91 9.55
CA PRO G 665 44.79 100.91 10.80
C PRO G 665 46.20 101.44 10.60
N PRO G 666 46.87 101.85 11.67
CA PRO G 666 48.25 102.32 11.53
C PRO G 666 49.21 101.20 11.14
N ALA G 667 50.36 101.59 10.63
CA ALA G 667 51.38 100.61 10.24
C ALA G 667 51.95 99.90 11.45
N GLU G 668 52.17 100.61 12.55
CA GLU G 668 52.62 100.05 13.81
C GLU G 668 51.43 99.74 14.71
N PHE G 669 51.62 98.72 15.55
CA PHE G 669 50.55 98.27 16.43
C PHE G 669 50.27 99.28 17.53
N SER G 670 48.97 99.48 17.81
CA SER G 670 48.52 100.33 18.90
C SER G 670 47.42 99.60 19.64
N ALA G 671 47.55 99.50 20.97
CA ALA G 671 46.54 98.83 21.76
C ALA G 671 45.34 99.70 22.05
N THR G 672 45.42 101.00 21.77
CA THR G 672 44.26 101.86 21.90
C THR G 672 43.14 101.36 21.00
N LYS G 673 41.92 101.30 21.55
CA LYS G 673 40.81 100.75 20.80
C LYS G 673 40.50 101.63 19.59
N PHE G 674 39.96 100.99 18.56
CA PHE G 674 39.69 101.68 17.32
C PHE G 674 38.64 102.76 17.51
N ALA G 675 38.88 103.93 16.92
CA ALA G 675 37.93 105.02 16.93
C ALA G 675 37.59 105.50 15.53
N SER G 676 38.34 105.09 14.52
CA SER G 676 38.13 105.48 13.14
C SER G 676 37.40 104.34 12.44
N PHE G 677 36.18 104.60 11.99
CA PHE G 677 35.37 103.59 11.33
C PHE G 677 34.90 104.10 9.98
N ILE G 678 34.64 103.15 9.09
CA ILE G 678 34.05 103.44 7.80
C ILE G 678 32.58 103.77 8.02
N THR G 679 32.15 104.94 7.55
CA THR G 679 30.80 105.42 7.80
C THR G 679 29.82 104.68 6.90
N GLN G 680 28.83 104.03 7.50
CA GLN G 680 27.88 103.30 6.70
C GLN G 680 26.54 103.19 7.41
N TYR G 681 25.52 102.89 6.61
CA TYR G 681 24.18 102.63 7.13
C TYR G 681 23.65 101.40 6.41
N SER G 682 22.45 100.99 6.75
CA SER G 682 21.83 99.86 6.07
C SER G 682 20.36 100.15 5.82
N THR G 683 19.81 99.47 4.82
CA THR G 683 18.41 99.59 4.48
C THR G 683 17.88 98.20 4.21
N GLY G 684 16.57 98.06 4.28
CA GLY G 684 15.99 96.75 4.02
C GLY G 684 14.50 96.77 4.15
N GLN G 685 13.92 95.58 4.12
CA GLN G 685 12.49 95.38 4.24
C GLN G 685 12.19 94.54 5.47
N VAL G 686 11.11 94.89 6.16
CA VAL G 686 10.67 94.18 7.35
C VAL G 686 9.20 93.80 7.15
N SER G 687 8.88 92.55 7.47
CA SER G 687 7.52 92.04 7.38
C SER G 687 7.08 91.57 8.76
N VAL G 688 5.87 91.96 9.16
CA VAL G 688 5.24 91.47 10.37
C VAL G 688 3.87 90.94 10.00
N GLU G 689 3.58 89.70 10.40
CA GLU G 689 2.29 89.07 10.17
C GLU G 689 1.71 88.67 11.52
N ILE G 690 0.54 89.20 11.85
CA ILE G 690 -0.15 88.84 13.09
C ILE G 690 -1.48 88.17 12.75
N GLU G 691 -1.70 87.01 13.33
CA GLU G 691 -3.01 86.38 13.37
C GLU G 691 -3.72 86.82 14.64
N TRP G 692 -4.95 87.31 14.47
CA TRP G 692 -5.84 87.75 15.53
C TRP G 692 -7.08 86.89 15.56
N GLU G 693 -7.47 86.50 16.76
CA GLU G 693 -8.74 85.81 16.99
C GLU G 693 -9.84 86.83 17.23
N LEU G 694 -10.98 86.61 16.58
CA LEU G 694 -12.13 87.49 16.66
C LEU G 694 -13.21 86.85 17.53
N GLN G 695 -14.02 87.70 18.14
CA GLN G 695 -15.16 87.30 18.94
C GLN G 695 -16.35 88.02 18.33
N LYS G 696 -17.17 87.26 17.60
CA LYS G 696 -18.26 87.81 16.82
C LYS G 696 -19.41 88.26 17.71
N GLU G 697 -20.12 89.28 17.24
CA GLU G 697 -21.35 89.68 17.91
C GLU G 697 -22.40 88.60 17.75
N ASN G 698 -23.24 88.43 18.77
CA ASN G 698 -24.36 87.51 18.75
C ASN G 698 -25.63 88.22 19.21
N SER G 699 -25.80 89.47 18.80
CA SER G 699 -26.80 90.34 19.39
C SER G 699 -28.20 90.02 18.88
N LYS G 700 -29.17 90.23 19.76
CA LYS G 700 -30.58 90.14 19.40
C LYS G 700 -31.24 91.50 19.37
N ARG G 701 -30.44 92.56 19.33
CA ARG G 701 -30.94 93.92 19.28
C ARG G 701 -31.73 94.14 17.99
N TRP G 702 -32.84 94.86 18.09
CA TRP G 702 -33.72 95.06 16.96
C TRP G 702 -33.33 96.27 16.12
N ASN G 703 -33.14 97.42 16.76
CA ASN G 703 -32.82 98.64 16.05
C ASN G 703 -31.37 98.59 15.56
N PRO G 704 -31.05 99.38 14.53
CA PRO G 704 -29.68 99.35 14.00
C PRO G 704 -28.67 99.90 15.00
N GLU G 705 -27.45 99.39 14.90
CA GLU G 705 -26.35 99.77 15.77
C GLU G 705 -25.65 101.03 15.28
N VAL G 706 -24.90 101.64 16.17
CA VAL G 706 -23.99 102.73 15.80
C VAL G 706 -22.75 102.11 15.17
N GLN G 707 -22.37 102.61 14.02
CA GLN G 707 -21.21 102.13 13.30
C GLN G 707 -20.24 103.29 13.06
N TYR G 708 -18.96 102.97 12.94
CA TYR G 708 -18.01 103.96 12.47
C TYR G 708 -18.16 104.08 10.95
N THR G 709 -18.33 105.31 10.47
CA THR G 709 -18.58 105.54 9.06
C THR G 709 -17.77 106.72 8.58
N SER G 710 -17.45 106.69 7.30
CA SER G 710 -16.96 107.88 6.61
C SER G 710 -18.09 108.87 6.42
N ASN G 711 -17.74 110.15 6.46
CA ASN G 711 -18.72 111.18 6.19
C ASN G 711 -18.92 111.31 4.68
N TYR G 712 -20.17 111.28 4.25
CA TYR G 712 -20.51 111.50 2.84
C TYR G 712 -20.75 113.01 2.70
N ALA G 713 -19.83 113.67 1.98
CA ALA G 713 -19.96 115.09 1.73
C ALA G 713 -18.80 115.50 0.82
N LYS G 714 -19.04 116.52 0.01
CA LYS G 714 -17.95 117.06 -0.78
C LYS G 714 -16.91 117.66 0.16
N SER G 715 -15.70 117.12 0.08
CA SER G 715 -14.59 117.58 0.89
C SER G 715 -13.37 117.76 0.02
N ALA G 716 -12.49 118.69 0.43
CA ALA G 716 -11.29 118.94 -0.36
C ALA G 716 -10.39 117.71 -0.41
N ASN G 717 -10.41 116.90 0.65
CA ASN G 717 -9.61 115.69 0.73
C ASN G 717 -10.47 114.53 1.18
N VAL G 718 -9.95 113.32 1.00
CA VAL G 718 -10.55 112.12 1.55
C VAL G 718 -9.83 111.79 2.86
N ASP G 719 -10.59 111.36 3.86
CA ASP G 719 -10.02 111.02 5.15
C ASP G 719 -9.13 109.79 5.03
N PHE G 720 -8.04 109.79 5.81
CA PHE G 720 -7.07 108.69 5.84
C PHE G 720 -6.45 108.46 4.47
N THR G 721 -6.06 109.54 3.81
CA THR G 721 -5.40 109.46 2.52
C THR G 721 -4.19 110.39 2.50
N VAL G 722 -3.59 110.55 1.34
CA VAL G 722 -2.50 111.48 1.14
C VAL G 722 -3.06 112.79 0.59
N ASP G 723 -2.32 113.86 0.77
CA ASP G 723 -2.69 115.14 0.18
C ASP G 723 -1.95 115.33 -1.14
N ASN G 724 -2.03 116.52 -1.72
CA ASN G 724 -1.33 116.78 -2.97
C ASN G 724 0.19 116.81 -2.79
N ASN G 725 0.68 116.93 -1.56
CA ASN G 725 2.11 116.86 -1.29
C ASN G 725 2.61 115.46 -0.98
N GLY G 726 1.72 114.49 -0.88
CA GLY G 726 2.11 113.14 -0.59
C GLY G 726 2.16 112.77 0.88
N LEU G 727 1.56 113.56 1.76
CA LEU G 727 1.65 113.35 3.19
C LEU G 727 0.42 112.61 3.67
N TYR G 728 0.62 111.41 4.21
CA TYR G 728 -0.47 110.64 4.78
C TYR G 728 -0.84 111.22 6.14
N THR G 729 -2.14 111.42 6.34
CA THR G 729 -2.66 111.97 7.59
C THR G 729 -3.84 111.14 8.07
N GLU G 730 -4.01 111.10 9.39
CA GLU G 730 -5.16 110.47 10.01
C GLU G 730 -6.00 111.55 10.68
N PRO G 731 -7.19 111.84 10.17
CA PRO G 731 -7.96 112.98 10.69
C PRO G 731 -8.39 112.87 12.14
N ARG G 732 -8.67 111.67 12.63
CA ARG G 732 -9.24 111.50 13.95
C ARG G 732 -8.78 110.17 14.52
N PRO G 733 -8.78 110.02 15.84
CA PRO G 733 -8.54 108.70 16.43
C PRO G 733 -9.83 107.89 16.45
N ILE G 734 -9.73 106.62 16.05
CA ILE G 734 -10.87 105.72 15.98
C ILE G 734 -10.73 104.69 17.09
N GLY G 735 -11.74 104.60 17.95
CA GLY G 735 -11.80 103.57 18.96
C GLY G 735 -12.41 102.29 18.43
N THR G 736 -12.87 101.46 19.36
CA THR G 736 -13.42 100.15 19.02
C THR G 736 -14.87 99.97 19.41
N ARG G 737 -15.37 100.74 20.37
CA ARG G 737 -16.64 100.45 21.02
C ARG G 737 -17.78 101.07 20.22
N TYR G 738 -18.31 100.33 19.25
CA TYR G 738 -19.43 100.82 18.45
C TYR G 738 -20.64 99.90 18.59
N LEU G 739 -20.42 98.60 18.46
CA LEU G 739 -21.47 97.63 18.76
C LEU G 739 -21.79 97.68 20.24
N THR G 740 -22.95 97.18 20.62
CA THR G 740 -23.35 97.18 22.01
C THR G 740 -23.76 95.78 22.45
N ARG G 741 -23.77 95.59 23.76
CA ARG G 741 -24.28 94.36 24.35
C ARG G 741 -24.87 94.69 25.71
N PRO G 742 -25.82 93.89 26.20
CA PRO G 742 -26.42 94.18 27.50
C PRO G 742 -25.44 93.95 28.64
N LEU G 743 -25.58 94.76 29.68
CA LEU G 743 -24.65 94.75 30.79
C LEU G 743 -24.84 93.52 31.68
N ASP H 219 31.83 80.87 0.84
CA ASP H 219 30.44 80.56 0.55
C ASP H 219 29.77 81.68 -0.24
N GLY H 220 30.55 82.70 -0.62
CA GLY H 220 30.07 83.76 -1.48
C GLY H 220 30.34 85.13 -0.89
N VAL H 221 30.20 86.13 -1.77
CA VAL H 221 30.38 87.52 -1.36
C VAL H 221 29.22 87.99 -0.47
N GLY H 222 28.00 87.61 -0.81
CA GLY H 222 26.84 88.14 -0.13
C GLY H 222 26.25 87.25 0.95
N ASN H 223 27.04 86.29 1.41
CA ASN H 223 26.61 85.34 2.43
C ASN H 223 27.60 85.40 3.59
N ALA H 224 27.08 85.64 4.80
CA ALA H 224 27.93 85.70 5.97
C ALA H 224 28.44 84.31 6.33
N SER H 225 29.71 84.23 6.70
CA SER H 225 30.33 82.95 7.02
C SER H 225 30.32 82.63 8.50
N GLY H 226 29.68 83.44 9.33
CA GLY H 226 29.55 83.11 10.73
C GLY H 226 28.63 84.08 11.41
N ASN H 227 28.27 83.74 12.64
CA ASN H 227 27.38 84.54 13.45
C ASN H 227 28.11 85.03 14.70
N TRP H 228 27.50 86.00 15.37
CA TRP H 228 28.05 86.54 16.61
C TRP H 228 27.68 85.62 17.75
N HIS H 229 28.67 84.96 18.33
CA HIS H 229 28.48 84.04 19.44
C HIS H 229 29.23 84.60 20.65
N CYS H 230 28.54 85.37 21.47
CA CYS H 230 29.10 85.91 22.69
C CYS H 230 28.13 85.61 23.82
N ASP H 231 28.51 84.68 24.70
CA ASP H 231 27.57 84.13 25.66
C ASP H 231 28.37 83.49 26.79
N SER H 232 27.65 82.99 27.78
CA SER H 232 28.25 82.22 28.86
C SER H 232 27.19 81.29 29.42
N THR H 233 27.44 79.99 29.34
CA THR H 233 26.50 78.98 29.78
C THR H 233 27.07 78.26 30.99
N TRP H 234 26.30 78.20 32.06
CA TRP H 234 26.73 77.58 33.31
C TRP H 234 26.00 76.27 33.46
N LEU H 235 26.73 75.17 33.35
CA LEU H 235 26.20 73.85 33.64
C LEU H 235 26.52 73.52 35.09
N GLY H 236 26.32 72.27 35.50
CA GLY H 236 26.56 71.92 36.89
C GLY H 236 28.02 72.07 37.29
N ASP H 237 28.92 71.47 36.52
CA ASP H 237 30.34 71.51 36.84
C ASP H 237 31.18 72.12 35.73
N ARG H 238 30.57 72.60 34.67
CA ARG H 238 31.28 73.26 33.58
C ARG H 238 30.72 74.66 33.42
N VAL H 239 31.55 75.53 32.84
CA VAL H 239 31.07 76.79 32.30
C VAL H 239 31.69 76.97 30.92
N ILE H 240 30.87 77.32 29.94
CA ILE H 240 31.33 77.54 28.58
C ILE H 240 31.21 79.02 28.28
N THR H 241 32.34 79.66 28.00
CA THR H 241 32.38 81.08 27.69
C THR H 241 32.69 81.26 26.21
N THR H 242 31.85 82.01 25.51
CA THR H 242 32.05 82.34 24.11
C THR H 242 32.23 83.84 23.97
N SER H 243 33.18 84.25 23.13
CA SER H 243 33.48 85.66 22.91
C SER H 243 33.73 85.90 21.44
N THR H 244 32.99 86.85 20.87
CA THR H 244 33.22 87.32 19.51
C THR H 244 33.69 88.76 19.57
N ARG H 245 34.69 89.07 18.74
CA ARG H 245 35.25 90.41 18.64
C ARG H 245 35.47 90.75 17.18
N THR H 246 35.55 92.04 16.89
CA THR H 246 35.87 92.55 15.56
C THR H 246 37.32 92.99 15.55
N TRP H 247 38.08 92.47 14.61
CA TRP H 247 39.50 92.75 14.50
C TRP H 247 39.82 93.46 13.18
N ALA H 248 40.88 94.26 13.23
CA ALA H 248 41.49 94.88 12.08
C ALA H 248 42.96 94.48 12.00
N LEU H 249 43.37 93.99 10.84
CA LEU H 249 44.73 93.55 10.59
C LEU H 249 45.34 94.41 9.51
N PRO H 250 46.39 95.17 9.80
CA PRO H 250 47.05 95.96 8.76
C PRO H 250 48.13 95.15 8.04
N THR H 251 48.84 95.80 7.13
CA THR H 251 50.05 95.23 6.56
C THR H 251 51.24 95.67 7.39
N TYR H 252 52.02 94.72 7.86
CA TYR H 252 53.16 94.98 8.73
C TYR H 252 54.45 94.86 7.92
N ASN H 253 55.33 95.84 8.10
CA ASN H 253 56.68 95.84 7.54
C ASN H 253 56.70 95.95 6.02
N ASN H 254 55.59 96.31 5.39
CA ASN H 254 55.45 96.24 3.93
C ASN H 254 55.74 94.83 3.41
N HIS H 255 55.18 93.84 4.10
CA HIS H 255 55.30 92.43 3.73
C HIS H 255 56.73 91.93 3.82
N LEU H 256 57.54 92.55 4.66
CA LEU H 256 58.96 92.21 4.75
C LEU H 256 59.28 91.57 6.08
N TYR H 257 60.27 90.69 6.07
CA TYR H 257 60.89 90.18 7.29
C TYR H 257 62.09 91.06 7.56
N LYS H 258 62.16 91.62 8.76
CA LYS H 258 63.23 92.53 9.11
C LYS H 258 63.99 92.00 10.32
N GLN H 259 65.31 92.17 10.30
CA GLN H 259 66.15 91.79 11.42
C GLN H 259 66.26 92.97 12.37
N ILE H 260 65.93 92.74 13.63
CA ILE H 260 65.92 93.80 14.64
C ILE H 260 66.93 93.45 15.72
N SER H 261 67.58 94.48 16.26
CA SER H 261 68.52 94.30 17.35
C SER H 261 68.59 95.61 18.12
N SER H 262 69.51 95.67 19.09
CA SER H 262 69.69 96.84 19.93
C SER H 262 70.89 97.69 19.52
N ALA H 263 71.51 97.38 18.38
CA ALA H 263 72.72 98.07 17.98
C ALA H 263 72.47 99.56 17.73
N SER H 264 71.38 99.89 17.04
CA SER H 264 71.06 101.29 16.84
C SER H 264 70.49 101.91 18.10
N THR H 265 69.81 101.11 18.93
CA THR H 265 69.25 101.63 20.17
C THR H 265 70.34 102.12 21.12
N GLY H 266 71.48 101.42 21.14
CA GLY H 266 72.52 101.78 22.08
C GLY H 266 72.13 101.52 23.53
N ALA H 267 71.54 100.37 23.81
CA ALA H 267 71.06 100.05 25.13
C ALA H 267 72.19 99.55 26.02
N SER H 268 71.87 99.30 27.29
CA SER H 268 72.83 98.72 28.20
C SER H 268 73.01 97.23 27.90
N ASN H 269 74.03 96.64 28.52
CA ASN H 269 74.32 95.24 28.29
C ASN H 269 73.16 94.35 28.70
N ASP H 270 72.37 94.78 29.69
CA ASP H 270 71.23 93.99 30.15
C ASP H 270 70.06 94.02 29.18
N ASN H 271 69.99 95.03 28.31
CA ASN H 271 68.85 95.21 27.42
C ASN H 271 69.17 94.87 25.97
N HIS H 272 70.32 94.27 25.72
CA HIS H 272 70.68 93.89 24.36
C HIS H 272 69.80 92.75 23.87
N TYR H 273 69.49 92.77 22.58
CA TYR H 273 68.69 91.70 22.00
C TYR H 273 68.97 91.60 20.50
N PHE H 274 68.58 90.45 19.95
CA PHE H 274 68.66 90.19 18.53
C PHE H 274 67.45 89.36 18.16
N GLY H 275 66.78 89.71 17.07
CA GLY H 275 65.62 88.96 16.68
C GLY H 275 65.11 89.37 15.33
N TYR H 276 63.85 89.02 15.06
CA TYR H 276 63.24 89.26 13.77
C TYR H 276 61.82 89.76 13.95
N SER H 277 61.43 90.64 13.04
CA SER H 277 60.08 91.17 12.92
C SER H 277 59.44 90.58 11.68
N THR H 278 58.30 89.93 11.82
CA THR H 278 57.68 89.34 10.65
C THR H 278 56.53 90.21 10.18
N PRO H 279 56.08 90.04 8.93
CA PRO H 279 54.88 90.73 8.47
C PRO H 279 53.57 90.14 8.97
N TRP H 280 53.62 89.13 9.81
CA TRP H 280 52.44 88.47 10.32
C TRP H 280 51.96 89.11 11.61
N GLY H 281 50.65 89.01 11.86
CA GLY H 281 50.07 89.27 13.15
C GLY H 281 49.63 87.96 13.78
N TYR H 282 49.28 88.03 15.05
CA TYR H 282 48.83 86.84 15.75
C TYR H 282 47.60 87.17 16.57
N PHE H 283 46.82 86.13 16.87
CA PHE H 283 45.62 86.25 17.68
C PHE H 283 45.94 85.87 19.12
N ASP H 284 45.56 86.72 20.04
CA ASP H 284 45.83 86.53 21.47
C ASP H 284 44.53 86.63 22.25
N PHE H 285 44.24 85.59 23.02
CA PHE H 285 43.11 85.62 23.95
C PHE H 285 43.57 85.02 25.28
N ASN H 286 44.75 85.42 25.73
CA ASN H 286 45.37 84.89 26.93
C ASN H 286 45.16 85.81 28.14
N ARG H 287 44.00 86.40 28.26
CA ARG H 287 43.60 87.11 29.47
C ARG H 287 42.21 86.64 29.86
N PHE H 288 41.91 86.69 31.15
CA PHE H 288 40.65 86.14 31.62
C PHE H 288 39.46 86.99 31.22
N HIS H 289 39.64 88.29 31.06
CA HIS H 289 38.53 89.16 30.68
C HIS H 289 38.22 89.10 29.19
N CYS H 290 39.03 88.42 28.40
CA CYS H 290 38.64 88.11 27.03
C CYS H 290 37.50 87.10 26.99
N HIS H 291 37.25 86.41 28.09
CA HIS H 291 36.27 85.34 28.14
C HIS H 291 35.21 85.53 29.20
N PHE H 292 35.53 86.15 30.33
CA PHE H 292 34.58 86.34 31.41
C PHE H 292 34.18 87.81 31.50
N SER H 293 32.88 88.06 31.56
CA SER H 293 32.41 89.35 32.01
C SER H 293 32.69 89.48 33.50
N PRO H 294 32.71 90.70 34.03
CA PRO H 294 32.89 90.84 35.49
C PRO H 294 31.82 90.11 36.29
N ARG H 295 30.58 90.10 35.82
CA ARG H 295 29.54 89.34 36.49
C ARG H 295 29.83 87.85 36.48
N ASP H 296 30.29 87.32 35.34
CA ASP H 296 30.64 85.90 35.27
C ASP H 296 31.84 85.58 36.15
N TRP H 297 32.82 86.48 36.20
CA TRP H 297 33.96 86.28 37.08
C TRP H 297 33.54 86.24 38.53
N GLN H 298 32.65 87.15 38.94
CA GLN H 298 32.14 87.16 40.31
C GLN H 298 31.37 85.87 40.60
N ARG H 299 30.55 85.43 39.66
CA ARG H 299 29.81 84.19 39.83
C ARG H 299 30.74 83.00 39.99
N LEU H 300 31.84 82.98 39.24
CA LEU H 300 32.82 81.91 39.37
C LEU H 300 33.52 81.94 40.71
N ILE H 301 34.06 83.09 41.09
CA ILE H 301 34.93 83.18 42.26
C ILE H 301 34.17 83.17 43.57
N ASN H 302 32.89 83.52 43.57
CA ASN H 302 32.12 83.48 44.80
C ASN H 302 31.55 82.10 45.10
N ASN H 303 31.64 81.18 44.16
CA ASN H 303 30.94 79.90 44.28
C ASN H 303 31.81 78.69 44.06
N ASN H 304 33.00 78.83 43.49
CA ASN H 304 33.80 77.67 43.13
C ASN H 304 35.10 77.67 43.91
N TRP H 305 35.49 76.48 44.36
CA TRP H 305 36.78 76.29 45.01
C TRP H 305 37.92 76.19 44.02
N GLY H 306 37.64 75.86 42.77
CA GLY H 306 38.72 75.83 41.80
C GLY H 306 38.18 75.77 40.40
N PHE H 307 39.07 76.02 39.44
CA PHE H 307 38.64 75.90 38.04
C PHE H 307 39.83 75.65 37.14
N ARG H 308 39.55 75.14 35.95
CA ARG H 308 40.61 74.91 34.97
C ARG H 308 40.00 74.84 33.59
N PRO H 309 40.78 75.06 32.53
CA PRO H 309 40.24 74.94 31.17
C PRO H 309 40.31 73.53 30.61
N LYS H 310 39.23 73.13 29.95
CA LYS H 310 39.06 71.84 29.32
C LYS H 310 39.25 71.89 27.81
N ARG H 311 38.55 72.77 27.10
CA ARG H 311 38.71 72.74 25.65
C ARG H 311 38.41 74.11 25.07
N LEU H 312 38.80 74.31 23.82
CA LEU H 312 38.49 75.57 23.15
C LEU H 312 38.25 75.36 21.66
N ASN H 313 37.43 76.23 21.12
CA ASN H 313 37.15 76.37 19.69
C ASN H 313 37.48 77.79 19.26
N PHE H 314 38.12 77.91 18.11
CA PHE H 314 38.51 79.18 17.54
C PHE H 314 37.91 79.26 16.14
N LYS H 315 37.27 80.38 15.84
CA LYS H 315 36.70 80.60 14.53
C LYS H 315 37.05 82.00 14.05
N LEU H 316 37.31 82.11 12.75
CA LEU H 316 37.64 83.35 12.08
C LEU H 316 36.71 83.48 10.88
N PHE H 317 35.91 84.53 10.84
CA PHE H 317 34.83 84.57 9.85
C PHE H 317 34.56 86.01 9.45
N ASN H 318 33.83 86.17 8.35
CA ASN H 318 33.42 87.46 7.80
C ASN H 318 34.62 88.32 7.44
N ILE H 319 35.50 87.77 6.62
CA ILE H 319 36.71 88.46 6.20
C ILE H 319 36.36 89.53 5.17
N GLN H 320 36.89 90.73 5.36
CA GLN H 320 36.76 91.81 4.39
C GLN H 320 38.13 92.43 4.18
N VAL H 321 38.64 92.34 2.97
CA VAL H 321 39.88 93.00 2.60
C VAL H 321 39.54 94.34 1.98
N LYS H 322 40.20 95.39 2.46
CA LYS H 322 39.95 96.75 2.01
C LYS H 322 41.22 97.34 1.41
N GLU H 323 41.08 97.88 0.21
CA GLU H 323 42.13 98.61 -0.49
C GLU H 323 42.08 100.09 -0.13
N VAL H 324 43.24 100.69 0.13
CA VAL H 324 43.36 102.07 0.54
C VAL H 324 44.23 102.83 -0.45
N THR H 325 43.73 103.97 -0.93
CA THR H 325 44.50 104.87 -1.78
C THR H 325 44.43 106.28 -1.21
N THR H 326 45.58 106.90 -0.98
CA THR H 326 45.62 108.29 -0.52
C THR H 326 46.17 109.15 -1.66
N ASN H 327 45.34 110.06 -2.15
CA ASN H 327 45.72 111.00 -3.20
C ASN H 327 45.38 112.42 -2.77
N ASP H 328 46.36 113.32 -2.90
CA ASP H 328 46.17 114.73 -2.58
C ASP H 328 45.69 114.92 -1.15
N GLY H 329 46.01 113.97 -0.27
CA GLY H 329 45.63 114.04 1.12
C GLY H 329 44.31 113.39 1.47
N VAL H 330 43.50 113.03 0.48
CA VAL H 330 42.20 112.40 0.74
C VAL H 330 42.33 110.90 0.49
N THR H 331 41.67 110.12 1.36
CA THR H 331 41.83 108.68 1.40
C THR H 331 40.56 108.00 0.93
N THR H 332 40.71 107.09 -0.02
CA THR H 332 39.63 106.26 -0.54
C THR H 332 39.84 104.83 -0.07
N ILE H 333 38.78 104.23 0.44
CA ILE H 333 38.79 102.83 0.83
C ILE H 333 37.75 102.10 -0.01
N ALA H 334 38.16 100.99 -0.62
CA ALA H 334 37.27 100.17 -1.41
C ALA H 334 37.38 98.72 -0.97
N ASN H 335 36.43 97.91 -1.41
CA ASN H 335 36.50 96.49 -1.14
C ASN H 335 37.35 95.80 -2.19
N ASN H 336 38.20 94.88 -1.75
CA ASN H 336 38.98 94.04 -2.64
C ASN H 336 38.43 92.64 -2.51
N LEU H 337 37.55 92.26 -3.43
CA LEU H 337 36.80 91.02 -3.29
C LEU H 337 37.63 89.79 -3.58
N THR H 338 38.78 89.93 -4.24
CA THR H 338 39.58 88.79 -4.64
C THR H 338 40.87 88.63 -3.84
N SER H 339 41.05 89.42 -2.80
CA SER H 339 42.24 89.32 -1.97
C SER H 339 42.04 88.30 -0.86
N THR H 340 43.16 87.80 -0.33
CA THR H 340 43.14 86.74 0.67
C THR H 340 43.89 87.16 1.93
N VAL H 341 43.52 86.52 3.03
CA VAL H 341 44.32 86.51 4.24
C VAL H 341 44.80 85.08 4.47
N GLN H 342 46.08 84.93 4.78
CA GLN H 342 46.64 83.64 5.14
C GLN H 342 46.56 83.46 6.64
N VAL H 343 46.03 82.32 7.08
CA VAL H 343 45.90 81.98 8.49
C VAL H 343 46.48 80.60 8.70
N PHE H 344 47.26 80.43 9.76
CA PHE H 344 47.64 79.08 10.15
C PHE H 344 47.81 79.02 11.66
N SER H 345 47.63 77.82 12.19
CA SER H 345 47.82 77.53 13.59
C SER H 345 49.11 76.74 13.76
N ASP H 346 49.95 77.16 14.70
CA ASP H 346 51.24 76.50 14.92
C ASP H 346 51.05 75.38 15.93
N SER H 347 50.41 74.31 15.46
CA SER H 347 49.97 73.23 16.34
C SER H 347 51.10 72.35 16.82
N GLU H 348 52.25 72.36 16.14
CA GLU H 348 53.40 71.55 16.54
C GLU H 348 54.43 72.35 17.29
N TYR H 349 54.14 73.61 17.62
CA TYR H 349 55.02 74.45 18.43
C TYR H 349 56.43 74.53 17.83
N GLN H 350 56.48 74.73 16.52
CA GLN H 350 57.73 74.86 15.80
C GLN H 350 58.24 76.29 15.74
N LEU H 351 57.47 77.23 16.20
CA LEU H 351 57.78 78.64 16.23
C LEU H 351 58.08 79.08 17.65
N PRO H 352 58.83 80.17 17.82
CA PRO H 352 58.96 80.76 19.16
C PRO H 352 57.59 81.19 19.69
N TYR H 353 57.32 80.82 20.94
CA TYR H 353 56.04 81.11 21.57
C TYR H 353 56.14 82.46 22.26
N VAL H 354 55.54 83.48 21.66
CA VAL H 354 55.58 84.82 22.25
C VAL H 354 54.34 85.09 23.10
N LEU H 355 53.34 84.23 23.07
CA LEU H 355 52.25 84.33 24.03
C LEU H 355 52.79 83.94 25.40
N GLY H 356 52.06 84.32 26.43
CA GLY H 356 52.52 84.04 27.77
C GLY H 356 53.58 84.96 28.29
N SER H 357 53.81 86.09 27.62
CA SER H 357 54.70 87.13 28.12
C SER H 357 53.93 88.38 28.53
N ALA H 358 52.60 88.28 28.62
CA ALA H 358 51.73 89.37 29.08
C ALA H 358 51.81 90.58 28.18
N HIS H 359 51.60 90.37 26.88
CA HIS H 359 51.67 91.44 25.91
C HIS H 359 50.29 92.01 25.60
N GLN H 360 50.29 93.24 25.12
CA GLN H 360 49.07 93.85 24.62
C GLN H 360 48.64 93.20 23.31
N GLY H 361 47.40 93.42 22.94
CA GLY H 361 46.91 92.88 21.69
C GLY H 361 45.91 91.76 21.84
N CYS H 362 45.51 91.45 23.07
CA CYS H 362 44.47 90.46 23.28
C CYS H 362 43.12 90.98 22.83
N LEU H 363 42.13 90.10 22.81
CA LEU H 363 40.77 90.56 22.61
C LEU H 363 40.39 91.53 23.73
N PRO H 364 39.74 92.64 23.41
CA PRO H 364 39.37 93.60 24.45
C PRO H 364 38.37 93.02 25.42
N PRO H 365 38.36 93.49 26.67
CA PRO H 365 37.37 92.97 27.63
C PRO H 365 35.94 93.25 27.23
N PHE H 366 35.66 94.41 26.66
CA PHE H 366 34.31 94.77 26.28
C PHE H 366 33.99 94.25 24.89
N PRO H 367 32.90 93.48 24.72
CA PRO H 367 32.62 92.87 23.42
C PRO H 367 32.34 93.86 22.31
N ALA H 368 32.03 95.12 22.62
CA ALA H 368 31.77 96.11 21.59
C ALA H 368 33.04 96.73 21.01
N ASP H 369 34.20 96.44 21.58
CA ASP H 369 35.43 97.09 21.15
C ASP H 369 36.04 96.39 19.97
N VAL H 370 36.57 97.18 19.04
CA VAL H 370 37.24 96.68 17.85
C VAL H 370 38.74 96.80 18.09
N PHE H 371 39.48 95.71 17.85
CA PHE H 371 40.87 95.68 18.21
C PHE H 371 41.76 95.43 17.01
N MET H 372 42.96 96.02 17.07
CA MET H 372 43.99 95.84 16.06
C MET H 372 44.81 94.61 16.41
N ILE H 373 45.18 93.86 15.39
CA ILE H 373 45.93 92.61 15.61
C ILE H 373 47.40 92.94 15.77
N PRO H 374 48.06 92.44 16.82
CA PRO H 374 49.47 92.77 17.05
C PRO H 374 50.41 92.04 16.10
N GLN H 375 51.54 92.68 15.84
CA GLN H 375 52.52 92.12 14.92
C GLN H 375 53.33 91.01 15.59
N TYR H 376 53.68 89.99 14.81
CA TYR H 376 54.49 88.89 15.31
C TYR H 376 55.97 89.20 15.13
N GLY H 377 56.73 88.93 16.18
CA GLY H 377 58.17 89.04 16.14
C GLY H 377 58.72 88.16 17.24
N TYR H 378 59.97 87.78 17.09
CA TYR H 378 60.59 86.91 18.08
C TYR H 378 62.03 87.35 18.29
N LEU H 379 62.61 86.84 19.37
CA LEU H 379 64.01 87.04 19.69
C LEU H 379 64.72 85.69 19.59
N THR H 380 66.00 85.74 19.26
CA THR H 380 66.83 84.56 19.20
C THR H 380 68.09 84.79 20.00
N LEU H 381 68.97 83.80 20.01
CA LEU H 381 70.21 83.91 20.78
C LEU H 381 71.00 85.11 20.33
N ASN H 382 71.51 85.88 21.29
CA ASN H 382 72.27 87.07 20.98
C ASN H 382 73.51 87.13 21.86
N ASN H 383 74.57 87.71 21.31
CA ASN H 383 75.82 88.01 22.00
C ASN H 383 75.99 89.50 21.95
N GLY H 384 75.36 90.19 22.90
CA GLY H 384 75.25 91.63 22.80
C GLY H 384 74.16 91.97 21.82
N SER H 385 74.46 92.85 20.87
CA SER H 385 73.55 93.16 19.79
C SER H 385 73.76 92.26 18.58
N GLN H 386 74.67 91.30 18.66
CA GLN H 386 75.00 90.42 17.56
C GLN H 386 74.31 89.08 17.73
N ALA H 387 74.35 88.28 16.67
CA ALA H 387 73.81 86.93 16.67
C ALA H 387 74.92 85.93 16.91
N VAL H 388 74.57 84.66 16.95
CA VAL H 388 75.52 83.56 17.03
C VAL H 388 75.17 82.56 15.93
N GLY H 389 75.94 81.48 15.87
CA GLY H 389 75.68 80.44 14.89
C GLY H 389 74.38 79.72 15.13
N ARG H 390 74.01 79.54 16.40
CA ARG H 390 72.80 78.82 16.78
C ARG H 390 71.58 79.72 16.83
N SER H 391 71.72 81.00 16.48
CA SER H 391 70.58 81.87 16.34
C SER H 391 69.70 81.38 15.19
N SER H 392 68.41 81.25 15.45
CA SER H 392 67.49 80.71 14.47
C SER H 392 66.76 81.82 13.73
N PHE H 393 66.36 81.51 12.51
CA PHE H 393 65.49 82.36 11.73
C PHE H 393 64.33 81.51 11.24
N TYR H 394 63.13 82.06 11.30
CA TYR H 394 61.92 81.34 10.92
C TYR H 394 61.19 82.16 9.87
N CYS H 395 61.05 81.60 8.68
CA CYS H 395 60.12 82.12 7.70
C CYS H 395 58.75 81.52 7.99
N LEU H 396 57.77 82.37 8.24
CA LEU H 396 56.43 81.88 8.51
C LEU H 396 55.67 81.52 7.24
N GLU H 397 56.16 81.93 6.08
CA GLU H 397 55.64 81.45 4.81
C GLU H 397 56.07 80.03 4.52
N TYR H 398 57.01 79.50 5.29
CA TYR H 398 57.44 78.12 5.18
C TYR H 398 56.51 77.16 5.91
N PHE H 399 55.29 77.58 6.19
CA PHE H 399 54.26 76.78 6.81
C PHE H 399 53.09 76.63 5.84
N PRO H 400 52.33 75.55 5.94
CA PRO H 400 51.04 75.49 5.22
C PRO H 400 50.04 76.44 5.85
N SER H 401 49.50 77.34 5.03
CA SER H 401 48.51 78.31 5.47
C SER H 401 47.22 78.08 4.71
N GLN H 402 46.10 78.40 5.35
CA GLN H 402 44.83 78.45 4.66
C GLN H 402 44.62 79.87 4.16
N MET H 403 44.33 79.99 2.86
CA MET H 403 44.06 81.28 2.23
C MET H 403 42.56 81.51 2.23
N LEU H 404 42.14 82.66 2.76
CA LEU H 404 40.73 82.96 2.96
C LEU H 404 40.38 84.18 2.13
N ARG H 405 39.42 84.01 1.22
CA ARG H 405 38.80 85.14 0.55
C ARG H 405 37.59 85.57 1.39
N THR H 406 36.80 86.50 0.88
CA THR H 406 35.76 87.11 1.71
C THR H 406 34.64 86.14 2.05
N GLY H 407 34.54 85.00 1.38
CA GLY H 407 33.49 84.05 1.68
C GLY H 407 33.93 82.86 2.51
N ASN H 408 35.20 82.83 2.90
CA ASN H 408 35.77 81.70 3.61
C ASN H 408 35.87 81.99 5.10
N ASN H 409 35.92 80.90 5.88
CA ASN H 409 36.17 81.00 7.31
C ASN H 409 37.22 79.98 7.71
N PHE H 410 37.66 80.08 8.95
CA PHE H 410 38.73 79.27 9.51
C PHE H 410 38.30 78.75 10.87
N THR H 411 38.43 77.45 11.10
CA THR H 411 38.08 76.88 12.39
C THR H 411 39.23 76.06 12.93
N PHE H 412 39.28 75.93 14.26
CA PHE H 412 40.36 75.20 14.89
C PHE H 412 39.93 74.78 16.29
N SER H 413 40.09 73.52 16.62
CA SER H 413 39.75 73.01 17.94
C SER H 413 41.00 72.60 18.70
N TYR H 414 40.94 72.72 20.02
CA TYR H 414 42.08 72.38 20.86
C TYR H 414 41.58 71.83 22.18
N THR H 415 42.26 70.81 22.69
CA THR H 415 41.96 70.23 23.99
C THR H 415 43.11 70.50 24.95
N PHE H 416 42.79 71.03 26.12
CA PHE H 416 43.80 71.26 27.13
C PHE H 416 44.23 69.94 27.77
N GLU H 417 45.51 69.87 28.12
CA GLU H 417 46.00 68.76 28.92
C GLU H 417 45.43 68.84 30.33
N GLU H 418 45.52 67.72 31.06
CA GLU H 418 45.01 67.67 32.43
C GLU H 418 45.94 68.50 33.31
N VAL H 419 45.54 69.73 33.57
CA VAL H 419 46.27 70.67 34.40
C VAL H 419 45.58 70.67 35.76
N PRO H 420 46.26 70.95 36.87
CA PRO H 420 45.57 71.07 38.15
C PRO H 420 44.63 72.26 38.18
N PHE H 421 43.57 72.12 38.97
CA PHE H 421 42.66 73.24 39.19
C PHE H 421 43.40 74.40 39.81
N HIS H 422 43.13 75.60 39.33
CA HIS H 422 43.53 76.78 40.07
C HIS H 422 42.65 76.92 41.30
N SER H 423 43.28 77.36 42.39
CA SER H 423 42.67 77.45 43.72
C SER H 423 41.95 78.78 43.88
N SER H 424 40.62 78.77 43.81
CA SER H 424 39.83 79.96 44.06
C SER H 424 39.47 80.12 45.53
N TYR H 425 40.31 79.63 46.42
CA TYR H 425 40.05 79.66 47.84
C TYR H 425 41.25 80.22 48.59
N ALA H 426 40.96 80.77 49.76
CA ALA H 426 41.95 81.02 50.80
C ALA H 426 41.86 79.91 51.85
N HIS H 427 42.84 79.88 52.73
CA HIS H 427 42.87 78.93 53.82
C HIS H 427 42.32 79.55 55.09
N SER H 428 41.48 78.82 55.79
CA SER H 428 40.92 79.28 57.06
C SER H 428 41.87 79.06 58.22
N GLN H 429 42.95 78.33 58.02
CA GLN H 429 43.94 78.09 59.05
C GLN H 429 45.30 78.53 58.55
N SER H 430 46.17 78.88 59.49
CA SER H 430 47.56 79.15 59.17
C SER H 430 48.39 77.90 59.40
N LEU H 431 49.53 77.84 58.71
CA LEU H 431 50.34 76.63 58.75
C LEU H 431 50.97 76.40 60.13
N ASP H 432 51.26 77.47 60.86
CA ASP H 432 51.81 77.36 62.20
C ASP H 432 50.73 77.30 63.27
N ARG H 433 49.48 77.07 62.88
CA ARG H 433 48.35 77.03 63.80
C ARG H 433 47.46 75.85 63.48
N LEU H 434 48.05 74.69 63.22
CA LEU H 434 47.31 73.51 62.81
C LEU H 434 47.04 72.55 63.97
N MET H 435 47.33 72.96 65.19
CA MET H 435 47.26 72.09 66.35
C MET H 435 45.91 72.23 67.05
N ASN H 436 45.64 71.27 67.92
CA ASN H 436 44.54 71.39 68.87
C ASN H 436 44.95 72.39 69.94
N PRO H 437 44.22 73.49 70.13
CA PRO H 437 44.58 74.48 71.14
C PRO H 437 44.23 74.11 72.57
N LEU H 438 43.71 72.91 72.82
CA LEU H 438 43.34 72.49 74.15
C LEU H 438 44.23 71.40 74.72
N ILE H 439 44.84 70.59 73.88
CA ILE H 439 45.58 69.42 74.30
C ILE H 439 47.07 69.70 74.19
N ASP H 440 47.85 69.18 75.14
CA ASP H 440 49.29 69.26 75.08
C ASP H 440 49.84 68.25 74.07
N GLN H 441 51.13 68.31 73.85
CA GLN H 441 51.83 67.34 73.02
C GLN H 441 52.49 66.29 73.88
N TYR H 442 52.89 65.19 73.26
CA TYR H 442 53.74 64.22 73.93
C TYR H 442 55.21 64.40 73.57
N LEU H 443 55.53 65.45 72.82
CA LEU H 443 56.89 65.74 72.41
C LEU H 443 57.45 66.86 73.27
N TYR H 444 58.71 66.71 73.66
CA TYR H 444 59.39 67.71 74.47
C TYR H 444 60.38 68.49 73.63
N TYR H 445 60.69 69.69 74.08
CA TYR H 445 61.67 70.54 73.44
C TYR H 445 62.54 71.17 74.51
N LEU H 446 63.75 71.54 74.12
CA LEU H 446 64.65 72.24 75.04
C LEU H 446 64.12 73.66 75.25
N ASN H 447 63.77 73.98 76.50
CA ASN H 447 63.15 75.25 76.82
C ASN H 447 64.12 76.23 77.45
N ARG H 448 64.97 75.78 78.37
CA ARG H 448 65.94 76.62 79.04
C ARG H 448 67.30 75.95 78.98
N THR H 449 68.34 76.74 78.74
CA THR H 449 69.71 76.30 78.97
C THR H 449 70.34 77.03 80.14
N GLN H 450 69.56 77.76 80.93
CA GLN H 450 70.00 78.39 82.16
C GLN H 450 68.98 78.11 83.25
N ASN H 451 69.39 78.29 84.50
CA ASN H 451 68.50 78.06 85.61
C ASN H 451 67.36 79.07 85.62
N GLN H 452 66.15 78.58 85.88
CA GLN H 452 64.97 79.44 85.86
C GLN H 452 64.88 80.36 87.08
N SER H 453 65.46 79.95 88.22
CA SER H 453 65.30 80.71 89.45
C SER H 453 65.89 82.12 89.33
N GLY H 454 67.09 82.22 88.77
CA GLY H 454 67.72 83.51 88.56
C GLY H 454 68.58 84.02 89.70
N SER H 455 68.48 83.41 90.90
CA SER H 455 69.35 83.82 92.00
C SER H 455 70.81 83.54 91.65
N ALA H 456 71.07 82.39 91.04
CA ALA H 456 72.33 82.11 90.37
C ALA H 456 72.12 82.12 88.86
N GLN H 457 73.22 82.16 88.12
CA GLN H 457 73.18 82.21 86.67
C GLN H 457 73.80 80.96 86.05
N ASN H 458 73.46 79.79 86.60
CA ASN H 458 74.06 78.54 86.16
C ASN H 458 73.35 78.00 84.93
N LYS H 459 74.10 77.23 84.14
CA LYS H 459 73.53 76.59 82.97
C LYS H 459 72.71 75.38 83.39
N ASP H 460 71.91 74.86 82.45
CA ASP H 460 71.09 73.69 82.70
C ASP H 460 70.61 73.15 81.37
N LEU H 461 69.79 72.09 81.45
CA LEU H 461 69.12 71.51 80.28
C LEU H 461 67.71 71.19 80.74
N LEU H 462 66.80 72.14 80.55
CA LEU H 462 65.43 72.03 81.01
C LEU H 462 64.51 71.86 79.81
N PHE H 463 63.66 70.85 79.85
CA PHE H 463 62.81 70.49 78.73
C PHE H 463 61.35 70.70 79.10
N SER H 464 60.58 71.26 78.17
CA SER H 464 59.16 71.49 78.37
C SER H 464 58.36 70.69 77.36
N ARG H 465 57.11 70.46 77.70
CA ARG H 465 56.17 69.78 76.84
C ARG H 465 55.47 70.78 75.94
N GLY H 466 55.24 70.38 74.70
CA GLY H 466 54.50 71.21 73.76
C GLY H 466 53.10 71.49 74.26
N SER H 467 52.80 72.75 74.52
CA SER H 467 51.56 73.17 75.15
C SER H 467 50.91 74.29 74.36
N PRO H 468 49.60 74.48 74.50
CA PRO H 468 48.95 75.60 73.82
C PRO H 468 49.40 76.97 74.31
N ALA H 469 50.03 77.06 75.47
CA ALA H 469 50.58 78.33 75.92
C ALA H 469 51.66 78.83 74.97
N GLY H 470 52.64 77.99 74.66
CA GLY H 470 53.62 78.34 73.66
C GLY H 470 53.42 77.55 72.39
N MET H 471 52.81 78.19 71.39
CA MET H 471 52.54 77.54 70.12
C MET H 471 53.68 77.73 69.13
N SER H 472 54.55 78.72 69.36
CA SER H 472 55.67 78.98 68.47
C SER H 472 56.78 77.96 68.61
N VAL H 473 56.87 77.28 69.76
CA VAL H 473 57.95 76.34 70.02
C VAL H 473 57.50 74.90 69.91
N GLN H 474 56.23 74.65 69.58
CA GLN H 474 55.76 73.30 69.41
C GLN H 474 56.40 72.66 68.17
N PRO H 475 56.83 71.40 68.26
CA PRO H 475 57.20 70.67 67.05
C PRO H 475 56.06 70.64 66.05
N LYS H 476 56.39 70.79 64.78
CA LYS H 476 55.41 70.83 63.71
C LYS H 476 55.86 69.93 62.57
N ASN H 477 54.95 69.69 61.63
CA ASN H 477 55.17 68.71 60.57
C ASN H 477 55.55 69.33 59.23
N TRP H 478 55.30 70.61 59.02
CA TRP H 478 55.46 71.22 57.70
C TRP H 478 56.18 72.55 57.83
N LEU H 479 56.63 73.06 56.69
CA LEU H 479 57.36 74.30 56.58
C LEU H 479 56.69 75.23 55.57
N PRO H 480 56.83 76.54 55.74
CA PRO H 480 56.31 77.47 54.72
C PRO H 480 57.12 77.36 53.43
N GLY H 481 56.48 77.75 52.34
CA GLY H 481 57.07 77.65 51.03
C GLY H 481 58.36 78.42 50.86
N PRO H 482 58.99 78.28 49.70
CA PRO H 482 60.27 78.96 49.47
C PRO H 482 60.10 80.45 49.33
N CYS H 483 61.19 81.17 49.54
CA CYS H 483 61.15 82.62 49.48
C CYS H 483 62.36 83.15 48.72
N TYR H 484 62.22 84.36 48.18
CA TYR H 484 63.31 85.10 47.57
C TYR H 484 63.05 86.58 47.84
N ARG H 485 63.67 87.10 48.90
CA ARG H 485 63.24 88.36 49.49
C ARG H 485 63.29 89.51 48.50
N GLN H 486 62.27 90.37 48.56
CA GLN H 486 62.15 91.57 47.77
C GLN H 486 62.32 92.79 48.66
N GLN H 487 62.52 93.94 48.01
CA GLN H 487 62.64 95.20 48.74
C GLN H 487 61.25 95.76 49.03
N ARG H 488 61.10 96.37 50.20
CA ARG H 488 59.81 96.84 50.67
C ARG H 488 59.63 98.29 50.30
N VAL H 489 58.60 98.58 49.51
CA VAL H 489 58.28 99.93 49.09
C VAL H 489 56.94 100.32 49.69
N SER H 490 56.87 101.53 50.23
CA SER H 490 55.63 102.04 50.80
C SER H 490 54.82 102.76 49.74
N LYS H 491 53.51 102.50 49.73
CA LYS H 491 52.60 103.24 48.85
C LYS H 491 52.53 104.72 49.22
N THR H 492 52.90 105.07 50.44
CA THR H 492 53.06 106.45 50.85
C THR H 492 54.50 106.86 50.59
N LYS H 493 54.71 107.74 49.60
CA LYS H 493 56.05 107.97 49.08
C LYS H 493 56.98 108.64 50.09
N THR H 494 56.46 109.29 51.12
CA THR H 494 57.33 109.97 52.07
C THR H 494 58.13 109.01 52.94
N ASP H 495 57.67 107.77 53.10
CA ASP H 495 58.39 106.81 53.92
C ASP H 495 59.43 106.02 53.15
N ASN H 496 59.60 106.29 51.87
CA ASN H 496 60.60 105.60 51.07
C ASN H 496 61.91 106.38 51.09
N ASN H 497 63.00 105.64 50.91
CA ASN H 497 64.33 106.25 50.88
C ASN H 497 64.45 107.23 49.72
N ASN H 498 65.20 108.30 49.93
CA ASN H 498 65.40 109.31 48.89
C ASN H 498 66.52 108.88 47.95
N SER H 499 66.18 107.93 47.09
CA SER H 499 67.06 107.47 46.03
C SER H 499 66.21 106.71 45.03
N ASN H 500 66.82 106.32 43.92
CA ASN H 500 66.07 105.57 42.92
C ASN H 500 65.91 104.11 43.34
N PHE H 501 67.01 103.38 43.40
CA PHE H 501 67.09 102.03 43.98
C PHE H 501 66.05 101.06 43.40
N THR H 502 65.40 101.42 42.30
CA THR H 502 64.55 100.47 41.60
C THR H 502 65.36 99.47 40.78
N TRP H 503 66.60 99.77 40.49
CA TRP H 503 67.48 98.81 39.84
C TRP H 503 68.64 98.39 40.73
N THR H 504 69.23 99.32 41.48
CA THR H 504 70.36 98.95 42.32
C THR H 504 69.94 98.16 43.55
N GLY H 505 68.73 98.38 44.05
CA GLY H 505 68.31 97.72 45.27
C GLY H 505 67.29 96.63 45.05
N ALA H 506 67.24 96.08 43.85
CA ALA H 506 66.20 95.14 43.48
C ALA H 506 66.72 93.71 43.35
N SER H 507 65.84 92.76 43.62
CA SER H 507 66.16 91.35 43.45
C SER H 507 66.19 91.03 41.97
N LYS H 508 67.35 90.55 41.49
CA LYS H 508 67.49 90.24 40.08
C LYS H 508 68.35 89.00 39.94
N TYR H 509 68.27 88.37 38.78
CA TYR H 509 69.05 87.17 38.52
C TYR H 509 70.03 87.41 37.38
N ASN H 510 71.10 86.63 37.41
CA ASN H 510 72.19 86.73 36.45
C ASN H 510 72.06 85.59 35.45
N LEU H 511 72.05 85.92 34.16
CA LEU H 511 71.96 84.89 33.11
C LEU H 511 72.82 85.32 31.93
N ASN H 512 73.89 84.57 31.68
CA ASN H 512 74.82 84.84 30.58
C ASN H 512 75.41 86.25 30.67
N GLY H 513 75.63 86.71 31.90
CA GLY H 513 76.29 87.97 32.13
C GLY H 513 75.40 89.19 32.19
N ARG H 514 74.10 89.05 31.92
CA ARG H 514 73.19 90.18 32.00
C ARG H 514 72.09 89.91 33.01
N GLU H 515 71.76 90.94 33.78
CA GLU H 515 70.86 90.84 34.91
C GLU H 515 69.42 91.11 34.47
N SER H 516 68.50 90.43 35.14
CA SER H 516 67.08 90.56 34.84
C SER H 516 66.33 90.64 36.17
N ILE H 517 65.43 91.62 36.29
CA ILE H 517 64.62 91.73 37.49
C ILE H 517 63.73 90.49 37.59
N ILE H 518 63.53 90.01 38.81
CA ILE H 518 62.75 88.80 39.02
C ILE H 518 61.31 89.03 38.56
N ASN H 519 60.58 89.89 39.25
CA ASN H 519 59.31 90.44 38.75
C ASN H 519 58.34 89.41 38.16
N PRO H 520 57.55 88.70 38.97
CA PRO H 520 57.38 88.84 40.41
C PRO H 520 58.00 87.70 41.21
N GLY H 521 58.41 86.64 40.52
CA GLY H 521 59.14 85.58 41.18
C GLY H 521 58.25 84.73 42.07
N THR H 522 58.81 84.33 43.20
CA THR H 522 58.14 83.39 44.10
C THR H 522 56.82 83.96 44.59
N ALA H 523 55.83 83.09 44.73
CA ALA H 523 54.51 83.49 45.21
C ALA H 523 54.59 83.69 46.72
N MET H 524 54.63 84.94 47.15
CA MET H 524 54.74 85.28 48.55
C MET H 524 53.71 86.34 48.90
N ALA H 525 53.42 86.44 50.20
CA ALA H 525 52.49 87.46 50.68
C ALA H 525 53.06 88.85 50.44
N SER H 526 52.21 89.77 49.99
CA SER H 526 52.65 91.12 49.71
C SER H 526 53.12 91.84 50.97
N HIS H 527 52.42 91.65 52.08
CA HIS H 527 52.74 92.34 53.32
C HIS H 527 52.25 91.49 54.47
N LYS H 528 52.47 91.98 55.69
CA LYS H 528 51.96 91.35 56.89
C LYS H 528 50.58 91.89 57.23
N ASP H 529 50.09 91.55 58.41
CA ASP H 529 48.86 92.13 58.92
C ASP H 529 49.11 93.59 59.30
N ASP H 530 48.11 94.44 59.02
CA ASP H 530 48.15 95.86 59.37
C ASP H 530 49.32 96.57 58.70
N GLU H 531 49.69 96.13 57.51
CA GLU H 531 50.82 96.69 56.78
C GLU H 531 50.49 96.83 55.30
N ASP H 532 49.24 97.16 54.99
CA ASP H 532 48.81 97.27 53.60
C ASP H 532 49.49 98.38 52.84
N LYS H 533 50.16 99.31 53.53
CA LYS H 533 50.86 100.41 52.90
C LYS H 533 52.15 99.99 52.21
N PHE H 534 52.60 98.75 52.40
CA PHE H 534 53.85 98.27 51.85
C PHE H 534 53.58 97.20 50.79
N PHE H 535 54.39 97.22 49.74
CA PHE H 535 54.37 96.17 48.74
C PHE H 535 55.80 95.85 48.33
N PRO H 536 56.07 94.61 47.91
CA PRO H 536 57.40 94.29 47.39
C PRO H 536 57.66 95.05 46.10
N MET H 537 58.92 95.45 45.91
CA MET H 537 59.24 96.38 44.83
C MET H 537 58.90 95.79 43.47
N SER H 538 59.19 94.52 43.26
CA SER H 538 58.85 93.84 42.02
C SER H 538 58.24 92.48 42.30
N GLY H 539 57.34 92.43 43.28
CA GLY H 539 56.76 91.17 43.68
C GLY H 539 55.27 91.09 43.44
N VAL H 540 54.71 92.13 42.85
CA VAL H 540 53.27 92.23 42.67
C VAL H 540 52.96 92.50 41.21
N MET H 541 51.80 92.00 40.77
CA MET H 541 51.31 92.31 39.44
C MET H 541 50.63 93.67 39.46
N ILE H 542 51.08 94.57 38.60
CA ILE H 542 50.56 95.93 38.56
C ILE H 542 49.87 96.12 37.23
N PHE H 543 48.57 96.41 37.28
CA PHE H 543 47.79 96.70 36.09
C PHE H 543 47.59 98.20 35.99
N GLY H 544 47.68 98.73 34.78
CA GLY H 544 47.45 100.14 34.55
C GLY H 544 45.97 100.41 34.29
N LYS H 545 45.49 101.51 34.86
CA LYS H 545 44.16 101.96 34.52
C LYS H 545 44.17 102.63 33.16
N GLU H 546 42.98 102.82 32.59
CA GLU H 546 42.90 103.63 31.39
C GLU H 546 43.32 105.05 31.71
N SER H 547 43.94 105.71 30.74
CA SER H 547 44.62 106.98 30.95
C SER H 547 45.83 106.83 31.87
N ALA H 548 46.58 105.75 31.68
CA ALA H 548 47.88 105.59 32.30
C ALA H 548 48.95 105.65 31.21
N GLY H 549 49.98 106.46 31.44
CA GLY H 549 51.02 106.60 30.46
C GLY H 549 51.86 105.35 30.34
N ALA H 550 52.68 105.31 29.28
CA ALA H 550 53.55 104.17 29.06
C ALA H 550 54.74 104.18 30.01
N SER H 551 55.25 105.36 30.35
CA SER H 551 56.45 105.48 31.16
C SER H 551 56.24 106.49 32.27
N ASN H 552 56.69 106.13 33.48
CA ASN H 552 56.68 107.02 34.64
C ASN H 552 55.29 107.57 34.94
N THR H 553 54.28 106.70 34.83
CA THR H 553 52.94 107.08 35.24
C THR H 553 52.85 107.07 36.77
N ALA H 554 51.66 107.41 37.27
CA ALA H 554 51.50 107.62 38.70
C ALA H 554 50.86 106.43 39.40
N LEU H 555 51.12 106.36 40.71
CA LEU H 555 50.47 105.38 41.56
C LEU H 555 48.97 105.48 41.46
N ASP H 556 48.45 106.68 41.20
CA ASP H 556 47.02 106.86 41.00
C ASP H 556 46.57 106.23 39.69
N ASN H 557 47.48 106.11 38.72
CA ASN H 557 47.11 105.55 37.43
C ASN H 557 47.36 104.06 37.34
N VAL H 558 48.04 103.47 38.32
CA VAL H 558 48.23 102.01 38.31
C VAL H 558 47.41 101.38 39.42
N MET H 559 47.11 100.09 39.24
CA MET H 559 46.43 99.26 40.24
C MET H 559 47.39 98.16 40.70
N ILE H 560 47.79 98.22 41.96
CA ILE H 560 48.70 97.23 42.52
C ILE H 560 47.89 96.10 43.15
N THR H 561 48.21 94.86 42.79
CA THR H 561 47.51 93.73 43.35
C THR H 561 48.04 93.42 44.74
N ASP H 562 47.30 92.56 45.45
CA ASP H 562 47.67 92.13 46.78
C ASP H 562 47.57 90.62 46.86
N GLU H 563 48.52 90.00 47.55
CA GLU H 563 48.54 88.56 47.77
C GLU H 563 48.34 88.24 49.25
N GLU H 564 47.36 88.92 49.87
CA GLU H 564 47.20 88.84 51.30
C GLU H 564 46.60 87.51 51.74
N GLU H 565 46.00 86.77 50.81
CA GLU H 565 45.28 85.56 51.17
C GLU H 565 46.21 84.37 51.40
N ILE H 566 47.45 84.44 50.94
CA ILE H 566 48.36 83.31 51.03
C ILE H 566 49.37 83.49 52.16
N LYS H 567 49.07 84.37 53.12
CA LYS H 567 49.87 84.47 54.33
C LYS H 567 49.82 83.20 55.16
N ALA H 568 48.80 82.35 54.96
CA ALA H 568 48.64 81.16 55.77
C ALA H 568 49.74 80.14 55.51
N THR H 569 50.31 80.13 54.30
CA THR H 569 51.30 79.13 53.93
C THR H 569 52.57 79.71 53.33
N ASN H 570 52.56 80.94 52.85
CA ASN H 570 53.70 81.51 52.14
C ASN H 570 54.37 82.58 52.97
N PRO H 571 55.69 82.70 52.89
CA PRO H 571 56.37 83.79 53.58
C PRO H 571 56.02 85.14 52.98
N VAL H 572 56.13 86.18 53.81
CA VAL H 572 55.91 87.53 53.32
C VAL H 572 57.07 87.94 52.42
N ALA H 573 56.74 88.56 51.28
CA ALA H 573 57.71 88.78 50.23
C ALA H 573 58.86 89.69 50.66
N THR H 574 58.63 90.60 51.59
CA THR H 574 59.62 91.60 51.97
C THR H 574 60.41 91.24 53.21
N GLU H 575 60.19 90.07 53.78
CA GLU H 575 60.89 89.65 54.99
C GLU H 575 61.59 88.32 54.80
N ARG H 576 62.51 88.04 55.70
CA ARG H 576 63.34 86.85 55.60
C ARG H 576 62.49 85.59 55.78
N PHE H 577 62.98 84.49 55.22
CA PHE H 577 62.34 83.20 55.48
C PHE H 577 62.45 82.86 56.96
N GLY H 578 63.60 83.14 57.56
CA GLY H 578 63.82 82.83 58.96
C GLY H 578 65.28 83.02 59.31
N THR H 579 65.65 82.46 60.45
CA THR H 579 67.03 82.49 60.91
C THR H 579 67.60 81.08 60.92
N VAL H 580 68.93 81.02 60.88
CA VAL H 580 69.65 79.76 60.85
C VAL H 580 70.87 79.90 61.73
N ALA H 581 71.24 78.81 62.41
CA ALA H 581 72.47 78.81 63.19
C ALA H 581 73.67 78.88 62.26
N VAL H 582 74.70 79.63 62.66
CA VAL H 582 75.86 79.86 61.81
C VAL H 582 77.17 79.52 62.50
N ASN H 583 77.15 79.01 63.72
CA ASN H 583 78.39 78.68 64.42
C ASN H 583 78.10 77.57 65.42
N PHE H 584 79.10 77.24 66.23
CA PHE H 584 78.97 76.31 67.34
C PHE H 584 79.05 77.10 68.63
N GLN H 585 78.01 77.02 69.44
CA GLN H 585 78.06 77.63 70.78
C GLN H 585 78.87 76.74 71.71
N SER H 586 79.61 77.38 72.61
CA SER H 586 80.43 76.66 73.56
C SER H 586 80.68 77.55 74.76
N SER H 587 81.12 76.92 75.85
CA SER H 587 81.50 77.63 77.06
C SER H 587 83.00 77.79 77.12
N SER H 588 83.45 78.72 77.97
CA SER H 588 84.87 78.95 78.17
C SER H 588 85.51 77.77 78.88
N THR H 589 86.77 77.50 78.54
CA THR H 589 87.51 76.40 79.16
C THR H 589 88.95 76.83 79.48
N VAL H 592 90.33 75.89 76.42
CA VAL H 592 90.01 76.85 75.37
C VAL H 592 89.22 78.01 75.96
N PRO H 593 89.93 78.99 76.52
CA PRO H 593 89.24 80.09 77.20
C PRO H 593 88.71 81.15 76.24
N PHE H 594 88.07 80.70 75.16
CA PHE H 594 87.45 81.58 74.18
C PHE H 594 85.99 81.14 74.06
N LYS H 595 85.14 81.71 74.92
CA LYS H 595 83.72 81.41 74.91
C LYS H 595 83.10 81.85 73.58
N THR H 596 82.24 81.00 73.01
CA THR H 596 81.58 81.28 71.75
C THR H 596 80.08 81.39 71.99
N ASP H 597 79.54 82.60 71.83
CA ASP H 597 78.11 82.77 71.90
C ASP H 597 77.45 82.19 70.66
N PRO H 598 76.24 81.63 70.80
CA PRO H 598 75.51 81.18 69.62
C PRO H 598 75.17 82.35 68.71
N ALA H 599 75.21 82.09 67.41
CA ALA H 599 74.99 83.12 66.41
C ALA H 599 74.03 82.63 65.35
N THR H 600 73.10 83.49 64.96
CA THR H 600 72.14 83.19 63.92
C THR H 600 72.27 84.21 62.81
N GLY H 601 71.88 83.79 61.61
CA GLY H 601 71.85 84.69 60.47
C GLY H 601 70.52 84.59 59.76
N ASP H 602 70.11 85.70 59.16
CA ASP H 602 68.86 85.76 58.45
C ASP H 602 68.96 85.03 57.12
N VAL H 603 67.91 84.29 56.79
CA VAL H 603 67.84 83.53 55.54
C VAL H 603 66.93 84.30 54.60
N HIS H 604 67.51 84.90 53.57
CA HIS H 604 66.78 85.79 52.68
C HIS H 604 66.25 85.08 51.44
N ALA H 605 66.99 84.11 50.92
CA ALA H 605 66.55 83.28 49.82
C ALA H 605 66.62 81.83 50.25
N MET H 606 65.48 81.15 50.21
CA MET H 606 65.38 79.76 50.64
C MET H 606 64.81 78.93 49.50
N GLY H 607 65.54 77.93 49.07
CA GLY H 607 65.05 77.00 48.09
C GLY H 607 64.16 75.96 48.71
N ALA H 608 63.67 75.05 47.88
CA ALA H 608 62.70 74.07 48.33
C ALA H 608 63.35 73.08 49.29
N LEU H 609 62.76 72.94 50.47
CA LEU H 609 63.08 71.94 51.46
C LEU H 609 61.95 70.92 51.54
N PRO H 610 62.25 69.65 51.79
CA PRO H 610 61.17 68.68 51.99
C PRO H 610 60.31 69.06 53.19
N GLY H 611 59.01 68.87 53.05
CA GLY H 611 58.05 69.33 54.02
C GLY H 611 57.48 70.70 53.75
N MET H 612 58.01 71.40 52.75
CA MET H 612 57.50 72.72 52.40
C MET H 612 56.15 72.63 51.70
N VAL H 613 55.25 73.55 52.02
CA VAL H 613 53.97 73.67 51.36
C VAL H 613 53.74 75.14 51.04
N TRP H 614 53.11 75.40 49.90
CA TRP H 614 52.90 76.77 49.46
C TRP H 614 51.69 76.84 48.56
N GLN H 615 51.20 78.07 48.35
CA GLN H 615 50.19 78.37 47.37
C GLN H 615 50.82 79.12 46.20
N ASP H 616 50.22 78.96 45.03
CA ASP H 616 50.68 79.67 43.84
C ASP H 616 50.09 81.07 43.81
N ARG H 617 50.53 81.86 42.85
CA ARG H 617 50.01 83.20 42.69
C ARG H 617 48.56 83.15 42.23
N ASP H 618 47.80 84.17 42.61
CA ASP H 618 46.41 84.27 42.20
C ASP H 618 46.30 84.69 40.73
N VAL H 619 45.18 84.33 40.13
CA VAL H 619 44.85 84.80 38.79
C VAL H 619 43.84 85.93 38.93
N TYR H 620 43.82 86.83 37.95
CA TYR H 620 42.97 88.00 37.98
C TYR H 620 42.17 88.07 36.69
N LEU H 621 41.05 88.79 36.73
CA LEU H 621 40.24 88.96 35.53
C LEU H 621 41.02 89.63 34.42
N GLN H 622 41.95 90.52 34.77
CA GLN H 622 42.78 91.21 33.79
C GLN H 622 44.09 90.50 33.51
N GLY H 623 44.33 89.34 34.13
CA GLY H 623 45.62 88.70 34.05
C GLY H 623 45.67 87.57 33.06
N PRO H 624 46.86 86.99 32.87
CA PRO H 624 47.03 85.90 31.91
C PRO H 624 46.38 84.61 32.39
N ILE H 625 46.03 83.76 31.43
CA ILE H 625 45.43 82.47 31.71
C ILE H 625 46.47 81.37 31.78
N TRP H 626 47.32 81.26 30.76
CA TRP H 626 48.25 80.16 30.66
C TRP H 626 49.62 80.66 30.25
N ALA H 627 50.57 79.74 30.26
CA ALA H 627 51.92 79.98 29.75
C ALA H 627 52.49 78.66 29.28
N LYS H 628 53.26 78.70 28.20
CA LYS H 628 53.98 77.52 27.74
C LYS H 628 55.13 77.21 28.67
N ILE H 629 55.19 75.98 29.16
CA ILE H 629 56.34 75.54 29.96
C ILE H 629 57.53 75.33 29.03
N PRO H 630 58.69 75.93 29.31
CA PRO H 630 59.83 75.76 28.43
C PRO H 630 60.22 74.31 28.28
N HIS H 631 60.61 73.93 27.06
CA HIS H 631 61.02 72.56 26.77
C HIS H 631 62.45 72.38 27.23
N THR H 632 62.61 72.05 28.50
CA THR H 632 63.90 71.86 29.13
C THR H 632 63.98 70.47 29.75
N ASP H 633 65.20 70.09 30.14
CA ASP H 633 65.39 68.80 30.81
C ASP H 633 64.70 68.77 32.15
N GLY H 634 64.80 69.84 32.93
CA GLY H 634 64.19 69.87 34.24
C GLY H 634 63.45 71.16 34.47
N HIS H 635 62.44 71.06 35.32
CA HIS H 635 61.70 72.22 35.81
C HIS H 635 61.05 71.82 37.12
N PHE H 636 61.01 72.77 38.06
CA PHE H 636 60.46 72.52 39.37
C PHE H 636 59.15 73.27 39.50
N HIS H 637 58.05 72.53 39.69
CA HIS H 637 56.71 73.08 39.88
C HIS H 637 56.38 74.06 38.77
N PRO H 638 56.17 73.59 37.55
CA PRO H 638 56.10 74.48 36.38
C PRO H 638 54.80 75.28 36.30
N SER H 639 54.54 76.04 37.34
CA SER H 639 53.42 76.98 37.38
C SER H 639 53.95 78.37 37.08
N PRO H 640 53.37 79.08 36.10
CA PRO H 640 53.94 80.38 35.70
C PRO H 640 53.96 81.35 36.86
N LEU H 641 55.01 82.17 36.89
CA LEU H 641 55.20 83.06 38.04
C LEU H 641 54.27 84.26 37.98
N MET H 642 53.76 84.61 36.79
CA MET H 642 52.71 85.62 36.72
C MET H 642 51.36 85.09 37.14
N GLY H 643 51.21 83.79 37.29
CA GLY H 643 49.94 83.19 37.63
C GLY H 643 49.29 82.54 36.43
N GLY H 644 48.53 81.49 36.68
CA GLY H 644 47.86 80.79 35.61
C GLY H 644 48.24 79.33 35.51
N PHE H 645 47.97 78.74 34.36
CA PHE H 645 48.21 77.33 34.10
C PHE H 645 49.44 77.20 33.23
N GLY H 646 50.41 76.42 33.68
CA GLY H 646 51.54 76.07 32.85
C GLY H 646 51.22 74.87 32.02
N LEU H 647 51.30 74.99 30.70
CA LEU H 647 50.95 73.91 29.79
C LEU H 647 52.17 73.54 28.97
N LYS H 648 52.44 72.23 28.86
CA LYS H 648 53.50 71.79 27.97
C LYS H 648 53.12 72.02 26.51
N ASN H 649 51.88 71.71 26.16
CA ASN H 649 51.32 72.02 24.85
C ASN H 649 50.21 73.05 25.05
N PRO H 650 50.53 74.33 25.08
CA PRO H 650 49.49 75.34 25.28
C PRO H 650 48.66 75.51 24.04
N PRO H 651 47.61 76.35 24.09
CA PRO H 651 46.90 76.69 22.86
C PRO H 651 47.85 77.28 21.85
N PRO H 652 47.88 76.76 20.63
CA PRO H 652 48.87 77.21 19.65
C PRO H 652 48.58 78.62 19.16
N GLN H 653 49.63 79.24 18.62
CA GLN H 653 49.51 80.57 18.07
C GLN H 653 48.79 80.52 16.72
N ILE H 654 47.81 81.38 16.56
CA ILE H 654 47.14 81.58 15.28
C ILE H 654 47.73 82.81 14.63
N LEU H 655 48.34 82.62 13.47
CA LEU H 655 49.06 83.67 12.77
C LEU H 655 48.33 84.00 11.49
N ILE H 656 48.18 85.30 11.23
CA ILE H 656 47.35 85.79 10.14
C ILE H 656 48.08 86.94 9.46
N LYS H 657 47.99 86.99 8.14
CA LYS H 657 48.52 88.15 7.45
C LYS H 657 47.75 88.35 6.15
N ASN H 658 47.83 89.56 5.62
CA ASN H 658 47.24 89.84 4.32
C ASN H 658 48.18 89.36 3.23
N THR H 659 47.66 88.63 2.26
CA THR H 659 48.48 88.23 1.14
C THR H 659 48.87 89.45 0.33
N PRO H 660 50.16 89.66 0.03
CA PRO H 660 50.56 90.85 -0.72
C PRO H 660 49.95 90.85 -2.12
N VAL H 661 49.48 92.02 -2.54
CA VAL H 661 48.97 92.23 -3.89
C VAL H 661 49.90 93.22 -4.57
N PRO H 662 50.70 92.78 -5.55
CA PRO H 662 51.63 93.71 -6.20
C PRO H 662 50.92 94.78 -7.00
N ALA H 663 51.56 95.93 -7.11
CA ALA H 663 51.07 96.99 -7.97
C ALA H 663 51.46 96.69 -9.41
N ASN H 664 51.30 97.68 -10.27
CA ASN H 664 51.53 97.48 -11.70
C ASN H 664 52.99 97.14 -11.98
N PRO H 665 53.29 95.99 -12.57
CA PRO H 665 54.68 95.65 -12.86
C PRO H 665 55.19 96.40 -14.08
N PRO H 666 56.50 96.48 -14.27
CA PRO H 666 57.04 97.15 -15.45
C PRO H 666 56.75 96.37 -16.73
N ALA H 667 56.82 97.07 -17.86
CA ALA H 667 56.60 96.42 -19.15
C ALA H 667 57.68 95.41 -19.47
N GLU H 668 58.93 95.73 -19.15
CA GLU H 668 60.05 94.81 -19.31
C GLU H 668 60.32 94.06 -18.02
N PHE H 669 60.85 92.85 -18.17
CA PHE H 669 61.09 91.99 -17.03
C PHE H 669 62.24 92.50 -16.17
N SER H 670 62.06 92.42 -14.85
CA SER H 670 63.09 92.76 -13.89
C SER H 670 63.13 91.68 -12.83
N ALA H 671 64.32 91.15 -12.55
CA ALA H 671 64.45 90.11 -11.55
C ALA H 671 64.50 90.66 -10.13
N THR H 672 64.63 91.97 -9.98
CA THR H 672 64.55 92.58 -8.66
C THR H 672 63.20 92.29 -8.03
N LYS H 673 63.22 91.88 -6.76
CA LYS H 673 61.98 91.50 -6.11
C LYS H 673 61.04 92.69 -5.98
N PHE H 674 59.74 92.39 -5.97
CA PHE H 674 58.74 93.43 -5.96
C PHE H 674 58.81 94.23 -4.66
N ALA H 675 58.71 95.55 -4.78
CA ALA H 675 58.67 96.43 -3.63
C ALA H 675 57.44 97.33 -3.65
N SER H 676 56.72 97.39 -4.75
CA SER H 676 55.52 98.21 -4.89
C SER H 676 54.31 97.31 -4.73
N PHE H 677 53.52 97.55 -3.69
CA PHE H 677 52.36 96.74 -3.39
C PHE H 677 51.13 97.62 -3.27
N ILE H 678 49.98 97.01 -3.53
CA ILE H 678 48.70 97.66 -3.32
C ILE H 678 48.43 97.70 -1.83
N THR H 679 48.19 98.88 -1.30
CA THR H 679 48.04 99.07 0.14
C THR H 679 46.67 98.58 0.57
N GLN H 680 46.64 97.64 1.52
CA GLN H 680 45.36 97.10 1.95
C GLN H 680 45.46 96.59 3.37
N TYR H 681 44.29 96.46 3.99
CA TYR H 681 44.16 95.86 5.31
C TYR H 681 42.98 94.91 5.27
N SER H 682 42.72 94.25 6.38
CA SER H 682 41.57 93.36 6.47
C SER H 682 40.87 93.53 7.80
N THR H 683 39.60 93.17 7.82
CA THR H 683 38.80 93.22 9.03
C THR H 683 37.97 91.95 9.09
N GLY H 684 37.49 91.63 10.28
CA GLY H 684 36.68 90.45 10.40
C GLY H 684 36.25 90.22 11.82
N GLN H 685 35.66 89.04 12.04
CA GLN H 685 35.18 88.64 13.36
C GLN H 685 35.92 87.38 13.80
N VAL H 686 36.21 87.33 15.09
CA VAL H 686 36.89 86.20 15.70
C VAL H 686 36.07 85.71 16.88
N SER H 687 35.87 84.41 16.98
CA SER H 687 35.14 83.78 18.07
C SER H 687 36.06 82.82 18.79
N VAL H 688 36.06 82.89 20.11
CA VAL H 688 36.76 81.92 20.96
C VAL H 688 35.77 81.38 21.98
N GLU H 689 35.66 80.06 22.05
CA GLU H 689 34.80 79.39 23.01
C GLU H 689 35.66 78.47 23.86
N ILE H 690 35.66 78.68 25.18
CA ILE H 690 36.39 77.84 26.11
C ILE H 690 35.41 77.16 27.05
N GLU H 691 35.51 75.85 27.15
CA GLU H 691 34.88 75.07 28.21
C GLU H 691 35.85 74.97 29.37
N TRP H 692 35.36 75.31 30.56
CA TRP H 692 36.10 75.24 31.81
C TRP H 692 35.42 74.27 32.75
N GLU H 693 36.22 73.43 33.40
CA GLU H 693 35.75 72.56 34.46
C GLU H 693 35.84 73.27 35.80
N LEU H 694 34.77 73.15 36.58
CA LEU H 694 34.65 73.78 37.88
C LEU H 694 34.84 72.74 38.99
N GLN H 695 35.31 73.22 40.13
CA GLN H 695 35.46 72.41 41.33
C GLN H 695 34.70 73.14 42.41
N LYS H 696 33.53 72.59 42.74
CA LYS H 696 32.57 73.23 43.63
C LYS H 696 33.05 73.19 45.07
N GLU H 697 32.66 74.20 45.83
CA GLU H 697 32.89 74.19 47.26
C GLU H 697 32.05 73.10 47.91
N ASN H 698 32.60 72.48 48.96
CA ASN H 698 31.89 71.49 49.76
C ASN H 698 32.02 71.81 51.24
N SER H 699 31.93 73.09 51.57
CA SER H 699 32.33 73.56 52.89
C SER H 699 31.27 73.28 53.93
N LYS H 700 31.73 73.03 55.16
CA LYS H 700 30.86 72.89 56.32
C LYS H 700 30.96 74.09 57.24
N ARG H 701 31.54 75.18 56.76
CA ARG H 701 31.68 76.40 57.54
C ARG H 701 30.31 76.96 57.91
N TRP H 702 30.19 77.44 59.14
CA TRP H 702 28.90 77.91 59.63
C TRP H 702 28.65 79.37 59.32
N ASN H 703 29.61 80.24 59.63
CA ASN H 703 29.44 81.65 59.41
C ASN H 703 29.54 81.98 57.92
N PRO H 704 28.98 83.10 57.49
CA PRO H 704 29.02 83.45 56.06
C PRO H 704 30.44 83.74 55.58
N GLU H 705 30.66 83.45 54.30
CA GLU H 705 31.95 83.64 53.66
C GLU H 705 32.13 85.08 53.18
N VAL H 706 33.38 85.43 52.92
CA VAL H 706 33.69 86.68 52.24
C VAL H 706 33.44 86.49 50.75
N GLN H 707 32.70 87.41 50.16
CA GLN H 707 32.37 87.36 48.75
C GLN H 707 32.84 88.65 48.08
N TYR H 708 33.13 88.56 46.79
CA TYR H 708 33.34 89.76 46.01
C TYR H 708 31.99 90.40 45.71
N THR H 709 31.85 91.67 46.02
CA THR H 709 30.57 92.34 45.86
C THR H 709 30.78 93.72 45.25
N SER H 710 29.76 94.19 44.55
CA SER H 710 29.67 95.58 44.17
C SER H 710 29.36 96.43 45.40
N ASN H 711 29.87 97.65 45.41
CA ASN H 711 29.56 98.57 46.48
C ASN H 711 28.20 99.19 46.22
N TYR H 712 27.33 99.16 47.22
CA TYR H 712 26.02 99.81 47.15
C TYR H 712 26.22 101.22 47.68
N ALA H 713 26.13 102.21 46.79
CA ALA H 713 26.25 103.60 47.17
C ALA H 713 25.99 104.44 45.93
N LYS H 714 25.48 105.64 46.14
CA LYS H 714 25.34 106.56 45.03
C LYS H 714 26.72 106.93 44.51
N SER H 715 26.97 106.62 43.24
CA SER H 715 28.24 106.90 42.60
C SER H 715 27.98 107.54 41.25
N ALA H 716 28.92 108.36 40.80
CA ALA H 716 28.76 109.02 39.52
C ALA H 716 28.71 108.01 38.38
N ASN H 717 29.41 106.89 38.52
CA ASN H 717 29.44 105.84 37.51
C ASN H 717 29.19 104.49 38.16
N VAL H 718 28.88 103.51 37.33
CA VAL H 718 28.81 102.12 37.75
C VAL H 718 30.14 101.46 37.43
N ASP H 719 30.61 100.61 38.33
CA ASP H 719 31.88 99.91 38.12
C ASP H 719 31.76 98.92 36.97
N PHE H 720 32.87 98.81 36.21
CA PHE H 720 32.94 97.89 35.07
C PHE H 720 31.90 98.23 34.01
N THR H 721 31.78 99.52 33.71
CA THR H 721 30.87 99.99 32.68
C THR H 721 31.56 101.01 31.79
N VAL H 722 30.80 101.64 30.92
CA VAL H 722 31.31 102.72 30.08
C VAL H 722 30.97 104.04 30.75
N ASP H 723 31.71 105.09 30.39
CA ASP H 723 31.40 106.42 30.87
C ASP H 723 30.57 107.15 29.81
N ASN H 724 30.37 108.45 30.00
CA ASN H 724 29.60 109.22 29.03
C ASN H 724 30.34 109.38 27.70
N ASN H 725 31.65 109.12 27.66
CA ASN H 725 32.41 109.16 26.42
C ASN H 725 32.47 107.82 25.72
N GLY H 726 31.96 106.77 26.33
CA GLY H 726 31.98 105.45 25.73
C GLY H 726 33.19 104.61 26.04
N LEU H 727 33.96 104.97 27.06
CA LEU H 727 35.21 104.27 27.38
C LEU H 727 34.96 103.26 28.48
N TYR H 728 35.17 101.99 28.17
CA TYR H 728 35.05 100.92 29.16
C TYR H 728 36.27 100.94 30.07
N THR H 729 36.02 100.89 31.37
CA THR H 729 37.08 100.90 32.37
C THR H 729 36.82 99.81 33.40
N GLU H 730 37.91 99.28 33.95
CA GLU H 730 37.85 98.33 35.05
C GLU H 730 38.43 98.99 36.30
N PRO H 731 37.61 99.29 37.31
CA PRO H 731 38.09 100.07 38.46
C PRO H 731 39.18 99.40 39.28
N ARG H 732 39.16 98.08 39.39
CA ARG H 732 40.07 97.39 40.28
C ARG H 732 40.37 96.02 39.71
N PRO H 733 41.50 95.41 40.09
CA PRO H 733 41.75 94.00 39.74
C PRO H 733 41.04 93.08 40.72
N ILE H 734 40.38 92.06 40.19
CA ILE H 734 39.64 91.10 41.00
C ILE H 734 40.38 89.77 40.96
N GLY H 735 40.73 89.26 42.14
CA GLY H 735 41.31 87.95 42.25
C GLY H 735 40.26 86.86 42.32
N THR H 736 40.67 85.70 42.85
CA THR H 736 39.80 84.54 42.92
C THR H 736 39.55 84.04 44.33
N ARG H 737 40.42 84.36 45.28
CA ARG H 737 40.43 83.70 46.58
C ARG H 737 39.47 84.41 47.52
N TYR H 738 38.21 84.00 47.52
CA TYR H 738 37.21 84.57 48.41
C TYR H 738 36.63 83.52 49.33
N LEU H 739 36.23 82.38 48.78
CA LEU H 739 35.83 81.25 49.59
C LEU H 739 37.04 80.74 50.37
N THR H 740 36.78 79.99 51.44
CA THR H 740 37.86 79.45 52.25
C THR H 740 37.72 77.95 52.40
N ARG H 741 38.81 77.31 52.78
CA ARG H 741 38.79 75.89 53.13
C ARG H 741 39.86 75.66 54.17
N PRO H 742 39.70 74.62 55.00
CA PRO H 742 40.71 74.35 56.03
C PRO H 742 42.03 73.87 55.43
N LEU H 743 43.11 74.23 56.09
CA LEU H 743 44.45 73.95 55.58
C LEU H 743 44.81 72.48 55.72
N ASP I 219 35.40 78.85 -9.03
CA ASP I 219 34.53 78.50 -7.92
C ASP I 219 33.89 79.73 -7.28
N GLY I 220 34.14 80.90 -7.85
CA GLY I 220 33.50 82.13 -7.42
C GLY I 220 34.51 83.23 -7.15
N VAL I 221 33.96 84.44 -7.05
CA VAL I 221 34.78 85.61 -6.75
C VAL I 221 35.25 85.59 -5.29
N GLY I 222 34.38 85.19 -4.37
CA GLY I 222 34.69 85.30 -2.96
C GLY I 222 35.18 84.02 -2.31
N ASN I 223 35.62 83.06 -3.12
CA ASN I 223 36.09 81.77 -2.63
C ASN I 223 37.50 81.56 -3.16
N ALA I 224 38.43 81.28 -2.25
CA ALA I 224 39.81 81.04 -2.65
C ALA I 224 39.93 79.70 -3.35
N SER I 225 40.72 79.65 -4.42
CA SER I 225 40.87 78.43 -5.21
C SER I 225 42.09 77.61 -4.82
N GLY I 226 42.80 78.00 -3.76
CA GLY I 226 43.89 77.18 -3.29
C GLY I 226 44.43 77.74 -1.98
N ASN I 227 45.27 76.94 -1.36
CA ASN I 227 45.89 77.29 -0.08
C ASN I 227 47.39 77.39 -0.24
N TRP I 228 48.03 77.98 0.76
CA TRP I 228 49.48 78.12 0.77
C TRP I 228 50.09 76.80 1.25
N HIS I 229 50.80 76.14 0.36
CA HIS I 229 51.45 74.86 0.66
C HIS I 229 52.95 75.05 0.49
N CYS I 230 53.63 75.39 1.56
CA CYS I 230 55.08 75.54 1.56
C CYS I 230 55.63 74.74 2.73
N ASP I 231 56.28 73.62 2.44
CA ASP I 231 56.62 72.65 3.46
C ASP I 231 57.74 71.77 2.93
N SER I 232 58.21 70.86 3.77
CA SER I 232 59.18 69.84 3.37
C SER I 232 59.00 68.65 4.28
N THR I 233 58.66 67.50 3.71
CA THR I 233 58.40 66.29 4.46
C THR I 233 59.49 65.28 4.14
N TRP I 234 60.14 64.75 5.17
CA TRP I 234 61.21 63.80 5.02
C TRP I 234 60.71 62.41 5.41
N LEU I 235 60.59 61.54 4.44
CA LEU I 235 60.27 60.14 4.68
C LEU I 235 61.58 59.37 4.76
N GLY I 236 61.51 58.04 4.78
CA GLY I 236 62.73 57.26 4.89
C GLY I 236 63.68 57.45 3.72
N ASP I 237 63.17 57.28 2.51
CA ASP I 237 64.00 57.38 1.31
C ASP I 237 63.51 58.45 0.34
N ARG I 238 62.47 59.20 0.69
CA ARG I 238 61.97 60.27 -0.13
C ARG I 238 61.99 61.56 0.66
N VAL I 239 62.05 62.68 -0.05
CA VAL I 239 61.75 63.98 0.52
C VAL I 239 60.81 64.70 -0.43
N ILE I 240 59.73 65.26 0.10
CA ILE I 240 58.77 66.00 -0.70
C ILE I 240 58.87 67.47 -0.31
N THR I 241 59.23 68.30 -1.28
CA THR I 241 59.37 69.74 -1.07
C THR I 241 58.23 70.45 -1.77
N THR I 242 57.51 71.30 -1.04
CA THR I 242 56.44 72.12 -1.58
C THR I 242 56.80 73.58 -1.42
N SER I 243 56.54 74.38 -2.45
CA SER I 243 56.85 75.80 -2.44
C SER I 243 55.71 76.57 -3.07
N THR I 244 55.20 77.55 -2.34
CA THR I 244 54.22 78.50 -2.86
C THR I 244 54.84 79.88 -2.93
N ARG I 245 54.58 80.58 -4.02
CA ARG I 245 55.07 81.93 -4.23
C ARG I 245 53.96 82.78 -4.81
N THR I 246 54.10 84.10 -4.65
CA THR I 246 53.20 85.06 -5.24
C THR I 246 53.86 85.68 -6.46
N TRP I 247 53.16 85.62 -7.59
CA TRP I 247 53.67 86.09 -8.86
C TRP I 247 52.84 87.26 -9.38
N ALA I 248 53.50 88.12 -10.15
CA ALA I 248 52.88 89.19 -10.91
C ALA I 248 53.26 89.03 -12.38
N LEU I 249 52.26 89.03 -13.25
CA LEU I 249 52.43 88.88 -14.68
C LEU I 249 51.94 90.14 -15.37
N PRO I 250 52.80 90.88 -16.05
CA PRO I 250 52.35 92.06 -16.80
C PRO I 250 51.90 91.70 -18.20
N THR I 251 51.54 92.72 -18.99
CA THR I 251 51.33 92.55 -20.41
C THR I 251 52.64 92.82 -21.13
N TYR I 252 53.08 91.86 -21.94
CA TYR I 252 54.35 91.95 -22.64
C TYR I 252 54.10 92.29 -24.10
N ASN I 253 54.86 93.26 -24.62
CA ASN I 253 54.87 93.63 -26.04
C ASN I 253 53.56 94.26 -26.51
N ASN I 254 52.70 94.67 -25.60
CA ASN I 254 51.34 95.11 -25.94
C ASN I 254 50.60 94.02 -26.70
N HIS I 255 50.71 92.78 -26.23
CA HIS I 255 50.03 91.62 -26.79
C HIS I 255 50.50 91.31 -28.21
N LEU I 256 51.73 91.69 -28.54
CA LEU I 256 52.25 91.53 -29.89
C LEU I 256 53.37 90.51 -29.92
N TYR I 257 53.48 89.82 -31.05
CA TYR I 257 54.65 89.01 -31.37
C TYR I 257 55.59 89.88 -32.17
N LYS I 258 56.83 90.00 -31.71
CA LYS I 258 57.80 90.86 -32.37
C LYS I 258 59.00 90.04 -32.81
N GLN I 259 59.53 90.37 -33.98
CA GLN I 259 60.73 89.74 -34.50
C GLN I 259 61.94 90.52 -34.01
N ILE I 260 62.87 89.82 -33.37
CA ILE I 260 64.05 90.45 -32.80
C ILE I 260 65.29 89.88 -33.46
N SER I 261 66.29 90.72 -33.63
CA SER I 261 67.57 90.31 -34.20
C SER I 261 68.65 91.26 -33.70
N SER I 262 69.85 91.09 -34.24
CA SER I 262 70.99 91.90 -33.84
C SER I 262 71.32 92.99 -34.85
N ALA I 263 70.46 93.18 -35.86
CA ALA I 263 70.76 94.13 -36.93
C ALA I 263 70.87 95.56 -36.40
N SER I 264 69.93 95.97 -35.55
CA SER I 264 70.02 97.30 -34.96
C SER I 264 71.10 97.35 -33.89
N THR I 265 71.35 96.24 -33.20
CA THR I 265 72.38 96.22 -32.17
C THR I 265 73.76 96.47 -32.76
N GLY I 266 74.02 95.96 -33.96
CA GLY I 266 75.35 96.10 -34.54
C GLY I 266 76.40 95.31 -33.80
N ALA I 267 76.10 94.07 -33.45
CA ALA I 267 77.00 93.24 -32.67
C ALA I 267 78.08 92.62 -33.56
N SER I 268 79.00 91.91 -32.93
CA SER I 268 80.02 91.16 -33.66
C SER I 268 79.39 89.92 -34.29
N ASN I 269 80.16 89.28 -35.18
CA ASN I 269 79.67 88.10 -35.86
C ASN I 269 79.35 86.97 -34.88
N ASP I 270 80.04 86.93 -33.75
CA ASP I 270 79.80 85.89 -32.75
C ASP I 270 78.51 86.11 -31.98
N ASN I 271 78.00 87.33 -31.93
CA ASN I 271 76.84 87.67 -31.12
C ASN I 271 75.58 87.90 -31.95
N HIS I 272 75.63 87.57 -33.23
CA HIS I 272 74.46 87.74 -34.09
C HIS I 272 73.37 86.75 -33.71
N TYR I 273 72.12 87.18 -33.83
CA TYR I 273 71.00 86.29 -33.54
C TYR I 273 69.76 86.75 -34.29
N PHE I 274 68.80 85.83 -34.39
CA PHE I 274 67.50 86.09 -34.97
C PHE I 274 66.48 85.29 -34.18
N GLY I 275 65.38 85.91 -33.82
CA GLY I 275 64.38 85.20 -33.06
C GLY I 275 63.11 85.99 -32.92
N TYR I 276 62.31 85.59 -31.93
CA TYR I 276 61.01 86.19 -31.72
C TYR I 276 60.76 86.41 -30.24
N SER I 277 60.06 87.49 -29.95
CA SER I 277 59.59 87.85 -28.61
C SER I 277 58.09 87.66 -28.56
N THR I 278 57.60 86.85 -27.64
CA THR I 278 56.17 86.63 -27.57
C THR I 278 55.56 87.46 -26.46
N PRO I 279 54.24 87.68 -26.48
CA PRO I 279 53.58 88.33 -25.35
C PRO I 279 53.36 87.44 -24.13
N TRP I 280 53.85 86.21 -24.16
CA TRP I 280 53.66 85.26 -23.08
C TRP I 280 54.80 85.35 -22.07
N GLY I 281 54.49 84.99 -20.83
CA GLY I 281 55.49 84.72 -19.83
C GLY I 281 55.51 83.22 -19.55
N TYR I 282 56.53 82.79 -18.82
CA TYR I 282 56.64 81.38 -18.48
C TYR I 282 57.00 81.24 -17.00
N PHE I 283 56.68 80.07 -16.46
CA PHE I 283 56.97 79.75 -15.08
C PHE I 283 58.25 78.92 -15.02
N ASP I 284 59.17 79.35 -14.16
CA ASP I 284 60.46 78.71 -14.01
C ASP I 284 60.70 78.35 -12.55
N PHE I 285 60.99 77.08 -12.30
CA PHE I 285 61.38 76.64 -10.97
C PHE I 285 62.56 75.68 -11.11
N ASN I 286 63.52 76.05 -11.96
CA ASN I 286 64.66 75.22 -12.27
C ASN I 286 65.90 75.62 -11.49
N ARG I 287 65.75 75.98 -10.23
CA ARG I 287 66.85 76.16 -9.31
C ARG I 287 66.54 75.41 -8.03
N PHE I 288 67.59 74.97 -7.34
CA PHE I 288 67.38 74.12 -6.17
C PHE I 288 66.81 74.89 -4.99
N HIS I 289 67.11 76.19 -4.89
CA HIS I 289 66.60 76.97 -3.78
C HIS I 289 65.15 77.40 -3.97
N CYS I 290 64.55 77.15 -5.14
CA CYS I 290 63.11 77.30 -5.28
C CYS I 290 62.37 76.23 -4.50
N HIS I 291 63.05 75.17 -4.10
CA HIS I 291 62.43 74.03 -3.45
C HIS I 291 63.01 73.70 -2.09
N PHE I 292 64.31 73.93 -1.88
CA PHE I 292 64.97 73.60 -0.62
C PHE I 292 65.29 74.87 0.14
N SER I 293 64.93 74.92 1.41
CA SER I 293 65.51 75.90 2.29
C SER I 293 66.96 75.54 2.54
N PRO I 294 67.79 76.49 2.98
CA PRO I 294 69.18 76.13 3.31
C PRO I 294 69.29 75.04 4.37
N ARG I 295 68.40 75.02 5.35
CA ARG I 295 68.38 73.95 6.33
C ARG I 295 68.06 72.61 5.69
N ASP I 296 67.09 72.57 4.78
CA ASP I 296 66.75 71.33 4.08
C ASP I 296 67.89 70.88 3.19
N TRP I 297 68.56 71.82 2.53
CA TRP I 297 69.71 71.47 1.71
C TRP I 297 70.83 70.88 2.55
N GLN I 298 71.10 71.47 3.70
CA GLN I 298 72.12 70.93 4.59
C GLN I 298 71.73 69.53 5.08
N ARG I 299 70.47 69.36 5.44
CA ARG I 299 69.99 68.04 5.85
C ARG I 299 70.15 67.01 4.76
N LEU I 300 69.90 67.39 3.51
CA LEU I 300 70.08 66.47 2.39
C LEU I 300 71.54 66.12 2.17
N ILE I 301 72.40 67.14 2.09
CA ILE I 301 73.78 66.92 1.67
C ILE I 301 74.65 66.34 2.77
N ASN I 302 74.27 66.50 4.04
CA ASN I 302 75.05 65.94 5.12
C ASN I 302 74.71 64.48 5.40
N ASN I 303 73.66 63.96 4.80
CA ASN I 303 73.15 62.65 5.16
C ASN I 303 72.94 61.72 4.00
N ASN I 304 72.92 62.20 2.76
CA ASN I 304 72.59 61.36 1.64
C ASN I 304 73.76 61.24 0.68
N TRP I 305 73.97 60.03 0.17
CA TRP I 305 74.98 59.80 -0.86
C TRP I 305 74.50 60.20 -2.24
N GLY I 306 73.21 60.29 -2.45
CA GLY I 306 72.74 60.75 -3.75
C GLY I 306 71.28 61.12 -3.71
N PHE I 307 70.84 61.79 -4.77
CA PHE I 307 69.42 62.12 -4.83
C PHE I 307 69.00 62.36 -6.27
N ARG I 308 67.69 62.27 -6.52
CA ARG I 308 67.17 62.53 -7.86
C ARG I 308 65.69 62.87 -7.73
N PRO I 309 65.12 63.54 -8.74
CA PRO I 309 63.68 63.84 -8.70
C PRO I 309 62.82 62.73 -9.29
N LYS I 310 61.71 62.45 -8.60
CA LYS I 310 60.73 61.45 -8.96
C LYS I 310 59.49 62.05 -9.60
N ARG I 311 58.85 63.02 -8.96
CA ARG I 311 57.62 63.53 -9.57
C ARG I 311 57.38 64.96 -9.13
N LEU I 312 56.48 65.64 -9.83
CA LEU I 312 56.11 67.00 -9.45
C LEU I 312 54.66 67.29 -9.75
N ASN I 313 54.10 68.19 -8.94
CA ASN I 313 52.78 68.78 -9.10
C ASN I 313 52.93 70.28 -9.20
N PHE I 314 52.18 70.88 -10.11
CA PHE I 314 52.18 72.32 -10.34
C PHE I 314 50.75 72.80 -10.20
N LYS I 315 50.56 73.86 -9.44
CA LYS I 315 49.24 74.46 -9.27
C LYS I 315 49.34 75.97 -9.40
N LEU I 316 48.32 76.55 -10.01
CA LEU I 316 48.20 77.99 -10.22
C LEU I 316 46.83 78.40 -9.72
N PHE I 317 46.78 79.29 -8.73
CA PHE I 317 45.53 79.54 -8.05
C PHE I 317 45.48 80.98 -7.57
N ASN I 318 44.27 81.41 -7.21
CA ASN I 318 43.99 82.74 -6.68
C ASN I 318 44.37 83.83 -7.68
N ILE I 319 43.80 83.72 -8.88
CA ILE I 319 44.09 84.66 -9.95
C ILE I 319 43.36 85.97 -9.69
N GLN I 320 44.06 87.08 -9.83
CA GLN I 320 43.45 88.40 -9.75
C GLN I 320 43.96 89.24 -10.91
N VAL I 321 43.05 89.64 -11.78
CA VAL I 321 43.39 90.54 -12.87
C VAL I 321 43.09 91.96 -12.43
N LYS I 322 44.05 92.85 -12.61
CA LYS I 322 43.94 94.23 -12.19
C LYS I 322 44.05 95.15 -13.41
N GLU I 323 43.10 96.06 -13.52
CA GLU I 323 43.08 97.11 -14.52
C GLU I 323 43.79 98.36 -14.00
N VAL I 324 44.62 98.98 -14.84
CA VAL I 324 45.43 100.14 -14.47
C VAL I 324 45.09 101.29 -15.39
N THR I 325 44.80 102.46 -14.81
CA THR I 325 44.58 103.69 -15.56
C THR I 325 45.45 104.79 -14.97
N THR I 326 46.27 105.43 -15.79
CA THR I 326 47.08 106.56 -15.35
C THR I 326 46.52 107.83 -16.00
N ASN I 327 46.03 108.75 -15.17
CA ASN I 327 45.50 110.03 -15.61
C ASN I 327 46.16 111.14 -14.82
N ASP I 328 46.66 112.15 -15.53
CA ASP I 328 47.27 113.33 -14.91
C ASP I 328 48.41 112.95 -13.97
N GLY I 329 49.04 111.80 -14.22
CA GLY I 329 50.14 111.33 -13.43
C GLY I 329 49.77 110.43 -12.27
N VAL I 330 48.48 110.34 -11.92
CA VAL I 330 48.05 109.49 -10.81
C VAL I 330 47.47 108.21 -11.37
N THR I 331 47.76 107.10 -10.69
CA THR I 331 47.46 105.76 -11.17
C THR I 331 46.37 105.13 -10.32
N THR I 332 45.33 104.65 -10.98
CA THR I 332 44.24 103.92 -10.36
C THR I 332 44.32 102.45 -10.75
N ILE I 333 44.21 101.57 -9.77
CA ILE I 333 44.17 100.13 -10.00
C ILE I 333 42.84 99.62 -9.50
N ALA I 334 42.14 98.86 -10.33
CA ALA I 334 40.86 98.27 -9.97
C ALA I 334 40.90 96.78 -10.29
N ASN I 335 39.93 96.05 -9.75
CA ASN I 335 39.79 94.65 -10.09
C ASN I 335 38.99 94.49 -11.36
N ASN I 336 39.44 93.59 -12.22
CA ASN I 336 38.71 93.23 -13.43
C ASN I 336 38.22 91.81 -13.23
N LEU I 337 36.97 91.66 -12.80
CA LEU I 337 36.46 90.36 -12.38
C LEU I 337 36.18 89.43 -13.54
N THR I 338 36.07 89.94 -14.76
CA THR I 338 35.70 89.12 -15.90
C THR I 338 36.84 88.87 -16.86
N SER I 339 38.06 89.26 -16.52
CA SER I 339 39.21 89.03 -17.38
C SER I 339 39.83 87.67 -17.09
N THR I 340 40.58 87.17 -18.08
CA THR I 340 41.16 85.84 -18.01
C THR I 340 42.66 85.87 -18.21
N VAL I 341 43.32 84.86 -17.67
CA VAL I 341 44.69 84.52 -18.03
C VAL I 341 44.67 83.18 -18.75
N GLN I 342 45.38 83.10 -19.86
CA GLN I 342 45.55 81.84 -20.59
C GLN I 342 46.80 81.15 -20.08
N VAL I 343 46.67 79.86 -19.74
CA VAL I 343 47.76 79.05 -19.26
C VAL I 343 47.78 77.76 -20.05
N PHE I 344 48.97 77.33 -20.49
CA PHE I 344 49.07 75.99 -21.04
C PHE I 344 50.45 75.42 -20.75
N SER I 345 50.51 74.10 -20.71
CA SER I 345 51.75 73.36 -20.52
C SER I 345 52.16 72.75 -21.85
N ASP I 346 53.43 72.92 -22.22
CA ASP I 346 53.92 72.40 -23.49
C ASP I 346 54.42 70.97 -23.28
N SER I 347 53.47 70.06 -23.09
CA SER I 347 53.76 68.70 -22.69
C SER I 347 54.37 67.86 -23.80
N GLU I 348 54.21 68.26 -25.06
CA GLU I 348 54.76 67.52 -26.18
C GLU I 348 56.06 68.13 -26.71
N TYR I 349 56.59 69.15 -26.02
CA TYR I 349 57.87 69.77 -26.37
C TYR I 349 57.89 70.22 -27.82
N GLN I 350 56.81 70.88 -28.23
CA GLN I 350 56.67 71.41 -29.57
C GLN I 350 57.22 72.82 -29.70
N LEU I 351 57.60 73.44 -28.62
CA LEU I 351 58.14 74.78 -28.56
C LEU I 351 59.63 74.73 -28.27
N PRO I 352 60.36 75.78 -28.63
CA PRO I 352 61.76 75.86 -28.20
C PRO I 352 61.84 75.90 -26.67
N TYR I 353 62.73 75.09 -26.13
CA TYR I 353 62.89 74.97 -24.68
C TYR I 353 63.91 75.99 -24.21
N VAL I 354 63.44 77.08 -23.61
CA VAL I 354 64.35 78.11 -23.12
C VAL I 354 64.72 77.91 -21.66
N LEU I 355 64.07 76.99 -20.97
CA LEU I 355 64.53 76.61 -19.64
C LEU I 355 65.83 75.83 -19.79
N GLY I 356 66.58 75.73 -18.71
CA GLY I 356 67.86 75.05 -18.79
C GLY I 356 68.98 75.88 -19.37
N SER I 357 68.79 77.18 -19.51
CA SER I 357 69.85 78.10 -19.91
C SER I 357 70.27 79.00 -18.77
N ALA I 358 69.83 78.71 -17.55
CA ALA I 358 70.21 79.44 -16.33
C ALA I 358 69.78 80.90 -16.38
N HIS I 359 68.50 81.12 -16.66
CA HIS I 359 67.97 82.46 -16.76
C HIS I 359 67.33 82.92 -15.46
N GLN I 360 67.26 84.24 -15.30
CA GLN I 360 66.53 84.82 -14.19
C GLN I 360 65.03 84.62 -14.37
N GLY I 361 64.28 84.80 -13.29
CA GLY I 361 62.85 84.66 -13.36
C GLY I 361 62.28 83.44 -12.68
N CYS I 362 63.14 82.67 -12.01
CA CYS I 362 62.67 81.54 -11.23
C CYS I 362 61.90 82.02 -10.00
N LEU I 363 61.27 81.08 -9.31
CA LEU I 363 60.70 81.40 -8.01
C LEU I 363 61.82 81.85 -7.08
N PRO I 364 61.60 82.91 -6.31
CA PRO I 364 62.65 83.40 -5.41
C PRO I 364 62.97 82.38 -4.33
N PRO I 365 64.20 82.38 -3.81
CA PRO I 365 64.53 81.44 -2.74
C PRO I 365 63.71 81.65 -1.47
N PHE I 366 63.43 82.88 -1.12
CA PHE I 366 62.69 83.18 0.09
C PHE I 366 61.18 83.14 -0.18
N PRO I 367 60.42 82.35 0.58
CA PRO I 367 58.98 82.20 0.28
C PRO I 367 58.18 83.47 0.44
N ALA I 368 58.70 84.49 1.12
CA ALA I 368 57.97 85.74 1.29
C ALA I 368 58.11 86.67 0.10
N ASP I 369 58.97 86.36 -0.87
CA ASP I 369 59.24 87.27 -1.96
C ASP I 369 58.22 87.11 -3.07
N VAL I 370 57.82 88.24 -3.65
CA VAL I 370 56.89 88.29 -4.77
C VAL I 370 57.69 88.50 -6.04
N PHE I 371 57.45 87.68 -7.06
CA PHE I 371 58.29 87.69 -8.23
C PHE I 371 57.50 87.99 -9.49
N MET I 372 58.16 88.68 -10.42
CA MET I 372 57.62 89.00 -11.72
C MET I 372 57.88 87.84 -12.67
N ILE I 373 56.91 87.54 -13.51
CA ILE I 373 57.04 86.41 -14.43
C ILE I 373 57.83 86.85 -15.67
N PRO I 374 58.87 86.11 -16.05
CA PRO I 374 59.69 86.51 -17.20
C PRO I 374 59.00 86.30 -18.53
N GLN I 375 59.38 87.13 -19.50
CA GLN I 375 58.79 87.05 -20.83
C GLN I 375 59.36 85.89 -21.62
N TYR I 376 58.51 85.28 -22.44
CA TYR I 376 58.96 84.18 -23.30
C TYR I 376 59.45 84.72 -24.64
N GLY I 377 60.59 84.20 -25.07
CA GLY I 377 61.12 84.49 -26.38
C GLY I 377 62.05 83.38 -26.75
N TYR I 378 62.29 83.24 -28.04
CA TYR I 378 63.14 82.17 -28.51
C TYR I 378 63.99 82.68 -29.67
N LEU I 379 65.02 81.91 -29.98
CA LEU I 379 65.88 82.16 -31.12
C LEU I 379 65.71 81.04 -32.12
N THR I 380 65.91 81.37 -33.39
CA THR I 380 65.82 80.39 -34.46
C THR I 380 67.08 80.49 -35.31
N LEU I 381 67.15 79.68 -36.36
CA LEU I 381 68.31 79.68 -37.23
C LEU I 381 68.55 81.07 -37.80
N ASN I 382 69.80 81.50 -37.77
CA ASN I 382 70.16 82.81 -38.28
C ASN I 382 71.42 82.73 -39.13
N ASN I 383 71.48 83.59 -40.13
CA ASN I 383 72.65 83.78 -40.98
C ASN I 383 73.10 85.22 -40.78
N GLY I 384 73.89 85.43 -39.75
CA GLY I 384 74.16 86.79 -39.32
C GLY I 384 72.98 87.31 -38.55
N SER I 385 72.51 88.50 -38.91
CA SER I 385 71.29 89.04 -38.32
C SER I 385 70.04 88.66 -39.12
N GLN I 386 70.20 87.86 -40.17
CA GLN I 386 69.10 87.46 -41.03
C GLN I 386 68.61 86.07 -40.67
N ALA I 387 67.47 85.71 -41.24
CA ALA I 387 66.89 84.39 -41.07
C ALA I 387 67.24 83.52 -42.27
N VAL I 388 66.78 82.27 -42.24
CA VAL I 388 66.90 81.36 -43.36
C VAL I 388 65.53 80.77 -43.63
N GLY I 389 65.47 79.88 -44.63
CA GLY I 389 64.21 79.24 -44.94
C GLY I 389 63.72 78.30 -43.85
N ARG I 390 64.64 77.65 -43.17
CA ARG I 390 64.32 76.70 -42.12
C ARG I 390 64.16 77.36 -40.76
N SER I 391 64.28 78.68 -40.69
CA SER I 391 63.96 79.38 -39.46
C SER I 391 62.48 79.22 -39.15
N SER I 392 62.18 78.85 -37.91
CA SER I 392 60.82 78.57 -37.51
C SER I 392 60.20 79.76 -36.79
N PHE I 393 58.90 79.85 -36.88
CA PHE I 393 58.11 80.80 -36.12
C PHE I 393 57.01 80.03 -35.42
N TYR I 394 56.76 80.36 -34.16
CA TYR I 394 55.76 79.67 -33.35
C TYR I 394 54.79 80.71 -32.81
N CYS I 395 53.53 80.58 -33.20
CA CYS I 395 52.46 81.29 -32.51
C CYS I 395 52.04 80.46 -31.32
N LEU I 396 52.12 81.03 -30.12
CA LEU I 396 51.72 80.29 -28.94
C LEU I 396 50.22 80.31 -28.73
N GLU I 397 49.49 81.17 -29.44
CA GLU I 397 48.04 81.09 -29.47
C GLU I 397 47.54 79.94 -30.31
N TYR I 398 48.43 79.30 -31.06
CA TYR I 398 48.11 78.11 -31.84
C TYR I 398 48.13 76.84 -30.99
N PHE I 399 48.05 76.98 -29.68
CA PHE I 399 47.97 75.88 -28.73
C PHE I 399 46.63 75.94 -28.00
N PRO I 400 46.12 74.80 -27.53
CA PRO I 400 45.00 74.83 -26.61
C PRO I 400 45.43 75.36 -25.25
N SER I 401 44.76 76.41 -24.79
CA SER I 401 45.05 77.03 -23.51
C SER I 401 43.82 76.90 -22.61
N GLN I 402 44.06 76.84 -21.32
CA GLN I 402 43.00 76.97 -20.34
C GLN I 402 42.86 78.44 -19.97
N MET I 403 41.65 78.96 -20.07
CA MET I 403 41.35 80.34 -19.71
C MET I 403 40.84 80.36 -18.28
N LEU I 404 41.48 81.18 -17.44
CA LEU I 404 41.21 81.22 -16.01
C LEU I 404 40.69 82.59 -15.65
N ARG I 405 39.47 82.63 -15.10
CA ARG I 405 38.97 83.83 -14.45
C ARG I 405 39.37 83.78 -12.99
N THR I 406 38.88 84.73 -12.18
CA THR I 406 39.39 84.86 -10.83
C THR I 406 39.00 83.70 -9.92
N GLY I 407 38.06 82.85 -10.33
CA GLY I 407 37.66 81.73 -9.50
C GLY I 407 38.23 80.40 -9.94
N ASN I 408 39.04 80.39 -10.99
CA ASN I 408 39.56 79.17 -11.57
C ASN I 408 41.00 78.93 -11.11
N ASN I 409 41.41 77.66 -11.19
CA ASN I 409 42.78 77.27 -10.94
C ASN I 409 43.25 76.33 -12.03
N PHE I 410 44.54 76.05 -12.02
CA PHE I 410 45.21 75.24 -13.04
C PHE I 410 46.09 74.22 -12.33
N THR I 411 45.99 72.96 -12.71
CA THR I 411 46.83 71.93 -12.11
C THR I 411 47.52 71.13 -13.21
N PHE I 412 48.66 70.54 -12.87
CA PHE I 412 49.42 69.78 -13.85
C PHE I 412 50.39 68.86 -13.11
N SER I 413 50.38 67.58 -13.47
CA SER I 413 51.28 66.61 -12.86
C SER I 413 52.31 66.13 -13.88
N TYR I 414 53.48 65.76 -13.38
CA TYR I 414 54.55 65.30 -14.25
C TYR I 414 55.38 64.26 -13.50
N THR I 415 55.80 63.24 -14.23
CA THR I 415 56.68 62.21 -13.68
C THR I 415 58.03 62.28 -14.37
N PHE I 416 59.09 62.31 -13.58
CA PHE I 416 60.44 62.30 -14.13
C PHE I 416 60.78 60.91 -14.66
N GLU I 417 61.56 60.88 -15.73
CA GLU I 417 62.14 59.64 -16.20
C GLU I 417 63.19 59.14 -15.22
N GLU I 418 63.55 57.87 -15.35
CA GLU I 418 64.55 57.28 -14.47
C GLU I 418 65.91 57.85 -14.84
N VAL I 419 66.34 58.86 -14.09
CA VAL I 419 67.61 59.52 -14.27
C VAL I 419 68.55 58.97 -13.20
N PRO I 420 69.86 58.92 -13.43
CA PRO I 420 70.77 58.50 -12.36
C PRO I 420 70.78 59.48 -11.19
N PHE I 421 71.03 58.93 -10.00
CA PHE I 421 71.20 59.76 -8.82
C PHE I 421 72.36 60.73 -9.02
N HIS I 422 72.16 61.97 -8.63
CA HIS I 422 73.30 62.87 -8.47
C HIS I 422 74.08 62.45 -7.25
N SER I 423 75.41 62.55 -7.37
CA SER I 423 76.37 62.09 -6.38
C SER I 423 76.61 63.18 -5.35
N SER I 424 76.06 63.02 -4.15
CA SER I 424 76.31 63.94 -3.05
C SER I 424 77.51 63.52 -2.23
N TYR I 425 78.49 62.86 -2.84
CA TYR I 425 79.65 62.35 -2.14
C TYR I 425 80.92 62.78 -2.86
N ALA I 426 82.00 62.84 -2.11
CA ALA I 426 83.36 62.83 -2.61
C ALA I 426 83.94 61.43 -2.49
N HIS I 427 85.08 61.22 -3.11
CA HIS I 427 85.78 59.95 -3.03
C HIS I 427 86.89 60.03 -1.99
N SER I 428 86.97 58.99 -1.16
CA SER I 428 88.01 58.89 -0.14
C SER I 428 89.34 58.41 -0.70
N GLN I 429 89.36 57.94 -1.94
CA GLN I 429 90.57 57.48 -2.58
C GLN I 429 90.76 58.24 -3.87
N SER I 430 92.01 58.35 -4.30
CA SER I 430 92.35 58.90 -5.60
C SER I 430 92.51 57.76 -6.60
N LEU I 431 92.31 58.10 -7.87
CA LEU I 431 92.32 57.06 -8.91
C LEU I 431 93.70 56.46 -9.11
N ASP I 432 94.75 57.23 -8.88
CA ASP I 432 96.12 56.73 -8.99
C ASP I 432 96.64 56.16 -7.68
N ARG I 433 95.75 55.92 -6.71
CA ARG I 433 96.14 55.41 -5.40
C ARG I 433 95.18 54.32 -4.97
N LEU I 434 94.85 53.40 -5.88
CA LEU I 434 93.88 52.36 -5.62
C LEU I 434 94.53 51.03 -5.25
N MET I 435 95.83 51.02 -5.04
CA MET I 435 96.58 49.80 -4.81
C MET I 435 96.74 49.50 -3.33
N ASN I 436 97.13 48.28 -3.03
CA ASN I 436 97.60 47.92 -1.71
C ASN I 436 98.97 48.52 -1.50
N PRO I 437 99.17 49.37 -0.49
CA PRO I 437 100.48 50.00 -0.28
C PRO I 437 101.51 49.10 0.41
N LEU I 438 101.19 47.84 0.66
CA LEU I 438 102.12 46.94 1.32
C LEU I 438 102.65 45.84 0.41
N ILE I 439 101.90 45.47 -0.62
CA ILE I 439 102.23 44.32 -1.45
C ILE I 439 102.77 44.82 -2.78
N ASP I 440 103.75 44.09 -3.32
CA ASP I 440 104.26 44.38 -4.65
C ASP I 440 103.29 43.85 -5.71
N GLN I 441 103.60 44.16 -6.95
CA GLN I 441 102.86 43.65 -8.08
C GLN I 441 103.59 42.46 -8.69
N TYR I 442 102.88 41.71 -9.52
CA TYR I 442 103.53 40.69 -10.32
C TYR I 442 103.80 41.17 -11.73
N LEU I 443 103.56 42.44 -12.01
CA LEU I 443 103.79 43.03 -13.32
C LEU I 443 105.07 43.85 -13.29
N TYR I 444 105.85 43.74 -14.36
CA TYR I 444 107.10 44.46 -14.48
C TYR I 444 106.94 45.61 -15.46
N TYR I 445 107.81 46.60 -15.30
CA TYR I 445 107.84 47.75 -16.19
C TYR I 445 109.29 48.06 -16.50
N LEU I 446 109.51 48.71 -17.64
CA LEU I 446 110.85 49.15 -18.01
C LEU I 446 111.24 50.32 -17.11
N ASN I 447 112.30 50.13 -16.32
CA ASN I 447 112.71 51.13 -15.33
C ASN I 447 113.90 51.94 -15.78
N ARG I 448 114.90 51.31 -16.38
CA ARG I 448 116.10 51.98 -16.86
C ARG I 448 116.38 51.56 -18.30
N THR I 449 116.77 52.51 -19.13
CA THR I 449 117.38 52.21 -20.42
C THR I 449 118.85 52.55 -20.45
N GLN I 450 119.45 52.84 -19.30
CA GLN I 450 120.88 53.06 -19.17
C GLN I 450 121.38 52.28 -17.96
N ASN I 451 122.69 52.08 -17.89
CA ASN I 451 123.27 51.35 -16.79
C ASN I 451 123.14 52.14 -15.50
N GLN I 452 122.78 51.43 -14.42
CA GLN I 452 122.55 52.09 -13.14
C GLN I 452 123.84 52.49 -12.45
N SER I 453 124.95 51.80 -12.72
CA SER I 453 126.19 52.05 -12.00
C SER I 453 126.70 53.47 -12.23
N GLY I 454 126.70 53.92 -13.48
CA GLY I 454 127.11 55.27 -13.81
C GLY I 454 128.58 55.45 -14.12
N SER I 455 129.43 54.47 -13.80
CA SER I 455 130.84 54.57 -14.16
C SER I 455 131.01 54.63 -15.67
N ALA I 456 130.25 53.81 -16.39
CA ALA I 456 130.05 53.95 -17.82
C ALA I 456 128.64 54.45 -18.09
N GLN I 457 128.41 54.89 -19.32
CA GLN I 457 127.13 55.44 -19.74
C GLN I 457 126.47 54.57 -20.81
N ASN I 458 126.50 53.25 -20.61
CA ASN I 458 125.99 52.33 -21.60
C ASN I 458 124.48 52.17 -21.48
N LYS I 459 123.85 51.82 -22.60
CA LYS I 459 122.43 51.57 -22.59
C LYS I 459 122.15 50.19 -22.01
N ASP I 460 120.87 49.94 -21.71
CA ASP I 460 120.45 48.65 -21.17
C ASP I 460 118.94 48.55 -21.27
N LEU I 461 118.41 47.45 -20.76
CA LEU I 461 116.96 47.23 -20.65
C LEU I 461 116.74 46.58 -19.28
N LEU I 462 116.50 47.41 -18.27
CA LEU I 462 116.35 46.96 -16.90
C LEU I 462 114.90 47.11 -16.48
N PHE I 463 114.34 46.05 -15.94
CA PHE I 463 112.92 45.99 -15.60
C PHE I 463 112.76 45.87 -14.09
N SER I 464 111.81 46.61 -13.54
CA SER I 464 111.52 46.58 -12.12
C SER I 464 110.11 46.08 -11.89
N ARG I 465 109.87 45.59 -10.70
CA ARG I 465 108.56 45.14 -10.27
C ARG I 465 107.78 46.29 -9.67
N GLY I 466 106.47 46.33 -9.95
CA GLY I 466 105.62 47.33 -9.36
C GLY I 466 105.60 47.23 -7.84
N SER I 467 106.08 48.27 -7.17
CA SER I 467 106.28 48.27 -5.74
C SER I 467 105.65 49.51 -5.13
N PRO I 468 105.33 49.46 -3.82
CA PRO I 468 104.80 50.67 -3.16
C PRO I 468 105.79 51.82 -3.09
N ALA I 469 107.08 51.57 -3.29
CA ALA I 469 108.04 52.66 -3.33
C ALA I 469 107.75 53.60 -4.49
N GLY I 470 107.61 53.06 -5.69
CA GLY I 470 107.20 53.86 -6.83
C GLY I 470 105.76 53.56 -7.23
N MET I 471 104.84 54.41 -6.83
CA MET I 471 103.43 54.22 -7.14
C MET I 471 103.04 54.89 -8.45
N SER I 472 103.85 55.84 -8.92
CA SER I 472 103.56 56.54 -10.17
C SER I 472 103.81 55.68 -11.40
N VAL I 473 104.66 54.67 -11.29
CA VAL I 473 105.04 53.84 -12.43
C VAL I 473 104.37 52.48 -12.40
N GLN I 474 103.54 52.20 -11.41
CA GLN I 474 102.83 50.95 -11.36
C GLN I 474 101.81 50.87 -12.49
N PRO I 475 101.68 49.72 -13.16
CA PRO I 475 100.55 49.52 -14.07
C PRO I 475 99.23 49.70 -13.33
N LYS I 476 98.27 50.33 -14.01
CA LYS I 476 96.97 50.61 -13.43
C LYS I 476 95.88 50.23 -14.42
N ASN I 477 94.65 50.23 -13.94
CA ASN I 477 93.52 49.71 -14.72
C ASN I 477 92.66 50.80 -15.34
N TRP I 478 92.73 52.03 -14.85
CA TRP I 478 91.80 53.08 -15.26
C TRP I 478 92.55 54.36 -15.55
N LEU I 479 91.86 55.29 -16.20
CA LEU I 479 92.39 56.58 -16.61
C LEU I 479 91.50 57.70 -16.08
N PRO I 480 92.06 58.88 -15.82
CA PRO I 480 91.23 60.03 -15.44
C PRO I 480 90.38 60.49 -16.61
N GLY I 481 89.28 61.15 -16.26
CA GLY I 481 88.32 61.59 -17.25
C GLY I 481 88.88 62.53 -18.29
N PRO I 482 88.05 62.89 -19.26
CA PRO I 482 88.51 63.76 -20.34
C PRO I 482 88.74 65.18 -19.87
N CYS I 483 89.54 65.91 -20.63
CA CYS I 483 89.88 67.28 -20.24
C CYS I 483 89.82 68.18 -21.46
N TYR I 484 89.62 69.47 -21.22
CA TYR I 484 89.70 70.52 -22.22
C TYR I 484 90.27 71.76 -21.53
N ARG I 485 91.57 71.95 -21.64
CA ARG I 485 92.29 72.86 -20.75
C ARG I 485 91.75 74.28 -20.82
N GLN I 486 91.66 74.92 -19.65
CA GLN I 486 91.25 76.30 -19.50
C GLN I 486 92.44 77.14 -19.08
N GLN I 487 92.27 78.46 -19.17
CA GLN I 487 93.31 79.38 -18.74
C GLN I 487 93.20 79.63 -17.24
N ARG I 488 94.35 79.77 -16.59
CA ARG I 488 94.41 79.87 -15.15
C ARG I 488 94.43 81.33 -14.73
N VAL I 489 93.42 81.73 -13.97
CA VAL I 489 93.30 83.10 -13.47
C VAL I 489 93.44 83.06 -11.96
N SER I 490 94.21 84.00 -11.43
CA SER I 490 94.40 84.11 -10.00
C SER I 490 93.36 85.05 -9.40
N LYS I 491 92.79 84.64 -8.27
CA LYS I 491 91.88 85.51 -7.53
C LYS I 491 92.59 86.75 -6.99
N THR I 492 93.91 86.70 -6.85
CA THR I 492 94.71 87.86 -6.53
C THR I 492 95.15 88.51 -7.84
N LYS I 493 94.59 89.69 -8.11
CA LYS I 493 94.71 90.28 -9.44
C LYS I 493 96.13 90.65 -9.83
N THR I 494 97.04 90.83 -8.86
CA THR I 494 98.39 91.25 -9.20
C THR I 494 99.19 90.16 -9.89
N ASP I 495 98.82 88.89 -9.73
CA ASP I 495 99.53 87.79 -10.37
C ASP I 495 99.03 87.47 -11.76
N ASN I 496 98.03 88.19 -12.25
CA ASN I 496 97.52 87.96 -13.59
C ASN I 496 98.24 88.85 -14.59
N ASN I 497 98.29 88.37 -15.83
CA ASN I 497 98.94 89.12 -16.90
C ASN I 497 98.23 90.45 -17.14
N ASN I 498 99.00 91.46 -17.50
CA ASN I 498 98.44 92.79 -17.76
C ASN I 498 97.91 92.87 -19.19
N SER I 499 96.76 92.24 -19.38
CA SER I 499 96.02 92.31 -20.63
C SER I 499 94.61 91.83 -20.35
N ASN I 500 93.75 91.94 -21.36
CA ASN I 500 92.37 91.49 -21.17
C ASN I 500 92.27 89.98 -21.24
N PHE I 501 92.54 89.41 -22.42
CA PHE I 501 92.70 87.98 -22.64
C PHE I 501 91.53 87.14 -22.12
N THR I 502 90.41 87.78 -21.77
CA THR I 502 89.20 87.03 -21.45
C THR I 502 88.51 86.49 -22.68
N TRP I 503 88.80 87.03 -23.84
CA TRP I 503 88.29 86.48 -25.09
C TRP I 503 89.39 85.94 -25.97
N THR I 504 90.53 86.61 -26.05
CA THR I 504 91.61 86.12 -26.91
C THR I 504 92.31 84.90 -26.34
N GLY I 505 92.37 84.77 -25.03
CA GLY I 505 93.09 83.67 -24.42
C GLY I 505 92.21 82.61 -23.82
N ALA I 506 90.97 82.51 -24.28
CA ALA I 506 89.98 81.64 -23.68
C ALA I 506 89.68 80.43 -24.55
N SER I 507 89.32 79.33 -23.89
CA SER I 507 88.89 78.13 -24.58
C SER I 507 87.50 78.35 -25.16
N LYS I 508 87.38 78.22 -26.47
CA LYS I 508 86.11 78.45 -27.13
C LYS I 508 85.96 77.46 -28.27
N TYR I 509 84.73 77.28 -28.72
CA TYR I 509 84.45 76.36 -29.80
C TYR I 509 83.88 77.09 -31.00
N ASN I 510 84.10 76.51 -32.17
CA ASN I 510 83.68 77.08 -33.44
C ASN I 510 82.43 76.34 -33.92
N LEU I 511 81.39 77.10 -34.24
CA LEU I 511 80.14 76.51 -34.73
C LEU I 511 79.55 77.43 -35.79
N ASN I 512 79.52 76.96 -37.02
CA ASN I 512 78.97 77.71 -38.15
C ASN I 512 79.66 79.06 -38.32
N GLY I 513 80.96 79.09 -38.02
CA GLY I 513 81.76 80.27 -38.25
C GLY I 513 81.82 81.26 -37.12
N ARG I 514 81.07 81.05 -36.04
CA ARG I 514 81.11 81.96 -34.91
C ARG I 514 81.51 81.21 -33.65
N GLU I 515 82.35 81.86 -32.85
CA GLU I 515 82.97 81.26 -31.70
C GLU I 515 82.13 81.46 -30.45
N SER I 516 82.18 80.48 -29.55
CA SER I 516 81.42 80.53 -28.31
C SER I 516 82.32 80.04 -27.19
N ILE I 517 82.38 80.79 -26.09
CA ILE I 517 83.15 80.36 -24.93
C ILE I 517 82.57 79.07 -24.41
N ILE I 518 83.43 78.17 -23.96
CA ILE I 518 82.97 76.87 -23.47
C ILE I 518 82.09 77.05 -22.24
N ASN I 519 82.67 77.53 -21.13
CA ASN I 519 81.91 78.04 -19.99
C ASN I 519 80.73 77.17 -19.55
N PRO I 520 80.95 76.12 -18.75
CA PRO I 520 82.20 75.73 -18.10
C PRO I 520 82.82 74.47 -18.71
N GLY I 521 82.06 73.78 -19.55
CA GLY I 521 82.62 72.65 -20.27
C GLY I 521 82.83 71.44 -19.39
N THR I 522 83.93 70.74 -19.65
CA THR I 522 84.21 69.47 -18.98
C THR I 522 84.31 69.66 -17.47
N ALA I 523 83.81 68.68 -16.74
CA ALA I 523 83.85 68.71 -15.28
C ALA I 523 85.27 68.38 -14.83
N MET I 524 86.01 69.39 -14.44
CA MET I 524 87.39 69.24 -14.00
C MET I 524 87.61 69.95 -12.69
N ALA I 525 88.67 69.56 -12.00
CA ALA I 525 89.03 70.22 -10.75
C ALA I 525 89.43 71.67 -11.00
N SER I 526 88.95 72.56 -10.13
CA SER I 526 89.26 73.98 -10.29
C SER I 526 90.74 74.26 -10.15
N HIS I 527 91.41 73.61 -9.20
CA HIS I 527 92.82 73.85 -8.94
C HIS I 527 93.42 72.59 -8.34
N LYS I 528 94.71 72.66 -8.03
CA LYS I 528 95.41 71.58 -7.35
C LYS I 528 95.33 71.78 -5.85
N ASP I 529 96.10 70.99 -5.11
CA ASP I 529 96.25 71.20 -3.68
C ASP I 529 97.09 72.45 -3.42
N ASP I 530 96.70 73.20 -2.39
CA ASP I 530 97.42 74.40 -1.96
C ASP I 530 97.47 75.45 -3.07
N GLU I 531 96.43 75.51 -3.89
CA GLU I 531 96.38 76.43 -5.03
C GLU I 531 94.98 77.04 -5.15
N ASP I 532 94.33 77.29 -4.02
CA ASP I 532 92.98 77.81 -4.03
C ASP I 532 92.87 79.21 -4.62
N LYS I 533 93.99 79.90 -4.79
CA LYS I 533 94.01 81.25 -5.36
C LYS I 533 93.77 81.26 -6.86
N PHE I 534 93.77 80.11 -7.52
CA PHE I 534 93.60 80.01 -8.95
C PHE I 534 92.27 79.36 -9.29
N PHE I 535 91.65 79.84 -10.37
CA PHE I 535 90.47 79.22 -10.93
C PHE I 535 90.55 79.25 -12.45
N PRO I 536 89.94 78.28 -13.13
CA PRO I 536 89.89 78.34 -14.60
C PRO I 536 89.07 79.54 -15.05
N MET I 537 89.49 80.13 -16.16
CA MET I 537 88.92 81.41 -16.56
C MET I 537 87.42 81.30 -16.82
N SER I 538 86.99 80.23 -17.47
CA SER I 538 85.57 80.00 -17.71
C SER I 538 85.21 78.55 -17.40
N GLY I 539 85.72 78.05 -16.29
CA GLY I 539 85.50 76.66 -15.94
C GLY I 539 84.71 76.48 -14.66
N VAL I 540 84.26 77.58 -14.07
CA VAL I 540 83.59 77.54 -12.78
C VAL I 540 82.26 78.26 -12.90
N MET I 541 81.30 77.81 -12.10
CA MET I 541 80.02 78.50 -11.98
C MET I 541 80.16 79.66 -11.01
N ILE I 542 79.83 80.86 -11.47
CA ILE I 542 79.98 82.07 -10.68
C ILE I 542 78.59 82.62 -10.41
N PHE I 543 78.23 82.70 -9.15
CA PHE I 543 76.97 83.29 -8.72
C PHE I 543 77.23 84.69 -8.20
N GLY I 544 76.33 85.61 -8.53
CA GLY I 544 76.44 86.97 -8.04
C GLY I 544 75.74 87.12 -6.70
N LYS I 545 76.36 87.88 -5.81
CA LYS I 545 75.69 88.24 -4.58
C LYS I 545 74.67 89.34 -4.86
N GLU I 546 73.78 89.56 -3.91
CA GLU I 546 72.92 90.73 -4.00
C GLU I 546 73.76 91.99 -3.93
N SER I 547 73.31 93.02 -4.65
CA SER I 547 74.12 94.21 -4.90
C SER I 547 75.34 93.91 -5.76
N ALA I 548 75.15 93.07 -6.76
CA ALA I 548 76.15 92.87 -7.81
C ALA I 548 75.60 93.45 -9.11
N GLY I 549 76.42 94.24 -9.78
CA GLY I 549 76.00 94.86 -11.02
C GLY I 549 75.85 93.84 -12.13
N ALA I 550 75.21 94.30 -13.21
CA ALA I 550 75.02 93.42 -14.36
C ALA I 550 76.31 93.25 -15.16
N SER I 551 77.14 94.30 -15.22
CA SER I 551 78.34 94.29 -16.05
C SER I 551 79.53 94.80 -15.26
N ASN I 552 80.66 94.10 -15.39
CA ASN I 552 81.93 94.52 -14.80
C ASN I 552 81.82 94.74 -13.29
N THR I 553 81.11 93.85 -12.61
CA THR I 553 81.07 93.89 -11.17
C THR I 553 82.37 93.32 -10.60
N ALA I 554 82.47 93.31 -9.28
CA ALA I 554 83.73 92.99 -8.63
C ALA I 554 83.77 91.56 -8.11
N LEU I 555 85.00 91.06 -7.96
CA LEU I 555 85.24 89.77 -7.34
C LEU I 555 84.62 89.70 -5.95
N ASP I 556 84.52 90.84 -5.28
CA ASP I 556 83.86 90.89 -3.98
C ASP I 556 82.36 90.71 -4.13
N ASN I 557 81.81 91.06 -5.29
CA ASN I 557 80.38 90.94 -5.51
C ASN I 557 79.97 89.61 -6.12
N VAL I 558 80.92 88.81 -6.59
CA VAL I 558 80.58 87.49 -7.12
C VAL I 558 81.07 86.41 -6.17
N MET I 559 80.45 85.23 -6.28
CA MET I 559 80.84 84.03 -5.55
C MET I 559 81.30 82.98 -6.55
N ILE I 560 82.58 82.63 -6.52
CA ILE I 560 83.15 81.64 -7.41
C ILE I 560 83.07 80.27 -6.75
N THR I 561 82.53 79.29 -7.46
CA THR I 561 82.44 77.95 -6.92
C THR I 561 83.79 77.24 -7.04
N ASP I 562 83.88 76.10 -6.37
CA ASP I 562 85.09 75.29 -6.38
C ASP I 562 84.69 73.84 -6.65
N GLU I 563 85.49 73.15 -7.45
CA GLU I 563 85.30 71.75 -7.76
C GLU I 563 86.43 70.91 -7.19
N GLU I 564 86.80 71.19 -5.94
CA GLU I 564 87.98 70.59 -5.35
C GLU I 564 87.76 69.13 -4.99
N GLU I 565 86.51 68.69 -4.92
CA GLU I 565 86.22 67.34 -4.44
C GLU I 565 86.43 66.28 -5.51
N ILE I 566 86.51 66.67 -6.78
CA ILE I 566 86.62 65.70 -7.85
C ILE I 566 88.04 65.61 -8.39
N LYS I 567 89.03 66.05 -7.59
CA LYS I 567 90.43 65.82 -7.93
C LYS I 567 90.79 64.35 -7.93
N ALA I 568 90.00 63.51 -7.28
CA ALA I 568 90.31 62.10 -7.17
C ALA I 568 90.21 61.38 -8.51
N THR I 569 89.35 61.86 -9.40
CA THR I 569 89.12 61.20 -10.68
C THR I 569 89.23 62.11 -11.89
N ASN I 570 89.15 63.43 -11.73
CA ASN I 570 89.11 64.34 -12.85
C ASN I 570 90.40 65.14 -12.94
N PRO I 571 90.85 65.45 -14.15
CA PRO I 571 92.03 66.30 -14.30
C PRO I 571 91.75 67.71 -13.82
N VAL I 572 92.81 68.41 -13.42
CA VAL I 572 92.68 69.81 -13.03
C VAL I 572 92.43 70.64 -14.28
N ALA I 573 91.48 71.57 -14.17
CA ALA I 573 90.98 72.29 -15.34
C ALA I 573 92.04 73.13 -16.03
N THR I 574 93.03 73.61 -15.30
CA THR I 574 94.01 74.53 -15.85
C THR I 574 95.31 73.86 -16.28
N GLU I 575 95.40 72.55 -16.19
CA GLU I 575 96.62 71.84 -16.55
C GLU I 575 96.33 70.76 -17.58
N ARG I 576 97.41 70.30 -18.21
CA ARG I 576 97.29 69.34 -19.29
C ARG I 576 96.77 68.00 -18.77
N PHE I 577 96.16 67.24 -19.67
CA PHE I 577 95.80 65.86 -19.32
C PHE I 577 97.04 65.04 -19.04
N GLY I 578 98.08 65.24 -19.84
CA GLY I 578 99.31 64.49 -19.67
C GLY I 578 100.22 64.73 -20.86
N THR I 579 101.21 63.87 -20.99
CA THR I 579 102.15 63.91 -22.09
C THR I 579 101.98 62.68 -22.96
N VAL I 580 102.42 62.81 -24.21
CA VAL I 580 102.32 61.74 -25.19
C VAL I 580 103.61 61.72 -26.00
N ALA I 581 104.03 60.52 -26.40
CA ALA I 581 105.18 60.41 -27.28
C ALA I 581 104.84 60.95 -28.65
N VAL I 582 105.78 61.64 -29.27
CA VAL I 582 105.52 62.29 -30.56
C VAL I 582 106.53 61.91 -31.63
N ASN I 583 107.47 61.01 -31.35
CA ASN I 583 108.46 60.62 -32.35
C ASN I 583 108.92 59.21 -32.04
N PHE I 584 109.92 58.75 -32.79
CA PHE I 584 110.59 57.48 -32.56
C PHE I 584 111.99 57.77 -32.03
N GLN I 585 112.29 57.28 -30.83
CA GLN I 585 113.64 57.38 -30.32
C GLN I 585 114.53 56.34 -30.99
N SER I 586 115.78 56.72 -31.22
CA SER I 586 116.73 55.81 -31.86
C SER I 586 118.14 56.25 -31.50
N SER I 587 119.08 55.35 -31.71
CA SER I 587 120.50 55.62 -31.50
C SER I 587 121.17 55.96 -32.83
N SER I 588 122.34 56.57 -32.74
CA SER I 588 123.11 56.90 -33.92
C SER I 588 123.65 55.63 -34.57
N THR I 589 123.76 55.67 -35.90
CA THR I 589 124.28 54.53 -36.66
C THR I 589 125.21 55.01 -37.77
N VAL I 592 122.76 55.39 -40.23
CA VAL I 592 121.98 56.60 -40.02
C VAL I 592 122.53 57.37 -38.84
N PRO I 593 123.58 58.17 -39.07
CA PRO I 593 124.23 58.86 -37.95
C PRO I 593 123.48 60.10 -37.51
N PHE I 594 122.16 60.00 -37.37
CA PHE I 594 121.31 61.08 -36.88
C PHE I 594 120.53 60.52 -35.69
N LYS I 595 121.13 60.64 -34.51
CA LYS I 595 120.49 60.18 -33.28
C LYS I 595 119.22 60.97 -33.02
N THR I 596 118.15 60.26 -32.62
CA THR I 596 116.86 60.88 -32.34
C THR I 596 116.54 60.70 -30.86
N ASP I 597 116.54 61.81 -30.13
CA ASP I 597 116.11 61.77 -28.74
C ASP I 597 114.60 61.58 -28.66
N PRO I 598 114.12 60.85 -27.66
CA PRO I 598 112.67 60.75 -27.46
C PRO I 598 112.07 62.10 -27.15
N ALA I 599 110.86 62.32 -27.66
CA ALA I 599 110.18 63.60 -27.51
C ALA I 599 108.74 63.39 -27.09
N THR I 600 108.29 64.20 -26.15
CA THR I 600 106.93 64.17 -25.65
C THR I 600 106.28 65.53 -25.88
N GLY I 601 104.97 65.51 -26.01
CA GLY I 601 104.19 66.73 -26.11
C GLY I 601 103.04 66.71 -25.14
N ASP I 602 102.67 67.90 -24.68
CA ASP I 602 101.58 68.04 -23.73
C ASP I 602 100.25 67.84 -24.43
N VAL I 603 99.34 67.14 -23.75
CA VAL I 603 98.00 66.86 -24.26
C VAL I 603 97.06 67.79 -23.53
N HIS I 604 96.53 68.78 -24.25
CA HIS I 604 95.71 69.82 -23.63
C HIS I 604 94.22 69.53 -23.70
N ALA I 605 93.77 68.91 -24.79
CA ALA I 605 92.40 68.47 -24.94
C ALA I 605 92.40 66.98 -25.21
N MET I 606 91.74 66.20 -24.35
CA MET I 606 91.70 64.76 -24.47
C MET I 606 90.24 64.32 -24.50
N GLY I 607 89.86 63.63 -25.57
CA GLY I 607 88.54 63.05 -25.65
C GLY I 607 88.47 61.75 -24.89
N ALA I 608 87.29 61.13 -24.92
CA ALA I 608 87.04 59.93 -24.13
C ALA I 608 87.86 58.77 -24.67
N LEU I 609 88.65 58.16 -23.80
CA LEU I 609 89.36 56.92 -24.03
C LEU I 609 88.71 55.80 -23.22
N PRO I 610 88.71 54.57 -23.72
CA PRO I 610 88.20 53.46 -22.90
C PRO I 610 89.05 53.28 -21.66
N GLY I 611 88.38 52.98 -20.55
CA GLY I 611 89.00 52.94 -19.26
C GLY I 611 88.93 54.24 -18.49
N MET I 612 88.44 55.31 -19.10
CA MET I 612 88.30 56.59 -18.43
C MET I 612 87.15 56.57 -17.44
N VAL I 613 87.36 57.20 -16.28
CA VAL I 613 86.33 57.38 -15.27
C VAL I 613 86.37 58.83 -14.82
N TRP I 614 85.20 59.38 -14.52
CA TRP I 614 85.11 60.77 -14.12
C TRP I 614 83.88 61.01 -13.27
N GLN I 615 83.87 62.14 -12.60
CA GLN I 615 82.70 62.65 -11.91
C GLN I 615 82.11 63.83 -12.66
N ASP I 616 80.81 64.01 -12.52
CA ASP I 616 80.13 65.14 -13.14
C ASP I 616 80.27 66.38 -12.27
N ARG I 617 79.82 67.51 -12.78
CA ARG I 617 79.85 68.75 -12.01
C ARG I 617 78.87 68.66 -10.84
N ASP I 618 79.21 69.37 -9.78
CA ASP I 618 78.36 69.44 -8.60
C ASP I 618 77.15 70.32 -8.86
N VAL I 619 76.08 70.06 -8.11
CA VAL I 619 74.92 70.93 -8.11
C VAL I 619 74.97 71.79 -6.85
N TYR I 620 74.36 72.96 -6.93
CA TYR I 620 74.38 73.93 -5.85
C TYR I 620 72.96 74.34 -5.51
N LEU I 621 72.78 74.85 -4.30
CA LEU I 621 71.47 75.32 -3.88
C LEU I 621 70.97 76.44 -4.78
N GLN I 622 71.87 77.26 -5.30
CA GLN I 622 71.53 78.35 -6.20
C GLN I 622 71.56 77.95 -7.67
N GLY I 623 71.88 76.70 -7.98
CA GLY I 623 72.11 76.29 -9.34
C GLY I 623 70.93 75.59 -9.98
N PRO I 624 71.06 75.28 -11.27
CA PRO I 624 69.96 74.63 -11.99
C PRO I 624 69.78 73.18 -11.57
N ILE I 625 68.57 72.69 -11.75
CA ILE I 625 68.23 71.30 -11.43
C ILE I 625 68.38 70.40 -12.65
N TRP I 626 67.76 70.76 -13.76
CA TRP I 626 67.71 69.89 -14.92
C TRP I 626 68.02 70.68 -16.18
N ALA I 627 68.12 69.95 -17.28
CA ALA I 627 68.24 70.53 -18.60
C ALA I 627 67.66 69.54 -19.61
N LYS I 628 67.01 70.06 -20.64
CA LYS I 628 66.55 69.21 -21.73
C LYS I 628 67.73 68.75 -22.58
N ILE I 629 67.83 67.45 -22.79
CA ILE I 629 68.84 66.92 -23.69
C ILE I 629 68.42 67.19 -25.13
N PRO I 630 69.27 67.80 -25.95
CA PRO I 630 68.87 68.11 -27.32
C PRO I 630 68.48 66.85 -28.09
N HIS I 631 67.44 66.98 -28.91
CA HIS I 631 66.96 65.85 -29.72
C HIS I 631 67.85 65.73 -30.94
N THR I 632 68.94 64.99 -30.76
CA THR I 632 69.94 64.76 -31.79
C THR I 632 70.11 63.26 -32.02
N ASP I 633 70.81 62.93 -33.10
CA ASP I 633 71.11 61.53 -33.39
C ASP I 633 72.03 60.94 -32.34
N GLY I 634 73.05 61.67 -31.93
CA GLY I 634 74.00 61.17 -30.96
C GLY I 634 74.29 62.19 -29.88
N HIS I 635 74.63 61.67 -28.72
CA HIS I 635 75.10 62.46 -27.61
C HIS I 635 75.91 61.57 -26.69
N PHE I 636 76.98 62.10 -26.13
CA PHE I 636 77.86 61.34 -25.27
C PHE I 636 77.69 61.83 -23.84
N HIS I 637 77.24 60.93 -22.96
CA HIS I 637 77.05 61.20 -21.53
C HIS I 637 76.22 62.46 -21.33
N PRO I 638 74.93 62.41 -21.64
CA PRO I 638 74.12 63.65 -21.73
C PRO I 638 73.79 64.24 -20.36
N SER I 639 74.83 64.55 -19.60
CA SER I 639 74.70 65.26 -18.35
C SER I 639 75.03 66.73 -18.58
N PRO I 640 74.15 67.66 -18.18
CA PRO I 640 74.37 69.07 -18.50
C PRO I 640 75.68 69.58 -17.92
N LEU I 641 76.34 70.46 -18.68
CA LEU I 641 77.66 70.90 -18.27
C LEU I 641 77.59 71.92 -17.14
N MET I 642 76.45 72.59 -16.96
CA MET I 642 76.27 73.42 -15.77
C MET I 642 75.99 72.61 -14.53
N GLY I 643 75.70 71.33 -14.66
CA GLY I 643 75.35 70.50 -13.54
C GLY I 643 73.86 70.22 -13.49
N GLY I 644 73.51 69.06 -12.97
CA GLY I 644 72.12 68.70 -12.85
C GLY I 644 71.76 67.43 -13.59
N PHE I 645 70.48 67.26 -13.86
CA PHE I 645 69.95 66.07 -14.50
C PHE I 645 69.59 66.41 -15.95
N GLY I 646 70.15 65.65 -16.88
CA GLY I 646 69.75 65.77 -18.26
C GLY I 646 68.55 64.90 -18.52
N LEU I 647 67.45 65.49 -18.98
CA LEU I 647 66.21 64.75 -19.21
C LEU I 647 65.83 64.85 -20.67
N LYS I 648 65.47 63.73 -21.27
CA LYS I 648 64.96 63.76 -22.65
C LYS I 648 63.60 64.42 -22.69
N ASN I 649 62.73 64.11 -21.74
CA ASN I 649 61.45 64.78 -21.56
C ASN I 649 61.50 65.51 -20.23
N PRO I 650 62.01 66.74 -20.19
CA PRO I 650 62.09 67.47 -18.93
C PRO I 650 60.72 67.96 -18.51
N PRO I 651 60.59 68.57 -17.34
CA PRO I 651 59.35 69.22 -16.98
C PRO I 651 58.98 70.26 -18.03
N PRO I 652 57.76 70.21 -18.56
CA PRO I 652 57.40 71.09 -19.65
C PRO I 652 57.25 72.53 -19.21
N GLN I 653 57.34 73.43 -20.18
CA GLN I 653 57.18 74.84 -19.92
C GLN I 653 55.72 75.17 -19.70
N ILE I 654 55.44 75.91 -18.63
CA ILE I 654 54.11 76.44 -18.36
C ILE I 654 54.11 77.90 -18.82
N LEU I 655 53.26 78.20 -19.78
CA LEU I 655 53.21 79.52 -20.40
C LEU I 655 51.89 80.18 -20.05
N ILE I 656 51.97 81.45 -19.68
CA ILE I 656 50.84 82.18 -19.13
C ILE I 656 50.83 83.57 -19.74
N LYS I 657 49.65 84.08 -20.04
CA LYS I 657 49.56 85.46 -20.46
C LYS I 657 48.18 86.00 -20.12
N ASN I 658 48.08 87.32 -20.07
CA ASN I 658 46.79 87.98 -19.86
C ASN I 658 46.05 88.02 -21.18
N THR I 659 44.79 87.61 -21.18
CA THR I 659 44.00 87.73 -22.39
C THR I 659 43.78 89.22 -22.70
N PRO I 660 44.06 89.67 -23.92
CA PRO I 660 43.87 91.10 -24.23
C PRO I 660 42.41 91.50 -24.11
N VAL I 661 42.19 92.67 -23.52
CA VAL I 661 40.87 93.28 -23.43
C VAL I 661 40.89 94.55 -24.26
N PRO I 662 40.21 94.60 -25.40
CA PRO I 662 40.24 95.80 -26.23
C PRO I 662 39.57 96.98 -25.56
N ALA I 663 40.04 98.17 -25.90
CA ALA I 663 39.40 99.39 -25.46
C ALA I 663 38.17 99.67 -26.34
N ASN I 664 37.63 100.87 -26.23
CA ASN I 664 36.40 101.21 -26.93
C ASN I 664 36.62 101.19 -28.44
N PRO I 665 35.89 100.36 -29.19
CA PRO I 665 36.05 100.32 -30.64
C PRO I 665 35.38 101.52 -31.30
N PRO I 666 35.73 101.83 -32.54
CA PRO I 666 35.07 102.94 -33.24
C PRO I 666 33.62 102.61 -33.56
N ALA I 667 32.84 103.67 -33.82
CA ALA I 667 31.44 103.50 -34.17
C ALA I 667 31.28 102.81 -35.52
N GLU I 668 32.12 103.15 -36.49
CA GLU I 668 32.15 102.51 -37.80
C GLU I 668 33.17 101.38 -37.82
N PHE I 669 32.91 100.39 -38.64
CA PHE I 669 33.76 99.21 -38.72
C PHE I 669 35.09 99.54 -39.37
N SER I 670 36.16 98.99 -38.82
CA SER I 670 37.50 99.10 -39.38
C SER I 670 38.16 97.73 -39.35
N ALA I 671 38.69 97.30 -40.48
CA ALA I 671 39.34 96.00 -40.55
C ALA I 671 40.77 96.02 -40.01
N THR I 672 41.32 97.21 -39.76
CA THR I 672 42.62 97.29 -39.14
C THR I 672 42.59 96.63 -37.77
N LYS I 673 43.59 95.81 -37.48
CA LYS I 673 43.60 95.05 -36.24
C LYS I 673 43.69 96.00 -35.04
N PHE I 674 43.13 95.56 -33.93
CA PHE I 674 43.06 96.38 -32.74
C PHE I 674 44.45 96.68 -32.21
N ALA I 675 44.67 97.94 -31.83
CA ALA I 675 45.92 98.34 -31.21
C ALA I 675 45.70 99.02 -29.87
N SER I 676 44.47 99.37 -29.54
CA SER I 676 44.13 100.02 -28.28
C SER I 676 43.56 98.97 -27.34
N PHE I 677 44.25 98.73 -26.24
CA PHE I 677 43.85 97.72 -25.28
C PHE I 677 43.73 98.34 -23.89
N ILE I 678 42.90 97.72 -23.07
CA ILE I 678 42.78 98.08 -21.67
C ILE I 678 44.01 97.56 -20.94
N THR I 679 44.72 98.44 -20.26
CA THR I 679 45.99 98.08 -19.63
C THR I 679 45.72 97.31 -18.36
N GLN I 680 46.27 96.10 -18.27
CA GLN I 680 46.03 95.29 -17.09
C GLN I 680 47.17 94.32 -16.86
N TYR I 681 47.24 93.83 -15.63
CA TYR I 681 48.19 92.81 -15.24
C TYR I 681 47.45 91.79 -14.41
N SER I 682 48.14 90.73 -13.98
CA SER I 682 47.53 89.74 -13.13
C SER I 682 48.50 89.34 -12.02
N THR I 683 47.94 88.84 -10.93
CA THR I 683 48.71 88.36 -9.81
C THR I 683 48.10 87.06 -9.34
N GLY I 684 48.89 86.28 -8.62
CA GLY I 684 48.34 85.03 -8.13
C GLY I 684 49.38 84.26 -7.33
N GLN I 685 49.03 83.02 -7.02
CA GLN I 685 49.88 82.12 -6.26
C GLN I 685 50.21 80.90 -7.11
N VAL I 686 51.44 80.44 -6.99
CA VAL I 686 51.92 79.26 -7.70
C VAL I 686 52.52 78.29 -6.69
N SER I 687 52.16 77.02 -6.80
CA SER I 687 52.68 75.97 -5.95
C SER I 687 53.39 74.94 -6.80
N VAL I 688 54.58 74.53 -6.37
CA VAL I 688 55.31 73.44 -6.99
C VAL I 688 55.68 72.45 -5.90
N GLU I 689 55.34 71.18 -6.10
CA GLU I 689 55.67 70.12 -5.17
C GLU I 689 56.50 69.07 -5.91
N ILE I 690 57.72 68.82 -5.44
CA ILE I 690 58.57 67.79 -6.04
C ILE I 690 58.85 66.72 -5.01
N GLU I 691 58.60 65.47 -5.39
CA GLU I 691 59.08 64.31 -4.68
C GLU I 691 60.44 63.92 -5.22
N TRP I 692 61.41 63.76 -4.33
CA TRP I 692 62.78 63.35 -4.63
C TRP I 692 63.08 62.03 -3.94
N GLU I 693 63.71 61.13 -4.68
CA GLU I 693 64.23 59.89 -4.13
C GLU I 693 65.64 60.10 -3.63
N LEU I 694 65.89 59.58 -2.43
CA LEU I 694 67.17 59.68 -1.75
C LEU I 694 67.93 58.36 -1.84
N GLN I 695 69.25 58.47 -1.79
CA GLN I 695 70.14 57.32 -1.76
C GLN I 695 71.01 57.52 -0.54
N LYS I 696 70.71 56.74 0.51
CA LYS I 696 71.31 56.90 1.81
C LYS I 696 72.76 56.42 1.82
N GLU I 697 73.56 57.04 2.67
CA GLU I 697 74.92 56.56 2.90
C GLU I 697 74.87 55.21 3.60
N ASN I 698 75.82 54.34 3.27
CA ASN I 698 75.98 53.05 3.93
C ASN I 698 77.43 52.85 4.36
N SER I 699 78.05 53.92 4.86
CA SER I 699 79.50 53.94 5.02
C SER I 699 79.93 53.17 6.25
N LYS I 700 81.12 52.57 6.15
CA LYS I 700 81.78 51.92 7.27
C LYS I 700 82.96 52.72 7.77
N ARG I 701 83.07 53.98 7.36
CA ARG I 701 84.15 54.86 7.78
C ARG I 701 84.11 55.07 9.29
N TRP I 702 85.28 55.06 9.91
CA TRP I 702 85.37 55.16 11.35
C TRP I 702 85.41 56.60 11.84
N ASN I 703 86.29 57.42 11.28
CA ASN I 703 86.42 58.80 11.70
C ASN I 703 85.24 59.63 11.23
N PRO I 704 84.96 60.74 11.88
CA PRO I 704 83.82 61.57 11.48
C PRO I 704 84.01 62.19 10.11
N GLU I 705 82.88 62.41 9.43
CA GLU I 705 82.86 62.97 8.09
C GLU I 705 82.90 64.49 8.14
N VAL I 706 83.24 65.07 7.00
CA VAL I 706 83.11 66.51 6.79
C VAL I 706 81.64 66.82 6.52
N GLN I 707 81.10 67.79 7.24
CA GLN I 707 79.72 68.20 7.09
C GLN I 707 79.66 69.68 6.76
N TYR I 708 78.60 70.09 6.06
CA TYR I 708 78.34 71.51 5.93
C TYR I 708 77.74 72.02 7.23
N THR I 709 78.32 73.08 7.77
CA THR I 709 77.88 73.59 9.06
C THR I 709 77.81 75.12 9.01
N SER I 710 76.94 75.66 9.85
CA SER I 710 76.96 77.07 10.15
C SER I 710 78.16 77.39 11.03
N ASN I 711 78.71 78.58 10.86
CA ASN I 711 79.80 79.03 11.71
C ASN I 711 79.23 79.51 13.04
N TYR I 712 79.77 79.02 14.14
CA TYR I 712 79.41 79.48 15.47
C TYR I 712 80.34 80.64 15.80
N ALA I 713 79.79 81.84 15.86
CA ALA I 713 80.57 83.03 16.21
C ALA I 713 79.61 84.20 16.25
N LYS I 714 79.94 85.17 17.10
CA LYS I 714 79.16 86.40 17.09
C LYS I 714 79.34 87.09 15.75
N SER I 715 78.22 87.28 15.05
CA SER I 715 78.22 87.93 13.76
C SER I 715 77.10 88.97 13.74
N ALA I 716 77.28 90.00 12.93
CA ALA I 716 76.27 91.06 12.84
C ALA I 716 74.96 90.51 12.28
N ASN I 717 75.04 89.51 11.41
CA ASN I 717 73.87 88.89 10.80
C ASN I 717 73.97 87.38 10.91
N VAL I 718 72.85 86.72 10.68
CA VAL I 718 72.81 85.27 10.53
C VAL I 718 72.83 84.94 9.06
N ASP I 719 73.56 83.90 8.69
CA ASP I 719 73.66 83.49 7.30
C ASP I 719 72.33 82.96 6.79
N PHE I 720 72.05 83.26 5.52
CA PHE I 720 70.81 82.83 4.87
C PHE I 720 69.58 83.37 5.57
N THR I 721 69.62 84.66 5.91
CA THR I 721 68.50 85.33 6.54
C THR I 721 68.26 86.68 5.88
N VAL I 722 67.39 87.49 6.46
CA VAL I 722 67.14 88.84 6.00
C VAL I 722 67.97 89.78 6.84
N ASP I 723 68.23 90.97 6.31
CA ASP I 723 68.91 92.01 7.06
C ASP I 723 67.87 92.95 7.67
N ASN I 724 68.32 94.06 8.24
CA ASN I 724 67.39 95.02 8.82
C ASN I 724 66.54 95.72 7.77
N ASN I 725 66.93 95.67 6.51
CA ASN I 725 66.13 96.23 5.43
C ASN I 725 65.16 95.24 4.82
N GLY I 726 65.20 93.98 5.23
CA GLY I 726 64.32 92.98 4.68
C GLY I 726 64.81 92.24 3.47
N LEU I 727 66.10 92.32 3.17
CA LEU I 727 66.66 91.73 1.96
C LEU I 727 67.25 90.37 2.28
N TYR I 728 66.70 89.32 1.67
CA TYR I 728 67.23 87.98 1.83
C TYR I 728 68.50 87.83 1.00
N THR I 729 69.55 87.29 1.63
CA THR I 729 70.83 87.09 0.97
C THR I 729 71.33 85.69 1.26
N GLU I 730 72.09 85.15 0.30
CA GLU I 730 72.76 83.87 0.47
C GLU I 730 74.27 84.12 0.49
N PRO I 731 74.93 83.94 1.63
CA PRO I 731 76.35 84.32 1.74
C PRO I 731 77.31 83.55 0.84
N ARG I 732 77.02 82.30 0.56
CA ARG I 732 77.96 81.45 -0.17
C ARG I 732 77.18 80.42 -0.96
N PRO I 733 77.77 79.87 -2.02
CA PRO I 733 77.16 78.72 -2.70
C PRO I 733 77.50 77.43 -1.98
N ILE I 734 76.49 76.58 -1.78
CA ILE I 734 76.66 75.31 -1.09
C ILE I 734 76.53 74.19 -2.11
N GLY I 735 77.57 73.35 -2.18
CA GLY I 735 77.52 72.16 -3.01
C GLY I 735 76.89 70.99 -2.29
N THR I 736 77.17 69.80 -2.78
CA THR I 736 76.57 68.58 -2.25
C THR I 736 77.59 67.60 -1.70
N ARG I 737 78.84 67.67 -2.13
CA ARG I 737 79.81 66.60 -1.89
C ARG I 737 80.48 66.81 -0.54
N TYR I 738 79.89 66.25 0.52
CA TYR I 738 80.46 66.36 1.86
C TYR I 738 80.77 64.97 2.41
N LEU I 739 79.80 64.07 2.33
CA LEU I 739 80.06 62.68 2.67
C LEU I 739 81.05 62.09 1.68
N THR I 740 81.69 60.98 2.06
CA THR I 740 82.66 60.34 1.19
C THR I 740 82.31 58.88 1.01
N ARG I 741 82.88 58.29 -0.03
CA ARG I 741 82.78 56.86 -0.26
C ARG I 741 84.05 56.40 -0.95
N PRO I 742 84.43 55.13 -0.83
CA PRO I 742 85.64 54.65 -1.49
C PRO I 742 85.47 54.59 -3.00
N LEU I 743 86.57 54.84 -3.70
CA LEU I 743 86.54 54.93 -5.15
C LEU I 743 86.40 53.55 -5.81
N ASP J 219 27.46 80.90 -15.89
CA ASP J 219 28.02 80.07 -14.83
C ASP J 219 28.69 80.91 -13.74
N GLY J 220 28.59 82.23 -13.86
CA GLY J 220 29.07 83.13 -12.84
C GLY J 220 30.01 84.18 -13.40
N VAL J 221 30.23 85.20 -12.58
CA VAL J 221 31.14 86.29 -12.94
C VAL J 221 32.59 85.83 -12.92
N GLY J 222 32.97 85.03 -11.93
CA GLY J 222 34.37 84.67 -11.76
C GLY J 222 34.76 83.32 -12.31
N ASN J 223 33.94 82.77 -13.20
CA ASN J 223 34.18 81.47 -13.79
C ASN J 223 34.19 81.63 -15.31
N ALA J 224 35.27 81.18 -15.95
CA ALA J 224 35.36 81.27 -17.40
C ALA J 224 34.42 80.28 -18.06
N SER J 225 33.76 80.72 -19.13
CA SER J 225 32.78 79.89 -19.81
C SER J 225 33.36 79.15 -21.00
N GLY J 226 34.66 79.23 -21.23
CA GLY J 226 35.27 78.44 -22.29
C GLY J 226 36.77 78.57 -22.24
N ASN J 227 37.42 77.73 -23.01
CA ASN J 227 38.87 77.68 -23.09
C ASN J 227 39.32 78.03 -24.49
N TRP J 228 40.62 78.30 -24.62
CA TRP J 228 41.22 78.62 -25.91
C TRP J 228 41.50 77.32 -26.64
N HIS J 229 40.79 77.09 -27.74
CA HIS J 229 40.95 75.89 -28.55
C HIS J 229 41.41 76.31 -29.94
N CYS J 230 42.71 76.36 -30.14
CA CYS J 230 43.30 76.68 -31.43
C CYS J 230 44.31 75.58 -31.77
N ASP J 231 43.98 74.75 -32.73
CA ASP J 231 44.74 73.52 -32.97
C ASP J 231 44.45 73.05 -34.38
N SER J 232 45.12 71.96 -34.76
CA SER J 232 44.85 71.29 -36.02
C SER J 232 45.25 69.83 -35.87
N THR J 233 44.29 68.93 -36.02
CA THR J 233 44.52 67.50 -35.85
C THR J 233 44.36 66.83 -37.20
N TRP J 234 45.37 66.06 -37.60
CA TRP J 234 45.36 65.36 -38.88
C TRP J 234 45.14 63.88 -38.61
N LEU J 235 43.98 63.38 -39.03
CA LEU J 235 43.71 61.96 -39.00
C LEU J 235 44.04 61.39 -40.38
N GLY J 236 43.66 60.15 -40.64
CA GLY J 236 44.00 59.54 -41.90
C GLY J 236 43.38 60.24 -43.10
N ASP J 237 42.07 60.46 -43.05
CA ASP J 237 41.35 61.07 -44.16
C ASP J 237 40.62 62.33 -43.76
N ARG J 238 40.74 62.77 -42.51
CA ARG J 238 40.11 63.99 -42.04
C ARG J 238 41.20 64.91 -41.50
N VAL J 239 40.89 66.20 -41.50
CA VAL J 239 41.65 67.17 -40.72
C VAL J 239 40.66 68.06 -39.99
N ILE J 240 40.88 68.25 -38.69
CA ILE J 240 40.02 69.09 -37.87
C ILE J 240 40.81 70.33 -37.49
N THR J 241 40.33 71.49 -37.91
CA THR J 241 40.96 72.76 -37.62
C THR J 241 40.11 73.54 -36.62
N THR J 242 40.73 73.95 -35.52
CA THR J 242 40.08 74.78 -34.51
C THR J 242 40.77 76.13 -34.43
N SER J 243 39.98 77.18 -34.31
CA SER J 243 40.50 78.54 -34.25
C SER J 243 39.74 79.33 -33.21
N THR J 244 40.46 79.92 -32.27
CA THR J 244 39.89 80.85 -31.30
C THR J 244 40.46 82.23 -31.55
N ARG J 245 39.59 83.23 -31.49
CA ARG J 245 39.97 84.63 -31.66
C ARG J 245 39.29 85.48 -30.62
N THR J 246 39.84 86.66 -30.38
CA THR J 246 39.25 87.64 -29.50
C THR J 246 38.59 88.73 -30.34
N TRP J 247 37.32 88.98 -30.06
CA TRP J 247 36.52 89.93 -30.81
C TRP J 247 36.08 91.08 -29.93
N ALA J 248 35.89 92.23 -30.56
CA ALA J 248 35.28 93.41 -29.97
C ALA J 248 34.09 93.82 -30.81
N LEU J 249 32.94 94.00 -30.16
CA LEU J 249 31.69 94.39 -30.80
C LEU J 249 31.25 95.74 -30.26
N PRO J 250 31.19 96.77 -31.09
CA PRO J 250 30.68 98.06 -30.61
C PRO J 250 29.18 98.17 -30.74
N THR J 251 28.64 99.34 -30.40
CA THR J 251 27.25 99.65 -30.70
C THR J 251 27.19 100.33 -32.05
N TYR J 252 26.38 99.78 -32.94
CA TYR J 252 26.25 100.27 -34.31
C TYR J 252 24.97 101.07 -34.45
N ASN J 253 25.06 102.25 -35.07
CA ASN J 253 23.92 103.09 -35.43
C ASN J 253 23.19 103.66 -34.24
N ASN J 254 23.78 103.62 -33.04
CA ASN J 254 23.09 103.96 -31.80
C ASN J 254 21.83 103.13 -31.63
N HIS J 255 21.95 101.82 -31.89
CA HIS J 255 20.86 100.86 -31.72
C HIS J 255 19.70 101.12 -32.69
N LEU J 256 19.99 101.75 -33.82
CA LEU J 256 18.95 102.15 -34.75
C LEU J 256 19.05 101.36 -36.05
N TYR J 257 17.91 101.12 -36.67
CA TYR J 257 17.84 100.63 -38.04
C TYR J 257 17.73 101.85 -38.95
N LYS J 258 18.63 101.95 -39.91
CA LYS J 258 18.66 103.11 -40.79
C LYS J 258 18.49 102.66 -42.23
N GLN J 259 17.75 103.44 -43.00
CA GLN J 259 17.57 103.19 -44.42
C GLN J 259 18.68 103.90 -45.19
N ILE J 260 19.40 103.15 -46.01
CA ILE J 260 20.53 103.68 -46.75
C ILE J 260 20.24 103.55 -48.24
N SER J 261 20.71 104.52 -49.01
CA SER J 261 20.57 104.50 -50.45
C SER J 261 21.68 105.35 -51.05
N SER J 262 21.62 105.54 -52.37
CA SER J 262 22.63 106.30 -53.10
C SER J 262 22.16 107.70 -53.45
N ALA J 263 21.01 108.12 -52.93
CA ALA J 263 20.43 109.41 -53.30
C ALA J 263 21.34 110.57 -52.88
N SER J 264 21.85 110.53 -51.66
CA SER J 264 22.79 111.57 -51.23
C SER J 264 24.15 111.39 -51.87
N THR J 265 24.53 110.15 -52.17
CA THR J 265 25.82 109.90 -52.78
C THR J 265 25.90 110.52 -54.17
N GLY J 266 24.80 110.50 -54.91
CA GLY J 266 24.81 111.00 -56.27
C GLY J 266 25.66 110.15 -57.20
N ALA J 267 25.51 108.83 -57.13
CA ALA J 267 26.30 107.91 -57.91
C ALA J 267 25.75 107.79 -59.33
N SER J 268 26.44 107.01 -60.15
CA SER J 268 25.98 106.72 -61.50
C SER J 268 24.84 105.70 -61.43
N ASN J 269 24.16 105.53 -62.57
CA ASN J 269 23.04 104.60 -62.62
C ASN J 269 23.47 103.17 -62.30
N ASP J 270 24.72 102.83 -62.58
CA ASP J 270 25.22 101.49 -62.31
C ASP J 270 25.47 101.24 -60.83
N ASN J 271 25.67 102.29 -60.04
CA ASN J 271 26.04 102.17 -58.64
C ASN J 271 24.90 102.52 -57.70
N HIS J 272 23.69 102.67 -58.22
CA HIS J 272 22.55 102.97 -57.37
C HIS J 272 22.19 101.78 -56.50
N TYR J 273 21.73 102.06 -55.29
CA TYR J 273 21.33 100.99 -54.39
C TYR J 273 20.32 101.52 -53.38
N PHE J 274 19.62 100.57 -52.75
CA PHE J 274 18.69 100.86 -51.67
C PHE J 274 18.78 99.70 -50.70
N GLY J 275 18.85 100.01 -49.41
CA GLY J 275 18.95 98.95 -48.43
C GLY J 275 18.81 99.47 -47.03
N TYR J 276 19.27 98.65 -46.08
CA TYR J 276 19.14 98.96 -44.67
C TYR J 276 20.41 98.62 -43.93
N SER J 277 20.71 99.44 -42.92
CA SER J 277 21.81 99.24 -42.00
C SER J 277 21.23 98.85 -40.66
N THR J 278 21.65 97.71 -40.11
CA THR J 278 21.10 97.30 -38.84
C THR J 278 22.08 97.60 -37.72
N PRO J 279 21.63 97.63 -36.47
CA PRO J 279 22.56 97.76 -35.34
C PRO J 279 23.30 96.48 -34.98
N TRP J 280 23.12 95.41 -35.74
CA TRP J 280 23.73 94.13 -35.46
C TRP J 280 25.07 94.01 -36.17
N GLY J 281 25.96 93.20 -35.58
CA GLY J 281 27.14 92.72 -36.26
C GLY J 281 26.98 91.24 -36.55
N TYR J 282 27.88 90.72 -37.36
CA TYR J 282 27.84 89.31 -37.71
C TYR J 282 29.23 88.71 -37.61
N PHE J 283 29.26 87.39 -37.42
CA PHE J 283 30.50 86.65 -37.35
C PHE J 283 30.81 86.02 -38.70
N ASP J 284 32.03 86.25 -39.17
CA ASP J 284 32.47 85.76 -40.48
C ASP J 284 33.74 84.95 -40.32
N PHE J 285 33.72 83.72 -40.82
CA PHE J 285 34.92 82.90 -40.87
C PHE J 285 34.96 82.21 -42.23
N ASN J 286 34.68 82.96 -43.29
CA ASN J 286 34.60 82.45 -44.63
C ASN J 286 35.88 82.71 -45.43
N ARG J 287 37.03 82.59 -44.80
CA ARG J 287 38.31 82.58 -45.49
C ARG J 287 39.12 81.39 -44.98
N PHE J 288 39.99 80.88 -45.84
CA PHE J 288 40.70 79.66 -45.49
C PHE J 288 41.75 79.90 -44.41
N HIS J 289 42.31 81.09 -44.33
CA HIS J 289 43.32 81.37 -43.32
C HIS J 289 42.74 81.64 -41.94
N CYS J 290 41.40 81.74 -41.83
CA CYS J 290 40.78 81.74 -40.51
C CYS J 290 40.89 80.38 -39.85
N HIS J 291 41.20 79.34 -40.61
CA HIS J 291 41.23 77.98 -40.12
C HIS J 291 42.55 77.27 -40.31
N PHE J 292 43.29 77.57 -41.37
CA PHE J 292 44.55 76.92 -41.65
C PHE J 292 45.70 77.88 -41.41
N SER J 293 46.71 77.43 -40.67
CA SER J 293 47.97 78.10 -40.68
C SER J 293 48.64 77.86 -42.03
N PRO J 294 49.61 78.70 -42.41
CA PRO J 294 50.32 78.43 -43.67
C PRO J 294 50.99 77.07 -43.71
N ARG J 295 51.51 76.59 -42.58
CA ARG J 295 52.07 75.26 -42.53
C ARG J 295 51.01 74.19 -42.77
N ASP J 296 49.83 74.35 -42.16
CA ASP J 296 48.75 73.39 -42.39
C ASP J 296 48.26 73.43 -43.82
N TRP J 297 48.19 74.63 -44.41
CA TRP J 297 47.80 74.75 -45.81
C TRP J 297 48.79 74.05 -46.72
N GLN J 298 50.09 74.23 -46.46
CA GLN J 298 51.10 73.54 -47.24
C GLN J 298 51.01 72.03 -47.08
N ARG J 299 50.78 71.57 -45.85
CA ARG J 299 50.61 70.15 -45.60
C ARG J 299 49.41 69.59 -46.36
N LEU J 300 48.32 70.35 -46.43
CA LEU J 300 47.14 69.91 -47.16
C LEU J 300 47.40 69.86 -48.66
N ILE J 301 47.94 70.94 -49.23
CA ILE J 301 48.03 71.05 -50.68
C ILE J 301 49.18 70.25 -51.26
N ASN J 302 50.18 69.90 -50.47
CA ASN J 302 51.28 69.10 -50.99
C ASN J 302 50.99 67.62 -50.96
N ASN J 303 49.92 67.21 -50.31
CA ASN J 303 49.68 65.80 -50.05
C ASN J 303 48.31 65.31 -50.46
N ASN J 304 47.35 66.18 -50.70
CA ASN J 304 45.99 65.76 -50.96
C ASN J 304 45.56 66.13 -52.37
N TRP J 305 44.84 65.22 -53.02
CA TRP J 305 44.25 65.49 -54.32
C TRP J 305 42.97 66.29 -54.22
N GLY J 306 42.32 66.29 -53.07
CA GLY J 306 41.12 67.10 -52.94
C GLY J 306 40.70 67.23 -51.50
N PHE J 307 39.80 68.17 -51.26
CA PHE J 307 39.29 68.31 -49.90
C PHE J 307 37.93 68.98 -49.90
N ARG J 308 37.20 68.82 -48.81
CA ARG J 308 35.90 69.47 -48.67
C ARG J 308 35.54 69.55 -47.20
N PRO J 309 34.63 70.44 -46.83
CA PRO J 309 34.20 70.52 -45.42
C PRO J 309 33.06 69.59 -45.08
N LYS J 310 33.17 68.95 -43.92
CA LYS J 310 32.19 68.02 -43.38
C LYS J 310 31.33 68.63 -42.29
N ARG J 311 31.92 69.23 -41.27
CA ARG J 311 31.07 69.75 -40.21
C ARG J 311 31.76 70.89 -39.49
N LEU J 312 30.98 71.65 -38.72
CA LEU J 312 31.57 72.74 -37.94
C LEU J 312 30.84 72.92 -36.62
N ASN J 313 31.60 73.41 -35.64
CA ASN J 313 31.13 73.83 -34.33
C ASN J 313 31.52 75.28 -34.13
N PHE J 314 30.59 76.06 -33.58
CA PHE J 314 30.80 77.47 -33.30
C PHE J 314 30.52 77.69 -31.83
N LYS J 315 31.41 78.38 -31.14
CA LYS J 315 31.24 78.70 -29.74
C LYS J 315 31.57 80.16 -29.51
N LEU J 316 30.81 80.78 -28.62
CA LEU J 316 30.99 82.17 -28.21
C LEU J 316 31.04 82.20 -26.70
N PHE J 317 32.14 82.68 -26.13
CA PHE J 317 32.33 82.51 -24.70
C PHE J 317 33.14 83.67 -24.15
N ASN J 318 33.12 83.79 -22.83
CA ASN J 318 33.86 84.80 -22.07
C ASN J 318 33.43 86.21 -22.47
N ILE J 319 32.12 86.45 -22.36
CA ILE J 319 31.55 87.74 -22.72
C ILE J 319 31.87 88.76 -21.65
N GLN J 320 32.33 89.94 -22.05
CA GLN J 320 32.54 91.05 -21.15
C GLN J 320 31.93 92.30 -21.77
N VAL J 321 30.94 92.86 -21.11
CA VAL J 321 30.35 94.12 -21.54
C VAL J 321 31.03 95.25 -20.77
N LYS J 322 31.47 96.26 -21.50
CA LYS J 322 32.19 97.39 -20.92
C LYS J 322 31.42 98.68 -21.18
N GLU J 323 31.22 99.43 -20.12
CA GLU J 323 30.63 100.76 -20.16
C GLU J 323 31.70 101.82 -20.34
N VAL J 324 31.44 102.79 -21.21
CA VAL J 324 32.39 103.85 -21.55
C VAL J 324 31.78 105.20 -21.24
N THR J 325 32.51 106.04 -20.50
CA THR J 325 32.11 107.43 -20.24
C THR J 325 33.27 108.34 -20.58
N THR J 326 33.03 109.33 -21.44
CA THR J 326 34.04 110.33 -21.76
C THR J 326 33.61 111.67 -21.14
N ASN J 327 34.42 112.16 -20.20
CA ASN J 327 34.19 113.44 -19.54
C ASN J 327 35.46 114.29 -19.62
N ASP J 328 35.30 115.54 -20.05
CA ASP J 328 36.40 116.49 -20.14
C ASP J 328 37.55 115.95 -20.98
N GLY J 329 37.24 115.06 -21.90
CA GLY J 329 38.23 114.49 -22.79
C GLY J 329 38.86 113.19 -22.30
N VAL J 330 38.66 112.83 -21.04
CA VAL J 330 39.24 111.59 -20.50
C VAL J 330 38.17 110.52 -20.47
N THR J 331 38.57 109.29 -20.80
CA THR J 331 37.65 108.18 -21.00
C THR J 331 37.82 107.16 -19.88
N THR J 332 36.70 106.80 -19.26
CA THR J 332 36.64 105.76 -18.24
C THR J 332 35.91 104.56 -18.81
N ILE J 333 36.49 103.38 -18.60
CA ILE J 333 35.87 102.12 -18.99
C ILE J 333 35.66 101.29 -17.73
N ALA J 334 34.45 100.79 -17.55
CA ALA J 334 34.13 99.95 -16.41
C ALA J 334 33.44 98.68 -16.91
N ASN J 335 33.35 97.71 -16.03
CA ASN J 335 32.61 96.50 -16.35
C ASN J 335 31.12 96.69 -16.06
N ASN J 336 30.29 96.22 -16.97
CA ASN J 336 28.85 96.21 -16.77
C ASN J 336 28.45 94.75 -16.60
N LEU J 337 28.31 94.31 -15.36
CA LEU J 337 28.13 92.90 -15.08
C LEU J 337 26.74 92.39 -15.42
N THR J 338 25.76 93.28 -15.57
CA THR J 338 24.37 92.88 -15.79
C THR J 338 23.89 93.13 -17.20
N SER J 339 24.77 93.52 -18.12
CA SER J 339 24.38 93.76 -19.49
C SER J 339 24.47 92.47 -20.31
N THR J 340 23.76 92.45 -21.43
CA THR J 340 23.66 91.27 -22.26
C THR J 340 24.06 91.57 -23.69
N VAL J 341 24.49 90.52 -24.38
CA VAL J 341 24.60 90.51 -25.84
C VAL J 341 23.59 89.52 -26.37
N GLN J 342 22.85 89.93 -27.39
CA GLN J 342 21.93 89.04 -28.08
C GLN J 342 22.64 88.37 -29.24
N VAL J 343 22.53 87.05 -29.33
CA VAL J 343 23.15 86.26 -30.39
C VAL J 343 22.08 85.35 -30.97
N PHE J 344 22.02 85.25 -32.29
CA PHE J 344 21.20 84.22 -32.89
C PHE J 344 21.83 83.77 -34.20
N SER J 345 21.51 82.53 -34.58
CA SER J 345 21.95 81.95 -35.83
C SER J 345 20.74 81.89 -36.78
N ASP J 346 20.94 82.34 -38.01
CA ASP J 346 19.86 82.37 -39.00
C ASP J 346 19.85 81.04 -39.74
N SER J 347 19.39 80.01 -39.03
CA SER J 347 19.48 78.64 -39.52
C SER J 347 18.49 78.32 -40.63
N GLU J 348 17.43 79.11 -40.77
CA GLU J 348 16.44 78.89 -41.82
C GLU J 348 16.64 79.81 -43.01
N TYR J 349 17.72 80.58 -43.05
CA TYR J 349 18.07 81.44 -44.17
C TYR J 349 16.92 82.38 -44.54
N GLN J 350 16.35 82.99 -43.51
CA GLN J 350 15.26 83.93 -43.68
C GLN J 350 15.74 85.36 -43.87
N LEU J 351 17.01 85.60 -43.72
CA LEU J 351 17.65 86.89 -43.87
C LEU J 351 18.45 86.94 -45.16
N PRO J 352 18.69 88.14 -45.69
CA PRO J 352 19.63 88.25 -46.80
C PRO J 352 21.02 87.76 -46.39
N TYR J 353 21.61 86.93 -47.24
CA TYR J 353 22.92 86.33 -46.96
C TYR J 353 23.99 87.26 -47.50
N VAL J 354 24.67 87.98 -46.61
CA VAL J 354 25.72 88.89 -47.04
C VAL J 354 27.09 88.25 -46.97
N LEU J 355 27.21 87.06 -46.38
CA LEU J 355 28.43 86.30 -46.49
C LEU J 355 28.58 85.81 -47.92
N GLY J 356 29.79 85.44 -48.29
CA GLY J 356 30.02 85.00 -49.64
C GLY J 356 30.15 86.11 -50.66
N SER J 357 30.32 87.35 -50.22
CA SER J 357 30.63 88.47 -51.08
C SER J 357 32.05 88.97 -50.88
N ALA J 358 32.88 88.21 -50.17
CA ALA J 358 34.30 88.51 -49.96
C ALA J 358 34.50 89.83 -49.22
N HIS J 359 33.85 89.97 -48.08
CA HIS J 359 33.92 91.18 -47.29
C HIS J 359 34.96 91.06 -46.19
N GLN J 360 35.44 92.21 -45.75
CA GLN J 360 36.30 92.28 -44.59
C GLN J 360 35.52 91.97 -43.32
N GLY J 361 36.24 91.65 -42.26
CA GLY J 361 35.61 91.37 -40.99
C GLY J 361 35.66 89.92 -40.56
N CYS J 362 36.35 89.08 -41.32
CA CYS J 362 36.55 87.70 -40.92
C CYS J 362 37.48 87.61 -39.72
N LEU J 363 37.58 86.41 -39.16
CA LEU J 363 38.60 86.18 -38.15
C LEU J 363 39.98 86.43 -38.76
N PRO J 364 40.87 87.11 -38.07
CA PRO J 364 42.20 87.38 -38.62
C PRO J 364 42.99 86.10 -38.83
N PRO J 365 43.92 86.09 -39.80
CA PRO J 365 44.72 84.87 -40.00
C PRO J 365 45.58 84.52 -38.81
N PHE J 366 46.13 85.51 -38.12
CA PHE J 366 47.01 85.26 -36.99
C PHE J 366 46.19 85.13 -35.71
N PRO J 367 46.35 84.03 -34.96
CA PRO J 367 45.51 83.80 -33.77
C PRO J 367 45.70 84.83 -32.68
N ALA J 368 46.77 85.60 -32.69
CA ALA J 368 47.00 86.60 -31.66
C ALA J 368 46.26 87.90 -31.92
N ASP J 369 45.65 88.06 -33.09
CA ASP J 369 45.04 89.33 -33.46
C ASP J 369 43.63 89.44 -32.91
N VAL J 370 43.28 90.64 -32.46
CA VAL J 370 41.97 90.95 -31.94
C VAL J 370 41.20 91.70 -33.02
N PHE J 371 39.99 91.25 -33.32
CA PHE J 371 39.27 91.79 -34.46
C PHE J 371 37.94 92.42 -34.05
N MET J 372 37.57 93.45 -34.78
CA MET J 372 36.30 94.13 -34.61
C MET J 372 35.24 93.43 -35.43
N ILE J 373 34.05 93.32 -34.88
CA ILE J 373 32.97 92.60 -35.57
C ILE J 373 32.29 93.55 -36.57
N PRO J 374 32.14 93.13 -37.82
CA PRO J 374 31.56 94.01 -38.84
C PRO J 374 30.06 94.19 -38.68
N GLN J 375 29.57 95.34 -39.12
CA GLN J 375 28.15 95.67 -39.01
C GLN J 375 27.34 94.94 -40.08
N TYR J 376 26.13 94.55 -39.72
CA TYR J 376 25.23 93.89 -40.66
C TYR J 376 24.39 94.92 -41.40
N GLY J 377 24.29 94.74 -42.70
CA GLY J 377 23.41 95.54 -43.52
C GLY J 377 23.12 94.75 -44.77
N TYR J 378 22.03 95.10 -45.43
CA TYR J 378 21.64 94.39 -46.63
C TYR J 378 21.09 95.37 -47.64
N LEU J 379 20.98 94.90 -48.88
CA LEU J 379 20.38 95.65 -49.95
C LEU J 379 19.10 94.94 -50.38
N THR J 380 18.15 95.71 -50.89
CA THR J 380 16.90 95.17 -51.39
C THR J 380 16.66 95.72 -52.78
N LEU J 381 15.53 95.34 -53.36
CA LEU J 381 15.19 95.80 -54.71
C LEU J 381 15.16 97.31 -54.77
N ASN J 382 15.79 97.87 -55.80
CA ASN J 382 15.84 99.31 -55.96
C ASN J 382 15.54 99.69 -57.41
N ASN J 383 14.93 100.85 -57.56
CA ASN J 383 14.66 101.48 -58.86
C ASN J 383 15.41 102.80 -58.85
N GLY J 384 16.69 102.75 -59.20
CA GLY J 384 17.55 103.89 -58.98
C GLY J 384 17.93 103.94 -57.52
N SER J 385 17.77 105.11 -56.91
CA SER J 385 17.97 105.25 -55.48
C SER J 385 16.70 105.02 -54.69
N GLN J 386 15.61 104.65 -55.34
CA GLN J 386 14.32 104.45 -54.71
C GLN J 386 14.07 102.97 -54.49
N ALA J 387 13.03 102.68 -53.71
CA ALA J 387 12.59 101.33 -53.45
C ALA J 387 11.42 100.98 -54.36
N VAL J 388 10.92 99.76 -54.24
CA VAL J 388 9.72 99.33 -54.93
C VAL J 388 8.80 98.69 -53.90
N GLY J 389 7.65 98.21 -54.37
CA GLY J 389 6.72 97.55 -53.47
C GLY J 389 7.24 96.24 -52.92
N ARG J 390 8.01 95.52 -53.71
CA ARG J 390 8.55 94.22 -53.31
C ARG J 390 9.87 94.33 -52.58
N SER J 391 10.35 95.55 -52.34
CA SER J 391 11.50 95.74 -51.49
C SER J 391 11.18 95.28 -50.07
N SER J 392 12.06 94.47 -49.51
CA SER J 392 11.82 93.88 -48.20
C SER J 392 12.56 94.67 -47.12
N PHE J 393 12.01 94.61 -45.92
CA PHE J 393 12.64 95.13 -44.72
C PHE J 393 12.63 94.02 -43.68
N TYR J 394 13.74 93.86 -42.99
CA TYR J 394 13.89 92.81 -41.99
C TYR J 394 14.29 93.45 -40.67
N CYS J 395 13.44 93.31 -39.66
CA CYS J 395 13.84 93.59 -38.29
C CYS J 395 14.51 92.34 -37.74
N LEU J 396 15.74 92.46 -37.30
CA LEU J 396 16.45 91.32 -36.74
C LEU J 396 16.06 91.06 -35.29
N GLU J 397 15.40 92.01 -34.63
CA GLU J 397 14.80 91.77 -33.34
C GLU J 397 13.55 90.93 -33.43
N TYR J 398 13.04 90.71 -34.64
CA TYR J 398 11.91 89.83 -34.87
C TYR J 398 12.30 88.37 -34.95
N PHE J 399 13.47 88.03 -34.42
CA PHE J 399 13.96 86.67 -34.32
C PHE J 399 14.13 86.29 -32.85
N PRO J 400 14.03 85.01 -32.53
CA PRO J 400 14.43 84.56 -31.18
C PRO J 400 15.95 84.64 -31.03
N SER J 401 16.39 85.37 -30.02
CA SER J 401 17.80 85.53 -29.72
C SER J 401 18.10 84.93 -28.36
N GLN J 402 19.32 84.45 -28.18
CA GLN J 402 19.81 84.09 -26.87
C GLN J 402 20.50 85.31 -26.27
N MET J 403 20.10 85.67 -25.06
CA MET J 403 20.70 86.79 -24.33
C MET J 403 21.78 86.24 -23.41
N LEU J 404 22.97 86.79 -23.53
CA LEU J 404 24.15 86.29 -22.82
C LEU J 404 24.65 87.37 -21.88
N ARG J 405 24.69 87.06 -20.60
CA ARG J 405 25.41 87.87 -19.64
C ARG J 405 26.85 87.37 -19.56
N THR J 406 27.63 87.90 -18.63
CA THR J 406 29.06 87.62 -18.64
C THR J 406 29.39 86.17 -18.28
N GLY J 407 28.44 85.41 -17.75
CA GLY J 407 28.70 84.03 -17.40
C GLY J 407 28.15 83.02 -18.38
N ASN J 408 27.52 83.49 -19.45
CA ASN J 408 26.88 82.63 -20.42
C ASN J 408 27.75 82.42 -21.66
N ASN J 409 27.49 81.33 -22.36
CA ASN J 409 28.11 81.06 -23.65
C ASN J 409 27.05 80.62 -24.65
N PHE J 410 27.47 80.52 -25.90
CA PHE J 410 26.61 80.23 -27.03
C PHE J 410 27.27 79.15 -27.87
N THR J 411 26.55 78.09 -28.21
CA THR J 411 27.10 77.03 -29.04
C THR J 411 26.17 76.76 -30.21
N PHE J 412 26.74 76.25 -31.30
CA PHE J 412 25.95 75.98 -32.49
C PHE J 412 26.70 75.00 -33.37
N SER J 413 26.03 73.94 -33.80
CA SER J 413 26.63 72.94 -34.67
C SER J 413 25.99 72.99 -36.05
N TYR J 414 26.76 72.62 -37.05
CA TYR J 414 26.27 72.64 -38.43
C TYR J 414 26.94 71.52 -39.20
N THR J 415 26.19 70.88 -40.07
CA THR J 415 26.70 69.84 -40.96
C THR J 415 26.63 70.32 -42.40
N PHE J 416 27.73 70.22 -43.11
CA PHE J 416 27.74 70.57 -44.52
C PHE J 416 27.03 69.51 -45.35
N GLU J 417 26.36 69.96 -46.41
CA GLU J 417 25.82 69.04 -47.39
C GLU J 417 26.95 68.38 -48.17
N GLU J 418 26.61 67.29 -48.85
CA GLU J 418 27.60 66.56 -49.64
C GLU J 418 27.95 67.40 -50.86
N VAL J 419 29.05 68.13 -50.77
CA VAL J 419 29.56 68.97 -51.83
C VAL J 419 30.70 68.21 -52.50
N PRO J 420 30.98 68.42 -53.78
CA PRO J 420 32.15 67.76 -54.38
C PRO J 420 33.46 68.27 -53.78
N PHE J 421 34.44 67.38 -53.78
CA PHE J 421 35.78 67.76 -53.36
C PHE J 421 36.31 68.87 -54.25
N HIS J 422 36.93 69.86 -53.64
CA HIS J 422 37.75 70.78 -54.41
C HIS J 422 39.01 70.07 -54.85
N SER J 423 39.43 70.38 -56.08
CA SER J 423 40.54 69.73 -56.76
C SER J 423 41.85 70.41 -56.39
N SER J 424 42.65 69.77 -55.55
CA SER J 424 43.98 70.26 -55.21
C SER J 424 45.05 69.75 -56.16
N TYR J 425 44.69 69.48 -57.41
CA TYR J 425 45.61 68.92 -58.38
C TYR J 425 45.56 69.72 -59.66
N ALA J 426 46.65 69.66 -60.40
CA ALA J 426 46.71 70.00 -61.81
C ALA J 426 46.65 68.74 -62.65
N HIS J 427 46.48 68.91 -63.94
CA HIS J 427 46.45 67.79 -64.87
C HIS J 427 47.82 67.64 -65.53
N SER J 428 48.28 66.40 -65.61
CA SER J 428 49.55 66.10 -66.27
C SER J 428 49.42 66.01 -67.78
N GLN J 429 48.20 66.00 -68.31
CA GLN J 429 47.96 65.97 -69.73
C GLN J 429 47.10 67.16 -70.12
N SER J 430 47.23 67.57 -71.38
CA SER J 430 46.37 68.57 -71.96
C SER J 430 45.22 67.89 -72.69
N LEU J 431 44.11 68.61 -72.84
CA LEU J 431 42.91 68.02 -73.41
C LEU J 431 43.10 67.70 -74.90
N ASP J 432 43.90 68.48 -75.60
CA ASP J 432 44.17 68.23 -77.01
C ASP J 432 45.37 67.31 -77.22
N ARG J 433 45.83 66.63 -76.17
CA ARG J 433 46.99 65.75 -76.22
C ARG J 433 46.70 64.46 -75.48
N LEU J 434 45.52 63.89 -75.69
CA LEU J 434 45.09 62.70 -74.97
C LEU J 434 45.29 61.42 -75.79
N MET J 435 45.96 61.51 -76.91
CA MET J 435 46.11 60.40 -77.84
C MET J 435 47.39 59.62 -77.58
N ASN J 436 47.45 58.43 -78.16
CA ASN J 436 48.69 57.70 -78.25
C ASN J 436 49.57 58.36 -79.30
N PRO J 437 50.77 58.83 -78.96
CA PRO J 437 51.63 59.49 -79.94
C PRO J 437 52.37 58.57 -80.88
N LEU J 438 52.12 57.26 -80.82
CA LEU J 438 52.79 56.31 -81.69
C LEU J 438 51.88 55.68 -82.73
N ILE J 439 50.60 55.60 -82.46
CA ILE J 439 49.66 54.87 -83.31
C ILE J 439 48.84 55.87 -84.11
N ASP J 440 48.52 55.51 -85.35
CA ASP J 440 47.63 56.30 -86.16
C ASP J 440 46.18 56.06 -85.74
N GLN J 441 45.29 56.83 -86.33
CA GLN J 441 43.86 56.65 -86.12
C GLN J 441 43.27 55.85 -87.28
N TYR J 442 42.06 55.35 -87.08
CA TYR J 442 41.30 54.77 -88.17
C TYR J 442 40.29 55.74 -88.75
N LEU J 443 40.32 56.99 -88.30
CA LEU J 443 39.42 58.03 -88.77
C LEU J 443 40.14 58.94 -89.74
N TYR J 444 39.47 59.31 -90.81
CA TYR J 444 40.04 60.19 -91.82
C TYR J 444 39.44 61.58 -91.70
N TYR J 445 40.18 62.55 -92.21
CA TYR J 445 39.72 63.94 -92.23
C TYR J 445 40.09 64.53 -93.58
N LEU J 446 39.34 65.55 -93.99
CA LEU J 446 39.65 66.26 -95.22
C LEU J 446 40.92 67.09 -95.00
N ASN J 447 41.96 66.77 -95.77
CA ASN J 447 43.27 67.39 -95.60
C ASN J 447 43.55 68.47 -96.63
N ARG J 448 43.21 68.22 -97.89
CA ARG J 448 43.44 69.17 -98.97
C ARG J 448 42.15 69.31 -99.78
N THR J 449 41.83 70.54 -100.17
CA THR J 449 40.84 70.78 -101.20
C THR J 449 41.46 71.31 -102.48
N GLN J 450 42.78 71.25 -102.59
CA GLN J 450 43.50 71.59 -103.82
C GLN J 450 44.54 70.51 -104.08
N ASN J 451 45.03 70.48 -105.32
CA ASN J 451 46.02 69.48 -105.68
C ASN J 451 47.34 69.74 -104.96
N GLN J 452 47.95 68.67 -104.46
CA GLN J 452 49.18 68.80 -103.70
C GLN J 452 50.39 69.10 -104.57
N SER J 453 50.37 68.69 -105.84
CA SER J 453 51.55 68.84 -106.69
C SER J 453 51.93 70.30 -106.88
N GLY J 454 50.95 71.16 -107.16
CA GLY J 454 51.20 72.58 -107.31
C GLY J 454 51.53 73.05 -108.71
N SER J 455 51.86 72.12 -109.63
CA SER J 455 52.10 72.52 -111.01
C SER J 455 50.84 73.13 -111.62
N ALA J 456 49.69 72.52 -111.34
CA ALA J 456 48.40 73.12 -111.59
C ALA J 456 47.77 73.51 -110.25
N GLN J 457 46.71 74.32 -110.32
CA GLN J 457 46.02 74.81 -109.14
C GLN J 457 44.58 74.29 -109.08
N ASN J 458 44.40 73.00 -109.37
CA ASN J 458 43.08 72.43 -109.44
C ASN J 458 42.57 72.04 -108.05
N LYS J 459 41.25 72.03 -107.92
CA LYS J 459 40.64 71.60 -106.68
C LYS J 459 40.66 70.08 -106.58
N ASP J 460 40.38 69.58 -105.37
CA ASP J 460 40.34 68.15 -105.14
C ASP J 460 39.65 67.89 -103.80
N LEU J 461 39.59 66.61 -103.43
CA LEU J 461 39.08 66.19 -102.13
C LEU J 461 40.02 65.08 -101.65
N LEU J 462 41.06 65.47 -100.92
CA LEU J 462 42.09 64.55 -100.45
C LEU J 462 41.96 64.36 -98.95
N PHE J 463 41.92 63.10 -98.53
CA PHE J 463 41.68 62.75 -97.14
C PHE J 463 42.91 62.09 -96.55
N SER J 464 43.25 62.47 -95.32
CA SER J 464 44.37 61.90 -94.62
C SER J 464 43.91 61.18 -93.37
N ARG J 465 44.74 60.28 -92.90
CA ARG J 465 44.50 59.53 -91.67
C ARG J 465 45.06 60.30 -90.49
N GLY J 466 44.33 60.25 -89.37
CA GLY J 466 44.81 60.86 -88.15
C GLY J 466 46.11 60.25 -87.69
N SER J 467 47.16 61.03 -87.65
CA SER J 467 48.51 60.56 -87.39
C SER J 467 49.17 61.42 -86.32
N PRO J 468 50.18 60.88 -85.63
CA PRO J 468 50.90 61.69 -84.64
C PRO J 468 51.66 62.86 -85.23
N ALA J 469 51.90 62.86 -86.55
CA ALA J 469 52.54 64.02 -87.17
C ALA J 469 51.66 65.26 -87.04
N GLY J 470 50.40 65.16 -87.42
CA GLY J 470 49.46 66.24 -87.19
C GLY J 470 48.48 65.92 -86.09
N MET J 471 48.72 66.45 -84.90
CA MET J 471 47.87 66.20 -83.76
C MET J 471 46.75 67.23 -83.64
N SER J 472 46.90 68.38 -84.30
CA SER J 472 45.89 69.43 -84.24
C SER J 472 44.67 69.10 -85.08
N VAL J 473 44.80 68.23 -86.08
CA VAL J 473 43.71 67.91 -86.99
C VAL J 473 43.09 66.55 -86.70
N GLN J 474 43.57 65.84 -85.69
CA GLN J 474 42.99 64.56 -85.33
C GLN J 474 41.59 64.75 -84.77
N PRO J 475 40.64 63.91 -85.14
CA PRO J 475 39.35 63.89 -84.44
C PRO J 475 39.55 63.63 -82.96
N LYS J 476 38.77 64.32 -82.13
CA LYS J 476 38.87 64.22 -80.69
C LYS J 476 37.48 64.07 -80.09
N ASN J 477 37.43 63.74 -78.81
CA ASN J 477 36.19 63.39 -78.15
C ASN J 477 35.61 64.50 -77.29
N TRP J 478 36.41 65.48 -76.89
CA TRP J 478 35.99 66.47 -75.92
C TRP J 478 36.38 67.87 -76.38
N LEU J 479 35.81 68.86 -75.72
CA LEU J 479 36.01 70.27 -76.01
C LEU J 479 36.46 71.01 -74.76
N PRO J 480 37.22 72.08 -74.91
CA PRO J 480 37.57 72.91 -73.75
C PRO J 480 36.35 73.64 -73.21
N GLY J 481 36.42 73.99 -71.93
CA GLY J 481 35.32 74.61 -71.24
C GLY J 481 34.87 75.93 -71.85
N PRO J 482 33.80 76.49 -71.32
CA PRO J 482 33.26 77.74 -71.87
C PRO J 482 34.16 78.91 -71.57
N CYS J 483 34.00 79.96 -72.36
CA CYS J 483 34.85 81.14 -72.22
C CYS J 483 34.01 82.40 -72.32
N TYR J 484 34.51 83.48 -71.74
CA TYR J 484 33.95 84.82 -71.87
C TYR J 484 35.11 85.80 -71.87
N ARG J 485 35.56 86.19 -73.06
CA ARG J 485 36.87 86.81 -73.21
C ARG J 485 37.01 88.09 -72.38
N GLN J 486 38.18 88.26 -71.79
CA GLN J 486 38.56 89.43 -71.02
C GLN J 486 39.61 90.23 -71.78
N GLN J 487 39.83 91.45 -71.33
CA GLN J 487 40.86 92.30 -71.91
C GLN J 487 42.21 91.98 -71.28
N ARG J 488 43.26 92.04 -72.10
CA ARG J 488 44.59 91.63 -71.69
C ARG J 488 45.36 92.85 -71.20
N VAL J 489 45.77 92.82 -69.94
CA VAL J 489 46.55 93.90 -69.34
C VAL J 489 47.93 93.36 -69.00
N SER J 490 48.95 94.13 -69.32
CA SER J 490 50.32 93.77 -69.01
C SER J 490 50.71 94.29 -67.64
N LYS J 491 51.38 93.44 -66.86
CA LYS J 491 51.94 93.88 -65.58
C LYS J 491 53.02 94.92 -65.75
N THR J 492 53.63 95.00 -66.94
CA THR J 492 54.55 96.07 -67.29
C THR J 492 53.74 97.19 -67.94
N LYS J 493 53.62 98.31 -67.23
CA LYS J 493 52.65 99.33 -67.60
C LYS J 493 52.95 100.00 -68.94
N THR J 494 54.19 99.95 -69.41
CA THR J 494 54.52 100.62 -70.66
C THR J 494 53.90 99.96 -71.88
N ASP J 495 53.55 98.68 -71.80
CA ASP J 495 52.96 97.98 -72.92
C ASP J 495 51.45 98.10 -72.98
N ASN J 496 50.83 98.81 -72.05
CA ASN J 496 49.40 99.00 -72.04
C ASN J 496 49.03 100.27 -72.81
N ASN J 497 47.82 100.26 -73.36
CA ASN J 497 47.33 101.41 -74.10
C ASN J 497 47.23 102.63 -73.19
N ASN J 498 47.48 103.81 -73.77
CA ASN J 498 47.42 105.05 -73.01
C ASN J 498 45.98 105.56 -72.95
N SER J 499 45.20 104.90 -72.11
CA SER J 499 43.83 105.29 -71.82
C SER J 499 43.41 104.58 -70.54
N ASN J 500 42.23 104.92 -70.04
CA ASN J 500 41.77 104.26 -68.83
C ASN J 500 41.23 102.86 -69.13
N PHE J 501 40.14 102.79 -69.89
CA PHE J 501 39.60 101.55 -70.46
C PHE J 501 39.39 100.44 -69.42
N THR J 502 39.44 100.76 -68.14
CA THR J 502 39.07 99.81 -67.11
C THR J 502 37.56 99.64 -67.00
N TRP J 503 36.80 100.59 -67.50
CA TRP J 503 35.36 100.45 -67.55
C TRP J 503 34.83 100.39 -68.98
N THR J 504 35.38 101.19 -69.88
CA THR J 504 34.89 101.19 -71.25
C THR J 504 35.32 99.94 -72.02
N GLY J 505 36.47 99.37 -71.69
CA GLY J 505 36.97 98.23 -72.43
C GLY J 505 36.87 96.92 -71.70
N ALA J 506 35.96 96.83 -70.75
CA ALA J 506 35.88 95.68 -69.86
C ALA J 506 34.66 94.83 -70.15
N SER J 507 34.79 93.54 -69.88
CA SER J 507 33.68 92.60 -70.00
C SER J 507 32.71 92.83 -68.85
N LYS J 508 31.47 93.16 -69.18
CA LYS J 508 30.48 93.43 -68.16
C LYS J 508 29.14 92.88 -68.63
N TYR J 509 28.22 92.71 -67.69
CA TYR J 509 26.90 92.20 -68.01
C TYR J 509 25.84 93.24 -67.66
N ASN J 510 24.73 93.13 -68.38
CA ASN J 510 23.60 94.05 -68.26
C ASN J 510 22.51 93.38 -67.45
N LEU J 511 22.04 94.05 -66.39
CA LEU J 511 20.98 93.51 -65.54
C LEU J 511 20.08 94.65 -65.11
N ASN J 512 18.83 94.65 -65.59
CA ASN J 512 17.85 95.67 -65.26
C ASN J 512 18.35 97.07 -65.62
N GLY J 513 19.09 97.17 -66.71
CA GLY J 513 19.53 98.44 -67.22
C GLY J 513 20.83 98.97 -66.67
N ARG J 514 21.44 98.31 -65.69
CA ARG J 514 22.71 98.76 -65.15
C ARG J 514 23.76 97.67 -65.31
N GLU J 515 24.96 98.11 -65.67
CA GLU J 515 26.06 97.22 -66.03
C GLU J 515 26.89 96.87 -64.81
N SER J 516 27.43 95.66 -64.82
CA SER J 516 28.25 95.16 -63.72
C SER J 516 29.45 94.44 -64.33
N ILE J 517 30.64 94.75 -63.84
CA ILE J 517 31.84 94.06 -64.30
C ILE J 517 31.73 92.59 -63.91
N ILE J 518 32.19 91.70 -64.79
CA ILE J 518 32.08 90.27 -64.53
C ILE J 518 32.89 89.90 -63.30
N ASN J 519 34.22 90.02 -63.36
CA ASN J 519 35.08 90.00 -62.18
C ASN J 519 34.79 88.89 -61.17
N PRO J 520 35.28 87.67 -61.38
CA PRO J 520 36.21 87.23 -62.43
C PRO J 520 35.56 86.36 -63.48
N GLY J 521 34.34 85.93 -63.24
CA GLY J 521 33.60 85.20 -64.24
C GLY J 521 34.11 83.79 -64.45
N THR J 522 34.11 83.38 -65.72
CA THR J 522 34.44 82.01 -66.07
C THR J 522 35.86 81.67 -65.65
N ALA J 523 36.05 80.43 -65.21
CA ALA J 523 37.35 79.95 -64.79
C ALA J 523 38.20 79.68 -66.02
N MET J 524 39.11 80.57 -66.33
CA MET J 524 39.97 80.45 -67.51
C MET J 524 41.42 80.69 -67.11
N ALA J 525 42.31 80.23 -67.96
CA ALA J 525 43.74 80.45 -67.74
C ALA J 525 44.07 81.93 -67.83
N SER J 526 44.91 82.39 -66.91
CA SER J 526 45.28 83.80 -66.88
C SER J 526 46.05 84.21 -68.13
N HIS J 527 46.94 83.35 -68.61
CA HIS J 527 47.78 83.67 -69.76
C HIS J 527 48.19 82.37 -70.42
N LYS J 528 48.96 82.49 -71.50
CA LYS J 528 49.52 81.35 -72.19
C LYS J 528 50.88 81.00 -71.60
N ASP J 529 51.60 80.10 -72.26
CA ASP J 529 52.97 79.82 -71.90
C ASP J 529 53.86 80.99 -72.28
N ASP J 530 54.84 81.27 -71.42
CA ASP J 530 55.82 82.33 -71.65
C ASP J 530 55.16 83.70 -71.78
N GLU J 531 54.06 83.91 -71.08
CA GLU J 531 53.29 85.15 -71.15
C GLU J 531 52.82 85.58 -69.77
N ASP J 532 53.65 85.34 -68.75
CA ASP J 532 53.28 85.64 -67.37
C ASP J 532 53.12 87.13 -67.13
N LYS J 533 53.58 87.98 -68.04
CA LYS J 533 53.45 89.43 -67.90
C LYS J 533 52.05 89.94 -68.14
N PHE J 534 51.14 89.10 -68.63
CA PHE J 534 49.78 89.50 -68.96
C PHE J 534 48.80 88.83 -68.00
N PHE J 535 47.75 89.58 -67.65
CA PHE J 535 46.64 89.04 -66.89
C PHE J 535 45.34 89.61 -67.44
N PRO J 536 44.24 88.88 -67.34
CA PRO J 536 42.94 89.43 -67.73
C PRO J 536 42.56 90.59 -66.82
N MET J 537 41.90 91.59 -67.41
CA MET J 537 41.70 92.85 -66.70
C MET J 537 40.87 92.65 -65.44
N SER J 538 39.84 91.81 -65.50
CA SER J 538 39.02 91.50 -64.34
C SER J 538 38.77 90.00 -64.27
N GLY J 539 39.80 89.21 -64.51
CA GLY J 539 39.64 87.77 -64.54
C GLY J 539 40.41 87.06 -63.46
N VAL J 540 41.07 87.82 -62.59
CA VAL J 540 41.94 87.24 -61.58
C VAL J 540 41.54 87.77 -60.22
N MET J 541 41.76 86.95 -59.20
CA MET J 541 41.58 87.38 -57.82
C MET J 541 42.80 88.15 -57.36
N ILE J 542 42.61 89.37 -56.91
CA ILE J 542 43.71 90.24 -56.50
C ILE J 542 43.58 90.48 -55.01
N PHE J 543 44.58 90.06 -54.26
CA PHE J 543 44.64 90.30 -52.82
C PHE J 543 45.60 91.44 -52.55
N GLY J 544 45.23 92.30 -51.61
CA GLY J 544 46.08 93.40 -51.22
C GLY J 544 47.03 93.00 -50.12
N LYS J 545 48.27 93.46 -50.23
CA LYS J 545 49.20 93.28 -49.13
C LYS J 545 48.88 94.27 -48.02
N GLU J 546 49.45 94.03 -46.85
CA GLU J 546 49.36 95.02 -45.80
C GLU J 546 50.10 96.28 -46.25
N SER J 547 49.59 97.43 -45.80
CA SER J 547 50.00 98.73 -46.32
C SER J 547 49.62 98.90 -47.79
N ALA J 548 48.42 98.45 -48.14
CA ALA J 548 47.82 98.75 -49.43
C ALA J 548 46.63 99.68 -49.19
N GLY J 549 46.57 100.76 -49.95
CA GLY J 549 45.49 101.71 -49.80
C GLY J 549 44.17 101.14 -50.27
N ALA J 550 43.10 101.85 -49.91
CA ALA J 550 41.76 101.42 -50.32
C ALA J 550 41.51 101.71 -51.79
N SER J 551 42.04 102.81 -52.31
CA SER J 551 41.77 103.24 -53.67
C SER J 551 43.06 103.59 -54.39
N ASN J 552 43.18 103.14 -55.63
CA ASN J 552 44.30 103.48 -56.51
C ASN J 552 45.64 103.15 -55.89
N THR J 553 45.73 101.99 -55.24
CA THR J 553 47.00 101.51 -54.74
C THR J 553 47.84 100.96 -55.89
N ALA J 554 49.04 100.50 -55.58
CA ALA J 554 50.00 100.13 -56.61
C ALA J 554 50.06 98.63 -56.83
N LEU J 555 50.53 98.29 -58.04
CA LEU J 555 50.80 96.90 -58.38
C LEU J 555 51.76 96.27 -57.40
N ASP J 556 52.65 97.08 -56.82
CA ASP J 556 53.56 96.58 -55.79
C ASP J 556 52.82 96.27 -54.50
N ASN J 557 51.67 96.93 -54.28
CA ASN J 557 50.91 96.71 -53.07
C ASN J 557 49.84 95.65 -53.20
N VAL J 558 49.56 95.19 -54.42
CA VAL J 558 48.59 94.10 -54.60
C VAL J 558 49.31 92.82 -55.03
N MET J 559 48.65 91.69 -54.77
CA MET J 559 49.12 90.38 -55.20
C MET J 559 48.10 89.81 -56.18
N ILE J 560 48.52 89.64 -57.43
CA ILE J 560 47.66 89.11 -58.48
C ILE J 560 47.84 87.59 -58.54
N THR J 561 46.73 86.87 -58.50
CA THR J 561 46.80 85.42 -58.60
C THR J 561 46.99 84.98 -60.04
N ASP J 562 47.31 83.71 -60.21
CA ASP J 562 47.52 83.10 -61.51
C ASP J 562 46.73 81.81 -61.58
N GLU J 563 46.13 81.55 -62.73
CA GLU J 563 45.39 80.33 -62.99
C GLU J 563 46.10 79.50 -64.07
N GLU J 564 47.41 79.37 -63.94
CA GLU J 564 48.21 78.76 -64.99
C GLU J 564 48.03 77.25 -65.05
N GLU J 565 47.50 76.66 -63.97
CA GLU J 565 47.45 75.20 -63.90
C GLU J 565 46.27 74.62 -64.67
N ILE J 566 45.30 75.44 -65.07
CA ILE J 566 44.12 74.93 -65.73
C ILE J 566 44.16 75.22 -67.24
N LYS J 567 45.35 75.47 -67.78
CA LYS J 567 45.52 75.56 -69.22
C LYS J 567 45.24 74.23 -69.91
N ALA J 568 45.29 73.12 -69.18
CA ALA J 568 45.10 71.81 -69.79
C ALA J 568 43.68 71.61 -70.29
N THR J 569 42.70 72.26 -69.67
CA THR J 569 41.30 72.06 -70.02
C THR J 569 40.52 73.35 -70.27
N ASN J 570 41.01 74.50 -69.82
CA ASN J 570 40.26 75.74 -69.91
C ASN J 570 40.89 76.67 -70.93
N PRO J 571 40.08 77.45 -71.65
CA PRO J 571 40.64 78.43 -72.57
C PRO J 571 41.35 79.54 -71.81
N VAL J 572 42.30 80.18 -72.49
CA VAL J 572 42.98 81.33 -71.90
C VAL J 572 42.02 82.51 -71.85
N ALA J 573 42.01 83.22 -70.72
CA ALA J 573 41.00 84.22 -70.46
C ALA J 573 41.01 85.38 -71.44
N THR J 574 42.18 85.70 -72.00
CA THR J 574 42.32 86.87 -72.84
C THR J 574 42.24 86.58 -74.33
N GLU J 575 41.99 85.34 -74.71
CA GLU J 575 41.94 84.95 -76.12
C GLU J 575 40.61 84.28 -76.45
N ARG J 576 40.32 84.21 -77.74
CA ARG J 576 39.06 83.68 -78.22
C ARG J 576 38.96 82.19 -77.90
N PHE J 577 37.71 81.71 -77.79
CA PHE J 577 37.49 80.27 -77.70
C PHE J 577 37.98 79.58 -78.96
N GLY J 578 37.73 80.17 -80.11
CA GLY J 578 38.13 79.58 -81.37
C GLY J 578 37.49 80.33 -82.52
N THR J 579 37.52 79.70 -83.68
CA THR J 579 36.91 80.25 -84.87
C THR J 579 35.72 79.40 -85.30
N VAL J 580 34.82 80.01 -86.07
CA VAL J 580 33.63 79.34 -86.54
C VAL J 580 33.38 79.77 -87.98
N ALA J 581 32.86 78.86 -88.78
CA ALA J 581 32.48 79.21 -90.15
C ALA J 581 31.29 80.15 -90.13
N VAL J 582 31.29 81.13 -91.02
CA VAL J 582 30.25 82.16 -91.03
C VAL J 582 29.58 82.32 -92.39
N ASN J 583 29.92 81.49 -93.38
CA ASN J 583 29.30 81.61 -94.69
C ASN J 583 29.35 80.25 -95.37
N PHE J 584 28.94 80.22 -96.63
CA PHE J 584 29.05 79.04 -97.48
C PHE J 584 30.12 79.30 -98.53
N GLN J 585 31.15 78.47 -98.55
CA GLN J 585 32.14 78.56 -99.61
C GLN J 585 31.59 77.95 -100.89
N SER J 586 31.96 78.55 -102.02
CA SER J 586 31.50 78.05 -103.31
C SER J 586 32.48 78.51 -104.38
N SER J 587 32.39 77.87 -105.53
CA SER J 587 33.18 78.23 -106.70
C SER J 587 32.36 79.10 -107.64
N SER J 588 33.05 79.78 -108.54
CA SER J 588 32.39 80.60 -109.54
C SER J 588 31.66 79.73 -110.56
N THR J 589 30.55 80.24 -111.05
CA THR J 589 29.76 79.52 -112.05
C THR J 589 29.25 80.45 -113.14
N VAL J 592 26.27 81.35 -111.57
CA VAL J 592 26.50 82.32 -110.50
C VAL J 592 27.97 82.69 -110.44
N PRO J 593 28.39 83.65 -111.27
CA PRO J 593 29.81 83.99 -111.34
C PRO J 593 30.27 84.88 -110.21
N PHE J 594 29.85 84.56 -108.99
CA PHE J 594 30.26 85.28 -107.79
C PHE J 594 30.87 84.25 -106.83
N LYS J 595 32.17 84.02 -106.99
CA LYS J 595 32.88 83.09 -106.13
C LYS J 595 32.86 83.55 -104.68
N THR J 596 32.62 82.63 -103.76
CA THR J 596 32.55 82.94 -102.33
C THR J 596 33.68 82.22 -101.61
N ASP J 597 34.64 82.98 -101.10
CA ASP J 597 35.69 82.40 -100.30
C ASP J 597 35.13 82.00 -98.94
N PRO J 598 35.64 80.91 -98.36
CA PRO J 598 35.23 80.56 -96.99
C PRO J 598 35.66 81.63 -96.00
N ALA J 599 34.82 81.85 -95.00
CA ALA J 599 35.05 82.91 -94.02
C ALA J 599 34.83 82.37 -92.62
N THR J 600 35.73 82.74 -91.72
CA THR J 600 35.63 82.36 -90.32
C THR J 600 35.56 83.62 -89.46
N GLY J 601 34.95 83.48 -88.29
CA GLY J 601 34.90 84.54 -87.32
C GLY J 601 35.33 84.03 -85.96
N ASP J 602 35.93 84.93 -85.18
CA ASP J 602 36.39 84.59 -83.86
C ASP J 602 35.22 84.47 -82.89
N VAL J 603 35.28 83.47 -82.03
CA VAL J 603 34.25 83.21 -81.03
C VAL J 603 34.80 83.70 -79.70
N HIS J 604 34.24 84.80 -79.19
CA HIS J 604 34.77 85.44 -78.00
C HIS J 604 34.06 85.01 -76.73
N ALA J 605 32.76 84.74 -76.82
CA ALA J 605 32.00 84.21 -75.70
C ALA J 605 31.33 82.93 -76.17
N MET J 606 31.62 81.83 -75.48
CA MET J 606 31.10 80.52 -75.83
C MET J 606 30.40 79.93 -74.62
N GLY J 607 29.11 79.61 -74.76
CA GLY J 607 28.39 78.94 -73.73
C GLY J 607 28.67 77.45 -73.74
N ALA J 608 28.02 76.74 -72.82
CA ALA J 608 28.29 75.32 -72.65
C ALA J 608 27.79 74.53 -73.85
N LEU J 609 28.69 73.76 -74.45
CA LEU J 609 28.41 72.79 -75.48
C LEU J 609 28.57 71.38 -74.91
N PRO J 610 27.78 70.41 -75.36
CA PRO J 610 27.99 69.04 -74.92
C PRO J 610 29.36 68.55 -75.34
N GLY J 611 30.00 67.79 -74.46
CA GLY J 611 31.37 67.38 -74.63
C GLY J 611 32.39 68.32 -74.01
N MET J 612 31.96 69.46 -73.48
CA MET J 612 32.86 70.39 -72.84
C MET J 612 33.30 69.87 -71.47
N VAL J 613 34.57 70.08 -71.15
CA VAL J 613 35.13 69.75 -69.84
C VAL J 613 35.95 70.95 -69.37
N TRP J 614 35.93 71.21 -68.06
CA TRP J 614 36.64 72.35 -67.53
C TRP J 614 36.99 72.11 -66.08
N GLN J 615 37.90 72.93 -65.57
CA GLN J 615 38.20 73.00 -64.15
C GLN J 615 37.65 74.28 -63.57
N ASP J 616 37.33 74.24 -62.28
CA ASP J 616 36.84 75.41 -61.57
C ASP J 616 38.02 76.27 -61.13
N ARG J 617 37.71 77.45 -60.59
CA ARG J 617 38.75 78.33 -60.07
C ARG J 617 39.39 77.72 -58.84
N ASP J 618 40.67 78.04 -58.64
CA ASP J 618 41.39 77.58 -57.47
C ASP J 618 40.95 78.33 -56.23
N VAL J 619 41.14 77.70 -55.08
CA VAL J 619 40.95 78.34 -53.79
C VAL J 619 42.31 78.71 -53.23
N TYR J 620 42.34 79.75 -52.40
CA TYR J 620 43.58 80.27 -51.86
C TYR J 620 43.46 80.35 -50.34
N LEU J 621 44.62 80.37 -49.67
CA LEU J 621 44.60 80.49 -48.23
C LEU J 621 43.93 81.79 -47.77
N GLN J 622 44.05 82.84 -48.55
CA GLN J 622 43.43 84.12 -48.26
C GLN J 622 42.04 84.27 -48.85
N GLY J 623 41.53 83.26 -49.55
CA GLY J 623 40.31 83.38 -50.29
C GLY J 623 39.10 82.81 -49.58
N PRO J 624 37.92 83.00 -50.17
CA PRO J 624 36.69 82.49 -49.56
C PRO J 624 36.59 80.98 -49.62
N ILE J 625 35.83 80.43 -48.67
CA ILE J 625 35.60 78.99 -48.61
C ILE J 625 34.33 78.60 -49.35
N TRP J 626 33.21 79.23 -49.04
CA TRP J 626 31.93 78.83 -49.57
C TRP J 626 31.15 80.05 -50.05
N ALA J 627 30.01 79.76 -50.67
CA ALA J 627 29.04 80.78 -51.05
C ALA J 627 27.67 80.14 -51.09
N LYS J 628 26.65 80.90 -50.69
CA LYS J 628 25.28 80.44 -50.82
C LYS J 628 24.85 80.46 -52.27
N ILE J 629 24.34 79.33 -52.75
CA ILE J 629 23.77 79.29 -54.10
C ILE J 629 22.42 79.99 -54.09
N PRO J 630 22.18 80.95 -54.97
CA PRO J 630 20.91 81.66 -54.96
C PRO J 630 19.73 80.72 -55.16
N HIS J 631 18.66 80.99 -54.43
CA HIS J 631 17.45 80.17 -54.52
C HIS J 631 16.67 80.59 -55.75
N THR J 632 17.02 79.98 -56.87
CA THR J 632 16.44 80.26 -58.17
C THR J 632 15.88 78.98 -58.77
N ASP J 633 15.09 79.14 -59.84
CA ASP J 633 14.57 77.98 -60.54
C ASP J 633 15.67 77.18 -61.20
N GLY J 634 16.62 77.85 -61.83
CA GLY J 634 17.69 77.16 -62.52
C GLY J 634 19.04 77.76 -62.19
N HIS J 635 20.05 76.91 -62.27
CA HIS J 635 21.43 77.35 -62.15
C HIS J 635 22.29 76.29 -62.83
N PHE J 636 23.34 76.72 -63.50
CA PHE J 636 24.22 75.83 -64.23
C PHE J 636 25.56 75.76 -63.51
N HIS J 637 25.91 74.56 -63.04
CA HIS J 637 27.17 74.29 -62.36
C HIS J 637 27.39 75.29 -61.22
N PRO J 638 26.62 75.19 -60.14
CA PRO J 638 26.58 76.25 -59.13
C PRO J 638 27.83 76.29 -58.25
N SER J 639 28.98 76.44 -58.89
CA SER J 639 30.24 76.65 -58.21
C SER J 639 30.56 78.14 -58.21
N PRO J 640 30.85 78.73 -57.05
CA PRO J 640 31.05 80.19 -57.01
C PRO J 640 32.18 80.63 -57.90
N LEU J 641 32.02 81.79 -58.52
CA LEU J 641 33.00 82.24 -59.50
C LEU J 641 34.27 82.77 -58.83
N MET J 642 34.17 83.18 -57.57
CA MET J 642 35.39 83.53 -56.83
C MET J 642 36.15 82.29 -56.37
N GLY J 643 35.57 81.12 -56.47
CA GLY J 643 36.19 79.90 -56.00
C GLY J 643 35.60 79.44 -54.68
N GLY J 644 35.61 78.13 -54.49
CA GLY J 644 35.08 77.57 -53.26
C GLY J 644 33.93 76.62 -53.48
N PHE J 645 33.17 76.38 -52.43
CA PHE J 645 32.07 75.43 -52.44
C PHE J 645 30.76 76.20 -52.48
N GLY J 646 29.93 75.89 -53.47
CA GLY J 646 28.59 76.44 -53.50
C GLY J 646 27.66 75.56 -52.70
N LEU J 647 27.01 76.13 -51.69
CA LEU J 647 26.14 75.37 -50.81
C LEU J 647 24.73 75.93 -50.89
N LYS J 648 23.74 75.04 -51.04
CA LYS J 648 22.36 75.48 -50.98
C LYS J 648 21.98 75.95 -49.58
N ASN J 649 22.41 75.20 -48.57
CA ASN J 649 22.27 75.61 -47.17
C ASN J 649 23.67 75.83 -46.62
N PRO J 650 24.24 77.01 -46.77
CA PRO J 650 25.59 77.26 -46.27
C PRO J 650 25.58 77.39 -44.76
N PRO J 651 26.75 77.53 -44.13
CA PRO J 651 26.77 77.86 -42.71
C PRO J 651 25.99 79.14 -42.45
N PRO J 652 25.05 79.11 -41.51
CA PRO J 652 24.19 80.27 -41.31
C PRO J 652 24.94 81.43 -40.67
N GLN J 653 24.37 82.61 -40.84
CA GLN J 653 24.94 83.81 -40.27
C GLN J 653 24.67 83.85 -38.77
N ILE J 654 25.71 84.13 -37.99
CA ILE J 654 25.60 84.36 -36.56
C ILE J 654 25.60 85.86 -36.35
N LEU J 655 24.52 86.38 -35.79
CA LEU J 655 24.32 87.80 -35.62
C LEU J 655 24.32 88.12 -34.14
N ILE J 656 25.02 89.18 -33.78
CA ILE J 656 25.29 89.52 -32.40
C ILE J 656 25.15 91.02 -32.24
N LYS J 657 24.57 91.45 -31.12
CA LYS J 657 24.55 92.88 -30.82
C LYS J 657 24.49 93.07 -29.33
N ASN J 658 24.87 94.26 -28.89
CA ASN J 658 24.74 94.62 -27.49
C ASN J 658 23.31 95.04 -27.21
N THR J 659 22.72 94.50 -26.15
CA THR J 659 21.39 94.93 -25.78
C THR J 659 21.45 96.39 -25.30
N PRO J 660 20.61 97.27 -25.83
CA PRO J 660 20.67 98.67 -25.41
C PRO J 660 20.33 98.82 -23.93
N VAL J 661 21.09 99.67 -23.25
CA VAL J 661 20.85 100.03 -21.86
C VAL J 661 20.48 101.51 -21.83
N PRO J 662 19.23 101.86 -21.55
CA PRO J 662 18.84 103.27 -21.54
C PRO J 662 19.51 104.04 -20.42
N ALA J 663 19.73 105.32 -20.67
CA ALA J 663 20.21 106.22 -19.64
C ALA J 663 19.05 106.63 -18.73
N ASN J 664 19.28 107.64 -17.90
CA ASN J 664 18.30 108.04 -16.92
C ASN J 664 17.04 108.57 -17.60
N PRO J 665 15.87 107.97 -17.36
CA PRO J 665 14.64 108.47 -17.97
C PRO J 665 14.14 109.71 -17.26
N PRO J 666 13.26 110.49 -17.90
CA PRO J 666 12.71 111.67 -17.24
C PRO J 666 11.79 111.30 -16.10
N ALA J 667 11.57 112.27 -15.21
CA ALA J 667 10.67 112.05 -14.07
C ALA J 667 9.22 111.86 -14.51
N GLU J 668 8.79 112.62 -15.51
CA GLU J 668 7.47 112.49 -16.09
C GLU J 668 7.52 111.59 -17.33
N PHE J 669 6.40 110.92 -17.58
CA PHE J 669 6.33 109.97 -18.68
C PHE J 669 6.35 110.67 -20.03
N SER J 670 7.08 110.10 -20.97
CA SER J 670 7.13 110.57 -22.34
C SER J 670 7.02 109.37 -23.27
N ALA J 671 6.10 109.44 -24.23
CA ALA J 671 5.92 108.34 -25.17
C ALA J 671 6.94 108.36 -26.29
N THR J 672 7.69 109.45 -26.44
CA THR J 672 8.78 109.47 -27.41
C THR J 672 9.78 108.37 -27.11
N LYS J 673 10.18 107.65 -28.14
CA LYS J 673 11.07 106.52 -27.95
C LYS J 673 12.42 106.99 -27.42
N PHE J 674 13.07 106.11 -26.67
CA PHE J 674 14.32 106.44 -26.03
C PHE J 674 15.40 106.72 -27.07
N ALA J 675 16.17 107.78 -26.84
CA ALA J 675 17.30 108.10 -27.69
C ALA J 675 18.60 108.23 -26.90
N SER J 676 18.52 108.29 -25.58
CA SER J 676 19.68 108.40 -24.72
C SER J 676 20.00 107.03 -24.16
N PHE J 677 21.17 106.52 -24.50
CA PHE J 677 21.59 105.19 -24.08
C PHE J 677 22.94 105.25 -23.39
N ILE J 678 23.17 104.29 -22.53
CA ILE J 678 24.47 104.12 -21.89
C ILE J 678 25.42 103.53 -22.92
N THR J 679 26.55 104.22 -23.13
CA THR J 679 27.48 103.83 -24.19
C THR J 679 28.28 102.62 -23.74
N GLN J 680 28.23 101.55 -24.51
CA GLN J 680 28.95 100.36 -24.11
C GLN J 680 29.31 99.52 -25.33
N TYR J 681 30.30 98.65 -25.14
CA TYR J 681 30.70 97.68 -26.13
C TYR J 681 30.87 96.34 -25.44
N SER J 682 31.22 95.31 -26.20
CA SER J 682 31.47 94.01 -25.62
C SER J 682 32.69 93.38 -26.26
N THR J 683 33.30 92.46 -25.53
CA THR J 683 34.45 91.72 -26.01
C THR J 683 34.27 90.27 -25.61
N GLY J 684 34.99 89.39 -26.29
CA GLY J 684 34.86 87.99 -25.96
C GLY J 684 35.74 87.13 -26.84
N GLN J 685 35.54 85.83 -26.73
CA GLN J 685 36.27 84.85 -27.50
C GLN J 685 35.31 84.05 -28.36
N VAL J 686 35.75 83.73 -29.57
CA VAL J 686 34.97 82.96 -30.52
C VAL J 686 35.82 81.79 -30.99
N SER J 687 35.23 80.59 -31.01
CA SER J 687 35.89 79.38 -31.48
C SER J 687 35.11 78.81 -32.65
N VAL J 688 35.82 78.45 -33.70
CA VAL J 688 35.25 77.75 -34.85
C VAL J 688 36.08 76.49 -35.08
N GLU J 689 35.42 75.35 -35.16
CA GLU J 689 36.05 74.07 -35.43
C GLU J 689 35.42 73.47 -36.67
N ILE J 690 36.22 73.22 -37.70
CA ILE J 690 35.74 72.60 -38.93
C ILE J 690 36.45 71.28 -39.12
N GLU J 691 35.67 70.22 -39.33
CA GLU J 691 36.16 68.95 -39.82
C GLU J 691 36.07 68.96 -41.34
N TRP J 692 37.19 68.63 -41.99
CA TRP J 692 37.33 68.53 -43.43
C TRP J 692 37.66 67.10 -43.81
N GLU J 693 37.00 66.61 -44.86
CA GLU J 693 37.32 65.34 -45.47
C GLU J 693 38.38 65.53 -46.55
N LEU J 694 39.38 64.66 -46.54
CA LEU J 694 40.49 64.70 -47.47
C LEU J 694 40.33 63.60 -48.52
N GLN J 695 40.89 63.85 -49.68
CA GLN J 695 40.93 62.88 -50.77
C GLN J 695 42.41 62.75 -51.14
N LYS J 696 43.00 61.63 -50.73
CA LYS J 696 44.42 61.39 -50.83
C LYS J 696 44.83 61.13 -52.27
N GLU J 697 46.06 61.52 -52.60
CA GLU J 697 46.64 61.17 -53.88
C GLU J 697 46.85 59.66 -53.95
N ASN J 698 46.69 59.10 -55.14
CA ASN J 698 46.96 57.69 -55.40
C ASN J 698 47.83 57.54 -56.64
N SER J 699 48.81 58.43 -56.80
CA SER J 699 49.50 58.59 -58.06
C SER J 699 50.54 57.50 -58.27
N LYS J 700 50.74 57.13 -59.53
CA LYS J 700 51.79 56.21 -59.95
C LYS J 700 52.90 56.95 -60.69
N ARG J 701 52.92 58.27 -60.59
CA ARG J 701 53.95 59.07 -61.23
C ARG J 701 55.32 58.73 -60.67
N TRP J 702 56.32 58.67 -61.57
CA TRP J 702 57.64 58.27 -61.17
C TRP J 702 58.50 59.44 -60.69
N ASN J 703 58.56 60.50 -61.47
CA ASN J 703 59.38 61.65 -61.13
C ASN J 703 58.74 62.43 -59.98
N PRO J 704 59.53 63.22 -59.25
CA PRO J 704 58.97 63.96 -58.12
C PRO J 704 58.01 65.05 -58.58
N GLU J 705 57.05 65.34 -57.70
CA GLU J 705 56.01 66.33 -57.95
C GLU J 705 56.49 67.72 -57.61
N VAL J 706 55.78 68.71 -58.14
CA VAL J 706 55.96 70.10 -57.72
C VAL J 706 55.24 70.30 -56.39
N GLN J 707 55.95 70.88 -55.43
CA GLN J 707 55.40 71.13 -54.11
C GLN J 707 55.52 72.61 -53.80
N TYR J 708 54.62 73.09 -52.94
CA TYR J 708 54.79 74.42 -52.39
C TYR J 708 55.85 74.36 -51.31
N THR J 709 56.85 75.24 -51.40
CA THR J 709 57.96 75.20 -50.48
C THR J 709 58.33 76.62 -50.05
N SER J 710 58.88 76.72 -48.85
CA SER J 710 59.55 77.93 -48.44
C SER J 710 60.87 78.07 -49.18
N ASN J 711 61.27 79.31 -49.44
CA ASN J 711 62.56 79.56 -50.06
C ASN J 711 63.64 79.48 -49.00
N TYR J 712 64.68 78.70 -49.28
CA TYR J 712 65.85 78.62 -48.41
C TYR J 712 66.82 79.69 -48.89
N ALA J 713 67.00 80.73 -48.07
CA ALA J 713 67.93 81.80 -48.38
C ALA J 713 67.95 82.75 -47.20
N LYS J 714 69.09 83.40 -46.99
CA LYS J 714 69.14 84.43 -45.98
C LYS J 714 68.21 85.57 -46.38
N SER J 715 67.22 85.85 -45.53
CA SER J 715 66.26 86.91 -45.78
C SER J 715 66.11 87.73 -44.51
N ALA J 716 65.75 89.00 -44.67
CA ALA J 716 65.59 89.86 -43.51
C ALA J 716 64.45 89.39 -42.62
N ASN J 717 63.43 88.78 -43.21
CA ASN J 717 62.28 88.27 -42.48
C ASN J 717 61.99 86.84 -42.92
N VAL J 718 61.17 86.16 -42.12
CA VAL J 718 60.63 84.86 -42.48
C VAL J 718 59.24 85.07 -43.05
N ASP J 719 58.91 84.33 -44.10
CA ASP J 719 57.60 84.46 -44.72
C ASP J 719 56.50 83.96 -43.79
N PHE J 720 55.36 84.64 -43.85
CA PHE J 720 54.19 84.31 -43.04
C PHE J 720 54.50 84.42 -41.55
N THR J 721 55.17 85.50 -41.16
CA THR J 721 55.49 85.76 -39.77
C THR J 721 55.20 87.21 -39.43
N VAL J 722 55.61 87.64 -38.25
CA VAL J 722 55.49 89.02 -37.83
C VAL J 722 56.82 89.71 -38.10
N ASP J 723 56.77 91.04 -38.20
CA ASP J 723 57.98 91.82 -38.34
C ASP J 723 58.39 92.34 -36.96
N ASN J 724 59.38 93.24 -36.92
CA ASN J 724 59.81 93.79 -35.66
C ASN J 724 58.76 94.71 -35.03
N ASN J 725 57.77 95.15 -35.80
CA ASN J 725 56.68 95.96 -35.26
C ASN J 725 55.49 95.13 -34.81
N GLY J 726 55.51 93.81 -35.03
CA GLY J 726 54.42 92.96 -34.63
C GLY J 726 53.33 92.76 -35.65
N LEU J 727 53.57 93.11 -36.91
CA LEU J 727 52.54 93.05 -37.94
C LEU J 727 52.67 91.76 -38.72
N TYR J 728 51.64 90.93 -38.66
CA TYR J 728 51.60 89.70 -39.42
C TYR J 728 51.30 90.00 -40.89
N THR J 729 52.11 89.43 -41.79
CA THR J 729 51.95 89.64 -43.21
C THR J 729 52.00 88.30 -43.93
N GLU J 730 51.30 88.22 -45.05
CA GLU J 730 51.34 87.08 -45.95
C GLU J 730 51.99 87.49 -47.25
N PRO J 731 53.20 87.02 -47.56
CA PRO J 731 53.94 87.52 -48.72
C PRO J 731 53.28 87.24 -50.07
N ARG J 732 52.57 86.13 -50.21
CA ARG J 732 52.06 85.73 -51.50
C ARG J 732 50.77 84.95 -51.29
N PRO J 733 49.91 84.88 -52.30
CA PRO J 733 48.76 83.98 -52.23
C PRO J 733 49.15 82.57 -52.64
N ILE J 734 48.72 81.59 -51.86
CA ILE J 734 49.03 80.19 -52.11
C ILE J 734 47.77 79.49 -52.59
N GLY J 735 47.86 78.86 -53.77
CA GLY J 735 46.78 78.04 -54.28
C GLY J 735 46.85 76.63 -53.76
N THR J 736 46.18 75.73 -54.47
CA THR J 736 46.08 74.34 -54.06
C THR J 736 46.68 73.36 -55.05
N ARG J 737 46.80 73.74 -56.32
CA ARG J 737 47.07 72.79 -57.40
C ARG J 737 48.58 72.60 -57.54
N TYR J 738 49.13 71.64 -56.80
CA TYR J 738 50.55 71.33 -56.88
C TYR J 738 50.77 69.90 -57.32
N LEU J 739 50.07 68.96 -56.69
CA LEU J 739 50.09 67.59 -57.17
C LEU J 739 49.43 67.52 -58.53
N THR J 740 49.68 66.44 -59.26
CA THR J 740 49.11 66.28 -60.59
C THR J 740 48.41 64.93 -60.68
N ARG J 741 47.54 64.83 -61.68
CA ARG J 741 46.90 63.56 -62.01
C ARG J 741 46.63 63.56 -63.51
N PRO J 742 46.54 62.38 -64.12
CA PRO J 742 46.27 62.32 -65.56
C PRO J 742 44.85 62.77 -65.89
N LEU J 743 44.72 63.39 -67.06
CA LEU J 743 43.45 63.97 -67.47
C LEU J 743 42.44 62.91 -67.87
N ASP K 219 -26.26 -81.30 15.89
CA ASP K 219 -25.32 -80.96 14.83
C ASP K 219 -25.28 -82.03 13.75
N GLY K 220 -26.14 -83.04 13.86
CA GLY K 220 -26.29 -84.06 12.85
C GLY K 220 -26.16 -85.46 13.40
N VAL K 221 -26.60 -86.42 12.58
CA VAL K 221 -26.52 -87.82 12.94
C VAL K 221 -25.07 -88.31 12.93
N GLY K 222 -24.28 -87.90 11.94
CA GLY K 222 -22.96 -88.44 11.77
C GLY K 222 -21.84 -87.59 12.32
N ASN K 223 -22.17 -86.68 13.21
CA ASN K 223 -21.20 -85.76 13.82
C ASN K 223 -21.29 -85.90 15.33
N ALA K 224 -20.16 -86.18 15.97
CA ALA K 224 -20.13 -86.31 17.42
C ALA K 224 -20.31 -84.95 18.07
N SER K 225 -21.10 -84.91 19.15
CA SER K 225 -21.39 -83.66 19.83
C SER K 225 -20.49 -83.41 21.02
N GLY K 226 -19.49 -84.25 21.25
CA GLY K 226 -18.55 -83.98 22.32
C GLY K 226 -17.42 -84.98 22.26
N ASN K 227 -16.39 -84.69 23.05
CA ASN K 227 -15.20 -85.51 23.12
C ASN K 227 -15.04 -86.07 24.53
N TRP K 228 -14.17 -87.05 24.65
CA TRP K 228 -13.88 -87.67 25.95
C TRP K 228 -12.89 -86.78 26.68
N HIS K 229 -13.31 -86.18 27.77
CA HIS K 229 -12.48 -85.31 28.60
C HIS K 229 -12.37 -85.93 29.98
N CYS K 230 -11.34 -86.74 30.18
CA CYS K 230 -11.06 -87.35 31.48
C CYS K 230 -9.60 -87.07 31.82
N ASP K 231 -9.36 -86.21 32.78
CA ASP K 231 -8.03 -85.68 33.02
C ASP K 231 -7.98 -85.11 34.43
N SER K 232 -6.79 -84.64 34.81
CA SER K 232 -6.62 -83.94 36.08
C SER K 232 -5.43 -83.02 35.94
N THR K 233 -5.65 -81.72 36.07
CA THR K 233 -4.62 -80.71 35.91
C THR K 233 -4.34 -80.07 37.26
N TRP K 234 -3.09 -80.05 37.66
CA TRP K 234 -2.67 -79.49 38.93
C TRP K 234 -1.97 -78.17 38.68
N LEU K 235 -2.61 -77.09 39.09
CA LEU K 235 -1.98 -75.77 39.07
C LEU K 235 -1.37 -75.52 40.43
N GLY K 236 -0.95 -74.29 40.69
CA GLY K 236 -0.30 -74.00 41.97
C GLY K 236 -1.23 -74.19 43.15
N ASP K 237 -2.40 -73.58 43.11
CA ASP K 237 -3.34 -73.65 44.21
C ASP K 237 -4.69 -74.21 43.81
N ARG K 238 -4.85 -74.65 42.56
CA ARG K 238 -6.08 -75.26 42.08
C ARG K 238 -5.76 -76.64 41.55
N VAL K 239 -6.77 -77.50 41.54
CA VAL K 239 -6.74 -78.73 40.77
C VAL K 239 -8.06 -78.85 40.03
N ILE K 240 -8.00 -79.13 38.74
CA ILE K 240 -9.19 -79.30 37.92
C ILE K 240 -9.29 -80.76 37.53
N THR K 241 -10.37 -81.41 37.95
CA THR K 241 -10.62 -82.81 37.67
C THR K 241 -11.76 -82.92 36.66
N THR K 242 -11.51 -83.63 35.57
CA THR K 242 -12.52 -83.89 34.55
C THR K 242 -12.77 -85.39 34.46
N SER K 243 -14.04 -85.77 34.35
CA SER K 243 -14.43 -87.17 34.28
C SER K 243 -15.51 -87.34 33.24
N THR K 244 -15.28 -88.26 32.30
CA THR K 244 -16.29 -88.66 31.34
C THR K 244 -16.66 -90.11 31.59
N ARG K 245 -17.95 -90.40 31.52
CA ARG K 245 -18.48 -91.75 31.70
C ARG K 245 -19.55 -92.02 30.65
N THR K 246 -19.79 -93.30 30.41
CA THR K 246 -20.85 -93.73 29.52
C THR K 246 -22.03 -94.21 30.36
N TRP K 247 -23.20 -93.64 30.08
CA TRP K 247 -24.41 -93.95 30.83
C TRP K 247 -25.46 -94.60 29.94
N ALA K 248 -26.29 -95.41 30.58
CA ALA K 248 -27.48 -96.00 29.98
C ALA K 248 -28.69 -95.61 30.82
N LEU K 249 -29.71 -95.07 30.16
CA LEU K 249 -30.94 -94.63 30.80
C LEU K 249 -32.10 -95.46 30.26
N PRO K 250 -32.77 -96.25 31.09
CA PRO K 250 -33.95 -96.99 30.61
C PRO K 250 -35.22 -96.18 30.73
N THR K 251 -36.34 -96.78 30.39
CA THR K 251 -37.65 -96.21 30.68
C THR K 251 -38.11 -96.72 32.04
N TYR K 252 -38.43 -95.79 32.94
CA TYR K 252 -38.83 -96.11 34.29
C TYR K 252 -40.34 -95.98 34.43
N ASN K 253 -40.96 -96.98 35.05
CA ASN K 253 -42.38 -96.98 35.41
C ASN K 253 -43.31 -97.01 34.20
N ASN K 254 -42.80 -97.32 33.02
CA ASN K 254 -43.57 -97.18 31.78
C ASN K 254 -44.07 -95.76 31.60
N HIS K 255 -43.20 -94.80 31.86
CA HIS K 255 -43.49 -93.36 31.70
C HIS K 255 -44.59 -92.89 32.66
N LEU K 256 -44.74 -93.56 33.78
CA LEU K 256 -45.81 -93.25 34.72
C LEU K 256 -45.26 -92.68 36.02
N TYR K 257 -46.04 -91.82 36.64
CA TYR K 257 -45.81 -91.38 38.00
C TYR K 257 -46.61 -92.29 38.91
N LYS K 258 -45.96 -92.91 39.88
CA LYS K 258 -46.63 -93.85 40.76
C LYS K 258 -46.50 -93.39 42.20
N GLN K 259 -47.56 -93.57 42.96
CA GLN K 259 -47.56 -93.26 44.38
C GLN K 259 -47.10 -94.50 45.15
N ILE K 260 -46.08 -94.32 45.97
CA ILE K 260 -45.49 -95.42 46.73
C ILE K 260 -45.64 -95.14 48.21
N SER K 261 -45.85 -96.20 48.97
CA SER K 261 -45.95 -96.10 50.43
C SER K 261 -45.57 -97.44 51.03
N SER K 262 -45.73 -97.56 52.33
CA SER K 262 -45.38 -98.77 53.07
C SER K 262 -46.60 -99.62 53.41
N ALA K 263 -47.77 -99.27 52.89
CA ALA K 263 -48.99 -99.97 53.27
C ALA K 263 -48.97 -101.42 52.84
N SER K 264 -48.52 -101.71 51.62
CA SER K 264 -48.40 -103.10 51.20
C SER K 264 -47.19 -103.77 51.84
N THR K 265 -46.15 -102.99 52.14
CA THR K 265 -44.96 -103.56 52.76
C THR K 265 -45.28 -104.10 54.15
N GLY K 266 -46.16 -103.43 54.88
CA GLY K 266 -46.43 -103.85 56.25
C GLY K 266 -45.26 -103.66 57.18
N ALA K 267 -44.59 -102.51 57.10
CA ALA K 267 -43.41 -102.24 57.89
C ALA K 267 -43.78 -101.82 59.30
N SER K 268 -42.77 -101.62 60.13
CA SER K 268 -42.97 -101.09 61.47
C SER K 268 -43.27 -99.60 61.41
N ASN K 269 -43.70 -99.06 62.55
CA ASN K 269 -44.05 -97.64 62.60
C ASN K 269 -42.86 -96.75 62.27
N ASP K 270 -41.65 -97.22 62.57
CA ASP K 270 -40.45 -96.45 62.29
C ASP K 270 -40.10 -96.40 60.81
N ASN K 271 -40.57 -97.36 60.02
CA ASN K 271 -40.19 -97.49 58.63
C ASN K 271 -41.31 -97.09 57.67
N HIS K 272 -42.38 -96.49 58.19
CA HIS K 272 -43.47 -96.05 57.34
C HIS K 272 -43.04 -94.88 56.48
N TYR K 273 -43.57 -94.83 55.26
CA TYR K 273 -43.25 -93.72 54.36
C TYR K 273 -44.37 -93.55 53.35
N PHE K 274 -44.38 -92.38 52.72
CA PHE K 274 -45.29 -92.05 51.64
C PHE K 274 -44.53 -91.18 50.67
N GLY K 275 -44.65 -91.46 49.38
CA GLY K 275 -43.94 -90.68 48.41
C GLY K 275 -44.36 -91.01 47.00
N TYR K 276 -43.50 -90.63 46.06
CA TYR K 276 -43.79 -90.80 44.65
C TYR K 276 -42.55 -91.28 43.90
N SER K 277 -42.80 -92.13 42.90
CA SER K 277 -41.79 -92.63 41.98
C SER K 277 -42.03 -91.97 40.62
N THR K 278 -41.01 -91.30 40.08
CA THR K 278 -41.21 -90.64 38.81
C THR K 278 -40.59 -91.47 37.69
N PRO K 279 -40.97 -91.24 36.44
CA PRO K 279 -40.30 -91.89 35.32
C PRO K 279 -38.94 -91.30 34.96
N TRP K 280 -38.45 -90.33 35.73
CA TRP K 280 -37.19 -89.68 35.44
C TRP K 280 -36.04 -90.37 36.16
N GLY K 281 -34.85 -90.26 35.58
CA GLY K 281 -33.62 -90.57 36.25
C GLY K 281 -32.87 -89.29 36.55
N TYR K 282 -31.82 -89.41 37.36
CA TYR K 282 -31.03 -88.25 37.71
C TYR K 282 -29.55 -88.60 37.61
N PHE K 283 -28.74 -87.56 37.43
CA PHE K 283 -27.30 -87.71 37.35
C PHE K 283 -26.69 -87.39 38.71
N ASP K 284 -25.83 -88.28 39.19
CA ASP K 284 -25.20 -88.17 40.49
C ASP K 284 -23.70 -88.28 40.34
N PHE K 285 -22.98 -87.28 40.84
CA PHE K 285 -21.52 -87.32 40.89
C PHE K 285 -21.07 -86.81 42.25
N ASN K 286 -21.76 -87.24 43.31
CA ASN K 286 -21.53 -86.78 44.66
C ASN K 286 -20.66 -87.75 45.45
N ARG K 287 -19.65 -88.34 44.83
CA ARG K 287 -18.62 -89.09 45.51
C ARG K 287 -17.27 -88.63 45.02
N PHE K 288 -16.26 -88.73 45.88
CA PHE K 288 -14.95 -88.17 45.52
C PHE K 288 -14.26 -89.00 44.44
N HIS K 289 -14.52 -90.29 44.37
CA HIS K 289 -13.87 -91.11 43.35
C HIS K 289 -14.51 -90.98 41.99
N CYS K 290 -15.64 -90.27 41.86
CA CYS K 290 -16.14 -89.90 40.55
C CYS K 290 -15.23 -88.87 39.89
N HIS K 291 -14.36 -88.22 40.65
CA HIS K 291 -13.53 -87.14 40.16
C HIS K 291 -12.04 -87.37 40.35
N PHE K 292 -11.63 -88.05 41.41
CA PHE K 292 -10.23 -88.28 41.71
C PHE K 292 -9.88 -89.73 41.47
N SER K 293 -8.80 -89.97 40.73
CA SER K 293 -8.19 -91.28 40.73
C SER K 293 -7.51 -91.48 42.09
N PRO K 294 -7.23 -92.73 42.48
CA PRO K 294 -6.51 -92.93 43.74
C PRO K 294 -5.16 -92.24 43.78
N ARG K 295 -4.45 -92.17 42.66
CA ARG K 295 -3.20 -91.43 42.59
C ARG K 295 -3.42 -89.94 42.84
N ASP K 296 -4.46 -89.37 42.23
CA ASP K 296 -4.76 -87.95 42.44
C ASP K 296 -5.18 -87.69 43.89
N TRP K 297 -5.95 -88.60 44.47
CA TRP K 297 -6.33 -88.47 45.87
C TRP K 297 -5.13 -88.49 46.78
N GLN K 298 -4.19 -89.41 46.53
CA GLN K 298 -2.97 -89.47 47.31
C GLN K 298 -2.15 -88.21 47.15
N ARG K 299 -2.04 -87.70 45.92
CA ARG K 299 -1.34 -86.45 45.67
C ARG K 299 -1.97 -85.29 46.43
N LEU K 300 -3.30 -85.26 46.49
CA LEU K 300 -3.98 -84.20 47.22
C LEU K 300 -3.74 -84.31 48.72
N ILE K 301 -3.96 -85.49 49.29
CA ILE K 301 -3.97 -85.65 50.74
C ILE K 301 -2.56 -85.68 51.33
N ASN K 302 -1.55 -86.01 50.55
CA ASN K 302 -0.20 -86.02 51.07
C ASN K 302 0.47 -84.65 51.03
N ASN K 303 -0.15 -83.68 50.37
CA ASN K 303 0.50 -82.40 50.12
C ASN K 303 -0.31 -81.19 50.53
N ASN K 304 -1.61 -81.33 50.77
CA ASN K 304 -2.44 -80.17 51.02
C ASN K 304 -3.01 -80.22 52.43
N TRP K 305 -3.04 -79.05 53.07
CA TRP K 305 -3.68 -78.92 54.37
C TRP K 305 -5.19 -78.79 54.27
N GLY K 306 -5.71 -78.40 53.12
CA GLY K 306 -7.15 -78.35 52.99
C GLY K 306 -7.56 -78.22 51.54
N PHE K 307 -8.86 -78.41 51.31
CA PHE K 307 -9.34 -78.23 49.94
C PHE K 307 -10.83 -77.96 49.95
N ARG K 308 -11.32 -77.39 48.84
CA ARG K 308 -12.75 -77.13 48.71
C ARG K 308 -13.08 -76.98 47.23
N PRO K 309 -14.35 -77.16 46.85
CA PRO K 309 -14.72 -76.97 45.45
C PRO K 309 -15.10 -75.54 45.11
N LYS K 310 -14.62 -75.09 43.95
CA LYS K 310 -14.84 -73.76 43.41
C LYS K 310 -15.90 -73.75 42.32
N ARG K 311 -15.78 -74.58 41.29
CA ARG K 311 -16.77 -74.48 40.23
C ARG K 311 -16.90 -75.82 39.51
N LEU K 312 -17.97 -75.96 38.74
CA LEU K 312 -18.14 -77.18 37.96
C LEU K 312 -18.84 -76.90 36.64
N ASN K 313 -18.52 -77.74 35.66
CA ASN K 313 -19.15 -77.80 34.36
C ASN K 313 -19.70 -79.19 34.15
N PHE K 314 -20.90 -79.27 33.59
CA PHE K 314 -21.57 -80.52 33.31
C PHE K 314 -21.93 -80.53 31.84
N LYS K 315 -21.61 -81.62 31.16
CA LYS K 315 -21.96 -81.78 29.75
C LYS K 315 -22.55 -83.15 29.52
N LEU K 316 -23.53 -83.20 28.62
CA LEU K 316 -24.21 -84.41 28.23
C LEU K 316 -24.19 -84.46 26.71
N PHE K 317 -23.60 -85.51 26.14
CA PHE K 317 -23.32 -85.48 24.72
C PHE K 317 -23.36 -86.90 24.16
N ASN K 318 -23.45 -86.99 22.83
CA ASN K 318 -23.46 -88.24 22.09
C ASN K 318 -24.65 -89.11 22.48
N ILE K 319 -25.84 -88.53 22.37
CA ILE K 319 -27.08 -89.23 22.73
C ILE K 319 -27.42 -90.23 21.65
N GLN K 320 -27.76 -91.45 22.06
CA GLN K 320 -28.25 -92.48 21.16
C GLN K 320 -29.48 -93.11 21.77
N VAL K 321 -30.62 -92.97 21.12
CA VAL K 321 -31.84 -93.63 21.54
C VAL K 321 -31.97 -94.94 20.78
N LYS K 322 -32.22 -96.01 21.50
CA LYS K 322 -32.31 -97.35 20.93
C LYS K 322 -33.69 -97.93 21.18
N GLU K 323 -34.31 -98.42 20.11
CA GLU K 323 -35.58 -99.12 20.16
C GLU K 323 -35.34 -100.62 20.34
N VAL K 324 -36.13 -101.24 21.21
CA VAL K 324 -36.00 -102.66 21.55
C VAL K 324 -37.31 -103.37 21.23
N THR K 325 -37.22 -104.48 20.50
CA THR K 325 -38.36 -105.35 20.23
C THR K 325 -37.98 -106.78 20.58
N THR K 326 -38.77 -107.44 21.43
CA THR K 326 -38.55 -108.84 21.75
C THR K 326 -39.68 -109.66 21.13
N ASN K 327 -39.33 -110.53 20.20
CA ASN K 327 -40.28 -111.42 19.54
C ASN K 327 -39.77 -112.86 19.61
N ASP K 328 -40.64 -113.77 20.05
CA ASP K 328 -40.33 -115.19 20.13
C ASP K 328 -39.09 -115.45 20.97
N GLY K 329 -38.80 -114.54 21.91
CA GLY K 329 -37.66 -114.67 22.79
C GLY K 329 -36.39 -114.01 22.31
N VAL K 330 -36.33 -113.60 21.04
CA VAL K 330 -35.13 -112.96 20.52
C VAL K 330 -35.35 -111.46 20.47
N THR K 331 -34.29 -110.71 20.80
CA THR K 331 -34.36 -109.27 21.01
C THR K 331 -33.62 -108.55 19.89
N THR K 332 -34.30 -107.60 19.26
CA THR K 332 -33.73 -106.73 18.24
C THR K 332 -33.60 -105.32 18.81
N ILE K 333 -32.43 -104.73 18.61
CA ILE K 333 -32.18 -103.34 19.00
C ILE K 333 -31.85 -102.56 17.74
N ALA K 334 -32.52 -101.43 17.55
CA ALA K 334 -32.27 -100.57 16.42
C ALA K 334 -32.07 -99.14 16.91
N ASN K 335 -31.56 -98.29 16.04
CA ASN K 335 -31.43 -96.88 16.36
C ASN K 335 -32.73 -96.16 16.05
N ASN K 336 -33.13 -95.28 16.96
CA ASN K 336 -34.28 -94.41 16.76
C ASN K 336 -33.73 -93.00 16.60
N LEU K 337 -33.57 -92.57 15.35
CA LEU K 337 -32.87 -91.33 15.08
C LEU K 337 -33.69 -90.09 15.41
N THR K 338 -35.01 -90.22 15.56
CA THR K 338 -35.88 -89.07 15.77
C THR K 338 -36.42 -88.98 17.20
N SER K 339 -35.95 -89.82 18.10
CA SER K 339 -36.42 -89.77 19.48
C SER K 339 -35.57 -88.80 20.30
N THR K 340 -36.14 -88.36 21.41
CA THR K 340 -35.51 -87.34 22.24
C THR K 340 -35.37 -87.82 23.68
N VAL K 341 -34.40 -87.25 24.37
CA VAL K 341 -34.31 -87.30 25.83
C VAL K 341 -34.54 -85.90 26.35
N GLN K 342 -35.37 -85.78 27.38
CA GLN K 342 -35.58 -84.52 28.06
C GLN K 342 -34.61 -84.40 29.23
N VAL K 343 -33.92 -83.28 29.31
CA VAL K 343 -32.96 -83.01 30.37
C VAL K 343 -33.26 -81.65 30.95
N PHE K 344 -33.26 -81.54 32.28
CA PHE K 344 -33.30 -80.21 32.88
C PHE K 344 -32.53 -80.22 34.19
N SER K 345 -32.06 -79.05 34.57
CA SER K 345 -31.35 -78.83 35.83
C SER K 345 -32.28 -78.07 36.76
N ASP K 346 -32.40 -78.55 37.99
CA ASP K 346 -33.29 -77.93 38.98
C ASP K 346 -32.51 -76.85 39.72
N SER K 347 -32.26 -75.75 39.01
CA SER K 347 -31.38 -74.70 39.50
C SER K 347 -31.98 -73.86 40.60
N GLU K 348 -33.30 -73.87 40.75
CA GLU K 348 -33.96 -73.10 41.80
C GLU K 348 -34.35 -73.95 42.99
N TYR K 349 -33.95 -75.21 43.02
CA TYR K 349 -34.19 -76.11 44.15
C TYR K 349 -35.67 -76.18 44.50
N GLN K 350 -36.49 -76.32 43.48
CA GLN K 350 -37.93 -76.43 43.65
C GLN K 350 -38.39 -77.87 43.84
N LEU K 351 -37.52 -78.81 43.71
CA LEU K 351 -37.78 -80.23 43.85
C LEU K 351 -37.17 -80.75 45.14
N PRO K 352 -37.68 -81.85 45.66
CA PRO K 352 -36.99 -82.50 46.78
C PRO K 352 -35.60 -82.94 46.37
N TYR K 353 -34.62 -82.62 47.22
CA TYR K 353 -33.22 -82.92 46.94
C TYR K 353 -32.91 -84.30 47.49
N VAL K 354 -32.80 -85.29 46.59
CA VAL K 354 -32.50 -86.65 47.03
C VAL K 354 -31.01 -86.95 46.97
N LEU K 355 -30.21 -86.06 46.38
CA LEU K 355 -28.77 -86.19 46.49
C LEU K 355 -28.36 -85.88 47.92
N GLY K 356 -27.17 -86.29 48.30
CA GLY K 356 -26.74 -86.08 49.65
C GLY K 356 -27.29 -87.05 50.67
N SER K 357 -27.89 -88.15 50.21
CA SER K 357 -28.32 -89.24 51.09
C SER K 357 -27.48 -90.48 50.90
N ALA K 358 -26.35 -90.37 50.18
CA ALA K 358 -25.39 -91.46 49.98
C ALA K 358 -26.02 -92.64 49.24
N HIS K 359 -26.62 -92.35 48.10
CA HIS K 359 -27.29 -93.38 47.30
C HIS K 359 -26.37 -93.91 46.20
N GLN K 360 -26.68 -95.11 45.76
CA GLN K 360 -26.02 -95.68 44.61
C GLN K 360 -26.46 -94.97 43.33
N GLY K 361 -25.68 -95.15 42.27
CA GLY K 361 -26.03 -94.54 41.01
C GLY K 361 -25.12 -93.41 40.58
N CYS K 362 -24.07 -93.16 41.34
CA CYS K 362 -23.08 -92.16 40.94
C CYS K 362 -22.28 -92.64 39.74
N LEU K 363 -21.48 -91.75 39.18
CA LEU K 363 -20.52 -92.16 38.17
C LEU K 363 -19.56 -93.17 38.80
N PRO K 364 -19.25 -94.26 38.10
CA PRO K 364 -18.36 -95.27 38.67
C PRO K 364 -16.95 -94.72 38.87
N PRO K 365 -16.21 -95.26 39.84
CA PRO K 365 -14.83 -94.76 40.04
C PRO K 365 -13.93 -95.00 38.85
N PHE K 366 -14.08 -96.12 38.17
CA PHE K 366 -13.22 -96.44 37.04
C PHE K 366 -13.79 -95.85 35.76
N PRO K 367 -13.01 -95.07 35.01
CA PRO K 367 -13.54 -94.38 33.82
C PRO K 367 -14.01 -95.31 32.72
N ALA K 368 -13.60 -96.59 32.74
CA ALA K 368 -14.01 -97.52 31.71
C ALA K 368 -15.39 -98.13 31.97
N ASP K 369 -15.98 -97.89 33.14
CA ASP K 369 -17.21 -98.54 33.50
C ASP K 369 -18.42 -97.78 32.95
N VAL K 370 -19.40 -98.54 32.49
CA VAL K 370 -20.65 -98.00 31.98
C VAL K 370 -21.71 -98.15 33.04
N PHE K 371 -22.42 -97.06 33.35
CA PHE K 371 -23.32 -97.07 34.48
C PHE K 371 -24.76 -96.78 34.07
N MET K 372 -25.68 -97.39 34.80
CA MET K 372 -27.10 -97.18 34.62
C MET K 372 -27.54 -95.98 35.45
N ILE K 373 -28.43 -95.18 34.90
CA ILE K 373 -28.88 -93.97 35.57
C ILE K 373 -29.97 -94.32 36.57
N PRO K 374 -29.86 -93.89 37.84
CA PRO K 374 -30.85 -94.25 38.84
C PRO K 374 -32.16 -93.49 38.68
N GLN K 375 -33.24 -94.13 39.13
CA GLN K 375 -34.57 -93.54 39.01
C GLN K 375 -34.79 -92.48 40.07
N TYR K 376 -35.53 -91.44 39.71
CA TYR K 376 -35.86 -90.38 40.64
C TYR K 376 -37.16 -90.70 41.38
N GLY K 377 -37.13 -90.49 42.68
CA GLY K 377 -38.31 -90.61 43.51
C GLY K 377 -38.07 -89.81 44.76
N TYR K 378 -39.16 -89.44 45.41
CA TYR K 378 -39.04 -88.63 46.61
C TYR K 378 -40.08 -89.08 47.61
N LEU K 379 -39.90 -88.64 48.85
CA LEU K 379 -40.83 -88.88 49.93
C LEU K 379 -41.42 -87.55 50.36
N THR K 380 -42.65 -87.60 50.85
CA THR K 380 -43.33 -86.42 51.34
C THR K 380 -43.86 -86.72 52.74
N LEU K 381 -44.54 -85.74 53.33
CA LEU K 381 -45.08 -85.90 54.67
C LEU K 381 -46.01 -87.10 54.73
N ASN K 382 -45.84 -87.92 55.76
CA ASN K 382 -46.66 -89.10 55.92
C ASN K 382 -47.12 -89.23 57.36
N ASN K 383 -48.33 -89.80 57.52
CA ASN K 383 -48.90 -90.14 58.81
C ASN K 383 -49.09 -91.65 58.80
N GLY K 384 -48.04 -92.36 59.16
CA GLY K 384 -48.03 -93.80 58.94
C GLY K 384 -47.76 -94.07 57.48
N SER K 385 -48.57 -94.91 56.87
CA SER K 385 -48.49 -95.14 55.44
C SER K 385 -49.38 -94.21 54.64
N GLN K 386 -50.04 -93.26 55.30
CA GLN K 386 -50.95 -92.33 54.66
C GLN K 386 -50.27 -90.99 54.44
N ALA K 387 -50.93 -90.14 53.66
CA ALA K 387 -50.47 -88.79 53.41
C ALA K 387 -51.21 -87.81 54.31
N VAL K 388 -50.88 -86.54 54.19
CA VAL K 388 -51.58 -85.47 54.87
C VAL K 388 -51.93 -84.41 53.84
N GLY K 389 -52.58 -83.33 54.31
CA GLY K 389 -52.93 -82.26 53.41
C GLY K 389 -51.73 -81.52 52.86
N ARG K 390 -50.68 -81.40 53.65
CA ARG K 390 -49.47 -80.68 53.26
C ARG K 390 -48.48 -81.55 52.53
N SER K 391 -48.82 -82.82 52.29
CA SER K 391 -48.00 -83.66 51.44
C SER K 391 -47.98 -83.11 50.03
N SER K 392 -46.79 -82.97 49.46
CA SER K 392 -46.64 -82.37 48.15
C SER K 392 -46.50 -83.43 47.08
N PHE K 393 -46.92 -83.06 45.87
CA PHE K 393 -46.71 -83.85 44.68
C PHE K 393 -46.06 -82.96 43.64
N TYR K 394 -45.07 -83.50 42.94
CA TYR K 394 -44.32 -82.74 41.95
C TYR K 394 -44.37 -83.49 40.64
N CYS K 395 -44.97 -82.87 39.63
CA CYS K 395 -44.81 -83.34 38.26
C CYS K 395 -43.54 -82.73 37.70
N LEU K 396 -42.61 -83.58 37.27
CA LEU K 396 -41.37 -83.07 36.71
C LEU K 396 -41.52 -82.65 35.25
N GLU K 397 -42.61 -83.01 34.61
CA GLU K 397 -42.94 -82.45 33.30
C GLU K 397 -43.45 -81.03 33.40
N TYR K 398 -43.72 -80.55 34.59
CA TYR K 398 -44.11 -79.18 34.84
C TYR K 398 -42.92 -78.23 34.91
N PHE K 399 -41.78 -78.66 34.38
CA PHE K 399 -40.57 -77.87 34.29
C PHE K 399 -40.22 -77.66 32.82
N PRO K 400 -39.53 -76.57 32.49
CA PRO K 400 -38.93 -76.45 31.15
C PRO K 400 -37.77 -77.41 31.00
N SER K 401 -37.84 -78.27 30.00
CA SER K 401 -36.80 -79.24 29.70
C SER K 401 -36.21 -78.94 28.33
N GLN K 402 -34.94 -79.28 28.17
CA GLN K 402 -34.33 -79.29 26.85
C GLN K 402 -34.50 -80.67 26.25
N MET K 403 -35.04 -80.73 25.04
CA MET K 403 -35.22 -81.98 24.31
C MET K 403 -34.03 -82.18 23.39
N LEU K 404 -33.39 -83.34 23.52
CA LEU K 404 -32.15 -83.65 22.82
C LEU K 404 -32.38 -84.81 21.87
N ARG K 405 -32.17 -84.59 20.59
CA ARG K 405 -32.07 -85.66 19.63
C ARG K 405 -30.62 -86.12 19.55
N THR K 406 -30.31 -87.02 18.63
CA THR K 406 -28.99 -87.65 18.63
C THR K 406 -27.86 -86.68 18.28
N GLY K 407 -28.17 -85.50 17.75
CA GLY K 407 -27.13 -84.55 17.40
C GLY K 407 -26.97 -83.41 18.39
N ASN K 408 -27.76 -83.42 19.45
CA ASN K 408 -27.77 -82.33 20.42
C ASN K 408 -26.95 -82.69 21.66
N ASN K 409 -26.51 -81.65 22.37
CA ASN K 409 -25.85 -81.81 23.66
C ASN K 409 -26.44 -80.83 24.65
N PHE K 410 -26.05 -81.00 25.91
CA PHE K 410 -26.57 -80.24 27.02
C PHE K 410 -25.39 -79.78 27.87
N THR K 411 -25.34 -78.49 28.21
CA THR K 411 -24.27 -77.97 29.05
C THR K 411 -24.86 -77.20 30.22
N PHE K 412 -24.11 -77.13 31.30
CA PHE K 412 -24.58 -76.44 32.49
C PHE K 412 -23.38 -76.10 33.38
N SER K 413 -23.30 -74.84 33.80
CA SER K 413 -22.22 -74.39 34.67
C SER K 413 -22.77 -74.05 36.05
N TYR K 414 -21.93 -74.23 37.07
CA TYR K 414 -22.34 -73.94 38.43
C TYR K 414 -21.13 -73.45 39.21
N THR K 415 -21.36 -72.47 40.09
CA THR K 415 -20.32 -71.95 40.97
C THR K 415 -20.68 -72.28 42.40
N PHE K 416 -19.73 -72.87 43.12
CA PHE K 416 -19.93 -73.15 44.53
C PHE K 416 -19.88 -71.88 45.36
N GLU K 417 -20.68 -71.84 46.41
CA GLU K 417 -20.58 -70.78 47.40
C GLU K 417 -19.28 -70.91 48.17
N GLU K 418 -18.90 -69.84 48.86
CA GLU K 418 -17.68 -69.85 49.65
C GLU K 418 -17.90 -70.72 50.88
N VAL K 419 -17.45 -71.97 50.79
CA VAL K 419 -17.55 -72.95 51.86
C VAL K 419 -16.17 -73.02 52.52
N PRO K 420 -16.08 -73.36 53.80
CA PRO K 420 -14.75 -73.51 54.40
C PRO K 420 -14.00 -74.70 53.81
N PHE K 421 -12.68 -74.58 53.80
CA PHE K 421 -11.83 -75.68 53.39
C PHE K 421 -12.07 -76.89 54.28
N HIS K 422 -12.16 -78.07 53.67
CA HIS K 422 -12.06 -79.28 54.44
C HIS K 422 -10.62 -79.48 54.89
N SER K 423 -10.47 -79.97 56.12
CA SER K 423 -9.19 -80.11 56.80
C SER K 423 -8.55 -81.44 56.44
N SER K 424 -7.52 -81.40 55.60
CA SER K 424 -6.75 -82.59 55.26
C SER K 424 -5.59 -82.81 56.21
N TYR K 425 -5.72 -82.38 57.46
CA TYR K 425 -4.65 -82.47 58.43
C TYR K 425 -5.18 -83.09 59.72
N ALA K 426 -4.26 -83.69 60.46
CA ALA K 426 -4.42 -84.00 61.87
C ALA K 426 -3.71 -82.95 62.70
N HIS K 427 -3.96 -82.98 64.00
CA HIS K 427 -3.32 -82.07 64.92
C HIS K 427 -2.14 -82.75 65.60
N SER K 428 -1.02 -82.04 65.67
CA SER K 428 0.17 -82.55 66.34
C SER K 428 0.11 -82.41 67.85
N GLN K 429 -0.85 -81.67 68.36
CA GLN K 429 -1.03 -81.50 69.80
C GLN K 429 -2.43 -81.94 70.19
N SER K 430 -2.57 -82.35 71.44
CA SER K 430 -3.87 -82.64 72.01
C SER K 430 -4.38 -81.41 72.76
N LEU K 431 -5.70 -81.32 72.89
CA LEU K 431 -6.31 -80.13 73.47
C LEU K 431 -5.98 -79.99 74.95
N ASP K 432 -5.80 -81.09 75.65
CA ASP K 432 -5.43 -81.05 77.05
C ASP K 432 -3.92 -81.03 77.28
N ARG K 433 -3.14 -80.75 76.22
CA ARG K 433 -1.70 -80.74 76.28
C ARG K 433 -1.15 -79.53 75.55
N LEU K 434 -1.76 -78.37 75.75
CA LEU K 434 -1.40 -77.16 75.03
C LEU K 434 -0.48 -76.26 75.85
N MET K 435 0.02 -76.73 76.98
CA MET K 435 0.79 -75.91 77.90
C MET K 435 2.28 -76.06 77.66
N ASN K 436 3.03 -75.14 78.22
CA ASN K 436 4.48 -75.30 78.33
C ASN K 436 4.78 -76.35 79.39
N PRO K 437 5.47 -77.44 79.04
CA PRO K 437 5.75 -78.49 80.02
C PRO K 437 6.89 -78.18 80.96
N LEU K 438 7.48 -76.99 80.91
CA LEU K 438 8.59 -76.62 81.77
C LEU K 438 8.23 -75.58 82.81
N ILE K 439 7.25 -74.74 82.54
CA ILE K 439 6.93 -73.60 83.39
C ILE K 439 5.66 -73.91 84.17
N ASP K 440 5.62 -73.44 85.42
CA ASP K 440 4.42 -73.53 86.23
C ASP K 440 3.41 -72.48 85.81
N GLN K 441 2.24 -72.55 86.40
CA GLN K 441 1.20 -71.57 86.19
C GLN K 441 1.20 -70.56 87.34
N TYR K 442 0.52 -69.44 87.13
CA TYR K 442 0.27 -68.52 88.23
C TYR K 442 -1.14 -68.71 88.80
N LEU K 443 -1.86 -69.71 88.35
CA LEU K 443 -3.20 -70.01 88.83
C LEU K 443 -3.15 -71.18 89.79
N TYR K 444 -3.92 -71.07 90.86
CA TYR K 444 -3.99 -72.11 91.87
C TYR K 444 -5.30 -72.87 91.75
N TYR K 445 -5.30 -74.09 92.25
CA TYR K 445 -6.48 -74.94 92.28
C TYR K 445 -6.55 -75.62 93.63
N LEU K 446 -7.75 -76.00 94.03
CA LEU K 446 -7.92 -76.76 95.26
C LEU K 446 -7.41 -78.17 95.05
N ASN K 447 -6.38 -78.54 95.81
CA ASN K 447 -5.71 -79.83 95.65
C ASN K 447 -6.13 -80.85 96.69
N ARG K 448 -6.25 -80.45 97.94
CA ARG K 448 -6.65 -81.34 99.02
C ARG K 448 -7.75 -80.69 99.83
N THR K 449 -8.75 -81.49 100.21
CA THR K 449 -9.69 -81.09 101.24
C THR K 449 -9.51 -81.88 102.53
N GLN K 450 -8.42 -82.62 102.65
CA GLN K 450 -8.05 -83.32 103.87
C GLN K 450 -6.57 -83.07 104.14
N ASN K 451 -6.16 -83.34 105.37
CA ASN K 451 -4.77 -83.13 105.74
C ASN K 451 -3.86 -84.13 105.02
N GLN K 452 -2.74 -83.63 104.53
CA GLN K 452 -1.82 -84.47 103.76
C GLN K 452 -1.04 -85.43 104.63
N SER K 453 -0.81 -85.10 105.90
CA SER K 453 0.05 -85.92 106.76
C SER K 453 -0.51 -87.32 106.95
N GLY K 454 -1.82 -87.42 107.23
CA GLY K 454 -2.47 -88.71 107.37
C GLY K 454 -2.48 -89.28 108.78
N SER K 455 -1.67 -88.74 109.69
CA SER K 455 -1.72 -89.20 111.08
C SER K 455 -3.09 -88.93 111.69
N ALA K 456 -3.65 -87.76 111.41
CA ALA K 456 -5.05 -87.47 111.64
C ALA K 456 -5.78 -87.40 110.31
N GLN K 457 -7.11 -87.42 110.37
CA GLN K 457 -7.96 -87.40 109.20
C GLN K 457 -8.80 -86.13 109.13
N ASN K 458 -8.18 -84.98 109.42
CA ASN K 458 -8.90 -83.73 109.49
C ASN K 458 -9.07 -83.12 108.11
N LYS K 459 -10.13 -82.33 107.96
CA LYS K 459 -10.35 -81.63 106.72
C LYS K 459 -9.44 -80.42 106.62
N ASP K 460 -9.35 -79.85 105.42
CA ASP K 460 -8.53 -78.67 105.18
C ASP K 460 -8.93 -78.05 103.84
N LEU K 461 -8.22 -77.00 103.48
CA LEU K 461 -8.36 -76.36 102.17
C LEU K 461 -6.95 -76.03 101.70
N LEU K 462 -6.35 -76.95 100.96
CA LEU K 462 -4.97 -76.83 100.50
C LEU K 462 -4.97 -76.60 99.01
N PHE K 463 -4.24 -75.57 98.59
CA PHE K 463 -4.22 -75.15 97.20
C PHE K 463 -2.83 -75.36 96.61
N SER K 464 -2.79 -75.85 95.38
CA SER K 464 -1.54 -76.08 94.68
C SER K 464 -1.48 -75.22 93.43
N ARG K 465 -0.28 -74.99 92.96
CA ARG K 465 -0.03 -74.25 91.74
C ARG K 465 -0.02 -75.20 90.55
N GLY K 466 -0.58 -74.73 89.44
CA GLY K 466 -0.56 -75.50 88.21
C GLY K 466 0.86 -75.78 87.75
N SER K 467 1.23 -77.05 87.73
CA SER K 467 2.59 -77.48 87.47
C SER K 467 2.62 -78.55 86.39
N PRO K 468 3.75 -78.72 85.70
CA PRO K 468 3.85 -79.81 84.71
C PRO K 468 3.76 -81.19 85.32
N ALA K 469 3.94 -81.35 86.63
CA ALA K 469 3.76 -82.66 87.25
C ALA K 469 2.32 -83.13 87.11
N GLY K 470 1.36 -82.29 87.49
CA GLY K 470 -0.02 -82.60 87.26
C GLY K 470 -0.62 -81.75 86.16
N MET K 471 -0.74 -82.33 84.97
CA MET K 471 -1.28 -81.62 83.82
C MET K 471 -2.79 -81.77 83.71
N SER K 472 -3.36 -82.79 84.36
CA SER K 472 -4.78 -83.03 84.30
C SER K 472 -5.57 -82.03 85.13
N VAL K 473 -4.96 -81.41 86.14
CA VAL K 473 -5.64 -80.50 87.04
C VAL K 473 -5.32 -79.05 86.75
N GLN K 474 -4.51 -78.77 85.74
CA GLN K 474 -4.21 -77.39 85.39
C GLN K 474 -5.45 -76.71 84.81
N PRO K 475 -5.72 -75.46 85.19
CA PRO K 475 -6.73 -74.68 84.49
C PRO K 475 -6.41 -74.59 83.00
N LYS K 476 -7.45 -74.69 82.18
CA LYS K 476 -7.30 -74.66 80.73
C LYS K 476 -8.33 -73.72 80.13
N ASN K 477 -8.16 -73.41 78.85
CA ASN K 477 -8.96 -72.40 78.19
C ASN K 477 -10.07 -72.94 77.32
N TRP K 478 -10.02 -74.22 76.93
CA TRP K 478 -10.95 -74.76 75.95
C TRP K 478 -11.47 -76.11 76.42
N LEU K 479 -12.53 -76.57 75.76
CA LEU K 479 -13.20 -77.81 76.04
C LEU K 479 -13.27 -78.68 74.79
N PRO K 480 -13.31 -80.00 74.94
CA PRO K 480 -13.52 -80.87 73.77
C PRO K 480 -14.93 -80.72 73.24
N GLY K 481 -15.08 -81.05 71.96
CA GLY K 481 -16.34 -80.89 71.27
C GLY K 481 -17.47 -81.68 71.88
N PRO K 482 -18.68 -81.48 71.34
CA PRO K 482 -19.85 -82.17 71.89
C PRO K 482 -19.83 -83.66 71.59
N CYS K 483 -20.59 -84.40 72.38
CA CYS K 483 -20.61 -85.85 72.24
C CYS K 483 -22.03 -86.35 72.34
N TYR K 484 -22.28 -87.53 71.77
CA TYR K 484 -23.53 -88.26 71.89
C TYR K 484 -23.18 -89.74 71.89
N ARG K 485 -23.05 -90.33 73.08
CA ARG K 485 -22.37 -91.61 73.23
C ARG K 485 -23.03 -92.71 72.41
N GLN K 486 -22.18 -93.55 71.81
CA GLN K 486 -22.59 -94.72 71.04
C GLN K 486 -22.21 -95.98 71.80
N GLN K 487 -22.76 -97.10 71.35
CA GLN K 487 -22.44 -98.40 71.94
C GLN K 487 -21.17 -98.94 71.32
N ARG K 488 -20.36 -99.61 72.13
CA ARG K 488 -19.05 -100.08 71.72
C ARG K 488 -19.15 -101.52 71.24
N VAL K 489 -18.81 -101.75 69.98
CA VAL K 489 -18.83 -103.07 69.38
C VAL K 489 -17.40 -103.46 69.05
N SER K 490 -17.04 -104.69 69.37
CA SER K 490 -15.72 -105.21 69.06
C SER K 490 -15.71 -105.87 67.69
N LYS K 491 -14.66 -105.60 66.91
CA LYS K 491 -14.49 -106.27 65.64
C LYS K 491 -14.22 -107.76 65.81
N THR K 492 -13.79 -108.18 67.00
CA THR K 492 -13.70 -109.59 67.35
C THR K 492 -15.01 -110.00 67.99
N LYS K 493 -15.78 -110.83 67.28
CA LYS K 493 -17.17 -111.07 67.66
C LYS K 493 -17.32 -111.79 68.99
N THR K 494 -16.30 -112.49 69.47
CA THR K 494 -16.44 -113.22 70.72
C THR K 494 -16.54 -112.32 71.94
N ASP K 495 -16.05 -111.09 71.85
CA ASP K 495 -16.13 -110.16 72.98
C ASP K 495 -17.41 -109.36 73.03
N ASN K 496 -18.32 -109.58 72.09
CA ASN K 496 -19.58 -108.86 72.08
C ASN K 496 -20.64 -109.66 72.85
N ASN K 497 -21.61 -108.94 73.39
CA ASN K 497 -22.69 -109.57 74.14
C ASN K 497 -23.50 -110.49 73.23
N ASN K 498 -24.00 -111.57 73.81
CA ASN K 498 -24.79 -112.54 73.04
C ASN K 498 -26.25 -112.09 72.98
N SER K 499 -26.47 -111.09 72.14
CA SER K 499 -27.81 -110.60 71.85
C SER K 499 -27.72 -109.78 70.57
N ASN K 500 -28.87 -109.34 70.07
CA ASN K 500 -28.84 -108.53 68.85
C ASN K 500 -28.45 -107.09 69.15
N PHE K 501 -29.28 -106.39 69.91
CA PHE K 501 -28.97 -105.07 70.48
C PHE K 501 -28.48 -104.05 69.44
N THR K 502 -28.62 -104.35 68.16
CA THR K 502 -28.35 -103.36 67.13
C THR K 502 -29.45 -102.32 67.01
N TRP K 503 -30.63 -102.63 67.51
CA TRP K 503 -31.71 -101.66 67.56
C TRP K 503 -32.10 -101.30 68.98
N THR K 504 -32.14 -102.27 69.89
CA THR K 504 -32.53 -101.97 71.26
C THR K 504 -31.45 -101.22 72.03
N GLY K 505 -30.18 -101.44 71.69
CA GLY K 505 -29.10 -100.83 72.44
C GLY K 505 -28.40 -99.73 71.71
N ALA K 506 -29.08 -99.11 70.75
CA ALA K 506 -28.45 -98.15 69.87
C ALA K 506 -28.92 -96.73 70.15
N SER K 507 -28.03 -95.77 69.89
CA SER K 507 -28.37 -94.36 70.01
C SER K 507 -29.29 -93.96 68.85
N LYS K 508 -30.48 -93.48 69.19
CA LYS K 508 -31.44 -93.11 68.16
C LYS K 508 -32.19 -91.88 68.63
N TYR K 509 -32.82 -91.19 67.69
CA TYR K 509 -33.57 -89.99 68.00
C TYR K 509 -35.04 -90.18 67.66
N ASN K 510 -35.88 -89.44 68.37
CA ASN K 510 -37.32 -89.51 68.25
C ASN K 510 -37.81 -88.31 67.43
N LEU K 511 -38.57 -88.57 66.38
CA LEU K 511 -39.10 -87.51 65.53
C LEU K 511 -40.51 -87.89 65.08
N ASN K 512 -41.50 -87.15 65.56
CA ASN K 512 -42.91 -87.39 65.22
C ASN K 512 -43.34 -88.80 65.58
N GLY K 513 -42.80 -89.32 66.68
CA GLY K 513 -43.21 -90.61 67.19
C GLY K 513 -42.48 -91.81 66.64
N ARG K 514 -41.61 -91.64 65.67
CA ARG K 514 -40.85 -92.76 65.13
C ARG K 514 -39.35 -92.52 65.29
N GLU K 515 -38.65 -93.58 65.65
CA GLU K 515 -37.25 -93.51 66.02
C GLU K 515 -36.36 -93.74 64.80
N SER K 516 -35.20 -93.08 64.81
CA SER K 516 -34.25 -93.18 63.72
C SER K 516 -32.86 -93.30 64.32
N ILE K 517 -32.09 -94.27 63.84
CA ILE K 517 -30.71 -94.43 64.29
C ILE K 517 -29.93 -93.18 63.92
N ILE K 518 -29.02 -92.75 64.80
CA ILE K 518 -28.26 -91.54 64.54
C ILE K 518 -27.38 -91.72 63.31
N ASN K 519 -26.39 -92.62 63.37
CA ASN K 519 -25.68 -93.11 62.19
C ASN K 519 -25.26 -92.05 61.19
N PRO K 520 -24.13 -91.36 61.40
CA PRO K 520 -23.13 -91.57 62.44
C PRO K 520 -23.13 -90.47 63.51
N GLY K 521 -23.86 -89.39 63.25
CA GLY K 521 -24.02 -88.37 64.26
C GLY K 521 -22.76 -87.55 64.47
N THR K 522 -22.53 -87.21 65.73
CA THR K 522 -21.44 -86.31 66.10
C THR K 522 -20.10 -86.89 65.67
N ALA K 523 -19.21 -86.00 65.24
CA ALA K 523 -17.87 -86.40 64.81
C ALA K 523 -17.03 -86.68 66.06
N MET K 524 -16.84 -87.94 66.36
CA MET K 524 -16.08 -88.35 67.53
C MET K 524 -15.06 -89.42 67.15
N ALA K 525 -14.07 -89.58 68.00
CA ALA K 525 -13.05 -90.60 67.79
C ALA K 525 -13.66 -91.98 67.87
N SER K 526 -13.26 -92.86 66.95
CA SER K 526 -13.80 -94.21 66.92
C SER K 526 -13.44 -94.99 68.17
N HIS K 527 -12.21 -94.85 68.65
CA HIS K 527 -11.73 -95.60 69.80
C HIS K 527 -10.63 -94.79 70.47
N LYS K 528 -10.09 -95.36 71.55
CA LYS K 528 -8.96 -94.77 72.24
C LYS K 528 -7.66 -95.30 71.66
N ASP K 529 -6.55 -95.01 72.33
CA ASP K 529 -5.27 -95.61 71.97
C ASP K 529 -5.25 -97.08 72.35
N ASP K 530 -4.64 -97.90 71.49
CA ASP K 530 -4.49 -99.33 71.73
C ASP K 530 -5.83 -100.03 71.85
N GLU K 531 -6.84 -99.53 71.15
CA GLU K 531 -8.19 -100.07 71.22
C GLU K 531 -8.82 -100.14 69.83
N ASP K 532 -8.01 -100.45 68.82
CA ASP K 532 -8.49 -100.46 67.44
C ASP K 532 -9.51 -101.57 67.19
N LYS K 533 -9.65 -102.52 68.10
CA LYS K 533 -10.61 -103.62 67.96
C LYS K 533 -12.05 -103.17 68.21
N PHE K 534 -12.27 -101.97 68.69
CA PHE K 534 -13.60 -101.47 69.01
C PHE K 534 -14.00 -100.35 68.05
N PHE K 535 -15.27 -100.33 67.71
CA PHE K 535 -15.85 -99.23 66.94
C PHE K 535 -17.23 -98.91 67.49
N PRO K 536 -17.67 -97.66 67.37
CA PRO K 536 -19.05 -97.34 67.76
C PRO K 536 -20.04 -98.04 66.86
N MET K 537 -21.17 -98.45 67.44
CA MET K 537 -22.09 -99.34 66.73
C MET K 537 -22.62 -98.69 65.46
N SER K 538 -22.95 -97.40 65.53
CA SER K 538 -23.42 -96.67 64.36
C SER K 538 -22.73 -95.31 64.30
N GLY K 539 -21.43 -95.28 64.54
CA GLY K 539 -20.71 -94.03 64.56
C GLY K 539 -19.66 -93.93 63.49
N VAL K 540 -19.58 -94.93 62.63
CA VAL K 540 -18.53 -95.00 61.62
C VAL K 540 -19.16 -95.18 60.25
N MET K 541 -18.50 -94.65 59.24
CA MET K 541 -18.90 -94.88 57.86
C MET K 541 -18.36 -96.23 57.41
N ILE K 542 -19.25 -97.10 56.95
CA ILE K 542 -18.90 -98.45 56.54
C ILE K 542 -19.14 -98.57 55.04
N PHE K 543 -18.08 -98.83 54.30
CA PHE K 543 -18.17 -99.06 52.87
C PHE K 543 -18.08 -100.55 52.59
N GLY K 544 -18.89 -101.02 51.65
CA GLY K 544 -18.87 -102.41 51.26
C GLY K 544 -17.85 -102.65 50.16
N LYS K 545 -17.14 -103.76 50.26
CA LYS K 545 -16.28 -104.18 49.18
C LYS K 545 -17.13 -104.78 48.07
N GLU K 546 -16.51 -104.92 46.90
CA GLU K 546 -17.18 -105.68 45.84
C GLU K 546 -17.34 -107.11 46.30
N SER K 547 -18.43 -107.74 45.84
CA SER K 547 -18.87 -109.04 46.37
C SER K 547 -19.29 -108.94 47.83
N ALA K 548 -19.98 -107.86 48.18
CA ALA K 548 -20.65 -107.75 49.47
C ALA K 548 -22.16 -107.78 49.23
N GLY K 549 -22.85 -108.61 49.99
CA GLY K 549 -24.28 -108.72 49.83
C GLY K 549 -25.01 -107.48 50.29
N ALA K 550 -26.29 -107.41 49.94
CA ALA K 550 -27.10 -106.28 50.34
C ALA K 550 -27.49 -106.35 51.81
N SER K 551 -27.71 -107.55 52.33
CA SER K 551 -28.20 -107.73 53.69
C SER K 551 -27.37 -108.78 54.41
N ASN K 552 -27.01 -108.49 55.66
CA ASN K 552 -26.32 -109.43 56.54
C ASN K 552 -25.04 -109.97 55.92
N THR K 553 -24.28 -109.09 55.28
CA THR K 553 -22.97 -109.47 54.78
C THR K 553 -21.97 -109.52 55.94
N ALA K 554 -20.73 -109.86 55.62
CA ALA K 554 -19.75 -110.15 56.65
C ALA K 554 -18.80 -108.98 56.88
N LEU K 555 -18.22 -108.97 58.08
CA LEU K 555 -17.18 -108.02 58.43
C LEU K 555 -16.02 -108.09 57.44
N ASP K 556 -15.79 -109.28 56.87
CA ASP K 556 -14.77 -109.42 55.85
C ASP K 556 -15.18 -108.73 54.56
N ASN K 557 -16.49 -108.57 54.33
CA ASN K 557 -16.97 -107.95 53.11
C ASN K 557 -17.19 -106.45 53.25
N VAL K 558 -17.14 -105.92 54.46
CA VAL K 558 -17.27 -104.47 54.65
C VAL K 558 -15.94 -103.88 55.07
N MET K 559 -15.78 -102.58 54.82
CA MET K 559 -14.63 -101.79 55.25
C MET K 559 -15.11 -100.73 56.23
N ILE K 560 -14.67 -100.84 57.48
CA ILE K 560 -15.04 -99.91 58.53
C ILE K 560 -14.01 -98.79 58.59
N THR K 561 -14.46 -97.55 58.55
CA THR K 561 -13.54 -96.43 58.64
C THR K 561 -13.12 -96.20 60.09
N ASP K 562 -12.10 -95.36 60.25
CA ASP K 562 -11.59 -95.00 61.55
C ASP K 562 -11.44 -93.49 61.64
N GLU K 563 -11.78 -92.92 62.79
CA GLU K 563 -11.63 -91.49 63.05
C GLU K 563 -10.59 -91.26 64.12
N GLU K 564 -9.45 -91.94 63.99
CA GLU K 564 -8.45 -91.93 65.05
C GLU K 564 -7.69 -90.60 65.10
N GLU K 565 -7.75 -89.81 64.03
CA GLU K 565 -6.94 -88.61 63.96
C GLU K 565 -7.54 -87.45 64.73
N ILE K 566 -8.80 -87.52 65.12
CA ILE K 566 -9.45 -86.41 65.78
C ILE K 566 -9.59 -86.66 67.28
N LYS K 567 -8.79 -87.57 67.83
CA LYS K 567 -8.71 -87.73 69.28
C LYS K 567 -8.14 -86.51 69.97
N ALA K 568 -7.45 -85.64 69.24
CA ALA K 568 -6.81 -84.49 69.85
C ALA K 568 -7.83 -83.47 70.34
N THR K 569 -9.00 -83.41 69.72
CA THR K 569 -10.01 -82.42 70.07
C THR K 569 -11.40 -82.99 70.31
N ASN K 570 -11.69 -84.19 69.86
CA ASN K 570 -13.03 -84.74 69.96
C ASN K 570 -13.09 -85.87 70.97
N PRO K 571 -14.21 -86.01 71.69
CA PRO K 571 -14.35 -87.13 72.61
C PRO K 571 -14.44 -88.44 71.85
N VAL K 572 -14.06 -89.53 72.52
CA VAL K 572 -14.19 -90.85 71.94
C VAL K 572 -15.67 -91.23 71.89
N ALA K 573 -16.09 -91.80 70.76
CA ALA K 573 -17.51 -91.99 70.48
C ALA K 573 -18.18 -92.93 71.48
N THR K 574 -17.45 -93.88 72.04
CA THR K 574 -18.04 -94.91 72.88
C THR K 574 -17.92 -94.62 74.37
N GLU K 575 -17.39 -93.47 74.75
CA GLU K 575 -17.21 -93.13 76.16
C GLU K 575 -17.87 -91.80 76.47
N ARG K 576 -18.06 -91.58 77.77
CA ARG K 576 -18.76 -90.40 78.25
C ARG K 576 -17.96 -89.14 77.94
N PHE K 577 -18.67 -88.01 77.83
CA PHE K 577 -17.99 -86.74 77.73
C PHE K 577 -17.18 -86.46 78.99
N GLY K 578 -17.74 -86.79 80.15
CA GLY K 578 -17.07 -86.55 81.40
C GLY K 578 -18.04 -86.78 82.55
N THR K 579 -17.64 -86.27 83.71
CA THR K 579 -18.46 -86.36 84.91
C THR K 579 -18.90 -84.96 85.33
N VAL K 580 -19.98 -84.92 86.08
CA VAL K 580 -20.56 -83.66 86.56
C VAL K 580 -21.01 -83.87 88.00
N ALA K 581 -20.89 -82.82 88.80
CA ALA K 581 -21.39 -82.88 90.16
C ALA K 581 -22.92 -82.92 90.14
N VAL K 582 -23.51 -83.71 91.04
CA VAL K 582 -24.95 -83.90 91.04
C VAL K 582 -25.59 -83.63 92.39
N ASN K 583 -24.83 -83.17 93.38
CA ASN K 583 -25.39 -82.90 94.69
C ASN K 583 -24.55 -81.84 95.37
N PHE K 584 -24.86 -81.56 96.64
CA PHE K 584 -24.08 -80.68 97.49
C PHE K 584 -23.38 -81.54 98.54
N GLN K 585 -22.05 -81.48 98.57
CA GLN K 585 -21.31 -82.15 99.63
C GLN K 585 -21.38 -81.32 100.91
N SER K 586 -21.45 -82.02 102.03
CA SER K 586 -21.53 -81.35 103.33
C SER K 586 -21.02 -82.30 104.39
N SER K 587 -20.71 -81.73 105.56
CA SER K 587 -20.30 -82.50 106.72
C SER K 587 -21.47 -82.69 107.66
N SER K 588 -21.33 -83.66 108.56
CA SER K 588 -22.36 -83.92 109.56
C SER K 588 -22.42 -82.79 110.57
N THR K 589 -23.62 -82.53 111.06
CA THR K 589 -23.83 -81.48 112.05
C THR K 589 -24.79 -81.93 113.15
N VAL K 592 -27.72 -80.87 111.57
CA VAL K 592 -28.10 -81.77 110.49
C VAL K 592 -27.15 -82.96 110.45
N PRO K 593 -27.39 -83.97 111.27
CA PRO K 593 -26.45 -85.10 111.35
C PRO K 593 -26.62 -86.09 110.22
N PHE K 594 -26.76 -85.59 109.00
CA PHE K 594 -26.85 -86.41 107.79
C PHE K 594 -25.75 -85.95 106.84
N LYS K 595 -24.56 -86.53 107.00
CA LYS K 595 -23.43 -86.21 106.13
C LYS K 595 -23.72 -86.58 104.69
N THR K 596 -23.37 -85.69 103.77
CA THR K 596 -23.60 -85.89 102.35
C THR K 596 -22.26 -86.00 101.63
N ASP K 597 -21.94 -87.18 101.13
CA ASP K 597 -20.75 -87.34 100.32
C ASP K 597 -20.96 -86.69 98.95
N PRO K 598 -19.90 -86.12 98.37
CA PRO K 598 -20.02 -85.59 97.02
C PRO K 598 -20.31 -86.71 96.03
N ALA K 599 -21.11 -86.40 95.02
CA ALA K 599 -21.56 -87.37 94.04
C ALA K 599 -21.42 -86.81 92.64
N THR K 600 -20.91 -87.64 91.73
CA THR K 600 -20.76 -87.28 90.34
C THR K 600 -21.56 -88.25 89.48
N GLY K 601 -21.95 -87.78 88.32
CA GLY K 601 -22.63 -88.60 87.33
C GLY K 601 -21.99 -88.45 85.99
N ASP K 602 -22.03 -89.53 85.21
CA ASP K 602 -21.45 -89.53 83.88
C ASP K 602 -22.33 -88.74 82.91
N VAL K 603 -21.67 -87.97 82.06
CA VAL K 603 -22.34 -87.15 81.05
C VAL K 603 -22.20 -87.86 79.72
N HIS K 604 -23.30 -88.41 79.22
CA HIS K 604 -23.25 -89.26 78.03
C HIS K 604 -23.56 -88.48 76.75
N ALA K 605 -24.45 -87.49 76.83
CA ALA K 605 -24.74 -86.61 75.71
C ALA K 605 -24.51 -85.18 76.17
N MET K 606 -23.62 -84.48 75.49
CA MET K 606 -23.26 -83.11 75.84
C MET K 606 -23.48 -82.23 74.63
N GLY K 607 -24.30 -81.21 74.77
CA GLY K 607 -24.48 -80.22 73.73
C GLY K 607 -23.37 -79.21 73.75
N ALA K 608 -23.47 -78.25 72.83
CA ALA K 608 -22.40 -77.27 72.66
C ALA K 608 -22.33 -76.34 73.86
N LEU K 609 -21.15 -76.25 74.46
CA LEU K 609 -20.80 -75.31 75.49
C LEU K 609 -19.83 -74.28 74.92
N PRO K 610 -19.89 -73.03 75.37
CA PRO K 610 -18.90 -72.05 74.93
C PRO K 610 -17.51 -72.47 75.36
N GLY K 611 -16.54 -72.24 74.48
CA GLY K 611 -15.19 -72.74 74.65
C GLY K 611 -14.94 -74.09 74.03
N MET K 612 -15.96 -74.74 73.50
CA MET K 612 -15.79 -76.04 72.86
C MET K 612 -15.12 -75.89 71.50
N VAL K 613 -14.23 -76.81 71.17
CA VAL K 613 -13.59 -76.88 69.87
C VAL K 613 -13.64 -78.33 69.40
N TRP K 614 -13.81 -78.52 68.10
CA TRP K 614 -13.93 -79.88 67.57
C TRP K 614 -13.50 -79.89 66.11
N GLN K 615 -13.25 -81.08 65.60
CA GLN K 615 -13.04 -81.32 64.18
C GLN K 615 -14.25 -82.03 63.60
N ASP K 616 -14.48 -81.80 62.31
CA ASP K 616 -15.57 -82.45 61.61
C ASP K 616 -15.13 -83.85 61.16
N ARG K 617 -16.08 -84.61 60.62
CA ARG K 617 -15.77 -85.93 60.11
C ARG K 617 -14.88 -85.83 58.88
N ASP K 618 -14.06 -86.85 58.68
CA ASP K 618 -13.20 -86.91 57.51
C ASP K 618 -13.99 -87.26 56.26
N VAL K 619 -13.46 -86.85 55.13
CA VAL K 619 -14.01 -87.26 53.83
C VAL K 619 -13.12 -88.38 53.28
N TYR K 620 -13.72 -89.23 52.45
CA TYR K 620 -13.03 -90.38 51.90
C TYR K 620 -13.16 -90.37 50.39
N LEU K 621 -12.26 -91.09 49.72
CA LEU K 621 -12.34 -91.18 48.27
C LEU K 621 -13.65 -91.81 47.81
N GLN K 622 -14.18 -92.74 48.60
CA GLN K 622 -15.45 -93.39 48.30
C GLN K 622 -16.65 -92.68 48.88
N GLY K 623 -16.45 -91.56 49.59
CA GLY K 623 -17.52 -90.94 50.32
C GLY K 623 -18.14 -89.75 49.62
N PRO K 624 -19.20 -89.20 50.19
CA PRO K 624 -19.89 -88.06 49.58
C PRO K 624 -19.07 -86.78 49.64
N ILE K 625 -19.34 -85.89 48.70
CA ILE K 625 -18.68 -84.60 48.63
C ILE K 625 -19.46 -83.52 49.37
N TRP K 626 -20.73 -83.36 49.05
CA TRP K 626 -21.53 -82.28 49.59
C TRP K 626 -22.87 -82.79 50.07
N ALA K 627 -23.61 -81.88 50.68
CA ALA K 627 -25.00 -82.12 51.07
C ALA K 627 -25.73 -80.78 51.09
N LYS K 628 -26.99 -80.79 50.68
CA LYS K 628 -27.81 -79.60 50.81
C LYS K 628 -28.18 -79.36 52.27
N ILE K 629 -27.92 -78.14 52.75
CA ILE K 629 -28.35 -77.77 54.09
C ILE K 629 -29.85 -77.53 54.08
N PRO K 630 -30.62 -78.17 54.97
CA PRO K 630 -32.06 -77.97 54.95
C PRO K 630 -32.45 -76.51 55.14
N HIS K 631 -33.47 -76.08 54.41
CA HIS K 631 -33.95 -74.71 54.50
C HIS K 631 -34.83 -74.58 55.73
N THR K 632 -34.18 -74.31 56.85
CA THR K 632 -34.84 -74.17 58.14
C THR K 632 -34.51 -72.81 58.75
N ASP K 633 -35.23 -72.48 59.81
CA ASP K 633 -34.97 -71.22 60.52
C ASP K 633 -33.61 -71.24 61.19
N GLY K 634 -33.25 -72.35 61.81
CA GLY K 634 -31.98 -72.43 62.51
C GLY K 634 -31.27 -73.72 62.17
N HIS K 635 -29.94 -73.64 62.25
CA HIS K 635 -29.08 -74.81 62.15
C HIS K 635 -27.77 -74.48 62.82
N PHE K 636 -27.18 -75.45 63.50
CA PHE K 636 -25.95 -75.26 64.24
C PHE K 636 -24.84 -76.00 63.51
N HIS K 637 -23.84 -75.25 63.05
CA HIS K 637 -22.67 -75.78 62.36
C HIS K 637 -23.08 -76.71 61.23
N PRO K 638 -23.63 -76.17 60.15
CA PRO K 638 -24.29 -77.01 59.14
C PRO K 638 -23.30 -77.78 58.26
N SER K 639 -22.48 -78.59 58.89
CA SER K 639 -21.60 -79.51 58.21
C SER K 639 -22.22 -80.90 58.22
N PRO K 640 -22.35 -81.55 57.07
CA PRO K 640 -23.06 -82.83 57.02
C PRO K 640 -22.41 -83.86 57.92
N LEU K 641 -23.23 -84.70 58.53
CA LEU K 641 -22.72 -85.64 59.52
C LEU K 641 -22.02 -86.83 58.85
N MET K 642 -22.33 -87.11 57.58
CA MET K 642 -21.56 -88.10 56.85
C MET K 642 -20.21 -87.57 56.40
N GLY K 643 -19.98 -86.27 56.48
CA GLY K 643 -18.74 -85.67 56.02
C GLY K 643 -18.95 -84.95 54.71
N GLY K 644 -18.17 -83.90 54.51
CA GLY K 644 -18.26 -83.14 53.29
C GLY K 644 -18.59 -81.69 53.50
N PHE K 645 -19.07 -81.04 52.45
CA PHE K 645 -19.39 -79.63 52.45
C PHE K 645 -20.90 -79.46 52.50
N GLY K 646 -21.38 -78.72 53.48
CA GLY K 646 -22.78 -78.36 53.51
C GLY K 646 -23.00 -77.11 52.71
N LEU K 647 -23.86 -77.18 51.69
CA LEU K 647 -24.11 -76.04 50.81
C LEU K 647 -25.57 -75.65 50.90
N LYS K 648 -25.83 -74.36 51.04
CA LYS K 648 -27.21 -73.87 50.98
C LYS K 648 -27.78 -74.03 49.58
N ASN K 649 -27.00 -73.69 48.56
CA ASN K 649 -27.34 -73.93 47.17
C ASN K 649 -26.34 -74.94 46.63
N PRO K 650 -26.60 -76.24 46.77
CA PRO K 650 -25.67 -77.24 46.27
C PRO K 650 -25.74 -77.34 44.76
N PRO K 651 -24.89 -78.15 44.14
CA PRO K 651 -25.07 -78.42 42.72
C PRO K 651 -26.44 -78.99 42.45
N PRO K 652 -27.19 -78.41 41.52
CA PRO K 652 -28.57 -78.83 41.30
C PRO K 652 -28.65 -80.20 40.67
N GLN K 653 -29.82 -80.81 40.83
CA GLN K 653 -30.08 -82.11 40.26
C GLN K 653 -30.31 -81.98 38.76
N ILE K 654 -29.64 -82.83 37.99
CA ILE K 654 -29.86 -82.94 36.56
C ILE K 654 -30.75 -84.16 36.35
N LEU K 655 -31.94 -83.92 35.79
CA LEU K 655 -32.94 -84.95 35.61
C LEU K 655 -33.14 -85.20 34.13
N ILE K 656 -33.19 -86.48 33.77
CA ILE K 656 -33.18 -86.91 32.38
C ILE K 656 -34.20 -88.04 32.23
N LYS K 657 -34.91 -88.03 31.12
CA LYS K 657 -35.77 -89.16 30.82
C LYS K 657 -35.93 -89.29 29.31
N ASN K 658 -36.34 -90.47 28.88
CA ASN K 658 -36.65 -90.69 27.48
C ASN K 658 -38.06 -90.16 27.19
N THR K 659 -38.20 -89.38 26.13
CA THR K 659 -39.53 -88.93 25.76
C THR K 659 -40.34 -90.13 25.28
N PRO K 660 -41.55 -90.34 25.80
CA PRO K 660 -42.34 -91.50 25.38
C PRO K 660 -42.70 -91.42 23.90
N VAL K 661 -42.59 -92.56 23.23
CA VAL K 661 -42.99 -92.70 21.83
C VAL K 661 -44.16 -93.67 21.79
N PRO K 662 -45.39 -93.21 21.52
CA PRO K 662 -46.53 -94.10 21.51
C PRO K 662 -46.45 -95.12 20.39
N ALA K 663 -47.05 -96.28 20.64
CA ALA K 663 -47.19 -97.30 19.61
C ALA K 663 -48.36 -96.93 18.69
N ASN K 664 -48.78 -97.87 17.87
CA ASN K 664 -49.80 -97.62 16.88
C ASN K 664 -51.14 -97.29 17.56
N PRO K 665 -51.71 -96.12 17.31
CA PRO K 665 -53.00 -95.78 17.92
C PRO K 665 -54.14 -96.47 17.21
N PRO K 666 -55.30 -96.57 17.85
CA PRO K 666 -56.46 -97.19 17.18
C PRO K 666 -56.97 -96.34 16.03
N ALA K 667 -57.73 -96.99 15.14
CA ALA K 667 -58.31 -96.28 14.00
C ALA K 667 -59.36 -95.27 14.45
N GLU K 668 -60.17 -95.62 15.44
CA GLU K 668 -61.15 -94.72 16.02
C GLU K 668 -60.58 -94.03 17.25
N PHE K 669 -61.06 -92.82 17.50
CA PHE K 669 -60.56 -92.01 18.61
C PHE K 669 -60.97 -92.59 19.95
N SER K 670 -60.04 -92.57 20.90
CA SER K 670 -60.29 -92.98 22.27
C SER K 670 -59.67 -91.95 23.20
N ALA K 671 -60.45 -91.45 24.15
CA ALA K 671 -59.94 -90.46 25.09
C ALA K 671 -59.14 -91.08 26.23
N THR K 672 -59.17 -92.41 26.37
CA THR K 672 -58.33 -93.07 27.34
C THR K 672 -56.87 -92.79 27.05
N LYS K 673 -56.11 -92.44 28.09
CA LYS K 673 -54.73 -92.07 27.89
C LYS K 673 -53.92 -93.25 27.37
N PHE K 674 -52.87 -92.93 26.62
CA PHE K 674 -52.07 -93.96 25.98
C PHE K 674 -51.37 -94.81 27.02
N ALA K 675 -51.38 -96.12 26.80
CA ALA K 675 -50.67 -97.06 27.64
C ALA K 675 -49.71 -97.94 26.86
N SER K 676 -49.79 -97.94 25.54
CA SER K 676 -48.93 -98.73 24.68
C SER K 676 -47.86 -97.82 24.12
N PHE K 677 -46.60 -98.09 24.48
CA PHE K 677 -45.48 -97.28 24.05
C PHE K 677 -44.43 -98.14 23.37
N ILE K 678 -43.67 -97.50 22.50
CA ILE K 678 -42.52 -98.14 21.86
C ILE K 678 -41.42 -98.25 22.90
N THR K 679 -40.92 -99.46 23.12
CA THR K 679 -39.94 -99.71 24.17
C THR K 679 -38.58 -99.21 23.72
N GLN K 680 -37.98 -98.32 24.50
CA GLN K 680 -36.69 -97.79 24.10
C GLN K 680 -35.90 -97.33 25.32
N TYR K 681 -34.59 -97.23 25.13
CA TYR K 681 -33.68 -96.69 26.13
C TYR K 681 -32.75 -95.72 25.43
N SER K 682 -31.86 -95.10 26.20
CA SER K 682 -30.89 -94.20 25.62
C SER K 682 -29.53 -94.43 26.26
N THR K 683 -28.49 -94.05 25.54
CA THR K 683 -27.13 -94.14 26.01
C THR K 683 -26.40 -92.87 25.63
N GLY K 684 -25.31 -92.60 26.31
CA GLY K 684 -24.57 -91.40 25.98
C GLY K 684 -23.36 -91.24 26.86
N GLN K 685 -22.74 -90.07 26.75
CA GLN K 685 -21.57 -89.72 27.52
C GLN K 685 -21.86 -88.50 28.38
N VAL K 686 -21.33 -88.50 29.60
CA VAL K 686 -21.49 -87.41 30.54
C VAL K 686 -20.11 -86.98 31.01
N SER K 687 -19.88 -85.67 31.04
CA SER K 687 -18.63 -85.10 31.50
C SER K 687 -18.91 -84.18 32.68
N VAL K 688 -18.13 -84.30 33.74
CA VAL K 688 -18.17 -83.40 34.88
C VAL K 688 -16.75 -82.88 35.11
N GLU K 689 -16.60 -81.57 35.18
CA GLU K 689 -15.33 -80.93 35.45
C GLU K 689 -15.48 -80.07 36.70
N ILE K 690 -14.71 -80.35 37.73
CA ILE K 690 -14.72 -79.55 38.95
C ILE K 690 -13.36 -78.91 39.15
N GLU K 691 -13.36 -77.60 39.36
CA GLU K 691 -12.21 -76.88 39.86
C GLU K 691 -12.28 -76.83 41.38
N TRP K 692 -11.19 -77.23 42.03
CA TRP K 692 -11.03 -77.24 43.47
C TRP K 692 -9.91 -76.29 43.86
N GLU K 693 -10.14 -75.50 44.89
CA GLU K 693 -9.13 -74.67 45.50
C GLU K 693 -8.40 -75.45 46.59
N LEU K 694 -7.08 -75.35 46.58
CA LEU K 694 -6.21 -76.04 47.52
C LEU K 694 -5.69 -75.06 48.56
N GLN K 695 -5.38 -75.59 49.73
CA GLN K 695 -4.78 -74.86 50.83
C GLN K 695 -3.53 -75.62 51.19
N LYS K 696 -2.38 -75.07 50.78
CA LYS K 696 -1.09 -75.73 50.90
C LYS K 696 -0.62 -75.77 52.33
N GLU K 697 0.14 -76.81 52.66
CA GLU K 697 0.81 -76.87 53.95
C GLU K 697 1.88 -75.79 54.02
N ASN K 698 2.09 -75.24 55.21
CA ASN K 698 3.15 -74.27 55.46
C ASN K 698 3.93 -74.67 56.71
N SER K 699 4.18 -75.97 56.86
CA SER K 699 4.64 -76.51 58.14
C SER K 699 6.12 -76.25 58.34
N LYS K 700 6.49 -76.07 59.61
CA LYS K 700 7.88 -75.97 60.03
C LYS K 700 8.34 -77.21 60.77
N ARG K 701 7.57 -78.29 60.68
CA ARG K 701 7.91 -79.55 61.32
C ARG K 701 9.22 -80.10 60.77
N TRP K 702 10.04 -80.63 61.66
CA TRP K 702 11.36 -81.11 61.26
C TRP K 702 11.35 -82.56 60.78
N ASN K 703 10.75 -83.45 61.57
CA ASN K 703 10.73 -84.85 61.22
C ASN K 703 9.75 -85.11 60.07
N PRO K 704 9.93 -86.20 59.34
CA PRO K 704 9.03 -86.47 58.22
C PRO K 704 7.61 -86.77 58.66
N GLU K 705 6.67 -86.42 57.79
CA GLU K 705 5.25 -86.60 58.04
C GLU K 705 4.80 -88.02 57.70
N VAL K 706 3.64 -88.38 58.22
CA VAL K 706 2.95 -89.60 57.80
C VAL K 706 2.27 -89.33 56.47
N GLN K 707 2.49 -90.21 55.51
CA GLN K 707 1.91 -90.09 54.18
C GLN K 707 1.12 -91.35 53.87
N TYR K 708 0.10 -91.20 53.02
CA TYR K 708 -0.55 -92.37 52.47
C TYR K 708 0.34 -92.97 51.39
N THR K 709 0.62 -94.25 51.49
CA THR K 709 1.54 -94.90 50.57
C THR K 709 0.99 -96.25 50.14
N SER K 710 1.38 -96.66 48.94
CA SER K 710 1.20 -98.04 48.52
C SER K 710 2.17 -98.94 49.27
N ASN K 711 1.74 -100.15 49.53
CA ASN K 711 2.62 -101.13 50.16
C ASN K 711 3.54 -101.71 49.10
N TYR K 712 4.85 -101.72 49.38
CA TYR K 712 5.84 -102.35 48.51
C TYR K 712 5.97 -103.79 48.99
N ALA K 713 5.50 -104.72 48.17
CA ALA K 713 5.61 -106.14 48.48
C ALA K 713 5.05 -106.91 47.30
N LYS K 714 5.58 -108.11 47.10
CA LYS K 714 5.00 -108.98 46.08
C LYS K 714 3.58 -109.33 46.48
N SER K 715 2.63 -108.96 45.63
CA SER K 715 1.22 -109.25 45.87
C SER K 715 0.61 -109.81 44.60
N ALA K 716 -0.42 -110.62 44.77
CA ALA K 716 -1.08 -111.22 43.61
C ALA K 716 -1.70 -110.16 42.71
N ASN K 717 -2.16 -109.05 43.30
CA ASN K 717 -2.78 -107.96 42.56
C ASN K 717 -2.16 -106.65 43.00
N VAL K 718 -2.40 -105.61 42.21
CA VAL K 718 -2.06 -104.24 42.56
C VAL K 718 -3.31 -103.59 43.13
N ASP K 719 -3.13 -102.79 44.18
CA ASP K 719 -4.26 -102.11 44.79
C ASP K 719 -4.85 -101.06 43.86
N PHE K 720 -6.18 -100.92 43.92
CA PHE K 720 -6.91 -99.96 43.10
C PHE K 720 -6.71 -100.23 41.61
N THR K 721 -6.82 -101.51 41.23
CA THR K 721 -6.71 -101.90 39.84
C THR K 721 -7.81 -102.90 39.50
N VAL K 722 -7.75 -103.48 38.32
CA VAL K 722 -8.67 -104.52 37.90
C VAL K 722 -8.01 -105.87 38.16
N ASP K 723 -8.84 -106.90 38.28
CA ASP K 723 -8.33 -108.25 38.40
C ASP K 723 -8.31 -108.92 37.03
N ASN K 724 -8.06 -110.23 37.00
CA ASN K 724 -8.04 -110.94 35.72
C ASN K 724 -9.43 -111.04 35.10
N ASN K 725 -10.49 -110.80 35.87
CA ASN K 725 -11.83 -110.80 35.32
C ASN K 725 -12.30 -109.42 34.86
N GLY K 726 -11.50 -108.38 35.09
CA GLY K 726 -11.86 -107.05 34.70
C GLY K 726 -12.62 -106.24 35.71
N LEU K 727 -12.63 -106.66 36.97
CA LEU K 727 -13.43 -106.00 38.00
C LEU K 727 -12.56 -105.03 38.78
N TYR K 728 -12.90 -103.75 38.72
CA TYR K 728 -12.19 -102.74 39.49
C TYR K 728 -12.61 -102.81 40.95
N THR K 729 -11.64 -102.83 41.84
CA THR K 729 -11.89 -102.90 43.28
C THR K 729 -11.05 -101.85 44.00
N GLU K 730 -11.57 -101.38 45.11
CA GLU K 730 -10.86 -100.48 46.00
C GLU K 730 -10.58 -101.20 47.31
N PRO K 731 -9.33 -101.54 47.61
CA PRO K 731 -9.04 -102.38 48.79
C PRO K 731 -9.40 -101.77 50.13
N ARG K 732 -9.31 -100.45 50.26
CA ARG K 732 -9.49 -99.82 51.56
C ARG K 732 -10.05 -98.42 51.35
N PRO K 733 -10.71 -97.86 52.36
CA PRO K 733 -11.09 -96.44 52.29
C PRO K 733 -9.94 -95.55 52.69
N ILE K 734 -9.70 -94.50 51.92
CA ILE K 734 -8.61 -93.56 52.16
C ILE K 734 -9.20 -92.25 52.65
N GLY K 735 -8.77 -91.79 53.82
CA GLY K 735 -9.14 -90.50 54.33
C GLY K 735 -8.24 -89.40 53.80
N THR K 736 -8.24 -88.29 54.52
CA THR K 736 -7.49 -87.11 54.10
C THR K 736 -6.43 -86.68 55.11
N ARG K 737 -6.57 -87.05 56.37
CA ARG K 737 -5.79 -86.46 57.45
C ARG K 737 -4.46 -87.20 57.61
N TYR K 738 -3.44 -86.76 56.86
CA TYR K 738 -2.12 -87.37 56.95
C TYR K 738 -1.09 -86.34 57.40
N LEU K 739 -1.08 -85.18 56.76
CA LEU K 739 -0.25 -84.08 57.23
C LEU K 739 -0.75 -83.63 58.59
N THR K 740 0.10 -82.92 59.33
CA THR K 740 -0.27 -82.43 60.65
C THR K 740 -0.02 -80.94 60.75
N ARG K 741 -0.67 -80.34 61.75
CA ARG K 741 -0.42 -78.95 62.08
C ARG K 741 -0.64 -78.78 63.57
N PRO K 742 -0.01 -77.77 64.19
CA PRO K 742 -0.20 -77.57 65.62
C PRO K 742 -1.61 -77.09 65.96
N LEU K 743 -2.09 -77.50 67.12
CA LEU K 743 -3.46 -77.22 67.52
C LEU K 743 -3.63 -75.75 67.93
N ASP L 219 -35.00 -78.89 10.23
CA ASP L 219 -33.63 -78.57 10.62
C ASP L 219 -32.76 -79.82 10.69
N GLY L 220 -33.32 -80.97 10.32
CA GLY L 220 -32.57 -82.20 10.21
C GLY L 220 -33.22 -83.33 10.99
N VAL L 221 -32.75 -84.54 10.69
CA VAL L 221 -33.24 -85.74 11.37
C VAL L 221 -32.75 -85.79 12.81
N GLY L 222 -31.49 -85.43 13.05
CA GLY L 222 -30.90 -85.60 14.36
C GLY L 222 -30.87 -84.37 15.22
N ASN L 223 -31.70 -83.39 14.89
CA ASN L 223 -31.76 -82.13 15.61
C ASN L 223 -33.20 -81.90 16.05
N ALA L 224 -33.41 -81.68 17.35
CA ALA L 224 -34.74 -81.45 17.87
C ALA L 224 -35.24 -80.07 17.44
N SER L 225 -36.51 -79.99 17.07
CA SER L 225 -37.08 -78.74 16.59
C SER L 225 -37.81 -77.96 17.67
N GLY L 226 -37.75 -78.40 18.92
CA GLY L 226 -38.33 -77.63 20.00
C GLY L 226 -37.98 -78.25 21.33
N ASN L 227 -38.28 -77.50 22.38
CA ASN L 227 -38.01 -77.91 23.74
C ASN L 227 -39.31 -78.04 24.51
N TRP L 228 -39.23 -78.68 25.66
CA TRP L 228 -40.38 -78.84 26.54
C TRP L 228 -40.57 -77.57 27.34
N HIS L 229 -41.66 -76.86 27.09
CA HIS L 229 -41.98 -75.62 27.79
C HIS L 229 -43.28 -75.82 28.54
N CYS L 230 -43.19 -76.23 29.79
CA CYS L 230 -44.35 -76.40 30.65
C CYS L 230 -44.08 -75.66 31.94
N ASP L 231 -44.76 -74.54 32.16
CA ASP L 231 -44.40 -73.63 33.22
C ASP L 231 -45.60 -72.74 33.52
N SER L 232 -45.45 -71.87 34.51
CA SER L 232 -46.45 -70.86 34.82
C SER L 232 -45.74 -69.70 35.51
N THR L 233 -45.80 -68.54 34.89
CA THR L 233 -45.12 -67.34 35.41
C THR L 233 -46.18 -66.34 35.85
N TRP L 234 -46.06 -65.88 37.08
CA TRP L 234 -47.01 -64.93 37.65
C TRP L 234 -46.34 -63.57 37.73
N LEU L 235 -46.81 -62.63 36.91
CA LEU L 235 -46.39 -61.25 36.99
C LEU L 235 -47.38 -60.50 37.88
N GLY L 236 -47.30 -59.17 37.90
CA GLY L 236 -48.19 -58.42 38.77
C GLY L 236 -49.64 -58.57 38.39
N ASP L 237 -49.97 -58.33 37.13
CA ASP L 237 -51.35 -58.40 36.67
C ASP L 237 -51.55 -59.40 35.54
N ARG L 238 -50.53 -60.15 35.16
CA ARG L 238 -50.63 -61.17 34.15
C ARG L 238 -50.21 -62.50 34.74
N VAL L 239 -50.69 -63.58 34.14
CA VAL L 239 -50.12 -64.90 34.37
C VAL L 239 -49.96 -65.56 33.00
N ILE L 240 -48.80 -66.13 32.76
CA ILE L 240 -48.51 -66.82 31.51
C ILE L 240 -48.38 -68.30 31.80
N THR L 241 -49.26 -69.10 31.21
CA THR L 241 -49.27 -70.55 31.40
C THR L 241 -48.79 -71.22 30.11
N THR L 242 -47.79 -72.07 30.23
CA THR L 242 -47.26 -72.85 29.12
C THR L 242 -47.48 -74.33 29.39
N SER L 243 -47.90 -75.06 28.37
CA SER L 243 -48.17 -76.49 28.49
C SER L 243 -47.65 -77.22 27.28
N THR L 244 -46.82 -78.23 27.50
CA THR L 244 -46.36 -79.12 26.45
C THR L 244 -46.92 -80.51 26.70
N ARG L 245 -47.37 -81.15 25.65
CA ARG L 245 -47.92 -82.50 25.71
C ARG L 245 -47.39 -83.32 24.54
N THR L 246 -47.43 -84.63 24.69
CA THR L 246 -47.07 -85.56 23.63
C THR L 246 -48.34 -86.12 23.02
N TRP L 247 -48.46 -85.99 21.70
CA TRP L 247 -49.64 -86.42 20.97
C TRP L 247 -49.30 -87.54 20.01
N ALA L 248 -50.31 -88.37 19.75
CA ALA L 248 -50.29 -89.39 18.71
C ALA L 248 -51.47 -89.17 17.77
N LEU L 249 -51.18 -89.12 16.47
CA LEU L 249 -52.17 -88.90 15.43
C LEU L 249 -52.22 -90.12 14.53
N PRO L 250 -53.33 -90.84 14.48
CA PRO L 250 -53.43 -91.97 13.55
C PRO L 250 -53.91 -91.54 12.18
N THR L 251 -54.10 -92.51 11.29
CA THR L 251 -54.79 -92.27 10.03
C THR L 251 -56.28 -92.53 10.23
N TYR L 252 -57.09 -91.54 9.89
CA TYR L 252 -58.53 -91.62 10.09
C TYR L 252 -59.21 -91.89 8.75
N ASN L 253 -60.14 -92.84 8.75
CA ASN L 253 -61.00 -93.14 7.60
C ASN L 253 -60.26 -93.73 6.42
N ASN L 254 -59.02 -94.17 6.60
CA ASN L 254 -58.15 -94.57 5.50
C ASN L 254 -57.99 -93.43 4.49
N HIS L 255 -57.78 -92.22 5.00
CA HIS L 255 -57.56 -91.01 4.19
C HIS L 255 -58.78 -90.64 3.35
N LEU L 256 -59.96 -91.03 3.82
CA LEU L 256 -61.18 -90.81 3.05
C LEU L 256 -62.08 -89.81 3.75
N TYR L 257 -62.84 -89.07 2.94
CA TYR L 257 -63.95 -88.27 3.42
C TYR L 257 -65.20 -89.12 3.32
N LYS L 258 -65.92 -89.27 4.42
CA LYS L 258 -67.11 -90.11 4.43
C LYS L 258 -68.31 -89.30 4.84
N GLN L 259 -69.45 -89.57 4.20
CA GLN L 259 -70.71 -88.94 4.54
C GLN L 259 -71.39 -89.76 5.61
N ILE L 260 -71.74 -89.12 6.72
CA ILE L 260 -72.35 -89.79 7.86
C ILE L 260 -73.74 -89.20 8.09
N SER L 261 -74.65 -90.05 8.52
CA SER L 261 -76.01 -89.63 8.84
C SER L 261 -76.59 -90.62 9.84
N SER L 262 -77.87 -90.45 10.15
CA SER L 262 -78.56 -91.30 11.11
C SER L 262 -79.45 -92.34 10.44
N ALA L 263 -79.36 -92.47 9.11
CA ALA L 263 -80.27 -93.37 8.40
C ALA L 263 -80.05 -94.82 8.81
N SER L 264 -78.80 -95.26 8.91
CA SER L 264 -78.55 -96.62 9.37
C SER L 264 -78.77 -96.75 10.87
N THR L 265 -78.54 -95.66 11.62
CA THR L 265 -78.75 -95.70 13.06
C THR L 265 -80.21 -95.95 13.41
N GLY L 266 -81.13 -95.40 12.63
CA GLY L 266 -82.54 -95.52 12.96
C GLY L 266 -82.93 -94.79 14.22
N ALA L 267 -82.45 -93.56 14.37
CA ALA L 267 -82.69 -92.78 15.58
C ALA L 267 -84.08 -92.14 15.54
N SER L 268 -84.43 -91.47 16.63
CA SER L 268 -85.66 -90.71 16.68
C SER L 268 -85.53 -89.43 15.87
N ASN L 269 -86.66 -88.76 15.66
CA ASN L 269 -86.66 -87.53 14.87
C ASN L 269 -85.80 -86.45 15.51
N ASP L 270 -85.67 -86.48 16.84
CA ASP L 270 -84.86 -85.49 17.54
C ASP L 270 -83.37 -85.71 17.38
N ASN L 271 -82.95 -86.93 17.05
CA ASN L 271 -81.54 -87.29 16.99
C ASN L 271 -81.04 -87.46 15.56
N HIS L 272 -81.84 -87.07 14.58
CA HIS L 272 -81.42 -87.18 13.18
C HIS L 272 -80.31 -86.19 12.88
N TYR L 273 -79.38 -86.60 12.01
CA TYR L 273 -78.30 -85.70 11.63
C TYR L 273 -77.76 -86.11 10.26
N PHE L 274 -77.04 -85.17 9.65
CA PHE L 274 -76.35 -85.39 8.39
C PHE L 274 -75.05 -84.60 8.45
N GLY L 275 -73.96 -85.22 8.04
CA GLY L 275 -72.69 -84.54 8.10
C GLY L 275 -71.61 -85.31 7.40
N TYR L 276 -70.36 -84.95 7.73
CA TYR L 276 -69.21 -85.53 7.10
C TYR L 276 -68.12 -85.82 8.12
N SER L 277 -67.40 -86.91 7.88
CA SER L 277 -66.24 -87.32 8.65
C SER L 277 -65.01 -87.11 7.79
N THR L 278 -64.05 -86.34 8.28
CA THR L 278 -62.86 -86.10 7.48
C THR L 278 -61.71 -86.97 7.98
N PRO L 279 -60.68 -87.17 7.16
CA PRO L 279 -59.48 -87.86 7.63
C PRO L 279 -58.56 -87.02 8.52
N TRP L 280 -58.95 -85.80 8.85
CA TRP L 280 -58.14 -84.91 9.65
C TRP L 280 -58.44 -85.05 11.12
N GLY L 281 -57.46 -84.76 11.95
CA GLY L 281 -57.65 -84.54 13.37
C GLY L 281 -57.47 -83.07 13.67
N TYR L 282 -57.83 -82.69 14.89
CA TYR L 282 -57.70 -81.30 15.29
C TYR L 282 -57.10 -81.24 16.69
N PHE L 283 -56.51 -80.09 16.98
CA PHE L 283 -55.90 -79.84 18.28
C PHE L 283 -56.87 -79.04 19.14
N ASP L 284 -57.11 -79.51 20.35
CA ASP L 284 -58.05 -78.90 21.28
C ASP L 284 -57.35 -78.62 22.59
N PHE L 285 -57.41 -77.38 23.04
CA PHE L 285 -56.92 -77.00 24.36
C PHE L 285 -57.93 -76.05 25.00
N ASN L 286 -59.22 -76.39 24.87
CA ASN L 286 -60.31 -75.56 25.35
C ASN L 286 -60.84 -76.02 26.70
N ARG L 287 -59.96 -76.45 27.60
CA ARG L 287 -60.30 -76.69 28.99
C ARG L 287 -59.27 -75.99 29.86
N PHE L 288 -59.70 -75.60 31.06
CA PHE L 288 -58.81 -74.80 31.90
C PHE L 288 -57.66 -75.63 32.47
N HIS L 289 -57.85 -76.93 32.66
CA HIS L 289 -56.80 -77.76 33.21
C HIS L 289 -55.75 -78.16 32.17
N CYS L 290 -55.98 -77.84 30.89
CA CYS L 290 -54.91 -77.95 29.90
C CYS L 290 -53.82 -76.91 30.14
N HIS L 291 -54.12 -75.88 30.92
CA HIS L 291 -53.22 -74.76 31.12
C HIS L 291 -52.86 -74.51 32.58
N PHE L 292 -53.77 -74.76 33.50
CA PHE L 292 -53.54 -74.51 34.91
C PHE L 292 -53.37 -75.83 35.65
N SER L 293 -52.32 -75.92 36.47
CA SER L 293 -52.27 -76.96 37.46
C SER L 293 -53.28 -76.62 38.55
N PRO L 294 -53.69 -77.61 39.36
CA PRO L 294 -54.59 -77.29 40.47
C PRO L 294 -54.04 -76.25 41.42
N ARG L 295 -52.74 -76.27 41.68
CA ARG L 295 -52.11 -75.25 42.50
C ARG L 295 -52.22 -73.87 41.86
N ASP L 296 -51.98 -73.77 40.55
CA ASP L 296 -52.12 -72.50 39.86
C ASP L 296 -53.56 -72.02 39.85
N TRP L 297 -54.50 -72.94 39.68
CA TRP L 297 -55.91 -72.58 39.73
C TRP L 297 -56.30 -72.04 41.10
N GLN L 298 -55.82 -72.69 42.15
CA GLN L 298 -56.09 -72.21 43.50
C GLN L 298 -55.48 -70.84 43.73
N ARG L 299 -54.24 -70.65 43.26
CA ARG L 299 -53.59 -69.35 43.37
C ARG L 299 -54.36 -68.27 42.64
N LEU L 300 -54.92 -68.58 41.48
CA LEU L 300 -55.71 -67.63 40.73
C LEU L 300 -57.01 -67.28 41.45
N ILE L 301 -57.77 -68.31 41.84
CA ILE L 301 -59.12 -68.09 42.35
C ILE L 301 -59.14 -67.58 43.79
N ASN L 302 -58.08 -67.79 44.56
CA ASN L 302 -58.05 -67.30 45.92
C ASN L 302 -57.59 -65.85 46.01
N ASN L 303 -57.10 -65.28 44.92
CA ASN L 303 -56.45 -63.98 44.97
C ASN L 303 -56.97 -62.99 43.96
N ASN L 304 -57.70 -63.41 42.94
CA ASN L 304 -58.09 -62.52 41.87
C ASN L 304 -59.60 -62.37 41.83
N TRP L 305 -60.06 -61.15 41.59
CA TRP L 305 -61.47 -60.87 41.39
C TRP L 305 -61.94 -61.20 39.99
N GLY L 306 -61.02 -61.27 39.03
CA GLY L 306 -61.44 -61.65 37.69
C GLY L 306 -60.25 -62.00 36.83
N PHE L 307 -60.54 -62.61 35.69
CA PHE L 307 -59.44 -62.91 34.77
C PHE L 307 -59.98 -63.08 33.36
N ARG L 308 -59.08 -62.95 32.38
CA ARG L 308 -59.46 -63.15 30.99
C ARG L 308 -58.21 -63.46 30.18
N PRO L 309 -58.37 -64.08 29.01
CA PRO L 309 -57.20 -64.36 28.16
C PRO L 309 -56.85 -63.21 27.23
N LYS L 310 -55.54 -62.94 27.13
CA LYS L 310 -54.96 -61.92 26.30
C LYS L 310 -54.36 -62.46 25.01
N ARG L 311 -53.46 -63.46 25.10
CA ARG L 311 -52.86 -63.91 23.85
C ARG L 311 -52.42 -65.35 23.99
N LEU L 312 -52.14 -65.98 22.85
CA LEU L 312 -51.64 -67.36 22.88
C LEU L 312 -50.65 -67.61 21.75
N ASN L 313 -49.75 -68.54 22.02
CA ASN L 313 -48.79 -69.10 21.07
C ASN L 313 -48.99 -70.60 21.01
N PHE L 314 -48.94 -71.14 19.80
CA PHE L 314 -49.10 -72.56 19.56
C PHE L 314 -47.89 -73.03 18.78
N LYS L 315 -47.29 -74.12 19.22
CA LYS L 315 -46.14 -74.70 18.55
C LYS L 315 -46.33 -76.20 18.43
N LEU L 316 -45.89 -76.75 17.30
CA LEU L 316 -45.94 -78.17 16.99
C LEU L 316 -44.55 -78.58 16.56
N PHE L 317 -43.94 -79.52 17.27
CA PHE L 317 -42.53 -79.78 17.05
C PHE L 317 -42.22 -81.24 17.33
N ASN L 318 -41.05 -81.67 16.88
CA ASN L 318 -40.53 -83.02 17.08
C ASN L 318 -41.44 -84.07 16.45
N ILE L 319 -41.72 -83.89 15.16
CA ILE L 319 -42.60 -84.78 14.43
C ILE L 319 -41.88 -86.08 14.13
N GLN L 320 -42.54 -87.20 14.40
CA GLN L 320 -42.02 -88.51 14.04
C GLN L 320 -43.13 -89.30 13.36
N VAL L 321 -42.95 -89.64 12.10
CA VAL L 321 -43.88 -90.50 11.39
C VAL L 321 -43.40 -91.94 11.50
N LYS L 322 -44.30 -92.84 11.88
CA LYS L 322 -43.98 -94.24 12.08
C LYS L 322 -44.80 -95.09 11.15
N GLU L 323 -44.13 -95.98 10.44
CA GLU L 323 -44.72 -96.99 9.58
C GLU L 323 -45.01 -98.27 10.37
N VAL L 324 -46.18 -98.85 10.15
CA VAL L 324 -46.63 -100.04 10.87
C VAL L 324 -46.93 -101.14 9.87
N THR L 325 -46.36 -102.33 10.11
CA THR L 325 -46.66 -103.52 9.33
C THR L 325 -47.02 -104.66 10.26
N THR L 326 -48.19 -105.27 10.07
CA THR L 326 -48.58 -106.44 10.85
C THR L 326 -48.54 -107.67 9.94
N ASN L 327 -47.67 -108.62 10.27
CA ASN L 327 -47.53 -109.86 9.54
C ASN L 327 -47.60 -111.03 10.51
N ASP L 328 -48.44 -112.02 10.19
CA ASP L 328 -48.59 -113.24 11.00
C ASP L 328 -48.92 -112.91 12.45
N GLY L 329 -49.55 -111.76 12.68
CA GLY L 329 -49.95 -111.34 14.00
C GLY L 329 -48.95 -110.49 14.74
N VAL L 330 -47.70 -110.40 14.26
CA VAL L 330 -46.69 -109.61 14.93
C VAL L 330 -46.54 -108.28 14.19
N THR L 331 -46.34 -107.22 14.97
CA THR L 331 -46.37 -105.85 14.46
C THR L 331 -44.97 -105.24 14.52
N THR L 332 -44.52 -104.71 13.39
CA THR L 332 -43.27 -103.99 13.27
C THR L 332 -43.55 -102.51 13.07
N ILE L 333 -42.86 -101.67 13.84
CA ILE L 333 -42.94 -100.23 13.69
C ILE L 333 -41.56 -99.73 13.32
N ALA L 334 -41.49 -98.91 12.27
CA ALA L 334 -40.25 -98.32 11.83
C ALA L 334 -40.43 -96.82 11.66
N ASN L 335 -39.33 -96.11 11.54
CA ASN L 335 -39.39 -94.68 11.27
C ASN L 335 -39.52 -94.45 9.77
N ASN L 336 -40.38 -93.52 9.39
CA ASN L 336 -40.52 -93.08 8.02
C ASN L 336 -39.98 -91.67 7.96
N LEU L 337 -38.72 -91.53 7.56
CA LEU L 337 -38.04 -90.24 7.64
C LEU L 337 -38.49 -89.24 6.60
N THR L 338 -39.15 -89.70 5.52
CA THR L 338 -39.52 -88.83 4.43
C THR L 338 -41.01 -88.54 4.36
N SER L 339 -41.78 -88.96 5.35
CA SER L 339 -43.21 -88.71 5.35
C SER L 339 -43.52 -87.37 6.02
N THR L 340 -44.70 -86.85 5.71
CA THR L 340 -45.10 -85.53 6.17
C THR L 340 -46.43 -85.58 6.91
N VAL L 341 -46.61 -84.60 7.79
CA VAL L 341 -47.92 -84.27 8.34
C VAL L 341 -48.31 -82.89 7.81
N GLN L 342 -49.55 -82.77 7.35
CA GLN L 342 -50.09 -81.49 6.94
C GLN L 342 -50.78 -80.82 8.12
N VAL L 343 -50.44 -79.56 8.37
CA VAL L 343 -51.03 -78.78 9.46
C VAL L 343 -51.50 -77.45 8.89
N PHE L 344 -52.69 -77.03 9.28
CA PHE L 344 -53.09 -75.67 8.96
C PHE L 344 -54.01 -75.14 10.05
N SER L 345 -54.02 -73.82 10.18
CA SER L 345 -54.88 -73.11 11.11
C SER L 345 -55.99 -72.44 10.33
N ASP L 346 -57.23 -72.62 10.78
CA ASP L 346 -58.38 -72.05 10.09
C ASP L 346 -58.63 -70.64 10.62
N SER L 347 -57.74 -69.73 10.24
CA SER L 347 -57.72 -68.38 10.80
C SER L 347 -58.86 -67.49 10.33
N GLU L 348 -59.49 -67.83 9.21
CA GLU L 348 -60.59 -67.06 8.67
C GLU L 348 -61.95 -67.65 9.00
N TYR L 349 -61.99 -68.71 9.82
CA TYR L 349 -63.23 -69.33 10.28
C TYR L 349 -64.12 -69.72 9.10
N GLN L 350 -63.51 -70.34 8.10
CA GLN L 350 -64.22 -70.81 6.93
C GLN L 350 -64.76 -72.22 7.08
N LEU L 351 -64.43 -72.89 8.14
CA LEU L 351 -64.84 -74.24 8.45
C LEU L 351 -65.86 -74.23 9.56
N PRO L 352 -66.67 -75.27 9.67
CA PRO L 352 -67.53 -75.40 10.86
C PRO L 352 -66.69 -75.51 12.11
N TYR L 353 -67.05 -74.74 13.13
CA TYR L 353 -66.32 -74.69 14.38
C TYR L 353 -66.87 -75.75 15.32
N VAL L 354 -66.15 -76.86 15.47
CA VAL L 354 -66.60 -77.93 16.35
C VAL L 354 -66.03 -77.80 17.75
N LEU L 355 -65.07 -76.90 17.96
CA LEU L 355 -64.64 -76.59 19.31
C LEU L 355 -65.76 -75.84 20.01
N GLY L 356 -65.71 -75.81 21.33
CA GLY L 356 -66.76 -75.14 22.06
C GLY L 356 -68.02 -75.95 22.23
N SER L 357 -67.98 -77.25 21.94
CA SER L 357 -69.09 -78.16 22.22
C SER L 357 -68.75 -79.12 23.34
N ALA L 358 -67.66 -78.88 24.07
CA ALA L 358 -67.25 -79.68 25.23
C ALA L 358 -66.96 -81.13 24.86
N HIS L 359 -66.10 -81.31 23.87
CA HIS L 359 -65.76 -82.64 23.40
C HIS L 359 -64.48 -83.15 24.04
N GLN L 360 -64.34 -84.46 24.06
CA GLN L 360 -63.10 -85.10 24.47
C GLN L 360 -62.01 -84.86 23.44
N GLY L 361 -60.77 -85.07 23.85
CA GLY L 361 -59.66 -84.92 22.94
C GLY L 361 -58.78 -83.73 23.21
N CYS L 362 -59.04 -83.00 24.29
CA CYS L 362 -58.18 -81.90 24.69
C CYS L 362 -56.84 -82.42 25.19
N LEU L 363 -55.91 -81.50 25.40
CA LEU L 363 -54.68 -81.87 26.09
C LEU L 363 -55.02 -82.40 27.48
N PRO L 364 -54.41 -83.48 27.92
CA PRO L 364 -54.72 -84.03 29.24
C PRO L 364 -54.30 -83.08 30.34
N PRO L 365 -54.98 -83.12 31.49
CA PRO L 365 -54.59 -82.23 32.60
C PRO L 365 -53.18 -82.48 33.11
N PHE L 366 -52.76 -83.73 33.16
CA PHE L 366 -51.45 -84.08 33.66
C PHE L 366 -50.41 -84.00 32.55
N PRO L 367 -49.32 -83.24 32.74
CA PRO L 367 -48.35 -83.05 31.66
C PRO L 367 -47.63 -84.32 31.23
N ALA L 368 -47.65 -85.37 32.03
CA ALA L 368 -47.00 -86.61 31.67
C ALA L 368 -47.83 -87.49 30.76
N ASP L 369 -49.09 -87.14 30.52
CA ASP L 369 -49.98 -88.00 29.77
C ASP L 369 -49.83 -87.78 28.27
N VAL L 370 -49.88 -88.87 27.51
CA VAL L 370 -49.80 -88.85 26.07
C VAL L 370 -51.20 -89.02 25.52
N PHE L 371 -51.61 -88.14 24.61
CA PHE L 371 -52.99 -88.12 24.17
C PHE L 371 -53.11 -88.35 22.67
N MET L 372 -54.20 -88.99 22.29
CA MET L 372 -54.56 -89.25 20.92
C MET L 372 -55.32 -88.05 20.37
N ILE L 373 -55.05 -87.70 19.12
CA ILE L 373 -55.68 -86.52 18.52
C ILE L 373 -57.06 -86.91 17.99
N PRO L 374 -58.10 -86.17 18.33
CA PRO L 374 -59.46 -86.53 17.90
C PRO L 374 -59.70 -86.24 16.43
N GLN L 375 -60.61 -87.03 15.84
CA GLN L 375 -60.92 -86.88 14.42
C GLN L 375 -61.84 -85.70 14.18
N TYR L 376 -61.65 -85.02 13.06
CA TYR L 376 -62.50 -83.90 12.69
C TYR L 376 -63.69 -84.38 11.89
N GLY L 377 -64.86 -83.86 12.25
CA GLY L 377 -66.07 -84.10 11.50
C GLY L 377 -67.02 -82.98 11.82
N TYR L 378 -67.99 -82.78 10.94
CA TYR L 378 -68.94 -81.70 11.13
C TYR L 378 -70.31 -82.17 10.69
N LEU L 379 -71.32 -81.41 11.09
CA LEU L 379 -72.69 -81.61 10.69
C LEU L 379 -73.14 -80.44 9.82
N THR L 380 -74.06 -80.72 8.91
CA THR L 380 -74.62 -79.69 8.06
C THR L 380 -76.13 -79.77 8.13
N LEU L 381 -76.80 -78.91 7.38
CA LEU L 381 -78.25 -78.88 7.38
C LEU L 381 -78.82 -80.24 6.99
N ASN L 382 -79.80 -80.70 7.74
CA ASN L 382 -80.41 -81.99 7.49
C ASN L 382 -81.93 -81.88 7.57
N ASN L 383 -82.59 -82.70 6.77
CA ASN L 383 -84.04 -82.86 6.78
C ASN L 383 -84.30 -84.32 7.14
N GLY L 384 -84.32 -84.60 8.44
CA GLY L 384 -84.30 -85.98 8.87
C GLY L 384 -82.89 -86.52 8.76
N SER L 385 -82.75 -87.68 8.13
CA SER L 385 -81.44 -88.23 7.84
C SER L 385 -80.92 -87.79 6.48
N GLN L 386 -81.65 -86.94 5.77
CA GLN L 386 -81.29 -86.49 4.44
C GLN L 386 -80.66 -85.11 4.49
N ALA L 387 -80.08 -84.70 3.38
CA ALA L 387 -79.49 -83.38 3.23
C ALA L 387 -80.48 -82.46 2.52
N VAL L 388 -80.08 -81.22 2.33
CA VAL L 388 -80.83 -80.25 1.55
C VAL L 388 -79.88 -79.61 0.53
N GLY L 389 -80.41 -78.69 -0.25
CA GLY L 389 -79.58 -78.01 -1.23
C GLY L 389 -78.53 -77.12 -0.61
N ARG L 390 -78.84 -76.51 0.53
CA ARG L 390 -77.94 -75.61 1.23
C ARG L 390 -77.01 -76.33 2.19
N SER L 391 -77.08 -77.66 2.24
CA SER L 391 -76.10 -78.42 3.00
C SER L 391 -74.73 -78.24 2.38
N SER L 392 -73.75 -77.92 3.21
CA SER L 392 -72.40 -77.64 2.72
C SER L 392 -71.50 -78.86 2.87
N PHE L 393 -70.51 -78.92 2.01
CA PHE L 393 -69.44 -79.89 2.09
C PHE L 393 -68.12 -79.14 2.03
N TYR L 394 -67.18 -79.53 2.88
CA TYR L 394 -65.89 -78.87 2.96
C TYR L 394 -64.80 -79.90 2.76
N CYS L 395 -64.02 -79.74 1.70
CA CYS L 395 -62.77 -80.47 1.58
C CYS L 395 -61.70 -79.68 2.32
N LEU L 396 -61.06 -80.31 3.29
CA LEU L 396 -60.01 -79.64 4.04
C LEU L 396 -58.68 -79.64 3.30
N GLU L 397 -58.55 -80.45 2.25
CA GLU L 397 -57.40 -80.35 1.36
C GLU L 397 -57.49 -79.15 0.45
N TYR L 398 -58.63 -78.48 0.41
CA TYR L 398 -58.82 -77.25 -0.34
C TYR L 398 -58.33 -76.03 0.41
N PHE L 399 -57.46 -76.23 1.40
CA PHE L 399 -56.82 -75.18 2.16
C PHE L 399 -55.31 -75.25 1.94
N PRO L 400 -54.61 -74.12 2.07
CA PRO L 400 -53.14 -74.17 2.13
C PRO L 400 -52.69 -74.78 3.45
N SER L 401 -51.90 -75.85 3.36
CA SER L 401 -51.36 -76.52 4.53
C SER L 401 -49.85 -76.43 4.53
N GLN L 402 -49.25 -76.42 5.71
CA GLN L 402 -47.82 -76.58 5.83
C GLN L 402 -47.52 -78.06 5.99
N MET L 403 -46.62 -78.57 5.15
CA MET L 403 -46.18 -79.95 5.19
C MET L 403 -44.91 -80.04 6.04
N LEU L 404 -44.94 -80.90 7.04
CA LEU L 404 -43.88 -81.01 8.02
C LEU L 404 -43.25 -82.39 7.93
N ARG L 405 -41.96 -82.43 7.64
CA ARG L 405 -41.18 -83.65 7.80
C ARG L 405 -40.62 -83.68 9.22
N THR L 406 -39.77 -84.65 9.52
CA THR L 406 -39.37 -84.86 10.90
C THR L 406 -38.49 -83.74 11.45
N GLY L 407 -37.97 -82.87 10.60
CA GLY L 407 -37.13 -81.77 11.07
C GLY L 407 -37.83 -80.44 11.13
N ASN L 408 -39.11 -80.40 10.77
CA ASN L 408 -39.86 -79.15 10.68
C ASN L 408 -40.73 -78.95 11.92
N ASN L 409 -41.08 -77.69 12.16
CA ASN L 409 -42.02 -77.34 13.20
C ASN L 409 -43.04 -76.35 12.66
N PHE L 410 -44.06 -76.08 13.46
CA PHE L 410 -45.19 -75.25 13.08
C PHE L 410 -45.46 -74.28 14.22
N THR L 411 -45.59 -72.99 13.92
CA THR L 411 -45.88 -72.00 14.95
C THR L 411 -47.07 -71.16 14.52
N PHE L 412 -47.77 -70.62 15.51
CA PHE L 412 -48.96 -69.82 15.22
C PHE L 412 -49.28 -68.95 16.42
N SER L 413 -49.47 -67.66 16.20
CA SER L 413 -49.81 -66.73 17.27
C SER L 413 -51.23 -66.22 17.10
N TYR L 414 -51.86 -65.90 18.22
CA TYR L 414 -53.24 -65.41 18.18
C TYR L 414 -53.44 -64.42 19.32
N THR L 415 -54.19 -63.36 19.05
CA THR L 415 -54.55 -62.38 20.06
C THR L 415 -56.04 -62.43 20.31
N PHE L 416 -56.42 -62.52 21.58
CA PHE L 416 -57.83 -62.50 21.95
C PHE L 416 -58.40 -61.10 21.80
N GLU L 417 -59.66 -61.03 21.41
CA GLU L 417 -60.39 -59.77 21.44
C GLU L 417 -60.64 -59.35 22.88
N GLU L 418 -60.98 -58.08 23.05
CA GLU L 418 -61.25 -57.54 24.39
C GLU L 418 -62.57 -58.12 24.88
N VAL L 419 -62.46 -59.16 25.68
CA VAL L 419 -63.61 -59.84 26.27
C VAL L 419 -63.72 -59.35 27.71
N PRO L 420 -64.90 -59.33 28.32
CA PRO L 420 -64.98 -58.95 29.74
C PRO L 420 -64.30 -59.99 30.62
N PHE L 421 -63.78 -59.51 31.75
CA PHE L 421 -63.23 -60.40 32.76
C PHE L 421 -64.29 -61.36 33.25
N HIS L 422 -63.92 -62.63 33.38
CA HIS L 422 -64.74 -63.54 34.15
C HIS L 422 -64.64 -63.20 35.62
N SER L 423 -65.77 -63.32 36.31
CA SER L 423 -65.94 -62.92 37.70
C SER L 423 -65.53 -64.07 38.63
N SER L 424 -64.38 -63.95 39.25
CA SER L 424 -63.93 -64.93 40.24
C SER L 424 -64.39 -64.57 41.64
N TYR L 425 -65.52 -63.89 41.77
CA TYR L 425 -66.03 -63.44 43.05
C TYR L 425 -67.47 -63.85 43.21
N ALA L 426 -67.90 -63.96 44.46
CA ALA L 426 -69.28 -63.95 44.86
C ALA L 426 -69.64 -62.56 45.38
N HIS L 427 -70.94 -62.35 45.59
CA HIS L 427 -71.43 -61.09 46.12
C HIS L 427 -71.69 -61.24 47.61
N SER L 428 -71.24 -60.24 48.37
CA SER L 428 -71.47 -60.21 49.81
C SER L 428 -72.85 -59.73 50.19
N GLN L 429 -73.60 -59.19 49.24
CA GLN L 429 -74.95 -58.73 49.47
C GLN L 429 -75.90 -59.43 48.51
N SER L 430 -77.15 -59.55 48.92
CA SER L 430 -78.21 -60.04 48.05
C SER L 430 -78.92 -58.85 47.40
N LEU L 431 -79.53 -59.12 46.24
CA LEU L 431 -80.14 -58.04 45.47
C LEU L 431 -81.35 -57.44 46.17
N ASP L 432 -82.07 -58.24 46.95
CA ASP L 432 -83.21 -57.76 47.70
C ASP L 432 -82.85 -57.26 49.09
N ARG L 433 -81.55 -57.04 49.35
CA ARG L 433 -81.06 -56.61 50.65
C ARG L 433 -80.02 -55.52 50.48
N LEU L 434 -80.29 -54.56 49.59
CA LEU L 434 -79.34 -53.51 49.26
C LEU L 434 -79.62 -52.22 50.01
N MET L 435 -80.54 -52.24 50.97
CA MET L 435 -80.98 -51.04 51.65
C MET L 435 -80.21 -50.83 52.95
N ASN L 436 -80.33 -49.61 53.47
CA ASN L 436 -79.90 -49.33 54.84
C ASN L 436 -80.89 -49.97 55.80
N PRO L 437 -80.46 -50.86 56.68
CA PRO L 437 -81.39 -51.52 57.61
C PRO L 437 -81.78 -50.67 58.81
N LEU L 438 -81.35 -49.42 58.88
CA LEU L 438 -81.69 -48.57 60.00
C LEU L 438 -82.64 -47.44 59.65
N ILE L 439 -82.66 -46.99 58.40
CA ILE L 439 -83.40 -45.82 57.98
C ILE L 439 -84.64 -46.26 57.23
N ASP L 440 -85.73 -45.53 57.42
CA ASP L 440 -86.94 -45.77 56.65
C ASP L 440 -86.79 -45.17 55.25
N GLN L 441 -87.79 -45.43 54.42
CA GLN L 441 -87.87 -44.85 53.10
C GLN L 441 -88.79 -43.64 53.11
N TYR L 442 -88.71 -42.83 52.05
CA TYR L 442 -89.70 -41.78 51.84
C TYR L 442 -90.77 -42.20 50.86
N LEU L 443 -90.76 -43.46 50.42
CA LEU L 443 -91.73 -43.99 49.49
C LEU L 443 -92.76 -44.82 50.25
N TYR L 444 -94.02 -44.68 49.87
CA TYR L 444 -95.11 -45.41 50.48
C TYR L 444 -95.58 -46.51 49.56
N TYR L 445 -96.20 -47.52 50.15
CA TYR L 445 -96.78 -48.63 49.40
C TYR L 445 -98.14 -48.95 50.01
N LEU L 446 -99.00 -49.54 49.20
CA LEU L 446 -100.29 -49.99 49.69
C LEU L 446 -100.09 -51.20 50.58
N ASN L 447 -100.45 -51.07 51.85
CA ASN L 447 -100.21 -52.11 52.85
C ASN L 447 -101.46 -52.93 53.16
N ARG L 448 -102.60 -52.29 53.31
CA ARG L 448 -103.86 -52.95 53.61
C ARG L 448 -104.93 -52.47 52.65
N THR L 449 -105.76 -53.38 52.17
CA THR L 449 -107.01 -53.02 51.52
C THR L 449 -108.22 -53.39 52.36
N GLN L 450 -108.01 -53.75 53.62
CA GLN L 450 -109.09 -53.99 54.58
C GLN L 450 -108.74 -53.29 55.88
N ASN L 451 -109.76 -53.11 56.72
CA ASN L 451 -109.54 -52.43 58.00
C ASN L 451 -108.67 -53.28 58.91
N GLN L 452 -107.73 -52.63 59.59
CA GLN L 452 -106.79 -53.33 60.45
C GLN L 452 -107.42 -53.81 61.75
N SER L 453 -108.45 -53.11 62.24
CA SER L 453 -109.03 -53.41 63.55
C SER L 453 -109.59 -54.83 63.59
N GLY L 454 -110.35 -55.22 62.57
CA GLY L 454 -110.89 -56.56 62.49
C GLY L 454 -112.26 -56.75 63.12
N SER L 455 -112.73 -55.80 63.92
CA SER L 455 -114.07 -55.89 64.48
C SER L 455 -115.12 -55.89 63.37
N ALA L 456 -114.92 -55.02 62.38
CA ALA L 456 -115.64 -55.08 61.11
C ALA L 456 -114.67 -55.55 60.03
N GLN L 457 -115.24 -55.94 58.88
CA GLN L 457 -114.47 -56.44 57.75
C GLN L 457 -114.57 -55.51 56.55
N ASN L 458 -114.44 -54.21 56.79
CA ASN L 458 -114.61 -53.23 55.74
C ASN L 458 -113.34 -53.05 54.93
N LYS L 459 -113.49 -52.65 53.69
CA LYS L 459 -112.35 -52.36 52.85
C LYS L 459 -111.76 -51.01 53.20
N ASP L 460 -110.55 -50.76 52.71
CA ASP L 460 -109.86 -49.49 52.94
C ASP L 460 -108.72 -49.35 51.96
N LEU L 461 -107.97 -48.27 52.10
CA LEU L 461 -106.74 -48.04 51.33
C LEU L 461 -105.74 -47.46 52.32
N LEU L 462 -104.96 -48.32 52.95
CA LEU L 462 -104.00 -47.93 53.98
C LEU L 462 -102.59 -48.09 53.43
N PHE L 463 -101.80 -47.04 53.58
CA PHE L 463 -100.46 -46.98 53.02
C PHE L 463 -99.42 -46.93 54.12
N SER L 464 -98.35 -47.68 53.95
CA SER L 464 -97.26 -47.71 54.91
C SER L 464 -95.99 -47.21 54.27
N ARG L 465 -95.07 -46.77 55.12
CA ARG L 465 -93.77 -46.31 54.69
C ARG L 465 -92.79 -47.49 54.65
N GLY L 466 -91.92 -47.49 53.65
CA GLY L 466 -90.88 -48.50 53.56
C GLY L 466 -89.97 -48.47 54.75
N SER L 467 -89.97 -49.55 55.52
CA SER L 467 -89.27 -49.62 56.79
C SER L 467 -88.42 -50.88 56.86
N PRO L 468 -87.38 -50.89 57.70
CA PRO L 468 -86.58 -52.11 57.86
C PRO L 468 -87.35 -53.28 58.45
N ALA L 469 -88.50 -53.05 59.08
CA ALA L 469 -89.31 -54.16 59.57
C ALA L 469 -89.79 -55.03 58.42
N GLY L 470 -90.38 -54.43 57.40
CA GLY L 470 -90.74 -55.17 56.21
C GLY L 470 -89.84 -54.82 55.04
N MET L 471 -88.87 -55.68 54.77
CA MET L 471 -87.94 -55.45 53.68
C MET L 471 -88.41 -56.05 52.37
N SER L 472 -89.35 -56.99 52.43
CA SER L 472 -89.87 -57.62 51.23
C SER L 472 -90.81 -56.71 50.45
N VAL L 473 -91.41 -55.72 51.09
CA VAL L 473 -92.38 -54.85 50.44
C VAL L 473 -91.80 -53.48 50.12
N GLN L 474 -90.54 -53.24 50.43
CA GLN L 474 -89.92 -51.97 50.10
C GLN L 474 -89.78 -51.83 48.60
N PRO L 475 -90.06 -50.65 48.04
CA PRO L 475 -89.70 -50.39 46.65
C PRO L 475 -88.20 -50.57 46.43
N LYS L 476 -87.84 -51.16 45.29
CA LYS L 476 -86.46 -51.44 44.96
C LYS L 476 -86.17 -51.00 43.53
N ASN L 477 -84.90 -51.00 43.18
CA ASN L 477 -84.46 -50.44 41.91
C ASN L 477 -84.16 -51.48 40.85
N TRP L 478 -83.95 -52.73 41.22
CA TRP L 478 -83.47 -53.74 40.28
C TRP L 478 -84.26 -55.02 40.44
N LEU L 479 -84.11 -55.91 39.45
CA LEU L 479 -84.79 -57.18 39.39
C LEU L 479 -83.79 -58.31 39.23
N PRO L 480 -84.11 -59.51 39.71
CA PRO L 480 -83.24 -60.66 39.46
C PRO L 480 -83.26 -61.05 38.00
N GLY L 481 -82.18 -61.71 37.58
CA GLY L 481 -82.00 -62.09 36.20
C GLY L 481 -83.09 -62.99 35.66
N PRO L 482 -83.02 -63.29 34.37
CA PRO L 482 -84.05 -64.11 33.74
C PRO L 482 -83.96 -65.56 34.19
N CYS L 483 -85.07 -66.27 34.03
CA CYS L 483 -85.14 -67.64 34.47
C CYS L 483 -85.83 -68.50 33.41
N TYR L 484 -85.55 -69.80 33.44
CA TYR L 484 -86.24 -70.80 32.63
C TYR L 484 -86.29 -72.07 33.45
N ARG L 485 -87.41 -72.28 34.14
CA ARG L 485 -87.47 -73.24 35.23
C ARG L 485 -87.09 -74.65 34.79
N GLN L 486 -86.34 -75.34 35.64
CA GLN L 486 -85.93 -76.72 35.45
C GLN L 486 -86.66 -77.61 36.46
N GLN L 487 -86.59 -78.91 36.23
CA GLN L 487 -87.18 -79.87 37.15
C GLN L 487 -86.20 -80.18 38.26
N ARG L 488 -86.73 -80.38 39.47
CA ARG L 488 -85.92 -80.55 40.66
C ARG L 488 -85.70 -82.02 40.92
N VAL L 489 -84.44 -82.45 40.91
CA VAL L 489 -84.08 -83.84 41.17
C VAL L 489 -83.29 -83.87 42.46
N SER L 490 -83.60 -84.85 43.31
CA SER L 490 -82.90 -85.03 44.56
C SER L 490 -81.72 -85.98 44.38
N LYS L 491 -80.58 -85.62 44.95
CA LYS L 491 -79.42 -86.51 44.96
C LYS L 491 -79.68 -87.77 45.75
N THR L 492 -80.66 -87.75 46.66
CA THR L 492 -81.12 -88.94 47.35
C THR L 492 -82.26 -89.54 46.52
N LYS L 493 -82.01 -90.69 45.92
CA LYS L 493 -82.90 -91.21 44.89
C LYS L 493 -84.28 -91.60 45.42
N THR L 494 -84.42 -91.84 46.72
CA THR L 494 -85.72 -92.26 47.25
C THR L 494 -86.76 -91.15 47.22
N ASP L 495 -86.34 -89.88 47.19
CA ASP L 495 -87.28 -88.76 47.17
C ASP L 495 -87.70 -88.37 45.76
N ASN L 496 -87.22 -89.05 44.74
CA ASN L 496 -87.61 -88.75 43.37
C ASN L 496 -88.80 -89.60 42.96
N ASN L 497 -89.57 -89.07 42.02
CA ASN L 497 -90.74 -89.77 41.52
C ASN L 497 -90.34 -91.07 40.84
N ASN L 498 -91.19 -92.08 40.96
CA ASN L 498 -90.91 -93.38 40.37
C ASN L 498 -91.35 -93.39 38.90
N SER L 499 -90.53 -92.74 38.08
CA SER L 499 -90.70 -92.72 36.64
C SER L 499 -89.39 -92.25 36.04
N ASN L 500 -89.31 -92.29 34.71
CA ASN L 500 -88.07 -91.84 34.06
C ASN L 500 -88.02 -90.31 34.01
N PHE L 501 -88.93 -89.70 33.27
CA PHE L 501 -89.16 -88.25 33.25
C PHE L 501 -87.90 -87.42 33.01
N THR L 502 -86.81 -88.07 32.58
CA THR L 502 -85.64 -87.32 32.16
C THR L 502 -85.81 -86.70 30.78
N TRP L 503 -86.75 -87.19 30.00
CA TRP L 503 -87.08 -86.58 28.73
C TRP L 503 -88.48 -86.00 28.70
N THR L 504 -89.46 -86.70 29.29
CA THR L 504 -90.83 -86.18 29.27
C THR L 504 -91.02 -85.00 30.21
N GLY L 505 -90.27 -84.93 31.30
CA GLY L 505 -90.48 -83.88 32.27
C GLY L 505 -89.38 -82.83 32.28
N ALA L 506 -88.69 -82.68 31.17
CA ALA L 506 -87.51 -81.83 31.10
C ALA L 506 -87.77 -80.58 30.28
N SER L 507 -87.07 -79.51 30.64
CA SER L 507 -87.12 -78.27 29.88
C SER L 507 -86.37 -78.44 28.58
N LYS L 508 -87.05 -78.24 27.47
CA LYS L 508 -86.42 -78.43 26.17
C LYS L 508 -86.98 -77.37 25.22
N TYR L 509 -86.25 -77.15 24.13
CA TYR L 509 -86.67 -76.17 23.14
C TYR L 509 -86.94 -76.84 21.80
N ASN L 510 -87.81 -76.21 21.03
CA ASN L 510 -88.25 -76.71 19.74
C ASN L 510 -87.52 -75.94 18.64
N LEU L 511 -86.88 -76.65 17.73
CA LEU L 511 -86.17 -76.02 16.61
C LEU L 511 -86.34 -76.88 15.37
N ASN L 512 -87.06 -76.35 14.39
CA ASN L 512 -87.31 -77.04 13.12
C ASN L 512 -87.99 -78.39 13.35
N GLY L 513 -88.85 -78.45 14.35
CA GLY L 513 -89.64 -79.63 14.59
C GLY L 513 -89.02 -80.67 15.49
N ARG L 514 -87.78 -80.52 15.90
CA ARG L 514 -87.15 -81.48 16.79
C ARG L 514 -86.69 -80.80 18.07
N GLU L 515 -86.90 -81.49 19.18
CA GLU L 515 -86.70 -80.95 20.51
C GLU L 515 -85.27 -81.21 20.99
N SER L 516 -84.77 -80.28 21.78
CA SER L 516 -83.41 -80.37 22.32
C SER L 516 -83.45 -79.94 23.77
N ILE L 517 -82.86 -80.75 24.65
CA ILE L 517 -82.78 -80.39 26.06
C ILE L 517 -81.97 -79.12 26.19
N ILE L 518 -82.38 -78.24 27.12
CA ILE L 518 -81.70 -76.97 27.29
C ILE L 518 -80.26 -77.19 27.74
N ASN L 519 -80.06 -77.73 28.95
CA ASN L 519 -78.78 -78.28 29.38
C ASN L 519 -77.56 -77.42 29.07
N PRO L 520 -77.23 -76.41 29.89
CA PRO L 520 -77.84 -76.07 31.17
C PRO L 520 -78.68 -74.79 31.12
N GLY L 521 -78.57 -74.06 30.02
CA GLY L 521 -79.43 -72.90 29.83
C GLY L 521 -79.05 -71.74 30.72
N THR L 522 -80.07 -71.05 31.22
CA THR L 522 -79.88 -69.82 31.97
C THR L 522 -79.06 -70.08 33.23
N ALA L 523 -78.21 -69.12 33.56
CA ALA L 523 -77.37 -69.22 34.75
C ALA L 523 -78.22 -68.93 35.98
N MET L 524 -78.60 -69.98 36.69
CA MET L 524 -79.44 -69.86 37.87
C MET L 524 -78.84 -70.66 39.02
N ALA L 525 -79.27 -70.31 40.23
CA ALA L 525 -78.82 -71.03 41.41
C ALA L 525 -79.31 -72.47 41.37
N SER L 526 -78.43 -73.40 41.75
CA SER L 526 -78.79 -74.81 41.74
C SER L 526 -79.90 -75.13 42.73
N HIS L 527 -79.86 -74.52 43.90
CA HIS L 527 -80.83 -74.80 44.95
C HIS L 527 -80.92 -73.59 45.86
N LYS L 528 -81.78 -73.69 46.87
CA LYS L 528 -81.91 -72.66 47.88
C LYS L 528 -80.95 -72.93 49.04
N ASP L 529 -81.12 -72.18 50.11
CA ASP L 529 -80.38 -72.47 51.34
C ASP L 529 -80.91 -73.74 51.98
N ASP L 530 -79.99 -74.53 52.54
CA ASP L 530 -80.34 -75.76 53.26
C ASP L 530 -81.05 -76.77 52.35
N GLU L 531 -80.72 -76.76 51.06
CA GLU L 531 -81.37 -77.62 50.09
C GLU L 531 -80.35 -78.20 49.12
N ASP L 532 -79.15 -78.50 49.62
CA ASP L 532 -78.07 -79.00 48.77
C ASP L 532 -78.37 -80.37 48.18
N LYS L 533 -79.37 -81.07 48.68
CA LYS L 533 -79.75 -82.38 48.17
C LYS L 533 -80.46 -82.32 46.83
N PHE L 534 -80.83 -81.14 46.35
CA PHE L 534 -81.56 -80.97 45.11
C PHE L 534 -80.69 -80.28 44.07
N PHE L 535 -80.84 -80.70 42.82
CA PHE L 535 -80.22 -80.03 41.69
C PHE L 535 -81.19 -79.99 40.53
N PRO L 536 -81.10 -78.98 39.67
CA PRO L 536 -81.93 -78.97 38.46
C PRO L 536 -81.57 -80.13 37.55
N MET L 537 -82.59 -80.68 36.88
CA MET L 537 -82.38 -81.94 36.16
C MET L 537 -81.35 -81.78 35.05
N SER L 538 -81.37 -80.68 34.33
CA SER L 538 -80.38 -80.41 33.30
C SER L 538 -79.88 -78.97 33.41
N GLY L 539 -79.61 -78.54 34.63
CA GLY L 539 -79.20 -77.16 34.84
C GLY L 539 -77.80 -77.03 35.39
N VAL L 540 -77.12 -78.14 35.54
CA VAL L 540 -75.80 -78.17 36.17
C VAL L 540 -74.81 -78.85 35.25
N MET L 541 -73.56 -78.42 35.33
CA MET L 541 -72.48 -79.10 34.63
C MET L 541 -72.03 -80.31 35.44
N ILE L 542 -72.06 -81.47 34.81
CA ILE L 542 -71.73 -82.72 35.47
C ILE L 542 -70.47 -83.27 34.83
N PHE L 543 -69.42 -83.40 35.62
CA PHE L 543 -68.17 -83.99 35.18
C PHE L 543 -68.07 -85.42 35.68
N GLY L 544 -67.58 -86.31 34.84
CA GLY L 544 -67.39 -87.69 35.23
C GLY L 544 -66.03 -87.90 35.86
N LYS L 545 -66.00 -88.70 36.92
CA LYS L 545 -64.74 -89.12 37.48
C LYS L 545 -64.11 -90.19 36.60
N GLU L 546 -62.83 -90.44 36.82
CA GLU L 546 -62.21 -91.57 36.17
C GLU L 546 -62.87 -92.86 36.67
N SER L 547 -62.95 -93.85 35.78
CA SER L 547 -63.76 -95.04 36.00
C SER L 547 -65.25 -94.71 36.07
N ALA L 548 -65.70 -93.82 35.17
CA ALA L 548 -67.11 -93.58 34.95
C ALA L 548 -67.46 -94.09 33.57
N GLY L 549 -68.53 -94.87 33.47
CA GLY L 549 -68.94 -95.42 32.20
C GLY L 549 -69.47 -94.35 31.27
N ALA L 550 -69.63 -94.74 30.01
CA ALA L 550 -70.15 -93.81 29.02
C ALA L 550 -71.66 -93.62 29.16
N SER L 551 -72.37 -94.68 29.55
CA SER L 551 -73.82 -94.64 29.61
C SER L 551 -74.31 -95.22 30.94
N ASN L 552 -75.28 -94.54 31.54
CA ASN L 552 -75.96 -94.99 32.75
C ASN L 552 -74.97 -95.29 33.88
N THR L 553 -73.98 -94.42 34.03
CA THR L 553 -73.08 -94.52 35.17
C THR L 553 -73.77 -94.00 36.44
N ALA L 554 -73.06 -94.06 37.55
CA ALA L 554 -73.67 -93.79 38.84
C ALA L 554 -73.37 -92.38 39.35
N LEU L 555 -74.26 -91.93 40.23
CA LEU L 555 -74.05 -90.66 40.93
C LEU L 555 -72.72 -90.65 41.66
N ASP L 556 -72.27 -91.82 42.09
CA ASP L 556 -70.96 -91.92 42.73
C ASP L 556 -69.85 -91.71 41.72
N ASN L 557 -70.11 -91.98 40.45
CA ASN L 557 -69.09 -91.84 39.42
C ASN L 557 -69.11 -90.49 38.75
N VAL L 558 -70.13 -89.67 38.98
CA VAL L 558 -70.16 -88.33 38.41
C VAL L 558 -69.98 -87.28 39.52
N MET L 559 -69.51 -86.10 39.11
CA MET L 559 -69.37 -84.94 39.99
C MET L 559 -70.31 -83.85 39.52
N ILE L 560 -71.31 -83.54 40.33
CA ILE L 560 -72.29 -82.50 40.00
C ILE L 560 -71.81 -81.17 40.55
N THR L 561 -71.78 -80.15 39.70
CA THR L 561 -71.37 -78.83 40.15
C THR L 561 -72.52 -78.14 40.89
N ASP L 562 -72.17 -77.04 41.54
CA ASP L 562 -73.13 -76.24 42.29
C ASP L 562 -72.95 -74.78 41.91
N GLU L 563 -74.06 -74.06 41.78
CA GLU L 563 -74.06 -72.64 41.48
C GLU L 563 -74.62 -71.85 42.66
N GLU L 564 -74.16 -72.20 43.86
CA GLU L 564 -74.75 -71.64 45.07
C GLU L 564 -74.34 -70.20 45.29
N GLU L 565 -73.28 -69.75 44.64
CA GLU L 565 -72.75 -68.42 44.91
C GLU L 565 -73.53 -67.31 44.22
N ILE L 566 -74.37 -67.64 43.24
CA ILE L 566 -75.09 -66.63 42.48
C ILE L 566 -76.54 -66.53 42.92
N LYS L 567 -76.86 -67.02 44.12
CA LYS L 567 -78.18 -66.80 44.71
C LYS L 567 -78.45 -65.33 45.00
N ALA L 568 -77.40 -64.51 45.08
CA ALA L 568 -77.57 -63.11 45.42
C ALA L 568 -78.28 -62.33 44.32
N THR L 569 -78.14 -62.76 43.07
CA THR L 569 -78.71 -62.03 41.94
C THR L 569 -79.53 -62.88 41.00
N ASN L 570 -79.39 -64.20 41.02
CA ASN L 570 -80.04 -65.06 40.05
C ASN L 570 -81.15 -65.87 40.71
N PRO L 571 -82.24 -66.13 40.01
CA PRO L 571 -83.28 -67.00 40.56
C PRO L 571 -82.79 -68.42 40.70
N VAL L 572 -83.41 -69.15 41.63
CA VAL L 572 -83.10 -70.57 41.79
C VAL L 572 -83.66 -71.34 40.61
N ALA L 573 -82.85 -72.26 40.07
CA ALA L 573 -83.16 -72.90 38.80
C ALA L 573 -84.44 -73.72 38.85
N THR L 574 -84.81 -74.26 40.00
CA THR L 574 -85.93 -75.18 40.11
C THR L 574 -87.21 -74.51 40.57
N GLU L 575 -87.22 -73.19 40.77
CA GLU L 575 -88.39 -72.49 41.25
C GLU L 575 -88.76 -71.35 40.30
N ARG L 576 -90.00 -70.89 40.45
CA ARG L 576 -90.54 -69.87 39.57
C ARG L 576 -89.79 -68.56 39.75
N PHE L 577 -89.82 -67.74 38.69
CA PHE L 577 -89.31 -66.37 38.81
C PHE L 577 -90.12 -65.58 39.83
N GLY L 578 -91.43 -65.77 39.80
CA GLY L 578 -92.30 -65.05 40.70
C GLY L 578 -93.74 -65.24 40.29
N THR L 579 -94.60 -64.39 40.84
CA THR L 579 -96.01 -64.39 40.51
C THR L 579 -96.38 -63.13 39.76
N VAL L 580 -97.48 -63.20 39.03
CA VAL L 580 -97.97 -62.08 38.24
C VAL L 580 -99.48 -62.04 38.35
N ALA L 581 -100.04 -60.84 38.36
CA ALA L 581 -101.49 -60.70 38.35
C ALA L 581 -102.04 -61.16 37.01
N VAL L 582 -103.19 -61.85 37.05
CA VAL L 582 -103.77 -62.43 35.84
C VAL L 582 -105.21 -62.01 35.60
N ASN L 583 -105.77 -61.14 36.43
CA ASN L 583 -107.16 -60.72 36.25
C ASN L 583 -107.33 -59.33 36.83
N PHE L 584 -108.57 -58.85 36.86
CA PHE L 584 -108.94 -57.60 37.51
C PHE L 584 -109.75 -57.94 38.76
N GLN L 585 -109.26 -57.51 39.91
CA GLN L 585 -110.04 -57.66 41.13
C GLN L 585 -111.13 -56.61 41.18
N SER L 586 -112.28 -56.99 41.72
CA SER L 586 -113.41 -56.08 41.82
C SER L 586 -114.32 -56.55 42.93
N SER L 587 -115.20 -55.65 43.38
CA SER L 587 -116.21 -55.96 44.37
C SER L 587 -117.55 -56.24 43.70
N SER L 588 -118.44 -56.88 44.45
CA SER L 588 -119.77 -57.16 43.95
C SER L 588 -120.58 -55.87 43.81
N THR L 589 -121.46 -55.85 42.81
CA THR L 589 -122.30 -54.69 42.57
C THR L 589 -123.72 -55.11 42.22
N VAL L 592 -123.25 -55.33 38.77
CA VAL L 592 -122.53 -56.54 38.40
C VAL L 592 -122.26 -57.38 39.65
N PRO L 593 -123.25 -58.18 40.06
CA PRO L 593 -123.12 -58.94 41.30
C PRO L 593 -122.26 -60.20 41.15
N PHE L 594 -121.13 -60.07 40.46
CA PHE L 594 -120.17 -61.16 40.30
C PHE L 594 -118.82 -60.66 40.82
N LYS L 595 -118.60 -60.84 42.11
CA LYS L 595 -117.34 -60.42 42.73
C LYS L 595 -116.17 -61.20 42.14
N THR L 596 -115.08 -60.51 41.86
CA THR L 596 -113.88 -61.12 41.28
C THR L 596 -112.74 -61.00 42.27
N ASP L 597 -112.31 -62.14 42.81
CA ASP L 597 -111.14 -62.16 43.66
C ASP L 597 -109.89 -61.94 42.82
N PRO L 598 -108.89 -61.26 43.37
CA PRO L 598 -107.60 -61.15 42.66
C PRO L 598 -106.96 -62.51 42.48
N ALA L 599 -106.30 -62.69 41.35
CA ALA L 599 -105.69 -63.96 40.99
C ALA L 599 -104.28 -63.75 40.48
N THR L 600 -103.37 -64.60 40.94
CA THR L 600 -101.98 -64.56 40.51
C THR L 600 -101.62 -65.90 39.87
N GLY L 601 -100.64 -65.85 38.98
CA GLY L 601 -100.11 -67.05 38.38
C GLY L 601 -98.60 -67.06 38.46
N ASP L 602 -98.05 -68.27 38.56
CA ASP L 602 -96.61 -68.43 38.65
C ASP L 602 -95.95 -68.18 37.30
N VAL L 603 -94.81 -67.50 37.35
CA VAL L 603 -94.05 -67.17 36.15
C VAL L 603 -92.86 -68.12 36.11
N HIS L 604 -92.88 -69.06 35.18
CA HIS L 604 -91.88 -70.12 35.14
C HIS L 604 -90.73 -69.80 34.20
N ALA L 605 -91.01 -69.12 33.09
CA ALA L 605 -89.98 -68.65 32.17
C ALA L 605 -90.13 -67.15 32.02
N MET L 606 -89.08 -66.41 32.35
CA MET L 606 -89.09 -64.96 32.30
C MET L 606 -87.94 -64.50 31.42
N GLY L 607 -88.25 -63.76 30.37
CA GLY L 607 -87.23 -63.14 29.55
C GLY L 607 -86.71 -61.88 30.17
N ALA L 608 -85.77 -61.25 29.47
CA ALA L 608 -85.09 -60.09 30.02
C ALA L 608 -86.04 -58.91 30.13
N LEU L 609 -86.14 -58.34 31.33
CA LEU L 609 -86.82 -57.11 31.63
C LEU L 609 -85.81 -56.03 31.94
N PRO L 610 -86.08 -54.78 31.60
CA PRO L 610 -85.17 -53.70 32.00
C PRO L 610 -85.10 -53.60 33.51
N GLY L 611 -83.90 -53.34 34.00
CA GLY L 611 -83.61 -53.38 35.41
C GLY L 611 -83.12 -54.70 35.92
N MET L 612 -83.11 -55.74 35.08
CA MET L 612 -82.62 -57.04 35.49
C MET L 612 -81.10 -57.05 35.59
N VAL L 613 -80.59 -57.73 36.61
CA VAL L 613 -79.16 -57.95 36.79
C VAL L 613 -78.94 -59.41 37.11
N TRP L 614 -77.83 -59.96 36.61
CA TRP L 614 -77.56 -61.39 36.81
C TRP L 614 -76.06 -61.63 36.74
N GLN L 615 -75.66 -62.80 37.22
CA GLN L 615 -74.31 -63.31 37.04
C GLN L 615 -74.32 -64.45 36.04
N ASP L 616 -73.19 -64.62 35.36
CA ASP L 616 -73.05 -65.70 34.41
C ASP L 616 -72.66 -66.98 35.13
N ARG L 617 -72.62 -68.08 34.39
CA ARG L 617 -72.20 -69.35 34.96
C ARG L 617 -70.72 -69.31 35.33
N ASP L 618 -70.36 -70.08 36.34
CA ASP L 618 -68.98 -70.18 36.77
C ASP L 618 -68.18 -71.03 35.80
N VAL L 619 -66.88 -70.80 35.76
CA VAL L 619 -65.95 -71.64 35.03
C VAL L 619 -65.25 -72.56 36.02
N TYR L 620 -64.83 -73.72 35.53
CA TYR L 620 -64.22 -74.74 36.37
C TYR L 620 -62.87 -75.14 35.78
N LEU L 621 -62.03 -75.71 36.61
CA LEU L 621 -60.73 -76.17 36.13
C LEU L 621 -60.89 -77.25 35.05
N GLN L 622 -61.93 -78.06 35.14
CA GLN L 622 -62.21 -79.10 34.16
C GLN L 622 -63.11 -78.62 33.04
N GLY L 623 -63.53 -77.36 33.04
CA GLY L 623 -64.53 -76.90 32.11
C GLY L 623 -63.96 -76.15 30.92
N PRO L 624 -64.82 -75.79 29.98
CA PRO L 624 -64.37 -75.08 28.78
C PRO L 624 -63.96 -73.64 29.08
N ILE L 625 -63.07 -73.13 28.23
CA ILE L 625 -62.60 -71.75 28.35
C ILE L 625 -63.43 -70.79 27.51
N TRP L 626 -63.61 -71.09 26.23
CA TRP L 626 -64.25 -70.16 25.31
C TRP L 626 -65.25 -70.90 24.45
N ALA L 627 -65.99 -70.12 23.67
CA ALA L 627 -66.89 -70.63 22.65
C ALA L 627 -67.02 -69.59 21.56
N LYS L 628 -67.12 -70.05 20.31
CA LYS L 628 -67.39 -69.14 19.21
C LYS L 628 -68.83 -68.66 19.26
N ILE L 629 -69.01 -67.35 19.21
CA ILE L 629 -70.36 -66.78 19.12
C ILE L 629 -70.89 -66.99 17.71
N PRO L 630 -72.07 -67.57 17.53
CA PRO L 630 -72.58 -67.81 16.18
C PRO L 630 -72.70 -66.51 15.40
N HIS L 631 -72.37 -66.58 14.11
CA HIS L 631 -72.45 -65.42 13.23
C HIS L 631 -73.89 -65.24 12.80
N THR L 632 -74.64 -64.53 13.63
CA THR L 632 -76.06 -64.27 13.42
C THR L 632 -76.31 -62.77 13.41
N ASP L 633 -77.52 -62.39 12.98
CA ASP L 633 -77.90 -60.99 13.00
C ASP L 633 -78.00 -60.46 14.42
N GLY L 634 -78.59 -61.23 15.32
CA GLY L 634 -78.76 -60.78 16.68
C GLY L 634 -78.35 -61.86 17.67
N HIS L 635 -77.92 -61.39 18.83
CA HIS L 635 -77.65 -62.26 19.96
C HIS L 635 -77.72 -61.42 21.21
N PHE L 636 -78.25 -62.00 22.28
CA PHE L 636 -78.44 -61.29 23.54
C PHE L 636 -77.44 -61.84 24.56
N HIS L 637 -76.55 -60.98 25.03
CA HIS L 637 -75.56 -61.32 26.04
C HIS L 637 -74.78 -62.57 25.64
N PRO L 638 -73.93 -62.50 24.63
CA PRO L 638 -73.36 -63.71 24.02
C PRO L 638 -72.29 -64.36 24.88
N SER L 639 -72.66 -64.73 26.09
CA SER L 639 -71.82 -65.50 26.99
C SER L 639 -72.24 -66.96 26.92
N PRO L 640 -71.32 -67.88 26.68
CA PRO L 640 -71.71 -69.28 26.48
C PRO L 640 -72.42 -69.84 27.70
N LEU L 641 -73.41 -70.69 27.46
CA LEU L 641 -74.23 -71.18 28.54
C LEU L 641 -73.52 -72.25 29.37
N MET L 642 -72.50 -72.90 28.79
CA MET L 642 -71.68 -73.78 29.59
C MET L 642 -70.68 -73.03 30.46
N GLY L 643 -70.50 -71.75 30.24
CA GLY L 643 -69.54 -70.96 30.97
C GLY L 643 -68.31 -70.67 30.13
N GLY L 644 -67.70 -69.52 30.38
CA GLY L 644 -66.51 -69.15 29.66
C GLY L 644 -66.66 -67.83 28.92
N PHE L 645 -65.78 -67.63 27.95
CA PHE L 645 -65.73 -66.40 27.17
C PHE L 645 -66.32 -66.67 25.79
N GLY L 646 -67.30 -65.87 25.41
CA GLY L 646 -67.80 -65.93 24.06
C GLY L 646 -66.99 -65.01 23.18
N LEU L 647 -66.39 -65.57 22.13
CA LEU L 647 -65.54 -64.81 21.23
C LEU L 647 -66.11 -64.83 19.83
N LYS L 648 -66.16 -63.67 19.19
CA LYS L 648 -66.58 -63.62 17.79
C LYS L 648 -65.53 -64.27 16.90
N ASN L 649 -64.25 -63.98 17.17
CA ASN L 649 -63.13 -64.64 16.50
C ASN L 649 -62.39 -65.44 17.56
N PRO L 650 -62.78 -66.68 17.84
CA PRO L 650 -62.11 -67.47 18.86
C PRO L 650 -60.77 -67.95 18.35
N PRO L 651 -59.98 -68.63 19.18
CA PRO L 651 -58.77 -69.27 18.69
C PRO L 651 -59.12 -70.26 17.58
N PRO L 652 -58.47 -70.15 16.44
CA PRO L 652 -58.85 -70.98 15.29
C PRO L 652 -58.48 -72.44 15.50
N GLN L 653 -59.15 -73.28 14.73
CA GLN L 653 -58.89 -74.70 14.78
C GLN L 653 -57.59 -75.02 14.06
N ILE L 654 -56.74 -75.80 14.71
CA ILE L 654 -55.53 -76.33 14.10
C ILE L 654 -55.82 -77.75 13.67
N LEU L 655 -55.73 -78.01 12.37
CA LEU L 655 -56.08 -79.29 11.79
C LEU L 655 -54.82 -79.94 11.25
N ILE L 656 -54.68 -81.23 11.52
CA ILE L 656 -53.46 -81.97 11.25
C ILE L 656 -53.84 -83.34 10.70
N LYS L 657 -53.09 -83.80 9.72
CA LYS L 657 -53.29 -85.17 9.26
C LYS L 657 -51.99 -85.70 8.69
N ASN L 658 -51.89 -87.02 8.61
CA ASN L 658 -50.75 -87.66 7.97
C ASN L 658 -50.95 -87.63 6.47
N THR L 659 -49.93 -87.20 5.72
CA THR L 659 -50.03 -87.25 4.28
C THR L 659 -50.06 -88.71 3.83
N PRO L 660 -51.02 -89.12 3.01
CA PRO L 660 -51.08 -90.52 2.58
C PRO L 660 -49.85 -90.91 1.78
N VAL L 661 -49.34 -92.10 2.06
CA VAL L 661 -48.23 -92.69 1.31
C VAL L 661 -48.77 -93.92 0.60
N PRO L 662 -48.91 -93.91 -0.72
CA PRO L 662 -49.45 -95.06 -1.42
C PRO L 662 -48.53 -96.27 -1.35
N ALA L 663 -49.13 -97.44 -1.39
CA ALA L 663 -48.37 -98.67 -1.49
C ALA L 663 -47.93 -98.89 -2.93
N ASN L 664 -47.45 -100.09 -3.23
CA ASN L 664 -46.89 -100.38 -4.54
C ASN L 664 -47.96 -100.28 -5.62
N PRO L 665 -47.81 -99.42 -6.62
CA PRO L 665 -48.81 -99.31 -7.67
C PRO L 665 -48.69 -100.46 -8.67
N PRO L 666 -49.72 -100.72 -9.46
CA PRO L 666 -49.62 -101.78 -10.46
C PRO L 666 -48.65 -101.42 -11.58
N ALA L 667 -48.21 -102.44 -12.30
CA ALA L 667 -47.29 -102.23 -13.41
C ALA L 667 -47.96 -101.48 -14.55
N GLU L 668 -49.21 -101.79 -14.84
CA GLU L 668 -50.01 -101.08 -15.84
C GLU L 668 -50.82 -99.98 -15.19
N PHE L 669 -51.09 -98.93 -15.96
CA PHE L 669 -51.80 -97.77 -15.46
C PHE L 669 -53.27 -98.09 -15.20
N SER L 670 -53.78 -97.57 -14.08
CA SER L 670 -55.19 -97.69 -13.73
C SER L 670 -55.67 -96.33 -13.24
N ALA L 671 -56.78 -95.85 -13.81
CA ALA L 671 -57.32 -94.56 -13.42
C ALA L 671 -58.13 -94.63 -12.13
N THR L 672 -58.45 -95.84 -11.66
CA THR L 672 -59.11 -95.98 -10.37
C THR L 672 -58.25 -95.37 -9.28
N LYS L 673 -58.88 -94.59 -8.40
CA LYS L 673 -58.12 -93.90 -7.37
C LYS L 673 -57.49 -94.90 -6.41
N PHE L 674 -56.37 -94.49 -5.83
CA PHE L 674 -55.62 -95.38 -4.96
C PHE L 674 -56.42 -95.72 -3.72
N ALA L 675 -56.39 -96.99 -3.34
CA ALA L 675 -57.02 -97.46 -2.12
C ALA L 675 -56.05 -98.19 -1.21
N SER L 676 -54.87 -98.54 -1.70
CA SER L 676 -53.86 -99.25 -0.94
C SER L 676 -52.82 -98.23 -0.48
N PHE L 677 -52.71 -98.06 0.84
CA PHE L 677 -51.79 -97.09 1.41
C PHE L 677 -50.89 -97.77 2.42
N ILE L 678 -49.72 -97.18 2.60
CA ILE L 678 -48.79 -97.60 3.63
C ILE L 678 -49.33 -97.13 4.98
N THR L 679 -49.51 -98.07 5.91
CA THR L 679 -50.13 -97.76 7.19
C THR L 679 -49.14 -97.03 8.08
N GLN L 680 -49.51 -95.85 8.54
CA GLN L 680 -48.60 -95.09 9.38
C GLN L 680 -49.36 -94.15 10.29
N TYR L 681 -48.67 -93.72 11.34
CA TYR L 681 -49.19 -92.72 12.27
C TYR L 681 -48.07 -91.73 12.54
N SER L 682 -48.36 -90.73 13.34
CA SER L 682 -47.33 -89.76 13.71
C SER L 682 -47.45 -89.42 15.19
N THR L 683 -46.34 -88.97 15.75
CA THR L 683 -46.28 -88.55 17.13
C THR L 683 -45.48 -87.26 17.20
N GLY L 684 -45.66 -86.54 18.29
CA GLY L 684 -44.92 -85.30 18.42
C GLY L 684 -45.25 -84.59 19.71
N GLN L 685 -44.77 -83.37 19.80
CA GLN L 685 -44.99 -82.51 20.97
C GLN L 685 -45.73 -81.26 20.54
N VAL L 686 -46.64 -80.82 21.40
CA VAL L 686 -47.44 -79.62 21.17
C VAL L 686 -47.29 -78.72 22.39
N SER L 687 -47.05 -77.43 22.14
CA SER L 687 -46.93 -76.43 23.19
C SER L 687 -48.00 -75.37 22.98
N VAL L 688 -48.69 -75.01 24.05
CA VAL L 688 -49.63 -73.90 24.05
C VAL L 688 -49.25 -72.97 25.20
N GLU L 689 -49.09 -71.69 24.89
CA GLU L 689 -48.77 -70.66 25.88
C GLU L 689 -49.86 -69.60 25.83
N ILE L 690 -50.55 -69.39 26.94
CA ILE L 690 -51.58 -68.36 27.04
C ILE L 690 -51.16 -67.33 28.08
N GLU L 691 -51.18 -66.07 27.69
CA GLU L 691 -51.11 -64.95 28.61
C GLU L 691 -52.53 -64.55 28.99
N TRP L 692 -52.77 -64.45 30.30
CA TRP L 692 -54.03 -64.05 30.90
C TRP L 692 -53.84 -62.77 31.69
N GLU L 693 -54.77 -61.85 31.52
CA GLU L 693 -54.84 -60.64 32.32
C GLU L 693 -55.66 -60.90 33.57
N LEU L 694 -55.14 -60.44 34.71
CA LEU L 694 -55.77 -60.60 36.00
C LEU L 694 -56.40 -59.29 36.45
N GLN L 695 -57.43 -59.41 37.27
CA GLN L 695 -58.11 -58.29 37.89
C GLN L 695 -58.07 -58.55 39.38
N LYS L 696 -57.19 -57.82 40.07
CA LYS L 696 -56.90 -58.06 41.48
C LYS L 696 -58.04 -57.59 42.36
N GLU L 697 -58.19 -58.27 43.49
CA GLU L 697 -59.12 -57.82 44.50
C GLU L 697 -58.64 -56.51 45.10
N ASN L 698 -59.58 -55.64 45.46
CA ASN L 698 -59.31 -54.38 46.14
C ASN L 698 -60.20 -54.23 47.36
N SER L 699 -60.42 -55.32 48.09
CA SER L 699 -61.48 -55.38 49.08
C SER L 699 -61.08 -54.67 50.35
N LYS L 700 -62.08 -54.09 51.01
CA LYS L 700 -61.92 -53.50 52.33
C LYS L 700 -62.59 -54.35 53.41
N ARG L 701 -62.93 -55.59 53.08
CA ARG L 701 -63.56 -56.50 54.02
C ARG L 701 -62.63 -56.78 55.20
N TRP L 702 -63.20 -56.83 56.40
CA TRP L 702 -62.42 -56.99 57.60
C TRP L 702 -62.16 -58.46 57.94
N ASN L 703 -63.22 -59.26 57.98
CA ASN L 703 -63.10 -60.66 58.34
C ASN L 703 -62.44 -61.45 57.21
N PRO L 704 -61.85 -62.59 57.51
CA PRO L 704 -61.18 -63.38 56.46
C PRO L 704 -62.17 -63.93 55.45
N GLU L 705 -61.68 -64.10 54.23
CA GLU L 705 -62.47 -64.60 53.12
C GLU L 705 -62.50 -66.11 53.10
N VAL L 706 -63.47 -66.65 52.36
CA VAL L 706 -63.50 -68.08 52.06
C VAL L 706 -62.51 -68.36 50.94
N GLN L 707 -61.66 -69.34 51.15
CA GLN L 707 -60.65 -69.73 50.17
C GLN L 707 -60.83 -71.19 49.82
N TYR L 708 -60.40 -71.54 48.61
CA TYR L 708 -60.30 -72.95 48.27
C TYR L 708 -59.04 -73.52 48.92
N THR L 709 -59.19 -74.61 49.65
CA THR L 709 -58.08 -75.18 50.40
C THR L 709 -58.07 -76.68 50.24
N SER L 710 -56.89 -77.25 50.36
CA SER L 710 -56.75 -78.69 50.55
C SER L 710 -57.19 -79.06 51.96
N ASN L 711 -57.74 -80.25 52.09
CA ASN L 711 -58.11 -80.76 53.40
C ASN L 711 -56.87 -81.30 54.10
N TYR L 712 -56.64 -80.86 55.33
CA TYR L 712 -55.55 -81.39 56.15
C TYR L 712 -56.13 -82.57 56.93
N ALA L 713 -55.67 -83.77 56.57
CA ALA L 713 -56.10 -84.98 57.26
C ALA L 713 -55.33 -86.15 56.68
N LYS L 714 -55.10 -87.16 57.50
CA LYS L 714 -54.50 -88.37 56.98
C LYS L 714 -55.45 -89.00 55.96
N SER L 715 -54.98 -89.14 54.74
CA SER L 715 -55.75 -89.73 53.66
C SER L 715 -54.90 -90.73 52.92
N ALA L 716 -55.55 -91.74 52.34
CA ALA L 716 -54.81 -92.77 51.62
C ALA L 716 -54.08 -92.17 50.42
N ASN L 717 -54.65 -91.14 49.81
CA ASN L 717 -54.07 -90.48 48.66
C ASN L 717 -54.07 -88.98 48.87
N VAL L 718 -53.29 -88.28 48.05
CA VAL L 718 -53.32 -86.83 47.98
C VAL L 718 -54.22 -86.43 46.83
N ASP L 719 -55.02 -85.38 47.03
CA ASP L 719 -55.92 -84.92 45.99
C ASP L 719 -55.14 -84.34 44.81
N PHE L 720 -55.68 -84.56 43.61
CA PHE L 720 -55.08 -84.08 42.36
C PHE L 720 -53.68 -84.65 42.17
N THR L 721 -53.53 -85.94 42.40
CA THR L 721 -52.27 -86.63 42.20
C THR L 721 -52.50 -87.95 41.47
N VAL L 722 -51.46 -88.75 41.36
CA VAL L 722 -51.56 -90.09 40.78
C VAL L 722 -51.74 -91.09 41.91
N ASP L 723 -52.28 -92.25 41.59
CA ASP L 723 -52.39 -93.33 42.54
C ASP L 723 -51.20 -94.28 42.37
N ASN L 724 -51.25 -95.43 43.03
CA ASN L 724 -50.16 -96.39 42.90
C ASN L 724 -50.13 -97.03 41.52
N ASN L 725 -51.19 -96.92 40.74
CA ASN L 725 -51.21 -97.42 39.37
C ASN L 725 -50.79 -96.39 38.34
N GLY L 726 -50.56 -95.16 38.75
CA GLY L 726 -50.15 -94.11 37.84
C GLY L 726 -51.27 -93.32 37.21
N LEU L 727 -52.48 -93.40 37.74
CA LEU L 727 -53.64 -92.77 37.13
C LEU L 727 -53.90 -91.43 37.81
N TYR L 728 -53.81 -90.35 37.04
CA TYR L 728 -54.12 -89.02 37.54
C TYR L 728 -55.63 -88.85 37.65
N THR L 729 -56.08 -88.37 38.81
CA THR L 729 -57.49 -88.15 39.06
C THR L 729 -57.70 -86.77 39.66
N GLU L 730 -58.86 -86.20 39.38
CA GLU L 730 -59.29 -84.95 39.98
C GLU L 730 -60.49 -85.22 40.88
N PRO L 731 -60.33 -85.10 42.20
CA PRO L 731 -61.41 -85.52 43.11
C PRO L 731 -62.71 -84.72 43.00
N ARG L 732 -62.62 -83.45 42.66
CA ARG L 732 -63.80 -82.59 42.69
C ARG L 732 -63.63 -81.50 41.64
N PRO L 733 -64.73 -80.91 41.18
CA PRO L 733 -64.63 -79.73 40.32
C PRO L 733 -64.45 -78.47 41.16
N ILE L 734 -63.52 -77.62 40.76
CA ILE L 734 -63.20 -76.38 41.47
C ILE L 734 -63.71 -75.21 40.63
N GLY L 735 -64.56 -74.38 41.23
CA GLY L 735 -65.00 -73.16 40.60
C GLY L 735 -64.03 -72.02 40.86
N THR L 736 -64.55 -70.81 40.68
CA THR L 736 -63.73 -69.61 40.82
C THR L 736 -64.20 -68.66 41.91
N ARG L 737 -65.46 -68.74 42.32
CA ARG L 737 -66.07 -67.69 43.13
C ARG L 737 -65.80 -67.97 44.61
N TYR L 738 -64.69 -67.46 45.12
CA TYR L 738 -64.36 -67.64 46.53
C TYR L 738 -64.23 -66.29 47.23
N LEU L 739 -63.49 -65.37 46.63
CA LEU L 739 -63.47 -63.99 47.12
C LEU L 739 -64.85 -63.38 46.95
N THR L 740 -65.11 -62.31 47.69
CA THR L 740 -66.40 -61.64 47.60
C THR L 740 -66.21 -60.16 47.32
N ARG L 741 -67.28 -59.54 46.86
CA ARG L 741 -67.32 -58.09 46.69
C ARG L 741 -68.75 -57.62 46.90
N PRO L 742 -68.95 -56.37 47.30
CA PRO L 742 -70.31 -55.88 47.52
C PRO L 742 -71.08 -55.74 46.22
N LEU L 743 -72.38 -55.97 46.30
CA LEU L 743 -73.23 -55.99 45.11
C LEU L 743 -73.48 -54.58 44.57
N ASP M 219 -32.78 -80.49 -0.10
CA ASP M 219 -32.58 -79.71 1.12
C ASP M 219 -32.48 -80.61 2.35
N GLY M 220 -32.50 -81.92 2.13
CA GLY M 220 -32.29 -82.88 3.20
C GLY M 220 -33.39 -83.93 3.26
N VAL M 221 -33.08 -84.99 4.00
CA VAL M 221 -34.04 -86.07 4.20
C VAL M 221 -35.20 -85.63 5.11
N GLY M 222 -34.89 -84.88 6.16
CA GLY M 222 -35.90 -84.55 7.16
C GLY M 222 -36.53 -83.19 7.02
N ASN M 223 -36.39 -82.58 5.84
CA ASN M 223 -36.93 -81.25 5.57
C ASN M 223 -37.83 -81.34 4.36
N ALA M 224 -39.08 -80.88 4.51
CA ALA M 224 -40.03 -80.91 3.41
C ALA M 224 -39.65 -79.87 2.36
N SER M 225 -39.77 -80.25 1.10
CA SER M 225 -39.38 -79.37 0.00
C SER M 225 -40.55 -78.58 -0.57
N GLY M 226 -41.73 -78.66 0.02
CA GLY M 226 -42.83 -77.84 -0.42
C GLY M 226 -44.00 -78.00 0.51
N ASN M 227 -44.98 -77.13 0.32
CA ASN M 227 -46.18 -77.10 1.13
C ASN M 227 -47.40 -77.40 0.27
N TRP M 228 -48.51 -77.68 0.93
CA TRP M 228 -49.76 -77.93 0.24
C TRP M 228 -50.41 -76.62 -0.12
N HIS M 229 -50.50 -76.32 -1.40
CA HIS M 229 -51.09 -75.09 -1.91
C HIS M 229 -52.30 -75.46 -2.75
N CYS M 230 -53.47 -75.50 -2.14
CA CYS M 230 -54.71 -75.77 -2.83
C CYS M 230 -55.71 -74.69 -2.44
N ASP M 231 -56.01 -73.79 -3.37
CA ASP M 231 -56.74 -72.58 -3.04
C ASP M 231 -57.34 -72.02 -4.32
N SER M 232 -58.09 -70.94 -4.18
CA SER M 232 -58.61 -70.20 -5.31
C SER M 232 -58.83 -68.76 -4.88
N THR M 233 -58.14 -67.83 -5.53
CA THR M 233 -58.20 -66.42 -5.19
C THR M 233 -58.87 -65.67 -6.33
N TRP M 234 -59.89 -64.90 -6.01
CA TRP M 234 -60.65 -64.15 -7.00
C TRP M 234 -60.29 -62.68 -6.86
N LEU M 235 -59.61 -62.15 -7.85
CA LEU M 235 -59.34 -60.73 -7.94
C LEU M 235 -60.43 -60.10 -8.80
N GLY M 236 -60.25 -58.83 -9.18
CA GLY M 236 -61.28 -58.17 -9.96
C GLY M 236 -61.50 -58.81 -11.32
N ASP M 237 -60.43 -59.00 -12.08
CA ASP M 237 -60.54 -59.55 -13.42
C ASP M 237 -59.72 -60.82 -13.60
N ARG M 238 -59.08 -61.31 -12.56
CA ARG M 238 -58.32 -62.55 -12.61
C ARG M 238 -58.88 -63.51 -11.58
N VAL M 239 -58.65 -64.80 -11.82
CA VAL M 239 -58.81 -65.81 -10.79
C VAL M 239 -57.59 -66.71 -10.83
N ILE M 240 -56.99 -66.98 -9.68
CA ILE M 240 -55.83 -67.84 -9.58
C ILE M 240 -56.25 -69.10 -8.86
N THR M 241 -56.14 -70.23 -9.54
CA THR M 241 -56.50 -71.53 -8.99
C THR M 241 -55.22 -72.33 -8.73
N THR M 242 -55.07 -72.82 -7.51
CA THR M 242 -53.95 -73.67 -7.13
C THR M 242 -54.48 -75.03 -6.71
N SER M 243 -53.79 -76.09 -7.15
CA SER M 243 -54.19 -77.46 -6.85
C SER M 243 -52.97 -78.28 -6.52
N THR M 244 -52.99 -78.93 -5.36
CA THR M 244 -51.97 -79.90 -4.97
C THR M 244 -52.61 -81.27 -4.90
N ARG M 245 -51.88 -82.26 -5.40
CA ARG M 245 -52.32 -83.65 -5.40
C ARG M 245 -51.16 -84.54 -5.02
N THR M 246 -51.47 -85.74 -4.54
CA THR M 246 -50.48 -86.76 -4.23
C THR M 246 -50.47 -87.78 -5.35
N TRP M 247 -49.31 -88.03 -5.91
CA TRP M 247 -49.13 -88.94 -7.02
C TRP M 247 -48.26 -90.12 -6.65
N ALA M 248 -48.51 -91.23 -7.31
CA ALA M 248 -47.69 -92.43 -7.27
C ALA M 248 -47.24 -92.78 -8.68
N LEU M 249 -45.94 -92.97 -8.85
CA LEU M 249 -45.33 -93.31 -10.13
C LEU M 249 -44.68 -94.67 -10.02
N PRO M 250 -45.14 -95.67 -10.77
CA PRO M 250 -44.47 -96.98 -10.76
C PRO M 250 -43.33 -97.05 -11.76
N THR M 251 -42.73 -98.22 -11.87
CA THR M 251 -41.80 -98.50 -12.96
C THR M 251 -42.57 -99.10 -14.11
N TYR M 252 -42.44 -98.51 -15.29
CA TYR M 252 -43.17 -98.93 -16.47
C TYR M 252 -42.23 -99.69 -17.40
N ASN M 253 -42.71 -100.84 -17.89
CA ASN M 253 -42.02 -101.64 -18.91
C ASN M 253 -40.73 -102.27 -18.41
N ASN M 254 -40.49 -102.29 -17.10
CA ASN M 254 -39.19 -102.68 -16.54
C ASN M 254 -38.06 -101.83 -17.12
N HIS M 255 -38.30 -100.53 -17.19
CA HIS M 255 -37.32 -99.55 -17.67
C HIS M 255 -36.97 -99.74 -19.14
N LEU M 256 -37.89 -100.33 -19.91
CA LEU M 256 -37.62 -100.66 -21.30
C LEU M 256 -38.46 -99.81 -22.23
N TYR M 257 -37.91 -99.54 -23.40
CA TYR M 257 -38.68 -98.98 -24.52
C TYR M 257 -39.15 -100.14 -25.36
N LYS M 258 -40.45 -100.22 -25.60
CA LYS M 258 -41.02 -101.33 -26.34
C LYS M 258 -41.74 -100.80 -27.57
N GLN M 259 -41.62 -101.54 -28.66
CA GLN M 259 -42.32 -101.22 -29.90
C GLN M 259 -43.68 -101.91 -29.88
N ILE M 260 -44.74 -101.13 -30.07
CA ILE M 260 -46.10 -101.65 -30.01
C ILE M 260 -46.76 -101.43 -31.36
N SER M 261 -47.61 -102.39 -31.75
CA SER M 261 -48.37 -102.28 -32.98
C SER M 261 -49.62 -103.12 -32.84
N SER M 262 -50.37 -103.25 -33.94
CA SER M 262 -51.62 -103.99 -33.95
C SER M 262 -51.48 -105.37 -34.58
N ALA M 263 -50.24 -105.80 -34.87
CA ALA M 263 -50.04 -107.06 -35.57
C ALA M 263 -50.52 -108.25 -34.75
N SER M 264 -50.21 -108.27 -33.46
CA SER M 264 -50.71 -109.35 -32.62
C SER M 264 -52.18 -109.16 -32.30
N THR M 265 -52.65 -107.91 -32.24
CA THR M 265 -54.05 -107.65 -31.96
C THR M 265 -54.95 -108.21 -33.05
N GLY M 266 -54.50 -108.14 -34.30
CA GLY M 266 -55.36 -108.57 -35.40
C GLY M 266 -56.57 -107.69 -35.60
N ALA M 267 -56.38 -106.37 -35.57
CA ALA M 267 -57.47 -105.43 -35.67
C ALA M 267 -57.87 -105.22 -37.13
N SER M 268 -58.92 -104.43 -37.34
CA SER M 268 -59.33 -104.07 -38.67
C SER M 268 -58.37 -103.03 -39.26
N ASN M 269 -58.51 -102.79 -40.56
CA ASN M 269 -57.64 -101.84 -41.23
C ASN M 269 -57.76 -100.45 -40.64
N ASP M 270 -58.93 -100.10 -40.11
CA ASP M 270 -59.14 -98.78 -39.53
C ASP M 270 -58.46 -98.61 -38.18
N ASN M 271 -58.15 -99.71 -37.49
CA ASN M 271 -57.61 -99.66 -36.14
C ASN M 271 -56.14 -100.03 -36.08
N HIS M 272 -55.48 -100.14 -37.23
CA HIS M 272 -54.06 -100.47 -37.26
C HIS M 272 -53.24 -99.31 -36.72
N TYR M 273 -52.15 -99.64 -36.03
CA TYR M 273 -51.27 -98.60 -35.51
C TYR M 273 -49.86 -99.16 -35.33
N PHE M 274 -48.92 -98.24 -35.21
CA PHE M 274 -47.52 -98.55 -34.91
C PHE M 274 -47.00 -97.45 -34.02
N GLY M 275 -46.29 -97.83 -32.97
CA GLY M 275 -45.77 -96.82 -32.08
C GLY M 275 -44.82 -97.40 -31.06
N TYR M 276 -44.61 -96.64 -29.99
CA TYR M 276 -43.66 -97.01 -28.96
C TYR M 276 -44.23 -96.72 -27.59
N SER M 277 -43.88 -97.59 -26.64
CA SER M 277 -44.21 -97.46 -25.23
C SER M 277 -42.93 -97.12 -24.49
N THR M 278 -42.92 -96.02 -23.76
CA THR M 278 -41.70 -95.66 -23.04
C THR M 278 -41.84 -96.02 -21.57
N PRO M 279 -40.73 -96.12 -20.84
CA PRO M 279 -40.79 -96.31 -19.39
C PRO M 279 -41.15 -95.06 -18.60
N TRP M 280 -41.43 -93.96 -19.27
CA TRP M 280 -41.74 -92.70 -18.61
C TRP M 280 -43.24 -92.56 -18.37
N GLY M 281 -43.59 -91.80 -17.33
CA GLY M 281 -44.93 -91.31 -17.14
C GLY M 281 -44.95 -89.81 -17.41
N TYR M 282 -46.16 -89.27 -17.47
CA TYR M 282 -46.30 -87.84 -17.72
C TYR M 282 -47.34 -87.27 -16.77
N PHE M 283 -47.24 -85.97 -16.55
CA PHE M 283 -48.17 -85.24 -15.70
C PHE M 283 -49.22 -84.57 -16.57
N ASP M 284 -50.48 -84.77 -16.23
CA ASP M 284 -51.61 -84.24 -16.99
C ASP M 284 -52.53 -83.46 -16.05
N PHE M 285 -52.78 -82.21 -16.41
CA PHE M 285 -53.76 -81.40 -15.69
C PHE M 285 -54.61 -80.65 -16.72
N ASN M 286 -55.02 -81.35 -17.76
CA ASN M 286 -55.76 -80.77 -18.88
C ASN M 286 -57.26 -81.02 -18.76
N ARG M 287 -57.80 -80.94 -17.56
CA ARG M 287 -59.24 -80.92 -17.33
C ARG M 287 -59.57 -79.77 -16.40
N PHE M 288 -60.77 -79.23 -16.53
CA PHE M 288 -61.11 -78.04 -15.76
C PHE M 288 -61.30 -78.34 -14.28
N HIS M 289 -61.72 -79.55 -13.94
CA HIS M 289 -61.93 -79.90 -12.54
C HIS M 289 -60.63 -80.22 -11.81
N CYS M 290 -59.50 -80.31 -12.52
CA CYS M 290 -58.22 -80.36 -11.84
C CYS M 290 -57.88 -79.03 -11.18
N HIS M 291 -58.58 -77.97 -11.55
CA HIS M 291 -58.28 -76.62 -11.08
C HIS M 291 -59.45 -75.93 -10.41
N PHE M 292 -60.67 -76.20 -10.83
CA PHE M 292 -61.85 -75.54 -10.26
C PHE M 292 -62.64 -76.53 -9.43
N SER M 293 -62.99 -76.14 -8.21
CA SER M 293 -64.03 -76.83 -7.49
C SER M 293 -65.36 -76.54 -8.16
N PRO M 294 -66.38 -77.37 -7.92
CA PRO M 294 -67.70 -77.06 -8.49
C PRO M 294 -68.23 -75.70 -8.05
N ARG M 295 -67.98 -75.30 -6.82
CA ARG M 295 -68.37 -73.96 -6.38
C ARG M 295 -67.65 -72.88 -7.15
N ASP M 296 -66.34 -73.04 -7.38
CA ASP M 296 -65.59 -72.06 -8.16
C ASP M 296 -66.06 -72.02 -9.61
N TRP M 297 -66.38 -73.19 -10.18
CA TRP M 297 -66.90 -73.23 -11.54
C TRP M 297 -68.23 -72.50 -11.63
N GLN M 298 -69.12 -72.71 -10.66
CA GLN M 298 -70.39 -72.01 -10.64
C GLN M 298 -70.18 -70.51 -10.50
N ARG M 299 -69.27 -70.10 -9.63
CA ARG M 299 -68.95 -68.69 -9.47
C ARG M 299 -68.44 -68.07 -10.76
N LEU M 300 -67.63 -68.82 -11.50
CA LEU M 300 -67.11 -68.33 -12.78
C LEU M 300 -68.21 -68.20 -13.81
N ILE M 301 -69.00 -69.27 -14.00
CA ILE M 301 -69.94 -69.32 -15.11
C ILE M 301 -71.20 -68.50 -14.85
N ASN M 302 -71.53 -68.21 -13.60
CA ASN M 302 -72.71 -67.41 -13.32
C ASN M 302 -72.43 -65.92 -13.40
N ASN M 303 -71.17 -65.52 -13.50
CA ASN M 303 -70.80 -64.12 -13.37
C ASN M 303 -69.94 -63.59 -14.49
N ASN M 304 -69.33 -64.44 -15.30
CA ASN M 304 -68.39 -63.98 -16.31
C ASN M 304 -68.90 -64.28 -17.70
N TRP M 305 -68.69 -63.33 -18.61
CA TRP M 305 -69.01 -63.52 -20.01
C TRP M 305 -67.94 -64.30 -20.74
N GLY M 306 -66.72 -64.34 -20.22
CA GLY M 306 -65.70 -65.14 -20.87
C GLY M 306 -64.52 -65.34 -19.97
N PHE M 307 -63.66 -66.28 -20.37
CA PHE M 307 -62.44 -66.47 -19.58
C PHE M 307 -61.36 -67.12 -20.44
N ARG M 308 -60.12 -67.01 -19.99
CA ARG M 308 -59.01 -67.63 -20.70
C ARG M 308 -57.84 -67.77 -19.75
N PRO M 309 -56.90 -68.67 -20.03
CA PRO M 309 -55.72 -68.81 -19.16
C PRO M 309 -54.58 -67.88 -19.55
N LYS M 310 -53.96 -67.30 -18.51
CA LYS M 310 -52.85 -66.38 -18.63
C LYS M 310 -51.52 -67.03 -18.30
N ARG M 311 -51.39 -67.69 -17.15
CA ARG M 311 -50.07 -68.24 -16.85
C ARG M 311 -50.22 -69.43 -15.91
N LEU M 312 -49.15 -70.22 -15.79
CA LEU M 312 -49.17 -71.34 -14.87
C LEU M 312 -47.80 -71.58 -14.26
N ASN M 313 -47.82 -72.12 -13.06
CA ASN M 313 -46.66 -72.60 -12.31
C ASN M 313 -46.88 -74.06 -11.98
N PHE M 314 -45.82 -74.85 -12.13
CA PHE M 314 -45.84 -76.27 -11.85
C PHE M 314 -44.73 -76.56 -10.86
N LYS M 315 -45.05 -77.30 -9.80
CA LYS M 315 -44.07 -77.68 -8.80
C LYS M 315 -44.23 -79.16 -8.48
N LEU M 316 -43.10 -79.81 -8.26
CA LEU M 316 -43.02 -81.22 -7.90
C LEU M 316 -42.15 -81.32 -6.66
N PHE M 317 -42.70 -81.84 -5.57
CA PHE M 317 -42.00 -81.74 -4.30
C PHE M 317 -42.33 -82.94 -3.43
N ASN M 318 -41.53 -83.12 -2.39
CA ASN M 318 -41.68 -84.18 -1.39
C ASN M 318 -41.59 -85.57 -2.04
N ILE M 319 -40.49 -85.79 -2.74
CA ILE M 319 -40.27 -87.05 -3.44
C ILE M 319 -39.89 -88.14 -2.44
N GLN M 320 -40.53 -89.29 -2.54
CA GLN M 320 -40.17 -90.46 -1.75
C GLN M 320 -40.07 -91.65 -2.67
N VAL M 321 -38.90 -92.24 -2.77
CA VAL M 321 -38.70 -93.47 -3.52
C VAL M 321 -38.80 -94.64 -2.55
N LYS M 322 -39.61 -95.62 -2.91
CA LYS M 322 -39.86 -96.78 -2.08
C LYS M 322 -39.42 -98.05 -2.80
N GLU M 323 -38.62 -98.86 -2.12
CA GLU M 323 -38.20 -100.17 -2.57
C GLU M 323 -39.18 -101.24 -2.12
N VAL M 324 -39.52 -102.16 -3.01
CA VAL M 324 -40.49 -103.21 -2.76
C VAL M 324 -39.84 -104.57 -2.96
N THR M 325 -39.99 -105.45 -1.97
CA THR M 325 -39.54 -106.84 -2.06
C THR M 325 -40.69 -107.76 -1.69
N THR M 326 -41.02 -108.70 -2.56
CA THR M 326 -42.04 -109.70 -2.26
C THR M 326 -41.35 -111.06 -2.08
N ASN M 327 -41.45 -111.61 -0.87
CA ASN M 327 -40.89 -112.92 -0.54
C ASN M 327 -41.95 -113.77 0.11
N ASP M 328 -42.11 -115.00 -0.40
CA ASP M 328 -43.05 -115.97 0.16
C ASP M 328 -44.47 -115.40 0.20
N GLY M 329 -44.77 -114.46 -0.69
CA GLY M 329 -46.08 -113.86 -0.77
C GLY M 329 -46.27 -112.61 0.06
N VAL M 330 -45.35 -112.30 0.96
CA VAL M 330 -45.48 -111.11 1.80
C VAL M 330 -44.57 -110.02 1.23
N THR M 331 -45.07 -108.78 1.28
CA THR M 331 -44.44 -107.65 0.62
C THR M 331 -43.89 -106.68 1.66
N THR M 332 -42.62 -106.33 1.51
CA THR M 332 -41.94 -105.35 2.33
C THR M 332 -41.68 -104.10 1.50
N ILE M 333 -42.00 -102.95 2.07
CA ILE M 333 -41.72 -101.67 1.44
C ILE M 333 -40.79 -100.89 2.36
N ALA M 334 -39.70 -100.38 1.81
CA ALA M 334 -38.75 -99.59 2.56
C ALA M 334 -38.47 -98.29 1.82
N ASN M 335 -37.85 -97.35 2.51
CA ASN M 335 -37.44 -96.12 1.86
C ASN M 335 -36.08 -96.31 1.21
N ASN M 336 -35.94 -95.78 -0.01
CA ASN M 336 -34.67 -95.75 -0.71
C ASN M 336 -34.23 -94.30 -0.75
N LEU M 337 -33.36 -93.91 0.19
CA LEU M 337 -33.03 -92.51 0.37
C LEU M 337 -32.11 -91.98 -0.70
N THR M 338 -31.44 -92.83 -1.46
CA THR M 338 -30.45 -92.39 -2.44
C THR M 338 -30.92 -92.57 -3.88
N SER M 339 -32.17 -92.94 -4.09
CA SER M 339 -32.68 -93.10 -5.44
C SER M 339 -33.24 -91.78 -5.98
N THR M 340 -33.33 -91.70 -7.30
CA THR M 340 -33.73 -90.47 -7.97
C THR M 340 -34.92 -90.71 -8.89
N VAL M 341 -35.66 -89.63 -9.13
CA VAL M 341 -36.61 -89.56 -10.22
C VAL M 341 -36.11 -88.53 -11.21
N GLN M 342 -36.14 -88.87 -12.49
CA GLN M 342 -35.80 -87.94 -13.56
C GLN M 342 -37.05 -87.23 -14.01
N VAL M 343 -37.00 -85.90 -14.09
CA VAL M 343 -38.10 -85.07 -14.54
C VAL M 343 -37.59 -84.12 -15.59
N PHE M 344 -38.34 -83.96 -16.68
CA PHE M 344 -38.03 -82.88 -17.61
C PHE M 344 -39.30 -82.39 -18.26
N SER M 345 -39.25 -81.13 -18.68
CA SER M 345 -40.34 -80.49 -19.40
C SER M 345 -39.95 -80.37 -20.86
N ASP M 346 -40.86 -80.76 -21.76
CA ASP M 346 -40.58 -80.73 -23.19
C ASP M 346 -40.99 -79.36 -23.73
N SER M 347 -40.17 -78.36 -23.39
CA SER M 347 -40.52 -76.97 -23.66
C SER M 347 -40.40 -76.59 -25.12
N GLU M 348 -39.64 -77.35 -25.91
CA GLU M 348 -39.48 -77.06 -27.33
C GLU M 348 -40.36 -77.92 -28.21
N TYR M 349 -41.26 -78.70 -27.62
CA TYR M 349 -42.23 -79.52 -28.35
C TYR M 349 -41.54 -80.42 -29.38
N GLN M 350 -40.47 -81.07 -28.94
CA GLN M 350 -39.72 -81.99 -29.76
C GLN M 350 -40.24 -83.41 -29.70
N LEU M 351 -41.18 -83.68 -28.84
CA LEU M 351 -41.79 -84.97 -28.63
C LEU M 351 -43.20 -84.98 -29.19
N PRO M 352 -43.74 -86.15 -29.52
CA PRO M 352 -45.17 -86.22 -29.85
C PRO M 352 -46.02 -85.77 -28.66
N TYR M 353 -46.99 -84.91 -28.95
CA TYR M 353 -47.85 -84.35 -27.92
C TYR M 353 -49.06 -85.26 -27.75
N VAL M 354 -49.07 -86.04 -26.67
CA VAL M 354 -50.19 -86.95 -26.43
C VAL M 354 -51.24 -86.32 -25.51
N LEU M 355 -50.95 -85.17 -24.92
CA LEU M 355 -52.00 -84.43 -24.23
C LEU M 355 -52.96 -83.87 -25.27
N GLY M 356 -54.14 -83.50 -24.82
CA GLY M 356 -55.13 -83.00 -25.74
C GLY M 356 -55.86 -84.06 -26.53
N SER M 357 -55.75 -85.33 -26.12
CA SER M 357 -56.54 -86.41 -26.69
C SER M 357 -57.56 -86.94 -25.71
N ALA M 358 -57.79 -86.23 -24.60
CA ALA M 358 -58.80 -86.57 -23.60
C ALA M 358 -58.54 -87.92 -22.96
N HIS M 359 -57.33 -88.10 -22.44
CA HIS M 359 -56.94 -89.36 -21.82
C HIS M 359 -57.11 -89.31 -20.31
N GLN M 360 -57.24 -90.49 -19.73
CA GLN M 360 -57.25 -90.61 -18.28
C GLN M 360 -55.86 -90.35 -17.72
N GLY M 361 -55.80 -90.10 -16.42
CA GLY M 361 -54.52 -89.86 -15.78
C GLY M 361 -54.28 -88.44 -15.34
N CYS M 362 -55.28 -87.58 -15.49
CA CYS M 362 -55.17 -86.22 -14.99
C CYS M 362 -55.19 -86.21 -13.47
N LEU M 363 -54.92 -85.04 -12.89
CA LEU M 363 -55.13 -84.88 -11.47
C LEU M 363 -56.60 -85.11 -11.15
N PRO M 364 -56.92 -85.84 -10.09
CA PRO M 364 -58.31 -86.10 -9.75
C PRO M 364 -59.05 -84.83 -9.38
N PRO M 365 -60.37 -84.78 -9.60
CA PRO M 365 -61.12 -83.57 -9.22
C PRO M 365 -61.08 -83.29 -7.73
N PHE M 366 -61.14 -84.32 -6.90
CA PHE M 366 -61.15 -84.14 -5.46
C PHE M 366 -59.73 -84.05 -4.92
N PRO M 367 -59.39 -82.99 -4.18
CA PRO M 367 -58.00 -82.82 -3.73
C PRO M 367 -57.51 -83.90 -2.78
N ALA M 368 -58.40 -84.68 -2.18
CA ALA M 368 -57.97 -85.74 -1.27
C ALA M 368 -57.56 -87.01 -1.99
N ASP M 369 -57.77 -87.10 -3.29
CA ASP M 369 -57.52 -88.34 -4.02
C ASP M 369 -56.07 -88.46 -4.43
N VAL M 370 -55.54 -89.66 -4.33
CA VAL M 370 -54.18 -89.98 -4.72
C VAL M 370 -54.23 -90.66 -6.08
N PHE M 371 -53.43 -90.19 -7.03
CA PHE M 371 -53.54 -90.66 -8.39
C PHE M 371 -52.25 -91.28 -8.88
N MET M 372 -52.40 -92.28 -9.74
CA MET M 372 -51.29 -92.95 -10.40
C MET M 372 -50.93 -92.19 -11.66
N ILE M 373 -49.64 -92.09 -11.93
CA ILE M 373 -49.17 -91.33 -13.10
C ILE M 373 -49.26 -92.20 -14.33
N PRO M 374 -49.87 -91.72 -15.42
CA PRO M 374 -50.02 -92.55 -16.62
C PRO M 374 -48.73 -92.70 -17.40
N GLN M 375 -48.63 -93.83 -18.10
CA GLN M 375 -47.44 -94.13 -18.87
C GLN M 375 -47.41 -93.35 -20.18
N TYR M 376 -46.22 -92.95 -20.60
CA TYR M 376 -46.05 -92.23 -21.85
C TYR M 376 -45.83 -93.22 -22.99
N GLY M 377 -46.53 -92.97 -24.09
CA GLY M 377 -46.35 -93.72 -25.31
C GLY M 377 -46.85 -92.86 -26.44
N TYR M 378 -46.37 -93.17 -27.64
CA TYR M 378 -46.76 -92.39 -28.80
C TYR M 378 -46.95 -93.32 -29.99
N LEU M 379 -47.59 -92.79 -31.02
CA LEU M 379 -47.77 -93.47 -32.28
C LEU M 379 -46.99 -92.72 -33.36
N THR M 380 -46.55 -93.45 -34.36
CA THR M 380 -45.83 -92.87 -35.47
C THR M 380 -46.48 -93.35 -36.77
N LEU M 381 -45.92 -92.93 -37.89
CA LEU M 381 -46.46 -93.30 -39.18
C LEU M 381 -46.51 -94.81 -39.32
N ASN M 382 -47.63 -95.33 -39.80
CA ASN M 382 -47.80 -96.77 -39.97
C ASN M 382 -48.43 -97.06 -41.32
N ASN M 383 -48.05 -98.21 -41.87
CA ASN M 383 -48.61 -98.78 -43.09
C ASN M 383 -49.23 -100.10 -42.70
N GLY M 384 -50.46 -100.05 -42.21
CA GLY M 384 -51.04 -101.23 -41.57
C GLY M 384 -50.47 -101.35 -40.19
N SER M 385 -50.00 -102.54 -39.85
CA SER M 385 -49.31 -102.75 -38.59
C SER M 385 -47.81 -102.54 -38.71
N GLN M 386 -47.32 -102.13 -39.87
CA GLN M 386 -45.91 -101.94 -40.13
C GLN M 386 -45.54 -100.47 -40.03
N ALA M 387 -44.25 -100.20 -40.02
CA ALA M 387 -43.72 -98.85 -40.01
C ALA M 387 -43.32 -98.44 -41.42
N VAL M 388 -42.83 -97.23 -41.56
CA VAL M 388 -42.28 -96.73 -42.81
C VAL M 388 -40.91 -96.13 -42.51
N GLY M 389 -40.27 -95.61 -43.55
CA GLY M 389 -38.97 -94.98 -43.37
C GLY M 389 -39.03 -93.72 -42.55
N ARG M 390 -40.12 -92.96 -42.68
CA ARG M 390 -40.30 -91.69 -41.99
C ARG M 390 -40.92 -91.86 -40.61
N SER M 391 -41.16 -93.10 -40.18
CA SER M 391 -41.58 -93.35 -38.82
C SER M 391 -40.47 -92.95 -37.86
N SER M 392 -40.82 -92.18 -36.84
CA SER M 392 -39.83 -91.67 -35.91
C SER M 392 -39.79 -92.50 -34.65
N PHE M 393 -38.62 -92.49 -34.02
CA PHE M 393 -38.44 -93.07 -32.71
C PHE M 393 -37.78 -92.02 -31.83
N TYR M 394 -38.26 -91.90 -30.60
CA TYR M 394 -37.76 -90.92 -29.66
C TYR M 394 -37.30 -91.62 -28.40
N CYS M 395 -36.01 -91.51 -28.09
CA CYS M 395 -35.51 -91.86 -26.78
C CYS M 395 -35.69 -90.65 -25.87
N LEU M 396 -36.43 -90.82 -24.79
CA LEU M 396 -36.62 -89.72 -23.86
C LEU M 396 -35.46 -89.53 -22.92
N GLU M 397 -34.55 -90.49 -22.84
CA GLU M 397 -33.28 -90.30 -22.15
C GLU M 397 -32.33 -89.43 -22.93
N TYR M 398 -32.63 -89.15 -24.19
CA TYR M 398 -31.86 -88.25 -25.02
C TYR M 398 -32.20 -86.79 -24.77
N PHE M 399 -32.81 -86.48 -23.64
CA PHE M 399 -33.13 -85.15 -23.19
C PHE M 399 -32.37 -84.83 -21.91
N PRO M 400 -32.07 -83.57 -21.65
CA PRO M 400 -31.59 -83.19 -20.31
C PRO M 400 -32.71 -83.31 -19.28
N SER M 401 -32.47 -84.09 -18.24
CA SER M 401 -33.42 -84.28 -17.16
C SER M 401 -32.83 -83.77 -15.87
N GLN M 402 -33.69 -83.32 -14.97
CA GLN M 402 -33.29 -83.02 -13.61
C GLN M 402 -33.51 -84.27 -12.78
N MET M 403 -32.46 -84.69 -12.07
CA MET M 403 -32.52 -85.85 -11.18
C MET M 403 -32.83 -85.36 -9.77
N LEU M 404 -33.87 -85.93 -9.17
CA LEU M 404 -34.38 -85.48 -7.89
C LEU M 404 -34.24 -86.61 -6.89
N ARG M 405 -33.50 -86.36 -5.82
CA ARG M 405 -33.50 -87.24 -4.66
C ARG M 405 -34.60 -86.76 -3.71
N THR M 406 -34.68 -87.35 -2.53
CA THR M 406 -35.82 -87.09 -1.66
C THR M 406 -35.84 -85.66 -1.11
N GLY M 407 -34.75 -84.92 -1.22
CA GLY M 407 -34.74 -83.56 -0.72
C GLY M 407 -34.87 -82.49 -1.78
N ASN M 408 -35.02 -82.90 -3.04
CA ASN M 408 -35.06 -81.98 -4.16
C ASN M 408 -36.50 -81.74 -4.61
N ASN M 409 -36.69 -80.61 -5.28
CA ASN M 409 -37.96 -80.29 -5.92
C ASN M 409 -37.71 -79.79 -7.33
N PHE M 410 -38.79 -79.63 -8.08
CA PHE M 410 -38.76 -79.25 -9.48
C PHE M 410 -39.79 -78.16 -9.71
N THR M 411 -39.40 -77.08 -10.36
CA THR M 411 -40.32 -75.99 -10.65
C THR M 411 -40.27 -75.65 -12.13
N PHE M 412 -41.37 -75.09 -12.62
CA PHE M 412 -41.46 -74.76 -14.04
C PHE M 412 -42.57 -73.74 -14.24
N SER M 413 -42.26 -72.66 -14.93
CA SER M 413 -43.25 -71.62 -15.23
C SER M 413 -43.56 -71.59 -16.71
N TYR M 414 -44.79 -71.19 -17.04
CA TYR M 414 -45.22 -71.13 -18.43
C TYR M 414 -46.21 -69.99 -18.59
N THR M 415 -46.11 -69.29 -19.71
CA THR M 415 -47.03 -68.23 -20.06
C THR M 415 -47.83 -68.63 -21.28
N PHE M 416 -49.15 -68.51 -21.18
CA PHE M 416 -50.01 -68.80 -22.32
C PHE M 416 -49.92 -67.68 -23.36
N GLU M 417 -50.02 -68.08 -24.62
CA GLU M 417 -50.16 -67.11 -25.69
C GLU M 417 -51.52 -66.43 -25.61
N GLU M 418 -51.64 -65.30 -26.31
CA GLU M 418 -52.90 -64.56 -26.30
C GLU M 418 -53.92 -65.34 -27.12
N VAL M 419 -54.77 -66.08 -26.41
CA VAL M 419 -55.82 -66.88 -27.01
C VAL M 419 -57.12 -66.10 -26.81
N PRO M 420 -58.12 -66.25 -27.67
CA PRO M 420 -59.40 -65.59 -27.42
C PRO M 420 -60.09 -66.14 -26.19
N PHE M 421 -60.87 -65.27 -25.55
CA PHE M 421 -61.70 -65.70 -24.43
C PHE M 421 -62.67 -66.78 -24.88
N HIS M 422 -62.82 -67.80 -24.06
CA HIS M 422 -63.95 -68.69 -24.23
C HIS M 422 -65.21 -67.98 -23.80
N SER M 423 -66.29 -68.24 -24.54
CA SER M 423 -67.58 -67.58 -24.39
C SER M 423 -68.42 -68.31 -23.35
N SER M 424 -68.54 -67.72 -22.16
CA SER M 424 -69.41 -68.25 -21.12
C SER M 424 -70.82 -67.71 -21.21
N TYR M 425 -71.28 -67.37 -22.41
CA TYR M 425 -72.58 -66.78 -22.61
C TYR M 425 -73.33 -67.52 -23.71
N ALA M 426 -74.65 -67.43 -23.64
CA ALA M 426 -75.54 -67.72 -24.75
C ALA M 426 -75.98 -66.40 -25.39
N HIS M 427 -76.61 -66.52 -26.54
CA HIS M 427 -77.14 -65.36 -27.24
C HIS M 427 -78.61 -65.18 -26.95
N SER M 428 -79.01 -63.95 -26.67
CA SER M 428 -80.42 -63.64 -26.42
C SER M 428 -81.22 -63.48 -27.70
N GLN M 429 -80.56 -63.44 -28.85
CA GLN M 429 -81.23 -63.33 -30.13
C GLN M 429 -80.79 -64.48 -31.02
N SER M 430 -81.66 -64.83 -31.96
CA SER M 430 -81.32 -65.79 -32.99
C SER M 430 -80.84 -65.06 -34.24
N LEU M 431 -80.04 -65.75 -35.04
CA LEU M 431 -79.42 -65.11 -36.20
C LEU M 431 -80.45 -64.73 -37.26
N ASP M 432 -81.53 -65.48 -37.38
CA ASP M 432 -82.59 -65.17 -38.33
C ASP M 432 -83.66 -64.26 -37.73
N ARG M 433 -83.38 -63.64 -36.59
CA ARG M 433 -84.34 -62.78 -35.89
C ARG M 433 -83.64 -61.52 -35.42
N LEU M 434 -82.81 -60.93 -36.26
CA LEU M 434 -82.01 -59.76 -35.89
C LEU M 434 -82.64 -58.46 -36.36
N MET M 435 -83.86 -58.49 -36.86
CA MET M 435 -84.51 -57.34 -37.46
C MET M 435 -85.37 -56.60 -36.45
N ASN M 436 -85.74 -55.39 -36.81
CA ASN M 436 -86.79 -54.66 -36.11
C ASN M 436 -88.13 -55.29 -36.45
N PRO M 437 -88.89 -55.80 -35.48
CA PRO M 437 -90.18 -56.43 -35.78
C PRO M 437 -91.32 -55.47 -36.05
N LEU M 438 -91.06 -54.16 -36.09
CA LEU M 438 -92.11 -53.18 -36.33
C LEU M 438 -92.00 -52.49 -37.67
N ILE M 439 -90.80 -52.39 -38.23
CA ILE M 439 -90.54 -51.62 -39.43
C ILE M 439 -90.38 -52.56 -40.61
N ASP M 440 -90.87 -52.14 -41.78
CA ASP M 440 -90.64 -52.88 -42.99
C ASP M 440 -89.23 -52.64 -43.52
N GLN M 441 -88.89 -53.36 -44.57
CA GLN M 441 -87.62 -53.17 -45.26
C GLN M 441 -87.82 -52.30 -46.49
N TYR M 442 -86.72 -51.80 -47.02
CA TYR M 442 -86.76 -51.14 -48.33
C TYR M 442 -86.32 -52.08 -49.44
N LEU M 443 -86.09 -53.35 -49.12
CA LEU M 443 -85.67 -54.35 -50.09
C LEU M 443 -86.85 -55.22 -50.47
N TYR M 444 -86.96 -55.53 -51.75
CA TYR M 444 -88.03 -56.36 -52.26
C TYR M 444 -87.50 -57.75 -52.59
N TYR M 445 -88.40 -58.72 -52.59
CA TYR M 445 -88.08 -60.08 -52.96
C TYR M 445 -89.19 -60.62 -53.84
N LEU M 446 -88.85 -61.60 -54.66
CA LEU M 446 -89.85 -62.26 -55.49
C LEU M 446 -90.74 -63.11 -54.60
N ASN M 447 -92.04 -62.79 -54.57
CA ASN M 447 -92.98 -63.44 -53.68
C ASN M 447 -93.85 -64.46 -54.39
N ARG M 448 -94.33 -64.15 -55.59
CA ARG M 448 -95.17 -65.05 -56.37
C ARG M 448 -94.63 -65.12 -57.78
N THR M 449 -94.63 -66.33 -58.35
CA THR M 449 -94.45 -66.51 -59.78
C THR M 449 -95.73 -66.98 -60.46
N GLN M 450 -96.86 -66.95 -59.76
CA GLN M 450 -98.16 -67.24 -60.32
C GLN M 450 -99.14 -66.16 -59.85
N ASN M 451 -100.27 -66.07 -60.55
CA ASN M 451 -101.27 -65.08 -60.20
C ASN M 451 -101.89 -65.40 -58.85
N GLN M 452 -102.06 -64.36 -58.03
CA GLN M 452 -102.60 -64.54 -56.68
C GLN M 452 -104.09 -64.82 -56.66
N SER M 453 -104.84 -64.36 -57.67
CA SER M 453 -106.29 -64.48 -57.66
C SER M 453 -106.73 -65.94 -57.65
N GLY M 454 -106.12 -66.76 -58.50
CA GLY M 454 -106.43 -68.18 -58.54
C GLY M 454 -107.55 -68.58 -59.48
N SER M 455 -108.34 -67.63 -59.98
CA SER M 455 -109.38 -67.97 -60.95
C SER M 455 -108.74 -68.52 -62.23
N ALA M 456 -107.65 -67.91 -62.67
CA ALA M 456 -106.76 -68.48 -63.66
C ALA M 456 -105.46 -68.91 -63.00
N GLN M 457 -104.68 -69.70 -63.72
CA GLN M 457 -103.42 -70.23 -63.21
C GLN M 457 -102.23 -69.69 -64.01
N ASN M 458 -102.24 -68.40 -64.28
CA ASN M 458 -101.21 -67.79 -65.10
C ASN M 458 -99.96 -67.46 -64.29
N LYS M 459 -98.82 -67.44 -64.97
CA LYS M 459 -97.59 -67.07 -64.31
C LYS M 459 -97.52 -65.55 -64.15
N ASP M 460 -96.57 -65.10 -63.33
CA ASP M 460 -96.37 -63.68 -63.09
C ASP M 460 -95.02 -63.48 -62.44
N LEU M 461 -94.73 -62.22 -62.11
CA LEU M 461 -93.53 -61.85 -61.35
C LEU M 461 -93.98 -60.78 -60.36
N LEU M 462 -94.37 -61.22 -59.17
CA LEU M 462 -94.91 -60.35 -58.14
C LEU M 462 -93.91 -60.22 -57.01
N PHE M 463 -93.60 -58.99 -56.63
CA PHE M 463 -92.57 -58.70 -55.65
C PHE M 463 -93.19 -58.09 -54.40
N SER M 464 -92.72 -58.53 -53.24
CA SER M 464 -93.21 -58.01 -51.98
C SER M 464 -92.06 -57.34 -51.23
N ARG M 465 -92.43 -56.47 -50.31
CA ARG M 465 -91.49 -55.79 -49.44
C ARG M 465 -91.24 -56.61 -48.19
N GLY M 466 -90.00 -56.61 -47.73
CA GLY M 466 -89.65 -57.29 -46.50
C GLY M 466 -90.41 -56.71 -45.32
N SER M 467 -91.25 -57.53 -44.70
CA SER M 467 -92.17 -57.09 -43.66
C SER M 467 -92.06 -58.00 -42.44
N PRO M 468 -92.45 -57.51 -41.26
CA PRO M 468 -92.44 -58.38 -40.08
C PRO M 468 -93.43 -59.54 -40.16
N ALA M 469 -94.41 -59.48 -41.06
CA ALA M 469 -95.30 -60.62 -41.24
C ALA M 469 -94.54 -61.85 -41.71
N GLY M 470 -93.75 -61.70 -42.77
CA GLY M 470 -92.90 -62.79 -43.20
C GLY M 470 -91.45 -62.50 -42.90
N MET M 471 -90.94 -63.09 -41.82
CA MET M 471 -89.56 -62.88 -41.41
C MET M 471 -88.61 -63.90 -42.03
N SER M 472 -89.15 -65.01 -42.53
CA SER M 472 -88.32 -66.05 -43.14
C SER M 472 -87.83 -65.66 -44.52
N VAL M 473 -88.53 -64.74 -45.20
CA VAL M 473 -88.19 -64.36 -46.57
C VAL M 473 -87.50 -63.02 -46.64
N GLN M 474 -87.27 -62.36 -45.50
CA GLN M 474 -86.58 -61.10 -45.51
C GLN M 474 -85.12 -61.28 -45.91
N PRO M 475 -84.56 -60.41 -46.75
CA PRO M 475 -83.12 -60.41 -46.95
C PRO M 475 -82.38 -60.22 -45.63
N LYS M 476 -81.28 -60.93 -45.48
CA LYS M 476 -80.49 -60.90 -44.25
C LYS M 476 -79.01 -60.76 -44.60
N ASN M 477 -78.20 -60.48 -43.59
CA ASN M 477 -76.80 -60.15 -43.79
C ASN M 477 -75.84 -61.30 -43.50
N TRP M 478 -76.27 -62.31 -42.76
CA TRP M 478 -75.36 -63.34 -42.27
C TRP M 478 -75.97 -64.71 -42.48
N LEU M 479 -75.13 -65.73 -42.34
CA LEU M 479 -75.49 -67.12 -42.52
C LEU M 479 -75.11 -67.93 -41.28
N PRO M 480 -75.83 -69.01 -41.00
CA PRO M 480 -75.42 -69.90 -39.90
C PRO M 480 -74.13 -70.62 -40.24
N GLY M 481 -73.43 -71.04 -39.19
CA GLY M 481 -72.15 -71.68 -39.33
C GLY M 481 -72.18 -72.95 -40.16
N PRO M 482 -71.00 -73.53 -40.39
CA PRO M 482 -70.92 -74.74 -41.21
C PRO M 482 -71.49 -75.94 -40.49
N CYS M 483 -71.85 -76.95 -41.27
CA CYS M 483 -72.46 -78.14 -40.71
C CYS M 483 -71.86 -79.39 -41.35
N TYR M 484 -71.95 -80.50 -40.64
CA TYR M 484 -71.59 -81.82 -41.15
C TYR M 484 -72.54 -82.82 -40.49
N ARG M 485 -73.61 -83.16 -41.19
CA ARG M 485 -74.77 -83.80 -40.56
C ARG M 485 -74.40 -85.11 -39.88
N GLN M 486 -74.98 -85.32 -38.71
CA GLN M 486 -74.84 -86.54 -37.93
C GLN M 486 -76.15 -87.32 -37.93
N GLN M 487 -76.07 -88.57 -37.50
CA GLN M 487 -77.27 -89.40 -37.39
C GLN M 487 -77.96 -89.13 -36.07
N ARG M 488 -79.29 -89.17 -36.09
CA ARG M 488 -80.10 -88.80 -34.94
C ARG M 488 -80.45 -90.05 -34.15
N VAL M 489 -80.02 -90.09 -32.90
CA VAL M 489 -80.30 -91.21 -32.01
C VAL M 489 -81.19 -90.72 -30.88
N SER M 490 -82.22 -91.49 -30.56
CA SER M 490 -83.13 -91.15 -29.47
C SER M 490 -82.63 -91.75 -28.17
N LYS M 491 -82.68 -90.95 -27.10
CA LYS M 491 -82.36 -91.45 -25.77
C LYS M 491 -83.35 -92.51 -25.31
N THR M 492 -84.55 -92.54 -25.90
CA THR M 492 -85.51 -93.60 -25.68
C THR M 492 -85.27 -94.68 -26.73
N LYS M 493 -84.77 -95.84 -26.29
CA LYS M 493 -84.22 -96.81 -27.23
C LYS M 493 -85.28 -97.43 -28.13
N THR M 494 -86.56 -97.37 -27.77
CA THR M 494 -87.59 -97.99 -28.61
C THR M 494 -87.81 -97.26 -29.92
N ASP M 495 -87.46 -95.98 -30.00
CA ASP M 495 -87.65 -95.22 -31.22
C ASP M 495 -86.47 -95.31 -32.18
N ASN M 496 -85.44 -96.05 -31.83
CA ASN M 496 -84.28 -96.22 -32.70
C ASN M 496 -84.47 -97.44 -33.59
N ASN M 497 -83.82 -97.40 -34.76
CA ASN M 497 -83.90 -98.50 -35.70
C ASN M 497 -83.30 -99.76 -35.10
N ASN M 498 -83.87 -100.91 -35.46
CA ASN M 498 -83.38 -102.19 -34.95
C ASN M 498 -82.20 -102.67 -35.79
N SER M 499 -81.06 -102.04 -35.55
CA SER M 499 -79.79 -102.43 -36.15
C SER M 499 -78.69 -101.77 -35.35
N ASN M 500 -77.44 -102.11 -35.68
CA ASN M 500 -76.33 -101.51 -34.96
C ASN M 500 -76.06 -100.09 -35.46
N PHE M 501 -75.64 -99.96 -36.71
CA PHE M 501 -75.53 -98.68 -37.43
C PHE M 501 -74.73 -97.63 -36.68
N THR M 502 -74.00 -98.01 -35.63
CA THR M 502 -73.08 -97.10 -34.99
C THR M 502 -71.80 -96.92 -35.79
N TRP M 503 -71.50 -97.83 -36.69
CA TRP M 503 -70.37 -97.66 -37.59
C TRP M 503 -70.81 -97.53 -39.04
N THR M 504 -71.81 -98.29 -39.48
CA THR M 504 -72.23 -98.21 -40.87
C THR M 504 -73.02 -96.94 -41.17
N GLY M 505 -73.72 -96.39 -40.18
CA GLY M 505 -74.56 -95.24 -40.42
C GLY M 505 -74.01 -93.96 -39.83
N ALA M 506 -72.71 -93.91 -39.60
CA ALA M 506 -72.11 -92.80 -38.89
C ALA M 506 -71.28 -91.91 -39.82
N SER M 507 -71.21 -90.63 -39.45
CA SER M 507 -70.38 -89.68 -40.17
C SER M 507 -68.92 -89.95 -39.86
N LYS M 508 -68.13 -90.24 -40.88
CA LYS M 508 -66.72 -90.54 -40.67
C LYS M 508 -65.92 -89.96 -41.82
N TYR M 509 -64.62 -89.81 -41.61
CA TYR M 509 -63.75 -89.27 -42.62
C TYR M 509 -62.71 -90.29 -43.05
N ASN M 510 -62.25 -90.14 -44.28
CA ASN M 510 -61.30 -91.04 -44.89
C ASN M 510 -59.92 -90.40 -44.87
N LEU M 511 -58.93 -91.11 -44.34
CA LEU M 511 -57.56 -90.61 -44.28
C LEU M 511 -56.59 -91.75 -44.52
N ASN M 512 -55.88 -91.70 -45.65
CA ASN M 512 -54.91 -92.72 -46.02
C ASN M 512 -55.54 -94.12 -46.08
N GLY M 513 -56.81 -94.17 -46.50
CA GLY M 513 -57.48 -95.42 -46.72
C GLY M 513 -58.20 -95.99 -45.52
N ARG M 514 -58.09 -95.39 -44.35
CA ARG M 514 -58.79 -95.89 -43.17
C ARG M 514 -59.71 -94.82 -42.61
N GLU M 515 -60.89 -95.24 -42.21
CA GLU M 515 -61.97 -94.36 -41.80
C GLU M 515 -61.90 -94.09 -40.31
N SER M 516 -62.31 -92.88 -39.93
CA SER M 516 -62.31 -92.45 -38.54
C SER M 516 -63.61 -91.71 -38.27
N ILE M 517 -64.29 -92.08 -37.18
CA ILE M 517 -65.51 -91.38 -36.80
C ILE M 517 -65.16 -89.92 -36.48
N ILE M 518 -66.05 -89.01 -36.86
CA ILE M 518 -65.78 -87.59 -36.66
C ILE M 518 -65.68 -87.29 -35.16
N ASN M 519 -66.79 -87.43 -34.43
CA ASN M 519 -66.77 -87.49 -32.96
C ASN M 519 -65.92 -86.42 -32.29
N PRO M 520 -66.42 -85.19 -32.10
CA PRO M 520 -67.78 -84.72 -32.35
C PRO M 520 -67.88 -83.78 -33.55
N GLY M 521 -66.74 -83.35 -34.06
CA GLY M 521 -66.74 -82.56 -35.28
C GLY M 521 -67.27 -81.16 -35.07
N THR M 522 -68.01 -80.68 -36.06
CA THR M 522 -68.47 -79.30 -36.08
C THR M 522 -69.34 -79.00 -34.88
N ALA M 523 -69.21 -77.79 -34.35
CA ALA M 523 -70.00 -77.35 -33.20
C ALA M 523 -71.40 -77.03 -33.67
N MET M 524 -72.34 -77.93 -33.41
CA MET M 524 -73.72 -77.77 -33.83
C MET M 524 -74.65 -78.05 -32.67
N ALA M 525 -75.87 -77.55 -32.79
CA ALA M 525 -76.87 -77.80 -31.77
C ALA M 525 -77.22 -79.29 -31.70
N SER M 526 -77.35 -79.81 -30.49
CA SER M 526 -77.66 -81.22 -30.31
C SER M 526 -79.02 -81.58 -30.86
N HIS M 527 -80.02 -80.72 -30.67
CA HIS M 527 -81.38 -81.00 -31.10
C HIS M 527 -82.08 -79.67 -31.34
N LYS M 528 -83.34 -79.75 -31.74
CA LYS M 528 -84.19 -78.59 -31.89
C LYS M 528 -84.92 -78.29 -30.59
N ASP M 529 -85.88 -77.37 -30.66
CA ASP M 529 -86.77 -77.13 -29.53
C ASP M 529 -87.72 -78.30 -29.35
N ASP M 530 -87.99 -78.65 -28.09
CA ASP M 530 -88.93 -79.71 -27.74
C ASP M 530 -88.50 -81.05 -28.31
N GLU M 531 -87.20 -81.28 -28.41
CA GLU M 531 -86.65 -82.50 -28.99
C GLU M 531 -85.46 -82.98 -28.19
N ASP M 532 -85.50 -82.80 -26.87
CA ASP M 532 -84.39 -83.18 -26.01
C ASP M 532 -84.12 -84.67 -25.98
N LYS M 533 -85.06 -85.49 -26.46
CA LYS M 533 -84.90 -86.93 -26.50
C LYS M 533 -83.92 -87.40 -27.56
N PHE M 534 -83.48 -86.52 -28.46
CA PHE M 534 -82.60 -86.89 -29.55
C PHE M 534 -81.22 -86.26 -29.34
N PHE M 535 -80.18 -87.00 -29.73
CA PHE M 535 -78.84 -86.48 -29.76
C PHE M 535 -78.14 -87.00 -31.01
N PRO M 536 -77.17 -86.25 -31.55
CA PRO M 536 -76.39 -86.77 -32.66
C PRO M 536 -75.55 -87.97 -32.22
N MET M 537 -75.39 -88.93 -33.14
CA MET M 537 -74.82 -90.21 -32.75
C MET M 537 -73.40 -90.06 -32.23
N SER M 538 -72.60 -89.21 -32.86
CA SER M 538 -71.25 -88.93 -32.40
C SER M 538 -70.97 -87.44 -32.43
N GLY M 539 -71.93 -86.65 -31.97
CA GLY M 539 -71.79 -85.21 -32.02
C GLY M 539 -71.75 -84.57 -30.65
N VAL M 540 -71.78 -85.37 -29.61
CA VAL M 540 -71.86 -84.87 -28.25
C VAL M 540 -70.74 -85.45 -27.42
N MET M 541 -70.28 -84.68 -26.44
CA MET M 541 -69.32 -85.18 -25.47
C MET M 541 -70.04 -85.98 -24.40
N ILE M 542 -69.63 -87.23 -24.22
CA ILE M 542 -70.28 -88.13 -23.28
C ILE M 542 -69.28 -88.44 -22.17
N PHE M 543 -69.63 -88.07 -20.95
CA PHE M 543 -68.83 -88.37 -19.78
C PHE M 543 -69.44 -89.55 -19.04
N GLY M 544 -68.60 -90.45 -18.56
CA GLY M 544 -69.06 -91.58 -17.79
C GLY M 544 -69.16 -91.23 -16.31
N LYS M 545 -70.21 -91.72 -15.68
CA LYS M 545 -70.31 -91.61 -14.24
C LYS M 545 -69.40 -92.64 -13.59
N GLU M 546 -69.15 -92.46 -12.29
CA GLU M 546 -68.47 -93.51 -11.56
C GLU M 546 -69.34 -94.75 -11.54
N SER M 547 -68.69 -95.91 -11.55
CA SER M 547 -69.36 -97.19 -11.77
C SER M 547 -69.93 -97.29 -13.17
N ALA M 548 -69.17 -96.81 -14.15
CA ALA M 548 -69.47 -97.04 -15.56
C ALA M 548 -68.39 -97.95 -16.13
N GLY M 549 -68.81 -99.00 -16.83
CA GLY M 549 -67.87 -99.93 -17.39
C GLY M 549 -67.08 -99.31 -18.54
N ALA M 550 -66.02 -100.03 -18.93
CA ALA M 550 -65.19 -99.56 -20.03
C ALA M 550 -65.87 -99.77 -21.38
N SER M 551 -66.63 -100.85 -21.52
CA SER M 551 -67.24 -101.21 -22.79
C SER M 551 -68.70 -101.56 -22.61
N ASN M 552 -69.54 -101.04 -23.51
CA ASN M 552 -70.97 -101.37 -23.57
C ASN M 552 -71.66 -101.08 -22.24
N THR M 553 -71.32 -99.96 -21.62
CA THR M 553 -72.04 -99.52 -20.43
C THR M 553 -73.39 -98.93 -20.83
N ALA M 554 -74.15 -98.50 -19.83
CA ALA M 554 -75.53 -98.11 -20.06
C ALA M 554 -75.70 -96.59 -20.13
N LEU M 555 -76.78 -96.20 -20.80
CA LEU M 555 -77.19 -94.80 -20.84
C LEU M 555 -77.35 -94.24 -19.45
N ASP M 556 -77.74 -95.09 -18.50
CA ASP M 556 -77.84 -94.66 -17.10
C ASP M 556 -76.46 -94.39 -16.51
N ASN M 557 -75.42 -95.04 -17.04
CA ASN M 557 -74.09 -94.87 -16.52
C ASN M 557 -73.30 -93.79 -17.22
N VAL M 558 -73.80 -93.26 -18.34
CA VAL M 558 -73.11 -92.16 -19.01
C VAL M 558 -73.92 -90.88 -18.86
N MET M 559 -73.22 -89.75 -18.99
CA MET M 559 -73.82 -88.41 -19.00
C MET M 559 -73.60 -87.78 -20.37
N ILE M 560 -74.68 -87.56 -21.10
CA ILE M 560 -74.61 -86.97 -22.43
C ILE M 560 -74.76 -85.45 -22.30
N THR M 561 -73.85 -84.72 -22.90
CA THR M 561 -73.93 -83.26 -22.86
C THR M 561 -74.94 -82.76 -23.87
N ASP M 562 -75.28 -81.48 -23.75
CA ASP M 562 -76.22 -80.82 -24.65
C ASP M 562 -75.62 -79.52 -25.12
N GLU M 563 -75.82 -79.19 -26.38
CA GLU M 563 -75.37 -77.94 -26.98
C GLU M 563 -76.55 -77.08 -27.38
N GLU M 564 -77.53 -76.97 -26.47
CA GLU M 564 -78.79 -76.33 -26.81
C GLU M 564 -78.65 -74.82 -26.88
N GLU M 565 -77.58 -74.27 -26.31
CA GLU M 565 -77.46 -72.82 -26.22
C GLU M 565 -76.99 -72.18 -27.52
N ILE M 566 -76.45 -72.95 -28.45
CA ILE M 566 -75.90 -72.40 -29.67
C ILE M 566 -76.83 -72.62 -30.85
N LYS M 567 -78.12 -72.87 -30.59
CA LYS M 567 -79.11 -72.88 -31.64
C LYS M 567 -79.29 -71.53 -32.31
N ALA M 568 -78.86 -70.45 -31.64
CA ALA M 568 -79.07 -69.11 -32.17
C ALA M 568 -78.23 -68.86 -33.41
N THR M 569 -77.08 -69.52 -33.54
CA THR M 569 -76.16 -69.29 -34.65
C THR M 569 -75.72 -70.55 -35.37
N ASN M 570 -75.85 -71.72 -34.79
CA ASN M 570 -75.33 -72.94 -35.37
C ASN M 570 -76.45 -73.84 -35.85
N PRO M 571 -76.25 -74.56 -36.94
CA PRO M 571 -77.26 -75.52 -37.38
C PRO M 571 -77.39 -76.68 -36.41
N VAL M 572 -78.57 -77.29 -36.40
CA VAL M 572 -78.78 -78.48 -35.59
C VAL M 572 -78.01 -79.65 -36.19
N ALA M 573 -77.33 -80.40 -35.32
CA ALA M 573 -76.37 -81.40 -35.76
C ALA M 573 -77.00 -82.51 -36.59
N THR M 574 -78.26 -82.83 -36.36
CA THR M 574 -78.91 -83.96 -37.00
C THR M 574 -79.73 -83.59 -38.23
N GLU M 575 -79.74 -82.33 -38.62
CA GLU M 575 -80.52 -81.88 -39.76
C GLU M 575 -79.66 -81.17 -40.78
N ARG M 576 -80.20 -81.04 -41.98
CA ARG M 576 -79.46 -80.47 -43.10
C ARG M 576 -79.17 -78.99 -42.84
N PHE M 577 -78.11 -78.50 -43.48
CA PHE M 577 -77.85 -77.07 -43.47
C PHE M 577 -78.98 -76.31 -44.14
N GLY M 578 -79.48 -76.85 -45.24
CA GLY M 578 -80.54 -76.20 -45.98
C GLY M 578 -80.74 -76.90 -47.32
N THR M 579 -81.44 -76.21 -48.20
CA THR M 579 -81.67 -76.69 -49.55
C THR M 579 -80.97 -75.79 -50.55
N VAL M 580 -80.72 -76.35 -51.73
CA VAL M 580 -80.03 -75.65 -52.80
C VAL M 580 -80.71 -76.01 -54.11
N ALA M 581 -80.76 -75.05 -55.03
CA ALA M 581 -81.28 -75.33 -56.36
C ALA M 581 -80.32 -76.24 -57.10
N VAL M 582 -80.88 -77.19 -57.87
CA VAL M 582 -80.06 -78.19 -58.54
C VAL M 582 -80.34 -78.26 -60.04
N ASN M 583 -81.19 -77.41 -60.58
CA ASN M 583 -81.49 -77.45 -62.01
C ASN M 583 -81.92 -76.06 -62.46
N PHE M 584 -82.34 -75.96 -63.72
CA PHE M 584 -82.92 -74.74 -64.27
C PHE M 584 -84.40 -74.98 -64.48
N GLN M 585 -85.23 -74.16 -63.84
CA GLN M 585 -86.67 -74.22 -64.10
C GLN M 585 -86.99 -73.53 -65.42
N SER M 586 -87.96 -74.07 -66.13
CA SER M 586 -88.36 -73.52 -67.41
C SER M 586 -89.79 -73.94 -67.70
N SER M 587 -90.41 -73.24 -68.64
CA SER M 587 -91.74 -73.57 -69.12
C SER M 587 -91.65 -74.37 -70.41
N SER M 588 -92.77 -75.02 -70.74
CA SER M 588 -92.85 -75.79 -71.98
C SER M 588 -92.86 -74.86 -73.18
N THR M 589 -92.27 -75.32 -74.27
CA THR M 589 -92.22 -74.54 -75.51
C THR M 589 -92.49 -75.42 -76.73
N VAL M 592 -89.18 -76.34 -77.31
CA VAL M 592 -88.73 -77.35 -76.36
C VAL M 592 -89.88 -77.75 -75.44
N PRO M 593 -90.71 -78.67 -75.91
CA PRO M 593 -91.91 -79.03 -75.13
C PRO M 593 -91.61 -80.00 -73.99
N PHE M 594 -90.54 -79.73 -73.25
CA PHE M 594 -90.17 -80.51 -72.08
C PHE M 594 -90.06 -79.53 -70.90
N LYS M 595 -91.19 -79.31 -70.23
CA LYS M 595 -91.24 -78.43 -69.07
C LYS M 595 -90.35 -78.98 -67.95
N THR M 596 -89.59 -78.09 -67.32
CA THR M 596 -88.69 -78.47 -66.24
C THR M 596 -89.16 -77.80 -64.95
N ASP M 597 -89.64 -78.60 -64.01
CA ASP M 597 -89.98 -78.07 -62.70
C ASP M 597 -88.71 -77.73 -61.92
N PRO M 598 -88.75 -76.68 -61.10
CA PRO M 598 -87.61 -76.39 -60.24
C PRO M 598 -87.37 -77.51 -59.25
N ALA M 599 -86.10 -77.77 -58.96
CA ALA M 599 -85.72 -78.88 -58.09
C ALA M 599 -84.69 -78.41 -57.08
N THR M 600 -84.86 -78.83 -55.84
CA THR M 600 -83.95 -78.52 -54.76
C THR M 600 -83.40 -79.81 -54.17
N GLY M 601 -82.21 -79.71 -53.60
CA GLY M 601 -81.60 -80.82 -52.90
C GLY M 601 -81.13 -80.39 -51.54
N ASP M 602 -81.15 -81.33 -50.60
CA ASP M 602 -80.72 -81.05 -49.24
C ASP M 602 -79.20 -80.97 -49.17
N VAL M 603 -78.73 -80.01 -48.40
CA VAL M 603 -77.30 -79.78 -48.21
C VAL M 603 -76.94 -80.34 -46.84
N HIS M 604 -76.22 -81.45 -46.82
CA HIS M 604 -75.94 -82.17 -45.58
C HIS M 604 -74.60 -81.78 -44.98
N ALA M 605 -73.60 -81.49 -45.80
CA ALA M 605 -72.31 -81.00 -45.35
C ALA M 605 -72.03 -79.68 -46.05
N MET M 606 -71.84 -78.63 -45.28
CA MET M 606 -71.61 -77.29 -45.81
C MET M 606 -70.32 -76.76 -45.24
N GLY M 607 -69.38 -76.41 -46.10
CA GLY M 607 -68.16 -75.77 -45.68
C GLY M 607 -68.37 -74.29 -45.45
N ALA M 608 -67.29 -73.61 -45.07
CA ALA M 608 -67.37 -72.21 -44.70
C ALA M 608 -67.69 -71.36 -45.92
N LEU M 609 -68.75 -70.57 -45.82
CA LEU M 609 -69.13 -69.54 -46.77
C LEU M 609 -68.89 -68.17 -46.16
N PRO M 610 -68.51 -67.17 -46.94
CA PRO M 610 -68.39 -65.82 -46.39
C PRO M 610 -69.74 -65.33 -45.88
N GLY M 611 -69.71 -64.63 -44.76
CA GLY M 611 -70.90 -64.23 -44.06
C GLY M 611 -71.36 -65.21 -42.99
N MET M 612 -70.72 -66.37 -42.89
CA MET M 612 -71.07 -67.35 -41.87
C MET M 612 -70.60 -66.90 -40.49
N VAL M 613 -71.42 -67.15 -39.48
CA VAL M 613 -71.07 -66.90 -38.09
C VAL M 613 -71.48 -68.12 -37.28
N TRP M 614 -70.68 -68.44 -36.27
CA TRP M 614 -70.94 -69.62 -35.47
C TRP M 614 -70.34 -69.46 -34.09
N GLN M 615 -70.79 -70.32 -33.18
CA GLN M 615 -70.18 -70.46 -31.86
C GLN M 615 -69.40 -71.76 -31.78
N ASP M 616 -68.38 -71.77 -30.94
CA ASP M 616 -67.59 -72.97 -30.73
C ASP M 616 -68.28 -73.86 -29.71
N ARG M 617 -67.72 -75.06 -29.53
CA ARG M 617 -68.26 -75.98 -28.53
C ARG M 617 -68.03 -75.44 -27.13
N ASP M 618 -68.93 -75.80 -26.22
CA ASP M 618 -68.80 -75.40 -24.83
C ASP M 618 -67.72 -76.21 -24.12
N VAL M 619 -67.17 -75.63 -23.07
CA VAL M 619 -66.25 -76.33 -22.19
C VAL M 619 -67.02 -76.75 -20.95
N TYR M 620 -66.56 -77.82 -20.31
CA TYR M 620 -67.24 -78.39 -19.16
C TYR M 620 -66.24 -78.54 -18.02
N LEU M 621 -66.76 -78.63 -16.80
CA LEU M 621 -65.88 -78.80 -15.65
C LEU M 621 -65.10 -80.10 -15.75
N GLN M 622 -65.68 -81.14 -16.36
CA GLN M 622 -65.02 -82.41 -16.55
C GLN M 622 -64.26 -82.50 -17.87
N GLY M 623 -64.26 -81.45 -18.68
CA GLY M 623 -63.72 -81.53 -20.02
C GLY M 623 -62.33 -80.97 -20.15
N PRO M 624 -61.73 -81.11 -21.33
CA PRO M 624 -60.37 -80.62 -21.55
C PRO M 624 -60.31 -79.10 -21.60
N ILE M 625 -59.13 -78.57 -21.27
CA ILE M 625 -58.88 -77.14 -21.28
C ILE M 625 -58.30 -76.69 -22.61
N TRP M 626 -57.23 -77.33 -23.08
CA TRP M 626 -56.51 -76.88 -24.25
C TRP M 626 -56.20 -78.06 -25.15
N ALA M 627 -55.65 -77.72 -26.32
CA ALA M 627 -55.12 -78.70 -27.25
C ALA M 627 -54.04 -78.04 -28.07
N LYS M 628 -53.00 -78.80 -28.39
CA LYS M 628 -51.97 -78.31 -29.30
C LYS M 628 -52.49 -78.26 -30.72
N ILE M 629 -52.36 -77.10 -31.36
CA ILE M 629 -52.70 -76.98 -32.77
C ILE M 629 -51.63 -77.66 -33.60
N PRO M 630 -51.99 -78.58 -34.51
CA PRO M 630 -50.98 -79.27 -35.29
C PRO M 630 -50.13 -78.30 -36.10
N HIS M 631 -48.84 -78.59 -36.18
CA HIS M 631 -47.91 -77.75 -36.93
C HIS M 631 -48.04 -78.09 -38.41
N THR M 632 -48.99 -77.44 -39.06
CA THR M 632 -49.28 -77.65 -40.46
C THR M 632 -49.19 -76.33 -41.22
N ASP M 633 -49.20 -76.42 -42.55
CA ASP M 633 -49.17 -75.22 -43.37
C ASP M 633 -50.44 -74.41 -43.21
N GLY M 634 -51.60 -75.07 -43.17
CA GLY M 634 -52.85 -74.37 -43.05
C GLY M 634 -53.74 -75.01 -42.00
N HIS M 635 -54.58 -74.17 -41.41
CA HIS M 635 -55.63 -74.62 -40.52
C HIS M 635 -56.70 -73.54 -40.49
N PHE M 636 -57.96 -73.97 -40.42
CA PHE M 636 -59.09 -73.06 -40.44
C PHE M 636 -59.72 -73.05 -39.06
N HIS M 637 -59.71 -71.87 -38.41
CA HIS M 637 -60.30 -71.66 -37.09
C HIS M 637 -59.81 -72.70 -36.11
N PRO M 638 -58.55 -72.65 -35.70
CA PRO M 638 -57.93 -73.76 -34.96
C PRO M 638 -58.40 -73.85 -33.51
N SER M 639 -59.70 -74.00 -33.34
CA SER M 639 -60.31 -74.26 -32.05
C SER M 639 -60.59 -75.74 -31.93
N PRO M 640 -60.14 -76.41 -30.87
CA PRO M 640 -60.29 -77.86 -30.78
C PRO M 640 -61.75 -78.27 -30.83
N LEU M 641 -62.00 -79.41 -31.48
CA LEU M 641 -63.38 -79.82 -31.70
C LEU M 641 -64.00 -80.41 -30.43
N MET M 642 -63.17 -80.88 -29.49
CA MET M 642 -63.71 -81.27 -28.19
C MET M 642 -64.03 -80.07 -27.32
N GLY M 643 -63.59 -78.89 -27.68
CA GLY M 643 -63.80 -77.70 -26.88
C GLY M 643 -62.53 -77.30 -26.15
N GLY M 644 -62.40 -76.00 -25.94
CA GLY M 644 -61.22 -75.50 -25.25
C GLY M 644 -60.43 -74.51 -26.06
N PHE M 645 -59.18 -74.30 -25.67
CA PHE M 645 -58.29 -73.34 -26.29
C PHE M 645 -57.29 -74.09 -27.14
N GLY M 646 -57.20 -73.73 -28.42
CA GLY M 646 -56.16 -74.25 -29.27
C GLY M 646 -54.93 -73.40 -29.14
N LEU M 647 -53.81 -73.99 -28.76
CA LEU M 647 -52.56 -73.28 -28.53
C LEU M 647 -51.50 -73.80 -29.48
N LYS M 648 -50.78 -72.89 -30.14
CA LYS M 648 -49.65 -73.31 -30.95
C LYS M 648 -48.52 -73.84 -30.07
N ASN M 649 -48.24 -73.16 -28.97
CA ASN M 649 -47.30 -73.61 -27.96
C ASN M 649 -48.09 -73.89 -26.70
N PRO M 650 -48.66 -75.07 -26.53
CA PRO M 650 -49.43 -75.37 -25.33
C PRO M 650 -48.54 -75.56 -24.14
N PRO M 651 -49.09 -75.76 -22.94
CA PRO M 651 -48.26 -76.15 -21.81
C PRO M 651 -47.50 -77.42 -22.12
N PRO M 652 -46.19 -77.42 -21.94
CA PRO M 652 -45.40 -78.59 -22.34
C PRO M 652 -45.64 -79.79 -21.44
N GLN M 653 -45.30 -80.95 -21.98
CA GLN M 653 -45.42 -82.19 -21.24
C GLN M 653 -44.31 -82.29 -20.20
N ILE M 654 -44.69 -82.62 -18.98
CA ILE M 654 -43.74 -82.92 -17.91
C ILE M 654 -43.65 -84.43 -17.80
N LEU M 655 -42.45 -84.95 -18.04
CA LEU M 655 -42.21 -86.38 -18.08
C LEU M 655 -41.32 -86.77 -16.91
N ILE M 656 -41.70 -87.86 -16.26
CA ILE M 656 -41.08 -88.27 -15.01
C ILE M 656 -40.90 -89.78 -15.03
N LYS M 657 -39.77 -90.25 -14.52
CA LYS M 657 -39.60 -91.68 -14.36
C LYS M 657 -38.65 -91.95 -13.20
N ASN M 658 -38.72 -93.16 -12.68
CA ASN M 658 -37.78 -93.59 -11.65
C ASN M 658 -36.48 -94.00 -12.31
N THR M 659 -35.36 -93.50 -11.79
CA THR M 659 -34.08 -93.93 -12.31
C THR M 659 -33.87 -95.40 -11.97
N PRO M 660 -33.52 -96.25 -12.94
CA PRO M 660 -33.33 -97.67 -12.64
C PRO M 660 -32.18 -97.88 -11.66
N VAL M 661 -32.40 -98.78 -10.70
CA VAL M 661 -31.38 -99.20 -9.75
C VAL M 661 -31.10 -100.67 -10.02
N PRO M 662 -29.93 -101.01 -10.56
CA PRO M 662 -29.64 -102.41 -10.85
C PRO M 662 -29.51 -103.25 -9.59
N ALA M 663 -29.85 -104.52 -9.73
CA ALA M 663 -29.63 -105.48 -8.65
C ALA M 663 -28.17 -105.91 -8.65
N ASN M 664 -27.88 -106.95 -7.89
CA ASN M 664 -26.50 -107.39 -7.72
C ASN M 664 -25.91 -107.87 -9.03
N PRO M 665 -24.82 -107.27 -9.52
CA PRO M 665 -24.22 -107.71 -10.77
C PRO M 665 -23.41 -108.99 -10.57
N PRO M 666 -23.10 -109.70 -11.63
CA PRO M 666 -22.28 -110.91 -11.49
C PRO M 666 -20.85 -110.58 -11.12
N ALA M 667 -20.16 -111.59 -10.58
CA ALA M 667 -18.75 -111.41 -10.20
C ALA M 667 -17.87 -111.17 -11.41
N GLU M 668 -18.12 -111.89 -12.50
CA GLU M 668 -17.41 -111.70 -13.76
C GLU M 668 -18.17 -110.75 -14.67
N PHE M 669 -17.43 -110.04 -15.51
CA PHE M 669 -18.01 -109.03 -16.38
C PHE M 669 -18.84 -109.68 -17.48
N SER M 670 -19.99 -109.07 -17.77
CA SER M 670 -20.85 -109.48 -18.87
C SER M 670 -21.30 -108.24 -19.61
N ALA M 671 -21.14 -108.25 -20.94
CA ALA M 671 -21.54 -107.10 -21.73
C ALA M 671 -23.03 -107.08 -22.03
N THR M 672 -23.74 -108.17 -21.74
CA THR M 672 -25.19 -108.17 -21.88
C THR M 672 -25.79 -107.10 -20.98
N LYS M 673 -26.73 -106.33 -21.54
CA LYS M 673 -27.30 -105.23 -20.79
C LYS M 673 -28.08 -105.74 -19.58
N PHE M 674 -28.13 -104.90 -18.55
CA PHE M 674 -28.75 -105.31 -17.30
C PHE M 674 -30.24 -105.54 -17.50
N ALA M 675 -30.75 -106.62 -16.91
CA ALA M 675 -32.16 -106.93 -16.92
C ALA M 675 -32.72 -107.12 -15.52
N SER M 676 -31.88 -107.22 -14.52
CA SER M 676 -32.29 -107.41 -13.13
C SER M 676 -32.19 -106.07 -12.43
N PHE M 677 -33.33 -105.55 -11.97
CA PHE M 677 -33.38 -104.25 -11.32
C PHE M 677 -34.06 -104.38 -9.97
N ILE M 678 -33.71 -103.45 -9.09
CA ILE M 678 -34.36 -103.34 -7.80
C ILE M 678 -35.73 -102.73 -8.02
N THR M 679 -36.77 -103.41 -7.56
CA THR M 679 -38.14 -102.99 -7.81
C THR M 679 -38.49 -101.82 -6.91
N GLN M 680 -38.90 -100.70 -7.52
CA GLN M 680 -39.22 -99.54 -6.70
C GLN M 680 -40.23 -98.66 -7.43
N TYR M 681 -40.88 -97.80 -6.64
CA TYR M 681 -41.80 -96.80 -7.15
C TYR M 681 -41.49 -95.50 -6.42
N SER M 682 -42.21 -94.45 -6.78
CA SER M 682 -42.04 -93.17 -6.10
C SER M 682 -43.39 -92.53 -5.85
N THR M 683 -43.42 -91.66 -4.86
CA THR M 683 -44.62 -90.91 -4.51
C THR M 683 -44.22 -89.48 -4.25
N GLY M 684 -45.19 -88.58 -4.32
CA GLY M 684 -44.87 -87.20 -4.05
C GLY M 684 -46.08 -86.32 -4.19
N GLN M 685 -45.83 -85.02 -4.16
CA GLN M 685 -46.87 -84.01 -4.29
C GLN M 685 -46.60 -83.15 -5.52
N VAL M 686 -47.67 -82.79 -6.20
CA VAL M 686 -47.60 -81.96 -7.40
C VAL M 686 -48.54 -80.77 -7.21
N SER M 687 -48.07 -79.58 -7.52
CA SER M 687 -48.85 -78.35 -7.44
C SER M 687 -48.92 -77.72 -8.82
N VAL M 688 -50.12 -77.31 -9.22
CA VAL M 688 -50.34 -76.55 -10.43
C VAL M 688 -51.12 -75.30 -10.07
N GLU M 689 -50.62 -74.14 -10.47
CA GLU M 689 -51.27 -72.87 -10.24
C GLU M 689 -51.49 -72.20 -11.58
N ILE M 690 -52.75 -71.92 -11.92
CA ILE M 690 -53.09 -71.23 -13.16
C ILE M 690 -53.75 -69.90 -12.82
N GLU M 691 -53.23 -68.83 -13.40
CA GLU M 691 -53.90 -67.54 -13.45
C GLU M 691 -54.75 -67.48 -14.71
N TRP M 692 -56.02 -67.13 -14.54
CA TRP M 692 -56.99 -66.97 -15.61
C TRP M 692 -57.47 -65.53 -15.65
N GLU M 693 -57.56 -64.97 -16.85
CA GLU M 693 -58.17 -63.68 -17.08
C GLU M 693 -59.66 -63.84 -17.33
N LEU M 694 -60.44 -62.98 -16.67
CA LEU M 694 -61.89 -62.99 -16.76
C LEU M 694 -62.36 -61.85 -17.64
N GLN M 695 -63.53 -62.05 -18.24
CA GLN M 695 -64.20 -61.03 -19.04
C GLN M 695 -65.59 -60.91 -18.45
N LYS M 696 -65.79 -59.82 -17.71
CA LYS M 696 -66.99 -59.60 -16.93
C LYS M 696 -68.18 -59.28 -17.83
N GLU M 697 -69.36 -59.67 -17.37
CA GLU M 697 -70.59 -59.26 -18.03
C GLU M 697 -70.79 -57.76 -17.87
N ASN M 698 -71.35 -57.13 -18.90
CA ASN M 698 -71.71 -55.72 -18.87
C ASN M 698 -73.15 -55.53 -19.34
N SER M 699 -74.03 -56.42 -18.93
CA SER M 699 -75.35 -56.53 -19.53
C SER M 699 -76.28 -55.46 -19.02
N LYS M 700 -77.19 -55.03 -19.90
CA LYS M 700 -78.27 -54.12 -19.55
C LYS M 700 -79.61 -54.82 -19.52
N ARG M 701 -79.60 -56.15 -19.49
CA ARG M 701 -80.82 -56.94 -19.43
C ARG M 701 -81.58 -56.66 -18.15
N TRP M 702 -82.90 -56.57 -18.25
CA TRP M 702 -83.72 -56.20 -17.11
C TRP M 702 -84.14 -57.40 -16.28
N ASN M 703 -84.68 -58.43 -16.92
CA ASN M 703 -85.14 -59.61 -16.20
C ASN M 703 -83.96 -60.43 -15.71
N PRO M 704 -84.16 -61.26 -14.69
CA PRO M 704 -83.05 -62.05 -14.16
C PRO M 704 -82.56 -63.10 -15.15
N GLU M 705 -81.28 -63.41 -15.04
CA GLU M 705 -80.62 -64.37 -15.91
C GLU M 705 -80.82 -65.80 -15.42
N VAL M 706 -80.57 -66.74 -16.32
CA VAL M 706 -80.50 -68.15 -15.94
C VAL M 706 -79.13 -68.40 -15.32
N GLN M 707 -79.12 -69.03 -14.15
CA GLN M 707 -77.91 -69.33 -13.44
C GLN M 707 -77.83 -70.83 -13.19
N TYR M 708 -76.60 -71.35 -13.07
CA TYR M 708 -76.43 -72.70 -12.59
C TYR M 708 -76.64 -72.72 -11.08
N THR M 709 -77.51 -73.59 -10.61
CA THR M 709 -77.84 -73.63 -9.20
C THR M 709 -77.90 -75.06 -8.70
N SER M 710 -77.63 -75.23 -7.42
CA SER M 710 -77.94 -76.47 -6.74
C SER M 710 -79.45 -76.60 -6.55
N ASN M 711 -79.93 -77.82 -6.58
CA ASN M 711 -81.34 -78.07 -6.32
C ASN M 711 -81.57 -78.06 -4.82
N TYR M 712 -82.56 -77.29 -4.38
CA TYR M 712 -82.97 -77.26 -2.98
C TYR M 712 -84.05 -78.33 -2.83
N ALA M 713 -83.72 -79.40 -2.11
CA ALA M 713 -84.67 -80.47 -1.86
C ALA M 713 -83.99 -81.48 -0.95
N LYS M 714 -84.78 -82.16 -0.14
CA LYS M 714 -84.24 -83.24 0.65
C LYS M 714 -83.75 -84.34 -0.28
N SER M 715 -82.46 -84.65 -0.20
CA SER M 715 -81.85 -85.68 -1.03
C SER M 715 -80.98 -86.55 -0.14
N ALA M 716 -80.82 -87.81 -0.55
CA ALA M 716 -80.01 -88.72 0.23
C ALA M 716 -78.56 -88.27 0.29
N ASN M 717 -78.08 -87.62 -0.77
CA ASN M 717 -76.71 -87.12 -0.85
C ASN M 717 -76.71 -85.67 -1.30
N VAL M 718 -75.59 -85.02 -1.12
CA VAL M 718 -75.34 -83.70 -1.66
C VAL M 718 -74.57 -83.86 -2.96
N ASP M 719 -74.91 -83.06 -3.97
CA ASP M 719 -74.25 -83.14 -5.27
C ASP M 719 -72.80 -82.68 -5.14
N PHE M 720 -71.93 -83.33 -5.92
CA PHE M 720 -70.50 -83.01 -5.94
C PHE M 720 -69.86 -83.20 -4.57
N THR M 721 -70.19 -84.31 -3.91
CA THR M 721 -69.62 -84.64 -2.62
C THR M 721 -69.20 -86.10 -2.59
N VAL M 722 -68.83 -86.59 -1.43
CA VAL M 722 -68.50 -87.99 -1.24
C VAL M 722 -69.73 -88.69 -0.69
N ASP M 723 -69.78 -90.01 -0.87
CA ASP M 723 -70.85 -90.80 -0.28
C ASP M 723 -70.36 -91.39 1.04
N ASN M 724 -71.14 -92.31 1.62
CA ASN M 724 -70.73 -92.94 2.87
C ASN M 724 -69.53 -93.86 2.69
N ASN M 725 -69.20 -94.25 1.47
CA ASN M 725 -68.02 -95.06 1.20
C ASN M 725 -66.79 -94.23 0.89
N GLY M 726 -66.92 -92.91 0.78
CA GLY M 726 -65.80 -92.06 0.50
C GLY M 726 -65.53 -91.81 -0.96
N LEU M 727 -66.48 -92.09 -1.84
CA LEU M 727 -66.28 -91.97 -3.28
C LEU M 727 -66.83 -90.64 -3.76
N TYR M 728 -65.95 -89.80 -4.29
CA TYR M 728 -66.36 -88.53 -4.87
C TYR M 728 -67.00 -88.76 -6.23
N THR M 729 -68.16 -88.16 -6.44
CA THR M 729 -68.90 -88.30 -7.68
C THR M 729 -69.36 -86.93 -8.17
N GLU M 730 -69.46 -86.79 -9.48
CA GLU M 730 -70.01 -85.59 -10.11
C GLU M 730 -71.32 -85.96 -10.79
N PRO M 731 -72.46 -85.49 -10.27
CA PRO M 731 -73.76 -85.94 -10.80
C PRO M 731 -74.04 -85.60 -12.25
N ARG M 732 -73.54 -84.47 -12.73
CA ARG M 732 -73.89 -84.00 -14.05
C ARG M 732 -72.73 -83.21 -14.62
N PRO M 733 -72.64 -83.08 -15.95
CA PRO M 733 -71.66 -82.16 -16.54
C PRO M 733 -72.21 -80.74 -16.55
N ILE M 734 -71.37 -79.79 -16.15
CA ILE M 734 -71.75 -78.38 -16.10
C ILE M 734 -71.02 -77.64 -17.20
N GLY M 735 -71.78 -76.96 -18.06
CA GLY M 735 -71.21 -76.11 -19.07
C GLY M 735 -70.93 -74.72 -18.54
N THR M 736 -70.81 -73.77 -19.47
CA THR M 736 -70.47 -72.40 -19.13
C THR M 736 -71.52 -71.38 -19.53
N ARG M 737 -72.38 -71.71 -20.49
CA ARG M 737 -73.23 -70.71 -21.14
C ARG M 737 -74.51 -70.53 -20.34
N TYR M 738 -74.50 -69.63 -19.37
CA TYR M 738 -75.69 -69.34 -18.57
C TYR M 738 -76.10 -67.89 -18.72
N LEU M 739 -75.16 -66.97 -18.59
CA LEU M 739 -75.42 -65.57 -18.89
C LEU M 739 -75.71 -65.43 -20.38
N THR M 740 -76.34 -64.33 -20.76
CA THR M 740 -76.66 -64.08 -22.16
C THR M 740 -76.14 -62.73 -22.58
N ARG M 741 -76.05 -62.56 -23.90
CA ARG M 741 -75.72 -61.27 -24.49
C ARG M 741 -76.39 -61.19 -25.84
N PRO M 742 -76.66 -59.98 -26.33
CA PRO M 742 -77.32 -59.85 -27.64
C PRO M 742 -76.39 -60.26 -28.78
N LEU M 743 -76.99 -60.82 -29.81
CA LEU M 743 -76.23 -61.37 -30.93
C LEU M 743 -75.64 -60.27 -31.81
N ASP N 219 -22.69 -83.89 -0.83
CA ASP N 219 -23.62 -82.82 -0.54
C ASP N 219 -24.83 -83.32 0.25
N GLY N 220 -24.81 -84.60 0.62
CA GLY N 220 -25.84 -85.16 1.48
C GLY N 220 -26.44 -86.42 0.89
N VAL N 221 -27.14 -87.14 1.76
CA VAL N 221 -27.82 -88.36 1.36
C VAL N 221 -29.03 -88.05 0.47
N GLY N 222 -29.80 -87.01 0.81
CA GLY N 222 -31.04 -86.75 0.13
C GLY N 222 -30.97 -85.69 -0.95
N ASN N 223 -29.76 -85.38 -1.42
CA ASN N 223 -29.55 -84.37 -2.44
C ASN N 223 -28.79 -85.01 -3.59
N ALA N 224 -29.34 -84.89 -4.80
CA ALA N 224 -28.69 -85.44 -5.97
C ALA N 224 -27.45 -84.63 -6.33
N SER N 225 -26.38 -85.33 -6.70
CA SER N 225 -25.11 -84.67 -7.01
C SER N 225 -24.93 -84.41 -8.50
N GLY N 226 -25.93 -84.68 -9.32
CA GLY N 226 -25.83 -84.34 -10.73
C GLY N 226 -27.16 -84.58 -11.41
N ASN N 227 -27.24 -84.08 -12.64
CA ASN N 227 -28.43 -84.20 -13.46
C ASN N 227 -28.13 -85.01 -14.70
N TRP N 228 -29.19 -85.44 -15.37
CA TRP N 228 -29.07 -86.20 -16.60
C TRP N 228 -28.81 -85.24 -17.75
N HIS N 229 -27.63 -85.31 -18.33
CA HIS N 229 -27.23 -84.46 -19.45
C HIS N 229 -26.95 -85.34 -20.65
N CYS N 230 -27.97 -85.56 -21.47
CA CYS N 230 -27.83 -86.33 -22.70
C CYS N 230 -28.42 -85.51 -23.83
N ASP N 231 -27.58 -84.99 -24.70
CA ASP N 231 -27.99 -83.99 -25.66
C ASP N 231 -26.97 -83.95 -26.79
N SER N 232 -27.24 -83.12 -27.79
CA SER N 232 -26.30 -82.87 -28.87
C SER N 232 -26.59 -81.48 -29.42
N THR N 233 -25.61 -80.59 -29.34
CA THR N 233 -25.77 -79.21 -29.78
C THR N 233 -24.88 -78.98 -30.99
N TRP N 234 -25.46 -78.48 -32.07
CA TRP N 234 -24.74 -78.24 -33.31
C TRP N 234 -24.54 -76.73 -33.46
N LEU N 235 -23.30 -76.30 -33.36
CA LEU N 235 -22.94 -74.92 -33.64
C LEU N 235 -22.47 -74.85 -35.09
N GLY N 236 -21.90 -73.72 -35.49
CA GLY N 236 -21.48 -73.59 -36.88
C GLY N 236 -20.41 -74.58 -37.28
N ASP N 237 -19.33 -74.64 -36.51
CA ASP N 237 -18.21 -75.52 -36.83
C ASP N 237 -17.90 -76.51 -35.72
N ARG N 238 -18.69 -76.54 -34.65
CA ARG N 238 -18.51 -77.48 -33.57
C ARG N 238 -19.79 -78.28 -33.39
N VAL N 239 -19.65 -79.46 -32.82
CA VAL N 239 -20.78 -80.20 -32.29
C VAL N 239 -20.40 -80.70 -30.91
N ILE N 240 -21.27 -80.49 -29.93
CA ILE N 240 -21.03 -80.95 -28.57
C ILE N 240 -22.02 -82.06 -28.27
N THR N 241 -21.49 -83.25 -27.99
CA THR N 241 -22.30 -84.42 -27.68
C THR N 241 -22.17 -84.73 -26.20
N THR N 242 -23.29 -84.85 -25.50
CA THR N 242 -23.33 -85.23 -24.10
C THR N 242 -24.09 -86.54 -23.96
N SER N 243 -23.57 -87.43 -23.12
CA SER N 243 -24.17 -88.74 -22.91
C SER N 243 -24.12 -89.08 -21.43
N THR N 244 -25.28 -89.40 -20.86
CA THR N 244 -25.38 -89.91 -19.50
C THR N 244 -25.85 -91.35 -19.55
N ARG N 245 -25.24 -92.20 -18.73
CA ARG N 245 -25.60 -93.60 -18.63
C ARG N 245 -25.62 -94.01 -17.17
N THR N 246 -26.34 -95.09 -16.88
CA THR N 246 -26.38 -95.68 -15.56
C THR N 246 -25.48 -96.91 -15.54
N TRP N 247 -24.56 -96.94 -14.59
CA TRP N 247 -23.58 -98.01 -14.48
C TRP N 247 -23.76 -98.77 -13.17
N ALA N 248 -23.38 -100.04 -13.21
CA ALA N 248 -23.27 -100.91 -12.05
C ALA N 248 -21.85 -101.46 -11.97
N LEU N 249 -21.23 -101.31 -10.82
CA LEU N 249 -19.88 -101.77 -10.57
C LEU N 249 -19.90 -102.83 -9.48
N PRO N 250 -19.52 -104.06 -9.77
CA PRO N 250 -19.45 -105.08 -8.72
C PRO N 250 -18.11 -105.08 -8.00
N THR N 251 -17.93 -106.03 -7.09
CA THR N 251 -16.62 -106.29 -6.50
C THR N 251 -15.93 -107.35 -7.35
N TYR N 252 -14.73 -107.05 -7.81
CA TYR N 252 -13.97 -107.94 -8.67
C TYR N 252 -12.88 -108.61 -7.87
N ASN N 253 -12.74 -109.93 -8.04
CA ASN N 253 -11.66 -110.74 -7.48
C ASN N 253 -11.71 -110.84 -5.95
N ASN N 254 -12.82 -110.46 -5.33
CA ASN N 254 -12.90 -110.33 -3.88
C ASN N 254 -11.83 -109.36 -3.36
N HIS N 255 -11.68 -108.24 -4.05
CA HIS N 255 -10.75 -107.17 -3.67
C HIS N 255 -9.29 -107.62 -3.74
N LEU N 256 -9.02 -108.60 -4.60
CA LEU N 256 -7.68 -109.17 -4.68
C LEU N 256 -7.04 -108.86 -6.02
N TYR N 257 -5.71 -108.73 -6.00
CA TYR N 257 -4.90 -108.71 -7.21
C TYR N 257 -4.47 -110.13 -7.49
N LYS N 258 -4.75 -110.62 -8.68
CA LYS N 258 -4.42 -111.99 -9.03
C LYS N 258 -3.50 -112.01 -10.24
N GLN N 259 -2.54 -112.94 -10.21
CA GLN N 259 -1.64 -113.14 -11.33
C GLN N 259 -2.25 -114.15 -12.28
N ILE N 260 -2.38 -113.78 -13.55
CA ILE N 260 -3.01 -114.62 -14.56
C ILE N 260 -1.99 -114.94 -15.63
N SER N 261 -2.08 -116.15 -16.17
CA SER N 261 -1.21 -116.57 -17.26
C SER N 261 -1.94 -117.67 -18.04
N SER N 262 -1.22 -118.27 -18.99
CA SER N 262 -1.78 -119.31 -19.84
C SER N 262 -1.33 -120.70 -19.43
N ALA N 263 -0.65 -120.83 -18.28
CA ALA N 263 -0.09 -122.11 -17.88
C ALA N 263 -1.18 -123.15 -17.64
N SER N 264 -2.25 -122.77 -16.94
CA SER N 264 -3.36 -123.70 -16.74
C SER N 264 -4.18 -123.85 -18.01
N THR N 265 -4.25 -122.81 -18.84
CA THR N 265 -5.01 -122.90 -20.08
C THR N 265 -4.41 -123.93 -21.02
N GLY N 266 -3.09 -124.05 -21.05
CA GLY N 266 -2.45 -124.96 -21.99
C GLY N 266 -2.60 -124.53 -23.44
N ALA N 267 -2.39 -123.25 -23.71
CA ALA N 267 -2.59 -122.70 -25.04
C ALA N 267 -1.38 -122.99 -25.93
N SER N 268 -1.48 -122.60 -27.18
CA SER N 268 -0.36 -122.71 -28.11
C SER N 268 0.66 -121.62 -27.80
N ASN N 269 1.84 -121.75 -28.42
CA ASN N 269 2.91 -120.79 -28.18
C ASN N 269 2.51 -119.38 -28.60
N ASP N 270 1.62 -119.26 -29.59
CA ASP N 270 1.18 -117.96 -30.05
C ASP N 270 0.22 -117.28 -29.09
N ASN N 271 -0.44 -118.04 -28.22
CA ASN N 271 -1.47 -117.51 -27.34
C ASN N 271 -1.02 -117.42 -25.89
N HIS N 272 0.27 -117.62 -25.63
CA HIS N 272 0.79 -117.54 -24.27
C HIS N 272 0.75 -116.10 -23.78
N TYR N 273 0.49 -115.93 -22.48
CA TYR N 273 0.48 -114.60 -21.90
C TYR N 273 0.77 -114.67 -20.41
N PHE N 274 1.14 -113.53 -19.85
CA PHE N 274 1.35 -113.36 -18.43
C PHE N 274 0.88 -111.96 -18.06
N GLY N 275 0.13 -111.85 -16.99
CA GLY N 275 -0.37 -110.55 -16.59
C GLY N 275 -1.01 -110.57 -15.24
N TYR N 276 -1.81 -109.55 -14.99
CA TYR N 276 -2.45 -109.37 -13.70
C TYR N 276 -3.90 -108.93 -13.86
N SER N 277 -4.73 -109.40 -12.96
CA SER N 277 -6.14 -109.02 -12.85
C SER N 277 -6.30 -108.17 -11.61
N THR N 278 -6.82 -106.96 -11.75
CA THR N 278 -6.97 -106.12 -10.58
C THR N 278 -8.41 -106.13 -10.11
N PRO N 279 -8.68 -105.72 -8.86
CA PRO N 279 -10.06 -105.56 -8.40
C PRO N 279 -10.76 -104.31 -8.91
N TRP N 280 -10.11 -103.53 -9.76
CA TRP N 280 -10.66 -102.29 -10.27
C TRP N 280 -11.44 -102.52 -11.56
N GLY N 281 -12.42 -101.66 -11.81
CA GLY N 281 -13.03 -101.53 -13.10
C GLY N 281 -12.61 -100.21 -13.72
N TYR N 282 -12.92 -100.06 -15.00
CA TYR N 282 -12.57 -98.83 -15.70
C TYR N 282 -13.76 -98.36 -16.53
N PHE N 283 -13.75 -97.08 -16.82
CA PHE N 283 -14.79 -96.46 -17.64
C PHE N 283 -14.29 -96.33 -19.07
N ASP N 284 -15.12 -96.80 -20.01
CA ASP N 284 -14.78 -96.80 -21.42
C ASP N 284 -15.87 -96.10 -22.21
N PHE N 285 -15.48 -95.10 -22.99
CA PHE N 285 -16.40 -94.45 -23.91
C PHE N 285 -15.69 -94.24 -25.25
N ASN N 286 -14.97 -95.27 -25.69
CA ASN N 286 -14.16 -95.21 -26.89
C ASN N 286 -14.86 -95.83 -28.10
N ARG N 287 -16.16 -95.62 -28.23
CA ARG N 287 -16.90 -95.94 -29.43
C ARG N 287 -17.74 -94.74 -29.83
N PHE N 288 -18.00 -94.61 -31.12
CA PHE N 288 -18.68 -93.41 -31.60
C PHE N 288 -20.14 -93.37 -31.20
N HIS N 289 -20.77 -94.54 -31.04
CA HIS N 289 -22.18 -94.56 -30.67
C HIS N 289 -22.40 -94.33 -29.18
N CYS N 290 -21.34 -94.26 -28.37
CA CYS N 290 -21.48 -93.78 -27.00
C CYS N 290 -21.79 -92.29 -26.97
N HIS N 291 -21.57 -91.59 -28.07
CA HIS N 291 -21.72 -90.15 -28.13
C HIS N 291 -22.68 -89.66 -29.19
N PHE N 292 -22.80 -90.36 -30.31
CA PHE N 292 -23.67 -89.95 -31.41
C PHE N 292 -24.87 -90.87 -31.49
N SER N 293 -26.06 -90.31 -31.56
CA SER N 293 -27.20 -91.07 -32.00
C SER N 293 -27.06 -91.34 -33.49
N PRO N 294 -27.76 -92.34 -34.02
CA PRO N 294 -27.70 -92.55 -35.48
C PRO N 294 -28.13 -91.34 -36.29
N ARG N 295 -29.11 -90.58 -35.82
CA ARG N 295 -29.49 -89.34 -36.49
C ARG N 295 -28.36 -88.32 -36.48
N ASP N 296 -27.68 -88.17 -35.34
CA ASP N 296 -26.56 -87.25 -35.26
C ASP N 296 -25.40 -87.70 -36.14
N TRP N 297 -25.15 -89.01 -36.19
CA TRP N 297 -24.12 -89.53 -37.07
C TRP N 297 -24.43 -89.25 -38.53
N GLN N 298 -25.69 -89.46 -38.93
CA GLN N 298 -26.09 -89.16 -40.30
C GLN N 298 -25.94 -87.66 -40.60
N ARG N 299 -26.35 -86.82 -39.66
CA ARG N 299 -26.19 -85.39 -39.82
C ARG N 299 -24.73 -84.99 -39.98
N LEU N 300 -23.84 -85.63 -39.24
CA LEU N 300 -22.42 -85.34 -39.36
C LEU N 300 -21.86 -85.79 -40.70
N ILE N 301 -22.13 -87.05 -41.07
CA ILE N 301 -21.47 -87.63 -42.24
C ILE N 301 -22.07 -87.16 -43.55
N ASN N 302 -23.30 -86.68 -43.56
CA ASN N 302 -23.90 -86.19 -44.79
C ASN N 302 -23.54 -84.75 -45.09
N ASN N 303 -22.92 -84.05 -44.15
CA ASN N 303 -22.71 -82.62 -44.28
C ASN N 303 -21.30 -82.17 -44.05
N ASN N 304 -20.43 -82.98 -43.48
CA ASN N 304 -19.10 -82.54 -43.12
C ASN N 304 -18.05 -83.30 -43.90
N TRP N 305 -17.02 -82.58 -44.34
CA TRP N 305 -15.87 -83.20 -44.99
C TRP N 305 -14.90 -83.81 -43.99
N GLY N 306 -14.93 -83.38 -42.74
CA GLY N 306 -14.05 -83.99 -41.76
C GLY N 306 -14.45 -83.62 -40.36
N PHE N 307 -13.88 -84.34 -39.40
CA PHE N 307 -14.17 -83.99 -38.02
C PHE N 307 -13.07 -84.50 -37.11
N ARG N 308 -12.99 -83.94 -35.91
CA ARG N 308 -12.00 -84.38 -34.94
C ARG N 308 -12.46 -83.95 -33.55
N PRO N 309 -11.96 -84.59 -32.49
CA PRO N 309 -12.33 -84.17 -31.13
C PRO N 309 -11.43 -83.08 -30.57
N LYS N 310 -12.06 -82.12 -29.91
CA LYS N 310 -11.43 -80.97 -29.28
C LYS N 310 -11.30 -81.13 -27.78
N ARG N 311 -12.39 -81.42 -27.07
CA ARG N 311 -12.25 -81.49 -25.62
C ARG N 311 -13.32 -82.41 -25.04
N LEU N 312 -13.13 -82.80 -23.79
CA LEU N 312 -14.12 -83.63 -23.11
C LEU N 312 -14.19 -83.31 -21.64
N ASN N 313 -15.39 -83.53 -21.08
CA ASN N 313 -15.68 -83.47 -19.67
C ASN N 313 -16.27 -84.80 -19.24
N PHE N 314 -15.83 -85.28 -18.08
CA PHE N 314 -16.28 -86.53 -17.51
C PHE N 314 -16.81 -86.24 -16.12
N LYS N 315 -17.99 -86.76 -15.82
CA LYS N 315 -18.59 -86.59 -14.50
C LYS N 315 -19.13 -87.93 -14.02
N LEU N 316 -19.00 -88.16 -12.73
CA LEU N 316 -19.48 -89.36 -12.04
C LEU N 316 -20.30 -88.90 -10.86
N PHE N 317 -21.58 -89.27 -10.82
CA PHE N 317 -22.47 -88.67 -9.84
C PHE N 317 -23.55 -89.66 -9.44
N ASN N 318 -24.22 -89.35 -8.34
CA ASN N 318 -25.33 -90.13 -7.79
C ASN N 318 -24.88 -91.54 -7.44
N ILE N 319 -23.86 -91.62 -6.60
CA ILE N 319 -23.30 -92.90 -6.19
C ILE N 319 -24.22 -93.55 -5.16
N GLN N 320 -24.50 -94.83 -5.35
CA GLN N 320 -25.25 -95.61 -4.38
C GLN N 320 -24.53 -96.92 -4.17
N VAL N 321 -24.06 -97.16 -2.95
CA VAL N 321 -23.46 -98.43 -2.58
C VAL N 321 -24.54 -99.31 -1.96
N LYS N 322 -24.64 -100.54 -2.44
CA LYS N 322 -25.65 -101.48 -1.99
C LYS N 322 -24.97 -102.70 -1.39
N GLU N 323 -25.42 -103.06 -0.19
CA GLU N 323 -25.01 -104.27 0.50
C GLU N 323 -25.93 -105.43 0.15
N VAL N 324 -25.36 -106.60 -0.10
CA VAL N 324 -26.09 -107.79 -0.52
C VAL N 324 -25.84 -108.91 0.47
N THR N 325 -26.92 -109.53 0.95
CA THR N 325 -26.84 -110.71 1.81
C THR N 325 -27.74 -111.80 1.24
N THR N 326 -27.19 -112.98 1.00
CA THR N 326 -27.98 -114.12 0.54
C THR N 326 -28.06 -115.13 1.68
N ASN N 327 -29.27 -115.38 2.17
CA ASN N 327 -29.54 -116.35 3.22
C ASN N 327 -30.65 -117.29 2.78
N ASP N 328 -30.40 -118.59 2.92
CA ASP N 328 -31.39 -119.62 2.59
C ASP N 328 -31.89 -119.49 1.16
N GLY N 329 -31.07 -118.91 0.29
CA GLY N 329 -31.41 -118.75 -1.10
C GLY N 329 -32.07 -117.43 -1.45
N VAL N 330 -32.52 -116.66 -0.46
CA VAL N 330 -33.17 -115.38 -0.73
C VAL N 330 -32.18 -114.26 -0.49
N THR N 331 -32.24 -113.24 -1.35
CA THR N 331 -31.26 -112.17 -1.40
C THR N 331 -31.87 -110.87 -0.92
N THR N 332 -31.21 -110.23 0.03
CA THR N 332 -31.58 -108.93 0.54
C THR N 332 -30.57 -107.89 0.08
N ILE N 333 -31.05 -106.78 -0.43
CA ILE N 333 -30.20 -105.66 -0.83
C ILE N 333 -30.60 -104.46 0.01
N ALA N 334 -29.62 -103.81 0.62
CA ALA N 334 -29.84 -102.63 1.42
C ALA N 334 -28.89 -101.53 0.98
N ASN N 335 -29.17 -100.31 1.41
CA ASN N 335 -28.26 -99.21 1.15
C ASN N 335 -27.18 -99.17 2.20
N ASN N 336 -25.95 -98.94 1.77
CA ASN N 336 -24.82 -98.73 2.66
C ASN N 336 -24.42 -97.27 2.53
N LEU N 337 -24.91 -96.44 3.45
CA LEU N 337 -24.76 -95.00 3.30
C LEU N 337 -23.36 -94.51 3.60
N THR N 338 -22.53 -95.30 4.26
CA THR N 338 -21.21 -94.86 4.66
C THR N 338 -20.08 -95.51 3.86
N SER N 339 -20.40 -96.26 2.82
CA SER N 339 -19.38 -96.88 2.00
C SER N 339 -18.93 -95.95 0.88
N THR N 340 -17.73 -96.21 0.36
CA THR N 340 -17.12 -95.36 -0.64
C THR N 340 -16.75 -96.13 -1.89
N VAL N 341 -16.67 -95.41 -3.00
CA VAL N 341 -16.02 -95.87 -4.21
C VAL N 341 -14.79 -95.01 -4.43
N GLN N 342 -13.67 -95.66 -4.74
CA GLN N 342 -12.44 -94.95 -5.09
C GLN N 342 -12.40 -94.77 -6.60
N VAL N 343 -12.14 -93.53 -7.04
CA VAL N 343 -12.05 -93.19 -8.44
C VAL N 343 -10.76 -92.41 -8.65
N PHE N 344 -10.02 -92.75 -9.71
CA PHE N 344 -8.92 -91.89 -10.10
C PHE N 344 -8.73 -91.94 -11.61
N SER N 345 -8.16 -90.87 -12.13
CA SER N 345 -7.83 -90.75 -13.55
C SER N 345 -6.32 -90.90 -13.70
N ASP N 346 -5.90 -91.74 -14.64
CA ASP N 346 -4.48 -91.98 -14.86
C ASP N 346 -3.95 -90.96 -15.86
N SER N 347 -3.83 -89.72 -15.40
CA SER N 347 -3.54 -88.59 -16.26
C SER N 347 -2.09 -88.56 -16.74
N GLU N 348 -1.18 -89.25 -16.07
CA GLU N 348 0.21 -89.29 -16.46
C GLU N 348 0.58 -90.56 -17.22
N TYR N 349 -0.41 -91.39 -17.55
CA TYR N 349 -0.20 -92.59 -18.35
C TYR N 349 0.87 -93.49 -17.75
N GLN N 350 0.79 -93.68 -16.45
CA GLN N 350 1.72 -94.52 -15.72
C GLN N 350 1.27 -95.98 -15.66
N LEU N 351 0.09 -96.28 -16.12
CA LEU N 351 -0.49 -97.61 -16.15
C LEU N 351 -0.52 -98.13 -17.57
N PRO N 352 -0.57 -99.45 -17.74
CA PRO N 352 -0.81 -100.00 -19.08
C PRO N 352 -2.15 -99.53 -19.62
N TYR N 353 -2.15 -99.08 -20.86
CA TYR N 353 -3.35 -98.54 -21.50
C TYR N 353 -4.08 -99.68 -22.19
N VAL N 354 -5.17 -100.14 -21.59
CA VAL N 354 -5.94 -101.24 -22.19
C VAL N 354 -7.09 -100.73 -23.04
N LEU N 355 -7.37 -99.44 -23.00
CA LEU N 355 -8.30 -98.87 -23.97
C LEU N 355 -7.64 -98.87 -25.34
N GLY N 356 -8.45 -98.75 -26.37
CA GLY N 356 -7.90 -98.79 -27.71
C GLY N 356 -7.60 -100.18 -28.22
N SER N 357 -8.09 -101.22 -27.56
CA SER N 357 -8.01 -102.58 -28.05
C SER N 357 -9.37 -103.12 -28.47
N ALA N 358 -10.37 -102.25 -28.57
CA ALA N 358 -11.72 -102.60 -29.03
C ALA N 358 -12.39 -103.63 -28.13
N HIS N 359 -12.43 -103.33 -26.84
CA HIS N 359 -13.01 -104.24 -25.86
C HIS N 359 -14.46 -103.86 -25.56
N GLN N 360 -15.19 -104.85 -25.08
CA GLN N 360 -16.54 -104.62 -24.58
C GLN N 360 -16.49 -103.85 -23.27
N GLY N 361 -17.63 -103.27 -22.89
CA GLY N 361 -17.71 -102.54 -21.65
C GLY N 361 -17.84 -101.04 -21.80
N CYS N 362 -17.96 -100.56 -23.03
CA CYS N 362 -18.20 -99.15 -23.26
C CYS N 362 -19.61 -98.76 -22.80
N LEU N 363 -19.88 -97.47 -22.79
CA LEU N 363 -21.25 -97.02 -22.59
C LEU N 363 -22.12 -97.57 -23.71
N PRO N 364 -23.31 -98.07 -23.39
CA PRO N 364 -24.18 -98.64 -24.43
C PRO N 364 -24.63 -97.56 -25.41
N PRO N 365 -24.92 -97.94 -26.65
CA PRO N 365 -25.39 -96.93 -27.62
C PRO N 365 -26.72 -96.30 -27.22
N PHE N 366 -27.62 -97.06 -26.65
CA PHE N 366 -28.93 -96.55 -26.27
C PHE N 366 -28.88 -95.93 -24.88
N PRO N 367 -29.29 -94.67 -24.72
CA PRO N 367 -29.17 -94.01 -23.41
C PRO N 367 -29.99 -94.63 -22.30
N ALA N 368 -30.97 -95.47 -22.62
CA ALA N 368 -31.78 -96.10 -21.60
C ALA N 368 -31.14 -97.35 -21.02
N ASP N 369 -30.03 -97.82 -21.58
CA ASP N 369 -29.44 -99.07 -21.16
C ASP N 369 -28.51 -98.87 -19.95
N VAL N 370 -28.57 -99.82 -19.04
CA VAL N 370 -27.74 -99.83 -17.84
C VAL N 370 -26.61 -100.81 -18.07
N PHE N 371 -25.37 -100.38 -17.83
CA PHE N 371 -24.22 -101.18 -18.19
C PHE N 371 -23.36 -101.51 -17.00
N MET N 372 -22.77 -102.70 -17.05
CA MET N 372 -21.83 -103.17 -16.04
C MET N 372 -20.43 -102.67 -16.38
N ILE N 373 -19.69 -102.28 -15.36
CA ILE N 373 -18.35 -101.73 -15.58
C ILE N 373 -17.35 -102.88 -15.73
N PRO N 374 -16.53 -102.87 -16.78
CA PRO N 374 -15.59 -103.97 -17.01
C PRO N 374 -14.42 -103.96 -16.05
N GLN N 375 -13.87 -105.14 -15.79
CA GLN N 375 -12.76 -105.28 -14.88
C GLN N 375 -11.45 -104.86 -15.53
N TYR N 376 -10.56 -104.27 -14.75
CA TYR N 376 -9.26 -103.87 -15.24
C TYR N 376 -8.25 -104.99 -15.07
N GLY N 377 -7.48 -105.23 -16.12
CA GLY N 377 -6.38 -106.17 -16.07
C GLY N 377 -5.42 -105.80 -17.16
N TYR N 378 -4.19 -106.24 -17.02
CA TYR N 378 -3.18 -105.91 -18.00
C TYR N 378 -2.27 -107.12 -18.20
N LEU N 379 -1.50 -107.06 -19.28
CA LEU N 379 -0.50 -108.06 -19.59
C LEU N 379 0.87 -107.40 -19.51
N THR N 380 1.87 -108.21 -19.18
CA THR N 380 3.24 -107.74 -19.10
C THR N 380 4.11 -108.68 -19.91
N LEU N 381 5.42 -108.42 -19.92
CA LEU N 381 6.35 -109.24 -20.67
C LEU N 381 6.27 -110.69 -20.22
N ASN N 382 6.21 -111.60 -21.17
CA ASN N 382 6.12 -113.01 -20.88
C ASN N 382 7.07 -113.81 -21.75
N ASN N 383 7.58 -114.89 -21.19
CA ASN N 383 8.41 -115.87 -21.88
C ASN N 383 7.64 -117.19 -21.84
N GLY N 384 6.74 -117.36 -22.79
CA GLY N 384 5.79 -118.45 -22.69
C GLY N 384 4.72 -118.08 -21.70
N SER N 385 4.43 -118.96 -20.76
CA SER N 385 3.50 -118.65 -19.69
C SER N 385 4.21 -118.06 -18.47
N GLN N 386 5.52 -117.84 -18.55
CA GLN N 386 6.30 -117.32 -17.45
C GLN N 386 6.55 -115.83 -17.62
N ALA N 387 7.05 -115.22 -16.56
CA ALA N 387 7.42 -113.82 -16.56
C ALA N 387 8.92 -113.67 -16.79
N VAL N 388 9.39 -112.43 -16.83
CA VAL N 388 10.80 -112.13 -16.91
C VAL N 388 11.12 -111.12 -15.81
N GLY N 389 12.39 -110.71 -15.76
CA GLY N 389 12.79 -109.72 -14.77
C GLY N 389 12.17 -108.36 -15.01
N ARG N 390 11.99 -108.00 -16.27
CA ARG N 390 11.45 -106.70 -16.65
C ARG N 390 9.94 -106.70 -16.71
N SER N 391 9.29 -107.81 -16.37
CA SER N 391 7.85 -107.82 -16.23
C SER N 391 7.44 -106.91 -15.08
N SER N 392 6.47 -106.04 -15.34
CA SER N 392 6.06 -105.05 -14.36
C SER N 392 4.80 -105.50 -13.63
N PHE N 393 4.66 -105.01 -12.42
CA PHE N 393 3.46 -105.18 -11.63
C PHE N 393 3.04 -103.80 -11.15
N TYR N 394 1.75 -103.53 -11.21
CA TYR N 394 1.20 -102.23 -10.83
C TYR N 394 0.12 -102.45 -9.78
N CYS N 395 0.35 -101.92 -8.59
CA CYS N 395 -0.72 -101.78 -7.61
C CYS N 395 -1.46 -100.49 -7.92
N LEU N 396 -2.76 -100.58 -8.16
CA LEU N 396 -3.54 -99.38 -8.44
C LEU N 396 -3.93 -98.64 -7.17
N GLU N 397 -3.79 -99.27 -6.01
CA GLU N 397 -3.92 -98.56 -4.75
C GLU N 397 -2.73 -97.68 -4.44
N TYR N 398 -1.66 -97.82 -5.21
CA TYR N 398 -0.48 -96.97 -5.11
C TYR N 398 -0.65 -95.64 -5.83
N PHE N 399 -1.88 -95.26 -6.12
CA PHE N 399 -2.24 -93.99 -6.73
C PHE N 399 -3.09 -93.18 -5.77
N PRO N 400 -3.06 -91.85 -5.86
CA PRO N 400 -4.05 -91.05 -5.15
C PRO N 400 -5.43 -91.20 -5.78
N SER N 401 -6.39 -91.60 -4.97
CA SER N 401 -7.77 -91.80 -5.41
C SER N 401 -8.67 -90.83 -4.66
N GLN N 402 -9.75 -90.43 -5.30
CA GLN N 402 -10.81 -89.71 -4.62
C GLN N 402 -11.82 -90.73 -4.11
N MET N 403 -12.13 -90.65 -2.82
CA MET N 403 -13.11 -91.52 -2.19
C MET N 403 -14.46 -90.81 -2.18
N LEU N 404 -15.48 -91.47 -2.73
CA LEU N 404 -16.79 -90.89 -2.93
C LEU N 404 -17.80 -91.65 -2.10
N ARG N 405 -18.46 -90.95 -1.19
CA ARG N 405 -19.65 -91.48 -0.53
C ARG N 405 -20.87 -91.10 -1.37
N THR N 406 -22.07 -91.38 -0.86
CA THR N 406 -23.25 -91.25 -1.69
C THR N 406 -23.58 -89.80 -2.03
N GLY N 407 -22.97 -88.83 -1.37
CA GLY N 407 -23.25 -87.43 -1.67
C GLY N 407 -22.19 -86.75 -2.50
N ASN N 408 -21.14 -87.47 -2.88
CA ASN N 408 -20.01 -86.92 -3.59
C ASN N 408 -20.10 -87.19 -5.08
N ASN N 409 -19.41 -86.37 -5.87
CA ASN N 409 -19.27 -86.58 -7.29
C ASN N 409 -17.82 -86.40 -7.69
N PHE N 410 -17.53 -86.74 -8.93
CA PHE N 410 -16.17 -86.74 -9.48
C PHE N 410 -16.22 -86.05 -10.84
N THR N 411 -15.33 -85.10 -11.07
CA THR N 411 -15.27 -84.42 -12.35
C THR N 411 -13.85 -84.46 -12.90
N PHE N 412 -13.73 -84.37 -14.22
CA PHE N 412 -12.42 -84.43 -14.85
C PHE N 412 -12.53 -83.85 -16.25
N SER N 413 -11.63 -82.92 -16.58
CA SER N 413 -11.61 -82.32 -17.90
C SER N 413 -10.35 -82.74 -18.66
N TYR N 414 -10.47 -82.79 -19.99
CA TYR N 414 -9.35 -83.20 -20.81
C TYR N 414 -9.42 -82.46 -22.14
N THR N 415 -8.26 -82.06 -22.64
CA THR N 415 -8.16 -81.42 -23.95
C THR N 415 -7.39 -82.33 -24.90
N PHE N 416 -7.96 -82.55 -26.07
CA PHE N 416 -7.28 -83.34 -27.09
C PHE N 416 -6.15 -82.54 -27.71
N GLU N 417 -5.09 -83.24 -28.07
CA GLU N 417 -4.03 -82.65 -28.87
C GLU N 417 -4.53 -82.37 -30.28
N GLU N 418 -3.79 -81.53 -31.00
CA GLU N 418 -4.16 -81.19 -32.37
C GLU N 418 -3.91 -82.40 -33.25
N VAL N 419 -4.96 -83.16 -33.51
CA VAL N 419 -4.92 -84.35 -34.35
C VAL N 419 -5.49 -83.94 -35.71
N PRO N 420 -5.09 -84.57 -36.80
CA PRO N 420 -5.72 -84.25 -38.10
C PRO N 420 -7.19 -84.66 -38.13
N PHE N 421 -7.95 -83.91 -38.92
CA PHE N 421 -9.35 -84.26 -39.15
C PHE N 421 -9.45 -85.64 -39.77
N HIS N 422 -10.38 -86.44 -39.28
CA HIS N 422 -10.77 -87.63 -40.03
C HIS N 422 -11.55 -87.21 -41.25
N SER N 423 -11.31 -87.93 -42.35
CA SER N 423 -11.84 -87.64 -43.67
C SER N 423 -13.21 -88.29 -43.83
N SER N 424 -14.27 -87.49 -43.78
CA SER N 424 -15.62 -87.97 -44.02
C SER N 424 -15.99 -87.88 -45.49
N TYR N 425 -15.02 -87.99 -46.38
CA TYR N 425 -15.26 -87.86 -47.82
C TYR N 425 -14.63 -89.03 -48.55
N ALA N 426 -15.17 -89.30 -49.73
CA ALA N 426 -14.54 -90.08 -50.77
C ALA N 426 -13.94 -89.15 -51.80
N HIS N 427 -13.14 -89.71 -52.69
CA HIS N 427 -12.54 -88.95 -53.78
C HIS N 427 -13.34 -89.14 -55.06
N SER N 428 -13.59 -88.04 -55.75
CA SER N 428 -14.30 -88.08 -57.03
C SER N 428 -13.41 -88.48 -58.19
N GLN N 429 -12.10 -88.53 -57.98
CA GLN N 429 -11.16 -88.93 -59.01
C GLN N 429 -10.33 -90.09 -58.50
N SER N 430 -9.84 -90.89 -59.43
CA SER N 430 -8.90 -91.95 -59.13
C SER N 430 -7.48 -91.44 -59.35
N LEU N 431 -6.53 -92.06 -58.65
CA LEU N 431 -5.15 -91.58 -58.69
C LEU N 431 -4.51 -91.77 -60.06
N ASP N 432 -4.92 -92.80 -60.79
CA ASP N 432 -4.41 -93.04 -62.14
C ASP N 432 -5.24 -92.35 -63.21
N ARG N 433 -6.10 -91.42 -62.82
CA ARG N 433 -6.98 -90.72 -63.75
C ARG N 433 -7.00 -89.23 -63.42
N LEU N 434 -5.83 -88.65 -63.17
CA LEU N 434 -5.72 -87.26 -62.76
C LEU N 434 -5.36 -86.34 -63.91
N MET N 435 -5.36 -86.84 -65.13
CA MET N 435 -4.91 -86.10 -66.29
C MET N 435 -6.06 -85.41 -67.00
N ASN N 436 -5.72 -84.48 -67.87
CA ASN N 436 -6.66 -83.93 -68.82
C ASN N 436 -6.92 -84.97 -69.89
N PRO N 437 -8.17 -85.40 -70.08
CA PRO N 437 -8.46 -86.44 -71.09
C PRO N 437 -8.52 -85.93 -72.52
N LEU N 438 -8.22 -84.65 -72.77
CA LEU N 438 -8.27 -84.09 -74.11
C LEU N 438 -6.90 -83.75 -74.67
N ILE N 439 -5.93 -83.46 -73.82
CA ILE N 439 -4.63 -82.97 -74.25
C ILE N 439 -3.60 -84.09 -74.13
N ASP N 440 -2.67 -84.12 -75.08
CA ASP N 440 -1.56 -85.05 -75.00
C ASP N 440 -0.52 -84.55 -74.00
N GLN N 441 0.48 -85.39 -73.77
CA GLN N 441 1.61 -85.02 -72.94
C GLN N 441 2.78 -84.58 -73.81
N TYR N 442 3.75 -83.93 -73.19
CA TYR N 442 5.01 -83.66 -73.86
C TYR N 442 6.08 -84.68 -73.49
N LEU N 443 5.72 -85.71 -72.74
CA LEU N 443 6.63 -86.76 -72.32
C LEU N 443 6.42 -88.00 -73.18
N TYR N 444 7.51 -88.63 -73.57
CA TYR N 444 7.47 -89.82 -74.38
C TYR N 444 7.79 -91.04 -73.53
N TYR N 445 7.33 -92.19 -74.00
CA TYR N 445 7.60 -93.47 -73.34
C TYR N 445 7.93 -94.48 -74.41
N LEU N 446 8.69 -95.51 -74.03
CA LEU N 446 8.98 -96.60 -74.93
C LEU N 446 7.72 -97.42 -75.15
N ASN N 447 7.25 -97.47 -76.40
CA ASN N 447 5.99 -98.13 -76.73
C ASN N 447 6.19 -99.49 -77.35
N ARG N 448 7.14 -99.64 -78.27
CA ARG N 448 7.42 -100.89 -78.94
C ARG N 448 8.92 -101.17 -78.88
N THR N 449 9.28 -102.42 -78.63
CA THR N 449 10.63 -102.89 -78.86
C THR N 449 10.71 -103.85 -80.03
N GLN N 450 9.65 -103.96 -80.82
CA GLN N 450 9.63 -104.74 -82.05
C GLN N 450 8.98 -103.90 -83.14
N ASN N 451 9.20 -104.30 -84.40
CA ASN N 451 8.63 -103.58 -85.51
C ASN N 451 7.11 -103.72 -85.53
N GLN N 452 6.44 -102.60 -85.79
CA GLN N 452 4.98 -102.58 -85.77
C GLN N 452 4.36 -103.26 -86.98
N SER N 453 5.07 -103.28 -88.12
CA SER N 453 4.49 -103.80 -89.35
C SER N 453 4.13 -105.27 -89.23
N GLY N 454 5.03 -106.08 -88.68
CA GLY N 454 4.76 -107.49 -88.46
C GLY N 454 5.16 -108.40 -89.60
N SER N 455 5.43 -107.87 -90.79
CA SER N 455 5.90 -108.71 -91.89
C SER N 455 7.23 -109.37 -91.54
N ALA N 456 8.12 -108.59 -90.93
CA ALA N 456 9.30 -109.13 -90.26
C ALA N 456 9.11 -109.00 -88.75
N GLN N 457 9.97 -109.69 -88.01
CA GLN N 457 9.92 -109.71 -86.55
C GLN N 457 11.16 -109.07 -85.94
N ASN N 458 11.58 -107.93 -86.48
CA ASN N 458 12.81 -107.29 -86.04
C ASN N 458 12.56 -106.43 -84.81
N LYS N 459 13.62 -106.26 -84.02
CA LYS N 459 13.53 -105.41 -82.85
C LYS N 459 13.60 -103.94 -83.27
N ASP N 460 13.27 -103.05 -82.33
CA ASP N 460 13.32 -101.62 -82.58
C ASP N 460 13.25 -100.89 -81.25
N LEU N 461 13.22 -99.56 -81.33
CA LEU N 461 13.02 -98.70 -80.16
C LEU N 461 12.08 -97.59 -80.63
N LEU N 462 10.79 -97.81 -80.45
CA LEU N 462 9.75 -96.89 -80.91
C LEU N 462 9.12 -96.22 -79.71
N PHE N 463 9.05 -94.90 -79.74
CA PHE N 463 8.57 -94.10 -78.63
C PHE N 463 7.27 -93.40 -79.00
N SER N 464 6.32 -93.39 -78.08
CA SER N 464 5.04 -92.73 -78.28
C SER N 464 4.87 -91.61 -77.28
N ARG N 465 4.01 -90.68 -77.62
CA ARG N 465 3.66 -89.57 -76.76
C ARG N 465 2.49 -89.97 -75.86
N GLY N 466 2.54 -89.50 -74.61
CA GLY N 466 1.46 -89.72 -73.69
C GLY N 466 0.16 -89.11 -74.19
N SER N 467 -0.83 -89.94 -74.45
CA SER N 467 -2.07 -89.54 -75.08
C SER N 467 -3.26 -90.06 -74.29
N PRO N 468 -4.43 -89.42 -74.43
CA PRO N 468 -5.63 -89.94 -73.75
C PRO N 468 -6.08 -91.30 -74.25
N ALA N 469 -5.61 -91.75 -75.42
CA ALA N 469 -5.93 -93.10 -75.86
C ALA N 469 -5.37 -94.14 -74.91
N GLY N 470 -4.08 -94.05 -74.60
CA GLY N 470 -3.50 -94.92 -73.60
C GLY N 470 -3.20 -94.17 -72.31
N MET N 471 -4.07 -94.31 -71.32
CA MET N 471 -3.90 -93.63 -70.05
C MET N 471 -3.10 -94.46 -69.06
N SER N 472 -3.00 -95.77 -69.29
CA SER N 472 -2.26 -96.65 -68.39
C SER N 472 -0.75 -96.49 -68.53
N VAL N 473 -0.28 -96.00 -69.67
CA VAL N 473 1.15 -95.88 -69.94
C VAL N 473 1.65 -94.46 -69.82
N GLN N 474 0.79 -93.52 -69.50
CA GLN N 474 1.21 -92.15 -69.33
C GLN N 474 2.10 -92.01 -68.10
N PRO N 475 3.19 -91.25 -68.18
CA PRO N 475 3.93 -90.89 -66.96
C PRO N 475 3.02 -90.18 -65.96
N LYS N 476 3.20 -90.50 -64.69
CA LYS N 476 2.38 -89.95 -63.62
C LYS N 476 3.28 -89.50 -62.48
N ASN N 477 2.68 -88.77 -61.55
CA ASN N 477 3.45 -88.11 -60.49
C ASN N 477 3.39 -88.83 -59.15
N TRP N 478 2.41 -89.70 -58.94
CA TRP N 478 2.18 -90.29 -57.63
C TRP N 478 1.96 -91.79 -57.75
N LEU N 479 2.02 -92.46 -56.61
CA LEU N 479 1.87 -93.90 -56.49
C LEU N 479 0.77 -94.24 -55.49
N PRO N 480 0.09 -95.37 -55.65
CA PRO N 480 -0.87 -95.81 -54.64
C PRO N 480 -0.17 -96.20 -53.36
N GLY N 481 -0.92 -96.14 -52.26
CA GLY N 481 -0.39 -96.41 -50.95
C GLY N 481 0.19 -97.80 -50.79
N PRO N 482 0.77 -98.05 -49.63
CA PRO N 482 1.39 -99.36 -49.39
C PRO N 482 0.37 -100.46 -49.24
N CYS N 483 0.82 -101.69 -49.45
CA CYS N 483 -0.08 -102.83 -49.40
C CYS N 483 0.57 -103.97 -48.64
N TYR N 484 -0.25 -104.85 -48.10
CA TYR N 484 0.17 -106.11 -47.48
C TYR N 484 -0.92 -107.14 -47.76
N ARG N 485 -0.73 -107.92 -48.81
CA ARG N 485 -1.82 -108.68 -49.41
C ARG N 485 -2.47 -109.63 -48.42
N GLN N 486 -3.81 -109.71 -48.49
CA GLN N 486 -4.62 -110.60 -47.69
C GLN N 486 -5.20 -111.69 -48.58
N GLN N 487 -5.74 -112.72 -47.94
CA GLN N 487 -6.39 -113.80 -48.67
C GLN N 487 -7.84 -113.43 -48.96
N ARG N 488 -8.32 -113.84 -50.13
CA ARG N 488 -9.63 -113.44 -50.61
C ARG N 488 -10.66 -114.50 -50.24
N VAL N 489 -11.64 -114.11 -49.45
CA VAL N 489 -12.72 -115.01 -49.03
C VAL N 489 -14.01 -114.51 -49.64
N SER N 490 -14.79 -115.44 -50.17
CA SER N 490 -16.09 -115.12 -50.74
C SER N 490 -17.18 -115.21 -49.68
N LYS N 491 -18.07 -114.23 -49.68
CA LYS N 491 -19.24 -114.28 -48.81
C LYS N 491 -20.17 -115.42 -49.17
N THR N 492 -20.09 -115.92 -50.40
CA THR N 492 -20.78 -117.13 -50.81
C THR N 492 -19.87 -118.32 -50.54
N LYS N 493 -20.24 -119.13 -49.56
CA LYS N 493 -19.31 -120.13 -49.03
C LYS N 493 -18.94 -121.21 -50.04
N THR N 494 -19.75 -121.43 -51.08
CA THR N 494 -19.45 -122.51 -52.02
C THR N 494 -18.24 -122.21 -52.89
N ASP N 495 -17.87 -120.94 -53.05
CA ASP N 495 -16.71 -120.58 -53.87
C ASP N 495 -15.41 -120.58 -53.09
N ASN N 496 -15.43 -120.90 -51.81
CA ASN N 496 -14.23 -120.94 -51.01
C ASN N 496 -13.64 -122.35 -51.02
N ASN N 497 -12.32 -122.41 -50.84
CA ASN N 497 -11.62 -123.69 -50.81
C ASN N 497 -12.12 -124.54 -49.65
N ASN N 498 -12.14 -125.86 -49.86
CA ASN N 498 -12.59 -126.78 -48.83
C ASN N 498 -11.44 -127.11 -47.87
N SER N 499 -11.15 -126.14 -47.02
CA SER N 499 -10.17 -126.30 -45.95
C SER N 499 -10.40 -125.18 -44.96
N ASN N 500 -9.67 -125.22 -43.84
CA ASN N 500 -9.84 -124.18 -42.85
C ASN N 500 -9.10 -122.91 -43.26
N PHE N 501 -7.78 -122.98 -43.32
CA PHE N 501 -6.91 -121.95 -43.90
C PHE N 501 -7.16 -120.55 -43.32
N THR N 502 -7.91 -120.45 -42.22
CA THR N 502 -8.01 -119.18 -41.52
C THR N 502 -6.78 -118.85 -40.71
N TRP N 503 -5.95 -119.83 -40.41
CA TRP N 503 -4.68 -119.59 -39.75
C TRP N 503 -3.50 -119.95 -40.64
N THR N 504 -3.58 -121.04 -41.39
CA THR N 504 -2.46 -121.42 -42.23
C THR N 504 -2.31 -120.55 -43.46
N GLY N 505 -3.41 -120.00 -43.97
CA GLY N 505 -3.35 -119.21 -45.18
C GLY N 505 -3.52 -117.73 -44.97
N ALA N 506 -3.23 -117.26 -43.77
CA ALA N 506 -3.51 -115.88 -43.39
C ALA N 506 -2.24 -115.05 -43.26
N SER N 507 -2.38 -113.75 -43.54
CA SER N 507 -1.29 -112.82 -43.36
C SER N 507 -1.06 -112.58 -41.88
N LYS N 508 0.13 -112.88 -41.40
CA LYS N 508 0.44 -112.72 -39.99
C LYS N 508 1.87 -112.24 -39.85
N TYR N 509 2.18 -111.68 -38.69
CA TYR N 509 3.52 -111.18 -38.41
C TYR N 509 4.16 -111.95 -37.28
N ASN N 510 5.48 -111.98 -37.30
CA ASN N 510 6.29 -112.71 -36.34
C ASN N 510 6.87 -111.70 -35.34
N LEU N 511 6.67 -111.96 -34.05
CA LEU N 511 7.19 -111.09 -33.00
C LEU N 511 7.63 -111.95 -31.82
N ASN N 512 8.94 -111.98 -31.58
CA ASN N 512 9.51 -112.75 -30.47
C ASN N 512 9.14 -114.23 -30.56
N GLY N 513 9.05 -114.73 -31.79
CA GLY N 513 8.83 -116.13 -32.01
C GLY N 513 7.39 -116.58 -32.08
N ARG N 514 6.43 -115.70 -31.82
CA ARG N 514 5.03 -116.07 -31.90
C ARG N 514 4.31 -115.19 -32.91
N GLU N 515 3.43 -115.83 -33.67
CA GLU N 515 2.77 -115.21 -34.80
C GLU N 515 1.46 -114.56 -34.38
N SER N 516 1.11 -113.47 -35.04
CA SER N 516 -0.11 -112.73 -34.75
C SER N 516 -0.74 -112.34 -36.08
N ILE N 517 -2.05 -112.60 -36.21
CA ILE N 517 -2.77 -112.20 -37.40
C ILE N 517 -2.73 -110.68 -37.51
N ILE N 518 -2.60 -110.17 -38.73
CA ILE N 518 -2.51 -108.73 -38.93
C ILE N 518 -3.80 -108.05 -38.48
N ASN N 519 -4.91 -108.31 -39.17
CA ASN N 519 -6.25 -107.99 -38.69
C ASN N 519 -6.41 -106.60 -38.09
N PRO N 520 -6.62 -105.55 -38.90
CA PRO N 520 -6.83 -105.57 -40.35
C PRO N 520 -5.65 -105.02 -41.14
N GLY N 521 -4.70 -104.41 -40.44
CA GLY N 521 -3.48 -103.99 -41.10
C GLY N 521 -3.69 -102.77 -41.99
N THR N 522 -2.99 -102.79 -43.12
CA THR N 522 -2.97 -101.64 -44.03
C THR N 522 -4.37 -101.32 -44.52
N ALA N 523 -4.64 -100.03 -44.66
CA ALA N 523 -5.94 -99.55 -45.15
C ALA N 523 -5.99 -99.77 -46.65
N MET N 524 -6.69 -100.80 -47.08
CA MET N 524 -6.82 -101.14 -48.48
C MET N 524 -8.27 -101.37 -48.84
N ALA N 525 -8.56 -101.28 -50.13
CA ALA N 525 -9.91 -101.55 -50.62
C ALA N 525 -10.29 -103.00 -50.38
N SER N 526 -11.51 -103.23 -49.93
CA SER N 526 -11.97 -104.58 -49.65
C SER N 526 -12.03 -105.44 -50.91
N HIS N 527 -12.47 -104.86 -52.02
CA HIS N 527 -12.61 -105.61 -53.27
C HIS N 527 -12.50 -104.64 -54.42
N LYS N 528 -12.63 -105.16 -55.63
CA LYS N 528 -12.64 -104.36 -56.84
C LYS N 528 -14.07 -103.96 -57.18
N ASP N 529 -14.26 -103.39 -58.37
CA ASP N 529 -15.59 -103.14 -58.88
C ASP N 529 -16.27 -104.45 -59.25
N ASP N 530 -17.57 -104.53 -58.98
CA ASP N 530 -18.39 -105.70 -59.33
C ASP N 530 -17.88 -106.97 -58.66
N GLU N 531 -17.32 -106.83 -57.46
CA GLU N 531 -16.74 -107.96 -56.74
C GLU N 531 -17.10 -107.88 -55.26
N ASP N 532 -18.30 -107.40 -54.95
CA ASP N 532 -18.71 -107.22 -53.57
C ASP N 532 -18.83 -108.53 -52.80
N LYS N 533 -18.85 -109.66 -53.49
CA LYS N 533 -18.94 -110.97 -52.86
C LYS N 533 -17.66 -111.40 -52.17
N PHE N 534 -16.56 -110.68 -52.36
CA PHE N 534 -15.27 -111.03 -51.79
C PHE N 534 -14.86 -110.01 -50.74
N PHE N 535 -14.21 -110.50 -49.69
CA PHE N 535 -13.60 -109.66 -48.68
C PHE N 535 -12.27 -110.25 -48.27
N PRO N 536 -11.32 -109.41 -47.86
CA PRO N 536 -10.05 -109.95 -47.32
C PRO N 536 -10.31 -110.72 -46.04
N MET N 537 -9.53 -111.79 -45.85
CA MET N 537 -9.84 -112.72 -44.77
C MET N 537 -9.76 -112.05 -43.41
N SER N 538 -8.77 -111.20 -43.20
CA SER N 538 -8.65 -110.46 -41.95
C SER N 538 -8.32 -109.00 -42.24
N GLY N 539 -9.00 -108.42 -43.21
CA GLY N 539 -8.72 -107.07 -43.62
C GLY N 539 -9.87 -106.11 -43.38
N VAL N 540 -10.94 -106.61 -42.79
CA VAL N 540 -12.16 -105.82 -42.62
C VAL N 540 -12.56 -105.85 -41.16
N MET N 541 -13.20 -104.77 -40.72
CA MET N 541 -13.79 -104.72 -39.39
C MET N 541 -15.14 -105.40 -39.41
N ILE N 542 -15.32 -106.40 -38.56
CA ILE N 542 -16.54 -107.18 -38.52
C ILE N 542 -17.22 -106.92 -37.18
N PHE N 543 -18.43 -106.38 -37.24
CA PHE N 543 -19.24 -106.15 -36.05
C PHE N 543 -20.30 -107.23 -35.96
N GLY N 544 -20.54 -107.70 -34.74
CA GLY N 544 -21.57 -108.70 -34.52
C GLY N 544 -22.92 -108.04 -34.26
N LYS N 545 -23.96 -108.63 -34.83
CA LYS N 545 -25.29 -108.19 -34.50
C LYS N 545 -25.68 -108.75 -33.13
N GLU N 546 -26.75 -108.19 -32.57
CA GLU N 546 -27.31 -108.79 -31.37
C GLU N 546 -27.82 -110.18 -31.70
N SER N 547 -27.72 -111.08 -30.71
CA SER N 547 -27.93 -112.51 -30.93
C SER N 547 -26.86 -113.10 -31.84
N ALA N 548 -25.61 -112.69 -31.65
CA ALA N 548 -24.47 -113.33 -32.27
C ALA N 548 -23.66 -114.02 -31.18
N GLY N 549 -23.32 -115.27 -31.41
CA GLY N 549 -22.56 -116.02 -30.43
C GLY N 549 -21.14 -115.51 -30.30
N ALA N 550 -20.48 -115.97 -29.24
CA ALA N 550 -19.09 -115.57 -29.02
C ALA N 550 -18.14 -116.29 -29.96
N SER N 551 -18.44 -117.54 -30.30
CA SER N 551 -17.54 -118.36 -31.11
C SER N 551 -18.31 -119.05 -32.22
N ASN N 552 -17.72 -119.04 -33.42
CA ASN N 552 -18.25 -119.74 -34.59
C ASN N 552 -19.70 -119.34 -34.89
N THR N 553 -19.99 -118.05 -34.79
CA THR N 553 -21.29 -117.55 -35.19
C THR N 553 -21.36 -117.48 -36.72
N ALA N 554 -22.51 -117.06 -37.24
CA ALA N 554 -22.76 -117.13 -38.66
C ALA N 554 -22.57 -115.79 -39.36
N LEU N 555 -22.32 -115.89 -40.67
CA LEU N 555 -22.24 -114.71 -41.52
C LEU N 555 -23.52 -113.89 -41.44
N ASP N 556 -24.64 -114.55 -41.17
CA ASP N 556 -25.90 -113.84 -40.97
C ASP N 556 -25.89 -113.07 -39.67
N ASN N 557 -25.10 -113.51 -38.70
CA ASN N 557 -25.05 -112.85 -37.40
C ASN N 557 -23.97 -111.80 -37.31
N VAL N 558 -23.06 -111.72 -38.28
CA VAL N 558 -22.05 -110.67 -38.27
C VAL N 558 -22.33 -109.67 -39.39
N MET N 559 -21.79 -108.46 -39.21
CA MET N 559 -21.84 -107.39 -40.22
C MET N 559 -20.42 -107.08 -40.67
N ILE N 560 -20.12 -107.36 -41.92
CA ILE N 560 -18.80 -107.11 -42.49
C ILE N 560 -18.79 -105.73 -43.11
N THR N 561 -17.79 -104.93 -42.75
CA THR N 561 -17.68 -103.60 -43.31
C THR N 561 -17.06 -103.66 -44.71
N ASP N 562 -17.13 -102.54 -45.41
CA ASP N 562 -16.58 -102.41 -46.75
C ASP N 562 -15.75 -101.14 -46.82
N GLU N 563 -14.62 -101.21 -47.52
CA GLU N 563 -13.74 -100.07 -47.74
C GLU N 563 -13.72 -99.71 -49.21
N GLU N 564 -14.90 -99.66 -49.83
CA GLU N 564 -14.98 -99.50 -51.27
C GLU N 564 -14.67 -98.07 -51.70
N GLU N 565 -14.71 -97.12 -50.77
CA GLU N 565 -14.56 -95.72 -51.14
C GLU N 565 -13.11 -95.32 -51.35
N ILE N 566 -12.16 -96.12 -50.89
CA ILE N 566 -10.76 -95.75 -50.98
C ILE N 566 -10.05 -96.50 -52.10
N LYS N 567 -10.81 -97.02 -53.07
CA LYS N 567 -10.22 -97.58 -54.28
C LYS N 567 -9.51 -96.53 -55.11
N ALA N 568 -9.81 -95.26 -54.91
CA ALA N 568 -9.23 -94.20 -55.71
C ALA N 568 -7.74 -94.04 -55.45
N THR N 569 -7.29 -94.36 -54.24
CA THR N 569 -5.89 -94.15 -53.87
C THR N 569 -5.22 -95.37 -53.26
N ASN N 570 -5.97 -96.36 -52.78
CA ASN N 570 -5.40 -97.49 -52.07
C ASN N 570 -5.50 -98.76 -52.91
N PRO N 571 -4.51 -99.64 -52.82
CA PRO N 571 -4.60 -100.92 -53.51
C PRO N 571 -5.70 -101.78 -52.92
N VAL N 572 -6.22 -102.70 -53.74
CA VAL N 572 -7.21 -103.65 -53.26
C VAL N 572 -6.52 -104.66 -52.35
N ALA N 573 -7.16 -104.96 -51.22
CA ALA N 573 -6.52 -105.73 -50.17
C ALA N 573 -6.14 -107.14 -50.59
N THR N 574 -6.87 -107.73 -51.53
CA THR N 574 -6.67 -109.12 -51.89
C THR N 574 -5.81 -109.30 -53.14
N GLU N 575 -5.28 -108.23 -53.70
CA GLU N 575 -4.48 -108.32 -54.91
C GLU N 575 -3.12 -107.66 -54.71
N ARG N 576 -2.21 -107.99 -55.62
CA ARG N 576 -0.84 -107.53 -55.52
C ARG N 576 -0.77 -106.02 -55.69
N PHE N 577 0.28 -105.42 -55.13
CA PHE N 577 0.55 -104.01 -55.40
C PHE N 577 0.85 -103.80 -56.87
N GLY N 578 1.60 -104.71 -57.47
CA GLY N 578 1.96 -104.59 -58.87
C GLY N 578 3.02 -105.62 -59.22
N THR N 579 3.66 -105.38 -60.35
CA THR N 579 4.74 -106.23 -60.81
C THR N 579 6.05 -105.45 -60.82
N VAL N 580 7.14 -106.19 -60.77
CA VAL N 580 8.48 -105.61 -60.74
C VAL N 580 9.38 -106.46 -61.63
N ALA N 581 10.33 -105.81 -62.30
CA ALA N 581 11.32 -106.54 -63.07
C ALA N 581 12.24 -107.31 -62.15
N VAL N 582 12.60 -108.52 -62.54
CA VAL N 582 13.40 -109.39 -61.68
C VAL N 582 14.66 -109.90 -62.36
N ASN N 583 14.95 -109.48 -63.59
CA ASN N 583 16.14 -109.96 -64.29
C ASN N 583 16.58 -108.90 -65.29
N PHE N 584 17.57 -109.23 -66.09
CA PHE N 584 18.04 -108.40 -67.20
C PHE N 584 17.63 -109.10 -68.50
N GLN N 585 16.83 -108.41 -69.32
CA GLN N 585 16.52 -108.92 -70.64
C GLN N 585 17.71 -108.70 -71.57
N SER N 586 17.91 -109.66 -72.47
CA SER N 586 19.02 -109.56 -73.42
C SER N 586 18.69 -110.43 -74.62
N SER N 587 19.41 -110.18 -75.70
CA SER N 587 19.30 -110.98 -76.92
C SER N 587 20.42 -112.02 -76.97
N SER N 588 20.22 -113.02 -77.83
CA SER N 588 21.22 -114.05 -78.02
C SER N 588 22.44 -113.48 -78.73
N THR N 589 23.61 -114.03 -78.39
CA THR N 589 24.86 -113.59 -79.01
C THR N 589 25.76 -114.78 -79.31
N VAL N 592 27.41 -114.86 -76.25
CA VAL N 592 26.59 -115.43 -75.21
C VAL N 592 25.27 -115.90 -75.80
N PRO N 593 25.25 -117.10 -76.37
CA PRO N 593 24.05 -117.58 -77.05
C PRO N 593 22.99 -118.10 -76.09
N PHE N 594 22.74 -117.37 -75.01
CA PHE N 594 21.71 -117.71 -74.03
C PHE N 594 20.80 -116.48 -73.92
N LYS N 595 19.79 -116.44 -74.78
CA LYS N 595 18.81 -115.35 -74.76
C LYS N 595 18.05 -115.32 -73.45
N THR N 596 17.88 -114.13 -72.88
CA THR N 596 17.17 -113.96 -71.62
C THR N 596 15.90 -113.15 -71.86
N ASP N 597 14.76 -113.80 -71.70
CA ASP N 597 13.49 -113.09 -71.78
C ASP N 597 13.30 -112.21 -70.54
N PRO N 598 12.69 -111.06 -70.68
CA PRO N 598 12.35 -110.25 -69.50
C PRO N 598 11.39 -110.99 -68.59
N ALA N 599 11.57 -110.81 -67.29
CA ALA N 599 10.77 -111.50 -66.29
C ALA N 599 10.29 -110.53 -65.23
N THR N 600 9.03 -110.66 -64.85
CA THR N 600 8.43 -109.85 -63.81
C THR N 600 7.93 -110.75 -62.69
N GLY N 601 7.87 -110.19 -61.50
CA GLY N 601 7.31 -110.88 -60.36
C GLY N 601 6.29 -110.00 -59.66
N ASP N 602 5.30 -110.65 -59.06
CA ASP N 602 4.26 -109.95 -58.35
C ASP N 602 4.77 -109.43 -57.02
N VAL N 603 4.37 -108.21 -56.68
CA VAL N 603 4.76 -107.55 -55.45
C VAL N 603 3.57 -107.63 -54.50
N HIS N 604 3.69 -108.46 -53.47
CA HIS N 604 2.55 -108.73 -52.59
C HIS N 604 2.55 -107.85 -51.35
N ALA N 605 3.72 -107.51 -50.83
CA ALA N 605 3.86 -106.58 -49.72
C ALA N 605 4.78 -105.46 -50.16
N MET N 606 4.27 -104.22 -50.12
CA MET N 606 5.02 -103.06 -50.55
C MET N 606 5.05 -102.05 -49.40
N GLY N 607 6.25 -101.69 -48.97
CA GLY N 607 6.41 -100.64 -47.98
C GLY N 607 6.31 -99.27 -48.62
N ALA N 608 6.45 -98.25 -47.78
CA ALA N 608 6.27 -96.88 -48.24
C ALA N 608 7.37 -96.48 -49.20
N LEU N 609 6.99 -96.03 -50.38
CA LEU N 609 7.85 -95.40 -51.37
C LEU N 609 7.55 -93.91 -51.44
N PRO N 610 8.54 -93.08 -51.70
CA PRO N 610 8.25 -91.65 -51.90
C PRO N 610 7.35 -91.45 -53.11
N GLY N 611 6.42 -90.51 -52.97
CA GLY N 611 5.38 -90.31 -53.93
C GLY N 611 4.10 -91.08 -53.66
N MET N 612 4.10 -91.95 -52.66
CA MET N 612 2.91 -92.71 -52.31
C MET N 612 1.88 -91.82 -51.62
N VAL N 613 0.60 -92.03 -51.94
CA VAL N 613 -0.50 -91.36 -51.29
C VAL N 613 -1.55 -92.41 -50.96
N TRP N 614 -2.22 -92.23 -49.83
CA TRP N 614 -3.21 -93.20 -49.40
C TRP N 614 -4.23 -92.54 -48.50
N GLN N 615 -5.34 -93.24 -48.30
CA GLN N 615 -6.34 -92.88 -47.30
C GLN N 615 -6.29 -93.85 -46.14
N ASP N 616 -6.68 -93.37 -44.97
CA ASP N 616 -6.73 -94.20 -43.78
C ASP N 616 -8.04 -94.98 -43.75
N ARG N 617 -8.16 -95.88 -42.80
CA ARG N 617 -9.39 -96.64 -42.63
C ARG N 617 -10.52 -95.73 -42.17
N ASP N 618 -11.73 -96.09 -42.56
CA ASP N 618 -12.91 -95.35 -42.15
C ASP N 618 -13.26 -95.62 -40.70
N VAL N 619 -13.94 -94.67 -40.08
CA VAL N 619 -14.50 -94.85 -38.75
C VAL N 619 -15.98 -95.14 -38.90
N TYR N 620 -16.53 -95.86 -37.92
CA TYR N 620 -17.91 -96.29 -37.95
C TYR N 620 -18.60 -95.86 -36.65
N LEU N 621 -19.92 -95.79 -36.70
CA LEU N 621 -20.67 -95.43 -35.52
C LEU N 621 -20.46 -96.44 -34.39
N GLN N 622 -20.24 -97.71 -34.74
CA GLN N 622 -19.99 -98.76 -33.77
C GLN N 622 -18.51 -98.96 -33.48
N GLY N 623 -17.63 -98.18 -34.10
CA GLY N 623 -16.20 -98.43 -34.02
C GLY N 623 -15.49 -97.55 -33.02
N PRO N 624 -14.20 -97.80 -32.83
CA PRO N 624 -13.42 -97.02 -31.87
C PRO N 624 -13.17 -95.60 -32.35
N ILE N 625 -12.95 -94.71 -31.39
CA ILE N 625 -12.65 -93.31 -31.68
C ILE N 625 -11.15 -93.06 -31.74
N TRP N 626 -10.41 -93.46 -30.71
CA TRP N 626 -9.01 -93.14 -30.60
C TRP N 626 -8.21 -94.36 -30.20
N ALA N 627 -6.90 -94.19 -30.20
CA ALA N 627 -5.97 -95.18 -29.68
C ALA N 627 -4.72 -94.46 -29.21
N LYS N 628 -4.13 -94.96 -28.13
CA LYS N 628 -2.85 -94.43 -27.67
C LYS N 628 -1.74 -94.88 -28.60
N ILE N 629 -0.95 -93.93 -29.08
CA ILE N 629 0.22 -94.26 -29.87
C ILE N 629 1.31 -94.80 -28.95
N PRO N 630 1.88 -95.97 -29.23
CA PRO N 630 2.90 -96.52 -28.33
C PRO N 630 4.08 -95.58 -28.19
N HIS N 631 4.61 -95.51 -26.97
CA HIS N 631 5.76 -94.65 -26.68
C HIS N 631 7.02 -95.38 -27.13
N THR N 632 7.35 -95.19 -28.40
CA THR N 632 8.49 -95.82 -29.04
C THR N 632 9.39 -94.74 -29.64
N ASP N 633 10.59 -95.17 -30.03
CA ASP N 633 11.51 -94.25 -30.69
C ASP N 633 10.98 -93.81 -32.05
N GLY N 634 10.43 -94.73 -32.82
CA GLY N 634 9.93 -94.40 -34.14
C GLY N 634 8.56 -94.99 -34.37
N HIS N 635 7.82 -94.31 -35.22
CA HIS N 635 6.54 -94.79 -35.72
C HIS N 635 6.25 -94.10 -37.03
N PHE N 636 5.66 -94.82 -37.96
CA PHE N 636 5.36 -94.30 -39.28
C PHE N 636 3.86 -94.12 -39.41
N HIS N 637 3.43 -92.87 -39.61
CA HIS N 637 2.03 -92.51 -39.80
C HIS N 637 1.17 -93.10 -38.69
N PRO N 638 1.28 -92.59 -37.47
CA PRO N 638 0.69 -93.28 -36.29
C PRO N 638 -0.82 -93.13 -36.23
N SER N 639 -1.50 -93.59 -37.28
CA SER N 639 -2.95 -93.68 -37.31
C SER N 639 -3.35 -95.11 -37.01
N PRO N 640 -4.24 -95.34 -36.04
CA PRO N 640 -4.57 -96.71 -35.64
C PRO N 640 -5.12 -97.52 -36.80
N LEU N 641 -4.77 -98.80 -36.83
CA LEU N 641 -5.14 -99.62 -37.97
C LEU N 641 -6.61 -100.03 -37.91
N MET N 642 -7.22 -100.00 -36.74
CA MET N 642 -8.67 -100.19 -36.66
C MET N 642 -9.44 -98.96 -37.08
N GLY N 643 -8.79 -97.83 -37.23
CA GLY N 643 -9.45 -96.59 -37.57
C GLY N 643 -9.58 -95.67 -36.37
N GLY N 644 -9.56 -94.38 -36.63
CA GLY N 644 -9.69 -93.42 -35.56
C GLY N 644 -8.52 -92.47 -35.46
N PHE N 645 -8.38 -91.85 -34.30
CA PHE N 645 -7.35 -90.85 -34.05
C PHE N 645 -6.28 -91.48 -33.16
N GLY N 646 -5.03 -91.42 -33.62
CA GLY N 646 -3.93 -91.84 -32.79
C GLY N 646 -3.47 -90.67 -31.95
N LEU N 647 -3.49 -90.81 -30.64
CA LEU N 647 -3.12 -89.74 -29.73
C LEU N 647 -1.92 -90.16 -28.89
N LYS N 648 -0.94 -89.28 -28.78
CA LYS N 648 0.19 -89.56 -27.89
C LYS N 648 -0.25 -89.50 -26.44
N ASN N 649 -1.07 -88.52 -26.08
CA ASN N 649 -1.71 -88.44 -24.77
C ASN N 649 -3.21 -88.60 -24.98
N PRO N 650 -3.73 -89.82 -25.01
CA PRO N 650 -5.15 -90.01 -25.23
C PRO N 650 -5.94 -89.65 -23.98
N PRO N 651 -7.26 -89.69 -24.03
CA PRO N 651 -8.04 -89.54 -22.81
C PRO N 651 -7.64 -90.59 -21.79
N PRO N 652 -7.31 -90.18 -20.58
CA PRO N 652 -6.79 -91.13 -19.59
C PRO N 652 -7.86 -92.09 -19.10
N GLN N 653 -7.39 -93.21 -18.56
CA GLN N 653 -8.28 -94.21 -18.01
C GLN N 653 -8.82 -93.74 -16.67
N ILE N 654 -10.13 -93.85 -16.50
CA ILE N 654 -10.79 -93.60 -15.23
C ILE N 654 -11.05 -94.95 -14.58
N LEU N 655 -10.46 -95.15 -13.42
CA LEU N 655 -10.51 -96.43 -12.72
C LEU N 655 -11.29 -96.25 -11.44
N ILE N 656 -12.18 -97.20 -11.18
CA ILE N 656 -13.15 -97.10 -10.10
C ILE N 656 -13.24 -98.46 -9.42
N LYS N 657 -13.36 -98.45 -8.10
CA LYS N 657 -13.63 -99.69 -7.40
C LYS N 657 -14.37 -99.39 -6.11
N ASN N 658 -15.02 -100.42 -5.58
CA ASN N 658 -15.67 -100.30 -4.28
C ASN N 658 -14.63 -100.46 -3.19
N THR N 659 -14.62 -99.56 -2.21
CA THR N 659 -13.71 -99.74 -1.09
C THR N 659 -14.14 -100.95 -0.29
N PRO N 660 -13.23 -101.87 0.01
CA PRO N 660 -13.63 -103.07 0.77
C PRO N 660 -14.11 -102.71 2.16
N VAL N 661 -15.19 -103.36 2.59
CA VAL N 661 -15.72 -103.23 3.93
C VAL N 661 -15.56 -104.58 4.62
N PRO N 662 -14.67 -104.71 5.59
CA PRO N 662 -14.47 -106.00 6.25
C PRO N 662 -15.69 -106.43 7.04
N ALA N 663 -15.86 -107.75 7.15
CA ALA N 663 -16.89 -108.30 8.01
C ALA N 663 -16.41 -108.29 9.46
N ASN N 664 -17.12 -108.99 10.33
CA ASN N 664 -16.82 -108.97 11.75
C ASN N 664 -15.45 -109.57 12.02
N PRO N 665 -14.52 -108.82 12.62
CA PRO N 665 -13.20 -109.38 12.92
C PRO N 665 -13.25 -110.28 14.14
N PRO N 666 -12.25 -111.13 14.32
CA PRO N 666 -12.22 -111.98 15.52
C PRO N 666 -11.99 -111.18 16.79
N ALA N 667 -12.35 -111.78 17.92
CA ALA N 667 -12.15 -111.14 19.21
C ALA N 667 -10.67 -110.97 19.53
N GLU N 668 -9.86 -111.96 19.22
CA GLU N 668 -8.41 -111.91 19.39
C GLU N 668 -7.74 -111.45 18.09
N PHE N 669 -6.60 -110.80 18.24
CA PHE N 669 -5.89 -110.26 17.11
C PHE N 669 -5.27 -111.35 16.25
N SER N 670 -5.36 -111.17 14.93
CA SER N 670 -4.74 -112.07 13.97
C SER N 670 -4.05 -111.23 12.91
N ALA N 671 -2.79 -111.52 12.63
CA ALA N 671 -2.06 -110.76 11.63
C ALA N 671 -2.35 -111.23 10.21
N THR N 672 -3.03 -112.37 10.06
CA THR N 672 -3.44 -112.81 8.74
C THR N 672 -4.35 -111.76 8.11
N LYS N 673 -4.09 -111.45 6.85
CA LYS N 673 -4.85 -110.40 6.19
C LYS N 673 -6.32 -110.80 6.06
N PHE N 674 -7.18 -109.79 6.04
CA PHE N 674 -8.61 -110.02 6.02
C PHE N 674 -9.02 -110.70 4.73
N ALA N 675 -9.89 -111.70 4.85
CA ALA N 675 -10.44 -112.38 3.70
C ALA N 675 -11.96 -112.38 3.70
N SER N 676 -12.59 -112.00 4.81
CA SER N 676 -14.04 -111.94 4.94
C SER N 676 -14.47 -110.49 4.78
N PHE N 677 -15.24 -110.22 3.74
CA PHE N 677 -15.69 -108.87 3.44
C PHE N 677 -17.20 -108.84 3.32
N ILE N 678 -17.76 -107.67 3.57
CA ILE N 678 -19.18 -107.43 3.36
C ILE N 678 -19.41 -107.30 1.86
N THR N 679 -20.32 -108.11 1.33
CA THR N 679 -20.54 -108.16 -0.11
C THR N 679 -21.35 -106.96 -0.55
N GLN N 680 -20.81 -106.18 -1.49
CA GLN N 680 -21.52 -105.00 -1.92
C GLN N 680 -21.12 -104.63 -3.34
N TYR N 681 -21.98 -103.84 -3.97
CA TYR N 681 -21.73 -103.28 -5.28
C TYR N 681 -22.11 -101.82 -5.24
N SER N 682 -21.92 -101.12 -6.37
CA SER N 682 -22.31 -99.73 -6.43
C SER N 682 -22.97 -99.46 -7.78
N THR N 683 -23.77 -98.40 -7.80
CA THR N 683 -24.44 -97.97 -9.01
C THR N 683 -24.36 -96.46 -9.07
N GLY N 684 -24.54 -95.92 -10.26
CA GLY N 684 -24.48 -94.48 -10.38
C GLY N 684 -24.70 -94.03 -11.81
N GLN N 685 -24.46 -92.75 -12.03
CA GLN N 685 -24.61 -92.13 -13.34
C GLN N 685 -23.27 -91.57 -13.79
N VAL N 686 -22.99 -91.70 -15.07
CA VAL N 686 -21.77 -91.20 -15.68
C VAL N 686 -22.14 -90.32 -16.87
N SER N 687 -21.52 -89.15 -16.96
CA SER N 687 -21.73 -88.22 -18.06
C SER N 687 -20.42 -87.99 -18.77
N VAL N 688 -20.45 -88.05 -20.10
CA VAL N 688 -19.30 -87.70 -20.94
C VAL N 688 -19.77 -86.67 -21.95
N GLU N 689 -19.07 -85.55 -22.03
CA GLU N 689 -19.37 -84.49 -22.99
C GLU N 689 -18.13 -84.27 -23.85
N ILE N 690 -18.26 -84.44 -25.16
CA ILE N 690 -17.16 -84.20 -26.08
C ILE N 690 -17.54 -83.08 -27.03
N GLU N 691 -16.67 -82.07 -27.13
CA GLU N 691 -16.71 -81.08 -28.18
C GLU N 691 -15.87 -81.57 -29.34
N TRP N 692 -16.46 -81.56 -30.53
CA TRP N 692 -15.83 -81.95 -31.79
C TRP N 692 -15.79 -80.75 -32.73
N GLU N 693 -14.65 -80.56 -33.37
CA GLU N 693 -14.50 -79.58 -34.43
C GLU N 693 -14.85 -80.21 -35.77
N LEU N 694 -15.63 -79.48 -36.55
CA LEU N 694 -16.10 -79.91 -37.86
C LEU N 694 -15.32 -79.20 -38.96
N GLN N 695 -15.24 -79.86 -40.10
CA GLN N 695 -14.62 -79.30 -41.30
C GLN N 695 -15.67 -79.43 -42.38
N LYS N 696 -16.29 -78.29 -42.72
CA LYS N 696 -17.42 -78.24 -43.61
C LYS N 696 -17.01 -78.49 -45.05
N GLU N 697 -17.93 -79.07 -45.81
CA GLU N 697 -17.73 -79.20 -47.24
C GLU N 697 -17.75 -77.82 -47.90
N ASN N 698 -16.94 -77.65 -48.94
CA ASN N 698 -16.91 -76.44 -49.74
C ASN N 698 -17.01 -76.77 -51.22
N SER N 699 -17.84 -77.76 -51.56
CA SER N 699 -17.79 -78.37 -52.87
C SER N 699 -18.47 -77.51 -53.92
N LYS N 700 -17.95 -77.58 -55.14
CA LYS N 700 -18.56 -76.96 -56.31
C LYS N 700 -19.19 -77.97 -57.23
N ARG N 701 -19.39 -79.20 -56.75
CA ARG N 701 -20.00 -80.26 -57.53
C ARG N 701 -21.43 -79.89 -57.90
N TRP N 702 -21.82 -80.20 -59.13
CA TRP N 702 -23.13 -79.81 -59.63
C TRP N 702 -24.20 -80.84 -59.31
N ASN N 703 -23.95 -82.11 -59.63
CA ASN N 703 -24.93 -83.15 -59.40
C ASN N 703 -25.04 -83.46 -57.91
N PRO N 704 -26.17 -84.03 -57.49
CA PRO N 704 -26.34 -84.33 -56.06
C PRO N 704 -25.38 -85.41 -55.58
N GLU N 705 -25.04 -85.31 -54.29
CA GLU N 705 -24.11 -86.23 -53.65
C GLU N 705 -24.83 -87.49 -53.18
N VAL N 706 -24.04 -88.51 -52.91
CA VAL N 706 -24.53 -89.71 -52.23
C VAL N 706 -24.63 -89.40 -50.74
N GLN N 707 -25.77 -89.70 -50.15
CA GLN N 707 -26.01 -89.47 -48.74
C GLN N 707 -26.39 -90.77 -48.07
N TYR N 708 -26.12 -90.88 -46.78
CA TYR N 708 -26.67 -91.97 -46.01
C TYR N 708 -28.13 -91.67 -45.70
N THR N 709 -29.00 -92.61 -46.02
CA THR N 709 -30.43 -92.38 -45.86
C THR N 709 -31.08 -93.62 -45.25
N SER N 710 -32.19 -93.38 -44.55
CA SER N 710 -33.09 -94.44 -44.18
C SER N 710 -33.85 -94.94 -45.40
N ASN N 711 -34.15 -96.22 -45.41
CA ASN N 711 -34.96 -96.78 -46.49
C ASN N 711 -36.42 -96.46 -46.23
N TYR N 712 -37.09 -95.92 -47.24
CA TYR N 712 -38.53 -95.67 -47.17
C TYR N 712 -39.21 -96.92 -47.70
N ALA N 713 -39.88 -97.65 -46.81
CA ALA N 713 -40.61 -98.84 -47.19
C ALA N 713 -41.32 -99.36 -45.95
N LYS N 714 -42.46 -100.01 -46.17
CA LYS N 714 -43.11 -100.67 -45.05
C LYS N 714 -42.22 -101.79 -44.54
N SER N 715 -41.84 -101.69 -43.26
CA SER N 715 -40.99 -102.67 -42.63
C SER N 715 -41.59 -103.03 -41.27
N ALA N 716 -41.32 -104.24 -40.83
CA ALA N 716 -41.85 -104.68 -39.53
C ALA N 716 -41.30 -103.84 -38.39
N ASN N 717 -40.06 -103.35 -38.54
CA ASN N 717 -39.41 -102.54 -37.53
C ASN N 717 -38.81 -101.30 -38.17
N VAL N 718 -38.46 -100.34 -37.35
CA VAL N 718 -37.69 -99.18 -37.77
C VAL N 718 -36.24 -99.43 -37.43
N ASP N 719 -35.34 -99.03 -38.34
CA ASP N 719 -33.92 -99.23 -38.13
C ASP N 719 -33.42 -98.37 -36.97
N PHE N 720 -32.47 -98.93 -36.22
CA PHE N 720 -31.87 -98.25 -35.08
C PHE N 720 -32.90 -97.90 -34.02
N THR N 721 -33.77 -98.86 -33.71
CA THR N 721 -34.79 -98.68 -32.68
C THR N 721 -34.84 -99.91 -31.80
N VAL N 722 -35.84 -99.98 -30.93
CA VAL N 722 -36.07 -101.14 -30.10
C VAL N 722 -37.13 -102.00 -30.76
N ASP N 723 -37.16 -103.28 -30.40
CA ASP N 723 -38.20 -104.17 -30.88
C ASP N 723 -39.30 -104.26 -29.83
N ASN N 724 -40.25 -105.18 -30.01
CA ASN N 724 -41.31 -105.34 -29.05
C ASN N 724 -40.83 -105.91 -27.72
N ASN N 725 -39.63 -106.48 -27.68
CA ASN N 725 -39.04 -106.96 -26.43
C ASN N 725 -38.19 -105.92 -25.73
N GLY N 726 -37.97 -104.77 -26.35
CA GLY N 726 -37.17 -103.73 -25.74
C GLY N 726 -35.70 -103.77 -26.05
N LEU N 727 -35.29 -104.52 -27.07
CA LEU N 727 -33.88 -104.71 -27.38
C LEU N 727 -33.47 -103.75 -28.48
N TYR N 728 -32.54 -102.85 -28.17
CA TYR N 728 -32.00 -101.93 -29.15
C TYR N 728 -31.03 -102.66 -30.06
N THR N 729 -31.19 -102.48 -31.37
CA THR N 729 -30.35 -103.12 -32.37
C THR N 729 -29.90 -102.09 -33.39
N GLU N 730 -28.71 -102.32 -33.95
CA GLU N 730 -28.19 -101.52 -35.04
C GLU N 730 -28.11 -102.39 -36.29
N PRO N 731 -28.95 -102.15 -37.30
CA PRO N 731 -29.02 -103.07 -38.45
C PRO N 731 -27.74 -103.18 -39.27
N ARG N 732 -26.97 -102.11 -39.37
CA ARG N 732 -25.82 -102.10 -40.27
C ARG N 732 -24.77 -101.17 -39.69
N PRO N 733 -23.50 -101.36 -40.07
CA PRO N 733 -22.47 -100.38 -39.72
C PRO N 733 -22.48 -99.22 -40.70
N ILE N 734 -22.40 -98.00 -40.17
CA ILE N 734 -22.42 -96.79 -40.98
C ILE N 734 -21.03 -96.17 -40.94
N GLY N 735 -20.45 -95.97 -42.12
CA GLY N 735 -19.19 -95.26 -42.23
C GLY N 735 -19.39 -93.76 -42.31
N THR N 736 -18.38 -93.08 -42.82
CA THR N 736 -18.38 -91.62 -42.88
C THR N 736 -18.28 -91.07 -44.29
N ARG N 737 -17.77 -91.85 -45.24
CA ARG N 737 -17.36 -91.33 -46.54
C ARG N 737 -18.55 -91.33 -47.49
N TYR N 738 -19.32 -90.24 -47.50
CA TYR N 738 -20.46 -90.11 -48.39
C TYR N 738 -20.29 -88.92 -49.32
N LEU N 739 -19.94 -87.77 -48.76
CA LEU N 739 -19.58 -86.62 -49.58
C LEU N 739 -18.31 -86.93 -50.35
N THR N 740 -18.05 -86.18 -51.41
CA THR N 740 -16.87 -86.39 -52.22
C THR N 740 -16.10 -85.10 -52.37
N ARG N 741 -14.83 -85.23 -52.75
CA ARG N 741 -14.01 -84.09 -53.09
C ARG N 741 -12.99 -84.53 -54.14
N PRO N 742 -12.50 -83.61 -54.96
CA PRO N 742 -11.53 -84.00 -55.99
C PRO N 742 -10.19 -84.40 -55.38
N LEU N 743 -9.54 -85.34 -56.04
CA LEU N 743 -8.30 -85.91 -55.53
C LEU N 743 -7.12 -84.94 -55.68
N ASP O 219 -18.65 -84.39 9.06
CA ASP O 219 -19.13 -83.58 7.94
C ASP O 219 -20.38 -84.20 7.30
N GLY O 220 -20.88 -85.28 7.88
CA GLY O 220 -22.12 -85.89 7.45
C GLY O 220 -21.97 -87.36 7.16
N VAL O 221 -23.13 -88.02 7.07
CA VAL O 221 -23.17 -89.45 6.76
C VAL O 221 -22.78 -89.71 5.31
N GLY O 222 -23.24 -88.88 4.39
CA GLY O 222 -23.04 -89.15 2.97
C GLY O 222 -21.89 -88.41 2.33
N ASN O 223 -20.97 -87.91 3.14
CA ASN O 223 -19.82 -87.15 2.66
C ASN O 223 -18.56 -87.82 3.19
N ALA O 224 -17.65 -88.16 2.28
CA ALA O 224 -16.40 -88.79 2.68
C ALA O 224 -15.50 -87.77 3.39
N SER O 225 -14.84 -88.21 4.46
CA SER O 225 -14.00 -87.33 5.25
C SER O 225 -12.53 -87.39 4.85
N GLY O 226 -12.19 -88.12 3.80
CA GLY O 226 -10.82 -88.12 3.33
C GLY O 226 -10.72 -88.89 2.04
N ASN O 227 -9.56 -88.76 1.41
CA ASN O 227 -9.28 -89.39 0.14
C ASN O 227 -8.13 -90.38 0.30
N TRP O 228 -7.97 -91.23 -0.71
CA TRP O 228 -6.89 -92.21 -0.72
C TRP O 228 -5.62 -91.53 -1.19
N HIS O 229 -4.65 -91.40 -0.29
CA HIS O 229 -3.36 -90.78 -0.60
C HIS O 229 -2.27 -91.81 -0.42
N CYS O 230 -1.93 -92.50 -1.49
CA CYS O 230 -0.86 -93.48 -1.49
C CYS O 230 0.07 -93.16 -2.66
N ASP O 231 1.25 -92.66 -2.35
CA ASP O 231 2.12 -92.08 -3.38
C ASP O 231 3.54 -92.05 -2.84
N SER O 232 4.46 -91.59 -3.68
CA SER O 232 5.83 -91.35 -3.29
C SER O 232 6.41 -90.29 -4.19
N THR O 233 6.82 -89.17 -3.62
CA THR O 233 7.35 -88.04 -4.37
C THR O 233 8.82 -87.88 -4.04
N TRP O 234 9.65 -87.84 -5.07
CA TRP O 234 11.09 -87.72 -4.92
C TRP O 234 11.51 -86.31 -5.32
N LEU O 235 11.93 -85.52 -4.33
CA LEU O 235 12.51 -84.22 -4.59
C LEU O 235 14.02 -84.39 -4.66
N GLY O 236 14.76 -83.28 -4.67
CA GLY O 236 16.20 -83.38 -4.78
C GLY O 236 16.85 -84.09 -3.61
N ASP O 237 16.53 -83.66 -2.39
CA ASP O 237 17.13 -84.24 -1.21
C ASP O 237 16.11 -84.79 -0.24
N ARG O 238 14.83 -84.78 -0.59
CA ARG O 238 13.78 -85.33 0.24
C ARG O 238 13.04 -86.39 -0.56
N VAL O 239 12.41 -87.31 0.16
CA VAL O 239 11.39 -88.18 -0.42
C VAL O 239 10.21 -88.19 0.53
N ILE O 240 9.01 -88.01 -0.01
CA ILE O 240 7.79 -88.02 0.79
C ILE O 240 7.00 -89.26 0.41
N THR O 241 6.79 -90.14 1.36
CA THR O 241 6.05 -91.38 1.16
C THR O 241 4.69 -91.28 1.86
N THR O 242 3.63 -91.52 1.12
CA THR O 242 2.27 -91.55 1.66
C THR O 242 1.69 -92.94 1.50
N SER O 243 1.00 -93.41 2.53
CA SER O 243 0.40 -94.74 2.52
C SER O 243 -0.97 -94.68 3.15
N THR O 244 -1.97 -95.16 2.42
CA THR O 244 -3.32 -95.33 2.93
C THR O 244 -3.64 -96.81 3.00
N ARG O 245 -4.27 -97.22 4.09
CA ARG O 245 -4.69 -98.60 4.30
C ARG O 245 -6.09 -98.63 4.87
N THR O 246 -6.75 -99.77 4.72
CA THR O 246 -8.06 -100.00 5.30
C THR O 246 -7.90 -100.88 6.53
N TRP O 247 -8.43 -100.42 7.66
CA TRP O 247 -8.30 -101.11 8.93
C TRP O 247 -9.67 -101.54 9.44
N ALA O 248 -9.65 -102.62 10.21
CA ALA O 248 -10.78 -103.10 10.97
C ALA O 248 -10.40 -103.20 12.44
N LEU O 249 -11.21 -102.61 13.30
CA LEU O 249 -10.98 -102.59 14.74
C LEU O 249 -12.13 -103.32 15.43
N PRO O 250 -11.88 -104.42 16.11
CA PRO O 250 -12.94 -105.09 16.86
C PRO O 250 -13.09 -104.54 18.25
N THR O 251 -13.98 -105.14 19.03
CA THR O 251 -14.06 -104.88 20.46
C THR O 251 -13.18 -105.88 21.19
N TYR O 252 -12.26 -105.37 21.99
CA TYR O 252 -11.29 -106.20 22.70
C TYR O 252 -11.70 -106.32 24.15
N ASN O 253 -11.67 -107.55 24.68
CA ASN O 253 -11.88 -107.85 26.10
C ASN O 253 -13.30 -107.58 26.56
N ASN O 254 -14.25 -107.39 25.65
CA ASN O 254 -15.59 -106.93 25.99
C ASN O 254 -15.55 -105.61 26.76
N HIS O 255 -14.71 -104.69 26.27
CA HIS O 255 -14.57 -103.35 26.85
C HIS O 255 -14.00 -103.37 28.26
N LEU O 256 -13.25 -104.42 28.59
CA LEU O 256 -12.75 -104.60 29.94
C LEU O 256 -11.23 -104.45 29.98
N TYR O 257 -10.73 -103.96 31.10
CA TYR O 257 -9.33 -104.00 31.43
C TYR O 257 -9.08 -105.28 32.23
N LYS O 258 -8.15 -106.10 31.78
CA LYS O 258 -7.89 -107.37 32.44
C LYS O 258 -6.44 -107.43 32.88
N GLN O 259 -6.21 -108.01 34.06
CA GLN O 259 -4.87 -108.22 34.57
C GLN O 259 -4.37 -109.57 34.09
N ILE O 260 -3.20 -109.56 33.44
CA ILE O 260 -2.64 -110.77 32.87
C ILE O 260 -1.30 -111.04 33.54
N SER O 261 -1.00 -112.32 33.72
CA SER O 261 0.27 -112.75 34.29
C SER O 261 0.57 -114.16 33.80
N SER O 262 1.64 -114.75 34.33
CA SER O 262 2.08 -116.08 33.94
C SER O 262 1.68 -117.15 34.95
N ALA O 263 0.88 -116.79 35.95
CA ALA O 263 0.55 -117.72 37.03
C ALA O 263 -0.22 -118.93 36.50
N SER O 264 -1.21 -118.70 35.65
CA SER O 264 -1.92 -119.83 35.05
C SER O 264 -1.09 -120.52 33.98
N THR O 265 -0.22 -119.78 33.31
CA THR O 265 0.62 -120.37 32.28
C THR O 265 1.57 -121.39 32.87
N GLY O 266 2.07 -121.14 34.07
CA GLY O 266 3.06 -122.04 34.65
C GLY O 266 4.38 -122.04 33.92
N ALA O 267 4.89 -120.87 33.56
CA ALA O 267 6.10 -120.74 32.78
C ALA O 267 7.33 -120.88 33.67
N SER O 268 8.50 -120.85 33.05
CA SER O 268 9.75 -120.86 33.79
C SER O 268 10.00 -119.50 34.41
N ASN O 269 10.99 -119.45 35.31
CA ASN O 269 11.30 -118.20 35.99
C ASN O 269 11.72 -117.10 35.01
N ASP O 270 12.29 -117.48 33.87
CA ASP O 270 12.72 -116.51 32.87
C ASP O 270 11.57 -115.91 32.10
N ASN O 271 10.42 -116.59 32.05
CA ASN O 271 9.30 -116.16 31.24
C ASN O 271 8.15 -115.61 32.07
N HIS O 272 8.37 -115.37 33.35
CA HIS O 272 7.33 -114.80 34.20
C HIS O 272 7.06 -113.36 33.82
N TYR O 273 5.80 -112.96 33.94
CA TYR O 273 5.43 -111.58 33.64
C TYR O 273 4.16 -111.21 34.39
N PHE O 274 3.94 -109.90 34.48
CA PHE O 274 2.73 -109.34 35.06
C PHE O 274 2.40 -108.08 34.27
N GLY O 275 1.14 -107.92 33.91
CA GLY O 275 0.76 -106.76 33.15
C GLY O 275 -0.73 -106.63 33.00
N TYR O 276 -1.12 -105.83 32.02
CA TYR O 276 -2.53 -105.53 31.80
C TYR O 276 -2.85 -105.57 30.32
N SER O 277 -4.07 -106.03 30.02
CA SER O 277 -4.65 -106.03 28.69
C SER O 277 -5.74 -104.98 28.64
N THR O 278 -5.65 -104.05 27.70
CA THR O 278 -6.66 -103.02 27.65
C THR O 278 -7.65 -103.31 26.52
N PRO O 279 -8.83 -102.70 26.54
CA PRO O 279 -9.76 -102.83 25.41
C PRO O 279 -9.39 -101.98 24.19
N TRP O 280 -8.26 -101.29 24.22
CA TRP O 280 -7.85 -100.42 23.15
C TRP O 280 -6.99 -101.17 22.14
N GLY O 281 -7.02 -100.70 20.89
CA GLY O 281 -6.04 -101.08 19.90
C GLY O 281 -5.14 -99.88 19.62
N TYR O 282 -4.07 -100.15 18.89
CA TYR O 282 -3.13 -99.09 18.55
C TYR O 282 -2.76 -99.18 17.08
N PHE O 283 -2.32 -98.06 16.54
CA PHE O 283 -1.89 -97.97 15.15
C PHE O 283 -0.37 -98.08 15.09
N ASP O 284 0.12 -98.97 14.25
CA ASP O 284 1.54 -99.23 14.10
C ASP O 284 1.94 -99.08 12.64
N PHE O 285 2.93 -98.24 12.39
CA PHE O 285 3.51 -98.11 11.06
C PHE O 285 5.04 -98.04 11.21
N ASN O 286 5.59 -98.91 12.06
CA ASN O 286 7.00 -98.92 12.37
C ASN O 286 7.76 -99.99 11.59
N ARG O 287 7.41 -100.19 10.33
CA ARG O 287 8.20 -100.99 9.41
C ARG O 287 8.40 -100.21 8.12
N PHE O 288 9.51 -100.48 7.44
CA PHE O 288 9.84 -99.67 6.29
C PHE O 288 8.93 -99.96 5.10
N HIS O 289 8.40 -101.17 5.00
CA HIS O 289 7.52 -101.50 3.89
C HIS O 289 6.10 -100.98 4.06
N CYS O 290 5.77 -100.42 5.24
CA CYS O 290 4.53 -99.67 5.38
C CYS O 290 4.57 -98.38 4.59
N HIS O 291 5.75 -97.93 4.19
CA HIS O 291 5.94 -96.65 3.54
C HIS O 291 6.60 -96.73 2.18
N PHE O 292 7.51 -97.69 1.97
CA PHE O 292 8.23 -97.81 0.72
C PHE O 292 7.74 -99.04 -0.03
N SER O 293 7.43 -98.86 -1.31
CA SER O 293 7.30 -99.99 -2.19
C SER O 293 8.69 -100.57 -2.43
N PRO O 294 8.79 -101.83 -2.88
CA PRO O 294 10.12 -102.37 -3.20
C PRO O 294 10.85 -101.56 -4.25
N ARG O 295 10.15 -101.01 -5.24
CA ARG O 295 10.78 -100.15 -6.22
C ARG O 295 11.33 -98.88 -5.58
N ASP O 296 10.56 -98.26 -4.68
CA ASP O 296 11.04 -97.07 -3.98
C ASP O 296 12.22 -97.38 -3.09
N TRP O 297 12.19 -98.53 -2.42
CA TRP O 297 13.32 -98.95 -1.59
C TRP O 297 14.57 -99.14 -2.42
N GLN O 298 14.44 -99.78 -3.59
CA GLN O 298 15.58 -99.94 -4.47
C GLN O 298 16.10 -98.60 -4.97
N ARG O 299 15.19 -97.70 -5.31
CA ARG O 299 15.59 -96.36 -5.74
C ARG O 299 16.35 -95.63 -4.64
N LEU O 300 15.91 -95.79 -3.39
CA LEU O 300 16.60 -95.15 -2.27
C LEU O 300 17.98 -95.75 -2.05
N ILE O 301 18.07 -97.07 -1.96
CA ILE O 301 19.30 -97.72 -1.54
C ILE O 301 20.34 -97.78 -2.65
N ASN O 302 19.94 -97.67 -3.91
CA ASN O 302 20.91 -97.69 -4.99
C ASN O 302 21.51 -96.33 -5.27
N ASN O 303 20.97 -95.28 -4.67
CA ASN O 303 21.35 -93.92 -5.03
C ASN O 303 21.74 -93.04 -3.87
N ASN O 304 21.43 -93.42 -2.64
CA ASN O 304 21.66 -92.55 -1.50
C ASN O 304 22.67 -93.15 -0.55
N TRP O 305 23.56 -92.30 -0.03
CA TRP O 305 24.50 -92.71 1.00
C TRP O 305 23.88 -92.76 2.37
N GLY O 306 22.78 -92.06 2.58
CA GLY O 306 22.14 -92.15 3.88
C GLY O 306 20.74 -91.56 3.84
N PHE O 307 19.99 -91.84 4.89
CA PHE O 307 18.65 -91.26 4.96
C PHE O 307 18.16 -91.20 6.39
N ARG O 308 17.17 -90.35 6.64
CA ARG O 308 16.59 -90.25 7.96
C ARG O 308 15.20 -89.64 7.85
N PRO O 309 14.34 -89.84 8.84
CA PRO O 309 13.01 -89.21 8.80
C PRO O 309 12.98 -87.81 9.39
N LYS O 310 12.25 -86.94 8.70
CA LYS O 310 12.06 -85.54 9.06
C LYS O 310 10.71 -85.28 9.69
N ARG O 311 9.62 -85.67 9.06
CA ARG O 311 8.33 -85.35 9.66
C ARG O 311 7.27 -86.35 9.22
N LEU O 312 6.14 -86.36 9.92
CA LEU O 312 5.05 -87.24 9.54
C LEU O 312 3.70 -86.60 9.83
N ASN O 313 2.73 -87.00 9.02
CA ASN O 313 1.32 -86.67 9.17
C ASN O 313 0.53 -87.97 9.27
N PHE O 314 -0.43 -88.00 10.19
CA PHE O 314 -1.28 -89.16 10.41
C PHE O 314 -2.72 -88.70 10.27
N LYS O 315 -3.51 -89.43 9.50
CA LYS O 315 -4.92 -89.12 9.32
C LYS O 315 -5.74 -90.40 9.46
N LEU O 316 -6.91 -90.25 10.07
CA LEU O 316 -7.86 -91.33 10.28
C LEU O 316 -9.20 -90.84 9.76
N PHE O 317 -9.77 -91.54 8.78
CA PHE O 317 -10.93 -90.98 8.10
C PHE O 317 -11.83 -92.11 7.62
N ASN O 318 -13.05 -91.74 7.26
CA ASN O 318 -14.07 -92.63 6.72
C ASN O 318 -14.41 -93.73 7.71
N ILE O 319 -14.79 -93.32 8.92
CA ILE O 319 -15.14 -94.24 9.99
C ILE O 319 -16.50 -94.84 9.73
N GLN O 320 -16.61 -96.16 9.86
CA GLN O 320 -17.88 -96.86 9.78
C GLN O 320 -17.98 -97.82 10.95
N VAL O 321 -18.94 -97.61 11.82
CA VAL O 321 -19.22 -98.54 12.91
C VAL O 321 -20.31 -99.49 12.46
N LYS O 322 -20.07 -100.79 12.66
CA LYS O 322 -20.98 -101.82 12.23
C LYS O 322 -21.44 -102.63 13.44
N GLU O 323 -22.74 -102.79 13.54
CA GLU O 323 -23.39 -103.63 14.54
C GLU O 323 -23.56 -105.05 14.02
N VAL O 324 -23.27 -106.03 14.87
CA VAL O 324 -23.31 -107.44 14.50
C VAL O 324 -24.28 -108.17 15.43
N THR O 325 -25.21 -108.93 14.84
CA THR O 325 -26.12 -109.80 15.59
C THR O 325 -26.07 -111.20 15.00
N THR O 326 -25.79 -112.19 15.82
CA THR O 326 -25.82 -113.58 15.38
C THR O 326 -27.02 -114.28 16.03
N ASN O 327 -27.97 -114.71 15.19
CA ASN O 327 -29.16 -115.43 15.63
C ASN O 327 -29.29 -116.73 14.84
N ASP O 328 -29.50 -117.83 15.56
CA ASP O 328 -29.70 -119.15 14.94
C ASP O 328 -28.56 -119.51 14.00
N GLY O 329 -27.38 -118.96 14.25
CA GLY O 329 -26.21 -119.25 13.47
C GLY O 329 -25.96 -118.30 12.30
N VAL O 330 -26.94 -117.47 11.95
CA VAL O 330 -26.78 -116.53 10.85
C VAL O 330 -26.48 -115.15 11.40
N THR O 331 -25.58 -114.44 10.72
CA THR O 331 -25.02 -113.17 11.21
C THR O 331 -25.53 -112.02 10.35
N THR O 332 -26.07 -111.01 11.01
CA THR O 332 -26.51 -109.77 10.38
C THR O 332 -25.56 -108.65 10.78
N ILE O 333 -25.13 -107.87 9.79
CA ILE O 333 -24.31 -106.70 10.03
C ILE O 333 -25.08 -105.48 9.52
N ALA O 334 -25.18 -104.46 10.36
CA ALA O 334 -25.85 -103.23 9.99
C ALA O 334 -24.93 -102.05 10.31
N ASN O 335 -25.28 -100.90 9.78
CA ASN O 335 -24.56 -99.68 10.10
C ASN O 335 -25.11 -99.07 11.39
N ASN O 336 -24.21 -98.63 12.25
CA ASN O 336 -24.58 -97.90 13.46
C ASN O 336 -24.12 -96.46 13.25
N LEU O 337 -25.04 -95.61 12.81
CA LEU O 337 -24.67 -94.27 12.39
C LEU O 337 -24.34 -93.34 13.56
N THR O 338 -24.74 -93.68 14.77
CA THR O 338 -24.56 -92.81 15.92
C THR O 338 -23.48 -93.29 16.89
N SER O 339 -22.73 -94.33 16.54
CA SER O 339 -21.68 -94.83 17.40
C SER O 339 -20.37 -94.10 17.13
N THR O 340 -19.47 -94.15 18.11
CA THR O 340 -18.22 -93.42 18.04
C THR O 340 -17.03 -94.35 18.24
N VAL O 341 -15.89 -93.92 17.71
CA VAL O 341 -14.59 -94.48 18.07
C VAL O 341 -13.81 -93.39 18.79
N GLN O 342 -13.20 -93.75 19.91
CA GLN O 342 -12.32 -92.85 20.63
C GLN O 342 -10.89 -93.02 20.13
N VAL O 343 -10.24 -91.92 19.80
CA VAL O 343 -8.86 -91.92 19.31
C VAL O 343 -8.08 -90.89 20.11
N PHE O 344 -6.89 -91.25 20.54
CA PHE O 344 -6.00 -90.24 21.10
C PHE O 344 -4.56 -90.61 20.81
N SER O 345 -3.71 -89.58 20.78
CA SER O 345 -2.28 -89.73 20.58
C SER O 345 -1.59 -89.48 21.92
N ASP O 346 -0.67 -90.37 22.29
CA ASP O 346 0.03 -90.25 23.57
C ASP O 346 1.28 -89.41 23.35
N SER O 347 1.06 -88.11 23.17
CA SER O 347 2.12 -87.19 22.76
C SER O 347 3.11 -86.87 23.88
N GLU O 348 2.73 -87.10 25.13
CA GLU O 348 3.61 -86.84 26.25
C GLU O 348 4.28 -88.09 26.78
N TYR O 349 4.10 -89.22 26.11
CA TYR O 349 4.77 -90.48 26.46
C TYR O 349 4.51 -90.87 27.91
N GLN O 350 3.25 -90.74 28.30
CA GLN O 350 2.82 -91.09 29.65
C GLN O 350 2.42 -92.55 29.78
N LEU O 351 2.35 -93.27 28.70
CA LEU O 351 1.99 -94.67 28.64
C LEU O 351 3.21 -95.52 28.36
N PRO O 352 3.18 -96.80 28.73
CA PRO O 352 4.24 -97.70 28.29
C PRO O 352 4.29 -97.78 26.76
N TYR O 353 5.49 -97.66 26.21
CA TYR O 353 5.69 -97.66 24.77
C TYR O 353 5.90 -99.09 24.31
N VAL O 354 4.88 -99.68 23.69
CA VAL O 354 5.00 -101.05 23.21
C VAL O 354 5.41 -101.11 21.76
N LEU O 355 5.44 -99.99 21.06
CA LEU O 355 6.05 -99.96 19.75
C LEU O 355 7.56 -100.12 19.89
N GLY O 356 8.21 -100.49 18.81
CA GLY O 356 9.64 -100.70 18.89
C GLY O 356 10.05 -102.03 19.48
N SER O 357 9.13 -102.96 19.63
CA SER O 357 9.43 -104.33 20.01
C SER O 357 9.22 -105.31 18.88
N ALA O 358 9.05 -104.81 17.65
CA ALA O 358 8.93 -105.62 16.44
C ALA O 358 7.71 -106.54 16.50
N HIS O 359 6.55 -105.96 16.75
CA HIS O 359 5.31 -106.72 16.87
C HIS O 359 4.54 -106.70 15.55
N GLN O 360 3.70 -107.71 15.40
CA GLN O 360 2.76 -107.74 14.29
C GLN O 360 1.67 -106.69 14.46
N GLY O 361 0.98 -106.39 13.39
CA GLY O 361 -0.10 -105.43 13.45
C GLY O 361 0.18 -104.11 12.76
N CYS O 362 1.32 -104.00 12.09
CA CYS O 362 1.62 -102.82 11.32
C CYS O 362 0.73 -102.74 10.08
N LEU O 363 0.79 -101.60 9.40
CA LEU O 363 0.14 -101.53 8.10
C LEU O 363 0.76 -102.56 7.17
N PRO O 364 -0.03 -103.28 6.39
CA PRO O 364 0.52 -104.30 5.50
C PRO O 364 1.38 -103.67 4.41
N PRO O 365 2.37 -104.42 3.90
CA PRO O 365 3.21 -103.85 2.83
C PRO O 365 2.43 -103.53 1.57
N PHE O 366 1.46 -104.35 1.21
CA PHE O 366 0.69 -104.16 -0.01
C PHE O 366 -0.49 -103.22 0.27
N PRO O 367 -0.63 -102.13 -0.50
CA PRO O 367 -1.70 -101.15 -0.21
C PRO O 367 -3.10 -101.70 -0.36
N ALA O 368 -3.29 -102.82 -1.04
CA ALA O 368 -4.62 -103.39 -1.22
C ALA O 368 -5.07 -104.21 -0.02
N ASP O 369 -4.19 -104.47 0.93
CA ASP O 369 -4.53 -105.37 2.04
C ASP O 369 -5.25 -104.63 3.15
N VAL O 370 -6.24 -105.31 3.73
CA VAL O 370 -7.02 -104.79 4.84
C VAL O 370 -6.51 -105.44 6.11
N PHE O 371 -6.20 -104.63 7.12
CA PHE O 371 -5.55 -105.15 8.30
C PHE O 371 -6.37 -104.92 9.56
N MET O 372 -6.24 -105.85 10.48
CA MET O 372 -6.87 -105.78 11.79
C MET O 372 -5.98 -105.01 12.74
N ILE O 373 -6.58 -104.20 13.58
CA ILE O 373 -5.80 -103.36 14.50
C ILE O 373 -5.43 -104.18 15.74
N PRO O 374 -4.16 -104.21 16.12
CA PRO O 374 -3.74 -105.03 17.27
C PRO O 374 -4.17 -104.44 18.60
N GLN O 375 -4.36 -105.33 19.58
CA GLN O 375 -4.80 -104.91 20.91
C GLN O 375 -3.65 -104.32 21.70
N TYR O 376 -3.95 -103.33 22.52
CA TYR O 376 -2.96 -102.72 23.37
C TYR O 376 -2.88 -103.43 24.72
N GLY O 377 -1.67 -103.70 25.15
CA GLY O 377 -1.42 -104.25 26.46
C GLY O 377 0.00 -103.91 26.84
N TYR O 378 0.27 -103.93 28.13
CA TYR O 378 1.60 -103.59 28.60
C TYR O 378 1.97 -104.50 29.75
N LEU O 379 3.26 -104.50 30.08
CA LEU O 379 3.79 -105.22 31.21
C LEU O 379 4.31 -104.21 32.22
N THR O 380 4.28 -104.58 33.49
CA THR O 380 4.79 -103.76 34.56
C THR O 380 5.73 -104.59 35.41
N LEU O 381 6.27 -103.97 36.46
CA LEU O 381 7.21 -104.66 37.34
C LEU O 381 6.57 -105.92 37.91
N ASN O 382 7.32 -107.01 37.88
CA ASN O 382 6.81 -108.28 38.39
C ASN O 382 7.88 -108.96 39.23
N ASN O 383 7.41 -109.69 40.24
CA ASN O 383 8.23 -110.54 41.10
C ASN O 383 7.74 -111.96 40.90
N GLY O 384 8.24 -112.61 39.86
CA GLY O 384 7.64 -113.86 39.44
C GLY O 384 6.40 -113.58 38.66
N SER O 385 5.30 -114.25 39.01
CA SER O 385 4.00 -113.95 38.43
C SER O 385 3.23 -112.91 39.23
N GLN O 386 3.83 -112.35 40.27
CA GLN O 386 3.19 -111.38 41.13
C GLN O 386 3.62 -109.97 40.77
N ALA O 387 2.92 -109.00 41.34
CA ALA O 387 3.24 -107.60 41.17
C ALA O 387 4.04 -107.11 42.37
N VAL O 388 4.42 -105.84 42.34
CA VAL O 388 5.06 -105.17 43.46
C VAL O 388 4.31 -103.88 43.73
N GLY O 389 4.78 -103.12 44.73
CA GLY O 389 4.15 -101.85 45.04
C GLY O 389 4.32 -100.82 43.95
N ARG O 390 5.46 -100.85 43.26
CA ARG O 390 5.77 -99.89 42.21
C ARG O 390 5.26 -100.32 40.85
N SER O 391 4.55 -101.45 40.78
CA SER O 391 3.88 -101.83 39.55
C SER O 391 2.80 -100.82 39.23
N SER O 392 2.78 -100.34 38.00
CA SER O 392 1.86 -99.30 37.59
C SER O 392 0.65 -99.90 36.87
N PHE O 393 -0.46 -99.18 36.96
CA PHE O 393 -1.66 -99.48 36.20
C PHE O 393 -2.08 -98.20 35.49
N TYR O 394 -2.46 -98.32 34.24
CA TYR O 394 -2.85 -97.19 33.43
C TYR O 394 -4.24 -97.43 32.88
N CYS O 395 -5.19 -96.57 33.26
CA CYS O 395 -6.47 -96.51 32.57
C CYS O 395 -6.31 -95.58 31.38
N LEU O 396 -6.57 -96.09 30.19
CA LEU O 396 -6.46 -95.27 28.99
C LEU O 396 -7.68 -94.38 28.79
N GLU O 397 -8.77 -94.64 29.50
CA GLU O 397 -9.89 -93.71 29.53
C GLU O 397 -9.60 -92.49 30.37
N TYR O 398 -8.51 -92.50 31.12
CA TYR O 398 -8.06 -91.36 31.89
C TYR O 398 -7.28 -90.36 31.05
N PHE O 399 -7.43 -90.41 29.73
CA PHE O 399 -6.85 -89.49 28.79
C PHE O 399 -7.94 -88.74 28.06
N PRO O 400 -7.66 -87.52 27.59
CA PRO O 400 -8.60 -86.87 26.65
C PRO O 400 -8.55 -87.56 25.30
N SER O 401 -9.71 -88.01 24.84
CA SER O 401 -9.85 -88.67 23.56
C SER O 401 -10.76 -87.84 22.65
N GLN O 402 -10.53 -87.93 21.36
CA GLN O 402 -11.46 -87.40 20.38
C GLN O 402 -12.43 -88.50 20.01
N MET O 403 -13.72 -88.20 20.11
CA MET O 403 -14.78 -89.12 19.74
C MET O 403 -15.20 -88.84 18.31
N LEU O 404 -15.18 -89.87 17.48
CA LEU O 404 -15.41 -89.75 16.05
C LEU O 404 -16.66 -90.54 15.68
N ARG O 405 -17.65 -89.84 15.13
CA ARG O 405 -18.76 -90.50 14.48
C ARG O 405 -18.40 -90.71 13.01
N THR O 406 -19.36 -91.18 12.22
CA THR O 406 -19.03 -91.59 10.86
C THR O 406 -18.65 -90.43 9.95
N GLY O 407 -18.90 -89.19 10.35
CA GLY O 407 -18.55 -88.05 9.53
C GLY O 407 -17.31 -87.32 9.97
N ASN O 408 -16.66 -87.79 11.03
CA ASN O 408 -15.50 -87.13 11.60
C ASN O 408 -14.20 -87.79 11.16
N ASN O 409 -13.13 -87.01 11.22
CA ASN O 409 -11.79 -87.53 10.98
C ASN O 409 -10.85 -87.04 12.09
N PHE O 410 -9.64 -87.58 12.07
CA PHE O 410 -8.63 -87.34 13.09
C PHE O 410 -7.32 -87.05 12.39
N THR O 411 -6.64 -85.98 12.77
CA THR O 411 -5.35 -85.64 12.17
C THR O 411 -4.33 -85.41 13.27
N PHE O 412 -3.06 -85.63 12.93
CA PHE O 412 -2.00 -85.47 13.91
C PHE O 412 -0.67 -85.31 13.18
N SER O 413 0.09 -84.28 13.54
CA SER O 413 1.39 -84.04 12.93
C SER O 413 2.50 -84.26 13.95
N TYR O 414 3.66 -84.67 13.46
CA TYR O 414 4.79 -84.95 14.33
C TYR O 414 6.07 -84.59 13.59
N THR O 415 7.03 -84.03 14.31
CA THR O 415 8.35 -83.72 13.77
C THR O 415 9.39 -84.58 14.46
N PHE O 416 10.21 -85.24 13.68
CA PHE O 416 11.31 -86.03 14.24
C PHE O 416 12.42 -85.12 14.76
N GLU O 417 13.05 -85.57 15.84
CA GLU O 417 14.26 -84.91 16.31
C GLU O 417 15.39 -85.14 15.32
N GLU O 418 16.45 -84.34 15.46
CA GLU O 418 17.60 -84.47 14.58
C GLU O 418 18.36 -85.73 14.95
N VAL O 419 18.10 -86.80 14.20
CA VAL O 419 18.72 -88.09 14.39
C VAL O 419 19.81 -88.21 13.32
N PRO O 420 20.89 -88.96 13.55
CA PRO O 420 21.87 -89.15 12.48
C PRO O 420 21.30 -89.95 11.32
N PHE O 421 21.83 -89.66 10.13
CA PHE O 421 21.47 -90.43 8.95
C PHE O 421 21.83 -91.89 9.15
N HIS O 422 20.93 -92.77 8.76
CA HIS O 422 21.31 -94.17 8.60
C HIS O 422 22.19 -94.31 7.38
N SER O 423 23.19 -95.18 7.51
CA SER O 423 24.24 -95.38 6.52
C SER O 423 23.79 -96.40 5.49
N SER O 424 23.44 -95.94 4.29
CA SER O 424 23.11 -96.83 3.18
C SER O 424 24.32 -97.22 2.36
N TYR O 425 25.49 -97.27 2.98
CA TYR O 425 26.72 -97.56 2.28
C TYR O 425 27.49 -98.65 3.00
N ALA O 426 28.32 -99.35 2.25
CA ALA O 426 29.41 -100.15 2.76
C ALA O 426 30.72 -99.37 2.64
N HIS O 427 31.76 -99.89 3.26
CA HIS O 427 33.08 -99.28 3.19
C HIS O 427 33.92 -99.99 2.15
N SER O 428 34.61 -99.22 1.32
CA SER O 428 35.51 -99.77 0.31
C SER O 428 36.86 -100.17 0.87
N GLN O 429 37.15 -99.80 2.11
CA GLN O 429 38.39 -100.16 2.76
C GLN O 429 38.09 -100.89 4.05
N SER O 430 39.03 -101.72 4.47
CA SER O 430 38.96 -102.36 5.78
C SER O 430 39.77 -101.55 6.78
N LEU O 431 39.42 -101.69 8.06
CA LEU O 431 40.03 -100.86 9.09
C LEU O 431 41.49 -101.19 9.29
N ASP O 432 41.89 -102.45 9.06
CA ASP O 432 43.28 -102.85 9.18
C ASP O 432 44.04 -102.71 7.87
N ARG O 433 43.48 -101.99 6.90
CA ARG O 433 44.08 -101.81 5.59
C ARG O 433 43.98 -100.36 5.16
N LEU O 434 44.25 -99.44 6.06
CA LEU O 434 44.10 -98.01 5.81
C LEU O 434 45.41 -97.34 5.44
N MET O 435 46.46 -98.11 5.23
CA MET O 435 47.80 -97.58 5.01
C MET O 435 48.10 -97.43 3.52
N ASN O 436 49.16 -96.69 3.24
CA ASN O 436 49.74 -96.68 1.91
C ASN O 436 50.49 -97.98 1.70
N PRO O 437 50.13 -98.78 0.70
CA PRO O 437 50.82 -100.06 0.48
C PRO O 437 52.17 -99.96 -0.19
N LEU O 438 52.67 -98.75 -0.46
CA LEU O 438 53.96 -98.58 -1.10
C LEU O 438 55.04 -98.02 -0.19
N ILE O 439 54.66 -97.28 0.82
CA ILE O 439 55.60 -96.55 1.67
C ILE O 439 55.75 -97.28 2.99
N ASP O 440 56.96 -97.28 3.54
CA ASP O 440 57.20 -97.81 4.86
C ASP O 440 56.73 -96.81 5.92
N GLN O 441 56.79 -97.24 7.17
CA GLN O 441 56.50 -96.38 8.31
C GLN O 441 57.79 -95.86 8.90
N TYR O 442 57.67 -94.84 9.73
CA TYR O 442 58.79 -94.40 10.55
C TYR O 442 58.73 -94.95 11.96
N LEU O 443 57.76 -95.82 12.23
CA LEU O 443 57.60 -96.44 13.53
C LEU O 443 58.14 -97.85 13.51
N TYR O 444 58.83 -98.23 14.58
CA TYR O 444 59.41 -99.56 14.71
C TYR O 444 58.58 -100.39 15.68
N TYR O 445 58.69 -101.70 15.53
CA TYR O 445 58.03 -102.64 16.42
C TYR O 445 59.01 -103.77 16.74
N LEU O 446 58.79 -104.41 17.88
CA LEU O 446 59.61 -105.56 18.23
C LEU O 446 59.22 -106.74 17.34
N ASN O 447 60.18 -107.21 16.55
CA ASN O 447 59.92 -108.25 15.56
C ASN O 447 60.40 -109.63 16.03
N ARG O 448 61.57 -109.71 16.63
CA ARG O 448 62.13 -110.97 17.10
C ARG O 448 62.60 -110.78 18.53
N THR O 449 62.35 -111.79 19.37
CA THR O 449 63.01 -111.90 20.66
C THR O 449 63.99 -113.06 20.71
N GLN O 450 64.29 -113.65 19.55
CA GLN O 450 65.32 -114.68 19.43
C GLN O 450 66.19 -114.35 18.21
N ASN O 451 67.36 -114.97 18.15
CA ASN O 451 68.27 -114.73 17.05
C ASN O 451 67.69 -115.28 15.76
N GLN O 452 67.81 -114.51 14.68
CA GLN O 452 67.26 -114.90 13.39
C GLN O 452 68.05 -116.00 12.72
N SER O 453 69.35 -116.10 12.98
CA SER O 453 70.20 -117.05 12.27
C SER O 453 69.76 -118.49 12.50
N GLY O 454 69.48 -118.85 13.75
CA GLY O 454 69.01 -120.18 14.08
C GLY O 454 70.08 -121.20 14.39
N SER O 455 71.35 -120.91 14.07
CA SER O 455 72.43 -121.83 14.43
C SER O 455 72.52 -121.97 15.94
N ALA O 456 72.39 -120.86 16.66
CA ALA O 456 72.15 -120.86 18.09
C ALA O 456 70.73 -120.42 18.36
N GLN O 457 70.27 -120.64 19.59
CA GLN O 457 68.91 -120.32 20.00
C GLN O 457 68.90 -119.22 21.07
N ASN O 458 69.70 -118.18 20.87
CA ASN O 458 69.85 -117.13 21.87
C ASN O 458 68.73 -116.11 21.74
N LYS O 459 68.42 -115.46 22.86
CA LYS O 459 67.44 -114.40 22.85
C LYS O 459 68.04 -113.13 22.27
N ASP O 460 67.17 -112.17 21.96
CA ASP O 460 67.61 -110.88 21.42
C ASP O 460 66.44 -109.90 21.52
N LEU O 461 66.68 -108.69 21.01
CA LEU O 461 65.65 -107.66 20.90
C LEU O 461 65.86 -107.01 19.53
N LEU O 462 65.19 -107.54 18.52
CA LEU O 462 65.34 -107.08 17.15
C LEU O 462 64.08 -106.34 16.72
N PHE O 463 64.25 -105.14 16.18
CA PHE O 463 63.16 -104.26 15.83
C PHE O 463 63.11 -104.07 14.32
N SER O 464 61.90 -104.10 13.77
CA SER O 464 61.69 -103.90 12.36
C SER O 464 60.85 -102.66 12.13
N ARG O 465 60.96 -102.13 10.92
CA ARG O 465 60.18 -100.97 10.50
C ARG O 465 58.86 -101.44 9.89
N GLY O 466 57.80 -100.69 10.16
CA GLY O 466 56.51 -100.98 9.58
C GLY O 466 56.56 -100.90 8.07
N SER O 467 56.32 -102.02 7.40
CA SER O 467 56.48 -102.14 5.96
C SER O 467 55.25 -102.76 5.33
N PRO O 468 55.02 -102.54 4.04
CA PRO O 468 53.88 -103.18 3.38
C PRO O 468 53.98 -104.69 3.31
N ALA O 469 55.17 -105.26 3.50
CA ALA O 469 55.29 -106.72 3.54
C ALA O 469 54.50 -107.29 4.71
N GLY O 470 54.70 -106.77 5.91
CA GLY O 470 53.88 -107.17 7.04
C GLY O 470 52.92 -106.07 7.44
N MET O 471 51.67 -106.20 7.04
CA MET O 471 50.65 -105.21 7.36
C MET O 471 49.93 -105.51 8.66
N SER O 472 50.01 -106.75 9.14
CA SER O 472 49.36 -107.14 10.37
C SER O 472 50.08 -106.61 11.61
N VAL O 473 51.37 -106.31 11.49
CA VAL O 473 52.16 -105.87 12.64
C VAL O 473 52.43 -104.37 12.62
N GLN O 474 51.93 -103.66 11.62
CA GLN O 474 52.11 -102.22 11.57
C GLN O 474 51.33 -101.55 12.70
N PRO O 475 51.91 -100.56 13.37
CA PRO O 475 51.13 -99.71 14.27
C PRO O 475 49.96 -99.06 13.54
N LYS O 476 48.82 -99.00 14.21
CA LYS O 476 47.60 -98.46 13.63
C LYS O 476 46.95 -97.50 14.61
N ASN O 477 45.96 -96.75 14.12
CA ASN O 477 45.36 -95.67 14.89
C ASN O 477 44.03 -96.03 15.52
N TRP O 478 43.34 -97.06 15.03
CA TRP O 478 41.98 -97.35 15.44
C TRP O 478 41.81 -98.83 15.74
N LEU O 479 40.70 -99.16 16.38
CA LEU O 479 40.36 -100.51 16.79
C LEU O 479 38.99 -100.88 16.25
N PRO O 480 38.73 -102.16 16.00
CA PRO O 480 37.38 -102.58 15.62
C PRO O 480 36.41 -102.45 16.78
N GLY O 481 35.14 -102.32 16.43
CA GLY O 481 34.09 -102.10 17.41
C GLY O 481 33.99 -103.19 18.46
N PRO O 482 33.11 -102.98 19.42
CA PRO O 482 32.96 -103.96 20.51
C PRO O 482 32.29 -105.22 20.03
N CYS O 483 32.50 -106.29 20.79
CA CYS O 483 31.96 -107.60 20.41
C CYS O 483 31.36 -108.28 21.62
N TYR O 484 30.44 -109.19 21.38
CA TYR O 484 29.87 -110.09 22.39
C TYR O 484 29.58 -111.42 21.70
N ARG O 485 30.52 -112.35 21.81
CA ARG O 485 30.55 -113.51 20.92
C ARG O 485 29.27 -114.33 20.99
N GLN O 486 28.83 -114.79 19.82
CA GLN O 486 27.67 -115.65 19.66
C GLN O 486 28.13 -117.05 19.25
N GLN O 487 27.21 -117.99 19.33
CA GLN O 487 27.48 -119.36 18.91
C GLN O 487 27.25 -119.49 17.41
N ARG O 488 28.09 -120.28 16.76
CA ARG O 488 28.10 -120.40 15.31
C ARG O 488 27.23 -121.59 14.90
N VAL O 489 26.19 -121.32 14.13
CA VAL O 489 25.28 -122.34 13.64
C VAL O 489 25.41 -122.40 12.12
N SER O 490 25.48 -123.61 11.59
CA SER O 490 25.56 -123.81 10.16
C SER O 490 24.17 -123.95 9.56
N LYS O 491 23.96 -123.27 8.43
CA LYS O 491 22.71 -123.43 7.69
C LYS O 491 22.54 -124.84 7.15
N THR O 492 23.64 -125.59 7.01
CA THR O 492 23.60 -127.01 6.69
C THR O 492 23.55 -127.79 8.00
N LYS O 493 22.40 -128.40 8.27
CA LYS O 493 22.14 -128.94 9.61
C LYS O 493 23.05 -130.10 9.99
N THR O 494 23.66 -130.78 9.03
CA THR O 494 24.51 -131.92 9.37
C THR O 494 25.80 -131.52 10.07
N ASP O 495 26.25 -130.27 9.90
CA ASP O 495 27.48 -129.83 10.54
C ASP O 495 27.27 -129.27 11.93
N ASN O 496 26.04 -129.25 12.42
CA ASN O 496 25.76 -128.76 13.76
C ASN O 496 25.81 -129.90 14.76
N ASN O 497 26.13 -129.54 16.00
CA ASN O 497 26.20 -130.52 17.07
C ASN O 497 24.84 -131.16 17.30
N ASN O 498 24.85 -132.45 17.67
CA ASN O 498 23.62 -133.18 17.92
C ASN O 498 23.13 -132.93 19.35
N SER O 499 22.58 -131.74 19.55
CA SER O 499 21.96 -131.35 20.80
C SER O 499 21.10 -130.13 20.51
N ASN O 500 20.34 -129.70 21.52
CA ASN O 500 19.51 -128.51 21.32
C ASN O 500 20.33 -127.24 21.40
N PHE O 501 20.87 -126.95 22.57
CA PHE O 501 21.87 -125.89 22.79
C PHE O 501 21.42 -124.51 22.27
N THR O 502 20.15 -124.36 21.92
CA THR O 502 19.63 -123.04 21.60
C THR O 502 19.39 -122.19 22.83
N TRP O 503 19.30 -122.80 23.99
CA TRP O 503 19.20 -122.06 25.23
C TRP O 503 20.42 -122.27 26.13
N THR O 504 20.94 -123.49 26.20
CA THR O 504 22.08 -123.75 27.07
C THR O 504 23.38 -123.19 26.50
N GLY O 505 23.50 -123.11 25.18
CA GLY O 505 24.74 -122.66 24.58
C GLY O 505 24.67 -121.29 23.97
N ALA O 506 23.74 -120.47 24.45
CA ALA O 506 23.47 -119.19 23.83
C ALA O 506 23.94 -118.03 24.70
N SER O 507 24.30 -116.93 24.04
CA SER O 507 24.67 -115.71 24.74
C SER O 507 23.43 -115.06 25.32
N LYS O 508 23.40 -114.88 26.63
CA LYS O 508 22.24 -114.30 27.28
C LYS O 508 22.72 -113.42 28.42
N TYR O 509 21.84 -112.53 28.87
CA TYR O 509 22.16 -111.63 29.95
C TYR O 509 21.25 -111.88 31.14
N ASN O 510 21.78 -111.54 32.32
CA ASN O 510 21.10 -111.75 33.59
C ASN O 510 20.54 -110.42 34.06
N LEU O 511 19.24 -110.39 34.37
CA LEU O 511 18.59 -109.18 34.86
C LEU O 511 17.57 -109.56 35.91
N ASN O 512 17.82 -109.16 37.16
CA ASN O 512 16.92 -109.44 38.29
C ASN O 512 16.68 -110.94 38.45
N GLY O 513 17.71 -111.73 38.16
CA GLY O 513 17.65 -113.16 38.39
C GLY O 513 17.10 -113.99 37.25
N ARG O 514 16.62 -113.38 36.18
CA ARG O 514 16.12 -114.13 35.05
C ARG O 514 16.89 -113.77 33.78
N GLU O 515 17.18 -114.79 32.99
CA GLU O 515 18.05 -114.69 31.83
C GLU O 515 17.25 -114.34 30.59
N SER O 516 17.87 -113.59 29.69
CA SER O 516 17.24 -113.18 28.44
C SER O 516 18.25 -113.31 27.33
N ILE O 517 17.85 -113.95 26.23
CA ILE O 517 18.73 -114.08 25.08
C ILE O 517 19.03 -112.69 24.54
N ILE O 518 20.28 -112.48 24.09
CA ILE O 518 20.68 -111.16 23.61
C ILE O 518 19.87 -110.79 22.38
N ASN O 519 20.05 -111.51 21.27
CA ASN O 519 19.14 -111.47 20.13
C ASN O 519 18.71 -110.08 19.68
N PRO O 520 19.51 -109.37 18.88
CA PRO O 520 20.76 -109.79 18.25
C PRO O 520 22.00 -109.15 18.84
N GLY O 521 21.80 -108.16 19.70
CA GLY O 521 22.92 -107.57 20.42
C GLY O 521 23.81 -106.73 19.53
N THR O 522 25.11 -106.82 19.79
CA THR O 522 26.09 -105.97 19.13
C THR O 522 26.06 -106.18 17.63
N ALA O 523 26.26 -105.10 16.89
CA ALA O 523 26.28 -105.14 15.43
C ALA O 523 27.61 -105.73 14.99
N MET O 524 27.60 -106.99 14.59
CA MET O 524 28.81 -107.69 14.16
C MET O 524 28.55 -108.40 12.84
N ALA O 525 29.63 -108.72 12.16
CA ALA O 525 29.53 -109.46 10.91
C ALA O 525 28.99 -110.86 11.16
N SER O 526 28.09 -111.30 10.29
CA SER O 526 27.48 -112.61 10.45
C SER O 526 28.50 -113.72 10.30
N HIS O 527 29.44 -113.59 9.37
CA HIS O 527 30.42 -114.63 9.11
C HIS O 527 31.65 -113.97 8.50
N LYS O 528 32.64 -114.80 8.21
CA LYS O 528 33.86 -114.36 7.53
C LYS O 528 33.67 -114.48 6.02
N ASP O 529 34.77 -114.29 5.29
CA ASP O 529 34.76 -114.56 3.86
C ASP O 529 34.69 -116.05 3.60
N ASP O 530 33.94 -116.43 2.57
CA ASP O 530 33.80 -117.82 2.14
C ASP O 530 33.21 -118.70 3.25
N GLU O 531 32.34 -118.12 4.07
CA GLU O 531 31.74 -118.82 5.20
C GLU O 531 30.27 -118.48 5.33
N ASP O 532 29.59 -118.30 4.19
CA ASP O 532 28.18 -117.90 4.19
C ASP O 532 27.27 -118.97 4.78
N LYS O 533 27.76 -120.19 4.95
CA LYS O 533 26.97 -121.28 5.53
C LYS O 533 26.76 -121.14 7.02
N PHE O 534 27.44 -120.21 7.69
CA PHE O 534 27.37 -120.05 9.12
C PHE O 534 26.69 -118.73 9.46
N PHE O 535 25.90 -118.74 10.53
CA PHE O 535 25.32 -117.53 11.08
C PHE O 535 25.37 -117.61 12.60
N PRO O 536 25.46 -116.47 13.29
CA PRO O 536 25.37 -116.48 14.75
C PRO O 536 24.00 -116.95 15.20
N MET O 537 23.98 -117.68 16.32
CA MET O 537 22.75 -118.37 16.71
C MET O 537 21.62 -117.39 16.98
N SER O 538 21.91 -116.26 17.62
CA SER O 538 20.91 -115.23 17.86
C SER O 538 21.49 -113.86 17.54
N GLY O 539 22.21 -113.76 16.43
CA GLY O 539 22.86 -112.51 16.08
C GLY O 539 22.32 -111.90 14.81
N VAL O 540 21.31 -112.52 14.21
CA VAL O 540 20.80 -112.09 12.92
C VAL O 540 19.31 -111.87 13.04
N MET O 541 18.80 -110.93 12.23
CA MET O 541 17.37 -110.72 12.10
C MET O 541 16.79 -111.74 11.15
N ILE O 542 15.81 -112.50 11.60
CA ILE O 542 15.21 -113.57 10.82
C ILE O 542 13.77 -113.19 10.54
N PHE O 543 13.43 -113.03 9.27
CA PHE O 543 12.07 -112.75 8.84
C PHE O 543 11.44 -114.03 8.31
N GLY O 544 10.17 -114.24 8.65
CA GLY O 544 9.46 -115.39 8.15
C GLY O 544 8.79 -115.10 6.82
N LYS O 545 8.85 -116.07 5.93
CA LYS O 545 8.10 -115.97 4.69
C LYS O 545 6.62 -116.25 4.97
N GLU O 546 5.78 -115.90 4.01
CA GLU O 546 4.39 -116.31 4.11
C GLU O 546 4.32 -117.83 4.05
N SER O 547 3.34 -118.39 4.75
CA SER O 547 3.27 -119.82 5.00
C SER O 547 4.43 -120.30 5.86
N ALA O 548 4.78 -119.52 6.88
CA ALA O 548 5.70 -119.94 7.92
C ALA O 548 4.91 -120.09 9.22
N GLY O 549 5.09 -121.21 9.89
CA GLY O 549 4.38 -121.45 11.13
C GLY O 549 4.86 -120.55 12.24
N ALA O 550 4.08 -120.54 13.32
CA ALA O 550 4.45 -119.72 14.48
C ALA O 550 5.58 -120.36 15.27
N SER O 551 5.62 -121.68 15.34
CA SER O 551 6.59 -122.39 16.16
C SER O 551 7.24 -123.51 15.37
N ASN O 552 8.56 -123.63 15.51
CA ASN O 552 9.33 -124.72 14.92
C ASN O 552 9.12 -124.83 13.42
N THR O 553 9.08 -123.70 12.74
CA THR O 553 9.03 -123.70 11.28
C THR O 553 10.42 -124.02 10.72
N ALA O 554 10.51 -124.08 9.40
CA ALA O 554 11.72 -124.57 8.76
C ALA O 554 12.59 -123.44 8.24
N LEU O 555 13.88 -123.79 8.09
CA LEU O 555 14.84 -122.89 7.47
C LEU O 555 14.39 -122.46 6.09
N ASP O 556 13.64 -123.33 5.41
CA ASP O 556 13.08 -122.97 4.11
C ASP O 556 11.97 -121.93 4.26
N ASN O 557 11.33 -121.88 5.42
CA ASN O 557 10.25 -120.93 5.63
C ASN O 557 10.71 -119.62 6.25
N VAL O 558 11.95 -119.54 6.72
CA VAL O 558 12.46 -118.28 7.25
C VAL O 558 13.51 -117.70 6.30
N MET O 559 13.70 -116.39 6.41
CA MET O 559 14.74 -115.67 5.68
C MET O 559 15.73 -115.08 6.68
N ILE O 560 16.97 -115.57 6.64
CA ILE O 560 18.01 -115.11 7.55
C ILE O 560 18.76 -113.97 6.88
N THR O 561 18.91 -112.86 7.59
CA THR O 561 19.65 -111.74 7.06
C THR O 561 21.15 -111.97 7.19
N ASP O 562 21.92 -111.12 6.52
CA ASP O 562 23.37 -111.17 6.53
C ASP O 562 23.90 -109.78 6.80
N GLU O 563 24.95 -109.70 7.60
CA GLU O 563 25.64 -108.45 7.91
C GLU O 563 27.05 -108.47 7.34
N GLU O 564 27.17 -108.91 6.09
CA GLU O 564 28.49 -109.13 5.51
C GLU O 564 29.19 -107.83 5.15
N GLU O 565 28.44 -106.73 5.07
CA GLU O 565 29.02 -105.48 4.59
C GLU O 565 29.81 -104.75 5.68
N ILE O 566 29.65 -105.11 6.94
CA ILE O 566 30.31 -104.40 8.02
C ILE O 566 31.51 -105.17 8.54
N LYS O 567 32.04 -106.11 7.76
CA LYS O 567 33.29 -106.76 8.10
C LYS O 567 34.46 -105.79 8.10
N ALA O 568 34.32 -104.64 7.44
CA ALA O 568 35.43 -103.70 7.34
C ALA O 568 35.77 -103.06 8.68
N THR O 569 34.78 -102.94 9.57
CA THR O 569 34.99 -102.27 10.85
C THR O 569 34.53 -103.07 12.07
N ASN O 570 33.68 -104.07 11.90
CA ASN O 570 33.10 -104.78 13.01
C ASN O 570 33.66 -106.19 13.11
N PRO O 571 33.84 -106.72 14.32
CA PRO O 571 34.28 -108.10 14.47
C PRO O 571 33.21 -109.06 13.99
N VAL O 572 33.64 -110.25 13.58
CA VAL O 572 32.71 -111.29 13.20
C VAL O 572 32.01 -111.82 14.45
N ALA O 573 30.69 -112.00 14.34
CA ALA O 573 29.85 -112.27 15.51
C ALA O 573 30.21 -113.58 16.20
N THR O 574 30.72 -114.56 15.47
CA THR O 574 30.95 -115.88 16.01
C THR O 574 32.39 -116.13 16.45
N GLU O 575 33.25 -115.12 16.36
CA GLU O 575 34.65 -115.27 16.72
C GLU O 575 35.07 -114.24 17.76
N ARG O 576 36.19 -114.51 18.39
CA ARG O 576 36.68 -113.67 19.48
C ARG O 576 37.05 -112.29 18.95
N PHE O 577 37.01 -111.30 19.85
CA PHE O 577 37.54 -109.99 19.50
C PHE O 577 39.04 -110.08 19.24
N GLY O 578 39.75 -110.85 20.02
CA GLY O 578 41.18 -110.98 19.87
C GLY O 578 41.77 -111.71 21.05
N THR O 579 43.09 -111.61 21.17
CA THR O 579 43.80 -112.21 22.28
C THR O 579 44.40 -111.12 23.16
N VAL O 580 44.68 -111.49 24.41
CA VAL O 580 45.23 -110.57 25.38
C VAL O 580 46.27 -111.31 26.20
N ALA O 581 47.32 -110.61 26.60
CA ALA O 581 48.32 -111.20 27.48
C ALA O 581 47.71 -111.43 28.85
N VAL O 582 48.06 -112.56 29.48
CA VAL O 582 47.46 -112.93 30.76
C VAL O 582 48.49 -113.22 31.83
N ASN O 583 49.78 -113.05 31.57
CA ASN O 583 50.80 -113.33 32.56
C ASN O 583 52.03 -112.47 32.26
N PHE O 584 53.10 -112.70 33.02
CA PHE O 584 54.40 -112.08 32.78
C PHE O 584 55.34 -113.14 32.25
N GLN O 585 55.88 -112.93 31.06
CA GLN O 585 56.91 -113.82 30.55
C GLN O 585 58.24 -113.51 31.22
N SER O 586 59.02 -114.56 31.45
CA SER O 586 60.31 -114.40 32.10
C SER O 586 61.19 -115.60 31.74
N SER O 587 62.48 -115.43 31.95
CA SER O 587 63.45 -116.49 31.75
C SER O 587 63.78 -117.17 33.08
N SER O 588 64.37 -118.35 32.99
CA SER O 588 64.78 -119.07 34.18
C SER O 588 65.97 -118.39 34.84
N THR O 589 66.03 -118.48 36.15
CA THR O 589 67.11 -117.88 36.92
C THR O 589 67.59 -118.80 38.03
N VAL O 592 65.39 -117.65 40.48
CA VAL O 592 64.04 -118.17 40.27
C VAL O 592 64.03 -119.11 39.09
N PRO O 593 64.38 -120.37 39.32
CA PRO O 593 64.50 -121.32 38.21
C PRO O 593 63.15 -121.87 37.76
N PHE O 594 62.16 -121.00 37.63
CA PHE O 594 60.84 -121.36 37.13
C PHE O 594 60.54 -120.45 35.93
N LYS O 595 60.96 -120.90 34.76
CA LYS O 595 60.72 -120.15 33.53
C LYS O 595 59.22 -120.02 33.26
N THR O 596 58.80 -118.82 32.86
CA THR O 596 57.39 -118.55 32.57
C THR O 596 57.24 -118.22 31.10
N ASP O 597 56.58 -119.10 30.36
CA ASP O 597 56.27 -118.82 28.97
C ASP O 597 55.17 -117.76 28.90
N PRO O 598 55.22 -116.89 27.89
CA PRO O 598 54.12 -115.94 27.69
C PRO O 598 52.83 -116.67 27.38
N ALA O 599 51.73 -116.12 27.88
CA ALA O 599 50.42 -116.76 27.73
C ALA O 599 49.40 -115.72 27.30
N THR O 600 48.55 -116.11 26.35
CA THR O 600 47.48 -115.27 25.86
C THR O 600 46.15 -115.97 26.09
N GLY O 601 45.09 -115.17 26.21
CA GLY O 601 43.76 -115.69 26.32
C GLY O 601 42.84 -114.99 25.33
N ASP O 602 41.84 -115.72 24.88
CA ASP O 602 40.88 -115.18 23.93
C ASP O 602 39.92 -114.23 24.61
N VAL O 603 39.62 -113.13 23.94
CA VAL O 603 38.72 -112.10 24.44
C VAL O 603 37.40 -112.28 23.72
N HIS O 604 36.38 -112.76 24.43
CA HIS O 604 35.11 -113.11 23.80
C HIS O 604 34.09 -111.99 23.88
N ALA O 605 34.10 -111.22 24.96
CA ALA O 605 33.25 -110.04 25.10
C ALA O 605 34.15 -108.85 25.38
N MET O 606 34.08 -107.84 24.53
CA MET O 606 34.91 -106.65 24.64
C MET O 606 34.00 -105.43 24.68
N GLY O 607 34.10 -104.64 25.74
CA GLY O 607 33.39 -103.39 25.81
C GLY O 607 34.11 -102.31 25.05
N ALA O 608 33.53 -101.12 25.09
CA ALA O 608 34.05 -100.01 24.30
C ALA O 608 35.40 -99.56 24.84
N LEU O 609 36.40 -99.54 23.96
CA LEU O 609 37.71 -98.97 24.20
C LEU O 609 37.86 -97.68 23.39
N PRO O 610 38.59 -96.69 23.89
CA PRO O 610 38.84 -95.50 23.08
C PRO O 610 39.63 -95.86 21.83
N GLY O 611 39.28 -95.22 20.73
CA GLY O 611 39.80 -95.56 19.43
C GLY O 611 38.97 -96.56 18.66
N MET O 612 37.94 -97.12 19.28
CA MET O 612 37.07 -98.08 18.60
C MET O 612 36.16 -97.37 17.60
N VAL O 613 35.96 -98.01 16.45
CA VAL O 613 35.02 -97.53 15.43
C VAL O 613 34.19 -98.71 14.97
N TRP O 614 32.92 -98.46 14.68
CA TRP O 614 32.02 -99.54 14.28
C TRP O 614 30.90 -98.99 13.43
N GLN O 615 30.20 -99.90 12.75
CA GLN O 615 28.96 -99.59 12.06
C GLN O 615 27.79 -100.20 12.81
N ASP O 616 26.64 -99.57 12.67
CA ASP O 616 25.42 -100.06 13.28
C ASP O 616 24.80 -101.15 12.41
N ARG O 617 23.75 -101.78 12.92
CA ARG O 617 23.05 -102.79 12.15
C ARG O 617 22.31 -102.15 10.98
N ASP O 618 22.16 -102.92 9.91
CA ASP O 618 21.44 -102.46 8.73
C ASP O 618 19.95 -102.45 8.99
N VAL O 619 19.25 -101.61 8.24
CA VAL O 619 17.80 -101.60 8.23
C VAL O 619 17.33 -102.33 6.98
N TYR O 620 16.13 -102.90 7.05
CA TYR O 620 15.59 -103.70 5.97
C TYR O 620 14.20 -103.18 5.62
N LEU O 621 13.75 -103.50 4.41
CA LEU O 621 12.42 -103.08 3.99
C LEU O 621 11.35 -103.68 4.90
N GLN O 622 11.58 -104.88 5.42
CA GLN O 622 10.64 -105.54 6.31
C GLN O 622 10.92 -105.24 7.78
N GLY O 623 11.92 -104.42 8.09
CA GLY O 623 12.35 -104.23 9.45
C GLY O 623 11.82 -102.97 10.09
N PRO O 624 12.09 -102.81 11.38
CA PRO O 624 11.61 -101.62 12.10
C PRO O 624 12.33 -100.35 11.68
N ILE O 625 11.64 -99.22 11.86
CA ILE O 625 12.20 -97.92 11.54
C ILE O 625 12.85 -97.29 12.76
N TRP O 626 12.14 -97.19 13.87
CA TRP O 626 12.61 -96.47 15.03
C TRP O 626 12.38 -97.29 16.29
N ALA O 627 12.90 -96.76 17.39
CA ALA O 627 12.65 -97.29 18.73
C ALA O 627 12.78 -96.16 19.72
N LYS O 628 11.94 -96.18 20.76
CA LYS O 628 12.08 -95.23 21.84
C LYS O 628 13.29 -95.56 22.69
N ILE O 629 14.15 -94.58 22.90
CA ILE O 629 15.28 -94.75 23.81
C ILE O 629 14.77 -94.72 25.24
N PRO O 630 15.08 -95.71 26.07
CA PRO O 630 14.58 -95.72 27.44
C PRO O 630 15.01 -94.48 28.20
N HIS O 631 14.10 -93.97 29.03
CA HIS O 631 14.39 -92.78 29.83
C HIS O 631 15.17 -93.20 31.05
N THR O 632 16.49 -93.25 30.88
CA THR O 632 17.42 -93.67 31.91
C THR O 632 18.46 -92.57 32.14
N ASP O 633 19.22 -92.72 33.22
CA ASP O 633 20.29 -91.78 33.50
C ASP O 633 21.39 -91.85 32.46
N GLY O 634 21.77 -93.05 32.06
CA GLY O 634 22.83 -93.21 31.10
C GLY O 634 22.45 -94.19 30.01
N HIS O 635 23.04 -93.98 28.84
CA HIS O 635 22.94 -94.91 27.73
C HIS O 635 24.13 -94.67 26.83
N PHE O 636 24.67 -95.73 26.26
CA PHE O 636 25.84 -95.65 25.41
C PHE O 636 25.42 -95.94 23.97
N HIS O 637 25.60 -94.96 23.10
CA HIS O 637 25.29 -95.06 21.67
C HIS O 637 23.86 -95.58 21.47
N PRO O 638 22.85 -94.77 21.77
CA PRO O 638 21.47 -95.28 21.86
C PRO O 638 20.85 -95.56 20.49
N SER O 639 21.50 -96.43 19.74
CA SER O 639 20.98 -96.93 18.48
C SER O 639 20.36 -98.30 18.72
N PRO O 640 19.11 -98.51 18.31
CA PRO O 640 18.43 -99.78 18.63
C PRO O 640 19.19 -100.96 18.06
N LEU O 641 19.19 -102.07 18.81
CA LEU O 641 19.98 -103.22 18.40
C LEU O 641 19.32 -103.99 17.26
N MET O 642 18.02 -103.85 17.09
CA MET O 642 17.37 -104.42 15.91
C MET O 642 17.63 -103.58 14.65
N GLY O 643 18.17 -102.40 14.79
CA GLY O 643 18.39 -101.51 13.67
C GLY O 643 17.35 -100.40 13.61
N GLY O 644 17.77 -99.27 13.09
CA GLY O 644 16.87 -98.14 12.97
C GLY O 644 17.34 -96.91 13.72
N PHE O 645 16.41 -96.00 13.98
CA PHE O 645 16.69 -94.74 14.62
C PHE O 645 16.21 -94.79 16.06
N GLY O 646 17.10 -94.51 17.00
CA GLY O 646 16.69 -94.37 18.38
C GLY O 646 16.26 -92.95 18.64
N LEU O 647 15.02 -92.77 19.09
CA LEU O 647 14.46 -91.45 19.32
C LEU O 647 14.10 -91.30 20.79
N LYS O 648 14.49 -90.18 21.38
CA LYS O 648 14.05 -89.90 22.74
C LYS O 648 12.56 -89.62 22.79
N ASN O 649 12.06 -88.85 21.84
CA ASN O 649 10.62 -88.63 21.66
C ASN O 649 10.23 -89.25 20.33
N PRO O 650 9.91 -90.53 20.29
CA PRO O 650 9.54 -91.17 19.03
C PRO O 650 8.15 -90.74 18.61
N PRO O 651 7.69 -91.16 17.42
CA PRO O 651 6.29 -90.95 17.07
C PRO O 651 5.38 -91.55 18.12
N PRO O 652 4.43 -90.79 18.64
CA PRO O 652 3.60 -91.28 19.74
C PRO O 652 2.63 -92.35 19.29
N GLN O 653 2.17 -93.12 20.26
CA GLN O 653 1.20 -94.16 20.00
C GLN O 653 -0.18 -93.55 19.77
N ILE O 654 -0.84 -93.98 18.70
CA ILE O 654 -2.22 -93.61 18.43
C ILE O 654 -3.09 -94.77 18.88
N LEU O 655 -3.96 -94.52 19.85
CA LEU O 655 -4.78 -95.54 20.46
C LEU O 655 -6.23 -95.28 20.11
N ILE O 656 -6.93 -96.35 19.74
CA ILE O 656 -8.27 -96.27 19.19
C ILE O 656 -9.10 -97.38 19.79
N LYS O 657 -10.36 -97.07 20.10
CA LYS O 657 -11.27 -98.14 20.52
C LYS O 657 -12.68 -97.74 20.17
N ASN O 658 -13.56 -98.74 20.11
CA ASN O 658 -14.97 -98.49 19.91
C ASN O 658 -15.60 -98.09 21.22
N THR O 659 -16.37 -97.01 21.23
CA THR O 659 -17.08 -96.64 22.43
C THR O 659 -18.14 -97.69 22.74
N PRO O 660 -18.19 -98.23 23.96
CA PRO O 660 -19.19 -99.26 24.26
C PRO O 660 -20.60 -98.72 24.14
N VAL O 661 -21.48 -99.51 23.55
CA VAL O 661 -22.90 -99.22 23.45
C VAL O 661 -23.65 -100.25 24.28
N PRO O 662 -24.22 -99.88 25.42
CA PRO O 662 -24.92 -100.87 26.26
C PRO O 662 -26.16 -101.40 25.58
N ALA O 663 -26.49 -102.65 25.91
CA ALA O 663 -27.74 -103.25 25.48
C ALA O 663 -28.88 -102.74 26.36
N ASN O 664 -30.04 -103.38 26.24
CA ASN O 664 -31.22 -102.92 26.94
C ASN O 664 -31.03 -103.02 28.45
N PRO O 665 -31.14 -101.93 29.20
CA PRO O 665 -30.99 -102.00 30.65
C PRO O 665 -32.24 -102.55 31.30
N PRO O 666 -32.14 -103.01 32.55
CA PRO O 666 -33.34 -103.50 33.24
C PRO O 666 -34.31 -102.38 33.56
N ALA O 667 -35.56 -102.77 33.82
CA ALA O 667 -36.59 -101.79 34.17
C ALA O 667 -36.31 -101.14 35.52
N GLU O 668 -35.85 -101.92 36.49
CA GLU O 668 -35.45 -101.42 37.79
C GLU O 668 -33.94 -101.13 37.82
N PHE O 669 -33.57 -100.16 38.65
CA PHE O 669 -32.18 -99.72 38.73
C PHE O 669 -31.31 -100.79 39.39
N SER O 670 -30.11 -100.98 38.83
CA SER O 670 -29.11 -101.86 39.39
C SER O 670 -27.77 -101.15 39.36
N ALA O 671 -27.08 -101.14 40.50
CA ALA O 671 -25.79 -100.48 40.57
C ALA O 671 -24.66 -101.34 40.04
N THR O 672 -24.92 -102.62 39.79
CA THR O 672 -23.92 -103.48 39.16
C THR O 672 -23.55 -102.92 37.79
N LYS O 673 -22.26 -102.86 37.51
CA LYS O 673 -21.80 -102.26 36.26
C LYS O 673 -22.29 -103.08 35.07
N PHE O 674 -22.46 -102.39 33.96
CA PHE O 674 -23.01 -103.00 32.77
C PHE O 674 -22.07 -104.07 32.25
N ALA O 675 -22.64 -105.21 31.86
CA ALA O 675 -21.88 -106.29 31.25
C ALA O 675 -22.46 -106.70 29.90
N SER O 676 -23.66 -106.25 29.57
CA SER O 676 -24.31 -106.57 28.31
C SER O 676 -24.15 -105.39 27.37
N PHE O 677 -23.45 -105.60 26.27
CA PHE O 677 -23.17 -104.56 25.30
C PHE O 677 -23.62 -104.98 23.92
N ILE O 678 -23.91 -103.99 23.10
CA ILE O 678 -24.22 -104.22 21.70
C ILE O 678 -22.92 -104.53 20.98
N THR O 679 -22.88 -105.67 20.29
CA THR O 679 -21.65 -106.14 19.66
C THR O 679 -21.40 -105.35 18.39
N GLN O 680 -20.24 -104.71 18.31
CA GLN O 680 -19.95 -103.92 17.13
C GLN O 680 -18.45 -103.82 16.91
N TYR O 681 -18.09 -103.47 15.67
CA TYR O 681 -16.72 -103.21 15.29
C TYR O 681 -16.71 -101.95 14.45
N SER O 682 -15.52 -101.53 14.03
CA SER O 682 -15.42 -100.37 13.17
C SER O 682 -14.40 -100.62 12.07
N THR O 683 -14.54 -99.88 10.99
CA THR O 683 -13.63 -99.96 9.87
C THR O 683 -13.35 -98.55 9.39
N GLY O 684 -12.25 -98.40 8.67
CA GLY O 684 -11.94 -97.06 8.18
C GLY O 684 -10.66 -97.07 7.39
N GLN O 685 -10.20 -95.87 7.07
CA GLN O 685 -8.97 -95.66 6.33
C GLN O 685 -7.98 -94.87 7.16
N VAL O 686 -6.71 -95.23 7.05
CA VAL O 686 -5.63 -94.58 7.77
C VAL O 686 -4.57 -94.16 6.76
N SER O 687 -4.10 -92.92 6.87
CA SER O 687 -3.05 -92.38 6.01
C SER O 687 -1.87 -91.97 6.87
N VAL O 688 -0.68 -92.37 6.45
CA VAL O 688 0.57 -91.93 7.07
C VAL O 688 1.46 -91.36 5.97
N GLU O 689 1.94 -90.14 6.18
CA GLU O 689 2.85 -89.48 5.26
C GLU O 689 4.13 -89.13 6.00
N ILE O 690 5.26 -89.65 5.54
CA ILE O 690 6.55 -89.35 6.13
C ILE O 690 7.42 -88.65 5.10
N GLU O 691 7.97 -87.50 5.48
CA GLU O 691 9.05 -86.85 4.77
C GLU O 691 10.37 -87.35 5.32
N TRP O 692 11.24 -87.81 4.43
CA TRP O 692 12.58 -88.30 4.72
C TRP O 692 13.60 -87.40 4.05
N GLU O 693 14.66 -87.07 4.79
CA GLU O 693 15.81 -86.37 4.25
C GLU O 693 16.82 -87.39 3.73
N LEU O 694 17.35 -87.12 2.54
CA LEU O 694 18.30 -87.98 1.87
C LEU O 694 19.70 -87.36 1.96
N GLN O 695 20.69 -88.23 1.91
CA GLN O 695 22.10 -87.85 1.89
C GLN O 695 22.68 -88.52 0.66
N LYS O 696 22.90 -87.72 -0.38
CA LYS O 696 23.30 -88.21 -1.68
C LYS O 696 24.74 -88.68 -1.69
N GLU O 697 25.02 -89.66 -2.54
CA GLU O 697 26.39 -90.09 -2.76
C GLU O 697 27.16 -88.97 -3.46
N ASN O 698 28.44 -88.84 -3.13
CA ASN O 698 29.34 -87.90 -3.79
C ASN O 698 30.63 -88.60 -4.21
N SER O 699 30.50 -89.83 -4.71
CA SER O 699 31.63 -90.71 -4.86
C SER O 699 32.45 -90.36 -6.09
N LYS O 700 33.76 -90.60 -6.00
CA LYS O 700 34.68 -90.46 -7.11
C LYS O 700 35.16 -91.81 -7.61
N ARG O 701 34.48 -92.88 -7.20
CA ARG O 701 34.83 -94.23 -7.62
C ARG O 701 34.68 -94.37 -9.13
N TRP O 702 35.63 -95.08 -9.74
CA TRP O 702 35.64 -95.21 -11.18
C TRP O 702 34.81 -96.38 -11.68
N ASN O 703 35.03 -97.57 -11.11
CA ASN O 703 34.32 -98.75 -11.54
C ASN O 703 32.87 -98.71 -11.07
N PRO O 704 31.98 -99.45 -11.73
CA PRO O 704 30.57 -99.42 -11.33
C PRO O 704 30.35 -100.03 -9.95
N GLU O 705 29.32 -99.54 -9.28
CA GLU O 705 28.95 -99.97 -7.94
C GLU O 705 28.09 -101.21 -7.99
N VAL O 706 28.01 -101.88 -6.85
CA VAL O 706 27.04 -102.96 -6.65
C VAL O 706 25.68 -102.34 -6.37
N GLN O 707 24.67 -102.80 -7.10
CA GLN O 707 23.31 -102.30 -6.94
C GLN O 707 22.39 -103.46 -6.62
N TYR O 708 21.29 -103.15 -5.93
CA TYR O 708 20.23 -104.13 -5.79
C TYR O 708 19.45 -104.18 -7.09
N THR O 709 19.28 -105.38 -7.63
CA THR O 709 18.63 -105.53 -8.92
C THR O 709 17.66 -106.71 -8.88
N SER O 710 16.64 -106.62 -9.72
CA SER O 710 15.82 -107.77 -10.02
C SER O 710 16.59 -108.74 -10.90
N ASN O 711 16.32 -110.02 -10.73
CA ASN O 711 16.93 -111.03 -11.58
C ASN O 711 16.18 -111.08 -12.90
N TYR O 712 16.92 -111.01 -14.00
CA TYR O 712 16.35 -111.17 -15.34
C TYR O 712 16.42 -112.66 -15.67
N ALA O 713 15.26 -113.30 -15.73
CA ALA O 713 15.17 -114.70 -16.08
C ALA O 713 13.71 -115.08 -16.13
N LYS O 714 13.39 -116.06 -16.97
CA LYS O 714 12.04 -116.58 -16.97
C LYS O 714 11.75 -117.24 -15.63
N SER O 715 10.74 -116.72 -14.93
CA SER O 715 10.35 -117.24 -13.64
C SER O 715 8.84 -117.40 -13.62
N ALA O 716 8.36 -118.34 -12.81
CA ALA O 716 6.93 -118.59 -12.73
C ALA O 716 6.20 -117.37 -12.17
N ASN O 717 6.86 -116.61 -11.30
CA ASN O 717 6.28 -115.42 -10.70
C ASN O 717 7.27 -114.27 -10.80
N VAL O 718 6.76 -113.06 -10.57
CA VAL O 718 7.59 -111.87 -10.43
C VAL O 718 7.81 -111.62 -8.94
N ASP O 719 9.02 -111.23 -8.59
CA ASP O 719 9.33 -110.96 -7.19
C ASP O 719 8.58 -109.74 -6.69
N PHE O 720 8.17 -109.79 -5.42
CA PHE O 720 7.44 -108.72 -4.76
C PHE O 720 6.12 -108.43 -5.47
N THR O 721 5.39 -109.48 -5.81
CA THR O 721 4.09 -109.35 -6.44
C THR O 721 3.09 -110.29 -5.78
N VAL O 722 1.91 -110.42 -6.37
CA VAL O 722 0.91 -111.35 -5.91
C VAL O 722 1.01 -112.61 -6.75
N ASP O 723 0.50 -113.72 -6.21
CA ASP O 723 0.43 -114.95 -6.97
C ASP O 723 -0.96 -115.09 -7.58
N ASN O 724 -1.26 -116.25 -8.15
CA ASN O 724 -2.57 -116.46 -8.74
C ASN O 724 -3.68 -116.53 -7.69
N ASN O 725 -3.33 -116.71 -6.42
CA ASN O 725 -4.32 -116.69 -5.34
C ASN O 725 -4.51 -115.31 -4.73
N GLY O 726 -3.72 -114.32 -5.14
CA GLY O 726 -3.84 -112.99 -4.60
C GLY O 726 -3.00 -112.69 -3.38
N LEU O 727 -2.01 -113.53 -3.08
CA LEU O 727 -1.22 -113.38 -1.86
C LEU O 727 0.07 -112.64 -2.18
N TYR O 728 0.25 -111.48 -1.58
CA TYR O 728 1.47 -110.72 -1.74
C TYR O 728 2.59 -111.34 -0.91
N THR O 729 3.75 -111.54 -1.53
CA THR O 729 4.89 -112.14 -0.87
C THR O 729 6.13 -111.32 -1.15
N GLU O 730 7.06 -111.34 -0.20
CA GLU O 730 8.37 -110.72 -0.36
C GLU O 730 9.43 -111.81 -0.38
N PRO O 731 10.07 -112.07 -1.52
CA PRO O 731 10.98 -113.22 -1.62
C PRO O 731 12.20 -113.17 -0.71
N ARG O 732 12.72 -111.99 -0.43
CA ARG O 732 13.98 -111.87 0.29
C ARG O 732 13.96 -110.59 1.08
N PRO O 733 14.77 -110.49 2.14
CA PRO O 733 14.95 -109.21 2.82
C PRO O 733 16.01 -108.37 2.11
N ILE O 734 15.70 -107.09 1.90
CA ILE O 734 16.59 -106.17 1.21
C ILE O 734 17.17 -105.20 2.24
N GLY O 735 18.49 -105.14 2.31
CA GLY O 735 19.16 -104.16 3.14
C GLY O 735 19.35 -102.83 2.41
N THR O 736 20.29 -102.05 2.92
CA THR O 736 20.54 -100.72 2.39
C THR O 736 21.94 -100.53 1.84
N ARG O 737 22.90 -101.34 2.26
CA ARG O 737 24.32 -101.06 2.03
C ARG O 737 24.74 -101.63 0.68
N TYR O 738 24.60 -100.83 -0.38
CA TYR O 738 25.00 -101.25 -1.71
C TYR O 738 26.06 -100.32 -2.27
N LEU O 739 25.84 -99.02 -2.18
CA LEU O 739 26.87 -98.06 -2.53
C LEU O 739 28.02 -98.18 -1.54
N THR O 740 29.18 -97.67 -1.91
CA THR O 740 30.35 -97.73 -1.04
C THR O 740 30.94 -96.35 -0.86
N ARG O 741 31.75 -96.22 0.18
CA ARG O 741 32.52 -95.01 0.41
C ARG O 741 33.81 -95.40 1.12
N PRO O 742 34.86 -94.61 0.98
CA PRO O 742 36.13 -94.95 1.66
C PRO O 742 36.02 -94.79 3.16
N LEU O 743 36.75 -95.65 3.87
CA LEU O 743 36.68 -95.71 5.32
C LEU O 743 37.38 -94.52 5.97
N ASP P 219 31.99 -53.66 60.41
CA ASP P 219 30.99 -52.64 60.70
C ASP P 219 30.97 -52.27 62.18
N GLY P 220 31.91 -52.83 62.95
CA GLY P 220 32.09 -52.47 64.33
C GLY P 220 32.07 -53.68 65.25
N VAL P 221 32.54 -53.43 66.48
CA VAL P 221 32.56 -54.47 67.50
C VAL P 221 31.15 -54.81 67.98
N GLY P 222 30.30 -53.80 68.16
CA GLY P 222 29.00 -54.02 68.77
C GLY P 222 27.86 -54.12 67.79
N ASN P 223 28.16 -54.39 66.54
CA ASN P 223 27.15 -54.50 65.48
C ASN P 223 27.31 -55.86 64.81
N ALA P 224 26.22 -56.63 64.76
CA ALA P 224 26.26 -57.94 64.13
C ALA P 224 26.37 -57.79 62.62
N SER P 225 27.20 -58.63 62.00
CA SER P 225 27.43 -58.56 60.57
C SER P 225 26.56 -59.51 59.77
N GLY P 226 25.63 -60.20 60.41
CA GLY P 226 24.71 -61.03 59.67
C GLY P 226 23.64 -61.57 60.58
N ASN P 227 22.61 -62.16 59.97
CA ASN P 227 21.49 -62.72 60.68
C ASN P 227 21.42 -64.22 60.43
N TRP P 228 20.62 -64.90 61.24
CA TRP P 228 20.42 -66.33 61.11
C TRP P 228 19.40 -66.57 60.01
N HIS P 229 19.83 -67.17 58.92
CA HIS P 229 18.97 -67.48 57.78
C HIS P 229 18.94 -68.99 57.59
N CYS P 230 17.97 -69.64 58.22
CA CYS P 230 17.79 -71.08 58.08
C CYS P 230 16.33 -71.33 57.73
N ASP P 231 16.07 -71.72 56.50
CA ASP P 231 14.72 -71.74 55.98
C ASP P 231 14.68 -72.66 54.76
N SER P 232 13.48 -72.83 54.21
CA SER P 232 13.31 -73.55 52.95
C SER P 232 12.05 -73.03 52.28
N THR P 233 12.20 -72.47 51.09
CA THR P 233 11.10 -71.89 50.35
C THR P 233 10.83 -72.72 49.12
N TRP P 234 9.58 -73.14 48.95
CA TRP P 234 9.19 -73.96 47.82
C TRP P 234 8.39 -73.11 46.84
N LEU P 235 8.98 -72.87 45.68
CA LEU P 235 8.27 -72.22 44.59
C LEU P 235 7.68 -73.29 43.69
N GLY P 236 7.19 -72.91 42.51
CA GLY P 236 6.58 -73.90 41.64
C GLY P 236 7.56 -74.95 41.16
N ASP P 237 8.69 -74.52 40.62
CA ASP P 237 9.68 -75.44 40.07
C ASP P 237 11.04 -75.30 40.72
N ARG P 238 11.18 -74.44 41.72
CA ARG P 238 12.43 -74.26 42.45
C ARG P 238 12.18 -74.55 43.91
N VAL P 239 13.24 -74.91 44.62
CA VAL P 239 13.26 -74.88 46.07
C VAL P 239 14.56 -74.23 46.50
N ILE P 240 14.47 -73.28 47.42
CA ILE P 240 15.63 -72.57 47.94
C ILE P 240 15.82 -72.99 49.39
N THR P 241 16.95 -73.62 49.68
CA THR P 241 17.28 -74.07 51.02
C THR P 241 18.38 -73.20 51.59
N THR P 242 18.15 -72.64 52.78
CA THR P 242 19.14 -71.84 53.49
C THR P 242 19.48 -72.52 54.81
N SER P 243 20.76 -72.54 55.14
CA SER P 243 21.24 -73.17 56.36
C SER P 243 22.29 -72.30 57.01
N THR P 244 22.08 -71.98 58.28
CA THR P 244 23.07 -71.30 59.09
C THR P 244 23.56 -72.23 60.19
N ARG P 245 24.86 -72.24 60.42
CA ARG P 245 25.48 -73.05 61.46
C ARG P 245 26.52 -72.23 62.20
N THR P 246 26.84 -72.66 63.41
CA THR P 246 27.89 -72.06 64.20
C THR P 246 29.12 -72.94 64.14
N TRP P 247 30.25 -72.35 63.75
CA TRP P 247 31.50 -73.06 63.58
C TRP P 247 32.56 -72.56 64.56
N ALA P 248 33.46 -73.48 64.89
CA ALA P 248 34.67 -73.18 65.67
C ALA P 248 35.88 -73.63 64.86
N LEU P 249 36.84 -72.72 64.69
CA LEU P 249 38.06 -72.97 63.94
C LEU P 249 39.24 -72.86 64.89
N PRO P 250 40.00 -73.93 65.11
CA PRO P 250 41.20 -73.82 65.95
C PRO P 250 42.42 -73.42 65.15
N THR P 251 43.57 -73.37 65.80
CA THR P 251 44.84 -73.23 65.12
C THR P 251 45.39 -74.64 64.83
N TYR P 252 45.68 -74.91 63.56
CA TYR P 252 46.15 -76.21 63.12
C TYR P 252 47.65 -76.16 62.88
N ASN P 253 48.35 -77.16 63.39
CA ASN P 253 49.78 -77.38 63.16
C ASN P 253 50.67 -76.30 63.77
N ASN P 254 50.14 -75.48 64.67
CA ASN P 254 50.85 -74.30 65.16
C ASN P 254 51.25 -73.39 64.02
N HIS P 255 50.34 -73.16 63.09
CA HIS P 255 50.52 -72.27 61.94
C HIS P 255 51.62 -72.77 61.00
N LEU P 256 51.86 -74.08 60.98
CA LEU P 256 52.94 -74.65 60.20
C LEU P 256 52.39 -75.50 59.07
N TYR P 257 53.15 -75.53 57.97
CA TYR P 257 52.94 -76.50 56.90
C TYR P 257 53.83 -77.69 57.19
N LYS P 258 53.26 -78.88 57.24
CA LYS P 258 54.02 -80.07 57.56
C LYS P 258 53.91 -81.07 56.43
N GLN P 259 55.01 -81.75 56.16
CA GLN P 259 55.04 -82.81 55.15
C GLN P 259 54.69 -84.13 55.83
N ILE P 260 53.69 -84.81 55.30
CA ILE P 260 53.20 -86.06 55.87
C ILE P 260 53.38 -87.18 54.86
N SER P 261 53.68 -88.36 55.36
CA SER P 261 53.83 -89.55 54.52
C SER P 261 53.56 -90.77 55.38
N SER P 262 53.78 -91.94 54.80
CA SER P 262 53.54 -93.21 55.46
C SER P 262 54.81 -93.87 55.97
N ALA P 263 55.95 -93.16 55.89
CA ALA P 263 57.22 -93.76 56.25
C ALA P 263 57.28 -94.15 57.72
N SER P 264 56.80 -93.28 58.61
CA SER P 264 56.75 -93.65 60.02
C SER P 264 55.61 -94.61 60.31
N THR P 265 54.54 -94.54 59.53
CA THR P 265 53.41 -95.44 59.74
C THR P 265 53.81 -96.89 59.47
N GLY P 266 54.67 -97.11 58.49
CA GLY P 266 55.03 -98.47 58.12
C GLY P 266 53.88 -99.26 57.53
N ALA P 267 53.13 -98.63 56.61
CA ALA P 267 51.96 -99.25 56.02
C ALA P 267 52.37 -100.22 54.91
N SER P 268 51.37 -100.89 54.35
CA SER P 268 51.58 -101.76 53.20
C SER P 268 51.79 -100.92 51.94
N ASN P 269 52.22 -101.58 50.88
CA ASN P 269 52.49 -100.88 49.63
C ASN P 269 51.22 -100.22 49.08
N ASP P 270 50.06 -100.79 49.37
CA ASP P 270 48.81 -100.23 48.89
C ASP P 270 48.39 -98.97 49.63
N ASN P 271 48.90 -98.75 50.84
CA ASN P 271 48.47 -97.65 51.69
C ASN P 271 49.53 -96.56 51.80
N HIS P 272 50.58 -96.62 50.98
CA HIS P 272 51.61 -95.60 51.00
C HIS P 272 51.07 -94.28 50.46
N TYR P 273 51.55 -93.18 51.02
CA TYR P 273 51.14 -91.87 50.55
C TYR P 273 52.20 -90.84 50.89
N PHE P 274 52.11 -89.70 50.21
CA PHE P 274 52.96 -88.55 50.45
C PHE P 274 52.10 -87.31 50.24
N GLY P 275 52.20 -86.35 51.14
CA GLY P 275 51.40 -85.16 51.01
C GLY P 275 51.79 -84.10 52.00
N TYR P 276 50.88 -83.16 52.19
CA TYR P 276 51.13 -82.02 53.05
C TYR P 276 49.90 -81.71 53.89
N SER P 277 50.17 -81.27 55.12
CA SER P 277 49.16 -80.80 56.06
C SER P 277 49.30 -79.29 56.19
N THR P 278 48.23 -78.55 55.93
CA THR P 278 48.33 -77.11 56.02
C THR P 278 47.73 -76.62 57.33
N PRO P 279 48.05 -75.40 57.76
CA PRO P 279 47.38 -74.83 58.92
C PRO P 279 45.97 -74.30 58.65
N TRP P 280 45.45 -74.49 57.45
CA TRP P 280 44.14 -73.99 57.08
C TRP P 280 43.07 -75.03 57.35
N GLY P 281 41.85 -74.56 57.60
CA GLY P 281 40.67 -75.37 57.56
C GLY P 281 39.85 -75.02 56.34
N TYR P 282 38.84 -75.84 56.06
CA TYR P 282 37.99 -75.59 54.92
C TYR P 282 36.53 -75.78 55.32
N PHE P 283 35.65 -75.15 54.55
CA PHE P 283 34.22 -75.25 54.77
C PHE P 283 33.63 -76.28 53.82
N ASP P 284 32.86 -77.21 54.37
CA ASP P 284 32.27 -78.30 53.62
C ASP P 284 30.77 -78.33 53.85
N PHE P 285 30.01 -78.29 52.76
CA PHE P 285 28.56 -78.45 52.82
C PHE P 285 28.13 -79.38 51.70
N ASN P 286 28.89 -80.46 51.50
CA ASN P 286 28.67 -81.39 50.41
C ASN P 286 27.90 -82.63 50.87
N ARG P 287 26.90 -82.46 51.73
CA ARG P 287 25.95 -83.50 52.06
C ARG P 287 24.56 -82.92 51.96
N PHE P 288 23.58 -83.78 51.64
CA PHE P 288 22.23 -83.28 51.41
C PHE P 288 21.55 -82.82 52.68
N HIS P 289 21.90 -83.40 53.83
CA HIS P 289 21.27 -83.00 55.08
C HIS P 289 21.84 -81.72 55.64
N CYS P 290 22.92 -81.17 55.06
CA CYS P 290 23.34 -79.83 55.39
C CYS P 290 22.35 -78.79 54.89
N HIS P 291 21.47 -79.17 53.98
CA HIS P 291 20.55 -78.25 53.34
C HIS P 291 19.09 -78.63 53.49
N PHE P 292 18.76 -79.91 53.54
CA PHE P 292 17.39 -80.37 53.63
C PHE P 292 17.13 -80.93 55.01
N SER P 293 16.04 -80.49 55.63
CA SER P 293 15.51 -81.21 56.77
C SER P 293 14.90 -82.51 56.27
N PRO P 294 14.72 -83.50 57.15
CA PRO P 294 14.05 -84.73 56.71
C PRO P 294 12.67 -84.50 56.14
N ARG P 295 11.91 -83.55 56.68
CA ARG P 295 10.61 -83.20 56.13
C ARG P 295 10.75 -82.63 54.72
N ASP P 296 11.73 -81.75 54.50
CA ASP P 296 11.94 -81.19 53.17
C ASP P 296 12.40 -82.25 52.19
N TRP P 297 13.24 -83.17 52.63
CA TRP P 297 13.67 -84.28 51.79
C TRP P 297 12.49 -85.15 51.39
N GLN P 298 11.62 -85.46 52.33
CA GLN P 298 10.43 -86.24 52.02
C GLN P 298 9.53 -85.50 51.05
N ARG P 299 9.34 -84.20 51.26
CA ARG P 299 8.56 -83.40 50.35
C ARG P 299 9.13 -83.40 48.94
N LEU P 300 10.46 -83.35 48.83
CA LEU P 300 11.10 -83.39 47.52
C LEU P 300 10.92 -84.74 46.85
N ILE P 301 11.24 -85.83 47.56
CA ILE P 301 11.30 -87.14 46.94
C ILE P 301 9.93 -87.75 46.71
N ASN P 302 8.91 -87.32 47.44
CA ASN P 302 7.58 -87.86 47.23
C ASN P 302 6.83 -87.17 46.10
N ASN P 303 7.35 -86.08 45.58
CA ASN P 303 6.62 -85.25 44.65
C ASN P 303 7.36 -84.91 43.38
N ASN P 304 8.68 -85.10 43.32
CA ASN P 304 9.44 -84.67 42.17
C ASN P 304 10.06 -85.87 41.46
N TRP P 305 10.05 -85.82 40.13
CA TRP P 305 10.72 -86.82 39.32
C TRP P 305 12.21 -86.57 39.21
N GLY P 306 12.66 -85.34 39.45
CA GLY P 306 14.09 -85.11 39.42
C GLY P 306 14.44 -83.78 40.04
N PHE P 307 15.73 -83.60 40.29
CA PHE P 307 16.15 -82.31 40.81
C PHE P 307 17.62 -82.08 40.52
N ARG P 308 18.03 -80.81 40.59
CA ARG P 308 19.44 -80.47 40.38
C ARG P 308 19.71 -79.11 41.01
N PRO P 309 20.97 -78.80 41.31
CA PRO P 309 21.28 -77.47 41.86
C PRO P 309 21.54 -76.42 40.79
N LYS P 310 21.01 -75.23 41.03
CA LYS P 310 21.11 -74.07 40.17
C LYS P 310 22.13 -73.06 40.67
N ARG P 311 22.03 -72.62 41.92
CA ARG P 311 22.98 -71.60 42.35
C ARG P 311 23.16 -71.66 43.86
N LEU P 312 24.21 -71.00 44.35
CA LEU P 312 24.43 -70.95 45.78
C LEU P 312 25.06 -69.63 46.20
N ASN P 313 24.76 -69.25 47.43
CA ASN P 313 25.34 -68.12 48.13
C ASN P 313 25.97 -68.62 49.42
N PHE P 314 27.16 -68.12 49.72
CA PHE P 314 27.90 -68.47 50.91
C PHE P 314 28.20 -67.19 51.67
N LYS P 315 27.93 -67.19 52.97
CA LYS P 315 28.22 -66.04 53.81
C LYS P 315 28.91 -66.51 55.09
N LEU P 316 29.85 -65.71 55.55
CA LEU P 316 30.60 -65.95 56.78
C LEU P 316 30.52 -64.68 57.60
N PHE P 317 29.97 -64.77 58.80
CA PHE P 317 29.65 -63.55 59.53
C PHE P 317 29.76 -63.80 61.03
N ASN P 318 29.81 -62.71 61.79
CA ASN P 318 29.87 -62.71 63.25
C ASN P 318 31.13 -63.42 63.75
N ILE P 319 32.27 -62.94 63.26
CA ILE P 319 33.56 -63.53 63.63
C ILE P 319 33.94 -63.10 65.03
N GLN P 320 34.36 -64.06 65.85
CA GLN P 320 34.88 -63.78 67.18
C GLN P 320 36.17 -64.55 67.36
N VAL P 321 37.28 -63.85 67.53
CA VAL P 321 38.55 -64.47 67.84
C VAL P 321 38.74 -64.48 69.35
N LYS P 322 39.08 -65.64 69.88
CA LYS P 322 39.24 -65.83 71.31
C LYS P 322 40.66 -66.25 71.63
N GLU P 323 41.27 -65.55 72.58
CA GLU P 323 42.58 -65.86 73.12
C GLU P 323 42.45 -66.80 74.31
N VAL P 324 43.31 -67.82 74.37
CA VAL P 324 43.29 -68.84 75.40
C VAL P 324 44.63 -68.86 76.13
N THR P 325 44.58 -68.81 77.46
CA THR P 325 45.76 -68.95 78.30
C THR P 325 45.49 -70.00 79.36
N THR P 326 46.35 -71.02 79.45
CA THR P 326 46.23 -72.03 80.50
C THR P 326 47.39 -71.84 81.48
N ASN P 327 47.06 -71.52 82.72
CA ASN P 327 48.04 -71.35 83.79
C ASN P 327 47.63 -72.19 85.00
N ASP P 328 48.57 -72.97 85.52
CA ASP P 328 48.36 -73.79 86.70
C ASP P 328 47.16 -74.72 86.53
N GLY P 329 46.85 -75.08 85.29
CA GLY P 329 45.76 -75.97 84.98
C GLY P 329 44.43 -75.30 84.71
N VAL P 330 44.29 -74.01 85.01
CA VAL P 330 43.04 -73.31 84.78
C VAL P 330 43.16 -72.49 83.51
N THR P 331 42.07 -72.45 82.74
CA THR P 331 42.06 -71.88 81.40
C THR P 331 41.23 -70.60 81.39
N THR P 332 41.82 -69.53 80.88
CA THR P 332 41.17 -68.25 80.67
C THR P 332 40.95 -68.02 79.19
N ILE P 333 39.75 -67.63 78.82
CA ILE P 333 39.42 -67.27 77.44
C ILE P 333 38.99 -65.80 77.44
N ALA P 334 39.59 -65.02 76.55
CA ALA P 334 39.25 -63.62 76.40
C ALA P 334 38.97 -63.33 74.93
N ASN P 335 38.37 -62.17 74.68
CA ASN P 335 38.17 -61.74 73.31
C ASN P 335 39.41 -61.02 72.80
N ASN P 336 39.78 -61.31 71.57
CA ASN P 336 40.86 -60.63 70.89
C ASN P 336 40.22 -59.80 69.77
N LEU P 337 39.98 -58.52 70.06
CA LEU P 337 39.20 -57.69 69.16
C LEU P 337 39.95 -57.29 67.91
N THR P 338 41.27 -57.40 67.88
CA THR P 338 42.08 -56.93 66.77
C THR P 338 42.66 -58.07 65.94
N SER P 339 42.29 -59.30 66.20
CA SER P 339 42.79 -60.43 65.44
C SER P 339 41.92 -60.69 64.21
N THR P 340 42.49 -61.38 63.23
CA THR P 340 41.84 -61.61 61.96
C THR P 340 41.78 -63.09 61.63
N VAL P 341 40.80 -63.44 60.82
CA VAL P 341 40.77 -64.73 60.12
C VAL P 341 40.92 -64.44 58.64
N GLN P 342 41.78 -65.20 57.98
CA GLN P 342 41.94 -65.13 56.53
C GLN P 342 41.00 -66.13 55.87
N VAL P 343 40.24 -65.67 54.90
CA VAL P 343 39.31 -66.50 54.15
C VAL P 343 39.55 -66.28 52.67
N PHE P 344 39.58 -67.36 51.90
CA PHE P 344 39.56 -67.19 50.45
C PHE P 344 38.84 -68.36 49.80
N SER P 345 38.31 -68.11 48.62
CA SER P 345 37.64 -69.13 47.82
C SER P 345 38.55 -69.47 46.65
N ASP P 346 38.74 -70.77 46.42
CA ASP P 346 39.62 -71.23 45.34
C ASP P 346 38.81 -71.37 44.07
N SER P 347 38.46 -70.21 43.50
CA SER P 347 37.52 -70.14 42.39
C SER P 347 38.11 -70.62 41.07
N GLU P 348 39.44 -70.66 40.95
CA GLU P 348 40.09 -71.12 39.73
C GLU P 348 40.58 -72.55 39.83
N TYR P 349 40.25 -73.25 40.91
CA TYR P 349 40.59 -74.67 41.08
C TYR P 349 42.08 -74.91 40.90
N GLN P 350 42.87 -74.06 41.53
CA GLN P 350 44.32 -74.16 41.48
C GLN P 350 44.88 -75.03 42.59
N LEU P 351 44.07 -75.46 43.51
CA LEU P 351 44.43 -76.29 44.64
C LEU P 351 43.90 -77.70 44.44
N PRO P 352 44.50 -78.68 45.09
CA PRO P 352 43.89 -80.02 45.10
C PRO P 352 42.51 -79.98 45.73
N TYR P 353 41.56 -80.61 45.06
CA TYR P 353 40.17 -80.61 45.50
C TYR P 353 39.96 -81.82 46.42
N VAL P 354 39.88 -81.56 47.72
CA VAL P 354 39.69 -82.65 48.68
C VAL P 354 38.22 -82.85 49.02
N LEU P 355 37.35 -81.94 48.59
CA LEU P 355 35.92 -82.19 48.70
C LEU P 355 35.54 -83.29 47.71
N GLY P 356 34.40 -83.90 47.91
CA GLY P 356 34.00 -84.98 47.05
C GLY P 356 34.65 -86.31 47.34
N SER P 357 35.31 -86.44 48.49
CA SER P 357 35.84 -87.72 48.95
C SER P 357 35.07 -88.25 50.15
N ALA P 358 33.92 -87.65 50.46
CA ALA P 358 33.02 -88.10 51.53
C ALA P 358 33.69 -88.03 52.90
N HIS P 359 34.23 -86.87 53.22
CA HIS P 359 34.93 -86.68 54.49
C HIS P 359 34.02 -86.06 55.54
N GLN P 360 34.38 -86.28 56.79
CA GLN P 360 33.72 -85.63 57.89
C GLN P 360 34.07 -84.15 57.92
N GLY P 361 33.27 -83.38 58.65
CA GLY P 361 33.52 -81.97 58.78
C GLY P 361 32.53 -81.08 58.07
N CYS P 362 31.48 -81.67 57.49
CA CYS P 362 30.42 -80.88 56.87
C CYS P 362 29.62 -80.14 57.94
N LEU P 363 28.74 -79.26 57.49
CA LEU P 363 27.78 -78.68 58.41
C LEU P 363 26.91 -79.80 58.99
N PRO P 364 26.64 -79.77 60.29
CA PRO P 364 25.83 -80.83 60.90
C PRO P 364 24.40 -80.81 60.36
N PRO P 365 23.74 -81.97 60.35
CA PRO P 365 22.34 -81.98 59.87
C PRO P 365 21.41 -81.13 60.72
N PHE P 366 21.60 -81.12 62.02
CA PHE P 366 20.73 -80.37 62.92
C PHE P 366 21.21 -78.93 63.05
N PRO P 367 20.36 -77.94 62.80
CA PRO P 367 20.81 -76.54 62.80
C PRO P 367 21.29 -76.05 64.16
N ALA P 368 20.96 -76.74 65.25
CA ALA P 368 21.39 -76.31 66.56
C ALA P 368 22.81 -76.76 66.90
N ASP P 369 23.42 -77.60 66.06
CA ASP P 369 24.72 -78.17 66.38
C ASP P 369 25.85 -77.23 65.99
N VAL P 370 26.86 -77.16 66.84
CA VAL P 370 28.06 -76.36 66.60
C VAL P 370 29.16 -77.28 66.13
N PHE P 371 29.81 -76.94 65.03
CA PHE P 371 30.75 -77.86 64.41
C PHE P 371 32.15 -77.26 64.32
N MET P 372 33.14 -78.14 64.43
CA MET P 372 34.53 -77.79 64.29
C MET P 372 34.92 -77.85 62.82
N ILE P 373 35.74 -76.91 62.39
CA ILE P 373 36.13 -76.84 60.99
C ILE P 373 37.28 -77.81 60.73
N PRO P 374 37.18 -78.67 59.72
CA PRO P 374 38.24 -79.65 59.47
C PRO P 374 39.49 -79.05 58.86
N GLN P 375 40.62 -79.68 59.13
CA GLN P 375 41.90 -79.19 58.64
C GLN P 375 42.09 -79.54 57.18
N TYR P 376 42.75 -78.65 56.45
CA TYR P 376 43.04 -78.89 55.05
C TYR P 376 44.38 -79.60 54.89
N GLY P 377 44.39 -80.61 54.04
CA GLY P 377 45.60 -81.30 53.68
C GLY P 377 45.36 -81.96 52.35
N TYR P 378 46.45 -82.27 51.66
CA TYR P 378 46.33 -82.89 50.35
C TYR P 378 47.42 -83.91 50.18
N LEU P 379 47.26 -84.76 49.17
CA LEU P 379 48.24 -85.74 48.79
C LEU P 379 48.77 -85.39 47.41
N THR P 380 50.02 -85.76 47.15
CA THR P 380 50.64 -85.53 45.86
C THR P 380 51.24 -86.85 45.38
N LEU P 381 51.87 -86.80 44.21
CA LEU P 381 52.47 -88.00 43.64
C LEU P 381 53.47 -88.61 44.60
N ASN P 382 53.40 -89.91 44.77
CA ASN P 382 54.30 -90.61 45.67
C ASN P 382 54.81 -91.87 45.02
N ASN P 383 56.05 -92.22 45.39
CA ASN P 383 56.70 -93.47 44.99
C ASN P 383 56.99 -94.22 46.27
N GLY P 384 56.00 -94.97 46.74
CA GLY P 384 56.07 -95.51 48.09
C GLY P 384 55.76 -94.42 49.08
N SER P 385 56.61 -94.28 50.09
CA SER P 385 56.49 -93.18 51.03
C SER P 385 57.29 -91.96 50.60
N GLN P 386 57.90 -91.99 49.42
CA GLN P 386 58.73 -90.91 48.93
C GLN P 386 57.96 -90.08 47.92
N ALA P 387 58.53 -88.93 47.57
CA ALA P 387 57.98 -88.05 46.57
C ALA P 387 58.69 -88.28 45.24
N VAL P 388 58.27 -87.54 44.22
CA VAL P 388 58.92 -87.52 42.93
C VAL P 388 59.17 -86.07 42.53
N GLY P 389 59.76 -85.89 41.35
CA GLY P 389 60.01 -84.53 40.88
C GLY P 389 58.75 -83.77 40.58
N ARG P 390 57.72 -84.45 40.11
CA ARG P 390 56.46 -83.83 39.74
C ARG P 390 55.50 -83.72 40.90
N SER P 391 55.91 -84.14 42.09
CA SER P 391 55.12 -83.89 43.28
C SER P 391 55.01 -82.40 43.53
N SER P 392 53.79 -81.92 43.75
CA SER P 392 53.56 -80.50 43.92
C SER P 392 53.45 -80.14 45.39
N PHE P 393 53.79 -78.89 45.68
CA PHE P 393 53.60 -78.29 46.98
C PHE P 393 52.85 -76.98 46.78
N TYR P 394 51.86 -76.73 47.63
CA TYR P 394 51.04 -75.54 47.52
C TYR P 394 51.09 -74.80 48.85
N CYS P 395 51.61 -73.58 48.82
CA CYS P 395 51.43 -72.66 49.93
C CYS P 395 50.11 -71.94 49.74
N LEU P 396 49.22 -72.07 50.72
CA LEU P 396 47.93 -71.41 50.62
C LEU P 396 48.00 -69.94 51.01
N GLU P 397 49.09 -69.50 51.61
CA GLU P 397 49.33 -68.08 51.80
C GLU P 397 49.75 -67.40 50.51
N TYR P 398 50.04 -68.15 49.47
CA TYR P 398 50.35 -67.63 48.16
C TYR P 398 49.10 -67.29 47.36
N PHE P 399 47.97 -67.13 48.03
CA PHE P 399 46.72 -66.72 47.45
C PHE P 399 46.30 -65.38 48.04
N PRO P 400 45.52 -64.59 47.30
CA PRO P 400 44.87 -63.41 47.92
C PRO P 400 43.76 -63.86 48.85
N SER P 401 43.86 -63.43 50.10
CA SER P 401 42.87 -63.74 51.13
C SER P 401 42.21 -62.46 51.61
N GLN P 402 40.96 -62.57 52.03
CA GLN P 402 40.31 -61.49 52.73
C GLN P 402 40.54 -61.67 54.22
N MET P 403 41.04 -60.63 54.88
CA MET P 403 41.28 -60.64 56.31
C MET P 403 40.07 -60.03 57.01
N LEU P 404 39.50 -60.77 57.96
CA LEU P 404 38.26 -60.41 58.62
C LEU P 404 38.54 -60.19 60.10
N ARG P 405 38.26 -58.99 60.58
CA ARG P 405 38.20 -58.73 62.00
C ARG P 405 36.78 -58.99 62.48
N THR P 406 36.49 -58.68 63.74
CA THR P 406 35.22 -59.10 64.31
C THR P 406 34.02 -58.37 63.72
N GLY P 407 34.23 -57.29 62.97
CA GLY P 407 33.12 -56.57 62.38
C GLY P 407 32.93 -56.84 60.89
N ASN P 408 33.75 -57.70 60.32
CA ASN P 408 33.73 -57.97 58.89
C ASN P 408 32.98 -59.26 58.59
N ASN P 409 32.50 -59.37 57.35
CA ASN P 409 31.90 -60.60 56.85
C ASN P 409 32.46 -60.90 55.47
N PHE P 410 32.13 -62.09 54.98
CA PHE P 410 32.63 -62.62 53.74
C PHE P 410 31.46 -63.19 52.95
N THR P 411 31.34 -62.82 51.68
CA THR P 411 30.27 -63.34 50.84
C THR P 411 30.85 -63.90 49.55
N PHE P 412 30.13 -64.84 48.96
CA PHE P 412 30.60 -65.48 47.74
C PHE P 412 29.42 -66.14 47.03
N SER P 413 29.27 -65.86 45.74
CA SER P 413 28.20 -66.45 44.95
C SER P 413 28.77 -67.41 43.92
N TYR P 414 27.98 -68.43 43.58
CA TYR P 414 28.43 -69.43 42.62
C TYR P 414 27.22 -69.92 41.83
N THR P 415 27.41 -70.15 40.54
CA THR P 415 26.38 -70.70 39.68
C THR P 415 26.81 -72.07 39.21
N PHE P 416 25.93 -73.05 39.37
CA PHE P 416 26.19 -74.40 38.88
C PHE P 416 26.10 -74.45 37.36
N GLU P 417 26.93 -75.28 36.76
CA GLU P 417 26.79 -75.58 35.34
C GLU P 417 25.54 -76.40 35.10
N GLU P 418 25.12 -76.46 33.85
CA GLU P 418 23.91 -77.22 33.49
C GLU P 418 24.25 -78.70 33.59
N VAL P 419 23.87 -79.30 34.72
CA VAL P 419 24.07 -80.71 35.01
C VAL P 419 22.73 -81.39 34.78
N PRO P 420 22.71 -82.68 34.40
CA PRO P 420 21.41 -83.36 34.28
C PRO P 420 20.72 -83.51 35.62
N PHE P 421 19.39 -83.53 35.58
CA PHE P 421 18.60 -83.79 36.76
C PHE P 421 18.95 -85.16 37.33
N HIS P 422 19.09 -85.24 38.64
CA HIS P 422 19.10 -86.53 39.30
C HIS P 422 17.69 -87.10 39.27
N SER P 423 17.62 -88.42 39.07
CA SER P 423 16.38 -89.16 38.89
C SER P 423 15.81 -89.57 40.23
N SER P 424 14.75 -88.90 40.67
CA SER P 424 14.05 -89.27 41.90
C SER P 424 12.94 -90.27 41.64
N TYR P 425 13.09 -91.10 40.61
CA TYR P 425 12.07 -92.05 40.23
C TYR P 425 12.67 -93.44 40.07
N ALA P 426 11.82 -94.44 40.24
CA ALA P 426 12.06 -95.80 39.77
C ALA P 426 11.31 -96.01 38.47
N HIS P 427 11.61 -97.13 37.81
CA HIS P 427 10.94 -97.50 36.58
C HIS P 427 9.84 -98.49 36.86
N SER P 428 8.67 -98.26 36.25
CA SER P 428 7.55 -99.16 36.39
C SER P 428 7.64 -100.38 35.49
N GLN P 429 8.59 -100.38 34.56
CA GLN P 429 8.80 -101.51 33.66
C GLN P 429 10.24 -101.98 33.78
N SER P 430 10.45 -103.25 33.49
CA SER P 430 11.79 -103.81 33.39
C SER P 430 12.24 -103.78 31.93
N LEU P 431 13.56 -103.77 31.74
CA LEU P 431 14.11 -103.61 30.41
C LEU P 431 13.83 -104.82 29.53
N ASP P 432 13.75 -106.01 30.11
CA ASP P 432 13.43 -107.21 29.37
C ASP P 432 11.93 -107.48 29.29
N ARG P 433 11.10 -106.50 29.63
CA ARG P 433 9.66 -106.64 29.64
C ARG P 433 9.00 -105.41 29.01
N LEU P 434 9.54 -104.96 27.88
CA LEU P 434 9.08 -103.75 27.23
C LEU P 434 8.13 -104.03 26.07
N MET P 435 7.71 -105.28 25.91
CA MET P 435 6.92 -105.69 24.76
C MET P 435 5.44 -105.65 25.07
N ASN P 436 4.65 -105.73 24.02
CA ASN P 436 3.22 -105.98 24.15
C ASN P 436 3.03 -107.45 24.52
N PRO P 437 2.40 -107.75 25.65
CA PRO P 437 2.22 -109.15 26.05
C PRO P 437 1.09 -109.87 25.34
N LEU P 438 0.43 -109.25 24.37
CA LEU P 438 -0.66 -109.88 23.66
C LEU P 438 -0.34 -110.20 22.21
N ILE P 439 0.57 -109.48 21.60
CA ILE P 439 0.85 -109.59 20.17
C ILE P 439 2.16 -110.34 19.99
N ASP P 440 2.22 -111.16 18.94
CA ASP P 440 3.45 -111.83 18.56
C ASP P 440 4.37 -110.87 17.84
N GLN P 441 5.58 -111.33 17.55
CA GLN P 441 6.54 -110.58 16.78
C GLN P 441 6.51 -111.05 15.32
N TYR P 442 7.11 -110.25 14.45
CA TYR P 442 7.34 -110.70 13.09
C TYR P 442 8.78 -111.20 12.90
N LEU P 443 9.54 -111.28 13.97
CA LEU P 443 10.92 -111.75 13.93
C LEU P 443 10.98 -113.19 14.44
N TYR P 444 11.78 -114.00 13.76
CA TYR P 444 11.95 -115.39 14.13
C TYR P 444 13.31 -115.59 14.79
N TYR P 445 13.40 -116.66 15.58
CA TYR P 445 14.63 -117.02 16.24
C TYR P 445 14.79 -118.54 16.13
N LEU P 446 16.03 -118.99 16.20
CA LEU P 446 16.30 -120.42 16.21
C LEU P 446 15.87 -121.00 17.55
N ASN P 447 14.90 -121.91 17.50
CA ASN P 447 14.31 -122.47 18.71
C ASN P 447 14.83 -123.86 19.04
N ARG P 448 14.97 -124.72 18.04
CA ARG P 448 15.45 -126.08 18.23
C ARG P 448 16.55 -126.36 17.22
N THR P 449 17.61 -127.03 17.67
CA THR P 449 18.57 -127.65 16.75
C THR P 449 18.47 -129.17 16.78
N GLN P 450 17.44 -129.73 17.39
CA GLN P 450 17.16 -131.15 17.37
C GLN P 450 15.68 -131.35 17.07
N ASN P 451 15.33 -132.56 16.68
CA ASN P 451 13.94 -132.87 16.37
C ASN P 451 13.09 -132.82 17.62
N GLN P 452 11.91 -132.21 17.49
CA GLN P 452 11.02 -132.05 18.64
C GLN P 452 10.33 -133.35 19.04
N SER P 453 10.12 -134.27 18.11
CA SER P 453 9.36 -135.48 18.40
C SER P 453 10.03 -136.32 19.47
N GLY P 454 11.33 -136.53 19.38
CA GLY P 454 12.06 -137.27 20.38
C GLY P 454 12.17 -138.76 20.15
N SER P 455 11.36 -139.32 19.23
CA SER P 455 11.49 -140.74 18.91
C SER P 455 12.86 -141.04 18.32
N ALA P 456 13.33 -140.16 17.44
CA ALA P 456 14.72 -140.13 17.02
C ALA P 456 15.39 -138.90 17.62
N GLN P 457 16.72 -138.89 17.56
CA GLN P 457 17.52 -137.81 18.12
C GLN P 457 18.28 -137.05 17.03
N ASN P 458 17.60 -136.74 15.93
CA ASN P 458 18.24 -136.11 14.79
C ASN P 458 18.32 -134.61 14.98
N LYS P 459 19.32 -134.00 14.34
CA LYS P 459 19.45 -132.57 14.37
C LYS P 459 18.45 -131.92 13.42
N ASP P 460 18.30 -130.60 13.56
CA ASP P 460 17.39 -129.85 12.70
C ASP P 460 17.70 -128.37 12.86
N LEU P 461 16.90 -127.56 12.16
CA LEU P 461 16.96 -126.09 12.28
C LEU P 461 15.51 -125.62 12.30
N LEU P 462 14.95 -125.51 13.49
CA LEU P 462 13.55 -125.14 13.68
C LEU P 462 13.47 -123.73 14.24
N PHE P 463 12.67 -122.89 13.62
CA PHE P 463 12.57 -121.49 13.97
C PHE P 463 11.19 -121.18 14.50
N SER P 464 11.13 -120.39 15.56
CA SER P 464 9.87 -119.98 16.16
C SER P 464 9.71 -118.48 16.07
N ARG P 465 8.47 -118.03 16.15
CA ARG P 465 8.14 -116.63 16.17
C ARG P 465 8.15 -116.09 17.60
N GLY P 466 8.63 -114.87 17.74
CA GLY P 466 8.62 -114.22 19.04
C GLY P 466 7.21 -114.07 19.57
N SER P 467 6.92 -114.72 20.68
CA SER P 467 5.57 -114.80 21.23
C SER P 467 5.58 -114.43 22.70
N PRO P 468 4.44 -114.00 23.25
CA PRO P 468 4.38 -113.72 24.69
C PRO P 468 4.58 -114.95 25.57
N ALA P 469 4.45 -116.15 25.03
CA ALA P 469 4.73 -117.34 25.82
C ALA P 469 6.20 -117.37 26.24
N GLY P 470 7.11 -117.21 25.29
CA GLY P 470 8.50 -117.08 25.62
C GLY P 470 9.01 -115.67 25.45
N MET P 471 9.12 -114.94 26.55
CA MET P 471 9.57 -113.56 26.52
C MET P 471 11.08 -113.45 26.66
N SER P 472 11.73 -114.49 27.16
CA SER P 472 13.18 -114.47 27.34
C SER P 472 13.93 -114.61 26.03
N VAL P 473 13.31 -115.19 25.00
CA VAL P 473 13.97 -115.46 23.73
C VAL P 473 13.54 -114.48 22.65
N GLN P 474 12.68 -113.53 22.97
CA GLN P 474 12.28 -112.54 21.98
C GLN P 474 13.45 -111.62 21.66
N PRO P 475 13.65 -111.29 20.38
CA PRO P 475 14.58 -110.21 20.04
C PRO P 475 14.21 -108.91 20.73
N LYS P 476 15.22 -108.19 21.20
CA LYS P 476 15.02 -106.95 21.94
C LYS P 476 15.96 -105.89 21.40
N ASN P 477 15.73 -104.65 21.82
CA ASN P 477 16.43 -103.50 21.25
C ASN P 477 17.55 -102.97 22.13
N TRP P 478 17.56 -103.30 23.42
CA TRP P 478 18.49 -102.68 24.36
C TRP P 478 19.11 -103.74 25.25
N LEU P 479 20.17 -103.34 25.95
CA LEU P 479 20.93 -104.18 26.85
C LEU P 479 21.01 -103.55 28.23
N PRO P 480 21.14 -104.35 29.28
CA PRO P 480 21.36 -103.80 30.61
C PRO P 480 22.74 -103.16 30.71
N GLY P 481 22.86 -102.23 31.65
CA GLY P 481 24.08 -101.48 31.83
C GLY P 481 25.30 -102.32 32.15
N PRO P 482 26.46 -101.69 32.21
CA PRO P 482 27.69 -102.43 32.47
C PRO P 482 27.75 -102.94 33.90
N CYS P 483 28.59 -103.96 34.10
CA CYS P 483 28.70 -104.58 35.41
C CYS P 483 30.16 -104.83 35.75
N TYR P 484 30.45 -104.93 37.03
CA TYR P 484 31.76 -105.34 37.55
C TYR P 484 31.50 -106.11 38.84
N ARG P 485 31.45 -107.44 38.72
CA ARG P 485 30.86 -108.27 39.76
C ARG P 485 31.55 -108.09 41.11
N GLN P 486 30.74 -108.06 42.17
CA GLN P 486 31.19 -107.98 43.54
C GLN P 486 30.93 -109.30 44.25
N GLN P 487 31.53 -109.46 45.42
CA GLN P 487 31.32 -110.65 46.23
C GLN P 487 30.07 -110.47 47.07
N ARG P 488 29.33 -111.57 47.25
CA ARG P 488 28.04 -111.54 47.91
C ARG P 488 28.22 -111.86 49.38
N VAL P 489 27.84 -110.92 50.25
CA VAL P 489 27.93 -111.09 51.69
C VAL P 489 26.51 -111.10 52.25
N SER P 490 26.24 -112.02 53.15
CA SER P 490 24.95 -112.11 53.80
C SER P 490 24.93 -111.29 55.07
N LYS P 491 23.84 -110.54 55.28
CA LYS P 491 23.66 -109.81 56.52
C LYS P 491 23.50 -110.74 57.71
N THR P 492 23.14 -112.00 57.48
CA THR P 492 23.15 -113.03 58.50
C THR P 492 24.52 -113.70 58.48
N LYS P 493 25.31 -113.47 59.52
CA LYS P 493 26.72 -113.83 59.48
C LYS P 493 26.97 -115.33 59.41
N THR P 494 26.01 -116.16 59.79
CA THR P 494 26.24 -117.60 59.77
C THR P 494 26.33 -118.17 58.37
N ASP P 495 25.77 -117.49 57.38
CA ASP P 495 25.82 -117.98 56.00
C ASP P 495 27.05 -117.53 55.23
N ASN P 496 27.93 -116.78 55.87
CA ASN P 496 29.16 -116.33 55.22
C ASN P 496 30.28 -117.33 55.46
N ASN P 497 31.22 -117.36 54.54
CA ASN P 497 32.37 -118.25 54.65
C ASN P 497 33.20 -117.89 55.88
N ASN P 498 33.79 -118.91 56.49
CA ASN P 498 34.61 -118.70 57.68
C ASN P 498 36.04 -118.33 57.28
N SER P 499 36.16 -117.07 56.85
CA SER P 499 37.46 -116.49 56.53
C SER P 499 37.26 -114.98 56.49
N ASN P 500 38.36 -114.25 56.33
CA ASN P 500 38.24 -112.79 56.27
C ASN P 500 37.77 -112.34 54.90
N PHE P 501 38.58 -112.57 53.87
CA PHE P 501 38.21 -112.40 52.45
C PHE P 501 37.61 -111.02 52.14
N THR P 502 37.73 -110.07 53.06
CA THR P 502 37.35 -108.70 52.74
C THR P 502 38.39 -107.99 51.88
N TRP P 503 39.60 -108.50 51.85
CA TRP P 503 40.62 -107.97 50.96
C TRP P 503 41.03 -108.98 49.90
N THR P 504 41.17 -110.26 50.25
CA THR P 504 41.59 -111.25 49.28
C THR P 504 40.49 -111.60 48.28
N GLY P 505 39.23 -111.50 48.68
CA GLY P 505 38.14 -111.90 47.82
C GLY P 505 37.34 -110.75 47.27
N ALA P 506 37.94 -109.57 47.22
CA ALA P 506 37.22 -108.36 46.87
C ALA P 506 37.61 -107.84 45.50
N SER P 507 36.65 -107.18 44.84
CA SER P 507 36.91 -106.54 43.56
C SER P 507 37.76 -105.29 43.78
N LYS P 508 38.92 -105.25 43.16
CA LYS P 508 39.82 -104.12 43.33
C LYS P 508 40.50 -103.84 42.01
N TYR P 509 41.05 -102.64 41.89
CA TYR P 509 41.74 -102.25 40.67
C TYR P 509 43.20 -101.95 40.96
N ASN P 510 44.02 -102.12 39.92
CA ASN P 510 45.45 -101.96 40.00
C ASN P 510 45.83 -100.62 39.38
N LEU P 511 46.57 -99.80 40.12
CA LEU P 511 47.01 -98.50 39.62
C LEU P 511 48.42 -98.22 40.13
N ASN P 512 49.38 -98.19 39.21
CA ASN P 512 50.78 -97.93 39.54
C ASN P 512 51.32 -98.93 40.54
N GLY P 513 50.84 -100.17 40.45
CA GLY P 513 51.36 -101.25 41.26
C GLY P 513 50.69 -101.44 42.60
N ARG P 514 49.77 -100.58 43.00
CA ARG P 514 49.07 -100.74 44.26
C ARG P 514 47.57 -100.85 44.02
N GLU P 515 46.94 -101.75 44.77
CA GLU P 515 45.56 -102.12 44.57
C GLU P 515 44.64 -101.25 45.43
N SER P 516 43.45 -101.00 44.90
CA SER P 516 42.46 -100.17 45.59
C SER P 516 41.11 -100.83 45.43
N ILE P 517 40.38 -100.98 46.53
CA ILE P 517 39.04 -101.53 46.49
C ILE P 517 38.16 -100.62 45.64
N ILE P 518 37.26 -101.21 44.85
CA ILE P 518 36.42 -100.42 43.98
C ILE P 518 35.51 -99.51 44.80
N ASN P 519 34.58 -100.09 45.57
CA ASN P 519 33.86 -99.38 46.63
C ASN P 519 33.33 -98.01 46.25
N PRO P 520 32.17 -97.91 45.59
CA PRO P 520 31.22 -98.97 45.26
C PRO P 520 31.19 -99.31 43.78
N GLY P 521 31.84 -98.49 42.97
CA GLY P 521 31.97 -98.82 41.56
C GLY P 521 30.67 -98.67 40.80
N THR P 522 30.46 -99.58 39.87
CA THR P 522 29.33 -99.50 38.95
C THR P 522 28.01 -99.52 39.71
N ALA P 523 27.05 -98.75 39.21
CA ALA P 523 25.73 -98.68 39.82
C ALA P 523 24.96 -99.94 39.44
N MET P 524 24.85 -100.87 40.37
CA MET P 524 24.17 -102.13 40.15
C MET P 524 23.21 -102.40 41.29
N ALA P 525 22.25 -103.29 41.02
CA ALA P 525 21.30 -103.69 42.05
C ALA P 525 22.01 -104.44 43.18
N SER P 526 21.63 -104.12 44.41
CA SER P 526 22.25 -104.76 45.56
C SER P 526 21.98 -106.26 45.60
N HIS P 527 20.77 -106.67 45.27
CA HIS P 527 20.38 -108.07 45.33
C HIS P 527 19.26 -108.30 44.34
N LYS P 528 18.79 -109.54 44.29
CA LYS P 528 17.65 -109.92 43.47
C LYS P 528 16.37 -109.76 44.26
N ASP P 529 15.27 -110.26 43.71
CA ASP P 529 14.02 -110.34 44.46
C ASP P 529 14.11 -111.43 45.52
N ASP P 530 13.52 -111.15 46.68
CA ASP P 530 13.48 -112.10 47.80
C ASP P 530 14.86 -112.47 48.28
N GLU P 531 15.81 -111.55 48.19
CA GLU P 531 17.19 -111.81 48.56
C GLU P 531 17.77 -110.62 49.31
N ASP P 532 16.95 -109.95 50.13
CA ASP P 532 17.38 -108.75 50.83
C ASP P 532 18.46 -109.04 51.86
N LYS P 533 18.69 -110.31 52.22
CA LYS P 533 19.71 -110.68 53.19
C LYS P 533 21.13 -110.57 52.63
N PHE P 534 21.29 -110.35 51.34
CA PHE P 534 22.59 -110.29 50.70
C PHE P 534 22.88 -108.87 50.22
N PHE P 535 24.14 -108.47 50.33
CA PHE P 535 24.61 -107.22 49.77
C PHE P 535 26.00 -107.43 49.16
N PRO P 536 26.35 -106.67 48.14
CA PRO P 536 27.72 -106.74 47.61
C PRO P 536 28.72 -106.27 48.65
N MET P 537 29.89 -106.90 48.65
CA MET P 537 30.84 -106.69 49.75
C MET P 537 31.28 -105.24 49.82
N SER P 538 31.53 -104.61 48.67
CA SER P 538 31.91 -103.21 48.63
C SER P 538 31.14 -102.49 47.53
N GLY P 539 29.85 -102.78 47.43
CA GLY P 539 29.04 -102.21 46.38
C GLY P 539 27.95 -101.30 46.87
N VAL P 540 27.91 -101.08 48.18
CA VAL P 540 26.83 -100.32 48.80
C VAL P 540 27.42 -99.20 49.64
N MET P 541 26.68 -98.11 49.73
CA MET P 541 27.05 -97.02 50.63
C MET P 541 26.59 -97.36 52.03
N ILE P 542 27.51 -97.36 52.98
CA ILE P 542 27.23 -97.73 54.36
C ILE P 542 27.43 -96.49 55.22
N PHE P 543 26.36 -96.05 55.87
CA PHE P 543 26.41 -94.95 56.81
C PHE P 543 26.41 -95.48 58.23
N GLY P 544 27.21 -94.86 59.08
CA GLY P 544 27.26 -95.25 60.48
C GLY P 544 26.23 -94.49 61.29
N LYS P 545 25.59 -95.20 62.21
CA LYS P 545 24.72 -94.53 63.16
C LYS P 545 25.55 -93.84 64.22
N GLU P 546 24.92 -92.95 64.97
CA GLU P 546 25.59 -92.39 66.13
C GLU P 546 25.86 -93.51 67.12
N SER P 547 26.97 -93.37 67.85
CA SER P 547 27.51 -94.46 68.67
C SER P 547 27.97 -95.63 67.82
N ALA P 548 28.61 -95.33 66.69
CA ALA P 548 29.32 -96.33 65.91
C ALA P 548 30.82 -96.05 66.00
N GLY P 549 31.59 -97.08 66.29
CA GLY P 549 33.01 -96.91 66.42
C GLY P 549 33.68 -96.62 65.09
N ALA P 550 34.94 -96.20 65.17
CA ALA P 550 35.69 -95.91 63.96
C ALA P 550 36.14 -97.18 63.25
N SER P 551 36.45 -98.23 64.00
CA SER P 551 37.00 -99.45 63.43
C SER P 551 36.27 -100.66 64.00
N ASN P 552 35.94 -101.61 63.11
CA ASN P 552 35.34 -102.88 63.49
C ASN P 552 34.07 -102.71 64.31
N THR P 553 33.24 -101.76 63.92
CA THR P 553 31.93 -101.61 64.55
C THR P 553 30.98 -102.69 64.03
N ALA P 554 29.76 -102.68 64.53
CA ALA P 554 28.84 -103.77 64.28
C ALA P 554 27.82 -103.42 63.20
N LEU P 555 27.28 -104.49 62.59
CA LEU P 555 26.20 -104.36 61.64
C LEU P 555 25.01 -103.64 62.26
N ASP P 556 24.84 -103.77 63.57
CA ASP P 556 23.80 -103.03 64.26
C ASP P 556 24.11 -101.55 64.32
N ASN P 557 25.40 -101.19 64.25
CA ASN P 557 25.79 -99.79 64.33
C ASN P 557 25.92 -99.13 62.97
N VAL P 558 25.88 -99.89 61.89
CA VAL P 558 25.93 -99.30 60.55
C VAL P 558 24.57 -99.44 59.87
N MET P 559 24.32 -98.57 58.90
CA MET P 559 23.14 -98.61 58.04
C MET P 559 23.58 -98.88 56.61
N ILE P 560 23.20 -100.04 56.08
CA ILE P 560 23.55 -100.42 54.71
C ILE P 560 22.45 -99.97 53.78
N THR P 561 22.82 -99.27 52.71
CA THR P 561 21.83 -98.83 51.75
C THR P 561 21.45 -99.97 50.81
N ASP P 562 20.40 -99.75 50.04
CA ASP P 562 19.90 -100.72 49.08
C ASP P 562 19.66 -100.02 47.76
N GLU P 563 20.00 -100.69 46.66
CA GLU P 563 19.78 -100.18 45.32
C GLU P 563 18.76 -101.05 44.59
N GLU P 564 17.66 -101.36 45.28
CA GLU P 564 16.70 -102.33 44.76
C GLU P 564 15.86 -101.74 43.63
N GLU P 565 15.83 -100.42 43.51
CA GLU P 565 14.94 -99.79 42.54
C GLU P 565 15.49 -99.81 41.13
N ILE P 566 16.77 -100.09 40.94
CA ILE P 566 17.37 -100.05 39.63
C ILE P 566 17.58 -101.46 39.06
N LYS P 567 16.86 -102.45 39.59
CA LYS P 567 16.84 -103.78 38.99
C LYS P 567 16.22 -103.78 37.60
N ALA P 568 15.45 -102.75 37.26
CA ALA P 568 14.76 -102.72 35.98
C ALA P 568 15.73 -102.55 34.82
N THR P 569 16.87 -101.92 35.05
CA THR P 569 17.83 -101.64 33.98
C THR P 569 19.26 -102.05 34.29
N ASN P 570 19.61 -102.27 35.55
CA ASN P 570 20.99 -102.54 35.91
C ASN P 570 21.15 -103.98 36.36
N PRO P 571 22.30 -104.60 36.06
CA PRO P 571 22.55 -105.96 36.55
C PRO P 571 22.70 -105.97 38.06
N VAL P 572 22.42 -107.13 38.65
CA VAL P 572 22.61 -107.30 40.07
C VAL P 572 24.11 -107.36 40.37
N ALA P 573 24.52 -106.65 41.43
CA ALA P 573 25.94 -106.43 41.69
C ALA P 573 26.70 -107.71 41.95
N THR P 574 26.05 -108.74 42.50
CA THR P 574 26.74 -109.94 42.93
C THR P 574 26.66 -111.07 41.91
N GLU P 575 26.06 -110.85 40.76
CA GLU P 575 25.91 -111.89 39.74
C GLU P 575 26.50 -111.43 38.42
N ARG P 576 26.72 -112.42 37.55
CA ARG P 576 27.36 -112.17 36.27
C ARG P 576 26.47 -111.31 35.38
N PHE P 577 27.10 -110.60 34.45
CA PHE P 577 26.34 -109.90 33.43
C PHE P 577 25.56 -110.89 32.57
N GLY P 578 26.18 -112.01 32.24
CA GLY P 578 25.55 -113.01 31.41
C GLY P 578 26.57 -114.04 30.98
N THR P 579 26.18 -114.80 29.96
CA THR P 579 27.05 -115.82 29.38
C THR P 579 27.41 -115.43 27.96
N VAL P 580 28.52 -115.98 27.49
CA VAL P 580 29.03 -115.71 26.16
C VAL P 580 29.54 -117.02 25.56
N ALA P 581 29.38 -117.18 24.26
CA ALA P 581 29.95 -118.34 23.58
C ALA P 581 31.46 -118.24 23.58
N VAL P 582 32.14 -119.37 23.77
CA VAL P 582 33.59 -119.38 23.88
C VAL P 582 34.26 -120.36 22.92
N ASN P 583 33.50 -121.02 22.05
CA ASN P 583 34.10 -121.97 21.12
C ASN P 583 33.21 -122.06 19.89
N PHE P 584 33.55 -122.98 18.99
CA PHE P 584 32.74 -123.30 17.82
C PHE P 584 32.14 -124.69 18.04
N GLN P 585 30.81 -124.76 18.03
CA GLN P 585 30.15 -126.06 18.08
C GLN P 585 30.22 -126.73 16.71
N SER P 586 30.37 -128.05 16.72
CA SER P 586 30.46 -128.81 15.48
C SER P 586 30.05 -130.24 15.76
N SER P 587 29.75 -130.96 14.69
CA SER P 587 29.43 -132.37 14.76
C SER P 587 30.65 -133.20 14.40
N SER P 588 30.60 -134.48 14.76
CA SER P 588 31.67 -135.40 14.43
C SER P 588 31.70 -135.68 12.94
N THR P 589 32.90 -135.90 12.41
CA THR P 589 33.08 -136.19 11.00
C THR P 589 34.10 -137.30 10.79
N VAL P 592 36.90 -135.22 10.59
CA VAL P 592 37.30 -134.73 11.91
C VAL P 592 36.42 -135.36 12.97
N PRO P 593 36.75 -136.57 13.40
CA PRO P 593 35.89 -137.28 14.36
C PRO P 593 36.08 -136.81 15.79
N PHE P 594 36.14 -135.50 15.99
CA PHE P 594 36.25 -134.88 17.31
C PHE P 594 35.08 -133.90 17.44
N LYS P 595 33.94 -134.41 17.91
CA LYS P 595 32.76 -133.59 18.13
C LYS P 595 33.03 -132.52 19.17
N THR P 596 32.58 -131.30 18.90
CA THR P 596 32.78 -130.17 19.80
C THR P 596 31.42 -129.70 20.30
N ASP P 597 31.16 -129.89 21.59
CA ASP P 597 29.96 -129.36 22.18
C ASP P 597 30.07 -127.84 22.32
N PRO P 598 28.96 -127.12 22.18
CA PRO P 598 28.99 -125.68 22.42
C PRO P 598 29.32 -125.39 23.88
N ALA P 599 30.06 -124.32 24.10
CA ALA P 599 30.53 -123.95 25.42
C ALA P 599 30.30 -122.47 25.67
N THR P 600 29.82 -122.16 26.87
CA THR P 600 29.60 -120.79 27.29
C THR P 600 30.43 -120.50 28.53
N GLY P 601 30.75 -119.23 28.71
CA GLY P 601 31.44 -118.77 29.90
C GLY P 601 30.74 -117.58 30.49
N ASP P 602 30.83 -117.47 31.82
CA ASP P 602 30.20 -116.36 32.53
C ASP P 602 30.98 -115.08 32.31
N VAL P 603 30.25 -113.99 32.12
CA VAL P 603 30.83 -112.67 31.91
C VAL P 603 30.68 -111.91 33.21
N HIS P 604 31.80 -111.69 33.90
CA HIS P 604 31.76 -111.11 35.24
C HIS P 604 31.98 -109.60 35.23
N ALA P 605 32.80 -109.10 34.31
CA ALA P 605 32.99 -107.67 34.12
C ALA P 605 32.69 -107.35 32.67
N MET P 606 31.73 -106.46 32.45
CA MET P 606 31.29 -106.08 31.11
C MET P 606 31.40 -104.58 30.98
N GLY P 607 32.18 -104.12 29.99
CA GLY P 607 32.25 -102.72 29.69
C GLY P 607 31.08 -102.28 28.84
N ALA P 608 31.08 -101.00 28.50
CA ALA P 608 29.95 -100.42 27.79
C ALA P 608 29.86 -100.97 26.38
N LEU P 609 28.70 -101.51 26.03
CA LEU P 609 28.32 -101.93 24.70
C LEU P 609 27.28 -100.98 24.15
N PRO P 610 27.27 -100.72 22.85
CA PRO P 610 26.19 -99.90 22.27
C PRO P 610 24.85 -100.58 22.46
N GLY P 611 23.84 -99.76 22.76
CA GLY P 611 22.55 -100.26 23.14
C GLY P 611 22.35 -100.44 24.63
N MET P 612 23.39 -100.25 25.42
CA MET P 612 23.28 -100.38 26.87
C MET P 612 22.56 -99.18 27.46
N VAL P 613 21.71 -99.43 28.46
CA VAL P 613 21.04 -98.39 29.21
C VAL P 613 21.15 -98.73 30.70
N TRP P 614 21.30 -97.71 31.53
CA TRP P 614 21.48 -97.94 32.95
C TRP P 614 21.00 -96.73 33.73
N GLN P 615 20.81 -96.93 35.03
CA GLN P 615 20.57 -95.85 35.97
C GLN P 615 21.80 -95.63 36.84
N ASP P 616 21.97 -94.39 37.30
CA ASP P 616 23.06 -94.06 38.18
C ASP P 616 22.71 -94.42 39.61
N ARG P 617 23.68 -94.29 40.51
CA ARG P 617 23.43 -94.55 41.91
C ARG P 617 22.50 -93.50 42.50
N ASP P 618 21.74 -93.90 43.51
CA ASP P 618 20.84 -93.00 44.20
C ASP P 618 21.60 -92.05 45.11
N VAL P 619 21.01 -90.90 45.37
CA VAL P 619 21.53 -89.97 46.37
C VAL P 619 20.70 -90.13 47.63
N TYR P 620 21.32 -89.82 48.77
CA TYR P 620 20.69 -89.99 50.07
C TYR P 620 20.77 -88.68 50.83
N LEU P 621 19.89 -88.54 51.82
CA LEU P 621 19.92 -87.33 52.64
C LEU P 621 21.25 -87.19 53.38
N GLN P 622 21.87 -88.30 53.74
CA GLN P 622 23.16 -88.29 54.41
C GLN P 622 24.34 -88.35 53.46
N GLY P 623 24.10 -88.39 52.14
CA GLY P 623 25.15 -88.63 51.19
C GLY P 623 25.67 -87.38 50.52
N PRO P 624 26.70 -87.52 49.71
CA PRO P 624 27.29 -86.37 49.02
C PRO P 624 26.40 -85.82 47.93
N ILE P 625 26.58 -84.53 47.64
CA ILE P 625 25.82 -83.86 46.59
C ILE P 625 26.57 -83.89 45.27
N TRP P 626 27.81 -83.46 45.26
CA TRP P 626 28.56 -83.30 44.01
C TRP P 626 29.95 -83.89 44.16
N ALA P 627 30.65 -83.90 43.04
CA ALA P 627 32.06 -84.26 42.99
C ALA P 627 32.70 -83.55 41.80
N LYS P 628 33.95 -83.13 41.97
CA LYS P 628 34.69 -82.57 40.87
C LYS P 628 35.10 -83.67 39.90
N ILE P 629 34.78 -83.47 38.61
CA ILE P 629 35.23 -84.40 37.59
C ILE P 629 36.72 -84.17 37.33
N PRO P 630 37.56 -85.21 37.39
CA PRO P 630 38.99 -85.00 37.18
C PRO P 630 39.27 -84.39 35.82
N HIS P 631 40.25 -83.48 35.79
CA HIS P 631 40.64 -82.82 34.55
C HIS P 631 41.55 -83.75 33.77
N THR P 632 40.93 -84.61 32.99
CA THR P 632 41.62 -85.60 32.18
C THR P 632 41.23 -85.44 30.72
N ASP P 633 41.97 -86.13 29.85
CA ASP P 633 41.65 -86.11 28.43
C ASP P 633 40.32 -86.78 28.14
N GLY P 634 40.06 -87.91 28.79
CA GLY P 634 38.82 -88.63 28.54
C GLY P 634 38.18 -89.05 29.84
N HIS P 635 36.86 -89.17 29.79
CA HIS P 635 36.07 -89.72 30.87
C HIS P 635 34.77 -90.22 30.28
N PHE P 636 34.27 -91.33 30.79
CA PHE P 636 33.05 -91.94 30.28
C PHE P 636 31.96 -91.78 31.33
N HIS P 637 30.90 -91.06 30.97
CA HIS P 637 29.74 -90.82 31.82
C HIS P 637 30.17 -90.30 33.18
N PRO P 638 30.64 -89.07 33.27
CA PRO P 638 31.32 -88.59 34.48
C PRO P 638 30.36 -88.29 35.63
N SER P 639 29.61 -89.31 36.03
CA SER P 639 28.76 -89.25 37.20
C SER P 639 29.47 -89.94 38.35
N PRO P 640 29.60 -89.27 39.50
CA PRO P 640 30.40 -89.85 40.60
C PRO P 640 29.84 -91.18 41.04
N LEU P 641 30.74 -92.09 41.41
CA LEU P 641 30.33 -93.45 41.73
C LEU P 641 29.68 -93.53 43.11
N MET P 642 29.96 -92.57 43.99
CA MET P 642 29.23 -92.50 45.24
C MET P 642 27.83 -91.93 45.07
N GLY P 643 27.52 -91.36 43.94
CA GLY P 643 26.24 -90.73 43.70
C GLY P 643 26.35 -89.22 43.76
N GLY P 644 25.49 -88.57 42.99
CA GLY P 644 25.49 -87.12 42.96
C GLY P 644 25.74 -86.54 41.60
N PHE P 645 26.13 -85.27 41.57
CA PHE P 645 26.36 -84.53 40.35
C PHE P 645 27.86 -84.39 40.13
N GLY P 646 28.33 -84.81 38.97
CA GLY P 646 29.70 -84.56 38.59
C GLY P 646 29.81 -83.22 37.93
N LEU P 647 30.63 -82.33 38.48
CA LEU P 647 30.78 -80.98 37.96
C LEU P 647 32.21 -80.76 37.53
N LYS P 648 32.40 -80.20 36.33
CA LYS P 648 33.74 -79.81 35.90
C LYS P 648 34.26 -78.66 36.74
N ASN P 649 33.42 -77.67 36.99
CA ASN P 649 33.73 -76.57 37.91
C ASN P 649 32.78 -76.69 39.09
N PRO P 650 33.12 -77.46 40.11
CA PRO P 650 32.24 -77.61 41.26
C PRO P 650 32.27 -76.36 42.13
N PRO P 651 31.45 -76.30 43.17
CA PRO P 651 31.59 -75.21 44.13
C PRO P 651 32.99 -75.18 44.71
N PRO P 652 33.65 -74.04 44.67
CA PRO P 652 35.06 -73.98 45.09
C PRO P 652 35.21 -74.15 46.58
N GLN P 653 36.42 -74.52 46.98
CA GLN P 653 36.74 -74.68 48.38
C GLN P 653 36.91 -73.32 49.03
N ILE P 654 36.27 -73.14 50.18
CA ILE P 654 36.44 -71.96 51.00
C ILE P 654 37.40 -72.34 52.13
N LEU P 655 38.54 -71.67 52.17
CA LEU P 655 39.60 -71.98 53.11
C LEU P 655 39.76 -70.83 54.07
N ILE P 656 39.89 -71.17 55.35
CA ILE P 656 39.85 -70.21 56.44
C ILE P 656 40.94 -70.59 57.45
N LYS P 657 41.60 -69.59 57.99
CA LYS P 657 42.52 -69.86 59.08
C LYS P 657 42.64 -68.62 59.96
N ASN P 658 43.11 -68.83 61.18
CA ASN P 658 43.38 -67.73 62.08
C ASN P 658 44.73 -67.12 61.73
N THR P 659 44.79 -65.80 61.60
CA THR P 659 46.08 -65.17 61.36
C THR P 659 46.94 -65.32 62.60
N PRO P 660 48.18 -65.80 62.46
CA PRO P 660 49.03 -65.99 63.65
C PRO P 660 49.33 -64.66 64.33
N VAL P 661 49.26 -64.67 65.66
CA VAL P 661 49.63 -63.52 66.48
C VAL P 661 50.85 -63.91 67.29
N PRO P 662 52.02 -63.36 66.99
CA PRO P 662 53.23 -63.74 67.72
C PRO P 662 53.18 -63.31 69.18
N ALA P 663 53.86 -64.08 70.01
CA ALA P 663 54.03 -63.71 71.41
C ALA P 663 55.14 -62.67 71.53
N ASN P 664 55.59 -62.42 72.75
CA ASN P 664 56.55 -61.37 73.00
C ASN P 664 57.89 -61.69 72.32
N PRO P 665 58.38 -60.84 71.42
CA PRO P 665 59.66 -61.11 70.77
C PRO P 665 60.82 -60.79 71.69
N PRO P 666 62.01 -61.31 71.40
CA PRO P 666 63.17 -60.98 72.24
C PRO P 666 63.59 -59.53 72.09
N ALA P 667 64.36 -59.06 73.07
CA ALA P 667 64.85 -57.68 73.04
C ALA P 667 65.84 -57.47 71.90
N GLU P 668 66.71 -58.45 71.66
CA GLU P 668 67.66 -58.42 70.56
C GLU P 668 67.08 -59.16 69.35
N PHE P 669 67.50 -58.72 68.17
CA PHE P 669 66.99 -59.28 66.92
C PHE P 669 67.48 -60.70 66.71
N SER P 670 66.59 -61.56 66.24
CA SER P 670 66.91 -62.93 65.87
C SER P 670 66.26 -63.23 64.53
N ALA P 671 67.04 -63.75 63.58
CA ALA P 671 66.50 -64.07 62.27
C ALA P 671 65.78 -65.41 62.25
N THR P 672 65.91 -66.21 63.31
CA THR P 672 65.15 -67.45 63.40
C THR P 672 63.66 -67.14 63.36
N LYS P 673 62.92 -67.90 62.56
CA LYS P 673 61.51 -67.63 62.39
C LYS P 673 60.76 -67.84 63.70
N PHE P 674 59.67 -67.10 63.85
CA PHE P 674 58.91 -67.13 65.09
C PHE P 674 58.31 -68.51 65.31
N ALA P 675 58.39 -68.99 66.54
CA ALA P 675 57.78 -70.24 66.94
C ALA P 675 56.84 -70.08 68.12
N SER P 676 56.88 -68.95 68.80
CA SER P 676 56.04 -68.67 69.95
C SER P 676 54.88 -67.79 69.50
N PHE P 677 53.67 -68.32 69.60
CA PHE P 677 52.49 -67.61 69.16
C PHE P 677 51.47 -67.54 70.30
N ILE P 678 50.64 -66.52 70.22
CA ILE P 678 49.51 -66.38 71.14
C ILE P 678 48.45 -67.39 70.74
N THR P 679 48.04 -68.23 71.68
CA THR P 679 47.12 -69.32 71.38
C THR P 679 45.71 -68.77 71.24
N GLN P 680 45.08 -69.01 70.11
CA GLN P 680 43.75 -68.49 69.90
C GLN P 680 42.98 -69.34 68.91
N TYR P 681 41.66 -69.21 68.96
CA TYR P 681 40.76 -69.85 68.01
C TYR P 681 39.73 -68.82 67.58
N SER P 682 38.84 -69.21 66.69
CA SER P 682 37.78 -68.31 66.26
C SER P 682 36.47 -69.07 66.16
N THR P 683 35.39 -68.32 66.25
CA THR P 683 34.05 -68.87 66.13
C THR P 683 33.23 -67.93 65.27
N GLY P 684 32.14 -68.44 64.73
CA GLY P 684 31.32 -67.59 63.90
C GLY P 684 30.14 -68.34 63.35
N GLN P 685 29.44 -67.68 62.43
CA GLN P 685 28.27 -68.24 61.77
C GLN P 685 28.52 -68.33 60.28
N VAL P 686 28.03 -69.40 59.68
CA VAL P 686 28.16 -69.64 58.24
C VAL P 686 26.77 -69.92 57.68
N SER P 687 26.45 -69.27 56.57
CA SER P 687 25.19 -69.46 55.87
C SER P 687 25.46 -69.98 54.47
N VAL P 688 24.72 -71.00 54.05
CA VAL P 688 24.75 -71.50 52.69
C VAL P 688 23.31 -71.54 52.19
N GLU P 689 23.08 -70.93 51.03
CA GLU P 689 21.78 -70.91 50.39
C GLU P 689 21.92 -71.52 49.00
N ILE P 690 21.20 -72.60 48.74
CA ILE P 690 21.21 -73.24 47.42
C ILE P 690 19.82 -73.17 46.82
N GLU P 691 19.74 -72.67 45.59
CA GLU P 691 18.56 -72.80 44.76
C GLU P 691 18.69 -74.08 43.94
N TRP P 692 17.65 -74.90 43.97
CA TRP P 692 17.55 -76.15 43.24
C TRP P 692 16.38 -76.07 42.27
N GLU P 693 16.60 -76.54 41.06
CA GLU P 693 15.56 -76.70 40.07
C GLU P 693 14.92 -78.07 40.20
N LEU P 694 13.59 -78.10 40.17
CA LEU P 694 12.80 -79.31 40.30
C LEU P 694 12.27 -79.73 38.95
N GLN P 695 12.03 -81.03 38.81
CA GLN P 695 11.43 -81.63 37.64
C GLN P 695 10.24 -82.41 38.14
N LYS P 696 9.05 -81.85 37.93
CA LYS P 696 7.81 -82.37 38.48
C LYS P 696 7.38 -83.66 37.79
N GLU P 697 6.71 -84.51 38.54
CA GLU P 697 6.09 -85.69 37.95
C GLU P 697 4.96 -85.27 37.03
N ASN P 698 4.76 -86.01 35.95
CA ASN P 698 3.65 -85.81 35.03
C ASN P 698 2.94 -87.13 34.76
N SER P 699 2.78 -87.94 35.79
CA SER P 699 2.41 -89.33 35.62
C SER P 699 0.92 -89.48 35.35
N LYS P 700 0.59 -90.50 34.55
CA LYS P 700 -0.80 -90.88 34.30
C LYS P 700 -1.14 -92.19 35.00
N ARG P 701 -0.31 -92.61 35.94
CA ARG P 701 -0.55 -93.83 36.69
C ARG P 701 -1.84 -93.73 37.50
N TRP P 702 -2.59 -94.82 37.53
CA TRP P 702 -3.89 -94.80 38.19
C TRP P 702 -3.79 -95.14 39.67
N ASN P 703 -3.12 -96.23 40.01
CA ASN P 703 -3.02 -96.66 41.39
C ASN P 703 -2.07 -95.74 42.16
N PRO P 704 -2.20 -95.68 43.48
CA PRO P 704 -1.33 -94.80 44.26
C PRO P 704 0.12 -95.24 44.23
N GLU P 705 1.00 -94.26 44.35
CA GLU P 705 2.44 -94.48 44.33
C GLU P 705 2.97 -94.88 45.69
N VAL P 706 4.17 -95.44 45.69
CA VAL P 706 4.91 -95.67 46.92
C VAL P 706 5.53 -94.34 47.37
N GLN P 707 5.33 -93.99 48.63
CA GLN P 707 5.86 -92.76 49.19
C GLN P 707 6.72 -93.08 50.39
N TYR P 708 7.69 -92.21 50.67
CA TYR P 708 8.38 -92.30 51.93
C TYR P 708 7.51 -91.74 53.03
N THR P 709 7.31 -92.50 54.09
CA THR P 709 6.40 -92.10 55.15
C THR P 709 7.03 -92.39 56.50
N SER P 710 6.62 -91.61 57.49
CA SER P 710 6.87 -91.94 58.88
C SER P 710 5.99 -93.11 59.30
N ASN P 711 6.50 -93.93 60.19
CA ASN P 711 5.72 -95.02 60.74
C ASN P 711 4.79 -94.47 61.81
N TYR P 712 3.50 -94.80 61.71
CA TYR P 712 2.52 -94.45 62.74
C TYR P 712 2.50 -95.61 63.73
N ALA P 713 3.00 -95.35 64.93
CA ALA P 713 2.99 -96.35 65.99
C ALA P 713 3.55 -95.71 67.24
N LYS P 714 3.10 -96.18 68.39
CA LYS P 714 3.69 -95.72 69.63
C LYS P 714 5.15 -96.16 69.68
N SER P 715 6.04 -95.18 69.77
CA SER P 715 7.47 -95.43 69.84
C SER P 715 8.07 -94.59 70.95
N ALA P 716 9.16 -95.09 71.52
CA ALA P 716 9.81 -94.36 72.61
C ALA P 716 10.33 -93.01 72.14
N ASN P 717 10.74 -92.92 70.88
CA ASN P 717 11.26 -91.69 70.30
C ASN P 717 10.57 -91.42 68.97
N VAL P 718 10.72 -90.20 68.49
CA VAL P 718 10.30 -89.82 67.14
C VAL P 718 11.53 -89.89 66.25
N ASP P 719 11.34 -90.39 65.03
CA ASP P 719 12.44 -90.50 64.08
C ASP P 719 12.92 -89.12 63.65
N PHE P 720 14.24 -89.02 63.45
CA PHE P 720 14.88 -87.77 63.02
C PHE P 720 14.65 -86.65 64.03
N THR P 721 14.82 -86.98 65.31
CA THR P 721 14.69 -85.99 66.38
C THR P 721 15.84 -86.14 67.36
N VAL P 722 15.77 -85.43 68.48
CA VAL P 722 16.74 -85.54 69.55
C VAL P 722 16.18 -86.51 70.59
N ASP P 723 17.07 -87.08 71.38
CA ASP P 723 16.66 -87.92 72.49
C ASP P 723 16.63 -87.09 73.78
N ASN P 724 16.46 -87.75 74.92
CA ASN P 724 16.45 -87.02 76.19
C ASN P 724 17.81 -86.45 76.54
N ASN P 725 18.89 -86.92 75.91
CA ASN P 725 20.22 -86.37 76.13
C ASN P 725 20.56 -85.24 75.18
N GLY P 726 19.71 -84.95 74.20
CA GLY P 726 19.97 -83.90 73.25
C GLY P 726 20.71 -84.31 72.01
N LEU P 727 20.80 -85.60 71.72
CA LEU P 727 21.59 -86.09 70.59
C LEU P 727 20.68 -86.32 69.39
N TYR P 728 20.94 -85.58 68.31
CA TYR P 728 20.20 -85.77 67.08
C TYR P 728 20.68 -87.03 66.37
N THR P 729 19.73 -87.86 65.96
CA THR P 729 20.04 -89.11 65.28
C THR P 729 19.17 -89.24 64.04
N GLU P 730 19.70 -89.92 63.03
CA GLU P 730 18.96 -90.27 61.83
C GLU P 730 18.78 -91.78 61.78
N PRO P 731 17.56 -92.28 61.96
CA PRO P 731 17.37 -93.74 62.08
C PRO P 731 17.74 -94.56 60.85
N ARG P 732 17.57 -94.01 59.66
CA ARG P 732 17.76 -94.77 58.44
C ARG P 732 18.22 -93.84 57.34
N PRO P 733 18.88 -94.36 56.31
CA PRO P 733 19.16 -93.55 55.12
C PRO P 733 17.97 -93.52 54.19
N ILE P 734 17.63 -92.33 53.70
CA ILE P 734 16.50 -92.13 52.81
C ILE P 734 17.02 -91.83 51.41
N GLY P 735 16.60 -92.64 50.44
CA GLY P 735 16.91 -92.38 49.05
C GLY P 735 15.92 -91.43 48.42
N THR P 736 15.88 -91.46 47.09
CA THR P 736 15.03 -90.55 46.33
C THR P 736 13.99 -91.26 45.48
N ARG P 737 14.19 -92.53 45.15
CA ARG P 737 13.42 -93.19 44.10
C ARG P 737 12.15 -93.78 44.70
N TYR P 738 11.08 -92.99 44.75
CA TYR P 738 9.80 -93.46 45.27
C TYR P 738 8.72 -93.38 44.20
N LEU P 739 8.62 -92.24 43.54
CA LEU P 739 7.74 -92.13 42.38
C LEU P 739 8.25 -93.04 41.28
N THR P 740 7.38 -93.36 40.33
CA THR P 740 7.77 -94.22 39.22
C THR P 740 7.44 -93.55 37.89
N ARG P 741 8.07 -94.05 36.83
CA ARG P 741 7.75 -93.63 35.48
C ARG P 741 8.01 -94.81 34.56
N PRO P 742 7.35 -94.86 33.40
CA PRO P 742 7.57 -95.98 32.49
C PRO P 742 8.94 -95.92 31.85
N LEU P 743 9.50 -97.10 31.58
CA LEU P 743 10.86 -97.21 31.08
C LEU P 743 10.96 -96.80 29.62
N ASP Q 219 40.35 -47.02 60.95
CA ASP Q 219 38.98 -47.27 60.52
C ASP Q 219 38.19 -48.04 61.59
N GLY Q 220 38.81 -48.27 62.74
CA GLY Q 220 38.14 -48.86 63.88
C GLY Q 220 38.89 -50.06 64.42
N VAL Q 221 38.48 -50.45 65.63
CA VAL Q 221 39.07 -51.62 66.28
C VAL Q 221 38.64 -52.91 65.60
N GLY Q 222 37.37 -53.01 65.21
CA GLY Q 222 36.84 -54.26 64.71
C GLY Q 222 36.77 -54.37 63.21
N ASN Q 223 37.51 -53.52 62.51
CA ASN Q 223 37.53 -53.50 61.05
C ASN Q 223 38.96 -53.67 60.59
N ALA Q 224 39.20 -54.65 59.72
CA ALA Q 224 40.53 -54.89 59.20
C ALA Q 224 40.93 -53.79 58.23
N SER Q 225 42.17 -53.34 58.30
CA SER Q 225 42.64 -52.25 57.47
C SER Q 225 43.36 -52.72 56.21
N GLY Q 226 43.37 -54.02 55.94
CA GLY Q 226 43.94 -54.51 54.70
C GLY Q 226 43.68 -55.99 54.56
N ASN Q 227 43.97 -56.49 53.37
CA ASN Q 227 43.77 -57.88 53.03
C ASN Q 227 45.11 -58.53 52.69
N TRP Q 228 45.11 -59.85 52.65
CA TRP Q 228 46.30 -60.61 52.29
C TRP Q 228 46.44 -60.62 50.78
N HIS Q 229 47.47 -59.98 50.26
CA HIS Q 229 47.74 -59.91 48.83
C HIS Q 229 49.07 -60.57 48.57
N CYS Q 230 49.05 -61.86 48.28
CA CYS Q 230 50.25 -62.62 47.93
C CYS Q 230 49.98 -63.36 46.64
N ASP Q 231 50.59 -62.92 45.55
CA ASP Q 231 50.22 -63.39 44.23
C ASP Q 231 51.37 -63.11 43.28
N SER Q 232 51.20 -63.52 42.03
CA SER Q 232 52.15 -63.20 40.96
C SER Q 232 51.39 -63.24 39.65
N THR Q 233 51.35 -62.11 38.96
CA THR Q 233 50.62 -61.98 37.70
C THR Q 233 51.62 -61.78 36.58
N TRP Q 234 51.52 -62.60 35.54
CA TRP Q 234 52.42 -62.54 34.41
C TRP Q 234 51.67 -61.95 33.23
N LEU Q 235 52.05 -60.74 32.83
CA LEU Q 235 51.54 -60.13 31.62
C LEU Q 235 52.52 -60.44 30.49
N GLY Q 236 52.35 -59.78 29.34
CA GLY Q 236 53.22 -60.08 28.22
C GLY Q 236 54.68 -59.74 28.49
N ASP Q 237 54.93 -58.51 28.93
CA ASP Q 237 56.30 -58.06 29.17
C ASP Q 237 56.52 -57.60 30.60
N ARG Q 238 55.54 -57.73 31.48
CA ARG Q 238 55.67 -57.38 32.87
C ARG Q 238 55.35 -58.60 33.71
N VAL Q 239 55.87 -58.61 34.93
CA VAL Q 239 55.41 -59.52 35.97
C VAL Q 239 55.23 -58.70 37.24
N ILE Q 240 54.10 -58.86 37.90
CA ILE Q 240 53.82 -58.16 39.14
C ILE Q 240 53.79 -59.18 40.26
N THR Q 241 54.70 -59.02 41.22
CA THR Q 241 54.81 -59.93 42.36
C THR Q 241 54.32 -59.21 43.61
N THR Q 242 53.39 -59.81 44.32
CA THR Q 242 52.88 -59.29 45.58
C THR Q 242 53.21 -60.27 46.70
N SER Q 243 53.63 -59.74 47.84
CA SER Q 243 53.99 -60.57 48.98
C SER Q 243 53.47 -59.94 50.25
N THR Q 244 52.72 -60.70 51.04
CA THR Q 244 52.28 -60.28 52.35
C THR Q 244 52.94 -61.18 53.40
N ARG Q 245 53.39 -60.58 54.48
CA ARG Q 245 54.03 -61.28 55.58
C ARG Q 245 53.51 -60.74 56.90
N THR Q 246 53.64 -61.54 57.94
CA THR Q 246 53.30 -61.13 59.29
C THR Q 246 54.58 -60.81 60.05
N TRP Q 247 54.65 -59.62 60.62
CA TRP Q 247 55.83 -59.14 61.31
C TRP Q 247 55.52 -58.90 62.78
N ALA Q 248 56.57 -59.05 63.59
CA ALA Q 248 56.57 -58.68 65.00
C ALA Q 248 57.70 -57.69 65.25
N LEU Q 249 57.36 -56.58 65.88
CA LEU Q 249 58.30 -55.51 66.20
C LEU Q 249 58.40 -55.36 67.71
N PRO Q 250 59.55 -55.62 68.32
CA PRO Q 250 59.69 -55.39 69.76
C PRO Q 250 60.09 -53.96 70.08
N THR Q 251 60.31 -53.69 71.36
CA THR Q 251 60.94 -52.45 71.78
C THR Q 251 62.44 -52.66 71.85
N TYR Q 252 63.18 -51.81 71.14
CA TYR Q 252 64.63 -51.92 71.06
C TYR Q 252 65.27 -50.87 71.95
N ASN Q 253 66.27 -51.29 72.73
CA ASN Q 253 67.10 -50.42 73.55
C ASN Q 253 66.36 -49.76 74.70
N ASN Q 254 65.15 -50.22 75.02
CA ASN Q 254 64.26 -49.53 75.97
C ASN Q 254 64.00 -48.09 75.52
N HIS Q 255 63.73 -47.93 74.22
CA HIS Q 255 63.41 -46.63 73.62
C HIS Q 255 64.57 -45.64 73.68
N LEU Q 256 65.79 -46.16 73.74
CA LEU Q 256 66.96 -45.31 73.91
C LEU Q 256 67.82 -45.34 72.66
N TYR Q 257 68.50 -44.23 72.41
CA TYR Q 257 69.58 -44.15 71.44
C TYR Q 257 70.87 -44.42 72.17
N LYS Q 258 71.64 -45.39 71.71
CA LYS Q 258 72.88 -45.75 72.38
C LYS Q 258 74.05 -45.61 71.42
N GLN Q 259 75.17 -45.13 71.95
CA GLN Q 259 76.40 -45.01 71.19
C GLN Q 259 77.17 -46.31 71.31
N ILE Q 260 77.52 -46.91 70.18
CA ILE Q 260 78.21 -48.18 70.14
C ILE Q 260 79.56 -47.99 69.47
N SER Q 261 80.55 -48.74 69.94
CA SER Q 261 81.88 -48.71 69.36
C SER Q 261 82.56 -50.03 69.68
N SER Q 262 83.84 -50.13 69.32
CA SER Q 262 84.62 -51.34 69.53
C SER Q 262 85.55 -51.25 70.73
N ALA Q 263 85.42 -50.18 71.53
CA ALA Q 263 86.35 -49.98 72.64
C ALA Q 263 86.25 -51.09 73.67
N SER Q 264 85.03 -51.48 74.05
CA SER Q 264 84.89 -52.59 74.98
C SER Q 264 85.16 -53.93 74.30
N THR Q 265 84.90 -54.02 73.00
CA THR Q 265 85.16 -55.26 72.28
C THR Q 265 86.65 -55.59 72.26
N GLY Q 266 87.50 -54.58 72.16
CA GLY Q 266 88.92 -54.83 72.05
C GLY Q 266 89.31 -55.52 70.75
N ALA Q 267 88.76 -55.05 69.63
CA ALA Q 267 89.00 -55.67 68.33
C ALA Q 267 90.33 -55.21 67.76
N SER Q 268 90.68 -55.78 66.61
CA SER Q 268 91.87 -55.35 65.89
C SER Q 268 91.62 -54.01 65.21
N ASN Q 269 92.70 -53.41 64.71
CA ASN Q 269 92.59 -52.11 64.07
C ASN Q 269 91.68 -52.16 62.85
N ASP Q 270 91.60 -53.32 62.19
CA ASP Q 270 90.76 -53.46 61.01
C ASP Q 270 89.28 -53.53 61.33
N ASN Q 271 88.93 -53.90 62.56
CA ASN Q 271 87.55 -54.12 62.96
C ASN Q 271 87.00 -53.02 63.85
N HIS Q 272 87.74 -51.93 64.00
CA HIS Q 272 87.28 -50.82 64.83
C HIS Q 272 86.10 -50.12 64.18
N TYR Q 273 85.16 -49.65 65.01
CA TYR Q 273 84.02 -48.93 64.48
C TYR Q 273 83.46 -48.01 65.55
N PHE Q 274 82.66 -47.04 65.09
CA PHE Q 274 81.94 -46.13 65.95
C PHE Q 274 80.59 -45.86 65.30
N GLY Q 275 79.52 -45.90 66.08
CA GLY Q 275 78.22 -45.67 65.51
C GLY Q 275 77.16 -45.55 66.56
N TYR Q 276 75.91 -45.72 66.14
CA TYR Q 276 74.77 -45.55 67.01
C TYR Q 276 73.74 -46.65 66.77
N SER Q 277 73.09 -47.04 67.84
CA SER Q 277 71.99 -47.99 67.84
C SER Q 277 70.71 -47.23 68.14
N THR Q 278 69.72 -47.31 67.28
CA THR Q 278 68.49 -46.58 67.52
C THR Q 278 67.42 -47.52 68.05
N PRO Q 279 66.38 -46.99 68.68
CA PRO Q 279 65.24 -47.83 69.08
C PRO Q 279 64.31 -48.22 67.94
N TRP Q 280 64.63 -47.84 66.70
CA TRP Q 280 63.79 -48.12 65.56
C TRP Q 280 64.16 -49.44 64.91
N GLY Q 281 63.18 -50.06 64.26
CA GLY Q 281 63.41 -51.15 63.34
C GLY Q 281 63.15 -50.66 61.93
N TYR Q 282 63.53 -51.49 60.96
CA TYR Q 282 63.33 -51.12 59.57
C TYR Q 282 62.78 -52.33 58.82
N PHE Q 283 62.12 -52.03 57.71
CA PHE Q 283 61.54 -53.05 56.84
C PHE Q 283 62.49 -53.31 55.68
N ASP Q 284 62.81 -54.58 55.45
CA ASP Q 284 63.74 -54.99 54.42
C ASP Q 284 63.07 -56.02 53.52
N PHE Q 285 63.06 -55.76 52.23
CA PHE Q 285 62.60 -56.73 51.24
C PHE Q 285 63.57 -56.72 50.06
N ASN Q 286 64.86 -56.71 50.37
CA ASN Q 286 65.92 -56.62 49.38
C ASN Q 286 66.53 -57.98 49.06
N ARG Q 287 65.71 -59.02 48.99
CA ARG Q 287 66.12 -60.31 48.46
C ARG Q 287 65.09 -60.77 47.45
N PHE Q 288 65.52 -61.56 46.47
CA PHE Q 288 64.61 -61.93 45.40
C PHE Q 288 63.55 -62.91 45.86
N HIS Q 289 63.83 -63.74 46.86
CA HIS Q 289 62.85 -64.70 47.32
C HIS Q 289 61.79 -64.08 48.24
N CYS Q 290 61.95 -62.81 48.62
CA CYS Q 290 60.86 -62.09 49.26
C CYS Q 290 59.72 -61.82 48.29
N HIS Q 291 59.97 -61.95 47.00
CA HIS Q 291 59.01 -61.61 45.97
C HIS Q 291 58.69 -62.75 45.01
N PHE Q 292 59.65 -63.61 44.72
CA PHE Q 292 59.45 -64.70 43.77
C PHE Q 292 59.40 -66.03 44.52
N SER Q 293 58.38 -66.83 44.24
CA SER Q 293 58.43 -68.23 44.61
C SER Q 293 59.46 -68.92 43.72
N PRO Q 294 59.96 -70.08 44.14
CA PRO Q 294 60.88 -70.81 43.26
C PRO Q 294 60.30 -71.13 41.89
N ARG Q 295 59.01 -71.44 41.83
CA ARG Q 295 58.35 -71.66 40.55
C ARG Q 295 58.36 -70.40 39.69
N ASP Q 296 58.06 -69.25 40.30
CA ASP Q 296 58.08 -67.99 39.56
C ASP Q 296 59.49 -67.64 39.10
N TRP Q 297 60.48 -67.90 39.94
CA TRP Q 297 61.87 -67.67 39.56
C TRP Q 297 62.27 -68.54 38.38
N GLN Q 298 61.88 -69.81 38.40
CA GLN Q 298 62.17 -70.70 37.28
C GLN Q 298 61.47 -70.23 36.02
N ARG Q 299 60.21 -69.81 36.14
CA ARG Q 299 59.48 -69.28 34.99
C ARG Q 299 60.15 -68.05 34.42
N LEU Q 300 60.69 -67.18 35.27
CA LEU Q 300 61.39 -66.00 34.81
C LEU Q 300 62.69 -66.36 34.09
N ILE Q 301 63.52 -67.17 34.75
CA ILE Q 301 64.87 -67.41 34.25
C ILE Q 301 64.92 -68.37 33.07
N ASN Q 302 63.90 -69.21 32.89
CA ASN Q 302 63.89 -70.12 31.77
C ASN Q 302 63.34 -69.49 30.50
N ASN Q 303 62.77 -68.29 30.59
CA ASN Q 303 62.05 -67.71 29.48
C ASN Q 303 62.46 -66.30 29.13
N ASN Q 304 63.17 -65.60 29.99
CA ASN Q 304 63.47 -64.20 29.76
C ASN Q 304 64.97 -63.99 29.61
N TRP Q 305 65.34 -63.13 28.66
CA TRP Q 305 66.72 -62.73 28.48
C TRP Q 305 67.16 -61.66 29.47
N GLY Q 306 66.21 -60.94 30.06
CA GLY Q 306 66.61 -59.96 31.06
C GLY Q 306 65.40 -59.48 31.85
N PHE Q 307 65.70 -58.80 32.95
CA PHE Q 307 64.59 -58.24 33.72
C PHE Q 307 65.09 -57.08 34.57
N ARG Q 308 64.15 -56.24 35.00
CA ARG Q 308 64.48 -55.13 35.87
C ARG Q 308 63.23 -54.67 36.61
N PRO Q 309 63.38 -53.98 37.73
CA PRO Q 309 62.21 -53.48 38.45
C PRO Q 309 61.74 -52.11 37.96
N LYS Q 310 60.42 -51.97 37.83
CA LYS Q 310 59.74 -50.77 37.40
C LYS Q 310 59.13 -49.99 38.55
N ARG Q 311 58.31 -50.63 39.39
CA ARG Q 311 57.69 -49.83 40.45
C ARG Q 311 57.35 -50.72 41.63
N LEU Q 312 57.07 -50.08 42.77
CA LEU Q 312 56.66 -50.85 43.95
C LEU Q 312 55.65 -50.07 44.78
N ASN Q 313 54.82 -50.84 45.47
CA ASN Q 313 53.87 -50.38 46.47
C ASN Q 313 54.16 -51.08 47.78
N PHE Q 314 54.10 -50.33 48.87
CA PHE Q 314 54.34 -50.84 50.21
C PHE Q 314 53.13 -50.50 51.05
N LYS Q 315 52.62 -51.48 51.78
CA LYS Q 315 51.49 -51.27 52.66
C LYS Q 315 51.77 -51.92 54.00
N LEU Q 316 51.33 -51.27 55.07
CA LEU Q 316 51.46 -51.73 56.44
C LEU Q 316 50.08 -51.66 57.07
N PHE Q 317 49.56 -52.79 57.53
CA PHE Q 317 48.16 -52.83 57.92
C PHE Q 317 47.96 -53.84 59.03
N ASN Q 318 46.80 -53.75 59.67
CA ASN Q 318 46.37 -54.64 60.74
C ASN Q 318 47.33 -54.58 61.93
N ILE Q 319 47.55 -53.37 62.43
CA ILE Q 319 48.46 -53.15 63.55
C ILE Q 319 47.81 -53.61 64.84
N GLN Q 320 48.55 -54.37 65.64
CA GLN Q 320 48.11 -54.77 66.97
C GLN Q 320 49.24 -54.52 67.94
N VAL Q 321 49.04 -53.63 68.89
CA VAL Q 321 50.00 -53.40 69.96
C VAL Q 321 49.61 -54.26 71.15
N LYS Q 322 50.58 -55.00 71.69
CA LYS Q 322 50.35 -55.91 72.80
C LYS Q 322 51.20 -55.49 73.98
N GLU Q 323 50.55 -55.39 75.13
CA GLU Q 323 51.18 -55.13 76.41
C GLU Q 323 51.58 -56.44 77.09
N VAL Q 324 52.78 -56.48 77.66
CA VAL Q 324 53.32 -57.68 78.29
C VAL Q 324 53.66 -57.37 79.74
N THR Q 325 53.18 -58.22 80.65
CA THR Q 325 53.53 -58.15 82.07
C THR Q 325 53.99 -59.51 82.54
N THR Q 326 55.18 -59.58 83.12
CA THR Q 326 55.69 -60.83 83.71
C THR Q 326 55.69 -60.68 85.23
N ASN Q 327 54.89 -61.51 85.90
CA ASN Q 327 54.81 -61.54 87.35
C ASN Q 327 54.99 -62.96 87.85
N ASP Q 328 55.88 -63.14 88.82
CA ASP Q 328 56.13 -64.44 89.44
C ASP Q 328 56.50 -65.50 88.40
N GLY Q 329 57.06 -65.06 87.28
CA GLY Q 329 57.48 -65.95 86.22
C GLY Q 329 56.45 -66.21 85.15
N VAL Q 330 55.19 -65.83 85.37
CA VAL Q 330 54.15 -66.07 84.38
C VAL Q 330 53.88 -64.77 83.63
N THR Q 331 53.65 -64.89 82.33
CA THR Q 331 53.57 -63.75 81.42
C THR Q 331 52.14 -63.58 80.92
N THR Q 332 51.62 -62.37 81.06
CA THR Q 332 50.32 -61.98 80.56
C THR Q 332 50.50 -61.03 79.38
N ILE Q 333 49.78 -61.30 78.30
CA ILE Q 333 49.76 -60.43 77.13
C ILE Q 333 48.33 -59.94 76.94
N ALA Q 334 48.18 -58.63 76.79
CA ALA Q 334 46.89 -58.02 76.56
C ALA Q 334 46.98 -57.11 75.35
N ASN Q 335 45.82 -56.71 74.84
CA ASN Q 335 45.78 -55.73 73.76
C ASN Q 335 45.84 -54.32 74.34
N ASN Q 336 46.62 -53.48 73.70
CA ASN Q 336 46.68 -52.06 74.03
C ASN Q 336 46.05 -51.31 72.87
N LEU Q 337 44.78 -50.98 73.01
CA LEU Q 337 44.01 -50.44 71.89
C LEU Q 337 44.37 -49.00 71.56
N THR Q 338 45.01 -48.27 72.47
CA THR Q 338 45.28 -46.87 72.28
C THR Q 338 46.75 -46.56 72.02
N SER Q 339 47.58 -47.58 71.84
CA SER Q 339 48.99 -47.36 71.57
C SER Q 339 49.24 -47.22 70.07
N THR Q 340 50.37 -46.62 69.73
CA THR Q 340 50.69 -46.31 68.35
C THR Q 340 52.05 -46.88 67.97
N VAL Q 341 52.21 -47.11 66.66
CA VAL Q 341 53.50 -47.33 66.06
C VAL Q 341 53.79 -46.15 65.14
N GLN Q 342 55.00 -45.61 65.22
CA GLN Q 342 55.44 -44.57 64.32
C GLN Q 342 56.13 -45.19 63.12
N VAL Q 343 55.72 -44.78 61.92
CA VAL Q 343 56.30 -45.27 60.67
C VAL Q 343 56.66 -44.08 59.81
N PHE Q 344 57.84 -44.11 59.21
CA PHE Q 344 58.14 -43.12 58.18
C PHE Q 344 59.06 -43.72 57.14
N SER Q 345 58.99 -43.15 55.95
CA SER Q 345 59.83 -43.53 54.83
C SER Q 345 60.87 -42.44 54.62
N ASP Q 346 62.13 -42.84 54.49
CA ASP Q 346 63.22 -41.88 54.32
C ASP Q 346 63.40 -41.60 52.83
N SER Q 347 62.44 -40.86 52.28
CA SER Q 347 62.35 -40.66 50.83
C SER Q 347 63.42 -39.71 50.29
N GLU Q 348 64.02 -38.89 51.13
CA GLU Q 348 65.05 -37.96 50.70
C GLU Q 348 66.46 -38.46 50.99
N TYR Q 349 66.59 -39.70 51.47
CA TYR Q 349 67.89 -40.33 51.72
C TYR Q 349 68.76 -39.47 52.63
N GLN Q 350 68.15 -38.98 53.69
CA GLN Q 350 68.85 -38.16 54.67
C GLN Q 350 69.48 -38.98 55.78
N LEU Q 351 69.23 -40.25 55.82
CA LEU Q 351 69.74 -41.19 56.80
C LEU Q 351 70.80 -42.07 56.18
N PRO Q 352 71.68 -42.64 56.99
CA PRO Q 352 72.59 -43.67 56.46
C PRO Q 352 71.80 -44.86 55.93
N TYR Q 353 72.15 -45.31 54.73
CA TYR Q 353 71.46 -46.40 54.07
C TYR Q 353 72.12 -47.71 54.48
N VAL Q 354 71.47 -48.46 55.38
CA VAL Q 354 72.02 -49.73 55.81
C VAL Q 354 71.49 -50.90 55.01
N LEU Q 355 70.48 -50.68 54.16
CA LEU Q 355 70.09 -51.70 53.22
C LEU Q 355 71.19 -51.84 52.17
N GLY Q 356 71.18 -52.96 51.47
CA GLY Q 356 72.21 -53.18 50.48
C GLY Q 356 73.53 -53.65 51.04
N SER Q 357 73.56 -54.08 52.30
CA SER Q 357 74.73 -54.71 52.89
C SER Q 357 74.50 -56.18 53.15
N ALA Q 358 73.42 -56.75 52.62
CA ALA Q 358 73.10 -58.19 52.70
C ALA Q 358 72.89 -58.63 54.15
N HIS Q 359 72.02 -57.93 54.85
CA HIS Q 359 71.74 -58.24 56.24
C HIS Q 359 70.53 -59.12 56.39
N GLN Q 360 70.47 -59.82 57.51
CA GLN Q 360 69.29 -60.58 57.88
C GLN Q 360 68.15 -59.65 58.26
N GLY Q 361 66.94 -60.19 58.27
CA GLY Q 361 65.79 -59.40 58.65
C GLY Q 361 64.84 -59.08 57.52
N CYS Q 362 65.10 -59.62 56.33
CA CYS Q 362 64.19 -59.44 55.22
C CYS Q 362 62.89 -60.23 55.46
N LEU Q 363 61.92 -60.00 54.59
CA LEU Q 363 60.74 -60.85 54.60
C LEU Q 363 61.16 -62.29 54.31
N PRO Q 364 60.64 -63.26 55.04
CA PRO Q 364 61.03 -64.66 54.82
C PRO Q 364 60.60 -65.14 53.45
N PRO Q 365 61.32 -66.10 52.87
CA PRO Q 365 60.91 -66.61 51.55
C PRO Q 365 59.54 -67.27 51.55
N PHE Q 366 59.21 -67.98 52.61
CA PHE Q 366 57.93 -68.68 52.69
C PHE Q 366 56.85 -67.75 53.23
N PRO Q 367 55.73 -67.59 52.52
CA PRO Q 367 54.70 -66.63 52.97
C PRO Q 367 54.06 -66.96 54.29
N ALA Q 368 54.18 -68.19 54.78
CA ALA Q 368 53.58 -68.55 56.05
C ALA Q 368 54.44 -68.17 57.24
N ASP Q 369 55.67 -67.71 57.02
CA ASP Q 369 56.58 -67.45 58.12
C ASP Q 369 56.36 -66.06 58.70
N VAL Q 370 56.46 -65.98 60.03
CA VAL Q 370 56.32 -64.73 60.75
C VAL Q 370 57.71 -64.26 61.13
N PHE Q 371 58.03 -63.00 60.84
CA PHE Q 371 59.39 -62.53 61.00
C PHE Q 371 59.47 -61.35 61.96
N MET Q 372 60.59 -61.29 62.67
CA MET Q 372 60.91 -60.22 63.58
C MET Q 372 61.57 -59.09 62.81
N ILE Q 373 61.23 -57.86 63.16
CA ILE Q 373 61.76 -56.70 62.45
C ILE Q 373 63.14 -56.37 63.00
N PRO Q 374 64.15 -56.21 62.15
CA PRO Q 374 65.51 -55.93 62.63
C PRO Q 374 65.68 -54.51 63.14
N GLN Q 375 66.60 -54.35 64.08
CA GLN Q 375 66.86 -53.05 64.68
C GLN Q 375 67.69 -52.17 63.75
N TYR Q 376 67.42 -50.88 63.77
CA TYR Q 376 68.18 -49.93 62.96
C TYR Q 376 69.37 -49.41 63.75
N GLY Q 377 70.51 -49.38 63.08
CA GLY Q 377 71.71 -48.79 63.62
C GLY Q 377 72.60 -48.42 62.46
N TYR Q 378 73.52 -47.50 62.71
CA TYR Q 378 74.41 -47.05 61.66
C TYR Q 378 75.79 -46.83 62.23
N LEU Q 379 76.76 -46.71 61.34
CA LEU Q 379 78.13 -46.39 61.67
C LEU Q 379 78.47 -45.02 61.10
N THR Q 380 79.36 -44.33 61.77
CA THR Q 380 79.83 -43.03 61.31
C THR Q 380 81.35 -43.04 61.29
N LEU Q 381 81.93 -41.90 60.92
CA LEU Q 381 83.38 -41.79 60.84
C LEU Q 381 84.02 -42.13 62.18
N ASN Q 382 85.05 -42.94 62.15
CA ASN Q 382 85.73 -43.35 63.36
C ASN Q 382 87.24 -43.26 63.18
N ASN Q 383 87.93 -42.96 64.26
CA ASN Q 383 89.39 -42.95 64.35
C ASN Q 383 89.75 -43.99 65.40
N GLY Q 384 89.84 -45.25 64.97
CA GLY Q 384 89.92 -46.33 65.93
C GLY Q 384 88.55 -46.60 66.50
N SER Q 385 88.46 -46.67 67.82
CA SER Q 385 87.18 -46.79 68.48
C SER Q 385 86.58 -45.43 68.84
N GLN Q 386 87.23 -44.33 68.44
CA GLN Q 386 86.79 -42.99 68.76
C GLN Q 386 86.07 -42.37 67.57
N ALA Q 387 85.43 -41.24 67.82
CA ALA Q 387 84.75 -40.48 66.79
C ALA Q 387 85.65 -39.34 66.34
N VAL Q 388 85.17 -38.55 65.38
CA VAL Q 388 85.82 -37.35 64.93
C VAL Q 388 84.80 -36.22 64.95
N GLY Q 389 85.24 -35.03 64.54
CA GLY Q 389 84.33 -33.90 64.49
C GLY Q 389 83.25 -34.04 63.44
N ARG Q 390 83.56 -34.69 62.33
CA ARG Q 390 82.64 -34.87 61.23
C ARG Q 390 81.78 -36.12 61.38
N SER Q 391 81.94 -36.84 62.49
CA SER Q 391 81.04 -37.95 62.78
C SER Q 391 79.64 -37.41 63.00
N SER Q 392 78.67 -38.02 62.34
CA SER Q 392 77.30 -37.55 62.40
C SER Q 392 76.48 -38.36 63.39
N PHE Q 393 75.46 -37.72 63.93
CA PHE Q 393 74.46 -38.35 64.76
C PHE Q 393 73.10 -38.00 64.19
N TYR Q 394 72.22 -38.99 64.12
CA TYR Q 394 70.89 -38.80 63.56
C TYR Q 394 69.86 -39.23 64.59
N CYS Q 395 69.03 -38.29 65.03
CA CYS Q 395 67.83 -38.64 65.76
C CYS Q 395 66.73 -38.94 64.74
N LEU Q 396 66.17 -40.14 64.80
CA LEU Q 396 65.12 -40.50 63.88
C LEU Q 396 63.76 -39.96 64.31
N GLU Q 397 63.64 -39.48 65.54
CA GLU Q 397 62.46 -38.74 65.96
C GLU Q 397 62.44 -37.33 65.40
N TYR Q 398 63.53 -36.89 64.81
CA TYR Q 398 63.62 -35.60 64.13
C TYR Q 398 63.07 -35.65 62.73
N PHE Q 399 62.25 -36.65 62.41
CA PHE Q 399 61.57 -36.80 61.15
C PHE Q 399 60.07 -36.75 61.37
N PRO Q 400 59.31 -36.32 60.37
CA PRO Q 400 57.84 -36.50 60.44
C PRO Q 400 57.48 -37.97 60.29
N SER Q 401 56.76 -38.50 61.28
CA SER Q 401 56.30 -39.87 61.27
C SER Q 401 54.79 -39.92 61.24
N GLN Q 402 54.24 -40.96 60.66
CA GLN Q 402 52.83 -41.24 60.77
C GLN Q 402 52.62 -42.16 61.97
N MET Q 403 51.73 -41.76 62.87
CA MET Q 403 51.38 -42.53 64.05
C MET Q 403 50.16 -43.38 63.74
N LEU Q 404 50.28 -44.68 63.96
CA LEU Q 404 49.25 -45.65 63.57
C LEU Q 404 48.72 -46.31 64.82
N ARG Q 405 47.43 -46.18 65.06
CA ARG Q 405 46.73 -46.98 66.05
C ARG Q 405 46.23 -48.25 65.36
N THR Q 406 45.45 -49.06 66.07
CA THR Q 406 45.11 -50.38 65.56
C THR Q 406 44.19 -50.33 64.34
N GLY Q 407 43.58 -49.19 64.05
CA GLY Q 407 42.69 -49.08 62.90
C GLY Q 407 43.31 -48.40 61.71
N ASN Q 408 44.56 -47.99 61.81
CA ASN Q 408 45.23 -47.23 60.76
C ASN Q 408 46.13 -48.12 59.92
N ASN Q 409 46.40 -47.67 58.70
CA ASN Q 409 47.36 -48.31 57.83
C ASN Q 409 48.29 -47.27 57.23
N PHE Q 410 49.32 -47.76 56.55
CA PHE Q 410 50.37 -46.93 55.98
C PHE Q 410 50.63 -47.39 54.56
N THR Q 411 50.67 -46.47 53.61
CA THR Q 411 50.92 -46.82 52.22
C THR Q 411 52.05 -45.94 51.68
N PHE Q 412 52.75 -46.47 50.69
CA PHE Q 412 53.87 -45.74 50.10
C PHE Q 412 54.17 -46.30 48.72
N SER Q 413 54.27 -45.43 47.73
CA SER Q 413 54.59 -45.84 46.37
C SER Q 413 55.97 -45.34 45.97
N TYR Q 414 56.62 -46.10 45.10
CA TYR Q 414 57.96 -45.73 44.65
C TYR Q 414 58.13 -46.18 43.21
N THR Q 415 58.81 -45.36 42.41
CA THR Q 415 59.14 -45.69 41.03
C THR Q 415 60.64 -45.84 40.90
N PHE Q 416 61.07 -46.95 40.30
CA PHE Q 416 62.48 -47.16 40.05
C PHE Q 416 62.96 -46.28 38.90
N GLU Q 417 64.20 -45.83 39.00
CA GLU Q 417 64.84 -45.16 37.88
C GLU Q 417 65.12 -46.16 36.76
N GLU Q 418 65.39 -45.63 35.58
CA GLU Q 418 65.66 -46.48 34.42
C GLU Q 418 67.04 -47.11 34.61
N VAL Q 419 67.03 -48.34 35.09
CA VAL Q 419 68.24 -49.12 35.33
C VAL Q 419 68.37 -50.10 34.16
N PRO Q 420 69.56 -50.53 33.78
CA PRO Q 420 69.67 -51.54 32.73
C PRO Q 420 69.09 -52.88 33.18
N PHE Q 421 68.59 -53.63 32.21
CA PHE Q 421 68.13 -54.99 32.47
C PHE Q 421 69.27 -55.83 33.00
N HIS Q 422 68.98 -56.62 34.02
CA HIS Q 422 69.89 -57.69 34.39
C HIS Q 422 69.82 -58.78 33.34
N SER Q 423 70.98 -59.36 33.04
CA SER Q 423 71.17 -60.33 31.97
C SER Q 423 70.88 -61.74 32.50
N SER Q 424 69.73 -62.30 32.11
CA SER Q 424 69.39 -63.67 32.45
C SER Q 424 69.87 -64.65 31.41
N TYR Q 425 70.97 -64.34 30.73
CA TYR Q 425 71.49 -65.17 29.65
C TYR Q 425 72.97 -65.43 29.87
N ALA Q 426 73.43 -66.53 29.31
CA ALA Q 426 74.83 -66.78 29.04
C ALA Q 426 75.13 -66.49 27.58
N HIS Q 427 76.41 -66.47 27.24
CA HIS Q 427 76.84 -66.24 25.87
C HIS Q 427 77.15 -67.58 25.21
N SER Q 428 76.67 -67.75 23.98
CA SER Q 428 76.95 -68.95 23.21
C SER Q 428 78.32 -68.93 22.55
N GLN Q 429 78.99 -67.80 22.55
CA GLN Q 429 80.32 -67.67 21.99
C GLN Q 429 81.28 -67.15 23.04
N SER Q 430 82.54 -67.48 22.89
CA SER Q 430 83.60 -66.92 23.72
C SER Q 430 84.21 -65.71 23.01
N LEU Q 431 84.79 -64.82 23.81
CA LEU Q 431 85.30 -63.56 23.27
C LEU Q 431 86.50 -63.78 22.35
N ASP Q 432 87.30 -64.80 22.61
CA ASP Q 432 88.43 -65.13 21.77
C ASP Q 432 88.08 -66.08 20.64
N ARG Q 433 86.79 -66.28 20.37
CA ARG Q 433 86.32 -67.20 19.34
C ARG Q 433 85.21 -66.56 18.54
N LEU Q 434 85.38 -65.29 18.17
CA LEU Q 434 84.36 -64.54 17.47
C LEU Q 434 84.57 -64.49 15.97
N MET Q 435 85.53 -65.27 15.46
CA MET Q 435 85.92 -65.20 14.06
C MET Q 435 85.18 -66.25 13.24
N ASN Q 436 85.24 -66.07 11.92
CA ASN Q 436 84.85 -67.12 10.99
C ASN Q 436 85.91 -68.20 11.01
N PRO Q 437 85.57 -69.45 11.34
CA PRO Q 437 86.58 -70.52 11.38
C PRO Q 437 86.95 -71.08 10.02
N LEU Q 438 86.45 -70.53 8.93
CA LEU Q 438 86.77 -71.03 7.61
C LEU Q 438 87.63 -70.09 6.78
N ILE Q 439 87.57 -68.79 7.06
CA ILE Q 439 88.23 -67.78 6.24
C ILE Q 439 89.46 -67.28 6.96
N ASP Q 440 90.51 -67.00 6.20
CA ASP Q 440 91.70 -66.38 6.76
C ASP Q 440 91.47 -64.89 6.97
N GLN Q 441 92.45 -64.25 7.58
CA GLN Q 441 92.44 -62.81 7.77
C GLN Q 441 93.28 -62.15 6.69
N TYR Q 442 93.11 -60.83 6.55
CA TYR Q 442 94.02 -60.05 5.72
C TYR Q 442 95.07 -59.35 6.55
N LEU Q 443 95.14 -59.63 7.85
CA LEU Q 443 96.11 -59.04 8.76
C LEU Q 443 97.21 -60.05 9.04
N TYR Q 444 98.44 -59.57 9.06
CA TYR Q 444 99.60 -60.40 9.34
C TYR Q 444 100.11 -60.14 10.74
N TYR Q 445 100.82 -61.13 11.27
CA TYR Q 445 101.44 -61.02 12.59
C TYR Q 445 102.83 -61.62 12.50
N LEU Q 446 103.70 -61.17 13.39
CA LEU Q 446 105.04 -61.74 13.48
C LEU Q 446 104.95 -63.14 14.06
N ASN Q 447 105.34 -64.14 13.28
CA ASN Q 447 105.21 -65.54 13.66
C ASN Q 447 106.52 -66.15 14.16
N ARG Q 448 107.62 -65.87 13.49
CA ARG Q 448 108.93 -66.39 13.85
C ARG Q 448 109.93 -65.25 13.90
N THR Q 449 110.80 -65.26 14.89
CA THR Q 449 112.00 -64.44 14.88
C THR Q 449 113.26 -65.27 14.72
N GLN Q 450 113.12 -66.54 14.38
CA GLN Q 450 114.24 -67.42 14.05
C GLN Q 450 113.90 -68.19 12.79
N ASN Q 451 114.93 -68.75 12.17
CA ASN Q 451 114.72 -69.52 10.94
C ASN Q 451 113.95 -70.79 11.22
N GLN Q 452 112.99 -71.09 10.36
CA GLN Q 452 112.12 -72.25 10.55
C GLN Q 452 112.84 -73.57 10.25
N SER Q 453 113.83 -73.55 9.37
CA SER Q 453 114.47 -74.80 8.93
C SER Q 453 115.13 -75.52 10.10
N GLY Q 454 115.88 -74.81 10.94
CA GLY Q 454 116.50 -75.39 12.10
C GLY Q 454 117.90 -75.93 11.89
N SER Q 455 118.33 -76.10 10.64
CA SER Q 455 119.70 -76.54 10.39
C SER Q 455 120.70 -75.52 10.92
N ALA Q 456 120.41 -74.25 10.70
CA ALA Q 456 121.08 -73.15 11.38
C ALA Q 456 120.11 -72.52 12.37
N GLN Q 457 120.66 -71.70 13.27
CA GLN Q 457 119.88 -71.04 14.31
C GLN Q 457 119.88 -69.53 14.14
N ASN Q 458 119.67 -69.08 12.91
CA ASN Q 458 119.75 -67.66 12.60
C ASN Q 458 118.43 -66.96 12.91
N LYS Q 459 118.52 -65.68 13.21
CA LYS Q 459 117.33 -64.89 13.44
C LYS Q 459 116.66 -64.54 12.11
N ASP Q 460 115.43 -64.06 12.20
CA ASP Q 460 114.67 -63.65 11.02
C ASP Q 460 113.48 -62.81 11.45
N LEU Q 461 112.67 -62.42 10.48
CA LEU Q 461 111.40 -61.73 10.72
C LEU Q 461 110.39 -62.35 9.75
N LEU Q 462 109.70 -63.38 10.20
CA LEU Q 462 108.76 -64.11 9.37
C LEU Q 462 107.35 -63.82 9.83
N PHE Q 463 106.49 -63.46 8.89
CA PHE Q 463 105.14 -63.03 9.18
C PHE Q 463 104.14 -64.02 8.60
N SER Q 464 103.11 -64.33 9.37
CA SER Q 464 102.06 -65.24 8.94
C SER Q 464 100.73 -64.51 8.89
N ARG Q 465 99.82 -65.07 8.11
CA ARG Q 465 98.47 -64.55 7.98
C ARG Q 465 97.58 -65.18 9.05
N GLY Q 466 96.67 -64.39 9.59
CA GLY Q 466 95.70 -64.89 10.54
C GLY Q 466 94.83 -65.96 9.94
N SER Q 467 94.93 -67.17 10.47
CA SER Q 467 94.28 -68.34 9.90
C SER Q 467 93.51 -69.10 10.97
N PRO Q 468 92.51 -69.89 10.58
CA PRO Q 468 91.79 -70.70 11.57
C PRO Q 468 92.66 -71.76 12.24
N ALA Q 469 93.81 -72.10 11.67
CA ALA Q 469 94.71 -73.04 12.34
C ALA Q 469 95.21 -72.48 13.66
N GLY Q 470 95.72 -71.26 13.65
CA GLY Q 470 96.08 -70.59 14.88
C GLY Q 470 95.12 -69.48 15.22
N MET Q 471 94.20 -69.75 16.14
CA MET Q 471 93.20 -68.76 16.54
C MET Q 471 93.68 -67.91 17.71
N SER Q 472 94.68 -68.38 18.45
CA SER Q 472 95.19 -67.65 19.59
C SER Q 472 96.04 -66.45 19.18
N VAL Q 473 96.60 -66.45 17.98
CA VAL Q 473 97.49 -65.39 17.53
C VAL Q 473 96.81 -64.45 16.54
N GLN Q 474 95.55 -64.67 16.22
CA GLN Q 474 94.84 -63.78 15.33
C GLN Q 474 94.63 -62.43 15.99
N PRO Q 475 94.81 -61.33 15.26
CA PRO Q 475 94.39 -60.02 15.77
C PRO Q 475 92.90 -60.03 16.09
N LYS Q 476 92.54 -59.38 17.19
CA LYS Q 476 91.17 -59.33 17.66
C LYS Q 476 90.80 -57.90 18.03
N ASN Q 477 89.51 -57.68 18.26
CA ASN Q 477 89.00 -56.34 18.45
C ASN Q 477 88.73 -55.98 19.90
N TRP Q 478 88.60 -56.95 20.79
CA TRP Q 478 88.16 -56.69 22.15
C TRP Q 478 89.04 -57.44 23.14
N LEU Q 479 88.90 -57.06 24.41
CA LEU Q 479 89.67 -57.62 25.51
C LEU Q 479 88.73 -58.12 26.59
N PRO Q 480 89.15 -59.13 27.36
CA PRO Q 480 88.34 -59.57 28.50
C PRO Q 480 88.33 -58.51 29.59
N GLY Q 481 87.29 -58.57 30.41
CA GLY Q 481 87.08 -57.59 31.46
C GLY Q 481 88.21 -57.52 32.46
N PRO Q 482 88.11 -56.57 33.39
CA PRO Q 482 89.17 -56.39 34.38
C PRO Q 482 89.19 -57.52 35.39
N CYS Q 483 90.34 -57.68 36.04
CA CYS Q 483 90.51 -58.76 36.99
C CYS Q 483 91.22 -58.25 38.24
N TYR Q 484 91.02 -58.95 39.35
CA TYR Q 484 91.74 -58.74 40.59
C TYR Q 484 91.91 -60.09 41.26
N ARG Q 485 93.06 -60.71 41.05
CA ARG Q 485 93.22 -62.14 41.30
C ARG Q 485 92.92 -62.51 42.74
N GLN Q 486 92.24 -63.64 42.93
CA GLN Q 486 91.92 -64.21 44.22
C GLN Q 486 92.73 -65.48 44.43
N GLN Q 487 92.75 -65.95 45.67
CA GLN Q 487 93.43 -67.20 46.00
C GLN Q 487 92.51 -68.37 45.72
N ARG Q 488 93.10 -69.47 45.25
CA ARG Q 488 92.34 -70.63 44.80
C ARG Q 488 92.23 -71.63 45.94
N VAL Q 489 91.00 -71.92 46.35
CA VAL Q 489 90.73 -72.88 47.42
C VAL Q 489 89.99 -74.05 46.82
N SER Q 490 90.40 -75.26 47.20
CA SER Q 490 89.76 -76.47 46.73
C SER Q 490 88.64 -76.87 47.68
N LYS Q 491 87.49 -77.25 47.12
CA LYS Q 491 86.39 -77.79 47.93
C LYS Q 491 86.77 -79.10 48.58
N THR Q 492 87.77 -79.80 48.06
CA THR Q 492 88.34 -80.97 48.71
C THR Q 492 89.48 -80.50 49.60
N LYS Q 493 89.28 -80.59 50.92
CA LYS Q 493 90.17 -79.92 51.85
C LYS Q 493 91.59 -80.49 51.86
N THR Q 494 91.79 -81.72 51.39
CA THR Q 494 93.13 -82.30 51.43
C THR Q 494 94.10 -81.64 50.46
N ASP Q 495 93.59 -80.99 49.41
CA ASP Q 495 94.46 -80.33 48.43
C ASP Q 495 94.81 -78.90 48.80
N ASN Q 496 94.33 -78.41 49.93
CA ASN Q 496 94.64 -77.06 50.36
C ASN Q 496 95.88 -77.06 51.26
N ASN Q 497 96.58 -75.94 51.26
CA ASN Q 497 97.77 -75.80 52.08
C ASN Q 497 97.43 -75.91 53.55
N ASN Q 498 98.35 -76.48 54.33
CA ASN Q 498 98.14 -76.66 55.75
C ASN Q 498 98.52 -75.38 56.50
N SER Q 499 97.62 -74.39 56.40
CA SER Q 499 97.74 -73.14 57.13
C SER Q 499 96.38 -72.46 57.08
N ASN Q 500 96.26 -71.36 57.80
CA ASN Q 500 94.97 -70.65 57.79
C ASN Q 500 94.82 -69.82 56.52
N PHE Q 501 95.67 -68.82 56.35
CA PHE Q 501 95.80 -68.04 55.10
C PHE Q 501 94.48 -67.49 54.56
N THR Q 502 93.42 -67.53 55.37
CA THR Q 502 92.19 -66.85 55.00
C THR Q 502 92.27 -65.35 55.17
N TRP Q 503 93.21 -64.87 55.96
CA TRP Q 503 93.45 -63.45 56.08
C TRP Q 503 94.81 -63.03 55.56
N THR Q 504 95.85 -63.84 55.80
CA THR Q 504 97.18 -63.46 55.33
C THR Q 504 97.34 -63.65 53.83
N GLY Q 505 96.62 -64.60 53.23
CA GLY Q 505 96.80 -64.88 51.82
C GLY Q 505 95.65 -64.41 50.96
N ALA Q 506 94.89 -63.43 51.43
CA ALA Q 506 93.67 -63.01 50.78
C ALA Q 506 93.81 -61.65 50.12
N SER Q 507 93.05 -61.45 49.05
CA SER Q 507 93.00 -60.17 48.38
C SER Q 507 92.21 -59.19 49.21
N LYS Q 508 92.84 -58.09 49.60
CA LYS Q 508 92.19 -57.11 50.45
C LYS Q 508 92.63 -55.73 50.02
N TYR Q 509 91.85 -54.72 50.42
CA TYR Q 509 92.17 -53.34 50.08
C TYR Q 509 92.43 -52.53 51.33
N ASN Q 510 93.23 -51.48 51.16
CA ASN Q 510 93.66 -50.61 52.24
C ASN Q 510 92.84 -49.32 52.17
N LEU Q 511 92.22 -48.95 53.28
CA LEU Q 511 91.43 -47.73 53.34
C LEU Q 511 91.60 -47.08 54.71
N ASN Q 512 92.25 -45.93 54.74
CA ASN Q 512 92.50 -45.18 55.97
C ASN Q 512 93.27 -46.02 56.99
N GLY Q 513 94.17 -46.86 56.49
CA GLY Q 513 95.05 -47.62 57.35
C GLY Q 513 94.52 -48.96 57.80
N ARG Q 514 93.28 -49.31 57.49
CA ARG Q 514 92.75 -50.61 57.88
C ARG Q 514 92.31 -51.38 56.65
N GLU Q 515 92.60 -52.68 56.67
CA GLU Q 515 92.42 -53.55 55.53
C GLU Q 515 91.02 -54.18 55.56
N SER Q 516 90.48 -54.42 54.36
CA SER Q 516 89.16 -55.01 54.21
C SER Q 516 89.23 -56.03 53.09
N ILE Q 517 88.72 -57.24 53.36
CA ILE Q 517 88.67 -58.26 52.32
C ILE Q 517 87.78 -57.78 51.19
N ILE Q 518 88.17 -58.09 49.95
CA ILE Q 518 87.41 -57.63 48.80
C ILE Q 518 86.01 -58.22 48.81
N ASN Q 519 85.89 -59.54 48.65
CA ASN Q 519 84.67 -60.28 48.95
C ASN Q 519 83.39 -59.65 48.41
N PRO Q 520 83.02 -59.85 47.14
CA PRO Q 520 83.65 -60.73 46.17
C PRO Q 520 84.40 -59.98 45.07
N GLY Q 521 84.21 -58.67 45.01
CA GLY Q 521 84.98 -57.86 44.09
C GLY Q 521 84.56 -58.05 42.65
N THR Q 522 85.56 -58.05 41.76
CA THR Q 522 85.31 -58.08 40.33
C THR Q 522 84.56 -59.34 39.93
N ALA Q 523 83.66 -59.19 38.97
CA ALA Q 523 82.87 -60.31 38.48
C ALA Q 523 83.75 -61.16 37.57
N MET Q 524 84.21 -62.29 38.07
CA MET Q 524 85.09 -63.17 37.33
C MET Q 524 84.59 -64.60 37.45
N ALA Q 525 85.03 -65.43 36.51
CA ALA Q 525 84.68 -66.84 36.53
C ALA Q 525 85.26 -67.52 37.77
N SER Q 526 84.45 -68.38 38.40
CA SER Q 526 84.90 -69.06 39.60
C SER Q 526 86.06 -70.01 39.32
N HIS Q 527 86.03 -70.70 38.19
CA HIS Q 527 87.05 -71.68 37.86
C HIS Q 527 87.09 -71.83 36.35
N LYS Q 528 87.99 -72.69 35.88
CA LYS Q 528 88.10 -73.02 34.47
C LYS Q 528 87.20 -74.21 34.14
N ASP Q 529 87.36 -74.73 32.94
CA ASP Q 529 86.68 -75.98 32.58
C ASP Q 529 87.32 -77.14 33.31
N ASP Q 530 86.47 -78.09 33.74
CA ASP Q 530 86.92 -79.31 34.41
C ASP Q 530 87.67 -79.00 35.71
N GLU Q 531 87.29 -77.92 36.38
CA GLU Q 531 87.96 -77.49 37.60
C GLU Q 531 86.94 -77.03 38.63
N ASP Q 532 85.78 -77.69 38.67
CA ASP Q 532 84.70 -77.28 39.57
C ASP Q 532 85.07 -77.46 41.04
N LYS Q 533 86.13 -78.18 41.35
CA LYS Q 533 86.58 -78.40 42.72
C LYS Q 533 87.23 -77.17 43.34
N PHE Q 534 87.51 -76.13 42.56
CA PHE Q 534 88.18 -74.94 43.03
C PHE Q 534 87.23 -73.75 43.01
N PHE Q 535 87.36 -72.88 44.00
CA PHE Q 535 86.66 -71.61 44.04
C PHE Q 535 87.59 -70.54 44.56
N PRO Q 536 87.40 -69.29 44.15
CA PRO Q 536 88.18 -68.20 44.74
C PRO Q 536 87.86 -68.04 46.21
N MET Q 537 88.89 -67.68 46.99
CA MET Q 537 88.74 -67.73 48.45
C MET Q 537 87.66 -66.76 48.92
N SER Q 538 87.58 -65.58 48.35
CA SER Q 538 86.54 -64.62 48.69
C SER Q 538 85.95 -64.01 47.42
N GLY Q 539 85.70 -64.84 46.43
CA GLY Q 539 85.21 -64.35 45.15
C GLY Q 539 83.83 -64.84 44.81
N VAL Q 540 83.21 -65.58 45.72
CA VAL Q 540 81.93 -66.22 45.45
C VAL Q 540 80.96 -65.85 46.55
N MET Q 541 79.68 -65.78 46.19
CA MET Q 541 78.61 -65.59 47.16
C MET Q 541 78.29 -66.94 47.80
N ILE Q 542 78.36 -66.99 49.12
CA ILE Q 542 78.14 -68.23 49.86
C ILE Q 542 76.90 -68.04 50.71
N PHE Q 543 75.88 -68.85 50.45
CA PHE Q 543 74.66 -68.85 51.23
C PHE Q 543 74.67 -70.02 52.19
N GLY Q 544 74.21 -69.79 53.40
CA GLY Q 544 74.12 -70.85 54.39
C GLY Q 544 72.80 -71.58 54.29
N LYS Q 545 72.87 -72.90 54.44
CA LYS Q 545 71.65 -73.68 54.55
C LYS Q 545 71.06 -73.52 55.94
N GLU Q 546 69.81 -73.91 56.09
CA GLU Q 546 69.24 -73.97 57.42
C GLU Q 546 70.00 -75.02 58.24
N SER Q 547 70.11 -74.76 59.54
CA SER Q 547 71.01 -75.51 60.42
C SER Q 547 72.47 -75.31 60.05
N ALA Q 548 72.82 -74.06 59.72
CA ALA Q 548 74.22 -73.65 59.59
C ALA Q 548 74.54 -72.71 60.73
N GLY Q 549 75.66 -72.96 61.40
CA GLY Q 549 76.05 -72.13 62.51
C GLY Q 549 76.48 -70.75 62.06
N ALA Q 550 76.62 -69.85 63.04
CA ALA Q 550 77.04 -68.50 62.74
C ALA Q 550 78.54 -68.43 62.45
N SER Q 551 79.33 -69.25 63.12
CA SER Q 551 80.78 -69.20 63.01
C SER Q 551 81.35 -70.59 62.80
N ASN Q 552 82.30 -70.70 61.87
CA ASN Q 552 83.04 -71.93 61.61
C ASN Q 552 82.12 -73.11 61.32
N THR Q 553 81.08 -72.86 60.52
CA THR Q 553 80.23 -73.94 60.05
C THR Q 553 80.93 -74.71 58.94
N ALA Q 554 80.27 -75.74 58.44
CA ALA Q 554 80.91 -76.67 57.52
C ALA Q 554 80.54 -76.40 56.06
N LEU Q 555 81.43 -76.86 55.19
CA LEU Q 555 81.17 -76.82 53.75
C LEU Q 555 79.87 -77.53 53.41
N ASP Q 556 79.50 -78.53 54.21
CA ASP Q 556 78.23 -79.21 54.01
C ASP Q 556 77.07 -78.31 54.39
N ASN Q 557 77.30 -77.34 55.27
CA ASN Q 557 76.23 -76.45 55.72
C ASN Q 557 76.14 -75.18 54.90
N VAL Q 558 77.12 -74.90 54.05
CA VAL Q 558 77.04 -73.72 53.20
C VAL Q 558 76.83 -74.15 51.74
N MET Q 559 76.27 -73.22 50.96
CA MET Q 559 76.10 -73.39 49.52
C MET Q 559 76.95 -72.36 48.79
N ILE Q 560 77.95 -72.82 48.06
CA ILE Q 560 78.85 -71.95 47.31
C ILE Q 560 78.30 -71.77 45.90
N THR Q 561 78.18 -70.52 45.48
CA THR Q 561 77.71 -70.25 44.13
C THR Q 561 78.83 -70.46 43.11
N ASP Q 562 78.43 -70.47 41.84
CA ASP Q 562 79.37 -70.64 40.74
C ASP Q 562 79.08 -69.57 39.70
N GLU Q 563 80.14 -69.02 39.11
CA GLU Q 563 80.03 -68.04 38.05
C GLU Q 563 80.59 -68.61 36.74
N GLU Q 564 80.19 -69.84 36.44
CA GLU Q 564 80.79 -70.55 35.32
C GLU Q 564 80.29 -70.03 33.98
N GLU Q 565 79.18 -69.30 33.97
CA GLU Q 565 78.58 -68.89 32.71
C GLU Q 565 79.27 -67.68 32.09
N ILE Q 566 80.09 -66.96 32.85
CA ILE Q 566 80.70 -65.75 32.34
C ILE Q 566 82.17 -65.98 31.98
N LYS Q 567 82.56 -67.23 31.77
CA LYS Q 567 83.88 -67.53 31.23
C LYS Q 567 84.07 -67.01 29.81
N ALA Q 568 82.97 -66.73 29.11
CA ALA Q 568 83.06 -66.29 27.73
C ALA Q 568 83.68 -64.90 27.61
N THR Q 569 83.52 -64.06 28.62
CA THR Q 569 84.01 -62.68 28.56
C THR Q 569 84.85 -62.26 29.75
N ASN Q 570 84.79 -62.97 30.87
CA ASN Q 570 85.46 -62.54 32.08
C ASN Q 570 86.64 -63.45 32.39
N PRO Q 571 87.72 -62.91 32.94
CA PRO Q 571 88.83 -63.75 33.36
C PRO Q 571 88.45 -64.64 34.53
N VAL Q 572 89.14 -65.77 34.65
CA VAL Q 572 88.93 -66.66 35.79
C VAL Q 572 89.49 -66.01 37.03
N ALA Q 573 88.73 -66.06 38.13
CA ALA Q 573 89.03 -65.30 39.32
C ALA Q 573 90.37 -65.67 39.96
N THR Q 574 90.80 -66.91 39.80
CA THR Q 574 91.99 -67.40 40.50
C THR Q 574 93.24 -67.37 39.64
N GLU Q 575 93.17 -66.86 38.41
CA GLU Q 575 94.31 -66.84 37.51
C GLU Q 575 94.57 -65.42 37.02
N ARG Q 576 95.78 -65.23 36.50
CA ARG Q 576 96.22 -63.92 36.06
C ARG Q 576 95.39 -63.45 34.87
N PHE Q 577 95.33 -62.12 34.72
CA PHE Q 577 94.74 -61.56 33.51
C PHE Q 577 95.53 -61.97 32.28
N GLY Q 578 96.85 -61.95 32.40
CA GLY Q 578 97.71 -62.30 31.29
C GLY Q 578 99.14 -61.96 31.61
N THR Q 579 99.97 -61.93 30.57
CA THR Q 579 101.36 -61.56 30.70
C THR Q 579 101.62 -60.25 29.98
N VAL Q 580 102.70 -59.58 30.38
CA VAL Q 580 103.08 -58.30 29.82
C VAL Q 580 104.60 -58.29 29.66
N ALA Q 581 105.07 -57.63 28.62
CA ALA Q 581 106.51 -57.46 28.45
C ALA Q 581 107.04 -56.52 29.52
N VAL Q 582 108.23 -56.83 30.04
CA VAL Q 582 108.80 -56.06 31.14
C VAL Q 582 110.21 -55.55 30.86
N ASN Q 583 110.74 -55.78 29.66
CA ASN Q 583 112.08 -55.31 29.35
C ASN Q 583 112.18 -55.08 27.85
N PHE Q 584 113.39 -54.78 27.38
CA PHE Q 584 113.70 -54.67 25.96
C PHE Q 584 114.58 -55.86 25.58
N GLN Q 585 114.11 -56.66 24.63
CA GLN Q 585 114.94 -57.73 24.10
C GLN Q 585 115.97 -57.17 23.13
N SER Q 586 117.16 -57.74 23.14
CA SER Q 586 118.22 -57.29 22.27
C SER Q 586 119.21 -58.42 22.06
N SER Q 587 120.04 -58.29 21.03
CA SER Q 587 121.10 -59.24 20.75
C SER Q 587 122.43 -58.71 21.29
N SER Q 588 123.38 -59.63 21.41
CA SER Q 588 124.72 -59.26 21.87
C SER Q 588 125.43 -58.42 20.80
N THR Q 589 126.26 -57.50 21.27
CA THR Q 589 127.03 -56.65 20.37
C THR Q 589 128.46 -56.48 20.87
N VAL Q 592 127.88 -53.67 22.85
CA VAL Q 592 127.22 -54.03 24.10
C VAL Q 592 127.06 -55.54 24.18
N PRO Q 593 128.11 -56.23 24.62
CA PRO Q 593 128.07 -57.70 24.64
C PRO Q 593 127.29 -58.27 25.82
N PHE Q 594 126.13 -57.68 26.10
CA PHE Q 594 125.23 -58.16 27.16
C PHE Q 594 123.88 -58.44 26.51
N LYS Q 595 123.71 -59.65 26.00
CA LYS Q 595 122.46 -60.05 25.37
C LYS Q 595 121.32 -60.02 26.39
N THR Q 596 120.17 -59.49 25.98
CA THR Q 596 119.00 -59.39 26.84
C THR Q 596 117.89 -60.25 26.28
N ASP Q 597 117.56 -61.32 26.99
CA ASP Q 597 116.42 -62.13 26.61
C ASP Q 597 115.13 -61.39 26.90
N PRO Q 598 114.10 -61.57 26.07
CA PRO Q 598 112.79 -60.99 26.38
C PRO Q 598 112.23 -61.58 27.67
N ALA Q 599 111.54 -60.74 28.43
CA ALA Q 599 110.99 -61.14 29.72
C ALA Q 599 109.55 -60.68 29.85
N THR Q 600 108.73 -61.56 30.38
CA THR Q 600 107.33 -61.26 30.63
C THR Q 600 107.03 -61.42 32.11
N GLY Q 601 106.01 -60.70 32.56
CA GLY Q 601 105.54 -60.83 33.92
C GLY Q 601 104.03 -61.02 33.93
N ASP Q 602 103.57 -61.75 34.94
CA ASP Q 602 102.15 -62.01 35.09
C ASP Q 602 101.43 -60.76 35.59
N VAL Q 603 100.25 -60.52 35.03
CA VAL Q 603 99.42 -59.39 35.39
C VAL Q 603 98.29 -59.92 36.26
N HIS Q 604 98.35 -59.60 37.56
CA HIS Q 604 97.41 -60.17 38.52
C HIS Q 604 96.21 -59.28 38.78
N ALA Q 605 96.40 -57.96 38.74
CA ALA Q 605 95.31 -57.00 38.86
C ALA Q 605 95.37 -56.09 37.65
N MET Q 606 94.28 -56.05 36.89
CA MET Q 606 94.20 -55.27 35.67
C MET Q 606 92.99 -54.35 35.77
N GLY Q 607 93.21 -53.06 35.67
CA GLY Q 607 92.14 -52.10 35.61
C GLY Q 607 91.55 -52.02 34.22
N ALA Q 608 90.55 -51.16 34.08
CA ALA Q 608 89.81 -51.07 32.82
C ALA Q 608 90.69 -50.51 31.72
N LEU Q 609 90.79 -51.23 30.62
CA LEU Q 609 91.41 -50.82 29.38
C LEU Q 609 90.33 -50.59 28.33
N PRO Q 610 90.52 -49.63 27.43
CA PRO Q 610 89.55 -49.48 26.33
C PRO Q 610 89.52 -50.72 25.47
N GLY Q 611 88.32 -51.09 25.04
CA GLY Q 611 88.10 -52.34 24.35
C GLY Q 611 87.72 -53.48 25.24
N MET Q 612 87.74 -53.30 26.56
CA MET Q 612 87.35 -54.35 27.48
C MET Q 612 85.84 -54.54 27.49
N VAL Q 613 85.42 -55.79 27.57
CA VAL Q 613 84.01 -56.15 27.72
C VAL Q 613 83.89 -57.19 28.81
N TRP Q 614 82.80 -57.11 29.58
CA TRP Q 614 82.63 -58.04 30.70
C TRP Q 614 81.15 -58.20 31.00
N GLN Q 615 80.85 -59.24 31.77
CA GLN Q 615 79.53 -59.44 32.34
C GLN Q 615 79.57 -59.15 33.84
N ASP Q 616 78.43 -58.73 34.38
CA ASP Q 616 78.32 -58.49 35.80
C ASP Q 616 78.04 -59.79 36.53
N ARG Q 617 78.05 -59.73 37.86
CA ARG Q 617 77.73 -60.89 38.67
C ARG Q 617 76.27 -61.28 38.50
N ASP Q 618 76.00 -62.56 38.65
CA ASP Q 618 74.64 -63.07 38.56
C ASP Q 618 73.86 -62.73 39.82
N VAL Q 619 72.55 -62.66 39.69
CA VAL Q 619 71.64 -62.52 40.81
C VAL Q 619 71.05 -63.88 41.11
N TYR Q 620 70.68 -64.10 42.37
CA TYR Q 620 70.17 -65.37 42.84
C TYR Q 620 68.83 -65.16 43.54
N LEU Q 621 68.05 -66.23 43.62
CA LEU Q 621 66.77 -66.13 44.32
C LEU Q 621 66.96 -65.75 45.79
N GLN Q 622 68.05 -66.18 46.39
CA GLN Q 622 68.37 -65.85 47.78
C GLN Q 622 69.19 -64.59 47.92
N GLY Q 623 69.53 -63.91 46.83
CA GLY Q 623 70.46 -62.82 46.87
C GLY Q 623 69.80 -61.45 46.87
N PRO Q 624 70.61 -60.41 47.01
CA PRO Q 624 70.07 -59.05 47.04
C PRO Q 624 69.57 -58.59 45.67
N ILE Q 625 68.63 -57.66 45.71
CA ILE Q 625 68.07 -57.08 44.49
C ILE Q 625 68.80 -55.82 44.07
N TRP Q 626 68.96 -54.86 44.97
CA TRP Q 626 69.50 -53.56 44.64
C TRP Q 626 70.52 -53.14 45.67
N ALA Q 627 71.18 -52.02 45.38
CA ALA Q 627 72.07 -51.35 46.31
C ALA Q 627 72.09 -49.87 45.98
N LYS Q 628 72.18 -49.04 47.01
CA LYS Q 628 72.35 -47.62 46.79
C LYS Q 628 73.76 -47.32 46.31
N ILE Q 629 73.85 -46.59 45.20
CA ILE Q 629 75.15 -46.14 44.72
C ILE Q 629 75.64 -45.00 45.60
N PRO Q 630 76.86 -45.07 46.15
CA PRO Q 630 77.33 -44.00 47.03
C PRO Q 630 77.34 -42.66 46.32
N HIS Q 631 76.97 -41.62 47.05
CA HIS Q 631 76.93 -40.26 46.51
C HIS Q 631 78.35 -39.71 46.53
N THR Q 632 79.08 -40.00 45.47
CA THR Q 632 80.47 -39.60 45.30
C THR Q 632 80.63 -38.81 44.01
N ASP Q 633 81.79 -38.17 43.87
CA ASP Q 633 82.08 -37.44 42.64
C ASP Q 633 82.19 -38.37 41.45
N GLY Q 634 82.87 -39.50 41.63
CA GLY Q 634 83.05 -40.43 40.53
C GLY Q 634 82.76 -41.85 40.96
N HIS Q 635 82.34 -42.63 39.98
CA HIS Q 635 82.16 -44.06 40.14
C HIS Q 635 82.23 -44.70 38.77
N PHE Q 636 82.83 -45.87 38.70
CA PHE Q 636 83.02 -46.58 37.44
C PHE Q 636 82.11 -47.79 37.41
N HIS Q 637 81.17 -47.81 36.47
CA HIS Q 637 80.24 -48.92 36.28
C HIS Q 637 79.53 -49.27 37.58
N PRO Q 638 78.65 -48.42 38.07
CA PRO Q 638 78.13 -48.56 39.45
C PRO Q 638 77.13 -49.70 39.59
N SER Q 639 77.57 -50.90 39.28
CA SER Q 639 76.82 -52.11 39.50
C SER Q 639 77.33 -52.78 40.76
N PRO Q 640 76.46 -53.11 41.72
CA PRO Q 640 76.93 -53.63 43.00
C PRO Q 640 77.71 -54.91 42.82
N LEU Q 641 78.75 -55.08 43.65
CA LEU Q 641 79.65 -56.21 43.47
C LEU Q 641 79.03 -57.51 43.98
N MET Q 642 78.04 -57.41 44.88
CA MET Q 642 77.30 -58.60 45.25
C MET Q 642 76.29 -59.02 44.19
N GLY Q 643 76.02 -58.19 43.21
CA GLY Q 643 75.04 -58.47 42.20
C GLY Q 643 73.76 -57.68 42.42
N GLY Q 644 73.09 -57.35 41.34
CA GLY Q 644 71.86 -56.61 41.43
C GLY Q 644 71.89 -55.30 40.69
N PHE Q 645 70.97 -54.42 41.05
CA PHE Q 645 70.80 -53.13 40.40
C PHE Q 645 71.36 -52.04 41.32
N GLY Q 646 72.28 -51.24 40.79
CA GLY Q 646 72.73 -50.09 41.52
C GLY Q 646 71.83 -48.91 41.23
N LEU Q 647 71.23 -48.34 42.26
CA LEU Q 647 70.29 -47.24 42.11
C LEU Q 647 70.82 -46.02 42.83
N LYS Q 648 70.77 -44.87 42.16
CA LYS Q 648 71.14 -43.62 42.83
C LYS Q 648 70.10 -43.25 43.89
N ASN Q 649 68.82 -43.42 43.55
CA ASN Q 649 67.71 -43.26 44.50
C ASN Q 649 67.06 -44.62 44.66
N PRO Q 650 67.55 -45.47 45.56
CA PRO Q 650 66.96 -46.79 45.74
C PRO Q 650 65.64 -46.69 46.46
N PRO Q 651 64.92 -47.81 46.63
CA PRO Q 651 63.75 -47.79 47.49
C PRO Q 651 64.12 -47.32 48.89
N PRO Q 652 63.42 -46.33 49.41
CA PRO Q 652 63.81 -45.75 50.70
C PRO Q 652 63.54 -46.71 51.85
N GLN Q 653 64.24 -46.43 52.95
CA GLN Q 653 64.07 -47.23 54.15
C GLN Q 653 62.77 -46.85 54.84
N ILE Q 654 62.00 -47.87 55.20
CA ILE Q 654 60.79 -47.70 56.01
C ILE Q 654 61.16 -48.04 57.44
N LEU Q 655 61.04 -47.07 58.34
CA LEU Q 655 61.45 -47.20 59.71
C LEU Q 655 60.22 -47.15 60.60
N ILE Q 656 60.17 -48.06 61.57
CA ILE Q 656 58.99 -48.29 62.39
C ILE Q 656 59.44 -48.49 63.82
N LYS Q 657 58.69 -47.94 64.75
CA LYS Q 657 58.95 -48.24 66.16
C LYS Q 657 57.67 -48.11 66.95
N ASN Q 658 57.66 -48.72 68.13
CA ASN Q 658 56.54 -48.57 69.04
C ASN Q 658 56.68 -47.26 69.79
N THR Q 659 55.60 -46.47 69.84
CA THR Q 659 55.66 -45.26 70.63
C THR Q 659 55.76 -45.62 72.11
N PRO Q 660 56.72 -45.06 72.85
CA PRO Q 660 56.86 -45.41 74.27
C PRO Q 660 55.62 -45.00 75.06
N VAL Q 661 55.20 -45.89 75.95
CA VAL Q 661 54.11 -45.63 76.88
C VAL Q 661 54.69 -45.62 78.29
N PRO Q 662 54.79 -44.47 78.94
CA PRO Q 662 55.37 -44.42 80.28
C PRO Q 662 54.53 -45.17 81.30
N ALA Q 663 55.21 -45.70 82.31
CA ALA Q 663 54.52 -46.29 83.44
C ALA Q 663 54.05 -45.20 84.39
N ASN Q 664 53.63 -45.59 85.58
CA ASN Q 664 53.05 -44.65 86.53
C ASN Q 664 54.07 -43.61 86.96
N PRO Q 665 53.83 -42.32 86.75
CA PRO Q 665 54.78 -41.30 87.16
C PRO Q 665 54.70 -41.05 88.66
N PRO Q 666 55.72 -40.44 89.25
CA PRO Q 666 55.65 -40.13 90.68
C PRO Q 666 54.61 -39.05 90.99
N ALA Q 667 54.21 -38.99 92.25
CA ALA Q 667 53.24 -37.99 92.68
C ALA Q 667 53.82 -36.58 92.60
N GLU Q 668 55.08 -36.41 92.97
CA GLU Q 668 55.80 -35.15 92.85
C GLU Q 668 56.57 -35.09 91.54
N PHE Q 669 56.73 -33.87 91.03
CA PHE Q 669 57.39 -33.66 89.76
C PHE Q 669 58.88 -33.95 89.84
N SER Q 670 59.40 -34.61 88.80
CA SER Q 670 60.82 -34.87 88.67
C SER Q 670 61.23 -34.56 87.24
N ALA Q 671 62.29 -33.75 87.08
CA ALA Q 671 62.75 -33.41 85.75
C ALA Q 671 63.61 -34.48 85.12
N THR Q 672 64.02 -35.49 85.89
CA THR Q 672 64.74 -36.62 85.33
C THR Q 672 63.88 -37.30 84.28
N LYS Q 673 64.49 -37.60 83.13
CA LYS Q 673 63.73 -38.18 82.04
C LYS Q 673 63.20 -39.56 82.42
N PHE Q 674 62.08 -39.91 81.82
CA PHE Q 674 61.42 -41.16 82.15
C PHE Q 674 62.28 -42.35 81.77
N ALA Q 675 62.35 -43.33 82.67
CA ALA Q 675 63.06 -44.57 82.41
C ALA Q 675 62.17 -45.79 82.60
N SER Q 676 60.99 -45.62 83.20
CA SER Q 676 60.06 -46.71 83.44
C SER Q 676 58.98 -46.65 82.38
N PHE Q 677 58.90 -47.69 81.56
CA PHE Q 677 57.95 -47.74 80.47
C PHE Q 677 57.13 -49.01 80.55
N ILE Q 678 55.92 -48.94 80.00
CA ILE Q 678 55.06 -50.10 79.86
C ILE Q 678 55.62 -50.97 78.75
N THR Q 679 55.89 -52.24 79.06
CA THR Q 679 56.54 -53.14 78.11
C THR Q 679 55.54 -53.59 77.07
N GLN Q 680 55.84 -53.35 75.80
CA GLN Q 680 54.91 -53.73 74.76
C GLN Q 680 55.65 -53.98 73.45
N TYR Q 681 54.97 -54.71 72.57
CA TYR Q 681 55.46 -54.96 71.22
C TYR Q 681 54.29 -54.75 70.27
N SER Q 682 54.54 -54.90 68.98
CA SER Q 682 53.47 -54.79 68.00
C SER Q 682 53.62 -55.87 66.95
N THR Q 683 52.50 -56.19 66.31
CA THR Q 683 52.47 -57.16 65.24
C THR Q 683 51.59 -56.61 64.14
N GLY Q 684 51.76 -57.16 62.94
CA GLY Q 684 50.95 -56.69 61.84
C GLY Q 684 51.28 -57.40 60.56
N GLN Q 685 50.73 -56.88 59.48
CA GLN Q 685 50.93 -57.42 58.14
C GLN Q 685 51.58 -56.37 57.26
N VAL Q 686 52.49 -56.82 56.41
CA VAL Q 686 53.20 -55.95 55.47
C VAL Q 686 53.03 -56.54 54.08
N SER Q 687 52.70 -55.69 53.11
CA SER Q 687 52.56 -56.08 51.72
C SER Q 687 53.55 -55.28 50.88
N VAL Q 688 54.25 -55.97 49.99
CA VAL Q 688 55.12 -55.34 49.01
C VAL Q 688 54.73 -55.87 47.63
N GLU Q 689 54.46 -54.96 46.70
CA GLU Q 689 54.12 -55.30 45.33
C GLU Q 689 55.14 -54.64 44.40
N ILE Q 690 55.85 -55.44 43.63
CA ILE Q 690 56.82 -54.93 42.66
C ILE Q 690 56.37 -55.31 41.25
N GLU Q 691 56.29 -54.33 40.38
CA GLU Q 691 56.18 -54.55 38.95
C GLU Q 691 57.58 -54.59 38.36
N TRP Q 692 57.87 -55.63 37.59
CA TRP Q 692 59.12 -55.86 36.89
C TRP Q 692 58.88 -55.89 35.39
N GLU Q 693 59.74 -55.21 34.66
CA GLU Q 693 59.76 -55.27 33.21
C GLU Q 693 60.64 -56.42 32.75
N LEU Q 694 60.14 -57.19 31.79
CA LEU Q 694 60.82 -58.34 31.24
C LEU Q 694 61.38 -58.01 29.86
N GLN Q 695 62.45 -58.71 29.50
CA GLN Q 695 63.08 -58.62 28.20
C GLN Q 695 63.10 -60.04 27.66
N LYS Q 696 62.21 -60.30 26.71
CA LYS Q 696 61.98 -61.65 26.19
C LYS Q 696 63.13 -62.09 25.30
N GLU Q 697 63.36 -63.40 25.29
CA GLU Q 697 64.29 -63.97 24.35
C GLU Q 697 63.76 -63.84 22.93
N ASN Q 698 64.65 -63.64 21.97
CA ASN Q 698 64.32 -63.60 20.56
C ASN Q 698 65.25 -64.50 19.76
N SER Q 699 65.56 -65.67 20.31
CA SER Q 699 66.65 -66.48 19.81
C SER Q 699 66.25 -67.24 18.56
N LYS Q 700 67.24 -67.44 17.69
CA LYS Q 700 67.09 -68.27 16.51
C LYS Q 700 67.85 -69.58 16.65
N ARG Q 701 68.26 -69.92 17.88
CA ARG Q 701 68.99 -71.15 18.15
C ARG Q 701 68.12 -72.37 17.81
N TRP Q 702 68.73 -73.38 17.21
CA TRP Q 702 68.00 -74.54 16.76
C TRP Q 702 67.86 -75.60 17.85
N ASN Q 703 68.97 -75.98 18.48
CA ASN Q 703 68.94 -77.01 19.49
C ASN Q 703 68.30 -76.49 20.77
N PRO Q 704 67.79 -77.38 21.61
CA PRO Q 704 67.14 -76.93 22.85
C PRO Q 704 68.12 -76.28 23.82
N GLU Q 705 67.60 -75.35 24.61
CA GLU Q 705 68.38 -74.61 25.58
C GLU Q 705 68.51 -75.37 26.88
N VAL Q 706 69.49 -74.96 27.69
CA VAL Q 706 69.60 -75.42 29.07
C VAL Q 706 68.58 -74.68 29.92
N GLN Q 707 67.81 -75.41 30.68
CA GLN Q 707 66.78 -74.84 31.55
C GLN Q 707 67.05 -75.27 32.98
N TYR Q 708 66.60 -74.45 33.92
CA TYR Q 708 66.57 -74.89 35.30
C TYR Q 708 65.39 -75.82 35.50
N THR Q 709 65.63 -77.00 36.06
CA THR Q 709 64.59 -78.00 36.19
C THR Q 709 64.67 -78.64 37.57
N SER Q 710 63.53 -79.11 38.03
CA SER Q 710 63.49 -80.02 39.17
C SER Q 710 64.00 -81.39 38.74
N ASN Q 711 64.64 -82.08 39.68
CA ASN Q 711 65.08 -83.43 39.42
C ASN Q 711 63.90 -84.39 39.57
N TYR Q 712 63.70 -85.23 38.57
CA TYR Q 712 62.67 -86.27 38.63
C TYR Q 712 63.35 -87.50 39.22
N ALA Q 713 62.97 -87.85 40.44
CA ALA Q 713 63.50 -89.04 41.11
C ALA Q 713 62.77 -89.18 42.44
N LYS Q 714 62.65 -90.42 42.89
CA LYS Q 714 62.11 -90.63 44.21
C LYS Q 714 63.05 -90.03 45.25
N SER Q 715 62.55 -89.08 46.01
CA SER Q 715 63.32 -88.42 47.04
C SER Q 715 62.50 -88.36 48.32
N ALA Q 716 63.19 -88.34 49.45
CA ALA Q 716 62.50 -88.28 50.73
C ALA Q 716 61.69 -87.00 50.87
N ASN Q 717 62.18 -85.91 50.28
CA ASN Q 717 61.51 -84.62 50.33
C ASN Q 717 61.42 -84.04 48.93
N VAL Q 718 60.57 -83.02 48.79
CA VAL Q 718 60.49 -82.22 47.59
C VAL Q 718 61.33 -80.97 47.80
N ASP Q 719 62.06 -80.55 46.78
CA ASP Q 719 62.90 -79.37 46.88
C ASP Q 719 62.04 -78.11 47.02
N PHE Q 720 62.55 -77.16 47.81
CA PHE Q 720 61.88 -75.89 48.07
C PHE Q 720 60.51 -76.10 48.70
N THR Q 721 60.45 -76.98 49.70
CA THR Q 721 59.23 -77.23 50.43
C THR Q 721 59.52 -77.27 51.93
N VAL Q 722 58.53 -77.66 52.72
CA VAL Q 722 58.69 -77.85 54.14
C VAL Q 722 58.97 -79.31 54.42
N ASP Q 723 59.58 -79.60 55.56
CA ASP Q 723 59.78 -80.97 55.98
C ASP Q 723 58.66 -81.38 56.94
N ASN Q 724 58.80 -82.54 57.57
CA ASN Q 724 57.78 -82.99 58.50
C ASN Q 724 57.74 -82.14 59.77
N ASN Q 725 58.76 -81.34 60.04
CA ASN Q 725 58.76 -80.43 61.17
C ASN Q 725 58.24 -79.04 60.83
N GLY Q 726 57.95 -78.78 59.57
CA GLY Q 726 57.44 -77.49 59.17
C GLY Q 726 58.48 -76.47 58.78
N LEU Q 727 59.72 -76.88 58.53
CA LEU Q 727 60.81 -75.97 58.25
C LEU Q 727 61.01 -75.84 56.75
N TYR Q 728 60.81 -74.64 56.23
CA TYR Q 728 61.05 -74.38 54.82
C TYR Q 728 62.55 -74.28 54.56
N THR Q 729 63.02 -74.99 53.54
CA THR Q 729 64.42 -75.00 53.17
C THR Q 729 64.56 -74.79 51.67
N GLU Q 730 65.68 -74.18 51.28
CA GLU Q 730 66.04 -74.02 49.89
C GLU Q 730 67.28 -74.86 49.61
N PRO Q 731 67.17 -75.94 48.84
CA PRO Q 731 68.30 -76.87 48.68
C PRO Q 731 69.54 -76.27 48.01
N ARG Q 732 69.36 -75.33 47.10
CA ARG Q 732 70.48 -74.84 46.30
C ARG Q 732 70.21 -73.40 45.92
N PRO Q 733 71.25 -72.63 45.62
CA PRO Q 733 71.04 -71.29 45.06
C PRO Q 733 70.81 -71.38 43.54
N ILE Q 734 69.81 -70.65 43.06
CA ILE Q 734 69.45 -70.65 41.64
C ILE Q 734 69.84 -69.30 41.06
N GLY Q 735 70.66 -69.33 40.01
CA GLY Q 735 71.00 -68.14 39.27
C GLY Q 735 69.97 -67.83 38.20
N THR Q 736 70.40 -67.03 37.23
CA THR Q 736 69.52 -66.57 36.17
C THR Q 736 69.96 -66.99 34.78
N ARG Q 737 71.23 -67.30 34.59
CA ARG Q 737 71.81 -67.42 33.25
C ARG Q 737 71.62 -68.85 32.74
N TYR Q 738 70.49 -69.10 32.08
CA TYR Q 738 70.22 -70.42 31.51
C TYR Q 738 70.04 -70.33 30.00
N LEU Q 739 69.22 -69.39 29.55
CA LEU Q 739 69.13 -69.10 28.12
C LEU Q 739 70.45 -68.55 27.63
N THR Q 740 70.67 -68.62 26.33
CA THR Q 740 71.91 -68.12 25.76
C THR Q 740 71.62 -67.13 24.63
N ARG Q 741 72.63 -66.34 24.30
CA ARG Q 741 72.56 -65.46 23.15
C ARG Q 741 73.97 -65.30 22.59
N PRO Q 742 74.10 -64.99 21.30
CA PRO Q 742 75.44 -64.84 20.72
C PRO Q 742 76.15 -63.60 21.25
N LEU Q 743 77.46 -63.71 21.36
CA LEU Q 743 78.27 -62.65 21.96
C LEU Q 743 78.41 -61.45 21.02
N ASP R 219 37.86 -39.14 67.73
CA ASP R 219 37.66 -39.80 66.45
C ASP R 219 37.65 -41.32 66.58
N GLY R 220 37.75 -41.80 67.82
CA GLY R 220 37.65 -43.22 68.09
C GLY R 220 38.81 -43.74 68.92
N VAL R 221 38.60 -44.94 69.45
CA VAL R 221 39.64 -45.61 70.23
C VAL R 221 40.79 -46.08 69.35
N GLY R 222 40.48 -46.62 68.18
CA GLY R 222 41.50 -47.24 67.35
C GLY R 222 42.03 -46.38 66.23
N ASN R 223 41.82 -45.07 66.33
CA ASN R 223 42.25 -44.12 65.31
C ASN R 223 43.12 -43.07 65.98
N ALA R 224 44.33 -42.89 65.46
CA ALA R 224 45.24 -41.89 66.01
C ALA R 224 44.76 -40.49 65.68
N SER R 225 44.86 -39.60 66.65
CA SER R 225 44.38 -38.23 66.48
C SER R 225 45.47 -37.26 66.06
N GLY R 226 46.67 -37.73 65.78
CA GLY R 226 47.71 -36.86 65.27
C GLY R 226 48.91 -37.67 64.87
N ASN R 227 49.83 -36.99 64.19
CA ASN R 227 51.06 -37.59 63.70
C ASN R 227 52.25 -36.93 64.36
N TRP R 228 53.41 -37.57 64.23
CA TRP R 228 54.65 -37.04 64.75
C TRP R 228 55.19 -36.01 63.78
N HIS R 229 55.21 -34.75 64.19
CA HIS R 229 55.71 -33.65 63.38
C HIS R 229 56.91 -33.04 64.08
N CYS R 230 58.10 -33.51 63.76
CA CYS R 230 59.33 -32.97 64.31
C CYS R 230 60.26 -32.69 63.14
N ASP R 231 60.48 -31.41 62.85
CA ASP R 231 61.14 -31.03 61.61
C ASP R 231 61.66 -29.60 61.77
N SER R 232 62.34 -29.12 60.74
CA SER R 232 62.77 -27.74 60.68
C SER R 232 62.91 -27.35 59.21
N THR R 233 62.14 -26.36 58.78
CA THR R 233 62.12 -25.93 57.40
C THR R 233 62.70 -24.52 57.32
N TRP R 234 63.68 -24.34 56.46
CA TRP R 234 64.36 -23.05 56.30
C TRP R 234 63.91 -22.45 54.99
N LEU R 235 63.15 -21.37 55.06
CA LEU R 235 62.79 -20.58 53.90
C LEU R 235 63.81 -19.45 53.76
N GLY R 236 63.54 -18.49 52.89
CA GLY R 236 64.50 -17.41 52.69
C GLY R 236 64.71 -16.56 53.93
N ASP R 237 63.62 -16.08 54.52
CA ASP R 237 63.71 -15.21 55.68
C ASP R 237 62.97 -15.75 56.89
N ARG R 238 62.40 -16.95 56.80
CA ARG R 238 61.72 -17.59 57.91
C ARG R 238 62.38 -18.93 58.18
N VAL R 239 62.23 -19.40 59.41
CA VAL R 239 62.49 -20.78 59.74
C VAL R 239 61.32 -21.29 60.58
N ILE R 240 60.79 -22.45 60.23
CA ILE R 240 59.69 -23.05 60.96
C ILE R 240 60.22 -24.29 61.66
N THR R 241 60.15 -24.30 62.99
CA THR R 241 60.62 -25.41 63.79
C THR R 241 59.41 -26.13 64.39
N THR R 242 59.32 -27.43 64.18
CA THR R 242 58.28 -28.27 64.76
C THR R 242 58.91 -29.29 65.69
N SER R 243 58.27 -29.50 66.84
CA SER R 243 58.77 -30.43 67.84
C SER R 243 57.62 -31.23 68.42
N THR R 244 57.73 -32.54 68.38
CA THR R 244 56.79 -33.44 69.03
C THR R 244 57.51 -34.17 70.16
N ARG R 245 56.83 -34.29 71.29
CA ARG R 245 57.36 -34.97 72.46
C ARG R 245 56.27 -35.84 73.07
N THR R 246 56.68 -36.84 73.83
CA THR R 246 55.77 -37.69 74.58
C THR R 246 55.78 -37.26 76.04
N TRP R 247 54.61 -36.98 76.58
CA TRP R 247 54.46 -36.51 77.94
C TRP R 247 53.68 -37.50 78.78
N ALA R 248 53.97 -37.48 80.08
CA ALA R 248 53.23 -38.18 81.10
C ALA R 248 52.75 -37.19 82.15
N LEU R 249 51.46 -37.22 82.45
CA LEU R 249 50.84 -36.34 83.42
C LEU R 249 50.28 -37.17 84.56
N PRO R 250 50.77 -37.01 85.78
CA PRO R 250 50.20 -37.74 86.91
C PRO R 250 49.03 -36.99 87.54
N THR R 251 48.49 -37.54 88.62
CA THR R 251 47.54 -36.81 89.45
C THR R 251 48.31 -36.08 90.54
N TYR R 252 48.10 -34.78 90.64
CA TYR R 252 48.81 -33.94 91.59
C TYR R 252 47.90 -33.60 92.74
N ASN R 253 48.42 -33.74 93.97
CA ASN R 253 47.75 -33.33 95.21
C ASN R 253 46.53 -34.15 95.53
N ASN R 254 46.33 -35.30 94.88
CA ASN R 254 45.09 -36.06 94.97
C ASN R 254 43.88 -35.20 94.59
N HIS R 255 44.04 -34.45 93.50
CA HIS R 255 42.97 -33.60 92.95
C HIS R 255 42.58 -32.48 93.89
N LEU R 256 43.51 -32.06 94.75
CA LEU R 256 43.20 -31.06 95.76
C LEU R 256 43.97 -29.77 95.48
N TYR R 257 43.36 -28.66 95.87
CA TYR R 257 44.03 -27.37 95.94
C TYR R 257 44.56 -27.22 97.35
N LYS R 258 45.86 -26.97 97.50
CA LYS R 258 46.46 -26.87 98.81
C LYS R 258 47.11 -25.50 98.98
N GLN R 259 46.99 -24.95 100.17
CA GLN R 259 47.62 -23.68 100.51
C GLN R 259 49.02 -23.97 101.04
N ILE R 260 50.02 -23.34 100.43
CA ILE R 260 51.42 -23.57 100.80
C ILE R 260 52.01 -22.25 101.28
N SER R 261 52.91 -22.36 102.27
CA SER R 261 53.61 -21.21 102.79
C SER R 261 54.92 -21.68 103.39
N SER R 262 55.64 -20.75 104.03
CA SER R 262 56.93 -21.05 104.63
C SER R 262 56.85 -21.22 106.14
N ALA R 263 55.64 -21.27 106.70
CA ALA R 263 55.49 -21.33 108.15
C ALA R 263 56.08 -22.61 108.73
N SER R 264 55.81 -23.74 108.10
CA SER R 264 56.41 -25.00 108.56
C SER R 264 57.88 -25.07 108.18
N THR R 265 58.27 -24.44 107.07
CA THR R 265 59.66 -24.46 106.64
C THR R 265 60.55 -23.76 107.66
N GLY R 266 60.06 -22.68 108.26
CA GLY R 266 60.90 -21.91 109.16
C GLY R 266 62.04 -21.20 108.47
N ALA R 267 61.77 -20.57 107.32
CA ALA R 267 62.79 -19.93 106.54
C ALA R 267 63.12 -18.55 107.10
N SER R 268 64.11 -17.90 106.49
CA SER R 268 64.45 -16.54 106.85
C SER R 268 63.41 -15.57 106.31
N ASN R 269 63.49 -14.32 106.76
CA ASN R 269 62.53 -13.32 106.33
C ASN R 269 62.58 -13.10 104.83
N ASP R 270 63.75 -13.30 104.22
CA ASP R 270 63.89 -13.11 102.78
C ASP R 270 63.25 -14.22 101.96
N ASN R 271 63.04 -15.40 102.56
CA ASN R 271 62.55 -16.56 101.84
C ASN R 271 61.10 -16.89 102.18
N HIS R 272 60.41 -16.01 102.89
CA HIS R 272 59.02 -16.24 103.23
C HIS R 272 58.15 -16.16 102.00
N TYR R 273 57.10 -16.99 101.96
CA TYR R 273 56.18 -16.96 100.84
C TYR R 273 54.82 -17.49 101.27
N PHE R 274 53.82 -17.18 100.46
CA PHE R 274 52.47 -17.68 100.63
C PHE R 274 51.90 -17.92 99.24
N GLY R 275 51.25 -19.06 99.04
CA GLY R 275 50.70 -19.33 97.74
C GLY R 275 49.83 -20.56 97.75
N TYR R 276 49.61 -21.10 96.55
CA TYR R 276 48.72 -22.24 96.37
C TYR R 276 49.33 -23.22 95.40
N SER R 277 49.07 -24.50 95.66
CA SER R 277 49.44 -25.62 94.81
C SER R 277 48.16 -26.17 94.18
N THR R 278 48.11 -26.24 92.86
CA THR R 278 46.90 -26.74 92.23
C THR R 278 47.11 -28.17 91.78
N PRO R 279 46.04 -28.91 91.52
CA PRO R 279 46.16 -30.25 90.93
C PRO R 279 46.47 -30.26 89.45
N TRP R 280 46.66 -29.10 88.83
CA TRP R 280 46.91 -29.00 87.41
C TRP R 280 48.40 -29.04 87.11
N GLY R 281 48.74 -29.52 85.92
CA GLY R 281 50.05 -29.34 85.34
C GLY R 281 49.97 -28.35 84.20
N TYR R 282 51.13 -27.93 83.73
CA TYR R 282 51.17 -26.97 82.62
C TYR R 282 52.21 -27.42 81.61
N PHE R 283 52.04 -26.95 80.38
CA PHE R 283 52.95 -27.24 79.29
C PHE R 283 53.92 -26.09 79.13
N ASP R 284 55.20 -26.40 79.08
CA ASP R 284 56.27 -25.42 78.98
C ASP R 284 57.16 -25.75 77.80
N PHE R 285 57.32 -24.79 76.89
CA PHE R 285 58.28 -24.92 75.80
C PHE R 285 59.03 -23.60 75.65
N ASN R 286 59.45 -23.04 76.78
CA ASN R 286 60.12 -21.75 76.84
C ASN R 286 61.63 -21.88 76.92
N ARG R 287 62.21 -22.83 76.22
CA ARG R 287 63.65 -22.92 76.03
C ARG R 287 63.93 -23.11 74.55
N PHE R 288 65.09 -22.64 74.12
CA PHE R 288 65.38 -22.66 72.69
C PHE R 288 65.65 -24.07 72.18
N HIS R 289 66.16 -24.96 73.02
CA HIS R 289 66.44 -26.32 72.59
C HIS R 289 65.19 -27.20 72.54
N CYS R 290 64.05 -26.71 73.02
CA CYS R 290 62.79 -27.39 72.76
C CYS R 290 62.40 -27.30 71.29
N HIS R 291 63.01 -26.39 70.55
CA HIS R 291 62.64 -26.12 69.16
C HIS R 291 63.79 -26.27 68.18
N PHE R 292 65.01 -25.97 68.58
CA PHE R 292 66.16 -26.03 67.69
C PHE R 292 67.05 -27.21 68.08
N SER R 293 67.41 -28.03 67.10
CA SER R 293 68.51 -28.94 67.28
C SER R 293 69.80 -28.13 67.33
N PRO R 294 70.88 -28.69 67.88
CA PRO R 294 72.16 -27.96 67.86
C PRO R 294 72.62 -27.60 66.45
N ARG R 295 72.38 -28.47 65.48
CA ARG R 295 72.70 -28.13 64.09
C ARG R 295 71.89 -26.96 63.59
N ASP R 296 70.59 -26.93 63.90
CA ASP R 296 69.74 -25.81 63.49
C ASP R 296 70.16 -24.52 64.19
N TRP R 297 70.53 -24.61 65.46
CA TRP R 297 71.01 -23.44 66.18
C TRP R 297 72.28 -22.90 65.56
N GLN R 298 73.21 -23.78 65.21
CA GLN R 298 74.44 -23.35 64.55
C GLN R 298 74.14 -22.71 63.20
N ARG R 299 73.23 -23.31 62.44
CA ARG R 299 72.84 -22.74 61.16
C ARG R 299 72.24 -21.36 61.32
N LEU R 300 71.44 -21.16 62.36
CA LEU R 300 70.85 -19.85 62.62
C LEU R 300 71.91 -18.83 63.01
N ILE R 301 72.75 -19.17 63.99
CA ILE R 301 73.66 -18.18 64.57
C ILE R 301 74.87 -17.90 63.70
N ASN R 302 75.23 -18.80 62.79
CA ASN R 302 76.36 -18.54 61.91
C ASN R 302 75.98 -17.73 60.69
N ASN R 303 74.70 -17.52 60.45
CA ASN R 303 74.24 -16.94 59.19
C ASN R 303 73.31 -15.76 59.35
N ASN R 304 72.73 -15.54 60.53
CA ASN R 304 71.73 -14.51 60.67
C ASN R 304 72.20 -13.44 61.64
N TRP R 305 71.90 -12.18 61.30
CA TRP R 305 72.18 -11.06 62.18
C TRP R 305 71.13 -10.91 63.26
N GLY R 306 69.94 -11.45 63.06
CA GLY R 306 68.95 -11.37 64.13
C GLY R 306 67.81 -12.32 63.88
N PHE R 307 67.00 -12.52 64.91
CA PHE R 307 65.83 -13.37 64.72
C PHE R 307 64.77 -13.04 65.75
N ARG R 308 63.54 -13.45 65.47
CA ARG R 308 62.45 -13.23 66.41
C ARG R 308 61.32 -14.19 66.08
N PRO R 309 60.43 -14.47 67.03
CA PRO R 309 59.29 -15.36 66.75
C PRO R 309 58.08 -14.63 66.18
N LYS R 310 57.47 -15.25 65.18
CA LYS R 310 56.30 -14.75 64.49
C LYS R 310 55.02 -15.46 64.93
N ARG R 311 54.97 -16.78 64.90
CA ARG R 311 53.71 -17.41 65.27
C ARG R 311 53.96 -18.81 65.80
N LEU R 312 52.95 -19.39 66.45
CA LEU R 312 53.08 -20.75 66.93
C LEU R 312 51.74 -21.48 66.88
N ASN R 313 51.85 -22.79 66.71
CA ASN R 313 50.75 -23.75 66.78
C ASN R 313 51.07 -24.78 67.85
N PHE R 314 50.07 -25.12 68.65
CA PHE R 314 50.19 -26.08 69.72
C PHE R 314 49.13 -27.15 69.49
N LYS R 315 49.54 -28.42 69.56
CA LYS R 315 48.63 -29.53 69.42
C LYS R 315 48.89 -30.56 70.50
N LEU R 316 47.81 -31.15 70.99
CA LEU R 316 47.84 -32.19 72.01
C LEU R 316 47.02 -33.35 71.49
N PHE R 317 47.64 -34.52 71.35
CA PHE R 317 46.98 -35.60 70.63
C PHE R 317 47.42 -36.94 71.20
N ASN R 318 46.67 -37.98 70.84
CA ASN R 318 46.93 -39.36 71.24
C ASN R 318 46.90 -39.53 72.75
N ILE R 319 45.79 -39.11 73.35
CA ILE R 319 45.63 -39.17 74.80
C ILE R 319 45.36 -40.61 75.22
N GLN R 320 46.06 -41.07 76.24
CA GLN R 320 45.81 -42.38 76.84
C GLN R 320 45.76 -42.21 78.35
N VAL R 321 44.62 -42.50 78.94
CA VAL R 321 44.48 -42.50 80.38
C VAL R 321 44.69 -43.93 80.88
N LYS R 322 45.54 -44.07 81.88
CA LYS R 322 45.89 -45.36 82.44
C LYS R 322 45.52 -45.42 83.91
N GLU R 323 44.80 -46.47 84.27
CA GLU R 323 44.43 -46.80 85.65
C GLU R 323 45.51 -47.66 86.29
N VAL R 324 45.87 -47.35 87.53
CA VAL R 324 46.92 -48.04 88.27
C VAL R 324 46.35 -48.61 89.55
N THR R 325 46.59 -49.90 89.79
CA THR R 325 46.23 -50.56 91.05
C THR R 325 47.44 -51.28 91.59
N THR R 326 47.80 -51.00 92.84
CA THR R 326 48.90 -51.71 93.50
C THR R 326 48.30 -52.60 94.60
N ASN R 327 48.48 -53.91 94.44
CA ASN R 327 48.02 -54.89 95.41
C ASN R 327 49.16 -55.83 95.77
N ASP R 328 49.37 -56.02 97.08
CA ASP R 328 50.39 -56.92 97.58
C ASP R 328 51.77 -56.59 97.03
N GLY R 329 51.98 -55.32 96.66
CA GLY R 329 53.25 -54.85 96.15
C GLY R 329 53.39 -54.90 94.64
N VAL R 330 52.48 -55.58 93.94
CA VAL R 330 52.56 -55.68 92.48
C VAL R 330 51.56 -54.70 91.88
N THR R 331 51.98 -54.07 90.78
CA THR R 331 51.26 -52.96 90.17
C THR R 331 50.69 -53.38 88.83
N THR R 332 49.39 -53.16 88.65
CA THR R 332 48.68 -53.40 87.41
C THR R 332 48.31 -52.07 86.79
N ILE R 333 48.58 -51.94 85.49
CA ILE R 333 48.19 -50.76 84.73
C ILE R 333 47.25 -51.22 83.63
N ALA R 334 46.11 -50.55 83.51
CA ALA R 334 45.14 -50.84 82.48
C ALA R 334 44.75 -49.56 81.77
N ASN R 335 44.10 -49.70 80.63
CA ASN R 335 43.58 -48.55 79.92
C ASN R 335 42.22 -48.17 80.47
N ASN R 336 42.00 -46.87 80.65
CA ASN R 336 40.71 -46.34 81.03
C ASN R 336 40.17 -45.58 79.83
N LEU R 337 39.32 -46.25 79.04
CA LEU R 337 38.90 -45.70 77.77
C LEU R 337 37.91 -44.57 77.89
N THR R 338 37.26 -44.41 79.05
CA THR R 338 36.22 -43.41 79.20
C THR R 338 36.65 -42.23 80.09
N SER R 339 37.91 -42.16 80.47
CA SER R 339 38.38 -41.06 81.29
C SER R 339 38.83 -39.89 80.41
N THR R 340 38.86 -38.70 81.02
CA THR R 340 39.16 -37.48 80.30
C THR R 340 40.33 -36.73 80.94
N VAL R 341 41.00 -35.93 80.11
CA VAL R 341 41.90 -34.89 80.58
C VAL R 341 41.29 -33.55 80.23
N GLN R 342 41.30 -32.63 81.17
CA GLN R 342 40.86 -31.27 80.93
C GLN R 342 42.05 -30.42 80.52
N VAL R 343 41.91 -29.68 79.43
CA VAL R 343 42.94 -28.80 78.91
C VAL R 343 42.33 -27.44 78.66
N PHE R 344 43.03 -26.38 79.06
CA PHE R 344 42.61 -25.06 78.63
C PHE R 344 43.83 -24.16 78.49
N SER R 345 43.68 -23.16 77.64
CA SER R 345 44.70 -22.15 77.42
C SER R 345 44.25 -20.86 78.08
N ASP R 346 45.15 -20.24 78.85
CA ASP R 346 44.81 -19.00 79.57
C ASP R 346 45.11 -17.81 78.67
N SER R 347 44.25 -17.65 77.66
CA SER R 347 44.50 -16.68 76.60
C SER R 347 44.30 -15.24 77.03
N GLU R 348 43.57 -15.00 78.13
CA GLU R 348 43.33 -13.65 78.62
C GLU R 348 44.23 -13.28 79.77
N TYR R 349 45.20 -14.13 80.11
CA TYR R 349 46.19 -13.86 81.15
C TYR R 349 45.53 -13.50 82.47
N GLN R 350 44.52 -14.27 82.83
CA GLN R 350 43.80 -14.09 84.08
C GLN R 350 44.42 -14.84 85.24
N LEU R 351 45.40 -15.65 84.99
CA LEU R 351 46.10 -16.46 85.97
C LEU R 351 47.49 -15.90 86.21
N PRO R 352 48.09 -16.17 87.36
CA PRO R 352 49.51 -15.84 87.54
C PRO R 352 50.36 -16.56 86.52
N TYR R 353 51.27 -15.81 85.89
CA TYR R 353 52.13 -16.35 84.85
C TYR R 353 53.39 -16.89 85.49
N VAL R 354 53.49 -18.21 85.60
CA VAL R 354 54.68 -18.82 86.22
C VAL R 354 55.72 -19.20 85.17
N LEU R 355 55.39 -19.15 83.89
CA LEU R 355 56.40 -19.28 82.87
C LEU R 355 57.28 -18.05 82.89
N GLY R 356 58.46 -18.16 82.29
CA GLY R 356 59.38 -17.06 82.31
C GLY R 356 60.15 -16.88 83.59
N SER R 357 60.13 -17.88 84.47
CA SER R 357 60.97 -17.91 85.66
C SER R 357 62.06 -18.95 85.57
N ALA R 358 62.28 -19.52 84.38
CA ALA R 358 63.35 -20.49 84.12
C ALA R 358 63.19 -21.74 84.96
N HIS R 359 62.02 -22.36 84.89
CA HIS R 359 61.73 -23.56 85.66
C HIS R 359 61.96 -24.81 84.83
N GLN R 360 62.19 -25.91 85.53
CA GLN R 360 62.25 -27.22 84.89
C GLN R 360 60.87 -27.65 84.42
N GLY R 361 60.83 -28.64 83.53
CA GLY R 361 59.58 -29.14 83.06
C GLY R 361 59.26 -28.80 81.63
N CYS R 362 60.20 -28.17 80.92
CA CYS R 362 60.01 -27.91 79.51
C CYS R 362 60.09 -29.21 78.71
N LEU R 363 59.76 -29.11 77.42
CA LEU R 363 60.01 -30.23 76.54
C LEU R 363 61.51 -30.53 76.52
N PRO R 364 61.91 -31.80 76.58
CA PRO R 364 63.33 -32.12 76.59
C PRO R 364 64.00 -31.74 75.28
N PRO R 365 65.30 -31.44 75.31
CA PRO R 365 65.99 -31.10 74.05
C PRO R 365 65.99 -32.23 73.04
N PHE R 366 66.14 -33.47 73.49
CA PHE R 366 66.20 -34.61 72.59
C PHE R 366 64.80 -35.11 72.29
N PRO R 367 64.41 -35.23 71.01
CA PRO R 367 63.03 -35.61 70.68
C PRO R 367 62.64 -37.01 71.13
N ALA R 368 63.60 -37.87 71.46
CA ALA R 368 63.28 -39.22 71.91
C ALA R 368 62.93 -39.28 73.39
N ASP R 369 63.09 -38.20 74.13
CA ASP R 369 62.91 -38.24 75.57
C ASP R 369 61.44 -38.03 75.94
N VAL R 370 61.00 -38.77 76.94
CA VAL R 370 59.64 -38.69 77.45
C VAL R 370 59.69 -37.88 78.74
N PHE R 371 58.82 -36.87 78.86
CA PHE R 371 58.92 -35.95 79.96
C PHE R 371 57.65 -35.92 80.79
N MET R 372 57.83 -35.69 82.09
CA MET R 372 56.75 -35.54 83.03
C MET R 372 56.30 -34.09 83.05
N ILE R 373 54.99 -33.89 83.15
CA ILE R 373 54.43 -32.54 83.10
C ILE R 373 54.53 -31.92 84.50
N PRO R 374 55.07 -30.71 84.63
CA PRO R 374 55.23 -30.10 85.95
C PRO R 374 53.93 -29.59 86.53
N GLN R 375 53.87 -29.58 87.86
CA GLN R 375 52.67 -29.15 88.56
C GLN R 375 52.55 -27.63 88.57
N TYR R 376 51.32 -27.15 88.49
CA TYR R 376 51.06 -25.72 88.53
C TYR R 376 50.87 -25.25 89.97
N GLY R 377 51.51 -24.14 90.30
CA GLY R 377 51.33 -23.49 91.58
C GLY R 377 51.73 -22.05 91.41
N TYR R 378 51.23 -21.21 92.30
CA TYR R 378 51.53 -19.80 92.22
C TYR R 378 51.73 -19.25 93.62
N LEU R 379 52.30 -18.06 93.68
CA LEU R 379 52.47 -17.31 94.90
C LEU R 379 51.61 -16.06 94.84
N THR R 380 51.17 -15.61 96.00
CA THR R 380 50.38 -14.39 96.11
C THR R 380 51.02 -13.49 97.17
N LEU R 381 50.39 -12.35 97.40
CA LEU R 381 50.92 -11.40 98.38
C LEU R 381 51.05 -12.05 99.74
N ASN R 382 52.18 -11.84 100.39
CA ASN R 382 52.43 -12.43 101.69
C ASN R 382 53.03 -11.39 102.63
N ASN R 383 52.71 -11.52 103.90
CA ASN R 383 53.27 -10.73 105.00
C ASN R 383 53.98 -11.71 105.91
N GLY R 384 55.22 -12.03 105.57
CA GLY R 384 55.90 -13.14 106.22
C GLY R 384 55.38 -14.42 105.63
N SER R 385 55.01 -15.36 106.50
CA SER R 385 54.38 -16.58 106.05
C SER R 385 52.86 -16.47 105.99
N GLN R 386 52.31 -15.29 106.25
CA GLN R 386 50.88 -15.07 106.27
C GLN R 386 50.43 -14.41 104.98
N ALA R 387 49.11 -14.38 104.79
CA ALA R 387 48.50 -13.72 103.65
C ALA R 387 48.02 -12.33 104.05
N VAL R 388 47.45 -11.62 103.09
CA VAL R 388 46.83 -10.33 103.34
C VAL R 388 45.43 -10.37 102.71
N GLY R 389 44.71 -9.25 102.83
CA GLY R 389 43.39 -9.17 102.24
C GLY R 389 43.41 -9.22 100.73
N ARG R 390 44.43 -8.64 100.12
CA ARG R 390 44.55 -8.58 98.67
C ARG R 390 45.23 -9.80 98.08
N SER R 391 45.58 -10.79 98.91
CA SER R 391 46.06 -12.05 98.40
C SER R 391 44.96 -12.74 97.61
N SER R 392 45.29 -13.19 96.42
CA SER R 392 44.31 -13.79 95.53
C SER R 392 44.37 -15.30 95.59
N PHE R 393 43.23 -15.90 95.30
CA PHE R 393 43.12 -17.35 95.13
C PHE R 393 42.44 -17.59 93.79
N TYR R 394 42.95 -18.57 93.05
CA TYR R 394 42.42 -18.89 91.73
C TYR R 394 42.05 -20.36 91.70
N CYS R 395 40.78 -20.64 91.50
CA CYS R 395 40.35 -21.98 91.13
C CYS R 395 40.48 -22.12 89.63
N LEU R 396 41.26 -23.09 89.19
CA LEU R 396 41.43 -23.31 87.75
C LEU R 396 40.28 -24.09 87.15
N GLU R 397 39.44 -24.71 87.96
CA GLU R 397 38.20 -25.28 87.48
C GLU R 397 37.16 -24.23 87.19
N TYR R 398 37.40 -22.99 87.58
CA TYR R 398 36.54 -21.86 87.27
C TYR R 398 36.79 -21.31 85.88
N PHE R 399 37.42 -22.08 85.01
CA PHE R 399 37.66 -21.76 83.62
C PHE R 399 36.93 -22.74 82.72
N PRO R 400 36.57 -22.34 81.52
CA PRO R 400 36.11 -23.32 80.52
C PRO R 400 37.27 -24.18 80.05
N SER R 401 37.13 -25.49 80.19
CA SER R 401 38.13 -26.45 79.77
C SER R 401 37.55 -27.33 78.68
N GLN R 402 38.41 -27.81 77.80
CA GLN R 402 38.04 -28.85 76.85
C GLN R 402 38.37 -30.19 77.49
N MET R 403 37.38 -31.08 77.52
CA MET R 403 37.54 -32.43 78.05
C MET R 403 37.87 -33.37 76.89
N LEU R 404 38.97 -34.10 77.03
CA LEU R 404 39.50 -34.94 75.96
C LEU R 404 39.47 -36.39 76.42
N ARG R 405 38.75 -37.22 75.68
CA ARG R 405 38.85 -38.66 75.83
C ARG R 405 39.94 -39.15 74.89
N THR R 406 40.11 -40.46 74.78
CA THR R 406 41.26 -41.00 74.07
C THR R 406 41.21 -40.74 72.57
N GLY R 407 40.07 -40.34 72.02
CA GLY R 407 39.99 -40.07 70.60
C GLY R 407 40.01 -38.60 70.24
N ASN R 408 40.15 -37.72 71.23
CA ASN R 408 40.09 -36.29 71.02
C ASN R 408 41.49 -35.68 70.99
N ASN R 409 41.58 -34.52 70.36
CA ASN R 409 42.80 -33.73 70.37
C ASN R 409 42.47 -32.28 70.69
N PHE R 410 43.51 -31.49 70.90
CA PHE R 410 43.41 -30.10 71.30
C PHE R 410 44.35 -29.28 70.44
N THR R 411 43.87 -28.19 69.86
CA THR R 411 44.71 -27.32 69.05
C THR R 411 44.58 -25.89 69.52
N PHE R 412 45.63 -25.10 69.27
CA PHE R 412 45.64 -23.72 69.71
C PHE R 412 46.67 -22.94 68.90
N SER R 413 46.27 -21.82 68.34
CA SER R 413 47.18 -20.97 67.57
C SER R 413 47.44 -19.67 68.30
N TYR R 414 48.62 -19.10 68.09
CA TYR R 414 48.99 -17.86 68.73
C TYR R 414 49.90 -17.07 67.81
N THR R 415 49.72 -15.75 67.79
CA THR R 415 50.56 -14.85 67.02
C THR R 415 51.34 -13.96 67.98
N PHE R 416 52.65 -13.90 67.77
CA PHE R 416 53.49 -13.02 68.57
C PHE R 416 53.28 -11.57 68.16
N GLU R 417 53.37 -10.68 69.15
CA GLU R 417 53.40 -9.25 68.86
C GLU R 417 54.72 -8.89 68.19
N GLU R 418 54.74 -7.71 67.58
CA GLU R 418 55.95 -7.25 66.90
C GLU R 418 56.99 -6.88 67.95
N VAL R 419 57.90 -7.81 68.19
CA VAL R 419 58.99 -7.66 69.15
C VAL R 419 60.24 -7.34 68.34
N PRO R 420 61.21 -6.61 68.86
CA PRO R 420 62.46 -6.40 68.12
C PRO R 420 63.23 -7.70 67.93
N PHE R 421 63.97 -7.75 66.83
CA PHE R 421 64.87 -8.87 66.59
C PHE R 421 65.88 -8.98 67.70
N HIS R 422 66.13 -10.19 68.16
CA HIS R 422 67.31 -10.43 68.96
C HIS R 422 68.54 -10.36 68.09
N SER R 423 69.61 -9.79 68.65
CA SER R 423 70.86 -9.49 67.96
C SER R 423 71.77 -10.70 68.02
N SER R 424 71.90 -11.41 66.89
CA SER R 424 72.83 -12.52 66.77
C SER R 424 74.21 -12.07 66.31
N TYR R 425 74.60 -10.84 66.62
CA TYR R 425 75.85 -10.28 66.17
C TYR R 425 76.61 -9.68 67.35
N ALA R 426 77.91 -9.61 67.19
CA ALA R 426 78.79 -8.75 67.98
C ALA R 426 79.11 -7.50 67.16
N HIS R 427 79.71 -6.53 67.83
CA HIS R 427 80.14 -5.30 67.19
C HIS R 427 81.61 -5.37 66.83
N SER R 428 81.95 -4.94 65.63
CA SER R 428 83.33 -4.91 65.17
C SER R 428 84.07 -3.68 65.67
N GLN R 429 83.37 -2.71 66.25
CA GLN R 429 83.98 -1.52 66.79
C GLN R 429 83.59 -1.38 68.25
N SER R 430 84.44 -0.71 69.01
CA SER R 430 84.12 -0.34 70.38
C SER R 430 83.55 1.08 70.40
N LEU R 431 82.77 1.36 71.44
CA LEU R 431 82.08 2.64 71.52
C LEU R 431 83.04 3.81 71.70
N ASP R 432 84.16 3.60 72.37
CA ASP R 432 85.16 4.63 72.55
C ASP R 432 86.19 4.66 71.43
N ARG R 433 85.92 3.98 70.31
CA ARG R 433 86.84 3.89 69.19
C ARG R 433 86.08 4.09 67.88
N LEU R 434 85.19 5.06 67.84
CA LEU R 434 84.33 5.29 66.69
C LEU R 434 84.85 6.40 65.79
N MET R 435 86.06 6.89 66.03
CA MET R 435 86.61 8.04 65.33
C MET R 435 87.45 7.61 64.15
N ASN R 436 87.73 8.57 63.28
CA ASN R 436 88.76 8.40 62.26
C ASN R 436 90.12 8.46 62.93
N PRO R 437 90.95 7.42 62.83
CA PRO R 437 92.26 7.43 63.48
C PRO R 437 93.33 8.23 62.75
N LEU R 438 92.98 8.92 61.66
CA LEU R 438 93.95 9.70 60.91
C LEU R 438 93.75 11.19 61.02
N ILE R 439 92.53 11.64 61.27
CA ILE R 439 92.18 13.05 61.24
C ILE R 439 92.03 13.57 62.65
N ASP R 440 92.45 14.81 62.88
CA ASP R 440 92.24 15.46 64.16
C ASP R 440 90.79 15.93 64.27
N GLN R 441 90.45 16.44 65.44
CA GLN R 441 89.15 17.05 65.68
C GLN R 441 89.25 18.56 65.56
N TYR R 442 88.11 19.21 65.44
CA TYR R 442 88.05 20.66 65.56
C TYR R 442 87.64 21.11 66.95
N LEU R 443 87.50 20.17 67.88
CA LEU R 443 87.11 20.46 69.25
C LEU R 443 88.33 20.41 70.15
N TYR R 444 88.41 21.35 71.07
CA TYR R 444 89.51 21.43 72.01
C TYR R 444 89.06 20.97 73.39
N TYR R 445 90.02 20.53 74.18
CA TYR R 445 89.78 20.12 75.55
C TYR R 445 90.89 20.67 76.42
N LEU R 446 90.58 20.84 77.70
CA LEU R 446 91.59 21.28 78.66
C LEU R 446 92.57 20.14 78.90
N ASN R 447 93.84 20.37 78.55
CA ASN R 447 94.86 19.33 78.62
C ASN R 447 95.76 19.47 79.83
N ARG R 448 96.18 20.69 80.16
CA ARG R 448 97.05 20.94 81.30
C ARG R 448 96.46 22.08 82.12
N THR R 449 96.52 21.95 83.44
CA THR R 449 96.29 23.07 84.34
C THR R 449 97.57 23.48 85.05
N GLN R 450 98.73 22.98 84.62
CA GLN R 450 100.03 23.39 85.11
C GLN R 450 100.95 23.61 83.91
N ASN R 451 102.04 24.32 84.15
CA ASN R 451 102.99 24.59 83.08
C ASN R 451 103.68 23.31 82.64
N GLN R 452 103.82 23.16 81.31
CA GLN R 452 104.41 21.95 80.76
C GLN R 452 105.92 21.89 80.94
N SER R 453 106.59 23.04 81.03
CA SER R 453 108.05 23.05 81.08
C SER R 453 108.59 22.32 82.31
N GLY R 454 108.00 22.59 83.47
CA GLY R 454 108.40 21.91 84.69
C GLY R 454 109.50 22.58 85.48
N SER R 455 110.22 23.55 84.90
CA SER R 455 111.24 24.28 85.65
C SER R 455 110.59 25.04 86.81
N ALA R 456 109.44 25.67 86.55
CA ALA R 456 108.56 26.17 87.58
C ALA R 456 107.32 25.29 87.65
N GLN R 457 106.56 25.45 88.73
CA GLN R 457 105.36 24.67 88.97
C GLN R 457 104.11 25.54 88.97
N ASN R 458 104.02 26.45 87.99
CA ASN R 458 102.92 27.40 87.94
C ASN R 458 101.69 26.79 87.28
N LYS R 459 100.53 27.30 87.66
CA LYS R 459 99.29 26.86 87.04
C LYS R 459 99.14 27.49 85.67
N ASP R 460 98.19 26.96 84.89
CA ASP R 460 97.91 27.48 83.56
C ASP R 460 96.58 26.93 83.10
N LEU R 461 96.21 27.28 81.86
CA LEU R 461 95.02 26.74 81.20
C LEU R 461 95.44 26.46 79.76
N LEU R 462 95.90 25.25 79.51
CA LEU R 462 96.42 24.86 78.21
C LEU R 462 95.44 23.89 77.55
N PHE R 463 95.08 24.18 76.31
CA PHE R 463 94.07 23.42 75.60
C PHE R 463 94.69 22.70 74.41
N SER R 464 94.30 21.45 74.20
CA SER R 464 94.79 20.67 73.08
C SER R 464 93.63 20.30 72.17
N ARG R 465 93.98 19.99 70.93
CA ARG R 465 93.03 19.53 69.94
C ARG R 465 92.88 18.02 70.01
N GLY R 466 91.66 17.55 69.81
CA GLY R 466 91.40 16.13 69.77
C GLY R 466 92.15 15.46 68.64
N SER R 467 93.07 14.57 68.99
CA SER R 467 94.00 13.96 68.04
C SER R 467 93.99 12.45 68.19
N PRO R 468 94.39 11.71 67.15
CA PRO R 468 94.49 10.26 67.29
C PRO R 468 95.54 9.79 68.28
N ALA R 469 96.48 10.65 68.66
CA ALA R 469 97.44 10.28 69.69
C ALA R 469 96.74 10.00 71.02
N GLY R 470 95.91 10.94 71.47
CA GLY R 470 95.11 10.69 72.65
C GLY R 470 93.66 10.49 72.30
N MET R 471 93.22 9.23 72.27
CA MET R 471 91.85 8.89 71.93
C MET R 471 90.95 8.85 73.15
N SER R 472 91.54 8.73 74.35
CA SER R 472 90.76 8.67 75.58
C SER R 472 90.20 10.02 75.98
N VAL R 473 90.80 11.12 75.52
CA VAL R 473 90.39 12.46 75.91
C VAL R 473 89.62 13.17 74.82
N GLN R 474 89.39 12.52 73.68
CA GLN R 474 88.62 13.13 72.63
C GLN R 474 87.16 13.27 73.05
N PRO R 475 86.52 14.41 72.75
CA PRO R 475 85.07 14.49 72.91
C PRO R 475 84.36 13.42 72.09
N LYS R 476 83.31 12.84 72.66
CA LYS R 476 82.57 11.76 72.03
C LYS R 476 81.08 12.05 72.15
N ASN R 477 80.29 11.26 71.41
CA ASN R 477 78.86 11.52 71.29
C ASN R 477 77.99 10.61 72.15
N TRP R 478 78.51 9.49 72.62
CA TRP R 478 77.69 8.49 73.29
C TRP R 478 78.38 8.00 74.54
N LEU R 479 77.61 7.31 75.37
CA LEU R 479 78.06 6.76 76.65
C LEU R 479 77.77 5.26 76.71
N PRO R 480 78.57 4.51 77.46
CA PRO R 480 78.26 3.09 77.67
C PRO R 480 77.01 2.93 78.51
N GLY R 481 76.37 1.77 78.35
CA GLY R 481 75.13 1.48 79.02
C GLY R 481 75.20 1.53 80.53
N PRO R 482 74.06 1.36 81.19
CA PRO R 482 74.03 1.44 82.65
C PRO R 482 74.70 0.24 83.29
N CYS R 483 75.10 0.41 84.54
CA CYS R 483 75.81 -0.65 85.25
C CYS R 483 75.27 -0.77 86.67
N TYR R 484 75.45 -1.95 87.25
CA TYR R 484 75.16 -2.21 88.66
C TYR R 484 76.19 -3.23 89.13
N ARG R 485 77.26 -2.74 89.75
CA ARG R 485 78.47 -3.53 89.92
C ARG R 485 78.22 -4.81 90.71
N GLN R 486 78.86 -5.88 90.27
CA GLN R 486 78.82 -7.18 90.91
C GLN R 486 80.18 -7.49 91.53
N GLN R 487 80.20 -8.51 92.38
CA GLN R 487 81.44 -8.95 93.00
C GLN R 487 82.17 -9.91 92.06
N ARG R 488 83.50 -9.81 92.05
CA ARG R 488 84.32 -10.56 91.11
C ARG R 488 84.77 -11.85 91.76
N VAL R 489 84.40 -12.97 91.17
CA VAL R 489 84.78 -14.30 91.65
C VAL R 489 85.68 -14.95 90.61
N SER R 490 86.76 -15.55 91.07
CA SER R 490 87.69 -16.25 90.19
C SER R 490 87.28 -17.70 90.05
N LYS R 491 87.32 -18.21 88.81
CA LYS R 491 87.08 -19.63 88.57
C LYS R 491 88.16 -20.50 89.19
N THR R 492 89.32 -19.93 89.48
CA THR R 492 90.37 -20.60 90.24
C THR R 492 90.15 -20.27 91.71
N LYS R 493 89.74 -21.27 92.49
CA LYS R 493 89.23 -21.01 93.83
C LYS R 493 90.29 -20.48 94.80
N THR R 494 91.58 -20.68 94.51
CA THR R 494 92.61 -20.23 95.44
C THR R 494 92.74 -18.70 95.48
N ASP R 495 92.30 -18.00 94.43
CA ASP R 495 92.39 -16.55 94.41
C ASP R 495 91.19 -15.85 95.02
N ASN R 496 90.22 -16.60 95.52
CA ASN R 496 89.05 -16.02 96.15
C ASN R 496 89.28 -15.87 97.66
N ASN R 497 88.59 -14.89 98.24
CA ASN R 497 88.71 -14.64 99.66
C ASN R 497 88.21 -15.85 100.45
N ASN R 498 88.83 -16.10 101.60
CA ASN R 498 88.45 -17.22 102.45
C ASN R 498 87.27 -16.82 103.35
N SER R 499 86.10 -16.78 102.73
CA SER R 499 84.84 -16.54 103.41
C SER R 499 83.73 -16.96 102.47
N ASN R 500 82.50 -16.93 102.98
CA ASN R 500 81.38 -17.31 102.13
C ASN R 500 81.00 -16.18 101.19
N PHE R 501 80.53 -15.06 101.74
CA PHE R 501 80.31 -13.80 101.02
C PHE R 501 79.47 -13.95 99.75
N THR R 502 78.80 -15.09 99.57
CA THR R 502 77.85 -15.23 98.49
C THR R 502 76.53 -14.54 98.80
N TRP R 503 76.26 -14.25 100.05
CA TRP R 503 75.09 -13.46 100.41
C TRP R 503 75.47 -12.13 101.04
N THR R 504 76.50 -12.09 101.88
CA THR R 504 76.86 -10.82 102.51
C THR R 504 77.56 -9.87 101.55
N GLY R 505 78.26 -10.38 100.55
CA GLY R 505 79.01 -9.53 99.66
C GLY R 505 78.40 -9.42 98.27
N ALA R 506 77.11 -9.67 98.16
CA ALA R 506 76.46 -9.75 96.86
C ALA R 506 75.54 -8.55 96.61
N SER R 507 75.41 -8.21 95.33
CA SER R 507 74.50 -7.16 94.92
C SER R 507 73.07 -7.66 95.03
N LYS R 508 72.26 -6.98 95.85
CA LYS R 508 70.88 -7.41 96.05
C LYS R 508 70.01 -6.18 96.17
N TYR R 509 68.71 -6.38 95.98
CA TYR R 509 67.77 -5.28 96.07
C TYR R 509 66.78 -5.51 97.21
N ASN R 510 66.26 -4.41 97.72
CA ASN R 510 65.35 -4.40 98.85
C ASN R 510 63.94 -4.18 98.34
N LEU R 511 63.02 -5.07 98.71
CA LEU R 511 61.61 -4.95 98.30
C LEU R 511 60.72 -5.39 99.43
N ASN R 512 59.97 -4.44 100.00
CA ASN R 512 59.05 -4.71 101.10
C ASN R 512 59.77 -5.33 102.30
N GLY R 513 61.01 -4.92 102.52
CA GLY R 513 61.76 -5.34 103.67
C GLY R 513 62.56 -6.61 103.52
N ARG R 514 62.45 -7.31 102.41
CA ARG R 514 63.22 -8.52 102.20
C ARG R 514 64.09 -8.39 100.96
N GLU R 515 65.31 -8.89 101.07
CA GLU R 515 66.35 -8.71 100.07
C GLU R 515 66.31 -9.85 99.06
N SER R 516 66.67 -9.53 97.82
CA SER R 516 66.68 -10.50 96.74
C SER R 516 67.94 -10.26 95.92
N ILE R 517 68.68 -11.34 95.64
CA ILE R 517 69.86 -11.24 94.81
C ILE R 517 69.44 -10.78 93.41
N ILE R 518 70.25 -9.93 92.80
CA ILE R 518 69.90 -9.39 91.49
C ILE R 518 69.84 -10.52 90.46
N ASN R 519 70.98 -11.15 90.16
CA ASN R 519 71.02 -12.43 89.45
C ASN R 519 70.12 -12.52 88.21
N PRO R 520 70.55 -12.02 87.05
CA PRO R 520 71.86 -11.47 86.73
C PRO R 520 71.86 -9.96 86.54
N GLY R 521 70.68 -9.37 86.47
CA GLY R 521 70.58 -7.93 86.44
C GLY R 521 71.02 -7.35 85.10
N THR R 522 71.69 -6.21 85.18
CA THR R 522 72.07 -5.45 83.99
C THR R 522 72.96 -6.28 83.09
N ALA R 523 72.77 -6.11 81.78
CA ALA R 523 73.57 -6.82 80.78
C ALA R 523 74.94 -6.16 80.70
N MET R 524 75.94 -6.78 81.30
CA MET R 524 77.28 -6.25 81.33
C MET R 524 78.27 -7.34 80.93
N ALA R 525 79.45 -6.90 80.53
CA ALA R 525 80.52 -7.84 80.17
C ALA R 525 80.96 -8.63 81.40
N SER R 526 81.17 -9.93 81.22
CA SER R 526 81.57 -10.78 82.33
C SER R 526 82.94 -10.40 82.87
N HIS R 527 83.87 -10.06 82.00
CA HIS R 527 85.22 -9.75 82.41
C HIS R 527 85.84 -8.83 81.37
N LYS R 528 87.09 -8.45 81.60
CA LYS R 528 87.86 -7.66 80.65
C LYS R 528 88.61 -8.57 79.69
N ASP R 529 89.50 -7.98 78.91
CA ASP R 529 90.41 -8.77 78.08
C ASP R 529 91.44 -9.46 78.97
N ASP R 530 91.78 -10.70 78.60
CA ASP R 530 92.81 -11.48 79.29
C ASP R 530 92.44 -11.72 80.75
N GLU R 531 91.15 -11.82 81.04
CA GLU R 531 90.67 -12.00 82.40
C GLU R 531 89.53 -13.01 82.45
N ASP R 532 89.62 -14.04 81.61
CA ASP R 532 88.56 -15.04 81.53
C ASP R 532 88.39 -15.84 82.81
N LYS R 533 89.36 -15.79 83.72
CA LYS R 533 89.30 -16.52 84.98
C LYS R 533 88.31 -15.91 85.97
N PHE R 534 87.78 -14.73 85.70
CA PHE R 534 86.88 -14.03 86.59
C PHE R 534 85.48 -13.97 86.01
N PHE R 535 84.49 -14.09 86.87
CA PHE R 535 83.10 -13.88 86.50
C PHE R 535 82.39 -13.13 87.61
N PRO R 536 81.36 -12.34 87.28
CA PRO R 536 80.57 -11.70 88.33
C PRO R 536 79.83 -12.75 89.16
N MET R 537 79.70 -12.47 90.46
CA MET R 537 79.23 -13.50 91.38
C MET R 537 77.82 -13.95 91.03
N SER R 538 76.94 -13.03 90.66
CA SER R 538 75.59 -13.37 90.24
C SER R 538 75.22 -12.60 88.98
N GLY R 539 76.14 -12.53 88.04
CA GLY R 539 75.91 -11.75 86.83
C GLY R 539 75.88 -12.59 85.58
N VAL R 540 76.00 -13.89 85.72
CA VAL R 540 76.10 -14.79 84.59
C VAL R 540 75.04 -15.87 84.71
N MET R 541 74.57 -16.35 83.55
CA MET R 541 73.68 -17.49 83.51
C MET R 541 74.50 -18.78 83.62
N ILE R 542 74.17 -19.60 84.61
CA ILE R 542 74.90 -20.82 84.87
C ILE R 542 73.97 -21.99 84.60
N PHE R 543 74.34 -22.83 83.64
CA PHE R 543 73.60 -24.04 83.32
C PHE R 543 74.32 -25.23 83.93
N GLY R 544 73.55 -26.16 84.48
CA GLY R 544 74.11 -27.37 85.04
C GLY R 544 74.24 -28.45 83.97
N LYS R 545 75.36 -29.17 84.02
CA LYS R 545 75.49 -30.34 83.18
C LYS R 545 74.68 -31.49 83.76
N GLU R 546 74.46 -32.52 82.94
CA GLU R 546 73.87 -33.73 83.49
C GLU R 546 74.82 -34.33 84.51
N SER R 547 74.25 -34.96 85.53
CA SER R 547 74.99 -35.39 86.71
C SER R 547 75.51 -34.20 87.50
N ALA R 548 74.69 -33.16 87.63
CA ALA R 548 74.95 -32.06 88.54
C ALA R 548 73.91 -32.10 89.65
N GLY R 549 74.37 -32.02 90.89
CA GLY R 549 73.48 -32.07 92.02
C GLY R 549 72.61 -30.84 92.11
N ALA R 550 71.59 -30.93 92.96
CA ALA R 550 70.69 -29.80 93.16
C ALA R 550 71.33 -28.71 94.01
N SER R 551 72.15 -29.10 94.98
CA SER R 551 72.73 -28.16 95.93
C SER R 551 74.22 -28.39 96.07
N ASN R 552 74.99 -27.30 96.07
CA ASN R 552 76.43 -27.34 96.31
C ASN R 552 77.17 -28.28 95.37
N THR R 553 76.76 -28.25 94.10
CA THR R 553 77.50 -29.00 93.08
C THR R 553 78.79 -28.27 92.74
N ALA R 554 79.56 -28.86 91.82
CA ALA R 554 80.90 -28.36 91.56
C ALA R 554 80.97 -27.51 90.29
N LEU R 555 82.00 -26.67 90.26
CA LEU R 555 82.31 -25.89 89.07
C LEU R 555 82.49 -26.79 87.86
N ASP R 556 82.96 -28.01 88.08
CA ASP R 556 83.09 -28.98 87.00
C ASP R 556 81.72 -29.44 86.51
N ASN R 557 80.71 -29.38 87.38
CA ASN R 557 79.38 -29.84 87.01
C ASN R 557 78.50 -28.72 86.47
N VAL R 558 78.92 -27.47 86.58
CA VAL R 558 78.15 -26.36 86.01
C VAL R 558 78.88 -25.78 84.81
N MET R 559 78.10 -25.14 83.93
CA MET R 559 78.62 -24.40 82.77
C MET R 559 78.30 -22.92 82.95
N ILE R 560 79.34 -22.12 83.10
CA ILE R 560 79.18 -20.68 83.28
C ILE R 560 79.25 -20.00 81.92
N THR R 561 78.25 -19.17 81.62
CA THR R 561 78.25 -18.45 80.36
C THR R 561 79.20 -17.26 80.41
N ASP R 562 79.44 -16.68 79.25
CA ASP R 562 80.31 -15.52 79.11
C ASP R 562 79.60 -14.49 78.25
N GLU R 563 79.74 -13.22 78.62
CA GLU R 563 79.18 -12.10 77.88
C GLU R 563 80.30 -11.24 77.30
N GLU R 564 81.30 -11.90 76.71
CA GLU R 564 82.50 -11.20 76.29
C GLU R 564 82.27 -10.37 75.03
N GLU R 565 81.19 -10.64 74.31
CA GLU R 565 80.97 -9.98 73.03
C GLU R 565 80.42 -8.57 73.17
N ILE R 566 79.90 -8.21 74.33
CA ILE R 566 79.27 -6.92 74.51
C ILE R 566 80.17 -5.95 75.27
N LYS R 567 81.48 -6.23 75.30
CA LYS R 567 82.43 -5.27 75.83
C LYS R 567 82.50 -4.00 75.00
N ALA R 568 82.03 -4.03 73.75
CA ALA R 568 82.12 -2.88 72.87
C ALA R 568 81.23 -1.75 73.33
N THR R 569 80.11 -2.06 74.00
CA THR R 569 79.15 -1.04 74.41
C THR R 569 78.76 -1.10 75.87
N ASN R 570 78.99 -2.20 76.57
CA ASN R 570 78.53 -2.37 77.92
C ASN R 570 79.69 -2.34 78.91
N PRO R 571 79.49 -1.78 80.10
CA PRO R 571 80.55 -1.83 81.11
C PRO R 571 80.78 -3.25 81.59
N VAL R 572 82.00 -3.49 82.07
CA VAL R 572 82.32 -4.79 82.66
C VAL R 572 81.60 -4.93 84.00
N ALA R 573 81.00 -6.10 84.22
CA ALA R 573 80.10 -6.30 85.34
C ALA R 573 80.76 -6.12 86.69
N THR R 574 82.05 -6.39 86.80
CA THR R 574 82.74 -6.39 88.08
C THR R 574 83.50 -5.10 88.36
N GLU R 575 83.41 -4.11 87.49
CA GLU R 575 84.12 -2.85 87.66
C GLU R 575 83.17 -1.67 87.61
N ARG R 576 83.67 -0.54 88.10
CA ARG R 576 82.85 0.66 88.21
C ARG R 576 82.47 1.17 86.83
N PHE R 577 81.36 1.91 86.78
CA PHE R 577 81.01 2.61 85.54
C PHE R 577 82.07 3.65 85.21
N GLY R 578 82.56 4.35 86.23
CA GLY R 578 83.55 5.38 86.02
C GLY R 578 83.74 6.19 87.29
N THR R 579 84.37 7.34 87.13
CA THR R 579 84.58 8.26 88.23
C THR R 579 83.78 9.54 88.01
N VAL R 580 83.53 10.24 89.10
CA VAL R 580 82.75 11.47 89.08
C VAL R 580 83.41 12.45 90.04
N ALA R 581 83.36 13.73 89.69
CA ALA R 581 83.85 14.76 90.60
C ALA R 581 82.93 14.86 91.80
N VAL R 582 83.52 15.07 92.98
CA VAL R 582 82.75 15.09 94.22
C VAL R 582 82.97 16.34 95.04
N ASN R 583 83.74 17.30 94.56
CA ASN R 583 84.00 18.52 95.32
C ASN R 583 84.31 19.65 94.35
N PHE R 584 84.68 20.80 94.91
CA PHE R 584 85.16 21.94 94.12
C PHE R 584 86.65 22.09 94.38
N GLN R 585 87.45 22.02 93.32
CA GLN R 585 88.87 22.30 93.44
C GLN R 585 89.10 23.80 93.53
N SER R 586 90.08 24.19 94.32
CA SER R 586 90.40 25.60 94.49
C SER R 586 91.84 25.73 94.95
N SER R 587 92.37 26.93 94.82
CA SER R 587 93.71 27.25 95.30
C SER R 587 93.63 27.95 96.65
N SER R 588 94.77 27.96 97.35
CA SER R 588 94.85 28.64 98.63
C SER R 588 94.76 30.14 98.46
N THR R 589 94.16 30.80 99.44
CA THR R 589 94.02 32.25 99.42
C THR R 589 94.29 32.86 100.78
N VAL R 592 91.03 32.66 102.00
CA VAL R 592 90.68 31.32 102.39
C VAL R 592 91.89 30.40 102.21
N PRO R 593 92.77 30.38 103.21
CA PRO R 593 94.01 29.60 103.07
C PRO R 593 93.82 28.11 103.32
N PHE R 594 92.75 27.55 102.74
CA PHE R 594 92.48 26.12 102.82
C PHE R 594 92.35 25.60 101.39
N LYS R 595 93.49 25.22 100.81
CA LYS R 595 93.53 24.68 99.46
C LYS R 595 92.71 23.39 99.38
N THR R 596 91.92 23.25 98.31
CA THR R 596 91.09 22.07 98.11
C THR R 596 91.56 21.35 96.86
N ASP R 597 92.11 20.16 97.04
CA ASP R 597 92.47 19.34 95.90
C ASP R 597 91.22 18.77 95.26
N PRO R 598 91.21 18.61 93.94
CA PRO R 598 90.08 17.95 93.29
C PRO R 598 89.97 16.50 93.74
N ALA R 599 88.72 16.04 93.86
CA ALA R 599 88.44 14.71 94.37
C ALA R 599 87.43 14.02 93.48
N THR R 600 87.67 12.75 93.20
CA THR R 600 86.77 11.93 92.40
C THR R 600 86.34 10.72 93.23
N GLY R 601 85.17 10.20 92.89
CA GLY R 601 84.66 9.00 93.50
C GLY R 601 84.20 8.03 92.45
N ASP R 602 84.32 6.74 92.77
CA ASP R 602 83.93 5.69 91.85
C ASP R 602 82.41 5.58 91.79
N VAL R 603 81.90 5.39 90.59
CA VAL R 603 80.46 5.25 90.35
C VAL R 603 80.19 3.76 90.12
N HIS R 604 79.54 3.13 91.10
CA HIS R 604 79.35 1.68 91.08
C HIS R 604 78.01 1.27 90.48
N ALA R 605 76.97 2.07 90.70
CA ALA R 605 75.67 1.85 90.09
C ALA R 605 75.28 3.11 89.34
N MET R 606 75.06 2.98 88.04
CA MET R 606 74.72 4.11 87.18
C MET R 606 73.41 3.80 86.47
N GLY R 607 72.42 4.66 86.66
CA GLY R 607 71.18 4.55 85.93
C GLY R 607 71.30 5.13 84.55
N ALA R 608 70.20 5.08 83.81
CA ALA R 608 70.21 5.49 82.42
C ALA R 608 70.42 7.00 82.30
N LEU R 609 71.43 7.38 81.54
CA LEU R 609 71.71 8.75 81.14
C LEU R 609 71.41 8.91 79.66
N PRO R 610 70.93 10.07 79.22
CA PRO R 610 70.75 10.29 77.79
C PRO R 610 72.08 10.19 77.05
N GLY R 611 72.04 9.58 75.88
CA GLY R 611 73.24 9.26 75.14
C GLY R 611 73.79 7.88 75.40
N MET R 612 73.23 7.16 76.36
CA MET R 612 73.69 5.81 76.66
C MET R 612 73.24 4.83 75.59
N VAL R 613 74.11 3.89 75.24
CA VAL R 613 73.80 2.81 74.33
C VAL R 613 74.31 1.50 74.94
N TRP R 614 73.57 0.43 74.72
CA TRP R 614 73.93 -0.85 75.31
C TRP R 614 73.38 -1.98 74.47
N GLN R 615 73.90 -3.18 74.72
CA GLN R 615 73.36 -4.41 74.19
C GLN R 615 72.67 -5.20 75.29
N ASP R 616 71.68 -5.99 74.90
CA ASP R 616 70.98 -6.84 75.84
C ASP R 616 71.76 -8.13 76.06
N ARG R 617 71.29 -8.94 77.00
CA ARG R 617 71.92 -10.22 77.26
C ARG R 617 71.71 -11.17 76.08
N ASP R 618 72.65 -12.07 75.89
CA ASP R 618 72.56 -13.06 74.83
C ASP R 618 71.55 -14.14 75.20
N VAL R 619 71.01 -14.78 74.18
CA VAL R 619 70.17 -15.95 74.36
C VAL R 619 71.02 -17.19 74.05
N TYR R 620 70.65 -18.31 74.65
CA TYR R 620 71.40 -19.54 74.52
C TYR R 620 70.45 -20.65 74.10
N LEU R 621 71.02 -21.72 73.52
CA LEU R 621 70.20 -22.84 73.11
C LEU R 621 69.50 -23.47 74.30
N GLN R 622 70.12 -23.45 75.48
CA GLN R 622 69.53 -23.98 76.70
C GLN R 622 68.74 -22.95 77.48
N GLY R 623 68.64 -21.72 77.00
CA GLY R 623 68.06 -20.65 77.78
C GLY R 623 66.63 -20.34 77.42
N PRO R 624 66.00 -19.44 78.17
CA PRO R 624 64.61 -19.08 77.91
C PRO R 624 64.44 -18.27 76.63
N ILE R 625 63.25 -18.35 76.06
CA ILE R 625 62.90 -17.63 74.86
C ILE R 625 62.25 -16.29 75.17
N TRP R 626 61.21 -16.29 76.00
CA TRP R 626 60.42 -15.10 76.25
C TRP R 626 60.15 -14.95 77.74
N ALA R 627 59.54 -13.82 78.06
CA ALA R 627 59.05 -13.56 79.42
C ALA R 627 57.89 -12.59 79.31
N LYS R 628 56.89 -12.77 80.16
CA LYS R 628 55.80 -11.81 80.25
C LYS R 628 56.27 -10.53 80.91
N ILE R 629 56.03 -9.40 80.26
CA ILE R 629 56.32 -8.11 80.88
C ILE R 629 55.26 -7.81 81.93
N PRO R 630 55.65 -7.49 83.16
CA PRO R 630 54.65 -7.24 84.20
C PRO R 630 53.72 -6.10 83.82
N HIS R 631 52.45 -6.26 84.15
CA HIS R 631 51.43 -5.24 83.85
C HIS R 631 51.53 -4.15 84.90
N THR R 632 52.41 -3.20 84.65
CA THR R 632 52.67 -2.09 85.54
C THR R 632 52.46 -0.77 84.80
N ASP R 633 52.43 0.32 85.57
CA ASP R 633 52.30 1.65 84.98
C ASP R 633 53.52 2.00 84.14
N GLY R 634 54.72 1.70 84.64
CA GLY R 634 55.92 2.04 83.93
C GLY R 634 56.89 0.87 83.92
N HIS R 635 57.69 0.85 82.86
CA HIS R 635 58.81 -0.08 82.74
C HIS R 635 59.81 0.52 81.77
N PHE R 636 61.09 0.32 82.06
CA PHE R 636 62.15 0.88 81.25
C PHE R 636 62.83 -0.26 80.49
N HIS R 637 62.77 -0.21 79.16
CA HIS R 637 63.39 -1.19 78.28
C HIS R 637 63.00 -2.60 78.68
N PRO R 638 61.76 -3.00 78.47
CA PRO R 638 61.24 -4.25 79.06
C PRO R 638 61.77 -5.50 78.37
N SER R 639 63.08 -5.64 78.36
CA SER R 639 63.75 -6.84 77.89
C SER R 639 64.13 -7.68 79.09
N PRO R 640 63.76 -8.97 79.12
CA PRO R 640 64.01 -9.78 80.32
C PRO R 640 65.49 -9.85 80.65
N LEU R 641 65.79 -9.86 81.94
CA LEU R 641 67.18 -9.80 82.36
C LEU R 641 67.88 -11.14 82.19
N MET R 642 67.13 -12.24 82.13
CA MET R 642 67.73 -13.52 81.77
C MET R 642 68.01 -13.63 80.29
N GLY R 643 67.48 -12.75 79.48
CA GLY R 643 67.64 -12.81 78.04
C GLY R 643 66.38 -13.30 77.37
N GLY R 644 66.17 -12.83 76.16
CA GLY R 644 64.99 -13.23 75.41
C GLY R 644 64.10 -12.08 75.01
N PHE R 645 62.86 -12.39 74.68
CA PHE R 645 61.89 -11.42 74.21
C PHE R 645 60.91 -11.14 75.33
N GLY R 646 60.75 -9.87 75.68
CA GLY R 646 59.71 -9.48 76.60
C GLY R 646 58.44 -9.23 75.85
N LEU R 647 57.37 -9.94 76.21
CA LEU R 647 56.09 -9.84 75.52
C LEU R 647 55.04 -9.37 76.49
N LYS R 648 54.24 -8.38 76.09
CA LYS R 648 53.10 -7.98 76.90
C LYS R 648 52.04 -9.07 76.94
N ASN R 649 51.76 -9.68 75.80
CA ASN R 649 50.89 -10.84 75.70
C ASN R 649 51.75 -12.01 75.25
N PRO R 650 52.39 -12.73 76.17
CA PRO R 650 53.22 -13.85 75.77
C PRO R 650 52.38 -15.03 75.35
N PRO R 651 52.99 -16.12 74.88
CA PRO R 651 52.23 -17.35 74.67
C PRO R 651 51.55 -17.78 75.94
N PRO R 652 50.24 -18.02 75.89
CA PRO R 652 49.51 -18.32 77.13
C PRO R 652 49.86 -19.70 77.68
N GLN R 653 49.58 -19.86 78.97
CA GLN R 653 49.81 -21.12 79.64
C GLN R 653 48.75 -22.13 79.23
N ILE R 654 49.19 -23.32 78.87
CA ILE R 654 48.30 -24.45 78.61
C ILE R 654 48.31 -25.32 79.85
N LEU R 655 47.14 -25.46 80.46
CA LEU R 655 46.99 -26.18 81.72
C LEU R 655 46.18 -27.43 81.48
N ILE R 656 46.64 -28.53 82.06
CA ILE R 656 46.10 -29.85 81.78
C ILE R 656 46.01 -30.62 83.10
N LYS R 657 44.93 -31.37 83.27
CA LYS R 657 44.87 -32.25 84.41
C LYS R 657 43.98 -33.44 84.09
N ASN R 658 44.14 -34.51 84.86
CA ASN R 658 43.27 -35.67 84.72
C ASN R 658 41.97 -35.40 85.46
N THR R 659 40.85 -35.65 84.80
CA THR R 659 39.58 -35.52 85.49
C THR R 659 39.47 -36.57 86.58
N PRO R 660 39.15 -36.21 87.82
CA PRO R 660 39.06 -37.20 88.88
C PRO R 660 37.96 -38.22 88.60
N VAL R 661 38.28 -39.49 88.87
CA VAL R 661 37.32 -40.58 88.77
C VAL R 661 37.11 -41.13 90.17
N PRO R 662 35.96 -40.91 90.79
CA PRO R 662 35.75 -41.40 92.16
C PRO R 662 35.72 -42.92 92.22
N ALA R 663 36.13 -43.44 93.37
CA ALA R 663 36.02 -44.86 93.64
C ALA R 663 34.59 -45.18 94.06
N ASN R 664 34.39 -46.38 94.58
CA ASN R 664 33.05 -46.86 94.91
C ASN R 664 32.44 -46.00 96.02
N PRO R 665 31.30 -45.35 95.79
CA PRO R 665 30.68 -44.54 96.84
C PRO R 665 29.97 -45.43 97.86
N PRO R 666 29.67 -44.90 99.03
CA PRO R 666 28.94 -45.69 100.03
C PRO R 666 27.50 -45.94 99.60
N ALA R 667 26.89 -46.96 100.21
CA ALA R 667 25.49 -47.28 99.91
C ALA R 667 24.55 -46.19 100.37
N GLU R 668 24.81 -45.60 101.53
CA GLU R 668 24.05 -44.48 102.05
C GLU R 668 24.71 -43.16 101.67
N PHE R 669 23.89 -42.12 101.53
CA PHE R 669 24.37 -40.82 101.10
C PHE R 669 25.21 -40.16 102.19
N SER R 670 26.30 -39.53 101.78
CA SER R 670 27.15 -38.74 102.66
C SER R 670 27.49 -37.44 101.97
N ALA R 671 27.28 -36.32 102.66
CA ALA R 671 27.58 -35.02 102.08
C ALA R 671 29.05 -34.66 102.16
N THR R 672 29.84 -35.43 102.91
CA THR R 672 31.28 -35.21 102.93
C THR R 672 31.85 -35.39 101.53
N LYS R 673 32.71 -34.46 101.13
CA LYS R 673 33.24 -34.50 99.78
C LYS R 673 34.09 -35.75 99.56
N PHE R 674 34.12 -36.21 98.32
CA PHE R 674 34.81 -37.43 97.99
C PHE R 674 36.31 -37.29 98.24
N ALA R 675 36.90 -38.31 98.84
CA ALA R 675 38.34 -38.37 99.06
C ALA R 675 38.95 -39.62 98.48
N SER R 676 38.16 -40.59 98.08
CA SER R 676 38.63 -41.85 97.51
C SER R 676 38.46 -41.77 96.00
N PHE R 677 39.58 -41.82 95.28
CA PHE R 677 39.58 -41.70 93.84
C PHE R 677 40.31 -42.88 93.22
N ILE R 678 39.94 -43.18 91.99
CA ILE R 678 40.63 -44.19 91.20
C ILE R 678 41.95 -43.60 90.74
N THR R 679 43.04 -44.27 91.04
CA THR R 679 44.37 -43.75 90.77
C THR R 679 44.68 -43.90 89.29
N GLN R 680 45.00 -42.78 88.63
CA GLN R 680 45.27 -42.86 87.21
C GLN R 680 46.19 -41.73 86.79
N TYR R 681 46.81 -41.92 85.63
CA TYR R 681 47.64 -40.91 84.99
C TYR R 681 47.28 -40.88 83.53
N SER R 682 47.92 -39.99 82.78
CA SER R 682 47.69 -39.93 81.35
C SER R 682 49.01 -39.73 80.62
N THR R 683 49.02 -40.12 79.36
CA THR R 683 50.18 -39.96 78.50
C THR R 683 49.69 -39.48 77.15
N GLY R 684 50.60 -38.90 76.38
CA GLY R 684 50.21 -38.43 75.07
C GLY R 684 51.35 -37.78 74.35
N GLN R 685 51.02 -37.16 73.23
CA GLN R 685 51.99 -36.46 72.39
C GLN R 685 51.61 -34.98 72.31
N VAL R 686 52.64 -34.15 72.31
CA VAL R 686 52.47 -32.70 72.21
C VAL R 686 53.34 -32.19 71.07
N SER R 687 52.78 -31.35 70.23
CA SER R 687 53.48 -30.73 69.11
C SER R 687 53.47 -29.23 69.28
N VAL R 688 54.62 -28.60 69.09
CA VAL R 688 54.74 -27.15 69.06
C VAL R 688 55.46 -26.77 67.77
N GLU R 689 54.86 -25.87 67.00
CA GLU R 689 55.44 -25.37 65.77
C GLU R 689 55.57 -23.86 65.88
N ILE R 690 56.79 -23.34 65.77
CA ILE R 690 57.04 -21.91 65.81
C ILE R 690 57.63 -21.47 64.48
N GLU R 691 57.02 -20.46 63.88
CA GLU R 691 57.61 -19.71 62.78
C GLU R 691 58.40 -18.55 63.35
N TRP R 692 59.66 -18.43 62.91
CA TRP R 692 60.57 -17.38 63.29
C TRP R 692 60.96 -16.57 62.07
N GLU R 693 60.97 -15.25 62.20
CA GLU R 693 61.48 -14.35 61.19
C GLU R 693 62.97 -14.12 61.40
N LEU R 694 63.72 -14.20 60.30
CA LEU R 694 65.16 -14.03 60.30
C LEU R 694 65.53 -12.67 59.76
N GLN R 695 66.68 -12.17 60.20
CA GLN R 695 67.25 -10.93 59.72
C GLN R 695 68.65 -11.28 59.26
N LYS R 696 68.81 -11.34 57.94
CA LYS R 696 70.03 -11.82 57.31
C LYS R 696 71.16 -10.80 57.45
N GLU R 697 72.38 -11.32 57.50
CA GLU R 697 73.55 -10.47 57.45
C GLU R 697 73.65 -9.82 56.08
N ASN R 698 74.14 -8.58 56.05
CA ASN R 698 74.41 -7.86 54.81
C ASN R 698 75.81 -7.26 54.84
N SER R 699 76.77 -8.02 55.36
CA SER R 699 78.06 -7.48 55.73
C SER R 699 78.95 -7.30 54.49
N LYS R 700 79.80 -6.27 54.56
CA LYS R 700 80.82 -6.03 53.55
C LYS R 700 82.20 -6.35 54.09
N ARG R 701 82.28 -7.04 55.21
CA ARG R 701 83.55 -7.42 55.81
C ARG R 701 84.34 -8.33 54.88
N TRP R 702 85.65 -8.10 54.81
CA TRP R 702 86.49 -8.84 53.88
C TRP R 702 87.01 -10.14 54.46
N ASN R 703 87.59 -10.08 55.66
CA ASN R 703 88.15 -11.27 56.27
C ASN R 703 87.04 -12.19 56.77
N PRO R 704 87.33 -13.48 56.94
CA PRO R 704 86.30 -14.41 57.39
C PRO R 704 85.84 -14.13 58.81
N GLU R 705 84.58 -14.47 59.07
CA GLU R 705 83.96 -14.26 60.36
C GLU R 705 84.27 -15.40 61.32
N VAL R 706 84.05 -15.14 62.60
CA VAL R 706 84.08 -16.18 63.62
C VAL R 706 82.75 -16.94 63.56
N GLN R 707 82.83 -18.26 63.50
CA GLN R 707 81.66 -19.10 63.43
C GLN R 707 81.69 -20.09 64.59
N TYR R 708 80.51 -20.53 65.01
CA TYR R 708 80.44 -21.65 65.93
C TYR R 708 80.70 -22.94 65.16
N THR R 709 81.64 -23.73 65.63
CA THR R 709 82.03 -24.94 64.92
C THR R 709 82.19 -26.09 65.89
N SER R 710 81.98 -27.30 65.38
CA SER R 710 82.40 -28.50 66.08
C SER R 710 83.92 -28.63 66.04
N ASN R 711 84.48 -29.20 67.08
CA ASN R 711 85.90 -29.45 67.11
C ASN R 711 86.19 -30.72 66.31
N TYR R 712 87.14 -30.64 65.39
CA TYR R 712 87.61 -31.79 64.63
C TYR R 712 88.75 -32.40 65.43
N ALA R 713 88.52 -33.59 65.99
CA ALA R 713 89.54 -34.29 66.74
C ALA R 713 88.96 -35.63 67.16
N LYS R 714 89.83 -36.62 67.29
CA LYS R 714 89.38 -37.89 67.82
C LYS R 714 88.94 -37.69 69.27
N SER R 715 87.67 -38.00 69.54
CA SER R 715 87.09 -37.86 70.86
C SER R 715 86.31 -39.12 71.18
N ALA R 716 86.23 -39.43 72.48
CA ALA R 716 85.50 -40.62 72.89
C ALA R 716 84.03 -40.53 72.53
N ASN R 717 83.47 -39.32 72.53
CA ASN R 717 82.07 -39.09 72.20
C ASN R 717 81.96 -37.96 71.19
N VAL R 718 80.80 -37.85 70.57
CA VAL R 718 80.45 -36.72 69.74
C VAL R 718 79.65 -35.74 70.58
N ASP R 719 79.91 -34.45 70.39
CA ASP R 719 79.19 -33.42 71.15
C ASP R 719 77.73 -33.39 70.75
N PHE R 720 76.88 -33.12 71.74
CA PHE R 720 75.43 -33.02 71.54
C PHE R 720 74.86 -34.33 71.01
N THR R 721 75.28 -35.44 71.61
CA THR R 721 74.77 -36.75 71.25
C THR R 721 74.45 -37.55 72.50
N VAL R 722 74.15 -38.82 72.32
CA VAL R 722 73.93 -39.73 73.44
C VAL R 722 75.21 -40.48 73.71
N ASP R 723 75.35 -41.00 74.93
CA ASP R 723 76.48 -41.84 75.26
C ASP R 723 76.08 -43.31 75.10
N ASN R 724 76.94 -44.22 75.56
CA ASN R 724 76.62 -45.64 75.47
C ASN R 724 75.47 -46.04 76.40
N ASN R 725 75.12 -45.21 77.38
CA ASN R 725 73.98 -45.47 78.24
C ASN R 725 72.70 -44.87 77.74
N GLY R 726 72.74 -44.09 76.67
CA GLY R 726 71.55 -43.48 76.12
C GLY R 726 71.22 -42.11 76.67
N LEU R 727 72.15 -41.45 77.33
CA LEU R 727 71.88 -40.17 77.97
C LEU R 727 72.34 -39.03 77.07
N TYR R 728 71.39 -38.20 76.66
CA TYR R 728 71.69 -37.03 75.85
C TYR R 728 72.30 -35.95 76.73
N THR R 729 73.41 -35.38 76.28
CA THR R 729 74.11 -34.34 77.02
C THR R 729 74.46 -33.19 76.07
N GLU R 730 74.50 -31.99 76.63
CA GLU R 730 74.95 -30.80 75.92
C GLU R 730 76.27 -30.34 76.52
N PRO R 731 77.39 -30.46 75.82
CA PRO R 731 78.70 -30.16 76.43
C PRO R 731 78.89 -28.72 76.88
N ARG R 732 78.31 -27.77 76.18
CA ARG R 732 78.58 -26.36 76.44
C ARG R 732 77.35 -25.55 76.10
N PRO R 733 77.20 -24.35 76.68
CA PRO R 733 76.14 -23.44 76.24
C PRO R 733 76.60 -22.66 75.01
N ILE R 734 75.72 -22.57 74.02
CA ILE R 734 76.01 -21.87 72.77
C ILE R 734 75.19 -20.59 72.73
N GLY R 735 75.88 -19.46 72.57
CA GLY R 735 75.21 -18.19 72.38
C GLY R 735 74.86 -17.95 70.93
N THR R 736 74.65 -16.67 70.60
CA THR R 736 74.23 -16.28 69.26
C THR R 736 75.21 -15.35 68.56
N ARG R 737 76.05 -14.64 69.30
CA ARG R 737 76.81 -13.53 68.76
C ARG R 737 78.10 -14.03 68.15
N TYR R 738 78.07 -14.39 66.87
CA TYR R 738 79.26 -14.85 66.17
C TYR R 738 79.58 -13.95 64.99
N LEU R 739 78.58 -13.66 64.16
CA LEU R 739 78.74 -12.67 63.12
C LEU R 739 78.97 -11.30 63.75
N THR R 740 79.52 -10.37 62.98
CA THR R 740 79.78 -9.03 63.48
C THR R 740 79.15 -7.99 62.57
N ARG R 741 78.99 -6.79 63.10
CA ARG R 741 78.56 -5.64 62.32
C ARG R 741 79.17 -4.40 62.92
N PRO R 742 79.35 -3.35 62.13
CA PRO R 742 79.95 -2.12 62.67
C PRO R 742 79.01 -1.42 63.65
N LEU R 743 79.60 -0.77 64.63
CA LEU R 743 78.84 -0.15 65.71
C LEU R 743 78.15 1.13 65.24
N ASP S 219 27.98 -40.91 71.38
CA ASP S 219 28.86 -40.55 70.28
C ASP S 219 30.13 -41.41 70.26
N GLY S 220 30.21 -42.38 71.16
CA GLY S 220 31.29 -43.35 71.16
C GLY S 220 31.95 -43.44 72.53
N VAL S 221 32.73 -44.52 72.66
CA VAL S 221 33.48 -44.75 73.90
C VAL S 221 34.63 -43.76 74.04
N GLY S 222 35.33 -43.46 72.95
CA GLY S 222 36.54 -42.66 73.03
C GLY S 222 36.36 -41.20 72.68
N ASN S 223 35.12 -40.72 72.71
CA ASN S 223 34.80 -39.35 72.38
C ASN S 223 34.05 -38.73 73.54
N ALA S 224 34.54 -37.60 74.04
CA ALA S 224 33.89 -36.92 75.15
C ALA S 224 32.59 -36.29 74.69
N SER S 225 31.55 -36.39 75.51
CA SER S 225 30.23 -35.87 75.16
C SER S 225 29.97 -34.48 75.70
N GLY S 226 30.97 -33.84 76.32
CA GLY S 226 30.79 -32.48 76.76
C GLY S 226 32.10 -31.93 77.27
N ASN S 227 32.11 -30.62 77.48
CA ASN S 227 33.27 -29.90 77.96
C ASN S 227 32.98 -29.28 79.31
N TRP S 228 34.05 -28.85 79.98
CA TRP S 228 33.93 -28.20 81.27
C TRP S 228 33.56 -26.74 81.05
N HIS S 229 32.37 -26.35 81.45
CA HIS S 229 31.87 -24.98 81.31
C HIS S 229 31.61 -24.42 82.71
N CYS S 230 32.60 -23.77 83.28
CA CYS S 230 32.48 -23.12 84.58
C CYS S 230 32.98 -21.70 84.44
N ASP S 231 32.07 -20.74 84.47
CA ASP S 231 32.38 -19.38 84.10
C ASP S 231 31.32 -18.45 84.69
N SER S 232 31.50 -17.16 84.48
CA SER S 232 30.50 -16.16 84.86
C SER S 232 30.68 -14.96 83.94
N THR S 233 29.66 -14.63 83.17
CA THR S 233 29.70 -13.54 82.21
C THR S 233 28.75 -12.44 82.68
N TRP S 234 29.27 -11.23 82.78
CA TRP S 234 28.50 -10.10 83.24
C TRP S 234 28.19 -9.20 82.04
N LEU S 235 26.93 -9.15 81.66
CA LEU S 235 26.47 -8.22 80.64
C LEU S 235 25.95 -6.97 81.35
N GLY S 236 25.28 -6.08 80.62
CA GLY S 236 24.82 -4.86 81.23
C GLY S 236 23.79 -5.09 82.32
N ASP S 237 22.75 -5.85 82.01
CA ASP S 237 21.67 -6.10 82.97
C ASP S 237 21.47 -7.58 83.25
N ARG S 238 22.29 -8.46 82.70
CA ARG S 238 22.22 -9.88 82.95
C ARG S 238 23.55 -10.35 83.50
N VAL S 239 23.51 -11.46 84.22
CA VAL S 239 24.71 -12.22 84.54
C VAL S 239 24.41 -13.69 84.27
N ILE S 240 25.30 -14.36 83.55
CA ILE S 240 25.14 -15.77 83.25
C ILE S 240 26.21 -16.54 84.01
N THR S 241 25.77 -17.42 84.90
CA THR S 241 26.67 -18.24 85.71
C THR S 241 26.60 -19.67 85.22
N THR S 242 27.75 -20.26 84.92
CA THR S 242 27.87 -21.65 84.52
C THR S 242 28.71 -22.40 85.54
N SER S 243 28.28 -23.61 85.89
CA SER S 243 28.97 -24.42 86.88
C SER S 243 29.01 -25.86 86.40
N THR S 244 30.20 -26.44 86.35
CA THR S 244 30.38 -27.86 86.08
C THR S 244 30.95 -28.52 87.32
N ARG S 245 30.42 -29.70 87.64
CA ARG S 245 30.87 -30.49 88.77
C ARG S 245 30.97 -31.94 88.37
N THR S 246 31.76 -32.70 89.13
CA THR S 246 31.89 -34.13 88.95
C THR S 246 31.08 -34.83 90.02
N TRP S 247 30.19 -35.72 89.59
CA TRP S 247 29.29 -36.43 90.48
C TRP S 247 29.57 -37.93 90.45
N ALA S 248 29.27 -38.57 91.57
CA ALA S 248 29.26 -40.02 91.72
C ALA S 248 27.88 -40.46 92.20
N LEU S 249 27.29 -41.41 91.50
CA LEU S 249 25.98 -41.95 91.81
C LEU S 249 26.11 -43.42 92.15
N PRO S 250 25.80 -43.83 93.37
CA PRO S 250 25.84 -45.26 93.71
C PRO S 250 24.53 -45.96 93.39
N THR S 251 24.43 -47.24 93.73
CA THR S 251 23.17 -47.95 93.70
C THR S 251 22.52 -47.82 95.07
N TYR S 252 21.28 -47.35 95.09
CA TYR S 252 20.56 -47.12 96.33
C TYR S 252 19.54 -48.22 96.53
N ASN S 253 19.48 -48.76 97.75
CA ASN S 253 18.47 -49.73 98.19
C ASN S 253 18.59 -51.07 97.49
N ASN S 254 19.70 -51.35 96.80
CA ASN S 254 19.81 -52.52 95.94
C ASN S 254 18.70 -52.53 94.88
N HIS S 255 18.46 -51.38 94.28
CA HIS S 255 17.48 -51.21 93.20
C HIS S 255 16.05 -51.47 93.68
N LEU S 256 15.80 -51.26 94.97
CA LEU S 256 14.50 -51.57 95.55
C LEU S 256 13.80 -50.30 95.99
N TYR S 257 12.47 -50.34 95.93
CA TYR S 257 11.62 -49.34 96.56
C TYR S 257 11.26 -49.87 97.94
N LYS S 258 11.53 -49.08 98.96
CA LYS S 258 11.28 -49.50 100.33
C LYS S 258 10.32 -48.54 101.00
N GLN S 259 9.42 -49.10 101.81
CA GLN S 259 8.49 -48.30 102.60
C GLN S 259 9.14 -47.97 103.93
N ILE S 260 9.19 -46.69 104.26
CA ILE S 260 9.84 -46.23 105.48
C ILE S 260 8.80 -45.53 106.35
N SER S 261 8.96 -45.68 107.65
CA SER S 261 8.08 -45.02 108.62
C SER S 261 8.83 -44.87 109.92
N SER S 262 8.13 -44.41 110.95
CA SER S 262 8.72 -44.18 112.26
C SER S 262 8.38 -45.28 113.26
N ALA S 263 7.75 -46.37 112.80
CA ALA S 263 7.29 -47.41 113.71
C ALA S 263 8.46 -48.07 114.44
N SER S 264 9.52 -48.42 113.71
CA SER S 264 10.69 -48.98 114.36
C SER S 264 11.47 -47.92 115.12
N THR S 265 11.44 -46.68 114.65
CA THR S 265 12.15 -45.61 115.34
C THR S 265 11.60 -45.38 116.73
N GLY S 266 10.28 -45.50 116.89
CA GLY S 266 9.68 -45.20 118.19
C GLY S 266 9.75 -43.74 118.56
N ALA S 267 9.46 -42.86 117.61
CA ALA S 267 9.56 -41.42 117.82
C ALA S 267 8.34 -40.89 118.57
N SER S 268 8.37 -39.61 118.88
CA SER S 268 7.24 -38.95 119.49
C SER S 268 6.14 -38.71 118.44
N ASN S 269 4.96 -38.33 118.92
CA ASN S 269 3.84 -38.11 118.01
C ASN S 269 4.13 -37.00 117.01
N ASP S 270 4.98 -36.04 117.38
CA ASP S 270 5.32 -34.94 116.49
C ASP S 270 6.26 -35.36 115.37
N ASN S 271 7.00 -36.45 115.55
CA ASN S 271 8.03 -36.87 114.61
C ASN S 271 7.62 -38.09 113.80
N HIS S 272 6.37 -38.50 113.88
CA HIS S 272 5.89 -39.64 113.13
C HIS S 272 5.85 -39.33 111.64
N TYR S 273 6.14 -40.33 110.82
CA TYR S 273 6.09 -40.15 109.38
C TYR S 273 5.86 -41.48 108.69
N PHE S 274 5.44 -41.39 107.43
CA PHE S 274 5.27 -42.53 106.56
C PHE S 274 5.67 -42.10 105.16
N GLY S 275 6.45 -42.92 104.48
CA GLY S 275 6.87 -42.56 103.14
C GLY S 275 7.56 -43.68 102.44
N TYR S 276 8.31 -43.32 101.40
CA TYR S 276 8.98 -44.29 100.56
C TYR S 276 10.38 -43.83 100.22
N SER S 277 11.28 -44.79 100.12
CA SER S 277 12.66 -44.60 99.69
C SER S 277 12.81 -45.22 98.32
N THR S 278 13.25 -44.44 97.34
CA THR S 278 13.39 -45.00 96.01
C THR S 278 14.84 -45.31 95.72
N PRO S 279 15.13 -46.15 94.72
CA PRO S 279 16.52 -46.38 94.30
C PRO S 279 17.11 -45.25 93.46
N TRP S 280 16.38 -44.17 93.26
CA TRP S 280 16.83 -43.06 92.44
C TRP S 280 17.57 -42.03 93.27
N GLY S 281 18.48 -41.31 92.62
CA GLY S 281 19.05 -40.10 93.16
C GLY S 281 18.52 -38.91 92.37
N TYR S 282 18.77 -37.72 92.89
CA TYR S 282 18.32 -36.51 92.22
C TYR S 282 19.44 -35.48 92.20
N PHE S 283 19.34 -34.58 91.25
CA PHE S 283 20.31 -33.49 91.10
C PHE S 283 19.75 -32.23 91.75
N ASP S 284 20.57 -31.62 92.61
CA ASP S 284 20.18 -30.43 93.35
C ASP S 284 21.20 -29.33 93.12
N PHE S 285 20.72 -28.17 92.68
CA PHE S 285 21.56 -26.99 92.57
C PHE S 285 20.78 -25.79 93.10
N ASN S 286 20.12 -25.98 94.24
CA ASN S 286 19.27 -24.98 94.84
C ASN S 286 19.96 -24.22 95.96
N ARG S 287 21.23 -23.91 95.80
CA ARG S 287 21.95 -23.00 96.67
C ARG S 287 22.69 -21.99 95.81
N PHE S 288 22.90 -20.80 96.36
CA PHE S 288 23.48 -19.74 95.55
C PHE S 288 24.96 -19.96 95.27
N HIS S 289 25.66 -20.66 96.16
CA HIS S 289 27.08 -20.89 95.94
C HIS S 289 27.34 -22.04 94.96
N CYS S 290 26.31 -22.76 94.53
CA CYS S 290 26.47 -23.68 93.40
C CYS S 290 26.69 -22.92 92.10
N HIS S 291 26.38 -21.64 92.08
CA HIS S 291 26.43 -20.84 90.86
C HIS S 291 27.32 -19.62 90.96
N PHE S 292 27.45 -19.00 92.14
CA PHE S 292 28.24 -17.80 92.32
C PHE S 292 29.50 -18.14 93.11
N SER S 293 30.65 -17.70 92.62
CA SER S 293 31.82 -17.64 93.46
C SER S 293 31.64 -16.51 94.46
N PRO S 294 32.38 -16.52 95.57
CA PRO S 294 32.28 -15.39 96.50
C PRO S 294 32.60 -14.05 95.87
N ARG S 295 33.55 -14.00 94.94
CA ARG S 295 33.83 -12.77 94.21
C ARG S 295 32.64 -12.33 93.38
N ASP S 296 31.99 -13.26 92.68
CA ASP S 296 30.81 -12.93 91.89
C ASP S 296 29.66 -12.48 92.78
N TRP S 297 29.49 -13.12 93.93
CA TRP S 297 28.46 -12.72 94.87
C TRP S 297 28.70 -11.30 95.37
N GLN S 298 29.95 -10.98 95.71
CA GLN S 298 30.28 -9.63 96.14
C GLN S 298 30.03 -8.63 95.03
N ARG S 299 30.42 -8.97 93.81
CA ARG S 299 30.16 -8.10 92.67
C ARG S 299 28.68 -7.85 92.46
N LEU S 300 27.86 -8.87 92.66
CA LEU S 300 26.41 -8.71 92.53
C LEU S 300 25.84 -7.83 93.63
N ILE S 301 26.17 -8.14 94.89
CA ILE S 301 25.51 -7.48 96.01
C ILE S 301 26.03 -6.08 96.26
N ASN S 302 27.23 -5.74 95.81
CA ASN S 302 27.75 -4.40 96.00
C ASN S 302 27.28 -3.43 94.94
N ASN S 303 26.66 -3.91 93.88
CA ASN S 303 26.35 -3.09 92.73
C ASN S 303 24.92 -3.14 92.28
N ASN S 304 24.13 -4.11 92.71
CA ASN S 304 22.79 -4.27 92.19
C ASN S 304 21.76 -4.06 93.28
N TRP S 305 20.67 -3.38 92.94
CA TRP S 305 19.54 -3.22 93.84
C TRP S 305 18.64 -4.44 93.87
N GLY S 306 18.69 -5.29 92.86
CA GLY S 306 17.90 -6.50 92.92
C GLY S 306 18.32 -7.48 91.86
N PHE S 307 17.84 -8.71 92.00
CA PHE S 307 18.15 -9.70 90.98
C PHE S 307 17.12 -10.81 90.99
N ARG S 308 17.04 -11.55 89.88
CA ARG S 308 16.12 -12.67 89.80
C ARG S 308 16.61 -13.61 88.70
N PRO S 309 16.19 -14.88 88.72
CA PRO S 309 16.57 -15.80 87.65
C PRO S 309 15.63 -15.78 86.46
N LYS S 310 16.22 -15.80 85.27
CA LYS S 310 15.54 -15.80 83.99
C LYS S 310 15.48 -17.17 83.35
N ARG S 311 16.61 -17.86 83.19
CA ARG S 311 16.52 -19.14 82.51
C ARG S 311 17.67 -20.04 82.96
N LEU S 312 17.54 -21.33 82.65
CA LEU S 312 18.62 -22.26 82.97
C LEU S 312 18.72 -23.36 81.94
N ASN S 313 19.95 -23.87 81.80
CA ASN S 313 20.30 -25.03 81.00
C ASN S 313 20.97 -26.05 81.90
N PHE S 314 20.61 -27.31 81.72
CA PHE S 314 21.16 -28.42 82.49
C PHE S 314 21.73 -29.42 81.50
N LYS S 315 22.95 -29.87 81.75
CA LYS S 315 23.58 -30.87 80.90
C LYS S 315 24.23 -31.93 81.77
N LEU S 316 24.15 -33.16 81.31
CA LEU S 316 24.74 -34.33 81.97
C LEU S 316 25.57 -35.05 80.93
N PHE S 317 26.86 -35.20 81.18
CA PHE S 317 27.75 -35.68 80.13
C PHE S 317 28.90 -36.46 80.74
N ASN S 318 29.59 -37.20 79.87
CA ASN S 318 30.77 -37.99 80.22
C ASN S 318 30.43 -39.05 81.26
N ILE S 319 29.43 -39.88 80.93
CA ILE S 319 28.98 -40.92 81.83
C ILE S 319 29.98 -42.07 81.83
N GLN S 320 30.33 -42.55 83.01
CA GLN S 320 31.16 -43.74 83.15
C GLN S 320 30.54 -44.63 84.19
N VAL S 321 30.13 -45.83 83.78
CA VAL S 321 29.63 -46.83 84.70
C VAL S 321 30.78 -47.74 85.09
N LYS S 322 30.95 -47.96 86.39
CA LYS S 322 32.03 -48.76 86.93
C LYS S 322 31.46 -49.95 87.69
N GLU S 323 31.97 -51.13 87.36
CA GLU S 323 31.67 -52.37 88.05
C GLU S 323 32.65 -52.60 89.19
N VAL S 324 32.14 -53.03 90.34
CA VAL S 324 32.93 -53.23 91.55
C VAL S 324 32.78 -54.67 92.00
N THR S 325 33.92 -55.34 92.25
CA THR S 325 33.95 -56.68 92.82
C THR S 325 34.90 -56.69 94.01
N THR S 326 34.42 -57.13 95.17
CA THR S 326 35.26 -57.27 96.35
C THR S 326 35.44 -58.76 96.63
N ASN S 327 36.69 -59.23 96.54
CA ASN S 327 37.05 -60.61 96.82
C ASN S 327 38.20 -60.65 97.81
N ASP S 328 38.04 -61.45 98.86
CA ASP S 328 39.09 -61.64 99.87
C ASP S 328 39.53 -60.31 100.48
N GLY S 329 38.63 -59.32 100.46
CA GLY S 329 38.91 -58.02 101.03
C GLY S 329 39.48 -57.01 100.06
N VAL S 330 39.92 -57.43 98.88
CA VAL S 330 40.48 -56.50 97.90
C VAL S 330 39.42 -56.19 96.85
N THR S 331 39.38 -54.93 96.42
CA THR S 331 38.33 -54.40 95.56
C THR S 331 38.88 -54.10 94.18
N THR S 332 38.22 -54.63 93.17
CA THR S 332 38.52 -54.38 91.77
C THR S 332 37.42 -53.51 91.17
N ILE S 333 37.82 -52.47 90.46
CA ILE S 333 36.88 -51.61 89.74
C ILE S 333 37.24 -51.69 88.27
N ALA S 334 36.23 -51.94 87.43
CA ALA S 334 36.42 -52.01 85.99
C ALA S 334 35.37 -51.12 85.32
N ASN S 335 35.59 -50.85 84.04
CA ASN S 335 34.61 -50.12 83.27
C ASN S 335 33.56 -51.07 82.73
N ASN S 336 32.30 -50.66 82.80
CA ASN S 336 31.20 -51.38 82.20
C ASN S 336 30.70 -50.55 81.04
N LEU S 337 31.17 -50.88 79.83
CA LEU S 337 30.92 -50.02 78.68
C LEU S 337 29.50 -50.11 78.16
N THR S 338 28.75 -51.14 78.53
CA THR S 338 27.41 -51.34 77.99
C THR S 338 26.31 -51.06 78.99
N SER S 339 26.64 -50.53 80.17
CA SER S 339 25.62 -50.22 81.16
C SER S 339 25.08 -48.81 80.95
N THR S 340 23.88 -48.58 81.50
CA THR S 340 23.18 -47.33 81.30
C THR S 340 22.81 -46.68 82.62
N VAL S 341 22.66 -45.37 82.57
CA VAL S 341 21.99 -44.60 83.62
C VAL S 341 20.69 -44.06 83.04
N GLN S 342 19.61 -44.19 83.80
CA GLN S 342 18.33 -43.61 83.42
C GLN S 342 18.22 -42.23 84.04
N VAL S 343 17.87 -41.24 83.22
CA VAL S 343 17.70 -39.86 83.66
C VAL S 343 16.35 -39.36 83.15
N PHE S 344 15.61 -38.68 84.01
CA PHE S 344 14.44 -37.97 83.51
C PHE S 344 14.20 -36.72 84.34
N SER S 345 13.54 -35.76 83.72
CA SER S 345 13.15 -34.51 84.36
C SER S 345 11.65 -34.55 84.62
N ASP S 346 11.25 -34.21 85.84
CA ASP S 346 9.84 -34.23 86.21
C ASP S 346 9.21 -32.89 85.87
N SER S 347 9.04 -32.65 84.57
CA SER S 347 8.63 -31.35 84.07
C SER S 347 7.17 -31.02 84.34
N GLU S 348 6.34 -32.02 84.62
CA GLU S 348 4.93 -31.79 84.90
C GLU S 348 4.62 -31.81 86.39
N TYR S 349 5.64 -31.90 87.24
CA TYR S 349 5.49 -31.84 88.69
C TYR S 349 4.49 -32.88 89.19
N GLN S 350 4.64 -34.09 88.68
CA GLN S 350 3.80 -35.21 89.06
C GLN S 350 4.33 -35.97 90.26
N LEU S 351 5.51 -35.65 90.71
CA LEU S 351 6.18 -36.28 91.84
C LEU S 351 6.19 -35.33 93.02
N PRO S 352 6.32 -35.86 94.23
CA PRO S 352 6.54 -34.98 95.38
C PRO S 352 7.83 -34.19 95.21
N TYR S 353 7.75 -32.89 95.47
CA TYR S 353 8.90 -32.00 95.29
C TYR S 353 9.67 -31.94 96.60
N VAL S 354 10.81 -32.63 96.64
CA VAL S 354 11.62 -32.63 97.86
C VAL S 354 12.70 -31.57 97.83
N LEU S 355 12.91 -30.91 96.69
CA LEU S 355 13.76 -29.74 96.67
C LEU S 355 13.06 -28.61 97.40
N GLY S 356 13.82 -27.60 97.80
CA GLY S 356 13.22 -26.51 98.55
C GLY S 356 13.00 -26.81 100.01
N SER S 357 13.58 -27.88 100.54
CA SER S 357 13.56 -28.17 101.97
C SER S 357 14.94 -28.00 102.59
N ALA S 358 15.88 -27.40 101.86
CA ALA S 358 17.23 -27.10 102.35
C ALA S 358 18.00 -28.36 102.74
N HIS S 359 18.06 -29.30 101.81
CA HIS S 359 18.73 -30.57 102.07
C HIS S 359 20.16 -30.55 101.53
N GLN S 360 20.98 -31.41 102.11
CA GLN S 360 22.33 -31.63 101.60
C GLN S 360 22.28 -32.37 100.27
N GLY S 361 23.39 -32.32 99.54
CA GLY S 361 23.46 -33.00 98.27
C GLY S 361 23.49 -32.09 97.06
N CYS S 362 23.54 -30.78 97.28
CA CYS S 362 23.68 -29.85 96.18
C CYS S 362 25.07 -29.95 95.56
N LEU S 363 25.27 -29.28 94.44
CA LEU S 363 26.61 -29.13 93.91
C LEU S 363 27.48 -28.40 94.91
N PRO S 364 28.70 -28.85 95.14
CA PRO S 364 29.56 -28.20 96.13
C PRO S 364 29.91 -26.78 95.70
N PRO S 365 30.18 -25.89 96.65
CA PRO S 365 30.55 -24.52 96.28
C PRO S 365 31.84 -24.45 95.48
N PHE S 366 32.81 -25.27 95.80
CA PHE S 366 34.10 -25.24 95.12
C PHE S 366 34.06 -26.12 93.87
N PRO S 367 34.40 -25.59 92.71
CA PRO S 367 34.28 -26.37 91.46
C PRO S 367 35.18 -27.59 91.40
N ALA S 368 36.20 -27.68 92.24
CA ALA S 368 37.09 -28.83 92.23
C ALA S 368 36.55 -30.01 93.01
N ASP S 369 35.45 -29.84 93.75
CA ASP S 369 34.95 -30.89 94.61
C ASP S 369 34.07 -31.87 93.86
N VAL S 370 34.21 -33.14 94.20
CA VAL S 370 33.43 -34.22 93.63
C VAL S 370 32.35 -34.60 94.62
N PHE S 371 31.10 -34.67 94.17
CA PHE S 371 30.00 -34.84 95.09
C PHE S 371 29.20 -36.09 94.79
N MET S 372 28.68 -36.70 95.84
CA MET S 372 27.82 -37.86 95.77
C MET S 372 26.38 -37.40 95.57
N ILE S 373 25.65 -38.12 94.73
CA ILE S 373 24.27 -37.74 94.42
C ILE S 373 23.34 -38.26 95.52
N PRO S 374 22.49 -37.41 96.09
CA PRO S 374 21.61 -37.84 97.18
C PRO S 374 20.47 -38.73 96.71
N GLN S 375 20.02 -39.60 97.61
CA GLN S 375 18.95 -40.52 97.30
C GLN S 375 17.60 -39.82 97.33
N TYR S 376 16.70 -40.25 96.45
CA TYR S 376 15.36 -39.70 96.41
C TYR S 376 14.43 -40.49 97.32
N GLY S 377 13.64 -39.77 98.09
CA GLY S 377 12.61 -40.36 98.91
C GLY S 377 11.59 -39.30 99.19
N TYR S 378 10.39 -39.73 99.54
CA TYR S 378 9.31 -38.79 99.81
C TYR S 378 8.49 -39.29 100.97
N LEU S 379 7.68 -38.39 101.50
CA LEU S 379 6.73 -38.70 102.55
C LEU S 379 5.33 -38.52 102.00
N THR S 380 4.39 -39.28 102.55
CA THR S 380 3.00 -39.19 102.16
C THR S 380 2.16 -39.05 103.42
N LEU S 381 0.85 -38.98 103.25
CA LEU S 381 -0.06 -38.82 104.38
C LEU S 381 0.12 -39.95 105.37
N ASN S 382 0.22 -39.59 106.65
CA ASN S 382 0.41 -40.57 107.70
C ASN S 382 -0.53 -40.29 108.86
N ASN S 383 -0.95 -41.36 109.52
CA ASN S 383 -1.73 -41.32 110.75
C ASN S 383 -0.88 -41.99 111.82
N GLY S 384 -0.01 -41.21 112.43
CA GLY S 384 1.02 -41.79 113.28
C GLY S 384 2.10 -42.37 112.41
N SER S 385 2.47 -43.61 112.67
CA SER S 385 3.42 -44.32 111.82
C SER S 385 2.72 -45.10 110.71
N GLN S 386 1.40 -45.00 110.61
CA GLN S 386 0.62 -45.72 109.62
C GLN S 386 0.28 -44.83 108.44
N ALA S 387 -0.23 -45.46 107.39
CA ALA S 387 -0.68 -44.76 106.21
C ALA S 387 -2.19 -44.58 106.26
N VAL S 388 -2.75 -43.94 105.24
CA VAL S 388 -4.18 -43.81 105.06
C VAL S 388 -4.52 -44.25 103.65
N GLY S 389 -5.81 -44.17 103.31
CA GLY S 389 -6.24 -44.54 101.97
C GLY S 389 -5.72 -43.58 100.91
N ARG S 390 -5.61 -42.31 101.24
CA ARG S 390 -5.17 -41.29 100.31
C ARG S 390 -3.66 -41.14 100.28
N SER S 391 -2.93 -41.96 101.04
CA SER S 391 -1.49 -41.99 100.92
C SER S 391 -1.10 -42.48 99.53
N SER S 392 -0.20 -41.75 98.89
CA SER S 392 0.19 -42.05 97.52
C SER S 392 1.50 -42.82 97.48
N PHE S 393 1.64 -43.61 96.43
CA PHE S 393 2.89 -44.29 96.12
C PHE S 393 3.24 -43.96 94.68
N TYR S 394 4.51 -43.68 94.43
CA TYR S 394 4.98 -43.31 93.11
C TYR S 394 6.11 -44.25 92.72
N CYS S 395 5.89 -45.02 91.65
CA CYS S 395 6.99 -45.71 90.99
C CYS S 395 7.62 -44.74 90.01
N LEU S 396 8.91 -44.49 90.17
CA LEU S 396 9.60 -43.59 89.26
C LEU S 396 10.00 -44.27 87.96
N GLU S 397 9.94 -45.59 87.90
CA GLU S 397 10.08 -46.30 86.64
C GLU S 397 8.84 -46.19 85.77
N TYR S 398 7.75 -45.67 86.33
CA TYR S 398 6.53 -45.40 85.59
C TYR S 398 6.58 -44.08 84.83
N PHE S 399 7.78 -43.56 84.60
CA PHE S 399 8.03 -42.36 83.82
C PHE S 399 8.86 -42.72 82.60
N PRO S 400 8.74 -41.96 81.51
CA PRO S 400 9.70 -42.09 80.41
C PRO S 400 11.07 -41.55 80.82
N SER S 401 12.08 -42.38 80.71
CA SER S 401 13.45 -42.02 81.06
C SER S 401 14.31 -42.10 79.80
N GLN S 402 15.34 -41.28 79.75
CA GLN S 402 16.38 -41.42 78.75
C GLN S 402 17.47 -42.32 79.32
N MET S 403 17.82 -43.36 78.58
CA MET S 403 18.88 -44.28 78.96
C MET S 403 20.18 -43.84 78.30
N LEU S 404 21.22 -43.65 79.11
CA LEU S 404 22.48 -43.10 78.67
C LEU S 404 23.57 -44.13 78.86
N ARG S 405 24.22 -44.50 77.76
CA ARG S 405 25.46 -45.26 77.83
C ARG S 405 26.61 -44.28 77.90
N THR S 406 27.85 -44.78 77.83
CA THR S 406 28.99 -43.92 78.10
C THR S 406 29.22 -42.86 77.03
N GLY S 407 28.57 -42.97 75.88
CA GLY S 407 28.75 -41.98 74.83
C GLY S 407 27.62 -40.99 74.71
N ASN S 408 26.60 -41.10 75.56
CA ASN S 408 25.42 -40.28 75.50
C ASN S 408 25.47 -39.14 76.50
N ASN S 409 24.70 -38.09 76.22
CA ASN S 409 24.52 -36.98 77.15
C ASN S 409 23.04 -36.65 77.25
N PHE S 410 22.73 -35.78 78.20
CA PHE S 410 21.36 -35.40 78.52
C PHE S 410 21.31 -33.87 78.64
N THR S 411 20.35 -33.25 77.97
CA THR S 411 20.20 -31.80 78.05
C THR S 411 18.77 -31.45 78.42
N PHE S 412 18.60 -30.28 79.04
CA PHE S 412 17.28 -29.86 79.46
C PHE S 412 17.29 -28.35 79.69
N SER S 413 16.33 -27.65 79.09
CA SER S 413 16.22 -26.21 79.26
C SER S 413 14.97 -25.86 80.05
N TYR S 414 15.03 -24.75 80.78
CA TYR S 414 13.91 -24.32 81.60
C TYR S 414 13.89 -22.80 81.64
N THR S 415 12.69 -22.24 81.61
CA THR S 415 12.50 -20.80 81.73
C THR S 415 11.76 -20.50 83.02
N PHE S 416 12.30 -19.57 83.81
CA PHE S 416 11.64 -19.15 85.03
C PHE S 416 10.43 -18.28 84.71
N GLU S 417 9.40 -18.40 85.53
CA GLU S 417 8.28 -17.48 85.48
C GLU S 417 8.71 -16.10 85.95
N GLU S 418 7.89 -15.10 85.63
CA GLU S 418 8.19 -13.74 86.03
C GLU S 418 7.98 -13.62 87.53
N VAL S 419 9.08 -13.71 88.28
CA VAL S 419 9.09 -13.61 89.72
C VAL S 419 9.58 -12.20 90.06
N PRO S 420 9.18 -11.61 91.18
CA PRO S 420 9.73 -10.31 91.55
C PRO S 420 11.22 -10.39 91.86
N PHE S 421 11.91 -9.28 91.60
CA PHE S 421 13.31 -9.17 91.97
C PHE S 421 13.48 -9.34 93.47
N HIS S 422 14.48 -10.11 93.86
CA HIS S 422 14.91 -10.07 95.25
C HIS S 422 15.63 -8.75 95.50
N SER S 423 15.39 -8.20 96.69
CA SER S 423 15.86 -6.88 97.10
C SER S 423 17.25 -6.99 97.69
N SER S 424 18.26 -6.55 96.94
CA SER S 424 19.63 -6.51 97.43
C SER S 424 19.94 -5.18 98.10
N TYR S 425 18.95 -4.54 98.69
CA TYR S 425 19.12 -3.23 99.30
C TYR S 425 18.55 -3.24 100.71
N ALA S 426 19.06 -2.34 101.53
CA ALA S 426 18.44 -1.89 102.76
C ALA S 426 17.75 -0.56 102.52
N HIS S 427 16.95 -0.14 103.48
CA HIS S 427 16.27 1.14 103.42
C HIS S 427 17.04 2.18 104.22
N SER S 428 17.19 3.36 103.62
CA SER S 428 17.85 4.48 104.29
C SER S 428 16.95 5.21 105.26
N GLN S 429 15.65 4.93 105.24
CA GLN S 429 14.70 5.54 106.15
C GLN S 429 13.97 4.45 106.92
N SER S 430 13.50 4.80 108.10
CA SER S 430 12.64 3.94 108.88
C SER S 430 11.18 4.30 108.60
N LEU S 431 10.30 3.33 108.82
CA LEU S 431 8.89 3.52 108.47
C LEU S 431 8.22 4.55 109.37
N ASP S 432 8.66 4.68 110.61
CA ASP S 432 8.12 5.66 111.52
C ASP S 432 8.86 6.99 111.46
N ARG S 433 9.68 7.19 110.43
CA ARG S 433 10.48 8.40 110.28
C ARG S 433 10.41 8.89 108.84
N LEU S 434 9.22 8.89 108.25
CA LEU S 434 9.03 9.25 106.86
C LEU S 434 8.57 10.69 106.67
N MET S 435 8.57 11.47 107.74
CA MET S 435 8.01 12.82 107.72
C MET S 435 9.11 13.85 107.44
N ASN S 436 8.67 15.05 107.11
CA ASN S 436 9.54 16.21 107.10
C ASN S 436 9.83 16.61 108.54
N PRO S 437 11.09 16.63 108.96
CA PRO S 437 11.41 16.98 110.36
C PRO S 437 11.39 18.47 110.65
N LEU S 438 10.99 19.32 109.70
CA LEU S 438 10.96 20.75 109.92
C LEU S 438 9.55 21.32 109.96
N ILE S 439 8.59 20.68 109.31
CA ILE S 439 7.25 21.22 109.15
C ILE S 439 6.30 20.48 110.09
N ASP S 440 5.34 21.21 110.64
CA ASP S 440 4.30 20.60 111.44
C ASP S 440 3.27 19.93 110.53
N GLN S 441 2.33 19.24 111.17
CA GLN S 441 1.20 18.65 110.47
C GLN S 441 -0.02 19.54 110.57
N TYR S 442 -1.01 19.28 109.74
CA TYR S 442 -2.30 19.90 109.90
C TYR S 442 -3.29 19.00 110.61
N LEU S 443 -2.83 17.85 111.10
CA LEU S 443 -3.67 16.90 111.81
C LEU S 443 -3.40 17.01 113.31
N TYR S 444 -4.47 16.95 114.09
CA TYR S 444 -4.38 17.03 115.53
C TYR S 444 -4.59 15.66 116.15
N TYR S 445 -4.07 15.49 117.36
CA TYR S 445 -4.24 14.27 118.12
C TYR S 445 -4.54 14.63 119.55
N LEU S 446 -5.21 13.73 120.25
CA LEU S 446 -5.47 13.93 121.67
C LEU S 446 -4.17 13.77 122.44
N ASN S 447 -3.74 14.85 123.11
CA ASN S 447 -2.45 14.88 123.80
C ASN S 447 -2.58 14.69 125.29
N ARG S 448 -3.56 15.34 125.92
CA ARG S 448 -3.78 15.24 127.35
C ARG S 448 -5.25 14.96 127.61
N THR S 449 -5.53 14.08 128.56
CA THR S 449 -6.86 13.95 129.14
C THR S 449 -6.91 14.46 130.57
N GLN S 450 -5.87 15.14 131.03
CA GLN S 450 -5.86 15.79 132.33
C GLN S 450 -5.30 17.20 132.15
N ASN S 451 -5.53 18.05 133.15
CA ASN S 451 -5.05 19.42 133.08
C ASN S 451 -3.53 19.46 133.16
N GLN S 452 -2.94 20.30 132.31
CA GLN S 452 -1.49 20.38 132.24
C GLN S 452 -0.87 21.11 133.42
N SER S 453 -1.62 22.03 134.05
CA SER S 453 -1.05 22.86 135.11
C SER S 453 -0.59 22.02 136.30
N GLY S 454 -1.41 21.07 136.73
CA GLY S 454 -1.05 20.18 137.82
C GLY S 454 -1.43 20.66 139.20
N SER S 455 -1.78 21.94 139.37
CA SER S 455 -2.24 22.42 140.68
C SER S 455 -3.50 21.69 141.10
N ALA S 456 -4.42 21.51 140.17
CA ALA S 456 -5.54 20.59 140.31
C ALA S 456 -5.31 19.38 139.41
N GLN S 457 -6.09 18.33 139.65
CA GLN S 457 -5.98 17.08 138.91
C GLN S 457 -7.24 16.80 138.10
N ASN S 458 -7.76 17.82 137.42
CA ASN S 458 -9.00 17.70 136.69
C ASN S 458 -8.77 17.09 135.31
N LYS S 459 -9.80 16.44 134.79
CA LYS S 459 -9.73 15.89 133.46
C LYS S 459 -9.91 16.99 132.42
N ASP S 460 -9.61 16.67 131.17
CA ASP S 460 -9.75 17.62 130.07
C ASP S 460 -9.68 16.86 128.76
N LEU S 461 -9.74 17.60 127.66
CA LEU S 461 -9.55 17.07 126.31
C LEU S 461 -8.70 18.10 125.57
N LEU S 462 -7.39 17.90 125.62
CA LEU S 462 -6.44 18.84 125.03
C LEU S 462 -5.80 18.20 123.81
N PHE S 463 -5.81 18.92 122.70
CA PHE S 463 -5.35 18.40 121.42
C PHE S 463 -4.12 19.16 120.97
N SER S 464 -3.14 18.44 120.45
CA SER S 464 -1.91 19.03 119.94
C SER S 464 -1.78 18.76 118.46
N ARG S 465 -0.99 19.59 117.81
CA ARG S 465 -0.68 19.44 116.41
C ARG S 465 0.54 18.54 116.23
N GLY S 466 0.50 17.71 115.19
CA GLY S 466 1.64 16.88 114.87
C GLY S 466 2.87 17.70 114.56
N SER S 467 3.90 17.57 115.37
CA SER S 467 5.09 18.39 115.30
C SER S 467 6.34 17.52 115.30
N PRO S 468 7.46 18.05 114.78
CA PRO S 468 8.71 17.28 114.83
C PRO S 468 9.23 17.04 116.23
N ALA S 469 8.75 17.77 117.24
CA ALA S 469 9.14 17.48 118.61
C ALA S 469 8.68 16.09 119.04
N GLY S 470 7.41 15.79 118.84
CA GLY S 470 6.92 14.45 119.09
C GLY S 470 6.62 13.72 117.79
N MET S 471 7.53 12.85 117.37
CA MET S 471 7.36 12.10 116.14
C MET S 471 6.65 10.77 116.37
N SER S 472 6.63 10.29 117.61
CA SER S 472 5.98 9.03 117.93
C SER S 472 4.46 9.13 117.92
N VAL S 473 3.91 10.33 118.10
CA VAL S 473 2.47 10.52 118.20
C VAL S 473 1.89 11.12 116.93
N GLN S 474 2.70 11.39 115.93
CA GLN S 474 2.20 11.92 114.68
C GLN S 474 1.35 10.87 113.97
N PRO S 475 0.21 11.27 113.39
CA PRO S 475 -0.51 10.36 112.49
C PRO S 475 0.39 9.94 111.33
N LYS S 476 0.28 8.66 110.95
CA LYS S 476 1.09 8.09 109.90
C LYS S 476 0.22 7.29 108.95
N ASN S 477 0.79 6.90 107.83
CA ASN S 477 0.03 6.29 106.75
C ASN S 477 0.18 4.78 106.67
N TRP S 478 1.22 4.21 107.27
CA TRP S 478 1.54 2.80 107.09
C TRP S 478 1.85 2.15 108.42
N LEU S 479 1.88 0.82 108.41
CA LEU S 479 2.12 0.00 109.58
C LEU S 479 3.27 -0.97 109.31
N PRO S 480 4.02 -1.36 110.34
CA PRO S 480 5.04 -2.39 110.16
C PRO S 480 4.42 -3.74 109.86
N GLY S 481 5.20 -4.60 109.21
CA GLY S 481 4.73 -5.89 108.79
C GLY S 481 4.25 -6.78 109.91
N PRO S 482 3.73 -7.95 109.55
CA PRO S 482 3.20 -8.86 110.57
C PRO S 482 4.30 -9.48 111.40
N CYS S 483 3.92 -9.97 112.57
CA CYS S 483 4.90 -10.54 113.49
C CYS S 483 4.35 -11.81 114.10
N TYR S 484 5.24 -12.69 114.54
CA TYR S 484 4.92 -13.87 115.31
C TYR S 484 6.06 -14.10 116.29
N ARG S 485 5.89 -13.62 117.52
CA ARG S 485 7.01 -13.42 118.44
C ARG S 485 7.76 -14.72 118.71
N GLN S 486 9.08 -14.61 118.76
CA GLN S 486 9.99 -15.71 119.09
C GLN S 486 10.60 -15.46 120.46
N GLN S 487 11.23 -16.50 120.99
CA GLN S 487 11.93 -16.39 122.26
C GLN S 487 13.34 -15.86 122.04
N ARG S 488 13.79 -15.04 122.98
CA ARG S 488 15.06 -14.34 122.84
C ARG S 488 16.16 -15.13 123.52
N VAL S 489 17.15 -15.55 122.75
CA VAL S 489 18.29 -16.30 123.26
C VAL S 489 19.53 -15.45 123.11
N SER S 490 20.36 -15.41 124.14
CA SER S 490 21.60 -14.67 124.11
C SER S 490 22.73 -15.55 123.61
N LYS S 491 23.56 -14.99 122.73
CA LYS S 491 24.76 -15.69 122.28
C LYS S 491 25.76 -15.90 123.41
N THR S 492 25.66 -15.12 124.48
CA THR S 492 26.41 -15.34 125.70
C THR S 492 25.59 -16.24 126.61
N LYS S 493 26.04 -17.48 126.79
CA LYS S 493 25.19 -18.50 127.40
C LYS S 493 24.86 -18.22 128.86
N THR S 494 25.65 -17.40 129.56
CA THR S 494 25.39 -17.16 130.97
C THR S 494 24.12 -16.34 131.20
N ASP S 495 23.66 -15.57 130.22
CA ASP S 495 22.46 -14.77 130.38
C ASP S 495 21.19 -15.51 130.03
N ASN S 496 21.28 -16.76 129.63
CA ASN S 496 20.11 -17.56 129.31
C ASN S 496 19.61 -18.30 130.53
N ASN S 497 18.31 -18.58 130.54
CA ASN S 497 17.70 -19.29 131.65
C ASN S 497 18.29 -20.70 131.76
N ASN S 498 18.39 -21.19 132.99
CA ASN S 498 18.93 -22.53 133.23
C ASN S 498 17.84 -23.58 133.06
N SER S 499 17.52 -23.84 131.80
CA SER S 499 16.59 -24.89 131.42
C SER S 499 16.79 -25.15 129.94
N ASN S 500 16.10 -26.18 129.43
CA ASN S 500 16.24 -26.48 128.01
C ASN S 500 15.41 -25.52 127.17
N PHE S 501 14.08 -25.59 127.31
CA PHE S 501 13.13 -24.62 126.75
C PHE S 501 13.32 -24.38 125.25
N THR S 502 14.09 -25.23 124.57
CA THR S 502 14.14 -25.16 123.12
C THR S 502 12.92 -25.78 122.47
N TRP S 503 12.18 -26.58 123.17
CA TRP S 503 10.91 -27.10 122.68
C TRP S 503 9.73 -26.61 123.48
N THR S 504 9.85 -26.52 124.80
CA THR S 504 8.72 -26.06 125.61
C THR S 504 8.48 -24.58 125.50
N GLY S 505 9.51 -23.79 125.25
CA GLY S 505 9.36 -22.34 125.21
C GLY S 505 9.45 -21.76 123.82
N ALA S 506 9.17 -22.56 122.80
CA ALA S 506 9.38 -22.16 121.42
C ALA S 506 8.06 -21.93 120.70
N SER S 507 8.10 -21.01 119.73
CA SER S 507 6.96 -20.75 118.87
C SER S 507 6.77 -21.92 117.91
N LYS S 508 5.62 -22.55 117.96
CA LYS S 508 5.36 -23.70 117.11
C LYS S 508 3.91 -23.66 116.67
N TYR S 509 3.60 -24.40 115.62
CA TYR S 509 2.25 -24.45 115.10
C TYR S 509 1.70 -25.86 115.19
N ASN S 510 0.38 -25.94 115.27
CA ASN S 510 -0.35 -27.20 115.42
C ASN S 510 -0.96 -27.57 114.07
N LEU S 511 -0.69 -28.79 113.63
CA LEU S 511 -1.23 -29.28 112.35
C LEU S 511 -1.57 -30.75 112.50
N ASN S 512 -2.86 -31.07 112.45
CA ASN S 512 -3.34 -32.44 112.55
C ASN S 512 -2.89 -33.10 113.85
N GLY S 513 -2.81 -32.30 114.91
CA GLY S 513 -2.50 -32.83 116.22
C GLY S 513 -1.04 -32.90 116.58
N ARG S 514 -0.13 -32.61 115.66
CA ARG S 514 1.28 -32.64 115.96
C ARG S 514 1.91 -31.28 115.71
N GLU S 515 2.80 -30.89 116.62
CA GLU S 515 3.38 -29.57 116.65
C GLU S 515 4.66 -29.51 115.83
N SER S 516 4.91 -28.36 115.22
CA SER S 516 6.09 -28.15 114.39
C SER S 516 6.65 -26.78 114.72
N ILE S 517 7.96 -26.71 114.96
CA ILE S 517 8.61 -25.44 115.21
C ILE S 517 8.48 -24.57 113.97
N ILE S 518 8.27 -23.27 114.17
CA ILE S 518 8.08 -22.37 113.04
C ILE S 518 9.33 -22.32 112.18
N ASN S 519 10.44 -21.79 112.72
CA ASN S 519 11.77 -21.96 112.15
C ASN S 519 11.87 -21.74 110.64
N PRO S 520 11.97 -20.50 110.16
CA PRO S 520 12.14 -19.25 110.90
C PRO S 520 10.89 -18.37 110.89
N GLY S 521 9.93 -18.72 110.05
CA GLY S 521 8.66 -18.01 110.07
C GLY S 521 8.76 -16.61 109.48
N THR S 522 8.02 -15.70 110.10
CA THR S 522 7.90 -14.35 109.60
C THR S 522 9.25 -13.66 109.51
N ALA S 523 9.44 -12.86 108.48
CA ALA S 523 10.68 -12.12 108.28
C ALA S 523 10.69 -10.94 109.23
N MET S 524 11.44 -11.05 110.31
CA MET S 524 11.54 -10.02 111.33
C MET S 524 12.99 -9.74 111.65
N ALA S 525 13.23 -8.57 112.23
CA ALA S 525 14.57 -8.20 112.66
C ALA S 525 15.04 -9.13 113.78
N SER S 526 16.30 -9.55 113.69
CA SER S 526 16.86 -10.46 114.68
C SER S 526 16.92 -9.82 116.06
N HIS S 527 17.29 -8.54 116.13
CA HIS S 527 17.43 -7.85 117.41
C HIS S 527 17.22 -6.37 117.18
N LYS S 528 17.33 -5.60 118.24
CA LYS S 528 17.25 -4.14 118.18
C LYS S 528 18.63 -3.56 117.96
N ASP S 529 18.75 -2.25 118.09
CA ASP S 529 20.04 -1.59 118.08
C ASP S 529 20.79 -1.89 119.38
N ASP S 530 22.10 -2.09 119.25
CA ASP S 530 22.97 -2.33 120.40
C ASP S 530 22.57 -3.60 121.16
N GLU S 531 22.04 -4.59 120.44
CA GLU S 531 21.58 -5.82 121.06
C GLU S 531 21.98 -7.02 120.21
N ASP S 532 23.15 -6.96 119.60
CA ASP S 532 23.60 -8.03 118.72
C ASP S 532 23.84 -9.35 119.44
N LYS S 533 23.90 -9.34 120.76
CA LYS S 533 24.10 -10.54 121.55
C LYS S 533 22.88 -11.44 121.61
N PHE S 534 21.72 -10.97 121.13
CA PHE S 534 20.49 -11.72 121.19
C PHE S 534 20.05 -12.13 119.79
N PHE S 535 19.47 -13.32 119.69
CA PHE S 535 18.84 -13.79 118.46
C PHE S 535 17.57 -14.53 118.81
N PRO S 536 16.58 -14.52 117.92
CA PRO S 536 15.37 -15.33 118.15
C PRO S 536 15.72 -16.81 118.13
N MET S 537 15.03 -17.57 118.98
CA MET S 537 15.43 -18.95 119.21
C MET S 537 15.36 -19.78 117.94
N SER S 538 14.32 -19.59 117.13
CA SER S 538 14.20 -20.28 115.86
C SER S 538 13.77 -19.30 114.77
N GLY S 539 14.38 -18.13 114.75
CA GLY S 539 13.99 -17.11 113.81
C GLY S 539 15.09 -16.74 112.83
N VAL S 540 16.21 -17.44 112.92
CA VAL S 540 17.38 -17.11 112.12
C VAL S 540 17.84 -18.34 111.37
N MET S 541 18.42 -18.12 110.19
CA MET S 541 19.05 -19.19 109.44
C MET S 541 20.44 -19.43 109.99
N ILE S 542 20.72 -20.66 110.39
CA ILE S 542 21.99 -21.03 111.00
C ILE S 542 22.70 -21.99 110.06
N PHE S 543 23.86 -21.59 109.58
CA PHE S 543 24.70 -22.43 108.74
C PHE S 543 25.83 -23.00 109.58
N GLY S 544 26.15 -24.27 109.35
CA GLY S 544 27.25 -24.90 110.04
C GLY S 544 28.55 -24.69 109.30
N LYS S 545 29.61 -24.45 110.06
CA LYS S 545 30.93 -24.42 109.47
C LYS S 545 31.40 -25.85 109.22
N GLU S 546 32.45 -25.97 108.41
CA GLU S 546 33.08 -27.27 108.28
C GLU S 546 33.68 -27.67 109.63
N SER S 547 33.67 -28.98 109.89
CA SER S 547 33.96 -29.52 111.22
C SER S 547 32.90 -29.11 112.24
N ALA S 548 31.64 -29.15 111.83
CA ALA S 548 30.52 -29.02 112.74
C ALA S 548 29.79 -30.36 112.79
N GLY S 549 29.51 -30.83 113.99
CA GLY S 549 28.85 -32.10 114.16
C GLY S 549 27.41 -32.03 113.71
N ALA S 550 26.81 -33.22 113.58
CA ALA S 550 25.42 -33.30 113.17
C ALA S 550 24.48 -32.92 114.31
N SER S 551 24.84 -33.25 115.54
CA SER S 551 23.97 -33.04 116.70
C SER S 551 24.74 -32.39 117.83
N ASN S 552 24.11 -31.39 118.46
CA ASN S 552 24.64 -30.73 119.64
C ASN S 552 26.05 -30.17 119.41
N THR S 553 26.26 -29.58 118.24
CA THR S 553 27.51 -28.89 117.98
C THR S 553 27.52 -27.54 118.70
N ALA S 554 28.61 -26.81 118.56
CA ALA S 554 28.83 -25.61 119.35
C ALA S 554 28.52 -24.34 118.58
N LEU S 555 28.22 -23.29 119.34
CA LEU S 555 28.05 -21.95 118.78
C LEU S 555 29.26 -21.53 117.99
N ASP S 556 30.44 -22.02 118.38
CA ASP S 556 31.66 -21.74 117.62
C ASP S 556 31.65 -22.46 116.29
N ASN S 557 30.92 -23.57 116.19
CA ASN S 557 30.88 -24.34 114.95
C ASN S 557 29.73 -23.95 114.05
N VAL S 558 28.79 -23.14 114.52
CA VAL S 558 27.71 -22.67 113.66
C VAL S 558 27.88 -21.19 113.36
N MET S 559 27.28 -20.74 112.25
CA MET S 559 27.22 -19.34 111.86
C MET S 559 25.77 -18.88 111.88
N ILE S 560 25.45 -17.98 112.77
CA ILE S 560 24.09 -17.44 112.91
C ILE S 560 23.96 -16.20 112.04
N THR S 561 22.93 -16.17 111.20
CA THR S 561 22.71 -15.01 110.36
C THR S 561 22.05 -13.88 111.16
N ASP S 562 22.02 -12.71 110.55
CA ASP S 562 21.42 -11.53 111.16
C ASP S 562 20.50 -10.87 110.14
N GLU S 563 19.36 -10.39 110.61
CA GLU S 563 18.41 -9.67 109.77
C GLU S 563 18.30 -8.22 110.22
N GLU S 564 19.45 -7.60 110.46
CA GLU S 564 19.47 -6.27 111.06
C GLU S 564 19.05 -5.19 110.07
N GLU S 565 19.07 -5.50 108.78
CA GLU S 565 18.82 -4.46 107.77
C GLU S 565 17.34 -4.17 107.59
N ILE S 566 16.45 -5.04 108.07
CA ILE S 566 15.03 -4.86 107.86
C ILE S 566 14.33 -4.33 109.10
N LYS S 567 15.09 -3.73 110.03
CA LYS S 567 14.49 -3.02 111.15
C LYS S 567 13.69 -1.81 110.70
N ALA S 568 13.92 -1.31 109.50
CA ALA S 568 13.23 -0.11 109.03
C ALA S 568 11.75 -0.35 108.81
N THR S 569 11.36 -1.58 108.48
CA THR S 569 9.97 -1.89 108.16
C THR S 569 9.40 -3.08 108.92
N ASN S 570 10.23 -3.94 109.49
CA ASN S 570 9.76 -5.16 110.10
C ASN S 570 9.91 -5.10 111.62
N PRO S 571 8.98 -5.69 112.36
CA PRO S 571 9.13 -5.75 113.81
C PRO S 571 10.30 -6.63 114.21
N VAL S 572 10.85 -6.36 115.39
CA VAL S 572 11.91 -7.20 115.92
C VAL S 572 11.32 -8.53 116.34
N ALA S 573 12.03 -9.62 116.00
CA ALA S 573 11.47 -10.96 116.13
C ALA S 573 11.17 -11.35 117.56
N THR S 574 11.90 -10.79 118.53
CA THR S 574 11.78 -11.21 119.92
C THR S 574 10.89 -10.30 120.75
N GLU S 575 10.27 -9.29 120.14
CA GLU S 575 9.43 -8.35 120.87
C GLU S 575 8.04 -8.28 120.26
N ARG S 576 7.12 -7.73 121.04
CA ARG S 576 5.73 -7.67 120.64
C ARG S 576 5.56 -6.75 119.43
N PHE S 577 4.49 -6.99 118.68
CA PHE S 577 4.12 -6.05 117.62
C PHE S 577 3.76 -4.70 118.21
N GLY S 578 3.05 -4.71 119.33
CA GLY S 578 2.63 -3.47 119.96
C GLY S 578 1.62 -3.77 121.05
N THR S 579 0.93 -2.72 121.47
CA THR S 579 -0.11 -2.83 122.47
C THR S 579 -1.46 -2.51 121.85
N VAL S 580 -2.51 -3.00 122.49
CA VAL S 580 -3.88 -2.81 122.04
C VAL S 580 -4.75 -2.54 123.25
N ALA S 581 -5.76 -1.70 123.07
CA ALA S 581 -6.73 -1.47 124.14
C ALA S 581 -7.56 -2.72 124.35
N VAL S 582 -7.86 -3.03 125.60
CA VAL S 582 -8.58 -4.26 125.93
C VAL S 582 -9.82 -4.02 126.77
N ASN S 583 -10.18 -2.77 127.05
CA ASN S 583 -11.37 -2.50 127.86
C ASN S 583 -11.91 -1.13 127.49
N PHE S 584 -12.91 -0.67 128.23
CA PHE S 584 -13.46 0.67 128.11
C PHE S 584 -13.06 1.45 129.35
N GLN S 585 -12.34 2.55 129.16
CA GLN S 585 -12.04 3.45 130.26
C GLN S 585 -13.27 4.27 130.60
N SER S 586 -13.45 4.54 131.90
CA SER S 586 -14.59 5.33 132.34
C SER S 586 -14.25 5.94 133.70
N SER S 587 -15.03 6.94 134.08
CA SER S 587 -14.91 7.58 135.38
C SER S 587 -15.96 7.02 136.33
N SER S 588 -15.73 7.25 137.62
CA SER S 588 -16.67 6.82 138.63
C SER S 588 -17.94 7.64 138.57
N THR S 589 -19.07 7.00 138.90
CA THR S 589 -20.36 7.67 138.89
C THR S 589 -21.19 7.26 140.10
N VAL S 592 -22.73 4.49 138.63
CA VAL S 592 -21.82 3.36 138.55
C VAL S 592 -20.50 3.71 139.21
N PRO S 593 -20.43 3.58 140.54
CA PRO S 593 -19.22 4.00 141.26
C PRO S 593 -18.10 2.98 141.17
N PHE S 594 -17.86 2.44 139.98
CA PHE S 594 -16.77 1.50 139.73
C PHE S 594 -15.94 2.09 138.59
N LYS S 595 -14.96 2.91 138.95
CA LYS S 595 -14.07 3.52 137.97
C LYS S 595 -13.26 2.46 137.25
N THR S 596 -13.14 2.60 135.93
CA THR S 596 -12.40 1.65 135.10
C THR S 596 -11.20 2.35 134.49
N ASP S 597 -10.01 1.96 134.93
CA ASP S 597 -8.80 2.47 134.31
C ASP S 597 -8.62 1.86 132.92
N PRO S 598 -8.07 2.63 131.98
CA PRO S 598 -7.76 2.05 130.67
C PRO S 598 -6.71 0.96 130.79
N ALA S 599 -6.86 -0.07 129.97
CA ALA S 599 -5.98 -1.23 130.02
C ALA S 599 -5.53 -1.61 128.62
N THR S 600 -4.25 -1.92 128.50
CA THR S 600 -3.66 -2.36 127.24
C THR S 600 -3.06 -3.75 127.42
N GLY S 601 -2.99 -4.47 126.32
CA GLY S 601 -2.35 -5.77 126.30
C GLY S 601 -1.37 -5.85 125.16
N ASP S 602 -0.32 -6.64 125.37
CA ASP S 602 0.70 -6.81 124.36
C ASP S 602 0.21 -7.72 123.24
N VAL S 603 0.54 -7.35 122.01
CA VAL S 603 0.15 -8.10 120.82
C VAL S 603 1.38 -8.87 120.36
N HIS S 604 1.36 -10.19 120.53
CA HIS S 604 2.53 -11.01 120.28
C HIS S 604 2.53 -11.61 118.88
N ALA S 605 1.35 -11.96 118.37
CA ALA S 605 1.19 -12.44 117.01
C ALA S 605 0.19 -11.55 116.30
N MET S 606 0.62 -10.92 115.21
CA MET S 606 -0.23 -10.00 114.46
C MET S 606 -0.27 -10.46 113.01
N GLY S 607 -1.47 -10.72 112.52
CA GLY S 607 -1.66 -11.04 111.12
C GLY S 607 -1.68 -9.80 110.27
N ALA S 608 -1.85 -9.99 108.97
CA ALA S 608 -1.77 -8.89 108.02
C ALA S 608 -2.94 -7.93 108.21
N LEU S 609 -2.63 -6.66 108.43
CA LEU S 609 -3.56 -5.56 108.44
C LEU S 609 -3.36 -4.70 107.19
N PRO S 610 -4.42 -4.11 106.65
CA PRO S 610 -4.23 -3.19 105.51
C PRO S 610 -3.38 -2.00 105.93
N GLY S 611 -2.51 -1.58 105.03
CA GLY S 611 -1.52 -0.58 105.32
C GLY S 611 -0.19 -1.12 105.78
N MET S 612 -0.09 -2.42 106.01
CA MET S 612 1.16 -3.04 106.43
C MET S 612 2.15 -3.12 105.29
N VAL S 613 3.42 -2.86 105.59
CA VAL S 613 4.51 -3.01 104.64
C VAL S 613 5.64 -3.75 105.32
N TRP S 614 6.34 -4.59 104.57
CA TRP S 614 7.40 -5.40 105.14
C TRP S 614 8.42 -5.76 104.06
N GLN S 615 9.57 -6.21 104.52
CA GLN S 615 10.57 -6.82 103.66
C GLN S 615 10.63 -8.31 103.90
N ASP S 616 11.02 -9.05 102.86
CA ASP S 616 11.18 -10.48 102.96
C ASP S 616 12.53 -10.82 103.56
N ARG S 617 12.75 -12.10 103.85
CA ARG S 617 14.03 -12.55 104.36
C ARG S 617 15.11 -12.40 103.30
N ASP S 618 16.33 -12.18 103.77
CA ASP S 618 17.48 -12.07 102.88
C ASP S 618 17.89 -13.43 102.35
N VAL S 619 18.53 -13.43 101.19
CA VAL S 619 19.15 -14.62 100.64
C VAL S 619 20.64 -14.55 100.91
N TYR S 620 21.27 -15.72 101.00
CA TYR S 620 22.67 -15.83 101.33
C TYR S 620 23.38 -16.67 100.27
N LEU S 621 24.69 -16.51 100.18
CA LEU S 621 25.46 -17.29 99.24
C LEU S 621 25.35 -18.79 99.54
N GLN S 622 25.21 -19.16 100.80
CA GLN S 622 25.05 -20.54 101.21
C GLN S 622 23.61 -20.99 101.28
N GLY S 623 22.65 -20.11 100.97
CA GLY S 623 21.26 -20.40 101.19
C GLY S 623 20.52 -20.85 99.95
N PRO S 624 19.25 -21.22 100.12
CA PRO S 624 18.46 -21.69 98.98
C PRO S 624 18.09 -20.57 98.02
N ILE S 625 17.86 -20.95 96.78
CA ILE S 625 17.46 -20.01 95.74
C ILE S 625 15.95 -19.92 95.61
N TRP S 626 15.28 -21.05 95.45
CA TRP S 626 13.86 -21.07 95.16
C TRP S 626 13.16 -22.09 96.03
N ALA S 627 11.83 -22.09 95.93
CA ALA S 627 11.00 -23.10 96.55
C ALA S 627 9.72 -23.22 95.73
N LYS S 628 9.20 -24.43 95.62
CA LYS S 628 7.91 -24.64 94.98
C LYS S 628 6.80 -24.14 95.89
N ILE S 629 5.93 -23.30 95.35
CA ILE S 629 4.74 -22.86 96.09
C ILE S 629 3.73 -24.00 96.11
N PRO S 630 3.24 -24.40 97.27
CA PRO S 630 2.29 -25.51 97.32
C PRO S 630 1.05 -25.23 96.49
N HIS S 631 0.56 -26.27 95.81
CA HIS S 631 -0.63 -26.15 94.97
C HIS S 631 -1.85 -26.22 95.87
N THR S 632 -2.24 -25.05 96.38
CA THR S 632 -3.36 -24.91 97.29
C THR S 632 -4.35 -23.90 96.71
N ASP S 633 -5.53 -23.86 97.32
CA ASP S 633 -6.54 -22.88 96.91
C ASP S 633 -6.09 -21.46 97.21
N GLY S 634 -5.51 -21.24 98.38
CA GLY S 634 -5.08 -19.91 98.76
C GLY S 634 -3.68 -19.92 99.34
N HIS S 635 -3.01 -18.80 99.17
CA HIS S 635 -1.73 -18.54 99.78
C HIS S 635 -1.53 -17.04 99.86
N PHE S 636 -0.93 -16.58 100.94
CA PHE S 636 -0.72 -15.16 101.16
C PHE S 636 0.77 -14.86 101.02
N HIS S 637 1.11 -14.03 100.04
CA HIS S 637 2.48 -13.60 99.78
C HIS S 637 3.42 -14.79 99.68
N PRO S 638 3.31 -15.57 98.62
CA PRO S 638 3.99 -16.89 98.57
C PRO S 638 5.50 -16.78 98.36
N SER S 639 6.16 -16.08 99.28
CA SER S 639 7.60 -16.00 99.31
C SER S 639 8.11 -16.97 100.37
N PRO S 640 9.05 -17.85 100.03
CA PRO S 640 9.48 -18.88 100.99
C PRO S 640 10.04 -18.27 102.25
N LEU S 641 9.77 -18.92 103.38
CA LEU S 641 10.15 -18.34 104.66
C LEU S 641 11.65 -18.51 104.92
N MET S 642 12.30 -19.46 104.27
CA MET S 642 13.75 -19.53 104.34
C MET S 642 14.43 -18.48 103.47
N GLY S 643 13.70 -17.82 102.61
CA GLY S 643 14.27 -16.85 101.70
C GLY S 643 14.38 -17.40 100.29
N GLY S 644 14.27 -16.51 99.32
CA GLY S 644 14.38 -16.92 97.94
C GLY S 644 13.15 -16.60 97.12
N PHE S 645 13.02 -17.28 95.99
CA PHE S 645 11.93 -17.05 95.05
C PHE S 645 10.94 -18.20 95.17
N GLY S 646 9.68 -17.87 95.41
CA GLY S 646 8.62 -18.86 95.36
C GLY S 646 8.12 -19.00 93.95
N LEU S 647 8.20 -20.19 93.39
CA LEU S 647 7.80 -20.45 92.02
C LEU S 647 6.66 -21.47 91.99
N LYS S 648 5.62 -21.16 91.22
CA LYS S 648 4.55 -22.14 91.03
C LYS S 648 5.05 -23.33 90.22
N ASN S 649 5.81 -23.07 89.17
CA ASN S 649 6.49 -24.11 88.40
C ASN S 649 7.99 -23.92 88.59
N PRO S 650 8.58 -24.49 89.63
CA PRO S 650 10.01 -24.31 89.86
C PRO S 650 10.81 -25.15 88.87
N PRO S 651 12.13 -25.04 88.88
CA PRO S 651 12.94 -25.95 88.10
C PRO S 651 12.65 -27.39 88.49
N PRO S 652 12.34 -28.24 87.52
CA PRO S 652 11.92 -29.60 87.84
C PRO S 652 13.06 -30.44 88.38
N GLN S 653 12.68 -31.51 89.07
CA GLN S 653 13.66 -32.44 89.60
C GLN S 653 14.22 -33.31 88.49
N ILE S 654 15.54 -33.42 88.46
CA ILE S 654 16.23 -34.35 87.56
C ILE S 654 16.59 -35.58 88.37
N LEU S 655 16.06 -36.72 87.97
CA LEU S 655 16.22 -37.96 88.69
C LEU S 655 17.03 -38.93 87.86
N ILE S 656 17.99 -39.57 88.50
CA ILE S 656 18.99 -40.38 87.82
C ILE S 656 19.20 -41.66 88.62
N LYS S 657 19.36 -42.77 87.93
CA LYS S 657 19.73 -43.99 88.63
C LYS S 657 20.49 -44.89 87.68
N ASN S 658 21.23 -45.84 88.25
CA ASN S 658 21.92 -46.84 87.46
C ASN S 658 20.93 -47.93 87.08
N THR S 659 20.90 -48.29 85.80
CA THR S 659 20.05 -49.41 85.40
C THR S 659 20.58 -50.70 86.01
N PRO S 660 19.74 -51.48 86.68
CA PRO S 660 20.24 -52.72 87.30
C PRO S 660 20.76 -53.70 86.25
N VAL S 661 21.89 -54.32 86.56
CA VAL S 661 22.46 -55.37 85.73
C VAL S 661 22.41 -56.67 86.53
N PRO S 662 21.57 -57.62 86.17
CA PRO S 662 21.48 -58.86 86.94
C PRO S 662 22.75 -59.67 86.86
N ALA S 663 23.01 -60.43 87.92
CA ALA S 663 24.09 -61.39 87.92
C ALA S 663 23.67 -62.65 87.18
N ASN S 664 24.45 -63.71 87.30
CA ASN S 664 24.21 -64.93 86.56
C ASN S 664 22.89 -65.56 86.99
N PRO S 665 21.93 -65.75 86.07
CA PRO S 665 20.66 -66.38 86.44
C PRO S 665 20.82 -67.88 86.58
N PRO S 666 19.88 -68.54 87.25
CA PRO S 666 19.94 -70.01 87.36
C PRO S 666 19.71 -70.69 86.03
N ALA S 667 20.15 -71.95 85.95
CA ALA S 667 19.95 -72.73 84.73
C ALA S 667 18.48 -73.02 84.48
N GLU S 668 17.73 -73.31 85.52
CA GLU S 668 16.28 -73.52 85.44
C GLU S 668 15.54 -72.22 85.74
N PHE S 669 14.36 -72.09 85.14
CA PHE S 669 13.58 -70.88 85.29
C PHE S 669 13.01 -70.75 86.69
N SER S 670 13.04 -69.53 87.22
CA SER S 670 12.44 -69.21 88.51
C SER S 670 11.66 -67.91 88.36
N ALA S 671 10.41 -67.91 88.78
CA ALA S 671 9.60 -66.70 88.69
C ALA S 671 9.87 -65.71 89.82
N THR S 672 10.61 -66.12 90.85
CA THR S 672 11.00 -65.20 91.88
C THR S 672 11.81 -64.06 91.28
N LYS S 673 11.49 -62.83 91.68
CA LYS S 673 12.16 -61.68 91.09
C LYS S 673 13.64 -61.68 91.44
N PHE S 674 14.43 -61.10 90.56
CA PHE S 674 15.88 -61.10 90.71
C PHE S 674 16.28 -60.32 91.95
N ALA S 675 17.22 -60.88 92.71
CA ALA S 675 17.77 -60.21 93.87
C ALA S 675 19.29 -60.11 93.81
N SER S 676 19.92 -60.83 92.88
CA SER S 676 21.37 -60.81 92.72
C SER S 676 21.70 -59.91 91.55
N PHE S 677 22.42 -58.83 91.82
CA PHE S 677 22.77 -57.84 90.81
C PHE S 677 24.27 -57.63 90.79
N ILE S 678 24.76 -57.21 89.64
CA ILE S 678 26.15 -56.82 89.49
C ILE S 678 26.33 -55.45 90.14
N THR S 679 27.26 -55.35 91.07
CA THR S 679 27.44 -54.13 91.86
C THR S 679 28.15 -53.09 91.03
N GLN S 680 27.52 -51.92 90.86
CA GLN S 680 28.14 -50.89 90.05
C GLN S 680 27.67 -49.52 90.48
N TYR S 681 28.45 -48.52 90.09
CA TYR S 681 28.12 -47.13 90.31
C TYR S 681 28.40 -46.38 89.02
N SER S 682 28.12 -45.09 89.02
CA SER S 682 28.43 -44.28 87.84
C SER S 682 29.01 -42.95 88.28
N THR S 683 29.75 -42.33 87.36
CA THR S 683 30.35 -41.03 87.59
C THR S 683 30.16 -40.21 86.33
N GLY S 684 30.27 -38.90 86.48
CA GLY S 684 30.11 -38.06 85.31
C GLY S 684 30.25 -36.60 85.66
N GLN S 685 29.92 -35.76 84.68
CA GLN S 685 29.98 -34.32 84.83
C GLN S 685 28.59 -33.73 84.62
N VAL S 686 28.28 -32.72 85.41
CA VAL S 686 27.00 -32.02 85.34
C VAL S 686 27.28 -30.53 85.19
N SER S 687 26.58 -29.89 84.25
CA SER S 687 26.68 -28.46 84.02
C SER S 687 25.33 -27.81 84.24
N VAL S 688 25.32 -26.71 84.98
CA VAL S 688 24.13 -25.88 85.14
C VAL S 688 24.49 -24.46 84.77
N GLU S 689 23.72 -23.86 83.88
CA GLU S 689 23.91 -22.48 83.46
C GLU S 689 22.63 -21.71 83.75
N ILE S 690 22.72 -20.67 84.57
CA ILE S 690 21.58 -19.82 84.89
C ILE S 690 21.85 -18.41 84.40
N GLU S 691 20.92 -17.87 83.62
CA GLU S 691 20.86 -16.45 83.32
C GLU S 691 20.01 -15.76 84.37
N TRP S 692 20.55 -14.70 84.95
CA TRP S 692 19.89 -13.87 85.95
C TRP S 692 19.74 -12.45 85.41
N GLU S 693 18.57 -11.88 85.63
CA GLU S 693 18.32 -10.48 85.35
C GLU S 693 18.66 -9.63 86.56
N LEU S 694 19.37 -8.54 86.31
CA LEU S 694 19.82 -7.61 87.33
C LEU S 694 18.96 -6.35 87.32
N GLN S 695 18.87 -5.72 88.48
CA GLN S 695 18.18 -4.45 88.65
C GLN S 695 19.20 -3.52 89.28
N LYS S 696 19.72 -2.61 88.45
CA LYS S 696 20.82 -1.74 88.82
C LYS S 696 20.37 -0.67 89.80
N GLU S 697 21.30 -0.25 90.65
CA GLU S 697 21.06 0.89 91.52
C GLU S 697 20.96 2.16 90.68
N ASN S 698 20.10 3.08 91.10
CA ASN S 698 19.97 4.39 90.47
C ASN S 698 20.03 5.49 91.52
N SER S 699 20.92 5.33 92.50
CA SER S 699 20.86 6.13 93.71
C SER S 699 21.45 7.51 93.49
N LYS S 700 20.89 8.49 94.20
CA LYS S 700 21.41 9.85 94.24
C LYS S 700 22.07 10.15 95.56
N ARG S 701 22.36 9.13 96.35
CA ARG S 701 23.02 9.29 97.65
C ARG S 701 24.40 9.89 97.47
N TRP S 702 24.76 10.81 98.35
CA TRP S 702 26.03 11.52 98.24
C TRP S 702 27.17 10.78 98.91
N ASN S 703 27.00 10.39 100.17
CA ASN S 703 28.05 9.72 100.90
C ASN S 703 28.23 8.30 100.40
N PRO S 704 29.41 7.71 100.62
CA PRO S 704 29.65 6.35 100.15
C PRO S 704 28.78 5.32 100.85
N GLU S 705 28.48 4.25 100.12
CA GLU S 705 27.64 3.17 100.61
C GLU S 705 28.45 2.16 101.40
N VAL S 706 27.74 1.35 102.18
CA VAL S 706 28.33 0.19 102.83
C VAL S 706 28.46 -0.93 101.80
N GLN S 707 29.65 -1.50 101.71
CA GLN S 707 29.92 -2.57 100.77
C GLN S 707 30.42 -3.79 101.52
N TYR S 708 30.19 -4.97 100.96
CA TYR S 708 30.84 -6.15 101.48
C TYR S 708 32.28 -6.16 101.01
N THR S 709 33.21 -6.32 101.95
CA THR S 709 34.62 -6.25 101.62
C THR S 709 35.37 -7.36 102.33
N SER S 710 36.48 -7.76 101.73
CA SER S 710 37.46 -8.57 102.42
C SER S 710 38.21 -7.73 103.44
N ASN S 711 38.59 -8.36 104.54
CA ASN S 711 39.39 -7.68 105.54
C ASN S 711 40.84 -7.64 105.08
N TYR S 712 41.44 -6.45 105.11
CA TYR S 712 42.86 -6.29 104.81
C TYR S 712 43.60 -6.44 106.13
N ALA S 713 44.35 -7.53 106.27
CA ALA S 713 45.15 -7.77 107.47
C ALA S 713 45.92 -9.06 107.25
N LYS S 714 47.09 -9.14 107.87
CA LYS S 714 47.83 -10.38 107.83
C LYS S 714 47.03 -11.45 108.56
N SER S 715 46.69 -12.52 107.83
CA SER S 715 45.93 -13.62 108.37
C SER S 715 46.60 -14.92 107.94
N ALA S 716 46.42 -15.95 108.76
CA ALA S 716 47.03 -17.24 108.46
C ALA S 716 46.47 -17.82 107.17
N ASN S 717 45.20 -17.53 106.87
CA ASN S 717 44.53 -18.02 105.68
C ASN S 717 43.83 -16.87 104.98
N VAL S 718 43.45 -17.10 103.74
CA VAL S 718 42.59 -16.19 102.99
C VAL S 718 41.17 -16.70 103.09
N ASP S 719 40.22 -15.78 103.24
CA ASP S 719 38.82 -16.16 103.36
C ASP S 719 38.31 -16.74 102.05
N PHE S 720 37.42 -17.73 102.17
CA PHE S 720 36.82 -18.39 101.01
C PHE S 720 37.88 -19.06 100.13
N THR S 721 38.81 -19.75 100.76
CA THR S 721 39.85 -20.48 100.05
C THR S 721 40.01 -21.86 100.64
N VAL S 722 41.04 -22.58 100.21
CA VAL S 722 41.38 -23.87 100.77
C VAL S 722 42.47 -23.67 101.81
N ASP S 723 42.59 -24.64 102.72
CA ASP S 723 43.67 -24.62 103.69
C ASP S 723 44.81 -25.50 103.18
N ASN S 724 45.81 -25.75 104.03
CA ASN S 724 46.92 -26.59 103.63
C ASN S 724 46.51 -28.05 103.44
N ASN S 725 45.36 -28.45 103.96
CA ASN S 725 44.85 -29.81 103.75
C ASN S 725 43.96 -29.93 102.53
N GLY S 726 43.65 -28.82 101.86
CA GLY S 726 42.80 -28.86 100.70
C GLY S 726 41.33 -28.71 100.94
N LEU S 727 40.93 -28.25 102.12
CA LEU S 727 39.52 -28.17 102.49
C LEU S 727 39.01 -26.76 102.26
N TYR S 728 38.04 -26.63 101.36
CA TYR S 728 37.40 -25.34 101.10
C TYR S 728 36.45 -25.01 102.24
N THR S 729 36.55 -23.78 102.75
CA THR S 729 35.72 -23.31 103.84
C THR S 729 35.16 -21.94 103.51
N GLU S 730 33.97 -21.66 104.04
CA GLU S 730 33.37 -20.34 103.93
C GLU S 730 33.30 -19.73 105.33
N PRO S 731 34.08 -18.68 105.61
CA PRO S 731 34.17 -18.17 106.98
C PRO S 731 32.87 -17.60 107.55
N ARG S 732 32.03 -17.02 106.72
CA ARG S 732 30.86 -16.32 107.21
C ARG S 732 29.76 -16.41 106.16
N PRO S 733 28.50 -16.26 106.56
CA PRO S 733 27.42 -16.12 105.58
C PRO S 733 27.32 -14.69 105.09
N ILE S 734 27.18 -14.52 103.77
CA ILE S 734 27.09 -13.21 103.16
C ILE S 734 25.67 -13.01 102.66
N GLY S 735 25.03 -11.94 103.12
CA GLY S 735 23.73 -11.55 102.61
C GLY S 735 23.83 -10.70 101.36
N THR S 736 22.75 -9.99 101.08
CA THR S 736 22.66 -9.18 99.87
C THR S 736 22.48 -7.69 100.14
N ARG S 737 21.98 -7.32 101.30
CA ARG S 737 21.50 -5.96 101.54
C ARG S 737 22.64 -5.08 101.99
N TYR S 738 23.34 -4.46 101.03
CA TYR S 738 24.44 -3.56 101.35
C TYR S 738 24.16 -2.17 100.80
N LEU S 739 23.75 -2.08 99.55
CA LEU S 739 23.30 -0.80 99.01
C LEU S 739 22.02 -0.39 99.71
N THR S 740 21.68 0.89 99.62
CA THR S 740 20.48 1.39 100.27
C THR S 740 19.62 2.14 99.26
N ARG S 741 18.35 2.31 99.62
CA ARG S 741 17.44 3.14 98.85
C ARG S 741 16.43 3.75 99.82
N PRO S 742 15.84 4.89 99.46
CA PRO S 742 14.86 5.51 100.36
C PRO S 742 13.58 4.70 100.44
N LEU S 743 12.96 4.73 101.61
CA LEU S 743 11.78 3.92 101.87
C LEU S 743 10.55 4.47 101.16
N ASP T 219 24.35 -49.89 66.86
CA ASP T 219 24.74 -48.49 66.73
C ASP T 219 26.00 -48.17 67.54
N GLY T 220 26.59 -49.20 68.14
CA GLY T 220 27.85 -49.06 68.84
C GLY T 220 27.78 -49.58 70.25
N VAL T 221 28.98 -49.76 70.82
CA VAL T 221 29.11 -50.23 72.20
C VAL T 221 28.68 -49.15 73.19
N GLY T 222 29.05 -47.91 72.94
CA GLY T 222 28.81 -46.85 73.91
C GLY T 222 27.60 -45.99 73.65
N ASN T 223 26.68 -46.48 72.83
CA ASN T 223 25.47 -45.76 72.48
C ASN T 223 24.27 -46.64 72.82
N ALA T 224 23.35 -46.09 73.61
CA ALA T 224 22.15 -46.84 73.98
C ALA T 224 21.22 -46.98 72.79
N SER T 225 20.64 -48.16 72.64
CA SER T 225 19.77 -48.44 71.50
C SER T 225 18.29 -48.23 71.81
N GLY T 226 17.95 -47.73 72.99
CA GLY T 226 16.57 -47.41 73.29
C GLY T 226 16.48 -46.70 74.61
N ASN T 227 15.29 -46.17 74.87
CA ASN T 227 15.00 -45.43 76.08
C ASN T 227 13.93 -46.15 76.88
N TRP T 228 13.78 -45.74 78.13
CA TRP T 228 12.77 -46.30 79.02
C TRP T 228 11.44 -45.63 78.72
N HIS T 229 10.50 -46.39 78.19
CA HIS T 229 9.16 -45.89 77.85
C HIS T 229 8.15 -46.65 78.69
N CYS T 230 7.81 -46.11 79.85
CA CYS T 230 6.81 -46.68 80.72
C CYS T 230 5.82 -45.58 81.09
N ASP T 231 4.62 -45.66 80.54
CA ASP T 231 3.68 -44.53 80.61
C ASP T 231 2.28 -45.07 80.36
N SER T 232 1.31 -44.17 80.43
CA SER T 232 -0.06 -44.48 80.07
C SER T 232 -0.74 -43.19 79.65
N THR T 233 -1.20 -43.13 78.41
CA THR T 233 -1.83 -41.94 77.86
C THR T 233 -3.29 -42.24 77.61
N TRP T 234 -4.17 -41.39 78.13
CA TRP T 234 -5.60 -41.56 77.99
C TRP T 234 -6.11 -40.52 77.00
N LEU T 235 -6.56 -40.98 75.85
CA LEU T 235 -7.23 -40.13 74.88
C LEU T 235 -8.73 -40.26 75.12
N GLY T 236 -9.54 -39.73 74.21
CA GLY T 236 -10.97 -39.77 74.40
C GLY T 236 -11.53 -41.18 74.43
N ASP T 237 -11.20 -41.98 73.42
CA ASP T 237 -11.72 -43.33 73.32
C ASP T 237 -10.63 -44.38 73.26
N ARG T 238 -9.36 -43.99 73.38
CA ARG T 238 -8.25 -44.92 73.39
C ARG T 238 -7.47 -44.72 74.68
N VAL T 239 -6.76 -45.77 75.08
CA VAL T 239 -5.71 -45.65 76.08
C VAL T 239 -4.50 -46.40 75.56
N ILE T 240 -3.33 -45.77 75.63
CA ILE T 240 -2.08 -46.38 75.19
C ILE T 240 -1.23 -46.64 76.42
N THR T 241 -0.92 -47.91 76.68
CA THR T 241 -0.12 -48.31 77.81
C THR T 241 1.25 -48.77 77.30
N THR T 242 2.31 -48.19 77.86
CA THR T 242 3.67 -48.59 77.55
C THR T 242 4.34 -49.12 78.81
N SER T 243 5.10 -50.20 78.65
CA SER T 243 5.78 -50.84 79.77
C SER T 243 7.17 -51.26 79.36
N THR T 244 8.17 -50.81 80.10
CA THR T 244 9.54 -51.25 79.93
C THR T 244 9.96 -52.05 81.16
N ARG T 245 10.66 -53.15 80.92
CA ARG T 245 11.17 -54.02 81.98
C ARG T 245 12.58 -54.43 81.65
N THR T 246 13.32 -54.84 82.68
CA THR T 246 14.66 -55.37 82.53
C THR T 246 14.60 -56.89 82.66
N TRP T 247 15.14 -57.58 81.66
CA TRP T 247 15.10 -59.03 81.60
C TRP T 247 16.51 -59.61 81.66
N ALA T 248 16.59 -60.82 82.19
CA ALA T 248 17.78 -61.64 82.16
C ALA T 248 17.45 -62.97 81.51
N LEU T 249 18.25 -63.36 80.52
CA LEU T 249 18.09 -64.59 79.77
C LEU T 249 19.30 -65.48 79.99
N PRO T 250 19.14 -66.64 80.60
CA PRO T 250 20.27 -67.56 80.75
C PRO T 250 20.44 -68.47 79.55
N THR T 251 21.40 -69.38 79.63
CA THR T 251 21.50 -70.47 78.66
C THR T 251 20.72 -71.66 79.18
N TYR T 252 19.79 -72.15 78.36
CA TYR T 252 18.91 -73.24 78.73
C TYR T 252 19.38 -74.52 78.08
N ASN T 253 19.45 -75.60 78.86
CA ASN T 253 19.73 -76.95 78.38
C ASN T 253 21.14 -77.12 77.85
N ASN T 254 22.05 -76.18 78.13
CA ASN T 254 23.37 -76.15 77.51
C ASN T 254 23.26 -76.13 75.99
N HIS T 255 22.36 -75.30 75.48
CA HIS T 255 22.14 -75.11 74.04
C HIS T 255 21.63 -76.37 73.35
N LEU T 256 20.96 -77.24 74.11
CA LEU T 256 20.52 -78.52 73.58
C LEU T 256 19.00 -78.57 73.49
N TYR T 257 18.52 -79.31 72.51
CA TYR T 257 17.12 -79.71 72.43
C TYR T 257 16.99 -81.06 73.11
N LYS T 258 16.10 -81.16 74.08
CA LYS T 258 15.95 -82.39 74.84
C LYS T 258 14.53 -82.89 74.71
N GLN T 259 14.38 -84.21 74.61
CA GLN T 259 13.07 -84.85 74.57
C GLN T 259 12.64 -85.16 75.99
N ILE T 260 11.45 -84.68 76.36
CA ILE T 260 10.94 -84.84 77.71
C ILE T 260 9.65 -85.65 77.65
N SER T 261 9.44 -86.48 78.67
CA SER T 261 8.22 -87.26 78.78
C SER T 261 8.00 -87.58 80.25
N SER T 262 6.99 -88.41 80.52
CA SER T 262 6.63 -88.79 81.88
C SER T 262 7.12 -90.18 82.25
N ALA T 263 7.94 -90.80 81.40
CA ALA T 263 8.37 -92.18 81.63
C ALA T 263 9.19 -92.30 82.91
N SER T 264 10.14 -91.39 83.12
CA SER T 264 10.90 -91.41 84.37
C SER T 264 10.07 -90.90 85.54
N THR T 265 9.13 -90.00 85.28
CA THR T 265 8.30 -89.48 86.35
C THR T 265 7.43 -90.57 86.96
N GLY T 266 6.96 -91.50 86.14
CA GLY T 266 6.05 -92.52 86.65
C GLY T 266 4.71 -91.98 87.07
N ALA T 267 4.12 -91.10 86.27
CA ALA T 267 2.87 -90.45 86.60
C ALA T 267 1.69 -91.36 86.31
N SER T 268 0.49 -90.90 86.66
CA SER T 268 -0.72 -91.61 86.32
C SER T 268 -1.04 -91.46 84.85
N ASN T 269 -2.00 -92.26 84.38
CA ASN T 269 -2.36 -92.22 82.97
C ASN T 269 -2.88 -90.85 82.55
N ASP T 270 -3.48 -90.11 83.49
CA ASP T 270 -4.01 -88.79 83.18
C ASP T 270 -2.92 -87.74 83.02
N ASN T 271 -1.74 -87.97 83.59
CA ASN T 271 -0.67 -86.98 83.61
C ASN T 271 0.47 -87.33 82.66
N HIS T 272 0.28 -88.32 81.80
CA HIS T 272 1.31 -88.69 80.84
C HIS T 272 1.48 -87.61 79.79
N TYR T 273 2.71 -87.42 79.34
CA TYR T 273 2.98 -86.44 78.30
C TYR T 273 4.25 -86.80 77.55
N PHE T 274 4.39 -86.20 76.38
CA PHE T 274 5.58 -86.33 75.55
C PHE T 274 5.80 -84.99 74.87
N GLY T 275 7.03 -84.51 74.87
CA GLY T 275 7.30 -83.24 74.26
C GLY T 275 8.78 -82.95 74.17
N TYR T 276 9.09 -81.67 73.98
CA TYR T 276 10.46 -81.24 73.79
C TYR T 276 10.73 -79.97 74.57
N SER T 277 11.97 -79.88 75.07
CA SER T 277 12.49 -78.70 75.75
C SER T 277 13.51 -78.05 74.83
N THR T 278 13.33 -76.78 74.52
CA THR T 278 14.27 -76.13 73.63
C THR T 278 15.23 -75.26 74.42
N PRO T 279 16.37 -74.88 73.85
CA PRO T 279 17.26 -73.92 74.52
C PRO T 279 16.80 -72.47 74.43
N TRP T 280 15.64 -72.21 73.86
CA TRP T 280 15.12 -70.87 73.69
C TRP T 280 14.27 -70.45 74.87
N GLY T 281 14.23 -69.14 75.12
CA GLY T 281 13.25 -68.54 75.99
C GLY T 281 12.26 -67.75 75.15
N TYR T 282 11.18 -67.33 75.79
CA TYR T 282 10.17 -66.56 75.10
C TYR T 282 9.75 -65.38 75.95
N PHE T 283 9.22 -64.36 75.28
CA PHE T 283 8.73 -63.16 75.94
C PHE T 283 7.22 -63.26 76.11
N ASP T 284 6.76 -63.03 77.33
CA ASP T 284 5.35 -63.12 77.68
C ASP T 284 4.89 -61.82 78.32
N PHE T 285 3.84 -61.24 77.76
CA PHE T 285 3.20 -60.08 78.37
C PHE T 285 1.69 -60.27 78.29
N ASN T 286 1.22 -61.47 78.61
CA ASN T 286 -0.17 -61.84 78.51
C ASN T 286 -0.89 -61.77 79.85
N ARG T 287 -0.58 -60.77 80.66
CA ARG T 287 -1.35 -60.45 81.85
C ARG T 287 -1.64 -58.95 81.85
N PHE T 288 -2.75 -58.58 82.47
CA PHE T 288 -3.19 -57.19 82.40
C PHE T 288 -2.29 -56.28 83.22
N HIS T 289 -1.69 -56.77 84.29
CA HIS T 289 -0.84 -55.94 85.12
C HIS T 289 0.56 -55.73 84.52
N CYS T 290 0.89 -56.43 83.43
CA CYS T 290 2.08 -56.08 82.67
C CYS T 290 1.93 -54.75 81.97
N HIS T 291 0.71 -54.25 81.84
CA HIS T 291 0.41 -53.05 81.08
C HIS T 291 -0.29 -51.97 81.88
N PHE T 292 -1.14 -52.34 82.84
CA PHE T 292 -1.89 -51.38 83.62
C PHE T 292 -1.35 -51.33 85.04
N SER T 293 -1.10 -50.12 85.54
CA SER T 293 -0.94 -49.95 86.96
C SER T 293 -2.29 -50.12 87.62
N PRO T 294 -2.33 -50.40 88.93
CA PRO T 294 -3.62 -50.48 89.61
C PRO T 294 -4.45 -49.22 89.49
N ARG T 295 -3.82 -48.04 89.50
CA ARG T 295 -4.54 -46.80 89.30
C ARG T 295 -5.14 -46.73 87.89
N ASP T 296 -4.38 -47.14 86.87
CA ASP T 296 -4.91 -47.15 85.51
C ASP T 296 -6.04 -48.16 85.36
N TRP T 297 -5.91 -49.32 86.00
CA TRP T 297 -6.98 -50.31 85.97
C TRP T 297 -8.25 -49.78 86.61
N GLN T 298 -8.11 -49.10 87.75
CA GLN T 298 -9.27 -48.50 88.39
C GLN T 298 -9.90 -47.42 87.52
N ARG T 299 -9.07 -46.60 86.89
CA ARG T 299 -9.56 -45.58 85.98
C ARG T 299 -10.32 -46.19 84.81
N LEU T 300 -9.84 -47.31 84.29
CA LEU T 300 -10.52 -47.99 83.19
C LEU T 300 -11.85 -48.58 83.64
N ILE T 301 -11.85 -49.34 84.73
CA ILE T 301 -13.03 -50.10 85.11
C ILE T 301 -14.10 -49.26 85.77
N ASN T 302 -13.75 -48.10 86.31
CA ASN T 302 -14.76 -47.24 86.92
C ASN T 302 -15.45 -46.34 85.92
N ASN T 303 -14.96 -46.28 84.70
CA ASN T 303 -15.44 -45.30 83.74
C ASN T 303 -15.84 -45.87 82.40
N ASN T 304 -15.46 -47.09 82.07
CA ASN T 304 -15.71 -47.63 80.75
C ASN T 304 -16.64 -48.82 80.81
N TRP T 305 -17.56 -48.89 79.85
CA TRP T 305 -18.44 -50.04 79.70
C TRP T 305 -17.76 -51.20 79.01
N GLY T 306 -16.71 -50.96 78.26
CA GLY T 306 -16.01 -52.07 77.65
C GLY T 306 -14.66 -51.64 77.12
N PHE T 307 -13.85 -52.63 76.79
CA PHE T 307 -12.56 -52.31 76.21
C PHE T 307 -12.02 -53.47 75.39
N ARG T 308 -11.08 -53.19 74.51
CA ARG T 308 -10.45 -54.23 73.71
C ARG T 308 -9.11 -53.73 73.20
N PRO T 309 -8.21 -54.63 72.82
CA PRO T 309 -6.91 -54.19 72.26
C PRO T 309 -6.96 -53.97 70.76
N LYS T 310 -6.31 -52.88 70.34
CA LYS T 310 -6.20 -52.46 68.95
C LYS T 310 -4.84 -52.78 68.35
N ARG T 311 -3.75 -52.37 68.98
CA ARG T 311 -2.47 -52.63 68.35
C ARG T 311 -1.37 -52.70 69.39
N LEU T 312 -0.22 -53.23 68.99
CA LEU T 312 0.91 -53.29 69.90
C LEU T 312 2.23 -53.13 69.16
N ASN T 313 3.20 -52.57 69.88
CA ASN T 313 4.59 -52.45 69.47
C ASN T 313 5.46 -53.15 70.51
N PHE T 314 6.45 -53.88 70.02
CA PHE T 314 7.39 -54.61 70.87
C PHE T 314 8.79 -54.16 70.49
N LYS T 315 9.59 -53.83 71.48
CA LYS T 315 10.97 -53.43 71.26
C LYS T 315 11.87 -54.16 72.25
N LEU T 316 13.05 -54.53 71.77
CA LEU T 316 14.09 -55.20 72.55
C LEU T 316 15.37 -54.42 72.36
N PHE T 317 15.95 -53.90 73.44
CA PHE T 317 17.04 -52.95 73.27
C PHE T 317 17.99 -53.06 74.45
N ASN T 318 19.17 -52.48 74.27
CA ASN T 318 20.23 -52.42 75.28
C ASN T 318 20.68 -53.82 75.70
N ILE T 319 21.08 -54.61 74.70
CA ILE T 319 21.52 -55.98 74.93
C ILE T 319 22.91 -55.97 75.53
N GLN T 320 23.10 -56.76 76.58
CA GLN T 320 24.41 -56.96 77.18
C GLN T 320 24.62 -58.45 77.40
N VAL T 321 25.60 -59.03 76.73
CA VAL T 321 25.97 -60.42 76.95
C VAL T 321 27.10 -60.45 77.96
N LYS T 322 26.95 -61.30 78.97
CA LYS T 322 27.91 -61.41 80.05
C LYS T 322 28.47 -62.83 80.10
N GLU T 323 29.78 -62.92 80.13
CA GLU T 323 30.52 -64.16 80.31
C GLU T 323 30.76 -64.43 81.79
N VAL T 324 30.56 -65.68 82.20
CA VAL T 324 30.68 -66.09 83.60
C VAL T 324 31.72 -67.19 83.71
N THR T 325 32.68 -67.02 84.63
CA THR T 325 33.67 -68.05 84.95
C THR T 325 33.69 -68.26 86.45
N THR T 326 33.51 -69.50 86.89
CA THR T 326 33.61 -69.83 88.31
C THR T 326 34.88 -70.67 88.52
N ASN T 327 35.81 -70.11 89.29
CA ASN T 327 37.06 -70.78 89.64
C ASN T 327 37.25 -70.76 91.15
N ASP T 328 37.56 -71.93 91.72
CA ASP T 328 37.82 -72.06 93.15
C ASP T 328 36.67 -71.52 93.99
N GLY T 329 35.46 -71.54 93.43
CA GLY T 329 34.29 -71.08 94.13
C GLY T 329 33.95 -69.61 93.93
N VAL T 330 34.85 -68.82 93.36
CA VAL T 330 34.59 -67.40 93.13
C VAL T 330 34.22 -67.19 91.68
N THR T 331 33.26 -66.30 91.45
CA THR T 331 32.64 -66.10 90.14
C THR T 331 33.03 -64.75 89.58
N THR T 332 33.53 -64.75 88.35
CA THR T 332 33.87 -63.55 87.60
C THR T 332 32.87 -63.38 86.47
N ILE T 333 32.35 -62.16 86.33
CA ILE T 333 31.47 -61.82 85.24
C ILE T 333 32.13 -60.71 84.43
N ALA T 334 32.20 -60.89 83.12
CA ALA T 334 32.77 -59.90 82.22
C ALA T 334 31.80 -59.63 81.09
N ASN T 335 32.05 -58.56 80.37
CA ASN T 335 31.26 -58.26 79.19
C ASN T 335 31.82 -59.01 77.98
N ASN T 336 30.93 -59.58 77.18
CA ASN T 336 31.29 -60.21 75.93
C ASN T 336 30.73 -59.32 74.82
N LEU T 337 31.58 -58.46 74.27
CA LEU T 337 31.11 -57.43 73.37
C LEU T 337 30.77 -57.97 71.98
N THR T 338 31.22 -59.17 71.63
CA THR T 338 31.03 -59.71 70.29
C THR T 338 30.03 -60.85 70.25
N SER T 339 29.34 -61.13 71.34
CA SER T 339 28.35 -62.19 71.37
C SER T 339 26.99 -61.67 70.93
N THR T 340 26.13 -62.59 70.50
CA THR T 340 24.82 -62.24 69.96
C THR T 340 23.71 -62.97 70.69
N VAL T 341 22.53 -62.37 70.65
CA VAL T 341 21.28 -63.05 70.98
C VAL T 341 20.46 -63.15 69.70
N GLN T 342 19.91 -64.33 69.46
CA GLN T 342 19.00 -64.54 68.34
C GLN T 342 17.58 -64.30 68.81
N VAL T 343 16.84 -63.49 68.06
CA VAL T 343 15.45 -63.16 68.35
C VAL T 343 14.64 -63.37 67.09
N PHE T 344 13.47 -64.00 67.22
CA PHE T 344 12.55 -64.02 66.10
C PHE T 344 11.13 -64.05 66.62
N SER T 345 10.21 -63.54 65.79
CA SER T 345 8.79 -63.55 66.07
C SER T 345 8.12 -64.60 65.19
N ASP T 346 7.29 -65.44 65.79
CA ASP T 346 6.63 -66.51 65.05
C ASP T 346 5.32 -65.98 64.49
N SER T 347 5.45 -65.14 63.46
CA SER T 347 4.32 -64.40 62.93
C SER T 347 3.35 -65.24 62.12
N GLU T 348 3.79 -66.41 61.65
CA GLU T 348 2.93 -67.30 60.87
C GLU T 348 2.36 -68.44 61.70
N TYR T 349 2.58 -68.42 63.01
CA TYR T 349 2.02 -69.41 63.93
C TYR T 349 2.36 -70.84 63.50
N GLN T 350 3.63 -71.04 63.15
CA GLN T 350 4.11 -72.34 62.73
C GLN T 350 4.62 -73.17 63.90
N LEU T 351 4.69 -72.61 65.07
CA LEU T 351 5.14 -73.26 66.29
C LEU T 351 3.97 -73.53 67.20
N PRO T 352 4.10 -74.49 68.11
CA PRO T 352 3.08 -74.65 69.15
C PRO T 352 2.98 -73.39 70.00
N TYR T 353 1.76 -72.95 70.23
CA TYR T 353 1.50 -71.71 70.98
C TYR T 353 1.37 -72.07 72.45
N VAL T 354 2.40 -71.78 73.24
CA VAL T 354 2.35 -72.08 74.66
C VAL T 354 1.89 -70.89 75.48
N LEU T 355 1.76 -69.72 74.88
CA LEU T 355 1.11 -68.62 75.55
C LEU T 355 -0.38 -68.93 75.67
N GLY T 356 -1.05 -68.23 76.57
CA GLY T 356 -2.46 -68.50 76.75
C GLY T 356 -2.75 -69.71 77.61
N SER T 357 -1.77 -70.26 78.30
CA SER T 357 -1.97 -71.31 79.28
C SER T 357 -1.74 -70.83 80.70
N ALA T 358 -1.65 -69.51 80.90
CA ALA T 358 -1.52 -68.88 82.21
C ALA T 358 -0.24 -69.33 82.92
N HIS T 359 0.89 -69.18 82.25
CA HIS T 359 2.17 -69.58 82.80
C HIS T 359 2.90 -68.40 83.43
N GLN T 360 3.79 -68.73 84.35
CA GLN T 360 4.69 -67.74 84.91
C GLN T 360 5.72 -67.28 83.88
N GLY T 361 6.35 -66.15 84.16
CA GLY T 361 7.37 -65.65 83.26
C GLY T 361 6.98 -64.40 82.50
N CYS T 362 5.81 -63.84 82.79
CA CYS T 362 5.40 -62.59 82.19
C CYS T 362 6.24 -61.44 82.73
N LEU T 363 6.09 -60.27 82.11
CA LEU T 363 6.68 -59.08 82.70
C LEU T 363 6.08 -58.85 84.09
N PRO T 364 6.90 -58.51 85.07
CA PRO T 364 6.39 -58.31 86.42
C PRO T 364 5.45 -57.11 86.48
N PRO T 365 4.49 -57.11 87.42
CA PRO T 365 3.58 -55.96 87.51
C PRO T 365 4.29 -54.66 87.86
N PHE T 366 5.30 -54.72 88.71
CA PHE T 366 6.00 -53.53 89.15
C PHE T 366 7.13 -53.21 88.17
N PRO T 367 7.18 -51.99 87.62
CA PRO T 367 8.19 -51.66 86.60
C PRO T 367 9.62 -51.72 87.09
N ALA T 368 9.85 -51.70 88.39
CA ALA T 368 11.20 -51.76 88.91
C ALA T 368 11.75 -53.17 89.00
N ASP T 369 10.93 -54.18 88.76
CA ASP T 369 11.36 -55.57 88.94
C ASP T 369 12.08 -56.09 87.71
N VAL T 370 13.13 -56.87 87.95
CA VAL T 370 13.91 -57.50 86.91
C VAL T 370 13.49 -58.96 86.82
N PHE T 371 13.17 -59.43 85.62
CA PHE T 371 12.59 -60.75 85.48
C PHE T 371 13.45 -61.66 84.60
N MET T 372 13.41 -62.93 84.93
CA MET T 372 14.08 -63.97 84.18
C MET T 372 13.18 -64.45 83.06
N ILE T 373 13.75 -64.71 81.90
CA ILE T 373 12.96 -65.11 80.74
C ILE T 373 12.69 -66.62 80.82
N PRO T 374 11.44 -67.05 80.69
CA PRO T 374 11.11 -68.47 80.82
C PRO T 374 11.55 -69.28 79.61
N GLN T 375 11.83 -70.57 79.86
CA GLN T 375 12.28 -71.45 78.80
C GLN T 375 11.13 -71.91 77.93
N TYR T 376 11.40 -72.08 76.64
CA TYR T 376 10.40 -72.56 75.71
C TYR T 376 10.42 -74.08 75.64
N GLY T 377 9.24 -74.67 75.68
CA GLY T 377 9.08 -76.10 75.49
C GLY T 377 7.65 -76.33 75.05
N TYR T 378 7.43 -77.46 74.42
CA TYR T 378 6.10 -77.77 73.93
C TYR T 378 5.83 -79.25 74.12
N LEU T 379 4.56 -79.61 74.00
CA LEU T 379 4.12 -80.98 74.05
C LEU T 379 3.57 -81.37 72.68
N THR T 380 3.67 -82.65 72.36
CA THR T 380 3.15 -83.17 71.11
C THR T 380 2.30 -84.38 71.41
N LEU T 381 1.76 -85.00 70.37
CA LEU T 381 0.90 -86.16 70.54
C LEU T 381 1.63 -87.26 71.29
N ASN T 382 0.96 -87.84 72.27
CA ASN T 382 1.56 -88.90 73.08
C ASN T 382 0.57 -90.04 73.26
N ASN T 383 1.12 -91.24 73.35
CA ASN T 383 0.39 -92.46 73.67
C ASN T 383 0.97 -92.99 74.97
N GLY T 384 0.47 -92.48 76.08
CA GLY T 384 1.12 -92.71 77.35
C GLY T 384 2.33 -91.81 77.46
N SER T 385 3.47 -92.39 77.81
CA SER T 385 4.73 -91.66 77.81
C SER T 385 5.45 -91.76 76.48
N GLN T 386 4.86 -92.40 75.48
CA GLN T 386 5.48 -92.60 74.19
C GLN T 386 4.93 -91.59 73.18
N ALA T 387 5.59 -91.54 72.03
CA ALA T 387 5.18 -90.69 70.93
C ALA T 387 4.40 -91.52 69.92
N VAL T 388 3.94 -90.87 68.86
CA VAL T 388 3.30 -91.52 67.73
C VAL T 388 3.97 -91.04 66.46
N GLY T 389 3.49 -91.54 65.32
CA GLY T 389 4.04 -91.11 64.05
C GLY T 389 3.76 -89.66 63.74
N ARG T 390 2.61 -89.16 64.16
CA ARG T 390 2.20 -87.79 63.88
C ARG T 390 2.69 -86.81 64.94
N SER T 391 3.46 -87.29 65.92
CA SER T 391 4.11 -86.39 66.86
C SER T 391 5.12 -85.53 66.11
N SER T 392 5.06 -84.22 66.34
CA SER T 392 5.90 -83.28 65.63
C SER T 392 7.11 -82.89 66.47
N PHE T 393 8.17 -82.53 65.77
CA PHE T 393 9.36 -81.96 66.36
C PHE T 393 9.67 -80.67 65.63
N TYR T 394 10.02 -79.64 66.37
CA TYR T 394 10.30 -78.33 65.79
C TYR T 394 11.69 -77.90 66.23
N CYS T 395 12.59 -77.73 65.27
CA CYS T 395 13.83 -77.03 65.52
C CYS T 395 13.58 -75.53 65.35
N LEU T 396 13.83 -74.76 66.39
CA LEU T 396 13.62 -73.32 66.31
C LEU T 396 14.77 -72.61 65.62
N GLU T 397 15.91 -73.28 65.43
CA GLU T 397 16.96 -72.76 64.58
C GLU T 397 16.62 -72.86 63.11
N TYR T 398 15.56 -73.58 62.77
CA TYR T 398 15.07 -73.69 61.41
C TYR T 398 14.20 -72.51 61.02
N PHE T 399 14.30 -71.39 61.74
CA PHE T 399 13.63 -70.16 61.46
C PHE T 399 14.64 -69.07 61.15
N PRO T 400 14.27 -68.06 60.36
CA PRO T 400 15.12 -66.87 60.25
C PRO T 400 15.07 -66.07 61.55
N SER T 401 16.25 -65.83 62.13
CA SER T 401 16.38 -65.06 63.35
C SER T 401 17.19 -63.81 63.07
N GLN T 402 16.93 -62.76 63.83
CA GLN T 402 17.78 -61.59 63.84
C GLN T 402 18.81 -61.77 64.94
N MET T 403 20.08 -61.62 64.59
CA MET T 403 21.19 -61.71 65.53
C MET T 403 21.53 -60.32 66.01
N LEU T 404 21.55 -60.14 67.32
CA LEU T 404 21.72 -58.83 67.95
C LEU T 404 23.00 -58.85 68.76
N ARG T 405 23.92 -57.97 68.42
CA ARG T 405 25.05 -57.66 69.28
C ARG T 405 24.67 -56.54 70.23
N THR T 406 25.61 -56.03 71.00
CA THR T 406 25.26 -55.10 72.07
C THR T 406 24.77 -53.76 71.56
N GLY T 407 24.96 -53.45 70.28
CA GLY T 407 24.50 -52.18 69.74
C GLY T 407 23.24 -52.27 68.94
N ASN T 408 22.65 -53.45 68.83
CA ASN T 408 21.49 -53.68 68.00
C ASN T 408 20.21 -53.72 68.84
N ASN T 409 19.09 -53.45 68.18
CA ASN T 409 17.78 -53.60 68.79
C ASN T 409 16.85 -54.34 67.84
N PHE T 410 15.69 -54.69 68.35
CA PHE T 410 14.70 -55.50 67.67
C PHE T 410 13.34 -54.84 67.82
N THR T 411 12.61 -54.66 66.73
CA THR T 411 11.28 -54.05 66.80
C THR T 411 10.29 -54.94 66.07
N PHE T 412 9.02 -54.85 66.48
CA PHE T 412 7.99 -55.67 65.87
C PHE T 412 6.63 -55.05 66.16
N SER T 413 5.82 -54.87 65.13
CA SER T 413 4.48 -54.32 65.27
C SER T 413 3.43 -55.38 64.99
N TYR T 414 2.28 -55.23 65.63
CA TYR T 414 1.20 -56.19 65.46
C TYR T 414 -0.13 -55.47 65.58
N THR T 415 -1.09 -55.85 64.76
CA THR T 415 -2.44 -55.32 64.82
C THR T 415 -3.40 -56.42 65.24
N PHE T 416 -4.21 -56.14 66.25
CA PHE T 416 -5.23 -57.09 66.67
C PHE T 416 -6.37 -57.14 65.67
N GLU T 417 -6.94 -58.34 65.51
CA GLU T 417 -8.17 -58.47 64.75
C GLU T 417 -9.33 -57.83 65.51
N GLU T 418 -10.42 -57.60 64.78
CA GLU T 418 -11.60 -56.99 65.38
C GLU T 418 -12.25 -58.00 66.30
N VAL T 419 -11.95 -57.89 67.59
CA VAL T 419 -12.49 -58.77 68.63
C VAL T 419 -13.60 -57.97 69.32
N PRO T 420 -14.62 -58.62 69.88
CA PRO T 420 -15.62 -57.87 70.63
C PRO T 420 -15.05 -57.25 71.89
N PHE T 421 -15.64 -56.12 72.28
CA PHE T 421 -15.27 -55.48 73.53
C PHE T 421 -15.53 -56.43 74.70
N HIS T 422 -14.59 -56.49 75.62
CA HIS T 422 -14.89 -57.09 76.91
C HIS T 422 -15.80 -56.18 77.69
N SER T 423 -16.73 -56.80 78.41
CA SER T 423 -17.80 -56.12 79.13
C SER T 423 -17.33 -55.73 80.52
N SER T 424 -17.06 -54.45 80.74
CA SER T 424 -16.70 -53.93 82.05
C SER T 424 -17.92 -53.51 82.85
N TYR T 425 -19.06 -54.14 82.61
CA TYR T 425 -20.30 -53.77 83.28
C TYR T 425 -20.96 -55.00 83.86
N ALA T 426 -21.78 -54.77 84.87
CA ALA T 426 -22.80 -55.69 85.33
C ALA T 426 -24.15 -55.27 84.78
N HIS T 427 -25.14 -56.13 84.93
CA HIS T 427 -26.49 -55.84 84.51
C HIS T 427 -27.31 -55.37 85.69
N SER T 428 -28.09 -54.31 85.48
CA SER T 428 -28.98 -53.79 86.50
C SER T 428 -30.28 -54.56 86.60
N GLN T 429 -30.56 -55.45 85.66
CA GLN T 429 -31.75 -56.27 85.67
C GLN T 429 -31.35 -57.73 85.62
N SER T 430 -32.22 -58.57 86.14
CA SER T 430 -32.07 -60.02 86.02
C SER T 430 -32.88 -60.50 84.83
N LEU T 431 -32.48 -61.65 84.28
CA LEU T 431 -33.10 -62.15 83.06
C LEU T 431 -34.55 -62.59 83.31
N ASP T 432 -34.86 -63.06 84.50
CA ASP T 432 -36.21 -63.46 84.84
C ASP T 432 -37.03 -62.31 85.42
N ARG T 433 -36.55 -61.08 85.29
CA ARG T 433 -37.22 -59.91 85.83
C ARG T 433 -37.22 -58.78 84.81
N LEU T 434 -37.52 -59.10 83.56
CA LEU T 434 -37.47 -58.14 82.47
C LEU T 434 -38.84 -57.56 82.13
N MET T 435 -39.85 -57.85 82.94
CA MET T 435 -41.21 -57.47 82.65
C MET T 435 -41.58 -56.14 83.30
N ASN T 436 -42.69 -55.58 82.84
CA ASN T 436 -43.32 -54.48 83.55
C ASN T 436 -43.99 -55.02 84.80
N PRO T 437 -43.62 -54.55 85.99
CA PRO T 437 -44.24 -55.06 87.22
C PRO T 437 -45.61 -54.52 87.53
N LEU T 438 -46.20 -53.71 86.64
CA LEU T 438 -47.52 -53.15 86.88
C LEU T 438 -48.59 -53.71 85.97
N ILE T 439 -48.23 -54.18 84.80
CA ILE T 439 -49.19 -54.59 83.77
C ILE T 439 -49.23 -56.10 83.72
N ASP T 440 -50.42 -56.65 83.47
CA ASP T 440 -50.57 -58.08 83.26
C ASP T 440 -50.14 -58.43 81.84
N GLN T 441 -50.12 -59.73 81.57
CA GLN T 441 -49.84 -60.24 80.24
C GLN T 441 -51.15 -60.57 79.53
N TYR T 442 -51.06 -60.74 78.22
CA TYR T 442 -52.18 -61.28 77.46
C TYR T 442 -52.03 -62.77 77.21
N LEU T 443 -51.00 -63.39 77.78
CA LEU T 443 -50.75 -64.81 77.63
C LEU T 443 -51.20 -65.55 78.87
N TYR T 444 -51.82 -66.71 78.66
CA TYR T 444 -52.31 -67.53 79.76
C TYR T 444 -51.40 -68.74 79.94
N TYR T 445 -51.43 -69.29 81.14
CA TYR T 445 -50.67 -70.49 81.46
C TYR T 445 -51.57 -71.40 82.29
N LEU T 446 -51.27 -72.69 82.24
CA LEU T 446 -51.99 -73.64 83.08
C LEU T 446 -51.56 -73.46 84.53
N ASN T 447 -52.52 -73.09 85.38
CA ASN T 447 -52.24 -72.76 86.77
C ASN T 447 -52.59 -73.89 87.73
N ARG T 448 -53.75 -74.53 87.52
CA ARG T 448 -54.21 -75.62 88.37
C ARG T 448 -54.63 -76.78 87.49
N THR T 449 -54.29 -77.99 87.91
CA THR T 449 -54.89 -79.19 87.37
C THR T 449 -55.79 -79.89 88.38
N GLN T 450 -56.10 -79.23 89.49
CA GLN T 450 -57.07 -79.71 90.47
C GLN T 450 -57.99 -78.56 90.85
N ASN T 451 -59.12 -78.91 91.45
CA ASN T 451 -60.08 -77.89 91.85
C ASN T 451 -59.52 -77.04 92.97
N GLN T 452 -59.74 -75.73 92.86
CA GLN T 452 -59.20 -74.79 93.85
C GLN T 452 -59.95 -74.82 95.17
N SER T 453 -61.23 -75.19 95.16
CA SER T 453 -62.04 -75.12 96.37
C SER T 453 -61.50 -76.03 97.46
N GLY T 454 -61.15 -77.27 97.12
CA GLY T 454 -60.59 -78.20 98.07
C GLY T 454 -61.58 -79.06 98.82
N SER T 455 -62.87 -78.72 98.79
CA SER T 455 -63.87 -79.57 99.43
C SER T 455 -63.90 -80.95 98.77
N ALA T 456 -63.82 -80.98 97.45
CA ALA T 456 -63.53 -82.18 96.69
C ALA T 456 -62.12 -82.10 96.13
N GLN T 457 -61.61 -83.24 95.66
CA GLN T 457 -60.26 -83.33 95.13
C GLN T 457 -60.28 -83.68 93.64
N ASN T 458 -61.16 -83.03 92.88
CA ASN T 458 -61.33 -83.36 91.49
C ASN T 458 -60.29 -82.65 90.63
N LYS T 459 -59.99 -83.25 89.48
CA LYS T 459 -59.08 -82.64 88.54
C LYS T 459 -59.78 -81.53 87.77
N ASP T 460 -58.98 -80.71 87.08
CA ASP T 460 -59.51 -79.61 86.28
C ASP T 460 -58.42 -79.12 85.34
N LEU T 461 -58.75 -78.08 84.58
CA LEU T 461 -57.79 -77.39 83.72
C LEU T 461 -58.09 -75.90 83.87
N LEU T 462 -57.42 -75.27 84.82
CA LEU T 462 -57.65 -73.86 85.15
C LEU T 462 -56.46 -73.04 84.69
N PHE T 463 -56.74 -71.97 83.95
CA PHE T 463 -55.71 -71.15 83.34
C PHE T 463 -55.72 -69.76 83.94
N SER T 464 -54.54 -69.22 84.21
CA SER T 464 -54.39 -67.90 84.76
C SER T 464 -53.64 -67.01 83.79
N ARG T 465 -53.83 -65.71 83.96
CA ARG T 465 -53.13 -64.71 83.17
C ARG T 465 -51.82 -64.35 83.83
N GLY T 466 -50.80 -64.12 83.01
CA GLY T 466 -49.51 -63.68 83.51
C GLY T 466 -49.62 -62.35 84.23
N SER T 467 -49.34 -62.35 85.52
CA SER T 467 -49.55 -61.18 86.37
C SER T 467 -48.29 -60.89 87.18
N PRO T 468 -48.13 -59.65 87.65
CA PRO T 468 -46.98 -59.34 88.50
C PRO T 468 -46.99 -60.06 89.83
N ALA T 469 -48.13 -60.60 90.26
CA ALA T 469 -48.15 -61.39 91.49
C ALA T 469 -47.27 -62.63 91.36
N GLY T 470 -47.47 -63.40 90.30
CA GLY T 470 -46.59 -64.52 90.02
C GLY T 470 -45.69 -64.25 88.84
N MET T 471 -44.45 -63.89 89.11
CA MET T 471 -43.48 -63.59 88.07
C MET T 471 -42.70 -64.80 87.63
N SER T 472 -42.69 -65.86 88.45
CA SER T 472 -41.96 -67.07 88.11
C SER T 472 -42.67 -67.90 87.04
N VAL T 473 -43.98 -67.73 86.89
CA VAL T 473 -44.75 -68.54 85.96
C VAL T 473 -45.12 -67.77 84.70
N GLN T 474 -44.70 -66.52 84.58
CA GLN T 474 -44.97 -65.75 83.38
C GLN T 474 -44.20 -66.31 82.20
N PRO T 475 -44.82 -66.42 81.03
CA PRO T 475 -44.06 -66.71 79.82
C PRO T 475 -42.97 -65.67 79.60
N LYS T 476 -41.80 -66.13 79.15
CA LYS T 476 -40.65 -65.28 78.94
C LYS T 476 -40.03 -65.59 77.59
N ASN T 477 -39.10 -64.73 77.17
CA ASN T 477 -38.55 -64.80 75.83
C ASN T 477 -37.17 -65.43 75.75
N TRP T 478 -36.44 -65.49 76.86
CA TRP T 478 -35.05 -65.90 76.85
C TRP T 478 -34.78 -66.91 77.96
N LEU T 479 -33.62 -67.55 77.87
CA LEU T 479 -33.18 -68.57 78.80
C LEU T 479 -31.80 -68.22 79.34
N PRO T 480 -31.48 -68.64 80.56
CA PRO T 480 -30.12 -68.46 81.07
C PRO T 480 -29.12 -69.31 80.32
N GLY T 481 -27.87 -68.87 80.34
CA GLY T 481 -26.81 -69.52 79.61
C GLY T 481 -26.59 -70.97 80.00
N PRO T 482 -25.69 -71.63 79.29
CA PRO T 482 -25.44 -73.06 79.56
C PRO T 482 -24.71 -73.25 80.87
N CYS T 483 -24.82 -74.46 81.39
CA CYS T 483 -24.21 -74.78 82.68
C CYS T 483 -23.53 -76.13 82.63
N TYR T 484 -22.56 -76.33 83.50
CA TYR T 484 -21.90 -77.61 83.72
C TYR T 484 -21.55 -77.69 85.21
N ARG T 485 -22.42 -78.32 85.98
CA ARG T 485 -22.41 -78.16 87.43
C ARG T 485 -21.07 -78.55 88.06
N GLN T 486 -20.65 -77.76 89.04
CA GLN T 486 -19.45 -77.99 89.82
C GLN T 486 -19.83 -78.39 91.24
N GLN T 487 -18.85 -78.89 91.97
CA GLN T 487 -19.05 -79.25 93.37
C GLN T 487 -18.87 -78.01 94.25
N ARG T 488 -19.67 -77.92 95.29
CA ARG T 488 -19.72 -76.74 96.14
C ARG T 488 -18.80 -76.94 97.34
N VAL T 489 -17.80 -76.08 97.46
CA VAL T 489 -16.85 -76.12 98.56
C VAL T 489 -17.03 -74.87 99.39
N SER T 490 -17.05 -75.03 100.70
CA SER T 490 -17.17 -73.92 101.62
C SER T 490 -15.79 -73.39 102.00
N LYS T 491 -15.67 -72.06 102.00
CA LYS T 491 -14.43 -71.43 102.47
C LYS T 491 -14.20 -71.67 103.96
N THR T 492 -15.25 -72.02 104.70
CA THR T 492 -15.13 -72.47 106.08
C THR T 492 -14.98 -73.98 106.07
N LYS T 493 -13.78 -74.46 106.42
CA LYS T 493 -13.44 -75.86 106.17
C LYS T 493 -14.26 -76.84 106.99
N THR T 494 -14.87 -76.41 108.10
CA THR T 494 -15.63 -77.34 108.93
C THR T 494 -16.91 -77.82 108.27
N ASP T 495 -17.45 -77.06 107.31
CA ASP T 495 -18.68 -77.46 106.64
C ASP T 495 -18.45 -78.35 105.44
N ASN T 496 -17.21 -78.68 105.12
CA ASN T 496 -16.91 -79.55 104.00
C ASN T 496 -16.85 -81.00 104.47
N ASN T 497 -17.15 -81.90 103.53
CA ASN T 497 -17.12 -83.32 103.82
C ASN T 497 -15.71 -83.76 104.20
N ASN T 498 -15.63 -84.74 105.11
CA ASN T 498 -14.34 -85.24 105.56
C ASN T 498 -13.83 -86.31 104.59
N SER T 499 -13.34 -85.83 103.45
CA SER T 499 -12.70 -86.66 102.45
C SER T 499 -11.93 -85.74 101.52
N ASN T 500 -11.16 -86.33 100.60
CA ASN T 500 -10.41 -85.49 99.67
C ASN T 500 -11.31 -84.96 98.56
N PHE T 501 -11.84 -85.85 97.73
CA PHE T 501 -12.89 -85.56 96.74
C PHE T 501 -12.55 -84.38 95.82
N THR T 502 -11.30 -83.92 95.82
CA THR T 502 -10.88 -82.93 94.84
C THR T 502 -10.65 -83.53 93.47
N TRP T 503 -10.48 -84.83 93.39
CA TRP T 503 -10.39 -85.51 92.11
C TRP T 503 -11.55 -86.46 91.87
N THR T 504 -11.99 -87.19 92.90
CA THR T 504 -13.08 -88.13 92.71
C THR T 504 -14.43 -87.44 92.57
N GLY T 505 -14.61 -86.28 93.19
CA GLY T 505 -15.89 -85.62 93.17
C GLY T 505 -15.93 -84.38 92.30
N ALA T 506 -15.04 -84.31 91.32
CA ALA T 506 -14.88 -83.11 90.53
C ALA T 506 -15.38 -83.29 89.11
N SER T 507 -15.84 -82.18 88.52
CA SER T 507 -16.27 -82.18 87.13
C SER T 507 -15.05 -82.26 86.23
N LYS T 508 -14.99 -83.29 85.40
CA LYS T 508 -13.84 -83.47 84.52
C LYS T 508 -14.33 -84.02 83.20
N TYR T 509 -13.50 -83.90 82.18
CA TYR T 509 -13.84 -84.38 80.86
C TYR T 509 -12.87 -85.47 80.42
N ASN T 510 -13.37 -86.33 79.55
CA ASN T 510 -12.64 -87.48 79.04
C ASN T 510 -12.15 -87.17 77.64
N LEU T 511 -10.84 -87.34 77.41
CA LEU T 511 -10.26 -87.09 76.10
C LEU T 511 -9.17 -88.12 75.84
N ASN T 512 -9.40 -89.02 74.87
CA ASN T 512 -8.46 -90.05 74.49
C ASN T 512 -8.12 -90.95 75.69
N GLY T 513 -9.09 -91.18 76.55
CA GLY T 513 -8.93 -92.09 77.65
C GLY T 513 -8.37 -91.52 78.93
N ARG T 514 -7.97 -90.25 78.94
CA ARG T 514 -7.46 -89.64 80.15
C ARG T 514 -8.30 -88.42 80.52
N GLU T 515 -8.56 -88.28 81.81
CA GLU T 515 -9.47 -87.29 82.35
C GLU T 515 -8.73 -86.00 82.68
N SER T 516 -9.44 -84.89 82.52
CA SER T 516 -8.88 -83.57 82.78
C SER T 516 -9.93 -82.75 83.51
N ILE T 517 -9.53 -82.11 84.61
CA ILE T 517 -10.44 -81.25 85.35
C ILE T 517 -10.84 -80.09 84.44
N ILE T 518 -12.12 -79.69 84.54
CA ILE T 518 -12.62 -78.62 83.68
C ILE T 518 -11.88 -77.32 83.96
N ASN T 519 -12.06 -76.76 85.16
CA ASN T 519 -11.19 -75.70 85.69
C ASN T 519 -10.87 -74.57 84.70
N PRO T 520 -11.74 -73.58 84.54
CA PRO T 520 -12.98 -73.33 85.28
C PRO T 520 -14.24 -73.59 84.46
N GLY T 521 -14.08 -73.80 83.17
CA GLY T 521 -15.21 -74.19 82.34
C GLY T 521 -16.17 -73.05 82.10
N THR T 522 -17.45 -73.41 82.10
CA THR T 522 -18.51 -72.47 81.75
C THR T 522 -18.52 -71.29 82.70
N ALA T 523 -18.82 -70.12 82.17
CA ALA T 523 -18.89 -68.89 82.95
C ALA T 523 -20.19 -68.90 83.74
N MET T 524 -20.12 -69.21 85.01
CA MET T 524 -21.29 -69.27 85.88
C MET T 524 -21.04 -68.49 87.16
N ALA T 525 -22.13 -68.14 87.83
CA ALA T 525 -22.02 -67.45 89.10
C ALA T 525 -21.38 -68.35 90.14
N SER T 526 -20.48 -67.77 90.94
CA SER T 526 -19.79 -68.54 91.96
C SER T 526 -20.74 -69.05 93.02
N HIS T 527 -21.71 -68.24 93.43
CA HIS T 527 -22.64 -68.62 94.49
C HIS T 527 -23.93 -67.84 94.28
N LYS T 528 -24.88 -68.07 95.18
CA LYS T 528 -26.14 -67.35 95.20
C LYS T 528 -26.00 -66.10 96.07
N ASP T 529 -27.14 -65.45 96.33
CA ASP T 529 -27.17 -64.37 97.29
C ASP T 529 -27.00 -64.91 98.70
N ASP T 530 -26.27 -64.17 99.53
CA ASP T 530 -26.06 -64.52 100.94
C ASP T 530 -25.37 -65.87 101.09
N GLU T 531 -24.51 -66.22 100.14
CA GLU T 531 -23.83 -67.51 100.14
C GLU T 531 -22.37 -67.35 99.73
N ASP T 532 -21.76 -66.25 100.13
CA ASP T 532 -20.38 -65.95 99.74
C ASP T 532 -19.38 -66.94 100.32
N LYS T 533 -19.78 -67.75 101.29
CA LYS T 533 -18.91 -68.75 101.90
C LYS T 533 -18.65 -69.94 101.00
N PHE T 534 -19.37 -70.07 99.89
CA PHE T 534 -19.24 -71.22 99.00
C PHE T 534 -18.64 -70.78 97.67
N PHE T 535 -17.82 -71.66 97.10
CA PHE T 535 -17.29 -71.47 95.76
C PHE T 535 -17.28 -72.82 95.05
N PRO T 536 -17.42 -72.82 93.72
CA PRO T 536 -17.28 -74.07 92.97
C PRO T 536 -15.86 -74.61 93.09
N MET T 537 -15.76 -75.94 93.14
CA MET T 537 -14.47 -76.55 93.48
C MET T 537 -13.40 -76.20 92.47
N SER T 538 -13.74 -76.19 91.18
CA SER T 538 -12.79 -75.80 90.14
C SER T 538 -13.47 -74.86 89.15
N GLY T 539 -14.24 -73.90 89.66
CA GLY T 539 -14.98 -73.01 88.80
C GLY T 539 -14.53 -71.57 88.91
N VAL T 540 -13.51 -71.32 89.71
CA VAL T 540 -13.07 -69.96 89.99
C VAL T 540 -11.59 -69.84 89.69
N MET T 541 -11.18 -68.64 89.28
CA MET T 541 -9.76 -68.33 89.12
C MET T 541 -9.16 -68.00 90.47
N ILE T 542 -8.11 -68.72 90.85
CA ILE T 542 -7.47 -68.56 92.15
C ILE T 542 -6.07 -68.03 91.91
N PHE T 543 -5.79 -66.84 92.42
CA PHE T 543 -4.46 -66.24 92.35
C PHE T 543 -3.78 -66.41 93.69
N GLY T 544 -2.49 -66.72 93.65
CA GLY T 544 -1.72 -66.84 94.87
C GLY T 544 -1.12 -65.51 95.28
N LYS T 545 -1.15 -65.25 96.58
CA LYS T 545 -0.45 -64.09 97.10
C LYS T 545 1.05 -64.38 97.14
N GLU T 546 1.83 -63.33 97.30
CA GLU T 546 3.25 -63.53 97.55
C GLU T 546 3.41 -64.25 98.89
N SER T 547 4.45 -65.08 98.96
CA SER T 547 4.63 -66.03 100.06
C SER T 547 3.53 -67.08 100.07
N ALA T 548 3.17 -67.57 98.89
CA ALA T 548 2.32 -68.74 98.75
C ALA T 548 3.16 -69.87 98.17
N GLY T 549 3.08 -71.04 98.80
CA GLY T 549 3.85 -72.18 98.33
C GLY T 549 3.34 -72.70 97.01
N ALA T 550 4.16 -73.56 96.41
CA ALA T 550 3.78 -74.16 95.12
C ALA T 550 2.73 -75.24 95.30
N SER T 551 2.78 -75.98 96.40
CA SER T 551 1.89 -77.11 96.61
C SER T 551 1.28 -77.05 98.00
N ASN T 552 -0.02 -77.31 98.09
CA ASN T 552 -0.75 -77.42 99.36
C ASN T 552 -0.59 -76.17 100.22
N THR T 553 -0.64 -75.01 99.60
CA THR T 553 -0.65 -73.76 100.34
C THR T 553 -2.02 -73.53 100.97
N ALA T 554 -2.17 -72.44 101.69
CA ALA T 554 -3.35 -72.22 102.50
C ALA T 554 -4.33 -71.25 101.83
N LEU T 555 -5.59 -71.39 102.25
CA LEU T 555 -6.63 -70.46 101.83
C LEU T 555 -6.26 -69.03 102.16
N ASP T 556 -5.48 -68.84 103.23
CA ASP T 556 -4.99 -67.51 103.57
C ASP T 556 -3.95 -67.03 102.57
N ASN T 557 -3.27 -67.96 101.90
CA ASN T 557 -2.25 -67.58 100.94
C ASN T 557 -2.76 -67.47 99.52
N VAL T 558 -3.99 -67.91 99.25
CA VAL T 558 -4.56 -67.75 97.92
C VAL T 558 -5.68 -66.71 97.94
N MET T 559 -5.95 -66.14 96.77
CA MET T 559 -7.06 -65.21 96.58
C MET T 559 -8.05 -65.83 95.59
N ILE T 560 -9.25 -66.13 96.07
CA ILE T 560 -10.29 -66.74 95.25
C ILE T 560 -11.14 -65.62 94.65
N THR T 561 -11.33 -65.67 93.33
CA THR T 561 -12.16 -64.68 92.68
C THR T 561 -13.63 -65.01 92.86
N ASP T 562 -14.48 -64.05 92.51
CA ASP T 562 -15.92 -64.19 92.60
C ASP T 562 -16.53 -63.73 91.29
N GLU T 563 -17.56 -64.45 90.84
CA GLU T 563 -18.30 -64.11 89.64
C GLU T 563 -19.73 -63.73 90.00
N GLU T 564 -19.88 -62.89 91.03
CA GLU T 564 -21.19 -62.59 91.57
C GLU T 564 -21.99 -61.66 90.67
N GLU T 565 -21.32 -60.98 89.74
CA GLU T 565 -22.00 -59.96 88.94
C GLU T 565 -22.79 -60.57 87.78
N ILE T 566 -22.56 -61.83 87.43
CA ILE T 566 -23.22 -62.42 86.29
C ILE T 566 -24.35 -63.36 86.73
N LYS T 567 -24.84 -63.19 87.95
CA LYS T 567 -26.04 -63.90 88.38
C LYS T 567 -27.27 -63.48 87.59
N ALA T 568 -27.23 -62.31 86.94
CA ALA T 568 -28.40 -61.81 86.23
C ALA T 568 -28.72 -62.65 85.01
N THR T 569 -27.72 -63.29 84.40
CA THR T 569 -27.92 -64.06 83.18
C THR T 569 -27.38 -65.47 83.22
N ASN T 570 -26.47 -65.79 84.13
CA ASN T 570 -25.80 -67.07 84.14
C ASN T 570 -26.27 -67.92 85.32
N PRO T 571 -26.37 -69.24 85.15
CA PRO T 571 -26.71 -70.10 86.27
C PRO T 571 -25.60 -70.11 87.30
N VAL T 572 -25.97 -70.40 88.54
CA VAL T 572 -24.99 -70.56 89.60
C VAL T 572 -24.20 -71.84 89.39
N ALA T 573 -22.88 -71.76 89.55
CA ALA T 573 -22.00 -72.84 89.15
C ALA T 573 -22.24 -74.13 89.92
N THR T 574 -22.71 -74.04 91.16
CA THR T 574 -22.84 -75.21 92.01
C THR T 574 -24.24 -75.80 92.05
N GLU T 575 -25.16 -75.26 91.26
CA GLU T 575 -26.54 -75.73 91.26
C GLU T 575 -26.98 -76.12 89.85
N ARG T 576 -28.06 -76.87 89.80
CA ARG T 576 -28.57 -77.40 88.54
C ARG T 576 -29.05 -76.26 87.64
N PHE T 577 -29.04 -76.52 86.33
CA PHE T 577 -29.66 -75.59 85.40
C PHE T 577 -31.16 -75.50 85.67
N GLY T 578 -31.79 -76.62 85.96
CA GLY T 578 -33.22 -76.64 86.20
C GLY T 578 -33.71 -78.07 86.24
N THR T 579 -35.02 -78.21 86.14
CA THR T 579 -35.66 -79.51 86.10
C THR T 579 -36.30 -79.74 84.73
N VAL T 580 -36.50 -81.01 84.42
CA VAL T 580 -37.07 -81.41 83.15
C VAL T 580 -38.04 -82.56 83.40
N ALA T 581 -39.11 -82.60 82.63
CA ALA T 581 -40.04 -83.73 82.72
C ALA T 581 -39.37 -84.98 82.18
N VAL T 582 -39.62 -86.12 82.83
CA VAL T 582 -38.95 -87.37 82.47
C VAL T 582 -39.92 -88.50 82.20
N ASN T 583 -41.23 -88.27 82.24
CA ASN T 583 -42.19 -89.33 82.01
C ASN T 583 -43.48 -88.71 81.47
N PHE T 584 -44.51 -89.54 81.31
CA PHE T 584 -45.85 -89.10 80.95
C PHE T 584 -46.75 -89.26 82.17
N GLN T 585 -47.34 -88.16 82.62
CA GLN T 585 -48.32 -88.25 83.69
C GLN T 585 -49.65 -88.75 83.12
N SER T 586 -50.35 -89.55 83.93
CA SER T 586 -51.63 -90.10 83.51
C SER T 586 -52.44 -90.46 84.75
N SER T 587 -53.73 -90.64 84.54
CA SER T 587 -54.64 -91.07 85.59
C SER T 587 -54.87 -92.58 85.49
N SER T 588 -55.38 -93.14 86.58
CA SER T 588 -55.70 -94.56 86.60
C SER T 588 -56.92 -94.85 85.71
N THR T 589 -56.92 -96.03 85.11
CA THR T 589 -58.02 -96.44 84.25
C THR T 589 -58.39 -97.90 84.48
N VAL T 592 -56.18 -99.26 82.14
CA VAL T 592 -54.81 -99.26 82.64
C VAL T 592 -54.78 -98.73 84.07
N PRO T 593 -55.05 -99.60 85.04
CA PRO T 593 -55.13 -99.15 86.43
C PRO T 593 -53.78 -98.95 87.08
N PHE T 594 -52.85 -98.33 86.37
CA PHE T 594 -51.52 -98.01 86.88
C PHE T 594 -51.33 -96.50 86.71
N LYS T 595 -51.76 -95.75 87.72
CA LYS T 595 -51.61 -94.29 87.70
C LYS T 595 -50.15 -93.90 87.68
N THR T 596 -49.81 -92.92 86.84
CA THR T 596 -48.43 -92.44 86.70
C THR T 596 -48.36 -91.00 87.18
N ASP T 597 -47.67 -90.78 88.29
CA ASP T 597 -47.43 -89.43 88.75
C ASP T 597 -46.41 -88.75 87.85
N PRO T 598 -46.55 -87.44 87.62
CA PRO T 598 -45.51 -86.72 86.88
C PRO T 598 -44.19 -86.74 87.61
N ALA T 599 -43.11 -86.81 86.85
CA ALA T 599 -41.77 -86.93 87.42
C ALA T 599 -40.83 -85.96 86.71
N THR T 600 -40.00 -85.30 87.51
CA THR T 600 -39.00 -84.38 87.00
C THR T 600 -37.62 -84.85 87.43
N GLY T 601 -36.62 -84.48 86.65
CA GLY T 601 -35.24 -84.74 86.99
C GLY T 601 -34.41 -83.48 86.86
N ASP T 602 -33.38 -83.40 87.70
CA ASP T 602 -32.49 -82.26 87.69
C ASP T 602 -31.58 -82.29 86.48
N VAL T 603 -31.37 -81.13 85.88
CA VAL T 603 -30.52 -80.97 84.71
C VAL T 603 -29.21 -80.35 85.19
N HIS T 604 -28.14 -81.15 85.19
CA HIS T 604 -26.88 -80.71 85.77
C HIS T 604 -25.93 -80.14 84.73
N ALA T 605 -25.95 -80.67 83.51
CA ALA T 605 -25.18 -80.12 82.41
C ALA T 605 -26.13 -79.82 81.27
N MET T 606 -26.16 -78.56 80.85
CA MET T 606 -27.06 -78.10 79.80
C MET T 606 -26.24 -77.44 78.71
N GLY T 607 -26.35 -77.96 77.49
CA GLY T 607 -25.71 -77.34 76.36
C GLY T 607 -26.53 -76.17 75.84
N ALA T 608 -26.03 -75.55 74.79
CA ALA T 608 -26.65 -74.34 74.26
C ALA T 608 -28.00 -74.66 73.65
N LEU T 609 -29.03 -73.96 74.12
CA LEU T 609 -30.37 -73.96 73.56
C LEU T 609 -30.63 -72.61 72.88
N PRO T 610 -31.40 -72.58 71.80
CA PRO T 610 -31.76 -71.29 71.21
C PRO T 610 -32.56 -70.46 72.19
N GLY T 611 -32.29 -69.16 72.20
CA GLY T 611 -32.84 -68.26 73.19
C GLY T 611 -31.98 -68.07 74.41
N MET T 612 -30.89 -68.81 74.54
CA MET T 612 -29.99 -68.67 75.67
C MET T 612 -29.16 -67.39 75.54
N VAL T 613 -28.96 -66.72 76.67
CA VAL T 613 -28.10 -65.55 76.76
C VAL T 613 -27.20 -65.71 77.98
N TRP T 614 -25.97 -65.24 77.86
CA TRP T 614 -25.02 -65.40 78.96
C TRP T 614 -23.97 -64.31 78.89
N GLN T 615 -23.24 -64.16 79.99
CA GLN T 615 -22.04 -63.33 80.04
C GLN T 615 -20.81 -64.20 80.13
N ASP T 616 -19.70 -63.69 79.62
CA ASP T 616 -18.43 -64.39 79.68
C ASP T 616 -17.78 -64.16 81.04
N ARG T 617 -16.68 -64.86 81.28
CA ARG T 617 -15.94 -64.67 82.51
C ARG T 617 -15.29 -63.29 82.55
N ASP T 618 -15.13 -62.76 83.75
CA ASP T 618 -14.48 -61.47 83.94
C ASP T 618 -12.98 -61.59 83.74
N VAL T 619 -12.37 -60.47 83.39
CA VAL T 619 -10.92 -60.36 83.33
C VAL T 619 -10.45 -59.64 84.57
N TYR T 620 -9.22 -59.92 84.99
CA TYR T 620 -8.66 -59.36 86.21
C TYR T 620 -7.32 -58.71 85.90
N LEU T 621 -6.90 -57.81 86.78
CA LEU T 621 -5.62 -57.15 86.58
C LEU T 621 -4.47 -58.17 86.59
N GLN T 622 -4.60 -59.24 87.36
CA GLN T 622 -3.61 -60.28 87.44
C GLN T 622 -3.84 -61.40 86.43
N GLY T 623 -4.88 -61.32 85.60
CA GLY T 623 -5.27 -62.41 84.76
C GLY T 623 -4.80 -62.28 83.33
N PRO T 624 -5.04 -63.32 82.53
CA PRO T 624 -4.60 -63.29 81.12
C PRO T 624 -5.42 -62.32 80.28
N ILE T 625 -4.80 -61.85 79.20
CA ILE T 625 -5.45 -60.95 78.27
C ILE T 625 -6.10 -61.70 77.12
N TRP T 626 -5.36 -62.56 76.44
CA TRP T 626 -5.83 -63.21 75.24
C TRP T 626 -5.50 -64.70 75.28
N ALA T 627 -6.01 -65.40 74.28
CA ALA T 627 -5.68 -66.80 74.04
C ALA T 627 -5.85 -67.08 72.56
N LYS T 628 -4.98 -67.92 72.01
CA LYS T 628 -5.13 -68.37 70.64
C LYS T 628 -6.29 -69.34 70.54
N ILE T 629 -7.20 -69.08 69.61
CA ILE T 629 -8.28 -70.02 69.33
C ILE T 629 -7.72 -71.19 68.55
N PRO T 630 -7.94 -72.43 68.98
CA PRO T 630 -7.39 -73.57 68.26
C PRO T 630 -7.88 -73.62 66.82
N HIS T 631 -6.97 -74.00 65.93
CA HIS T 631 -7.30 -74.09 64.51
C HIS T 631 -8.02 -75.41 64.27
N THR T 632 -9.33 -75.37 64.45
CA THR T 632 -10.20 -76.52 64.31
C THR T 632 -11.29 -76.23 63.29
N ASP T 633 -12.00 -77.29 62.89
CA ASP T 633 -13.12 -77.11 61.96
C ASP T 633 -14.24 -76.32 62.61
N GLY T 634 -14.56 -76.62 63.86
CA GLY T 634 -15.65 -75.94 64.53
C GLY T 634 -15.25 -75.49 65.92
N HIS T 635 -15.89 -74.42 66.36
CA HIS T 635 -15.77 -73.95 67.73
C HIS T 635 -17.01 -73.12 68.03
N PHE T 636 -17.49 -73.22 69.25
CA PHE T 636 -18.70 -72.52 69.66
C PHE T 636 -18.31 -71.42 70.65
N HIS T 637 -18.58 -70.17 70.26
CA HIS T 637 -18.32 -68.99 71.07
C HIS T 637 -16.88 -69.00 71.56
N PRO T 638 -15.91 -68.77 70.68
CA PRO T 638 -14.49 -69.01 71.02
C PRO T 638 -13.91 -67.95 71.95
N SER T 639 -14.53 -67.79 73.10
CA SER T 639 -14.02 -66.94 74.16
C SER T 639 -13.30 -67.81 75.19
N PRO T 640 -12.06 -67.49 75.54
CA PRO T 640 -11.30 -68.37 76.43
C PRO T 640 -11.99 -68.54 77.77
N LEU T 641 -11.89 -69.74 78.32
CA LEU T 641 -12.62 -70.04 79.54
C LEU T 641 -11.96 -69.42 80.77
N MET T 642 -10.67 -69.11 80.68
CA MET T 642 -10.04 -68.35 81.77
C MET T 642 -10.40 -66.87 81.71
N GLY T 643 -11.00 -66.41 80.64
CA GLY T 643 -11.32 -65.01 80.47
C GLY T 643 -10.36 -64.33 79.51
N GLY T 644 -10.87 -63.32 78.82
CA GLY T 644 -10.04 -62.59 77.89
C GLY T 644 -10.56 -62.62 76.47
N PHE T 645 -9.68 -62.32 75.53
CA PHE T 645 -10.03 -62.24 74.11
C PHE T 645 -9.49 -63.46 73.41
N GLY T 646 -10.36 -64.18 72.72
CA GLY T 646 -9.92 -65.26 71.87
C GLY T 646 -9.56 -64.73 70.50
N LEU T 647 -8.33 -64.94 70.07
CA LEU T 647 -7.84 -64.42 68.80
C LEU T 647 -7.44 -65.58 67.90
N LYS T 648 -7.88 -65.54 66.65
CA LYS T 648 -7.41 -66.54 65.68
C LYS T 648 -5.94 -66.34 65.37
N ASN T 649 -5.52 -65.09 65.19
CA ASN T 649 -4.11 -64.74 65.04
C ASN T 649 -3.73 -63.89 66.25
N PRO T 650 -3.32 -64.49 67.35
CA PRO T 650 -2.96 -63.72 68.53
C PRO T 650 -1.62 -63.05 68.33
N PRO T 651 -1.17 -62.22 69.29
CA PRO T 651 0.19 -61.72 69.24
C PRO T 651 1.18 -62.86 69.18
N PRO T 652 2.09 -62.86 68.22
CA PRO T 652 2.98 -64.01 68.04
C PRO T 652 4.01 -64.10 69.16
N GLN T 653 4.56 -65.30 69.29
CA GLN T 653 5.58 -65.54 70.29
C GLN T 653 6.91 -64.95 69.83
N ILE T 654 7.56 -64.21 70.72
CA ILE T 654 8.90 -63.71 70.50
C ILE T 654 9.86 -64.63 71.23
N LEU T 655 10.74 -65.27 70.48
CA LEU T 655 11.65 -66.27 71.01
C LEU T 655 13.07 -65.74 70.92
N ILE T 656 13.82 -65.93 71.99
CA ILE T 656 15.13 -65.33 72.16
C ILE T 656 16.05 -66.36 72.77
N LYS T 657 17.30 -66.39 72.31
CA LYS T 657 18.29 -67.23 72.97
C LYS T 657 19.66 -66.64 72.76
N ASN T 658 20.60 -67.05 73.61
CA ASN T 658 21.98 -66.65 73.45
C ASN T 658 22.64 -67.54 72.41
N THR T 659 23.33 -66.93 71.46
CA THR T 659 24.06 -67.72 70.49
C THR T 659 25.20 -68.46 71.19
N PRO T 660 25.33 -69.77 71.02
CA PRO T 660 26.40 -70.50 71.71
C PRO T 660 27.77 -70.03 71.25
N VAL T 661 28.68 -69.88 72.21
CA VAL T 661 30.07 -69.55 71.95
C VAL T 661 30.91 -70.74 72.38
N PRO T 662 31.50 -71.49 71.46
CA PRO T 662 32.29 -72.67 71.84
C PRO T 662 33.54 -72.29 72.61
N ALA T 663 33.96 -73.19 73.49
CA ALA T 663 35.22 -73.04 74.17
C ALA T 663 36.37 -73.46 73.25
N ASN T 664 37.55 -73.62 73.81
CA ASN T 664 38.73 -73.90 73.02
C ASN T 664 38.60 -75.26 72.33
N PRO T 665 38.67 -75.33 71.01
CA PRO T 665 38.57 -76.62 70.32
C PRO T 665 39.88 -77.38 70.42
N PRO T 666 39.86 -78.69 70.16
CA PRO T 666 41.11 -79.46 70.19
C PRO T 666 42.02 -79.09 69.02
N ALA T 667 43.30 -79.43 69.18
CA ALA T 667 44.27 -79.16 68.12
C ALA T 667 44.00 -80.00 66.88
N GLU T 668 43.62 -81.26 67.06
CA GLU T 668 43.24 -82.14 65.97
C GLU T 668 41.72 -82.12 65.77
N PHE T 669 41.32 -82.35 64.53
CA PHE T 669 39.91 -82.28 64.16
C PHE T 669 39.13 -83.45 64.76
N SER T 670 37.94 -83.15 65.26
CA SER T 670 37.01 -84.14 65.77
C SER T 670 35.63 -83.85 65.22
N ALA T 671 34.98 -84.86 64.64
CA ALA T 671 33.65 -84.66 64.09
C ALA T 671 32.56 -84.72 65.15
N THR T 672 32.89 -85.15 66.36
CA THR T 672 31.93 -85.11 67.45
C THR T 672 31.48 -83.68 67.70
N LYS T 673 30.17 -83.49 67.84
CA LYS T 673 29.63 -82.15 67.99
C LYS T 673 30.13 -81.52 69.28
N PHE T 674 30.22 -80.19 69.26
CA PHE T 674 30.76 -79.46 70.38
C PHE T 674 29.87 -79.62 71.60
N ALA T 675 30.50 -79.84 72.75
CA ALA T 675 29.79 -79.91 74.02
C ALA T 675 30.34 -78.94 75.05
N SER T 676 31.50 -78.35 74.79
CA SER T 676 32.13 -77.39 75.69
C SER T 676 31.85 -75.99 75.16
N PHE T 677 31.13 -75.20 75.95
CA PHE T 677 30.75 -73.86 75.56
C PHE T 677 31.17 -72.87 76.63
N ILE T 678 31.37 -71.63 76.18
CA ILE T 678 31.65 -70.53 77.09
C ILE T 678 30.34 -70.17 77.78
N THR T 679 30.35 -70.16 79.11
CA THR T 679 29.13 -69.94 79.88
C THR T 679 28.77 -68.46 79.87
N GLN T 680 27.58 -68.14 79.41
CA GLN T 680 27.20 -66.74 79.35
C GLN T 680 25.69 -66.60 79.43
N TYR T 681 25.27 -65.38 79.79
CA TYR T 681 23.86 -65.01 79.81
C TYR T 681 23.74 -63.65 79.17
N SER T 682 22.52 -63.15 79.07
CA SER T 682 22.31 -61.82 78.52
C SER T 682 21.27 -61.08 79.34
N THR T 683 21.33 -59.77 79.26
CA THR T 683 20.38 -58.90 79.94
C THR T 683 19.99 -57.79 79.00
N GLY T 684 18.86 -57.16 79.27
CA GLY T 684 18.44 -56.08 78.40
C GLY T 684 17.13 -55.48 78.85
N GLN T 685 16.59 -54.63 78.01
CA GLN T 685 15.33 -53.96 78.26
C GLN T 685 14.32 -54.34 77.19
N VAL T 686 13.07 -54.51 77.60
CA VAL T 686 11.98 -54.86 76.71
C VAL T 686 10.85 -53.85 76.91
N SER T 687 10.31 -53.33 75.81
CA SER T 687 9.20 -52.39 75.83
C SER T 687 8.02 -52.99 75.08
N VAL T 688 6.84 -52.91 75.67
CA VAL T 688 5.60 -53.29 75.03
C VAL T 688 4.64 -52.12 75.14
N GLU T 689 4.08 -51.71 74.01
CA GLU T 689 3.10 -50.63 73.95
C GLU T 689 1.83 -51.17 73.32
N ILE T 690 0.72 -51.12 74.05
CA ILE T 690 -0.57 -51.55 73.52
C ILE T 690 -1.51 -50.37 73.49
N GLU T 691 -2.12 -50.14 72.33
CA GLU T 691 -3.27 -49.26 72.18
C GLU T 691 -4.53 -50.08 72.37
N TRP T 692 -5.41 -49.61 73.25
CA TRP T 692 -6.70 -50.20 73.56
C TRP T 692 -7.80 -49.23 73.19
N GLU T 693 -8.85 -49.76 72.56
CA GLU T 693 -10.06 -49.01 72.28
C GLU T 693 -11.02 -49.16 73.46
N LEU T 694 -11.61 -48.03 73.86
CA LEU T 694 -12.53 -47.96 74.97
C LEU T 694 -13.96 -47.82 74.46
N GLN T 695 -14.90 -48.28 75.25
CA GLN T 695 -16.32 -48.16 74.99
C GLN T 695 -16.90 -47.48 76.23
N LYS T 696 -17.21 -46.20 76.09
CA LYS T 696 -17.63 -45.36 77.19
C LYS T 696 -19.03 -45.69 77.64
N GLU T 697 -19.28 -45.49 78.94
CA GLU T 697 -20.63 -45.60 79.47
C GLU T 697 -21.49 -44.48 78.90
N ASN T 698 -22.77 -44.78 78.67
CA ASN T 698 -23.75 -43.79 78.23
C ASN T 698 -25.00 -43.87 79.10
N SER T 699 -24.81 -44.07 80.41
CA SER T 699 -25.89 -44.46 81.28
C SER T 699 -26.78 -43.27 81.65
N LYS T 700 -28.07 -43.57 81.83
CA LYS T 700 -29.03 -42.60 82.33
C LYS T 700 -29.44 -42.90 83.76
N ARG T 701 -28.68 -43.75 84.44
CA ARG T 701 -28.95 -44.11 85.82
C ARG T 701 -28.85 -42.89 86.72
N TRP T 702 -29.77 -42.79 87.68
CA TRP T 702 -29.84 -41.61 88.54
C TRP T 702 -28.94 -41.74 89.76
N ASN T 703 -29.07 -42.86 90.49
CA ASN T 703 -28.30 -43.05 91.70
C ASN T 703 -26.84 -43.33 91.37
N PRO T 704 -25.92 -43.10 92.31
CA PRO T 704 -24.51 -43.33 92.03
C PRO T 704 -24.20 -44.81 91.83
N GLU T 705 -23.18 -45.06 91.02
CA GLU T 705 -22.73 -46.40 90.69
C GLU T 705 -21.80 -46.95 91.75
N VAL T 706 -21.63 -48.27 91.73
CA VAL T 706 -20.59 -48.93 92.52
C VAL T 706 -19.26 -48.76 91.79
N GLN T 707 -18.25 -48.31 92.52
CA GLN T 707 -16.93 -48.10 91.96
C GLN T 707 -15.91 -48.90 92.75
N TYR T 708 -14.82 -49.26 92.09
CA TYR T 708 -13.69 -49.82 92.82
C TYR T 708 -12.95 -48.69 93.50
N THR T 709 -12.74 -48.82 94.81
CA THR T 709 -12.12 -47.76 95.58
C THR T 709 -11.08 -48.33 96.53
N SER T 710 -10.09 -47.51 96.85
CA SER T 710 -9.22 -47.79 97.97
C SER T 710 -9.95 -47.59 99.27
N ASN T 711 -9.60 -48.37 100.27
CA ASN T 711 -10.17 -48.20 101.60
C ASN T 711 -9.46 -47.05 102.30
N TYR T 712 -10.25 -46.11 102.84
CA TYR T 712 -9.71 -45.02 103.64
C TYR T 712 -9.70 -45.50 105.08
N ALA T 713 -8.50 -45.71 105.62
CA ALA T 713 -8.34 -46.13 107.00
C ALA T 713 -6.86 -46.18 107.29
N LYS T 714 -6.51 -45.94 108.55
CA LYS T 714 -5.12 -46.12 108.94
C LYS T 714 -4.75 -47.59 108.80
N SER T 715 -3.75 -47.85 107.97
CA SER T 715 -3.28 -49.21 107.74
C SER T 715 -1.76 -49.21 107.81
N ALA T 716 -1.20 -50.35 108.18
CA ALA T 716 0.25 -50.46 108.28
C ALA T 716 0.92 -50.26 106.93
N ASN T 717 0.25 -50.66 105.86
CA ASN T 717 0.76 -50.53 104.50
C ASN T 717 -0.30 -49.91 103.60
N VAL T 718 0.14 -49.46 102.44
CA VAL T 718 -0.76 -49.01 101.38
C VAL T 718 -0.93 -50.17 100.41
N ASP T 719 -2.16 -50.35 99.93
CA ASP T 719 -2.44 -51.43 99.00
C ASP T 719 -1.74 -51.18 97.66
N PHE T 720 -1.29 -52.27 97.04
CA PHE T 720 -0.61 -52.24 95.75
C PHE T 720 0.67 -51.40 95.82
N THR T 721 1.45 -51.60 96.86
CA THR T 721 2.72 -50.91 97.03
C THR T 721 3.80 -51.90 97.47
N VAL T 722 4.96 -51.38 97.83
CA VAL T 722 6.04 -52.19 98.36
C VAL T 722 5.98 -52.12 99.88
N ASP T 723 6.58 -53.12 100.53
CA ASP T 723 6.71 -53.10 101.97
C ASP T 723 8.08 -52.55 102.35
N ASN T 724 8.43 -52.65 103.63
CA ASN T 724 9.73 -52.17 104.07
C ASN T 724 10.88 -53.02 103.54
N ASN T 725 10.59 -54.23 103.05
CA ASN T 725 11.62 -55.07 102.44
C ASN T 725 11.74 -54.88 100.95
N GLY T 726 10.87 -54.08 100.34
CA GLY T 726 10.92 -53.84 98.92
C GLY T 726 10.11 -54.79 98.06
N LEU T 727 9.19 -55.54 98.65
CA LEU T 727 8.43 -56.55 97.93
C LEU T 727 7.09 -55.99 97.51
N TYR T 728 6.86 -55.91 96.21
CA TYR T 728 5.58 -55.47 95.68
C TYR T 728 4.55 -56.57 95.83
N THR T 729 3.38 -56.21 96.37
CA THR T 729 2.30 -57.16 96.58
C THR T 729 1.00 -56.58 96.06
N GLU T 730 0.11 -57.46 95.63
CA GLU T 730 -1.25 -57.09 95.23
C GLU T 730 -2.23 -57.70 96.21
N PRO T 731 -2.90 -56.90 97.04
CA PRO T 731 -3.73 -57.46 98.11
C PRO T 731 -4.91 -58.29 97.64
N ARG T 732 -5.51 -57.96 96.51
CA ARG T 732 -6.74 -58.60 96.08
C ARG T 732 -6.78 -58.62 94.57
N PRO T 733 -7.55 -59.53 93.97
CA PRO T 733 -7.80 -59.46 92.52
C PRO T 733 -8.92 -58.48 92.22
N ILE T 734 -8.71 -57.64 91.22
CA ILE T 734 -9.68 -56.63 90.82
C ILE T 734 -10.27 -57.04 89.48
N GLY T 735 -11.60 -57.16 89.44
CA GLY T 735 -12.30 -57.41 88.20
C GLY T 735 -12.60 -56.12 87.45
N THR T 736 -13.57 -56.21 86.55
CA THR T 736 -13.92 -55.09 85.69
C THR T 736 -15.35 -54.61 85.86
N ARG T 737 -16.24 -55.45 86.38
CA ARG T 737 -17.68 -55.20 86.31
C ARG T 737 -18.12 -54.37 87.50
N TYR T 738 -18.06 -53.04 87.36
CA TYR T 738 -18.49 -52.14 88.42
C TYR T 738 -19.63 -51.26 87.95
N LEU T 739 -19.48 -50.65 86.79
CA LEU T 739 -20.59 -49.92 86.19
C LEU T 739 -21.69 -50.91 85.82
N THR T 740 -22.89 -50.41 85.62
CA THR T 740 -24.02 -51.25 85.26
C THR T 740 -24.70 -50.74 84.01
N ARG T 741 -25.46 -51.62 83.38
CA ARG T 741 -26.31 -51.24 82.27
C ARG T 741 -27.55 -52.13 82.28
N PRO T 742 -28.65 -51.67 81.71
CA PRO T 742 -29.87 -52.50 81.70
C PRO T 742 -29.72 -53.71 80.78
N LEU T 743 -30.36 -54.79 81.18
CA LEU T 743 -30.24 -56.06 80.48
C LEU T 743 -30.98 -56.05 79.15
N ASP U 219 53.90 8.77 -67.60
CA ASP U 219 54.12 9.42 -66.32
C ASP U 219 55.03 10.64 -66.46
N GLY U 220 55.40 10.98 -67.68
CA GLY U 220 56.16 12.17 -67.97
C GLY U 220 57.41 11.90 -68.78
N VAL U 221 57.96 12.98 -69.32
CA VAL U 221 59.19 12.90 -70.09
C VAL U 221 60.39 12.59 -69.21
N GLY U 222 60.46 13.22 -68.03
CA GLY U 222 61.64 13.10 -67.20
C GLY U 222 61.55 12.10 -66.08
N ASN U 223 60.61 11.18 -66.18
CA ASN U 223 60.38 10.15 -65.17
C ASN U 223 60.46 8.79 -65.84
N ALA U 224 61.32 7.92 -65.31
CA ALA U 224 61.46 6.58 -65.86
C ALA U 224 60.24 5.74 -65.53
N SER U 225 59.78 4.96 -66.51
CA SER U 225 58.58 4.15 -66.34
C SER U 225 58.88 2.73 -65.91
N GLY U 226 60.13 2.40 -65.63
CA GLY U 226 60.43 1.08 -65.12
C GLY U 226 61.89 1.00 -64.72
N ASN U 227 62.21 -0.09 -64.04
CA ASN U 227 63.56 -0.34 -63.55
C ASN U 227 64.12 -1.59 -64.20
N TRP U 228 65.42 -1.75 -64.06
CA TRP U 228 66.11 -2.93 -64.59
C TRP U 228 65.92 -4.08 -63.61
N HIS U 229 65.20 -5.10 -64.02
CA HIS U 229 64.94 -6.28 -63.21
C HIS U 229 65.53 -7.49 -63.92
N CYS U 230 66.77 -7.82 -63.58
CA CYS U 230 67.45 -8.99 -64.13
C CYS U 230 68.02 -9.77 -62.96
N ASP U 231 67.44 -10.92 -62.67
CA ASP U 231 67.73 -11.62 -61.43
C ASP U 231 67.29 -13.08 -61.60
N SER U 232 67.55 -13.87 -60.55
CA SER U 232 67.07 -15.25 -60.50
C SER U 232 66.95 -15.63 -59.04
N THR U 233 65.74 -15.96 -58.60
CA THR U 233 65.46 -16.30 -57.22
C THR U 233 65.09 -17.77 -57.15
N TRP U 234 65.76 -18.51 -56.28
CA TRP U 234 65.54 -19.93 -56.12
C TRP U 234 64.81 -20.16 -54.81
N LEU U 235 63.56 -20.58 -54.90
CA LEU U 235 62.80 -20.99 -53.73
C LEU U 235 62.94 -22.50 -53.59
N GLY U 236 62.14 -23.11 -52.72
CA GLY U 236 62.27 -24.55 -52.52
C GLY U 236 61.94 -25.35 -53.75
N ASP U 237 60.78 -25.10 -54.35
CA ASP U 237 60.34 -25.85 -55.51
C ASP U 237 60.07 -24.97 -56.72
N ARG U 238 60.33 -23.67 -56.63
CA ARG U 238 60.17 -22.75 -57.74
C ARG U 238 61.49 -22.07 -58.01
N VAL U 239 61.66 -21.60 -59.24
CA VAL U 239 62.70 -20.65 -59.57
C VAL U 239 62.06 -19.55 -60.42
N ILE U 240 62.33 -18.30 -60.07
CA ILE U 240 61.80 -17.16 -60.80
C ILE U 240 62.97 -16.47 -61.49
N THR U 241 62.92 -16.43 -62.81
CA THR U 241 63.96 -15.81 -63.63
C THR U 241 63.42 -14.52 -64.23
N THR U 242 64.14 -13.43 -64.02
CA THR U 242 63.79 -12.14 -64.59
C THR U 242 64.91 -11.68 -65.52
N SER U 243 64.53 -11.14 -66.67
CA SER U 243 65.49 -10.69 -67.67
C SER U 243 65.03 -9.37 -68.25
N THR U 244 65.91 -8.37 -68.20
CA THR U 244 65.69 -7.11 -68.87
C THR U 244 66.70 -6.94 -69.99
N ARG U 245 66.24 -6.45 -71.13
CA ARG U 245 67.08 -6.20 -72.29
C ARG U 245 66.71 -4.86 -72.90
N THR U 246 67.65 -4.31 -73.66
CA THR U 246 67.42 -3.08 -74.41
C THR U 246 67.18 -3.44 -75.87
N TRP U 247 66.07 -2.96 -76.41
CA TRP U 247 65.67 -3.26 -77.78
C TRP U 247 65.64 -1.99 -78.62
N ALA U 248 65.87 -2.19 -79.92
CA ALA U 248 65.70 -1.17 -80.94
C ALA U 248 64.72 -1.69 -81.99
N LEU U 249 63.70 -0.89 -82.29
CA LEU U 249 62.68 -1.23 -83.26
C LEU U 249 62.73 -0.23 -84.40
N PRO U 250 63.04 -0.65 -85.62
CA PRO U 250 63.00 0.28 -86.75
C PRO U 250 61.63 0.37 -87.39
N THR U 251 61.53 1.12 -88.47
CA THR U 251 60.32 1.12 -89.30
C THR U 251 60.52 0.07 -90.40
N TYR U 252 59.58 -0.86 -90.49
CA TYR U 252 59.64 -1.96 -91.43
C TYR U 252 58.71 -1.68 -92.61
N ASN U 253 59.21 -1.89 -93.82
CA ASN U 253 58.44 -1.81 -95.06
C ASN U 253 57.95 -0.42 -95.39
N ASN U 254 58.47 0.61 -94.73
CA ASN U 254 57.92 1.97 -94.83
C ASN U 254 56.46 2.00 -94.45
N HIS U 255 56.12 1.31 -93.36
CA HIS U 255 54.76 1.26 -92.80
C HIS U 255 53.77 0.59 -93.75
N LEU U 256 54.27 -0.30 -94.61
CA LEU U 256 53.43 -0.93 -95.62
C LEU U 256 53.28 -2.42 -95.35
N TYR U 257 52.13 -2.95 -95.74
CA TYR U 257 51.90 -4.38 -95.81
C TYR U 257 52.24 -4.82 -97.22
N LYS U 258 53.13 -5.79 -97.36
CA LYS U 258 53.55 -6.24 -98.67
C LYS U 258 53.26 -7.72 -98.84
N GLN U 259 52.84 -8.09 -100.03
CA GLN U 259 52.59 -9.49 -100.37
C GLN U 259 53.89 -10.09 -100.90
N ILE U 260 54.31 -11.19 -100.29
CA ILE U 260 55.56 -11.85 -100.65
C ILE U 260 55.27 -13.25 -101.14
N SER U 261 56.05 -13.70 -102.11
CA SER U 261 55.92 -15.05 -102.64
C SER U 261 57.26 -15.45 -103.24
N SER U 262 57.29 -16.62 -103.87
CA SER U 262 58.49 -17.16 -104.47
C SER U 262 58.55 -16.96 -105.98
N ALA U 263 57.60 -16.21 -106.55
CA ALA U 263 57.52 -16.07 -107.99
C ALA U 263 58.76 -15.40 -108.57
N SER U 264 59.22 -14.32 -107.94
CA SER U 264 60.45 -13.69 -108.40
C SER U 264 61.68 -14.50 -108.01
N THR U 265 61.61 -15.22 -106.90
CA THR U 265 62.74 -16.04 -106.48
C THR U 265 63.03 -17.14 -107.49
N GLY U 266 61.99 -17.71 -108.09
CA GLY U 266 62.21 -18.83 -108.99
C GLY U 266 62.71 -20.08 -108.30
N ALA U 267 62.11 -20.42 -107.16
CA ALA U 267 62.54 -21.55 -106.36
C ALA U 267 61.99 -22.85 -106.94
N SER U 268 62.39 -23.96 -106.32
CA SER U 268 61.86 -25.27 -106.68
C SER U 268 60.44 -25.42 -106.14
N ASN U 269 59.76 -26.47 -106.60
CA ASN U 269 58.38 -26.70 -106.17
C ASN U 269 58.29 -26.91 -104.66
N ASP U 270 59.35 -27.44 -104.05
CA ASP U 270 59.35 -27.67 -102.62
C ASP U 270 59.49 -26.40 -101.80
N ASN U 271 60.03 -25.33 -102.39
CA ASN U 271 60.32 -24.11 -101.67
C ASN U 271 59.37 -22.97 -102.01
N HIS U 272 58.29 -23.27 -102.73
CA HIS U 272 57.31 -22.26 -103.07
C HIS U 272 56.55 -21.80 -101.83
N TYR U 273 56.21 -20.52 -101.80
CA TYR U 273 55.45 -19.98 -100.68
C TYR U 273 54.68 -18.75 -101.12
N PHE U 274 53.69 -18.39 -100.31
CA PHE U 274 52.90 -17.19 -100.48
C PHE U 274 52.58 -16.66 -99.10
N GLY U 275 52.74 -15.36 -98.89
CA GLY U 275 52.46 -14.81 -97.60
C GLY U 275 52.49 -13.30 -97.61
N TYR U 276 52.63 -12.75 -96.41
CA TYR U 276 52.60 -11.30 -96.23
C TYR U 276 53.67 -10.86 -95.25
N SER U 277 54.23 -9.68 -95.53
CA SER U 277 55.19 -9.01 -94.67
C SER U 277 54.49 -7.80 -94.04
N THR U 278 54.48 -7.72 -92.72
CA THR U 278 53.81 -6.60 -92.10
C THR U 278 54.83 -5.56 -91.64
N PRO U 279 54.41 -4.33 -91.39
CA PRO U 279 55.31 -3.34 -90.80
C PRO U 279 55.56 -3.51 -89.30
N TRP U 280 55.02 -4.56 -88.69
CA TRP U 280 55.16 -4.78 -87.27
C TRP U 280 56.38 -5.64 -86.97
N GLY U 281 56.93 -5.46 -85.77
CA GLY U 281 57.87 -6.38 -85.20
C GLY U 281 57.22 -7.13 -84.05
N TYR U 282 57.90 -8.16 -83.57
CA TYR U 282 57.36 -8.95 -82.48
C TYR U 282 58.46 -9.21 -81.46
N PHE U 283 58.03 -9.47 -80.23
CA PHE U 283 58.94 -9.78 -79.14
C PHE U 283 59.02 -11.29 -78.97
N ASP U 284 60.24 -11.80 -78.92
CA ASP U 284 60.51 -13.24 -78.81
C ASP U 284 61.42 -13.50 -77.64
N PHE U 285 60.98 -14.37 -76.73
CA PHE U 285 61.82 -14.83 -75.63
C PHE U 285 61.64 -16.34 -75.48
N ASN U 286 61.64 -17.04 -76.62
CA ASN U 286 61.40 -18.47 -76.67
C ASN U 286 62.70 -19.27 -76.75
N ARG U 287 63.73 -18.85 -76.04
CA ARG U 287 64.93 -19.64 -75.85
C ARG U 287 65.28 -19.65 -74.38
N PHE U 288 65.92 -20.73 -73.93
CA PHE U 288 66.17 -20.87 -72.50
C PHE U 288 67.23 -19.90 -71.99
N HIS U 289 68.16 -19.49 -72.84
CA HIS U 289 69.20 -18.57 -72.39
C HIS U 289 68.72 -17.13 -72.35
N CYS U 290 67.51 -16.83 -72.83
CA CYS U 290 66.91 -15.54 -72.58
C CYS U 290 66.53 -15.37 -71.11
N HIS U 291 66.48 -16.47 -70.36
CA HIS U 291 66.03 -16.46 -68.99
C HIS U 291 67.03 -17.02 -68.00
N PHE U 292 67.83 -18.00 -68.39
CA PHE U 292 68.79 -18.63 -67.51
C PHE U 292 70.20 -18.21 -67.89
N SER U 293 70.98 -17.78 -66.90
CA SER U 293 72.42 -17.70 -67.09
C SER U 293 72.96 -19.13 -67.13
N PRO U 294 74.17 -19.32 -67.68
CA PRO U 294 74.75 -20.67 -67.65
C PRO U 294 74.91 -21.23 -66.25
N ARG U 295 75.23 -20.39 -65.27
CA ARG U 295 75.29 -20.84 -63.89
C ARG U 295 73.93 -21.31 -63.39
N ASP U 296 72.87 -20.55 -63.71
CA ASP U 296 71.52 -20.95 -63.29
C ASP U 296 71.09 -22.23 -64.00
N TRP U 297 71.44 -22.38 -65.27
CA TRP U 297 71.14 -23.60 -65.98
C TRP U 297 71.83 -24.80 -65.37
N GLN U 298 73.10 -24.64 -65.01
CA GLN U 298 73.83 -25.71 -64.35
C GLN U 298 73.21 -26.05 -63.00
N ARG U 299 72.83 -25.03 -62.23
CA ARG U 299 72.17 -25.25 -60.96
C ARG U 299 70.86 -26.00 -61.12
N LEU U 300 70.10 -25.69 -62.17
CA LEU U 300 68.85 -26.39 -62.43
C LEU U 300 69.09 -27.84 -62.81
N ILE U 301 69.97 -28.08 -63.79
CA ILE U 301 70.12 -29.40 -64.38
C ILE U 301 70.91 -30.35 -63.49
N ASN U 302 71.74 -29.84 -62.59
CA ASN U 302 72.49 -30.72 -61.71
C ASN U 302 71.71 -31.15 -60.49
N ASN U 303 70.55 -30.54 -60.24
CA ASN U 303 69.83 -30.75 -58.99
C ASN U 303 68.38 -31.14 -59.16
N ASN U 304 67.78 -30.96 -60.33
CA ASN U 304 66.37 -31.19 -60.48
C ASN U 304 66.11 -32.34 -61.44
N TRP U 305 65.13 -33.17 -61.11
CA TRP U 305 64.68 -34.23 -61.99
C TRP U 305 63.75 -33.73 -63.08
N GLY U 306 63.12 -32.58 -62.88
CA GLY U 306 62.29 -32.06 -63.95
C GLY U 306 61.93 -30.61 -63.69
N PHE U 307 61.40 -29.98 -64.74
CA PHE U 307 60.96 -28.59 -64.55
C PHE U 307 59.92 -28.23 -65.59
N ARG U 308 59.17 -27.17 -65.30
CA ARG U 308 58.16 -26.69 -66.25
C ARG U 308 57.84 -25.24 -65.92
N PRO U 309 57.30 -24.49 -66.88
CA PRO U 309 56.92 -23.10 -66.59
C PRO U 309 55.51 -22.96 -66.03
N LYS U 310 55.38 -22.10 -65.03
CA LYS U 310 54.14 -21.79 -64.34
C LYS U 310 53.54 -20.47 -64.78
N ARG U 311 54.29 -19.38 -64.75
CA ARG U 311 53.65 -18.12 -65.12
C ARG U 311 54.69 -17.14 -65.64
N LEU U 312 54.22 -16.08 -66.29
CA LEU U 312 55.14 -15.06 -66.78
C LEU U 312 54.51 -13.68 -66.73
N ASN U 313 55.37 -12.69 -66.56
CA ASN U 313 55.07 -11.27 -66.64
C ASN U 313 55.93 -10.65 -67.71
N PHE U 314 55.33 -9.76 -68.50
CA PHE U 314 56.00 -9.06 -69.57
C PHE U 314 55.80 -7.57 -69.34
N LYS U 315 56.88 -6.81 -69.41
CA LYS U 315 56.81 -5.37 -69.27
C LYS U 315 57.63 -4.70 -70.36
N LEU U 316 57.12 -3.57 -70.84
CA LEU U 316 57.77 -2.76 -71.86
C LEU U 316 57.81 -1.34 -71.34
N PHE U 317 59.00 -0.77 -71.21
CA PHE U 317 59.11 0.49 -70.49
C PHE U 317 60.27 1.30 -71.05
N ASN U 318 60.28 2.59 -70.70
CA ASN U 318 61.31 3.54 -71.08
C ASN U 318 61.39 3.68 -72.60
N ILE U 319 60.25 4.01 -73.21
CA ILE U 319 60.17 4.16 -74.66
C ILE U 319 60.81 5.47 -75.07
N GLN U 320 61.65 5.42 -76.09
CA GLN U 320 62.23 6.62 -76.68
C GLN U 320 62.10 6.52 -78.19
N VAL U 321 61.35 7.43 -78.79
CA VAL U 321 61.24 7.51 -80.23
C VAL U 321 62.26 8.52 -80.74
N LYS U 322 63.03 8.13 -81.73
CA LYS U 322 64.09 8.95 -82.29
C LYS U 322 63.82 9.23 -83.75
N GLU U 323 63.88 10.51 -84.12
CA GLU U 323 63.78 10.97 -85.49
C GLU U 323 65.17 11.03 -86.13
N VAL U 324 65.27 10.57 -87.38
CA VAL U 324 66.52 10.49 -88.11
C VAL U 324 66.40 11.30 -89.40
N THR U 325 67.37 12.18 -89.64
CA THR U 325 67.48 12.93 -90.88
C THR U 325 68.89 12.78 -91.43
N THR U 326 69.01 12.34 -92.68
CA THR U 326 70.32 12.25 -93.33
C THR U 326 70.37 13.32 -94.43
N ASN U 327 71.29 14.27 -94.27
CA ASN U 327 71.51 15.34 -95.25
C ASN U 327 72.99 15.41 -95.60
N ASP U 328 73.28 15.43 -96.90
CA ASP U 328 74.64 15.55 -97.41
C ASP U 328 75.54 14.45 -96.85
N GLY U 329 74.96 13.31 -96.49
CA GLY U 329 75.69 12.19 -95.97
C GLY U 329 75.83 12.14 -94.47
N VAL U 330 75.50 13.23 -93.76
CA VAL U 330 75.62 13.25 -92.31
C VAL U 330 74.24 13.05 -91.70
N THR U 331 74.19 12.30 -90.61
CA THR U 331 72.95 11.85 -90.00
C THR U 331 72.74 12.54 -88.66
N THR U 332 71.57 13.13 -88.49
CA THR U 332 71.13 13.75 -87.25
C THR U 332 70.04 12.89 -86.63
N ILE U 333 70.18 12.63 -85.33
CA ILE U 333 69.16 11.92 -84.56
C ILE U 333 68.67 12.85 -83.47
N ALA U 334 67.36 13.00 -83.36
CA ALA U 334 66.76 13.82 -82.33
C ALA U 334 65.68 13.01 -81.61
N ASN U 335 65.24 13.52 -80.48
CA ASN U 335 64.13 12.90 -79.77
C ASN U 335 62.81 13.42 -80.32
N ASN U 336 61.87 12.50 -80.50
CA ASN U 336 60.51 12.85 -80.89
C ASN U 336 59.62 12.56 -79.69
N LEU U 337 59.34 13.60 -78.90
CA LEU U 337 58.67 13.40 -77.63
C LEU U 337 57.19 13.09 -77.76
N THR U 338 56.58 13.35 -78.91
CA THR U 338 55.16 13.17 -79.09
C THR U 338 54.79 11.97 -79.96
N SER U 339 55.76 11.15 -80.34
CA SER U 339 55.48 9.99 -81.16
C SER U 339 55.15 8.78 -80.29
N THR U 340 54.48 7.81 -80.89
CA THR U 340 53.98 6.65 -80.17
C THR U 340 54.47 5.36 -80.80
N VAL U 341 54.53 4.32 -79.98
CA VAL U 341 54.64 2.94 -80.45
C VAL U 341 53.34 2.23 -80.09
N GLN U 342 52.80 1.49 -81.05
CA GLN U 342 51.64 0.65 -80.81
C GLN U 342 52.09 -0.74 -80.40
N VAL U 343 51.53 -1.24 -79.30
CA VAL U 343 51.83 -2.56 -78.78
C VAL U 343 50.53 -3.29 -78.53
N PHE U 344 50.46 -4.55 -78.93
CA PHE U 344 49.34 -5.37 -78.50
C PHE U 344 49.77 -6.82 -78.35
N SER U 345 49.05 -7.54 -77.51
CA SER U 345 49.27 -8.96 -77.29
C SER U 345 48.14 -9.72 -77.95
N ASP U 346 48.49 -10.75 -78.72
CA ASP U 346 47.50 -11.54 -79.44
C ASP U 346 47.03 -12.68 -78.54
N SER U 347 46.23 -12.30 -77.54
CA SER U 347 45.84 -13.23 -76.47
C SER U 347 44.82 -14.26 -76.90
N GLU U 348 44.11 -14.01 -78.00
CA GLU U 348 43.11 -14.95 -78.49
C GLU U 348 43.62 -15.79 -79.65
N TYR U 349 44.90 -15.69 -79.99
CA TYR U 349 45.54 -16.50 -81.02
C TYR U 349 44.79 -16.39 -82.35
N GLN U 350 44.45 -15.17 -82.71
CA GLN U 350 43.75 -14.90 -83.95
C GLN U 350 44.71 -14.65 -85.12
N LEU U 351 45.98 -14.59 -84.86
CA LEU U 351 47.02 -14.37 -85.84
C LEU U 351 47.80 -15.65 -86.08
N PRO U 352 48.46 -15.78 -87.22
CA PRO U 352 49.39 -16.89 -87.40
C PRO U 352 50.51 -16.82 -86.38
N TYR U 353 50.79 -17.96 -85.75
CA TYR U 353 51.81 -18.04 -84.71
C TYR U 353 53.14 -18.37 -85.35
N VAL U 354 54.01 -17.36 -85.46
CA VAL U 354 55.32 -17.59 -86.06
C VAL U 354 56.38 -17.89 -85.02
N LEU U 355 56.07 -17.75 -83.73
CA LEU U 355 56.97 -18.23 -82.71
C LEU U 355 56.95 -19.76 -82.72
N GLY U 356 57.95 -20.37 -82.13
CA GLY U 356 58.03 -21.80 -82.15
C GLY U 356 58.55 -22.40 -83.43
N SER U 357 59.13 -21.58 -84.31
CA SER U 357 59.82 -22.07 -85.50
C SER U 357 61.32 -21.88 -85.40
N ALA U 358 61.83 -21.55 -84.21
CA ALA U 358 63.26 -21.42 -83.94
C ALA U 358 63.90 -20.31 -84.78
N HIS U 359 63.32 -19.13 -84.71
CA HIS U 359 63.81 -17.99 -85.48
C HIS U 359 64.74 -17.11 -84.65
N GLN U 360 65.57 -16.37 -85.35
CA GLN U 360 66.40 -15.37 -84.71
C GLN U 360 65.55 -14.19 -84.26
N GLY U 361 66.11 -13.38 -83.37
CA GLY U 361 65.40 -12.22 -82.89
C GLY U 361 64.95 -12.30 -81.45
N CYS U 362 65.31 -13.36 -80.76
CA CYS U 362 65.01 -13.46 -79.33
C CYS U 362 65.84 -12.47 -78.53
N LEU U 363 65.52 -12.36 -77.25
CA LEU U 363 66.39 -11.60 -76.37
C LEU U 363 67.77 -12.26 -76.34
N PRO U 364 68.84 -11.48 -76.40
CA PRO U 364 70.18 -12.06 -76.41
C PRO U 364 70.49 -12.77 -75.09
N PRO U 365 71.35 -13.78 -75.12
CA PRO U 365 71.69 -14.46 -73.86
C PRO U 365 72.37 -13.55 -72.85
N PHE U 366 73.22 -12.66 -73.30
CA PHE U 366 73.95 -11.78 -72.40
C PHE U 366 73.13 -10.52 -72.10
N PRO U 367 72.89 -10.21 -70.83
CA PRO U 367 72.01 -9.07 -70.48
C PRO U 367 72.53 -7.73 -70.95
N ALA U 368 73.81 -7.60 -71.27
CA ALA U 368 74.35 -6.33 -71.71
C ALA U 368 74.12 -6.07 -73.20
N ASP U 369 73.60 -7.04 -73.95
CA ASP U 369 73.48 -6.90 -75.38
C ASP U 369 72.18 -6.19 -75.75
N VAL U 370 72.28 -5.33 -76.75
CA VAL U 370 71.13 -4.59 -77.28
C VAL U 370 70.69 -5.27 -78.56
N PHE U 371 69.40 -5.56 -78.67
CA PHE U 371 68.92 -6.37 -79.78
C PHE U 371 67.89 -5.63 -80.62
N MET U 372 67.90 -5.93 -81.91
CA MET U 372 66.95 -5.40 -82.86
C MET U 372 65.71 -6.29 -82.88
N ILE U 373 64.55 -5.67 -82.98
CA ILE U 373 63.30 -6.42 -82.95
C ILE U 373 63.01 -6.98 -84.34
N PRO U 374 62.72 -8.28 -84.47
CA PRO U 374 62.49 -8.86 -85.79
C PRO U 374 61.14 -8.50 -86.38
N GLN U 375 61.09 -8.48 -87.70
CA GLN U 375 59.87 -8.10 -88.41
C GLN U 375 58.87 -9.25 -88.41
N TYR U 376 57.59 -8.90 -88.34
CA TYR U 376 56.54 -9.89 -88.38
C TYR U 376 56.10 -10.16 -89.82
N GLY U 377 55.96 -11.42 -90.15
CA GLY U 377 55.42 -11.84 -91.43
C GLY U 377 54.89 -13.24 -91.26
N TYR U 378 54.00 -13.61 -92.16
CA TYR U 378 53.40 -14.93 -92.07
C TYR U 378 53.22 -15.48 -93.47
N LEU U 379 52.96 -16.78 -93.53
CA LEU U 379 52.67 -17.48 -94.76
C LEU U 379 51.24 -17.98 -94.71
N THR U 380 50.61 -18.08 -95.87
CA THR U 380 49.26 -18.58 -95.97
C THR U 380 49.23 -19.68 -97.03
N LEU U 381 48.05 -20.23 -97.27
CA LEU U 381 47.90 -21.31 -98.24
C LEU U 381 48.40 -20.86 -99.61
N ASN U 382 49.19 -21.71 -100.25
CA ASN U 382 49.73 -21.39 -101.55
C ASN U 382 49.60 -22.58 -102.48
N ASN U 383 49.43 -22.27 -103.77
CA ASN U 383 49.41 -23.25 -104.85
C ASN U 383 50.57 -22.89 -105.76
N GLY U 384 51.75 -23.39 -105.42
CA GLY U 384 52.95 -22.89 -106.07
C GLY U 384 53.32 -21.55 -105.49
N SER U 385 53.56 -20.58 -106.35
CA SER U 385 53.79 -19.21 -105.90
C SER U 385 52.50 -18.40 -105.85
N GLN U 386 51.37 -19.02 -106.11
CA GLN U 386 50.08 -18.34 -106.13
C GLN U 386 49.32 -18.59 -104.84
N ALA U 387 48.25 -17.85 -104.65
CA ALA U 387 47.36 -18.01 -103.51
C ALA U 387 46.15 -18.84 -103.91
N VAL U 388 45.26 -19.07 -102.96
CA VAL U 388 43.99 -19.73 -103.21
C VAL U 388 42.90 -18.87 -102.59
N GLY U 389 41.65 -19.34 -102.71
CA GLY U 389 40.55 -18.61 -102.13
C GLY U 389 40.58 -18.58 -100.62
N ARG U 390 41.06 -19.65 -100.00
CA ARG U 390 41.11 -19.77 -98.55
C ARG U 390 42.38 -19.20 -97.96
N SER U 391 43.25 -18.62 -98.79
CA SER U 391 44.40 -17.89 -98.28
C SER U 391 43.93 -16.68 -97.49
N SER U 392 44.45 -16.52 -96.28
CA SER U 392 44.02 -15.45 -95.40
C SER U 392 44.97 -14.27 -95.46
N PHE U 393 44.42 -13.10 -95.18
CA PHE U 393 45.18 -11.88 -95.01
C PHE U 393 44.78 -11.27 -93.68
N TYR U 394 45.77 -10.79 -92.93
CA TYR U 394 45.53 -10.23 -91.61
C TYR U 394 46.12 -8.83 -91.58
N CYS U 395 45.26 -7.84 -91.38
CA CYS U 395 45.72 -6.51 -91.02
C CYS U 395 45.90 -6.47 -89.51
N LEU U 396 47.11 -6.16 -89.06
CA LEU U 396 47.36 -6.09 -87.63
C LEU U 396 46.91 -4.77 -87.03
N GLU U 397 46.60 -3.77 -87.85
CA GLU U 397 45.95 -2.57 -87.37
C GLU U 397 44.48 -2.79 -87.08
N TYR U 398 43.94 -3.93 -87.47
CA TYR U 398 42.58 -4.32 -87.16
C TYR U 398 42.44 -4.92 -85.77
N PHE U 399 43.41 -4.67 -84.90
CA PHE U 399 43.41 -5.08 -83.52
C PHE U 399 43.41 -3.85 -82.62
N PRO U 400 42.88 -3.96 -81.41
CA PRO U 400 43.09 -2.89 -80.41
C PRO U 400 44.53 -2.89 -79.94
N SER U 401 45.19 -1.76 -80.07
CA SER U 401 46.57 -1.58 -79.65
C SER U 401 46.63 -0.53 -78.55
N GLN U 402 47.60 -0.67 -77.67
CA GLN U 402 47.93 0.39 -76.74
C GLN U 402 48.99 1.28 -77.36
N MET U 403 48.73 2.58 -77.40
CA MET U 403 49.66 3.57 -77.92
C MET U 403 50.48 4.13 -76.77
N LEU U 404 51.80 4.05 -76.90
CA LEU U 404 52.73 4.42 -75.84
C LEU U 404 53.56 5.60 -76.29
N ARG U 405 53.48 6.70 -75.55
CA ARG U 405 54.42 7.79 -75.70
C ARG U 405 55.59 7.53 -74.75
N THR U 406 56.51 8.49 -74.65
CA THR U 406 57.75 8.23 -73.94
C THR U 406 57.56 8.05 -72.43
N GLY U 407 56.40 8.40 -71.89
CA GLY U 407 56.17 8.24 -70.47
C GLY U 407 55.31 7.04 -70.10
N ASN U 408 54.90 6.27 -71.09
CA ASN U 408 53.99 5.15 -70.89
C ASN U 408 54.75 3.83 -70.86
N ASN U 409 54.13 2.83 -70.22
CA ASN U 409 54.63 1.47 -70.23
C ASN U 409 53.51 0.51 -70.54
N PHE U 410 53.88 -0.75 -70.76
CA PHE U 410 52.97 -1.80 -71.17
C PHE U 410 53.23 -3.02 -70.31
N THR U 411 52.19 -3.60 -69.73
CA THR U 411 52.34 -4.80 -68.91
C THR U 411 51.39 -5.88 -69.39
N PHE U 412 51.76 -7.13 -69.14
CA PHE U 412 50.94 -8.24 -69.57
C PHE U 412 51.32 -9.48 -68.76
N SER U 413 50.31 -10.15 -68.21
CA SER U 413 50.54 -11.37 -67.43
C SER U 413 49.97 -12.57 -68.17
N TYR U 414 50.58 -13.73 -67.95
CA TYR U 414 50.14 -14.95 -68.60
C TYR U 414 50.39 -16.13 -67.67
N THR U 415 49.46 -17.07 -67.65
CA THR U 415 49.60 -18.30 -66.88
C THR U 415 49.70 -19.48 -67.83
N PHE U 416 50.72 -20.31 -67.63
CA PHE U 416 50.87 -21.51 -68.43
C PHE U 416 49.83 -22.56 -68.02
N GLU U 417 49.37 -23.32 -69.00
CA GLU U 417 48.55 -24.49 -68.72
C GLU U 417 49.38 -25.56 -68.04
N GLU U 418 48.70 -26.53 -67.44
CA GLU U 418 49.39 -27.61 -66.75
C GLU U 418 50.00 -28.52 -67.80
N VAL U 419 51.30 -28.32 -68.04
CA VAL U 419 52.08 -29.10 -69.00
C VAL U 419 52.89 -30.10 -68.18
N PRO U 420 53.24 -31.27 -68.72
CA PRO U 420 54.10 -32.18 -67.96
C PRO U 420 55.50 -31.60 -67.77
N PHE U 421 56.12 -31.99 -66.67
CA PHE U 421 57.51 -31.63 -66.42
C PHE U 421 58.40 -32.16 -67.53
N HIS U 422 59.33 -31.33 -67.99
CA HIS U 422 60.41 -31.83 -68.80
C HIS U 422 61.36 -32.63 -67.92
N SER U 423 61.87 -33.73 -68.48
CA SER U 423 62.69 -34.70 -67.78
C SER U 423 64.15 -34.28 -67.83
N SER U 424 64.68 -33.79 -66.70
CA SER U 424 66.08 -33.45 -66.58
C SER U 424 66.92 -34.64 -66.11
N TYR U 425 66.49 -35.85 -66.42
CA TYR U 425 67.17 -37.06 -65.98
C TYR U 425 67.42 -37.99 -67.15
N ALA U 426 68.43 -38.83 -66.99
CA ALA U 426 68.61 -40.04 -67.77
C ALA U 426 68.13 -41.23 -66.95
N HIS U 427 68.03 -42.37 -67.62
CA HIS U 427 67.63 -43.60 -66.98
C HIS U 427 68.86 -44.43 -66.63
N SER U 428 68.88 -44.96 -65.41
CA SER U 428 69.96 -45.82 -64.97
C SER U 428 69.83 -47.25 -65.47
N GLN U 429 68.69 -47.61 -66.03
CA GLN U 429 68.47 -48.94 -66.58
C GLN U 429 68.07 -48.82 -68.04
N SER U 430 68.35 -49.86 -68.80
CA SER U 430 67.89 -49.98 -70.16
C SER U 430 66.59 -50.78 -70.20
N LEU U 431 65.79 -50.54 -71.24
CA LEU U 431 64.48 -51.14 -71.32
C LEU U 431 64.55 -52.65 -71.50
N ASP U 432 65.57 -53.15 -72.16
CA ASP U 432 65.76 -54.57 -72.34
C ASP U 432 66.57 -55.22 -71.22
N ARG U 433 66.75 -54.51 -70.10
CA ARG U 433 67.53 -54.98 -68.98
C ARG U 433 66.82 -54.68 -67.67
N LEU U 434 65.51 -54.94 -67.63
CA LEU U 434 64.68 -54.61 -66.48
C LEU U 434 64.44 -55.81 -65.58
N MET U 435 65.12 -56.92 -65.83
CA MET U 435 64.87 -58.16 -65.12
C MET U 435 65.80 -58.33 -63.94
N ASN U 436 65.45 -59.27 -63.07
CA ASN U 436 66.38 -59.73 -62.05
C ASN U 436 67.43 -60.61 -62.72
N PRO U 437 68.72 -60.26 -62.61
CA PRO U 437 69.76 -61.05 -63.26
C PRO U 437 70.14 -62.33 -62.53
N LEU U 438 69.46 -62.68 -61.44
CA LEU U 438 69.77 -63.88 -60.69
C LEU U 438 68.71 -64.96 -60.80
N ILE U 439 67.47 -64.59 -61.05
CA ILE U 439 66.35 -65.52 -61.02
C ILE U 439 65.93 -65.84 -62.44
N ASP U 440 65.52 -67.08 -62.66
CA ASP U 440 64.96 -67.48 -63.94
C ASP U 440 63.52 -67.01 -64.06
N GLN U 441 62.95 -67.21 -65.22
CA GLN U 441 61.55 -66.92 -65.47
C GLN U 441 60.72 -68.20 -65.35
N TYR U 442 59.41 -68.03 -65.24
CA TYR U 442 58.51 -69.17 -65.36
C TYR U 442 57.91 -69.27 -66.76
N LEU U 443 58.35 -68.44 -67.68
CA LEU U 443 57.87 -68.44 -69.05
C LEU U 443 58.88 -69.12 -69.95
N TYR U 444 58.39 -69.93 -70.87
CA TYR U 444 59.23 -70.66 -71.81
C TYR U 444 59.15 -70.01 -73.18
N TYR U 445 60.19 -70.25 -73.98
CA TYR U 445 60.24 -69.76 -75.34
C TYR U 445 60.79 -70.88 -76.22
N LEU U 446 60.45 -70.83 -77.50
CA LEU U 446 61.01 -71.78 -78.45
C LEU U 446 62.47 -71.45 -78.69
N ASN U 447 63.35 -72.39 -78.33
CA ASN U 447 64.79 -72.17 -78.40
C ASN U 447 65.44 -72.82 -79.62
N ARG U 448 65.04 -74.04 -79.94
CA ARG U 448 65.59 -74.77 -81.08
C ARG U 448 64.45 -75.33 -81.90
N THR U 449 64.57 -75.25 -83.23
CA THR U 449 63.73 -76.02 -84.12
C THR U 449 64.51 -77.13 -84.83
N GLN U 450 65.73 -77.41 -84.40
CA GLN U 450 66.54 -78.52 -84.88
C GLN U 450 67.14 -79.24 -83.68
N ASN U 451 67.60 -80.46 -83.92
CA ASN U 451 68.18 -81.24 -82.85
C ASN U 451 69.51 -80.63 -82.40
N GLN U 452 69.70 -80.59 -81.09
CA GLN U 452 70.89 -79.96 -80.52
C GLN U 452 72.14 -80.81 -80.70
N SER U 453 72.00 -82.14 -80.79
CA SER U 453 73.17 -83.03 -80.83
C SER U 453 74.03 -82.76 -82.06
N GLY U 454 73.41 -82.63 -83.23
CA GLY U 454 74.13 -82.33 -84.44
C GLY U 454 74.62 -83.52 -85.23
N SER U 455 74.62 -84.72 -84.64
CA SER U 455 74.99 -85.91 -85.40
C SER U 455 74.03 -86.15 -86.55
N ALA U 456 72.74 -85.95 -86.30
CA ALA U 456 71.73 -85.83 -87.34
C ALA U 456 71.26 -84.39 -87.41
N GLN U 457 70.56 -84.07 -88.49
CA GLN U 457 70.06 -82.72 -88.74
C GLN U 457 68.53 -82.68 -88.73
N ASN U 458 67.92 -83.35 -87.76
CA ASN U 458 66.48 -83.46 -87.72
C ASN U 458 65.86 -82.24 -87.06
N LYS U 459 64.61 -81.95 -87.44
CA LYS U 459 63.88 -80.86 -86.82
C LYS U 459 63.37 -81.27 -85.45
N ASP U 460 62.93 -80.29 -84.68
CA ASP U 460 62.39 -80.53 -83.35
C ASP U 460 61.64 -79.28 -82.88
N LEU U 461 61.14 -79.36 -81.66
CA LEU U 461 60.51 -78.22 -80.99
C LEU U 461 61.01 -78.24 -79.55
N LEU U 462 62.10 -77.54 -79.29
CA LEU U 462 62.74 -77.53 -77.98
C LEU U 462 62.53 -76.18 -77.33
N PHE U 463 62.07 -76.19 -76.10
CA PHE U 463 61.70 -74.97 -75.38
C PHE U 463 62.63 -74.77 -74.20
N SER U 464 63.06 -73.54 -73.99
CA SER U 464 63.93 -73.20 -72.87
C SER U 464 63.22 -72.21 -71.95
N ARG U 465 63.68 -72.17 -70.73
CA ARG U 465 63.19 -71.24 -69.73
C ARG U 465 63.97 -69.93 -69.80
N GLY U 466 63.26 -68.82 -69.60
CA GLY U 466 63.90 -67.53 -69.56
C GLY U 466 64.91 -67.45 -68.43
N SER U 467 66.18 -67.27 -68.77
CA SER U 467 67.27 -67.34 -67.82
C SER U 467 68.18 -66.12 -67.98
N PRO U 468 68.93 -65.76 -66.93
CA PRO U 468 69.88 -64.65 -67.06
C PRO U 468 71.00 -64.91 -68.05
N ALA U 469 71.24 -66.16 -68.44
CA ALA U 469 72.25 -66.43 -69.46
C ALA U 469 71.85 -65.80 -70.79
N GLY U 470 70.63 -66.05 -71.25
CA GLY U 470 70.13 -65.38 -72.42
C GLY U 470 69.08 -64.34 -72.08
N MET U 471 69.49 -63.08 -72.05
CA MET U 471 68.58 -61.99 -71.72
C MET U 471 67.89 -61.42 -72.94
N SER U 472 68.43 -61.67 -74.13
CA SER U 472 67.85 -61.16 -75.36
C SER U 472 66.59 -61.91 -75.77
N VAL U 473 66.42 -63.16 -75.31
CA VAL U 473 65.30 -63.99 -75.70
C VAL U 473 64.25 -64.09 -74.61
N GLN U 474 64.45 -63.43 -73.47
CA GLN U 474 63.46 -63.46 -72.41
C GLN U 474 62.20 -62.70 -72.84
N PRO U 475 61.02 -63.23 -72.55
CA PRO U 475 59.80 -62.44 -72.71
C PRO U 475 59.88 -61.16 -71.89
N LYS U 476 59.39 -60.07 -72.47
CA LYS U 476 59.43 -58.75 -71.84
C LYS U 476 58.07 -58.09 -71.96
N ASN U 477 57.90 -56.99 -71.23
CA ASN U 477 56.60 -56.35 -71.11
C ASN U 477 56.44 -55.11 -71.96
N TRP U 478 57.53 -54.50 -72.43
CA TRP U 478 57.46 -53.22 -73.10
C TRP U 478 58.32 -53.24 -74.36
N LEU U 479 58.12 -52.22 -75.19
CA LEU U 479 58.80 -52.05 -76.45
C LEU U 479 59.47 -50.69 -76.52
N PRO U 480 60.56 -50.55 -77.28
CA PRO U 480 61.15 -49.23 -77.47
C PRO U 480 60.25 -48.35 -78.32
N GLY U 481 60.43 -47.05 -78.16
CA GLY U 481 59.61 -46.07 -78.84
C GLY U 481 59.65 -46.15 -80.35
N PRO U 482 58.82 -45.35 -81.00
CA PRO U 482 58.76 -45.39 -82.47
C PRO U 482 60.02 -44.82 -83.10
N CYS U 483 60.23 -45.20 -84.36
CA CYS U 483 61.43 -44.78 -85.06
C CYS U 483 61.08 -44.35 -86.48
N TYR U 484 61.92 -43.52 -87.07
CA TYR U 484 61.85 -43.13 -88.47
C TYR U 484 63.28 -42.94 -88.94
N ARG U 485 63.86 -43.97 -89.55
CA ARG U 485 65.30 -44.05 -89.73
C ARG U 485 65.86 -42.88 -90.51
N GLN U 486 67.02 -42.39 -90.07
CA GLN U 486 67.76 -41.32 -90.71
C GLN U 486 69.04 -41.89 -91.32
N GLN U 487 69.67 -41.09 -92.17
CA GLN U 487 70.93 -41.48 -92.79
C GLN U 487 72.08 -41.15 -91.84
N ARG U 488 73.09 -42.01 -91.84
CA ARG U 488 74.19 -41.90 -90.90
C ARG U 488 75.33 -41.14 -91.54
N VAL U 489 75.70 -40.00 -90.95
CA VAL U 489 76.79 -39.17 -91.43
C VAL U 489 77.90 -39.19 -90.39
N SER U 490 79.13 -39.35 -90.85
CA SER U 490 80.28 -39.34 -89.96
C SER U 490 80.83 -37.92 -89.81
N LYS U 491 81.16 -37.55 -88.58
CA LYS U 491 81.81 -36.27 -88.35
C LYS U 491 83.19 -36.21 -88.95
N THR U 492 83.80 -37.36 -89.24
CA THR U 492 85.03 -37.44 -90.01
C THR U 492 84.67 -37.59 -91.48
N LYS U 493 84.93 -36.53 -92.26
CA LYS U 493 84.38 -36.44 -93.60
C LYS U 493 84.92 -37.50 -94.55
N THR U 494 86.06 -38.11 -94.27
CA THR U 494 86.62 -39.10 -95.19
C THR U 494 85.82 -40.39 -95.23
N ASP U 495 85.05 -40.69 -94.19
CA ASP U 495 84.25 -41.92 -94.16
C ASP U 495 82.88 -41.75 -94.79
N ASN U 496 82.55 -40.58 -95.28
CA ASN U 496 81.26 -40.34 -95.91
C ASN U 496 81.36 -40.60 -97.42
N ASN U 497 80.23 -40.97 -98.00
CA ASN U 497 80.17 -41.25 -99.44
C ASN U 497 80.49 -39.97 -100.22
N ASN U 498 81.13 -40.16 -101.37
CA ASN U 498 81.51 -39.03 -102.22
C ASN U 498 80.33 -38.64 -103.12
N SER U 499 79.36 -37.98 -102.49
CA SER U 499 78.21 -37.43 -103.19
C SER U 499 77.56 -36.42 -102.26
N ASN U 500 76.56 -35.70 -102.77
CA ASN U 500 75.89 -34.73 -101.91
C ASN U 500 74.90 -35.42 -100.97
N PHE U 501 73.87 -36.03 -101.53
CA PHE U 501 72.94 -36.91 -100.81
C PHE U 501 72.34 -36.28 -99.55
N THR U 502 72.50 -34.98 -99.37
CA THR U 502 71.80 -34.30 -98.29
C THR U 502 70.33 -34.07 -98.59
N TRP U 503 69.94 -34.14 -99.84
CA TRP U 503 68.55 -34.08 -100.22
C TRP U 503 68.05 -35.36 -100.84
N THR U 504 68.85 -36.02 -101.68
CA THR U 504 68.40 -37.24 -102.31
C THR U 504 68.38 -38.42 -101.35
N GLY U 505 69.25 -38.43 -100.34
CA GLY U 505 69.34 -39.56 -99.45
C GLY U 505 68.79 -39.29 -98.07
N ALA U 506 67.89 -38.32 -97.96
CA ALA U 506 67.42 -37.86 -96.67
C ALA U 506 65.97 -38.28 -96.42
N SER U 507 65.66 -38.48 -95.14
CA SER U 507 64.29 -38.78 -94.73
C SER U 507 63.44 -37.51 -94.85
N LYS U 508 62.39 -37.57 -95.66
CA LYS U 508 61.55 -36.42 -95.86
C LYS U 508 60.11 -36.88 -95.99
N TYR U 509 59.17 -35.96 -95.81
CA TYR U 509 57.77 -36.28 -95.90
C TYR U 509 57.12 -35.50 -97.03
N ASN U 510 56.04 -36.07 -97.56
CA ASN U 510 55.32 -35.53 -98.69
C ASN U 510 54.04 -34.86 -98.18
N LEU U 511 53.83 -33.61 -98.55
CA LEU U 511 52.64 -32.87 -98.13
C LEU U 511 52.18 -31.97 -99.28
N ASN U 512 51.02 -32.29 -99.85
CA ASN U 512 50.45 -31.52 -100.95
C ASN U 512 51.40 -31.46 -102.15
N GLY U 513 52.15 -32.53 -102.36
CA GLY U 513 53.00 -32.64 -103.51
C GLY U 513 54.40 -32.10 -103.37
N ARG U 514 54.73 -31.47 -102.25
CA ARG U 514 56.07 -30.96 -102.03
C ARG U 514 56.69 -31.58 -100.80
N GLU U 515 57.97 -31.91 -100.91
CA GLU U 515 58.69 -32.67 -99.90
C GLU U 515 59.34 -31.74 -98.89
N SER U 516 59.43 -32.21 -97.65
CA SER U 516 60.02 -31.43 -96.57
C SER U 516 60.88 -32.37 -95.74
N ILE U 517 62.11 -31.95 -95.47
CA ILE U 517 63.00 -32.73 -94.62
C ILE U 517 62.38 -32.85 -93.24
N ILE U 518 62.53 -34.02 -92.61
CA ILE U 518 61.93 -34.24 -91.31
C ILE U 518 62.54 -33.30 -90.28
N ASN U 519 63.84 -33.46 -89.97
CA ASN U 519 64.63 -32.46 -89.26
C ASN U 519 63.96 -31.86 -88.04
N PRO U 520 64.00 -32.51 -86.87
CA PRO U 520 64.73 -33.74 -86.54
C PRO U 520 63.83 -34.95 -86.36
N GLY U 521 62.52 -34.71 -86.29
CA GLY U 521 61.59 -35.82 -86.25
C GLY U 521 61.59 -36.54 -84.92
N THR U 522 61.45 -37.85 -85.00
CA THR U 522 61.30 -38.68 -83.81
C THR U 522 62.51 -38.55 -82.90
N ALA U 523 62.25 -38.58 -81.60
CA ALA U 523 63.31 -38.48 -80.60
C ALA U 523 64.01 -39.83 -80.52
N MET U 524 65.18 -39.92 -81.11
CA MET U 524 65.95 -41.15 -81.13
C MET U 524 67.39 -40.87 -80.74
N ALA U 525 68.08 -41.93 -80.33
CA ALA U 525 69.49 -41.81 -79.97
C ALA U 525 70.32 -41.44 -81.19
N SER U 526 71.26 -40.52 -81.01
CA SER U 526 72.09 -40.07 -82.11
C SER U 526 72.96 -41.19 -82.66
N HIS U 527 73.51 -42.02 -81.78
CA HIS U 527 74.42 -43.08 -82.19
C HIS U 527 74.35 -44.19 -81.15
N LYS U 528 75.14 -45.24 -81.38
CA LYS U 528 75.27 -46.33 -80.43
C LYS U 528 76.41 -46.05 -79.47
N ASP U 529 76.79 -47.05 -78.68
CA ASP U 529 77.98 -46.96 -77.86
C ASP U 529 79.23 -47.03 -78.73
N ASP U 530 80.24 -46.24 -78.36
CA ASP U 530 81.52 -46.22 -79.06
C ASP U 530 81.38 -45.80 -80.51
N GLU U 531 80.40 -44.96 -80.81
CA GLU U 531 80.12 -44.53 -82.17
C GLU U 531 79.81 -43.04 -82.21
N ASP U 532 80.50 -42.26 -81.39
CA ASP U 532 80.24 -40.82 -81.29
C ASP U 532 80.60 -40.08 -82.57
N LYS U 533 81.34 -40.70 -83.48
CA LYS U 533 81.73 -40.08 -84.75
C LYS U 533 80.57 -39.99 -85.74
N PHE U 534 79.44 -40.62 -85.47
CA PHE U 534 78.31 -40.64 -86.37
C PHE U 534 77.14 -39.85 -85.78
N PHE U 535 76.42 -39.17 -86.65
CA PHE U 535 75.18 -38.50 -86.28
C PHE U 535 74.16 -38.68 -87.40
N PRO U 536 72.87 -38.70 -87.07
CA PRO U 536 71.86 -38.73 -88.13
C PRO U 536 71.89 -37.46 -88.95
N MET U 537 71.62 -37.61 -90.25
CA MET U 537 71.86 -36.50 -91.18
C MET U 537 71.01 -35.29 -90.83
N SER U 538 69.75 -35.52 -90.45
CA SER U 538 68.86 -34.43 -90.04
C SER U 538 68.10 -34.83 -88.79
N GLY U 539 68.80 -35.44 -87.84
CA GLY U 539 68.14 -35.92 -86.64
C GLY U 539 68.62 -35.24 -85.38
N VAL U 540 69.48 -34.25 -85.53
CA VAL U 540 70.11 -33.59 -84.39
C VAL U 540 69.90 -32.09 -84.50
N MET U 541 69.81 -31.43 -83.36
CA MET U 541 69.77 -29.98 -83.31
C MET U 541 71.19 -29.45 -83.42
N ILE U 542 71.42 -28.59 -84.40
CA ILE U 542 72.75 -28.04 -84.67
C ILE U 542 72.69 -26.54 -84.40
N PHE U 543 73.48 -26.09 -83.44
CA PHE U 543 73.62 -24.68 -83.13
C PHE U 543 74.90 -24.15 -83.73
N GLY U 544 74.84 -22.94 -84.27
CA GLY U 544 76.01 -22.31 -84.83
C GLY U 544 76.77 -21.52 -83.76
N LYS U 545 78.08 -21.60 -83.81
CA LYS U 545 78.89 -20.74 -82.96
C LYS U 545 78.92 -19.34 -83.55
N GLU U 546 79.36 -18.39 -82.74
CA GLU U 546 79.61 -17.06 -83.27
C GLU U 546 80.73 -17.15 -84.30
N SER U 547 80.66 -16.29 -85.31
CA SER U 547 81.51 -16.40 -86.50
C SER U 547 81.21 -17.68 -87.29
N ALA U 548 79.94 -18.02 -87.41
CA ALA U 548 79.49 -19.06 -88.32
C ALA U 548 78.69 -18.39 -89.45
N GLY U 549 79.01 -18.74 -90.68
CA GLY U 549 78.33 -18.17 -91.80
C GLY U 549 76.89 -18.64 -91.91
N ALA U 550 76.13 -17.96 -92.76
CA ALA U 550 74.73 -18.33 -92.95
C ALA U 550 74.60 -19.58 -93.82
N SER U 551 75.49 -19.76 -94.78
CA SER U 551 75.40 -20.87 -95.73
C SER U 551 76.74 -21.56 -95.86
N ASN U 552 76.71 -22.90 -95.87
CA ASN U 552 77.88 -23.73 -96.10
C ASN U 552 79.02 -23.41 -95.15
N THR U 553 78.70 -23.20 -93.88
CA THR U 553 79.72 -23.03 -92.87
C THR U 553 80.32 -24.39 -92.51
N ALA U 554 81.28 -24.38 -91.61
CA ALA U 554 82.07 -25.57 -91.34
C ALA U 554 81.62 -26.29 -90.07
N LEU U 555 81.94 -27.59 -90.03
CA LEU U 555 81.72 -28.40 -88.84
C LEU U 555 82.41 -27.79 -87.63
N ASP U 556 83.51 -27.08 -87.85
CA ASP U 556 84.18 -26.38 -86.77
C ASP U 556 83.36 -25.19 -86.29
N ASN U 557 82.51 -24.64 -87.16
CA ASN U 557 81.72 -23.49 -86.79
C ASN U 557 80.34 -23.85 -86.25
N VAL U 558 79.93 -25.10 -86.36
CA VAL U 558 78.65 -25.53 -85.80
C VAL U 558 78.89 -26.42 -84.59
N MET U 559 77.88 -26.49 -83.71
CA MET U 559 77.86 -27.38 -82.56
C MET U 559 76.72 -28.38 -82.73
N ILE U 560 77.06 -29.65 -82.88
CA ILE U 560 76.09 -30.71 -83.06
C ILE U 560 75.73 -31.28 -81.71
N THR U 561 74.44 -31.37 -81.41
CA THR U 561 74.01 -31.94 -80.15
C THR U 561 74.05 -33.46 -80.20
N ASP U 562 73.91 -34.07 -79.04
CA ASP U 562 73.91 -35.52 -78.90
C ASP U 562 72.72 -35.93 -78.05
N GLU U 563 72.07 -37.03 -78.42
CA GLU U 563 70.96 -37.59 -77.68
C GLU U 563 71.34 -38.95 -77.10
N GLU U 564 72.54 -39.02 -76.50
CA GLU U 564 73.09 -40.30 -76.08
C GLU U 564 72.39 -40.82 -74.83
N GLU U 565 71.68 -39.96 -74.10
CA GLU U 565 71.12 -40.36 -72.82
C GLU U 565 69.83 -41.15 -72.97
N ILE U 566 69.20 -41.13 -74.14
CA ILE U 566 67.92 -41.79 -74.31
C ILE U 566 68.07 -43.11 -75.07
N LYS U 567 69.28 -43.67 -75.09
CA LYS U 567 69.48 -45.02 -75.62
C LYS U 567 68.78 -46.07 -74.79
N ALA U 568 68.42 -45.75 -73.55
CA ALA U 568 67.81 -46.74 -72.67
C ALA U 568 66.41 -47.12 -73.13
N THR U 569 65.70 -46.21 -73.80
CA THR U 569 64.33 -46.44 -74.22
C THR U 569 64.05 -46.17 -75.68
N ASN U 570 64.89 -45.42 -76.37
CA ASN U 570 64.62 -45.02 -77.73
C ASN U 570 65.54 -45.72 -78.71
N PRO U 571 65.06 -46.05 -79.91
CA PRO U 571 65.93 -46.65 -80.91
C PRO U 571 66.97 -45.65 -81.39
N VAL U 572 68.09 -46.18 -81.88
CA VAL U 572 69.12 -45.33 -82.45
C VAL U 572 68.63 -44.78 -83.79
N ALA U 573 68.86 -43.49 -84.02
CA ALA U 573 68.25 -42.79 -85.13
C ALA U 573 68.67 -43.34 -86.49
N THR U 574 69.88 -43.89 -86.59
CA THR U 574 70.43 -44.31 -87.87
C THR U 574 70.26 -45.79 -88.15
N GLU U 575 69.60 -46.53 -87.27
CA GLU U 575 69.43 -47.97 -87.45
C GLU U 575 67.96 -48.34 -87.40
N ARG U 576 67.69 -49.55 -87.89
CA ARG U 576 66.32 -50.03 -88.01
C ARG U 576 65.70 -50.22 -86.63
N PHE U 577 64.36 -50.14 -86.58
CA PHE U 577 63.66 -50.49 -85.35
C PHE U 577 63.89 -51.96 -85.02
N GLY U 578 63.87 -52.82 -86.03
CA GLY U 578 64.05 -54.23 -85.81
C GLY U 578 63.73 -54.99 -87.09
N THR U 579 63.54 -56.29 -86.92
CA THR U 579 63.17 -57.16 -88.03
C THR U 579 61.76 -57.71 -87.81
N VAL U 580 61.15 -58.11 -88.91
CA VAL U 580 59.79 -58.64 -88.89
C VAL U 580 59.73 -59.83 -89.84
N ALA U 581 58.93 -60.83 -89.49
CA ALA U 581 58.72 -61.94 -90.40
C ALA U 581 57.92 -61.48 -91.61
N VAL U 582 58.26 -61.99 -92.79
CA VAL U 582 57.64 -61.54 -94.02
C VAL U 582 57.08 -62.68 -94.85
N ASN U 583 57.12 -63.92 -94.37
CA ASN U 583 56.60 -65.04 -95.13
C ASN U 583 56.18 -66.13 -94.16
N PHE U 584 55.79 -67.29 -94.71
CA PHE U 584 55.49 -68.49 -93.94
C PHE U 584 56.60 -69.50 -94.19
N GLN U 585 57.28 -69.91 -93.12
CA GLN U 585 58.26 -70.99 -93.25
C GLN U 585 57.54 -72.33 -93.33
N SER U 586 58.10 -73.23 -94.13
CA SER U 586 57.51 -74.55 -94.30
C SER U 586 58.59 -75.51 -94.76
N SER U 587 58.30 -76.80 -94.63
CA SER U 587 59.18 -77.86 -95.09
C SER U 587 58.71 -78.36 -96.45
N SER U 588 59.61 -79.05 -97.14
CA SER U 588 59.28 -79.65 -98.43
C SER U 588 58.31 -80.81 -98.25
N THR U 589 57.44 -80.97 -99.24
CA THR U 589 56.46 -82.05 -99.22
C THR U 589 56.33 -82.71 -100.58
N VAL U 592 53.82 -80.61 -101.80
CA VAL U 592 54.35 -79.31 -102.18
C VAL U 592 55.86 -79.30 -102.02
N PRO U 593 56.59 -79.81 -103.01
CA PRO U 593 58.05 -79.92 -102.87
C PRO U 593 58.77 -78.61 -103.11
N PHE U 594 58.27 -77.53 -102.54
CA PHE U 594 58.89 -76.21 -102.62
C PHE U 594 59.09 -75.73 -101.18
N LYS U 595 60.24 -76.10 -100.60
CA LYS U 595 60.58 -75.68 -99.24
C LYS U 595 60.71 -74.16 -99.17
N THR U 596 60.14 -73.58 -98.11
CA THR U 596 60.17 -72.14 -97.90
C THR U 596 60.98 -71.83 -96.65
N ASP U 597 62.14 -71.20 -96.83
CA ASP U 597 62.92 -70.76 -95.69
C ASP U 597 62.24 -69.55 -95.05
N PRO U 598 62.34 -69.42 -93.73
CA PRO U 598 61.82 -68.22 -93.08
C PRO U 598 62.58 -66.99 -93.54
N ALA U 599 61.87 -65.88 -93.65
CA ALA U 599 62.43 -64.64 -94.16
C ALA U 599 62.03 -63.48 -93.28
N THR U 600 62.99 -62.60 -92.98
CA THR U 600 62.75 -61.41 -92.20
C THR U 600 63.12 -60.18 -93.02
N GLY U 601 62.49 -59.08 -92.69
CA GLY U 601 62.80 -57.80 -93.30
C GLY U 601 63.01 -56.75 -92.25
N ASP U 602 63.88 -55.79 -92.57
CA ASP U 602 64.18 -54.71 -91.64
C ASP U 602 63.04 -53.71 -91.59
N VAL U 603 62.73 -53.25 -90.39
CA VAL U 603 61.67 -52.28 -90.15
C VAL U 603 62.33 -50.93 -89.94
N HIS U 604 62.19 -50.04 -90.91
CA HIS U 604 62.90 -48.76 -90.88
C HIS U 604 62.07 -47.64 -90.29
N ALA U 605 60.76 -47.65 -90.52
CA ALA U 605 59.84 -46.70 -89.90
C ALA U 605 58.79 -47.48 -89.16
N MET U 606 58.67 -47.23 -87.86
CA MET U 606 57.73 -47.94 -87.00
C MET U 606 56.86 -46.91 -86.31
N GLY U 607 55.56 -47.01 -86.48
CA GLY U 607 54.62 -46.18 -85.76
C GLY U 607 54.38 -46.72 -84.38
N ALA U 608 53.51 -46.02 -83.64
CA ALA U 608 53.27 -46.36 -82.25
C ALA U 608 52.55 -47.69 -82.13
N LEU U 609 53.12 -48.61 -81.37
CA LEU U 609 52.54 -49.86 -80.97
C LEU U 609 52.19 -49.81 -79.49
N PRO U 610 51.12 -50.46 -79.06
CA PRO U 610 50.84 -50.53 -77.62
C PRO U 610 51.96 -51.25 -76.89
N GLY U 611 52.29 -50.74 -75.70
CA GLY U 611 53.44 -51.19 -74.96
C GLY U 611 54.71 -50.41 -75.23
N MET U 612 54.69 -49.49 -76.18
CA MET U 612 55.86 -48.68 -76.49
C MET U 612 56.08 -47.63 -75.41
N VAL U 613 57.34 -47.39 -75.06
CA VAL U 613 57.73 -46.34 -74.14
C VAL U 613 58.91 -45.60 -74.76
N TRP U 614 58.96 -44.29 -74.54
CA TRP U 614 60.03 -43.49 -75.13
C TRP U 614 60.26 -42.24 -74.29
N GLN U 615 61.39 -41.60 -74.53
CA GLN U 615 61.69 -40.28 -74.00
C GLN U 615 61.61 -39.24 -75.10
N ASP U 616 61.28 -38.02 -74.72
CA ASP U 616 61.22 -36.92 -75.66
C ASP U 616 62.62 -36.35 -75.88
N ARG U 617 62.73 -35.42 -76.82
CA ARG U 617 64.01 -34.77 -77.07
C ARG U 617 64.39 -33.88 -75.89
N ASP U 618 65.69 -33.73 -75.70
CA ASP U 618 66.20 -32.87 -74.64
C ASP U 618 66.05 -31.40 -75.01
N VAL U 619 65.99 -30.57 -73.99
CA VAL U 619 66.02 -29.12 -74.18
C VAL U 619 67.42 -28.63 -73.85
N TYR U 620 67.80 -27.52 -74.47
CA TYR U 620 69.14 -26.97 -74.33
C TYR U 620 69.04 -25.51 -73.90
N LEU U 621 70.13 -25.00 -73.33
CA LEU U 621 70.14 -23.60 -72.93
C LEU U 621 69.96 -22.68 -74.12
N GLN U 622 70.44 -23.07 -75.29
CA GLN U 622 70.30 -22.30 -76.51
C GLN U 622 69.05 -22.65 -77.30
N GLY U 623 68.23 -23.59 -76.82
CA GLY U 623 67.13 -24.09 -77.59
C GLY U 623 65.80 -23.49 -77.24
N PRO U 624 64.76 -23.84 -77.99
CA PRO U 624 63.42 -23.30 -77.73
C PRO U 624 62.80 -23.84 -76.46
N ILE U 625 61.89 -23.06 -75.89
CA ILE U 625 61.17 -23.44 -74.69
C ILE U 625 59.86 -24.13 -75.01
N TRP U 626 59.03 -23.50 -75.83
CA TRP U 626 57.69 -23.99 -76.09
C TRP U 626 57.38 -23.94 -77.58
N ALA U 627 56.22 -24.49 -77.91
CA ALA U 627 55.67 -24.41 -79.26
C ALA U 627 54.15 -24.49 -79.15
N LYS U 628 53.47 -23.75 -80.01
CA LYS U 628 52.03 -23.87 -80.09
C LYS U 628 51.64 -25.18 -80.77
N ILE U 629 50.77 -25.95 -80.11
CA ILE U 629 50.24 -27.16 -80.73
C ILE U 629 49.21 -26.76 -81.78
N PRO U 630 49.33 -27.25 -83.02
CA PRO U 630 48.38 -26.86 -84.06
C PRO U 630 46.95 -27.23 -83.67
N HIS U 631 46.02 -26.33 -84.01
CA HIS U 631 44.61 -26.55 -83.72
C HIS U 631 44.04 -27.48 -84.77
N THR U 632 44.18 -28.76 -84.52
CA THR U 632 43.72 -29.82 -85.41
C THR U 632 42.77 -30.75 -84.67
N ASP U 633 42.10 -31.60 -85.44
CA ASP U 633 41.20 -32.59 -84.84
C ASP U 633 41.97 -33.60 -84.01
N GLY U 634 43.10 -34.07 -84.51
CA GLY U 634 43.87 -35.07 -83.80
C GLY U 634 45.34 -34.71 -83.78
N HIS U 635 46.00 -35.17 -82.72
CA HIS U 635 47.45 -35.08 -82.60
C HIS U 635 47.89 -36.16 -81.63
N PHE U 636 49.03 -36.77 -81.90
CA PHE U 636 49.55 -37.85 -81.09
C PHE U 636 50.78 -37.34 -80.34
N HIS U 637 50.69 -37.34 -79.01
CA HIS U 637 51.77 -36.93 -78.12
C HIS U 637 52.30 -35.56 -78.52
N PRO U 638 51.54 -34.50 -78.31
CA PRO U 638 51.87 -33.19 -78.90
C PRO U 638 53.04 -32.50 -78.21
N SER U 639 54.19 -33.17 -78.20
CA SER U 639 55.43 -32.60 -77.73
C SER U 639 56.25 -32.16 -78.93
N PRO U 640 56.71 -30.91 -78.96
CA PRO U 640 57.39 -30.41 -80.16
C PRO U 640 58.62 -31.23 -80.48
N LEU U 641 58.88 -31.40 -81.77
CA LEU U 641 59.96 -32.28 -82.19
C LEU U 641 61.33 -31.62 -82.01
N MET U 642 61.38 -30.29 -81.96
CA MET U 642 62.62 -29.63 -81.60
C MET U 642 62.91 -29.70 -80.11
N GLY U 643 61.95 -30.09 -79.30
CA GLY U 643 62.12 -30.14 -77.86
C GLY U 643 61.39 -28.99 -77.20
N GLY U 644 60.94 -29.24 -75.98
CA GLY U 644 60.24 -28.22 -75.24
C GLY U 644 58.84 -28.61 -74.84
N PHE U 645 58.02 -27.62 -74.52
CA PHE U 645 56.67 -27.81 -74.05
C PHE U 645 55.70 -27.45 -75.17
N GLY U 646 54.83 -28.38 -75.51
CA GLY U 646 53.76 -28.08 -76.44
C GLY U 646 52.58 -27.51 -75.70
N LEU U 647 52.16 -26.31 -76.06
CA LEU U 647 51.07 -25.63 -75.37
C LEU U 647 49.94 -25.37 -76.35
N LYS U 648 48.71 -25.69 -75.94
CA LYS U 648 47.56 -25.34 -76.76
C LYS U 648 47.36 -23.83 -76.81
N ASN U 649 47.49 -23.18 -75.66
CA ASN U 649 47.49 -21.71 -75.57
C ASN U 649 48.88 -21.29 -75.11
N PRO U 650 49.82 -21.10 -76.02
CA PRO U 650 51.16 -20.70 -75.63
C PRO U 650 51.19 -19.24 -75.21
N PRO U 651 52.33 -18.74 -74.74
CA PRO U 651 52.44 -17.30 -74.52
C PRO U 651 52.16 -16.54 -75.80
N PRO U 652 51.26 -15.57 -75.76
CA PRO U 652 50.86 -14.89 -76.99
C PRO U 652 51.95 -14.00 -77.54
N GLN U 653 51.83 -13.70 -78.82
CA GLN U 653 52.77 -12.83 -79.49
C GLN U 653 52.51 -11.38 -79.09
N ILE U 654 53.58 -10.68 -78.72
CA ILE U 654 53.54 -9.26 -78.46
C ILE U 654 54.07 -8.56 -79.70
N LEU U 655 53.22 -7.75 -80.32
CA LEU U 655 53.53 -7.09 -81.57
C LEU U 655 53.61 -5.60 -81.34
N ILE U 656 54.65 -4.99 -81.91
CA ILE U 656 55.01 -3.61 -81.64
C ILE U 656 55.39 -2.94 -82.96
N LYS U 657 54.98 -1.70 -83.13
CA LYS U 657 55.46 -0.95 -84.28
C LYS U 657 55.45 0.53 -83.95
N ASN U 658 56.22 1.29 -84.72
CA ASN U 658 56.21 2.73 -84.59
C ASN U 658 55.01 3.30 -85.32
N THR U 659 54.25 4.18 -84.67
CA THR U 659 53.15 4.82 -85.36
C THR U 659 53.71 5.74 -86.44
N PRO U 660 53.23 5.63 -87.69
CA PRO U 660 53.76 6.48 -88.75
C PRO U 660 53.48 7.96 -88.48
N VAL U 661 54.49 8.79 -88.74
CA VAL U 661 54.37 10.24 -88.64
C VAL U 661 54.54 10.80 -90.04
N PRO U 662 53.49 11.31 -90.66
CA PRO U 662 53.60 11.83 -92.03
C PRO U 662 54.49 13.06 -92.10
N ALA U 663 55.14 13.23 -93.25
CA ALA U 663 55.90 14.43 -93.51
C ALA U 663 54.94 15.56 -93.94
N ASN U 664 55.50 16.63 -94.45
CA ASN U 664 54.71 17.80 -94.78
C ASN U 664 53.71 17.48 -95.90
N PRO U 665 52.41 17.65 -95.67
CA PRO U 665 51.44 17.37 -96.73
C PRO U 665 51.38 18.50 -97.74
N PRO U 666 50.84 18.25 -98.92
CA PRO U 666 50.72 19.34 -99.91
C PRO U 666 49.71 20.39 -99.49
N ALA U 667 49.83 21.57 -100.10
CA ALA U 667 48.91 22.66 -99.80
C ALA U 667 47.49 22.34 -100.27
N GLU U 668 47.36 21.71 -101.43
CA GLU U 668 46.07 21.27 -101.95
C GLU U 668 45.82 19.82 -101.58
N PHE U 669 44.54 19.48 -101.43
CA PHE U 669 44.16 18.14 -101.01
C PHE U 669 44.43 17.11 -102.09
N SER U 670 44.93 15.95 -101.67
CA SER U 670 45.15 14.82 -102.56
C SER U 670 44.65 13.57 -101.87
N ALA U 671 43.80 12.80 -102.56
CA ALA U 671 43.27 11.58 -101.97
C ALA U 671 44.24 10.41 -102.06
N THR U 672 45.33 10.55 -102.81
CA THR U 672 46.36 9.52 -102.83
C THR U 672 46.92 9.33 -101.43
N LYS U 673 47.05 8.07 -101.02
CA LYS U 673 47.50 7.78 -99.67
C LYS U 673 48.92 8.28 -99.45
N PHE U 674 49.22 8.62 -98.20
CA PHE U 674 50.51 9.19 -97.87
C PHE U 674 51.62 8.19 -98.12
N ALA U 675 52.70 8.66 -98.72
CA ALA U 675 53.89 7.85 -98.93
C ALA U 675 55.14 8.48 -98.34
N SER U 676 55.08 9.74 -97.95
CA SER U 676 56.20 10.46 -97.37
C SER U 676 56.02 10.50 -95.87
N PHE U 677 56.94 9.86 -95.15
CA PHE U 677 56.86 9.78 -93.71
C PHE U 677 58.16 10.29 -93.08
N ILE U 678 58.02 10.76 -91.85
CA ILE U 678 59.18 11.16 -91.06
C ILE U 678 59.89 9.89 -90.60
N THR U 679 61.18 9.78 -90.90
CA THR U 679 61.93 8.57 -90.62
C THR U 679 62.26 8.50 -89.14
N GLN U 680 61.85 7.43 -88.48
CA GLN U 680 62.11 7.32 -87.06
C GLN U 680 62.18 5.87 -86.63
N TYR U 681 62.79 5.65 -85.48
CA TYR U 681 62.85 4.34 -84.84
C TYR U 681 62.54 4.54 -83.37
N SER U 682 62.51 3.45 -82.62
CA SER U 682 62.29 3.53 -81.20
C SER U 682 63.22 2.58 -80.46
N THR U 683 63.46 2.89 -79.20
CA THR U 683 64.30 2.07 -78.34
C THR U 683 63.62 1.98 -76.99
N GLY U 684 64.00 0.97 -76.23
CA GLY U 684 63.40 0.84 -74.92
C GLY U 684 63.93 -0.37 -74.19
N GLN U 685 63.29 -0.67 -73.07
CA GLN U 685 63.65 -1.81 -72.24
C GLN U 685 62.48 -2.77 -72.15
N VAL U 686 62.78 -4.06 -72.15
CA VAL U 686 61.79 -5.12 -72.05
C VAL U 686 62.19 -6.04 -70.91
N SER U 687 61.23 -6.38 -70.06
CA SER U 687 61.43 -7.30 -68.95
C SER U 687 60.51 -8.50 -69.12
N VAL U 688 61.06 -9.69 -68.93
CA VAL U 688 60.29 -10.93 -68.90
C VAL U 688 60.65 -11.65 -67.61
N GLU U 689 59.62 -12.02 -66.84
CA GLU U 689 59.78 -12.77 -65.61
C GLU U 689 58.99 -14.06 -65.72
N ILE U 690 59.66 -15.20 -65.61
CA ILE U 690 59.00 -16.50 -65.64
C ILE U 690 59.21 -17.20 -64.32
N GLU U 691 58.12 -17.65 -63.72
CA GLU U 691 58.15 -18.59 -62.62
C GLU U 691 58.08 -20.01 -63.18
N TRP U 692 59.02 -20.85 -62.75
CA TRP U 692 59.13 -22.24 -63.13
C TRP U 692 58.96 -23.12 -61.90
N GLU U 693 58.18 -24.18 -62.04
CA GLU U 693 58.05 -25.21 -61.03
C GLU U 693 59.11 -26.28 -61.23
N LEU U 694 59.75 -26.67 -60.14
CA LEU U 694 60.81 -27.66 -60.13
C LEU U 694 60.29 -28.98 -59.59
N GLN U 695 60.92 -30.06 -60.02
CA GLN U 695 60.64 -31.40 -59.55
C GLN U 695 61.97 -31.95 -59.08
N LYS U 696 62.13 -32.00 -57.76
CA LYS U 696 63.38 -32.35 -57.12
C LYS U 696 63.69 -33.82 -57.27
N GLU U 697 64.98 -34.13 -57.31
CA GLU U 697 65.41 -35.52 -57.26
C GLU U 697 65.10 -36.11 -55.89
N ASN U 698 64.76 -37.39 -55.87
CA ASN U 698 64.54 -38.13 -54.63
C ASN U 698 65.31 -39.44 -54.65
N SER U 699 66.53 -39.40 -55.17
CA SER U 699 67.25 -40.61 -55.52
C SER U 699 67.85 -41.29 -54.30
N LYS U 700 67.91 -42.61 -54.36
CA LYS U 700 68.59 -43.42 -53.35
C LYS U 700 69.89 -44.00 -53.88
N ARG U 701 70.37 -43.47 -55.00
CA ARG U 701 71.62 -43.93 -55.60
C ARG U 701 72.79 -43.67 -54.66
N TRP U 702 73.70 -44.64 -54.59
CA TRP U 702 74.82 -44.55 -53.66
C TRP U 702 76.01 -43.80 -54.24
N ASN U 703 76.44 -44.20 -55.43
CA ASN U 703 77.60 -43.59 -56.05
C ASN U 703 77.27 -42.18 -56.55
N PRO U 704 78.27 -41.32 -56.71
CA PRO U 704 77.99 -39.96 -57.17
C PRO U 704 77.47 -39.91 -58.59
N GLU U 705 76.66 -38.90 -58.85
CA GLU U 705 76.03 -38.69 -60.15
C GLU U 705 76.97 -37.96 -61.10
N VAL U 706 76.64 -38.05 -62.39
CA VAL U 706 77.28 -37.22 -63.40
C VAL U 706 76.68 -35.83 -63.34
N GLN U 707 77.52 -34.81 -63.28
CA GLN U 707 77.09 -33.43 -63.21
C GLN U 707 77.70 -32.66 -64.37
N TYR U 708 77.02 -31.60 -64.80
CA TYR U 708 77.63 -30.67 -65.71
C TYR U 708 78.60 -29.78 -64.94
N THR U 709 79.84 -29.70 -65.41
CA THR U 709 80.87 -28.98 -64.70
C THR U 709 81.69 -28.15 -65.67
N SER U 710 82.24 -27.05 -65.16
CA SER U 710 83.29 -26.33 -65.85
C SER U 710 84.58 -27.14 -65.81
N ASN U 711 85.37 -27.02 -66.85
CA ASN U 711 86.68 -27.65 -66.88
C ASN U 711 87.66 -26.81 -66.08
N TYR U 712 88.38 -27.45 -65.15
CA TYR U 712 89.44 -26.80 -64.39
C TYR U 712 90.72 -27.00 -65.18
N ALA U 713 91.23 -25.91 -65.74
CA ALA U 713 92.48 -25.94 -66.49
C ALA U 713 92.81 -24.53 -66.91
N LYS U 714 94.10 -24.26 -67.04
CA LYS U 714 94.50 -22.97 -67.57
C LYS U 714 94.02 -22.86 -69.02
N SER U 715 93.19 -21.86 -69.28
CA SER U 715 92.66 -21.63 -70.61
C SER U 715 92.78 -20.15 -70.94
N ALA U 716 92.90 -19.85 -72.23
CA ALA U 716 93.03 -18.46 -72.65
C ALA U 716 91.79 -17.65 -72.28
N ASN U 717 90.62 -18.29 -72.29
CA ASN U 717 89.36 -17.64 -71.96
C ASN U 717 88.60 -18.49 -70.96
N VAL U 718 87.59 -17.88 -70.34
CA VAL U 718 86.64 -18.59 -69.50
C VAL U 718 85.41 -18.89 -70.35
N ASP U 719 84.85 -20.09 -70.17
CA ASP U 719 83.68 -20.48 -70.92
C ASP U 719 82.47 -19.64 -70.53
N PHE U 720 81.63 -19.35 -71.53
CA PHE U 720 80.41 -18.56 -71.33
C PHE U 720 80.73 -17.16 -70.79
N THR U 721 81.73 -16.53 -71.39
CA THR U 721 82.11 -15.17 -71.02
C THR U 721 82.33 -14.34 -72.28
N VAL U 722 82.85 -13.13 -72.12
CA VAL U 722 83.21 -12.27 -73.22
C VAL U 722 84.70 -12.44 -73.49
N ASP U 723 85.11 -12.11 -74.70
CA ASP U 723 86.52 -12.10 -75.04
C ASP U 723 87.08 -10.69 -74.88
N ASN U 724 88.31 -10.47 -75.34
CA ASN U 724 88.90 -9.14 -75.24
C ASN U 724 88.22 -8.14 -76.17
N ASN U 725 87.45 -8.60 -77.15
CA ASN U 725 86.70 -7.71 -78.02
C ASN U 725 85.29 -7.42 -77.52
N GLY U 726 84.86 -8.07 -76.44
CA GLY U 726 83.54 -7.86 -75.91
C GLY U 726 82.46 -8.75 -76.45
N LEU U 727 82.82 -9.84 -77.11
CA LEU U 727 81.84 -10.71 -77.76
C LEU U 727 81.52 -11.89 -76.86
N TYR U 728 80.26 -11.99 -76.45
CA TYR U 728 79.81 -13.11 -75.65
C TYR U 728 79.65 -14.34 -76.52
N THR U 729 80.21 -15.46 -76.07
CA THR U 729 80.15 -16.72 -76.81
C THR U 729 79.74 -17.83 -75.86
N GLU U 730 79.07 -18.83 -76.42
CA GLU U 730 78.72 -20.05 -75.71
C GLU U 730 79.49 -21.21 -76.31
N PRO U 731 80.46 -21.78 -75.60
CA PRO U 731 81.33 -22.80 -76.21
C PRO U 731 80.64 -24.08 -76.65
N ARG U 732 79.59 -24.49 -75.96
CA ARG U 732 78.97 -25.78 -76.23
C ARG U 732 77.50 -25.70 -75.89
N PRO U 733 76.67 -26.57 -76.47
CA PRO U 733 75.28 -26.68 -76.02
C PRO U 733 75.17 -27.56 -74.80
N ILE U 734 74.41 -27.11 -73.81
CA ILE U 734 74.23 -27.84 -72.56
C ILE U 734 72.80 -28.39 -72.53
N GLY U 735 72.68 -29.71 -72.37
CA GLY U 735 71.39 -30.33 -72.17
C GLY U 735 70.96 -30.31 -70.72
N THR U 736 70.03 -31.20 -70.40
CA THR U 736 69.45 -31.27 -69.06
C THR U 736 69.68 -32.60 -68.36
N ARG U 737 69.93 -33.67 -69.10
CA ARG U 737 69.87 -35.02 -68.56
C ARG U 737 71.22 -35.40 -67.94
N TYR U 738 71.40 -35.08 -66.66
CA TYR U 738 72.63 -35.42 -65.96
C TYR U 738 72.35 -36.33 -64.78
N LEU U 739 71.37 -35.97 -63.96
CA LEU U 739 70.91 -36.87 -62.91
C LEU U 739 70.28 -38.09 -63.55
N THR U 740 70.16 -39.16 -62.77
CA THR U 740 69.56 -40.39 -63.28
C THR U 740 68.44 -40.85 -62.36
N ARG U 741 67.60 -41.73 -62.90
CA ARG U 741 66.57 -42.38 -62.11
C ARG U 741 66.32 -43.75 -62.71
N PRO U 742 65.83 -44.71 -61.93
CA PRO U 742 65.57 -46.04 -62.47
C PRO U 742 64.41 -46.05 -63.45
N LEU U 743 64.50 -46.92 -64.44
CA LEU U 743 63.52 -46.96 -65.52
C LEU U 743 62.21 -47.58 -65.05
N ASP V 219 47.05 16.08 -71.28
CA ASP V 219 47.54 15.27 -70.18
C ASP V 219 49.06 15.20 -70.15
N GLY V 220 49.70 15.94 -71.05
CA GLY V 220 51.15 16.06 -71.06
C GLY V 220 51.74 15.75 -72.41
N VAL V 221 53.01 16.14 -72.55
CA VAL V 221 53.76 15.88 -73.78
C VAL V 221 54.08 14.40 -73.92
N GLY V 222 54.48 13.74 -72.84
CA GLY V 222 54.95 12.38 -72.91
C GLY V 222 53.94 11.32 -72.56
N ASN V 223 52.67 11.67 -72.59
CA ASN V 223 51.58 10.76 -72.26
C ASN V 223 50.62 10.71 -73.43
N ALA V 224 50.34 9.51 -73.93
CA ALA V 224 49.41 9.36 -75.04
C ALA V 224 47.99 9.62 -74.59
N SER V 225 47.22 10.32 -75.41
CA SER V 225 45.86 10.69 -75.06
C SER V 225 44.82 9.73 -75.61
N GLY V 226 45.24 8.63 -76.22
CA GLY V 226 44.28 7.63 -76.66
C GLY V 226 45.00 6.41 -77.17
N ASN V 227 44.23 5.36 -77.38
CA ASN V 227 44.73 4.08 -77.86
C ASN V 227 44.13 3.76 -79.21
N TRP V 228 44.73 2.78 -79.87
CA TRP V 228 44.25 2.32 -81.17
C TRP V 228 43.09 1.37 -80.95
N HIS V 229 41.90 1.78 -81.36
CA HIS V 229 40.69 0.97 -81.22
C HIS V 229 40.15 0.68 -82.60
N CYS V 230 40.55 -0.45 -83.18
CA CYS V 230 40.08 -0.88 -84.48
C CYS V 230 39.61 -2.33 -84.34
N ASP V 231 38.32 -2.54 -84.38
CA ASP V 231 37.75 -3.84 -84.01
C ASP V 231 36.36 -3.95 -84.60
N SER V 232 35.73 -5.09 -84.38
CA SER V 232 34.33 -5.29 -84.76
C SER V 232 33.76 -6.36 -83.86
N THR V 233 32.74 -6.02 -83.09
CA THR V 233 32.12 -6.92 -82.13
C THR V 233 30.72 -7.23 -82.61
N TRP V 234 30.40 -8.52 -82.71
CA TRP V 234 29.10 -8.97 -83.16
C TRP V 234 28.32 -9.50 -81.97
N LEU V 235 27.27 -8.79 -81.58
CA LEU V 235 26.35 -9.26 -80.57
C LEU V 235 25.19 -9.95 -81.29
N GLY V 236 24.12 -10.27 -80.55
CA GLY V 236 23.02 -10.97 -81.17
C GLY V 236 22.34 -10.17 -82.27
N ASP V 237 21.95 -8.94 -81.96
CA ASP V 237 21.25 -8.10 -82.91
C ASP V 237 21.96 -6.80 -83.19
N ARG V 238 23.14 -6.58 -82.64
CA ARG V 238 23.93 -5.39 -82.89
C ARG V 238 25.28 -5.81 -83.43
N VAL V 239 25.92 -4.90 -84.16
CA VAL V 239 27.34 -5.00 -84.46
C VAL V 239 27.96 -3.65 -84.20
N ILE V 240 29.08 -3.63 -83.48
CA ILE V 240 29.79 -2.41 -83.17
C ILE V 240 31.11 -2.43 -83.94
N THR V 241 31.29 -1.46 -84.82
CA THR V 241 32.50 -1.34 -85.63
C THR V 241 33.30 -0.14 -85.15
N THR V 242 34.57 -0.37 -84.83
CA THR V 242 35.50 0.68 -84.43
C THR V 242 36.61 0.78 -85.46
N SER V 243 36.99 2.00 -85.80
CA SER V 243 38.03 2.25 -86.79
C SER V 243 38.92 3.38 -86.32
N THR V 244 40.22 3.13 -86.26
CA THR V 244 41.21 4.17 -85.99
C THR V 244 42.07 4.36 -87.23
N ARG V 245 42.35 5.63 -87.54
CA ARG V 245 43.18 5.98 -88.68
C ARG V 245 44.14 7.09 -88.27
N THR V 246 45.22 7.22 -89.03
CA THR V 246 46.18 8.29 -88.84
C THR V 246 45.95 9.35 -89.91
N TRP V 247 45.76 10.59 -89.49
CA TRP V 247 45.47 11.69 -90.39
C TRP V 247 46.58 12.73 -90.35
N ALA V 248 46.72 13.42 -91.47
CA ALA V 248 47.58 14.59 -91.62
C ALA V 248 46.74 15.76 -92.10
N LEU V 249 46.84 16.88 -91.40
CA LEU V 249 46.10 18.09 -91.72
C LEU V 249 47.09 19.20 -92.07
N PRO V 250 47.08 19.71 -93.28
CA PRO V 250 47.97 20.84 -93.61
C PRO V 250 47.33 22.17 -93.29
N THR V 251 48.03 23.25 -93.63
CA THR V 251 47.43 24.58 -93.61
C THR V 251 46.84 24.88 -94.98
N TYR V 252 45.57 25.22 -95.00
CA TYR V 252 44.84 25.47 -96.24
C TYR V 252 44.69 26.97 -96.46
N ASN V 253 44.97 27.43 -97.67
CA ASN V 253 44.73 28.81 -98.10
C ASN V 253 45.62 29.82 -97.40
N ASN V 254 46.67 29.38 -96.72
CA ASN V 254 47.47 30.26 -95.84
C ASN V 254 46.59 30.93 -94.79
N HIS V 255 45.70 30.14 -94.19
CA HIS V 255 44.81 30.60 -93.12
C HIS V 255 43.82 31.65 -93.60
N LEU V 256 43.50 31.63 -94.89
CA LEU V 256 42.65 32.66 -95.47
C LEU V 256 41.32 32.07 -95.92
N TYR V 257 40.28 32.89 -95.85
CA TYR V 257 39.00 32.60 -96.49
C TYR V 257 39.03 33.22 -97.87
N LYS V 258 38.77 32.43 -98.89
CA LYS V 258 38.83 32.92 -100.26
C LYS V 258 37.49 32.72 -100.94
N GLN V 259 37.10 33.69 -101.75
CA GLN V 259 35.88 33.61 -102.54
C GLN V 259 36.21 32.96 -103.87
N ILE V 260 35.49 31.90 -104.20
CA ILE V 260 35.73 31.14 -105.41
C ILE V 260 34.49 31.20 -106.29
N SER V 261 34.71 31.23 -107.60
CA SER V 261 33.61 31.22 -108.56
C SER V 261 34.14 30.66 -109.87
N SER V 262 33.30 30.69 -110.90
CA SER V 262 33.64 30.16 -112.21
C SER V 262 34.01 31.25 -113.20
N ALA V 263 34.16 32.49 -112.74
CA ALA V 263 34.41 33.61 -113.65
C ALA V 263 35.75 33.45 -114.38
N SER V 264 36.80 33.08 -113.64
CA SER V 264 38.08 32.85 -114.30
C SER V 264 38.08 31.53 -115.06
N THR V 265 37.31 30.55 -114.59
CA THR V 265 37.24 29.26 -115.27
C THR V 265 36.66 29.40 -116.67
N GLY V 266 35.68 30.29 -116.84
CA GLY V 266 35.02 30.41 -118.12
C GLY V 266 34.21 29.19 -118.50
N ALA V 267 33.44 28.66 -117.56
CA ALA V 267 32.67 27.44 -117.77
C ALA V 267 31.38 27.75 -118.52
N SER V 268 30.63 26.70 -118.83
CA SER V 268 29.33 26.85 -119.44
C SER V 268 28.32 27.31 -118.40
N ASN V 269 27.14 27.71 -118.87
CA ASN V 269 26.10 28.20 -117.97
C ASN V 269 25.68 27.13 -116.97
N ASP V 270 25.78 25.86 -117.34
CA ASP V 270 25.40 24.78 -116.44
C ASP V 270 26.40 24.55 -115.33
N ASN V 271 27.65 24.98 -115.50
CA ASN V 271 28.72 24.71 -114.55
C ASN V 271 29.12 25.94 -113.75
N HIS V 272 28.35 27.01 -113.84
CA HIS V 272 28.65 28.22 -113.08
C HIS V 272 28.42 27.99 -111.60
N TYR V 273 29.26 28.62 -110.77
CA TYR V 273 29.11 28.49 -109.33
C TYR V 273 29.72 29.71 -108.64
N PHE V 274 29.32 29.88 -107.38
CA PHE V 274 29.86 30.90 -106.51
C PHE V 274 29.92 30.33 -105.12
N GLY V 275 31.04 30.52 -104.43
CA GLY V 275 31.15 29.97 -103.09
C GLY V 275 32.38 30.47 -102.39
N TYR V 276 32.76 29.74 -101.35
CA TYR V 276 33.87 30.11 -100.51
C TYR V 276 34.73 28.91 -100.16
N SER V 277 36.03 29.13 -100.07
CA SER V 277 37.02 28.16 -99.63
C SER V 277 37.50 28.58 -98.25
N THR V 278 37.39 27.69 -97.27
CA THR V 278 37.83 28.04 -95.94
C THR V 278 39.19 27.43 -95.64
N PRO V 279 39.90 27.94 -94.65
CA PRO V 279 41.16 27.29 -94.23
C PRO V 279 40.96 26.04 -93.39
N TRP V 280 39.73 25.60 -93.19
CA TRP V 280 39.43 24.43 -92.36
C TRP V 280 39.41 23.17 -93.19
N GLY V 281 39.71 22.05 -92.56
CA GLY V 281 39.43 20.74 -93.09
C GLY V 281 38.30 20.11 -92.30
N TYR V 282 37.80 18.99 -92.81
CA TYR V 282 36.72 18.30 -92.15
C TYR V 282 37.01 16.81 -92.12
N PHE V 283 36.38 16.13 -91.18
CA PHE V 283 36.50 14.70 -91.02
C PHE V 283 35.31 14.01 -91.68
N ASP V 284 35.60 13.03 -92.54
CA ASP V 284 34.58 12.32 -93.28
C ASP V 284 34.74 10.82 -93.05
N PHE V 285 33.67 10.18 -92.61
CA PHE V 285 33.64 8.72 -92.49
C PHE V 285 32.30 8.22 -93.03
N ASN V 286 31.88 8.78 -94.17
CA ASN V 286 30.59 8.48 -94.77
C ASN V 286 30.70 7.45 -95.90
N ARG V 287 31.55 6.45 -95.73
CA ARG V 287 31.58 5.29 -96.60
C ARG V 287 31.56 4.03 -95.75
N PHE V 288 31.02 2.96 -96.29
CA PHE V 288 30.85 1.75 -95.48
C PHE V 288 32.18 1.06 -95.20
N HIS V 289 33.16 1.20 -96.09
CA HIS V 289 34.44 0.54 -95.86
C HIS V 289 35.33 1.29 -94.88
N CYS V 290 34.93 2.50 -94.45
CA CYS V 290 35.60 3.13 -93.33
C CYS V 290 35.32 2.40 -92.02
N HIS V 291 34.31 1.55 -92.00
CA HIS V 291 33.87 0.88 -90.79
C HIS V 291 33.87 -0.63 -90.89
N PHE V 292 33.59 -1.19 -92.05
CA PHE V 292 33.52 -2.63 -92.23
C PHE V 292 34.72 -3.12 -93.04
N SER V 293 35.39 -4.15 -92.53
CA SER V 293 36.30 -4.90 -93.37
C SER V 293 35.47 -5.69 -94.38
N PRO V 294 36.08 -6.14 -95.48
CA PRO V 294 35.33 -6.98 -96.42
C PRO V 294 34.78 -8.25 -95.77
N ARG V 295 35.51 -8.85 -94.85
CA ARG V 295 35.00 -10.01 -94.13
C ARG V 295 33.77 -9.65 -93.30
N ASP V 296 33.81 -8.51 -92.60
CA ASP V 296 32.67 -8.08 -91.81
C ASP V 296 31.47 -7.75 -92.70
N TRP V 297 31.73 -7.14 -93.85
CA TRP V 297 30.66 -6.86 -94.79
C TRP V 297 30.01 -8.13 -95.29
N GLN V 298 30.82 -9.12 -95.62
CA GLN V 298 30.29 -10.41 -96.07
C GLN V 298 29.49 -11.08 -94.95
N ARG V 299 30.00 -11.02 -93.72
CA ARG V 299 29.26 -11.57 -92.59
C ARG V 299 27.92 -10.88 -92.40
N LEU V 300 27.87 -9.57 -92.59
CA LEU V 300 26.63 -8.84 -92.46
C LEU V 300 25.64 -9.21 -93.56
N ILE V 301 26.09 -9.16 -94.82
CA ILE V 301 25.17 -9.29 -95.95
C ILE V 301 24.76 -10.73 -96.20
N ASN V 302 25.52 -11.71 -95.74
CA ASN V 302 25.14 -13.10 -95.94
C ASN V 302 24.18 -13.60 -94.88
N ASN V 303 23.96 -12.83 -93.81
CA ASN V 303 23.22 -13.32 -92.66
C ASN V 303 22.10 -12.42 -92.22
N ASN V 304 22.04 -11.17 -92.65
CA ASN V 304 21.06 -10.24 -92.13
C ASN V 304 20.12 -9.79 -93.24
N TRP V 305 18.84 -9.69 -92.88
CA TRP V 305 17.84 -9.14 -93.79
C TRP V 305 17.85 -7.63 -93.84
N GLY V 306 18.39 -6.98 -92.81
CA GLY V 306 18.47 -5.54 -92.87
C GLY V 306 19.39 -5.01 -91.81
N PHE V 307 19.73 -3.73 -91.96
CA PHE V 307 20.58 -3.11 -90.93
C PHE V 307 20.41 -1.61 -90.94
N ARG V 308 20.79 -0.98 -89.83
CA ARG V 308 20.73 0.48 -89.75
C ARG V 308 21.66 0.94 -88.66
N PRO V 309 22.08 2.20 -88.67
CA PRO V 309 22.95 2.72 -87.60
C PRO V 309 22.17 3.27 -86.41
N LYS V 310 22.66 2.94 -85.22
CA LYS V 310 22.10 3.34 -83.94
C LYS V 310 22.87 4.48 -83.30
N ARG V 311 24.19 4.35 -83.14
CA ARG V 311 24.90 5.44 -82.46
C ARG V 311 26.34 5.48 -82.90
N LEU V 312 27.01 6.59 -82.59
CA LEU V 312 28.43 6.68 -82.92
C LEU V 312 29.17 7.52 -81.87
N ASN V 313 30.45 7.19 -81.73
CA ASN V 313 31.42 7.91 -80.93
C ASN V 313 32.58 8.33 -81.82
N PHE V 314 33.04 9.56 -81.65
CA PHE V 314 34.14 10.11 -82.42
C PHE V 314 35.18 10.58 -81.43
N LYS V 315 36.45 10.21 -81.66
CA LYS V 315 37.54 10.64 -80.83
C LYS V 315 38.69 11.10 -81.70
N LEU V 316 39.38 12.14 -81.23
CA LEU V 316 40.54 12.73 -81.88
C LEU V 316 41.64 12.81 -80.85
N PHE V 317 42.77 12.16 -81.09
CA PHE V 317 43.75 12.02 -80.04
C PHE V 317 45.15 11.96 -80.64
N ASN V 318 46.14 12.13 -79.77
CA ASN V 318 47.56 12.07 -80.12
C ASN V 318 47.92 13.12 -81.16
N ILE V 319 47.61 14.38 -80.83
CA ILE V 319 47.87 15.49 -81.73
C ILE V 319 49.36 15.82 -81.72
N GLN V 320 49.94 15.98 -82.91
CA GLN V 320 51.31 16.43 -83.04
C GLN V 320 51.35 17.54 -84.08
N VAL V 321 51.73 18.74 -83.68
CA VAL V 321 51.92 19.85 -84.59
C VAL V 321 53.39 19.89 -84.98
N LYS V 322 53.66 19.97 -86.28
CA LYS V 322 55.01 19.96 -86.81
C LYS V 322 55.27 21.25 -87.58
N GLU V 323 56.38 21.89 -87.25
CA GLU V 323 56.88 23.07 -87.93
C GLU V 323 57.80 22.67 -89.08
N VAL V 324 57.64 23.31 -90.22
CA VAL V 324 58.40 23.01 -91.43
C VAL V 324 59.16 24.24 -91.88
N THR V 325 60.47 24.09 -92.13
CA THR V 325 61.29 25.16 -92.70
C THR V 325 62.06 24.60 -93.89
N THR V 326 61.93 25.24 -95.04
CA THR V 326 62.70 24.85 -96.22
C THR V 326 63.74 25.94 -96.50
N ASN V 327 65.01 25.57 -96.40
CA ASN V 327 66.13 26.47 -96.69
C ASN V 327 67.08 25.80 -97.67
N ASP V 328 67.44 26.54 -98.72
CA ASP V 328 68.38 26.07 -99.73
C ASP V 328 67.95 24.74 -100.35
N GLY V 329 66.64 24.49 -100.33
CA GLY V 329 66.10 23.27 -100.90
C GLY V 329 65.94 22.12 -99.93
N VAL V 330 66.54 22.20 -98.74
CA VAL V 330 66.43 21.12 -97.76
C VAL V 330 65.40 21.50 -96.71
N THR V 331 64.62 20.52 -96.28
CA THR V 331 63.46 20.72 -95.44
C THR V 331 63.71 20.15 -94.05
N THR V 332 63.49 20.98 -93.03
CA THR V 332 63.58 20.58 -91.64
C THR V 332 62.19 20.55 -91.04
N ILE V 333 61.88 19.48 -90.33
CA ILE V 333 60.62 19.35 -89.61
C ILE V 333 60.94 19.20 -88.13
N ALA V 334 60.29 20.00 -87.31
CA ALA V 334 60.46 19.94 -85.86
C ALA V 334 59.10 19.86 -85.20
N ASN V 335 59.10 19.51 -83.92
CA ASN V 335 57.89 19.51 -83.15
C ASN V 335 57.60 20.90 -82.60
N ASN V 336 56.35 21.31 -82.68
CA ASN V 336 55.89 22.56 -82.09
C ASN V 336 55.00 22.18 -80.92
N LEU V 337 55.56 22.17 -79.72
CA LEU V 337 54.87 21.63 -78.57
C LEU V 337 53.76 22.55 -78.05
N THR V 338 53.78 23.83 -78.42
CA THR V 338 52.83 24.79 -77.89
C THR V 338 51.78 25.22 -78.90
N SER V 339 51.73 24.60 -80.06
CA SER V 339 50.73 24.95 -81.06
C SER V 339 49.45 24.16 -80.86
N THR V 340 48.35 24.67 -81.40
CA THR V 340 47.04 24.09 -81.20
C THR V 340 46.37 23.79 -82.54
N VAL V 341 45.46 22.82 -82.48
CA VAL V 341 44.47 22.61 -83.53
C VAL V 341 43.09 22.95 -82.96
N GLN V 342 42.32 23.71 -83.72
CA GLN V 342 40.93 24.00 -83.34
C GLN V 342 40.02 22.95 -83.97
N VAL V 343 39.15 22.37 -83.14
CA VAL V 343 38.19 21.36 -83.59
C VAL V 343 36.82 21.76 -83.08
N PHE V 344 35.81 21.67 -83.94
CA PHE V 344 34.45 21.80 -83.45
C PHE V 344 33.52 20.93 -84.28
N SER V 345 32.41 20.55 -83.67
CA SER V 345 31.36 19.78 -84.30
C SER V 345 30.17 20.71 -84.56
N ASP V 346 29.65 20.68 -85.79
CA ASP V 346 28.53 21.54 -86.16
C ASP V 346 27.23 20.83 -85.82
N SER V 347 26.94 20.76 -84.53
CA SER V 347 25.84 19.94 -84.03
C SER V 347 24.47 20.55 -84.31
N GLU V 348 24.39 21.85 -84.58
CA GLU V 348 23.14 22.50 -84.87
C GLU V 348 22.90 22.70 -86.36
N TYR V 349 23.76 22.15 -87.20
CA TYR V 349 23.61 22.21 -88.66
C TYR V 349 23.44 23.64 -89.15
N GLN V 350 24.28 24.53 -88.64
CA GLN V 350 24.27 25.92 -89.02
C GLN V 350 25.16 26.21 -90.22
N LEU V 351 25.91 25.25 -90.67
CA LEU V 351 26.82 25.35 -91.79
C LEU V 351 26.27 24.60 -92.98
N PRO V 352 26.70 24.94 -94.19
CA PRO V 352 26.36 24.09 -95.34
C PRO V 352 26.92 22.69 -95.17
N TYR V 353 26.08 21.70 -95.42
CA TYR V 353 26.46 20.30 -95.24
C TYR V 353 27.05 19.79 -96.55
N VAL V 354 28.38 19.66 -96.60
CA VAL V 354 29.04 19.18 -97.81
C VAL V 354 29.27 17.68 -97.77
N LEU V 355 29.04 17.02 -96.64
CA LEU V 355 29.03 15.58 -96.61
C LEU V 355 27.79 15.09 -97.35
N GLY V 356 27.80 13.83 -97.75
CA GLY V 356 26.69 13.32 -98.50
C GLY V 356 26.67 13.68 -99.97
N SER V 357 27.78 14.20 -100.49
CA SER V 357 27.94 14.43 -101.92
C SER V 357 28.95 13.48 -102.54
N ALA V 358 29.34 12.43 -101.81
CA ALA V 358 30.25 11.38 -102.29
C ALA V 358 31.62 11.95 -102.68
N HIS V 359 32.23 12.66 -101.75
CA HIS V 359 33.52 13.28 -101.99
C HIS V 359 34.65 12.40 -101.47
N GLN V 360 35.84 12.61 -102.04
CA GLN V 360 37.05 11.99 -101.53
C GLN V 360 37.44 12.60 -100.19
N GLY V 361 38.30 11.90 -99.46
CA GLY V 361 38.76 12.41 -98.19
C GLY V 361 38.24 11.67 -96.98
N CYS V 362 37.51 10.58 -97.20
CA CYS V 362 37.06 9.75 -96.10
C CYS V 362 38.24 9.01 -95.48
N LEU V 363 37.98 8.35 -94.35
CA LEU V 363 38.96 7.43 -93.81
C LEU V 363 39.23 6.33 -94.83
N PRO V 364 40.49 5.95 -95.05
CA PRO V 364 40.79 4.92 -96.03
C PRO V 364 40.23 3.57 -95.61
N PRO V 365 39.91 2.70 -96.56
CA PRO V 365 39.38 1.37 -96.19
C PRO V 365 40.38 0.54 -95.39
N PHE V 366 41.65 0.63 -95.71
CA PHE V 366 42.66 -0.16 -95.02
C PHE V 366 43.15 0.57 -93.78
N PRO V 367 43.11 -0.07 -92.60
CA PRO V 367 43.47 0.64 -91.36
C PRO V 367 44.92 1.09 -91.30
N ALA V 368 45.79 0.54 -92.13
CA ALA V 368 47.20 0.94 -92.12
C ALA V 368 47.46 2.21 -92.91
N ASP V 369 46.48 2.72 -93.64
CA ASP V 369 46.71 3.86 -94.51
C ASP V 369 46.59 5.17 -93.76
N VAL V 370 47.47 6.11 -94.10
CA VAL V 370 47.48 7.44 -93.52
C VAL V 370 46.84 8.39 -94.52
N PHE V 371 45.88 9.19 -94.07
CA PHE V 371 45.10 9.99 -94.99
C PHE V 371 45.21 11.48 -94.69
N MET V 372 45.15 12.27 -95.75
CA MET V 372 45.14 13.71 -95.67
C MET V 372 43.72 14.20 -95.47
N ILE V 373 43.56 15.23 -94.64
CA ILE V 373 42.23 15.74 -94.33
C ILE V 373 41.79 16.69 -95.43
N PRO V 374 40.61 16.53 -96.00
CA PRO V 374 40.17 17.39 -97.10
C PRO V 374 39.77 18.79 -96.63
N GLN V 375 39.93 19.76 -97.54
CA GLN V 375 39.62 21.14 -97.22
C GLN V 375 38.13 21.39 -97.26
N TYR V 376 37.65 22.26 -96.38
CA TYR V 376 36.25 22.62 -96.34
C TYR V 376 35.98 23.81 -97.25
N GLY V 377 34.91 23.71 -98.02
CA GLY V 377 34.45 24.80 -98.85
C GLY V 377 32.99 24.55 -99.14
N TYR V 378 32.29 25.61 -99.49
CA TYR V 378 30.87 25.49 -99.75
C TYR V 378 30.50 26.39 -100.92
N LEU V 379 29.31 26.15 -101.46
CA LEU V 379 28.74 26.95 -102.51
C LEU V 379 27.50 27.66 -101.96
N THR V 380 27.21 28.83 -102.51
CA THR V 380 26.04 29.58 -102.13
C THR V 380 25.28 29.97 -103.39
N LEU V 381 24.19 30.70 -103.21
CA LEU V 381 23.37 31.11 -104.34
C LEU V 381 24.19 31.90 -105.34
N ASN V 382 24.05 31.56 -106.61
CA ASN V 382 24.79 32.23 -107.66
C ASN V 382 23.88 32.57 -108.83
N ASN V 383 24.19 33.67 -109.50
CA ASN V 383 23.54 34.12 -110.72
C ASN V 383 24.61 34.14 -111.79
N GLY V 384 24.85 33.00 -112.40
CA GLY V 384 26.03 32.85 -113.23
C GLY V 384 27.24 32.66 -112.37
N SER V 385 28.28 33.44 -112.63
CA SER V 385 29.46 33.44 -111.77
C SER V 385 29.37 34.49 -110.67
N GLN V 386 28.24 35.19 -110.57
CA GLN V 386 28.05 36.24 -109.59
C GLN V 386 27.24 35.73 -108.41
N ALA V 387 27.20 36.53 -107.35
CA ALA V 387 26.42 36.24 -106.18
C ALA V 387 25.10 37.01 -106.23
N VAL V 388 24.27 36.83 -105.20
CA VAL V 388 23.04 37.58 -105.04
C VAL V 388 23.02 38.13 -103.62
N GLY V 389 21.94 38.84 -103.28
CA GLY V 389 21.81 39.38 -101.95
C GLY V 389 21.66 38.32 -100.89
N ARG V 390 20.99 37.22 -101.22
CA ARG V 390 20.73 36.14 -100.29
C ARG V 390 21.86 35.12 -100.26
N SER V 391 22.93 35.34 -101.01
CA SER V 391 24.11 34.50 -100.89
C SER V 391 24.71 34.66 -99.50
N SER V 392 24.99 33.54 -98.85
CA SER V 392 25.47 33.55 -97.49
C SER V 392 26.99 33.40 -97.45
N PHE V 393 27.58 33.94 -96.39
CA PHE V 393 28.97 33.75 -96.08
C PHE V 393 29.06 33.28 -94.64
N TYR V 394 29.91 32.29 -94.39
CA TYR V 394 30.07 31.72 -93.07
C TYR V 394 31.53 31.80 -92.67
N CYS V 395 31.81 32.54 -91.60
CA CYS V 395 33.10 32.44 -90.93
C CYS V 395 33.03 31.29 -89.95
N LEU V 396 33.91 30.31 -90.11
CA LEU V 396 33.94 29.18 -89.20
C LEU V 396 34.65 29.50 -87.90
N GLU V 397 35.39 30.60 -87.84
CA GLU V 397 35.93 31.08 -86.58
C GLU V 397 34.86 31.73 -85.72
N TYR V 398 33.68 31.96 -86.27
CA TYR V 398 32.54 32.47 -85.53
C TYR V 398 31.79 31.38 -84.78
N PHE V 399 32.44 30.25 -84.55
CA PHE V 399 31.93 29.14 -83.77
C PHE V 399 32.80 28.93 -82.54
N PRO V 400 32.25 28.39 -81.46
CA PRO V 400 33.10 27.93 -80.36
C PRO V 400 33.86 26.67 -80.76
N SER V 401 35.18 26.74 -80.65
CA SER V 401 36.06 25.63 -80.98
C SER V 401 36.80 25.18 -79.74
N GLN V 402 37.14 23.91 -79.69
CA GLN V 402 38.06 23.41 -78.68
C GLN V 402 39.47 23.48 -79.24
N MET V 403 40.37 24.10 -78.50
CA MET V 403 41.76 24.21 -78.88
C MET V 403 42.54 23.08 -78.22
N LEU V 404 43.27 22.31 -79.03
CA LEU V 404 43.94 21.11 -78.59
C LEU V 404 45.44 21.29 -78.76
N ARG V 405 46.18 21.20 -77.68
CA ARG V 405 47.63 21.07 -77.73
C ARG V 405 47.97 19.59 -77.80
N THR V 406 49.26 19.26 -77.73
CA THR V 406 49.66 17.89 -78.00
C THR V 406 49.21 16.90 -76.93
N GLY V 407 48.75 17.38 -75.78
CA GLY V 407 48.31 16.48 -74.73
C GLY V 407 46.80 16.36 -74.62
N ASN V 408 46.07 17.06 -75.47
CA ASN V 408 44.61 17.10 -75.40
C ASN V 408 43.98 16.16 -76.42
N ASN V 409 42.74 15.77 -76.13
CA ASN V 409 41.94 14.99 -77.06
C ASN V 409 40.55 15.61 -77.16
N PHE V 410 39.78 15.10 -78.12
CA PHE V 410 38.45 15.60 -78.44
C PHE V 410 37.51 14.42 -78.56
N THR V 411 36.36 14.47 -77.90
CA THR V 411 35.38 13.41 -77.98
C THR V 411 34.02 13.98 -78.35
N PHE V 412 33.20 13.15 -78.97
CA PHE V 412 31.88 13.59 -79.40
C PHE V 412 30.99 12.38 -79.62
N SER V 413 29.80 12.38 -79.03
CA SER V 413 28.84 11.30 -79.20
C SER V 413 27.64 11.77 -80.00
N TYR V 414 27.04 10.83 -80.72
CA TYR V 414 25.89 11.15 -81.55
C TYR V 414 24.95 9.95 -81.59
N THR V 415 23.65 10.21 -81.56
CA THR V 415 22.64 9.17 -81.68
C THR V 415 21.87 9.37 -82.98
N PHE V 416 21.76 8.31 -83.76
CA PHE V 416 20.98 8.37 -84.99
C PHE V 416 19.49 8.38 -84.67
N GLU V 417 18.74 9.10 -85.50
CA GLU V 417 17.29 9.03 -85.43
C GLU V 417 16.81 7.66 -85.91
N GLU V 418 15.56 7.34 -85.60
CA GLU V 418 14.98 6.06 -86.00
C GLU V 418 14.75 6.10 -87.50
N VAL V 419 15.68 5.52 -88.24
CA VAL V 419 15.64 5.43 -89.69
C VAL V 419 15.18 4.01 -90.03
N PRO V 420 14.52 3.77 -91.15
CA PRO V 420 14.19 2.39 -91.51
C PRO V 420 15.44 1.57 -91.82
N PHE V 421 15.33 0.27 -91.56
CA PHE V 421 16.38 -0.66 -91.93
C PHE V 421 16.62 -0.61 -93.43
N HIS V 422 17.88 -0.60 -93.82
CA HIS V 422 18.21 -0.89 -95.20
C HIS V 422 17.99 -2.38 -95.46
N SER V 423 17.48 -2.67 -96.65
CA SER V 423 17.08 -4.02 -97.07
C SER V 423 18.26 -4.77 -97.65
N SER V 424 18.81 -5.71 -96.90
CA SER V 424 19.88 -6.57 -97.38
C SER V 424 19.34 -7.83 -98.05
N TYR V 425 18.16 -7.75 -98.64
CA TYR V 425 17.52 -8.89 -99.26
C TYR V 425 17.06 -8.55 -100.67
N ALA V 426 16.95 -9.58 -101.49
CA ALA V 426 16.19 -9.56 -102.71
C ALA V 426 14.83 -10.23 -102.47
N HIS V 427 13.94 -10.08 -103.45
CA HIS V 427 12.63 -10.70 -103.38
C HIS V 427 12.63 -12.00 -104.18
N SER V 428 12.04 -13.03 -103.59
CA SER V 428 11.92 -14.32 -104.25
C SER V 428 10.76 -14.38 -105.22
N GLN V 429 9.89 -13.38 -105.21
CA GLN V 429 8.77 -13.29 -106.12
C GLN V 429 8.82 -11.99 -106.89
N SER V 430 8.24 -12.00 -108.08
CA SER V 430 8.06 -10.78 -108.85
C SER V 430 6.67 -10.21 -108.58
N LEU V 431 6.55 -8.90 -108.79
CA LEU V 431 5.31 -8.22 -108.45
C LEU V 431 4.15 -8.65 -109.35
N ASP V 432 4.44 -9.01 -110.59
CA ASP V 432 3.42 -9.48 -111.51
C ASP V 432 3.21 -10.99 -111.45
N ARG V 433 3.75 -11.64 -110.41
CA ARG V 433 3.67 -13.08 -110.26
C ARG V 433 3.32 -13.43 -108.82
N LEU V 434 2.36 -12.72 -108.25
CA LEU V 434 2.00 -12.90 -106.84
C LEU V 434 0.77 -13.77 -106.67
N MET V 435 0.29 -14.40 -107.73
CA MET V 435 -0.95 -15.16 -107.71
C MET V 435 -0.69 -16.63 -107.43
N ASN V 436 -1.76 -17.33 -107.10
CA ASN V 436 -1.76 -18.78 -107.09
C ASN V 436 -1.76 -19.28 -108.53
N PRO V 437 -0.75 -20.05 -108.96
CA PRO V 437 -0.70 -20.52 -110.35
C PRO V 437 -1.61 -21.70 -110.64
N LEU V 438 -2.43 -22.15 -109.69
CA LEU V 438 -3.32 -23.28 -109.90
C LEU V 438 -4.79 -22.90 -109.96
N ILE V 439 -5.17 -21.82 -109.31
CA ILE V 439 -6.57 -21.44 -109.15
C ILE V 439 -6.88 -20.29 -110.10
N ASP V 440 -8.10 -20.29 -110.64
CA ASP V 440 -8.57 -19.18 -111.45
C ASP V 440 -8.99 -18.03 -110.55
N GLN V 441 -9.34 -16.92 -111.18
CA GLN V 441 -9.88 -15.77 -110.48
C GLN V 441 -11.40 -15.76 -110.59
N TYR V 442 -12.04 -14.95 -109.75
CA TYR V 442 -13.46 -14.69 -109.92
C TYR V 442 -13.71 -13.38 -110.64
N LEU V 443 -12.65 -12.72 -111.12
CA LEU V 443 -12.75 -11.46 -111.83
C LEU V 443 -12.60 -11.71 -113.33
N TYR V 444 -13.42 -11.03 -114.11
CA TYR V 444 -13.39 -11.14 -115.56
C TYR V 444 -12.74 -9.92 -116.17
N TYR V 445 -12.22 -10.10 -117.38
CA TYR V 445 -11.63 -9.01 -118.14
C TYR V 445 -12.09 -9.13 -119.58
N LEU V 446 -12.08 -8.01 -120.27
CA LEU V 446 -12.40 -8.01 -121.70
C LEU V 446 -11.27 -8.66 -122.47
N ASN V 447 -11.55 -9.78 -123.12
CA ASN V 447 -10.54 -10.57 -123.81
C ASN V 447 -10.54 -10.34 -125.32
N ARG V 448 -11.70 -10.28 -125.94
CA ARG V 448 -11.83 -10.08 -127.37
C ARG V 448 -12.83 -8.97 -127.64
N THR V 449 -12.52 -8.10 -128.59
CA THR V 449 -13.51 -7.21 -129.16
C THR V 449 -13.86 -7.58 -130.60
N GLN V 450 -13.43 -8.75 -131.06
CA GLN V 450 -13.80 -9.29 -132.36
C GLN V 450 -14.19 -10.75 -132.18
N ASN V 451 -14.88 -11.28 -133.18
CA ASN V 451 -15.32 -12.68 -133.11
C ASN V 451 -14.12 -13.61 -133.18
N GLN V 452 -14.14 -14.64 -132.34
CA GLN V 452 -13.03 -15.58 -132.26
C GLN V 452 -12.98 -16.53 -133.45
N SER V 453 -14.11 -16.82 -134.07
CA SER V 453 -14.15 -17.83 -135.13
C SER V 453 -13.28 -17.42 -136.31
N GLY V 454 -13.38 -16.17 -136.76
CA GLY V 454 -12.55 -15.68 -137.84
C GLY V 454 -13.13 -15.84 -139.23
N SER V 455 -14.18 -16.65 -139.39
CA SER V 455 -14.82 -16.77 -140.69
C SER V 455 -15.41 -15.43 -141.13
N ALA V 456 -16.04 -14.73 -140.19
CA ALA V 456 -16.39 -13.33 -140.34
C ALA V 456 -15.49 -12.49 -139.44
N GLN V 457 -15.49 -11.18 -139.68
CA GLN V 457 -14.66 -10.24 -138.94
C GLN V 457 -15.50 -9.27 -138.13
N ASN V 458 -16.52 -9.79 -137.45
CA ASN V 458 -17.45 -8.95 -136.72
C ASN V 458 -16.91 -8.59 -135.35
N LYS V 459 -17.34 -7.46 -134.83
CA LYS V 459 -16.96 -7.05 -133.49
C LYS V 459 -17.77 -7.83 -132.46
N ASP V 460 -17.33 -7.76 -131.21
CA ASP V 460 -18.01 -8.43 -130.11
C ASP V 460 -17.51 -7.86 -128.79
N LEU V 461 -18.01 -8.42 -127.70
CA LEU V 461 -17.54 -8.10 -126.35
C LEU V 461 -17.47 -9.43 -125.60
N LEU V 462 -16.31 -10.07 -125.65
CA LEU V 462 -16.10 -11.38 -125.06
C LEU V 462 -15.21 -11.24 -123.84
N PHE V 463 -15.65 -11.81 -122.73
CA PHE V 463 -14.97 -11.67 -121.45
C PHE V 463 -14.44 -13.02 -121.00
N SER V 464 -13.22 -13.02 -120.48
CA SER V 464 -12.59 -14.22 -119.97
C SER V 464 -12.32 -14.08 -118.48
N ARG V 465 -12.19 -15.23 -117.83
CA ARG V 465 -11.86 -15.29 -116.42
C ARG V 465 -10.34 -15.30 -116.24
N GLY V 466 -9.88 -14.61 -115.20
CA GLY V 466 -8.47 -14.61 -114.87
C GLY V 466 -7.97 -16.00 -114.56
N SER V 467 -7.06 -16.51 -115.38
CA SER V 467 -6.60 -17.88 -115.30
C SER V 467 -5.08 -17.94 -115.29
N PRO V 468 -4.50 -19.03 -114.78
CA PRO V 468 -3.03 -19.16 -114.82
C PRO V 468 -2.47 -19.27 -116.23
N ALA V 469 -3.29 -19.57 -117.23
CA ALA V 469 -2.80 -19.58 -118.61
C ALA V 469 -2.34 -18.19 -119.03
N GLY V 470 -3.18 -17.18 -118.84
CA GLY V 470 -2.78 -15.82 -119.08
C GLY V 470 -2.59 -15.05 -117.79
N MET V 471 -1.34 -14.91 -117.37
CA MET V 471 -1.02 -14.20 -116.13
C MET V 471 -0.80 -12.71 -116.36
N SER V 472 -0.53 -12.30 -117.60
CA SER V 472 -0.30 -10.91 -117.92
C SER V 472 -1.58 -10.09 -117.91
N VAL V 473 -2.73 -10.72 -118.11
CA VAL V 473 -4.00 -10.01 -118.21
C VAL V 473 -4.83 -10.15 -116.94
N GLN V 474 -4.34 -10.84 -115.93
CA GLN V 474 -5.07 -10.96 -114.68
C GLN V 474 -5.13 -9.62 -113.97
N PRO V 475 -6.27 -9.25 -113.40
CA PRO V 475 -6.31 -8.10 -112.50
C PRO V 475 -5.34 -8.29 -111.34
N LYS V 476 -4.68 -7.21 -110.96
CA LYS V 476 -3.68 -7.24 -109.90
C LYS V 476 -3.91 -6.07 -108.95
N ASN V 477 -3.22 -6.10 -107.82
CA ASN V 477 -3.46 -5.15 -106.76
C ASN V 477 -2.44 -4.03 -106.68
N TRP V 478 -1.27 -4.19 -107.28
CA TRP V 478 -0.17 -3.25 -107.08
C TRP V 478 0.47 -2.91 -108.42
N LEU V 479 1.29 -1.87 -108.40
CA LEU V 479 1.98 -1.35 -109.57
C LEU V 479 3.48 -1.27 -109.30
N PRO V 480 4.30 -1.39 -110.33
CA PRO V 480 5.74 -1.18 -110.14
C PRO V 480 6.04 0.28 -109.84
N GLY V 481 7.18 0.50 -109.19
CA GLY V 481 7.58 1.82 -108.76
C GLY V 481 7.73 2.82 -109.89
N PRO V 482 8.00 4.07 -109.54
CA PRO V 482 8.12 5.11 -110.56
C PRO V 482 9.39 4.96 -111.38
N CYS V 483 9.37 5.57 -112.56
CA CYS V 483 10.50 5.44 -113.47
C CYS V 483 10.82 6.80 -114.08
N TYR V 484 12.06 6.96 -114.52
CA TYR V 484 12.51 8.11 -115.29
C TYR V 484 13.56 7.60 -116.27
N ARG V 485 13.13 7.32 -117.49
CA ARG V 485 13.92 6.50 -118.40
C ARG V 485 15.30 7.09 -118.69
N GLN V 486 16.30 6.22 -118.73
CA GLN V 486 17.68 6.56 -119.06
C GLN V 486 18.04 5.98 -120.42
N GLN V 487 19.15 6.45 -120.96
CA GLN V 487 19.65 5.95 -122.23
C GLN V 487 20.46 4.68 -122.00
N ARG V 488 20.34 3.74 -122.94
CA ARG V 488 20.94 2.42 -122.80
C ARG V 488 22.31 2.42 -123.47
N VAL V 489 23.35 2.15 -122.70
CA VAL V 489 24.71 2.08 -123.20
C VAL V 489 25.19 0.64 -123.04
N SER V 490 25.84 0.13 -124.08
CA SER V 490 26.39 -1.21 -124.05
C SER V 490 27.83 -1.18 -123.55
N LYS V 491 28.16 -2.12 -122.66
CA LYS V 491 29.53 -2.28 -122.21
C LYS V 491 30.46 -2.70 -123.33
N THR V 492 29.92 -3.27 -124.40
CA THR V 492 30.67 -3.54 -125.62
C THR V 492 30.53 -2.34 -126.54
N LYS V 493 31.64 -1.61 -126.71
CA LYS V 493 31.57 -0.28 -127.33
C LYS V 493 31.14 -0.32 -128.79
N THR V 494 31.29 -1.44 -129.48
CA THR V 494 30.93 -1.49 -130.90
C THR V 494 29.43 -1.38 -131.14
N ASP V 495 28.60 -1.72 -130.15
CA ASP V 495 27.16 -1.65 -130.32
C ASP V 495 26.57 -0.29 -129.96
N ASN V 496 27.40 0.66 -129.57
CA ASN V 496 26.93 1.99 -129.25
C ASN V 496 26.97 2.89 -130.47
N ASN V 497 26.10 3.88 -130.48
CA ASN V 497 26.04 4.83 -131.59
C ASN V 497 27.35 5.60 -131.70
N ASN V 498 27.72 5.94 -132.92
CA ASN V 498 28.96 6.68 -133.17
C ASN V 498 28.71 8.17 -133.00
N SER V 499 28.61 8.57 -131.74
CA SER V 499 28.48 9.98 -131.36
C SER V 499 28.79 10.07 -129.88
N ASN V 500 28.86 11.30 -129.37
CA ASN V 500 29.14 11.47 -127.95
C ASN V 500 27.91 11.19 -127.11
N PHE V 501 26.88 12.03 -127.26
CA PHE V 501 25.53 11.82 -126.70
C PHE V 501 25.54 11.53 -125.21
N THR V 502 26.66 11.74 -124.52
CA THR V 502 26.67 11.66 -123.07
C THR V 502 26.04 12.88 -122.41
N TRP V 503 25.93 13.97 -123.13
CA TRP V 503 25.22 15.14 -122.64
C TRP V 503 23.98 15.45 -123.44
N THR V 504 24.03 15.31 -124.76
CA THR V 504 22.86 15.62 -125.57
C THR V 504 21.77 14.56 -125.46
N GLY V 505 22.14 13.32 -125.21
CA GLY V 505 21.15 12.25 -125.17
C GLY V 505 20.87 11.74 -123.78
N ALA V 506 21.12 12.54 -122.77
CA ALA V 506 21.05 12.09 -121.39
C ALA V 506 19.85 12.70 -120.66
N SER V 507 19.33 11.94 -119.69
CA SER V 507 18.26 12.42 -118.84
C SER V 507 18.80 13.46 -117.87
N LYS V 508 18.26 14.66 -117.93
CA LYS V 508 18.73 15.73 -117.07
C LYS V 508 17.53 16.57 -116.65
N TYR V 509 17.73 17.34 -115.58
CA TYR V 509 16.68 18.19 -115.07
C TYR V 509 17.07 19.65 -115.16
N ASN V 510 16.06 20.50 -115.25
CA ASN V 510 16.22 21.94 -115.40
C ASN V 510 15.96 22.61 -114.06
N LEU V 511 16.91 23.43 -113.60
CA LEU V 511 16.75 24.14 -112.34
C LEU V 511 17.37 25.53 -112.47
N ASN V 512 16.51 26.55 -112.43
CA ASN V 512 16.95 27.95 -112.53
C ASN V 512 17.71 28.20 -113.83
N GLY V 513 17.30 27.51 -114.88
CA GLY V 513 17.86 27.74 -116.21
C GLY V 513 19.08 26.94 -116.56
N ARG V 514 19.63 26.16 -115.64
CA ARG V 514 20.78 25.34 -115.94
C ARG V 514 20.47 23.87 -115.68
N GLU V 515 20.96 23.02 -116.58
CA GLU V 515 20.64 21.62 -116.61
C GLU V 515 21.63 20.82 -115.79
N SER V 516 21.14 19.74 -115.19
CA SER V 516 21.96 18.87 -114.36
C SER V 516 21.60 17.44 -114.69
N ILE V 517 22.61 16.60 -114.92
CA ILE V 517 22.37 15.18 -115.17
C ILE V 517 21.74 14.57 -113.93
N ILE V 518 20.80 13.66 -114.13
CA ILE V 518 20.10 13.05 -113.01
C ILE V 518 21.09 12.25 -112.15
N ASN V 519 21.65 11.17 -112.68
CA ASN V 519 22.82 10.51 -112.10
C ASN V 519 22.76 10.28 -110.60
N PRO V 520 22.11 9.22 -110.11
CA PRO V 520 21.50 8.12 -110.86
C PRO V 520 19.98 8.15 -110.85
N GLY V 521 19.41 9.02 -110.02
CA GLY V 521 17.97 9.20 -110.03
C GLY V 521 17.21 8.02 -109.45
N THR V 522 16.08 7.72 -110.08
CA THR V 522 15.16 6.71 -109.56
C THR V 522 15.85 5.36 -109.49
N ALA V 523 15.51 4.60 -108.44
CA ALA V 523 16.07 3.27 -108.24
C ALA V 523 15.37 2.32 -109.20
N MET V 524 16.05 1.95 -110.28
CA MET V 524 15.51 1.07 -111.29
C MET V 524 16.51 -0.02 -111.62
N ALA V 525 16.00 -1.10 -112.20
CA ALA V 525 16.87 -2.20 -112.62
C ALA V 525 17.80 -1.74 -113.73
N SER V 526 19.06 -2.16 -113.65
CA SER V 526 20.05 -1.76 -114.64
C SER V 526 19.72 -2.31 -116.02
N HIS V 527 19.25 -3.55 -116.08
CA HIS V 527 18.97 -4.19 -117.36
C HIS V 527 17.91 -5.25 -117.13
N LYS V 528 17.53 -5.94 -118.20
CA LYS V 528 16.61 -7.05 -118.14
C LYS V 528 17.37 -8.36 -117.92
N ASP V 529 16.67 -9.48 -118.04
CA ASP V 529 17.32 -10.78 -118.04
C ASP V 529 18.10 -10.97 -119.32
N ASP V 530 19.28 -11.60 -119.20
CA ASP V 530 20.13 -11.92 -120.35
C ASP V 530 20.57 -10.68 -121.10
N GLU V 531 20.72 -9.56 -120.39
CA GLU V 531 21.08 -8.30 -121.00
C GLU V 531 22.12 -7.57 -120.16
N ASP V 532 23.03 -8.32 -119.54
CA ASP V 532 24.02 -7.73 -118.65
C ASP V 532 25.00 -6.82 -119.37
N LYS V 533 25.05 -6.85 -120.70
CA LYS V 533 25.93 -6.01 -121.49
C LYS V 533 25.48 -4.56 -121.55
N PHE V 534 24.28 -4.25 -121.07
CA PHE V 534 23.73 -2.91 -121.12
C PHE V 534 23.62 -2.31 -119.73
N PHE V 535 23.86 -1.01 -119.63
CA PHE V 535 23.64 -0.27 -118.40
C PHE V 535 23.06 1.09 -118.75
N PRO V 536 22.26 1.67 -117.87
CA PRO V 536 21.77 3.03 -118.10
C PRO V 536 22.93 4.02 -118.08
N MET V 537 22.83 5.04 -118.93
CA MET V 537 23.99 5.91 -119.16
C MET V 537 24.42 6.62 -117.89
N SER V 538 23.47 7.08 -117.08
CA SER V 538 23.78 7.71 -115.80
C SER V 538 22.85 7.19 -114.73
N GLY V 539 22.64 5.88 -114.71
CA GLY V 539 21.71 5.29 -113.76
C GLY V 539 22.37 4.35 -112.78
N VAL V 540 23.68 4.23 -112.86
CA VAL V 540 24.43 3.27 -112.06
C VAL V 540 25.53 3.98 -111.31
N MET V 541 25.87 3.46 -110.14
CA MET V 541 27.01 3.95 -109.38
C MET V 541 28.27 3.31 -109.93
N ILE V 542 29.23 4.14 -110.32
CA ILE V 542 30.46 3.67 -110.93
C ILE V 542 31.60 4.02 -109.99
N PHE V 543 32.30 3.00 -109.51
CA PHE V 543 33.47 3.18 -108.67
C PHE V 543 34.72 2.95 -109.51
N GLY V 544 35.72 3.79 -109.27
CA GLY V 544 36.99 3.65 -109.96
C GLY V 544 37.92 2.70 -109.21
N LYS V 545 38.62 1.87 -109.97
CA LYS V 545 39.66 1.06 -109.38
C LYS V 545 40.89 1.93 -109.12
N GLU V 546 41.80 1.41 -108.32
CA GLU V 546 43.09 2.06 -108.18
C GLU V 546 43.80 2.04 -109.53
N SER V 547 44.57 3.08 -109.79
CA SER V 547 45.15 3.35 -111.12
C SER V 547 44.05 3.64 -112.14
N ALA V 548 43.05 4.42 -111.73
CA ALA V 548 42.08 5.00 -112.65
C ALA V 548 42.29 6.50 -112.69
N GLY V 549 42.36 7.05 -113.90
CA GLY V 549 42.58 8.46 -114.06
C GLY V 549 41.38 9.27 -113.61
N ALA V 550 41.61 10.58 -113.49
CA ALA V 550 40.54 11.48 -113.09
C ALA V 550 39.56 11.73 -114.24
N SER V 551 40.05 11.78 -115.46
CA SER V 551 39.23 12.13 -116.61
C SER V 551 39.46 11.14 -117.74
N ASN V 552 38.37 10.72 -118.37
CA ASN V 552 38.40 9.86 -119.56
C ASN V 552 39.20 8.58 -119.33
N THR V 553 39.01 7.98 -118.16
CA THR V 553 39.60 6.67 -117.90
C THR V 553 38.81 5.59 -118.62
N ALA V 554 39.25 4.36 -118.47
CA ALA V 554 38.70 3.26 -119.26
C ALA V 554 37.70 2.42 -118.49
N LEU V 555 36.84 1.76 -119.26
CA LEU V 555 35.90 0.80 -118.70
C LEU V 555 36.62 -0.28 -117.91
N ASP V 556 37.86 -0.58 -118.29
CA ASP V 556 38.67 -1.53 -117.53
C ASP V 556 39.09 -0.94 -116.20
N ASN V 557 39.16 0.38 -116.10
CA ASN V 557 39.59 1.03 -114.86
C ASN V 557 38.43 1.39 -113.96
N VAL V 558 37.20 1.30 -114.43
CA VAL V 558 36.04 1.57 -113.58
C VAL V 558 35.29 0.28 -113.28
N MET V 559 34.55 0.29 -112.18
CA MET V 559 33.66 -0.81 -111.79
C MET V 559 32.22 -0.31 -111.79
N ILE V 560 31.43 -0.84 -112.70
CA ILE V 560 30.02 -0.46 -112.83
C ILE V 560 29.17 -1.38 -111.97
N THR V 561 28.33 -0.79 -111.13
CA THR V 561 27.45 -1.60 -110.30
C THR V 561 26.26 -2.10 -111.10
N ASP V 562 25.53 -3.03 -110.49
CA ASP V 562 24.34 -3.61 -111.10
C ASP V 562 23.21 -3.60 -110.09
N GLU V 563 22.01 -3.30 -110.55
CA GLU V 563 20.82 -3.31 -109.72
C GLU V 563 19.86 -4.41 -110.17
N GLU V 564 20.41 -5.60 -110.41
CA GLU V 564 19.64 -6.67 -111.00
C GLU V 564 18.65 -7.29 -110.03
N GLU V 565 18.85 -7.05 -108.73
CA GLU V 565 18.03 -7.73 -107.73
C GLU V 565 16.67 -7.08 -107.55
N ILE V 566 16.47 -5.86 -108.03
CA ILE V 566 15.23 -5.15 -107.81
C ILE V 566 14.35 -5.16 -109.07
N LYS V 567 14.60 -6.10 -109.98
CA LYS V 567 13.71 -6.31 -111.11
C LYS V 567 12.33 -6.80 -110.67
N ALA V 568 12.22 -7.33 -109.46
CA ALA V 568 10.95 -7.89 -109.00
C ALA V 568 9.90 -6.82 -108.78
N THR V 569 10.33 -5.60 -108.45
CA THR V 569 9.39 -4.52 -108.14
C THR V 569 9.65 -3.23 -108.89
N ASN V 570 10.83 -3.02 -109.46
CA ASN V 570 11.18 -1.76 -110.08
C ASN V 570 11.26 -1.91 -111.59
N PRO V 571 10.88 -0.88 -112.34
CA PRO V 571 11.04 -0.92 -113.79
C PRO V 571 12.50 -0.92 -114.18
N VAL V 572 12.78 -1.46 -115.36
CA VAL V 572 14.14 -1.43 -115.89
C VAL V 572 14.47 0.00 -116.32
N ALA V 573 15.68 0.45 -115.96
CA ALA V 573 16.03 1.86 -116.10
C ALA V 573 16.01 2.35 -117.53
N THR V 574 16.28 1.47 -118.50
CA THR V 574 16.44 1.88 -119.88
C THR V 574 15.18 1.68 -120.71
N GLU V 575 14.08 1.24 -120.12
CA GLU V 575 12.85 0.98 -120.85
C GLU V 575 11.69 1.75 -120.23
N ARG V 576 10.63 1.86 -121.02
CA ARG V 576 9.47 2.64 -120.62
C ARG V 576 8.78 2.00 -119.42
N PHE V 577 8.06 2.83 -118.66
CA PHE V 577 7.20 2.31 -117.61
C PHE V 577 6.12 1.43 -118.20
N GLY V 578 5.55 1.86 -119.31
CA GLY V 578 4.48 1.12 -119.95
C GLY V 578 3.85 1.96 -121.04
N THR V 579 2.67 1.52 -121.46
CA THR V 579 1.90 2.24 -122.47
C THR V 579 0.63 2.79 -121.85
N VAL V 580 0.08 3.80 -122.50
CA VAL V 580 -1.14 4.47 -122.04
C VAL V 580 -1.99 4.78 -123.25
N ALA V 581 -3.31 4.70 -123.08
CA ALA V 581 -4.22 5.09 -124.14
C ALA V 581 -4.14 6.60 -124.36
N VAL V 582 -4.20 7.03 -125.62
CA VAL V 582 -4.04 8.44 -125.94
C VAL V 582 -5.17 8.99 -126.80
N ASN V 583 -6.21 8.20 -127.08
CA ASN V 583 -7.32 8.69 -127.89
C ASN V 583 -8.57 7.91 -127.51
N PHE V 584 -9.64 8.15 -128.25
CA PHE V 584 -10.89 7.39 -128.14
C PHE V 584 -11.03 6.52 -129.39
N GLN V 585 -11.11 5.21 -129.19
CA GLN V 585 -11.41 4.32 -130.30
C GLN V 585 -12.88 4.38 -130.64
N SER V 586 -13.18 4.28 -131.93
CA SER V 586 -14.56 4.32 -132.38
C SER V 586 -14.65 3.63 -133.74
N SER V 587 -15.87 3.29 -134.11
CA SER V 587 -16.16 2.71 -135.42
C SER V 587 -16.66 3.78 -136.37
N SER V 588 -16.61 3.45 -137.66
CA SER V 588 -17.11 4.36 -138.68
C SER V 588 -18.63 4.47 -138.61
N THR V 589 -19.13 5.65 -138.94
CA THR V 589 -20.58 5.89 -138.94
C THR V 589 -21.00 6.70 -140.15
N VAL V 592 -20.58 9.84 -138.69
CA VAL V 592 -19.18 10.21 -138.61
C VAL V 592 -18.33 9.14 -139.27
N PRO V 593 -18.19 9.21 -140.58
CA PRO V 593 -17.46 8.15 -141.31
C PRO V 593 -15.95 8.30 -141.22
N PHE V 594 -15.45 8.60 -140.02
CA PHE V 594 -14.02 8.69 -139.76
C PHE V 594 -13.69 7.73 -138.63
N LYS V 595 -13.41 6.47 -138.99
CA LYS V 595 -13.05 5.45 -138.01
C LYS V 595 -11.77 5.83 -137.28
N THR V 596 -11.76 5.65 -135.96
CA THR V 596 -10.60 5.97 -135.13
C THR V 596 -10.07 4.69 -134.52
N ASP V 597 -8.87 4.29 -134.95
CA ASP V 597 -8.21 3.16 -134.34
C ASP V 597 -7.70 3.55 -132.94
N PRO V 598 -7.72 2.61 -132.00
CA PRO V 598 -7.13 2.88 -130.69
C PRO V 598 -5.64 3.13 -130.81
N ALA V 599 -5.14 4.05 -129.98
CA ALA V 599 -3.74 4.45 -130.03
C ALA V 599 -3.16 4.49 -128.63
N THR V 600 -1.95 3.97 -128.51
CA THR V 600 -1.22 3.98 -127.25
C THR V 600 0.08 4.73 -127.43
N GLY V 601 0.57 5.28 -126.32
CA GLY V 601 1.86 5.94 -126.30
C GLY V 601 2.70 5.42 -125.15
N ASP V 602 4.01 5.42 -125.37
CA ASP V 602 4.93 4.95 -124.35
C ASP V 602 5.07 5.98 -123.24
N VAL V 603 5.12 5.48 -122.00
CA VAL V 603 5.25 6.31 -120.82
C VAL V 603 6.69 6.20 -120.35
N HIS V 604 7.46 7.27 -120.53
CA HIS V 604 8.90 7.23 -120.26
C HIS V 604 9.24 7.73 -118.87
N ALA V 605 8.51 8.70 -118.35
CA ALA V 605 8.67 9.18 -116.99
C ALA V 605 7.32 9.07 -116.29
N MET V 606 7.29 8.31 -115.19
CA MET V 606 6.07 8.07 -114.45
C MET V 606 6.31 8.47 -113.00
N GLY V 607 5.49 9.40 -112.51
CA GLY V 607 5.53 9.76 -111.11
C GLY V 607 4.76 8.77 -110.27
N ALA V 608 4.74 9.03 -108.96
CA ALA V 608 4.15 8.10 -108.02
C ALA V 608 2.64 8.03 -108.22
N LEU V 609 2.13 6.82 -108.43
CA LEU V 609 0.72 6.49 -108.44
C LEU V 609 0.38 5.70 -107.20
N PRO V 610 -0.83 5.85 -106.65
CA PRO V 610 -1.23 5.00 -105.52
C PRO V 610 -1.25 3.54 -105.93
N GLY V 611 -0.81 2.68 -105.02
CA GLY V 611 -0.61 1.28 -105.32
C GLY V 611 0.78 0.92 -105.79
N MET V 612 1.64 1.92 -106.01
CA MET V 612 3.00 1.66 -106.43
C MET V 612 3.85 1.13 -105.28
N VAL V 613 4.71 0.17 -105.59
CA VAL V 613 5.67 -0.36 -104.63
C VAL V 613 7.02 -0.44 -105.31
N TRP V 614 8.09 -0.18 -104.54
CA TRP V 614 9.42 -0.17 -105.12
C TRP V 614 10.44 -0.47 -104.04
N GLN V 615 11.65 -0.80 -104.49
CA GLN V 615 12.81 -0.92 -103.63
C GLN V 615 13.75 0.25 -103.86
N ASP V 616 14.50 0.60 -102.83
CA ASP V 616 15.48 1.67 -102.93
C ASP V 616 16.78 1.12 -103.53
N ARG V 617 17.71 2.02 -103.80
CA ARG V 617 19.00 1.62 -104.32
C ARG V 617 19.78 0.86 -103.26
N ASP V 618 20.63 -0.05 -103.72
CA ASP V 618 21.48 -0.83 -102.83
C ASP V 618 22.62 0.02 -102.29
N VAL V 619 23.13 -0.36 -101.14
CA VAL V 619 24.33 0.24 -100.58
C VAL V 619 25.50 -0.71 -100.85
N TYR V 620 26.69 -0.15 -100.93
CA TYR V 620 27.89 -0.90 -101.26
C TYR V 620 28.95 -0.65 -100.21
N LEU V 621 29.91 -1.56 -100.12
CA LEU V 621 31.00 -1.38 -99.16
C LEU V 621 31.79 -0.13 -99.46
N GLN V 622 31.91 0.26 -100.73
CA GLN V 622 32.61 1.46 -101.13
C GLN V 622 31.71 2.68 -101.21
N GLY V 623 30.42 2.54 -100.90
CA GLY V 623 29.48 3.61 -101.12
C GLY V 623 29.15 4.41 -99.88
N PRO V 624 28.37 5.47 -100.05
CA PRO V 624 28.01 6.32 -98.92
C PRO V 624 27.03 5.64 -97.97
N ILE V 625 27.08 6.09 -96.72
CA ILE V 625 26.19 5.57 -95.68
C ILE V 625 24.93 6.39 -95.55
N TRP V 626 25.05 7.70 -95.39
CA TRP V 626 23.93 8.56 -95.11
C TRP V 626 23.98 9.81 -95.99
N ALA V 627 22.91 10.59 -95.89
CA ALA V 627 22.84 11.90 -96.50
C ALA V 627 21.88 12.76 -95.69
N LYS V 628 22.20 14.04 -95.58
CA LYS V 628 21.28 14.98 -94.95
C LYS V 628 20.09 15.25 -95.85
N ILE V 629 18.90 15.08 -95.32
CA ILE V 629 17.69 15.44 -96.06
C ILE V 629 17.55 16.95 -96.08
N PRO V 630 17.40 17.57 -97.25
CA PRO V 630 17.30 19.03 -97.30
C PRO V 630 16.13 19.55 -96.46
N HIS V 631 16.36 20.67 -95.79
CA HIS V 631 15.34 21.29 -94.96
C HIS V 631 14.39 22.07 -95.85
N THR V 632 13.39 21.37 -96.37
CA THR V 632 12.40 21.92 -97.27
C THR V 632 11.01 21.70 -96.71
N ASP V 633 10.02 22.37 -97.32
CA ASP V 633 8.64 22.19 -96.91
C ASP V 633 8.15 20.78 -97.21
N GLY V 634 8.49 20.25 -98.38
CA GLY V 634 8.04 18.93 -98.76
C GLY V 634 9.17 18.10 -99.33
N HIS V 635 9.05 16.80 -99.15
CA HIS V 635 9.93 15.84 -99.78
C HIS V 635 9.19 14.52 -99.84
N PHE V 636 9.39 13.78 -100.92
CA PHE V 636 8.72 12.52 -101.15
C PHE V 636 9.73 11.39 -101.01
N HIS V 637 9.51 10.51 -100.03
CA HIS V 637 10.34 9.35 -99.76
C HIS V 637 11.81 9.76 -99.66
N PRO V 638 12.20 10.45 -98.60
CA PRO V 638 13.52 11.09 -98.56
C PRO V 638 14.66 10.10 -98.34
N SER V 639 14.78 9.15 -99.24
CA SER V 639 15.89 8.23 -99.29
C SER V 639 16.89 8.70 -100.33
N PRO V 640 18.16 8.85 -100.00
CA PRO V 640 19.11 9.43 -100.95
C PRO V 640 19.21 8.59 -102.21
N LEU V 641 19.38 9.27 -103.34
CA LEU V 641 19.35 8.58 -104.61
C LEU V 641 20.64 7.82 -104.89
N MET V 642 21.74 8.21 -104.22
CA MET V 642 22.94 7.39 -104.30
C MET V 642 22.86 6.14 -103.42
N GLY V 643 21.88 6.05 -102.56
CA GLY V 643 21.75 4.92 -101.65
C GLY V 643 22.17 5.31 -100.25
N GLY V 644 21.55 4.66 -99.28
CA GLY V 644 21.88 4.93 -97.89
C GLY V 644 20.70 5.40 -97.08
N PHE V 645 20.99 6.02 -95.95
CA PHE V 645 19.98 6.50 -95.01
C PHE V 645 19.87 8.00 -95.13
N GLY V 646 18.66 8.48 -95.37
CA GLY V 646 18.41 9.91 -95.32
C GLY V 646 18.09 10.33 -93.91
N LEU V 647 18.87 11.25 -93.35
CA LEU V 647 18.69 11.69 -91.98
C LEU V 647 18.37 13.18 -91.96
N LYS V 648 17.36 13.56 -91.19
CA LYS V 648 17.09 14.98 -91.00
C LYS V 648 18.19 15.64 -90.19
N ASN V 649 18.65 14.98 -89.14
CA ASN V 649 19.82 15.41 -88.37
C ASN V 649 20.89 14.36 -88.55
N PRO V 650 21.72 14.46 -89.59
CA PRO V 650 22.76 13.47 -89.81
C PRO V 650 23.90 13.65 -88.83
N PRO V 651 24.90 12.78 -88.84
CA PRO V 651 26.09 13.04 -88.05
C PRO V 651 26.71 14.36 -88.43
N PRO V 652 26.97 15.23 -87.47
CA PRO V 652 27.44 16.58 -87.79
C PRO V 652 28.87 16.57 -88.32
N GLN V 653 29.21 17.65 -89.02
CA GLN V 653 30.54 17.81 -89.55
C GLN V 653 31.51 18.18 -88.44
N ILE V 654 32.63 17.48 -88.39
CA ILE V 654 33.73 17.81 -87.49
C ILE V 654 34.76 18.59 -88.30
N LEU V 655 35.00 19.82 -87.90
CA LEU V 655 35.88 20.71 -88.63
C LEU V 655 37.11 21.00 -87.79
N ILE V 656 38.27 20.95 -88.42
CA ILE V 656 39.55 21.01 -87.74
C ILE V 656 40.47 21.91 -88.55
N LYS V 657 41.27 22.70 -87.86
CA LYS V 657 42.30 23.46 -88.54
C LYS V 657 43.44 23.73 -87.60
N ASN V 658 44.60 24.05 -88.16
CA ASN V 658 45.75 24.45 -87.36
C ASN V 658 45.60 25.91 -86.99
N THR V 659 45.80 26.22 -85.71
CA THR V 659 45.77 27.62 -85.31
C THR V 659 46.97 28.34 -85.92
N PRO V 660 46.78 29.46 -86.60
CA PRO V 660 47.91 30.17 -87.21
C PRO V 660 48.91 30.64 -86.16
N VAL V 661 50.19 30.47 -86.46
CA VAL V 661 51.27 30.97 -85.63
C VAL V 661 52.01 32.03 -86.43
N PRO V 662 51.90 33.31 -86.08
CA PRO V 662 52.57 34.35 -86.85
C PRO V 662 54.07 34.26 -86.76
N ALA V 663 54.73 34.70 -87.82
CA ALA V 663 56.18 34.82 -87.81
C ALA V 663 56.59 36.10 -87.07
N ASN V 664 57.85 36.47 -87.20
CA ASN V 664 58.38 37.60 -86.46
C ASN V 664 57.70 38.90 -86.88
N PRO V 665 57.04 39.61 -85.97
CA PRO V 665 56.39 40.87 -86.33
C PRO V 665 57.42 41.99 -86.47
N PRO V 666 57.06 43.07 -87.14
CA PRO V 666 57.99 44.21 -87.26
C PRO V 666 58.21 44.90 -85.92
N ALA V 667 59.30 45.65 -85.84
CA ALA V 667 59.61 46.40 -84.63
C ALA V 667 58.61 47.51 -84.38
N GLU V 668 58.17 48.20 -85.42
CA GLU V 668 57.14 49.22 -85.34
C GLU V 668 55.78 48.62 -85.65
N PHE V 669 54.75 49.21 -85.06
CA PHE V 669 53.39 48.72 -85.20
C PHE V 669 52.86 48.96 -86.61
N SER V 670 52.16 47.95 -87.13
CA SER V 670 51.49 48.05 -88.42
C SER V 670 50.09 47.46 -88.28
N ALA V 671 49.08 48.22 -88.71
CA ALA V 671 47.71 47.73 -88.62
C ALA V 671 47.34 46.78 -89.74
N THR V 672 48.18 46.66 -90.77
CA THR V 672 47.94 45.69 -91.81
C THR V 672 47.93 44.29 -91.20
N LYS V 673 46.93 43.49 -91.60
CA LYS V 673 46.78 42.17 -91.01
C LYS V 673 47.98 41.29 -91.37
N PHE V 674 48.26 40.35 -90.47
CA PHE V 674 49.42 39.50 -90.62
C PHE V 674 49.27 38.62 -91.87
N ALA V 675 50.37 38.52 -92.63
CA ALA V 675 50.42 37.64 -93.78
C ALA V 675 51.58 36.66 -93.71
N SER V 676 52.51 36.85 -92.79
CA SER V 676 53.67 35.98 -92.62
C SER V 676 53.39 35.05 -91.44
N PHE V 677 53.31 33.76 -91.73
CA PHE V 677 53.01 32.77 -90.71
C PHE V 677 54.08 31.70 -90.70
N ILE V 678 54.22 31.07 -89.53
CA ILE V 678 55.11 29.92 -89.38
C ILE V 678 54.43 28.73 -90.04
N THR V 679 55.12 28.08 -90.97
CA THR V 679 54.54 27.01 -91.75
C THR V 679 54.49 25.74 -90.91
N GLN V 680 53.29 25.18 -90.75
CA GLN V 680 53.17 23.99 -89.95
C GLN V 680 51.97 23.16 -90.38
N TYR V 681 52.01 21.89 -89.99
CA TYR V 681 50.90 20.97 -90.21
C TYR V 681 50.69 20.20 -88.92
N SER V 682 49.70 19.32 -88.91
CA SER V 682 49.45 18.51 -87.74
C SER V 682 49.13 17.08 -88.18
N THR V 683 49.35 16.15 -87.26
CA THR V 683 49.05 14.75 -87.49
C THR V 683 48.41 14.21 -86.23
N GLY V 684 47.71 13.10 -86.38
CA GLY V 684 47.08 12.51 -85.21
C GLY V 684 46.32 11.26 -85.55
N GLN V 685 45.56 10.79 -84.58
CA GLN V 685 44.75 9.59 -84.73
C GLN V 685 43.28 9.95 -84.53
N VAL V 686 42.42 9.32 -85.32
CA VAL V 686 40.98 9.53 -85.25
C VAL V 686 40.32 8.16 -85.10
N SER V 687 39.38 8.07 -84.18
CA SER V 687 38.60 6.85 -83.93
C SER V 687 37.13 7.15 -84.15
N VAL V 688 36.46 6.26 -84.89
CA VAL V 688 35.02 6.31 -85.07
C VAL V 688 34.46 4.94 -84.70
N GLU V 689 33.48 4.93 -83.81
CA GLU V 689 32.80 3.71 -83.38
C GLU V 689 31.32 3.86 -83.68
N ILE V 690 30.77 2.96 -84.51
CA ILE V 690 29.35 2.97 -84.82
C ILE V 690 28.73 1.67 -84.33
N GLU V 691 27.66 1.79 -83.56
CA GLU V 691 26.77 0.69 -83.26
C GLU V 691 25.67 0.65 -84.30
N TRP V 692 25.47 -0.53 -84.90
CA TRP V 692 24.45 -0.80 -85.90
C TRP V 692 23.49 -1.86 -85.37
N GLU V 693 22.20 -1.62 -85.58
CA GLU V 693 21.17 -2.59 -85.29
C GLU V 693 20.94 -3.47 -86.51
N LEU V 694 20.85 -4.77 -86.26
CA LEU V 694 20.66 -5.78 -87.28
C LEU V 694 19.23 -6.28 -87.27
N GLN V 695 18.77 -6.73 -88.43
CA GLN V 695 17.47 -7.34 -88.60
C GLN V 695 17.73 -8.70 -89.23
N LYS V 696 17.60 -9.73 -88.41
CA LYS V 696 17.97 -11.10 -88.77
C LYS V 696 16.98 -11.68 -89.76
N GLU V 697 17.48 -12.57 -90.61
CA GLU V 697 16.59 -13.35 -91.47
C GLU V 697 15.76 -14.31 -90.63
N ASN V 698 14.53 -14.54 -91.05
CA ASN V 698 13.64 -15.51 -90.43
C ASN V 698 13.03 -16.43 -91.48
N SER V 699 13.83 -16.82 -92.45
CA SER V 699 13.32 -17.44 -93.67
C SER V 699 12.95 -18.91 -93.44
N LYS V 700 11.93 -19.35 -94.16
CA LYS V 700 11.53 -20.75 -94.20
C LYS V 700 11.90 -21.39 -95.52
N ARG V 701 12.75 -20.74 -96.32
CA ARG V 701 13.18 -21.27 -97.60
C ARG V 701 13.93 -22.57 -97.41
N TRP V 702 13.67 -23.52 -98.31
CA TRP V 702 14.25 -24.85 -98.19
C TRP V 702 15.62 -24.94 -98.86
N ASN V 703 15.72 -24.52 -100.11
CA ASN V 703 16.96 -24.62 -100.84
C ASN V 703 17.95 -23.58 -100.34
N PRO V 704 19.25 -23.81 -100.57
CA PRO V 704 20.25 -22.87 -100.08
C PRO V 704 20.17 -21.52 -100.78
N GLU V 705 20.57 -20.48 -100.06
CA GLU V 705 20.54 -19.12 -100.55
C GLU V 705 21.79 -18.79 -101.35
N VAL V 706 21.71 -17.71 -102.12
CA VAL V 706 22.87 -17.14 -102.76
C VAL V 706 23.64 -16.32 -101.74
N GLN V 707 24.94 -16.56 -101.64
CA GLN V 707 25.79 -15.86 -100.70
C GLN V 707 26.92 -15.19 -101.46
N TYR V 708 27.44 -14.11 -100.89
CA TYR V 708 28.67 -13.54 -101.40
C TYR V 708 29.83 -14.40 -100.93
N THR V 709 30.68 -14.82 -101.87
CA THR V 709 31.76 -15.71 -101.53
C THR V 709 33.03 -15.28 -102.24
N SER V 710 34.16 -15.61 -101.64
CA SER V 710 35.44 -15.55 -102.33
C SER V 710 35.53 -16.67 -103.35
N ASN V 711 36.22 -16.40 -104.44
CA ASN V 711 36.46 -17.42 -105.44
C ASN V 711 37.60 -18.32 -104.98
N TYR V 712 37.37 -19.62 -105.01
CA TYR V 712 38.41 -20.60 -104.71
C TYR V 712 39.10 -20.93 -106.03
N ALA V 713 40.34 -20.50 -106.16
CA ALA V 713 41.13 -20.78 -107.35
C ALA V 713 42.53 -20.21 -107.13
N LYS V 714 43.51 -20.85 -107.75
CA LYS V 714 44.84 -20.29 -107.72
C LYS V 714 44.84 -18.95 -108.44
N SER V 715 45.20 -17.90 -107.71
CA SER V 715 45.26 -16.56 -108.25
C SER V 715 46.56 -15.91 -107.83
N ALA V 716 47.05 -14.97 -108.65
CA ALA V 716 48.30 -14.31 -108.34
C ALA V 716 48.19 -13.50 -107.05
N ASN V 717 47.00 -12.97 -106.76
CA ASN V 717 46.75 -12.19 -105.56
C ASN V 717 45.50 -12.69 -104.87
N VAL V 718 45.33 -12.28 -103.62
CA VAL V 718 44.10 -12.50 -102.87
C VAL V 718 43.26 -11.24 -102.98
N ASP V 719 41.95 -11.41 -103.14
CA ASP V 719 41.05 -10.27 -103.26
C ASP V 719 40.98 -9.51 -101.95
N PHE V 720 40.86 -8.18 -102.06
CA PHE V 720 40.78 -7.28 -100.91
C PHE V 720 42.01 -7.38 -100.03
N THR V 721 43.18 -7.38 -100.65
CA THR V 721 44.44 -7.42 -99.93
C THR V 721 45.41 -6.41 -100.54
N VAL V 722 46.65 -6.44 -100.10
CA VAL V 722 47.71 -5.61 -100.64
C VAL V 722 48.46 -6.42 -101.69
N ASP V 723 49.13 -5.73 -102.60
CA ASP V 723 49.99 -6.38 -103.56
C ASP V 723 51.43 -6.36 -103.05
N ASN V 724 52.38 -6.75 -103.91
CA ASN V 724 53.78 -6.74 -103.49
C ASN V 724 54.32 -5.32 -103.31
N ASN V 725 53.64 -4.31 -103.82
CA ASN V 725 54.03 -2.92 -103.62
C ASN V 725 53.38 -2.29 -102.40
N GLY V 726 52.47 -2.98 -101.74
CA GLY V 726 51.81 -2.45 -100.57
C GLY V 726 50.54 -1.70 -100.82
N LEU V 727 49.95 -1.83 -102.01
CA LEU V 727 48.78 -1.05 -102.38
C LEU V 727 47.52 -1.88 -102.14
N TYR V 728 46.66 -1.40 -101.26
CA TYR V 728 45.39 -2.06 -101.00
C TYR V 728 44.42 -1.75 -102.13
N THR V 729 43.78 -2.80 -102.64
CA THR V 729 42.83 -2.68 -103.73
C THR V 729 41.57 -3.46 -103.40
N GLU V 730 40.44 -2.98 -103.93
CA GLU V 730 39.17 -3.67 -103.84
C GLU V 730 38.76 -4.12 -105.23
N PRO V 731 38.76 -5.41 -105.51
CA PRO V 731 38.52 -5.89 -106.89
C PRO V 731 37.16 -5.57 -107.46
N ARG V 732 36.12 -5.54 -106.63
CA ARG V 732 34.76 -5.39 -107.12
C ARG V 732 33.93 -4.67 -106.08
N PRO V 733 32.84 -4.04 -106.48
CA PRO V 733 31.89 -3.50 -105.50
C PRO V 733 30.94 -4.59 -105.02
N ILE V 734 30.74 -4.65 -103.70
CA ILE V 734 29.88 -5.65 -103.09
C ILE V 734 28.62 -4.96 -102.59
N GLY V 735 27.46 -5.44 -103.04
CA GLY V 735 26.19 -4.96 -102.55
C GLY V 735 25.77 -5.70 -101.29
N THR V 736 24.47 -5.64 -101.02
CA THR V 736 23.91 -6.23 -99.81
C THR V 736 22.88 -7.31 -100.08
N ARG V 737 22.25 -7.32 -101.25
CA ARG V 737 21.06 -8.12 -101.48
C ARG V 737 21.45 -9.52 -101.94
N TYR V 738 21.64 -10.42 -100.97
CA TYR V 738 21.99 -11.81 -101.29
C TYR V 738 20.93 -12.75 -100.75
N LEU V 739 20.54 -12.58 -99.49
CA LEU V 739 19.42 -13.33 -98.95
C LEU V 739 18.15 -12.90 -99.66
N THR V 740 17.12 -13.72 -99.58
CA THR V 740 15.85 -13.42 -100.22
C THR V 740 14.71 -13.50 -99.22
N ARG V 741 13.60 -12.89 -99.58
CA ARG V 741 12.37 -13.01 -98.81
C ARG V 741 11.20 -12.89 -99.77
N PRO V 742 10.05 -13.46 -99.43
CA PRO V 742 8.89 -13.36 -100.33
C PRO V 742 8.34 -11.95 -100.41
N LEU V 743 7.82 -11.61 -101.58
CA LEU V 743 7.37 -10.26 -101.85
C LEU V 743 6.04 -9.96 -101.15
N ASP W 219 49.48 25.46 -66.76
CA ASP W 219 48.95 24.11 -66.63
C ASP W 219 49.77 23.10 -67.44
N GLY W 220 50.86 23.57 -68.04
CA GLY W 220 51.79 22.70 -68.74
C GLY W 220 52.06 23.17 -70.15
N VAL W 221 53.12 22.59 -70.72
CA VAL W 221 53.51 22.89 -72.09
C VAL W 221 52.52 22.29 -73.09
N GLY W 222 52.07 21.06 -72.84
CA GLY W 222 51.26 20.35 -73.81
C GLY W 222 49.76 20.39 -73.55
N ASN W 223 49.33 21.34 -72.74
CA ASN W 223 47.92 21.48 -72.38
C ASN W 223 47.48 22.89 -72.73
N ALA W 224 46.42 23.01 -73.53
CA ALA W 224 45.91 24.32 -73.90
C ALA W 224 45.24 24.99 -72.71
N SER W 225 45.47 26.28 -72.55
CA SER W 225 44.93 27.02 -71.42
C SER W 225 43.63 27.74 -71.74
N GLY W 226 43.06 27.53 -72.91
CA GLY W 226 41.77 28.10 -73.22
C GLY W 226 41.27 27.59 -74.54
N ASN W 227 40.00 27.88 -74.80
CA ASN W 227 39.33 27.45 -76.01
C ASN W 227 38.90 28.67 -76.81
N TRP W 228 38.54 28.43 -78.07
CA TRP W 228 38.06 29.48 -78.95
C TRP W 228 36.60 29.74 -78.66
N HIS W 229 36.29 30.91 -78.13
CA HIS W 229 34.93 31.30 -77.80
C HIS W 229 34.56 32.52 -78.64
N CYS W 230 33.97 32.28 -79.80
CA CYS W 230 33.51 33.34 -80.67
C CYS W 230 32.06 33.05 -81.04
N ASP W 231 31.14 33.82 -80.50
CA ASP W 231 29.73 33.48 -80.57
C ASP W 231 28.92 34.74 -80.32
N SER W 232 27.60 34.60 -80.40
CA SER W 232 26.68 35.68 -80.04
C SER W 232 25.36 35.04 -79.63
N THR W 233 24.96 35.27 -78.39
CA THR W 233 23.74 34.69 -77.83
C THR W 233 22.74 35.80 -77.59
N TRP W 234 21.54 35.65 -78.11
CA TRP W 234 20.49 36.63 -77.98
C TRP W 234 19.45 36.11 -77.00
N LEU W 235 19.37 36.74 -75.85
CA LEU W 235 18.33 36.46 -74.88
C LEU W 235 17.19 37.46 -75.11
N GLY W 236 16.23 37.51 -74.20
CA GLY W 236 15.10 38.40 -74.41
C GLY W 236 15.50 39.86 -74.43
N ASP W 237 16.23 40.31 -73.41
CA ASP W 237 16.63 41.70 -73.32
C ASP W 237 18.13 41.89 -73.26
N ARG W 238 18.91 40.84 -73.37
CA ARG W 238 20.36 40.90 -73.38
C ARG W 238 20.87 40.29 -74.67
N VAL W 239 22.07 40.71 -75.06
CA VAL W 239 22.84 39.99 -76.06
C VAL W 239 24.27 39.86 -75.54
N ILE W 240 24.82 38.66 -75.61
CA ILE W 240 26.18 38.41 -75.16
C ILE W 240 27.02 38.11 -76.39
N THR W 241 28.02 38.94 -76.64
CA THR W 241 28.92 38.78 -77.78
C THR W 241 30.29 38.34 -77.28
N THR W 242 30.79 37.24 -77.82
CA THR W 242 32.12 36.73 -77.51
C THR W 242 32.98 36.77 -78.76
N SER W 243 34.24 37.18 -78.61
CA SER W 243 35.16 37.29 -79.72
C SER W 243 36.53 36.80 -79.30
N THR W 244 37.07 35.85 -80.05
CA THR W 244 38.44 35.38 -79.87
C THR W 244 39.25 35.77 -81.10
N ARG W 245 40.47 36.23 -80.86
CA ARG W 245 41.39 36.63 -81.91
C ARG W 245 42.78 36.12 -81.58
N THR W 246 43.61 36.01 -82.61
CA THR W 246 45.00 35.62 -82.46
C THR W 246 45.86 36.88 -82.58
N TRP W 247 46.70 37.12 -81.59
CA TRP W 247 47.54 38.29 -81.53
C TRP W 247 49.00 37.93 -81.57
N ALA W 248 49.79 38.85 -82.10
CA ALA W 248 51.25 38.80 -82.08
C ALA W 248 51.78 40.07 -81.42
N LEU W 249 52.65 39.90 -80.43
CA LEU W 249 53.24 40.99 -79.69
C LEU W 249 54.74 40.98 -79.90
N PRO W 250 55.32 42.01 -80.50
CA PRO W 250 56.77 42.06 -80.66
C PRO W 250 57.45 42.70 -79.45
N THR W 251 58.76 42.85 -79.53
CA THR W 251 59.49 43.66 -78.56
C THR W 251 59.56 45.09 -79.07
N TYR W 252 59.12 46.03 -78.26
CA TYR W 252 59.06 47.44 -78.64
C TYR W 252 60.20 48.18 -77.98
N ASN W 253 60.90 49.02 -78.75
CA ASN W 253 61.94 49.93 -78.27
C ASN W 253 63.17 49.22 -77.74
N ASN W 254 63.33 47.93 -78.02
CA ASN W 254 64.38 47.11 -77.40
C ASN W 254 64.27 47.17 -75.87
N HIS W 255 63.05 47.04 -75.37
CA HIS W 255 62.76 47.02 -73.93
C HIS W 255 63.11 48.34 -73.25
N LEU W 256 63.08 49.43 -74.00
CA LEU W 256 63.49 50.72 -73.46
C LEU W 256 62.31 51.66 -73.38
N TYR W 257 62.36 52.55 -72.40
CA TYR W 257 61.47 53.71 -72.33
C TYR W 257 62.17 54.86 -73.00
N LYS W 258 61.52 55.48 -73.98
CA LYS W 258 62.13 56.55 -74.73
C LYS W 258 61.29 57.81 -74.62
N GLN W 259 61.96 58.95 -74.51
CA GLN W 259 61.29 60.23 -74.47
C GLN W 259 61.13 60.75 -75.89
N ILE W 260 59.90 61.07 -76.26
CA ILE W 260 59.59 61.51 -77.62
C ILE W 260 59.03 62.92 -77.56
N SER W 261 59.36 63.71 -78.58
CA SER W 261 58.85 65.06 -78.70
C SER W 261 58.86 65.46 -80.16
N SER W 262 58.54 66.72 -80.44
CA SER W 262 58.49 67.24 -81.80
C SER W 262 59.71 68.06 -82.16
N ALA W 263 60.74 68.07 -81.30
CA ALA W 263 61.90 68.92 -81.54
C ALA W 263 62.64 68.53 -82.81
N SER W 264 62.85 67.23 -83.03
CA SER W 264 63.49 66.80 -84.27
C SER W 264 62.53 66.88 -85.43
N THR W 265 61.23 66.71 -85.19
CA THR W 265 60.25 66.79 -86.26
C THR W 265 60.20 68.19 -86.87
N GLY W 266 60.37 69.23 -86.05
CA GLY W 266 60.26 70.58 -86.56
C GLY W 266 58.85 70.94 -86.99
N ALA W 267 57.86 70.59 -86.19
CA ALA W 267 56.47 70.81 -86.53
C ALA W 267 56.07 72.25 -86.23
N SER W 268 54.83 72.58 -86.59
CA SER W 268 54.28 73.89 -86.26
C SER W 268 53.93 73.96 -84.77
N ASN W 269 53.63 75.17 -84.31
CA ASN W 269 53.31 75.36 -82.90
C ASN W 269 52.09 74.57 -82.49
N ASP W 270 51.16 74.33 -83.42
CA ASP W 270 49.95 73.59 -83.12
C ASP W 270 50.19 72.09 -82.97
N ASN W 271 51.29 71.58 -83.52
CA ASN W 271 51.56 70.14 -83.54
C ASN W 271 52.67 69.74 -82.59
N HIS W 272 53.11 70.66 -81.73
CA HIS W 272 54.16 70.34 -80.77
C HIS W 272 53.65 69.37 -79.72
N TYR W 273 54.52 68.48 -79.26
CA TYR W 273 54.15 67.53 -78.23
C TYR W 273 55.38 67.07 -77.47
N PHE W 274 55.14 66.50 -76.30
CA PHE W 274 56.16 65.90 -75.47
C PHE W 274 55.54 64.69 -74.80
N GLY W 275 56.25 63.58 -74.79
CA GLY W 275 55.70 62.39 -74.18
C GLY W 275 56.71 61.28 -74.09
N TYR W 276 56.20 60.07 -73.90
CA TYR W 276 57.04 58.90 -73.70
C TYR W 276 56.50 57.73 -74.49
N SER W 277 57.43 56.91 -74.98
CA SER W 277 57.16 55.65 -75.66
C SER W 277 57.59 54.52 -74.74
N THR W 278 56.68 53.62 -74.42
CA THR W 278 57.05 52.53 -73.54
C THR W 278 57.30 51.26 -74.33
N PRO W 279 58.00 50.28 -73.77
CA PRO W 279 58.13 48.98 -74.42
C PRO W 279 56.90 48.09 -74.33
N TRP W 280 55.81 48.57 -73.76
CA TRP W 280 54.60 47.80 -73.60
C TRP W 280 53.66 47.97 -74.79
N GLY W 281 52.85 46.95 -75.04
CA GLY W 281 51.71 47.05 -75.90
C GLY W 281 50.44 47.01 -75.07
N TYR W 282 49.33 47.31 -75.72
CA TYR W 282 48.05 47.29 -75.02
C TYR W 282 47.01 46.59 -75.88
N PHE W 283 45.97 46.09 -75.22
CA PHE W 283 44.87 45.42 -75.87
C PHE W 283 43.72 46.40 -76.05
N ASP W 284 43.21 46.48 -77.27
CA ASP W 284 42.14 47.41 -77.62
C ASP W 284 41.00 46.64 -78.27
N PHE W 285 39.81 46.79 -77.71
CA PHE W 285 38.59 46.25 -78.32
C PHE W 285 37.50 47.30 -78.25
N ASN W 286 37.85 48.53 -78.56
CA ASN W 286 36.95 49.68 -78.47
C ASN W 286 36.33 50.04 -79.81
N ARG W 287 35.99 49.05 -80.61
CA ARG W 287 35.19 49.25 -81.81
C ARG W 287 34.06 48.24 -81.81
N PHE W 288 32.94 48.60 -82.44
CA PHE W 288 31.77 47.74 -82.37
C PHE W 288 31.93 46.47 -83.18
N HIS W 289 32.72 46.51 -84.26
CA HIS W 289 32.91 45.32 -85.07
C HIS W 289 33.90 44.33 -84.48
N CYS W 290 34.58 44.69 -83.40
CA CYS W 290 35.34 43.70 -82.63
C CYS W 290 34.41 42.72 -81.92
N HIS W 291 33.14 43.05 -81.80
CA HIS W 291 32.18 42.26 -81.04
C HIS W 291 30.97 41.82 -81.85
N PHE W 292 30.52 42.62 -82.80
CA PHE W 292 29.33 42.30 -83.59
C PHE W 292 29.75 41.94 -85.01
N SER W 293 29.23 40.82 -85.50
CA SER W 293 29.26 40.58 -86.93
C SER W 293 28.28 41.53 -87.60
N PRO W 294 28.42 41.76 -88.90
CA PRO W 294 27.42 42.61 -89.58
C PRO W 294 26.00 42.09 -89.47
N ARG W 295 25.81 40.77 -89.48
CA ARG W 295 24.50 40.20 -89.27
C ARG W 295 23.97 40.51 -87.88
N ASP W 296 24.81 40.39 -86.85
CA ASP W 296 24.40 40.70 -85.49
C ASP W 296 24.10 42.19 -85.34
N TRP W 297 24.88 43.04 -85.98
CA TRP W 297 24.62 44.47 -85.95
C TRP W 297 23.29 44.80 -86.59
N GLN W 298 22.99 44.18 -87.74
CA GLN W 298 21.70 44.39 -88.39
C GLN W 298 20.56 43.90 -87.50
N ARG W 299 20.73 42.74 -86.88
CA ARG W 299 19.72 42.22 -85.97
C ARG W 299 19.48 43.16 -84.80
N LEU W 300 20.53 43.77 -84.28
CA LEU W 300 20.40 44.72 -83.18
C LEU W 300 19.67 45.99 -83.64
N ILE W 301 20.13 46.60 -84.72
CA ILE W 301 19.65 47.91 -85.11
C ILE W 301 18.28 47.87 -85.77
N ASN W 302 17.87 46.74 -86.32
CA ASN W 302 16.55 46.65 -86.93
C ASN W 302 15.46 46.35 -85.93
N ASN W 303 15.81 46.00 -84.70
CA ASN W 303 14.84 45.50 -83.75
C ASN W 303 14.86 46.20 -82.41
N ASN W 304 15.89 46.96 -82.08
CA ASN W 304 16.01 47.53 -80.75
C ASN W 304 15.97 49.05 -80.82
N TRP W 305 15.27 49.65 -79.86
CA TRP W 305 15.25 51.09 -79.72
C TRP W 305 16.48 51.62 -79.02
N GLY W 306 17.18 50.80 -78.26
CA GLY W 306 18.40 51.28 -77.64
C GLY W 306 19.23 50.13 -77.12
N PHE W 307 20.47 50.45 -76.78
CA PHE W 307 21.32 49.40 -76.19
C PHE W 307 22.43 50.03 -75.39
N ARG W 308 23.02 49.23 -74.50
CA ARG W 308 24.14 49.70 -73.70
C ARG W 308 24.92 48.50 -73.18
N PRO W 309 26.18 48.67 -72.80
CA PRO W 309 26.95 47.56 -72.25
C PRO W 309 26.79 47.41 -70.74
N LYS W 310 26.65 46.15 -70.31
CA LYS W 310 26.49 45.75 -68.93
C LYS W 310 27.77 45.19 -68.33
N ARG W 311 28.39 44.21 -68.95
CA ARG W 311 29.59 43.66 -68.31
C ARG W 311 30.51 43.06 -69.36
N LEU W 312 31.76 42.80 -68.96
CA LEU W 312 32.69 42.16 -69.87
C LEU W 312 33.65 41.25 -69.12
N ASN W 313 34.11 40.23 -69.83
CA ASN W 313 35.15 39.30 -69.43
C ASN W 313 36.26 39.34 -70.46
N PHE W 314 37.50 39.34 -69.98
CA PHE W 314 38.68 39.37 -70.81
C PHE W 314 39.54 38.17 -70.43
N LYS W 315 39.99 37.42 -71.42
CA LYS W 315 40.86 36.29 -71.20
C LYS W 315 42.01 36.32 -72.19
N LEU W 316 43.18 35.91 -71.70
CA LEU W 316 44.41 35.84 -72.48
C LEU W 316 44.98 34.45 -72.28
N PHE W 317 45.13 33.69 -73.35
CA PHE W 317 45.44 32.27 -73.19
C PHE W 317 46.27 31.79 -74.37
N ASN W 318 46.88 30.62 -74.19
CA ASN W 318 47.69 29.95 -75.20
C ASN W 318 48.88 30.79 -75.60
N ILE W 319 49.68 31.19 -74.61
CA ILE W 319 50.85 32.03 -74.84
C ILE W 319 51.97 31.20 -75.44
N GLN W 320 52.59 31.71 -76.49
CA GLN W 320 53.76 31.10 -77.08
C GLN W 320 54.81 32.16 -77.30
N VAL W 321 55.94 32.04 -76.63
CA VAL W 321 57.07 32.93 -76.84
C VAL W 321 58.01 32.29 -77.85
N LYS W 322 58.39 33.05 -78.86
CA LYS W 322 59.23 32.57 -79.94
C LYS W 322 60.52 33.38 -79.99
N GLU W 323 61.64 32.67 -80.01
CA GLU W 323 62.97 33.22 -80.19
C GLU W 323 63.32 33.30 -81.67
N VAL W 324 63.91 34.42 -82.08
CA VAL W 324 64.26 34.67 -83.47
C VAL W 324 65.75 34.94 -83.58
N THR W 325 66.42 34.23 -84.50
CA THR W 325 67.82 34.47 -84.81
C THR W 325 67.97 34.62 -86.32
N THR W 326 68.57 35.72 -86.76
CA THR W 326 68.85 35.93 -88.18
C THR W 326 70.37 35.84 -88.38
N ASN W 327 70.79 34.84 -89.16
CA ASN W 327 72.19 34.64 -89.50
C ASN W 327 72.34 34.50 -91.00
N ASP W 328 73.28 35.26 -91.57
CA ASP W 328 73.58 35.20 -93.00
C ASP W 328 72.33 35.45 -93.85
N GLY W 329 71.37 36.18 -93.29
CA GLY W 329 70.15 36.52 -93.99
C GLY W 329 69.00 35.55 -93.79
N VAL W 330 69.25 34.37 -93.23
CA VAL W 330 68.20 33.38 -93.00
C VAL W 330 67.77 33.43 -91.54
N THR W 331 66.47 33.30 -91.31
CA THR W 331 65.86 33.51 -90.02
C THR W 331 65.36 32.19 -89.45
N THR W 332 65.76 31.89 -88.22
CA THR W 332 65.31 30.73 -87.48
C THR W 332 64.41 31.19 -86.34
N ILE W 333 63.27 30.52 -86.21
CA ILE W 333 62.33 30.78 -85.11
C ILE W 333 62.21 29.49 -84.31
N ALA W 334 62.38 29.60 -83.00
CA ALA W 334 62.24 28.46 -82.11
C ALA W 334 61.30 28.82 -80.97
N ASN W 335 60.85 27.81 -80.24
CA ASN W 335 60.04 28.05 -79.07
C ASN W 335 60.93 28.32 -77.87
N ASN W 336 60.55 29.31 -77.07
CA ASN W 336 61.22 29.60 -75.81
C ASN W 336 60.24 29.23 -74.71
N LEU W 337 60.40 28.01 -74.16
CA LEU W 337 59.41 27.48 -73.25
C LEU W 337 59.45 28.12 -71.87
N THR W 338 60.54 28.80 -71.51
CA THR W 338 60.69 29.36 -70.18
C THR W 338 60.57 30.87 -70.14
N SER W 339 60.20 31.50 -71.23
CA SER W 339 60.04 32.95 -71.25
C SER W 339 58.62 33.34 -70.83
N THR W 340 58.49 34.59 -70.39
CA THR W 340 57.23 35.09 -69.85
C THR W 340 56.77 36.34 -70.59
N VAL W 341 55.46 36.56 -70.55
CA VAL W 341 54.86 37.84 -70.88
C VAL W 341 54.26 38.42 -69.61
N GLN W 342 54.52 39.70 -69.36
CA GLN W 342 53.92 40.41 -68.25
C GLN W 342 52.63 41.07 -68.72
N VAL W 343 51.55 40.85 -67.97
CA VAL W 343 50.25 41.42 -68.26
C VAL W 343 49.72 42.08 -67.01
N PHE W 344 49.16 43.28 -67.14
CA PHE W 344 48.42 43.84 -66.02
C PHE W 344 47.30 44.72 -66.55
N SER W 345 46.27 44.85 -65.72
CA SER W 345 45.13 45.70 -66.00
C SER W 345 45.23 46.94 -65.12
N ASP W 346 45.05 48.12 -65.73
CA ASP W 346 45.16 49.38 -64.99
C ASP W 346 43.78 49.73 -64.43
N SER W 347 43.39 48.98 -63.40
CA SER W 347 42.04 49.05 -62.88
C SER W 347 41.77 50.31 -62.07
N GLU W 348 42.81 51.00 -61.59
CA GLU W 348 42.65 52.22 -60.82
C GLU W 348 42.87 53.47 -61.65
N TYR W 349 43.06 53.32 -62.96
CA TYR W 349 43.18 54.45 -63.88
C TYR W 349 44.31 55.39 -63.44
N GLN W 350 45.44 54.80 -63.09
CA GLN W 350 46.61 55.55 -62.67
C GLN W 350 47.52 55.92 -63.83
N LEU W 351 47.24 55.43 -65.00
CA LEU W 351 47.99 55.67 -66.22
C LEU W 351 47.21 56.60 -67.13
N PRO W 352 47.90 57.29 -68.04
CA PRO W 352 47.17 58.02 -69.09
C PRO W 352 46.35 57.07 -69.94
N TYR W 353 45.09 57.44 -70.17
CA TYR W 353 44.16 56.61 -70.92
C TYR W 353 44.26 56.97 -72.39
N VAL W 354 44.93 56.13 -73.17
CA VAL W 354 45.08 56.39 -74.60
C VAL W 354 43.99 55.72 -75.43
N LEU W 355 43.19 54.84 -74.82
CA LEU W 355 42.00 54.35 -75.51
C LEU W 355 41.00 55.49 -75.61
N GLY W 356 40.05 55.33 -76.51
CA GLY W 356 39.08 56.38 -76.72
C GLY W 356 39.56 57.53 -77.56
N SER W 357 40.69 57.37 -78.25
CA SER W 357 41.15 58.35 -79.23
C SER W 357 41.06 57.82 -80.66
N ALA W 358 40.34 56.71 -80.85
CA ALA W 358 40.09 56.12 -82.17
C ALA W 358 41.37 55.72 -82.87
N HIS W 359 42.19 54.92 -82.19
CA HIS W 359 43.46 54.48 -82.74
C HIS W 359 43.34 53.11 -83.38
N GLN W 360 44.26 52.83 -84.28
CA GLN W 360 44.38 51.50 -84.85
C GLN W 360 44.93 50.52 -83.82
N GLY W 361 44.76 49.24 -84.10
CA GLY W 361 45.27 48.23 -83.20
C GLY W 361 44.22 47.47 -82.44
N CYS W 362 42.95 47.71 -82.74
CA CYS W 362 41.88 46.94 -82.13
C CYS W 362 41.86 45.52 -82.67
N LEU W 363 41.05 44.67 -82.06
CA LEU W 363 40.80 43.37 -82.63
C LEU W 363 40.20 43.54 -84.02
N PRO W 364 40.66 42.78 -85.01
CA PRO W 364 40.11 42.91 -86.36
C PRO W 364 38.65 42.52 -86.42
N PRO W 365 37.89 43.09 -87.36
CA PRO W 365 36.47 42.71 -87.47
C PRO W 365 36.27 41.24 -87.82
N PHE W 366 37.11 40.69 -88.67
CA PHE W 366 36.97 39.31 -89.10
C PHE W 366 37.68 38.38 -88.12
N PRO W 367 36.99 37.37 -87.57
CA PRO W 367 37.60 36.52 -86.54
C PRO W 367 38.79 35.71 -87.03
N ALA W 368 38.97 35.55 -88.34
CA ALA W 368 40.10 34.79 -88.86
C ALA W 368 41.37 35.60 -88.94
N ASP W 369 41.32 36.90 -88.69
CA ASP W 369 42.48 37.75 -88.88
C ASP W 369 43.37 37.75 -87.65
N VAL W 370 44.67 37.74 -87.88
CA VAL W 370 45.68 37.79 -86.83
C VAL W 370 46.21 39.20 -86.75
N PHE W 371 46.23 39.77 -85.55
CA PHE W 371 46.56 41.17 -85.41
C PHE W 371 47.77 41.39 -84.52
N MET W 372 48.52 42.44 -84.86
CA MET W 372 49.68 42.87 -84.10
C MET W 372 49.22 43.80 -82.99
N ILE W 373 49.84 43.67 -81.83
CA ILE W 373 49.45 44.47 -80.66
C ILE W 373 50.12 45.83 -80.75
N PRO W 374 49.37 46.92 -80.61
CA PRO W 374 49.97 48.26 -80.73
C PRO W 374 50.80 48.66 -79.52
N GLN W 375 51.79 49.51 -79.78
CA GLN W 375 52.68 49.95 -78.72
C GLN W 375 52.02 51.01 -77.85
N TYR W 376 52.35 50.98 -76.56
CA TYR W 376 51.82 51.97 -75.63
C TYR W 376 52.75 53.18 -75.56
N GLY W 377 52.14 54.36 -75.60
CA GLY W 377 52.86 55.60 -75.41
C GLY W 377 51.86 56.63 -74.97
N TYR W 378 52.36 57.68 -74.34
CA TYR W 378 51.48 58.72 -73.85
C TYR W 378 52.14 60.07 -74.05
N LEU W 379 51.34 61.12 -73.93
CA LEU W 379 51.80 62.49 -73.98
C LEU W 379 51.58 63.13 -72.61
N THR W 380 52.43 64.08 -72.29
CA THR W 380 52.32 64.82 -71.04
C THR W 380 52.35 66.30 -71.34
N LEU W 381 52.29 67.11 -70.30
CA LEU W 381 52.29 68.56 -70.47
C LEU W 381 53.53 69.00 -71.22
N ASN W 382 53.35 69.87 -72.20
CA ASN W 382 54.46 70.36 -73.01
C ASN W 382 54.35 71.86 -73.19
N ASN W 383 55.51 72.50 -73.29
CA ASN W 383 55.66 73.92 -73.59
C ASN W 383 56.44 73.99 -74.89
N GLY W 384 55.73 73.88 -76.01
CA GLY W 384 56.40 73.67 -77.28
C GLY W 384 56.83 72.23 -77.38
N SER W 385 58.10 72.02 -77.73
CA SER W 385 58.66 70.69 -77.73
C SER W 385 59.31 70.33 -76.40
N GLN W 386 59.21 71.20 -75.40
CA GLN W 386 59.82 70.99 -74.10
C GLN W 386 58.79 70.51 -73.10
N ALA W 387 59.28 70.07 -71.95
CA ALA W 387 58.43 69.65 -70.84
C ALA W 387 58.29 70.77 -69.84
N VAL W 388 57.54 70.52 -68.78
CA VAL W 388 57.41 71.44 -67.66
C VAL W 388 57.66 70.65 -66.38
N GLY W 389 57.57 71.33 -65.24
CA GLY W 389 57.75 70.66 -63.97
C GLY W 389 56.67 69.67 -63.66
N ARG W 390 55.44 69.95 -64.08
CA ARG W 390 54.30 69.10 -63.82
C ARG W 390 54.11 68.02 -64.88
N SER W 391 55.01 67.94 -65.85
CA SER W 391 55.00 66.83 -66.78
C SER W 391 55.29 65.54 -66.04
N SER W 392 54.46 64.53 -66.27
CA SER W 392 54.58 63.27 -65.55
C SER W 392 55.32 62.23 -66.38
N PHE W 393 55.96 61.31 -65.68
CA PHE W 393 56.57 60.14 -66.29
C PHE W 393 56.04 58.92 -65.54
N TYR W 394 55.71 57.88 -66.28
CA TYR W 394 55.16 56.66 -65.71
C TYR W 394 56.01 55.49 -66.14
N CYS W 395 56.63 54.82 -65.18
CA CYS W 395 57.21 53.51 -65.44
C CYS W 395 56.11 52.47 -65.26
N LEU W 396 55.85 51.70 -66.31
CA LEU W 396 54.83 50.67 -66.23
C LEU W 396 55.33 49.41 -65.53
N GLU W 397 56.63 49.27 -65.33
CA GLU W 397 57.16 48.22 -64.49
C GLU W 397 56.96 48.51 -63.02
N TYR W 398 56.54 49.72 -62.68
CA TYR W 398 56.20 50.11 -61.32
C TYR W 398 54.80 49.68 -60.94
N PHE W 399 54.22 48.72 -61.65
CA PHE W 399 52.93 48.13 -61.37
C PHE W 399 53.10 46.65 -61.06
N PRO W 400 52.21 46.07 -60.28
CA PRO W 400 52.17 44.60 -60.17
C PRO W 400 51.66 43.98 -61.47
N SER W 401 52.46 43.09 -62.04
CA SER W 401 52.11 42.40 -63.26
C SER W 401 52.03 40.91 -62.99
N GLN W 402 51.18 40.22 -63.74
CA GLN W 402 51.17 38.77 -63.75
C GLN W 402 52.11 38.30 -64.85
N MET W 403 53.04 37.42 -64.49
CA MET W 403 53.98 36.84 -65.43
C MET W 403 53.43 35.51 -65.91
N LEU W 404 53.34 35.35 -67.23
CA LEU W 404 52.69 34.21 -67.85
C LEU W 404 53.73 33.46 -68.67
N ARG W 405 53.94 32.19 -68.33
CA ARG W 405 54.68 31.28 -69.18
C ARG W 405 53.69 30.61 -70.13
N THR W 406 54.16 29.64 -70.90
CA THR W 406 53.32 29.10 -71.97
C THR W 406 52.13 28.31 -71.45
N GLY W 407 52.10 27.95 -70.18
CA GLY W 407 50.97 27.20 -69.65
C GLY W 407 50.00 28.03 -68.84
N ASN W 408 50.24 29.33 -68.73
CA ASN W 408 49.43 30.21 -67.90
C ASN W 408 48.44 31.00 -68.76
N ASN W 409 47.38 31.46 -68.09
CA ASN W 409 46.41 32.35 -68.71
C ASN W 409 46.12 33.51 -67.77
N PHE W 410 45.39 34.48 -68.28
CA PHE W 410 45.07 35.72 -67.58
C PHE W 410 43.59 36.00 -67.75
N THR W 411 42.89 36.29 -66.67
CA THR W 411 41.47 36.60 -66.74
C THR W 411 41.20 37.91 -66.01
N PHE W 412 40.13 38.59 -66.42
CA PHE W 412 39.78 39.86 -65.83
C PHE W 412 38.32 40.17 -66.11
N SER W 413 37.57 40.51 -65.08
CA SER W 413 36.17 40.86 -65.22
C SER W 413 35.95 42.34 -64.94
N TYR W 414 34.94 42.92 -65.59
CA TYR W 414 34.64 44.33 -65.41
C TYR W 414 33.15 44.54 -65.56
N THR W 415 32.60 45.42 -64.73
CA THR W 415 31.20 45.80 -64.79
C THR W 415 31.09 47.26 -65.21
N PHE W 416 30.27 47.51 -66.22
CA PHE W 416 30.02 48.88 -66.65
C PHE W 416 29.13 49.61 -65.64
N GLU W 417 29.39 50.90 -65.49
CA GLU W 417 28.49 51.75 -64.73
C GLU W 417 27.18 51.92 -65.48
N GLU W 418 26.16 52.39 -64.76
CA GLU W 418 24.84 52.60 -65.37
C GLU W 418 24.94 53.81 -66.29
N VAL W 419 25.11 53.54 -67.57
CA VAL W 419 25.20 54.55 -68.62
C VAL W 419 23.84 54.59 -69.30
N PRO W 420 23.41 55.71 -69.87
CA PRO W 420 22.16 55.71 -70.62
C PRO W 420 22.25 54.86 -71.89
N PHE W 421 21.10 54.31 -72.28
CA PHE W 421 21.02 53.58 -73.54
C PHE W 421 21.38 54.50 -74.69
N HIS W 422 22.17 53.97 -75.61
CA HIS W 422 22.30 54.64 -76.91
C HIS W 422 21.02 54.45 -77.69
N SER W 423 20.64 55.50 -78.41
CA SER W 423 19.38 55.60 -79.14
C SER W 423 19.54 55.00 -80.53
N SER W 424 18.99 53.81 -80.75
CA SER W 424 18.98 53.19 -82.05
C SER W 424 17.75 53.57 -82.85
N TYR W 425 17.21 54.76 -82.62
CA TYR W 425 15.99 55.19 -83.28
C TYR W 425 16.19 56.58 -83.87
N ALA W 426 15.40 56.88 -84.89
CA ALA W 426 15.14 58.23 -85.35
C ALA W 426 13.79 58.69 -84.80
N HIS W 427 13.53 59.98 -84.96
CA HIS W 427 12.26 60.56 -84.54
C HIS W 427 11.32 60.68 -85.71
N SER W 428 10.07 60.28 -85.50
CA SER W 428 9.03 60.38 -86.53
C SER W 428 8.46 61.78 -86.64
N GLN W 429 8.76 62.66 -85.70
CA GLN W 429 8.29 64.03 -85.72
C GLN W 429 9.48 64.97 -85.65
N SER W 430 9.30 66.17 -86.18
CA SER W 430 10.27 67.24 -86.05
C SER W 430 9.91 68.11 -84.86
N LEU W 431 10.92 68.78 -84.32
CA LEU W 431 10.71 69.56 -83.10
C LEU W 431 9.81 70.77 -83.34
N ASP W 432 9.85 71.34 -84.54
CA ASP W 432 9.00 72.46 -84.88
C ASP W 432 7.67 72.03 -85.47
N ARG W 433 7.31 70.76 -85.33
CA ARG W 433 6.08 70.21 -85.88
C ARG W 433 5.40 69.31 -84.86
N LEU W 434 5.35 69.75 -83.61
CA LEU W 434 4.82 68.95 -82.53
C LEU W 434 3.37 69.30 -82.19
N MET W 435 2.73 70.13 -82.99
CA MET W 435 1.41 70.65 -82.70
C MET W 435 0.33 69.80 -83.36
N ASN W 436 -0.90 70.01 -82.91
CA ASN W 436 -2.07 69.49 -83.61
C ASN W 436 -2.27 70.33 -84.86
N PRO W 437 -2.26 69.74 -86.05
CA PRO W 437 -2.43 70.52 -87.29
C PRO W 437 -3.87 70.90 -87.61
N LEU W 438 -4.83 70.61 -86.72
CA LEU W 438 -6.22 70.93 -86.96
C LEU W 438 -6.75 72.02 -86.05
N ILE W 439 -6.19 72.18 -84.87
CA ILE W 439 -6.71 73.08 -83.85
C ILE W 439 -5.84 74.32 -83.79
N ASP W 440 -6.47 75.47 -83.56
CA ASP W 440 -5.74 76.71 -83.35
C ASP W 440 -5.18 76.74 -81.93
N GLN W 441 -4.39 77.77 -81.65
CA GLN W 441 -3.88 78.01 -80.32
C GLN W 441 -4.73 79.05 -79.60
N TYR W 442 -4.55 79.14 -78.30
CA TYR W 442 -5.14 80.25 -77.55
C TYR W 442 -4.13 81.35 -77.29
N LEU W 443 -2.93 81.24 -77.85
CA LEU W 443 -1.87 82.23 -77.70
C LEU W 443 -1.79 83.09 -78.94
N TYR W 444 -1.61 84.39 -78.74
CA TYR W 444 -1.50 85.34 -79.83
C TYR W 444 -0.06 85.77 -80.01
N TYR W 445 0.26 86.23 -81.21
CA TYR W 445 1.57 86.75 -81.53
C TYR W 445 1.41 88.00 -82.36
N LEU W 446 2.41 88.86 -82.32
CA LEU W 446 2.40 90.05 -83.14
C LEU W 446 2.64 89.65 -84.60
N ASN W 447 1.66 89.92 -85.46
CA ASN W 447 1.70 89.49 -86.85
C ASN W 447 2.07 90.61 -87.80
N ARG W 448 1.53 91.80 -87.60
CA ARG W 448 1.83 92.95 -88.45
C ARG W 448 2.16 94.15 -87.58
N THR W 449 3.17 94.91 -87.98
CA THR W 449 3.40 96.24 -87.44
C THR W 449 3.09 97.33 -88.46
N GLN W 450 2.45 96.99 -89.56
CA GLN W 450 1.97 97.94 -90.55
C GLN W 450 0.55 97.58 -90.93
N ASN W 451 -0.15 98.53 -91.53
CA ASN W 451 -1.53 98.28 -91.94
C ASN W 451 -1.58 97.27 -93.06
N GLN W 452 -2.54 96.34 -92.95
CA GLN W 452 -2.66 95.27 -93.93
C GLN W 452 -3.24 95.74 -95.25
N SER W 453 -4.06 96.80 -95.25
CA SER W 453 -4.75 97.22 -96.47
C SER W 453 -3.76 97.63 -97.56
N GLY W 454 -2.75 98.42 -97.21
CA GLY W 454 -1.74 98.83 -98.16
C GLY W 454 -2.01 100.10 -98.91
N SER W 455 -3.25 100.61 -98.88
CA SER W 455 -3.55 101.89 -99.52
C SER W 455 -2.75 103.00 -98.87
N ALA W 456 -2.68 102.99 -97.54
CA ALA W 456 -1.73 103.78 -96.79
C ALA W 456 -0.65 102.87 -96.22
N GLN W 457 0.44 103.47 -95.75
CA GLN W 457 1.58 102.76 -95.20
C GLN W 457 1.77 103.05 -93.72
N ASN W 458 0.67 103.05 -92.97
CA ASN W 458 0.72 103.41 -91.56
C ASN W 458 1.13 102.22 -90.70
N LYS W 459 1.73 102.53 -89.56
CA LYS W 459 2.10 101.49 -88.62
C LYS W 459 0.87 101.01 -87.86
N ASP W 460 1.02 99.90 -87.16
CA ASP W 460 -0.05 99.34 -86.36
C ASP W 460 0.53 98.28 -85.42
N LEU W 461 -0.37 97.65 -84.66
CA LEU W 461 -0.02 96.52 -83.80
C LEU W 461 -1.14 95.50 -83.96
N LEU W 462 -0.98 94.59 -84.90
CA LEU W 462 -1.99 93.60 -85.24
C LEU W 462 -1.53 92.23 -84.77
N PHE W 463 -2.39 91.54 -84.03
CA PHE W 463 -2.06 90.27 -83.42
C PHE W 463 -2.90 89.16 -84.04
N SER W 464 -2.27 88.03 -84.30
CA SER W 464 -2.95 86.88 -84.84
C SER W 464 -2.87 85.72 -83.87
N ARG W 465 -3.80 84.79 -84.04
CA ARG W 465 -3.84 83.57 -83.25
C ARG W 465 -3.01 82.48 -83.91
N GLY W 466 -2.31 81.70 -83.08
CA GLY W 466 -1.54 80.58 -83.58
C GLY W 466 -2.43 79.58 -84.29
N SER W 467 -2.20 79.40 -85.59
CA SER W 467 -3.05 78.60 -86.45
C SER W 467 -2.22 77.62 -87.25
N PRO W 468 -2.83 76.52 -87.72
CA PRO W 468 -2.09 75.57 -88.57
C PRO W 468 -1.66 76.16 -89.91
N ALA W 469 -2.24 77.28 -90.34
CA ALA W 469 -1.79 77.92 -91.56
C ALA W 469 -0.35 78.39 -91.42
N GLY W 470 -0.05 79.13 -90.36
CA GLY W 470 1.31 79.51 -90.09
C GLY W 470 1.87 78.75 -88.90
N MET W 471 2.67 77.71 -89.17
CA MET W 471 3.25 76.90 -88.13
C MET W 471 4.61 77.42 -87.68
N SER W 472 5.25 78.25 -88.50
CA SER W 472 6.55 78.79 -88.17
C SER W 472 6.48 79.87 -87.11
N VAL W 473 5.33 80.53 -86.94
CA VAL W 473 5.17 81.63 -86.01
C VAL W 473 4.42 81.24 -84.76
N GLN W 474 4.02 79.98 -84.64
CA GLN W 474 3.33 79.53 -83.45
C GLN W 474 4.29 79.52 -82.26
N PRO W 475 3.84 79.98 -81.08
CA PRO W 475 4.63 79.76 -79.87
C PRO W 475 4.89 78.27 -79.65
N LYS W 476 6.10 77.96 -79.20
CA LYS W 476 6.51 76.58 -78.98
C LYS W 476 7.19 76.46 -77.64
N ASN W 477 7.41 75.22 -77.21
CA ASN W 477 7.90 74.94 -75.86
C ASN W 477 9.39 74.62 -75.80
N TRP W 478 10.01 74.25 -76.90
CA TRP W 478 11.38 73.74 -76.89
C TRP W 478 12.19 74.38 -77.99
N LEU W 479 13.50 74.22 -77.89
CA LEU W 479 14.46 74.76 -78.83
C LEU W 479 15.37 73.65 -79.37
N PRO W 480 15.88 73.81 -80.59
CA PRO W 480 16.86 72.84 -81.10
C PRO W 480 18.17 72.93 -80.33
N GLY W 481 18.91 71.83 -80.36
CA GLY W 481 20.15 71.72 -79.63
C GLY W 481 21.19 72.76 -80.01
N PRO W 482 22.31 72.76 -79.30
CA PRO W 482 23.36 73.75 -79.56
C PRO W 482 24.06 73.47 -80.87
N CYS W 483 24.71 74.51 -81.40
CA CYS W 483 25.38 74.39 -82.69
C CYS W 483 26.74 75.07 -82.62
N TYR W 484 27.64 74.65 -83.50
CA TYR W 484 28.92 75.29 -83.72
C TYR W 484 29.26 75.13 -85.20
N ARG W 485 28.94 76.16 -85.98
CA ARG W 485 28.85 76.03 -87.42
C ARG W 485 30.16 75.55 -88.04
N GLN W 486 30.04 74.66 -89.03
CA GLN W 486 31.14 74.13 -89.80
C GLN W 486 31.07 74.67 -91.22
N GLN W 487 32.17 74.48 -91.96
CA GLN W 487 32.21 74.89 -93.35
C GLN W 487 31.63 73.80 -94.23
N ARG W 488 30.92 74.21 -95.28
CA ARG W 488 30.19 73.28 -96.13
C ARG W 488 31.05 72.90 -97.32
N VAL W 489 31.34 71.60 -97.44
CA VAL W 489 32.13 71.07 -98.54
C VAL W 489 31.24 70.17 -99.38
N SER W 490 31.33 70.32 -100.69
CA SER W 490 30.56 69.49 -101.61
C SER W 490 31.35 68.24 -101.98
N LYS W 491 30.67 67.10 -101.98
CA LYS W 491 31.27 65.86 -102.45
C LYS W 491 31.62 65.92 -103.94
N THR W 492 30.98 66.82 -104.68
CA THR W 492 31.35 67.10 -106.06
C THR W 492 32.37 68.23 -106.05
N LYS W 493 33.62 67.90 -106.39
CA LYS W 493 34.73 68.83 -106.14
C LYS W 493 34.65 70.10 -106.98
N THR W 494 33.91 70.11 -108.08
CA THR W 494 33.86 71.31 -108.91
C THR W 494 33.11 72.46 -108.26
N ASP W 495 32.23 72.18 -107.30
CA ASP W 495 31.48 73.23 -106.63
C ASP W 495 32.18 73.80 -105.42
N ASN W 496 33.38 73.33 -105.11
CA ASN W 496 34.14 73.85 -103.98
C ASN W 496 35.05 74.98 -104.45
N ASN W 497 35.35 75.88 -103.51
CA ASN W 497 36.22 77.01 -103.80
C ASN W 497 37.62 76.52 -104.18
N ASN W 498 38.27 77.25 -105.08
CA ASN W 498 39.61 76.89 -105.53
C ASN W 498 40.66 77.44 -104.55
N SER W 499 40.75 76.76 -103.42
CA SER W 499 41.75 77.04 -102.41
C SER W 499 41.82 75.84 -101.48
N ASN W 500 42.78 75.86 -100.56
CA ASN W 500 42.89 74.75 -99.62
C ASN W 500 41.85 74.86 -98.52
N PHE W 501 41.95 75.89 -97.69
CA PHE W 501 40.93 76.28 -96.70
C PHE W 501 40.49 75.13 -95.79
N THR W 502 41.23 74.02 -95.79
CA THR W 502 40.97 72.97 -94.81
C THR W 502 41.51 73.32 -93.43
N TRP W 503 42.43 74.26 -93.35
CA TRP W 503 42.89 74.75 -92.06
C TRP W 503 42.53 76.21 -91.84
N THR W 504 42.62 77.06 -92.87
CA THR W 504 42.31 78.46 -92.67
C THR W 504 40.81 78.71 -92.54
N GLY W 505 39.98 77.88 -93.16
CA GLY W 505 38.55 78.12 -93.14
C GLY W 505 37.78 77.16 -92.27
N ALA W 506 38.45 76.56 -91.30
CA ALA W 506 37.86 75.50 -90.50
C ALA W 506 37.56 75.95 -89.08
N SER W 507 36.53 75.34 -88.49
CA SER W 507 36.18 75.59 -87.11
C SER W 507 37.20 74.93 -86.20
N LYS W 508 37.87 75.72 -85.37
CA LYS W 508 38.89 75.18 -84.49
C LYS W 508 38.83 75.92 -83.17
N TYR W 509 39.42 75.31 -82.15
CA TYR W 509 39.43 75.91 -80.83
C TYR W 509 40.86 76.22 -80.39
N ASN W 510 40.96 77.21 -79.52
CA ASN W 510 42.24 77.69 -79.00
C ASN W 510 42.44 77.15 -77.61
N LEU W 511 43.59 76.51 -77.38
CA LEU W 511 43.92 75.96 -76.06
C LEU W 511 45.40 76.14 -75.79
N ASN W 512 45.73 76.99 -74.82
CA ASN W 512 47.12 77.26 -74.45
C ASN W 512 47.93 77.77 -75.63
N GLY W 513 47.28 78.54 -76.50
CA GLY W 513 47.96 79.18 -77.60
C GLY W 513 48.06 78.38 -78.87
N ARG W 514 47.63 77.13 -78.89
CA ARG W 514 47.67 76.33 -80.10
C ARG W 514 46.28 75.85 -80.47
N GLU W 515 46.00 75.89 -81.76
CA GLU W 515 44.67 75.64 -82.31
C GLU W 515 44.50 74.17 -82.63
N SER W 516 43.27 73.70 -82.47
CA SER W 516 42.93 72.30 -82.73
C SER W 516 41.60 72.28 -83.47
N ILE W 517 41.55 71.52 -84.57
CA ILE W 517 40.30 71.37 -85.31
C ILE W 517 39.27 70.69 -84.41
N ILE W 518 38.02 71.11 -84.51
CA ILE W 518 36.98 70.57 -83.65
C ILE W 518 36.80 69.08 -83.94
N ASN W 519 36.32 68.73 -85.13
CA ASN W 519 36.39 67.36 -85.66
C ASN W 519 35.97 66.28 -84.68
N PRO W 520 34.68 66.00 -84.51
CA PRO W 520 33.54 66.53 -85.25
C PRO W 520 32.68 67.49 -84.44
N GLY W 521 32.93 67.56 -83.14
CA GLY W 521 32.26 68.54 -82.32
C GLY W 521 30.80 68.22 -82.09
N THR W 522 29.99 69.27 -82.09
CA THR W 522 28.57 69.14 -81.74
C THR W 522 27.86 68.20 -82.69
N ALA W 523 26.93 67.43 -82.15
CA ALA W 523 26.14 66.49 -82.95
C ALA W 523 25.10 67.27 -83.72
N MET W 524 25.34 67.47 -85.02
CA MET W 524 24.45 68.23 -85.87
C MET W 524 24.19 67.45 -87.16
N ALA W 525 23.11 67.82 -87.82
CA ALA W 525 22.78 67.20 -89.09
C ALA W 525 23.83 67.53 -90.15
N SER W 526 24.21 66.54 -90.94
CA SER W 526 25.23 66.74 -91.96
C SER W 526 24.77 67.72 -93.03
N HIS W 527 23.52 67.65 -93.43
CA HIS W 527 23.00 68.50 -94.49
C HIS W 527 21.50 68.65 -94.30
N LYS W 528 20.87 69.41 -95.19
CA LYS W 528 19.43 69.57 -95.22
C LYS W 528 18.80 68.49 -96.08
N ASP W 529 17.51 68.64 -96.35
CA ASP W 529 16.83 67.79 -97.32
C ASP W 529 17.29 68.13 -98.72
N ASP W 530 17.45 67.09 -99.55
CA ASP W 530 17.82 67.25 -100.96
C ASP W 530 19.18 67.92 -101.11
N GLU W 531 20.09 67.69 -100.15
CA GLU W 531 21.39 68.32 -100.15
C GLU W 531 22.46 67.32 -99.73
N ASP W 532 22.30 66.06 -100.14
CA ASP W 532 23.23 65.01 -99.75
C ASP W 532 24.63 65.21 -100.31
N LYS W 533 24.80 66.09 -101.29
CA LYS W 533 26.09 66.37 -101.89
C LYS W 533 27.01 67.18 -101.00
N PHE W 534 26.51 67.72 -99.88
CA PHE W 534 27.28 68.56 -99.00
C PHE W 534 27.50 67.85 -97.66
N PHE W 535 28.69 68.06 -97.09
CA PHE W 535 28.99 67.60 -95.75
C PHE W 535 29.80 68.68 -95.04
N PRO W 536 29.69 68.76 -93.71
CA PRO W 536 30.54 69.68 -92.97
C PRO W 536 32.01 69.27 -93.07
N MET W 537 32.89 70.27 -93.12
CA MET W 537 34.28 70.00 -93.46
C MET W 537 34.93 69.08 -92.44
N SER W 538 34.65 69.27 -91.15
CA SER W 538 35.17 68.40 -90.12
C SER W 538 34.07 68.05 -89.12
N GLY W 539 32.89 67.74 -89.65
CA GLY W 539 31.75 67.46 -88.78
C GLY W 539 31.25 66.04 -88.89
N VAL W 540 31.93 65.22 -89.69
CA VAL W 540 31.47 63.87 -89.97
C VAL W 540 32.58 62.90 -89.67
N MET W 541 32.20 61.70 -89.26
CA MET W 541 33.15 60.61 -89.09
C MET W 541 33.44 59.97 -90.44
N ILE W 542 34.71 59.92 -90.82
CA ILE W 542 35.12 59.41 -92.11
C ILE W 542 35.94 58.15 -91.87
N PHE W 543 35.45 57.03 -92.38
CA PHE W 543 36.16 55.76 -92.31
C PHE W 543 36.82 55.48 -93.65
N GLY W 544 38.03 54.97 -93.61
CA GLY W 544 38.74 54.60 -94.82
C GLY W 544 38.41 53.17 -95.23
N LYS W 545 38.24 52.98 -96.53
CA LYS W 545 38.12 51.64 -97.05
C LYS W 545 39.48 50.97 -97.09
N GLU W 546 39.49 49.65 -97.25
CA GLU W 546 40.75 48.98 -97.50
C GLU W 546 41.31 49.45 -98.82
N SER W 547 42.64 49.50 -98.90
CA SER W 547 43.34 50.16 -100.00
C SER W 547 43.09 51.66 -100.01
N ALA W 548 43.10 52.27 -98.83
CA ALA W 548 43.11 53.71 -98.69
C ALA W 548 44.46 54.12 -98.11
N GLY W 549 45.09 55.11 -98.73
CA GLY W 549 46.39 55.55 -98.27
C GLY W 549 46.29 56.27 -96.94
N ALA W 550 47.46 56.48 -96.33
CA ALA W 550 47.50 57.18 -95.06
C ALA W 550 47.30 58.69 -95.23
N SER W 551 47.79 59.25 -96.33
CA SER W 551 47.74 60.69 -96.54
C SER W 551 47.24 61.00 -97.94
N ASN W 552 46.34 61.99 -98.03
CA ASN W 552 45.82 62.50 -99.29
C ASN W 552 45.22 61.41 -100.17
N THR W 553 44.47 60.50 -99.54
CA THR W 553 43.73 59.50 -100.29
C THR W 553 42.50 60.15 -100.92
N ALA W 554 41.73 59.34 -101.64
CA ALA W 554 40.64 59.88 -102.45
C ALA W 554 39.28 59.69 -101.78
N LEU W 555 38.35 60.55 -102.21
CA LEU W 555 36.96 60.42 -101.80
C LEU W 555 36.41 59.05 -102.13
N ASP W 556 36.93 58.44 -103.19
CA ASP W 556 36.53 57.08 -103.54
C ASP W 556 37.06 56.07 -102.52
N ASN W 557 38.16 56.40 -101.86
CA ASN W 557 38.76 55.49 -100.89
C ASN W 557 38.28 55.72 -99.48
N VAL W 558 37.55 56.80 -99.22
CA VAL W 558 36.99 57.02 -97.88
C VAL W 558 35.48 56.85 -97.92
N MET W 559 34.92 56.55 -96.74
CA MET W 559 33.47 56.48 -96.54
C MET W 559 33.05 57.56 -95.56
N ILE W 560 32.27 58.52 -96.05
CA ILE W 560 31.79 59.62 -95.23
C ILE W 560 30.44 59.25 -94.62
N THR W 561 30.31 59.40 -93.31
CA THR W 561 29.06 59.09 -92.66
C THR W 561 28.07 60.23 -92.85
N ASP W 562 26.82 59.96 -92.49
CA ASP W 562 25.74 60.94 -92.59
C ASP W 562 24.97 60.94 -91.29
N GLU W 563 24.57 62.12 -90.84
CA GLU W 563 23.77 62.31 -89.64
C GLU W 563 22.39 62.85 -90.00
N GLU W 564 21.79 62.27 -91.03
CA GLU W 564 20.56 62.81 -91.58
C GLU W 564 19.36 62.54 -90.68
N GLU W 565 19.49 61.58 -89.75
CA GLU W 565 18.34 61.19 -88.94
C GLU W 565 18.06 62.14 -87.79
N ILE W 566 18.98 63.01 -87.45
CA ILE W 566 18.81 63.88 -86.30
C ILE W 566 18.47 65.30 -86.74
N LYS W 567 17.98 65.47 -87.97
CA LYS W 567 17.43 66.75 -88.40
C LYS W 567 16.20 67.14 -87.62
N ALA W 568 15.53 66.19 -86.96
CA ALA W 568 14.30 66.48 -86.25
C ALA W 568 14.53 67.35 -85.03
N THR W 569 15.71 67.27 -84.42
CA THR W 569 16.00 68.01 -83.20
C THR W 569 17.29 68.81 -83.23
N ASN W 570 18.21 68.53 -84.14
CA ASN W 570 19.51 69.16 -84.15
C ASN W 570 19.64 70.11 -85.32
N PRO W 571 20.35 71.23 -85.15
CA PRO W 571 20.59 72.13 -86.29
C PRO W 571 21.50 71.47 -87.31
N VAL W 572 21.37 71.93 -88.56
CA VAL W 572 22.26 71.46 -89.61
C VAL W 572 23.65 72.03 -89.39
N ALA W 573 24.67 71.17 -89.54
CA ALA W 573 26.02 71.51 -89.15
C ALA W 573 26.59 72.69 -89.91
N THR W 574 26.17 72.90 -91.15
CA THR W 574 26.77 73.91 -92.01
C THR W 574 25.98 75.22 -92.04
N GLU W 575 24.92 75.34 -91.27
CA GLU W 575 24.10 76.54 -91.26
C GLU W 575 23.97 77.11 -89.86
N ARG W 576 23.55 78.37 -89.81
CA ARG W 576 23.46 79.09 -88.55
C ARG W 576 22.40 78.46 -87.66
N PHE W 577 22.55 78.67 -86.35
CA PHE W 577 21.50 78.30 -85.42
C PHE W 577 20.23 79.10 -85.69
N GLY W 578 20.40 80.39 -85.98
CA GLY W 578 19.27 81.26 -86.23
C GLY W 578 19.73 82.70 -86.27
N THR W 579 18.76 83.59 -86.16
CA THR W 579 19.02 85.02 -86.12
C THR W 579 18.64 85.58 -84.76
N VAL W 580 19.24 86.73 -84.44
CA VAL W 580 19.02 87.39 -83.17
C VAL W 580 18.93 88.88 -83.43
N ALA W 581 18.08 89.57 -82.66
CA ALA W 581 18.02 91.02 -82.75
C ALA W 581 19.30 91.63 -82.21
N VAL W 582 19.78 92.69 -82.86
CA VAL W 582 21.05 93.29 -82.50
C VAL W 582 20.95 94.78 -82.23
N ASN W 583 19.77 95.37 -82.28
CA ASN W 583 19.62 96.80 -82.04
C ASN W 583 18.21 97.07 -81.50
N PHE W 584 17.90 98.35 -81.35
CA PHE W 584 16.55 98.80 -81.00
C PHE W 584 15.93 99.46 -82.22
N GLN W 585 14.80 98.94 -82.67
CA GLN W 585 14.06 99.59 -83.74
C GLN W 585 13.29 100.78 -83.18
N SER W 586 13.21 101.83 -83.98
CA SER W 586 12.51 103.04 -83.56
C SER W 586 12.08 103.80 -84.81
N SER W 587 11.15 104.73 -84.60
CA SER W 587 10.69 105.62 -85.66
C SER W 587 11.39 106.96 -85.55
N SER W 588 11.33 107.72 -86.64
CA SER W 588 11.91 109.06 -86.66
C SER W 588 11.11 110.00 -85.78
N THR W 589 11.81 110.96 -85.17
CA THR W 589 11.17 111.94 -84.31
C THR W 589 11.74 113.34 -84.54
N VAL W 592 14.33 113.11 -82.21
CA VAL W 592 15.43 112.30 -82.70
C VAL W 592 15.14 111.85 -84.12
N PRO W 593 15.45 112.71 -85.09
CA PRO W 593 15.10 112.39 -86.49
C PRO W 593 16.09 111.43 -87.13
N PHE W 594 16.45 110.38 -86.41
CA PHE W 594 17.32 109.32 -86.92
C PHE W 594 16.58 108.00 -86.76
N LYS W 595 15.79 107.65 -87.77
CA LYS W 595 15.04 106.40 -87.76
C LYS W 595 15.99 105.20 -87.72
N THR W 596 15.67 104.22 -86.90
CA THR W 596 16.49 103.02 -86.75
C THR W 596 15.68 101.82 -87.23
N ASP W 597 16.11 101.23 -88.34
CA ASP W 597 15.49 99.99 -88.79
C ASP W 597 15.91 98.84 -87.89
N PRO W 598 15.02 97.87 -87.67
CA PRO W 598 15.41 96.68 -86.92
C PRO W 598 16.50 95.91 -87.65
N ALA W 599 17.40 95.32 -86.89
CA ALA W 599 18.55 94.62 -87.45
C ALA W 599 18.73 93.28 -86.75
N THR W 600 19.00 92.25 -87.54
CA THR W 600 19.25 90.92 -87.03
C THR W 600 20.65 90.47 -87.46
N GLY W 601 21.22 89.57 -86.67
CA GLY W 601 22.49 88.96 -87.01
C GLY W 601 22.40 87.46 -86.89
N ASP W 602 23.18 86.79 -87.72
CA ASP W 602 23.20 85.33 -87.71
C ASP W 602 23.96 84.81 -86.49
N VAL W 603 23.42 83.76 -85.89
CA VAL W 603 24.02 83.13 -84.72
C VAL W 603 24.69 81.86 -85.20
N HIS W 604 26.03 81.85 -85.20
CA HIS W 604 26.79 80.75 -85.78
C HIS W 604 27.20 79.72 -84.74
N ALA W 605 27.50 80.16 -83.52
CA ALA W 605 27.79 79.26 -82.40
C ALA W 605 26.84 79.58 -81.27
N MET W 606 26.07 78.59 -80.85
CA MET W 606 25.07 78.76 -79.81
C MET W 606 25.33 77.75 -78.72
N GLY W 607 25.55 78.22 -77.49
CA GLY W 607 25.68 77.35 -76.36
C GLY W 607 24.33 76.90 -75.85
N ALA W 608 24.37 76.10 -74.79
CA ALA W 608 23.14 75.50 -74.27
C ALA W 608 22.24 76.57 -73.66
N LEU W 609 21.01 76.62 -74.13
CA LEU W 609 19.92 77.41 -73.57
C LEU W 609 18.91 76.50 -72.90
N PRO W 610 18.28 76.93 -71.82
CA PRO W 610 17.21 76.10 -71.23
C PRO W 610 16.07 75.91 -72.22
N GLY W 611 15.52 74.71 -72.23
CA GLY W 611 14.55 74.32 -73.22
C GLY W 611 15.12 73.65 -74.44
N MET W 612 16.44 73.59 -74.56
CA MET W 612 17.08 72.94 -75.68
C MET W 612 16.99 71.43 -75.57
N VAL W 613 16.75 70.76 -76.70
CA VAL W 613 16.75 69.31 -76.78
C VAL W 613 17.56 68.91 -77.99
N TRP W 614 18.27 67.79 -77.88
CA TRP W 614 19.13 67.35 -78.97
C TRP W 614 19.33 65.85 -78.90
N GLN W 615 19.82 65.29 -80.00
CA GLN W 615 20.28 63.92 -80.05
C GLN W 615 21.80 63.89 -80.13
N ASP W 616 22.37 62.80 -79.62
CA ASP W 616 23.81 62.61 -79.69
C ASP W 616 24.21 62.03 -81.04
N ARG W 617 25.50 61.94 -81.27
CA ARG W 617 25.99 61.34 -82.51
C ARG W 617 25.68 59.85 -82.54
N ASP W 618 25.50 59.33 -83.75
CA ASP W 618 25.25 57.91 -83.93
C ASP W 618 26.53 57.10 -83.73
N VAL W 619 26.35 55.85 -83.37
CA VAL W 619 27.46 54.89 -83.31
C VAL W 619 27.40 54.03 -84.56
N TYR W 620 28.55 53.53 -84.98
CA TYR W 620 28.68 52.74 -86.19
C TYR W 620 29.36 51.42 -85.87
N LEU W 621 29.15 50.45 -86.75
CA LEU W 621 29.80 49.15 -86.55
C LEU W 621 31.32 49.29 -86.57
N GLN W 622 31.85 50.22 -87.33
CA GLN W 622 33.29 50.46 -87.40
C GLN W 622 33.76 51.50 -86.39
N GLY W 623 32.88 52.05 -85.57
CA GLY W 623 33.22 53.17 -84.72
C GLY W 623 33.51 52.78 -83.30
N PRO W 624 33.93 53.76 -82.49
CA PRO W 624 34.26 53.47 -81.09
C PRO W 624 33.03 53.19 -80.25
N ILE W 625 33.24 52.44 -79.17
CA ILE W 625 32.18 52.11 -78.24
C ILE W 625 32.10 53.10 -77.09
N TRP W 626 33.21 53.35 -76.41
CA TRP W 626 33.22 54.15 -75.21
C TRP W 626 34.36 55.15 -75.25
N ALA W 627 34.37 56.02 -74.25
CA ALA W 627 35.47 56.94 -74.01
C ALA W 627 35.50 57.26 -72.53
N LYS W 628 36.70 57.42 -71.98
CA LYS W 628 36.84 57.88 -70.61
C LYS W 628 36.49 59.35 -70.50
N ILE W 629 35.59 59.68 -69.58
CA ILE W 629 35.29 61.08 -69.30
C ILE W 629 36.44 61.69 -68.51
N PRO W 630 37.00 62.82 -68.95
CA PRO W 630 38.13 63.41 -68.22
C PRO W 630 37.76 63.73 -66.79
N HIS W 631 38.71 63.49 -65.89
CA HIS W 631 38.50 63.76 -64.46
C HIS W 631 38.70 65.26 -64.23
N THR W 632 37.63 66.00 -64.42
CA THR W 632 37.63 67.45 -64.28
C THR W 632 36.57 67.87 -63.26
N ASP W 633 36.63 69.14 -62.85
CA ASP W 633 35.63 69.67 -61.94
C ASP W 633 34.25 69.70 -62.58
N GLY W 634 34.17 70.13 -63.84
CA GLY W 634 32.90 70.24 -64.51
C GLY W 634 32.97 69.64 -65.90
N HIS W 635 31.81 69.16 -66.34
CA HIS W 635 31.62 68.71 -67.71
C HIS W 635 30.13 68.78 -68.02
N PHE W 636 29.81 69.15 -69.25
CA PHE W 636 28.43 69.31 -69.66
C PHE W 636 28.09 68.19 -70.63
N HIS W 637 27.12 67.34 -70.25
CA HIS W 637 26.64 66.24 -71.06
C HIS W 637 27.79 65.38 -71.55
N PRO W 638 28.43 64.63 -70.68
CA PRO W 638 29.71 63.98 -71.01
C PRO W 638 29.55 62.77 -71.93
N SER W 639 28.96 63.01 -73.08
CA SER W 639 28.87 62.03 -74.14
C SER W 639 29.95 62.29 -75.17
N PRO W 640 30.77 61.30 -75.52
CA PRO W 640 31.90 61.55 -76.41
C PRO W 640 31.46 62.10 -77.74
N LEU W 641 32.26 63.01 -78.31
CA LEU W 641 31.84 63.68 -79.52
C LEU W 641 32.01 62.79 -80.75
N MET W 642 32.86 61.77 -80.67
CA MET W 642 32.92 60.78 -81.73
C MET W 642 31.75 59.81 -81.69
N GLY W 643 30.99 59.79 -80.61
CA GLY W 643 29.89 58.87 -80.45
C GLY W 643 30.25 57.74 -79.50
N GLY W 644 29.25 57.24 -78.81
CA GLY W 644 29.47 56.16 -77.87
C GLY W 644 29.07 56.50 -76.46
N PHE W 645 29.58 55.73 -75.50
CA PHE W 645 29.26 55.87 -74.10
C PHE W 645 30.43 56.54 -73.39
N GLY W 646 30.15 57.63 -72.70
CA GLY W 646 31.15 58.24 -71.85
C GLY W 646 31.11 57.60 -70.49
N LEU W 647 32.23 57.03 -70.04
CA LEU W 647 32.30 56.34 -68.77
C LEU W 647 33.32 57.02 -67.88
N LYS W 648 32.94 57.25 -66.62
CA LYS W 648 33.90 57.77 -65.66
C LYS W 648 34.97 56.74 -65.34
N ASN W 649 34.56 55.48 -65.15
CA ASN W 649 35.48 54.36 -65.00
C ASN W 649 35.28 53.45 -66.20
N PRO W 650 35.97 53.69 -67.31
CA PRO W 650 35.80 52.85 -68.49
C PRO W 650 36.47 51.51 -68.30
N PRO W 651 36.35 50.59 -69.25
CA PRO W 651 37.14 49.37 -69.19
C PRO W 651 38.62 49.69 -69.13
N PRO W 652 39.34 49.15 -68.16
CA PRO W 652 40.74 49.53 -67.99
C PRO W 652 41.63 49.00 -69.10
N GLN W 653 42.78 49.63 -69.24
CA GLN W 653 43.76 49.22 -70.23
C GLN W 653 44.46 47.96 -69.77
N ILE W 654 44.54 46.98 -70.66
CA ILE W 654 45.32 45.77 -70.43
C ILE W 654 46.64 45.94 -71.17
N LEU W 655 47.73 45.92 -70.40
CA LEU W 655 49.06 46.19 -70.93
C LEU W 655 49.88 44.92 -70.84
N ILE W 656 50.60 44.61 -71.92
CA ILE W 656 51.29 43.35 -72.08
C ILE W 656 52.66 43.62 -72.69
N LYS W 657 53.66 42.91 -72.22
CA LYS W 657 54.95 42.99 -72.88
C LYS W 657 55.72 41.70 -72.66
N ASN W 658 56.71 41.48 -73.52
CA ASN W 658 57.59 40.32 -73.35
C ASN W 658 58.63 40.65 -72.30
N THR W 659 58.83 39.74 -71.35
CA THR W 659 59.89 39.95 -70.38
C THR W 659 61.24 39.86 -71.08
N PRO W 660 62.13 40.84 -70.90
CA PRO W 660 63.42 40.78 -71.59
C PRO W 660 64.24 39.58 -71.13
N VAL W 661 64.88 38.93 -72.09
CA VAL W 661 65.80 37.83 -71.83
C VAL W 661 67.19 38.29 -72.26
N PRO W 662 68.10 38.53 -71.32
CA PRO W 662 69.44 39.00 -71.71
C PRO W 662 70.22 37.96 -72.48
N ALA W 663 71.10 38.43 -73.34
CA ALA W 663 72.03 37.55 -74.03
C ALA W 663 73.18 37.21 -73.11
N ASN W 664 74.23 36.63 -73.67
CA ASN W 664 75.35 36.15 -72.87
C ASN W 664 76.07 37.32 -72.18
N PRO W 665 76.15 37.33 -70.85
CA PRO W 665 76.83 38.43 -70.17
C PRO W 665 78.35 38.26 -70.26
N PRO W 666 79.10 39.32 -70.01
CA PRO W 666 80.57 39.19 -70.02
C PRO W 666 81.07 38.36 -68.86
N ALA W 667 82.31 37.86 -69.02
CA ALA W 667 82.92 37.07 -67.95
C ALA W 667 83.20 37.91 -66.71
N GLU W 668 83.65 39.14 -66.90
CA GLU W 668 83.87 40.08 -65.81
C GLU W 668 82.64 40.96 -65.61
N PHE W 669 82.45 41.40 -64.36
CA PHE W 669 81.28 42.18 -64.01
C PHE W 669 81.35 43.58 -64.61
N SER W 670 80.21 44.06 -65.10
CA SER W 670 80.07 45.41 -65.61
C SER W 670 78.77 45.99 -65.07
N ALA W 671 78.85 47.19 -64.49
CA ALA W 671 77.67 47.82 -63.94
C ALA W 671 76.83 48.52 -65.00
N THR W 672 77.35 48.67 -66.21
CA THR W 672 76.56 49.21 -67.31
C THR W 672 75.35 48.33 -67.55
N LYS W 673 74.19 48.96 -67.71
CA LYS W 673 72.96 48.21 -67.85
C LYS W 673 72.97 47.40 -69.14
N PHE W 674 72.26 46.28 -69.12
CA PHE W 674 72.27 45.36 -70.25
C PHE W 674 71.65 46.02 -71.47
N ALA W 675 72.28 45.83 -72.62
CA ALA W 675 71.77 46.31 -73.89
C ALA W 675 71.63 45.20 -74.91
N SER W 676 72.20 44.03 -74.65
CA SER W 676 72.14 42.89 -75.55
C SER W 676 71.08 41.93 -75.03
N PHE W 677 70.03 41.73 -75.82
CA PHE W 677 68.92 40.88 -75.43
C PHE W 677 68.68 39.83 -76.50
N ILE W 678 68.10 38.72 -76.06
CA ILE W 678 67.66 37.67 -76.96
C ILE W 678 66.40 38.15 -77.65
N THR W 679 66.40 38.15 -78.98
CA THR W 679 65.30 38.69 -79.75
C THR W 679 64.14 37.72 -79.75
N GLN W 680 62.98 38.18 -79.29
CA GLN W 680 61.83 37.28 -79.23
C GLN W 680 60.54 38.06 -79.33
N TYR W 681 59.48 37.34 -79.68
CA TYR W 681 58.13 37.88 -79.71
C TYR W 681 57.22 36.85 -79.07
N SER W 682 55.94 37.19 -78.97
CA SER W 682 54.97 36.25 -78.42
C SER W 682 53.70 36.27 -79.25
N THR W 683 52.96 35.18 -79.17
CA THR W 683 51.69 35.05 -79.85
C THR W 683 50.71 34.40 -78.90
N GLY W 684 49.43 34.56 -79.18
CA GLY W 684 48.45 33.95 -78.32
C GLY W 684 47.05 34.25 -78.78
N GLN W 685 46.09 33.89 -77.93
CA GLN W 685 44.68 34.11 -78.19
C GLN W 685 44.10 35.01 -77.11
N VAL W 686 43.19 35.89 -77.53
CA VAL W 686 42.52 36.82 -76.64
C VAL W 686 41.02 36.68 -76.84
N SER W 687 40.28 36.59 -75.76
CA SER W 687 38.83 36.50 -75.77
C SER W 687 38.24 37.69 -75.03
N VAL W 688 37.24 38.32 -75.62
CA VAL W 688 36.47 39.37 -74.98
C VAL W 688 34.99 39.01 -75.09
N GLU W 689 34.30 39.01 -73.96
CA GLU W 689 32.88 38.72 -73.91
C GLU W 689 32.17 39.92 -73.27
N ILE W 690 31.26 40.53 -74.00
CA ILE W 690 30.48 41.65 -73.49
C ILE W 690 29.01 41.27 -73.45
N GLU W 691 28.39 41.45 -72.30
CA GLU W 691 26.95 41.43 -72.15
C GLU W 691 26.41 42.84 -72.34
N TRP W 692 25.44 42.98 -73.23
CA TRP W 692 24.75 44.22 -73.54
C TRP W 692 23.28 44.11 -73.17
N GLU W 693 22.76 45.16 -72.55
CA GLU W 693 21.34 45.28 -72.28
C GLU W 693 20.66 45.97 -73.45
N LEU W 694 19.52 45.41 -73.86
CA LEU W 694 18.74 45.91 -74.97
C LEU W 694 17.50 46.64 -74.45
N GLN W 695 17.03 47.57 -75.27
CA GLN W 695 15.81 48.31 -75.00
C GLN W 695 14.95 48.13 -76.23
N LYS W 696 13.93 47.28 -76.09
CA LYS W 696 13.10 46.85 -77.20
C LYS W 696 12.17 47.96 -77.66
N GLU W 697 11.86 47.95 -78.95
CA GLU W 697 10.84 48.84 -79.48
C GLU W 697 9.48 48.46 -78.92
N ASN W 698 8.63 49.45 -78.69
CA ASN W 698 7.26 49.25 -78.26
C ASN W 698 6.31 50.06 -79.13
N SER W 699 6.57 50.10 -80.44
CA SER W 699 5.94 51.06 -81.31
C SER W 699 4.52 50.65 -81.68
N LYS W 700 3.66 51.64 -81.87
CA LYS W 700 2.32 51.44 -82.37
C LYS W 700 2.17 51.93 -83.81
N ARG W 701 3.29 52.16 -84.48
CA ARG W 701 3.29 52.61 -85.86
C ARG W 701 2.65 51.56 -86.77
N TRP W 702 1.84 52.03 -87.72
CA TRP W 702 1.10 51.13 -88.58
C TRP W 702 1.90 50.70 -89.80
N ASN W 703 2.46 51.66 -90.53
CA ASN W 703 3.19 51.35 -91.74
C ASN W 703 4.54 50.71 -91.41
N PRO W 704 5.13 49.98 -92.34
CA PRO W 704 6.41 49.33 -92.06
C PRO W 704 7.53 50.32 -91.86
N GLU W 705 8.50 49.92 -91.05
CA GLU W 705 9.66 50.73 -90.71
C GLU W 705 10.75 50.61 -91.77
N VAL W 706 11.67 51.57 -91.75
CA VAL W 706 12.89 51.48 -92.53
C VAL W 706 13.86 50.55 -91.80
N GLN W 707 14.40 49.58 -92.52
CA GLN W 707 15.33 48.62 -91.97
C GLN W 707 16.63 48.67 -92.76
N TYR W 708 17.73 48.31 -92.10
CA TYR W 708 18.96 48.08 -92.82
C TYR W 708 18.87 46.73 -93.51
N THR W 709 19.14 46.71 -94.81
CA THR W 709 19.00 45.48 -95.58
C THR W 709 20.18 45.32 -96.52
N SER W 710 20.48 44.07 -96.85
CA SER W 710 21.36 43.77 -97.96
C SER W 710 20.64 44.05 -99.27
N ASN W 711 21.40 44.46 -100.27
CA ASN W 711 20.84 44.67 -101.59
C ASN W 711 20.72 43.32 -102.29
N TYR W 712 19.54 43.04 -102.82
CA TYR W 712 19.31 41.84 -103.63
C TYR W 712 19.62 42.23 -105.08
N ALA W 713 20.70 41.68 -105.61
CA ALA W 713 21.09 41.92 -106.99
C ALA W 713 22.31 41.07 -107.28
N LYS W 714 22.46 40.67 -108.54
CA LYS W 714 23.67 39.99 -108.93
C LYS W 714 24.85 40.94 -108.79
N SER W 715 25.81 40.56 -107.95
CA SER W 715 26.99 41.36 -107.70
C SER W 715 28.20 40.47 -107.77
N ALA W 716 29.34 41.05 -108.15
CA ALA W 716 30.56 40.26 -108.25
C ALA W 716 30.98 39.71 -106.90
N ASN W 717 30.68 40.43 -105.82
CA ASN W 717 31.01 40.02 -104.46
C ASN W 717 29.80 40.15 -103.57
N VAL W 718 29.87 39.53 -102.41
CA VAL W 718 28.88 39.71 -101.35
C VAL W 718 29.43 40.74 -100.38
N ASP W 719 28.55 41.62 -99.90
CA ASP W 719 28.97 42.66 -98.96
C ASP W 719 29.38 42.04 -97.63
N PHE W 720 30.39 42.66 -97.00
CA PHE W 720 30.91 42.20 -95.71
C PHE W 720 31.43 40.77 -95.78
N THR W 721 32.18 40.47 -96.83
CA THR W 721 32.80 39.16 -97.00
C THR W 721 34.24 39.31 -97.42
N VAL W 722 34.87 38.21 -97.78
CA VAL W 722 36.23 38.21 -98.31
C VAL W 722 36.14 38.19 -99.82
N ASP W 723 37.21 38.63 -100.48
CA ASP W 723 37.31 38.54 -101.92
C ASP W 723 38.08 37.28 -102.29
N ASN W 724 38.43 37.15 -103.57
CA ASN W 724 39.19 35.98 -104.01
C ASN W 724 40.62 35.98 -103.48
N ASN W 725 41.11 37.12 -102.98
CA ASN W 725 42.43 37.19 -102.37
C ASN W 725 42.41 36.97 -100.87
N GLY W 726 41.23 36.84 -100.27
CA GLY W 726 41.13 36.62 -98.85
C GLY W 726 41.05 37.86 -98.00
N LEU W 727 40.75 39.01 -98.59
CA LEU W 727 40.75 40.29 -97.87
C LEU W 727 39.32 40.63 -97.45
N TYR W 728 39.10 40.71 -96.16
CA TYR W 728 37.80 41.12 -95.63
C TYR W 728 37.64 42.62 -95.79
N THR W 729 36.49 43.03 -96.31
CA THR W 729 36.18 44.43 -96.53
C THR W 729 34.79 44.74 -96.03
N GLU W 730 34.60 45.97 -95.58
CA GLU W 730 33.29 46.49 -95.18
C GLU W 730 32.88 47.56 -96.17
N PRO W 731 31.86 47.31 -97.01
CA PRO W 731 31.53 48.27 -98.08
C PRO W 731 31.07 49.65 -97.62
N ARG W 732 30.39 49.72 -96.48
CA ARG W 732 29.79 50.98 -96.06
C ARG W 732 29.76 51.01 -94.54
N PRO W 733 29.69 52.21 -93.95
CA PRO W 733 29.45 52.30 -92.50
C PRO W 733 27.96 52.19 -92.20
N ILE W 734 27.62 51.38 -91.20
CA ILE W 734 26.24 51.16 -90.80
C ILE W 734 26.01 51.84 -89.46
N GLY W 735 25.01 52.72 -89.43
CA GLY W 735 24.59 53.35 -88.18
C GLY W 735 23.59 52.49 -87.44
N THR W 736 22.85 53.14 -86.54
CA THR W 736 21.90 52.45 -85.69
C THR W 736 20.46 52.92 -85.87
N ARG W 737 20.25 54.13 -86.38
CA ARG W 737 18.95 54.78 -86.30
C ARG W 737 18.11 54.37 -87.50
N TYR W 738 17.37 53.27 -87.37
CA TYR W 738 16.49 52.80 -88.44
C TYR W 738 15.03 52.78 -87.97
N LEU W 739 14.79 52.19 -86.81
CA LEU W 739 13.47 52.29 -86.20
C LEU W 739 13.18 53.73 -85.84
N THR W 740 11.91 54.04 -85.64
CA THR W 740 11.51 55.40 -85.29
C THR W 740 10.65 55.39 -84.03
N ARG W 741 10.55 56.55 -83.42
CA ARG W 741 9.65 56.76 -82.29
C ARG W 741 9.20 58.20 -82.31
N PRO W 742 8.03 58.50 -81.74
CA PRO W 742 7.56 59.88 -81.73
C PRO W 742 8.39 60.77 -80.82
N LEU W 743 8.51 62.02 -81.21
CA LEU W 743 9.38 62.96 -80.51
C LEU W 743 8.77 63.40 -79.18
N ASP X 219 57.84 23.93 -60.28
CA ASP X 219 56.43 23.72 -60.58
C ASP X 219 56.20 23.42 -62.06
N GLY X 220 57.28 23.32 -62.82
CA GLY X 220 57.21 22.92 -64.22
C GLY X 220 57.92 23.90 -65.13
N VAL X 221 58.15 23.42 -66.36
CA VAL X 221 58.80 24.24 -67.37
C VAL X 221 57.87 25.35 -67.86
N GLY X 222 56.58 25.05 -68.04
CA GLY X 222 55.67 25.99 -68.66
C GLY X 222 54.81 26.77 -67.68
N ASN X 223 55.21 26.80 -66.42
CA ASN X 223 54.47 27.50 -65.37
C ASN X 223 55.40 28.49 -64.71
N ALA X 224 54.99 29.76 -64.65
CA ALA X 224 55.80 30.78 -64.01
C ALA X 224 55.79 30.60 -62.51
N SER X 225 56.96 30.78 -61.89
CA SER X 225 57.10 30.58 -60.45
C SER X 225 56.96 31.86 -59.65
N GLY X 226 56.62 32.98 -60.29
CA GLY X 226 56.38 34.20 -59.55
C GLY X 226 55.85 35.27 -60.48
N ASN X 227 55.37 36.34 -59.86
CA ASN X 227 54.81 37.48 -60.57
C ASN X 227 55.65 38.71 -60.33
N TRP X 228 55.42 39.73 -61.15
CA TRP X 228 56.11 41.00 -61.01
C TRP X 228 55.42 41.81 -59.91
N HIS X 229 56.13 42.03 -58.82
CA HIS X 229 55.62 42.80 -57.68
C HIS X 229 56.50 44.03 -57.50
N CYS X 230 56.12 45.12 -58.12
CA CYS X 230 56.82 46.39 -57.98
C CYS X 230 55.80 47.46 -57.63
N ASP X 231 55.82 47.93 -56.39
CA ASP X 231 54.73 48.75 -55.88
C ASP X 231 55.26 49.52 -54.67
N SER X 232 54.39 50.36 -54.11
CA SER X 232 54.69 51.06 -52.86
C SER X 232 53.37 51.38 -52.19
N THR X 233 53.15 50.85 -51.00
CA THR X 233 51.91 51.02 -50.27
C THR X 233 52.20 51.87 -49.02
N TRP X 234 51.44 52.94 -48.86
CA TRP X 234 51.61 53.85 -47.73
C TRP X 234 50.47 53.64 -46.76
N LEU X 235 50.78 53.10 -45.60
CA LEU X 235 49.82 52.98 -44.51
C LEU X 235 50.00 54.20 -43.61
N GLY X 236 49.37 54.19 -42.44
CA GLY X 236 49.47 55.35 -41.56
C GLY X 236 50.88 55.61 -41.08
N ASP X 237 51.53 54.59 -40.53
CA ASP X 237 52.87 54.74 -39.98
C ASP X 237 53.88 53.81 -40.63
N ARG X 238 53.49 53.04 -41.63
CA ARG X 238 54.38 52.16 -42.36
C ARG X 238 54.36 52.53 -43.82
N VAL X 239 55.43 52.18 -44.52
CA VAL X 239 55.43 52.15 -45.97
C VAL X 239 56.08 50.84 -46.41
N ILE X 240 55.45 50.14 -47.32
CA ILE X 240 55.96 48.89 -47.85
C ILE X 240 56.36 49.11 -49.29
N THR X 241 57.64 48.93 -49.58
CA THR X 241 58.19 49.11 -50.92
C THR X 241 58.54 47.74 -51.49
N THR X 242 58.03 47.43 -52.67
CA THR X 242 58.34 46.20 -53.39
C THR X 242 59.03 46.54 -54.70
N SER X 243 60.07 45.79 -55.04
CA SER X 243 60.83 46.02 -56.25
C SER X 243 61.16 44.69 -56.90
N THR X 244 60.81 44.55 -58.17
CA THR X 244 61.20 43.41 -58.98
C THR X 244 62.15 43.88 -60.07
N ARG X 245 63.19 43.10 -60.31
CA ARG X 245 64.18 43.39 -61.34
C ARG X 245 64.52 42.10 -62.07
N THR X 246 65.04 42.26 -63.29
CA THR X 246 65.53 41.15 -64.08
C THR X 246 67.04 41.12 -64.01
N TRP X 247 67.59 39.96 -63.63
CA TRP X 247 69.02 39.80 -63.44
C TRP X 247 69.57 38.77 -64.42
N ALA X 248 70.84 38.96 -64.76
CA ALA X 248 71.64 38.01 -65.52
C ALA X 248 72.87 37.65 -64.71
N LEU X 249 73.11 36.35 -64.54
CA LEU X 249 74.23 35.82 -63.80
C LEU X 249 75.12 35.01 -64.74
N PRO X 250 76.36 35.42 -64.96
CA PRO X 250 77.26 34.62 -65.79
C PRO X 250 78.00 33.57 -64.99
N THR X 251 78.91 32.86 -65.64
CA THR X 251 79.84 31.99 -64.95
C THR X 251 81.10 32.78 -64.66
N TYR X 252 81.50 32.82 -63.39
CA TYR X 252 82.65 33.58 -62.95
C TYR X 252 83.82 32.66 -62.71
N ASN X 253 85.00 33.04 -63.22
CA ASN X 253 86.27 32.35 -62.98
C ASN X 253 86.34 30.97 -63.59
N ASN X 254 85.43 30.62 -64.49
CA ASN X 254 85.30 29.26 -64.99
C ASN X 254 85.07 28.28 -63.84
N HIS X 255 84.20 28.65 -62.91
CA HIS X 255 83.82 27.82 -61.76
C HIS X 255 85.00 27.57 -60.82
N LEU X 256 85.96 28.48 -60.81
CA LEU X 256 87.17 28.29 -60.01
C LEU X 256 87.24 29.30 -58.88
N TYR X 257 87.86 28.88 -57.78
CA TYR X 257 88.26 29.78 -56.71
C TYR X 257 89.69 30.20 -57.00
N LYS X 258 89.94 31.49 -57.05
CA LYS X 258 91.26 32.00 -57.37
C LYS X 258 91.77 32.87 -56.23
N GLN X 259 93.06 32.76 -55.96
CA GLN X 259 93.72 33.59 -54.96
C GLN X 259 94.21 34.86 -55.63
N ILE X 260 93.82 36.01 -55.11
CA ILE X 260 94.17 37.30 -55.68
C ILE X 260 94.98 38.08 -54.67
N SER X 261 95.93 38.85 -55.16
CA SER X 261 96.76 39.72 -54.32
C SER X 261 97.28 40.86 -55.18
N SER X 262 98.14 41.67 -54.59
CA SER X 262 98.71 42.83 -55.26
C SER X 262 100.12 42.60 -55.76
N ALA X 263 100.61 41.35 -55.68
CA ALA X 263 102.00 41.07 -56.04
C ALA X 263 102.27 41.37 -57.51
N SER X 264 101.38 40.94 -58.40
CA SER X 264 101.56 41.25 -59.81
C SER X 264 101.22 42.71 -60.09
N THR X 265 100.30 43.30 -59.33
CA THR X 265 99.95 44.70 -59.54
C THR X 265 101.13 45.61 -59.27
N GLY X 266 101.95 45.29 -58.28
CA GLY X 266 103.05 46.17 -57.92
C GLY X 266 102.59 47.48 -57.31
N ALA X 267 101.62 47.42 -56.41
CA ALA X 267 101.04 48.62 -55.82
C ALA X 267 101.94 49.16 -54.70
N SER X 268 101.54 50.29 -54.15
CA SER X 268 102.23 50.86 -53.00
C SER X 268 101.89 50.06 -51.74
N ASN X 269 102.64 50.33 -50.67
CA ASN X 269 102.42 49.61 -49.42
C ASN X 269 101.02 49.84 -48.88
N ASP X 270 100.42 50.99 -49.17
CA ASP X 270 99.08 51.30 -48.69
C ASP X 270 98.00 50.53 -49.44
N ASN X 271 98.28 50.06 -50.64
CA ASN X 271 97.29 49.42 -51.49
C ASN X 271 97.48 47.91 -51.60
N HIS X 272 98.35 47.34 -50.77
CA HIS X 272 98.58 45.90 -50.79
C HIS X 272 97.36 45.16 -50.26
N TYR X 273 97.09 43.99 -50.83
CA TYR X 273 95.97 43.18 -50.36
C TYR X 273 96.21 41.72 -50.69
N PHE X 274 95.46 40.87 -50.01
CA PHE X 274 95.45 39.44 -50.26
C PHE X 274 94.03 38.95 -50.04
N GLY X 275 93.53 38.13 -50.95
CA GLY X 275 92.18 37.64 -50.81
C GLY X 275 91.87 36.56 -51.80
N TYR X 276 90.57 36.35 -52.00
CA TYR X 276 90.09 35.29 -52.86
C TYR X 276 88.93 35.77 -53.72
N SER X 277 88.87 35.26 -54.93
CA SER X 277 87.78 35.48 -55.88
C SER X 277 87.00 34.19 -56.00
N THR X 278 85.71 34.23 -55.75
CA THR X 278 84.93 33.01 -55.85
C THR X 278 84.15 32.98 -57.16
N PRO X 279 83.68 31.81 -57.58
CA PRO X 279 82.80 31.74 -58.76
C PRO X 279 81.36 32.17 -58.48
N TRP X 280 81.05 32.63 -57.29
CA TRP X 280 79.70 33.01 -56.92
C TRP X 280 79.47 34.49 -57.19
N GLY X 281 78.20 34.83 -57.44
CA GLY X 281 77.74 36.19 -57.41
C GLY X 281 76.86 36.39 -56.18
N TYR X 282 76.55 37.65 -55.91
CA TYR X 282 75.71 37.96 -54.76
C TYR X 282 74.66 38.99 -55.17
N PHE X 283 73.58 39.01 -54.40
CA PHE X 283 72.49 39.94 -54.63
C PHE X 283 72.63 41.12 -53.67
N ASP X 284 72.57 42.32 -54.24
CA ASP X 284 72.74 43.55 -53.48
C ASP X 284 71.55 44.46 -53.71
N PHE X 285 70.91 44.89 -52.62
CA PHE X 285 69.85 45.88 -52.70
C PHE X 285 70.06 46.89 -51.56
N ASN X 286 71.31 47.31 -51.36
CA ASN X 286 71.68 48.19 -50.28
C ASN X 286 71.80 49.64 -50.73
N ARG X 287 70.92 50.09 -51.59
CA ARG X 287 70.77 51.50 -51.92
C ARG X 287 69.30 51.87 -51.83
N PHE X 288 69.03 53.13 -51.53
CA PHE X 288 67.65 53.52 -51.28
C PHE X 288 66.83 53.57 -52.56
N HIS X 289 67.46 53.82 -53.70
CA HIS X 289 66.71 53.89 -54.95
C HIS X 289 66.41 52.51 -55.52
N CYS X 290 66.95 51.44 -54.94
CA CYS X 290 66.48 50.10 -55.28
C CYS X 290 65.07 49.86 -54.78
N HIS X 291 64.59 50.69 -53.87
CA HIS X 291 63.30 50.49 -53.22
C HIS X 291 62.36 51.67 -53.37
N PHE X 292 62.86 52.90 -53.43
CA PHE X 292 62.03 54.09 -53.52
C PHE X 292 62.16 54.69 -54.90
N SER X 293 61.02 54.99 -55.53
CA SER X 293 61.03 55.88 -56.66
C SER X 293 61.32 57.28 -56.17
N PRO X 294 61.77 58.19 -57.05
CA PRO X 294 61.96 59.57 -56.60
C PRO X 294 60.70 60.22 -56.04
N ARG X 295 59.54 59.90 -56.59
CA ARG X 295 58.28 60.39 -56.03
C ARG X 295 58.05 59.86 -54.62
N ASP X 296 58.31 58.57 -54.40
CA ASP X 296 58.15 57.99 -53.08
C ASP X 296 59.15 58.58 -52.09
N TRP X 297 60.37 58.81 -52.53
CA TRP X 297 61.37 59.44 -51.68
C TRP X 297 60.95 60.84 -51.29
N GLN X 298 60.42 61.62 -52.24
CA GLN X 298 59.95 62.95 -51.92
C GLN X 298 58.77 62.90 -50.95
N ARG X 299 57.85 61.97 -51.16
CA ARG X 299 56.73 61.79 -50.25
C ARG X 299 57.20 61.44 -48.85
N LEU X 300 58.23 60.62 -48.73
CA LEU X 300 58.77 60.27 -47.42
C LEU X 300 59.43 61.46 -46.75
N ILE X 301 60.33 62.14 -47.46
CA ILE X 301 61.16 63.16 -46.84
C ILE X 301 60.43 64.46 -46.61
N ASN X 302 59.36 64.73 -47.34
CA ASN X 302 58.61 65.95 -47.13
C ASN X 302 57.59 65.85 -46.01
N ASN X 303 57.36 64.65 -45.50
CA ASN X 303 56.27 64.43 -44.56
C ASN X 303 56.66 63.72 -43.29
N ASN X 304 57.84 63.09 -43.23
CA ASN X 304 58.19 62.28 -42.07
C ASN X 304 59.39 62.87 -41.36
N TRP X 305 59.35 62.85 -40.04
CA TRP X 305 60.49 63.25 -39.22
C TRP X 305 61.54 62.16 -39.11
N GLY X 306 61.17 60.92 -39.34
CA GLY X 306 62.18 59.87 -39.31
C GLY X 306 61.67 58.60 -39.92
N PHE X 307 62.59 57.68 -40.18
CA PHE X 307 62.16 56.39 -40.71
C PHE X 307 63.20 55.33 -40.41
N ARG X 308 62.78 54.06 -40.48
CA ARG X 308 63.70 52.96 -40.27
C ARG X 308 63.10 51.70 -40.90
N PRO X 309 63.93 50.70 -41.20
CA PRO X 309 63.40 49.45 -41.74
C PRO X 309 62.98 48.44 -40.68
N LYS X 310 61.83 47.81 -40.91
CA LYS X 310 61.23 46.82 -40.05
C LYS X 310 61.45 45.40 -40.55
N ARG X 311 61.10 45.11 -41.80
CA ARG X 311 61.25 43.72 -42.23
C ARG X 311 61.44 43.67 -43.74
N LEU X 312 61.89 42.51 -44.22
CA LEU X 312 62.05 42.33 -45.67
C LEU X 312 61.76 40.90 -46.07
N ASN X 313 61.29 40.77 -47.31
CA ASN X 313 61.10 39.51 -48.01
C ASN X 313 61.90 39.54 -49.30
N PHE X 314 62.55 38.43 -49.60
CA PHE X 314 63.36 38.27 -50.80
C PHE X 314 62.84 37.06 -51.55
N LYS X 315 62.64 37.22 -52.84
CA LYS X 315 62.18 36.12 -53.69
C LYS X 315 63.01 36.09 -54.96
N LEU X 316 63.29 34.89 -55.43
CA LEU X 316 64.04 34.63 -56.65
C LEU X 316 63.22 33.66 -57.47
N PHE X 317 62.83 34.05 -58.68
CA PHE X 317 61.86 33.27 -59.42
C PHE X 317 62.11 33.40 -60.91
N ASN X 318 61.48 32.50 -61.67
CA ASN X 318 61.54 32.46 -63.13
C ASN X 318 62.97 32.28 -63.62
N ILE X 319 63.60 31.21 -63.13
CA ILE X 319 64.98 30.92 -63.49
C ILE X 319 65.03 30.35 -64.90
N GLN X 320 65.96 30.86 -65.72
CA GLN X 320 66.21 30.33 -67.05
C GLN X 320 67.70 30.18 -67.22
N VAL X 321 68.17 28.95 -67.39
CA VAL X 321 69.57 28.69 -67.69
C VAL X 321 69.72 28.59 -69.20
N LYS X 322 70.69 29.32 -69.74
CA LYS X 322 70.93 29.37 -71.17
C LYS X 322 72.33 28.86 -71.48
N GLU X 323 72.40 27.93 -72.42
CA GLU X 323 73.64 27.40 -72.96
C GLU X 323 74.11 28.23 -74.15
N VAL X 324 75.40 28.53 -74.21
CA VAL X 324 75.99 29.37 -75.25
C VAL X 324 77.08 28.60 -75.97
N THR X 325 77.01 28.58 -77.30
CA THR X 325 78.05 27.99 -78.14
C THR X 325 78.46 28.99 -79.20
N THR X 326 79.75 29.30 -79.28
CA THR X 326 80.27 30.17 -80.33
C THR X 326 81.09 29.33 -81.30
N ASN X 327 80.63 29.27 -82.55
CA ASN X 327 81.32 28.55 -83.62
C ASN X 327 81.50 29.47 -84.82
N ASP X 328 82.72 29.53 -85.34
CA ASP X 328 83.04 30.32 -86.53
C ASP X 328 82.63 31.78 -86.36
N GLY X 329 82.59 32.25 -85.11
CA GLY X 329 82.26 33.61 -84.81
C GLY X 329 80.79 33.87 -84.55
N VAL X 330 79.91 32.91 -84.85
CA VAL X 330 78.47 33.10 -84.62
C VAL X 330 78.08 32.37 -83.35
N THR X 331 77.19 32.99 -82.58
CA THR X 331 76.83 32.54 -81.24
C THR X 331 75.41 32.01 -81.23
N THR X 332 75.25 30.80 -80.72
CA THR X 332 73.95 30.17 -80.52
C THR X 332 73.64 30.11 -79.04
N ILE X 333 72.43 30.50 -78.67
CA ILE X 333 71.95 30.41 -77.29
C ILE X 333 70.75 29.50 -77.29
N ALA X 334 70.74 28.52 -76.40
CA ALA X 334 69.64 27.59 -76.26
C ALA X 334 69.24 27.52 -74.79
N ASN X 335 68.07 26.95 -74.54
CA ASN X 335 67.63 26.72 -73.17
C ASN X 335 68.21 25.41 -72.66
N ASN X 336 68.67 25.43 -71.42
CA ASN X 336 69.14 24.23 -70.74
C ASN X 336 68.12 23.95 -69.63
N LEU X 337 67.17 23.05 -69.92
CA LEU X 337 66.04 22.86 -69.02
C LEU X 337 66.41 22.09 -67.77
N THR X 338 67.53 21.39 -67.74
CA THR X 338 67.89 20.55 -66.62
C THR X 338 69.03 21.10 -65.79
N SER X 339 69.48 22.32 -66.06
CA SER X 339 70.56 22.92 -65.28
C SER X 339 70.00 23.66 -64.07
N THR X 340 70.88 23.86 -63.08
CA THR X 340 70.49 24.45 -61.81
C THR X 340 71.32 25.67 -61.48
N VAL X 341 70.74 26.54 -60.67
CA VAL X 341 71.47 27.59 -59.97
C VAL X 341 71.43 27.26 -58.48
N GLN X 342 72.58 27.36 -57.82
CA GLN X 342 72.65 27.21 -56.38
C GLN X 342 72.51 28.57 -55.72
N VAL X 343 71.61 28.66 -54.74
CA VAL X 343 71.35 29.89 -54.00
C VAL X 343 71.40 29.56 -52.52
N PHE X 344 72.08 30.41 -51.74
CA PHE X 344 71.95 30.29 -50.30
C PHE X 344 72.08 31.66 -49.66
N SER X 345 71.49 31.78 -48.48
CA SER X 345 71.56 32.98 -47.67
C SER X 345 72.50 32.73 -46.50
N ASP X 346 73.43 33.66 -46.27
CA ASP X 346 74.40 33.50 -45.19
C ASP X 346 73.83 34.09 -43.91
N SER X 347 72.86 33.38 -43.35
CA SER X 347 72.07 33.87 -42.24
C SER X 347 72.82 33.91 -40.92
N GLU X 348 73.91 33.15 -40.79
CA GLU X 348 74.70 33.12 -39.58
C GLU X 348 75.95 33.99 -39.67
N TYR X 349 76.11 34.75 -40.76
CA TYR X 349 77.22 35.67 -40.93
C TYR X 349 78.56 34.99 -40.75
N GLN X 350 78.69 33.82 -41.37
CA GLN X 350 79.92 33.04 -41.32
C GLN X 350 80.89 33.41 -42.43
N LEU X 351 80.49 34.24 -43.35
CA LEU X 351 81.28 34.69 -44.48
C LEU X 351 81.69 36.14 -44.27
N PRO X 352 82.76 36.57 -44.93
CA PRO X 352 83.08 38.00 -44.92
C PRO X 352 81.95 38.80 -45.56
N TYR X 353 81.55 39.87 -44.89
CA TYR X 353 80.44 40.71 -45.35
C TYR X 353 80.99 41.79 -46.25
N VAL X 354 80.79 41.63 -47.57
CA VAL X 354 81.28 42.63 -48.51
C VAL X 354 80.22 43.65 -48.86
N LEU X 355 78.98 43.45 -48.44
CA LEU X 355 77.98 44.50 -48.55
C LEU X 355 78.33 45.60 -47.56
N GLY X 356 77.77 46.78 -47.77
CA GLY X 356 78.09 47.88 -46.89
C GLY X 356 79.41 48.55 -47.19
N SER X 357 80.02 48.28 -48.33
CA SER X 357 81.21 48.99 -48.79
C SER X 357 80.91 49.87 -49.99
N ALA X 358 79.63 50.08 -50.30
CA ALA X 358 79.18 50.97 -51.38
C ALA X 358 79.68 50.51 -52.75
N HIS X 359 79.43 49.25 -53.07
CA HIS X 359 79.87 48.69 -54.32
C HIS X 359 78.78 48.73 -55.38
N GLN X 360 79.21 48.70 -56.63
CA GLN X 360 78.28 48.57 -57.75
C GLN X 360 77.67 47.17 -57.77
N GLY X 361 76.58 47.03 -58.51
CA GLY X 361 75.94 45.74 -58.63
C GLY X 361 74.61 45.62 -57.91
N CYS X 362 74.13 46.71 -57.34
CA CYS X 362 72.81 46.72 -56.73
C CYS X 362 71.73 46.62 -57.80
N LEU X 363 70.49 46.42 -57.36
CA LEU X 363 69.38 46.53 -58.28
C LEU X 363 69.34 47.94 -58.85
N PRO X 364 69.12 48.08 -60.16
CA PRO X 364 69.10 49.42 -60.76
C PRO X 364 67.95 50.25 -60.24
N PRO X 365 68.09 51.58 -60.22
CA PRO X 365 66.97 52.42 -59.75
C PRO X 365 65.72 52.30 -60.60
N PHE X 366 65.88 52.17 -61.90
CA PHE X 366 64.74 52.09 -62.81
C PHE X 366 64.26 50.64 -62.93
N PRO X 367 62.99 50.37 -62.68
CA PRO X 367 62.51 48.97 -62.69
C PRO X 367 62.61 48.29 -64.04
N ALA X 368 62.76 49.03 -65.13
CA ALA X 368 62.86 48.43 -66.45
C ALA X 368 64.26 47.95 -66.78
N ASP X 369 65.25 48.26 -65.94
CA ASP X 369 66.63 47.94 -66.26
C ASP X 369 66.98 46.52 -65.86
N VAL X 370 67.76 45.85 -66.70
CA VAL X 370 68.23 44.50 -66.47
C VAL X 370 69.67 44.59 -66.00
N PHE X 371 69.99 43.92 -64.89
CA PHE X 371 71.28 44.09 -64.27
C PHE X 371 72.05 42.79 -64.17
N MET X 372 73.36 42.89 -64.29
CA MET X 372 74.28 41.78 -64.14
C MET X 372 74.62 41.61 -62.68
N ILE X 373 74.72 40.36 -62.24
CA ILE X 373 74.98 40.07 -60.84
C ILE X 373 76.49 40.16 -60.58
N PRO X 374 76.92 40.91 -59.56
CA PRO X 374 78.35 41.07 -59.30
C PRO X 374 78.99 39.84 -58.71
N GLN X 375 80.28 39.67 -58.97
CA GLN X 375 81.02 38.52 -58.48
C GLN X 375 81.37 38.69 -57.02
N TYR X 376 81.36 37.57 -56.28
CA TYR X 376 81.73 37.59 -54.88
C TYR X 376 83.24 37.37 -54.72
N GLY X 377 83.85 38.17 -53.87
CA GLY X 377 85.23 38.00 -53.50
C GLY X 377 85.43 38.68 -52.18
N TYR X 378 86.48 38.28 -51.48
CA TYR X 378 86.75 38.84 -50.18
C TYR X 378 88.25 39.01 -50.01
N LEU X 379 88.61 39.79 -49.00
CA LEU X 379 89.98 40.01 -48.60
C LEU X 379 90.19 39.40 -47.22
N THR X 380 91.41 38.96 -46.96
CA THR X 380 91.77 38.41 -45.67
C THR X 380 93.04 39.10 -45.19
N LEU X 381 93.52 38.69 -44.02
CA LEU X 381 94.71 39.30 -43.44
C LEU X 381 95.88 39.18 -44.41
N ASN X 382 96.60 40.27 -44.58
CA ASN X 382 97.74 40.30 -45.47
C ASN X 382 98.92 41.00 -44.82
N ASN X 383 100.11 40.55 -45.17
CA ASN X 383 101.37 41.16 -44.78
C ASN X 383 102.06 41.60 -46.07
N GLY X 384 101.70 42.78 -46.53
CA GLY X 384 102.10 43.18 -47.87
C GLY X 384 101.21 42.48 -48.87
N SER X 385 101.80 41.87 -49.88
CA SER X 385 101.05 41.05 -50.82
C SER X 385 100.95 39.59 -50.39
N GLN X 386 101.48 39.25 -49.21
CA GLN X 386 101.48 37.89 -48.71
C GLN X 386 100.37 37.68 -47.70
N ALA X 387 100.15 36.43 -47.36
CA ALA X 387 99.17 36.04 -46.36
C ALA X 387 99.87 35.80 -45.03
N VAL X 388 99.10 35.46 -44.02
CA VAL X 388 99.61 35.06 -42.72
C VAL X 388 98.95 33.75 -42.33
N GLY X 389 99.30 33.25 -41.14
CA GLY X 389 98.70 32.02 -40.67
C GLY X 389 97.23 32.15 -40.38
N ARG X 390 96.80 33.31 -39.90
CA ARG X 390 95.42 33.56 -39.53
C ARG X 390 94.59 34.05 -40.70
N SER X 391 95.17 34.14 -41.89
CA SER X 391 94.39 34.42 -43.08
C SER X 391 93.42 33.28 -43.34
N SER X 392 92.16 33.62 -43.57
CA SER X 392 91.12 32.62 -43.73
C SER X 392 90.81 32.39 -45.20
N PHE X 393 90.34 31.20 -45.49
CA PHE X 393 89.83 30.83 -46.79
C PHE X 393 88.45 30.23 -46.59
N TYR X 394 87.52 30.60 -47.44
CA TYR X 394 86.14 30.14 -47.34
C TYR X 394 85.75 29.51 -48.67
N CYS X 395 85.43 28.22 -48.64
CA CYS X 395 84.74 27.58 -49.75
C CYS X 395 83.26 27.82 -49.56
N LEU X 396 82.62 28.44 -50.55
CA LEU X 396 81.19 28.68 -50.45
C LEU X 396 80.37 27.46 -50.83
N GLU X 397 80.98 26.45 -51.44
CA GLU X 397 80.33 25.17 -51.63
C GLU X 397 80.25 24.37 -50.34
N TYR X 398 80.94 24.81 -49.30
CA TYR X 398 80.88 24.21 -47.98
C TYR X 398 79.66 24.68 -47.19
N PHE X 399 78.67 25.22 -47.86
CA PHE X 399 77.40 25.64 -47.28
C PHE X 399 76.27 24.82 -47.88
N PRO X 400 75.17 24.64 -47.15
CA PRO X 400 73.97 24.09 -47.76
C PRO X 400 73.34 25.10 -48.71
N SER X 401 73.16 24.70 -49.95
CA SER X 401 72.56 25.54 -50.98
C SER X 401 71.26 24.90 -51.45
N GLN X 402 70.33 25.73 -51.88
CA GLN X 402 69.16 25.26 -52.59
C GLN X 402 69.46 25.27 -54.08
N MET X 403 69.24 24.13 -54.73
CA MET X 403 69.44 24.00 -56.16
C MET X 403 68.11 24.23 -56.87
N LEU X 404 68.10 25.17 -57.81
CA LEU X 404 66.90 25.61 -58.49
C LEU X 404 66.99 25.28 -59.96
N ARG X 405 66.05 24.47 -60.43
CA ARG X 405 65.85 24.30 -61.87
C ARG X 405 64.87 25.36 -62.34
N THR X 406 64.45 25.28 -63.61
CA THR X 406 63.68 26.37 -64.19
C THR X 406 62.28 26.50 -63.59
N GLY X 407 61.81 25.51 -62.84
CA GLY X 407 60.48 25.59 -62.25
C GLY X 407 60.48 25.93 -60.78
N ASN X 408 61.66 26.14 -60.19
CA ASN X 408 61.79 26.36 -58.76
C ASN X 408 61.97 27.85 -58.46
N ASN X 409 61.64 28.22 -57.22
CA ASN X 409 61.88 29.56 -56.72
C ASN X 409 62.52 29.47 -55.35
N PHE X 410 62.95 30.63 -54.86
CA PHE X 410 63.69 30.75 -53.61
C PHE X 410 63.07 31.91 -52.82
N THR X 411 62.76 31.68 -51.55
CA THR X 411 62.20 32.73 -50.71
C THR X 411 63.01 32.83 -49.42
N PHE X 412 62.99 34.03 -48.83
CA PHE X 412 63.74 34.26 -47.61
C PHE X 412 63.19 35.49 -46.91
N SER X 413 62.89 35.36 -45.62
CA SER X 413 62.39 36.47 -44.83
C SER X 413 63.42 36.91 -43.79
N TYR X 414 63.38 38.19 -43.45
CA TYR X 414 64.33 38.73 -42.49
C TYR X 414 63.65 39.84 -41.71
N THR X 415 63.95 39.91 -40.42
CA THR X 415 63.45 40.97 -39.55
C THR X 415 64.61 41.82 -39.08
N PHE X 416 64.48 43.14 -39.24
CA PHE X 416 65.50 44.05 -38.75
C PHE X 416 65.44 44.15 -37.24
N GLU X 417 66.61 44.33 -36.62
CA GLU X 417 66.68 44.65 -35.22
C GLU X 417 66.16 46.06 -34.98
N GLU X 418 65.85 46.36 -33.72
CA GLU X 418 65.35 47.68 -33.36
C GLU X 418 66.49 48.68 -33.48
N VAL X 419 66.55 49.37 -34.60
CA VAL X 419 67.55 50.39 -34.88
C VAL X 419 66.89 51.73 -34.65
N PRO X 420 67.62 52.78 -34.28
CA PRO X 420 67.00 54.10 -34.16
C PRO X 420 66.53 54.63 -35.51
N PHE X 421 65.48 55.44 -35.46
CA PHE X 421 65.01 56.13 -36.65
C PHE X 421 66.11 57.01 -37.21
N HIS X 422 66.26 56.98 -38.53
CA HIS X 422 67.04 58.02 -39.18
C HIS X 422 66.25 59.32 -39.15
N SER X 423 66.98 60.42 -38.95
CA SER X 423 66.42 61.75 -38.77
C SER X 423 66.22 62.42 -40.11
N SER X 424 64.97 62.51 -40.56
CA SER X 424 64.63 63.22 -41.78
C SER X 424 64.34 64.69 -41.53
N TYR X 425 64.95 65.27 -40.50
CA TYR X 425 64.69 66.65 -40.12
C TYR X 425 66.01 67.40 -39.97
N ALA X 426 65.93 68.71 -40.13
CA ALA X 426 66.91 69.66 -39.66
C ALA X 426 66.45 70.27 -38.35
N HIS X 427 67.34 70.99 -37.70
CA HIS X 427 67.03 71.69 -36.46
C HIS X 427 66.74 73.15 -36.76
N SER X 428 65.67 73.66 -36.15
CA SER X 428 65.30 75.06 -36.28
C SER X 428 66.11 75.97 -35.38
N GLN X 429 66.86 75.42 -34.45
CA GLN X 429 67.70 76.19 -33.55
C GLN X 429 69.13 75.71 -33.67
N SER X 430 70.06 76.60 -33.37
CA SER X 430 71.46 76.26 -33.27
C SER X 430 71.81 75.96 -31.81
N LEU X 431 72.86 75.17 -31.62
CA LEU X 431 73.21 74.71 -30.28
C LEU X 431 73.70 75.85 -29.40
N ASP X 432 74.34 76.85 -29.99
CA ASP X 432 74.80 78.01 -29.24
C ASP X 432 73.76 79.12 -29.17
N ARG X 433 72.52 78.82 -29.51
CA ARG X 433 71.43 79.80 -29.53
C ARG X 433 70.18 79.20 -28.90
N LEU X 434 70.34 78.51 -27.77
CA LEU X 434 69.24 77.82 -27.12
C LEU X 434 68.65 78.61 -25.96
N MET X 435 69.06 79.86 -25.80
CA MET X 435 68.68 80.68 -24.65
C MET X 435 67.45 81.53 -24.97
N ASN X 436 66.86 82.06 -23.91
CA ASN X 436 65.86 83.11 -24.05
C ASN X 436 66.58 84.40 -24.42
N PRO X 437 66.27 85.02 -25.55
CA PRO X 437 66.96 86.25 -25.96
C PRO X 437 66.48 87.50 -25.24
N LEU X 438 65.57 87.40 -24.28
CA LEU X 438 65.08 88.56 -23.56
C LEU X 438 65.52 88.63 -22.12
N ILE X 439 65.82 87.50 -21.50
CA ILE X 439 66.11 87.42 -20.07
C ILE X 439 67.61 87.25 -19.88
N ASP X 440 68.14 87.88 -18.83
CA ASP X 440 69.52 87.68 -18.46
C ASP X 440 69.69 86.35 -17.73
N GLN X 441 70.94 86.01 -17.45
CA GLN X 441 71.26 84.83 -16.66
C GLN X 441 71.51 85.22 -15.22
N TYR X 442 71.51 84.24 -14.34
CA TYR X 442 71.97 84.45 -12.98
C TYR X 442 73.40 84.00 -12.79
N LEU X 443 74.08 83.61 -13.85
CA LEU X 443 75.46 83.16 -13.81
C LEU X 443 76.37 84.27 -14.31
N TYR X 444 77.49 84.45 -13.64
CA TYR X 444 78.46 85.46 -14.00
C TYR X 444 79.67 84.82 -14.66
N TYR X 445 80.38 85.62 -15.45
CA TYR X 445 81.59 85.18 -16.11
C TYR X 445 82.63 86.29 -15.99
N LEU X 446 83.90 85.92 -16.06
CA LEU X 446 84.96 86.90 -16.07
C LEU X 446 84.96 87.63 -17.40
N ASN X 447 84.72 88.94 -17.36
CA ASN X 447 84.58 89.74 -18.57
C ASN X 447 85.83 90.54 -18.90
N ARG X 448 86.46 91.15 -17.90
CA ARG X 448 87.66 91.95 -18.09
C ARG X 448 88.70 91.53 -17.07
N THR X 449 89.96 91.43 -17.51
CA THR X 449 91.08 91.36 -16.60
C THR X 449 91.92 92.63 -16.62
N GLN X 450 91.43 93.69 -17.24
CA GLN X 450 92.05 95.00 -17.22
C GLN X 450 90.98 96.05 -16.93
N ASN X 451 91.43 97.23 -16.52
CA ASN X 451 90.49 98.30 -16.22
C ASN X 451 89.78 98.77 -17.47
N GLN X 452 88.47 98.99 -17.35
CA GLN X 452 87.67 99.39 -18.50
C GLN X 452 87.88 100.83 -18.91
N SER X 453 88.26 101.70 -17.97
CA SER X 453 88.37 103.13 -18.25
C SER X 453 89.41 103.42 -19.33
N GLY X 454 90.58 102.80 -19.23
CA GLY X 454 91.62 102.96 -20.23
C GLY X 454 92.59 104.09 -19.99
N SER X 455 92.27 105.02 -19.09
CA SER X 455 93.23 106.09 -18.76
C SER X 455 94.50 105.51 -18.17
N ALA X 456 94.36 104.53 -17.29
CA ALA X 456 95.45 103.67 -16.87
C ALA X 456 95.25 102.28 -17.47
N GLN X 457 96.31 101.48 -17.41
CA GLN X 457 96.31 100.13 -17.96
C GLN X 457 96.46 99.07 -16.87
N ASN X 458 95.74 99.24 -15.77
CA ASN X 458 95.87 98.35 -14.63
C ASN X 458 95.04 97.09 -14.82
N LYS X 459 95.47 96.01 -14.18
CA LYS X 459 94.73 94.77 -14.21
C LYS X 459 93.54 94.85 -13.26
N ASP X 460 92.62 93.90 -13.40
CA ASP X 460 91.44 93.83 -12.55
C ASP X 460 90.81 92.46 -12.70
N LEU X 461 89.69 92.27 -12.01
CA LEU X 461 88.86 91.07 -12.14
C LEU X 461 87.41 91.55 -12.15
N LEU X 462 86.90 91.80 -13.35
CA LEU X 462 85.56 92.33 -13.54
C LEU X 462 84.66 91.26 -14.10
N PHE X 463 83.51 91.05 -13.48
CA PHE X 463 82.60 89.98 -13.83
C PHE X 463 81.30 90.57 -14.37
N SER X 464 80.78 89.97 -15.43
CA SER X 464 79.53 90.39 -16.03
C SER X 464 78.51 89.27 -15.95
N ARG X 465 77.25 89.66 -16.03
CA ARG X 465 76.14 88.73 -16.05
C ARG X 465 75.84 88.29 -17.47
N GLY X 466 75.49 87.02 -17.63
CA GLY X 466 75.10 86.51 -18.92
C GLY X 466 73.88 87.21 -19.46
N SER X 467 74.03 87.93 -20.57
CA SER X 467 73.00 88.79 -21.12
C SER X 467 72.80 88.49 -22.59
N PRO X 468 71.62 88.83 -23.14
CA PRO X 468 71.41 88.64 -24.58
C PRO X 468 72.30 89.50 -25.46
N ALA X 469 72.92 90.55 -24.91
CA ALA X 469 73.86 91.33 -25.70
C ALA X 469 75.06 90.49 -26.12
N GLY X 470 75.69 89.81 -25.17
CA GLY X 470 76.74 88.87 -25.50
C GLY X 470 76.30 87.44 -25.32
N MET X 471 75.95 86.79 -26.43
CA MET X 471 75.49 85.41 -26.39
C MET X 471 76.63 84.41 -26.53
N SER X 472 77.78 84.86 -27.04
CA SER X 472 78.93 83.99 -27.21
C SER X 472 79.62 83.66 -25.90
N VAL X 473 79.45 84.49 -24.88
CA VAL X 473 80.14 84.31 -23.61
C VAL X 473 79.22 83.78 -22.52
N GLN X 474 77.96 83.53 -22.84
CA GLN X 474 77.04 82.98 -21.86
C GLN X 474 77.44 81.54 -21.53
N PRO X 475 77.39 81.16 -20.25
CA PRO X 475 77.51 79.73 -19.91
C PRO X 475 76.42 78.91 -20.61
N LYS X 476 76.81 77.73 -21.07
CA LYS X 476 75.91 76.86 -21.81
C LYS X 476 76.03 75.44 -21.27
N ASN X 477 75.10 74.58 -21.68
CA ASN X 477 74.98 73.25 -21.12
C ASN X 477 75.57 72.16 -22.00
N TRP X 478 75.77 72.41 -23.29
CA TRP X 478 76.15 71.36 -24.23
C TRP X 478 77.28 71.83 -25.12
N LEU X 479 77.89 70.88 -25.81
CA LEU X 479 79.01 71.11 -26.70
C LEU X 479 78.71 70.54 -28.08
N PRO X 480 79.28 71.12 -29.14
CA PRO X 480 79.14 70.53 -30.47
C PRO X 480 79.87 69.21 -30.57
N GLY X 481 79.42 68.38 -31.51
CA GLY X 481 79.95 67.05 -31.68
C GLY X 481 81.42 67.01 -32.00
N PRO X 482 81.98 65.81 -32.07
CA PRO X 482 83.41 65.67 -32.33
C PRO X 482 83.77 66.04 -33.74
N CYS X 483 85.05 66.35 -33.94
CA CYS X 483 85.51 66.79 -35.25
C CYS X 483 86.83 66.12 -35.58
N TYR X 484 87.13 66.01 -36.87
CA TYR X 484 88.41 65.57 -37.38
C TYR X 484 88.68 66.34 -38.67
N ARG X 485 89.42 67.43 -38.55
CA ARG X 485 89.46 68.46 -39.60
C ARG X 485 89.90 67.90 -40.94
N GLN X 486 89.24 68.35 -42.00
CA GLN X 486 89.56 68.02 -43.38
C GLN X 486 90.13 69.24 -44.08
N GLN X 487 90.71 69.00 -45.25
CA GLN X 487 91.25 70.09 -46.06
C GLN X 487 90.14 70.69 -46.91
N ARG X 488 90.21 72.01 -47.09
CA ARG X 488 89.16 72.75 -47.75
C ARG X 488 89.49 72.91 -49.23
N VAL X 489 88.63 72.38 -50.08
CA VAL X 489 88.80 72.47 -51.53
C VAL X 489 87.67 73.31 -52.09
N SER X 490 88.02 74.22 -52.99
CA SER X 490 87.03 75.06 -53.65
C SER X 490 86.53 74.40 -54.92
N LYS X 491 85.21 74.45 -55.12
CA LYS X 491 84.63 73.98 -56.37
C LYS X 491 85.07 74.81 -57.56
N THR X 492 85.51 76.04 -57.32
CA THR X 492 86.14 76.85 -58.35
C THR X 492 87.65 76.59 -58.32
N LYS X 493 88.14 75.93 -59.37
CA LYS X 493 89.49 75.37 -59.33
C LYS X 493 90.59 76.42 -59.24
N THR X 494 90.31 77.68 -59.63
CA THR X 494 91.36 78.68 -59.62
C THR X 494 91.77 79.09 -58.20
N ASP X 495 90.91 78.89 -57.21
CA ASP X 495 91.23 79.25 -55.83
C ASP X 495 91.95 78.16 -55.08
N ASN X 496 92.21 77.02 -55.70
CA ASN X 496 92.92 75.94 -55.05
C ASN X 496 94.42 76.06 -55.30
N ASN X 497 95.20 75.53 -54.36
CA ASN X 497 96.65 75.56 -54.47
C ASN X 497 97.11 74.77 -55.70
N ASN X 498 98.19 75.24 -56.31
CA ASN X 498 98.73 74.58 -57.50
C ASN X 498 99.64 73.43 -57.09
N SER X 499 99.00 72.35 -56.67
CA SER X 499 99.68 71.10 -56.35
C SER X 499 98.63 70.01 -56.30
N ASN X 500 99.08 68.77 -56.14
CA ASN X 500 98.12 67.67 -56.08
C ASN X 500 97.46 67.60 -54.71
N PHE X 501 98.24 67.29 -53.68
CA PHE X 501 97.84 67.38 -52.27
C PHE X 501 96.54 66.63 -51.96
N THR X 502 96.07 65.79 -52.88
CA THR X 502 94.95 64.91 -52.56
C THR X 502 95.36 63.73 -51.71
N TRP X 503 96.63 63.41 -51.66
CA TRP X 503 97.13 62.39 -50.76
C TRP X 503 98.06 62.95 -49.71
N THR X 504 98.93 63.89 -50.07
CA THR X 504 99.86 64.44 -49.08
C THR X 504 99.19 65.37 -48.10
N GLY X 505 98.12 66.06 -48.50
CA GLY X 505 97.48 67.03 -47.63
C GLY X 505 96.15 66.58 -47.09
N ALA X 506 95.92 65.27 -47.04
CA ALA X 506 94.62 64.72 -46.69
C ALA X 506 94.63 64.08 -45.31
N SER X 507 93.46 64.12 -44.66
CA SER X 507 93.28 63.45 -43.38
C SER X 507 93.22 61.95 -43.60
N LYS X 508 94.12 61.22 -42.98
CA LYS X 508 94.18 59.78 -43.15
C LYS X 508 94.55 59.15 -41.83
N TYR X 509 94.28 57.86 -41.71
CA TYR X 509 94.59 57.13 -40.50
C TYR X 509 95.60 56.03 -40.77
N ASN X 510 96.34 55.68 -39.74
CA ASN X 510 97.40 54.68 -39.81
C ASN X 510 96.90 53.38 -39.19
N LEU X 511 97.01 52.29 -39.93
CA LEU X 511 96.58 50.98 -39.43
C LEU X 511 97.56 49.92 -39.93
N ASN X 512 98.29 49.32 -39.02
CA ASN X 512 99.26 48.27 -39.33
C ASN X 512 100.30 48.76 -40.34
N GLY X 513 100.66 50.04 -40.24
CA GLY X 513 101.72 50.58 -41.06
C GLY X 513 101.30 51.15 -42.40
N ARG X 514 100.05 51.00 -42.80
CA ARG X 514 99.58 51.55 -44.05
C ARG X 514 98.45 52.53 -43.82
N GLU X 515 98.49 53.62 -44.57
CA GLU X 515 97.59 54.75 -44.38
C GLU X 515 96.34 54.60 -45.23
N SER X 516 95.23 55.10 -44.72
CA SER X 516 93.94 55.03 -45.40
C SER X 516 93.26 56.38 -45.25
N ILE X 517 92.76 56.92 -46.36
CA ILE X 517 92.02 58.17 -46.31
C ILE X 517 90.77 57.96 -45.47
N ILE X 518 90.40 58.96 -44.69
CA ILE X 518 89.23 58.83 -43.81
C ILE X 518 87.97 58.65 -44.63
N ASN X 519 87.57 59.67 -45.40
CA ASN X 519 86.58 59.53 -46.46
C ASN X 519 85.33 58.74 -46.08
N PRO X 520 84.33 59.35 -45.44
CA PRO X 520 84.21 60.77 -45.11
C PRO X 520 84.39 61.07 -43.62
N GLY X 521 84.41 60.03 -42.80
CA GLY X 521 84.71 60.21 -41.40
C GLY X 521 83.58 60.86 -40.64
N THR X 522 83.95 61.72 -39.70
CA THR X 522 82.99 62.34 -38.79
C THR X 522 81.95 63.13 -39.55
N ALA X 523 80.72 63.09 -39.06
CA ALA X 523 79.62 63.82 -39.68
C ALA X 523 79.74 65.28 -39.30
N MET X 524 80.22 66.10 -40.23
CA MET X 524 80.42 67.52 -40.01
C MET X 524 79.81 68.31 -41.15
N ALA X 525 79.57 69.58 -40.88
CA ALA X 525 79.05 70.48 -41.91
C ALA X 525 80.07 70.66 -43.03
N SER X 526 79.59 70.63 -44.27
CA SER X 526 80.47 70.76 -45.42
C SER X 526 81.14 72.12 -45.46
N HIS X 527 80.41 73.19 -45.13
CA HIS X 527 80.94 74.54 -45.19
C HIS X 527 80.17 75.40 -44.20
N LYS X 528 80.54 76.67 -44.14
CA LYS X 528 79.84 77.65 -43.32
C LYS X 528 78.72 78.30 -44.13
N ASP X 529 78.13 79.35 -43.59
CA ASP X 529 77.18 80.16 -44.32
C ASP X 529 77.90 80.98 -45.40
N ASP X 530 77.26 81.10 -46.56
CA ASP X 530 77.79 81.89 -47.67
C ASP X 530 79.14 81.37 -48.15
N GLU X 531 79.35 80.05 -48.05
CA GLU X 531 80.61 79.45 -48.43
C GLU X 531 80.37 78.14 -49.18
N ASP X 532 79.31 78.09 -49.99
CA ASP X 532 78.96 76.88 -50.70
C ASP X 532 79.99 76.46 -51.73
N LYS X 533 80.92 77.34 -52.08
CA LYS X 533 81.97 77.03 -53.04
C LYS X 533 83.04 76.10 -52.49
N PHE X 534 83.04 75.83 -51.19
CA PHE X 534 84.04 75.00 -50.55
C PHE X 534 83.43 73.69 -50.08
N PHE X 535 84.20 72.62 -50.19
CA PHE X 535 83.84 71.32 -49.62
C PHE X 535 85.07 70.68 -49.02
N PRO X 536 84.90 69.85 -47.98
CA PRO X 536 86.04 69.10 -47.45
C PRO X 536 86.57 68.12 -48.49
N MET X 537 87.88 67.94 -48.49
CA MET X 537 88.51 67.20 -49.58
C MET X 537 88.01 65.77 -49.65
N SER X 538 87.84 65.12 -48.51
CA SER X 538 87.29 63.76 -48.47
C SER X 538 86.25 63.65 -47.37
N GLY X 539 85.38 64.64 -47.28
CA GLY X 539 84.40 64.67 -46.22
C GLY X 539 82.97 64.59 -46.72
N VAL X 540 82.81 64.44 -48.03
CA VAL X 540 81.49 64.48 -48.64
C VAL X 540 81.31 63.22 -49.48
N MET X 541 80.06 62.78 -49.58
CA MET X 541 79.71 61.69 -50.49
C MET X 541 79.54 62.24 -51.89
N ILE X 542 80.28 61.68 -52.84
CA ILE X 542 80.28 62.15 -54.21
C ILE X 542 79.70 61.04 -55.07
N PHE X 543 78.59 61.32 -55.73
CA PHE X 543 77.97 60.40 -56.66
C PHE X 543 78.30 60.83 -58.08
N GLY X 544 78.57 59.85 -58.94
CA GLY X 544 78.84 60.13 -60.33
C GLY X 544 77.56 60.15 -61.14
N LYS X 545 77.48 61.09 -62.07
CA LYS X 545 76.38 61.09 -63.02
C LYS X 545 76.64 60.02 -64.07
N GLU X 546 75.60 59.68 -64.83
CA GLU X 546 75.81 58.84 -65.99
C GLU X 546 76.70 59.57 -66.99
N SER X 547 77.52 58.80 -67.70
CA SER X 547 78.60 59.35 -68.52
C SER X 547 79.66 60.01 -67.66
N ALA X 548 79.99 59.40 -66.54
CA ALA X 548 81.15 59.78 -65.75
C ALA X 548 82.19 58.65 -65.84
N GLY X 549 83.43 59.02 -66.13
CA GLY X 549 84.48 58.04 -66.26
C GLY X 549 84.82 57.41 -64.93
N ALA X 550 85.59 56.32 -65.01
CA ALA X 550 86.01 55.63 -63.79
C ALA X 550 87.12 56.39 -63.08
N SER X 551 88.01 57.05 -63.83
CA SER X 551 89.17 57.71 -63.27
C SER X 551 89.31 59.11 -63.82
N ASN X 552 89.60 60.07 -62.94
CA ASN X 552 89.90 61.45 -63.32
C ASN X 552 88.77 62.07 -64.15
N THR X 553 87.53 61.80 -63.76
CA THR X 553 86.40 62.45 -64.39
C THR X 553 86.28 63.89 -63.87
N ALA X 554 85.30 64.60 -64.38
CA ALA X 554 85.20 66.03 -64.12
C ALA X 554 84.17 66.37 -63.04
N LEU X 555 84.38 67.54 -62.44
CA LEU X 555 83.43 68.09 -61.49
C LEU X 555 82.05 68.21 -62.10
N ASP X 556 81.99 68.41 -63.42
CA ASP X 556 80.71 68.44 -64.11
C ASP X 556 80.08 67.06 -64.17
N ASN X 557 80.90 66.02 -64.11
CA ASN X 557 80.38 64.66 -64.18
C ASN X 557 80.08 64.06 -62.82
N VAL X 558 80.51 64.69 -61.73
CA VAL X 558 80.19 64.19 -60.40
C VAL X 558 79.19 65.11 -59.73
N MET X 559 78.47 64.55 -58.75
CA MET X 559 77.54 65.29 -57.90
C MET X 559 78.05 65.25 -56.47
N ILE X 560 78.44 66.40 -55.93
CA ILE X 560 78.94 66.51 -54.57
C ILE X 560 77.78 66.80 -53.64
N THR X 561 77.66 66.01 -52.57
CA THR X 561 76.60 66.26 -51.61
C THR X 561 76.97 67.40 -50.67
N ASP X 562 75.99 67.85 -49.91
CA ASP X 562 76.17 68.93 -48.95
C ASP X 562 75.56 68.50 -47.62
N GLU X 563 76.23 68.85 -46.53
CA GLU X 563 75.75 68.58 -45.19
C GLU X 563 75.44 69.88 -44.46
N GLU X 564 74.75 70.78 -45.15
CA GLU X 564 74.55 72.13 -44.63
C GLU X 564 73.52 72.15 -43.51
N GLU X 565 72.71 71.11 -43.39
CA GLU X 565 71.62 71.13 -42.43
C GLU X 565 72.07 70.84 -41.00
N ILE X 566 73.27 70.29 -40.82
CA ILE X 566 73.72 69.90 -39.49
C ILE X 566 74.72 70.91 -38.93
N LYS X 567 74.73 72.14 -39.46
CA LYS X 567 75.52 73.21 -38.86
C LYS X 567 75.01 73.58 -37.48
N ALA X 568 73.78 73.22 -37.14
CA ALA X 568 73.21 73.60 -35.86
C ALA X 568 73.89 72.90 -34.70
N THR X 569 74.42 71.70 -34.92
CA THR X 569 75.02 70.91 -33.85
C THR X 569 76.42 70.39 -34.16
N ASN X 570 76.84 70.35 -35.41
CA ASN X 570 78.10 69.75 -35.79
C ASN X 570 79.10 70.81 -36.22
N PRO X 571 80.38 70.62 -35.92
CA PRO X 571 81.40 71.55 -36.40
C PRO X 571 81.52 71.48 -37.92
N VAL X 572 81.99 72.58 -38.51
CA VAL X 572 82.26 72.60 -39.94
C VAL X 572 83.49 71.76 -40.22
N ALA X 573 83.40 70.94 -41.27
CA ALA X 573 84.41 69.92 -41.53
C ALA X 573 85.79 70.48 -41.80
N THR X 574 85.87 71.69 -42.35
CA THR X 574 87.15 72.25 -42.77
C THR X 574 87.76 73.21 -41.75
N GLU X 575 87.14 73.38 -40.60
CA GLU X 575 87.64 74.30 -39.59
C GLU X 575 87.84 73.59 -38.26
N ARG X 576 88.60 74.25 -37.39
CA ARG X 576 88.96 73.67 -36.11
C ARG X 576 87.73 73.51 -35.23
N PHE X 577 87.81 72.57 -34.29
CA PHE X 577 86.78 72.46 -33.27
C PHE X 577 86.74 73.72 -32.42
N GLY X 578 87.91 74.25 -32.08
CA GLY X 578 87.99 75.43 -31.25
C GLY X 578 89.42 75.65 -30.81
N THR X 579 89.57 76.49 -29.80
CA THR X 579 90.87 76.78 -29.22
C THR X 579 90.92 76.26 -27.79
N VAL X 580 92.14 76.05 -27.32
CA VAL X 580 92.39 75.53 -25.99
C VAL X 580 93.58 76.28 -25.40
N ALA X 581 93.54 76.50 -24.09
CA ALA X 581 94.69 77.09 -23.41
C ALA X 581 95.84 76.11 -23.40
N VAL X 582 97.06 76.62 -23.60
CA VAL X 582 98.23 75.76 -23.70
C VAL X 582 99.35 76.14 -22.75
N ASN X 583 99.14 77.12 -21.88
CA ASN X 583 100.18 77.53 -20.93
C ASN X 583 99.52 78.13 -19.70
N PHE X 584 100.34 78.67 -18.81
CA PHE X 584 99.88 79.41 -17.64
C PHE X 584 100.22 80.88 -17.85
N GLN X 585 99.20 81.74 -17.85
CA GLN X 585 99.45 83.17 -17.90
C GLN X 585 99.90 83.67 -16.53
N SER X 586 100.80 84.63 -16.54
CA SER X 586 101.31 85.19 -15.29
C SER X 586 101.85 86.59 -15.57
N SER X 587 102.03 87.35 -14.50
CA SER X 587 102.62 88.68 -14.57
C SER X 587 104.10 88.62 -14.21
N SER X 588 104.81 89.67 -14.57
CA SER X 588 106.23 89.77 -14.24
C SER X 588 106.42 89.98 -12.74
N THR X 589 107.51 89.43 -12.22
CA THR X 589 107.82 89.56 -10.80
C THR X 589 109.30 89.83 -10.59
N VAL X 592 110.30 86.50 -10.39
CA VAL X 592 110.35 85.87 -11.70
C VAL X 592 110.01 86.90 -12.77
N PRO X 593 111.00 87.67 -13.20
CA PRO X 593 110.74 88.75 -14.16
C PRO X 593 110.61 88.26 -15.59
N PHE X 594 109.87 87.17 -15.78
CA PHE X 594 109.59 86.62 -17.11
C PHE X 594 108.08 86.52 -17.25
N LYS X 595 107.48 87.61 -17.72
CA LYS X 595 106.03 87.65 -17.93
C LYS X 595 105.61 86.64 -18.98
N THR X 596 104.52 85.92 -18.71
CA THR X 596 104.01 84.90 -19.61
C THR X 596 102.64 85.33 -20.12
N ASP X 597 102.55 85.64 -21.40
CA ASP X 597 101.27 85.93 -22.00
C ASP X 597 100.46 84.65 -22.14
N PRO X 598 99.13 84.74 -21.99
CA PRO X 598 98.29 83.56 -22.25
C PRO X 598 98.39 83.12 -23.70
N ALA X 599 98.35 81.82 -23.92
CA ALA X 599 98.50 81.25 -25.25
C ALA X 599 97.44 80.19 -25.50
N THR X 600 96.87 80.23 -26.69
CA THR X 600 95.88 79.26 -27.12
C THR X 600 96.37 78.54 -28.36
N GLY X 601 95.88 77.33 -28.53
CA GLY X 601 96.17 76.55 -29.72
C GLY X 601 94.88 76.01 -30.32
N ASP X 602 94.89 75.87 -31.63
CA ASP X 602 93.74 75.36 -32.35
C ASP X 602 93.60 73.86 -32.14
N VAL X 603 92.36 73.42 -31.96
CA VAL X 603 92.04 72.01 -31.74
C VAL X 603 91.46 71.48 -33.05
N HIS X 604 92.23 70.65 -33.74
CA HIS X 604 91.85 70.19 -35.07
C HIS X 604 91.12 68.86 -35.06
N ALA X 605 91.49 67.97 -34.14
CA ALA X 605 90.80 66.71 -33.95
C ALA X 605 90.35 66.63 -32.50
N MET X 606 89.05 66.49 -32.28
CA MET X 606 88.48 66.44 -30.94
C MET X 606 87.66 65.17 -30.81
N GLY X 607 88.01 64.35 -29.84
CA GLY X 607 87.24 63.17 -29.52
C GLY X 607 86.03 63.52 -28.68
N ALA X 608 85.27 62.49 -28.34
CA ALA X 608 84.01 62.70 -27.63
C ALA X 608 84.26 63.20 -26.22
N LEU X 609 83.66 64.33 -25.88
CA LEU X 609 83.60 64.89 -24.55
C LEU X 609 82.18 64.75 -24.00
N PRO X 610 82.03 64.55 -22.69
CA PRO X 610 80.67 64.52 -22.12
C PRO X 610 80.00 65.87 -22.31
N GLY X 611 78.71 65.83 -22.62
CA GLY X 611 77.96 66.99 -23.00
C GLY X 611 77.91 67.25 -24.49
N MET X 612 78.64 66.49 -25.28
CA MET X 612 78.63 66.65 -26.73
C MET X 612 77.34 66.12 -27.33
N VAL X 613 76.82 66.83 -28.32
CA VAL X 613 75.65 66.40 -29.09
C VAL X 613 75.96 66.60 -30.56
N TRP X 614 75.46 65.69 -31.39
CA TRP X 614 75.75 65.76 -32.82
C TRP X 614 74.63 65.08 -33.59
N GLN X 615 74.61 65.35 -34.89
CA GLN X 615 73.77 64.63 -35.84
C GLN X 615 74.63 63.72 -36.70
N ASP X 616 74.03 62.63 -37.16
CA ASP X 616 74.71 61.70 -38.05
C ASP X 616 74.64 62.20 -39.48
N ARG X 617 75.35 61.52 -40.37
CA ARG X 617 75.31 61.86 -41.78
C ARG X 617 73.94 61.58 -42.37
N ASP X 618 73.57 62.36 -43.37
CA ASP X 618 72.31 62.17 -44.06
C ASP X 618 72.37 60.95 -44.98
N VAL X 619 71.20 60.38 -45.25
CA VAL X 619 71.07 59.33 -46.24
C VAL X 619 70.50 59.95 -47.51
N TYR X 620 70.81 59.33 -48.64
CA TYR X 620 70.41 59.84 -49.94
C TYR X 620 69.69 58.74 -50.71
N LEU X 621 68.91 59.15 -51.70
CA LEU X 621 68.21 58.18 -52.52
C LEU X 621 69.19 57.26 -53.26
N GLN X 622 70.36 57.78 -53.61
CA GLN X 622 71.39 57.01 -54.29
C GLN X 622 72.37 56.35 -53.33
N GLY X 623 72.20 56.53 -52.02
CA GLY X 623 73.18 56.09 -51.05
C GLY X 623 72.85 54.78 -50.39
N PRO X 624 73.77 54.28 -49.56
CA PRO X 624 73.54 53.00 -48.89
C PRO X 624 72.49 53.09 -47.79
N ILE X 625 71.88 51.96 -47.51
CA ILE X 625 70.86 51.86 -46.46
C ILE X 625 71.47 51.44 -45.14
N TRP X 626 72.23 50.35 -45.11
CA TRP X 626 72.72 49.78 -43.88
C TRP X 626 74.19 49.42 -44.01
N ALA X 627 74.76 49.01 -42.89
CA ALA X 627 76.11 48.47 -42.84
C ALA X 627 76.19 47.51 -41.67
N LYS X 628 76.94 46.43 -41.83
CA LYS X 628 77.20 45.53 -40.71
C LYS X 628 78.18 46.18 -39.74
N ILE X 629 77.81 46.22 -38.47
CA ILE X 629 78.72 46.69 -37.44
C ILE X 629 79.77 45.62 -37.18
N PRO X 630 81.06 45.95 -37.23
CA PRO X 630 82.09 44.93 -37.02
C PRO X 630 81.95 44.27 -35.66
N HIS X 631 82.20 42.96 -35.63
CA HIS X 631 82.10 42.19 -34.39
C HIS X 631 83.40 42.40 -33.61
N THR X 632 83.41 43.46 -32.81
CA THR X 632 84.55 43.85 -32.01
C THR X 632 84.14 43.95 -30.55
N ASP X 633 85.14 44.06 -29.68
CA ASP X 633 84.87 44.23 -28.26
C ASP X 633 84.19 45.57 -27.98
N GLY X 634 84.66 46.63 -28.62
CA GLY X 634 84.09 47.95 -28.38
C GLY X 634 83.84 48.67 -29.68
N HIS X 635 82.85 49.55 -29.62
CA HIS X 635 82.55 50.47 -30.70
C HIS X 635 81.79 51.65 -30.12
N PHE X 636 82.07 52.83 -30.63
CA PHE X 636 81.45 54.05 -30.14
C PHE X 636 80.48 54.56 -31.19
N HIS X 637 79.20 54.63 -30.82
CA HIS X 637 78.13 55.13 -31.68
C HIS X 637 78.16 54.45 -33.04
N PRO X 638 77.82 53.17 -33.12
CA PRO X 638 78.07 52.38 -34.34
C PRO X 638 77.13 52.72 -35.48
N SER X 639 77.13 53.99 -35.88
CA SER X 639 76.42 54.45 -37.05
C SER X 639 77.40 54.57 -38.21
N PRO X 640 77.11 53.96 -39.36
CA PRO X 640 78.09 53.95 -40.45
C PRO X 640 78.45 55.35 -40.90
N LEU X 641 79.71 55.54 -41.26
CA LEU X 641 80.18 56.88 -41.57
C LEU X 641 79.72 57.32 -42.96
N MET X 642 79.37 56.39 -43.84
CA MET X 642 78.74 56.76 -45.10
C MET X 642 77.29 57.14 -44.93
N GLY X 643 76.69 56.86 -43.79
CA GLY X 643 75.29 57.13 -43.56
C GLY X 643 74.47 55.86 -43.61
N GLY X 644 73.40 55.84 -42.85
CA GLY X 644 72.53 54.69 -42.83
C GLY X 644 72.38 54.07 -41.46
N PHE X 645 71.94 52.82 -41.44
CA PHE X 645 71.68 52.09 -40.21
C PHE X 645 72.80 51.07 -39.99
N GLY X 646 73.43 51.14 -38.83
CA GLY X 646 74.38 50.12 -38.45
C GLY X 646 73.67 48.97 -37.78
N LEU X 647 73.80 47.78 -38.34
CA LEU X 647 73.10 46.61 -37.82
C LEU X 647 74.12 45.56 -37.38
N LYS X 648 73.93 45.01 -36.19
CA LYS X 648 74.78 43.90 -35.75
C LYS X 648 74.51 42.66 -36.58
N ASN X 649 73.24 42.36 -36.85
CA ASN X 649 72.84 41.30 -37.77
C ASN X 649 72.15 41.96 -38.95
N PRO X 650 72.89 42.37 -39.98
CA PRO X 650 72.27 43.02 -41.12
C PRO X 650 71.56 42.00 -41.99
N PRO X 651 70.86 42.43 -43.03
CA PRO X 651 70.33 41.49 -43.99
C PRO X 651 71.44 40.63 -44.57
N PRO X 652 71.29 39.31 -44.53
CA PRO X 652 72.37 38.43 -44.94
C PRO X 652 72.61 38.47 -46.44
N GLN X 653 73.80 38.05 -46.82
CA GLN X 653 74.15 37.98 -48.23
C GLN X 653 73.48 36.79 -48.88
N ILE X 654 72.86 37.04 -50.03
CA ILE X 654 72.30 35.98 -50.86
C ILE X 654 73.30 35.70 -51.98
N LEU X 655 73.81 34.49 -52.02
CA LEU X 655 74.86 34.10 -52.95
C LEU X 655 74.30 33.09 -53.92
N ILE X 656 74.61 33.29 -55.20
CA ILE X 656 74.01 32.54 -56.29
C ILE X 656 75.10 32.19 -57.29
N LYS X 657 75.04 30.99 -57.84
CA LYS X 657 75.94 30.66 -58.92
C LYS X 657 75.31 29.59 -59.80
N ASN X 658 75.81 29.49 -61.02
CA ASN X 658 75.36 28.43 -61.92
C ASN X 658 76.09 27.14 -61.57
N THR X 659 75.35 26.05 -61.44
CA THR X 659 76.00 24.77 -61.20
C THR X 659 76.80 24.38 -62.44
N PRO X 660 78.07 24.02 -62.29
CA PRO X 660 78.87 23.66 -63.48
C PRO X 660 78.31 22.42 -64.16
N VAL X 661 78.28 22.47 -65.49
CA VAL X 661 77.89 21.33 -66.31
C VAL X 661 79.11 20.91 -67.11
N PRO X 662 79.72 19.77 -66.82
CA PRO X 662 80.92 19.35 -67.55
C PRO X 662 80.61 19.04 -69.01
N ALA X 663 81.62 19.25 -69.85
CA ALA X 663 81.55 18.85 -71.23
C ALA X 663 81.81 17.35 -71.35
N ASN X 664 82.02 16.89 -72.57
CA ASN X 664 82.18 15.46 -72.82
C ASN X 664 83.44 14.93 -72.14
N PRO X 665 83.33 13.96 -71.24
CA PRO X 665 84.51 13.41 -70.58
C PRO X 665 85.26 12.46 -71.50
N PRO X 666 86.52 12.17 -71.22
CA PRO X 666 87.27 11.20 -72.04
C PRO X 666 86.73 9.79 -71.89
N ALA X 667 87.05 8.95 -72.87
CA ALA X 667 86.64 7.55 -72.83
C ALA X 667 87.30 6.80 -71.70
N GLU X 668 88.58 7.06 -71.46
CA GLU X 668 89.33 6.48 -70.36
C GLU X 668 89.30 7.41 -69.14
N PHE X 669 89.38 6.82 -67.96
CA PHE X 669 89.29 7.57 -66.72
C PHE X 669 90.54 8.42 -66.50
N SER X 670 90.34 9.64 -66.03
CA SER X 670 91.41 10.54 -65.66
C SER X 670 91.06 11.18 -64.33
N ALA X 671 91.99 11.13 -63.38
CA ALA X 671 91.75 11.71 -62.07
C ALA X 671 91.97 13.22 -62.04
N THR X 672 92.55 13.78 -63.10
CA THR X 672 92.68 15.23 -63.20
C THR X 672 91.30 15.86 -63.16
N LYS X 673 91.16 16.91 -62.36
CA LYS X 673 89.86 17.54 -62.19
C LYS X 673 89.40 18.15 -63.50
N PHE X 674 88.07 18.21 -63.67
CA PHE X 674 87.48 18.69 -64.89
C PHE X 674 87.82 20.15 -65.12
N ALA X 675 88.19 20.49 -66.36
CA ALA X 675 88.44 21.87 -66.74
C ALA X 675 87.60 22.29 -67.93
N SER X 676 86.96 21.36 -68.61
CA SER X 676 86.11 21.63 -69.77
C SER X 676 84.66 21.62 -69.31
N PHE X 677 84.00 22.76 -69.43
CA PHE X 677 82.63 22.91 -68.98
C PHE X 677 81.77 23.45 -70.12
N ILE X 678 80.49 23.13 -70.05
CA ILE X 678 79.51 23.69 -70.97
C ILE X 678 79.25 25.13 -70.57
N THR X 679 79.43 26.05 -71.51
CA THR X 679 79.34 27.47 -71.21
C THR X 679 77.89 27.88 -71.08
N GLN X 680 77.52 28.45 -69.94
CA GLN X 680 76.14 28.83 -69.74
C GLN X 680 76.03 29.97 -68.75
N TYR X 681 74.89 30.64 -68.80
CA TYR X 681 74.55 31.69 -67.87
C TYR X 681 73.12 31.47 -67.43
N SER X 682 72.62 32.33 -66.53
CA SER X 682 71.24 32.23 -66.11
C SER X 682 70.64 33.63 -66.02
N THR X 683 69.32 33.68 -66.12
CA THR X 683 68.57 34.91 -66.00
C THR X 683 67.35 34.64 -65.14
N GLY X 684 66.79 35.70 -64.60
CA GLY X 684 65.61 35.51 -63.77
C GLY X 684 65.10 36.82 -63.22
N GLN X 685 64.16 36.71 -62.30
CA GLN X 685 63.55 37.85 -61.65
C GLN X 685 63.80 37.78 -60.16
N VAL X 686 64.05 38.93 -59.56
CA VAL X 686 64.29 39.05 -58.12
C VAL X 686 63.34 40.10 -57.56
N SER X 687 62.70 39.77 -56.44
CA SER X 687 61.79 40.68 -55.75
C SER X 687 62.31 40.93 -54.35
N VAL X 688 62.32 42.19 -53.94
CA VAL X 688 62.65 42.58 -52.57
C VAL X 688 61.52 43.46 -52.07
N GLU X 689 60.96 43.11 -50.92
CA GLU X 689 59.91 43.89 -50.27
C GLU X 689 60.39 44.29 -48.89
N ILE X 690 60.44 45.58 -48.62
CA ILE X 690 60.83 46.10 -47.31
C ILE X 690 59.67 46.87 -46.71
N GLU X 691 59.31 46.51 -45.49
CA GLU X 691 58.44 47.32 -44.65
C GLU X 691 59.30 48.26 -43.83
N TRP X 692 58.96 49.55 -43.87
CA TRP X 692 59.61 50.61 -43.13
C TRP X 692 58.62 51.24 -42.17
N GLU X 693 59.08 51.49 -40.95
CA GLU X 693 58.33 52.25 -39.96
C GLU X 693 58.65 53.73 -40.10
N LEU X 694 57.60 54.54 -40.07
CA LEU X 694 57.69 55.98 -40.20
C LEU X 694 57.50 56.65 -38.85
N GLN X 695 58.09 57.83 -38.72
CA GLN X 695 57.95 58.66 -37.54
C GLN X 695 57.47 60.00 -38.05
N LYS X 696 56.18 60.27 -37.84
CA LYS X 696 55.50 61.42 -38.39
C LYS X 696 55.92 62.70 -37.70
N GLU X 697 55.90 63.80 -38.45
CA GLU X 697 56.10 65.10 -37.86
C GLU X 697 54.93 65.44 -36.94
N ASN X 698 55.22 66.16 -35.86
CA ASN X 698 54.20 66.66 -34.95
C ASN X 698 54.42 68.14 -34.67
N SER X 699 54.78 68.88 -35.71
CA SER X 699 55.31 70.23 -35.53
C SER X 699 54.20 71.23 -35.27
N LYS X 700 54.53 72.25 -34.47
CA LYS X 700 53.67 73.39 -34.22
C LYS X 700 54.17 74.64 -34.91
N ARG X 701 55.08 74.48 -35.86
CA ARG X 701 55.63 75.60 -36.61
C ARG X 701 54.53 76.29 -37.42
N TRP X 702 54.57 77.62 -37.45
CA TRP X 702 53.52 78.38 -38.11
C TRP X 702 53.80 78.59 -39.59
N ASN X 703 54.99 79.07 -39.94
CA ASN X 703 55.33 79.34 -41.31
C ASN X 703 55.55 78.04 -42.08
N PRO X 704 55.41 78.07 -43.40
CA PRO X 704 55.59 76.84 -44.18
C PRO X 704 57.02 76.33 -44.15
N GLU X 705 57.14 75.01 -44.28
CA GLU X 705 58.43 74.33 -44.24
C GLU X 705 59.10 74.34 -45.60
N VAL X 706 60.38 74.07 -45.60
CA VAL X 706 61.13 73.81 -46.83
C VAL X 706 60.84 72.38 -47.26
N GLN X 707 60.47 72.21 -48.53
CA GLN X 707 60.15 70.91 -49.09
C GLN X 707 61.04 70.65 -50.29
N TYR X 708 61.29 69.38 -50.57
CA TYR X 708 61.92 69.04 -51.84
C TYR X 708 60.87 69.10 -52.93
N THR X 709 61.18 69.84 -53.99
CA THR X 709 60.21 70.05 -55.06
C THR X 709 60.89 69.91 -56.40
N SER X 710 60.10 69.53 -57.40
CA SER X 710 60.50 69.65 -58.78
C SER X 710 60.49 71.11 -59.20
N ASN X 711 61.40 71.46 -60.09
CA ASN X 711 61.41 72.81 -60.64
C ASN X 711 60.35 72.92 -61.72
N TYR X 712 59.51 73.95 -61.62
CA TYR X 712 58.52 74.25 -62.65
C TYR X 712 59.19 75.19 -63.64
N ALA X 713 59.44 74.69 -64.85
CA ALA X 713 60.04 75.50 -65.90
C ALA X 713 60.10 74.64 -67.15
N LYS X 714 60.03 75.30 -68.29
CA LYS X 714 60.23 74.56 -69.54
C LYS X 714 61.66 74.05 -69.59
N SER X 715 61.80 72.73 -69.68
CA SER X 715 63.09 72.08 -69.73
C SER X 715 63.07 71.05 -70.85
N ALA X 716 64.25 70.79 -71.41
CA ALA X 716 64.33 69.83 -72.51
C ALA X 716 63.95 68.43 -72.04
N ASN X 717 64.22 68.12 -70.77
CA ASN X 717 63.90 66.82 -70.19
C ASN X 717 63.19 67.01 -68.87
N VAL X 718 62.58 65.95 -68.39
CA VAL X 718 62.02 65.89 -67.05
C VAL X 718 63.03 65.21 -66.14
N ASP X 719 63.18 65.73 -64.92
CA ASP X 719 64.12 65.16 -63.98
C ASP X 719 63.69 63.77 -63.55
N PHE X 720 64.69 62.90 -63.35
CA PHE X 720 64.45 61.52 -62.92
C PHE X 720 63.61 60.75 -63.93
N THR X 721 63.94 60.91 -65.21
CA THR X 721 63.25 60.19 -66.27
C THR X 721 64.26 59.63 -67.25
N VAL X 722 63.78 59.11 -68.37
CA VAL X 722 64.63 58.63 -69.44
C VAL X 722 64.77 59.72 -70.47
N ASP X 723 65.82 59.65 -71.27
CA ASP X 723 66.00 60.57 -72.38
C ASP X 723 65.49 59.92 -73.66
N ASN X 724 65.74 60.54 -74.81
CA ASN X 724 65.30 59.97 -76.07
C ASN X 724 66.06 58.70 -76.43
N ASN X 725 67.19 58.44 -75.80
CA ASN X 725 67.92 57.20 -76.01
C ASN X 725 67.53 56.09 -75.06
N GLY X 726 66.68 56.37 -74.08
CA GLY X 726 66.25 55.37 -73.13
C GLY X 726 67.08 55.25 -71.89
N LEU X 727 67.93 56.23 -71.59
CA LEU X 727 68.85 56.16 -70.47
C LEU X 727 68.25 56.89 -69.27
N TYR X 728 68.02 56.15 -68.20
CA TYR X 728 67.53 56.74 -66.96
C TYR X 728 68.66 57.46 -66.25
N THR X 729 68.41 58.70 -65.83
CA THR X 729 69.40 59.52 -65.15
C THR X 729 68.77 60.14 -63.92
N GLU X 730 69.60 60.37 -62.90
CA GLU X 730 69.21 61.09 -61.71
C GLU X 730 69.97 62.41 -61.66
N PRO X 731 69.30 63.55 -61.84
CA PRO X 731 70.00 64.83 -61.96
C PRO X 731 70.79 65.26 -60.73
N ARG X 732 70.32 64.92 -59.54
CA ARG X 732 70.93 65.43 -58.32
C ARG X 732 70.74 64.40 -57.22
N PRO X 733 71.58 64.43 -56.19
CA PRO X 733 71.33 63.61 -55.00
C PRO X 733 70.34 64.30 -54.07
N ILE X 734 69.36 63.54 -53.58
CA ILE X 734 68.33 64.06 -52.69
C ILE X 734 68.57 63.51 -51.30
N GLY X 735 68.70 64.41 -50.32
CA GLY X 735 68.80 64.01 -48.93
C GLY X 735 67.44 63.84 -48.30
N THR X 736 67.42 63.90 -46.98
CA THR X 736 66.20 63.67 -46.21
C THR X 736 65.77 64.86 -45.37
N ARG X 737 66.69 65.75 -45.03
CA ARG X 737 66.46 66.75 -43.99
C ARG X 737 65.80 67.98 -44.60
N TYR X 738 64.47 67.99 -44.65
CA TYR X 738 63.74 69.13 -45.17
C TYR X 738 62.82 69.71 -44.10
N LEU X 739 62.05 68.86 -43.44
CA LEU X 739 61.28 69.29 -42.28
C LEU X 739 62.22 69.72 -41.18
N THR X 740 61.72 70.49 -40.22
CA THR X 740 62.53 70.95 -39.12
C THR X 740 61.87 70.61 -37.80
N ARG X 741 62.67 70.64 -36.74
CA ARG X 741 62.17 70.49 -35.39
C ARG X 741 63.07 71.28 -34.45
N PRO X 742 62.57 71.72 -33.31
CA PRO X 742 63.41 72.49 -32.38
C PRO X 742 64.48 71.62 -31.75
N LEU X 743 65.63 72.23 -31.47
CA LEU X 743 66.78 71.51 -30.97
C LEU X 743 66.61 71.12 -29.50
N ASP Y 219 60.57 13.62 -60.81
CA ASP Y 219 59.62 14.64 -60.38
C ASP Y 219 59.45 15.72 -61.45
N GLY Y 220 60.08 15.53 -62.60
CA GLY Y 220 59.91 16.41 -63.74
C GLY Y 220 61.22 16.93 -64.28
N VAL Y 221 61.14 17.48 -65.48
CA VAL Y 221 62.31 18.06 -66.14
C VAL Y 221 62.72 19.36 -65.46
N GLY Y 222 61.77 20.19 -65.08
CA GLY Y 222 62.10 21.52 -64.57
C GLY Y 222 62.09 21.64 -63.07
N ASN Y 223 62.18 20.53 -62.37
CA ASN Y 223 62.17 20.50 -60.91
C ASN Y 223 63.43 19.77 -60.44
N ALA Y 224 64.20 20.43 -59.58
CA ALA Y 224 65.41 19.82 -59.05
C ALA Y 224 65.06 18.71 -58.08
N SER Y 225 65.80 17.60 -58.15
CA SER Y 225 65.53 16.44 -57.31
C SER Y 225 66.38 16.41 -56.06
N GLY Y 226 67.17 17.44 -55.79
CA GLY Y 226 67.92 17.49 -54.55
C GLY Y 226 68.59 18.83 -54.41
N ASN Y 227 69.11 19.06 -53.21
CA ASN Y 227 69.78 20.30 -52.87
C ASN Y 227 71.24 20.01 -52.53
N TRP Y 228 72.03 21.07 -52.48
CA TRP Y 228 73.44 20.98 -52.13
C TRP Y 228 73.56 20.92 -50.62
N HIS Y 229 73.99 19.78 -50.10
CA HIS Y 229 74.17 19.57 -48.67
C HIS Y 229 75.63 19.30 -48.39
N CYS Y 230 76.39 20.34 -48.11
CA CYS Y 230 77.79 20.23 -47.76
C CYS Y 230 78.02 21.00 -46.46
N ASP Y 231 78.25 20.27 -45.38
CA ASP Y 231 78.22 20.87 -44.05
C ASP Y 231 78.98 19.96 -43.10
N SER Y 232 79.09 20.40 -41.85
CA SER Y 232 79.64 19.58 -40.78
C SER Y 232 79.06 20.06 -39.47
N THR Y 233 78.35 19.18 -38.78
CA THR Y 233 77.69 19.51 -37.53
C THR Y 233 78.36 18.75 -36.40
N TRP Y 234 78.78 19.47 -35.37
CA TRP Y 234 79.45 18.89 -34.23
C TRP Y 234 78.50 18.86 -33.04
N LEU Y 235 78.08 17.66 -32.65
CA LEU Y 235 77.31 17.49 -31.44
C LEU Y 235 78.28 17.14 -30.31
N GLY Y 236 77.75 16.72 -29.17
CA GLY Y 236 78.62 16.44 -28.04
C GLY Y 236 79.58 15.30 -28.30
N ASP Y 237 79.06 14.16 -28.75
CA ASP Y 237 79.89 13.00 -28.99
C ASP Y 237 79.80 12.49 -30.41
N ARG Y 238 79.08 13.18 -31.29
CA ARG Y 238 78.98 12.81 -32.69
C ARG Y 238 79.46 13.98 -33.53
N VAL Y 239 79.89 13.67 -34.74
CA VAL Y 239 80.06 14.68 -35.78
C VAL Y 239 79.44 14.13 -37.06
N ILE Y 240 78.62 14.94 -37.72
CA ILE Y 240 77.97 14.54 -38.96
C ILE Y 240 78.58 15.37 -40.08
N THR Y 241 79.21 14.71 -41.03
CA THR Y 241 79.84 15.36 -42.17
C THR Y 241 79.02 15.06 -43.43
N THR Y 242 78.63 16.12 -44.14
CA THR Y 242 77.92 16.00 -45.41
C THR Y 242 78.76 16.59 -46.52
N SER Y 243 78.79 15.92 -47.65
CA SER Y 243 79.58 16.36 -48.80
C SER Y 243 78.79 16.16 -50.07
N THR Y 244 78.64 17.22 -50.85
CA THR Y 244 78.04 17.16 -52.18
C THR Y 244 79.11 17.48 -53.21
N ARG Y 245 79.12 16.72 -54.29
CA ARG Y 245 80.05 16.91 -55.40
C ARG Y 245 79.31 16.78 -56.71
N THR Y 246 79.90 17.34 -57.76
CA THR Y 246 79.39 17.21 -59.11
C THR Y 246 80.23 16.19 -59.86
N TRP Y 247 79.56 15.20 -60.43
CA TRP Y 247 80.22 14.11 -61.13
C TRP Y 247 79.85 14.10 -62.60
N ALA Y 248 80.77 13.59 -63.40
CA ALA Y 248 80.57 13.29 -64.81
C ALA Y 248 80.87 11.83 -65.06
N LEU Y 249 79.94 11.13 -65.70
CA LEU Y 249 80.07 9.72 -66.01
C LEU Y 249 80.06 9.54 -67.53
N PRO Y 250 81.12 9.05 -68.13
CA PRO Y 250 81.11 8.79 -69.56
C PRO Y 250 80.59 7.41 -69.89
N THR Y 251 80.61 7.06 -71.17
CA THR Y 251 80.37 5.68 -71.59
C THR Y 251 81.69 4.95 -71.66
N TYR Y 252 81.78 3.84 -70.95
CA TYR Y 252 83.01 3.06 -70.86
C TYR Y 252 82.91 1.84 -71.75
N ASN Y 253 83.96 1.58 -72.53
CA ASN Y 253 84.11 0.37 -73.35
C ASN Y 253 83.11 0.29 -74.49
N ASN Y 254 82.42 1.38 -74.82
CA ASN Y 254 81.31 1.35 -75.77
C ASN Y 254 80.23 0.36 -75.33
N HIS Y 255 79.91 0.39 -74.03
CA HIS Y 255 78.87 -0.46 -73.43
C HIS Y 255 79.22 -1.95 -73.49
N LEU Y 256 80.52 -2.26 -73.54
CA LEU Y 256 80.96 -3.63 -73.71
C LEU Y 256 81.66 -4.13 -72.45
N TYR Y 257 81.54 -5.42 -72.20
CA TYR Y 257 82.34 -6.13 -71.23
C TYR Y 257 83.55 -6.69 -71.96
N LYS Y 258 84.75 -6.37 -71.50
CA LYS Y 258 85.96 -6.81 -72.17
C LYS Y 258 86.80 -7.63 -71.21
N GLN Y 259 87.43 -8.68 -71.73
CA GLN Y 259 88.34 -9.50 -70.96
C GLN Y 259 89.74 -8.92 -71.08
N ILE Y 260 90.36 -8.65 -69.94
CA ILE Y 260 91.68 -8.04 -69.91
C ILE Y 260 92.65 -8.99 -69.23
N SER Y 261 93.89 -8.99 -69.71
CA SER Y 261 94.95 -9.80 -69.12
C SER Y 261 96.28 -9.15 -69.43
N SER Y 262 97.37 -9.84 -69.08
CA SER Y 262 98.72 -9.33 -69.28
C SER Y 262 99.40 -9.95 -70.48
N ALA Y 263 98.67 -10.73 -71.28
CA ALA Y 263 99.29 -11.46 -72.39
C ALA Y 263 99.87 -10.51 -73.42
N SER Y 264 99.13 -9.47 -73.80
CA SER Y 264 99.68 -8.49 -74.72
C SER Y 264 100.70 -7.58 -74.05
N THR Y 265 100.55 -7.35 -72.75
CA THR Y 265 101.49 -6.50 -72.03
C THR Y 265 102.88 -7.13 -72.01
N GLY Y 266 102.95 -8.45 -71.90
CA GLY Y 266 104.25 -9.09 -71.79
C GLY Y 266 104.97 -8.78 -70.49
N ALA Y 267 104.25 -8.82 -69.37
CA ALA Y 267 104.80 -8.47 -68.08
C ALA Y 267 105.60 -9.62 -67.49
N SER Y 268 106.21 -9.38 -66.34
CA SER Y 268 106.91 -10.43 -65.62
C SER Y 268 105.92 -11.35 -64.94
N ASN Y 269 106.42 -12.49 -64.45
CA ASN Y 269 105.55 -13.46 -63.81
C ASN Y 269 104.85 -12.88 -62.58
N ASP Y 270 105.47 -11.90 -61.92
CA ASP Y 270 104.89 -11.29 -60.75
C ASP Y 270 103.74 -10.35 -61.08
N ASN Y 271 103.68 -9.84 -62.31
CA ASN Y 271 102.70 -8.84 -62.70
C ASN Y 271 101.61 -9.40 -63.61
N HIS Y 272 101.55 -10.71 -63.75
CA HIS Y 272 100.52 -11.33 -64.58
C HIS Y 272 99.16 -11.18 -63.93
N TYR Y 273 98.13 -11.01 -64.76
CA TYR Y 273 96.78 -10.90 -64.24
C TYR Y 273 95.78 -11.31 -65.31
N PHE Y 274 94.56 -11.60 -64.85
CA PHE Y 274 93.44 -11.91 -65.72
C PHE Y 274 92.20 -11.32 -65.07
N GLY Y 275 91.37 -10.65 -65.85
CA GLY Y 275 90.18 -10.06 -65.29
C GLY Y 275 89.26 -9.53 -66.34
N TYR Y 276 88.36 -8.65 -65.91
CA TYR Y 276 87.34 -8.10 -66.79
C TYR Y 276 87.18 -6.62 -66.54
N SER Y 277 86.88 -5.90 -67.63
CA SER Y 277 86.57 -4.48 -67.63
C SER Y 277 85.09 -4.34 -67.93
N THR Y 278 84.35 -3.67 -67.06
CA THR Y 278 82.93 -3.53 -67.32
C THR Y 278 82.62 -2.14 -67.85
N PRO Y 279 81.47 -1.94 -68.48
CA PRO Y 279 81.06 -0.58 -68.88
C PRO Y 279 80.53 0.28 -67.74
N TRP Y 280 80.57 -0.21 -66.50
CA TRP Y 280 80.05 0.51 -65.36
C TRP Y 280 81.14 1.36 -64.72
N GLY Y 281 80.72 2.44 -64.07
CA GLY Y 281 81.56 3.17 -63.14
C GLY Y 281 81.05 2.94 -61.73
N TYR Y 282 81.85 3.37 -60.77
CA TYR Y 282 81.46 3.21 -59.37
C TYR Y 282 81.74 4.50 -58.61
N PHE Y 283 81.02 4.67 -57.51
CA PHE Y 283 81.17 5.82 -56.65
C PHE Y 283 82.09 5.46 -55.48
N ASP Y 284 83.10 6.29 -55.26
CA ASP Y 284 84.09 6.08 -54.21
C ASP Y 284 84.17 7.30 -53.32
N PHE Y 285 84.00 7.08 -52.02
CA PHE Y 285 84.20 8.14 -51.04
C PHE Y 285 84.98 7.55 -49.86
N ASN Y 286 86.01 6.77 -50.16
CA ASN Y 286 86.80 6.08 -49.17
C ASN Y 286 88.10 6.80 -48.84
N ARG Y 287 88.06 8.13 -48.77
CA ARG Y 287 89.16 8.92 -48.24
C ARG Y 287 88.59 9.91 -47.24
N PHE Y 288 89.41 10.29 -46.27
CA PHE Y 288 88.91 11.12 -45.19
C PHE Y 288 88.64 12.55 -45.65
N HIS Y 289 89.36 13.04 -46.65
CA HIS Y 289 89.15 14.39 -47.12
C HIS Y 289 87.94 14.53 -48.03
N CYS Y 290 87.30 13.41 -48.41
CA CYS Y 290 86.00 13.50 -49.06
C CYS Y 290 84.93 13.95 -48.09
N HIS Y 291 85.19 13.90 -46.80
CA HIS Y 291 84.22 14.21 -45.77
C HIS Y 291 84.63 15.31 -44.82
N PHE Y 292 85.93 15.43 -44.52
CA PHE Y 292 86.41 16.43 -43.58
C PHE Y 292 87.16 17.52 -44.33
N SER Y 293 86.82 18.77 -44.04
CA SER Y 293 87.70 19.85 -44.41
C SER Y 293 88.93 19.80 -43.52
N PRO Y 294 90.04 20.44 -43.93
CA PRO Y 294 91.21 20.47 -43.05
C PRO Y 294 90.93 21.09 -41.69
N ARG Y 295 90.07 22.10 -41.63
CA ARG Y 295 89.68 22.67 -40.35
C ARG Y 295 88.92 21.66 -39.49
N ASP Y 296 88.00 20.91 -40.10
CA ASP Y 296 87.27 19.89 -39.35
C ASP Y 296 88.19 18.77 -38.90
N TRP Y 297 89.14 18.38 -39.74
CA TRP Y 297 90.12 17.37 -39.35
C TRP Y 297 90.95 17.83 -38.17
N GLN Y 298 91.40 19.08 -38.20
CA GLN Y 298 92.15 19.62 -37.07
C GLN Y 298 91.31 19.67 -35.81
N ARG Y 299 90.05 20.07 -35.94
CA ARG Y 299 89.14 20.09 -34.80
C ARG Y 299 88.96 18.70 -34.21
N LEU Y 300 88.87 17.69 -35.07
CA LEU Y 300 88.72 16.32 -34.60
C LEU Y 300 89.98 15.83 -33.89
N ILE Y 301 91.14 15.99 -34.53
CA ILE Y 301 92.35 15.37 -34.02
C ILE Y 301 92.96 16.12 -32.86
N ASN Y 302 92.64 17.40 -32.68
CA ASN Y 302 93.17 18.14 -31.55
C ASN Y 302 92.36 17.96 -30.28
N ASN Y 303 91.19 17.34 -30.38
CA ASN Y 303 90.26 17.30 -29.27
C ASN Y 303 89.75 15.92 -28.92
N ASN Y 304 89.90 14.94 -29.78
CA ASN Y 304 89.31 13.63 -29.55
C ASN Y 304 90.39 12.57 -29.39
N TRP Y 305 90.16 11.66 -28.44
CA TRP Y 305 91.04 10.51 -28.27
C TRP Y 305 90.75 9.41 -29.26
N GLY Y 306 89.57 9.38 -29.84
CA GLY Y 306 89.30 8.37 -30.85
C GLY Y 306 88.05 8.69 -31.63
N PHE Y 307 87.88 7.98 -32.73
CA PHE Y 307 86.66 8.18 -33.51
C PHE Y 307 86.36 6.96 -34.36
N ARG Y 308 85.12 6.84 -34.80
CA ARG Y 308 84.72 5.75 -35.67
C ARG Y 308 83.45 6.13 -36.41
N PRO Y 309 83.16 5.48 -37.53
CA PRO Y 309 81.91 5.78 -38.25
C PRO Y 309 80.73 4.96 -37.77
N LYS Y 310 79.59 5.64 -37.65
CA LYS Y 310 78.32 5.07 -37.22
C LYS Y 310 77.37 4.82 -38.37
N ARG Y 311 77.10 5.80 -39.21
CA ARG Y 311 76.13 5.54 -40.27
C ARG Y 311 76.38 6.46 -41.45
N LEU Y 312 75.78 6.12 -42.59
CA LEU Y 312 75.91 6.97 -43.76
C LEU Y 312 74.65 6.95 -44.60
N ASN Y 313 74.44 8.07 -45.29
CA ASN Y 313 73.40 8.26 -46.29
C ASN Y 313 74.06 8.65 -47.60
N PHE Y 314 73.57 8.07 -48.69
CA PHE Y 314 74.07 8.34 -50.03
C PHE Y 314 72.89 8.79 -50.87
N LYS Y 315 73.07 9.88 -51.61
CA LYS Y 315 72.04 10.39 -52.50
C LYS Y 315 72.66 10.74 -53.84
N LEU Y 316 71.91 10.48 -54.90
CA LEU Y 316 72.29 10.77 -56.27
C LEU Y 316 71.15 11.54 -56.90
N PHE Y 317 71.41 12.76 -57.36
CA PHE Y 317 70.30 13.62 -57.75
C PHE Y 317 70.75 14.55 -58.86
N ASN Y 318 69.76 15.16 -59.51
CA ASN Y 318 69.95 16.14 -60.59
C ASN Y 318 70.70 15.52 -61.76
N ILE Y 319 70.14 14.42 -62.26
CA ILE Y 319 70.75 13.69 -63.38
C ILE Y 319 70.51 14.45 -64.67
N GLN Y 320 71.55 14.62 -65.47
CA GLN Y 320 71.44 15.20 -66.80
C GLN Y 320 72.21 14.32 -67.77
N VAL Y 321 71.52 13.74 -68.73
CA VAL Y 321 72.14 12.98 -69.79
C VAL Y 321 72.35 13.90 -70.98
N LYS Y 322 73.56 13.91 -71.52
CA LYS Y 322 73.93 14.77 -72.62
C LYS Y 322 74.37 13.93 -73.81
N GLU Y 323 73.79 14.23 -74.96
CA GLU Y 323 74.15 13.65 -76.24
C GLU Y 323 75.24 14.47 -76.91
N VAL Y 324 76.23 13.79 -77.48
CA VAL Y 324 77.39 14.42 -78.11
C VAL Y 324 77.48 13.98 -79.56
N THR Y 325 77.60 14.94 -80.47
CA THR Y 325 77.84 14.67 -81.89
C THR Y 325 79.03 15.49 -82.37
N THR Y 326 80.03 14.84 -82.94
CA THR Y 326 81.18 15.54 -83.52
C THR Y 326 81.10 15.41 -85.04
N ASN Y 327 80.94 16.55 -85.71
CA ASN Y 327 80.90 16.62 -87.17
C ASN Y 327 81.90 17.66 -87.66
N ASP Y 328 82.72 17.26 -88.64
CA ASP Y 328 83.70 18.16 -89.25
C ASP Y 328 84.62 18.79 -88.21
N GLY Y 329 84.81 18.10 -87.09
CA GLY Y 329 85.68 18.57 -86.04
C GLY Y 329 85.00 19.40 -84.96
N VAL Y 330 83.77 19.84 -85.18
CA VAL Y 330 83.06 20.65 -84.19
C VAL Y 330 82.08 19.77 -83.44
N THR Y 331 81.96 20.00 -82.14
CA THR Y 331 81.21 19.14 -81.23
C THR Y 331 79.97 19.86 -80.74
N THR Y 332 78.83 19.19 -80.88
CA THR Y 332 77.55 19.67 -80.38
C THR Y 332 77.13 18.79 -79.20
N ILE Y 333 76.70 19.44 -78.12
CA ILE Y 333 76.16 18.76 -76.96
C ILE Y 333 74.73 19.21 -76.77
N ALA Y 334 73.83 18.25 -76.62
CA ALA Y 334 72.42 18.54 -76.39
C ALA Y 334 71.94 17.74 -75.18
N ASN Y 335 70.78 18.11 -74.68
CA ASN Y 335 70.16 17.36 -73.61
C ASN Y 335 69.36 16.19 -74.18
N ASN Y 336 69.49 15.04 -73.54
CA ASN Y 336 68.70 13.87 -73.88
C ASN Y 336 67.74 13.65 -72.71
N LEU Y 337 66.51 14.15 -72.86
CA LEU Y 337 65.59 14.17 -71.74
C LEU Y 337 65.01 12.80 -71.41
N THR Y 338 65.09 11.84 -72.32
CA THR Y 338 64.47 10.53 -72.13
C THR Y 338 65.47 9.42 -71.86
N SER Y 339 66.74 9.74 -71.68
CA SER Y 339 67.75 8.73 -71.41
C SER Y 339 67.85 8.47 -69.91
N THR Y 340 68.40 7.30 -69.57
CA THR Y 340 68.47 6.87 -68.19
C THR Y 340 69.90 6.52 -67.80
N VAL Y 341 70.16 6.61 -66.50
CA VAL Y 341 71.34 6.01 -65.88
C VAL Y 341 70.86 4.90 -64.96
N GLN Y 342 71.51 3.75 -65.05
CA GLN Y 342 71.24 2.64 -64.15
C GLN Y 342 72.16 2.74 -62.94
N VAL Y 343 71.59 2.64 -61.75
CA VAL Y 343 72.34 2.70 -60.50
C VAL Y 343 71.91 1.52 -59.64
N PHE Y 344 72.87 0.84 -59.03
CA PHE Y 344 72.52 -0.13 -58.01
C PHE Y 344 73.61 -0.19 -56.96
N SER Y 345 73.22 -0.61 -55.76
CA SER Y 345 74.12 -0.80 -54.65
C SER Y 345 74.30 -2.31 -54.44
N ASP Y 346 75.55 -2.74 -54.30
CA ASP Y 346 75.85 -4.16 -54.13
C ASP Y 346 75.83 -4.48 -52.64
N SER Y 347 74.62 -4.50 -52.09
CA SER Y 347 74.42 -4.61 -50.64
C SER Y 347 74.71 -5.99 -50.09
N GLU Y 348 74.71 -7.02 -50.94
CA GLU Y 348 74.98 -8.39 -50.50
C GLU Y 348 76.40 -8.81 -50.80
N TYR Y 349 77.25 -7.91 -51.28
CA TYR Y 349 78.67 -8.17 -51.52
C TYR Y 349 78.86 -9.39 -52.42
N GLN Y 350 78.07 -9.42 -53.49
CA GLN Y 350 78.15 -10.49 -54.47
C GLN Y 350 79.15 -10.22 -55.58
N LEU Y 351 79.71 -9.03 -55.62
CA LEU Y 351 80.68 -8.59 -56.60
C LEU Y 351 82.06 -8.51 -55.97
N PRO Y 352 83.11 -8.59 -56.78
CA PRO Y 352 84.44 -8.30 -56.25
C PRO Y 352 84.52 -6.87 -55.72
N TYR Y 353 85.08 -6.73 -54.53
CA TYR Y 353 85.17 -5.43 -53.86
C TYR Y 353 86.47 -4.77 -54.27
N VAL Y 354 86.40 -3.78 -55.16
CA VAL Y 354 87.61 -3.10 -55.59
C VAL Y 354 87.88 -1.84 -54.80
N LEU Y 355 86.93 -1.42 -53.96
CA LEU Y 355 87.22 -0.36 -53.00
C LEU Y 355 88.19 -0.90 -51.95
N GLY Y 356 88.84 0.00 -51.24
CA GLY Y 356 89.80 -0.44 -50.26
C GLY Y 356 91.14 -0.84 -50.82
N SER Y 357 91.42 -0.53 -52.07
CA SER Y 357 92.74 -0.70 -52.66
C SER Y 357 93.43 0.61 -52.93
N ALA Y 358 92.91 1.71 -52.38
CA ALA Y 358 93.51 3.05 -52.47
C ALA Y 358 93.61 3.52 -53.92
N HIS Y 359 92.49 3.50 -54.63
CA HIS Y 359 92.45 3.89 -56.02
C HIS Y 359 92.00 5.34 -56.17
N GLN Y 360 92.39 5.93 -57.29
CA GLN Y 360 91.89 7.24 -57.66
C GLN Y 360 90.42 7.18 -58.05
N GLY Y 361 89.77 8.33 -58.06
CA GLY Y 361 88.38 8.38 -58.44
C GLY Y 361 87.42 8.69 -57.31
N CYS Y 362 87.94 8.96 -56.12
CA CYS Y 362 87.11 9.37 -55.01
C CYS Y 362 86.54 10.77 -55.25
N LEU Y 363 85.62 11.17 -54.39
CA LEU Y 363 85.18 12.56 -54.40
C LEU Y 363 86.37 13.46 -54.11
N PRO Y 364 86.54 14.55 -54.84
CA PRO Y 364 87.68 15.44 -54.62
C PRO Y 364 87.62 16.09 -53.24
N PRO Y 365 88.77 16.43 -52.66
CA PRO Y 365 88.74 17.08 -51.34
C PRO Y 365 88.04 18.42 -51.36
N PHE Y 366 88.19 19.20 -52.41
CA PHE Y 366 87.59 20.52 -52.49
C PHE Y 366 86.17 20.41 -53.04
N PRO Y 367 85.17 20.96 -52.33
CA PRO Y 367 83.77 20.80 -52.77
C PRO Y 367 83.46 21.45 -54.10
N ALA Y 368 84.28 22.36 -54.58
CA ALA Y 368 84.03 23.01 -55.86
C ALA Y 368 84.49 22.19 -57.05
N ASP Y 369 85.20 21.10 -56.83
CA ASP Y 369 85.78 20.34 -57.93
C ASP Y 369 84.78 19.35 -58.51
N VAL Y 370 84.81 19.23 -59.83
CA VAL Y 370 83.96 18.31 -60.57
C VAL Y 370 84.80 17.10 -60.94
N PHE Y 371 84.30 15.90 -60.64
CA PHE Y 371 85.11 14.71 -60.80
C PHE Y 371 84.48 13.72 -61.77
N MET Y 372 85.34 13.01 -62.46
CA MET Y 372 84.95 11.94 -63.38
C MET Y 372 84.81 10.65 -62.61
N ILE Y 373 83.81 9.87 -62.96
CA ILE Y 373 83.54 8.62 -62.24
C ILE Y 373 84.44 7.51 -62.80
N PRO Y 374 85.17 6.80 -61.95
CA PRO Y 374 86.09 5.77 -62.43
C PRO Y 374 85.38 4.52 -62.94
N GLN Y 375 86.03 3.83 -63.87
CA GLN Y 375 85.46 2.63 -64.47
C GLN Y 375 85.60 1.44 -63.54
N TYR Y 376 84.61 0.56 -63.56
CA TYR Y 376 84.65 -0.65 -62.76
C TYR Y 376 85.31 -1.78 -63.53
N GLY Y 377 86.20 -2.48 -62.86
CA GLY Y 377 86.81 -3.67 -63.41
C GLY Y 377 87.31 -4.50 -62.24
N TYR Y 378 87.49 -5.78 -62.49
CA TYR Y 378 87.93 -6.67 -61.44
C TYR Y 378 88.92 -7.68 -62.01
N LEU Y 379 89.62 -8.35 -61.11
CA LEU Y 379 90.52 -9.42 -61.45
C LEU Y 379 89.97 -10.72 -60.88
N THR Y 380 90.30 -11.83 -61.54
CA THR Y 380 89.89 -13.14 -61.08
C THR Y 380 91.10 -14.04 -61.06
N LEU Y 381 90.89 -15.30 -60.69
CA LEU Y 381 92.00 -16.25 -60.61
C LEU Y 381 92.71 -16.36 -61.95
N ASN Y 382 94.03 -16.32 -61.90
CA ASN Y 382 94.82 -16.40 -63.12
C ASN Y 382 95.98 -17.37 -62.92
N ASN Y 383 96.35 -18.03 -64.02
CA ASN Y 383 97.52 -18.90 -64.10
C ASN Y 383 98.44 -18.29 -65.14
N GLY Y 384 99.25 -17.33 -64.71
CA GLY Y 384 99.96 -16.51 -65.68
C GLY Y 384 99.03 -15.48 -66.24
N SER Y 385 99.00 -15.37 -67.57
CA SER Y 385 98.04 -14.51 -68.24
C SER Y 385 96.75 -15.25 -68.59
N GLN Y 386 96.62 -16.50 -68.19
CA GLN Y 386 95.47 -17.32 -68.51
C GLN Y 386 94.52 -17.39 -67.33
N ALA Y 387 93.33 -17.92 -67.58
CA ALA Y 387 92.33 -18.12 -66.55
C ALA Y 387 92.37 -19.58 -66.09
N VAL Y 388 91.51 -19.91 -65.14
CA VAL Y 388 91.31 -21.27 -64.68
C VAL Y 388 89.82 -21.57 -64.71
N GLY Y 389 89.47 -22.79 -64.30
CA GLY Y 389 88.06 -23.16 -64.26
C GLY Y 389 87.28 -22.39 -63.22
N ARG Y 390 87.92 -22.06 -62.10
CA ARG Y 390 87.27 -21.35 -61.00
C ARG Y 390 87.34 -19.85 -61.15
N SER Y 391 87.90 -19.36 -62.25
CA SER Y 391 87.83 -17.94 -62.55
C SER Y 391 86.39 -17.53 -62.78
N SER Y 392 85.97 -16.46 -62.12
CA SER Y 392 84.59 -16.02 -62.17
C SER Y 392 84.42 -14.89 -63.18
N PHE Y 393 83.22 -14.79 -63.71
CA PHE Y 393 82.80 -13.69 -64.55
C PHE Y 393 81.49 -13.16 -63.98
N TYR Y 394 81.37 -11.84 -63.91
CA TYR Y 394 80.20 -11.20 -63.36
C TYR Y 394 79.63 -10.24 -64.39
N CYS Y 395 78.40 -10.50 -64.83
CA CYS Y 395 77.64 -9.50 -65.56
C CYS Y 395 76.94 -8.61 -64.55
N LEU Y 396 77.21 -7.32 -64.60
CA LEU Y 396 76.57 -6.39 -63.68
C LEU Y 396 75.16 -6.03 -64.11
N GLU Y 397 74.78 -6.33 -65.36
CA GLU Y 397 73.40 -6.22 -65.77
C GLU Y 397 72.54 -7.34 -65.21
N TYR Y 398 73.15 -8.36 -64.62
CA TYR Y 398 72.45 -9.43 -63.95
C TYR Y 398 72.03 -9.07 -62.54
N PHE Y 399 71.98 -7.77 -62.22
CA PHE Y 399 71.52 -7.25 -60.97
C PHE Y 399 70.28 -6.39 -61.19
N PRO Y 400 69.40 -6.27 -60.19
CA PRO Y 400 68.34 -5.26 -60.27
C PRO Y 400 68.93 -3.86 -60.12
N SER Y 401 68.67 -3.01 -61.10
CA SER Y 401 69.13 -1.64 -61.10
C SER Y 401 67.93 -0.71 -61.07
N GLN Y 402 68.12 0.47 -60.49
CA GLN Y 402 67.15 1.54 -60.61
C GLN Y 402 67.54 2.39 -61.81
N MET Y 403 66.58 2.60 -62.70
CA MET Y 403 66.77 3.44 -63.88
C MET Y 403 66.29 4.84 -63.57
N LEU Y 404 67.16 5.82 -63.79
CA LEU Y 404 66.91 7.20 -63.42
C LEU Y 404 66.88 8.05 -64.67
N ARG Y 405 65.76 8.71 -64.90
CA ARG Y 405 65.69 9.78 -65.89
C ARG Y 405 66.04 11.10 -65.20
N THR Y 406 65.90 12.20 -65.92
CA THR Y 406 66.41 13.47 -65.39
C THR Y 406 65.64 13.98 -64.19
N GLY Y 407 64.46 13.42 -63.90
CA GLY Y 407 63.70 13.87 -62.76
C GLY Y 407 63.76 12.96 -61.56
N ASN Y 408 64.53 11.88 -61.66
CA ASN Y 408 64.61 10.88 -60.61
C ASN Y 408 65.87 11.05 -59.76
N ASN Y 409 65.81 10.53 -58.55
CA ASN Y 409 66.97 10.46 -57.67
C ASN Y 409 67.09 9.07 -57.07
N PHE Y 410 68.20 8.85 -56.39
CA PHE Y 410 68.57 7.56 -55.82
C PHE Y 410 69.03 7.78 -54.39
N THR Y 411 68.51 7.02 -53.45
CA THR Y 411 68.92 7.15 -52.05
C THR Y 411 69.30 5.78 -51.51
N PHE Y 412 70.18 5.77 -50.51
CA PHE Y 412 70.63 4.52 -49.93
C PHE Y 412 71.21 4.80 -48.55
N SER Y 413 70.78 4.05 -47.55
CA SER Y 413 71.27 4.19 -46.20
C SER Y 413 72.08 2.97 -45.79
N TYR Y 414 73.05 3.17 -44.91
CA TYR Y 414 73.91 2.10 -44.47
C TYR Y 414 74.31 2.34 -43.02
N THR Y 415 74.36 1.28 -42.23
CA THR Y 415 74.82 1.35 -40.85
C THR Y 415 76.12 0.58 -40.71
N PHE Y 416 77.12 1.22 -40.12
CA PHE Y 416 78.38 0.53 -39.86
C PHE Y 416 78.23 -0.45 -38.70
N GLU Y 417 78.96 -1.56 -38.81
CA GLU Y 417 79.07 -2.47 -37.68
C GLU Y 417 79.88 -1.83 -36.56
N GLU Y 418 79.79 -2.41 -35.37
CA GLU Y 418 80.51 -1.90 -34.22
C GLU Y 418 81.99 -2.21 -34.40
N VAL Y 419 82.73 -1.22 -34.89
CA VAL Y 419 84.16 -1.31 -35.12
C VAL Y 419 84.84 -0.60 -33.95
N PRO Y 420 86.05 -0.97 -33.57
CA PRO Y 420 86.75 -0.21 -32.52
C PRO Y 420 87.08 1.20 -32.97
N PHE Y 421 87.12 2.10 -31.99
CA PHE Y 421 87.55 3.46 -32.26
C PHE Y 421 88.98 3.46 -32.79
N HIS Y 422 89.22 4.26 -33.81
CA HIS Y 422 90.60 4.58 -34.17
C HIS Y 422 91.18 5.50 -33.12
N SER Y 423 92.46 5.27 -32.82
CA SER Y 423 93.19 5.94 -31.76
C SER Y 423 93.79 7.24 -32.27
N SER Y 424 93.20 8.37 -31.89
CA SER Y 424 93.74 9.68 -32.22
C SER Y 424 94.72 10.18 -31.18
N TYR Y 425 95.41 9.28 -30.49
CA TYR Y 425 96.32 9.64 -29.44
C TYR Y 425 97.66 8.96 -29.64
N ALA Y 426 98.69 9.56 -29.08
CA ALA Y 426 99.97 8.92 -28.80
C ALA Y 426 100.03 8.52 -27.33
N HIS Y 427 101.03 7.73 -26.99
CA HIS Y 427 101.25 7.31 -25.62
C HIS Y 427 102.29 8.20 -24.97
N SER Y 428 102.02 8.61 -23.74
CA SER Y 428 102.95 9.42 -22.96
C SER Y 428 104.03 8.59 -22.29
N GLN Y 429 103.90 7.27 -22.30
CA GLN Y 429 104.89 6.37 -21.74
C GLN Y 429 105.34 5.39 -22.80
N SER Y 430 106.56 4.89 -22.63
CA SER Y 430 107.07 3.82 -23.46
C SER Y 430 106.84 2.49 -22.76
N LEU Y 431 106.78 1.42 -23.55
CA LEU Y 431 106.43 0.11 -23.01
C LEU Y 431 107.52 -0.43 -22.10
N ASP Y 432 108.78 -0.08 -22.35
CA ASP Y 432 109.88 -0.51 -21.50
C ASP Y 432 110.16 0.48 -20.37
N ARG Y 433 109.25 1.40 -20.11
CA ARG Y 433 109.41 2.42 -19.08
C ARG Y 433 108.13 2.57 -18.28
N LEU Y 434 107.52 1.46 -17.90
CA LEU Y 434 106.24 1.46 -17.21
C LEU Y 434 106.38 1.29 -15.71
N MET Y 435 107.61 1.35 -15.20
CA MET Y 435 107.89 1.07 -13.80
C MET Y 435 107.91 2.34 -12.97
N ASN Y 436 107.86 2.16 -11.66
CA ASN Y 436 108.16 3.24 -10.74
C ASN Y 436 109.66 3.48 -10.74
N PRO Y 437 110.13 4.68 -11.08
CA PRO Y 437 111.57 4.94 -11.11
C PRO Y 437 112.21 5.17 -9.76
N LEU Y 438 111.47 5.03 -8.66
CA LEU Y 438 112.03 5.23 -7.33
C LEU Y 438 112.16 3.96 -6.52
N ILE Y 439 111.34 2.97 -6.79
CA ILE Y 439 111.26 1.76 -5.97
C ILE Y 439 111.95 0.63 -6.69
N ASP Y 440 112.62 -0.23 -5.93
CA ASP Y 440 113.22 -1.43 -6.47
C ASP Y 440 112.14 -2.49 -6.70
N GLN Y 441 112.54 -3.59 -7.31
CA GLN Y 441 111.68 -4.75 -7.49
C GLN Y 441 111.95 -5.78 -6.41
N TYR Y 442 111.04 -6.73 -6.27
CA TYR Y 442 111.30 -7.90 -5.45
C TYR Y 442 111.74 -9.09 -6.27
N LEU Y 443 111.94 -8.90 -7.58
CA LEU Y 443 112.39 -9.95 -8.47
C LEU Y 443 113.86 -9.81 -8.76
N TYR Y 444 114.57 -10.93 -8.78
CA TYR Y 444 116.00 -10.95 -9.04
C TYR Y 444 116.26 -11.45 -10.45
N TYR Y 445 117.41 -11.08 -10.98
CA TYR Y 445 117.85 -11.54 -12.29
C TYR Y 445 119.33 -11.90 -12.20
N LEU Y 446 119.76 -12.78 -13.10
CA LEU Y 446 121.17 -13.11 -13.17
C LEU Y 446 121.94 -11.93 -13.76
N ASN Y 447 122.85 -11.37 -12.97
CA ASN Y 447 123.57 -10.17 -13.36
C ASN Y 447 124.98 -10.46 -13.85
N ARG Y 448 125.70 -11.35 -13.17
CA ARG Y 448 127.07 -11.70 -13.54
C ARG Y 448 127.18 -13.21 -13.57
N THR Y 449 127.90 -13.73 -14.58
CA THR Y 449 128.37 -15.10 -14.56
C THR Y 449 129.88 -15.20 -14.39
N GLN Y 450 130.53 -14.08 -14.05
CA GLN Y 450 131.94 -14.05 -13.73
C GLN Y 450 132.13 -13.22 -12.46
N ASN Y 451 133.29 -13.38 -11.83
CA ASN Y 451 133.57 -12.66 -10.60
C ASN Y 451 133.71 -11.17 -10.89
N GLN Y 452 133.11 -10.35 -10.03
CA GLN Y 452 133.12 -8.90 -10.22
C GLN Y 452 134.47 -8.28 -9.92
N SER Y 453 135.27 -8.88 -9.04
CA SER Y 453 136.52 -8.26 -8.60
C SER Y 453 137.48 -8.07 -9.76
N GLY Y 454 137.65 -9.09 -10.60
CA GLY Y 454 138.51 -9.00 -11.76
C GLY Y 454 139.95 -9.39 -11.55
N SER Y 455 140.40 -9.51 -10.29
CA SER Y 455 141.76 -9.98 -10.04
C SER Y 455 141.95 -11.39 -10.56
N ALA Y 456 140.96 -12.24 -10.35
CA ALA Y 456 140.84 -13.52 -11.03
C ALA Y 456 139.70 -13.45 -12.02
N GLN Y 457 139.64 -14.43 -12.92
CA GLN Y 457 138.64 -14.49 -13.97
C GLN Y 457 137.72 -15.71 -13.79
N ASN Y 458 137.29 -15.96 -12.56
CA ASN Y 458 136.50 -17.15 -12.26
C ASN Y 458 135.03 -16.91 -12.57
N LYS Y 459 134.33 -18.00 -12.87
CA LYS Y 459 132.91 -17.92 -13.10
C LYS Y 459 132.17 -17.81 -11.78
N ASP Y 460 130.88 -17.45 -11.87
CA ASP Y 460 130.04 -17.32 -10.69
C ASP Y 460 128.58 -17.28 -11.13
N LEU Y 461 127.70 -17.11 -10.16
CA LEU Y 461 126.27 -16.92 -10.40
C LEU Y 461 125.82 -15.83 -9.43
N LEU Y 462 125.88 -14.59 -9.88
CA LEU Y 462 125.57 -13.43 -9.05
C LEU Y 462 124.25 -12.82 -9.52
N PHE Y 463 123.34 -12.60 -8.58
CA PHE Y 463 122.00 -12.13 -8.87
C PHE Y 463 121.79 -10.75 -8.29
N SER Y 464 121.15 -9.88 -9.07
CA SER Y 464 120.85 -8.53 -8.64
C SER Y 464 119.35 -8.33 -8.59
N ARG Y 465 118.95 -7.33 -7.81
CA ARG Y 465 117.56 -6.94 -7.70
C ARG Y 465 117.22 -5.90 -8.75
N GLY Y 466 116.02 -6.00 -9.31
CA GLY Y 466 115.55 -5.02 -10.26
C GLY Y 466 115.49 -3.64 -9.65
N SER Y 467 116.28 -2.72 -10.18
CA SER Y 467 116.46 -1.41 -9.61
C SER Y 467 116.30 -0.33 -10.69
N PRO Y 468 115.98 0.90 -10.30
CA PRO Y 468 115.88 1.97 -11.30
C PRO Y 468 117.20 2.31 -11.96
N ALA Y 469 118.33 1.90 -11.38
CA ALA Y 469 119.62 2.12 -12.05
C ALA Y 469 119.68 1.37 -13.38
N GLY Y 470 119.37 0.08 -13.36
CA GLY Y 470 119.26 -0.67 -14.60
C GLY Y 470 117.83 -0.99 -14.94
N MET Y 471 117.25 -0.23 -15.85
CA MET Y 471 115.86 -0.43 -16.26
C MET Y 471 115.74 -1.39 -17.43
N SER Y 472 116.83 -1.62 -18.16
CA SER Y 472 116.81 -2.51 -19.31
C SER Y 472 116.77 -3.98 -18.90
N VAL Y 473 117.22 -4.30 -17.69
CA VAL Y 473 117.30 -5.68 -17.24
C VAL Y 473 116.20 -6.04 -16.26
N GLN Y 474 115.31 -5.10 -15.94
CA GLN Y 474 114.20 -5.40 -15.05
C GLN Y 474 113.23 -6.36 -15.71
N PRO Y 475 112.72 -7.35 -14.98
CA PRO Y 475 111.60 -8.14 -15.48
C PRO Y 475 110.41 -7.25 -15.82
N LYS Y 476 109.74 -7.56 -16.92
CA LYS Y 476 108.60 -6.78 -17.39
C LYS Y 476 107.47 -7.71 -17.77
N ASN Y 477 106.29 -7.12 -18.00
CA ASN Y 477 105.07 -7.89 -18.18
C ASN Y 477 104.65 -8.02 -19.64
N TRP Y 478 105.13 -7.16 -20.53
CA TRP Y 478 104.63 -7.10 -21.89
C TRP Y 478 105.78 -7.04 -22.88
N LEU Y 479 105.46 -7.25 -24.15
CA LEU Y 479 106.40 -7.27 -25.24
C LEU Y 479 105.96 -6.30 -26.33
N PRO Y 480 106.89 -5.74 -27.09
CA PRO Y 480 106.51 -4.91 -28.24
C PRO Y 480 105.87 -5.75 -29.33
N GLY Y 481 105.06 -5.09 -30.15
CA GLY Y 481 104.32 -5.75 -31.20
C GLY Y 481 105.19 -6.49 -32.21
N PRO Y 482 104.54 -7.18 -33.13
CA PRO Y 482 105.29 -7.97 -34.12
C PRO Y 482 105.98 -7.07 -35.12
N CYS Y 483 107.00 -7.63 -35.77
CA CYS Y 483 107.79 -6.86 -36.73
C CYS Y 483 108.05 -7.69 -37.97
N TYR Y 484 108.31 -7.02 -39.07
CA TYR Y 484 108.76 -7.62 -40.32
C TYR Y 484 109.71 -6.63 -40.99
N ARG Y 485 111.00 -6.81 -40.77
CA ARG Y 485 111.98 -5.77 -41.02
C ARG Y 485 111.97 -5.30 -42.47
N GLN Y 486 112.10 -3.98 -42.65
CA GLN Y 486 112.19 -3.33 -43.94
C GLN Y 486 113.59 -2.80 -44.14
N GLN Y 487 113.89 -2.43 -45.38
CA GLN Y 487 115.18 -1.84 -45.72
C GLN Y 487 115.14 -0.35 -45.44
N ARG Y 488 116.27 0.18 -44.97
CA ARG Y 488 116.35 1.57 -44.51
C ARG Y 488 116.86 2.44 -45.66
N VAL Y 489 116.05 3.40 -46.07
CA VAL Y 489 116.41 4.32 -47.14
C VAL Y 489 116.51 5.72 -46.54
N SER Y 490 117.56 6.44 -46.91
CA SER Y 490 117.76 7.80 -46.45
C SER Y 490 117.10 8.78 -47.41
N LYS Y 491 116.41 9.78 -46.84
CA LYS Y 491 115.86 10.85 -47.65
C LYS Y 491 116.94 11.69 -48.31
N THR Y 492 118.16 11.65 -47.78
CA THR Y 492 119.32 12.25 -48.42
C THR Y 492 119.96 11.20 -49.32
N LYS Y 493 119.86 11.39 -50.63
CA LYS Y 493 120.17 10.31 -51.57
C LYS Y 493 121.65 9.92 -51.57
N THR Y 494 122.54 10.79 -51.10
CA THR Y 494 123.96 10.45 -51.13
C THR Y 494 124.34 9.35 -50.16
N ASP Y 495 123.55 9.13 -49.11
CA ASP Y 495 123.85 8.09 -48.14
C ASP Y 495 123.28 6.74 -48.50
N ASN Y 496 122.60 6.62 -49.63
CA ASN Y 496 122.05 5.35 -50.07
C ASN Y 496 123.04 4.62 -50.96
N ASN Y 497 122.93 3.30 -50.96
CA ASN Y 497 123.80 2.47 -51.78
C ASN Y 497 123.60 2.77 -53.25
N ASN Y 498 124.69 2.68 -54.02
CA ASN Y 498 124.62 2.95 -55.45
C ASN Y 498 124.17 1.69 -56.21
N SER Y 499 122.87 1.43 -56.10
CA SER Y 499 122.22 0.36 -56.83
C SER Y 499 120.72 0.62 -56.79
N ASN Y 500 119.96 -0.19 -57.52
CA ASN Y 500 118.51 0.00 -57.49
C ASN Y 500 117.89 -0.56 -56.23
N PHE Y 501 117.96 -1.87 -56.06
CA PHE Y 501 117.62 -2.58 -54.82
C PHE Y 501 116.22 -2.23 -54.28
N THR Y 502 115.39 -1.57 -55.09
CA THR Y 502 114.00 -1.39 -54.72
C THR Y 502 113.17 -2.64 -54.89
N TRP Y 503 113.64 -3.58 -55.68
CA TRP Y 503 112.98 -4.87 -55.81
C TRP Y 503 113.84 -6.01 -55.27
N THR Y 504 115.14 -5.98 -55.51
CA THR Y 504 115.99 -7.07 -55.04
C THR Y 504 116.23 -7.02 -53.54
N GLY Y 505 116.21 -5.83 -52.94
CA GLY Y 505 116.51 -5.71 -51.53
C GLY Y 505 115.31 -5.39 -50.68
N ALA Y 506 114.12 -5.74 -51.16
CA ALA Y 506 112.89 -5.34 -50.50
C ALA Y 506 112.19 -6.52 -49.85
N SER Y 507 111.46 -6.23 -48.77
CA SER Y 507 110.65 -7.23 -48.10
C SER Y 507 109.43 -7.54 -48.95
N LYS Y 508 109.29 -8.80 -49.34
CA LYS Y 508 108.17 -9.20 -50.18
C LYS Y 508 107.70 -10.57 -49.75
N TYR Y 509 106.49 -10.92 -50.15
CA TYR Y 509 105.92 -12.21 -49.81
C TYR Y 509 105.65 -13.02 -51.07
N ASN Y 510 105.66 -14.33 -50.89
CA ASN Y 510 105.48 -15.29 -51.97
C ASN Y 510 104.07 -15.84 -51.90
N LEU Y 511 103.34 -15.77 -53.02
CA LEU Y 511 101.97 -16.28 -53.09
C LEU Y 511 101.74 -16.89 -54.45
N ASN Y 512 101.56 -18.22 -54.48
CA ASN Y 512 101.32 -18.96 -55.72
C ASN Y 512 102.45 -18.75 -56.73
N GLY Y 513 103.66 -18.61 -56.22
CA GLY Y 513 104.83 -18.52 -57.07
C GLY Y 513 105.22 -17.14 -57.54
N ARG Y 514 104.43 -16.11 -57.23
CA ARG Y 514 104.77 -14.75 -57.62
C ARG Y 514 104.87 -13.87 -56.39
N GLU Y 515 105.88 -13.01 -56.40
CA GLU Y 515 106.25 -12.19 -55.26
C GLU Y 515 105.51 -10.85 -55.29
N SER Y 516 105.22 -10.34 -54.10
CA SER Y 516 104.51 -9.08 -53.95
C SER Y 516 105.17 -8.30 -52.84
N ILE Y 517 105.47 -7.03 -53.09
CA ILE Y 517 106.04 -6.17 -52.06
C ILE Y 517 105.03 -6.03 -50.93
N ILE Y 518 105.54 -6.01 -49.69
CA ILE Y 518 104.65 -5.93 -48.54
C ILE Y 518 103.88 -4.62 -48.55
N ASN Y 519 104.57 -3.49 -48.39
CA ASN Y 519 104.03 -2.17 -48.69
C ASN Y 519 102.62 -1.90 -48.17
N PRO Y 520 102.46 -1.53 -46.90
CA PRO Y 520 103.48 -1.20 -45.91
C PRO Y 520 103.63 -2.24 -44.81
N GLY Y 521 102.70 -3.18 -44.76
CA GLY Y 521 102.84 -4.29 -43.83
C GLY Y 521 102.60 -3.88 -42.40
N THR Y 522 103.39 -4.48 -41.51
CA THR Y 522 103.21 -4.31 -40.08
C THR Y 522 103.36 -2.85 -39.69
N ALA Y 523 102.54 -2.43 -38.71
CA ALA Y 523 102.58 -1.06 -38.22
C ALA Y 523 103.79 -0.90 -37.32
N MET Y 524 104.84 -0.28 -37.82
CA MET Y 524 106.08 -0.09 -37.08
C MET Y 524 106.52 1.37 -37.19
N ALA Y 525 107.37 1.76 -36.26
CA ALA Y 525 107.92 3.11 -36.28
C ALA Y 525 108.80 3.30 -37.51
N SER Y 526 108.66 4.47 -38.14
CA SER Y 526 109.43 4.75 -39.34
C SER Y 526 110.93 4.82 -39.06
N HIS Y 527 111.31 5.40 -37.93
CA HIS Y 527 112.72 5.57 -37.60
C HIS Y 527 112.84 5.66 -36.08
N LYS Y 528 114.06 5.82 -35.61
CA LYS Y 528 114.35 6.02 -34.20
C LYS Y 528 114.33 7.51 -33.88
N ASP Y 529 114.77 7.85 -32.66
CA ASP Y 529 114.97 9.24 -32.31
C ASP Y 529 116.18 9.80 -33.04
N ASP Y 530 116.07 11.06 -33.46
CA ASP Y 530 117.16 11.77 -34.13
C ASP Y 530 117.58 11.08 -35.43
N GLU Y 531 116.63 10.44 -36.10
CA GLU Y 531 116.91 9.69 -37.33
C GLU Y 531 115.81 9.93 -38.36
N ASP Y 532 115.28 11.14 -38.40
CA ASP Y 532 114.18 11.47 -39.31
C ASP Y 532 114.58 11.40 -40.77
N LYS Y 533 115.87 11.34 -41.07
CA LYS Y 533 116.35 11.23 -42.45
C LYS Y 533 116.15 9.87 -43.06
N PHE Y 534 115.75 8.87 -42.28
CA PHE Y 534 115.58 7.51 -42.76
C PHE Y 534 114.11 7.13 -42.73
N PHE Y 535 113.70 6.34 -43.73
CA PHE Y 535 112.38 5.76 -43.77
C PHE Y 535 112.49 4.33 -44.30
N PRO Y 536 111.59 3.44 -43.89
CA PRO Y 536 111.57 2.10 -44.47
C PRO Y 536 111.21 2.15 -45.94
N MET Y 537 111.82 1.26 -46.72
CA MET Y 537 111.74 1.38 -48.17
C MET Y 537 110.30 1.26 -48.65
N SER Y 538 109.52 0.35 -48.07
CA SER Y 538 108.12 0.20 -48.43
C SER Y 538 107.28 0.07 -47.16
N GLY Y 539 107.58 0.88 -46.15
CA GLY Y 539 106.88 0.77 -44.89
C GLY Y 539 106.06 2.00 -44.55
N VAL Y 540 106.02 2.96 -45.45
CA VAL Y 540 105.37 4.24 -45.19
C VAL Y 540 104.37 4.51 -46.30
N MET Y 541 103.30 5.22 -45.94
CA MET Y 541 102.34 5.71 -46.91
C MET Y 541 102.87 6.98 -47.56
N ILE Y 542 102.97 6.98 -48.88
CA ILE Y 542 103.53 8.11 -49.62
C ILE Y 542 102.42 8.70 -50.46
N PHE Y 543 102.09 9.96 -50.21
CA PHE Y 543 101.11 10.69 -50.99
C PHE Y 543 101.83 11.62 -51.95
N GLY Y 544 101.32 11.71 -53.17
CA GLY Y 544 101.88 12.60 -54.15
C GLY Y 544 101.26 13.98 -54.06
N LYS Y 545 102.10 15.00 -54.20
CA LYS Y 545 101.58 16.35 -54.31
C LYS Y 545 101.02 16.56 -55.71
N GLU Y 546 100.25 17.64 -55.86
CA GLU Y 546 99.83 18.02 -57.20
C GLU Y 546 101.07 18.40 -58.00
N SER Y 547 101.01 18.13 -59.31
CA SER Y 547 102.18 18.21 -60.18
C SER Y 547 103.22 17.16 -59.81
N ALA Y 548 102.76 15.96 -59.49
CA ALA Y 548 103.64 14.80 -59.35
C ALA Y 548 103.34 13.84 -60.49
N GLY Y 549 104.39 13.38 -61.16
CA GLY Y 549 104.21 12.47 -62.27
C GLY Y 549 103.73 11.11 -61.82
N ALA Y 550 103.31 10.32 -62.80
CA ALA Y 550 102.84 8.96 -62.49
C ALA Y 550 104.00 8.03 -62.20
N SER Y 551 105.13 8.21 -62.88
CA SER Y 551 106.26 7.30 -62.76
C SER Y 551 107.55 8.08 -62.54
N ASN Y 552 108.37 7.60 -61.61
CA ASN Y 552 109.70 8.15 -61.35
C ASN Y 552 109.66 9.64 -61.05
N THR Y 553 108.68 10.07 -60.26
CA THR Y 553 108.64 11.44 -59.80
C THR Y 553 109.66 11.65 -58.69
N ALA Y 554 109.75 12.86 -58.17
CA ALA Y 554 110.81 13.21 -57.26
C ALA Y 554 110.34 13.23 -55.81
N LEU Y 555 111.33 13.07 -54.92
CA LEU Y 555 111.10 13.19 -53.49
C LEU Y 555 110.48 14.54 -53.15
N ASP Y 556 110.78 15.56 -53.94
CA ASP Y 556 110.16 16.87 -53.75
C ASP Y 556 108.69 16.84 -54.15
N ASN Y 557 108.31 15.92 -55.03
CA ASN Y 557 106.93 15.84 -55.47
C ASN Y 557 106.09 14.87 -54.66
N VAL Y 558 106.71 14.06 -53.80
CA VAL Y 558 105.93 13.17 -52.94
C VAL Y 558 106.01 13.64 -51.49
N MET Y 559 105.01 13.23 -50.70
CA MET Y 559 104.97 13.47 -49.27
C MET Y 559 105.04 12.13 -48.54
N ILE Y 560 106.12 11.91 -47.80
CA ILE Y 560 106.32 10.67 -47.06
C ILE Y 560 105.76 10.85 -45.65
N THR Y 561 104.92 9.93 -45.22
CA THR Y 561 104.38 10.00 -43.88
C THR Y 561 105.39 9.49 -42.86
N ASP Y 562 105.10 9.73 -41.59
CA ASP Y 562 105.94 9.31 -40.49
C ASP Y 562 105.06 8.63 -39.45
N GLU Y 563 105.58 7.56 -38.86
CA GLU Y 563 104.91 6.83 -37.79
C GLU Y 563 105.69 6.97 -36.49
N GLU Y 564 106.11 8.18 -36.18
CA GLU Y 564 107.01 8.40 -35.06
C GLU Y 564 106.31 8.28 -33.72
N GLU Y 565 104.97 8.35 -33.72
CA GLU Y 565 104.24 8.39 -32.46
C GLU Y 565 104.06 7.01 -31.84
N ILE Y 566 104.30 5.93 -32.60
CA ILE Y 566 104.07 4.59 -32.09
C ILE Y 566 105.39 3.91 -31.73
N LYS Y 567 106.45 4.69 -31.51
CA LYS Y 567 107.68 4.13 -30.97
C LYS Y 567 107.51 3.60 -29.56
N ALA Y 568 106.47 4.03 -28.85
CA ALA Y 568 106.28 3.63 -27.47
C ALA Y 568 105.94 2.15 -27.35
N THR Y 569 105.31 1.57 -28.36
CA THR Y 569 104.88 0.18 -28.31
C THR Y 569 105.31 -0.67 -29.49
N ASN Y 570 105.69 -0.07 -30.62
CA ASN Y 570 105.97 -0.81 -31.82
C ASN Y 570 107.46 -0.78 -32.13
N PRO Y 571 108.01 -1.86 -32.68
CA PRO Y 571 109.41 -1.85 -33.09
C PRO Y 571 109.63 -0.90 -34.26
N VAL Y 572 110.86 -0.41 -34.38
CA VAL Y 572 111.22 0.42 -35.51
C VAL Y 572 111.29 -0.45 -36.76
N ALA Y 573 110.72 0.07 -37.86
CA ALA Y 573 110.50 -0.74 -39.06
C ALA Y 573 111.80 -1.23 -39.69
N THR Y 574 112.89 -0.49 -39.53
CA THR Y 574 114.13 -0.80 -40.21
C THR Y 574 115.12 -1.58 -39.36
N GLU Y 575 114.75 -1.94 -38.13
CA GLU Y 575 115.64 -2.64 -37.24
C GLU Y 575 115.02 -3.94 -36.74
N ARG Y 576 115.87 -4.80 -36.21
CA ARG Y 576 115.45 -6.13 -35.78
C ARG Y 576 114.49 -6.02 -34.60
N PHE Y 577 113.65 -7.04 -34.44
CA PHE Y 577 112.84 -7.13 -33.23
C PHE Y 577 113.72 -7.28 -32.00
N GLY Y 578 114.77 -8.07 -32.12
CA GLY Y 578 115.66 -8.31 -31.00
C GLY Y 578 116.61 -9.44 -31.32
N THR Y 579 117.25 -9.95 -30.28
CA THR Y 579 118.15 -11.09 -30.40
C THR Y 579 117.57 -12.29 -29.68
N VAL Y 580 118.05 -13.46 -30.08
CA VAL Y 580 117.59 -14.72 -29.52
C VAL Y 580 118.79 -15.64 -29.37
N ALA Y 581 118.78 -16.45 -28.32
CA ALA Y 581 119.83 -17.44 -28.14
C ALA Y 581 119.71 -18.51 -29.21
N VAL Y 582 120.85 -18.98 -29.73
CA VAL Y 582 120.84 -19.93 -30.84
C VAL Y 582 121.66 -21.17 -30.55
N ASN Y 583 122.23 -21.32 -29.35
CA ASN Y 583 123.03 -22.49 -29.04
C ASN Y 583 122.97 -22.73 -27.53
N PHE Y 584 123.76 -23.70 -27.06
CA PHE Y 584 123.95 -23.97 -25.64
C PHE Y 584 125.35 -23.53 -25.26
N GLN Y 585 125.45 -22.61 -24.31
CA GLN Y 585 126.75 -22.24 -23.78
C GLN Y 585 127.23 -23.32 -22.80
N SER Y 586 128.54 -23.55 -22.81
CA SER Y 586 129.12 -24.56 -21.94
C SER Y 586 130.59 -24.23 -21.73
N SER Y 587 131.16 -24.83 -20.70
CA SER Y 587 132.58 -24.71 -20.41
C SER Y 587 133.34 -25.92 -20.95
N SER Y 588 134.65 -25.76 -21.06
CA SER Y 588 135.50 -26.86 -21.52
C SER Y 588 135.58 -27.95 -20.46
N THR Y 589 135.70 -29.18 -20.92
CA THR Y 589 135.80 -30.33 -20.03
C THR Y 589 136.85 -31.32 -20.50
N VAL Y 592 134.71 -33.22 -22.50
CA VAL Y 592 134.40 -32.54 -23.76
C VAL Y 592 135.17 -31.24 -23.84
N PRO Y 593 136.42 -31.31 -24.28
CA PRO Y 593 137.26 -30.11 -24.28
C PRO Y 593 136.98 -29.19 -25.47
N PHE Y 594 135.71 -28.96 -25.76
CA PHE Y 594 135.28 -28.05 -26.81
C PHE Y 594 134.35 -27.02 -26.16
N LYS Y 595 134.94 -25.94 -25.65
CA LYS Y 595 134.17 -24.87 -25.04
C LYS Y 595 133.24 -24.22 -26.05
N THR Y 596 132.00 -23.96 -25.64
CA THR Y 596 131.00 -23.34 -26.51
C THR Y 596 130.62 -21.98 -25.95
N ASP Y 597 130.99 -20.93 -26.66
CA ASP Y 597 130.57 -19.60 -26.28
C ASP Y 597 129.08 -19.43 -26.57
N PRO Y 598 128.37 -18.66 -25.74
CA PRO Y 598 126.97 -18.35 -26.06
C PRO Y 598 126.88 -17.55 -27.33
N ALA Y 599 125.82 -17.81 -28.10
CA ALA Y 599 125.63 -17.17 -29.40
C ALA Y 599 124.20 -16.68 -29.53
N THR Y 600 124.05 -15.48 -30.07
CA THR Y 600 122.76 -14.88 -30.31
C THR Y 600 122.62 -14.57 -31.80
N GLY Y 601 121.38 -14.54 -32.26
CA GLY Y 601 121.08 -14.16 -33.61
C GLY Y 601 119.98 -13.11 -33.63
N ASP Y 602 120.05 -12.25 -34.64
CA ASP Y 602 119.06 -11.20 -34.79
C ASP Y 602 117.74 -11.76 -35.30
N VAL Y 603 116.65 -11.26 -34.74
CA VAL Y 603 115.30 -11.67 -35.10
C VAL Y 603 114.72 -10.58 -35.98
N HIS Y 604 114.58 -10.86 -37.27
CA HIS Y 604 114.17 -9.85 -38.23
C HIS Y 604 112.67 -9.85 -38.50
N ALA Y 605 112.04 -11.02 -38.47
CA ALA Y 605 110.59 -11.14 -38.59
C ALA Y 605 110.10 -11.90 -37.37
N MET Y 606 109.21 -11.28 -36.61
CA MET Y 606 108.66 -11.86 -35.40
C MET Y 606 107.14 -11.87 -35.50
N GLY Y 607 106.55 -13.06 -35.39
CA GLY Y 607 105.11 -13.17 -35.34
C GLY Y 607 104.59 -12.88 -33.95
N ALA Y 608 103.28 -12.98 -33.81
CA ALA Y 608 102.63 -12.62 -32.57
C ALA Y 608 102.99 -13.59 -31.46
N LEU Y 609 103.51 -13.06 -30.36
CA LEU Y 609 103.75 -13.77 -29.12
C LEU Y 609 102.75 -13.31 -28.07
N PRO Y 610 102.32 -14.18 -27.17
CA PRO Y 610 101.46 -13.73 -26.08
C PRO Y 610 102.17 -12.72 -25.21
N GLY Y 611 101.43 -11.71 -24.77
CA GLY Y 611 101.99 -10.57 -24.08
C GLY Y 611 102.37 -9.42 -24.98
N MET Y 612 102.28 -9.58 -26.29
CA MET Y 612 102.60 -8.51 -27.22
C MET Y 612 101.49 -7.46 -27.24
N VAL Y 613 101.90 -6.20 -27.32
CA VAL Y 613 100.98 -5.07 -27.46
C VAL Y 613 101.52 -4.17 -28.56
N TRP Y 614 100.60 -3.58 -29.33
CA TRP Y 614 101.01 -2.74 -30.44
C TRP Y 614 99.93 -1.72 -30.75
N GLN Y 615 100.30 -0.71 -31.53
CA GLN Y 615 99.36 0.23 -32.11
C GLN Y 615 99.23 -0.02 -33.59
N ASP Y 616 98.07 0.32 -34.13
CA ASP Y 616 97.83 0.19 -35.56
C ASP Y 616 98.39 1.40 -36.29
N ARG Y 617 98.35 1.35 -37.62
CA ARG Y 617 98.81 2.47 -38.42
C ARG Y 617 97.86 3.65 -38.27
N ASP Y 618 98.41 4.85 -38.41
CA ASP Y 618 97.61 6.07 -38.33
C ASP Y 618 96.79 6.25 -39.59
N VAL Y 619 95.70 6.98 -39.45
CA VAL Y 619 94.90 7.41 -40.59
C VAL Y 619 95.23 8.86 -40.89
N TYR Y 620 95.06 9.25 -42.15
CA TYR Y 620 95.42 10.58 -42.61
C TYR Y 620 94.22 11.19 -43.32
N LEU Y 621 94.22 12.53 -43.40
CA LEU Y 621 93.14 13.20 -44.10
C LEU Y 621 93.07 12.78 -45.56
N GLN Y 622 94.20 12.48 -46.17
CA GLN Y 622 94.26 12.03 -47.56
C GLN Y 622 94.18 10.52 -47.70
N GLY Y 623 94.04 9.78 -46.60
CA GLY Y 623 94.13 8.34 -46.64
C GLY Y 623 92.80 7.64 -46.64
N PRO Y 624 92.82 6.32 -46.79
CA PRO Y 624 91.57 5.55 -46.82
C PRO Y 624 90.90 5.49 -45.46
N ILE Y 625 89.58 5.29 -45.49
CA ILE Y 625 88.79 5.17 -44.27
C ILE Y 625 88.63 3.72 -43.86
N TRP Y 626 88.18 2.86 -44.75
CA TRP Y 626 87.84 1.49 -44.42
C TRP Y 626 88.41 0.54 -45.46
N ALA Y 627 88.26 -0.75 -45.16
CA ALA Y 627 88.59 -1.81 -46.10
C ALA Y 627 87.72 -3.01 -45.76
N LYS Y 628 87.30 -3.74 -46.79
CA LYS Y 628 86.59 -4.99 -46.58
C LYS Y 628 87.54 -6.06 -46.09
N ILE Y 629 87.18 -6.70 -44.98
CA ILE Y 629 87.96 -7.84 -44.50
C ILE Y 629 87.67 -9.05 -45.38
N PRO Y 630 88.68 -9.71 -45.93
CA PRO Y 630 88.42 -10.85 -46.80
C PRO Y 630 87.64 -11.95 -46.10
N HIS Y 631 86.72 -12.55 -46.84
CA HIS Y 631 85.88 -13.62 -46.29
C HIS Y 631 86.68 -14.91 -46.31
N THR Y 632 87.44 -15.11 -45.24
CA THR Y 632 88.31 -16.26 -45.07
C THR Y 632 87.97 -16.99 -43.78
N ASP Y 633 88.52 -18.20 -43.64
CA ASP Y 633 88.32 -18.95 -42.41
C ASP Y 633 88.96 -18.27 -41.22
N GLY Y 634 90.17 -17.77 -41.40
CA GLY Y 634 90.87 -17.13 -40.31
C GLY Y 634 91.48 -15.81 -40.72
N HIS Y 635 91.61 -14.93 -39.74
CA HIS Y 635 92.33 -13.68 -39.92
C HIS Y 635 92.76 -13.21 -38.54
N PHE Y 636 93.94 -12.63 -38.46
CA PHE Y 636 94.50 -12.18 -37.20
C PHE Y 636 94.51 -10.65 -37.18
N HIS Y 637 93.76 -10.08 -36.23
CA HIS Y 637 93.66 -8.63 -36.04
C HIS Y 637 93.32 -7.94 -37.35
N PRO Y 638 92.09 -8.09 -37.84
CA PRO Y 638 91.76 -7.67 -39.22
C PRO Y 638 91.65 -6.16 -39.37
N SER Y 639 92.72 -5.46 -39.04
CA SER Y 639 92.84 -4.04 -39.27
C SER Y 639 93.64 -3.81 -40.53
N PRO Y 640 93.14 -3.03 -41.49
CA PRO Y 640 93.84 -2.89 -42.78
C PRO Y 640 95.24 -2.33 -42.59
N LEU Y 641 96.16 -2.81 -43.41
CA LEU Y 641 97.56 -2.43 -43.23
C LEU Y 641 97.83 -1.02 -43.74
N MET Y 642 96.99 -0.52 -44.64
CA MET Y 642 97.11 0.89 -45.02
C MET Y 642 96.54 1.83 -43.96
N GLY Y 643 95.84 1.31 -42.98
CA GLY Y 643 95.21 2.13 -41.97
C GLY Y 643 93.71 2.25 -42.20
N GLY Y 644 92.98 2.39 -41.11
CA GLY Y 644 91.54 2.54 -41.21
C GLY Y 644 90.78 1.46 -40.47
N PHE Y 645 89.52 1.31 -40.83
CA PHE Y 645 88.62 0.37 -40.18
C PHE Y 645 88.42 -0.83 -41.09
N GLY Y 646 88.68 -2.02 -40.57
CA GLY Y 646 88.35 -3.23 -41.30
C GLY Y 646 86.93 -3.63 -41.01
N LEU Y 647 86.11 -3.73 -42.05
CA LEU Y 647 84.70 -4.05 -41.90
C LEU Y 647 84.39 -5.35 -42.62
N LYS Y 648 83.67 -6.25 -41.95
CA LYS Y 648 83.21 -7.46 -42.62
C LYS Y 648 82.16 -7.14 -43.67
N ASN Y 649 81.23 -6.25 -43.35
CA ASN Y 649 80.27 -5.71 -44.30
C ASN Y 649 80.55 -4.23 -44.46
N PRO Y 650 81.45 -3.85 -45.35
CA PRO Y 650 81.77 -2.44 -45.53
C PRO Y 650 80.64 -1.73 -46.26
N PRO Y 651 80.73 -0.40 -46.43
CA PRO Y 651 79.79 0.29 -47.30
C PRO Y 651 79.81 -0.32 -48.69
N PRO Y 652 78.65 -0.69 -49.22
CA PRO Y 652 78.63 -1.39 -50.50
C PRO Y 652 78.98 -0.47 -51.66
N GLN Y 653 79.38 -1.09 -52.76
CA GLN Y 653 79.73 -0.37 -53.95
C GLN Y 653 78.46 0.12 -54.65
N ILE Y 654 78.44 1.39 -55.02
CA ILE Y 654 77.38 1.97 -55.83
C ILE Y 654 77.88 2.02 -57.26
N LEU Y 655 77.20 1.32 -58.15
CA LEU Y 655 77.62 1.18 -59.53
C LEU Y 655 76.60 1.87 -60.42
N ILE Y 656 77.11 2.63 -61.38
CA ILE Y 656 76.31 3.51 -62.20
C ILE Y 656 76.79 3.41 -63.63
N LYS Y 657 75.85 3.42 -64.58
CA LYS Y 657 76.25 3.49 -65.98
C LYS Y 657 75.14 4.15 -66.77
N ASN Y 658 75.50 4.65 -67.95
CA ASN Y 658 74.52 5.19 -68.86
C ASN Y 658 73.85 4.06 -69.62
N THR Y 659 72.53 4.07 -69.67
CA THR Y 659 71.84 3.06 -70.46
C THR Y 659 72.14 3.28 -71.94
N PRO Y 660 72.57 2.27 -72.67
CA PRO Y 660 72.90 2.47 -74.09
C PRO Y 660 71.67 2.88 -74.88
N VAL Y 661 71.85 3.84 -75.78
CA VAL Y 661 70.83 4.28 -76.71
C VAL Y 661 71.29 3.92 -78.11
N PRO Y 662 70.68 2.94 -78.77
CA PRO Y 662 71.14 2.55 -80.11
C PRO Y 662 70.90 3.65 -81.13
N ALA Y 663 71.76 3.68 -82.13
CA ALA Y 663 71.58 4.56 -83.27
C ALA Y 663 70.54 3.96 -84.22
N ASN Y 664 70.44 4.53 -85.41
CA ASN Y 664 69.42 4.12 -86.36
C ASN Y 664 69.62 2.67 -86.79
N PRO Y 665 68.66 1.79 -86.57
CA PRO Y 665 68.81 0.39 -86.99
C PRO Y 665 68.60 0.25 -88.49
N PRO Y 666 69.05 -0.86 -89.08
CA PRO Y 666 68.81 -1.07 -90.51
C PRO Y 666 67.35 -1.31 -90.81
N ALA Y 667 67.00 -1.12 -92.09
CA ALA Y 667 65.62 -1.35 -92.52
C ALA Y 667 65.24 -2.83 -92.44
N GLU Y 668 66.16 -3.71 -92.81
CA GLU Y 668 65.97 -5.14 -92.69
C GLU Y 668 66.55 -5.66 -91.37
N PHE Y 669 65.96 -6.74 -90.87
CA PHE Y 669 66.35 -7.29 -89.58
C PHE Y 669 67.72 -7.95 -89.66
N SER Y 670 68.53 -7.73 -88.63
CA SER Y 670 69.83 -8.36 -88.48
C SER Y 670 69.96 -8.86 -87.06
N ALA Y 671 70.34 -10.14 -86.90
CA ALA Y 671 70.50 -10.70 -85.57
C ALA Y 671 71.83 -10.34 -84.94
N THR Y 672 72.76 -9.78 -85.71
CA THR Y 672 74.01 -9.31 -85.14
C THR Y 672 73.73 -8.24 -84.09
N LYS Y 673 74.39 -8.36 -82.95
CA LYS Y 673 74.13 -7.44 -81.85
C LYS Y 673 74.53 -6.02 -82.23
N PHE Y 674 73.84 -5.07 -81.63
CA PHE Y 674 74.04 -3.67 -81.96
C PHE Y 674 75.44 -3.24 -81.59
N ALA Y 675 76.08 -2.48 -82.48
CA ALA Y 675 77.39 -1.91 -82.22
C ALA Y 675 77.41 -0.40 -82.41
N SER Y 676 76.37 0.16 -83.01
CA SER Y 676 76.26 1.59 -83.25
C SER Y 676 75.36 2.19 -82.19
N PHE Y 677 75.91 3.06 -81.37
CA PHE Y 677 75.17 3.68 -80.29
C PHE Y 677 75.27 5.19 -80.37
N ILE Y 678 74.27 5.84 -79.81
CA ILE Y 678 74.27 7.29 -79.69
C ILE Y 678 75.23 7.66 -78.56
N THR Y 679 76.20 8.52 -78.88
CA THR Y 679 77.26 8.85 -77.93
C THR Y 679 76.73 9.81 -76.88
N GLN Y 680 76.83 9.44 -75.62
CA GLN Y 680 76.31 10.30 -74.58
C GLN Y 680 77.04 10.06 -73.27
N TYR Y 681 76.94 11.05 -72.39
CA TYR Y 681 77.46 10.96 -71.04
C TYR Y 681 76.40 11.50 -70.10
N SER Y 682 76.69 11.47 -68.80
CA SER Y 682 75.76 12.01 -67.83
C SER Y 682 76.52 12.80 -66.77
N THR Y 683 75.81 13.72 -66.14
CA THR Y 683 76.36 14.52 -65.07
C THR Y 683 75.33 14.61 -63.96
N GLY Y 684 75.79 14.94 -62.77
CA GLY Y 684 74.84 15.04 -61.67
C GLY Y 684 75.54 15.42 -60.39
N GLN Y 685 74.78 15.34 -59.31
CA GLN Y 685 75.27 15.65 -57.98
C GLN Y 685 75.16 14.43 -57.09
N VAL Y 686 76.15 14.24 -56.23
CA VAL Y 686 76.20 13.13 -55.30
C VAL Y 686 76.43 13.70 -53.90
N SER Y 687 75.64 13.21 -52.93
CA SER Y 687 75.76 13.60 -51.53
C SER Y 687 76.07 12.38 -50.69
N VAL Y 688 77.05 12.52 -49.81
CA VAL Y 688 77.37 11.49 -48.82
C VAL Y 688 77.36 12.16 -47.45
N GLU Y 689 76.61 11.58 -46.52
CA GLU Y 689 76.54 12.05 -45.15
C GLU Y 689 76.96 10.93 -44.22
N ILE Y 690 78.00 11.14 -43.43
CA ILE Y 690 78.46 10.15 -42.47
C ILE Y 690 78.34 10.73 -41.08
N GLU Y 691 77.68 9.98 -40.19
CA GLU Y 691 77.72 10.22 -38.76
C GLU Y 691 78.87 9.42 -38.17
N TRP Y 692 79.72 10.11 -37.40
CA TRP Y 692 80.86 9.54 -36.70
C TRP Y 692 80.67 9.70 -35.21
N GLU Y 693 80.97 8.64 -34.46
CA GLU Y 693 81.02 8.67 -33.02
C GLU Y 693 82.41 9.08 -32.55
N LEU Y 694 82.46 9.99 -31.59
CA LEU Y 694 83.69 10.52 -31.04
C LEU Y 694 83.94 9.92 -29.66
N GLN Y 695 85.21 9.85 -29.31
CA GLN Y 695 85.65 9.39 -27.99
C GLN Y 695 86.52 10.51 -27.45
N LYS Y 696 85.97 11.27 -26.51
CA LYS Y 696 86.57 12.47 -25.98
C LYS Y 696 87.76 12.15 -25.09
N GLU Y 697 88.73 13.07 -25.08
CA GLU Y 697 89.83 12.97 -24.14
C GLU Y 697 89.30 13.18 -22.72
N ASN Y 698 89.90 12.48 -21.76
CA ASN Y 698 89.60 12.65 -20.34
C ASN Y 698 90.89 12.83 -19.54
N SER Y 699 91.84 13.58 -20.10
CA SER Y 699 93.19 13.57 -19.60
C SER Y 699 93.33 14.42 -18.35
N LYS Y 700 94.24 14.00 -17.46
CA LYS Y 700 94.62 14.76 -16.28
C LYS Y 700 96.01 15.35 -16.43
N ARG Y 701 96.54 15.38 -17.65
CA ARG Y 701 97.85 15.94 -17.91
C ARG Y 701 97.87 17.43 -17.58
N TRP Y 702 98.98 17.87 -16.98
CA TRP Y 702 99.08 19.24 -16.53
C TRP Y 702 99.60 20.18 -17.62
N ASN Y 703 100.71 19.82 -18.24
CA ASN Y 703 101.32 20.66 -19.26
C ASN Y 703 100.49 20.63 -20.54
N PRO Y 704 100.62 21.64 -21.39
CA PRO Y 704 99.83 21.66 -22.62
C PRO Y 704 100.24 20.56 -23.59
N GLU Y 705 99.27 20.13 -24.38
CA GLU Y 705 99.44 19.06 -25.35
C GLU Y 705 100.02 19.60 -26.65
N VAL Y 706 100.54 18.68 -27.45
CA VAL Y 706 100.92 18.99 -28.83
C VAL Y 706 99.66 18.99 -29.69
N GLN Y 707 99.48 20.05 -30.46
CA GLN Y 707 98.32 20.20 -31.32
C GLN Y 707 98.79 20.39 -32.76
N TYR Y 708 97.94 20.00 -33.70
CA TYR Y 708 98.18 20.36 -35.08
C TYR Y 708 97.78 21.81 -35.28
N THR Y 709 98.69 22.61 -35.83
CA THR Y 709 98.44 24.03 -35.97
C THR Y 709 98.90 24.51 -37.34
N SER Y 710 98.26 25.57 -37.82
CA SER Y 710 98.77 26.31 -38.94
C SER Y 710 100.00 27.11 -38.52
N ASN Y 711 100.93 27.28 -39.45
CA ASN Y 711 102.10 28.11 -39.18
C ASN Y 711 101.72 29.57 -39.35
N TYR Y 712 102.04 30.38 -38.34
CA TYR Y 712 101.85 31.83 -38.41
C TYR Y 712 103.13 32.41 -38.99
N ALA Y 713 103.03 32.92 -40.21
CA ALA Y 713 104.16 33.55 -40.87
C ALA Y 713 103.68 34.09 -42.20
N LYS Y 714 104.31 35.17 -42.66
CA LYS Y 714 104.00 35.66 -43.98
C LYS Y 714 104.42 34.61 -45.02
N SER Y 715 103.44 34.15 -45.79
CA SER Y 715 103.68 33.15 -46.82
C SER Y 715 102.98 33.59 -48.09
N ALA Y 716 103.52 33.16 -49.23
CA ALA Y 716 102.94 33.53 -50.50
C ALA Y 716 101.52 32.98 -50.65
N ASN Y 717 101.26 31.82 -50.05
CA ASN Y 717 99.96 31.18 -50.10
C ASN Y 717 99.53 30.77 -48.70
N VAL Y 718 98.25 30.46 -48.58
CA VAL Y 718 97.70 29.86 -47.37
C VAL Y 718 97.63 28.35 -47.58
N ASP Y 719 97.97 27.60 -46.55
CA ASP Y 719 97.94 26.14 -46.66
C ASP Y 719 96.51 25.64 -46.81
N PHE Y 720 96.34 24.58 -47.59
CA PHE Y 720 95.05 23.96 -47.85
C PHE Y 720 94.07 24.94 -48.49
N THR Y 721 94.55 25.68 -49.49
CA THR Y 721 93.72 26.61 -50.23
C THR Y 721 93.98 26.47 -51.72
N VAL Y 722 93.44 27.38 -52.51
CA VAL Y 722 93.67 27.42 -53.94
C VAL Y 722 94.77 28.44 -54.20
N ASP Y 723 95.43 28.29 -55.35
CA ASP Y 723 96.41 29.27 -55.77
C ASP Y 723 95.76 30.27 -56.72
N ASN Y 724 96.56 31.12 -57.36
CA ASN Y 724 96.01 32.09 -58.29
C ASN Y 724 95.47 31.44 -59.56
N ASN Y 725 95.83 30.18 -59.82
CA ASN Y 725 95.28 29.45 -60.96
C ASN Y 725 94.04 28.66 -60.63
N GLY Y 726 93.64 28.61 -59.36
CA GLY Y 726 92.46 27.88 -58.96
C GLY Y 726 92.69 26.44 -58.57
N LEU Y 727 93.93 26.04 -58.32
CA LEU Y 727 94.25 24.64 -58.04
C LEU Y 727 94.34 24.43 -56.54
N TYR Y 728 93.46 23.58 -56.02
CA TYR Y 728 93.49 23.23 -54.61
C TYR Y 728 94.64 22.25 -54.35
N THR Y 729 95.43 22.55 -53.32
CA THR Y 729 96.56 21.72 -52.96
C THR Y 729 96.55 21.46 -51.46
N GLU Y 730 97.09 20.31 -51.07
CA GLU Y 730 97.28 19.97 -49.66
C GLU Y 730 98.77 19.90 -49.38
N PRO Y 731 99.33 20.83 -48.61
CA PRO Y 731 100.79 20.90 -48.44
C PRO Y 731 101.42 19.69 -47.78
N ARG Y 732 100.72 19.04 -46.86
CA ARG Y 732 101.32 17.99 -46.06
C ARG Y 732 100.24 16.99 -45.70
N PRO Y 733 100.62 15.75 -45.38
CA PRO Y 733 99.65 14.80 -44.81
C PRO Y 733 99.51 15.01 -43.31
N ILE Y 734 98.28 15.03 -42.83
CA ILE Y 734 97.98 15.24 -41.42
C ILE Y 734 97.49 13.92 -40.83
N GLY Y 735 98.17 13.46 -39.78
CA GLY Y 735 97.72 12.30 -39.04
C GLY Y 735 96.72 12.66 -37.98
N THR Y 736 96.57 11.77 -37.01
CA THR Y 736 95.59 11.93 -35.95
C THR Y 736 96.19 12.00 -34.56
N ARG Y 737 97.40 11.49 -34.36
CA ARG Y 737 97.93 11.25 -33.02
C ARG Y 737 98.63 12.50 -32.51
N TYR Y 738 97.87 13.38 -31.85
CA TYR Y 738 98.42 14.60 -31.28
C TYR Y 738 98.22 14.63 -29.77
N LEU Y 739 97.01 14.36 -29.32
CA LEU Y 739 96.77 14.20 -27.90
C LEU Y 739 97.51 12.97 -27.40
N THR Y 740 97.72 12.88 -26.10
CA THR Y 740 98.42 11.74 -25.52
C THR Y 740 97.58 11.13 -24.40
N ARG Y 741 97.93 9.90 -24.07
CA ARG Y 741 97.34 9.22 -22.92
C ARG Y 741 98.37 8.27 -22.35
N PRO Y 742 98.29 7.94 -21.07
CA PRO Y 742 99.27 7.02 -20.48
C PRO Y 742 99.10 5.60 -21.01
N LEU Y 743 100.23 4.91 -21.12
CA LEU Y 743 100.25 3.57 -21.71
C LEU Y 743 99.64 2.53 -20.78
N ASP Z 219 63.10 -55.09 -23.14
CA ASP Z 219 61.70 -55.28 -23.51
C ASP Z 219 61.39 -56.74 -23.85
N GLY Z 220 62.38 -57.62 -23.67
CA GLY Z 220 62.20 -59.04 -23.83
C GLY Z 220 63.21 -59.66 -24.77
N VAL Z 221 63.27 -60.99 -24.71
CA VAL Z 221 64.16 -61.75 -25.57
C VAL Z 221 63.68 -61.72 -27.02
N GLY Z 222 62.37 -61.86 -27.24
CA GLY Z 222 61.85 -62.01 -28.58
C GLY Z 222 61.30 -60.75 -29.20
N ASN Z 223 61.68 -59.60 -28.67
CA ASN Z 223 61.21 -58.31 -29.15
C ASN Z 223 62.43 -57.45 -29.48
N ALA Z 224 62.48 -56.94 -30.71
CA ALA Z 224 63.59 -56.09 -31.13
C ALA Z 224 63.50 -54.74 -30.44
N SER Z 225 64.66 -54.23 -30.00
CA SER Z 225 64.71 -52.97 -29.28
C SER Z 225 65.01 -51.78 -30.17
N GLY Z 226 65.09 -51.98 -31.48
CA GLY Z 226 65.28 -50.85 -32.37
C GLY Z 226 65.16 -51.30 -33.81
N ASN Z 227 65.08 -50.32 -34.70
CA ASN Z 227 64.95 -50.55 -36.12
C ASN Z 227 66.16 -50.00 -36.85
N TRP Z 228 66.30 -50.40 -38.11
CA TRP Z 228 67.38 -49.93 -38.95
C TRP Z 228 67.02 -48.56 -39.49
N HIS Z 229 67.74 -47.54 -39.08
CA HIS Z 229 67.52 -46.17 -39.52
C HIS Z 229 68.77 -45.68 -40.24
N CYS Z 230 68.79 -45.86 -41.56
CA CYS Z 230 69.90 -45.40 -42.39
C CYS Z 230 69.30 -44.60 -43.54
N ASP Z 231 69.47 -43.29 -43.51
CA ASP Z 231 68.74 -42.41 -44.41
C ASP Z 231 69.48 -41.08 -44.48
N SER Z 232 68.96 -40.19 -45.32
CA SER Z 232 69.46 -38.81 -45.39
C SER Z 232 68.33 -37.93 -45.88
N THR Z 233 67.92 -36.97 -45.06
CA THR Z 233 66.82 -36.07 -45.37
C THR Z 233 67.37 -34.68 -45.58
N TRP Z 234 67.03 -34.08 -46.72
CA TRP Z 234 67.49 -32.75 -47.05
C TRP Z 234 66.33 -31.77 -46.91
N LEU Z 235 66.44 -30.90 -45.92
CA LEU Z 235 65.49 -29.81 -45.77
C LEU Z 235 66.06 -28.58 -46.46
N GLY Z 236 65.46 -27.41 -46.25
CA GLY Z 236 65.94 -26.23 -46.93
C GLY Z 236 67.35 -25.84 -46.52
N ASP Z 237 67.60 -25.74 -45.23
CA ASP Z 237 68.91 -25.33 -44.73
C ASP Z 237 69.55 -26.35 -43.81
N ARG Z 238 68.92 -27.51 -43.61
CA ARG Z 238 69.46 -28.58 -42.80
C ARG Z 238 69.57 -29.82 -43.64
N VAL Z 239 70.47 -30.71 -43.23
CA VAL Z 239 70.47 -32.08 -43.71
C VAL Z 239 70.64 -32.99 -42.50
N ILE Z 240 69.80 -34.01 -42.41
CA ILE Z 240 69.85 -34.98 -41.32
C ILE Z 240 70.32 -36.30 -41.89
N THR Z 241 71.47 -36.78 -41.41
CA THR Z 241 72.04 -38.04 -41.85
C THR Z 241 71.91 -39.06 -40.75
N THR Z 242 71.34 -40.21 -41.05
CA THR Z 242 71.22 -41.32 -40.12
C THR Z 242 71.98 -42.51 -40.65
N SER Z 243 72.71 -43.20 -39.76
CA SER Z 243 73.51 -44.35 -40.14
C SER Z 243 73.36 -45.44 -39.10
N THR Z 244 73.00 -46.63 -39.54
CA THR Z 244 72.98 -47.81 -38.69
C THR Z 244 74.03 -48.79 -39.17
N ARG Z 245 74.76 -49.38 -38.22
CA ARG Z 245 75.79 -50.37 -38.51
C ARG Z 245 75.67 -51.52 -37.53
N THR Z 246 76.23 -52.66 -37.92
CA THR Z 246 76.30 -53.83 -37.06
C THR Z 246 77.71 -53.94 -36.51
N TRP Z 247 77.82 -54.01 -35.19
CA TRP Z 247 79.10 -54.07 -34.51
C TRP Z 247 79.28 -55.39 -33.77
N ALA Z 248 80.54 -55.78 -33.64
CA ALA Z 248 80.96 -56.90 -32.81
C ALA Z 248 81.99 -56.40 -31.80
N LEU Z 249 81.75 -56.71 -30.52
CA LEU Z 249 82.62 -56.30 -29.43
C LEU Z 249 83.18 -57.55 -28.76
N PRO Z 250 84.50 -57.76 -28.79
CA PRO Z 250 85.07 -58.91 -28.08
C PRO Z 250 85.40 -58.59 -26.64
N THR Z 251 86.00 -59.54 -25.95
CA THR Z 251 86.56 -59.29 -24.63
C THR Z 251 88.03 -58.89 -24.82
N TYR Z 252 88.40 -57.73 -24.28
CA TYR Z 252 89.74 -57.19 -24.42
C TYR Z 252 90.52 -57.41 -23.13
N ASN Z 253 91.75 -57.89 -23.27
CA ASN Z 253 92.71 -58.03 -22.17
C ASN Z 253 92.30 -59.07 -21.14
N ASN Z 254 91.33 -59.93 -21.45
CA ASN Z 254 90.74 -60.83 -20.46
C ASN Z 254 90.18 -60.06 -19.28
N HIS Z 255 89.48 -58.96 -19.56
CA HIS Z 255 88.83 -58.12 -18.56
C HIS Z 255 89.83 -57.45 -17.63
N LEU Z 256 91.06 -57.24 -18.10
CA LEU Z 256 92.12 -56.70 -17.26
C LEU Z 256 92.52 -55.32 -17.74
N TYR Z 257 92.94 -54.50 -16.78
CA TYR Z 257 93.63 -53.25 -17.06
C TYR Z 257 95.12 -53.53 -17.07
N LYS Z 258 95.80 -53.18 -18.14
CA LYS Z 258 97.22 -53.46 -18.26
C LYS Z 258 97.98 -52.17 -18.46
N GLN Z 259 99.15 -52.09 -17.85
CA GLN Z 259 100.05 -50.95 -18.01
C GLN Z 259 100.96 -51.22 -19.20
N ILE Z 260 100.98 -50.30 -20.15
CA ILE Z 260 101.77 -50.45 -21.37
C ILE Z 260 102.79 -49.33 -21.44
N SER Z 261 103.95 -49.66 -21.98
CA SER Z 261 105.02 -48.67 -22.17
C SER Z 261 105.90 -49.15 -23.31
N SER Z 262 106.99 -48.44 -23.54
CA SER Z 262 107.93 -48.74 -24.60
C SER Z 262 109.19 -49.45 -24.11
N ALA Z 263 109.21 -49.85 -22.83
CA ALA Z 263 110.41 -50.43 -22.25
C ALA Z 263 110.79 -51.74 -22.92
N SER Z 264 109.81 -52.62 -23.16
CA SER Z 264 110.11 -53.86 -23.87
C SER Z 264 110.30 -53.60 -25.36
N THR Z 265 109.63 -52.58 -25.91
CA THR Z 265 109.78 -52.27 -27.32
C THR Z 265 111.21 -51.85 -27.65
N GLY Z 266 111.85 -51.13 -26.74
CA GLY Z 266 113.18 -50.62 -27.04
C GLY Z 266 113.20 -49.58 -28.13
N ALA Z 267 112.27 -48.63 -28.08
CA ALA Z 267 112.14 -47.62 -29.11
C ALA Z 267 113.15 -46.50 -28.90
N SER Z 268 113.16 -45.55 -29.83
CA SER Z 268 113.99 -44.37 -29.70
C SER Z 268 113.39 -43.42 -28.67
N ASN Z 269 114.17 -42.41 -28.30
CA ASN Z 269 113.71 -41.45 -27.30
C ASN Z 269 112.46 -40.71 -27.77
N ASP Z 270 112.31 -40.53 -29.08
CA ASP Z 270 111.15 -39.84 -29.61
C ASP Z 270 109.88 -40.66 -29.55
N ASN Z 271 109.99 -41.99 -29.47
CA ASN Z 271 108.84 -42.88 -29.54
C ASN Z 271 108.50 -43.50 -28.18
N HIS Z 272 109.12 -43.01 -27.11
CA HIS Z 272 108.83 -43.53 -25.78
C HIS Z 272 107.43 -43.14 -25.34
N TYR Z 273 106.77 -44.02 -24.61
CA TYR Z 273 105.44 -43.72 -24.10
C TYR Z 273 105.17 -44.55 -22.85
N PHE Z 274 104.16 -44.11 -22.11
CA PHE Z 274 103.66 -44.82 -20.94
C PHE Z 274 102.15 -44.61 -20.91
N GLY Z 275 101.41 -45.67 -20.66
CA GLY Z 275 99.98 -45.56 -20.63
C GLY Z 275 99.31 -46.81 -20.13
N TYR Z 276 98.03 -46.91 -20.44
CA TYR Z 276 97.21 -48.02 -19.97
C TYR Z 276 96.30 -48.52 -21.06
N SER Z 277 96.09 -49.84 -21.06
CA SER Z 277 95.16 -50.52 -21.94
C SER Z 277 93.97 -50.99 -21.10
N THR Z 278 92.76 -50.59 -21.48
CA THR Z 278 91.61 -50.98 -20.70
C THR Z 278 90.88 -52.14 -21.38
N PRO Z 279 90.05 -52.88 -20.65
CA PRO Z 279 89.21 -53.89 -21.29
C PRO Z 279 88.00 -53.33 -22.04
N TRP Z 280 87.86 -52.02 -22.12
CA TRP Z 280 86.72 -51.40 -22.77
C TRP Z 280 87.01 -51.14 -24.24
N GLY Z 281 85.95 -51.12 -25.04
CA GLY Z 281 85.99 -50.59 -26.38
C GLY Z 281 85.23 -49.27 -26.42
N TYR Z 282 85.36 -48.56 -27.53
CA TYR Z 282 84.67 -47.30 -27.68
C TYR Z 282 84.04 -47.22 -29.07
N PHE Z 283 83.02 -46.38 -29.17
CA PHE Z 283 82.32 -46.15 -30.42
C PHE Z 283 82.86 -44.89 -31.08
N ASP Z 284 83.22 -45.00 -32.35
CA ASP Z 284 83.81 -43.91 -33.11
C ASP Z 284 83.01 -43.69 -34.39
N PHE Z 285 82.55 -42.46 -34.58
CA PHE Z 285 81.89 -42.08 -35.83
C PHE Z 285 82.42 -40.71 -36.25
N ASN Z 286 83.74 -40.53 -36.14
CA ASN Z 286 84.39 -39.26 -36.41
C ASN Z 286 85.01 -39.22 -37.80
N ARG Z 287 84.33 -39.78 -38.80
CA ARG Z 287 84.69 -39.61 -40.19
C ARG Z 287 83.44 -39.23 -40.96
N PHE Z 288 83.62 -38.49 -42.05
CA PHE Z 288 82.46 -37.98 -42.78
C PHE Z 288 81.72 -39.08 -43.52
N HIS Z 289 82.41 -40.12 -43.94
CA HIS Z 289 81.74 -41.20 -44.68
C HIS Z 289 80.99 -42.15 -43.76
N CYS Z 290 81.11 -42.02 -42.44
CA CYS Z 290 80.22 -42.73 -41.53
C CYS Z 290 78.81 -42.18 -41.61
N HIS Z 291 78.63 -40.99 -42.18
CA HIS Z 291 77.35 -40.31 -42.21
C HIS Z 291 76.87 -39.96 -43.61
N PHE Z 292 77.77 -39.66 -44.54
CA PHE Z 292 77.40 -39.26 -45.88
C PHE Z 292 77.75 -40.37 -46.85
N SER Z 293 76.78 -40.73 -47.70
CA SER Z 293 77.11 -41.50 -48.89
C SER Z 293 77.87 -40.60 -49.85
N PRO Z 294 78.61 -41.18 -50.80
CA PRO Z 294 79.27 -40.32 -51.81
C PRO Z 294 78.30 -39.44 -52.57
N ARG Z 295 77.11 -39.93 -52.88
CA ARG Z 295 76.09 -39.11 -53.52
C ARG Z 295 75.68 -37.93 -52.64
N ASP Z 296 75.47 -38.19 -51.34
CA ASP Z 296 75.11 -37.11 -50.43
C ASP Z 296 76.24 -36.11 -50.27
N TRP Z 297 77.47 -36.59 -50.23
CA TRP Z 297 78.62 -35.69 -50.16
C TRP Z 297 78.70 -34.81 -51.39
N GLN Z 298 78.49 -35.39 -52.57
CA GLN Z 298 78.50 -34.61 -53.80
C GLN Z 298 77.38 -33.58 -53.79
N ARG Z 299 76.19 -33.98 -53.34
CA ARG Z 299 75.08 -33.06 -53.24
C ARG Z 299 75.38 -31.90 -52.30
N LEU Z 300 76.06 -32.19 -51.19
CA LEU Z 300 76.42 -31.14 -50.24
C LEU Z 300 77.45 -30.19 -50.84
N ILE Z 301 78.55 -30.73 -51.39
CA ILE Z 301 79.67 -29.91 -51.80
C ILE Z 301 79.43 -29.18 -53.11
N ASN Z 302 78.52 -29.65 -53.94
CA ASN Z 302 78.24 -28.97 -55.19
C ASN Z 302 77.25 -27.84 -55.04
N ASN Z 303 76.61 -27.72 -53.89
CA ASN Z 303 75.50 -26.80 -53.72
C ASN Z 303 75.61 -25.88 -52.52
N ASN Z 304 76.49 -26.17 -51.57
CA ASN Z 304 76.54 -25.40 -50.35
C ASN Z 304 77.86 -24.67 -50.22
N TRP Z 305 77.80 -23.43 -49.74
CA TRP Z 305 79.00 -22.66 -49.44
C TRP Z 305 79.60 -23.03 -48.10
N GLY Z 306 78.83 -23.63 -47.21
CA GLY Z 306 79.42 -24.05 -45.95
C GLY Z 306 78.50 -25.00 -45.22
N PHE Z 307 79.05 -25.64 -44.20
CA PHE Z 307 78.21 -26.50 -43.39
C PHE Z 307 78.81 -26.70 -42.01
N ARG Z 308 77.98 -27.13 -41.07
CA ARG Z 308 78.46 -27.41 -39.71
C ARG Z 308 77.48 -28.34 -39.03
N PRO Z 309 77.90 -29.05 -37.98
CA PRO Z 309 76.97 -29.92 -37.25
C PRO Z 309 76.23 -29.19 -36.14
N LYS Z 310 74.94 -29.50 -36.04
CA LYS Z 310 74.01 -28.95 -35.06
C LYS Z 310 73.73 -29.92 -33.92
N ARG Z 311 73.32 -31.15 -34.21
CA ARG Z 311 72.99 -32.02 -33.09
C ARG Z 311 73.15 -33.47 -33.51
N LEU Z 312 73.18 -34.37 -32.52
CA LEU Z 312 73.27 -35.79 -32.82
C LEU Z 312 72.52 -36.62 -31.79
N ASN Z 313 72.05 -37.76 -32.26
CA ASN Z 313 71.43 -38.81 -31.48
C ASN Z 313 72.21 -40.10 -31.68
N PHE Z 314 72.44 -40.82 -30.59
CA PHE Z 314 73.15 -42.08 -30.60
C PHE Z 314 72.25 -43.13 -29.98
N LYS Z 315 72.12 -44.27 -30.64
CA LYS Z 315 71.33 -45.37 -30.12
C LYS Z 315 72.11 -46.67 -30.27
N LEU Z 316 71.95 -47.53 -29.28
CA LEU Z 316 72.58 -48.85 -29.23
C LEU Z 316 71.48 -49.85 -28.93
N PHE Z 317 71.27 -50.81 -29.83
CA PHE Z 317 70.09 -51.64 -29.72
C PHE Z 317 70.38 -53.03 -30.28
N ASN Z 318 69.49 -53.97 -29.95
CA ASN Z 318 69.54 -55.35 -30.41
C ASN Z 318 70.83 -56.04 -29.96
N ILE Z 319 71.05 -56.01 -28.64
CA ILE Z 319 72.25 -56.60 -28.06
C ILE Z 319 72.12 -58.11 -28.03
N GLN Z 320 73.16 -58.80 -28.46
CA GLN Z 320 73.22 -60.26 -28.37
C GLN Z 320 74.58 -60.64 -27.81
N VAL Z 321 74.59 -61.26 -26.65
CA VAL Z 321 75.82 -61.78 -26.06
C VAL Z 321 75.94 -63.25 -26.45
N LYS Z 322 77.10 -63.62 -26.95
CA LYS Z 322 77.37 -64.97 -27.43
C LYS Z 322 78.50 -65.59 -26.63
N GLU Z 323 78.26 -66.79 -26.12
CA GLU Z 323 79.24 -67.61 -25.44
C GLU Z 323 79.97 -68.51 -26.43
N VAL Z 324 81.29 -68.60 -26.29
CA VAL Z 324 82.15 -69.36 -27.19
C VAL Z 324 82.90 -70.42 -26.40
N THR Z 325 82.84 -71.67 -26.88
CA THR Z 325 83.62 -72.76 -26.31
C THR Z 325 84.37 -73.47 -27.43
N THR Z 326 85.69 -73.59 -27.30
CA THR Z 326 86.49 -74.34 -28.28
C THR Z 326 86.98 -75.63 -27.60
N ASN Z 327 86.53 -76.76 -28.14
CA ASN Z 327 86.93 -78.08 -27.65
C ASN Z 327 87.43 -78.93 -28.82
N ASP Z 328 88.60 -79.53 -28.65
CA ASP Z 328 89.19 -80.42 -29.65
C ASP Z 328 89.32 -79.73 -31.01
N GLY Z 329 89.43 -78.40 -31.00
CA GLY Z 329 89.57 -77.63 -32.21
C GLY Z 329 88.29 -77.13 -32.82
N VAL Z 330 87.13 -77.63 -32.38
CA VAL Z 330 85.86 -77.19 -32.93
C VAL Z 330 85.22 -76.19 -31.97
N THR Z 331 84.59 -75.17 -32.54
CA THR Z 331 84.09 -74.03 -31.80
C THR Z 331 82.56 -74.03 -31.79
N THR Z 332 81.99 -73.94 -30.60
CA THR Z 332 80.55 -73.81 -30.40
C THR Z 332 80.23 -72.40 -29.93
N ILE Z 333 79.23 -71.79 -30.55
CA ILE Z 333 78.74 -70.48 -30.14
C ILE Z 333 77.28 -70.65 -29.74
N ALA Z 334 76.94 -70.13 -28.56
CA ALA Z 334 75.58 -70.18 -28.07
C ALA Z 334 75.16 -68.78 -27.62
N ASN Z 335 73.87 -68.61 -27.42
CA ASN Z 335 73.38 -67.35 -26.88
C ASN Z 335 73.45 -67.37 -25.36
N ASN Z 336 73.89 -66.26 -24.79
CA ASN Z 336 73.89 -66.06 -23.35
C ASN Z 336 72.84 -65.01 -23.04
N LEU Z 337 71.64 -65.46 -22.68
CA LEU Z 337 70.50 -64.56 -22.57
C LEU Z 337 70.56 -63.68 -21.33
N THR Z 338 71.38 -64.02 -20.33
CA THR Z 338 71.42 -63.29 -19.08
C THR Z 338 72.67 -62.44 -18.90
N SER Z 339 73.51 -62.34 -19.93
CA SER Z 339 74.72 -61.55 -19.83
C SER Z 339 74.45 -60.09 -20.23
N THR Z 340 75.33 -59.21 -19.78
CA THR Z 340 75.15 -57.78 -19.97
C THR Z 340 76.36 -57.16 -20.67
N VAL Z 341 76.11 -56.05 -21.33
CA VAL Z 341 77.15 -55.13 -21.77
C VAL Z 341 76.99 -53.84 -20.99
N GLN Z 342 78.08 -53.32 -20.47
CA GLN Z 342 78.09 -52.02 -19.81
C GLN Z 342 78.41 -50.94 -20.82
N VAL Z 343 77.60 -49.89 -20.84
CA VAL Z 343 77.77 -48.75 -21.75
C VAL Z 343 77.70 -47.49 -20.93
N PHE Z 344 78.62 -46.56 -21.18
CA PHE Z 344 78.45 -45.23 -20.61
C PHE Z 344 79.03 -44.18 -21.55
N SER Z 345 78.52 -42.98 -21.43
CA SER Z 345 78.99 -41.83 -22.19
C SER Z 345 79.76 -40.93 -21.25
N ASP Z 346 80.95 -40.50 -21.68
CA ASP Z 346 81.81 -39.66 -20.84
C ASP Z 346 81.46 -38.20 -21.11
N SER Z 347 80.29 -37.80 -20.60
CA SER Z 347 79.72 -36.50 -20.92
C SER Z 347 80.42 -35.34 -20.24
N GLU Z 348 81.18 -35.60 -19.17
CA GLU Z 348 81.91 -34.55 -18.47
C GLU Z 348 83.37 -34.50 -18.85
N TYR Z 349 83.79 -35.28 -19.84
CA TYR Z 349 85.16 -35.26 -20.36
C TYR Z 349 86.19 -35.46 -19.24
N GLN Z 350 85.91 -36.44 -18.40
CA GLN Z 350 86.79 -36.79 -17.29
C GLN Z 350 87.84 -37.83 -17.68
N LEU Z 351 87.76 -38.36 -18.86
CA LEU Z 351 88.66 -39.36 -19.39
C LEU Z 351 89.56 -38.74 -20.46
N PRO Z 352 90.71 -39.33 -20.71
CA PRO Z 352 91.50 -38.89 -21.87
C PRO Z 352 90.72 -39.10 -23.16
N TYR Z 353 90.72 -38.07 -24.00
CA TYR Z 353 89.97 -38.10 -25.25
C TYR Z 353 90.87 -38.65 -26.34
N VAL Z 354 90.63 -39.92 -26.72
CA VAL Z 354 91.45 -40.53 -27.77
C VAL Z 354 90.81 -40.39 -29.14
N LEU Z 355 89.57 -39.92 -29.22
CA LEU Z 355 89.00 -39.57 -30.51
C LEU Z 355 89.70 -38.31 -31.02
N GLY Z 356 89.59 -38.06 -32.30
CA GLY Z 356 90.27 -36.92 -32.86
C GLY Z 356 91.74 -37.11 -33.13
N SER Z 357 92.22 -38.35 -33.08
CA SER Z 357 93.59 -38.68 -33.48
C SER Z 357 93.63 -39.47 -34.77
N ALA Z 358 92.50 -39.55 -35.48
CA ALA Z 358 92.39 -40.22 -36.78
C ALA Z 358 92.72 -41.70 -36.69
N HIS Z 359 92.05 -42.39 -35.79
CA HIS Z 359 92.28 -43.82 -35.58
C HIS Z 359 91.28 -44.67 -36.35
N GLN Z 360 91.68 -45.90 -36.61
CA GLN Z 360 90.78 -46.87 -37.19
C GLN Z 360 89.73 -47.30 -36.17
N GLY Z 361 88.66 -47.91 -36.66
CA GLY Z 361 87.62 -48.37 -35.78
C GLY Z 361 86.32 -47.60 -35.87
N CYS Z 362 86.23 -46.65 -36.79
CA CYS Z 362 84.99 -45.92 -37.01
C CYS Z 362 83.95 -46.84 -37.64
N LEU Z 363 82.73 -46.34 -37.72
CA LEU Z 363 81.72 -47.05 -38.51
C LEU Z 363 82.18 -47.11 -39.96
N PRO Z 364 82.03 -48.26 -40.61
CA PRO Z 364 82.48 -48.39 -42.00
C PRO Z 364 81.68 -47.49 -42.93
N PRO Z 365 82.28 -47.06 -44.03
CA PRO Z 365 81.53 -46.21 -44.98
C PRO Z 365 80.32 -46.90 -45.57
N PHE Z 366 80.43 -48.18 -45.87
CA PHE Z 366 79.33 -48.92 -46.49
C PHE Z 366 78.40 -49.47 -45.42
N PRO Z 367 77.10 -49.18 -45.50
CA PRO Z 367 76.16 -49.60 -44.44
C PRO Z 367 76.04 -51.10 -44.28
N ALA Z 368 76.44 -51.89 -45.26
CA ALA Z 368 76.34 -53.34 -45.16
C ALA Z 368 77.50 -53.97 -44.39
N ASP Z 369 78.52 -53.20 -44.04
CA ASP Z 369 79.71 -53.75 -43.42
C ASP Z 369 79.53 -53.89 -41.92
N VAL Z 370 80.05 -54.99 -41.38
CA VAL Z 370 80.02 -55.26 -39.95
C VAL Z 370 81.39 -54.95 -39.39
N PHE Z 371 81.44 -54.17 -38.32
CA PHE Z 371 82.73 -53.68 -37.83
C PHE Z 371 82.99 -54.11 -36.39
N MET Z 372 84.27 -54.33 -36.10
CA MET Z 372 84.74 -54.66 -34.78
C MET Z 372 84.98 -53.38 -33.99
N ILE Z 373 84.64 -53.40 -32.72
CA ILE Z 373 84.77 -52.21 -31.89
C ILE Z 373 86.21 -52.11 -31.38
N PRO Z 374 86.86 -50.96 -31.56
CA PRO Z 374 88.26 -50.83 -31.13
C PRO Z 374 88.43 -50.73 -29.63
N GLN Z 375 89.58 -51.19 -29.16
CA GLN Z 375 89.87 -51.19 -27.73
C GLN Z 375 90.25 -49.80 -27.25
N TYR Z 376 89.86 -49.48 -26.02
CA TYR Z 376 90.20 -48.21 -25.42
C TYR Z 376 91.53 -48.30 -24.68
N GLY Z 377 92.36 -47.31 -24.89
CA GLY Z 377 93.60 -47.18 -24.16
C GLY Z 377 94.01 -45.73 -24.22
N TYR Z 378 94.85 -45.33 -23.29
CA TYR Z 378 95.29 -43.95 -23.24
C TYR Z 378 96.75 -43.90 -22.84
N LEU Z 379 97.35 -42.74 -23.05
CA LEU Z 379 98.71 -42.46 -22.65
C LEU Z 379 98.69 -41.39 -21.57
N THR Z 380 99.67 -41.43 -20.69
CA THR Z 380 99.81 -40.44 -19.63
C THR Z 380 101.23 -39.90 -19.67
N LEU Z 381 101.52 -39.00 -18.74
CA LEU Z 381 102.85 -38.39 -18.68
C LEU Z 381 103.92 -39.45 -18.53
N ASN Z 382 104.97 -39.34 -19.32
CA ASN Z 382 106.06 -40.30 -19.27
C ASN Z 382 107.39 -39.58 -19.28
N ASN Z 383 108.36 -40.21 -18.62
CA ASN Z 383 109.76 -39.77 -18.60
C ASN Z 383 110.56 -40.91 -19.20
N GLY Z 384 110.65 -40.92 -20.53
CA GLY Z 384 111.16 -42.09 -21.22
C GLY Z 384 110.09 -43.16 -21.25
N SER Z 385 110.45 -44.37 -20.86
CA SER Z 385 109.47 -45.43 -20.72
C SER Z 385 108.88 -45.51 -19.32
N GLN Z 386 109.23 -44.57 -18.44
CA GLN Z 386 108.77 -44.56 -17.07
C GLN Z 386 107.64 -43.56 -16.90
N ALA Z 387 106.99 -43.62 -15.75
CA ALA Z 387 105.94 -42.70 -15.38
C ALA Z 387 106.50 -41.61 -14.48
N VAL Z 388 105.64 -40.68 -14.08
CA VAL Z 388 105.97 -39.66 -13.11
C VAL Z 388 104.89 -39.65 -12.03
N GLY Z 389 105.04 -38.75 -11.06
CA GLY Z 389 104.04 -38.65 -10.01
C GLY Z 389 102.71 -38.16 -10.51
N ARG Z 390 102.71 -37.28 -11.51
CA ARG Z 390 101.50 -36.70 -12.05
C ARG Z 390 100.89 -37.54 -13.16
N SER Z 391 101.48 -38.69 -13.46
CA SER Z 391 100.85 -39.63 -14.38
C SER Z 391 99.55 -40.13 -13.78
N SER Z 392 98.49 -40.08 -14.58
CA SER Z 392 97.17 -40.46 -14.10
C SER Z 392 96.82 -41.87 -14.51
N PHE Z 393 95.97 -42.49 -13.70
CA PHE Z 393 95.38 -43.78 -14.00
C PHE Z 393 93.87 -43.63 -13.86
N TYR Z 394 93.13 -44.20 -14.80
CA TYR Z 394 91.68 -44.10 -14.81
C TYR Z 394 91.11 -45.50 -14.85
N CYS Z 395 90.36 -45.87 -13.81
CA CYS Z 395 89.50 -47.04 -13.86
C CYS Z 395 88.19 -46.63 -14.48
N LEU Z 396 87.81 -47.27 -15.58
CA LEU Z 396 86.56 -46.94 -16.23
C LEU Z 396 85.37 -47.61 -15.56
N GLU Z 397 85.60 -48.58 -14.68
CA GLU Z 397 84.54 -49.11 -13.84
C GLU Z 397 84.19 -48.16 -12.72
N TYR Z 398 84.97 -47.11 -12.52
CA TYR Z 398 84.69 -46.07 -11.55
C TYR Z 398 83.71 -45.03 -12.08
N PHE Z 399 82.97 -45.38 -13.12
CA PHE Z 399 81.93 -44.55 -13.69
C PHE Z 399 80.58 -45.25 -13.55
N PRO Z 400 79.49 -44.50 -13.50
CA PRO Z 400 78.16 -45.12 -13.63
C PRO Z 400 77.94 -45.60 -15.06
N SER Z 401 77.64 -46.88 -15.19
CA SER Z 401 77.38 -47.50 -16.49
C SER Z 401 75.95 -48.01 -16.51
N GLN Z 402 75.36 -48.03 -17.71
CA GLN Z 402 74.11 -48.72 -17.91
C GLN Z 402 74.41 -50.14 -18.34
N MET Z 403 73.82 -51.11 -17.64
CA MET Z 403 73.96 -52.52 -17.95
C MET Z 403 72.81 -52.95 -18.85
N LEU Z 404 73.13 -53.53 -20.00
CA LEU Z 404 72.16 -53.87 -21.02
C LEU Z 404 72.14 -55.37 -21.20
N ARG Z 405 70.99 -55.98 -20.98
CA ARG Z 405 70.75 -57.35 -21.39
C ARG Z 405 70.20 -57.34 -22.81
N THR Z 406 69.79 -58.51 -23.31
CA THR Z 406 69.45 -58.60 -24.73
C THR Z 406 68.19 -57.84 -25.09
N GLY Z 407 67.38 -57.42 -24.12
CA GLY Z 407 66.17 -56.69 -24.42
C GLY Z 407 66.27 -55.19 -24.19
N ASN Z 408 67.44 -54.71 -23.79
CA ASN Z 408 67.64 -53.31 -23.44
C ASN Z 408 68.31 -52.55 -24.59
N ASN Z 409 68.11 -51.24 -24.59
CA ASN Z 409 68.80 -50.35 -25.50
C ASN Z 409 69.36 -49.16 -24.75
N PHE Z 410 70.17 -48.37 -25.44
CA PHE Z 410 70.87 -47.24 -24.88
C PHE Z 410 70.70 -46.05 -25.82
N THR Z 411 70.31 -44.91 -25.28
CA THR Z 411 70.14 -43.70 -26.09
C THR Z 411 70.93 -42.55 -25.48
N PHE Z 412 71.31 -41.61 -26.32
CA PHE Z 412 72.09 -40.47 -25.85
C PHE Z 412 71.99 -39.34 -26.87
N SER Z 413 71.65 -38.15 -26.40
CA SER Z 413 71.56 -36.97 -27.26
C SER Z 413 72.67 -35.99 -26.95
N TYR Z 414 73.08 -35.23 -27.96
CA TYR Z 414 74.14 -34.26 -27.79
C TYR Z 414 73.89 -33.09 -28.72
N THR Z 415 74.17 -31.88 -28.23
CA THR Z 415 74.06 -30.67 -29.03
C THR Z 415 75.44 -30.08 -29.23
N PHE Z 416 75.78 -29.78 -30.48
CA PHE Z 416 77.05 -29.13 -30.78
C PHE Z 416 77.02 -27.67 -30.35
N GLU Z 417 78.17 -27.18 -29.91
CA GLU Z 417 78.32 -25.75 -29.68
C GLU Z 417 78.32 -25.01 -31.01
N GLU Z 418 78.13 -23.70 -30.93
CA GLU Z 418 78.11 -22.86 -32.14
C GLU Z 418 79.54 -22.77 -32.67
N VAL Z 419 79.83 -23.59 -33.66
CA VAL Z 419 81.13 -23.65 -34.32
C VAL Z 419 80.97 -22.91 -35.64
N PRO Z 420 82.02 -22.29 -36.19
CA PRO Z 420 81.89 -21.67 -37.51
C PRO Z 420 81.65 -22.71 -38.59
N PHE Z 421 80.94 -22.28 -39.64
CA PHE Z 421 80.74 -23.11 -40.81
C PHE Z 421 82.08 -23.47 -41.42
N HIS Z 422 82.24 -24.73 -41.81
CA HIS Z 422 83.34 -25.08 -42.70
C HIS Z 422 83.04 -24.55 -44.08
N SER Z 423 84.10 -24.07 -44.74
CA SER Z 423 84.04 -23.40 -46.03
C SER Z 423 84.09 -24.42 -47.15
N SER Z 424 82.95 -24.67 -47.79
CA SER Z 424 82.90 -25.54 -48.96
C SER Z 424 83.12 -24.78 -50.26
N TYR Z 425 83.89 -23.69 -50.21
CA TYR Z 425 84.13 -22.85 -51.36
C TYR Z 425 85.61 -22.61 -51.53
N ALA Z 426 85.99 -22.32 -52.77
CA ALA Z 426 87.25 -21.68 -53.12
C ALA Z 426 87.01 -20.20 -53.37
N HIS Z 427 88.10 -19.45 -53.47
CA HIS Z 427 88.02 -18.03 -53.74
C HIS Z 427 88.26 -17.78 -55.22
N SER Z 428 87.43 -16.92 -55.82
CA SER Z 428 87.57 -16.55 -57.21
C SER Z 428 88.63 -15.50 -57.44
N GLN Z 429 89.14 -14.89 -56.37
CA GLN Z 429 90.19 -13.89 -56.47
C GLN Z 429 91.37 -14.32 -55.61
N SER Z 430 92.55 -13.85 -55.99
CA SER Z 430 93.74 -14.02 -55.19
C SER Z 430 93.95 -12.79 -54.31
N LEU Z 431 94.66 -12.99 -53.20
CA LEU Z 431 94.81 -11.93 -52.22
C LEU Z 431 95.66 -10.78 -52.76
N ASP Z 432 96.62 -11.08 -53.63
CA ASP Z 432 97.44 -10.05 -54.24
C ASP Z 432 96.85 -9.49 -55.53
N ARG Z 433 95.58 -9.77 -55.79
CA ARG Z 433 94.90 -9.34 -57.00
C ARG Z 433 93.51 -8.80 -56.68
N LEU Z 434 93.41 -8.00 -55.63
CA LEU Z 434 92.14 -7.49 -55.15
C LEU Z 434 91.85 -6.08 -55.63
N MET Z 435 92.66 -5.56 -56.55
CA MET Z 435 92.56 -4.17 -56.98
C MET Z 435 91.72 -4.05 -58.23
N ASN Z 436 91.33 -2.82 -58.52
CA ASN Z 436 90.77 -2.48 -59.83
C ASN Z 436 91.90 -2.48 -60.85
N PRO Z 437 91.82 -3.31 -61.90
CA PRO Z 437 92.90 -3.35 -62.89
C PRO Z 437 92.88 -2.22 -63.90
N LEU Z 438 91.98 -1.24 -63.77
CA LEU Z 438 91.92 -0.14 -64.70
C LEU Z 438 92.34 1.19 -64.11
N ILE Z 439 92.22 1.36 -62.81
CA ILE Z 439 92.46 2.64 -62.15
C ILE Z 439 93.80 2.59 -61.44
N ASP Z 440 94.51 3.72 -61.45
CA ASP Z 440 95.73 3.85 -60.68
C ASP Z 440 95.42 4.07 -59.22
N GLN Z 441 96.48 4.08 -58.40
CA GLN Z 441 96.36 4.39 -56.99
C GLN Z 441 96.72 5.85 -56.75
N TYR Z 442 96.36 6.35 -55.57
CA TYR Z 442 96.86 7.65 -55.14
C TYR Z 442 98.05 7.52 -54.20
N LEU Z 443 98.56 6.31 -54.01
CA LEU Z 443 99.70 6.05 -53.15
C LEU Z 443 100.94 5.84 -54.01
N TYR Z 444 102.06 6.40 -53.56
CA TYR Z 444 103.31 6.29 -54.26
C TYR Z 444 104.23 5.32 -53.53
N TYR Z 445 105.18 4.77 -54.27
CA TYR Z 445 106.18 3.86 -53.72
C TYR Z 445 107.52 4.23 -54.32
N LEU Z 446 108.58 3.90 -53.60
CA LEU Z 446 109.92 4.10 -54.12
C LEU Z 446 110.19 3.08 -55.22
N ASN Z 447 110.42 3.58 -56.44
CA ASN Z 447 110.58 2.73 -57.61
C ASN Z 447 112.03 2.55 -58.02
N ARG Z 448 112.81 3.62 -58.00
CA ARG Z 448 114.22 3.57 -58.37
C ARG Z 448 115.05 4.26 -57.31
N THR Z 449 116.19 3.67 -56.97
CA THR Z 449 117.22 4.38 -56.21
C THR Z 449 118.44 4.68 -57.06
N GLN Z 450 118.35 4.51 -58.37
CA GLN Z 450 119.39 4.90 -59.32
C GLN Z 450 118.74 5.63 -60.47
N ASN Z 451 119.57 6.35 -61.24
CA ASN Z 451 119.06 7.10 -62.37
C ASN Z 451 118.57 6.17 -63.46
N GLN Z 452 117.41 6.49 -64.03
CA GLN Z 452 116.80 5.64 -65.05
C GLN Z 452 117.52 5.71 -66.39
N SER Z 453 118.16 6.84 -66.69
CA SER Z 453 118.76 7.02 -68.02
C SER Z 453 119.85 5.99 -68.30
N GLY Z 454 120.73 5.75 -67.34
CA GLY Z 454 121.76 4.75 -67.49
C GLY Z 454 123.07 5.23 -68.09
N SER Z 455 123.09 6.44 -68.69
CA SER Z 455 124.34 6.98 -69.20
C SER Z 455 125.33 7.19 -68.06
N ALA Z 456 124.85 7.71 -66.95
CA ALA Z 456 125.57 7.71 -65.69
C ALA Z 456 124.92 6.70 -64.74
N GLN Z 457 125.63 6.38 -63.67
CA GLN Z 457 125.17 5.42 -62.68
C GLN Z 457 124.94 6.07 -61.32
N ASN Z 458 124.31 7.24 -61.32
CA ASN Z 458 124.11 7.99 -60.10
C ASN Z 458 122.89 7.50 -59.33
N LYS Z 459 122.93 7.69 -58.01
CA LYS Z 459 121.80 7.34 -57.19
C LYS Z 459 120.70 8.38 -57.31
N ASP Z 460 119.51 8.04 -56.82
CA ASP Z 460 118.38 8.95 -56.85
C ASP Z 460 117.31 8.43 -55.91
N LEU Z 461 116.19 9.14 -55.87
CA LEU Z 461 114.99 8.72 -55.13
C LEU Z 461 113.80 9.02 -56.03
N LEU Z 462 113.41 8.05 -56.84
CA LEU Z 462 112.35 8.20 -57.81
C LEU Z 462 111.13 7.41 -57.35
N PHE Z 463 109.98 8.05 -57.34
CA PHE Z 463 108.76 7.48 -56.82
C PHE Z 463 107.74 7.32 -57.94
N SER Z 464 107.07 6.18 -57.96
CA SER Z 464 106.04 5.89 -58.95
C SER Z 464 104.69 5.71 -58.27
N ARG Z 465 103.65 5.91 -59.05
CA ARG Z 465 102.29 5.71 -58.60
C ARG Z 465 101.86 4.26 -58.82
N GLY Z 466 101.10 3.74 -57.87
CA GLY Z 466 100.56 2.41 -58.00
C GLY Z 466 99.67 2.28 -59.22
N SER Z 467 100.07 1.45 -60.16
CA SER Z 467 99.41 1.34 -61.45
C SER Z 467 99.12 -0.12 -61.77
N PRO Z 468 98.14 -0.39 -62.64
CA PRO Z 468 97.89 -1.78 -63.05
C PRO Z 468 99.04 -2.41 -63.83
N ALA Z 469 99.97 -1.64 -64.35
CA ALA Z 469 101.13 -2.22 -65.00
C ALA Z 469 101.97 -3.03 -64.01
N GLY Z 470 102.31 -2.43 -62.88
CA GLY Z 470 102.97 -3.17 -61.84
C GLY Z 470 102.06 -3.42 -60.66
N MET Z 471 101.52 -4.64 -60.58
CA MET Z 471 100.61 -5.01 -59.51
C MET Z 471 101.35 -5.59 -58.32
N SER Z 472 102.58 -6.05 -58.51
CA SER Z 472 103.36 -6.63 -57.42
C SER Z 472 103.88 -5.59 -56.44
N VAL Z 473 104.01 -4.33 -56.88
CA VAL Z 473 104.58 -3.28 -56.05
C VAL Z 473 103.52 -2.34 -55.51
N GLN Z 474 102.25 -2.58 -55.82
CA GLN Z 474 101.20 -1.74 -55.29
C GLN Z 474 101.06 -1.95 -53.78
N PRO Z 475 100.88 -0.87 -53.01
CA PRO Z 475 100.48 -1.03 -51.61
C PRO Z 475 99.20 -1.83 -51.49
N LYS Z 476 99.15 -2.71 -50.49
CA LYS Z 476 98.01 -3.59 -50.27
C LYS Z 476 97.63 -3.56 -48.80
N ASN Z 477 96.47 -4.13 -48.50
CA ASN Z 477 95.89 -4.03 -47.16
C ASN Z 477 96.07 -5.28 -46.32
N TRP Z 478 96.36 -6.43 -46.92
CA TRP Z 478 96.36 -7.69 -46.20
C TRP Z 478 97.59 -8.50 -46.56
N LEU Z 479 97.84 -9.53 -45.77
CA LEU Z 479 98.97 -10.43 -45.91
C LEU Z 479 98.51 -11.87 -46.00
N PRO Z 480 99.26 -12.73 -46.68
CA PRO Z 480 98.93 -14.16 -46.68
C PRO Z 480 99.16 -14.77 -45.31
N GLY Z 481 98.45 -15.87 -45.06
CA GLY Z 481 98.49 -16.53 -43.78
C GLY Z 481 99.87 -17.00 -43.37
N PRO Z 482 99.97 -17.53 -42.15
CA PRO Z 482 101.27 -17.98 -41.65
C PRO Z 482 101.75 -19.23 -42.36
N CYS Z 483 103.06 -19.46 -42.28
CA CYS Z 483 103.65 -20.59 -42.97
C CYS Z 483 104.66 -21.27 -42.07
N TYR Z 484 104.92 -22.55 -42.33
CA TYR Z 484 105.98 -23.32 -41.70
C TYR Z 484 106.50 -24.30 -42.73
N ARG Z 485 107.59 -23.92 -43.42
CA ARG Z 485 107.97 -24.56 -44.66
C ARG Z 485 108.21 -26.05 -44.49
N GLN Z 486 107.76 -26.82 -45.49
CA GLN Z 486 107.95 -28.26 -45.57
C GLN Z 486 108.92 -28.58 -46.70
N GLN Z 487 109.40 -29.81 -46.70
CA GLN Z 487 110.29 -30.28 -47.76
C GLN Z 487 109.47 -30.75 -48.95
N ARG Z 488 109.98 -30.49 -50.15
CA ARG Z 488 109.26 -30.74 -51.38
C ARG Z 488 109.64 -32.11 -51.92
N VAL Z 489 108.66 -33.00 -52.03
CA VAL Z 489 108.86 -34.34 -52.55
C VAL Z 489 108.10 -34.46 -53.87
N SER Z 490 108.74 -35.04 -54.86
CA SER Z 490 108.12 -35.27 -56.15
C SER Z 490 107.43 -36.62 -56.19
N LYS Z 491 106.21 -36.65 -56.74
CA LYS Z 491 105.52 -37.90 -56.94
C LYS Z 491 106.22 -38.79 -57.96
N THR Z 492 107.07 -38.22 -58.80
CA THR Z 492 107.95 -38.97 -59.67
C THR Z 492 109.27 -39.21 -58.93
N LYS Z 493 109.52 -40.46 -58.55
CA LYS Z 493 110.58 -40.76 -57.61
C LYS Z 493 111.98 -40.46 -58.15
N THR Z 494 112.15 -40.38 -59.47
CA THR Z 494 113.49 -40.15 -60.00
C THR Z 494 114.00 -38.74 -59.74
N ASP Z 495 113.11 -37.78 -59.49
CA ASP Z 495 113.53 -36.41 -59.22
C ASP Z 495 113.82 -36.13 -57.76
N ASN Z 496 113.68 -37.13 -56.90
CA ASN Z 496 113.96 -36.96 -55.48
C ASN Z 496 115.41 -37.31 -55.19
N ASN Z 497 115.95 -36.71 -54.15
CA ASN Z 497 117.32 -36.96 -53.73
C ASN Z 497 117.49 -38.42 -53.32
N ASN Z 498 118.67 -38.96 -53.59
CA ASN Z 498 118.96 -40.35 -53.25
C ASN Z 498 119.42 -40.46 -51.80
N SER Z 499 118.43 -40.34 -50.91
CA SER Z 499 118.64 -40.52 -49.48
C SER Z 499 117.28 -40.73 -48.85
N ASN Z 500 117.27 -41.05 -47.56
CA ASN Z 500 115.98 -41.24 -46.90
C ASN Z 500 115.32 -39.91 -46.56
N PHE Z 501 115.95 -39.13 -45.68
CA PHE Z 501 115.59 -37.73 -45.39
C PHE Z 501 114.11 -37.55 -45.06
N THR Z 502 113.38 -38.62 -44.79
CA THR Z 502 112.03 -38.50 -44.28
C THR Z 502 111.99 -38.13 -42.81
N TRP Z 503 113.08 -38.34 -42.10
CA TRP Z 503 113.18 -37.89 -40.72
C TRP Z 503 114.24 -36.82 -40.54
N THR Z 504 115.39 -36.94 -41.21
CA THR Z 504 116.44 -35.95 -41.04
C THR Z 504 116.11 -34.63 -41.74
N GLY Z 505 115.35 -34.66 -42.82
CA GLY Z 505 115.08 -33.46 -43.58
C GLY Z 505 113.67 -32.96 -43.43
N ALA Z 506 113.01 -33.31 -42.34
CA ALA Z 506 111.60 -33.02 -42.17
C ALA Z 506 111.37 -31.94 -41.12
N SER Z 507 110.29 -31.19 -41.32
CA SER Z 507 109.87 -30.19 -40.34
C SER Z 507 109.29 -30.88 -39.11
N LYS Z 508 109.89 -30.64 -37.96
CA LYS Z 508 109.43 -31.29 -36.74
C LYS Z 508 109.56 -30.30 -35.60
N TYR Z 509 108.85 -30.58 -34.51
CA TYR Z 509 108.88 -29.72 -33.34
C TYR Z 509 109.44 -30.46 -32.14
N ASN Z 510 110.02 -29.69 -31.23
CA ASN Z 510 110.67 -30.20 -30.05
C ASN Z 510 109.74 -29.99 -28.84
N LEU Z 511 109.47 -31.06 -28.11
CA LEU Z 511 108.61 -30.98 -26.93
C LEU Z 511 109.16 -31.91 -25.85
N ASN Z 512 109.64 -31.33 -24.75
CA ASN Z 512 110.19 -32.09 -23.64
C ASN Z 512 111.34 -32.99 -24.07
N GLY Z 513 112.12 -32.51 -25.04
CA GLY Z 513 113.30 -33.21 -25.47
C GLY Z 513 113.12 -34.24 -26.56
N ARG Z 514 111.90 -34.52 -26.98
CA ARG Z 514 111.66 -35.46 -28.05
C ARG Z 514 110.94 -34.79 -29.21
N GLU Z 515 111.36 -35.14 -30.43
CA GLU Z 515 110.92 -34.49 -31.64
C GLU Z 515 109.69 -35.20 -32.21
N SER Z 516 108.82 -34.42 -32.84
CA SER Z 516 107.60 -34.94 -33.43
C SER Z 516 107.41 -34.27 -34.78
N ILE Z 517 107.15 -35.07 -35.81
CA ILE Z 517 106.88 -34.53 -37.13
C ILE Z 517 105.62 -33.68 -37.06
N ILE Z 518 105.62 -32.56 -37.80
CA ILE Z 518 104.48 -31.65 -37.76
C ILE Z 518 103.23 -32.35 -38.30
N ASN Z 519 103.22 -32.69 -39.59
CA ASN Z 519 102.25 -33.62 -40.16
C ASN Z 519 100.80 -33.39 -39.75
N PRO Z 520 100.07 -32.45 -40.38
CA PRO Z 520 100.44 -31.68 -41.56
C PRO Z 520 100.70 -30.20 -41.24
N GLY Z 521 100.36 -29.78 -40.03
CA GLY Z 521 100.69 -28.44 -39.61
C GLY Z 521 99.84 -27.38 -40.28
N THR Z 522 100.48 -26.27 -40.59
CA THR Z 522 99.79 -25.10 -41.12
C THR Z 522 99.09 -25.43 -42.43
N ALA Z 523 97.92 -24.84 -42.62
CA ALA Z 523 97.14 -25.05 -43.84
C ALA Z 523 97.77 -24.23 -44.95
N MET Z 524 98.50 -24.89 -45.83
CA MET Z 524 99.17 -24.23 -46.94
C MET Z 524 98.90 -24.97 -48.23
N ALA Z 525 99.11 -24.28 -49.34
CA ALA Z 525 98.94 -24.88 -50.66
C ALA Z 525 99.96 -25.99 -50.87
N SER Z 526 99.51 -27.10 -51.43
CA SER Z 526 100.40 -28.23 -51.67
C SER Z 526 101.51 -27.90 -52.66
N HIS Z 527 101.18 -27.15 -53.70
CA HIS Z 527 102.14 -26.83 -54.74
C HIS Z 527 101.71 -25.53 -55.40
N LYS Z 528 102.49 -25.10 -56.39
CA LYS Z 528 102.17 -23.93 -57.19
C LYS Z 528 101.36 -24.34 -58.41
N ASP Z 529 101.16 -23.41 -59.33
CA ASP Z 529 100.55 -23.74 -60.61
C ASP Z 529 101.52 -24.55 -61.46
N ASP Z 530 100.98 -25.52 -62.19
CA ASP Z 530 101.76 -26.37 -63.09
C ASP Z 530 102.84 -27.14 -62.37
N GLU Z 531 102.59 -27.51 -61.11
CA GLU Z 531 103.56 -28.21 -60.28
C GLU Z 531 102.89 -29.31 -59.49
N ASP Z 532 101.90 -29.97 -60.07
CA ASP Z 532 101.14 -31.00 -59.38
C ASP Z 532 101.98 -32.22 -59.02
N LYS Z 533 103.16 -32.35 -59.62
CA LYS Z 533 104.05 -33.48 -59.33
C LYS Z 533 104.72 -33.38 -57.97
N PHE Z 534 104.61 -32.26 -57.28
CA PHE Z 534 105.27 -32.05 -56.00
C PHE Z 534 104.23 -31.97 -54.88
N PHE Z 535 104.59 -32.51 -53.73
CA PHE Z 535 103.79 -32.37 -52.53
C PHE Z 535 104.72 -32.15 -51.34
N PRO Z 536 104.27 -31.44 -50.32
CA PRO Z 536 105.06 -31.32 -49.09
C PRO Z 536 105.23 -32.67 -48.42
N MET Z 537 106.40 -32.88 -47.82
CA MET Z 537 106.75 -34.22 -47.35
C MET Z 537 105.78 -34.71 -46.29
N SER Z 538 105.38 -33.83 -45.37
CA SER Z 538 104.41 -34.18 -44.34
C SER Z 538 103.38 -33.07 -44.20
N GLY Z 539 102.91 -32.54 -45.33
CA GLY Z 539 101.98 -31.44 -45.31
C GLY Z 539 100.62 -31.78 -45.88
N VAL Z 540 100.43 -33.03 -46.26
CA VAL Z 540 99.21 -33.46 -46.93
C VAL Z 540 98.61 -34.63 -46.19
N MET Z 541 97.29 -34.73 -46.24
CA MET Z 541 96.59 -35.89 -45.71
C MET Z 541 96.64 -37.02 -46.74
N ILE Z 542 97.15 -38.16 -46.34
CA ILE Z 542 97.32 -39.31 -47.23
C ILE Z 542 96.41 -40.41 -46.74
N PHE Z 543 95.46 -40.80 -47.59
CA PHE Z 543 94.57 -41.92 -47.31
C PHE Z 543 95.03 -43.14 -48.07
N GLY Z 544 94.96 -44.29 -47.42
CA GLY Z 544 95.33 -45.54 -48.06
C GLY Z 544 94.14 -46.16 -48.78
N LYS Z 545 94.39 -46.69 -49.96
CA LYS Z 545 93.37 -47.47 -50.64
C LYS Z 545 93.26 -48.84 -50.00
N GLU Z 546 92.18 -49.54 -50.30
CA GLU Z 546 92.09 -50.93 -49.89
C GLU Z 546 93.19 -51.71 -50.59
N SER Z 547 93.69 -52.74 -49.90
CA SER Z 547 94.90 -53.45 -50.32
C SER Z 547 96.13 -52.55 -50.25
N ALA Z 548 96.21 -51.73 -49.21
CA ALA Z 548 97.43 -51.01 -48.89
C ALA Z 548 98.01 -51.57 -47.59
N GLY Z 549 99.30 -51.86 -47.61
CA GLY Z 549 99.94 -52.42 -46.45
C GLY Z 549 100.04 -51.42 -45.32
N ALA Z 550 100.38 -51.94 -44.14
CA ALA Z 550 100.54 -51.08 -42.98
C ALA Z 550 101.83 -50.29 -43.03
N SER Z 551 102.89 -50.87 -43.57
CA SER Z 551 104.21 -50.25 -43.57
C SER Z 551 104.83 -50.33 -44.96
N ASN Z 552 105.43 -49.22 -45.39
CA ASN Z 552 106.18 -49.15 -46.64
C ASN Z 552 105.35 -49.60 -47.84
N THR Z 553 104.10 -49.18 -47.88
CA THR Z 553 103.26 -49.42 -49.05
C THR Z 553 103.64 -48.45 -50.16
N ALA Z 554 102.97 -48.58 -51.29
CA ALA Z 554 103.37 -47.86 -52.49
C ALA Z 554 102.52 -46.62 -52.74
N LEU Z 555 103.11 -45.69 -53.49
CA LEU Z 555 102.40 -44.51 -53.95
C LEU Z 555 101.15 -44.90 -54.73
N ASP Z 556 101.18 -46.05 -55.39
CA ASP Z 556 100.00 -46.55 -56.07
C ASP Z 556 98.93 -46.99 -55.09
N ASN Z 557 99.33 -47.36 -53.87
CA ASN Z 557 98.37 -47.83 -52.88
C ASN Z 557 97.88 -46.72 -51.97
N VAL Z 558 98.48 -45.54 -52.01
CA VAL Z 558 98.00 -44.42 -51.21
C VAL Z 558 97.37 -43.37 -52.11
N MET Z 559 96.49 -42.57 -51.52
CA MET Z 559 95.87 -41.41 -52.17
C MET Z 559 96.32 -40.14 -51.47
N ILE Z 560 97.07 -39.30 -52.17
CA ILE Z 560 97.57 -38.05 -51.62
C ILE Z 560 96.58 -36.94 -51.93
N THR Z 561 96.18 -36.19 -50.91
CA THR Z 561 95.27 -35.09 -51.13
C THR Z 561 96.00 -33.88 -51.69
N ASP Z 562 95.23 -32.91 -52.14
CA ASP Z 562 95.76 -31.67 -52.68
C ASP Z 562 95.03 -30.50 -52.06
N GLU Z 563 95.77 -29.44 -51.75
CA GLU Z 563 95.21 -28.20 -51.20
C GLU Z 563 95.37 -27.07 -52.19
N GLU Z 564 95.03 -27.33 -53.46
CA GLU Z 564 95.31 -26.38 -54.52
C GLU Z 564 94.35 -25.20 -54.49
N GLU Z 565 93.23 -25.34 -53.80
CA GLU Z 565 92.20 -24.31 -53.84
C GLU Z 565 92.50 -23.13 -52.93
N ILE Z 566 93.44 -23.27 -52.00
CA ILE Z 566 93.72 -22.21 -51.05
C ILE Z 566 95.00 -21.46 -51.40
N LYS Z 567 95.45 -21.56 -52.66
CA LYS Z 567 96.55 -20.72 -53.14
C LYS Z 567 96.18 -19.25 -53.15
N ALA Z 568 94.90 -18.91 -53.11
CA ALA Z 568 94.48 -17.52 -53.20
C ALA Z 568 94.86 -16.74 -51.95
N THR Z 569 94.95 -17.41 -50.80
CA THR Z 569 95.23 -16.74 -49.54
C THR Z 569 96.36 -17.35 -48.73
N ASN Z 570 96.75 -18.59 -48.99
CA ASN Z 570 97.73 -19.27 -48.18
C ASN Z 570 99.04 -19.45 -48.94
N PRO Z 571 100.18 -19.37 -48.24
CA PRO Z 571 101.46 -19.63 -48.91
C PRO Z 571 101.57 -21.09 -49.33
N VAL Z 572 102.39 -21.33 -50.34
CA VAL Z 572 102.66 -22.69 -50.77
C VAL Z 572 103.53 -23.38 -49.73
N ALA Z 573 103.17 -24.63 -49.41
CA ALA Z 573 103.77 -25.32 -48.27
C ALA Z 573 105.26 -25.53 -48.41
N THR Z 574 105.76 -25.66 -49.63
CA THR Z 574 107.16 -26.01 -49.86
C THR Z 574 108.05 -24.82 -50.14
N GLU Z 575 107.52 -23.61 -50.10
CA GLU Z 575 108.30 -22.41 -50.39
C GLU Z 575 108.22 -21.42 -49.24
N ARG Z 576 109.16 -20.48 -49.26
CA ARG Z 576 109.29 -19.51 -48.19
C ARG Z 576 108.07 -18.59 -48.14
N PHE Z 577 107.81 -18.04 -46.96
CA PHE Z 577 106.80 -17.01 -46.85
C PHE Z 577 107.19 -15.78 -47.67
N GLY Z 578 108.46 -15.42 -47.63
CA GLY Z 578 108.94 -14.27 -48.35
C GLY Z 578 110.36 -13.95 -47.93
N THR Z 579 110.77 -12.73 -48.27
CA THR Z 579 112.09 -12.23 -47.90
C THR Z 579 111.95 -11.08 -46.92
N VAL Z 580 113.02 -10.85 -46.16
CA VAL Z 580 113.05 -9.79 -45.16
C VAL Z 580 114.42 -9.13 -45.22
N ALA Z 581 114.45 -7.83 -44.97
CA ALA Z 581 115.72 -7.12 -44.88
C ALA Z 581 116.47 -7.58 -43.64
N VAL Z 582 117.79 -7.72 -43.75
CA VAL Z 582 118.59 -8.24 -42.65
C VAL Z 582 119.76 -7.33 -42.29
N ASN Z 583 119.89 -6.17 -42.92
CA ASN Z 583 121.00 -5.28 -42.61
C ASN Z 583 120.58 -3.86 -42.92
N PHE Z 584 121.53 -2.92 -42.81
CA PHE Z 584 121.35 -1.54 -43.21
C PHE Z 584 122.18 -1.29 -44.46
N GLN Z 585 121.51 -0.88 -45.54
CA GLN Z 585 122.24 -0.48 -46.74
C GLN Z 585 122.82 0.91 -46.55
N SER Z 586 124.01 1.12 -47.11
CA SER Z 586 124.68 2.41 -46.99
C SER Z 586 125.66 2.55 -48.14
N SER Z 587 126.08 3.78 -48.38
CA SER Z 587 127.09 4.09 -49.37
C SER Z 587 128.45 4.24 -48.71
N SER Z 588 129.50 4.17 -49.53
CA SER Z 588 130.85 4.36 -49.03
C SER Z 588 131.09 5.80 -48.63
N THR Z 589 131.92 5.99 -47.62
CA THR Z 589 132.24 7.33 -47.14
C THR Z 589 133.73 7.46 -46.82
N VAL Z 592 133.51 6.42 -43.48
CA VAL Z 592 133.34 4.98 -43.38
C VAL Z 592 133.40 4.36 -44.77
N PRO Z 593 134.60 4.10 -45.27
CA PRO Z 593 134.73 3.59 -46.64
C PRO Z 593 134.45 2.10 -46.75
N PHE Z 594 133.39 1.64 -46.10
CA PHE Z 594 132.95 0.25 -46.17
C PHE Z 594 131.49 0.26 -46.63
N LYS Z 595 131.31 0.25 -47.96
CA LYS Z 595 129.97 0.22 -48.54
C LYS Z 595 129.23 -1.05 -48.14
N THR Z 596 127.96 -0.90 -47.77
CA THR Z 596 127.14 -2.03 -47.37
C THR Z 596 126.00 -2.21 -48.37
N ASP Z 597 126.04 -3.31 -49.12
CA ASP Z 597 124.94 -3.62 -50.00
C ASP Z 597 123.73 -4.09 -49.18
N PRO Z 598 122.52 -3.78 -49.64
CA PRO Z 598 121.33 -4.30 -48.97
C PRO Z 598 121.29 -5.82 -49.07
N ALA Z 599 120.80 -6.45 -48.02
CA ALA Z 599 120.76 -7.90 -47.92
C ALA Z 599 119.40 -8.36 -47.44
N THR Z 600 118.89 -9.41 -48.07
CA THR Z 600 117.62 -10.01 -47.69
C THR Z 600 117.85 -11.47 -47.33
N GLY Z 601 116.97 -11.98 -46.49
CA GLY Z 601 116.98 -13.39 -46.13
C GLY Z 601 115.60 -13.98 -46.28
N ASP Z 602 115.57 -15.27 -46.61
CA ASP Z 602 114.31 -15.97 -46.79
C ASP Z 602 113.66 -16.25 -45.45
N VAL Z 603 112.35 -16.08 -45.40
CA VAL Z 603 111.55 -16.31 -44.20
C VAL Z 603 110.85 -17.64 -44.38
N HIS Z 604 111.28 -18.65 -43.63
CA HIS Z 604 110.79 -20.01 -43.82
C HIS Z 604 109.65 -20.36 -42.88
N ALA Z 605 109.67 -19.84 -41.66
CA ALA Z 605 108.57 -19.99 -40.71
C ALA Z 605 108.12 -18.61 -40.29
N MET Z 606 106.85 -18.31 -40.51
CA MET Z 606 106.28 -17.00 -40.20
C MET Z 606 105.08 -17.21 -39.30
N GLY Z 607 105.11 -16.60 -38.11
CA GLY Z 607 103.97 -16.61 -37.24
C GLY Z 607 102.95 -15.57 -37.64
N ALA Z 608 101.88 -15.51 -36.87
CA ALA Z 608 100.77 -14.63 -37.22
C ALA Z 608 101.16 -13.17 -37.08
N LEU Z 609 100.98 -12.41 -38.15
CA LEU Z 609 101.11 -10.98 -38.20
C LEU Z 609 99.73 -10.35 -38.34
N PRO Z 610 99.50 -9.18 -37.76
CA PRO Z 610 98.22 -8.50 -37.99
C PRO Z 610 98.05 -8.15 -39.46
N GLY Z 611 96.82 -8.31 -39.94
CA GLY Z 611 96.53 -8.19 -41.35
C GLY Z 611 96.59 -9.50 -42.11
N MET Z 612 97.02 -10.58 -41.47
CA MET Z 612 97.08 -11.88 -42.13
C MET Z 612 95.69 -12.46 -42.29
N VAL Z 613 95.45 -13.11 -43.44
CA VAL Z 613 94.22 -13.83 -43.70
C VAL Z 613 94.58 -15.19 -44.30
N TRP Z 614 93.81 -16.21 -43.95
CA TRP Z 614 94.12 -17.55 -44.42
C TRP Z 614 92.85 -18.38 -44.45
N GLN Z 615 92.93 -19.51 -45.15
CA GLN Z 615 91.90 -20.54 -45.12
C GLN Z 615 92.40 -21.74 -44.34
N ASP Z 616 91.47 -22.46 -43.74
CA ASP Z 616 91.79 -23.67 -43.01
C ASP Z 616 91.92 -24.84 -43.98
N ARG Z 617 92.35 -25.99 -43.45
CA ARG Z 617 92.45 -27.19 -44.27
C ARG Z 617 91.06 -27.68 -44.67
N ASP Z 618 91.00 -28.32 -45.83
CA ASP Z 618 89.75 -28.89 -46.31
C ASP Z 618 89.39 -30.15 -45.55
N VAL Z 619 88.11 -30.46 -45.53
CA VAL Z 619 87.62 -31.73 -44.99
C VAL Z 619 87.32 -32.64 -46.16
N TYR Z 620 87.41 -33.94 -45.91
CA TYR Z 620 87.22 -34.95 -46.94
C TYR Z 620 86.17 -35.95 -46.48
N LEU Z 621 85.59 -36.66 -47.44
CA LEU Z 621 84.61 -37.67 -47.09
C LEU Z 621 85.22 -38.77 -46.23
N GLN Z 622 86.49 -39.07 -46.43
CA GLN Z 622 87.20 -40.07 -45.64
C GLN Z 622 87.88 -39.49 -44.42
N GLY Z 623 87.77 -38.19 -44.17
CA GLY Z 623 88.54 -37.55 -43.14
C GLY Z 623 87.76 -37.32 -41.86
N PRO Z 624 88.44 -36.82 -40.83
CA PRO Z 624 87.79 -36.58 -39.54
C PRO Z 624 86.82 -35.40 -39.58
N ILE Z 625 85.84 -35.44 -38.69
CA ILE Z 625 84.85 -34.39 -38.57
C ILE Z 625 85.27 -33.34 -37.54
N TRP Z 626 85.60 -33.77 -36.34
CA TRP Z 626 85.86 -32.85 -35.24
C TRP Z 626 87.11 -33.27 -34.49
N ALA Z 627 87.49 -32.41 -33.55
CA ALA Z 627 88.57 -32.70 -32.61
C ALA Z 627 88.30 -31.91 -31.34
N LYS Z 628 88.63 -32.52 -30.20
CA LYS Z 628 88.56 -31.80 -28.94
C LYS Z 628 89.69 -30.78 -28.85
N ILE Z 629 89.34 -29.53 -28.55
CA ILE Z 629 90.35 -28.51 -28.31
C ILE Z 629 90.97 -28.74 -26.93
N PRO Z 630 92.30 -28.83 -26.82
CA PRO Z 630 92.90 -29.08 -25.52
C PRO Z 630 92.53 -28.02 -24.50
N HIS Z 631 92.30 -28.44 -23.27
CA HIS Z 631 91.95 -27.53 -22.19
C HIS Z 631 93.21 -26.87 -21.68
N THR Z 632 93.59 -25.78 -22.33
CA THR Z 632 94.79 -25.03 -22.01
C THR Z 632 94.42 -23.58 -21.73
N ASP Z 633 95.39 -22.84 -21.20
CA ASP Z 633 95.19 -21.42 -20.94
C ASP Z 633 95.02 -20.64 -22.23
N GLY Z 634 95.82 -20.94 -23.24
CA GLY Z 634 95.75 -20.22 -24.49
C GLY Z 634 95.77 -21.17 -25.67
N HIS Z 635 95.14 -20.71 -26.75
CA HIS Z 635 95.19 -21.39 -28.03
C HIS Z 635 94.89 -20.37 -29.10
N PHE Z 636 95.55 -20.48 -30.23
CA PHE Z 636 95.39 -19.55 -31.33
C PHE Z 636 94.67 -20.24 -32.47
N HIS Z 637 93.49 -19.75 -32.81
CA HIS Z 637 92.66 -20.26 -33.90
C HIS Z 637 92.48 -21.76 -33.77
N PRO Z 638 91.71 -22.22 -32.80
CA PRO Z 638 91.69 -23.65 -32.44
C PRO Z 638 90.92 -24.51 -33.45
N SER Z 639 91.38 -24.47 -34.69
CA SER Z 639 90.87 -25.33 -35.74
C SER Z 639 91.85 -26.49 -35.93
N PRO Z 640 91.37 -27.73 -35.89
CA PRO Z 640 92.30 -28.87 -35.94
C PRO Z 640 93.12 -28.86 -37.21
N LEU Z 641 94.37 -29.28 -37.09
CA LEU Z 641 95.29 -29.20 -38.23
C LEU Z 641 95.02 -30.29 -39.25
N MET Z 642 94.38 -31.39 -38.84
CA MET Z 642 93.94 -32.36 -39.83
C MET Z 642 92.70 -31.92 -40.57
N GLY Z 643 92.03 -30.88 -40.12
CA GLY Z 643 90.80 -30.42 -40.74
C GLY Z 643 89.60 -30.80 -39.91
N GLY Z 644 88.57 -29.97 -39.98
CA GLY Z 644 87.36 -30.23 -39.24
C GLY Z 644 86.99 -29.14 -38.27
N PHE Z 645 86.15 -29.47 -37.30
CA PHE Z 645 85.64 -28.54 -36.32
C PHE Z 645 86.34 -28.79 -34.99
N GLY Z 646 86.94 -27.75 -34.44
CA GLY Z 646 87.48 -27.85 -33.10
C GLY Z 646 86.40 -27.52 -32.09
N LEU Z 647 86.11 -28.45 -31.19
CA LEU Z 647 85.06 -28.27 -30.21
C LEU Z 647 85.65 -28.32 -28.81
N LYS Z 648 85.27 -27.36 -27.96
CA LYS Z 648 85.67 -27.41 -26.56
C LYS Z 648 85.00 -28.58 -25.85
N ASN Z 649 83.71 -28.78 -26.10
CA ASN Z 649 82.98 -29.95 -25.61
C ASN Z 649 82.57 -30.76 -26.83
N PRO Z 650 83.42 -31.66 -27.32
CA PRO Z 650 83.07 -32.45 -28.48
C PRO Z 650 82.05 -33.52 -28.13
N PRO Z 651 81.56 -34.28 -29.11
CA PRO Z 651 80.74 -35.44 -28.77
C PRO Z 651 81.49 -36.38 -27.86
N PRO Z 652 80.89 -36.76 -26.74
CA PRO Z 652 81.62 -37.56 -25.75
C PRO Z 652 81.85 -38.98 -26.23
N GLN Z 653 82.83 -39.62 -25.61
CA GLN Z 653 83.16 -40.99 -25.93
C GLN Z 653 82.12 -41.92 -25.33
N ILE Z 654 81.62 -42.85 -26.14
CA ILE Z 654 80.75 -43.91 -25.69
C ILE Z 654 81.60 -45.16 -25.52
N LEU Z 655 81.67 -45.66 -24.29
CA LEU Z 655 82.51 -46.78 -23.94
C LEU Z 655 81.65 -47.96 -23.57
N ILE Z 656 82.02 -49.12 -24.09
CA ILE Z 656 81.21 -50.33 -24.00
C ILE Z 656 82.12 -51.51 -23.69
N LYS Z 657 81.65 -52.41 -22.85
CA LYS Z 657 82.40 -53.64 -22.64
C LYS Z 657 81.44 -54.74 -22.22
N ASN Z 658 81.88 -55.97 -22.39
CA ASN Z 658 81.12 -57.11 -21.92
C ASN Z 658 81.34 -57.29 -20.43
N THR Z 659 80.27 -57.45 -19.66
CA THR Z 659 80.44 -57.72 -18.25
C THR Z 659 81.06 -59.10 -18.08
N PRO Z 660 82.14 -59.23 -17.30
CA PRO Z 660 82.77 -60.54 -17.14
C PRO Z 660 81.82 -61.54 -16.46
N VAL Z 661 81.81 -62.76 -16.98
CA VAL Z 661 81.06 -63.86 -16.39
C VAL Z 661 82.07 -64.89 -15.91
N PRO Z 662 82.24 -65.06 -14.60
CA PRO Z 662 83.23 -66.01 -14.09
C PRO Z 662 82.85 -67.44 -14.42
N ALA Z 663 83.88 -68.28 -14.57
CA ALA Z 663 83.68 -69.70 -14.74
C ALA Z 663 83.41 -70.33 -13.37
N ASN Z 664 83.46 -71.66 -13.32
CA ASN Z 664 83.12 -72.38 -12.11
C ASN Z 664 84.11 -72.06 -10.98
N PRO Z 665 83.65 -71.53 -9.85
CA PRO Z 665 84.57 -71.23 -8.76
C PRO Z 665 84.95 -72.48 -8.00
N PRO Z 666 86.04 -72.45 -7.23
CA PRO Z 666 86.40 -73.63 -6.44
C PRO Z 666 85.41 -73.90 -5.31
N ALA Z 667 85.45 -75.13 -4.81
CA ALA Z 667 84.56 -75.51 -3.71
C ALA Z 667 84.92 -74.77 -2.43
N GLU Z 668 86.20 -74.60 -2.16
CA GLU Z 668 86.69 -73.84 -1.02
C GLU Z 668 86.98 -72.40 -1.43
N PHE Z 669 86.83 -71.50 -0.46
CA PHE Z 669 87.00 -70.07 -0.72
C PHE Z 669 88.46 -69.73 -0.98
N SER Z 670 88.69 -68.86 -1.96
CA SER Z 670 90.01 -68.34 -2.27
C SER Z 670 89.89 -66.84 -2.47
N ALA Z 671 90.73 -66.07 -1.78
CA ALA Z 671 90.69 -64.62 -1.93
C ALA Z 671 91.42 -64.13 -3.17
N THR Z 672 92.18 -65.00 -3.84
CA THR Z 672 92.79 -64.62 -5.10
C THR Z 672 91.73 -64.22 -6.10
N LYS Z 673 91.95 -63.11 -6.79
CA LYS Z 673 90.94 -62.60 -7.70
C LYS Z 673 90.73 -63.57 -8.86
N PHE Z 674 89.52 -63.55 -9.40
CA PHE Z 674 89.13 -64.49 -10.44
C PHE Z 674 89.97 -64.25 -11.69
N ALA Z 675 90.43 -65.33 -12.30
CA ALA Z 675 91.15 -65.28 -13.55
C ALA Z 675 90.51 -66.15 -14.63
N SER Z 676 89.59 -67.03 -14.26
CA SER Z 676 88.91 -67.92 -15.17
C SER Z 676 87.54 -67.35 -15.48
N PHE Z 677 87.33 -66.99 -16.74
CA PHE Z 677 86.08 -66.38 -17.15
C PHE Z 677 85.48 -67.16 -18.31
N ILE Z 678 84.16 -67.06 -18.42
CA ILE Z 678 83.44 -67.63 -19.56
C ILE Z 678 83.70 -66.75 -20.76
N THR Z 679 84.19 -67.34 -21.85
CA THR Z 679 84.60 -66.59 -23.03
C THR Z 679 83.36 -66.17 -23.81
N GLN Z 680 83.21 -64.87 -24.03
CA GLN Z 680 82.04 -64.40 -24.74
C GLN Z 680 82.33 -63.09 -25.44
N TYR Z 681 81.49 -62.78 -26.42
CA TYR Z 681 81.53 -61.51 -27.13
C TYR Z 681 80.10 -61.01 -27.26
N SER Z 682 79.93 -59.85 -27.85
CA SER Z 682 78.60 -59.32 -28.08
C SER Z 682 78.51 -58.70 -29.46
N THR Z 683 77.29 -58.63 -29.96
CA THR Z 683 77.01 -58.02 -31.26
C THR Z 683 75.77 -57.17 -31.12
N GLY Z 684 75.60 -56.25 -32.05
CA GLY Z 684 74.43 -55.41 -31.97
C GLY Z 684 74.41 -54.41 -33.10
N GLN Z 685 73.47 -53.48 -32.99
CA GLN Z 685 73.29 -52.42 -33.97
C GLN Z 685 73.48 -51.06 -33.30
N VAL Z 686 74.10 -50.15 -34.02
CA VAL Z 686 74.36 -48.80 -33.54
C VAL Z 686 73.82 -47.82 -34.58
N SER Z 687 73.10 -46.81 -34.12
CA SER Z 687 72.55 -45.76 -34.96
C SER Z 687 73.12 -44.42 -34.53
N VAL Z 688 73.57 -43.62 -35.48
CA VAL Z 688 73.99 -42.24 -35.25
C VAL Z 688 73.23 -41.36 -36.22
N GLU Z 689 72.58 -40.32 -35.69
CA GLU Z 689 71.84 -39.35 -36.48
C GLU Z 689 72.42 -37.98 -36.20
N ILE Z 690 72.92 -37.31 -37.23
CA ILE Z 690 73.45 -35.95 -37.09
C ILE Z 690 72.62 -35.01 -37.93
N GLU Z 691 72.15 -33.93 -37.32
CA GLU Z 691 71.61 -32.79 -38.02
C GLU Z 691 72.74 -31.79 -38.28
N TRP Z 692 72.86 -31.37 -39.54
CA TRP Z 692 73.84 -30.41 -40.00
C TRP Z 692 73.12 -29.18 -40.54
N GLU Z 693 73.62 -28.01 -40.18
CA GLU Z 693 73.17 -26.75 -40.74
C GLU Z 693 73.98 -26.42 -41.99
N LEU Z 694 73.28 -26.01 -43.03
CA LEU Z 694 73.86 -25.67 -44.32
C LEU Z 694 73.91 -24.16 -44.49
N GLN Z 695 74.86 -23.71 -45.28
CA GLN Z 695 75.02 -22.31 -45.66
C GLN Z 695 75.03 -22.29 -47.17
N LYS Z 696 73.91 -21.87 -47.75
CA LYS Z 696 73.67 -21.92 -49.18
C LYS Z 696 74.51 -20.90 -49.92
N GLU Z 697 74.87 -21.24 -51.15
CA GLU Z 697 75.51 -20.28 -52.03
C GLU Z 697 74.52 -19.18 -52.39
N ASN Z 698 75.03 -17.96 -52.55
CA ASN Z 698 74.24 -16.82 -53.00
C ASN Z 698 74.96 -16.10 -54.14
N SER Z 699 75.56 -16.86 -55.04
CA SER Z 699 76.52 -16.31 -55.98
C SER Z 699 75.83 -15.61 -57.13
N LYS Z 700 76.49 -14.56 -57.63
CA LYS Z 700 76.05 -13.85 -58.83
C LYS Z 700 76.97 -14.15 -60.01
N ARG Z 701 77.78 -15.19 -59.90
CA ARG Z 701 78.68 -15.58 -60.97
C ARG Z 701 77.90 -16.00 -62.21
N TRP Z 702 78.40 -15.59 -63.38
CA TRP Z 702 77.69 -15.84 -64.62
C TRP Z 702 78.04 -17.19 -65.22
N ASN Z 703 79.32 -17.48 -65.37
CA ASN Z 703 79.74 -18.72 -65.98
C ASN Z 703 79.51 -19.90 -65.04
N PRO Z 704 79.40 -21.11 -65.57
CA PRO Z 704 79.15 -22.27 -64.71
C PRO Z 704 80.31 -22.57 -63.78
N GLU Z 705 79.97 -23.13 -62.63
CA GLU Z 705 80.94 -23.47 -61.60
C GLU Z 705 81.58 -24.82 -61.86
N VAL Z 706 82.71 -25.05 -61.20
CA VAL Z 706 83.32 -26.37 -61.16
C VAL Z 706 82.55 -27.22 -60.16
N GLN Z 707 82.17 -28.42 -60.57
CA GLN Z 707 81.43 -29.34 -59.72
C GLN Z 707 82.18 -30.64 -59.63
N TYR Z 708 81.98 -31.36 -58.52
CA TYR Z 708 82.45 -32.73 -58.45
C TYR Z 708 81.51 -33.61 -59.24
N THR Z 709 82.06 -34.40 -60.16
CA THR Z 709 81.24 -35.21 -61.03
C THR Z 709 81.84 -36.61 -61.16
N SER Z 710 80.97 -37.57 -61.43
CA SER Z 710 81.41 -38.88 -61.88
C SER Z 710 81.90 -38.79 -63.31
N ASN Z 711 82.89 -39.61 -63.64
CA ASN Z 711 83.37 -39.67 -65.01
C ASN Z 711 82.42 -40.53 -65.83
N TYR Z 712 81.99 -40.00 -66.97
CA TYR Z 712 81.17 -40.76 -67.92
C TYR Z 712 82.14 -41.45 -68.88
N ALA Z 713 82.22 -42.77 -68.78
CA ALA Z 713 83.05 -43.56 -69.65
C ALA Z 713 82.84 -45.03 -69.32
N LYS Z 714 83.00 -45.87 -70.32
CA LYS Z 714 82.95 -47.31 -70.05
C LYS Z 714 84.11 -47.68 -69.14
N SER Z 715 83.79 -48.21 -67.97
CA SER Z 715 84.77 -48.63 -67.00
C SER Z 715 84.41 -50.01 -66.49
N ALA Z 716 85.43 -50.76 -66.08
CA ALA Z 716 85.19 -52.11 -65.57
C ALA Z 716 84.33 -52.09 -64.31
N ASN Z 717 84.47 -51.04 -63.51
CA ASN Z 717 83.72 -50.89 -62.28
C ASN Z 717 83.10 -49.50 -62.21
N VAL Z 718 82.16 -49.33 -61.31
CA VAL Z 718 81.60 -48.03 -60.97
C VAL Z 718 82.31 -47.52 -59.73
N ASP Z 719 82.61 -46.22 -59.71
CA ASP Z 719 83.29 -45.63 -58.57
C ASP Z 719 82.40 -45.64 -57.34
N PHE Z 720 83.03 -45.85 -56.18
CA PHE Z 720 82.34 -45.88 -54.89
C PHE Z 720 81.28 -46.98 -54.85
N THR Z 721 81.66 -48.17 -55.33
CA THR Z 721 80.77 -49.33 -55.30
C THR Z 721 81.54 -50.55 -54.81
N VAL Z 722 80.92 -51.72 -54.90
CA VAL Z 722 81.56 -52.97 -54.57
C VAL Z 722 82.07 -53.60 -55.86
N ASP Z 723 83.05 -54.48 -55.72
CA ASP Z 723 83.55 -55.24 -56.86
C ASP Z 723 82.84 -56.60 -56.91
N ASN Z 724 83.32 -57.49 -57.77
CA ASN Z 724 82.71 -58.82 -57.86
C ASN Z 724 82.99 -59.66 -56.61
N ASN Z 725 83.95 -59.27 -55.78
CA ASN Z 725 84.22 -59.97 -54.54
C ASN Z 725 83.45 -59.40 -53.35
N GLY Z 726 82.74 -58.30 -53.54
CA GLY Z 726 81.99 -57.69 -52.47
C GLY Z 726 82.72 -56.66 -51.66
N LEU Z 727 83.85 -56.15 -52.15
CA LEU Z 727 84.67 -55.22 -51.38
C LEU Z 727 84.36 -53.79 -51.80
N TYR Z 728 83.87 -53.00 -50.85
CA TYR Z 728 83.61 -51.60 -51.10
C TYR Z 728 84.91 -50.82 -51.11
N THR Z 729 85.10 -50.00 -52.14
CA THR Z 729 86.30 -49.20 -52.30
C THR Z 729 85.92 -47.76 -52.62
N GLU Z 730 86.77 -46.84 -52.20
CA GLU Z 730 86.64 -45.42 -52.54
C GLU Z 730 87.81 -45.03 -53.44
N PRO Z 731 87.56 -44.75 -54.71
CA PRO Z 731 88.68 -44.52 -55.65
C PRO Z 731 89.55 -43.31 -55.34
N ARG Z 732 88.98 -42.25 -54.77
CA ARG Z 732 89.72 -41.01 -54.60
C ARG Z 732 89.18 -40.30 -53.38
N PRO Z 733 89.96 -39.41 -52.77
CA PRO Z 733 89.43 -38.54 -51.72
C PRO Z 733 88.74 -37.34 -52.32
N ILE Z 734 87.55 -37.02 -51.81
CA ILE Z 734 86.76 -35.90 -52.29
C ILE Z 734 86.78 -34.80 -51.24
N GLY Z 735 87.21 -33.61 -51.64
CA GLY Z 735 87.15 -32.44 -50.78
C GLY Z 735 85.81 -31.76 -50.86
N THR Z 736 85.79 -30.50 -50.45
CA THR Z 736 84.56 -29.72 -50.39
C THR Z 736 84.57 -28.48 -51.27
N ARG Z 737 85.74 -27.98 -51.64
CA ARG Z 737 85.86 -26.65 -52.22
C ARG Z 737 85.67 -26.73 -53.74
N TYR Z 738 84.42 -26.62 -54.19
CA TYR Z 738 84.12 -26.65 -55.62
C TYR Z 738 83.46 -25.36 -56.06
N LEU Z 739 82.43 -24.93 -55.32
CA LEU Z 739 81.85 -23.62 -55.56
C LEU Z 739 82.88 -22.56 -55.24
N THR Z 740 82.66 -21.35 -55.75
CA THR Z 740 83.58 -20.25 -55.50
C THR Z 740 82.82 -19.04 -54.96
N ARG Z 741 83.58 -18.14 -54.34
CA ARG Z 741 83.04 -16.86 -53.92
C ARG Z 741 84.15 -15.83 -53.99
N PRO Z 742 83.82 -14.55 -54.14
CA PRO Z 742 84.87 -13.53 -54.21
C PRO Z 742 85.57 -13.35 -52.87
N LEU Z 743 86.85 -13.01 -52.94
CA LEU Z 743 87.68 -12.91 -51.75
C LEU Z 743 87.38 -11.65 -50.96
N ASP AA 219 62.11 -59.31 -13.37
CA ASP AA 219 61.57 -58.47 -14.43
C ASP AA 219 61.79 -59.09 -15.81
N GLY AA 220 62.33 -60.30 -15.84
CA GLY AA 220 62.47 -61.06 -17.07
C GLY AA 220 63.90 -61.54 -17.28
N VAL AA 221 64.02 -62.48 -18.22
CA VAL AA 221 65.32 -63.03 -18.57
C VAL AA 221 66.16 -62.01 -19.33
N GLY AA 222 65.55 -61.27 -20.25
CA GLY AA 222 66.30 -60.39 -21.13
C GLY AA 222 66.33 -58.95 -20.72
N ASN AA 223 66.02 -58.67 -19.46
CA ASN AA 223 65.99 -57.31 -18.92
C ASN AA 223 66.91 -57.25 -17.72
N ALA AA 224 67.85 -56.31 -17.74
CA ALA AA 224 68.78 -56.16 -16.62
C ALA AA 224 68.05 -55.57 -15.41
N SER AA 225 68.36 -56.09 -14.23
CA SER AA 225 67.69 -55.66 -13.01
C SER AA 225 68.48 -54.59 -12.25
N GLY AA 226 69.57 -54.09 -12.81
CA GLY AA 226 70.28 -52.99 -12.19
C GLY AA 226 71.37 -52.49 -13.09
N ASN AA 227 71.93 -51.35 -12.71
CA ASN AA 227 72.99 -50.69 -13.45
C ASN AA 227 74.25 -50.63 -12.61
N TRP AA 228 75.36 -50.34 -13.26
CA TRP AA 228 76.64 -50.19 -12.59
C TRP AA 228 76.71 -48.80 -11.98
N HIS AA 229 76.73 -48.74 -10.65
CA HIS AA 229 76.80 -47.50 -9.91
C HIS AA 229 78.08 -47.50 -9.10
N CYS AA 230 79.15 -46.96 -9.67
CA CYS AA 230 80.43 -46.83 -8.99
C CYS AA 230 80.89 -45.40 -9.13
N ASP AA 231 80.85 -44.64 -8.05
CA ASP AA 231 81.02 -43.20 -8.12
C ASP AA 231 81.40 -42.69 -6.74
N SER AA 232 81.65 -41.39 -6.65
CA SER AA 232 81.88 -40.72 -5.37
C SER AA 232 81.48 -39.27 -5.53
N THR AA 233 80.51 -38.83 -4.75
CA THR AA 233 79.99 -37.47 -4.82
C THR AA 233 80.35 -36.74 -3.54
N TRP AA 234 80.97 -35.59 -3.68
CA TRP AA 234 81.40 -34.79 -2.54
C TRP AA 234 80.48 -33.58 -2.42
N LEU AA 235 79.68 -33.56 -1.36
CA LEU AA 235 78.87 -32.40 -1.03
C LEU AA 235 79.65 -31.56 -0.03
N GLY AA 236 79.00 -30.57 0.57
CA GLY AA 236 79.71 -29.70 1.49
C GLY AA 236 80.23 -30.44 2.72
N ASP AA 237 79.34 -31.16 3.39
CA ASP AA 237 79.72 -31.87 4.61
C ASP AA 237 79.47 -33.37 4.53
N ARG AA 238 79.04 -33.88 3.38
CA ARG AA 238 78.84 -35.30 3.18
C ARG AA 238 79.69 -35.76 2.01
N VAL AA 239 80.01 -37.04 2.00
CA VAL AA 239 80.52 -37.70 0.81
C VAL AA 239 79.76 -39.01 0.65
N ILE AA 240 79.28 -39.27 -0.55
CA ILE AA 240 78.55 -40.49 -0.85
C ILE AA 240 79.41 -41.33 -1.79
N THR AA 241 79.78 -42.52 -1.32
CA THR AA 241 80.61 -43.44 -2.10
C THR AA 241 79.76 -44.63 -2.54
N THR AA 242 79.76 -44.90 -3.83
CA THR AA 242 79.06 -46.04 -4.41
C THR AA 242 80.06 -46.98 -5.05
N SER AA 243 79.87 -48.28 -4.84
CA SER AA 243 80.77 -49.29 -5.37
C SER AA 243 79.97 -50.46 -5.89
N THR AA 244 80.20 -50.82 -7.15
CA THR AA 244 79.64 -52.02 -7.74
C THR AA 244 80.76 -53.00 -8.05
N ARG AA 245 80.51 -54.27 -7.75
CA ARG AA 245 81.47 -55.34 -7.99
C ARG AA 245 80.74 -56.54 -8.59
N THR AA 246 81.50 -57.39 -9.25
CA THR AA 246 80.98 -58.65 -9.78
C THR AA 246 81.43 -59.78 -8.88
N TRP AA 247 80.47 -60.57 -8.41
CA TRP AA 247 80.72 -61.66 -7.48
C TRP AA 247 80.37 -62.99 -8.11
N ALA AA 248 81.07 -64.02 -7.64
CA ALA AA 248 80.79 -65.42 -7.94
C ALA AA 248 80.57 -66.17 -6.65
N LEU AA 249 79.47 -66.89 -6.56
CA LEU AA 249 79.09 -67.67 -5.39
C LEU AA 249 79.04 -69.14 -5.76
N PRO AA 250 79.88 -69.98 -5.19
CA PRO AA 250 79.79 -71.42 -5.47
C PRO AA 250 78.82 -72.13 -4.55
N THR AA 251 78.72 -73.44 -4.67
CA THR AA 251 78.03 -74.26 -3.69
C THR AA 251 79.03 -74.71 -2.64
N TYR AA 252 78.71 -74.43 -1.38
CA TYR AA 252 79.59 -74.74 -0.27
C TYR AA 252 79.08 -75.97 0.46
N ASN AA 253 79.98 -76.90 0.76
CA ASN AA 253 79.72 -78.08 1.58
C ASN AA 253 78.77 -79.08 0.93
N ASN AA 254 78.50 -78.95 -0.36
CA ASN AA 254 77.45 -79.72 -1.04
C ASN AA 254 76.10 -79.51 -0.36
N HIS AA 255 75.80 -78.25 -0.04
CA HIS AA 255 74.52 -77.85 0.58
C HIS AA 255 74.34 -78.43 1.97
N LEU AA 256 75.44 -78.73 2.65
CA LEU AA 256 75.38 -79.40 3.94
C LEU AA 256 75.85 -78.46 5.04
N TYR AA 257 75.29 -78.65 6.23
CA TYR AA 257 75.80 -78.06 7.45
C TYR AA 257 76.74 -79.06 8.09
N LYS AA 258 77.97 -78.65 8.35
CA LYS AA 258 78.96 -79.56 8.91
C LYS AA 258 79.47 -79.03 10.24
N GLN AA 259 79.69 -79.94 11.17
CA GLN AA 259 80.25 -79.59 12.47
C GLN AA 259 81.76 -79.67 12.38
N ILE AA 260 82.43 -78.59 12.74
CA ILE AA 260 83.88 -78.50 12.65
C ILE AA 260 84.45 -78.30 14.05
N SER AA 261 85.62 -78.87 14.28
CA SER AA 261 86.32 -78.71 15.55
C SER AA 261 87.80 -78.94 15.30
N SER AA 262 88.58 -78.95 16.37
CA SER AA 262 90.02 -79.13 16.30
C SER AA 262 90.46 -80.54 16.66
N ALA AA 263 89.52 -81.47 16.82
CA ALA AA 263 89.86 -82.81 17.28
C ALA AA 263 90.74 -83.53 16.27
N SER AA 264 90.41 -83.46 14.98
CA SER AA 264 91.27 -84.07 13.98
C SER AA 264 92.54 -83.25 13.75
N THR AA 265 92.45 -81.93 13.95
CA THR AA 265 93.63 -81.08 13.77
C THR AA 265 94.72 -81.42 14.78
N GLY AA 266 94.33 -81.77 16.00
CA GLY AA 266 95.32 -82.02 17.03
C GLY AA 266 96.09 -80.78 17.44
N ALA AA 267 95.39 -79.66 17.64
CA ALA AA 267 96.02 -78.40 17.96
C ALA AA 267 96.36 -78.33 19.44
N SER AA 268 97.01 -77.24 19.83
CA SER AA 268 97.30 -76.98 21.22
C SER AA 268 96.03 -76.54 21.95
N ASN AA 269 96.11 -76.51 23.29
CA ASN AA 269 94.95 -76.13 24.08
C ASN AA 269 94.49 -74.72 23.77
N ASP AA 270 95.41 -73.85 23.35
CA ASP AA 270 95.05 -72.47 23.02
C ASP AA 270 94.31 -72.34 21.70
N ASN AA 271 94.44 -73.32 20.82
CA ASN AA 271 93.87 -73.25 19.47
C ASN AA 271 92.67 -74.15 19.29
N HIS AA 272 92.15 -74.72 20.38
CA HIS AA 272 90.99 -75.59 20.29
C HIS AA 272 89.75 -74.78 19.94
N TYR AA 273 88.85 -75.39 19.16
CA TYR AA 273 87.62 -74.71 18.81
C TYR AA 273 86.55 -75.74 18.48
N PHE AA 274 85.30 -75.27 18.48
CA PHE AA 274 84.15 -76.05 18.09
C PHE AA 274 83.18 -75.10 17.39
N GLY AA 275 82.64 -75.52 16.26
CA GLY AA 275 81.73 -74.67 15.55
C GLY AA 275 81.06 -75.37 14.41
N TYR AA 276 80.51 -74.58 13.49
CA TYR AA 276 79.76 -75.11 12.37
C TYR AA 276 80.11 -74.37 11.09
N SER AA 277 80.10 -75.11 10.00
CA SER AA 277 80.29 -74.60 8.65
C SER AA 277 78.96 -74.69 7.93
N THR AA 278 78.48 -73.57 7.41
CA THR AA 278 77.20 -73.59 6.73
C THR AA 278 77.40 -73.60 5.22
N PRO AA 279 76.40 -73.99 4.45
CA PRO AA 279 76.48 -73.87 2.99
C PRO AA 279 76.28 -72.46 2.45
N TRP AA 280 76.13 -71.47 3.32
CA TRP AA 280 75.89 -70.10 2.92
C TRP AA 280 77.19 -69.34 2.76
N GLY AA 281 77.17 -68.33 1.90
CA GLY AA 281 78.20 -67.31 1.85
C GLY AA 281 77.63 -66.01 2.39
N TYR AA 282 78.52 -65.05 2.60
CA TYR AA 282 78.09 -63.76 3.11
C TYR AA 282 78.78 -62.66 2.32
N PHE AA 283 78.17 -61.49 2.34
CA PHE AA 283 78.70 -60.30 1.67
C PHE AA 283 79.42 -59.43 2.69
N ASP AA 284 80.65 -59.06 2.38
CA ASP AA 284 81.50 -58.27 3.25
C ASP AA 284 81.98 -57.04 2.52
N PHE AA 285 81.73 -55.87 3.10
CA PHE AA 285 82.28 -54.62 2.59
C PHE AA 285 82.80 -53.80 3.76
N ASN AA 286 83.50 -54.46 4.67
CA ASN AA 286 83.99 -53.85 5.90
C ASN AA 286 85.46 -53.46 5.80
N ARG AA 287 85.88 -52.95 4.65
CA ARG AA 287 87.18 -52.31 4.49
C ARG AA 287 86.98 -50.98 3.80
N PHE AA 288 87.88 -50.03 4.07
CA PHE AA 288 87.68 -48.69 3.55
C PHE AA 288 87.93 -48.62 2.05
N HIS AA 289 88.78 -49.48 1.50
CA HIS AA 289 89.05 -49.44 0.07
C HIS AA 289 87.97 -50.12 -0.76
N CYS AA 290 87.00 -50.78 -0.11
CA CYS AA 290 85.81 -51.21 -0.83
C CYS AA 290 84.95 -50.03 -1.26
N HIS AA 291 85.18 -48.86 -0.67
CA HIS AA 291 84.35 -47.69 -0.90
C HIS AA 291 85.12 -46.48 -1.40
N PHE AA 292 86.36 -46.30 -0.98
CA PHE AA 292 87.16 -45.14 -1.37
C PHE AA 292 88.24 -45.57 -2.35
N SER AA 293 88.36 -44.85 -3.45
CA SER AA 293 89.57 -44.93 -4.25
C SER AA 293 90.70 -44.26 -3.48
N PRO AA 294 91.95 -44.56 -3.83
CA PRO AA 294 93.05 -43.85 -3.16
C PRO AA 294 92.99 -42.34 -3.32
N ARG AA 295 92.54 -41.85 -4.47
CA ARG AA 295 92.36 -40.42 -4.65
C ARG AA 295 91.29 -39.87 -3.71
N ASP AA 296 90.16 -40.58 -3.57
CA ASP AA 296 89.12 -40.14 -2.65
C ASP AA 296 89.59 -40.19 -1.21
N TRP AA 297 90.37 -41.21 -0.85
CA TRP AA 297 90.92 -41.29 0.49
C TRP AA 297 91.86 -40.12 0.78
N GLN AA 298 92.70 -39.78 -0.19
CA GLN AA 298 93.60 -38.64 -0.02
C GLN AA 298 92.81 -37.35 0.11
N ARG AA 299 91.77 -37.19 -0.72
CA ARG AA 299 90.91 -36.01 -0.63
C ARG AA 299 90.24 -35.91 0.73
N LEU AA 300 89.82 -37.03 1.30
CA LEU AA 300 89.20 -37.03 2.62
C LEU AA 300 90.21 -36.66 3.71
N ILE AA 301 91.35 -37.34 3.72
CA ILE AA 301 92.28 -37.22 4.84
C ILE AA 301 93.10 -35.94 4.79
N ASN AA 302 93.24 -35.31 3.63
CA ASN AA 302 93.99 -34.07 3.55
C ASN AA 302 93.15 -32.86 3.88
N ASN AA 303 91.83 -33.01 4.01
CA ASN AA 303 90.94 -31.88 4.12
C ASN AA 303 89.98 -31.95 5.29
N ASN AA 304 89.79 -33.10 5.90
CA ASN AA 304 88.78 -33.26 6.93
C ASN AA 304 89.43 -33.58 8.27
N TRP AA 305 88.89 -32.97 9.32
CA TRP AA 305 89.31 -33.27 10.68
C TRP AA 305 88.67 -34.54 11.22
N GLY AA 306 87.55 -34.96 10.64
CA GLY AA 306 86.96 -36.21 11.10
C GLY AA 306 85.91 -36.70 10.13
N PHE AA 307 85.51 -37.95 10.32
CA PHE AA 307 84.44 -38.47 9.47
C PHE AA 307 83.76 -39.64 10.16
N ARG AA 308 82.55 -39.94 9.69
CA ARG AA 308 81.81 -41.07 10.22
C ARG AA 308 80.75 -41.49 9.21
N PRO AA 309 80.27 -42.73 9.29
CA PRO AA 309 79.21 -43.17 8.37
C PRO AA 309 77.80 -42.85 8.88
N LYS AA 310 76.98 -42.38 7.94
CA LYS AA 310 75.58 -42.02 8.18
C LYS AA 310 74.61 -43.08 7.69
N ARG AA 311 74.70 -43.51 6.43
CA ARG AA 311 73.71 -44.48 5.98
C ARG AA 311 74.28 -45.31 4.85
N LEU AA 312 73.61 -46.43 4.56
CA LEU AA 312 74.04 -47.26 3.43
C LEU AA 312 72.85 -47.91 2.74
N ASN AA 313 73.05 -48.17 1.46
CA ASN AA 313 72.15 -48.92 0.60
C ASN AA 313 72.91 -50.10 0.01
N PHE AA 314 72.27 -51.25 -0.03
CA PHE AA 314 72.84 -52.47 -0.56
C PHE AA 314 71.90 -52.99 -1.63
N LYS AA 315 72.44 -53.33 -2.79
CA LYS AA 315 71.66 -53.88 -3.88
C LYS AA 315 72.38 -55.08 -4.46
N LEU AA 316 71.60 -56.08 -4.85
CA LEU AA 316 72.07 -57.32 -5.46
C LEU AA 316 71.27 -57.52 -6.72
N PHE AA 317 71.94 -57.58 -7.87
CA PHE AA 317 71.21 -57.54 -9.12
C PHE AA 317 71.96 -58.33 -10.18
N ASN AA 318 71.25 -58.62 -11.27
CA ASN AA 318 71.78 -59.32 -12.44
C ASN AA 318 72.27 -60.71 -12.07
N ILE AA 319 71.38 -61.49 -11.45
CA ILE AA 319 71.70 -62.84 -11.01
C ILE AA 319 71.75 -63.77 -12.21
N GLN AA 320 72.80 -64.58 -12.28
CA GLN AA 320 72.90 -65.62 -13.29
C GLN AA 320 73.33 -66.91 -12.62
N VAL AA 321 72.48 -67.92 -12.66
CA VAL AA 321 72.83 -69.24 -12.16
C VAL AA 321 73.35 -70.07 -13.32
N LYS AA 322 74.49 -70.70 -13.12
CA LYS AA 322 75.15 -71.51 -14.14
C LYS AA 322 75.28 -72.94 -13.67
N GLU AA 323 74.85 -73.86 -14.53
CA GLU AA 323 75.00 -75.29 -14.35
C GLU AA 323 76.32 -75.77 -14.94
N VAL AA 324 77.02 -76.64 -14.21
CA VAL AA 324 78.32 -77.15 -14.61
C VAL AA 324 78.26 -78.67 -14.70
N THR AA 325 78.72 -79.22 -15.82
CA THR AA 325 78.86 -80.66 -16.00
C THR AA 325 80.27 -80.96 -16.50
N THR AA 326 80.98 -81.83 -15.80
CA THR AA 326 82.31 -82.27 -16.24
C THR AA 326 82.20 -83.73 -16.69
N ASN AA 327 82.47 -83.97 -17.97
CA ASN AA 327 82.46 -85.30 -18.55
C ASN AA 327 83.76 -85.53 -19.32
N ASP AA 328 84.40 -86.67 -19.04
CA ASP AA 328 85.64 -87.06 -19.72
C ASP AA 328 86.71 -85.98 -19.61
N GLY AA 329 86.64 -85.18 -18.55
CA GLY AA 329 87.61 -84.13 -18.31
C GLY AA 329 87.25 -82.78 -18.88
N VAL AA 330 86.25 -82.69 -19.75
CA VAL AA 330 85.85 -81.42 -20.35
C VAL AA 330 84.62 -80.90 -19.64
N THR AA 331 84.58 -79.60 -19.43
CA THR AA 331 83.58 -78.95 -18.60
C THR AA 331 82.64 -78.11 -19.46
N THR AA 332 81.35 -78.33 -19.31
CA THR AA 332 80.30 -77.55 -19.96
C THR AA 332 79.60 -76.70 -18.92
N ILE AA 333 79.41 -75.42 -19.25
CA ILE AA 333 78.66 -74.50 -18.41
C ILE AA 333 77.47 -74.01 -19.22
N ALA AA 334 76.29 -74.09 -18.62
CA ALA AA 334 75.07 -73.62 -19.25
C ALA AA 334 74.34 -72.70 -18.29
N ASN AA 335 73.36 -71.97 -18.83
CA ASN AA 335 72.51 -71.14 -17.99
C ASN AA 335 71.37 -71.97 -17.42
N ASN AA 336 71.08 -71.77 -16.15
CA ASN AA 336 69.94 -72.38 -15.50
C ASN AA 336 68.95 -71.26 -15.21
N LEU AA 337 67.98 -71.09 -16.09
CA LEU AA 337 67.10 -69.93 -16.03
C LEU AA 337 66.08 -70.00 -14.91
N THR AA 338 65.84 -71.19 -14.35
CA THR AA 338 64.80 -71.37 -13.34
C THR AA 338 65.35 -71.60 -11.94
N SER AA 339 66.65 -71.47 -11.75
CA SER AA 339 67.24 -71.67 -10.43
C SER AA 339 67.24 -70.36 -9.64
N THR AA 340 67.35 -70.49 -8.33
CA THR AA 340 67.25 -69.34 -7.44
C THR AA 340 68.47 -69.26 -6.52
N VAL AA 341 68.73 -68.03 -6.07
CA VAL AA 341 69.62 -67.79 -4.95
C VAL AA 341 68.78 -67.24 -3.80
N GLN AA 342 68.99 -67.78 -2.61
CA GLN AA 342 68.34 -67.27 -1.41
C GLN AA 342 69.23 -66.21 -0.77
N VAL AA 343 68.65 -65.05 -0.46
CA VAL AA 343 69.36 -63.95 0.17
C VAL AA 343 68.55 -63.48 1.37
N PHE AA 344 69.21 -63.25 2.48
CA PHE AA 344 68.53 -62.57 3.59
C PHE AA 344 69.53 -61.74 4.36
N SER AA 345 69.00 -60.71 5.02
CA SER AA 345 69.76 -59.82 5.87
C SER AA 345 69.42 -60.14 7.32
N ASP AA 346 70.43 -60.30 8.16
CA ASP AA 346 70.22 -60.64 9.56
C ASP AA 346 70.08 -59.35 10.37
N SER AA 347 68.92 -58.71 10.17
CA SER AA 347 68.69 -57.38 10.71
C SER AA 347 68.48 -57.34 12.21
N GLU AA 348 68.13 -58.47 12.82
CA GLU AA 348 67.91 -58.55 14.25
C GLU AA 348 69.11 -59.13 15.00
N TYR AA 349 70.22 -59.37 14.31
CA TYR AA 349 71.46 -59.84 14.92
C TYR AA 349 71.22 -61.12 15.74
N GLN AA 350 70.49 -62.04 15.14
CA GLN AA 350 70.20 -63.32 15.76
C GLN AA 350 71.24 -64.38 15.46
N LEU AA 351 72.17 -64.09 14.60
CA LEU AA 351 73.24 -64.97 14.18
C LEU AA 351 74.55 -64.51 14.79
N PRO AA 352 75.52 -65.41 14.90
CA PRO AA 352 76.88 -64.97 15.28
C PRO AA 352 77.44 -64.02 14.23
N TYR AA 353 77.99 -62.90 14.70
CA TYR AA 353 78.52 -61.87 13.83
C TYR AA 353 79.98 -62.17 13.54
N VAL AA 354 80.26 -62.67 12.33
CA VAL AA 354 81.63 -62.99 11.97
C VAL AA 354 82.31 -61.86 11.24
N LEU AA 355 81.57 -60.82 10.85
CA LEU AA 355 82.20 -59.62 10.35
C LEU AA 355 82.90 -58.92 11.50
N GLY AA 356 83.82 -58.03 11.17
CA GLY AA 356 84.56 -57.36 12.22
C GLY AA 356 85.68 -58.17 12.82
N SER AA 357 86.07 -59.28 12.19
CA SER AA 357 87.25 -60.04 12.58
C SER AA 357 88.37 -59.93 11.55
N ALA AA 358 88.24 -59.00 10.60
CA ALA AA 358 89.27 -58.71 9.60
C ALA AA 358 89.54 -59.91 8.71
N HIS AA 359 88.48 -60.46 8.13
CA HIS AA 359 88.61 -61.63 7.27
C HIS AA 359 88.68 -61.24 5.81
N GLN AA 360 89.25 -62.14 5.02
CA GLN AA 360 89.25 -62.00 3.57
C GLN AA 360 87.85 -62.21 3.02
N GLY AA 361 87.64 -61.77 1.78
CA GLY AA 361 86.36 -61.95 1.15
C GLY AA 361 85.56 -60.69 0.96
N CYS AA 362 86.13 -59.54 1.31
CA CYS AA 362 85.48 -58.27 1.06
C CYS AA 362 85.43 -57.97 -0.44
N LEU AA 363 84.69 -56.92 -0.79
CA LEU AA 363 84.76 -56.43 -2.15
C LEU AA 363 86.19 -55.99 -2.45
N PRO AA 364 86.73 -56.33 -3.61
CA PRO AA 364 88.11 -55.96 -3.94
C PRO AA 364 88.26 -54.45 -4.04
N PRO AA 365 89.46 -53.92 -3.77
CA PRO AA 365 89.65 -52.46 -3.89
C PRO AA 365 89.45 -51.95 -5.30
N PHE AA 366 89.87 -52.70 -6.30
CA PHE AA 366 89.76 -52.27 -7.69
C PHE AA 366 88.40 -52.66 -8.25
N PRO AA 367 87.65 -51.71 -8.81
CA PRO AA 367 86.28 -52.02 -9.28
C PRO AA 367 86.23 -53.01 -10.42
N ALA AA 368 87.32 -53.26 -11.12
CA ALA AA 368 87.32 -54.21 -12.21
C ALA AA 368 87.48 -55.65 -11.76
N ASP AA 369 87.76 -55.88 -10.48
CA ASP AA 369 88.06 -57.22 -10.01
C ASP AA 369 86.78 -57.98 -9.68
N VAL AA 370 86.77 -59.26 -10.02
CA VAL AA 370 85.67 -60.16 -9.75
C VAL AA 370 86.04 -61.01 -8.54
N PHE AA 371 85.15 -61.07 -7.55
CA PHE AA 371 85.50 -61.70 -6.30
C PHE AA 371 84.57 -62.87 -5.96
N MET AA 372 85.15 -63.86 -5.31
CA MET AA 372 84.42 -65.02 -4.82
C MET AA 372 83.84 -64.71 -3.46
N ILE AA 373 82.62 -65.18 -3.23
CA ILE AA 373 81.93 -64.90 -1.97
C ILE AA 373 82.41 -65.88 -0.90
N PRO AA 374 82.82 -65.40 0.27
CA PRO AA 374 83.35 -66.30 1.31
C PRO AA 374 82.25 -67.11 2.00
N GLN AA 375 82.64 -68.28 2.48
CA GLN AA 375 81.69 -69.18 3.13
C GLN AA 375 81.40 -68.72 4.56
N TYR AA 376 80.17 -68.91 5.00
CA TYR AA 376 79.78 -68.56 6.36
C TYR AA 376 80.01 -69.74 7.29
N GLY AA 377 80.59 -69.44 8.44
CA GLY AA 377 80.76 -70.42 9.49
C GLY AA 377 80.93 -69.65 10.79
N TYR AA 378 80.66 -70.33 11.89
CA TYR AA 378 80.75 -69.69 13.18
C TYR AA 378 81.33 -70.66 14.18
N LEU AA 379 81.76 -70.12 15.31
CA LEU AA 379 82.24 -70.90 16.44
C LEU AA 379 81.27 -70.73 17.60
N THR AA 380 81.19 -71.75 18.43
CA THR AA 380 80.34 -71.71 19.62
C THR AA 380 81.19 -72.13 20.81
N LEU AA 381 80.55 -72.17 21.98
CA LEU AA 381 81.25 -72.53 23.20
C LEU AA 381 81.89 -73.90 23.07
N ASN AA 382 83.14 -74.01 23.48
CA ASN AA 382 83.87 -75.26 23.39
C ASN AA 382 84.62 -75.53 24.68
N ASN AA 383 84.75 -76.80 25.00
CA ASN AA 383 85.54 -77.29 26.13
C ASN AA 383 86.62 -78.18 25.51
N GLY AA 384 87.71 -77.55 25.10
CA GLY AA 384 88.68 -78.26 24.28
C GLY AA 384 88.16 -78.35 22.86
N SER AA 385 88.19 -79.55 22.30
CA SER AA 385 87.59 -79.78 21.00
C SER AA 385 86.13 -80.22 21.10
N GLN AA 386 85.57 -80.25 22.30
CA GLN AA 386 84.20 -80.69 22.53
C GLN AA 386 83.28 -79.49 22.69
N ALA AA 387 81.99 -79.77 22.67
CA ALA AA 387 80.97 -78.76 22.89
C ALA AA 387 80.50 -78.82 24.33
N VAL AA 388 79.56 -77.94 24.68
CA VAL AA 388 78.91 -77.94 25.97
C VAL AA 388 77.40 -77.89 25.74
N GLY AA 389 76.64 -77.87 26.83
CA GLY AA 389 75.20 -77.80 26.71
C GLY AA 389 74.72 -76.48 26.15
N ARG AA 390 75.41 -75.39 26.46
CA ARG AA 390 75.05 -74.06 26.01
C ARG AA 390 75.63 -73.71 24.65
N SER AA 391 76.34 -74.64 24.02
CA SER AA 391 76.77 -74.45 22.65
C SER AA 391 75.56 -74.36 21.74
N SER AA 392 75.53 -73.34 20.90
CA SER AA 392 74.39 -73.10 20.04
C SER AA 392 74.63 -73.64 18.63
N PHE AA 393 73.54 -73.98 17.97
CA PHE AA 393 73.54 -74.34 16.57
C PHE AA 393 72.49 -73.49 15.88
N TYR AA 394 72.84 -72.98 14.71
CA TYR AA 394 71.95 -72.10 13.95
C TYR AA 394 71.75 -72.69 12.57
N CYS AA 395 70.52 -73.06 12.24
CA CYS AA 395 70.17 -73.32 10.86
C CYS AA 395 69.81 -72.00 10.20
N LEU AA 396 70.50 -71.66 9.13
CA LEU AA 396 70.22 -70.42 8.43
C LEU AA 396 69.02 -70.54 7.49
N GLU AA 397 68.58 -71.76 7.21
CA GLU AA 397 67.32 -71.96 6.51
C GLU AA 397 66.12 -71.71 7.40
N TYR AA 398 66.34 -71.56 8.70
CA TYR AA 398 65.31 -71.21 9.66
C TYR AA 398 65.02 -69.72 9.69
N PHE AA 399 65.42 -68.99 8.65
CA PHE AA 399 65.15 -67.59 8.48
C PHE AA 399 64.29 -67.38 7.24
N PRO AA 400 63.51 -66.30 7.20
CA PRO AA 400 62.85 -65.91 5.94
C PRO AA 400 63.89 -65.38 4.95
N SER AA 401 63.94 -65.99 3.78
CA SER AA 401 64.85 -65.59 2.72
C SER AA 401 64.06 -65.12 1.51
N GLN AA 402 64.63 -64.20 0.75
CA GLN AA 402 64.09 -63.85 -0.54
C GLN AA 402 64.76 -64.74 -1.59
N MET AA 403 63.95 -65.40 -2.40
CA MET AA 403 64.42 -66.26 -3.48
C MET AA 403 64.46 -65.45 -4.77
N LEU AA 404 65.61 -65.43 -5.41
CA LEU AA 404 65.85 -64.58 -6.57
C LEU AA 404 66.14 -65.47 -7.76
N ARG AA 405 65.32 -65.35 -8.80
CA ARG AA 405 65.62 -65.92 -10.10
C ARG AA 405 66.40 -64.88 -10.91
N THR AA 406 66.66 -65.16 -12.17
CA THR AA 406 67.57 -64.32 -12.93
C THR AA 406 67.02 -62.93 -13.21
N GLY AA 407 65.72 -62.71 -13.01
CA GLY AA 407 65.14 -61.40 -13.26
C GLY AA 407 64.89 -60.59 -12.01
N ASN AA 408 65.23 -61.13 -10.85
CA ASN AA 408 64.95 -60.49 -9.57
C ASN AA 408 66.17 -59.78 -9.02
N ASN AA 409 65.93 -58.80 -8.15
CA ASN AA 409 66.99 -58.13 -7.42
C ASN AA 409 66.62 -58.03 -5.95
N PHE AA 410 67.58 -57.60 -5.15
CA PHE AA 410 67.46 -57.54 -3.70
C PHE AA 410 67.97 -56.18 -3.24
N THR AA 411 67.20 -55.48 -2.41
CA THR AA 411 67.62 -54.19 -1.91
C THR AA 411 67.50 -54.18 -0.39
N PHE AA 412 68.30 -53.33 0.25
CA PHE AA 412 68.30 -53.25 1.71
C PHE AA 412 68.92 -51.93 2.13
N SER AA 413 68.24 -51.20 3.00
CA SER AA 413 68.74 -49.94 3.51
C SER AA 413 69.07 -50.06 4.99
N TYR AA 414 70.05 -49.27 5.42
CA TYR AA 414 70.47 -49.31 6.82
C TYR AA 414 70.93 -47.92 7.23
N THR AA 415 70.60 -47.53 8.45
CA THR AA 415 71.04 -46.26 9.02
C THR AA 415 71.99 -46.54 10.18
N PHE AA 416 73.14 -45.88 10.16
CA PHE AA 416 74.09 -46.00 11.25
C PHE AA 416 73.60 -45.24 12.47
N GLU AA 417 73.90 -45.77 13.64
CA GLU AA 417 73.68 -45.05 14.88
C GLU AA 417 74.65 -43.87 14.98
N GLU AA 418 74.35 -42.94 15.87
CA GLU AA 418 75.20 -41.77 16.06
C GLU AA 418 76.47 -42.22 16.75
N VAL AA 419 77.52 -42.42 15.96
CA VAL AA 419 78.83 -42.83 16.43
C VAL AA 419 79.70 -41.58 16.44
N PRO AA 420 80.71 -41.48 17.29
CA PRO AA 420 81.61 -40.32 17.22
C PRO AA 420 82.41 -40.31 15.93
N PHE AA 421 82.76 -39.11 15.49
CA PHE AA 421 83.64 -38.95 14.35
C PHE AA 421 84.98 -39.61 14.63
N HIS AA 422 85.50 -40.34 13.65
CA HIS AA 422 86.89 -40.71 13.69
C HIS AA 422 87.76 -39.49 13.44
N SER AA 423 88.87 -39.43 14.16
CA SER AA 423 89.78 -38.29 14.19
C SER AA 423 90.80 -38.42 13.06
N SER AA 424 90.64 -37.62 12.01
CA SER AA 424 91.60 -37.57 10.92
C SER AA 424 92.68 -36.54 11.17
N TYR AA 425 93.00 -36.26 12.42
CA TYR AA 425 93.98 -35.25 12.78
C TYR AA 425 95.00 -35.82 13.75
N ALA AA 426 96.17 -35.21 13.74
CA ALA AA 426 97.14 -35.31 14.81
C ALA AA 426 97.04 -34.08 15.70
N HIS AA 427 97.72 -34.13 16.84
CA HIS AA 427 97.76 -33.01 17.76
C HIS AA 427 99.04 -32.22 17.56
N SER AA 428 98.90 -30.89 17.53
CA SER AA 428 100.06 -30.01 17.40
C SER AA 428 100.78 -29.79 18.72
N GLN AA 429 100.20 -30.21 19.83
CA GLN AA 429 100.81 -30.09 21.13
C GLN AA 429 100.90 -31.45 21.78
N SER AA 430 101.87 -31.60 22.66
CA SER AA 430 102.00 -32.79 23.49
C SER AA 430 101.31 -32.55 24.84
N LEU AA 431 100.88 -33.63 25.46
CA LEU AA 431 100.11 -33.52 26.70
C LEU AA 431 100.93 -32.96 27.85
N ASP AA 432 102.23 -33.23 27.87
CA ASP AA 432 103.11 -32.70 28.89
C ASP AA 432 103.71 -31.35 28.52
N ARG AA 433 103.16 -30.69 27.50
CA ARG AA 433 103.66 -29.41 27.01
C ARG AA 433 102.51 -28.46 26.74
N LEU AA 434 101.54 -28.42 27.65
CA LEU AA 434 100.34 -27.62 27.47
C LEU AA 434 100.40 -26.29 28.19
N MET AA 435 101.56 -25.92 28.73
CA MET AA 435 101.71 -24.74 29.55
C MET AA 435 102.18 -23.55 28.72
N ASN AA 436 102.05 -22.37 29.32
CA ASN AA 436 102.70 -21.18 28.80
C ASN AA 436 104.19 -21.28 29.08
N PRO AA 437 105.05 -21.24 28.06
CA PRO AA 437 106.49 -21.36 28.29
C PRO AA 437 107.16 -20.08 28.77
N LEU AA 438 106.40 -19.02 29.04
CA LEU AA 438 106.99 -17.76 29.49
C LEU AA 438 106.66 -17.44 30.94
N ILE AA 439 105.54 -17.93 31.45
CA ILE AA 439 105.05 -17.55 32.77
C ILE AA 439 105.31 -18.68 33.75
N ASP AA 440 105.64 -18.33 34.98
CA ASP AA 440 105.78 -19.31 36.04
C ASP AA 440 104.41 -19.74 36.54
N GLN AA 441 104.41 -20.72 37.43
CA GLN AA 441 103.21 -21.18 38.09
C GLN AA 441 103.10 -20.54 39.46
N TYR AA 442 101.91 -20.63 40.04
CA TYR AA 442 101.74 -20.26 41.45
C TYR AA 442 101.74 -21.48 42.35
N LEU AA 443 102.02 -22.66 41.80
CA LEU AA 443 102.07 -23.90 42.55
C LEU AA 443 103.52 -24.28 42.81
N TYR AA 444 103.79 -24.76 44.02
CA TYR AA 444 105.12 -25.17 44.41
C TYR AA 444 105.20 -26.68 44.46
N TYR AA 445 106.42 -27.19 44.32
CA TYR AA 445 106.68 -28.62 44.41
C TYR AA 445 107.95 -28.82 45.23
N LEU AA 446 108.06 -29.99 45.83
CA LEU AA 446 109.26 -30.34 46.57
C LEU AA 446 110.39 -30.58 45.58
N ASN AA 447 111.43 -29.76 45.65
CA ASN AA 447 112.53 -29.81 44.70
C ASN AA 447 113.77 -30.53 45.25
N ARG AA 448 114.13 -30.26 46.49
CA ARG AA 448 115.28 -30.88 47.13
C ARG AA 448 114.88 -31.43 48.49
N THR AA 449 115.38 -32.61 48.82
CA THR AA 449 115.33 -33.10 50.19
C THR AA 449 116.72 -33.15 50.82
N GLN AA 450 117.71 -32.54 50.17
CA GLN AA 450 119.05 -32.38 50.73
C GLN AA 450 119.50 -30.94 50.50
N ASN AA 451 120.52 -30.54 51.24
CA ASN AA 451 121.03 -29.17 51.12
C ASN AA 451 121.68 -28.97 49.76
N GLN AA 452 121.40 -27.82 49.15
CA GLN AA 452 121.89 -27.52 47.81
C GLN AA 452 123.39 -27.19 47.81
N SER AA 453 123.91 -26.65 48.90
CA SER AA 453 125.30 -26.17 48.93
C SER AA 453 126.28 -27.31 48.66
N GLY AA 454 126.10 -28.45 49.33
CA GLY AA 454 126.94 -29.61 49.12
C GLY AA 454 128.15 -29.70 50.02
N SER AA 455 128.52 -28.62 50.71
CA SER AA 455 129.64 -28.69 51.64
C SER AA 455 129.33 -29.67 52.77
N ALA AA 456 128.10 -29.64 53.27
CA ALA AA 456 127.56 -30.68 54.12
C ALA AA 456 126.52 -31.46 53.32
N GLN AA 457 126.13 -32.62 53.86
CA GLN AA 457 125.18 -33.51 53.22
C GLN AA 457 123.90 -33.64 54.05
N ASN AA 458 123.39 -32.52 54.55
CA ASN AA 458 122.24 -32.54 55.44
C ASN AA 458 120.95 -32.59 54.65
N LYS AA 459 119.92 -33.15 55.27
CA LYS AA 459 118.61 -33.18 54.66
C LYS AA 459 117.94 -31.82 54.77
N ASP AA 460 116.86 -31.65 54.01
CA ASP AA 460 116.10 -30.40 54.03
C ASP AA 460 114.76 -30.64 53.37
N LEU AA 461 113.97 -29.57 53.27
CA LEU AA 461 112.70 -29.57 52.54
C LEU AA 461 112.65 -28.26 51.78
N LEU AA 462 113.14 -28.27 50.55
CA LEU AA 462 113.24 -27.08 49.72
C LEU AA 462 112.22 -27.17 48.59
N PHE AA 463 111.44 -26.11 48.43
CA PHE AA 463 110.34 -26.07 47.48
C PHE AA 463 110.62 -25.06 46.39
N SER AA 464 110.33 -25.42 45.16
CA SER AA 464 110.51 -24.54 44.02
C SER AA 464 109.17 -24.26 43.36
N ARG AA 465 109.13 -23.15 42.63
CA ARG AA 465 107.96 -22.76 41.88
C ARG AA 465 108.01 -23.37 40.48
N GLY AA 466 106.86 -23.78 39.98
CA GLY AA 466 106.76 -24.30 38.63
C GLY AA 466 107.17 -23.27 37.62
N SER AA 467 108.25 -23.55 36.89
CA SER AA 467 108.87 -22.60 35.98
C SER AA 467 109.09 -23.24 34.62
N PRO AA 468 109.21 -22.43 33.56
CA PRO AA 468 109.50 -22.99 32.24
C PRO AA 468 110.87 -23.65 32.15
N ALA AA 469 111.78 -23.38 33.08
CA ALA AA 469 113.07 -24.08 33.08
C ALA AA 469 112.88 -25.57 33.29
N GLY AA 470 112.14 -25.95 34.33
CA GLY AA 470 111.79 -27.34 34.52
C GLY AA 470 110.34 -27.61 34.22
N MET AA 471 110.07 -28.15 33.04
CA MET AA 471 108.70 -28.44 32.62
C MET AA 471 108.27 -29.84 33.01
N SER AA 472 109.21 -30.72 33.30
CA SER AA 472 108.89 -32.09 33.68
C SER AA 472 108.35 -32.18 35.10
N VAL AA 473 108.64 -31.21 35.96
CA VAL AA 473 108.24 -31.25 37.36
C VAL AA 473 107.07 -30.32 37.65
N GLN AA 474 106.56 -29.62 36.65
CA GLN AA 474 105.41 -28.76 36.85
C GLN AA 474 104.17 -29.59 37.15
N PRO AA 475 103.35 -29.18 38.11
CA PRO AA 475 102.02 -29.79 38.26
C PRO AA 475 101.22 -29.67 36.97
N LYS AA 476 100.50 -30.72 36.64
CA LYS AA 476 99.71 -30.78 35.42
C LYS AA 476 98.32 -31.31 35.73
N ASN AA 477 97.42 -31.20 34.75
CA ASN AA 477 96.02 -31.49 34.96
C ASN AA 477 95.59 -32.85 34.43
N TRP AA 478 96.35 -33.45 33.53
CA TRP AA 478 95.91 -34.66 32.84
C TRP AA 478 97.03 -35.68 32.80
N LEU AA 479 96.65 -36.91 32.45
CA LEU AA 479 97.54 -38.05 32.38
C LEU AA 479 97.47 -38.70 31.01
N PRO AA 480 98.55 -39.34 30.56
CA PRO AA 480 98.48 -40.09 29.31
C PRO AA 480 97.61 -41.32 29.46
N GLY AA 481 97.09 -41.78 28.32
CA GLY AA 481 96.17 -42.89 28.29
C GLY AA 481 96.74 -44.17 28.87
N PRO AA 482 95.90 -45.20 28.95
CA PRO AA 482 96.34 -46.47 29.53
C PRO AA 482 97.31 -47.20 28.62
N CYS AA 483 98.08 -48.11 29.22
CA CYS AA 483 99.08 -48.83 28.47
C CYS AA 483 99.06 -50.30 28.85
N TYR AA 484 99.55 -51.15 27.95
CA TYR AA 484 99.78 -52.56 28.20
C TYR AA 484 101.01 -52.97 27.41
N ARG AA 485 102.16 -52.97 28.07
CA ARG AA 485 103.44 -52.96 27.38
C ARG AA 485 103.60 -54.16 26.46
N GLN AA 486 104.18 -53.92 25.29
CA GLN AA 486 104.51 -54.93 24.29
C GLN AA 486 106.01 -55.10 24.21
N GLN AA 487 106.43 -56.17 23.55
CA GLN AA 487 107.85 -56.43 23.34
C GLN AA 487 108.33 -55.68 22.11
N ARG AA 488 109.56 -55.18 22.18
CA ARG AA 488 110.11 -54.32 21.15
C ARG AA 488 110.90 -55.15 20.16
N VAL AA 489 110.47 -55.13 18.90
CA VAL AA 489 111.14 -55.86 17.83
C VAL AA 489 111.72 -54.85 16.86
N SER AA 490 112.95 -55.09 16.44
CA SER AA 490 113.61 -54.23 15.47
C SER AA 490 113.35 -54.72 14.06
N LYS AA 491 113.03 -53.78 13.15
CA LYS AA 491 112.89 -54.12 11.74
C LYS AA 491 114.20 -54.58 11.14
N THR AA 492 115.33 -54.24 11.75
CA THR AA 492 116.63 -54.78 11.38
C THR AA 492 116.88 -56.04 12.20
N LYS AA 493 116.86 -57.19 11.55
CA LYS AA 493 116.79 -58.46 12.26
C LYS AA 493 118.04 -58.76 13.08
N THR AA 494 119.18 -58.13 12.78
CA THR AA 494 120.39 -58.44 13.53
C THR AA 494 120.35 -57.93 14.97
N ASP AA 495 119.52 -56.93 15.27
CA ASP AA 495 119.44 -56.39 16.61
C ASP AA 495 118.43 -57.12 17.50
N ASN AA 496 117.77 -58.14 16.98
CA ASN AA 496 116.82 -58.90 17.76
C ASN AA 496 117.51 -60.09 18.41
N ASN AA 497 116.95 -60.52 19.54
CA ASN AA 497 117.49 -61.65 20.27
C ASN AA 497 117.41 -62.91 19.42
N ASN AA 498 118.40 -63.80 19.59
CA ASN AA 498 118.45 -65.04 18.83
C ASN AA 498 117.60 -66.11 19.53
N SER AA 499 116.28 -65.95 19.36
CA SER AA 499 115.30 -66.91 19.85
C SER AA 499 114.00 -66.61 19.13
N ASN AA 500 113.01 -67.47 19.34
CA ASN AA 500 111.71 -67.24 18.70
C ASN AA 500 110.92 -66.17 19.44
N PHE AA 501 110.54 -66.45 20.68
CA PHE AA 501 109.95 -65.47 21.62
C PHE AA 501 108.76 -64.70 21.04
N THR AA 502 108.23 -65.15 19.90
CA THR AA 502 106.98 -64.58 19.41
C THR AA 502 105.77 -65.07 20.18
N TRP AA 503 105.89 -66.17 20.89
CA TRP AA 503 104.83 -66.63 21.76
C TRP AA 503 105.23 -66.62 23.22
N THR AA 504 106.47 -66.98 23.55
CA THR AA 504 106.88 -66.98 24.95
C THR AA 504 107.10 -65.59 25.50
N GLY AA 505 107.49 -64.64 24.66
CA GLY AA 505 107.81 -63.31 25.15
C GLY AA 505 106.78 -62.27 24.78
N ALA AA 506 105.56 -62.70 24.52
CA ALA AA 506 104.53 -61.81 23.99
C ALA AA 506 103.46 -61.51 25.03
N SER AA 507 102.87 -60.32 24.91
CA SER AA 507 101.76 -59.93 25.76
C SER AA 507 100.51 -60.69 25.34
N LYS AA 508 99.94 -61.45 26.26
CA LYS AA 508 98.77 -62.26 25.95
C LYS AA 508 97.85 -62.26 27.16
N TYR AA 509 96.59 -62.61 26.92
CA TYR AA 509 95.61 -62.65 27.99
C TYR AA 509 95.08 -64.07 28.17
N ASN AA 510 94.64 -64.34 29.39
CA ASN AA 510 94.15 -65.65 29.80
C ASN AA 510 92.63 -65.61 29.83
N LEU AA 511 91.99 -66.54 29.15
CA LEU AA 511 90.53 -66.62 29.13
C LEU AA 511 90.11 -68.07 29.12
N ASN AA 512 89.49 -68.52 30.21
CA ASN AA 512 89.02 -69.90 30.35
C ASN AA 512 90.15 -70.90 30.18
N GLY AA 513 91.34 -70.52 30.63
CA GLY AA 513 92.47 -71.42 30.64
C GLY AA 513 93.31 -71.43 29.39
N ARG AA 514 92.92 -70.72 28.34
CA ARG AA 514 93.72 -70.68 27.13
C ARG AA 514 94.11 -69.25 26.81
N GLU AA 515 95.36 -69.08 26.37
CA GLU AA 515 95.98 -67.79 26.18
C GLU AA 515 95.74 -67.29 24.75
N SER AA 516 95.63 -65.97 24.62
CA SER AA 516 95.40 -65.34 23.33
C SER AA 516 96.28 -64.10 23.26
N ILE AA 517 97.01 -63.96 22.15
CA ILE AA 517 97.84 -62.78 21.94
C ILE AA 517 96.93 -61.55 21.88
N ILE AA 518 97.39 -60.45 22.46
CA ILE AA 518 96.58 -59.24 22.51
C ILE AA 518 96.31 -58.74 21.10
N ASN AA 519 97.35 -58.29 20.38
CA ASN AA 519 97.30 -58.07 18.94
C ASN AA 519 96.06 -57.33 18.44
N PRO AA 520 96.02 -55.99 18.49
CA PRO AA 520 97.09 -55.08 18.88
C PRO AA 520 96.86 -54.42 20.23
N GLY AA 521 95.66 -54.57 20.77
CA GLY AA 521 95.39 -54.09 22.11
C GLY AA 521 95.30 -52.58 22.18
N THR AA 522 95.84 -52.03 23.27
CA THR AA 522 95.71 -50.61 23.56
C THR AA 522 96.35 -49.78 22.46
N ALA AA 523 95.72 -48.65 22.17
CA ALA AA 523 96.22 -47.73 21.15
C ALA AA 523 97.40 -46.96 21.73
N MET AA 524 98.61 -47.35 21.34
CA MET AA 524 99.82 -46.73 21.84
C MET AA 524 100.75 -46.40 20.68
N ALA AA 525 101.67 -45.49 20.93
CA ALA AA 525 102.67 -45.13 19.92
C ALA AA 525 103.56 -46.31 19.61
N SER AA 526 103.85 -46.50 18.31
CA SER AA 526 104.68 -47.63 17.90
C SER AA 526 106.10 -47.50 18.43
N HIS AA 527 106.65 -46.30 18.44
CA HIS AA 527 108.03 -46.09 18.86
C HIS AA 527 108.15 -44.66 19.35
N LYS AA 528 109.36 -44.30 19.79
CA LYS AA 528 109.68 -42.95 20.19
C LYS AA 528 110.18 -42.14 18.99
N ASP AA 529 110.69 -40.95 19.26
CA ASP AA 529 111.36 -40.18 18.22
C ASP AA 529 112.69 -40.81 17.87
N ASP AA 530 113.03 -40.78 16.58
CA ASP AA 530 114.31 -41.30 16.08
C ASP AA 530 114.47 -42.79 16.37
N GLU AA 531 113.36 -43.52 16.39
CA GLU AA 531 113.38 -44.95 16.71
C GLU AA 531 112.45 -45.71 15.78
N ASP AA 532 112.37 -45.29 14.53
CA ASP AA 532 111.45 -45.91 13.57
C ASP AA 532 111.81 -47.36 13.26
N LYS AA 533 113.01 -47.80 13.62
CA LYS AA 533 113.45 -49.17 13.39
C LYS AA 533 112.78 -50.18 14.31
N PHE AA 534 112.05 -49.73 15.33
CA PHE AA 534 111.43 -50.61 16.30
C PHE AA 534 109.91 -50.55 16.17
N PHE AA 535 109.27 -51.70 16.37
CA PHE AA 535 107.82 -51.78 16.44
C PHE AA 535 107.44 -52.76 17.54
N PRO AA 536 106.28 -52.56 18.17
CA PRO AA 536 105.81 -53.55 19.14
C PRO AA 536 105.51 -54.87 18.46
N MET AA 537 105.78 -55.97 19.18
CA MET AA 537 105.75 -57.28 18.53
C MET AA 537 104.37 -57.62 18.00
N SER AA 538 103.32 -57.29 18.74
CA SER AA 538 101.95 -57.50 18.29
C SER AA 538 101.11 -56.26 18.59
N GLY AA 539 101.66 -55.09 18.30
CA GLY AA 539 100.96 -53.86 18.62
C GLY AA 539 100.61 -53.05 17.40
N VAL AA 540 100.91 -53.56 16.22
CA VAL AA 540 100.74 -52.83 14.98
C VAL AA 540 99.91 -53.65 14.02
N MET AA 541 99.15 -52.97 13.18
CA MET AA 541 98.42 -53.62 12.10
C MET AA 541 99.37 -53.85 10.93
N ILE AA 542 99.47 -55.10 10.50
CA ILE AA 542 100.40 -55.48 9.44
C ILE AA 542 99.56 -55.96 8.26
N PHE AA 543 99.69 -55.26 7.14
CA PHE AA 543 99.03 -55.65 5.90
C PHE AA 543 100.03 -56.32 4.99
N GLY AA 544 99.60 -57.37 4.31
CA GLY AA 544 100.44 -58.07 3.37
C GLY AA 544 100.33 -57.45 1.99
N LYS AA 545 101.48 -57.34 1.32
CA LYS AA 545 101.47 -56.95 -0.08
C LYS AA 545 101.02 -58.11 -0.94
N GLU AA 546 100.67 -57.81 -2.18
CA GLU AA 546 100.43 -58.89 -3.13
C GLU AA 546 101.73 -59.66 -3.34
N SER AA 547 101.59 -60.96 -3.57
CA SER AA 547 102.72 -61.90 -3.56
C SER AA 547 103.34 -62.01 -2.17
N ALA AA 548 102.49 -62.05 -1.16
CA ALA AA 548 102.90 -62.40 0.20
C ALA AA 548 102.31 -63.75 0.55
N GLY AA 549 103.13 -64.66 1.06
CA GLY AA 549 102.66 -65.97 1.41
C GLY AA 549 101.74 -65.94 2.61
N ALA AA 550 101.07 -67.08 2.83
CA ALA AA 550 100.17 -67.18 3.95
C ALA AA 550 100.92 -67.36 5.28
N SER AA 551 102.06 -68.05 5.24
CA SER AA 551 102.80 -68.37 6.45
C SER AA 551 104.28 -68.06 6.26
N ASN AA 552 104.87 -67.44 7.28
CA ASN AA 552 106.31 -67.16 7.33
C ASN AA 552 106.79 -66.39 6.10
N THR AA 553 106.00 -65.39 5.68
CA THR AA 553 106.44 -64.50 4.63
C THR AA 553 107.46 -63.51 5.17
N ALA AA 554 107.94 -62.64 4.31
CA ALA AA 554 109.06 -61.77 4.66
C ALA AA 554 108.62 -60.35 5.01
N LEU AA 555 109.48 -59.69 5.77
CA LEU AA 555 109.29 -58.29 6.09
C LEU AA 555 109.17 -57.46 4.83
N ASP AA 556 109.82 -57.90 3.75
CA ASP AA 556 109.69 -57.21 2.47
C ASP AA 556 108.30 -57.41 1.88
N ASN AA 557 107.63 -58.50 2.25
CA ASN AA 557 106.31 -58.80 1.71
C ASN AA 557 105.19 -58.26 2.57
N VAL AA 558 105.47 -57.79 3.78
CA VAL AA 558 104.43 -57.20 4.62
C VAL AA 558 104.66 -55.70 4.74
N MET AA 559 103.57 -54.98 5.05
CA MET AA 559 103.60 -53.55 5.32
C MET AA 559 103.19 -53.31 6.77
N ILE AA 560 104.12 -52.83 7.57
CA ILE AA 560 103.87 -52.56 8.99
C ILE AA 560 103.40 -51.11 9.14
N THR AA 561 102.29 -50.93 9.83
CA THR AA 561 101.79 -49.58 10.06
C THR AA 561 102.57 -48.91 11.19
N ASP AA 562 102.35 -47.61 11.32
CA ASP AA 562 102.99 -46.80 12.35
C ASP AA 562 101.92 -45.96 13.02
N GLU AA 563 102.03 -45.82 14.34
CA GLU AA 563 101.14 -44.98 15.14
C GLU AA 563 101.90 -43.81 15.73
N GLU AA 564 102.72 -43.16 14.90
CA GLU AA 564 103.63 -42.14 15.40
C GLU AA 564 102.91 -40.84 15.73
N GLU AA 565 101.69 -40.67 15.24
CA GLU AA 565 100.99 -39.39 15.41
C GLU AA 565 100.36 -39.25 16.78
N ILE AA 566 100.21 -40.34 17.54
CA ILE AA 566 99.52 -40.29 18.82
C ILE AA 566 100.51 -40.32 19.97
N LYS AA 567 101.78 -39.98 19.72
CA LYS AA 567 102.75 -39.80 20.79
C LYS AA 567 102.39 -38.62 21.70
N ALA AA 568 101.55 -37.71 21.22
CA ALA AA 568 101.22 -36.52 22.00
C ALA AA 568 100.39 -36.86 23.23
N THR AA 569 99.61 -37.93 23.18
CA THR AA 569 98.72 -38.29 24.29
C THR AA 569 98.84 -39.72 24.75
N ASN AA 570 99.41 -40.62 23.95
CA ASN AA 570 99.44 -42.03 24.28
C ASN AA 570 100.85 -42.48 24.64
N PRO AA 571 100.99 -43.41 25.57
CA PRO AA 571 102.31 -43.95 25.87
C PRO AA 571 102.85 -44.76 24.71
N VAL AA 572 104.18 -44.85 24.64
CA VAL AA 572 104.82 -45.68 23.63
C VAL AA 572 104.60 -47.14 23.97
N ALA AA 573 104.25 -47.94 22.95
CA ALA AA 573 103.78 -49.30 23.16
C ALA AA 573 104.83 -50.19 23.80
N THR AA 574 106.11 -49.93 23.57
CA THR AA 574 107.17 -50.82 24.01
C THR AA 574 107.82 -50.38 25.31
N GLU AA 575 107.34 -49.31 25.94
CA GLU AA 575 107.93 -48.80 27.17
C GLU AA 575 106.89 -48.70 28.26
N ARG AA 576 107.38 -48.59 29.49
CA ARG AA 576 106.52 -48.56 30.66
C ARG AA 576 105.66 -47.31 30.67
N PHE AA 577 104.51 -47.41 31.35
CA PHE AA 577 103.70 -46.21 31.59
C PHE AA 577 104.47 -45.21 32.43
N GLY AA 578 105.18 -45.71 33.44
CA GLY AA 578 105.93 -44.83 34.31
C GLY AA 578 106.42 -45.62 35.51
N THR AA 579 106.83 -44.88 36.54
CA THR AA 579 107.29 -45.47 37.78
C THR AA 579 106.32 -45.13 38.90
N VAL AA 580 106.36 -45.95 39.95
CA VAL AA 580 105.49 -45.78 41.10
C VAL AA 580 106.31 -46.08 42.35
N ALA AA 581 106.00 -45.36 43.42
CA ALA AA 581 106.64 -45.64 44.70
C ALA AA 581 106.16 -46.99 45.23
N VAL AA 582 107.08 -47.76 45.83
CA VAL AA 582 106.76 -49.10 46.28
C VAL AA 582 107.10 -49.34 47.74
N ASN AA 583 107.56 -48.33 48.47
CA ASN AA 583 107.90 -48.51 49.87
C ASN AA 583 107.75 -47.18 50.59
N PHE AA 584 108.15 -47.14 51.86
CA PHE AA 584 108.22 -45.93 52.64
C PHE AA 584 109.69 -45.58 52.87
N GLN AA 585 110.10 -44.40 52.42
CA GLN AA 585 111.44 -43.92 52.72
C GLN AA 585 111.51 -43.42 54.15
N SER AA 586 112.65 -43.66 54.78
CA SER AA 586 112.85 -43.22 56.16
C SER AA 586 114.33 -43.09 56.42
N SER AA 587 114.65 -42.39 57.50
CA SER AA 587 116.02 -42.23 57.96
C SER AA 587 116.32 -43.23 59.08
N SER AA 588 117.60 -43.44 59.33
CA SER AA 588 118.03 -44.31 60.41
C SER AA 588 117.72 -43.69 61.76
N THR AA 589 117.40 -44.55 62.73
CA THR AA 589 117.09 -44.09 64.08
C THR AA 589 117.74 -45.00 65.12
N VAL AA 592 115.10 -47.25 65.40
CA VAL AA 592 115.05 -48.16 64.26
C VAL AA 592 116.23 -47.90 63.34
N PRO AA 593 117.38 -48.47 63.66
CA PRO AA 593 118.59 -48.19 62.87
C PRO AA 593 118.65 -48.96 61.56
N PHE AA 594 117.54 -49.00 60.84
CA PHE AA 594 117.46 -49.64 59.53
C PHE AA 594 116.94 -48.59 58.56
N LYS AA 595 117.85 -47.82 57.98
CA LYS AA 595 117.50 -46.80 57.00
C LYS AA 595 116.87 -47.44 55.77
N THR AA 596 115.79 -46.83 55.28
CA THR AA 596 115.07 -47.32 54.11
C THR AA 596 115.19 -46.31 52.99
N ASP AA 597 115.90 -46.66 51.94
CA ASP AA 597 115.96 -45.82 50.76
C ASP AA 597 114.63 -45.87 50.02
N PRO AA 598 114.21 -44.76 49.41
CA PRO AA 598 113.01 -44.80 48.56
C PRO AA 598 113.21 -45.73 47.38
N ALA AA 599 112.14 -46.41 47.00
CA ALA AA 599 112.19 -47.39 45.92
C ALA AA 599 111.02 -47.19 44.97
N THR AA 600 111.31 -47.27 43.69
CA THR AA 600 110.30 -47.16 42.65
C THR AA 600 110.29 -48.43 41.82
N GLY AA 601 109.14 -48.71 41.22
CA GLY AA 601 109.00 -49.83 40.32
C GLY AA 601 108.34 -49.38 39.03
N ASP AA 602 108.71 -50.04 37.94
CA ASP AA 602 108.14 -49.72 36.65
C ASP AA 602 106.72 -50.24 36.53
N VAL AA 603 105.86 -49.42 35.93
CA VAL AA 603 104.46 -49.75 35.73
C VAL AA 603 104.30 -50.15 34.27
N HIS AA 604 104.08 -51.42 34.02
CA HIS AA 604 104.06 -51.95 32.65
C HIS AA 604 102.66 -52.03 32.08
N ALA AA 605 101.66 -52.32 32.91
CA ALA AA 605 100.26 -52.31 32.50
C ALA AA 605 99.51 -51.36 33.43
N MET AA 606 98.88 -50.35 32.85
CA MET AA 606 98.16 -49.34 33.62
C MET AA 606 96.75 -49.27 33.09
N GLY AA 607 95.77 -49.49 33.97
CA GLY AA 607 94.39 -49.31 33.62
C GLY AA 607 93.98 -47.87 33.68
N ALA AA 608 92.71 -47.62 33.38
CA ALA AA 608 92.22 -46.25 33.28
C ALA AA 608 92.21 -45.58 34.65
N LEU AA 609 92.87 -44.43 34.74
CA LEU AA 609 92.84 -43.53 35.88
C LEU AA 609 92.05 -42.29 35.51
N PRO AA 610 91.34 -41.68 36.45
CA PRO AA 610 90.67 -40.41 36.15
C PRO AA 610 91.69 -39.35 35.79
N GLY AA 611 91.33 -38.53 34.81
CA GLY AA 611 92.25 -37.57 34.24
C GLY AA 611 93.02 -38.07 33.04
N MET AA 612 92.88 -39.34 32.70
CA MET AA 612 93.56 -39.89 31.54
C MET AA 612 92.89 -39.43 30.25
N VAL AA 613 93.72 -39.14 29.24
CA VAL AA 613 93.24 -38.80 27.91
C VAL AA 613 94.06 -39.58 26.90
N TRP AA 614 93.42 -40.01 25.81
CA TRP AA 614 94.10 -40.83 24.82
C TRP AA 614 93.43 -40.65 23.48
N GLN AA 615 94.14 -41.08 22.44
CA GLN AA 615 93.60 -41.20 21.10
C GLN AA 615 93.40 -42.67 20.76
N ASP AA 616 92.43 -42.94 19.89
CA ASP AA 616 92.18 -44.29 19.43
C ASP AA 616 93.13 -44.64 18.29
N ARG AA 617 93.09 -45.89 17.87
CA ARG AA 617 93.91 -46.33 16.75
C ARG AA 617 93.43 -45.68 15.46
N ASP AA 618 94.36 -45.48 14.53
CA ASP AA 618 94.04 -44.92 13.24
C ASP AA 618 93.34 -45.94 12.36
N VAL AA 619 92.57 -45.44 11.40
CA VAL AA 619 91.97 -46.28 10.37
C VAL AA 619 92.79 -46.12 9.10
N TYR AA 620 92.78 -47.16 8.27
CA TYR AA 620 93.57 -47.19 7.06
C TYR AA 620 92.67 -47.51 5.87
N LEU AA 621 93.14 -47.15 4.68
CA LEU AA 621 92.36 -47.46 3.48
C LEU AA 621 92.17 -48.96 3.31
N GLN AA 622 93.13 -49.76 3.75
CA GLN AA 622 93.04 -51.20 3.68
C GLN AA 622 92.44 -51.84 4.92
N GLY AA 623 92.04 -51.04 5.91
CA GLY AA 623 91.63 -51.57 7.19
C GLY AA 623 90.14 -51.65 7.36
N PRO AA 624 89.70 -52.22 8.48
CA PRO AA 624 88.27 -52.36 8.74
C PRO AA 624 87.60 -51.03 9.06
N ILE AA 625 86.29 -50.97 8.78
CA ILE AA 625 85.50 -49.78 9.05
C ILE AA 625 84.84 -49.85 10.42
N TRP AA 626 84.13 -50.94 10.71
CA TRP AA 626 83.34 -51.04 11.92
C TRP AA 626 83.55 -52.38 12.58
N ALA AA 627 82.97 -52.51 13.77
CA ALA AA 627 82.91 -53.78 14.49
C ALA AA 627 81.68 -53.76 15.37
N LYS AA 628 81.04 -54.92 15.50
CA LYS AA 628 79.94 -55.05 16.44
C LYS AA 628 80.45 -55.06 17.87
N ILE AA 629 79.88 -54.19 18.70
CA ILE AA 629 80.21 -54.20 20.12
C ILE AA 629 79.54 -55.40 20.78
N PRO AA 630 80.27 -56.24 21.51
CA PRO AA 630 79.63 -57.41 22.12
C PRO AA 630 78.51 -57.02 23.06
N HIS AA 631 77.44 -57.81 23.04
CA HIS AA 631 76.28 -57.56 23.90
C HIS AA 631 76.59 -58.09 25.29
N THR AA 632 77.23 -57.25 26.08
CA THR AA 632 77.64 -57.57 27.43
C THR AA 632 77.05 -56.56 28.41
N ASP AA 633 77.15 -56.88 29.70
CA ASP AA 633 76.69 -55.96 30.73
C ASP AA 633 77.52 -54.69 30.76
N GLY AA 634 78.84 -54.83 30.65
CA GLY AA 634 79.70 -53.67 30.71
C GLY AA 634 80.74 -53.71 29.60
N HIS AA 635 81.15 -52.51 29.21
CA HIS AA 635 82.25 -52.33 28.29
C HIS AA 635 82.81 -50.93 28.50
N PHE AA 636 84.12 -50.81 28.40
CA PHE AA 636 84.80 -49.53 28.62
C PHE AA 636 85.32 -49.01 27.30
N HIS AA 637 84.81 -47.85 26.87
CA HIS AA 637 85.22 -47.19 25.65
C HIS AA 637 85.14 -48.14 24.46
N PRO AA 638 83.95 -48.51 24.02
CA PRO AA 638 83.81 -49.62 23.07
C PRO AA 638 84.22 -49.26 21.65
N SER AA 639 85.47 -48.84 21.50
CA SER AA 639 86.07 -48.59 20.20
C SER AA 639 86.92 -49.79 19.83
N PRO AA 640 86.73 -50.38 18.65
CA PRO AA 640 87.43 -51.61 18.31
C PRO AA 640 88.94 -51.41 18.33
N LEU AA 641 89.65 -52.45 18.78
CA LEU AA 641 91.09 -52.31 18.97
C LEU AA 641 91.84 -52.35 17.64
N MET AA 642 91.23 -52.93 16.60
CA MET AA 642 91.84 -52.83 15.27
C MET AA 642 91.62 -51.47 14.64
N GLY AA 643 90.76 -50.64 15.19
CA GLY AA 643 90.45 -49.35 14.63
C GLY AA 643 89.09 -49.36 13.95
N GLY AA 644 88.44 -48.22 13.96
CA GLY AA 644 87.14 -48.10 13.34
C GLY AA 644 86.05 -47.67 14.29
N PHE AA 645 84.81 -47.92 13.89
CA PHE AA 645 83.64 -47.52 14.64
C PHE AA 645 83.04 -48.75 15.31
N GLY AA 646 82.88 -48.69 16.62
CA GLY AA 646 82.16 -49.73 17.32
C GLY AA 646 80.68 -49.43 17.31
N LEU AA 647 79.89 -50.34 16.77
CA LEU AA 647 78.45 -50.15 16.65
C LEU AA 647 77.72 -51.22 17.43
N LYS AA 648 76.72 -50.81 18.21
CA LYS AA 648 75.89 -51.79 18.90
C LYS AA 648 75.02 -52.55 17.90
N ASN AA 649 74.46 -51.84 16.93
CA ASN AA 649 73.73 -52.44 15.81
C ASN AA 649 74.52 -52.13 14.54
N PRO AA 650 75.50 -52.95 14.18
CA PRO AA 650 76.29 -52.69 12.99
C PRO AA 650 75.49 -53.01 11.75
N PRO AA 651 76.03 -52.75 10.56
CA PRO AA 651 75.39 -53.21 9.34
C PRO AA 651 75.22 -54.73 9.38
N PRO AA 652 74.01 -55.22 9.15
CA PRO AA 652 73.75 -56.64 9.31
C PRO AA 652 74.41 -57.46 8.22
N GLN AA 653 74.59 -58.75 8.52
CA GLN AA 653 75.17 -59.66 7.57
C GLN AA 653 74.15 -60.02 6.49
N ILE AA 654 74.58 -59.93 5.24
CA ILE AA 654 73.80 -60.38 4.10
C ILE AA 654 74.30 -61.76 3.71
N LEU AA 655 73.43 -62.76 3.81
CA LEU AA 655 73.78 -64.14 3.58
C LEU AA 655 73.08 -64.63 2.33
N ILE AA 656 73.82 -65.34 1.49
CA ILE AA 656 73.38 -65.73 0.16
C ILE AA 656 73.81 -67.16 -0.09
N LYS AA 657 72.95 -67.93 -0.73
CA LYS AA 657 73.36 -69.26 -1.16
C LYS AA 657 72.56 -69.67 -2.37
N ASN AA 658 73.07 -70.65 -3.11
CA ASN AA 658 72.35 -71.21 -4.23
C ASN AA 658 71.34 -72.21 -3.71
N THR AA 659 70.09 -72.11 -4.17
CA THR AA 659 69.11 -73.11 -3.78
C THR AA 659 69.49 -74.45 -4.40
N PRO AA 660 69.55 -75.53 -3.62
CA PRO AA 660 69.93 -76.83 -4.19
C PRO AA 660 68.92 -77.30 -5.23
N VAL AA 661 69.45 -77.83 -6.32
CA VAL AA 661 68.64 -78.45 -7.37
C VAL AA 661 68.96 -79.93 -7.39
N PRO AA 662 68.06 -80.81 -6.96
CA PRO AA 662 68.36 -82.23 -6.94
C PRO AA 662 68.54 -82.81 -8.34
N ALA AA 663 69.36 -83.83 -8.42
CA ALA AA 663 69.50 -84.58 -9.66
C ALA AA 663 68.34 -85.56 -9.81
N ASN AA 664 68.44 -86.48 -10.75
CA ASN AA 664 67.35 -87.39 -11.06
C ASN AA 664 67.05 -88.29 -9.87
N PRO AA 665 65.83 -88.28 -9.33
CA PRO AA 665 65.51 -89.14 -8.21
C PRO AA 665 65.26 -90.56 -8.67
N PRO AA 666 65.31 -91.54 -7.76
CA PRO AA 666 65.03 -92.92 -8.15
C PRO AA 666 63.57 -93.13 -8.53
N ALA AA 667 63.31 -94.20 -9.25
CA ALA AA 667 61.95 -94.53 -9.65
C ALA AA 667 61.08 -94.90 -8.45
N GLU AA 668 61.65 -95.64 -7.50
CA GLU AA 668 60.97 -95.99 -6.25
C GLU AA 668 61.32 -94.99 -5.16
N PHE AA 669 60.39 -94.80 -4.24
CA PHE AA 669 60.55 -93.84 -3.17
C PHE AA 669 61.61 -94.29 -2.17
N SER AA 670 62.44 -93.33 -1.74
CA SER AA 670 63.44 -93.55 -0.71
C SER AA 670 63.38 -92.39 0.27
N ALA AA 671 63.29 -92.71 1.57
CA ALA AA 671 63.23 -91.66 2.57
C ALA AA 671 64.59 -91.11 2.92
N THR AA 672 65.67 -91.75 2.47
CA THR AA 672 67.00 -91.20 2.66
C THR AA 672 67.10 -89.84 1.99
N LYS AA 673 67.67 -88.87 2.72
CA LYS AA 673 67.72 -87.51 2.21
C LYS AA 673 68.59 -87.45 0.96
N PHE AA 674 68.27 -86.49 0.10
CA PHE AA 674 68.95 -86.36 -1.17
C PHE AA 674 70.42 -86.02 -0.96
N ALA AA 675 71.29 -86.69 -1.72
CA ALA AA 675 72.71 -86.40 -1.71
C ALA AA 675 73.24 -86.08 -3.09
N SER AA 676 72.47 -86.34 -4.14
CA SER AA 676 72.88 -86.09 -5.51
C SER AA 676 72.21 -84.79 -5.97
N PHE AA 677 73.03 -83.79 -6.26
CA PHE AA 677 72.54 -82.49 -6.67
C PHE AA 677 73.16 -82.08 -7.99
N ILE AA 678 72.44 -81.23 -8.71
CA ILE AA 678 72.94 -80.63 -9.93
C ILE AA 678 73.96 -79.57 -9.54
N THR AA 679 75.18 -79.68 -10.09
CA THR AA 679 76.27 -78.80 -9.71
C THR AA 679 76.09 -77.45 -10.36
N GLN AA 680 76.04 -76.40 -9.56
CA GLN AA 680 75.84 -75.08 -10.12
C GLN AA 680 76.44 -74.01 -9.21
N TYR AA 681 76.67 -72.85 -9.81
CA TYR AA 681 77.13 -71.67 -9.08
C TYR AA 681 76.30 -70.49 -9.57
N SER AA 682 76.56 -69.33 -9.00
CA SER AA 682 75.86 -68.12 -9.45
C SER AA 682 76.84 -66.96 -9.52
N THR AA 683 76.49 -65.98 -10.33
CA THR AA 683 77.27 -64.78 -10.48
C THR AA 683 76.32 -63.60 -10.51
N GLY AA 684 76.86 -62.42 -10.24
CA GLY AA 684 76.00 -61.25 -10.25
C GLY AA 684 76.77 -60.00 -9.91
N GLN AA 685 76.02 -58.93 -9.71
CA GLN AA 685 76.57 -57.63 -9.36
C GLN AA 685 76.03 -57.20 -8.00
N VAL AA 686 76.90 -56.57 -7.22
CA VAL AA 686 76.55 -56.07 -5.90
C VAL AA 686 76.94 -54.59 -5.84
N SER AA 687 76.03 -53.77 -5.33
CA SER AA 687 76.25 -52.34 -5.16
C SER AA 687 76.12 -51.99 -3.68
N VAL AA 688 77.08 -51.21 -3.18
CA VAL AA 688 77.01 -50.67 -1.83
C VAL AA 688 77.22 -49.17 -1.93
N GLU AA 689 76.31 -48.41 -1.34
CA GLU AA 689 76.40 -46.95 -1.31
C GLU AA 689 76.39 -46.50 0.15
N ILE AA 690 77.44 -45.82 0.57
CA ILE AA 690 77.52 -45.28 1.93
C ILE AA 690 77.59 -43.77 1.87
N GLU AA 691 76.71 -43.12 2.61
CA GLU AA 691 76.82 -41.70 2.91
C GLU AA 691 77.60 -41.54 4.20
N TRP AA 692 78.63 -40.69 4.16
CA TRP AA 692 79.50 -40.35 5.27
C TRP AA 692 79.37 -38.88 5.59
N GLU AA 693 79.27 -38.57 6.87
CA GLU AA 693 79.32 -37.20 7.36
C GLU AA 693 80.76 -36.79 7.63
N LEU AA 694 81.11 -35.59 7.18
CA LEU AA 694 82.44 -35.04 7.31
C LEU AA 694 82.46 -33.98 8.40
N GLN AA 695 83.62 -33.81 9.01
CA GLN AA 695 83.87 -32.78 10.01
C GLN AA 695 85.07 -32.00 9.49
N LYS AA 696 84.79 -30.81 8.98
CA LYS AA 696 85.78 -29.99 8.30
C LYS AA 696 86.78 -29.39 9.28
N GLU AA 697 88.00 -29.19 8.80
CA GLU AA 697 88.98 -28.45 9.58
C GLU AA 697 88.56 -27.00 9.71
N ASN AA 698 88.87 -26.39 10.85
CA ASN AA 698 88.63 -24.98 11.10
C ASN AA 698 89.89 -24.32 11.65
N SER AA 699 91.04 -24.70 11.10
CA SER AA 699 92.32 -24.38 11.73
C SER AA 699 92.72 -22.94 11.47
N LYS AA 700 93.42 -22.37 12.45
CA LYS AA 700 94.03 -21.05 12.31
C LYS AA 700 95.54 -21.14 12.20
N ARG AA 701 96.06 -22.34 11.92
CA ARG AA 701 97.49 -22.54 11.77
C ARG AA 701 98.02 -21.75 10.59
N TRP AA 702 99.20 -21.17 10.76
CA TRP AA 702 99.77 -20.30 9.75
C TRP AA 702 100.59 -21.07 8.72
N ASN AA 703 101.52 -21.89 9.18
CA ASN AA 703 102.39 -22.64 8.28
C ASN AA 703 101.61 -23.76 7.60
N PRO AA 704 102.09 -24.23 6.45
CA PRO AA 704 101.37 -25.29 5.74
C PRO AA 704 101.37 -26.61 6.50
N GLU AA 705 100.32 -27.38 6.29
CA GLU AA 705 100.14 -28.66 6.95
C GLU AA 705 100.86 -29.77 6.21
N VAL AA 706 101.05 -30.89 6.91
CA VAL AA 706 101.52 -32.12 6.28
C VAL AA 706 100.35 -32.77 5.56
N GLN AA 707 100.55 -33.13 4.30
CA GLN AA 707 99.52 -33.75 3.49
C GLN AA 707 100.04 -35.09 2.99
N TYR AA 708 99.12 -36.01 2.73
CA TYR AA 708 99.48 -37.21 2.00
C TYR AA 708 99.62 -36.87 0.53
N THR AA 709 100.75 -37.23 -0.07
CA THR AA 709 101.02 -36.86 -1.46
C THR AA 709 101.61 -38.04 -2.19
N SER AA 710 101.38 -38.06 -3.50
CA SER AA 710 102.15 -38.93 -4.38
C SER AA 710 103.56 -38.41 -4.53
N ASN AA 711 104.50 -39.33 -4.70
CA ASN AA 711 105.87 -38.94 -4.95
C ASN AA 711 106.03 -38.55 -6.42
N TYR AA 712 106.61 -37.38 -6.67
CA TYR AA 712 106.92 -36.94 -8.03
C TYR AA 712 108.34 -37.45 -8.32
N ALA AA 713 108.43 -38.41 -9.23
CA ALA AA 713 109.71 -38.96 -9.65
C ALA AA 713 109.46 -39.97 -10.75
N LYS AA 714 110.43 -40.11 -11.63
CA LYS AA 714 110.32 -41.16 -12.63
C LYS AA 714 110.35 -42.51 -11.94
N SER AA 715 109.29 -43.28 -12.12
CA SER AA 715 109.17 -44.60 -11.53
C SER AA 715 108.68 -45.57 -12.58
N ALA AA 716 109.06 -46.83 -12.43
CA ALA AA 716 108.65 -47.85 -13.39
C ALA AA 716 107.14 -48.00 -13.42
N ASN AA 717 106.48 -47.80 -12.29
CA ASN AA 717 105.04 -47.91 -12.17
C ASN AA 717 104.48 -46.69 -11.46
N VAL AA 718 103.17 -46.52 -11.56
CA VAL AA 718 102.44 -45.53 -10.79
C VAL AA 718 101.85 -46.22 -9.57
N ASP AA 719 101.89 -45.54 -8.43
CA ASP AA 719 101.36 -46.12 -7.20
C ASP AA 719 99.84 -46.26 -7.28
N PHE AA 720 99.34 -47.33 -6.67
CA PHE AA 720 97.90 -47.63 -6.65
C PHE AA 720 97.34 -47.80 -8.05
N THR AA 721 98.06 -48.54 -8.89
CA THR AA 721 97.61 -48.83 -10.24
C THR AA 721 97.81 -50.31 -10.55
N VAL AA 722 97.61 -50.69 -11.80
CA VAL AA 722 97.86 -52.03 -12.26
C VAL AA 722 99.26 -52.07 -12.89
N ASP AA 723 99.83 -53.26 -12.94
CA ASP AA 723 101.10 -53.45 -13.63
C ASP AA 723 100.84 -53.94 -15.05
N ASN AA 724 101.90 -54.34 -15.76
CA ASN AA 724 101.73 -54.84 -17.11
C ASN AA 724 101.00 -56.18 -17.15
N ASN AA 725 100.90 -56.89 -16.03
CA ASN AA 725 100.15 -58.13 -15.96
C ASN AA 725 98.70 -57.93 -15.56
N GLY AA 726 98.30 -56.73 -15.21
CA GLY AA 726 96.94 -56.46 -14.81
C GLY AA 726 96.65 -56.59 -13.34
N LEU AA 727 97.67 -56.63 -12.49
CA LEU AA 727 97.50 -56.87 -11.07
C LEU AA 727 97.48 -55.54 -10.32
N TYR AA 728 96.37 -55.24 -9.68
CA TYR AA 728 96.26 -54.03 -8.86
C TYR AA 728 96.99 -54.23 -7.55
N THR AA 729 97.83 -53.27 -7.19
CA THR AA 729 98.60 -53.32 -5.96
C THR AA 729 98.49 -52.00 -5.22
N GLU AA 730 98.59 -52.08 -3.90
CA GLU AA 730 98.64 -50.90 -3.05
C GLU AA 730 100.02 -50.83 -2.40
N PRO AA 731 100.85 -49.86 -2.77
CA PRO AA 731 102.24 -49.85 -2.30
C PRO AA 731 102.41 -49.69 -0.78
N ARG AA 732 101.52 -48.97 -0.13
CA ARG AA 732 101.71 -48.64 1.28
C ARG AA 732 100.34 -48.50 1.93
N PRO AA 733 100.27 -48.67 3.25
CA PRO AA 733 99.03 -48.34 3.96
C PRO AA 733 98.96 -46.84 4.26
N ILE AA 734 97.80 -46.25 4.01
CA ILE AA 734 97.58 -44.82 4.22
C ILE AA 734 96.66 -44.64 5.42
N GLY AA 735 97.12 -43.90 6.42
CA GLY AA 735 96.30 -43.53 7.54
C GLY AA 735 95.47 -42.30 7.27
N THR AA 736 95.02 -41.67 8.34
CA THR AA 736 94.14 -40.51 8.25
C THR AA 736 94.72 -39.25 8.87
N ARG AA 737 95.68 -39.37 9.78
CA ARG AA 737 96.08 -38.26 10.64
C ARG AA 737 97.16 -37.44 9.94
N TYR AA 738 96.74 -36.45 9.16
CA TYR AA 738 97.69 -35.59 8.47
C TYR AA 738 97.50 -34.14 8.89
N LEU AA 739 96.26 -33.66 8.88
CA LEU AA 739 95.96 -32.35 9.45
C LEU AA 739 96.22 -32.38 10.95
N THR AA 740 96.38 -31.21 11.55
CA THR AA 740 96.63 -31.13 12.97
C THR AA 740 95.63 -30.19 13.63
N ARG AA 741 95.52 -30.32 14.95
CA ARG AA 741 94.73 -29.40 15.75
C ARG AA 741 95.36 -29.30 17.12
N PRO AA 742 95.16 -28.20 17.84
CA PRO AA 742 95.75 -28.07 19.17
C PRO AA 742 95.11 -29.01 20.17
N LEU AA 743 95.92 -29.46 21.11
CA LEU AA 743 95.48 -30.47 22.08
C LEU AA 743 94.55 -29.87 23.13
N ASP BA 219 54.23 -66.52 -13.67
CA ASP BA 219 54.65 -65.13 -13.72
C ASP BA 219 55.93 -64.95 -14.54
N GLY BA 220 56.40 -66.04 -15.14
CA GLY BA 220 57.53 -65.99 -16.05
C GLY BA 220 58.61 -66.98 -15.67
N VAL BA 221 59.52 -67.19 -16.64
CA VAL BA 221 60.64 -68.09 -16.44
C VAL BA 221 61.66 -67.50 -15.47
N GLY BA 222 61.93 -66.20 -15.57
CA GLY BA 222 62.99 -65.59 -14.80
C GLY BA 222 62.54 -64.86 -13.55
N ASN BA 223 61.34 -65.16 -13.09
CA ASN BA 223 60.77 -64.51 -11.91
C ASN BA 223 60.37 -65.60 -10.93
N ALA BA 224 60.88 -65.50 -9.69
CA ALA BA 224 60.55 -66.47 -8.67
C ALA BA 224 59.11 -66.30 -8.22
N SER BA 225 58.42 -67.42 -8.02
CA SER BA 225 57.01 -67.39 -7.65
C SER BA 225 56.79 -67.50 -6.14
N GLY BA 226 57.84 -67.49 -5.34
CA GLY BA 226 57.67 -67.48 -3.91
C GLY BA 226 59.00 -67.29 -3.23
N ASN BA 227 58.93 -67.05 -1.93
CA ASN BA 227 60.10 -66.82 -1.10
C ASN BA 227 60.20 -67.91 -0.04
N TRP BA 228 61.37 -67.99 0.59
CA TRP BA 228 61.61 -68.94 1.65
C TRP BA 228 61.03 -68.39 2.94
N HIS BA 229 60.00 -69.03 3.45
CA HIS BA 229 59.34 -68.63 4.69
C HIS BA 229 59.48 -69.76 5.71
N CYS BA 230 60.53 -69.70 6.51
CA CYS BA 230 60.76 -70.67 7.56
C CYS BA 230 61.01 -69.90 8.85
N ASP BA 231 60.06 -69.94 9.76
CA ASP BA 231 60.09 -69.04 10.91
C ASP BA 231 59.18 -69.62 11.99
N SER BA 232 59.14 -68.95 13.13
CA SER BA 232 58.21 -69.30 14.21
C SER BA 232 57.95 -68.03 15.01
N THR BA 233 56.70 -67.61 15.05
CA THR BA 233 56.30 -66.39 15.75
C THR BA 233 55.45 -66.76 16.94
N TRP BA 234 55.82 -66.27 18.11
CA TRP BA 234 55.11 -66.57 19.35
C TRP BA 234 54.34 -65.33 19.77
N LEU BA 235 53.03 -65.41 19.70
CA LEU BA 235 52.15 -64.37 20.21
C LEU BA 235 51.76 -64.76 21.64
N GLY BA 236 50.80 -64.05 22.22
CA GLY BA 236 50.42 -64.34 23.59
C GLY BA 236 49.84 -65.74 23.76
N ASP BA 237 48.84 -66.07 22.95
CA ASP BA 237 48.18 -67.37 23.05
C ASP BA 237 48.25 -68.18 21.77
N ARG BA 238 48.93 -67.70 20.75
CA ARG BA 238 49.11 -68.41 19.50
C ARG BA 238 50.59 -68.59 19.24
N VAL BA 239 50.92 -69.61 18.46
CA VAL BA 239 52.23 -69.71 17.84
C VAL BA 239 52.02 -70.07 16.37
N ILE BA 240 52.70 -69.36 15.48
CA ILE BA 240 52.61 -69.61 14.06
C ILE BA 240 53.94 -70.17 13.60
N THR BA 241 53.92 -71.39 13.09
CA THR BA 241 55.12 -72.06 12.59
C THR BA 241 55.07 -72.14 11.08
N THR BA 242 56.11 -71.65 10.42
CA THR BA 242 56.25 -71.73 8.98
C THR BA 242 57.46 -72.58 8.62
N SER BA 243 57.30 -73.43 7.61
CA SER BA 243 58.37 -74.33 7.18
C SER BA 243 58.41 -74.39 5.68
N THR BA 244 59.57 -74.11 5.10
CA THR BA 244 59.82 -74.28 3.68
C THR BA 244 60.83 -75.40 3.48
N ARG BA 245 60.57 -76.24 2.49
CA ARG BA 245 61.45 -77.35 2.15
C ARG BA 245 61.58 -77.44 0.64
N THR BA 246 62.65 -78.08 0.19
CA THR BA 246 62.89 -78.34 -1.21
C THR BA 246 62.54 -79.80 -1.49
N TRP BA 247 61.67 -80.02 -2.47
CA TRP BA 247 61.21 -81.35 -2.81
C TRP BA 247 61.61 -81.72 -4.22
N ALA BA 248 61.77 -83.02 -4.43
CA ALA BA 248 61.98 -83.64 -5.74
C ALA BA 248 60.89 -84.68 -5.97
N LEU BA 249 60.22 -84.59 -7.10
CA LEU BA 249 59.15 -85.50 -7.49
C LEU BA 249 59.55 -86.24 -8.75
N PRO BA 250 59.70 -87.55 -8.70
CA PRO BA 250 60.01 -88.31 -9.92
C PRO BA 250 58.75 -88.71 -10.67
N THR BA 251 58.93 -89.46 -11.75
CA THR BA 251 57.81 -90.11 -12.42
C THR BA 251 57.63 -91.50 -11.82
N TYR BA 252 56.43 -91.79 -11.36
CA TYR BA 252 56.13 -93.05 -10.70
C TYR BA 252 55.36 -93.94 -11.65
N ASN BA 253 55.77 -95.21 -11.73
CA ASN BA 253 55.08 -96.26 -12.48
C ASN BA 253 55.10 -96.05 -13.98
N ASN BA 254 55.95 -95.15 -14.49
CA ASN BA 254 55.91 -94.74 -15.89
C ASN BA 254 54.53 -94.20 -16.26
N HIS BA 255 53.96 -93.38 -15.39
CA HIS BA 255 52.67 -92.72 -15.60
C HIS BA 255 51.52 -93.72 -15.66
N LEU BA 256 51.69 -94.87 -15.01
CA LEU BA 256 50.70 -95.94 -15.09
C LEU BA 256 50.03 -96.15 -13.75
N TYR BA 257 48.77 -96.56 -13.79
CA TYR BA 257 48.06 -97.08 -12.62
C TYR BA 257 48.24 -98.58 -12.63
N LYS BA 258 48.74 -99.12 -11.53
CA LYS BA 258 49.00 -100.55 -11.46
C LYS BA 258 48.22 -101.17 -10.31
N GLN BA 259 47.70 -102.36 -10.54
CA GLN BA 259 46.99 -103.11 -9.51
C GLN BA 259 47.99 -103.96 -8.74
N ILE BA 260 48.01 -103.80 -7.42
CA ILE BA 260 48.97 -104.49 -6.57
C ILE BA 260 48.20 -105.38 -5.60
N SER BA 261 48.79 -106.54 -5.29
CA SER BA 261 48.21 -107.46 -4.33
C SER BA 261 49.33 -108.30 -3.75
N SER BA 262 48.96 -109.29 -2.94
CA SER BA 262 49.91 -110.16 -2.28
C SER BA 262 50.03 -111.52 -2.95
N ALA BA 263 49.41 -111.69 -4.13
CA ALA BA 263 49.40 -112.99 -4.78
C ALA BA 263 50.80 -113.45 -5.16
N SER BA 264 51.61 -112.56 -5.74
CA SER BA 264 52.98 -112.92 -6.06
C SER BA 264 53.84 -112.96 -4.81
N THR BA 265 53.52 -112.15 -3.81
CA THR BA 265 54.29 -112.15 -2.58
C THR BA 265 54.20 -113.49 -1.85
N GLY BA 266 53.03 -114.12 -1.91
CA GLY BA 266 52.86 -115.37 -1.17
C GLY BA 266 52.88 -115.18 0.33
N ALA BA 267 52.20 -114.17 0.83
CA ALA BA 267 52.20 -113.85 2.24
C ALA BA 267 51.24 -114.74 3.00
N SER BA 268 51.23 -114.58 4.33
CA SER BA 268 50.28 -115.29 5.17
C SER BA 268 48.89 -114.67 5.03
N ASN BA 269 47.89 -115.37 5.57
CA ASN BA 269 46.52 -114.89 5.47
C ASN BA 269 46.35 -113.54 6.15
N ASP BA 270 47.15 -113.26 7.18
CA ASP BA 270 47.05 -111.99 7.88
C ASP BA 270 47.62 -110.82 7.10
N ASN BA 271 48.49 -111.08 6.13
CA ASN BA 271 49.19 -110.04 5.40
C ASN BA 271 48.68 -109.88 3.98
N HIS BA 272 47.58 -110.52 3.63
CA HIS BA 272 47.02 -110.40 2.30
C HIS BA 272 46.46 -109.01 2.08
N TYR BA 273 46.58 -108.51 0.85
CA TYR BA 273 46.04 -107.20 0.53
C TYR BA 273 45.75 -107.12 -0.96
N PHE BA 274 44.94 -106.13 -1.32
CA PHE BA 274 44.62 -105.80 -2.70
C PHE BA 274 44.48 -104.30 -2.77
N GLY BA 275 45.08 -103.70 -3.79
CA GLY BA 275 44.99 -102.26 -3.91
C GLY BA 275 45.55 -101.77 -5.23
N TYR BA 276 45.86 -100.48 -5.26
CA TYR BA 276 46.33 -99.84 -6.47
C TYR BA 276 47.48 -98.90 -6.16
N SER BA 277 48.41 -98.82 -7.11
CA SER BA 277 49.54 -97.90 -7.09
C SER BA 277 49.30 -96.85 -8.16
N THR BA 278 49.30 -95.58 -7.77
CA THR BA 278 49.06 -94.54 -8.76
C THR BA 278 50.36 -93.89 -9.17
N PRO BA 279 50.40 -93.20 -10.31
CA PRO BA 279 51.58 -92.42 -10.68
C PRO BA 279 51.74 -91.11 -9.93
N TRP BA 280 50.87 -90.82 -8.97
CA TRP BA 280 50.91 -89.57 -8.22
C TRP BA 280 51.75 -89.71 -6.96
N GLY BA 281 52.32 -88.59 -6.53
CA GLY BA 281 52.88 -88.46 -5.21
C GLY BA 281 51.99 -87.57 -4.37
N TYR BA 282 52.27 -87.54 -3.08
CA TYR BA 282 51.48 -86.71 -2.18
C TYR BA 282 52.41 -85.96 -1.24
N PHE BA 283 51.91 -84.85 -0.70
CA PHE BA 283 52.64 -84.04 0.24
C PHE BA 283 52.20 -84.39 1.65
N ASP BA 284 53.17 -84.65 2.52
CA ASP BA 284 52.91 -85.05 3.90
C ASP BA 284 53.67 -84.13 4.84
N PHE BA 285 52.95 -83.53 5.77
CA PHE BA 285 53.56 -82.74 6.84
C PHE BA 285 52.88 -83.08 8.15
N ASN BA 286 52.65 -84.37 8.38
CA ASN BA 286 51.93 -84.87 9.54
C ASN BA 286 52.87 -85.36 10.63
N ARG BA 287 53.98 -84.67 10.86
CA ARG BA 287 54.83 -84.89 12.00
C ARG BA 287 55.13 -83.55 12.64
N PHE BA 288 55.37 -83.56 13.95
CA PHE BA 288 55.53 -82.30 14.66
C PHE BA 288 56.84 -81.62 14.33
N HIS BA 289 57.88 -82.38 13.99
CA HIS BA 289 59.16 -81.78 13.67
C HIS BA 289 59.22 -81.21 12.26
N CYS BA 290 58.20 -81.42 11.44
CA CYS BA 290 58.07 -80.69 10.19
C CYS BA 290 57.76 -79.22 10.44
N HIS BA 291 57.33 -78.88 11.64
CA HIS BA 291 56.89 -77.53 11.97
C HIS BA 291 57.62 -76.90 13.13
N PHE BA 292 58.05 -77.69 14.11
CA PHE BA 292 58.72 -77.17 15.29
C PHE BA 292 60.19 -77.55 15.26
N SER BA 293 61.06 -76.57 15.47
CA SER BA 293 62.43 -76.89 15.82
C SER BA 293 62.46 -77.46 17.22
N PRO BA 294 63.53 -78.17 17.59
CA PRO BA 294 63.61 -78.65 18.99
C PRO BA 294 63.54 -77.54 20.01
N ARG BA 295 64.12 -76.38 19.73
CA ARG BA 295 64.01 -75.25 20.63
C ARG BA 295 62.58 -74.78 20.76
N ASP BA 296 61.84 -74.70 19.65
CA ASP BA 296 60.44 -74.30 19.69
C ASP BA 296 59.60 -75.33 20.43
N TRP BA 297 59.88 -76.61 20.24
CA TRP BA 297 59.18 -77.66 20.96
C TRP BA 297 59.41 -77.55 22.45
N GLN BA 298 60.65 -77.30 22.85
CA GLN BA 298 60.97 -77.12 24.27
C GLN BA 298 60.25 -75.90 24.83
N ARG BA 299 60.24 -74.80 24.07
CA ARG BA 299 59.54 -73.61 24.50
C ARG BA 299 58.05 -73.86 24.68
N LEU BA 300 57.46 -74.66 23.79
CA LEU BA 300 56.04 -74.99 23.90
C LEU BA 300 55.77 -75.86 25.12
N ILE BA 301 56.52 -76.95 25.28
CA ILE BA 301 56.20 -77.95 26.28
C ILE BA 301 56.62 -77.53 27.68
N ASN BA 302 57.56 -76.60 27.82
CA ASN BA 302 57.95 -76.15 29.14
C ASN BA 302 57.06 -75.06 29.69
N ASN BA 303 56.18 -74.51 28.87
CA ASN BA 303 55.43 -73.33 29.25
C ASN BA 303 53.93 -73.44 29.06
N ASN BA 304 53.44 -74.42 28.30
CA ASN BA 304 52.03 -74.47 27.98
C ASN BA 304 51.40 -75.73 28.57
N TRP BA 305 50.19 -75.57 29.09
CA TRP BA 305 49.41 -76.70 29.57
C TRP BA 305 48.72 -77.44 28.45
N GLY BA 306 48.52 -76.82 27.31
CA GLY BA 306 47.93 -77.54 26.20
C GLY BA 306 48.10 -76.79 24.90
N PHE BA 307 47.83 -77.50 23.80
CA PHE BA 307 47.90 -76.82 22.52
C PHE BA 307 47.05 -77.55 21.49
N ARG BA 308 46.71 -76.84 20.42
CA ARG BA 308 45.95 -77.46 19.34
C ARG BA 308 46.14 -76.64 18.07
N PRO BA 309 45.90 -77.22 16.90
CA PRO BA 309 46.02 -76.46 15.65
C PRO BA 309 44.74 -75.73 15.27
N LYS BA 310 44.91 -74.48 14.82
CA LYS BA 310 43.85 -73.60 14.38
C LYS BA 310 43.74 -73.51 12.87
N ARG BA 311 44.82 -73.20 12.17
CA ARG BA 311 44.67 -73.06 10.72
C ARG BA 311 45.99 -73.35 10.03
N LEU BA 312 45.92 -73.56 8.71
CA LEU BA 312 47.14 -73.77 7.95
C LEU BA 312 47.02 -73.20 6.54
N ASN BA 313 48.17 -72.81 6.02
CA ASN BA 313 48.38 -72.37 4.64
C ASN BA 313 49.42 -73.27 4.00
N PHE BA 314 49.17 -73.66 2.76
CA PHE BA 314 50.05 -74.50 1.99
C PHE BA 314 50.37 -73.77 0.69
N LYS BA 315 51.65 -73.71 0.35
CA LYS BA 315 52.08 -73.09 -0.89
C LYS BA 315 53.10 -73.98 -1.58
N LEU BA 316 53.02 -74.01 -2.91
CA LEU BA 316 53.90 -74.76 -3.77
C LEU BA 316 54.43 -73.81 -4.82
N PHE BA 317 55.74 -73.63 -4.88
CA PHE BA 317 56.28 -72.55 -5.70
C PHE BA 317 57.65 -72.94 -6.23
N ASN BA 318 58.10 -72.19 -7.23
CA ASN BA 318 59.41 -72.35 -7.87
C ASN BA 318 59.55 -73.73 -8.49
N ILE BA 319 58.60 -74.07 -9.37
CA ILE BA 319 58.58 -75.36 -10.03
C ILE BA 319 59.65 -75.39 -11.12
N GLN BA 320 60.43 -76.46 -11.16
CA GLN BA 320 61.38 -76.69 -12.23
C GLN BA 320 61.23 -78.12 -12.71
N VAL BA 321 60.86 -78.29 -13.96
CA VAL BA 321 60.80 -79.61 -14.58
C VAL BA 321 62.11 -79.85 -15.31
N LYS BA 322 62.71 -81.01 -15.06
CA LYS BA 322 63.99 -81.37 -15.63
C LYS BA 322 63.85 -82.63 -16.47
N GLU BA 323 64.35 -82.55 -17.69
CA GLU BA 323 64.44 -83.68 -18.62
C GLU BA 323 65.75 -84.41 -18.44
N VAL BA 324 65.69 -85.74 -18.44
CA VAL BA 324 66.86 -86.59 -18.22
C VAL BA 324 67.04 -87.52 -19.40
N THR BA 325 68.26 -87.56 -19.95
CA THR BA 325 68.62 -88.49 -21.01
C THR BA 325 69.90 -89.22 -20.61
N THR BA 326 69.87 -90.54 -20.62
CA THR BA 326 71.07 -91.34 -20.34
C THR BA 326 71.50 -92.01 -21.65
N ASN BA 327 72.69 -91.66 -22.12
CA ASN BA 327 73.28 -92.24 -23.32
C ASN BA 327 74.69 -92.71 -23.03
N ASP BA 328 74.98 -93.96 -23.42
CA ASP BA 328 76.30 -94.55 -23.24
C ASP BA 328 76.77 -94.49 -21.78
N GLY BA 329 75.81 -94.46 -20.86
CA GLY BA 329 76.11 -94.43 -19.44
C GLY BA 329 76.21 -93.05 -18.84
N VAL BA 330 76.28 -91.99 -19.65
CA VAL BA 330 76.38 -90.64 -19.13
C VAL BA 330 75.02 -89.97 -19.20
N THR BA 331 74.69 -89.20 -18.17
CA THR BA 331 73.37 -88.64 -17.96
C THR BA 331 73.40 -87.14 -18.17
N THR BA 332 72.50 -86.64 -19.01
CA THR BA 332 72.31 -85.22 -19.26
C THR BA 332 70.98 -84.80 -18.66
N ILE BA 333 71.00 -83.69 -17.93
CA ILE BA 333 69.79 -83.10 -17.36
C ILE BA 333 69.65 -81.70 -17.96
N ALA BA 334 68.46 -81.41 -18.48
CA ALA BA 334 68.17 -80.10 -19.03
C ALA BA 334 66.87 -79.58 -18.44
N ASN BA 335 66.63 -78.29 -18.63
CA ASN BA 335 65.37 -77.70 -18.21
C ASN BA 335 64.31 -77.91 -19.27
N ASN BA 336 63.11 -78.27 -18.84
CA ASN BA 336 61.96 -78.38 -19.73
C ASN BA 336 61.02 -77.23 -19.35
N LEU BA 337 61.10 -76.13 -20.08
CA LEU BA 337 60.41 -74.92 -19.68
C LEU BA 337 58.91 -74.99 -19.93
N THR BA 338 58.44 -75.91 -20.76
CA THR BA 338 57.03 -75.96 -21.13
C THR BA 338 56.29 -77.15 -20.50
N SER BA 339 56.92 -77.88 -19.61
CA SER BA 339 56.27 -79.00 -18.96
C SER BA 339 55.52 -78.54 -17.70
N THR BA 340 54.56 -79.35 -17.28
CA THR BA 340 53.69 -79.02 -16.17
C THR BA 340 53.71 -80.08 -15.09
N VAL BA 341 53.39 -79.66 -13.88
CA VAL BA 341 53.02 -80.56 -12.80
C VAL BA 341 51.56 -80.32 -12.47
N GLN BA 342 50.80 -81.40 -12.33
CA GLN BA 342 49.42 -81.33 -11.89
C GLN BA 342 49.36 -81.45 -10.38
N VAL BA 343 48.65 -80.53 -9.74
CA VAL BA 343 48.47 -80.51 -8.30
C VAL BA 343 47.00 -80.37 -8.00
N PHE BA 344 46.50 -81.15 -7.05
CA PHE BA 344 45.15 -80.90 -6.55
C PHE BA 344 45.07 -81.29 -5.09
N SER BA 345 44.14 -80.65 -4.40
CA SER BA 345 43.84 -80.94 -3.01
C SER BA 345 42.53 -81.69 -2.93
N ASP BA 346 42.50 -82.79 -2.18
CA ASP BA 346 41.30 -83.61 -2.06
C ASP BA 346 40.45 -83.09 -0.91
N SER BA 347 39.84 -81.94 -1.15
CA SER BA 347 39.15 -81.20 -0.09
C SER BA 347 37.84 -81.84 0.33
N GLU BA 348 37.25 -82.70 -0.50
CA GLU BA 348 35.99 -83.36 -0.18
C GLU BA 348 36.19 -84.77 0.32
N TYR BA 349 37.44 -85.20 0.53
CA TYR BA 349 37.76 -86.51 1.09
C TYR BA 349 37.11 -87.63 0.30
N GLN BA 350 37.22 -87.53 -1.02
CA GLN BA 350 36.68 -88.53 -1.93
C GLN BA 350 37.66 -89.64 -2.23
N LEU BA 351 38.87 -89.52 -1.78
CA LEU BA 351 39.94 -90.49 -1.98
C LEU BA 351 40.22 -91.22 -0.68
N PRO BA 352 40.81 -92.41 -0.75
CA PRO BA 352 41.30 -93.06 0.47
C PRO BA 352 42.36 -92.20 1.13
N TYR BA 353 42.23 -92.02 2.44
CA TYR BA 353 43.14 -91.18 3.21
C TYR BA 353 44.29 -92.04 3.71
N VAL BA 354 45.45 -91.91 3.07
CA VAL BA 354 46.62 -92.69 3.50
C VAL BA 354 47.49 -91.93 4.47
N LEU BA 355 47.25 -90.65 4.68
CA LEU BA 355 47.90 -89.95 5.77
C LEU BA 355 47.35 -90.47 7.09
N GLY BA 356 48.08 -90.22 8.16
CA GLY BA 356 47.66 -90.73 9.44
C GLY BA 356 47.95 -92.18 9.69
N SER BA 357 48.79 -92.80 8.86
CA SER BA 357 49.28 -94.15 9.09
C SER BA 357 50.75 -94.18 9.45
N ALA BA 358 51.33 -93.01 9.75
CA ALA BA 358 52.72 -92.87 10.19
C ALA BA 358 53.70 -93.36 9.14
N HIS BA 359 53.57 -92.84 7.92
CA HIS BA 359 54.43 -93.24 6.82
C HIS BA 359 55.59 -92.28 6.65
N GLN BA 360 56.64 -92.78 6.02
CA GLN BA 360 57.76 -91.94 5.63
C GLN BA 360 57.37 -91.03 4.49
N GLY BA 361 58.16 -90.00 4.27
CA GLY BA 361 57.89 -89.08 3.18
C GLY BA 361 57.42 -87.71 3.61
N CYS BA 362 57.40 -87.45 4.91
CA CYS BA 362 57.07 -86.12 5.40
C CYS BA 362 58.18 -85.14 5.08
N LEU BA 363 57.91 -83.87 5.31
CA LEU BA 363 58.98 -82.88 5.24
C LEU BA 363 60.05 -83.23 6.29
N PRO BA 364 61.32 -83.16 5.93
CA PRO BA 364 62.37 -83.49 6.87
C PRO BA 364 62.40 -82.53 8.04
N PRO BA 365 62.86 -82.99 9.22
CA PRO BA 365 62.94 -82.07 10.36
C PRO BA 365 63.88 -80.91 10.14
N PHE BA 366 65.00 -81.12 9.47
CA PHE BA 366 65.97 -80.07 9.25
C PHE BA 366 65.63 -79.28 8.00
N PRO BA 367 65.50 -77.96 8.08
CA PRO BA 367 65.07 -77.17 6.92
C PRO BA 367 66.02 -77.21 5.74
N ALA BA 368 67.28 -77.62 5.94
CA ALA BA 368 68.23 -77.68 4.84
C ALA BA 368 68.11 -78.96 4.02
N ASP BA 369 67.29 -79.91 4.45
CA ASP BA 369 67.25 -81.20 3.78
C ASP BA 369 66.28 -81.17 2.60
N VAL BA 370 66.67 -81.83 1.53
CA VAL BA 370 65.86 -81.95 0.32
C VAL BA 370 65.22 -83.33 0.33
N PHE BA 371 63.92 -83.38 0.12
CA PHE BA 371 63.20 -84.64 0.28
C PHE BA 371 62.49 -85.05 -0.99
N MET BA 372 62.41 -86.37 -1.18
CA MET BA 372 61.71 -86.98 -2.29
C MET BA 372 60.25 -87.15 -1.92
N ILE BA 373 59.37 -86.92 -2.88
CA ILE BA 373 57.93 -86.98 -2.61
C ILE BA 373 57.48 -88.44 -2.71
N PRO BA 374 56.76 -88.95 -1.71
CA PRO BA 374 56.35 -90.36 -1.73
C PRO BA 374 55.22 -90.64 -2.70
N GLN BA 375 55.20 -91.87 -3.20
CA GLN BA 375 54.19 -92.27 -4.17
C GLN BA 375 52.85 -92.54 -3.49
N TYR BA 376 51.77 -92.21 -4.19
CA TYR BA 376 50.44 -92.46 -3.68
C TYR BA 376 49.95 -93.84 -4.09
N GLY BA 377 49.38 -94.56 -3.14
CA GLY BA 377 48.75 -95.83 -3.40
C GLY BA 377 47.76 -96.08 -2.29
N TYR BA 378 46.80 -96.94 -2.57
CA TYR BA 378 45.77 -97.23 -1.58
C TYR BA 378 45.44 -98.71 -1.63
N LEU BA 379 44.75 -99.17 -0.59
CA LEU BA 379 44.24 -100.52 -0.50
C LEU BA 379 42.72 -100.47 -0.52
N THR BA 380 42.11 -101.52 -1.04
CA THR BA 380 40.67 -101.63 -1.08
C THR BA 380 40.27 -102.98 -0.49
N LEU BA 381 38.98 -103.25 -0.49
CA LEU BA 381 38.48 -104.50 0.07
C LEU BA 381 39.12 -105.68 -0.63
N ASN BA 382 39.56 -106.66 0.15
CA ASN BA 382 40.20 -107.84 -0.41
C ASN BA 382 39.67 -109.09 0.27
N ASN BA 383 39.63 -110.17 -0.50
CA ASN BA 383 39.27 -111.51 -0.04
C ASN BA 383 40.50 -112.37 -0.29
N GLY BA 384 41.44 -112.35 0.65
CA GLY BA 384 42.74 -112.93 0.39
C GLY BA 384 43.54 -111.98 -0.47
N SER BA 385 44.12 -112.49 -1.55
CA SER BA 385 44.79 -111.65 -2.51
C SER BA 385 43.87 -111.18 -3.63
N GLN BA 386 42.59 -111.50 -3.55
CA GLN BA 386 41.61 -111.16 -4.57
C GLN BA 386 40.81 -109.94 -4.15
N ALA BA 387 40.06 -109.41 -5.09
CA ALA BA 387 39.16 -108.29 -4.84
C ALA BA 387 37.75 -108.80 -4.65
N VAL BA 388 36.82 -107.89 -4.40
CA VAL BA 388 35.41 -108.19 -4.33
C VAL BA 388 34.66 -107.20 -5.23
N GLY BA 389 33.34 -107.33 -5.26
CA GLY BA 389 32.55 -106.42 -6.06
C GLY BA 389 32.57 -105.00 -5.54
N ARG BA 390 32.65 -104.83 -4.23
CA ARG BA 390 32.65 -103.52 -3.60
C ARG BA 390 34.03 -102.92 -3.49
N SER BA 391 35.05 -103.60 -4.00
CA SER BA 391 36.37 -103.01 -4.09
C SER BA 391 36.34 -101.81 -5.03
N SER BA 392 36.88 -100.70 -4.58
CA SER BA 392 36.84 -99.46 -5.34
C SER BA 392 38.13 -99.24 -6.10
N PHE BA 393 38.02 -98.52 -7.21
CA PHE BA 393 39.16 -98.05 -7.96
C PHE BA 393 38.99 -96.55 -8.17
N TYR BA 394 40.06 -95.80 -8.00
CA TYR BA 394 40.03 -94.35 -8.11
C TYR BA 394 41.06 -93.93 -9.14
N CYS BA 395 40.60 -93.31 -10.22
CA CYS BA 395 41.49 -92.59 -11.12
C CYS BA 395 41.65 -91.19 -10.56
N LEU BA 396 42.89 -90.80 -10.27
CA LEU BA 396 43.14 -89.46 -9.76
C LEU BA 396 43.16 -88.41 -10.85
N GLU BA 397 43.23 -88.81 -12.12
CA GLU BA 397 43.03 -87.89 -13.22
C GLU BA 397 41.57 -87.53 -13.40
N TYR BA 398 40.67 -88.21 -12.72
CA TYR BA 398 39.26 -87.90 -12.71
C TYR BA 398 38.91 -86.78 -11.75
N PHE BA 399 39.89 -85.99 -11.35
CA PHE BA 399 39.74 -84.83 -10.50
C PHE BA 399 40.16 -83.58 -11.27
N PRO BA 400 39.60 -82.42 -10.93
CA PRO BA 400 40.17 -81.16 -11.44
C PRO BA 400 41.52 -80.88 -10.80
N SER BA 401 42.53 -80.71 -11.63
CA SER BA 401 43.89 -80.40 -11.19
C SER BA 401 44.29 -79.05 -11.72
N GLN BA 402 45.15 -78.37 -10.97
CA GLN BA 402 45.81 -77.17 -11.47
C GLN BA 402 47.12 -77.60 -12.11
N MET BA 403 47.32 -77.16 -13.35
CA MET BA 403 48.55 -77.44 -14.09
C MET BA 403 49.50 -76.26 -13.91
N LEU BA 404 50.72 -76.56 -13.47
CA LEU BA 404 51.69 -75.54 -13.11
C LEU BA 404 52.89 -75.68 -14.03
N ARG BA 405 53.19 -74.61 -14.76
CA ARG BA 405 54.46 -74.49 -15.47
C ARG BA 405 55.46 -73.83 -14.53
N THR BA 406 56.64 -73.51 -15.03
CA THR BA 406 57.72 -73.07 -14.15
C THR BA 406 57.45 -71.70 -13.53
N GLY BA 407 56.48 -70.94 -14.03
CA GLY BA 407 56.20 -69.64 -13.46
C GLY BA 407 54.98 -69.60 -12.58
N ASN BA 408 54.33 -70.74 -12.37
CA ASN BA 408 53.09 -70.81 -11.61
C ASN BA 408 53.35 -71.31 -10.19
N ASN BA 409 52.41 -70.97 -9.30
CA ASN BA 409 52.42 -71.49 -7.94
C ASN BA 409 51.03 -71.97 -7.58
N PHE BA 410 50.95 -72.63 -6.43
CA PHE BA 410 49.73 -73.25 -5.94
C PHE BA 410 49.55 -72.88 -4.48
N THR BA 411 48.36 -72.42 -4.10
CA THR BA 411 48.09 -72.07 -2.72
C THR BA 411 46.83 -72.76 -2.25
N PHE BA 412 46.73 -72.98 -0.94
CA PHE BA 412 45.59 -73.67 -0.38
C PHE BA 412 45.49 -73.36 1.10
N SER BA 413 44.33 -72.94 1.56
CA SER BA 413 44.11 -72.65 2.97
C SER BA 413 43.16 -73.66 3.59
N TYR BA 414 43.34 -73.91 4.88
CA TYR BA 414 42.50 -74.87 5.58
C TYR BA 414 42.33 -74.42 7.02
N THR BA 415 41.13 -74.61 7.55
CA THR BA 415 40.82 -74.31 8.93
C THR BA 415 40.51 -75.61 9.68
N PHE BA 416 41.18 -75.81 10.81
CA PHE BA 416 40.91 -76.97 11.64
C PHE BA 416 39.57 -76.81 12.36
N GLU BA 417 38.89 -77.94 12.53
CA GLU BA 417 37.71 -77.96 13.39
C GLU BA 417 38.12 -77.78 14.84
N GLU BA 418 37.13 -77.45 15.68
CA GLU BA 418 37.39 -77.24 17.10
C GLU BA 418 37.67 -78.60 17.73
N VAL BA 419 38.95 -78.90 17.89
CA VAL BA 419 39.43 -80.14 18.50
C VAL BA 419 39.83 -79.80 19.93
N PRO BA 420 39.76 -80.72 20.87
CA PRO BA 420 40.26 -80.43 22.22
C PRO BA 420 41.77 -80.21 22.24
N PHE BA 421 42.20 -79.37 23.18
CA PHE BA 421 43.63 -79.18 23.40
C PHE BA 421 44.29 -80.50 23.76
N HIS BA 422 45.44 -80.76 23.18
CA HIS BA 422 46.30 -81.79 23.70
C HIS BA 422 46.90 -81.35 25.02
N SER BA 423 47.01 -82.29 25.94
CA SER BA 423 47.43 -82.06 27.31
C SER BA 423 48.95 -82.13 27.41
N SER BA 424 49.61 -80.97 27.54
CA SER BA 424 51.04 -80.91 27.75
C SER BA 424 51.41 -80.95 29.22
N TYR BA 425 50.59 -81.60 30.04
CA TYR BA 425 50.81 -81.64 31.47
C TYR BA 425 50.73 -83.08 31.96
N ALA BA 426 51.38 -83.33 33.09
CA ALA BA 426 51.15 -84.48 33.94
C ALA BA 426 50.27 -84.06 35.12
N HIS BA 427 49.79 -85.05 35.85
CA HIS BA 427 48.99 -84.81 37.03
C HIS BA 427 49.84 -84.90 38.28
N SER BA 428 49.66 -83.93 39.18
CA SER BA 428 50.38 -83.91 40.45
C SER BA 428 49.76 -84.83 41.48
N GLN BA 429 48.58 -85.37 41.22
CA GLN BA 429 47.92 -86.29 42.12
C GLN BA 429 47.60 -87.57 41.38
N SER BA 430 47.50 -88.66 42.13
CA SER BA 430 47.04 -89.93 41.60
C SER BA 430 45.55 -90.07 41.85
N LEU BA 431 44.90 -90.89 41.02
CA LEU BA 431 43.45 -91.01 41.10
C LEU BA 431 43.00 -91.68 42.39
N ASP BA 432 43.80 -92.58 42.93
CA ASP BA 432 43.48 -93.24 44.18
C ASP BA 432 44.01 -92.49 45.39
N ARG BA 433 44.41 -91.24 45.22
CA ARG BA 433 44.97 -90.43 46.28
C ARG BA 433 44.39 -89.03 46.25
N LEU BA 434 43.08 -88.93 46.05
CA LEU BA 434 42.41 -87.64 45.89
C LEU BA 434 41.75 -87.17 47.19
N MET BA 435 42.01 -87.84 48.30
CA MET BA 435 41.33 -87.57 49.55
C MET BA 435 42.15 -86.61 50.42
N ASN BA 436 41.49 -86.08 51.43
CA ASN BA 436 42.17 -85.38 52.50
C ASN BA 436 42.88 -86.40 53.38
N PRO BA 437 44.20 -86.34 53.53
CA PRO BA 437 44.91 -87.33 54.34
C PRO BA 437 44.82 -87.11 55.85
N LEU BA 438 44.04 -86.13 56.30
CA LEU BA 438 43.91 -85.86 57.73
C LEU BA 438 42.55 -86.19 58.29
N ILE BA 439 41.51 -86.17 57.48
CA ILE BA 439 40.13 -86.32 57.93
C ILE BA 439 39.64 -87.71 57.57
N ASP BA 440 38.84 -88.29 58.46
CA ASP BA 440 38.19 -89.55 58.18
C ASP BA 440 37.00 -89.34 57.25
N GLN BA 441 36.40 -90.44 56.83
CA GLN BA 441 35.19 -90.41 56.04
C GLN BA 441 33.97 -90.64 56.93
N TYR BA 442 32.80 -90.32 56.39
CA TYR BA 442 31.56 -90.71 57.05
C TYR BA 442 30.97 -91.98 56.47
N LEU BA 443 31.69 -92.63 55.55
CA LEU BA 443 31.25 -93.86 54.91
C LEU BA 443 31.97 -95.04 55.53
N TYR BA 444 31.23 -96.12 55.76
CA TYR BA 444 31.78 -97.33 56.34
C TYR BA 444 31.94 -98.39 55.28
N TYR BA 445 32.84 -99.33 55.54
CA TYR BA 445 33.07 -100.46 54.66
C TYR BA 445 33.22 -101.71 55.50
N LEU BA 446 32.93 -102.85 54.91
CA LEU BA 446 33.13 -104.12 55.59
C LEU BA 446 34.61 -104.41 55.71
N ASN BA 447 35.11 -104.48 56.94
CA ASN BA 447 36.54 -104.62 57.19
C ASN BA 447 36.93 -106.06 57.55
N ARG BA 448 36.14 -106.72 58.38
CA ARG BA 448 36.42 -108.09 58.80
C ARG BA 448 35.15 -108.92 58.64
N THR BA 449 35.30 -110.15 58.14
CA THR BA 449 34.26 -111.15 58.23
C THR BA 449 34.61 -112.26 59.20
N GLN BA 450 35.67 -112.08 60.00
CA GLN BA 450 36.04 -112.99 61.07
C GLN BA 450 36.34 -112.18 62.31
N ASN BA 451 36.35 -112.86 63.46
CA ASN BA 451 36.63 -112.18 64.72
C ASN BA 451 38.07 -111.71 64.76
N GLN BA 452 38.26 -110.49 65.25
CA GLN BA 452 39.59 -109.89 65.29
C GLN BA 452 40.47 -110.48 66.38
N SER BA 453 39.88 -110.98 67.47
CA SER BA 453 40.66 -111.44 68.61
C SER BA 453 41.58 -112.60 68.24
N GLY BA 454 41.05 -113.59 67.51
CA GLY BA 454 41.85 -114.71 67.06
C GLY BA 454 41.89 -115.89 67.98
N SER BA 455 41.47 -115.74 69.24
CA SER BA 455 41.42 -116.88 70.15
C SER BA 455 40.45 -117.93 69.63
N ALA BA 456 39.30 -117.49 69.14
CA ALA BA 456 38.41 -118.31 68.34
C ALA BA 456 38.46 -117.84 66.89
N GLN BA 457 37.93 -118.68 66.00
CA GLN BA 457 37.92 -118.40 64.56
C GLN BA 457 36.51 -118.20 64.03
N ASN BA 458 35.69 -117.45 64.76
CA ASN BA 458 34.30 -117.28 64.41
C ASN BA 458 34.13 -116.19 63.35
N LYS BA 459 33.07 -116.31 62.56
CA LYS BA 459 32.76 -115.29 61.58
C LYS BA 459 32.13 -114.08 62.26
N ASP BA 460 32.04 -112.99 61.52
CA ASP BA 460 31.44 -111.77 62.02
C ASP BA 460 31.16 -110.83 60.85
N LEU BA 461 30.65 -109.65 61.17
CA LEU BA 461 30.45 -108.57 60.20
C LEU BA 461 30.90 -107.28 60.88
N LEU BA 462 32.17 -106.94 60.72
CA LEU BA 462 32.76 -105.79 61.37
C LEU BA 462 33.03 -104.70 60.34
N PHE BA 463 32.57 -103.49 60.62
CA PHE BA 463 32.65 -102.38 59.70
C PHE BA 463 33.58 -101.31 60.24
N SER BA 464 34.41 -100.75 59.37
CA SER BA 464 35.31 -99.69 59.74
C SER BA 464 34.99 -98.43 58.97
N ARG BA 465 35.43 -97.31 59.51
CA ARG BA 465 35.28 -96.01 58.87
C ARG BA 465 36.47 -95.73 57.96
N GLY BA 466 36.18 -95.11 56.82
CA GLY BA 466 37.23 -94.71 55.91
C GLY BA 466 38.19 -93.74 56.56
N SER BA 467 39.44 -94.15 56.71
CA SER BA 467 40.44 -93.40 57.45
C SER BA 467 41.71 -93.25 56.62
N PRO BA 468 42.53 -92.24 56.93
CA PRO BA 468 43.81 -92.09 56.22
C PRO BA 468 44.78 -93.23 56.46
N ALA BA 469 44.58 -94.05 57.50
CA ALA BA 469 45.43 -95.20 57.72
C ALA BA 469 45.30 -96.19 56.56
N GLY BA 470 44.06 -96.56 56.23
CA GLY BA 470 43.84 -97.39 55.06
C GLY BA 470 43.21 -96.60 53.94
N MET BA 471 44.03 -96.20 52.96
CA MET BA 471 43.55 -95.44 51.83
C MET BA 471 43.12 -96.31 50.68
N SER BA 472 43.55 -97.57 50.66
CA SER BA 472 43.19 -98.49 49.59
C SER BA 472 41.76 -98.97 49.70
N VAL BA 473 41.16 -98.93 50.89
CA VAL BA 473 39.82 -99.45 51.12
C VAL BA 473 38.79 -98.35 51.25
N GLN BA 474 39.20 -97.09 51.12
CA GLN BA 474 38.25 -95.99 51.20
C GLN BA 474 37.34 -96.00 49.97
N PRO BA 475 36.04 -95.77 50.15
CA PRO BA 475 35.17 -95.52 49.00
C PRO BA 475 35.68 -94.34 48.18
N LYS BA 476 35.59 -94.46 46.86
CA LYS BA 476 36.09 -93.44 45.96
C LYS BA 476 35.04 -93.18 44.88
N ASN BA 477 35.26 -92.11 44.12
CA ASN BA 477 34.26 -91.63 43.17
C ASN BA 477 34.55 -92.02 41.73
N TRP BA 478 35.78 -92.38 41.39
CA TRP BA 478 36.18 -92.57 40.00
C TRP BA 478 36.98 -93.85 39.86
N LEU BA 479 37.14 -94.27 38.61
CA LEU BA 479 37.87 -95.48 38.24
C LEU BA 479 38.96 -95.17 37.24
N PRO BA 480 40.03 -95.94 37.22
CA PRO BA 480 41.06 -95.78 36.18
C PRO BA 480 40.52 -96.17 34.82
N GLY BA 481 41.14 -95.61 33.78
CA GLY BA 481 40.71 -95.82 32.43
C GLY BA 481 40.73 -97.27 31.99
N PRO BA 482 40.25 -97.53 30.77
CA PRO BA 482 40.19 -98.91 30.28
C PRO BA 482 41.56 -99.46 29.98
N CYS BA 483 41.65 -100.78 29.95
CA CYS BA 483 42.93 -101.44 29.71
C CYS BA 483 42.75 -102.58 28.73
N TYR BA 484 43.84 -102.95 28.06
CA TYR BA 484 43.93 -104.13 27.22
C TYR BA 484 45.34 -104.67 27.34
N ARG BA 485 45.52 -105.65 28.23
CA ARG BA 485 46.85 -106.01 28.71
C ARG BA 485 47.79 -106.41 27.60
N GLN BA 486 49.04 -105.97 27.70
CA GLN BA 486 50.11 -106.30 26.78
C GLN BA 486 51.12 -107.21 27.49
N GLN BA 487 52.00 -107.81 26.68
CA GLN BA 487 53.05 -108.65 27.23
C GLN BA 487 54.24 -107.80 27.64
N ARG BA 488 54.88 -108.18 28.73
CA ARG BA 488 55.95 -107.39 29.32
C ARG BA 488 57.29 -107.88 28.80
N VAL BA 489 58.02 -106.99 28.13
CA VAL BA 489 59.33 -107.29 27.60
C VAL BA 489 60.36 -106.44 28.34
N SER BA 490 61.46 -107.06 28.73
CA SER BA 490 62.54 -106.35 29.40
C SER BA 490 63.54 -105.81 28.39
N LYS BA 491 63.96 -104.57 28.59
CA LYS BA 491 65.02 -103.99 27.77
C LYS BA 491 66.35 -104.71 27.96
N THR BA 492 66.51 -105.42 29.06
CA THR BA 492 67.65 -106.30 29.28
C THR BA 492 67.28 -107.69 28.76
N LYS BA 493 67.90 -108.10 27.66
CA LYS BA 493 67.42 -109.26 26.93
C LYS BA 493 67.56 -110.56 27.70
N THR BA 494 68.43 -110.63 28.71
CA THR BA 494 68.62 -111.89 29.43
C THR BA 494 67.42 -112.26 30.29
N ASP BA 495 66.58 -111.30 30.66
CA ASP BA 495 65.41 -111.59 31.49
C ASP BA 495 64.18 -111.96 30.68
N ASN BA 496 64.28 -112.00 29.36
CA ASN BA 496 63.16 -112.38 28.52
C ASN BA 496 63.18 -113.88 28.25
N ASN BA 497 62.00 -114.43 28.01
CA ASN BA 497 61.86 -115.85 27.73
C ASN BA 497 62.61 -116.21 26.45
N ASN BA 498 63.17 -117.42 26.42
CA ASN BA 498 63.91 -117.88 25.24
C ASN BA 498 62.95 -118.46 24.20
N SER BA 499 62.26 -117.55 23.52
CA SER BA 499 61.38 -117.88 22.42
C SER BA 499 61.11 -116.60 21.65
N ASN BA 500 60.43 -116.73 20.52
CA ASN BA 500 60.11 -115.54 19.74
C ASN BA 500 58.95 -114.77 20.35
N PHE BA 501 57.76 -115.37 20.35
CA PHE BA 501 56.58 -114.89 21.08
C PHE BA 501 56.23 -113.43 20.77
N THR BA 502 56.83 -112.84 19.73
CA THR BA 502 56.40 -111.53 19.29
C THR BA 502 55.11 -111.58 18.50
N TRP BA 503 54.74 -112.73 17.99
CA TRP BA 503 53.44 -112.90 17.35
C TRP BA 503 52.54 -113.85 18.11
N THR BA 504 53.08 -114.95 18.64
CA THR BA 504 52.23 -115.90 19.35
C THR BA 504 51.80 -115.38 20.72
N GLY BA 505 52.60 -114.55 21.36
CA GLY BA 505 52.28 -114.09 22.70
C GLY BA 505 51.84 -112.64 22.76
N ALA BA 506 51.34 -112.11 21.66
CA ALA BA 506 51.04 -110.70 21.56
C ALA BA 506 49.54 -110.44 21.52
N SER BA 507 49.16 -109.28 22.04
CA SER BA 507 47.77 -108.83 22.00
C SER BA 507 47.41 -108.43 20.58
N LYS BA 508 46.42 -109.10 20.01
CA LYS BA 508 46.02 -108.81 18.63
C LYS BA 508 44.52 -108.92 18.53
N TYR BA 509 43.97 -108.33 17.47
CA TYR BA 509 42.53 -108.36 17.26
C TYR BA 509 42.21 -109.11 15.97
N ASN BA 510 41.00 -109.66 15.95
CA ASN BA 510 40.51 -110.46 14.83
C ASN BA 510 39.55 -109.61 14.02
N LEU BA 511 39.78 -109.53 12.70
CA LEU BA 511 38.92 -108.76 11.81
C LEU BA 511 38.81 -109.48 10.48
N ASN BA 512 37.62 -109.99 10.18
CA ASN BA 512 37.36 -110.71 8.93
C ASN BA 512 38.28 -111.91 8.77
N GLY BA 513 38.62 -112.55 9.88
CA GLY BA 513 39.39 -113.76 9.86
C GLY BA 513 40.88 -113.60 9.89
N ARG BA 514 41.40 -112.38 9.83
CA ARG BA 514 42.84 -112.17 9.90
C ARG BA 514 43.19 -111.28 11.08
N GLU BA 515 44.27 -111.64 11.75
CA GLU BA 515 44.68 -111.02 13.01
C GLU BA 515 45.60 -109.84 12.74
N SER BA 516 45.52 -108.85 13.62
CA SER BA 516 46.32 -107.64 13.52
C SER BA 516 46.81 -107.28 14.91
N ILE BA 517 48.11 -107.02 15.04
CA ILE BA 517 48.65 -106.59 16.32
C ILE BA 517 48.02 -105.25 16.70
N ILE BA 518 47.75 -105.08 17.99
CA ILE BA 518 47.09 -103.86 18.44
C ILE BA 518 47.99 -102.65 18.17
N ASN BA 519 49.14 -102.57 18.85
CA ASN BA 519 50.23 -101.66 18.48
C ASN BA 519 49.79 -100.24 18.16
N PRO BA 520 49.60 -99.36 19.16
CA PRO BA 520 49.86 -99.55 20.58
C PRO BA 520 48.59 -99.67 21.41
N GLY BA 521 47.44 -99.38 20.80
CA GLY BA 521 46.18 -99.61 21.48
C GLY BA 521 45.93 -98.60 22.58
N THR BA 522 45.34 -99.09 23.67
CA THR BA 522 44.89 -98.23 24.76
C THR BA 522 46.06 -97.47 25.36
N ALA BA 523 45.80 -96.23 25.75
CA ALA BA 523 46.83 -95.38 26.36
C ALA BA 523 47.01 -95.83 27.80
N MET BA 524 48.09 -96.55 28.05
CA MET BA 524 48.39 -97.07 29.38
C MET BA 524 49.83 -96.77 29.74
N ALA BA 525 50.11 -96.80 31.04
CA ALA BA 525 51.46 -96.59 31.52
C ALA BA 525 52.38 -97.72 31.04
N SER BA 526 53.59 -97.34 30.60
CA SER BA 526 54.53 -98.32 30.10
C SER BA 526 54.97 -99.30 31.18
N HIS BA 527 55.18 -98.82 32.39
CA HIS BA 527 55.67 -99.65 33.48
C HIS BA 527 55.22 -99.03 34.79
N LYS BA 528 55.59 -99.68 35.89
CA LYS BA 528 55.33 -99.17 37.23
C LYS BA 528 56.50 -98.30 37.69
N ASP BA 529 56.49 -97.94 38.96
CA ASP BA 529 57.63 -97.27 39.57
C ASP BA 529 58.78 -98.25 39.72
N ASP BA 530 60.00 -97.76 39.48
CA ASP BA 530 61.23 -98.55 39.65
C ASP BA 530 61.24 -99.77 38.73
N GLU BA 531 60.62 -99.65 37.56
CA GLU BA 531 60.52 -100.76 36.62
C GLU BA 531 60.75 -100.27 35.20
N ASP BA 532 61.65 -99.30 35.03
CA ASP BA 532 61.91 -98.72 33.71
C ASP BA 532 62.51 -99.71 32.73
N LYS BA 533 63.00 -100.85 33.20
CA LYS BA 533 63.58 -101.87 32.35
C LYS BA 533 62.55 -102.64 31.53
N PHE BA 534 61.26 -102.47 31.81
CA PHE BA 534 60.20 -103.20 31.15
C PHE BA 534 59.37 -102.25 30.28
N PHE BA 535 58.94 -102.76 29.13
CA PHE BA 535 58.01 -102.05 28.28
C PHE BA 535 57.00 -103.05 27.72
N PRO BA 536 55.78 -102.60 27.42
CA PRO BA 536 54.83 -103.49 26.76
C PRO BA 536 55.31 -103.84 25.35
N MET BA 537 55.02 -105.08 24.94
CA MET BA 537 55.63 -105.60 23.73
C MET BA 537 55.24 -104.78 22.51
N SER BA 538 53.98 -104.37 22.42
CA SER BA 538 53.53 -103.52 21.32
C SER BA 538 52.66 -102.39 21.86
N GLY BA 539 53.10 -101.79 22.96
CA GLY BA 539 52.30 -100.74 23.59
C GLY BA 539 52.97 -99.39 23.57
N VAL BA 540 54.14 -99.30 22.94
CA VAL BA 540 54.93 -98.08 22.97
C VAL BA 540 55.26 -97.68 21.54
N MET BA 541 55.39 -96.37 21.33
CA MET BA 541 55.85 -95.85 20.06
C MET BA 541 57.38 -95.92 20.01
N ILE BA 542 57.90 -96.59 18.99
CA ILE BA 542 59.33 -96.80 18.86
C ILE BA 542 59.79 -96.06 17.62
N PHE BA 543 60.69 -95.09 17.82
CA PHE BA 543 61.29 -94.35 16.73
C PHE BA 543 62.69 -94.89 16.48
N GLY BA 544 63.05 -94.99 15.21
CA GLY BA 544 64.38 -95.43 14.84
C GLY BA 544 65.34 -94.26 14.76
N LYS BA 545 66.56 -94.48 15.26
CA LYS BA 545 67.60 -93.50 15.06
C LYS BA 545 68.12 -93.58 13.64
N GLU BA 546 68.85 -92.55 13.22
CA GLU BA 546 69.55 -92.65 11.95
C GLU BA 546 70.59 -93.76 12.04
N SER BA 547 70.82 -94.43 10.91
CA SER BA 547 71.59 -95.66 10.87
C SER BA 547 70.89 -96.79 11.61
N ALA BA 548 69.57 -96.88 11.45
CA ALA BA 548 68.80 -98.03 11.90
C ALA BA 548 68.29 -98.77 10.67
N GLY BA 549 68.48 -100.08 10.65
CA GLY BA 549 68.05 -100.86 9.52
C GLY BA 549 66.54 -100.95 9.43
N ALA BA 550 66.07 -101.44 8.29
CA ALA BA 550 64.64 -101.59 8.09
C ALA BA 550 64.08 -102.79 8.85
N SER BA 551 64.87 -103.85 8.96
CA SER BA 551 64.40 -105.09 9.57
C SER BA 551 65.42 -105.61 10.57
N ASN BA 552 64.93 -106.04 11.73
CA ASN BA 552 65.74 -106.68 12.77
C ASN BA 552 66.92 -105.81 13.19
N THR BA 553 66.67 -104.51 13.33
CA THR BA 553 67.68 -103.62 13.88
C THR BA 553 67.77 -103.81 15.39
N ALA BA 554 68.68 -103.06 16.02
CA ALA BA 554 68.99 -103.29 17.42
C ALA BA 554 68.31 -102.29 18.34
N LEU BA 555 68.16 -102.73 19.59
CA LEU BA 555 67.67 -101.85 20.65
C LEU BA 555 68.50 -100.60 20.76
N ASP BA 556 69.78 -100.69 20.43
CA ASP BA 556 70.65 -99.52 20.41
C ASP BA 556 70.28 -98.58 19.27
N ASN BA 557 69.70 -99.11 18.21
CA ASN BA 557 69.34 -98.31 17.06
C ASN BA 557 67.92 -97.77 17.11
N VAL BA 558 67.11 -98.24 18.05
CA VAL BA 558 65.75 -97.70 18.19
C VAL BA 558 65.65 -96.90 19.48
N MET BA 559 64.67 -95.98 19.50
CA MET BA 559 64.33 -95.19 20.69
C MET BA 559 62.92 -95.56 21.13
N ILE BA 560 62.81 -96.16 22.30
CA ILE BA 560 61.53 -96.57 22.85
C ILE BA 560 60.97 -95.44 23.72
N THR BA 561 59.73 -95.05 23.48
CA THR BA 561 59.12 -94.01 24.27
C THR BA 561 58.64 -94.56 25.60
N ASP BA 562 58.28 -93.66 26.50
CA ASP BA 562 57.78 -94.01 27.82
C ASP BA 562 56.52 -93.21 28.09
N GLU BA 563 55.54 -93.85 28.71
CA GLU BA 563 54.28 -93.22 29.11
C GLU BA 563 54.17 -93.17 30.62
N GLU BA 564 55.25 -92.77 31.27
CA GLU BA 564 55.33 -92.86 32.73
C GLU BA 564 54.49 -91.78 33.40
N GLU BA 565 54.12 -90.73 32.66
CA GLU BA 565 53.43 -89.60 33.27
C GLU BA 565 51.95 -89.85 33.51
N ILE BA 566 51.38 -90.87 32.88
CA ILE BA 566 49.95 -91.11 32.97
C ILE BA 566 49.65 -92.27 33.91
N LYS BA 567 50.59 -92.62 34.79
CA LYS BA 567 50.32 -93.58 35.85
C LYS BA 567 49.28 -93.07 36.83
N ALA BA 568 49.04 -91.75 36.88
CA ALA BA 568 48.12 -91.19 37.85
C ALA BA 568 46.67 -91.59 37.56
N THR BA 569 46.34 -91.84 36.30
CA THR BA 569 44.96 -92.15 35.92
C THR BA 569 44.82 -93.40 35.07
N ASN BA 570 45.87 -93.90 34.45
CA ASN BA 570 45.77 -95.01 33.52
C ASN BA 570 46.40 -96.26 34.11
N PRO BA 571 45.84 -97.43 33.82
CA PRO BA 571 46.47 -98.68 34.28
C PRO BA 571 47.79 -98.91 33.57
N VAL BA 572 48.66 -99.66 34.25
CA VAL BA 572 49.93 -100.04 33.62
C VAL BA 572 49.67 -101.06 32.53
N ALA BA 573 50.33 -100.87 31.38
CA ALA BA 573 50.01 -101.62 30.18
C ALA BA 573 50.24 -103.11 30.33
N THR BA 574 51.17 -103.53 31.16
CA THR BA 574 51.56 -104.93 31.26
C THR BA 574 50.89 -105.66 32.42
N GLU BA 575 50.01 -105.01 33.16
CA GLU BA 575 49.35 -105.63 34.30
C GLU BA 575 47.84 -105.55 34.17
N ARG BA 576 47.17 -106.37 34.96
CA ARG BA 576 45.72 -106.48 34.89
C ARG BA 576 45.07 -105.18 35.33
N PHE BA 577 43.84 -104.96 34.85
CA PHE BA 577 43.04 -103.86 35.36
C PHE BA 577 42.74 -104.05 36.84
N GLY BA 578 42.45 -105.27 37.23
CA GLY BA 578 42.12 -105.57 38.61
C GLY BA 578 41.57 -106.97 38.73
N THR BA 579 40.94 -107.23 39.86
CA THR BA 579 40.30 -108.51 40.11
C THR BA 579 38.79 -108.33 40.22
N VAL BA 580 38.08 -109.42 39.99
CA VAL BA 580 36.63 -109.42 40.02
C VAL BA 580 36.17 -110.71 40.70
N ALA BA 581 35.07 -110.61 41.44
CA ALA BA 581 34.49 -111.81 42.03
C ALA BA 581 33.91 -112.69 40.94
N VAL BA 582 34.07 -114.01 41.10
CA VAL BA 582 33.65 -114.95 40.07
C VAL BA 582 32.74 -116.04 40.59
N ASN BA 583 32.35 -116.01 41.86
CA ASN BA 583 31.48 -117.03 42.41
C ASN BA 583 30.69 -116.43 43.57
N PHE BA 584 29.93 -117.28 44.26
CA PHE BA 584 29.23 -116.92 45.50
C PHE BA 584 29.92 -117.62 46.66
N GLN BA 585 30.40 -116.84 47.61
CA GLN BA 585 30.94 -117.42 48.83
C GLN BA 585 29.81 -117.85 49.75
N SER BA 586 30.03 -118.96 50.44
CA SER BA 586 29.02 -119.49 51.34
C SER BA 586 29.73 -120.36 52.38
N SER BA 587 29.00 -120.63 53.46
CA SER BA 587 29.46 -121.52 54.52
C SER BA 587 28.86 -122.91 54.33
N SER BA 588 29.47 -123.88 54.99
CA SER BA 588 28.96 -125.24 54.95
C SER BA 588 27.65 -125.35 55.72
N THR BA 589 26.78 -126.25 55.24
CA THR BA 589 25.49 -126.46 55.87
C THR BA 589 25.15 -127.95 55.93
N VAL BA 592 23.55 -128.11 52.84
CA VAL BA 592 24.50 -128.11 51.73
C VAL BA 592 25.91 -128.11 52.28
N PRO BA 593 26.42 -129.29 52.62
CA PRO BA 593 27.75 -129.36 53.25
C PRO BA 593 28.89 -129.24 52.25
N PHE BA 594 28.78 -128.29 51.33
CA PHE BA 594 29.82 -127.99 50.36
C PHE BA 594 30.17 -126.52 50.50
N LYS BA 595 31.12 -126.22 51.39
CA LYS BA 595 31.56 -124.85 51.61
C LYS BA 595 32.20 -124.28 50.35
N THR BA 596 31.87 -123.05 50.02
CA THR BA 596 32.39 -122.37 48.84
C THR BA 596 33.25 -121.19 49.27
N ASP BA 597 34.55 -121.29 49.05
CA ASP BA 597 35.43 -120.16 49.30
C ASP BA 597 35.21 -119.08 48.25
N PRO BA 598 35.33 -117.80 48.62
CA PRO BA 598 35.25 -116.74 47.62
C PRO BA 598 36.40 -116.85 46.63
N ALA BA 599 36.11 -116.51 45.38
CA ALA BA 599 37.08 -116.64 44.31
C ALA BA 599 37.10 -115.38 43.46
N THR BA 600 38.29 -114.93 43.11
CA THR BA 600 38.47 -113.77 42.26
C THR BA 600 39.25 -114.18 41.02
N GLY BA 601 39.04 -113.43 39.94
CA GLY BA 601 39.78 -113.63 38.72
C GLY BA 601 40.33 -112.30 38.23
N ASP BA 602 41.48 -112.39 37.57
CA ASP BA 602 42.13 -111.20 37.04
C ASP BA 602 41.39 -110.69 35.80
N VAL BA 603 41.27 -109.37 35.72
CA VAL BA 603 40.60 -108.71 34.60
C VAL BA 603 41.69 -108.13 33.72
N HIS BA 604 41.87 -108.74 32.53
CA HIS BA 604 42.98 -108.38 31.66
C HIS BA 604 42.58 -107.36 30.61
N ALA BA 605 41.35 -107.42 30.12
CA ALA BA 605 40.82 -106.43 29.19
C ALA BA 605 39.54 -105.87 29.79
N MET BA 606 39.51 -104.56 29.99
CA MET BA 606 38.38 -103.89 30.60
C MET BA 606 37.91 -102.79 29.67
N GLY BA 607 36.65 -102.86 29.26
CA GLY BA 607 36.06 -101.79 28.48
C GLY BA 607 35.62 -100.64 29.35
N ALA BA 608 35.06 -99.63 28.70
CA ALA BA 608 34.70 -98.40 29.41
C ALA BA 608 33.55 -98.66 30.39
N LEU BA 609 33.77 -98.31 31.64
CA LEU BA 609 32.78 -98.28 32.70
C LEU BA 609 32.46 -96.84 33.06
N PRO BA 610 31.22 -96.53 33.43
CA PRO BA 610 30.93 -95.17 33.89
C PRO BA 610 31.73 -94.85 35.15
N GLY BA 611 32.20 -93.61 35.22
CA GLY BA 611 33.12 -93.19 36.25
C GLY BA 611 34.57 -93.33 35.89
N MET BA 612 34.89 -93.92 34.75
CA MET BA 612 36.26 -94.06 34.31
C MET BA 612 36.83 -92.73 33.83
N VAL BA 613 38.09 -92.48 34.17
CA VAL BA 613 38.82 -91.31 33.68
C VAL BA 613 40.19 -91.77 33.21
N TRP BA 614 40.69 -91.14 32.16
CA TRP BA 614 41.97 -91.54 31.59
C TRP BA 614 42.60 -90.37 30.86
N GLN BA 615 43.89 -90.52 30.59
CA GLN BA 615 44.62 -89.61 29.71
C GLN BA 615 44.91 -90.30 28.39
N ASP BA 616 45.03 -89.49 27.34
CA ASP BA 616 45.37 -90.01 26.03
C ASP BA 616 46.88 -90.17 25.91
N ARG BA 617 47.31 -90.77 24.80
CA ARG BA 617 48.73 -90.93 24.56
C ARG BA 617 49.39 -89.58 24.32
N ASP BA 618 50.66 -89.49 24.68
CA ASP BA 618 51.43 -88.27 24.46
C ASP BA 618 51.79 -88.11 22.98
N VAL BA 619 52.02 -86.88 22.59
CA VAL BA 619 52.54 -86.58 21.27
C VAL BA 619 54.04 -86.27 21.41
N TYR BA 620 54.78 -86.52 20.34
CA TYR BA 620 56.22 -86.36 20.34
C TYR BA 620 56.63 -85.47 19.18
N LEU BA 621 57.81 -84.88 19.30
CA LEU BA 621 58.31 -84.04 18.21
C LEU BA 621 58.47 -84.84 16.93
N GLN BA 622 58.80 -86.12 17.02
CA GLN BA 622 58.94 -86.98 15.86
C GLN BA 622 57.65 -87.70 15.49
N GLY BA 623 56.57 -87.48 16.21
CA GLY BA 623 55.36 -88.24 16.02
C GLY BA 623 54.32 -87.56 15.18
N PRO BA 624 53.22 -88.26 14.89
CA PRO BA 624 52.16 -87.69 14.06
C PRO BA 624 51.38 -86.61 14.79
N ILE BA 625 50.79 -85.72 14.00
CA ILE BA 625 49.98 -84.63 14.52
C ILE BA 625 48.51 -85.02 14.58
N TRP BA 626 47.95 -85.49 13.47
CA TRP BA 626 46.53 -85.73 13.37
C TRP BA 626 46.27 -87.07 12.71
N ALA BA 627 45.00 -87.45 12.70
CA ALA BA 627 44.52 -88.61 11.97
C ALA BA 627 43.07 -88.37 11.59
N LYS BA 628 42.68 -88.86 10.42
CA LYS BA 628 41.29 -88.81 10.01
C LYS BA 628 40.47 -89.83 10.80
N ILE BA 629 39.40 -89.37 11.42
CA ILE BA 629 38.48 -90.29 12.09
C ILE BA 629 37.67 -91.03 11.04
N PRO BA 630 37.62 -92.36 11.08
CA PRO BA 630 36.87 -93.10 10.07
C PRO BA 630 35.41 -92.70 10.04
N HIS BA 631 34.85 -92.62 8.84
CA HIS BA 631 33.44 -92.25 8.67
C HIS BA 631 32.59 -93.48 8.93
N THR BA 632 32.27 -93.69 10.20
CA THR BA 632 31.49 -94.83 10.66
C THR BA 632 30.27 -94.33 11.42
N ASP BA 633 29.34 -95.26 11.69
CA ASP BA 633 28.16 -94.92 12.47
C ASP BA 633 28.52 -94.56 13.90
N GLY BA 634 29.43 -95.31 14.51
CA GLY BA 634 29.80 -95.06 15.88
C GLY BA 634 31.30 -95.09 16.06
N HIS BA 635 31.75 -94.32 17.04
CA HIS BA 635 33.13 -94.35 17.49
C HIS BA 635 33.17 -93.84 18.92
N PHE BA 636 34.04 -94.43 19.73
CA PHE BA 636 34.15 -94.09 21.13
C PHE BA 636 35.46 -93.35 21.35
N HIS BA 637 35.37 -92.09 21.79
CA HIS BA 637 36.52 -91.25 22.09
C HIS BA 637 37.49 -91.23 20.92
N PRO BA 638 37.15 -90.60 19.81
CA PRO BA 638 37.91 -90.76 18.56
C PRO BA 638 39.25 -90.01 18.58
N SER BA 639 40.07 -90.35 19.54
CA SER BA 639 41.44 -89.87 19.63
C SER BA 639 42.37 -90.93 19.08
N PRO BA 640 43.24 -90.61 18.12
CA PRO BA 640 44.06 -91.63 17.48
C PRO BA 640 44.95 -92.34 18.50
N LEU BA 641 45.13 -93.65 18.28
CA LEU BA 641 45.85 -94.45 19.27
C LEU BA 641 47.35 -94.22 19.19
N MET BA 642 47.86 -93.73 18.06
CA MET BA 642 49.25 -93.32 18.01
C MET BA 642 49.49 -91.98 18.68
N GLY BA 643 48.44 -91.24 19.01
CA GLY BA 643 48.57 -89.93 19.60
C GLY BA 643 48.28 -88.84 18.59
N GLY BA 644 47.76 -87.73 19.08
CA GLY BA 644 47.45 -86.62 18.21
C GLY BA 644 46.00 -86.23 18.24
N PHE BA 645 45.57 -85.49 17.21
CA PHE BA 645 44.22 -84.97 17.10
C PHE BA 645 43.46 -85.80 16.08
N GLY BA 646 42.32 -86.33 16.49
CA GLY BA 646 41.43 -86.98 15.56
C GLY BA 646 40.51 -85.96 14.93
N LEU BA 647 40.53 -85.84 13.61
CA LEU BA 647 39.74 -84.85 12.90
C LEU BA 647 38.78 -85.56 11.96
N LYS BA 648 37.51 -85.15 11.98
CA LYS BA 648 36.56 -85.67 11.01
C LYS BA 648 36.90 -85.19 9.60
N ASN BA 649 37.24 -83.91 9.47
CA ASN BA 649 37.74 -83.34 8.22
C ASN BA 649 39.19 -82.93 8.46
N PRO BA 650 40.14 -83.83 8.28
CA PRO BA 650 41.54 -83.48 8.51
C PRO BA 650 42.06 -82.61 7.39
N PRO BA 651 43.30 -82.13 7.47
CA PRO BA 651 43.91 -81.46 6.33
C PRO BA 651 43.92 -82.37 5.12
N PRO BA 652 43.40 -81.92 3.99
CA PRO BA 652 43.27 -82.80 2.83
C PRO BA 652 44.62 -83.15 2.22
N GLN BA 653 44.61 -84.24 1.46
CA GLN BA 653 45.80 -84.68 0.77
C GLN BA 653 46.06 -83.80 -0.44
N ILE BA 654 47.30 -83.34 -0.57
CA ILE BA 654 47.75 -82.62 -1.75
C ILE BA 654 48.50 -83.61 -2.62
N LEU BA 655 47.99 -83.82 -3.83
CA LEU BA 655 48.52 -84.82 -4.75
C LEU BA 655 49.12 -84.11 -5.95
N ILE BA 656 50.30 -84.57 -6.34
CA ILE BA 656 51.11 -83.89 -7.34
C ILE BA 656 51.72 -84.95 -8.26
N LYS BA 657 51.77 -84.65 -9.54
CA LYS BA 657 52.48 -85.53 -10.45
C LYS BA 657 52.98 -84.74 -11.64
N ASN BA 658 53.97 -85.29 -12.33
CA ASN BA 658 54.46 -84.69 -13.55
C ASN BA 658 53.54 -85.06 -14.69
N THR BA 659 53.13 -84.08 -15.48
CA THR BA 659 52.33 -84.38 -16.65
C THR BA 659 53.17 -85.16 -17.65
N PRO BA 660 52.70 -86.31 -18.15
CA PRO BA 660 53.50 -87.08 -19.09
C PRO BA 660 53.75 -86.30 -20.39
N VAL BA 661 54.98 -86.39 -20.87
CA VAL BA 661 55.37 -85.81 -22.15
C VAL BA 661 55.74 -86.96 -23.08
N PRO BA 662 54.93 -87.25 -24.09
CA PRO BA 662 55.24 -88.37 -24.98
C PRO BA 662 56.49 -88.12 -25.80
N ALA BA 663 57.17 -89.21 -26.14
CA ALA BA 663 58.30 -89.15 -27.05
C ALA BA 663 57.80 -89.07 -28.47
N ASN BA 664 58.69 -89.26 -29.43
CA ASN BA 664 58.36 -89.09 -30.83
C ASN BA 664 57.33 -90.13 -31.27
N PRO BA 665 56.16 -89.72 -31.76
CA PRO BA 665 55.16 -90.69 -32.20
C PRO BA 665 55.51 -91.27 -33.56
N PRO BA 666 54.92 -92.39 -33.94
CA PRO BA 666 55.20 -92.95 -35.27
C PRO BA 666 54.62 -92.09 -36.37
N ALA BA 667 55.14 -92.28 -37.59
CA ALA BA 667 54.65 -91.54 -38.75
C ALA BA 667 53.22 -91.93 -39.09
N GLU BA 668 52.88 -93.21 -38.99
CA GLU BA 668 51.53 -93.69 -39.20
C GLU BA 668 50.79 -93.79 -37.87
N PHE BA 669 49.47 -93.63 -37.95
CA PHE BA 669 48.64 -93.63 -36.75
C PHE BA 669 48.55 -95.02 -36.14
N SER BA 670 48.61 -95.07 -34.81
CA SER BA 670 48.44 -96.29 -34.05
C SER BA 670 47.52 -96.00 -32.88
N ALA BA 671 46.48 -96.81 -32.71
CA ALA BA 671 45.54 -96.61 -31.62
C ALA BA 671 46.05 -97.18 -30.30
N THR BA 672 47.13 -97.96 -30.33
CA THR BA 672 47.74 -98.43 -29.10
C THR BA 672 48.18 -97.24 -28.25
N LYS BA 673 47.87 -97.30 -26.96
CA LYS BA 673 48.17 -96.17 -26.09
C LYS BA 673 49.68 -95.96 -25.98
N PHE BA 674 50.07 -94.72 -25.76
CA PHE BA 674 51.47 -94.36 -25.72
C PHE BA 674 52.17 -95.05 -24.56
N ALA BA 675 53.36 -95.58 -24.82
CA ALA BA 675 54.19 -96.18 -23.80
C ALA BA 675 55.57 -95.57 -23.75
N SER BA 676 55.95 -94.77 -24.74
CA SER BA 676 57.25 -94.12 -24.80
C SER BA 676 57.07 -92.68 -24.37
N PHE BA 677 57.72 -92.31 -23.26
CA PHE BA 677 57.61 -90.98 -22.70
C PHE BA 677 58.98 -90.38 -22.51
N ILE BA 678 59.02 -89.05 -22.53
CA ILE BA 678 60.22 -88.31 -22.23
C ILE BA 678 60.45 -88.37 -20.73
N THR BA 679 61.62 -88.84 -20.31
CA THR BA 679 61.91 -89.06 -18.90
C THR BA 679 62.18 -87.74 -18.22
N GLN BA 680 61.41 -87.43 -17.18
CA GLN BA 680 61.60 -86.16 -16.51
C GLN BA 680 61.17 -86.25 -15.06
N TYR BA 681 61.65 -85.30 -14.27
CA TYR BA 681 61.25 -85.15 -12.88
C TYR BA 681 61.01 -83.67 -12.64
N SER BA 682 60.61 -83.33 -11.42
CA SER BA 682 60.41 -81.93 -11.07
C SER BA 682 60.96 -81.67 -9.68
N THR BA 683 61.27 -80.41 -9.43
CA THR BA 683 61.76 -79.97 -8.14
C THR BA 683 61.08 -78.66 -7.81
N GLY BA 684 61.08 -78.32 -6.53
CA GLY BA 684 60.46 -77.07 -6.15
C GLY BA 684 60.54 -76.85 -4.66
N GLN BA 685 59.82 -75.83 -4.22
CA GLN BA 685 59.75 -75.46 -2.81
C GLN BA 685 58.31 -75.57 -2.32
N VAL BA 686 58.16 -76.02 -1.08
CA VAL BA 686 56.87 -76.18 -0.45
C VAL BA 686 56.91 -75.46 0.89
N SER BA 687 55.89 -74.67 1.17
CA SER BA 687 55.74 -73.95 2.43
C SER BA 687 54.47 -74.40 3.12
N VAL BA 688 54.57 -74.67 4.42
CA VAL BA 688 53.43 -74.97 5.26
C VAL BA 688 53.48 -74.04 6.47
N GLU BA 689 52.40 -73.34 6.73
CA GLU BA 689 52.28 -72.44 7.87
C GLU BA 689 51.08 -72.88 8.70
N ILE BA 690 51.32 -73.23 9.96
CA ILE BA 690 50.26 -73.62 10.87
C ILE BA 690 50.19 -72.63 12.02
N GLU BA 691 49.01 -72.10 12.26
CA GLU BA 691 48.69 -71.38 13.49
C GLU BA 691 48.16 -72.37 14.51
N TRP BA 692 48.74 -72.35 15.70
CA TRP BA 692 48.36 -73.18 16.84
C TRP BA 692 47.89 -72.29 17.98
N GLU BA 693 46.79 -72.69 18.60
CA GLU BA 693 46.31 -72.07 19.82
C GLU BA 693 46.93 -72.73 21.03
N LEU BA 694 47.38 -71.91 21.96
CA LEU BA 694 48.04 -72.34 23.19
C LEU BA 694 47.08 -72.21 24.36
N GLN BA 695 47.31 -73.05 25.36
CA GLN BA 695 46.57 -73.02 26.61
C GLN BA 695 47.63 -72.91 27.70
N LYS BA 696 47.74 -71.70 28.26
CA LYS BA 696 48.81 -71.37 29.19
C LYS BA 696 48.58 -72.02 30.55
N GLU BA 697 49.68 -72.32 31.22
CA GLU BA 697 49.61 -72.78 32.60
C GLU BA 697 49.10 -71.65 33.48
N ASN BA 698 48.34 -72.01 34.51
CA ASN BA 698 47.85 -71.07 35.51
C ASN BA 698 48.13 -71.61 36.91
N SER BA 699 49.30 -72.22 37.11
CA SER BA 699 49.55 -73.04 38.27
C SER BA 699 49.87 -72.18 39.50
N LYS BA 700 49.47 -72.68 40.66
CA LYS BA 700 49.82 -72.08 41.93
C LYS BA 700 50.84 -72.92 42.69
N ARG BA 701 51.49 -73.85 41.99
CA ARG BA 701 52.50 -74.70 42.59
C ARG BA 701 53.68 -73.87 43.08
N TRP BA 702 54.20 -74.22 44.25
CA TRP BA 702 55.27 -73.45 44.87
C TRP BA 702 56.66 -73.88 44.40
N ASN BA 703 56.94 -75.18 44.47
CA ASN BA 703 58.24 -75.67 44.10
C ASN BA 703 58.42 -75.64 42.58
N PRO BA 704 59.65 -75.63 42.10
CA PRO BA 704 59.88 -75.57 40.65
C PRO BA 704 59.40 -76.83 39.94
N GLU BA 705 59.01 -76.65 38.69
CA GLU BA 705 58.50 -77.72 37.85
C GLU BA 705 59.64 -78.48 37.18
N VAL BA 706 59.31 -79.67 36.70
CA VAL BA 706 60.22 -80.42 35.83
C VAL BA 706 60.12 -79.84 34.43
N GLN BA 707 61.27 -79.55 33.84
CA GLN BA 707 61.34 -78.98 32.51
C GLN BA 707 62.19 -79.88 31.62
N TYR BA 708 61.92 -79.85 30.32
CA TYR BA 708 62.84 -80.46 29.38
C TYR BA 708 64.04 -79.56 29.21
N THR BA 709 65.23 -80.12 29.37
CA THR BA 709 66.44 -79.32 29.31
C THR BA 709 67.51 -80.04 28.51
N SER BA 710 68.40 -79.27 27.91
CA SER BA 710 69.64 -79.80 27.38
C SER BA 710 70.57 -80.17 28.53
N ASN BA 711 71.37 -81.20 28.32
CA ASN BA 711 72.37 -81.58 29.30
C ASN BA 711 73.58 -80.66 29.16
N TYR BA 712 74.01 -80.08 30.27
CA TYR BA 712 75.23 -79.28 30.31
C TYR BA 712 76.37 -80.23 30.63
N ALA BA 713 77.24 -80.45 29.65
CA ALA BA 713 78.40 -81.31 29.83
C ALA BA 713 79.21 -81.27 28.54
N LYS BA 714 80.51 -81.45 28.67
CA LYS BA 714 81.34 -81.56 27.49
C LYS BA 714 80.95 -82.83 26.74
N SER BA 715 80.51 -82.66 25.49
CA SER BA 715 80.10 -83.77 24.65
C SER BA 715 80.72 -83.60 23.29
N ALA BA 716 80.96 -84.72 22.61
CA ALA BA 716 81.56 -84.66 21.29
C ALA BA 716 80.68 -83.92 20.30
N ASN BA 717 79.36 -84.01 20.47
CA ASN BA 717 78.40 -83.34 19.61
C ASN BA 717 77.38 -82.59 20.45
N VAL BA 718 76.65 -81.71 19.80
CA VAL BA 718 75.49 -81.04 20.40
C VAL BA 718 74.25 -81.80 19.97
N ASP BA 719 73.30 -81.95 20.90
CA ASP BA 719 72.07 -82.67 20.60
C ASP BA 719 71.23 -81.88 19.60
N PHE BA 720 70.55 -82.62 18.73
CA PHE BA 720 69.67 -82.03 17.70
C PHE BA 720 70.45 -81.11 16.76
N THR BA 721 71.62 -81.58 16.33
CA THR BA 721 72.44 -80.83 15.38
C THR BA 721 72.95 -81.75 14.29
N VAL BA 722 73.85 -81.26 13.46
CA VAL BA 722 74.50 -82.05 12.44
C VAL BA 722 75.83 -82.52 12.97
N ASP BA 723 76.36 -83.60 12.39
CA ASP BA 723 77.69 -84.07 12.74
C ASP BA 723 78.69 -83.52 11.73
N ASN BA 724 79.92 -84.01 11.78
CA ASN BA 724 80.94 -83.55 10.84
C ASN BA 724 80.66 -84.01 9.42
N ASN BA 725 79.78 -84.99 9.22
CA ASN BA 725 79.40 -85.43 7.89
C ASN BA 725 78.17 -84.71 7.36
N GLY BA 726 77.53 -83.87 8.16
CA GLY BA 726 76.36 -83.14 7.72
C GLY BA 726 75.05 -83.83 7.97
N LEU BA 727 75.01 -84.85 8.81
CA LEU BA 727 73.79 -85.64 9.03
C LEU BA 727 73.08 -85.14 10.28
N TYR BA 728 71.87 -84.64 10.09
CA TYR BA 728 71.04 -84.21 11.22
C TYR BA 728 70.48 -85.43 11.94
N THR BA 729 70.61 -85.43 13.26
CA THR BA 729 70.12 -86.53 14.09
C THR BA 729 69.34 -85.97 15.27
N GLU BA 730 68.37 -86.75 15.72
CA GLU BA 730 67.61 -86.44 16.93
C GLU BA 730 67.94 -87.48 17.99
N PRO BA 731 68.65 -87.11 19.05
CA PRO BA 731 69.12 -88.12 20.02
C PRO BA 731 68.03 -88.88 20.76
N ARG BA 732 66.90 -88.25 21.02
CA ARG BA 732 65.88 -88.86 21.86
C ARG BA 732 64.52 -88.34 21.42
N PRO BA 733 63.45 -89.08 21.71
CA PRO BA 733 62.09 -88.55 21.51
C PRO BA 733 61.68 -87.68 22.68
N ILE BA 734 61.11 -86.52 22.38
CA ILE BA 734 60.67 -85.57 23.40
C ILE BA 734 59.16 -85.55 23.42
N GLY BA 735 58.58 -85.82 24.60
CA GLY BA 735 57.15 -85.71 24.78
C GLY BA 735 56.74 -84.30 25.14
N THR BA 736 55.55 -84.18 25.73
CA THR BA 736 54.98 -82.89 26.07
C THR BA 736 54.73 -82.69 27.55
N ARG BA 737 54.60 -83.77 28.32
CA ARG BA 737 54.07 -83.70 29.67
C ARG BA 737 55.20 -83.39 30.65
N TYR BA 738 55.47 -82.11 30.88
CA TYR BA 738 56.50 -81.71 31.83
C TYR BA 738 55.90 -80.87 32.95
N LEU BA 739 55.10 -79.87 32.60
CA LEU BA 739 54.35 -79.14 33.61
C LEU BA 739 53.34 -80.07 34.25
N THR BA 740 52.84 -79.68 35.42
CA THR BA 740 51.87 -80.49 36.13
C THR BA 740 50.66 -79.67 36.49
N ARG BA 741 49.57 -80.36 36.79
CA ARG BA 741 48.36 -79.73 37.31
C ARG BA 741 47.67 -80.72 38.21
N PRO BA 742 46.87 -80.23 39.16
CA PRO BA 742 46.17 -81.16 40.06
C PRO BA 742 45.08 -81.94 39.35
N LEU BA 743 44.88 -83.16 39.80
CA LEU BA 743 43.96 -84.08 39.15
C LEU BA 743 42.50 -83.70 39.42
N ASP CA 219 50.35 -66.77 -23.62
CA ASP CA 219 50.52 -66.07 -22.37
C ASP CA 219 51.93 -66.24 -21.80
N GLY CA 220 52.80 -66.90 -22.54
CA GLY CA 220 54.20 -67.02 -22.18
C GLY CA 220 54.65 -68.48 -22.18
N VAL CA 221 55.98 -68.62 -22.16
CA VAL CA 221 56.60 -69.94 -22.13
C VAL CA 221 56.40 -70.60 -20.76
N GLY CA 222 56.52 -69.84 -19.67
CA GLY CA 222 56.51 -70.42 -18.35
C GLY CA 222 55.19 -70.33 -17.63
N ASN CA 223 54.11 -70.09 -18.37
CA ASN CA 223 52.77 -69.96 -17.80
C ASN CA 223 51.87 -70.97 -18.49
N ALA CA 224 51.19 -71.80 -17.70
CA ALA CA 224 50.28 -72.78 -18.25
C ALA CA 224 49.03 -72.11 -18.79
N SER CA 225 48.56 -72.57 -19.95
CA SER CA 225 47.40 -71.96 -20.60
C SER CA 225 46.10 -72.68 -20.28
N GLY CA 226 46.12 -73.65 -19.40
CA GLY CA 226 44.88 -74.30 -18.98
C GLY CA 226 45.15 -75.26 -17.85
N ASN CA 227 44.06 -75.72 -17.26
CA ASN CA 227 44.09 -76.63 -16.14
C ASN CA 227 43.43 -77.95 -16.52
N TRP CA 228 43.66 -78.97 -15.70
CA TRP CA 228 43.06 -80.27 -15.91
C TRP CA 228 41.63 -80.25 -15.37
N HIS CA 229 40.67 -80.36 -16.26
CA HIS CA 229 39.25 -80.36 -15.90
C HIS CA 229 38.66 -81.71 -16.31
N CYS CA 230 38.66 -82.66 -15.39
CA CYS CA 230 38.06 -83.96 -15.61
C CYS CA 230 37.14 -84.26 -14.45
N ASP CA 231 35.83 -84.23 -14.69
CA ASP CA 231 34.86 -84.23 -13.61
C ASP CA 231 33.52 -84.67 -14.18
N SER CA 232 32.54 -84.78 -13.31
CA SER CA 232 31.15 -85.05 -13.71
C SER CA 232 30.24 -84.48 -12.65
N THR CA 233 29.40 -83.53 -13.02
CA THR CA 233 28.50 -82.86 -12.10
C THR CA 233 27.06 -83.25 -12.45
N TRP CA 234 26.33 -83.73 -11.46
CA TRP CA 234 24.95 -84.16 -11.65
C TRP CA 234 24.03 -83.13 -11.02
N LEU CA 235 23.29 -82.43 -11.85
CA LEU CA 235 22.26 -81.52 -11.39
C LEU CA 235 20.93 -82.29 -11.41
N GLY CA 236 19.81 -81.59 -11.22
CA GLY CA 236 18.54 -82.28 -11.18
C GLY CA 236 18.19 -82.96 -12.49
N ASP CA 237 18.25 -82.22 -13.59
CA ASP CA 237 17.88 -82.76 -14.89
C ASP CA 237 19.01 -82.67 -15.91
N ARG CA 238 20.19 -82.22 -15.51
CA ARG CA 238 21.35 -82.14 -16.38
C ARG CA 238 22.47 -82.95 -15.76
N VAL CA 239 23.39 -83.39 -16.61
CA VAL CA 239 24.69 -83.88 -16.16
C VAL CA 239 25.74 -83.25 -17.06
N ILE CA 240 26.79 -82.70 -16.46
CA ILE CA 240 27.88 -82.09 -17.18
C ILE CA 240 29.12 -82.94 -17.00
N THR CA 241 29.62 -83.49 -18.10
CA THR CA 241 30.80 -84.34 -18.10
C THR CA 241 31.97 -83.58 -18.71
N THR CA 242 33.08 -83.50 -17.99
CA THR CA 242 34.31 -82.89 -18.47
C THR CA 242 35.40 -83.94 -18.54
N SER CA 243 36.19 -83.90 -19.62
CA SER CA 243 37.25 -84.86 -19.83
C SER CA 243 38.48 -84.14 -20.38
N THR CA 244 39.61 -84.32 -19.71
CA THR CA 244 40.89 -83.84 -20.20
C THR CA 244 41.78 -85.03 -20.52
N ARG CA 245 42.48 -84.94 -21.65
CA ARG CA 245 43.39 -85.98 -22.09
C ARG CA 245 44.67 -85.34 -22.61
N THR CA 246 45.74 -86.12 -22.63
CA THR CA 246 47.01 -85.71 -23.20
C THR CA 246 47.16 -86.34 -24.57
N TRP CA 247 47.42 -85.50 -25.57
CA TRP CA 247 47.53 -85.94 -26.95
C TRP CA 247 48.93 -85.70 -27.49
N ALA CA 248 49.32 -86.54 -28.44
CA ALA CA 248 50.53 -86.39 -29.23
C ALA CA 248 50.14 -86.35 -30.71
N LEU CA 249 50.62 -85.34 -31.41
CA LEU CA 249 50.35 -85.15 -32.83
C LEU CA 249 51.67 -85.22 -33.60
N PRO CA 250 51.85 -86.19 -34.47
CA PRO CA 250 53.07 -86.23 -35.29
C PRO CA 250 52.93 -85.41 -36.56
N THR CA 251 53.96 -85.46 -37.41
CA THR CA 251 53.87 -84.92 -38.75
C THR CA 251 53.42 -86.05 -39.68
N TYR CA 252 52.34 -85.81 -40.42
CA TYR CA 252 51.77 -86.81 -41.30
C TYR CA 252 52.13 -86.49 -42.74
N ASN CA 253 52.57 -87.51 -43.48
CA ASN CA 253 52.84 -87.44 -44.91
C ASN CA 253 54.02 -86.54 -45.27
N ASN CA 254 54.85 -86.17 -44.30
CA ASN CA 254 55.88 -85.16 -44.50
C ASN CA 254 55.27 -83.85 -45.01
N HIS CA 255 54.16 -83.44 -44.41
CA HIS CA 255 53.48 -82.19 -44.72
C HIS CA 255 52.92 -82.18 -46.15
N LEU CA 256 52.63 -83.36 -46.69
CA LEU CA 256 52.18 -83.47 -48.07
C LEU CA 256 50.74 -83.93 -48.13
N TYR CA 257 50.04 -83.48 -49.17
CA TYR CA 257 48.75 -84.03 -49.55
C TYR CA 257 49.01 -85.12 -50.58
N LYS CA 258 48.51 -86.31 -50.32
CA LYS CA 258 48.74 -87.44 -51.21
C LYS CA 258 47.42 -87.98 -51.71
N GLN CA 259 47.40 -88.38 -52.98
CA GLN CA 259 46.24 -89.01 -53.58
C GLN CA 259 46.33 -90.51 -53.37
N ILE CA 260 45.29 -91.09 -52.78
CA ILE CA 260 45.27 -92.51 -52.46
C ILE CA 260 44.13 -93.16 -53.22
N SER CA 261 44.35 -94.40 -53.64
CA SER CA 261 43.33 -95.19 -54.33
C SER CA 261 43.64 -96.66 -54.12
N SER CA 262 42.88 -97.51 -54.78
CA SER CA 262 43.02 -98.96 -54.67
C SER CA 262 43.77 -99.57 -55.84
N ALA CA 263 44.33 -98.74 -56.73
CA ALA CA 263 44.96 -99.26 -57.93
C ALA CA 263 46.16 -100.14 -57.61
N SER CA 264 47.02 -99.70 -56.69
CA SER CA 264 48.14 -100.53 -56.29
C SER CA 264 47.69 -101.68 -55.40
N THR CA 265 46.63 -101.48 -54.63
CA THR CA 265 46.13 -102.54 -53.75
C THR CA 265 45.64 -103.73 -54.56
N GLY CA 266 45.03 -103.49 -55.72
CA GLY CA 266 44.46 -104.58 -56.49
C GLY CA 266 43.28 -105.24 -55.82
N ALA CA 267 42.37 -104.44 -55.27
CA ALA CA 267 41.23 -104.95 -54.53
C ALA CA 267 40.13 -105.41 -55.48
N SER CA 268 39.07 -105.96 -54.91
CA SER CA 268 37.91 -106.34 -55.68
C SER CA 268 37.10 -105.10 -56.06
N ASN CA 269 36.14 -105.28 -56.96
CA ASN CA 269 35.33 -104.16 -57.42
C ASN CA 269 34.56 -103.52 -56.27
N ASP CA 270 34.21 -104.30 -55.25
CA ASP CA 270 33.48 -103.78 -54.10
C ASP CA 270 34.32 -102.93 -53.19
N ASN CA 271 35.64 -103.08 -53.22
CA ASN CA 271 36.54 -102.41 -52.30
C ASN CA 271 37.34 -101.30 -52.97
N HIS CA 272 37.00 -100.93 -54.19
CA HIS CA 272 37.68 -99.86 -54.89
C HIS CA 272 37.39 -98.52 -54.24
N TYR CA 273 38.37 -97.63 -54.23
CA TYR CA 273 38.17 -96.30 -53.68
C TYR CA 273 39.16 -95.32 -54.29
N PHE CA 274 38.84 -94.04 -54.14
CA PHE CA 274 39.69 -92.95 -54.56
C PHE CA 274 39.53 -91.83 -53.54
N GLY CA 275 40.63 -91.25 -53.10
CA GLY CA 275 40.54 -90.20 -52.13
C GLY CA 275 41.86 -89.51 -51.91
N TYR CA 276 41.95 -88.83 -50.78
CA TYR CA 276 43.12 -88.04 -50.45
C TYR CA 276 43.50 -88.21 -48.99
N SER CA 277 44.80 -88.19 -48.75
CA SER CA 277 45.38 -88.21 -47.40
C SER CA 277 45.97 -86.84 -47.12
N THR CA 278 45.55 -86.20 -46.04
CA THR CA 278 46.08 -84.89 -45.75
C THR CA 278 47.13 -84.96 -44.66
N PRO CA 279 47.98 -83.94 -44.53
CA PRO CA 279 48.92 -83.90 -43.40
C PRO CA 279 48.29 -83.51 -42.07
N TRP CA 280 46.98 -83.33 -42.02
CA TRP CA 280 46.30 -82.90 -40.81
C TRP CA 280 45.84 -84.10 -40.00
N GLY CA 281 45.73 -83.90 -38.69
CA GLY CA 281 45.03 -84.80 -37.81
C GLY CA 281 43.74 -84.15 -37.35
N TYR CA 282 42.89 -84.95 -36.73
CA TYR CA 282 41.62 -84.42 -36.24
C TYR CA 282 41.38 -84.94 -34.83
N PHE CA 283 40.54 -84.19 -34.10
CA PHE CA 283 40.16 -84.55 -32.75
C PHE CA 283 38.81 -85.25 -32.76
N ASP CA 284 38.76 -86.41 -32.11
CA ASP CA 284 37.56 -87.23 -32.07
C ASP CA 284 37.19 -87.52 -30.62
N PHE CA 285 35.95 -87.20 -30.26
CA PHE CA 285 35.42 -87.57 -28.95
C PHE CA 285 34.00 -88.08 -29.15
N ASN CA 286 33.81 -88.93 -30.16
CA ASN CA 286 32.50 -89.45 -30.53
C ASN CA 286 32.27 -90.85 -29.98
N ARG CA 287 32.70 -91.12 -28.77
CA ARG CA 287 32.34 -92.32 -28.04
C ARG CA 287 31.89 -91.93 -26.65
N PHE CA 288 31.01 -92.75 -26.07
CA PHE CA 288 30.43 -92.37 -24.79
C PHE CA 288 31.42 -92.47 -23.64
N HIS CA 289 32.40 -93.37 -23.75
CA HIS CA 289 33.37 -93.51 -22.68
C HIS CA 289 34.46 -92.45 -22.71
N CYS CA 290 34.50 -91.61 -23.74
CA CYS CA 290 35.34 -90.42 -23.69
C CYS CA 290 34.81 -89.41 -22.69
N HIS CA 291 33.57 -89.56 -22.26
CA HIS CA 291 32.91 -88.59 -21.40
C HIS CA 291 32.38 -89.18 -20.11
N PHE CA 292 31.95 -90.44 -20.11
CA PHE CA 292 31.38 -91.07 -18.93
C PHE CA 292 32.34 -92.11 -18.39
N SER CA 293 32.61 -92.06 -17.09
CA SER CA 293 33.21 -93.19 -16.43
C SER CA 293 32.18 -94.31 -16.35
N PRO CA 294 32.61 -95.56 -16.15
CA PRO CA 294 31.61 -96.63 -15.98
C PRO CA 294 30.66 -96.39 -14.82
N ARG CA 295 31.12 -95.80 -13.73
CA ARG CA 295 30.24 -95.45 -12.63
C ARG CA 295 29.20 -94.41 -13.06
N ASP CA 296 29.62 -93.39 -13.80
CA ASP CA 296 28.70 -92.38 -14.28
C ASP CA 296 27.70 -92.96 -15.26
N TRP CA 297 28.16 -93.87 -16.13
CA TRP CA 297 27.26 -94.53 -17.05
C TRP CA 297 26.22 -95.36 -16.32
N GLN CA 298 26.64 -96.09 -15.29
CA GLN CA 298 25.69 -96.86 -14.50
C GLN CA 298 24.69 -95.95 -13.79
N ARG CA 299 25.19 -94.84 -13.24
CA ARG CA 299 24.29 -93.88 -12.59
C ARG CA 299 23.28 -93.31 -13.57
N LEU CA 300 23.69 -93.06 -14.80
CA LEU CA 300 22.77 -92.56 -15.82
C LEU CA 300 21.73 -93.60 -16.20
N ILE CA 301 22.18 -94.81 -16.52
CA ILE CA 301 21.29 -95.81 -17.11
C ILE CA 301 20.39 -96.47 -16.08
N ASN CA 302 20.76 -96.46 -14.80
CA ASN CA 302 19.93 -97.05 -13.78
C ASN CA 302 18.85 -96.11 -13.28
N ASN CA 303 18.90 -94.84 -13.65
CA ASN CA 303 18.03 -93.84 -13.06
C ASN CA 303 17.28 -92.99 -14.07
N ASN CA 304 17.67 -92.99 -15.33
CA ASN CA 304 17.06 -92.09 -16.28
C ASN CA 304 16.34 -92.86 -17.37
N TRP CA 305 15.17 -92.36 -17.76
CA TRP CA 305 14.43 -92.92 -18.88
C TRP CA 305 14.96 -92.45 -20.23
N GLY CA 306 15.68 -91.34 -20.26
CA GLY CA 306 16.26 -90.93 -21.53
C GLY CA 306 17.31 -89.87 -21.33
N PHE CA 307 18.07 -89.62 -22.38
CA PHE CA 307 19.06 -88.55 -22.28
C PHE CA 307 19.42 -88.04 -23.67
N ARG CA 308 19.99 -86.84 -23.71
CA ARG CA 308 20.43 -86.27 -24.98
C ARG CA 308 21.46 -85.19 -24.69
N PRO CA 309 22.30 -84.84 -25.68
CA PRO CA 309 23.27 -83.76 -25.47
C PRO CA 309 22.72 -82.38 -25.79
N LYS CA 310 23.05 -81.43 -24.92
CA LYS CA 310 22.66 -80.03 -25.02
C LYS CA 310 23.77 -79.15 -25.54
N ARG CA 311 24.96 -79.18 -24.94
CA ARG CA 311 25.99 -78.26 -25.43
C ARG CA 311 27.37 -78.83 -25.13
N LEU CA 312 28.38 -78.25 -25.79
CA LEU CA 312 29.75 -78.68 -25.53
C LEU CA 312 30.71 -77.52 -25.65
N ASN CA 313 31.80 -77.63 -24.89
CA ASN CA 313 32.96 -76.75 -24.93
C ASN CA 313 34.19 -77.59 -25.23
N PHE CA 314 35.05 -77.07 -26.09
CA PHE CA 314 36.29 -77.73 -26.49
C PHE CA 314 37.42 -76.76 -26.21
N LYS CA 315 38.46 -77.25 -25.57
CA LYS CA 315 39.64 -76.44 -25.28
C LYS CA 315 40.89 -77.24 -25.62
N LEU CA 316 41.88 -76.53 -26.14
CA LEU CA 316 43.18 -77.08 -26.51
C LEU CA 316 44.24 -76.21 -25.87
N PHE CA 317 45.07 -76.78 -25.00
CA PHE CA 317 45.94 -75.96 -24.18
C PHE CA 317 47.23 -76.70 -23.88
N ASN CA 318 48.22 -75.94 -23.41
CA ASN CA 318 49.53 -76.44 -23.01
C ASN CA 318 50.24 -77.11 -24.18
N ILE CA 319 50.38 -76.35 -25.26
CA ILE CA 319 51.02 -76.85 -26.48
C ILE CA 319 52.53 -76.90 -26.28
N GLN CA 320 53.14 -78.02 -26.65
CA GLN CA 320 54.59 -78.15 -26.65
C GLN CA 320 55.01 -78.77 -27.96
N VAL CA 321 55.78 -78.03 -28.74
CA VAL CA 321 56.36 -78.55 -29.97
C VAL CA 321 57.76 -79.07 -29.67
N LYS CA 322 58.04 -80.29 -30.10
CA LYS CA 322 59.31 -80.94 -29.84
C LYS CA 322 60.01 -81.25 -31.15
N GLU CA 323 61.26 -80.86 -31.24
CA GLU CA 323 62.15 -81.17 -32.35
C GLU CA 323 62.89 -82.48 -32.10
N VAL CA 324 62.98 -83.33 -33.12
CA VAL CA 324 63.60 -84.65 -33.02
C VAL CA 324 64.73 -84.75 -34.01
N THR CA 325 65.92 -85.17 -33.54
CA THR CA 325 67.06 -85.45 -34.40
C THR CA 325 67.60 -86.83 -34.08
N THR CA 326 67.71 -87.69 -35.08
CA THR CA 326 68.31 -89.01 -34.90
C THR CA 326 69.66 -89.02 -35.62
N ASN CA 327 70.72 -89.20 -34.84
CA ASN CA 327 72.09 -89.30 -35.36
C ASN CA 327 72.76 -90.55 -34.81
N ASP CA 328 73.36 -91.33 -35.71
CA ASP CA 328 74.10 -92.54 -35.34
C ASP CA 328 73.23 -93.49 -34.53
N GLY CA 329 71.92 -93.43 -34.72
CA GLY CA 329 70.99 -94.29 -34.04
C GLY CA 329 70.43 -93.74 -32.74
N VAL CA 330 71.01 -92.67 -32.20
CA VAL CA 330 70.53 -92.10 -30.94
C VAL CA 330 69.68 -90.88 -31.26
N THR CA 331 68.60 -90.72 -30.49
CA THR CA 331 67.58 -89.72 -30.75
C THR CA 331 67.61 -88.64 -29.69
N THR CA 332 67.68 -87.39 -30.13
CA THR CA 332 67.61 -86.22 -29.27
C THR CA 332 66.29 -85.51 -29.48
N ILE CA 333 65.62 -85.17 -28.40
CA ILE CA 333 64.38 -84.40 -28.44
C ILE CA 333 64.62 -83.10 -27.70
N ALA CA 334 64.28 -81.99 -28.32
CA ALA CA 334 64.42 -80.67 -27.71
C ALA CA 334 63.10 -79.92 -27.85
N ASN CA 335 62.97 -78.84 -27.09
CA ASN CA 335 61.81 -77.98 -27.22
C ASN CA 335 62.03 -76.98 -28.35
N ASN CA 336 60.99 -76.77 -29.14
CA ASN CA 336 61.00 -75.76 -30.19
C ASN CA 336 60.01 -74.68 -29.74
N LEU CA 337 60.53 -73.62 -29.12
CA LEU CA 337 59.67 -72.64 -28.48
C LEU CA 337 58.96 -71.73 -29.47
N THR CA 338 59.41 -71.66 -30.71
CA THR CA 338 58.85 -70.73 -31.68
C THR CA 338 58.02 -71.41 -32.75
N SER CA 339 57.77 -72.71 -32.64
CA SER CA 339 56.97 -73.42 -33.62
C SER CA 339 55.49 -73.35 -33.26
N THR CA 340 54.64 -73.56 -34.27
CA THR CA 340 53.21 -73.42 -34.12
C THR CA 340 52.48 -74.69 -34.53
N VAL CA 341 51.30 -74.86 -33.97
CA VAL CA 341 50.30 -75.81 -34.48
C VAL CA 341 49.13 -75.00 -35.02
N GLN CA 342 48.66 -75.37 -36.21
CA GLN CA 342 47.47 -74.77 -36.78
C GLN CA 342 46.26 -75.60 -36.38
N VAL CA 343 45.23 -74.92 -35.87
CA VAL CA 343 43.99 -75.56 -35.45
C VAL CA 343 42.83 -74.80 -36.08
N PHE CA 344 41.86 -75.52 -36.62
CA PHE CA 344 40.62 -74.87 -37.01
C PHE CA 344 39.46 -75.82 -36.84
N SER CA 345 38.28 -75.24 -36.66
CA SER CA 345 37.03 -75.98 -36.56
C SER CA 345 36.25 -75.79 -37.84
N ASP CA 346 35.75 -76.88 -38.41
CA ASP CA 346 35.01 -76.82 -39.66
C ASP CA 346 33.53 -76.60 -39.35
N SER CA 347 33.23 -75.38 -38.92
CA SER CA 347 31.91 -75.05 -38.40
C SER CA 347 30.84 -74.95 -39.48
N GLU CA 348 31.22 -74.77 -40.73
CA GLU CA 348 30.26 -74.69 -41.83
C GLU CA 348 30.13 -75.99 -42.60
N TYR CA 349 30.77 -77.07 -42.13
CA TYR CA 349 30.65 -78.39 -42.73
C TYR CA 349 30.99 -78.36 -44.22
N GLN CA 350 32.08 -77.68 -44.54
CA GLN CA 350 32.56 -77.57 -45.91
C GLN CA 350 33.50 -78.70 -46.29
N LEU CA 351 33.89 -79.53 -45.35
CA LEU CA 351 34.78 -80.65 -45.54
C LEU CA 351 34.01 -81.94 -45.47
N PRO CA 352 34.54 -83.02 -46.05
CA PRO CA 352 33.93 -84.33 -45.83
C PRO CA 352 33.98 -84.70 -44.35
N TYR CA 353 32.85 -85.18 -43.84
CA TYR CA 353 32.73 -85.52 -42.42
C TYR CA 353 33.11 -86.97 -42.24
N VAL CA 354 34.32 -87.21 -41.71
CA VAL CA 354 34.77 -88.58 -41.49
C VAL CA 354 34.47 -89.06 -40.09
N LEU CA 355 34.02 -88.19 -39.20
CA LEU CA 355 33.51 -88.65 -37.92
C LEU CA 355 32.18 -89.36 -38.15
N GLY CA 356 31.76 -90.15 -37.18
CA GLY CA 356 30.53 -90.90 -37.36
C GLY CA 356 30.67 -92.15 -38.20
N SER CA 357 31.89 -92.59 -38.47
CA SER CA 357 32.14 -93.87 -39.12
C SER CA 357 32.76 -94.88 -38.17
N ALA CA 358 32.77 -94.58 -36.87
CA ALA CA 358 33.26 -95.49 -35.83
C ALA CA 358 34.73 -95.82 -35.99
N HIS CA 359 35.55 -94.78 -36.11
CA HIS CA 359 36.98 -94.96 -36.30
C HIS CA 359 37.73 -94.88 -34.98
N GLN CA 360 38.92 -95.47 -34.98
CA GLN CA 360 39.83 -95.34 -33.86
C GLN CA 360 40.39 -93.93 -33.80
N GLY CA 361 40.96 -93.57 -32.65
CA GLY CA 361 41.56 -92.27 -32.50
C GLY CA 361 40.80 -91.32 -31.60
N CYS CA 362 39.73 -91.80 -30.96
CA CYS CA 362 39.02 -90.99 -29.99
C CYS CA 362 39.86 -90.80 -28.74
N LEU CA 363 39.39 -89.93 -27.86
CA LEU CA 363 39.99 -89.84 -26.54
C LEU CA 363 39.86 -91.18 -25.84
N PRO CA 364 40.91 -91.65 -25.18
CA PRO CA 364 40.84 -92.95 -24.50
C PRO CA 364 39.85 -92.94 -23.37
N PRO CA 365 39.26 -94.08 -23.03
CA PRO CA 365 38.31 -94.11 -21.91
C PRO CA 365 38.94 -93.74 -20.57
N PHE CA 366 40.17 -94.16 -20.34
CA PHE CA 366 40.84 -93.90 -19.08
C PHE CA 366 41.54 -92.54 -19.13
N PRO CA 367 41.26 -91.65 -18.18
CA PRO CA 367 41.84 -90.29 -18.24
C PRO CA 367 43.35 -90.24 -18.13
N ALA CA 368 44.00 -91.31 -17.66
CA ALA CA 368 45.45 -91.32 -17.55
C ALA CA 368 46.15 -91.67 -18.85
N ASP CA 369 45.41 -92.08 -19.88
CA ASP CA 369 46.02 -92.55 -21.11
C ASP CA 369 46.36 -91.38 -22.04
N VAL CA 370 47.50 -91.50 -22.69
CA VAL CA 370 47.97 -90.51 -23.65
C VAL CA 370 47.72 -91.07 -25.04
N PHE CA 371 47.09 -90.27 -25.91
CA PHE CA 371 46.63 -90.78 -27.19
C PHE CA 371 47.24 -90.02 -28.35
N MET CA 372 47.48 -90.75 -29.43
CA MET CA 372 47.98 -90.20 -30.68
C MET CA 372 46.81 -89.69 -31.50
N ILE CA 373 47.00 -88.56 -32.16
CA ILE CA 373 45.92 -87.94 -32.94
C ILE CA 373 45.86 -88.61 -34.32
N PRO CA 374 44.69 -89.07 -34.76
CA PRO CA 374 44.59 -89.75 -36.04
C PRO CA 374 44.70 -88.82 -37.23
N GLN CA 375 45.19 -89.36 -38.34
CA GLN CA 375 45.38 -88.57 -39.55
C GLN CA 375 44.06 -88.35 -40.27
N TYR CA 376 43.91 -87.18 -40.88
CA TYR CA 376 42.71 -86.87 -41.64
C TYR CA 376 42.88 -87.31 -43.10
N GLY CA 377 41.86 -87.94 -43.62
CA GLY CA 377 41.80 -88.30 -45.02
C GLY CA 377 40.36 -88.49 -45.38
N TYR CA 378 40.06 -88.38 -46.66
CA TYR CA 378 38.69 -88.51 -47.12
C TYR CA 378 38.67 -89.27 -48.43
N LEU CA 379 37.48 -89.72 -48.79
CA LEU CA 379 37.23 -90.37 -50.07
C LEU CA 379 36.32 -89.50 -50.89
N THR CA 380 36.44 -89.59 -52.20
CA THR CA 380 35.60 -88.84 -53.12
C THR CA 380 35.04 -89.82 -54.15
N LEU CA 381 34.26 -89.29 -55.08
CA LEU CA 381 33.64 -90.12 -56.11
C LEU CA 381 34.70 -90.88 -56.88
N ASN CA 382 34.47 -92.17 -57.07
CA ASN CA 382 35.40 -93.02 -57.78
C ASN CA 382 34.67 -93.90 -58.78
N ASN CA 383 35.35 -94.19 -59.89
CA ASN CA 383 34.90 -95.12 -60.91
C ASN CA 383 35.93 -96.24 -60.96
N GLY CA 384 35.76 -97.21 -60.08
CA GLY CA 384 36.82 -98.18 -59.87
C GLY CA 384 37.89 -97.56 -59.01
N SER CA 385 39.13 -97.67 -59.43
CA SER CA 385 40.23 -96.99 -58.76
C SER CA 385 40.50 -95.60 -59.32
N GLN CA 386 39.68 -95.15 -60.27
CA GLN CA 386 39.86 -93.86 -60.91
C GLN CA 386 38.91 -92.83 -60.32
N ALA CA 387 39.14 -91.58 -60.67
CA ALA CA 387 38.29 -90.48 -60.26
C ALA CA 387 37.32 -90.13 -61.38
N VAL CA 388 36.48 -89.14 -61.14
CA VAL CA 388 35.59 -88.60 -62.14
C VAL CA 388 35.74 -87.08 -62.13
N GLY CA 389 34.98 -86.42 -63.00
CA GLY CA 389 35.02 -84.97 -63.04
C GLY CA 389 34.51 -84.31 -61.79
N ARG CA 390 33.50 -84.90 -61.16
CA ARG CA 390 32.87 -84.36 -59.97
C ARG CA 390 33.57 -84.80 -58.70
N SER CA 391 34.66 -85.55 -58.81
CA SER CA 391 35.48 -85.84 -57.64
C SER CA 391 36.08 -84.56 -57.10
N SER CA 392 35.96 -84.35 -55.80
CA SER CA 392 36.41 -83.12 -55.17
C SER CA 392 37.77 -83.30 -54.52
N PHE CA 393 38.49 -82.21 -54.44
CA PHE CA 393 39.74 -82.14 -53.70
C PHE CA 393 39.65 -80.95 -52.77
N TYR CA 394 40.10 -81.13 -51.53
CA TYR CA 394 40.03 -80.10 -50.51
C TYR CA 394 41.43 -79.87 -49.96
N CYS CA 395 41.94 -78.65 -50.15
CA CYS CA 395 43.11 -78.21 -49.41
C CYS CA 395 42.64 -77.67 -48.08
N LEU CA 396 43.14 -78.24 -46.99
CA LEU CA 396 42.75 -77.76 -45.67
C LEU CA 396 43.52 -76.52 -45.26
N GLU CA 397 44.60 -76.18 -45.95
CA GLU CA 397 45.25 -74.90 -45.77
C GLU CA 397 44.47 -73.75 -46.39
N TYR CA 398 43.44 -74.07 -47.17
CA TYR CA 398 42.54 -73.08 -47.74
C TYR CA 398 41.47 -72.64 -46.76
N PHE CA 399 41.68 -72.87 -45.48
CA PHE CA 399 40.80 -72.45 -44.40
C PHE CA 399 41.54 -71.47 -43.50
N PRO CA 400 40.83 -70.57 -42.82
CA PRO CA 400 41.45 -69.79 -41.75
C PRO CA 400 41.74 -70.67 -40.55
N SER CA 401 43.00 -70.69 -40.13
CA SER CA 401 43.44 -71.48 -38.99
C SER CA 401 43.97 -70.53 -37.92
N GLN CA 402 43.85 -70.94 -36.67
CA GLN CA 402 44.52 -70.27 -35.58
C GLN CA 402 45.88 -70.94 -35.37
N MET CA 403 46.93 -70.13 -35.37
CA MET CA 403 48.28 -70.61 -35.14
C MET CA 403 48.61 -70.45 -33.66
N LEU CA 404 49.03 -71.55 -33.03
CA LEU CA 404 49.26 -71.60 -31.60
C LEU CA 404 50.72 -71.88 -31.34
N ARG CA 405 51.37 -70.97 -30.63
CA ARG CA 405 52.68 -71.24 -30.07
C ARG CA 405 52.49 -71.83 -28.68
N THR CA 406 53.59 -72.02 -27.94
CA THR CA 406 53.50 -72.77 -26.70
C THR CA 406 52.72 -72.03 -25.61
N GLY CA 407 52.45 -70.75 -25.77
CA GLY CA 407 51.70 -70.01 -24.76
C GLY CA 407 50.25 -69.78 -25.11
N ASN CA 408 49.80 -70.26 -26.26
CA ASN CA 408 48.46 -70.02 -26.75
C ASN CA 408 47.55 -71.21 -26.48
N ASN CA 409 46.25 -70.94 -26.45
CA ASN CA 409 45.23 -71.97 -26.36
C ASN CA 409 44.15 -71.71 -27.38
N PHE CA 410 43.26 -72.69 -27.51
CA PHE CA 410 42.19 -72.68 -28.51
C PHE CA 410 40.89 -73.07 -27.82
N THR CA 411 39.84 -72.30 -28.02
CA THR CA 411 38.55 -72.62 -27.43
C THR CA 411 37.47 -72.62 -28.51
N PHE CA 412 36.41 -73.39 -28.26
CA PHE CA 412 35.33 -73.49 -29.23
C PHE CA 412 34.08 -74.01 -28.53
N SER CA 413 32.97 -73.32 -28.73
CA SER CA 413 31.69 -73.73 -28.14
C SER CA 413 30.73 -74.19 -29.22
N TYR CA 414 29.84 -75.11 -28.85
CA TYR CA 414 28.89 -75.64 -29.81
C TYR CA 414 27.60 -75.98 -29.06
N THR CA 415 26.47 -75.71 -29.71
CA THR CA 415 25.16 -76.05 -29.18
C THR CA 415 24.52 -77.11 -30.05
N PHE CA 416 24.05 -78.19 -29.43
CA PHE CA 416 23.35 -79.23 -30.16
C PHE CA 416 21.96 -78.76 -30.55
N GLU CA 417 21.51 -79.22 -31.72
CA GLU CA 417 20.12 -79.01 -32.11
C GLU CA 417 19.21 -79.86 -31.22
N GLU CA 418 17.93 -79.53 -31.25
CA GLU CA 418 16.94 -80.26 -30.46
C GLU CA 418 16.75 -81.64 -31.08
N VAL CA 419 17.44 -82.63 -30.53
CA VAL CA 419 17.37 -84.01 -30.97
C VAL CA 419 16.46 -84.73 -29.99
N PRO CA 420 15.76 -85.79 -30.39
CA PRO CA 420 14.98 -86.56 -29.42
C PRO CA 420 15.87 -87.26 -28.40
N PHE CA 421 15.31 -87.43 -27.20
CA PHE CA 421 15.99 -88.20 -26.17
C PHE CA 421 16.24 -89.62 -26.64
N HIS CA 422 17.43 -90.12 -26.38
CA HIS CA 422 17.65 -91.56 -26.50
C HIS CA 422 16.93 -92.26 -25.36
N SER CA 423 16.35 -93.42 -25.68
CA SER CA 423 15.52 -94.20 -24.78
C SER CA 423 16.38 -95.12 -23.94
N SER CA 424 16.56 -94.79 -22.67
CA SER CA 424 17.27 -95.65 -21.74
C SER CA 424 16.34 -96.64 -21.05
N TYR CA 425 15.26 -97.03 -21.71
CA TYR CA 425 14.26 -97.91 -21.12
C TYR CA 425 13.98 -99.07 -22.06
N ALA CA 426 13.52 -100.16 -21.49
CA ALA CA 426 12.82 -101.23 -22.18
C ALA CA 426 11.32 -101.07 -21.96
N HIS CA 427 10.54 -101.83 -22.71
CA HIS CA 427 9.10 -101.83 -22.57
C HIS CA 427 8.66 -103.00 -21.72
N SER CA 428 7.74 -102.73 -20.78
CA SER CA 428 7.18 -103.76 -19.92
C SER CA 428 6.08 -104.56 -20.60
N GLN CA 429 5.61 -104.12 -21.76
CA GLN CA 429 4.59 -104.82 -22.51
C GLN CA 429 5.10 -105.11 -23.91
N SER CA 430 4.57 -106.15 -24.51
CA SER CA 430 4.83 -106.47 -25.91
C SER CA 430 3.72 -105.87 -26.77
N LEU CA 431 4.06 -105.61 -28.03
CA LEU CA 431 3.13 -104.94 -28.92
C LEU CA 431 1.91 -105.79 -29.24
N ASP CA 432 2.06 -107.10 -29.26
CA ASP CA 432 0.94 -108.00 -29.50
C ASP CA 432 0.24 -108.42 -28.22
N ARG CA 433 0.50 -107.73 -27.12
CA ARG CA 433 -0.07 -108.05 -25.82
C ARG CA 433 -0.53 -106.78 -25.12
N LEU CA 434 -1.20 -105.89 -25.85
CA LEU CA 434 -1.61 -104.60 -25.33
C LEU CA 434 -3.07 -104.58 -24.90
N MET CA 435 -3.72 -105.73 -24.87
CA MET CA 435 -5.15 -105.83 -24.62
C MET CA 435 -5.42 -106.09 -23.14
N ASN CA 436 -6.67 -105.88 -22.76
CA ASN CA 436 -7.16 -106.35 -21.48
C ASN CA 436 -7.32 -107.86 -21.54
N PRO CA 437 -6.64 -108.63 -20.70
CA PRO CA 437 -6.75 -110.09 -20.74
C PRO CA 437 -8.00 -110.66 -20.11
N LEU CA 438 -8.94 -109.83 -19.65
CA LEU CA 438 -10.16 -110.30 -19.03
C LEU CA 438 -11.40 -110.06 -19.85
N ILE CA 439 -11.39 -109.05 -20.71
CA ILE CA 439 -12.58 -108.62 -21.44
C ILE CA 439 -12.47 -109.08 -22.89
N ASP CA 440 -13.60 -109.47 -23.47
CA ASP CA 440 -13.65 -109.80 -24.87
C ASP CA 440 -13.67 -108.53 -25.72
N GLN CA 441 -13.60 -108.72 -27.03
CA GLN CA 441 -13.72 -107.62 -27.97
C GLN CA 441 -15.13 -107.55 -28.51
N TYR CA 442 -15.46 -106.42 -29.14
CA TYR CA 442 -16.69 -106.34 -29.89
C TYR CA 442 -16.47 -106.54 -31.38
N LEU CA 443 -15.25 -106.90 -31.77
CA LEU CA 443 -14.90 -107.14 -33.16
C LEU CA 443 -14.83 -108.63 -33.42
N TYR CA 444 -15.36 -109.06 -34.56
CA TYR CA 444 -15.36 -110.45 -34.95
C TYR CA 444 -14.32 -110.69 -36.03
N TYR CA 445 -13.88 -111.95 -36.12
CA TYR CA 445 -12.94 -112.37 -37.14
C TYR CA 445 -13.40 -113.70 -37.70
N LEU CA 446 -12.99 -113.99 -38.93
CA LEU CA 446 -13.29 -115.28 -39.52
C LEU CA 446 -12.44 -116.35 -38.85
N ASN CA 447 -13.10 -117.30 -38.19
CA ASN CA 447 -12.41 -118.32 -37.40
C ASN CA 447 -12.30 -119.66 -38.12
N ARG CA 448 -13.38 -120.09 -38.78
CA ARG CA 448 -13.41 -121.36 -39.50
C ARG CA 448 -13.97 -121.12 -40.89
N THR CA 449 -13.37 -121.76 -41.89
CA THR CA 449 -13.98 -121.88 -43.20
C THR CA 449 -14.42 -123.31 -43.48
N GLN CA 450 -14.42 -124.19 -42.48
CA GLN CA 450 -14.94 -125.53 -42.58
C GLN CA 450 -15.82 -125.81 -41.36
N ASN CA 451 -16.65 -126.84 -41.47
CA ASN CA 451 -17.53 -127.19 -40.36
C ASN CA 451 -16.73 -127.69 -39.18
N GLN CA 452 -17.12 -127.25 -37.99
CA GLN CA 452 -16.39 -127.61 -36.77
C GLN CA 452 -16.66 -129.04 -36.33
N SER CA 453 -17.83 -129.60 -36.67
CA SER CA 453 -18.20 -130.91 -36.16
C SER CA 453 -17.23 -131.99 -36.64
N GLY CA 454 -16.88 -131.99 -37.93
CA GLY CA 454 -15.93 -132.93 -38.47
C GLY CA 454 -16.52 -134.21 -39.01
N SER CA 455 -17.78 -134.52 -38.69
CA SER CA 455 -18.41 -135.71 -39.26
C SER CA 455 -18.50 -135.60 -40.77
N ALA CA 456 -18.85 -134.42 -41.27
CA ALA CA 456 -18.69 -134.06 -42.66
C ALA CA 456 -17.56 -133.04 -42.78
N GLN CA 457 -17.11 -132.84 -44.02
CA GLN CA 457 -16.01 -131.92 -44.31
C GLN CA 457 -16.48 -130.74 -45.16
N ASN CA 458 -17.62 -130.17 -44.81
CA ASN CA 458 -18.21 -129.10 -45.60
C ASN CA 458 -17.59 -127.76 -45.25
N LYS CA 459 -17.61 -126.85 -46.21
CA LYS CA 459 -17.13 -125.50 -45.98
C LYS CA 459 -18.17 -124.70 -45.20
N ASP CA 460 -17.74 -123.55 -44.68
CA ASP CA 460 -18.62 -122.67 -43.93
C ASP CA 460 -17.96 -121.30 -43.80
N LEU CA 461 -18.63 -120.40 -43.10
CA LEU CA 461 -18.10 -119.09 -42.75
C LEU CA 461 -18.50 -118.84 -41.30
N LEU CA 462 -17.63 -119.23 -40.38
CA LEU CA 462 -17.89 -119.13 -38.95
C LEU CA 462 -17.03 -118.03 -38.35
N PHE CA 463 -17.64 -117.13 -37.61
CA PHE CA 463 -16.97 -115.97 -37.06
C PHE CA 463 -16.94 -116.05 -35.54
N SER CA 464 -15.80 -115.70 -34.96
CA SER CA 464 -15.64 -115.69 -33.53
C SER CA 464 -15.35 -114.29 -33.04
N ARG CA 465 -15.62 -114.06 -31.76
CA ARG CA 465 -15.34 -112.81 -31.11
C ARG CA 465 -13.93 -112.81 -30.55
N GLY CA 466 -13.26 -111.66 -30.63
CA GLY CA 466 -11.95 -111.52 -30.06
C GLY CA 466 -11.96 -111.74 -28.56
N SER CA 467 -11.27 -112.77 -28.11
CA SER CA 467 -11.33 -113.21 -26.71
C SER CA 467 -9.92 -113.39 -26.18
N PRO CA 468 -9.75 -113.33 -24.85
CA PRO CA 468 -8.43 -113.58 -24.27
C PRO CA 468 -7.91 -115.00 -24.48
N ALA CA 469 -8.78 -115.94 -24.83
CA ALA CA 469 -8.31 -117.29 -25.14
C ALA CA 469 -7.40 -117.28 -26.36
N GLY CA 470 -7.84 -116.67 -27.45
CA GLY CA 470 -6.98 -116.50 -28.60
C GLY CA 470 -6.55 -115.05 -28.77
N MET CA 471 -5.33 -114.75 -28.34
CA MET CA 471 -4.81 -113.39 -28.42
C MET CA 471 -4.08 -113.14 -29.73
N SER CA 472 -3.67 -114.20 -30.43
CA SER CA 472 -2.97 -114.06 -31.70
C SER CA 472 -3.89 -113.64 -32.83
N VAL CA 473 -5.19 -113.90 -32.72
CA VAL CA 473 -6.13 -113.61 -33.79
C VAL CA 473 -6.98 -112.39 -33.51
N GLN CA 474 -6.76 -111.73 -32.38
CA GLN CA 474 -7.50 -110.52 -32.08
C GLN CA 474 -7.09 -109.39 -33.03
N PRO CA 475 -8.05 -108.61 -33.52
CA PRO CA 475 -7.69 -107.38 -34.24
C PRO CA 475 -6.86 -106.46 -33.34
N LYS CA 476 -5.86 -105.83 -33.95
CA LYS CA 476 -4.94 -104.96 -33.23
C LYS CA 476 -4.76 -103.66 -34.00
N ASN CA 477 -4.14 -102.68 -33.35
CA ASN CA 477 -4.05 -101.34 -33.89
C ASN CA 477 -2.70 -101.01 -34.51
N TRP CA 478 -1.65 -101.75 -34.20
CA TRP CA 478 -0.30 -101.39 -34.60
C TRP CA 478 0.43 -102.60 -35.15
N LEU CA 479 1.55 -102.34 -35.80
CA LEU CA 479 2.39 -103.34 -36.43
C LEU CA 479 3.82 -103.22 -35.93
N PRO CA 480 4.58 -104.32 -35.90
CA PRO CA 480 5.99 -104.24 -35.55
C PRO CA 480 6.78 -103.52 -36.63
N GLY CA 481 7.91 -102.96 -36.22
CA GLY CA 481 8.74 -102.17 -37.10
C GLY CA 481 9.24 -102.91 -38.32
N PRO CA 482 9.92 -102.19 -39.20
CA PRO CA 482 10.41 -102.80 -40.44
C PRO CA 482 11.54 -103.78 -40.17
N CYS CA 483 11.75 -104.68 -41.13
CA CYS CA 483 12.77 -105.71 -40.97
C CYS CA 483 13.55 -105.86 -42.27
N TYR CA 484 14.77 -106.36 -42.16
CA TYR CA 484 15.60 -106.76 -43.28
C TYR CA 484 16.42 -107.96 -42.84
N ARG CA 485 15.94 -109.15 -43.16
CA ARG CA 485 16.40 -110.37 -42.50
C ARG CA 485 17.90 -110.58 -42.66
N GLN CA 486 18.53 -111.04 -41.58
CA GLN CA 486 19.94 -111.38 -41.55
C GLN CA 486 20.09 -112.88 -41.41
N GLN CA 487 21.31 -113.36 -41.63
CA GLN CA 487 21.62 -114.77 -41.47
C GLN CA 487 21.94 -115.07 -40.01
N ARG CA 488 21.51 -116.25 -39.56
CA ARG CA 488 21.61 -116.61 -38.16
C ARG CA 488 22.89 -117.41 -37.93
N VAL CA 489 23.76 -116.89 -37.09
CA VAL CA 489 25.03 -117.54 -36.75
C VAL CA 489 24.99 -117.92 -35.29
N SER CA 490 25.42 -119.13 -34.99
CA SER CA 490 25.48 -119.61 -33.62
C SER CA 490 26.83 -119.28 -33.00
N LYS CA 491 26.81 -118.81 -31.76
CA LYS CA 491 28.04 -118.59 -31.01
C LYS CA 491 28.78 -119.89 -30.74
N THR CA 492 28.08 -121.02 -30.78
CA THR CA 492 28.69 -122.33 -30.73
C THR CA 492 29.00 -122.78 -32.15
N LYS CA 493 30.29 -122.82 -32.49
CA LYS CA 493 30.69 -122.96 -33.88
C LYS CA 493 30.29 -124.29 -34.51
N THR CA 494 30.03 -125.33 -33.71
CA THR CA 494 29.71 -126.62 -34.28
C THR CA 494 28.34 -126.65 -34.95
N ASP CA 495 27.43 -125.75 -34.58
CA ASP CA 495 26.11 -125.71 -35.17
C ASP CA 495 26.03 -124.87 -36.42
N ASN CA 496 27.12 -124.28 -36.86
CA ASN CA 496 27.14 -123.48 -38.06
C ASN CA 496 27.51 -124.34 -39.26
N ASN CA 497 27.03 -123.92 -40.43
CA ASN CA 497 27.30 -124.63 -41.67
C ASN CA 497 28.81 -124.63 -41.96
N ASN CA 498 29.28 -125.72 -42.55
CA ASN CA 498 30.71 -125.84 -42.89
C ASN CA 498 30.99 -125.15 -44.23
N SER CA 499 31.01 -123.83 -44.17
CA SER CA 499 31.39 -123.00 -45.31
C SER CA 499 31.69 -121.61 -44.77
N ASN CA 500 32.17 -120.74 -45.65
CA ASN CA 500 32.48 -119.39 -45.21
C ASN CA 500 31.22 -118.55 -45.08
N PHE CA 501 30.55 -118.29 -46.21
CA PHE CA 501 29.22 -117.69 -46.27
C PHE CA 501 29.10 -116.38 -45.48
N THR CA 502 30.22 -115.80 -45.06
CA THR CA 502 30.18 -114.46 -44.49
C THR CA 502 30.02 -113.38 -45.54
N TRP CA 503 30.30 -113.67 -46.78
CA TRP CA 503 30.03 -112.74 -47.86
C TRP CA 503 28.98 -113.26 -48.82
N THR CA 504 28.99 -114.55 -49.14
CA THR CA 504 28.00 -115.07 -50.08
C THR CA 504 26.62 -115.19 -49.48
N GLY CA 505 26.52 -115.41 -48.17
CA GLY CA 505 25.23 -115.62 -47.54
C GLY CA 505 24.77 -114.46 -46.69
N ALA CA 506 25.28 -113.26 -46.96
CA ALA CA 506 25.04 -112.11 -46.12
C ALA CA 506 24.12 -111.10 -46.79
N SER CA 507 23.37 -110.38 -45.95
CA SER CA 507 22.51 -109.30 -46.42
C SER CA 507 23.37 -108.12 -46.82
N LYS CA 508 23.28 -107.71 -48.07
CA LYS CA 508 24.09 -106.61 -48.57
C LYS CA 508 23.26 -105.80 -49.54
N TYR CA 509 23.70 -104.57 -49.79
CA TYR CA 509 23.00 -103.68 -50.70
C TYR CA 509 23.87 -103.33 -51.88
N ASN CA 510 23.22 -103.02 -52.99
CA ASN CA 510 23.88 -102.71 -54.25
C ASN CA 510 23.85 -101.20 -54.46
N LEU CA 511 25.01 -100.61 -54.71
CA LEU CA 511 25.10 -99.16 -54.94
C LEU CA 511 26.15 -98.90 -56.01
N ASN CA 512 25.72 -98.42 -57.16
CA ASN CA 512 26.60 -98.11 -58.28
C ASN CA 512 27.42 -99.33 -58.71
N GLY CA 513 26.80 -100.51 -58.61
CA GLY CA 513 27.42 -101.72 -59.09
C GLY CA 513 28.29 -102.46 -58.11
N ARG CA 514 28.54 -101.92 -56.93
CA ARG CA 514 29.33 -102.60 -55.93
C ARG CA 514 28.53 -102.81 -54.66
N GLU CA 515 28.71 -103.99 -54.07
CA GLU CA 515 27.91 -104.45 -52.95
C GLU CA 515 28.56 -104.05 -51.64
N SER CA 516 27.72 -103.79 -50.64
CA SER CA 516 28.18 -103.39 -49.31
C SER CA 516 27.35 -104.13 -48.28
N ILE CA 517 28.01 -104.74 -47.31
CA ILE CA 517 27.30 -105.42 -46.23
C ILE CA 517 26.49 -104.39 -45.47
N ILE CA 518 25.29 -104.77 -45.04
CA ILE CA 518 24.42 -103.84 -44.33
C ILE CA 518 25.05 -103.40 -43.02
N ASN CA 519 25.22 -104.33 -42.07
CA ASN CA 519 26.09 -104.14 -40.91
C ASN CA 519 25.93 -102.79 -40.20
N PRO CA 520 24.94 -102.62 -39.31
CA PRO CA 520 24.00 -103.62 -38.81
C PRO CA 520 22.58 -103.42 -39.34
N GLY CA 521 22.33 -102.29 -39.98
CA GLY CA 521 21.05 -102.09 -40.62
C GLY CA 521 19.93 -101.84 -39.64
N THR CA 522 18.76 -102.40 -39.96
CA THR CA 522 17.56 -102.15 -39.19
C THR CA 522 17.72 -102.60 -37.75
N ALA CA 523 17.14 -101.84 -36.83
CA ALA CA 523 17.20 -102.16 -35.41
C ALA CA 523 16.23 -103.28 -35.13
N MET CA 524 16.75 -104.49 -34.97
CA MET CA 524 15.94 -105.67 -34.73
C MET CA 524 16.51 -106.45 -33.55
N ALA CA 525 15.66 -107.29 -32.98
CA ALA CA 525 16.09 -108.15 -31.88
C ALA CA 525 17.14 -109.15 -32.37
N SER CA 526 18.18 -109.34 -31.56
CA SER CA 526 19.26 -110.25 -31.93
C SER CA 526 18.77 -111.69 -32.03
N HIS CA 527 17.90 -112.12 -31.12
CA HIS CA 527 17.42 -113.49 -31.09
C HIS CA 527 16.05 -113.50 -30.43
N LYS CA 528 15.48 -114.69 -30.32
CA LYS CA 528 14.22 -114.90 -29.62
C LYS CA 528 14.49 -115.21 -28.16
N ASP CA 529 13.45 -115.62 -27.44
CA ASP CA 529 13.60 -116.11 -26.09
C ASP CA 529 14.28 -117.47 -26.11
N ASP CA 530 15.16 -117.70 -25.13
CA ASP CA 530 15.86 -118.98 -24.96
C ASP CA 530 16.71 -119.32 -26.19
N GLU CA 531 17.24 -118.31 -26.85
CA GLU CA 531 18.02 -118.49 -28.08
C GLU CA 531 19.24 -117.58 -28.07
N ASP CA 532 19.83 -117.35 -26.90
CA ASP CA 532 20.95 -116.44 -26.78
C ASP CA 532 22.19 -116.92 -27.52
N LYS CA 533 22.23 -118.18 -27.92
CA LYS CA 533 23.36 -118.74 -28.66
C LYS CA 533 23.44 -118.26 -30.10
N PHE CA 534 22.42 -117.59 -30.60
CA PHE CA 534 22.37 -117.12 -31.98
C PHE CA 534 22.45 -115.62 -32.05
N PHE CA 535 23.14 -115.12 -33.07
CA PHE CA 535 23.17 -113.71 -33.37
C PHE CA 535 23.10 -113.51 -34.88
N PRO CA 536 22.54 -112.40 -35.34
CA PRO CA 536 22.57 -112.11 -36.78
C PRO CA 536 23.99 -111.90 -37.26
N MET CA 537 24.26 -112.34 -38.48
CA MET CA 537 25.64 -112.40 -38.95
C MET CA 537 26.28 -111.02 -38.99
N SER CA 538 25.54 -110.01 -39.42
CA SER CA 538 26.04 -108.64 -39.43
C SER CA 538 24.97 -107.69 -38.89
N GLY CA 539 24.33 -108.09 -37.81
CA GLY CA 539 23.25 -107.30 -37.27
C GLY CA 539 23.53 -106.76 -35.88
N VAL CA 540 24.73 -107.02 -35.38
CA VAL CA 540 25.07 -106.67 -34.00
C VAL CA 540 26.35 -105.85 -34.02
N MET CA 541 26.47 -104.96 -33.04
CA MET CA 541 27.71 -104.22 -32.82
C MET CA 541 28.68 -105.09 -32.04
N ILE CA 542 29.86 -105.30 -32.59
CA ILE CA 542 30.87 -106.16 -31.99
C ILE CA 542 32.05 -105.29 -31.59
N PHE CA 543 32.35 -105.26 -30.30
CA PHE CA 543 33.50 -104.54 -29.79
C PHE CA 543 34.60 -105.54 -29.48
N GLY CA 544 35.84 -105.15 -29.79
CA GLY CA 544 36.98 -105.99 -29.49
C GLY CA 544 37.51 -105.71 -28.10
N LYS CA 545 37.89 -106.78 -27.41
CA LYS CA 545 38.58 -106.60 -26.15
C LYS CA 545 40.03 -106.21 -26.41
N GLU CA 546 40.70 -105.74 -25.37
CA GLU CA 546 42.13 -105.55 -25.49
C GLU CA 546 42.81 -106.89 -25.70
N SER CA 547 43.90 -106.87 -26.46
CA SER CA 547 44.53 -108.09 -26.96
C SER CA 547 43.62 -108.83 -27.95
N ALA CA 548 42.95 -108.08 -28.81
CA ALA CA 548 42.25 -108.64 -29.95
C ALA CA 548 42.97 -108.21 -31.22
N GLY CA 549 43.22 -109.18 -32.09
CA GLY CA 549 43.92 -108.88 -33.33
C GLY CA 549 43.08 -108.06 -34.27
N ALA CA 550 43.75 -107.53 -35.30
CA ALA CA 550 43.04 -106.73 -36.29
C ALA CA 550 42.23 -107.61 -37.24
N SER CA 551 42.72 -108.81 -37.55
CA SER CA 551 42.08 -109.68 -38.53
C SER CA 551 41.96 -111.09 -37.99
N ASN CA 552 40.79 -111.70 -38.19
CA ASN CA 552 40.54 -113.09 -37.85
C ASN CA 552 40.84 -113.39 -36.37
N THR CA 553 40.45 -112.47 -35.50
CA THR CA 553 40.55 -112.72 -34.07
C THR CA 553 39.43 -113.67 -33.63
N ALA CA 554 39.42 -114.00 -32.35
CA ALA CA 554 38.54 -115.03 -31.85
C ALA CA 554 37.29 -114.47 -31.16
N LEU CA 555 36.26 -115.32 -31.13
CA LEU CA 555 35.04 -115.00 -30.40
C LEU CA 555 35.34 -114.69 -28.94
N ASP CA 556 36.40 -115.29 -28.41
CA ASP CA 556 36.83 -114.99 -27.05
C ASP CA 556 37.41 -113.59 -26.96
N ASN CA 557 37.94 -113.07 -28.06
CA ASN CA 557 38.55 -111.75 -28.05
C ASN CA 557 37.58 -110.65 -28.43
N VAL CA 558 36.39 -110.98 -28.93
CA VAL CA 558 35.40 -109.96 -29.25
C VAL CA 558 34.25 -110.03 -28.25
N MET CA 559 33.54 -108.90 -28.12
CA MET CA 559 32.33 -108.80 -27.31
C MET CA 559 31.15 -108.49 -28.22
N ILE CA 560 30.23 -109.42 -28.33
CA ILE CA 560 29.04 -109.26 -29.17
C ILE CA 560 27.92 -108.66 -28.34
N THR CA 561 27.32 -107.59 -28.84
CA THR CA 561 26.22 -106.97 -28.13
C THR CA 561 24.92 -107.75 -28.36
N ASP CA 562 23.92 -107.41 -27.58
CA ASP CA 562 22.61 -108.04 -27.66
C ASP CA 562 21.54 -106.95 -27.69
N GLU CA 563 20.52 -107.16 -28.51
CA GLU CA 563 19.39 -106.25 -28.60
C GLU CA 563 18.12 -106.93 -28.10
N GLU CA 564 18.22 -107.60 -26.96
CA GLU CA 564 17.14 -108.43 -26.48
C GLU CA 564 15.99 -107.60 -25.91
N GLU CA 565 16.24 -106.33 -25.61
CA GLU CA 565 15.23 -105.52 -24.93
C GLU CA 565 14.17 -104.99 -25.88
N ILE CA 566 14.42 -105.02 -27.19
CA ILE CA 566 13.50 -104.45 -28.15
C ILE CA 566 12.68 -105.52 -28.85
N LYS CA 567 12.60 -106.72 -28.27
CA LYS CA 567 11.69 -107.74 -28.77
C LYS CA 567 10.23 -107.34 -28.64
N ALA CA 568 9.93 -106.36 -27.79
CA ALA CA 568 8.55 -105.98 -27.55
C ALA CA 568 7.93 -105.30 -28.76
N THR CA 569 8.75 -104.63 -29.58
CA THR CA 569 8.24 -103.87 -30.72
C THR CA 569 8.93 -104.19 -32.04
N ASN CA 570 10.12 -104.78 -32.02
CA ASN CA 570 10.89 -104.99 -33.23
C ASN CA 570 10.93 -106.46 -33.60
N PRO CA 571 10.93 -106.78 -34.90
CA PRO CA 571 11.08 -108.17 -35.31
C PRO CA 571 12.46 -108.70 -34.97
N VAL CA 572 12.55 -110.02 -34.82
CA VAL CA 572 13.84 -110.65 -34.59
C VAL CA 572 14.64 -110.61 -35.88
N ALA CA 573 15.93 -110.27 -35.76
CA ALA CA 573 16.75 -109.97 -36.93
C ALA CA 573 16.92 -111.16 -37.86
N THR CA 574 16.88 -112.38 -37.35
CA THR CA 574 17.17 -113.56 -38.13
C THR CA 574 15.93 -114.27 -38.66
N GLU CA 575 14.74 -113.72 -38.42
CA GLU CA 575 13.51 -114.35 -38.86
C GLU CA 575 12.68 -113.39 -39.70
N ARG CA 576 11.72 -113.98 -40.41
CA ARG CA 576 10.90 -113.21 -41.34
C ARG CA 576 10.03 -112.22 -40.59
N PHE CA 577 9.64 -111.16 -41.29
CA PHE CA 577 8.64 -110.24 -40.73
C PHE CA 577 7.32 -110.97 -40.53
N GLY CA 578 6.94 -111.81 -41.49
CA GLY CA 578 5.69 -112.52 -41.41
C GLY CA 578 5.40 -113.20 -42.73
N THR CA 579 4.15 -113.60 -42.89
CA THR CA 579 3.68 -114.23 -44.11
C THR CA 579 2.67 -113.32 -44.79
N VAL CA 580 2.52 -113.53 -46.09
CA VAL CA 580 1.61 -112.75 -46.92
C VAL CA 580 0.92 -113.69 -47.89
N ALA CA 581 -0.35 -113.40 -48.19
CA ALA CA 581 -1.05 -114.17 -49.21
C ALA CA 581 -0.46 -113.88 -50.57
N VAL CA 582 -0.35 -114.91 -51.41
CA VAL CA 582 0.29 -114.77 -52.71
C VAL CA 582 -0.57 -115.25 -53.86
N ASN CA 583 -1.81 -115.66 -53.61
CA ASN CA 583 -2.68 -116.14 -54.68
C ASN CA 583 -4.13 -115.90 -54.28
N PHE CA 584 -5.04 -116.40 -55.09
CA PHE CA 584 -6.48 -116.40 -54.80
C PHE CA 584 -6.90 -117.83 -54.52
N GLN CA 585 -7.43 -118.07 -53.32
CA GLN CA 585 -8.00 -119.38 -53.02
C GLN CA 585 -9.37 -119.51 -53.68
N SER CA 586 -9.67 -120.72 -54.13
CA SER CA 586 -10.95 -120.97 -54.79
C SER CA 586 -11.26 -122.46 -54.69
N SER CA 587 -12.53 -122.79 -54.92
CA SER CA 587 -12.98 -124.17 -54.95
C SER CA 587 -13.07 -124.66 -56.39
N SER CA 588 -13.13 -125.98 -56.54
CA SER CA 588 -13.26 -126.58 -57.86
C SER CA 588 -14.65 -126.31 -58.42
N THR CA 589 -14.72 -126.18 -59.74
CA THR CA 589 -15.99 -125.93 -60.42
C THR CA 589 -16.10 -126.75 -61.70
N VAL CA 592 -14.63 -124.38 -63.81
CA VAL CA 592 -13.18 -124.34 -63.65
C VAL CA 592 -12.75 -125.40 -62.65
N PRO CA 593 -12.59 -126.64 -63.13
CA PRO CA 593 -12.26 -127.75 -62.22
C PRO CA 593 -10.79 -127.78 -61.83
N PHE CA 594 -10.23 -126.62 -61.49
CA PHE CA 594 -8.86 -126.51 -61.02
C PHE CA 594 -8.90 -125.80 -59.68
N LYS CA 595 -9.06 -126.58 -58.61
CA LYS CA 595 -9.09 -126.04 -57.26
C LYS CA 595 -7.77 -125.38 -56.91
N THR CA 596 -7.83 -124.21 -56.29
CA THR CA 596 -6.64 -123.45 -55.90
C THR CA 596 -6.58 -123.36 -54.39
N ASP CA 597 -5.60 -124.03 -53.79
CA ASP CA 597 -5.37 -123.90 -52.37
C ASP CA 597 -4.78 -122.53 -52.05
N PRO CA 598 -5.14 -121.95 -50.91
CA PRO CA 598 -4.49 -120.70 -50.50
C PRO CA 598 -3.01 -120.89 -50.28
N ALA CA 599 -2.23 -119.87 -50.63
CA ALA CA 599 -0.78 -119.95 -50.54
C ALA CA 599 -0.23 -118.68 -49.90
N THR CA 600 0.73 -118.88 -49.01
CA THR CA 600 1.41 -117.79 -48.33
C THR CA 600 2.89 -117.84 -48.62
N GLY CA 601 3.52 -116.69 -48.56
CA GLY CA 601 4.97 -116.59 -48.70
C GLY CA 601 5.55 -115.78 -47.58
N ASP CA 602 6.79 -116.13 -47.23
CA ASP CA 602 7.48 -115.44 -46.15
C ASP CA 602 7.95 -114.07 -46.62
N VAL CA 603 7.81 -113.09 -45.75
CA VAL CA 603 8.22 -111.71 -46.02
C VAL CA 603 9.53 -111.48 -45.28
N HIS CA 604 10.62 -111.37 -46.03
CA HIS CA 604 11.95 -111.30 -45.43
C HIS CA 604 12.44 -109.86 -45.26
N ALA CA 605 12.08 -108.98 -46.18
CA ALA CA 605 12.38 -107.56 -46.08
C ALA CA 605 11.08 -106.80 -46.17
N MET CA 606 10.78 -106.01 -45.14
CA MET CA 606 9.53 -105.25 -45.07
C MET CA 606 9.88 -103.79 -44.84
N GLY CA 607 9.44 -102.94 -45.74
CA GLY CA 607 9.58 -101.51 -45.57
C GLY CA 607 8.52 -100.96 -44.65
N ALA CA 608 8.58 -99.65 -44.44
CA ALA CA 608 7.69 -99.00 -43.48
C ALA CA 608 6.25 -99.04 -43.98
N LEU CA 609 5.36 -99.58 -43.16
CA LEU CA 609 3.92 -99.54 -43.34
C LEU CA 609 3.30 -98.60 -42.31
N PRO CA 610 2.22 -97.91 -42.65
CA PRO CA 610 1.54 -97.08 -41.64
C PRO CA 610 1.02 -97.96 -40.52
N GLY CA 611 1.13 -97.44 -39.30
CA GLY CA 611 0.84 -98.19 -38.11
C GLY CA 611 2.03 -98.90 -37.50
N MET CA 612 3.18 -98.89 -38.17
CA MET CA 612 4.37 -99.52 -37.65
C MET CA 612 4.97 -98.71 -36.50
N VAL CA 613 5.44 -99.41 -35.48
CA VAL CA 613 6.16 -98.79 -34.36
C VAL CA 613 7.41 -99.61 -34.09
N TRP CA 614 8.48 -98.93 -33.70
CA TRP CA 614 9.75 -99.61 -33.48
C TRP CA 614 10.58 -98.82 -32.50
N GLN CA 615 11.60 -99.48 -31.97
CA GLN CA 615 12.65 -98.85 -31.19
C GLN CA 615 13.94 -98.79 -31.99
N ASP CA 616 14.75 -97.78 -31.69
CA ASP CA 616 16.04 -97.64 -32.34
C ASP CA 616 17.07 -98.52 -31.65
N ARG CA 617 18.27 -98.58 -32.24
CA ARG CA 617 19.35 -99.34 -31.63
C ARG CA 617 19.80 -98.69 -30.34
N ASP CA 618 20.29 -99.53 -29.42
CA ASP CA 618 20.81 -99.04 -28.16
C ASP CA 618 22.17 -98.39 -28.34
N VAL CA 619 22.51 -97.49 -27.43
CA VAL CA 619 23.83 -96.91 -27.36
C VAL CA 619 24.60 -97.60 -26.25
N TYR CA 620 25.92 -97.63 -26.38
CA TYR CA 620 26.78 -98.32 -25.44
C TYR CA 620 27.86 -97.36 -24.95
N LEU CA 621 28.44 -97.69 -23.80
CA LEU CA 621 29.51 -96.87 -23.27
C LEU CA 621 30.70 -96.82 -24.22
N GLN CA 622 30.94 -97.89 -24.95
CA GLN CA 622 32.03 -97.96 -25.93
C GLN CA 622 31.61 -97.52 -27.32
N GLY CA 623 30.35 -97.13 -27.52
CA GLY CA 623 29.84 -96.88 -28.84
C GLY CA 623 29.79 -95.42 -29.22
N PRO CA 624 29.42 -95.14 -30.46
CA PRO CA 624 29.37 -93.75 -30.93
C PRO CA 624 28.22 -92.97 -30.31
N ILE CA 625 28.39 -91.66 -30.26
CA ILE CA 625 27.37 -90.76 -29.72
C ILE CA 625 26.47 -90.23 -30.83
N TRP CA 626 27.05 -89.66 -31.88
CA TRP CA 626 26.28 -88.99 -32.91
C TRP CA 626 26.77 -89.40 -34.29
N ALA CA 627 26.04 -88.93 -35.29
CA ALA CA 627 26.43 -89.06 -36.67
C ALA CA 627 25.83 -87.91 -37.46
N LYS CA 628 26.56 -87.41 -38.44
CA LYS CA 628 26.02 -86.41 -39.35
C LYS CA 628 25.00 -87.04 -40.28
N ILE CA 629 23.82 -86.46 -40.35
CA ILE CA 629 22.81 -86.90 -41.32
C ILE CA 629 23.21 -86.40 -42.70
N PRO CA 630 23.29 -87.27 -43.70
CA PRO CA 630 23.70 -86.82 -45.03
C PRO CA 630 22.78 -85.74 -45.57
N HIS CA 631 23.38 -84.77 -46.25
CA HIS CA 631 22.62 -83.66 -46.83
C HIS CA 631 22.02 -84.14 -48.15
N THR CA 632 20.84 -84.74 -48.04
CA THR CA 632 20.11 -85.30 -49.16
C THR CA 632 18.72 -84.68 -49.23
N ASP CA 633 18.04 -84.92 -50.34
CA ASP CA 633 16.67 -84.44 -50.49
C ASP CA 633 15.73 -85.13 -49.52
N GLY CA 634 15.88 -86.44 -49.36
CA GLY CA 634 15.00 -87.18 -48.47
C GLY CA 634 15.78 -88.12 -47.59
N HIS CA 635 15.21 -88.37 -46.42
CA HIS CA 635 15.70 -89.37 -45.50
C HIS CA 635 14.56 -89.80 -44.60
N PHE CA 636 14.51 -91.07 -44.27
CA PHE CA 636 13.44 -91.62 -43.46
C PHE CA 636 14.00 -91.98 -42.09
N HIS CA 637 13.47 -91.32 -41.05
CA HIS CA 637 13.86 -91.55 -39.66
C HIS CA 637 15.37 -91.49 -39.50
N PRO CA 638 15.97 -90.31 -39.62
CA PRO CA 638 17.43 -90.20 -39.73
C PRO CA 638 18.16 -90.44 -38.41
N SER CA 639 17.94 -91.63 -37.85
CA SER CA 639 18.66 -92.10 -36.70
C SER CA 639 19.77 -93.04 -37.15
N PRO CA 640 21.02 -92.82 -36.75
CA PRO CA 640 22.12 -93.62 -37.27
C PRO CA 640 21.93 -95.10 -36.95
N LEU CA 641 22.34 -95.95 -37.89
CA LEU CA 641 22.09 -97.37 -37.74
C LEU CA 641 23.04 -98.01 -36.74
N MET CA 642 24.18 -97.40 -36.48
CA MET CA 642 25.03 -97.86 -35.40
C MET CA 642 24.52 -97.45 -34.03
N GLY CA 643 23.56 -96.56 -33.97
CA GLY CA 643 23.05 -96.07 -32.71
C GLY CA 643 23.56 -94.68 -32.42
N GLY CA 644 22.74 -93.91 -31.71
CA GLY CA 644 23.13 -92.56 -31.35
C GLY CA 644 22.18 -91.51 -31.87
N PHE CA 645 22.66 -90.28 -31.93
CA PHE CA 645 21.86 -89.13 -32.34
C PHE CA 645 22.28 -88.72 -33.75
N GLY CA 646 21.32 -88.66 -34.65
CA GLY CA 646 21.57 -88.12 -35.97
C GLY CA 646 21.40 -86.61 -35.95
N LEU CA 647 22.45 -85.88 -36.31
CA LEU CA 647 22.42 -84.43 -36.27
C LEU CA 647 22.65 -83.88 -37.67
N LYS CA 648 21.81 -82.92 -38.07
CA LYS CA 648 22.05 -82.24 -39.35
C LYS CA 648 23.30 -81.39 -39.28
N ASN CA 649 23.50 -80.67 -38.18
CA ASN CA 649 24.73 -79.94 -37.91
C ASN CA 649 25.39 -80.58 -36.70
N PRO CA 650 26.20 -81.61 -36.88
CA PRO CA 650 26.83 -82.27 -35.74
C PRO CA 650 27.96 -81.40 -35.20
N PRO CA 651 28.59 -81.82 -34.10
CA PRO CA 651 29.79 -81.13 -33.66
C PRO CA 651 30.84 -81.13 -34.76
N PRO CA 652 31.38 -79.96 -35.10
CA PRO CA 652 32.28 -79.87 -36.23
C PRO CA 652 33.62 -80.53 -35.95
N GLN CA 653 34.31 -80.86 -37.03
CA GLN CA 653 35.63 -81.45 -36.92
C GLN CA 653 36.65 -80.40 -36.54
N ILE CA 654 37.47 -80.71 -35.55
CA ILE CA 654 38.60 -79.89 -35.15
C ILE CA 654 39.85 -80.51 -35.78
N LEU CA 655 40.51 -79.76 -36.64
CA LEU CA 655 41.64 -80.23 -37.40
C LEU CA 655 42.89 -79.49 -36.96
N ILE CA 656 43.96 -80.24 -36.76
CA ILE CA 656 45.17 -79.73 -36.15
C ILE CA 656 46.36 -80.28 -36.91
N LYS CA 657 47.38 -79.46 -37.12
CA LYS CA 657 48.61 -79.98 -37.68
C LYS CA 657 49.78 -79.12 -37.21
N ASN CA 658 50.97 -79.69 -37.31
CA ASN CA 658 52.19 -78.94 -37.00
C ASN CA 658 52.55 -78.08 -38.20
N THR CA 659 52.82 -76.80 -37.97
CA THR CA 659 53.28 -75.96 -39.06
C THR CA 659 54.66 -76.44 -39.52
N PRO CA 660 54.87 -76.66 -40.80
CA PRO CA 660 56.19 -77.14 -41.26
C PRO CA 660 57.27 -76.11 -40.99
N VAL CA 661 58.42 -76.59 -40.53
CA VAL CA 661 59.60 -75.77 -40.32
C VAL CA 661 60.66 -76.25 -41.29
N PRO CA 662 61.00 -75.49 -42.32
CA PRO CA 662 61.99 -75.94 -43.29
C PRO CA 662 63.37 -76.06 -42.68
N ALA CA 663 64.17 -76.98 -43.22
CA ALA CA 663 65.56 -77.10 -42.85
C ALA CA 663 66.38 -76.03 -43.58
N ASN CA 664 67.69 -76.16 -43.55
CA ASN CA 664 68.57 -75.15 -44.10
C ASN CA 664 68.38 -75.05 -45.61
N PRO CA 665 68.02 -73.88 -46.14
CA PRO CA 665 67.84 -73.73 -47.58
C PRO CA 665 69.19 -73.61 -48.28
N PRO CA 666 69.24 -73.84 -49.59
CA PRO CA 666 70.50 -73.68 -50.32
C PRO CA 666 70.94 -72.22 -50.38
N ALA CA 667 72.22 -72.02 -50.66
CA ALA CA 667 72.76 -70.67 -50.79
C ALA CA 667 72.20 -69.95 -52.00
N GLU CA 668 72.04 -70.66 -53.11
CA GLU CA 668 71.42 -70.13 -54.33
C GLU CA 668 69.93 -70.46 -54.35
N PHE CA 669 69.17 -69.60 -55.00
CA PHE CA 669 67.72 -69.74 -55.05
C PHE CA 669 67.32 -70.92 -55.93
N SER CA 670 66.33 -71.67 -55.47
CA SER CA 670 65.74 -72.76 -56.22
C SER CA 670 64.23 -72.66 -56.11
N ALA CA 671 63.55 -72.71 -57.25
CA ALA CA 671 62.09 -72.63 -57.25
C ALA CA 671 61.42 -73.95 -56.92
N THR CA 672 62.18 -75.05 -56.91
CA THR CA 672 61.63 -76.32 -56.49
C THR CA 672 61.13 -76.22 -55.06
N LYS CA 673 59.92 -76.74 -54.82
CA LYS CA 673 59.31 -76.61 -53.51
C LYS CA 673 60.13 -77.36 -52.47
N PHE CA 674 60.07 -76.87 -51.23
CA PHE CA 674 60.85 -77.43 -50.16
C PHE CA 674 60.44 -78.86 -49.87
N ALA CA 675 61.43 -79.73 -49.68
CA ALA CA 675 61.18 -81.11 -49.31
C ALA CA 675 61.94 -81.49 -48.04
N SER CA 676 62.86 -80.68 -47.58
CA SER CA 676 63.64 -80.93 -46.38
C SER CA 676 63.04 -80.11 -45.24
N PHE CA 677 62.54 -80.79 -44.23
CA PHE CA 677 61.90 -80.13 -43.10
C PHE CA 677 62.54 -80.59 -41.80
N ILE CA 678 62.45 -79.73 -40.81
CA ILE CA 678 62.87 -80.06 -39.46
C ILE CA 678 61.83 -81.00 -38.85
N THR CA 679 62.27 -82.16 -38.39
CA THR CA 679 61.35 -83.18 -37.91
C THR CA 679 60.86 -82.82 -36.53
N GLN CA 680 59.54 -82.72 -36.36
CA GLN CA 680 59.01 -82.34 -35.07
C GLN CA 680 57.60 -82.88 -34.89
N TYR CA 681 57.19 -82.94 -33.64
CA TYR CA 681 55.84 -83.32 -33.26
C TYR CA 681 55.36 -82.35 -32.21
N SER CA 682 54.12 -82.51 -31.76
CA SER CA 682 53.60 -81.67 -30.71
C SER CA 682 52.80 -82.51 -29.72
N THR CA 683 52.69 -81.98 -28.51
CA THR CA 683 51.93 -82.62 -27.46
C THR CA 683 51.12 -81.55 -26.75
N GLY CA 684 50.09 -81.98 -26.05
CA GLY CA 684 49.29 -81.01 -25.34
C GLY CA 684 48.14 -81.66 -24.60
N GLN CA 685 47.24 -80.82 -24.10
CA GLN CA 685 46.07 -81.26 -23.37
C GLN CA 685 44.82 -80.79 -24.09
N VAL CA 686 43.81 -81.64 -24.09
CA VAL CA 686 42.52 -81.35 -24.72
C VAL CA 686 41.43 -81.58 -23.69
N SER CA 687 40.50 -80.63 -23.59
CA SER CA 687 39.35 -80.73 -22.70
C SER CA 687 38.08 -80.68 -23.51
N VAL CA 688 37.15 -81.58 -23.21
CA VAL CA 688 35.82 -81.56 -23.79
C VAL CA 688 34.81 -81.61 -22.65
N GLU CA 689 33.88 -80.66 -22.64
CA GLU CA 689 32.82 -80.60 -21.65
C GLU CA 689 31.48 -80.67 -22.36
N ILE CA 690 30.67 -81.66 -22.05
CA ILE CA 690 29.34 -81.80 -22.62
C ILE CA 690 28.30 -81.70 -21.52
N GLU CA 691 27.33 -80.82 -21.71
CA GLU CA 691 26.11 -80.80 -20.93
C GLU CA 691 25.08 -81.67 -21.61
N TRP CA 692 24.49 -82.59 -20.85
CA TRP CA 692 23.45 -83.50 -21.29
C TRP CA 692 22.18 -83.24 -20.50
N GLU CA 693 21.05 -83.23 -21.20
CA GLU CA 693 19.74 -83.16 -20.59
C GLU CA 693 19.24 -84.57 -20.31
N LEU CA 694 18.70 -84.75 -19.11
CA LEU CA 694 18.18 -86.03 -18.64
C LEU CA 694 16.66 -86.01 -18.67
N GLN CA 695 16.10 -87.20 -18.82
CA GLN CA 695 14.66 -87.41 -18.78
C GLN CA 695 14.44 -88.48 -17.72
N LYS CA 696 13.96 -88.04 -16.56
CA LYS CA 696 13.84 -88.87 -15.38
C LYS CA 696 12.70 -89.88 -15.53
N GLU CA 697 12.87 -91.02 -14.88
CA GLU CA 697 11.78 -91.99 -14.80
C GLU CA 697 10.67 -91.42 -13.93
N ASN CA 698 9.43 -91.76 -14.28
CA ASN CA 698 8.26 -91.39 -13.50
C ASN CA 698 7.38 -92.61 -13.25
N SER CA 699 8.01 -93.74 -12.99
CA SER CA 699 7.32 -95.03 -13.04
C SER CA 699 6.48 -95.26 -11.79
N LYS CA 700 5.36 -95.97 -11.98
CA LYS CA 700 4.51 -96.42 -10.90
C LYS CA 700 4.63 -97.92 -10.68
N ARG CA 701 5.66 -98.53 -11.25
CA ARG CA 701 5.89 -99.96 -11.10
C ARG CA 701 6.15 -100.31 -9.64
N TRP CA 702 5.58 -101.43 -9.20
CA TRP CA 702 5.68 -101.82 -7.80
C TRP CA 702 6.93 -102.63 -7.50
N ASN CA 703 7.18 -103.68 -8.29
CA ASN CA 703 8.32 -104.54 -8.05
C ASN CA 703 9.61 -103.84 -8.46
N PRO CA 704 10.74 -104.26 -7.91
CA PRO CA 704 12.01 -103.61 -8.25
C PRO CA 704 12.40 -103.82 -9.70
N GLU CA 705 13.13 -102.84 -10.22
CA GLU CA 705 13.58 -102.84 -11.61
C GLU CA 705 14.87 -103.62 -11.77
N VAL CA 706 15.17 -103.99 -12.99
CA VAL CA 706 16.47 -104.53 -13.35
C VAL CA 706 17.46 -103.38 -13.46
N GLN CA 707 18.60 -103.52 -12.79
CA GLN CA 707 19.63 -102.51 -12.79
C GLN CA 707 20.93 -103.11 -13.29
N TYR CA 708 21.79 -102.28 -13.86
CA TYR CA 708 23.15 -102.72 -14.14
C TYR CA 708 23.94 -102.69 -12.84
N THR CA 709 24.58 -103.80 -12.52
CA THR CA 709 25.29 -103.91 -11.26
C THR CA 709 26.64 -104.57 -11.48
N SER CA 710 27.58 -104.24 -10.60
CA SER CA 710 28.80 -105.01 -10.48
C SER CA 710 28.51 -106.35 -9.83
N ASN CA 711 29.27 -107.36 -10.22
CA ASN CA 711 29.14 -108.67 -9.59
C ASN CA 711 29.90 -108.66 -8.27
N TYR CA 712 29.23 -109.09 -7.21
CA TYR CA 712 29.87 -109.25 -5.90
C TYR CA 712 30.42 -110.67 -5.85
N ALA CA 713 31.74 -110.79 -5.87
CA ALA CA 713 32.39 -112.09 -5.79
C ALA CA 713 33.88 -111.85 -5.74
N LYS CA 714 34.59 -112.76 -5.08
CA LYS CA 714 36.04 -112.69 -5.12
C LYS CA 714 36.51 -112.92 -6.56
N SER CA 715 37.21 -111.93 -7.11
CA SER CA 715 37.72 -112.00 -8.46
C SER CA 715 39.17 -111.54 -8.44
N ALA CA 716 39.95 -112.05 -9.39
CA ALA CA 716 41.35 -111.68 -9.46
C ALA CA 716 41.52 -110.20 -9.76
N ASN CA 717 40.58 -109.61 -10.50
CA ASN CA 717 40.61 -108.21 -10.86
C ASN CA 717 39.26 -107.58 -10.58
N VAL CA 718 39.23 -106.26 -10.57
CA VAL CA 718 37.99 -105.49 -10.52
C VAL CA 718 37.64 -105.08 -11.94
N ASP CA 719 36.36 -105.14 -12.27
CA ASP CA 719 35.91 -104.77 -13.60
C ASP CA 719 36.09 -103.28 -13.85
N PHE CA 720 36.44 -102.94 -15.09
CA PHE CA 720 36.66 -101.56 -15.50
C PHE CA 720 37.78 -100.90 -14.70
N THR CA 721 38.88 -101.62 -14.54
CA THR CA 721 40.05 -101.10 -13.84
C THR CA 721 41.30 -101.43 -14.62
N VAL CA 722 42.46 -101.18 -14.03
CA VAL CA 722 43.74 -101.54 -14.61
C VAL CA 722 44.17 -102.86 -14.02
N ASP CA 723 45.05 -103.55 -14.72
CA ASP CA 723 45.64 -104.78 -14.21
C ASP CA 723 47.00 -104.46 -13.58
N ASN CA 724 47.76 -105.49 -13.22
CA ASN CA 724 49.07 -105.26 -12.64
C ASN CA 724 50.07 -104.69 -13.63
N ASN CA 725 49.78 -104.75 -14.92
CA ASN CA 725 50.63 -104.14 -15.94
C ASN CA 725 50.23 -102.72 -16.28
N GLY CA 726 49.13 -102.22 -15.73
CA GLY CA 726 48.68 -100.88 -16.01
C GLY CA 726 47.76 -100.72 -17.18
N LEU CA 727 47.17 -101.81 -17.67
CA LEU CA 727 46.34 -101.77 -18.86
C LEU CA 727 44.87 -101.68 -18.47
N TYR CA 728 44.22 -100.59 -18.86
CA TYR CA 728 42.80 -100.42 -18.61
C TYR CA 728 42.01 -101.28 -19.58
N THR CA 729 41.04 -102.04 -19.06
CA THR CA 729 40.21 -102.92 -19.86
C THR CA 729 38.75 -102.72 -19.48
N GLU CA 730 37.87 -102.93 -20.45
CA GLU CA 730 36.43 -102.92 -20.23
C GLU CA 730 35.90 -104.33 -20.45
N PRO CA 731 35.45 -105.02 -19.41
CA PRO CA 731 35.08 -106.44 -19.54
C PRO CA 731 33.91 -106.72 -20.48
N ARG CA 732 32.95 -105.81 -20.55
CA ARG CA 732 31.73 -106.08 -21.29
C ARG CA 732 31.19 -104.76 -21.84
N PRO CA 733 30.38 -104.81 -22.89
CA PRO CA 733 29.67 -103.60 -23.33
C PRO CA 733 28.41 -103.40 -22.51
N ILE CA 734 28.18 -102.16 -22.07
CA ILE CA 734 27.02 -101.82 -21.26
C ILE CA 734 26.07 -100.98 -22.11
N GLY CA 735 24.83 -101.45 -22.22
CA GLY CA 735 23.79 -100.68 -22.88
C GLY CA 735 23.12 -99.70 -21.94
N THR CA 736 21.93 -99.28 -22.32
CA THR CA 736 21.19 -98.28 -21.57
C THR CA 736 19.85 -98.76 -21.04
N ARG CA 737 19.28 -99.79 -21.65
CA ARG CA 737 17.88 -100.15 -21.42
C ARG CA 737 17.77 -101.07 -20.22
N TYR CA 738 17.62 -100.50 -19.03
CA TYR CA 738 17.48 -101.28 -17.81
C TYR CA 738 16.14 -100.97 -17.14
N LEU CA 739 15.84 -99.70 -16.97
CA LEU CA 739 14.51 -99.30 -16.50
C LEU CA 739 13.48 -99.69 -17.53
N THR CA 740 12.22 -99.77 -17.12
CA THR CA 740 11.15 -100.13 -18.03
C THR CA 740 10.05 -99.09 -17.98
N ARG CA 741 9.21 -99.10 -19.01
CA ARG CA 741 8.02 -98.28 -19.04
C ARG CA 741 6.96 -99.01 -19.86
N PRO CA 742 5.68 -98.75 -19.63
CA PRO CA 742 4.63 -99.43 -20.39
C PRO CA 742 4.61 -98.97 -21.84
N LEU CA 743 4.25 -99.90 -22.72
CA LEU CA 743 4.29 -99.65 -24.15
C LEU CA 743 3.15 -98.75 -24.60
N ASP DA 219 55.84 -59.71 -29.48
CA ASP DA 219 54.87 -59.98 -28.41
C ASP DA 219 55.30 -61.16 -27.55
N GLY DA 220 56.49 -61.69 -27.81
CA GLY DA 220 57.07 -62.73 -26.99
C GLY DA 220 57.49 -63.93 -27.80
N VAL DA 221 58.30 -64.77 -27.15
CA VAL DA 221 58.78 -66.01 -27.77
C VAL DA 221 57.65 -67.03 -27.90
N GLY DA 222 56.81 -67.15 -26.89
CA GLY DA 222 55.81 -68.20 -26.87
C GLY DA 222 54.42 -67.78 -27.30
N ASN DA 223 54.32 -66.66 -27.99
CA ASN DA 223 53.05 -66.12 -28.45
C ASN DA 223 53.13 -65.92 -29.96
N ALA DA 224 52.18 -66.51 -30.68
CA ALA DA 224 52.16 -66.37 -32.14
C ALA DA 224 51.75 -64.96 -32.52
N SER DA 225 52.42 -64.41 -33.53
CA SER DA 225 52.16 -63.05 -33.96
C SER DA 225 51.19 -62.96 -35.13
N GLY DA 226 50.60 -64.07 -35.55
CA GLY DA 226 49.58 -64.01 -36.58
C GLY DA 226 48.95 -65.37 -36.75
N ASN DA 227 47.86 -65.38 -37.50
CA ASN DA 227 47.09 -66.58 -37.78
C ASN DA 227 47.12 -66.88 -39.26
N TRP DA 228 46.70 -68.09 -39.61
CA TRP DA 228 46.64 -68.52 -41.00
C TRP DA 228 45.34 -68.00 -41.60
N HIS DA 229 45.46 -67.08 -42.54
CA HIS DA 229 44.31 -66.48 -43.23
C HIS DA 229 44.40 -66.83 -44.71
N CYS DA 230 43.78 -67.92 -45.09
CA CYS DA 230 43.71 -68.34 -46.48
C CYS DA 230 42.25 -68.62 -46.82
N ASP DA 231 41.66 -67.75 -47.62
CA ASP DA 231 40.21 -67.77 -47.80
C ASP DA 231 39.89 -67.03 -49.09
N SER DA 232 38.60 -67.00 -49.43
CA SER DA 232 38.11 -66.21 -50.54
C SER DA 232 36.65 -65.88 -50.27
N THR DA 233 36.34 -64.59 -50.17
CA THR DA 233 35.00 -64.13 -49.87
C THR DA 233 34.44 -63.42 -51.08
N TRP DA 234 33.26 -63.83 -51.52
CA TRP DA 234 32.61 -63.26 -52.68
C TRP DA 234 31.44 -62.40 -52.22
N LEU DA 235 31.58 -61.09 -52.40
CA LEU DA 235 30.49 -60.16 -52.17
C LEU DA 235 29.78 -59.93 -53.49
N GLY DA 236 28.88 -58.95 -53.54
CA GLY DA 236 28.14 -58.71 -54.75
C GLY DA 236 29.01 -58.30 -55.92
N ASP DA 237 29.85 -57.29 -55.72
CA ASP DA 237 30.70 -56.78 -56.78
C ASP DA 237 32.17 -56.83 -56.43
N ARG DA 238 32.54 -57.38 -55.28
CA ARG DA 238 33.93 -57.52 -54.88
C ARG DA 238 34.20 -58.99 -54.62
N VAL DA 239 35.47 -59.36 -54.73
CA VAL DA 239 35.96 -60.62 -54.20
C VAL DA 239 37.25 -60.34 -53.45
N ILE DA 240 37.35 -60.85 -52.23
CA ILE DA 240 38.54 -60.68 -51.40
C ILE DA 240 39.24 -62.02 -51.29
N THR DA 241 40.47 -62.10 -51.78
CA THR DA 241 41.26 -63.31 -51.75
C THR DA 241 42.39 -63.14 -50.74
N THR DA 242 42.49 -64.07 -49.80
CA THR DA 242 43.56 -64.10 -48.81
C THR DA 242 44.39 -65.36 -49.00
N SER DA 243 45.70 -65.21 -48.90
CA SER DA 243 46.62 -66.33 -49.08
C SER DA 243 47.73 -66.25 -48.05
N THR DA 244 47.91 -67.33 -47.30
CA THR DA 244 49.03 -67.47 -46.38
C THR DA 244 49.94 -68.58 -46.88
N ARG DA 245 51.24 -68.34 -46.81
CA ARG DA 245 52.25 -69.31 -47.22
C ARG DA 245 53.37 -69.31 -46.20
N THR DA 246 54.13 -70.41 -46.19
CA THR DA 246 55.30 -70.55 -45.35
C THR DA 246 56.54 -70.35 -46.22
N TRP DA 247 57.41 -69.43 -45.79
CA TRP DA 247 58.60 -69.08 -46.54
C TRP DA 247 59.85 -69.41 -45.75
N ALA DA 248 60.91 -69.70 -46.49
CA ALA DA 248 62.26 -69.85 -45.97
C ALA DA 248 63.18 -68.88 -46.67
N LEU DA 249 63.93 -68.10 -45.89
CA LEU DA 249 64.87 -67.11 -46.39
C LEU DA 249 66.28 -67.48 -45.97
N PRO DA 250 67.17 -67.78 -46.89
CA PRO DA 250 68.55 -68.06 -46.52
C PRO DA 250 69.39 -66.80 -46.43
N THR DA 251 70.68 -66.97 -46.17
CA THR DA 251 71.64 -65.87 -46.30
C THR DA 251 72.21 -65.90 -47.71
N TYR DA 252 72.11 -64.77 -48.40
CA TYR DA 252 72.54 -64.65 -49.78
C TYR DA 252 73.86 -63.91 -49.84
N ASN DA 253 74.82 -64.45 -50.61
CA ASN DA 253 76.10 -63.82 -50.91
C ASN DA 253 77.01 -63.69 -49.70
N ASN DA 254 76.72 -64.39 -48.60
CA ASN DA 254 77.41 -64.20 -47.33
C ASN DA 254 77.31 -62.75 -46.87
N HIS DA 255 76.12 -62.17 -46.99
CA HIS DA 255 75.82 -60.80 -46.56
C HIS DA 255 76.60 -59.75 -47.36
N LEU DA 256 76.96 -60.10 -48.59
CA LEU DA 256 77.79 -59.22 -49.41
C LEU DA 256 77.00 -58.70 -50.61
N TYR DA 257 77.35 -57.49 -51.02
CA TYR DA 257 76.91 -56.93 -52.30
C TYR DA 257 77.98 -57.27 -53.32
N LYS DA 258 77.59 -57.91 -54.41
CA LYS DA 258 78.55 -58.33 -55.42
C LYS DA 258 78.19 -57.71 -56.75
N GLN DA 259 79.21 -57.31 -57.50
CA GLN DA 259 79.03 -56.77 -58.84
C GLN DA 259 79.06 -57.92 -59.84
N ILE DA 260 78.02 -58.02 -60.65
CA ILE DA 260 77.89 -59.11 -61.61
C ILE DA 260 77.87 -58.53 -63.02
N SER DA 261 78.45 -59.25 -63.95
CA SER DA 261 78.45 -58.86 -65.35
C SER DA 261 78.61 -60.10 -66.20
N SER DA 262 78.76 -59.90 -67.51
CA SER DA 262 78.88 -61.00 -68.46
C SER DA 262 80.32 -61.21 -68.91
N ALA DA 263 81.28 -60.52 -68.29
CA ALA DA 263 82.67 -60.59 -68.73
C ALA DA 263 83.23 -62.00 -68.59
N SER DA 264 82.99 -62.65 -67.46
CA SER DA 264 83.44 -64.02 -67.30
C SER DA 264 82.58 -64.99 -68.10
N THR DA 265 81.31 -64.66 -68.29
CA THR DA 265 80.42 -65.53 -69.05
C THR DA 265 80.88 -65.63 -70.51
N GLY DA 266 81.38 -64.55 -71.07
CA GLY DA 266 81.75 -64.56 -72.48
C GLY DA 266 80.57 -64.69 -73.40
N ALA DA 267 79.50 -63.94 -73.14
CA ALA DA 267 78.28 -64.02 -73.91
C ALA DA 267 78.39 -63.23 -75.21
N SER DA 268 77.35 -63.30 -76.03
CA SER DA 268 77.28 -62.51 -77.23
C SER DA 268 76.96 -61.06 -76.89
N ASN DA 269 77.10 -60.19 -77.89
CA ASN DA 269 76.86 -58.77 -77.67
C ASN DA 269 75.42 -58.51 -77.23
N ASP DA 270 74.49 -59.36 -77.66
CA ASP DA 270 73.09 -59.19 -77.29
C ASP DA 270 72.80 -59.56 -75.84
N ASN DA 271 73.65 -60.38 -75.23
CA ASN DA 271 73.41 -60.90 -73.89
C ASN DA 271 74.31 -60.27 -72.84
N HIS DA 272 75.02 -59.21 -73.20
CA HIS DA 272 75.89 -58.53 -72.24
C HIS DA 272 75.06 -57.81 -71.19
N TYR DA 273 75.58 -57.77 -69.97
CA TYR DA 273 74.88 -57.07 -68.90
C TYR DA 273 75.88 -56.66 -67.82
N PHE DA 274 75.43 -55.72 -66.99
CA PHE DA 274 76.18 -55.26 -65.83
C PHE DA 274 75.17 -54.95 -64.75
N GLY DA 275 75.45 -55.40 -63.53
CA GLY DA 275 74.52 -55.15 -62.45
C GLY DA 275 75.09 -55.55 -61.12
N TYR DA 276 74.18 -55.71 -60.16
CA TYR DA 276 74.57 -56.01 -58.79
C TYR DA 276 73.67 -57.07 -58.20
N SER DA 277 74.27 -57.92 -57.35
CA SER DA 277 73.58 -58.93 -56.58
C SER DA 277 73.58 -58.49 -55.13
N THR DA 278 72.41 -58.40 -54.52
CA THR DA 278 72.38 -57.97 -53.14
C THR DA 278 72.18 -59.16 -52.21
N PRO DA 279 72.48 -59.02 -50.92
CA PRO DA 279 72.17 -60.09 -49.96
C PRO DA 279 70.70 -60.16 -49.56
N TRP DA 280 69.84 -59.35 -50.15
CA TRP DA 280 68.44 -59.31 -49.80
C TRP DA 280 67.64 -60.27 -50.67
N GLY DA 281 66.52 -60.74 -50.13
CA GLY DA 281 65.49 -61.40 -50.90
C GLY DA 281 64.27 -60.48 -50.98
N TYR DA 282 63.34 -60.86 -51.84
CA TYR DA 282 62.13 -60.07 -52.00
C TYR DA 282 60.93 -60.99 -52.03
N PHE DA 283 59.77 -60.41 -51.69
CA PHE DA 283 58.52 -61.13 -51.69
C PHE DA 283 57.77 -60.84 -52.99
N ASP DA 284 57.34 -61.90 -53.66
CA ASP DA 284 56.65 -61.80 -54.94
C ASP DA 284 55.32 -62.53 -54.86
N PHE DA 285 54.25 -61.82 -55.20
CA PHE DA 285 52.93 -62.44 -55.32
C PHE DA 285 52.26 -61.89 -56.58
N ASN DA 286 53.02 -61.82 -57.67
CA ASN DA 286 52.57 -61.26 -58.92
C ASN DA 286 52.13 -62.33 -59.92
N ARG DA 287 51.47 -63.38 -59.45
CA ARG DA 287 50.80 -64.34 -60.30
C ARG DA 287 49.38 -64.55 -59.78
N PHE DA 288 48.47 -64.89 -60.67
CA PHE DA 288 47.07 -64.97 -60.28
C PHE DA 288 46.80 -66.18 -59.40
N HIS DA 289 47.56 -67.25 -59.55
CA HIS DA 289 47.34 -68.44 -58.74
C HIS DA 289 47.91 -68.32 -57.33
N CYS DA 290 48.67 -67.25 -57.04
CA CYS DA 290 49.02 -66.95 -55.66
C CYS DA 290 47.82 -66.51 -54.86
N HIS DA 291 46.73 -66.14 -55.52
CA HIS DA 291 45.56 -65.59 -54.88
C HIS DA 291 44.28 -66.35 -55.16
N PHE DA 292 44.13 -66.93 -56.35
CA PHE DA 292 42.92 -67.64 -56.73
C PHE DA 292 43.20 -69.14 -56.77
N SER DA 293 42.33 -69.91 -56.13
CA SER DA 293 42.29 -71.32 -56.41
C SER DA 293 41.70 -71.53 -57.79
N PRO DA 294 41.92 -72.69 -58.41
CA PRO DA 294 41.29 -72.94 -59.72
C PRO DA 294 39.78 -72.84 -59.68
N ARG DA 295 39.15 -73.27 -58.59
CA ARG DA 295 37.71 -73.12 -58.46
C ARG DA 295 37.31 -71.64 -58.41
N ASP DA 296 38.05 -70.81 -57.67
CA ASP DA 296 37.75 -69.39 -57.61
C ASP DA 296 37.98 -68.73 -58.96
N TRP DA 297 39.03 -69.13 -59.67
CA TRP DA 297 39.28 -68.60 -61.00
C TRP DA 297 38.14 -68.95 -61.95
N GLN DA 298 37.66 -70.19 -61.90
CA GLN DA 298 36.53 -70.58 -62.73
C GLN DA 298 35.28 -69.80 -62.37
N ARG DA 299 35.04 -69.60 -61.07
CA ARG DA 299 33.90 -68.82 -60.63
C ARG DA 299 33.98 -67.39 -61.14
N LEU DA 300 35.19 -66.81 -61.14
CA LEU DA 300 35.37 -65.45 -61.64
C LEU DA 300 35.13 -65.37 -63.15
N ILE DA 301 35.79 -66.24 -63.91
CA ILE DA 301 35.79 -66.11 -65.36
C ILE DA 301 34.50 -66.60 -66.00
N ASN DA 302 33.73 -67.43 -65.33
CA ASN DA 302 32.47 -67.89 -65.90
C ASN DA 302 31.32 -66.93 -65.64
N ASN DA 303 31.52 -65.93 -64.80
CA ASN DA 303 30.44 -65.09 -64.34
C ASN DA 303 30.68 -63.61 -64.48
N ASN DA 304 31.90 -63.17 -64.69
CA ASN DA 304 32.21 -61.75 -64.70
C ASN DA 304 32.69 -61.31 -66.06
N TRP DA 305 32.23 -60.13 -66.49
CA TRP DA 305 32.72 -59.51 -67.71
C TRP DA 305 34.05 -58.82 -67.53
N GLY DA 306 34.41 -58.47 -66.32
CA GLY DA 306 35.72 -57.87 -66.12
C GLY DA 306 36.09 -57.85 -64.65
N PHE DA 307 37.36 -57.57 -64.41
CA PHE DA 307 37.79 -57.46 -63.01
C PHE DA 307 39.05 -56.62 -62.90
N ARG DA 308 39.32 -56.11 -61.71
CA ARG DA 308 40.52 -55.34 -61.47
C ARG DA 308 40.83 -55.34 -59.98
N PRO DA 309 42.07 -55.07 -59.60
CA PRO DA 309 42.40 -55.00 -58.16
C PRO DA 309 42.18 -53.62 -57.56
N LYS DA 310 41.62 -53.63 -56.35
CA LYS DA 310 41.31 -52.44 -55.57
C LYS DA 310 42.31 -52.21 -54.45
N ARG DA 311 42.57 -53.19 -53.61
CA ARG DA 311 43.49 -52.91 -52.51
C ARG DA 311 44.16 -54.19 -52.04
N LEU DA 312 45.23 -54.03 -51.27
CA LEU DA 312 45.91 -55.21 -50.72
C LEU DA 312 46.48 -54.91 -49.34
N ASN DA 313 46.55 -55.98 -48.55
CA ASN DA 313 47.20 -56.02 -47.25
C ASN DA 313 48.28 -57.09 -47.28
N PHE DA 314 49.43 -56.78 -46.71
CA PHE DA 314 50.56 -57.69 -46.63
C PHE DA 314 50.95 -57.82 -45.17
N LYS DA 315 51.12 -59.05 -44.71
CA LYS DA 315 51.53 -59.32 -43.35
C LYS DA 315 52.65 -60.35 -43.35
N LEU DA 316 53.60 -60.18 -42.44
CA LEU DA 316 54.72 -61.06 -42.24
C LEU DA 316 54.78 -61.40 -40.77
N PHE DA 317 54.67 -62.68 -40.42
CA PHE DA 317 54.48 -63.03 -39.03
C PHE DA 317 55.10 -64.38 -38.74
N ASN DA 318 55.26 -64.67 -37.45
CA ASN DA 318 55.79 -65.93 -36.94
C ASN DA 318 57.22 -66.17 -37.45
N ILE DA 319 58.07 -65.19 -37.18
CA ILE DA 319 59.47 -65.26 -37.62
C ILE DA 319 60.23 -66.22 -36.73
N GLN DA 320 61.01 -67.11 -37.34
CA GLN DA 320 61.91 -68.00 -36.62
C GLN DA 320 63.27 -67.96 -37.30
N VAL DA 321 64.28 -67.51 -36.58
CA VAL DA 321 65.65 -67.54 -37.07
C VAL DA 321 66.30 -68.81 -36.55
N LYS DA 322 66.94 -69.54 -37.45
CA LYS DA 322 67.58 -70.80 -37.13
C LYS DA 322 69.07 -70.73 -37.43
N GLU DA 323 69.86 -71.12 -36.45
CA GLU DA 323 71.30 -71.25 -36.57
C GLU DA 323 71.68 -72.64 -37.03
N VAL DA 324 72.62 -72.73 -37.97
CA VAL DA 324 73.05 -73.99 -38.57
C VAL DA 324 74.54 -74.17 -38.34
N THR DA 325 74.93 -75.34 -37.83
CA THR DA 325 76.34 -75.72 -37.68
C THR DA 325 76.55 -77.09 -38.30
N THR DA 326 77.48 -77.21 -39.22
CA THR DA 326 77.84 -78.50 -39.81
C THR DA 326 79.23 -78.89 -39.31
N ASN DA 327 79.28 -80.00 -38.55
CA ASN DA 327 80.53 -80.54 -38.03
C ASN DA 327 80.63 -82.02 -38.40
N ASP DA 328 81.79 -82.40 -38.95
CA ASP DA 328 82.06 -83.80 -39.31
C ASP DA 328 80.99 -84.37 -40.23
N GLY DA 329 80.33 -83.50 -40.99
CA GLY DA 329 79.31 -83.90 -41.93
C GLY DA 329 77.89 -83.91 -41.38
N VAL DA 330 77.72 -83.79 -40.07
CA VAL DA 330 76.38 -83.79 -39.48
C VAL DA 330 75.99 -82.36 -39.15
N THR DA 331 74.72 -82.05 -39.38
CA THR DA 331 74.20 -80.68 -39.31
C THR DA 331 73.27 -80.54 -38.11
N THR DA 332 73.54 -79.53 -37.29
CA THR DA 332 72.71 -79.16 -36.16
C THR DA 332 72.01 -77.85 -36.46
N ILE DA 333 70.70 -77.81 -36.20
CA ILE DA 333 69.91 -76.60 -36.33
C ILE DA 333 69.34 -76.25 -34.97
N ALA DA 334 69.52 -75.01 -34.56
CA ALA DA 334 68.99 -74.54 -33.29
C ALA DA 334 68.22 -73.24 -33.53
N ASN DA 335 67.45 -72.85 -32.53
CA ASN DA 335 66.76 -71.58 -32.59
C ASN DA 335 67.67 -70.46 -32.12
N ASN DA 336 67.66 -69.34 -32.83
CA ASN DA 336 68.38 -68.14 -32.43
C ASN DA 336 67.31 -67.12 -32.03
N LEU DA 337 67.04 -67.03 -30.73
CA LEU DA 337 65.91 -66.24 -30.26
C LEU DA 337 66.17 -64.74 -30.33
N THR DA 338 67.41 -64.31 -30.45
CA THR DA 338 67.75 -62.88 -30.42
C THR DA 338 68.15 -62.33 -31.77
N SER DA 339 68.02 -63.10 -32.84
CA SER DA 339 68.37 -62.63 -34.17
C SER DA 339 67.18 -61.94 -34.82
N THR DA 340 67.48 -61.11 -35.82
CA THR DA 340 66.47 -60.30 -36.48
C THR DA 340 66.48 -60.52 -37.98
N VAL DA 341 65.33 -60.26 -38.59
CA VAL DA 341 65.22 -60.08 -40.03
C VAL DA 341 64.84 -58.63 -40.28
N GLN DA 342 65.53 -58.01 -41.23
CA GLN DA 342 65.20 -56.66 -41.67
C GLN DA 342 64.21 -56.74 -42.83
N VAL DA 343 63.13 -55.99 -42.74
CA VAL DA 343 62.09 -55.93 -43.77
C VAL DA 343 61.81 -54.48 -44.07
N PHE DA 344 61.71 -54.14 -45.35
CA PHE DA 344 61.20 -52.82 -45.70
C PHE DA 344 60.46 -52.90 -47.02
N SER DA 345 59.53 -51.96 -47.19
CA SER DA 345 58.76 -51.81 -48.42
C SER DA 345 59.27 -50.59 -49.17
N ASP DA 346 59.52 -50.75 -50.46
CA ASP DA 346 60.05 -49.65 -51.27
C ASP DA 346 58.88 -48.86 -51.84
N SER DA 347 58.23 -48.10 -50.95
CA SER DA 347 56.99 -47.43 -51.27
C SER DA 347 57.16 -46.22 -52.18
N GLU DA 348 58.37 -45.67 -52.27
CA GLU DA 348 58.63 -44.52 -53.13
C GLU DA 348 59.28 -44.91 -54.44
N TYR DA 349 59.41 -46.22 -54.72
CA TYR DA 349 59.94 -46.71 -55.98
C TYR DA 349 61.32 -46.13 -56.29
N GLN DA 350 62.17 -46.12 -55.28
CA GLN DA 350 63.52 -45.60 -55.41
C GLN DA 350 64.51 -46.67 -55.84
N LEU DA 351 64.09 -47.91 -55.91
CA LEU DA 351 64.89 -49.05 -56.30
C LEU DA 351 64.49 -49.52 -57.69
N PRO DA 352 65.38 -50.21 -58.39
CA PRO DA 352 64.97 -50.86 -59.63
C PRO DA 352 63.87 -51.88 -59.37
N TYR DA 353 62.83 -51.84 -60.18
CA TYR DA 353 61.67 -52.71 -60.02
C TYR DA 353 61.91 -53.98 -60.81
N VAL DA 354 62.24 -55.07 -60.13
CA VAL DA 354 62.48 -56.34 -60.81
C VAL DA 354 61.25 -57.21 -60.86
N LEU DA 355 60.18 -56.84 -60.15
CA LEU DA 355 58.91 -57.50 -60.34
C LEU DA 355 58.36 -57.13 -61.70
N GLY DA 356 57.42 -57.92 -62.19
CA GLY DA 356 56.88 -57.65 -63.50
C GLY DA 356 57.74 -58.11 -64.65
N SER DA 357 58.74 -58.93 -64.39
CA SER DA 357 59.52 -59.59 -65.43
C SER DA 357 59.26 -61.07 -65.50
N ALA DA 358 58.21 -61.55 -64.82
CA ALA DA 358 57.77 -62.95 -64.86
C ALA DA 358 58.85 -63.89 -64.32
N HIS DA 359 59.33 -63.61 -63.12
CA HIS DA 359 60.38 -64.41 -62.51
C HIS DA 359 59.79 -65.45 -61.56
N GLN DA 360 60.57 -66.50 -61.34
CA GLN DA 360 60.24 -67.48 -60.32
C GLN DA 360 60.41 -66.90 -58.93
N GLY DA 361 59.81 -67.56 -57.95
CA GLY DA 361 59.93 -67.11 -56.58
C GLY DA 361 58.66 -66.53 -55.98
N CYS DA 362 57.56 -66.58 -56.73
CA CYS DA 362 56.28 -66.15 -56.20
C CYS DA 362 55.78 -67.12 -55.13
N LEU DA 363 54.72 -66.74 -54.45
CA LEU DA 363 54.05 -67.69 -53.58
C LEU DA 363 53.54 -68.87 -54.41
N PRO DA 364 53.72 -70.09 -53.94
CA PRO DA 364 53.28 -71.26 -54.71
C PRO DA 364 51.77 -71.28 -54.86
N PRO DA 365 51.26 -71.88 -55.95
CA PRO DA 365 49.79 -71.94 -56.11
C PRO DA 365 49.11 -72.73 -55.01
N PHE DA 366 49.71 -73.80 -54.54
CA PHE DA 366 49.10 -74.65 -53.53
C PHE DA 366 49.44 -74.11 -52.14
N PRO DA 367 48.44 -73.86 -51.29
CA PRO DA 367 48.70 -73.25 -49.97
C PRO DA 367 49.54 -74.11 -49.05
N ALA DA 368 49.67 -75.40 -49.30
CA ALA DA 368 50.46 -76.26 -48.45
C ALA DA 368 51.95 -76.22 -48.77
N ASP DA 369 52.34 -75.56 -49.85
CA ASP DA 369 53.74 -75.58 -50.28
C ASP DA 369 54.55 -74.53 -49.56
N VAL DA 370 55.78 -74.90 -49.20
CA VAL DA 370 56.73 -74.02 -48.55
C VAL DA 370 57.72 -73.53 -49.59
N PHE DA 371 57.92 -72.22 -49.66
CA PHE DA 371 58.71 -71.66 -50.74
C PHE DA 371 59.93 -70.89 -50.23
N MET DA 372 60.98 -70.94 -51.02
CA MET DA 372 62.21 -70.22 -50.76
C MET DA 372 62.10 -68.82 -51.33
N ILE DA 373 62.62 -67.85 -50.60
CA ILE DA 373 62.51 -66.45 -51.03
C ILE DA 373 63.62 -66.14 -52.04
N PRO DA 374 63.30 -65.58 -53.19
CA PRO DA 374 64.31 -65.32 -54.22
C PRO DA 374 65.22 -64.16 -53.87
N GLN DA 375 66.45 -64.21 -54.38
CA GLN DA 375 67.43 -63.18 -54.12
C GLN DA 375 67.17 -61.94 -54.95
N TYR DA 376 67.45 -60.77 -54.38
CA TYR DA 376 67.29 -59.52 -55.08
C TYR DA 376 68.58 -59.15 -55.82
N GLY DA 377 68.42 -58.74 -57.07
CA GLY DA 377 69.52 -58.23 -57.84
C GLY DA 377 68.94 -57.37 -58.93
N TYR DA 378 69.76 -56.49 -59.47
CA TYR DA 378 69.29 -55.58 -60.50
C TYR DA 378 70.39 -55.40 -61.54
N LEU DA 379 69.99 -54.85 -62.68
CA LEU DA 379 70.89 -54.50 -63.74
C LEU DA 379 70.90 -52.98 -63.89
N THR DA 380 72.03 -52.45 -64.35
CA THR DA 380 72.16 -51.03 -64.60
C THR DA 380 72.71 -50.83 -65.99
N LEU DA 381 72.92 -49.57 -66.36
CA LEU DA 381 73.43 -49.25 -67.70
C LEU DA 381 74.76 -49.96 -67.94
N ASN DA 382 74.89 -50.57 -69.11
CA ASN DA 382 76.11 -51.28 -69.45
C ASN DA 382 76.53 -50.94 -70.87
N ASN DA 383 77.84 -50.95 -71.08
CA ASN DA 383 78.46 -50.79 -72.39
C ASN DA 383 79.23 -52.07 -72.66
N GLY DA 384 78.54 -53.06 -73.17
CA GLY DA 384 79.11 -54.40 -73.22
C GLY DA 384 79.02 -55.02 -71.85
N SER DA 385 80.14 -55.56 -71.37
CA SER DA 385 80.21 -56.07 -70.01
C SER DA 385 80.67 -55.02 -69.02
N GLN DA 386 80.87 -53.78 -69.47
CA GLN DA 386 81.36 -52.70 -68.64
C GLN DA 386 80.21 -51.80 -68.20
N ALA DA 387 80.51 -50.92 -67.26
CA ALA DA 387 79.57 -49.94 -66.77
C ALA DA 387 79.82 -48.60 -67.45
N VAL DA 388 79.01 -47.61 -67.12
CA VAL DA 388 79.20 -46.25 -67.57
C VAL DA 388 79.15 -45.34 -66.34
N GLY DA 389 79.29 -44.03 -66.58
CA GLY DA 389 79.22 -43.08 -65.49
C GLY DA 389 77.84 -43.00 -64.86
N ARG DA 390 76.80 -43.16 -65.65
CA ARG DA 390 75.43 -43.07 -65.18
C ARG DA 390 74.89 -44.39 -64.67
N SER DA 391 75.72 -45.43 -64.64
CA SER DA 391 75.33 -46.67 -64.00
C SER DA 391 75.15 -46.43 -62.51
N SER DA 392 74.03 -46.89 -61.97
CA SER DA 392 73.69 -46.65 -60.58
C SER DA 392 74.04 -47.86 -59.72
N PHE DA 393 74.31 -47.58 -58.46
CA PHE DA 393 74.49 -48.59 -57.44
C PHE DA 393 73.57 -48.25 -56.28
N TYR DA 394 72.90 -49.24 -55.74
CA TYR DA 394 71.96 -49.05 -54.65
C TYR DA 394 72.36 -49.94 -53.49
N CYS DA 395 72.70 -49.33 -52.36
CA CYS DA 395 72.79 -50.06 -51.11
C CYS DA 395 71.40 -50.13 -50.50
N LEU DA 396 70.90 -51.33 -50.27
CA LEU DA 396 69.58 -51.48 -49.67
C LEU DA 396 69.61 -51.30 -48.16
N GLU DA 397 70.79 -51.31 -47.54
CA GLU DA 397 70.91 -50.92 -46.15
C GLU DA 397 70.81 -49.43 -45.96
N TYR DA 398 70.82 -48.66 -47.05
CA TYR DA 398 70.63 -47.22 -47.01
C TYR DA 398 69.16 -46.84 -46.96
N PHE DA 399 68.30 -47.77 -46.57
CA PHE DA 399 66.88 -47.56 -46.37
C PHE DA 399 66.52 -47.78 -44.90
N PRO DA 400 65.47 -47.13 -44.42
CA PRO DA 400 64.93 -47.51 -43.09
C PRO DA 400 64.25 -48.87 -43.18
N SER DA 401 64.70 -49.80 -42.33
CA SER DA 401 64.14 -51.13 -42.26
C SER DA 401 63.53 -51.35 -40.89
N GLN DA 402 62.51 -52.20 -40.82
CA GLN DA 402 62.00 -52.68 -39.56
C GLN DA 402 62.73 -53.97 -39.22
N MET DA 403 63.30 -54.03 -38.03
CA MET DA 403 63.99 -55.21 -37.53
C MET DA 403 63.01 -56.05 -36.71
N LEU DA 404 62.89 -57.31 -37.07
CA LEU DA 404 61.90 -58.20 -36.48
C LEU DA 404 62.62 -59.33 -35.77
N ARG DA 405 62.37 -59.45 -34.47
CA ARG DA 405 62.75 -60.64 -33.73
C ARG DA 405 61.61 -61.64 -33.79
N THR DA 406 61.71 -62.74 -33.06
CA THR DA 406 60.75 -63.82 -33.23
C THR DA 406 59.35 -63.47 -32.75
N GLY DA 407 59.19 -62.38 -32.00
CA GLY DA 407 57.87 -62.01 -31.53
C GLY DA 407 57.24 -60.86 -32.30
N ASN DA 408 57.91 -60.36 -33.31
CA ASN DA 408 57.45 -59.20 -34.07
C ASN DA 408 56.80 -59.62 -35.38
N ASN DA 409 55.95 -58.74 -35.89
CA ASN DA 409 55.37 -58.91 -37.21
C ASN DA 409 55.48 -57.61 -37.99
N PHE DA 410 55.13 -57.69 -39.27
CA PHE DA 410 55.26 -56.60 -40.22
C PHE DA 410 53.97 -56.49 -41.00
N THR DA 411 53.41 -55.29 -41.11
CA THR DA 411 52.18 -55.10 -41.87
C THR DA 411 52.37 -53.96 -42.85
N PHE DA 412 51.60 -54.00 -43.94
CA PHE DA 412 51.72 -52.97 -44.96
C PHE DA 412 50.46 -52.98 -45.81
N SER DA 413 49.86 -51.81 -46.01
CA SER DA 413 48.66 -51.67 -46.83
C SER DA 413 48.97 -50.89 -48.10
N TYR DA 414 48.23 -51.20 -49.15
CA TYR DA 414 48.44 -50.54 -50.43
C TYR DA 414 47.10 -50.42 -51.15
N THR DA 415 46.90 -49.30 -51.82
CA THR DA 415 45.71 -49.08 -52.63
C THR DA 415 46.11 -48.98 -54.09
N PHE DA 416 45.44 -49.74 -54.95
CA PHE DA 416 45.69 -49.66 -56.37
C PHE DA 416 45.10 -48.38 -56.95
N GLU DA 417 45.79 -47.84 -57.95
CA GLU DA 417 45.22 -46.75 -58.72
C GLU DA 417 44.06 -47.25 -59.57
N GLU DA 418 43.26 -46.31 -60.06
CA GLU DA 418 42.11 -46.66 -60.88
C GLU DA 418 42.61 -47.13 -62.23
N VAL DA 419 42.70 -48.45 -62.39
CA VAL DA 419 43.14 -49.09 -63.61
C VAL DA 419 41.89 -49.58 -64.33
N PRO DA 420 41.88 -49.68 -65.66
CA PRO DA 420 40.71 -50.25 -66.32
C PRO DA 420 40.52 -51.72 -66.00
N PHE DA 421 39.26 -52.14 -66.02
CA PHE DA 421 38.93 -53.55 -65.84
C PHE DA 421 39.60 -54.38 -66.93
N HIS DA 422 40.18 -55.50 -66.54
CA HIS DA 422 40.53 -56.50 -67.53
C HIS DA 422 39.27 -57.15 -68.06
N SER DA 423 39.29 -57.44 -69.36
CA SER DA 423 38.15 -57.95 -70.11
C SER DA 423 38.10 -59.46 -70.02
N SER DA 424 37.17 -60.00 -69.23
CA SER DA 424 36.95 -61.43 -69.14
C SER DA 424 35.94 -61.92 -70.16
N TYR DA 425 35.84 -61.25 -71.30
CA TYR DA 425 34.86 -61.59 -72.32
C TYR DA 425 35.54 -61.70 -73.66
N ALA DA 426 34.91 -62.46 -74.54
CA ALA DA 426 35.13 -62.41 -75.98
C ALA DA 426 34.03 -61.60 -76.64
N HIS DA 427 34.22 -61.29 -77.90
CA HIS DA 427 33.23 -60.56 -78.68
C HIS DA 427 32.40 -61.52 -79.50
N SER DA 428 31.09 -61.32 -79.49
CA SER DA 428 30.17 -62.13 -80.28
C SER DA 428 30.10 -61.70 -81.73
N GLN DA 429 30.68 -60.56 -82.08
CA GLN DA 429 30.72 -60.07 -83.44
C GLN DA 429 32.17 -59.84 -83.85
N SER DA 430 32.41 -59.92 -85.15
CA SER DA 430 33.69 -59.56 -85.72
C SER DA 430 33.64 -58.12 -86.20
N LEU DA 431 34.82 -57.49 -86.27
CA LEU DA 431 34.88 -56.07 -86.59
C LEU DA 431 34.46 -55.80 -88.03
N ASP DA 432 34.70 -56.73 -88.94
CA ASP DA 432 34.30 -56.58 -90.32
C ASP DA 432 32.90 -57.12 -90.59
N ARG DA 433 32.12 -57.38 -89.54
CA ARG DA 433 30.78 -57.94 -89.65
C ARG DA 433 29.83 -57.20 -88.72
N LEU DA 434 29.92 -55.88 -88.69
CA LEU DA 434 29.13 -55.06 -87.78
C LEU DA 434 27.89 -54.47 -88.44
N MET DA 435 27.59 -54.89 -89.67
CA MET DA 435 26.52 -54.29 -90.45
C MET DA 435 25.22 -55.06 -90.29
N ASN DA 436 24.14 -54.43 -90.72
CA ASN DA 436 22.88 -55.13 -90.90
C ASN DA 436 22.98 -56.00 -92.13
N PRO DA 437 22.80 -57.32 -92.02
CA PRO DA 437 22.91 -58.19 -93.19
C PRO DA 437 21.71 -58.20 -94.11
N LEU DA 438 20.70 -57.37 -93.85
CA LEU DA 438 19.51 -57.32 -94.69
C LEU DA 438 19.38 -56.05 -95.50
N ILE DA 439 19.96 -54.96 -95.04
CA ILE DA 439 19.77 -53.65 -95.65
C ILE DA 439 21.01 -53.28 -96.44
N ASP DA 440 20.81 -52.60 -97.56
CA ASP DA 440 21.91 -52.07 -98.34
C ASP DA 440 22.44 -50.80 -97.68
N GLN DA 441 23.53 -50.29 -98.24
CA GLN DA 441 24.10 -49.02 -97.81
C GLN DA 441 23.65 -47.91 -98.75
N TYR DA 442 23.83 -46.68 -98.33
CA TYR DA 442 23.66 -45.55 -99.22
C TYR DA 442 24.99 -45.05 -99.77
N LEU DA 443 26.07 -45.76 -99.48
CA LEU DA 443 27.40 -45.40 -99.94
C LEU DA 443 27.79 -46.29 -101.11
N TYR DA 444 28.41 -45.69 -102.12
CA TYR DA 444 28.85 -46.41 -103.30
C TYR DA 444 30.36 -46.60 -103.26
N TYR DA 445 30.82 -47.61 -103.98
CA TYR DA 445 32.24 -47.89 -104.11
C TYR DA 445 32.53 -48.23 -105.57
N LEU DA 446 33.77 -48.02 -105.98
CA LEU DA 446 34.18 -48.40 -107.32
C LEU DA 446 34.28 -49.92 -107.39
N ASN DA 447 33.45 -50.52 -108.25
CA ASN DA 447 33.35 -51.97 -108.35
C ASN DA 447 34.11 -52.53 -109.54
N ARG DA 448 34.01 -51.89 -110.70
CA ARG DA 448 34.68 -52.34 -111.91
C ARG DA 448 35.42 -51.17 -112.54
N THR DA 449 36.62 -51.42 -113.02
CA THR DA 449 37.29 -50.49 -113.92
C THR DA 449 37.39 -51.04 -115.34
N GLN DA 450 36.68 -52.13 -115.63
CA GLN DA 450 36.57 -52.68 -116.98
C GLN DA 450 35.11 -53.00 -117.25
N ASN DA 451 34.79 -53.17 -118.53
CA ASN DA 451 33.41 -53.47 -118.90
C ASN DA 451 33.02 -54.86 -118.41
N GLN DA 452 31.80 -54.95 -117.88
CA GLN DA 452 31.32 -56.21 -117.32
C GLN DA 452 30.95 -57.23 -118.39
N SER DA 453 30.56 -56.79 -119.58
CA SER DA 453 30.07 -57.70 -120.60
C SER DA 453 31.14 -58.70 -121.02
N GLY DA 454 32.36 -58.23 -121.26
CA GLY DA 454 33.47 -59.10 -121.62
C GLY DA 454 33.65 -59.35 -123.10
N SER DA 455 32.66 -59.02 -123.93
CA SER DA 455 32.84 -59.16 -125.38
C SER DA 455 33.96 -58.26 -125.87
N ALA DA 456 34.02 -57.04 -125.36
CA ALA DA 456 35.18 -56.18 -125.48
C ALA DA 456 35.87 -56.07 -124.14
N GLN DA 457 37.10 -55.55 -124.15
CA GLN DA 457 37.91 -55.41 -122.95
C GLN DA 457 38.17 -53.94 -122.63
N ASN DA 458 37.14 -53.11 -122.72
CA ASN DA 458 37.30 -51.69 -122.54
C ASN DA 458 37.27 -51.32 -121.06
N LYS DA 459 37.92 -50.22 -120.73
CA LYS DA 459 37.90 -49.71 -119.38
C LYS DA 459 36.58 -49.01 -119.09
N ASP DA 460 36.32 -48.76 -117.81
CA ASP DA 460 35.11 -48.07 -117.40
C ASP DA 460 35.28 -47.60 -115.95
N LEU DA 461 34.22 -47.00 -115.42
CA LEU DA 461 34.15 -46.60 -114.02
C LEU DA 461 32.75 -46.96 -113.55
N LEU DA 462 32.59 -48.17 -113.03
CA LEU DA 462 31.30 -48.68 -112.60
C LEU DA 462 31.25 -48.76 -111.09
N PHE DA 463 30.19 -48.20 -110.51
CA PHE DA 463 30.06 -48.08 -109.07
C PHE DA 463 28.90 -48.92 -108.58
N SER DA 464 29.10 -49.62 -107.47
CA SER DA 464 28.07 -50.44 -106.87
C SER DA 464 27.73 -49.92 -105.49
N ARG DA 465 26.55 -50.28 -105.04
CA ARG DA 465 26.07 -49.93 -103.71
C ARG DA 465 26.50 -51.01 -102.71
N GLY DA 466 26.86 -50.57 -101.51
CA GLY DA 466 27.20 -51.49 -100.45
C GLY DA 466 26.03 -52.40 -100.11
N SER DA 467 26.19 -53.69 -100.32
CA SER DA 467 25.12 -54.66 -100.19
C SER DA 467 25.57 -55.84 -99.34
N PRO DA 468 24.63 -56.57 -98.75
CA PRO DA 468 25.01 -57.76 -97.97
C PRO DA 468 25.61 -58.87 -98.82
N ALA DA 469 25.45 -58.84 -100.13
CA ALA DA 469 26.11 -59.83 -100.98
C ALA DA 469 27.63 -59.69 -100.88
N GLY DA 470 28.16 -58.50 -101.06
CA GLY DA 470 29.57 -58.27 -100.84
C GLY DA 470 29.82 -57.47 -99.57
N MET DA 471 30.20 -58.15 -98.51
CA MET DA 471 30.46 -57.51 -97.22
C MET DA 471 31.91 -57.08 -97.08
N SER DA 472 32.80 -57.64 -97.90
CA SER DA 472 34.22 -57.30 -97.82
C SER DA 472 34.51 -55.93 -98.43
N VAL DA 473 33.65 -55.44 -99.32
CA VAL DA 473 33.89 -54.18 -100.02
C VAL DA 473 33.03 -53.05 -99.48
N GLN DA 474 32.21 -53.31 -98.47
CA GLN DA 474 31.41 -52.26 -97.88
C GLN DA 474 32.29 -51.26 -97.15
N PRO DA 475 32.02 -49.97 -97.28
CA PRO DA 475 32.67 -48.98 -96.41
C PRO DA 475 32.40 -49.30 -94.95
N LYS DA 476 33.41 -49.12 -94.11
CA LYS DA 476 33.33 -49.42 -92.69
C LYS DA 476 33.92 -48.28 -91.89
N ASN DA 477 33.70 -48.31 -90.58
CA ASN DA 477 34.04 -47.20 -89.71
C ASN DA 477 35.32 -47.40 -88.92
N TRP DA 478 35.79 -48.64 -88.76
CA TRP DA 478 36.89 -48.94 -87.87
C TRP DA 478 37.89 -49.86 -88.56
N LEU DA 479 39.06 -49.98 -87.94
CA LEU DA 479 40.17 -50.77 -88.43
C LEU DA 479 40.63 -51.74 -87.36
N PRO DA 480 41.18 -52.89 -87.75
CA PRO DA 480 41.77 -53.80 -86.76
C PRO DA 480 43.02 -53.20 -86.14
N GLY DA 481 43.34 -53.67 -84.94
CA GLY DA 481 44.45 -53.16 -84.19
C GLY DA 481 45.79 -53.30 -84.89
N PRO DA 482 46.83 -52.76 -84.27
CA PRO DA 482 48.16 -52.80 -84.89
C PRO DA 482 48.74 -54.20 -84.87
N CYS DA 483 49.70 -54.42 -85.76
CA CYS DA 483 50.31 -55.74 -85.89
C CYS DA 483 51.81 -55.61 -86.02
N TYR DA 484 52.52 -56.67 -85.66
CA TYR DA 484 53.95 -56.81 -85.87
C TYR DA 484 54.23 -58.29 -86.15
N ARG DA 485 54.29 -58.64 -87.43
CA ARG DA 485 54.17 -60.03 -87.84
C ARG DA 485 55.24 -60.92 -87.21
N GLN DA 486 54.82 -62.12 -86.81
CA GLN DA 486 55.68 -63.15 -86.26
C GLN DA 486 55.82 -64.29 -87.25
N GLN DA 487 56.79 -65.16 -86.99
CA GLN DA 487 56.99 -66.34 -87.81
C GLN DA 487 56.06 -67.46 -87.35
N ARG DA 488 55.57 -68.23 -88.30
CA ARG DA 488 54.56 -69.25 -88.04
C ARG DA 488 55.25 -70.59 -87.82
N VAL DA 489 55.06 -71.16 -86.64
CA VAL DA 489 55.64 -72.46 -86.30
C VAL DA 489 54.50 -73.44 -86.09
N SER DA 490 54.64 -74.63 -86.64
CA SER DA 490 53.66 -75.68 -86.49
C SER DA 490 53.96 -76.52 -85.27
N LYS DA 491 52.92 -76.83 -84.49
CA LYS DA 491 53.07 -77.74 -83.37
C LYS DA 491 53.42 -79.16 -83.82
N THR DA 492 53.15 -79.49 -85.08
CA THR DA 492 53.60 -80.72 -85.69
C THR DA 492 54.95 -80.46 -86.34
N LYS DA 493 56.01 -81.03 -85.77
CA LYS DA 493 57.37 -80.62 -86.12
C LYS DA 493 57.75 -80.96 -87.56
N THR DA 494 57.07 -81.91 -88.20
CA THR DA 494 57.44 -82.28 -89.56
C THR DA 494 57.13 -81.21 -90.58
N ASP DA 495 56.20 -80.30 -90.29
CA ASP DA 495 55.85 -79.25 -91.23
C ASP DA 495 56.70 -78.01 -91.09
N ASN DA 496 57.66 -78.00 -90.17
CA ASN DA 496 58.54 -76.86 -89.99
C ASN DA 496 59.79 -77.02 -90.84
N ASN DA 497 60.37 -75.88 -91.20
CA ASN DA 497 61.58 -75.88 -92.00
C ASN DA 497 62.72 -76.55 -91.25
N ASN DA 498 63.59 -77.23 -92.00
CA ASN DA 498 64.72 -77.92 -91.40
C ASN DA 498 65.89 -76.95 -91.20
N SER DA 499 65.74 -76.12 -90.18
CA SER DA 499 66.77 -75.19 -89.75
C SER DA 499 66.41 -74.72 -88.35
N ASN DA 500 67.31 -73.97 -87.73
CA ASN DA 500 67.01 -73.46 -86.39
C ASN DA 500 66.06 -72.28 -86.44
N PHE DA 501 66.51 -71.17 -87.02
CA PHE DA 501 65.68 -70.01 -87.35
C PHE DA 501 64.87 -69.47 -86.16
N THR DA 502 65.17 -69.92 -84.95
CA THR DA 502 64.56 -69.32 -83.77
C THR DA 502 65.17 -67.98 -83.42
N TRP DA 503 66.36 -67.69 -83.92
CA TRP DA 503 66.95 -66.39 -83.75
C TRP DA 503 67.11 -65.64 -85.07
N THR DA 504 67.50 -66.33 -86.14
CA THR DA 504 67.69 -65.66 -87.41
C THR DA 504 66.37 -65.28 -88.08
N GLY DA 505 65.31 -66.05 -87.84
CA GLY DA 505 64.05 -65.78 -88.50
C GLY DA 505 62.99 -65.21 -87.60
N ALA DA 506 63.40 -64.56 -86.53
CA ALA DA 506 62.48 -64.10 -85.51
C ALA DA 506 62.33 -62.59 -85.51
N SER DA 507 61.16 -62.12 -85.11
CA SER DA 507 60.90 -60.70 -84.95
C SER DA 507 61.62 -60.19 -83.72
N LYS DA 508 62.51 -59.23 -83.90
CA LYS DA 508 63.28 -58.69 -82.79
C LYS DA 508 63.45 -57.20 -83.00
N TYR DA 509 63.80 -56.51 -81.92
CA TYR DA 509 64.00 -55.07 -81.98
C TYR DA 509 65.44 -54.73 -81.62
N ASN DA 510 65.87 -53.59 -82.15
CA ASN DA 510 67.23 -53.10 -81.98
C ASN DA 510 67.23 -51.99 -80.95
N LEU DA 511 68.08 -52.11 -79.93
CA LEU DA 511 68.17 -51.10 -78.88
C LEU DA 511 69.63 -50.96 -78.46
N ASN DA 512 70.23 -49.80 -78.76
CA ASN DA 512 71.61 -49.52 -78.42
C ASN DA 512 72.57 -50.55 -79.02
N GLY DA 513 72.24 -51.04 -80.20
CA GLY DA 513 73.10 -51.93 -80.93
C GLY DA 513 72.94 -53.41 -80.64
N ARG DA 514 72.10 -53.79 -79.68
CA ARG DA 514 71.88 -55.19 -79.39
C ARG DA 514 70.40 -55.54 -79.56
N GLU DA 515 70.17 -56.70 -80.14
CA GLU DA 515 68.84 -57.15 -80.54
C GLU DA 515 68.17 -57.92 -79.41
N SER DA 516 66.85 -57.79 -79.35
CA SER DA 516 66.05 -58.45 -78.33
C SER DA 516 64.81 -59.01 -78.99
N ILE DA 517 64.50 -60.28 -78.73
CA ILE DA 517 63.28 -60.88 -79.26
C ILE DA 517 62.09 -60.15 -78.69
N ILE DA 518 61.05 -59.96 -79.51
CA ILE DA 518 59.87 -59.21 -79.06
C ILE DA 518 59.19 -59.95 -77.92
N ASN DA 519 58.64 -61.14 -78.19
CA ASN DA 519 58.23 -62.09 -77.15
C ASN DA 519 57.45 -61.48 -75.98
N PRO DA 520 56.14 -61.27 -76.11
CA PRO DA 520 55.26 -61.66 -77.21
C PRO DA 520 54.79 -60.49 -78.05
N GLY DA 521 55.03 -59.28 -77.58
CA GLY DA 521 54.74 -58.10 -78.38
C GLY DA 521 53.25 -57.83 -78.48
N THR DA 522 52.85 -57.39 -79.67
CA THR DA 522 51.48 -56.95 -79.90
C THR DA 522 50.50 -58.07 -79.64
N ALA DA 523 49.35 -57.72 -79.09
CA ALA DA 523 48.29 -58.68 -78.80
C ALA DA 523 47.59 -59.04 -80.10
N MET DA 524 47.91 -60.20 -80.64
CA MET DA 524 47.33 -60.66 -81.90
C MET DA 524 46.83 -62.09 -81.75
N ALA DA 525 45.95 -62.48 -82.65
CA ALA DA 525 45.44 -63.84 -82.66
C ALA DA 525 46.55 -64.82 -82.98
N SER DA 526 46.57 -65.94 -82.25
CA SER DA 526 47.61 -66.94 -82.45
C SER DA 526 47.53 -67.56 -83.84
N HIS DA 527 46.32 -67.82 -84.33
CA HIS DA 527 46.15 -68.48 -85.62
C HIS DA 527 44.79 -68.08 -86.17
N LYS DA 528 44.47 -68.60 -87.35
CA LYS DA 528 43.18 -68.40 -87.97
C LYS DA 528 42.22 -69.50 -87.54
N ASP DA 529 41.06 -69.55 -88.19
CA ASP DA 529 40.14 -70.66 -87.99
C ASP DA 529 40.70 -71.92 -88.63
N ASP DA 530 40.49 -73.05 -87.96
CA ASP DA 530 40.91 -74.36 -88.46
C ASP DA 530 42.42 -74.44 -88.66
N GLU DA 531 43.18 -73.72 -87.84
CA GLU DA 531 44.63 -73.66 -87.96
C GLU DA 531 45.28 -73.72 -86.59
N ASP DA 532 44.70 -74.50 -85.67
CA ASP DA 532 45.20 -74.58 -84.30
C ASP DA 532 46.58 -75.21 -84.22
N LYS DA 533 47.05 -75.85 -85.29
CA LYS DA 533 48.37 -76.47 -85.32
C LYS DA 533 49.51 -75.46 -85.42
N PHE DA 534 49.21 -74.19 -85.67
CA PHE DA 534 50.23 -73.16 -85.84
C PHE DA 534 50.17 -72.18 -84.68
N PHE DA 535 51.35 -71.70 -84.27
CA PHE DA 535 51.47 -70.63 -83.30
C PHE DA 535 52.59 -69.70 -83.73
N PRO DA 536 52.51 -68.42 -83.39
CA PRO DA 536 53.61 -67.51 -83.65
C PRO DA 536 54.85 -67.91 -82.85
N MET DA 537 56.02 -67.72 -83.45
CA MET DA 537 57.24 -68.28 -82.88
C MET DA 537 57.52 -67.71 -81.50
N SER DA 538 57.31 -66.41 -81.32
CA SER DA 538 57.49 -65.78 -80.01
C SER DA 538 56.32 -64.85 -79.73
N GLY DA 539 55.11 -65.30 -80.02
CA GLY DA 539 53.94 -64.46 -79.84
C GLY DA 539 52.98 -64.98 -78.80
N VAL DA 540 53.34 -66.07 -78.14
CA VAL DA 540 52.44 -66.73 -77.20
C VAL DA 540 53.16 -66.89 -75.87
N MET DA 541 52.37 -66.87 -74.80
CA MET DA 541 52.88 -67.17 -73.47
C MET DA 541 52.95 -68.68 -73.30
N ILE DA 542 54.13 -69.19 -72.96
CA ILE DA 542 54.35 -70.62 -72.84
C ILE DA 542 54.68 -70.91 -71.38
N PHE DA 543 53.84 -71.70 -70.73
CA PHE DA 543 54.06 -72.13 -69.36
C PHE DA 543 54.59 -73.56 -69.37
N GLY DA 544 55.56 -73.83 -68.50
CA GLY DA 544 56.10 -75.16 -68.37
C GLY DA 544 55.31 -75.98 -67.37
N LYS DA 545 55.09 -77.24 -67.71
CA LYS DA 545 54.51 -78.16 -66.75
C LYS DA 545 55.57 -78.57 -65.73
N GLU DA 546 55.12 -79.16 -64.64
CA GLU DA 546 56.06 -79.76 -63.71
C GLU DA 546 56.77 -80.90 -64.42
N SER DA 547 58.04 -81.11 -64.04
CA SER DA 547 58.94 -82.00 -64.77
C SER DA 547 59.22 -81.49 -66.18
N ALA DA 548 59.41 -80.18 -66.30
CA ALA DA 548 59.94 -79.57 -67.52
C ALA DA 548 61.34 -79.05 -67.23
N GLY DA 549 62.27 -79.38 -68.10
CA GLY DA 549 63.64 -78.94 -67.92
C GLY DA 549 63.79 -77.44 -68.12
N ALA DA 550 64.95 -76.94 -67.70
CA ALA DA 550 65.23 -75.51 -67.86
C ALA DA 550 65.56 -75.17 -69.30
N SER DA 551 66.22 -76.06 -70.02
CA SER DA 551 66.68 -75.78 -71.37
C SER DA 551 66.31 -76.92 -72.30
N ASN DA 552 65.82 -76.58 -73.49
CA ASN DA 552 65.53 -77.54 -74.56
C ASN DA 552 64.59 -78.64 -74.10
N THR DA 553 63.57 -78.27 -73.33
CA THR DA 553 62.54 -79.22 -72.96
C THR DA 553 61.60 -79.46 -74.14
N ALA DA 554 60.61 -80.32 -73.95
CA ALA DA 554 59.79 -80.77 -75.06
C ALA DA 554 58.43 -80.07 -75.10
N LEU DA 555 57.87 -80.07 -76.30
CA LEU DA 555 56.52 -79.57 -76.51
C LEU DA 555 55.52 -80.27 -75.60
N ASP DA 556 55.81 -81.52 -75.26
CA ASP DA 556 54.96 -82.26 -74.32
C ASP DA 556 55.12 -81.71 -72.91
N ASN DA 557 56.26 -81.09 -72.61
CA ASN DA 557 56.49 -80.55 -71.28
C ASN DA 557 56.10 -79.10 -71.13
N VAL DA 558 55.80 -78.41 -72.23
CA VAL DA 558 55.33 -77.03 -72.13
C VAL DA 558 53.85 -76.94 -72.50
N MET DA 559 53.21 -75.88 -72.01
CA MET DA 559 51.82 -75.56 -72.34
C MET DA 559 51.80 -74.24 -73.09
N ILE DA 560 51.39 -74.28 -74.36
CA ILE DA 560 51.33 -73.09 -75.20
C ILE DA 560 49.92 -72.50 -75.09
N THR DA 561 49.85 -71.21 -74.81
CA THR DA 561 48.56 -70.56 -74.73
C THR DA 561 48.03 -70.24 -76.13
N ASP DA 562 46.76 -69.86 -76.18
CA ASP DA 562 46.08 -69.51 -77.41
C ASP DA 562 45.36 -68.20 -77.21
N GLU DA 563 45.39 -67.34 -78.23
CA GLU DA 563 44.68 -66.06 -78.23
C GLU DA 563 43.59 -66.07 -79.28
N GLU DA 564 42.82 -67.16 -79.32
CA GLU DA 564 41.85 -67.35 -80.40
C GLU DA 564 40.63 -66.46 -80.24
N GLU DA 565 40.41 -65.92 -79.04
CA GLU DA 565 39.19 -65.18 -78.77
C GLU DA 565 39.24 -63.75 -79.30
N ILE DA 566 40.42 -63.24 -79.64
CA ILE DA 566 40.54 -61.85 -80.07
C ILE DA 566 40.72 -61.76 -81.59
N LYS DA 567 40.32 -62.80 -82.32
CA LYS DA 567 40.26 -62.72 -83.77
C LYS DA 567 39.22 -61.71 -84.26
N ALA DA 568 38.27 -61.35 -83.40
CA ALA DA 568 37.21 -60.45 -83.81
C ALA DA 568 37.72 -59.03 -84.08
N THR DA 569 38.79 -58.63 -83.40
CA THR DA 569 39.31 -57.27 -83.52
C THR DA 569 40.79 -57.19 -83.83
N ASN DA 570 41.57 -58.24 -83.59
CA ASN DA 570 43.01 -58.18 -83.72
C ASN DA 570 43.47 -58.98 -84.93
N PRO DA 571 44.52 -58.53 -85.62
CA PRO DA 571 45.06 -59.32 -86.72
C PRO DA 571 45.70 -60.60 -86.21
N VAL DA 572 45.75 -61.60 -87.08
CA VAL DA 572 46.43 -62.84 -86.75
C VAL DA 572 47.93 -62.61 -86.72
N ALA DA 573 48.59 -63.15 -85.69
CA ALA DA 573 49.97 -62.82 -85.41
C ALA DA 573 50.93 -63.21 -86.53
N THR DA 574 50.61 -64.25 -87.28
CA THR DA 574 51.52 -64.79 -88.27
C THR DA 574 51.25 -64.30 -89.68
N GLU DA 575 50.29 -63.42 -89.87
CA GLU DA 575 49.93 -62.93 -91.19
C GLU DA 575 50.00 -61.40 -91.24
N ARG DA 576 50.04 -60.89 -92.46
CA ARG DA 576 50.19 -59.46 -92.69
C ARG DA 576 48.96 -58.71 -92.18
N PHE DA 577 49.17 -57.43 -91.84
CA PHE DA 577 48.04 -56.57 -91.54
C PHE DA 577 47.14 -56.41 -92.76
N GLY DA 578 47.74 -56.28 -93.93
CA GLY DA 578 46.99 -56.09 -95.15
C GLY DA 578 47.91 -55.70 -96.28
N THR DA 579 47.31 -55.21 -97.35
CA THR DA 579 48.05 -54.73 -98.50
C THR DA 579 47.88 -53.22 -98.64
N VAL DA 580 48.83 -52.61 -99.34
CA VAL DA 580 48.84 -51.18 -99.55
C VAL DA 580 49.28 -50.91 -100.98
N ALA DA 581 48.72 -49.88 -101.59
CA ALA DA 581 49.16 -49.47 -102.92
C ALA DA 581 50.56 -48.91 -102.84
N VAL DA 582 51.39 -49.22 -103.85
CA VAL DA 582 52.79 -48.82 -103.83
C VAL DA 582 53.21 -48.07 -105.08
N ASN DA 583 52.30 -47.78 -106.00
CA ASN DA 583 52.66 -47.08 -107.22
C ASN DA 583 51.43 -46.33 -107.73
N PHE DA 584 51.56 -45.72 -108.91
CA PHE DA 584 50.46 -45.09 -109.62
C PHE DA 584 50.11 -45.95 -110.82
N GLN DA 585 48.87 -46.42 -110.89
CA GLN DA 585 48.42 -47.12 -112.08
C GLN DA 585 48.12 -46.11 -113.19
N SER DA 586 48.41 -46.51 -114.42
CA SER DA 586 48.16 -45.64 -115.56
C SER DA 586 48.03 -46.50 -116.81
N SER DA 587 47.48 -45.90 -117.85
CA SER DA 587 47.36 -46.54 -119.15
C SER DA 587 48.48 -46.08 -120.07
N SER DA 588 48.69 -46.84 -121.14
CA SER DA 588 49.71 -46.48 -122.11
C SER DA 588 49.27 -45.25 -122.91
N THR DA 589 50.25 -44.45 -123.30
CA THR DA 589 49.99 -43.25 -124.07
C THR DA 589 51.01 -43.06 -125.19
N VAL DA 592 53.33 -41.24 -123.33
CA VAL DA 592 54.09 -42.10 -122.43
C VAL DA 592 53.67 -43.55 -122.63
N PRO DA 593 54.26 -44.21 -123.62
CA PRO DA 593 53.85 -45.58 -123.93
C PRO DA 593 54.44 -46.61 -123.00
N PHE DA 594 54.42 -46.33 -121.71
CA PHE DA 594 54.88 -47.25 -120.67
C PHE DA 594 53.72 -47.45 -119.70
N LYS DA 595 52.87 -48.42 -120.01
CA LYS DA 595 51.74 -48.74 -119.15
C LYS DA 595 52.20 -49.21 -117.78
N THR DA 596 51.55 -48.73 -116.72
CA THR DA 596 51.91 -49.08 -115.35
C THR DA 596 50.74 -49.84 -114.72
N ASP DA 597 50.95 -51.11 -114.45
CA ASP DA 597 49.96 -51.89 -113.73
C ASP DA 597 49.93 -51.46 -112.27
N PRO DA 598 48.76 -51.48 -111.64
CA PRO DA 598 48.71 -51.21 -110.19
C PRO DA 598 49.46 -52.28 -109.42
N ALA DA 599 50.11 -51.85 -108.34
CA ALA DA 599 50.94 -52.75 -107.54
C ALA DA 599 50.64 -52.55 -106.07
N THR DA 600 50.54 -53.66 -105.35
CA THR DA 600 50.32 -53.66 -103.92
C THR DA 600 51.47 -54.36 -103.22
N GLY DA 601 51.69 -53.99 -101.97
CA GLY DA 601 52.67 -54.64 -101.15
C GLY DA 601 52.07 -55.01 -99.81
N ASP DA 602 52.58 -56.11 -99.24
CA ASP DA 602 52.10 -56.58 -97.96
C ASP DA 602 52.62 -55.70 -96.83
N VAL DA 603 51.75 -55.42 -95.87
CA VAL DA 603 52.07 -54.61 -94.71
C VAL DA 603 52.28 -55.55 -93.53
N HIS DA 604 53.52 -55.70 -93.10
CA HIS DA 604 53.86 -56.69 -92.08
C HIS DA 604 53.89 -56.10 -90.68
N ALA DA 605 54.30 -54.85 -90.55
CA ALA DA 605 54.26 -54.14 -89.27
C ALA DA 605 53.46 -52.86 -89.48
N MET DA 606 52.39 -52.71 -88.72
CA MET DA 606 51.50 -51.56 -88.82
C MET DA 606 51.39 -50.90 -87.46
N GLY DA 607 51.75 -49.62 -87.38
CA GLY DA 607 51.56 -48.87 -86.18
C GLY DA 607 50.13 -48.39 -86.04
N ALA DA 608 49.87 -47.66 -84.97
CA ALA DA 608 48.52 -47.23 -84.66
C ALA DA 608 48.03 -46.21 -85.67
N LEU DA 609 46.89 -46.49 -86.29
CA LEU DA 609 46.15 -45.59 -87.14
C LEU DA 609 44.88 -45.15 -86.43
N PRO DA 610 44.42 -43.92 -86.64
CA PRO DA 610 43.14 -43.52 -86.07
C PRO DA 610 42.01 -44.37 -86.61
N GLY DA 611 41.07 -44.72 -85.75
CA GLY DA 611 40.03 -45.66 -86.06
C GLY DA 611 40.36 -47.10 -85.71
N MET DA 612 41.58 -47.37 -85.28
CA MET DA 612 41.95 -48.72 -84.89
C MET DA 612 41.34 -49.10 -83.54
N VAL DA 613 40.90 -50.35 -83.43
CA VAL DA 613 40.39 -50.91 -82.19
C VAL DA 613 41.03 -52.28 -81.99
N TRP DA 614 41.31 -52.61 -80.74
CA TRP DA 614 41.97 -53.88 -80.45
C TRP DA 614 41.64 -54.33 -79.05
N GLN DA 615 41.92 -55.60 -78.77
CA GLN DA 615 41.88 -56.16 -77.43
C GLN DA 615 43.28 -56.42 -76.94
N ASP DA 616 43.45 -56.36 -75.63
CA ASP DA 616 44.73 -56.64 -75.01
C ASP DA 616 44.91 -58.14 -74.85
N ARG DA 617 46.11 -58.55 -74.42
CA ARG DA 617 46.37 -59.95 -74.17
C ARG DA 617 45.57 -60.44 -72.97
N ASP DA 618 45.23 -61.72 -72.99
CA ASP DA 618 44.50 -62.34 -71.89
C ASP DA 618 45.41 -62.56 -70.70
N VAL DA 619 44.81 -62.62 -69.53
CA VAL DA 619 45.51 -63.01 -68.31
C VAL DA 619 45.18 -64.46 -68.00
N TYR DA 620 46.09 -65.14 -67.32
CA TYR DA 620 45.94 -66.55 -67.02
C TYR DA 620 46.12 -66.77 -65.53
N LEU DA 621 45.60 -67.89 -65.04
CA LEU DA 621 45.76 -68.20 -63.63
C LEU DA 621 47.23 -68.34 -63.25
N GLN DA 622 48.06 -68.81 -64.16
CA GLN DA 622 49.49 -68.96 -63.94
C GLN DA 622 50.29 -67.72 -64.34
N GLY DA 623 49.64 -66.67 -64.83
CA GLY DA 623 50.33 -65.55 -65.40
C GLY DA 623 50.46 -64.37 -64.46
N PRO DA 624 51.19 -63.34 -64.90
CA PRO DA 624 51.39 -62.16 -64.06
C PRO DA 624 50.13 -61.33 -63.92
N ILE DA 625 50.06 -60.58 -62.81
CA ILE DA 625 48.93 -59.70 -62.54
C ILE DA 625 49.20 -58.29 -63.04
N TRP DA 626 50.31 -57.70 -62.65
CA TRP DA 626 50.59 -56.31 -62.94
C TRP DA 626 52.01 -56.14 -63.45
N ALA DA 627 52.31 -54.92 -63.86
CA ALA DA 627 53.66 -54.50 -64.23
C ALA DA 627 53.78 -53.02 -63.99
N LYS DA 628 54.96 -52.59 -63.54
CA LYS DA 628 55.24 -51.17 -63.42
C LYS DA 628 55.42 -50.55 -64.78
N ILE DA 629 54.68 -49.47 -65.05
CA ILE DA 629 54.88 -48.71 -66.28
C ILE DA 629 56.16 -47.91 -66.17
N PRO DA 630 57.08 -48.00 -67.12
CA PRO DA 630 58.33 -47.26 -67.02
C PRO DA 630 58.09 -45.77 -66.92
N HIS DA 631 58.89 -45.10 -66.09
CA HIS DA 631 58.77 -43.66 -65.91
C HIS DA 631 59.48 -42.97 -67.06
N THR DA 632 58.74 -42.77 -68.13
CA THR DA 632 59.23 -42.16 -69.35
C THR DA 632 58.37 -40.95 -69.71
N ASP DA 633 58.86 -40.16 -70.66
CA ASP DA 633 58.09 -39.02 -71.14
C ASP DA 633 56.83 -39.46 -71.85
N GLY DA 634 56.91 -40.48 -72.68
CA GLY DA 634 55.76 -40.93 -73.43
C GLY DA 634 55.62 -42.44 -73.37
N HIS DA 635 54.38 -42.87 -73.48
CA HIS DA 635 54.07 -44.29 -73.62
C HIS DA 635 52.70 -44.39 -74.28
N PHE DA 636 52.53 -45.37 -75.14
CA PHE DA 636 51.29 -45.55 -75.87
C PHE DA 636 50.59 -46.80 -75.35
N HIS DA 637 49.39 -46.61 -74.79
CA HIS DA 637 48.55 -47.68 -74.26
C HIS DA 637 49.35 -48.56 -73.30
N PRO DA 638 49.69 -48.05 -72.12
CA PRO DA 638 50.66 -48.72 -71.25
C PRO DA 638 50.10 -49.97 -70.57
N SER DA 639 49.65 -50.91 -71.38
CA SER DA 639 49.22 -52.22 -70.91
C SER DA 639 50.35 -53.21 -71.14
N PRO DA 640 50.77 -53.96 -70.12
CA PRO DA 640 51.93 -54.84 -70.29
C PRO DA 640 51.71 -55.86 -71.38
N LEU DA 641 52.78 -56.17 -72.11
CA LEU DA 641 52.64 -57.04 -73.26
C LEU DA 641 52.50 -58.51 -72.85
N MET DA 642 52.94 -58.85 -71.65
CA MET DA 642 52.66 -60.20 -71.14
C MET DA 642 51.22 -60.34 -70.65
N GLY DA 643 50.50 -59.26 -70.51
CA GLY DA 643 49.15 -59.29 -69.99
C GLY DA 643 49.09 -58.80 -68.56
N GLY DA 644 47.97 -58.20 -68.21
CA GLY DA 644 47.79 -57.71 -66.86
C GLY DA 644 47.52 -56.23 -66.80
N PHE DA 645 47.74 -55.65 -65.62
CA PHE DA 645 47.46 -54.25 -65.36
C PHE DA 645 48.78 -53.49 -65.31
N GLY DA 646 48.89 -52.45 -66.12
CA GLY DA 646 50.03 -51.57 -66.03
C GLY DA 646 49.76 -50.50 -65.00
N LEU DA 647 50.62 -50.40 -63.99
CA LEU DA 647 50.43 -49.45 -62.90
C LEU DA 647 51.61 -48.49 -62.86
N LYS DA 648 51.32 -47.20 -62.75
CA LYS DA 648 52.40 -46.24 -62.55
C LYS DA 648 53.04 -46.40 -61.18
N ASN DA 649 52.22 -46.59 -60.16
CA ASN DA 649 52.69 -46.93 -58.81
C ASN DA 649 52.20 -48.34 -58.50
N PRO DA 650 52.94 -49.37 -58.87
CA PRO DA 650 52.50 -50.73 -58.61
C PRO DA 650 52.67 -51.06 -57.14
N PRO DA 651 52.24 -52.25 -56.70
CA PRO DA 651 52.56 -52.69 -55.35
C PRO DA 651 54.07 -52.69 -55.14
N PRO DA 652 54.54 -52.05 -54.08
CA PRO DA 652 55.99 -51.91 -53.90
C PRO DA 652 56.64 -53.24 -53.53
N GLN DA 653 57.95 -53.28 -53.75
CA GLN DA 653 58.72 -54.46 -53.42
C GLN DA 653 58.94 -54.53 -51.92
N ILE DA 654 58.69 -55.69 -51.34
CA ILE DA 654 59.00 -55.97 -49.94
C ILE DA 654 60.30 -56.74 -49.92
N LEU DA 655 61.31 -56.17 -49.29
CA LEU DA 655 62.65 -56.72 -49.26
C LEU DA 655 62.99 -57.14 -47.84
N ILE DA 656 63.56 -58.33 -47.73
CA ILE DA 656 63.78 -58.98 -46.45
C ILE DA 656 65.16 -59.61 -46.46
N LYS DA 657 65.85 -59.53 -45.32
CA LYS DA 657 67.11 -60.26 -45.21
C LYS DA 657 67.36 -60.58 -43.75
N ASN DA 658 68.23 -61.56 -43.52
CA ASN DA 658 68.65 -61.88 -42.18
C ASN DA 658 69.74 -60.92 -41.75
N THR DA 659 69.60 -60.34 -40.56
CA THR DA 659 70.65 -59.48 -40.05
C THR DA 659 71.90 -60.32 -39.78
N PRO DA 660 73.06 -59.94 -40.28
CA PRO DA 660 74.26 -60.74 -40.05
C PRO DA 660 74.62 -60.80 -38.57
N VAL DA 661 75.00 -61.99 -38.11
CA VAL DA 661 75.48 -62.21 -36.76
C VAL DA 661 76.94 -62.62 -36.86
N PRO DA 662 77.88 -61.77 -36.45
CA PRO DA 662 79.30 -62.12 -36.56
C PRO DA 662 79.67 -63.27 -35.65
N ALA DA 663 80.67 -64.04 -36.09
CA ALA DA 663 81.24 -65.07 -35.25
C ALA DA 663 82.21 -64.45 -34.24
N ASN DA 664 82.99 -65.28 -33.59
CA ASN DA 664 83.87 -64.82 -32.53
C ASN DA 664 84.93 -63.87 -33.08
N PRO DA 665 85.00 -62.63 -32.61
CA PRO DA 665 86.03 -61.70 -33.10
C PRO DA 665 87.38 -62.01 -32.49
N PRO DA 666 88.46 -61.51 -33.08
CA PRO DA 666 89.78 -61.73 -32.49
C PRO DA 666 89.96 -60.98 -31.20
N ALA DA 667 90.95 -61.42 -30.41
CA ALA DA 667 91.24 -60.76 -29.14
C ALA DA 667 91.79 -59.35 -29.35
N GLU DA 668 92.64 -59.16 -30.35
CA GLU DA 668 93.15 -57.86 -30.73
C GLU DA 668 92.30 -57.24 -31.83
N PHE DA 669 92.26 -55.91 -31.84
CA PHE DA 669 91.44 -55.19 -32.80
C PHE DA 669 91.99 -55.29 -34.20
N SER DA 670 91.09 -55.47 -35.17
CA SER DA 670 91.42 -55.49 -36.58
C SER DA 670 90.41 -54.64 -37.32
N ALA DA 671 90.90 -53.72 -38.15
CA ALA DA 671 90.00 -52.86 -38.90
C ALA DA 671 89.46 -53.52 -40.16
N THR DA 672 90.03 -54.67 -40.54
CA THR DA 672 89.47 -55.43 -41.66
C THR DA 672 88.03 -55.81 -41.37
N LYS DA 673 87.16 -55.61 -42.35
CA LYS DA 673 85.75 -55.87 -42.15
C LYS DA 673 85.50 -57.35 -41.88
N PHE DA 674 84.44 -57.61 -41.13
CA PHE DA 674 84.13 -58.96 -40.71
C PHE DA 674 83.80 -59.82 -41.93
N ALA DA 675 84.34 -61.04 -41.94
CA ALA DA 675 84.03 -62.00 -42.97
C ALA DA 675 83.52 -63.32 -42.40
N SER DA 676 83.66 -63.52 -41.10
CA SER DA 676 83.21 -64.74 -40.43
C SER DA 676 81.88 -64.45 -39.76
N PHE DA 677 80.84 -65.14 -40.20
CA PHE DA 677 79.50 -64.93 -39.68
C PHE DA 677 78.92 -66.24 -39.21
N ILE DA 678 77.99 -66.13 -38.28
CA ILE DA 678 77.22 -67.28 -37.81
C ILE DA 678 76.20 -67.62 -38.88
N THR DA 679 76.22 -68.88 -39.34
CA THR DA 679 75.38 -69.29 -40.46
C THR DA 679 73.95 -69.48 -39.98
N GLN DA 680 73.02 -68.77 -40.60
CA GLN DA 680 71.64 -68.89 -40.16
C GLN DA 680 70.70 -68.56 -41.31
N TYR DA 681 69.46 -69.02 -41.15
CA TYR DA 681 68.38 -68.71 -42.07
C TYR DA 681 67.16 -68.34 -41.24
N SER DA 682 66.07 -68.00 -41.92
CA SER DA 682 64.84 -67.69 -41.22
C SER DA 682 63.66 -68.31 -41.94
N THR DA 683 62.59 -68.51 -41.20
CA THR DA 683 61.36 -69.05 -41.75
C THR DA 683 60.20 -68.28 -41.15
N GLY DA 684 59.06 -68.33 -41.82
CA GLY DA 684 57.91 -67.62 -41.30
C GLY DA 684 56.71 -67.79 -42.18
N GLN DA 685 55.69 -67.00 -41.88
CA GLN DA 685 54.44 -67.01 -42.64
C GLN DA 685 54.19 -65.64 -43.24
N VAL DA 686 53.66 -65.64 -44.44
CA VAL DA 686 53.34 -64.43 -45.18
C VAL DA 686 51.88 -64.50 -45.62
N SER DA 687 51.14 -63.42 -45.40
CA SER DA 687 49.75 -63.30 -45.80
C SER DA 687 49.60 -62.14 -46.77
N VAL DA 688 48.90 -62.38 -47.87
CA VAL DA 688 48.53 -61.35 -48.82
C VAL DA 688 47.02 -61.41 -49.02
N GLU DA 689 46.36 -60.27 -48.85
CA GLU DA 689 44.92 -60.15 -49.05
C GLU DA 689 44.67 -59.09 -50.11
N ILE DA 690 44.02 -59.46 -51.20
CA ILE DA 690 43.68 -58.52 -52.26
C ILE DA 690 42.17 -58.45 -52.39
N GLU DA 691 41.64 -57.23 -52.35
CA GLU DA 691 40.27 -56.94 -52.75
C GLU DA 691 40.27 -56.59 -54.23
N TRP DA 692 39.40 -57.27 -54.99
CA TRP DA 692 39.20 -57.08 -56.41
C TRP DA 692 37.78 -56.60 -56.66
N GLU DA 693 37.64 -55.60 -57.53
CA GLU DA 693 36.36 -55.15 -58.02
C GLU DA 693 35.96 -55.95 -59.25
N LEU DA 694 34.70 -56.38 -59.28
CA LEU DA 694 34.15 -57.17 -60.36
C LEU DA 694 33.24 -56.32 -61.23
N GLN DA 695 33.13 -56.71 -62.47
CA GLN DA 695 32.24 -56.07 -63.44
C GLN DA 695 31.38 -57.20 -63.99
N LYS DA 696 30.13 -57.24 -63.53
CA LYS DA 696 29.21 -58.32 -63.82
C LYS DA 696 28.73 -58.28 -65.25
N GLU DA 697 28.43 -59.46 -65.79
CA GLU DA 697 27.80 -59.54 -67.10
C GLU DA 697 26.38 -58.99 -67.00
N ASN DA 698 25.93 -58.35 -68.08
CA ASN DA 698 24.56 -57.86 -68.20
C ASN DA 698 23.96 -58.30 -69.53
N SER DA 699 24.24 -59.54 -69.93
CA SER DA 699 23.99 -59.97 -71.28
C SER DA 699 22.51 -60.30 -71.51
N LYS DA 700 22.05 -60.04 -72.73
CA LYS DA 700 20.72 -60.43 -73.17
C LYS DA 700 20.78 -61.60 -74.15
N ARG DA 701 21.91 -62.28 -74.22
CA ARG DA 701 22.07 -63.43 -75.10
C ARG DA 701 21.12 -64.54 -74.70
N TRP DA 702 20.54 -65.20 -75.71
CA TRP DA 702 19.53 -66.21 -75.47
C TRP DA 702 20.14 -67.59 -75.25
N ASN DA 703 21.01 -68.02 -76.16
CA ASN DA 703 21.61 -69.34 -76.08
C ASN DA 703 22.64 -69.38 -74.96
N PRO DA 704 22.95 -70.57 -74.45
CA PRO DA 704 23.92 -70.67 -73.36
C PRO DA 704 25.33 -70.28 -73.80
N GLU DA 705 26.09 -69.76 -72.84
CA GLU DA 705 27.45 -69.30 -73.06
C GLU DA 705 28.43 -70.46 -72.97
N VAL DA 706 29.62 -70.23 -73.50
CA VAL DA 706 30.75 -71.13 -73.29
C VAL DA 706 31.33 -70.86 -71.91
N GLN DA 707 31.51 -71.92 -71.14
CA GLN DA 707 32.05 -71.82 -69.79
C GLN DA 707 33.29 -72.69 -69.68
N TYR DA 708 34.18 -72.32 -68.77
CA TYR DA 708 35.27 -73.21 -68.42
C TYR DA 708 34.74 -74.28 -67.50
N THR DA 709 34.98 -75.54 -67.86
CA THR DA 709 34.44 -76.65 -67.09
C THR DA 709 35.50 -77.73 -66.90
N SER DA 710 35.35 -78.48 -65.81
CA SER DA 710 36.08 -79.71 -65.65
C SER DA 710 35.52 -80.77 -66.58
N ASN DA 711 36.38 -81.65 -67.05
CA ASN DA 711 35.94 -82.77 -67.87
C ASN DA 711 35.37 -83.85 -66.98
N TYR DA 712 34.16 -84.32 -67.31
CA TYR DA 712 33.55 -85.44 -66.61
C TYR DA 712 33.97 -86.70 -67.34
N ALA DA 713 34.81 -87.50 -66.69
CA ALA DA 713 35.26 -88.76 -67.26
C ALA DA 713 36.12 -89.45 -66.23
N LYS DA 714 36.13 -90.78 -66.26
CA LYS DA 714 37.03 -91.51 -65.40
C LYS DA 714 38.47 -91.19 -65.80
N SER DA 715 39.23 -90.64 -64.86
CA SER DA 715 40.62 -90.29 -65.10
C SER DA 715 41.45 -90.79 -63.93
N ALA DA 716 42.72 -91.07 -64.20
CA ALA DA 716 43.60 -91.56 -63.14
C ALA DA 716 43.78 -90.52 -62.05
N ASN DA 717 43.74 -89.24 -62.41
CA ASN DA 717 43.90 -88.14 -61.47
C ASN DA 717 42.79 -87.13 -61.67
N VAL DA 718 42.63 -86.25 -60.70
CA VAL DA 718 41.77 -85.09 -60.80
C VAL DA 718 42.63 -83.89 -61.20
N ASP DA 719 42.10 -83.06 -62.09
CA ASP DA 719 42.85 -81.89 -62.53
C ASP DA 719 43.00 -80.88 -61.39
N PHE DA 720 44.15 -80.22 -61.37
CA PHE DA 720 44.48 -79.21 -60.37
C PHE DA 720 44.48 -79.80 -58.96
N THR DA 721 45.09 -80.97 -58.81
CA THR DA 721 45.20 -81.63 -57.52
C THR DA 721 46.62 -82.14 -57.33
N VAL DA 722 46.83 -82.91 -56.29
CA VAL DA 722 48.11 -83.56 -56.02
C VAL DA 722 48.03 -84.98 -56.56
N ASP DA 723 49.20 -85.56 -56.82
CA ASP DA 723 49.27 -86.96 -57.22
C ASP DA 723 49.57 -87.81 -55.99
N ASN DA 724 49.85 -89.10 -56.21
CA ASN DA 724 50.17 -89.97 -55.09
C ASN DA 724 51.51 -89.64 -54.43
N ASN DA 725 52.36 -88.85 -55.11
CA ASN DA 725 53.61 -88.41 -54.52
C ASN DA 725 53.50 -87.08 -53.80
N GLY DA 726 52.35 -86.42 -53.87
CA GLY DA 726 52.16 -85.15 -53.21
C GLY DA 726 52.50 -83.93 -54.03
N LEU DA 727 52.64 -84.07 -55.34
CA LEU DA 727 53.06 -82.97 -56.21
C LEU DA 727 51.85 -82.31 -56.83
N TYR DA 728 51.65 -81.04 -56.52
CA TYR DA 728 50.57 -80.27 -57.11
C TYR DA 728 50.93 -79.89 -58.55
N THR DA 729 50.00 -80.13 -59.47
CA THR DA 729 50.21 -79.84 -60.87
C THR DA 729 49.00 -79.10 -61.43
N GLU DA 730 49.25 -78.26 -62.42
CA GLU DA 730 48.19 -77.57 -63.16
C GLU DA 730 48.18 -78.09 -64.59
N PRO DA 731 47.15 -78.84 -65.00
CA PRO DA 731 47.18 -79.49 -66.31
C PRO DA 731 47.22 -78.55 -67.50
N ARG DA 732 46.61 -77.38 -67.40
CA ARG DA 732 46.46 -76.51 -68.55
C ARG DA 732 46.44 -75.07 -68.07
N PRO DA 733 46.77 -74.11 -68.93
CA PRO DA 733 46.56 -72.70 -68.58
C PRO DA 733 45.13 -72.28 -68.87
N ILE DA 734 44.53 -71.58 -67.92
CA ILE DA 734 43.15 -71.13 -68.03
C ILE DA 734 43.15 -69.61 -68.25
N GLY DA 735 42.52 -69.17 -69.34
CA GLY DA 735 42.33 -67.76 -69.58
C GLY DA 735 41.09 -67.23 -68.91
N THR DA 736 40.62 -66.09 -69.40
CA THR DA 736 39.48 -65.41 -68.81
C THR DA 736 38.30 -65.26 -69.76
N ARG DA 737 38.53 -65.32 -71.06
CA ARG DA 737 37.52 -64.89 -72.04
C ARG DA 737 36.60 -66.05 -72.38
N TYR DA 738 35.52 -66.20 -71.61
CA TYR DA 738 34.55 -67.26 -71.85
C TYR DA 738 33.18 -66.66 -72.14
N LEU DA 739 32.73 -65.74 -71.30
CA LEU DA 739 31.52 -65.00 -71.60
C LEU DA 739 31.74 -64.15 -72.83
N THR DA 740 30.65 -63.71 -73.46
CA THR DA 740 30.75 -62.89 -74.66
C THR DA 740 29.93 -61.62 -74.49
N ARG DA 741 30.23 -60.65 -75.33
CA ARG DA 741 29.45 -59.43 -75.41
C ARG DA 741 29.52 -58.91 -76.84
N PRO DA 742 28.53 -58.16 -77.28
CA PRO DA 742 28.56 -57.63 -78.65
C PRO DA 742 29.64 -56.58 -78.83
N LEU DA 743 30.20 -56.55 -80.03
CA LEU DA 743 31.32 -55.67 -80.33
C LEU DA 743 30.89 -54.22 -80.45
N ASP EA 219 -56.77 58.88 29.36
CA ASP EA 219 -56.99 58.10 28.14
C ASP EA 219 -57.97 58.79 27.21
N GLY EA 220 -58.42 59.99 27.56
CA GLY EA 220 -59.26 60.80 26.72
C GLY EA 220 -60.52 61.27 27.42
N VAL EA 221 -61.16 62.25 26.79
CA VAL EA 221 -62.40 62.80 27.31
C VAL EA 221 -63.55 61.80 27.15
N GLY EA 222 -63.62 61.11 26.01
CA GLY EA 222 -64.76 60.27 25.73
C GLY EA 222 -64.56 58.80 26.00
N ASN EA 223 -63.56 58.47 26.81
CA ASN EA 223 -63.24 57.09 27.15
C ASN EA 223 -63.26 56.96 28.67
N ALA EA 224 -64.04 56.01 29.17
CA ALA EA 224 -64.11 55.78 30.61
C ALA EA 224 -62.82 55.15 31.11
N SER EA 225 -62.35 55.61 32.27
CA SER EA 225 -61.10 55.13 32.83
C SER EA 225 -61.28 54.02 33.84
N GLY EA 226 -62.50 53.52 34.02
CA GLY EA 226 -62.71 52.39 34.90
C GLY EA 226 -64.13 51.91 34.81
N ASN EA 227 -64.36 50.75 35.40
CA ASN EA 227 -65.67 50.12 35.41
C ASN EA 227 -66.18 49.99 36.83
N TRP EA 228 -67.46 49.70 36.95
CA TRP EA 228 -68.09 49.51 38.26
C TRP EA 228 -67.79 48.10 38.73
N HIS EA 229 -67.02 47.97 39.79
CA HIS EA 229 -66.65 46.68 40.37
C HIS EA 229 -67.19 46.63 41.79
N CYS EA 230 -68.40 46.10 41.94
CA CYS EA 230 -69.02 45.92 43.25
C CYS EA 230 -69.50 44.49 43.35
N ASP EA 231 -68.83 43.68 44.15
CA ASP EA 231 -69.03 42.24 44.12
C ASP EA 231 -68.51 41.66 45.44
N SER EA 232 -68.67 40.35 45.58
CA SER EA 232 -68.11 39.62 46.72
C SER EA 232 -67.91 38.18 46.29
N THR EA 233 -66.66 37.72 46.30
CA THR EA 233 -66.31 36.38 45.87
C THR EA 233 -65.85 35.59 47.08
N TRP EA 234 -66.44 34.43 47.28
CA TRP EA 234 -66.12 33.57 48.41
C TRP EA 234 -65.33 32.37 47.90
N LEU EA 235 -64.06 32.32 48.26
CA LEU EA 235 -63.23 31.15 47.98
C LEU EA 235 -63.27 30.26 49.21
N GLY EA 236 -62.40 29.25 49.25
CA GLY EA 236 -62.43 28.32 50.37
C GLY EA 236 -62.09 28.99 51.70
N ASP EA 237 -60.98 29.71 51.74
CA ASP EA 237 -60.53 30.34 52.97
C ASP EA 237 -60.36 31.84 52.83
N ARG EA 238 -60.70 32.42 51.68
CA ARG EA 238 -60.64 33.85 51.46
C ARG EA 238 -62.01 34.35 51.06
N VAL EA 239 -62.26 35.63 51.31
CA VAL EA 239 -63.36 36.34 50.70
C VAL EA 239 -62.83 37.66 50.18
N ILE EA 240 -63.16 37.99 48.93
CA ILE EA 240 -62.74 39.24 48.32
C ILE EA 240 -63.97 40.10 48.13
N THR EA 241 -63.98 41.26 48.78
CA THR EA 241 -65.08 42.21 48.70
C THR EA 241 -64.65 43.42 47.89
N THR EA 242 -65.42 43.76 46.87
CA THR EA 242 -65.18 44.93 46.05
C THR EA 242 -66.36 45.89 46.18
N SER EA 243 -66.06 47.18 46.30
CA SER EA 243 -67.08 48.20 46.47
C SER EA 243 -66.73 49.40 45.62
N THR EA 244 -67.67 49.82 44.78
CA THR EA 244 -67.55 51.05 44.02
C THR EA 244 -68.62 52.03 44.49
N ARG EA 245 -68.23 53.29 44.65
CA ARG EA 245 -69.12 54.36 45.06
C ARG EA 245 -68.87 55.59 44.22
N THR EA 246 -69.87 56.47 44.18
CA THR EA 246 -69.74 57.75 43.51
C THR EA 246 -69.54 58.84 44.56
N TRP EA 247 -68.48 59.61 44.39
CA TRP EA 247 -68.11 60.66 45.33
C TRP EA 247 -68.19 62.03 44.68
N ALA EA 248 -68.45 63.02 45.53
CA ALA EA 248 -68.39 64.43 45.18
C ALA EA 248 -67.42 65.13 46.13
N LEU EA 249 -66.46 65.86 45.56
CA LEU EA 249 -65.45 66.58 46.31
C LEU EA 249 -65.61 68.07 46.05
N PRO EA 250 -65.93 68.88 47.06
CA PRO EA 250 -66.00 70.32 46.84
C PRO EA 250 -64.66 71.00 47.04
N THR EA 251 -64.64 72.31 46.94
CA THR EA 251 -63.48 73.11 47.34
C THR EA 251 -63.64 73.48 48.82
N TYR EA 252 -62.65 73.15 49.62
CA TYR EA 252 -62.67 73.40 51.05
C TYR EA 252 -61.80 74.60 51.38
N ASN EA 253 -62.34 75.50 52.20
CA ASN EA 253 -61.62 76.64 52.76
C ASN EA 253 -61.22 77.68 51.71
N ASN EA 254 -61.79 77.61 50.51
CA ASN EA 254 -61.34 78.43 49.38
C ASN EA 254 -59.86 78.21 49.11
N HIS EA 255 -59.44 76.94 49.13
CA HIS EA 255 -58.06 76.53 48.83
C HIS EA 255 -57.07 77.07 49.86
N LEU EA 256 -57.54 77.31 51.07
CA LEU EA 256 -56.70 77.90 52.11
C LEU EA 256 -56.44 76.92 53.23
N TYR EA 257 -55.28 77.05 53.85
CA TYR EA 257 -54.96 76.39 55.10
C TYR EA 257 -55.32 77.35 56.22
N LYS EA 258 -56.15 76.92 57.15
CA LYS EA 258 -56.59 77.78 58.23
C LYS EA 258 -56.21 77.18 59.57
N GLN EA 259 -55.81 78.04 60.49
CA GLN EA 259 -55.49 77.62 61.85
C GLN EA 259 -56.76 77.69 62.69
N ILE EA 260 -57.09 76.57 63.33
CA ILE EA 260 -58.31 76.47 64.12
C ILE EA 260 -57.94 76.18 65.56
N SER EA 261 -58.72 76.73 66.47
CA SER EA 261 -58.53 76.50 67.90
C SER EA 261 -59.86 76.72 68.60
N SER EA 262 -59.83 76.66 69.94
CA SER EA 262 -61.03 76.82 70.75
C SER EA 262 -61.15 78.21 71.36
N ALA EA 263 -60.27 79.14 70.97
CA ALA EA 263 -60.25 80.46 71.61
C ALA EA 263 -61.55 81.21 71.37
N SER EA 264 -62.06 81.20 70.13
CA SER EA 264 -63.34 81.84 69.88
C SER EA 264 -64.50 81.02 70.42
N THR EA 265 -64.34 79.69 70.46
CA THR EA 265 -65.40 78.83 70.98
C THR EA 265 -65.66 79.11 72.45
N GLY EA 266 -64.62 79.40 73.21
CA GLY EA 266 -64.79 79.59 74.65
C GLY EA 266 -65.18 78.33 75.37
N ALA EA 267 -64.52 77.21 75.05
CA ALA EA 267 -64.85 75.92 75.63
C ALA EA 267 -64.24 75.78 77.02
N SER EA 268 -64.54 74.65 77.67
CA SER EA 268 -63.94 74.33 78.94
C SER EA 268 -62.50 73.88 78.75
N ASN EA 269 -61.77 73.77 79.85
CA ASN EA 269 -60.37 73.38 79.78
C ASN EA 269 -60.20 71.99 79.18
N ASP EA 270 -61.20 71.13 79.35
CA ASP EA 270 -61.13 69.77 78.82
C ASP EA 270 -61.33 69.72 77.31
N ASN EA 271 -61.95 70.74 76.72
CA ASN EA 271 -62.31 70.73 75.31
C ASN EA 271 -61.44 71.67 74.48
N HIS EA 272 -60.36 72.20 75.07
CA HIS EA 272 -59.47 73.08 74.34
C HIS EA 272 -58.70 72.31 73.28
N TYR EA 273 -58.44 72.96 72.16
CA TYR EA 273 -57.67 72.32 71.10
C TYR EA 273 -57.00 73.38 70.24
N PHE EA 274 -56.00 72.94 69.48
CA PHE EA 274 -55.31 73.75 68.51
C PHE EA 274 -54.96 72.86 67.33
N GLY EA 275 -55.20 73.34 66.12
CA GLY EA 275 -54.91 72.54 64.97
C GLY EA 275 -55.04 73.31 63.68
N TYR EA 276 -55.17 72.56 62.60
CA TYR EA 276 -55.23 73.16 61.27
C TYR EA 276 -56.29 72.47 60.42
N SER EA 277 -56.93 73.28 59.58
CA SER EA 277 -57.90 72.83 58.59
C SER EA 277 -57.26 72.96 57.21
N THR EA 278 -57.21 71.87 56.45
CA THR EA 278 -56.59 71.95 55.15
C THR EA 278 -57.65 72.03 54.06
N PRO EA 279 -57.31 72.48 52.86
CA PRO EA 279 -58.25 72.42 51.75
C PRO EA 279 -58.43 71.04 51.13
N TRP EA 280 -57.80 70.01 51.69
CA TRP EA 280 -57.87 68.67 51.15
C TRP EA 280 -59.03 67.89 51.77
N GLY EA 281 -59.54 66.93 51.02
CA GLY EA 281 -60.40 65.90 51.55
C GLY EA 281 -59.66 64.58 51.58
N TYR EA 282 -60.25 63.60 52.24
CA TYR EA 282 -59.63 62.29 52.32
C TYR EA 282 -60.66 61.21 52.06
N PHE EA 283 -60.18 60.05 51.64
CA PHE EA 283 -61.03 58.90 51.37
C PHE EA 283 -61.00 57.97 52.58
N ASP EA 284 -62.19 57.59 53.04
CA ASP EA 284 -62.35 56.75 54.22
C ASP EA 284 -63.21 55.54 53.87
N PHE EA 285 -62.68 54.35 54.13
CA PHE EA 285 -63.44 53.12 53.98
C PHE EA 285 -63.17 52.24 55.20
N ASN EA 286 -63.16 52.85 56.38
CA ASN EA 286 -62.83 52.17 57.61
C ASN EA 286 -64.08 51.75 58.39
N ARG EA 287 -65.11 51.29 57.71
CA ARG EA 287 -66.25 50.64 58.33
C ARG EA 287 -66.54 49.35 57.59
N PHE EA 288 -67.10 48.38 58.30
CA PHE EA 288 -67.28 47.06 57.70
C PHE EA 288 -68.38 47.06 56.64
N HIS EA 289 -69.37 47.94 56.76
CA HIS EA 289 -70.45 47.96 55.78
C HIS EA 289 -70.06 48.69 54.51
N CYS EA 290 -68.89 49.33 54.46
CA CYS EA 290 -68.37 49.82 53.20
C CYS EA 290 -67.95 48.68 52.29
N HIS EA 291 -67.80 47.47 52.84
CA HIS EA 291 -67.29 46.33 52.10
C HIS EA 291 -68.23 45.14 52.11
N PHE EA 292 -68.98 44.91 53.17
CA PHE EA 292 -69.86 43.77 53.30
C PHE EA 292 -71.31 44.22 53.19
N SER EA 293 -72.08 43.55 52.33
CA SER EA 293 -73.52 43.65 52.42
C SER EA 293 -73.97 42.93 53.68
N PRO EA 294 -75.18 43.22 54.17
CA PRO EA 294 -75.68 42.46 55.32
C PRO EA 294 -75.75 40.97 55.09
N ARG EA 295 -76.08 40.54 53.88
CA ARG EA 295 -76.07 39.12 53.55
C ARG EA 295 -74.66 38.55 53.64
N ASP EA 296 -73.66 39.27 53.12
CA ASP EA 296 -72.29 38.80 53.20
C ASP EA 296 -71.79 38.77 54.64
N TRP EA 297 -72.18 39.76 55.44
CA TRP EA 297 -71.82 39.77 56.85
C TRP EA 297 -72.42 38.57 57.57
N GLN EA 298 -73.68 38.27 57.30
CA GLN EA 298 -74.31 37.11 57.90
C GLN EA 298 -73.63 35.83 57.48
N ARG EA 299 -73.29 35.71 56.19
CA ARG EA 299 -72.56 34.56 55.70
C ARG EA 299 -71.22 34.39 56.39
N LEU EA 300 -70.53 35.50 56.63
CA LEU EA 300 -69.24 35.44 57.31
C LEU EA 300 -69.40 35.01 58.76
N ILE EA 301 -70.30 35.67 59.51
CA ILE EA 301 -70.37 35.47 60.94
C ILE EA 301 -71.08 34.18 61.33
N ASN EA 302 -71.90 33.62 60.46
CA ASN EA 302 -72.56 32.37 60.78
C ASN EA 302 -71.70 31.15 60.48
N ASN EA 303 -70.58 31.32 59.81
CA ASN EA 303 -69.81 30.19 59.30
C ASN EA 303 -68.35 30.23 59.67
N ASN EA 304 -67.81 31.36 60.11
CA ASN EA 304 -66.38 31.47 60.33
C ASN EA 304 -66.09 31.72 61.80
N TRP EA 305 -65.04 31.06 62.30
CA TRP EA 305 -64.56 31.31 63.64
C TRP EA 305 -63.70 32.55 63.75
N GLY EA 306 -63.14 33.01 62.64
CA GLY EA 306 -62.38 34.25 62.71
C GLY EA 306 -62.12 34.80 61.33
N PHE EA 307 -61.66 36.05 61.30
CA PHE EA 307 -61.30 36.62 60.02
C PHE EA 307 -60.32 37.77 60.20
N ARG EA 308 -59.63 38.12 59.11
CA ARG EA 308 -58.70 39.24 59.15
C ARG EA 308 -58.46 39.72 57.74
N PRO EA 309 -58.00 40.96 57.56
CA PRO EA 309 -57.70 41.46 56.21
C PRO EA 309 -56.28 41.13 55.76
N LYS EA 310 -56.17 40.73 54.50
CA LYS EA 310 -54.93 40.38 53.83
C LYS EA 310 -54.43 41.48 52.91
N ARG EA 311 -55.24 41.96 51.99
CA ARG EA 311 -54.71 42.97 51.08
C ARG EA 311 -55.83 43.85 50.55
N LEU EA 312 -55.45 44.98 49.96
CA LEU EA 312 -56.45 45.86 49.37
C LEU EA 312 -55.90 46.56 48.14
N ASN EA 313 -56.82 46.88 47.24
CA ASN EA 313 -56.61 47.69 46.05
C ASN EA 313 -57.55 48.87 46.10
N PHE EA 314 -57.04 50.03 45.74
CA PHE EA 314 -57.80 51.27 45.71
C PHE EA 314 -57.68 51.85 44.31
N LYS EA 315 -58.81 52.24 43.73
CA LYS EA 315 -58.82 52.86 42.42
C LYS EA 315 -59.73 54.08 42.44
N LEU EA 316 -59.31 55.10 41.71
CA LEU EA 316 -60.04 56.36 41.57
C LEU EA 316 -60.15 56.64 40.08
N PHE EA 317 -61.37 56.74 39.57
CA PHE EA 317 -61.54 56.77 38.12
C PHE EA 317 -62.77 57.58 37.76
N ASN EA 318 -62.85 57.95 36.49
CA ASN EA 318 -63.96 58.70 35.90
C ASN EA 318 -64.10 60.06 36.56
N ILE EA 319 -63.01 60.82 36.56
CA ILE EA 319 -62.99 62.15 37.17
C ILE EA 319 -63.72 63.13 36.28
N GLN EA 320 -64.60 63.93 36.89
CA GLN EA 320 -65.28 65.01 36.19
C GLN EA 320 -65.19 66.26 37.05
N VAL EA 321 -64.52 67.28 36.55
CA VAL EA 321 -64.47 68.57 37.22
C VAL EA 321 -65.57 69.46 36.65
N LYS EA 322 -66.35 70.06 37.53
CA LYS EA 322 -67.48 70.89 37.15
C LYS EA 322 -67.29 72.30 37.66
N GLU EA 323 -67.44 73.27 36.76
CA GLU EA 323 -67.42 74.69 37.07
C GLU EA 323 -68.83 75.18 37.40
N VAL EA 324 -68.94 75.99 38.44
CA VAL EA 324 -70.22 76.50 38.93
C VAL EA 324 -70.20 78.03 38.90
N THR EA 325 -71.23 78.62 38.30
CA THR EA 325 -71.43 80.06 38.31
C THR EA 325 -72.84 80.37 38.77
N THR EA 326 -72.98 81.20 39.80
CA THR EA 326 -74.30 81.63 40.26
C THR EA 326 -74.46 83.12 39.91
N ASN EA 327 -75.43 83.41 39.06
CA ASN EA 327 -75.76 84.77 38.65
C ASN EA 327 -77.25 85.02 38.83
N ASP EA 328 -77.59 86.13 39.49
CA ASP EA 328 -78.97 86.53 39.70
C ASP EA 328 -79.78 85.44 40.38
N GLY EA 329 -79.11 84.58 41.16
CA GLY EA 329 -79.75 83.51 41.87
C GLY EA 329 -79.83 82.19 41.14
N VAL EA 330 -79.55 82.17 39.83
CA VAL EA 330 -79.62 80.93 39.07
C VAL EA 330 -78.20 80.39 38.87
N THR EA 331 -78.07 79.08 38.95
CA THR EA 331 -76.79 78.40 38.98
C THR EA 331 -76.57 77.63 37.70
N THR EA 332 -75.43 77.86 37.05
CA THR EA 332 -74.99 77.14 35.87
C THR EA 332 -73.82 76.24 36.23
N ILE EA 333 -73.90 74.99 35.80
CA ILE EA 333 -72.81 74.03 35.98
C ILE EA 333 -72.34 73.60 34.59
N ALA EA 334 -71.04 73.67 34.36
CA ALA EA 334 -70.45 73.25 33.11
C ALA EA 334 -69.30 72.29 33.39
N ASN EA 335 -68.85 71.61 32.35
CA ASN EA 335 -67.69 70.76 32.48
C ASN EA 335 -66.42 71.58 32.27
N ASN EA 336 -65.43 71.32 33.11
CA ASN EA 336 -64.11 71.92 32.97
C ASN EA 336 -63.16 70.80 32.56
N LEU EA 337 -62.92 70.68 31.26
CA LEU EA 337 -62.20 69.53 30.74
C LEU EA 337 -60.71 69.58 31.03
N THR EA 338 -60.16 70.73 31.39
CA THR EA 338 -58.73 70.89 31.57
C THR EA 338 -58.32 71.04 33.03
N SER EA 339 -59.25 70.88 33.96
CA SER EA 339 -58.93 71.00 35.37
C SER EA 339 -58.48 69.65 35.94
N THR EA 340 -57.77 69.72 37.06
CA THR EA 340 -57.17 68.54 37.66
C THR EA 340 -57.60 68.39 39.11
N VAL EA 341 -57.56 67.15 39.58
CA VAL EA 341 -57.60 66.83 41.00
C VAL EA 341 -56.25 66.25 41.38
N GLN EA 342 -55.70 66.72 42.49
CA GLN EA 342 -54.47 66.16 43.04
C GLN EA 342 -54.83 65.06 44.03
N VAL EA 343 -54.19 63.91 43.87
CA VAL EA 343 -54.39 62.76 44.74
C VAL EA 343 -53.04 62.25 45.19
N PHE EA 344 -52.90 61.95 46.48
CA PHE EA 344 -51.71 61.24 46.91
C PHE EA 344 -52.05 60.34 48.10
N SER EA 345 -51.25 59.30 48.25
CA SER EA 345 -51.37 58.36 49.36
C SER EA 345 -50.22 58.61 50.31
N ASP EA 346 -50.53 58.72 51.61
CA ASP EA 346 -49.51 58.99 52.62
C ASP EA 346 -48.94 57.67 53.11
N SER EA 347 -48.13 57.05 52.24
CA SER EA 347 -47.65 55.69 52.46
C SER EA 347 -46.58 55.60 53.53
N GLU EA 348 -45.92 56.71 53.86
CA GLU EA 348 -44.89 56.71 54.89
C GLU EA 348 -45.38 57.24 56.22
N TYR EA 349 -46.68 57.50 56.35
CA TYR EA 349 -47.30 57.93 57.61
C TYR EA 349 -46.61 59.15 58.18
N GLN EA 350 -46.36 60.13 57.30
CA GLN EA 350 -45.73 61.37 57.68
C GLN EA 350 -46.73 62.43 58.12
N LEU EA 351 -48.00 62.16 57.97
CA LEU EA 351 -49.09 63.05 58.32
C LEU EA 351 -49.80 62.54 59.57
N PRO EA 352 -50.48 63.41 60.29
CA PRO EA 352 -51.35 62.93 61.37
C PRO EA 352 -52.43 62.02 60.83
N TYR EA 353 -52.61 60.88 61.49
CA TYR EA 353 -53.58 59.88 61.05
C TYR EA 353 -54.91 60.18 61.71
N VAL EA 354 -55.85 60.73 60.94
CA VAL EA 354 -57.17 61.05 61.49
C VAL EA 354 -58.17 59.93 61.25
N LEU EA 355 -57.82 58.93 60.45
CA LEU EA 355 -58.65 57.74 60.37
C LEU EA 355 -58.52 56.98 61.69
N GLY EA 356 -59.47 56.09 61.93
CA GLY EA 356 -59.45 55.36 63.18
C GLY EA 356 -59.98 56.12 64.37
N SER EA 357 -60.65 57.25 64.14
CA SER EA 357 -61.34 57.98 65.20
C SER EA 357 -62.85 57.90 65.04
N ALA EA 358 -63.33 57.01 64.17
CA ALA EA 358 -64.76 56.76 63.96
C ALA EA 358 -65.50 58.00 63.47
N HIS EA 359 -65.00 58.59 62.40
CA HIS EA 359 -65.58 59.80 61.85
C HIS EA 359 -66.54 59.48 60.70
N GLN EA 360 -67.44 60.41 60.45
CA GLN EA 360 -68.31 60.33 59.30
C GLN EA 360 -67.52 60.59 58.03
N GLY EA 361 -68.10 60.21 56.89
CA GLY EA 361 -67.45 60.45 55.63
C GLY EA 361 -66.94 59.20 54.93
N CYS EA 362 -67.21 58.03 55.50
CA CYS EA 362 -66.85 56.78 54.85
C CYS EA 362 -67.71 56.56 53.61
N LEU EA 363 -67.36 55.54 52.84
CA LEU EA 363 -68.23 55.11 51.76
C LEU EA 363 -69.57 54.66 52.37
N PRO EA 364 -70.69 55.05 51.77
CA PRO EA 364 -71.99 54.67 52.33
C PRO EA 364 -72.20 53.17 52.25
N PRO EA 365 -73.00 52.61 53.17
CA PRO EA 365 -73.25 51.16 53.11
C PRO EA 365 -73.94 50.72 51.84
N PHE EA 366 -74.87 51.51 51.34
CA PHE EA 366 -75.62 51.15 50.15
C PHE EA 366 -74.87 51.59 48.89
N PRO EA 367 -74.61 50.68 47.95
CA PRO EA 367 -73.78 51.02 46.78
C PRO EA 367 -74.40 52.07 45.87
N ALA EA 368 -75.71 52.33 45.98
CA ALA EA 368 -76.34 53.33 45.15
C ALA EA 368 -76.18 54.75 45.68
N ASP EA 369 -75.64 54.91 46.88
CA ASP EA 369 -75.57 56.23 47.50
C ASP EA 369 -74.34 56.99 47.03
N VAL EA 370 -74.52 58.29 46.81
CA VAL EA 370 -73.45 59.19 46.42
C VAL EA 370 -73.01 59.97 47.64
N PHE EA 371 -71.71 60.00 47.90
CA PHE EA 371 -71.22 60.56 49.14
C PHE EA 371 -70.27 61.72 48.91
N MET EA 372 -70.31 62.68 49.83
CA MET EA 372 -69.43 63.82 49.84
C MET EA 372 -68.14 63.46 50.56
N ILE EA 373 -67.02 63.94 50.04
CA ILE EA 373 -65.73 63.61 50.62
C ILE EA 373 -65.45 64.53 51.81
N PRO EA 374 -65.09 63.99 52.98
CA PRO EA 374 -64.87 64.83 54.15
C PRO EA 374 -63.57 65.62 54.09
N GLN EA 375 -63.57 66.76 54.75
CA GLN EA 375 -62.40 67.64 54.75
C GLN EA 375 -61.33 67.12 55.70
N TYR EA 376 -60.07 67.31 55.32
CA TYR EA 376 -58.96 66.91 56.15
C TYR EA 376 -58.56 68.03 57.11
N GLY EA 377 -58.35 67.67 58.35
CA GLY EA 377 -57.84 68.59 59.35
C GLY EA 377 -57.21 67.76 60.44
N TYR EA 378 -56.33 68.40 61.19
CA TYR EA 378 -55.64 67.68 62.25
C TYR EA 378 -55.48 68.60 63.44
N LEU EA 379 -55.14 68.01 64.58
CA LEU EA 379 -54.85 68.72 65.80
C LEU EA 379 -53.38 68.51 66.14
N THR EA 380 -52.79 69.49 66.81
CA THR EA 380 -51.41 69.41 67.25
C THR EA 380 -51.36 69.75 68.73
N LEU EA 381 -50.15 69.75 69.28
CA LEU EA 381 -49.97 70.04 70.69
C LEU EA 381 -50.55 71.40 71.03
N ASN EA 382 -51.30 71.47 72.12
CA ASN EA 382 -51.91 72.71 72.54
C ASN EA 382 -51.75 72.90 74.04
N ASN EA 383 -51.63 74.17 74.44
CA ASN EA 383 -51.59 74.60 75.82
C ASN EA 383 -52.80 75.49 76.03
N GLY EA 384 -53.93 74.87 76.32
CA GLY EA 384 -55.19 75.59 76.28
C GLY EA 384 -55.62 75.76 74.84
N SER EA 385 -55.96 76.98 74.46
CA SER EA 385 -56.25 77.29 73.07
C SER EA 385 -55.02 77.75 72.30
N GLN EA 386 -53.86 77.72 72.93
CA GLN EA 386 -52.62 78.17 72.31
C GLN EA 386 -51.80 76.98 71.83
N ALA EA 387 -50.77 77.28 71.05
CA ALA EA 387 -49.84 76.28 70.57
C ALA EA 387 -48.59 76.27 71.45
N VAL EA 388 -47.65 75.39 71.12
CA VAL EA 388 -46.35 75.35 71.76
C VAL EA 388 -45.30 75.33 70.67
N GLY EA 389 -44.03 75.27 71.09
CA GLY EA 389 -42.95 75.22 70.12
C GLY EA 389 -42.93 73.94 69.32
N ARG EA 390 -43.32 72.83 69.93
CA ARG EA 390 -43.31 71.53 69.29
C ARG EA 390 -44.59 71.24 68.54
N SER EA 391 -45.53 72.19 68.51
CA SER EA 391 -46.69 72.05 67.65
C SER EA 391 -46.28 72.03 66.20
N SER EA 392 -46.77 71.04 65.46
CA SER EA 392 -46.37 70.87 64.08
C SER EA 392 -47.40 71.46 63.13
N PHE EA 393 -46.91 71.86 61.96
CA PHE EA 393 -47.75 72.29 60.86
C PHE EA 393 -47.34 71.49 59.64
N TYR EA 394 -48.32 71.02 58.88
CA TYR EA 394 -48.08 70.20 57.70
C TYR EA 394 -48.75 70.86 56.52
N CYS EA 395 -47.95 71.25 55.53
CA CYS EA 395 -48.49 71.60 54.22
C CYS EA 395 -48.61 70.32 53.41
N LEU EA 396 -49.83 70.01 52.96
CA LEU EA 396 -50.03 68.81 52.17
C LEU EA 396 -49.64 69.00 50.71
N GLU EA 397 -49.43 70.24 50.28
CA GLU EA 397 -48.84 70.49 48.97
C GLU EA 397 -47.34 70.21 48.97
N TYR EA 398 -46.75 70.00 50.12
CA TYR EA 398 -45.35 69.62 50.25
C TYR EA 398 -45.12 68.13 50.04
N PHE EA 399 -46.08 67.46 49.40
CA PHE EA 399 -46.00 66.06 49.04
C PHE EA 399 -46.05 65.93 47.53
N PRO EA 400 -45.46 64.87 46.97
CA PRO EA 400 -45.71 64.55 45.55
C PRO EA 400 -47.12 64.04 45.36
N SER EA 401 -47.86 64.71 44.49
CA SER EA 401 -49.24 64.34 44.17
C SER EA 401 -49.33 63.95 42.70
N GLN EA 402 -50.25 63.06 42.40
CA GLN EA 402 -50.61 62.78 41.03
C GLN EA 402 -51.75 63.70 40.63
N MET EA 403 -51.58 64.42 39.52
CA MET EA 403 -52.59 65.32 38.99
C MET EA 403 -53.40 64.56 37.94
N LEU EA 404 -54.71 64.55 38.12
CA LEU EA 404 -55.62 63.77 37.29
C LEU EA 404 -56.55 64.71 36.54
N ARG EA 405 -56.51 64.65 35.22
CA ARG EA 405 -57.52 65.27 34.40
C ARG EA 405 -58.64 64.26 34.17
N THR EA 406 -59.62 64.60 33.32
CA THR EA 406 -60.81 63.77 33.23
C THR EA 406 -60.55 62.41 32.60
N GLY EA 407 -59.40 62.20 31.97
CA GLY EA 407 -59.10 60.92 31.37
C GLY EA 407 -58.16 60.05 32.18
N ASN EA 408 -57.73 60.53 33.34
CA ASN EA 408 -56.75 59.83 34.15
C ASN EA 408 -57.42 59.08 35.29
N ASN EA 409 -56.72 58.06 35.80
CA ASN EA 409 -57.14 57.34 36.99
C ASN EA 409 -55.95 57.19 37.94
N PHE EA 410 -56.25 56.70 39.13
CA PHE EA 410 -55.30 56.57 40.21
C PHE EA 410 -55.45 55.18 40.82
N THR EA 411 -54.35 54.46 40.98
CA THR EA 411 -54.40 53.13 41.59
C THR EA 411 -53.40 53.05 42.73
N PHE EA 412 -53.68 52.17 43.67
CA PHE EA 412 -52.80 52.02 44.82
C PHE EA 412 -53.06 50.67 45.49
N SER EA 413 -52.00 49.91 45.73
CA SER EA 413 -52.12 48.61 46.38
C SER EA 413 -51.50 48.66 47.77
N TYR EA 414 -52.03 47.83 48.67
CA TYR EA 414 -51.53 47.80 50.03
C TYR EA 414 -51.68 46.38 50.57
N THR EA 415 -50.69 45.94 51.34
CA THR EA 415 -50.72 44.64 51.99
C THR EA 415 -50.78 44.84 53.49
N PHE EA 416 -51.73 44.18 54.14
CA PHE EA 416 -51.83 44.23 55.58
C PHE EA 416 -50.71 43.42 56.23
N GLU EA 417 -50.25 43.89 57.38
CA GLU EA 417 -49.34 43.11 58.20
C GLU EA 417 -50.08 41.92 58.79
N GLU EA 418 -49.31 40.95 59.28
CA GLU EA 418 -49.90 39.75 59.89
C GLU EA 418 -50.50 40.15 61.23
N VAL EA 419 -51.81 40.37 61.23
CA VAL EA 419 -52.57 40.74 62.42
C VAL EA 419 -53.29 39.48 62.87
N PRO EA 420 -53.58 39.32 64.17
CA PRO EA 420 -54.36 38.15 64.59
C PRO EA 420 -55.78 38.19 64.05
N PHE EA 421 -56.33 37.00 63.83
CA PHE EA 421 -57.73 36.89 63.45
C PHE EA 421 -58.62 37.51 64.50
N HIS EA 422 -59.62 38.27 64.06
CA HIS EA 422 -60.70 38.63 64.95
C HIS EA 422 -61.56 37.40 65.22
N SER EA 423 -62.02 37.29 66.46
CA SER EA 423 -62.75 36.14 66.96
C SER EA 423 -64.24 36.30 66.68
N SER EA 424 -64.75 35.56 65.71
CA SER EA 424 -66.17 35.54 65.40
C SER EA 424 -66.91 34.48 66.20
N TYR EA 425 -66.43 34.15 67.39
CA TYR EA 425 -67.00 33.11 68.21
C TYR EA 425 -67.23 33.61 69.63
N ALA EA 426 -68.18 32.98 70.29
CA ALA EA 426 -68.32 33.01 71.74
C ALA EA 426 -67.73 31.74 72.33
N HIS EA 427 -67.59 31.73 73.65
CA HIS EA 427 -67.08 30.56 74.35
C HIS EA 427 -68.24 29.77 74.92
N SER EA 428 -68.18 28.44 74.75
CA SER EA 428 -69.18 27.55 75.30
C SER EA 428 -68.98 27.25 76.77
N GLN EA 429 -67.84 27.63 77.32
CA GLN EA 429 -67.55 27.43 78.74
C GLN EA 429 -67.22 28.78 79.38
N SER EA 430 -67.46 28.87 80.67
CA SER EA 430 -67.04 30.00 81.46
C SER EA 430 -65.69 29.71 82.11
N LEU EA 431 -64.95 30.77 82.42
CA LEU EA 431 -63.60 30.61 82.92
C LEU EA 431 -63.59 29.98 84.31
N ASP EA 432 -64.60 30.23 85.12
CA ASP EA 432 -64.70 29.63 86.44
C ASP EA 432 -65.43 28.30 86.44
N ARG EA 433 -65.61 27.70 85.26
CA ARG EA 433 -66.32 26.44 85.11
C ARG EA 433 -65.58 25.52 84.16
N LEU EA 434 -64.26 25.45 84.30
CA LEU EA 434 -63.41 24.68 83.40
C LEU EA 434 -63.06 23.31 83.95
N MET EA 435 -63.68 22.91 85.05
CA MET EA 435 -63.32 21.68 85.75
C MET EA 435 -64.20 20.52 85.31
N ASN EA 436 -63.76 19.32 85.66
CA ASN EA 436 -64.61 18.15 85.56
C ASN EA 436 -65.63 18.21 86.69
N PRO EA 437 -66.93 18.21 86.38
CA PRO EA 437 -67.95 18.29 87.44
C PRO EA 437 -68.21 16.99 88.16
N LEU EA 438 -67.48 15.92 87.88
CA LEU EA 438 -67.68 14.64 88.53
C LEU EA 438 -66.56 14.24 89.47
N ILE EA 439 -65.35 14.73 89.24
CA ILE EA 439 -64.17 14.30 89.97
C ILE EA 439 -63.78 15.37 90.97
N ASP EA 440 -63.31 14.96 92.14
CA ASP EA 440 -62.77 15.88 93.12
C ASP EA 440 -61.37 16.31 92.72
N GLN EA 441 -60.82 17.25 93.48
CA GLN EA 441 -59.46 17.70 93.30
C GLN EA 441 -58.54 16.99 94.30
N TYR EA 442 -57.25 17.07 94.05
CA TYR EA 442 -56.28 16.64 95.05
C TYR EA 442 -55.72 17.82 95.84
N LEU EA 443 -56.25 19.01 95.63
CA LEU EA 443 -55.82 20.22 96.32
C LEU EA 443 -56.82 20.57 97.40
N TYR EA 444 -56.31 20.97 98.55
CA TYR EA 444 -57.14 21.35 99.68
C TYR EA 444 -57.15 22.86 99.84
N TYR EA 445 -58.19 23.35 100.48
CA TYR EA 445 -58.33 24.77 100.78
C TYR EA 445 -58.84 24.91 102.20
N LEU EA 446 -58.55 26.05 102.81
CA LEU EA 446 -59.08 26.34 104.14
C LEU EA 446 -60.56 26.62 104.03
N ASN EA 447 -61.37 25.78 104.68
CA ASN EA 447 -62.83 25.85 104.58
C ASN EA 447 -63.47 26.52 105.79
N ARG EA 448 -63.01 26.20 106.99
CA ARG EA 448 -63.55 26.76 108.22
C ARG EA 448 -62.40 27.25 109.09
N THR EA 449 -62.59 28.42 109.71
CA THR EA 449 -61.73 28.84 110.80
C THR EA 449 -62.46 28.83 112.14
N GLN EA 450 -63.64 28.24 112.19
CA GLN EA 450 -64.39 28.03 113.42
C GLN EA 450 -64.90 26.59 113.45
N ASN EA 451 -65.29 26.14 114.63
CA ASN EA 451 -65.79 24.78 114.77
C ASN EA 451 -67.13 24.63 114.06
N GLN EA 452 -67.28 23.52 113.35
CA GLN EA 452 -68.49 23.28 112.57
C GLN EA 452 -69.68 22.91 113.43
N SER EA 453 -69.46 22.31 114.61
CA SER EA 453 -70.57 21.82 115.43
C SER EA 453 -71.49 22.95 115.87
N GLY EA 454 -70.93 24.06 116.34
CA GLY EA 454 -71.71 25.21 116.73
C GLY EA 454 -72.15 25.24 118.18
N SER EA 455 -72.05 24.12 118.90
CA SER EA 455 -72.37 24.13 120.32
C SER EA 455 -71.44 25.06 121.09
N ALA EA 456 -70.15 25.02 120.75
CA ALA EA 456 -69.19 26.04 121.14
C ALA EA 456 -68.82 26.87 119.93
N GLN EA 457 -68.18 28.01 120.18
CA GLN EA 457 -67.78 28.94 119.14
C GLN EA 457 -66.25 29.06 119.05
N ASN EA 458 -65.56 27.92 119.10
CA ASN EA 458 -64.12 27.92 119.11
C ASN EA 458 -63.55 28.02 117.70
N LYS EA 459 -62.34 28.57 117.61
CA LYS EA 459 -61.67 28.65 116.34
C LYS EA 459 -61.08 27.30 115.96
N ASP EA 460 -60.67 27.17 114.70
CA ASP EA 460 -60.07 25.95 114.20
C ASP EA 460 -59.39 26.23 112.87
N LEU EA 461 -58.84 25.18 112.29
CA LEU EA 461 -58.26 25.24 110.94
C LEU EA 461 -58.70 23.96 110.24
N LEU EA 462 -59.82 24.03 109.54
CA LEU EA 462 -60.42 22.88 108.88
C LEU EA 462 -60.28 23.03 107.38
N PHE EA 463 -59.77 21.99 106.74
CA PHE EA 463 -59.46 22.03 105.32
C PHE EA 463 -60.35 21.05 104.57
N SER EA 464 -60.85 21.48 103.41
CA SER EA 464 -61.69 20.65 102.58
C SER EA 464 -61.02 20.42 101.24
N ARG EA 465 -61.44 19.36 100.58
CA ARG EA 465 -60.97 19.02 99.25
C ARG EA 465 -61.84 19.70 98.19
N GLY EA 466 -61.19 20.14 97.12
CA GLY EA 466 -61.91 20.73 96.01
C GLY EA 466 -62.88 19.74 95.40
N SER EA 467 -64.17 20.04 95.48
CA SER EA 467 -65.22 19.13 95.08
C SER EA 467 -66.21 19.83 94.15
N PRO EA 468 -66.95 19.07 93.33
CA PRO EA 468 -67.97 19.69 92.48
C PRO EA 468 -69.10 20.32 93.26
N ALA EA 469 -69.29 20.00 94.54
CA ALA EA 469 -70.30 20.67 95.33
C ALA EA 469 -70.00 22.16 95.46
N GLY EA 470 -68.78 22.50 95.87
CA GLY EA 470 -68.37 23.88 95.88
C GLY EA 470 -67.38 24.19 94.78
N MET EA 471 -67.86 24.79 93.70
CA MET EA 471 -67.02 25.12 92.56
C MET EA 471 -66.41 26.50 92.68
N SER EA 472 -66.97 27.36 93.53
CA SER EA 472 -66.48 28.71 93.70
C SER EA 472 -65.19 28.75 94.51
N VAL EA 473 -64.92 27.73 95.33
CA VAL EA 473 -63.76 27.71 96.21
C VAL EA 473 -62.67 26.79 95.69
N GLN EA 474 -62.87 26.15 94.55
CA GLN EA 474 -61.83 25.29 93.99
C GLN EA 474 -60.65 26.13 93.52
N PRO EA 475 -59.43 25.68 93.77
CA PRO EA 475 -58.27 26.30 93.13
C PRO EA 475 -58.40 26.26 91.62
N LYS EA 476 -58.00 27.34 90.97
CA LYS EA 476 -58.10 27.47 89.52
C LYS EA 476 -56.79 28.01 88.97
N ASN EA 477 -56.66 27.95 87.64
CA ASN EA 477 -55.41 28.27 86.98
C ASN EA 477 -55.36 29.64 86.36
N TRP EA 478 -56.50 30.29 86.12
CA TRP EA 478 -56.54 31.52 85.36
C TRP EA 478 -57.44 32.53 86.06
N LEU EA 479 -57.33 33.78 85.62
CA LEU EA 479 -58.07 34.90 86.15
C LEU EA 479 -58.83 35.62 85.04
N PRO EA 480 -59.95 36.27 85.35
CA PRO EA 480 -60.63 37.07 84.35
C PRO EA 480 -59.83 38.31 84.00
N GLY EA 481 -60.08 38.83 82.81
CA GLY EA 481 -59.35 39.96 82.29
C GLY EA 481 -59.44 41.20 83.15
N PRO EA 482 -58.69 42.24 82.76
CA PRO EA 482 -58.68 43.47 83.55
C PRO EA 482 -59.99 44.23 83.43
N CYS EA 483 -60.23 45.10 84.42
CA CYS EA 483 -61.48 45.84 84.46
C CYS EA 483 -61.20 47.28 84.82
N TYR EA 484 -62.12 48.17 84.44
CA TYR EA 484 -62.12 49.57 84.83
C TYR EA 484 -63.58 49.99 84.96
N ARG EA 485 -64.11 49.94 86.18
CA ARG EA 485 -65.55 49.95 86.39
C ARG EA 485 -66.21 51.19 85.81
N GLN EA 486 -67.38 50.99 85.21
CA GLN EA 486 -68.22 52.04 84.65
C GLN EA 486 -69.48 52.19 85.50
N GLN EA 487 -70.19 53.29 85.28
CA GLN EA 487 -71.45 53.53 85.97
C GLN EA 487 -72.57 52.82 85.24
N ARG EA 488 -73.53 52.31 86.01
CA ARG EA 488 -74.60 51.49 85.48
C ARG EA 488 -75.81 52.36 85.20
N VAL EA 489 -76.23 52.41 83.94
CA VAL EA 489 -77.39 53.18 83.52
C VAL EA 489 -78.45 52.21 83.03
N SER EA 490 -79.68 52.44 83.45
CA SER EA 490 -80.80 51.61 83.03
C SER EA 490 -81.43 52.17 81.76
N LYS EA 491 -81.74 51.29 80.81
CA LYS EA 491 -82.46 51.70 79.61
C LYS EA 491 -83.87 52.17 79.93
N THR EA 492 -84.41 51.78 81.09
CA THR EA 492 -85.66 52.32 81.60
C THR EA 492 -85.35 53.52 82.47
N LYS EA 493 -85.70 54.72 81.98
CA LYS EA 493 -85.21 55.95 82.57
C LYS EA 493 -85.71 56.19 83.99
N THR EA 494 -86.81 55.56 84.40
CA THR EA 494 -87.33 55.80 85.74
C THR EA 494 -86.45 55.23 86.84
N ASP EA 495 -85.62 54.23 86.54
CA ASP EA 495 -84.75 53.63 87.55
C ASP EA 495 -83.41 54.33 87.68
N ASN EA 496 -83.18 55.38 86.91
CA ASN EA 496 -81.93 56.13 86.99
C ASN EA 496 -82.07 57.27 88.00
N ASN EA 497 -80.94 57.66 88.57
CA ASN EA 497 -80.92 58.75 89.54
C ASN EA 497 -81.34 60.04 88.88
N ASN EA 498 -82.02 60.90 89.65
CA ASN EA 498 -82.49 62.18 89.13
C ASN EA 498 -81.38 63.23 89.23
N SER EA 499 -80.43 63.09 88.30
CA SER EA 499 -79.35 64.05 88.15
C SER EA 499 -78.72 63.81 86.78
N ASN EA 500 -77.79 64.67 86.39
CA ASN EA 500 -77.15 64.48 85.09
C ASN EA 500 -76.09 63.39 85.16
N PHE EA 501 -75.04 63.62 85.93
CA PHE EA 501 -74.03 62.61 86.28
C PHE EA 501 -73.42 61.89 85.07
N THR EA 502 -73.66 62.40 83.87
CA THR EA 502 -72.97 61.87 82.70
C THR EA 502 -71.53 62.34 82.61
N TRP EA 503 -71.19 63.41 83.31
CA TRP EA 503 -69.82 63.84 83.39
C TRP EA 503 -69.26 63.74 84.79
N THR EA 504 -70.04 64.08 85.82
CA THR EA 504 -69.54 64.02 87.18
C THR EA 504 -69.40 62.59 87.69
N GLY EA 505 -70.23 61.68 87.21
CA GLY EA 505 -70.22 60.32 87.71
C GLY EA 505 -69.64 59.32 86.75
N ALA EA 506 -68.80 59.77 85.83
CA ALA EA 506 -68.31 58.93 84.76
C ALA EA 506 -66.84 58.60 84.93
N SER EA 507 -66.46 57.42 84.43
CA SER EA 507 -65.06 57.01 84.42
C SER EA 507 -64.31 57.80 83.37
N LYS EA 508 -63.28 58.54 83.80
CA LYS EA 508 -62.52 59.37 82.89
C LYS EA 508 -61.06 59.33 83.30
N TYR EA 509 -60.19 59.71 82.39
CA TYR EA 509 -58.76 59.71 82.65
C TYR EA 509 -58.21 61.13 82.55
N ASN EA 510 -57.12 61.35 83.27
CA ASN EA 510 -56.47 62.64 83.36
C ASN EA 510 -55.22 62.63 82.48
N LEU EA 511 -55.10 63.60 81.59
CA LEU EA 511 -53.94 63.70 80.71
C LEU EA 511 -53.59 65.17 80.51
N ASN EA 512 -52.43 65.58 81.04
CA ASN EA 512 -51.96 66.95 80.93
C ASN EA 512 -52.95 67.94 81.52
N GLY EA 513 -53.63 67.52 82.58
CA GLY EA 513 -54.52 68.40 83.31
C GLY EA 513 -55.95 68.46 82.81
N ARG EA 514 -56.28 67.81 81.71
CA ARG EA 514 -57.64 67.80 81.22
C ARG EA 514 -58.17 66.38 81.12
N GLU EA 515 -59.43 66.22 81.51
CA GLU EA 515 -60.05 64.93 81.66
C GLU EA 515 -60.74 64.50 80.37
N SER EA 516 -60.75 63.19 80.13
CA SER EA 516 -61.34 62.63 78.93
C SER EA 516 -62.12 61.39 79.34
N ILE EA 517 -63.36 61.28 78.88
CA ILE EA 517 -64.16 60.10 79.15
C ILE EA 517 -63.49 58.90 78.51
N ILE EA 518 -63.53 57.75 79.19
CA ILE EA 518 -62.87 56.56 78.69
C ILE EA 518 -63.51 56.12 77.37
N ASN EA 519 -64.78 55.70 77.40
CA ASN EA 519 -65.61 55.55 76.21
C ASN EA 519 -64.94 54.85 75.04
N PRO EA 520 -64.89 53.51 74.99
CA PRO EA 520 -65.53 52.56 75.90
C PRO EA 520 -64.54 51.84 76.81
N GLY EA 521 -63.26 51.99 76.53
CA GLY EA 521 -62.25 51.44 77.42
C GLY EA 521 -62.16 49.94 77.35
N THR EA 522 -61.94 49.34 78.51
CA THR EA 522 -61.69 47.91 78.60
C THR EA 522 -62.87 47.11 78.06
N ALA EA 523 -62.56 46.01 77.40
CA ALA EA 523 -63.59 45.13 76.84
C ALA EA 523 -64.20 44.32 77.98
N MET EA 524 -65.39 44.71 78.41
CA MET EA 524 -66.08 44.04 79.50
C MET EA 524 -67.52 43.76 79.10
N ALA EA 525 -68.12 42.82 79.83
CA ALA EA 525 -69.52 42.49 79.59
C ALA EA 525 -70.41 43.67 79.93
N SER EA 526 -71.41 43.93 79.08
CA SER EA 526 -72.30 45.05 79.30
C SER EA 526 -73.12 44.88 80.57
N HIS EA 527 -73.58 43.67 80.85
CA HIS EA 527 -74.43 43.42 82.00
C HIS EA 527 -74.26 41.96 82.40
N LYS EA 528 -74.98 41.57 83.45
CA LYS EA 528 -75.01 40.19 83.90
C LYS EA 528 -76.13 39.44 83.21
N ASP EA 529 -76.41 38.23 83.67
CA ASP EA 529 -77.58 37.49 83.21
C ASP EA 529 -78.85 38.12 83.76
N ASP EA 530 -79.89 38.15 82.93
CA ASP EA 530 -81.21 38.66 83.32
C ASP EA 530 -81.14 40.13 83.72
N GLU EA 531 -80.23 40.88 83.11
CA GLU EA 531 -80.02 42.29 83.44
C GLU EA 531 -79.82 43.11 82.17
N ASP EA 532 -80.52 42.76 81.10
CA ASP EA 532 -80.35 43.44 79.82
C ASP EA 532 -80.81 44.88 79.85
N LYS EA 533 -81.54 45.30 80.89
CA LYS EA 533 -82.01 46.68 81.02
C LYS EA 533 -80.90 47.64 81.41
N PHE EA 534 -79.72 47.16 81.77
CA PHE EA 534 -78.62 48.00 82.21
C PHE EA 534 -77.49 47.97 81.19
N PHE EA 535 -76.84 49.12 81.03
CA PHE EA 535 -75.64 49.22 80.22
C PHE EA 535 -74.65 50.15 80.92
N PRO EA 536 -73.35 49.94 80.72
CA PRO EA 536 -72.37 50.89 81.26
C PRO EA 536 -72.52 52.25 80.59
N MET EA 537 -72.29 53.30 81.38
CA MET EA 537 -72.64 54.64 80.91
C MET EA 537 -71.84 55.02 79.67
N SER EA 538 -70.56 54.67 79.62
CA SER EA 538 -69.73 54.93 78.45
C SER EA 538 -68.90 53.71 78.12
N GLY EA 539 -69.52 52.53 78.18
CA GLY EA 539 -68.80 51.30 77.94
C GLY EA 539 -69.27 50.55 76.73
N VAL EA 540 -70.21 51.13 75.99
CA VAL EA 540 -70.82 50.45 74.86
C VAL EA 540 -70.72 51.33 73.62
N MET EA 541 -70.63 50.69 72.47
CA MET EA 541 -70.68 51.40 71.21
C MET EA 541 -72.13 51.68 70.85
N ILE EA 542 -72.45 52.94 70.63
CA ILE EA 542 -73.82 53.37 70.34
C ILE EA 542 -73.85 53.91 68.93
N PHE EA 543 -74.64 53.27 68.07
CA PHE EA 543 -74.84 53.72 66.71
C PHE EA 543 -76.19 54.42 66.61
N GLY EA 544 -76.22 55.51 65.86
CA GLY EA 544 -77.46 56.24 65.65
C GLY EA 544 -78.22 55.69 64.45
N LYS EA 545 -79.52 55.60 64.59
CA LYS EA 545 -80.35 55.26 63.45
C LYS EA 545 -80.50 56.48 62.55
N GLU EA 546 -80.97 56.25 61.33
CA GLU EA 546 -81.32 57.37 60.48
C GLU EA 546 -82.47 58.13 61.13
N SER EA 547 -82.49 59.44 60.92
CA SER EA 547 -83.37 60.35 61.66
C SER EA 547 -83.03 60.39 63.14
N ALA EA 548 -81.74 60.40 63.45
CA ALA EA 548 -81.26 60.68 64.80
C ALA EA 548 -80.54 62.03 64.78
N GLY EA 549 -80.89 62.88 65.73
CA GLY EA 549 -80.28 64.19 65.79
C GLY EA 549 -78.83 64.12 66.19
N ALA EA 550 -78.14 65.25 66.02
CA ALA EA 550 -76.74 65.32 66.39
C ALA EA 550 -76.55 65.42 67.90
N SER EA 551 -77.46 66.09 68.59
CA SER EA 551 -77.33 66.35 70.02
C SER EA 551 -78.63 66.02 70.73
N ASN EA 552 -78.51 65.34 71.88
CA ASN EA 552 -79.63 65.04 72.75
C ASN EA 552 -80.76 64.31 72.03
N THR EA 553 -80.40 63.36 71.19
CA THR EA 553 -81.40 62.51 70.55
C THR EA 553 -81.90 61.47 71.55
N ALA EA 554 -82.82 60.64 71.11
CA ALA EA 554 -83.52 59.74 72.02
C ALA EA 554 -82.98 58.32 71.96
N LEU EA 555 -83.22 57.60 73.06
CA LEU EA 555 -82.90 56.18 73.14
C LEU EA 555 -83.57 55.41 72.01
N ASP EA 556 -84.73 55.89 71.56
CA ASP EA 556 -85.40 55.28 70.43
C ASP EA 556 -84.65 55.54 69.14
N ASN EA 557 -83.87 56.62 69.08
CA ASN EA 557 -83.14 56.94 67.87
C ASN EA 557 -81.72 56.39 67.86
N VAL EA 558 -81.24 55.87 68.97
CA VAL EA 558 -79.91 55.25 69.00
C VAL EA 558 -80.05 53.73 69.15
N MET EA 559 -79.01 53.02 68.72
CA MET EA 559 -78.88 51.58 68.88
C MET EA 559 -77.69 51.28 69.79
N ILE EA 560 -77.96 50.74 70.96
CA ILE EA 560 -76.93 50.41 71.93
C ILE EA 560 -76.48 48.98 71.70
N THR EA 561 -75.17 48.77 71.58
CA THR EA 561 -74.67 47.42 71.40
C THR EA 561 -74.62 46.68 72.73
N ASP EA 562 -74.39 45.38 72.64
CA ASP EA 562 -74.28 44.52 73.82
C ASP EA 562 -73.05 43.65 73.68
N GLU EA 563 -72.35 43.45 74.79
CA GLU EA 563 -71.17 42.59 74.85
C GLU EA 563 -71.45 41.38 75.72
N GLU EA 564 -72.61 40.76 75.52
CA GLU EA 564 -73.06 39.71 76.42
C GLU EA 564 -72.29 38.41 76.19
N GLU EA 565 -71.61 38.27 75.05
CA GLU EA 565 -70.98 37.01 74.72
C GLU EA 565 -69.65 36.82 75.42
N ILE EA 566 -69.06 37.86 75.98
CA ILE EA 566 -67.75 37.76 76.60
C ILE EA 566 -67.84 37.72 78.12
N LYS EA 567 -69.01 37.37 78.65
CA LYS EA 567 -69.14 37.12 80.09
C LYS EA 567 -68.34 35.91 80.54
N ALA EA 568 -67.96 35.04 79.61
CA ALA EA 568 -67.26 33.82 79.98
C ALA EA 568 -65.85 34.10 80.48
N THR EA 569 -65.23 35.19 80.03
CA THR EA 569 -63.86 35.52 80.39
C THR EA 569 -63.65 36.93 80.90
N ASN EA 570 -64.57 37.85 80.65
CA ASN EA 570 -64.37 39.24 81.00
C ASN EA 570 -65.29 39.65 82.14
N PRO EA 571 -64.82 40.53 83.03
CA PRO EA 571 -65.69 41.03 84.09
C PRO EA 571 -66.81 41.89 83.51
N VAL EA 572 -67.91 41.96 84.26
CA VAL EA 572 -69.02 42.82 83.87
C VAL EA 572 -68.61 44.28 84.08
N ALA EA 573 -68.93 45.13 83.09
CA ALA EA 573 -68.40 46.48 83.05
C ALA EA 573 -68.84 47.33 84.24
N THR EA 574 -70.01 47.06 84.80
CA THR EA 574 -70.58 47.91 85.84
C THR EA 574 -70.33 47.39 87.24
N GLU EA 575 -69.59 46.30 87.40
CA GLU EA 575 -69.33 45.73 88.72
C GLU EA 575 -67.84 45.59 88.96
N ARG EA 576 -67.51 45.41 90.23
CA ARG EA 576 -66.12 45.35 90.66
C ARG EA 576 -65.44 44.11 90.08
N PHE EA 577 -64.11 44.19 89.94
CA PHE EA 577 -63.35 43.01 89.59
C PHE EA 577 -63.47 41.96 90.68
N GLY EA 578 -63.43 42.38 91.93
CA GLY EA 578 -63.51 41.46 93.03
C GLY EA 578 -63.19 42.17 94.33
N THR EA 579 -62.91 41.38 95.35
CA THR EA 579 -62.52 41.91 96.66
C THR EA 579 -61.08 41.53 96.96
N VAL EA 580 -60.47 42.30 97.85
CA VAL EA 580 -59.08 42.10 98.24
C VAL EA 580 -58.99 42.31 99.75
N ALA EA 581 -58.11 41.55 100.39
CA ALA EA 581 -57.86 41.76 101.81
C ALA EA 581 -57.14 43.09 102.00
N VAL EA 582 -57.49 43.81 103.07
CA VAL EA 582 -56.94 45.14 103.30
C VAL EA 582 -56.33 45.30 104.69
N ASN EA 583 -56.28 44.25 105.49
CA ASN EA 583 -55.72 44.36 106.83
C ASN EA 583 -55.19 42.99 107.25
N PHE EA 584 -54.75 42.89 108.50
CA PHE EA 584 -54.35 41.64 109.11
C PHE EA 584 -55.40 41.26 110.15
N GLN EA 585 -56.01 40.09 109.98
CA GLN EA 585 -56.92 39.58 111.00
C GLN EA 585 -56.13 39.01 112.16
N SER EA 586 -56.66 39.20 113.37
CA SER EA 586 -55.99 38.71 114.57
C SER EA 586 -57.02 38.54 115.66
N SER EA 587 -56.65 37.78 116.69
CA SER EA 587 -57.47 37.58 117.86
C SER EA 587 -57.02 38.50 118.98
N SER EA 588 -57.90 38.69 119.96
CA SER EA 588 -57.58 39.51 121.12
C SER EA 588 -56.52 38.82 121.99
N THR EA 589 -55.68 39.63 122.61
CA THR EA 589 -54.64 39.13 123.48
C THR EA 589 -54.50 39.96 124.75
N VAL EA 592 -52.19 42.24 123.48
CA VAL EA 592 -52.82 43.21 122.59
C VAL EA 592 -54.32 42.97 122.56
N PRO EA 593 -55.05 43.51 123.53
CA PRO EA 593 -56.49 43.24 123.60
C PRO EA 593 -57.31 44.08 122.64
N PHE EA 594 -56.85 44.18 121.40
CA PHE EA 594 -57.56 44.88 120.33
C PHE EA 594 -57.74 43.89 119.18
N LYS EA 595 -58.84 43.13 119.24
CA LYS EA 595 -59.15 42.16 118.20
C LYS EA 595 -59.38 42.86 116.86
N THR EA 596 -58.81 42.30 115.80
CA THR EA 596 -58.93 42.86 114.46
C THR EA 596 -59.71 41.89 113.58
N ASP EA 597 -60.92 42.28 113.19
CA ASP EA 597 -61.68 41.49 112.24
C ASP EA 597 -61.05 41.61 110.85
N PRO EA 598 -61.11 40.53 110.06
CA PRO EA 598 -60.64 40.63 108.67
C PRO EA 598 -61.51 41.61 107.89
N ALA EA 599 -60.87 42.32 106.97
CA ALA EA 599 -61.53 43.36 106.19
C ALA EA 599 -61.17 43.23 104.73
N THR EA 600 -62.17 43.36 103.86
CA THR EA 600 -61.98 43.32 102.43
C THR EA 600 -62.46 44.63 101.82
N GLY EA 601 -61.89 44.95 100.67
CA GLY EA 601 -62.30 46.11 99.91
C GLY EA 601 -62.54 45.74 98.47
N ASP EA 602 -63.49 46.44 97.86
CA ASP EA 602 -63.82 46.19 96.46
C ASP EA 602 -62.74 46.73 95.54
N VAL EA 603 -62.42 45.96 94.51
CA VAL EA 603 -61.42 46.32 93.52
C VAL EA 603 -62.16 46.79 92.28
N HIS EA 604 -62.10 48.09 92.01
CA HIS EA 604 -62.90 48.68 90.94
C HIS EA 604 -62.12 48.80 89.64
N ALA EA 605 -60.82 49.07 89.71
CA ALA EA 605 -59.95 49.10 88.55
C ALA EA 605 -58.81 48.12 88.79
N MET EA 606 -58.67 47.15 87.91
CA MET EA 606 -57.65 46.11 88.03
C MET EA 606 -56.83 46.08 86.77
N GLY EA 607 -55.52 46.29 86.90
CA GLY EA 607 -54.62 46.15 85.78
C GLY EA 607 -54.29 44.71 85.52
N ALA EA 608 -53.45 44.49 84.51
CA ALA EA 608 -53.14 43.14 84.07
C ALA EA 608 -52.32 42.40 85.12
N LEU EA 609 -52.81 41.25 85.53
CA LEU EA 609 -52.12 40.29 86.37
C LEU EA 609 -51.74 39.08 85.56
N PRO EA 610 -50.61 38.43 85.86
CA PRO EA 610 -50.28 37.19 85.16
C PRO EA 610 -51.32 36.13 85.44
N GLY EA 611 -51.63 35.36 84.40
CA GLY EA 611 -52.72 34.42 84.45
C GLY EA 611 -54.05 34.96 83.96
N MET EA 612 -54.12 36.25 83.67
CA MET EA 612 -55.36 36.85 83.18
C MET EA 612 -55.60 36.46 81.73
N VAL EA 613 -56.87 36.20 81.39
CA VAL EA 613 -57.29 35.93 80.03
C VAL EA 613 -58.54 36.76 79.75
N TRP EA 614 -58.67 37.24 78.52
CA TRP EA 614 -59.80 38.08 78.19
C TRP EA 614 -60.08 38.00 76.69
N GLN EA 615 -61.26 38.46 76.30
CA GLN EA 615 -61.62 38.66 74.91
C GLN EA 615 -61.65 40.15 74.59
N ASP EA 616 -61.38 40.47 73.34
CA ASP EA 616 -61.43 41.84 72.88
C ASP EA 616 -62.87 42.23 72.55
N ARG EA 617 -63.08 43.51 72.25
CA ARG EA 617 -64.40 43.97 71.87
C ARG EA 617 -64.80 43.40 70.51
N ASP EA 618 -66.10 43.23 70.33
CA ASP EA 618 -66.62 42.73 69.07
C ASP EA 618 -66.58 43.81 68.00
N VAL EA 619 -66.54 43.37 66.75
CA VAL EA 619 -66.67 44.27 65.61
C VAL EA 619 -68.09 44.16 65.09
N TYR EA 620 -68.56 45.23 64.46
CA TYR EA 620 -69.92 45.30 63.96
C TYR EA 620 -69.90 45.69 62.49
N LEU EA 621 -70.99 45.39 61.80
CA LEU EA 621 -71.09 45.77 60.39
C LEU EA 621 -71.00 47.28 60.21
N GLN EA 622 -71.50 48.04 61.17
CA GLN EA 622 -71.45 49.49 61.13
C GLN EA 622 -70.22 50.07 61.80
N GLY EA 623 -69.32 49.23 62.32
CA GLY EA 623 -68.22 49.71 63.12
C GLY EA 623 -66.91 49.80 62.37
N PRO EA 624 -65.88 50.32 63.02
CA PRO EA 624 -64.57 50.47 62.37
C PRO EA 624 -63.87 49.14 62.16
N ILE EA 625 -63.00 49.12 61.16
CA ILE EA 625 -62.21 47.93 60.85
C ILE EA 625 -60.87 47.95 61.55
N TRP EA 626 -60.11 49.02 61.40
CA TRP EA 626 -58.75 49.08 61.91
C TRP EA 626 -58.51 50.39 62.63
N ALA EA 627 -57.33 50.47 63.22
CA ALA EA 627 -56.83 51.70 63.83
C ALA EA 627 -55.31 51.66 63.79
N LYS EA 628 -54.70 52.83 63.58
CA LYS EA 628 -53.26 52.93 63.67
C LYS EA 628 -52.81 52.86 65.12
N ILE EA 629 -51.87 51.96 65.41
CA ILE EA 629 -51.29 51.90 66.74
C ILE EA 629 -50.33 53.07 66.91
N PRO EA 630 -50.46 53.87 67.97
CA PRO EA 630 -49.57 55.02 68.14
C PRO EA 630 -48.12 54.59 68.20
N HIS EA 631 -47.26 55.41 67.58
CA HIS EA 631 -45.83 55.13 67.56
C HIS EA 631 -45.23 55.59 68.88
N THR EA 632 -45.28 54.71 69.85
CA THR EA 632 -44.79 54.96 71.20
C THR EA 632 -43.75 53.91 71.58
N ASP EA 633 -43.06 54.17 72.68
CA ASP EA 633 -42.08 53.21 73.19
C ASP EA 633 -42.74 51.93 73.65
N GLY EA 634 -43.87 52.03 74.35
CA GLY EA 634 -44.54 50.87 74.87
C GLY EA 634 -46.02 50.94 74.59
N HIS EA 635 -46.61 49.75 74.47
CA HIS EA 635 -48.06 49.60 74.39
C HIS EA 635 -48.40 48.20 74.83
N PHE EA 636 -49.51 48.04 75.53
CA PHE EA 636 -49.93 46.76 76.05
C PHE EA 636 -51.16 46.29 75.27
N HIS EA 637 -51.02 45.17 74.58
CA HIS EA 637 -52.09 44.55 73.81
C HIS EA 637 -52.73 45.55 72.87
N PRO EA 638 -52.03 45.97 71.83
CA PRO EA 638 -52.46 47.13 71.02
C PRO EA 638 -53.65 46.82 70.11
N SER EA 639 -54.74 46.39 70.72
CA SER EA 639 -56.01 46.21 70.04
C SER EA 639 -56.90 47.40 70.31
N PRO EA 640 -57.44 48.05 69.27
CA PRO EA 640 -58.20 49.29 69.49
C PRO EA 640 -59.38 49.06 70.40
N LEU EA 641 -59.68 50.05 71.23
CA LEU EA 641 -60.71 49.89 72.24
C LEU EA 641 -62.11 49.99 71.63
N MET EA 642 -62.24 50.63 70.46
CA MET EA 642 -63.51 50.58 69.76
C MET EA 642 -63.74 49.25 69.06
N GLY EA 643 -62.73 48.41 68.94
CA GLY EA 643 -62.84 47.15 68.24
C GLY EA 643 -62.17 47.22 66.89
N GLY EA 644 -61.65 46.08 66.46
CA GLY EA 644 -60.99 46.02 65.18
C GLY EA 644 -59.56 45.56 65.26
N PHE EA 645 -58.80 45.85 64.21
CA PHE EA 645 -57.42 45.43 64.08
C PHE EA 645 -56.51 46.64 64.32
N GLY EA 646 -55.60 46.51 65.27
CA GLY EA 646 -54.59 47.53 65.45
C GLY EA 646 -53.42 47.26 64.54
N LEU EA 647 -53.09 48.21 63.67
CA LEU EA 647 -52.02 48.04 62.70
C LEU EA 647 -50.95 49.09 62.95
N LYS EA 648 -49.69 48.66 62.96
CA LYS EA 648 -48.59 49.61 63.04
C LYS EA 648 -48.49 50.44 61.77
N ASN EA 649 -48.62 49.78 60.62
CA ASN EA 649 -48.71 50.45 59.33
C ASN EA 649 -50.10 50.19 58.78
N PRO EA 650 -51.09 51.01 59.12
CA PRO EA 650 -52.44 50.79 58.62
C PRO EA 650 -52.55 51.18 57.15
N PRO EA 651 -53.70 50.96 56.52
CA PRO EA 651 -53.90 51.51 55.18
C PRO EA 651 -53.71 53.01 55.18
N PRO EA 652 -52.87 53.53 54.30
CA PRO EA 652 -52.56 54.96 54.34
C PRO EA 652 -53.72 55.81 53.90
N GLN EA 653 -53.67 57.08 54.30
CA GLN EA 653 -54.69 58.03 53.94
C GLN EA 653 -54.51 58.45 52.48
N ILE EA 654 -55.61 58.43 51.73
CA ILE EA 654 -55.65 58.94 50.38
C ILE EA 654 -56.27 60.32 50.44
N LEU EA 655 -55.49 61.32 50.04
CA LEU EA 655 -55.89 62.71 50.13
C LEU EA 655 -56.06 63.28 48.73
N ILE EA 656 -57.15 64.01 48.55
CA ILE EA 656 -57.59 64.47 47.24
C ILE EA 656 -58.06 65.91 47.36
N LYS EA 657 -57.74 66.72 46.37
CA LYS EA 657 -58.31 68.06 46.34
C LYS EA 657 -58.39 68.54 44.90
N ASN EA 658 -59.22 69.54 44.68
CA ASN EA 658 -59.31 70.17 43.38
C ASN EA 658 -58.17 71.16 43.22
N THR EA 659 -57.45 71.11 42.11
CA THR EA 659 -56.42 72.10 41.88
C THR EA 659 -57.07 73.46 41.67
N PRO EA 660 -56.63 74.49 42.39
CA PRO EA 660 -57.26 75.81 42.23
C PRO EA 660 -57.07 76.36 40.82
N VAL EA 661 -58.13 76.94 40.28
CA VAL EA 661 -58.10 77.61 38.98
C VAL EA 661 -58.36 79.08 39.23
N PRO EA 662 -57.36 79.95 39.08
CA PRO EA 662 -57.56 81.37 39.34
C PRO EA 662 -58.53 82.01 38.35
N ALA EA 663 -59.23 83.04 38.83
CA ALA EA 663 -60.07 83.83 37.96
C ALA EA 663 -59.21 84.82 37.19
N ASN EA 664 -59.85 85.79 36.55
CA ASN EA 664 -59.15 86.73 35.69
C ASN EA 664 -58.18 87.59 36.51
N PRO EA 665 -56.88 87.56 36.20
CA PRO EA 665 -55.93 88.38 36.95
C PRO EA 665 -55.98 89.82 36.50
N PRO EA 666 -55.47 90.75 37.30
CA PRO EA 666 -55.45 92.16 36.89
C PRO EA 666 -54.50 92.40 35.72
N ALA EA 667 -54.72 93.53 35.04
CA ALA EA 667 -53.86 93.89 33.91
C ALA EA 667 -52.44 94.21 34.38
N GLU EA 668 -52.31 94.89 35.51
CA GLU EA 668 -51.02 95.19 36.11
C GLU EA 668 -50.66 94.15 37.15
N PHE EA 669 -49.36 93.93 37.32
CA PHE EA 669 -48.87 92.90 38.23
C PHE EA 669 -49.11 93.29 39.69
N SER EA 670 -49.53 92.30 40.48
CA SER EA 670 -49.71 92.46 41.91
C SER EA 670 -49.10 91.26 42.61
N ALA EA 671 -48.23 91.51 43.59
CA ALA EA 671 -47.61 90.42 44.32
C ALA EA 671 -48.50 89.82 45.39
N THR EA 672 -49.62 90.47 45.70
CA THR EA 672 -50.58 89.89 46.62
C THR EA 672 -51.07 88.56 46.09
N LYS EA 673 -51.11 87.55 46.96
CA LYS EA 673 -51.49 86.22 46.52
C LYS EA 673 -52.94 86.20 46.04
N PHE EA 674 -53.20 85.29 45.12
CA PHE EA 674 -54.52 85.21 44.50
C PHE EA 674 -55.57 84.84 45.53
N ALA EA 675 -56.70 85.52 45.48
CA ALA EA 675 -57.84 85.22 46.32
C ALA EA 675 -59.11 84.95 45.52
N SER EA 676 -59.12 85.27 44.24
CA SER EA 676 -60.27 85.08 43.37
C SER EA 676 -60.03 83.82 42.56
N PHE EA 677 -60.88 82.82 42.76
CA PHE EA 677 -60.74 81.55 42.08
C PHE EA 677 -62.04 81.19 41.37
N ILE EA 678 -61.90 80.39 40.33
CA ILE EA 678 -63.05 79.84 39.62
C ILE EA 678 -63.65 78.75 40.49
N THR EA 679 -64.94 78.87 40.78
CA THR EA 679 -65.61 77.96 41.71
C THR EA 679 -65.87 76.63 41.01
N GLN EA 680 -65.37 75.55 41.58
CA GLN EA 680 -65.57 74.26 40.94
C GLN EA 680 -65.53 73.15 41.98
N TYR EA 681 -66.09 72.00 41.58
CA TYR EA 681 -66.03 70.79 42.37
C TYR EA 681 -65.69 69.64 41.44
N SER EA 682 -65.57 68.45 41.98
CA SER EA 682 -65.29 67.28 41.17
C SER EA 682 -66.14 66.11 41.64
N THR EA 683 -66.35 65.17 40.72
CA THR EA 683 -67.10 63.96 41.01
C THR EA 683 -66.37 62.80 40.37
N GLY EA 684 -66.66 61.60 40.85
CA GLY EA 684 -66.00 60.46 40.27
C GLY EA 684 -66.43 59.18 40.95
N GLN EA 685 -65.73 58.11 40.60
CA GLN EA 685 -65.98 56.79 41.15
C GLN EA 685 -64.75 56.29 41.89
N VAL EA 686 -64.97 55.61 43.01
CA VAL EA 686 -63.91 55.05 43.82
C VAL EA 686 -64.21 53.57 44.04
N SER EA 687 -63.19 52.74 43.87
CA SER EA 687 -63.29 51.30 44.08
C SER EA 687 -62.31 50.88 45.16
N VAL EA 688 -62.78 50.08 46.10
CA VAL EA 688 -61.93 49.47 47.11
C VAL EA 688 -62.19 47.97 47.08
N GLU EA 689 -61.12 47.19 46.96
CA GLU EA 689 -61.18 45.74 46.97
C GLU EA 689 -60.32 45.22 48.11
N ILE EA 690 -60.91 44.50 49.05
CA ILE EA 690 -60.17 43.90 50.15
C ILE EA 690 -60.28 42.39 50.07
N GLU EA 691 -59.14 41.72 50.11
CA GLU EA 691 -59.06 40.29 50.36
C GLU EA 691 -58.93 40.05 51.85
N TRP EA 692 -59.80 39.19 52.38
CA TRP EA 692 -59.83 38.79 53.78
C TRP EA 692 -59.56 37.30 53.88
N GLU EA 693 -58.72 36.93 54.83
CA GLU EA 693 -58.49 35.54 55.19
C GLU EA 693 -59.49 35.10 56.24
N LEU EA 694 -60.06 33.92 56.04
CA LEU EA 694 -61.05 33.33 56.92
C LEU EA 694 -60.42 32.23 57.75
N GLN EA 695 -61.00 32.00 58.92
CA GLN EA 695 -60.62 30.93 59.82
C GLN EA 695 -61.89 30.16 60.10
N LYS EA 696 -62.00 28.99 59.46
CA LYS EA 696 -63.21 28.19 59.47
C LYS EA 696 -63.43 27.53 60.82
N GLU EA 697 -64.69 27.33 61.16
CA GLU EA 697 -65.03 26.55 62.34
C GLU EA 697 -64.63 25.10 62.12
N ASN EA 698 -64.21 24.43 63.19
CA ASN EA 698 -63.89 23.01 63.17
C ASN EA 698 -64.58 22.30 64.34
N SER EA 699 -65.83 22.69 64.61
CA SER EA 699 -66.47 22.33 65.86
C SER EA 699 -66.98 20.89 65.82
N LYS EA 700 -66.96 20.26 66.99
CA LYS EA 700 -67.55 18.94 67.19
C LYS EA 700 -68.83 19.01 68.01
N ARG EA 701 -69.39 20.21 68.16
CA ARG EA 701 -70.62 20.41 68.90
C ARG EA 701 -71.77 19.66 68.24
N TRP EA 702 -72.61 19.05 69.06
CA TRP EA 702 -73.70 18.22 68.54
C TRP EA 702 -74.95 19.03 68.25
N ASN EA 703 -75.41 19.82 69.21
CA ASN EA 703 -76.62 20.59 69.05
C ASN EA 703 -76.40 21.76 68.10
N PRO EA 704 -77.46 22.27 67.48
CA PRO EA 704 -77.29 23.38 66.54
C PRO EA 704 -76.82 24.65 67.21
N GLU EA 705 -76.09 25.45 66.45
CA GLU EA 705 -75.52 26.70 66.92
C GLU EA 705 -76.54 27.84 66.83
N VAL EA 706 -76.26 28.91 67.55
CA VAL EA 706 -76.98 30.16 67.39
C VAL EA 706 -76.47 30.87 66.14
N GLN EA 707 -77.37 31.28 65.28
CA GLN EA 707 -77.03 31.97 64.04
C GLN EA 707 -77.73 33.31 64.00
N TYR EA 708 -77.13 34.26 63.29
CA TYR EA 708 -77.85 35.48 62.98
C TYR EA 708 -78.84 35.22 61.87
N THR EA 709 -80.09 35.58 62.09
CA THR EA 709 -81.14 35.28 61.14
C THR EA 709 -82.05 36.48 60.96
N SER EA 710 -82.65 36.57 59.78
CA SER EA 710 -83.76 37.47 59.56
C SER EA 710 -85.00 36.93 60.27
N ASN EA 711 -85.83 37.84 60.73
CA ASN EA 711 -87.09 37.44 61.34
C ASN EA 711 -88.10 37.13 60.24
N TYR EA 712 -88.74 35.96 60.34
CA TYR EA 712 -89.81 35.58 59.42
C TYR EA 712 -91.10 36.08 60.05
N ALA EA 713 -91.70 37.08 59.43
CA ALA EA 713 -92.98 37.62 59.89
C ALA EA 713 -93.41 38.69 58.90
N LYS EA 714 -94.72 38.85 58.79
CA LYS EA 714 -95.22 39.95 57.98
C LYS EA 714 -94.81 41.27 58.61
N SER EA 715 -94.05 42.06 57.87
CA SER EA 715 -93.58 43.36 58.33
C SER EA 715 -93.81 44.39 57.24
N ALA EA 716 -93.99 45.64 57.65
CA ALA EA 716 -94.23 46.70 56.68
C ALA EA 716 -93.03 46.88 55.76
N ASN EA 717 -91.82 46.63 56.26
CA ASN EA 717 -90.60 46.76 55.50
C ASN EA 717 -89.75 45.52 55.68
N VAL EA 718 -88.76 45.37 54.80
CA VAL EA 718 -87.73 44.36 54.94
C VAL EA 718 -86.52 45.00 55.59
N ASP EA 719 -85.88 44.27 56.50
CA ASP EA 719 -84.71 44.79 57.18
C ASP EA 719 -83.54 44.96 56.22
N PHE EA 720 -82.76 46.02 56.45
CA PHE EA 720 -81.59 46.33 55.63
C PHE EA 720 -81.97 46.57 54.17
N THR EA 721 -83.04 47.34 53.97
CA THR EA 721 -83.49 47.70 52.63
C THR EA 721 -83.81 49.19 52.58
N VAL EA 722 -84.40 49.64 51.48
CA VAL EA 722 -84.85 51.00 51.33
C VAL EA 722 -86.34 51.05 51.66
N ASP EA 723 -86.81 52.23 52.02
CA ASP EA 723 -88.23 52.42 52.24
C ASP EA 723 -88.88 52.99 50.97
N ASN EA 724 -90.13 53.41 51.06
CA ASN EA 724 -90.80 53.97 49.90
C ASN EA 724 -90.22 55.32 49.49
N ASN EA 725 -89.46 55.98 50.37
CA ASN EA 725 -88.80 57.23 50.03
C ASN EA 725 -87.40 57.03 49.48
N GLY EA 726 -86.89 55.81 49.45
CA GLY EA 726 -85.57 55.55 48.95
C GLY EA 726 -84.45 55.62 49.96
N LEU EA 727 -84.76 55.60 51.25
CA LEU EA 727 -83.76 55.77 52.29
C LEU EA 727 -83.33 54.41 52.82
N TYR EA 728 -82.05 54.09 52.64
CA TYR EA 728 -81.50 52.87 53.17
C TYR EA 728 -81.30 52.99 54.68
N THR EA 729 -81.76 51.99 55.41
CA THR EA 729 -81.65 51.98 56.86
C THR EA 729 -81.13 50.62 57.33
N GLU EA 730 -80.42 50.64 58.44
CA GLU EA 730 -79.96 49.42 59.10
C GLU EA 730 -80.68 49.29 60.44
N PRO EA 731 -81.59 48.33 60.59
CA PRO EA 731 -82.41 48.27 61.81
C PRO EA 731 -81.66 48.04 63.11
N ARG EA 732 -80.55 47.30 63.07
CA ARG EA 732 -79.87 46.91 64.29
C ARG EA 732 -78.39 46.75 63.98
N PRO EA 733 -77.53 46.86 65.00
CA PRO EA 733 -76.12 46.51 64.81
C PRO EA 733 -75.91 45.02 64.94
N ILE EA 734 -75.14 44.44 64.01
CA ILE EA 734 -74.86 43.02 63.99
C ILE EA 734 -73.41 42.80 64.38
N GLY EA 735 -73.20 41.99 65.42
CA GLY EA 735 -71.87 41.59 65.81
C GLY EA 735 -71.39 40.39 65.03
N THR EA 736 -70.39 39.71 65.59
CA THR EA 736 -69.76 38.57 64.93
C THR EA 736 -69.88 37.28 65.72
N ARG EA 737 -70.09 37.34 67.02
CA ARG EA 737 -69.92 36.18 67.90
C ARG EA 737 -71.22 35.38 67.95
N TYR EA 738 -71.37 34.43 67.03
CA TYR EA 738 -72.56 33.58 67.00
C TYR EA 738 -72.17 32.12 67.16
N LEU EA 739 -71.18 31.67 66.39
CA LEU EA 739 -70.63 30.34 66.60
C LEU EA 739 -69.94 30.29 67.95
N THR EA 740 -69.73 29.09 68.47
CA THR EA 740 -69.07 28.93 69.76
C THR EA 740 -67.90 27.98 69.64
N ARG EA 741 -67.02 28.05 70.64
CA ARG EA 741 -65.92 27.10 70.75
C ARG EA 741 -65.61 26.93 72.23
N PRO EA 742 -65.03 25.80 72.62
CA PRO EA 742 -64.71 25.60 74.03
C PRO EA 742 -63.59 26.49 74.50
N LEU EA 743 -63.65 26.90 75.76
CA LEU EA 743 -62.71 27.85 76.32
C LEU EA 743 -61.34 27.23 76.56
N ASP FA 219 -50.54 66.23 24.75
CA ASP FA 219 -50.93 64.83 24.89
C ASP FA 219 -52.45 64.68 25.00
N GLY FA 220 -53.18 65.78 24.85
CA GLY FA 220 -54.62 65.76 24.79
C GLY FA 220 -55.24 66.72 25.79
N VAL FA 221 -56.54 66.96 25.57
CA VAL FA 221 -57.30 67.82 26.45
C VAL FA 221 -57.54 67.17 27.81
N GLY FA 222 -57.85 65.87 27.82
CA GLY FA 222 -58.25 65.22 29.05
C GLY FA 222 -57.16 64.43 29.74
N ASN FA 223 -55.91 64.72 29.40
CA ASN FA 223 -54.75 64.04 29.98
C ASN FA 223 -53.83 65.08 30.58
N ALA FA 224 -53.50 64.90 31.86
CA ALA FA 224 -52.61 65.84 32.53
C ALA FA 224 -51.18 65.67 32.02
N SER FA 225 -50.49 66.79 31.82
CA SER FA 225 -49.15 66.77 31.27
C SER FA 225 -48.06 66.81 32.34
N GLY FA 226 -48.43 66.74 33.61
CA GLY FA 226 -47.43 66.66 34.66
C GLY FA 226 -48.10 66.42 35.99
N ASN FA 227 -47.26 66.12 36.97
CA ASN FA 227 -47.70 65.84 38.32
C ASN FA 227 -47.13 66.87 39.29
N TRP FA 228 -47.69 66.90 40.48
CA TRP FA 228 -47.23 67.80 41.53
C TRP FA 228 -46.00 67.20 42.18
N HIS FA 229 -44.85 67.83 42.01
CA HIS FA 229 -43.59 67.38 42.58
C HIS FA 229 -43.09 68.45 43.53
N CYS FA 230 -43.44 68.33 44.80
CA CYS FA 230 -42.98 69.25 45.83
C CYS FA 230 -42.43 68.42 46.97
N ASP FA 231 -41.12 68.42 47.14
CA ASP FA 231 -40.46 67.48 48.02
C ASP FA 231 -39.09 68.02 48.37
N SER FA 232 -38.37 67.29 49.22
CA SER FA 232 -36.98 67.60 49.54
C SER FA 232 -36.31 66.31 49.97
N THR FA 233 -35.29 65.90 49.23
CA THR FA 233 -34.58 64.65 49.49
C THR FA 233 -33.17 64.99 49.96
N TRP FA 234 -32.77 64.44 51.09
CA TRP FA 234 -31.46 64.68 51.66
C TRP FA 234 -30.61 63.44 51.48
N LEU FA 235 -29.60 63.54 50.63
CA LEU FA 235 -28.61 62.49 50.48
C LEU FA 235 -27.43 62.81 51.40
N GLY FA 236 -26.32 62.10 51.25
CA GLY FA 236 -25.20 62.34 52.13
C GLY FA 236 -24.61 63.72 52.00
N ASP FA 237 -24.29 64.12 50.76
CA ASP FA 237 -23.68 65.42 50.51
C ASP FA 237 -24.49 66.28 49.57
N ARG FA 238 -25.66 65.84 49.13
CA ARG FA 238 -26.53 66.61 48.28
C ARG FA 238 -27.87 66.78 48.97
N VAL FA 239 -28.59 67.82 48.59
CA VAL FA 239 -30.01 67.94 48.88
C VAL FA 239 -30.71 68.37 47.60
N ILE FA 240 -31.80 67.70 47.27
CA ILE FA 240 -32.58 68.02 46.08
C ILE FA 240 -33.91 68.56 46.54
N THR FA 241 -34.19 69.82 46.18
CA THR FA 241 -35.43 70.49 46.54
C THR FA 241 -36.30 70.63 45.30
N THR FA 242 -37.53 70.18 45.37
CA THR FA 242 -38.51 70.31 44.30
C THR FA 242 -39.67 71.17 44.78
N SER FA 243 -40.14 72.06 43.93
CA SER FA 243 -41.23 72.96 44.27
C SER FA 243 -42.17 73.09 43.09
N THR FA 244 -43.45 72.83 43.31
CA THR FA 244 -44.48 73.06 42.32
C THR FA 244 -45.41 74.16 42.83
N ARG FA 245 -45.78 75.06 41.93
CA ARG FA 245 -46.67 76.17 42.23
C ARG FA 245 -47.68 76.33 41.11
N THR FA 246 -48.79 76.97 41.43
CA THR FA 246 -49.81 77.31 40.45
C THR FA 246 -49.69 78.78 40.09
N TRP FA 247 -49.57 79.07 38.80
CA TRP FA 247 -49.38 80.42 38.31
C TRP FA 247 -50.55 80.85 37.45
N ALA FA 248 -50.78 82.15 37.44
CA ALA FA 248 -51.72 82.82 36.55
C ALA FA 248 -50.97 83.89 35.77
N LEU FA 249 -51.12 83.86 34.45
CA LEU FA 249 -50.47 84.80 33.54
C LEU FA 249 -51.54 85.61 32.81
N PRO FA 250 -51.60 86.91 33.00
CA PRO FA 250 -52.58 87.71 32.24
C PRO FA 250 -52.01 88.17 30.91
N THR FA 251 -52.78 88.97 30.19
CA THR FA 251 -52.28 89.67 29.02
C THR FA 251 -51.76 91.03 29.46
N TYR FA 252 -50.50 91.31 29.12
CA TYR FA 252 -49.85 92.55 29.52
C TYR FA 252 -49.79 93.50 28.34
N ASN FA 253 -50.15 94.76 28.59
CA ASN FA 253 -50.03 95.86 27.63
C ASN FA 253 -50.95 95.73 26.43
N ASN FA 254 -51.95 94.84 26.49
CA ASN FA 254 -52.76 94.50 25.33
C ASN FA 254 -51.89 94.00 24.17
N HIS FA 255 -50.93 93.13 24.50
CA HIS FA 255 -50.03 92.51 23.52
C HIS FA 255 -49.12 93.53 22.83
N LEU FA 256 -48.86 94.64 23.50
CA LEU FA 256 -48.09 95.72 22.89
C LEU FA 256 -46.75 95.88 23.58
N TYR FA 257 -45.77 96.32 22.81
CA TYR FA 257 -44.49 96.79 23.34
C TYR FA 257 -44.61 98.29 23.52
N LYS FA 258 -44.35 98.78 24.72
CA LYS FA 258 -44.48 100.20 25.01
C LYS FA 258 -43.15 100.76 25.48
N GLN FA 259 -42.86 101.98 25.05
CA GLN FA 259 -41.67 102.69 25.48
C GLN FA 259 -42.00 103.48 26.74
N ILE FA 260 -41.23 103.25 27.79
CA ILE FA 260 -41.46 103.89 29.08
C ILE FA 260 -40.25 104.75 29.43
N SER FA 261 -40.52 105.87 30.09
CA SER FA 261 -39.46 106.76 30.55
C SER FA 261 -40.01 107.56 31.73
N SER FA 262 -39.20 108.51 32.20
CA SER FA 262 -39.56 109.34 33.34
C SER FA 262 -40.04 110.72 32.94
N ALA FA 263 -40.24 110.96 31.64
CA ALA FA 263 -40.60 112.30 31.17
C ALA FA 263 -41.95 112.74 31.73
N SER FA 264 -42.95 111.86 31.70
CA SER FA 264 -44.24 112.22 32.29
C SER FA 264 -44.19 112.19 33.81
N THR FA 265 -43.33 111.34 34.38
CA THR FA 265 -43.21 111.27 35.83
C THR FA 265 -42.68 112.57 36.41
N GLY FA 266 -41.78 113.23 35.70
CA GLY FA 266 -41.17 114.44 36.24
C GLY FA 266 -40.30 114.18 37.45
N ALA FA 267 -39.46 113.15 37.38
CA ALA FA 267 -38.62 112.76 38.51
C ALA FA 267 -37.38 113.63 38.58
N SER FA 268 -36.58 113.41 39.62
CA SER FA 268 -35.30 114.10 39.76
C SER FA 268 -34.29 113.50 38.79
N ASN FA 269 -33.16 114.20 38.65
CA ASN FA 269 -32.13 113.74 37.73
C ASN FA 269 -31.60 112.37 38.10
N ASP FA 270 -31.64 112.02 39.39
CA ASP FA 270 -31.15 110.72 39.84
C ASP FA 270 -32.10 109.58 39.50
N ASN FA 271 -33.37 109.88 39.26
CA ASN FA 271 -34.39 108.85 39.05
C ASN FA 271 -34.83 108.77 37.60
N HIS FA 272 -34.14 109.45 36.69
CA HIS FA 272 -34.49 109.41 35.28
C HIS FA 272 -34.20 108.03 34.70
N TYR FA 273 -35.05 107.59 33.77
CA TYR FA 273 -34.82 106.31 33.12
C TYR FA 273 -35.48 106.30 31.76
N PHE FA 274 -35.07 105.34 30.94
CA PHE FA 274 -35.64 105.08 29.63
C PHE FA 274 -35.61 103.58 29.41
N GLY FA 275 -36.70 103.02 28.93
CA GLY FA 275 -36.74 101.60 28.71
C GLY FA 275 -37.97 101.17 27.98
N TYR FA 276 -38.26 99.87 28.07
CA TYR FA 276 -39.37 99.28 27.36
C TYR FA 276 -40.12 98.31 28.25
N SER FA 277 -41.43 98.26 28.04
CA SER FA 277 -42.34 97.32 28.69
C SER FA 277 -42.80 96.32 27.64
N THR FA 278 -42.60 95.04 27.89
CA THR FA 278 -43.01 94.06 26.91
C THR FA 278 -44.32 93.40 27.33
N PRO FA 279 -45.03 92.77 26.41
CA PRO FA 279 -46.22 91.99 26.79
C PRO FA 279 -45.91 90.64 27.42
N TRP FA 280 -44.64 90.32 27.65
CA TRP FA 280 -44.25 89.04 28.21
C TRP FA 280 -44.17 89.10 29.72
N GLY FA 281 -44.38 87.96 30.36
CA GLY FA 281 -44.04 87.76 31.75
C GLY FA 281 -42.84 86.84 31.84
N TYR FA 282 -42.29 86.74 33.04
CA TYR FA 282 -41.13 85.88 33.24
C TYR FA 282 -41.33 85.08 34.53
N PHE FA 283 -40.62 83.96 34.59
CA PHE FA 283 -40.66 83.08 35.75
C PHE FA 283 -39.45 83.36 36.63
N ASP FA 284 -39.70 83.58 37.91
CA ASP FA 284 -38.67 83.91 38.88
C ASP FA 284 -38.72 82.94 40.04
N PHE FA 285 -37.60 82.30 40.33
CA PHE FA 285 -37.47 81.46 41.51
C PHE FA 285 -36.12 81.74 42.17
N ASN FA 286 -35.78 83.02 42.27
CA ASN FA 286 -34.50 83.47 42.79
C ASN FA 286 -34.59 83.90 44.24
N ARG FA 287 -35.36 83.19 45.06
CA ARG FA 287 -35.34 83.34 46.50
C ARG FA 287 -35.22 81.96 47.12
N PHE FA 288 -34.62 81.91 48.32
CA PHE FA 288 -34.35 80.61 48.92
C PHE FA 288 -35.62 79.93 49.41
N HIS FA 289 -36.64 80.69 49.79
CA HIS FA 289 -37.86 80.09 50.28
C HIS FA 289 -38.77 79.57 49.16
N CYS FA 290 -38.43 79.85 47.90
CA CYS FA 290 -39.09 79.18 46.79
C CYS FA 290 -38.72 77.70 46.73
N HIS FA 291 -37.66 77.31 47.42
CA HIS FA 291 -37.13 75.96 47.35
C HIS FA 291 -37.04 75.26 48.70
N PHE FA 292 -36.77 75.99 49.77
CA PHE FA 292 -36.61 75.40 51.10
C PHE FA 292 -37.81 75.76 51.96
N SER FA 293 -38.39 74.76 52.62
CA SER FA 293 -39.27 75.04 53.72
C SER FA 293 -38.44 75.54 54.89
N PRO FA 294 -39.06 76.22 55.86
CA PRO FA 294 -38.29 76.63 57.04
C PRO FA 294 -37.63 75.48 57.77
N ARG FA 295 -38.29 74.33 57.84
CA ARG FA 295 -37.69 73.15 58.43
C ARG FA 295 -36.45 72.69 57.66
N ASP FA 296 -36.54 72.68 56.32
CA ASP FA 296 -35.40 72.30 55.50
C ASP FA 296 -34.26 73.30 55.64
N TRP FA 297 -34.59 74.59 55.71
CA TRP FA 297 -33.58 75.62 55.92
C TRP FA 297 -32.87 75.43 57.25
N GLN FA 298 -33.63 75.14 58.30
CA GLN FA 298 -33.03 74.90 59.61
C GLN FA 298 -32.14 73.66 59.57
N ARG FA 299 -32.61 72.60 58.91
CA ARG FA 299 -31.81 71.39 58.77
C ARG FA 299 -30.51 71.66 58.03
N LEU FA 300 -30.55 72.51 57.01
CA LEU FA 300 -29.35 72.86 56.26
C LEU FA 300 -28.38 73.67 57.12
N ILE FA 301 -28.88 74.74 57.74
CA ILE FA 301 -28.00 75.70 58.40
C ILE FA 301 -27.49 75.21 59.75
N ASN FA 302 -28.17 74.26 60.38
CA ASN FA 302 -27.71 73.75 61.65
C ASN FA 302 -26.69 72.64 61.50
N ASN FA 303 -26.48 72.13 60.29
CA ASN FA 303 -25.67 70.95 60.09
C ASN FA 303 -24.59 71.10 59.05
N ASN FA 304 -24.63 72.11 58.20
CA ASN FA 304 -23.70 72.21 57.09
C ASN FA 304 -22.82 73.45 57.25
N TRP FA 305 -21.54 73.28 56.93
CA TRP FA 305 -20.61 74.40 56.90
C TRP FA 305 -20.72 75.22 55.63
N GLY FA 306 -21.26 74.64 54.57
CA GLY FA 306 -21.43 75.43 53.36
C GLY FA 306 -22.36 74.74 52.38
N PHE FA 307 -22.79 75.50 51.38
CA PHE FA 307 -23.62 74.87 50.36
C PHE FA 307 -23.55 75.67 49.07
N ARG FA 308 -23.93 75.03 47.97
CA ARG FA 308 -23.96 75.70 46.68
C ARG FA 308 -24.89 74.93 45.75
N PRO FA 309 -25.39 75.58 44.70
CA PRO FA 309 -26.24 74.88 43.73
C PRO FA 309 -25.45 74.18 42.63
N LYS FA 310 -25.88 72.96 42.31
CA LYS FA 310 -25.31 72.12 41.28
C LYS FA 310 -26.13 72.10 40.00
N ARG FA 311 -27.43 71.81 40.08
CA ARG FA 311 -28.17 71.74 38.82
C ARG FA 311 -29.63 72.04 39.07
N LEU FA 312 -30.36 72.32 37.99
CA LEU FA 312 -31.80 72.55 38.12
C LEU FA 312 -32.55 72.03 36.90
N ASN FA 313 -33.80 71.66 37.15
CA ASN FA 313 -34.79 71.29 36.15
C ASN FA 313 -36.00 72.19 36.30
N PHE FA 314 -36.53 72.64 35.18
CA PHE FA 314 -37.69 73.51 35.14
C PHE FA 314 -38.73 72.84 34.26
N LYS FA 315 -39.96 72.78 34.74
CA LYS FA 315 -41.06 72.20 33.99
C LYS FA 315 -42.27 73.11 34.08
N LEU FA 316 -43.00 73.20 32.98
CA LEU FA 316 -44.22 73.99 32.86
C LEU FA 316 -45.28 73.08 32.29
N PHE FA 317 -46.38 72.88 33.01
CA PHE FA 317 -47.32 71.84 32.63
C PHE FA 317 -48.72 72.23 33.05
N ASN FA 318 -49.69 71.52 32.48
CA ASN FA 318 -51.11 71.69 32.77
C ASN FA 318 -51.59 73.10 32.41
N ILE FA 319 -51.34 73.49 31.16
CA ILE FA 319 -51.71 74.81 30.68
C ILE FA 319 -53.20 74.88 30.44
N GLN FA 320 -53.84 75.93 30.94
CA GLN FA 320 -55.24 76.19 30.67
C GLN FA 320 -55.39 77.65 30.27
N VAL FA 321 -55.83 77.89 29.04
CA VAL FA 321 -56.13 79.24 28.58
C VAL FA 321 -57.61 79.49 28.80
N LYS FA 322 -57.93 80.63 29.41
CA LYS FA 322 -59.30 81.00 29.74
C LYS FA 322 -59.66 82.29 29.04
N GLU FA 323 -60.79 82.27 28.36
CA GLU FA 323 -61.40 83.43 27.72
C GLU FA 323 -62.34 84.14 28.69
N VAL FA 324 -62.26 85.47 28.72
CA VAL FA 324 -63.05 86.29 29.64
C VAL FA 324 -63.89 87.27 28.84
N THR FA 325 -65.19 87.31 29.14
CA THR FA 325 -66.10 88.30 28.55
C THR FA 325 -66.88 88.97 29.67
N THR FA 326 -66.83 90.30 29.72
CA THR FA 326 -67.62 91.07 30.69
C THR FA 326 -68.74 91.79 29.94
N ASN FA 327 -69.98 91.45 30.25
CA ASN FA 327 -71.16 92.07 29.67
C ASN FA 327 -72.11 92.51 30.79
N ASP FA 328 -72.55 93.77 30.70
CA ASP FA 328 -73.50 94.33 31.67
C ASP FA 328 -73.00 94.19 33.10
N GLY FA 329 -71.68 94.14 33.27
CA GLY FA 329 -71.07 94.03 34.58
C GLY FA 329 -70.80 92.62 35.06
N VAL FA 330 -71.36 91.60 34.40
CA VAL FA 330 -71.16 90.23 34.81
C VAL FA 330 -70.11 89.59 33.91
N THR FA 331 -69.26 88.76 34.50
CA THR FA 331 -68.08 88.22 33.84
C THR FA 331 -68.24 86.72 33.62
N THR FA 332 -68.05 86.29 32.39
CA THR FA 332 -68.05 84.90 32.00
C THR FA 332 -66.64 84.46 31.67
N ILE FA 333 -66.23 83.31 32.21
CA ILE FA 333 -64.95 82.71 31.91
C ILE FA 333 -65.21 81.35 31.29
N ALA FA 334 -64.58 81.10 30.14
CA ALA FA 334 -64.70 79.83 29.46
C ALA FA 334 -63.31 79.30 29.14
N ASN FA 335 -63.25 78.02 28.77
CA ASN FA 335 -62.00 77.44 28.33
C ASN FA 335 -61.79 77.71 26.85
N ASN FA 336 -60.56 78.07 26.49
CA ASN FA 336 -60.17 78.23 25.11
C ASN FA 336 -59.21 77.10 24.80
N LEU FA 337 -59.73 76.03 24.21
CA LEU FA 337 -58.96 74.80 24.04
C LEU FA 337 -57.90 74.90 22.96
N THR FA 338 -58.01 75.88 22.05
CA THR FA 338 -57.10 75.98 20.91
C THR FA 338 -56.12 77.13 21.03
N SER FA 339 -56.07 77.81 22.16
CA SER FA 339 -55.14 78.91 22.34
C SER FA 339 -53.80 78.41 22.87
N THR FA 340 -52.77 79.22 22.68
CA THR FA 340 -51.41 78.82 23.02
C THR FA 340 -50.76 79.85 23.94
N VAL FA 341 -49.78 79.38 24.71
CA VAL FA 341 -48.83 80.23 25.40
C VAL FA 341 -47.47 80.00 24.76
N GLN FA 342 -46.76 81.08 24.47
CA GLN FA 342 -45.39 81.01 23.99
C GLN FA 342 -44.43 81.06 25.16
N VAL FA 343 -43.50 80.11 25.21
CA VAL FA 343 -42.49 80.03 26.26
C VAL FA 343 -41.13 79.90 25.61
N PHE FA 344 -40.15 80.64 26.10
CA PHE FA 344 -38.78 80.38 25.68
C PHE FA 344 -37.83 80.71 26.81
N SER FA 345 -36.68 80.06 26.78
CA SER FA 345 -35.60 80.27 27.73
C SER FA 345 -34.50 81.04 27.04
N ASP FA 346 -34.01 82.11 27.68
CA ASP FA 346 -32.97 82.94 27.09
C ASP FA 346 -31.60 82.38 27.48
N SER FA 347 -31.27 81.24 26.87
CA SER FA 347 -30.10 80.47 27.26
C SER FA 347 -28.78 81.11 26.83
N GLU FA 348 -28.80 82.01 25.87
CA GLU FA 348 -27.59 82.68 25.41
C GLU FA 348 -27.43 84.07 25.99
N TYR FA 349 -28.29 84.46 26.93
CA TYR FA 349 -28.19 85.74 27.63
C TYR FA 349 -28.13 86.91 26.65
N GLN FA 350 -29.01 86.87 25.67
CA GLN FA 350 -29.10 87.92 24.67
C GLN FA 350 -30.05 89.04 25.06
N LEU FA 351 -30.76 88.88 26.14
CA LEU FA 351 -31.71 89.83 26.67
C LEU FA 351 -31.16 90.50 27.92
N PRO FA 352 -31.65 91.67 28.26
CA PRO FA 352 -31.29 92.25 29.57
C PRO FA 352 -31.76 91.36 30.70
N TYR FA 353 -30.87 91.10 31.65
CA TYR FA 353 -31.15 90.22 32.77
C TYR FA 353 -31.76 91.04 33.89
N VAL FA 354 -33.08 90.92 34.08
CA VAL FA 354 -33.74 91.66 35.14
C VAL FA 354 -33.88 90.86 36.42
N LEU FA 355 -33.56 89.56 36.38
CA LEU FA 355 -33.46 88.80 37.60
C LEU FA 355 -32.22 89.26 38.36
N GLY FA 356 -32.17 88.95 39.65
CA GLY FA 356 -31.04 89.39 40.43
C GLY FA 356 -31.11 90.84 40.87
N SER FA 357 -32.26 91.48 40.74
CA SER FA 357 -32.49 92.82 41.29
C SER FA 357 -33.46 92.80 42.46
N ALA FA 358 -33.77 91.61 42.98
CA ALA FA 358 -34.61 91.43 44.17
C ALA FA 358 -36.03 91.95 43.94
N HIS FA 359 -36.65 91.49 42.87
CA HIS FA 359 -37.99 91.93 42.52
C HIS FA 359 -39.04 90.95 43.03
N GLN FA 360 -40.25 91.47 43.19
CA GLN FA 360 -41.40 90.64 43.50
C GLN FA 360 -41.78 89.79 42.30
N GLY FA 361 -42.57 88.75 42.55
CA GLY FA 361 -43.02 87.89 41.48
C GLY FA 361 -42.41 86.51 41.48
N CYS FA 362 -41.61 86.19 42.49
CA CYS FA 362 -41.07 84.85 42.62
C CYS FA 362 -42.18 83.86 42.98
N LEU FA 363 -41.84 82.58 42.95
CA LEU FA 363 -42.74 81.58 43.49
C LEU FA 363 -42.98 81.87 44.97
N PRO FA 364 -44.20 81.78 45.45
CA PRO FA 364 -44.48 82.07 46.86
C PRO FA 364 -43.82 81.05 47.77
N PRO FA 365 -43.48 81.44 49.00
CA PRO FA 365 -42.86 80.47 49.92
C PRO FA 365 -43.76 79.30 50.25
N PHE FA 366 -45.05 79.53 50.39
CA PHE FA 366 -45.99 78.48 50.75
C PHE FA 366 -46.48 77.76 49.50
N PRO FA 367 -46.35 76.43 49.43
CA PRO FA 367 -46.72 75.70 48.20
C PRO FA 367 -48.18 75.78 47.84
N ALA FA 368 -49.06 76.16 48.76
CA ALA FA 368 -50.47 76.27 48.46
C ALA FA 368 -50.85 77.57 47.79
N ASP FA 369 -49.93 78.53 47.70
CA ASP FA 369 -50.26 79.85 47.19
C ASP FA 369 -50.19 79.89 45.67
N VAL FA 370 -51.14 80.59 45.07
CA VAL FA 370 -51.22 80.78 43.63
C VAL FA 370 -50.69 82.17 43.32
N PHE FA 371 -49.76 82.26 42.37
CA PHE FA 371 -49.07 83.51 42.14
C PHE FA 371 -49.26 84.00 40.71
N MET FA 372 -49.29 85.32 40.57
CA MET FA 372 -49.38 86.00 39.31
C MET FA 372 -47.98 86.17 38.73
N ILE FA 373 -47.86 85.99 37.42
CA ILE FA 373 -46.55 86.08 36.77
C ILE FA 373 -46.22 87.54 36.51
N PRO FA 374 -45.04 88.02 36.89
CA PRO FA 374 -44.69 89.43 36.70
C PRO FA 374 -44.38 89.78 35.26
N GLN FA 375 -44.63 91.03 34.91
CA GLN FA 375 -44.41 91.50 33.54
C GLN FA 375 -42.92 91.74 33.30
N TYR FA 376 -42.48 91.47 32.08
CA TYR FA 376 -41.09 91.72 31.70
C TYR FA 376 -40.94 93.12 31.14
N GLY FA 377 -39.90 93.80 31.59
CA GLY FA 377 -39.53 95.10 31.06
C GLY FA 377 -38.07 95.31 31.37
N TYR FA 378 -37.45 96.20 30.62
CA TYR FA 378 -36.04 96.46 30.81
C TYR FA 378 -35.77 97.93 30.63
N LEU FA 379 -34.60 98.36 31.07
CA LEU FA 379 -34.11 99.70 30.90
C LEU FA 379 -32.91 99.68 29.98
N THR FA 380 -32.72 100.76 29.25
CA THR FA 380 -31.58 100.90 28.36
C THR FA 380 -30.90 102.23 28.66
N LEU FA 381 -29.84 102.52 27.90
CA LEU FA 381 -29.09 103.75 28.10
C LEU FA 381 -30.00 104.96 27.97
N ASN FA 382 -29.89 105.89 28.91
CA ASN FA 382 -30.71 107.08 28.91
C ASN FA 382 -29.86 108.30 29.19
N ASN FA 383 -30.26 109.42 28.60
CA ASN FA 383 -29.68 110.74 28.83
C ASN FA 383 -30.80 111.60 29.40
N GLY FA 384 -30.99 111.51 30.71
CA GLY FA 384 -32.18 112.09 31.31
C GLY FA 384 -33.35 111.16 31.06
N SER FA 385 -34.45 111.72 30.57
CA SER FA 385 -35.58 110.92 30.17
C SER FA 385 -35.51 110.52 28.70
N GLN FA 386 -34.44 110.86 28.00
CA GLN FA 386 -34.28 110.57 26.59
C GLN FA 386 -33.40 109.35 26.38
N ALA FA 387 -33.37 108.87 25.15
CA ALA FA 387 -32.52 107.75 24.77
C ALA FA 387 -31.27 108.29 24.09
N VAL FA 388 -30.39 107.38 23.69
CA VAL FA 388 -29.21 107.69 22.92
C VAL FA 388 -29.17 106.77 21.71
N GLY FA 389 -28.13 106.91 20.90
CA GLY FA 389 -27.99 106.05 19.73
C GLY FA 389 -27.73 104.60 20.10
N ARG FA 390 -27.00 104.37 21.18
CA ARG FA 390 -26.64 103.04 21.62
C ARG FA 390 -27.69 102.41 22.51
N SER FA 391 -28.80 103.10 22.74
CA SER FA 391 -29.92 102.49 23.44
C SER FA 391 -30.48 101.35 22.62
N SER FA 392 -30.66 100.20 23.25
CA SER FA 392 -31.10 99.01 22.55
C SER FA 392 -32.60 98.79 22.71
N PHE FA 393 -33.18 98.14 21.73
CA PHE FA 393 -34.56 97.68 21.78
C PHE FA 393 -34.56 96.20 21.44
N TYR FA 394 -35.33 95.43 22.19
CA TYR FA 394 -35.40 93.99 22.00
C TYR FA 394 -36.84 93.59 21.77
N CYS FA 395 -37.13 93.04 20.60
CA CYS FA 395 -38.39 92.35 20.40
C CYS FA 395 -38.22 90.91 20.88
N LEU FA 396 -39.04 90.49 21.82
CA LEU FA 396 -38.95 89.13 22.32
C LEU FA 396 -39.65 88.13 21.41
N GLU FA 397 -40.45 88.60 20.46
CA GLU FA 397 -40.97 87.73 19.41
C GLU FA 397 -39.92 87.40 18.37
N TYR FA 398 -38.77 88.06 18.42
CA TYR FA 398 -37.63 87.77 17.56
C TYR FA 398 -36.80 86.61 18.07
N PHE FA 399 -37.37 85.79 18.95
CA PHE FA 399 -36.75 84.59 19.47
C PHE FA 399 -37.57 83.38 19.05
N PRO FA 400 -36.94 82.21 18.93
CA PRO FA 400 -37.71 80.96 18.79
C PRO FA 400 -38.41 80.62 20.10
N SER FA 401 -39.74 80.48 20.04
CA SER FA 401 -40.55 80.13 21.19
C SER FA 401 -41.22 78.79 20.96
N GLN FA 402 -41.47 78.07 22.03
CA GLN FA 402 -42.31 76.89 21.97
C GLN FA 402 -43.74 77.32 22.27
N MET FA 403 -44.66 76.95 21.38
CA MET FA 403 -46.07 77.24 21.52
C MET FA 403 -46.75 76.04 22.18
N LEU FA 404 -47.45 76.30 23.28
CA LEU FA 404 -48.03 75.25 24.10
C LEU FA 404 -49.54 75.41 24.10
N ARG FA 405 -50.24 74.38 23.63
CA ARG FA 405 -51.67 74.27 23.83
C ARG FA 405 -51.93 73.54 25.15
N THR FA 406 -53.18 73.23 25.44
CA THR FA 406 -53.52 72.73 26.76
C THR FA 406 -52.95 71.34 27.04
N GLY FA 407 -52.49 70.63 26.03
CA GLY FA 407 -51.94 69.30 26.23
C GLY FA 407 -50.44 69.24 26.22
N ASN FA 408 -49.78 70.37 26.05
CA ASN FA 408 -48.33 70.43 25.92
C ASN FA 408 -47.68 70.85 27.23
N ASN FA 409 -46.40 70.49 27.36
CA ASN FA 409 -45.59 70.94 28.48
C ASN FA 409 -44.24 71.43 27.96
N PHE FA 410 -43.48 72.03 28.86
CA PHE FA 410 -42.20 72.65 28.55
C PHE FA 410 -41.19 72.21 29.59
N THR FA 411 -40.02 71.75 29.16
CA THR FA 411 -38.98 71.33 30.08
C THR FA 411 -37.68 72.03 29.73
N PHE FA 412 -36.82 72.18 30.73
CA PHE FA 412 -35.55 72.87 30.52
C PHE FA 412 -34.59 72.48 31.65
N SER FA 413 -33.38 72.07 31.29
CA SER FA 413 -32.37 71.71 32.27
C SER FA 413 -31.23 72.71 32.24
N TYR FA 414 -30.59 72.89 33.39
CA TYR FA 414 -29.48 73.84 33.50
C TYR FA 414 -28.49 73.32 34.52
N THR FA 415 -27.21 73.50 34.23
CA THR FA 415 -26.14 73.14 35.15
C THR FA 415 -25.43 74.40 35.62
N PHE FA 416 -25.28 74.53 36.93
CA PHE FA 416 -24.55 75.66 37.49
C PHE FA 416 -23.05 75.50 37.26
N GLU FA 417 -22.38 76.61 37.04
CA GLU FA 417 -20.92 76.62 37.02
C GLU FA 417 -20.38 76.36 38.42
N GLU FA 418 -19.10 76.01 38.48
CA GLU FA 418 -18.46 75.73 39.76
C GLU FA 418 -18.28 77.05 40.50
N VAL FA 419 -19.20 77.32 41.41
CA VAL FA 419 -19.20 78.52 42.23
C VAL FA 419 -18.67 78.11 43.60
N PRO FA 420 -18.04 78.99 44.36
CA PRO FA 420 -17.63 78.62 45.72
C PRO FA 420 -18.83 78.38 46.62
N PHE FA 421 -18.63 77.49 47.60
CA PHE FA 421 -19.64 77.26 48.62
C PHE FA 421 -19.93 78.55 49.37
N HIS FA 422 -21.20 78.81 49.61
CA HIS FA 422 -21.56 79.82 50.58
C HIS FA 422 -21.26 79.30 51.97
N SER FA 423 -20.77 80.19 52.83
CA SER FA 423 -20.29 79.89 54.17
C SER FA 423 -21.46 79.93 55.16
N SER FA 424 -21.91 78.76 55.60
CA SER FA 424 -22.94 78.67 56.62
C SER FA 424 -22.35 78.63 58.02
N TYR FA 425 -21.19 79.25 58.22
CA TYR FA 425 -20.50 79.23 59.50
C TYR FA 425 -20.12 80.64 59.91
N ALA FA 426 -19.98 80.82 61.21
CA ALA FA 426 -19.26 81.93 61.80
C ALA FA 426 -17.87 81.47 62.19
N HIS FA 427 -17.02 82.44 62.55
CA HIS FA 427 -15.67 82.15 62.99
C HIS FA 427 -15.61 82.16 64.51
N SER FA 428 -14.94 81.16 65.07
CA SER FA 428 -14.75 81.07 66.52
C SER FA 428 -13.63 81.96 67.02
N GLN FA 429 -12.83 82.51 66.13
CA GLN FA 429 -11.74 83.40 66.49
C GLN FA 429 -11.91 84.73 65.77
N SER FA 430 -11.38 85.77 66.36
CA SER FA 430 -11.30 87.08 65.72
C SER FA 430 -9.94 87.23 65.04
N LEU FA 431 -9.91 88.09 64.03
CA LEU FA 431 -8.71 88.23 63.22
C LEU FA 431 -7.56 88.85 64.00
N ASP FA 432 -7.86 89.72 64.97
CA ASP FA 432 -6.85 90.32 65.81
C ASP FA 432 -6.55 89.51 67.06
N ARG FA 433 -7.00 88.25 67.10
CA ARG FA 433 -6.82 87.38 68.26
C ARG FA 433 -6.40 86.00 67.81
N LEU FA 434 -5.47 85.92 66.86
CA LEU FA 434 -5.04 84.67 66.27
C LEU FA 434 -3.76 84.14 66.88
N MET FA 435 -3.29 84.76 67.96
CA MET FA 435 -2.00 84.43 68.55
C MET FA 435 -2.15 83.43 69.68
N ASN FA 436 -1.02 82.85 70.07
CA ASN FA 436 -0.94 82.09 71.31
C ASN FA 436 -0.96 83.07 72.47
N PRO FA 437 -1.92 82.97 73.39
CA PRO FA 437 -1.99 83.91 74.51
C PRO FA 437 -1.02 83.62 75.64
N LEU FA 438 -0.15 82.63 75.49
CA LEU FA 438 0.80 82.29 76.55
C LEU FA 438 2.24 82.62 76.20
N ILE FA 439 2.58 82.65 74.91
CA ILE FA 439 3.96 82.80 74.47
C ILE FA 439 4.17 84.22 73.95
N ASP FA 440 5.35 84.77 74.20
CA ASP FA 440 5.72 86.05 73.65
C ASP FA 440 6.11 85.90 72.18
N GLN FA 441 6.36 87.03 71.55
CA GLN FA 441 6.85 87.06 70.18
C GLN FA 441 8.36 87.25 70.18
N TYR FA 442 8.97 87.00 69.04
CA TYR FA 442 10.37 87.37 68.83
C TYR FA 442 10.51 88.67 68.07
N LEU FA 443 9.40 89.35 67.80
CA LEU FA 443 9.39 90.62 67.09
C LEU FA 443 9.20 91.76 68.08
N TYR FA 444 9.94 92.83 67.87
CA TYR FA 444 9.87 94.01 68.72
C TYR FA 444 9.12 95.11 68.01
N TYR FA 445 8.58 96.02 68.80
CA TYR FA 445 7.88 97.19 68.28
C TYR FA 445 8.30 98.39 69.12
N LEU FA 446 8.18 99.57 68.52
CA LEU FA 446 8.46 100.80 69.24
C LEU FA 446 7.33 101.06 70.24
N ASN FA 447 7.67 101.06 71.53
CA ASN FA 447 6.69 101.17 72.59
C ASN FA 447 6.61 102.59 73.18
N ARG FA 448 7.76 103.22 73.41
CA ARG FA 448 7.81 104.57 73.97
C ARG FA 448 8.73 105.42 73.11
N THR FA 449 8.33 106.67 72.89
CA THR FA 449 9.24 107.68 72.37
C THR FA 449 9.56 108.74 73.41
N GLN FA 450 9.19 108.50 74.66
CA GLN FA 450 9.55 109.36 75.79
C GLN FA 450 10.04 108.48 76.93
N ASN FA 451 10.73 109.10 77.88
CA ASN FA 451 11.25 108.36 79.02
C ASN FA 451 10.12 107.87 79.90
N GLN FA 452 10.24 106.62 80.34
CA GLN FA 452 9.19 105.99 81.14
C GLN FA 452 9.15 106.51 82.58
N SER FA 453 10.28 106.97 83.11
CA SER FA 453 10.35 107.37 84.51
C SER FA 453 9.41 108.53 84.81
N GLY FA 454 9.40 109.56 83.97
CA GLY FA 454 8.51 110.69 84.13
C GLY FA 454 9.05 111.82 84.97
N SER FA 455 10.14 111.62 85.70
CA SER FA 455 10.75 112.71 86.45
C SER FA 455 11.23 113.81 85.51
N ALA FA 456 11.85 113.41 84.40
CA ALA FA 456 12.10 114.28 83.28
C ALA FA 456 11.17 113.89 82.13
N GLN FA 457 11.09 114.76 81.13
CA GLN FA 457 10.22 114.56 79.98
C GLN FA 457 11.04 114.41 78.69
N ASN FA 458 12.11 113.63 78.75
CA ASN FA 458 13.01 113.50 77.61
C ASN FA 458 12.50 112.46 76.63
N LYS FA 459 12.88 112.64 75.37
CA LYS FA 459 12.52 111.68 74.35
C LYS FA 459 13.42 110.45 74.45
N ASP FA 460 13.01 109.39 73.75
CA ASP FA 460 13.79 108.15 73.74
C ASP FA 460 13.28 107.29 72.59
N LEU FA 461 13.86 106.09 72.48
CA LEU FA 461 13.42 105.07 71.53
C LEU FA 461 13.46 103.74 72.29
N LEU FA 462 12.34 103.38 72.90
CA LEU FA 462 12.24 102.19 73.73
C LEU FA 462 11.39 101.15 73.01
N PHE FA 463 11.91 99.94 72.91
CA PHE FA 463 11.27 98.87 72.16
C PHE FA 463 10.84 97.76 73.09
N SER FA 464 9.65 97.24 72.87
CA SER FA 464 9.11 96.15 73.66
C SER FA 464 8.89 94.93 72.78
N ARG FA 465 8.85 93.78 73.43
CA ARG FA 465 8.57 92.52 72.77
C ARG FA 465 7.07 92.26 72.73
N GLY FA 466 6.60 91.70 71.63
CA GLY FA 466 5.21 91.32 71.51
C GLY FA 466 4.82 90.30 72.55
N SER FA 467 3.91 90.69 73.44
CA SER FA 467 3.54 89.89 74.60
C SER FA 467 2.03 89.75 74.70
N PRO FA 468 1.54 88.72 75.38
CA PRO FA 468 0.09 88.59 75.57
C PRO FA 468 -0.52 89.70 76.41
N ALA FA 469 0.28 90.46 77.15
CA ALA FA 469 -0.26 91.60 77.89
C ALA FA 469 -0.82 92.65 76.94
N GLY FA 470 -0.04 93.05 75.95
CA GLY FA 470 -0.55 93.93 74.92
C GLY FA 470 -0.73 93.21 73.60
N MET FA 471 -1.97 92.85 73.30
CA MET FA 471 -2.29 92.13 72.07
C MET FA 471 -2.61 93.08 70.93
N SER FA 472 -2.96 94.33 71.23
CA SER FA 472 -3.29 95.30 70.20
C SER FA 472 -2.06 95.80 69.46
N VAL FA 473 -0.88 95.72 70.05
CA VAL FA 473 0.34 96.25 69.46
C VAL FA 473 1.22 95.15 68.89
N GLN FA 474 0.81 93.90 68.98
CA GLN FA 474 1.59 92.82 68.41
C GLN FA 474 1.59 92.90 66.89
N PRO FA 475 2.73 92.67 66.24
CA PRO FA 475 2.73 92.49 64.79
C PRO FA 475 1.82 91.35 64.39
N LYS FA 476 1.09 91.53 63.30
CA LYS FA 476 0.14 90.55 62.80
C LYS FA 476 0.32 90.36 61.31
N ASN FA 477 -0.32 89.32 60.77
CA ASN FA 477 -0.10 88.92 59.40
C ASN FA 477 -1.19 89.36 58.44
N TRP FA 478 -2.36 89.71 58.93
CA TRP FA 478 -3.51 89.97 58.06
C TRP FA 478 -4.22 91.24 58.49
N LEU FA 479 -5.10 91.71 57.61
CA LEU FA 479 -5.86 92.93 57.80
C LEU FA 479 -7.36 92.65 57.64
N PRO FA 480 -8.21 93.40 58.31
CA PRO FA 480 -9.65 93.27 58.08
C PRO FA 480 -10.04 93.74 56.69
N GLY FA 481 -11.16 93.22 56.21
CA GLY FA 481 -11.63 93.50 54.88
C GLY FA 481 -11.88 94.97 54.61
N PRO FA 482 -12.22 95.29 53.37
CA PRO FA 482 -12.44 96.69 53.00
C PRO FA 482 -13.73 97.23 53.61
N CYS FA 483 -13.80 98.56 53.69
CA CYS FA 483 -14.94 99.20 54.31
C CYS FA 483 -15.37 100.40 53.48
N TYR FA 484 -16.64 100.78 53.62
CA TYR FA 484 -17.19 102.00 53.05
C TYR FA 484 -18.24 102.52 54.02
N ARG FA 485 -17.84 103.44 54.88
CA ARG FA 485 -18.60 103.76 56.08
C ARG FA 485 -20.02 104.20 55.77
N GLN FA 486 -20.97 103.73 56.58
CA GLN FA 486 -22.37 104.09 56.50
C GLN FA 486 -22.74 104.95 57.70
N GLN FA 487 -23.91 105.57 57.63
CA GLN FA 487 -24.42 106.37 58.73
C GLN FA 487 -25.14 105.47 59.73
N ARG FA 488 -25.00 105.80 61.01
CA ARG FA 488 -25.50 104.97 62.09
C ARG FA 488 -26.88 105.44 62.49
N VAL FA 489 -27.87 104.58 62.36
CA VAL FA 489 -29.25 104.88 62.73
C VAL FA 489 -29.63 103.99 63.89
N SER FA 490 -30.29 104.57 64.89
CA SER FA 490 -30.75 103.82 66.05
C SER FA 490 -32.16 103.31 65.81
N LYS FA 491 -32.40 102.05 66.17
CA LYS FA 491 -33.75 101.50 66.11
C LYS FA 491 -34.68 102.18 67.09
N THR FA 492 -34.15 102.84 68.11
CA THR FA 492 -34.92 103.69 69.00
C THR FA 492 -34.91 105.11 68.44
N LYS FA 493 -36.05 105.56 67.94
CA LYS FA 493 -36.09 106.77 67.13
C LYS FA 493 -35.72 108.03 67.89
N THR FA 494 -35.81 108.03 69.22
CA THR FA 494 -35.51 109.25 69.97
C THR FA 494 -34.03 109.60 69.96
N ASP FA 495 -33.15 108.64 69.71
CA ASP FA 495 -31.71 108.90 69.68
C ASP FA 495 -31.20 109.34 68.32
N ASN FA 496 -32.08 109.44 67.33
CA ASN FA 496 -31.67 109.87 66.00
C ASN FA 496 -31.82 111.38 65.88
N ASN FA 497 -31.02 111.96 65.00
CA ASN FA 497 -31.06 113.39 64.76
C ASN FA 497 -32.41 113.79 64.20
N ASN FA 498 -32.86 115.00 64.55
CA ASN FA 498 -34.15 115.51 64.10
C ASN FA 498 -33.99 116.15 62.72
N SER FA 499 -33.86 115.28 61.71
CA SER FA 499 -33.82 115.68 60.32
C SER FA 499 -34.08 114.45 59.48
N ASN FA 500 -34.21 114.64 58.18
CA ASN FA 500 -34.45 113.49 57.31
C ASN FA 500 -33.16 112.72 57.06
N PHE FA 501 -32.20 113.34 56.38
CA PHE FA 501 -30.83 112.84 56.22
C PHE FA 501 -30.75 111.40 55.71
N THR FA 502 -31.87 110.86 55.21
CA THR FA 502 -31.82 109.57 54.53
C THR FA 502 -31.24 109.68 53.13
N TRP FA 503 -31.24 110.86 52.55
CA TRP FA 503 -30.59 111.08 51.28
C TRP FA 503 -29.40 112.01 51.38
N THR FA 504 -29.48 113.06 52.19
CA THR FA 504 -28.36 113.99 52.30
C THR FA 504 -27.20 113.42 53.10
N GLY FA 505 -27.47 112.54 54.05
CA GLY FA 505 -26.43 112.03 54.91
C GLY FA 505 -26.06 110.59 54.63
N ALA FA 506 -26.33 110.13 53.43
CA ALA FA 506 -26.17 108.71 53.09
C ALA FA 506 -24.99 108.48 52.16
N SER FA 507 -24.40 107.30 52.28
CA SER FA 507 -23.32 106.89 51.40
C SER FA 507 -23.89 106.55 50.03
N LYS FA 508 -23.42 107.26 49.01
CA LYS FA 508 -23.94 107.05 47.67
C LYS FA 508 -22.79 107.19 46.68
N TYR FA 509 -22.99 106.66 45.48
CA TYR FA 509 -21.97 106.73 44.45
C TYR FA 509 -22.47 107.53 43.26
N ASN FA 510 -21.52 108.11 42.54
CA ASN FA 510 -21.78 108.97 41.40
C ASN FA 510 -21.51 108.18 40.12
N LEU FA 511 -22.48 108.14 39.22
CA LEU FA 511 -22.34 107.43 37.96
C LEU FA 511 -23.03 108.22 36.86
N ASN FA 512 -22.26 108.76 35.93
CA ASN FA 512 -22.78 109.54 34.81
C ASN FA 512 -23.60 110.74 35.29
N GLY FA 513 -23.19 111.32 36.41
CA GLY FA 513 -23.81 112.53 36.90
C GLY FA 513 -24.99 112.33 37.82
N ARG FA 514 -25.45 111.11 38.03
CA ARG FA 514 -26.57 110.87 38.94
C ARG FA 514 -26.16 109.91 40.05
N GLU FA 515 -26.62 110.23 41.25
CA GLU FA 515 -26.20 109.55 42.46
C GLU FA 515 -27.12 108.37 42.75
N SER FA 516 -26.54 107.33 43.35
CA SER FA 516 -27.27 106.13 43.70
C SER FA 516 -26.83 105.69 45.08
N ILE FA 517 -27.79 105.40 45.95
CA ILE FA 517 -27.47 104.90 47.28
C ILE FA 517 -26.76 103.56 47.15
N ILE FA 518 -25.77 103.32 48.00
CA ILE FA 518 -24.99 102.09 47.92
C ILE FA 518 -25.89 100.89 48.18
N ASN FA 519 -26.41 100.76 49.41
CA ASN FA 519 -27.51 99.85 49.71
C ASN FA 519 -27.38 98.45 49.13
N PRO FA 520 -26.64 97.52 49.77
CA PRO FA 520 -25.99 97.64 51.07
C PRO FA 520 -24.47 97.75 50.98
N GLY FA 521 -23.93 97.51 49.80
CA GLY FA 521 -22.51 97.72 49.59
C GLY FA 521 -21.66 96.66 50.27
N THR FA 522 -20.53 97.11 50.81
CA THR FA 522 -19.53 96.21 51.38
C THR FA 522 -20.13 95.41 52.53
N ALA FA 523 -19.71 94.15 52.61
CA ALA FA 523 -20.17 93.26 53.67
C ALA FA 523 -19.44 93.63 54.96
N MET FA 524 -20.14 94.32 55.85
CA MET FA 524 -19.58 94.77 57.11
C MET FA 524 -20.52 94.43 58.25
N ALA FA 525 -19.96 94.40 59.45
CA ALA FA 525 -20.77 94.15 60.64
C ALA FA 525 -21.77 95.27 60.85
N SER FA 526 -23.00 94.90 61.22
CA SER FA 526 -24.04 95.89 61.42
C SER FA 526 -23.73 96.81 62.60
N HIS FA 527 -23.18 96.27 63.67
CA HIS FA 527 -22.90 97.04 64.87
C HIS FA 527 -21.78 96.36 65.62
N LYS FA 528 -21.40 96.96 66.75
CA LYS FA 528 -20.40 96.39 67.64
C LYS FA 528 -21.07 95.48 68.67
N ASP FA 529 -20.30 95.06 69.66
CA ASP FA 529 -20.88 94.34 70.79
C ASP FA 529 -21.69 95.29 71.65
N ASP FA 530 -22.81 94.79 72.17
CA ASP FA 530 -23.68 95.55 73.07
C ASP FA 530 -24.22 96.82 72.41
N GLU FA 531 -24.43 96.76 71.10
CA GLU FA 531 -24.89 97.92 70.34
C GLU FA 531 -25.94 97.49 69.32
N ASP FA 532 -26.78 96.53 69.67
CA ASP FA 532 -27.78 96.00 68.75
C ASP FA 532 -28.83 97.03 68.37
N LYS FA 533 -28.92 98.14 69.09
CA LYS FA 533 -29.89 99.19 68.82
C LYS FA 533 -29.54 100.01 67.58
N PHE FA 534 -28.34 99.84 67.03
CA PHE FA 534 -27.88 100.62 65.89
C PHE FA 534 -27.75 99.73 64.66
N PHE FA 535 -28.08 100.30 63.50
CA PHE FA 535 -27.86 99.65 62.22
C PHE FA 535 -27.37 100.68 61.23
N PRO FA 536 -26.58 100.27 60.23
CA PRO FA 536 -26.21 101.20 59.17
C PRO FA 536 -27.42 101.62 58.36
N MET FA 537 -27.41 102.88 57.91
CA MET FA 537 -28.63 103.44 57.34
C MET FA 537 -29.06 102.69 56.09
N SER FA 538 -28.11 102.30 55.24
CA SER FA 538 -28.41 101.52 54.05
C SER FA 538 -27.41 100.38 53.91
N GLY FA 539 -27.12 99.71 55.02
CA GLY FA 539 -26.12 98.66 55.00
C GLY FA 539 -26.69 97.30 55.32
N VAL FA 540 -28.00 97.22 55.50
CA VAL FA 540 -28.64 95.98 55.95
C VAL FA 540 -29.77 95.64 54.99
N MET FA 541 -30.01 94.35 54.83
CA MET FA 541 -31.16 93.87 54.07
C MET FA 541 -32.40 93.94 54.95
N ILE FA 542 -33.42 94.64 54.48
CA ILE FA 542 -34.65 94.84 55.24
C ILE FA 542 -35.77 94.15 54.50
N PHE FA 543 -36.38 93.16 55.14
CA PHE FA 543 -37.53 92.46 54.60
C PHE FA 543 -38.79 92.98 55.26
N GLY FA 544 -39.84 93.14 54.47
CA GLY FA 544 -41.12 93.58 54.99
C GLY FA 544 -41.95 92.40 55.45
N LYS FA 545 -42.62 92.57 56.58
CA LYS FA 545 -43.60 91.59 57.01
C LYS FA 545 -44.87 91.72 56.18
N GLU FA 546 -45.71 90.71 56.25
CA GLU FA 546 -47.03 90.85 55.66
C GLU FA 546 -47.79 91.94 56.40
N SER FA 547 -48.64 92.66 55.66
CA SER FA 547 -49.27 93.89 56.14
C SER FA 547 -48.24 94.99 56.38
N ALA FA 548 -47.28 95.10 55.46
CA ALA FA 548 -46.37 96.24 55.41
C ALA FA 548 -46.69 97.04 54.16
N GLY FA 549 -46.83 98.35 54.32
CA GLY FA 549 -47.16 99.20 53.20
C GLY FA 549 -45.99 99.31 52.23
N ALA FA 550 -46.30 99.86 51.06
CA ALA FA 550 -45.28 100.04 50.05
C ALA FA 550 -44.35 101.21 50.38
N SER FA 551 -44.90 102.27 50.99
CA SER FA 551 -44.14 103.48 51.25
C SER FA 551 -44.35 103.93 52.69
N ASN FA 552 -43.25 104.32 53.34
CA ASN FA 552 -43.27 104.90 54.68
C ASN FA 552 -43.98 103.99 55.69
N THR FA 553 -43.71 102.68 55.59
CA THR FA 553 -44.20 101.75 56.59
C THR FA 553 -43.38 101.87 57.87
N ALA FA 554 -43.73 101.07 58.87
CA ALA FA 554 -43.14 101.23 60.19
C ALA FA 554 -42.06 100.20 60.48
N LEU FA 555 -41.18 100.57 61.41
CA LEU FA 555 -40.17 99.66 61.90
C LEU FA 555 -40.79 98.38 62.44
N ASP FA 556 -42.02 98.47 62.95
CA ASP FA 556 -42.73 97.29 63.40
C ASP FA 556 -43.14 96.42 62.22
N ASN FA 557 -43.30 97.02 61.04
CA ASN FA 557 -43.72 96.26 59.87
C ASN FA 557 -42.56 95.75 59.04
N VAL FA 558 -41.34 96.19 59.32
CA VAL FA 558 -40.18 95.67 58.60
C VAL FA 558 -39.33 94.80 59.53
N MET FA 559 -38.55 93.90 58.91
CA MET FA 559 -37.59 93.06 59.63
C MET FA 559 -36.18 93.43 59.15
N ILE FA 560 -35.38 93.97 60.06
CA ILE FA 560 -34.01 94.38 59.74
C ILE FA 560 -33.08 93.21 60.05
N THR FA 561 -32.24 92.86 59.09
CA THR FA 561 -31.28 91.79 59.31
C THR FA 561 -30.09 92.30 60.11
N ASP FA 562 -29.28 91.34 60.56
CA ASP FA 562 -28.08 91.64 61.34
C ASP FA 562 -26.93 90.85 60.75
N GLU FA 563 -25.75 91.48 60.70
CA GLU FA 563 -24.53 90.84 60.23
C GLU FA 563 -23.52 90.72 61.38
N GLU FA 564 -24.01 90.28 62.53
CA GLU FA 564 -23.19 90.29 63.73
C GLU FA 564 -22.14 89.19 63.72
N GLU FA 565 -22.30 88.19 62.86
CA GLU FA 565 -21.40 87.04 62.90
C GLU FA 565 -20.08 87.31 62.19
N ILE FA 566 -19.98 88.37 61.39
CA ILE FA 566 -18.77 88.62 60.63
C ILE FA 566 -17.94 89.75 61.26
N LYS FA 567 -18.17 90.03 62.53
CA LYS FA 567 -17.30 90.94 63.27
C LYS FA 567 -15.88 90.41 63.41
N ALA FA 568 -15.69 89.10 63.24
CA ALA FA 568 -14.38 88.50 63.43
C ALA FA 568 -13.40 88.94 62.35
N THR FA 569 -13.88 89.25 61.16
CA THR FA 569 -13.00 89.60 60.04
C THR FA 569 -13.37 90.89 59.34
N ASN FA 570 -14.58 91.40 59.50
CA ASN FA 570 -15.04 92.55 58.75
C ASN FA 570 -15.16 93.77 59.65
N PRO FA 571 -14.87 94.96 59.15
CA PRO FA 571 -15.08 96.17 59.94
C PRO FA 571 -16.55 96.42 60.19
N VAL FA 572 -16.85 97.13 61.28
CA VAL FA 572 -18.22 97.52 61.57
C VAL FA 572 -18.65 98.59 60.58
N ALA FA 573 -19.88 98.44 60.05
CA ALA FA 573 -20.32 99.25 58.93
C ALA FA 573 -20.39 100.73 59.26
N THR FA 574 -20.64 101.10 60.52
CA THR FA 574 -20.87 102.48 60.88
C THR FA 574 -19.63 103.17 61.44
N GLU FA 575 -18.48 102.50 61.47
CA GLU FA 575 -17.27 103.07 62.03
C GLU FA 575 -16.14 103.02 61.01
N ARG FA 576 -15.11 103.81 61.28
CA ARG FA 576 -13.99 103.95 60.36
C ARG FA 576 -13.22 102.64 60.27
N PHE FA 577 -12.54 102.47 59.13
CA PHE FA 577 -11.61 101.35 59.02
C PHE FA 577 -10.48 101.47 60.02
N GLY FA 578 -9.99 102.69 60.21
CA GLY FA 578 -8.90 102.91 61.14
C GLY FA 578 -8.36 104.32 60.96
N THR FA 579 -7.17 104.54 61.51
CA THR FA 579 -6.49 105.81 61.38
C THR FA 579 -5.23 105.65 60.55
N VAL FA 580 -4.77 106.76 59.99
CA VAL FA 580 -3.59 106.79 59.15
C VAL FA 580 -2.79 108.04 59.48
N ALA FA 581 -1.48 107.93 59.41
CA ALA FA 581 -0.63 109.10 59.59
C ALA FA 581 -0.81 110.05 58.41
N VAL FA 582 -0.83 111.36 58.69
CA VAL FA 582 -1.09 112.35 57.67
C VAL FA 582 -0.03 113.44 57.59
N ASN FA 583 1.04 113.34 58.37
CA ASN FA 583 2.09 114.35 58.34
C ASN FA 583 3.41 113.72 58.76
N PHE FA 584 4.44 114.54 58.90
CA PHE FA 584 5.72 114.13 59.45
C PHE FA 584 5.88 114.76 60.83
N GLN FA 585 6.05 113.93 61.84
CA GLN FA 585 6.36 114.43 63.17
C GLN FA 585 7.82 114.85 63.25
N SER FA 586 8.07 115.92 63.98
CA SER FA 586 9.44 116.42 64.13
C SER FA 586 9.52 117.23 65.42
N SER FA 587 10.75 117.45 65.86
CA SER FA 587 11.02 118.28 67.02
C SER FA 587 11.42 119.69 66.58
N SER FA 588 11.34 120.62 67.52
CA SER FA 588 11.74 122.00 67.25
C SER FA 588 13.25 122.09 67.08
N THR FA 589 13.68 123.01 66.22
CA THR FA 589 15.09 123.22 65.95
C THR FA 589 15.42 124.70 65.87
N VAL FA 592 14.86 125.04 62.45
CA VAL FA 592 13.44 125.07 62.14
C VAL FA 592 12.63 125.03 63.42
N PRO FA 593 12.44 126.19 64.06
CA PRO FA 593 11.76 126.21 65.36
C PRO FA 593 10.24 126.11 65.23
N PHE FA 594 9.77 125.20 64.39
CA PHE FA 594 8.34 124.94 64.22
C PHE FA 594 8.13 123.46 64.48
N LYS FA 595 7.90 123.10 65.74
CA LYS FA 595 7.65 121.72 66.12
C LYS FA 595 6.37 121.21 65.47
N THR FA 596 6.43 119.98 64.95
CA THR FA 596 5.28 119.37 64.29
C THR FA 596 4.84 118.16 65.09
N ASP FA 597 3.67 118.24 65.69
CA ASP FA 597 3.10 117.09 66.36
C ASP FA 597 2.63 116.06 65.34
N PRO FA 598 2.74 114.77 65.65
CA PRO FA 598 2.18 113.75 64.75
C PRO FA 598 0.67 113.89 64.65
N ALA FA 599 0.15 113.63 63.47
CA ALA FA 599 -1.27 113.78 63.20
C ALA FA 599 -1.81 112.56 62.46
N THR FA 600 -2.98 112.12 62.88
CA THR FA 600 -3.66 111.00 62.25
C THR FA 600 -5.02 111.45 61.75
N GLY FA 601 -5.50 110.75 60.73
CA GLY FA 601 -6.82 110.99 60.20
C GLY FA 601 -7.59 109.69 60.08
N ASP FA 602 -8.90 109.79 60.24
CA ASP FA 602 -9.76 108.62 60.15
C ASP FA 602 -9.91 108.18 58.70
N VAL FA 603 -9.89 106.87 58.49
CA VAL FA 603 -10.03 106.27 57.17
C VAL FA 603 -11.45 105.72 57.08
N HIS FA 604 -12.28 106.37 56.29
CA HIS FA 604 -13.71 106.04 56.23
C HIS FA 604 -14.03 105.08 55.10
N ALA FA 605 -13.34 105.18 53.98
CA ALA FA 605 -13.49 104.25 52.86
C ALA FA 605 -12.11 103.68 52.55
N MET FA 606 -11.99 102.36 52.63
CA MET FA 606 -10.73 101.68 52.41
C MET FA 606 -10.93 100.63 51.33
N GLY FA 607 -10.17 100.74 50.25
CA GLY FA 607 -10.17 99.72 49.22
C GLY FA 607 -9.32 98.55 49.60
N ALA FA 608 -9.27 97.57 48.70
CA ALA FA 608 -8.58 96.32 49.00
C ALA FA 608 -7.08 96.54 49.10
N LEU FA 609 -6.51 96.13 50.22
CA LEU FA 609 -5.07 96.07 50.47
C LEU FA 609 -4.64 94.61 50.49
N PRO FA 610 -3.43 94.31 50.03
CA PRO FA 610 -2.93 92.93 50.16
C PRO FA 610 -2.83 92.54 51.62
N GLY FA 611 -3.18 91.29 51.90
CA GLY FA 611 -3.30 90.81 53.26
C GLY FA 611 -4.68 90.94 53.85
N MET FA 612 -5.61 91.58 53.16
CA MET FA 612 -6.97 91.72 53.64
C MET FA 612 -7.73 90.41 53.54
N VAL FA 613 -8.55 90.12 54.55
CA VAL FA 613 -9.43 88.96 54.54
C VAL FA 613 -10.80 89.42 55.00
N TRP FA 614 -11.85 88.83 54.43
CA TRP FA 614 -13.21 89.25 54.76
C TRP FA 614 -14.16 88.10 54.51
N GLN FA 615 -15.36 88.24 55.06
CA GLN FA 615 -16.48 87.37 54.77
C GLN FA 615 -17.50 88.11 53.91
N ASP FA 616 -18.24 87.35 53.10
CA ASP FA 616 -19.28 87.93 52.28
C ASP FA 616 -20.56 88.08 53.10
N ARG FA 617 -21.56 88.71 52.51
CA ARG FA 617 -22.85 88.87 53.16
C ARG FA 617 -23.53 87.52 53.30
N ASP FA 618 -24.34 87.39 54.34
CA ASP FA 618 -25.10 86.18 54.58
C ASP FA 618 -26.28 86.08 53.61
N VAL FA 619 -26.72 84.86 53.37
CA VAL FA 619 -27.94 84.61 52.62
C VAL FA 619 -29.04 84.28 53.60
N TYR FA 620 -30.28 84.57 53.21
CA TYR FA 620 -31.44 84.38 54.07
C TYR FA 620 -32.48 83.54 53.34
N LEU FA 621 -33.36 82.93 54.12
CA LEU FA 621 -34.43 82.14 53.51
C LEU FA 621 -35.32 82.99 52.61
N GLN FA 622 -35.50 84.26 52.95
CA GLN FA 622 -36.29 85.18 52.16
C GLN FA 622 -35.47 85.93 51.12
N GLY FA 623 -34.17 85.68 51.02
CA GLY FA 623 -33.31 86.48 50.19
C GLY FA 623 -32.99 85.85 48.86
N PRO FA 624 -32.28 86.59 48.01
CA PRO FA 624 -31.93 86.08 46.69
C PRO FA 624 -30.88 84.98 46.74
N ILE FA 625 -30.91 84.13 45.71
CA ILE FA 625 -29.95 83.04 45.59
C ILE FA 625 -28.74 83.44 44.77
N TRP FA 626 -28.95 83.97 43.57
CA TRP FA 626 -27.86 84.24 42.64
C TRP FA 626 -28.04 85.62 42.04
N ALA FA 627 -27.01 86.01 41.28
CA ALA FA 627 -27.05 87.22 40.47
C ALA FA 627 -26.12 87.02 39.28
N LYS FA 628 -26.52 87.56 38.14
CA LYS FA 628 -25.64 87.56 36.98
C LYS FA 628 -24.50 88.55 37.17
N ILE FA 629 -23.27 88.08 36.99
CA ILE FA 629 -22.12 88.98 37.03
C ILE FA 629 -22.09 89.79 35.74
N PRO FA 630 -22.01 91.12 35.81
CA PRO FA 630 -22.00 91.91 34.58
C PRO FA 630 -20.84 91.54 33.67
N HIS FA 631 -21.12 91.52 32.37
CA HIS FA 631 -20.11 91.18 31.37
C HIS FA 631 -19.25 92.42 31.13
N THR FA 632 -18.23 92.56 31.96
CA THR FA 632 -17.31 93.68 31.92
C THR FA 632 -15.88 93.18 31.77
N ASP FA 633 -14.97 94.11 31.47
CA ASP FA 633 -13.56 93.75 31.37
C ASP FA 633 -13.00 93.31 32.71
N GLY FA 634 -13.35 94.03 33.78
CA GLY FA 634 -12.82 93.70 35.09
C GLY FA 634 -13.92 93.70 36.13
N HIS FA 635 -13.69 92.88 37.15
CA HIS FA 635 -14.53 92.86 38.33
C HIS FA 635 -13.72 92.29 39.47
N PHE FA 636 -13.92 92.83 40.66
CA PHE FA 636 -13.17 92.41 41.84
C PHE FA 636 -14.10 91.64 42.77
N HIS FA 637 -13.79 90.37 43.00
CA HIS FA 637 -14.54 89.50 43.89
C HIS FA 637 -16.02 89.51 43.54
N PRO FA 638 -16.42 88.94 42.41
CA PRO FA 638 -17.78 89.15 41.89
C PRO FA 638 -18.84 88.38 42.66
N SER FA 639 -18.93 88.67 43.95
CA SER FA 639 -19.99 88.15 44.80
C SER FA 639 -21.04 89.23 44.98
N PRO FA 640 -22.31 88.94 44.72
CA PRO FA 640 -23.33 89.98 44.75
C PRO FA 640 -23.42 90.62 46.12
N LEU FA 641 -23.68 91.94 46.13
CA LEU FA 641 -23.65 92.68 47.38
C LEU FA 641 -24.90 92.43 48.21
N MET FA 642 -25.99 91.98 47.58
CA MET FA 642 -27.15 91.56 48.36
C MET FA 642 -26.95 90.18 48.97
N GLY FA 643 -25.94 89.44 48.57
CA GLY FA 643 -25.71 88.11 49.06
C GLY FA 643 -26.10 87.07 48.03
N GLY FA 644 -25.39 85.95 48.05
CA GLY FA 644 -25.69 84.88 47.12
C GLY FA 644 -24.51 84.51 46.25
N PHE FA 645 -24.81 83.84 45.15
CA PHE FA 645 -23.80 83.34 44.22
C PHE FA 645 -23.78 84.23 42.99
N GLY FA 646 -22.61 84.75 42.65
CA GLY FA 646 -22.46 85.46 41.41
C GLY FA 646 -22.11 84.48 40.31
N LEU FA 647 -22.92 84.44 39.27
CA LEU FA 647 -22.73 83.50 38.17
C LEU FA 647 -22.51 84.27 36.88
N LYS FA 648 -21.50 83.86 36.11
CA LYS FA 648 -21.31 84.46 34.79
C LYS FA 648 -22.42 84.04 33.84
N ASN FA 649 -22.80 82.76 33.89
CA ASN FA 649 -23.96 82.24 33.16
C ASN FA 649 -24.98 81.79 34.19
N PRO FA 650 -25.84 82.68 34.67
CA PRO FA 650 -26.83 82.30 35.67
C PRO FA 650 -27.93 81.48 35.04
N PRO FA 651 -28.88 80.97 35.84
CA PRO FA 651 -30.05 80.35 35.26
C PRO FA 651 -30.78 81.33 34.34
N PRO FA 652 -31.05 80.93 33.11
CA PRO FA 652 -31.62 81.87 32.14
C PRO FA 652 -33.06 82.22 32.47
N GLN FA 653 -33.49 83.35 31.91
CA GLN FA 653 -34.85 83.80 32.10
C GLN FA 653 -35.80 82.98 31.25
N ILE FA 654 -36.87 82.51 31.86
CA ILE FA 654 -37.96 81.84 31.16
C ILE FA 654 -39.06 82.85 30.95
N LEU FA 655 -39.37 83.14 29.70
CA LEU FA 655 -40.33 84.16 29.33
C LEU FA 655 -41.54 83.51 28.70
N ILE FA 656 -42.72 83.96 29.11
CA ILE FA 656 -43.98 83.33 28.76
C ILE FA 656 -44.99 84.41 28.44
N LYS FA 657 -45.80 84.18 27.43
CA LYS FA 657 -46.91 85.09 27.18
C LYS FA 657 -48.03 84.35 26.50
N ASN FA 658 -49.23 84.92 26.56
CA ASN FA 658 -50.37 84.37 25.85
C ASN FA 658 -50.30 84.80 24.40
N THR FA 659 -50.47 83.86 23.47
CA THR FA 659 -50.51 84.24 22.07
C THR FA 659 -51.78 85.05 21.82
N PRO FA 660 -51.69 86.22 21.19
CA PRO FA 660 -52.89 87.03 20.96
C PRO FA 660 -53.86 86.31 20.05
N VAL FA 661 -55.14 86.40 20.39
CA VAL FA 661 -56.23 85.88 19.57
C VAL FA 661 -57.07 87.06 19.11
N PRO FA 662 -57.02 87.42 17.82
CA PRO FA 662 -57.78 88.57 17.35
C PRO FA 662 -59.28 88.35 17.44
N ALA FA 663 -60.00 89.44 17.64
CA ALA FA 663 -61.45 89.40 17.58
C ALA FA 663 -61.91 89.40 16.13
N ASN FA 664 -63.20 89.62 15.91
CA ASN FA 664 -63.77 89.53 14.58
C ASN FA 664 -63.18 90.60 13.67
N PRO FA 665 -62.56 90.24 12.56
CA PRO FA 665 -62.00 91.24 11.65
C PRO FA 665 -63.10 91.87 10.80
N PRO FA 666 -62.83 93.02 10.20
CA PRO FA 666 -63.84 93.64 9.33
C PRO FA 666 -64.06 92.84 8.05
N ALA FA 667 -65.19 93.09 7.40
CA ALA FA 667 -65.50 92.41 6.15
C ALA FA 667 -64.56 92.82 5.03
N GLU FA 668 -64.21 94.10 4.97
CA GLU FA 668 -63.24 94.63 4.02
C GLU FA 668 -61.85 94.67 4.64
N PHE FA 669 -60.85 94.53 3.79
CA PHE FA 669 -59.46 94.49 4.24
C PHE FA 669 -59.00 95.85 4.74
N SER FA 670 -58.26 95.83 5.86
CA SER FA 670 -57.64 97.02 6.41
C SER FA 670 -56.21 96.69 6.79
N ALA FA 671 -55.26 97.51 6.32
CA ALA FA 671 -53.86 97.27 6.64
C ALA FA 671 -53.47 97.76 8.02
N THR FA 672 -54.34 98.53 8.68
CA THR FA 672 -54.08 98.94 10.06
C THR FA 672 -53.96 97.70 10.93
N LYS FA 673 -52.93 97.70 11.78
CA LYS FA 673 -52.67 96.53 12.60
C LYS FA 673 -53.81 96.30 13.59
N PHE FA 674 -54.00 95.03 13.93
CA PHE FA 674 -55.11 94.65 14.80
C PHE FA 674 -54.96 95.28 16.17
N ALA FA 675 -56.06 95.80 16.69
CA ALA FA 675 -56.10 96.34 18.04
C ALA FA 675 -57.19 95.69 18.88
N SER FA 676 -58.10 94.94 18.28
CA SER FA 676 -59.19 94.28 18.98
C SER FA 676 -58.81 92.82 19.16
N PHE FA 677 -58.67 92.40 20.41
CA PHE FA 677 -58.26 91.04 20.72
C PHE FA 677 -59.26 90.40 21.67
N ILE FA 678 -59.33 89.08 21.61
CA ILE FA 678 -60.12 88.30 22.54
C ILE FA 678 -59.39 88.29 23.87
N THR FA 679 -60.08 88.71 24.94
CA THR FA 679 -59.46 88.87 26.24
C THR FA 679 -59.29 87.50 26.89
N GLN FA 680 -58.06 87.16 27.24
CA GLN FA 680 -57.84 85.86 27.84
C GLN FA 680 -56.60 85.89 28.73
N TYR FA 681 -56.54 84.90 29.61
CA TYR FA 681 -55.38 84.69 30.47
C TYR FA 681 -55.07 83.20 30.46
N SER FA 682 -54.03 82.80 31.17
CA SER FA 682 -53.69 81.40 31.26
C SER FA 682 -53.29 81.06 32.69
N THR FA 683 -53.42 79.79 33.03
CA THR FA 683 -53.04 79.28 34.32
C THR FA 683 -52.32 77.96 34.11
N GLY FA 684 -51.56 77.56 35.13
CA GLY FA 684 -50.86 76.31 35.00
C GLY FA 684 -50.03 76.01 36.22
N GLN FA 685 -49.20 74.99 36.09
CA GLN FA 685 -48.31 74.55 37.16
C GLN FA 685 -46.87 74.65 36.69
N VAL FA 686 -46.00 75.06 37.62
CA VAL FA 686 -44.58 75.20 37.35
C VAL FA 686 -43.82 74.41 38.42
N SER FA 687 -42.84 73.62 37.99
CA SER FA 687 -41.99 72.85 38.87
C SER FA 687 -40.55 73.29 38.68
N VAL FA 688 -39.85 73.51 39.79
CA VAL FA 688 -38.42 73.78 39.79
C VAL FA 688 -37.76 72.80 40.75
N GLU FA 689 -36.75 72.08 40.27
CA GLU FA 689 -35.98 71.14 41.07
C GLU FA 689 -34.52 71.57 41.04
N ILE FA 690 -33.96 71.85 42.21
CA ILE FA 690 -32.55 72.21 42.32
C ILE FA 690 -31.82 71.16 43.15
N GLU FA 691 -30.74 70.64 42.62
CA GLU FA 691 -29.77 69.87 43.37
C GLU FA 691 -28.70 70.81 43.90
N TRP FA 692 -28.45 70.73 45.21
CA TRP FA 692 -27.45 71.50 45.93
C TRP FA 692 -26.41 70.58 46.52
N GLU FA 693 -25.15 70.96 46.37
CA GLU FA 693 -24.04 70.29 47.02
C GLU FA 693 -23.81 70.88 48.40
N LEU FA 694 -23.63 70.01 49.39
CA LEU FA 694 -23.41 70.38 50.76
C LEU FA 694 -21.94 70.21 51.13
N GLN FA 695 -21.50 70.99 52.10
CA GLN FA 695 -20.17 70.92 52.66
C GLN FA 695 -20.37 70.73 54.16
N LYS FA 696 -20.14 69.51 54.61
CA LYS FA 696 -20.44 69.10 55.98
C LYS FA 696 -19.44 69.70 56.96
N GLU FA 697 -19.91 69.94 58.18
CA GLU FA 697 -19.02 70.33 59.25
C GLU FA 697 -18.10 69.18 59.60
N ASN FA 698 -16.86 69.49 59.98
CA ASN FA 698 -15.89 68.52 60.46
C ASN FA 698 -15.26 68.99 61.76
N SER FA 699 -16.08 69.57 62.64
CA SER FA 699 -15.57 70.32 63.77
C SER FA 699 -15.11 69.40 64.89
N LYS FA 700 -14.08 69.86 65.60
CA LYS FA 700 -13.60 69.19 66.80
C LYS FA 700 -13.96 69.98 68.06
N ARG FA 701 -14.88 70.93 67.94
CA ARG FA 701 -15.32 71.73 69.07
C ARG FA 701 -15.99 70.86 70.12
N TRP FA 702 -15.70 71.15 71.39
CA TRP FA 702 -16.19 70.32 72.48
C TRP FA 702 -17.57 70.76 72.95
N ASN FA 703 -17.74 72.05 73.24
CA ASN FA 703 -19.00 72.55 73.75
C ASN FA 703 -20.05 72.58 72.64
N PRO FA 704 -21.32 72.57 73.00
CA PRO FA 704 -22.37 72.58 71.97
C PRO FA 704 -22.40 73.88 71.18
N GLU FA 705 -22.83 73.76 69.93
CA GLU FA 705 -22.91 74.89 69.02
C GLU FA 705 -24.21 75.65 69.19
N VAL FA 706 -24.22 76.88 68.68
CA VAL FA 706 -25.45 77.65 68.56
C VAL FA 706 -26.23 77.14 67.35
N GLN FA 707 -27.50 76.85 67.56
CA GLN FA 707 -28.37 76.35 66.50
C GLN FA 707 -29.56 77.28 66.35
N TYR FA 708 -30.12 77.31 65.15
CA TYR FA 708 -31.41 77.96 64.97
C TYR FA 708 -32.49 77.05 65.51
N THR FA 709 -33.35 77.57 66.38
CA THR FA 709 -34.36 76.76 67.03
C THR FA 709 -35.68 77.51 67.05
N SER FA 710 -36.75 76.75 67.08
CA SER FA 710 -38.06 77.29 67.43
C SER FA 710 -38.12 77.58 68.91
N ASN FA 711 -38.87 78.61 69.27
CA ASN FA 711 -39.07 78.93 70.67
C ASN FA 711 -40.14 78.00 71.24
N TYR FA 712 -39.82 77.37 72.36
CA TYR FA 712 -40.79 76.53 73.08
C TYR FA 712 -41.50 77.46 74.07
N ALA FA 713 -42.78 77.71 73.81
CA ALA FA 713 -43.59 78.54 74.70
C ALA FA 713 -45.01 78.55 74.15
N LYS FA 714 -45.96 78.70 75.05
CA LYS FA 714 -47.34 78.86 74.60
C LYS FA 714 -47.45 80.17 73.82
N SER FA 715 -47.85 80.06 72.56
CA SER FA 715 -48.01 81.21 71.70
C SER FA 715 -49.33 81.10 70.97
N ALA FA 716 -49.90 82.24 70.62
CA ALA FA 716 -51.19 82.24 69.92
C ALA FA 716 -51.08 81.56 68.57
N ASN FA 717 -49.92 81.65 67.93
CA ASN FA 717 -49.68 81.06 66.63
C ASN FA 717 -48.37 80.28 66.66
N VAL FA 718 -48.19 79.44 65.65
CA VAL FA 718 -46.92 78.77 65.41
C VAL FA 718 -46.16 79.56 64.35
N ASP FA 719 -44.85 79.69 64.54
CA ASP FA 719 -44.04 80.43 63.59
C ASP FA 719 -43.97 79.71 62.25
N PHE FA 720 -43.93 80.49 61.18
CA PHE FA 720 -43.86 79.98 59.81
C PHE FA 720 -45.06 79.10 59.48
N THR FA 721 -46.24 79.55 59.85
CA THR FA 721 -47.48 78.84 59.56
C THR FA 721 -48.53 79.81 59.03
N VAL FA 722 -49.75 79.34 58.88
CA VAL FA 722 -50.87 80.17 58.50
C VAL FA 722 -51.61 80.59 59.75
N ASP FA 723 -52.36 81.68 59.65
CA ASP FA 723 -53.21 82.12 60.74
C ASP FA 723 -54.63 81.60 60.51
N ASN FA 724 -55.58 82.07 61.32
CA ASN FA 724 -56.96 81.64 61.15
C ASN FA 724 -57.58 82.17 59.87
N ASN FA 725 -56.99 83.18 59.24
CA ASN FA 725 -57.46 83.68 57.95
C ASN FA 725 -56.81 83.00 56.76
N GLY FA 726 -55.84 82.14 56.98
CA GLY FA 726 -55.18 81.46 55.90
C GLY FA 726 -53.96 82.15 55.34
N LEU FA 727 -53.40 83.13 56.04
CA LEU FA 727 -52.30 83.92 55.53
C LEU FA 727 -50.98 83.37 56.07
N TYR FA 728 -50.13 82.91 55.17
CA TYR FA 728 -48.80 82.44 55.55
C TYR FA 728 -47.90 83.62 55.85
N THR FA 729 -47.21 83.57 56.98
CA THR FA 729 -46.31 84.63 57.41
C THR FA 729 -44.99 84.03 57.86
N GLU FA 730 -43.92 84.80 57.68
CA GLU FA 730 -42.60 84.45 58.17
C GLU FA 730 -42.21 85.43 59.27
N PRO FA 731 -42.14 85.00 60.52
CA PRO FA 731 -41.93 85.95 61.63
C PRO FA 731 -40.60 86.70 61.59
N ARG FA 732 -39.55 86.07 61.10
CA ARG FA 732 -38.21 86.65 61.19
C ARG FA 732 -37.40 86.18 59.99
N PRO FA 733 -36.36 86.93 59.63
CA PRO FA 733 -35.41 86.42 58.62
C PRO FA 733 -34.38 85.50 59.28
N ILE FA 734 -34.12 84.37 58.63
CA ILE FA 734 -33.18 83.37 59.14
C ILE FA 734 -31.95 83.38 58.25
N GLY FA 735 -30.78 83.61 58.85
CA GLY FA 735 -29.52 83.51 58.14
C GLY FA 735 -29.01 82.08 58.11
N THR FA 736 -27.71 81.96 57.87
CA THR FA 736 -27.07 80.66 57.73
C THR FA 736 -25.98 80.40 58.76
N ARG FA 737 -25.40 81.44 59.35
CA ARG FA 737 -24.16 81.31 60.11
C ARG FA 737 -24.48 80.95 61.55
N TYR FA 738 -24.58 79.65 61.84
CA TYR FA 738 -24.85 79.19 63.19
C TYR FA 738 -23.72 78.30 63.69
N LEU FA 739 -23.31 77.33 62.88
CA LEU FA 739 -22.11 76.56 63.20
C LEU FA 739 -20.90 77.47 63.15
N THR FA 740 -19.81 77.05 63.78
CA THR FA 740 -18.59 77.84 63.80
C THR FA 740 -17.41 77.01 63.32
N ARG FA 741 -16.36 77.71 62.93
CA ARG FA 741 -15.09 77.07 62.60
C ARG FA 741 -13.97 78.03 62.95
N PRO FA 742 -12.77 77.52 63.22
CA PRO FA 742 -11.66 78.41 63.56
C PRO FA 742 -11.20 79.24 62.38
N LEU FA 743 -10.75 80.45 62.67
CA LEU FA 743 -10.39 81.40 61.63
C LEU FA 743 -9.06 81.04 60.97
N ASP GA 219 -53.40 67.02 14.49
CA ASP GA 219 -52.79 66.25 15.55
C ASP GA 219 -53.57 66.37 16.86
N GLY GA 220 -54.71 67.06 16.81
CA GLY GA 220 -55.60 67.14 17.95
C GLY GA 220 -55.95 68.58 18.29
N VAL GA 221 -57.00 68.70 19.11
CA VAL GA 221 -57.45 70.00 19.58
C VAL GA 221 -56.46 70.61 20.57
N GLY GA 222 -55.92 69.80 21.48
CA GLY GA 222 -55.11 70.31 22.56
C GLY GA 222 -53.61 70.21 22.34
N ASN GA 223 -53.21 70.02 21.09
CA ASN GA 223 -51.80 69.88 20.74
C ASN GA 223 -51.47 70.93 19.68
N ALA GA 224 -50.44 71.74 19.96
CA ALA GA 224 -50.03 72.77 19.01
C ALA GA 224 -49.36 72.13 17.80
N SER GA 225 -49.67 72.65 16.63
CA SER GA 225 -49.14 72.10 15.39
C SER GA 225 -47.90 72.83 14.89
N GLY GA 226 -47.36 73.76 15.65
CA GLY GA 226 -46.12 74.39 15.27
C GLY GA 226 -45.63 75.29 16.38
N ASN GA 227 -44.40 75.75 16.22
CA ASN GA 227 -43.75 76.61 17.19
C ASN GA 227 -43.43 77.95 16.54
N TRP GA 228 -43.10 78.92 17.39
CA TRP GA 228 -42.72 80.25 16.92
C TRP GA 228 -41.27 80.22 16.50
N HIS GA 229 -41.02 80.39 15.21
CA HIS GA 229 -39.67 80.40 14.66
C HIS GA 229 -39.42 81.77 14.03
N CYS GA 230 -38.85 82.67 14.81
CA CYS GA 230 -38.49 84.00 14.34
C CYS GA 230 -37.04 84.25 14.73
N ASP GA 231 -36.16 84.25 13.75
CA ASP GA 231 -34.73 84.22 14.04
C ASP GA 231 -33.99 84.70 12.79
N SER GA 232 -32.67 84.79 12.91
CA SER GA 232 -31.81 85.09 11.77
C SER GA 232 -30.44 84.50 12.05
N THR GA 233 -30.01 83.58 11.20
CA THR GA 233 -28.74 82.89 11.36
C THR GA 233 -27.80 83.31 10.25
N TRP GA 234 -26.61 83.75 10.62
CA TRP GA 234 -25.62 84.22 9.66
C TRP GA 234 -24.52 83.18 9.56
N LEU GA 235 -24.44 82.52 8.42
CA LEU GA 235 -23.34 81.61 8.13
C LEU GA 235 -22.28 82.41 7.36
N GLY GA 236 -21.29 81.71 6.81
CA GLY GA 236 -20.23 82.42 6.11
C GLY GA 236 -20.73 83.16 4.88
N ASP GA 237 -21.44 82.47 4.00
CA ASP GA 237 -21.93 83.08 2.78
C ASP GA 237 -23.44 83.03 2.63
N ARG GA 238 -24.15 82.54 3.63
CA ARG GA 238 -25.60 82.49 3.63
C ARG GA 238 -26.11 83.24 4.84
N VAL GA 239 -27.35 83.71 4.73
CA VAL GA 239 -28.11 84.15 5.88
C VAL GA 239 -29.51 83.55 5.78
N ILE GA 240 -29.99 82.96 6.86
CA ILE GA 240 -31.31 82.36 6.89
C ILE GA 240 -32.17 83.20 7.82
N THR GA 241 -33.23 83.77 7.27
CA THR GA 241 -34.16 84.61 8.03
C THR GA 241 -35.48 83.87 8.19
N THR GA 242 -35.93 83.73 9.43
CA THR GA 242 -37.21 83.12 9.76
C THR GA 242 -38.11 84.15 10.40
N SER GA 243 -39.39 84.15 10.01
CA SER GA 243 -40.36 85.11 10.53
C SER GA 243 -41.67 84.40 10.79
N THR GA 244 -42.18 84.52 12.01
CA THR GA 244 -43.50 84.05 12.37
C THR GA 244 -44.38 85.24 12.69
N ARG GA 245 -45.62 85.19 12.21
CA ARG GA 245 -46.60 86.24 12.45
C ARG GA 245 -47.94 85.60 12.77
N THR GA 246 -48.80 86.36 13.43
CA THR GA 246 -50.17 85.96 13.73
C THR GA 246 -51.11 86.65 12.74
N TRP GA 247 -51.92 85.87 12.06
CA TRP GA 247 -52.83 86.37 11.06
C TRP GA 247 -54.27 86.12 11.45
N ALA GA 248 -55.15 87.00 10.96
CA ALA GA 248 -56.59 86.87 11.04
C ALA GA 248 -57.17 86.92 9.63
N LEU GA 249 -57.99 85.93 9.30
CA LEU GA 249 -58.63 85.81 8.00
C LEU GA 249 -60.13 85.89 8.18
N PRO GA 250 -60.79 86.90 7.63
CA PRO GA 250 -62.25 86.97 7.71
C PRO GA 250 -62.92 86.21 6.57
N THR GA 251 -64.24 86.28 6.53
CA THR GA 251 -64.99 85.82 5.36
C THR GA 251 -65.17 86.98 4.41
N TYR GA 252 -64.76 86.80 3.16
CA TYR GA 252 -64.81 87.85 2.16
C TYR GA 252 -65.96 87.59 1.21
N ASN GA 253 -66.74 88.64 0.93
CA ASN GA 253 -67.82 88.63 -0.06
C ASN GA 253 -68.98 87.74 0.32
N ASN GA 254 -69.07 87.30 1.57
CA ASN GA 254 -70.04 86.28 1.98
C ASN GA 254 -69.89 85.02 1.16
N HIS GA 255 -68.64 84.59 0.95
CA HIS GA 255 -68.30 83.37 0.22
C HIS GA 255 -68.70 83.43 -1.24
N LEU GA 256 -68.77 84.65 -1.80
CA LEU GA 256 -69.25 84.83 -3.16
C LEU GA 256 -68.13 85.31 -4.06
N TYR GA 257 -68.20 84.93 -5.32
CA TYR GA 257 -67.38 85.52 -6.38
C TYR GA 257 -68.18 86.64 -6.99
N LYS GA 258 -67.61 87.84 -7.03
CA LYS GA 258 -68.31 88.99 -7.54
C LYS GA 258 -67.55 89.60 -8.71
N GLN GA 259 -68.28 90.05 -9.72
CA GLN GA 259 -67.70 90.72 -10.86
C GLN GA 259 -67.63 92.21 -10.57
N ILE GA 260 -66.43 92.77 -10.70
CA ILE GA 260 -66.20 94.18 -10.39
C ILE GA 260 -65.73 94.88 -11.65
N SER GA 261 -66.15 96.14 -11.79
CA SER GA 261 -65.73 96.97 -12.90
C SER GA 261 -65.82 98.42 -12.48
N SER GA 262 -65.60 99.33 -13.43
CA SER GA 262 -65.62 100.76 -13.18
C SER GA 262 -66.91 101.42 -13.65
N ALA GA 263 -67.90 100.62 -14.06
CA ALA GA 263 -69.12 101.19 -14.62
C ALA GA 263 -69.88 102.03 -13.61
N SER GA 264 -70.02 101.54 -12.37
CA SER GA 264 -70.67 102.33 -11.34
C SER GA 264 -69.75 103.44 -10.84
N THR GA 265 -68.45 103.22 -10.87
CA THR GA 265 -67.50 104.24 -10.42
C THR GA 265 -67.58 105.48 -11.31
N GLY GA 266 -67.79 105.30 -12.61
CA GLY GA 266 -67.78 106.44 -13.51
C GLY GA 266 -66.41 107.08 -13.65
N ALA GA 267 -65.37 106.27 -13.79
CA ALA GA 267 -64.01 106.77 -13.87
C ALA GA 267 -63.70 107.29 -15.26
N SER GA 268 -62.49 107.84 -15.42
CA SER GA 268 -62.01 108.26 -16.71
C SER GA 268 -61.62 107.05 -17.56
N ASN GA 269 -61.38 107.29 -18.84
CA ASN GA 269 -61.02 106.21 -19.74
C ASN GA 269 -59.73 105.53 -19.32
N ASP GA 270 -58.83 106.27 -18.67
CA ASP GA 270 -57.56 105.70 -18.24
C ASP GA 270 -57.70 104.78 -17.02
N ASN GA 271 -58.78 104.93 -16.25
CA ASN GA 271 -58.96 104.19 -15.01
C ASN GA 271 -60.02 103.10 -15.12
N HIS GA 272 -60.48 102.81 -16.33
CA HIS GA 272 -61.47 101.75 -16.52
C HIS GA 272 -60.86 100.39 -16.25
N TYR GA 273 -61.66 99.49 -15.69
CA TYR GA 273 -61.18 98.14 -15.43
C TYR GA 273 -62.36 97.17 -15.38
N PHE GA 274 -62.04 95.90 -15.51
CA PHE GA 274 -62.99 94.81 -15.38
C PHE GA 274 -62.26 93.65 -14.72
N GLY GA 275 -62.90 93.03 -13.74
CA GLY GA 275 -62.25 91.93 -13.06
C GLY GA 275 -63.19 91.22 -12.12
N TYR GA 276 -62.60 90.47 -11.20
CA TYR GA 276 -63.35 89.65 -10.27
C TYR GA 276 -62.77 89.75 -8.88
N SER GA 277 -63.66 89.69 -7.90
CA SER GA 277 -63.33 89.64 -6.48
C SER GA 277 -63.65 88.25 -5.97
N THR GA 278 -62.68 87.58 -5.39
CA THR GA 278 -62.94 86.23 -4.90
C THR GA 278 -63.14 86.24 -3.40
N PRO GA 279 -63.74 85.21 -2.83
CA PRO GA 279 -63.83 85.09 -1.38
C PRO GA 279 -62.54 84.64 -0.70
N TRP GA 280 -61.46 84.47 -1.45
CA TRP GA 280 -60.19 84.02 -0.91
C TRP GA 280 -59.32 85.18 -0.48
N GLY GA 281 -58.45 84.92 0.49
CA GLY GA 281 -57.35 85.79 0.81
C GLY GA 281 -56.05 85.13 0.37
N TYR GA 282 -54.99 85.91 0.41
CA TYR GA 282 -53.68 85.39 0.01
C TYR GA 282 -52.64 85.83 1.02
N PHE GA 283 -51.55 85.07 1.06
CA PHE GA 283 -50.42 85.36 1.94
C PHE GA 283 -49.35 86.09 1.16
N ASP GA 284 -48.89 87.21 1.69
CA ASP GA 284 -47.89 88.06 1.04
C ASP GA 284 -46.73 88.29 1.99
N PHE GA 285 -45.53 87.96 1.53
CA PHE GA 285 -44.31 88.28 2.27
C PHE GA 285 -43.28 88.83 1.29
N ASN GA 286 -43.72 89.71 0.41
CA ASN GA 286 -42.89 90.28 -0.65
C ASN GA 286 -42.35 91.66 -0.29
N ARG GA 287 -41.96 91.86 0.96
CA ARG GA 287 -41.23 93.03 1.38
C ARG GA 287 -40.04 92.59 2.20
N PHE GA 288 -38.97 93.38 2.18
CA PHE GA 288 -37.75 92.95 2.83
C PHE GA 288 -37.86 92.99 4.35
N HIS GA 289 -38.68 93.88 4.90
CA HIS GA 289 -38.82 93.95 6.34
C HIS GA 289 -39.73 92.87 6.91
N CYS GA 290 -40.39 92.08 6.08
CA CYS GA 290 -41.05 90.88 6.55
C CYS GA 290 -40.04 89.82 6.99
N HIS GA 291 -38.79 89.98 6.60
CA HIS GA 291 -37.75 88.98 6.85
C HIS GA 291 -36.55 89.52 7.60
N PHE GA 292 -36.19 90.78 7.39
CA PHE GA 292 -35.01 91.36 8.03
C PHE GA 292 -35.45 92.36 9.09
N SER GA 293 -34.88 92.24 10.27
CA SER GA 293 -34.95 93.34 11.22
C SER GA 293 -34.05 94.46 10.72
N PRO GA 294 -34.26 95.69 11.20
CA PRO GA 294 -33.35 96.77 10.79
C PRO GA 294 -31.89 96.49 11.13
N ARG GA 295 -31.62 95.84 12.25
CA ARG GA 295 -30.26 95.45 12.58
C ARG GA 295 -29.69 94.45 11.58
N ASP GA 296 -30.50 93.46 11.19
CA ASP GA 296 -30.06 92.48 10.20
C ASP GA 296 -29.84 93.14 8.84
N TRP GA 297 -30.71 94.08 8.47
CA TRP GA 297 -30.54 94.80 7.22
C TRP GA 297 -29.25 95.60 7.22
N GLN GA 298 -28.96 96.28 8.33
CA GLN GA 298 -27.71 97.03 8.44
C GLN GA 298 -26.51 96.09 8.37
N ARG GA 299 -26.58 94.95 9.04
CA ARG GA 299 -25.51 93.98 8.98
C ARG GA 299 -25.28 93.47 7.56
N LEU GA 300 -26.35 93.28 6.81
CA LEU GA 300 -26.24 92.83 5.42
C LEU GA 300 -25.61 93.92 4.55
N ILE GA 301 -26.15 95.13 4.60
CA ILE GA 301 -25.77 96.17 3.66
C ILE GA 301 -24.43 96.80 3.99
N ASN GA 302 -23.96 96.72 5.23
CA ASN GA 302 -22.67 97.27 5.57
C ASN GA 302 -21.52 96.34 5.27
N ASN GA 303 -21.81 95.08 4.94
CA ASN GA 303 -20.77 94.07 4.85
C ASN GA 303 -20.78 93.28 3.56
N ASN GA 304 -21.85 93.33 2.77
CA ASN GA 304 -21.95 92.48 1.61
C ASN GA 304 -22.02 93.31 0.34
N TRP GA 305 -21.32 92.85 -0.70
CA TRP GA 305 -21.39 93.47 -2.00
C TRP GA 305 -22.63 93.06 -2.78
N GLY GA 306 -23.24 91.95 -2.44
CA GLY GA 306 -24.47 91.59 -3.12
C GLY GA 306 -25.20 90.50 -2.38
N PHE GA 307 -26.46 90.29 -2.78
CA PHE GA 307 -27.20 89.20 -2.16
C PHE GA 307 -28.33 88.75 -3.07
N ARG GA 308 -28.82 87.54 -2.82
CA ARG GA 308 -29.95 87.03 -3.60
C ARG GA 308 -30.63 85.92 -2.81
N PRO GA 309 -31.88 85.61 -3.11
CA PRO GA 309 -32.56 84.51 -2.42
C PRO GA 309 -32.33 83.15 -3.07
N LYS GA 310 -32.09 82.15 -2.22
CA LYS GA 310 -31.86 80.77 -2.59
C LYS GA 310 -33.08 79.89 -2.38
N ARG GA 311 -33.66 79.88 -1.19
CA ARG GA 311 -34.79 78.97 -1.01
C ARG GA 311 -35.72 79.50 0.07
N LEU GA 312 -36.93 78.94 0.14
CA LEU GA 312 -37.85 79.33 1.18
C LEU GA 312 -38.72 78.16 1.62
N ASN GA 313 -39.14 78.22 2.87
CA ASN GA 313 -40.10 77.33 3.50
C ASN GA 313 -41.25 78.16 4.04
N PHE GA 314 -42.47 77.67 3.83
CA PHE GA 314 -43.68 78.32 4.28
C PHE GA 314 -44.44 77.32 5.14
N LYS GA 315 -44.88 77.76 6.31
CA LYS GA 315 -45.67 76.93 7.19
C LYS GA 315 -46.86 77.71 7.72
N LEU GA 316 -47.98 77.02 7.86
CA LEU GA 316 -49.22 77.57 8.37
C LEU GA 316 -49.70 76.64 9.48
N PHE GA 317 -49.84 77.16 10.69
CA PHE GA 317 -50.05 76.28 11.83
C PHE GA 317 -50.89 76.98 12.87
N ASN GA 318 -51.41 76.19 13.81
CA ASN GA 318 -52.22 76.66 14.94
C ASN GA 318 -53.48 77.36 14.46
N ILE GA 319 -54.26 76.66 13.64
CA ILE GA 319 -55.49 77.21 13.08
C ILE GA 319 -56.56 77.23 14.14
N GLN GA 320 -57.26 78.35 14.27
CA GLN GA 320 -58.42 78.46 15.14
C GLN GA 320 -59.53 79.14 14.38
N VAL GA 321 -60.63 78.42 14.18
CA VAL GA 321 -61.82 78.99 13.57
C VAL GA 321 -62.75 79.47 14.68
N LYS GA 322 -63.22 80.70 14.56
CA LYS GA 322 -64.07 81.32 15.55
C LYS GA 322 -65.41 81.69 14.94
N GLU GA 323 -66.48 81.28 15.60
CA GLU GA 323 -67.85 81.63 15.27
C GLU GA 323 -68.26 82.91 15.98
N VAL GA 324 -68.93 83.80 15.25
CA VAL GA 324 -69.35 85.10 15.76
C VAL GA 324 -70.85 85.23 15.65
N THR GA 325 -71.51 85.61 16.75
CA THR GA 325 -72.94 85.92 16.77
C THR GA 325 -73.15 87.27 17.41
N THR GA 326 -73.83 88.17 16.72
CA THR GA 326 -74.18 89.48 17.28
C THR GA 326 -75.69 89.50 17.52
N ASN GA 327 -76.08 89.63 18.79
CA ASN GA 327 -77.48 89.73 19.20
C ASN GA 327 -77.67 90.93 20.10
N ASP GA 328 -78.68 91.74 19.78
CA ASP GA 328 -79.02 92.92 20.57
C ASP GA 328 -77.82 93.86 20.75
N GLY GA 329 -76.89 93.82 19.80
CA GLY GA 329 -75.72 94.67 19.83
C GLY GA 329 -74.51 94.07 20.51
N VAL GA 330 -74.66 92.97 21.24
CA VAL GA 330 -73.54 92.34 21.93
C VAL GA 330 -73.06 91.14 21.12
N THR GA 331 -71.75 90.96 21.07
CA THR GA 331 -71.10 90.00 20.20
C THR GA 331 -70.50 88.87 21.02
N THR GA 332 -70.84 87.64 20.65
CA THR GA 332 -70.29 86.43 21.24
C THR GA 332 -69.38 85.76 20.23
N ILE GA 333 -68.19 85.37 20.69
CA ILE GA 333 -67.24 84.62 19.88
C ILE GA 333 -67.00 83.29 20.56
N ALA GA 334 -67.13 82.21 19.80
CA ALA GA 334 -66.88 80.87 20.30
C ALA GA 334 -65.93 80.14 19.37
N ASN GA 335 -65.39 79.03 19.85
CA ASN GA 335 -64.56 78.20 19.00
C ASN GA 335 -65.42 77.26 18.19
N ASN GA 336 -65.07 77.10 16.92
CA ASN GA 336 -65.71 76.13 16.04
C ASN GA 336 -64.67 75.06 15.75
N LEU GA 337 -64.74 73.96 16.51
CA LEU GA 337 -63.67 72.97 16.47
C LEU GA 337 -63.71 72.11 15.21
N THR GA 338 -64.82 72.09 14.48
CA THR GA 338 -64.96 71.22 13.32
C THR GA 338 -64.94 71.97 12.00
N SER GA 339 -64.65 73.25 12.01
CA SER GA 339 -64.58 74.02 10.78
C SER GA 339 -63.18 73.96 10.17
N THR GA 340 -63.11 74.24 8.87
CA THR GA 340 -61.87 74.11 8.12
C THR GA 340 -61.52 75.41 7.42
N VAL GA 341 -60.22 75.57 7.16
CA VAL GA 341 -59.72 76.55 6.21
C VAL GA 341 -59.12 75.80 5.04
N GLN GA 342 -59.44 76.23 3.82
CA GLN GA 342 -58.85 75.69 2.62
C GLN GA 342 -57.62 76.51 2.25
N VAL GA 343 -56.50 75.82 2.01
CA VAL GA 343 -55.25 76.45 1.63
C VAL GA 343 -54.72 75.75 0.40
N PHE GA 344 -54.25 76.51 -0.58
CA PHE GA 344 -53.51 75.90 -1.67
C PHE GA 344 -52.46 76.86 -2.19
N SER GA 345 -51.41 76.29 -2.76
CA SER GA 345 -50.35 77.04 -3.39
C SER GA 345 -50.49 76.92 -4.90
N ASP GA 346 -50.41 78.06 -5.60
CA ASP GA 346 -50.57 78.06 -7.06
C ASP GA 346 -49.20 77.85 -7.70
N SER GA 347 -48.73 76.62 -7.60
CA SER GA 347 -47.36 76.29 -7.98
C SER GA 347 -47.15 76.26 -9.49
N GLU GA 348 -48.21 76.14 -10.28
CA GLU GA 348 -48.10 76.11 -11.73
C GLU GA 348 -48.43 77.45 -12.36
N TYR GA 349 -48.65 78.48 -11.56
CA TYR GA 349 -48.89 79.85 -12.04
C TYR GA 349 -50.05 79.88 -13.03
N GLN GA 350 -51.13 79.20 -12.67
CA GLN GA 350 -52.33 79.15 -13.48
C GLN GA 350 -53.30 80.28 -13.16
N LEU GA 351 -53.03 81.05 -12.15
CA LEU GA 351 -53.84 82.17 -11.70
C LEU GA 351 -53.16 83.48 -12.04
N PRO GA 352 -53.92 84.56 -12.15
CA PRO GA 352 -53.29 85.88 -12.26
C PRO GA 352 -52.44 86.17 -11.04
N TYR GA 353 -51.22 86.64 -11.28
CA TYR GA 353 -50.25 86.92 -10.21
C TYR GA 353 -50.44 88.36 -9.77
N VAL GA 354 -51.07 88.54 -8.61
CA VAL GA 354 -51.28 89.90 -8.09
C VAL GA 354 -50.19 90.33 -7.14
N LEU GA 355 -49.32 89.41 -6.72
CA LEU GA 355 -48.13 89.81 -6.00
C LEU GA 355 -47.20 90.56 -6.94
N GLY GA 356 -46.27 91.31 -6.38
CA GLY GA 356 -45.39 92.08 -7.21
C GLY GA 356 -45.97 93.37 -7.74
N SER GA 357 -47.11 93.81 -7.21
CA SER GA 357 -47.68 95.11 -7.52
C SER GA 357 -47.58 96.07 -6.35
N ALA GA 358 -46.82 95.71 -5.31
CA ALA GA 358 -46.57 96.55 -4.14
C ALA GA 358 -47.85 96.87 -3.39
N HIS GA 359 -48.59 95.82 -3.02
CA HIS GA 359 -49.84 95.99 -2.31
C HIS GA 359 -49.66 95.83 -0.82
N GLN GA 360 -50.59 96.41 -0.07
CA GLN GA 360 -50.66 96.20 1.36
C GLN GA 360 -51.10 94.78 1.68
N GLY GA 361 -50.86 94.37 2.91
CA GLY GA 361 -51.27 93.05 3.33
C GLY GA 361 -50.15 92.07 3.55
N CYS GA 362 -48.90 92.54 3.45
CA CYS GA 362 -47.76 91.69 3.76
C CYS GA 362 -47.68 91.42 5.25
N LEU GA 363 -46.79 90.51 5.63
CA LEU GA 363 -46.49 90.36 7.04
C LEU GA 363 -45.94 91.67 7.60
N PRO GA 364 -46.38 92.10 8.77
CA PRO GA 364 -45.90 93.35 9.33
C PRO GA 364 -44.42 93.30 9.64
N PRO GA 365 -43.72 94.45 9.61
CA PRO GA 365 -42.30 94.43 9.94
C PRO GA 365 -42.02 93.99 11.36
N PHE GA 366 -42.85 94.38 12.31
CA PHE GA 366 -42.63 94.04 13.71
C PHE GA 366 -43.24 92.68 14.02
N PRO GA 367 -42.47 91.74 14.57
CA PRO GA 367 -42.99 90.39 14.80
C PRO GA 367 -44.14 90.31 15.79
N ALA GA 368 -44.35 91.34 16.61
CA ALA GA 368 -45.44 91.31 17.56
C ALA GA 368 -46.79 91.72 16.96
N ASP GA 369 -46.81 92.18 15.72
CA ASP GA 369 -48.02 92.71 15.13
C ASP GA 369 -48.87 91.59 14.53
N VAL GA 370 -50.17 91.70 14.70
CA VAL GA 370 -51.14 90.76 14.16
C VAL GA 370 -51.76 91.39 12.92
N PHE GA 371 -51.77 90.65 11.82
CA PHE GA 371 -52.18 91.23 10.56
C PHE GA 371 -53.38 90.51 9.96
N MET GA 372 -54.20 91.29 9.26
CA MET GA 372 -55.35 90.78 8.54
C MET GA 372 -54.92 90.34 7.15
N ILE GA 373 -55.49 89.24 6.69
CA ILE GA 373 -55.10 88.68 5.40
C ILE GA 373 -55.87 89.41 4.29
N PRO GA 374 -55.19 89.90 3.26
CA PRO GA 374 -55.87 90.65 2.20
C PRO GA 374 -56.68 89.77 1.27
N GLN GA 375 -57.73 90.36 0.71
CA GLN GA 375 -58.61 89.62 -0.18
C GLN GA 375 -57.99 89.46 -1.57
N TYR GA 376 -58.26 88.33 -2.20
CA TYR GA 376 -57.77 88.07 -3.53
C TYR GA 376 -58.77 88.57 -4.58
N GLY GA 377 -58.24 89.25 -5.58
CA GLY GA 377 -59.03 89.68 -6.72
C GLY GA 377 -58.08 89.90 -7.86
N TYR GA 378 -58.62 89.86 -9.07
CA TYR GA 378 -57.80 90.04 -10.25
C TYR GA 378 -58.55 90.86 -11.27
N LEU GA 379 -57.81 91.35 -12.26
CA LEU GA 379 -58.36 92.06 -13.39
C LEU GA 379 -58.14 91.23 -14.64
N THR GA 380 -59.03 91.39 -15.61
CA THR GA 380 -58.92 90.71 -16.88
C THR GA 380 -59.07 91.73 -17.99
N LEU GA 381 -59.01 91.25 -19.23
CA LEU GA 381 -59.12 92.15 -20.38
C LEU GA 381 -60.41 92.93 -20.32
N ASN GA 382 -60.32 94.23 -20.57
CA ASN GA 382 -61.49 95.10 -20.53
C ASN GA 382 -61.48 96.04 -21.72
N ASN GA 383 -62.68 96.37 -22.18
CA ASN GA 383 -62.92 97.35 -23.23
C ASN GA 383 -63.76 98.45 -22.59
N GLY GA 384 -63.09 99.39 -21.95
CA GLY GA 384 -63.79 100.33 -21.09
C GLY GA 384 -64.13 99.65 -19.79
N SER GA 385 -65.39 99.76 -19.38
CA SER GA 385 -65.87 99.04 -18.22
C SER GA 385 -66.44 97.67 -18.58
N GLN GA 386 -66.36 97.27 -19.84
CA GLN GA 386 -66.91 96.02 -20.32
C GLN GA 386 -65.81 94.98 -20.46
N ALA GA 387 -66.23 93.74 -20.66
CA ALA GA 387 -65.33 92.63 -20.89
C ALA GA 387 -65.22 92.36 -22.38
N VAL GA 388 -64.41 91.37 -22.74
CA VAL GA 388 -64.31 90.89 -24.11
C VAL GA 388 -64.46 89.37 -24.08
N GLY GA 389 -64.36 88.75 -25.26
CA GLY GA 389 -64.46 87.32 -25.34
C GLY GA 389 -63.30 86.61 -24.68
N ARG GA 390 -62.11 87.19 -24.75
CA ARG GA 390 -60.90 86.60 -24.20
C ARG GA 390 -60.69 86.97 -22.74
N SER GA 391 -61.62 87.69 -22.13
CA SER GA 391 -61.57 87.93 -20.71
C SER GA 391 -61.75 86.61 -19.98
N SER GA 392 -60.87 86.34 -19.02
CA SER GA 392 -60.88 85.08 -18.30
C SER GA 392 -61.58 85.20 -16.97
N PHE GA 393 -62.13 84.09 -16.51
CA PHE GA 393 -62.69 83.97 -15.18
C PHE GA 393 -62.06 82.74 -14.55
N TYR GA 394 -61.69 82.86 -13.28
CA TYR GA 394 -61.04 81.78 -12.55
C TYR GA 394 -61.83 81.49 -11.29
N CYS GA 395 -62.36 80.28 -11.19
CA CYS GA 395 -62.87 79.79 -9.93
C CYS GA 395 -61.70 79.18 -9.16
N LEU GA 396 -61.43 79.70 -7.97
CA LEU GA 396 -60.35 79.16 -7.17
C LEU GA 396 -60.73 77.89 -6.43
N GLU GA 397 -62.02 77.57 -6.37
CA GLU GA 397 -62.45 76.27 -5.89
C GLU GA 397 -62.21 75.17 -6.90
N TYR GA 398 -61.86 75.53 -8.13
CA TYR GA 398 -61.50 74.59 -9.17
C TYR GA 398 -60.05 74.13 -9.05
N PHE GA 399 -59.45 74.29 -7.89
CA PHE GA 399 -58.11 73.83 -7.58
C PHE GA 399 -58.17 72.79 -6.46
N PRO GA 400 -57.21 71.88 -6.40
CA PRO GA 400 -57.08 71.03 -5.20
C PRO GA 400 -56.58 71.86 -4.02
N SER GA 401 -57.34 71.84 -2.93
CA SER GA 401 -57.00 72.56 -1.71
C SER GA 401 -56.80 71.56 -0.59
N GLN GA 402 -55.94 71.91 0.35
CA GLN GA 402 -55.84 71.17 1.60
C GLN GA 402 -56.79 71.81 2.60
N MET GA 403 -57.64 70.99 3.20
CA MET GA 403 -58.58 71.43 4.22
C MET GA 403 -57.96 71.20 5.59
N LEU GA 404 -57.91 72.26 6.40
CA LEU GA 404 -57.21 72.24 7.68
C LEU GA 404 -58.23 72.48 8.78
N ARG GA 405 -58.35 71.53 9.69
CA ARG GA 405 -59.06 71.74 10.94
C ARG GA 405 -58.06 72.27 11.97
N THR GA 406 -58.49 72.40 13.21
CA THR GA 406 -57.66 73.10 14.20
C THR GA 406 -56.40 72.33 14.56
N GLY GA 407 -56.30 71.05 14.21
CA GLY GA 407 -55.11 70.29 14.54
C GLY GA 407 -54.17 70.08 13.38
N ASN GA 408 -54.49 70.64 12.22
CA ASN GA 408 -53.71 70.44 11.01
C ASN GA 408 -52.80 71.64 10.73
N ASN GA 409 -51.75 71.37 9.97
CA ASN GA 409 -50.86 72.42 9.48
C ASN GA 409 -50.61 72.23 7.99
N PHE GA 410 -49.96 73.22 7.41
CA PHE GA 410 -49.70 73.27 5.97
C PHE GA 410 -48.25 73.66 5.76
N THR GA 411 -47.52 72.92 4.93
CA THR GA 411 -46.13 73.23 4.64
C THR GA 411 -45.92 73.30 3.14
N PHE GA 412 -44.91 74.07 2.74
CA PHE GA 412 -44.63 74.24 1.32
C PHE GA 412 -43.20 74.73 1.15
N SER GA 413 -42.44 74.07 0.30
CA SER GA 413 -41.06 74.47 0.02
C SER GA 413 -40.93 75.00 -1.39
N TYR GA 414 -39.99 75.92 -1.59
CA TYR GA 414 -39.78 76.51 -2.90
C TYR GA 414 -38.30 76.83 -3.06
N THR GA 415 -37.78 76.61 -4.26
CA THR GA 415 -36.41 76.95 -4.61
C THR GA 415 -36.41 78.07 -5.64
N PHE GA 416 -35.65 79.12 -5.36
CA PHE GA 416 -35.51 80.20 -6.32
C PHE GA 416 -34.63 79.77 -7.50
N GLU GA 417 -34.97 80.29 -8.67
CA GLU GA 417 -34.09 80.13 -9.83
C GLU GA 417 -32.82 80.95 -9.63
N GLU GA 418 -31.81 80.64 -10.44
CA GLU GA 418 -30.54 81.35 -10.35
C GLU GA 418 -30.74 82.75 -10.91
N VAL GA 419 -30.94 83.70 -10.01
CA VAL GA 419 -31.12 85.11 -10.34
C VAL GA 419 -29.80 85.80 -10.06
N PRO GA 420 -29.46 86.89 -10.75
CA PRO GA 420 -28.24 87.62 -10.40
C PRO GA 420 -28.32 88.26 -9.02
N PHE GA 421 -27.16 88.38 -8.39
CA PHE GA 421 -27.08 89.09 -7.12
C PHE GA 421 -27.54 90.52 -7.29
N HIS GA 422 -28.33 90.99 -6.34
CA HIS GA 422 -28.54 92.42 -6.23
C HIS GA 422 -27.28 93.09 -5.72
N SER GA 423 -27.00 94.27 -6.26
CA SER GA 423 -25.78 95.02 -6.01
C SER GA 423 -25.95 95.89 -4.78
N SER GA 424 -25.33 95.50 -3.66
CA SER GA 424 -25.32 96.30 -2.45
C SER GA 424 -24.16 97.26 -2.41
N TYR GA 425 -23.68 97.71 -3.56
CA TYR GA 425 -22.52 98.58 -3.65
C TYR GA 425 -22.84 99.78 -4.53
N ALA GA 426 -22.10 100.86 -4.28
CA ALA GA 426 -21.94 101.96 -5.21
C ALA GA 426 -20.61 101.81 -5.94
N HIS GA 427 -20.43 102.63 -6.97
CA HIS GA 427 -19.19 102.64 -7.72
C HIS GA 427 -18.30 103.78 -7.25
N SER GA 428 -17.02 103.47 -7.07
CA SER GA 428 -16.03 104.47 -6.66
C SER GA 428 -15.55 105.32 -7.83
N GLN GA 429 -15.88 104.94 -9.05
CA GLN GA 429 -15.50 105.69 -10.23
C GLN GA 429 -16.75 106.04 -11.02
N SER GA 430 -16.66 107.12 -11.78
CA SER GA 430 -17.69 107.50 -12.73
C SER GA 430 -17.34 106.96 -14.10
N LEU GA 431 -18.37 106.77 -14.93
CA LEU GA 431 -18.17 106.15 -16.23
C LEU GA 431 -17.37 107.03 -17.16
N ASP GA 432 -17.48 108.34 -17.04
CA ASP GA 432 -16.71 109.26 -17.85
C ASP GA 432 -15.38 109.63 -17.23
N ARG GA 433 -14.93 108.88 -16.22
CA ARG GA 433 -13.70 109.15 -15.52
C ARG GA 433 -12.93 107.86 -15.30
N LEU GA 434 -12.86 107.02 -16.32
CA LEU GA 434 -12.23 105.71 -16.22
C LEU GA 434 -10.81 105.70 -16.74
N MET GA 435 -10.25 106.85 -17.05
CA MET GA 435 -8.95 106.96 -17.69
C MET GA 435 -7.84 107.15 -16.67
N ASN GA 436 -6.62 106.95 -17.13
CA ASN GA 436 -5.44 107.36 -16.37
C ASN GA 436 -5.34 108.88 -16.44
N PRO GA 437 -5.36 109.59 -15.32
CA PRO GA 437 -5.28 111.06 -15.36
C PRO GA 437 -3.88 111.62 -15.57
N LEU GA 438 -2.88 110.77 -15.81
CA LEU GA 438 -1.52 111.23 -16.02
C LEU GA 438 -1.02 111.05 -17.44
N ILE GA 439 -1.55 110.09 -18.17
CA ILE GA 439 -1.05 109.71 -19.48
C ILE GA 439 -2.00 110.24 -20.54
N ASP GA 440 -1.44 110.68 -21.67
CA ASP GA 440 -2.23 111.08 -22.81
C ASP GA 440 -2.74 109.84 -23.56
N GLN GA 441 -3.58 110.09 -24.54
CA GLN GA 441 -4.07 109.04 -25.42
C GLN GA 441 -3.26 109.01 -26.71
N TYR GA 442 -3.39 107.93 -27.45
CA TYR GA 442 -2.86 107.90 -28.82
C TYR GA 442 -3.92 108.17 -29.85
N LEU GA 443 -5.13 108.53 -29.42
CA LEU GA 443 -6.24 108.83 -30.31
C LEU GA 443 -6.43 110.33 -30.40
N TYR GA 444 -6.68 110.82 -31.62
CA TYR GA 444 -6.89 112.23 -31.86
C TYR GA 444 -8.36 112.51 -32.08
N TYR GA 445 -8.76 113.75 -31.84
CA TYR GA 445 -10.11 114.21 -32.07
C TYR GA 445 -10.06 115.58 -32.72
N LEU GA 446 -11.11 115.92 -33.45
CA LEU GA 446 -11.21 117.24 -34.03
C LEU GA 446 -11.47 118.26 -32.94
N ASN GA 447 -10.54 119.19 -32.76
CA ASN GA 447 -10.60 120.16 -31.67
C ASN GA 447 -11.08 121.53 -32.12
N ARG GA 448 -10.61 122.01 -33.27
CA ARG GA 448 -11.00 123.30 -33.80
C ARG GA 448 -11.39 123.15 -35.26
N THR GA 449 -12.45 123.83 -35.66
CA THR GA 449 -12.76 124.03 -37.08
C THR GA 449 -12.55 125.47 -37.50
N GLN GA 450 -11.94 126.29 -36.65
CA GLN GA 450 -11.55 127.65 -36.98
C GLN GA 450 -10.13 127.88 -36.53
N ASN GA 451 -9.51 128.93 -37.05
CA ASN GA 451 -8.13 129.24 -36.68
C ASN GA 451 -8.05 129.68 -35.24
N GLN GA 452 -7.04 129.18 -34.54
CA GLN GA 452 -6.88 129.47 -33.12
C GLN GA 452 -6.38 130.88 -32.85
N SER GA 453 -5.64 131.48 -33.79
CA SER GA 453 -5.02 132.77 -33.55
C SER GA 453 -6.07 133.86 -33.30
N GLY GA 454 -7.11 133.90 -34.12
CA GLY GA 454 -8.18 134.86 -33.94
C GLY GA 454 -8.02 136.17 -34.66
N SER GA 455 -6.82 136.49 -35.15
CA SER GA 455 -6.63 137.71 -35.92
C SER GA 455 -7.47 137.67 -37.19
N ALA GA 456 -7.50 136.52 -37.86
CA ALA GA 456 -8.47 136.23 -38.89
C ALA GA 456 -9.46 135.20 -38.37
N GLN GA 457 -10.57 135.04 -39.08
CA GLN GA 457 -11.64 134.13 -38.71
C GLN GA 457 -11.79 133.00 -39.72
N ASN GA 458 -10.67 132.43 -40.15
CA ASN GA 458 -10.70 131.40 -41.18
C ASN GA 458 -11.00 130.03 -40.60
N LYS GA 459 -11.58 129.17 -41.42
CA LYS GA 459 -11.84 127.81 -41.01
C LYS GA 459 -10.56 126.99 -41.04
N ASP GA 460 -10.61 125.82 -40.44
CA ASP GA 460 -9.47 124.92 -40.40
C ASP GA 460 -9.95 123.53 -39.97
N LEU GA 461 -8.99 122.61 -39.86
CA LEU GA 461 -9.23 121.27 -39.32
C LEU GA 461 -8.05 120.96 -38.41
N LEU GA 462 -8.19 121.29 -37.13
CA LEU GA 462 -7.13 121.13 -36.15
C LEU GA 462 -7.48 120.00 -35.21
N PHE GA 463 -6.55 119.07 -35.02
CA PHE GA 463 -6.78 117.87 -34.24
C PHE GA 463 -5.89 117.88 -33.01
N SER GA 464 -6.46 117.48 -31.88
CA SER GA 464 -5.73 117.40 -30.64
C SER GA 464 -5.69 115.97 -30.15
N ARG GA 465 -4.72 115.70 -29.30
CA ARG GA 465 -4.56 114.40 -28.66
C ARG GA 465 -5.35 114.35 -27.36
N GLY GA 466 -5.96 113.20 -27.10
CA GLY GA 466 -6.68 113.00 -25.85
C GLY GA 466 -5.76 113.15 -24.66
N SER GA 467 -6.02 114.16 -23.83
CA SER GA 467 -5.15 114.53 -22.72
C SER GA 467 -5.94 114.66 -21.44
N PRO GA 468 -5.28 114.53 -20.29
CA PRO GA 468 -5.99 114.73 -19.01
C PRO GA 468 -6.51 116.15 -18.81
N ALA GA 469 -6.01 117.13 -19.57
CA ALA GA 469 -6.55 118.47 -19.47
C ALA GA 469 -8.01 118.51 -19.89
N GLY GA 470 -8.32 117.96 -21.06
CA GLY GA 470 -9.70 117.83 -21.47
C GLY GA 470 -10.16 116.39 -21.42
N MET GA 471 -10.89 116.04 -20.36
CA MET GA 471 -11.39 114.69 -20.18
C MET GA 471 -12.75 114.49 -20.80
N SER GA 472 -13.47 115.57 -21.07
CA SER GA 472 -14.80 115.48 -21.66
C SER GA 472 -14.76 115.13 -23.13
N VAL GA 473 -13.65 115.40 -23.82
CA VAL GA 473 -13.53 115.18 -25.25
C VAL GA 473 -12.71 113.96 -25.59
N GLN GA 474 -12.22 113.23 -24.59
CA GLN GA 474 -11.46 112.03 -24.84
C GLN GA 474 -12.37 110.95 -25.41
N PRO GA 475 -11.92 110.21 -26.43
CA PRO GA 475 -12.65 109.00 -26.84
C PRO GA 475 -12.80 108.03 -25.67
N LYS GA 476 -13.97 107.41 -25.59
CA LYS GA 476 -14.28 106.49 -24.50
C LYS GA 476 -14.91 105.23 -25.08
N ASN GA 477 -15.03 104.22 -24.23
CA ASN GA 477 -15.45 102.89 -24.67
C ASN GA 477 -16.91 102.58 -24.38
N TRP GA 478 -17.55 103.29 -23.46
CA TRP GA 478 -18.88 102.93 -22.99
C TRP GA 478 -19.77 104.15 -22.93
N LEU GA 479 -21.07 103.89 -22.80
CA LEU GA 479 -22.10 104.92 -22.74
C LEU GA 479 -22.95 104.75 -21.48
N PRO GA 480 -23.51 105.84 -20.97
CA PRO GA 480 -24.44 105.72 -19.84
C PRO GA 480 -25.73 105.02 -20.27
N GLY GA 481 -26.40 104.43 -19.29
CA GLY GA 481 -27.60 103.67 -19.53
C GLY GA 481 -28.71 104.46 -20.18
N PRO GA 482 -29.81 103.78 -20.51
CA PRO GA 482 -30.93 104.45 -21.17
C PRO GA 482 -31.66 105.39 -20.24
N CYS GA 483 -32.38 106.33 -20.83
CA CYS GA 483 -33.10 107.32 -20.03
C CYS GA 483 -34.49 107.53 -20.60
N TYR GA 484 -35.39 108.01 -19.75
CA TYR GA 484 -36.73 108.44 -20.14
C TYR GA 484 -37.10 109.61 -19.23
N ARG GA 485 -36.88 110.82 -19.73
CA ARG GA 485 -36.83 112.00 -18.86
C ARG GA 485 -38.13 112.20 -18.09
N GLN GA 486 -37.99 112.59 -16.82
CA GLN GA 486 -39.08 112.91 -15.93
C GLN GA 486 -39.10 114.41 -15.66
N GLN GA 487 -40.21 114.87 -15.09
CA GLN GA 487 -40.33 116.27 -14.71
C GLN GA 487 -39.71 116.49 -13.34
N ARG GA 488 -39.07 117.65 -13.18
CA ARG GA 488 -38.31 117.95 -11.97
C ARG GA 488 -39.19 118.71 -11.00
N VAL GA 489 -39.39 118.13 -9.82
CA VAL GA 489 -40.19 118.75 -8.77
C VAL GA 489 -39.27 119.06 -7.59
N SER GA 490 -39.42 120.25 -7.04
CA SER GA 490 -38.64 120.66 -5.88
C SER GA 490 -39.36 120.29 -4.60
N LYS GA 491 -38.60 119.75 -3.64
CA LYS GA 491 -39.15 119.48 -2.31
C LYS GA 491 -39.54 120.75 -1.59
N THR GA 492 -39.00 121.89 -2.00
CA THR GA 492 -39.43 123.19 -1.51
C THR GA 492 -40.53 123.70 -2.45
N LYS GA 493 -41.76 123.75 -1.95
CA LYS GA 493 -42.91 123.93 -2.82
C LYS GA 493 -42.95 125.31 -3.49
N THR GA 494 -42.25 126.30 -2.96
CA THR GA 494 -42.32 127.63 -3.55
C THR GA 494 -41.61 127.71 -4.90
N ASP GA 495 -40.68 126.81 -5.19
CA ASP GA 495 -39.97 126.82 -6.46
C ASP GA 495 -40.67 126.04 -7.55
N ASN GA 496 -41.82 125.45 -7.27
CA ASN GA 496 -42.57 124.70 -8.26
C ASN GA 496 -43.57 125.62 -8.96
N ASN GA 497 -43.89 125.27 -10.20
CA ASN GA 497 -44.84 126.03 -10.98
C ASN GA 497 -46.22 126.02 -10.32
N ASN GA 498 -46.94 127.12 -10.45
CA ASN GA 498 -48.28 127.23 -9.87
C ASN GA 498 -49.31 126.61 -10.80
N SER GA 499 -49.33 125.29 -10.80
CA SER GA 499 -50.31 124.51 -11.53
C SER GA 499 -50.26 123.09 -10.98
N ASN GA 500 -51.20 122.26 -11.43
CA ASN GA 500 -51.20 120.88 -10.97
C ASN GA 500 -50.13 120.06 -11.67
N PHE GA 501 -50.26 119.86 -12.97
CA PHE GA 501 -49.24 119.28 -13.85
C PHE GA 501 -48.69 117.94 -13.36
N THR GA 502 -49.36 117.32 -12.38
CA THR GA 502 -48.99 115.96 -12.00
C THR GA 502 -49.51 114.93 -12.99
N TRP GA 503 -50.48 115.28 -13.80
CA TRP GA 503 -50.92 114.41 -14.87
C TRP GA 503 -50.65 114.98 -16.25
N THR GA 504 -50.83 116.29 -16.44
CA THR GA 504 -50.60 116.87 -17.75
C THR GA 504 -49.12 116.99 -18.09
N GLY GA 505 -48.26 117.14 -17.09
CA GLY GA 505 -46.85 117.34 -17.35
C GLY GA 505 -45.99 116.14 -17.01
N ALA GA 506 -46.58 114.96 -16.98
CA ALA GA 506 -45.90 113.78 -16.50
C ALA GA 506 -45.57 112.81 -17.63
N SER GA 507 -44.49 112.06 -17.45
CA SER GA 507 -44.10 111.03 -18.39
C SER GA 507 -45.04 109.85 -18.25
N LYS GA 508 -45.73 109.50 -19.34
CA LYS GA 508 -46.69 108.41 -19.29
C LYS GA 508 -46.63 107.66 -20.61
N TYR GA 509 -47.14 106.43 -20.59
CA TYR GA 509 -47.14 105.61 -21.79
C TYR GA 509 -48.57 105.30 -22.23
N ASN GA 510 -48.70 105.06 -23.52
CA ASN GA 510 -49.98 104.79 -24.15
C ASN GA 510 -50.10 103.29 -24.40
N LEU GA 511 -51.20 102.70 -23.93
CA LEU GA 511 -51.44 101.26 -24.13
C LEU GA 511 -52.92 101.03 -24.36
N ASN GA 512 -53.27 100.62 -25.58
CA ASN GA 512 -54.67 100.35 -25.96
C ASN GA 512 -55.55 101.57 -25.76
N GLY GA 513 -54.98 102.76 -25.98
CA GLY GA 513 -55.74 103.98 -25.94
C GLY GA 513 -55.83 104.65 -24.60
N ARG GA 514 -55.33 104.05 -23.53
CA ARG GA 514 -55.36 104.67 -22.22
C ARG GA 514 -53.96 104.83 -21.67
N GLU GA 515 -53.72 105.98 -21.05
CA GLU GA 515 -52.40 106.40 -20.61
C GLU GA 515 -52.15 105.93 -19.18
N SER GA 516 -50.88 105.64 -18.90
CA SER GA 516 -50.46 105.16 -17.59
C SER GA 516 -49.16 105.87 -17.23
N ILE GA 517 -49.10 106.42 -16.02
CA ILE GA 517 -47.88 107.06 -15.56
C ILE GA 517 -46.78 106.01 -15.48
N ILE GA 518 -45.56 106.39 -15.83
CA ILE GA 518 -44.46 105.44 -15.85
C ILE GA 518 -44.19 104.93 -14.43
N ASN GA 519 -43.74 105.82 -13.53
CA ASN GA 519 -43.74 105.55 -12.09
C ASN GA 519 -43.21 104.18 -11.69
N PRO GA 520 -41.89 103.98 -11.57
CA PRO GA 520 -40.82 104.96 -11.69
C PRO GA 520 -40.00 104.81 -12.96
N GLY GA 521 -40.21 103.72 -13.68
CA GLY GA 521 -39.57 103.56 -14.98
C GLY GA 521 -38.08 103.30 -14.87
N THR GA 522 -37.34 103.88 -15.80
CA THR GA 522 -35.91 103.61 -15.92
C THR GA 522 -35.18 103.99 -14.65
N ALA GA 523 -34.17 103.20 -14.30
CA ALA GA 523 -33.36 103.44 -13.11
C ALA GA 523 -32.39 104.58 -13.42
N MET GA 524 -32.70 105.77 -12.92
CA MET GA 524 -31.89 106.94 -13.15
C MET GA 524 -31.63 107.66 -11.84
N ALA GA 525 -30.59 108.49 -11.84
CA ALA GA 525 -30.26 109.28 -10.66
C ALA GA 525 -31.38 110.28 -10.37
N SER GA 526 -31.73 110.43 -9.10
CA SER GA 526 -32.79 111.34 -8.71
C SER GA 526 -32.44 112.79 -9.02
N HIS GA 527 -31.20 113.17 -8.79
CA HIS GA 527 -30.78 114.55 -8.99
C HIS GA 527 -29.28 114.56 -9.27
N LYS GA 528 -28.75 115.75 -9.48
CA LYS GA 528 -27.31 115.94 -9.66
C LYS GA 528 -26.64 116.18 -8.31
N ASP GA 529 -25.37 116.57 -8.35
CA ASP GA 529 -24.68 117.00 -7.15
C ASP GA 529 -25.21 118.35 -6.70
N ASP GA 530 -25.33 118.52 -5.38
CA ASP GA 530 -25.77 119.77 -4.77
C ASP GA 530 -27.17 120.16 -5.22
N GLU GA 531 -28.02 119.17 -5.48
CA GLU GA 531 -29.36 119.40 -5.97
C GLU GA 531 -30.35 118.46 -5.29
N ASP GA 532 -30.13 118.17 -4.01
CA ASP GA 532 -30.97 117.24 -3.28
C ASP GA 532 -32.40 117.74 -3.11
N LYS GA 533 -32.66 119.02 -3.35
CA LYS GA 533 -33.98 119.59 -3.23
C LYS GA 533 -34.92 119.18 -4.35
N PHE GA 534 -34.42 118.54 -5.41
CA PHE GA 534 -35.21 118.16 -6.56
C PHE GA 534 -35.35 116.65 -6.63
N PHE GA 535 -36.51 116.19 -7.06
CA PHE GA 535 -36.74 114.79 -7.36
C PHE GA 535 -37.58 114.67 -8.61
N PRO GA 536 -37.44 113.58 -9.37
CA PRO GA 536 -38.32 113.37 -10.52
C PRO GA 536 -39.75 113.15 -10.05
N MET GA 537 -40.70 113.65 -10.86
CA MET GA 537 -42.08 113.71 -10.40
C MET GA 537 -42.63 112.32 -10.11
N SER GA 538 -42.32 111.34 -10.95
CA SER GA 538 -42.74 109.97 -10.72
C SER GA 538 -41.59 109.02 -10.97
N GLY GA 539 -40.41 109.38 -10.48
CA GLY GA 539 -39.23 108.57 -10.73
C GLY GA 539 -38.64 107.97 -9.47
N VAL GA 540 -39.28 108.19 -8.35
CA VAL GA 540 -38.76 107.76 -7.06
C VAL GA 540 -39.80 106.93 -6.33
N MET GA 541 -39.32 105.98 -5.53
CA MET GA 541 -40.19 105.22 -4.66
C MET GA 541 -40.49 106.04 -3.40
N ILE GA 542 -41.77 106.25 -3.12
CA ILE GA 542 -42.19 107.06 -2.00
C ILE GA 542 -42.92 106.16 -1.02
N PHE GA 543 -42.38 106.05 0.19
CA PHE GA 543 -43.00 105.30 1.26
C PHE GA 543 -43.68 106.26 2.22
N GLY GA 544 -44.86 105.88 2.68
CA GLY GA 544 -45.59 106.68 3.64
C GLY GA 544 -45.19 106.32 5.07
N LYS GA 545 -45.05 107.35 5.90
CA LYS GA 545 -44.86 107.11 7.31
C LYS GA 545 -46.18 106.71 7.95
N GLU GA 546 -46.10 106.17 9.16
CA GLU GA 546 -47.33 105.96 9.91
C GLU GA 546 -47.97 107.30 10.21
N SER GA 547 -49.30 107.31 10.26
CA SER GA 547 -50.08 108.54 10.29
C SER GA 547 -49.93 109.33 9.00
N ALA GA 548 -49.93 108.64 7.87
CA ALA GA 548 -50.04 109.26 6.56
C ALA GA 548 -51.38 108.89 5.96
N GLY GA 549 -52.10 109.88 5.46
CA GLY GA 549 -53.40 109.63 4.89
C GLY GA 549 -53.30 108.87 3.58
N ALA GA 550 -54.46 108.39 3.13
CA ALA GA 550 -54.50 107.65 1.88
C ALA GA 550 -54.41 108.59 0.67
N SER GA 551 -54.97 109.78 0.78
CA SER GA 551 -55.03 110.71 -0.34
C SER GA 551 -54.59 112.10 0.09
N ASN GA 552 -53.76 112.73 -0.74
CA ASN GA 552 -53.32 114.11 -0.55
C ASN GA 552 -52.68 114.34 0.82
N THR GA 553 -51.86 113.38 1.24
CA THR GA 553 -51.08 113.56 2.45
C THR GA 553 -49.91 114.51 2.18
N ALA GA 554 -49.12 114.77 3.22
CA ALA GA 554 -48.10 115.80 3.14
C ALA GA 554 -46.71 115.22 2.90
N LEU GA 555 -45.85 116.08 2.36
CA LEU GA 555 -44.44 115.76 2.20
C LEU GA 555 -43.82 115.37 3.52
N ASP GA 556 -44.33 115.92 4.62
CA ASP GA 556 -43.86 115.55 5.95
C ASP GA 556 -44.29 114.14 6.30
N ASN GA 557 -45.38 113.67 5.71
CA ASN GA 557 -45.89 112.33 6.01
C ASN GA 557 -45.37 111.27 5.07
N VAL GA 558 -44.71 111.65 3.99
CA VAL GA 558 -44.11 110.65 3.09
C VAL GA 558 -42.60 110.70 3.20
N MET GA 559 -41.97 109.57 2.83
CA MET GA 559 -40.52 109.46 2.74
C MET GA 559 -40.13 109.21 1.29
N ILE GA 560 -39.43 110.16 0.69
CA ILE GA 560 -39.00 110.05 -0.69
C ILE GA 560 -37.61 109.43 -0.73
N THR GA 561 -37.45 108.40 -1.54
CA THR GA 561 -36.14 107.76 -1.67
C THR GA 561 -35.24 108.57 -2.57
N ASP GA 562 -33.96 108.21 -2.58
CA ASP GA 562 -32.95 108.86 -3.40
C ASP GA 562 -32.14 107.81 -4.11
N GLU GA 563 -31.80 108.05 -5.36
CA GLU GA 563 -30.97 107.17 -6.17
C GLU GA 563 -29.64 107.85 -6.50
N GLU GA 564 -29.03 108.46 -5.48
CA GLU GA 564 -27.87 109.30 -5.71
C GLU GA 564 -26.62 108.46 -5.99
N GLU GA 565 -26.66 107.17 -5.65
CA GLU GA 565 -25.46 106.34 -5.76
C GLU GA 565 -25.18 105.87 -7.18
N ILE GA 566 -26.16 105.97 -8.07
CA ILE GA 566 -26.00 105.44 -9.42
C ILE GA 566 -25.77 106.56 -10.42
N LYS GA 567 -25.33 107.74 -9.95
CA LYS GA 567 -24.89 108.80 -10.84
C LYS GA 567 -23.65 108.41 -11.63
N ALA GA 568 -22.90 107.40 -11.17
CA ALA GA 568 -21.67 107.02 -11.83
C ALA GA 568 -21.91 106.41 -13.20
N THR GA 569 -23.06 105.78 -13.40
CA THR GA 569 -23.35 105.09 -14.66
C THR GA 569 -24.69 105.45 -15.27
N ASN GA 570 -25.62 106.02 -14.53
CA ASN GA 570 -26.96 106.27 -15.02
C ASN GA 570 -27.20 107.76 -15.22
N PRO GA 571 -27.96 108.13 -16.24
CA PRO GA 571 -28.31 109.55 -16.41
C PRO GA 571 -29.21 110.03 -15.29
N VAL GA 572 -29.15 111.34 -15.05
CA VAL GA 572 -30.05 111.94 -14.07
C VAL GA 572 -31.47 111.96 -14.62
N ALA GA 573 -32.43 111.58 -13.77
CA ALA GA 573 -33.79 111.33 -14.22
C ALA GA 573 -34.46 112.56 -14.81
N THR GA 574 -34.10 113.75 -14.37
CA THR GA 574 -34.79 114.97 -14.77
C THR GA 574 -34.10 115.72 -15.89
N GLU GA 575 -33.01 115.19 -16.44
CA GLU GA 575 -32.28 115.85 -17.50
C GLU GA 575 -32.13 114.95 -18.71
N ARG GA 576 -31.79 115.58 -19.83
CA ARG GA 576 -31.70 114.87 -21.10
C ARG GA 576 -30.56 113.86 -21.07
N PHE GA 577 -30.69 112.84 -21.91
CA PHE GA 577 -29.58 111.92 -22.12
C PHE GA 577 -28.38 112.65 -22.71
N GLY GA 578 -28.64 113.54 -23.65
CA GLY GA 578 -27.58 114.27 -24.30
C GLY GA 578 -28.13 115.02 -25.51
N THR GA 579 -27.21 115.45 -26.36
CA THR GA 579 -27.57 116.13 -27.59
C THR GA 579 -27.17 115.28 -28.79
N VAL GA 580 -27.83 115.56 -29.91
CA VAL GA 580 -27.60 114.82 -31.14
C VAL GA 580 -27.62 115.82 -32.29
N ALA GA 581 -26.79 115.57 -33.30
CA ALA GA 581 -26.83 116.39 -34.50
C ALA GA 581 -28.13 116.16 -35.25
N VAL GA 582 -28.69 117.23 -35.81
CA VAL GA 582 -29.99 117.14 -36.47
C VAL GA 582 -29.97 117.69 -37.89
N ASN GA 583 -28.83 118.11 -38.41
CA ASN GA 583 -28.77 118.65 -39.76
C ASN GA 583 -27.37 118.42 -40.31
N PHE GA 584 -27.13 118.96 -41.50
CA PHE GA 584 -25.79 118.98 -42.12
C PHE GA 584 -25.27 120.40 -42.08
N GLN GA 585 -24.12 120.60 -41.43
CA GLN GA 585 -23.46 121.89 -41.47
C GLN GA 585 -22.76 122.08 -42.81
N SER GA 586 -22.78 123.31 -43.29
CA SER GA 586 -22.14 123.61 -44.57
C SER GA 586 -21.81 125.10 -44.59
N SER GA 587 -20.92 125.46 -45.52
CA SER GA 587 -20.56 126.85 -45.76
C SER GA 587 -21.35 127.40 -46.94
N SER GA 588 -21.37 128.73 -47.03
CA SER GA 588 -22.03 129.39 -48.14
C SER GA 588 -21.27 129.18 -49.43
N THR GA 589 -22.01 129.10 -50.54
CA THR GA 589 -21.40 128.91 -51.85
C THR GA 589 -22.07 129.79 -52.90
N VAL GA 592 -24.54 127.51 -53.82
CA VAL GA 592 -25.61 127.44 -52.83
C VAL GA 592 -25.35 128.44 -51.72
N PRO GA 593 -25.74 129.69 -51.94
CA PRO GA 593 -25.43 130.75 -50.97
C PRO GA 593 -26.37 130.74 -49.77
N PHE GA 594 -26.64 129.57 -49.23
CA PHE GA 594 -27.46 129.40 -48.03
C PHE GA 594 -26.63 128.64 -47.01
N LYS GA 595 -25.85 129.37 -46.23
CA LYS GA 595 -25.03 128.76 -45.18
C LYS GA 595 -25.89 128.06 -44.14
N THR GA 596 -25.48 126.87 -43.74
CA THR GA 596 -26.22 126.07 -42.76
C THR GA 596 -25.36 125.92 -41.51
N ASP GA 597 -25.78 126.54 -40.42
CA ASP GA 597 -25.11 126.33 -39.14
C ASP GA 597 -25.41 124.94 -38.61
N PRO GA 598 -24.46 124.31 -37.93
CA PRO GA 598 -24.75 123.03 -37.29
C PRO GA 598 -25.80 123.19 -36.21
N ALA GA 599 -26.64 122.18 -36.07
CA ALA GA 599 -27.76 122.22 -35.13
C ALA GA 599 -27.82 120.93 -34.34
N THR GA 600 -28.06 121.06 -33.05
CA THR GA 600 -28.20 119.92 -32.16
C THR GA 600 -29.58 119.97 -31.50
N GLY GA 601 -30.06 118.80 -31.11
CA GLY GA 601 -31.30 118.69 -30.38
C GLY GA 601 -31.11 117.82 -29.17
N ASP GA 602 -31.88 118.14 -28.13
CA ASP GA 602 -31.81 117.38 -26.88
C ASP GA 602 -32.49 116.02 -27.04
N VAL GA 603 -31.86 115.00 -26.47
CA VAL GA 603 -32.37 113.63 -26.52
C VAL GA 603 -32.99 113.36 -25.15
N HIS GA 604 -34.31 113.26 -25.10
CA HIS GA 604 -35.02 113.14 -23.83
C HIS GA 604 -35.33 111.70 -23.48
N ALA GA 605 -35.61 110.86 -24.47
CA ALA GA 605 -35.81 109.43 -24.26
C ALA GA 605 -34.83 108.69 -25.16
N MET GA 606 -33.99 107.87 -24.56
CA MET GA 606 -32.96 107.12 -25.28
C MET GA 606 -33.12 105.65 -24.96
N GLY GA 607 -33.32 104.84 -25.98
CA GLY GA 607 -33.35 103.41 -25.82
C GLY GA 607 -31.96 102.83 -25.75
N ALA GA 608 -31.91 101.51 -25.61
CA ALA GA 608 -30.63 100.84 -25.41
C ALA GA 608 -29.78 100.92 -26.67
N LEU GA 609 -28.57 101.42 -26.52
CA LEU GA 609 -27.52 101.43 -27.53
C LEU GA 609 -26.43 100.45 -27.13
N PRO GA 610 -25.78 99.79 -28.08
CA PRO GA 610 -24.65 98.93 -27.71
C PRO GA 610 -23.53 99.74 -27.08
N GLY GA 611 -22.90 99.17 -26.07
CA GLY GA 611 -21.94 99.88 -25.26
C GLY GA 611 -22.52 100.55 -24.03
N MET GA 612 -23.83 100.53 -23.88
CA MET GA 612 -24.47 101.12 -22.71
C MET GA 612 -24.27 100.25 -21.48
N VAL GA 613 -24.04 100.89 -20.34
CA VAL GA 613 -23.95 100.21 -19.05
C VAL GA 613 -24.77 101.00 -18.04
N TRP GA 614 -25.41 100.28 -17.13
CA TRP GA 614 -26.28 100.93 -16.16
C TRP GA 614 -26.38 100.08 -14.91
N GLN GA 615 -26.87 100.71 -13.84
CA GLN GA 615 -27.24 100.02 -12.62
C GLN GA 615 -28.76 99.97 -12.50
N ASP GA 616 -29.24 98.94 -11.81
CA ASP GA 616 -30.67 98.81 -11.57
C ASP GA 616 -31.07 99.64 -10.35
N ARG GA 617 -32.37 99.71 -10.11
CA ARG GA 617 -32.86 100.43 -8.95
C ARG GA 617 -32.46 99.71 -7.66
N ASP GA 618 -32.29 100.49 -6.60
CA ASP GA 618 -31.96 99.93 -5.30
C ASP GA 618 -33.17 99.26 -4.66
N VAL GA 619 -32.90 98.32 -3.78
CA VAL GA 619 -33.94 97.71 -2.96
C VAL GA 619 -33.87 98.35 -1.57
N TYR GA 620 -35.00 98.36 -0.89
CA TYR GA 620 -35.12 98.99 0.41
C TYR GA 620 -35.70 98.00 1.40
N LEU GA 621 -35.47 98.26 2.68
CA LEU GA 621 -36.02 97.38 3.72
C LEU GA 621 -37.54 97.37 3.66
N GLN GA 622 -38.18 98.47 3.28
CA GLN GA 622 -39.62 98.56 3.15
C GLN GA 622 -40.12 98.20 1.76
N GLY GA 623 -39.24 97.84 0.84
CA GLY GA 623 -39.63 97.66 -0.54
C GLY GA 623 -39.84 96.22 -0.94
N PRO GA 624 -40.30 96.00 -2.17
CA PRO GA 624 -40.55 94.65 -2.64
C PRO GA 624 -39.27 93.86 -2.88
N ILE GA 625 -39.39 92.54 -2.79
CA ILE GA 625 -38.28 91.64 -3.02
C ILE GA 625 -38.22 91.17 -4.47
N TRP GA 626 -39.33 90.64 -4.99
CA TRP GA 626 -39.34 90.03 -6.30
C TRP GA 626 -40.55 90.50 -7.09
N ALA GA 627 -40.57 90.09 -8.36
CA ALA GA 627 -41.72 90.29 -9.22
C ALA GA 627 -41.72 89.18 -10.26
N LYS GA 628 -42.91 88.72 -10.64
CA LYS GA 628 -43.03 87.77 -11.73
C LYS GA 628 -42.77 88.45 -13.06
N ILE GA 629 -41.86 87.90 -13.85
CA ILE GA 629 -41.64 88.40 -15.20
C ILE GA 629 -42.79 87.96 -16.08
N PRO GA 630 -43.44 88.88 -16.81
CA PRO GA 630 -44.57 88.49 -17.64
C PRO GA 630 -44.18 87.45 -18.67
N HIS GA 631 -45.08 86.50 -18.90
CA HIS GA 631 -44.84 85.43 -19.88
C HIS GA 631 -45.13 85.99 -21.27
N THR GA 632 -44.12 86.60 -21.85
CA THR GA 632 -44.20 87.22 -23.16
C THR GA 632 -43.13 86.63 -24.08
N ASP GA 633 -43.26 86.93 -25.37
CA ASP GA 633 -42.26 86.49 -26.34
C ASP GA 633 -40.91 87.14 -26.09
N GLY GA 634 -40.91 88.44 -25.80
CA GLY GA 634 -39.67 89.15 -25.60
C GLY GA 634 -39.75 90.03 -24.36
N HIS GA 635 -38.58 90.23 -23.77
CA HIS GA 635 -38.41 91.18 -22.69
C HIS GA 635 -36.94 91.58 -22.64
N PHE GA 636 -36.69 92.85 -22.33
CA PHE GA 636 -35.34 93.37 -22.30
C PHE GA 636 -34.96 93.65 -20.86
N HIS GA 637 -33.93 92.95 -20.37
CA HIS GA 637 -33.40 93.11 -19.02
C HIS GA 637 -34.51 93.01 -17.99
N PRO GA 638 -35.08 91.84 -17.78
CA PRO GA 638 -36.33 91.71 -17.00
C PRO GA 638 -36.11 91.89 -15.50
N SER GA 639 -35.59 93.03 -15.13
CA SER GA 639 -35.46 93.45 -13.74
C SER GA 639 -36.60 94.38 -13.40
N PRO GA 640 -37.37 94.12 -12.34
CA PRO GA 640 -38.55 94.94 -12.05
C PRO GA 640 -38.18 96.39 -11.84
N LEU GA 641 -39.06 97.29 -12.31
CA LEU GA 641 -38.74 98.70 -12.27
C LEU GA 641 -38.90 99.28 -10.87
N MET GA 642 -39.68 98.63 -10.01
CA MET GA 642 -39.70 99.03 -8.60
C MET GA 642 -38.47 98.57 -7.85
N GLY GA 643 -37.68 97.69 -8.41
CA GLY GA 643 -36.52 97.15 -7.74
C GLY GA 643 -36.77 95.73 -7.26
N GLY GA 644 -35.70 94.94 -7.23
CA GLY GA 644 -35.83 93.57 -6.78
C GLY GA 644 -35.40 92.57 -7.81
N PHE GA 645 -35.83 91.32 -7.63
CA PHE GA 645 -35.46 90.21 -8.49
C PHE GA 645 -36.64 89.88 -9.38
N GLY GA 646 -36.42 89.86 -10.68
CA GLY GA 646 -37.42 89.38 -11.61
C GLY GA 646 -37.29 87.89 -11.76
N LEU GA 647 -38.35 87.15 -11.47
CA LEU GA 647 -38.34 85.71 -11.52
C LEU GA 647 -39.36 85.22 -12.53
N LYS GA 648 -38.95 84.29 -13.40
CA LYS GA 648 -39.91 83.67 -14.30
C LYS GA 648 -40.90 82.80 -13.54
N ASN GA 649 -40.40 82.02 -12.57
CA ASN GA 649 -41.23 81.25 -11.65
C ASN GA 649 -41.02 81.83 -10.26
N PRO GA 650 -41.77 82.85 -9.88
CA PRO GA 650 -41.59 83.45 -8.56
C PRO GA 650 -42.17 82.55 -7.49
N PRO GA 651 -42.02 82.90 -6.21
CA PRO GA 651 -42.73 82.17 -5.17
C PRO GA 651 -44.22 82.19 -5.42
N PRO GA 652 -44.87 81.03 -5.43
CA PRO GA 652 -46.29 80.99 -5.80
C PRO GA 652 -47.17 81.62 -4.73
N GLN GA 653 -48.37 81.99 -5.17
CA GLN GA 653 -49.36 82.56 -4.27
C GLN GA 653 -49.96 81.47 -3.39
N ILE GA 654 -50.01 81.72 -2.10
CA ILE GA 654 -50.70 80.86 -1.15
C ILE GA 654 -52.05 81.49 -0.87
N LEU GA 655 -53.10 80.76 -1.21
CA LEU GA 655 -54.47 81.26 -1.10
C LEU GA 655 -55.21 80.48 -0.04
N ILE GA 656 -55.94 81.19 0.79
CA ILE GA 656 -56.55 80.64 1.99
C ILE GA 656 -57.96 81.21 2.12
N LYS GA 657 -58.90 80.38 2.53
CA LYS GA 657 -60.22 80.90 2.84
C LYS GA 657 -60.89 80.01 3.86
N ASN GA 658 -61.89 80.55 4.53
CA ASN GA 658 -62.69 79.77 5.46
C ASN GA 658 -63.71 78.97 4.68
N THR GA 659 -63.82 77.68 4.97
CA THR GA 659 -64.85 76.89 4.33
C THR GA 659 -66.21 77.35 4.81
N PRO GA 660 -67.15 77.65 3.93
CA PRO GA 660 -68.47 78.12 4.37
C PRO GA 660 -69.20 77.06 5.19
N VAL GA 661 -69.83 77.50 6.27
CA VAL GA 661 -70.66 76.66 7.11
C VAL GA 661 -72.09 77.16 7.00
N PRO GA 662 -72.99 76.44 6.33
CA PRO GA 662 -74.36 76.93 6.18
C PRO GA 662 -75.10 76.99 7.50
N ALA GA 663 -76.04 77.92 7.57
CA ALA GA 663 -76.94 78.00 8.72
C ALA GA 663 -78.03 76.96 8.57
N ASN GA 664 -79.06 77.07 9.39
CA ASN GA 664 -80.12 76.08 9.44
C ASN GA 664 -80.88 76.04 8.10
N PRO GA 665 -80.92 74.90 7.40
CA PRO GA 665 -81.64 74.84 6.14
C PRO GA 665 -83.14 74.73 6.39
N PRO GA 666 -83.96 75.01 5.38
CA PRO GA 666 -85.41 74.86 5.55
C PRO GA 666 -85.81 73.41 5.68
N ALA GA 667 -87.02 73.21 6.23
CA ALA GA 667 -87.55 71.85 6.38
C ALA GA 667 -87.84 71.20 5.04
N GLU GA 668 -88.37 71.96 4.08
CA GLU GA 668 -88.60 71.50 2.73
C GLU GA 668 -87.43 71.86 1.83
N PHE GA 669 -87.22 71.03 0.81
CA PHE GA 669 -86.10 71.21 -0.09
C PHE GA 669 -86.27 72.43 -0.98
N SER GA 670 -85.19 73.17 -1.17
CA SER GA 670 -85.15 74.31 -2.07
C SER GA 670 -83.88 74.23 -2.90
N ALA GA 671 -84.01 74.34 -4.21
CA ALA GA 671 -82.85 74.28 -5.08
C ALA GA 671 -82.10 75.60 -5.16
N THR GA 672 -82.68 76.67 -4.64
CA THR GA 672 -81.96 77.94 -4.57
C THR GA 672 -80.70 77.78 -3.74
N LYS GA 673 -79.59 78.31 -4.25
CA LYS GA 673 -78.32 78.12 -3.56
C LYS GA 673 -78.33 78.81 -2.20
N PHE GA 674 -77.56 78.26 -1.28
CA PHE GA 674 -77.53 78.76 0.08
C PHE GA 674 -77.01 80.19 0.12
N ALA GA 675 -77.67 81.03 0.91
CA ALA GA 675 -77.23 82.39 1.13
C ALA GA 675 -77.07 82.70 2.61
N SER GA 676 -77.55 81.85 3.49
CA SER GA 676 -77.45 82.04 4.93
C SER GA 676 -76.31 81.16 5.44
N PHE GA 677 -75.28 81.80 5.99
CA PHE GA 677 -74.10 81.10 6.47
C PHE GA 677 -73.83 81.49 7.91
N ILE GA 678 -73.17 80.58 8.61
CA ILE GA 678 -72.70 80.85 9.96
C ILE GA 678 -71.49 81.77 9.86
N THR GA 679 -71.54 82.90 10.56
CA THR GA 679 -70.51 83.92 10.44
C THR GA 679 -69.29 83.48 11.23
N GLN GA 680 -68.14 83.40 10.56
CA GLN GA 680 -66.95 82.97 11.26
C GLN GA 680 -65.70 83.54 10.59
N TYR GA 681 -64.61 83.53 11.35
CA TYR GA 681 -63.31 83.91 10.86
C TYR GA 681 -62.31 82.90 11.36
N SER GA 682 -61.04 83.07 10.99
CA SER GA 682 -60.00 82.18 11.47
C SER GA 682 -58.77 82.98 11.83
N THR GA 683 -57.96 82.40 12.70
CA THR GA 683 -56.70 83.00 13.12
C THR GA 683 -55.65 81.91 13.15
N GLY GA 684 -54.39 82.32 13.11
CA GLY GA 684 -53.34 81.34 13.15
C GLY GA 684 -51.99 81.97 13.07
N GLN GA 685 -50.98 81.12 12.91
CA GLN GA 685 -49.59 81.54 12.81
C GLN GA 685 -49.03 81.12 11.45
N VAL GA 686 -48.21 81.99 10.89
CA VAL GA 686 -47.56 81.75 9.61
C VAL GA 686 -46.06 81.95 9.78
N SER GA 687 -45.28 81.02 9.27
CA SER GA 687 -43.82 81.08 9.30
C SER GA 687 -43.29 81.09 7.88
N VAL GA 688 -42.35 81.99 7.61
CA VAL GA 688 -41.62 82.03 6.35
C VAL GA 688 -40.14 82.04 6.67
N GLU GA 689 -39.40 81.11 6.06
CA GLU GA 689 -37.96 81.01 6.22
C GLU GA 689 -37.32 81.13 4.85
N ILE GA 690 -36.47 82.13 4.66
CA ILE GA 690 -35.74 82.31 3.41
C ILE GA 690 -34.25 82.17 3.66
N GLU GA 691 -33.61 81.32 2.90
CA GLU GA 691 -32.16 81.28 2.78
C GLU GA 691 -31.72 82.20 1.65
N TRP GA 692 -30.78 83.10 1.97
CA TRP GA 692 -30.20 84.04 1.03
C TRP GA 692 -28.71 83.77 0.88
N GLU GA 693 -28.23 83.80 -0.35
CA GLU GA 693 -26.82 83.73 -0.65
C GLU GA 693 -26.22 85.13 -0.66
N LEU GA 694 -25.08 85.26 -0.02
CA LEU GA 694 -24.36 86.52 0.11
C LEU GA 694 -23.16 86.53 -0.83
N GLN GA 695 -22.78 87.74 -1.23
CA GLN GA 695 -21.60 87.97 -2.05
C GLN GA 695 -20.77 88.99 -1.28
N LYS GA 696 -19.70 88.50 -0.67
CA LYS GA 696 -18.89 89.28 0.25
C LYS GA 696 -18.04 90.30 -0.50
N GLU GA 697 -17.78 91.41 0.16
CA GLU GA 697 -16.84 92.40 -0.36
C GLU GA 697 -15.44 91.81 -0.37
N ASN GA 698 -14.65 92.17 -1.37
CA ASN GA 698 -13.25 91.79 -1.47
C ASN GA 698 -12.38 93.01 -1.75
N SER GA 699 -12.70 94.13 -1.10
CA SER GA 699 -12.16 95.42 -1.50
C SER GA 699 -10.73 95.61 -1.00
N LYS GA 700 -9.95 96.34 -1.78
CA LYS GA 700 -8.62 96.75 -1.40
C LYS GA 700 -8.55 98.24 -1.09
N ARG GA 701 -9.71 98.86 -0.89
CA ARG GA 701 -9.78 100.27 -0.56
C ARG GA 701 -9.11 100.55 0.77
N TRP GA 702 -8.37 101.66 0.84
CA TRP GA 702 -7.60 101.98 2.03
C TRP GA 702 -8.41 102.76 3.06
N ASN GA 703 -9.06 103.84 2.63
CA ASN GA 703 -9.82 104.66 3.54
C ASN GA 703 -11.11 103.96 3.97
N PRO GA 704 -11.68 104.35 5.09
CA PRO GA 704 -12.91 103.69 5.56
C PRO GA 704 -14.08 103.95 4.64
N GLU GA 705 -15.00 103.00 4.60
CA GLU GA 705 -16.19 103.05 3.78
C GLU GA 705 -17.31 103.82 4.47
N VAL GA 706 -18.28 104.24 3.67
CA VAL GA 706 -19.53 104.78 4.20
C VAL GA 706 -20.40 103.62 4.65
N GLN GA 707 -20.91 103.70 5.87
CA GLN GA 707 -21.75 102.68 6.44
C GLN GA 707 -23.08 103.29 6.85
N TYR GA 708 -24.13 102.47 6.86
CA TYR GA 708 -25.37 102.89 7.47
C TYR GA 708 -25.23 102.80 8.99
N THR GA 709 -25.54 103.88 9.68
CA THR GA 709 -25.35 103.92 11.12
C THR GA 709 -26.55 104.57 11.79
N SER GA 710 -26.78 104.18 13.04
CA SER GA 710 -27.67 104.92 13.90
C SER GA 710 -27.02 106.24 14.31
N ASN GA 711 -27.85 107.25 14.50
CA ASN GA 711 -27.35 108.53 14.99
C ASN GA 711 -27.17 108.44 16.50
N TYR GA 712 -25.99 108.83 16.97
CA TYR GA 712 -25.71 108.92 18.40
C TYR GA 712 -26.09 110.33 18.83
N ALA GA 713 -27.16 110.44 19.61
CA ALA GA 713 -27.61 111.71 20.14
C ALA GA 713 -28.79 111.45 21.06
N LYS GA 714 -28.95 112.31 22.05
CA LYS GA 714 -30.13 112.22 22.89
C LYS GA 714 -31.36 112.51 22.04
N SER GA 715 -32.27 111.54 21.97
CA SER GA 715 -33.49 111.66 21.20
C SER GA 715 -34.65 111.18 22.05
N ALA GA 716 -35.83 111.73 21.78
CA ALA GA 716 -37.00 111.33 22.55
C ALA GA 716 -37.34 109.87 22.34
N ASN GA 717 -37.04 109.34 21.16
CA ASN GA 717 -37.30 107.94 20.82
C ASN GA 717 -36.06 107.32 20.20
N VAL GA 718 -36.05 106.01 20.14
CA VAL GA 718 -35.04 105.26 19.40
C VAL GA 718 -35.62 104.92 18.04
N ASP GA 719 -34.78 105.02 17.01
CA ASP GA 719 -35.23 104.71 15.65
C ASP GA 719 -35.55 103.24 15.50
N PHE GA 720 -36.57 102.96 14.70
CA PHE GA 720 -37.02 101.58 14.43
C PHE GA 720 -37.45 100.87 15.71
N THR GA 721 -38.22 101.57 16.53
CA THR GA 721 -38.75 101.00 17.76
C THR GA 721 -40.22 101.34 17.91
N VAL GA 722 -40.79 101.05 19.06
CA VAL GA 722 -42.16 101.41 19.38
C VAL GA 722 -42.13 102.69 20.18
N ASP GA 723 -43.25 103.42 20.18
CA ASP GA 723 -43.38 104.60 21.01
C ASP GA 723 -44.09 104.22 22.30
N ASN GA 724 -44.48 105.23 23.09
CA ASN GA 724 -45.18 104.95 24.34
C ASN GA 724 -46.58 104.41 24.11
N ASN GA 725 -47.13 104.54 22.90
CA ASN GA 725 -48.42 103.97 22.58
C ASN GA 725 -48.33 102.57 21.99
N GLY GA 726 -47.13 102.07 21.74
CA GLY GA 726 -46.96 100.74 21.20
C GLY GA 726 -46.93 100.66 19.69
N LEU GA 727 -46.73 101.77 19.00
CA LEU GA 727 -46.77 101.81 17.55
C LEU GA 727 -45.37 101.72 16.98
N TYR GA 728 -45.10 100.67 16.23
CA TYR GA 728 -43.81 100.51 15.56
C TYR GA 728 -43.75 101.43 14.36
N THR GA 729 -42.66 102.17 14.25
CA THR GA 729 -42.45 103.09 13.13
C THR GA 729 -41.06 102.91 12.56
N GLU GA 730 -40.94 103.17 11.27
CA GLU GA 730 -39.65 103.18 10.58
C GLU GA 730 -39.33 104.61 10.16
N PRO GA 731 -38.34 105.25 10.76
CA PRO GA 731 -38.11 106.69 10.49
C PRO GA 731 -37.72 107.02 9.05
N ARG GA 732 -37.02 106.14 8.38
CA ARG GA 732 -36.48 106.46 7.06
C ARG GA 732 -36.39 105.18 6.25
N PRO GA 733 -36.38 105.29 4.91
CA PRO GA 733 -36.09 104.11 4.08
C PRO GA 733 -34.59 103.90 3.97
N ILE GA 734 -34.16 102.65 4.13
CA ILE GA 734 -32.75 102.28 4.06
C ILE GA 734 -32.51 101.50 2.79
N GLY GA 735 -31.58 101.99 1.97
CA GLY GA 735 -31.16 101.28 0.78
C GLY GA 735 -30.08 100.26 1.09
N THR GA 736 -29.35 99.87 0.04
CA THR GA 736 -28.32 98.85 0.16
C THR GA 736 -26.93 99.33 -0.21
N ARG GA 737 -26.82 100.40 -0.98
CA ARG GA 737 -25.55 100.76 -1.62
C ARG GA 737 -24.73 101.63 -0.68
N TYR GA 738 -23.92 101.00 0.16
CA TYR GA 738 -23.05 101.73 1.08
C TYR GA 738 -21.58 101.41 0.81
N LEU GA 739 -21.26 100.13 0.70
CA LEU GA 739 -19.92 99.74 0.26
C LEU GA 739 -19.71 100.20 -1.18
N THR GA 740 -18.46 100.27 -1.59
CA THR GA 740 -18.14 100.68 -2.95
C THR GA 740 -17.24 99.67 -3.62
N ARG GA 741 -17.19 99.74 -4.94
CA ARG GA 741 -16.26 98.94 -5.72
C ARG GA 741 -15.90 99.73 -6.97
N PRO GA 742 -14.74 99.47 -7.56
CA PRO GA 742 -14.36 100.20 -8.77
C PRO GA 742 -15.21 99.82 -9.96
N LEU GA 743 -15.43 100.79 -10.83
CA LEU GA 743 -16.33 100.62 -11.97
C LEU GA 743 -15.70 99.75 -13.05
N ASP HA 219 -61.41 60.16 12.75
CA ASP HA 219 -60.00 60.39 13.04
C ASP HA 219 -59.81 61.52 14.05
N GLY HA 220 -60.90 62.06 14.57
CA GLY HA 220 -60.86 63.05 15.62
C GLY HA 220 -61.67 64.28 15.28
N VAL HA 221 -61.91 65.07 16.33
CA VAL HA 221 -62.64 66.32 16.18
C VAL HA 221 -61.80 67.37 15.45
N GLY HA 222 -60.51 67.45 15.76
CA GLY HA 222 -59.68 68.51 15.22
C GLY HA 222 -58.84 68.14 14.03
N ASN HA 223 -59.20 67.05 13.36
CA ASN HA 223 -58.46 66.56 12.20
C ASN HA 223 -59.43 66.44 11.04
N ALA HA 224 -59.10 67.07 9.92
CA ALA HA 224 -59.95 67.00 8.74
C ALA HA 224 -59.88 65.62 8.12
N SER HA 225 -61.03 65.10 7.68
CA SER HA 225 -61.10 63.75 7.12
C SER HA 225 -61.02 63.74 5.60
N GLY HA 226 -60.78 64.89 4.97
CA GLY HA 226 -60.59 64.89 3.54
C GLY HA 226 -60.16 66.27 3.08
N ASN HA 227 -59.73 66.33 1.82
CA ASN HA 227 -59.27 67.55 1.19
C ASN HA 227 -60.18 67.92 0.04
N TRP HA 228 -60.04 69.16 -0.42
CA TRP HA 228 -60.81 69.65 -1.55
C TRP HA 228 -60.14 69.17 -2.83
N HIS HA 229 -60.81 68.31 -3.56
CA HIS HA 229 -60.31 67.76 -4.82
C HIS HA 229 -61.27 68.18 -5.93
N CYS HA 230 -60.98 69.29 -6.56
CA CYS HA 230 -61.76 69.78 -7.70
C CYS HA 230 -60.79 70.10 -8.83
N ASP HA 231 -60.80 69.29 -9.86
CA ASP HA 231 -59.75 69.33 -10.88
C ASP HA 231 -60.27 68.66 -12.13
N SER HA 232 -59.46 68.67 -13.17
CA SER HA 232 -59.75 67.94 -14.40
C SER HA 232 -58.42 67.61 -15.07
N THR HA 233 -58.13 66.33 -15.24
CA THR HA 233 -56.87 65.88 -15.82
C THR HA 233 -57.17 65.23 -17.17
N TRP HA 234 -56.48 65.69 -18.20
CA TRP HA 234 -56.67 65.18 -19.54
C TRP HA 234 -55.47 64.31 -19.92
N LEU HA 235 -55.71 63.02 -20.04
CA LEU HA 235 -54.71 62.09 -20.54
C LEU HA 235 -54.93 61.94 -22.04
N GLY HA 236 -54.26 60.97 -22.67
CA GLY HA 236 -54.40 60.81 -24.10
C GLY HA 236 -55.81 60.44 -24.53
N ASP HA 237 -56.37 59.40 -23.92
CA ASP HA 237 -57.70 58.93 -24.27
C ASP HA 237 -58.67 58.94 -23.11
N ARG HA 238 -58.26 59.43 -21.94
CA ARG HA 238 -59.13 59.54 -20.79
C ARG HA 238 -59.18 60.98 -20.34
N VAL HA 239 -60.25 61.33 -19.65
CA VAL HA 239 -60.30 62.56 -18.87
C VAL HA 239 -60.88 62.21 -17.51
N ILE HA 240 -60.24 62.67 -16.45
CA ILE HA 240 -60.69 62.45 -15.09
C ILE HA 240 -61.15 63.78 -14.52
N THR HA 241 -62.43 63.85 -14.17
CA THR HA 241 -63.03 65.05 -13.61
C THR HA 241 -63.32 64.81 -12.14
N THR HA 242 -62.83 65.69 -11.28
CA THR HA 242 -63.09 65.66 -9.85
C THR HA 242 -63.85 66.91 -9.44
N SER HA 243 -64.84 66.74 -8.59
CA SER HA 243 -65.68 67.85 -8.12
C SER HA 243 -65.94 67.71 -6.64
N THR HA 244 -65.63 68.75 -5.88
CA THR HA 244 -65.97 68.83 -4.47
C THR HA 244 -66.98 69.94 -4.27
N ARG HA 245 -67.98 69.68 -3.45
CA ARG HA 245 -69.02 70.64 -3.12
C ARG HA 245 -69.31 70.59 -1.63
N THR HA 246 -69.88 71.67 -1.12
CA THR HA 246 -70.32 71.75 0.26
C THR HA 246 -71.83 71.57 0.30
N TRP HA 247 -72.28 70.62 1.11
CA TRP HA 247 -73.69 70.29 1.21
C TRP HA 247 -74.22 70.56 2.62
N ALA HA 248 -75.51 70.86 2.68
CA ALA HA 248 -76.27 70.98 3.91
C ALA HA 248 -77.45 70.02 3.84
N LEU HA 249 -77.58 69.20 4.89
CA LEU HA 249 -78.65 68.21 4.99
C LEU HA 249 -79.52 68.54 6.19
N PRO HA 250 -80.79 68.86 6.00
CA PRO HA 250 -81.67 69.11 7.15
C PRO HA 250 -82.31 67.83 7.66
N THR HA 251 -83.19 67.97 8.65
CA THR HA 251 -84.04 66.87 9.07
C THR HA 251 -85.34 66.95 8.28
N TYR HA 252 -85.69 65.85 7.61
CA TYR HA 252 -86.87 65.80 6.77
C TYR HA 252 -87.97 65.04 7.48
N ASN HA 253 -89.19 65.60 7.46
CA ASN HA 253 -90.40 64.96 7.97
C ASN HA 253 -90.41 64.76 9.47
N ASN HA 254 -89.50 65.42 10.20
CA ASN HA 254 -89.31 65.15 11.62
C ASN HA 254 -88.98 63.68 11.86
N HIS HA 255 -88.10 63.13 11.02
CA HIS HA 255 -87.63 61.75 11.13
C HIS HA 255 -88.75 60.73 10.90
N LEU HA 256 -89.76 61.12 10.15
CA LEU HA 256 -90.93 60.27 9.95
C LEU HA 256 -91.02 59.82 8.50
N TYR HA 257 -91.57 58.62 8.32
CA TYR HA 257 -92.00 58.14 7.01
C TYR HA 257 -93.46 58.51 6.84
N LYS HA 258 -93.79 59.21 5.78
CA LYS HA 258 -95.15 59.66 5.56
C LYS HA 258 -95.67 59.10 4.24
N GLN HA 259 -96.95 58.72 4.24
CA GLN HA 259 -97.62 58.26 3.04
C GLN HA 259 -98.22 59.45 2.32
N ILE HA 260 -97.88 59.61 1.05
CA ILE HA 260 -98.34 60.74 0.26
C ILE HA 260 -99.15 60.22 -0.91
N SER HA 261 -100.17 60.98 -1.28
CA SER HA 261 -101.02 60.66 -2.42
C SER HA 261 -101.64 61.94 -2.94
N SER HA 262 -102.54 61.80 -3.90
CA SER HA 262 -103.20 62.93 -4.53
C SER HA 262 -104.61 63.15 -4.02
N ALA HA 263 -105.02 62.42 -2.97
CA ALA HA 263 -106.39 62.49 -2.50
C ALA HA 263 -106.74 63.88 -1.99
N SER HA 264 -105.86 64.48 -1.19
CA SER HA 264 -106.10 65.83 -0.73
C SER HA 264 -105.88 66.85 -1.84
N THR HA 265 -104.97 66.56 -2.77
CA THR HA 265 -104.71 67.47 -3.87
C THR HA 265 -105.94 67.64 -4.75
N GLY HA 266 -106.70 66.57 -4.95
CA GLY HA 266 -107.84 66.64 -5.86
C GLY HA 266 -107.44 66.84 -7.29
N ALA HA 267 -106.44 66.09 -7.76
CA ALA HA 267 -105.92 66.23 -9.11
C ALA HA 267 -106.81 65.50 -10.12
N SER HA 268 -106.47 65.63 -11.39
CA SER HA 268 -107.14 64.90 -12.43
C SER HA 268 -106.71 63.43 -12.42
N ASN HA 269 -107.44 62.60 -13.18
CA ASN HA 269 -107.13 61.18 -13.21
C ASN HA 269 -105.72 60.92 -13.74
N ASP HA 270 -105.21 61.80 -14.60
CA ASP HA 270 -103.87 61.64 -15.15
C ASP HA 270 -102.78 61.95 -14.15
N ASN HA 271 -103.07 62.72 -13.11
CA ASN HA 271 -102.07 63.19 -12.16
C ASN HA 271 -102.17 62.49 -10.81
N HIS HA 272 -102.97 61.44 -10.71
CA HIS HA 272 -103.10 60.70 -9.47
C HIS HA 272 -101.83 59.94 -9.15
N TYR HA 273 -101.50 59.84 -7.87
CA TYR HA 273 -100.32 59.10 -7.46
C TYR HA 273 -100.47 58.62 -6.03
N PHE HA 274 -99.64 57.65 -5.68
CA PHE HA 274 -99.55 57.12 -4.33
C PHE HA 274 -98.09 56.78 -4.07
N GLY HA 275 -97.59 57.17 -2.92
CA GLY HA 275 -96.20 56.89 -2.62
C GLY HA 275 -95.85 57.20 -1.20
N TYR HA 276 -94.55 57.34 -0.97
CA TYR HA 276 -94.03 57.57 0.37
C TYR HA 276 -92.94 58.62 0.36
N SER HA 277 -92.89 59.39 1.42
CA SER HA 277 -91.86 60.39 1.68
C SER HA 277 -91.00 59.89 2.82
N THR HA 278 -89.70 59.77 2.61
CA THR HA 278 -88.85 59.29 3.67
C THR HA 278 -88.11 60.43 4.35
N PRO HA 279 -87.59 60.23 5.55
CA PRO HA 279 -86.75 61.25 6.18
C PRO HA 279 -85.33 61.33 5.63
N TRP HA 280 -85.01 60.56 4.61
CA TRP HA 280 -83.67 60.53 4.04
C TRP HA 280 -83.54 61.54 2.91
N GLY HA 281 -82.32 62.01 2.69
CA GLY HA 281 -81.94 62.71 1.50
C GLY HA 281 -81.03 61.82 0.66
N TYR HA 282 -80.80 62.25 -0.57
CA TYR HA 282 -79.94 61.49 -1.46
C TYR HA 282 -78.97 62.43 -2.16
N PHE HA 283 -77.87 61.86 -2.61
CA PHE HA 283 -76.84 62.59 -3.34
C PHE HA 283 -77.03 62.37 -4.83
N ASP HA 284 -77.06 63.48 -5.58
CA ASP HA 284 -77.28 63.45 -7.01
C ASP HA 284 -76.16 64.19 -7.72
N PHE HA 285 -75.51 63.52 -8.66
CA PHE HA 285 -74.53 64.16 -9.51
C PHE HA 285 -74.75 63.70 -10.95
N ASN HA 286 -76.02 63.66 -11.37
CA ASN HA 286 -76.41 63.16 -12.67
C ASN HA 286 -76.64 64.29 -13.67
N ARG HA 287 -75.82 65.31 -13.65
CA ARG HA 287 -75.77 66.33 -14.68
C ARG HA 287 -74.33 66.53 -15.10
N PHE HA 288 -74.13 66.94 -16.35
CA PHE HA 288 -72.77 67.01 -16.86
C PHE HA 288 -72.00 68.19 -16.27
N HIS HA 289 -72.69 69.25 -15.88
CA HIS HA 289 -71.99 70.41 -15.32
C HIS HA 289 -71.62 70.21 -13.85
N CYS HA 290 -72.07 69.12 -13.22
CA CYS HA 290 -71.53 68.75 -11.91
C CYS HA 290 -70.09 68.29 -12.02
N HIS HA 291 -69.63 67.97 -13.21
CA HIS HA 291 -68.31 67.40 -13.42
C HIS HA 291 -67.45 68.19 -14.39
N PHE HA 292 -68.03 68.84 -15.39
CA PHE HA 292 -67.28 69.58 -16.39
C PHE HA 292 -67.49 71.07 -16.19
N SER HA 293 -66.41 71.83 -16.16
CA SER HA 293 -66.51 73.26 -16.34
C SER HA 293 -66.88 73.54 -17.79
N PRO HA 294 -67.41 74.72 -18.09
CA PRO HA 294 -67.68 75.04 -19.50
C PRO HA 294 -66.44 74.97 -20.39
N ARG HA 295 -65.28 75.35 -19.88
CA ARG HA 295 -64.04 75.21 -20.63
C ARG HA 295 -63.72 73.75 -20.91
N ASP HA 296 -63.89 72.88 -19.91
CA ASP HA 296 -63.65 71.46 -20.10
C ASP HA 296 -64.64 70.85 -21.08
N TRP HA 297 -65.90 71.28 -21.00
CA TRP HA 297 -66.90 70.81 -21.95
C TRP HA 297 -66.55 71.21 -23.37
N GLN HA 298 -66.13 72.46 -23.55
CA GLN HA 298 -65.72 72.90 -24.87
C GLN HA 298 -64.51 72.12 -25.38
N ARG HA 299 -63.54 71.88 -24.50
CA ARG HA 299 -62.38 71.08 -24.86
C ARG HA 299 -62.77 69.67 -25.27
N LEU HA 300 -63.74 69.09 -24.60
CA LEU HA 300 -64.21 67.75 -24.95
C LEU HA 300 -64.92 67.74 -26.29
N ILE HA 301 -65.89 68.65 -26.47
CA ILE HA 301 -66.77 68.59 -27.63
C ILE HA 301 -66.11 69.11 -28.90
N ASN HA 302 -65.07 69.93 -28.79
CA ASN HA 302 -64.40 70.43 -29.97
C ASN HA 302 -63.34 69.48 -30.49
N ASN HA 303 -63.01 68.44 -29.75
CA ASN HA 303 -61.88 67.60 -30.07
C ASN HA 303 -62.18 66.13 -30.11
N ASN HA 304 -63.30 65.67 -29.57
CA ASN HA 304 -63.56 64.25 -29.46
C ASN HA 304 -64.78 63.86 -30.28
N TRP HA 305 -64.69 62.72 -30.95
CA TRP HA 305 -65.82 62.16 -31.67
C TRP HA 305 -66.79 61.43 -30.76
N GLY HA 306 -66.36 61.02 -29.58
CA GLY HA 306 -67.29 60.39 -28.67
C GLY HA 306 -66.72 60.29 -27.28
N PHE HA 307 -67.59 59.97 -26.33
CA PHE HA 307 -67.10 59.80 -24.97
C PHE HA 307 -68.06 58.93 -24.18
N ARG HA 308 -67.56 58.37 -23.08
CA ARG HA 308 -68.40 57.56 -22.21
C ARG HA 308 -67.74 57.49 -20.83
N PRO HA 309 -68.51 57.18 -19.78
CA PRO HA 309 -67.92 57.03 -18.45
C PRO HA 309 -67.40 55.64 -18.16
N LYS HA 310 -66.22 55.59 -17.54
CA LYS HA 310 -65.53 54.37 -17.16
C LYS HA 310 -65.67 54.07 -15.68
N ARG HA 311 -65.35 55.01 -14.79
CA ARG HA 311 -65.43 54.65 -13.38
C ARG HA 311 -65.67 55.90 -12.55
N LEU HA 312 -66.06 55.69 -11.29
CA LEU HA 312 -66.26 56.82 -10.39
C LEU HA 312 -65.90 56.46 -8.97
N ASN HA 313 -65.47 57.48 -8.22
CA ASN HA 313 -65.21 57.45 -6.79
C ASN HA 313 -66.07 58.50 -6.13
N PHE HA 314 -66.65 58.15 -5.00
CA PHE HA 314 -67.49 59.04 -4.22
C PHE HA 314 -66.93 59.10 -2.81
N LYS HA 315 -66.78 60.30 -2.29
CA LYS HA 315 -66.29 60.49 -0.93
C LYS HA 315 -67.15 61.52 -0.21
N LEU HA 316 -67.37 61.27 1.06
CA LEU HA 316 -68.15 62.14 1.95
C LEU HA 316 -67.30 62.40 3.17
N PHE HA 317 -66.98 63.66 3.45
CA PHE HA 317 -65.99 63.95 4.46
C PHE HA 317 -66.30 65.28 5.13
N ASN HA 318 -65.64 65.51 6.26
CA ASN HA 318 -65.75 66.73 7.06
C ASN HA 318 -67.18 66.96 7.52
N ILE HA 319 -67.73 65.96 8.20
CA ILE HA 319 -69.10 66.03 8.69
C ILE HA 319 -69.16 66.94 9.90
N GLN HA 320 -70.15 67.84 9.92
CA GLN HA 320 -70.42 68.69 11.07
C GLN HA 320 -71.90 68.66 11.34
N VAL HA 321 -72.29 68.15 12.50
CA VAL HA 321 -73.68 68.19 12.93
C VAL HA 321 -73.89 69.42 13.80
N LYS HA 322 -74.92 70.19 13.49
CA LYS HA 322 -75.21 71.42 14.19
C LYS HA 322 -76.58 71.33 14.85
N GLU HA 323 -76.63 71.66 16.12
CA GLU HA 323 -77.86 71.77 16.90
C GLU HA 323 -78.42 73.19 16.82
N VAL HA 324 -79.73 73.30 16.64
CA VAL HA 324 -80.41 74.58 16.48
C VAL HA 324 -81.46 74.73 17.55
N THR HA 325 -81.44 75.87 18.27
CA THR HA 325 -82.48 76.21 19.23
C THR HA 325 -82.99 77.61 18.94
N THR HA 326 -84.30 77.76 18.77
CA THR HA 326 -84.91 79.07 18.57
C THR HA 326 -85.71 79.41 19.83
N ASN HA 327 -85.30 80.48 20.51
CA ASN HA 327 -85.97 80.99 21.70
C ASN HA 327 -86.25 82.47 21.54
N ASP HA 328 -87.49 82.87 21.80
CA ASP HA 328 -87.90 84.27 21.75
C ASP HA 328 -87.59 84.90 20.40
N GLY HA 329 -87.53 84.08 19.35
CA GLY HA 329 -87.27 84.54 18.02
C GLY HA 329 -85.82 84.54 17.60
N VAL HA 330 -84.89 84.37 18.55
CA VAL HA 330 -83.46 84.36 18.22
C VAL HA 330 -82.98 82.92 18.18
N THR HA 331 -82.10 82.64 17.21
CA THR HA 331 -81.66 81.29 16.90
C THR HA 331 -80.21 81.10 17.29
N THR HA 332 -79.95 80.04 18.05
CA THR HA 332 -78.62 79.64 18.45
C THR HA 332 -78.24 78.36 17.72
N ILE HA 333 -77.05 78.32 17.15
CA ILE HA 333 -76.52 77.13 16.50
C ILE HA 333 -75.26 76.74 17.23
N ALA HA 334 -75.16 75.47 17.61
CA ALA HA 334 -73.99 74.94 18.30
C ALA HA 334 -73.54 73.67 17.58
N ASN HA 335 -72.32 73.25 17.89
CA ASN HA 335 -71.83 71.98 17.37
C ASN HA 335 -72.30 70.84 18.25
N ASN HA 336 -72.72 69.76 17.61
CA ASN HA 336 -73.08 68.53 18.31
C ASN HA 336 -72.01 67.50 17.94
N LEU HA 337 -71.01 67.35 18.82
CA LEU HA 337 -69.84 66.55 18.48
C LEU HA 337 -70.11 65.06 18.50
N THR HA 338 -71.19 64.61 19.13
CA THR HA 338 -71.45 63.19 19.28
C THR HA 338 -72.59 62.69 18.42
N SER HA 339 -73.12 63.52 17.52
CA SER HA 339 -74.21 63.10 16.66
C SER HA 339 -73.66 62.47 15.38
N THR HA 340 -74.51 61.67 14.73
CA THR HA 340 -74.11 60.91 13.56
C THR HA 340 -75.01 61.20 12.37
N VAL HA 341 -74.46 61.00 11.19
CA VAL HA 341 -75.23 60.89 9.96
C VAL HA 341 -75.11 59.45 9.46
N GLN HA 342 -76.24 58.86 9.08
CA GLN HA 342 -76.25 57.54 8.47
C GLN HA 342 -76.17 57.69 6.96
N VAL HA 343 -75.24 56.96 6.34
CA VAL HA 343 -75.04 56.97 4.90
C VAL HA 343 -75.02 55.53 4.41
N PHE HA 344 -75.71 55.26 3.32
CA PHE HA 344 -75.53 53.97 2.67
C PHE HA 344 -75.72 54.12 1.17
N SER HA 345 -75.10 53.20 0.44
CA SER HA 345 -75.22 53.12 -1.01
C SER HA 345 -76.10 51.93 -1.36
N ASP HA 346 -77.07 52.16 -2.24
CA ASP HA 346 -77.99 51.09 -2.63
C ASP HA 346 -77.41 50.33 -3.81
N SER HA 347 -76.37 49.55 -3.52
CA SER HA 347 -75.58 48.91 -4.56
C SER HA 347 -76.29 47.75 -5.24
N GLU HA 348 -77.32 47.18 -4.61
CA GLU HA 348 -78.06 46.07 -5.19
C GLU HA 348 -79.37 46.52 -5.84
N TYR HA 349 -79.62 47.83 -5.92
CA TYR HA 349 -80.79 48.38 -6.59
C TYR HA 349 -82.08 47.78 -6.04
N GLN HA 350 -82.16 47.71 -4.72
CA GLN HA 350 -83.32 47.19 -4.03
C GLN HA 350 -84.36 48.26 -3.74
N LEU HA 351 -84.04 49.50 -3.99
CA LEU HA 351 -84.90 50.65 -3.77
C LEU HA 351 -85.40 51.19 -5.09
N PRO HA 352 -86.52 51.90 -5.09
CA PRO HA 352 -86.93 52.61 -6.30
C PRO HA 352 -85.87 53.64 -6.70
N TYR HA 353 -85.52 53.65 -7.97
CA TYR HA 353 -84.49 54.53 -8.49
C TYR HA 353 -85.13 55.83 -8.93
N VAL HA 354 -84.97 56.88 -8.13
CA VAL HA 354 -85.56 58.18 -8.47
C VAL HA 354 -84.58 59.07 -9.21
N LEU HA 355 -83.32 58.68 -9.29
CA LEU HA 355 -82.40 59.39 -10.18
C LEU HA 355 -82.77 59.07 -11.62
N GLY HA 356 -82.30 59.90 -12.54
CA GLY HA 356 -82.66 59.69 -13.92
C GLY HA 356 -84.03 60.21 -14.30
N SER HA 357 -84.66 61.00 -13.45
CA SER HA 357 -85.91 61.69 -13.77
C SER HA 357 -85.71 63.18 -13.92
N ALA HA 358 -84.46 63.64 -13.98
CA ALA HA 358 -84.11 65.05 -14.20
C ALA HA 358 -84.63 65.95 -13.09
N HIS HA 359 -84.30 65.60 -11.86
CA HIS HA 359 -84.76 66.36 -10.70
C HIS HA 359 -83.71 67.35 -10.24
N GLN HA 360 -84.18 68.38 -9.55
CA GLN HA 360 -83.29 69.32 -8.90
C GLN HA 360 -82.60 68.67 -7.71
N GLY HA 361 -81.52 69.30 -7.25
CA GLY HA 361 -80.80 68.77 -6.11
C GLY HA 361 -79.45 68.19 -6.42
N CYS HA 362 -79.01 68.29 -7.67
CA CYS HA 362 -77.67 67.85 -8.04
C CYS HA 362 -76.63 68.79 -7.44
N LEU HA 363 -75.37 68.39 -7.54
CA LEU HA 363 -74.30 69.31 -7.21
C LEU HA 363 -74.37 70.53 -8.11
N PRO HA 364 -74.21 71.72 -7.57
CA PRO HA 364 -74.29 72.93 -8.40
C PRO HA 364 -73.18 72.98 -9.43
N PRO HA 365 -73.40 73.64 -10.56
CA PRO HA 365 -72.33 73.74 -11.57
C PRO HA 365 -71.11 74.49 -11.07
N PHE HA 366 -71.30 75.52 -10.28
CA PHE HA 366 -70.19 76.33 -9.79
C PHE HA 366 -69.63 75.72 -8.50
N PRO HA 367 -68.33 75.44 -8.45
CA PRO HA 367 -67.77 74.77 -7.26
C PRO HA 367 -67.86 75.57 -5.98
N ALA HA 368 -68.10 76.88 -6.05
CA ALA HA 368 -68.22 77.69 -4.85
C ALA HA 368 -69.59 77.63 -4.22
N ASP HA 369 -70.57 77.01 -4.87
CA ASP HA 369 -71.94 77.04 -4.39
C ASP HA 369 -72.18 75.94 -3.36
N VAL HA 370 -72.94 76.27 -2.33
CA VAL HA 370 -73.32 75.34 -1.28
C VAL HA 370 -74.75 74.89 -1.54
N PHE HA 371 -74.97 73.57 -1.54
CA PHE HA 371 -76.26 73.05 -1.96
C PHE HA 371 -76.93 72.25 -0.86
N MET HA 372 -78.26 72.32 -0.84
CA MET HA 372 -79.10 71.57 0.07
C MET HA 372 -79.37 70.20 -0.53
N ILE HA 373 -79.37 69.18 0.32
CA ILE HA 373 -79.56 67.81 -0.16
C ILE HA 373 -81.06 67.54 -0.31
N PRO HA 374 -81.50 67.03 -1.46
CA PRO HA 374 -82.93 66.80 -1.68
C PRO HA 374 -83.47 65.61 -0.91
N GLN HA 375 -84.76 65.68 -0.58
CA GLN HA 375 -85.40 64.62 0.17
C GLN HA 375 -85.71 63.42 -0.71
N TYR HA 376 -85.61 62.22 -0.14
CA TYR HA 376 -85.93 61.01 -0.86
C TYR HA 376 -87.40 60.66 -0.70
N GLY HA 377 -88.03 60.31 -1.80
CA GLY HA 377 -89.39 59.81 -1.80
C GLY HA 377 -89.58 59.02 -3.05
N TYR HA 378 -90.58 58.15 -3.03
CA TYR HA 378 -90.83 57.30 -4.18
C TYR HA 378 -92.33 57.15 -4.36
N LEU HA 379 -92.70 56.67 -5.53
CA LEU HA 379 -94.08 56.35 -5.86
C LEU HA 379 -94.20 54.85 -6.05
N THR HA 380 -95.38 54.31 -5.77
CA THR HA 380 -95.66 52.90 -5.94
C THR HA 380 -96.94 52.77 -6.74
N LEU HA 381 -97.35 51.52 -6.98
CA LEU HA 381 -98.56 51.26 -7.75
C LEU HA 381 -99.76 51.95 -7.12
N ASN HA 382 -100.55 52.62 -7.93
CA ASN HA 382 -101.71 53.32 -7.45
C ASN HA 382 -102.91 53.05 -8.35
N ASN HA 383 -104.09 53.04 -7.74
CA ASN HA 383 -105.37 52.93 -8.41
C ASN HA 383 -106.13 54.22 -8.10
N GLY HA 384 -105.87 55.25 -8.88
CA GLY HA 384 -106.34 56.57 -8.51
C GLY HA 384 -105.44 57.13 -7.45
N SER HA 385 -106.03 57.63 -6.38
CA SER HA 385 -105.26 58.07 -5.22
C SER HA 385 -105.06 56.97 -4.19
N GLN HA 386 -105.51 55.74 -4.49
CA GLN HA 386 -105.42 54.62 -3.58
C GLN HA 386 -104.26 53.72 -3.96
N ALA HA 387 -103.94 52.80 -3.07
CA ALA HA 387 -102.90 51.80 -3.30
C ALA HA 387 -103.54 50.50 -3.75
N VAL HA 388 -102.71 49.50 -4.01
CA VAL HA 388 -103.14 48.15 -4.33
C VAL HA 388 -102.38 47.19 -3.43
N GLY HA 389 -102.66 45.90 -3.60
CA GLY HA 389 -101.97 44.90 -2.81
C GLY HA 389 -100.49 44.81 -3.12
N ARG HA 390 -100.13 45.02 -4.38
CA ARG HA 390 -98.75 44.92 -4.84
C ARG HA 390 -98.00 46.23 -4.68
N SER HA 391 -98.62 47.26 -4.12
CA SER HA 391 -97.91 48.47 -3.78
C SER HA 391 -96.88 48.17 -2.70
N SER HA 392 -95.65 48.62 -2.93
CA SER HA 392 -94.55 48.31 -2.03
C SER HA 392 -94.29 49.47 -1.08
N PHE HA 393 -93.75 49.13 0.07
CA PHE HA 393 -93.27 50.09 1.05
C PHE HA 393 -91.86 49.70 1.41
N TYR HA 394 -90.97 50.69 1.49
CA TYR HA 394 -89.56 50.45 1.78
C TYR HA 394 -89.18 51.29 2.99
N CYS HA 395 -88.78 50.62 4.07
CA CYS HA 395 -88.09 51.29 5.16
C CYS HA 395 -86.62 51.34 4.81
N LEU HA 396 -86.06 52.55 4.76
CA LEU HA 396 -84.64 52.68 4.46
C LEU HA 396 -83.76 52.43 5.66
N GLU HA 397 -84.33 52.40 6.87
CA GLU HA 397 -83.61 51.94 8.04
C GLU HA 397 -83.43 50.43 8.06
N TYR HA 398 -84.11 49.72 7.17
CA TYR HA 398 -83.96 48.29 7.00
C TYR HA 398 -82.75 47.93 6.15
N PHE HA 399 -81.82 48.85 5.99
CA PHE HA 399 -80.56 48.65 5.28
C PHE HA 399 -79.40 48.81 6.25
N PRO HA 400 -78.27 48.16 5.99
CA PRO HA 400 -77.04 48.48 6.74
C PRO HA 400 -76.52 49.85 6.34
N SER HA 401 -76.36 50.72 7.31
CA SER HA 401 -75.86 52.07 7.10
C SER HA 401 -74.54 52.23 7.85
N GLN HA 402 -73.68 53.08 7.32
CA GLN HA 402 -72.50 53.52 8.05
C GLN HA 402 -72.86 54.78 8.83
N MET HA 403 -72.59 54.77 10.12
CA MET HA 403 -72.83 55.92 10.99
C MET HA 403 -71.55 56.72 11.10
N LEU HA 404 -71.64 58.02 10.79
CA LEU HA 404 -70.49 58.90 10.71
C LEU HA 404 -70.61 59.98 11.76
N ARG HA 405 -69.64 60.03 12.66
CA ARG HA 405 -69.48 61.18 13.54
C ARG HA 405 -68.58 62.19 12.85
N THR HA 406 -68.21 63.26 13.55
CA THR HA 406 -67.53 64.37 12.89
C THR HA 406 -66.13 64.01 12.42
N GLY HA 407 -65.56 62.90 12.87
CA GLY HA 407 -64.23 62.52 12.44
C GLY HA 407 -64.19 61.43 11.39
N ASN HA 408 -65.36 60.96 10.95
CA ASN HA 408 -65.46 59.85 10.03
C ASN HA 408 -65.71 60.34 8.61
N ASN HA 409 -65.37 59.49 7.64
CA ASN HA 409 -65.68 59.73 6.24
C ASN HA 409 -66.26 58.48 5.63
N PHE HA 410 -66.75 58.63 4.41
CA PHE HA 410 -67.44 57.57 3.68
C PHE HA 410 -66.87 57.52 2.26
N THR HA 411 -66.50 56.34 1.79
CA THR HA 411 -65.98 56.20 0.44
C THR HA 411 -66.74 55.10 -0.29
N PHE HA 412 -66.78 55.21 -1.62
CA PHE HA 412 -67.50 54.23 -2.41
C PHE HA 412 -67.00 54.30 -3.85
N SER HA 413 -66.65 53.15 -4.42
CA SER HA 413 -66.20 53.08 -5.80
C SER HA 413 -67.20 52.35 -6.66
N TYR HA 414 -67.24 52.72 -7.94
CA TYR HA 414 -68.19 52.11 -8.86
C TYR HA 414 -67.56 52.06 -10.24
N THR HA 415 -67.81 50.97 -10.95
CA THR HA 415 -67.35 50.81 -12.33
C THR HA 415 -68.55 50.76 -13.25
N PHE HA 416 -68.51 51.58 -14.31
CA PHE HA 416 -69.56 51.57 -15.30
C PHE HA 416 -69.46 50.33 -16.17
N GLU HA 417 -70.61 49.82 -16.60
CA GLU HA 417 -70.65 48.78 -17.60
C GLU HA 417 -70.21 49.34 -18.94
N GLU HA 418 -69.88 48.43 -19.86
CA GLU HA 418 -69.45 48.83 -21.19
C GLU HA 418 -70.66 49.37 -21.95
N VAL HA 419 -70.79 50.69 -21.96
CA VAL HA 419 -71.87 51.38 -22.64
C VAL HA 419 -71.29 51.91 -23.94
N PRO HA 420 -72.07 52.09 -25.00
CA PRO HA 420 -71.53 52.71 -26.22
C PRO HA 420 -71.15 54.16 -25.99
N PHE HA 421 -70.15 54.60 -26.75
CA PHE HA 421 -69.77 56.01 -26.74
C PHE HA 421 -70.93 56.87 -27.16
N HIS HA 422 -71.14 57.97 -26.46
CA HIS HA 422 -72.01 59.01 -26.98
C HIS HA 422 -71.30 59.71 -28.13
N SER HA 423 -72.09 60.05 -29.15
CA SER HA 423 -71.62 60.62 -30.40
C SER HA 423 -71.51 62.12 -30.29
N SER HA 424 -70.28 62.63 -30.19
CA SER HA 424 -70.04 64.07 -30.18
C SER HA 424 -69.83 64.62 -31.57
N TYR HA 425 -70.44 64.00 -32.58
CA TYR HA 425 -70.26 64.40 -33.96
C TYR HA 425 -71.61 64.57 -34.63
N ALA HA 426 -71.62 65.38 -35.68
CA ALA HA 426 -72.65 65.41 -36.69
C ALA HA 426 -72.18 64.64 -37.91
N HIS HA 427 -73.09 64.39 -38.83
CA HIS HA 427 -72.78 63.71 -40.07
C HIS HA 427 -72.60 64.73 -41.19
N SER HA 428 -71.54 64.54 -41.98
CA SER HA 428 -71.26 65.40 -43.12
C SER HA 428 -72.09 65.04 -44.34
N GLN HA 429 -72.78 63.91 -44.32
CA GLN HA 429 -73.63 63.49 -45.41
C GLN HA 429 -75.04 63.25 -44.88
N SER HA 430 -76.01 63.39 -45.77
CA SER HA 430 -77.39 63.04 -45.47
C SER HA 430 -77.66 61.61 -45.96
N LEU HA 431 -78.64 60.98 -45.33
CA LEU HA 431 -78.91 59.57 -45.63
C LEU HA 431 -79.45 59.37 -47.04
N ASP HA 432 -80.16 60.35 -47.57
CA ASP HA 432 -80.67 60.28 -48.93
C ASP HA 432 -79.70 60.85 -49.96
N ARG HA 433 -78.46 61.07 -49.57
CA ARG HA 433 -77.44 61.65 -50.44
C ARG HA 433 -76.13 60.89 -50.30
N LEU HA 434 -76.20 59.56 -50.29
CA LEU HA 434 -75.04 58.72 -50.07
C LEU HA 434 -74.46 58.17 -51.37
N MET HA 435 -74.94 58.65 -52.50
CA MET HA 435 -74.57 58.11 -53.80
C MET HA 435 -73.42 58.90 -54.41
N ASN HA 436 -72.81 58.30 -55.43
CA ASN HA 436 -71.90 59.03 -56.30
C ASN HA 436 -72.71 59.96 -57.19
N PRO HA 437 -72.49 61.27 -57.14
CA PRO HA 437 -73.26 62.20 -57.96
C PRO HA 437 -72.84 62.26 -59.42
N LEU HA 438 -71.89 61.44 -59.87
CA LEU HA 438 -71.45 61.45 -61.25
C LEU HA 438 -71.84 60.23 -62.04
N ILE HA 439 -72.05 59.10 -61.37
CA ILE HA 439 -72.28 57.82 -62.04
C ILE HA 439 -73.76 57.47 -61.93
N ASP HA 440 -74.29 56.86 -62.99
CA ASP HA 440 -75.64 56.35 -62.96
C ASP HA 440 -75.69 55.04 -62.19
N GLN HA 441 -76.90 54.54 -62.00
CA GLN HA 441 -77.12 53.24 -61.39
C GLN HA 441 -77.35 52.19 -62.46
N TYR HA 442 -77.25 50.93 -62.08
CA TYR HA 442 -77.67 49.85 -62.94
C TYR HA 442 -79.07 49.36 -62.61
N LEU HA 443 -79.76 50.03 -61.69
CA LEU HA 443 -81.10 49.68 -61.29
C LEU HA 443 -82.10 50.61 -61.94
N TYR HA 444 -83.21 50.06 -62.40
CA TYR HA 444 -84.25 50.82 -63.05
C TYR HA 444 -85.44 50.98 -62.11
N TYR HA 445 -86.23 52.02 -62.36
CA TYR HA 445 -87.43 52.29 -61.60
C TYR HA 445 -88.53 52.69 -62.57
N LEU HA 446 -89.77 52.48 -62.16
CA LEU HA 446 -90.90 52.92 -62.97
C LEU HA 446 -90.99 54.43 -62.91
N ASN HA 447 -90.84 55.09 -64.06
CA ASN HA 447 -90.79 56.54 -64.13
C ASN HA 447 -92.10 57.15 -64.60
N ARG HA 448 -92.73 56.57 -65.61
CA ARG HA 448 -93.99 57.07 -66.15
C ARG HA 448 -94.97 55.91 -66.27
N THR HA 449 -96.22 56.16 -65.92
CA THR HA 449 -97.31 55.27 -66.29
C THR HA 449 -98.22 55.89 -67.33
N GLN HA 450 -97.82 56.99 -67.95
CA GLN HA 450 -98.53 57.61 -69.05
C GLN HA 450 -97.52 57.96 -70.14
N ASN HA 451 -98.02 58.21 -71.34
CA ASN HA 451 -97.15 58.55 -72.45
C ASN HA 451 -96.52 59.91 -72.23
N GLN HA 452 -95.22 60.00 -72.53
CA GLN HA 452 -94.48 61.24 -72.30
C GLN HA 452 -94.81 62.31 -73.32
N SER HA 453 -95.22 61.93 -74.55
CA SER HA 453 -95.42 62.90 -75.61
C SER HA 453 -96.51 63.91 -75.26
N GLY HA 454 -97.64 63.42 -74.74
CA GLY HA 454 -98.72 64.30 -74.32
C GLY HA 454 -99.75 64.61 -75.38
N SER HA 455 -99.47 64.34 -76.65
CA SER HA 455 -100.47 64.54 -77.70
C SER HA 455 -101.69 63.66 -77.46
N ALA HA 456 -101.45 62.41 -77.08
CA ALA HA 456 -102.46 61.54 -76.52
C ALA HA 456 -102.20 61.35 -75.03
N GLN HA 457 -103.20 60.82 -74.34
CA GLN HA 457 -103.14 60.60 -72.90
C GLN HA 457 -103.18 59.12 -72.55
N ASN HA 458 -102.43 58.31 -73.29
CA ASN HA 458 -102.46 56.87 -73.11
C ASN HA 458 -101.56 56.44 -71.97
N LYS HA 459 -101.90 55.30 -71.37
CA LYS HA 459 -101.08 54.75 -70.31
C LYS HA 459 -99.86 54.05 -70.91
N ASP HA 460 -98.89 53.73 -70.06
CA ASP HA 460 -97.68 53.05 -70.48
C ASP HA 460 -96.97 52.51 -69.25
N LEU HA 461 -95.81 51.91 -69.49
CA LEU HA 461 -94.92 51.44 -68.43
C LEU HA 461 -93.50 51.80 -68.89
N LEU HA 462 -93.05 52.98 -68.50
CA LEU HA 462 -91.76 53.50 -68.91
C LEU HA 462 -90.81 53.49 -67.73
N PHE HA 463 -89.63 52.93 -67.92
CA PHE HA 463 -88.66 52.74 -66.85
C PHE HA 463 -87.42 53.58 -67.12
N SER HA 464 -86.90 54.22 -66.08
CA SER HA 464 -85.71 55.02 -66.18
C SER HA 464 -84.62 54.44 -65.30
N ARG HA 465 -83.39 54.80 -65.63
CA ARG HA 465 -82.22 54.41 -64.87
C ARG HA 465 -81.95 55.42 -63.77
N GLY HA 466 -81.52 54.92 -62.61
CA GLY HA 466 -81.14 55.79 -61.52
C GLY HA 466 -79.99 56.70 -61.90
N SER HA 467 -80.23 58.00 -61.92
CA SER HA 467 -79.28 58.98 -62.42
C SER HA 467 -79.11 60.10 -61.40
N PRO HA 468 -77.98 60.82 -61.46
CA PRO HA 468 -77.80 61.97 -60.55
C PRO HA 468 -78.78 63.10 -60.81
N ALA HA 469 -79.44 63.13 -61.97
CA ALA HA 469 -80.47 64.14 -62.19
C ALA HA 469 -81.62 64.00 -61.21
N GLY HA 470 -82.17 62.79 -61.10
CA GLY HA 470 -83.17 62.53 -60.09
C GLY HA 470 -82.63 61.67 -58.97
N MET HA 471 -82.28 62.30 -57.85
CA MET HA 471 -81.73 61.59 -56.71
C MET HA 471 -82.81 61.13 -55.74
N SER HA 472 -84.00 61.72 -55.82
CA SER HA 472 -85.10 61.34 -54.94
C SER HA 472 -85.72 60.01 -55.31
N VAL HA 473 -85.57 59.57 -56.56
CA VAL HA 473 -86.20 58.34 -57.04
C VAL HA 473 -85.20 57.21 -57.17
N GLN HA 474 -83.95 57.43 -56.85
CA GLN HA 474 -82.96 56.37 -56.91
C GLN HA 474 -83.25 55.32 -55.84
N PRO HA 475 -83.13 54.03 -56.17
CA PRO HA 475 -83.15 53.00 -55.12
C PRO HA 475 -82.04 53.25 -54.11
N LYS HA 476 -82.36 53.02 -52.84
CA LYS HA 476 -81.43 53.25 -51.74
C LYS HA 476 -81.44 52.06 -50.81
N ASN HA 477 -80.48 52.04 -49.90
CA ASN HA 477 -80.26 50.87 -49.04
C ASN HA 477 -80.80 51.02 -47.64
N TRP HA 478 -81.07 52.24 -47.18
CA TRP HA 478 -81.41 52.48 -45.78
C TRP HA 478 -82.60 53.42 -45.69
N LEU HA 479 -83.17 53.48 -44.49
CA LEU HA 479 -84.34 54.29 -44.18
C LEU HA 479 -84.05 55.20 -43.00
N PRO HA 480 -84.70 56.36 -42.92
CA PRO HA 480 -84.56 57.21 -41.75
C PRO HA 480 -85.21 56.57 -40.53
N GLY HA 481 -84.74 56.97 -39.36
CA GLY HA 481 -85.19 56.41 -38.11
C GLY HA 481 -86.67 56.56 -37.86
N PRO HA 482 -87.15 55.97 -36.77
CA PRO HA 482 -88.58 56.02 -36.46
C PRO HA 482 -89.01 57.40 -36.04
N CYS HA 483 -90.32 57.65 -36.15
CA CYS HA 483 -90.85 58.97 -35.84
C CYS HA 483 -92.14 58.82 -35.05
N TYR HA 484 -92.47 59.85 -34.28
CA TYR HA 484 -93.74 59.98 -33.59
C TYR HA 484 -94.10 61.46 -33.58
N ARG HA 485 -94.92 61.88 -34.54
CA ARG HA 485 -95.05 63.29 -34.88
C ARG HA 485 -95.50 64.13 -33.69
N GLN HA 486 -94.91 65.31 -33.57
CA GLN HA 486 -95.26 66.30 -32.55
C GLN HA 486 -95.94 67.48 -33.21
N GLN HA 487 -96.54 68.33 -32.38
CA GLN HA 487 -97.18 69.54 -32.86
C GLN HA 487 -96.15 70.65 -32.99
N ARG HA 488 -96.31 71.47 -34.03
CA ARG HA 488 -95.32 72.49 -34.36
C ARG HA 488 -95.72 73.81 -33.72
N VAL HA 489 -94.86 74.33 -32.85
CA VAL HA 489 -95.09 75.60 -32.17
C VAL HA 489 -94.04 76.58 -32.64
N SER HA 490 -94.47 77.80 -32.94
CA SER HA 490 -93.57 78.85 -33.36
C SER HA 490 -93.07 79.64 -32.16
N LYS HA 491 -91.77 79.92 -32.15
CA LYS HA 491 -91.20 80.79 -31.12
C LYS HA 491 -91.74 82.21 -31.20
N THR HA 492 -92.25 82.60 -32.36
CA THR HA 492 -92.97 83.85 -32.51
C THR HA 492 -94.45 83.60 -32.24
N LYS HA 493 -94.94 84.12 -31.11
CA LYS HA 493 -96.25 83.72 -30.61
C LYS HA 493 -97.40 84.11 -31.52
N THR HA 494 -97.23 85.11 -32.39
CA THR HA 494 -98.33 85.54 -33.22
C THR HA 494 -98.72 84.52 -34.29
N ASP HA 495 -97.81 83.62 -34.66
CA ASP HA 495 -98.11 82.61 -35.66
C ASP HA 495 -98.73 81.35 -35.10
N ASN HA 496 -98.94 81.29 -33.80
CA ASN HA 496 -99.55 80.13 -33.17
C ASN HA 496 -101.06 80.31 -33.09
N ASN HA 497 -101.76 79.18 -33.10
CA ASN HA 497 -103.22 79.20 -33.02
C ASN HA 497 -103.67 79.82 -31.69
N ASN HA 498 -104.81 80.51 -31.74
CA ASN HA 498 -105.35 81.16 -30.54
C ASN HA 498 -106.17 80.15 -29.73
N SER HA 499 -105.44 79.28 -29.05
CA SER HA 499 -106.03 78.32 -28.12
C SER HA 499 -104.90 77.79 -27.25
N ASN HA 500 -105.27 76.98 -26.25
CA ASN HA 500 -104.24 76.44 -25.38
C ASN HA 500 -103.52 75.26 -26.05
N PHE HA 501 -104.25 74.18 -26.29
CA PHE HA 501 -103.81 73.04 -27.11
C PHE HA 501 -102.45 72.47 -26.67
N THR HA 502 -101.95 72.86 -25.50
CA THR HA 502 -100.77 72.21 -24.96
C THR HA 502 -101.08 70.84 -24.37
N TRP HA 503 -102.32 70.56 -24.07
CA TRP HA 503 -102.72 69.23 -23.64
C TRP HA 503 -103.65 68.56 -24.64
N THR HA 504 -104.59 69.29 -25.23
CA THR HA 504 -105.51 68.67 -26.17
C THR HA 504 -104.87 68.35 -27.50
N GLY HA 505 -103.86 69.11 -27.91
CA GLY HA 505 -103.26 68.91 -29.22
C GLY HA 505 -101.88 68.30 -29.16
N ALA HA 506 -101.56 67.60 -28.08
CA ALA HA 506 -100.22 67.11 -27.84
C ALA HA 506 -100.14 65.59 -28.00
N SER HA 507 -98.95 65.14 -28.41
CA SER HA 507 -98.68 63.71 -28.51
C SER HA 507 -98.53 63.13 -27.11
N LYS HA 508 -99.36 62.17 -26.77
CA LYS HA 508 -99.33 61.57 -25.45
C LYS HA 508 -99.62 60.09 -25.58
N TYR HA 509 -99.26 59.34 -24.54
CA TYR HA 509 -99.47 57.91 -24.54
C TYR HA 509 -100.42 57.52 -23.41
N ASN HA 510 -101.10 56.40 -23.62
CA ASN HA 510 -102.10 55.88 -22.70
C ASN HA 510 -101.49 54.71 -21.93
N LEU HA 511 -101.56 54.78 -20.60
CA LEU HA 511 -101.03 53.71 -19.75
C LEU HA 511 -101.95 53.53 -18.55
N ASN HA 512 -102.61 52.39 -18.48
CA ASN HA 512 -103.53 52.07 -17.39
C ASN HA 512 -104.63 53.11 -17.24
N GLY HA 513 -105.06 53.66 -18.38
CA GLY HA 513 -106.18 54.57 -18.38
C GLY HA 513 -105.85 56.03 -18.19
N ARG HA 514 -104.60 56.38 -17.91
CA ARG HA 514 -104.22 57.77 -17.75
C ARG HA 514 -103.15 58.14 -18.74
N GLU HA 515 -103.28 59.35 -19.29
CA GLU HA 515 -102.46 59.82 -20.38
C GLU HA 515 -101.23 60.55 -19.86
N SER HA 516 -100.14 60.44 -20.60
CA SER HA 516 -98.88 61.07 -20.23
C SER HA 516 -98.27 61.68 -21.48
N ILE HA 517 -97.85 62.94 -21.40
CA ILE HA 517 -97.19 63.59 -22.52
C ILE HA 517 -95.89 62.84 -22.81
N ILE HA 518 -95.56 62.71 -24.10
CA ILE HA 518 -94.36 61.97 -24.48
C ILE HA 518 -93.12 62.65 -23.94
N ASN HA 519 -92.82 63.86 -24.43
CA ASN HA 519 -91.85 64.76 -23.80
C ASN HA 519 -90.54 64.11 -23.36
N PRO HA 520 -89.57 63.94 -24.26
CA PRO HA 520 -89.52 64.40 -25.64
C PRO HA 520 -89.67 63.26 -26.66
N GLY HA 521 -89.59 62.03 -26.19
CA GLY HA 521 -89.86 60.90 -27.06
C GLY HA 521 -88.73 60.65 -28.06
N THR HA 522 -89.13 60.28 -29.26
CA THR HA 522 -88.19 59.87 -30.29
C THR HA 522 -87.22 61.00 -30.63
N ALA HA 523 -85.97 60.63 -30.88
CA ALA HA 523 -84.94 61.61 -31.23
C ALA HA 523 -85.15 62.03 -32.67
N MET HA 524 -85.71 63.21 -32.87
CA MET HA 524 -86.00 63.74 -34.19
C MET HA 524 -85.48 65.16 -34.30
N ALA HA 525 -85.31 65.60 -35.54
CA ALA HA 525 -84.89 66.97 -35.79
C ALA HA 525 -85.96 67.96 -35.33
N SER HA 526 -85.52 69.03 -34.68
CA SER HA 526 -86.45 70.03 -34.17
C SER HA 526 -87.21 70.72 -35.30
N HIS HA 527 -86.54 71.03 -36.40
CA HIS HA 527 -87.15 71.74 -37.51
C HIS HA 527 -86.41 71.39 -38.78
N LYS HA 528 -86.85 71.97 -39.88
CA LYS HA 528 -86.19 71.82 -41.17
C LYS HA 528 -85.14 72.91 -41.35
N ASP HA 529 -84.60 73.02 -42.55
CA ASP HA 529 -83.73 74.13 -42.90
C ASP HA 529 -84.55 75.42 -43.02
N ASP HA 530 -83.96 76.52 -42.55
CA ASP HA 530 -84.57 77.84 -42.63
C ASP HA 530 -85.91 77.90 -41.89
N GLU HA 531 -86.02 77.13 -40.80
CA GLU HA 531 -87.26 77.06 -40.04
C GLU HA 531 -86.96 77.04 -38.54
N ASP HA 532 -85.93 77.78 -38.13
CA ASP HA 532 -85.52 77.79 -36.74
C ASP HA 532 -86.57 78.39 -35.81
N LYS HA 533 -87.56 79.08 -36.35
CA LYS HA 533 -88.63 79.68 -35.55
C LYS HA 533 -89.61 78.66 -35.00
N PHE HA 534 -89.55 77.40 -35.43
CA PHE HA 534 -90.47 76.37 -35.02
C PHE HA 534 -89.75 75.33 -34.16
N PHE HA 535 -90.47 74.82 -33.16
CA PHE HA 535 -90.00 73.69 -32.36
C PHE HA 535 -91.16 72.77 -32.08
N PRO HA 536 -90.90 71.48 -31.91
CA PRO HA 536 -91.97 70.56 -31.49
C PRO HA 536 -92.47 70.91 -30.11
N MET HA 537 -93.77 70.73 -29.90
CA MET HA 537 -94.39 71.24 -28.69
C MET HA 537 -93.81 70.61 -27.44
N SER HA 538 -93.55 69.30 -27.48
CA SER HA 538 -92.92 68.61 -26.36
C SER HA 538 -91.83 67.67 -26.87
N GLY HA 539 -91.02 68.16 -27.80
CA GLY HA 539 -90.01 67.33 -28.41
C GLY HA 539 -88.60 67.81 -28.13
N VAL HA 540 -88.47 68.87 -27.33
CA VAL HA 540 -87.18 69.49 -27.09
C VAL HA 540 -86.95 69.58 -25.59
N MET HA 541 -85.68 69.52 -25.21
CA MET HA 541 -85.29 69.76 -23.82
C MET HA 541 -85.21 71.25 -23.57
N ILE HA 542 -85.95 71.73 -22.58
CA ILE HA 542 -86.02 73.14 -22.27
C ILE HA 542 -85.41 73.35 -20.90
N PHE HA 543 -84.34 74.13 -20.84
CA PHE HA 543 -83.69 74.49 -19.60
C PHE HA 543 -84.10 75.90 -19.22
N GLY HA 544 -84.34 76.12 -17.93
CA GLY HA 544 -84.69 77.44 -17.44
C GLY HA 544 -83.43 78.22 -17.08
N LYS HA 545 -83.45 79.51 -17.41
CA LYS HA 545 -82.39 80.38 -16.96
C LYS HA 545 -82.63 80.72 -15.48
N GLU HA 546 -81.59 81.26 -14.85
CA GLU HA 546 -81.79 81.81 -13.52
C GLU HA 546 -82.75 82.98 -13.60
N SER HA 547 -83.54 83.14 -12.54
CA SER HA 547 -84.68 84.06 -12.54
C SER HA 547 -85.77 83.60 -13.51
N ALA HA 548 -86.01 82.30 -13.56
CA ALA HA 548 -87.16 81.74 -14.25
C ALA HA 548 -88.13 81.18 -13.21
N GLY HA 549 -89.40 81.53 -13.32
CA GLY HA 549 -90.38 81.07 -12.38
C GLY HA 549 -90.64 79.59 -12.52
N ALA HA 550 -91.34 79.04 -11.51
CA ALA HA 550 -91.67 77.62 -11.54
C ALA HA 550 -92.80 77.33 -12.52
N SER HA 551 -93.75 78.26 -12.66
CA SER HA 551 -94.94 78.04 -13.47
C SER HA 551 -95.19 79.23 -14.37
N ASN HA 552 -95.51 78.95 -15.63
CA ASN HA 552 -95.90 79.95 -16.62
C ASN HA 552 -94.85 81.05 -16.76
N THR HA 553 -93.58 80.66 -16.78
CA THR HA 553 -92.52 81.61 -17.05
C THR HA 553 -92.48 81.91 -18.55
N ALA HA 554 -91.56 82.78 -18.94
CA ALA HA 554 -91.54 83.30 -20.30
C ALA HA 554 -90.50 82.62 -21.17
N LEU HA 555 -90.76 82.68 -22.48
CA LEU HA 555 -89.82 82.22 -23.48
C LEU HA 555 -88.46 82.90 -23.32
N ASP HA 556 -88.46 84.12 -22.81
CA ASP HA 556 -87.22 84.82 -22.53
C ASP HA 556 -86.51 84.20 -21.34
N ASN HA 557 -87.25 83.56 -20.45
CA ASN HA 557 -86.65 82.95 -19.26
C ASN HA 557 -86.27 81.50 -19.46
N VAL HA 558 -86.70 80.87 -20.55
CA VAL HA 558 -86.30 79.49 -20.82
C VAL HA 558 -85.33 79.45 -22.00
N MET HA 559 -84.54 78.38 -22.05
CA MET HA 559 -83.63 78.09 -23.16
C MET HA 559 -84.08 76.81 -23.84
N ILE HA 560 -84.52 76.92 -25.08
CA ILE HA 560 -84.98 75.78 -25.86
C ILE HA 560 -83.81 75.20 -26.64
N THR HA 561 -83.60 73.90 -26.53
CA THR HA 561 -82.53 73.26 -27.26
C THR HA 561 -82.94 73.02 -28.71
N ASP HA 562 -81.96 72.67 -29.52
CA ASP HA 562 -82.17 72.39 -30.94
C ASP HA 562 -81.49 71.07 -31.28
N GLU HA 563 -82.13 70.27 -32.12
CA GLU HA 563 -81.59 69.02 -32.59
C GLU HA 563 -81.34 69.08 -34.09
N GLU HA 564 -80.73 70.18 -34.54
CA GLU HA 564 -80.61 70.44 -35.96
C GLU HA 564 -79.54 69.56 -36.60
N GLU HA 565 -78.66 68.97 -35.80
CA GLU HA 565 -77.53 68.23 -36.36
C GLU HA 565 -77.92 66.83 -36.83
N ILE HA 566 -79.07 66.32 -36.41
CA ILE HA 566 -79.46 64.96 -36.74
C ILE HA 566 -80.49 64.93 -37.85
N LYS HA 567 -80.60 66.01 -38.63
CA LYS HA 567 -81.43 66.00 -39.83
C LYS HA 567 -80.90 65.03 -40.88
N ALA HA 568 -79.64 64.64 -40.80
CA ALA HA 568 -79.05 63.78 -41.80
C ALA HA 568 -79.64 62.38 -41.78
N THR HA 569 -80.10 61.92 -40.61
CA THR HA 569 -80.60 60.56 -40.47
C THR HA 569 -81.98 60.47 -39.82
N ASN HA 570 -82.44 61.49 -39.12
CA ASN HA 570 -83.67 61.42 -38.37
C ASN HA 570 -84.75 62.27 -39.01
N PRO HA 571 -86.01 61.84 -38.96
CA PRO HA 571 -87.10 62.66 -39.47
C PRO HA 571 -87.27 63.91 -38.62
N VAL HA 572 -87.83 64.95 -39.25
CA VAL HA 572 -88.15 66.17 -38.51
C VAL HA 572 -89.33 65.90 -37.60
N ALA HA 573 -89.24 66.39 -36.35
CA ALA HA 573 -90.18 66.02 -35.32
C ALA HA 573 -91.61 66.46 -35.61
N THR HA 574 -91.79 67.53 -36.36
CA THR HA 574 -93.11 68.10 -36.57
C THR HA 574 -93.74 67.68 -37.89
N GLU HA 575 -93.10 66.82 -38.66
CA GLU HA 575 -93.62 66.40 -39.95
C GLU HA 575 -93.72 64.88 -40.03
N ARG HA 576 -94.49 64.43 -41.01
CA ARG HA 576 -94.76 63.01 -41.16
C ARG HA 576 -93.49 62.25 -41.52
N PHE HA 577 -93.48 60.97 -41.20
CA PHE HA 577 -92.41 60.10 -41.67
C PHE HA 577 -92.42 60.02 -43.19
N GLY HA 578 -93.61 59.93 -43.77
CA GLY HA 578 -93.73 59.82 -45.21
C GLY HA 578 -95.16 59.47 -45.57
N THR HA 579 -95.33 59.03 -46.81
CA THR HA 579 -96.62 58.59 -47.31
C THR HA 579 -96.59 57.10 -47.60
N VAL HA 580 -97.77 56.51 -47.62
CA VAL HA 580 -97.94 55.08 -47.85
C VAL HA 580 -99.15 54.89 -48.75
N ALA HA 581 -99.08 53.89 -49.62
CA ALA HA 581 -100.24 53.54 -50.43
C ALA HA 581 -101.33 52.95 -49.56
N VAL HA 582 -102.58 53.30 -49.85
CA VAL HA 582 -103.69 52.87 -49.01
C VAL HA 582 -104.80 52.18 -49.79
N ASN HA 583 -104.62 51.96 -51.09
CA ASN HA 583 -105.65 51.29 -51.89
C ASN HA 583 -104.98 50.58 -53.07
N PHE HA 584 -105.80 50.05 -53.95
CA PHE HA 584 -105.36 49.46 -55.21
C PHE HA 584 -105.79 50.37 -56.35
N GLN HA 585 -104.83 50.87 -57.12
CA GLN HA 585 -105.17 51.64 -58.31
C GLN HA 585 -105.61 50.69 -59.43
N SER HA 586 -106.57 51.14 -60.21
CA SER HA 586 -107.07 50.33 -61.32
C SER HA 586 -107.70 51.24 -62.35
N SER HA 587 -107.89 50.71 -63.55
CA SER HA 587 -108.57 51.41 -64.63
C SER HA 587 -110.02 50.97 -64.71
N SER HA 588 -110.82 51.78 -65.39
CA SER HA 588 -112.23 51.46 -65.59
C SER HA 588 -112.37 50.28 -66.53
N THR HA 589 -113.41 49.48 -66.31
CA THR HA 589 -113.67 48.30 -67.14
C THR HA 589 -115.16 48.17 -67.42
N VAL HA 592 -115.94 46.22 -64.64
CA VAL HA 592 -115.99 47.02 -63.42
C VAL HA 592 -115.75 48.48 -63.76
N PRO HA 593 -116.82 49.18 -64.17
CA PRO HA 593 -116.66 50.58 -64.61
C PRO HA 593 -116.55 51.56 -63.45
N PHE HA 594 -115.75 51.21 -62.44
CA PHE HA 594 -115.49 52.08 -61.30
C PHE HA 594 -113.98 52.25 -61.20
N LYS HA 595 -113.45 53.25 -61.91
CA LYS HA 595 -112.02 53.54 -61.89
C LYS HA 595 -111.58 53.94 -60.50
N THR HA 596 -110.44 53.41 -60.06
CA THR HA 596 -109.89 53.70 -58.74
C THR HA 596 -108.57 54.44 -58.89
N ASP HA 597 -108.55 55.70 -58.50
CA ASP HA 597 -107.31 56.46 -58.49
C ASP HA 597 -106.42 55.97 -57.34
N PRO HA 598 -105.11 55.97 -57.55
CA PRO HA 598 -104.20 55.63 -56.43
C PRO HA 598 -104.33 56.65 -55.32
N ALA HA 599 -104.21 56.17 -54.08
CA ALA HA 599 -104.37 57.00 -52.91
C ALA HA 599 -103.26 56.73 -51.91
N THR HA 600 -102.74 57.81 -51.35
CA THR HA 600 -101.69 57.75 -50.34
C THR HA 600 -102.19 58.41 -49.06
N GLY HA 601 -101.62 57.97 -47.94
CA GLY HA 601 -101.90 58.57 -46.65
C GLY HA 601 -100.61 58.88 -45.94
N ASP HA 602 -100.67 59.93 -45.13
CA ASP HA 602 -99.50 60.35 -44.37
C ASP HA 602 -99.25 59.42 -43.20
N VAL HA 603 -97.99 59.11 -42.96
CA VAL HA 603 -97.56 58.22 -41.88
C VAL HA 603 -97.01 59.12 -40.78
N HIS HA 604 -97.74 59.22 -39.67
CA HIS HA 604 -97.39 60.16 -38.62
C HIS HA 604 -96.57 59.51 -37.51
N ALA HA 605 -96.85 58.24 -37.20
CA ALA HA 605 -96.07 57.47 -36.25
C ALA HA 605 -95.57 56.22 -36.95
N MET HA 606 -94.25 56.05 -36.99
CA MET HA 606 -93.63 54.91 -37.66
C MET HA 606 -92.73 54.20 -36.67
N GLY HA 607 -92.99 52.92 -36.46
CA GLY HA 607 -92.13 52.09 -35.64
C GLY HA 607 -90.92 51.63 -36.41
N ALA HA 608 -90.08 50.86 -35.74
CA ALA HA 608 -88.81 50.45 -36.33
C ALA HA 608 -89.05 49.48 -37.48
N LEU HA 609 -88.51 49.80 -38.64
CA LEU HA 609 -88.44 48.95 -39.81
C LEU HA 609 -87.00 48.50 -40.03
N PRO HA 610 -86.78 47.29 -40.53
CA PRO HA 610 -85.41 46.88 -40.85
C PRO HA 610 -84.83 47.79 -41.93
N GLY HA 611 -83.54 48.10 -41.78
CA GLY HA 611 -82.89 49.08 -42.61
C GLY HA 611 -82.90 50.48 -42.07
N MET HA 612 -83.62 50.73 -40.98
CA MET HA 612 -83.68 52.04 -40.37
C MET HA 612 -82.37 52.37 -39.65
N VAL HA 613 -81.93 53.62 -39.77
CA VAL HA 613 -80.77 54.13 -39.04
C VAL HA 613 -81.14 55.47 -38.45
N TRP HA 614 -80.62 55.75 -37.26
CA TRP HA 614 -80.95 56.99 -36.57
C TRP HA 614 -79.83 57.37 -35.62
N GLN HA 615 -79.87 58.62 -35.19
CA GLN HA 615 -79.03 59.11 -34.11
C GLN HA 615 -79.86 59.33 -32.86
N ASP HA 616 -79.20 59.20 -31.71
CA ASP HA 616 -79.85 59.44 -30.44
C ASP HA 616 -79.87 60.93 -30.13
N ARG HA 617 -80.57 61.30 -29.06
CA ARG HA 617 -80.60 62.68 -28.62
C ARG HA 617 -79.23 63.12 -28.13
N ASP HA 618 -78.96 64.41 -28.29
CA ASP HA 618 -77.71 64.98 -27.82
C ASP HA 618 -77.72 65.14 -26.30
N VAL HA 619 -76.53 65.15 -25.72
CA VAL HA 619 -76.37 65.47 -24.31
C VAL HA 619 -75.89 66.90 -24.21
N TYR HA 620 -76.20 67.54 -23.08
CA TYR HA 620 -75.88 68.93 -22.86
C TYR HA 620 -75.12 69.07 -21.54
N LEU HA 621 -74.40 70.18 -21.41
CA LEU HA 621 -73.67 70.43 -20.18
C LEU HA 621 -74.62 70.53 -18.99
N GLN HA 622 -75.83 71.02 -19.20
CA GLN HA 622 -76.84 71.14 -18.15
C GLN HA 622 -77.73 69.91 -18.05
N GLY HA 623 -77.52 68.90 -18.89
CA GLY HA 623 -78.44 67.79 -18.97
C GLY HA 623 -78.00 66.56 -18.21
N PRO HA 624 -78.85 65.54 -18.17
CA PRO HA 624 -78.53 64.32 -17.44
C PRO HA 624 -77.44 63.50 -18.12
N ILE HA 625 -76.75 62.71 -17.32
CA ILE HA 625 -75.69 61.84 -17.81
C ILE HA 625 -76.23 60.45 -18.12
N TRP HA 626 -76.91 59.82 -17.17
CA TRP HA 626 -77.32 58.44 -17.30
C TRP HA 626 -78.76 58.27 -16.87
N ALA HA 627 -79.27 57.07 -17.08
CA ALA HA 627 -80.56 56.66 -16.58
C ALA HA 627 -80.55 55.16 -16.37
N LYS HA 628 -81.23 54.69 -15.34
CA LYS HA 628 -81.40 53.26 -15.13
C LYS HA 628 -82.38 52.70 -16.16
N ILE HA 629 -81.96 51.65 -16.85
CA ILE HA 629 -82.87 50.95 -17.77
C ILE HA 629 -83.84 50.11 -16.94
N PRO HA 630 -85.15 50.25 -17.15
CA PRO HA 630 -86.10 49.47 -16.35
C PRO HA 630 -85.87 47.98 -16.49
N HIS HA 631 -86.02 47.27 -15.38
CA HIS HA 631 -85.84 45.81 -15.36
C HIS HA 631 -87.11 45.17 -15.89
N THR HA 632 -87.17 45.03 -17.21
CA THR HA 632 -88.30 44.48 -17.92
C THR HA 632 -87.85 43.31 -18.77
N ASP HA 633 -88.82 42.55 -19.28
CA ASP HA 633 -88.51 41.44 -20.17
C ASP HA 633 -87.91 41.93 -21.48
N GLY HA 634 -88.47 42.99 -22.04
CA GLY HA 634 -87.98 43.50 -23.31
C GLY HA 634 -87.82 45.00 -23.28
N HIS HA 635 -86.88 45.47 -24.09
CA HIS HA 635 -86.68 46.88 -24.33
C HIS HA 635 -85.98 47.04 -25.67
N PHE HA 636 -86.35 48.06 -26.41
CA PHE HA 636 -85.80 48.31 -27.73
C PHE HA 636 -84.90 49.53 -27.66
N HIS HA 637 -83.61 49.33 -27.95
CA HIS HA 637 -82.61 50.40 -27.97
C HIS HA 637 -82.65 51.21 -26.69
N PRO HA 638 -82.23 50.64 -25.57
CA PRO HA 638 -82.47 51.26 -24.25
C PRO HA 638 -81.59 52.48 -23.99
N SER HA 639 -81.70 53.47 -24.86
CA SER HA 639 -81.06 54.75 -24.68
C SER HA 639 -82.08 55.74 -24.15
N PRO HA 640 -81.80 56.43 -23.05
CA PRO HA 640 -82.81 57.30 -22.44
C PRO HA 640 -83.28 58.38 -23.40
N LEU HA 641 -84.56 58.70 -23.32
CA LEU HA 641 -85.13 59.63 -24.29
C LEU HA 641 -84.75 61.07 -23.97
N MET HA 642 -84.38 61.37 -22.73
CA MET HA 642 -83.82 62.67 -22.43
C MET HA 642 -82.38 62.82 -22.89
N GLY HA 643 -81.73 61.74 -23.26
CA GLY HA 643 -80.34 61.77 -23.65
C GLY HA 643 -79.44 61.22 -22.57
N GLY HA 644 -78.34 60.63 -22.99
CA GLY HA 644 -77.40 60.07 -22.04
C GLY HA 644 -77.16 58.59 -22.22
N PHE HA 645 -76.65 57.96 -21.18
CA PHE HA 645 -76.29 56.55 -21.20
C PHE HA 645 -77.34 55.77 -20.41
N GLY HA 646 -77.93 54.77 -21.04
CA GLY HA 646 -78.80 53.86 -20.33
C GLY HA 646 -77.99 52.75 -19.72
N LEU HA 647 -78.06 52.60 -18.40
CA LEU HA 647 -77.27 51.59 -17.70
C LEU HA 647 -78.21 50.62 -16.99
N LYS HA 648 -77.94 49.33 -17.14
CA LYS HA 648 -78.70 48.33 -16.38
C LYS HA 648 -78.38 48.42 -14.91
N ASN HA 649 -77.11 48.58 -14.56
CA ASN HA 649 -76.67 48.84 -13.19
C ASN HA 649 -76.07 50.24 -13.16
N PRO HA 650 -76.87 51.28 -12.97
CA PRO HA 650 -76.34 52.63 -12.95
C PRO HA 650 -75.59 52.89 -11.66
N PRO HA 651 -74.96 54.06 -11.51
CA PRO HA 651 -74.40 54.43 -10.23
C PRO HA 651 -75.48 54.41 -9.16
N PRO HA 652 -75.24 53.71 -8.05
CA PRO HA 652 -76.28 53.54 -7.05
C PRO HA 652 -76.57 54.82 -6.30
N GLN HA 653 -77.75 54.86 -5.70
CA GLN HA 653 -78.15 56.01 -4.90
C GLN HA 653 -77.42 56.00 -3.57
N ILE HA 654 -76.86 57.14 -3.21
CA ILE HA 654 -76.27 57.35 -1.89
C ILE HA 654 -77.29 58.10 -1.05
N LEU HA 655 -77.72 57.48 0.03
CA LEU HA 655 -78.77 58.01 0.88
C LEU HA 655 -78.19 58.36 2.23
N ILE HA 656 -78.55 59.53 2.73
CA ILE HA 656 -77.94 60.11 3.91
C ILE HA 656 -79.04 60.72 4.77
N LYS HA 657 -78.93 60.58 6.07
CA LYS HA 657 -79.85 61.28 6.95
C LYS HA 657 -79.18 61.52 8.29
N ASN HA 658 -79.72 62.47 9.04
CA ASN HA 658 -79.24 62.74 10.39
C ASN HA 658 -79.87 61.73 11.33
N THR HA 659 -79.05 61.10 12.17
CA THR HA 659 -79.62 60.20 13.17
C THR HA 659 -80.43 61.01 14.17
N PRO HA 660 -81.66 60.62 14.45
CA PRO HA 660 -82.48 61.40 15.40
C PRO HA 660 -81.87 61.38 16.79
N VAL HA 661 -81.89 62.54 17.43
CA VAL HA 661 -81.46 62.69 18.82
C VAL HA 661 -82.68 63.08 19.63
N PRO HA 662 -83.20 62.20 20.48
CA PRO HA 662 -84.39 62.53 21.26
C PRO HA 662 -84.13 63.64 22.27
N ALA HA 663 -85.18 64.40 22.56
CA ALA HA 663 -85.12 65.39 23.61
C ALA HA 663 -85.30 64.70 24.97
N ASN HA 664 -85.52 65.49 26.00
CA ASN HA 664 -85.59 64.96 27.36
C ASN HA 664 -86.79 64.03 27.50
N PRO HA 665 -86.58 62.77 27.87
CA PRO HA 665 -87.71 61.85 28.04
C PRO HA 665 -88.43 62.10 29.36
N PRO HA 666 -89.66 61.62 29.50
CA PRO HA 666 -90.37 61.78 30.78
C PRO HA 666 -89.73 60.97 31.89
N ALA HA 667 -90.04 61.35 33.13
CA ALA HA 667 -89.53 60.63 34.29
C ALA HA 667 -90.11 59.23 34.38
N GLU HA 668 -91.39 59.07 34.07
CA GLU HA 668 -92.06 57.78 34.02
C GLU HA 668 -92.04 57.23 32.60
N PHE HA 669 -92.04 55.91 32.51
CA PHE HA 669 -91.96 55.24 31.22
C PHE HA 669 -93.25 55.40 30.42
N SER HA 670 -93.10 55.64 29.12
CA SER HA 670 -94.22 55.72 28.20
C SER HA 670 -93.87 54.92 26.96
N ALA HA 671 -94.76 54.03 26.55
CA ALA HA 671 -94.51 53.22 25.36
C ALA HA 671 -94.82 53.96 24.07
N THR HA 672 -95.48 55.12 24.15
CA THR HA 672 -95.70 55.94 22.97
C THR HA 672 -94.37 56.32 22.35
N LYS HA 673 -94.27 56.18 21.04
CA LYS HA 673 -93.00 56.44 20.36
C LYS HA 673 -92.62 57.91 20.50
N PHE HA 674 -91.32 58.17 20.49
CA PHE HA 674 -90.81 59.50 20.69
C PHE HA 674 -91.24 60.42 19.57
N ALA HA 675 -91.67 61.63 19.93
CA ALA HA 675 -92.03 62.65 18.96
C ALA HA 675 -91.26 63.94 19.19
N SER HA 676 -90.58 64.09 20.32
CA SER HA 676 -89.80 65.27 20.64
C SER HA 676 -88.34 64.97 20.36
N PHE HA 677 -87.76 65.69 19.42
CA PHE HA 677 -86.38 65.48 19.02
C PHE HA 677 -85.61 66.78 19.11
N ILE HA 678 -84.31 66.65 19.30
CA ILE HA 678 -83.39 67.78 19.27
C ILE HA 678 -83.22 68.19 17.81
N THR HA 679 -83.49 69.46 17.52
CA THR HA 679 -83.48 69.94 16.14
C THR HA 679 -82.05 70.13 15.68
N GLN HA 680 -81.68 69.47 14.58
CA GLN HA 680 -80.32 69.58 14.11
C GLN HA 680 -80.25 69.33 12.62
N TYR HA 681 -79.16 69.79 12.03
CA TYR HA 681 -78.85 69.55 10.63
C TYR HA 681 -77.39 69.16 10.54
N SER HA 682 -76.92 68.86 9.33
CA SER HA 682 -75.52 68.54 9.14
C SER HA 682 -75.00 69.22 7.88
N THR HA 683 -73.70 69.41 7.84
CA THR HA 683 -73.03 69.99 6.70
C THR HA 683 -71.76 69.20 6.44
N GLY HA 684 -71.25 69.31 5.23
CA GLY HA 684 -70.03 68.59 4.93
C GLY HA 684 -69.59 68.82 3.50
N GLN HA 685 -68.61 68.03 3.09
CA GLN HA 685 -68.05 68.10 1.75
C GLN HA 685 -68.24 66.77 1.05
N VAL HA 686 -68.54 66.84 -0.24
CA VAL HA 686 -68.74 65.66 -1.07
C VAL HA 686 -67.84 65.77 -2.29
N SER HA 687 -67.13 64.69 -2.61
CA SER HA 687 -66.26 64.62 -3.78
C SER HA 687 -66.75 63.52 -4.69
N VAL HA 688 -66.83 63.82 -5.98
CA VAL HA 688 -67.12 62.83 -7.01
C VAL HA 688 -66.04 62.92 -8.07
N GLU HA 689 -65.42 61.79 -8.38
CA GLU HA 689 -64.39 61.71 -9.41
C GLU HA 689 -64.84 60.70 -10.46
N ILE HA 690 -64.98 61.13 -11.70
CA ILE HA 690 -65.35 60.25 -12.80
C ILE HA 690 -64.22 60.20 -13.81
N GLU HA 691 -63.79 58.99 -14.16
CA GLU HA 691 -62.95 58.75 -15.31
C GLU HA 691 -63.83 58.48 -16.51
N TRP HA 692 -63.57 59.20 -17.60
CA TRP HA 692 -64.27 59.07 -18.87
C TRP HA 692 -63.29 58.63 -19.94
N GLU HA 693 -63.72 57.68 -20.77
CA GLU HA 693 -62.98 57.27 -21.96
C GLU HA 693 -63.40 58.13 -23.14
N LEU HA 694 -62.41 58.59 -23.88
CA LEU HA 694 -62.59 59.44 -25.05
C LEU HA 694 -62.40 58.64 -26.32
N GLN HA 695 -63.06 59.09 -27.38
CA GLN HA 695 -62.93 58.52 -28.71
C GLN HA 695 -62.56 59.68 -29.61
N LYS HA 696 -61.27 59.72 -29.99
CA LYS HA 696 -60.69 60.83 -30.71
C LYS HA 696 -61.17 60.86 -32.15
N GLU HA 697 -61.24 62.07 -32.71
CA GLU HA 697 -61.51 62.22 -34.12
C GLU HA 697 -60.33 61.69 -34.92
N ASN HA 698 -60.62 61.11 -36.09
CA ASN HA 698 -59.61 60.65 -37.02
C ASN HA 698 -59.91 61.16 -38.43
N SER HA 699 -60.36 62.42 -38.52
CA SER HA 699 -60.96 62.92 -39.74
C SER HA 699 -59.91 63.27 -40.77
N LYS HA 700 -60.28 63.09 -42.04
CA LYS HA 700 -59.48 63.52 -43.18
C LYS HA 700 -60.08 64.73 -43.86
N ARG HA 701 -61.02 65.39 -43.21
CA ARG HA 701 -61.67 66.58 -43.76
C ARG HA 701 -60.65 67.69 -43.97
N TRP HA 702 -60.77 68.40 -45.09
CA TRP HA 702 -59.80 69.42 -45.44
C TRP HA 702 -60.14 70.78 -44.85
N ASN HA 703 -61.38 71.24 -45.03
CA ASN HA 703 -61.78 72.54 -44.54
C ASN HA 703 -61.94 72.51 -43.03
N PRO HA 704 -61.86 73.67 -42.38
CA PRO HA 704 -61.99 73.70 -40.92
C PRO HA 704 -63.38 73.31 -40.45
N GLU HA 705 -63.42 72.74 -39.25
CA GLU HA 705 -64.65 72.27 -38.64
C GLU HA 705 -65.37 73.40 -37.91
N VAL HA 706 -66.64 73.18 -37.64
CA VAL HA 706 -67.41 74.05 -36.75
C VAL HA 706 -67.04 73.70 -35.32
N GLN HA 707 -66.70 74.72 -34.53
CA GLN HA 707 -66.33 74.56 -33.15
C GLN HA 707 -67.24 75.39 -32.27
N TYR HA 708 -67.42 74.96 -31.03
CA TYR HA 708 -68.07 75.83 -30.06
C TYR HA 708 -67.07 76.87 -29.59
N THR HA 709 -67.46 78.13 -29.66
CA THR HA 709 -66.55 79.21 -29.33
C THR HA 709 -67.27 80.26 -28.48
N SER HA 710 -66.49 80.95 -27.67
CA SER HA 710 -66.95 82.17 -27.05
C SER HA 710 -67.04 83.29 -28.08
N ASN HA 711 -68.00 84.17 -27.89
CA ASN HA 711 -68.13 85.33 -28.76
C ASN HA 711 -67.11 86.38 -28.34
N TYR HA 712 -66.34 86.88 -29.30
CA TYR HA 712 -65.41 87.98 -29.06
C TYR HA 712 -66.18 89.26 -29.32
N ALA HA 713 -66.43 90.02 -28.27
CA ALA HA 713 -67.12 91.30 -28.39
C ALA HA 713 -67.17 91.92 -27.01
N LYS HA 714 -67.18 93.25 -26.98
CA LYS HA 714 -67.39 93.92 -25.71
C LYS HA 714 -68.78 93.60 -25.19
N SER HA 715 -68.84 93.00 -24.01
CA SER HA 715 -70.09 92.63 -23.38
C SER HA 715 -70.04 93.06 -21.92
N ALA HA 716 -71.21 93.33 -21.36
CA ALA HA 716 -71.28 93.77 -19.98
C ALA HA 716 -70.79 92.68 -19.04
N ASN HA 717 -70.99 91.41 -19.41
CA ASN HA 717 -70.57 90.27 -18.61
C ASN HA 717 -69.82 89.28 -19.49
N VAL HA 718 -69.12 88.36 -18.85
CA VAL HA 718 -68.52 87.22 -19.51
C VAL HA 718 -69.46 86.03 -19.36
N ASP HA 719 -69.59 85.24 -20.42
CA ASP HA 719 -70.46 84.09 -20.39
C ASP HA 719 -69.93 83.03 -19.44
N PHE HA 720 -70.85 82.35 -18.76
CA PHE HA 720 -70.52 81.29 -17.81
C PHE HA 720 -69.66 81.81 -16.66
N THR HA 721 -70.05 82.96 -16.13
CA THR HA 721 -69.36 83.55 -14.99
C THR HA 721 -70.36 84.03 -13.96
N VAL HA 722 -69.89 84.76 -12.96
CA VAL HA 722 -70.75 85.37 -11.96
C VAL HA 722 -70.99 86.81 -12.36
N ASP HA 723 -72.07 87.38 -11.85
CA ASP HA 723 -72.34 88.80 -12.06
C ASP HA 723 -71.84 89.59 -10.85
N ASN HA 724 -72.17 90.88 -10.79
CA ASN HA 724 -71.74 91.69 -9.67
C ASN HA 724 -72.43 91.30 -8.36
N ASN HA 725 -73.51 90.55 -8.43
CA ASN HA 725 -74.18 90.04 -7.23
C ASN HA 725 -73.68 88.69 -6.79
N GLY HA 726 -72.80 88.06 -7.56
CA GLY HA 726 -72.29 86.76 -7.21
C GLY HA 726 -73.07 85.57 -7.72
N LEU HA 727 -73.96 85.77 -8.68
CA LEU HA 727 -74.83 84.72 -9.17
C LEU HA 727 -74.25 84.10 -10.43
N TYR HA 728 -73.93 82.82 -10.36
CA TYR HA 728 -73.43 82.09 -11.52
C TYR HA 728 -74.58 81.78 -12.47
N THR HA 729 -74.39 82.08 -13.75
CA THR HA 729 -75.40 81.85 -14.77
C THR HA 729 -74.77 81.15 -15.96
N GLU HA 730 -75.59 80.35 -16.65
CA GLU HA 730 -75.19 79.72 -17.89
C GLU HA 730 -76.03 80.31 -19.03
N PRO HA 731 -75.44 81.09 -19.93
CA PRO HA 731 -76.23 81.81 -20.94
C PRO HA 731 -77.00 80.92 -21.91
N ARG HA 732 -76.46 79.77 -22.25
CA ARG HA 732 -77.05 78.95 -23.29
C ARG HA 732 -76.76 77.48 -22.99
N PRO HA 733 -77.57 76.56 -23.52
CA PRO HA 733 -77.22 75.14 -23.44
C PRO HA 733 -76.25 74.77 -24.55
N ILE HA 734 -75.20 74.01 -24.19
CA ILE HA 734 -74.18 73.59 -25.13
C ILE HA 734 -74.33 72.10 -25.36
N GLY HA 735 -74.49 71.72 -26.63
CA GLY HA 735 -74.50 70.32 -27.01
C GLY HA 735 -73.11 69.78 -27.24
N THR HA 736 -73.05 68.68 -27.97
CA THR HA 736 -71.79 67.99 -28.21
C THR HA 736 -71.41 67.90 -29.68
N ARG HA 737 -72.37 68.01 -30.59
CA ARG HA 737 -72.17 67.65 -31.99
C ARG HA 737 -71.61 68.84 -32.75
N TYR HA 738 -70.29 68.97 -32.78
CA TYR HA 738 -69.64 70.06 -33.51
C TYR HA 738 -68.73 69.50 -34.59
N LEU HA 739 -67.89 68.54 -34.23
CA LEU HA 739 -67.10 67.83 -35.23
C LEU HA 739 -68.03 67.04 -36.13
N THR HA 740 -67.54 66.65 -37.30
CA THR HA 740 -68.35 65.89 -38.24
C THR HA 740 -67.61 64.63 -38.66
N ARG HA 741 -68.38 63.68 -39.19
CA ARG HA 741 -67.81 62.49 -39.79
C ARG HA 741 -68.73 62.03 -40.91
N PRO HA 742 -68.22 61.31 -41.90
CA PRO HA 742 -69.07 60.86 -43.00
C PRO HA 742 -70.06 59.80 -42.54
N LEU HA 743 -71.23 59.81 -43.16
CA LEU HA 743 -72.32 58.93 -42.77
C LEU HA 743 -72.07 57.49 -43.20
N ASP IA 219 -63.49 55.13 21.94
CA ASP IA 219 -62.60 55.35 20.82
C ASP IA 219 -62.53 56.83 20.44
N GLY IA 220 -63.19 57.68 21.22
CA GLY IA 220 -63.12 59.12 21.04
C GLY IA 220 -64.48 59.76 20.92
N VAL IA 221 -64.48 61.08 21.08
CA VAL IA 221 -65.70 61.87 20.96
C VAL IA 221 -66.18 61.93 19.51
N GLY IA 222 -65.27 62.09 18.57
CA GLY IA 222 -65.66 62.31 17.18
C GLY IA 222 -65.61 61.09 16.30
N ASN IA 223 -65.60 59.91 16.89
CA ASN IA 223 -65.54 58.65 16.17
C ASN IA 223 -66.72 57.79 16.59
N ALA IA 224 -67.50 57.34 15.61
CA ALA IA 224 -68.65 56.50 15.90
C ALA IA 224 -68.20 55.12 16.34
N SER IA 225 -68.86 54.57 17.36
CA SER IA 225 -68.49 53.27 17.90
C SER IA 225 -69.30 52.12 17.31
N GLY IA 226 -70.14 52.38 16.32
CA GLY IA 226 -70.84 51.29 15.67
C GLY IA 226 -71.59 51.81 14.47
N ASN IA 227 -72.08 50.88 13.68
CA ASN IA 227 -72.82 51.18 12.47
C ASN IA 227 -74.24 50.64 12.59
N TRP IA 228 -75.09 51.09 11.68
CA TRP IA 228 -76.48 50.66 11.64
C TRP IA 228 -76.54 49.32 10.91
N HIS IA 229 -76.88 48.27 11.64
CA HIS IA 229 -76.99 46.92 11.07
C HIS IA 229 -78.43 46.46 11.23
N CYS IA 230 -79.24 46.70 10.21
CA CYS IA 230 -80.62 46.25 10.18
C CYS IA 230 -80.84 45.52 8.86
N ASP IA 231 -80.99 44.21 8.93
CA ASP IA 231 -80.95 43.38 7.72
C ASP IA 231 -81.61 42.05 8.04
N SER IA 232 -81.71 41.20 7.02
CA SER IA 232 -82.17 39.83 7.20
C SER IA 232 -81.57 38.99 6.09
N THR IA 233 -80.78 37.99 6.46
CA THR IA 233 -80.09 37.14 5.50
C THR IA 233 -80.68 35.74 5.60
N TRP IA 234 -81.10 35.20 4.46
CA TRP IA 234 -81.70 33.88 4.40
C TRP IA 234 -80.69 32.92 3.78
N LEU IA 235 -80.19 31.99 4.58
CA LEU IA 235 -79.36 30.92 4.08
C LEU IA 235 -80.26 29.71 3.82
N GLY IA 236 -79.67 28.55 3.57
CA GLY IA 236 -80.48 27.39 3.27
C GLY IA 236 -81.38 26.96 4.41
N ASP IA 237 -80.80 26.79 5.60
CA ASP IA 237 -81.56 26.34 6.75
C ASP IA 237 -81.49 27.30 7.92
N ARG IA 238 -80.85 28.46 7.76
CA ARG IA 238 -80.78 29.47 8.79
C ARG IA 238 -81.36 30.77 8.23
N VAL IA 239 -81.82 31.62 9.14
CA VAL IA 239 -82.08 33.01 8.82
C VAL IA 239 -81.48 33.86 9.93
N ILE IA 240 -80.73 34.89 9.55
CA ILE IA 240 -80.11 35.79 10.51
C ILE IA 240 -80.81 37.14 10.40
N THR IA 241 -81.43 37.58 11.48
CA THR IA 241 -82.14 38.84 11.54
C THR IA 241 -81.35 39.81 12.40
N THR IA 242 -81.05 40.99 11.86
CA THR IA 242 -80.38 42.06 12.58
C THR IA 242 -81.30 43.26 12.68
N SER IA 243 -81.33 43.88 13.85
CA SER IA 243 -82.18 45.04 14.09
C SER IA 243 -81.43 46.08 14.89
N THR IA 244 -81.38 47.30 14.38
CA THR IA 244 -80.83 48.44 15.10
C THR IA 244 -81.95 49.42 15.39
N ARG IA 245 -81.95 49.95 16.60
CA ARG IA 245 -82.93 50.94 17.04
C ARG IA 245 -82.23 52.05 17.80
N THR IA 246 -82.90 53.19 17.88
CA THR IA 246 -82.42 54.31 18.67
C THR IA 246 -83.23 54.38 19.96
N TRP IA 247 -82.52 54.40 21.09
CA TRP IA 247 -83.13 54.39 22.40
C TRP IA 247 -82.81 55.67 23.16
N ALA IA 248 -83.73 56.04 24.04
CA ALA IA 248 -83.55 57.10 25.01
C ALA IA 248 -83.78 56.54 26.40
N LEU IA 249 -82.83 56.79 27.30
CA LEU IA 249 -82.87 56.33 28.68
C LEU IA 249 -82.90 57.53 29.61
N PRO IA 250 -83.96 57.72 30.38
CA PRO IA 250 -83.98 58.82 31.34
C PRO IA 250 -83.39 58.43 32.67
N THR IA 251 -83.43 59.34 33.63
CA THR IA 251 -83.11 59.00 35.02
C THR IA 251 -84.39 58.60 35.73
N TYR IA 252 -84.38 57.42 36.33
CA TYR IA 252 -85.55 56.86 36.98
C TYR IA 252 -85.40 57.01 38.49
N ASN IA 253 -86.46 57.48 39.15
CA ASN IA 253 -86.57 57.54 40.60
C ASN IA 253 -85.61 58.54 41.23
N ASN IA 254 -85.00 59.43 40.45
CA ASN IA 254 -83.93 60.29 40.92
C ASN IA 254 -82.78 59.48 41.50
N HIS IA 255 -82.41 58.40 40.79
CA HIS IA 255 -81.30 57.52 41.17
C HIS IA 255 -81.55 56.79 42.49
N LEU IA 256 -82.82 56.59 42.83
CA LEU IA 256 -83.18 56.00 44.11
C LEU IA 256 -83.80 54.62 43.91
N TYR IA 257 -83.59 53.76 44.88
CA TYR IA 257 -84.31 52.51 45.01
C TYR IA 257 -85.51 52.77 45.92
N LYS IA 258 -86.70 52.46 45.44
CA LYS IA 258 -87.91 52.73 46.21
C LYS IA 258 -88.66 51.44 46.44
N GLN IA 259 -89.24 51.30 47.64
CA GLN IA 259 -90.07 50.16 47.98
C GLN IA 259 -91.51 50.47 47.60
N ILE IA 260 -92.10 49.59 46.80
CA ILE IA 260 -93.45 49.80 46.31
C ILE IA 260 -94.33 48.66 46.81
N SER IA 261 -95.59 48.99 47.10
CA SER IA 261 -96.57 48.01 47.53
C SER IA 261 -97.95 48.52 47.18
N SER IA 262 -98.98 47.80 47.62
CA SER IA 262 -100.36 48.14 47.33
C SER IA 262 -101.05 48.80 48.52
N ALA IA 263 -100.31 49.13 49.57
CA ALA IA 263 -100.91 49.67 50.79
C ALA IA 263 -101.60 51.01 50.53
N SER IA 264 -100.93 51.91 49.81
CA SER IA 264 -101.58 53.17 49.46
C SER IA 264 -102.63 52.99 48.38
N THR IA 265 -102.44 52.01 47.50
CA THR IA 265 -103.41 51.77 46.44
C THR IA 265 -104.76 51.34 47.02
N GLY IA 266 -104.74 50.57 48.09
CA GLY IA 266 -105.99 50.05 48.63
C GLY IA 266 -106.68 49.06 47.72
N ALA IA 267 -105.92 48.12 47.15
CA ALA IA 267 -106.44 47.16 46.20
C ALA IA 267 -107.15 46.02 46.92
N SER IA 268 -107.74 45.12 46.14
CA SER IA 268 -108.33 43.92 46.69
C SER IA 268 -107.26 42.93 47.09
N ASN IA 269 -107.67 41.89 47.82
CA ASN IA 269 -106.72 40.90 48.29
C ASN IA 269 -106.01 40.19 47.14
N ASP IA 270 -106.67 40.09 45.99
CA ASP IA 270 -106.08 39.44 44.83
C ASP IA 270 -105.01 40.28 44.16
N ASN IA 271 -105.03 41.59 44.36
CA ASN IA 271 -104.13 42.50 43.66
C ASN IA 271 -103.04 43.07 44.57
N HIS IA 272 -102.90 42.52 45.77
CA HIS IA 272 -101.87 42.98 46.69
C HIS IA 272 -100.49 42.59 46.18
N TYR IA 273 -99.51 43.44 46.42
CA TYR IA 273 -98.14 43.14 46.01
C TYR IA 273 -97.16 43.91 46.89
N PHE IA 274 -95.92 43.46 46.84
CA PHE IA 274 -94.80 44.10 47.52
C PHE IA 274 -93.58 43.93 46.63
N GLY IA 275 -92.82 44.99 46.44
CA GLY IA 275 -91.66 44.90 45.59
C GLY IA 275 -90.81 46.14 45.65
N TYR IA 276 -89.96 46.27 44.64
CA TYR IA 276 -89.01 47.37 44.59
C TYR IA 276 -88.93 47.94 43.18
N SER IA 277 -88.73 49.25 43.13
CA SER IA 277 -88.50 50.00 41.90
C SER IA 277 -87.05 50.43 41.88
N THR IA 278 -86.32 50.07 40.83
CA THR IA 278 -84.92 50.46 40.80
C THR IA 278 -84.72 51.64 39.86
N PRO IA 279 -83.61 52.36 39.97
CA PRO IA 279 -83.30 53.42 39.01
C PRO IA 279 -82.79 52.93 37.66
N TRP IA 280 -82.75 51.62 37.45
CA TRP IA 280 -82.24 51.04 36.22
C TRP IA 280 -83.36 50.85 35.21
N GLY IA 281 -82.99 50.89 33.92
CA GLY IA 281 -83.83 50.42 32.85
C GLY IA 281 -83.26 49.12 32.30
N TYR IA 282 -84.05 48.46 31.47
CA TYR IA 282 -83.61 47.22 30.88
C TYR IA 282 -83.94 47.21 29.39
N PHE IA 283 -83.19 46.40 28.65
CA PHE IA 283 -83.38 46.24 27.22
C PHE IA 283 -84.23 45.00 26.96
N ASP IA 284 -85.28 45.17 26.17
CA ASP IA 284 -86.22 44.10 25.85
C ASP IA 284 -86.34 43.96 24.34
N PHE IA 285 -86.12 42.75 23.85
CA PHE IA 285 -86.35 42.44 22.45
C PHE IA 285 -87.04 41.08 22.37
N ASN IA 286 -88.03 40.87 23.23
CA ASN IA 286 -88.74 39.61 23.34
C ASN IA 286 -90.07 39.62 22.60
N ARG IA 287 -90.12 40.24 21.43
CA ARG IA 287 -91.24 40.13 20.52
C ARG IA 287 -90.70 39.81 19.13
N PHE IA 288 -91.51 39.12 18.33
CA PHE IA 288 -91.03 38.66 17.04
C PHE IA 288 -90.86 39.80 16.05
N HIS IA 289 -91.65 40.86 16.18
CA HIS IA 289 -91.54 41.98 15.25
C HIS IA 289 -90.37 42.91 15.57
N CYS IA 290 -89.69 42.70 16.69
CA CYS IA 290 -88.41 43.38 16.91
C CYS IA 290 -87.34 42.86 15.98
N HIS IA 291 -87.56 41.71 15.36
CA HIS IA 291 -86.56 41.05 14.54
C HIS IA 291 -87.02 40.77 13.12
N PHE IA 292 -88.30 40.49 12.90
CA PHE IA 292 -88.81 40.17 11.59
C PHE IA 292 -89.66 41.33 11.07
N SER IA 293 -89.39 41.74 9.83
CA SER IA 293 -90.35 42.56 9.13
C SER IA 293 -91.54 41.69 8.76
N PRO IA 294 -92.70 42.30 8.46
CA PRO IA 294 -93.84 41.49 8.02
C PRO IA 294 -93.55 40.66 6.79
N ARG IA 295 -92.75 41.18 5.85
CA ARG IA 295 -92.36 40.40 4.69
C ARG IA 295 -91.51 39.20 5.09
N ASP IA 296 -90.56 39.39 6.01
CA ASP IA 296 -89.74 38.28 6.47
C ASP IA 296 -90.57 37.25 7.23
N TRP IA 297 -91.52 37.71 8.03
CA TRP IA 297 -92.42 36.80 8.73
C TRP IA 297 -93.23 35.97 7.76
N GLN IA 298 -93.76 36.61 6.71
CA GLN IA 298 -94.51 35.88 5.70
C GLN IA 298 -93.62 34.87 4.98
N ARG IA 299 -92.40 35.27 4.65
CA ARG IA 299 -91.46 34.36 4.01
C ARG IA 299 -91.15 33.16 4.90
N LEU IA 300 -91.04 33.38 6.20
CA LEU IA 300 -90.78 32.28 7.12
C LEU IA 300 -91.98 31.34 7.22
N ILE IA 301 -93.17 31.89 7.46
CA ILE IA 301 -94.33 31.07 7.77
C ILE IA 301 -94.94 30.42 6.55
N ASN IA 302 -94.69 30.94 5.35
CA ASN IA 302 -95.23 30.32 4.15
C ASN IA 302 -94.36 29.20 3.63
N ASN IA 303 -93.16 29.04 4.16
CA ASN IA 303 -92.19 28.13 3.59
C ASN IA 303 -91.57 27.15 4.57
N ASN IA 304 -91.70 27.38 5.86
CA ASN IA 304 -91.02 26.54 6.84
C ASN IA 304 -92.02 25.79 7.70
N TRP IA 305 -91.70 24.53 7.98
CA TRP IA 305 -92.49 23.73 8.91
C TRP IA 305 -92.17 24.03 10.35
N GLY IA 306 -91.00 24.60 10.64
CA GLY IA 306 -90.72 24.95 12.01
C GLY IA 306 -89.52 25.87 12.10
N PHE IA 307 -89.35 26.46 13.27
CA PHE IA 307 -88.18 27.30 13.46
C PHE IA 307 -87.82 27.42 14.93
N ARG IA 308 -86.59 27.82 15.20
CA ARG IA 308 -86.16 28.02 16.58
C ARG IA 308 -84.94 28.93 16.59
N PRO IA 309 -84.65 29.58 17.71
CA PRO IA 309 -83.45 30.43 17.78
C PRO IA 309 -82.20 29.68 18.19
N LYS IA 310 -81.10 30.00 17.51
CA LYS IA 310 -79.79 29.41 17.72
C LYS IA 310 -78.86 30.33 18.50
N ARG IA 311 -78.68 31.57 18.08
CA ARG IA 311 -77.74 32.41 18.81
C ARG IA 311 -78.10 33.87 18.65
N LEU IA 312 -77.51 34.71 19.50
CA LEU IA 312 -77.75 36.15 19.39
C LEU IA 312 -76.51 36.93 19.80
N ASN IA 313 -76.40 38.11 19.19
CA ASN IA 313 -75.41 39.13 19.50
C ASN IA 313 -76.14 40.42 19.87
N PHE IA 314 -75.66 41.08 20.90
CA PHE IA 314 -76.22 42.33 21.39
C PHE IA 314 -75.11 43.36 21.40
N LYS IA 315 -75.38 44.53 20.85
CA LYS IA 315 -74.42 45.62 20.83
C LYS IA 315 -75.11 46.91 21.25
N LEU IA 316 -74.38 47.74 21.99
CA LEU IA 316 -74.84 49.03 22.47
C LEU IA 316 -73.76 50.04 22.09
N PHE IA 317 -74.12 51.04 21.29
CA PHE IA 317 -73.09 51.89 20.72
C PHE IA 317 -73.63 53.29 20.51
N ASN IA 318 -72.71 54.22 20.28
CA ASN IA 318 -73.00 55.63 20.01
C ASN IA 318 -73.75 56.27 21.18
N ILE IA 319 -73.15 56.17 22.36
CA ILE IA 319 -73.74 56.72 23.58
C ILE IA 319 -73.59 58.22 23.58
N GLN IA 320 -74.68 58.93 23.90
CA GLN IA 320 -74.65 60.37 24.08
C GLN IA 320 -75.39 60.70 25.36
N VAL IA 321 -74.70 61.27 26.33
CA VAL IA 321 -75.32 61.75 27.55
C VAL IA 321 -75.63 63.23 27.38
N LYS IA 322 -76.86 63.61 27.70
CA LYS IA 322 -77.32 64.97 27.54
C LYS IA 322 -77.75 65.53 28.89
N GLU IA 323 -77.23 66.70 29.20
CA GLU IA 323 -77.60 67.48 30.38
C GLU IA 323 -78.76 68.40 30.07
N VAL IA 324 -79.73 68.47 30.98
CA VAL IA 324 -80.94 69.27 30.80
C VAL IA 324 -81.06 70.27 31.93
N THR IA 325 -81.28 71.54 31.58
CA THR IA 325 -81.54 72.60 32.56
C THR IA 325 -82.80 73.35 32.14
N THR IA 326 -83.78 73.44 33.03
CA THR IA 326 -84.98 74.22 32.77
C THR IA 326 -84.96 75.46 33.67
N ASN IA 327 -84.90 76.64 33.03
CA ASN IA 327 -84.91 77.92 33.72
C ASN IA 327 -86.00 78.81 33.12
N ASP IA 328 -86.82 79.39 34.00
CA ASP IA 328 -87.88 80.31 33.58
C ASP IA 328 -88.80 79.69 32.54
N GLY IA 329 -88.91 78.36 32.56
CA GLY IA 329 -89.76 77.65 31.64
C GLY IA 329 -89.10 77.19 30.35
N VAL IA 330 -87.91 77.69 30.04
CA VAL IA 330 -87.22 77.31 28.82
C VAL IA 330 -86.15 76.27 29.15
N THR IA 331 -86.01 75.29 28.27
CA THR IA 331 -85.18 74.12 28.51
C THR IA 331 -83.96 74.14 27.60
N THR IA 332 -82.78 73.99 28.20
CA THR IA 332 -81.52 73.89 27.49
C THR IA 332 -81.01 72.46 27.62
N ILE IA 333 -80.58 71.90 26.49
CA ILE IA 333 -79.97 70.59 26.46
C ILE IA 333 -78.55 70.74 25.92
N ALA IA 334 -77.58 70.19 26.62
CA ALA IA 334 -76.19 70.23 26.21
C ALA IA 334 -75.62 68.82 26.25
N ASN IA 335 -74.47 68.65 25.63
CA ASN IA 335 -73.76 67.39 25.70
C ASN IA 335 -72.91 67.32 26.96
N ASN IA 336 -72.94 66.18 27.63
CA ASN IA 336 -72.09 65.92 28.78
C ASN IA 336 -71.07 64.87 28.33
N LEU IA 337 -69.89 65.32 27.93
CA LEU IA 337 -68.93 64.44 27.29
C LEU IA 337 -68.25 63.49 28.28
N THR IA 338 -68.30 63.77 29.57
CA THR IA 338 -67.59 62.98 30.57
C THR IA 338 -68.51 62.12 31.42
N SER IA 339 -69.79 62.05 31.10
CA SER IA 339 -70.71 61.23 31.86
C SER IA 339 -70.75 59.80 31.31
N THR IA 340 -71.21 58.88 32.15
CA THR IA 340 -71.21 57.47 31.82
C THR IA 340 -72.59 56.86 31.96
N VAL IA 341 -72.81 55.78 31.23
CA VAL IA 341 -73.93 54.87 31.47
C VAL IA 341 -73.34 53.54 31.92
N GLN IA 342 -73.92 52.99 32.98
CA GLN IA 342 -73.55 51.66 33.45
C GLN IA 342 -74.43 50.62 32.78
N VAL IA 343 -73.81 49.59 32.22
CA VAL IA 343 -74.51 48.50 31.55
C VAL IA 343 -73.98 47.19 32.10
N PHE IA 344 -74.88 46.25 32.40
CA PHE IA 344 -74.42 44.91 32.70
C PHE IA 344 -75.47 43.91 32.25
N SER IA 345 -75.00 42.69 31.97
CA SER IA 345 -75.86 41.58 31.59
C SER IA 345 -75.93 40.61 32.77
N ASP IA 346 -77.14 40.20 33.12
CA ASP IA 346 -77.34 39.30 34.26
C ASP IA 346 -77.25 37.87 33.76
N SER IA 347 -76.02 37.46 33.46
CA SER IA 347 -75.77 36.19 32.80
C SER IA 347 -75.93 34.99 33.71
N GLU IA 348 -75.90 35.18 35.02
CA GLU IA 348 -76.08 34.08 35.97
C GLU IA 348 -77.48 34.03 36.55
N TYR IA 349 -78.39 34.85 36.05
CA TYR IA 349 -79.80 34.83 36.45
C TYR IA 349 -79.95 34.96 37.96
N GLN IA 350 -79.21 35.92 38.52
CA GLN IA 350 -79.24 36.19 39.94
C GLN IA 350 -80.30 37.22 40.31
N LEU IA 351 -80.93 37.83 39.34
CA LEU IA 351 -81.96 38.83 39.50
C LEU IA 351 -83.31 38.25 39.17
N PRO IA 352 -84.39 38.83 39.68
CA PRO IA 352 -85.72 38.44 39.21
C PRO IA 352 -85.87 38.71 37.72
N TYR IA 353 -86.39 37.73 37.00
CA TYR IA 353 -86.54 37.82 35.55
C TYR IA 353 -87.90 38.42 35.25
N VAL IA 354 -87.93 39.70 34.85
CA VAL IA 354 -89.19 40.35 34.53
C VAL IA 354 -89.50 40.29 33.05
N LEU IA 355 -88.56 39.85 32.23
CA LEU IA 355 -88.89 39.56 30.85
C LEU IA 355 -89.78 38.32 30.80
N GLY IA 356 -90.46 38.14 29.68
CA GLY IA 356 -91.35 37.00 29.59
C GLY IA 356 -92.69 37.19 30.27
N SER IA 357 -93.03 38.41 30.66
CA SER IA 357 -94.35 38.74 31.16
C SER IA 357 -95.14 39.60 30.20
N ALA IA 358 -94.67 39.73 28.95
CA ALA IA 358 -95.36 40.45 27.88
C ALA IA 358 -95.54 41.93 28.23
N HIS IA 359 -94.45 42.58 28.58
CA HIS IA 359 -94.49 43.99 28.96
C HIS IA 359 -94.14 44.89 27.77
N GLN IA 360 -94.59 46.13 27.87
CA GLN IA 360 -94.20 47.15 26.91
C GLN IA 360 -92.74 47.54 27.11
N GLY IA 361 -92.17 48.18 26.11
CA GLY IA 361 -90.80 48.63 26.21
C GLY IA 361 -89.83 47.88 25.34
N CYS IA 362 -90.32 46.97 24.50
CA CYS IA 362 -89.47 46.29 23.55
C CYS IA 362 -89.00 47.24 22.46
N LEU IA 363 -88.08 46.77 21.63
CA LEU IA 363 -87.73 47.52 20.44
C LEU IA 363 -88.98 47.66 19.56
N PRO IA 364 -89.23 48.83 19.01
CA PRO IA 364 -90.42 49.02 18.18
C PRO IA 364 -90.34 48.18 16.91
N PRO IA 365 -91.50 47.79 16.35
CA PRO IA 365 -91.47 46.99 15.11
C PRO IA 365 -90.84 47.74 13.94
N PHE IA 366 -91.09 49.04 13.84
CA PHE IA 366 -90.58 49.82 12.72
C PHE IA 366 -89.17 50.33 13.05
N PRO IA 367 -88.18 50.07 12.18
CA PRO IA 367 -86.80 50.45 12.50
C PRO IA 367 -86.57 51.94 12.62
N ALA IA 368 -87.47 52.77 12.11
CA ALA IA 368 -87.31 54.21 12.20
C ALA IA 368 -87.76 54.78 13.54
N ASP IA 369 -88.39 53.98 14.38
CA ASP IA 369 -88.96 54.50 15.63
C ASP IA 369 -87.92 54.56 16.73
N VAL IA 370 -87.99 55.62 17.52
CA VAL IA 370 -87.11 55.83 18.66
C VAL IA 370 -87.88 55.47 19.92
N PHE IA 371 -87.29 54.64 20.77
CA PHE IA 371 -88.03 54.10 21.90
C PHE IA 371 -87.37 54.47 23.22
N MET IA 372 -88.21 54.64 24.22
CA MET IA 372 -87.79 54.90 25.59
C MET IA 372 -87.54 53.59 26.30
N ILE IA 373 -86.50 53.55 27.11
CA ILE IA 373 -86.13 52.31 27.80
C ILE IA 373 -86.98 52.16 29.06
N PRO IA 374 -87.62 51.02 29.26
CA PRO IA 374 -88.50 50.85 30.43
C PRO IA 374 -87.72 50.69 31.73
N GLN IA 375 -88.37 51.10 32.83
CA GLN IA 375 -87.74 51.02 34.14
C GLN IA 375 -87.77 49.61 34.68
N TYR IA 376 -86.73 49.23 35.41
CA TYR IA 376 -86.66 47.92 36.03
C TYR IA 376 -87.28 47.96 37.43
N GLY IA 377 -88.09 46.97 37.71
CA GLY IA 377 -88.64 46.79 39.03
C GLY IA 377 -89.04 45.33 39.16
N TYR IA 378 -89.15 44.88 40.39
CA TYR IA 378 -89.50 43.49 40.62
C TYR IA 378 -90.43 43.40 41.81
N LEU IA 379 -91.06 42.24 41.95
CA LEU IA 379 -91.90 41.91 43.08
C LEU IA 379 -91.25 40.80 43.87
N THR IA 380 -91.52 40.77 45.17
CA THR IA 380 -91.02 39.74 46.05
C THR IA 380 -92.17 39.18 46.85
N LEU IA 381 -91.87 38.23 47.72
CA LEU IA 381 -92.90 37.60 48.54
C LEU IA 381 -93.65 38.64 49.35
N ASN IA 382 -94.97 38.54 49.34
CA ASN IA 382 -95.81 39.49 50.07
C ASN IA 382 -96.89 38.75 50.83
N ASN IA 383 -97.26 39.32 51.98
CA ASN IA 383 -98.37 38.87 52.81
C ASN IA 383 -99.36 40.02 52.86
N GLY IA 384 -100.21 40.09 51.85
CA GLY IA 384 -101.02 41.28 51.66
C GLY IA 384 -100.17 42.37 51.05
N SER IA 385 -100.20 43.56 51.63
CA SER IA 385 -99.32 44.63 51.21
C SER IA 385 -98.00 44.64 51.98
N GLN IA 386 -97.78 43.66 52.84
CA GLN IA 386 -96.59 43.59 53.66
C GLN IA 386 -95.59 42.60 53.07
N ALA IA 387 -94.38 42.62 53.61
CA ALA IA 387 -93.33 41.70 53.22
C ALA IA 387 -93.26 40.56 54.23
N VAL IA 388 -92.35 39.63 54.00
CA VAL IA 388 -92.05 38.55 54.92
C VAL IA 388 -90.54 38.52 55.13
N GLY IA 389 -90.09 37.56 55.95
CA GLY IA 389 -88.67 37.42 56.19
C GLY IA 389 -87.90 36.99 54.97
N ARG IA 390 -88.51 36.15 54.13
CA ARG IA 390 -87.87 35.61 52.94
C ARG IA 390 -88.05 36.52 51.73
N SER IA 391 -88.68 37.68 51.90
CA SER IA 391 -88.71 38.66 50.84
C SER IA 391 -87.31 39.16 50.55
N SER IA 392 -86.93 39.17 49.28
CA SER IA 392 -85.59 39.53 48.88
C SER IA 392 -85.53 40.98 48.42
N PHE IA 393 -84.35 41.57 48.58
CA PHE IA 393 -84.04 42.88 48.04
C PHE IA 393 -82.75 42.75 47.25
N TYR IA 394 -82.71 43.37 46.09
CA TYR IA 394 -81.56 43.30 45.21
C TYR IA 394 -81.09 44.71 44.90
N CYS IA 395 -79.87 45.04 45.30
CA CYS IA 395 -79.20 46.22 44.81
C CYS IA 395 -78.52 45.86 43.49
N LEU IA 396 -78.88 46.56 42.42
CA LEU IA 396 -78.26 46.29 41.13
C LEU IA 396 -76.90 46.93 40.99
N GLU IA 397 -76.54 47.86 41.88
CA GLU IA 397 -75.19 48.36 41.95
C GLU IA 397 -74.24 47.37 42.58
N TYR IA 398 -74.76 46.30 43.17
CA TYR IA 398 -73.97 45.22 43.72
C TYR IA 398 -73.53 44.23 42.66
N PHE IA 399 -73.55 44.62 41.39
CA PHE IA 399 -73.07 43.85 40.28
C PHE IA 399 -71.90 44.56 39.62
N PRO IA 400 -71.00 43.82 38.97
CA PRO IA 400 -70.01 44.48 38.10
C PRO IA 400 -70.68 45.03 36.85
N SER IA 401 -70.51 46.32 36.62
CA SER IA 401 -71.05 47.00 35.46
C SER IA 401 -69.92 47.53 34.60
N GLN IA 402 -70.16 47.62 33.30
CA GLN IA 402 -69.27 48.33 32.42
C GLN IA 402 -69.75 49.77 32.32
N MET IA 403 -68.84 50.71 32.57
CA MET IA 403 -69.13 52.13 32.47
C MET IA 403 -68.73 52.62 31.09
N LEU IA 404 -69.67 53.25 30.40
CA LEU IA 404 -69.49 53.66 29.01
C LEU IA 404 -69.57 55.17 28.93
N ARG IA 405 -68.50 55.79 28.45
CA ARG IA 405 -68.53 57.18 28.05
C ARG IA 405 -68.94 57.25 26.58
N THR IA 406 -68.90 58.43 25.99
CA THR IA 406 -69.47 58.60 24.65
C THR IA 406 -68.69 57.88 23.57
N GLY IA 407 -67.47 57.42 23.85
CA GLY IA 407 -66.70 56.73 22.84
C GLY IA 407 -66.67 55.23 23.02
N ASN IA 408 -67.36 54.71 24.02
CA ASN IA 408 -67.34 53.29 24.33
C ASN IA 408 -68.57 52.58 23.79
N ASN IA 409 -68.44 51.27 23.61
CA ASN IA 409 -69.56 50.41 23.25
C ASN IA 409 -69.56 49.18 24.14
N PHE IA 410 -70.63 48.41 24.02
CA PHE IA 410 -70.89 47.25 24.85
C PHE IA 410 -71.32 46.10 23.93
N THR IA 411 -70.72 44.93 24.08
CA THR IA 411 -71.09 43.78 23.27
C THR IA 411 -71.36 42.59 24.17
N PHE IA 412 -72.19 41.67 23.69
CA PHE IA 412 -72.54 40.51 24.48
C PHE IA 412 -73.09 39.43 23.55
N SER IA 413 -72.57 38.22 23.66
CA SER IA 413 -73.03 37.10 22.86
C SER IA 413 -73.74 36.07 23.72
N TYR IA 414 -74.68 35.36 23.13
CA TYR IA 414 -75.46 34.36 23.86
C TYR IA 414 -75.82 33.24 22.91
N THR IA 415 -75.78 32.02 23.41
CA THR IA 415 -76.18 30.84 22.65
C THR IA 415 -77.43 30.23 23.29
N PHE IA 416 -78.44 30.00 22.48
CA PHE IA 416 -79.65 29.34 22.97
C PHE IA 416 -79.39 27.86 23.21
N GLU IA 417 -80.05 27.33 24.24
CA GLU IA 417 -80.07 25.89 24.44
C GLU IA 417 -80.87 25.21 23.35
N GLU IA 418 -80.70 23.90 23.23
CA GLU IA 418 -81.41 23.13 22.22
C GLU IA 418 -82.87 23.03 22.63
N VAL IA 419 -83.69 23.91 22.06
CA VAL IA 419 -85.13 23.97 22.32
C VAL IA 419 -85.80 23.29 21.13
N PRO IA 420 -86.98 22.69 21.29
CA PRO IA 420 -87.67 22.14 20.13
C PRO IA 420 -88.12 23.23 19.16
N PHE IA 421 -88.18 22.85 17.89
CA PHE IA 421 -88.71 23.75 16.87
C PHE IA 421 -90.15 24.12 17.20
N HIS IA 422 -90.48 25.39 17.05
CA HIS IA 422 -91.89 25.76 17.01
C HIS IA 422 -92.49 25.30 15.71
N SER IA 423 -93.74 24.85 15.80
CA SER IA 423 -94.47 24.23 14.70
C SER IA 423 -95.17 25.30 13.88
N SER IA 424 -94.65 25.59 12.69
CA SER IA 424 -95.28 26.51 11.76
C SER IA 424 -96.25 25.82 10.83
N TYR IA 425 -96.86 24.72 11.28
CA TYR IA 425 -97.75 23.94 10.45
C TYR IA 425 -99.05 23.68 11.19
N ALA IA 426 -100.10 23.44 10.42
CA ALA IA 426 -101.31 22.80 10.87
C ALA IA 426 -101.30 21.34 10.46
N HIS IA 427 -102.23 20.57 10.99
CA HIS IA 427 -102.38 19.17 10.65
C HIS IA 427 -103.45 19.00 9.60
N SER IA 428 -103.16 18.18 8.59
CA SER IA 428 -104.11 17.86 7.54
C SER IA 428 -105.11 16.80 7.94
N GLN IA 429 -104.89 16.14 9.07
CA GLN IA 429 -105.80 15.13 9.58
C GLN IA 429 -106.23 15.51 10.99
N SER IA 430 -107.40 15.03 11.37
CA SER IA 430 -107.88 15.15 12.74
C SER IA 430 -107.54 13.88 13.50
N LEU IA 431 -107.44 14.02 14.83
CA LEU IA 431 -106.99 12.90 15.65
C LEU IA 431 -108.00 11.77 15.68
N ASP IA 432 -109.29 12.09 15.56
CA ASP IA 432 -110.33 11.07 15.53
C ASP IA 432 -110.63 10.59 14.11
N ARG IA 433 -109.77 10.90 13.15
CA ARG IA 433 -109.96 10.54 11.76
C ARG IA 433 -108.67 10.01 11.17
N LEU IA 434 -107.97 9.16 11.90
CA LEU IA 434 -106.67 8.65 11.50
C LEU IA 434 -106.75 7.27 10.87
N MET IA 435 -107.95 6.78 10.61
CA MET IA 435 -108.17 5.42 10.13
C MET IA 435 -108.24 5.36 8.61
N ASN IA 436 -108.13 4.15 8.09
CA ASN IA 436 -108.47 3.89 6.70
C ASN IA 436 -109.97 3.93 6.55
N PRO IA 437 -110.53 4.80 5.71
CA PRO IA 437 -111.98 4.87 5.57
C PRO IA 437 -112.60 3.79 4.69
N LEU IA 438 -111.81 2.82 4.22
CA LEU IA 438 -112.33 1.76 3.38
C LEU IA 438 -112.34 0.40 4.05
N ILE IA 439 -111.47 0.18 5.01
CA ILE IA 439 -111.28 -1.14 5.62
C ILE IA 439 -111.94 -1.15 6.99
N ASP IA 440 -112.52 -2.29 7.35
CA ASP IA 440 -113.04 -2.48 8.68
C ASP IA 440 -111.92 -2.76 9.67
N GLN IA 441 -112.27 -2.83 10.94
CA GLN IA 441 -111.34 -3.21 11.99
C GLN IA 441 -111.51 -4.68 12.33
N TYR IA 442 -110.53 -5.22 13.03
CA TYR IA 442 -110.68 -6.55 13.61
C TYR IA 442 -111.08 -6.48 15.08
N LEU IA 443 -111.35 -5.29 15.59
CA LEU IA 443 -111.75 -5.08 16.97
C LEU IA 443 -113.24 -4.86 17.05
N TYR IA 444 -113.87 -5.46 18.04
CA TYR IA 444 -115.31 -5.34 18.25
C TYR IA 444 -115.59 -4.41 19.42
N TYR IA 445 -116.78 -3.84 19.42
CA TYR IA 445 -117.23 -2.99 20.51
C TYR IA 445 -118.68 -3.34 20.82
N LEU IA 446 -119.09 -3.05 22.05
CA LEU IA 446 -120.48 -3.26 22.42
C LEU IA 446 -121.34 -2.19 21.75
N ASN IA 447 -122.26 -2.64 20.89
CA ASN IA 447 -123.06 -1.73 20.09
C ASN IA 447 -124.47 -1.56 20.64
N ARG IA 448 -125.11 -2.64 21.08
CA ARG IA 448 -126.46 -2.60 21.62
C ARG IA 448 -126.48 -3.35 22.94
N THR IA 449 -127.20 -2.80 23.92
CA THR IA 449 -127.57 -3.55 25.10
C THR IA 449 -129.07 -3.84 25.15
N GLN IA 450 -129.77 -3.60 24.05
CA GLN IA 450 -131.18 -3.95 23.91
C GLN IA 450 -131.37 -4.63 22.55
N ASN IA 451 -132.49 -5.32 22.40
CA ASN IA 451 -132.77 -6.01 21.16
C ASN IA 451 -133.02 -5.01 20.04
N GLN IA 452 -132.45 -5.29 18.87
CA GLN IA 452 -132.56 -4.39 17.73
C GLN IA 452 -133.93 -4.41 17.09
N SER IA 453 -134.66 -5.53 17.18
CA SER IA 453 -135.93 -5.66 16.47
C SER IA 453 -136.94 -4.63 16.94
N GLY IA 454 -137.07 -4.45 18.25
CA GLY IA 454 -137.98 -3.46 18.80
C GLY IA 454 -139.39 -3.94 19.08
N SER IA 455 -139.78 -5.11 18.55
CA SER IA 455 -141.10 -5.65 18.87
C SER IA 455 -141.21 -5.94 20.36
N ALA IA 456 -140.16 -6.49 20.94
CA ALA IA 456 -139.98 -6.56 22.38
C ALA IA 456 -138.88 -5.60 22.80
N GLN IA 457 -138.80 -5.33 24.10
CA GLN IA 457 -137.83 -4.40 24.65
C GLN IA 457 -136.84 -5.12 25.57
N ASN IA 458 -136.35 -6.27 25.13
CA ASN IA 458 -135.47 -7.09 25.96
C ASN IA 458 -134.04 -6.61 25.87
N LYS IA 459 -133.28 -6.86 26.93
CA LYS IA 459 -131.87 -6.54 26.93
C LYS IA 459 -131.09 -7.56 26.12
N ASP IA 460 -129.84 -7.22 25.82
CA ASP IA 460 -128.96 -8.11 25.07
C ASP IA 460 -127.52 -7.61 25.21
N LEU IA 461 -126.62 -8.31 24.53
CA LEU IA 461 -125.21 -7.91 24.44
C LEU IA 461 -124.80 -8.15 22.99
N LEU IA 462 -124.96 -7.13 22.16
CA LEU IA 462 -124.69 -7.22 20.73
C LEU IA 462 -123.44 -6.43 20.40
N PHE IA 463 -122.51 -7.06 19.70
CA PHE IA 463 -121.21 -6.48 19.40
C PHE IA 463 -121.07 -6.25 17.90
N SER IA 464 -120.52 -5.10 17.54
CA SER IA 464 -120.29 -4.76 16.15
C SER IA 464 -118.81 -4.60 15.90
N ARG IA 465 -118.45 -4.73 14.63
CA ARG IA 465 -117.07 -4.53 14.18
C ARG IA 465 -116.84 -3.08 13.82
N GLY IA 466 -115.65 -2.58 14.16
CA GLY IA 466 -115.28 -1.22 13.79
C GLY IA 466 -115.29 -1.04 12.30
N SER IA 467 -116.17 -0.16 11.82
CA SER IA 467 -116.40 0.01 10.40
C SER IA 467 -116.35 1.50 10.03
N PRO IA 468 -116.09 1.82 8.77
CA PRO IA 468 -116.10 3.23 8.35
C PRO IA 468 -117.46 3.88 8.46
N ALA IA 469 -118.54 3.11 8.55
CA ALA IA 469 -119.86 3.71 8.75
C ALA IA 469 -119.93 4.46 10.08
N GLY IA 470 -119.53 3.80 11.17
CA GLY IA 470 -119.43 4.48 12.44
C GLY IA 470 -117.98 4.70 12.84
N MET IA 471 -117.49 5.91 12.64
CA MET IA 471 -116.11 6.24 12.98
C MET IA 471 -115.97 6.76 14.39
N SER IA 472 -117.06 7.20 15.01
CA SER IA 472 -117.03 7.73 16.36
C SER IA 472 -116.88 6.62 17.40
N VAL IA 473 -117.27 5.39 17.07
CA VAL IA 473 -117.24 4.29 18.03
C VAL IA 473 -116.08 3.34 17.78
N GLN IA 474 -115.25 3.61 16.79
CA GLN IA 474 -114.09 2.77 16.54
C GLN IA 474 -113.08 2.90 17.67
N PRO IA 475 -112.49 1.80 18.12
CA PRO IA 475 -111.33 1.89 19.02
C PRO IA 475 -110.21 2.71 18.39
N LYS IA 476 -109.57 3.54 19.19
CA LYS IA 476 -108.51 4.42 18.73
C LYS IA 476 -107.33 4.33 19.67
N ASN IA 477 -106.20 4.91 19.25
CA ASN IA 477 -104.94 4.75 19.95
C ASN IA 477 -104.56 5.95 20.81
N TRP IA 478 -105.13 7.13 20.55
CA TRP IA 478 -104.69 8.35 21.18
C TRP IA 478 -105.87 9.16 21.68
N LEU IA 479 -105.59 10.16 22.50
CA LEU IA 479 -106.56 11.03 23.12
C LEU IA 479 -106.22 12.48 22.84
N PRO IA 480 -107.22 13.36 22.78
CA PRO IA 480 -106.92 14.79 22.65
C PRO IA 480 -106.28 15.34 23.92
N GLY IA 481 -105.55 16.43 23.74
CA GLY IA 481 -104.80 17.04 24.82
C GLY IA 481 -105.65 17.46 26.00
N PRO IA 482 -105.00 17.94 27.05
CA PRO IA 482 -105.73 18.34 28.26
C PRO IA 482 -106.52 19.61 28.03
N CYS IA 483 -107.51 19.81 28.88
CA CYS IA 483 -108.39 20.97 28.75
C CYS IA 483 -108.64 21.59 30.11
N TYR IA 484 -108.98 22.87 30.11
CA TYR IA 484 -109.44 23.60 31.29
C TYR IA 484 -110.47 24.62 30.82
N ARG IA 485 -111.74 24.25 30.91
CA ARG IA 485 -112.79 24.94 30.18
C ARG IA 485 -112.86 26.42 30.53
N GLN IA 486 -113.09 27.24 29.50
CA GLN IA 486 -113.26 28.68 29.62
C GLN IA 486 -114.72 29.04 29.32
N GLN IA 487 -115.07 30.26 29.65
CA GLN IA 487 -116.41 30.77 29.36
C GLN IA 487 -116.46 31.30 27.94
N ARG IA 488 -117.59 31.10 27.28
CA ARG IA 488 -117.75 31.42 25.87
C ARG IA 488 -118.36 32.81 25.73
N VAL IA 489 -117.64 33.71 25.10
CA VAL IA 489 -118.08 35.07 24.87
C VAL IA 489 -118.25 35.27 23.37
N SER IA 490 -119.36 35.89 22.98
CA SER IA 490 -119.63 36.18 21.59
C SER IA 490 -119.07 37.55 21.22
N LYS IA 491 -118.42 37.62 20.05
CA LYS IA 491 -117.97 38.89 19.53
C LYS IA 491 -119.12 39.82 19.19
N THR IA 492 -120.33 39.27 18.99
CA THR IA 492 -121.54 40.06 18.86
C THR IA 492 -122.15 40.24 20.24
N LYS IA 493 -122.10 41.47 20.75
CA LYS IA 493 -122.38 41.69 22.17
C LYS IA 493 -123.83 41.40 22.56
N THR IA 494 -124.76 41.39 21.60
CA THR IA 494 -126.15 41.15 21.96
C THR IA 494 -126.43 39.73 22.42
N ASP IA 495 -125.58 38.77 22.03
CA ASP IA 495 -125.78 37.39 22.43
C ASP IA 495 -125.14 37.04 23.76
N ASN IA 496 -124.49 37.99 24.41
CA ASN IA 496 -123.88 37.74 25.71
C ASN IA 496 -124.86 38.07 26.83
N ASN IA 497 -124.66 37.40 27.95
CA ASN IA 497 -125.51 37.61 29.11
C ASN IA 497 -125.37 39.04 29.62
N ASN IA 498 -126.48 39.58 30.13
CA ASN IA 498 -126.48 40.96 30.65
C ASN IA 498 -125.98 40.98 32.09
N SER IA 499 -124.67 40.83 32.21
CA SER IA 499 -123.97 40.95 33.48
C SER IA 499 -122.50 41.15 33.17
N ASN IA 500 -121.71 41.41 34.21
CA ASN IA 500 -120.28 41.58 33.99
C ASN IA 500 -119.58 40.25 33.79
N PHE IA 501 -119.56 39.41 34.84
CA PHE IA 501 -119.12 38.02 34.78
C PHE IA 501 -117.73 37.83 34.16
N THR IA 502 -116.98 38.91 33.98
CA THR IA 502 -115.58 38.77 33.57
C THR IA 502 -114.69 38.34 34.71
N TRP IA 503 -115.13 38.50 35.94
CA TRP IA 503 -114.39 37.99 37.08
C TRP IA 503 -115.15 36.89 37.81
N THR IA 504 -116.46 37.02 37.97
CA THR IA 504 -117.22 36.01 38.69
C THR IA 504 -117.40 34.73 37.87
N GLY IA 505 -117.45 34.84 36.55
CA GLY IA 505 -117.70 33.67 35.73
C GLY IA 505 -116.49 33.18 34.97
N ALA IA 506 -115.30 33.49 35.47
CA ALA IA 506 -114.08 33.21 34.75
C ALA IA 506 -113.28 32.09 35.39
N SER IA 507 -112.53 31.37 34.56
CA SER IA 507 -111.63 30.33 35.04
C SER IA 507 -110.43 30.98 35.70
N LYS IA 508 -110.21 30.67 36.97
CA LYS IA 508 -109.11 31.26 37.71
C LYS IA 508 -108.54 30.22 38.65
N TYR IA 509 -107.32 30.46 39.10
CA TYR IA 509 -106.66 29.54 40.01
C TYR IA 509 -106.38 30.21 41.35
N ASN IA 510 -106.30 29.40 42.37
CA ASN IA 510 -106.10 29.83 43.75
C ASN IA 510 -104.65 29.59 44.13
N LEU IA 511 -103.97 30.63 44.62
CA LEU IA 511 -102.58 30.51 45.04
C LEU IA 511 -102.36 31.37 46.26
N ASN IA 512 -102.10 30.73 47.41
CA ASN IA 512 -101.85 31.42 48.67
C ASN IA 512 -103.02 32.32 49.06
N GLY IA 513 -104.23 31.89 48.72
CA GLY IA 513 -105.43 32.58 49.13
C GLY IA 513 -105.91 33.66 48.19
N ARG IA 514 -105.19 33.98 47.13
CA ARG IA 514 -105.63 34.98 46.19
C ARG IA 514 -105.74 34.38 44.79
N GLU IA 515 -106.80 34.77 44.09
CA GLU IA 515 -107.19 34.20 42.82
C GLU IA 515 -106.54 34.95 41.67
N SER IA 516 -106.23 34.22 40.61
CA SER IA 516 -105.60 34.78 39.42
C SER IA 516 -106.27 34.19 38.20
N ILE IA 517 -106.66 35.04 37.26
CA ILE IA 517 -107.25 34.57 36.02
C ILE IA 517 -106.21 33.73 35.27
N ILE IA 518 -106.67 32.65 34.63
CA ILE IA 518 -105.75 31.75 33.94
C ILE IA 518 -105.06 32.49 32.80
N ASN IA 519 -105.82 32.89 31.77
CA ASN IA 519 -105.38 33.87 30.77
C ASN IA 519 -103.97 33.64 30.23
N PRO IA 520 -103.78 32.76 29.24
CA PRO IA 520 -104.79 32.01 28.49
C PRO IA 520 -104.83 30.53 28.82
N GLY IA 521 -103.84 30.06 29.56
CA GLY IA 521 -103.87 28.69 30.04
C GLY IA 521 -103.61 27.69 28.94
N THR IA 522 -104.33 26.57 29.02
CA THR IA 522 -104.11 25.45 28.13
C THR IA 522 -104.33 25.85 26.69
N ALA IA 523 -103.52 25.29 25.80
CA ALA IA 523 -103.62 25.56 24.37
C ALA IA 523 -104.81 24.79 23.81
N MET IA 524 -105.91 25.48 23.58
CA MET IA 524 -107.12 24.87 23.08
C MET IA 524 -107.66 25.68 21.91
N ALA IA 525 -108.50 25.03 21.11
CA ALA IA 525 -109.15 25.70 19.99
C ALA IA 525 -110.08 26.80 20.49
N SER IA 526 -110.04 27.94 19.82
CA SER IA 526 -110.87 29.07 20.22
C SER IA 526 -112.35 28.76 20.07
N HIS IA 527 -112.73 28.07 19.00
CA HIS IA 527 -114.13 27.78 18.74
C HIS IA 527 -114.20 26.53 17.88
N LYS IA 528 -115.42 26.12 17.55
CA LYS IA 528 -115.67 25.00 16.66
C LYS IA 528 -115.73 25.49 15.22
N ASP IA 529 -116.14 24.60 14.32
CA ASP IA 529 -116.42 25.00 12.95
C ASP IA 529 -117.69 25.83 12.89
N ASP IA 530 -117.68 26.85 12.03
CA ASP IA 530 -118.83 27.72 11.81
C ASP IA 530 -119.25 28.45 13.08
N GLU IA 531 -118.29 28.76 13.94
CA GLU IA 531 -118.57 29.40 15.23
C GLU IA 531 -117.53 30.47 15.52
N ASP IA 532 -117.08 31.17 14.48
CA ASP IA 532 -116.03 32.18 14.63
C ASP IA 532 -116.48 33.37 15.46
N LYS IA 533 -117.78 33.52 15.72
CA LYS IA 533 -118.30 34.61 16.53
C LYS IA 533 -118.03 34.45 18.01
N PHE IA 534 -117.54 33.29 18.45
CA PHE IA 534 -117.30 33.01 19.85
C PHE IA 534 -115.81 32.89 20.11
N PHE IA 535 -115.39 33.36 21.29
CA PHE IA 535 -114.03 33.18 21.76
C PHE IA 535 -114.07 32.90 23.25
N PRO IA 536 -113.10 32.14 23.77
CA PRO IA 536 -113.01 31.95 25.22
C PRO IA 536 -112.72 33.27 25.92
N MET IA 537 -113.30 33.43 27.11
CA MET IA 537 -113.27 34.74 27.75
C MET IA 537 -111.85 35.19 28.05
N SER IA 538 -110.99 34.27 28.50
CA SER IA 538 -109.59 34.59 28.76
C SER IA 538 -108.71 33.49 28.19
N GLY IA 539 -109.02 33.03 26.98
CA GLY IA 539 -108.27 31.94 26.40
C GLY IA 539 -107.52 32.33 25.15
N VAL IA 540 -107.58 33.60 24.79
CA VAL IA 540 -107.00 34.07 23.54
C VAL IA 540 -106.06 35.22 23.83
N MET IA 541 -105.02 35.35 23.00
CA MET IA 541 -104.13 36.50 23.05
C MET IA 541 -104.76 37.67 22.32
N ILE IA 542 -104.92 38.79 23.00
CA ILE IA 542 -105.57 39.97 22.44
C ILE IA 542 -104.54 41.06 22.33
N PHE IA 543 -104.27 41.51 21.11
CA PHE IA 543 -103.37 42.61 20.86
C PHE IA 543 -104.19 43.87 20.58
N GLY IA 544 -103.73 44.99 21.12
CA GLY IA 544 -104.38 46.26 20.87
C GLY IA 544 -103.85 46.93 19.63
N LYS IA 545 -104.75 47.52 18.86
CA LYS IA 545 -104.33 48.34 17.74
C LYS IA 545 -103.83 49.68 18.26
N GLU IA 546 -103.14 50.41 17.40
CA GLU IA 546 -102.80 51.78 17.74
C GLU IA 546 -104.08 52.58 17.87
N SER IA 547 -104.05 53.57 18.78
CA SER IA 547 -105.25 54.28 19.21
C SER IA 547 -106.22 53.35 19.94
N ALA IA 548 -105.67 52.49 20.80
CA ALA IA 548 -106.46 51.72 21.75
C ALA IA 548 -106.14 52.22 23.15
N GLY IA 549 -107.19 52.49 23.92
CA GLY IA 549 -106.99 52.98 25.27
C GLY IA 549 -106.41 51.93 26.18
N ALA IA 550 -105.97 52.38 27.36
CA ALA IA 550 -105.41 51.46 28.33
C ALA IA 550 -106.50 50.66 29.03
N SER IA 551 -107.66 51.26 29.26
CA SER IA 551 -108.72 50.61 30.02
C SER IA 551 -110.05 50.75 29.28
N ASN IA 552 -110.80 49.65 29.24
CA ASN IA 552 -112.15 49.63 28.69
C ASN IA 552 -112.20 50.14 27.25
N THR IA 553 -111.23 49.75 26.45
CA THR IA 553 -111.25 50.06 25.03
C THR IA 553 -112.25 49.15 24.32
N ALA IA 554 -112.39 49.33 23.02
CA ALA IA 554 -113.44 48.66 22.28
C ALA IA 554 -112.91 47.46 21.50
N LEU IA 555 -113.86 46.55 21.22
CA LEU IA 555 -113.59 45.40 20.36
C LEU IA 555 -113.04 45.84 19.02
N ASP IA 556 -113.44 47.02 18.56
CA ASP IA 556 -112.90 47.58 17.32
C ASP IA 556 -111.45 47.99 17.49
N ASN IA 557 -111.04 48.30 18.72
CA ASN IA 557 -109.67 48.72 18.97
C ASN IA 557 -108.74 47.59 19.35
N VAL IA 558 -109.27 46.40 19.62
CA VAL IA 558 -108.41 45.25 19.91
C VAL IA 558 -108.47 44.25 18.77
N MET IA 559 -107.43 43.43 18.68
CA MET IA 559 -107.34 42.33 17.73
C MET IA 559 -107.29 41.01 18.50
N ILE IA 560 -108.33 40.20 18.34
CA ILE IA 560 -108.42 38.92 19.03
C ILE IA 560 -107.83 37.83 18.13
N THR IA 561 -106.91 37.05 18.67
CA THR IA 561 -106.33 35.97 17.90
C THR IA 561 -107.27 34.77 17.84
N ASP IA 562 -106.95 33.83 16.97
CA ASP IA 562 -107.72 32.62 16.78
C ASP IA 562 -106.77 31.44 16.80
N GLU IA 563 -107.19 30.35 17.43
CA GLU IA 563 -106.43 29.10 17.48
C GLU IA 563 -107.17 28.01 16.72
N GLU IA 564 -107.66 28.34 15.53
CA GLU IA 564 -108.54 27.44 14.80
C GLU IA 564 -107.77 26.27 14.19
N GLU IA 565 -106.45 26.39 14.07
CA GLU IA 565 -105.67 25.38 13.37
C GLU IA 565 -105.39 24.16 14.23
N ILE IA 566 -105.58 24.23 15.54
CA ILE IA 566 -105.25 23.12 16.42
C ILE IA 566 -106.50 22.38 16.86
N LYS IA 567 -107.61 22.53 16.13
CA LYS IA 567 -108.78 21.70 16.37
C LYS IA 567 -108.52 20.23 16.08
N ALA IA 568 -107.48 19.91 15.32
CA ALA IA 568 -107.22 18.54 14.94
C ALA IA 568 -106.79 17.70 16.13
N THR IA 569 -106.15 18.30 17.13
CA THR IA 569 -105.64 17.57 18.27
C THR IA 569 -106.05 18.12 19.63
N ASN IA 570 -106.51 19.37 19.71
CA ASN IA 570 -106.79 20.00 20.97
C ASN IA 570 -108.29 20.18 21.16
N PRO IA 571 -108.79 20.06 22.39
CA PRO IA 571 -110.20 20.33 22.64
C PRO IA 571 -110.52 21.80 22.44
N VAL IA 572 -111.78 22.07 22.13
CA VAL IA 572 -112.23 23.45 22.02
C VAL IA 572 -112.29 24.07 23.41
N ALA IA 573 -111.79 25.31 23.51
CA ALA IA 573 -111.57 25.93 24.81
C ALA IA 573 -112.85 26.14 25.60
N THR IA 574 -113.99 26.31 24.93
CA THR IA 574 -115.23 26.66 25.60
C THR IA 574 -116.14 25.46 25.85
N GLU IA 575 -115.70 24.26 25.52
CA GLU IA 575 -116.51 23.07 25.69
C GLU IA 575 -115.79 22.02 26.52
N ARG IA 576 -116.56 21.07 27.02
CA ARG IA 576 -116.04 20.05 27.91
C ARG IA 576 -115.04 19.15 27.17
N PHE IA 577 -114.14 18.54 27.93
CA PHE IA 577 -113.28 17.52 27.36
C PHE IA 577 -114.11 16.33 26.89
N GLY IA 578 -115.11 15.96 27.66
CA GLY IA 578 -115.94 14.82 27.32
C GLY IA 578 -116.82 14.45 28.49
N THR IA 579 -117.39 13.26 28.41
CA THR IA 579 -118.22 12.72 29.47
C THR IA 579 -117.54 11.53 30.12
N VAL IA 580 -117.95 11.24 31.34
CA VAL IA 580 -117.39 10.14 32.11
C VAL IA 580 -118.53 9.46 32.86
N ALA IA 581 -118.43 8.15 33.01
CA ALA IA 581 -119.41 7.42 33.81
C ALA IA 581 -119.25 7.79 35.27
N VAL IA 582 -120.38 7.92 35.98
CA VAL IA 582 -120.35 8.38 37.37
C VAL IA 582 -121.08 7.44 38.31
N ASN IA 583 -121.59 6.31 37.84
CA ASN IA 583 -122.30 5.39 38.71
C ASN IA 583 -122.18 3.98 38.13
N PHE IA 584 -122.88 3.03 38.75
CA PHE IA 584 -123.00 1.66 38.25
C PHE IA 584 -124.41 1.47 37.73
N GLN IA 585 -124.54 1.12 36.46
CA GLN IA 585 -125.84 0.77 35.92
C GLN IA 585 -126.21 -0.64 36.35
N SER IA 586 -127.50 -0.84 36.60
CA SER IA 586 -127.99 -2.14 37.03
C SER IA 586 -129.47 -2.25 36.70
N SER IA 587 -129.96 -3.47 36.70
CA SER IA 587 -131.37 -3.75 36.50
C SER IA 587 -132.07 -3.95 37.84
N SER IA 588 -133.39 -3.87 37.81
CA SER IA 588 -134.18 -4.09 39.02
C SER IA 588 -134.16 -5.56 39.40
N THR IA 589 -134.22 -5.81 40.70
CA THR IA 589 -134.21 -7.17 41.22
C THR IA 589 -135.21 -7.34 42.36
N VAL IA 592 -133.02 -6.47 44.94
CA VAL IA 592 -132.81 -5.02 44.99
C VAL IA 592 -133.66 -4.34 43.95
N PRO IA 593 -134.92 -4.08 44.28
CA PRO IA 593 -135.84 -3.51 43.29
C PRO IA 593 -135.66 -2.00 43.11
N PHE IA 594 -134.41 -1.56 43.01
CA PHE IA 594 -134.09 -0.16 42.76
C PHE IA 594 -133.20 -0.12 41.51
N LYS IA 595 -133.83 -0.04 40.35
CA LYS IA 595 -133.11 0.02 39.08
C LYS IA 595 -132.26 1.29 39.02
N THR IA 596 -131.03 1.15 38.53
CA THR IA 596 -130.10 2.28 38.42
C THR IA 596 -129.80 2.52 36.95
N ASP IA 597 -130.26 3.64 36.43
CA ASP IA 597 -129.91 4.03 35.08
C ASP IA 597 -128.45 4.46 35.03
N PRO IA 598 -127.76 4.19 33.93
CA PRO IA 598 -126.39 4.71 33.77
C PRO IA 598 -126.39 6.22 33.74
N ALA IA 599 -125.35 6.81 34.32
CA ALA IA 599 -125.26 8.26 34.44
C ALA IA 599 -123.86 8.72 34.04
N THR IA 600 -123.81 9.80 33.27
CA THR IA 600 -122.57 10.41 32.84
C THR IA 600 -122.50 11.84 33.34
N GLY IA 601 -121.28 12.33 33.50
CA GLY IA 601 -121.06 13.71 33.87
C GLY IA 601 -120.03 14.33 32.94
N ASP IA 602 -120.19 15.63 32.73
CA ASP IA 602 -119.28 16.36 31.87
C ASP IA 602 -117.95 16.59 32.56
N VAL IA 603 -116.87 16.44 31.81
CA VAL IA 603 -115.51 16.63 32.30
C VAL IA 603 -115.04 17.98 31.80
N HIS IA 604 -114.92 18.95 32.70
CA HIS IA 604 -114.61 20.32 32.31
C HIS IA 604 -113.13 20.64 32.40
N ALA IA 605 -112.43 20.05 33.36
CA ALA IA 605 -110.98 20.19 33.47
C ALA IA 605 -110.39 18.79 33.48
N MET IA 606 -109.51 18.52 32.52
CA MET IA 606 -108.89 17.21 32.37
C MET IA 606 -107.38 17.39 32.38
N GLY IA 607 -106.70 16.73 33.31
CA GLY IA 607 -105.26 16.72 33.33
C GLY IA 607 -104.71 15.72 32.35
N ALA IA 608 -103.39 15.63 32.32
CA ALA IA 608 -102.72 14.79 31.34
C ALA IA 608 -102.98 13.32 31.62
N LEU IA 609 -103.49 12.62 30.62
CA LEU IA 609 -103.64 11.18 30.59
C LEU IA 609 -102.63 10.58 29.61
N PRO IA 610 -102.12 9.38 29.88
CA PRO IA 610 -101.24 8.74 28.90
C PRO IA 610 -101.99 8.47 27.61
N GLY IA 611 -101.30 8.66 26.50
CA GLY IA 611 -101.91 8.62 25.19
C GLY IA 611 -102.40 9.96 24.68
N MET IA 612 -102.34 11.01 25.49
CA MET IA 612 -102.76 12.33 25.07
C MET IA 612 -101.73 12.95 24.13
N VAL IA 613 -102.22 13.64 23.11
CA VAL IA 613 -101.38 14.40 22.19
C VAL IA 613 -102.00 15.77 22.00
N TRP IA 614 -101.16 16.79 21.86
CA TRP IA 614 -101.67 18.15 21.73
C TRP IA 614 -100.66 19.00 20.98
N GLN IA 615 -101.12 20.16 20.53
CA GLN IA 615 -100.27 21.20 19.99
C GLN IA 615 -100.18 22.36 20.96
N ASP IA 616 -99.06 23.07 20.92
CA ASP IA 616 -98.87 24.24 21.75
C ASP IA 616 -99.53 25.45 21.12
N ARG IA 617 -99.54 26.56 21.84
CA ARG IA 617 -100.09 27.79 21.32
C ARG IA 617 -99.21 28.33 20.19
N ASP IA 618 -99.84 29.03 19.26
CA ASP IA 618 -99.13 29.64 18.15
C ASP IA 618 -98.36 30.86 18.61
N VAL IA 619 -97.32 31.19 17.87
CA VAL IA 619 -96.59 32.43 18.06
C VAL IA 619 -97.03 33.42 16.99
N TYR IA 620 -96.93 34.70 17.30
CA TYR IA 620 -97.38 35.76 16.42
C TYR IA 620 -96.26 36.76 16.21
N LEU IA 621 -96.35 37.52 15.12
CA LEU IA 621 -95.34 38.52 14.85
C LEU IA 621 -95.29 39.57 15.97
N GLN IA 622 -96.43 39.86 16.59
CA GLN IA 622 -96.51 40.81 17.69
C GLN IA 622 -96.33 40.16 19.05
N GLY IA 623 -96.11 38.85 19.11
CA GLY IA 623 -96.11 38.14 20.36
C GLY IA 623 -94.72 37.87 20.92
N PRO IA 624 -94.67 37.32 22.12
CA PRO IA 624 -93.38 37.02 22.75
C PRO IA 624 -92.65 35.87 22.08
N ILE IA 625 -91.33 35.88 22.21
CA ILE IA 625 -90.49 34.83 21.66
C ILE IA 625 -90.22 33.74 22.68
N TRP IA 626 -89.75 34.09 23.86
CA TRP IA 626 -89.31 33.13 24.85
C TRP IA 626 -89.86 33.49 26.22
N ALA IA 627 -89.62 32.59 27.16
CA ALA IA 627 -89.90 32.82 28.57
C ALA IA 627 -88.95 31.97 29.39
N LYS IA 628 -88.52 32.50 30.53
CA LYS IA 628 -87.72 31.73 31.46
C LYS IA 628 -88.58 30.70 32.16
N ILE IA 629 -88.15 29.44 32.13
CA ILE IA 629 -88.83 28.39 32.88
C ILE IA 629 -88.50 28.55 34.36
N PRO IA 630 -89.48 28.61 35.24
CA PRO IA 630 -89.19 28.79 36.66
C PRO IA 630 -88.30 27.67 37.20
N HIS IA 631 -87.38 28.06 38.07
CA HIS IA 631 -86.46 27.09 38.67
C HIS IA 631 -87.17 26.40 39.82
N THR IA 632 -87.88 25.33 39.47
CA THR IA 632 -88.67 24.54 40.39
C THR IA 632 -88.23 23.08 40.34
N ASP IA 633 -88.69 22.30 41.31
CA ASP IA 633 -88.40 20.88 41.32
C ASP IA 633 -89.05 20.17 40.15
N GLY IA 634 -90.29 20.50 39.85
CA GLY IA 634 -90.99 19.85 38.77
C GLY IA 634 -91.70 20.84 37.88
N HIS IA 635 -91.84 20.45 36.62
CA HIS IA 635 -92.64 21.19 35.66
C HIS IA 635 -93.06 20.22 34.57
N PHE IA 636 -94.27 20.39 34.07
CA PHE IA 636 -94.81 19.50 33.06
C PHE IA 636 -94.91 20.27 31.75
N HIS IA 637 -94.17 19.80 30.74
CA HIS IA 637 -94.16 20.38 29.40
C HIS IA 637 -93.91 21.88 29.47
N PRO IA 638 -92.70 22.30 29.81
CA PRO IA 638 -92.44 23.72 30.15
C PRO IA 638 -92.43 24.63 28.92
N SER IA 639 -93.54 24.64 28.20
CA SER IA 639 -93.76 25.56 27.10
C SER IA 639 -94.62 26.71 27.59
N PRO IA 640 -94.20 27.96 27.39
CA PRO IA 640 -94.95 29.08 27.97
C PRO IA 640 -96.37 29.12 27.44
N LEU IA 641 -97.30 29.52 28.31
CA LEU IA 641 -98.71 29.47 27.94
C LEU IA 641 -99.09 30.62 27.01
N MET IA 642 -98.32 31.70 27.01
CA MET IA 642 -98.54 32.73 26.02
C MET IA 642 -97.99 32.35 24.64
N GLY IA 643 -97.21 31.29 24.55
CA GLY IA 643 -96.61 30.88 23.31
C GLY IA 643 -95.13 31.24 23.26
N GLY IA 644 -94.38 30.42 22.56
CA GLY IA 644 -92.95 30.68 22.43
C GLY IA 644 -92.09 29.54 22.94
N PHE IA 645 -90.84 29.85 23.22
CA PHE IA 645 -89.86 28.87 23.65
C PHE IA 645 -89.61 29.05 25.14
N GLY IA 646 -89.78 27.98 25.90
CA GLY IA 646 -89.40 28.00 27.30
C GLY IA 646 -87.95 27.64 27.44
N LEU IA 647 -87.16 28.53 28.04
CA LEU IA 647 -85.73 28.32 28.18
C LEU IA 647 -85.37 28.30 29.65
N LYS IA 648 -84.56 27.30 30.05
CA LYS IA 648 -84.05 27.29 31.41
C LYS IA 648 -83.07 28.42 31.64
N ASN IA 649 -82.18 28.66 30.68
CA ASN IA 649 -81.29 29.81 30.68
C ASN IA 649 -81.68 30.69 29.50
N PRO IA 650 -82.63 31.60 29.67
CA PRO IA 650 -83.04 32.45 28.56
C PRO IA 650 -81.99 33.51 28.29
N PRO IA 651 -82.17 34.33 27.25
CA PRO IA 651 -81.31 35.49 27.07
C PRO IA 651 -81.33 36.36 28.30
N PRO IA 652 -80.18 36.71 28.86
CA PRO IA 652 -80.16 37.44 30.12
C PRO IA 652 -80.61 38.89 29.94
N GLN IA 653 -81.01 39.48 31.06
CA GLN IA 653 -81.45 40.85 31.07
C GLN IA 653 -80.24 41.78 30.97
N ILE IA 654 -80.32 42.75 30.07
CA ILE IA 654 -79.32 43.81 29.95
C ILE IA 654 -79.88 45.02 30.66
N LEU IA 655 -79.19 45.47 31.70
CA LEU IA 655 -79.65 46.55 32.55
C LEU IA 655 -78.71 47.73 32.38
N ILE IA 656 -79.30 48.91 32.25
CA ILE IA 656 -78.59 50.12 31.89
C ILE IA 656 -79.11 51.26 32.73
N LYS IA 657 -78.21 52.14 33.17
CA LYS IA 657 -78.66 53.35 33.84
C LYS IA 657 -77.63 54.43 33.65
N ASN IA 658 -78.06 55.67 33.85
CA ASN IA 658 -77.15 56.80 33.82
C ASN IA 658 -76.44 56.91 35.15
N THR IA 659 -75.12 57.04 35.13
CA THR IA 659 -74.40 57.24 36.36
C THR IA 659 -74.77 58.60 36.95
N PRO IA 660 -75.16 58.68 38.22
CA PRO IA 660 -75.55 59.97 38.79
C PRO IA 660 -74.38 60.94 38.81
N VAL IA 661 -74.65 62.19 38.45
CA VAL IA 661 -73.69 63.28 38.52
C VAL IA 661 -74.19 64.27 39.56
N PRO IA 662 -73.54 64.37 40.72
CA PRO IA 662 -74.02 65.28 41.76
C PRO IA 662 -73.89 66.73 41.34
N ALA IA 663 -74.79 67.55 41.87
CA ALA IA 663 -74.70 68.99 41.69
C ALA IA 663 -73.66 69.56 42.65
N ASN IA 664 -73.65 70.88 42.79
CA ASN IA 664 -72.63 71.55 43.58
C ASN IA 664 -72.76 71.15 45.05
N PRO IA 665 -71.73 70.58 45.67
CA PRO IA 665 -71.81 70.21 47.08
C PRO IA 665 -71.64 71.43 47.96
N PRO IA 666 -72.04 71.34 49.23
CA PRO IA 666 -71.85 72.47 50.15
C PRO IA 666 -70.38 72.70 50.46
N ALA IA 667 -70.09 73.91 50.94
CA ALA IA 667 -68.71 74.25 51.30
C ALA IA 667 -68.24 73.45 52.52
N GLU IA 668 -69.11 73.24 53.50
CA GLU IA 668 -68.83 72.42 54.66
C GLU IA 668 -69.33 70.99 54.43
N PHE IA 669 -68.65 70.05 55.08
CA PHE IA 669 -68.96 68.64 54.90
C PHE IA 669 -70.29 68.29 55.55
N SER IA 670 -71.07 67.46 54.87
CA SER IA 670 -72.31 66.93 55.38
C SER IA 670 -72.37 65.44 55.07
N ALA IA 671 -72.65 64.63 56.09
CA ALA IA 671 -72.73 63.19 55.90
C ALA IA 671 -74.06 62.75 55.31
N THR IA 672 -75.04 63.63 55.27
CA THR IA 672 -76.31 63.31 54.61
C THR IA 672 -76.05 62.98 53.15
N LYS IA 673 -76.66 61.90 52.68
CA LYS IA 673 -76.42 61.45 51.32
C LYS IA 673 -76.93 62.48 50.32
N PHE IA 674 -76.27 62.50 49.16
CA PHE IA 674 -76.58 63.49 48.15
C PHE IA 674 -77.99 63.30 47.63
N ALA IA 675 -78.71 64.41 47.47
CA ALA IA 675 -80.04 64.39 46.90
C ALA IA 675 -80.16 65.34 45.71
N SER IA 676 -79.19 66.20 45.50
CA SER IA 676 -79.18 67.15 44.39
C SER IA 676 -78.28 66.61 43.30
N PHE IA 677 -78.85 66.32 42.14
CA PHE IA 677 -78.12 65.75 41.03
C PHE IA 677 -78.33 66.60 39.79
N ILE IA 678 -77.34 66.52 38.90
CA ILE IA 678 -77.43 67.16 37.60
C ILE IA 678 -78.38 66.32 36.75
N THR IA 679 -79.41 66.97 36.20
CA THR IA 679 -80.45 66.26 35.46
C THR IA 679 -79.94 65.89 34.09
N GLN IA 680 -79.97 64.61 33.76
CA GLN IA 680 -79.47 64.20 32.46
C GLN IA 680 -80.14 62.91 32.02
N TYR IA 681 -80.06 62.67 30.71
CA TYR IA 681 -80.53 61.43 30.11
C TYR IA 681 -79.47 60.97 29.13
N SER IA 682 -79.72 59.83 28.49
CA SER IA 682 -78.79 59.34 27.49
C SER IA 682 -79.56 58.79 26.31
N THR IA 683 -78.89 58.76 25.17
CA THR IA 683 -79.45 58.22 23.94
C THR IA 683 -78.39 57.39 23.26
N GLY IA 684 -78.83 56.50 22.38
CA GLY IA 684 -77.85 55.68 21.69
C GLY IA 684 -78.52 54.73 20.73
N GLN IA 685 -77.72 53.82 20.21
CA GLN IA 685 -78.18 52.81 19.27
C GLN IA 685 -77.95 51.42 19.86
N VAL IA 686 -78.90 50.53 19.61
CA VAL IA 686 -78.85 49.16 20.08
C VAL IA 686 -79.05 48.24 18.89
N SER IA 687 -78.21 47.21 18.77
CA SER IA 687 -78.30 46.21 17.72
C SER IA 687 -78.50 44.84 18.34
N VAL IA 688 -79.45 44.10 17.81
CA VAL IA 688 -79.67 42.70 18.18
C VAL IA 688 -79.66 41.87 16.91
N GLU IA 689 -78.84 40.83 16.90
CA GLU IA 689 -78.74 39.90 15.78
C GLU IA 689 -79.06 38.50 16.28
N ILE IA 690 -80.09 37.87 15.73
CA ILE IA 690 -80.45 36.51 16.09
C ILE IA 690 -80.31 35.62 14.87
N GLU IA 691 -79.57 34.52 15.03
CA GLU IA 691 -79.57 33.42 14.09
C GLU IA 691 -80.65 32.43 14.51
N TRP IA 692 -81.51 32.07 13.56
CA TRP IA 692 -82.59 31.10 13.73
C TRP IA 692 -82.35 29.92 12.81
N GLU IA 693 -82.56 28.72 13.35
CA GLU IA 693 -82.55 27.49 12.56
C GLU IA 693 -83.95 27.22 12.04
N LEU IA 694 -84.02 26.86 10.76
CA LEU IA 694 -85.27 26.58 10.07
C LEU IA 694 -85.43 25.07 9.88
N GLN IA 695 -86.67 24.66 9.80
CA GLN IA 695 -87.05 23.27 9.53
C GLN IA 695 -87.96 23.33 8.32
N LYS IA 696 -87.42 22.94 7.17
CA LYS IA 696 -88.09 23.08 5.89
C LYS IA 696 -89.21 22.07 5.75
N GLU IA 697 -90.23 22.47 5.00
CA GLU IA 697 -91.30 21.54 4.63
C GLU IA 697 -90.73 20.47 3.70
N ASN IA 698 -91.25 19.25 3.82
CA ASN IA 698 -90.91 18.14 2.93
C ASN IA 698 -92.17 17.47 2.42
N SER IA 699 -93.19 18.26 2.10
CA SER IA 699 -94.52 17.75 1.89
C SER IA 699 -94.67 17.11 0.53
N LYS IA 700 -95.52 16.08 0.46
CA LYS IA 700 -95.91 15.43 -0.78
C LYS IA 700 -97.33 15.77 -1.17
N ARG IA 701 -97.90 16.79 -0.54
CA ARG IA 701 -99.26 17.22 -0.83
C ARG IA 701 -99.36 17.70 -2.28
N TRP IA 702 -100.48 17.34 -2.93
CA TRP IA 702 -100.65 17.66 -4.34
C TRP IA 702 -101.26 19.04 -4.55
N ASN IA 703 -102.38 19.31 -3.88
CA ASN IA 703 -103.07 20.57 -4.06
C ASN IA 703 -102.29 21.71 -3.39
N PRO IA 704 -102.51 22.95 -3.82
CA PRO IA 704 -101.78 24.06 -3.23
C PRO IA 704 -102.14 24.30 -1.77
N GLU IA 705 -101.17 24.82 -1.03
CA GLU IA 705 -101.32 25.09 0.39
C GLU IA 705 -101.97 26.44 0.62
N VAL IA 706 -102.47 26.62 1.84
CA VAL IA 706 -102.91 27.94 2.31
C VAL IA 706 -101.69 28.75 2.70
N GLN IA 707 -101.61 29.97 2.18
CA GLN IA 707 -100.49 30.85 2.47
C GLN IA 707 -101.02 32.15 3.05
N TYR IA 708 -100.18 32.81 3.85
CA TYR IA 708 -100.50 34.16 4.26
C TYR IA 708 -100.20 35.10 3.10
N THR IA 709 -101.18 35.92 2.73
CA THR IA 709 -101.03 36.79 1.59
C THR IA 709 -101.57 38.18 1.90
N SER IA 710 -101.01 39.17 1.22
CA SER IA 710 -101.62 40.48 1.18
C SER IA 710 -102.87 40.45 0.33
N ASN IA 711 -103.84 41.27 0.69
CA ASN IA 711 -105.05 41.40 -0.11
C ASN IA 711 -104.77 42.32 -1.29
N TYR IA 712 -105.11 41.85 -2.49
CA TYR IA 712 -105.02 42.66 -3.70
C TYR IA 712 -106.35 43.38 -3.85
N ALA IA 713 -106.33 44.69 -3.66
CA ALA IA 713 -107.52 45.51 -3.82
C ALA IA 713 -107.12 46.95 -3.62
N LYS IA 714 -107.83 47.86 -4.28
CA LYS IA 714 -107.61 49.27 -4.01
C LYS IA 714 -107.99 49.58 -2.58
N SER IA 715 -107.01 50.06 -1.82
CA SER IA 715 -107.22 50.42 -0.42
C SER IA 715 -106.61 51.78 -0.17
N ALA IA 716 -107.16 52.49 0.80
CA ALA IA 716 -106.65 53.81 1.13
C ALA IA 716 -105.21 53.75 1.63
N ASN IA 717 -104.85 52.66 2.29
CA ASN IA 717 -103.51 52.46 2.82
C ASN IA 717 -103.01 51.08 2.44
N VAL IA 718 -101.70 50.89 2.59
CA VAL IA 718 -101.08 49.58 2.46
C VAL IA 718 -100.91 49.00 3.85
N ASP IA 719 -101.17 47.71 3.98
CA ASP IA 719 -101.04 47.05 5.28
C ASP IA 719 -99.59 47.01 5.73
N PHE IA 720 -99.40 47.16 7.04
CA PHE IA 720 -98.07 47.13 7.66
C PHE IA 720 -97.18 48.26 7.12
N THR IA 721 -97.74 49.45 7.02
CA THR IA 721 -97.00 50.62 6.57
C THR IA 721 -97.30 51.81 7.47
N VAL IA 722 -96.85 52.98 7.08
CA VAL IA 722 -97.14 54.21 7.79
C VAL IA 722 -98.31 54.89 7.10
N ASP IA 723 -99.00 55.76 7.84
CA ASP IA 723 -100.06 56.56 7.25
C ASP IA 723 -99.51 57.93 6.87
N ASN IA 724 -100.39 58.85 6.50
CA ASN IA 724 -99.93 60.18 6.13
C ASN IA 724 -99.40 60.97 7.32
N ASN IA 725 -99.68 60.52 8.55
CA ASN IA 725 -99.13 61.16 9.74
C ASN IA 725 -97.83 60.55 10.20
N GLY IA 726 -97.38 59.46 9.57
CA GLY IA 726 -96.15 58.82 9.95
C GLY IA 726 -96.26 57.74 10.98
N LEU IA 727 -97.46 57.24 11.25
CA LEU IA 727 -97.69 56.26 12.31
C LEU IA 727 -97.70 54.86 11.72
N TYR IA 728 -96.76 54.04 12.15
CA TYR IA 728 -96.72 52.64 11.73
C TYR IA 728 -97.78 51.85 12.46
N THR IA 729 -98.56 51.07 11.70
CA THR IA 729 -99.62 50.26 12.27
C THR IA 729 -99.54 48.84 11.71
N GLU IA 730 -99.98 47.89 12.51
CA GLU IA 730 -100.11 46.49 12.09
C GLU IA 730 -101.58 46.13 12.06
N PRO IA 731 -102.16 45.91 10.88
CA PRO IA 731 -103.62 45.70 10.79
C PRO IA 731 -104.15 44.47 11.50
N ARG IA 732 -103.37 43.40 11.56
CA ARG IA 732 -103.87 42.14 12.07
C ARG IA 732 -102.72 41.38 12.70
N PRO IA 733 -103.00 40.45 13.61
CA PRO IA 733 -101.96 39.54 14.10
C PRO IA 733 -101.78 38.37 13.14
N ILE IA 734 -100.53 38.05 12.82
CA ILE IA 734 -100.20 36.97 11.91
C ILE IA 734 -99.61 35.82 12.71
N GLY IA 735 -100.21 34.64 12.59
CA GLY IA 735 -99.67 33.44 13.18
C GLY IA 735 -98.65 32.78 12.29
N THR IA 736 -98.41 31.50 12.55
CA THR IA 736 -97.40 30.74 11.83
C THR IA 736 -97.96 29.55 11.07
N ARG IA 737 -99.12 29.04 11.45
CA ARG IA 737 -99.59 27.74 10.98
C ARG IA 737 -100.35 27.90 9.67
N TYR IA 738 -99.62 27.83 8.55
CA TYR IA 738 -100.24 27.94 7.24
C TYR IA 738 -99.98 26.67 6.42
N LEU IA 739 -98.73 26.23 6.38
CA LEU IA 739 -98.43 24.94 5.76
C LEU IA 739 -99.07 23.84 6.59
N THR IA 740 -99.22 22.67 6.00
CA THR IA 740 -99.82 21.54 6.70
C THR IA 740 -98.92 20.33 6.62
N ARG IA 741 -99.16 19.39 7.52
CA ARG IA 741 -98.50 18.09 7.48
C ARG IA 741 -99.46 17.05 8.04
N PRO IA 742 -99.30 15.79 7.66
CA PRO IA 742 -100.20 14.75 8.18
C PRO IA 742 -99.95 14.48 9.66
N LEU IA 743 -101.03 14.15 10.35
CA LEU IA 743 -100.99 13.97 11.80
C LEU IA 743 -100.28 12.68 12.18
N ASP JA 219 -60.22 -12.55 61.38
CA ASP JA 219 -58.83 -12.24 61.68
C ASP JA 219 -58.44 -12.68 63.09
N GLY JA 220 -59.36 -13.35 63.79
CA GLY JA 220 -59.10 -13.93 65.08
C GLY JA 220 -60.10 -13.50 66.13
N VAL JA 221 -60.08 -14.24 67.24
CA VAL JA 221 -60.94 -13.96 68.37
C VAL JA 221 -60.52 -12.67 69.08
N GLY JA 222 -59.22 -12.47 69.26
CA GLY JA 222 -58.74 -11.36 70.06
C GLY JA 222 -58.29 -10.15 69.28
N ASN JA 223 -58.72 -10.05 68.04
CA ASN JA 223 -58.36 -8.94 67.15
C ASN JA 223 -59.64 -8.30 66.65
N ALA JA 224 -59.76 -6.98 66.84
CA ALA JA 224 -60.94 -6.26 66.38
C ALA JA 224 -60.92 -6.15 64.86
N SER JA 225 -62.08 -6.34 64.24
CA SER JA 225 -62.19 -6.31 62.79
C SER JA 225 -62.60 -4.95 62.25
N GLY JA 226 -62.71 -3.94 63.09
CA GLY JA 226 -63.01 -2.61 62.60
C GLY JA 226 -62.91 -1.61 63.72
N ASN JA 227 -62.93 -0.34 63.33
CA ASN JA 227 -62.84 0.77 64.26
C ASN JA 227 -64.11 1.60 64.21
N TRP JA 228 -64.27 2.46 65.21
CA TRP JA 228 -65.41 3.35 65.28
C TRP JA 228 -65.14 4.55 64.38
N HIS JA 229 -65.92 4.67 63.32
CA HIS JA 229 -65.80 5.77 62.36
C HIS JA 229 -67.10 6.55 62.36
N CYS JA 230 -67.17 7.58 63.20
CA CYS JA 230 -68.33 8.46 63.27
C CYS JA 230 -67.83 9.89 63.16
N ASP JA 231 -68.08 10.53 62.03
CA ASP JA 231 -67.44 11.79 61.72
C ASP JA 231 -68.26 12.50 60.64
N SER JA 232 -67.83 13.71 60.29
CA SER JA 232 -68.42 14.44 59.17
C SER JA 232 -67.37 15.38 58.63
N THR JA 233 -67.00 15.20 57.37
CA THR JA 233 -65.98 16.00 56.72
C THR JA 233 -66.61 16.86 55.65
N TRP JA 234 -66.35 18.16 55.72
CA TRP JA 234 -66.91 19.11 54.77
C TRP JA 234 -65.82 19.56 53.81
N LEU JA 235 -65.94 19.16 52.56
CA LEU JA 235 -65.06 19.65 51.51
C LEU JA 235 -65.73 20.83 50.85
N GLY JA 236 -65.20 21.29 49.71
CA GLY JA 236 -65.78 22.45 49.07
C GLY JA 236 -67.20 22.21 48.58
N ASP JA 237 -67.41 21.13 47.83
CA ASP JA 237 -68.72 20.84 47.27
C ASP JA 237 -69.25 19.48 47.69
N ARG JA 238 -68.54 18.76 48.56
CA ARG JA 238 -68.98 17.48 49.07
C ARG JA 238 -69.05 17.56 50.58
N VAL JA 239 -69.87 16.69 51.16
CA VAL JA 239 -69.80 16.39 52.58
C VAL JA 239 -69.87 14.88 52.74
N ILE JA 240 -68.96 14.33 53.53
CA ILE JA 240 -68.91 12.90 53.80
C ILE JA 240 -69.32 12.68 55.24
N THR JA 241 -70.41 11.95 55.45
CA THR JA 241 -70.92 11.65 56.78
C THR JA 241 -70.69 10.17 57.08
N THR JA 242 -70.05 9.89 58.20
CA THR JA 242 -69.82 8.53 58.66
C THR JA 242 -70.53 8.32 59.98
N SER JA 243 -71.17 7.17 60.14
CA SER JA 243 -71.92 6.84 61.35
C SER JA 243 -71.67 5.40 61.72
N THR JA 244 -71.24 5.19 62.96
CA THR JA 244 -71.11 3.86 63.53
C THR JA 244 -72.12 3.69 64.66
N ARG JA 245 -72.77 2.54 64.70
CA ARG JA 245 -73.74 2.21 65.74
C ARG JA 245 -73.51 0.79 66.21
N THR JA 246 -74.01 0.50 67.41
CA THR JA 246 -73.98 -0.84 67.96
C THR JA 246 -75.37 -1.46 67.82
N TRP JA 247 -75.42 -2.63 67.22
CA TRP JA 247 -76.67 -3.32 66.96
C TRP JA 247 -76.73 -4.65 67.71
N ALA JA 248 -77.96 -5.04 68.02
CA ALA JA 248 -78.28 -6.36 68.57
C ALA JA 248 -79.29 -7.03 67.66
N LEU JA 249 -78.99 -8.26 67.25
CA LEU JA 249 -79.84 -9.05 66.37
C LEU JA 249 -80.30 -10.29 67.11
N PRO JA 250 -81.59 -10.46 67.36
CA PRO JA 250 -82.07 -11.69 68.00
C PRO JA 250 -82.36 -12.78 66.99
N THR JA 251 -82.87 -13.90 67.46
CA THR JA 251 -83.41 -14.94 66.59
C THR JA 251 -84.91 -14.67 66.40
N TYR JA 252 -85.33 -14.56 65.15
CA TYR JA 252 -86.71 -14.24 64.81
C TYR JA 252 -87.43 -15.51 64.35
N ASN JA 253 -88.63 -15.72 64.88
CA ASN JA 253 -89.53 -16.80 64.47
C ASN JA 253 -89.02 -18.19 64.81
N ASN JA 254 -88.01 -18.30 65.67
CA ASN JA 254 -87.32 -19.57 65.91
C ASN JA 254 -86.77 -20.15 64.62
N HIS JA 255 -86.16 -19.30 63.80
CA HIS JA 255 -85.52 -19.67 62.54
C HIS JA 255 -86.54 -20.20 61.52
N LEU JA 256 -87.79 -19.76 61.63
CA LEU JA 256 -88.85 -20.27 60.78
C LEU JA 256 -89.36 -19.18 59.85
N TYR JA 257 -89.80 -19.61 58.67
CA TYR JA 257 -90.57 -18.77 57.77
C TYR JA 257 -92.04 -19.00 58.07
N LYS JA 258 -92.78 -17.95 58.35
CA LYS JA 258 -94.18 -18.08 58.71
C LYS JA 258 -95.03 -17.29 57.73
N GLN JA 259 -96.18 -17.85 57.39
CA GLN JA 259 -97.15 -17.18 56.53
C GLN JA 259 -98.09 -16.37 57.41
N ILE JA 260 -98.20 -15.08 57.11
CA ILE JA 260 -99.02 -14.17 57.90
C ILE JA 260 -100.11 -13.60 57.02
N SER JA 261 -101.27 -13.38 57.62
CA SER JA 261 -102.41 -12.78 56.91
C SER JA 261 -103.30 -12.11 57.94
N SER JA 262 -104.44 -11.62 57.49
CA SER JA 262 -105.40 -10.92 58.33
C SER JA 262 -106.58 -11.79 58.73
N ALA JA 263 -106.54 -13.09 58.40
CA ALA JA 263 -107.68 -13.96 58.65
C ALA JA 263 -108.00 -14.08 60.13
N SER JA 264 -106.97 -14.26 60.97
CA SER JA 264 -107.21 -14.31 62.41
C SER JA 264 -107.47 -12.91 62.97
N THR JA 265 -106.90 -11.88 62.34
CA THR JA 265 -107.11 -10.52 62.82
C THR JA 265 -108.57 -10.12 62.68
N GLY JA 266 -109.23 -10.57 61.62
CA GLY JA 266 -110.60 -10.14 61.38
C GLY JA 266 -110.73 -8.67 61.06
N ALA JA 267 -109.85 -8.16 60.19
CA ALA JA 267 -109.83 -6.76 59.85
C ALA JA 267 -110.90 -6.43 58.82
N SER JA 268 -111.01 -5.15 58.49
CA SER JA 268 -111.91 -4.70 57.44
C SER JA 268 -111.33 -5.05 56.08
N ASN JA 269 -112.16 -4.90 55.05
CA ASN JA 269 -111.73 -5.23 53.69
C ASN JA 269 -110.55 -4.37 53.25
N ASP JA 270 -110.45 -3.15 53.78
CA ASP JA 270 -109.36 -2.27 53.42
C ASP JA 270 -108.04 -2.66 54.04
N ASN JA 271 -108.06 -3.42 55.14
CA ASN JA 271 -106.86 -3.75 55.89
C ASN JA 271 -106.43 -5.20 55.71
N HIS JA 272 -107.04 -5.91 54.76
CA HIS JA 272 -106.67 -7.29 54.51
C HIS JA 272 -105.28 -7.37 53.90
N TYR JA 273 -104.55 -8.43 54.26
CA TYR JA 273 -103.22 -8.62 53.69
C TYR JA 273 -102.85 -10.08 53.74
N PHE JA 274 -101.84 -10.43 52.94
CA PHE JA 274 -101.25 -11.76 52.92
C PHE JA 274 -99.76 -11.59 52.67
N GLY JA 275 -98.95 -12.30 53.43
CA GLY JA 275 -97.52 -12.17 53.27
C GLY JA 275 -96.77 -13.20 54.06
N TYR JA 276 -95.49 -12.91 54.25
CA TYR JA 276 -94.59 -13.83 54.93
C TYR JA 276 -93.68 -13.09 55.89
N SER JA 277 -93.39 -13.75 57.00
CA SER JA 277 -92.45 -13.29 58.02
C SER JA 277 -91.20 -14.17 57.93
N THR JA 278 -90.03 -13.56 57.74
CA THR JA 278 -88.84 -14.36 57.64
C THR JA 278 -88.06 -14.33 58.95
N PRO JA 279 -87.16 -15.27 59.18
CA PRO JA 279 -86.28 -15.20 60.34
C PRO JA 279 -85.13 -14.19 60.21
N TRP JA 280 -85.08 -13.43 59.12
CA TRP JA 280 -84.01 -12.49 58.89
C TRP JA 280 -84.37 -11.11 59.44
N GLY JA 281 -83.34 -10.35 59.79
CA GLY JA 281 -83.46 -8.94 60.03
C GLY JA 281 -82.79 -8.18 58.90
N TYR JA 282 -83.01 -6.87 58.87
CA TYR JA 282 -82.41 -6.05 57.84
C TYR JA 282 -81.84 -4.79 58.46
N PHE JA 283 -80.88 -4.20 57.76
CA PHE JA 283 -80.24 -2.96 58.19
C PHE JA 283 -80.87 -1.79 57.47
N ASP JA 284 -81.28 -0.78 58.23
CA ASP JA 284 -81.96 0.39 57.71
C ASP JA 284 -81.22 1.64 58.16
N PHE JA 285 -80.85 2.48 57.19
CA PHE JA 285 -80.27 3.78 57.48
C PHE JA 285 -80.90 4.82 56.55
N ASN JA 286 -82.22 4.72 56.38
CA ASN JA 286 -82.96 5.56 55.46
C ASN JA 286 -83.63 6.74 56.17
N ARG JA 287 -82.96 7.35 57.13
CA ARG JA 287 -83.37 8.60 57.72
C ARG JA 287 -82.18 9.54 57.75
N PHE JA 288 -82.44 10.84 57.69
CA PHE JA 288 -81.35 11.80 57.58
C PHE JA 288 -80.56 11.92 58.87
N HIS JA 289 -81.20 11.70 60.01
CA HIS JA 289 -80.50 11.81 61.29
C HIS JA 289 -79.65 10.59 61.60
N CYS JA 290 -79.73 9.52 60.81
CA CYS JA 290 -78.77 8.44 60.92
C CYS JA 290 -77.39 8.87 60.43
N HIS JA 291 -77.31 9.99 59.71
CA HIS JA 291 -76.08 10.44 59.10
C HIS JA 291 -75.68 11.85 59.50
N PHE JA 292 -76.63 12.74 59.75
CA PHE JA 292 -76.34 14.12 60.09
C PHE JA 292 -76.64 14.36 61.56
N SER JA 293 -75.69 14.96 62.27
CA SER JA 293 -76.01 15.55 63.56
C SER JA 293 -76.86 16.80 63.30
N PRO JA 294 -77.59 17.27 64.32
CA PRO JA 294 -78.35 18.52 64.12
C PRO JA 294 -77.46 19.69 63.74
N ARG JA 295 -76.25 19.78 64.27
CA ARG JA 295 -75.32 20.82 63.86
C ARG JA 295 -74.95 20.69 62.39
N ASP JA 296 -74.68 19.47 61.93
CA ASP JA 296 -74.35 19.25 60.53
C ASP JA 296 -75.54 19.57 59.62
N TRP JA 297 -76.74 19.21 60.05
CA TRP JA 297 -77.93 19.54 59.30
C TRP JA 297 -78.13 21.03 59.18
N GLN JA 298 -77.92 21.76 60.27
CA GLN JA 298 -78.01 23.21 60.23
C GLN JA 298 -76.96 23.80 59.31
N ARG JA 299 -75.73 23.30 59.38
CA ARG JA 299 -74.68 23.75 58.50
C ARG JA 299 -75.02 23.52 57.04
N LEU JA 300 -75.64 22.38 56.73
CA LEU JA 300 -76.04 22.09 55.36
C LEU JA 300 -77.15 23.02 54.89
N ILE JA 301 -78.22 23.14 55.68
CA ILE JA 301 -79.41 23.84 55.23
C ILE JA 301 -79.27 25.35 55.28
N ASN JA 302 -78.36 25.88 56.08
CA ASN JA 302 -78.17 27.32 56.13
C ASN JA 302 -77.25 27.84 55.04
N ASN JA 303 -76.57 26.94 54.33
CA ASN JA 303 -75.52 27.35 53.41
C ASN JA 303 -75.65 26.79 52.01
N ASN JA 304 -76.47 25.77 51.79
CA ASN JA 304 -76.52 25.11 50.50
C ASN JA 304 -77.89 25.30 49.86
N TRP JA 305 -77.89 25.53 48.55
CA TRP JA 305 -79.12 25.59 47.79
C TRP JA 305 -79.65 24.21 47.43
N GLY JA 306 -78.80 23.19 47.45
CA GLY JA 306 -79.32 21.86 47.19
C GLY JA 306 -78.32 20.81 47.59
N PHE JA 307 -78.79 19.57 47.63
CA PHE JA 307 -77.87 18.48 47.92
C PHE JA 307 -78.41 17.17 47.40
N ARG JA 308 -77.51 16.19 47.25
CA ARG JA 308 -77.92 14.86 46.80
C ARG JA 308 -76.86 13.86 47.22
N PRO JA 309 -77.20 12.57 47.30
CA PRO JA 309 -76.19 11.56 47.63
C PRO JA 309 -75.45 11.03 46.41
N LYS JA 310 -74.14 10.87 46.57
CA LYS JA 310 -73.22 10.37 45.57
C LYS JA 310 -72.84 8.92 45.79
N ARG JA 311 -72.36 8.56 46.98
CA ARG JA 311 -71.93 7.18 47.14
C ARG JA 311 -72.02 6.78 48.60
N LEU JA 312 -71.95 5.47 48.85
CA LEU JA 312 -71.97 4.99 50.23
C LEU JA 312 -71.12 3.74 50.38
N ASN JA 313 -70.60 3.58 51.59
CA ASN JA 313 -69.89 2.41 52.05
C ASN JA 313 -70.59 1.87 53.29
N PHE JA 314 -70.73 0.56 53.35
CA PHE JA 314 -71.36 -0.13 54.46
C PHE JA 314 -70.37 -1.15 55.01
N LYS JA 315 -70.19 -1.16 56.32
CA LYS JA 315 -69.31 -2.11 56.97
C LYS JA 315 -70.01 -2.71 58.18
N LEU JA 316 -69.77 -3.99 58.40
CA LEU JA 316 -70.30 -4.74 59.53
C LEU JA 316 -69.14 -5.44 60.19
N PHE JA 317 -68.90 -5.15 61.46
CA PHE JA 317 -67.66 -5.60 62.08
C PHE JA 317 -67.88 -5.85 63.56
N ASN JA 318 -66.92 -6.56 64.17
CA ASN JA 318 -66.90 -6.88 65.59
C ASN JA 318 -68.11 -7.71 65.99
N ILE JA 319 -68.30 -8.82 65.29
CA ILE JA 319 -69.43 -9.71 65.54
C ILE JA 319 -69.20 -10.50 66.81
N GLN JA 320 -70.21 -10.55 67.67
CA GLN JA 320 -70.18 -11.37 68.87
C GLN JA 320 -71.49 -12.14 68.96
N VAL JA 321 -71.42 -13.45 68.88
CA VAL JA 321 -72.58 -14.30 69.08
C VAL JA 321 -72.63 -14.73 70.53
N LYS JA 322 -73.78 -14.57 71.15
CA LYS JA 322 -73.98 -14.87 72.56
C LYS JA 322 -75.04 -15.94 72.72
N GLU JA 323 -74.70 -16.98 73.48
CA GLU JA 323 -75.61 -18.05 73.86
C GLU JA 323 -76.31 -17.70 75.17
N VAL JA 324 -77.62 -17.96 75.22
CA VAL JA 324 -78.45 -17.63 76.37
C VAL JA 324 -79.11 -18.90 76.90
N THR JA 325 -78.99 -19.14 78.21
CA THR JA 325 -79.67 -20.23 78.88
C THR JA 325 -80.41 -19.68 80.09
N THR JA 326 -81.72 -19.94 80.18
CA THR JA 326 -82.50 -19.54 81.35
C THR JA 326 -82.88 -20.81 82.12
N ASN JA 327 -82.39 -20.91 83.36
CA ASN JA 327 -82.69 -22.03 84.24
C ASN JA 327 -83.17 -21.50 85.59
N ASP JA 328 -84.29 -22.02 86.06
CA ASP JA 328 -84.85 -21.66 87.36
C ASP JA 328 -85.07 -20.16 87.47
N GLY JA 329 -85.28 -19.48 86.34
CA GLY JA 329 -85.51 -18.07 86.30
C GLY JA 329 -84.28 -17.21 86.15
N VAL JA 330 -83.08 -17.77 86.31
CA VAL JA 330 -81.86 -16.99 86.17
C VAL JA 330 -81.25 -17.26 84.80
N THR JA 331 -80.71 -16.20 84.19
CA THR JA 331 -80.26 -16.22 82.82
C THR JA 331 -78.74 -16.12 82.76
N THR JA 332 -78.13 -17.06 82.04
CA THR JA 332 -76.69 -17.08 81.78
C THR JA 332 -76.44 -16.73 80.32
N ILE JA 333 -75.51 -15.83 80.08
CA ILE JA 333 -75.09 -15.47 78.73
C ILE JA 333 -73.61 -15.81 78.61
N ALA JA 334 -73.26 -16.53 77.55
CA ALA JA 334 -71.88 -16.89 77.28
C ALA JA 334 -71.54 -16.52 75.85
N ASN JA 335 -70.26 -16.53 75.54
CA ASN JA 335 -69.82 -16.31 74.16
C ASN JA 335 -69.84 -17.62 73.41
N ASN JA 336 -70.32 -17.57 72.17
CA ASN JA 336 -70.29 -18.70 71.27
C ASN JA 336 -69.30 -18.35 70.17
N LEU JA 337 -68.06 -18.82 70.32
CA LEU JA 337 -66.99 -18.38 69.45
C LEU JA 337 -67.06 -18.99 68.06
N THR JA 338 -67.81 -20.07 67.87
CA THR JA 338 -67.85 -20.77 66.60
C THR JA 338 -69.16 -20.56 65.84
N SER JA 339 -70.03 -19.69 66.30
CA SER JA 339 -71.28 -19.44 65.62
C SER JA 339 -71.12 -18.34 64.57
N THR JA 340 -72.03 -18.32 63.61
CA THR JA 340 -71.95 -17.41 62.48
C THR JA 340 -73.22 -16.59 62.36
N VAL JA 341 -73.07 -15.42 61.74
CA VAL JA 341 -74.19 -14.64 61.21
C VAL JA 341 -74.08 -14.64 59.70
N GLN JA 342 -75.19 -14.89 59.02
CA GLN JA 342 -75.25 -14.79 57.57
C GLN JA 342 -75.68 -13.39 57.18
N VAL JA 343 -74.93 -12.78 56.27
CA VAL JA 343 -75.22 -11.44 55.77
C VAL JA 343 -75.20 -11.48 54.26
N PHE JA 344 -76.18 -10.84 53.63
CA PHE JA 344 -76.07 -10.64 52.19
C PHE JA 344 -76.76 -9.33 51.80
N SER JA 345 -76.32 -8.78 50.69
CA SER JA 345 -76.89 -7.57 50.12
C SER JA 345 -77.69 -7.96 48.89
N ASP JA 346 -78.92 -7.45 48.79
CA ASP JA 346 -79.79 -7.79 47.67
C ASP JA 346 -79.55 -6.79 46.55
N SER JA 347 -78.40 -6.95 45.89
CA SER JA 347 -77.91 -5.97 44.93
C SER JA 347 -78.67 -6.00 43.61
N GLU JA 348 -79.37 -7.10 43.31
CA GLU JA 348 -80.13 -7.21 42.08
C GLU JA 348 -81.61 -6.95 42.28
N TYR JA 349 -82.02 -6.53 43.47
CA TYR JA 349 -83.40 -6.17 43.77
C TYR JA 349 -84.37 -7.29 43.41
N GLN JA 350 -84.00 -8.51 43.81
CA GLN JA 350 -84.81 -9.68 43.56
C GLN JA 350 -85.81 -9.95 44.69
N LEU JA 351 -85.73 -9.20 45.76
CA LEU JA 351 -86.60 -9.32 46.91
C LEU JA 351 -87.56 -8.15 46.96
N PRO JA 352 -88.69 -8.31 47.64
CA PRO JA 352 -89.54 -7.14 47.90
C PRO JA 352 -88.80 -6.10 48.71
N TYR JA 353 -88.90 -4.85 48.26
CA TYR JA 353 -88.19 -3.75 48.90
C TYR JA 353 -89.10 -3.15 49.98
N VAL JA 354 -88.79 -3.46 51.25
CA VAL JA 354 -89.60 -2.93 52.34
C VAL JA 354 -89.02 -1.64 52.91
N LEU JA 355 -87.82 -1.26 52.50
CA LEU JA 355 -87.33 0.06 52.84
C LEU JA 355 -88.12 1.10 52.06
N GLY JA 356 -88.07 2.34 52.49
CA GLY JA 356 -88.84 3.36 51.84
C GLY JA 356 -90.31 3.39 52.19
N SER JA 357 -90.71 2.68 53.24
CA SER JA 357 -92.06 2.77 53.78
C SER JA 357 -92.10 3.46 55.13
N ALA JA 358 -90.99 4.10 55.52
CA ALA JA 358 -90.89 4.88 56.76
C ALA JA 358 -91.12 4.02 58.00
N HIS JA 359 -90.37 2.93 58.10
CA HIS JA 359 -90.51 2.01 59.22
C HIS JA 359 -89.48 2.30 60.30
N GLN JA 360 -89.81 1.86 61.51
CA GLN JA 360 -88.87 1.91 62.60
C GLN JA 360 -87.76 0.89 62.40
N GLY JA 361 -86.67 1.07 63.14
CA GLY JA 361 -85.57 0.14 63.05
C GLY JA 361 -84.33 0.69 62.38
N CYS JA 362 -84.33 1.97 62.05
CA CYS JA 362 -83.15 2.61 61.49
C CYS JA 362 -82.07 2.75 62.56
N LEU JA 363 -80.89 3.16 62.14
CA LEU JA 363 -79.87 3.53 63.11
C LEU JA 363 -80.38 4.71 63.93
N PRO JA 364 -80.18 4.69 65.24
CA PRO JA 364 -80.67 5.78 66.09
C PRO JA 364 -79.97 7.09 65.77
N PRO JA 365 -80.63 8.22 65.99
CA PRO JA 365 -79.97 9.51 65.72
C PRO JA 365 -78.74 9.74 66.58
N PHE JA 366 -78.78 9.33 67.83
CA PHE JA 366 -77.66 9.55 68.75
C PHE JA 366 -76.65 8.41 68.63
N PRO JA 367 -75.38 8.71 68.38
CA PRO JA 367 -74.38 7.65 68.15
C PRO JA 367 -74.15 6.75 69.35
N ALA JA 368 -74.54 7.16 70.55
CA ALA JA 368 -74.34 6.34 71.73
C ALA JA 368 -75.43 5.28 71.91
N ASP JA 369 -76.49 5.31 71.11
CA ASP JA 369 -77.61 4.43 71.31
C ASP JA 369 -77.38 3.08 70.64
N VAL JA 370 -77.80 2.02 71.32
CA VAL JA 370 -77.71 0.66 70.82
C VAL JA 370 -79.07 0.25 70.31
N PHE JA 371 -79.13 -0.27 69.10
CA PHE JA 371 -80.43 -0.51 68.47
C PHE JA 371 -80.61 -1.98 68.11
N MET JA 372 -81.86 -2.43 68.19
CA MET JA 372 -82.25 -3.76 67.81
C MET JA 372 -82.55 -3.79 66.31
N ILE JA 373 -82.16 -4.87 65.66
CA ILE JA 373 -82.34 -4.98 64.22
C ILE JA 373 -83.76 -5.45 63.92
N PRO JA 374 -84.50 -4.75 63.05
CA PRO JA 374 -85.88 -5.14 62.77
C PRO JA 374 -86.01 -6.39 61.92
N GLN JA 375 -87.11 -7.10 62.11
CA GLN JA 375 -87.34 -8.34 61.38
C GLN JA 375 -87.79 -8.06 59.96
N TYR JA 376 -87.37 -8.92 59.04
CA TYR JA 376 -87.78 -8.80 57.66
C TYR JA 376 -89.07 -9.57 57.39
N GLY JA 377 -89.98 -8.94 56.69
CA GLY JA 377 -91.19 -9.57 56.25
C GLY JA 377 -91.70 -8.80 55.05
N TYR JA 378 -92.53 -9.45 54.26
CA TYR JA 378 -93.05 -8.81 53.06
C TYR JA 378 -94.49 -9.22 52.87
N LEU JA 379 -95.17 -8.48 52.01
CA LEU JA 379 -96.53 -8.78 51.61
C LEU JA 379 -96.54 -9.14 50.13
N THR JA 380 -97.49 -9.98 49.75
CA THR JA 380 -97.65 -10.38 48.37
C THR JA 380 -99.10 -10.17 47.97
N LEU JA 381 -99.43 -10.52 46.73
CA LEU JA 381 -100.78 -10.34 46.23
C LEU JA 381 -101.77 -11.09 47.10
N ASN JA 382 -102.86 -10.42 47.45
CA ASN JA 382 -103.88 -11.02 48.29
C ASN JA 382 -105.26 -10.73 47.73
N ASN JA 383 -106.17 -11.69 47.95
CA ASN JA 383 -107.58 -11.57 47.62
C ASN JA 383 -108.33 -11.69 48.94
N GLY JA 384 -108.46 -10.56 49.63
CA GLY JA 384 -108.92 -10.61 51.01
C GLY JA 384 -107.79 -11.06 51.90
N SER JA 385 -108.05 -12.04 52.74
CA SER JA 385 -107.00 -12.64 53.55
C SER JA 385 -106.36 -13.84 52.87
N GLN JA 386 -106.74 -14.13 51.63
CA GLN JA 386 -106.23 -15.27 50.89
C GLN JA 386 -105.16 -14.83 49.91
N ALA JA 387 -104.46 -15.81 49.34
CA ALA JA 387 -103.46 -15.58 48.33
C ALA JA 387 -104.06 -15.83 46.95
N VAL JA 388 -103.25 -15.64 45.91
CA VAL JA 388 -103.61 -15.96 44.56
C VAL JA 388 -102.49 -16.81 43.95
N GLY JA 389 -102.67 -17.19 42.68
CA GLY JA 389 -101.64 -17.97 42.02
C GLY JA 389 -100.36 -17.21 41.81
N ARG JA 390 -100.45 -15.90 41.57
CA ARG JA 390 -99.30 -15.06 41.31
C ARG JA 390 -98.68 -14.50 42.58
N SER JA 391 -99.21 -14.88 43.75
CA SER JA 391 -98.55 -14.53 45.00
C SER JA 391 -97.20 -15.21 45.07
N SER JA 392 -96.17 -14.44 45.40
CA SER JA 392 -94.82 -14.96 45.43
C SER JA 392 -94.39 -15.31 46.84
N PHE JA 393 -93.48 -16.26 46.92
CA PHE JA 393 -92.81 -16.63 48.15
C PHE JA 393 -91.32 -16.59 47.90
N TYR JA 394 -90.57 -16.03 48.85
CA TYR JA 394 -89.13 -15.87 48.71
C TYR JA 394 -88.47 -16.52 49.91
N CYS JA 395 -87.67 -17.55 49.66
CA CYS JA 395 -86.74 -18.05 50.66
C CYS JA 395 -85.48 -17.22 50.58
N LEU JA 396 -85.10 -16.58 51.69
CA LEU JA 396 -83.90 -15.78 51.69
C LEU JA 396 -82.64 -16.62 51.87
N GLU JA 397 -82.78 -17.89 52.26
CA GLU JA 397 -81.66 -18.81 52.24
C GLU JA 397 -81.33 -19.26 50.83
N TYR JA 398 -82.17 -18.95 49.86
CA TYR JA 398 -81.92 -19.23 48.46
C TYR JA 398 -81.02 -18.17 47.81
N PHE JA 399 -80.30 -17.41 48.61
CA PHE JA 399 -79.34 -16.43 48.17
C PHE JA 399 -77.95 -16.83 48.64
N PRO JA 400 -76.90 -16.41 47.93
CA PRO JA 400 -75.54 -16.54 48.48
C PRO JA 400 -75.34 -15.55 49.61
N SER JA 401 -74.97 -16.07 50.78
CA SER JA 401 -74.71 -15.26 51.96
C SER JA 401 -73.25 -15.41 52.37
N GLN JA 402 -72.71 -14.36 52.98
CA GLN JA 402 -71.43 -14.46 53.62
C GLN JA 402 -71.65 -14.84 55.07
N MET JA 403 -70.97 -15.89 55.52
CA MET JA 403 -71.04 -16.36 56.90
C MET JA 403 -69.89 -15.74 57.68
N LEU JA 404 -70.22 -15.08 58.78
CA LEU JA 404 -69.26 -14.32 59.57
C LEU JA 404 -69.15 -14.93 60.95
N ARG JA 405 -67.96 -15.37 61.31
CA ARG JA 405 -67.64 -15.70 62.69
C ARG JA 405 -67.15 -14.45 63.39
N THR JA 406 -66.69 -14.58 64.63
CA THR JA 406 -66.40 -13.40 65.43
C THR JA 406 -65.19 -12.62 64.93
N GLY JA 407 -64.39 -13.18 64.03
CA GLY JA 407 -63.23 -12.47 63.51
C GLY JA 407 -63.43 -11.90 62.12
N ASN JA 408 -64.60 -12.08 61.55
CA ASN JA 408 -64.88 -11.67 60.18
C ASN JA 408 -65.64 -10.34 60.15
N ASN JA 409 -65.53 -9.65 59.01
CA ASN JA 409 -66.31 -8.45 58.76
C ASN JA 409 -66.91 -8.53 57.36
N PHE JA 410 -67.79 -7.58 57.07
CA PHE JA 410 -68.55 -7.53 55.84
C PHE JA 410 -68.49 -6.11 55.30
N THR JA 411 -68.15 -5.95 54.03
CA THR JA 411 -68.10 -4.63 53.42
C THR JA 411 -68.93 -4.61 52.14
N PHE JA 412 -69.40 -3.43 51.78
CA PHE JA 412 -70.23 -3.30 50.59
C PHE JA 412 -70.24 -1.84 50.15
N SER JA 413 -69.97 -1.61 48.87
CA SER JA 413 -69.97 -0.26 48.31
C SER JA 413 -71.14 -0.10 47.35
N TYR JA 414 -71.63 1.13 47.24
CA TYR JA 414 -72.75 1.42 46.36
C TYR JA 414 -72.61 2.83 45.82
N THR JA 415 -72.95 3.02 44.55
CA THR JA 415 -72.94 4.33 43.92
C THR JA 415 -74.37 4.71 43.57
N PHE JA 416 -74.77 5.91 43.97
CA PHE JA 416 -76.08 6.42 43.62
C PHE JA 416 -76.13 6.81 42.15
N GLU JA 417 -77.29 6.61 41.54
CA GLU JA 417 -77.53 7.14 40.21
C GLU JA 417 -77.63 8.65 40.25
N GLU JA 418 -77.52 9.27 39.08
CA GLU JA 418 -77.59 10.74 38.99
C GLU JA 418 -79.04 11.14 39.23
N VAL JA 419 -79.32 11.55 40.47
CA VAL JA 419 -80.64 12.01 40.90
C VAL JA 419 -80.57 13.53 40.94
N PRO JA 420 -81.68 14.24 40.74
CA PRO JA 420 -81.64 15.70 40.89
C PRO JA 420 -81.37 16.11 42.32
N PHE JA 421 -80.73 17.27 42.47
CA PHE JA 421 -80.52 17.86 43.78
C PHE JA 421 -81.86 18.11 44.45
N HIS JA 422 -81.95 17.79 45.73
CA HIS JA 422 -83.05 18.29 46.54
C HIS JA 422 -82.84 19.77 46.78
N SER JA 423 -83.95 20.51 46.75
CA SER JA 423 -83.98 21.96 46.84
C SER JA 423 -84.01 22.40 48.29
N SER JA 424 -82.88 22.89 48.80
CA SER JA 424 -82.81 23.45 50.14
C SER JA 424 -83.13 24.93 50.17
N TYR JA 425 -83.97 25.40 49.25
CA TYR JA 425 -84.29 26.80 49.13
C TYR JA 425 -85.80 26.98 49.07
N ALA JA 426 -86.24 28.17 49.47
CA ALA JA 426 -87.55 28.71 49.14
C ALA JA 426 -87.41 29.70 48.00
N HIS JA 427 -88.55 30.10 47.45
CA HIS JA 427 -88.58 31.07 46.38
C HIS JA 427 -88.88 32.45 46.93
N SER JA 428 -88.13 33.44 46.48
CA SER JA 428 -88.34 34.82 46.88
C SER JA 428 -89.48 35.49 46.13
N GLN JA 429 -89.99 34.86 45.08
CA GLN JA 429 -91.10 35.39 44.31
C GLN JA 429 -92.22 34.36 44.28
N SER JA 430 -93.44 34.85 44.12
CA SER JA 430 -94.59 34.00 43.90
C SER JA 430 -94.85 33.85 42.41
N LEU JA 431 -95.50 32.76 42.02
CA LEU JA 431 -95.69 32.46 40.62
C LEU JA 431 -96.62 33.45 39.94
N ASP JA 432 -97.59 33.99 40.68
CA ASP JA 432 -98.50 34.98 40.14
C ASP JA 432 -97.99 36.41 40.31
N ARG JA 433 -96.72 36.58 40.63
CA ARG JA 433 -96.11 37.88 40.87
C ARG JA 433 -94.75 37.96 40.19
N LEU JA 434 -94.67 37.49 38.96
CA LEU JA 434 -93.41 37.42 38.23
C LEU JA 434 -93.23 38.58 37.26
N MET JA 435 -94.10 39.57 37.32
CA MET JA 435 -94.11 40.66 36.35
C MET JA 435 -93.33 41.85 36.86
N ASN JA 436 -93.04 42.76 35.95
CA ASN JA 436 -92.54 44.07 36.32
C ASN JA 436 -93.70 44.89 36.88
N PRO JA 437 -93.61 45.36 38.13
CA PRO JA 437 -94.72 46.12 38.72
C PRO JA 437 -94.80 47.56 38.27
N LEU JA 438 -93.97 48.01 37.33
CA LEU JA 438 -94.00 49.38 36.87
C LEU JA 438 -94.49 49.53 35.44
N ILE JA 439 -94.34 48.51 34.62
CA ILE JA 439 -94.63 48.59 33.19
C ILE JA 439 -95.94 47.87 32.91
N ASP JA 440 -96.72 48.41 31.98
CA ASP JA 440 -97.93 47.75 31.51
C ASP JA 440 -97.58 46.63 30.55
N GLN JA 441 -98.59 45.87 30.17
CA GLN JA 441 -98.45 44.83 29.17
C GLN JA 441 -98.89 45.35 27.80
N TYR JA 442 -98.53 44.61 26.76
CA TYR JA 442 -99.09 44.88 25.45
C TYR JA 442 -100.24 43.93 25.11
N LEU JA 443 -100.65 43.12 26.07
CA LEU JA 443 -101.75 42.18 25.89
C LEU JA 443 -103.00 42.72 26.56
N TYR JA 444 -104.14 42.56 25.88
CA TYR JA 444 -105.41 43.02 26.39
C TYR JA 444 -106.23 41.83 26.87
N TYR JA 445 -107.17 42.12 27.76
CA TYR JA 445 -108.08 41.13 28.28
C TYR JA 445 -109.48 41.74 28.34
N LEU JA 446 -110.48 40.89 28.28
CA LEU JA 446 -111.85 41.35 28.43
C LEU JA 446 -112.10 41.75 29.88
N ASN JA 447 -112.40 43.03 30.09
CA ASN JA 447 -112.54 43.59 31.43
C ASN JA 447 -113.99 43.75 31.85
N ARG JA 448 -114.85 44.23 30.95
CA ARG JA 448 -116.26 44.44 31.24
C ARG JA 448 -117.08 43.83 30.12
N THR JA 449 -118.18 43.16 30.49
CA THR JA 449 -119.22 42.81 29.54
C THR JA 449 -120.49 43.62 29.76
N GLN JA 450 -120.44 44.66 30.58
CA GLN JA 450 -121.53 45.60 30.78
C GLN JA 450 -120.98 47.00 30.72
N ASN JA 451 -121.87 47.97 30.53
CA ASN JA 451 -121.46 49.36 30.46
C ASN JA 451 -120.95 49.84 31.80
N GLN JA 452 -119.84 50.58 31.77
CA GLN JA 452 -119.21 51.05 33.00
C GLN JA 452 -119.98 52.19 33.66
N SER JA 453 -120.70 52.98 32.88
CA SER JA 453 -121.36 54.17 33.43
C SER JA 453 -122.38 53.81 34.50
N GLY JA 454 -123.22 52.81 34.24
CA GLY JA 454 -124.19 52.35 35.20
C GLY JA 454 -125.54 53.03 35.15
N SER JA 455 -125.66 54.17 34.43
CA SER JA 455 -126.96 54.80 34.27
C SER JA 455 -127.93 53.88 33.54
N ALA JA 456 -127.43 53.21 32.49
CA ALA JA 456 -128.11 52.09 31.88
C ALA JA 456 -127.36 50.80 32.23
N GLN JA 457 -128.01 49.68 31.98
CA GLN JA 457 -127.46 48.36 32.27
C GLN JA 457 -127.21 47.55 31.00
N ASN JA 458 -126.65 48.19 29.98
CA ASN JA 458 -126.47 47.55 28.70
C ASN JA 458 -125.19 46.72 28.68
N LYS JA 459 -125.20 45.69 27.84
CA LYS JA 459 -124.01 44.87 27.67
C LYS JA 459 -122.99 45.59 26.80
N ASP JA 460 -121.77 45.06 26.80
CA ASP JA 460 -120.69 45.63 25.99
C ASP JA 460 -119.56 44.62 25.92
N LEU JA 461 -118.49 45.04 25.24
CA LEU JA 461 -117.24 44.26 25.18
C LEU JA 461 -116.11 45.26 25.34
N LEU JA 462 -115.69 45.47 26.58
CA LEU JA 462 -114.67 46.45 26.92
C LEU JA 462 -113.39 45.73 27.31
N PHE JA 463 -112.28 46.13 26.71
CA PHE JA 463 -111.00 45.47 26.89
C PHE JA 463 -110.02 46.41 27.57
N SER JA 464 -109.28 45.88 28.53
CA SER JA 464 -108.27 46.65 29.24
C SER JA 464 -106.89 46.06 29.00
N ARG JA 465 -105.89 46.90 29.20
CA ARG JA 465 -104.51 46.50 29.09
C ARG JA 465 -104.00 45.97 30.42
N GLY JA 466 -103.16 44.94 30.35
CA GLY JA 466 -102.55 44.40 31.54
C GLY JA 466 -101.70 45.43 32.25
N SER JA 467 -102.07 45.79 33.46
CA SER JA 467 -101.46 46.87 34.19
C SER JA 467 -101.09 46.42 35.60
N PRO JA 468 -100.13 47.09 36.24
CA PRO JA 468 -99.79 46.74 37.64
C PRO JA 468 -100.93 47.00 38.62
N ALA JA 469 -101.93 47.79 38.26
CA ALA JA 469 -103.08 47.98 39.13
C ALA JA 469 -103.82 46.66 39.34
N GLY JA 470 -104.16 45.98 38.26
CA GLY JA 470 -104.74 44.66 38.38
C GLY JA 470 -103.77 43.58 37.96
N MET JA 471 -103.15 42.93 38.93
CA MET JA 471 -102.18 41.88 38.67
C MET JA 471 -102.83 40.51 38.58
N SER JA 472 -104.04 40.36 39.11
CA SER JA 472 -104.73 39.08 39.08
C SER JA 472 -105.29 38.75 37.70
N VAL JA 473 -105.52 39.76 36.85
CA VAL JA 473 -106.12 39.55 35.54
C VAL JA 473 -105.10 39.64 34.42
N GLN JA 474 -103.84 39.86 34.74
CA GLN JA 474 -102.82 39.91 33.71
C GLN JA 474 -102.61 38.52 33.10
N PRO JA 475 -102.47 38.42 31.79
CA PRO JA 475 -102.02 37.17 31.18
C PRO JA 475 -100.68 36.74 31.76
N LYS JA 476 -100.54 35.44 31.99
CA LYS JA 476 -99.33 34.87 32.58
C LYS JA 476 -98.91 33.65 31.79
N ASN JA 477 -97.70 33.17 32.08
CA ASN JA 477 -97.08 32.12 31.28
C ASN JA 477 -97.14 30.75 31.92
N TRP JA 478 -97.39 30.65 33.23
CA TRP JA 478 -97.28 29.39 33.94
C TRP JA 478 -98.47 29.20 34.86
N LEU JA 479 -98.62 27.97 35.34
CA LEU JA 479 -99.70 27.57 36.22
C LEU JA 479 -99.15 26.93 37.48
N PRO JA 480 -99.87 27.02 38.60
CA PRO JA 480 -99.45 26.31 39.81
C PRO JA 480 -99.58 24.81 39.64
N GLY JA 481 -98.80 24.08 40.42
CA GLY JA 481 -98.75 22.64 40.33
C GLY JA 481 -100.08 21.96 40.57
N PRO JA 482 -100.10 20.63 40.40
CA PRO JA 482 -101.35 19.89 40.57
C PRO JA 482 -101.77 19.83 42.03
N CYS JA 483 -103.06 19.56 42.22
CA CYS JA 483 -103.60 19.53 43.57
C CYS JA 483 -104.54 18.35 43.72
N TYR JA 484 -104.73 17.90 44.96
CA TYR JA 484 -105.71 16.89 45.34
C TYR JA 484 -106.20 17.24 46.73
N ARG JA 485 -107.33 17.95 46.79
CA ARG JA 485 -107.72 18.66 47.99
C ARG JA 485 -107.86 17.73 49.19
N GLN JA 486 -107.40 18.22 50.35
CA GLN JA 486 -107.50 17.54 51.63
C GLN JA 486 -108.48 18.28 52.52
N GLN JA 487 -108.88 17.62 53.60
CA GLN JA 487 -109.77 18.23 54.58
C GLN JA 487 -108.96 19.06 55.56
N ARG JA 488 -109.55 20.19 55.97
CA ARG JA 488 -108.85 21.15 56.80
C ARG JA 488 -109.17 20.88 58.27
N VAL JA 489 -108.13 20.59 59.05
CA VAL JA 489 -108.27 20.33 60.47
C VAL JA 489 -107.55 21.44 61.22
N SER JA 490 -108.19 21.96 62.26
CA SER JA 490 -107.60 22.98 63.10
C SER JA 490 -106.82 22.36 64.25
N LYS JA 491 -105.63 22.90 64.51
CA LYS JA 491 -104.86 22.47 65.67
C LYS JA 491 -105.55 22.84 66.98
N THR JA 492 -106.46 23.80 66.95
CA THR JA 492 -107.32 24.10 68.08
C THR JA 492 -108.59 23.26 67.95
N LYS JA 493 -108.74 22.28 68.83
CA LYS JA 493 -109.75 21.25 68.63
C LYS JA 493 -111.18 21.78 68.71
N THR JA 494 -111.41 22.93 69.33
CA THR JA 494 -112.78 23.43 69.46
C THR JA 494 -113.37 23.89 68.13
N ASP JA 495 -112.53 24.23 67.15
CA ASP JA 495 -113.03 24.68 65.85
C ASP JA 495 -113.29 23.55 64.87
N ASN JA 496 -113.05 22.31 65.28
CA ASN JA 496 -113.29 21.16 64.41
C ASN JA 496 -114.70 20.64 64.61
N ASN JA 497 -115.24 20.02 63.58
CA ASN JA 497 -116.58 19.45 63.63
C ASN JA 497 -116.63 18.34 64.67
N ASN JA 498 -117.79 18.22 65.31
CA ASN JA 498 -117.98 17.20 66.35
C ASN JA 498 -118.38 15.87 65.70
N SER JA 499 -117.37 15.23 65.10
CA SER JA 499 -117.52 13.90 64.53
C SER JA 499 -116.12 13.34 64.33
N ASN JA 500 -116.04 12.08 63.94
CA ASN JA 500 -114.72 11.49 63.71
C ASN JA 500 -114.14 11.93 62.38
N PHE JA 501 -114.78 11.54 61.28
CA PHE JA 501 -114.50 12.03 59.92
C PHE JA 501 -113.01 11.93 59.53
N THR JA 502 -112.22 11.20 60.29
CA THR JA 502 -110.85 10.92 59.87
C THR JA 502 -110.79 9.84 58.80
N TRP JA 503 -111.84 9.06 58.65
CA TRP JA 503 -111.92 8.11 57.56
C TRP JA 503 -113.03 8.44 56.59
N THR JA 504 -114.20 8.87 57.07
CA THR JA 504 -115.30 9.17 56.18
C THR JA 504 -115.09 10.46 55.40
N GLY JA 505 -114.37 11.42 55.96
CA GLY JA 505 -114.20 12.71 55.32
C GLY JA 505 -112.82 12.93 54.76
N ALA JA 506 -112.10 11.86 54.47
CA ALA JA 506 -110.71 11.95 54.08
C ALA JA 506 -110.51 11.62 52.61
N SER JA 507 -109.48 12.24 52.03
CA SER JA 507 -109.10 11.95 50.65
C SER JA 507 -108.43 10.58 50.59
N LYS JA 508 -109.00 9.68 49.81
CA LYS JA 508 -108.46 8.33 49.71
C LYS JA 508 -108.60 7.86 48.29
N TYR JA 509 -107.85 6.83 47.94
CA TYR JA 509 -107.89 6.27 46.60
C TYR JA 509 -108.35 4.83 46.63
N ASN JA 510 -108.94 4.41 45.52
CA ASN JA 510 -109.52 3.09 45.37
C ASN JA 510 -108.57 2.22 44.54
N LEU JA 511 -108.20 1.06 45.06
CA LEU JA 511 -107.30 0.15 44.36
C LEU JA 511 -107.75 -1.28 44.62
N ASN JA 512 -108.22 -1.95 43.57
CA ASN JA 512 -108.69 -3.34 43.66
C ASN JA 512 -109.79 -3.50 44.70
N GLY JA 513 -110.63 -2.48 44.82
CA GLY JA 513 -111.79 -2.55 45.68
C GLY JA 513 -111.58 -2.13 47.12
N ARG JA 514 -110.36 -1.83 47.53
CA ARG JA 514 -110.11 -1.38 48.89
C ARG JA 514 -109.46 0.00 48.89
N GLU JA 515 -109.90 0.83 49.82
CA GLU JA 515 -109.54 2.23 49.87
C GLU JA 515 -108.30 2.43 50.73
N SER JA 516 -107.50 3.43 50.36
CA SER JA 516 -106.27 3.74 51.07
C SER JA 516 -106.18 5.25 51.19
N ILE JA 517 -105.90 5.74 52.39
CA ILE JA 517 -105.71 7.17 52.60
C ILE JA 517 -104.52 7.63 51.79
N ILE JA 518 -104.61 8.83 51.21
CA ILE JA 518 -103.53 9.33 50.37
C ILE JA 518 -102.26 9.52 51.20
N ASN JA 519 -102.27 10.45 52.16
CA ASN JA 519 -101.27 10.53 53.22
C ASN JA 519 -99.83 10.39 52.75
N PRO JA 520 -99.18 11.45 52.25
CA PRO JA 520 -99.64 12.83 52.21
C PRO JA 520 -99.98 13.31 50.79
N GLY JA 521 -99.62 12.51 49.80
CA GLY JA 521 -100.02 12.81 48.44
C GLY JA 521 -99.27 13.99 47.86
N THR JA 522 -99.99 14.78 47.08
CA THR JA 522 -99.39 15.88 46.34
C THR JA 522 -98.73 16.87 47.27
N ALA JA 523 -97.60 17.41 46.82
CA ALA JA 523 -96.86 18.40 47.60
C ALA JA 523 -97.58 19.74 47.49
N MET JA 524 -98.29 20.10 48.54
CA MET JA 524 -99.05 21.34 48.57
C MET JA 524 -98.77 22.09 49.87
N ALA JA 525 -99.07 23.38 49.85
CA ALA JA 525 -98.91 24.20 51.04
C ALA JA 525 -99.87 23.75 52.14
N SER JA 526 -99.36 23.69 53.36
CA SER JA 526 -100.18 23.26 54.48
C SER JA 526 -101.35 24.21 54.74
N HIS JA 527 -101.10 25.50 54.64
CA HIS JA 527 -102.13 26.50 54.93
C HIS JA 527 -101.80 27.76 54.14
N LYS JA 528 -102.65 28.77 54.31
CA LYS JA 528 -102.43 30.08 53.72
C LYS JA 528 -101.63 30.95 54.66
N ASP JA 529 -101.53 32.24 54.34
CA ASP JA 529 -100.96 33.20 55.26
C ASP JA 529 -101.90 33.45 56.42
N ASP JA 530 -101.33 33.61 57.62
CA ASP JA 530 -102.08 33.90 58.83
C ASP JA 530 -103.08 32.81 59.16
N GLU JA 531 -102.76 31.56 58.82
CA GLU JA 531 -103.66 30.43 59.02
C GLU JA 531 -102.89 29.24 59.53
N ASP JA 532 -101.87 29.46 60.36
CA ASP JA 532 -101.02 28.38 60.85
C ASP JA 532 -101.78 27.40 61.75
N LYS JA 533 -102.97 27.76 62.21
CA LYS JA 533 -103.77 26.89 63.06
C LYS JA 533 -104.40 25.73 62.30
N PHE JA 534 -104.33 25.72 60.98
CA PHE JA 534 -104.95 24.69 60.16
C PHE JA 534 -103.88 23.84 59.48
N PHE JA 535 -104.17 22.56 59.36
CA PHE JA 535 -103.34 21.65 58.58
C PHE JA 535 -104.23 20.68 57.82
N PRO JA 536 -103.78 20.20 56.66
CA PRO JA 536 -104.55 19.16 55.97
C PRO JA 536 -104.60 17.88 56.78
N MET JA 537 -105.73 17.19 56.69
CA MET JA 537 -105.98 16.08 57.61
C MET JA 537 -104.94 14.98 57.44
N SER JA 538 -104.56 14.67 56.20
CA SER JA 538 -103.54 13.68 55.93
C SER JA 538 -102.58 14.19 54.87
N GLY JA 539 -102.18 15.46 54.99
CA GLY JA 539 -101.33 16.06 54.00
C GLY JA 539 -99.97 16.47 54.54
N VAL JA 540 -99.72 16.16 55.80
CA VAL JA 540 -98.50 16.60 56.46
C VAL JA 540 -97.79 15.39 57.06
N MET JA 541 -96.47 15.47 57.13
CA MET JA 541 -95.68 14.47 57.82
C MET JA 541 -95.70 14.77 59.32
N ILE JA 542 -96.12 13.81 60.11
CA ILE JA 542 -96.25 13.97 61.55
C ILE JA 542 -95.24 13.04 62.21
N PHE JA 543 -94.31 13.63 62.95
CA PHE JA 543 -93.34 12.88 63.73
C PHE JA 543 -93.75 12.87 65.19
N GLY JA 544 -93.58 11.73 65.84
CA GLY JA 544 -93.89 11.61 67.25
C GLY JA 544 -92.69 11.98 68.10
N LYS JA 545 -92.96 12.70 69.18
CA LYS JA 545 -91.91 12.95 70.15
C LYS JA 545 -91.69 11.69 70.99
N GLU JA 546 -90.57 11.68 71.71
CA GLU JA 546 -90.38 10.62 72.68
C GLU JA 546 -91.45 10.74 73.76
N SER JA 547 -91.85 9.59 74.30
CA SER JA 547 -93.03 9.50 75.16
C SER JA 547 -94.31 9.83 74.40
N ALA JA 548 -94.41 9.35 73.17
CA ALA JA 548 -95.66 9.37 72.42
C ALA JA 548 -96.15 7.94 72.26
N GLY JA 549 -97.42 7.72 72.57
CA GLY JA 549 -97.98 6.40 72.47
C GLY JA 549 -98.11 5.94 71.03
N ALA JA 550 -98.37 4.65 70.88
CA ALA JA 550 -98.54 4.08 69.55
C ALA JA 550 -99.89 4.44 68.94
N SER JA 551 -100.92 4.54 69.76
CA SER JA 551 -102.28 4.77 69.28
C SER JA 551 -102.94 5.88 70.09
N ASN JA 552 -103.63 6.79 69.38
CA ASN JA 552 -104.42 7.84 69.99
C ASN JA 552 -103.61 8.69 70.96
N THR JA 553 -102.38 9.02 70.58
CA THR JA 553 -101.58 9.95 71.37
C THR JA 553 -102.07 11.38 71.12
N ALA JA 554 -101.43 12.32 71.79
CA ALA JA 554 -101.92 13.69 71.81
C ALA JA 554 -101.15 14.59 70.85
N LEU JA 555 -101.83 15.67 70.46
CA LEU JA 555 -101.22 16.72 69.66
C LEU JA 555 -99.98 17.27 70.35
N ASP JA 556 -99.95 17.24 71.68
CA ASP JA 556 -98.77 17.65 72.41
C ASP JA 556 -97.64 16.65 72.24
N ASN JA 557 -97.97 15.39 71.95
CA ASN JA 557 -96.95 14.36 71.80
C ASN JA 557 -96.50 14.18 70.36
N VAL JA 558 -97.18 14.78 69.40
CA VAL JA 558 -96.74 14.70 68.01
C VAL JA 558 -96.21 16.05 67.55
N MET JA 559 -95.36 16.02 66.53
CA MET JA 559 -94.85 17.21 65.85
C MET JA 559 -95.35 17.23 64.42
N ILE JA 560 -96.18 18.22 64.09
CA ILE JA 560 -96.74 18.35 62.75
C ILE JA 560 -95.83 19.25 61.93
N THR JA 561 -95.44 18.79 60.75
CA THR JA 561 -94.61 19.61 59.89
C THR JA 561 -95.44 20.66 59.16
N ASP JA 562 -94.75 21.60 58.54
CA ASP JA 562 -95.38 22.66 57.78
C ASP JA 562 -94.70 22.77 56.42
N GLU JA 563 -95.49 23.00 55.39
CA GLU JA 563 -95.00 23.20 54.03
C GLU JA 563 -95.26 24.63 53.57
N GLU JA 564 -94.96 25.60 54.44
CA GLU JA 564 -95.34 26.98 54.19
C GLU JA 564 -94.45 27.62 53.13
N GLU JA 565 -93.30 27.02 52.85
CA GLU JA 565 -92.34 27.65 51.95
C GLU JA 565 -92.69 27.47 50.48
N ILE JA 566 -93.58 26.54 50.15
CA ILE JA 566 -93.89 26.25 48.77
C ILE JA 566 -95.23 26.86 48.36
N LYS JA 567 -95.71 27.86 49.10
CA LYS JA 567 -96.88 28.62 48.68
C LYS JA 567 -96.62 29.41 47.40
N ALA JA 568 -95.35 29.63 47.05
CA ALA JA 568 -95.03 30.44 45.89
C ALA JA 568 -95.41 29.75 44.59
N THR JA 569 -95.42 28.42 44.57
CA THR JA 569 -95.70 27.67 43.36
C THR JA 569 -96.75 26.59 43.51
N ASN JA 570 -97.07 26.16 44.71
CA ASN JA 570 -97.98 25.05 44.92
C ASN JA 570 -99.30 25.52 45.50
N PRO JA 571 -100.41 24.89 45.13
CA PRO JA 571 -101.69 25.24 45.74
C PRO JA 571 -101.72 24.85 47.20
N VAL JA 572 -102.57 25.54 47.96
CA VAL JA 572 -102.76 25.20 49.36
C VAL JA 572 -103.54 23.89 49.45
N ALA JA 573 -103.10 23.00 50.33
CA ALA JA 573 -103.61 21.63 50.36
C ALA JA 573 -105.09 21.55 50.66
N THR JA 574 -105.63 22.50 51.43
CA THR JA 574 -107.00 22.41 51.89
C THR JA 574 -107.98 23.21 51.05
N GLU JA 575 -107.53 23.83 49.97
CA GLU JA 575 -108.40 24.65 49.13
C GLU JA 575 -108.34 24.17 47.68
N ARG JA 576 -109.34 24.62 46.92
CA ARG JA 576 -109.49 24.19 45.54
C ARG JA 576 -108.33 24.70 44.69
N PHE JA 577 -108.07 23.99 43.60
CA PHE JA 577 -107.11 24.49 42.62
C PHE JA 577 -107.61 25.79 42.01
N GLY JA 578 -108.91 25.86 41.73
CA GLY JA 578 -109.48 27.04 41.13
C GLY JA 578 -110.90 26.75 40.69
N THR JA 579 -111.40 27.64 39.84
CA THR JA 579 -112.74 27.49 39.27
C THR JA 579 -112.64 27.26 37.77
N VAL JA 580 -113.69 26.66 37.22
CA VAL JA 580 -113.76 26.34 35.81
C VAL JA 580 -115.16 26.65 35.31
N ALA JA 581 -115.27 27.10 34.07
CA ALA JA 581 -116.57 27.31 33.48
C ALA JA 581 -117.25 25.97 33.25
N VAL JA 582 -118.56 25.90 33.47
CA VAL JA 582 -119.29 24.64 33.38
C VAL JA 582 -120.50 24.72 32.46
N ASN JA 583 -120.73 25.85 31.79
CA ASN JA 583 -121.88 25.97 30.91
C ASN JA 583 -121.56 27.00 29.84
N PHE JA 584 -122.56 27.32 29.02
CA PHE JA 584 -122.48 28.38 28.03
C PHE JA 584 -123.37 29.53 28.50
N GLN JA 585 -122.78 30.70 28.69
CA GLN JA 585 -123.57 31.89 28.99
C GLN JA 585 -124.24 32.41 27.72
N SER JA 586 -125.45 32.91 27.87
CA SER JA 586 -126.20 33.43 26.73
C SER JA 586 -127.23 34.42 27.24
N SER JA 587 -127.74 35.23 26.32
CA SER JA 587 -128.80 36.17 26.61
C SER JA 587 -130.14 35.60 26.18
N SER JA 588 -131.21 36.19 26.71
CA SER JA 588 -132.56 35.78 26.34
C SER JA 588 -132.87 36.16 24.91
N THR JA 589 -133.67 35.35 24.25
CA THR JA 589 -134.06 35.59 22.87
C THR JA 589 -135.55 35.29 22.65
N VAL JA 592 -135.14 31.92 21.81
CA VAL JA 592 -134.87 31.10 22.98
C VAL JA 592 -134.94 31.97 24.23
N PRO JA 593 -136.14 32.19 24.76
CA PRO JA 593 -136.28 33.09 25.91
C PRO JA 593 -135.92 32.43 27.22
N PHE JA 594 -134.81 31.71 27.24
CA PHE JA 594 -134.28 31.09 28.45
C PHE JA 594 -132.84 31.58 28.63
N LYS JA 595 -132.70 32.72 29.31
CA LYS JA 595 -131.40 33.29 29.59
C LYS JA 595 -130.56 32.35 30.45
N THR JA 596 -129.29 32.19 30.09
CA THR JA 596 -128.38 31.31 30.81
C THR JA 596 -127.27 32.15 31.44
N ASP JA 597 -127.28 32.22 32.77
CA ASP JA 597 -126.18 32.89 33.46
C ASP JA 597 -124.92 32.03 33.39
N PRO JA 598 -123.75 32.66 33.31
CA PRO JA 598 -122.51 31.89 33.37
C PRO JA 598 -122.37 31.20 34.72
N ALA JA 599 -121.80 30.01 34.70
CA ALA JA 599 -121.67 29.18 35.89
C ALA JA 599 -120.26 28.62 35.99
N THR JA 600 -119.71 28.66 37.20
CA THR JA 600 -118.39 28.11 37.46
C THR JA 600 -118.51 27.03 38.53
N GLY JA 601 -117.57 26.11 38.51
CA GLY JA 601 -117.47 25.08 39.52
C GLY JA 601 -116.07 24.99 40.05
N ASP JA 602 -115.97 24.61 41.33
CA ASP JA 602 -114.67 24.48 41.98
C ASP JA 602 -113.96 23.23 41.50
N VAL JA 603 -112.66 23.37 41.28
CA VAL JA 603 -111.81 22.28 40.83
C VAL JA 603 -111.02 21.79 42.04
N HIS JA 604 -111.36 20.60 42.53
CA HIS JA 604 -110.79 20.10 43.78
C HIS JA 604 -109.60 19.19 43.54
N ALA JA 605 -109.60 18.41 42.46
CA ALA JA 605 -108.47 17.59 42.07
C ALA JA 605 -108.09 17.97 40.65
N MET JA 606 -106.85 18.39 40.46
CA MET JA 606 -106.36 18.83 39.17
C MET JA 606 -105.12 18.03 38.83
N GLY JA 607 -105.14 17.33 37.71
CA GLY JA 607 -103.97 16.65 37.22
C GLY JA 607 -103.04 17.59 36.50
N ALA JA 608 -101.95 17.04 36.01
CA ALA JA 608 -100.90 17.85 35.40
C ALA JA 608 -101.38 18.46 34.09
N LEU JA 609 -101.29 19.77 33.99
CA LEU JA 609 -101.52 20.55 32.79
C LEU JA 609 -100.19 21.08 32.27
N PRO JA 610 -100.01 21.20 30.96
CA PRO JA 610 -98.79 21.83 30.46
C PRO JA 610 -98.70 23.27 30.91
N GLY JA 611 -97.48 23.69 31.25
CA GLY JA 611 -97.24 24.97 31.87
C GLY JA 611 -97.25 24.95 33.38
N MET JA 612 -97.58 23.82 33.99
CA MET JA 612 -97.58 23.71 35.44
C MET JA 612 -96.16 23.64 35.98
N VAL JA 613 -95.92 24.30 37.11
CA VAL JA 613 -94.66 24.23 37.82
C VAL JA 613 -94.96 24.02 39.29
N TRP JA 614 -94.11 23.25 39.97
CA TRP JA 614 -94.35 22.94 41.37
C TRP JA 614 -93.03 22.63 42.05
N GLN JA 615 -93.06 22.64 43.38
CA GLN JA 615 -91.97 22.16 44.21
C GLN JA 615 -92.36 20.84 44.85
N ASP JA 616 -91.36 20.01 45.13
CA ASP JA 616 -91.58 18.75 45.80
C ASP JA 616 -91.67 18.96 47.30
N ARG JA 617 -92.00 17.90 48.03
CA ARG JA 617 -92.06 17.97 49.48
C ARG JA 617 -90.66 18.16 50.06
N ASP JA 618 -90.60 18.82 51.20
CA ASP JA 618 -89.34 19.02 51.89
C ASP JA 618 -88.87 17.74 52.56
N VAL JA 619 -87.57 17.65 52.76
CA VAL JA 619 -86.99 16.57 53.55
C VAL JA 619 -86.66 17.12 54.93
N TYR JA 620 -86.66 16.23 55.92
CA TYR JA 620 -86.44 16.61 57.31
C TYR JA 620 -85.32 15.77 57.89
N LEU JA 621 -84.72 16.27 58.97
CA LEU JA 621 -83.66 15.51 59.63
C LEU JA 621 -84.17 14.17 60.14
N GLN JA 622 -85.43 14.10 60.54
CA GLN JA 622 -86.04 12.87 61.01
C GLN JA 622 -86.72 12.07 59.92
N GLY JA 623 -86.68 12.54 58.67
CA GLY JA 623 -87.45 11.94 57.61
C GLY JA 623 -86.65 11.01 56.73
N PRO JA 624 -87.31 10.34 55.80
CA PRO JA 624 -86.63 9.40 54.90
C PRO JA 624 -85.76 10.11 53.89
N ILE JA 625 -84.74 9.38 53.42
CA ILE JA 625 -83.82 9.89 52.41
C ILE JA 625 -84.26 9.52 51.01
N TRP JA 626 -84.51 8.25 50.77
CA TRP JA 626 -84.79 7.76 49.42
C TRP JA 626 -85.99 6.82 49.44
N ALA JA 627 -86.38 6.44 48.24
CA ALA JA 627 -87.41 5.42 48.03
C ALA JA 627 -87.15 4.74 46.70
N LYS JA 628 -87.39 3.44 46.63
CA LYS JA 628 -87.33 2.74 45.37
C LYS JA 628 -88.51 3.10 44.49
N ILE JA 629 -88.23 3.52 43.26
CA ILE JA 629 -89.30 3.77 42.30
C ILE JA 629 -89.85 2.44 41.81
N PRO JA 630 -91.16 2.21 41.87
CA PRO JA 630 -91.71 0.93 41.43
C PRO JA 630 -91.37 0.63 39.98
N HIS JA 631 -91.07 -0.63 39.70
CA HIS JA 631 -90.73 -1.06 38.35
C HIS JA 631 -92.02 -1.24 37.57
N THR JA 632 -92.49 -0.15 36.99
CA THR JA 632 -93.71 -0.11 36.23
C THR JA 632 -93.44 0.42 34.82
N ASP JA 633 -94.44 0.28 33.95
CA ASP JA 633 -94.31 0.80 32.60
C ASP JA 633 -94.24 2.32 32.59
N GLY JA 634 -95.06 2.97 33.40
CA GLY JA 634 -95.08 4.42 33.42
C GLY JA 634 -95.07 4.93 34.84
N HIS JA 635 -94.52 6.13 34.99
CA HIS JA 635 -94.58 6.88 36.23
C HIS JA 635 -94.37 8.33 35.90
N PHE JA 636 -95.07 9.21 36.61
CA PHE JA 636 -95.01 10.64 36.37
C PHE JA 636 -94.29 11.30 37.53
N HIS JA 637 -93.15 11.92 37.24
CA HIS JA 637 -92.34 12.64 38.21
C HIS JA 637 -92.05 11.77 39.42
N PRO JA 638 -91.22 10.76 39.28
CA PRO JA 638 -91.09 9.72 40.32
C PRO JA 638 -90.31 10.19 41.54
N SER JA 639 -90.81 11.25 42.17
CA SER JA 639 -90.30 11.73 43.43
C SER JA 639 -91.20 11.23 44.55
N PRO JA 640 -90.65 10.59 45.58
CA PRO JA 640 -91.50 9.99 46.61
C PRO JA 640 -92.37 11.03 47.29
N LEU JA 641 -93.58 10.63 47.64
CA LEU JA 641 -94.55 11.59 48.18
C LEU JA 641 -94.24 11.92 49.63
N MET JA 642 -93.52 11.05 50.34
CA MET JA 642 -93.05 11.42 51.67
C MET JA 642 -91.87 12.36 51.63
N GLY JA 643 -91.26 12.56 50.49
CA GLY JA 643 -90.08 13.40 50.36
C GLY JA 643 -88.83 12.57 50.21
N GLY JA 644 -87.85 13.13 49.51
CA GLY JA 644 -86.61 12.43 49.30
C GLY JA 644 -86.27 12.19 47.85
N PHE JA 645 -85.38 11.24 47.61
CA PHE JA 645 -84.89 10.92 46.29
C PHE JA 645 -85.53 9.60 45.84
N GLY JA 646 -86.17 9.62 44.68
CA GLY JA 646 -86.65 8.39 44.09
C GLY JA 646 -85.56 7.77 43.26
N LEU JA 647 -85.18 6.54 43.57
CA LEU JA 647 -84.10 5.86 42.87
C LEU JA 647 -84.64 4.60 42.22
N LYS JA 648 -84.29 4.40 40.95
CA LYS JA 648 -84.64 3.14 40.28
C LYS JA 648 -83.87 1.98 40.89
N ASN JA 649 -82.58 2.17 41.14
CA ASN JA 649 -81.76 1.20 41.86
C ASN JA 649 -81.34 1.86 43.17
N PRO JA 650 -82.15 1.75 44.22
CA PRO JA 650 -81.80 2.37 45.49
C PRO JA 650 -80.70 1.58 46.19
N PRO JA 651 -80.19 2.06 47.32
CA PRO JA 651 -79.29 1.23 48.11
C PRO JA 651 -79.94 -0.09 48.47
N PRO JA 652 -79.28 -1.20 48.20
CA PRO JA 652 -79.92 -2.50 48.40
C PRO JA 652 -80.08 -2.83 49.87
N GLN JA 653 -80.99 -3.76 50.13
CA GLN JA 653 -81.24 -4.21 51.48
C GLN JA 653 -80.12 -5.14 51.93
N ILE JA 654 -79.60 -4.89 53.13
CA ILE JA 654 -78.64 -5.76 53.77
C ILE JA 654 -79.40 -6.60 54.78
N LEU JA 655 -79.39 -7.91 54.57
CA LEU JA 655 -80.15 -8.84 55.39
C LEU JA 655 -79.20 -9.72 56.17
N ILE JA 656 -79.51 -9.89 57.45
CA ILE JA 656 -78.62 -10.53 58.41
C ILE JA 656 -79.45 -11.46 59.29
N LYS JA 657 -78.90 -12.62 59.60
CA LYS JA 657 -79.55 -13.47 60.58
C LYS JA 657 -78.51 -14.33 61.27
N ASN JA 658 -78.88 -14.86 62.43
CA ASN JA 658 -78.02 -15.79 63.13
C ASN JA 658 -78.18 -17.17 62.53
N THR JA 659 -77.07 -17.84 62.22
CA THR JA 659 -77.17 -19.20 61.73
C THR JA 659 -77.69 -20.10 62.85
N PRO JA 660 -78.73 -20.90 62.59
CA PRO JA 660 -79.27 -21.75 63.66
C PRO JA 660 -78.24 -22.78 64.12
N VAL JA 661 -78.17 -22.96 65.44
CA VAL JA 661 -77.33 -23.98 66.05
C VAL JA 661 -78.25 -24.99 66.72
N PRO JA 662 -78.37 -26.20 66.19
CA PRO JA 662 -79.27 -27.19 66.78
C PRO JA 662 -78.82 -27.62 68.17
N ALA JA 663 -79.79 -27.99 68.99
CA ALA JA 663 -79.50 -28.56 70.29
C ALA JA 663 -79.15 -30.04 70.12
N ASN JA 664 -79.11 -30.77 71.22
CA ASN JA 664 -78.68 -32.15 71.20
C ASN JA 664 -79.64 -33.01 70.38
N PRO JA 665 -79.19 -33.68 69.33
CA PRO JA 665 -80.08 -34.52 68.54
C PRO JA 665 -80.35 -35.84 69.24
N PRO JA 666 -81.40 -36.55 68.85
CA PRO JA 666 -81.67 -37.86 69.46
C PRO JA 666 -80.62 -38.90 69.08
N ALA JA 667 -80.56 -39.96 69.88
CA ALA JA 667 -79.61 -41.04 69.60
C ALA JA 667 -79.97 -41.78 68.32
N GLU JA 668 -81.25 -42.01 68.08
CA GLU JA 668 -81.74 -42.62 66.86
C GLU JA 668 -82.14 -41.55 65.85
N PHE JA 669 -82.01 -41.91 64.57
CA PHE JA 669 -82.29 -40.96 63.49
C PHE JA 669 -83.77 -40.66 63.39
N SER JA 670 -84.09 -39.39 63.15
CA SER JA 670 -85.45 -38.94 62.91
C SER JA 670 -85.43 -37.99 61.73
N ALA JA 671 -86.30 -38.24 60.75
CA ALA JA 671 -86.36 -37.37 59.58
C ALA JA 671 -87.17 -36.10 59.83
N THR JA 672 -87.89 -36.02 60.95
CA THR JA 672 -88.57 -34.79 61.30
C THR JA 672 -87.57 -33.66 61.44
N LYS JA 673 -87.89 -32.51 60.85
CA LYS JA 673 -86.95 -31.40 60.84
C LYS JA 673 -86.72 -30.90 62.27
N PHE JA 674 -85.53 -30.35 62.48
CA PHE JA 674 -85.12 -29.92 63.81
C PHE JA 674 -86.01 -28.78 64.28
N ALA JA 675 -86.43 -28.84 65.54
CA ALA JA 675 -87.20 -27.79 66.17
C ALA JA 675 -86.55 -27.29 67.45
N SER JA 676 -85.56 -27.98 67.97
CA SER JA 676 -84.85 -27.61 69.18
C SER JA 676 -83.54 -26.97 68.79
N PHE JA 677 -83.39 -25.69 69.13
CA PHE JA 677 -82.20 -24.95 68.78
C PHE JA 677 -81.59 -24.32 70.03
N ILE JA 678 -80.29 -24.09 69.95
CA ILE JA 678 -79.57 -23.36 71.00
C ILE JA 678 -79.94 -21.90 70.88
N THR JA 679 -80.43 -21.30 71.96
CA THR JA 679 -80.92 -19.93 71.94
C THR JA 679 -79.75 -18.97 71.93
N GLN JA 680 -79.69 -18.10 70.94
CA GLN JA 680 -78.58 -17.18 70.86
C GLN JA 680 -78.97 -15.92 70.10
N TYR JA 681 -78.20 -14.87 70.32
CA TYR JA 681 -78.33 -13.61 69.60
C TYR JA 681 -76.95 -13.17 69.19
N SER JA 682 -76.87 -12.04 68.49
CA SER JA 682 -75.59 -11.49 68.11
C SER JA 682 -75.59 -9.98 68.30
N THR JA 683 -74.40 -9.44 68.44
CA THR JA 683 -74.21 -8.01 68.59
C THR JA 683 -73.02 -7.60 67.74
N GLY JA 684 -72.95 -6.32 67.42
CA GLY JA 684 -71.83 -5.88 66.63
C GLY JA 684 -71.91 -4.40 66.35
N GLN JA 685 -71.03 -3.96 65.46
CA GLN JA 685 -70.95 -2.56 65.05
C GLN JA 685 -71.21 -2.46 63.55
N VAL JA 686 -71.91 -1.40 63.17
CA VAL JA 686 -72.24 -1.14 61.77
C VAL JA 686 -71.81 0.29 61.45
N SER JA 687 -71.13 0.46 60.32
CA SER JA 687 -70.68 1.75 59.84
C SER JA 687 -71.32 2.03 58.49
N VAL JA 688 -71.85 3.23 58.31
CA VAL JA 688 -72.35 3.71 57.03
C VAL JA 688 -71.69 5.05 56.75
N GLU JA 689 -71.08 5.16 55.57
CA GLU JA 689 -70.44 6.38 55.12
C GLU JA 689 -71.10 6.82 53.82
N ILE JA 690 -71.68 8.01 53.79
CA ILE JA 690 -72.29 8.55 52.58
C ILE JA 690 -71.55 9.81 52.18
N GLU JA 691 -71.13 9.87 50.92
CA GLU JA 691 -70.69 11.09 50.28
C GLU JA 691 -71.89 11.75 49.61
N TRP JA 692 -72.08 13.03 49.90
CA TRP JA 692 -73.14 13.86 49.35
C TRP JA 692 -72.52 15.00 48.56
N GLU JA 693 -73.08 15.26 47.39
CA GLU JA 693 -72.73 16.42 46.58
C GLU JA 693 -73.60 17.60 46.98
N LEU JA 694 -72.97 18.75 47.14
CA LEU JA 694 -73.62 19.99 47.53
C LEU JA 694 -73.77 20.91 46.33
N GLN JA 695 -74.78 21.76 46.38
CA GLN JA 695 -75.04 22.78 45.39
C GLN JA 695 -75.11 24.09 46.16
N LYS JA 696 -74.03 24.87 46.04
CA LYS JA 696 -73.85 26.08 46.83
C LYS JA 696 -74.78 27.20 46.36
N GLU JA 697 -75.16 28.04 47.30
CA GLU JA 697 -75.89 29.25 46.96
C GLU JA 697 -74.99 30.19 46.17
N ASN JA 698 -75.58 30.92 45.22
CA ASN JA 698 -74.88 31.94 44.45
C ASN JA 698 -75.69 33.24 44.45
N SER JA 699 -76.27 33.57 45.60
CA SER JA 699 -77.30 34.60 45.64
C SER JA 699 -76.69 36.00 45.61
N LYS JA 700 -77.44 36.92 45.00
CA LYS JA 700 -77.09 38.33 44.99
C LYS JA 700 -78.03 39.14 45.89
N ARG JA 701 -78.77 38.45 46.75
CA ARG JA 701 -79.68 39.11 47.67
C ARG JA 701 -78.92 40.01 48.64
N TRP JA 702 -79.49 41.18 48.91
CA TRP JA 702 -78.80 42.16 49.74
C TRP JA 702 -79.08 41.97 51.22
N ASN JA 703 -80.35 41.86 51.59
CA ASN JA 703 -80.73 41.72 52.99
C ASN JA 703 -80.37 40.32 53.49
N PRO JA 704 -80.21 40.16 54.80
CA PRO JA 704 -79.86 38.85 55.34
C PRO JA 704 -80.96 37.82 55.16
N GLU JA 705 -80.54 36.57 55.03
CA GLU JA 705 -81.45 35.45 54.82
C GLU JA 705 -82.01 34.95 56.14
N VAL JA 706 -83.09 34.19 56.04
CA VAL JA 706 -83.62 33.42 57.17
C VAL JA 706 -82.76 32.18 57.35
N GLN JA 707 -82.32 31.95 58.58
CA GLN JA 707 -81.49 30.80 58.90
C GLN JA 707 -82.15 30.00 59.99
N TYR JA 708 -81.87 28.70 60.03
CA TYR JA 708 -82.25 27.90 61.17
C TYR JA 708 -81.28 28.19 62.31
N THR JA 709 -81.81 28.52 63.48
CA THR JA 709 -80.97 28.92 64.59
C THR JA 709 -81.48 28.27 65.87
N SER JA 710 -80.56 28.06 66.81
CA SER JA 710 -80.93 27.75 68.17
C SER JA 710 -81.49 28.99 68.85
N ASN JA 711 -82.42 28.78 69.75
CA ASN JA 711 -82.95 29.89 70.54
C ASN JA 711 -81.98 30.21 71.66
N TYR JA 712 -81.63 31.49 71.78
CA TYR JA 712 -80.79 31.97 72.89
C TYR JA 712 -81.75 32.37 74.01
N ALA JA 713 -81.73 31.60 75.08
CA ALA JA 713 -82.56 31.89 76.25
C ALA JA 713 -82.24 30.86 77.32
N LYS JA 714 -82.38 31.27 78.58
CA LYS JA 714 -82.23 30.31 79.65
C LYS JA 714 -83.33 29.27 79.55
N SER JA 715 -82.93 28.01 79.39
CA SER JA 715 -83.85 26.90 79.28
C SER JA 715 -83.38 25.78 80.19
N ALA JA 716 -84.33 24.98 80.65
CA ALA JA 716 -83.99 23.87 81.54
C ALA JA 716 -83.09 22.86 80.84
N ASN JA 717 -83.27 22.70 79.53
CA ASN JA 717 -82.48 21.76 78.74
C ASN JA 717 -81.95 22.47 77.50
N VAL JA 718 -80.99 21.84 76.85
CA VAL JA 718 -80.50 22.26 75.54
C VAL JA 718 -81.20 21.41 74.49
N ASP JA 719 -81.59 22.04 73.38
CA ASP JA 719 -82.26 21.32 72.32
C ASP JA 719 -81.33 20.33 71.65
N PHE JA 720 -81.90 19.18 71.26
CA PHE JA 720 -81.16 18.11 70.59
C PHE JA 720 -80.03 17.58 71.48
N THR JA 721 -80.35 17.35 72.75
CA THR JA 721 -79.39 16.79 73.69
C THR JA 721 -80.06 15.70 74.51
N VAL JA 722 -79.37 15.21 75.53
CA VAL JA 722 -79.91 14.24 76.46
C VAL JA 722 -80.43 14.99 77.68
N ASP JA 723 -81.35 14.36 78.40
CA ASP JA 723 -81.83 14.91 79.66
C ASP JA 723 -81.05 14.30 80.82
N ASN JA 724 -81.49 14.55 82.05
CA ASN JA 724 -80.81 13.98 83.20
C ASN JA 724 -80.98 12.47 83.29
N ASN JA 725 -81.94 11.90 82.57
CA ASN JA 725 -82.12 10.45 82.53
C ASN JA 725 -81.35 9.78 81.40
N GLY JA 726 -80.71 10.56 80.53
CA GLY JA 726 -79.96 10.00 79.43
C GLY JA 726 -80.73 9.79 78.16
N LEU JA 727 -81.90 10.39 78.02
CA LEU JA 727 -82.77 10.16 76.86
C LEU JA 727 -82.56 11.27 75.84
N TYR JA 728 -82.08 10.90 74.65
CA TYR JA 728 -81.92 11.85 73.57
C TYR JA 728 -83.27 12.18 72.96
N THR JA 729 -83.54 13.46 72.79
CA THR JA 729 -84.81 13.93 72.23
C THR JA 729 -84.53 14.98 71.16
N GLU JA 730 -85.42 15.03 70.18
CA GLU JA 730 -85.39 16.06 69.14
C GLU JA 730 -86.61 16.95 69.31
N PRO JA 731 -86.44 18.20 69.72
CA PRO JA 731 -87.60 19.05 70.05
C PRO JA 731 -88.54 19.35 68.89
N ARG JA 732 -88.02 19.45 67.67
CA ARG JA 732 -88.82 19.89 66.54
C ARG JA 732 -88.28 19.25 65.28
N PRO JA 733 -89.10 19.13 64.24
CA PRO JA 733 -88.59 18.71 62.93
C PRO JA 733 -87.99 19.89 62.18
N ILE JA 734 -86.81 19.69 61.60
CA ILE JA 734 -86.11 20.73 60.87
C ILE JA 734 -86.16 20.39 59.38
N GLY JA 735 -86.69 21.32 58.59
CA GLY JA 735 -86.67 21.19 57.15
C GLY JA 735 -85.38 21.69 56.55
N THR JA 736 -85.43 21.99 55.26
CA THR JA 736 -84.25 22.41 54.51
C THR JA 736 -84.37 23.80 53.92
N ARG JA 737 -85.59 24.31 53.72
CA ARG JA 737 -85.81 25.48 52.88
C ARG JA 737 -85.67 26.75 53.73
N TYR JA 738 -84.45 27.27 53.83
CA TYR JA 738 -84.20 28.49 54.58
C TYR JA 738 -83.64 29.57 53.68
N LEU JA 739 -82.62 29.23 52.89
CA LEU JA 739 -82.13 30.15 51.87
C LEU JA 739 -83.21 30.35 50.83
N THR JA 740 -83.09 31.42 50.05
CA THR JA 740 -84.07 31.71 49.02
C THR JA 740 -83.37 31.92 47.68
N ARG JA 741 -84.16 31.81 46.61
CA ARG JA 741 -83.68 32.14 45.28
C ARG JA 741 -84.87 32.66 44.48
N PRO JA 742 -84.62 33.46 43.44
CA PRO JA 742 -85.74 33.98 42.65
C PRO JA 742 -86.40 32.88 41.82
N LEU JA 743 -87.70 33.04 41.62
CA LEU JA 743 -88.49 32.02 40.95
C LEU JA 743 -88.24 32.00 39.45
N ASP KA 219 -58.61 -23.01 59.91
CA ASP KA 219 -58.16 -21.64 59.72
C ASP KA 219 -58.39 -20.79 60.97
N GLY KA 220 -58.86 -21.42 62.04
CA GLY KA 220 -59.00 -20.77 63.32
C GLY KA 220 -60.40 -20.93 63.90
N VAL KA 221 -60.49 -20.62 65.19
CA VAL KA 221 -61.76 -20.68 65.89
C VAL KA 221 -62.70 -19.55 65.44
N GLY KA 222 -62.17 -18.35 65.26
CA GLY KA 222 -63.00 -17.20 64.99
C GLY KA 222 -63.11 -16.81 63.54
N ASN KA 223 -62.78 -17.73 62.65
CA ASN KA 223 -62.82 -17.48 61.21
C ASN KA 223 -63.69 -18.54 60.57
N ALA KA 224 -64.69 -18.10 59.80
CA ALA KA 224 -65.58 -19.04 59.13
C ALA KA 224 -64.86 -19.73 57.98
N SER KA 225 -65.09 -21.02 57.82
CA SER KA 225 -64.41 -21.80 56.80
C SER KA 225 -65.23 -21.95 55.52
N GLY KA 226 -66.37 -21.28 55.42
CA GLY KA 226 -67.12 -21.30 54.19
C GLY KA 226 -68.28 -20.34 54.27
N ASN KA 227 -68.89 -20.12 53.11
CA ASN KA 227 -70.02 -19.21 52.97
C ASN KA 227 -71.25 -19.99 52.53
N TRP KA 228 -72.40 -19.35 52.66
CA TRP KA 228 -73.66 -19.93 52.23
C TRP KA 228 -73.80 -19.75 50.73
N HIS KA 229 -73.77 -20.85 49.99
CA HIS KA 229 -73.90 -20.85 48.54
C HIS KA 229 -75.15 -21.63 48.17
N CYS KA 230 -76.27 -20.93 48.05
CA CYS KA 230 -77.53 -21.53 47.63
C CYS KA 230 -78.08 -20.70 46.50
N ASP KA 231 -78.05 -21.23 45.29
CA ASP KA 231 -78.32 -20.45 44.10
C ASP KA 231 -78.68 -21.39 42.97
N SER KA 232 -79.00 -20.81 41.81
CA SER KA 232 -79.23 -21.58 40.59
C SER KA 232 -78.94 -20.67 39.41
N THR KA 233 -77.96 -21.05 38.61
CA THR KA 233 -77.54 -20.26 37.46
C THR KA 233 -77.90 -21.00 36.19
N TRP KA 234 -78.60 -20.34 35.28
CA TRP KA 234 -79.03 -20.92 34.03
C TRP KA 234 -78.19 -20.35 32.91
N LEU KA 235 -77.35 -21.19 32.32
CA LEU KA 235 -76.61 -20.82 31.12
C LEU KA 235 -77.41 -21.30 29.91
N GLY KA 236 -76.80 -21.26 28.73
CA GLY KA 236 -77.53 -21.66 27.54
C GLY KA 236 -77.95 -23.10 27.56
N ASP KA 237 -77.00 -24.01 27.80
CA ASP KA 237 -77.28 -25.44 27.79
C ASP KA 237 -76.95 -26.12 29.10
N ARG KA 238 -76.53 -25.38 30.12
CA ARG KA 238 -76.24 -25.91 31.43
C ARG KA 238 -77.11 -25.21 32.45
N VAL KA 239 -77.34 -25.87 33.57
CA VAL KA 239 -77.85 -25.23 34.77
C VAL KA 239 -77.01 -25.71 35.94
N ILE KA 240 -76.56 -24.79 36.77
CA ILE KA 240 -75.76 -25.12 37.94
C ILE KA 240 -76.60 -24.80 39.17
N THR KA 241 -76.88 -25.84 39.97
CA THR KA 241 -77.67 -25.70 41.18
C THR KA 241 -76.76 -25.87 42.39
N THR KA 242 -76.79 -24.90 43.30
CA THR KA 242 -76.04 -24.95 44.54
C THR KA 242 -77.01 -24.96 45.71
N SER KA 243 -76.72 -25.79 46.71
CA SER KA 243 -77.58 -25.91 47.88
C SER KA 243 -76.73 -26.01 49.13
N THR KA 244 -76.98 -25.14 50.10
CA THR KA 244 -76.36 -25.21 51.40
C THR KA 244 -77.43 -25.52 52.44
N ARG KA 245 -77.09 -26.41 53.36
CA ARG KA 245 -77.98 -26.82 54.44
C ARG KA 245 -77.20 -26.88 55.75
N THR KA 246 -77.92 -26.80 56.85
CA THR KA 246 -77.35 -26.95 58.18
C THR KA 246 -77.68 -28.34 58.69
N TRP KA 247 -76.66 -29.08 59.09
CA TRP KA 247 -76.81 -30.45 59.55
C TRP KA 247 -76.40 -30.58 61.01
N ALA KA 248 -77.01 -31.55 61.67
CA ALA KA 248 -76.65 -31.99 63.02
C ALA KA 248 -76.35 -33.49 62.98
N LEU KA 249 -75.19 -33.85 63.51
CA LEU KA 249 -74.72 -35.23 63.55
C LEU KA 249 -74.59 -35.66 65.01
N PRO KA 250 -75.35 -36.64 65.46
CA PRO KA 250 -75.18 -37.13 66.84
C PRO KA 250 -74.13 -38.22 66.92
N THR KA 251 -73.96 -38.78 68.11
CA THR KA 251 -73.17 -39.99 68.29
C THR KA 251 -74.10 -41.19 68.16
N TYR KA 252 -73.76 -42.11 67.25
CA TYR KA 252 -74.58 -43.27 66.98
C TYR KA 252 -73.96 -44.50 67.64
N ASN KA 253 -74.79 -45.29 68.32
CA ASN KA 253 -74.42 -46.58 68.89
C ASN KA 253 -73.43 -46.47 70.04
N ASN KA 254 -73.23 -45.28 70.59
CA ASN KA 254 -72.16 -45.03 71.56
C ASN KA 254 -70.79 -45.42 70.98
N HIS KA 255 -70.56 -45.02 69.73
CA HIS KA 255 -69.29 -45.26 69.02
C HIS KA 255 -69.02 -46.75 68.79
N LEU KA 256 -70.07 -47.55 68.74
CA LEU KA 256 -69.92 -48.99 68.63
C LEU KA 256 -70.41 -49.49 67.29
N TYR KA 257 -69.80 -50.56 66.82
CA TYR KA 257 -70.30 -51.34 65.69
C TYR KA 257 -71.15 -52.45 66.26
N LYS KA 258 -72.40 -52.55 65.82
CA LYS KA 258 -73.30 -53.56 66.34
C LYS KA 258 -73.80 -54.45 65.22
N GLN KA 259 -73.92 -55.74 65.53
CA GLN KA 259 -74.46 -56.71 64.58
C GLN KA 259 -75.96 -56.76 64.75
N ILE KA 260 -76.69 -56.56 63.66
CA ILE KA 260 -78.15 -56.53 63.68
C ILE KA 260 -78.67 -57.66 62.81
N SER KA 261 -79.80 -58.23 63.23
CA SER KA 261 -80.46 -59.27 62.46
C SER KA 261 -81.94 -59.27 62.84
N SER KA 262 -82.66 -60.25 62.32
CA SER KA 262 -84.11 -60.37 62.56
C SER KA 262 -84.44 -61.43 63.60
N ALA KA 263 -83.42 -61.99 64.27
CA ALA KA 263 -83.66 -63.09 65.20
C ALA KA 263 -84.54 -62.65 66.37
N SER KA 264 -84.26 -61.49 66.96
CA SER KA 264 -85.11 -61.00 68.03
C SER KA 264 -86.43 -60.47 67.49
N THR KA 265 -86.43 -59.96 66.26
CA THR KA 265 -87.66 -59.44 65.67
C THR KA 265 -88.69 -60.55 65.48
N GLY KA 266 -88.24 -61.75 65.13
CA GLY KA 266 -89.18 -62.82 64.85
C GLY KA 266 -90.00 -62.58 63.61
N ALA KA 267 -89.36 -62.13 62.53
CA ALA KA 267 -90.06 -61.80 61.30
C ALA KA 267 -90.36 -63.05 60.48
N SER KA 268 -91.06 -62.87 59.38
CA SER KA 268 -91.32 -63.95 58.44
C SER KA 268 -90.05 -64.26 57.65
N ASN KA 269 -90.09 -65.39 56.94
CA ASN KA 269 -88.93 -65.81 56.15
C ASN KA 269 -88.57 -64.78 55.09
N ASP KA 270 -89.55 -64.03 54.60
CA ASP KA 270 -89.30 -63.03 53.58
C ASP KA 270 -88.61 -61.78 54.12
N ASN KA 271 -88.71 -61.54 55.42
CA ASN KA 271 -88.21 -60.32 56.03
C ASN KA 271 -86.94 -60.55 56.85
N HIS KA 272 -86.36 -61.74 56.76
CA HIS KA 272 -85.14 -62.03 57.51
C HIS KA 272 -83.97 -61.24 56.95
N TYR KA 273 -83.07 -60.83 57.84
CA TYR KA 273 -81.89 -60.10 57.39
C TYR KA 273 -80.77 -60.27 58.41
N PHE KA 274 -79.55 -59.95 57.96
CA PHE KA 274 -78.37 -59.94 58.79
C PHE KA 274 -77.50 -58.80 58.31
N GLY KA 275 -76.96 -58.01 59.23
CA GLY KA 275 -76.14 -56.90 58.83
C GLY KA 275 -75.47 -56.25 60.00
N TYR KA 276 -75.01 -55.02 59.78
CA TYR KA 276 -74.26 -54.29 60.77
C TYR KA 276 -74.72 -52.83 60.82
N SER KA 277 -74.69 -52.28 62.02
CA SER KA 277 -74.96 -50.87 62.29
C SER KA 277 -73.65 -50.22 62.68
N THR KA 278 -73.27 -49.16 61.97
CA THR KA 278 -72.01 -48.51 62.30
C THR KA 278 -72.28 -47.24 63.09
N PRO KA 279 -71.27 -46.72 63.79
CA PRO KA 279 -71.42 -45.41 64.45
C PRO KA 279 -71.33 -44.22 63.50
N TRP KA 280 -71.21 -44.44 62.20
CA TRP KA 280 -71.07 -43.37 61.23
C TRP KA 280 -72.42 -42.94 60.71
N GLY KA 281 -72.50 -41.68 60.29
CA GLY KA 281 -73.59 -41.18 59.48
C GLY KA 281 -73.09 -40.94 58.07
N TYR KA 282 -74.03 -40.68 57.17
CA TYR KA 282 -73.66 -40.42 55.79
C TYR KA 282 -74.46 -39.23 55.28
N PHE KA 283 -73.92 -38.61 54.24
CA PHE KA 283 -74.55 -37.46 53.60
C PHE KA 283 -75.28 -37.93 52.35
N ASP KA 284 -76.55 -37.55 52.24
CA ASP KA 284 -77.41 -37.94 51.14
C ASP KA 284 -78.00 -36.72 50.49
N PHE KA 285 -77.81 -36.60 49.18
CA PHE KA 285 -78.46 -35.55 48.40
C PHE KA 285 -78.98 -36.17 47.10
N ASN KA 286 -79.60 -37.34 47.22
CA ASN KA 286 -80.08 -38.10 46.08
C ASN KA 286 -81.58 -37.91 45.85
N ARG KA 287 -82.08 -36.69 46.02
CA ARG KA 287 -83.42 -36.32 45.61
C ARG KA 287 -83.34 -35.02 44.82
N PHE KA 288 -84.27 -34.83 43.90
CA PHE KA 288 -84.19 -33.68 43.01
C PHE KA 288 -84.49 -32.37 43.74
N HIS KA 289 -85.30 -32.40 44.79
CA HIS KA 289 -85.63 -31.18 45.50
C HIS KA 289 -84.53 -30.75 46.47
N CYS KA 290 -83.50 -31.57 46.67
CA CYS KA 290 -82.31 -31.10 47.36
C CYS KA 290 -81.55 -30.07 46.54
N HIS KA 291 -81.83 -29.99 45.25
CA HIS KA 291 -81.09 -29.14 44.33
C HIS KA 291 -81.95 -28.15 43.58
N PHE KA 292 -83.19 -28.49 43.26
CA PHE KA 292 -84.07 -27.62 42.50
C PHE KA 292 -85.17 -27.07 43.40
N SER KA 293 -85.37 -25.76 43.37
CA SER KA 293 -86.58 -25.20 43.89
C SER KA 293 -87.73 -25.58 42.96
N PRO KA 294 -88.97 -25.52 43.45
CA PRO KA 294 -90.09 -25.79 42.54
C PRO KA 294 -90.13 -24.88 41.32
N ARG KA 295 -89.76 -23.62 41.48
CA ARG KA 295 -89.67 -22.72 40.34
C ARG KA 295 -88.61 -23.17 39.35
N ASP KA 296 -87.44 -23.59 39.84
CA ASP KA 296 -86.40 -24.08 38.96
C ASP KA 296 -86.81 -25.37 38.27
N TRP KA 297 -87.50 -26.25 38.98
CA TRP KA 297 -88.00 -27.47 38.38
C TRP KA 297 -89.00 -27.17 37.27
N GLN KA 298 -89.90 -26.23 37.50
CA GLN KA 298 -90.85 -25.84 36.48
C GLN KA 298 -90.15 -25.24 35.27
N ARG KA 299 -89.15 -24.38 35.53
CA ARG KA 299 -88.38 -23.81 34.43
C ARG KA 299 -87.66 -24.87 33.62
N LEU KA 300 -87.15 -25.90 34.27
CA LEU KA 300 -86.49 -27.00 33.57
C LEU KA 300 -87.47 -27.80 32.73
N ILE KA 301 -88.57 -28.23 33.35
CA ILE KA 301 -89.46 -29.19 32.70
C ILE KA 301 -90.36 -28.54 31.66
N ASN KA 302 -90.59 -27.24 31.73
CA ASN KA 302 -91.41 -26.58 30.74
C ASN KA 302 -90.64 -26.18 29.50
N ASN KA 303 -89.31 -26.28 29.51
CA ASN KA 303 -88.49 -25.74 28.46
C ASN KA 303 -87.49 -26.71 27.89
N ASN KA 304 -87.21 -27.82 28.54
CA ASN KA 304 -86.16 -28.72 28.10
C ASN KA 304 -86.72 -30.07 27.71
N TRP KA 305 -86.19 -30.62 26.63
CA TRP KA 305 -86.54 -31.97 26.20
C TRP KA 305 -85.80 -33.04 26.98
N GLY KA 306 -84.68 -32.69 27.60
CA GLY KA 306 -83.99 -33.68 28.41
C GLY KA 306 -82.95 -33.04 29.28
N PHE KA 307 -82.46 -33.82 30.25
CA PHE KA 307 -81.40 -33.29 31.09
C PHE KA 307 -80.61 -34.43 31.72
N ARG KA 308 -79.40 -34.11 32.17
CA ARG KA 308 -78.57 -35.10 32.84
C ARG KA 308 -77.53 -34.39 33.68
N PRO KA 309 -76.96 -35.06 34.68
CA PRO KA 309 -75.91 -34.43 35.50
C PRO KA 309 -74.51 -34.60 34.91
N LYS KA 310 -73.74 -33.51 34.95
CA LYS KA 310 -72.38 -33.44 34.48
C LYS KA 310 -71.35 -33.50 35.60
N ARG KA 311 -71.47 -32.65 36.62
CA ARG KA 311 -70.43 -32.70 37.65
C ARG KA 311 -70.99 -32.20 38.96
N LEU KA 312 -70.26 -32.47 40.05
CA LEU KA 312 -70.68 -31.97 41.35
C LEU KA 312 -69.47 -31.64 42.23
N ASN KA 313 -69.70 -30.68 43.12
CA ASN KA 313 -68.79 -30.27 44.17
C ASN KA 313 -69.49 -30.42 45.51
N PHE KA 314 -68.78 -30.94 46.49
CA PHE KA 314 -69.29 -31.15 47.83
C PHE KA 314 -68.36 -30.44 48.79
N LYS KA 315 -68.92 -29.66 49.70
CA LYS KA 315 -68.14 -28.96 50.71
C LYS KA 315 -68.80 -29.13 52.06
N LEU KA 316 -67.98 -29.26 53.09
CA LEU KA 316 -68.39 -29.40 54.48
C LEU KA 316 -67.63 -28.37 55.28
N PHE KA 317 -68.33 -27.46 55.95
CA PHE KA 317 -67.65 -26.32 56.53
C PHE KA 317 -68.38 -25.87 57.78
N ASN KA 318 -67.70 -25.04 58.56
CA ASN KA 318 -68.22 -24.44 59.79
C ASN KA 318 -68.61 -25.50 60.81
N ILE KA 319 -67.65 -26.37 61.12
CA ILE KA 319 -67.87 -27.46 62.06
C ILE KA 319 -67.90 -26.91 63.47
N GLN KA 320 -68.89 -27.33 64.25
CA GLN KA 320 -68.97 -27.01 65.66
C GLN KA 320 -69.29 -28.28 66.43
N VAL KA 321 -68.38 -28.71 67.29
CA VAL KA 321 -68.62 -29.84 68.17
C VAL KA 321 -69.13 -29.31 69.50
N LYS KA 322 -70.22 -29.87 69.98
CA LYS KA 322 -70.87 -29.46 71.22
C LYS KA 322 -70.88 -30.60 72.21
N GLU KA 323 -70.43 -30.31 73.41
CA GLU KA 323 -70.47 -31.21 74.55
C GLU KA 323 -71.78 -31.04 75.32
N VAL KA 324 -72.40 -32.15 75.71
CA VAL KA 324 -73.68 -32.15 76.40
C VAL KA 324 -73.53 -32.86 77.74
N THR KA 325 -73.99 -32.20 78.81
CA THR KA 325 -74.05 -32.80 80.14
C THR KA 325 -75.44 -32.62 80.71
N THR KA 326 -76.08 -33.71 81.12
CA THR KA 326 -77.38 -33.65 81.77
C THR KA 326 -77.20 -34.00 83.25
N ASN KA 327 -77.50 -33.05 84.13
CA ASN KA 327 -77.43 -33.23 85.56
C ASN KA 327 -78.74 -32.79 86.21
N ASP KA 328 -79.29 -33.64 87.06
CA ASP KA 328 -80.53 -33.34 87.79
C ASP KA 328 -81.66 -32.95 86.85
N GLY KA 329 -81.61 -33.44 85.61
CA GLY KA 329 -82.62 -33.17 84.62
C GLY KA 329 -82.38 -31.97 83.75
N VAL KA 330 -81.41 -31.11 84.09
CA VAL KA 330 -81.13 -29.92 83.30
C VAL KA 330 -79.90 -30.19 82.44
N THR KA 331 -79.94 -29.68 81.21
CA THR KA 331 -78.95 -30.00 80.19
C THR KA 331 -78.10 -28.77 79.88
N THR KA 332 -76.79 -28.93 79.95
CA THR KA 332 -75.82 -27.92 79.58
C THR KA 332 -75.14 -28.32 78.29
N ILE KA 333 -75.05 -27.37 77.36
CA ILE KA 333 -74.33 -27.56 76.11
C ILE KA 333 -73.20 -26.54 76.06
N ALA KA 334 -72.00 -27.02 75.78
CA ALA KA 334 -70.83 -26.16 75.66
C ALA KA 334 -70.13 -26.46 74.35
N ASN KA 335 -69.23 -25.57 73.96
CA ASN KA 335 -68.40 -25.80 72.79
C ASN KA 335 -67.19 -26.64 73.17
N ASN KA 336 -66.86 -27.61 72.33
CA ASN KA 336 -65.65 -28.41 72.48
C ASN KA 336 -64.74 -28.01 71.34
N LEU KA 337 -63.81 -27.11 71.61
CA LEU KA 337 -63.00 -26.51 70.55
C LEU KA 337 -61.95 -27.45 70.00
N THR KA 338 -61.60 -28.52 70.72
CA THR KA 338 -60.52 -29.40 70.31
C THR KA 338 -61.00 -30.75 69.81
N SER KA 339 -62.30 -30.94 69.64
CA SER KA 339 -62.83 -32.20 69.15
C SER KA 339 -62.88 -32.20 67.63
N THR KA 340 -62.94 -33.40 67.06
CA THR KA 340 -62.88 -33.57 65.61
C THR KA 340 -64.06 -34.39 65.12
N VAL KA 341 -64.39 -34.17 63.84
CA VAL KA 341 -65.25 -35.05 63.09
C VAL KA 341 -64.40 -35.70 62.00
N GLN KA 342 -64.54 -37.01 61.85
CA GLN KA 342 -63.89 -37.74 60.76
C GLN KA 342 -64.81 -37.80 59.57
N VAL KA 343 -64.30 -37.42 58.40
CA VAL KA 343 -65.05 -37.45 57.15
C VAL KA 343 -64.23 -38.18 56.10
N PHE KA 344 -64.87 -39.06 55.35
CA PHE KA 344 -64.19 -39.61 54.18
C PHE KA 344 -65.20 -39.91 53.09
N SER KA 345 -64.73 -39.91 51.86
CA SER KA 345 -65.51 -40.23 50.69
C SER KA 345 -65.10 -41.61 50.20
N ASP KA 346 -66.08 -42.47 49.94
CA ASP KA 346 -65.79 -43.84 49.51
C ASP KA 346 -65.70 -43.86 47.98
N SER KA 347 -64.59 -43.28 47.49
CA SER KA 347 -64.43 -43.04 46.05
C SER KA 347 -64.16 -44.30 45.25
N GLU KA 348 -63.72 -45.38 45.89
CA GLU KA 348 -63.45 -46.63 45.20
C GLU KA 348 -64.56 -47.65 45.35
N TYR KA 349 -65.69 -47.25 45.96
CA TYR KA 349 -66.87 -48.10 46.10
C TYR KA 349 -66.53 -49.43 46.76
N GLN KA 350 -65.76 -49.34 47.83
CA GLN KA 350 -65.36 -50.52 48.59
C GLN KA 350 -66.34 -50.87 49.70
N LEU KA 351 -67.32 -50.04 49.93
CA LEU KA 351 -68.35 -50.21 50.93
C LEU KA 351 -69.67 -50.58 50.28
N PRO KA 352 -70.58 -51.20 51.01
CA PRO KA 352 -71.93 -51.38 50.49
C PRO KA 352 -72.59 -50.04 50.23
N TYR KA 353 -73.20 -49.89 49.06
CA TYR KA 353 -73.82 -48.65 48.65
C TYR KA 353 -75.27 -48.66 49.11
N VAL KA 354 -75.56 -47.90 50.18
CA VAL KA 354 -76.93 -47.84 50.68
C VAL KA 354 -77.70 -46.68 50.12
N LEU KA 355 -77.04 -45.76 49.40
CA LEU KA 355 -77.77 -44.76 48.66
C LEU KA 355 -78.47 -45.43 47.49
N GLY KA 356 -79.47 -44.75 46.92
CA GLY KA 356 -80.19 -45.35 45.84
C GLY KA 356 -81.25 -46.35 46.26
N SER KA 357 -81.58 -46.40 47.55
CA SER KA 357 -82.70 -47.21 48.05
C SER KA 357 -83.85 -46.34 48.52
N ALA KA 358 -83.83 -45.05 48.21
CA ALA KA 358 -84.90 -44.10 48.52
C ALA KA 358 -85.13 -43.97 50.03
N HIS KA 359 -84.06 -43.69 50.75
CA HIS KA 359 -84.14 -43.57 52.19
C HIS KA 359 -84.29 -42.12 52.62
N GLN KA 360 -84.83 -41.94 53.82
CA GLN KA 360 -84.89 -40.64 54.45
C GLN KA 360 -83.50 -40.18 54.86
N GLY KA 361 -83.36 -38.88 55.11
CA GLY KA 361 -82.10 -38.35 55.55
C GLY KA 361 -81.39 -37.49 54.54
N CYS KA 362 -82.02 -37.23 53.40
CA CYS KA 362 -81.46 -36.33 52.41
C CYS KA 362 -81.48 -34.89 52.93
N LEU KA 363 -80.83 -34.00 52.19
CA LEU KA 363 -80.99 -32.59 52.47
C LEU KA 363 -82.45 -32.20 52.31
N PRO KA 364 -83.00 -31.41 53.21
CA PRO KA 364 -84.42 -31.03 53.11
C PRO KA 364 -84.67 -30.18 51.89
N PRO KA 365 -85.88 -30.22 51.33
CA PRO KA 365 -86.17 -29.38 50.16
C PRO KA 365 -86.06 -27.89 50.44
N PHE KA 366 -86.47 -27.45 51.61
CA PHE KA 366 -86.44 -26.05 51.96
C PHE KA 366 -85.07 -25.67 52.53
N PRO KA 367 -84.40 -24.65 51.98
CA PRO KA 367 -83.05 -24.33 52.43
C PRO KA 367 -82.96 -23.85 53.87
N ALA KA 368 -84.06 -23.45 54.48
CA ALA KA 368 -84.04 -23.01 55.86
C ALA KA 368 -84.09 -24.14 56.87
N ASP KA 369 -84.31 -25.37 56.41
CA ASP KA 369 -84.50 -26.48 57.33
C ASP KA 369 -83.17 -27.08 57.76
N VAL KA 370 -83.09 -27.44 59.04
CA VAL KA 370 -81.92 -28.07 59.62
C VAL KA 370 -82.19 -29.55 59.74
N PHE KA 371 -81.27 -30.38 59.25
CA PHE KA 371 -81.53 -31.80 59.16
C PHE KA 371 -80.52 -32.62 59.94
N MET KA 372 -81.00 -33.73 60.47
CA MET KA 372 -80.20 -34.69 61.19
C MET KA 372 -79.57 -35.66 60.20
N ILE KA 373 -78.32 -36.03 60.44
CA ILE KA 373 -77.61 -36.92 59.53
C ILE KA 373 -77.99 -38.36 59.83
N PRO KA 374 -78.38 -39.15 58.83
CA PRO KA 374 -78.80 -40.53 59.08
C PRO KA 374 -77.64 -41.46 59.38
N GLN KA 375 -77.93 -42.50 60.15
CA GLN KA 375 -76.90 -43.46 60.54
C GLN KA 375 -76.59 -44.42 59.40
N TYR KA 376 -75.33 -44.82 59.30
CA TYR KA 376 -74.92 -45.78 58.28
C TYR KA 376 -75.04 -47.20 58.82
N GLY KA 377 -75.60 -48.07 57.99
CA GLY KA 377 -75.67 -49.48 58.28
C GLY KA 377 -75.83 -50.20 56.97
N TYR KA 378 -75.49 -51.48 56.97
CA TYR KA 378 -75.58 -52.26 55.76
C TYR KA 378 -76.05 -53.65 56.09
N LEU KA 379 -76.47 -54.37 55.06
CA LEU KA 379 -76.86 -55.77 55.16
C LEU KA 379 -75.87 -56.61 54.39
N THR KA 380 -75.68 -57.84 54.82
CA THR KA 380 -74.80 -58.78 54.15
C THR KA 380 -75.57 -60.07 53.92
N LEU KA 381 -74.89 -61.05 53.33
CA LEU KA 381 -75.52 -62.33 53.03
C LEU KA 381 -76.08 -62.96 54.30
N ASN KA 382 -77.30 -63.44 54.23
CA ASN KA 382 -77.95 -64.05 55.36
C ASN KA 382 -78.63 -65.35 54.96
N ASN KA 383 -78.67 -66.28 55.88
CA ASN KA 383 -79.39 -67.55 55.76
C ASN KA 383 -80.44 -67.55 56.87
N GLY KA 384 -81.58 -66.94 56.59
CA GLY KA 384 -82.53 -66.67 57.65
C GLY KA 384 -82.05 -65.47 58.44
N SER KA 385 -82.02 -65.60 59.76
CA SER KA 385 -81.46 -64.57 60.61
C SER KA 385 -79.97 -64.78 60.87
N GLN KA 386 -79.36 -65.79 60.26
CA GLN KA 386 -77.97 -66.12 60.47
C GLN KA 386 -77.12 -65.60 59.32
N ALA KA 387 -75.81 -65.63 59.53
CA ALA KA 387 -74.85 -65.24 58.51
C ALA KA 387 -74.33 -66.48 57.80
N VAL KA 388 -73.44 -66.26 56.84
CA VAL KA 388 -72.74 -67.32 56.15
C VAL KA 388 -71.25 -67.00 56.17
N GLY KA 389 -70.46 -67.88 55.56
CA GLY KA 389 -69.02 -67.64 55.51
C GLY KA 389 -68.65 -66.44 54.65
N ARG KA 390 -69.41 -66.20 53.59
CA ARG KA 390 -69.14 -65.11 52.66
C ARG KA 390 -69.79 -63.81 53.09
N SER KA 391 -70.46 -63.80 54.24
CA SER KA 391 -70.95 -62.55 54.79
C SER KA 391 -69.78 -61.65 55.14
N SER KA 392 -69.85 -60.40 54.71
CA SER KA 392 -68.76 -59.46 54.90
C SER KA 392 -69.01 -58.56 56.10
N PHE KA 393 -67.93 -58.10 56.69
CA PHE KA 393 -67.96 -57.09 57.73
C PHE KA 393 -67.00 -55.99 57.32
N TYR KA 394 -67.41 -54.74 57.50
CA TYR KA 394 -66.61 -53.59 57.11
C TYR KA 394 -66.43 -52.70 58.32
N CYS KA 395 -65.19 -52.53 58.75
CA CYS KA 395 -64.87 -51.46 59.68
C CYS KA 395 -64.62 -50.19 58.88
N LEU KA 396 -65.37 -49.14 59.16
CA LEU KA 396 -65.19 -47.89 58.45
C LEU KA 396 -64.03 -47.07 59.00
N GLU KA 397 -63.52 -47.43 60.17
CA GLU KA 397 -62.27 -46.85 60.66
C GLU KA 397 -61.06 -47.41 59.94
N TYR KA 398 -61.24 -48.46 59.15
CA TYR KA 398 -60.19 -49.03 58.31
C TYR KA 398 -60.01 -48.28 57.02
N PHE KA 399 -60.49 -47.04 56.95
CA PHE KA 399 -60.32 -46.15 55.82
C PHE KA 399 -59.52 -44.93 56.25
N PRO KA 400 -58.81 -44.29 55.32
CA PRO KA 400 -58.23 -42.97 55.62
C PRO KA 400 -59.32 -41.92 55.70
N SER KA 401 -59.39 -41.23 56.84
CA SER KA 401 -60.36 -40.18 57.07
C SER KA 401 -59.64 -38.86 57.26
N GLN KA 402 -60.30 -37.77 56.89
CA GLN KA 402 -59.83 -36.45 57.25
C GLN KA 402 -60.48 -36.05 58.57
N MET KA 403 -59.66 -35.65 59.53
CA MET KA 403 -60.11 -35.19 60.83
C MET KA 403 -60.25 -33.67 60.80
N LEU KA 404 -61.42 -33.19 61.16
CA LEU KA 404 -61.76 -31.77 61.04
C LEU KA 404 -62.02 -31.23 62.44
N ARG KA 405 -61.26 -30.23 62.84
CA ARG KA 405 -61.57 -29.43 64.00
C ARG KA 405 -62.45 -28.26 63.56
N THR KA 406 -62.73 -27.33 64.46
CA THR KA 406 -63.73 -26.31 64.16
C THR KA 406 -63.26 -25.32 63.09
N GLY KA 407 -61.99 -25.30 62.76
CA GLY KA 407 -61.49 -24.38 61.75
C GLY KA 407 -61.25 -25.01 60.40
N ASN KA 408 -61.52 -26.30 60.27
CA ASN KA 408 -61.23 -27.05 59.06
C ASN KA 408 -62.49 -27.23 58.21
N ASN KA 409 -62.27 -27.46 56.92
CA ASN KA 409 -63.34 -27.80 56.00
C ASN KA 409 -62.92 -28.99 55.15
N PHE KA 410 -63.88 -29.52 54.40
CA PHE KA 410 -63.71 -30.72 53.60
C PHE KA 410 -64.29 -30.45 52.22
N THR KA 411 -63.54 -30.75 51.16
CA THR KA 411 -64.02 -30.54 49.81
C THR KA 411 -63.84 -31.83 49.01
N PHE KA 412 -64.68 -31.99 47.99
CA PHE KA 412 -64.63 -33.20 47.17
C PHE KA 412 -65.32 -32.92 45.84
N SER KA 413 -64.65 -33.25 44.74
CA SER KA 413 -65.22 -33.07 43.41
C SER KA 413 -65.48 -34.41 42.76
N TYR KA 414 -66.49 -34.45 41.90
CA TYR KA 414 -66.87 -35.69 41.22
C TYR KA 414 -67.39 -35.35 39.85
N THR KA 415 -67.04 -36.18 38.87
CA THR KA 415 -67.54 -36.05 37.51
C THR KA 415 -68.43 -37.24 37.18
N PHE KA 416 -69.62 -36.95 36.67
CA PHE KA 416 -70.52 -38.01 36.25
C PHE KA 416 -70.04 -38.64 34.94
N GLU KA 417 -70.26 -39.93 34.81
CA GLU KA 417 -70.04 -40.61 33.54
C GLU KA 417 -71.09 -40.15 32.52
N GLU KA 418 -70.81 -40.41 31.25
CA GLU KA 418 -71.72 -40.02 30.18
C GLU KA 418 -72.94 -40.93 30.25
N VAL KA 419 -74.00 -40.42 30.87
CA VAL KA 419 -75.26 -41.12 31.03
C VAL KA 419 -76.21 -40.54 29.99
N PRO KA 420 -77.19 -41.28 29.50
CA PRO KA 420 -78.17 -40.69 28.57
C PRO KA 420 -79.02 -39.63 29.26
N PHE KA 421 -79.45 -38.66 28.48
CA PHE KA 421 -80.39 -37.66 28.96
C PHE KA 421 -81.67 -38.32 29.43
N HIS KA 422 -82.18 -37.89 30.57
CA HIS KA 422 -83.54 -38.21 30.93
C HIS KA 422 -84.49 -37.43 30.04
N SER KA 423 -85.58 -38.08 29.65
CA SER KA 423 -86.56 -37.58 28.70
C SER KA 423 -87.61 -36.74 29.43
N SER KA 424 -87.53 -35.42 29.28
CA SER KA 424 -88.54 -34.53 29.84
C SER KA 424 -89.67 -34.28 28.86
N TYR KA 425 -89.97 -35.23 27.99
CA TYR KA 425 -90.99 -35.08 26.97
C TYR KA 425 -91.94 -36.26 27.00
N ALA KA 426 -93.15 -36.03 26.52
CA ALA KA 426 -94.07 -37.05 26.09
C ALA KA 426 -94.03 -37.17 24.57
N HIS KA 427 -94.65 -38.22 24.06
CA HIS KA 427 -94.72 -38.43 22.62
C HIS KA 427 -96.06 -37.94 22.10
N SER KA 428 -96.02 -37.23 20.97
CA SER KA 428 -97.22 -36.73 20.33
C SER KA 428 -97.91 -37.79 19.49
N GLN KA 429 -97.26 -38.92 19.25
CA GLN KA 429 -97.83 -40.01 18.50
C GLN KA 429 -97.81 -41.27 19.34
N SER KA 430 -98.74 -42.17 19.04
CA SER KA 430 -98.76 -43.49 19.63
C SER KA 430 -98.03 -44.48 18.71
N LEU KA 431 -97.52 -45.55 19.30
CA LEU KA 431 -96.71 -46.49 18.54
C LEU KA 431 -97.53 -47.25 17.49
N ASP KA 432 -98.80 -47.48 17.76
CA ASP KA 432 -99.68 -48.14 16.81
C ASP KA 432 -100.37 -47.17 15.87
N ARG KA 433 -99.91 -45.92 15.81
CA ARG KA 433 -100.51 -44.88 14.99
C ARG KA 433 -99.43 -44.09 14.28
N LEU KA 434 -98.44 -44.78 13.72
CA LEU KA 434 -97.29 -44.15 13.10
C LEU KA 434 -97.42 -44.07 11.58
N MET KA 435 -98.58 -44.42 11.04
CA MET KA 435 -98.77 -44.53 9.61
C MET KA 435 -99.34 -43.24 9.04
N ASN KA 436 -99.26 -43.13 7.71
CA ASN KA 436 -100.01 -42.12 6.98
C ASN KA 436 -101.48 -42.51 6.98
N PRO KA 437 -102.37 -41.67 7.50
CA PRO KA 437 -103.80 -42.02 7.54
C PRO KA 437 -104.53 -41.82 6.22
N LEU KA 438 -103.84 -41.45 5.15
CA LEU KA 438 -104.48 -41.23 3.86
C LEU KA 438 -104.13 -42.29 2.82
N ILE KA 439 -102.96 -42.90 2.93
CA ILE KA 439 -102.44 -43.81 1.91
C ILE KA 439 -102.60 -45.24 2.39
N ASP KA 440 -102.91 -46.14 1.46
CA ASP KA 440 -102.94 -47.56 1.76
C ASP KA 440 -101.53 -48.12 1.82
N GLN KA 441 -101.44 -49.38 2.19
CA GLN KA 441 -100.18 -50.10 2.21
C GLN KA 441 -100.06 -50.94 0.94
N TYR KA 442 -98.85 -51.40 0.68
CA TYR KA 442 -98.65 -52.41 -0.37
C TYR KA 442 -98.55 -53.81 0.21
N LEU KA 443 -98.76 -53.96 1.51
CA LEU KA 443 -98.71 -55.25 2.19
C LEU KA 443 -100.12 -55.75 2.43
N TYR KA 444 -100.32 -57.04 2.22
CA TYR KA 444 -101.60 -57.68 2.43
C TYR KA 444 -101.58 -58.50 3.70
N TYR KA 445 -102.77 -58.73 4.25
CA TYR KA 445 -102.93 -59.56 5.43
C TYR KA 445 -104.15 -60.44 5.22
N LEU KA 446 -104.17 -61.56 5.93
CA LEU KA 446 -105.32 -62.45 5.89
C LEU KA 446 -106.47 -61.80 6.65
N ASN KA 447 -107.56 -61.51 5.94
CA ASN KA 447 -108.68 -60.79 6.51
C ASN KA 447 -109.85 -61.70 6.89
N ARG KA 448 -110.18 -62.66 6.04
CA ARG KA 448 -111.27 -63.60 6.27
C ARG KA 448 -110.78 -65.01 6.03
N THR KA 449 -111.19 -65.94 6.89
CA THR KA 449 -111.07 -67.36 6.61
C THR KA 449 -112.43 -68.01 6.37
N GLN KA 450 -113.47 -67.21 6.22
CA GLN KA 450 -114.80 -67.68 5.84
C GLN KA 450 -115.35 -66.78 4.75
N ASN KA 451 -116.37 -67.28 4.05
CA ASN KA 451 -116.97 -66.50 2.97
C ASN KA 451 -117.67 -65.27 3.52
N GLN KA 452 -117.49 -64.15 2.84
CA GLN KA 452 -118.06 -62.88 3.29
C GLN KA 452 -119.57 -62.79 3.06
N SER KA 453 -120.08 -63.49 2.05
CA SER KA 453 -121.49 -63.36 1.69
C SER KA 453 -122.41 -63.79 2.83
N GLY KA 454 -122.13 -64.93 3.46
CA GLY KA 454 -122.90 -65.39 4.59
C GLY KA 454 -124.08 -66.29 4.25
N SER KA 455 -124.49 -66.34 2.98
CA SER KA 455 -125.56 -67.25 2.59
C SER KA 455 -125.15 -68.70 2.84
N ALA KA 456 -123.91 -69.03 2.51
CA ALA KA 456 -123.27 -70.26 2.95
C ALA KA 456 -122.21 -69.92 3.98
N GLN KA 457 -121.73 -70.95 4.69
CA GLN KA 457 -120.75 -70.79 5.75
C GLN KA 457 -119.44 -71.49 5.38
N ASN KA 458 -118.98 -71.31 4.15
CA ASN KA 458 -117.80 -72.01 3.66
C ASN KA 458 -116.54 -71.27 4.06
N LYS KA 459 -115.46 -72.03 4.19
CA LYS KA 459 -114.17 -71.43 4.49
C LYS KA 459 -113.58 -70.78 3.23
N ASP KA 460 -112.55 -69.98 3.44
CA ASP KA 460 -111.87 -69.31 2.33
C ASP KA 460 -110.54 -68.78 2.83
N LEU KA 461 -109.82 -68.09 1.94
CA LEU KA 461 -108.58 -67.39 2.27
C LEU KA 461 -108.65 -66.05 1.54
N LEU KA 462 -109.18 -65.04 2.20
CA LEU KA 462 -109.39 -63.72 1.62
C LEU KA 462 -108.40 -62.75 2.24
N PHE KA 463 -107.70 -62.01 1.39
CA PHE KA 463 -106.64 -61.11 1.81
C PHE KA 463 -107.02 -59.67 1.51
N SER KA 464 -106.75 -58.79 2.45
CA SER KA 464 -107.03 -57.37 2.29
C SER KA 464 -105.74 -56.58 2.33
N ARG KA 465 -105.80 -55.39 1.76
CA ARG KA 465 -104.68 -54.46 1.77
C ARG KA 465 -104.75 -53.58 3.02
N GLY KA 466 -103.58 -53.29 3.59
CA GLY KA 466 -103.50 -52.40 4.72
C GLY KA 466 -104.02 -51.02 4.38
N SER KA 467 -105.10 -50.62 5.04
CA SER KA 467 -105.81 -49.39 4.72
C SER KA 467 -106.04 -48.57 5.97
N PRO KA 468 -106.24 -47.26 5.83
CA PRO KA 468 -106.56 -46.43 7.01
C PRO KA 468 -107.88 -46.78 7.67
N ALA KA 469 -108.77 -47.50 6.99
CA ALA KA 469 -110.01 -47.94 7.63
C ALA KA 469 -109.72 -48.88 8.79
N GLY KA 470 -108.92 -49.91 8.56
CA GLY KA 470 -108.47 -50.76 9.64
C GLY KA 470 -107.02 -50.55 9.97
N MET KA 471 -106.76 -49.80 11.03
CA MET KA 471 -105.39 -49.50 11.44
C MET KA 471 -104.85 -50.53 12.42
N SER KA 472 -105.73 -51.29 13.06
CA SER KA 472 -105.31 -52.30 14.01
C SER KA 472 -104.71 -53.52 13.35
N VAL KA 473 -105.03 -53.78 12.09
CA VAL KA 473 -104.58 -54.97 11.39
C VAL KA 473 -103.46 -54.66 10.41
N GLN KA 474 -103.03 -53.42 10.30
CA GLN KA 474 -101.94 -53.08 9.41
C GLN KA 474 -100.64 -53.68 9.93
N PRO KA 475 -99.80 -54.23 9.04
CA PRO KA 475 -98.44 -54.59 9.44
C PRO KA 475 -97.70 -53.38 9.97
N LYS KA 476 -96.92 -53.59 11.02
CA LYS KA 476 -96.17 -52.52 11.68
C LYS KA 476 -94.74 -52.98 11.91
N ASN KA 477 -93.89 -52.02 12.29
CA ASN KA 477 -92.47 -52.26 12.39
C ASN KA 477 -91.97 -52.47 13.81
N TRP KA 478 -92.72 -52.06 14.81
CA TRP KA 478 -92.22 -52.06 16.19
C TRP KA 478 -93.27 -52.63 17.12
N LEU KA 479 -92.83 -52.93 18.34
CA LEU KA 479 -93.65 -53.52 19.38
C LEU KA 479 -93.59 -52.67 20.65
N PRO KA 480 -94.64 -52.68 21.45
CA PRO KA 480 -94.57 -52.00 22.75
C PRO KA 480 -93.61 -52.70 23.70
N GLY KA 481 -93.11 -51.93 24.65
CA GLY KA 481 -92.12 -52.42 25.59
C GLY KA 481 -92.58 -53.61 26.41
N PRO KA 482 -91.68 -54.15 27.22
CA PRO KA 482 -92.02 -55.33 28.02
C PRO KA 482 -92.97 -54.98 29.14
N CYS KA 483 -93.65 -56.01 29.64
CA CYS KA 483 -94.64 -55.81 30.68
C CYS KA 483 -94.51 -56.89 31.74
N TYR KA 484 -94.98 -56.58 32.95
CA TYR KA 484 -95.10 -57.54 34.04
C TYR KA 484 -96.33 -57.15 34.84
N ARG KA 485 -97.45 -57.79 34.54
CA ARG KA 485 -98.76 -57.28 34.94
C ARG KA 485 -98.88 -57.12 36.45
N GLN KA 486 -99.52 -56.02 36.86
CA GLN KA 486 -99.80 -55.71 38.25
C GLN KA 486 -101.30 -55.83 38.50
N GLN KA 487 -101.67 -55.84 39.77
CA GLN KA 487 -103.08 -55.88 40.15
C GLN KA 487 -103.65 -54.48 40.16
N ARG KA 488 -104.91 -54.36 39.74
CA ARG KA 488 -105.56 -53.07 39.55
C ARG KA 488 -106.32 -52.70 40.81
N VAL KA 489 -105.94 -51.59 41.43
CA VAL KA 489 -106.60 -51.09 42.63
C VAL KA 489 -107.28 -49.78 42.29
N SER KA 490 -108.51 -49.62 42.76
CA SER KA 490 -109.25 -48.39 42.54
C SER KA 490 -109.01 -47.41 43.68
N LYS KA 491 -108.79 -46.14 43.33
CA LYS KA 491 -108.68 -45.10 44.34
C LYS KA 491 -109.98 -44.90 45.10
N THR KA 492 -111.10 -45.33 44.54
CA THR KA 492 -112.38 -45.37 45.24
C THR KA 492 -112.51 -46.73 45.90
N LYS KA 493 -112.44 -46.76 47.22
CA LYS KA 493 -112.27 -48.02 47.93
C LYS KA 493 -113.47 -48.96 47.80
N THR KA 494 -114.64 -48.45 47.47
CA THR KA 494 -115.82 -49.33 47.39
C THR KA 494 -115.76 -50.29 46.21
N ASP KA 495 -114.98 -49.98 45.18
CA ASP KA 495 -114.88 -50.86 44.01
C ASP KA 495 -113.80 -51.92 44.15
N ASN KA 496 -113.10 -51.96 45.26
CA ASN KA 496 -112.07 -52.95 45.48
C ASN KA 496 -112.65 -54.17 46.18
N ASN KA 497 -112.03 -55.32 45.95
CA ASN KA 497 -112.47 -56.56 46.56
C ASN KA 497 -112.34 -56.48 48.07
N ASN KA 498 -113.26 -57.14 48.77
CA ASN KA 498 -113.27 -57.13 50.23
C ASN KA 498 -112.32 -58.22 50.75
N SER KA 499 -111.02 -57.91 50.66
CA SER KA 499 -109.97 -58.76 51.20
C SER KA 499 -108.71 -57.91 51.26
N ASN KA 500 -107.66 -58.46 51.85
CA ASN KA 500 -106.41 -57.72 51.94
C ASN KA 500 -105.66 -57.75 50.61
N PHE KA 501 -105.22 -58.93 50.19
CA PHE KA 501 -104.66 -59.19 48.86
C PHE KA 501 -103.54 -58.22 48.45
N THR KA 502 -103.02 -57.44 49.40
CA THR KA 502 -101.83 -56.65 49.12
C THR KA 502 -100.56 -57.49 49.10
N TRP KA 503 -100.59 -58.66 49.68
CA TRP KA 503 -99.47 -59.58 49.59
C TRP KA 503 -99.82 -60.85 48.83
N THR KA 504 -101.02 -61.39 49.02
CA THR KA 504 -101.38 -62.62 48.32
C THR KA 504 -101.67 -62.39 46.85
N GLY KA 505 -102.15 -61.21 46.48
CA GLY KA 505 -102.53 -60.96 45.11
C GLY KA 505 -101.58 -60.04 44.37
N ALA KA 506 -100.35 -59.96 44.82
CA ALA KA 506 -99.39 -58.99 44.30
C ALA KA 506 -98.31 -59.66 43.46
N SER KA 507 -97.80 -58.91 42.49
CA SER KA 507 -96.69 -59.36 41.68
C SER KA 507 -95.42 -59.31 42.50
N LYS KA 508 -94.76 -60.46 42.65
CA LYS KA 508 -93.55 -60.52 43.46
C LYS KA 508 -92.59 -61.50 42.80
N TYR KA 509 -91.32 -61.39 43.18
CA TYR KA 509 -90.30 -62.27 42.63
C TYR KA 509 -89.68 -63.12 43.73
N ASN KA 510 -89.18 -64.27 43.31
CA ASN KA 510 -88.59 -65.26 44.21
C ASN KA 510 -87.07 -65.18 44.09
N LEU KA 511 -86.40 -65.03 45.23
CA LEU KA 511 -84.94 -64.95 45.25
C LEU KA 511 -84.43 -65.67 46.48
N ASN KA 512 -83.74 -66.79 46.28
CA ASN KA 512 -83.18 -67.59 47.37
C ASN KA 512 -84.25 -68.03 48.36
N GLY KA 513 -85.45 -68.30 47.85
CA GLY KA 513 -86.51 -68.84 48.65
C GLY KA 513 -87.39 -67.83 49.34
N ARG KA 514 -87.09 -66.54 49.26
CA ARG KA 514 -87.94 -65.53 49.88
C ARG KA 514 -88.43 -64.54 48.82
N GLU KA 515 -89.70 -64.17 48.96
CA GLU KA 515 -90.41 -63.38 47.97
C GLU KA 515 -90.26 -61.89 48.28
N SER KA 516 -90.23 -61.09 47.21
CA SER KA 516 -90.09 -59.65 47.33
C SER KA 516 -91.05 -59.01 46.34
N ILE KA 517 -91.83 -58.04 46.82
CA ILE KA 517 -92.74 -57.30 45.95
C ILE KA 517 -91.91 -56.57 44.89
N ILE KA 518 -92.42 -56.52 43.66
CA ILE KA 518 -91.69 -55.89 42.58
C ILE KA 518 -91.50 -54.41 42.87
N ASN KA 519 -92.60 -53.63 42.89
CA ASN KA 519 -92.61 -52.29 43.45
C ASN KA 519 -91.45 -51.39 43.02
N PRO KA 520 -91.49 -50.75 41.85
CA PRO KA 520 -92.60 -50.68 40.91
C PRO KA 520 -92.36 -51.49 39.64
N GLY KA 521 -91.14 -51.94 39.45
CA GLY KA 521 -90.85 -52.83 38.33
C GLY KA 521 -90.86 -52.11 37.00
N THR KA 522 -91.39 -52.80 35.99
CA THR KA 522 -91.34 -52.30 34.62
C THR KA 522 -92.08 -50.98 34.49
N ALA KA 523 -91.53 -50.11 33.66
CA ALA KA 523 -92.13 -48.80 33.42
C ALA KA 523 -93.33 -48.97 32.50
N MET KA 524 -94.52 -48.92 33.08
CA MET KA 524 -95.75 -49.10 32.33
C MET KA 524 -96.74 -48.00 32.69
N ALA KA 525 -97.71 -47.80 31.81
CA ALA KA 525 -98.76 -46.82 32.06
C ALA KA 525 -99.59 -47.22 33.27
N SER KA 526 -99.91 -46.23 34.11
CA SER KA 526 -100.68 -46.50 35.31
C SER KA 526 -102.09 -46.99 34.99
N HIS KA 527 -102.71 -46.41 33.97
CA HIS KA 527 -104.08 -46.75 33.62
C HIS KA 527 -104.29 -46.44 32.15
N LYS KA 528 -105.50 -46.71 31.66
CA LYS KA 528 -105.89 -46.38 30.31
C LYS KA 528 -106.48 -44.97 30.26
N ASP KA 529 -107.06 -44.63 29.12
CA ASP KA 529 -107.81 -43.39 29.02
C ASP KA 529 -109.11 -43.50 29.79
N ASP KA 530 -109.50 -42.40 30.44
CA ASP KA 530 -110.75 -42.32 31.19
C ASP KA 530 -110.81 -43.35 32.32
N GLU KA 531 -109.66 -43.66 32.90
CA GLU KA 531 -109.57 -44.67 33.95
C GLU KA 531 -108.63 -44.21 35.05
N ASP KA 532 -108.62 -42.92 35.34
CA ASP KA 532 -107.71 -42.35 36.33
C ASP KA 532 -107.98 -42.85 37.74
N LYS KA 533 -109.13 -43.47 37.98
CA LYS KA 533 -109.49 -44.00 39.28
C LYS KA 533 -108.73 -45.26 39.65
N PHE KA 534 -108.00 -45.86 38.71
CA PHE KA 534 -107.28 -47.10 38.94
C PHE KA 534 -105.77 -46.86 38.91
N PHE KA 535 -105.06 -47.58 39.75
CA PHE KA 535 -103.60 -47.60 39.74
C PHE KA 535 -103.12 -49.01 39.99
N PRO KA 536 -101.95 -49.38 39.45
CA PRO KA 536 -101.39 -50.68 39.78
C PRO KA 536 -101.02 -50.76 41.25
N MET KA 537 -101.20 -51.95 41.83
CA MET KA 537 -101.11 -52.07 43.29
C MET KA 537 -99.73 -51.70 43.80
N SER KA 538 -98.67 -52.10 43.09
CA SER KA 538 -97.32 -51.73 43.46
C SER KA 538 -96.54 -51.30 42.22
N GLY KA 539 -97.18 -50.49 41.38
CA GLY KA 539 -96.55 -50.08 40.14
C GLY KA 539 -96.29 -48.60 40.06
N VAL KA 540 -96.61 -47.87 41.12
CA VAL KA 540 -96.53 -46.43 41.13
C VAL KA 540 -95.68 -45.97 42.30
N MET KA 541 -94.99 -44.85 42.12
CA MET KA 541 -94.27 -44.21 43.21
C MET KA 541 -95.24 -43.39 44.04
N ILE KA 542 -95.28 -43.67 45.34
CA ILE KA 542 -96.21 -43.03 46.25
C ILE KA 542 -95.40 -42.20 47.23
N PHE KA 543 -95.61 -40.90 47.22
CA PHE KA 543 -94.97 -39.99 48.16
C PHE KA 543 -95.96 -39.62 49.24
N GLY KA 544 -95.48 -39.56 50.48
CA GLY KA 544 -96.32 -39.16 51.60
C GLY KA 544 -96.30 -37.65 51.78
N LYS KA 545 -97.47 -37.10 52.07
CA LYS KA 545 -97.53 -35.70 52.45
C LYS KA 545 -97.04 -35.53 53.88
N GLU KA 546 -96.76 -34.30 54.25
CA GLU KA 546 -96.48 -34.02 55.65
C GLU KA 546 -97.74 -34.32 56.47
N SER KA 547 -97.53 -34.78 57.70
CA SER KA 547 -98.59 -35.34 58.53
C SER KA 547 -99.15 -36.63 57.93
N ALA KA 548 -98.26 -37.47 57.41
CA ALA KA 548 -98.60 -38.84 57.03
C ALA KA 548 -97.91 -39.79 57.98
N GLY KA 549 -98.65 -40.74 58.52
CA GLY KA 549 -98.09 -41.69 59.45
C GLY KA 549 -97.13 -42.64 58.77
N ALA KA 550 -96.38 -43.37 59.61
CA ALA KA 550 -95.43 -44.32 59.08
C ALA KA 550 -96.13 -45.59 58.58
N SER KA 551 -97.21 -46.00 59.23
CA SER KA 551 -97.89 -47.24 58.91
C SER KA 551 -99.39 -47.02 58.79
N ASN KA 552 -99.99 -47.60 57.75
CA ASN KA 552 -101.43 -47.60 57.55
C ASN KA 552 -102.01 -46.18 57.53
N THR KA 553 -101.30 -45.27 56.86
CA THR KA 553 -101.83 -43.93 56.66
C THR KA 553 -102.90 -43.95 55.57
N ALA KA 554 -103.47 -42.80 55.30
CA ALA KA 554 -104.62 -42.72 54.41
C ALA KA 554 -104.26 -42.26 53.00
N LEU KA 555 -105.13 -42.63 52.07
CA LEU KA 555 -105.02 -42.17 50.70
C LEU KA 555 -105.00 -40.65 50.64
N ASP KA 556 -105.66 -40.00 51.59
CA ASP KA 556 -105.62 -38.55 51.66
C ASP KA 556 -104.25 -38.05 52.09
N ASN KA 557 -103.50 -38.89 52.81
CA ASN KA 557 -102.18 -38.49 53.29
C ASN KA 557 -101.06 -38.88 52.34
N VAL KA 558 -101.33 -39.69 51.33
CA VAL KA 558 -100.30 -40.04 50.36
C VAL KA 558 -100.62 -39.39 49.01
N MET KA 559 -99.56 -39.21 48.20
CA MET KA 559 -99.68 -38.71 46.84
C MET KA 559 -99.23 -39.80 45.87
N ILE KA 560 -100.17 -40.30 45.08
CA ILE KA 560 -99.88 -41.36 44.10
C ILE KA 560 -99.50 -40.72 42.78
N THR KA 561 -98.38 -41.14 42.22
CA THR KA 561 -97.96 -40.61 40.93
C THR KA 561 -98.73 -41.28 39.80
N ASP KA 562 -98.59 -40.71 38.61
CA ASP KA 562 -99.25 -41.22 37.41
C ASP KA 562 -98.22 -41.30 36.30
N GLU KA 563 -98.29 -42.36 35.50
CA GLU KA 563 -97.43 -42.55 34.35
C GLU KA 563 -98.24 -42.51 33.06
N GLU KA 564 -99.12 -41.52 32.97
CA GLU KA 564 -100.08 -41.48 31.87
C GLU KA 564 -99.43 -41.05 30.56
N GLU KA 565 -98.24 -40.46 30.63
CA GLU KA 565 -97.63 -39.91 29.42
C GLU KA 565 -96.95 -40.97 28.57
N ILE KA 566 -96.70 -42.16 29.11
CA ILE KA 566 -95.98 -43.19 28.37
C ILE KA 566 -96.93 -44.26 27.83
N LYS KA 567 -98.21 -43.95 27.73
CA LYS KA 567 -99.15 -44.83 27.05
C LYS KA 567 -98.84 -44.98 25.57
N ALA KA 568 -98.08 -44.05 25.00
CA ALA KA 568 -97.79 -44.09 23.57
C ALA KA 568 -96.90 -45.26 23.19
N THR KA 569 -96.06 -45.72 24.11
CA THR KA 569 -95.11 -46.79 23.81
C THR KA 569 -95.12 -47.93 24.81
N ASN KA 570 -95.66 -47.75 26.00
CA ASN KA 570 -95.58 -48.75 27.04
C ASN KA 570 -96.95 -49.38 27.30
N PRO KA 571 -96.99 -50.66 27.61
CA PRO KA 571 -98.27 -51.29 27.97
C PRO KA 571 -98.80 -50.74 29.28
N VAL KA 572 -100.12 -50.81 29.44
CA VAL KA 572 -100.74 -50.41 30.69
C VAL KA 572 -100.41 -51.44 31.76
N ALA KA 573 -100.05 -50.96 32.96
CA ALA KA 573 -99.48 -51.81 33.99
C ALA KA 573 -100.45 -52.88 34.46
N THR KA 574 -101.75 -52.63 34.41
CA THR KA 574 -102.74 -53.54 34.98
C THR KA 574 -103.37 -54.46 33.96
N GLU KA 575 -102.93 -54.42 32.70
CA GLU KA 575 -103.52 -55.24 31.65
C GLU KA 575 -102.44 -56.06 30.96
N ARG KA 576 -102.89 -57.09 30.25
CA ARG KA 576 -101.99 -58.02 29.59
C ARG KA 576 -101.21 -57.33 28.48
N PHE KA 577 -100.04 -57.89 28.18
CA PHE KA 577 -99.31 -57.43 27.01
C PHE KA 577 -100.09 -57.69 25.73
N GLY KA 578 -100.74 -58.84 25.67
CA GLY KA 578 -101.51 -59.19 24.49
C GLY KA 578 -101.91 -60.65 24.57
N THR KA 579 -102.33 -61.18 23.42
CA THR KA 579 -102.70 -62.58 23.30
C THR KA 579 -101.72 -63.30 22.40
N VAL KA 580 -101.67 -64.62 22.56
CA VAL KA 580 -100.77 -65.46 21.79
C VAL KA 580 -101.52 -66.74 21.42
N ALA KA 581 -101.22 -67.26 20.24
CA ALA KA 581 -101.79 -68.54 19.85
C ALA KA 581 -101.21 -69.65 20.71
N VAL KA 582 -102.05 -70.62 21.10
CA VAL KA 582 -101.63 -71.68 22.00
C VAL KA 582 -101.90 -73.07 21.46
N ASN KA 583 -102.40 -73.20 20.24
CA ASN KA 583 -102.68 -74.52 19.68
C ASN KA 583 -102.59 -74.44 18.16
N PHE KA 584 -102.94 -75.53 17.49
CA PHE KA 584 -103.06 -75.59 16.05
C PHE KA 584 -104.54 -75.69 15.69
N GLN KA 585 -105.04 -74.73 14.93
CA GLN KA 585 -106.39 -74.83 14.41
C GLN KA 585 -106.45 -75.80 13.25
N SER KA 586 -107.54 -76.53 13.17
CA SER KA 586 -107.71 -77.50 12.10
C SER KA 586 -109.20 -77.76 11.90
N SER KA 587 -109.53 -78.34 10.75
CA SER KA 587 -110.88 -78.74 10.43
C SER KA 587 -111.07 -80.23 10.71
N SER KA 588 -112.33 -80.63 10.81
CA SER KA 588 -112.66 -82.03 11.02
C SER KA 588 -112.34 -82.85 9.78
N THR KA 589 -111.94 -84.10 9.99
CA THR KA 589 -111.61 -85.00 8.90
C THR KA 589 -112.16 -86.40 9.16
N VAL KA 592 -109.37 -87.62 10.85
CA VAL KA 592 -109.30 -87.11 12.21
C VAL KA 592 -110.52 -86.27 12.50
N PRO KA 593 -111.64 -86.91 12.88
CA PRO KA 593 -112.89 -86.17 13.08
C PRO KA 593 -112.94 -85.45 14.42
N PHE KA 594 -111.85 -84.78 14.78
CA PHE KA 594 -111.78 -83.98 16.00
C PHE KA 594 -111.37 -82.57 15.60
N LYS KA 595 -112.35 -81.74 15.27
CA LYS KA 595 -112.10 -80.36 14.89
C LYS KA 595 -111.47 -79.59 16.04
N THR KA 596 -110.45 -78.79 15.73
CA THR KA 596 -109.75 -78.00 16.73
C THR KA 596 -109.97 -76.53 16.45
N ASP KA 597 -110.70 -75.86 17.32
CA ASP KA 597 -110.85 -74.42 17.21
C ASP KA 597 -109.55 -73.73 17.59
N PRO KA 598 -109.23 -72.61 16.94
CA PRO KA 598 -108.06 -71.82 17.37
C PRO KA 598 -108.24 -71.30 18.78
N ALA KA 599 -107.15 -71.26 19.52
CA ALA KA 599 -107.18 -70.84 20.91
C ALA KA 599 -106.05 -69.85 21.19
N THR KA 600 -106.38 -68.81 21.94
CA THR KA 600 -105.42 -67.81 22.34
C THR KA 600 -105.36 -67.74 23.86
N GLY KA 601 -104.21 -67.30 24.36
CA GLY KA 601 -104.04 -67.09 25.78
C GLY KA 601 -103.45 -65.72 26.03
N ASP KA 602 -103.81 -65.15 27.18
CA ASP KA 602 -103.32 -63.84 27.55
C ASP KA 602 -101.87 -63.92 28.00
N VAL KA 603 -101.09 -62.92 27.58
CA VAL KA 603 -99.68 -62.83 27.92
C VAL KA 603 -99.55 -61.78 29.01
N HIS KA 604 -99.25 -62.21 30.22
CA HIS KA 604 -99.25 -61.31 31.38
C HIS KA 604 -97.86 -60.77 31.69
N ALA KA 605 -96.82 -61.56 31.47
CA ALA KA 605 -95.44 -61.12 31.62
C ALA KA 605 -94.72 -61.38 30.31
N MET KA 606 -94.19 -60.33 29.71
CA MET KA 606 -93.51 -60.41 28.43
C MET KA 606 -92.11 -59.84 28.59
N GLY KA 607 -91.10 -60.64 28.29
CA GLY KA 607 -89.74 -60.16 28.26
C GLY KA 607 -89.42 -59.45 26.98
N ALA KA 608 -88.18 -58.98 26.88
CA ALA KA 608 -87.78 -58.16 25.74
C ALA KA 608 -87.77 -58.98 24.47
N LEU KA 609 -88.50 -58.51 23.46
CA LEU KA 609 -88.48 -59.02 22.10
C LEU KA 609 -87.80 -58.02 21.19
N PRO KA 610 -87.09 -58.47 20.16
CA PRO KA 610 -86.51 -57.51 19.20
C PRO KA 610 -87.61 -56.73 18.51
N GLY KA 611 -87.35 -55.45 18.30
CA GLY KA 611 -88.34 -54.52 17.82
C GLY KA 611 -89.11 -53.80 18.89
N MET KA 612 -88.91 -54.15 20.15
CA MET KA 612 -89.59 -53.49 21.25
C MET KA 612 -89.01 -52.11 21.49
N VAL KA 613 -89.88 -51.14 21.79
CA VAL KA 613 -89.48 -49.80 22.18
C VAL KA 613 -90.28 -49.39 23.40
N TRP KA 614 -89.65 -48.64 24.30
CA TRP KA 614 -90.33 -48.26 25.53
C TRP KA 614 -89.71 -46.97 26.06
N GLN KA 615 -90.43 -46.35 26.98
CA GLN KA 615 -89.93 -45.23 27.76
C GLN KA 615 -89.65 -45.68 29.19
N ASP KA 616 -88.70 -45.01 29.83
CA ASP KA 616 -88.38 -45.30 31.22
C ASP KA 616 -89.34 -44.56 32.13
N ARG KA 617 -89.24 -44.84 33.43
CA ARG KA 617 -90.06 -44.16 34.41
C ARG KA 617 -89.68 -42.69 34.50
N ASP KA 618 -90.65 -41.86 34.84
CA ASP KA 618 -90.42 -40.44 35.02
C ASP KA 618 -89.68 -40.17 36.32
N VAL KA 619 -88.98 -39.04 36.36
CA VAL KA 619 -88.37 -38.56 37.58
C VAL KA 619 -89.24 -37.44 38.13
N TYR KA 620 -89.19 -37.26 39.45
CA TYR KA 620 -90.02 -36.29 40.14
C TYR KA 620 -89.15 -35.38 40.99
N LEU KA 621 -89.68 -34.21 41.31
CA LEU KA 621 -88.93 -33.29 42.17
C LEU KA 621 -88.65 -33.91 43.53
N GLN KA 622 -89.54 -34.75 44.03
CA GLN KA 622 -89.37 -35.42 45.30
C GLN KA 622 -88.67 -36.78 45.17
N GLY KA 623 -88.30 -37.19 43.97
CA GLY KA 623 -87.81 -38.52 43.74
C GLY KA 623 -86.30 -38.62 43.66
N PRO KA 624 -85.79 -39.84 43.56
CA PRO KA 624 -84.34 -40.04 43.50
C PRO KA 624 -83.75 -39.59 42.17
N ILE KA 625 -82.47 -39.24 42.22
CA ILE KA 625 -81.74 -38.81 41.03
C ILE KA 625 -81.02 -39.97 40.36
N TRP KA 626 -80.24 -40.74 41.11
CA TRP KA 626 -79.39 -41.77 40.54
C TRP KA 626 -79.50 -43.04 41.36
N ALA KA 627 -78.87 -44.08 40.84
CA ALA KA 627 -78.70 -45.34 41.55
C ALA KA 627 -77.44 -46.02 41.03
N LYS KA 628 -76.73 -46.68 41.94
CA LYS KA 628 -75.58 -47.48 41.52
C LYS KA 628 -76.04 -48.74 40.81
N ILE KA 629 -75.51 -48.97 39.61
CA ILE KA 629 -75.79 -50.21 38.90
C ILE KA 629 -75.00 -51.34 39.56
N PRO KA 630 -75.65 -52.45 39.94
CA PRO KA 630 -74.92 -53.54 40.60
C PRO KA 630 -73.80 -54.06 39.73
N HIS KA 631 -72.68 -54.38 40.38
CA HIS KA 631 -71.51 -54.91 39.68
C HIS KA 631 -71.73 -56.39 39.43
N THR KA 632 -72.39 -56.68 38.32
CA THR KA 632 -72.73 -58.03 37.92
C THR KA 632 -72.17 -58.31 36.52
N ASP KA 633 -72.21 -59.58 36.14
CA ASP KA 633 -71.76 -59.96 34.80
C ASP KA 633 -72.67 -59.39 33.73
N GLY KA 634 -73.98 -59.45 33.95
CA GLY KA 634 -74.92 -58.96 32.96
C GLY KA 634 -75.99 -58.10 33.60
N HIS KA 635 -76.49 -57.18 32.79
CA HIS KA 635 -77.64 -56.36 33.16
C HIS KA 635 -78.27 -55.86 31.88
N PHE KA 636 -79.60 -55.80 31.86
CA PHE KA 636 -80.34 -55.38 30.69
C PHE KA 636 -80.94 -54.00 30.95
N HIS KA 637 -80.53 -53.02 30.15
CA HIS KA 637 -81.02 -51.66 30.23
C HIS KA 637 -80.93 -51.12 31.65
N PRO KA 638 -79.73 -50.87 32.16
CA PRO KA 638 -79.55 -50.61 33.60
C PRO KA 638 -80.03 -49.24 34.03
N SER KA 639 -81.31 -48.98 33.79
CA SER KA 639 -81.97 -47.78 34.28
C SER KA 639 -82.76 -48.13 35.52
N PRO KA 640 -82.57 -47.40 36.63
CA PRO KA 640 -83.21 -47.79 37.88
C PRO KA 640 -84.72 -47.80 37.75
N LEU KA 641 -85.35 -48.76 38.44
CA LEU KA 641 -86.79 -48.95 38.27
C LEU KA 641 -87.59 -47.88 39.02
N MET KA 642 -86.98 -47.25 40.04
CA MET KA 642 -87.63 -46.10 40.65
C MET KA 642 -87.53 -44.85 39.81
N GLY KA 643 -86.70 -44.84 38.79
CA GLY KA 643 -86.50 -43.68 37.96
C GLY KA 643 -85.17 -43.01 38.27
N GLY KA 644 -84.59 -42.40 37.25
CA GLY KA 644 -83.33 -41.71 37.44
C GLY KA 644 -82.23 -42.24 36.54
N PHE KA 645 -81.00 -41.94 36.91
CA PHE KA 645 -79.82 -42.31 36.14
C PHE KA 645 -79.13 -43.48 36.83
N GLY KA 646 -78.91 -44.55 36.09
CA GLY KA 646 -78.11 -45.64 36.59
C GLY KA 646 -76.65 -45.38 36.29
N LEU KA 647 -75.82 -45.34 37.32
CA LEU KA 647 -74.40 -45.04 37.17
C LEU KA 647 -73.58 -46.21 37.65
N LYS KA 648 -72.59 -46.61 36.86
CA LYS KA 648 -71.66 -47.64 37.31
C LYS KA 648 -70.79 -47.13 38.45
N ASN KA 649 -70.30 -45.89 38.32
CA ASN KA 649 -69.59 -45.20 39.39
C ASN KA 649 -70.44 -44.01 39.81
N PRO KA 650 -71.38 -44.18 40.73
CA PRO KA 650 -72.22 -43.08 41.15
C PRO KA 650 -71.45 -42.13 42.03
N PRO KA 651 -72.05 -41.00 42.44
CA PRO KA 651 -71.42 -40.17 43.45
C PRO KA 651 -71.15 -40.97 44.72
N PRO KA 652 -69.93 -40.95 45.21
CA PRO KA 652 -69.57 -41.80 46.34
C PRO KA 652 -70.23 -41.32 47.63
N GLN KA 653 -70.30 -42.25 48.58
CA GLN KA 653 -70.85 -41.95 49.88
C GLN KA 653 -69.86 -41.14 50.70
N ILE KA 654 -70.34 -40.06 51.29
CA ILE KA 654 -69.57 -39.26 52.23
C ILE KA 654 -69.99 -39.67 53.63
N LEU KA 655 -69.06 -40.21 54.40
CA LEU KA 655 -69.33 -40.74 55.71
C LEU KA 655 -68.64 -39.88 56.76
N ILE KA 656 -69.36 -39.58 57.82
CA ILE KA 656 -68.95 -38.61 58.82
C ILE KA 656 -69.30 -39.16 60.19
N LYS KA 657 -68.41 -38.95 61.15
CA LYS KA 657 -68.75 -39.29 62.52
C LYS KA 657 -67.97 -38.41 63.47
N ASN KA 658 -68.44 -38.32 64.71
CA ASN KA 658 -67.73 -37.60 65.74
C ASN KA 658 -66.63 -38.50 66.29
N THR KA 659 -65.42 -37.97 66.40
CA THR KA 659 -64.36 -38.75 67.02
C THR KA 659 -64.67 -38.94 68.50
N PRO KA 660 -64.63 -40.16 69.02
CA PRO KA 660 -64.96 -40.37 70.44
C PRO KA 660 -63.96 -39.66 71.34
N VAL KA 661 -64.48 -39.03 72.38
CA VAL KA 661 -63.68 -38.40 73.43
C VAL KA 661 -63.91 -39.16 74.72
N PRO KA 662 -62.93 -39.92 75.21
CA PRO KA 662 -63.14 -40.69 76.43
C PRO KA 662 -63.33 -39.80 77.65
N ALA KA 663 -64.09 -40.30 78.60
CA ALA KA 663 -64.22 -39.64 79.89
C ALA KA 663 -63.01 -39.94 80.75
N ASN KA 664 -63.09 -39.61 82.03
CA ASN KA 664 -61.96 -39.74 82.93
C ASN KA 664 -61.55 -41.21 83.07
N PRO KA 665 -60.32 -41.58 82.75
CA PRO KA 665 -59.89 -42.97 82.89
C PRO KA 665 -59.57 -43.28 84.34
N PRO KA 666 -59.53 -44.57 84.71
CA PRO KA 666 -59.18 -44.93 86.08
C PRO KA 666 -57.72 -44.62 86.40
N ALA KA 667 -57.42 -44.54 87.69
CA ALA KA 667 -56.05 -44.27 88.12
C ALA KA 667 -55.12 -45.43 87.79
N GLU KA 668 -55.59 -46.66 87.95
CA GLU KA 668 -54.86 -47.86 87.57
C GLU KA 668 -55.24 -48.31 86.17
N PHE KA 669 -54.28 -48.94 85.50
CA PHE KA 669 -54.47 -49.37 84.13
C PHE KA 669 -55.46 -50.52 84.04
N SER KA 670 -56.33 -50.46 83.02
CA SER KA 670 -57.28 -51.52 82.72
C SER KA 670 -57.26 -51.76 81.22
N ALA KA 671 -57.09 -53.02 80.81
CA ALA KA 671 -57.07 -53.34 79.40
C ALA KA 671 -58.46 -53.44 78.79
N THR KA 672 -59.50 -53.46 79.62
CA THR KA 672 -60.87 -53.42 79.09
C THR KA 672 -61.07 -52.15 78.28
N LYS KA 673 -61.67 -52.32 77.10
CA LYS KA 673 -61.83 -51.19 76.20
C LYS KA 673 -62.75 -50.14 76.82
N PHE KA 674 -62.52 -48.89 76.43
CA PHE KA 674 -63.26 -47.78 77.01
C PHE KA 674 -64.74 -47.88 76.66
N ALA KA 675 -65.58 -47.63 77.65
CA ALA KA 675 -67.02 -47.59 77.45
C ALA KA 675 -67.62 -46.27 77.91
N SER KA 676 -66.88 -45.46 78.65
CA SER KA 676 -67.34 -44.17 79.16
C SER KA 676 -66.79 -43.08 78.25
N PHE KA 677 -67.68 -42.36 77.59
CA PHE KA 677 -67.29 -41.32 76.66
C PHE KA 677 -67.98 -40.02 77.02
N ILE KA 678 -67.34 -38.92 76.63
CA ILE KA 678 -67.91 -37.60 76.77
C ILE KA 678 -68.99 -37.45 75.70
N THR KA 679 -70.22 -37.13 76.12
CA THR KA 679 -71.35 -37.07 75.21
C THR KA 679 -71.28 -35.80 74.38
N GLN KA 680 -71.27 -35.95 73.07
CA GLN KA 680 -71.19 -34.78 72.22
C GLN KA 680 -71.81 -35.04 70.86
N TYR KA 681 -72.13 -33.95 70.18
CA TYR KA 681 -72.64 -33.99 68.82
C TYR KA 681 -71.91 -32.91 68.03
N SER KA 682 -72.22 -32.82 66.75
CA SER KA 682 -71.62 -31.78 65.92
C SER KA 682 -72.67 -31.18 65.00
N THR KA 683 -72.41 -29.96 64.57
CA THR KA 683 -73.28 -29.26 63.65
C THR KA 683 -72.40 -28.58 62.62
N GLY KA 684 -73.01 -28.24 61.49
CA GLY KA 684 -72.24 -27.57 60.47
C GLY KA 684 -73.06 -27.27 59.25
N GLN KA 685 -72.38 -26.84 58.20
CA GLN KA 685 -73.00 -26.51 56.93
C GLN KA 685 -72.44 -27.41 55.84
N VAL KA 686 -73.32 -27.81 54.93
CA VAL KA 686 -72.95 -28.67 53.80
C VAL KA 686 -73.43 -27.98 52.52
N SER KA 687 -72.56 -27.94 51.52
CA SER KA 687 -72.87 -27.37 50.21
C SER KA 687 -72.71 -28.44 49.16
N VAL KA 688 -73.69 -28.54 48.26
CA VAL KA 688 -73.61 -29.41 47.10
C VAL KA 688 -73.92 -28.57 45.88
N GLU KA 689 -73.04 -28.62 44.89
CA GLU KA 689 -73.22 -27.90 43.62
C GLU KA 689 -73.19 -28.92 42.49
N ILE KA 690 -74.26 -29.00 41.72
CA ILE KA 690 -74.33 -29.89 40.57
C ILE KA 690 -74.50 -29.06 39.30
N GLU KA 691 -73.64 -29.31 38.33
CA GLU KA 691 -73.82 -28.85 36.97
C GLU KA 691 -74.57 -29.92 36.19
N TRP KA 692 -75.65 -29.51 35.53
CA TRP KA 692 -76.50 -30.34 34.69
C TRP KA 692 -76.46 -29.85 33.26
N GLU KA 693 -76.33 -30.78 32.33
CA GLU KA 693 -76.44 -30.50 30.91
C GLU KA 693 -77.90 -30.61 30.48
N LEU KA 694 -78.35 -29.63 29.70
CA LEU KA 694 -79.70 -29.55 29.20
C LEU KA 694 -79.75 -29.94 27.73
N GLN KA 695 -80.89 -30.45 27.32
CA GLN KA 695 -81.17 -30.79 25.93
C GLN KA 695 -82.44 -30.02 25.57
N LYS KA 696 -82.25 -28.96 24.80
CA LYS KA 696 -83.32 -28.02 24.49
C LYS KA 696 -84.31 -28.62 23.51
N GLU KA 697 -85.56 -28.18 23.63
CA GLU KA 697 -86.57 -28.53 22.63
C GLU KA 697 -86.23 -27.87 21.31
N ASN KA 698 -86.53 -28.55 20.21
CA ASN KA 698 -86.38 -28.02 18.86
C ASN KA 698 -87.66 -28.24 18.06
N SER KA 699 -88.81 -28.04 18.70
CA SER KA 699 -90.07 -28.49 18.16
C SER KA 699 -90.58 -27.55 17.08
N LYS KA 700 -91.27 -28.14 16.11
CA LYS KA 700 -91.97 -27.39 15.07
C LYS KA 700 -93.48 -27.43 15.27
N ARG KA 701 -93.92 -27.84 16.45
CA ARG KA 701 -95.34 -27.91 16.76
C ARG KA 701 -95.97 -26.53 16.71
N TRP KA 702 -97.18 -26.45 16.16
CA TRP KA 702 -97.84 -25.18 15.96
C TRP KA 702 -98.64 -24.74 17.18
N ASN KA 703 -99.50 -25.62 17.68
CA ASN KA 703 -100.35 -25.29 18.81
C ASN KA 703 -99.53 -25.24 20.10
N PRO KA 704 -100.02 -24.52 21.11
CA PRO KA 704 -99.26 -24.42 22.36
C PRO KA 704 -99.16 -25.75 23.08
N GLU KA 705 -98.06 -25.89 23.82
CA GLU KA 705 -97.77 -27.10 24.57
C GLU KA 705 -98.44 -27.09 25.93
N VAL KA 706 -98.54 -28.27 26.53
CA VAL KA 706 -98.95 -28.39 27.93
C VAL KA 706 -97.77 -28.04 28.82
N GLN KA 707 -97.99 -27.16 29.77
CA GLN KA 707 -96.95 -26.72 30.69
C GLN KA 707 -97.41 -27.01 32.12
N TYR KA 708 -96.44 -27.20 33.00
CA TYR KA 708 -96.75 -27.22 34.42
C TYR KA 708 -96.95 -25.78 34.90
N THR KA 709 -98.08 -25.53 35.55
CA THR KA 709 -98.43 -24.18 35.96
C THR KA 709 -98.97 -24.19 37.37
N SER KA 710 -98.79 -23.08 38.05
CA SER KA 710 -99.52 -22.81 39.29
C SER KA 710 -100.98 -22.51 38.96
N ASN KA 711 -101.86 -22.89 39.87
CA ASN KA 711 -103.26 -22.56 39.72
C ASN KA 711 -103.50 -21.12 40.16
N TYR KA 712 -104.16 -20.35 39.30
CA TYR KA 712 -104.55 -18.98 39.64
C TYR KA 712 -105.94 -19.08 40.27
N ALA KA 713 -106.00 -18.80 41.57
CA ALA KA 713 -107.26 -18.80 42.31
C ALA KA 713 -106.98 -18.37 43.73
N LYS KA 714 -107.97 -17.74 44.34
CA LYS KA 714 -107.84 -17.42 45.75
C LYS KA 714 -107.75 -18.71 46.55
N SER KA 715 -106.65 -18.89 47.26
CA SER KA 715 -106.42 -20.06 48.08
C SER KA 715 -105.92 -19.62 49.44
N ALA KA 716 -106.20 -20.43 50.45
CA ALA KA 716 -105.76 -20.09 51.80
C ALA KA 716 -104.25 -20.06 51.90
N ASN KA 717 -103.56 -20.88 51.11
CA ASN KA 717 -102.12 -20.95 51.10
C ASN KA 717 -101.61 -20.89 49.66
N VAL KA 718 -100.32 -20.63 49.53
CA VAL KA 718 -99.63 -20.74 48.25
C VAL KA 718 -98.95 -22.10 48.19
N ASP KA 719 -98.99 -22.73 47.02
CA ASP KA 719 -98.38 -24.04 46.87
C ASP KA 719 -96.86 -23.94 46.97
N PHE KA 720 -96.26 -24.98 47.55
CA PHE KA 720 -94.81 -25.06 47.74
C PHE KA 720 -94.29 -23.92 48.59
N THR KA 721 -94.99 -23.63 49.68
CA THR KA 721 -94.57 -22.59 50.61
C THR KA 721 -94.69 -23.09 52.05
N VAL KA 722 -94.52 -22.21 53.01
CA VAL KA 722 -94.71 -22.52 54.41
C VAL KA 722 -96.11 -22.11 54.82
N ASP KA 723 -96.61 -22.69 55.89
CA ASP KA 723 -97.89 -22.29 56.45
C ASP KA 723 -97.65 -21.31 57.59
N ASN KA 724 -98.70 -20.98 58.34
CA ASN KA 724 -98.55 -20.06 59.45
C ASN KA 724 -97.74 -20.67 60.60
N ASN KA 725 -97.55 -21.98 60.62
CA ASN KA 725 -96.72 -22.63 61.62
C ASN KA 725 -95.27 -22.78 61.19
N GLY KA 726 -94.94 -22.44 59.96
CA GLY KA 726 -93.59 -22.55 59.48
C GLY KA 726 -93.24 -23.86 58.82
N LEU KA 727 -94.22 -24.68 58.45
CA LEU KA 727 -93.98 -26.00 57.91
C LEU KA 727 -94.02 -25.96 56.39
N TYR KA 728 -92.90 -26.28 55.76
CA TYR KA 728 -92.84 -26.35 54.30
C TYR KA 728 -93.52 -27.63 53.83
N THR KA 729 -94.40 -27.49 52.85
CA THR KA 729 -95.12 -28.62 52.29
C THR KA 729 -95.07 -28.57 50.77
N GLU KA 730 -95.11 -29.74 50.16
CA GLU KA 730 -95.21 -29.88 48.71
C GLU KA 730 -96.56 -30.48 48.36
N PRO KA 731 -97.47 -29.72 47.75
CA PRO KA 731 -98.84 -30.21 47.55
C PRO KA 731 -98.97 -31.44 46.65
N ARG KA 732 -98.11 -31.57 45.65
CA ARG KA 732 -98.26 -32.61 44.66
C ARG KA 732 -96.89 -33.01 44.15
N PRO KA 733 -96.75 -34.22 43.61
CA PRO KA 733 -95.51 -34.58 42.92
C PRO KA 733 -95.53 -34.06 41.48
N ILE KA 734 -94.41 -33.47 41.06
CA ILE KA 734 -94.28 -32.90 39.72
C ILE KA 734 -93.33 -33.77 38.91
N GLY KA 735 -93.80 -34.28 37.78
CA GLY KA 735 -92.96 -35.00 36.85
C GLY KA 735 -92.23 -34.08 35.91
N THR KA 736 -91.78 -34.64 34.80
CA THR KA 736 -90.98 -33.92 33.83
C THR KA 736 -91.62 -33.84 32.45
N ARG KA 737 -92.53 -34.74 32.12
CA ARG KA 737 -92.97 -34.93 30.74
C ARG KA 737 -94.13 -33.98 30.44
N TYR KA 738 -93.80 -32.77 29.98
CA TYR KA 738 -94.83 -31.80 29.63
C TYR KA 738 -94.72 -31.41 28.16
N LEU KA 739 -93.52 -31.08 27.71
CA LEU KA 739 -93.28 -30.87 26.29
C LEU KA 739 -93.48 -32.18 25.55
N THR KA 740 -93.69 -32.10 24.25
CA THR KA 740 -93.89 -33.30 23.45
C THR KA 740 -92.94 -33.32 22.27
N ARG KA 741 -92.77 -34.50 21.70
CA ARG KA 741 -92.01 -34.66 20.47
C ARG KA 741 -92.59 -35.83 19.69
N PRO KA 742 -92.44 -35.86 18.38
CA PRO KA 742 -92.99 -36.97 17.60
C PRO KA 742 -92.25 -38.27 17.86
N LEU KA 743 -93.00 -39.36 17.80
CA LEU KA 743 -92.46 -40.68 18.14
C LEU KA 743 -91.53 -41.21 17.05
N ASP LA 219 -50.31 -25.95 65.94
CA ASP LA 219 -50.81 -25.22 64.80
C ASP LA 219 -52.13 -24.51 65.12
N GLY LA 220 -52.55 -24.59 66.38
CA GLY LA 220 -53.72 -23.86 66.84
C GLY LA 220 -54.71 -24.76 67.54
N VAL LA 221 -55.64 -24.10 68.25
CA VAL LA 221 -56.69 -24.80 68.95
C VAL LA 221 -57.71 -25.39 67.98
N GLY LA 222 -58.07 -24.66 66.93
CA GLY LA 222 -59.14 -25.07 66.06
C GLY LA 222 -58.69 -25.73 64.77
N ASN LA 223 -57.46 -26.20 64.74
CA ASN LA 223 -56.89 -26.85 63.56
C ASN LA 223 -56.40 -28.22 63.96
N ALA LA 224 -56.86 -29.26 63.26
CA ALA LA 224 -56.43 -30.62 63.54
C ALA LA 224 -54.98 -30.82 63.12
N SER LA 225 -54.21 -31.52 63.94
CA SER LA 225 -52.80 -31.73 63.68
C SER LA 225 -52.52 -33.06 62.99
N GLY LA 226 -53.54 -33.81 62.61
CA GLY LA 226 -53.32 -35.02 61.85
C GLY LA 226 -54.64 -35.59 61.38
N ASN LA 227 -54.53 -36.58 60.51
CA ASN LA 227 -55.68 -37.24 59.93
C ASN LA 227 -55.67 -38.71 60.31
N TRP LA 228 -56.81 -39.36 60.10
CA TRP LA 228 -56.95 -40.78 60.37
C TRP LA 228 -56.36 -41.56 59.22
N HIS LA 229 -55.27 -42.26 59.47
CA HIS LA 229 -54.60 -43.07 58.45
C HIS LA 229 -54.63 -44.53 58.90
N CYS LA 230 -55.64 -45.26 58.47
CA CYS LA 230 -55.78 -46.67 58.77
C CYS LA 230 -56.03 -47.40 57.46
N ASP LA 231 -55.06 -48.13 56.98
CA ASP LA 231 -55.09 -48.66 55.62
C ASP LA 231 -54.11 -49.82 55.53
N SER LA 232 -54.07 -50.44 54.37
CA SER LA 232 -53.08 -51.49 54.07
C SER LA 232 -52.88 -51.51 52.57
N THR LA 233 -51.65 -51.24 52.13
CA THR LA 233 -51.31 -51.19 50.72
C THR LA 233 -50.39 -52.35 50.39
N TRP LA 234 -50.75 -53.12 49.38
CA TRP LA 234 -49.98 -54.29 48.97
C TRP LA 234 -49.27 -53.96 47.66
N LEU LA 235 -47.96 -53.86 47.73
CA LEU LA 235 -47.14 -53.70 46.53
C LEU LA 235 -46.67 -55.10 46.11
N GLY LA 236 -45.74 -55.17 45.18
CA GLY LA 236 -45.29 -56.47 44.71
C GLY LA 236 -44.61 -57.29 45.79
N ASP LA 237 -43.62 -56.71 46.46
CA ASP LA 237 -42.88 -57.42 47.49
C ASP LA 237 -42.94 -56.74 48.85
N ARG LA 238 -43.69 -55.67 48.99
CA ARG LA 238 -43.87 -54.98 50.25
C ARG LA 238 -45.35 -54.94 50.59
N VAL LA 239 -45.63 -54.81 51.88
CA VAL LA 239 -46.96 -54.42 52.34
C VAL LA 239 -46.78 -53.34 53.39
N ILE LA 240 -47.54 -52.26 53.27
CA ILE LA 240 -47.48 -51.16 54.21
C ILE LA 240 -48.79 -51.14 54.98
N THR LA 241 -48.71 -51.33 56.28
CA THR LA 241 -49.88 -51.33 57.15
C THR LA 241 -49.88 -50.07 58.01
N THR LA 242 -50.98 -49.32 57.97
CA THR LA 242 -51.16 -48.13 58.78
C THR LA 242 -52.32 -48.34 59.74
N SER LA 243 -52.15 -47.91 60.98
CA SER LA 243 -53.17 -48.07 62.01
C SER LA 243 -53.26 -46.81 62.84
N THR LA 244 -54.46 -46.25 62.94
CA THR LA 244 -54.75 -45.14 63.83
C THR LA 244 -55.69 -45.61 64.92
N ARG LA 245 -55.42 -45.18 66.15
CA ARG LA 245 -56.23 -45.52 67.31
C ARG LA 245 -56.41 -44.28 68.17
N THR LA 246 -57.45 -44.30 68.99
CA THR LA 246 -57.72 -43.24 69.95
C THR LA 246 -57.29 -43.73 71.33
N TRP LA 247 -56.45 -42.96 71.99
CA TRP LA 247 -55.92 -43.31 73.29
C TRP LA 247 -56.35 -42.32 74.35
N ALA LA 248 -56.44 -42.82 75.58
CA ALA LA 248 -56.64 -42.03 76.78
C ALA LA 248 -55.50 -42.30 77.76
N LEU LA 249 -54.88 -41.23 78.24
CA LEU LA 249 -53.77 -41.30 79.17
C LEU LA 249 -54.17 -40.63 80.47
N PRO LA 250 -54.23 -41.35 81.58
CA PRO LA 250 -54.53 -40.72 82.86
C PRO LA 250 -53.28 -40.20 83.55
N THR LA 251 -53.45 -39.68 84.75
CA THR LA 251 -52.31 -39.37 85.61
C THR LA 251 -52.02 -40.58 86.49
N TYR LA 252 -50.79 -41.05 86.45
CA TYR LA 252 -50.38 -42.24 87.18
C TYR LA 252 -49.59 -41.84 88.41
N ASN LA 253 -49.92 -42.45 89.55
CA ASN LA 253 -49.19 -42.30 90.81
C ASN LA 253 -49.28 -40.91 91.41
N ASN LA 254 -50.20 -40.07 90.93
CA ASN LA 254 -50.23 -38.65 91.30
C ASN LA 254 -48.92 -37.97 90.99
N HIS LA 255 -48.37 -38.26 89.80
CA HIS LA 255 -47.13 -37.66 89.30
C HIS LA 255 -45.93 -38.05 90.15
N LEU LA 256 -45.99 -39.20 90.81
CA LEU LA 256 -44.94 -39.61 91.72
C LEU LA 256 -44.21 -40.83 91.18
N TYR LA 257 -42.94 -40.93 91.51
CA TYR LA 257 -42.15 -42.14 91.33
C TYR LA 257 -42.23 -42.92 92.62
N LYS LA 258 -42.66 -44.18 92.55
CA LYS LA 258 -42.82 -44.99 93.73
C LYS LA 258 -41.96 -46.24 93.63
N GLN LA 259 -41.37 -46.62 94.76
CA GLN LA 259 -40.58 -47.84 94.84
C GLN LA 259 -41.50 -48.99 95.21
N ILE LA 260 -41.47 -50.04 94.39
CA ILE LA 260 -42.35 -51.19 94.58
C ILE LA 260 -41.49 -52.43 94.81
N SER LA 261 -42.00 -53.32 95.66
CA SER LA 261 -41.33 -54.58 95.93
C SER LA 261 -42.37 -55.58 96.39
N SER LA 262 -41.90 -56.76 96.81
CA SER LA 262 -42.78 -57.84 97.25
C SER LA 262 -42.83 -57.96 98.76
N ALA LA 263 -42.25 -57.01 99.49
CA ALA LA 263 -42.17 -57.11 100.94
C ALA LA 263 -43.56 -57.11 101.58
N SER LA 264 -44.44 -56.21 101.15
CA SER LA 264 -45.80 -56.21 101.67
C SER LA 264 -46.61 -57.36 101.09
N THR LA 265 -46.30 -57.78 99.87
CA THR LA 265 -47.03 -58.88 99.25
C THR LA 265 -46.83 -60.18 100.03
N GLY LA 266 -45.62 -60.39 100.56
CA GLY LA 266 -45.34 -61.64 101.24
C GLY LA 266 -45.32 -62.84 100.30
N ALA LA 267 -44.68 -62.70 99.16
CA ALA LA 267 -44.66 -63.74 98.15
C ALA LA 267 -43.62 -64.79 98.49
N SER LA 268 -43.56 -65.84 97.66
CA SER LA 268 -42.54 -66.86 97.80
C SER LA 268 -41.21 -66.34 97.29
N ASN LA 269 -40.14 -67.09 97.58
CA ASN LA 269 -38.81 -66.68 97.17
C ASN LA 269 -38.70 -66.55 95.66
N ASP LA 270 -39.48 -67.34 94.92
CA ASP LA 270 -39.43 -67.29 93.47
C ASP LA 270 -40.11 -66.05 92.89
N ASN LA 271 -41.00 -65.41 93.65
CA ASN LA 271 -41.79 -64.30 93.15
C ASN LA 271 -41.34 -62.96 93.73
N HIS LA 272 -40.22 -62.93 94.41
CA HIS LA 272 -39.71 -61.69 94.99
C HIS LA 272 -39.25 -60.75 93.89
N TYR LA 273 -39.44 -59.45 94.10
CA TYR LA 273 -39.00 -58.47 93.13
C TYR LA 273 -38.77 -57.13 93.81
N PHE LA 274 -38.04 -56.27 93.12
CA PHE LA 274 -37.79 -54.89 93.54
C PHE LA 274 -37.75 -54.05 92.29
N GLY LA 275 -38.43 -52.91 92.32
CA GLY LA 275 -38.44 -52.06 91.16
C GLY LA 275 -39.07 -50.72 91.44
N TYR LA 276 -39.47 -50.05 90.36
CA TYR LA 276 -40.02 -48.71 90.45
C TYR LA 276 -41.21 -48.57 89.53
N SER LA 277 -42.18 -47.78 89.98
CA SER LA 277 -43.36 -47.39 89.23
C SER LA 277 -43.23 -45.93 88.86
N THR LA 278 -43.31 -45.61 87.59
CA THR LA 278 -43.16 -44.21 87.20
C THR LA 278 -44.52 -43.61 86.90
N PRO LA 279 -44.64 -42.29 86.89
CA PRO LA 279 -45.89 -41.64 86.46
C PRO LA 279 -46.10 -41.62 84.96
N TRP LA 280 -45.22 -42.23 84.19
CA TRP LA 280 -45.31 -42.24 82.74
C TRP LA 280 -46.10 -43.44 82.24
N GLY LA 281 -46.72 -43.27 81.08
CA GLY LA 281 -47.24 -44.37 80.30
C GLY LA 281 -46.38 -44.58 79.07
N TYR LA 282 -46.61 -45.68 78.39
CA TYR LA 282 -45.85 -45.98 77.18
C TYR LA 282 -46.79 -46.46 76.10
N PHE LA 283 -46.34 -46.31 74.85
CA PHE LA 283 -47.09 -46.75 73.69
C PHE LA 283 -46.58 -48.11 73.24
N ASP LA 284 -47.49 -49.04 73.06
CA ASP LA 284 -47.16 -50.42 72.68
C ASP LA 284 -47.95 -50.80 71.43
N PHE LA 285 -47.23 -51.24 70.41
CA PHE LA 285 -47.86 -51.79 69.21
C PHE LA 285 -47.10 -53.04 68.80
N ASN LA 286 -46.78 -53.88 69.78
CA ASN LA 286 -45.98 -55.09 69.58
C ASN LA 286 -46.85 -56.33 69.47
N ARG LA 287 -47.98 -56.24 68.81
CA ARG LA 287 -48.78 -57.39 68.44
C ARG LA 287 -49.15 -57.27 66.97
N PHE LA 288 -49.34 -58.41 66.31
CA PHE LA 288 -49.55 -58.38 64.87
C PHE LA 288 -50.92 -57.83 64.50
N HIS LA 289 -51.92 -57.99 65.37
CA HIS LA 289 -53.24 -57.50 65.07
C HIS LA 289 -53.39 -56.00 65.31
N CYS LA 290 -52.39 -55.35 65.88
CA CYS LA 290 -52.36 -53.89 65.89
C CYS LA 290 -52.13 -53.33 64.49
N HIS LA 291 -51.68 -54.15 63.56
CA HIS LA 291 -51.31 -53.71 62.22
C HIS LA 291 -52.05 -54.44 61.12
N PHE LA 292 -52.39 -55.71 61.29
CA PHE LA 292 -53.04 -56.49 60.26
C PHE LA 292 -54.49 -56.75 60.67
N SER LA 293 -55.40 -56.49 59.75
CA SER LA 293 -56.74 -57.03 59.89
C SER LA 293 -56.68 -58.53 59.65
N PRO LA 294 -57.69 -59.28 60.11
CA PRO LA 294 -57.69 -60.72 59.81
C PRO LA 294 -57.66 -61.04 58.33
N ARG LA 295 -58.32 -60.23 57.50
CA ARG LA 295 -58.25 -60.41 56.06
C ARG LA 295 -56.84 -60.19 55.53
N ASP LA 296 -56.16 -59.15 56.03
CA ASP LA 296 -54.78 -58.89 55.60
C ASP LA 296 -53.85 -60.00 56.07
N TRP LA 297 -54.07 -60.51 57.28
CA TRP LA 297 -53.26 -61.62 57.78
C TRP LA 297 -53.45 -62.86 56.92
N GLN LA 298 -54.70 -63.16 56.54
CA GLN LA 298 -54.96 -64.29 55.67
C GLN LA 298 -54.30 -64.09 54.31
N ARG LA 299 -54.40 -62.89 53.77
CA ARG LA 299 -53.75 -62.59 52.49
C ARG LA 299 -52.25 -62.77 52.56
N LEU LA 300 -51.64 -62.39 53.68
CA LEU LA 300 -50.20 -62.56 53.86
C LEU LA 300 -49.83 -64.04 53.97
N ILE LA 301 -50.50 -64.78 54.85
CA ILE LA 301 -50.08 -66.13 55.17
C ILE LA 301 -50.48 -67.14 54.10
N ASN LA 302 -51.47 -66.85 53.27
CA ASN LA 302 -51.84 -67.77 52.22
C ASN LA 302 -51.00 -67.62 50.97
N ASN LA 303 -50.18 -66.58 50.89
CA ASN LA 303 -49.50 -66.25 49.65
C ASN LA 303 -48.01 -66.04 49.80
N ASN LA 304 -47.48 -65.87 51.00
CA ASN LA 304 -46.08 -65.53 51.17
C ASN LA 304 -45.36 -66.64 51.92
N TRP LA 305 -44.14 -66.93 51.46
CA TRP LA 305 -43.27 -67.87 52.15
C TRP LA 305 -42.58 -67.24 53.35
N GLY LA 306 -42.46 -65.94 53.39
CA GLY LA 306 -41.86 -65.32 54.56
C GLY LA 306 -42.13 -63.84 54.60
N PHE LA 307 -41.85 -63.24 55.75
CA PHE LA 307 -42.01 -61.80 55.84
C PHE LA 307 -41.16 -61.24 56.96
N ARG LA 308 -40.90 -59.93 56.90
CA ARG LA 308 -40.14 -59.28 57.96
C ARG LA 308 -40.43 -57.79 57.92
N PRO LA 309 -40.20 -57.07 59.01
CA PRO LA 309 -40.41 -55.62 59.01
C PRO LA 309 -39.19 -54.83 58.54
N LYS LA 310 -39.46 -53.82 57.71
CA LYS LA 310 -38.47 -52.92 57.14
C LYS LA 310 -38.43 -51.57 57.84
N ARG LA 311 -39.55 -50.89 57.98
CA ARG LA 311 -39.46 -49.57 58.60
C ARG LA 311 -40.78 -49.20 59.26
N LEU LA 312 -40.75 -48.18 60.11
CA LEU LA 312 -41.98 -47.72 60.73
C LEU LA 312 -41.95 -46.21 60.95
N ASN LA 313 -43.14 -45.64 60.94
CA ASN LA 313 -43.42 -44.25 61.28
C ASN LA 313 -44.43 -44.23 62.42
N PHE LA 314 -44.20 -43.35 63.38
CA PHE LA 314 -45.05 -43.18 64.54
C PHE LA 314 -45.47 -41.72 64.59
N LYS LA 315 -46.76 -41.47 64.77
CA LYS LA 315 -47.27 -40.12 64.89
C LYS LA 315 -48.26 -40.05 66.04
N LEU LA 316 -48.22 -38.93 66.75
CA LEU LA 316 -49.09 -38.64 67.88
C LEU LA 316 -49.71 -37.28 67.62
N PHE LA 317 -51.03 -37.22 67.55
CA PHE LA 317 -51.67 -36.00 67.06
C PHE LA 317 -53.03 -35.83 67.72
N ASN LA 318 -53.56 -34.62 67.61
CA ASN LA 318 -54.88 -34.25 68.13
C ASN LA 318 -54.95 -34.43 69.64
N ILE LA 319 -54.02 -33.79 70.34
CA ILE LA 319 -53.94 -33.88 71.79
C ILE LA 319 -55.04 -33.04 72.41
N GLN LA 320 -55.75 -33.60 73.38
CA GLN LA 320 -56.73 -32.87 74.16
C GLN LA 320 -56.51 -33.18 75.62
N VAL LA 321 -56.17 -32.17 76.41
CA VAL LA 321 -56.05 -32.32 77.85
C VAL LA 321 -57.37 -31.90 78.48
N LYS LA 322 -57.88 -32.75 79.37
CA LYS LA 322 -59.16 -32.52 80.02
C LYS LA 322 -58.96 -32.45 81.52
N GLU LA 323 -59.51 -31.39 82.11
CA GLU LA 323 -59.56 -31.19 83.55
C GLU LA 323 -60.82 -31.80 84.13
N VAL LA 324 -60.67 -32.48 85.27
CA VAL LA 324 -61.77 -33.18 85.92
C VAL LA 324 -61.93 -32.65 87.34
N THR LA 325 -63.17 -32.28 87.70
CA THR LA 325 -63.51 -31.88 89.06
C THR LA 325 -64.72 -32.68 89.52
N THR LA 326 -64.61 -33.35 90.66
CA THR LA 326 -65.74 -34.07 91.24
C THR LA 326 -66.18 -33.33 92.50
N ASN LA 327 -67.41 -32.81 92.49
CA ASN LA 327 -68.00 -32.12 93.63
C ASN LA 327 -69.36 -32.71 93.93
N ASP LA 328 -69.58 -33.04 95.20
CA ASP LA 328 -70.86 -33.58 95.67
C ASP LA 328 -71.28 -34.82 94.88
N GLY LA 329 -70.29 -35.54 94.35
CA GLY LA 329 -70.54 -36.75 93.60
C GLY LA 329 -70.71 -36.57 92.11
N VAL LA 330 -70.88 -35.34 91.63
CA VAL LA 330 -71.04 -35.10 90.21
C VAL LA 330 -69.73 -34.60 89.62
N THR LA 331 -69.42 -35.07 88.41
CA THR LA 331 -68.12 -34.87 87.78
C THR LA 331 -68.26 -33.92 86.60
N THR LA 332 -67.43 -32.90 86.59
CA THR LA 332 -67.33 -31.94 85.49
C THR LA 332 -66.01 -32.16 84.76
N ILE LA 333 -66.08 -32.20 83.44
CA ILE LA 333 -64.90 -32.31 82.60
C ILE LA 333 -64.86 -31.08 81.71
N ALA LA 334 -63.72 -30.40 81.68
CA ALA LA 334 -63.52 -29.23 80.84
C ALA LA 334 -62.25 -29.39 80.04
N ASN LA 335 -62.09 -28.56 79.02
CA ASN LA 335 -60.86 -28.54 78.27
C ASN LA 335 -59.83 -27.66 78.95
N ASN LA 336 -58.60 -28.14 78.99
CA ASN LA 336 -57.47 -27.35 79.50
C ASN LA 336 -56.60 -27.04 78.30
N LEU LA 337 -56.78 -25.85 77.72
CA LEU LA 337 -56.14 -25.52 76.46
C LEU LA 337 -54.66 -25.24 76.59
N THR LA 338 -54.15 -24.98 77.80
CA THR LA 338 -52.76 -24.60 77.98
C THR LA 338 -51.93 -25.70 78.64
N SER LA 339 -52.47 -26.88 78.83
CA SER LA 339 -51.72 -27.97 79.43
C SER LA 339 -50.97 -28.76 78.36
N THR LA 340 -49.94 -29.47 78.80
CA THR LA 340 -49.05 -30.20 77.91
C THR LA 340 -48.97 -31.67 78.27
N VAL LA 341 -48.63 -32.47 77.27
CA VAL LA 341 -48.16 -33.83 77.47
C VAL LA 341 -46.72 -33.90 77.04
N GLN LA 342 -45.88 -34.52 77.86
CA GLN LA 342 -44.49 -34.77 77.53
C GLN LA 342 -44.37 -36.12 76.85
N VAL LA 343 -43.69 -36.15 75.70
CA VAL LA 343 -43.47 -37.36 74.93
C VAL LA 343 -41.99 -37.45 74.61
N PHE LA 344 -41.41 -38.64 74.77
CA PHE LA 344 -40.07 -38.84 74.24
C PHE LA 344 -39.90 -40.29 73.82
N SER LA 345 -38.99 -40.50 72.88
CA SER LA 345 -38.63 -41.81 72.40
C SER LA 345 -37.27 -42.17 72.95
N ASP LA 346 -37.14 -43.39 73.51
CA ASP LA 346 -35.89 -43.83 74.11
C ASP LA 346 -35.04 -44.50 73.03
N SER LA 347 -34.50 -43.66 72.15
CA SER LA 347 -33.83 -44.14 70.95
C SER LA 347 -32.46 -44.74 71.23
N GLU LA 348 -31.85 -44.43 72.37
CA GLU LA 348 -30.54 -44.97 72.72
C GLU LA 348 -30.63 -46.14 73.68
N TYR LA 349 -31.84 -46.62 73.98
CA TYR LA 349 -32.06 -47.79 74.82
C TYR LA 349 -31.36 -47.64 76.18
N GLN LA 350 -31.52 -46.47 76.77
CA GLN LA 350 -30.95 -46.17 78.07
C GLN LA 350 -31.87 -46.55 79.22
N LEU LA 351 -33.07 -46.95 78.93
CA LEU LA 351 -34.09 -47.35 79.90
C LEU LA 351 -34.29 -48.85 79.87
N PRO LA 352 -34.78 -49.44 80.94
CA PRO LA 352 -35.19 -50.85 80.88
C PRO LA 352 -36.29 -51.05 79.84
N TYR LA 353 -36.11 -52.06 79.00
CA TYR LA 353 -37.05 -52.35 77.92
C TYR LA 353 -38.11 -53.29 78.44
N VAL LA 354 -39.30 -52.76 78.71
CA VAL LA 354 -40.40 -53.59 79.21
C VAL LA 354 -41.29 -54.10 78.08
N LEU LA 355 -41.12 -53.60 76.86
CA LEU LA 355 -41.78 -54.21 75.72
C LEU LA 355 -41.15 -55.58 75.47
N GLY LA 356 -41.86 -56.41 74.73
CA GLY LA 356 -41.35 -57.74 74.49
C GLY LA 356 -41.54 -58.72 75.61
N SER LA 357 -42.36 -58.38 76.60
CA SER LA 357 -42.76 -59.30 77.66
C SER LA 357 -44.21 -59.72 77.54
N ALA LA 358 -44.86 -59.41 76.41
CA ALA LA 358 -46.24 -59.80 76.12
C ALA LA 358 -47.22 -59.22 77.12
N HIS LA 359 -47.17 -57.90 77.29
CA HIS LA 359 -48.04 -57.22 78.23
C HIS LA 359 -49.27 -56.65 77.54
N GLN LA 360 -50.31 -56.45 78.33
CA GLN LA 360 -51.49 -55.75 77.86
C GLN LA 360 -51.19 -54.28 77.66
N GLY LA 361 -52.07 -53.61 76.91
CA GLY LA 361 -51.89 -52.19 76.68
C GLY LA 361 -51.50 -51.82 75.28
N CYS LA 362 -51.44 -52.80 74.38
CA CYS LA 362 -51.18 -52.51 72.97
C CYS LA 362 -52.37 -51.81 72.34
N LEU LA 363 -52.17 -51.34 71.12
CA LEU LA 363 -53.30 -50.85 70.34
C LEU LA 363 -54.30 -51.98 70.15
N PRO LA 364 -55.59 -51.72 70.32
CA PRO LA 364 -56.59 -52.77 70.16
C PRO LA 364 -56.63 -53.28 68.73
N PRO LA 365 -57.02 -54.55 68.54
CA PRO LA 365 -57.11 -55.06 67.16
C PRO LA 365 -58.14 -54.34 66.30
N PHE LA 366 -59.26 -53.95 66.88
CA PHE LA 366 -60.31 -53.28 66.13
C PHE LA 366 -60.06 -51.78 66.10
N PRO LA 367 -60.02 -51.16 64.91
CA PRO LA 367 -59.68 -49.74 64.82
C PRO LA 367 -60.67 -48.81 65.50
N ALA LA 368 -61.89 -49.27 65.79
CA ALA LA 368 -62.87 -48.43 66.44
C ALA LA 368 -62.71 -48.37 67.95
N ASP LA 369 -61.82 -49.17 68.53
CA ASP LA 369 -61.71 -49.26 69.97
C ASP LA 369 -60.79 -48.17 70.52
N VAL LA 370 -61.17 -47.62 71.65
CA VAL LA 370 -60.40 -46.60 72.35
C VAL LA 370 -59.68 -47.27 73.50
N PHE LA 371 -58.38 -47.04 73.61
CA PHE LA 371 -57.57 -47.77 74.57
C PHE LA 371 -56.89 -46.85 75.56
N MET LA 372 -56.74 -47.36 76.77
CA MET LA 372 -56.04 -46.68 77.84
C MET LA 372 -54.55 -46.99 77.75
N ILE LA 373 -53.73 -45.99 78.01
CA ILE LA 373 -52.28 -46.16 77.88
C ILE LA 373 -51.74 -46.80 79.16
N PRO LA 374 -50.96 -47.87 79.05
CA PRO LA 374 -50.45 -48.55 80.25
C PRO LA 374 -49.34 -47.79 80.95
N GLN LA 375 -49.26 -48.00 82.27
CA GLN LA 375 -48.26 -47.30 83.07
C GLN LA 375 -46.88 -47.94 82.90
N TYR LA 376 -45.85 -47.10 82.95
CA TYR LA 376 -44.49 -47.58 82.85
C TYR LA 376 -43.93 -47.90 84.23
N GLY LA 377 -43.28 -49.05 84.32
CA GLY LA 377 -42.58 -49.44 85.53
C GLY LA 377 -41.54 -50.45 85.13
N TYR LA 378 -40.53 -50.60 85.97
CA TYR LA 378 -39.46 -51.52 85.68
C TYR LA 378 -39.03 -52.22 86.96
N LEU LA 379 -38.28 -53.30 86.78
CA LEU LA 379 -37.67 -54.04 87.87
C LEU LA 379 -36.16 -53.89 87.78
N THR LA 380 -35.51 -53.96 88.93
CA THR LA 380 -34.06 -53.88 88.99
C THR LA 380 -33.57 -55.06 89.82
N LEU LA 381 -32.25 -55.11 90.01
CA LEU LA 381 -31.65 -56.21 90.78
C LEU LA 381 -32.23 -56.25 92.17
N ASN LA 382 -32.59 -57.44 92.63
CA ASN LA 382 -33.17 -57.62 93.95
C ASN LA 382 -32.54 -58.81 94.65
N ASN LA 383 -32.46 -58.70 95.97
CA ASN LA 383 -32.01 -59.76 96.85
C ASN LA 383 -33.18 -60.07 97.77
N GLY LA 384 -34.08 -60.92 97.30
CA GLY LA 384 -35.35 -61.07 97.98
C GLY LA 384 -36.24 -59.91 97.63
N SER LA 385 -36.83 -59.28 98.65
CA SER LA 385 -37.59 -58.07 98.46
C SER LA 385 -36.74 -56.82 98.60
N GLN LA 386 -35.43 -56.97 98.79
CA GLN LA 386 -34.52 -55.85 98.98
C GLN LA 386 -33.78 -55.55 97.70
N ALA LA 387 -33.10 -54.40 97.70
CA ALA LA 387 -32.27 -53.99 96.58
C ALA LA 387 -30.82 -54.33 96.86
N VAL LA 388 -29.95 -54.01 95.92
CA VAL LA 388 -28.51 -54.14 96.09
C VAL LA 388 -27.87 -52.81 95.69
N GLY LA 389 -26.54 -52.77 95.77
CA GLY LA 389 -25.84 -51.56 95.37
C GLY LA 389 -25.93 -51.27 93.89
N ARG LA 390 -25.97 -52.31 93.07
CA ARG LA 390 -26.03 -52.18 91.62
C ARG LA 390 -27.45 -52.06 91.10
N SER LA 391 -28.44 -52.03 91.98
CA SER LA 391 -29.80 -51.74 91.57
C SER LA 391 -29.88 -50.32 91.03
N SER LA 392 -30.47 -50.17 89.86
CA SER LA 392 -30.54 -48.88 89.20
C SER LA 392 -31.87 -48.20 89.45
N PHE LA 393 -31.85 -46.88 89.40
CA PHE LA 393 -33.04 -46.06 89.43
C PHE LA 393 -32.96 -45.11 88.24
N TYR LA 394 -34.09 -44.93 87.56
CA TYR LA 394 -34.15 -44.09 86.38
C TYR LA 394 -35.24 -43.05 86.58
N CYS LA 395 -34.86 -41.79 86.60
CA CYS LA 395 -35.82 -40.71 86.47
C CYS LA 395 -36.06 -40.47 84.99
N LEU LA 396 -37.31 -40.60 84.55
CA LEU LA 396 -37.63 -40.37 83.15
C LEU LA 396 -37.76 -38.89 82.82
N GLU LA 397 -37.84 -38.02 83.82
CA GLU LA 397 -37.74 -36.59 83.59
C GLU LA 397 -36.32 -36.16 83.32
N TYR LA 398 -35.35 -37.04 83.52
CA TYR LA 398 -33.96 -36.79 83.20
C TYR LA 398 -33.66 -37.02 81.73
N PHE LA 399 -34.67 -37.02 80.88
CA PHE LA 399 -34.56 -37.14 79.45
C PHE LA 399 -35.08 -35.86 78.79
N PRO LA 400 -34.59 -35.52 77.60
CA PRO LA 400 -35.25 -34.47 76.81
C PRO LA 400 -36.60 -34.96 76.29
N SER LA 401 -37.65 -34.23 76.61
CA SER LA 401 -39.00 -34.55 76.16
C SER LA 401 -39.52 -33.42 75.29
N GLN LA 402 -40.39 -33.76 74.36
CA GLN LA 402 -41.14 -32.77 73.62
C GLN LA 402 -42.44 -32.52 74.36
N MET LA 403 -42.72 -31.25 74.64
CA MET LA 403 -43.95 -30.83 75.30
C MET LA 403 -44.97 -30.44 74.23
N LEU LA 404 -46.15 -31.05 74.30
CA LEU LA 404 -47.17 -30.90 73.28
C LEU LA 404 -48.39 -30.26 73.92
N ARG LA 405 -48.79 -29.10 73.40
CA ARG LA 405 -50.08 -28.52 73.71
C ARG LA 405 -51.09 -29.05 72.69
N THR LA 406 -52.31 -28.53 72.72
CA THR LA 406 -53.38 -29.13 71.92
C THR LA 406 -53.18 -28.94 70.42
N GLY LA 407 -52.29 -28.06 69.99
CA GLY LA 407 -52.06 -27.86 68.58
C GLY LA 407 -50.81 -28.51 68.04
N ASN LA 408 -50.08 -29.24 68.89
CA ASN LA 408 -48.82 -29.84 68.51
C ASN LA 408 -48.99 -31.33 68.21
N ASN LA 409 -48.06 -31.86 67.43
CA ASN LA 409 -47.97 -33.29 67.18
C ASN LA 409 -46.54 -33.76 67.35
N PHE LA 410 -46.38 -35.07 67.31
CA PHE LA 410 -45.10 -35.73 67.55
C PHE LA 410 -44.89 -36.78 66.48
N THR LA 411 -43.73 -36.79 65.84
CA THR LA 411 -43.42 -37.77 64.81
C THR LA 411 -42.10 -38.45 65.12
N PHE LA 412 -41.95 -39.68 64.63
CA PHE LA 412 -40.74 -40.43 64.89
C PHE LA 412 -40.62 -41.54 63.85
N SER LA 413 -39.46 -41.64 63.22
CA SER LA 413 -39.21 -42.69 62.23
C SER LA 413 -38.18 -43.67 62.75
N TYR LA 414 -38.29 -44.92 62.30
CA TYR LA 414 -37.37 -45.96 62.73
C TYR LA 414 -37.17 -46.95 61.59
N THR LA 415 -35.94 -47.42 61.44
CA THR LA 415 -35.60 -48.44 60.45
C THR LA 415 -35.19 -49.71 61.17
N PHE LA 416 -35.80 -50.83 60.78
CA PHE LA 416 -35.43 -52.11 61.34
C PHE LA 416 -34.08 -52.57 60.78
N GLU LA 417 -33.31 -53.25 61.63
CA GLU LA 417 -32.11 -53.92 61.17
C GLU LA 417 -32.47 -55.09 60.27
N GLU LA 418 -31.48 -55.58 59.53
CA GLU LA 418 -31.71 -56.70 58.63
C GLU LA 418 -31.87 -57.96 59.47
N VAL LA 419 -33.12 -58.34 59.69
CA VAL LA 419 -33.49 -59.52 60.45
C VAL LA 419 -33.87 -60.59 59.44
N PRO LA 420 -33.70 -61.87 59.74
CA PRO LA 420 -34.18 -62.91 58.80
C PRO LA 420 -35.69 -62.91 58.67
N PHE LA 421 -36.14 -63.31 57.48
CA PHE LA 421 -37.57 -63.49 57.25
C PHE LA 421 -38.13 -64.52 58.22
N HIS LA 422 -39.29 -64.23 58.78
CA HIS LA 422 -40.05 -65.27 59.44
C HIS LA 422 -40.63 -66.19 58.39
N SER LA 423 -40.65 -67.48 58.72
CA SER LA 423 -41.04 -68.56 57.83
C SER LA 423 -42.54 -68.77 57.90
N SER LA 424 -43.26 -68.34 56.87
CA SER LA 424 -44.69 -68.58 56.76
C SER LA 424 -45.00 -69.88 56.05
N TYR LA 425 -44.12 -70.87 56.14
CA TYR LA 425 -44.28 -72.12 55.46
C TYR LA 425 -44.09 -73.28 56.43
N ALA LA 426 -44.68 -74.41 56.08
CA ALA LA 426 -44.34 -75.71 56.62
C ALA LA 426 -43.45 -76.45 55.62
N HIS LA 427 -42.89 -77.56 56.07
CA HIS LA 427 -42.06 -78.39 55.23
C HIS LA 427 -42.86 -79.56 54.68
N SER LA 428 -42.71 -79.82 53.39
CA SER LA 428 -43.38 -80.94 52.74
C SER LA 428 -42.67 -82.26 52.98
N GLN LA 429 -41.47 -82.24 53.52
CA GLN LA 429 -40.71 -83.43 53.83
C GLN LA 429 -40.34 -83.44 55.30
N SER LA 430 -40.14 -84.63 55.84
CA SER LA 430 -39.62 -84.80 57.18
C SER LA 430 -38.12 -84.99 57.12
N LEU LA 431 -37.45 -84.66 58.22
CA LEU LA 431 -35.98 -84.70 58.23
C LEU LA 431 -35.45 -86.12 58.12
N ASP LA 432 -36.17 -87.09 58.65
CA ASP LA 432 -35.76 -88.49 58.55
C ASP LA 432 -36.29 -89.17 57.31
N ARG LA 433 -36.78 -88.40 56.33
CA ARG LA 433 -37.36 -88.93 55.11
C ARG LA 433 -36.86 -88.14 53.91
N LEU LA 434 -35.57 -87.84 53.88
CA LEU LA 434 -34.99 -87.00 52.84
C LEU LA 434 -34.32 -87.83 51.74
N MET LA 435 -34.49 -89.14 51.75
CA MET LA 435 -33.80 -90.03 50.85
C MET LA 435 -34.63 -90.33 49.61
N ASN LA 436 -33.97 -90.88 48.61
CA ASN LA 436 -34.66 -91.48 47.48
C ASN LA 436 -35.27 -92.80 47.93
N PRO LA 437 -36.58 -92.99 47.84
CA PRO LA 437 -37.20 -94.24 48.30
C PRO LA 437 -37.06 -95.40 47.32
N LEU LA 438 -36.34 -95.24 46.22
CA LEU LA 438 -36.18 -96.32 45.26
C LEU LA 438 -34.77 -96.88 45.20
N ILE LA 439 -33.77 -96.10 45.56
CA ILE LA 439 -32.37 -96.47 45.41
C ILE LA 439 -31.81 -96.86 46.76
N ASP LA 440 -30.93 -97.86 46.77
CA ASP LA 440 -30.21 -98.23 47.97
C ASP LA 440 -29.07 -97.25 48.23
N GLN LA 441 -28.43 -97.41 49.36
CA GLN LA 441 -27.24 -96.64 49.71
C GLN LA 441 -25.98 -97.44 49.40
N TYR LA 442 -24.86 -96.75 49.36
CA TYR LA 442 -23.57 -97.43 49.31
C TYR LA 442 -22.93 -97.54 50.67
N LEU LA 443 -23.64 -97.14 51.72
CA LEU LA 443 -23.14 -97.19 53.10
C LEU LA 443 -23.76 -98.38 53.80
N TYR LA 444 -22.94 -99.08 54.59
CA TYR LA 444 -23.40 -100.24 55.34
C TYR LA 444 -23.52 -99.88 56.81
N TYR LA 445 -24.35 -100.65 57.52
CA TYR LA 445 -24.54 -100.48 58.94
C TYR LA 445 -24.57 -101.86 59.58
N LEU LA 446 -24.23 -101.92 60.85
CA LEU LA 446 -24.31 -103.17 61.59
C LEU LA 446 -25.78 -103.51 61.83
N ASN LA 447 -26.23 -104.63 61.28
CA ASN LA 447 -27.64 -105.01 61.32
C ASN LA 447 -27.92 -106.08 62.37
N ARG LA 448 -27.06 -107.09 62.49
CA ARG LA 448 -27.23 -108.16 63.45
C ARG LA 448 -25.92 -108.37 64.20
N THR LA 449 -26.02 -108.59 65.51
CA THR LA 449 -24.91 -109.11 66.29
C THR LA 449 -25.16 -110.53 66.74
N GLN LA 450 -26.18 -111.20 66.22
CA GLN LA 450 -26.46 -112.60 66.46
C GLN LA 450 -26.77 -113.27 65.14
N ASN LA 451 -26.69 -114.59 65.13
CA ASN LA 451 -26.97 -115.34 63.91
C ASN LA 451 -28.43 -115.23 63.53
N GLN LA 452 -28.68 -115.03 62.24
CA GLN LA 452 -30.04 -114.85 61.76
C GLN LA 452 -30.85 -116.14 61.72
N SER LA 453 -30.18 -117.29 61.57
CA SER LA 453 -30.89 -118.55 61.40
C SER LA 453 -31.75 -118.89 62.63
N GLY LA 454 -31.18 -118.74 63.83
CA GLY LA 454 -31.92 -118.98 65.05
C GLY LA 454 -31.86 -120.38 65.59
N SER LA 455 -31.40 -121.35 64.79
CA SER LA 455 -31.24 -122.71 65.30
C SER LA 455 -30.23 -122.75 66.42
N ALA LA 456 -29.12 -122.02 66.26
CA ALA LA 456 -28.21 -121.70 67.34
C ALA LA 456 -28.35 -120.22 67.69
N GLN LA 457 -27.80 -119.85 68.84
CA GLN LA 457 -27.87 -118.49 69.34
C GLN LA 457 -26.49 -117.84 69.41
N ASN LA 458 -25.69 -118.03 68.35
CA ASN LA 458 -24.33 -117.55 68.35
C ASN LA 458 -24.27 -116.07 67.95
N LYS LA 459 -23.22 -115.39 68.41
CA LYS LA 459 -23.02 -114.01 68.04
C LYS LA 459 -22.44 -113.93 66.64
N ASP LA 460 -22.45 -112.72 66.08
CA ASP LA 460 -21.92 -112.49 64.75
C ASP LA 460 -21.74 -110.98 64.55
N LEU LA 461 -21.30 -110.62 63.35
CA LEU LA 461 -21.20 -109.22 62.93
C LEU LA 461 -21.70 -109.17 61.49
N LEU LA 462 -23.00 -108.94 61.33
CA LEU LA 462 -23.64 -108.95 60.02
C LEU LA 462 -24.01 -107.52 59.64
N PHE LA 463 -23.63 -107.12 58.44
CA PHE LA 463 -23.81 -105.76 57.97
C PHE LA 463 -24.78 -105.73 56.80
N SER LA 464 -25.68 -104.75 56.80
CA SER LA 464 -26.64 -104.58 55.74
C SER LA 464 -26.42 -103.25 55.05
N ARG LA 465 -26.91 -103.17 53.83
CA ARG LA 465 -26.87 -101.95 53.04
C ARG LA 465 -28.10 -101.10 53.31
N GLY LA 466 -27.90 -99.79 53.35
CA GLY LA 466 -29.01 -98.87 53.53
C GLY LA 466 -30.00 -98.99 52.39
N SER LA 467 -31.22 -99.41 52.71
CA SER LA 467 -32.24 -99.73 51.72
C SER LA 467 -33.55 -99.03 52.06
N PRO LA 468 -34.41 -98.81 51.08
CA PRO LA 468 -35.73 -98.21 51.37
C PRO LA 468 -36.62 -99.07 52.25
N ALA LA 469 -36.32 -100.37 52.39
CA ALA LA 469 -37.09 -101.20 53.31
C ALA LA 469 -36.93 -100.71 54.75
N GLY LA 470 -35.69 -100.53 55.19
CA GLY LA 470 -35.46 -99.95 56.49
C GLY LA 470 -34.93 -98.54 56.38
N MET LA 471 -35.80 -97.55 56.57
CA MET LA 471 -35.42 -96.16 56.48
C MET LA 471 -34.97 -95.59 57.81
N SER LA 472 -35.32 -96.25 58.91
CA SER LA 472 -34.94 -95.79 60.24
C SER LA 472 -33.48 -96.03 60.54
N VAL LA 473 -32.84 -96.99 59.87
CA VAL LA 473 -31.46 -97.37 60.15
C VAL LA 473 -30.50 -96.85 59.10
N GLN LA 474 -30.99 -96.12 58.10
CA GLN LA 474 -30.12 -95.56 57.09
C GLN LA 474 -29.25 -94.47 57.69
N PRO LA 475 -27.96 -94.41 57.36
CA PRO LA 475 -27.16 -93.24 57.71
C PRO LA 475 -27.77 -91.97 57.14
N LYS LA 476 -27.72 -90.90 57.92
CA LYS LA 476 -28.31 -89.63 57.54
C LYS LA 476 -27.32 -88.51 57.83
N ASN LA 477 -27.63 -87.32 57.32
CA ASN LA 477 -26.70 -86.20 57.36
C ASN LA 477 -27.02 -85.18 58.45
N TRP LA 478 -28.24 -85.16 58.97
CA TRP LA 478 -28.67 -84.09 59.87
C TRP LA 478 -29.40 -84.68 61.07
N LEU LA 479 -29.58 -83.84 62.08
CA LEU LA 479 -30.23 -84.20 63.32
C LEU LA 479 -31.38 -83.24 63.62
N PRO LA 480 -32.40 -83.70 64.33
CA PRO LA 480 -33.47 -82.79 64.76
C PRO LA 480 -32.96 -81.78 65.78
N GLY LA 481 -33.65 -80.66 65.86
CA GLY LA 481 -33.26 -79.57 66.73
C GLY LA 481 -33.20 -79.95 68.19
N PRO LA 482 -32.75 -79.01 69.03
CA PRO LA 482 -32.62 -79.29 70.46
C PRO LA 482 -33.96 -79.40 71.13
N CYS LA 483 -33.97 -80.06 72.29
CA CYS LA 483 -35.21 -80.27 73.01
C CYS LA 483 -35.00 -80.01 74.50
N TYR LA 484 -36.09 -79.71 75.19
CA TYR LA 484 -36.12 -79.60 76.64
C TYR LA 484 -37.50 -80.07 77.09
N ARG LA 485 -37.58 -81.34 77.48
CA ARG LA 485 -38.87 -82.02 77.58
C ARG LA 485 -39.82 -81.33 78.54
N GLN LA 486 -41.08 -81.28 78.15
CA GLN LA 486 -42.17 -80.73 78.95
C GLN LA 486 -43.09 -81.86 79.40
N GLN LA 487 -43.95 -81.54 80.36
CA GLN LA 487 -44.93 -82.51 80.84
C GLN LA 487 -46.16 -82.49 79.94
N ARG LA 488 -46.74 -83.67 79.72
CA ARG LA 488 -47.83 -83.84 78.78
C ARG LA 488 -49.15 -83.73 79.52
N VAL LA 489 -49.96 -82.75 79.12
CA VAL LA 489 -51.27 -82.53 79.70
C VAL LA 489 -52.32 -82.79 78.64
N SER LA 490 -53.37 -83.51 79.01
CA SER LA 490 -54.47 -83.80 78.09
C SER LA 490 -55.53 -82.72 78.19
N LYS LA 491 -56.03 -82.28 77.03
CA LYS LA 491 -57.15 -81.34 77.00
C LYS LA 491 -58.42 -81.96 77.57
N THR LA 492 -58.50 -83.29 77.61
CA THR LA 492 -59.57 -83.99 78.30
C THR LA 492 -59.13 -84.24 79.73
N LYS LA 493 -59.76 -83.54 80.68
CA LYS LA 493 -59.23 -83.48 82.03
C LYS LA 493 -59.27 -84.83 82.76
N THR LA 494 -60.08 -85.78 82.33
CA THR LA 494 -60.16 -87.05 83.03
C THR LA 494 -58.92 -87.91 82.87
N ASP LA 495 -58.13 -87.67 81.82
CA ASP LA 495 -56.92 -88.46 81.61
C ASP LA 495 -55.69 -87.88 82.29
N ASN LA 496 -55.84 -86.78 83.01
CA ASN LA 496 -54.73 -86.17 83.73
C ASN LA 496 -54.67 -86.73 85.15
N ASN LA 497 -53.46 -86.72 85.70
CA ASN LA 497 -53.24 -87.20 87.05
C ASN LA 497 -54.01 -86.33 88.05
N ASN LA 498 -54.49 -86.96 89.13
CA ASN LA 498 -55.24 -86.24 90.15
C ASN LA 498 -54.27 -85.59 91.15
N SER LA 499 -53.68 -84.50 90.70
CA SER LA 499 -52.82 -83.67 91.52
C SER LA 499 -52.66 -82.34 90.81
N ASN LA 500 -52.01 -81.39 91.48
CA ASN LA 500 -51.80 -80.09 90.85
C ASN LA 500 -50.67 -80.14 89.84
N PHE LA 501 -49.45 -80.38 90.31
CA PHE LA 501 -48.27 -80.67 89.48
C PHE LA 501 -48.03 -79.64 88.37
N THR LA 502 -48.71 -78.50 88.44
CA THR LA 502 -48.38 -77.40 87.52
C THR LA 502 -47.11 -76.67 87.93
N TRP LA 503 -46.69 -76.81 89.16
CA TRP LA 503 -45.41 -76.26 89.59
C TRP LA 503 -44.42 -77.34 89.98
N THR LA 504 -44.87 -78.40 90.66
CA THR LA 504 -43.93 -79.44 91.07
C THR LA 504 -43.49 -80.32 89.91
N GLY LA 505 -44.32 -80.49 88.89
CA GLY LA 505 -43.98 -81.37 87.80
C GLY LA 505 -43.63 -80.66 86.51
N ALA LA 506 -43.21 -79.41 86.61
CA ALA LA 506 -43.00 -78.58 85.45
C ALA LA 506 -41.52 -78.32 85.18
N SER LA 507 -41.20 -78.14 83.91
CA SER LA 507 -39.85 -77.79 83.50
C SER LA 507 -39.57 -76.34 83.87
N LYS LA 508 -38.55 -76.13 84.70
CA LYS LA 508 -38.23 -74.78 85.15
C LYS LA 508 -36.72 -74.65 85.25
N TYR LA 509 -36.25 -73.42 85.28
CA TYR LA 509 -34.82 -73.16 85.36
C TYR LA 509 -34.50 -72.41 86.65
N ASN LA 510 -33.26 -72.59 87.08
CA ASN LA 510 -32.76 -72.02 88.32
C ASN LA 510 -31.89 -70.83 87.99
N LEU LA 511 -32.18 -69.68 88.60
CA LEU LA 511 -31.39 -68.46 88.38
C LEU LA 511 -31.29 -67.69 89.67
N ASN LA 512 -30.07 -67.61 90.22
CA ASN LA 512 -29.81 -66.90 91.48
C ASN LA 512 -30.66 -67.43 92.62
N GLY LA 513 -30.92 -68.74 92.60
CA GLY LA 513 -31.61 -69.39 93.68
C GLY LA 513 -33.11 -69.43 93.58
N ARG LA 514 -33.71 -68.79 92.59
CA ARG LA 514 -35.15 -68.83 92.42
C ARG LA 514 -35.52 -69.41 91.06
N GLU LA 515 -36.55 -70.24 91.06
CA GLU LA 515 -36.95 -71.02 89.90
C GLU LA 515 -37.96 -70.25 89.06
N SER LA 516 -37.89 -70.48 87.76
CA SER LA 516 -38.78 -69.82 86.81
C SER LA 516 -39.24 -70.86 85.80
N ILE LA 517 -40.55 -70.92 85.55
CA ILE LA 517 -41.08 -71.83 84.55
C ILE LA 517 -40.52 -71.43 83.18
N ILE LA 518 -40.21 -72.42 82.36
CA ILE LA 518 -39.62 -72.15 81.05
C ILE LA 518 -40.60 -71.35 80.20
N ASN LA 519 -41.73 -71.97 79.82
CA ASN LA 519 -42.88 -71.25 79.27
C ASN LA 519 -42.55 -70.22 78.20
N PRO LA 520 -42.38 -70.61 76.93
CA PRO LA 520 -42.57 -71.93 76.36
C PRO LA 520 -41.27 -72.63 75.99
N GLY LA 521 -40.17 -71.89 76.02
CA GLY LA 521 -38.87 -72.50 75.82
C GLY LA 521 -38.64 -72.91 74.38
N THR LA 522 -37.98 -74.06 74.22
CA THR LA 522 -37.56 -74.52 72.90
C THR LA 522 -38.75 -74.72 71.98
N ALA LA 523 -38.56 -74.40 70.71
CA ALA LA 523 -39.61 -74.55 69.71
C ALA LA 523 -39.72 -76.02 69.35
N MET LA 524 -40.74 -76.69 69.87
CA MET LA 524 -40.95 -78.10 69.64
C MET LA 524 -42.40 -78.35 69.25
N ALA LA 525 -42.62 -79.50 68.63
CA ALA LA 525 -43.97 -79.89 68.24
C ALA LA 525 -44.83 -80.11 69.49
N SER LA 526 -46.07 -79.62 69.44
CA SER LA 526 -46.97 -79.75 70.57
C SER LA 526 -47.30 -81.21 70.86
N HIS LA 527 -47.51 -82.01 69.83
CA HIS LA 527 -47.89 -83.41 69.99
C HIS LA 527 -47.43 -84.18 68.77
N LYS LA 528 -47.72 -85.48 68.78
CA LYS LA 528 -47.45 -86.35 67.65
C LYS LA 528 -48.65 -86.36 66.71
N ASP LA 529 -48.62 -87.27 65.74
CA ASP LA 529 -49.78 -87.52 64.90
C ASP LA 529 -50.86 -88.22 65.70
N ASP LA 530 -52.12 -87.85 65.44
CA ASP LA 530 -53.28 -88.47 66.07
C ASP LA 530 -53.25 -88.31 67.59
N GLU LA 531 -52.69 -87.21 68.07
CA GLU LA 531 -52.55 -86.97 69.50
C GLU LA 531 -52.86 -85.51 69.83
N ASP LA 532 -53.83 -84.93 69.12
CA ASP LA 532 -54.17 -83.53 69.32
C ASP LA 532 -54.74 -83.23 70.69
N LYS LA 533 -55.14 -84.25 71.44
CA LYS LA 533 -55.68 -84.08 72.78
C LYS LA 533 -54.64 -83.72 73.82
N PHE LA 534 -53.35 -83.78 73.48
CA PHE LA 534 -52.27 -83.52 74.41
C PHE LA 534 -51.55 -82.24 74.02
N PHE LA 535 -51.12 -81.49 75.03
CA PHE LA 535 -50.26 -80.34 74.83
C PHE LA 535 -49.22 -80.30 75.93
N PRO LA 536 -48.04 -79.74 75.66
CA PRO LA 536 -47.05 -79.56 76.72
C PRO LA 536 -47.56 -78.58 77.77
N MET LA 537 -47.21 -78.84 79.03
CA MET LA 537 -47.83 -78.11 80.13
C MET LA 537 -47.53 -76.62 80.04
N SER LA 538 -46.31 -76.25 79.69
CA SER LA 538 -45.95 -74.85 79.51
C SER LA 538 -45.14 -74.67 78.24
N GLY LA 539 -45.57 -75.33 77.17
CA GLY LA 539 -44.83 -75.28 75.92
C GLY LA 539 -45.58 -74.63 74.80
N VAL LA 540 -46.76 -74.11 75.08
CA VAL LA 540 -47.64 -73.55 74.06
C VAL LA 540 -48.05 -72.15 74.46
N MET LA 541 -48.27 -71.31 73.46
CA MET LA 541 -48.81 -69.98 73.69
C MET LA 541 -50.33 -70.08 73.83
N ILE LA 542 -50.84 -69.58 74.95
CA ILE LA 542 -52.26 -69.67 75.25
C ILE LA 542 -52.81 -68.25 75.27
N PHE LA 543 -53.76 -67.98 74.37
CA PHE LA 543 -54.45 -66.71 74.32
C PHE LA 543 -55.82 -66.86 74.96
N GLY LA 544 -56.22 -65.86 75.72
CA GLY LA 544 -57.53 -65.85 76.33
C GLY LA 544 -58.57 -65.24 75.40
N LYS LA 545 -59.75 -65.85 75.38
CA LYS LA 545 -60.86 -65.25 74.68
C LYS LA 545 -61.42 -64.10 75.51
N GLU LA 546 -62.24 -63.27 74.87
CA GLU LA 546 -62.98 -62.29 75.63
C GLU LA 546 -63.93 -63.00 76.58
N SER LA 547 -64.16 -62.39 77.74
CA SER LA 547 -64.85 -63.03 78.85
C SER LA 547 -64.05 -64.20 79.40
N ALA LA 548 -62.74 -64.02 79.51
CA ALA LA 548 -61.88 -64.95 80.23
C ALA LA 548 -61.36 -64.24 81.48
N GLY LA 549 -61.47 -64.91 82.62
CA GLY LA 549 -61.03 -64.32 83.86
C GLY LA 549 -59.52 -64.20 83.92
N ALA LA 550 -59.07 -63.43 84.91
CA ALA LA 550 -57.64 -63.25 85.09
C ALA LA 550 -56.98 -64.48 85.71
N SER LA 551 -57.69 -65.18 86.60
CA SER LA 551 -57.13 -66.30 87.33
C SER LA 551 -58.07 -67.49 87.28
N ASN LA 552 -57.51 -68.67 87.04
CA ASN LA 552 -58.24 -69.94 87.08
C ASN LA 552 -59.46 -69.93 86.16
N THR LA 553 -59.29 -69.37 84.96
CA THR LA 553 -60.33 -69.44 83.96
C THR LA 553 -60.36 -70.84 83.34
N ALA LA 554 -61.28 -71.05 82.41
CA ALA LA 554 -61.53 -72.38 81.90
C ALA LA 554 -60.88 -72.62 80.54
N LEU LA 555 -60.67 -73.91 80.25
CA LEU LA 555 -60.19 -74.32 78.95
C LEU LA 555 -61.10 -73.83 77.84
N ASP LA 556 -62.38 -73.68 78.15
CA ASP LA 556 -63.31 -73.12 77.17
C ASP LA 556 -63.05 -71.63 76.95
N ASN LA 557 -62.47 -70.96 77.94
CA ASN LA 557 -62.21 -69.54 77.83
C ASN LA 557 -60.83 -69.22 77.29
N VAL LA 558 -59.95 -70.21 77.18
CA VAL LA 558 -58.63 -69.97 76.59
C VAL LA 558 -58.53 -70.65 75.24
N MET LA 559 -57.62 -70.14 74.41
CA MET LA 559 -57.28 -70.72 73.11
C MET LA 559 -55.84 -71.20 73.14
N ILE LA 560 -55.65 -72.50 73.04
CA ILE LA 560 -54.31 -73.11 73.06
C ILE LA 560 -53.81 -73.23 71.63
N THR LA 561 -52.61 -72.74 71.39
CA THR LA 561 -52.03 -72.85 70.05
C THR LA 561 -51.47 -74.24 69.82
N ASP LA 562 -51.14 -74.52 68.57
CA ASP LA 562 -50.56 -75.80 68.17
C ASP LA 562 -49.35 -75.54 67.31
N GLU LA 563 -48.31 -76.33 67.49
CA GLU LA 563 -47.09 -76.26 66.70
C GLU LA 563 -46.92 -77.53 65.88
N GLU LA 564 -48.01 -77.96 65.23
CA GLU LA 564 -48.02 -79.25 64.57
C GLU LA 564 -47.22 -79.22 63.26
N GLU LA 565 -46.95 -78.02 62.73
CA GLU LA 565 -46.31 -77.93 61.43
C GLU LA 565 -44.81 -78.15 61.47
N ILE LA 566 -44.20 -78.10 62.64
CA ILE LA 566 -42.76 -78.21 62.75
C ILE LA 566 -42.35 -79.59 63.25
N LYS LA 567 -43.23 -80.59 63.12
CA LYS LA 567 -42.86 -81.97 63.39
C LYS LA 567 -41.82 -82.48 62.41
N ALA LA 568 -41.67 -81.83 61.25
CA ALA LA 568 -40.75 -82.31 60.23
C ALA LA 568 -39.29 -82.17 60.67
N THR LA 569 -38.99 -81.20 61.53
CA THR LA 569 -37.61 -80.95 61.94
C THR LA 569 -37.42 -80.85 63.44
N ASN LA 570 -38.45 -80.65 64.22
CA ASN LA 570 -38.32 -80.42 65.65
C ASN LA 570 -38.84 -81.61 66.44
N PRO LA 571 -38.22 -81.93 67.57
CA PRO LA 571 -38.75 -83.00 68.42
C PRO LA 571 -40.08 -82.59 69.03
N VAL LA 572 -40.88 -83.61 69.36
CA VAL LA 572 -42.14 -83.36 70.05
C VAL LA 572 -41.85 -82.93 71.49
N ALA LA 573 -42.56 -81.89 71.93
CA ALA LA 573 -42.24 -81.22 73.19
C ALA LA 573 -42.37 -82.13 74.40
N THR LA 574 -43.25 -83.12 74.35
CA THR LA 574 -43.54 -83.95 75.51
C THR LA 574 -42.78 -85.27 75.52
N GLU LA 575 -41.92 -85.52 74.55
CA GLU LA 575 -41.18 -86.76 74.47
C GLU LA 575 -39.68 -86.52 74.41
N ARG LA 576 -38.93 -87.57 74.68
CA ARG LA 576 -37.48 -87.48 74.76
C ARG LA 576 -36.90 -87.15 73.39
N PHE LA 577 -35.71 -86.54 73.41
CA PHE LA 577 -34.96 -86.36 72.17
C PHE LA 577 -34.61 -87.71 71.56
N GLY LA 578 -34.21 -88.65 72.39
CA GLY LA 578 -33.82 -89.96 71.92
C GLY LA 578 -33.17 -90.75 73.05
N THR LA 579 -32.49 -91.81 72.66
CA THR LA 579 -31.76 -92.64 73.60
C THR LA 579 -30.26 -92.54 73.33
N VAL LA 580 -29.49 -92.86 74.36
CA VAL LA 580 -28.04 -92.79 74.29
C VAL LA 580 -27.48 -94.01 75.02
N ALA LA 581 -26.36 -94.52 74.52
CA ALA LA 581 -25.68 -95.60 75.22
C ALA LA 581 -25.09 -95.08 76.52
N VAL LA 582 -25.15 -95.91 77.57
CA VAL LA 582 -24.71 -95.48 78.90
C VAL LA 582 -23.70 -96.43 79.52
N ASN LA 583 -23.28 -97.47 78.82
CA ASN LA 583 -22.32 -98.42 79.38
C ASN LA 583 -21.53 -99.05 78.24
N PHE LA 584 -20.70 -100.02 78.59
CA PHE LA 584 -19.98 -100.85 77.62
C PHE LA 584 -20.58 -102.25 77.64
N GLN LA 585 -21.08 -102.70 76.49
CA GLN LA 585 -21.54 -104.07 76.37
C GLN LA 585 -20.35 -105.01 76.24
N SER LA 586 -20.47 -106.18 76.83
CA SER LA 586 -19.40 -107.16 76.79
C SER LA 586 -20.00 -108.54 77.02
N SER LA 587 -19.22 -109.56 76.67
CA SER LA 587 -19.59 -110.95 76.90
C SER LA 587 -18.90 -111.47 78.16
N SER LA 588 -19.43 -112.57 78.67
CA SER LA 588 -18.84 -113.21 79.84
C SER LA 588 -17.50 -113.83 79.50
N THR LA 589 -16.59 -113.81 80.47
CA THR LA 589 -15.26 -114.39 80.28
C THR LA 589 -14.82 -115.18 81.51
N VAL LA 592 -13.33 -112.51 83.19
CA VAL LA 592 -14.31 -111.63 83.79
C VAL LA 592 -15.71 -112.19 83.56
N PRO LA 593 -16.13 -113.12 84.42
CA PRO LA 593 -17.42 -113.78 84.20
C PRO LA 593 -18.60 -112.93 84.65
N PHE LA 594 -18.59 -111.66 84.31
CA PHE LA 594 -19.69 -110.73 84.60
C PHE LA 594 -20.12 -110.12 83.28
N LYS LA 595 -21.04 -110.80 82.59
CA LYS LA 595 -21.57 -110.31 81.33
C LYS LA 595 -22.30 -108.98 81.52
N THR LA 596 -22.06 -108.04 80.61
CA THR LA 596 -22.67 -106.71 80.67
C THR LA 596 -23.58 -106.54 79.46
N ASP LA 597 -24.88 -106.48 79.71
CA ASP LA 597 -25.82 -106.17 78.65
C ASP LA 597 -25.70 -104.70 78.26
N PRO LA 598 -25.89 -104.38 76.98
CA PRO LA 598 -25.92 -102.97 76.58
C PRO LA 598 -27.09 -102.25 77.23
N ALA LA 599 -26.87 -100.99 77.57
CA ALA LA 599 -27.87 -100.20 78.28
C ALA LA 599 -27.99 -98.82 77.64
N THR LA 600 -29.23 -98.37 77.48
CA THR LA 600 -29.52 -97.06 76.93
C THR LA 600 -30.32 -96.26 77.95
N GLY LA 601 -30.19 -94.94 77.85
CA GLY LA 601 -30.96 -94.04 78.68
C GLY LA 601 -31.61 -92.98 77.82
N ASP LA 602 -32.78 -92.53 78.28
CA ASP LA 602 -33.52 -91.51 77.56
C ASP LA 602 -32.86 -90.14 77.73
N VAL LA 603 -32.83 -89.39 76.64
CA VAL LA 603 -32.24 -88.05 76.63
C VAL LA 603 -33.40 -87.06 76.63
N HIS LA 604 -33.59 -86.37 77.76
CA HIS LA 604 -34.75 -85.51 77.95
C HIS LA 604 -34.46 -84.06 77.60
N ALA LA 605 -33.24 -83.60 77.87
CA ALA LA 605 -32.80 -82.26 77.48
C ALA LA 605 -31.55 -82.40 76.64
N MET LA 606 -31.59 -81.90 75.42
CA MET LA 606 -30.48 -82.00 74.48
C MET LA 606 -30.12 -80.61 74.01
N GLY LA 607 -28.88 -80.22 74.23
CA GLY LA 607 -28.38 -78.96 73.70
C GLY LA 607 -27.99 -79.09 72.25
N ALA LA 608 -27.52 -77.98 71.70
CA ALA LA 608 -27.21 -77.93 70.27
C ALA LA 608 -26.02 -78.83 69.94
N LEU LA 609 -26.21 -79.73 69.01
CA LEU LA 609 -25.18 -80.56 68.40
C LEU LA 609 -24.94 -80.11 66.97
N PRO LA 610 -23.72 -80.19 66.47
CA PRO LA 610 -23.50 -79.86 65.05
C PRO LA 610 -24.27 -80.83 64.16
N GLY LA 611 -24.82 -80.28 63.08
CA GLY LA 611 -25.71 -81.01 62.22
C GLY LA 611 -27.18 -80.87 62.58
N MET LA 612 -27.49 -80.21 63.68
CA MET LA 612 -28.88 -80.00 64.08
C MET LA 612 -29.54 -78.94 63.21
N VAL LA 613 -30.80 -79.18 62.87
CA VAL LA 613 -31.62 -78.21 62.15
C VAL LA 613 -32.97 -78.13 62.83
N TRP LA 614 -33.55 -76.93 62.86
CA TRP LA 614 -34.81 -76.74 63.54
C TRP LA 614 -35.55 -75.56 62.94
N GLN LA 615 -36.84 -75.48 63.25
CA GLN LA 615 -37.66 -74.32 62.96
C GLN LA 615 -37.95 -73.56 64.24
N ASP LA 616 -38.16 -72.25 64.09
CA ASP LA 616 -38.51 -71.41 65.23
C ASP LA 616 -40.01 -71.50 65.48
N ARG LA 617 -40.44 -70.89 66.57
CA ARG LA 617 -41.86 -70.84 66.90
C ARG LA 617 -42.61 -69.99 65.88
N ASP LA 618 -43.88 -70.33 65.68
CA ASP LA 618 -44.73 -69.57 64.77
C ASP LA 618 -45.15 -68.25 65.41
N VAL LA 619 -45.47 -67.29 64.56
CA VAL LA 619 -46.06 -66.04 65.01
C VAL LA 619 -47.56 -66.10 64.73
N TYR LA 620 -48.33 -65.36 65.52
CA TYR LA 620 -49.78 -65.37 65.43
C TYR LA 620 -50.29 -63.95 65.28
N LEU LA 621 -51.50 -63.82 64.77
CA LEU LA 621 -52.09 -62.49 64.62
C LEU LA 621 -52.24 -61.81 65.98
N GLN LA 622 -52.48 -62.57 67.03
CA GLN LA 622 -52.62 -62.03 68.38
C GLN LA 622 -51.30 -62.00 69.14
N GLY LA 623 -50.20 -62.43 68.54
CA GLY LA 623 -48.96 -62.59 69.24
C GLY LA 623 -47.99 -61.45 69.05
N PRO LA 624 -46.87 -61.50 69.77
CA PRO LA 624 -45.88 -60.42 69.67
C PRO LA 624 -45.13 -60.44 68.34
N ILE LA 625 -44.63 -59.27 67.96
CA ILE LA 625 -43.87 -59.10 66.73
C ILE LA 625 -42.38 -59.25 66.98
N TRP LA 626 -41.84 -58.51 67.93
CA TRP LA 626 -40.40 -58.45 68.14
C TRP LA 626 -40.08 -58.57 69.62
N ALA LA 627 -38.78 -58.67 69.90
CA ALA LA 627 -38.26 -58.61 71.26
C ALA LA 627 -36.85 -58.07 71.20
N LYS LA 628 -36.48 -57.29 72.20
CA LYS LA 628 -35.10 -56.83 72.32
C LYS LA 628 -34.20 -57.98 72.75
N ILE LA 629 -33.13 -58.20 72.01
CA ILE LA 629 -32.13 -59.18 72.41
C ILE LA 629 -31.31 -58.62 73.56
N PRO LA 630 -31.17 -59.33 74.68
CA PRO LA 630 -30.42 -58.79 75.80
C PRO LA 630 -28.99 -58.48 75.42
N HIS LA 631 -28.48 -57.37 75.95
CA HIS LA 631 -27.11 -56.94 75.68
C HIS LA 631 -26.17 -57.75 76.56
N THR LA 632 -25.79 -58.92 76.07
CA THR LA 632 -24.92 -59.85 76.78
C THR LA 632 -23.70 -60.17 75.91
N ASP LA 633 -22.72 -60.81 76.54
CA ASP LA 633 -21.53 -61.23 75.81
C ASP LA 633 -21.86 -62.29 74.77
N GLY LA 634 -22.70 -63.26 75.13
CA GLY LA 634 -23.03 -64.33 74.22
C GLY LA 634 -24.52 -64.58 74.21
N HIS LA 635 -24.98 -65.07 73.06
CA HIS LA 635 -26.34 -65.55 72.90
C HIS LA 635 -26.36 -66.52 71.73
N PHE LA 636 -27.16 -67.57 71.85
CA PHE LA 636 -27.24 -68.59 70.84
C PHE LA 636 -28.58 -68.49 70.14
N HIS LA 637 -28.56 -68.21 68.83
CA HIS LA 637 -29.75 -68.11 68.00
C HIS LA 637 -30.76 -67.17 68.62
N PRO LA 638 -30.50 -65.87 68.64
CA PRO LA 638 -31.30 -64.93 69.45
C PRO LA 638 -32.68 -64.65 68.85
N SER LA 639 -33.45 -65.70 68.67
CA SER LA 639 -34.84 -65.61 68.27
C SER LA 639 -35.72 -65.75 69.49
N PRO LA 640 -36.64 -64.82 69.74
CA PRO LA 640 -37.42 -64.85 70.98
C PRO LA 640 -38.22 -66.14 71.09
N LEU LA 641 -38.33 -66.64 72.33
CA LEU LA 641 -38.95 -67.94 72.53
C LEU LA 641 -40.47 -67.85 72.43
N MET LA 642 -41.05 -66.67 72.62
CA MET LA 642 -42.47 -66.50 72.34
C MET LA 642 -42.76 -66.40 70.85
N GLY LA 643 -41.76 -66.23 70.02
CA GLY LA 643 -41.94 -66.08 68.60
C GLY LA 643 -41.77 -64.63 68.17
N GLY LA 644 -41.29 -64.46 66.95
CA GLY LA 644 -41.09 -63.11 66.44
C GLY LA 644 -39.67 -62.84 66.03
N PHE LA 645 -39.33 -61.56 65.92
CA PHE LA 645 -38.02 -61.11 65.48
C PHE LA 645 -37.25 -60.62 66.68
N GLY LA 646 -36.06 -61.16 66.89
CA GLY LA 646 -35.16 -60.64 67.90
C GLY LA 646 -34.34 -59.53 67.31
N LEU LA 647 -34.41 -58.34 67.90
CA LEU LA 647 -33.71 -57.17 67.39
C LEU LA 647 -32.74 -56.67 68.45
N LYS LA 648 -31.50 -56.39 68.04
CA LYS LA 648 -30.56 -55.76 68.95
C LYS LA 648 -30.97 -54.34 69.28
N ASN LA 649 -31.40 -53.59 68.27
CA ASN LA 649 -31.98 -52.26 68.44
C ASN LA 649 -33.44 -52.34 68.02
N PRO LA 650 -34.34 -52.72 68.91
CA PRO LA 650 -35.75 -52.82 68.55
C PRO LA 650 -36.37 -51.45 68.40
N PRO LA 651 -37.63 -51.36 67.99
CA PRO LA 651 -38.32 -50.07 68.03
C PRO LA 651 -38.32 -49.51 69.43
N PRO LA 652 -37.87 -48.27 69.61
CA PRO LA 652 -37.73 -47.73 70.96
C PRO LA 652 -39.07 -47.47 71.62
N GLN LA 653 -39.02 -47.38 72.94
CA GLN LA 653 -40.21 -47.09 73.73
C GLN LA 653 -40.57 -45.63 73.60
N ILE LA 654 -41.83 -45.35 73.33
CA ILE LA 654 -42.37 -44.00 73.34
C ILE LA 654 -43.09 -43.81 74.66
N LEU LA 655 -42.60 -42.85 75.45
CA LEU LA 655 -43.11 -42.62 76.78
C LEU LA 655 -43.80 -41.27 76.83
N ILE LA 656 -44.96 -41.24 77.46
CA ILE LA 656 -45.84 -40.09 77.43
C ILE LA 656 -46.41 -39.88 78.83
N LYS LA 657 -46.53 -38.63 79.24
CA LYS LA 657 -47.22 -38.36 80.49
C LYS LA 657 -47.81 -36.96 80.44
N ASN LA 658 -48.79 -36.73 81.31
CA ASN LA 658 -49.36 -35.40 81.44
C ASN LA 658 -48.46 -34.55 82.31
N THR LA 659 -48.14 -33.35 81.86
CA THR LA 659 -47.37 -32.45 82.70
C THR LA 659 -48.19 -32.05 83.91
N PRO LA 660 -47.67 -32.18 85.13
CA PRO LA 660 -48.45 -31.82 86.31
C PRO LA 660 -48.80 -30.34 86.32
N VAL LA 661 -50.04 -30.04 86.69
CA VAL LA 661 -50.51 -28.67 86.87
C VAL LA 661 -50.83 -28.50 88.35
N PRO LA 662 -50.05 -27.72 89.09
CA PRO LA 662 -50.32 -27.56 90.52
C PRO LA 662 -51.61 -26.81 90.78
N ALA LA 663 -52.23 -27.13 91.91
CA ALA LA 663 -53.40 -26.39 92.36
C ALA LA 663 -52.95 -25.10 93.02
N ASN LA 664 -53.87 -24.44 93.70
CA ASN LA 664 -53.60 -23.12 94.28
C ASN LA 664 -52.51 -23.22 95.35
N PRO LA 665 -51.39 -22.52 95.21
CA PRO LA 665 -50.35 -22.57 96.23
C PRO LA 665 -50.72 -21.72 97.44
N PRO LA 666 -50.07 -21.94 98.57
CA PRO LA 666 -50.35 -21.10 99.74
C PRO LA 666 -49.87 -19.68 99.55
N ALA LA 667 -50.43 -18.78 100.38
CA ALA LA 667 -50.02 -17.37 100.32
C ALA LA 667 -48.59 -17.18 100.77
N GLU LA 668 -48.16 -17.90 101.80
CA GLU LA 668 -46.79 -17.89 102.28
C GLU LA 668 -46.00 -19.02 101.65
N PHE LA 669 -44.69 -18.80 101.50
CA PHE LA 669 -43.83 -19.76 100.85
C PHE LA 669 -43.62 -21.00 101.72
N SER LA 670 -43.63 -22.16 101.08
CA SER LA 670 -43.35 -23.43 101.73
C SER LA 670 -42.41 -24.23 100.84
N ALA LA 671 -41.32 -24.72 101.41
CA ALA LA 671 -40.36 -25.49 100.64
C ALA LA 671 -40.78 -26.94 100.47
N THR LA 672 -41.80 -27.38 101.19
CA THR LA 672 -42.34 -28.72 100.98
C THR LA 672 -42.83 -28.86 99.54
N LYS LA 673 -42.46 -29.98 98.91
CA LYS LA 673 -42.81 -30.16 97.51
C LYS LA 673 -44.32 -30.25 97.33
N PHE LA 674 -44.78 -29.82 96.16
CA PHE LA 674 -46.20 -29.76 95.89
C PHE LA 674 -46.81 -31.16 95.90
N ALA LA 675 -47.97 -31.27 96.54
CA ALA LA 675 -48.73 -32.51 96.55
C ALA LA 675 -50.14 -32.33 96.05
N SER LA 676 -50.60 -31.10 95.90
CA SER LA 676 -51.95 -30.80 95.42
C SER LA 676 -51.85 -30.42 93.95
N PHE LA 677 -52.47 -31.22 93.09
CA PHE LA 677 -52.43 -31.00 91.66
C PHE LA 677 -53.83 -30.94 91.10
N ILE LA 678 -53.95 -30.25 89.98
CA ILE LA 678 -55.19 -30.21 89.23
C ILE LA 678 -55.36 -31.54 88.51
N THR LA 679 -56.48 -32.21 88.74
CA THR LA 679 -56.70 -33.54 88.22
C THR LA 679 -57.03 -33.46 86.74
N GLN LA 680 -56.25 -34.15 85.91
CA GLN LA 680 -56.50 -34.08 84.49
C GLN LA 680 -56.00 -35.35 83.80
N TYR LA 681 -56.52 -35.56 82.59
CA TYR LA 681 -56.07 -36.65 81.74
C TYR LA 681 -55.93 -36.08 80.33
N SER LA 682 -55.50 -36.93 79.40
CA SER LA 682 -55.38 -36.49 78.02
C SER LA 682 -55.89 -37.58 77.09
N THR LA 683 -56.29 -37.17 75.90
CA THR LA 683 -56.75 -38.08 74.87
C THR LA 683 -56.14 -37.65 73.56
N GLY LA 684 -56.12 -38.56 72.60
CA GLY LA 684 -55.57 -38.21 71.32
C GLY LA 684 -55.60 -39.37 70.37
N GLN LA 685 -54.93 -39.18 69.23
CA GLN LA 685 -54.84 -40.19 68.19
C GLN LA 685 -53.38 -40.57 67.97
N VAL LA 686 -53.17 -41.85 67.73
CA VAL LA 686 -51.84 -42.39 67.48
C VAL LA 686 -51.87 -43.17 66.17
N SER LA 687 -50.89 -42.94 65.32
CA SER LA 687 -50.75 -43.63 64.04
C SER LA 687 -49.43 -44.38 64.03
N VAL LA 688 -49.46 -45.64 63.60
CA VAL LA 688 -48.27 -46.44 63.37
C VAL LA 688 -48.34 -47.00 61.96
N GLU LA 689 -47.29 -46.78 61.18
CA GLU LA 689 -47.20 -47.29 59.82
C GLU LA 689 -45.95 -48.16 59.73
N ILE LA 690 -46.11 -49.43 59.39
CA ILE LA 690 -45.00 -50.34 59.21
C ILE LA 690 -44.95 -50.81 57.76
N GLU LA 691 -43.80 -50.67 57.14
CA GLU LA 691 -43.48 -51.33 55.88
C GLU LA 691 -42.84 -52.68 56.18
N TRP LA 692 -43.39 -53.73 55.56
CA TRP LA 692 -42.91 -55.10 55.68
C TRP LA 692 -42.45 -55.59 54.31
N GLU LA 693 -41.31 -56.25 54.29
CA GLU LA 693 -40.83 -56.94 53.11
C GLU LA 693 -41.36 -58.37 53.08
N LEU LA 694 -41.84 -58.77 51.91
CA LEU LA 694 -42.42 -60.08 51.67
C LEU LA 694 -41.42 -60.96 50.92
N GLN LA 695 -41.57 -62.26 51.13
CA GLN LA 695 -40.79 -63.27 50.43
C GLN LA 695 -41.81 -64.21 49.81
N LYS LA 696 -41.98 -64.07 48.50
CA LYS LA 696 -43.03 -64.76 47.77
C LYS LA 696 -42.71 -66.25 47.62
N GLU LA 697 -43.76 -67.05 47.56
CA GLU LA 697 -43.61 -68.46 47.25
C GLU LA 697 -43.14 -68.60 45.80
N ASN LA 698 -42.32 -69.62 45.55
CA ASN LA 698 -41.86 -69.96 44.21
C ASN LA 698 -42.05 -71.46 43.97
N SER LA 699 -43.17 -72.01 44.43
CA SER LA 699 -43.33 -73.44 44.53
C SER LA 699 -43.65 -74.07 43.18
N LYS LA 700 -43.19 -75.30 42.99
CA LYS LA 700 -43.52 -76.10 41.83
C LYS LA 700 -44.47 -77.24 42.20
N ARG LA 701 -45.07 -77.17 43.38
CA ARG LA 701 -46.01 -78.18 43.83
C ARG LA 701 -47.22 -78.25 42.92
N TRP LA 702 -47.68 -79.46 42.63
CA TRP LA 702 -48.76 -79.66 41.69
C TRP LA 702 -50.14 -79.57 42.35
N ASN LA 703 -50.33 -80.32 43.43
CA ASN LA 703 -51.62 -80.34 44.10
C ASN LA 703 -51.85 -79.03 44.86
N PRO LA 704 -53.10 -78.69 45.15
CA PRO LA 704 -53.38 -77.44 45.85
C PRO LA 704 -52.85 -77.45 47.27
N GLU LA 705 -52.51 -76.26 47.76
CA GLU LA 705 -51.97 -76.06 49.09
C GLU LA 705 -53.08 -75.95 50.13
N VAL LA 706 -52.70 -76.13 51.38
CA VAL LA 706 -53.58 -75.83 52.50
C VAL LA 706 -53.58 -74.33 52.73
N GLN LA 707 -54.76 -73.75 52.82
CA GLN LA 707 -54.91 -72.32 53.02
C GLN LA 707 -55.74 -72.08 54.28
N TYR LA 708 -55.53 -70.93 54.91
CA TYR LA 708 -56.42 -70.50 55.96
C TYR LA 708 -57.69 -69.96 55.32
N THR LA 709 -58.84 -70.47 55.76
CA THR LA 709 -60.10 -70.08 55.15
C THR LA 709 -61.15 -69.84 56.22
N SER LA 710 -62.10 -68.99 55.90
CA SER LA 710 -63.32 -68.89 56.67
C SER LA 710 -64.19 -70.12 56.43
N ASN LA 711 -64.93 -70.52 57.45
CA ASN LA 711 -65.86 -71.62 57.30
C ASN LA 711 -67.13 -71.10 56.64
N TYR LA 712 -67.56 -71.79 55.58
CA TYR LA 712 -68.83 -71.48 54.92
C TYR LA 712 -69.89 -72.32 55.61
N ALA LA 713 -70.78 -71.66 56.34
CA ALA LA 713 -71.87 -72.32 57.02
C ALA LA 713 -72.73 -71.25 57.68
N LYS LA 714 -74.02 -71.54 57.81
CA LYS LA 714 -74.87 -70.65 58.56
C LYS LA 714 -74.43 -70.62 60.01
N SER LA 715 -74.05 -69.44 60.49
CA SER LA 715 -73.60 -69.27 61.85
C SER LA 715 -74.29 -68.05 62.44
N ALA LA 716 -74.46 -68.06 63.76
CA ALA LA 716 -75.12 -66.93 64.41
C ALA LA 716 -74.32 -65.65 64.26
N ASN LA 717 -73.00 -65.76 64.19
CA ASN LA 717 -72.11 -64.62 64.03
C ASN LA 717 -71.12 -64.88 62.92
N VAL LA 718 -70.47 -63.83 62.47
CA VAL LA 718 -69.34 -63.93 61.55
C VAL LA 718 -68.06 -63.87 62.38
N ASP LA 719 -67.08 -64.68 62.00
CA ASP LA 719 -65.81 -64.71 62.72
C ASP LA 719 -65.06 -63.40 62.53
N PHE LA 720 -64.36 -62.99 63.59
CA PHE LA 720 -63.57 -61.75 63.59
C PHE LA 720 -64.44 -60.53 63.31
N THR LA 721 -65.58 -60.47 63.97
CA THR LA 721 -66.48 -59.33 63.86
C THR LA 721 -66.98 -58.90 65.22
N VAL LA 722 -67.93 -58.00 65.26
CA VAL LA 722 -68.57 -57.57 66.50
C VAL LA 722 -69.85 -58.36 66.67
N ASP LA 723 -70.33 -58.45 67.91
CA ASP LA 723 -71.60 -59.07 68.18
C ASP LA 723 -72.68 -57.99 68.26
N ASN LA 724 -73.88 -58.36 68.70
CA ASN LA 724 -74.95 -57.38 68.83
C ASN LA 724 -74.70 -56.38 69.95
N ASN LA 725 -73.76 -56.67 70.86
CA ASN LA 725 -73.40 -55.73 71.90
C ASN LA 725 -72.24 -54.83 71.52
N GLY LA 726 -71.63 -55.04 70.37
CA GLY LA 726 -70.53 -54.22 69.93
C GLY LA 726 -69.16 -54.69 70.35
N LEU LA 727 -69.02 -55.94 70.77
CA LEU LA 727 -67.77 -56.46 71.29
C LEU LA 727 -67.03 -57.22 70.19
N TYR LA 728 -65.86 -56.73 69.83
CA TYR LA 728 -65.02 -57.41 68.85
C TYR LA 728 -64.36 -58.62 69.49
N THR LA 729 -64.44 -59.76 68.82
CA THR LA 729 -63.85 -61.00 69.31
C THR LA 729 -63.07 -61.67 68.20
N GLU LA 730 -62.03 -62.39 68.59
CA GLU LA 730 -61.26 -63.23 67.67
C GLU LA 730 -61.48 -64.69 68.03
N PRO LA 731 -62.17 -65.45 67.20
CA PRO LA 731 -62.54 -66.83 67.57
C PRO LA 731 -61.37 -67.78 67.80
N ARG LA 732 -60.28 -67.61 67.08
CA ARG LA 732 -59.19 -68.58 67.14
C ARG LA 732 -57.89 -67.85 66.87
N PRO LA 733 -56.76 -68.41 67.32
CA PRO LA 733 -55.45 -67.87 66.92
C PRO LA 733 -55.05 -68.40 65.55
N ILE LA 734 -54.57 -67.51 64.69
CA ILE LA 734 -54.15 -67.87 63.34
C ILE LA 734 -52.65 -67.78 63.26
N GLY LA 735 -52.01 -68.89 62.86
CA GLY LA 735 -50.58 -68.90 62.61
C GLY LA 735 -50.25 -68.45 61.21
N THR LA 736 -49.05 -68.82 60.76
CA THR LA 736 -48.56 -68.41 59.46
C THR LA 736 -48.26 -69.56 58.52
N ARG LA 737 -48.04 -70.76 59.04
CA ARG LA 737 -47.47 -71.85 58.25
C ARG LA 737 -48.57 -72.60 57.54
N TYR LA 738 -48.92 -72.16 56.33
CA TYR LA 738 -49.94 -72.83 55.53
C TYR LA 738 -49.35 -73.32 54.21
N LEU LA 739 -48.64 -72.45 53.51
CA LEU LA 739 -47.89 -72.89 52.34
C LEU LA 739 -46.80 -73.86 52.76
N THR LA 740 -46.29 -74.63 51.81
CA THR LA 740 -45.24 -75.59 52.11
C THR LA 740 -44.06 -75.39 51.16
N ARG LA 741 -42.93 -75.93 51.57
CA ARG LA 741 -41.75 -75.97 50.71
C ARG LA 741 -40.96 -77.21 51.07
N PRO LA 742 -40.15 -77.73 50.13
CA PRO LA 742 -39.38 -78.93 50.43
C PRO LA 742 -38.26 -78.65 51.43
N LEU LA 743 -37.97 -79.65 52.24
CA LEU LA 743 -37.01 -79.50 53.33
C LEU LA 743 -35.57 -79.45 52.81
N ASP MA 219 -46.82 -17.35 71.18
CA ASP MA 219 -46.98 -18.07 69.92
C ASP MA 219 -48.35 -18.74 69.84
N GLY MA 220 -49.20 -18.49 70.83
CA GLY MA 220 -50.57 -18.95 70.80
C GLY MA 220 -50.94 -19.72 72.05
N VAL MA 221 -52.25 -19.90 72.22
CA VAL MA 221 -52.78 -20.66 73.34
C VAL MA 221 -52.49 -22.15 73.21
N GLY MA 222 -52.62 -22.69 72.00
CA GLY MA 222 -52.52 -24.13 71.80
C GLY MA 222 -51.17 -24.61 71.31
N ASN MA 223 -50.16 -23.79 71.45
CA ASN MA 223 -48.80 -24.11 71.00
C ASN MA 223 -47.86 -23.98 72.17
N ALA MA 224 -47.11 -25.04 72.46
CA ALA MA 224 -46.15 -25.03 73.55
C ALA MA 224 -44.97 -24.13 73.20
N SER MA 225 -44.52 -23.35 74.17
CA SER MA 225 -43.43 -22.40 73.95
C SER MA 225 -42.07 -22.96 74.34
N GLY MA 226 -41.98 -24.22 74.73
CA GLY MA 226 -40.70 -24.82 75.02
C GLY MA 226 -40.85 -26.29 75.27
N ASN MA 227 -39.72 -26.98 75.32
CA ASN MA 227 -39.65 -28.41 75.52
C ASN MA 227 -38.92 -28.71 76.82
N TRP MA 228 -39.05 -29.95 77.27
CA TRP MA 228 -38.38 -30.40 78.48
C TRP MA 228 -36.94 -30.75 78.13
N HIS MA 229 -35.99 -29.99 78.65
CA HIS MA 229 -34.58 -30.20 78.41
C HIS MA 229 -33.91 -30.51 79.75
N CYS MA 230 -33.81 -31.79 80.09
CA CYS MA 230 -33.14 -32.23 81.30
C CYS MA 230 -32.16 -33.32 80.92
N ASP MA 231 -30.88 -32.99 80.97
CA ASP MA 231 -29.86 -33.87 80.38
C ASP MA 231 -28.51 -33.51 81.00
N SER MA 232 -27.49 -34.25 80.60
CA SER MA 232 -26.11 -33.95 80.99
C SER MA 232 -25.20 -34.52 79.92
N THR MA 233 -24.43 -33.66 79.27
CA THR MA 233 -23.54 -34.04 78.19
C THR MA 233 -22.10 -33.85 78.65
N TRP MA 234 -21.30 -34.90 78.52
CA TRP MA 234 -19.91 -34.87 78.93
C TRP MA 234 -19.03 -34.82 77.70
N LEU MA 235 -18.38 -33.69 77.49
CA LEU MA 235 -17.38 -33.56 76.45
C LEU MA 235 -16.01 -33.85 77.06
N GLY MA 236 -14.94 -33.58 76.32
CA GLY MA 236 -13.63 -33.88 76.84
C GLY MA 236 -13.28 -33.09 78.08
N ASP MA 237 -13.43 -31.78 78.02
CA ASP MA 237 -13.08 -30.91 79.14
C ASP MA 237 -14.23 -30.07 79.63
N ARG MA 238 -15.43 -30.25 79.09
CA ARG MA 238 -16.62 -29.55 79.52
C ARG MA 238 -17.67 -30.56 79.93
N VAL MA 239 -18.58 -30.13 80.78
CA VAL MA 239 -19.82 -30.84 81.01
C VAL MA 239 -20.96 -29.82 80.97
N ILE MA 240 -22.01 -30.13 80.23
CA ILE MA 240 -23.17 -29.25 80.12
C ILE MA 240 -24.34 -29.94 80.82
N THR MA 241 -24.85 -29.30 81.86
CA THR MA 241 -25.97 -29.82 82.63
C THR MA 241 -27.20 -28.98 82.34
N THR MA 242 -28.29 -29.64 81.95
CA THR MA 242 -29.57 -28.98 81.72
C THR MA 242 -30.59 -29.52 82.69
N SER MA 243 -31.42 -28.64 83.24
CA SER MA 243 -32.44 -29.02 84.21
C SER MA 243 -33.71 -28.27 83.93
N THR MA 244 -34.81 -29.00 83.77
CA THR MA 244 -36.13 -28.42 83.66
C THR MA 244 -36.95 -28.81 84.88
N ARG MA 245 -37.69 -27.85 85.42
CA ARG MA 245 -38.56 -28.06 86.57
C ARG MA 245 -39.89 -27.36 86.33
N THR MA 246 -40.91 -27.83 87.06
CA THR MA 246 -42.22 -27.21 87.03
C THR MA 246 -42.39 -26.36 88.30
N TRP MA 247 -42.73 -25.10 88.11
CA TRP MA 247 -42.87 -24.16 89.20
C TRP MA 247 -44.30 -23.65 89.31
N ALA MA 248 -44.66 -23.30 90.54
CA ALA MA 248 -45.91 -22.61 90.86
C ALA MA 248 -45.58 -21.32 91.59
N LEU MA 249 -46.15 -20.22 91.10
CA LEU MA 249 -45.95 -18.89 91.66
C LEU MA 249 -47.28 -18.36 92.16
N PRO MA 250 -47.43 -18.11 93.45
CA PRO MA 250 -48.67 -17.52 93.94
C PRO MA 250 -48.64 -16.00 93.91
N THR MA 251 -49.68 -15.37 94.42
CA THR MA 251 -49.68 -13.94 94.65
C THR MA 251 -49.20 -13.69 96.08
N TYR MA 252 -48.17 -12.87 96.22
CA TYR MA 252 -47.55 -12.58 97.50
C TYR MA 252 -48.00 -11.21 97.99
N ASN MA 253 -48.39 -11.14 99.25
CA ASN MA 253 -48.71 -9.89 99.95
C ASN MA 253 -49.96 -9.21 99.41
N ASN MA 254 -50.77 -9.89 98.61
CA ASN MA 254 -51.88 -9.26 97.89
C ASN MA 254 -51.38 -8.11 97.01
N HIS MA 255 -50.28 -8.36 96.31
CA HIS MA 255 -49.69 -7.39 95.38
C HIS MA 255 -49.18 -6.14 96.08
N LEU MA 256 -48.83 -6.26 97.36
CA LEU MA 256 -48.44 -5.11 98.15
C LEU MA 256 -46.98 -5.20 98.53
N TYR MA 257 -46.34 -4.03 98.65
CA TYR MA 257 -45.04 -3.90 99.27
C TYR MA 257 -45.25 -3.60 100.73
N LYS MA 258 -44.66 -4.40 101.61
CA LYS MA 258 -44.86 -4.23 103.04
C LYS MA 258 -43.52 -4.00 103.72
N GLN MA 259 -43.53 -3.12 104.71
CA GLN MA 259 -42.34 -2.84 105.52
C GLN MA 259 -42.33 -3.81 106.69
N ILE MA 260 -41.23 -4.54 106.84
CA ILE MA 260 -41.10 -5.54 107.89
C ILE MA 260 -39.95 -5.15 108.81
N SER MA 261 -40.12 -5.44 110.09
CA SER MA 261 -39.07 -5.19 111.08
C SER MA 261 -39.28 -6.14 112.24
N SER MA 262 -38.48 -5.96 113.29
CA SER MA 262 -38.53 -6.82 114.46
C SER MA 262 -39.27 -6.18 115.63
N ALA MA 263 -39.92 -5.03 115.40
CA ALA MA 263 -40.55 -4.30 116.49
C ALA MA 263 -41.68 -5.11 117.12
N SER MA 264 -42.53 -5.72 116.30
CA SER MA 264 -43.59 -6.56 116.84
C SER MA 264 -43.04 -7.88 117.35
N THR MA 265 -41.96 -8.38 116.74
CA THR MA 265 -41.35 -9.63 117.18
C THR MA 265 -40.83 -9.52 118.60
N GLY MA 266 -40.27 -8.37 118.96
CA GLY MA 266 -39.66 -8.23 120.27
C GLY MA 266 -38.42 -9.08 120.45
N ALA MA 267 -37.54 -9.07 119.46
CA ALA MA 267 -36.35 -9.90 119.47
C ALA MA 267 -35.25 -9.24 120.31
N SER MA 268 -34.14 -9.95 120.45
CA SER MA 268 -32.97 -9.40 121.12
C SER MA 268 -32.27 -8.39 120.22
N ASN MA 269 -31.33 -7.65 120.81
CA ASN MA 269 -30.61 -6.63 120.05
C ASN MA 269 -29.85 -7.24 118.88
N ASP MA 270 -29.42 -8.49 119.01
CA ASP MA 270 -28.67 -9.15 117.95
C ASP MA 270 -29.54 -9.55 116.77
N ASN MA 271 -30.85 -9.69 116.98
CA ASN MA 271 -31.75 -10.20 115.95
C ASN MA 271 -32.64 -9.10 115.37
N HIS MA 272 -32.37 -7.84 115.69
CA HIS MA 272 -33.15 -6.74 115.15
C HIS MA 272 -32.91 -6.59 113.66
N TYR MA 273 -33.96 -6.20 112.93
CA TYR MA 273 -33.83 -5.98 111.50
C TYR MA 273 -34.89 -5.02 111.02
N PHE MA 274 -34.65 -4.48 109.84
CA PHE MA 274 -35.60 -3.61 109.14
C PHE MA 274 -35.46 -3.90 107.66
N GLY MA 275 -36.59 -4.04 106.99
CA GLY MA 275 -36.53 -4.34 105.57
C GLY MA 275 -37.89 -4.26 104.92
N TYR MA 276 -37.98 -4.87 103.75
CA TYR MA 276 -39.19 -4.83 102.95
C TYR MA 276 -39.49 -6.19 102.35
N SER MA 277 -40.79 -6.48 102.25
CA SER MA 277 -41.32 -7.67 101.61
C SER MA 277 -41.99 -7.24 100.31
N THR MA 278 -41.57 -7.82 99.20
CA THR MA 278 -42.17 -7.42 97.94
C THR MA 278 -43.17 -8.46 97.49
N PRO MA 279 -44.09 -8.11 96.57
CA PRO MA 279 -44.97 -9.11 95.99
C PRO MA 279 -44.34 -10.01 94.94
N TRP MA 280 -43.04 -9.88 94.71
CA TRP MA 280 -42.33 -10.65 93.70
C TRP MA 280 -41.77 -11.93 94.29
N GLY MA 281 -41.63 -12.95 93.44
CA GLY MA 281 -40.84 -14.11 93.74
C GLY MA 281 -39.57 -14.08 92.89
N TYR MA 282 -38.66 -14.98 93.21
CA TYR MA 282 -37.41 -15.05 92.47
C TYR MA 282 -37.09 -16.49 92.16
N PHE MA 283 -36.28 -16.68 91.13
CA PHE MA 283 -35.82 -18.00 90.72
C PHE MA 283 -34.43 -18.26 91.27
N ASP MA 284 -34.27 -19.40 91.93
CA ASP MA 284 -33.02 -19.78 92.57
C ASP MA 284 -32.58 -21.15 92.06
N PHE MA 285 -31.36 -21.22 91.55
CA PHE MA 285 -30.76 -22.48 91.18
C PHE MA 285 -29.32 -22.49 91.66
N ASN MA 286 -29.11 -22.05 92.89
CA ASN MA 286 -27.79 -21.91 93.48
C ASN MA 286 -27.44 -23.08 94.40
N ARG MA 287 -27.81 -24.29 94.01
CA ARG MA 287 -27.34 -25.50 94.66
C ARG MA 287 -26.86 -26.47 93.58
N PHE MA 288 -25.91 -27.32 93.94
CA PHE MA 288 -25.31 -28.18 92.94
C PHE MA 288 -26.26 -29.29 92.48
N HIS MA 289 -27.18 -29.72 93.33
CA HIS MA 289 -28.10 -30.78 92.95
C HIS MA 289 -29.26 -30.27 92.09
N CYS MA 290 -29.39 -28.95 91.91
CA CYS MA 290 -30.30 -28.44 90.89
C CYS MA 290 -29.80 -28.75 89.49
N HIS MA 291 -28.53 -29.11 89.35
CA HIS MA 291 -27.91 -29.31 88.05
C HIS MA 291 -27.30 -30.69 87.87
N PHE MA 292 -26.78 -31.31 88.93
CA PHE MA 292 -26.13 -32.60 88.84
C PHE MA 292 -27.01 -33.65 89.49
N SER MA 293 -27.23 -34.77 88.78
CA SER MA 293 -27.73 -35.95 89.44
C SER MA 293 -26.62 -36.52 90.31
N PRO MA 294 -26.96 -37.36 91.29
CA PRO MA 294 -25.89 -37.99 92.09
C PRO MA 294 -24.92 -38.79 91.25
N ARG MA 295 -25.38 -39.46 90.20
CA ARG MA 295 -24.48 -40.16 89.30
C ARG MA 295 -23.53 -39.20 88.59
N ASP MA 296 -24.04 -38.07 88.11
CA ASP MA 296 -23.20 -37.08 87.46
C ASP MA 296 -22.20 -36.47 88.44
N TRP MA 297 -22.63 -36.23 89.67
CA TRP MA 297 -21.73 -35.71 90.69
C TRP MA 297 -20.61 -36.70 90.97
N GLN MA 298 -20.95 -37.98 91.08
CA GLN MA 298 -19.92 -39.00 91.30
C GLN MA 298 -18.97 -39.07 90.12
N ARG MA 299 -19.50 -39.00 88.90
CA ARG MA 299 -18.66 -39.00 87.72
C ARG MA 299 -17.71 -37.81 87.70
N LEU MA 300 -18.19 -36.65 88.13
CA LEU MA 300 -17.33 -35.46 88.19
C LEU MA 300 -16.25 -35.61 89.23
N ILE MA 301 -16.63 -35.97 90.47
CA ILE MA 301 -15.69 -35.93 91.58
C ILE MA 301 -14.72 -37.10 91.58
N ASN MA 302 -15.05 -38.21 90.93
CA ASN MA 302 -14.14 -39.34 90.88
C ASN MA 302 -13.10 -39.21 89.78
N ASN MA 303 -13.25 -38.24 88.89
CA ASN MA 303 -12.42 -38.18 87.70
C ASN MA 303 -11.77 -36.83 87.46
N ASN MA 304 -12.20 -35.77 88.12
CA ASN MA 304 -11.69 -34.45 87.82
C ASN MA 304 -10.95 -33.87 89.02
N TRP MA 305 -9.84 -33.20 88.74
CA TRP MA 305 -9.11 -32.49 89.77
C TRP MA 305 -9.72 -31.14 90.08
N GLY MA 306 -10.51 -30.58 89.18
CA GLY MA 306 -11.16 -29.32 89.51
C GLY MA 306 -12.26 -29.02 88.53
N PHE MA 307 -13.08 -28.04 88.88
CA PHE MA 307 -14.13 -27.63 87.95
C PHE MA 307 -14.58 -26.20 88.25
N ARG MA 308 -15.23 -25.60 87.27
CA ARG MA 308 -15.76 -24.25 87.45
C ARG MA 308 -16.84 -24.00 86.42
N PRO MA 309 -17.73 -23.03 86.66
CA PRO MA 309 -18.76 -22.72 85.67
C PRO MA 309 -18.32 -21.70 84.63
N LYS MA 310 -18.68 -21.97 83.38
CA LYS MA 310 -18.38 -21.16 82.21
C LYS MA 310 -19.57 -20.33 81.76
N ARG MA 311 -20.73 -20.94 81.54
CA ARG MA 311 -21.83 -20.12 81.04
C ARG MA 311 -23.16 -20.74 81.42
N LEU MA 312 -24.23 -19.96 81.30
CA LEU MA 312 -25.55 -20.49 81.59
C LEU MA 312 -26.60 -19.85 80.69
N ASN MA 313 -27.65 -20.63 80.44
CA ASN MA 313 -28.86 -20.22 79.75
C ASN MA 313 -30.05 -20.47 80.66
N PHE MA 314 -30.97 -19.52 80.69
CA PHE MA 314 -32.17 -19.59 81.51
C PHE MA 314 -33.35 -19.42 80.59
N LYS MA 315 -34.35 -20.29 80.70
CA LYS MA 315 -35.56 -20.19 79.92
C LYS MA 315 -36.77 -20.39 80.80
N LEU MA 316 -37.82 -19.64 80.52
CA LEU MA 316 -39.09 -19.70 81.23
C LEU MA 316 -40.17 -19.87 80.18
N PHE MA 317 -40.94 -20.96 80.26
CA PHE MA 317 -41.83 -21.28 79.16
C PHE MA 317 -43.06 -22.01 79.69
N ASN MA 318 -44.07 -22.08 78.83
CA ASN MA 318 -45.34 -22.77 79.11
C ASN MA 318 -46.05 -22.16 80.31
N ILE MA 319 -46.27 -20.85 80.24
CA ILE MA 319 -46.91 -20.11 81.31
C ILE MA 319 -48.41 -20.41 81.30
N GLN MA 320 -48.97 -20.71 82.47
CA GLN MA 320 -50.40 -20.88 82.64
C GLN MA 320 -50.83 -20.09 83.86
N VAL MA 321 -51.67 -19.09 83.66
CA VAL MA 321 -52.26 -18.34 84.76
C VAL MA 321 -53.61 -18.96 85.10
N LYS MA 322 -53.83 -19.23 86.37
CA LYS MA 322 -55.04 -19.88 86.85
C LYS MA 322 -55.76 -18.95 87.83
N GLU MA 323 -57.05 -18.76 87.57
CA GLU MA 323 -57.95 -18.03 88.45
C GLU MA 323 -58.60 -18.97 89.46
N VAL MA 324 -58.67 -18.54 90.72
CA VAL MA 324 -59.20 -19.34 91.82
C VAL MA 324 -60.36 -18.60 92.46
N THR MA 325 -61.49 -19.30 92.62
CA THR MA 325 -62.65 -18.78 93.34
C THR MA 325 -63.08 -19.80 94.38
N THR MA 326 -63.17 -19.39 95.64
CA THR MA 326 -63.68 -20.26 96.70
C THR MA 326 -65.05 -19.75 97.13
N ASN MA 327 -66.07 -20.57 96.92
CA ASN MA 327 -67.44 -20.27 97.32
C ASN MA 327 -68.01 -21.42 98.13
N ASP MA 328 -68.59 -21.09 99.29
CA ASP MA 328 -69.23 -22.07 100.16
C ASP MA 328 -68.28 -23.21 100.53
N GLY MA 329 -66.98 -22.92 100.52
CA GLY MA 329 -65.96 -23.89 100.87
C GLY MA 329 -65.40 -24.69 99.71
N VAL MA 330 -66.02 -24.63 98.54
CA VAL MA 330 -65.54 -25.38 97.39
C VAL MA 330 -64.79 -24.43 96.47
N THR MA 331 -63.70 -24.94 95.89
CA THR MA 331 -62.74 -24.13 95.14
C THR MA 331 -62.81 -24.49 93.67
N THR MA 332 -62.98 -23.48 92.82
CA THR MA 332 -62.96 -23.61 91.38
C THR MA 332 -61.69 -22.97 90.84
N ILE MA 333 -61.01 -23.68 89.96
CA ILE MA 333 -59.83 -23.17 89.27
C ILE MA 333 -60.12 -23.16 87.78
N ALA MA 334 -59.88 -22.03 87.14
CA ALA MA 334 -60.07 -21.88 85.71
C ALA MA 334 -58.81 -21.30 85.09
N ASN MA 335 -58.74 -21.38 83.77
CA ASN MA 335 -57.64 -20.75 83.05
C ASN MA 335 -57.96 -19.29 82.79
N ASN MA 336 -56.97 -18.43 82.99
CA ASN MA 336 -57.07 -17.02 82.65
C ASN MA 336 -56.15 -16.79 81.47
N LEU MA 337 -56.71 -16.81 80.26
CA LEU MA 337 -55.90 -16.80 79.06
C LEU MA 337 -55.28 -15.45 78.76
N THR MA 338 -55.78 -14.37 79.36
CA THR MA 338 -55.32 -13.03 79.04
C THR MA 338 -54.49 -12.41 80.15
N SER MA 339 -54.15 -13.16 81.19
CA SER MA 339 -53.33 -12.63 82.27
C SER MA 339 -51.86 -12.80 81.97
N THR MA 340 -51.04 -12.00 82.65
CA THR MA 340 -49.61 -11.96 82.39
C THR MA 340 -48.82 -12.20 83.67
N VAL MA 341 -47.60 -12.70 83.48
CA VAL MA 341 -46.57 -12.69 84.51
C VAL MA 341 -45.47 -11.74 84.06
N GLN MA 342 -45.03 -10.88 84.96
CA GLN MA 342 -43.89 -10.00 84.71
C GLN MA 342 -42.61 -10.68 85.16
N VAL MA 343 -41.62 -10.71 84.28
CA VAL MA 343 -40.32 -11.31 84.57
C VAL MA 343 -39.24 -10.31 84.20
N PHE MA 344 -38.25 -10.16 85.06
CA PHE MA 344 -37.07 -9.40 84.65
C PHE MA 344 -35.84 -9.96 85.34
N SER MA 345 -34.70 -9.75 84.71
CA SER MA 345 -33.40 -10.13 85.24
C SER MA 345 -32.67 -8.89 85.70
N ASP MA 346 -32.13 -8.93 86.92
CA ASP MA 346 -31.44 -7.78 87.49
C ASP MA 346 -29.97 -7.83 87.07
N SER MA 347 -29.73 -7.55 85.81
CA SER MA 347 -28.42 -7.75 85.20
C SER MA 347 -27.39 -6.71 85.63
N GLU MA 348 -27.83 -5.57 86.14
CA GLU MA 348 -26.93 -4.52 86.60
C GLU MA 348 -26.73 -4.52 88.10
N TYR MA 349 -27.28 -5.51 88.81
CA TYR MA 349 -27.10 -5.67 90.25
C TYR MA 349 -27.49 -4.41 91.00
N GLN MA 350 -28.63 -3.85 90.63
CA GLN MA 350 -29.17 -2.66 91.26
C GLN MA 350 -30.05 -2.97 92.46
N LEU MA 351 -30.34 -4.21 92.69
CA LEU MA 351 -31.17 -4.69 93.78
C LEU MA 351 -30.31 -5.37 94.83
N PRO MA 352 -30.79 -5.46 96.07
CA PRO MA 352 -30.10 -6.29 97.06
C PRO MA 352 -30.07 -7.75 96.61
N TYR MA 353 -28.89 -8.35 96.71
CA TYR MA 353 -28.70 -9.72 96.26
C TYR MA 353 -28.98 -10.65 97.43
N VAL MA 354 -30.14 -11.32 97.40
CA VAL MA 354 -30.50 -12.23 98.48
C VAL MA 354 -30.11 -13.67 98.16
N LEU MA 355 -29.69 -13.95 96.93
CA LEU MA 355 -29.10 -15.24 96.65
C LEU MA 355 -27.74 -15.32 97.34
N GLY MA 356 -27.24 -16.53 97.50
CA GLY MA 356 -25.98 -16.68 98.17
C GLY MA 356 -26.06 -16.62 99.68
N SER MA 357 -27.26 -16.69 100.25
CA SER MA 357 -27.44 -16.80 101.68
C SER MA 357 -27.96 -18.18 102.09
N ALA MA 358 -27.94 -19.14 101.16
CA ALA MA 358 -28.33 -20.53 101.41
C ALA MA 358 -29.79 -20.65 101.83
N HIS MA 359 -30.67 -20.08 101.04
CA HIS MA 359 -32.09 -20.09 101.34
C HIS MA 359 -32.80 -21.23 100.62
N GLN MA 360 -33.94 -21.61 101.17
CA GLN MA 360 -34.82 -22.56 100.51
C GLN MA 360 -35.48 -21.92 99.30
N GLY MA 361 -36.01 -22.76 98.42
CA GLY MA 361 -36.70 -22.25 97.25
C GLY MA 361 -35.97 -22.50 95.95
N CYS MA 362 -34.86 -23.22 95.99
CA CYS MA 362 -34.16 -23.58 94.77
C CYS MA 362 -34.96 -24.61 93.99
N LEU MA 363 -34.52 -24.89 92.77
CA LEU MA 363 -35.07 -26.01 92.03
C LEU MA 363 -34.83 -27.30 92.82
N PRO MA 364 -35.83 -28.17 92.92
CA PRO MA 364 -35.65 -29.41 93.69
C PRO MA 364 -34.62 -30.30 93.04
N PRO MA 365 -33.94 -31.15 93.84
CA PRO MA 365 -32.95 -32.06 93.24
C PRO MA 365 -33.55 -33.05 92.27
N PHE MA 366 -34.75 -33.54 92.55
CA PHE MA 366 -35.39 -34.53 91.70
C PHE MA 366 -36.18 -33.84 90.59
N PRO MA 367 -35.93 -34.18 89.32
CA PRO MA 367 -36.60 -33.46 88.21
C PRO MA 367 -38.09 -33.63 88.18
N ALA MA 368 -38.65 -34.62 88.87
CA ALA MA 368 -40.09 -34.81 88.87
C ALA MA 368 -40.81 -33.93 89.87
N ASP MA 369 -40.10 -33.21 90.72
CA ASP MA 369 -40.72 -32.44 91.78
C ASP MA 369 -41.16 -31.07 91.28
N VAL MA 370 -42.32 -30.64 91.74
CA VAL MA 370 -42.89 -29.34 91.42
C VAL MA 370 -42.64 -28.42 92.61
N PHE MA 371 -42.10 -27.23 92.34
CA PHE MA 371 -41.67 -26.38 93.43
C PHE MA 371 -42.37 -25.03 93.40
N MET MA 372 -42.59 -24.49 94.59
CA MET MA 372 -43.17 -23.17 94.77
C MET MA 372 -42.07 -22.13 94.72
N ILE MA 373 -42.36 -21.00 94.10
CA ILE MA 373 -41.35 -19.95 93.94
C ILE MA 373 -41.30 -19.10 95.22
N PRO MA 374 -40.12 -18.89 95.79
CA PRO MA 374 -40.01 -18.13 97.04
C PRO MA 374 -40.23 -16.64 96.85
N GLN MA 375 -40.73 -16.01 97.91
CA GLN MA 375 -41.00 -14.58 97.87
C GLN MA 375 -39.73 -13.76 98.00
N TYR MA 376 -39.68 -12.63 97.31
CA TYR MA 376 -38.53 -11.74 97.40
C TYR MA 376 -38.73 -10.73 98.52
N GLY MA 377 -37.68 -10.54 99.30
CA GLY MA 377 -37.65 -9.52 100.33
C GLY MA 377 -36.21 -9.22 100.61
N TYR MA 378 -35.98 -8.04 101.18
CA TYR MA 378 -34.62 -7.64 101.48
C TYR MA 378 -34.59 -6.90 102.80
N LEU MA 379 -33.39 -6.75 103.33
CA LEU MA 379 -33.14 -5.97 104.53
C LEU MA 379 -32.31 -4.75 104.17
N THR MA 380 -32.50 -3.69 104.93
CA THR MA 380 -31.73 -2.46 104.74
C THR MA 380 -31.14 -2.05 106.08
N LEU MA 381 -30.44 -0.93 106.08
CA LEU MA 381 -29.81 -0.44 107.29
C LEU MA 381 -30.84 -0.25 108.39
N ASN MA 382 -30.52 -0.72 109.59
CA ASN MA 382 -31.43 -0.60 110.72
C ASN MA 382 -30.68 -0.15 111.96
N ASN MA 383 -31.38 0.60 112.79
CA ASN MA 383 -30.90 1.03 114.10
C ASN MA 383 -31.86 0.42 115.12
N GLY MA 384 -31.60 -0.81 115.50
CA GLY MA 384 -32.58 -1.56 116.26
C GLY MA 384 -33.66 -2.06 115.32
N SER MA 385 -34.91 -1.83 115.68
CA SER MA 385 -36.02 -2.12 114.79
C SER MA 385 -36.40 -0.95 113.91
N GLN MA 386 -35.65 0.14 113.98
CA GLN MA 386 -35.94 1.35 113.21
C GLN MA 386 -35.03 1.43 111.99
N ALA MA 387 -35.37 2.36 111.10
CA ALA MA 387 -34.58 2.63 109.92
C ALA MA 387 -33.67 3.82 110.17
N VAL MA 388 -32.88 4.18 109.16
CA VAL MA 388 -32.06 5.38 109.18
C VAL MA 388 -32.31 6.14 107.88
N GLY MA 389 -31.62 7.27 107.73
CA GLY MA 389 -31.78 8.05 106.52
C GLY MA 389 -31.25 7.35 105.29
N ARG MA 390 -30.19 6.57 105.44
CA ARG MA 390 -29.56 5.87 104.33
C ARG MA 390 -30.17 4.51 104.07
N SER MA 391 -31.23 4.15 104.81
CA SER MA 391 -31.97 2.94 104.50
C SER MA 391 -32.64 3.10 103.15
N SER MA 392 -32.47 2.11 102.28
CA SER MA 392 -32.98 2.17 100.93
C SER MA 392 -34.31 1.43 100.81
N PHE MA 393 -35.10 1.88 99.85
CA PHE MA 393 -36.32 1.21 99.45
C PHE MA 393 -36.27 1.02 97.96
N TYR MA 394 -36.67 -0.16 97.49
CA TYR MA 394 -36.63 -0.50 96.08
C TYR MA 394 -38.01 -0.94 95.65
N CYS MA 395 -38.61 -0.20 94.73
CA CYS MA 395 -39.78 -0.68 94.01
C CYS MA 395 -39.30 -1.51 92.83
N LEU MA 396 -39.71 -2.76 92.78
CA LEU MA 396 -39.32 -3.62 91.67
C LEU MA 396 -40.15 -3.39 90.43
N GLU MA 397 -41.27 -2.68 90.54
CA GLU MA 397 -42.00 -2.23 89.37
C GLU MA 397 -41.31 -1.06 88.69
N TYR MA 398 -40.30 -0.48 89.30
CA TYR MA 398 -39.49 0.57 88.73
C TYR MA 398 -38.41 0.02 87.81
N PHE MA 399 -38.55 -1.21 87.35
CA PHE MA 399 -37.67 -1.85 86.40
C PHE MA 399 -38.44 -2.17 85.12
N PRO MA 400 -37.76 -2.24 83.98
CA PRO MA 400 -38.39 -2.80 82.79
C PRO MA 400 -38.58 -4.30 82.93
N SER MA 401 -39.82 -4.75 82.78
CA SER MA 401 -40.17 -6.16 82.88
C SER MA 401 -40.72 -6.63 81.54
N GLN MA 402 -40.53 -7.90 81.24
CA GLN MA 402 -41.20 -8.53 80.12
C GLN MA 402 -42.50 -9.13 80.64
N MET MA 403 -43.61 -8.80 79.99
CA MET MA 403 -44.92 -9.33 80.33
C MET MA 403 -45.20 -10.53 79.45
N LEU MA 404 -45.52 -11.65 80.07
CA LEU MA 404 -45.69 -12.93 79.39
C LEU MA 404 -47.12 -13.38 79.54
N ARG MA 405 -47.80 -13.56 78.42
CA ARG MA 405 -49.07 -14.27 78.41
C ARG MA 405 -48.80 -15.75 78.19
N THR MA 406 -49.85 -16.55 78.01
CA THR MA 406 -49.67 -17.99 78.01
C THR MA 406 -48.90 -18.50 76.79
N GLY MA 407 -48.72 -17.69 75.76
CA GLY MA 407 -47.99 -18.11 74.59
C GLY MA 407 -46.56 -17.61 74.51
N ASN MA 408 -46.14 -16.84 75.51
CA ASN MA 408 -44.83 -16.21 75.51
C ASN MA 408 -43.84 -16.99 76.35
N ASN MA 409 -42.56 -16.80 76.05
CA ASN MA 409 -41.47 -17.35 76.85
C ASN MA 409 -40.43 -16.25 77.11
N PHE MA 410 -39.49 -16.58 77.98
CA PHE MA 410 -38.46 -15.66 78.44
C PHE MA 410 -37.12 -16.37 78.38
N THR MA 411 -36.12 -15.73 77.79
CA THR MA 411 -34.79 -16.32 77.71
C THR MA 411 -33.77 -15.33 78.23
N PHE MA 412 -32.64 -15.87 78.72
CA PHE MA 412 -31.60 -15.02 79.26
C PHE MA 412 -30.30 -15.80 79.29
N SER MA 413 -29.23 -15.21 78.77
CA SER MA 413 -27.91 -15.83 78.77
C SER MA 413 -26.97 -15.08 79.69
N TYR MA 414 -26.01 -15.81 80.25
CA TYR MA 414 -25.05 -15.21 81.16
C TYR MA 414 -23.72 -15.93 81.02
N THR MA 415 -22.63 -15.18 81.08
CA THR MA 415 -21.28 -15.72 81.05
C THR MA 415 -20.61 -15.48 82.39
N PHE MA 416 -20.05 -16.53 82.97
CA PHE MA 416 -19.31 -16.39 84.21
C PHE MA 416 -17.97 -15.72 83.95
N GLU MA 417 -17.53 -14.94 84.92
CA GLU MA 417 -16.17 -14.40 84.91
C GLU MA 417 -15.18 -15.53 85.14
N GLU MA 418 -13.92 -15.26 84.83
CA GLU MA 418 -12.86 -16.25 85.00
C GLU MA 418 -12.60 -16.40 86.49
N VAL MA 419 -13.20 -17.43 87.08
CA VAL MA 419 -13.06 -17.75 88.50
C VAL MA 419 -12.07 -18.91 88.58
N PRO MA 420 -11.32 -19.07 89.67
CA PRO MA 420 -10.45 -20.25 89.78
C PRO MA 420 -11.25 -21.53 89.89
N PHE MA 421 -10.64 -22.61 89.40
CA PHE MA 421 -11.23 -23.93 89.55
C PHE MA 421 -11.41 -24.27 91.01
N HIS MA 422 -12.56 -24.82 91.36
CA HIS MA 422 -12.68 -25.48 92.66
C HIS MA 422 -11.88 -26.76 92.64
N SER MA 423 -11.24 -27.05 93.77
CA SER MA 423 -10.32 -28.16 93.95
C SER MA 423 -11.09 -29.42 94.35
N SER MA 424 -11.24 -30.34 93.41
CA SER MA 424 -11.86 -31.64 93.69
C SER MA 424 -10.84 -32.67 94.14
N TYR MA 425 -9.76 -32.24 94.78
CA TYR MA 425 -8.70 -33.12 95.20
C TYR MA 425 -8.37 -32.89 96.66
N ALA MA 426 -7.81 -33.92 97.28
CA ALA MA 426 -7.08 -33.82 98.52
C ALA MA 426 -5.58 -33.84 98.21
N HIS MA 427 -4.79 -33.54 99.23
CA HIS MA 427 -3.34 -33.55 99.10
C HIS MA 427 -2.79 -34.86 99.65
N SER MA 428 -1.86 -35.46 98.89
CA SER MA 428 -1.20 -36.69 99.31
C SER MA 428 -0.09 -36.44 100.31
N GLN MA 429 0.31 -35.20 100.51
CA GLN MA 429 1.35 -34.85 101.46
C GLN MA 429 0.81 -33.84 102.45
N SER MA 430 1.39 -33.82 103.63
CA SER MA 430 1.10 -32.81 104.63
C SER MA 430 2.13 -31.69 104.53
N LEU MA 431 1.72 -30.50 104.97
CA LEU MA 431 2.58 -29.33 104.82
C LEU MA 431 3.85 -29.42 105.66
N ASP MA 432 3.77 -30.08 106.80
CA ASP MA 432 4.94 -30.27 107.66
C ASP MA 432 5.71 -31.53 107.33
N ARG MA 433 5.46 -32.14 106.18
CA ARG MA 433 6.10 -33.38 105.75
C ARG MA 433 6.49 -33.29 104.29
N LEU MA 434 7.07 -32.16 103.89
CA LEU MA 434 7.41 -31.92 102.50
C LEU MA 434 8.88 -32.18 102.21
N MET MA 435 9.61 -32.76 103.15
CA MET MA 435 11.05 -32.94 103.04
C MET MA 435 11.39 -34.32 102.49
N ASN MA 436 12.64 -34.45 102.08
CA ASN MA 436 13.21 -35.76 101.80
C ASN MA 436 13.46 -36.47 103.12
N PRO MA 437 12.86 -37.64 103.36
CA PRO MA 437 13.06 -38.34 104.63
C PRO MA 437 14.38 -39.09 104.75
N LEU MA 438 15.27 -38.99 103.76
CA LEU MA 438 16.54 -39.69 103.80
C LEU MA 438 17.74 -38.77 103.98
N ILE MA 439 17.63 -37.52 103.56
CA ILE MA 439 18.76 -36.61 103.52
C ILE MA 439 18.63 -35.61 104.67
N ASP MA 440 19.75 -35.24 105.25
CA ASP MA 440 19.78 -34.20 106.26
C ASP MA 440 19.68 -32.83 105.61
N GLN MA 441 19.58 -31.81 106.44
CA GLN MA 441 19.59 -30.43 105.98
C GLN MA 441 20.97 -29.84 106.15
N TYR MA 442 21.21 -28.71 105.50
CA TYR MA 442 22.41 -27.93 105.76
C TYR MA 442 22.14 -26.78 106.72
N LEU MA 443 20.94 -26.70 107.27
CA LEU MA 443 20.55 -25.66 108.21
C LEU MA 443 20.57 -26.22 109.63
N TYR MA 444 21.08 -25.41 110.56
CA TYR MA 444 21.16 -25.81 111.96
C TYR MA 444 20.10 -25.07 112.76
N TYR MA 445 19.74 -25.66 113.89
CA TYR MA 445 18.80 -25.06 114.81
C TYR MA 445 19.32 -25.24 116.22
N LEU MA 446 18.89 -24.37 117.11
CA LEU MA 446 19.25 -24.50 118.52
C LEU MA 446 18.50 -25.69 119.12
N ASN MA 447 19.23 -26.69 119.57
CA ASN MA 447 18.64 -27.93 120.06
C ASN MA 447 18.61 -28.01 121.58
N ARG MA 448 19.68 -27.60 122.25
CA ARG MA 448 19.77 -27.63 123.69
C ARG MA 448 20.25 -26.28 124.19
N THR MA 449 19.67 -25.80 125.28
CA THR MA 449 20.23 -24.71 126.05
C THR MA 449 20.76 -25.16 127.40
N GLN MA 450 20.85 -26.47 127.62
CA GLN MA 450 21.46 -27.04 128.81
C GLN MA 450 22.39 -28.16 128.39
N ASN MA 451 23.28 -28.55 129.29
CA ASN MA 451 24.23 -29.62 128.99
C ASN MA 451 23.51 -30.94 128.84
N GLN MA 452 23.90 -31.71 127.83
CA GLN MA 452 23.25 -32.98 127.53
C GLN MA 452 23.62 -34.08 128.52
N SER MA 453 24.82 -34.00 129.13
CA SER MA 453 25.28 -35.08 130.00
C SER MA 453 24.38 -35.29 131.20
N GLY MA 454 23.98 -34.20 131.86
CA GLY MA 454 23.08 -34.29 132.98
C GLY MA 454 23.73 -34.45 134.34
N SER MA 455 25.01 -34.79 134.39
CA SER MA 455 25.70 -34.88 135.68
C SER MA 455 25.73 -33.52 136.36
N ALA MA 456 25.98 -32.47 135.59
CA ALA MA 456 25.76 -31.10 136.01
C ALA MA 456 24.55 -30.54 135.25
N GLN MA 457 24.04 -29.41 135.72
CA GLN MA 457 22.88 -28.76 135.14
C GLN MA 457 23.23 -27.40 134.54
N ASN MA 458 24.35 -27.33 133.83
CA ASN MA 458 24.83 -26.07 133.30
C ASN MA 458 24.14 -25.72 131.99
N LYS MA 459 24.07 -24.43 131.71
CA LYS MA 459 23.51 -23.97 130.45
C LYS MA 459 24.52 -24.16 129.33
N ASP MA 460 24.03 -24.04 128.10
CA ASP MA 460 24.89 -24.17 126.93
C ASP MA 460 24.14 -23.63 125.71
N LEU MA 461 24.79 -23.73 124.55
CA LEU MA 461 24.17 -23.39 123.27
C LEU MA 461 24.61 -24.46 122.29
N LEU MA 462 23.80 -25.51 122.18
CA LEU MA 462 24.11 -26.67 121.35
C LEU MA 462 23.20 -26.68 120.14
N PHE MA 463 23.78 -26.81 118.96
CA PHE MA 463 23.05 -26.72 117.70
C PHE MA 463 23.08 -28.06 116.99
N SER MA 464 21.95 -28.45 116.43
CA SER MA 464 21.83 -29.70 115.69
C SER MA 464 21.47 -29.40 114.25
N ARG MA 465 21.78 -30.37 113.39
CA ARG MA 465 21.44 -30.29 111.99
C ARG MA 465 20.05 -30.88 111.75
N GLY MA 466 19.31 -30.25 110.84
CA GLY MA 466 18.01 -30.76 110.45
C GLY MA 466 18.10 -32.16 109.88
N SER MA 467 17.49 -33.12 110.56
CA SER MA 467 17.62 -34.53 110.22
C SER MA 467 16.25 -35.17 110.14
N PRO MA 468 16.12 -36.29 109.41
CA PRO MA 468 14.84 -37.00 109.37
C PRO MA 468 14.41 -37.58 110.71
N ALA MA 469 15.32 -37.71 111.67
CA ALA MA 469 14.93 -38.17 113.01
C ALA MA 469 13.98 -37.17 113.66
N GLY MA 470 14.34 -35.90 113.69
CA GLY MA 470 13.43 -34.88 114.15
C GLY MA 470 12.91 -34.03 113.03
N MET MA 471 11.68 -34.31 112.59
CA MET MA 471 11.07 -33.57 111.50
C MET MA 471 10.28 -32.38 111.98
N SER MA 472 9.92 -32.35 113.27
CA SER MA 472 9.16 -31.25 113.82
C SER MA 472 10.00 -30.00 114.02
N VAL MA 473 11.32 -30.14 114.14
CA VAL MA 473 12.21 -29.01 114.40
C VAL MA 473 12.98 -28.57 113.18
N GLN MA 474 12.76 -29.21 112.04
CA GLN MA 474 13.43 -28.80 110.82
C GLN MA 474 12.92 -27.44 110.36
N PRO MA 475 13.81 -26.55 109.92
CA PRO MA 475 13.34 -25.34 109.24
C PRO MA 475 12.48 -25.68 108.04
N LYS MA 476 11.42 -24.90 107.83
CA LYS MA 476 10.48 -25.13 106.75
C LYS MA 476 10.19 -23.82 106.04
N ASN MA 477 9.52 -23.91 104.90
CA ASN MA 477 9.33 -22.77 104.03
C ASN MA 477 7.94 -22.15 104.12
N TRP MA 478 6.95 -22.87 104.63
CA TRP MA 478 5.57 -22.43 104.58
C TRP MA 478 4.90 -22.63 105.93
N LEU MA 479 3.73 -22.01 106.08
CA LEU MA 479 2.93 -22.03 107.29
C LEU MA 479 1.52 -22.51 106.99
N PRO MA 480 0.85 -23.14 107.94
CA PRO MA 480 -0.56 -23.48 107.74
C PRO MA 480 -1.42 -22.24 107.71
N GLY MA 481 -2.59 -22.37 107.06
CA GLY MA 481 -3.50 -21.28 106.87
C GLY MA 481 -3.98 -20.64 108.15
N PRO MA 482 -4.74 -19.56 108.03
CA PRO MA 482 -5.23 -18.86 109.21
C PRO MA 482 -6.29 -19.65 109.94
N CYS MA 483 -6.47 -19.31 111.21
CA CYS MA 483 -7.42 -20.04 112.05
C CYS MA 483 -8.23 -19.06 112.88
N TYR MA 484 -9.41 -19.50 113.29
CA TYR MA 484 -10.26 -18.78 114.24
C TYR MA 484 -10.99 -19.83 115.08
N ARG MA 485 -10.43 -20.14 116.24
CA ARG MA 485 -10.79 -21.35 116.96
C ARG MA 485 -12.28 -21.42 117.28
N GLN MA 486 -12.84 -22.62 117.14
CA GLN MA 486 -14.22 -22.93 117.47
C GLN MA 486 -14.27 -23.82 118.69
N GLN MA 487 -15.46 -23.95 119.26
CA GLN MA 487 -15.67 -24.84 120.40
C GLN MA 487 -15.91 -26.25 119.91
N ARG MA 488 -15.40 -27.22 120.66
CA ARG MA 488 -15.42 -28.62 120.26
C ARG MA 488 -16.64 -29.30 120.88
N VAL MA 489 -17.51 -29.81 120.03
CA VAL MA 489 -18.72 -30.51 120.46
C VAL MA 489 -18.60 -31.96 120.02
N SER MA 490 -18.94 -32.86 120.93
CA SER MA 490 -18.92 -34.30 120.63
C SER MA 490 -20.26 -34.74 120.08
N LYS MA 491 -20.23 -35.55 119.03
CA LYS MA 491 -21.44 -36.15 118.51
C LYS MA 491 -22.08 -37.12 119.49
N THR MA 492 -21.31 -37.61 120.47
CA THR MA 492 -21.84 -38.38 121.58
C THR MA 492 -22.17 -37.41 122.71
N LYS MA 493 -23.46 -37.22 122.98
CA LYS MA 493 -23.90 -36.12 123.82
C LYS MA 493 -23.44 -36.25 125.26
N THR MA 494 -23.10 -37.44 125.73
CA THR MA 494 -22.69 -37.59 127.14
C THR MA 494 -21.35 -36.95 127.44
N ASP MA 495 -20.49 -36.74 126.44
CA ASP MA 495 -19.19 -36.14 126.68
C ASP MA 495 -19.22 -34.62 126.60
N ASN MA 496 -20.37 -34.02 126.35
CA ASN MA 496 -20.48 -32.57 126.30
C ASN MA 496 -20.83 -32.01 127.66
N ASN MA 497 -20.43 -30.77 127.89
CA ASN MA 497 -20.70 -30.11 129.15
C ASN MA 497 -22.21 -29.94 129.35
N ASN MA 498 -22.63 -30.02 130.60
CA ASN MA 498 -24.06 -29.89 130.94
C ASN MA 498 -24.43 -28.42 131.05
N SER MA 499 -24.55 -27.78 129.89
CA SER MA 499 -25.01 -26.40 129.78
C SER MA 499 -25.39 -26.17 128.33
N ASN MA 500 -25.96 -25.01 128.05
CA ASN MA 500 -26.34 -24.71 126.68
C ASN MA 500 -25.13 -24.31 125.85
N PHE MA 501 -24.52 -23.17 126.19
CA PHE MA 501 -23.22 -22.72 125.65
C PHE MA 501 -23.17 -22.71 124.12
N THR MA 502 -24.31 -22.84 123.45
CA THR MA 502 -24.34 -22.65 122.01
C THR MA 502 -24.28 -21.19 121.61
N TRP MA 503 -24.59 -20.30 122.52
CA TRP MA 503 -24.42 -18.87 122.28
C TRP MA 503 -23.37 -18.24 123.17
N THR MA 504 -23.31 -18.63 124.44
CA THR MA 504 -22.33 -18.03 125.33
C THR MA 504 -20.91 -18.52 125.07
N GLY MA 505 -20.76 -19.75 124.58
CA GLY MA 505 -19.44 -20.31 124.39
C GLY MA 505 -19.03 -20.41 122.94
N ALA MA 506 -19.62 -19.59 122.08
CA ALA MA 506 -19.43 -19.72 120.65
C ALA MA 506 -18.60 -18.56 120.09
N SER MA 507 -17.86 -18.86 119.02
CA SER MA 507 -17.10 -17.85 118.31
C SER MA 507 -18.05 -16.95 117.53
N LYS MA 508 -18.03 -15.66 117.82
CA LYS MA 508 -18.93 -14.74 117.16
C LYS MA 508 -18.18 -13.43 116.94
N TYR MA 509 -18.71 -12.62 116.03
CA TYR MA 509 -18.10 -11.33 115.72
C TYR MA 509 -19.05 -10.19 116.06
N ASN MA 510 -18.45 -9.05 116.34
CA ASN MA 510 -19.17 -7.85 116.76
C ASN MA 510 -19.25 -6.90 115.56
N LEU MA 511 -20.46 -6.46 115.23
CA LEU MA 511 -20.65 -5.52 114.12
C LEU MA 511 -21.76 -4.55 114.48
N ASN MA 512 -21.40 -3.28 114.66
CA ASN MA 512 -22.34 -2.22 115.00
C ASN MA 512 -23.08 -2.53 116.29
N GLY MA 513 -22.39 -3.18 117.22
CA GLY MA 513 -22.94 -3.43 118.54
C GLY MA 513 -23.73 -4.71 118.69
N ARG MA 514 -23.97 -5.46 117.62
CA ARG MA 514 -24.69 -6.72 117.73
C ARG MA 514 -23.83 -7.87 117.22
N GLU MA 515 -23.90 -8.97 117.93
CA GLU MA 515 -23.04 -10.13 117.72
C GLU MA 515 -23.66 -11.09 116.72
N SER MA 516 -22.80 -11.75 115.95
CA SER MA 516 -23.24 -12.71 114.95
C SER MA 516 -22.32 -13.91 115.01
N ILE MA 517 -22.91 -15.11 115.05
CA ILE MA 517 -22.12 -16.33 115.05
C ILE MA 517 -21.35 -16.40 113.74
N ILE MA 518 -20.11 -16.89 113.81
CA ILE MA 518 -19.27 -16.95 112.62
C ILE MA 518 -19.90 -17.90 111.60
N ASN MA 519 -19.96 -19.20 111.91
CA ASN MA 519 -20.80 -20.15 111.17
C ASN MA 519 -20.71 -20.06 109.65
N PRO MA 520 -19.70 -20.66 109.00
CA PRO MA 520 -18.67 -21.54 109.56
C PRO MA 520 -17.29 -20.90 109.61
N GLY MA 521 -17.14 -19.75 108.98
CA GLY MA 521 -15.90 -19.02 109.08
C GLY MA 521 -14.77 -19.66 108.32
N THR MA 522 -13.58 -19.60 108.92
CA THR MA 522 -12.36 -20.04 108.26
C THR MA 522 -12.45 -21.52 107.91
N ALA MA 523 -11.88 -21.88 106.76
CA ALA MA 523 -11.87 -23.26 106.31
C ALA MA 523 -10.81 -24.01 107.10
N MET MA 524 -11.25 -24.81 108.06
CA MET MA 524 -10.36 -25.56 108.92
C MET MA 524 -10.82 -27.01 109.00
N ALA MA 525 -9.91 -27.88 109.39
CA ALA MA 525 -10.25 -29.29 109.57
C ALA MA 525 -11.24 -29.46 110.72
N SER MA 526 -12.24 -30.31 110.50
CA SER MA 526 -13.26 -30.53 111.51
C SER MA 526 -12.69 -31.15 112.78
N HIS MA 527 -11.76 -32.08 112.64
CA HIS MA 527 -11.19 -32.79 113.79
C HIS MA 527 -9.80 -33.27 113.40
N LYS MA 528 -9.14 -33.94 114.35
CA LYS MA 528 -7.86 -34.56 114.12
C LYS MA 528 -8.05 -36.00 113.63
N ASP MA 529 -6.95 -36.74 113.58
CA ASP MA 529 -7.04 -38.17 113.31
C ASP MA 529 -7.61 -38.90 114.51
N ASP MA 530 -8.45 -39.90 114.23
CA ASP MA 530 -9.06 -40.75 115.27
C ASP MA 530 -9.92 -39.94 116.22
N GLU MA 531 -10.54 -38.87 115.71
CA GLU MA 531 -11.35 -37.98 116.54
C GLU MA 531 -12.62 -37.59 115.79
N ASP MA 532 -13.18 -38.51 115.02
CA ASP MA 532 -14.36 -38.22 114.21
C ASP MA 532 -15.60 -37.92 115.05
N LYS MA 533 -15.57 -38.22 116.35
CA LYS MA 533 -16.68 -37.95 117.24
C LYS MA 533 -16.85 -36.48 117.59
N PHE MA 534 -15.89 -35.64 117.22
CA PHE MA 534 -15.92 -34.22 117.55
C PHE MA 534 -16.11 -33.39 116.29
N PHE MA 535 -16.86 -32.30 116.42
CA PHE MA 535 -16.99 -31.32 115.35
C PHE MA 535 -16.98 -29.93 115.97
N PRO MA 536 -16.52 -28.92 115.23
CA PRO MA 536 -16.61 -27.55 115.73
C PRO MA 536 -18.07 -27.12 115.84
N MET MA 537 -18.35 -26.32 116.87
CA MET MA 537 -19.74 -26.04 117.21
C MET MA 537 -20.48 -25.34 116.08
N SER MA 538 -19.82 -24.40 115.41
CA SER MA 538 -20.40 -23.72 114.26
C SER MA 538 -19.38 -23.62 113.13
N GLY MA 539 -18.67 -24.72 112.89
CA GLY MA 539 -17.63 -24.70 111.88
C GLY MA 539 -17.90 -25.63 110.73
N VAL MA 540 -19.05 -26.27 110.73
CA VAL MA 540 -19.38 -27.30 109.74
C VAL MA 540 -20.70 -26.95 109.09
N MET MA 541 -20.84 -27.34 107.83
CA MET MA 541 -22.11 -27.22 107.13
C MET MA 541 -22.99 -28.39 107.50
N ILE MA 542 -24.18 -28.11 108.01
CA ILE MA 542 -25.12 -29.13 108.48
C ILE MA 542 -26.33 -29.10 107.58
N PHE MA 543 -26.58 -30.21 106.88
CA PHE MA 543 -27.76 -30.36 106.05
C PHE MA 543 -28.79 -31.20 106.79
N GLY MA 544 -30.05 -30.82 106.67
CA GLY MA 544 -31.11 -31.58 107.28
C GLY MA 544 -31.62 -32.66 106.34
N LYS MA 545 -31.90 -33.83 106.90
CA LYS MA 545 -32.56 -34.86 106.13
C LYS MA 545 -34.04 -34.54 105.99
N GLU MA 546 -34.70 -35.22 105.07
CA GLU MA 546 -36.15 -35.11 105.02
C GLU MA 546 -36.74 -35.67 106.30
N SER MA 547 -37.86 -35.07 106.73
CA SER MA 547 -38.42 -35.31 108.05
C SER MA 547 -37.50 -34.79 109.15
N ALA MA 548 -36.92 -33.62 108.93
CA ALA MA 548 -36.21 -32.88 109.97
C ALA MA 548 -37.01 -31.63 110.29
N GLY MA 549 -37.24 -31.39 111.57
CA GLY MA 549 -38.00 -30.22 111.98
C GLY MA 549 -37.25 -28.94 111.73
N ALA MA 550 -37.98 -27.83 111.84
CA ALA MA 550 -37.37 -26.53 111.65
C ALA MA 550 -36.53 -26.12 112.86
N SER MA 551 -36.96 -26.50 114.06
CA SER MA 551 -36.29 -26.07 115.28
C SER MA 551 -36.07 -27.25 116.20
N ASN MA 552 -34.88 -27.31 116.78
CA ASN MA 552 -34.51 -28.31 117.79
C ASN MA 552 -34.74 -29.74 117.29
N THR MA 553 -34.37 -29.99 116.04
CA THR MA 553 -34.40 -31.34 115.53
C THR MA 553 -33.23 -32.13 116.07
N ALA MA 554 -33.14 -33.40 115.68
CA ALA MA 554 -32.17 -34.30 116.28
C ALA MA 554 -30.95 -34.52 115.41
N LEU MA 555 -29.86 -34.92 116.07
CA LEU MA 555 -28.64 -35.30 115.38
C LEU MA 555 -28.91 -36.40 114.38
N ASP MA 556 -29.90 -37.24 114.65
CA ASP MA 556 -30.29 -38.28 113.71
C ASP MA 556 -30.97 -37.68 112.48
N ASN MA 557 -31.56 -36.50 112.63
CA ASN MA 557 -32.26 -35.87 111.51
C ASN MA 557 -31.38 -34.91 110.74
N VAL MA 558 -30.19 -34.58 111.23
CA VAL MA 558 -29.29 -33.73 110.48
C VAL MA 558 -28.09 -34.53 109.98
N MET MA 559 -27.46 -34.02 108.93
CA MET MA 559 -26.22 -34.58 108.38
C MET MA 559 -25.11 -33.57 108.53
N ILE MA 560 -24.12 -33.90 109.36
CA ILE MA 560 -22.98 -33.02 109.61
C ILE MA 560 -21.88 -33.35 108.62
N THR MA 561 -21.36 -32.32 107.94
CA THR MA 561 -20.28 -32.55 107.01
C THR MA 561 -18.95 -32.67 107.74
N ASP MA 562 -17.94 -33.10 107.01
CA ASP MA 562 -16.59 -33.26 107.54
C ASP MA 562 -15.60 -32.62 106.59
N GLU MA 563 -14.61 -31.95 107.14
CA GLU MA 563 -13.54 -31.33 106.37
C GLU MA 563 -12.20 -32.03 106.65
N GLU MA 564 -12.23 -33.35 106.65
CA GLU MA 564 -11.07 -34.12 107.07
C GLU MA 564 -9.96 -34.10 106.02
N GLU MA 565 -10.28 -33.73 104.79
CA GLU MA 565 -9.30 -33.83 103.71
C GLU MA 565 -8.32 -32.67 103.70
N ILE MA 566 -8.61 -31.59 104.42
CA ILE MA 566 -7.76 -30.41 104.38
C ILE MA 566 -6.90 -30.31 105.64
N LYS MA 567 -6.71 -31.41 106.35
CA LYS MA 567 -5.77 -31.45 107.46
C LYS MA 567 -4.33 -31.26 106.99
N ALA MA 568 -4.06 -31.48 105.70
CA ALA MA 568 -2.71 -31.39 105.20
C ALA MA 568 -2.18 -29.96 105.22
N THR MA 569 -3.06 -28.98 105.10
CA THR MA 569 -2.65 -27.58 105.02
C THR MA 569 -3.36 -26.66 105.99
N ASN MA 570 -4.51 -27.05 106.54
CA ASN MA 570 -5.31 -26.17 107.37
C ASN MA 570 -5.27 -26.60 108.83
N PRO MA 571 -5.30 -25.67 109.76
CA PRO MA 571 -5.36 -26.03 111.17
C PRO MA 571 -6.70 -26.68 111.50
N VAL MA 572 -6.69 -27.51 112.55
CA VAL MA 572 -7.93 -28.10 113.03
C VAL MA 572 -8.78 -27.03 113.69
N ALA MA 573 -10.08 -27.04 113.38
CA ALA MA 573 -10.96 -25.94 113.76
C ALA MA 573 -11.09 -25.77 115.26
N THR MA 574 -10.94 -26.83 116.04
CA THR MA 574 -11.19 -26.79 117.47
C THR MA 574 -9.93 -26.61 118.30
N GLU MA 575 -8.77 -26.47 117.67
CA GLU MA 575 -7.51 -26.33 118.38
C GLU MA 575 -6.77 -25.08 117.97
N ARG MA 576 -5.81 -24.69 118.81
CA ARG MA 576 -5.08 -23.46 118.59
C ARG MA 576 -4.24 -23.53 117.32
N PHE MA 577 -3.95 -22.37 116.76
CA PHE MA 577 -3.00 -22.30 115.66
C PHE MA 577 -1.63 -22.75 116.12
N GLY MA 578 -1.22 -22.35 117.32
CA GLY MA 578 0.07 -22.71 117.85
C GLY MA 578 0.35 -21.91 119.09
N THR MA 579 1.63 -21.90 119.47
CA THR MA 579 2.09 -21.13 120.63
C THR MA 579 3.02 -20.02 120.16
N VAL MA 580 3.13 -19.00 121.01
CA VAL MA 580 3.96 -17.84 120.73
C VAL MA 580 4.67 -17.45 122.01
N ALA MA 581 5.90 -16.95 121.87
CA ALA MA 581 6.62 -16.44 123.02
C ALA MA 581 5.96 -15.15 123.50
N VAL MA 582 5.89 -14.97 124.82
CA VAL MA 582 5.19 -13.84 125.40
C VAL MA 582 6.05 -13.03 126.37
N ASN MA 583 7.32 -13.39 126.55
CA ASN MA 583 8.17 -12.66 127.47
C ASN MA 583 9.62 -12.79 127.01
N PHE MA 584 10.54 -12.28 127.82
CA PHE MA 584 11.97 -12.45 127.62
C PHE MA 584 12.50 -13.40 128.68
N GLN MA 585 13.09 -14.50 128.25
CA GLN MA 585 13.75 -15.39 129.19
C GLN MA 585 15.10 -14.81 129.59
N SER MA 586 15.46 -15.02 130.86
CA SER MA 586 16.73 -14.51 131.36
C SER MA 586 17.14 -15.34 132.56
N SER MA 587 18.41 -15.23 132.92
CA SER MA 587 18.95 -15.88 134.10
C SER MA 587 19.03 -14.90 135.25
N SER MA 588 19.15 -15.43 136.46
CA SER MA 588 19.29 -14.60 137.65
C SER MA 588 20.64 -13.90 137.66
N THR MA 589 20.65 -12.69 138.22
CA THR MA 589 21.87 -11.90 138.31
C THR MA 589 21.99 -11.22 139.67
N VAL MA 592 20.30 -8.30 138.80
CA VAL MA 592 18.86 -8.51 138.73
C VAL MA 592 18.52 -9.94 139.15
N PRO MA 593 18.42 -10.17 140.45
CA PRO MA 593 18.21 -11.54 140.94
C PRO MA 593 16.77 -12.00 140.82
N PHE MA 594 16.14 -11.71 139.68
CA PHE MA 594 14.77 -12.15 139.40
C PHE MA 594 14.83 -12.94 138.08
N LYS MA 595 15.08 -14.24 138.20
CA LYS MA 595 15.11 -15.11 137.04
C LYS MA 595 13.76 -15.16 136.35
N THR MA 596 13.78 -15.09 135.02
CA THR MA 596 12.55 -15.11 134.21
C THR MA 596 12.55 -16.37 133.36
N ASP MA 597 11.63 -17.27 133.66
CA ASP MA 597 11.44 -18.44 132.83
C ASP MA 597 10.78 -18.05 131.51
N PRO MA 598 11.13 -18.71 130.41
CA PRO MA 598 10.43 -18.46 129.15
C PRO MA 598 8.97 -18.85 129.26
N ALA MA 599 8.11 -18.08 128.60
CA ALA MA 599 6.67 -18.27 128.67
C ALA MA 599 6.08 -18.22 127.28
N THR MA 600 5.16 -19.14 127.02
CA THR MA 600 4.44 -19.20 125.75
C THR MA 600 2.95 -19.07 126.02
N GLY MA 601 2.24 -18.58 125.01
CA GLY MA 601 0.80 -18.50 125.06
C GLY MA 601 0.20 -19.09 123.81
N ASP MA 602 -0.99 -19.65 123.97
CA ASP MA 602 -1.70 -20.25 122.85
C ASP MA 602 -2.28 -19.18 121.94
N VAL MA 603 -2.17 -19.42 120.64
CA VAL MA 603 -2.67 -18.51 119.62
C VAL MA 603 -3.96 -19.10 119.09
N HIS MA 604 -5.09 -18.48 119.42
CA HIS MA 604 -6.39 -19.04 119.10
C HIS MA 604 -6.97 -18.47 117.81
N ALA MA 605 -6.70 -17.21 117.52
CA ALA MA 605 -7.09 -16.60 116.25
C ALA MA 605 -5.86 -16.03 115.60
N MET MA 606 -5.56 -16.50 114.39
CA MET MA 606 -4.37 -16.09 113.66
C MET MA 606 -4.80 -15.56 112.30
N GLY MA 607 -4.44 -14.31 112.01
CA GLY MA 607 -4.69 -13.75 110.71
C GLY MA 607 -3.63 -14.18 109.72
N ALA MA 608 -3.77 -13.69 108.50
CA ALA MA 608 -2.87 -14.12 107.42
C ALA MA 608 -1.46 -13.62 107.65
N LEU MA 609 -0.51 -14.54 107.66
CA LEU MA 609 0.91 -14.28 107.66
C LEU MA 609 1.51 -14.63 106.31
N PRO MA 610 2.53 -13.91 105.85
CA PRO MA 610 3.19 -14.31 104.60
C PRO MA 610 3.81 -15.69 104.74
N GLY MA 611 3.70 -16.47 103.67
CA GLY MA 611 4.09 -17.86 103.69
C GLY MA 611 2.98 -18.82 104.03
N MET MA 612 1.81 -18.31 104.40
CA MET MA 612 0.68 -19.17 104.72
C MET MA 612 0.07 -19.77 103.46
N VAL MA 613 -0.33 -21.03 103.54
CA VAL MA 613 -1.04 -21.72 102.47
C VAL MA 613 -2.22 -22.45 103.08
N TRP MA 614 -3.32 -22.50 102.34
CA TRP MA 614 -4.53 -23.12 102.86
C TRP MA 614 -5.38 -23.62 101.70
N GLN MA 615 -6.35 -24.48 102.04
CA GLN MA 615 -7.39 -24.89 101.12
C GLN MA 615 -8.72 -24.25 101.54
N ASP MA 616 -9.58 -24.04 100.55
CA ASP MA 616 -10.90 -23.49 100.81
C ASP MA 616 -11.84 -24.60 101.25
N ARG MA 617 -13.05 -24.22 101.65
CA ARG MA 617 -14.05 -25.20 102.03
C ARG MA 617 -14.51 -26.00 100.83
N ASP MA 618 -14.90 -27.24 101.09
CA ASP MA 618 -15.40 -28.11 100.03
C ASP MA 618 -16.82 -27.70 99.62
N VAL MA 619 -17.18 -28.04 98.40
CA VAL MA 619 -18.53 -27.89 97.92
C VAL MA 619 -19.21 -29.25 97.96
N TYR MA 620 -20.53 -29.24 98.10
CA TYR MA 620 -21.31 -30.45 98.24
C TYR MA 620 -22.43 -30.44 97.21
N LEU MA 621 -22.94 -31.64 96.92
CA LEU MA 621 -24.05 -31.74 95.97
C LEU MA 621 -25.27 -30.97 96.47
N GLN MA 622 -25.48 -30.91 97.77
CA GLN MA 622 -26.59 -30.18 98.37
C GLN MA 622 -26.24 -28.74 98.71
N GLY MA 623 -25.03 -28.29 98.42
CA GLY MA 623 -24.57 -27.00 98.88
C GLY MA 623 -24.64 -25.93 97.81
N PRO MA 624 -24.33 -24.68 98.20
CA PRO MA 624 -24.40 -23.57 97.25
C PRO MA 624 -23.27 -23.63 96.23
N ILE MA 625 -23.53 -23.01 95.08
CA ILE MA 625 -22.55 -22.93 94.01
C ILE MA 625 -21.73 -21.67 94.08
N TRP MA 626 -22.38 -20.51 94.15
CA TRP MA 626 -21.69 -19.24 94.08
C TRP MA 626 -22.20 -18.30 95.16
N ALA MA 627 -21.54 -17.16 95.25
CA ALA MA 627 -21.98 -16.06 96.11
C ALA MA 627 -21.48 -14.76 95.49
N LYS MA 628 -22.27 -13.71 95.60
CA LYS MA 628 -21.83 -12.39 95.19
C LYS MA 628 -20.82 -11.84 96.18
N ILE MA 629 -19.67 -11.41 95.67
CA ILE MA 629 -18.68 -10.74 96.50
C ILE MA 629 -19.17 -9.33 96.81
N PRO MA 630 -19.22 -8.92 98.07
CA PRO MA 630 -19.70 -7.59 98.39
C PRO MA 630 -18.87 -6.50 97.71
N HIS MA 631 -19.56 -5.46 97.25
CA HIS MA 631 -18.90 -4.35 96.57
C HIS MA 631 -18.31 -3.43 97.64
N THR MA 632 -17.10 -3.76 98.05
CA THR MA 632 -16.37 -3.03 99.08
C THR MA 632 -15.03 -2.57 98.53
N ASP MA 633 -14.37 -1.69 99.29
CA ASP MA 633 -13.05 -1.23 98.91
C ASP MA 633 -12.03 -2.35 98.96
N GLY MA 634 -12.08 -3.18 100.01
CA GLY MA 634 -11.12 -4.25 100.15
C GLY MA 634 -11.82 -5.55 100.52
N HIS MA 635 -11.18 -6.64 100.12
CA HIS MA 635 -11.58 -7.97 100.51
C HIS MA 635 -10.38 -8.88 100.37
N PHE MA 636 -10.23 -9.82 101.30
CA PHE MA 636 -9.10 -10.72 101.30
C PHE MA 636 -9.58 -12.12 100.92
N HIS MA 637 -9.07 -12.64 99.80
CA HIS MA 637 -9.38 -13.97 99.30
C HIS MA 637 -10.89 -14.16 99.21
N PRO MA 638 -11.56 -13.51 98.29
CA PRO MA 638 -13.04 -13.44 98.31
C PRO MA 638 -13.70 -14.75 97.87
N SER MA 639 -13.38 -15.82 98.59
CA SER MA 639 -14.03 -17.10 98.42
C SER MA 639 -15.09 -17.26 99.50
N PRO MA 640 -16.34 -17.57 99.14
CA PRO MA 640 -17.40 -17.61 100.15
C PRO MA 640 -17.11 -18.63 101.24
N LEU MA 641 -17.49 -18.29 102.46
CA LEU MA 641 -17.13 -19.13 103.60
C LEU MA 641 -18.00 -20.39 103.66
N MET MA 642 -19.18 -20.35 103.04
CA MET MA 642 -19.97 -21.58 102.92
C MET MA 642 -19.43 -22.51 101.85
N GLY MA 643 -18.52 -22.04 101.02
CA GLY MA 643 -18.00 -22.83 99.92
C GLY MA 643 -18.58 -22.40 98.60
N GLY MA 644 -17.80 -22.56 97.54
CA GLY MA 644 -18.25 -22.19 96.22
C GLY MA 644 -17.40 -21.15 95.56
N PHE MA 645 -17.95 -20.50 94.55
CA PHE MA 645 -17.26 -19.51 93.74
C PHE MA 645 -17.75 -18.12 94.14
N GLY MA 646 -16.83 -17.25 94.52
CA GLY MA 646 -17.16 -15.86 94.74
C GLY MA 646 -17.09 -15.11 93.44
N LEU MA 647 -18.19 -14.48 93.04
CA LEU MA 647 -18.26 -13.77 91.78
C LEU MA 647 -18.57 -12.30 92.04
N LYS MA 648 -17.82 -11.41 91.38
CA LYS MA 648 -18.15 -10.00 91.47
C LYS MA 648 -19.45 -9.70 90.76
N ASN MA 649 -19.66 -10.28 89.58
CA ASN MA 649 -20.92 -10.21 88.86
C ASN MA 649 -21.49 -11.62 88.81
N PRO MA 650 -22.24 -12.04 89.82
CA PRO MA 650 -22.79 -13.39 89.82
C PRO MA 650 -23.94 -13.50 88.84
N PRO MA 651 -24.51 -14.69 88.65
CA PRO MA 651 -25.74 -14.79 87.87
C PRO MA 651 -26.82 -13.91 88.48
N PRO MA 652 -27.44 -13.05 87.68
CA PRO MA 652 -28.40 -12.09 88.23
C PRO MA 652 -29.67 -12.77 88.69
N GLN MA 653 -30.39 -12.06 89.56
CA GLN MA 653 -31.65 -12.54 90.06
C GLN MA 653 -32.73 -12.39 89.00
N ILE MA 654 -33.50 -13.47 88.79
CA ILE MA 654 -34.66 -13.44 87.92
C ILE MA 654 -35.88 -13.31 88.82
N LEU MA 655 -36.62 -12.22 88.64
CA LEU MA 655 -37.75 -11.90 89.48
C LEU MA 655 -39.02 -11.97 88.67
N ILE MA 656 -40.04 -12.60 89.25
CA ILE MA 656 -41.26 -12.93 88.54
C ILE MA 656 -42.44 -12.64 89.45
N LYS MA 657 -43.51 -12.12 88.89
CA LYS MA 657 -44.73 -11.97 89.67
C LYS MA 657 -45.93 -12.01 88.74
N ASN MA 658 -47.09 -12.29 89.32
CA ASN MA 658 -48.32 -12.25 88.56
C ASN MA 658 -48.80 -10.81 88.46
N THR MA 659 -49.14 -10.37 87.26
CA THR MA 659 -49.70 -9.03 87.13
C THR MA 659 -51.05 -8.97 87.81
N PRO MA 660 -51.29 -8.00 88.68
CA PRO MA 660 -52.59 -7.95 89.37
C PRO MA 660 -53.74 -7.72 88.39
N VAL MA 661 -54.83 -8.44 88.60
CA VAL MA 661 -56.05 -8.28 87.84
C VAL MA 661 -57.12 -7.76 88.80
N PRO MA 662 -57.54 -6.51 88.68
CA PRO MA 662 -58.53 -5.97 89.61
C PRO MA 662 -59.89 -6.64 89.45
N ALA MA 663 -60.63 -6.70 90.55
CA ALA MA 663 -62.00 -7.17 90.51
C ALA MA 663 -62.90 -6.05 90.00
N ASN MA 664 -64.20 -6.24 90.15
CA ASN MA 664 -65.18 -5.30 89.60
C ASN MA 664 -65.05 -3.93 90.29
N PRO MA 665 -64.78 -2.87 89.55
CA PRO MA 665 -64.67 -1.54 90.15
C PRO MA 665 -66.04 -0.97 90.45
N PRO MA 666 -66.12 0.02 91.33
CA PRO MA 666 -67.42 0.65 91.61
C PRO MA 666 -67.95 1.43 90.42
N ALA MA 667 -69.26 1.68 90.44
CA ALA MA 667 -69.89 2.45 89.37
C ALA MA 667 -69.41 3.90 89.36
N GLU MA 668 -69.25 4.49 90.53
CA GLU MA 668 -68.71 5.84 90.68
C GLU MA 668 -67.22 5.80 90.92
N PHE MA 669 -66.54 6.85 90.49
CA PHE MA 669 -65.08 6.91 90.59
C PHE MA 669 -64.64 7.07 92.04
N SER MA 670 -63.58 6.36 92.40
CA SER MA 670 -62.95 6.48 93.70
C SER MA 670 -61.44 6.53 93.51
N ALA MA 671 -60.80 7.53 94.10
CA ALA MA 671 -59.36 7.67 93.98
C ALA MA 671 -58.60 6.76 94.93
N THR MA 672 -59.28 6.13 95.88
CA THR MA 672 -58.63 5.14 96.73
C THR MA 672 -58.08 4.01 95.88
N LYS MA 673 -56.84 3.62 96.16
CA LYS MA 673 -56.19 2.60 95.35
C LYS MA 673 -56.92 1.27 95.49
N PHE MA 674 -56.84 0.47 94.43
CA PHE MA 674 -57.55 -0.78 94.38
C PHE MA 674 -57.03 -1.73 95.45
N ALA MA 675 -57.96 -2.41 96.13
CA ALA MA 675 -57.62 -3.43 97.10
C ALA MA 675 -58.29 -4.76 96.81
N SER MA 676 -59.25 -4.79 95.90
CA SER MA 676 -59.97 -6.00 95.54
C SER MA 676 -59.39 -6.50 94.22
N PHE MA 677 -58.80 -7.69 94.26
CA PHE MA 677 -58.16 -8.27 93.10
C PHE MA 677 -58.72 -9.67 92.84
N ILE MA 678 -58.65 -10.07 91.59
CA ILE MA 678 -59.00 -11.43 91.19
C ILE MA 678 -57.88 -12.35 91.64
N THR MA 679 -58.23 -13.37 92.41
CA THR MA 679 -57.23 -14.26 93.01
C THR MA 679 -56.70 -15.21 91.95
N GLN MA 680 -55.40 -15.22 91.74
CA GLN MA 680 -54.84 -16.09 90.73
C GLN MA 680 -53.40 -16.44 91.06
N TYR MA 681 -52.94 -17.52 90.44
CA TYR MA 681 -51.56 -17.94 90.52
C TYR MA 681 -51.09 -18.31 89.12
N SER MA 682 -49.84 -18.70 88.99
CA SER MA 682 -49.33 -19.13 87.71
C SER MA 682 -48.45 -20.36 87.88
N THR MA 683 -48.32 -21.11 86.80
CA THR MA 683 -47.48 -22.30 86.78
C THR MA 683 -46.73 -22.30 85.47
N GLY MA 684 -45.63 -23.06 85.44
CA GLY MA 684 -44.87 -23.11 84.21
C GLY MA 684 -43.67 -23.99 84.35
N GLN MA 685 -42.82 -23.94 83.33
CA GLN MA 685 -41.59 -24.71 83.29
C GLN MA 685 -40.39 -23.77 83.21
N VAL MA 686 -39.32 -24.14 83.90
CA VAL MA 686 -38.09 -23.37 83.93
C VAL MA 686 -36.95 -24.30 83.56
N SER MA 687 -36.08 -23.84 82.66
CA SER MA 687 -34.90 -24.58 82.24
C SER MA 687 -33.66 -23.78 82.56
N VAL MA 688 -32.67 -24.44 83.15
CA VAL MA 688 -31.35 -23.85 83.39
C VAL MA 688 -30.31 -24.79 82.79
N GLU MA 689 -29.44 -24.25 81.95
CA GLU MA 689 -28.35 -25.00 81.34
C GLU MA 689 -27.04 -24.33 81.71
N ILE MA 690 -26.15 -25.06 82.37
CA ILE MA 690 -24.84 -24.54 82.74
C ILE MA 690 -23.77 -25.38 82.05
N GLU MA 691 -22.87 -24.70 81.36
CA GLU MA 691 -21.62 -25.27 80.89
C GLU MA 691 -20.56 -25.07 81.95
N TRP MA 692 -19.89 -26.16 82.32
CA TRP MA 692 -18.80 -26.19 83.30
C TRP MA 692 -17.52 -26.64 82.61
N GLU MA 693 -16.43 -25.96 82.92
CA GLU MA 693 -15.11 -26.37 82.50
C GLU MA 693 -14.50 -27.30 83.53
N LEU MA 694 -13.91 -28.38 83.05
CA LEU MA 694 -13.30 -29.40 83.88
C LEU MA 694 -11.78 -29.27 83.84
N GLN MA 695 -11.14 -29.71 84.91
CA GLN MA 695 -9.70 -29.76 85.02
C GLN MA 695 -9.37 -31.21 85.38
N LYS MA 696 -8.88 -31.94 84.38
CA LYS MA 696 -8.65 -33.37 84.48
C LYS MA 696 -7.46 -33.68 85.37
N GLU MA 697 -7.53 -34.83 86.02
CA GLU MA 697 -6.38 -35.34 86.77
C GLU MA 697 -5.27 -35.71 85.79
N ASN MA 698 -4.03 -35.51 86.21
CA ASN MA 698 -2.86 -35.91 85.45
C ASN MA 698 -1.89 -36.69 86.34
N SER MA 699 -2.43 -37.54 87.19
CA SER MA 699 -1.67 -38.12 88.30
C SER MA 699 -0.76 -39.25 87.82
N LYS MA 700 0.39 -39.36 88.49
CA LYS MA 700 1.31 -40.47 88.27
C LYS MA 700 1.29 -41.43 89.45
N ARG MA 701 0.28 -41.33 90.31
CA ARG MA 701 0.14 -42.21 91.46
C ARG MA 701 -0.03 -43.66 91.02
N TRP MA 702 0.62 -44.57 91.73
CA TRP MA 702 0.61 -45.98 91.34
C TRP MA 702 -0.58 -46.72 91.93
N ASN MA 703 -0.79 -46.61 93.24
CA ASN MA 703 -1.85 -47.32 93.90
C ASN MA 703 -3.21 -46.70 93.55
N PRO MA 704 -4.29 -47.46 93.69
CA PRO MA 704 -5.61 -46.93 93.34
C PRO MA 704 -6.04 -45.82 94.28
N GLU MA 705 -6.84 -44.90 93.74
CA GLU MA 705 -7.34 -43.75 94.47
C GLU MA 705 -8.59 -44.11 95.27
N VAL MA 706 -8.91 -43.25 96.24
CA VAL MA 706 -10.19 -43.31 96.93
C VAL MA 706 -11.25 -42.70 96.04
N GLN MA 707 -12.35 -43.41 95.85
CA GLN MA 707 -13.45 -42.96 95.02
C GLN MA 707 -14.72 -42.93 95.85
N TYR MA 708 -15.65 -42.06 95.47
CA TYR MA 708 -16.98 -42.14 96.03
C TYR MA 708 -17.73 -43.29 95.36
N THR MA 709 -18.30 -44.17 96.18
CA THR MA 709 -18.95 -45.36 95.65
C THR MA 709 -20.25 -45.60 96.38
N SER MA 710 -21.18 -46.24 95.68
CA SER MA 710 -22.35 -46.82 96.32
C SER MA 710 -21.94 -48.04 97.11
N ASN MA 711 -22.65 -48.28 98.21
CA ASN MA 711 -22.41 -49.48 99.00
C ASN MA 711 -23.12 -50.65 98.34
N TYR MA 712 -22.39 -51.74 98.13
CA TYR MA 712 -22.96 -52.98 97.62
C TYR MA 712 -23.41 -53.79 98.83
N ALA MA 713 -24.72 -53.92 98.99
CA ALA MA 713 -25.28 -54.71 100.09
C ALA MA 713 -26.79 -54.71 99.92
N LYS MA 714 -27.41 -55.78 100.38
CA LYS MA 714 -28.86 -55.81 100.40
C LYS MA 714 -29.37 -54.73 101.34
N SER MA 715 -30.15 -53.81 100.81
CA SER MA 715 -30.71 -52.72 101.59
C SER MA 715 -32.18 -52.58 101.24
N ALA MA 716 -32.96 -52.08 102.20
CA ALA MA 716 -34.39 -51.92 101.97
C ALA MA 716 -34.65 -50.91 100.86
N ASN MA 717 -33.79 -49.92 100.71
CA ASN MA 717 -33.92 -48.90 99.69
C ASN MA 717 -32.60 -48.72 98.96
N VAL MA 718 -32.66 -48.06 97.82
CA VAL MA 718 -31.48 -47.63 97.09
C VAL MA 718 -31.21 -46.18 97.46
N ASP MA 719 -29.93 -45.84 97.64
CA ASP MA 719 -29.55 -44.48 97.99
C ASP MA 719 -29.85 -43.53 96.85
N PHE MA 720 -30.27 -42.31 97.21
CA PHE MA 720 -30.59 -41.26 96.24
C PHE MA 720 -31.71 -41.68 95.32
N THR MA 721 -32.76 -42.26 95.89
CA THR MA 721 -33.94 -42.66 95.12
C THR MA 721 -35.19 -42.25 95.85
N VAL MA 722 -36.34 -42.70 95.38
CA VAL MA 722 -37.61 -42.47 96.03
C VAL MA 722 -37.94 -43.68 96.87
N ASP MA 723 -38.81 -43.49 97.87
CA ASP MA 723 -39.29 -44.60 98.67
C ASP MA 723 -40.64 -45.06 98.12
N ASN MA 724 -41.31 -45.95 98.85
CA ASN MA 724 -42.62 -46.42 98.40
C ASN MA 724 -43.68 -45.33 98.45
N ASN MA 725 -43.44 -44.24 99.17
CA ASN MA 725 -44.37 -43.12 99.21
C ASN MA 725 -44.07 -42.07 98.15
N GLY MA 726 -42.99 -42.21 97.40
CA GLY MA 726 -42.65 -41.26 96.38
C GLY MA 726 -41.77 -40.11 96.82
N LEU MA 727 -41.12 -40.21 97.97
CA LEU MA 727 -40.34 -39.11 98.53
C LEU MA 727 -38.87 -39.31 98.19
N TYR MA 728 -38.31 -38.38 97.43
CA TYR MA 728 -36.89 -38.41 97.11
C TYR MA 728 -36.08 -37.97 98.32
N THR MA 729 -35.06 -38.75 98.66
CA THR MA 729 -34.20 -38.45 99.79
C THR MA 729 -32.74 -38.59 99.37
N GLU MA 730 -31.89 -37.80 100.02
CA GLU MA 730 -30.44 -37.89 99.84
C GLU MA 730 -29.83 -38.39 101.14
N PRO MA 731 -29.31 -39.62 101.18
CA PRO MA 731 -28.85 -40.20 102.45
C PRO MA 731 -27.70 -39.47 103.13
N ARG MA 732 -26.80 -38.87 102.36
CA ARG MA 732 -25.59 -38.29 102.92
C ARG MA 732 -25.16 -37.13 102.06
N PRO MA 733 -24.39 -36.19 102.61
CA PRO MA 733 -23.78 -35.15 101.77
C PRO MA 733 -22.49 -35.66 101.13
N ILE MA 734 -22.33 -35.40 99.85
CA ILE MA 734 -21.18 -35.84 99.08
C ILE MA 734 -20.31 -34.63 98.77
N GLY MA 735 -19.04 -34.68 99.18
CA GLY MA 735 -18.08 -33.65 98.83
C GLY MA 735 -17.45 -33.92 97.47
N THR MA 736 -16.29 -33.30 97.26
CA THR MA 736 -15.60 -33.38 95.99
C THR MA 736 -14.21 -33.99 96.09
N ARG MA 737 -13.60 -33.97 97.26
CA ARG MA 737 -12.17 -34.25 97.39
C ARG MA 737 -11.95 -35.75 97.57
N TYR MA 738 -11.81 -36.46 96.45
CA TYR MA 738 -11.55 -37.89 96.49
C TYR MA 738 -10.22 -38.23 95.82
N LEU MA 739 -10.00 -37.69 94.63
CA LEU MA 739 -8.68 -37.82 94.01
C LEU MA 739 -7.67 -37.05 94.84
N THR MA 740 -6.39 -37.36 94.64
CA THR MA 740 -5.33 -36.69 95.38
C THR MA 740 -4.29 -36.15 94.42
N ARG MA 741 -3.51 -35.21 94.92
CA ARG MA 741 -2.36 -34.69 94.20
C ARG MA 741 -1.30 -34.29 95.21
N PRO MA 742 -0.03 -34.27 94.81
CA PRO MA 742 1.02 -33.90 95.75
C PRO MA 742 0.97 -32.43 96.11
N LEU MA 743 1.36 -32.13 97.35
CA LEU MA 743 1.25 -30.78 97.87
C LEU MA 743 2.31 -29.85 97.28
N ASP NA 219 -52.92 -9.03 68.34
CA ASP NA 219 -51.90 -10.02 67.98
C ASP NA 219 -52.22 -11.39 68.56
N GLY NA 220 -53.38 -11.52 69.20
CA GLY NA 220 -53.86 -12.79 69.69
C GLY NA 220 -54.24 -12.74 71.15
N VAL NA 221 -54.96 -13.78 71.56
CA VAL NA 221 -55.38 -13.92 72.95
C VAL NA 221 -54.20 -14.26 73.85
N GLY NA 222 -53.31 -15.13 73.40
CA GLY NA 222 -52.25 -15.62 74.26
C GLY NA 222 -50.91 -14.95 74.07
N ASN NA 223 -50.90 -13.78 73.46
CA ASN NA 223 -49.69 -13.02 73.19
C ASN NA 223 -49.84 -11.64 73.81
N ALA NA 224 -48.88 -11.26 74.65
CA ALA NA 224 -48.92 -9.94 75.28
C ALA NA 224 -48.62 -8.86 74.25
N SER NA 225 -49.35 -7.76 74.33
CA SER NA 225 -49.20 -6.67 73.38
C SER NA 225 -48.28 -5.57 73.87
N GLY NA 226 -47.63 -5.74 75.01
CA GLY NA 226 -46.66 -4.76 75.46
C GLY NA 226 -45.95 -5.27 76.69
N ASN NA 227 -44.89 -4.56 77.04
CA ASN NA 227 -44.06 -4.90 78.18
C ASN NA 227 -44.12 -3.78 79.21
N TRP NA 228 -43.64 -4.08 80.41
CA TRP NA 228 -43.59 -3.11 81.49
C TRP NA 228 -42.36 -2.24 81.31
N HIS NA 229 -42.57 -0.97 81.01
CA HIS NA 229 -41.49 -0.01 80.81
C HIS NA 229 -41.60 1.07 81.87
N CYS NA 230 -40.93 0.89 82.99
CA CYS NA 230 -40.89 1.86 84.06
C CYS NA 230 -39.43 2.11 84.42
N ASP NA 231 -38.92 3.27 84.07
CA ASP NA 231 -37.48 3.52 84.13
C ASP NA 231 -37.25 5.02 84.15
N SER NA 232 -35.99 5.41 84.25
CA SER NA 232 -35.58 6.79 84.13
C SER NA 232 -34.15 6.83 83.66
N THR NA 233 -33.91 7.42 82.49
CA THR NA 233 -32.59 7.48 81.89
C THR NA 233 -32.13 8.93 81.89
N TRP NA 234 -30.94 9.17 82.43
CA TRP NA 234 -30.37 10.49 82.52
C TRP NA 234 -29.24 10.62 81.50
N LEU NA 235 -29.47 11.43 80.47
CA LEU NA 235 -28.43 11.78 79.52
C LEU NA 235 -27.79 13.08 79.98
N GLY NA 236 -26.96 13.68 79.13
CA GLY NA 236 -26.28 14.89 79.53
C GLY NA 236 -27.22 16.04 79.81
N ASP NA 237 -28.11 16.34 78.88
CA ASP NA 237 -29.03 17.46 79.01
C ASP NA 237 -30.48 17.04 78.93
N ARG NA 238 -30.77 15.74 78.82
CA ARG NA 238 -32.13 15.24 78.78
C ARG NA 238 -32.30 14.24 79.92
N VAL NA 239 -33.55 14.07 80.33
CA VAL NA 239 -33.94 12.93 81.15
C VAL NA 239 -35.21 12.35 80.57
N ILE NA 240 -35.24 11.03 80.39
CA ILE NA 240 -36.40 10.34 79.86
C ILE NA 240 -37.01 9.51 80.98
N THR NA 241 -38.25 9.82 81.34
CA THR NA 241 -38.96 9.11 82.39
C THR NA 241 -40.06 8.26 81.75
N THR NA 242 -40.06 6.97 82.08
CA THR NA 242 -41.09 6.04 81.63
C THR NA 242 -41.85 5.51 82.83
N SER NA 243 -43.16 5.41 82.70
CA SER NA 243 -44.01 4.93 83.79
C SER NA 243 -45.08 4.02 83.23
N THR NA 244 -45.17 2.81 83.77
CA THR NA 244 -46.24 1.88 83.46
C THR NA 244 -47.10 1.68 84.70
N ARG NA 245 -48.41 1.67 84.50
CA ARG NA 245 -49.38 1.45 85.57
C ARG NA 245 -50.45 0.49 85.10
N THR NA 246 -51.13 -0.12 86.06
CA THR NA 246 -52.27 -0.98 85.79
C THR NA 246 -53.54 -0.22 86.11
N TRP NA 247 -54.44 -0.16 85.14
CA TRP NA 247 -55.69 0.58 85.26
C TRP NA 247 -56.89 -0.35 85.19
N ALA NA 248 -57.96 0.07 85.85
CA ALA NA 248 -59.27 -0.55 85.76
C ALA NA 248 -60.28 0.50 85.32
N LEU NA 249 -61.05 0.18 84.29
CA LEU NA 249 -62.06 1.06 83.73
C LEU NA 249 -63.43 0.41 83.88
N PRO NA 250 -64.33 1.00 84.64
CA PRO NA 250 -65.69 0.44 84.74
C PRO NA 250 -66.60 0.96 83.65
N THR NA 251 -67.86 0.57 83.71
CA THR NA 251 -68.89 1.19 82.87
C THR NA 251 -69.51 2.34 83.64
N TYR NA 252 -69.51 3.51 83.03
CA TYR NA 252 -70.00 4.73 83.66
C TYR NA 252 -71.37 5.07 83.10
N ASN NA 253 -72.31 5.40 83.99
CA ASN NA 253 -73.64 5.89 83.65
C ASN NA 253 -74.51 4.86 82.95
N ASN NA 254 -74.13 3.58 82.98
CA ASN NA 254 -74.79 2.55 82.18
C ASN NA 254 -74.77 2.91 80.70
N HIS NA 255 -73.62 3.38 80.22
CA HIS NA 255 -73.41 3.73 78.81
C HIS NA 255 -74.27 4.91 78.36
N LEU NA 256 -74.66 5.77 79.31
CA LEU NA 256 -75.57 6.86 79.01
C LEU NA 256 -74.85 8.20 79.14
N TYR NA 257 -75.29 9.16 78.34
CA TYR NA 257 -74.94 10.56 78.51
C TYR NA 257 -76.03 11.20 79.37
N LYS NA 258 -75.63 11.82 80.46
CA LYS NA 258 -76.60 12.42 81.38
C LYS NA 258 -76.33 13.90 81.52
N GLN NA 259 -77.40 14.68 81.60
CA GLN NA 259 -77.30 16.11 81.83
C GLN NA 259 -77.30 16.37 83.33
N ILE NA 260 -76.28 17.08 83.80
CA ILE NA 260 -76.12 17.35 85.22
C ILE NA 260 -76.18 18.85 85.44
N SER NA 261 -76.76 19.25 86.57
CA SER NA 261 -76.82 20.65 86.95
C SER NA 261 -76.94 20.73 88.46
N SER NA 262 -77.14 21.94 88.97
CA SER NA 262 -77.24 22.18 90.41
C SER NA 262 -78.67 22.36 90.87
N ALA NA 263 -79.65 22.12 90.00
CA ALA NA 263 -81.05 22.38 90.33
C ALA NA 263 -81.52 21.50 91.49
N SER NA 264 -81.19 20.21 91.45
CA SER NA 264 -81.54 19.34 92.56
C SER NA 264 -80.65 19.58 93.77
N THR NA 265 -79.41 20.00 93.54
CA THR NA 265 -78.50 20.26 94.65
C THR NA 265 -79.00 21.42 95.50
N GLY NA 266 -79.59 22.43 94.89
CA GLY NA 266 -80.01 23.60 95.63
C GLY NA 266 -78.86 24.41 96.17
N ALA NA 267 -77.83 24.64 95.36
CA ALA NA 267 -76.63 25.33 95.79
C ALA NA 267 -76.85 26.84 95.78
N SER NA 268 -75.84 27.57 96.23
CA SER NA 268 -75.85 29.02 96.17
C SER NA 268 -75.62 29.48 94.74
N ASN NA 269 -75.86 30.78 94.52
CA ASN NA 269 -75.69 31.33 93.18
C ASN NA 269 -74.26 31.19 92.68
N ASP NA 270 -73.30 31.17 93.58
CA ASP NA 270 -71.89 31.04 93.20
C ASP NA 270 -71.53 29.63 92.76
N ASN NA 271 -72.30 28.62 93.18
CA ASN NA 271 -71.98 27.23 92.92
C ASN NA 271 -72.88 26.60 91.87
N HIS NA 272 -73.67 27.40 91.18
CA HIS NA 272 -74.54 26.88 90.13
C HIS NA 272 -73.73 26.40 88.94
N TYR NA 273 -74.20 25.34 88.30
CA TYR NA 273 -73.51 24.82 87.13
C TYR NA 273 -74.49 24.05 86.25
N PHE NA 274 -74.08 23.86 85.00
CA PHE NA 274 -74.82 23.05 84.04
C PHE NA 274 -73.79 22.35 83.18
N GLY NA 275 -73.99 21.06 82.94
CA GLY NA 275 -73.04 20.32 82.15
C GLY NA 275 -73.53 18.94 81.81
N TYR NA 276 -72.59 18.10 81.43
CA TYR NA 276 -72.90 16.74 80.99
C TYR NA 276 -71.91 15.75 81.56
N SER NA 277 -72.43 14.56 81.87
CA SER NA 277 -71.65 13.42 82.31
C SER NA 277 -71.62 12.40 81.18
N THR NA 278 -70.44 12.00 80.75
CA THR NA 278 -70.38 11.04 79.66
C THR NA 278 -70.07 9.65 80.20
N PRO NA 279 -70.34 8.60 79.43
CA PRO NA 279 -69.92 7.25 79.83
C PRO NA 279 -68.44 6.96 79.63
N TRP NA 280 -67.65 7.94 79.21
CA TRP NA 280 -66.25 7.76 78.95
C TRP NA 280 -65.42 8.06 80.19
N GLY NA 281 -64.25 7.42 80.27
CA GLY NA 281 -63.21 7.81 81.19
C GLY NA 281 -62.06 8.43 80.41
N TYR NA 282 -61.14 9.03 81.14
CA TYR NA 282 -59.99 9.65 80.50
C TYR NA 282 -58.73 9.28 81.26
N PHE NA 283 -57.60 9.36 80.55
CA PHE NA 283 -56.30 9.07 81.12
C PHE NA 283 -55.63 10.38 81.52
N ASP NA 284 -55.15 10.44 82.75
CA ASP NA 284 -54.52 11.63 83.30
C ASP NA 284 -53.14 11.27 83.84
N PHE NA 285 -52.13 11.99 83.37
CA PHE NA 285 -50.79 11.86 83.91
C PHE NA 285 -50.20 13.27 84.07
N ASN NA 286 -51.00 14.19 84.60
CA ASN NA 286 -50.63 15.57 84.75
C ASN NA 286 -50.16 15.91 86.16
N ARG NA 287 -49.42 15.01 86.79
CA ARG NA 287 -48.71 15.29 88.03
C ARG NA 287 -47.27 14.82 87.89
N PHE NA 288 -46.38 15.48 88.61
CA PHE NA 288 -44.96 15.19 88.42
C PHE NA 288 -44.58 13.83 88.99
N HIS NA 289 -45.27 13.35 90.02
CA HIS NA 289 -44.94 12.07 90.60
C HIS NA 289 -45.48 10.89 89.80
N CYS NA 290 -46.28 11.14 88.76
CA CYS NA 290 -46.61 10.09 87.81
C CYS NA 290 -45.40 9.71 86.97
N HIS NA 291 -44.37 10.54 86.96
CA HIS NA 291 -43.21 10.34 86.11
C HIS NA 291 -41.90 10.28 86.86
N PHE NA 292 -41.76 11.01 87.97
CA PHE NA 292 -40.52 11.04 88.72
C PHE NA 292 -40.70 10.29 90.04
N SER NA 293 -39.76 9.40 90.34
CA SER NA 293 -39.64 8.92 91.69
C SER NA 293 -39.09 10.04 92.55
N PRO NA 294 -39.26 9.95 93.88
CA PRO NA 294 -38.66 10.98 94.74
C PRO NA 294 -37.16 11.10 94.59
N ARG NA 295 -36.46 9.99 94.36
CA ARG NA 295 -35.03 10.04 94.11
C ARG NA 295 -34.72 10.78 92.81
N ASP NA 296 -35.49 10.52 91.75
CA ASP NA 296 -35.28 11.23 90.49
C ASP NA 296 -35.60 12.71 90.63
N TRP NA 297 -36.65 13.04 91.38
CA TRP NA 297 -36.98 14.44 91.62
C TRP NA 297 -35.86 15.15 92.36
N GLN NA 298 -35.30 14.50 93.39
CA GLN NA 298 -34.18 15.08 94.11
C GLN NA 298 -32.97 15.25 93.20
N ARG NA 299 -32.69 14.26 92.36
CA ARG NA 299 -31.59 14.36 91.42
C ARG NA 299 -31.78 15.52 90.46
N LEU NA 300 -33.02 15.75 90.01
CA LEU NA 300 -33.30 16.86 89.11
C LEU NA 300 -33.13 18.20 89.81
N ILE NA 301 -33.75 18.36 90.98
CA ILE NA 301 -33.82 19.67 91.61
C ILE NA 301 -32.52 20.06 92.31
N ASN NA 302 -31.67 19.10 92.65
CA ASN NA 302 -30.41 19.43 93.29
C ASN NA 302 -29.32 19.78 92.29
N ASN NA 303 -29.56 19.55 91.01
CA ASN NA 303 -28.51 19.66 90.02
C ASN NA 303 -28.85 20.53 88.83
N ASN NA 304 -30.11 20.86 88.61
CA ASN NA 304 -30.50 21.58 87.41
C ASN NA 304 -31.06 22.94 87.75
N TRP NA 305 -30.70 23.94 86.94
CA TRP NA 305 -31.26 25.27 87.07
C TRP NA 305 -32.63 25.38 86.43
N GLY NA 306 -32.97 24.50 85.52
CA GLY NA 306 -34.30 24.55 84.95
C GLY NA 306 -34.63 23.29 84.19
N PHE NA 307 -35.90 23.14 83.87
CA PHE NA 307 -36.29 21.98 83.07
C PHE NA 307 -37.59 22.24 82.34
N ARG NA 308 -37.84 21.46 81.30
CA ARG NA 308 -39.09 21.57 80.56
C ARG NA 308 -39.34 20.28 79.80
N PRO NA 309 -40.58 20.01 79.42
CA PRO NA 309 -40.86 18.79 78.63
C PRO NA 309 -40.71 19.00 77.14
N LYS NA 310 -40.10 18.00 76.50
CA LYS NA 310 -39.85 17.96 75.07
C LYS NA 310 -40.82 17.06 74.32
N ARG NA 311 -40.98 15.82 74.73
CA ARG NA 311 -41.88 14.96 73.96
C ARG NA 311 -42.45 13.86 74.84
N LEU NA 312 -43.50 13.21 74.34
CA LEU NA 312 -44.08 12.09 75.09
C LEU NA 312 -44.62 11.03 74.15
N ASN NA 313 -44.59 9.80 74.65
CA ASN NA 313 -45.19 8.62 74.04
C ASN NA 313 -46.19 8.03 75.02
N PHE NA 314 -47.34 7.63 74.49
CA PHE NA 314 -48.41 7.02 75.27
C PHE NA 314 -48.73 5.68 74.65
N LYS NA 315 -48.81 4.65 75.47
CA LYS NA 315 -49.16 3.31 75.01
C LYS NA 315 -50.20 2.71 75.93
N LEU NA 316 -51.12 1.96 75.35
CA LEU NA 316 -52.19 1.27 76.05
C LEU NA 316 -52.16 -0.17 75.58
N PHE NA 317 -51.96 -1.12 76.49
CA PHE NA 317 -51.70 -2.48 76.06
C PHE NA 317 -52.22 -3.46 77.09
N ASN NA 318 -52.31 -4.72 76.68
CA ASN NA 318 -52.75 -5.84 77.51
C ASN NA 318 -54.16 -5.62 78.02
N ILE NA 319 -55.08 -5.39 77.09
CA ILE NA 319 -56.48 -5.15 77.42
C ILE NA 319 -57.14 -6.45 77.81
N GLN NA 320 -57.89 -6.44 78.92
CA GLN NA 320 -58.70 -7.57 79.34
C GLN NA 320 -60.08 -7.06 79.71
N VAL NA 321 -61.09 -7.50 78.99
CA VAL NA 321 -62.47 -7.18 79.32
C VAL NA 321 -63.03 -8.32 80.16
N LYS NA 322 -63.65 -7.97 81.27
CA LYS NA 322 -64.19 -8.94 82.21
C LYS NA 322 -65.69 -8.73 82.35
N GLU NA 323 -66.42 -9.82 82.21
CA GLU NA 323 -67.86 -9.88 82.44
C GLU NA 323 -68.16 -10.23 83.88
N VAL NA 324 -69.13 -9.53 84.47
CA VAL NA 324 -69.49 -9.70 85.88
C VAL NA 324 -70.96 -10.07 85.97
N THR NA 325 -71.26 -11.15 86.72
CA THR NA 325 -72.63 -11.55 87.02
C THR NA 325 -72.77 -11.75 88.51
N THR NA 326 -73.73 -11.07 89.13
CA THR NA 326 -74.02 -11.26 90.55
C THR NA 326 -75.37 -11.98 90.68
N ASN NA 327 -75.33 -13.19 91.23
CA ASN NA 327 -76.52 -14.00 91.48
C ASN NA 327 -76.54 -14.45 92.94
N ASP NA 328 -77.68 -14.25 93.59
CA ASP NA 328 -77.88 -14.68 94.98
C ASP NA 328 -76.81 -14.11 95.90
N GLY NA 329 -76.23 -12.97 95.53
CA GLY NA 329 -75.22 -12.32 96.31
C GLY NA 329 -73.79 -12.69 95.99
N VAL NA 330 -73.58 -13.75 95.21
CA VAL NA 330 -72.22 -14.17 94.84
C VAL NA 330 -71.91 -13.68 93.44
N THR NA 331 -70.67 -13.25 93.25
CA THR NA 331 -70.24 -12.57 92.03
C THR NA 331 -69.28 -13.46 91.25
N THR NA 332 -69.58 -13.66 89.97
CA THR NA 332 -68.73 -14.39 89.04
C THR NA 332 -68.13 -13.41 88.05
N ILE NA 333 -66.83 -13.53 87.84
CA ILE NA 333 -66.12 -12.74 86.84
C ILE NA 333 -65.52 -13.70 85.82
N ALA NA 334 -65.76 -13.42 84.55
CA ALA NA 334 -65.22 -14.23 83.47
C ALA NA 334 -64.55 -13.31 82.46
N ASN NA 335 -63.77 -13.92 81.58
CA ASN NA 335 -63.16 -13.17 80.50
C ASN NA 335 -64.13 -13.06 79.32
N ASN NA 336 -64.21 -11.87 78.74
CA ASN NA 336 -64.99 -11.65 77.53
C ASN NA 336 -63.98 -11.39 76.42
N LEU NA 337 -63.67 -12.44 75.66
CA LEU NA 337 -62.58 -12.37 74.69
C LEU NA 337 -62.92 -11.55 73.46
N THR NA 338 -64.20 -11.31 73.19
CA THR NA 338 -64.63 -10.62 71.97
C THR NA 338 -65.11 -9.21 72.21
N SER NA 339 -64.97 -8.68 73.42
CA SER NA 339 -65.40 -7.33 73.72
C SER NA 339 -64.29 -6.33 73.42
N THR NA 340 -64.67 -5.07 73.23
CA THR NA 340 -63.74 -4.04 72.85
C THR NA 340 -63.79 -2.86 73.81
N VAL NA 341 -62.68 -2.13 73.85
CA VAL NA 341 -62.63 -0.80 74.45
C VAL NA 341 -62.36 0.19 73.32
N GLN NA 342 -63.12 1.28 73.31
CA GLN NA 342 -62.89 2.36 72.37
C GLN NA 342 -61.95 3.38 72.99
N VAL NA 343 -60.91 3.76 72.26
CA VAL NA 343 -59.92 4.73 72.71
C VAL NA 343 -59.74 5.76 71.61
N PHE NA 344 -59.71 7.04 71.98
CA PHE NA 344 -59.30 8.04 71.02
C PHE NA 344 -58.60 9.18 71.74
N SER NA 345 -57.74 9.87 70.98
CA SER NA 345 -57.02 11.04 71.47
C SER NA 345 -57.65 12.27 70.82
N ASP NA 346 -57.93 13.29 71.63
CA ASP NA 346 -58.55 14.51 71.14
C ASP NA 346 -57.46 15.47 70.71
N SER NA 347 -56.83 15.15 69.58
CA SER NA 347 -55.65 15.85 69.12
C SER NA 347 -55.93 17.24 68.57
N GLU NA 348 -57.17 17.52 68.19
CA GLU NA 348 -57.54 18.83 67.66
C GLU NA 348 -58.22 19.71 68.70
N TYR NA 349 -58.27 19.27 69.95
CA TYR NA 349 -58.81 20.06 71.05
C TYR NA 349 -60.23 20.53 70.76
N GLN NA 350 -61.05 19.62 70.26
CA GLN NA 350 -62.43 19.91 69.94
C GLN NA 350 -63.36 19.67 71.11
N LEU NA 351 -62.87 19.11 72.18
CA LEU NA 351 -63.61 18.81 73.40
C LEU NA 351 -63.23 19.78 74.50
N PRO NA 352 -64.10 19.97 75.48
CA PRO NA 352 -63.69 20.73 76.67
C PRO NA 352 -62.51 20.04 77.36
N TYR NA 353 -61.51 20.83 77.71
CA TYR NA 353 -60.29 20.32 78.33
C TYR NA 353 -60.48 20.33 79.84
N VAL NA 354 -60.71 19.16 80.43
CA VAL NA 354 -60.90 19.09 81.87
C VAL NA 354 -59.61 18.75 82.59
N LEU NA 355 -58.55 18.41 81.88
CA LEU NA 355 -57.25 18.31 82.50
C LEU NA 355 -56.77 19.71 82.86
N GLY NA 356 -55.80 19.78 83.75
CA GLY NA 356 -55.33 21.07 84.18
C GLY NA 356 -56.20 21.76 85.20
N SER NA 357 -57.13 21.06 85.81
CA SER NA 357 -57.91 21.55 86.93
C SER NA 357 -57.56 20.87 88.23
N ALA NA 358 -56.45 20.11 88.25
CA ALA NA 358 -55.93 19.45 89.45
C ALA NA 358 -56.92 18.44 90.01
N HIS NA 359 -57.37 17.53 89.18
CA HIS NA 359 -58.35 16.53 89.58
C HIS NA 359 -57.66 15.22 89.95
N GLN NA 360 -58.36 14.44 90.77
CA GLN NA 360 -57.93 13.09 91.07
C GLN NA 360 -58.08 12.18 89.86
N GLY NA 361 -57.41 11.05 89.90
CA GLY NA 361 -57.51 10.09 88.81
C GLY NA 361 -56.26 9.97 87.96
N CYS NA 362 -55.19 10.64 88.35
CA CYS NA 362 -53.92 10.49 87.66
C CYS NA 362 -53.32 9.12 87.92
N LEU NA 363 -52.25 8.80 87.20
CA LEU NA 363 -51.49 7.61 87.54
C LEU NA 363 -50.95 7.74 88.96
N PRO NA 364 -51.03 6.71 89.77
CA PRO NA 364 -50.54 6.79 91.15
C PRO NA 364 -49.04 7.01 91.19
N PRO NA 365 -48.53 7.66 92.25
CA PRO NA 365 -47.07 7.86 92.33
C PRO NA 365 -46.29 6.56 92.41
N PHE NA 366 -46.82 5.57 93.11
CA PHE NA 366 -46.12 4.31 93.29
C PHE NA 366 -46.44 3.37 92.13
N PRO NA 367 -45.42 2.84 91.43
CA PRO NA 367 -45.68 2.01 90.25
C PRO NA 367 -46.43 0.72 90.53
N ALA NA 368 -46.48 0.27 91.78
CA ALA NA 368 -47.18 -0.95 92.11
C ALA NA 368 -48.68 -0.75 92.28
N ASP NA 369 -49.15 0.48 92.29
CA ASP NA 369 -50.56 0.75 92.58
C ASP NA 369 -51.42 0.62 91.33
N VAL NA 370 -52.60 0.05 91.52
CA VAL NA 370 -53.58 -0.12 90.46
C VAL NA 370 -54.64 0.96 90.61
N PHE NA 371 -54.92 1.68 89.53
CA PHE NA 371 -55.79 2.84 89.64
C PHE NA 371 -57.03 2.72 88.77
N MET NA 372 -58.10 3.30 89.26
CA MET NA 372 -59.37 3.37 88.55
C MET NA 372 -59.37 4.58 87.64
N ILE NA 373 -59.93 4.43 86.45
CA ILE NA 373 -59.92 5.52 85.47
C ILE NA 373 -61.09 6.47 85.77
N PRO NA 374 -60.84 7.77 85.88
CA PRO NA 374 -61.91 8.71 86.22
C PRO NA 374 -62.88 8.95 85.07
N GLN NA 375 -64.12 9.29 85.44
CA GLN NA 375 -65.16 9.52 84.44
C GLN NA 375 -65.00 10.89 83.81
N TYR NA 376 -65.34 10.98 82.53
CA TYR NA 376 -65.28 12.24 81.82
C TYR NA 376 -66.61 12.98 81.93
N GLY NA 377 -66.53 14.26 82.21
CA GLY NA 377 -67.70 15.12 82.22
C GLY NA 377 -67.20 16.53 82.02
N TYR NA 378 -68.10 17.39 81.57
CA TYR NA 378 -67.73 18.77 81.32
C TYR NA 378 -68.86 19.68 81.73
N LEU NA 379 -68.55 20.96 81.84
CA LEU NA 379 -69.51 22.00 82.11
C LEU NA 379 -69.62 22.90 80.90
N THR NA 380 -70.80 23.50 80.72
CA THR NA 380 -71.03 24.43 79.64
C THR NA 380 -71.64 25.69 80.21
N LEU NA 381 -71.95 26.64 79.33
CA LEU NA 381 -72.52 27.91 79.76
C LEU NA 381 -73.81 27.67 80.53
N ASN NA 382 -73.94 28.34 81.67
CA ASN NA 382 -75.13 28.19 82.50
C ASN NA 382 -75.62 29.56 82.96
N ASN NA 383 -76.93 29.65 83.12
CA ASN NA 383 -77.62 30.81 83.68
C ASN NA 383 -78.31 30.34 84.94
N GLY NA 384 -77.57 30.31 86.04
CA GLY NA 384 -78.06 29.63 87.23
C GLY NA 384 -77.88 28.14 87.05
N SER NA 385 -78.94 27.38 87.30
CA SER NA 385 -78.93 25.95 87.03
C SER NA 385 -79.42 25.62 85.64
N GLN NA 386 -79.72 26.62 84.82
CA GLN NA 386 -80.25 26.43 83.49
C GLN NA 386 -79.14 26.59 82.45
N ALA NA 387 -79.46 26.22 81.22
CA ALA NA 387 -78.56 26.37 80.10
C ALA NA 387 -78.93 27.62 79.31
N VAL NA 388 -78.18 27.90 78.26
CA VAL NA 388 -78.46 28.97 77.33
C VAL NA 388 -78.43 28.39 75.92
N GLY NA 389 -78.66 29.26 74.93
CA GLY NA 389 -78.61 28.82 73.55
C GLY NA 389 -77.22 28.40 73.11
N ARG NA 390 -76.21 29.07 73.62
CA ARG NA 390 -74.82 28.80 73.25
C ARG NA 390 -74.19 27.72 74.09
N SER NA 391 -74.94 27.11 75.00
CA SER NA 391 -74.46 25.95 75.71
C SER NA 391 -74.24 24.81 74.74
N SER NA 392 -73.07 24.19 74.81
CA SER NA 392 -72.69 23.14 73.87
C SER NA 392 -72.93 21.76 74.48
N PHE NA 393 -73.17 20.81 73.60
CA PHE NA 393 -73.25 19.40 73.94
C PHE NA 393 -72.32 18.65 73.01
N TYR NA 394 -71.56 17.72 73.56
CA TYR NA 394 -70.60 16.95 72.80
C TYR NA 394 -70.90 15.47 72.98
N CYS NA 395 -71.23 14.79 71.88
CA CYS NA 395 -71.23 13.34 71.87
C CYS NA 395 -69.81 12.88 71.56
N LEU NA 396 -69.24 12.09 72.45
CA LEU NA 396 -67.89 11.59 72.22
C LEU NA 396 -67.87 10.39 71.29
N GLU NA 397 -69.02 9.78 71.02
CA GLU NA 397 -69.12 8.78 69.98
C GLU NA 397 -69.11 9.39 68.59
N TYR NA 398 -69.21 10.71 68.50
CA TYR NA 398 -69.11 11.43 67.24
C TYR NA 398 -67.67 11.68 66.84
N PHE NA 399 -66.72 10.92 67.40
CA PHE NA 399 -65.33 10.95 67.06
C PHE NA 399 -64.90 9.61 66.48
N PRO NA 400 -63.87 9.59 65.64
CA PRO NA 400 -63.27 8.30 65.26
C PRO NA 400 -62.50 7.72 66.44
N SER NA 401 -62.86 6.49 66.81
CA SER NA 401 -62.22 5.78 67.90
C SER NA 401 -61.54 4.53 67.35
N GLN NA 402 -60.47 4.11 68.01
CA GLN NA 402 -59.89 2.81 67.75
C GLN NA 402 -60.52 1.81 68.71
N MET NA 403 -61.03 0.72 68.16
CA MET NA 403 -61.63 -0.36 68.94
C MET NA 403 -60.57 -1.42 69.20
N LEU NA 404 -60.38 -1.76 70.46
CA LEU NA 404 -59.31 -2.66 70.89
C LEU NA 404 -59.93 -3.89 71.51
N ARG NA 405 -59.64 -5.04 70.94
CA ARG NA 405 -59.91 -6.31 71.58
C ARG NA 405 -58.70 -6.70 72.43
N THR NA 406 -58.71 -7.90 72.99
CA THR NA 406 -57.69 -8.25 73.97
C THR NA 406 -56.30 -8.39 73.37
N GLY NA 407 -56.18 -8.46 72.05
CA GLY NA 407 -54.87 -8.59 71.44
C GLY NA 407 -54.34 -7.30 70.83
N ASN NA 408 -55.09 -6.22 70.95
CA ASN NA 408 -54.73 -4.95 70.33
C ASN NA 408 -54.10 -4.00 71.35
N ASN NA 409 -53.33 -3.06 70.83
CA ASN NA 409 -52.78 -1.97 71.63
C ASN NA 409 -53.00 -0.64 70.92
N PHE NA 410 -52.70 0.43 71.64
CA PHE NA 410 -52.94 1.79 71.20
C PHE NA 410 -51.68 2.60 71.46
N THR NA 411 -51.20 3.34 70.48
CA THR NA 411 -50.01 4.17 70.66
C THR NA 411 -50.32 5.59 70.19
N PHE NA 412 -49.59 6.55 70.76
CA PHE NA 412 -49.81 7.94 70.42
C PHE NA 412 -48.58 8.75 70.82
N SER NA 413 -48.06 9.55 69.90
CA SER NA 413 -46.91 10.40 70.17
C SER NA 413 -47.31 11.87 70.16
N TYR NA 414 -46.60 12.66 70.93
CA TYR NA 414 -46.89 14.08 71.04
C TYR NA 414 -45.59 14.84 71.27
N THR NA 415 -45.49 16.00 70.64
CA THR NA 415 -44.34 16.89 70.83
C THR NA 415 -44.80 18.17 71.51
N PHE NA 416 -44.12 18.55 72.58
CA PHE NA 416 -44.43 19.79 73.26
C PHE NA 416 -43.94 20.98 72.44
N GLU NA 417 -44.70 22.07 72.51
CA GLU NA 417 -44.23 23.33 71.96
C GLU NA 417 -43.07 23.87 72.79
N GLU NA 418 -42.35 24.82 72.20
CA GLU NA 418 -41.21 25.42 72.89
C GLU NA 418 -41.73 26.31 74.01
N VAL NA 419 -41.74 25.76 75.22
CA VAL NA 419 -42.19 26.44 76.42
C VAL NA 419 -40.92 26.89 77.16
N PRO NA 420 -40.96 27.97 77.93
CA PRO NA 420 -39.77 28.33 78.72
C PRO NA 420 -39.48 27.30 79.80
N PHE NA 421 -38.20 27.19 80.13
CA PHE NA 421 -37.78 26.34 81.23
C PHE NA 421 -38.43 26.80 82.52
N HIS NA 422 -38.92 25.85 83.30
CA HIS NA 422 -39.24 26.16 84.69
C HIS NA 422 -37.96 26.36 85.47
N SER NA 423 -38.01 27.32 86.38
CA SER NA 423 -36.87 27.78 87.16
C SER NA 423 -36.72 26.92 88.41
N SER NA 424 -35.74 26.03 88.42
CA SER NA 424 -35.41 25.24 89.60
C SER NA 424 -34.41 25.92 90.51
N TYR NA 425 -34.39 27.25 90.52
CA TYR NA 425 -33.44 28.01 91.30
C TYR NA 425 -34.15 29.06 92.12
N ALA NA 426 -33.51 29.46 93.20
CA ALA NA 426 -33.78 30.69 93.91
C ALA NA 426 -32.76 31.75 93.51
N HIS NA 427 -33.01 32.97 93.91
CA HIS NA 427 -32.10 34.08 93.65
C HIS NA 427 -31.24 34.35 94.87
N SER NA 428 -29.95 34.53 94.64
CA SER NA 428 -29.01 34.85 95.71
C SER NA 428 -29.02 36.31 96.08
N GLN NA 429 -29.69 37.16 95.31
CA GLN NA 429 -29.81 38.57 95.59
C GLN NA 429 -31.28 38.95 95.66
N SER NA 430 -31.56 40.00 96.41
CA SER NA 430 -32.88 40.59 96.44
C SER NA 430 -32.95 41.74 95.45
N LEU NA 431 -34.16 42.05 94.99
CA LEU NA 431 -34.32 43.05 93.95
C LEU NA 431 -33.98 44.45 94.45
N ASP NA 432 -34.19 44.73 95.72
CA ASP NA 432 -33.85 46.02 96.29
C ASP NA 432 -32.43 46.06 96.84
N ARG NA 433 -31.60 45.08 96.49
CA ARG NA 433 -30.23 44.97 96.98
C ARG NA 433 -29.30 44.62 95.83
N LEU NA 434 -29.47 45.26 94.69
CA LEU NA 434 -28.70 44.95 93.49
C LEU NA 434 -27.53 45.91 93.28
N MET NA 435 -27.25 46.76 94.25
CA MET NA 435 -26.25 47.80 94.12
C MET NA 435 -24.89 47.35 94.64
N ASN NA 436 -23.87 48.12 94.29
CA ASN NA 436 -22.57 48.00 94.93
C ASN NA 436 -22.66 48.59 96.32
N PRO NA 437 -22.40 47.83 97.38
CA PRO NA 437 -22.49 48.38 98.74
C PRO NA 437 -21.33 49.24 99.17
N LEU NA 438 -20.36 49.51 98.29
CA LEU NA 438 -19.21 50.33 98.64
C LEU NA 438 -19.20 51.68 97.97
N ILE NA 439 -19.82 51.81 96.82
CA ILE NA 439 -19.74 53.02 96.00
C ILE NA 439 -21.03 53.80 96.14
N ASP NA 440 -20.92 55.13 96.14
CA ASP NA 440 -22.08 55.99 96.13
C ASP NA 440 -22.67 56.05 94.71
N GLN NA 441 -23.80 56.72 94.61
CA GLN NA 441 -24.43 56.97 93.32
C GLN NA 441 -24.10 58.37 92.85
N TYR NA 442 -24.34 58.63 91.57
CA TYR NA 442 -24.28 59.99 91.06
C TYR NA 442 -25.65 60.62 90.96
N LEU NA 443 -26.67 59.94 91.46
CA LEU NA 443 -28.04 60.44 91.45
C LEU NA 443 -28.42 60.95 92.82
N TYR NA 444 -29.11 62.08 92.85
CA TYR NA 444 -29.54 62.69 94.10
C TYR NA 444 -31.03 62.47 94.29
N TYR NA 445 -31.45 62.54 95.54
CA TYR NA 445 -32.86 62.42 95.90
C TYR NA 445 -33.17 63.46 96.96
N LEU NA 446 -34.44 63.85 97.03
CA LEU NA 446 -34.87 64.77 98.06
C LEU NA 446 -34.88 64.05 99.41
N ASN NA 447 -34.05 64.53 100.33
CA ASN NA 447 -33.85 63.87 101.62
C ASN NA 447 -34.62 64.55 102.75
N ARG NA 448 -34.60 65.87 102.79
CA ARG NA 448 -35.29 66.64 103.83
C ARG NA 448 -36.11 67.73 103.17
N THR NA 449 -37.33 67.95 103.68
CA THR NA 449 -38.08 69.15 103.38
C THR NA 449 -38.20 70.07 104.58
N GLN NA 450 -37.43 69.81 105.63
CA GLN NA 450 -37.34 70.69 106.80
C GLN NA 450 -35.87 70.85 107.16
N ASN NA 451 -35.58 71.87 107.95
CA ASN NA 451 -34.21 72.12 108.35
C ASN NA 451 -33.70 71.02 109.27
N GLN NA 452 -32.47 70.60 109.04
CA GLN NA 452 -31.89 69.50 109.81
C GLN NA 452 -31.49 69.92 111.22
N SER NA 453 -31.18 71.19 111.44
CA SER NA 453 -30.66 71.62 112.73
C SER NA 453 -31.68 71.40 113.84
N GLY NA 454 -32.94 71.77 113.61
CA GLY NA 454 -33.99 71.56 114.58
C GLY NA 454 -34.22 72.68 115.56
N SER NA 455 -33.28 73.63 115.67
CA SER NA 455 -33.50 74.78 116.54
C SER NA 455 -34.70 75.59 116.07
N ALA NA 456 -34.81 75.78 114.77
CA ALA NA 456 -36.03 76.26 114.14
C ALA NA 456 -36.68 75.11 113.37
N GLN NA 457 -37.94 75.32 112.98
CA GLN NA 457 -38.71 74.31 112.27
C GLN NA 457 -39.06 74.77 110.85
N ASN NA 458 -38.09 75.34 110.15
CA ASN NA 458 -38.33 75.91 108.85
C ASN NA 458 -38.27 74.83 107.77
N LYS NA 459 -38.98 75.08 106.68
CA LYS NA 459 -38.94 74.18 105.55
C LYS NA 459 -37.66 74.38 104.75
N ASP NA 460 -37.37 73.43 103.86
CA ASP NA 460 -36.19 73.51 103.02
C ASP NA 460 -36.34 72.50 101.88
N LEU NA 461 -35.30 72.42 101.05
CA LEU NA 461 -35.21 71.43 99.98
C LEU NA 461 -33.76 70.93 99.99
N LEU NA 462 -33.51 69.88 100.75
CA LEU NA 462 -32.17 69.33 100.93
C LEU NA 462 -32.07 68.00 100.21
N PHE NA 463 -31.03 67.86 99.39
CA PHE NA 463 -30.85 66.70 98.54
C PHE NA 463 -29.62 65.92 98.97
N SER NA 464 -29.74 64.60 99.00
CA SER NA 464 -28.64 63.73 99.35
C SER NA 464 -28.28 62.83 98.19
N ARG NA 465 -27.06 62.34 98.22
CA ARG NA 465 -26.56 61.41 97.22
C ARG NA 465 -26.88 59.99 97.64
N GLY NA 466 -27.23 59.15 96.66
CA GLY NA 466 -27.46 57.75 96.91
C GLY NA 466 -26.23 57.07 97.47
N SER NA 467 -26.32 56.58 98.69
CA SER NA 467 -25.18 56.04 99.41
C SER NA 467 -25.52 54.68 100.00
N PRO NA 468 -24.51 53.86 100.28
CA PRO NA 468 -24.78 52.56 100.91
C PRO NA 468 -25.35 52.67 102.32
N ALA NA 469 -25.24 53.82 102.96
CA ALA NA 469 -25.87 54.00 104.27
C ALA NA 469 -27.39 53.88 104.17
N GLY NA 470 -27.99 54.62 103.25
CA GLY NA 470 -29.41 54.46 102.99
C GLY NA 470 -29.66 53.77 101.67
N MET NA 471 -29.96 52.47 101.72
CA MET NA 471 -30.21 51.70 100.52
C MET NA 471 -31.68 51.70 100.12
N SER NA 472 -32.57 52.05 101.05
CA SER NA 472 -34.00 52.08 100.77
C SER NA 472 -34.40 53.27 99.93
N VAL NA 473 -33.61 54.35 99.94
CA VAL NA 473 -33.95 55.58 99.23
C VAL NA 473 -33.15 55.75 97.96
N GLN NA 474 -32.28 54.81 97.63
CA GLN NA 474 -31.51 54.89 96.40
C GLN NA 474 -32.44 54.72 95.19
N PRO NA 475 -32.26 55.52 94.14
CA PRO NA 475 -32.94 55.23 92.88
C PRO NA 475 -32.59 53.84 92.38
N LYS NA 476 -33.59 53.14 91.83
CA LYS NA 476 -33.43 51.79 91.35
C LYS NA 476 -34.06 51.65 89.98
N ASN NA 477 -33.79 50.52 89.33
CA ASN NA 477 -34.18 50.33 87.94
C ASN NA 477 -35.41 49.47 87.75
N TRP NA 478 -35.79 48.67 88.75
CA TRP NA 478 -36.84 47.68 88.58
C TRP NA 478 -37.80 47.74 89.76
N LEU NA 479 -38.94 47.07 89.59
CA LEU NA 479 -40.01 47.01 90.56
C LEU NA 479 -40.37 45.57 90.86
N PRO NA 480 -40.85 45.27 92.06
CA PRO NA 480 -41.35 43.92 92.34
C PRO NA 480 -42.62 43.62 91.57
N GLY NA 481 -42.85 42.33 91.35
CA GLY NA 481 -43.97 41.87 90.57
C GLY NA 481 -45.32 42.32 91.10
N PRO NA 482 -46.37 42.00 90.35
CA PRO NA 482 -47.72 42.43 90.75
C PRO NA 482 -48.20 41.65 91.96
N CYS NA 483 -49.18 42.24 92.65
CA CYS NA 483 -49.71 41.63 93.86
C CYS NA 483 -51.22 41.71 93.88
N TYR NA 484 -51.84 40.81 94.63
CA TYR NA 484 -53.28 40.84 94.90
C TYR NA 484 -53.46 40.30 96.32
N ARG NA 485 -53.55 41.20 97.28
CA ARG NA 485 -53.36 40.85 98.68
C ARG NA 485 -54.34 39.78 99.16
N GLN NA 486 -53.84 38.86 99.96
CA GLN NA 486 -54.61 37.80 100.59
C GLN NA 486 -54.71 38.04 102.09
N GLN NA 487 -55.60 37.32 102.73
CA GLN NA 487 -55.76 37.40 104.17
C GLN NA 487 -54.75 36.49 104.86
N ARG NA 488 -54.23 36.95 105.99
CA ARG NA 488 -53.15 36.26 106.68
C ARG NA 488 -53.75 35.34 107.75
N VAL NA 489 -53.49 34.05 107.63
CA VAL NA 489 -53.96 33.05 108.57
C VAL NA 489 -52.76 32.44 109.26
N SER NA 490 -52.84 32.30 110.57
CA SER NA 490 -51.79 31.69 111.36
C SER NA 490 -52.00 30.19 111.46
N LYS NA 491 -50.91 29.43 111.28
CA LYS NA 491 -50.96 28.00 111.49
C LYS NA 491 -51.24 27.63 112.94
N THR NA 492 -50.98 28.56 113.87
CA THR NA 492 -51.38 28.42 115.26
C THR NA 492 -52.77 29.03 115.42
N LYS NA 493 -53.76 28.17 115.65
CA LYS NA 493 -55.16 28.60 115.53
C LYS NA 493 -55.57 29.63 116.58
N THR NA 494 -54.85 29.73 117.69
CA THR NA 494 -55.25 30.68 118.73
C THR NA 494 -55.05 32.13 118.33
N ASP NA 495 -54.16 32.40 117.37
CA ASP NA 495 -53.92 33.77 116.94
C ASP NA 495 -54.84 34.23 115.83
N ASN NA 496 -55.76 33.39 115.39
CA ASN NA 496 -56.71 33.75 114.36
C ASN NA 496 -57.98 34.33 114.97
N ASN NA 497 -58.64 35.19 114.21
CA ASN NA 497 -59.88 35.79 114.66
C ASN NA 497 -60.94 34.73 114.89
N ASN NA 498 -61.80 34.97 115.89
CA ASN NA 498 -62.86 34.03 116.22
C ASN NA 498 -64.08 34.28 115.32
N SER NA 499 -63.94 33.84 114.08
CA SER NA 499 -65.02 33.89 113.10
C SER NA 499 -64.64 32.95 111.96
N ASN NA 500 -65.56 32.75 111.03
CA ASN NA 500 -65.24 31.87 109.90
C ASN NA 500 -64.37 32.59 108.87
N PHE NA 501 -64.92 33.63 108.24
CA PHE NA 501 -64.18 34.56 107.38
C PHE NA 501 -63.36 33.87 106.28
N THR NA 502 -63.58 32.59 106.06
CA THR NA 502 -62.97 31.92 104.91
C THR NA 502 -63.65 32.28 103.60
N TRP NA 503 -64.87 32.77 103.66
CA TRP NA 503 -65.54 33.26 102.48
C TRP NA 503 -65.80 34.76 102.53
N THR NA 504 -66.18 35.30 103.68
CA THR NA 504 -66.46 36.72 103.77
C THR NA 504 -65.19 37.57 103.75
N GLY NA 505 -64.08 37.04 104.24
CA GLY NA 505 -62.86 37.82 104.31
C GLY NA 505 -61.81 37.42 103.31
N ALA NA 506 -62.22 36.80 102.22
CA ALA NA 506 -61.29 36.23 101.27
C ALA NA 506 -61.25 37.01 99.97
N SER NA 507 -60.08 36.98 99.31
CA SER NA 507 -59.92 37.60 98.01
C SER NA 507 -60.63 36.76 96.96
N LYS NA 508 -61.58 37.36 96.27
CA LYS NA 508 -62.34 36.63 95.26
C LYS NA 508 -62.62 37.56 94.10
N TYR NA 509 -62.97 36.97 92.97
CA TYR NA 509 -63.26 37.75 91.77
C TYR NA 509 -64.71 37.52 91.35
N ASN NA 510 -65.23 38.53 90.66
CA ASN NA 510 -66.61 38.56 90.21
C ASN NA 510 -66.64 38.24 88.72
N LEU NA 511 -67.45 37.25 88.33
CA LEU NA 511 -67.57 36.87 86.92
C LEU NA 511 -69.01 36.49 86.65
N ASN NA 512 -69.71 37.30 85.83
CA ASN NA 512 -71.09 37.06 85.46
C ASN NA 512 -71.99 36.98 86.69
N GLY NA 513 -71.68 37.77 87.71
CA GLY NA 513 -72.51 37.87 88.87
C GLY NA 513 -72.24 36.88 89.98
N ARG NA 514 -71.34 35.92 89.78
CA ARG NA 514 -71.02 34.96 90.82
C ARG NA 514 -69.53 35.02 91.15
N GLU NA 515 -69.24 34.93 92.45
CA GLU NA 515 -67.91 35.14 92.98
C GLU NA 515 -67.14 33.82 93.03
N SER NA 516 -65.84 33.92 92.84
CA SER NA 516 -64.96 32.76 92.86
C SER NA 516 -63.70 33.12 93.63
N ILE NA 517 -63.31 32.26 94.57
CA ILE NA 517 -62.08 32.49 95.32
C ILE NA 517 -60.90 32.45 94.35
N ILE NA 518 -59.92 33.32 94.57
CA ILE NA 518 -58.78 33.39 93.66
C ILE NA 518 -58.01 32.08 93.68
N ASN NA 519 -57.39 31.73 94.81
CA ASN NA 519 -56.89 30.39 95.07
C ASN NA 519 -56.11 29.75 93.92
N PRO NA 520 -54.81 30.04 93.76
CA PRO NA 520 -53.95 30.85 94.63
C PRO NA 520 -53.59 32.20 94.04
N GLY NA 521 -53.89 32.40 92.77
CA GLY NA 521 -53.70 33.70 92.17
C GLY NA 521 -52.24 34.03 91.93
N THR NA 522 -51.91 35.30 92.16
CA THR NA 522 -50.58 35.81 91.85
C THR NA 522 -49.53 35.07 92.64
N ALA NA 523 -48.38 34.86 92.01
CA ALA NA 523 -47.25 34.18 92.64
C ALA NA 523 -46.58 35.15 93.60
N MET NA 524 -46.84 35.00 94.89
CA MET NA 524 -46.28 35.88 95.91
C MET NA 524 -45.68 35.05 97.03
N ALA NA 525 -44.81 35.68 97.80
CA ALA NA 525 -44.22 35.02 98.95
C ALA NA 525 -45.28 34.72 100.00
N SER NA 526 -45.19 33.52 100.58
CA SER NA 526 -46.17 33.11 101.57
C SER NA 526 -46.10 33.98 102.82
N HIS NA 527 -44.90 34.35 103.25
CA HIS NA 527 -44.73 35.13 104.48
C HIS NA 527 -43.42 35.89 104.36
N LYS NA 528 -43.11 36.65 105.41
CA LYS NA 528 -41.86 37.37 105.51
C LYS NA 528 -40.81 36.49 106.19
N ASP NA 529 -39.68 37.10 106.53
CA ASP NA 529 -38.69 36.42 107.35
C ASP NA 529 -39.19 36.28 108.78
N ASP NA 530 -38.88 35.14 109.39
CA ASP NA 530 -39.24 34.87 110.79
C ASP NA 530 -40.74 34.91 111.01
N GLU NA 531 -41.51 34.52 110.00
CA GLU NA 531 -42.97 34.56 110.06
C GLU NA 531 -43.57 33.32 109.43
N ASP NA 532 -42.91 32.17 109.60
CA ASP NA 532 -43.35 30.93 108.98
C ASP NA 532 -44.68 30.44 109.53
N LYS NA 533 -45.15 31.00 110.64
CA LYS NA 533 -46.43 30.62 111.23
C LYS NA 533 -47.63 31.15 110.47
N PHE NA 534 -47.42 32.03 109.49
CA PHE NA 534 -48.50 32.64 108.74
C PHE NA 534 -48.47 32.16 107.30
N PHE NA 535 -49.67 31.98 106.73
CA PHE NA 535 -49.81 31.70 105.32
C PHE NA 535 -51.01 32.47 104.78
N PRO NA 536 -51.00 32.83 103.50
CA PRO NA 536 -52.18 33.46 102.89
C PRO NA 536 -53.34 32.49 102.87
N MET NA 537 -54.54 33.03 103.07
CA MET NA 537 -55.70 32.17 103.30
C MET NA 537 -55.97 31.26 102.11
N SER NA 538 -55.84 31.79 100.89
CA SER NA 538 -56.02 30.98 99.68
C SER NA 538 -54.89 31.29 98.70
N GLY NA 539 -53.67 31.39 99.19
CA GLY NA 539 -52.55 31.75 98.34
C GLY NA 539 -51.53 30.65 98.21
N VAL NA 540 -51.79 29.50 98.81
CA VAL NA 540 -50.82 28.42 98.86
C VAL NA 540 -51.47 27.15 98.34
N MET NA 541 -50.65 26.29 97.73
CA MET NA 541 -51.09 24.96 97.33
C MET NA 541 -51.06 24.04 98.53
N ILE NA 542 -52.19 23.42 98.84
CA ILE NA 542 -52.31 22.55 100.01
C ILE NA 542 -52.57 21.15 99.51
N PHE NA 543 -51.65 20.23 99.82
CA PHE NA 543 -51.80 18.82 99.49
C PHE NA 543 -52.24 18.07 100.74
N GLY NA 544 -53.15 17.12 100.55
CA GLY NA 544 -53.60 16.30 101.65
C GLY NA 544 -52.72 15.07 101.80
N LYS NA 545 -52.44 14.73 103.05
CA LYS NA 545 -51.76 13.47 103.32
C LYS NA 545 -52.76 12.32 103.19
N GLU NA 546 -52.23 11.11 103.10
CA GLU NA 546 -53.10 9.95 103.17
C GLU NA 546 -53.76 9.91 104.55
N SER NA 547 -54.99 9.41 104.58
CA SER NA 547 -55.86 9.52 105.75
C SER NA 547 -56.22 10.97 106.04
N ALA NA 548 -56.51 11.73 104.99
CA ALA NA 548 -57.11 13.05 105.12
C ALA NA 548 -58.53 12.98 104.57
N GLY NA 549 -59.48 13.50 105.34
CA GLY NA 549 -60.86 13.48 104.92
C GLY NA 549 -61.11 14.41 103.75
N ALA NA 550 -62.29 14.24 103.15
CA ALA NA 550 -62.66 15.08 102.02
C ALA NA 550 -63.06 16.48 102.48
N SER NA 551 -63.70 16.59 103.64
CA SER NA 551 -64.22 17.86 104.11
C SER NA 551 -63.81 18.10 105.56
N ASN NA 552 -63.39 19.32 105.86
CA ASN NA 552 -63.07 19.76 107.22
C ASN NA 552 -62.05 18.86 107.89
N THR NA 553 -61.03 18.46 107.15
CA THR NA 553 -59.92 17.72 107.73
C THR NA 553 -59.02 18.67 108.51
N ALA NA 554 -57.97 18.12 109.11
CA ALA NA 554 -57.16 18.89 110.04
C ALA NA 554 -55.86 19.38 109.40
N LEU NA 555 -55.34 20.45 110.01
CA LEU NA 555 -54.03 20.97 109.63
C LEU NA 555 -52.96 19.89 109.73
N ASP NA 556 -53.15 18.94 110.64
CA ASP NA 556 -52.23 17.81 110.75
C ASP NA 556 -52.36 16.88 109.56
N ASN NA 557 -53.53 16.87 108.91
CA ASN NA 557 -53.75 15.99 107.78
C ASN NA 557 -53.45 16.63 106.44
N VAL NA 558 -53.23 17.95 106.41
CA VAL NA 558 -52.85 18.60 105.16
C VAL NA 558 -51.39 19.06 105.22
N MET NA 559 -50.81 19.23 104.04
CA MET NA 559 -49.45 19.76 103.89
C MET NA 559 -49.54 21.08 103.14
N ILE NA 560 -49.18 22.17 103.82
CA ILE NA 560 -49.22 23.51 103.23
C ILE NA 560 -47.85 23.81 102.62
N THR NA 561 -47.85 24.23 101.37
CA THR NA 561 -46.60 24.59 100.72
C THR NA 561 -46.15 25.98 101.15
N ASP NA 562 -44.91 26.30 100.81
CA ASP NA 562 -44.30 27.58 101.12
C ASP NA 562 -43.65 28.13 99.86
N GLU NA 563 -43.78 29.43 99.66
CA GLU NA 563 -43.16 30.14 98.54
C GLU NA 563 -42.09 31.10 99.05
N GLU NA 564 -41.26 30.63 99.98
CA GLU NA 564 -40.33 31.51 100.66
C GLU NA 564 -39.16 31.91 99.77
N GLU NA 565 -38.93 31.18 98.68
CA GLU NA 565 -37.75 31.41 97.87
C GLU NA 565 -37.92 32.59 96.92
N ILE NA 566 -39.14 33.07 96.70
CA ILE NA 566 -39.37 34.14 95.74
C ILE NA 566 -39.60 35.47 96.45
N LYS NA 567 -39.17 35.59 97.70
CA LYS NA 567 -39.17 36.88 98.38
C LYS NA 567 -38.22 37.87 97.72
N ALA NA 568 -37.25 37.39 96.94
CA ALA NA 568 -36.26 38.28 96.34
C ALA NA 568 -36.88 39.19 95.30
N THR NA 569 -37.95 38.76 94.63
CA THR NA 569 -38.56 39.53 93.56
C THR NA 569 -40.06 39.73 93.69
N ASN NA 570 -40.75 38.94 94.50
CA ASN NA 570 -42.19 38.99 94.57
C ASN NA 570 -42.64 39.58 95.90
N PRO NA 571 -43.75 40.34 95.91
CA PRO NA 571 -44.28 40.84 97.17
C PRO NA 571 -44.81 39.70 98.02
N VAL NA 572 -44.83 39.94 99.33
CA VAL NA 572 -45.41 38.97 100.25
C VAL NA 572 -46.92 38.96 100.08
N ALA NA 573 -47.51 37.77 100.04
CA ALA NA 573 -48.90 37.61 99.66
C ALA NA 573 -49.87 38.29 100.60
N THR NA 574 -49.51 38.43 101.87
CA THR NA 574 -50.43 38.94 102.88
C THR NA 574 -50.24 40.42 103.19
N GLU NA 575 -49.34 41.09 102.48
CA GLU NA 575 -49.06 42.50 102.74
C GLU NA 575 -49.23 43.32 101.46
N ARG NA 576 -49.35 44.63 101.66
CA ARG NA 576 -49.60 45.55 100.56
C ARG NA 576 -48.40 45.57 99.61
N PHE NA 577 -48.68 45.92 98.35
CA PHE NA 577 -47.60 46.18 97.41
C PHE NA 577 -46.77 47.37 97.88
N GLY NA 578 -47.41 48.40 98.38
CA GLY NA 578 -46.71 49.58 98.83
C GLY NA 578 -47.70 50.68 99.12
N THR NA 579 -47.17 51.90 99.22
CA THR NA 579 -47.98 53.08 99.43
C THR NA 579 -47.92 53.99 98.21
N VAL NA 580 -48.92 54.84 98.08
CA VAL NA 580 -49.03 55.76 96.97
C VAL NA 580 -49.54 57.09 97.49
N ALA NA 581 -49.07 58.18 96.90
CA ALA NA 581 -49.58 59.49 97.25
C ALA NA 581 -51.02 59.63 96.79
N VAL NA 582 -51.85 60.27 97.60
CA VAL NA 582 -53.28 60.37 97.30
C VAL NA 582 -53.79 61.80 97.32
N ASN NA 583 -52.93 62.80 97.52
CA ASN NA 583 -53.38 64.18 97.55
C ASN NA 583 -52.23 65.08 97.13
N PHE NA 584 -52.44 66.39 97.23
CA PHE NA 584 -51.40 67.39 97.01
C PHE NA 584 -51.05 68.01 98.35
N GLN NA 585 -49.79 67.90 98.75
CA GLN NA 585 -49.33 68.59 99.94
C GLN NA 585 -49.13 70.07 99.64
N SER NA 586 -49.44 70.91 100.63
CA SER NA 586 -49.29 72.35 100.47
C SER NA 586 -49.16 72.98 101.84
N SER NA 587 -48.68 74.21 101.84
CA SER NA 587 -48.56 75.00 103.06
C SER NA 587 -49.75 75.95 103.18
N SER NA 588 -49.95 76.47 104.39
CA SER NA 588 -51.01 77.42 104.63
C SER NA 588 -50.70 78.76 103.96
N THR NA 589 -51.74 79.44 103.52
CA THR NA 589 -51.58 80.74 102.88
C THR NA 589 -52.65 81.72 103.34
N VAL NA 592 -55.02 80.92 100.90
CA VAL NA 592 -55.68 79.66 101.20
C VAL NA 592 -55.19 79.11 102.53
N PRO NA 593 -55.77 79.58 103.62
CA PRO NA 593 -55.29 79.18 104.95
C PRO NA 593 -55.77 77.81 105.37
N PHE NA 594 -55.71 76.85 104.46
CA PHE NA 594 -56.08 75.46 104.73
C PHE NA 594 -54.87 74.59 104.35
N LYS NA 595 -53.97 74.42 105.31
CA LYS NA 595 -52.78 73.59 105.09
C LYS NA 595 -53.17 72.15 104.82
N THR NA 596 -52.52 71.54 103.83
CA THR NA 596 -52.80 70.15 103.44
C THR NA 596 -51.57 69.30 103.71
N ASP NA 597 -51.68 68.41 104.68
CA ASP NA 597 -50.62 67.46 104.93
C ASP NA 597 -50.56 66.43 103.82
N PRO NA 598 -49.38 65.95 103.45
CA PRO NA 598 -49.29 64.85 102.48
C PRO NA 598 -49.94 63.59 103.03
N ALA NA 599 -50.57 62.85 102.12
CA ALA NA 599 -51.32 61.66 102.51
C ALA NA 599 -50.98 60.52 101.57
N THR NA 600 -50.78 59.34 102.15
CA THR NA 600 -50.51 58.13 101.39
C THR NA 600 -51.58 57.09 101.68
N GLY NA 601 -51.79 56.20 100.72
CA GLY NA 601 -52.69 55.10 100.89
C GLY NA 601 -52.02 53.80 100.49
N ASP NA 602 -52.43 52.72 101.16
CA ASP NA 602 -51.88 51.41 100.88
C ASP NA 602 -52.41 50.86 99.57
N VAL NA 603 -51.53 50.24 98.80
CA VAL NA 603 -51.86 49.65 97.51
C VAL NA 603 -51.95 48.15 97.73
N HIS NA 604 -53.18 47.61 97.67
CA HIS NA 604 -53.41 46.21 98.00
C HIS NA 604 -53.43 45.32 96.78
N ALA NA 605 -53.92 45.82 95.65
CA ALA NA 605 -53.87 45.09 94.39
C ALA NA 605 -53.17 45.98 93.37
N MET NA 606 -52.08 45.47 92.81
CA MET NA 606 -51.28 46.21 91.85
C MET NA 606 -51.15 45.39 90.58
N GLY NA 607 -51.59 45.95 89.45
CA GLY NA 607 -51.41 45.32 88.18
C GLY NA 607 -50.01 45.55 87.65
N ALA NA 608 -49.76 45.02 86.46
CA ALA NA 608 -48.43 45.06 85.89
C ALA NA 608 -48.05 46.49 85.51
N LEU NA 609 -46.91 46.94 86.04
CA LEU NA 609 -46.26 48.18 85.68
C LEU NA 609 -45.00 47.88 84.88
N PRO NA 610 -44.62 48.72 83.93
CA PRO NA 610 -43.35 48.52 83.24
C PRO NA 610 -42.20 48.62 84.22
N GLY NA 611 -41.20 47.76 84.03
CA GLY NA 611 -40.11 47.61 84.96
C GLY NA 611 -40.33 46.56 86.02
N MET NA 612 -41.52 45.97 86.08
CA MET NA 612 -41.79 44.91 87.04
C MET NA 612 -41.11 43.60 86.65
N VAL NA 613 -40.58 42.90 87.64
CA VAL NA 613 -39.99 41.58 87.46
C VAL NA 613 -40.54 40.67 88.55
N TRP NA 614 -40.75 39.41 88.20
CA TRP NA 614 -41.32 38.47 89.17
C TRP NA 614 -40.90 37.06 88.81
N GLN NA 615 -41.09 36.15 89.77
CA GLN NA 615 -40.97 34.72 89.55
C GLN NA 615 -42.33 34.08 89.57
N ASP NA 616 -42.46 32.97 88.85
CA ASP NA 616 -43.70 32.21 88.81
C ASP NA 616 -43.77 31.30 90.02
N ARG NA 617 -44.92 30.64 90.19
CA ARG NA 617 -45.08 29.69 91.27
C ARG NA 617 -44.21 28.46 91.04
N ASP NA 618 -43.78 27.85 92.15
CA ASP NA 618 -42.98 26.64 92.07
C ASP NA 618 -43.84 25.45 91.68
N VAL NA 619 -43.19 24.45 91.10
CA VAL NA 619 -43.82 23.16 90.83
C VAL NA 619 -43.38 22.18 91.90
N TYR NA 620 -44.22 21.19 92.16
CA TYR NA 620 -43.97 20.22 93.22
C TYR NA 620 -44.09 18.82 92.64
N LEU NA 621 -43.48 17.86 93.33
CA LEU NA 621 -43.56 16.47 92.88
C LEU NA 621 -45.01 15.99 92.84
N GLN NA 622 -45.85 16.48 93.75
CA GLN NA 622 -47.24 16.12 93.81
C GLN NA 622 -48.13 17.04 92.99
N GLY NA 623 -47.57 18.04 92.32
CA GLY NA 623 -48.35 19.06 91.68
C GLY NA 623 -48.53 18.86 90.19
N PRO NA 624 -49.34 19.71 89.57
CA PRO NA 624 -49.58 19.58 88.12
C PRO NA 624 -48.37 19.97 87.30
N ILE NA 625 -48.31 19.42 86.08
CA ILE NA 625 -47.23 19.71 85.15
C ILE NA 625 -47.61 20.84 84.21
N TRP NA 626 -48.74 20.74 83.55
CA TRP NA 626 -49.12 21.69 82.52
C TRP NA 626 -50.57 22.11 82.69
N ALA NA 627 -50.96 23.08 81.86
CA ALA NA 627 -52.34 23.52 81.75
C ALA NA 627 -52.55 24.07 80.36
N LYS NA 628 -53.74 23.83 79.80
CA LYS NA 628 -54.10 24.43 78.53
C LYS NA 628 -54.37 25.91 78.71
N ILE NA 629 -53.72 26.73 77.90
CA ILE NA 629 -54.01 28.17 77.90
C ILE NA 629 -55.33 28.40 77.19
N PRO NA 630 -56.28 29.11 77.80
CA PRO NA 630 -57.57 29.32 77.16
C PRO NA 630 -57.42 30.02 75.82
N HIS NA 631 -58.23 29.60 74.86
CA HIS NA 631 -58.20 30.19 73.52
C HIS NA 631 -58.99 31.49 73.55
N THR NA 632 -58.31 32.56 73.91
CA THR NA 632 -58.87 33.88 74.04
C THR NA 632 -58.11 34.86 73.15
N ASP NA 633 -58.69 36.06 72.99
CA ASP NA 633 -58.01 37.09 72.23
C ASP NA 633 -56.75 37.56 72.92
N GLY NA 634 -56.80 37.74 74.23
CA GLY NA 634 -55.64 38.22 74.96
C GLY NA 634 -55.41 37.41 76.21
N HIS NA 635 -54.14 37.36 76.60
CA HIS NA 635 -53.75 36.77 77.87
C HIS NA 635 -52.40 37.37 78.24
N PHE NA 636 -52.20 37.61 79.52
CA PHE NA 636 -50.98 38.23 80.01
C PHE NA 636 -50.18 37.18 80.79
N HIS NA 637 -48.98 36.88 80.29
CA HIS NA 637 -48.05 35.94 80.90
C HIS NA 637 -48.76 34.61 81.19
N PRO NA 638 -49.08 33.84 80.15
CA PRO NA 638 -49.98 32.68 80.32
C PRO NA 638 -49.32 31.50 81.01
N SER NA 639 -48.83 31.74 82.22
CA SER NA 639 -48.31 30.69 83.08
C SER NA 639 -49.38 30.31 84.09
N PRO NA 640 -49.71 29.02 84.21
CA PRO NA 640 -50.82 28.64 85.10
C PRO NA 640 -50.57 29.07 86.53
N LEU NA 641 -51.64 29.46 87.21
CA LEU NA 641 -51.49 30.01 88.55
C LEU NA 641 -51.24 28.91 89.58
N MET NA 642 -51.62 27.68 89.27
CA MET NA 642 -51.24 26.57 90.15
C MET NA 642 -49.77 26.17 89.97
N GLY NA 643 -49.11 26.65 88.94
CA GLY NA 643 -47.75 26.28 88.65
C GLY NA 643 -47.67 25.31 87.49
N GLY NA 644 -46.57 25.38 86.77
CA GLY NA 644 -46.38 24.50 85.63
C GLY NA 644 -46.20 25.22 84.32
N PHE NA 645 -46.41 24.50 83.23
CA PHE NA 645 -46.22 25.01 81.89
C PHE NA 645 -47.58 25.27 81.26
N GLY NA 646 -47.79 26.50 80.80
CA GLY NA 646 -48.98 26.80 80.04
C GLY NA 646 -48.74 26.49 78.58
N LEU NA 647 -49.56 25.61 78.01
CA LEU NA 647 -49.40 25.18 76.62
C LEU NA 647 -50.64 25.56 75.82
N LYS NA 648 -50.43 26.15 74.65
CA LYS NA 648 -51.56 26.41 73.76
C LYS NA 648 -52.13 25.11 73.22
N ASN NA 649 -51.27 24.19 72.82
CA ASN NA 649 -51.67 22.84 72.44
C ASN NA 649 -51.08 21.88 73.46
N PRO NA 650 -51.76 21.62 74.56
CA PRO NA 650 -51.23 20.72 75.57
C PRO NA 650 -51.32 19.28 75.11
N PRO NA 651 -50.80 18.32 75.88
CA PRO NA 651 -51.04 16.92 75.57
C PRO NA 651 -52.53 16.64 75.52
N PRO NA 652 -53.01 16.04 74.44
CA PRO NA 652 -54.46 15.86 74.28
C PRO NA 652 -55.01 14.82 75.24
N GLN NA 653 -56.31 14.91 75.46
CA GLN NA 653 -57.00 13.97 76.31
C GLN NA 653 -57.16 12.63 75.60
N ILE NA 654 -56.82 11.55 76.29
CA ILE NA 654 -57.05 10.20 75.82
C ILE NA 654 -58.31 9.70 76.52
N LEU NA 655 -59.33 9.38 75.73
CA LEU NA 655 -60.62 9.00 76.24
C LEU NA 655 -60.88 7.54 75.89
N ILE NA 656 -61.38 6.79 76.86
CA ILE NA 656 -61.50 5.36 76.76
C ILE NA 656 -62.83 4.95 77.36
N LYS NA 657 -63.50 3.98 76.74
CA LYS NA 657 -64.70 3.42 77.34
C LYS NA 657 -64.87 2.00 76.87
N ASN NA 658 -65.66 1.24 77.62
CA ASN NA 658 -66.02 -0.11 77.22
C ASN NA 658 -67.15 -0.05 76.21
N THR NA 659 -67.00 -0.76 75.10
CA THR NA 659 -68.09 -0.82 74.14
C THR NA 659 -69.27 -1.57 74.76
N PRO NA 660 -70.48 -1.01 74.74
CA PRO NA 660 -71.61 -1.70 75.35
C PRO NA 660 -71.91 -3.02 74.65
N VAL NA 661 -72.19 -4.04 75.44
CA VAL NA 661 -72.61 -5.35 74.95
C VAL NA 661 -74.05 -5.57 75.40
N PRO NA 662 -75.02 -5.54 74.50
CA PRO NA 662 -76.42 -5.72 74.91
C PRO NA 662 -76.68 -7.11 75.44
N ALA NA 663 -77.64 -7.19 76.35
CA ALA NA 663 -78.12 -8.47 76.83
C ALA NA 663 -79.09 -9.08 75.81
N ASN NA 664 -79.79 -10.12 76.22
CA ASN NA 664 -80.66 -10.85 75.30
C ASN NA 664 -81.79 -9.95 74.81
N PRO NA 665 -81.93 -9.73 73.51
CA PRO NA 665 -83.03 -8.90 73.01
C PRO NA 665 -84.33 -9.67 73.01
N PRO NA 666 -85.47 -8.97 72.93
CA PRO NA 666 -86.76 -9.67 72.87
C PRO NA 666 -86.93 -10.41 71.55
N ALA NA 667 -87.86 -11.37 71.56
CA ALA NA 667 -88.15 -12.14 70.35
C ALA NA 667 -88.79 -11.27 69.27
N GLU NA 668 -89.68 -10.36 69.66
CA GLU NA 668 -90.30 -9.41 68.75
C GLU NA 668 -89.53 -8.09 68.77
N PHE NA 669 -89.57 -7.40 67.63
CA PHE NA 669 -88.83 -6.16 67.47
C PHE NA 669 -89.43 -5.04 68.31
N SER NA 670 -88.55 -4.25 68.93
CA SER NA 670 -88.93 -3.07 69.69
C SER NA 670 -88.01 -1.94 69.31
N ALA NA 671 -88.58 -0.79 68.96
CA ALA NA 671 -87.77 0.35 68.59
C ALA NA 671 -87.24 1.12 69.78
N THR NA 672 -87.73 0.82 70.98
CA THR NA 672 -87.18 1.42 72.19
C THR NA 672 -85.71 1.08 72.31
N LYS NA 673 -84.89 2.07 72.61
CA LYS NA 673 -83.45 1.86 72.68
C LYS NA 673 -83.10 0.89 73.80
N PHE NA 674 -82.00 0.18 73.59
CA PHE NA 674 -81.59 -0.85 74.53
C PHE NA 674 -81.24 -0.24 75.88
N ALA NA 675 -81.71 -0.88 76.94
CA ALA NA 675 -81.37 -0.47 78.29
C ALA NA 675 -80.77 -1.61 79.11
N SER NA 676 -80.84 -2.83 78.61
CA SER NA 676 -80.29 -4.00 79.29
C SER NA 676 -78.96 -4.35 78.65
N PHE NA 677 -77.89 -4.25 79.42
CA PHE NA 677 -76.55 -4.51 78.93
C PHE NA 677 -75.86 -5.54 79.79
N ILE NA 678 -74.91 -6.23 79.18
CA ILE NA 678 -74.06 -7.17 79.89
C ILE NA 678 -73.06 -6.35 80.71
N THR NA 679 -73.02 -6.61 82.02
CA THR NA 679 -72.19 -5.82 82.92
C THR NA 679 -70.73 -6.23 82.78
N GLN NA 680 -69.88 -5.28 82.46
CA GLN NA 680 -68.48 -5.62 82.28
C GLN NA 680 -67.60 -4.41 82.56
N TYR NA 681 -66.32 -4.70 82.82
CA TYR NA 681 -65.30 -3.69 83.00
C TYR NA 681 -64.08 -4.12 82.21
N SER NA 682 -63.04 -3.30 82.23
CA SER NA 682 -61.81 -3.66 81.55
C SER NA 682 -60.62 -3.28 82.42
N THR NA 683 -59.51 -3.95 82.17
CA THR NA 683 -58.27 -3.69 82.87
C THR NA 683 -57.14 -3.72 81.85
N GLY NA 684 -56.03 -3.10 82.21
CA GLY NA 684 -54.91 -3.11 81.28
C GLY NA 684 -53.73 -2.37 81.84
N GLN NA 685 -52.75 -2.16 80.98
CA GLN NA 685 -51.53 -1.45 81.33
C GLN NA 685 -51.40 -0.20 80.46
N VAL NA 686 -50.90 0.87 81.06
CA VAL NA 686 -50.70 2.14 80.39
C VAL NA 686 -49.25 2.58 80.62
N SER NA 687 -48.58 2.99 79.56
CA SER NA 687 -47.21 3.48 79.62
C SER NA 687 -47.17 4.92 79.12
N VAL NA 688 -46.49 5.77 79.87
CA VAL NA 688 -46.23 7.15 79.46
C VAL NA 688 -44.73 7.38 79.56
N GLU NA 689 -44.13 7.87 78.48
CA GLU NA 689 -42.72 8.19 78.42
C GLU NA 689 -42.57 9.66 78.05
N ILE NA 690 -41.95 10.45 78.92
CA ILE NA 690 -41.69 11.86 78.64
C ILE NA 690 -40.20 12.10 78.59
N GLU NA 691 -39.75 12.73 77.51
CA GLU NA 691 -38.42 13.31 77.42
C GLU NA 691 -38.49 14.75 77.89
N TRP NA 692 -37.61 15.10 78.83
CA TRP NA 692 -37.47 16.44 79.39
C TRP NA 692 -36.10 16.98 79.05
N GLU NA 693 -36.06 18.25 78.65
CA GLU NA 693 -34.81 18.98 78.46
C GLU NA 693 -34.42 19.65 79.77
N LEU NA 694 -33.14 19.53 80.11
CA LEU NA 694 -32.58 20.08 81.33
C LEU NA 694 -31.76 21.33 81.01
N GLN NA 695 -31.67 22.20 81.98
CA GLN NA 695 -30.86 23.42 81.91
C GLN NA 695 -29.94 23.36 83.12
N LYS NA 696 -28.67 23.03 82.87
CA LYS NA 696 -27.70 22.78 83.91
C LYS NA 696 -27.27 24.06 84.60
N GLU NA 697 -26.93 23.93 85.88
CA GLU NA 697 -26.34 25.04 86.60
C GLU NA 697 -24.95 25.34 86.02
N ASN NA 698 -24.59 26.62 86.02
CA ASN NA 698 -23.26 27.05 85.61
C ASN NA 698 -22.67 28.01 86.65
N SER NA 699 -22.89 27.70 87.93
CA SER NA 699 -22.66 28.65 88.99
C SER NA 699 -21.17 28.77 89.33
N LYS NA 700 -20.78 29.97 89.74
CA LYS NA 700 -19.45 30.25 90.24
C LYS NA 700 -19.45 30.47 91.74
N ARG NA 701 -20.54 30.11 92.40
CA ARG NA 701 -20.66 30.26 93.84
C ARG NA 701 -19.62 29.41 94.56
N TRP NA 702 -19.04 29.98 95.62
CA TRP NA 702 -17.97 29.31 96.32
C TRP NA 702 -18.48 28.38 97.42
N ASN NA 703 -19.35 28.89 98.29
CA ASN NA 703 -19.86 28.10 99.39
C ASN NA 703 -20.84 27.05 98.89
N PRO NA 704 -21.06 25.98 99.66
CA PRO NA 704 -21.98 24.94 99.21
C PRO NA 704 -23.42 25.43 99.16
N GLU NA 705 -24.18 24.82 98.25
CA GLU NA 705 -25.57 25.15 98.02
C GLU NA 705 -26.47 24.42 98.99
N VAL NA 706 -27.70 24.92 99.11
CA VAL NA 706 -28.76 24.21 99.82
C VAL NA 706 -29.31 23.12 98.90
N GLN NA 707 -29.39 21.90 99.41
CA GLN NA 707 -29.88 20.77 98.65
C GLN NA 707 -31.06 20.15 99.39
N TYR NA 708 -31.94 19.51 98.63
CA TYR NA 708 -32.96 18.68 99.25
C TYR NA 708 -32.32 17.37 99.67
N THR NA 709 -32.50 17.00 100.94
CA THR NA 709 -31.86 15.83 101.48
C THR NA 709 -32.84 15.04 102.33
N SER NA 710 -32.61 13.74 102.41
CA SER NA 710 -33.25 12.92 103.41
C SER NA 710 -32.65 13.21 104.78
N ASN NA 711 -33.47 13.10 105.80
CA ASN NA 711 -32.99 13.26 107.17
C ASN NA 711 -32.32 11.98 107.61
N TYR NA 712 -31.10 12.09 108.13
CA TYR NA 712 -30.38 10.96 108.71
C TYR NA 712 -30.76 10.91 110.19
N ALA NA 713 -31.51 9.89 110.57
CA ALA NA 713 -31.91 9.70 111.95
C ALA NA 713 -32.68 8.41 112.04
N LYS NA 714 -32.60 7.75 113.20
CA LYS NA 714 -33.43 6.59 113.41
C LYS NA 714 -34.89 7.00 113.40
N SER NA 715 -35.65 6.43 112.47
CA SER NA 715 -37.07 6.72 112.34
C SER NA 715 -37.82 5.41 112.19
N ALA NA 716 -39.08 5.41 112.62
CA ALA NA 716 -39.89 4.21 112.53
C ALA NA 716 -40.10 3.79 111.08
N ASN NA 717 -40.15 4.76 110.17
CA ASN NA 717 -40.35 4.50 108.75
C ASN NA 717 -39.31 5.27 107.95
N VAL NA 718 -39.19 4.89 106.68
CA VAL NA 718 -38.39 5.64 105.71
C VAL NA 718 -39.34 6.54 104.92
N ASP NA 719 -38.91 7.76 104.65
CA ASP NA 719 -39.74 8.69 103.91
C ASP NA 719 -39.92 8.23 102.47
N PHE NA 720 -41.11 8.48 101.93
CA PHE NA 720 -41.47 8.12 100.56
C PHE NA 720 -41.37 6.61 100.34
N THR NA 721 -41.90 5.84 101.28
CA THR NA 721 -41.92 4.39 101.18
C THR NA 721 -43.30 3.87 101.58
N VAL NA 722 -43.41 2.56 101.71
CA VAL NA 722 -44.64 1.93 102.17
C VAL NA 722 -44.49 1.66 103.66
N ASP NA 723 -45.63 1.51 104.33
CA ASP NA 723 -45.63 1.13 105.74
C ASP NA 723 -45.82 -0.38 105.85
N ASN NA 724 -46.04 -0.87 107.06
CA ASN NA 724 -46.25 -2.30 107.25
C ASN NA 724 -47.58 -2.77 106.67
N ASN NA 725 -48.51 -1.85 106.38
CA ASN NA 725 -49.77 -2.20 105.74
C ASN NA 725 -49.71 -2.12 104.23
N GLY NA 726 -48.61 -1.65 103.66
CA GLY NA 726 -48.48 -1.55 102.22
C GLY NA 726 -48.93 -0.24 101.62
N LEU NA 727 -49.09 0.80 102.42
CA LEU NA 727 -49.63 2.07 101.94
C LEU NA 727 -48.48 3.02 101.65
N TYR NA 728 -48.35 3.42 100.40
CA TYR NA 728 -47.35 4.40 100.01
C TYR NA 728 -47.78 5.79 100.44
N THR NA 729 -46.87 6.52 101.09
CA THR NA 729 -47.14 7.86 101.57
C THR NA 729 -46.01 8.79 101.17
N GLU NA 730 -46.35 10.06 100.98
CA GLU NA 730 -45.37 11.11 100.74
C GLU NA 730 -45.37 12.06 101.91
N PRO NA 731 -44.32 12.10 102.73
CA PRO NA 731 -44.35 12.88 103.97
C PRO NA 731 -44.50 14.38 103.78
N ARG NA 732 -43.95 14.94 102.71
CA ARG NA 732 -43.91 16.38 102.54
C ARG NA 732 -43.96 16.70 101.06
N PRO NA 733 -44.39 17.91 100.70
CA PRO NA 733 -44.26 18.35 99.31
C PRO NA 733 -42.86 18.90 99.04
N ILE NA 734 -42.27 18.49 97.93
CA ILE NA 734 -40.93 18.91 97.55
C ILE NA 734 -41.04 19.87 96.37
N GLY NA 735 -40.48 21.07 96.53
CA GLY NA 735 -40.39 22.02 95.44
C GLY NA 735 -39.16 21.79 94.59
N THR NA 736 -38.78 22.82 93.86
CA THR NA 736 -37.67 22.75 92.93
C THR NA 736 -36.54 23.70 93.25
N ARG NA 737 -36.80 24.78 93.98
CA ARG NA 737 -35.87 25.90 94.08
C ARG NA 737 -34.89 25.64 95.22
N TYR NA 738 -33.77 24.99 94.91
CA TYR NA 738 -32.74 24.72 95.90
C TYR NA 738 -31.42 25.35 95.49
N LEU NA 739 -31.01 25.15 94.25
CA LEU NA 739 -29.85 25.85 93.73
C LEU NA 739 -30.17 27.34 93.65
N THR NA 740 -29.14 28.17 93.56
CA THR NA 740 -29.33 29.61 93.47
C THR NA 740 -28.59 30.17 92.27
N ARG NA 741 -28.99 31.37 91.88
CA ARG NA 741 -28.29 32.11 90.85
C ARG NA 741 -28.45 33.60 91.15
N PRO NA 742 -27.52 34.42 90.70
CA PRO NA 742 -27.63 35.87 90.96
C PRO NA 742 -28.78 36.48 90.19
N LEU NA 743 -29.39 37.50 90.80
CA LEU NA 743 -30.58 38.13 90.25
C LEU NA 743 -30.24 39.01 89.05
N ASP OA 219 -21.72 -37.86 -75.15
CA ASP OA 219 -21.21 -38.61 -74.00
C ASP OA 219 -20.62 -39.94 -74.41
N GLY OA 220 -20.55 -40.19 -75.72
CA GLY OA 220 -19.90 -41.37 -76.25
C GLY OA 220 -20.80 -42.15 -77.19
N VAL OA 221 -20.15 -43.06 -77.93
CA VAL OA 221 -20.86 -43.92 -78.86
C VAL OA 221 -21.69 -44.97 -78.12
N GLY OA 222 -21.15 -45.54 -77.05
CA GLY OA 222 -21.80 -46.65 -76.39
C GLY OA 222 -22.58 -46.29 -75.15
N ASN OA 223 -22.92 -45.02 -75.01
CA ASN OA 223 -23.66 -44.52 -73.85
C ASN OA 223 -24.90 -43.81 -74.35
N ALA OA 224 -26.07 -44.22 -73.85
CA ALA OA 224 -27.32 -43.59 -74.24
C ALA OA 224 -27.42 -42.20 -73.64
N SER OA 225 -27.91 -41.24 -74.44
CA SER OA 225 -28.00 -39.86 -74.00
C SER OA 225 -29.37 -39.50 -73.46
N GLY OA 226 -30.27 -40.46 -73.32
CA GLY OA 226 -31.55 -40.19 -72.70
C GLY OA 226 -32.32 -41.46 -72.50
N ASN OA 227 -33.40 -41.34 -71.74
CA ASN OA 227 -34.27 -42.46 -71.42
C ASN OA 227 -35.66 -42.22 -71.98
N TRP OA 228 -36.44 -43.28 -72.01
CA TRP OA 228 -37.83 -43.19 -72.49
C TRP OA 228 -38.69 -42.66 -71.36
N HIS OA 229 -39.23 -41.47 -71.53
CA HIS OA 229 -40.09 -40.83 -70.55
C HIS OA 229 -41.46 -40.62 -71.18
N CYS OA 230 -42.35 -41.58 -70.99
CA CYS OA 230 -43.72 -41.50 -71.48
C CYS OA 230 -44.64 -41.82 -70.32
N ASP OA 231 -45.33 -40.81 -69.81
CA ASP OA 231 -46.04 -40.96 -68.54
C ASP OA 231 -47.09 -39.85 -68.46
N SER OA 232 -47.87 -39.88 -67.38
CA SER OA 232 -48.82 -38.82 -67.09
C SER OA 232 -49.05 -38.79 -65.59
N THR OA 233 -48.71 -37.68 -64.95
CA THR OA 233 -48.81 -37.53 -63.51
C THR OA 233 -49.90 -36.52 -63.21
N TRP OA 234 -50.84 -36.90 -62.36
CA TRP OA 234 -51.96 -36.04 -61.99
C TRP OA 234 -51.75 -35.55 -60.57
N LEU OA 235 -51.49 -34.27 -60.43
CA LEU OA 235 -51.42 -33.63 -59.12
C LEU OA 235 -52.79 -33.05 -58.82
N GLY OA 236 -52.90 -32.23 -57.77
CA GLY OA 236 -54.19 -31.69 -57.41
C GLY OA 236 -54.78 -30.78 -58.49
N ASP OA 237 -54.00 -29.81 -58.94
CA ASP OA 237 -54.47 -28.84 -59.92
C ASP OA 237 -53.62 -28.82 -61.18
N ARG OA 238 -52.62 -29.69 -61.29
CA ARG OA 238 -51.79 -29.78 -62.47
C ARG OA 238 -51.87 -31.20 -63.00
N VAL OA 239 -51.59 -31.34 -64.30
CA VAL OA 239 -51.29 -32.63 -64.89
C VAL OA 239 -50.06 -32.46 -65.76
N ILE OA 240 -49.09 -33.36 -65.61
CA ILE OA 240 -47.86 -33.33 -66.40
C ILE OA 240 -47.88 -34.53 -67.32
N THR OA 241 -47.87 -34.26 -68.63
CA THR OA 241 -47.88 -35.30 -69.65
C THR OA 241 -46.51 -35.35 -70.32
N THR OA 242 -45.91 -36.53 -70.35
CA THR OA 242 -44.64 -36.76 -71.02
C THR OA 242 -44.84 -37.76 -72.15
N SER OA 243 -44.23 -37.49 -73.30
CA SER OA 243 -44.35 -38.34 -74.47
C SER OA 243 -43.00 -38.48 -75.13
N THR OA 244 -42.57 -39.72 -75.34
CA THR OA 244 -41.39 -40.03 -76.11
C THR OA 244 -41.79 -40.77 -77.38
N ARG OA 245 -41.17 -40.40 -78.49
CA ARG OA 245 -41.42 -41.02 -79.78
C ARG OA 245 -40.10 -41.24 -80.50
N THR OA 246 -40.11 -42.17 -81.45
CA THR OA 246 -38.97 -42.43 -82.30
C THR OA 246 -39.21 -41.79 -83.66
N TRP OA 247 -38.27 -40.97 -84.09
CA TRP OA 247 -38.37 -40.23 -85.34
C TRP OA 247 -37.28 -40.66 -86.32
N ALA OA 248 -37.62 -40.52 -87.59
CA ALA OA 248 -36.69 -40.67 -88.71
C ALA OA 248 -36.69 -39.40 -89.53
N LEU OA 249 -35.50 -38.86 -89.78
CA LEU OA 249 -35.33 -37.64 -90.55
C LEU OA 249 -34.52 -37.96 -91.79
N PRO OA 250 -35.08 -37.78 -92.99
CA PRO OA 250 -34.30 -38.00 -94.21
C PRO OA 250 -33.56 -36.76 -94.64
N THR OA 251 -32.89 -36.83 -95.78
CA THR OA 251 -32.34 -35.65 -96.44
C THR OA 251 -33.39 -35.10 -97.40
N TYR OA 252 -33.72 -33.83 -97.24
CA TYR OA 252 -34.74 -33.18 -98.05
C TYR OA 252 -34.08 -32.30 -99.10
N ASN OA 253 -34.55 -32.41 -100.34
CA ASN OA 253 -34.15 -31.55 -101.45
C ASN OA 253 -32.70 -31.74 -101.89
N ASN OA 254 -32.05 -32.81 -101.44
CA ASN OA 254 -30.61 -32.98 -101.63
C ASN OA 254 -29.83 -31.80 -101.05
N HIS OA 255 -30.23 -31.39 -99.84
CA HIS OA 255 -29.57 -30.31 -99.09
C HIS OA 255 -29.70 -28.96 -99.81
N LEU OA 256 -30.74 -28.80 -100.60
CA LEU OA 256 -30.91 -27.59 -101.40
C LEU OA 256 -32.11 -26.79 -100.93
N TYR OA 257 -32.01 -25.48 -101.08
CA TYR OA 257 -33.14 -24.58 -100.95
C TYR OA 257 -33.74 -24.39 -102.33
N LYS OA 258 -35.03 -24.65 -102.47
CA LYS OA 258 -35.68 -24.56 -103.76
C LYS OA 258 -36.82 -23.56 -103.70
N GLN OA 259 -36.98 -22.80 -104.76
CA GLN OA 259 -38.08 -21.85 -104.89
C GLN OA 259 -39.26 -22.57 -105.53
N ILE OA 260 -40.40 -22.52 -104.85
CA ILE OA 260 -41.61 -23.20 -105.30
C ILE OA 260 -42.69 -22.18 -105.57
N SER OA 261 -43.51 -22.45 -106.58
CA SER OA 261 -44.63 -21.59 -106.92
C SER OA 261 -45.67 -22.43 -107.64
N SER OA 262 -46.72 -21.77 -108.12
CA SER OA 262 -47.82 -22.43 -108.82
C SER OA 262 -47.72 -22.29 -110.33
N ALA OA 263 -46.62 -21.74 -110.85
CA ALA OA 263 -46.52 -21.48 -112.27
C ALA OA 263 -46.57 -22.75 -113.09
N SER OA 264 -45.84 -23.79 -112.68
CA SER OA 264 -45.92 -25.06 -113.39
C SER OA 264 -47.22 -25.79 -113.08
N THR OA 265 -47.77 -25.58 -111.88
CA THR OA 265 -49.03 -26.23 -111.53
C THR OA 265 -50.16 -25.76 -112.43
N GLY OA 266 -50.17 -24.50 -112.81
CA GLY OA 266 -51.28 -23.97 -113.58
C GLY OA 266 -52.58 -23.92 -112.82
N ALA OA 267 -52.54 -23.45 -111.57
CA ALA OA 267 -53.70 -23.42 -110.71
C ALA OA 267 -54.57 -22.21 -111.04
N SER OA 268 -55.72 -22.12 -110.35
CA SER OA 268 -56.59 -20.98 -110.47
C SER OA 268 -56.00 -19.79 -109.71
N ASN OA 269 -56.58 -18.62 -109.94
CA ASN OA 269 -56.08 -17.41 -109.30
C ASN OA 269 -56.16 -17.50 -107.77
N ASP OA 270 -57.13 -18.27 -107.26
CA ASP OA 270 -57.28 -18.41 -105.82
C ASP OA 270 -56.22 -19.30 -105.20
N ASN OA 271 -55.59 -20.17 -105.98
CA ASN OA 271 -54.64 -21.16 -105.47
C ASN OA 271 -53.19 -20.82 -105.81
N HIS OA 272 -52.94 -19.61 -106.32
CA HIS OA 272 -51.59 -19.21 -106.65
C HIS OA 272 -50.76 -19.01 -105.38
N TYR OA 273 -49.48 -19.35 -105.46
CA TYR OA 273 -48.61 -19.16 -104.32
C TYR OA 273 -47.17 -19.02 -104.79
N PHE OA 274 -46.33 -18.49 -103.90
CA PHE OA 274 -44.90 -18.37 -104.10
C PHE OA 274 -44.24 -18.60 -102.76
N GLY OA 275 -43.19 -19.41 -102.75
CA GLY OA 275 -42.52 -19.68 -101.50
C GLY OA 275 -41.23 -20.43 -101.70
N TYR OA 276 -40.78 -21.04 -100.61
CA TYR OA 276 -39.50 -21.75 -100.61
C TYR OA 276 -39.62 -23.06 -99.86
N SER OA 277 -38.89 -24.05 -100.34
CA SER OA 277 -38.75 -25.36 -99.72
C SER OA 277 -37.33 -25.47 -99.16
N THR OA 278 -37.21 -25.74 -97.88
CA THR OA 278 -35.88 -25.82 -97.30
C THR OA 278 -35.47 -27.28 -97.12
N PRO OA 279 -34.18 -27.57 -96.97
CA PRO OA 279 -33.76 -28.92 -96.64
C PRO OA 279 -33.97 -29.33 -95.18
N TRP OA 280 -34.59 -28.48 -94.38
CA TRP OA 280 -34.80 -28.75 -92.97
C TRP OA 280 -36.14 -29.43 -92.74
N GLY OA 281 -36.21 -30.21 -91.67
CA GLY OA 281 -37.46 -30.68 -91.13
C GLY OA 281 -37.74 -29.96 -89.82
N TYR OA 282 -38.96 -30.13 -89.32
CA TYR OA 282 -39.33 -29.50 -88.07
C TYR OA 282 -40.07 -30.50 -87.19
N PHE OA 283 -40.04 -30.23 -85.89
CA PHE OA 283 -40.72 -31.06 -84.91
C PHE OA 283 -42.06 -30.43 -84.57
N ASP OA 284 -43.12 -31.24 -84.63
CA ASP OA 284 -44.48 -30.79 -84.39
C ASP OA 284 -45.13 -31.66 -83.32
N PHE OA 285 -45.62 -31.03 -82.27
CA PHE OA 285 -46.39 -31.73 -81.25
C PHE OA 285 -47.61 -30.87 -80.90
N ASN OA 286 -48.26 -30.33 -81.93
CA ASN OA 286 -49.38 -29.42 -81.76
C ASN OA 286 -50.72 -30.13 -81.94
N ARG OA 287 -50.85 -31.34 -81.43
CA ARG OA 287 -52.12 -32.02 -81.32
C ARG OA 287 -52.25 -32.58 -79.92
N PHE OA 288 -53.49 -32.70 -79.44
CA PHE OA 288 -53.69 -33.10 -78.05
C PHE OA 288 -53.35 -34.57 -77.83
N HIS OA 289 -53.49 -35.42 -78.84
CA HIS OA 289 -53.20 -36.83 -78.67
C HIS OA 289 -51.71 -37.13 -78.73
N CYS OA 290 -50.87 -36.15 -79.07
CA CYS OA 290 -49.44 -36.31 -78.89
C CYS OA 290 -49.05 -36.33 -77.42
N HIS OA 291 -49.95 -35.90 -76.54
CA HIS OA 291 -49.66 -35.76 -75.13
C HIS OA 291 -50.61 -36.54 -74.23
N PHE OA 292 -51.87 -36.68 -74.61
CA PHE OA 292 -52.87 -37.36 -73.80
C PHE OA 292 -53.22 -38.69 -74.43
N SER OA 293 -53.20 -39.75 -73.62
CA SER OA 293 -53.86 -40.98 -74.02
C SER OA 293 -55.36 -40.75 -73.96
N PRO OA 294 -56.15 -41.59 -74.65
CA PRO OA 294 -57.60 -41.44 -74.53
C PRO OA 294 -58.12 -41.56 -73.12
N ARG OA 295 -57.52 -42.42 -72.30
CA ARG OA 295 -57.88 -42.51 -70.90
C ARG OA 295 -57.59 -41.21 -70.16
N ASP OA 296 -56.42 -40.61 -70.41
CA ASP OA 296 -56.08 -39.35 -69.76
C ASP OA 296 -57.00 -38.23 -70.23
N TRP OA 297 -57.35 -38.22 -71.51
CA TRP OA 297 -58.29 -37.23 -72.03
C TRP OA 297 -59.64 -37.37 -71.36
N GLN OA 298 -60.13 -38.59 -71.22
CA GLN OA 298 -61.39 -38.82 -70.54
C GLN OA 298 -61.33 -38.38 -69.09
N ARG OA 299 -60.23 -38.69 -68.41
CA ARG OA 299 -60.04 -38.25 -67.04
C ARG OA 299 -60.06 -36.74 -66.92
N LEU OA 300 -59.44 -36.05 -67.88
CA LEU OA 300 -59.44 -34.59 -67.86
C LEU OA 300 -60.82 -34.02 -68.10
N ILE OA 301 -61.51 -34.48 -69.16
CA ILE OA 301 -62.74 -33.85 -69.58
C ILE OA 301 -63.93 -34.24 -68.71
N ASN OA 302 -63.87 -35.35 -68.01
CA ASN OA 302 -64.97 -35.74 -67.15
C ASN OA 302 -64.90 -35.09 -65.77
N ASN OA 303 -63.81 -34.43 -65.44
CA ASN OA 303 -63.58 -33.95 -64.09
C ASN OA 303 -63.19 -32.50 -64.00
N ASN OA 304 -62.79 -31.85 -65.09
CA ASN OA 304 -62.28 -30.50 -65.01
C ASN OA 304 -63.19 -29.55 -65.78
N TRP OA 305 -63.40 -28.37 -65.20
CA TRP OA 305 -64.13 -27.31 -65.88
C TRP OA 305 -63.28 -26.55 -66.87
N GLY OA 306 -61.96 -26.61 -66.73
CA GLY OA 306 -61.13 -25.95 -67.72
C GLY OA 306 -59.69 -26.40 -67.61
N PHE OA 307 -58.91 -26.05 -68.63
CA PHE OA 307 -57.50 -26.38 -68.55
C PHE OA 307 -56.70 -25.47 -69.47
N ARG OA 308 -55.39 -25.40 -69.21
CA ARG OA 308 -54.51 -24.59 -70.05
C ARG OA 308 -53.09 -25.08 -69.87
N PRO OA 309 -52.19 -24.80 -70.82
CA PRO OA 309 -50.79 -25.20 -70.66
C PRO OA 309 -49.96 -24.17 -69.92
N LYS OA 310 -49.10 -24.66 -69.03
CA LYS OA 310 -48.20 -23.87 -68.21
C LYS OA 310 -46.77 -23.92 -68.73
N ARG OA 311 -46.19 -25.09 -68.94
CA ARG OA 311 -44.80 -25.09 -69.36
C ARG OA 311 -44.49 -26.36 -70.15
N LEU OA 312 -43.36 -26.35 -70.85
CA LEU OA 312 -42.95 -27.54 -71.58
C LEU OA 312 -41.44 -27.68 -71.61
N ASN OA 313 -41.00 -28.92 -71.69
CA ASN OA 313 -39.63 -29.33 -71.89
C ASN OA 313 -39.55 -30.18 -73.15
N PHE OA 314 -38.52 -29.94 -73.95
CA PHE OA 314 -38.28 -30.67 -75.18
C PHE OA 314 -36.88 -31.26 -75.11
N LYS OA 315 -36.76 -32.54 -75.43
CA LYS OA 315 -35.48 -33.20 -75.45
C LYS OA 315 -35.35 -34.02 -76.73
N LEU OA 316 -34.14 -34.04 -77.26
CA LEU OA 316 -33.79 -34.79 -78.46
C LEU OA 316 -32.56 -35.62 -78.13
N PHE OA 317 -32.66 -36.93 -78.23
CA PHE OA 317 -31.59 -37.78 -77.71
C PHE OA 317 -31.49 -39.05 -78.52
N ASN OA 318 -30.36 -39.75 -78.34
CA ASN OA 318 -30.07 -41.03 -78.98
C ASN OA 318 -30.03 -40.88 -80.50
N ILE OA 319 -29.21 -39.95 -80.97
CA ILE OA 319 -29.09 -39.69 -82.40
C ILE OA 319 -28.29 -40.80 -83.06
N GLN OA 320 -28.79 -41.30 -84.18
CA GLN OA 320 -28.06 -42.27 -84.99
C GLN OA 320 -28.14 -41.83 -86.44
N VAL OA 321 -27.00 -41.52 -87.03
CA VAL OA 321 -26.92 -41.20 -88.44
C VAL OA 321 -26.57 -42.47 -89.21
N LYS OA 322 -27.33 -42.75 -90.25
CA LYS OA 322 -27.17 -43.96 -91.04
C LYS OA 322 -26.85 -43.59 -92.48
N GLU OA 323 -25.78 -44.19 -93.01
CA GLU OA 323 -25.38 -44.07 -94.40
C GLU OA 323 -26.04 -45.17 -95.23
N VAL OA 324 -26.54 -44.80 -96.41
CA VAL OA 324 -27.26 -45.70 -97.30
C VAL OA 324 -26.55 -45.75 -98.64
N THR OA 325 -26.27 -46.97 -99.13
CA THR OA 325 -25.72 -47.19 -100.45
C THR OA 325 -26.57 -48.22 -101.18
N THR OA 326 -27.07 -47.88 -102.37
CA THR OA 326 -27.81 -48.83 -103.19
C THR OA 326 -26.95 -49.20 -104.40
N ASN OA 327 -26.59 -50.47 -104.50
CA ASN OA 327 -25.80 -50.99 -105.61
C ASN OA 327 -26.50 -52.23 -106.17
N ASP OA 328 -26.66 -52.24 -107.51
CA ASP OA 328 -27.26 -53.37 -108.21
C ASP OA 328 -28.64 -53.72 -107.65
N GLY OA 329 -29.32 -52.73 -107.08
CA GLY OA 329 -30.64 -52.91 -106.53
C GLY OA 329 -30.69 -53.29 -105.07
N VAL OA 330 -29.57 -53.67 -104.46
CA VAL OA 330 -29.55 -54.04 -103.06
C VAL OA 330 -29.01 -52.88 -102.24
N THR OA 331 -29.60 -52.68 -101.06
CA THR OA 331 -29.36 -51.51 -100.24
C THR OA 331 -28.60 -51.90 -98.98
N THR OA 332 -27.50 -51.23 -98.72
CA THR OA 332 -26.70 -51.38 -97.51
C THR OA 332 -26.87 -50.15 -96.63
N ILE OA 333 -27.12 -50.38 -95.35
CA ILE OA 333 -27.21 -49.31 -94.37
C ILE OA 333 -26.12 -49.54 -93.34
N ALA OA 334 -25.33 -48.51 -93.06
CA ALA OA 334 -24.28 -48.58 -92.06
C ALA OA 334 -24.42 -47.39 -91.11
N ASN OA 335 -23.71 -47.48 -89.99
CA ASN OA 335 -23.67 -46.36 -89.06
C ASN OA 335 -22.59 -45.38 -89.48
N ASN OA 336 -22.91 -44.10 -89.40
CA ASN OA 336 -21.96 -43.03 -89.64
C ASN OA 336 -21.72 -42.35 -88.30
N LEU OA 337 -20.65 -42.76 -87.62
CA LEU OA 337 -20.44 -42.34 -86.25
C LEU OA 337 -19.99 -40.89 -86.13
N THR OA 338 -19.51 -40.28 -87.20
CA THR OA 338 -18.95 -38.94 -87.15
C THR OA 338 -19.84 -37.89 -87.81
N SER OA 339 -21.04 -38.25 -88.21
CA SER OA 339 -21.94 -37.30 -88.84
C SER OA 339 -22.79 -36.59 -87.78
N THR OA 340 -23.32 -35.44 -88.16
CA THR OA 340 -24.04 -34.58 -87.24
C THR OA 340 -25.43 -34.26 -87.77
N VAL OA 341 -26.33 -33.96 -86.85
CA VAL OA 341 -27.60 -33.30 -87.15
C VAL OA 341 -27.56 -31.91 -86.53
N GLN OA 342 -27.97 -30.92 -87.30
CA GLN OA 342 -28.10 -29.56 -86.79
C GLN OA 342 -29.52 -29.35 -86.28
N VAL OA 343 -29.63 -28.83 -85.07
CA VAL OA 343 -30.91 -28.55 -84.43
C VAL OA 343 -30.88 -27.13 -83.91
N PHE OA 344 -31.96 -26.38 -84.14
CA PHE OA 344 -32.09 -25.10 -83.45
C PHE OA 344 -33.56 -24.80 -83.20
N SER OA 345 -33.79 -23.99 -82.18
CA SER OA 345 -35.13 -23.53 -81.81
C SER OA 345 -35.24 -22.07 -82.22
N ASP OA 346 -36.34 -21.74 -82.90
CA ASP OA 346 -36.56 -20.36 -83.36
C ASP OA 346 -37.27 -19.58 -82.27
N SER OA 347 -36.51 -19.27 -81.22
CA SER OA 347 -37.08 -18.69 -80.00
C SER OA 347 -37.48 -17.23 -80.15
N GLU OA 348 -36.95 -16.54 -81.16
CA GLU OA 348 -37.29 -15.14 -81.39
C GLU OA 348 -38.31 -14.95 -82.49
N TYR OA 349 -38.87 -16.04 -83.02
CA TYR OA 349 -39.93 -16.00 -84.03
C TYR OA 349 -39.52 -15.17 -85.23
N GLN OA 350 -38.30 -15.40 -85.69
CA GLN OA 350 -37.76 -14.71 -86.85
C GLN OA 350 -38.08 -15.42 -88.16
N LEU OA 351 -38.64 -16.59 -88.10
CA LEU OA 351 -39.00 -17.41 -89.23
C LEU OA 351 -40.51 -17.41 -89.42
N PRO OA 352 -40.98 -17.70 -90.62
CA PRO OA 352 -42.42 -17.93 -90.79
C PRO OA 352 -42.88 -19.11 -89.96
N TYR OA 353 -43.98 -18.91 -89.24
CA TYR OA 353 -44.53 -19.93 -88.34
C TYR OA 353 -45.49 -20.80 -89.13
N VAL OA 354 -45.07 -22.01 -89.47
CA VAL OA 354 -45.93 -22.91 -90.23
C VAL OA 354 -46.69 -23.86 -89.32
N LEU OA 355 -46.36 -23.91 -88.03
CA LEU OA 355 -47.18 -24.63 -87.09
C LEU OA 355 -48.50 -23.86 -86.92
N GLY OA 356 -49.50 -24.54 -86.40
CA GLY OA 356 -50.79 -23.91 -86.26
C GLY OA 356 -51.61 -23.82 -87.52
N SER OA 357 -51.23 -24.56 -88.56
CA SER OA 357 -52.03 -24.69 -89.77
C SER OA 357 -52.61 -26.08 -89.91
N ALA OA 358 -52.54 -26.90 -88.86
CA ALA OA 358 -53.13 -28.24 -88.81
C ALA OA 358 -52.52 -29.16 -89.86
N HIS OA 359 -51.20 -29.26 -89.85
CA HIS OA 359 -50.49 -30.08 -90.82
C HIS OA 359 -50.16 -31.45 -90.24
N GLN OA 360 -49.96 -32.40 -91.14
CA GLN OA 360 -49.47 -33.71 -90.76
C GLN OA 360 -48.01 -33.63 -90.33
N GLY OA 361 -47.56 -34.67 -89.64
CA GLY OA 361 -46.18 -34.72 -89.21
C GLY OA 361 -45.97 -34.56 -87.73
N CYS OA 362 -47.06 -34.48 -86.96
CA CYS OA 362 -46.95 -34.43 -85.51
C CYS OA 362 -46.46 -35.77 -84.97
N LEU OA 363 -46.16 -35.79 -83.68
CA LEU OA 363 -45.90 -37.06 -83.02
C LEU OA 363 -47.16 -37.93 -83.11
N PRO OA 364 -47.02 -39.21 -83.42
CA PRO OA 364 -48.19 -40.07 -83.55
C PRO OA 364 -48.91 -40.24 -82.21
N PRO OA 365 -50.22 -40.48 -82.24
CA PRO OA 365 -50.93 -40.68 -80.96
C PRO OA 365 -50.44 -41.88 -80.18
N PHE OA 366 -50.11 -42.96 -80.85
CA PHE OA 366 -49.67 -44.18 -80.19
C PHE OA 366 -48.17 -44.14 -79.92
N PRO OA 367 -47.73 -44.32 -78.68
CA PRO OA 367 -46.30 -44.17 -78.36
C PRO OA 367 -45.40 -45.19 -79.05
N ALA OA 368 -45.95 -46.29 -79.57
CA ALA OA 368 -45.14 -47.28 -80.24
C ALA OA 368 -44.84 -46.94 -81.69
N ASP OA 369 -45.47 -45.89 -82.23
CA ASP OA 369 -45.33 -45.58 -83.64
C ASP OA 369 -44.08 -44.75 -83.91
N VAL OA 370 -43.42 -45.06 -85.01
CA VAL OA 370 -42.23 -44.35 -85.46
C VAL OA 370 -42.64 -43.40 -86.57
N PHE OA 371 -42.25 -42.13 -86.46
CA PHE OA 371 -42.75 -41.13 -87.38
C PHE OA 371 -41.63 -40.45 -88.15
N MET OA 372 -41.94 -40.08 -89.39
CA MET OA 372 -41.05 -39.35 -90.25
C MET OA 372 -41.20 -37.86 -89.98
N ILE OA 373 -40.09 -37.14 -89.99
CA ILE OA 373 -40.12 -35.71 -89.68
C ILE OA 373 -40.50 -34.94 -90.94
N PRO OA 374 -41.50 -34.04 -90.87
CA PRO OA 374 -41.93 -33.32 -92.06
C PRO OA 374 -40.97 -32.23 -92.49
N GLN OA 375 -40.97 -31.95 -93.79
CA GLN OA 375 -40.06 -30.96 -94.36
C GLN OA 375 -40.56 -29.55 -94.08
N TYR OA 376 -39.62 -28.64 -93.86
CA TYR OA 376 -39.96 -27.25 -93.63
C TYR OA 376 -40.02 -26.48 -94.95
N GLY OA 377 -41.06 -25.69 -95.10
CA GLY OA 377 -41.19 -24.79 -96.23
C GLY OA 377 -42.14 -23.69 -95.82
N TYR OA 378 -42.05 -22.58 -96.52
CA TYR OA 378 -42.89 -21.44 -96.19
C TYR OA 378 -43.34 -20.77 -97.47
N LEU OA 379 -44.33 -19.90 -97.33
CA LEU OA 379 -44.84 -19.09 -98.42
C LEU OA 379 -44.55 -17.63 -98.09
N THR OA 380 -44.37 -16.83 -99.13
CA THR OA 380 -44.14 -15.40 -98.98
C THR OA 380 -45.11 -14.66 -99.88
N LEU OA 381 -45.01 -13.34 -99.88
CA LEU OA 381 -45.90 -12.52 -100.68
C LEU OA 381 -45.81 -12.91 -102.15
N ASN OA 382 -46.96 -13.05 -102.78
CA ASN OA 382 -47.00 -13.43 -104.18
C ASN OA 382 -48.01 -12.57 -104.93
N ASN OA 383 -47.71 -12.32 -106.20
CA ASN OA 383 -48.58 -11.64 -107.14
C ASN OA 383 -48.88 -12.64 -108.25
N GLY OA 384 -49.88 -13.47 -108.03
CA GLY OA 384 -50.08 -14.62 -108.89
C GLY OA 384 -49.07 -15.69 -108.54
N SER OA 385 -48.38 -16.21 -109.54
CA SER OA 385 -47.30 -17.15 -109.30
C SER OA 385 -45.96 -16.45 -109.16
N GLN OA 386 -45.93 -15.13 -109.18
CA GLN OA 386 -44.70 -14.36 -109.11
C GLN OA 386 -44.50 -13.83 -107.70
N ALA OA 387 -43.31 -13.31 -107.45
CA ALA OA 387 -42.97 -12.68 -106.19
C ALA OA 387 -43.10 -11.16 -106.31
N VAL OA 388 -42.82 -10.47 -105.21
CA VAL OA 388 -42.76 -9.02 -105.19
C VAL OA 388 -41.46 -8.61 -104.54
N GLY OA 389 -41.24 -7.30 -104.42
CA GLY OA 389 -40.04 -6.81 -103.79
C GLY OA 389 -39.98 -7.13 -102.31
N ARG OA 390 -41.12 -7.14 -101.64
CA ARG OA 390 -41.20 -7.39 -100.21
C ARG OA 390 -41.32 -8.87 -99.88
N SER OA 391 -41.27 -9.74 -100.89
CA SER OA 391 -41.20 -11.17 -100.64
C SER OA 391 -39.89 -11.49 -99.95
N SER OA 392 -39.96 -12.24 -98.86
CA SER OA 392 -38.79 -12.55 -98.06
C SER OA 392 -38.24 -13.93 -98.40
N PHE OA 393 -36.94 -14.07 -98.19
CA PHE OA 393 -36.26 -15.35 -98.28
C PHE OA 393 -35.49 -15.54 -96.99
N TYR OA 394 -35.54 -16.75 -96.45
CA TYR OA 394 -34.88 -17.07 -95.19
C TYR OA 394 -33.96 -18.26 -95.42
N CYS OA 395 -32.66 -18.04 -95.22
CA CYS OA 395 -31.73 -19.14 -95.10
C CYS OA 395 -31.73 -19.60 -93.65
N LEU OA 396 -32.05 -20.86 -93.42
CA LEU OA 396 -32.06 -21.38 -92.06
C LEU OA 396 -30.67 -21.74 -91.56
N GLU OA 397 -29.69 -21.81 -92.45
CA GLU OA 397 -28.29 -21.92 -92.04
C GLU OA 397 -27.75 -20.61 -91.51
N TYR OA 398 -28.48 -19.52 -91.68
CA TYR OA 398 -28.13 -18.23 -91.13
C TYR OA 398 -28.53 -18.07 -89.67
N PHE OA 399 -28.77 -19.19 -88.98
CA PHE OA 399 -29.07 -19.25 -87.58
C PHE OA 399 -27.97 -20.01 -86.85
N PRO OA 400 -27.75 -19.72 -85.57
CA PRO OA 400 -26.90 -20.60 -84.76
C PRO OA 400 -27.61 -21.92 -84.49
N SER OA 401 -26.95 -23.01 -84.86
CA SER OA 401 -27.47 -24.36 -84.66
C SER OA 401 -26.55 -25.12 -83.72
N GLN OA 402 -27.12 -26.05 -82.98
CA GLN OA 402 -26.33 -27.01 -82.24
C GLN OA 402 -26.12 -28.23 -83.12
N MET OA 403 -24.86 -28.64 -83.27
CA MET OA 403 -24.49 -29.81 -84.04
C MET OA 403 -24.37 -31.00 -83.09
N LEU OA 404 -25.09 -32.06 -83.40
CA LEU OA 404 -25.20 -33.23 -82.53
C LEU OA 404 -24.61 -34.42 -83.24
N ARG OA 405 -23.59 -35.03 -82.64
CA ARG OA 405 -23.12 -36.33 -83.05
C ARG OA 405 -23.89 -37.39 -82.26
N THR OA 406 -23.51 -38.65 -82.41
CA THR OA 406 -24.34 -39.72 -81.85
C THR OA 406 -24.34 -39.75 -80.33
N GLY OA 407 -23.43 -39.03 -79.67
CA GLY OA 407 -23.40 -39.01 -78.22
C GLY OA 407 -24.00 -37.77 -77.59
N ASN OA 408 -24.50 -36.85 -78.42
CA ASN OA 408 -25.01 -35.57 -77.95
C ASN OA 408 -26.53 -35.60 -77.86
N ASN OA 409 -27.07 -34.70 -77.02
CA ASN OA 409 -28.51 -34.48 -76.94
C ASN OA 409 -28.78 -32.97 -76.97
N PHE OA 410 -30.06 -32.65 -77.07
CA PHE OA 410 -30.54 -31.28 -77.22
C PHE OA 410 -31.70 -31.09 -76.26
N THR OA 411 -31.66 -30.02 -75.47
CA THR OA 411 -32.75 -29.73 -74.54
C THR OA 411 -33.22 -28.30 -74.74
N PHE OA 412 -34.48 -28.05 -74.40
CA PHE OA 412 -35.05 -26.73 -74.56
C PHE OA 412 -36.28 -26.59 -73.68
N SER OA 413 -36.35 -25.52 -72.90
CA SER OA 413 -37.49 -25.27 -72.02
C SER OA 413 -38.27 -24.07 -72.51
N TYR OA 414 -39.57 -24.07 -72.24
CA TYR OA 414 -40.43 -22.98 -72.67
C TYR OA 414 -41.54 -22.80 -71.65
N THR OA 415 -41.90 -21.55 -71.38
CA THR OA 415 -43.00 -21.21 -70.50
C THR OA 415 -44.10 -20.55 -71.30
N PHE OA 416 -45.32 -21.05 -71.15
CA PHE OA 416 -46.47 -20.45 -71.79
C PHE OA 416 -46.84 -19.14 -71.12
N GLU OA 417 -47.32 -18.20 -71.93
CA GLU OA 417 -47.90 -16.98 -71.39
C GLU OA 417 -49.22 -17.30 -70.70
N GLU OA 418 -49.70 -16.36 -69.90
CA GLU OA 418 -50.96 -16.55 -69.18
C GLU OA 418 -52.09 -16.44 -70.19
N VAL OA 419 -52.58 -17.60 -70.63
CA VAL OA 419 -53.67 -17.71 -71.59
C VAL OA 419 -54.91 -18.07 -70.78
N PRO OA 420 -56.11 -17.71 -71.22
CA PRO OA 420 -57.31 -18.15 -70.49
C PRO OA 420 -57.49 -19.66 -70.57
N PHE OA 421 -58.10 -20.21 -69.52
CA PHE OA 421 -58.47 -21.61 -69.52
C PHE OA 421 -59.41 -21.91 -70.68
N HIS OA 422 -59.17 -23.02 -71.36
CA HIS OA 422 -60.17 -23.56 -72.25
C HIS OA 422 -61.31 -24.15 -71.41
N SER OA 423 -62.53 -23.95 -71.91
CA SER OA 423 -63.76 -24.31 -71.21
C SER OA 423 -64.13 -25.75 -71.52
N SER OA 424 -63.93 -26.64 -70.55
CA SER OA 424 -64.33 -28.03 -70.68
C SER OA 424 -65.75 -28.27 -70.19
N TYR OA 425 -66.61 -27.25 -70.29
CA TYR OA 425 -67.96 -27.33 -69.80
C TYR OA 425 -68.94 -26.87 -70.86
N ALA OA 426 -70.16 -27.37 -70.75
CA ALA OA 426 -71.34 -26.79 -71.39
C ALA OA 426 -72.10 -25.95 -70.38
N HIS OA 427 -73.07 -25.20 -70.88
CA HIS OA 427 -73.91 -24.37 -70.03
C HIS OA 427 -75.22 -25.08 -69.77
N SER OA 428 -75.65 -25.07 -68.51
CA SER OA 428 -76.92 -25.66 -68.11
C SER OA 428 -78.11 -24.77 -68.41
N GLN OA 429 -77.87 -23.51 -68.77
CA GLN OA 429 -78.93 -22.58 -69.11
C GLN OA 429 -78.68 -22.03 -70.51
N SER OA 430 -79.76 -21.62 -71.16
CA SER OA 430 -79.67 -20.92 -72.42
C SER OA 430 -79.72 -19.41 -72.17
N LEU OA 431 -79.15 -18.66 -73.11
CA LEU OA 431 -79.02 -17.22 -72.92
C LEU OA 431 -80.38 -16.52 -72.92
N ASP OA 432 -81.34 -17.04 -73.66
CA ASP OA 432 -82.69 -16.48 -73.69
C ASP OA 432 -83.59 -17.06 -72.62
N ARG OA 433 -83.03 -17.76 -71.64
CA ARG OA 433 -83.78 -18.41 -70.59
C ARG OA 433 -83.12 -18.19 -69.24
N LEU OA 434 -82.69 -16.96 -68.98
CA LEU OA 434 -81.96 -16.62 -67.78
C LEU OA 434 -82.84 -16.00 -66.71
N MET OA 435 -84.15 -15.99 -66.91
CA MET OA 435 -85.08 -15.31 -66.03
C MET OA 435 -85.64 -16.25 -64.97
N ASN OA 436 -86.25 -15.65 -63.96
CA ASN OA 436 -87.08 -16.40 -63.03
C ASN OA 436 -88.38 -16.77 -63.73
N PRO OA 437 -88.72 -18.05 -63.85
CA PRO OA 437 -89.95 -18.43 -64.55
C PRO OA 437 -91.21 -18.27 -63.72
N LEU OA 438 -91.15 -17.73 -62.51
CA LEU OA 438 -92.31 -17.55 -61.66
C LEU OA 438 -92.72 -16.10 -61.49
N ILE OA 439 -91.79 -15.17 -61.61
CA ILE OA 439 -92.03 -13.77 -61.30
C ILE OA 439 -92.16 -12.99 -62.60
N ASP OA 440 -93.04 -12.00 -62.61
CA ASP OA 440 -93.15 -11.09 -63.74
C ASP OA 440 -92.03 -10.07 -63.70
N GLN OA 441 -91.96 -9.26 -64.74
CA GLN OA 441 -91.02 -8.16 -64.82
C GLN OA 441 -91.71 -6.86 -64.43
N TYR OA 442 -90.92 -5.84 -64.15
CA TYR OA 442 -91.45 -4.50 -64.00
C TYR OA 442 -91.29 -3.67 -65.27
N LEU OA 443 -90.83 -4.28 -66.35
CA LEU OA 443 -90.64 -3.62 -67.63
C LEU OA 443 -91.77 -3.99 -68.57
N TYR OA 444 -92.25 -3.00 -69.31
CA TYR OA 444 -93.34 -3.20 -70.25
C TYR OA 444 -92.79 -3.19 -71.67
N TYR OA 445 -93.54 -3.82 -72.57
CA TYR OA 445 -93.19 -3.85 -73.98
C TYR OA 445 -94.47 -3.62 -74.79
N LEU OA 446 -94.30 -3.11 -75.99
CA LEU OA 446 -95.44 -2.95 -76.89
C LEU OA 446 -95.89 -4.32 -77.38
N ASN OA 447 -97.13 -4.68 -77.04
CA ASN OA 447 -97.66 -6.01 -77.33
C ASN OA 447 -98.58 -6.02 -78.54
N ARG OA 448 -99.46 -5.03 -78.65
CA ARG OA 448 -100.40 -4.93 -79.76
C ARG OA 448 -100.35 -3.53 -80.33
N THR OA 449 -100.39 -3.44 -81.66
CA THR OA 449 -100.68 -2.18 -82.33
C THR OA 449 -102.05 -2.18 -83.00
N GLN OA 450 -102.88 -3.18 -82.71
CA GLN OA 450 -104.26 -3.23 -83.16
C GLN OA 450 -105.14 -3.61 -81.99
N ASN OA 451 -106.44 -3.37 -82.14
CA ASN OA 451 -107.38 -3.71 -81.06
C ASN OA 451 -107.48 -5.21 -80.89
N GLN OA 452 -107.49 -5.64 -79.64
CA GLN OA 452 -107.52 -7.06 -79.33
C GLN OA 452 -108.90 -7.70 -79.58
N SER OA 453 -109.97 -6.91 -79.47
CA SER OA 453 -111.32 -7.47 -79.58
C SER OA 453 -111.57 -8.11 -80.93
N GLY OA 454 -111.19 -7.43 -82.02
CA GLY OA 454 -111.33 -7.97 -83.34
C GLY OA 454 -112.64 -7.66 -84.04
N SER OA 455 -113.65 -7.19 -83.32
CA SER OA 455 -114.90 -6.79 -83.97
C SER OA 455 -114.66 -5.64 -84.94
N ALA OA 456 -113.84 -4.67 -84.53
CA ALA OA 456 -113.28 -3.68 -85.41
C ALA OA 456 -111.80 -3.96 -85.60
N GLN OA 457 -111.21 -3.32 -86.60
CA GLN OA 457 -109.80 -3.50 -86.93
C GLN OA 457 -109.00 -2.22 -86.71
N ASN OA 458 -109.24 -1.55 -85.59
CA ASN OA 458 -108.61 -0.26 -85.33
C ASN OA 458 -107.22 -0.45 -84.75
N LYS OA 459 -106.37 0.55 -84.98
CA LYS OA 459 -105.05 0.53 -84.40
C LYS OA 459 -105.10 0.91 -82.93
N ASP OA 460 -103.99 0.68 -82.23
CA ASP OA 460 -103.89 1.01 -80.82
C ASP OA 460 -102.43 0.96 -80.41
N LEU OA 461 -102.19 1.19 -79.12
CA LEU OA 461 -100.86 1.06 -78.52
C LEU OA 461 -101.07 0.38 -77.17
N LEU OA 462 -101.01 -0.94 -77.16
CA LEU OA 462 -101.27 -1.74 -75.98
C LEU OA 462 -99.97 -2.34 -75.47
N PHE OA 463 -99.70 -2.16 -74.19
CA PHE OA 463 -98.44 -2.57 -73.59
C PHE OA 463 -98.69 -3.67 -72.57
N SER OA 464 -97.82 -4.69 -72.58
CA SER OA 464 -97.91 -5.79 -71.66
C SER OA 464 -96.68 -5.84 -70.77
N ARG OA 465 -96.83 -6.47 -69.63
CA ARG OA 465 -95.73 -6.69 -68.71
C ARG OA 465 -95.00 -7.98 -69.04
N GLY OA 466 -93.67 -7.94 -68.89
CA GLY OA 466 -92.87 -9.13 -69.09
C GLY OA 466 -93.26 -10.23 -68.13
N SER OA 467 -93.75 -11.34 -68.67
CA SER OA 467 -94.32 -12.42 -67.89
C SER OA 467 -93.72 -13.75 -68.33
N PRO OA 468 -93.75 -14.76 -67.45
CA PRO OA 468 -93.26 -16.10 -67.85
C PRO OA 468 -94.09 -16.74 -68.94
N ALA OA 469 -95.30 -16.28 -69.21
CA ALA OA 469 -96.07 -16.81 -70.32
C ALA OA 469 -95.38 -16.53 -71.65
N GLY OA 470 -95.00 -15.28 -71.89
CA GLY OA 470 -94.21 -14.97 -73.06
C GLY OA 470 -92.78 -14.63 -72.70
N MET OA 471 -91.89 -15.60 -72.88
CA MET OA 471 -90.49 -15.41 -72.56
C MET OA 471 -89.69 -14.87 -73.73
N SER OA 472 -90.21 -14.99 -74.95
CA SER OA 472 -89.53 -14.52 -76.14
C SER OA 472 -89.57 -13.00 -76.26
N VAL OA 473 -90.55 -12.34 -75.64
CA VAL OA 473 -90.72 -10.91 -75.76
C VAL OA 473 -90.25 -10.16 -74.52
N GLN OA 474 -89.74 -10.85 -73.52
CA GLN OA 474 -89.23 -10.19 -72.34
C GLN OA 474 -87.96 -9.40 -72.67
N PRO OA 475 -87.83 -8.19 -72.15
CA PRO OA 475 -86.53 -7.50 -72.23
C PRO OA 475 -85.43 -8.34 -71.60
N LYS OA 476 -84.26 -8.34 -72.23
CA LYS OA 476 -83.12 -9.13 -71.78
C LYS OA 476 -81.87 -8.26 -71.79
N ASN OA 477 -80.82 -8.78 -71.18
CA ASN OA 477 -79.61 -8.00 -70.95
C ASN OA 477 -78.48 -8.31 -71.92
N TRP OA 478 -78.52 -9.45 -72.61
CA TRP OA 478 -77.40 -9.89 -73.42
C TRP OA 478 -77.88 -10.38 -74.77
N LEU OA 479 -76.93 -10.55 -75.69
CA LEU OA 479 -77.18 -10.98 -77.05
C LEU OA 479 -76.32 -12.20 -77.38
N PRO OA 480 -76.78 -13.05 -78.28
CA PRO OA 480 -75.94 -14.16 -78.73
C PRO OA 480 -74.76 -13.67 -79.55
N GLY OA 481 -73.71 -14.48 -79.58
CA GLY OA 481 -72.48 -14.12 -80.24
C GLY OA 481 -72.63 -13.84 -81.71
N PRO OA 482 -71.54 -13.40 -82.34
CA PRO OA 482 -71.60 -13.06 -83.77
C PRO OA 482 -71.75 -14.29 -84.64
N CYS OA 483 -72.24 -14.06 -85.86
CA CYS OA 483 -72.49 -15.16 -86.77
C CYS OA 483 -72.01 -14.80 -88.16
N TYR OA 484 -71.72 -15.82 -88.97
CA TYR OA 484 -71.41 -15.69 -90.39
C TYR OA 484 -71.96 -16.92 -91.07
N ARG OA 485 -73.17 -16.80 -91.63
CA ARG OA 485 -73.96 -17.96 -91.99
C ARG OA 485 -73.26 -18.86 -93.00
N GLN OA 486 -73.39 -20.17 -92.78
CA GLN OA 486 -72.86 -21.20 -93.65
C GLN OA 486 -74.01 -21.91 -94.36
N GLN OA 487 -73.66 -22.68 -95.38
CA GLN OA 487 -74.65 -23.46 -96.12
C GLN OA 487 -74.90 -24.77 -95.39
N ARG OA 488 -76.15 -25.22 -95.43
CA ARG OA 488 -76.57 -26.39 -94.67
C ARG OA 488 -76.50 -27.62 -95.57
N VAL OA 489 -75.68 -28.59 -95.17
CA VAL OA 489 -75.53 -29.83 -95.90
C VAL OA 489 -76.05 -30.97 -95.04
N SER OA 490 -76.82 -31.86 -95.64
CA SER OA 490 -77.35 -33.01 -94.94
C SER OA 490 -76.40 -34.19 -95.05
N LYS OA 491 -76.19 -34.88 -93.93
CA LYS OA 491 -75.39 -36.10 -93.94
C LYS OA 491 -76.05 -37.20 -94.74
N THR OA 492 -77.36 -37.11 -94.97
CA THR OA 492 -78.07 -37.99 -95.89
C THR OA 492 -78.07 -37.33 -97.26
N LYS OA 493 -77.32 -37.93 -98.19
CA LYS OA 493 -77.01 -37.25 -99.45
C LYS OA 493 -78.24 -37.01 -100.33
N THR OA 494 -79.32 -37.76 -100.14
CA THR OA 494 -80.49 -37.58 -101.00
C THR OA 494 -81.21 -36.27 -100.77
N ASP OA 495 -81.05 -35.65 -99.60
CA ASP OA 495 -81.71 -34.39 -99.31
C ASP OA 495 -80.91 -33.17 -99.75
N ASN OA 496 -79.74 -33.37 -100.33
CA ASN OA 496 -78.93 -32.26 -100.80
C ASN OA 496 -79.25 -31.95 -102.25
N ASN OA 497 -79.04 -30.69 -102.63
CA ASN OA 497 -79.29 -30.26 -103.99
C ASN OA 497 -78.39 -30.99 -104.96
N ASN OA 498 -78.90 -31.24 -106.16
CA ASN OA 498 -78.14 -31.95 -107.19
C ASN OA 498 -77.25 -30.96 -107.96
N SER OA 499 -76.17 -30.57 -107.28
CA SER OA 499 -75.15 -29.73 -107.87
C SER OA 499 -73.92 -29.83 -106.98
N ASN OA 500 -72.82 -29.23 -107.43
CA ASN OA 500 -71.61 -29.28 -106.62
C ASN OA 500 -71.67 -28.27 -105.47
N PHE OA 501 -71.72 -26.99 -105.79
CA PHE OA 501 -71.98 -25.90 -104.84
C PHE OA 501 -71.10 -25.93 -103.60
N THR OA 502 -70.04 -26.73 -103.61
CA THR OA 502 -69.06 -26.66 -102.53
C THR OA 502 -68.14 -25.46 -102.65
N TRP OA 503 -68.06 -24.87 -103.82
CA TRP OA 503 -67.32 -23.63 -103.99
C TRP OA 503 -68.21 -22.47 -104.36
N THR OA 504 -69.20 -22.68 -105.23
CA THR OA 504 -70.07 -21.59 -105.63
C THR OA 504 -71.04 -21.17 -104.54
N GLY OA 505 -71.44 -22.10 -103.68
CA GLY OA 505 -72.44 -21.80 -102.67
C GLY OA 505 -71.88 -21.70 -101.27
N ALA OA 506 -70.60 -21.43 -101.15
CA ALA OA 506 -69.92 -21.48 -99.87
C ALA OA 506 -69.55 -20.09 -99.37
N SER OA 507 -69.51 -19.96 -98.05
CA SER OA 507 -69.07 -18.72 -97.41
C SER OA 507 -67.56 -18.59 -97.56
N LYS OA 508 -67.12 -17.51 -98.21
CA LYS OA 508 -65.70 -17.31 -98.43
C LYS OA 508 -65.39 -15.83 -98.29
N TYR OA 509 -64.13 -15.52 -98.10
CA TYR OA 509 -63.70 -14.14 -97.94
C TYR OA 509 -62.75 -13.76 -99.07
N ASN OA 510 -62.72 -12.46 -99.35
CA ASN OA 510 -61.93 -11.89 -100.42
C ASN OA 510 -60.70 -11.22 -99.82
N LEU OA 511 -59.52 -11.58 -100.31
CA LEU OA 511 -58.27 -10.98 -99.83
C LEU OA 511 -57.31 -10.82 -100.99
N ASN OA 512 -57.03 -9.57 -101.36
CA ASN OA 512 -56.12 -9.25 -102.45
C ASN OA 512 -56.58 -9.87 -103.76
N GLY OA 513 -57.89 -9.95 -103.94
CA GLY OA 513 -58.46 -10.42 -105.19
C GLY OA 513 -58.67 -11.91 -105.31
N ARG OA 514 -58.26 -12.69 -104.34
CA ARG OA 514 -58.48 -14.13 -104.38
C ARG OA 514 -59.28 -14.59 -103.17
N GLU OA 515 -60.20 -15.50 -103.42
CA GLU OA 515 -61.18 -15.94 -102.45
C GLU OA 515 -60.66 -17.13 -101.66
N SER OA 516 -61.06 -17.21 -100.40
CA SER OA 516 -60.65 -18.29 -99.51
C SER OA 516 -61.86 -18.73 -98.71
N ILE OA 517 -62.10 -20.03 -98.67
CA ILE OA 517 -63.19 -20.57 -97.87
C ILE OA 517 -62.93 -20.24 -96.41
N ILE OA 518 -63.99 -19.91 -95.67
CA ILE OA 518 -63.84 -19.53 -94.27
C ILE OA 518 -63.29 -20.71 -93.46
N ASN OA 519 -64.07 -21.79 -93.33
CA ASN OA 519 -63.57 -23.08 -92.87
C ASN OA 519 -62.67 -23.03 -91.64
N PRO OA 520 -63.21 -22.96 -90.42
CA PRO OA 520 -64.63 -23.05 -90.06
C PRO OA 520 -65.22 -21.73 -89.60
N GLY OA 521 -64.36 -20.74 -89.38
CA GLY OA 521 -64.85 -19.41 -89.06
C GLY OA 521 -65.43 -19.31 -87.67
N THR OA 522 -66.51 -18.54 -87.56
CA THR OA 522 -67.10 -18.23 -86.27
C THR OA 522 -67.56 -19.49 -85.57
N ALA OA 523 -67.40 -19.50 -84.25
CA ALA OA 523 -67.81 -20.64 -83.43
C ALA OA 523 -69.33 -20.60 -83.28
N MET OA 524 -70.01 -21.45 -84.02
CA MET OA 524 -71.46 -21.51 -84.00
C MET OA 524 -71.92 -22.95 -83.85
N ALA OA 525 -73.17 -23.10 -83.42
CA ALA OA 525 -73.75 -24.43 -83.29
C ALA OA 525 -73.89 -25.09 -84.65
N SER OA 526 -73.55 -26.38 -84.71
CA SER OA 526 -73.62 -27.10 -85.97
C SER OA 526 -75.04 -27.21 -86.49
N HIS OA 527 -76.00 -27.44 -85.61
CA HIS OA 527 -77.39 -27.62 -86.01
C HIS OA 527 -78.28 -27.22 -84.84
N LYS OA 528 -79.58 -27.34 -85.05
CA LYS OA 528 -80.57 -27.11 -84.01
C LYS OA 528 -80.85 -28.40 -83.25
N ASP OA 529 -81.88 -28.37 -82.41
CA ASP OA 529 -82.37 -29.59 -81.78
C ASP OA 529 -83.08 -30.47 -82.81
N ASP OA 530 -82.88 -31.78 -82.69
CA ASP OA 530 -83.53 -32.77 -83.55
C ASP OA 530 -83.15 -32.57 -85.01
N GLU OA 531 -81.94 -32.09 -85.27
CA GLU OA 531 -81.48 -31.80 -86.62
C GLU OA 531 -80.04 -32.25 -86.80
N ASP OA 532 -79.67 -33.37 -86.19
CA ASP OA 532 -78.30 -33.86 -86.24
C ASP OA 532 -77.88 -34.29 -87.63
N LYS OA 533 -78.83 -34.46 -88.56
CA LYS OA 533 -78.52 -34.85 -89.93
C LYS OA 533 -77.90 -33.72 -90.75
N PHE OA 534 -77.88 -32.51 -90.24
CA PHE OA 534 -77.36 -31.36 -90.97
C PHE OA 534 -76.08 -30.85 -90.32
N PHE OA 535 -75.16 -30.40 -91.16
CA PHE OA 535 -73.95 -29.73 -90.70
C PHE OA 535 -73.64 -28.57 -91.63
N PRO OA 536 -73.00 -27.52 -91.12
CA PRO OA 536 -72.57 -26.44 -92.00
C PRO OA 536 -71.51 -26.93 -92.98
N MET OA 537 -71.55 -26.39 -94.20
CA MET OA 537 -70.74 -26.97 -95.27
C MET OA 537 -69.26 -26.88 -94.96
N SER OA 538 -68.81 -25.76 -94.39
CA SER OA 538 -67.42 -25.61 -93.99
C SER OA 538 -67.34 -24.99 -92.60
N GLY OA 539 -68.18 -25.46 -91.69
CA GLY OA 539 -68.23 -24.90 -90.37
C GLY OA 539 -67.82 -25.87 -89.28
N VAL OA 540 -67.40 -27.06 -89.68
CA VAL OA 540 -67.10 -28.12 -88.72
C VAL OA 540 -65.70 -28.65 -88.99
N MET OA 541 -65.04 -29.10 -87.93
CA MET OA 541 -63.77 -29.78 -88.06
C MET OA 541 -64.01 -31.23 -88.44
N ILE OA 542 -63.42 -31.66 -89.54
CA ILE OA 542 -63.61 -33.01 -90.05
C ILE OA 542 -62.28 -33.74 -89.97
N PHE OA 543 -62.25 -34.81 -89.19
CA PHE OA 543 -61.08 -35.66 -89.08
C PHE OA 543 -61.28 -36.92 -89.92
N GLY OA 544 -60.23 -37.34 -90.59
CA GLY OA 544 -60.29 -38.56 -91.39
C GLY OA 544 -59.93 -39.78 -90.54
N LYS OA 545 -60.66 -40.85 -90.76
CA LYS OA 545 -60.29 -42.11 -90.16
C LYS OA 545 -59.11 -42.72 -90.91
N GLU OA 546 -58.48 -43.70 -90.29
CA GLU OA 546 -57.47 -44.46 -91.02
C GLU OA 546 -58.15 -45.19 -92.16
N SER OA 547 -57.40 -45.34 -93.26
CA SER OA 547 -57.96 -45.80 -94.54
C SER OA 547 -58.95 -44.79 -95.11
N ALA OA 548 -58.61 -43.51 -95.01
CA ALA OA 548 -59.33 -42.46 -95.71
C ALA OA 548 -58.39 -41.88 -96.78
N GLY OA 549 -58.90 -41.76 -98.00
CA GLY OA 549 -58.10 -41.25 -99.08
C GLY OA 549 -57.80 -39.77 -98.91
N ALA OA 550 -56.86 -39.29 -99.72
CA ALA OA 550 -56.50 -37.89 -99.68
C ALA OA 550 -57.55 -37.01 -100.34
N SER OA 551 -58.18 -37.50 -101.40
CA SER OA 551 -59.13 -36.71 -102.17
C SER OA 551 -60.40 -37.50 -102.42
N ASN OA 552 -61.54 -36.83 -102.25
CA ASN OA 552 -62.86 -37.38 -102.56
C ASN OA 552 -63.11 -38.69 -101.82
N THR OA 553 -62.72 -38.75 -100.55
CA THR OA 553 -63.05 -39.89 -99.72
C THR OA 553 -64.51 -39.81 -99.29
N ALA OA 554 -64.95 -40.81 -98.54
CA ALA OA 554 -66.36 -40.95 -98.24
C ALA OA 554 -66.71 -40.45 -96.84
N LEU OA 555 -68.00 -40.11 -96.69
CA LEU OA 555 -68.54 -39.74 -95.39
C LEU OA 555 -68.31 -40.85 -94.37
N ASP OA 556 -68.26 -42.10 -94.84
CA ASP OA 556 -67.95 -43.20 -93.95
C ASP OA 556 -66.49 -43.17 -93.51
N ASN OA 557 -65.62 -42.55 -94.31
CA ASN OA 557 -64.21 -42.50 -93.98
C ASN OA 557 -63.83 -41.24 -93.21
N VAL OA 558 -64.71 -40.27 -93.11
CA VAL OA 558 -64.42 -39.07 -92.32
C VAL OA 558 -65.28 -39.06 -91.05
N MET OA 559 -64.79 -38.33 -90.05
CA MET OA 559 -65.51 -38.09 -88.80
C MET OA 559 -65.82 -36.60 -88.68
N ILE OA 560 -67.10 -36.26 -88.73
CA ILE OA 560 -67.54 -34.88 -88.63
C ILE OA 560 -67.80 -34.54 -87.17
N THR OA 561 -67.22 -33.45 -86.69
CA THR OA 561 -67.45 -33.04 -85.32
C THR OA 561 -68.80 -32.33 -85.19
N ASP OA 562 -69.21 -32.13 -83.95
CA ASP OA 562 -70.46 -31.44 -83.64
C ASP OA 562 -70.19 -30.40 -82.58
N GLU OA 563 -70.84 -29.25 -82.71
CA GLU OA 563 -70.75 -28.15 -81.75
C GLU OA 563 -72.09 -27.93 -81.08
N GLU OA 564 -72.72 -29.03 -80.66
CA GLU OA 564 -74.09 -28.96 -80.16
C GLU OA 564 -74.15 -28.34 -78.77
N GLU OA 565 -73.03 -28.28 -78.06
CA GLU OA 565 -73.05 -27.85 -76.67
C GLU OA 565 -73.10 -26.33 -76.53
N ILE OA 566 -72.81 -25.59 -77.60
CA ILE OA 566 -72.75 -24.15 -77.51
C ILE OA 566 -73.99 -23.49 -78.11
N LYS OA 567 -75.09 -24.26 -78.24
CA LYS OA 567 -76.37 -23.67 -78.62
C LYS OA 567 -76.90 -22.71 -77.57
N ALA OA 568 -76.40 -22.79 -76.34
CA ALA OA 568 -76.92 -21.95 -75.27
C ALA OA 568 -76.56 -20.49 -75.47
N THR OA 569 -75.45 -20.20 -76.15
CA THR OA 569 -74.98 -18.84 -76.33
C THR OA 569 -74.66 -18.46 -77.76
N ASN OA 570 -74.46 -19.42 -78.65
CA ASN OA 570 -74.02 -19.12 -80.00
C ASN OA 570 -75.13 -19.39 -81.00
N PRO OA 571 -75.22 -18.59 -82.06
CA PRO OA 571 -76.21 -18.87 -83.11
C PRO OA 571 -75.87 -20.16 -83.84
N VAL OA 572 -76.91 -20.77 -84.41
CA VAL OA 572 -76.71 -21.96 -85.23
C VAL OA 572 -76.05 -21.55 -86.54
N ALA OA 573 -75.05 -22.33 -86.96
CA ALA OA 573 -74.18 -21.94 -88.06
C ALA OA 573 -74.91 -21.79 -89.38
N THR OA 574 -75.99 -22.53 -89.58
CA THR OA 574 -76.67 -22.58 -90.87
C THR OA 574 -77.88 -21.65 -90.94
N GLU OA 575 -78.17 -20.90 -89.90
CA GLU OA 575 -79.33 -20.02 -89.87
C GLU OA 575 -78.92 -18.59 -89.56
N ARG OA 576 -79.85 -17.68 -89.86
CA ARG OA 576 -79.58 -16.26 -89.72
C ARG OA 576 -79.39 -15.90 -88.24
N PHE OA 577 -78.66 -14.80 -88.02
CA PHE OA 577 -78.57 -14.25 -86.68
C PHE OA 577 -79.94 -13.80 -86.20
N GLY OA 578 -80.71 -13.18 -87.08
CA GLY OA 578 -82.02 -12.69 -86.73
C GLY OA 578 -82.56 -11.81 -87.83
N THR OA 579 -83.59 -11.05 -87.48
CA THR OA 579 -84.20 -10.10 -88.41
C THR OA 579 -83.97 -8.68 -87.93
N VAL OA 580 -84.05 -7.76 -88.86
CA VAL OA 580 -83.84 -6.34 -88.59
C VAL OA 580 -84.86 -5.55 -89.37
N ALA OA 581 -85.31 -4.44 -88.79
CA ALA OA 581 -86.21 -3.55 -89.51
C ALA OA 581 -85.45 -2.87 -90.64
N VAL OA 582 -86.11 -2.69 -91.79
CA VAL OA 582 -85.46 -2.15 -92.97
C VAL OA 582 -86.19 -0.96 -93.56
N ASN OA 583 -87.27 -0.48 -92.94
CA ASN OA 583 -88.01 0.64 -93.48
C ASN OA 583 -88.72 1.35 -92.33
N PHE OA 584 -89.54 2.34 -92.67
CA PHE OA 584 -90.40 3.03 -91.73
C PHE OA 584 -91.84 2.62 -92.00
N GLN OA 585 -92.49 2.05 -91.00
CA GLN OA 585 -93.92 1.75 -91.13
C GLN OA 585 -94.73 3.03 -90.94
N SER OA 586 -95.81 3.13 -91.70
CA SER OA 586 -96.67 4.30 -91.62
C SER OA 586 -98.06 3.93 -92.10
N SER OA 587 -99.03 4.78 -91.77
CA SER OA 587 -100.40 4.62 -92.22
C SER OA 587 -100.65 5.52 -93.43
N SER OA 588 -101.72 5.22 -94.15
CA SER OA 588 -102.12 6.02 -95.29
C SER OA 588 -102.63 7.38 -94.84
N THR OA 589 -102.39 8.39 -95.67
CA THR OA 589 -102.83 9.75 -95.37
C THR OA 589 -103.38 10.43 -96.62
N VAL OA 592 -100.35 11.78 -97.71
CA VAL OA 592 -99.51 10.77 -98.33
C VAL OA 592 -100.25 9.44 -98.38
N PRO OA 593 -101.09 9.25 -99.39
CA PRO OA 593 -101.91 8.03 -99.44
C PRO OA 593 -101.14 6.82 -99.95
N PHE OA 594 -99.93 6.62 -99.45
CA PHE OA 594 -99.10 5.47 -99.78
C PHE OA 594 -98.74 4.80 -98.45
N LYS OA 595 -99.60 3.89 -98.01
CA LYS OA 595 -99.37 3.14 -96.78
C LYS OA 595 -98.10 2.29 -96.90
N THR OA 596 -97.28 2.28 -95.86
CA THR OA 596 -96.04 1.53 -95.84
C THR OA 596 -96.13 0.46 -94.76
N ASP OA 597 -96.18 -0.80 -95.17
CA ASP OA 597 -96.13 -1.90 -94.22
C ASP OA 597 -94.72 -2.01 -93.64
N PRO OA 598 -94.62 -2.40 -92.37
CA PRO OA 598 -93.29 -2.66 -91.81
C PRO OA 598 -92.62 -3.83 -92.52
N ALA OA 599 -91.31 -3.73 -92.67
CA ALA OA 599 -90.54 -4.73 -93.41
C ALA OA 599 -89.29 -5.10 -92.62
N THR OA 600 -89.01 -6.40 -92.58
CA THR OA 600 -87.82 -6.92 -91.92
C THR OA 600 -86.97 -7.67 -92.93
N GLY OA 601 -85.69 -7.74 -92.65
CA GLY OA 601 -84.76 -8.51 -93.46
C GLY OA 601 -83.91 -9.40 -92.57
N ASP OA 602 -83.54 -10.54 -93.13
CA ASP OA 602 -82.71 -11.49 -92.40
C ASP OA 602 -81.28 -11.00 -92.31
N VAL OA 603 -80.68 -11.19 -91.15
CA VAL OA 603 -79.30 -10.80 -90.88
C VAL OA 603 -78.46 -12.06 -90.94
N HIS OA 604 -77.64 -12.18 -91.97
CA HIS OA 604 -76.89 -13.42 -92.21
C HIS OA 604 -75.48 -13.36 -91.65
N ALA OA 605 -74.86 -12.20 -91.67
CA ALA OA 605 -73.54 -11.98 -91.07
C ALA OA 605 -73.67 -10.83 -90.09
N MET OA 606 -73.35 -11.09 -88.82
CA MET OA 606 -73.46 -10.11 -87.76
C MET OA 606 -72.12 -9.99 -87.07
N GLY OA 607 -71.56 -8.78 -87.06
CA GLY OA 607 -70.35 -8.53 -86.32
C GLY OA 607 -70.64 -8.31 -84.85
N ALA OA 608 -69.58 -8.05 -84.10
CA ALA OA 608 -69.70 -7.94 -82.66
C ALA OA 608 -70.49 -6.69 -82.27
N LEU OA 609 -71.54 -6.89 -81.50
CA LEU OA 609 -72.32 -5.85 -80.86
C LEU OA 609 -72.05 -5.85 -79.36
N PRO OA 610 -72.07 -4.70 -78.70
CA PRO OA 610 -71.94 -4.69 -77.24
C PRO OA 610 -73.08 -5.44 -76.60
N GLY OA 611 -72.76 -6.18 -75.54
CA GLY OA 611 -73.70 -7.08 -74.93
C GLY OA 611 -73.67 -8.50 -75.46
N MET OA 612 -72.90 -8.75 -76.51
CA MET OA 612 -72.79 -10.09 -77.08
C MET OA 612 -71.94 -10.98 -76.18
N VAL OA 613 -72.36 -12.25 -76.05
CA VAL OA 613 -71.60 -13.26 -75.33
C VAL OA 613 -71.57 -14.52 -76.19
N TRP OA 614 -70.46 -15.23 -76.14
CA TRP OA 614 -70.32 -16.42 -76.97
C TRP OA 614 -69.32 -17.37 -76.34
N GLN OA 615 -69.33 -18.61 -76.82
CA GLN OA 615 -68.32 -19.60 -76.49
C GLN OA 615 -67.42 -19.83 -77.70
N ASP OA 616 -66.18 -20.21 -77.43
CA ASP OA 616 -65.24 -20.52 -78.48
C ASP OA 616 -65.45 -21.95 -78.96
N ARG OA 617 -64.74 -22.32 -80.01
CA ARG OA 617 -64.81 -23.68 -80.52
C ARG OA 617 -64.20 -24.66 -79.53
N ASP OA 618 -64.70 -25.89 -79.54
CA ASP OA 618 -64.17 -26.93 -78.69
C ASP OA 618 -62.84 -27.44 -79.20
N VAL OA 619 -62.05 -27.99 -78.30
CA VAL OA 619 -60.82 -28.68 -78.66
C VAL OA 619 -61.09 -30.17 -78.61
N TYR OA 620 -60.33 -30.92 -79.40
CA TYR OA 620 -60.51 -32.36 -79.52
C TYR OA 620 -59.19 -33.06 -79.27
N LEU OA 621 -59.26 -34.34 -78.92
CA LEU OA 621 -58.05 -35.10 -78.70
C LEU OA 621 -57.19 -35.17 -79.96
N GLN OA 622 -57.82 -35.18 -81.13
CA GLN OA 622 -57.12 -35.20 -82.40
C GLN OA 622 -56.84 -33.83 -82.96
N GLY OA 623 -57.22 -32.76 -82.25
CA GLY OA 623 -57.14 -31.43 -82.80
C GLY OA 623 -55.94 -30.64 -82.33
N PRO OA 624 -55.75 -29.45 -82.88
CA PRO OA 624 -54.61 -28.61 -82.50
C PRO OA 624 -54.72 -28.05 -81.10
N ILE OA 625 -53.57 -27.76 -80.51
CA ILE OA 625 -53.51 -27.18 -79.17
C ILE OA 625 -53.45 -25.66 -79.22
N TRP OA 626 -52.53 -25.11 -79.99
CA TRP OA 626 -52.29 -23.68 -79.99
C TRP OA 626 -52.16 -23.17 -81.41
N ALA OA 627 -52.06 -21.84 -81.51
CA ALA OA 627 -51.77 -21.16 -82.76
C ALA OA 627 -51.09 -19.84 -82.43
N LYS OA 628 -50.13 -19.45 -83.27
CA LYS OA 628 -49.52 -18.15 -83.13
C LYS OA 628 -50.48 -17.06 -83.57
N ILE OA 629 -50.69 -16.07 -82.72
CA ILE OA 629 -51.49 -14.91 -83.09
C ILE OA 629 -50.68 -14.03 -84.03
N PRO OA 630 -51.21 -13.67 -85.20
CA PRO OA 630 -50.44 -12.85 -86.13
C PRO OA 630 -50.03 -11.53 -85.51
N HIS OA 631 -48.81 -11.11 -85.83
CA HIS OA 631 -48.27 -9.85 -85.31
C HIS OA 631 -48.83 -8.71 -86.14
N THR OA 632 -50.01 -8.25 -85.75
CA THR OA 632 -50.74 -7.19 -86.44
C THR OA 632 -51.03 -6.06 -85.46
N ASP OA 633 -51.46 -4.92 -86.02
CA ASP OA 633 -51.85 -3.80 -85.18
C ASP OA 633 -53.08 -4.11 -84.34
N GLY OA 634 -54.08 -4.77 -84.93
CA GLY OA 634 -55.29 -5.07 -84.22
C GLY OA 634 -55.71 -6.51 -84.46
N HIS OA 635 -56.41 -7.04 -83.46
CA HIS OA 635 -57.05 -8.34 -83.55
C HIS OA 635 -58.16 -8.38 -82.53
N PHE OA 636 -59.26 -9.02 -82.89
CA PHE OA 636 -60.43 -9.09 -82.03
C PHE OA 636 -60.58 -10.52 -81.52
N HIS OA 637 -60.48 -10.69 -80.21
CA HIS OA 637 -60.63 -11.98 -79.54
C HIS OA 637 -59.73 -13.02 -80.18
N PRO OA 638 -58.42 -12.92 -80.00
CA PRO OA 638 -57.47 -13.73 -80.79
C PRO OA 638 -57.43 -15.20 -80.36
N SER OA 639 -58.58 -15.85 -80.43
CA SER OA 639 -58.69 -17.27 -80.22
C SER OA 639 -58.76 -17.97 -81.56
N PRO OA 640 -57.90 -18.96 -81.82
CA PRO OA 640 -57.85 -19.57 -83.16
C PRO OA 640 -59.19 -20.17 -83.54
N LEU OA 641 -59.52 -20.06 -84.82
CA LEU OA 641 -60.84 -20.48 -85.29
C LEU OA 641 -60.93 -22.00 -85.38
N MET OA 642 -59.80 -22.70 -85.50
CA MET OA 642 -59.84 -24.15 -85.40
C MET OA 642 -59.98 -24.64 -83.98
N GLY OA 643 -59.83 -23.78 -83.00
CA GLY OA 643 -59.89 -24.17 -81.60
C GLY OA 643 -58.51 -24.22 -80.99
N GLY OA 644 -58.46 -23.94 -79.70
CA GLY OA 644 -57.19 -23.97 -78.99
C GLY OA 644 -56.82 -22.66 -78.35
N PHE OA 645 -55.54 -22.50 -78.05
CA PHE OA 645 -55.02 -21.33 -77.37
C PHE OA 645 -54.27 -20.48 -78.38
N GLY OA 646 -54.65 -19.21 -78.47
CA GLY OA 646 -53.89 -18.27 -79.27
C GLY OA 646 -52.79 -17.68 -78.45
N LEU OA 647 -51.56 -17.83 -78.88
CA LEU OA 647 -50.39 -17.35 -78.13
C LEU OA 647 -49.64 -16.34 -78.97
N LYS OA 648 -49.29 -15.20 -78.36
CA LYS OA 648 -48.45 -14.24 -79.05
C LYS OA 648 -47.04 -14.78 -79.25
N ASN OA 649 -46.49 -15.43 -78.21
CA ASN OA 649 -45.23 -16.15 -78.30
C ASN OA 649 -45.53 -17.63 -78.10
N PRO OA 650 -45.87 -18.36 -79.16
CA PRO OA 650 -46.18 -19.77 -79.01
C PRO OA 650 -44.91 -20.58 -78.78
N PRO OA 651 -45.02 -21.89 -78.54
CA PRO OA 651 -43.83 -22.72 -78.52
C PRO OA 651 -43.08 -22.60 -79.84
N PRO OA 652 -41.78 -22.31 -79.79
CA PRO OA 652 -41.04 -22.07 -81.02
C PRO OA 652 -40.84 -23.33 -81.82
N GLN OA 653 -40.56 -23.13 -83.11
CA GLN OA 653 -40.30 -24.24 -84.00
C GLN OA 653 -38.90 -24.80 -83.75
N ILE OA 654 -38.81 -26.12 -83.63
CA ILE OA 654 -37.55 -26.82 -83.54
C ILE OA 654 -37.26 -27.38 -84.92
N LEU OA 655 -36.15 -26.93 -85.51
CA LEU OA 655 -35.78 -27.29 -86.86
C LEU OA 655 -34.52 -28.12 -86.83
N ILE OA 656 -34.53 -29.20 -87.61
CA ILE OA 656 -33.50 -30.22 -87.57
C ILE OA 656 -33.16 -30.63 -89.00
N LYS OA 657 -31.89 -30.85 -89.26
CA LYS OA 657 -31.52 -31.41 -90.55
C LYS OA 657 -30.22 -32.18 -90.41
N ASN OA 658 -29.97 -33.06 -91.37
CA ASN OA 658 -28.71 -33.78 -91.41
C ASN OA 658 -27.65 -32.89 -92.03
N THR OA 659 -26.49 -32.79 -91.39
CA THR OA 659 -25.41 -32.03 -92.00
C THR OA 659 -24.93 -32.75 -93.25
N PRO OA 660 -24.84 -32.06 -94.39
CA PRO OA 660 -24.40 -32.73 -95.62
C PRO OA 660 -22.97 -33.26 -95.49
N VAL OA 661 -22.76 -34.47 -95.99
CA VAL OA 661 -21.44 -35.09 -96.06
C VAL OA 661 -21.10 -35.24 -97.54
N PRO OA 662 -20.15 -34.47 -98.06
CA PRO OA 662 -19.81 -34.58 -99.47
C PRO OA 662 -19.18 -35.92 -99.82
N ALA OA 663 -19.41 -36.34 -101.05
CA ALA OA 663 -18.75 -37.53 -101.58
C ALA OA 663 -17.32 -37.17 -101.99
N ASN OA 664 -16.68 -38.07 -102.72
CA ASN OA 664 -15.28 -37.90 -103.07
C ASN OA 664 -15.10 -36.69 -103.99
N PRO OA 665 -14.31 -35.69 -103.61
CA PRO OA 665 -14.10 -34.54 -104.46
C PRO OA 665 -13.14 -34.86 -105.59
N PRO OA 666 -13.12 -34.05 -106.64
CA PRO OA 666 -12.16 -34.28 -107.74
C PRO OA 666 -10.72 -34.02 -107.30
N ALA OA 667 -9.79 -34.57 -108.06
CA ALA OA 667 -8.37 -34.36 -107.78
C ALA OA 667 -7.96 -32.91 -107.99
N GLU OA 668 -8.48 -32.28 -109.03
CA GLU OA 668 -8.24 -30.88 -109.31
C GLU OA 668 -9.36 -30.02 -108.73
N PHE OA 669 -9.02 -28.79 -108.37
CA PHE OA 669 -9.96 -27.89 -107.72
C PHE OA 669 -11.03 -27.42 -108.70
N SER OA 670 -12.27 -27.37 -108.22
CA SER OA 670 -13.39 -26.85 -108.98
C SER OA 670 -14.20 -25.94 -108.07
N ALA OA 671 -14.48 -24.72 -108.55
CA ALA OA 671 -15.25 -23.78 -107.74
C ALA OA 671 -16.74 -24.03 -107.82
N THR OA 672 -17.19 -24.89 -108.72
CA THR OA 672 -18.59 -25.27 -108.76
C THR OA 672 -18.99 -25.91 -107.44
N LYS OA 673 -20.13 -25.49 -106.90
CA LYS OA 673 -20.56 -25.98 -105.60
C LYS OA 673 -20.82 -27.48 -105.66
N PHE OA 674 -20.63 -28.13 -104.51
CA PHE OA 674 -20.76 -29.58 -104.44
C PHE OA 674 -22.19 -29.99 -104.72
N ALA OA 675 -22.35 -31.04 -105.52
CA ALA OA 675 -23.65 -31.62 -105.80
C ALA OA 675 -23.71 -33.10 -105.48
N SER OA 676 -22.57 -33.74 -105.24
CA SER OA 676 -22.49 -35.15 -104.93
C SER OA 676 -22.31 -35.29 -103.43
N PHE OA 677 -23.29 -35.90 -102.77
CA PHE OA 677 -23.27 -36.06 -101.33
C PHE OA 677 -23.45 -37.53 -100.97
N ILE OA 678 -22.93 -37.87 -99.80
CA ILE OA 678 -23.13 -39.20 -99.23
C ILE OA 678 -24.56 -39.28 -98.73
N THR OA 679 -25.31 -40.27 -99.19
CA THR OA 679 -26.73 -40.38 -98.87
C THR OA 679 -26.90 -40.90 -97.46
N GLN OA 680 -27.60 -40.15 -96.62
CA GLN OA 680 -27.77 -40.59 -95.25
C GLN OA 680 -29.05 -40.01 -94.66
N TYR OA 681 -29.50 -40.65 -93.58
CA TYR OA 681 -30.63 -40.18 -92.81
C TYR OA 681 -30.26 -40.29 -91.34
N SER OA 682 -31.17 -39.88 -90.47
CA SER OA 682 -30.93 -39.99 -89.05
C SER OA 682 -32.19 -40.46 -88.35
N THR OA 683 -31.99 -41.05 -87.18
CA THR OA 683 -33.09 -41.53 -86.35
C THR OA 683 -32.79 -41.15 -84.91
N GLY OA 684 -33.82 -41.13 -84.09
CA GLY OA 684 -33.58 -40.79 -82.71
C GLY OA 684 -34.87 -40.80 -81.92
N GLN OA 685 -34.77 -40.31 -80.69
CA GLN OA 685 -35.90 -40.22 -79.79
C GLN OA 685 -36.15 -38.77 -79.41
N VAL OA 686 -37.42 -38.41 -79.30
CA VAL OA 686 -37.84 -37.07 -78.93
C VAL OA 686 -38.80 -37.17 -77.76
N SER OA 687 -38.58 -36.33 -76.74
CA SER OA 687 -39.43 -36.27 -75.57
C SER OA 687 -40.03 -34.88 -75.45
N VAL OA 688 -41.33 -34.80 -75.20
CA VAL OA 688 -42.01 -33.55 -74.91
C VAL OA 688 -42.77 -33.74 -73.60
N GLU OA 689 -42.55 -32.83 -72.65
CA GLU OA 689 -43.23 -32.84 -71.37
C GLU OA 689 -43.96 -31.52 -71.22
N ILE OA 690 -45.28 -31.55 -71.06
CA ILE OA 690 -46.08 -30.36 -70.84
C ILE OA 690 -46.74 -30.44 -69.48
N GLU OA 691 -46.57 -29.40 -68.68
CA GLU OA 691 -47.36 -29.16 -67.49
C GLU OA 691 -48.57 -28.33 -67.85
N TRP OA 692 -49.75 -28.80 -67.46
CA TRP OA 692 -51.03 -28.15 -67.68
C TRP OA 692 -51.65 -27.81 -66.34
N GLU OA 693 -52.18 -26.59 -66.24
CA GLU OA 693 -52.98 -26.18 -65.10
C GLU OA 693 -54.44 -26.53 -65.32
N LEU OA 694 -55.06 -27.09 -64.29
CA LEU OA 694 -56.45 -27.52 -64.31
C LEU OA 694 -57.30 -26.53 -63.54
N GLN OA 695 -58.57 -26.47 -63.92
CA GLN OA 695 -59.58 -25.67 -63.25
C GLN OA 695 -60.70 -26.63 -62.91
N LYS OA 696 -60.78 -26.98 -61.63
CA LYS OA 696 -61.68 -28.01 -61.14
C LYS OA 696 -63.12 -27.53 -61.14
N GLU OA 697 -64.03 -28.47 -61.34
CA GLU OA 697 -65.45 -28.18 -61.18
C GLU OA 697 -65.75 -27.88 -59.72
N ASN OA 698 -66.69 -26.97 -59.48
CA ASN OA 698 -67.17 -26.65 -58.14
C ASN OA 698 -68.69 -26.67 -58.11
N SER OA 699 -69.29 -27.65 -58.80
CA SER OA 699 -70.71 -27.61 -59.10
C SER OA 699 -71.54 -28.02 -57.90
N LYS OA 700 -72.73 -27.42 -57.80
CA LYS OA 700 -73.73 -27.80 -56.81
C LYS OA 700 -74.89 -28.53 -57.45
N ARG OA 701 -74.72 -28.99 -58.68
CA ARG OA 701 -75.76 -29.72 -59.39
C ARG OA 701 -76.09 -31.03 -58.67
N TRP OA 702 -77.37 -31.35 -58.61
CA TRP OA 702 -77.83 -32.52 -57.86
C TRP OA 702 -77.79 -33.80 -58.70
N ASN OA 703 -78.39 -33.76 -59.88
CA ASN OA 703 -78.46 -34.93 -60.73
C ASN OA 703 -77.09 -35.23 -61.34
N PRO OA 704 -76.86 -36.47 -61.75
CA PRO OA 704 -75.55 -36.81 -62.33
C PRO OA 704 -75.31 -36.12 -63.65
N GLU OA 705 -74.03 -35.88 -63.92
CA GLU OA 705 -73.58 -35.20 -65.13
C GLU OA 705 -73.46 -36.17 -66.29
N VAL OA 706 -73.41 -35.61 -67.49
CA VAL OA 706 -73.06 -36.39 -68.68
C VAL OA 706 -71.54 -36.55 -68.71
N GLN OA 707 -71.08 -37.77 -68.90
CA GLN OA 707 -69.66 -38.08 -68.94
C GLN OA 707 -69.35 -38.76 -70.26
N TYR OA 708 -68.10 -38.61 -70.71
CA TYR OA 708 -67.63 -39.43 -71.81
C TYR OA 708 -67.33 -40.82 -71.30
N THR OA 709 -67.89 -41.83 -71.95
CA THR OA 709 -67.74 -43.20 -71.48
C THR OA 709 -67.47 -44.12 -72.66
N SER OA 710 -66.78 -45.22 -72.37
CA SER OA 710 -66.70 -46.33 -73.29
C SER OA 710 -68.04 -47.06 -73.33
N ASN OA 711 -68.37 -47.60 -74.48
CA ASN OA 711 -69.58 -48.40 -74.61
C ASN OA 711 -69.30 -49.79 -74.07
N TYR OA 712 -70.18 -50.27 -73.18
CA TYR OA 712 -70.11 -51.63 -72.67
C TYR OA 712 -70.95 -52.49 -73.61
N ALA OA 713 -70.29 -53.36 -74.36
CA ALA OA 713 -70.97 -54.27 -75.27
C ALA OA 713 -69.92 -55.16 -75.90
N LYS OA 714 -70.33 -56.37 -76.25
CA LYS OA 714 -69.43 -57.23 -76.99
C LYS OA 714 -69.15 -56.61 -78.35
N SER OA 715 -67.89 -56.33 -78.62
CA SER OA 715 -67.47 -55.75 -79.88
C SER OA 715 -66.26 -56.51 -80.40
N ALA OA 716 -66.10 -56.51 -81.72
CA ALA OA 716 -64.98 -57.23 -82.31
C ALA OA 716 -63.65 -56.61 -81.88
N ASN OA 717 -63.62 -55.30 -81.64
CA ASN OA 717 -62.43 -54.60 -81.22
C ASN OA 717 -62.74 -53.73 -80.02
N VAL OA 718 -61.69 -53.28 -79.35
CA VAL OA 718 -61.79 -52.27 -78.31
C VAL OA 718 -61.47 -50.92 -78.93
N ASP OA 719 -62.22 -49.89 -78.52
CA ASP OA 719 -62.01 -48.56 -79.04
C ASP OA 719 -60.67 -48.00 -78.59
N PHE OA 720 -60.03 -47.24 -79.49
CA PHE OA 720 -58.73 -46.62 -79.21
C PHE OA 720 -57.66 -47.66 -78.91
N THR OA 721 -57.63 -48.72 -79.72
CA THR OA 721 -56.63 -49.77 -79.57
C THR OA 721 -56.07 -50.13 -80.95
N VAL OA 722 -55.27 -51.19 -81.00
CA VAL OA 722 -54.75 -51.71 -82.25
C VAL OA 722 -55.64 -52.85 -82.70
N ASP OA 723 -55.60 -53.14 -83.99
CA ASP OA 723 -56.32 -54.29 -84.52
C ASP OA 723 -55.36 -55.48 -84.62
N ASN OA 724 -55.80 -56.55 -85.27
CA ASN OA 724 -54.94 -57.72 -85.43
C ASN OA 724 -53.77 -57.45 -86.36
N ASN OA 725 -53.82 -56.39 -87.16
CA ASN OA 725 -52.71 -56.02 -88.02
C ASN OA 725 -51.74 -55.04 -87.36
N GLY OA 726 -52.05 -54.56 -86.16
CA GLY OA 726 -51.19 -53.64 -85.48
C GLY OA 726 -51.44 -52.18 -85.75
N LEU OA 727 -52.59 -51.83 -86.31
CA LEU OA 727 -52.88 -50.46 -86.70
C LEU OA 727 -53.71 -49.78 -85.62
N TYR OA 728 -53.15 -48.73 -85.03
CA TYR OA 728 -53.87 -47.95 -84.04
C TYR OA 728 -54.89 -47.06 -84.73
N THR OA 729 -56.12 -47.08 -84.23
CA THR OA 729 -57.20 -46.29 -84.78
C THR OA 729 -57.94 -45.56 -83.66
N GLU OA 730 -58.48 -44.40 -83.99
CA GLU OA 730 -59.34 -43.64 -83.09
C GLU OA 730 -60.75 -43.63 -83.65
N PRO OA 731 -61.70 -44.31 -83.02
CA PRO OA 731 -63.04 -44.45 -83.62
C PRO OA 731 -63.82 -43.16 -83.80
N ARG OA 732 -63.63 -42.19 -82.91
CA ARG OA 732 -64.45 -40.99 -82.93
C ARG OA 732 -63.63 -39.83 -82.39
N PRO OA 733 -64.00 -38.60 -82.74
CA PRO OA 733 -63.38 -37.43 -82.10
C PRO OA 733 -64.06 -37.14 -80.76
N ILE OA 734 -63.24 -36.89 -79.74
CA ILE OA 734 -63.74 -36.60 -78.40
C ILE OA 734 -63.50 -35.13 -78.10
N GLY OA 735 -64.58 -34.42 -77.76
CA GLY OA 735 -64.47 -33.05 -77.31
C GLY OA 735 -64.19 -32.96 -75.82
N THR OA 736 -64.48 -31.79 -75.27
CA THR OA 736 -64.20 -31.52 -73.87
C THR OA 736 -65.44 -31.20 -73.05
N ARG OA 737 -66.53 -30.76 -73.68
CA ARG OA 737 -67.64 -30.15 -72.97
C ARG OA 737 -68.62 -31.24 -72.51
N TYR OA 738 -68.38 -31.78 -71.31
CA TYR OA 738 -69.27 -32.80 -70.75
C TYR OA 738 -69.87 -32.33 -69.45
N LEU OA 739 -69.04 -31.82 -68.55
CA LEU OA 739 -69.55 -31.18 -67.34
C LEU OA 739 -70.32 -29.94 -67.72
N THR OA 740 -71.16 -29.46 -66.82
CA THR OA 740 -71.95 -28.26 -67.07
C THR OA 740 -71.76 -27.25 -65.96
N ARG OA 741 -72.11 -26.00 -66.26
CA ARG OA 741 -72.14 -24.96 -65.26
C ARG OA 741 -73.23 -23.97 -65.65
N PRO OA 742 -73.78 -23.23 -64.69
CA PRO OA 742 -74.83 -22.27 -65.02
C PRO OA 742 -74.30 -21.09 -65.81
N LEU OA 743 -75.13 -20.56 -66.70
CA LEU OA 743 -74.72 -19.50 -67.60
C LEU OA 743 -74.58 -18.16 -66.89
N ASP PA 219 -12.10 -34.86 -78.69
CA ASP PA 219 -13.00 -35.08 -77.57
C ASP PA 219 -13.83 -36.36 -77.76
N GLY PA 220 -13.53 -37.10 -78.81
CA GLY PA 220 -14.15 -38.40 -79.04
C GLY PA 220 -14.77 -38.50 -80.42
N VAL PA 221 -15.07 -39.75 -80.79
CA VAL PA 221 -15.70 -40.03 -82.06
C VAL PA 221 -17.16 -39.57 -82.07
N GLY PA 222 -17.88 -39.79 -80.98
CA GLY PA 222 -19.30 -39.53 -80.96
C GLY PA 222 -19.71 -38.21 -80.33
N ASN PA 223 -18.76 -37.29 -80.22
CA ASN PA 223 -19.01 -35.98 -79.64
C ASN PA 223 -18.60 -34.91 -80.63
N ALA PA 224 -19.53 -34.00 -80.94
CA ALA PA 224 -19.24 -32.94 -81.89
C ALA PA 224 -18.28 -31.92 -81.26
N SER PA 225 -17.32 -31.45 -82.05
CA SER PA 225 -16.31 -30.53 -81.56
C SER PA 225 -16.65 -29.07 -81.83
N GLY PA 226 -17.83 -28.78 -82.36
CA GLY PA 226 -18.24 -27.41 -82.53
C GLY PA 226 -19.67 -27.34 -82.98
N ASN PA 227 -20.21 -26.13 -82.95
CA ASN PA 227 -21.58 -25.86 -83.33
C ASN PA 227 -21.62 -24.94 -84.54
N TRP PA 228 -22.78 -24.85 -85.16
CA TRP PA 228 -22.99 -23.98 -86.30
C TRP PA 228 -23.22 -22.57 -85.80
N HIS PA 229 -22.30 -21.67 -86.08
CA HIS PA 229 -22.39 -20.27 -85.68
C HIS PA 229 -22.42 -19.41 -86.93
N CYS PA 230 -23.62 -19.12 -87.41
CA CYS PA 230 -23.81 -18.24 -88.56
C CYS PA 230 -24.82 -17.19 -88.18
N ASP PA 231 -24.37 -15.96 -88.01
CA ASP PA 231 -25.19 -14.92 -87.41
C ASP PA 231 -24.61 -13.56 -87.77
N SER PA 232 -25.28 -12.51 -87.33
CA SER PA 232 -24.78 -11.15 -87.48
C SER PA 232 -25.39 -10.31 -86.38
N THR PA 233 -24.54 -9.75 -85.52
CA THR PA 233 -24.99 -8.96 -84.39
C THR PA 233 -24.57 -7.51 -84.61
N TRP PA 234 -25.53 -6.60 -84.50
CA TRP PA 234 -25.29 -5.19 -84.71
C TRP PA 234 -25.32 -4.48 -83.36
N LEU PA 235 -24.17 -4.01 -82.93
CA LEU PA 235 -24.09 -3.17 -81.74
C LEU PA 235 -24.14 -1.71 -82.19
N GLY PA 236 -23.85 -0.78 -81.28
CA GLY PA 236 -23.93 0.62 -81.64
C GLY PA 236 -22.93 1.02 -82.71
N ASP PA 237 -21.67 0.69 -82.51
CA ASP PA 237 -20.62 1.07 -83.45
C ASP PA 237 -19.86 -0.13 -84.00
N ARG PA 238 -20.24 -1.35 -83.64
CA ARG PA 238 -19.61 -2.55 -84.15
C ARG PA 238 -20.67 -3.40 -84.82
N VAL PA 239 -20.22 -4.26 -85.74
CA VAL PA 239 -21.03 -5.36 -86.22
C VAL PA 239 -20.16 -6.60 -86.22
N ILE PA 240 -20.67 -7.69 -85.68
CA ILE PA 240 -19.95 -8.95 -85.63
C ILE PA 240 -20.66 -9.93 -86.55
N THR PA 241 -19.94 -10.39 -87.58
CA THR PA 241 -20.47 -11.33 -88.55
C THR PA 241 -19.81 -12.69 -88.34
N THR PA 242 -20.63 -13.72 -88.19
CA THR PA 242 -20.17 -15.09 -88.05
C THR PA 242 -20.68 -15.91 -89.24
N SER PA 243 -19.82 -16.76 -89.78
CA SER PA 243 -20.17 -17.59 -90.92
C SER PA 243 -19.60 -18.98 -90.72
N THR PA 244 -20.46 -19.99 -90.82
CA THR PA 244 -20.05 -21.38 -90.83
C THR PA 244 -20.36 -21.98 -92.19
N ARG PA 245 -19.42 -22.77 -92.69
CA ARG PA 245 -19.55 -23.45 -93.97
C ARG PA 245 -19.05 -24.88 -93.84
N THR PA 246 -19.51 -25.73 -94.76
CA THR PA 246 -19.05 -27.10 -94.85
C THR PA 246 -18.07 -27.22 -96.00
N TRP PA 247 -16.88 -27.74 -95.71
CA TRP PA 247 -15.81 -27.85 -96.68
C TRP PA 247 -15.46 -29.31 -96.92
N ALA PA 248 -14.98 -29.56 -98.14
CA ALA PA 248 -14.40 -30.84 -98.55
C ALA PA 248 -12.99 -30.59 -99.05
N LEU PA 249 -12.04 -31.35 -98.51
CA LEU PA 249 -10.63 -31.25 -98.86
C LEU PA 249 -10.18 -32.56 -99.48
N PRO PA 250 -9.77 -32.58 -100.74
CA PRO PA 250 -9.25 -33.82 -101.33
C PRO PA 250 -7.76 -33.98 -101.09
N THR PA 251 -7.18 -35.03 -101.65
CA THR PA 251 -5.74 -35.18 -101.72
C THR PA 251 -5.24 -34.56 -103.02
N TYR PA 252 -4.30 -33.63 -102.89
CA TYR PA 252 -3.78 -32.91 -104.04
C TYR PA 252 -2.41 -33.45 -104.40
N ASN PA 253 -2.19 -33.69 -105.70
CA ASN PA 253 -0.90 -34.08 -106.26
C ASN PA 253 -0.44 -35.47 -105.83
N ASN PA 254 -1.32 -36.28 -105.25
CA ASN PA 254 -0.93 -37.54 -104.61
C ASN PA 254 0.13 -37.31 -103.54
N HIS PA 255 -0.08 -36.28 -102.72
CA HIS PA 255 0.80 -35.93 -101.60
C HIS PA 255 2.19 -35.51 -102.06
N LEU PA 256 2.29 -34.99 -103.28
CA LEU PA 256 3.58 -34.65 -103.85
C LEU PA 256 3.71 -33.14 -104.03
N TYR PA 257 4.93 -32.67 -103.93
CA TYR PA 257 5.30 -31.32 -104.33
C TYR PA 257 5.78 -31.38 -105.77
N LYS PA 258 5.17 -30.59 -106.64
CA LYS PA 258 5.53 -30.63 -108.05
C LYS PA 258 5.99 -29.26 -108.50
N GLN PA 259 7.00 -29.25 -109.36
CA GLN PA 259 7.51 -28.02 -109.95
C GLN PA 259 6.74 -27.74 -111.23
N ILE PA 260 6.16 -26.55 -111.31
CA ILE PA 260 5.34 -26.16 -112.45
C ILE PA 260 5.98 -24.97 -113.14
N SER PA 261 5.85 -24.92 -114.46
CA SER PA 261 6.35 -23.81 -115.25
C SER PA 261 5.55 -23.75 -116.54
N SER PA 262 5.97 -22.85 -117.43
CA SER PA 262 5.29 -22.65 -118.71
C SER PA 262 6.00 -23.31 -119.87
N ALA PA 263 7.03 -24.12 -119.59
CA ALA PA 263 7.83 -24.70 -120.66
C ALA PA 263 7.00 -25.63 -121.53
N SER PA 264 6.19 -26.50 -120.93
CA SER PA 264 5.32 -27.36 -121.72
C SER PA 264 4.15 -26.58 -122.30
N THR PA 265 3.71 -25.53 -121.61
CA THR PA 265 2.60 -24.73 -122.12
C THR PA 265 2.96 -24.03 -123.42
N GLY PA 266 4.21 -23.60 -123.56
CA GLY PA 266 4.59 -22.86 -124.74
C GLY PA 266 3.93 -21.50 -124.84
N ALA PA 267 3.89 -20.76 -123.75
CA ALA PA 267 3.21 -19.47 -123.69
C ALA PA 267 4.09 -18.38 -124.28
N SER PA 268 3.54 -17.18 -124.35
CA SER PA 268 4.30 -16.02 -124.78
C SER PA 268 5.25 -15.57 -123.67
N ASN PA 269 6.15 -14.66 -124.03
CA ASN PA 269 7.13 -14.18 -123.05
C ASN PA 269 6.46 -13.49 -121.87
N ASP PA 270 5.29 -12.90 -122.10
CA ASP PA 270 4.57 -12.21 -121.03
C ASP PA 270 3.91 -13.16 -120.04
N ASN PA 271 3.66 -14.40 -120.45
CA ASN PA 271 2.93 -15.37 -119.64
C ASN PA 271 3.82 -16.45 -119.06
N HIS PA 272 5.12 -16.29 -119.17
CA HIS PA 272 6.05 -17.28 -118.61
C HIS PA 272 6.02 -17.25 -117.10
N TYR PA 273 6.18 -18.42 -116.48
CA TYR PA 273 6.21 -18.48 -115.03
C TYR PA 273 6.97 -19.73 -114.58
N PHE PA 274 7.37 -19.71 -113.32
CA PHE PA 274 8.01 -20.83 -112.66
C PHE PA 274 7.53 -20.85 -111.23
N GLY PA 275 7.18 -22.03 -110.73
CA GLY PA 275 6.69 -22.11 -109.38
C GLY PA 275 6.53 -23.53 -108.92
N TYR PA 276 5.74 -23.69 -107.85
CA TYR PA 276 5.55 -24.98 -107.24
C TYR PA 276 4.09 -25.19 -106.87
N SER PA 277 3.65 -26.43 -106.99
CA SER PA 277 2.33 -26.88 -106.58
C SER PA 277 2.49 -27.75 -105.34
N THR PA 278 1.82 -27.41 -104.26
CA THR PA 278 1.96 -28.21 -103.06
C THR PA 278 0.76 -29.13 -102.89
N PRO PA 279 0.88 -30.17 -102.08
CA PRO PA 279 -0.28 -31.01 -101.76
C PRO PA 279 -1.25 -30.39 -100.75
N TRP PA 280 -1.01 -29.15 -100.32
CA TRP PA 280 -1.84 -28.49 -99.33
C TRP PA 280 -2.95 -27.70 -99.99
N GLY PA 281 -4.05 -27.54 -99.26
CA GLY PA 281 -5.07 -26.57 -99.59
C GLY PA 281 -5.02 -25.44 -98.58
N TYR PA 282 -5.76 -24.38 -98.88
CA TYR PA 282 -5.79 -23.24 -97.97
C TYR PA 282 -7.23 -22.76 -97.82
N PHE PA 283 -7.46 -22.08 -96.71
CA PHE PA 283 -8.78 -21.52 -96.40
C PHE PA 283 -8.80 -20.05 -96.79
N ASP PA 284 -9.81 -19.66 -97.55
CA ASP PA 284 -9.96 -18.31 -98.05
C ASP PA 284 -11.32 -17.77 -97.66
N PHE PA 285 -11.33 -16.62 -96.99
CA PHE PA 285 -12.56 -15.91 -96.69
C PHE PA 285 -12.35 -14.42 -96.97
N ASN PA 286 -11.71 -14.12 -98.10
CA ASN PA 286 -11.35 -12.77 -98.47
C ASN PA 286 -12.33 -12.16 -99.47
N ARG PA 287 -13.62 -12.43 -99.30
CA ARG PA 287 -14.67 -11.72 -100.02
C ARG PA 287 -15.72 -11.27 -99.03
N PHE PA 288 -16.40 -10.18 -99.35
CA PHE PA 288 -17.33 -9.60 -98.38
C PHE PA 288 -18.58 -10.45 -98.21
N HIS PA 289 -18.99 -11.20 -99.23
CA HIS PA 289 -20.18 -12.01 -99.12
C HIS PA 289 -19.93 -13.32 -98.36
N CYS PA 290 -18.68 -13.64 -98.04
CA CYS PA 290 -18.41 -14.72 -97.11
C CYS PA 290 -18.87 -14.37 -95.70
N HIS PA 291 -19.10 -13.10 -95.43
CA HIS PA 291 -19.42 -12.62 -94.09
C HIS PA 291 -20.73 -11.87 -94.00
N PHE PA 292 -21.12 -11.15 -95.04
CA PHE PA 292 -22.35 -10.36 -95.03
C PHE PA 292 -23.39 -11.00 -95.92
N SER PA 293 -24.60 -11.16 -95.39
CA SER PA 293 -25.73 -11.42 -96.26
C SER PA 293 -26.05 -10.15 -97.03
N PRO PA 294 -26.77 -10.26 -98.14
CA PRO PA 294 -27.17 -9.03 -98.85
C PRO PA 294 -27.96 -8.07 -98.00
N ARG PA 295 -28.82 -8.57 -97.12
CA ARG PA 295 -29.54 -7.71 -96.19
C ARG PA 295 -28.59 -6.98 -95.24
N ASP PA 296 -27.59 -7.70 -94.71
CA ASP PA 296 -26.61 -7.07 -93.82
C ASP PA 296 -25.77 -6.05 -94.56
N TRP PA 297 -25.41 -6.35 -95.81
CA TRP PA 297 -24.67 -5.40 -96.62
C TRP PA 297 -25.47 -4.13 -96.86
N GLN PA 298 -26.75 -4.28 -97.17
CA GLN PA 298 -27.61 -3.12 -97.37
C GLN PA 298 -27.74 -2.32 -96.09
N ARG PA 299 -27.91 -3.01 -94.96
CA ARG PA 299 -27.98 -2.32 -93.67
C ARG PA 299 -26.71 -1.55 -93.37
N LEU PA 300 -25.55 -2.11 -93.72
CA LEU PA 300 -24.29 -1.42 -93.51
C LEU PA 300 -24.16 -0.19 -94.40
N ILE PA 301 -24.39 -0.37 -95.71
CA ILE PA 301 -24.08 0.68 -96.66
C ILE PA 301 -25.13 1.79 -96.68
N ASN PA 302 -26.35 1.53 -96.22
CA ASN PA 302 -27.36 2.56 -96.19
C ASN PA 302 -27.29 3.42 -94.95
N ASN PA 303 -26.48 3.05 -93.96
CA ASN PA 303 -26.49 3.70 -92.67
C ASN PA 303 -25.14 4.15 -92.18
N ASN PA 304 -24.04 3.67 -92.75
CA ASN PA 304 -22.72 3.96 -92.22
C ASN PA 304 -21.90 4.76 -93.21
N TRP PA 305 -21.16 5.73 -92.70
CA TRP PA 305 -20.23 6.50 -93.52
C TRP PA 305 -18.93 5.76 -93.75
N GLY PA 306 -18.59 4.80 -92.91
CA GLY PA 306 -17.38 4.04 -93.16
C GLY PA 306 -17.34 2.79 -92.31
N PHE PA 307 -16.41 1.91 -92.66
CA PHE PA 307 -16.27 0.70 -91.84
C PHE PA 307 -14.87 0.12 -92.02
N ARG PA 308 -14.48 -0.71 -91.07
CA ARG PA 308 -13.18 -1.38 -91.15
C ARG PA 308 -13.21 -2.60 -90.26
N PRO PA 309 -12.32 -3.58 -90.50
CA PRO PA 309 -12.27 -4.76 -89.64
C PRO PA 309 -11.36 -4.58 -88.42
N LYS PA 310 -11.84 -5.06 -87.28
CA LYS PA 310 -11.17 -5.02 -85.99
C LYS PA 310 -10.54 -6.35 -85.62
N ARG PA 311 -11.31 -7.43 -85.62
CA ARG PA 311 -10.69 -8.69 -85.19
C ARG PA 311 -11.40 -9.86 -85.83
N LEU PA 312 -10.76 -11.03 -85.77
CA LEU PA 312 -11.39 -12.23 -86.30
C LEU PA 312 -11.01 -13.47 -85.48
N ASN PA 313 -11.92 -14.43 -85.49
CA ASN PA 313 -11.75 -15.76 -84.93
C ASN PA 313 -12.00 -16.77 -86.03
N PHE PA 314 -11.16 -17.80 -86.07
CA PHE PA 314 -11.24 -18.87 -87.05
C PHE PA 314 -11.33 -20.18 -86.28
N LYS PA 315 -12.28 -21.03 -86.64
CA LYS PA 315 -12.43 -22.33 -86.02
C LYS PA 315 -12.63 -23.37 -87.10
N LEU PA 316 -12.06 -24.55 -86.88
CA LEU PA 316 -12.14 -25.70 -87.75
C LEU PA 316 -12.58 -26.88 -86.90
N PHE PA 317 -13.72 -27.49 -87.22
CA PHE PA 317 -14.29 -28.45 -86.31
C PHE PA 317 -15.08 -29.50 -87.09
N ASN PA 318 -15.38 -30.60 -86.41
CA ASN PA 318 -16.15 -31.72 -86.94
C ASN PA 318 -15.46 -32.36 -88.14
N ILE PA 319 -14.21 -32.75 -87.94
CA ILE PA 319 -13.41 -33.35 -88.99
C ILE PA 319 -13.86 -34.78 -89.23
N GLN PA 320 -14.05 -35.13 -90.50
CA GLN PA 320 -14.34 -36.50 -90.88
C GLN PA 320 -13.44 -36.88 -92.04
N VAL PA 321 -12.58 -37.86 -91.85
CA VAL PA 321 -11.75 -38.39 -92.92
C VAL PA 321 -12.46 -39.60 -93.51
N LYS PA 322 -12.58 -39.62 -94.82
CA LYS PA 322 -13.28 -40.68 -95.55
C LYS PA 322 -12.31 -41.38 -96.49
N GLU PA 323 -12.29 -42.70 -96.41
CA GLU PA 323 -11.55 -43.57 -97.29
C GLU PA 323 -12.40 -43.96 -98.50
N VAL PA 324 -11.81 -43.92 -99.69
CA VAL PA 324 -12.49 -44.20 -100.94
C VAL PA 324 -11.81 -45.36 -101.64
N THR PA 325 -12.60 -46.36 -102.05
CA THR PA 325 -12.11 -47.49 -102.86
C THR PA 325 -13.02 -47.65 -104.07
N THR PA 326 -12.44 -47.63 -105.26
CA THR PA 326 -13.21 -47.88 -106.49
C THR PA 326 -12.79 -49.25 -107.04
N ASN PA 327 -13.75 -50.18 -107.09
CA ASN PA 327 -13.53 -51.51 -107.63
C ASN PA 327 -14.61 -51.82 -108.65
N ASP PA 328 -14.19 -52.30 -109.82
CA ASP PA 328 -15.11 -52.69 -110.90
C ASP PA 328 -16.07 -51.57 -111.26
N GLY PA 329 -15.64 -50.32 -111.04
CA GLY PA 329 -16.43 -49.16 -111.36
C GLY PA 329 -17.32 -48.65 -110.25
N VAL PA 330 -17.50 -49.41 -109.17
CA VAL PA 330 -18.35 -48.98 -108.07
C VAL PA 330 -17.47 -48.48 -106.94
N THR PA 331 -17.92 -47.42 -106.28
CA THR PA 331 -17.13 -46.68 -105.32
C THR PA 331 -17.70 -46.88 -103.92
N THR PA 332 -16.85 -47.28 -102.99
CA THR PA 332 -17.17 -47.42 -101.58
C THR PA 332 -16.49 -46.32 -100.79
N ILE PA 333 -17.23 -45.66 -99.92
CA ILE PA 333 -16.69 -44.66 -99.01
C ILE PA 333 -16.93 -45.14 -97.59
N ALA PA 334 -15.88 -45.12 -96.79
CA ALA PA 334 -15.97 -45.51 -95.39
C ALA PA 334 -15.34 -44.43 -94.53
N ASN PA 335 -15.60 -44.51 -93.23
CA ASN PA 335 -14.96 -43.59 -92.30
C ASN PA 335 -13.59 -44.13 -91.90
N ASN PA 336 -12.61 -43.24 -91.84
CA ASN PA 336 -11.28 -43.56 -91.35
C ASN PA 336 -11.12 -42.83 -90.03
N LEU PA 337 -11.37 -43.53 -88.93
CA LEU PA 337 -11.45 -42.89 -87.63
C LEU PA 337 -10.09 -42.48 -87.08
N THR PA 338 -9.00 -43.04 -87.61
CA THR PA 338 -7.67 -42.80 -87.06
C THR PA 338 -6.81 -41.92 -87.96
N SER PA 339 -7.37 -41.36 -89.02
CA SER PA 339 -6.61 -40.49 -89.90
C SER PA 339 -6.64 -39.05 -89.42
N THR PA 340 -5.68 -38.26 -89.87
CA THR PA 340 -5.52 -36.89 -89.41
C THR PA 340 -5.49 -35.92 -90.59
N VAL PA 341 -5.87 -34.68 -90.29
CA VAL PA 341 -5.60 -33.55 -91.16
C VAL PA 341 -4.61 -32.64 -90.44
N GLN PA 342 -3.59 -32.20 -91.16
CA GLN PA 342 -2.64 -31.22 -90.64
C GLN PA 342 -3.11 -29.83 -90.98
N VAL PA 343 -3.15 -28.95 -89.98
CA VAL PA 343 -3.56 -27.56 -90.15
C VAL PA 343 -2.51 -26.67 -89.51
N PHE PA 344 -2.13 -25.61 -90.20
CA PHE PA 344 -1.31 -24.59 -89.54
C PHE PA 344 -1.63 -23.23 -90.12
N SER PA 345 -1.38 -22.21 -89.31
CA SER PA 345 -1.55 -20.82 -89.69
C SER PA 345 -0.18 -20.21 -89.89
N ASP PA 346 0.02 -19.51 -91.01
CA ASP PA 346 1.30 -18.92 -91.33
C ASP PA 346 1.35 -17.51 -90.73
N SER PA 347 1.48 -17.47 -89.41
CA SER PA 347 1.35 -16.23 -88.66
C SER PA 347 2.54 -15.30 -88.81
N GLU PA 348 3.69 -15.81 -89.23
CA GLU PA 348 4.88 -14.99 -89.41
C GLU PA 348 5.12 -14.62 -90.86
N TYR PA 349 4.18 -14.94 -91.76
CA TYR PA 349 4.24 -14.57 -93.17
C TYR PA 349 5.55 -15.02 -93.81
N GLN PA 350 5.92 -16.26 -93.53
CA GLN PA 350 7.12 -16.86 -94.08
C GLN PA 350 6.89 -17.54 -95.41
N LEU PA 351 5.67 -17.64 -95.85
CA LEU PA 351 5.26 -18.26 -97.09
C LEU PA 351 4.83 -17.20 -98.09
N PRO PA 352 4.88 -17.51 -99.37
CA PRO PA 352 4.27 -16.59 -100.35
C PRO PA 352 2.78 -16.43 -100.10
N TYR PA 353 2.33 -15.19 -100.10
CA TYR PA 353 0.93 -14.86 -99.81
C TYR PA 353 0.15 -14.89 -101.11
N VAL PA 354 -0.62 -15.95 -101.33
CA VAL PA 354 -1.42 -16.05 -102.54
C VAL PA 354 -2.82 -15.52 -102.36
N LEU PA 355 -3.23 -15.23 -101.13
CA LEU PA 355 -4.48 -14.52 -100.93
C LEU PA 355 -4.31 -13.09 -101.43
N GLY PA 356 -5.43 -12.42 -101.66
CA GLY PA 356 -5.35 -11.07 -102.17
C GLY PA 356 -5.08 -10.97 -103.65
N SER PA 357 -5.20 -12.07 -104.39
CA SER PA 357 -5.13 -12.05 -105.85
C SER PA 357 -6.48 -12.34 -106.49
N ALA PA 358 -7.55 -12.32 -105.69
CA ALA PA 358 -8.93 -12.49 -106.17
C ALA PA 358 -9.15 -13.86 -106.81
N HIS PA 359 -8.79 -14.90 -106.07
CA HIS PA 359 -8.92 -16.25 -106.57
C HIS PA 359 -10.21 -16.90 -106.11
N GLN PA 360 -10.64 -17.90 -106.86
CA GLN PA 360 -11.76 -18.73 -106.46
C GLN PA 360 -11.38 -19.61 -105.27
N GLY PA 361 -12.38 -20.14 -104.59
CA GLY PA 361 -12.13 -21.02 -103.48
C GLY PA 361 -12.48 -20.45 -102.13
N CYS PA 362 -13.05 -19.25 -102.10
CA CYS PA 362 -13.52 -18.67 -100.85
C CYS PA 362 -14.73 -19.43 -100.32
N LEU PA 363 -15.12 -19.10 -99.10
CA LEU PA 363 -16.39 -19.60 -98.59
C LEU PA 363 -17.51 -19.10 -99.49
N PRO PA 364 -18.47 -19.95 -99.85
CA PRO PA 364 -19.56 -19.53 -100.73
C PRO PA 364 -20.42 -18.47 -100.06
N PRO PA 365 -21.06 -17.60 -100.85
CA PRO PA 365 -21.94 -16.58 -100.24
C PRO PA 365 -23.11 -17.18 -99.49
N PHE PA 366 -23.69 -18.25 -100.00
CA PHE PA 366 -24.86 -18.86 -99.37
C PHE PA 366 -24.42 -19.86 -98.31
N PRO PA 367 -24.90 -19.74 -97.07
CA PRO PA 367 -24.43 -20.62 -95.99
C PRO PA 367 -24.76 -22.08 -96.19
N ALA PA 368 -25.70 -22.42 -97.07
CA ALA PA 368 -26.04 -23.81 -97.30
C ALA PA 368 -25.11 -24.51 -98.27
N ASP PA 369 -24.20 -23.78 -98.91
CA ASP PA 369 -23.37 -24.36 -99.94
C ASP PA 369 -22.14 -25.03 -99.35
N VAL PA 370 -21.78 -26.18 -99.91
CA VAL PA 370 -20.60 -26.93 -99.51
C VAL PA 370 -19.51 -26.67 -100.53
N PHE PA 371 -18.32 -26.31 -100.05
CA PHE PA 371 -17.27 -25.86 -100.94
C PHE PA 371 -16.02 -26.73 -100.84
N MET PA 372 -15.35 -26.87 -101.97
CA MET PA 372 -14.10 -27.58 -102.08
C MET PA 372 -12.95 -26.64 -101.74
N ILE PA 373 -11.96 -27.14 -101.02
CA ILE PA 373 -10.84 -26.31 -100.59
C ILE PA 373 -9.83 -26.20 -101.73
N PRO PA 374 -9.40 -25.00 -102.10
CA PRO PA 374 -8.47 -24.83 -103.22
C PRO PA 374 -7.05 -25.26 -102.88
N GLN PA 375 -6.33 -25.70 -103.91
CA GLN PA 375 -4.96 -26.17 -103.73
C GLN PA 375 -4.00 -25.00 -103.58
N TYR PA 376 -2.98 -25.18 -102.75
CA TYR PA 376 -1.96 -24.15 -102.56
C TYR PA 376 -0.84 -24.34 -103.56
N GLY PA 377 -0.42 -23.23 -104.16
CA GLY PA 377 0.73 -23.21 -105.03
C GLY PA 377 1.23 -21.78 -105.08
N TYR PA 378 2.48 -21.63 -105.45
CA TYR PA 378 3.08 -20.31 -105.50
C TYR PA 378 3.99 -20.21 -106.70
N LEU PA 379 4.35 -18.99 -107.04
CA LEU PA 379 5.31 -18.69 -108.08
C LEU PA 379 6.55 -18.08 -107.46
N THR PA 380 7.69 -18.30 -108.10
CA THR PA 380 8.94 -17.73 -107.65
C THR PA 380 9.60 -17.03 -108.83
N LEU PA 381 10.79 -16.48 -108.59
CA LEU PA 381 11.51 -15.77 -109.63
C LEU PA 381 11.75 -16.67 -110.83
N ASN PA 382 11.48 -16.16 -112.02
CA ASN PA 382 11.65 -16.92 -113.24
C ASN PA 382 12.36 -16.08 -114.29
N ASN PA 383 13.13 -16.76 -115.12
CA ASN PA 383 13.80 -16.19 -116.30
C ASN PA 383 13.24 -16.93 -117.50
N GLY PA 384 12.11 -16.46 -117.99
CA GLY PA 384 11.36 -17.24 -118.97
C GLY PA 384 10.63 -18.35 -118.25
N SER PA 385 10.77 -19.57 -118.76
CA SER PA 385 10.23 -20.74 -118.08
C SER PA 385 11.22 -21.36 -117.12
N GLN PA 386 12.39 -20.76 -116.94
CA GLN PA 386 13.43 -21.29 -116.08
C GLN PA 386 13.44 -20.57 -114.74
N ALA PA 387 14.19 -21.12 -113.80
CA ALA PA 387 14.37 -20.52 -112.49
C ALA PA 387 15.69 -19.76 -112.46
N VAL PA 388 15.98 -19.15 -111.32
CA VAL PA 388 17.25 -18.49 -111.07
C VAL PA 388 17.79 -19.00 -109.74
N GLY PA 389 18.95 -18.49 -109.35
CA GLY PA 389 19.54 -18.89 -108.08
C GLY PA 389 18.73 -18.43 -106.89
N ARG PA 390 18.10 -17.27 -106.98
CA ARG PA 390 17.32 -16.69 -105.90
C ARG PA 390 15.88 -17.16 -105.90
N SER PA 391 15.52 -18.06 -106.82
CA SER PA 391 14.21 -18.68 -106.76
C SER PA 391 14.09 -19.53 -105.51
N SER PA 392 13.01 -19.34 -104.77
CA SER PA 392 12.83 -20.02 -103.50
C SER PA 392 11.94 -21.25 -103.66
N PHE PA 393 12.15 -22.20 -102.78
CA PHE PA 393 11.30 -23.37 -102.65
C PHE PA 393 10.91 -23.48 -101.18
N TYR PA 394 9.64 -23.78 -100.94
CA TYR PA 394 9.11 -23.87 -99.59
C TYR PA 394 8.47 -25.24 -99.41
N CYS PA 395 9.01 -26.03 -98.50
CA CYS PA 395 8.30 -27.21 -98.02
C CYS PA 395 7.37 -26.77 -96.90
N LEU PA 396 6.08 -27.04 -97.06
CA LEU PA 396 5.13 -26.67 -96.04
C LEU PA 396 5.08 -27.68 -94.89
N GLU PA 397 5.68 -28.85 -95.08
CA GLU PA 397 5.88 -29.78 -93.97
C GLU PA 397 7.00 -29.34 -93.06
N TYR PA 398 7.77 -28.34 -93.45
CA TYR PA 398 8.81 -27.74 -92.63
C TYR PA 398 8.26 -26.72 -91.65
N PHE PA 399 6.96 -26.77 -91.37
CA PHE PA 399 6.30 -25.94 -90.40
C PHE PA 399 5.72 -26.81 -89.30
N PRO PA 400 5.57 -26.27 -88.09
CA PRO PA 400 4.79 -26.98 -87.07
C PRO PA 400 3.30 -26.95 -87.42
N SER PA 401 2.70 -28.14 -87.52
CA SER PA 401 1.30 -28.29 -87.82
C SER PA 401 0.59 -28.93 -86.65
N GLN PA 402 -0.69 -28.61 -86.49
CA GLN PA 402 -1.54 -29.34 -85.57
C GLN PA 402 -2.20 -30.48 -86.34
N MET PA 403 -2.08 -31.69 -85.81
CA MET PA 403 -2.70 -32.87 -86.39
C MET PA 403 -4.05 -33.11 -85.72
N LEU PA 404 -5.09 -33.21 -86.52
CA LEU PA 404 -6.46 -33.28 -86.03
C LEU PA 404 -7.05 -34.62 -86.45
N ARG PA 405 -7.46 -35.41 -85.47
CA ARG PA 405 -8.29 -36.58 -85.71
C ARG PA 405 -9.76 -36.14 -85.65
N THR PA 406 -10.68 -37.09 -85.72
CA THR PA 406 -12.08 -36.73 -85.88
C THR PA 406 -12.67 -36.06 -84.64
N GLY PA 407 -11.99 -36.11 -83.50
CA GLY PA 407 -12.51 -35.49 -82.29
C GLY PA 407 -11.85 -34.16 -81.95
N ASN PA 408 -10.92 -33.72 -82.77
CA ASN PA 408 -10.16 -32.51 -82.51
C ASN PA 408 -10.69 -31.32 -83.30
N ASN PA 409 -10.40 -30.13 -82.80
CA ASN PA 409 -10.70 -28.89 -83.49
C ASN PA 409 -9.49 -27.98 -83.47
N PHE PA 410 -9.58 -26.90 -84.23
CA PHE PA 410 -8.50 -25.95 -84.43
C PHE PA 410 -9.06 -24.55 -84.27
N THR PA 411 -8.41 -23.71 -83.47
CA THR PA 411 -8.86 -22.35 -83.27
C THR PA 411 -7.69 -21.39 -83.50
N PHE PA 412 -8.02 -20.17 -83.90
CA PHE PA 412 -6.99 -19.17 -84.18
C PHE PA 412 -7.61 -17.79 -84.13
N SER PA 413 -6.99 -16.88 -83.39
CA SER PA 413 -7.47 -15.51 -83.28
C SER PA 413 -6.49 -14.56 -83.95
N TYR PA 414 -7.02 -13.44 -84.46
CA TYR PA 414 -6.20 -12.47 -85.15
C TYR PA 414 -6.78 -11.09 -84.91
N THR PA 415 -5.91 -10.10 -84.73
CA THR PA 415 -6.31 -8.72 -84.57
C THR PA 415 -5.80 -7.91 -85.77
N PHE PA 416 -6.69 -7.16 -86.39
CA PHE PA 416 -6.30 -6.30 -87.49
C PHE PA 416 -5.53 -5.08 -86.96
N GLU PA 417 -4.57 -4.64 -87.76
CA GLU PA 417 -3.90 -3.37 -87.48
C GLU PA 417 -4.87 -2.21 -87.71
N GLU PA 418 -4.51 -1.05 -87.19
CA GLU PA 418 -5.35 0.14 -87.34
C GLU PA 418 -5.25 0.60 -88.79
N VAL PA 419 -6.24 0.21 -89.58
CA VAL PA 419 -6.35 0.56 -90.99
C VAL PA 419 -7.37 1.70 -91.07
N PRO PA 420 -7.29 2.60 -92.06
CA PRO PA 420 -8.33 3.61 -92.19
C PRO PA 420 -9.67 3.00 -92.56
N PHE PA 421 -10.74 3.68 -92.14
CA PHE PA 421 -12.08 3.28 -92.53
C PHE PA 421 -12.22 3.34 -94.04
N HIS PA 422 -12.85 2.33 -94.62
CA HIS PA 422 -13.32 2.45 -95.98
C HIS PA 422 -14.50 3.40 -96.02
N SER PA 423 -14.55 4.20 -97.08
CA SER PA 423 -15.52 5.27 -97.26
C SER PA 423 -16.78 4.73 -97.91
N SER PA 424 -17.85 4.58 -97.14
CA SER PA 424 -19.14 4.17 -97.65
C SER PA 424 -19.98 5.35 -98.09
N TYR PA 425 -19.35 6.44 -98.51
CA TYR PA 425 -20.06 7.66 -98.88
C TYR PA 425 -19.57 8.14 -100.24
N ALA PA 426 -20.45 8.89 -100.90
CA ALA PA 426 -20.10 9.75 -102.00
C ALA PA 426 -19.98 11.20 -101.49
N HIS PA 427 -19.46 12.06 -102.34
CA HIS PA 427 -19.33 13.47 -102.02
C HIS PA 427 -20.48 14.24 -102.63
N SER PA 428 -21.07 15.15 -101.85
CA SER PA 428 -22.15 16.00 -102.31
C SER PA 428 -21.65 17.19 -103.10
N GLN PA 429 -20.35 17.45 -103.09
CA GLN PA 429 -19.76 18.55 -103.83
C GLN PA 429 -18.68 18.01 -104.75
N SER PA 430 -18.44 18.71 -105.84
CA SER PA 430 -17.33 18.43 -106.73
C SER PA 430 -16.13 19.29 -106.33
N LEU PA 431 -14.94 18.81 -106.69
CA LEU PA 431 -13.72 19.47 -106.26
C LEU PA 431 -13.55 20.84 -106.92
N ASP PA 432 -14.04 20.99 -108.14
CA ASP PA 432 -13.98 22.27 -108.83
C ASP PA 432 -15.18 23.15 -108.56
N ARG PA 433 -15.97 22.82 -107.54
CA ARG PA 433 -17.18 23.56 -107.20
C ARG PA 433 -17.26 23.76 -105.70
N LEU PA 434 -16.15 24.14 -105.07
CA LEU PA 434 -16.06 24.27 -103.63
C LEU PA 434 -16.21 25.71 -103.17
N MET PA 435 -16.56 26.62 -104.07
CA MET PA 435 -16.59 28.05 -103.78
C MET PA 435 -17.99 28.48 -103.37
N ASN PA 436 -18.04 29.68 -102.80
CA ASN PA 436 -19.30 30.37 -102.61
C ASN PA 436 -19.79 30.88 -103.97
N PRO PA 437 -20.97 30.47 -104.43
CA PRO PA 437 -21.46 30.92 -105.74
C PRO PA 437 -22.04 32.32 -105.75
N LEU PA 438 -21.98 33.06 -104.65
CA LEU PA 438 -22.53 34.40 -104.60
C LEU PA 438 -21.47 35.48 -104.49
N ILE PA 439 -20.31 35.17 -103.93
CA ILE PA 439 -19.28 36.16 -103.62
C ILE PA 439 -18.17 36.05 -104.64
N ASP PA 440 -17.60 37.18 -105.01
CA ASP PA 440 -16.42 37.19 -105.87
C ASP PA 440 -15.17 36.84 -105.07
N GLN PA 441 -14.06 36.72 -105.78
CA GLN PA 441 -12.78 36.49 -105.15
C GLN PA 441 -12.02 37.80 -105.05
N TYR PA 442 -10.97 37.81 -104.24
CA TYR PA 442 -10.03 38.93 -104.23
C TYR PA 442 -8.79 38.63 -105.06
N LEU PA 443 -8.78 37.50 -105.76
CA LEU PA 443 -7.66 37.12 -106.61
C LEU PA 443 -8.00 37.38 -108.07
N TYR PA 444 -7.03 37.89 -108.80
CA TYR PA 444 -7.21 38.19 -110.21
C TYR PA 444 -6.48 37.16 -111.06
N TYR PA 445 -6.94 37.02 -112.29
CA TYR PA 445 -6.33 36.13 -113.25
C TYR PA 445 -6.25 36.85 -114.59
N LEU PA 446 -5.31 36.42 -115.42
CA LEU PA 446 -5.21 36.96 -116.76
C LEU PA 446 -6.37 36.45 -117.61
N ASN PA 447 -7.21 37.35 -118.08
CA ASN PA 447 -8.42 37.00 -118.79
C ASN PA 447 -8.30 37.16 -120.30
N ARG PA 448 -7.68 38.26 -120.75
CA ARG PA 448 -7.50 38.52 -122.17
C ARG PA 448 -6.04 38.89 -122.42
N THR PA 449 -5.48 38.39 -123.52
CA THR PA 449 -4.23 38.90 -124.05
C THR PA 449 -4.43 39.65 -125.35
N GLN PA 450 -5.67 39.92 -125.72
CA GLN PA 450 -6.01 40.75 -126.88
C GLN PA 450 -7.07 41.76 -126.47
N ASN PA 451 -7.22 42.79 -127.28
CA ASN PA 451 -8.21 43.83 -126.99
C ASN PA 451 -9.62 43.27 -127.11
N GLN PA 452 -10.47 43.63 -126.15
CA GLN PA 452 -11.83 43.12 -126.12
C GLN PA 452 -12.73 43.75 -127.18
N SER PA 453 -12.43 44.98 -127.60
CA SER PA 453 -13.33 45.69 -128.51
C SER PA 453 -13.46 44.96 -129.85
N GLY PA 454 -12.34 44.53 -130.42
CA GLY PA 454 -12.37 43.78 -131.65
C GLY PA 454 -12.26 44.62 -132.91
N SER PA 455 -12.45 45.94 -132.83
CA SER PA 455 -12.28 46.78 -134.01
C SER PA 455 -10.84 46.72 -134.50
N ALA PA 456 -9.89 46.74 -133.58
CA ALA PA 456 -8.51 46.39 -133.85
C ALA PA 456 -8.20 45.04 -133.21
N GLN PA 457 -7.08 44.46 -133.60
CA GLN PA 457 -6.65 43.16 -133.11
C GLN PA 457 -5.35 43.26 -132.31
N ASN PA 458 -5.26 44.25 -131.43
CA ASN PA 458 -4.04 44.51 -130.69
C ASN PA 458 -3.97 43.62 -129.46
N LYS PA 459 -2.74 43.35 -129.03
CA LYS PA 459 -2.53 42.58 -127.82
C LYS PA 459 -2.76 43.46 -126.59
N ASP PA 460 -2.87 42.81 -125.44
CA ASP PA 460 -3.07 43.53 -124.18
C ASP PA 460 -2.79 42.57 -123.03
N LEU PA 461 -2.98 43.07 -121.81
CA LEU PA 461 -2.89 42.27 -120.59
C LEU PA 461 -4.05 42.70 -119.71
N LEU PA 462 -5.18 42.03 -119.84
CA LEU PA 462 -6.40 42.38 -119.14
C LEU PA 462 -6.68 41.32 -118.07
N PHE PA 463 -6.92 41.77 -116.85
CA PHE PA 463 -7.09 40.89 -115.71
C PHE PA 463 -8.50 41.01 -115.18
N SER PA 464 -9.10 39.86 -114.83
CA SER PA 464 -10.43 39.82 -114.28
C SER PA 464 -10.39 39.24 -112.87
N ARG PA 465 -11.42 39.56 -112.12
CA ARG PA 465 -11.59 39.04 -110.78
C ARG PA 465 -12.35 37.72 -110.80
N GLY PA 466 -11.95 36.80 -109.93
CA GLY PA 466 -12.63 35.54 -109.82
C GLY PA 466 -14.08 35.73 -109.40
N SER PA 467 -15.00 35.34 -110.27
CA SER PA 467 -16.41 35.60 -110.10
C SER PA 467 -17.22 34.33 -110.30
N PRO PA 468 -18.43 34.26 -109.74
CA PRO PA 468 -19.27 33.08 -109.97
C PRO PA 468 -19.70 32.91 -111.42
N ALA PA 469 -19.60 33.94 -112.25
CA ALA PA 469 -19.90 33.78 -113.67
C ALA PA 469 -18.94 32.79 -114.32
N GLY PA 470 -17.64 32.99 -114.14
CA GLY PA 470 -16.67 32.03 -114.60
C GLY PA 470 -16.05 31.26 -113.46
N MET PA 471 -16.53 30.04 -113.24
CA MET PA 471 -16.02 29.20 -112.16
C MET PA 471 -14.86 28.33 -112.60
N SER PA 472 -14.69 28.13 -113.90
CA SER PA 472 -13.60 27.31 -114.42
C SER PA 472 -12.25 28.01 -114.34
N VAL PA 473 -12.23 29.34 -114.29
CA VAL PA 473 -11.00 30.11 -114.28
C VAL PA 473 -10.65 30.64 -112.92
N GLN PA 474 -11.46 30.37 -111.91
CA GLN PA 474 -11.16 30.83 -110.56
C GLN PA 474 -9.94 30.09 -110.01
N PRO PA 475 -9.03 30.79 -109.34
CA PRO PA 475 -7.98 30.10 -108.58
C PRO PA 475 -8.59 29.16 -107.57
N LYS PA 476 -7.96 27.99 -107.43
CA LYS PA 476 -8.44 26.95 -106.52
C LYS PA 476 -7.29 26.41 -105.71
N ASN PA 477 -7.61 25.62 -104.69
CA ASN PA 477 -6.64 25.17 -103.72
C ASN PA 477 -6.17 23.74 -103.92
N TRP PA 478 -6.92 22.93 -104.66
CA TRP PA 478 -6.63 21.50 -104.74
C TRP PA 478 -6.72 21.04 -106.19
N LEU PA 479 -6.21 19.83 -106.42
CA LEU PA 479 -6.15 19.20 -107.72
C LEU PA 479 -6.82 17.83 -107.69
N PRO PA 480 -7.37 17.37 -108.80
CA PRO PA 480 -7.89 16.00 -108.84
C PRO PA 480 -6.77 14.99 -108.77
N GLY PA 481 -7.12 13.79 -108.32
CA GLY PA 481 -6.17 12.73 -108.12
C GLY PA 481 -5.42 12.33 -109.37
N PRO PA 482 -4.46 11.42 -109.22
CA PRO PA 482 -3.65 11.00 -110.36
C PRO PA 482 -4.45 10.15 -111.33
N CYS PA 483 -3.96 10.08 -112.56
CA CYS PA 483 -4.65 9.34 -113.61
C CYS PA 483 -3.66 8.53 -114.41
N TYR PA 484 -4.16 7.47 -115.04
CA TYR PA 484 -3.42 6.67 -116.01
C TYR PA 484 -4.41 6.20 -117.05
N ARG PA 485 -4.49 6.93 -118.16
CA ARG PA 485 -5.62 6.82 -119.07
C ARG PA 485 -5.81 5.40 -119.62
N GLN PA 486 -7.07 4.98 -119.69
CA GLN PA 486 -7.47 3.70 -120.25
C GLN PA 486 -8.18 3.92 -121.57
N GLN PA 487 -8.37 2.84 -122.31
CA GLN PA 487 -9.09 2.89 -123.57
C GLN PA 487 -10.59 2.77 -123.31
N ARG PA 488 -11.38 3.50 -124.10
CA ARG PA 488 -12.81 3.59 -123.88
C ARG PA 488 -13.52 2.56 -124.74
N VAL PA 489 -14.24 1.66 -124.08
CA VAL PA 489 -15.01 0.62 -124.76
C VAL PA 489 -16.47 0.87 -124.51
N SER PA 490 -17.28 0.75 -125.56
CA SER PA 490 -18.71 0.93 -125.44
C SER PA 490 -19.39 -0.41 -125.15
N LYS PA 491 -20.33 -0.40 -124.22
CA LYS PA 491 -21.14 -1.59 -123.94
C LYS PA 491 -22.00 -1.97 -125.13
N THR PA 492 -22.27 -1.03 -126.04
CA THR PA 492 -22.93 -1.31 -127.30
C THR PA 492 -21.85 -1.62 -128.34
N LYS PA 493 -21.77 -2.88 -128.75
CA LYS PA 493 -20.61 -3.34 -129.50
C LYS PA 493 -20.48 -2.70 -130.88
N THR PA 494 -21.55 -2.14 -131.43
CA THR PA 494 -21.46 -1.56 -132.78
C THR PA 494 -20.64 -0.28 -132.81
N ASP PA 495 -20.49 0.41 -131.68
CA ASP PA 495 -19.72 1.64 -131.65
C ASP PA 495 -18.23 1.42 -131.38
N ASN PA 496 -17.80 0.18 -131.23
CA ASN PA 496 -16.40 -0.12 -131.00
C ASN PA 496 -15.69 -0.37 -132.34
N ASN PA 497 -14.39 -0.10 -132.34
CA ASN PA 497 -13.59 -0.30 -133.54
C ASN PA 497 -13.57 -1.78 -133.93
N ASN PA 498 -13.51 -2.04 -135.22
CA ASN PA 498 -13.50 -3.41 -135.73
C ASN PA 498 -12.07 -3.94 -135.72
N SER PA 499 -11.63 -4.29 -134.51
CA SER PA 499 -10.34 -4.92 -134.29
C SER PA 499 -10.35 -5.52 -132.89
N ASN PA 500 -9.30 -6.26 -132.56
CA ASN PA 500 -9.25 -6.84 -131.22
C ASN PA 500 -8.83 -5.80 -130.19
N PHE PA 501 -7.60 -5.31 -130.29
CA PHE PA 501 -7.09 -4.16 -129.52
C PHE PA 501 -7.31 -4.30 -128.02
N THR PA 502 -7.64 -5.49 -127.54
CA THR PA 502 -7.67 -5.72 -126.10
C THR PA 502 -6.28 -5.90 -125.52
N TRP PA 503 -5.30 -6.20 -126.34
CA TRP PA 503 -3.92 -6.25 -125.90
C TRP PA 503 -3.06 -5.19 -126.55
N THR PA 504 -3.26 -4.92 -127.83
CA THR PA 504 -2.43 -3.92 -128.51
C THR PA 504 -2.80 -2.50 -128.10
N GLY PA 505 -4.06 -2.25 -127.75
CA GLY PA 505 -4.48 -0.90 -127.45
C GLY PA 505 -4.75 -0.66 -125.98
N ALA PA 506 -4.14 -1.46 -125.12
CA ALA PA 506 -4.43 -1.44 -123.70
C ALA PA 506 -3.29 -0.82 -122.89
N SER PA 507 -3.65 -0.21 -121.77
CA SER PA 507 -2.67 0.32 -120.84
C SER PA 507 -2.00 -0.81 -120.10
N LYS PA 508 -0.69 -0.92 -120.22
CA LYS PA 508 0.03 -2.01 -119.58
C LYS PA 508 1.37 -1.47 -119.10
N TYR PA 509 1.97 -2.21 -118.18
CA TYR PA 509 3.26 -1.81 -117.62
C TYR PA 509 4.33 -2.85 -117.95
N ASN PA 510 5.56 -2.37 -118.00
CA ASN PA 510 6.72 -3.18 -118.35
C ASN PA 510 7.48 -3.53 -117.08
N LEU PA 511 7.74 -4.81 -116.86
CA LEU PA 511 8.47 -5.26 -115.68
C LEU PA 511 9.36 -6.43 -116.07
N ASN PA 512 10.67 -6.21 -116.03
CA ASN PA 512 11.67 -7.23 -116.37
C ASN PA 512 11.46 -7.76 -117.79
N GLY PA 513 11.02 -6.89 -118.69
CA GLY PA 513 10.91 -7.23 -120.08
C GLY PA 513 9.58 -7.83 -120.51
N ARG PA 514 8.67 -8.09 -119.58
CA ARG PA 514 7.37 -8.63 -119.95
C ARG PA 514 6.27 -7.70 -119.46
N GLU PA 515 5.26 -7.54 -120.32
CA GLU PA 515 4.20 -6.58 -120.12
C GLU PA 515 3.04 -7.19 -119.36
N SER PA 516 2.37 -6.36 -118.57
CA SER PA 516 1.24 -6.79 -117.76
C SER PA 516 0.16 -5.73 -117.85
N ILE PA 517 -1.07 -6.14 -118.13
CA ILE PA 517 -2.19 -5.21 -118.17
C ILE PA 517 -2.36 -4.61 -116.78
N ILE PA 518 -2.70 -3.32 -116.73
CA ILE PA 518 -2.84 -2.63 -115.45
C ILE PA 518 -3.97 -3.25 -114.65
N ASN PA 519 -5.22 -3.11 -115.12
CA ASN PA 519 -6.35 -3.90 -114.64
C ASN PA 519 -6.46 -4.01 -113.12
N PRO PA 520 -7.04 -3.03 -112.42
CA PRO PA 520 -7.71 -1.85 -112.94
C PRO PA 520 -6.92 -0.56 -112.71
N GLY PA 521 -5.87 -0.64 -111.92
CA GLY PA 521 -4.99 0.50 -111.75
C GLY PA 521 -5.61 1.61 -110.93
N THR PA 522 -5.34 2.85 -111.34
CA THR PA 522 -5.73 4.02 -110.59
C THR PA 522 -7.25 4.08 -110.44
N ALA PA 523 -7.69 4.53 -109.28
CA ALA PA 523 -9.12 4.67 -108.99
C ALA PA 523 -9.64 5.91 -109.72
N MET PA 524 -10.32 5.69 -110.83
CA MET PA 524 -10.86 6.78 -111.64
C MET PA 524 -12.31 6.51 -111.97
N ALA PA 525 -13.01 7.57 -112.34
CA ALA PA 525 -14.41 7.44 -112.74
C ALA PA 525 -14.52 6.62 -114.01
N SER PA 526 -15.51 5.73 -114.06
CA SER PA 526 -15.69 4.88 -115.22
C SER PA 526 -16.06 5.68 -116.46
N HIS PA 527 -16.89 6.70 -116.31
CA HIS PA 527 -17.36 7.49 -117.44
C HIS PA 527 -17.75 8.86 -116.93
N LYS PA 528 -18.19 9.71 -117.85
CA LYS PA 528 -18.70 11.03 -117.52
C LYS PA 528 -20.19 10.96 -117.26
N ASP PA 529 -20.82 12.13 -117.13
CA ASP PA 529 -22.27 12.20 -117.06
C ASP PA 529 -22.88 11.87 -118.41
N ASP PA 530 -23.99 11.14 -118.39
CA ASP PA 530 -24.75 10.79 -119.59
C ASP PA 530 -23.91 9.94 -120.55
N GLU PA 531 -23.00 9.14 -120.01
CA GLU PA 531 -22.10 8.33 -120.82
C GLU PA 531 -21.95 6.94 -120.22
N ASP PA 532 -23.04 6.41 -119.66
CA ASP PA 532 -22.99 5.10 -119.00
C ASP PA 532 -22.71 3.96 -119.96
N LYS PA 533 -22.82 4.19 -121.26
CA LYS PA 533 -22.56 3.17 -122.26
C LYS PA 533 -21.08 2.86 -122.43
N PHE PA 534 -20.18 3.65 -121.84
CA PHE PA 534 -18.76 3.48 -121.98
C PHE PA 534 -18.14 3.03 -120.66
N PHE PA 535 -17.12 2.17 -120.76
CA PHE PA 535 -16.32 1.78 -119.62
C PHE PA 535 -14.87 1.69 -120.04
N PRO PA 536 -13.94 1.93 -119.13
CA PRO PA 536 -12.53 1.71 -119.45
C PRO PA 536 -12.25 0.25 -119.72
N MET PA 537 -11.34 0.00 -120.67
CA MET PA 537 -11.18 -1.37 -121.17
C MET PA 537 -10.73 -2.32 -120.07
N SER PA 538 -9.82 -1.88 -119.20
CA SER PA 538 -9.38 -2.68 -118.07
C SER PA 538 -9.34 -1.82 -116.80
N GLY PA 539 -10.37 -1.02 -116.61
CA GLY PA 539 -10.38 -0.11 -115.47
C GLY PA 539 -11.49 -0.41 -114.49
N VAL PA 540 -12.25 -1.47 -114.73
CA VAL PA 540 -13.42 -1.78 -113.94
C VAL PA 540 -13.33 -3.21 -113.44
N MET PA 541 -13.89 -3.45 -112.27
CA MET PA 541 -14.02 -4.81 -111.75
C MET PA 541 -15.23 -5.48 -112.39
N ILE PA 542 -15.00 -6.62 -113.01
CA ILE PA 542 -16.04 -7.34 -113.74
C ILE PA 542 -16.27 -8.66 -113.02
N PHE PA 543 -17.48 -8.85 -112.52
CA PHE PA 543 -17.88 -10.10 -111.88
C PHE PA 543 -18.72 -10.90 -112.84
N GLY PA 544 -18.50 -12.21 -112.87
CA GLY PA 544 -19.27 -13.09 -113.71
C GLY PA 544 -20.52 -13.57 -112.99
N LYS PA 545 -21.62 -13.62 -113.73
CA LYS PA 545 -22.82 -14.24 -113.20
C LYS PA 545 -22.69 -15.75 -113.23
N GLU PA 546 -23.56 -16.42 -112.50
CA GLU PA 546 -23.62 -17.87 -112.63
C GLU PA 546 -24.05 -18.22 -114.05
N SER PA 547 -23.53 -19.34 -114.55
CA SER PA 547 -23.63 -19.71 -115.97
C SER PA 547 -22.87 -18.73 -116.85
N ALA PA 548 -21.68 -18.33 -116.40
CA ALA PA 548 -20.73 -17.60 -117.23
C ALA PA 548 -19.55 -18.50 -117.50
N GLY PA 549 -19.15 -18.60 -118.76
CA GLY PA 549 -18.04 -19.45 -119.13
C GLY PA 549 -16.72 -18.90 -118.61
N ALA PA 550 -15.70 -19.75 -118.68
CA ALA PA 550 -14.38 -19.34 -118.25
C ALA PA 550 -13.70 -18.42 -119.26
N SER PA 551 -13.95 -18.63 -120.55
CA SER PA 551 -13.28 -17.89 -121.60
C SER PA 551 -14.30 -17.40 -122.63
N ASN PA 552 -14.14 -16.14 -123.04
CA ASN PA 552 -14.94 -15.53 -124.10
C ASN PA 552 -16.44 -15.64 -123.83
N THR PA 553 -16.83 -15.40 -122.57
CA THR PA 553 -18.24 -15.32 -122.24
C THR PA 553 -18.82 -13.99 -122.71
N ALA PA 554 -20.10 -13.80 -122.47
CA ALA PA 554 -20.80 -12.66 -123.04
C ALA PA 554 -21.00 -11.53 -122.03
N LEU PA 555 -21.18 -10.33 -122.58
CA LEU PA 555 -21.52 -9.17 -121.78
C LEU PA 555 -22.78 -9.42 -120.97
N ASP PA 556 -23.68 -10.25 -121.49
CA ASP PA 556 -24.87 -10.62 -120.75
C ASP PA 556 -24.52 -11.51 -119.57
N ASN PA 557 -23.41 -12.23 -119.64
CA ASN PA 557 -23.02 -13.14 -118.57
C ASN PA 557 -22.09 -12.50 -117.56
N VAL PA 558 -21.57 -11.31 -117.84
CA VAL PA 558 -20.73 -10.62 -116.86
C VAL PA 558 -21.47 -9.40 -116.32
N MET PA 559 -21.04 -8.98 -115.11
CA MET PA 559 -21.53 -7.76 -114.47
C MET PA 559 -20.39 -6.77 -114.34
N ILE PA 560 -20.49 -5.66 -115.06
CA ILE PA 560 -19.46 -4.61 -115.03
C ILE PA 560 -19.81 -3.61 -113.94
N THR PA 561 -18.85 -3.32 -113.08
CA THR PA 561 -19.08 -2.34 -112.04
C THR PA 561 -18.95 -0.92 -112.59
N ASP PA 562 -19.37 0.04 -111.78
CA ASP PA 562 -19.30 1.45 -112.14
C ASP PA 562 -18.69 2.21 -110.97
N GLU PA 563 -17.85 3.19 -111.30
CA GLU PA 563 -17.24 4.06 -110.31
C GLU PA 563 -17.73 5.50 -110.48
N GLU PA 564 -19.04 5.64 -110.64
CA GLU PA 564 -19.61 6.93 -110.99
C GLU PA 564 -19.62 7.89 -109.81
N GLU PA 565 -19.47 7.37 -108.60
CA GLU PA 565 -19.60 8.22 -107.42
C GLU PA 565 -18.36 9.04 -107.12
N ILE PA 566 -17.22 8.70 -107.72
CA ILE PA 566 -15.98 9.38 -107.42
C ILE PA 566 -15.60 10.37 -108.52
N LYS PA 567 -16.57 10.78 -109.34
CA LYS PA 567 -16.35 11.86 -110.30
C LYS PA 567 -16.06 13.19 -109.61
N ALA PA 568 -16.44 13.32 -108.34
CA ALA PA 568 -16.27 14.58 -107.63
C ALA PA 568 -14.81 14.92 -107.41
N THR PA 569 -13.95 13.91 -107.29
CA THR PA 569 -12.54 14.13 -106.98
C THR PA 569 -11.57 13.42 -107.92
N ASN PA 570 -12.01 12.42 -108.66
CA ASN PA 570 -11.11 11.62 -109.48
C ASN PA 570 -11.33 11.90 -110.96
N PRO PA 571 -10.27 11.87 -111.77
CA PRO PA 571 -10.45 12.03 -113.20
C PRO PA 571 -11.18 10.84 -113.80
N VAL PA 572 -11.85 11.08 -114.93
CA VAL PA 572 -12.50 10.00 -115.65
C VAL PA 572 -11.45 9.11 -116.29
N ALA PA 573 -11.64 7.79 -116.17
CA ALA PA 573 -10.60 6.83 -116.52
C ALA PA 573 -10.23 6.88 -118.00
N THR PA 574 -11.16 7.25 -118.88
CA THR PA 574 -10.93 7.17 -120.31
C THR PA 574 -10.51 8.50 -120.92
N GLU PA 575 -10.33 9.54 -120.13
CA GLU PA 575 -9.96 10.86 -120.63
C GLU PA 575 -8.69 11.36 -119.97
N ARG PA 576 -8.09 12.36 -120.59
CA ARG PA 576 -6.83 12.91 -120.13
C ARG PA 576 -7.00 13.58 -118.78
N PHE PA 577 -5.89 13.65 -118.04
CA PHE PA 577 -5.89 14.44 -116.81
C PHE PA 577 -6.11 15.91 -117.14
N GLY PA 578 -5.50 16.39 -118.20
CA GLY PA 578 -5.63 17.78 -118.58
C GLY PA 578 -4.64 18.12 -119.66
N THR PA 579 -4.44 19.42 -119.86
CA THR PA 579 -3.48 19.91 -120.82
C THR PA 579 -2.34 20.62 -120.10
N VAL PA 580 -1.21 20.72 -120.79
CA VAL PA 580 -0.02 21.35 -120.24
C VAL PA 580 0.64 22.17 -121.36
N ALA PA 581 1.23 23.29 -120.99
CA ALA PA 581 1.98 24.07 -121.96
C ALA PA 581 3.25 23.32 -122.36
N VAL PA 582 3.59 23.39 -123.64
CA VAL PA 582 4.72 22.64 -124.16
C VAL PA 582 5.73 23.50 -124.90
N ASN PA 583 5.56 24.81 -124.94
CA ASN PA 583 6.50 25.67 -125.64
C ASN PA 583 6.47 27.05 -124.98
N PHE PA 584 7.18 28.00 -125.59
CA PHE PA 584 7.15 29.40 -125.22
C PHE PA 584 6.43 30.18 -126.30
N GLN PA 585 5.33 30.84 -125.94
CA GLN PA 585 4.66 31.73 -126.88
C GLN PA 585 5.44 33.03 -127.01
N SER PA 586 5.45 33.57 -128.22
CA SER PA 586 6.17 34.82 -128.48
C SER PA 586 5.56 35.47 -129.70
N SER PA 587 5.86 36.76 -129.86
CA SER PA 587 5.45 37.53 -131.02
C SER PA 587 6.59 37.61 -132.03
N SER PA 588 6.24 37.97 -133.26
CA SER PA 588 7.25 38.14 -134.31
C SER PA 588 8.09 39.37 -134.04
N THR PA 589 9.36 39.30 -134.43
CA THR PA 589 10.27 40.41 -134.25
C THR PA 589 11.15 40.60 -135.48
N VAL PA 592 13.72 38.47 -134.49
CA VAL PA 592 13.35 37.07 -134.66
C VAL PA 592 11.97 36.97 -135.30
N PRO PA 593 11.91 37.07 -136.63
CA PRO PA 593 10.60 37.10 -137.30
C PRO PA 593 9.98 35.71 -137.44
N PHE PA 594 10.02 34.92 -136.38
CA PHE PA 594 9.41 33.60 -136.34
C PHE PA 594 8.46 33.58 -135.15
N LYS PA 595 7.22 34.01 -135.39
CA LYS PA 595 6.20 34.02 -134.36
C LYS PA 595 5.91 32.60 -133.87
N THR PA 596 5.79 32.44 -132.56
CA THR PA 596 5.53 31.15 -131.95
C THR PA 596 4.16 31.19 -131.26
N ASP PA 597 3.21 30.44 -131.80
CA ASP PA 597 1.92 30.30 -131.15
C ASP PA 597 2.06 29.44 -129.91
N PRO PA 598 1.29 29.73 -128.86
CA PRO PA 598 1.28 28.84 -127.69
C PRO PA 598 0.75 27.47 -128.05
N ALA PA 599 1.33 26.45 -127.43
CA ALA PA 599 0.98 25.07 -127.72
C ALA PA 599 0.77 24.29 -126.43
N THR PA 600 -0.28 23.48 -126.42
CA THR PA 600 -0.59 22.63 -125.29
C THR PA 600 -0.59 21.17 -125.74
N GLY PA 601 -0.32 20.29 -124.79
CA GLY PA 601 -0.40 18.87 -125.04
C GLY PA 601 -1.22 18.19 -123.97
N ASP PA 602 -1.88 17.11 -124.36
CA ASP PA 602 -2.71 16.35 -123.44
C ASP PA 602 -1.85 15.54 -122.49
N VAL PA 603 -2.25 15.51 -121.23
CA VAL PA 603 -1.55 14.77 -120.18
C VAL PA 603 -2.35 13.51 -119.92
N HIS PA 604 -1.81 12.37 -120.33
CA HIS PA 604 -2.55 11.11 -120.27
C HIS PA 604 -2.25 10.31 -119.01
N ALA PA 605 -1.01 10.38 -118.52
CA ALA PA 605 -0.63 9.75 -117.26
C ALA PA 605 -0.04 10.83 -116.37
N MET PA 606 -0.63 11.02 -115.19
CA MET PA 606 -0.21 12.05 -114.26
C MET PA 606 0.08 11.39 -112.93
N GLY PA 607 1.30 11.54 -112.43
CA GLY PA 607 1.65 11.08 -111.12
C GLY PA 607 1.20 12.05 -110.06
N ALA PA 608 1.49 11.70 -108.80
CA ALA PA 608 1.02 12.49 -107.68
C ALA PA 608 1.69 13.85 -107.64
N LEU PA 609 0.90 14.90 -107.63
CA LEU PA 609 1.31 16.28 -107.41
C LEU PA 609 0.83 16.73 -106.03
N PRO PA 610 1.59 17.58 -105.35
CA PRO PA 610 1.10 18.12 -104.08
C PRO PA 610 -0.17 18.93 -104.30
N GLY PA 611 -1.11 18.80 -103.37
CA GLY PA 611 -2.43 19.35 -103.51
C GLY PA 611 -3.44 18.43 -104.12
N MET PA 612 -3.02 17.25 -104.58
CA MET PA 612 -3.94 16.29 -105.16
C MET PA 612 -4.78 15.62 -104.08
N VAL PA 613 -6.06 15.39 -104.39
CA VAL PA 613 -6.96 14.65 -103.51
C VAL PA 613 -7.72 13.66 -104.36
N TRP PA 614 -8.00 12.48 -103.80
CA TRP PA 614 -8.67 11.45 -104.56
C TRP PA 614 -9.41 10.52 -103.61
N GLN PA 615 -10.31 9.73 -104.18
CA GLN PA 615 -10.96 8.64 -103.49
C GLN PA 615 -10.42 7.31 -103.99
N ASP PA 616 -10.46 6.30 -103.12
CA ASP PA 616 -10.03 4.97 -103.50
C ASP PA 616 -11.15 4.24 -104.20
N ARG PA 617 -10.85 3.05 -104.71
CA ARG PA 617 -11.86 2.23 -105.36
C ARG PA 617 -12.88 1.74 -104.33
N ASP PA 618 -14.10 1.53 -104.79
CA ASP PA 618 -15.16 1.02 -103.95
C ASP PA 618 -14.98 -0.46 -103.69
N VAL PA 619 -15.52 -0.93 -102.58
CA VAL PA 619 -15.59 -2.35 -102.27
C VAL PA 619 -16.99 -2.83 -102.58
N TYR PA 620 -17.11 -4.12 -102.91
CA TYR PA 620 -18.37 -4.72 -103.31
C TYR PA 620 -18.64 -5.93 -102.45
N LEU PA 621 -19.91 -6.33 -102.39
CA LEU PA 621 -20.26 -7.53 -101.63
C LEU PA 621 -19.57 -8.77 -102.18
N GLN PA 622 -19.34 -8.81 -103.50
CA GLN PA 622 -18.67 -9.92 -104.15
C GLN PA 622 -17.16 -9.72 -104.24
N GLY PA 623 -16.63 -8.62 -103.74
CA GLY PA 623 -15.24 -8.28 -103.96
C GLY PA 623 -14.34 -8.62 -102.79
N PRO PA 624 -13.04 -8.43 -102.97
CA PRO PA 624 -12.08 -8.74 -101.92
C PRO PA 624 -12.15 -7.76 -100.75
N ILE PA 625 -11.74 -8.24 -99.58
CA ILE PA 625 -11.71 -7.42 -98.38
C ILE PA 625 -10.36 -6.76 -98.17
N TRP PA 626 -9.28 -7.54 -98.21
CA TRP PA 626 -7.96 -7.04 -97.87
C TRP PA 626 -6.94 -7.53 -98.89
N ALA PA 627 -5.73 -7.01 -98.74
CA ALA PA 627 -4.58 -7.47 -99.49
C ALA PA 627 -3.33 -7.21 -98.67
N LYS PA 628 -2.38 -8.13 -98.76
CA LYS PA 628 -1.09 -7.91 -98.12
C LYS PA 628 -0.29 -6.86 -98.88
N ILE PA 629 0.18 -5.85 -98.15
CA ILE PA 629 1.06 -4.85 -98.76
C ILE PA 629 2.44 -5.47 -98.95
N PRO PA 630 3.01 -5.42 -100.15
CA PRO PA 630 4.33 -6.03 -100.36
C PRO PA 630 5.38 -5.44 -99.45
N HIS PA 631 6.27 -6.30 -98.96
CA HIS PA 631 7.34 -5.87 -98.05
C HIS PA 631 8.46 -5.28 -98.91
N THR PA 632 8.33 -4.00 -99.18
CA THR PA 632 9.27 -3.25 -100.00
C THR PA 632 9.79 -2.05 -99.21
N ASP PA 633 10.84 -1.43 -99.76
CA ASP PA 633 11.39 -0.22 -99.14
C ASP PA 633 10.40 0.92 -99.19
N GLY PA 634 9.72 1.11 -100.32
CA GLY PA 634 8.80 2.20 -100.47
C GLY PA 634 7.49 1.74 -101.09
N HIS PA 635 6.44 2.46 -100.73
CA HIS PA 635 5.14 2.28 -101.35
C HIS PA 635 4.36 3.57 -101.16
N PHE PA 636 3.58 3.94 -102.15
CA PHE PA 636 2.80 5.17 -102.12
C PHE PA 636 1.33 4.83 -102.00
N HIS PA 637 0.72 5.26 -100.89
CA HIS PA 637 -0.69 5.06 -100.60
C HIS PA 637 -1.06 3.59 -100.76
N PRO PA 638 -0.63 2.72 -99.86
CA PRO PA 638 -0.72 1.27 -100.08
C PRO PA 638 -2.13 0.73 -99.91
N SER PA 639 -3.05 1.27 -100.70
CA SER PA 639 -4.41 0.76 -100.79
C SER PA 639 -4.54 -0.11 -102.02
N PRO PA 640 -5.03 -1.34 -101.88
CA PRO PA 640 -5.04 -2.26 -103.02
C PRO PA 640 -5.85 -1.71 -104.17
N LEU PA 641 -5.39 -1.98 -105.39
CA LEU PA 641 -6.02 -1.38 -106.56
C LEU PA 641 -7.33 -2.07 -106.91
N MET PA 642 -7.52 -3.31 -106.46
CA MET PA 642 -8.83 -3.94 -106.61
C MET PA 642 -9.84 -3.42 -105.59
N GLY PA 643 -9.40 -2.70 -104.58
CA GLY PA 643 -10.28 -2.22 -103.54
C GLY PA 643 -10.11 -3.02 -102.26
N GLY PA 644 -10.31 -2.35 -101.14
CA GLY PA 644 -10.19 -3.01 -99.86
C GLY PA 644 -9.16 -2.38 -98.95
N PHE PA 645 -8.73 -3.14 -97.96
CA PHE PA 645 -7.79 -2.69 -96.95
C PHE PA 645 -6.43 -3.30 -97.24
N GLY PA 646 -5.42 -2.45 -97.36
CA GLY PA 646 -4.06 -2.93 -97.46
C GLY PA 646 -3.48 -3.12 -96.08
N LEU PA 647 -3.05 -4.33 -95.76
CA LEU PA 647 -2.54 -4.65 -94.43
C LEU PA 647 -1.10 -5.10 -94.55
N LYS PA 648 -0.23 -4.56 -93.70
CA LYS PA 648 1.15 -5.05 -93.65
C LYS PA 648 1.20 -6.47 -93.10
N ASN PA 649 0.44 -6.74 -92.05
CA ASN PA 649 0.26 -8.08 -91.50
C ASN PA 649 -1.20 -8.46 -91.70
N PRO PA 650 -1.56 -9.03 -92.86
CA PRO PA 650 -2.94 -9.40 -93.11
C PRO PA 650 -3.31 -10.64 -92.32
N PRO PA 651 -4.56 -11.07 -92.36
CA PRO PA 651 -4.91 -12.36 -91.79
C PRO PA 651 -4.08 -13.47 -92.43
N PRO PA 652 -3.43 -14.28 -91.62
CA PRO PA 652 -2.51 -15.28 -92.17
C PRO PA 652 -3.24 -16.39 -92.89
N GLN PA 653 -2.50 -17.08 -93.75
CA GLN PA 653 -3.04 -18.19 -94.48
C GLN PA 653 -3.16 -19.41 -93.57
N ILE PA 654 -4.33 -20.04 -93.61
CA ILE PA 654 -4.56 -21.31 -92.92
C ILE PA 654 -4.43 -22.41 -93.95
N LEU PA 655 -3.47 -23.30 -93.76
CA LEU PA 655 -3.15 -24.34 -94.70
C LEU PA 655 -3.48 -25.69 -94.08
N ILE PA 656 -4.12 -26.54 -94.87
CA ILE PA 656 -4.69 -27.79 -94.39
C ILE PA 656 -4.41 -28.87 -95.43
N LYS PA 657 -4.09 -30.06 -94.95
CA LYS PA 657 -3.97 -31.18 -95.87
C LYS PA 657 -4.27 -32.47 -95.14
N ASN PA 658 -4.60 -33.51 -95.90
CA ASN PA 658 -4.79 -34.83 -95.33
C ASN PA 658 -3.44 -35.48 -95.11
N THR PA 659 -3.21 -36.03 -93.92
CA THR PA 659 -1.98 -36.75 -93.70
C THR PA 659 -1.98 -38.02 -94.56
N PRO PA 660 -0.93 -38.28 -95.33
CA PRO PA 660 -0.91 -39.47 -96.19
C PRO PA 660 -0.95 -40.75 -95.35
N VAL PA 661 -1.75 -41.70 -95.81
CA VAL PA 661 -1.83 -43.03 -95.21
C VAL PA 661 -1.30 -44.02 -96.23
N PRO PA 662 -0.13 -44.61 -96.02
CA PRO PA 662 0.42 -45.54 -97.00
C PRO PA 662 -0.42 -46.81 -97.12
N ALA PA 663 -0.40 -47.38 -98.31
CA ALA PA 663 -1.01 -48.68 -98.52
C ALA PA 663 -0.09 -49.79 -98.01
N ASN PA 664 -0.39 -51.02 -98.36
CA ASN PA 664 0.35 -52.16 -97.85
C ASN PA 664 1.80 -52.13 -98.32
N PRO PA 665 2.77 -52.09 -97.43
CA PRO PA 665 4.17 -52.07 -97.85
C PRO PA 665 4.63 -53.46 -98.27
N PRO PA 666 5.72 -53.56 -99.01
CA PRO PA 666 6.24 -54.88 -99.40
C PRO PA 666 6.77 -55.65 -98.20
N ALA PA 667 6.89 -56.96 -98.37
CA ALA PA 667 7.42 -57.81 -97.31
C ALA PA 667 8.90 -57.54 -97.06
N GLU PA 668 9.67 -57.30 -98.11
CA GLU PA 668 11.08 -56.94 -98.01
C GLU PA 668 11.23 -55.42 -98.04
N PHE PA 669 12.27 -54.93 -97.39
CA PHE PA 669 12.51 -53.51 -97.28
C PHE PA 669 12.93 -52.91 -98.61
N SER PA 670 12.39 -51.73 -98.91
CA SER PA 670 12.76 -50.96 -100.09
C SER PA 670 12.95 -49.51 -99.67
N ALA PA 671 14.09 -48.94 -100.05
CA ALA PA 671 14.36 -47.54 -99.70
C ALA PA 671 13.68 -46.56 -100.63
N THR PA 672 13.12 -47.03 -101.74
CA THR PA 672 12.35 -46.16 -102.62
C THR PA 672 11.17 -45.58 -101.85
N LYS PA 673 10.97 -44.28 -102.00
CA LYS PA 673 9.92 -43.61 -101.24
C LYS PA 673 8.55 -44.14 -101.64
N PHE PA 674 7.63 -44.09 -100.69
CA PHE PA 674 6.30 -44.65 -100.90
C PHE PA 674 5.57 -43.87 -102.00
N ALA PA 675 4.91 -44.62 -102.88
CA ALA PA 675 4.08 -44.02 -103.92
C ALA PA 675 2.66 -44.55 -103.89
N SER PA 676 2.39 -45.61 -103.14
CA SER PA 676 1.07 -46.21 -103.03
C SER PA 676 0.45 -45.74 -101.72
N PHE PA 677 -0.65 -45.00 -101.83
CA PHE PA 677 -1.32 -44.45 -100.67
C PHE PA 677 -2.78 -44.85 -100.67
N ILE PA 678 -3.35 -44.88 -99.48
CA ILE PA 678 -4.78 -45.11 -99.30
C ILE PA 678 -5.50 -43.83 -99.71
N THR PA 679 -6.44 -43.94 -100.65
CA THR PA 679 -7.11 -42.78 -101.20
C THR PA 679 -8.15 -42.27 -100.21
N GLN PA 680 -8.04 -41.01 -99.82
CA GLN PA 680 -8.98 -40.48 -98.86
C GLN PA 680 -9.11 -38.97 -99.02
N TYR PA 681 -10.21 -38.46 -98.48
CA TYR PA 681 -10.47 -37.03 -98.42
C TYR PA 681 -10.98 -36.71 -97.03
N SER PA 682 -11.25 -35.43 -96.77
CA SER PA 682 -11.80 -35.04 -95.49
C SER PA 682 -12.88 -34.00 -95.69
N THR PA 683 -13.76 -33.90 -94.71
CA THR PA 683 -14.83 -32.93 -94.72
C THR PA 683 -14.94 -32.36 -93.32
N GLY PA 684 -15.57 -31.19 -93.23
CA GLY PA 684 -15.71 -30.59 -91.92
C GLY PA 684 -16.44 -29.27 -92.01
N GLN PA 685 -16.42 -28.57 -90.88
CA GLN PA 685 -17.06 -27.26 -90.76
C GLN PA 685 -16.01 -26.22 -90.40
N VAL PA 686 -16.16 -25.03 -90.97
CA VAL PA 686 -15.26 -23.92 -90.73
C VAL PA 686 -16.11 -22.72 -90.32
N SER PA 687 -15.69 -22.03 -89.26
CA SER PA 687 -16.35 -20.83 -88.77
C SER PA 687 -15.37 -19.68 -88.82
N VAL PA 688 -15.83 -18.54 -89.34
CA VAL PA 688 -15.08 -17.29 -89.31
C VAL PA 688 -15.97 -16.22 -88.70
N GLU PA 689 -15.46 -15.54 -87.68
CA GLU PA 689 -16.17 -14.45 -87.02
C GLU PA 689 -15.31 -13.20 -87.12
N ILE PA 690 -15.84 -12.14 -87.74
CA ILE PA 690 -15.14 -10.87 -87.84
C ILE PA 690 -15.94 -9.81 -87.11
N GLU PA 691 -15.27 -9.09 -86.22
CA GLU PA 691 -15.76 -7.85 -85.66
C GLU PA 691 -15.29 -6.70 -86.53
N TRP PA 692 -16.24 -5.85 -86.94
CA TRP PA 692 -16.01 -4.66 -87.74
C TRP PA 692 -16.41 -3.42 -86.95
N GLU PA 693 -15.58 -2.40 -87.01
CA GLU PA 693 -15.89 -1.09 -86.46
C GLU PA 693 -16.59 -0.26 -87.52
N LEU PA 694 -17.67 0.41 -87.09
CA LEU PA 694 -18.48 1.25 -87.95
C LEU PA 694 -18.20 2.71 -87.67
N GLN PA 695 -18.41 3.53 -88.69
CA GLN PA 695 -18.29 4.98 -88.60
C GLN PA 695 -19.62 5.53 -89.09
N LYS PA 696 -20.43 5.98 -88.13
CA LYS PA 696 -21.80 6.39 -88.38
C LYS PA 696 -21.86 7.72 -89.12
N GLU PA 697 -22.91 7.87 -89.92
CA GLU PA 697 -23.16 9.16 -90.55
C GLU PA 697 -23.55 10.17 -89.49
N ASN PA 698 -23.15 11.43 -89.70
CA ASN PA 698 -23.53 12.54 -88.84
C ASN PA 698 -24.06 13.70 -89.67
N SER PA 699 -24.84 13.39 -90.70
CA SER PA 699 -25.16 14.35 -91.74
C SER PA 699 -26.24 15.33 -91.29
N LYS PA 700 -26.14 16.56 -91.79
CA LYS PA 700 -27.15 17.58 -91.60
C LYS PA 700 -27.95 17.82 -92.87
N ARG PA 701 -27.83 16.93 -93.85
CA ARG PA 701 -28.54 17.05 -95.10
C ARG PA 701 -30.05 17.01 -94.87
N TRP PA 702 -30.78 17.85 -95.59
CA TRP PA 702 -32.21 17.97 -95.40
C TRP PA 702 -33.00 16.97 -96.23
N ASN PA 703 -32.72 16.91 -97.54
CA ASN PA 703 -33.45 16.04 -98.42
C ASN PA 703 -33.04 14.59 -98.19
N PRO PA 704 -33.89 13.63 -98.58
CA PRO PA 704 -33.55 12.23 -98.36
C PRO PA 704 -32.37 11.78 -99.20
N GLU PA 705 -31.64 10.80 -98.67
CA GLU PA 705 -30.47 10.26 -99.31
C GLU PA 705 -30.83 9.17 -100.32
N VAL PA 706 -29.89 8.87 -101.20
CA VAL PA 706 -29.99 7.71 -102.07
C VAL PA 706 -29.63 6.47 -101.27
N GLN PA 707 -30.48 5.46 -101.33
CA GLN PA 707 -30.27 4.21 -100.61
C GLN PA 707 -30.27 3.06 -101.61
N TYR PA 708 -29.56 1.99 -101.25
CA TYR PA 708 -29.70 0.76 -102.00
C TYR PA 708 -31.01 0.09 -101.60
N THR PA 709 -31.83 -0.25 -102.58
CA THR PA 709 -33.14 -0.81 -102.30
C THR PA 709 -33.41 -1.98 -103.23
N SER PA 710 -34.25 -2.89 -102.76
CA SER PA 710 -34.85 -3.89 -103.63
C SER PA 710 -35.91 -3.23 -104.51
N ASN PA 711 -36.06 -3.76 -105.71
CA ASN PA 711 -37.10 -3.28 -106.60
C ASN PA 711 -38.43 -3.90 -106.20
N TYR PA 712 -39.44 -3.07 -106.03
CA TYR PA 712 -40.81 -3.55 -105.75
C TYR PA 712 -41.47 -3.73 -107.12
N ALA PA 713 -41.73 -4.98 -107.48
CA ALA PA 713 -42.40 -5.30 -108.73
C ALA PA 713 -42.60 -6.80 -108.77
N LYS PA 714 -43.66 -7.22 -109.45
CA LYS PA 714 -43.84 -8.64 -109.68
C LYS PA 714 -42.70 -9.16 -110.55
N SER PA 715 -41.95 -10.11 -110.01
CA SER PA 715 -40.83 -10.71 -110.71
C SER PA 715 -40.91 -12.21 -110.56
N ALA PA 716 -40.37 -12.92 -111.55
CA ALA PA 716 -40.40 -14.38 -111.51
C ALA PA 716 -39.60 -14.91 -110.33
N ASN PA 717 -38.55 -14.21 -109.93
CA ASN PA 717 -37.69 -14.59 -108.82
C ASN PA 717 -37.48 -13.40 -107.89
N VAL PA 718 -37.00 -13.69 -106.71
CA VAL PA 718 -36.54 -12.68 -105.77
C VAL PA 718 -35.04 -12.54 -105.91
N ASP PA 719 -34.55 -11.31 -105.86
CA ASP PA 719 -33.12 -11.07 -105.98
C ASP PA 719 -32.36 -11.63 -104.78
N PHE PA 720 -31.16 -12.14 -105.04
CA PHE PA 720 -30.30 -12.71 -104.01
C PHE PA 720 -30.96 -13.89 -103.31
N THR PA 721 -31.58 -14.77 -104.09
CA THR PA 721 -32.21 -15.96 -103.56
C THR PA 721 -31.83 -17.17 -104.40
N VAL PA 722 -32.47 -18.30 -104.15
CA VAL PA 722 -32.29 -19.50 -104.94
C VAL PA 722 -33.41 -19.57 -105.97
N ASP PA 723 -33.17 -20.31 -107.04
CA ASP PA 723 -34.20 -20.54 -108.03
C ASP PA 723 -34.88 -21.88 -107.75
N ASN PA 724 -35.73 -22.35 -108.67
CA ASN PA 724 -36.40 -23.62 -108.47
C ASN PA 724 -35.43 -24.80 -108.54
N ASN PA 725 -34.23 -24.62 -109.07
CA ASN PA 725 -33.22 -25.67 -109.09
C ASN PA 725 -32.31 -25.64 -107.88
N GLY PA 726 -32.44 -24.65 -107.01
CA GLY PA 726 -31.60 -24.56 -105.84
C GLY PA 726 -30.32 -23.79 -106.01
N LEU PA 727 -30.18 -23.00 -107.06
CA LEU PA 727 -28.93 -22.30 -107.36
C LEU PA 727 -29.02 -20.87 -106.85
N TYR PA 728 -28.15 -20.54 -105.91
CA TYR PA 728 -28.07 -19.17 -105.39
C TYR PA 728 -27.38 -18.28 -106.41
N THR PA 729 -27.98 -17.13 -106.69
CA THR PA 729 -27.44 -16.18 -107.64
C THR PA 729 -27.47 -14.78 -107.05
N GLU PA 730 -26.51 -13.96 -107.47
CA GLU PA 730 -26.47 -12.55 -107.10
C GLU PA 730 -26.72 -11.72 -108.36
N PRO PA 731 -27.85 -11.04 -108.47
CA PRO PA 731 -28.20 -10.36 -109.73
C PRO PA 731 -27.25 -9.23 -110.14
N ARG PA 732 -26.67 -8.53 -109.18
CA ARG PA 732 -25.90 -7.34 -109.49
C ARG PA 732 -24.82 -7.17 -108.44
N PRO PA 733 -23.74 -6.46 -108.76
CA PRO PA 733 -22.76 -6.10 -107.72
C PRO PA 733 -23.22 -4.85 -106.98
N ILE PA 734 -23.12 -4.89 -105.65
CA ILE PA 734 -23.54 -3.78 -104.79
C ILE PA 734 -22.29 -3.13 -104.21
N GLY PA 735 -22.14 -1.83 -104.44
CA GLY PA 735 -21.09 -1.06 -103.83
C GLY PA 735 -21.47 -0.57 -102.45
N THR PA 736 -20.75 0.46 -102.00
CA THR PA 736 -20.95 1.00 -100.66
C THR PA 736 -21.38 2.45 -100.64
N ARG PA 737 -21.12 3.21 -101.71
CA ARG PA 737 -21.22 4.66 -101.67
C ARG PA 737 -22.65 5.09 -101.99
N TYR PA 738 -23.49 5.18 -100.96
CA TYR PA 738 -24.87 5.62 -101.15
C TYR PA 738 -25.15 6.88 -100.35
N LEU PA 739 -24.77 6.90 -99.08
CA LEU PA 739 -24.83 8.11 -98.30
C LEU PA 739 -23.85 9.13 -98.88
N THR PA 740 -24.05 10.39 -98.54
CA THR PA 740 -23.17 11.44 -99.03
C THR PA 740 -22.65 12.28 -97.87
N ARG PA 741 -21.57 13.00 -98.15
CA ARG PA 741 -21.04 13.97 -97.20
C ARG PA 741 -20.38 15.09 -97.99
N PRO PA 742 -20.29 16.29 -97.42
CA PRO PA 742 -19.67 17.40 -98.15
C PRO PA 742 -18.17 17.20 -98.33
N LEU PA 743 -17.67 17.69 -99.45
CA LEU PA 743 -16.27 17.48 -99.81
C LEU PA 743 -15.33 18.34 -98.97
N ASP QA 219 -5.03 -42.31 -75.77
CA ASP QA 219 -5.93 -41.23 -75.40
C ASP QA 219 -7.24 -41.31 -76.18
N GLY QA 220 -7.40 -42.34 -76.99
CA GLY QA 220 -8.64 -42.60 -77.70
C GLY QA 220 -8.42 -42.79 -79.18
N VAL QA 221 -9.47 -43.32 -79.82
CA VAL QA 221 -9.45 -43.53 -81.26
C VAL QA 221 -9.52 -42.22 -82.02
N GLY QA 222 -10.35 -41.28 -81.56
CA GLY QA 222 -10.60 -40.07 -82.31
C GLY QA 222 -9.82 -38.86 -81.86
N ASN QA 223 -8.74 -39.09 -81.11
CA ASN QA 223 -7.91 -38.02 -80.58
C ASN QA 223 -6.48 -38.26 -81.03
N ALA QA 224 -5.87 -37.27 -81.67
CA ALA QA 224 -4.50 -37.39 -82.13
C ALA QA 224 -3.54 -37.37 -80.94
N SER QA 225 -2.53 -38.22 -80.98
CA SER QA 225 -1.58 -38.33 -79.89
C SER QA 225 -0.31 -37.50 -80.10
N GLY QA 226 -0.27 -36.70 -81.15
CA GLY QA 226 0.87 -35.81 -81.33
C GLY QA 226 0.62 -34.89 -82.50
N ASN QA 227 1.50 -33.89 -82.62
CA ASN QA 227 1.42 -32.89 -83.66
C ASN QA 227 2.66 -32.96 -84.53
N TRP QA 228 2.57 -32.31 -85.68
CA TRP QA 228 3.69 -32.25 -86.61
C TRP QA 228 4.66 -31.16 -86.14
N HIS QA 229 5.84 -31.58 -85.73
CA HIS QA 229 6.88 -30.66 -85.26
C HIS QA 229 8.08 -30.79 -86.18
N CYS QA 230 8.13 -29.95 -87.20
CA CYS QA 230 9.25 -29.90 -88.13
C CYS QA 230 9.69 -28.45 -88.25
N ASP QA 231 10.85 -28.14 -87.68
CA ASP QA 231 11.26 -26.76 -87.50
C ASP QA 231 12.76 -26.72 -87.30
N SER QA 232 13.30 -25.51 -87.17
CA SER QA 232 14.69 -25.31 -86.82
C SER QA 232 14.81 -23.96 -86.15
N THR QA 233 15.25 -23.94 -84.90
CA THR QA 233 15.38 -22.72 -84.11
C THR QA 233 16.85 -22.45 -83.86
N TRP QA 234 17.29 -21.25 -84.19
CA TRP QA 234 18.68 -20.85 -84.03
C TRP QA 234 18.77 -19.89 -82.86
N LEU QA 235 19.40 -20.34 -81.79
CA LEU QA 235 19.71 -19.49 -80.65
C LEU QA 235 21.13 -18.95 -80.84
N GLY QA 236 21.69 -18.33 -79.82
CA GLY QA 236 23.01 -17.76 -79.97
C GLY QA 236 24.08 -18.80 -80.23
N ASP QA 237 24.15 -19.82 -79.40
CA ASP QA 237 25.17 -20.86 -79.52
C ASP QA 237 24.59 -22.25 -79.70
N ARG QA 238 23.26 -22.38 -79.79
CA ARG QA 238 22.61 -23.65 -80.02
C ARG QA 238 21.78 -23.56 -81.28
N VAL QA 239 21.53 -24.71 -81.89
CA VAL QA 239 20.48 -24.84 -82.90
C VAL QA 239 19.69 -26.09 -82.57
N ILE QA 240 18.37 -25.98 -82.57
CA ILE QA 240 17.48 -27.10 -82.30
C ILE QA 240 16.76 -27.45 -83.58
N THR QA 241 16.97 -28.66 -84.07
CA THR QA 241 16.35 -29.14 -85.30
C THR QA 241 15.31 -30.18 -84.94
N THR QA 242 14.08 -29.99 -85.43
CA THR QA 242 12.99 -30.94 -85.24
C THR QA 242 12.55 -31.47 -86.60
N SER QA 243 12.30 -32.76 -86.67
CA SER QA 243 11.89 -33.40 -87.91
C SER QA 243 10.79 -34.41 -87.62
N THR QA 244 9.67 -34.28 -88.33
CA THR QA 244 8.60 -35.25 -88.29
C THR QA 244 8.48 -35.91 -89.66
N ARG QA 245 8.29 -37.22 -89.65
CA ARG QA 245 8.13 -38.01 -90.87
C ARG QA 245 7.00 -39.01 -90.68
N THR QA 246 6.46 -39.47 -91.78
CA THR QA 246 5.44 -40.52 -91.79
C THR QA 246 6.09 -41.83 -92.19
N TRP QA 247 5.93 -42.84 -91.36
CA TRP QA 247 6.53 -44.15 -91.56
C TRP QA 247 5.47 -45.22 -91.78
N ALA QA 248 5.86 -46.24 -92.52
CA ALA QA 248 5.10 -47.46 -92.70
C ALA QA 248 5.96 -48.65 -92.28
N LEU QA 249 5.41 -49.49 -91.41
CA LEU QA 249 6.09 -50.67 -90.89
C LEU QA 249 5.32 -51.92 -91.32
N PRO QA 250 5.90 -52.78 -92.13
CA PRO QA 250 5.23 -54.03 -92.48
C PRO QA 250 5.48 -55.13 -91.48
N THR QA 251 4.98 -56.33 -91.76
CA THR QA 251 5.33 -57.52 -91.01
C THR QA 251 6.51 -58.17 -91.70
N TYR QA 252 7.59 -58.39 -90.95
CA TYR QA 252 8.82 -58.97 -91.49
C TYR QA 252 8.93 -60.42 -91.08
N ASN QA 253 9.27 -61.27 -92.06
CA ASN QA 253 9.57 -62.69 -91.84
C ASN QA 253 8.35 -63.51 -91.41
N ASN QA 254 7.14 -62.97 -91.54
CA ASN QA 254 5.94 -63.58 -90.98
C ASN QA 254 6.09 -63.80 -89.48
N HIS QA 255 6.61 -62.78 -88.80
CA HIS QA 255 6.78 -62.78 -87.33
C HIS QA 255 7.78 -63.85 -86.87
N LEU QA 256 8.71 -64.22 -87.74
CA LEU QA 256 9.64 -65.29 -87.44
C LEU QA 256 11.06 -64.75 -87.31
N TYR QA 257 11.84 -65.40 -86.45
CA TYR QA 257 13.28 -65.22 -86.40
C TYR QA 257 13.91 -66.25 -87.31
N LYS QA 258 14.72 -65.81 -88.25
CA LYS QA 258 15.33 -66.72 -89.20
C LYS QA 258 16.84 -66.62 -89.12
N GLN QA 259 17.50 -67.76 -89.26
CA GLN QA 259 18.96 -67.83 -89.28
C GLN QA 259 19.42 -67.67 -90.72
N ILE QA 260 20.31 -66.70 -90.95
CA ILE QA 260 20.79 -66.41 -92.29
C ILE QA 260 22.30 -66.63 -92.32
N SER QA 261 22.77 -67.09 -93.47
CA SER QA 261 24.21 -67.30 -93.67
C SER QA 261 24.48 -67.22 -95.17
N SER QA 262 25.72 -67.52 -95.54
CA SER QA 262 26.15 -67.47 -96.93
C SER QA 262 26.24 -68.85 -97.57
N ALA QA 263 25.77 -69.89 -96.88
CA ALA QA 263 25.92 -71.25 -97.38
C ALA QA 263 25.17 -71.46 -98.69
N SER QA 264 23.92 -70.97 -98.76
CA SER QA 264 23.19 -71.07 -100.01
C SER QA 264 23.70 -70.07 -101.05
N THR QA 265 24.21 -68.93 -100.59
CA THR QA 265 24.73 -67.92 -101.51
C THR QA 265 25.94 -68.45 -102.27
N GLY QA 266 26.77 -69.26 -101.63
CA GLY QA 266 27.99 -69.72 -102.27
C GLY QA 266 28.99 -68.62 -102.55
N ALA QA 267 29.21 -67.74 -101.57
CA ALA QA 267 30.08 -66.60 -101.72
C ALA QA 267 31.54 -67.01 -101.56
N SER QA 268 32.43 -66.04 -101.77
CA SER QA 268 33.85 -66.26 -101.53
C SER QA 268 34.14 -66.26 -100.03
N ASN QA 269 35.35 -66.69 -99.69
CA ASN QA 269 35.73 -66.76 -98.28
C ASN QA 269 35.66 -65.41 -97.60
N ASP QA 270 35.88 -64.33 -98.36
CA ASP QA 270 35.85 -62.99 -97.80
C ASP QA 270 34.44 -62.50 -97.50
N ASN QA 271 33.43 -63.08 -98.14
CA ASN QA 271 32.05 -62.62 -98.02
C ASN QA 271 31.18 -63.55 -97.19
N HIS QA 272 31.79 -64.53 -96.52
CA HIS QA 272 31.02 -65.46 -95.69
C HIS QA 272 30.48 -64.74 -94.47
N TYR QA 273 29.29 -65.15 -94.03
CA TYR QA 273 28.69 -64.56 -92.84
C TYR QA 273 27.70 -65.52 -92.22
N PHE QA 274 27.38 -65.25 -90.96
CA PHE QA 274 26.38 -66.00 -90.22
C PHE QA 274 25.66 -65.00 -89.32
N GLY QA 275 24.34 -65.06 -89.29
CA GLY QA 275 23.61 -64.13 -88.46
C GLY QA 275 22.15 -64.48 -88.38
N TYR QA 276 21.36 -63.50 -87.98
CA TYR QA 276 19.94 -63.69 -87.76
C TYR QA 276 19.15 -62.51 -88.31
N SER QA 277 17.97 -62.83 -88.82
CA SER QA 277 17.00 -61.85 -89.30
C SER QA 277 15.83 -61.85 -88.31
N THR QA 278 15.51 -60.68 -87.77
CA THR QA 278 14.41 -60.64 -86.82
C THR QA 278 13.16 -60.09 -87.48
N PRO QA 279 11.98 -60.32 -86.89
CA PRO QA 279 10.77 -59.69 -87.40
C PRO QA 279 10.61 -58.22 -87.03
N TRP QA 280 11.60 -57.63 -86.38
CA TRP QA 280 11.53 -56.25 -85.94
C TRP QA 280 12.10 -55.31 -87.00
N GLY QA 281 11.62 -54.07 -87.01
CA GLY QA 281 12.25 -52.98 -87.71
C GLY QA 281 12.86 -52.03 -86.71
N TYR QA 282 13.66 -51.11 -87.22
CA TYR QA 282 14.30 -50.14 -86.35
C TYR QA 282 14.18 -48.76 -86.96
N PHE QA 283 14.28 -47.75 -86.10
CA PHE QA 283 14.24 -46.36 -86.51
C PHE QA 283 15.65 -45.81 -86.63
N ASP QA 284 15.94 -45.19 -87.77
CA ASP QA 284 17.25 -44.66 -88.08
C ASP QA 284 17.14 -43.19 -88.46
N PHE QA 285 17.88 -42.34 -87.76
CA PHE QA 285 17.98 -40.93 -88.11
C PHE QA 285 19.45 -40.51 -88.01
N ASN QA 286 20.34 -41.36 -88.53
CA ASN QA 286 21.77 -41.16 -88.45
C ASN QA 286 22.34 -40.55 -89.72
N ARG QA 287 21.64 -39.63 -90.36
CA ARG QA 287 22.16 -38.82 -91.43
C ARG QA 287 21.84 -37.36 -91.14
N PHE QA 288 22.69 -36.46 -91.65
CA PHE QA 288 22.52 -35.06 -91.31
C PHE QA 288 21.32 -34.45 -91.98
N HIS QA 289 20.92 -34.94 -93.15
CA HIS QA 289 19.77 -34.38 -93.83
C HIS QA 289 18.44 -34.86 -93.27
N CYS QA 290 18.45 -35.81 -92.34
CA CYS QA 290 17.24 -36.12 -91.58
C CYS QA 290 16.88 -34.99 -90.63
N HIS QA 291 17.81 -34.08 -90.37
CA HIS QA 291 17.63 -33.02 -89.39
C HIS QA 291 17.81 -31.63 -89.96
N PHE QA 292 18.70 -31.44 -90.93
CA PHE QA 292 18.99 -30.13 -91.49
C PHE QA 292 18.42 -30.05 -92.90
N SER QA 293 17.68 -28.97 -93.18
CA SER QA 293 17.41 -28.61 -94.54
C SER QA 293 18.70 -28.12 -95.18
N PRO QA 294 18.78 -28.11 -96.52
CA PRO QA 294 19.98 -27.54 -97.15
C PRO QA 294 20.24 -26.09 -96.77
N ARG QA 295 19.19 -25.29 -96.59
CA ARG QA 295 19.36 -23.92 -96.13
C ARG QA 295 19.95 -23.88 -94.72
N ASP QA 296 19.45 -24.74 -93.82
CA ASP QA 296 19.99 -24.79 -92.46
C ASP QA 296 21.43 -25.26 -92.45
N TRP QA 297 21.75 -26.24 -93.30
CA TRP QA 297 23.12 -26.72 -93.41
C TRP QA 297 24.05 -25.61 -93.89
N GLN QA 298 23.61 -24.85 -94.90
CA GLN QA 298 24.42 -23.73 -95.37
C GLN QA 298 24.60 -22.68 -94.29
N ARG QA 299 23.52 -22.38 -93.56
CA ARG QA 299 23.61 -21.43 -92.46
C ARG QA 299 24.58 -21.89 -91.39
N LEU QA 300 24.61 -23.19 -91.10
CA LEU QA 300 25.55 -23.72 -90.12
C LEU QA 300 26.99 -23.64 -90.61
N ILE QA 301 27.25 -24.12 -91.83
CA ILE QA 301 28.61 -24.28 -92.29
C ILE QA 301 29.23 -22.97 -92.75
N ASN QA 302 28.44 -21.97 -93.09
CA ASN QA 302 28.99 -20.68 -93.49
C ASN QA 302 29.31 -19.78 -92.32
N ASN QA 303 28.88 -20.14 -91.12
CA ASN QA 303 28.97 -19.24 -89.98
C ASN QA 303 29.61 -19.84 -88.75
N ASN QA 304 29.76 -21.16 -88.66
CA ASN QA 304 30.25 -21.78 -87.45
C ASN QA 304 31.58 -22.47 -87.70
N TRP QA 305 32.49 -22.34 -86.73
CA TRP QA 305 33.76 -23.04 -86.77
C TRP QA 305 33.63 -24.48 -86.32
N GLY QA 306 32.59 -24.82 -85.57
CA GLY QA 306 32.42 -26.21 -85.20
C GLY QA 306 31.03 -26.46 -84.66
N PHE QA 307 30.70 -27.74 -84.54
CA PHE QA 307 29.40 -28.07 -83.96
C PHE QA 307 29.41 -29.48 -83.40
N ARG QA 308 28.46 -29.76 -82.51
CA ARG QA 308 28.33 -31.09 -81.95
C ARG QA 308 26.93 -31.27 -81.40
N PRO QA 309 26.47 -32.50 -81.24
CA PRO QA 309 25.13 -32.72 -80.66
C PRO QA 309 25.13 -32.78 -79.13
N LYS QA 310 24.14 -32.14 -78.55
CA LYS QA 310 23.91 -32.06 -77.11
C LYS QA 310 22.82 -33.00 -76.64
N ARG QA 311 21.64 -32.94 -77.22
CA ARG QA 311 20.59 -33.81 -76.69
C ARG QA 311 19.57 -34.13 -77.78
N LEU QA 312 18.74 -35.13 -77.53
CA LEU QA 312 17.69 -35.47 -78.47
C LEU QA 312 16.44 -35.99 -77.76
N ASN QA 313 15.31 -35.75 -78.41
CA ASN QA 313 14.00 -36.26 -78.04
C ASN QA 313 13.44 -37.05 -79.21
N PHE QA 314 12.85 -38.19 -78.92
CA PHE QA 314 12.25 -39.06 -79.90
C PHE QA 314 10.80 -39.28 -79.51
N LYS QA 315 9.89 -39.12 -80.46
CA LYS QA 315 8.48 -39.36 -80.22
C LYS QA 315 7.90 -40.18 -81.36
N LEU QA 316 6.98 -41.07 -81.00
CA LEU QA 316 6.28 -41.94 -81.93
C LEU QA 316 4.80 -41.80 -81.64
N PHE QA 317 4.03 -41.36 -82.63
CA PHE QA 317 2.65 -40.98 -82.35
C PHE QA 317 1.78 -41.24 -83.56
N ASN QA 318 0.47 -41.22 -83.33
CA ASN QA 318 -0.55 -41.41 -84.35
C ASN QA 318 -0.44 -42.76 -85.02
N ILE QA 319 -0.44 -43.82 -84.20
CA ILE QA 319 -0.30 -45.18 -84.69
C ILE QA 319 -1.61 -45.62 -85.35
N GLN QA 320 -1.51 -46.21 -86.53
CA GLN QA 320 -2.65 -46.81 -87.20
C GLN QA 320 -2.26 -48.19 -87.70
N VAL QA 321 -2.90 -49.21 -87.18
CA VAL QA 321 -2.70 -50.57 -87.66
C VAL QA 321 -3.75 -50.87 -88.71
N LYS QA 322 -3.32 -51.38 -89.85
CA LYS QA 322 -4.19 -51.68 -90.97
C LYS QA 322 -4.14 -53.17 -91.30
N GLU QA 323 -5.31 -53.77 -91.40
CA GLU QA 323 -5.49 -55.14 -91.82
C GLU QA 323 -5.66 -55.21 -93.34
N VAL QA 324 -5.01 -56.18 -93.96
CA VAL QA 324 -5.00 -56.35 -95.41
C VAL QA 324 -5.53 -57.73 -95.76
N THR QA 325 -6.50 -57.79 -96.67
CA THR QA 325 -7.01 -59.04 -97.21
C THR QA 325 -7.00 -58.97 -98.73
N THR QA 326 -6.35 -59.93 -99.38
CA THR QA 326 -6.37 -60.02 -100.84
C THR QA 326 -7.22 -61.23 -101.25
N ASN QA 327 -8.31 -60.96 -101.94
CA ASN QA 327 -9.20 -62.00 -102.45
C ASN QA 327 -9.45 -61.78 -103.94
N ASP QA 328 -9.28 -62.85 -104.72
CA ASP QA 328 -9.53 -62.81 -106.17
C ASP QA 328 -8.72 -61.72 -106.85
N GLY QA 329 -7.58 -61.35 -106.26
CA GLY QA 329 -6.72 -60.33 -106.81
C GLY QA 329 -6.98 -58.92 -106.32
N VAL QA 330 -8.11 -58.68 -105.66
CA VAL QA 330 -8.42 -57.33 -105.18
C VAL QA 330 -8.11 -57.26 -103.69
N THR QA 331 -7.57 -56.12 -103.27
CA THR QA 331 -7.04 -55.94 -101.92
C THR QA 331 -7.92 -54.98 -101.14
N THR QA 332 -8.33 -55.41 -99.95
CA THR QA 332 -9.08 -54.60 -99.01
C THR QA 332 -8.20 -54.25 -97.83
N ILE QA 333 -8.20 -52.99 -97.44
CA ILE QA 333 -7.49 -52.51 -96.27
C ILE QA 333 -8.51 -51.93 -95.31
N ALA QA 334 -8.45 -52.36 -94.06
CA ALA QA 334 -9.33 -51.87 -93.02
C ALA QA 334 -8.51 -51.44 -91.82
N ASN QA 335 -9.14 -50.71 -90.92
CA ASN QA 335 -8.49 -50.34 -89.67
C ASN QA 335 -8.65 -51.45 -88.65
N ASN QA 336 -7.58 -51.76 -87.93
CA ASN QA 336 -7.61 -52.70 -86.83
C ASN QA 336 -7.41 -51.89 -85.56
N LEU QA 337 -8.52 -51.54 -84.91
CA LEU QA 337 -8.46 -50.59 -83.79
C LEU QA 337 -7.87 -51.20 -82.53
N THR QA 338 -7.81 -52.52 -82.41
CA THR QA 338 -7.36 -53.17 -81.20
C THR QA 338 -5.98 -53.80 -81.32
N SER QA 339 -5.29 -53.59 -82.42
CA SER QA 339 -3.96 -54.15 -82.59
C SER QA 339 -2.90 -53.21 -82.03
N THR QA 340 -1.73 -53.77 -81.73
CA THR QA 340 -0.66 -53.04 -81.09
C THR QA 340 0.63 -53.11 -81.90
N VAL QA 341 1.48 -52.11 -81.70
CA VAL QA 341 2.87 -52.16 -82.09
C VAL QA 341 3.72 -52.16 -80.83
N GLN QA 342 4.71 -53.04 -80.78
CA GLN QA 342 5.66 -53.07 -79.69
C GLN QA 342 6.86 -52.20 -80.04
N VAL QA 343 7.23 -51.31 -79.13
CA VAL QA 343 8.36 -50.41 -79.31
C VAL QA 343 9.25 -50.50 -78.08
N PHE QA 344 10.55 -50.60 -78.28
CA PHE QA 344 11.45 -50.44 -77.15
C PHE QA 344 12.75 -49.80 -77.60
N SER QA 345 13.41 -49.15 -76.66
CA SER QA 345 14.71 -48.53 -76.88
C SER QA 345 15.76 -49.37 -76.18
N ASP QA 346 16.84 -49.68 -76.89
CA ASP QA 346 17.91 -50.52 -76.35
C ASP QA 346 18.91 -49.62 -75.63
N SER QA 347 18.50 -49.10 -74.48
CA SER QA 347 19.26 -48.08 -73.77
C SER QA 347 20.51 -48.61 -73.10
N GLU QA 348 20.60 -49.91 -72.86
CA GLU QA 348 21.77 -50.51 -72.24
C GLU QA 348 22.72 -51.15 -73.24
N TYR QA 349 22.46 -51.00 -74.54
CA TYR QA 349 23.33 -51.49 -75.59
C TYR QA 349 23.60 -52.98 -75.44
N GLN QA 350 22.54 -53.73 -75.18
CA GLN QA 350 22.62 -55.17 -75.03
C GLN QA 350 22.45 -55.92 -76.34
N LEU QA 351 22.12 -55.22 -77.40
CA LEU QA 351 21.91 -55.76 -78.73
C LEU QA 351 23.06 -55.37 -79.63
N PRO QA 352 23.29 -56.13 -80.70
CA PRO QA 352 24.26 -55.67 -81.71
C PRO QA 352 23.81 -54.34 -82.32
N TYR QA 353 24.75 -53.41 -82.41
CA TYR QA 353 24.46 -52.07 -82.92
C TYR QA 353 24.66 -52.06 -84.41
N VAL QA 354 23.58 -52.08 -85.17
CA VAL QA 354 23.69 -52.06 -86.63
C VAL QA 354 23.61 -50.66 -87.20
N LEU QA 355 23.27 -49.67 -86.39
CA LEU QA 355 23.41 -48.29 -86.83
C LEU QA 355 24.89 -47.95 -86.94
N GLY QA 356 25.20 -46.90 -87.66
CA GLY QA 356 26.58 -46.55 -87.85
C GLY QA 356 27.31 -47.36 -88.89
N SER QA 357 26.59 -48.12 -89.71
CA SER QA 357 27.16 -48.81 -90.86
C SER QA 357 26.71 -48.20 -92.17
N ALA QA 358 26.08 -47.02 -92.13
CA ALA QA 358 25.67 -46.27 -93.32
C ALA QA 358 24.65 -47.05 -94.14
N HIS QA 359 23.57 -47.49 -93.50
CA HIS QA 359 22.54 -48.26 -94.15
C HIS QA 359 21.38 -47.37 -94.60
N GLN QA 360 20.66 -47.86 -95.59
CA GLN QA 360 19.42 -47.22 -96.01
C GLN QA 360 18.34 -47.41 -94.94
N GLY QA 361 17.30 -46.59 -95.03
CA GLY QA 361 16.20 -46.71 -94.10
C GLY QA 361 16.09 -45.57 -93.11
N CYS QA 362 16.92 -44.55 -93.25
CA CYS QA 362 16.82 -43.38 -92.41
C CYS QA 362 15.57 -42.58 -92.76
N LEU QA 363 15.27 -41.58 -91.94
CA LEU QA 363 14.23 -40.64 -92.31
C LEU QA 363 14.62 -39.94 -93.61
N PRO QA 364 13.71 -39.78 -94.55
CA PRO QA 364 14.05 -39.14 -95.83
C PRO QA 364 14.43 -37.69 -95.63
N PRO QA 365 15.28 -37.14 -96.51
CA PRO QA 365 15.65 -35.72 -96.37
C PRO QA 365 14.47 -34.78 -96.50
N PHE QA 366 13.53 -35.08 -97.39
CA PHE QA 366 12.40 -34.20 -97.62
C PHE QA 366 11.27 -34.53 -96.64
N PRO QA 367 10.76 -33.56 -95.88
CA PRO QA 367 9.75 -33.86 -94.86
C PRO QA 367 8.44 -34.39 -95.41
N ALA QA 368 8.17 -34.23 -96.70
CA ALA QA 368 6.93 -34.73 -97.27
C ALA QA 368 6.99 -36.21 -97.63
N ASP QA 369 8.15 -36.83 -97.55
CA ASP QA 369 8.31 -38.21 -98.00
C ASP QA 369 7.91 -39.19 -96.92
N VAL QA 370 7.24 -40.25 -97.33
CA VAL QA 370 6.82 -41.34 -96.45
C VAL QA 370 7.79 -42.49 -96.61
N PHE QA 371 8.31 -43.01 -95.51
CA PHE QA 371 9.37 -43.98 -95.59
C PHE QA 371 8.99 -45.30 -94.92
N MET QA 372 9.51 -46.38 -95.49
CA MET QA 372 9.34 -47.72 -94.95
C MET QA 372 10.41 -47.98 -93.91
N ILE QA 373 10.03 -48.67 -92.84
CA ILE QA 373 10.95 -48.93 -91.74
C ILE QA 373 11.81 -50.14 -92.09
N PRO QA 374 13.13 -50.06 -91.98
CA PRO QA 374 13.99 -51.19 -92.35
C PRO QA 374 13.95 -52.32 -91.34
N GLN QA 375 14.20 -53.53 -91.83
CA GLN QA 375 14.17 -54.71 -90.97
C GLN QA 375 15.45 -54.81 -90.15
N TYR QA 376 15.31 -55.31 -88.93
CA TYR QA 376 16.47 -55.51 -88.06
C TYR QA 376 17.06 -56.90 -88.26
N GLY QA 377 18.36 -56.95 -88.37
CA GLY QA 377 19.09 -58.20 -88.44
C GLY QA 377 20.50 -57.92 -87.99
N TYR QA 378 21.18 -58.97 -87.57
CA TYR QA 378 22.54 -58.82 -87.09
C TYR QA 378 23.38 -59.99 -87.55
N LEU QA 379 24.69 -59.83 -87.44
CA LEU QA 379 25.64 -60.88 -87.73
C LEU QA 379 26.34 -61.26 -86.43
N THR QA 380 26.77 -62.51 -86.33
CA THR QA 380 27.50 -62.99 -85.19
C THR QA 380 28.77 -63.69 -85.68
N LEU QA 381 29.54 -64.22 -84.75
CA LEU QA 381 30.78 -64.89 -85.09
C LEU QA 381 30.52 -66.03 -86.05
N ASN QA 382 31.33 -66.11 -87.11
CA ASN QA 382 31.17 -67.15 -88.10
C ASN QA 382 32.53 -67.75 -88.46
N ASN QA 383 32.49 -69.03 -88.79
CA ASN QA 383 33.65 -69.78 -89.29
C ASN QA 383 33.27 -70.25 -90.69
N GLY QA 384 33.48 -69.38 -91.66
CA GLY QA 384 32.93 -69.63 -92.98
C GLY QA 384 31.47 -69.28 -92.97
N SER QA 385 30.64 -70.20 -93.47
CA SER QA 385 29.19 -70.04 -93.38
C SER QA 385 28.61 -70.66 -92.12
N GLN QA 386 29.46 -71.18 -91.23
CA GLN QA 386 29.02 -71.84 -90.02
C GLN QA 386 29.16 -70.90 -88.83
N ALA QA 387 28.57 -71.32 -87.72
CA ALA QA 387 28.66 -70.60 -86.47
C ALA QA 387 29.74 -71.22 -85.59
N VAL QA 388 29.94 -70.64 -84.42
CA VAL QA 388 30.83 -71.18 -83.41
C VAL QA 388 30.08 -71.24 -82.09
N GLY QA 389 30.75 -71.71 -81.05
CA GLY QA 389 30.13 -71.78 -79.74
C GLY QA 389 29.81 -70.43 -79.15
N ARG QA 390 30.65 -69.43 -79.43
CA ARG QA 390 30.50 -68.08 -78.90
C ARG QA 390 29.62 -67.21 -79.78
N SER QA 391 29.06 -67.78 -80.86
CA SER QA 391 28.07 -67.05 -81.64
C SER QA 391 26.83 -66.81 -80.79
N SER QA 392 26.37 -65.58 -80.77
CA SER QA 392 25.24 -65.20 -79.94
C SER QA 392 23.95 -65.17 -80.73
N PHE QA 393 22.85 -65.41 -80.02
CA PHE QA 393 21.51 -65.25 -80.55
C PHE QA 393 20.75 -64.35 -79.60
N TYR QA 394 19.98 -63.42 -80.15
CA TYR QA 394 19.23 -62.46 -79.36
C TYR QA 394 17.77 -62.55 -79.77
N CYS QA 395 16.91 -62.93 -78.83
CA CYS QA 395 15.48 -62.75 -79.00
C CYS QA 395 15.13 -61.34 -78.55
N LEU QA 396 14.55 -60.55 -79.45
CA LEU QA 396 14.17 -59.19 -79.09
C LEU QA 396 12.86 -59.14 -78.33
N GLU QA 397 12.10 -60.22 -78.30
CA GLU QA 397 10.95 -60.32 -77.41
C GLU QA 397 11.36 -60.56 -75.98
N TYR QA 398 12.63 -60.85 -75.73
CA TYR QA 398 13.18 -61.00 -74.40
C TYR QA 398 13.52 -59.66 -73.76
N PHE QA 399 12.95 -58.57 -74.27
CA PHE QA 399 13.09 -57.23 -73.74
C PHE QA 399 11.73 -56.72 -73.28
N PRO QA 400 11.70 -55.81 -72.32
CA PRO QA 400 10.45 -55.10 -72.02
C PRO QA 400 10.13 -54.13 -73.14
N SER QA 401 8.93 -54.27 -73.72
CA SER QA 401 8.46 -53.41 -74.78
C SER QA 401 7.23 -52.66 -74.31
N GLN QA 402 7.02 -51.47 -74.86
CA GLN QA 402 5.77 -50.76 -74.68
C GLN QA 402 4.86 -51.14 -75.84
N MET QA 403 3.65 -51.57 -75.51
CA MET QA 403 2.63 -51.92 -76.49
C MET QA 403 1.74 -50.72 -76.73
N LEU QA 404 1.61 -50.32 -77.99
CA LEU QA 404 0.91 -49.11 -78.37
C LEU QA 404 -0.29 -49.48 -79.22
N ARG QA 405 -1.47 -49.10 -78.76
CA ARG QA 405 -2.66 -49.14 -79.59
C ARG QA 405 -2.78 -47.79 -80.30
N THR QA 406 -3.89 -47.58 -81.01
CA THR QA 406 -3.97 -46.41 -81.87
C THR QA 406 -4.05 -45.09 -81.11
N GLY QA 407 -4.30 -45.12 -79.80
CA GLY QA 407 -4.37 -43.91 -79.03
C GLY QA 407 -3.13 -43.61 -78.20
N ASN QA 408 -2.13 -44.48 -78.28
CA ASN QA 408 -0.93 -44.37 -77.47
C ASN QA 408 0.21 -43.74 -78.25
N ASN QA 409 1.17 -43.17 -77.52
CA ASN QA 409 2.40 -42.66 -78.09
C ASN QA 409 3.58 -43.14 -77.26
N PHE QA 410 4.77 -42.90 -77.78
CA PHE QA 410 6.02 -43.36 -77.21
C PHE QA 410 7.00 -42.19 -77.19
N THR QA 411 7.64 -41.94 -76.06
CA THR QA 411 8.61 -40.87 -75.96
C THR QA 411 9.91 -41.40 -75.38
N PHE QA 412 11.01 -40.73 -75.71
CA PHE QA 412 12.31 -41.17 -75.23
C PHE QA 412 13.30 -40.00 -75.34
N SER QA 413 14.00 -39.72 -74.26
CA SER QA 413 15.00 -38.66 -74.25
C SER QA 413 16.40 -39.24 -74.12
N TYR QA 414 17.38 -38.54 -74.69
CA TYR QA 414 18.75 -39.00 -74.65
C TYR QA 414 19.67 -37.79 -74.59
N THR QA 415 20.75 -37.92 -73.81
CA THR QA 415 21.77 -36.88 -73.73
C THR QA 415 23.07 -37.41 -74.29
N PHE QA 416 23.66 -36.65 -75.21
CA PHE QA 416 24.96 -37.02 -75.76
C PHE QA 416 26.07 -36.80 -74.74
N GLU QA 417 27.06 -37.67 -74.77
CA GLU QA 417 28.27 -37.45 -74.01
C GLU QA 417 29.05 -36.27 -74.58
N GLU QA 418 29.99 -35.76 -73.79
CA GLU QA 418 30.80 -34.63 -74.22
C GLU QA 418 31.77 -35.12 -75.28
N VAL QA 419 31.40 -34.90 -76.54
CA VAL QA 419 32.20 -35.28 -77.70
C VAL QA 419 32.88 -34.00 -78.19
N PRO QA 420 34.05 -34.08 -78.82
CA PRO QA 420 34.65 -32.86 -79.38
C PRO QA 420 33.82 -32.31 -80.53
N PHE QA 421 33.89 -30.99 -80.68
CA PHE QA 421 33.26 -30.32 -81.81
C PHE QA 421 33.83 -30.86 -83.11
N HIS QA 422 32.95 -31.12 -84.08
CA HIS QA 422 33.41 -31.31 -85.44
C HIS QA 422 33.86 -29.98 -86.00
N SER QA 423 34.95 -30.03 -86.78
CA SER QA 423 35.62 -28.86 -87.33
C SER QA 423 34.98 -28.45 -88.64
N SER QA 424 34.21 -27.37 -88.63
CA SER QA 424 33.62 -26.82 -89.84
C SER QA 424 34.54 -25.80 -90.51
N TYR QA 425 35.85 -25.95 -90.34
CA TYR QA 425 36.81 -25.00 -90.87
C TYR QA 425 37.90 -25.74 -91.65
N ALA QA 426 38.50 -25.01 -92.57
CA ALA QA 426 39.79 -25.36 -93.15
C ALA QA 426 40.88 -24.54 -92.48
N HIS QA 427 42.12 -24.90 -92.75
CA HIS QA 427 43.26 -24.18 -92.22
C HIS QA 427 43.79 -23.21 -93.27
N SER QA 428 44.09 -21.98 -92.83
CA SER QA 428 44.65 -20.97 -93.71
C SER QA 428 46.14 -21.12 -93.91
N GLN QA 429 46.79 -21.99 -93.13
CA GLN QA 429 48.21 -22.25 -93.25
C GLN QA 429 48.43 -23.73 -93.47
N SER QA 430 49.54 -24.05 -94.11
CA SER QA 430 49.99 -25.42 -94.26
C SER QA 430 50.98 -25.76 -93.15
N LEU QA 431 51.07 -27.05 -92.84
CA LEU QA 431 51.89 -27.46 -91.70
C LEU QA 431 53.38 -27.25 -91.96
N ASP QA 432 53.81 -27.33 -93.21
CA ASP QA 432 55.20 -27.08 -93.57
C ASP QA 432 55.46 -25.62 -93.90
N ARG QA 433 54.54 -24.73 -93.56
CA ARG QA 433 54.67 -23.31 -93.85
C ARG QA 433 54.26 -22.48 -92.65
N LEU QA 434 54.71 -22.88 -91.46
CA LEU QA 434 54.32 -22.23 -90.22
C LEU QA 434 55.35 -21.24 -89.73
N MET QA 435 56.36 -20.94 -90.54
CA MET QA 435 57.48 -20.12 -90.13
C MET QA 435 57.26 -18.65 -90.51
N ASN QA 436 58.06 -17.79 -89.92
CA ASN QA 436 58.18 -16.41 -90.38
C ASN QA 436 58.96 -16.41 -91.68
N PRO QA 437 58.40 -15.91 -92.78
CA PRO QA 437 59.11 -15.92 -94.06
C PRO QA 437 60.15 -14.81 -94.21
N LEU QA 438 60.40 -14.01 -93.18
CA LEU QA 438 61.37 -12.94 -93.26
C LEU QA 438 62.61 -13.18 -92.42
N ILE QA 439 62.51 -13.96 -91.36
CA ILE QA 439 63.59 -14.13 -90.40
C ILE QA 439 64.24 -15.49 -90.61
N ASP QA 440 65.55 -15.55 -90.44
CA ASP QA 440 66.26 -16.80 -90.48
C ASP QA 440 66.07 -17.56 -89.17
N GLN QA 441 66.59 -18.78 -89.14
CA GLN QA 441 66.57 -19.59 -87.94
C GLN QA 441 67.93 -19.50 -87.24
N TYR QA 442 67.97 -19.93 -85.99
CA TYR QA 442 69.24 -20.11 -85.31
C TYR QA 442 69.70 -21.55 -85.33
N LEU QA 443 68.99 -22.42 -86.04
CA LEU QA 443 69.33 -23.83 -86.16
C LEU QA 443 69.99 -24.09 -87.50
N TYR QA 444 71.04 -24.91 -87.49
CA TYR QA 444 71.76 -25.26 -88.69
C TYR QA 444 71.41 -26.67 -89.12
N TYR QA 445 71.61 -26.94 -90.40
CA TYR QA 445 71.39 -28.25 -90.97
C TYR QA 445 72.53 -28.57 -91.91
N LEU QA 446 72.78 -29.85 -92.11
CA LEU QA 446 73.78 -30.27 -93.07
C LEU QA 446 73.27 -30.01 -94.48
N ASN QA 447 73.96 -29.14 -95.22
CA ASN QA 447 73.52 -28.70 -96.54
C ASN QA 447 74.27 -29.40 -97.66
N ARG QA 448 75.58 -29.55 -97.54
CA ARG QA 448 76.39 -30.19 -98.55
C ARG QA 448 77.29 -31.23 -97.89
N THR QA 449 77.44 -32.38 -98.53
CA THR QA 449 78.49 -33.32 -98.20
C THR QA 449 79.56 -33.40 -99.28
N GLN QA 450 79.54 -32.48 -100.24
CA GLN QA 450 80.57 -32.36 -101.25
C GLN QA 450 80.95 -30.89 -101.38
N ASN QA 451 82.10 -30.64 -101.99
CA ASN QA 451 82.56 -29.27 -102.16
C ASN QA 451 81.66 -28.52 -103.13
N GLN QA 452 81.34 -27.27 -102.78
CA GLN QA 452 80.44 -26.46 -103.59
C GLN QA 452 81.08 -25.95 -104.86
N SER QA 453 82.40 -25.77 -104.87
CA SER QA 453 83.08 -25.16 -106.02
C SER QA 453 82.90 -26.00 -107.28
N GLY QA 454 83.09 -27.31 -107.18
CA GLY QA 454 82.90 -28.20 -108.31
C GLY QA 454 84.13 -28.44 -109.16
N SER QA 455 85.19 -27.63 -109.02
CA SER QA 455 86.41 -27.88 -109.76
C SER QA 455 87.02 -29.22 -109.37
N ALA QA 456 87.00 -29.53 -108.08
CA ALA QA 456 87.25 -30.86 -107.57
C ALA QA 456 85.94 -31.45 -107.06
N GLN QA 457 85.95 -32.76 -106.83
CA GLN QA 457 84.77 -33.49 -106.36
C GLN QA 457 84.99 -34.06 -104.97
N ASN QA 458 85.55 -33.27 -104.07
CA ASN QA 458 85.90 -33.74 -102.74
C ASN QA 458 84.69 -33.68 -101.81
N LYS QA 459 84.70 -34.55 -100.81
CA LYS QA 459 83.64 -34.54 -99.81
C LYS QA 459 83.88 -33.39 -98.82
N ASP QA 460 82.86 -33.11 -98.03
CA ASP QA 460 82.94 -32.06 -97.03
C ASP QA 460 81.77 -32.22 -96.06
N LEU QA 461 81.70 -31.29 -95.10
CA LEU QA 461 80.57 -31.20 -94.17
C LEU QA 461 80.24 -29.72 -94.04
N LEU QA 462 79.34 -29.24 -94.88
CA LEU QA 462 78.98 -27.84 -94.94
C LEU QA 462 77.58 -27.65 -94.37
N PHE QA 463 77.43 -26.72 -93.45
CA PHE QA 463 76.19 -26.50 -92.73
C PHE QA 463 75.62 -25.13 -93.08
N SER QA 464 74.32 -25.08 -93.29
CA SER QA 464 73.63 -23.84 -93.60
C SER QA 464 72.63 -23.52 -92.51
N ARG QA 465 72.28 -22.25 -92.43
CA ARG QA 465 71.27 -21.76 -91.50
C ARG QA 465 69.89 -21.84 -92.14
N GLY QA 466 68.90 -22.20 -91.32
CA GLY QA 466 67.53 -22.23 -91.79
C GLY QA 466 67.08 -20.85 -92.24
N SER QA 467 66.76 -20.72 -93.52
CA SER QA 467 66.46 -19.45 -94.14
C SER QA 467 65.16 -19.53 -94.92
N PRO QA 468 64.49 -18.40 -95.16
CA PRO QA 468 63.28 -18.42 -96.00
C PRO QA 468 63.53 -18.82 -97.44
N ALA QA 469 64.77 -18.78 -97.91
CA ALA QA 469 65.06 -19.26 -99.26
C ALA QA 469 64.76 -20.74 -99.39
N GLY QA 470 65.29 -21.55 -98.48
CA GLY QA 470 64.94 -22.96 -98.44
C GLY QA 470 64.05 -23.29 -97.27
N MET QA 471 62.75 -23.41 -97.52
CA MET QA 471 61.79 -23.70 -96.47
C MET QA 471 61.57 -25.20 -96.29
N SER QA 472 61.95 -26.00 -97.29
CA SER QA 472 61.78 -27.45 -97.22
C SER QA 472 62.79 -28.10 -96.30
N VAL QA 473 63.94 -27.46 -96.05
CA VAL QA 473 65.01 -28.04 -95.25
C VAL QA 473 65.08 -27.43 -93.86
N GLN QA 474 64.20 -26.50 -93.54
CA GLN QA 474 64.19 -25.92 -92.21
C GLN QA 474 63.75 -26.95 -91.18
N PRO QA 475 64.41 -27.00 -90.02
CA PRO QA 475 63.87 -27.79 -88.91
C PRO QA 475 62.47 -27.34 -88.56
N LYS QA 476 61.60 -28.30 -88.25
CA LYS QA 476 60.21 -28.03 -87.92
C LYS QA 476 59.81 -28.81 -86.68
N ASN QA 477 58.65 -28.47 -86.15
CA ASN QA 477 58.22 -29.01 -84.86
C ASN QA 477 57.20 -30.13 -84.96
N TRP QA 478 56.52 -30.28 -86.09
CA TRP QA 478 55.41 -31.21 -86.21
C TRP QA 478 55.52 -32.01 -87.49
N LEU QA 479 54.72 -33.07 -87.56
CA LEU QA 479 54.68 -33.99 -88.68
C LEU QA 479 53.26 -34.12 -89.21
N PRO QA 480 53.09 -34.42 -90.49
CA PRO QA 480 51.75 -34.69 -91.01
C PRO QA 480 51.20 -35.99 -90.46
N GLY QA 481 49.88 -36.10 -90.46
CA GLY QA 481 49.20 -37.23 -89.89
C GLY QA 481 49.56 -38.56 -90.55
N PRO QA 482 49.03 -39.64 -90.01
CA PRO QA 482 49.35 -40.96 -90.54
C PRO QA 482 48.71 -41.20 -91.90
N CYS QA 483 49.28 -42.15 -92.63
CA CYS QA 483 48.80 -42.43 -93.97
C CYS QA 483 48.71 -43.93 -94.19
N TYR QA 484 47.87 -44.34 -95.13
CA TYR QA 484 47.76 -45.71 -95.61
C TYR QA 484 47.42 -45.65 -97.09
N ARG QA 485 48.44 -45.73 -97.94
CA ARG QA 485 48.32 -45.33 -99.33
C ARG QA 485 47.23 -46.10 -100.06
N GLN QA 486 46.49 -45.38 -100.89
CA GLN QA 486 45.44 -45.92 -101.75
C GLN QA 486 45.89 -45.86 -103.21
N GLN QA 487 45.17 -46.57 -104.05
CA GLN QA 487 45.44 -46.55 -105.49
C GLN QA 487 44.76 -45.36 -106.13
N ARG QA 488 45.42 -44.77 -107.11
CA ARG QA 488 44.95 -43.53 -107.73
C ARG QA 488 44.15 -43.87 -108.97
N VAL QA 489 42.89 -43.46 -108.98
CA VAL QA 489 41.98 -43.68 -110.09
C VAL QA 489 41.61 -42.33 -110.68
N SER QA 490 41.65 -42.23 -112.00
CA SER QA 490 41.29 -41.01 -112.70
C SER QA 490 39.80 -41.02 -113.02
N LYS QA 491 39.15 -39.88 -112.79
CA LYS QA 491 37.75 -39.71 -113.18
C LYS QA 491 37.59 -39.76 -114.69
N THR QA 492 38.65 -39.51 -115.45
CA THR QA 492 38.66 -39.71 -116.89
C THR QA 492 39.13 -41.13 -117.16
N LYS QA 493 38.21 -41.98 -117.64
CA LYS QA 493 38.47 -43.41 -117.67
C LYS QA 493 39.58 -43.82 -118.63
N THR QA 494 39.92 -42.99 -119.60
CA THR QA 494 40.96 -43.37 -120.56
C THR QA 494 42.35 -43.40 -119.96
N ASP QA 495 42.58 -42.69 -118.85
CA ASP QA 495 43.89 -42.68 -118.22
C ASP QA 495 44.08 -43.79 -117.20
N ASN QA 496 43.09 -44.64 -117.01
CA ASN QA 496 43.20 -45.75 -116.07
C ASN QA 496 43.72 -46.98 -116.79
N ASN QA 497 44.37 -47.85 -116.03
CA ASN QA 497 44.90 -49.09 -116.58
C ASN QA 497 43.78 -49.97 -117.08
N ASN QA 498 44.05 -50.71 -118.15
CA ASN QA 498 43.05 -51.61 -118.74
C ASN QA 498 43.04 -52.95 -118.00
N SER QA 499 42.45 -52.91 -116.82
CA SER QA 499 42.23 -54.09 -116.00
C SER QA 499 41.20 -53.74 -114.95
N ASN QA 500 40.77 -54.74 -114.19
CA ASN QA 500 39.78 -54.47 -113.15
C ASN QA 500 40.43 -53.83 -111.92
N PHE QA 501 41.30 -54.58 -111.26
CA PHE QA 501 42.18 -54.07 -110.18
C PHE QA 501 41.43 -53.31 -109.09
N THR QA 502 40.11 -53.40 -109.05
CA THR QA 502 39.37 -52.86 -107.93
C THR QA 502 39.44 -53.74 -106.69
N TRP QA 503 39.82 -54.99 -106.86
CA TRP QA 503 40.06 -55.87 -105.73
C TRP QA 503 41.50 -56.31 -105.63
N THR QA 504 42.16 -56.60 -106.75
CA THR QA 504 43.54 -57.04 -106.69
C THR QA 504 44.51 -55.91 -106.38
N GLY QA 505 44.19 -54.69 -106.77
CA GLY QA 505 45.10 -53.58 -106.58
C GLY QA 505 44.67 -52.61 -105.50
N ALA QA 506 43.86 -53.08 -104.55
CA ALA QA 506 43.26 -52.21 -103.56
C ALA QA 506 43.85 -52.43 -102.18
N SER QA 507 43.85 -51.36 -101.39
CA SER QA 507 44.30 -51.44 -100.00
C SER QA 507 43.25 -52.16 -99.18
N LYS QA 508 43.63 -53.26 -98.55
CA LYS QA 508 42.69 -54.05 -97.77
C LYS QA 508 43.41 -54.59 -96.55
N TYR QA 509 42.63 -54.99 -95.56
CA TYR QA 509 43.19 -55.53 -94.34
C TYR QA 509 42.76 -56.98 -94.14
N ASN QA 510 43.59 -57.72 -93.42
CA ASN QA 510 43.40 -59.14 -93.17
C ASN QA 510 42.87 -59.31 -91.75
N LEU QA 511 41.76 -60.02 -91.60
CA LEU QA 511 41.17 -60.27 -90.29
C LEU QA 511 40.59 -61.68 -90.27
N ASN QA 512 41.20 -62.55 -89.46
CA ASN QA 512 40.76 -63.94 -89.33
C ASN QA 512 40.76 -64.67 -90.67
N GLY QA 513 41.71 -64.31 -91.52
CA GLY QA 513 41.89 -65.00 -92.78
C GLY QA 513 41.10 -64.47 -93.95
N ARG QA 514 40.22 -63.50 -93.75
CA ARG QA 514 39.47 -62.92 -94.84
C ARG QA 514 39.74 -61.43 -94.95
N GLU QA 515 39.86 -60.97 -96.19
CA GLU QA 515 40.29 -59.62 -96.50
C GLU QA 515 39.09 -58.69 -96.61
N SER QA 516 39.29 -57.44 -96.23
CA SER QA 516 38.25 -56.43 -96.26
C SER QA 516 38.86 -55.14 -96.80
N ILE QA 517 38.19 -54.53 -97.78
CA ILE QA 517 38.65 -53.25 -98.31
C ILE QA 517 38.60 -52.22 -97.19
N ILE QA 518 39.59 -51.33 -97.17
CA ILE QA 518 39.67 -50.33 -96.10
C ILE QA 518 38.46 -49.40 -96.18
N ASN QA 519 38.35 -48.61 -97.25
CA ASN QA 519 37.11 -47.91 -97.60
C ASN QA 519 36.42 -47.20 -96.44
N PRO QA 520 36.83 -45.99 -96.06
CA PRO QA 520 37.83 -45.13 -96.69
C PRO QA 520 39.12 -45.02 -95.89
N GLY QA 521 39.10 -45.51 -94.66
CA GLY QA 521 40.32 -45.56 -93.88
C GLY QA 521 40.77 -44.19 -93.40
N THR QA 522 42.08 -44.01 -93.41
CA THR QA 522 42.69 -42.81 -92.86
C THR QA 522 42.20 -41.57 -93.58
N ALA QA 523 42.01 -40.49 -92.82
CA ALA QA 523 41.56 -39.22 -93.38
C ALA QA 523 42.73 -38.56 -94.08
N MET QA 524 42.74 -38.63 -95.41
CA MET QA 524 43.81 -38.07 -96.22
C MET QA 524 43.21 -37.24 -97.34
N ALA QA 525 44.04 -36.37 -97.89
CA ALA QA 525 43.62 -35.55 -99.02
C ALA QA 525 43.36 -36.42 -100.24
N SER QA 526 42.27 -36.11 -100.95
CA SER QA 526 41.90 -36.89 -102.13
C SER QA 526 42.95 -36.78 -103.23
N HIS QA 527 43.50 -35.60 -103.43
CA HIS QA 527 44.45 -35.37 -104.51
C HIS QA 527 45.33 -34.20 -104.12
N LYS QA 528 46.26 -33.87 -105.01
CA LYS QA 528 47.12 -32.70 -104.84
C LYS QA 528 46.47 -31.48 -105.48
N ASP QA 529 47.24 -30.40 -105.57
CA ASP QA 529 46.80 -29.23 -106.32
C ASP QA 529 46.82 -29.53 -107.81
N ASP QA 530 45.81 -29.01 -108.51
CA ASP QA 530 45.70 -29.15 -109.97
C ASP QA 530 45.60 -30.61 -110.40
N GLU QA 531 45.00 -31.44 -109.55
CA GLU QA 531 44.89 -32.87 -109.81
C GLU QA 531 43.51 -33.37 -109.44
N ASP QA 532 42.48 -32.56 -109.66
CA ASP QA 532 41.13 -32.92 -109.27
C ASP QA 532 40.57 -34.10 -110.06
N LYS QA 533 41.23 -34.49 -111.15
CA LYS QA 533 40.80 -35.63 -111.96
C LYS QA 533 41.08 -36.97 -111.31
N PHE QA 534 41.83 -37.00 -110.22
CA PHE QA 534 42.21 -38.24 -109.54
C PHE QA 534 41.53 -38.34 -108.18
N PHE QA 535 41.14 -39.55 -107.82
CA PHE QA 535 40.65 -39.84 -106.48
C PHE QA 535 41.20 -41.18 -106.03
N PRO QA 536 41.37 -41.37 -104.73
CA PRO QA 536 41.77 -42.68 -104.22
C PRO QA 536 40.68 -43.71 -104.49
N MET QA 537 41.11 -44.94 -104.78
CA MET QA 537 40.17 -45.94 -105.28
C MET QA 537 39.08 -46.23 -104.26
N SER QA 538 39.44 -46.32 -102.98
CA SER QA 538 38.46 -46.55 -101.93
C SER QA 538 38.74 -45.61 -100.76
N GLY QA 539 39.04 -44.36 -101.06
CA GLY QA 539 39.39 -43.42 -100.02
C GLY QA 539 38.41 -42.27 -99.88
N VAL QA 540 37.34 -42.31 -100.66
CA VAL QA 540 36.39 -41.21 -100.70
C VAL QA 540 35.00 -41.75 -100.45
N MET QA 541 34.16 -40.92 -99.85
CA MET QA 541 32.74 -41.23 -99.68
C MET QA 541 32.01 -40.92 -100.96
N ILE QA 542 31.32 -41.92 -101.51
CA ILE QA 542 30.62 -41.79 -102.78
C ILE QA 542 29.13 -41.92 -102.51
N PHE QA 543 28.38 -40.87 -102.81
CA PHE QA 543 26.94 -40.88 -102.68
C PHE QA 543 26.32 -41.05 -104.06
N GLY QA 544 25.26 -41.85 -104.12
CA GLY QA 544 24.56 -42.05 -105.37
C GLY QA 544 23.47 -41.01 -105.55
N LYS QA 545 23.34 -40.53 -106.78
CA LYS QA 545 22.22 -39.67 -107.11
C LYS QA 545 20.96 -40.53 -107.26
N GLU QA 546 19.82 -39.86 -107.25
CA GLU QA 546 18.59 -40.55 -107.60
C GLU QA 546 18.67 -41.02 -109.05
N SER QA 547 18.05 -42.18 -109.31
CA SER QA 547 18.23 -42.90 -110.58
C SER QA 547 19.66 -43.40 -110.73
N ALA QA 548 20.23 -43.92 -109.65
CA ALA QA 548 21.47 -44.66 -109.69
C ALA QA 548 21.18 -46.11 -109.35
N GLY QA 549 21.69 -47.02 -110.18
CA GLY QA 549 21.46 -48.42 -109.96
C GLY QA 549 22.17 -48.94 -108.73
N ALA QA 550 21.79 -50.14 -108.33
CA ALA QA 550 22.42 -50.76 -107.17
C ALA QA 550 23.82 -51.28 -107.50
N SER QA 551 24.03 -51.77 -108.72
CA SER QA 551 25.28 -52.39 -109.09
C SER QA 551 25.76 -51.85 -110.43
N ASN QA 552 27.05 -51.54 -110.51
CA ASN QA 552 27.72 -51.12 -111.74
C ASN QA 552 27.04 -49.91 -112.37
N THR QA 553 26.65 -48.94 -111.54
CA THR QA 553 26.13 -47.69 -112.05
C THR QA 553 27.28 -46.84 -112.57
N ALA QA 554 26.94 -45.65 -113.08
CA ALA QA 554 27.92 -44.83 -113.78
C ALA QA 554 28.44 -43.70 -112.91
N LEU QA 555 29.64 -43.24 -113.30
CA LEU QA 555 30.24 -42.07 -112.68
C LEU QA 555 29.31 -40.86 -112.76
N ASP QA 556 28.48 -40.82 -113.80
CA ASP QA 556 27.50 -39.76 -113.92
C ASP QA 556 26.40 -39.92 -112.88
N ASN QA 557 26.16 -41.14 -112.42
CA ASN QA 557 25.11 -41.39 -111.45
C ASN QA 557 25.59 -41.35 -110.01
N VAL QA 558 26.90 -41.30 -109.79
CA VAL QA 558 27.41 -41.17 -108.42
C VAL QA 558 28.02 -39.79 -108.22
N MET QA 559 28.08 -39.38 -106.95
CA MET QA 559 28.74 -38.13 -106.53
C MET QA 559 29.92 -38.48 -105.65
N ILE QA 560 31.12 -38.19 -106.13
CA ILE QA 560 32.36 -38.46 -105.39
C ILE QA 560 32.72 -37.24 -104.56
N THR QA 561 32.96 -37.45 -103.27
CA THR QA 561 33.34 -36.34 -102.41
C THR QA 561 34.83 -36.02 -102.60
N ASP QA 562 35.22 -34.88 -102.05
CA ASP QA 562 36.60 -34.41 -102.11
C ASP QA 562 37.03 -34.00 -100.72
N GLU QA 563 38.27 -34.31 -100.37
CA GLU QA 563 38.87 -33.93 -99.10
C GLU QA 563 40.01 -32.95 -99.32
N GLU QA 564 39.77 -31.95 -100.18
CA GLU QA 564 40.84 -31.07 -100.61
C GLU QA 564 41.23 -30.08 -99.51
N GLU QA 565 40.37 -29.90 -98.50
CA GLU QA 565 40.62 -28.87 -97.50
C GLU QA 565 41.64 -29.29 -96.45
N ILE QA 566 41.94 -30.58 -96.35
CA ILE QA 566 42.83 -31.07 -95.31
C ILE QA 566 44.21 -31.38 -95.86
N LYS QA 567 44.56 -30.81 -97.01
CA LYS QA 567 45.92 -30.89 -97.51
C LYS QA 567 46.91 -30.17 -96.62
N ALA QA 568 46.43 -29.26 -95.77
CA ALA QA 568 47.33 -28.47 -94.94
C ALA QA 568 48.01 -29.32 -93.88
N THR QA 569 47.37 -30.40 -93.43
CA THR QA 569 47.91 -31.23 -92.36
C THR QA 569 47.96 -32.71 -92.68
N ASN QA 570 47.22 -33.19 -93.67
CA ASN QA 570 47.12 -34.61 -93.94
C ASN QA 570 47.84 -34.97 -95.23
N PRO QA 571 48.47 -36.14 -95.29
CA PRO QA 571 49.08 -36.58 -96.55
C PRO QA 571 48.03 -36.85 -97.61
N VAL QA 572 48.44 -36.73 -98.87
CA VAL QA 572 47.56 -37.07 -99.97
C VAL QA 572 47.37 -38.58 -100.03
N ALA QA 573 46.12 -39.00 -100.21
CA ALA QA 573 45.75 -40.40 -100.06
C ALA QA 573 46.46 -41.32 -101.04
N THR QA 574 46.81 -40.83 -102.22
CA THR QA 574 47.35 -41.67 -103.28
C THR QA 574 48.87 -41.64 -103.35
N GLU QA 575 49.54 -40.92 -102.46
CA GLU QA 575 50.99 -40.80 -102.49
C GLU QA 575 51.60 -41.23 -101.16
N ARG QA 576 52.90 -41.48 -101.20
CA ARG QA 576 53.60 -41.99 -100.04
C ARG QA 576 53.64 -40.94 -98.93
N PHE QA 577 53.77 -41.41 -97.69
CA PHE QA 577 54.01 -40.50 -96.58
C PHE QA 577 55.33 -39.76 -96.77
N GLY QA 578 56.35 -40.47 -97.23
CA GLY QA 578 57.65 -39.88 -97.42
C GLY QA 578 58.68 -40.96 -97.70
N THR QA 579 59.94 -40.58 -97.57
CA THR QA 579 61.05 -41.50 -97.74
C THR QA 579 61.78 -41.70 -96.43
N VAL QA 580 62.47 -42.82 -96.34
CA VAL QA 580 63.21 -43.19 -95.14
C VAL QA 580 64.54 -43.79 -95.56
N ALA QA 581 65.58 -43.54 -94.77
CA ALA QA 581 66.87 -44.17 -95.03
C ALA QA 581 66.77 -45.66 -94.75
N VAL QA 582 67.43 -46.46 -95.59
CA VAL QA 582 67.33 -47.91 -95.48
C VAL QA 582 68.69 -48.60 -95.40
N ASN QA 583 69.79 -47.85 -95.34
CA ASN QA 583 71.10 -48.47 -95.26
C ASN QA 583 72.05 -47.49 -94.57
N PHE QA 584 73.33 -47.87 -94.53
CA PHE QA 584 74.40 -47.00 -94.05
C PHE QA 584 75.24 -46.56 -95.24
N GLN QA 585 75.33 -45.26 -95.46
CA GLN QA 585 76.22 -44.74 -96.49
C GLN QA 585 77.66 -44.77 -95.97
N SER QA 586 78.59 -45.06 -96.88
CA SER QA 586 79.99 -45.12 -96.52
C SER QA 586 80.83 -44.90 -97.77
N SER QA 587 82.10 -44.58 -97.55
CA SER QA 587 83.06 -44.42 -98.63
C SER QA 587 83.89 -45.70 -98.79
N SER QA 588 84.53 -45.81 -99.94
CA SER QA 588 85.40 -46.94 -100.21
C SER QA 588 86.65 -46.88 -99.35
N THR QA 589 87.14 -48.06 -98.96
CA THR QA 589 88.35 -48.14 -98.14
C THR QA 589 89.26 -49.27 -98.63
N VAL QA 592 87.87 -51.79 -96.68
CA VAL QA 592 86.60 -52.25 -97.21
C VAL QA 592 86.30 -51.53 -98.51
N PRO QA 593 86.86 -52.03 -99.62
CA PRO QA 593 86.70 -51.32 -100.90
C PRO QA 593 85.36 -51.58 -101.55
N PHE QA 594 84.28 -51.52 -100.78
CA PHE QA 594 82.92 -51.66 -101.27
C PHE QA 594 82.16 -50.41 -100.84
N LYS QA 595 82.21 -49.38 -101.67
CA LYS QA 595 81.49 -48.14 -101.40
C LYS QA 595 79.99 -48.38 -101.37
N THR QA 596 79.32 -47.78 -100.38
CA THR QA 596 77.89 -47.93 -100.21
C THR QA 596 77.22 -46.57 -100.42
N ASP QA 597 76.46 -46.44 -101.49
CA ASP QA 597 75.68 -45.24 -101.71
C ASP QA 597 74.51 -45.19 -100.73
N PRO QA 598 74.12 -44.01 -100.27
CA PRO QA 598 72.91 -43.91 -99.44
C PRO QA 598 71.69 -44.33 -100.22
N ALA QA 599 70.75 -44.96 -99.53
CA ALA QA 599 69.55 -45.50 -100.16
C ALA QA 599 68.32 -45.14 -99.33
N THR QA 600 67.27 -44.72 -100.02
CA THR QA 600 66.01 -44.38 -99.39
C THR QA 600 64.91 -45.28 -99.96
N GLY QA 601 63.88 -45.48 -99.15
CA GLY QA 601 62.71 -46.21 -99.59
C GLY QA 601 61.46 -45.43 -99.28
N ASP QA 602 60.45 -45.62 -100.12
CA ASP QA 602 59.18 -44.94 -99.94
C ASP QA 602 58.40 -45.56 -98.79
N VAL QA 603 57.77 -44.70 -97.99
CA VAL QA 603 56.96 -45.12 -96.85
C VAL QA 603 55.51 -45.00 -97.27
N HIS QA 604 54.84 -46.14 -97.44
CA HIS QA 604 53.49 -46.14 -97.99
C HIS QA 604 52.43 -46.20 -96.90
N ALA QA 605 52.70 -46.89 -95.80
CA ALA QA 605 51.83 -46.91 -94.65
C ALA QA 605 52.62 -46.46 -93.43
N MET QA 606 52.16 -45.39 -92.78
CA MET QA 606 52.84 -44.81 -91.64
C MET QA 606 51.87 -44.75 -90.48
N GLY QA 607 52.21 -45.39 -89.37
CA GLY QA 607 51.43 -45.29 -88.17
C GLY QA 607 51.74 -44.01 -87.42
N ALA QA 608 51.06 -43.84 -86.29
CA ALA QA 608 51.17 -42.60 -85.53
C ALA QA 608 52.57 -42.46 -84.93
N LEU QA 609 53.21 -41.34 -85.22
CA LEU QA 609 54.45 -40.90 -84.62
C LEU QA 609 54.19 -39.72 -83.70
N PRO QA 610 54.92 -39.58 -82.60
CA PRO QA 610 54.76 -38.39 -81.78
C PRO QA 610 55.13 -37.13 -82.56
N GLY QA 611 54.36 -36.08 -82.34
CA GLY QA 611 54.47 -34.87 -83.12
C GLY QA 611 53.55 -34.82 -84.32
N MET QA 612 52.85 -35.90 -84.62
CA MET QA 612 51.92 -35.92 -85.74
C MET QA 612 50.66 -35.13 -85.42
N VAL QA 613 50.16 -34.40 -86.41
CA VAL QA 613 48.90 -33.67 -86.32
C VAL QA 613 48.10 -33.95 -87.58
N TRP QA 614 46.78 -34.05 -87.44
CA TRP QA 614 45.94 -34.36 -88.57
C TRP QA 614 44.54 -33.82 -88.35
N GLN QA 615 43.77 -33.78 -89.43
CA GLN QA 615 42.34 -33.49 -89.38
C GLN QA 615 41.56 -34.75 -89.67
N ASP QA 616 40.36 -34.83 -89.12
CA ASP QA 616 39.48 -35.95 -89.35
C ASP QA 616 38.73 -35.75 -90.67
N ARG QA 617 37.99 -36.77 -91.08
CA ARG QA 617 37.19 -36.68 -92.29
C ARG QA 617 36.05 -35.69 -92.09
N ASP QA 618 35.64 -35.06 -93.19
CA ASP QA 618 34.53 -34.13 -93.16
C ASP QA 618 33.20 -34.87 -93.04
N VAL QA 619 32.22 -34.17 -92.51
CA VAL QA 619 30.84 -34.66 -92.50
C VAL QA 619 30.08 -33.96 -93.61
N TYR QA 620 29.05 -34.64 -94.11
CA TYR QA 620 28.27 -34.14 -95.23
C TYR QA 620 26.80 -34.14 -94.85
N LEU QA 621 26.01 -33.33 -95.57
CA LEU QA 621 24.58 -33.30 -95.31
C LEU QA 621 23.94 -34.65 -95.55
N GLN QA 622 24.46 -35.43 -96.49
CA GLN QA 622 23.96 -36.76 -96.79
C GLN QA 622 24.65 -37.86 -96.01
N GLY QA 623 25.61 -37.51 -95.14
CA GLY QA 623 26.43 -38.50 -94.49
C GLY QA 623 26.00 -38.82 -93.08
N PRO QA 624 26.66 -39.81 -92.47
CA PRO QA 624 26.30 -40.20 -91.11
C PRO QA 624 26.71 -39.17 -90.07
N ILE QA 625 25.99 -39.19 -88.95
CA ILE QA 625 26.26 -38.29 -87.84
C ILE QA 625 27.19 -38.92 -86.83
N TRP QA 626 26.89 -40.11 -86.35
CA TRP QA 626 27.63 -40.73 -85.27
C TRP QA 626 27.92 -42.19 -85.59
N ALA QA 627 28.70 -42.80 -84.71
CA ALA QA 627 28.96 -44.23 -84.74
C ALA QA 627 29.28 -44.68 -83.33
N LYS QA 628 28.84 -45.89 -82.99
CA LYS QA 628 29.21 -46.47 -81.72
C LYS QA 628 30.67 -46.91 -81.75
N ILE QA 629 31.43 -46.47 -80.76
CA ILE QA 629 32.81 -46.93 -80.60
C ILE QA 629 32.79 -48.37 -80.07
N PRO QA 630 33.47 -49.30 -80.72
CA PRO QA 630 33.45 -50.69 -80.24
C PRO QA 630 33.97 -50.79 -78.81
N HIS QA 631 33.32 -51.66 -78.03
CA HIS QA 631 33.71 -51.88 -76.65
C HIS QA 631 34.90 -52.82 -76.62
N THR QA 632 36.09 -52.23 -76.74
CA THR QA 632 37.35 -52.95 -76.79
C THR QA 632 38.26 -52.43 -75.69
N ASP QA 633 39.35 -53.17 -75.46
CA ASP QA 633 40.34 -52.73 -74.47
C ASP QA 633 41.04 -51.46 -74.91
N GLY QA 634 41.40 -51.37 -76.19
CA GLY QA 634 42.10 -50.20 -76.68
C GLY QA 634 41.51 -49.71 -77.99
N HIS QA 635 41.65 -48.41 -78.19
CA HIS QA 635 41.31 -47.78 -79.45
C HIS QA 635 42.08 -46.50 -79.55
N PHE QA 636 42.54 -46.17 -80.76
CA PHE QA 636 43.34 -44.98 -80.99
C PHE QA 636 42.51 -43.97 -81.76
N HIS QA 637 42.27 -42.81 -81.14
CA HIS QA 637 41.53 -41.71 -81.74
C HIS QA 637 40.19 -42.19 -82.28
N PRO QA 638 39.25 -42.54 -81.41
CA PRO QA 638 38.03 -43.25 -81.85
C PRO QA 638 37.03 -42.36 -82.58
N SER QA 639 37.50 -41.76 -83.67
CA SER QA 639 36.65 -41.01 -84.57
C SER QA 639 36.30 -41.88 -85.76
N PRO QA 640 35.02 -42.03 -86.10
CA PRO QA 640 34.65 -42.96 -87.17
C PRO QA 640 35.29 -42.59 -88.49
N LEU QA 641 35.66 -43.62 -89.25
CA LEU QA 641 36.41 -43.37 -90.48
C LEU QA 641 35.51 -42.85 -91.59
N MET QA 642 34.20 -43.11 -91.51
CA MET QA 642 33.28 -42.46 -92.44
C MET QA 642 33.02 -41.02 -92.11
N GLY QA 643 33.43 -40.55 -90.95
CA GLY QA 643 33.17 -39.19 -90.52
C GLY QA 643 32.06 -39.14 -89.50
N GLY QA 644 32.14 -38.16 -88.61
CA GLY QA 644 31.13 -38.01 -87.59
C GLY QA 644 31.68 -38.08 -86.19
N PHE QA 645 30.79 -38.33 -85.23
CA PHE QA 645 31.13 -38.38 -83.82
C PHE QA 645 31.14 -39.83 -83.37
N GLY QA 646 32.26 -40.25 -82.79
CA GLY QA 646 32.32 -41.55 -82.17
C GLY QA 646 31.82 -41.47 -80.74
N LEU QA 647 30.80 -42.22 -80.40
CA LEU QA 647 30.20 -42.19 -79.09
C LEU QA 647 30.32 -43.55 -78.42
N LYS QA 648 30.76 -43.57 -77.17
CA LYS QA 648 30.76 -44.83 -76.42
C LYS QA 648 29.34 -45.30 -76.14
N ASN QA 649 28.46 -44.38 -75.74
CA ASN QA 649 27.04 -44.64 -75.59
C ASN QA 649 26.31 -43.81 -76.63
N PRO QA 650 26.13 -44.31 -77.85
CA PRO QA 650 25.45 -43.55 -78.87
C PRO QA 650 23.95 -43.52 -78.61
N PRO QA 651 23.19 -42.78 -79.41
CA PRO QA 651 21.74 -42.88 -79.32
C PRO QA 651 21.29 -44.32 -79.52
N PRO QA 652 20.49 -44.84 -78.61
CA PRO QA 652 20.14 -46.26 -78.67
C PRO QA 652 19.19 -46.56 -79.83
N GLN QA 653 19.17 -47.83 -80.21
CA GLN QA 653 18.28 -48.28 -81.27
C GLN QA 653 16.85 -48.35 -80.76
N ILE QA 654 15.93 -47.79 -81.53
CA ILE QA 654 14.51 -47.90 -81.27
C ILE QA 654 13.97 -48.99 -82.19
N LEU QA 655 13.45 -50.05 -81.61
CA LEU QA 655 12.99 -51.21 -82.35
C LEU QA 655 11.48 -51.32 -82.22
N ILE QA 656 10.83 -51.59 -83.33
CA ILE QA 656 9.37 -51.54 -83.44
C ILE QA 656 8.92 -52.73 -84.27
N LYS QA 657 7.82 -53.33 -83.86
CA LYS QA 657 7.22 -54.36 -84.71
C LYS QA 657 5.73 -54.42 -84.44
N ASN QA 658 5.00 -55.00 -85.39
CA ASN QA 658 3.57 -55.23 -85.22
C ASN QA 658 3.38 -56.47 -84.37
N THR QA 659 2.53 -56.38 -83.36
CA THR QA 659 2.22 -57.56 -82.57
C THR QA 659 1.43 -58.55 -83.44
N PRO QA 660 1.86 -59.81 -83.52
CA PRO QA 660 1.13 -60.77 -84.37
C PRO QA 660 -0.30 -60.98 -83.89
N VAL QA 661 -1.21 -61.02 -84.84
CA VAL QA 661 -2.62 -61.33 -84.58
C VAL QA 661 -2.93 -62.67 -85.26
N PRO QA 662 -3.14 -63.73 -84.50
CA PRO QA 662 -3.40 -65.03 -85.12
C PRO QA 662 -4.73 -65.05 -85.87
N ALA QA 663 -4.79 -65.87 -86.91
CA ALA QA 663 -6.03 -66.11 -87.60
C ALA QA 663 -6.88 -67.12 -86.81
N ASN QA 664 -7.93 -67.63 -87.44
CA ASN QA 664 -8.86 -68.51 -86.76
C ASN QA 664 -8.18 -69.80 -86.33
N PRO QA 665 -8.16 -70.13 -85.05
CA PRO QA 665 -7.54 -71.37 -84.60
C PRO QA 665 -8.43 -72.56 -84.87
N PRO QA 666 -7.89 -73.77 -84.87
CA PRO QA 666 -8.72 -74.96 -85.07
C PRO QA 666 -9.66 -75.20 -83.91
N ALA QA 667 -10.70 -75.99 -84.17
CA ALA QA 667 -11.65 -76.32 -83.12
C ALA QA 667 -11.03 -77.20 -82.04
N GLU QA 668 -10.18 -78.14 -82.44
CA GLU QA 668 -9.44 -78.99 -81.51
C GLU QA 668 -8.06 -78.40 -81.24
N PHE QA 669 -7.54 -78.67 -80.06
CA PHE QA 669 -6.26 -78.12 -79.63
C PHE QA 669 -5.11 -78.75 -80.40
N SER QA 670 -4.15 -77.92 -80.79
CA SER QA 670 -2.92 -78.34 -81.43
C SER QA 670 -1.76 -77.62 -80.79
N ALA QA 671 -0.75 -78.38 -80.37
CA ALA QA 671 0.42 -77.77 -79.75
C ALA QA 671 1.40 -77.19 -80.76
N THR QA 672 1.22 -77.49 -82.04
CA THR QA 672 2.05 -76.88 -83.07
C THR QA 672 1.88 -75.37 -83.03
N LYS QA 673 3.00 -74.66 -83.08
CA LYS QA 673 2.96 -73.21 -82.97
C LYS QA 673 2.20 -72.60 -84.14
N PHE QA 674 1.59 -71.45 -83.87
CA PHE QA 674 0.75 -70.80 -84.87
C PHE QA 674 1.59 -70.37 -86.06
N ALA QA 675 1.06 -70.61 -87.26
CA ALA QA 675 1.69 -70.16 -88.49
C ALA QA 675 0.75 -69.31 -89.34
N SER QA 676 -0.53 -69.29 -89.02
CA SER QA 676 -1.53 -68.52 -89.76
C SER QA 676 -1.81 -67.24 -88.98
N PHE QA 677 -1.49 -66.11 -89.58
CA PHE QA 677 -1.65 -64.82 -88.94
C PHE QA 677 -2.48 -63.90 -89.81
N ILE QA 678 -3.14 -62.95 -89.16
CA ILE QA 678 -3.87 -61.91 -89.86
C ILE QA 678 -2.84 -60.93 -90.42
N THR QA 679 -2.91 -60.68 -91.73
CA THR QA 679 -1.90 -59.86 -92.40
C THR QA 679 -2.16 -58.39 -92.11
N GLN QA 680 -1.18 -57.71 -91.56
CA GLN QA 680 -1.39 -56.31 -91.22
C GLN QA 680 -0.06 -55.56 -91.22
N TYR QA 681 -0.17 -54.25 -91.34
CA TYR QA 681 0.96 -53.34 -91.24
C TYR QA 681 0.55 -52.19 -90.34
N SER QA 682 1.48 -51.27 -90.11
CA SER QA 682 1.17 -50.10 -89.32
C SER QA 682 1.78 -48.87 -89.95
N THR QA 683 1.21 -47.71 -89.64
CA THR QA 683 1.71 -46.43 -90.11
C THR QA 683 1.66 -45.46 -88.96
N GLY QA 684 2.43 -44.39 -89.07
CA GLY QA 684 2.42 -43.41 -88.01
C GLY QA 684 3.37 -42.28 -88.30
N GLN QA 685 3.56 -41.44 -87.28
CA GLN QA 685 4.44 -40.29 -87.37
C GLN QA 685 5.55 -40.43 -86.34
N VAL QA 686 6.75 -40.01 -86.73
CA VAL QA 686 7.92 -40.05 -85.87
C VAL QA 686 8.53 -38.66 -85.84
N SER QA 687 8.87 -38.18 -84.65
CA SER QA 687 9.52 -36.89 -84.45
C SER QA 687 10.86 -37.10 -83.78
N VAL QA 688 11.89 -36.44 -84.31
CA VAL QA 688 13.21 -36.40 -83.69
C VAL QA 688 13.61 -34.95 -83.55
N GLU QA 689 14.00 -34.56 -82.34
CA GLU QA 689 14.47 -33.21 -82.05
C GLU QA 689 15.87 -33.30 -81.48
N ILE QA 690 16.84 -32.68 -82.13
CA ILE QA 690 18.22 -32.65 -81.66
C ILE QA 690 18.61 -31.22 -81.37
N GLU QA 691 19.12 -30.99 -80.16
CA GLU QA 691 19.83 -29.77 -79.81
C GLU QA 691 21.31 -29.97 -80.11
N TRP QA 692 21.89 -29.03 -80.85
CA TRP QA 692 23.29 -28.99 -81.21
C TRP QA 692 23.94 -27.75 -80.63
N GLU QA 693 25.13 -27.91 -80.06
CA GLU QA 693 25.95 -26.81 -79.61
C GLU QA 693 26.85 -26.34 -80.75
N LEU QA 694 26.91 -25.03 -80.91
CA LEU QA 694 27.70 -24.39 -81.96
C LEU QA 694 28.97 -23.79 -81.37
N GLN QA 695 29.97 -23.69 -82.21
CA GLN QA 695 31.24 -23.06 -81.87
C GLN QA 695 31.47 -22.00 -82.94
N LYS QA 696 31.24 -20.74 -82.56
CA LYS QA 696 31.24 -19.62 -83.47
C LYS QA 696 32.65 -19.27 -83.92
N GLU QA 697 32.75 -18.76 -85.14
CA GLU QA 697 34.00 -18.23 -85.63
C GLU QA 697 34.37 -16.98 -84.84
N ASN QA 698 35.67 -16.78 -84.62
CA ASN QA 698 36.19 -15.58 -83.97
C ASN QA 698 37.33 -15.00 -84.79
N SER QA 699 37.19 -15.01 -86.11
CA SER QA 699 38.31 -14.77 -87.00
C SER QA 699 38.63 -13.29 -87.11
N LYS QA 700 39.91 -13.00 -87.30
CA LYS QA 700 40.40 -11.65 -87.58
C LYS QA 700 40.83 -11.51 -89.03
N ARG QA 701 40.45 -12.45 -89.87
CA ARG QA 701 40.79 -12.41 -91.28
C ARG QA 701 40.17 -11.19 -91.95
N TRP QA 702 40.95 -10.55 -92.83
CA TRP QA 702 40.50 -9.32 -93.46
C TRP QA 702 39.70 -9.57 -94.73
N ASN QA 703 40.22 -10.38 -95.64
CA ASN QA 703 39.55 -10.64 -96.89
C ASN QA 703 38.34 -11.55 -96.67
N PRO QA 704 37.37 -11.52 -97.58
CA PRO QA 704 36.17 -12.35 -97.41
C PRO QA 704 36.49 -13.84 -97.49
N GLU QA 705 35.69 -14.62 -96.79
CA GLU QA 705 35.83 -16.06 -96.72
C GLU QA 705 35.14 -16.74 -97.90
N VAL QA 706 35.51 -17.99 -98.13
CA VAL QA 706 34.80 -18.85 -99.06
C VAL QA 706 33.54 -19.37 -98.37
N GLN QA 707 32.41 -19.23 -99.04
CA GLN QA 707 31.13 -19.66 -98.50
C GLN QA 707 30.49 -20.65 -99.47
N TYR QA 708 29.66 -21.53 -98.94
CA TYR QA 708 28.83 -22.35 -99.79
C TYR QA 708 27.66 -21.50 -100.29
N THR QA 709 27.47 -21.47 -101.60
CA THR QA 709 26.46 -20.62 -102.19
C THR QA 709 25.70 -21.38 -103.27
N SER QA 710 24.45 -20.97 -103.47
CA SER QA 710 23.71 -21.37 -104.65
C SER QA 710 24.26 -20.65 -105.88
N ASN QA 711 24.21 -21.32 -107.01
CA ASN QA 711 24.61 -20.69 -108.26
C ASN QA 711 23.48 -19.81 -108.76
N TYR QA 712 23.81 -18.57 -109.09
CA TYR QA 712 22.85 -17.63 -109.69
C TYR QA 712 22.99 -17.82 -111.21
N ALA QA 713 21.95 -18.39 -111.81
CA ALA QA 713 21.91 -18.57 -113.26
C ALA QA 713 20.56 -19.16 -113.61
N LYS QA 714 20.10 -18.86 -114.82
CA LYS QA 714 18.89 -19.50 -115.29
C LYS QA 714 19.14 -20.99 -115.44
N SER QA 715 18.36 -21.78 -114.71
CA SER QA 715 18.47 -23.22 -114.73
C SER QA 715 17.07 -23.81 -114.86
N ALA QA 716 17.00 -25.01 -115.46
CA ALA QA 716 15.72 -25.65 -115.64
C ALA QA 716 15.08 -26.00 -114.30
N ASN QA 717 15.89 -26.28 -113.29
CA ASN QA 717 15.42 -26.61 -111.96
C ASN QA 717 16.17 -25.80 -110.92
N VAL QA 718 15.64 -25.78 -109.71
CA VAL QA 718 16.33 -25.23 -108.56
C VAL QA 718 16.99 -26.37 -107.81
N ASP QA 719 18.20 -26.14 -107.32
CA ASP QA 719 18.92 -27.16 -106.58
C ASP QA 719 18.23 -27.46 -105.25
N PHE QA 720 18.28 -28.73 -104.86
CA PHE QA 720 17.68 -29.20 -103.62
C PHE QA 720 16.18 -28.94 -103.58
N THR QA 721 15.50 -29.25 -104.67
CA THR QA 721 14.06 -29.10 -104.77
C THR QA 721 13.45 -30.33 -105.42
N VAL QA 722 12.17 -30.27 -105.72
CA VAL QA 722 11.48 -31.33 -106.43
C VAL QA 722 11.44 -30.97 -107.90
N ASP QA 723 11.26 -31.98 -108.75
CA ASP QA 723 11.10 -31.75 -110.17
C ASP QA 723 9.61 -31.74 -110.49
N ASN QA 724 9.27 -31.73 -111.79
CA ASN QA 724 7.86 -31.75 -112.18
C ASN QA 724 7.18 -33.06 -111.86
N ASN QA 725 7.93 -34.12 -111.59
CA ASN QA 725 7.36 -35.40 -111.18
C ASN QA 725 7.22 -35.55 -109.67
N GLY QA 726 7.72 -34.59 -108.90
CA GLY QA 726 7.64 -34.67 -107.46
C GLY QA 726 8.79 -35.34 -106.77
N LEU QA 727 9.91 -35.55 -107.45
CA LEU QA 727 11.04 -36.28 -106.89
C LEU QA 727 12.06 -35.31 -106.33
N TYR QA 728 12.29 -35.40 -105.03
CA TYR QA 728 13.31 -34.58 -104.38
C TYR QA 728 14.69 -35.13 -104.69
N THR QA 729 15.59 -34.25 -105.10
CA THR QA 729 16.95 -34.63 -105.44
C THR QA 729 17.93 -33.68 -104.79
N GLU QA 730 19.12 -34.20 -104.47
CA GLU QA 730 20.22 -33.40 -103.96
C GLU QA 730 21.33 -33.38 -105.01
N PRO QA 731 21.59 -32.25 -105.64
CA PRO QA 731 22.54 -32.22 -106.76
C PRO QA 731 23.97 -32.58 -106.42
N ARG QA 732 24.42 -32.26 -105.21
CA ARG QA 732 25.82 -32.41 -104.87
C ARG QA 732 25.93 -32.68 -103.38
N PRO QA 733 27.02 -33.31 -102.93
CA PRO QA 733 27.27 -33.42 -101.49
C PRO QA 733 27.92 -32.14 -100.96
N ILE QA 734 27.43 -31.65 -99.83
CA ILE QA 734 27.93 -30.43 -99.22
C ILE QA 734 28.70 -30.80 -97.96
N GLY QA 735 29.96 -30.39 -97.88
CA GLY QA 735 30.75 -30.57 -96.69
C GLY QA 735 30.54 -29.43 -95.71
N THR QA 736 31.49 -29.28 -94.80
CA THR QA 736 31.40 -28.29 -93.74
C THR QA 736 32.52 -27.26 -93.77
N ARG QA 737 33.65 -27.57 -94.39
CA ARG QA 737 34.87 -26.78 -94.22
C ARG QA 737 34.89 -25.64 -95.22
N TYR QA 738 34.31 -24.50 -94.85
CA TYR QA 738 34.31 -23.33 -95.71
C TYR QA 738 35.02 -22.16 -95.04
N LEU QA 739 34.68 -21.88 -93.80
CA LEU QA 739 35.43 -20.90 -93.02
C LEU QA 739 36.84 -21.41 -92.81
N THR QA 740 37.76 -20.52 -92.47
CA THR QA 740 39.14 -20.90 -92.23
C THR QA 740 39.61 -20.39 -90.88
N ARG QA 741 40.68 -20.99 -90.39
CA ARG QA 741 41.35 -20.51 -89.19
C ARG QA 741 42.83 -20.82 -89.32
N PRO QA 742 43.70 -20.08 -88.63
CA PRO QA 742 45.13 -20.34 -88.72
C PRO QA 742 45.51 -21.65 -88.06
N LEU QA 743 46.53 -22.30 -88.61
CA LEU QA 743 46.93 -23.61 -88.16
C LEU QA 743 47.67 -23.55 -86.82
N ASP RA 219 -10.27 -49.92 -70.39
CA ASP RA 219 -9.77 -48.56 -70.46
C ASP RA 219 -9.97 -47.94 -71.84
N GLY RA 220 -10.62 -48.67 -72.73
CA GLY RA 220 -10.98 -48.16 -74.04
C GLY RA 220 -10.52 -49.08 -75.16
N VAL RA 221 -11.09 -48.82 -76.33
CA VAL RA 221 -10.74 -49.58 -77.53
C VAL RA 221 -9.33 -49.23 -78.01
N GLY RA 222 -8.97 -47.95 -77.97
CA GLY RA 222 -7.71 -47.52 -78.55
C GLY RA 222 -6.57 -47.34 -77.57
N ASN RA 223 -6.70 -47.93 -76.39
CA ASN RA 223 -5.69 -47.82 -75.35
C ASN RA 223 -5.27 -49.22 -74.94
N ALA RA 224 -3.97 -49.49 -74.99
CA ALA RA 224 -3.46 -50.80 -74.61
C ALA RA 224 -3.56 -50.99 -73.11
N SER RA 225 -3.96 -52.19 -72.68
CA SER RA 225 -4.15 -52.47 -71.26
C SER RA 225 -2.94 -53.13 -70.62
N GLY RA 226 -1.83 -53.26 -71.34
CA GLY RA 226 -0.63 -53.78 -70.72
C GLY RA 226 0.53 -53.67 -71.69
N ASN RA 227 1.72 -53.90 -71.15
CA ASN RA 227 2.96 -53.84 -71.91
C ASN RA 227 3.62 -55.19 -71.94
N TRP RA 228 4.59 -55.34 -72.84
CA TRP RA 228 5.35 -56.57 -72.96
C TRP RA 228 6.44 -56.58 -71.88
N HIS RA 229 6.31 -57.49 -70.94
CA HIS RA 229 7.27 -57.63 -69.84
C HIS RA 229 7.91 -59.02 -69.94
N CYS RA 230 9.02 -59.11 -70.63
CA CYS RA 230 9.77 -60.35 -70.74
C CYS RA 230 11.22 -60.06 -70.40
N ASP RA 231 11.66 -60.52 -69.24
CA ASP RA 231 12.94 -60.09 -68.68
C ASP RA 231 13.38 -61.13 -67.66
N SER RA 232 14.56 -60.91 -67.09
CA SER RA 232 15.07 -61.72 -65.99
C SER RA 232 16.03 -60.87 -65.19
N THR RA 233 15.72 -60.65 -63.92
CA THR RA 233 16.52 -59.81 -63.04
C THR RA 233 17.15 -60.70 -61.97
N TRP RA 234 18.46 -60.60 -61.83
CA TRP RA 234 19.20 -61.39 -60.87
C TRP RA 234 19.63 -60.49 -59.71
N LEU RA 235 19.04 -60.71 -58.56
CA LEU RA 235 19.46 -60.04 -57.34
C LEU RA 235 20.46 -60.95 -56.62
N GLY RA 236 20.81 -60.62 -55.38
CA GLY RA 236 21.79 -61.43 -54.68
C GLY RA 236 21.34 -62.85 -54.44
N ASP RA 237 20.15 -63.01 -53.86
CA ASP RA 237 19.63 -64.33 -53.54
C ASP RA 237 18.30 -64.63 -54.20
N ARG RA 238 17.79 -63.74 -55.04
CA ARG RA 238 16.56 -63.94 -55.77
C ARG RA 238 16.83 -63.82 -57.25
N VAL RA 239 15.97 -64.45 -58.04
CA VAL RA 239 15.89 -64.16 -59.47
C VAL RA 239 14.42 -64.00 -59.82
N ILE RA 240 14.09 -62.95 -60.55
CA ILE RA 240 12.73 -62.69 -60.98
C ILE RA 240 12.67 -62.87 -62.49
N THR RA 241 11.87 -63.83 -62.93
CA THR RA 241 11.70 -64.13 -64.34
C THR RA 241 10.32 -63.67 -64.79
N THR RA 242 10.27 -62.86 -65.83
CA THR RA 242 9.02 -62.40 -66.43
C THR RA 242 8.93 -62.92 -67.86
N SER RA 243 7.75 -63.38 -68.24
CA SER RA 243 7.51 -63.92 -69.58
C SER RA 243 6.18 -63.43 -70.10
N THR RA 244 6.19 -62.84 -71.28
CA THR RA 244 4.97 -62.46 -71.99
C THR RA 244 4.87 -63.30 -73.25
N ARG RA 245 3.67 -63.77 -73.54
CA ARG RA 245 3.39 -64.56 -74.73
C ARG RA 245 2.08 -64.10 -75.34
N THR RA 246 1.90 -64.40 -76.62
CA THR RA 246 0.67 -64.13 -77.33
C THR RA 246 -0.11 -65.42 -77.47
N TRP RA 247 -1.36 -65.40 -77.03
CA TRP RA 247 -2.21 -66.58 -77.04
C TRP RA 247 -3.41 -66.37 -77.95
N ALA RA 248 -3.90 -67.49 -78.49
CA ALA RA 248 -5.14 -67.57 -79.23
C ALA RA 248 -6.04 -68.60 -78.56
N LEU RA 249 -7.28 -68.20 -78.28
CA LEU RA 249 -8.27 -69.05 -77.64
C LEU RA 249 -9.44 -69.24 -78.59
N PRO RA 250 -9.71 -70.46 -79.03
CA PRO RA 250 -10.89 -70.69 -79.88
C PRO RA 250 -12.14 -70.96 -79.07
N THR RA 251 -13.23 -71.27 -79.75
CA THR RA 251 -14.42 -71.78 -79.10
C THR RA 251 -14.35 -73.30 -79.09
N TYR RA 252 -14.48 -73.89 -77.90
CA TYR RA 252 -14.37 -75.32 -77.73
C TYR RA 252 -15.75 -75.92 -77.54
N ASN RA 253 -16.02 -77.02 -78.26
CA ASN RA 253 -17.24 -77.82 -78.12
C ASN RA 253 -18.50 -77.10 -78.56
N ASN RA 254 -18.37 -75.98 -79.27
CA ASN RA 254 -19.51 -75.11 -79.57
C ASN RA 254 -20.20 -74.66 -78.29
N HIS RA 255 -19.41 -74.26 -77.30
CA HIS RA 255 -19.90 -73.75 -76.02
C HIS RA 255 -20.67 -74.81 -75.23
N LEU RA 256 -20.36 -76.08 -75.46
CA LEU RA 256 -21.10 -77.17 -74.83
C LEU RA 256 -20.22 -77.92 -73.86
N TYR RA 257 -20.85 -78.45 -72.81
CA TYR RA 257 -20.24 -79.43 -71.93
C TYR RA 257 -20.59 -80.80 -72.47
N LYS RA 258 -19.60 -81.63 -72.72
CA LYS RA 258 -19.82 -82.95 -73.28
C LYS RA 258 -19.28 -84.02 -72.34
N GLN RA 259 -20.01 -85.12 -72.24
CA GLN RA 259 -19.58 -86.27 -71.46
C GLN RA 259 -18.76 -87.18 -72.34
N ILE RA 260 -17.54 -87.50 -71.92
CA ILE RA 260 -16.63 -88.32 -72.69
C ILE RA 260 -16.31 -89.57 -71.90
N SER RA 261 -16.14 -90.67 -72.62
CA SER RA 261 -15.77 -91.95 -72.02
C SER RA 261 -15.06 -92.79 -73.07
N SER RA 262 -14.78 -94.03 -72.72
CA SER RA 262 -14.07 -94.96 -73.60
C SER RA 262 -15.00 -95.96 -74.27
N ALA RA 263 -16.32 -95.79 -74.11
CA ALA RA 263 -17.26 -96.77 -74.62
C ALA RA 263 -17.20 -96.88 -76.14
N SER RA 264 -17.16 -95.74 -76.84
CA SER RA 264 -17.03 -95.79 -78.28
C SER RA 264 -15.61 -96.15 -78.69
N THR RA 265 -14.62 -95.79 -77.89
CA THR RA 265 -13.23 -96.12 -78.21
C THR RA 265 -13.02 -97.63 -78.22
N GLY RA 266 -13.67 -98.36 -77.33
CA GLY RA 266 -13.44 -99.79 -77.24
C GLY RA 266 -12.06 -100.14 -76.76
N ALA RA 267 -11.59 -99.46 -75.71
CA ALA RA 267 -10.25 -99.65 -75.19
C ALA RA 267 -10.18 -100.88 -74.29
N SER RA 268 -8.98 -101.19 -73.83
CA SER RA 268 -8.79 -102.27 -72.88
C SER RA 268 -9.27 -101.82 -71.49
N ASN RA 269 -9.37 -102.79 -70.57
CA ASN RA 269 -9.84 -102.49 -69.23
C ASN RA 269 -8.92 -101.50 -68.52
N ASP RA 270 -7.63 -101.49 -68.87
CA ASP RA 270 -6.69 -100.57 -68.25
C ASP RA 270 -6.84 -99.15 -68.73
N ASN RA 271 -7.43 -98.94 -69.90
CA ASN RA 271 -7.52 -97.61 -70.52
C ASN RA 271 -8.93 -97.03 -70.46
N HIS RA 272 -9.83 -97.66 -69.71
CA HIS RA 272 -11.18 -97.15 -69.57
C HIS RA 272 -11.20 -95.85 -68.79
N TYR RA 273 -12.10 -94.95 -69.16
CA TYR RA 273 -12.23 -93.69 -68.45
C TYR RA 273 -13.63 -93.12 -68.63
N PHE RA 274 -13.97 -92.19 -67.74
CA PHE RA 274 -15.21 -91.44 -67.81
C PHE RA 274 -14.92 -90.04 -67.33
N GLY RA 275 -15.42 -89.05 -68.06
CA GLY RA 275 -15.16 -87.68 -67.67
C GLY RA 275 -15.97 -86.71 -68.46
N TYR RA 276 -15.52 -85.46 -68.44
CA TYR RA 276 -16.23 -84.37 -69.09
C TYR RA 276 -15.26 -83.46 -69.82
N SER RA 277 -15.73 -82.94 -70.94
CA SER RA 277 -15.03 -81.94 -71.75
C SER RA 277 -15.76 -80.62 -71.60
N THR RA 278 -15.07 -79.58 -71.17
CA THR RA 278 -15.74 -78.31 -71.01
C THR RA 278 -15.43 -77.38 -72.18
N PRO RA 279 -16.22 -76.34 -72.39
CA PRO RA 279 -15.89 -75.33 -73.40
C PRO RA 279 -14.79 -74.36 -72.98
N TRP RA 280 -14.20 -74.54 -71.82
CA TRP RA 280 -13.18 -73.63 -71.31
C TRP RA 280 -11.79 -74.10 -71.73
N GLY RA 281 -10.87 -73.14 -71.84
CA GLY RA 281 -9.47 -73.41 -71.91
C GLY RA 281 -8.81 -72.98 -70.61
N TYR RA 282 -7.55 -73.38 -70.45
CA TYR RA 282 -6.82 -73.02 -69.24
C TYR RA 282 -5.42 -72.54 -69.62
N PHE RA 283 -4.84 -71.76 -68.71
CA PHE RA 283 -3.50 -71.24 -68.89
C PHE RA 283 -2.51 -72.11 -68.12
N ASP RA 284 -1.46 -72.54 -68.81
CA ASP RA 284 -0.45 -73.42 -68.24
C ASP RA 284 0.93 -72.80 -68.41
N PHE RA 285 1.65 -72.66 -67.31
CA PHE RA 285 3.04 -72.22 -67.35
C PHE RA 285 3.85 -73.10 -66.39
N ASN RA 286 3.59 -74.40 -66.43
CA ASN RA 286 4.21 -75.35 -65.53
C ASN RA 286 5.39 -76.07 -66.16
N ARG RA 287 6.19 -75.37 -66.94
CA ARG RA 287 7.47 -75.86 -67.41
C ARG RA 287 8.53 -74.80 -67.16
N PHE RA 288 9.77 -75.24 -66.98
CA PHE RA 288 10.80 -74.30 -66.59
C PHE RA 288 11.21 -73.38 -67.73
N HIS RA 289 11.07 -73.83 -68.97
CA HIS RA 289 11.45 -73.00 -70.10
C HIS RA 289 10.39 -71.96 -70.45
N CYS RA 290 9.21 -72.01 -69.82
CA CYS RA 290 8.27 -70.91 -69.93
C CYS RA 290 8.79 -69.67 -69.20
N HIS RA 291 9.78 -69.83 -68.34
CA HIS RA 291 10.27 -68.75 -67.50
C HIS RA 291 11.76 -68.49 -67.66
N PHE RA 292 12.57 -69.51 -67.94
CA PHE RA 292 14.01 -69.35 -68.05
C PHE RA 292 14.42 -69.49 -69.51
N SER RA 293 15.22 -68.55 -70.00
CA SER RA 293 15.94 -68.78 -71.22
C SER RA 293 17.04 -69.80 -70.95
N PRO RA 294 17.56 -70.46 -71.99
CA PRO RA 294 18.69 -71.38 -71.75
C PRO RA 294 19.89 -70.72 -71.09
N ARG RA 295 20.18 -69.47 -71.43
CA ARG RA 295 21.25 -68.74 -70.76
C ARG RA 295 20.95 -68.53 -69.28
N ASP RA 296 19.72 -68.17 -68.94
CA ASP RA 296 19.34 -68.00 -67.55
C ASP RA 296 19.39 -69.32 -66.80
N TRP RA 297 18.97 -70.40 -67.43
CA TRP RA 297 19.04 -71.72 -66.82
C TRP RA 297 20.48 -72.11 -66.54
N GLN RA 298 21.37 -71.86 -67.50
CA GLN RA 298 22.78 -72.15 -67.28
C GLN RA 298 23.36 -71.30 -66.15
N ARG RA 299 23.00 -70.02 -66.12
CA ARG RA 299 23.44 -69.16 -65.04
C ARG RA 299 22.96 -69.64 -63.69
N LEU RA 300 21.74 -70.15 -63.62
CA LEU RA 300 21.21 -70.68 -62.37
C LEU RA 300 21.94 -71.95 -61.94
N ILE RA 301 22.05 -72.91 -62.86
CA ILE RA 301 22.54 -74.24 -62.50
C ILE RA 301 24.05 -74.28 -62.32
N ASN RA 302 24.79 -73.36 -62.92
CA ASN RA 302 26.23 -73.34 -62.76
C ASN RA 302 26.68 -72.63 -61.50
N ASN RA 303 25.78 -71.95 -60.81
CA ASN RA 303 26.16 -71.08 -59.71
C ASN RA 303 25.41 -71.31 -58.43
N ASN RA 304 24.28 -72.02 -58.46
CA ASN RA 304 23.45 -72.15 -57.28
C ASN RA 304 23.38 -73.59 -56.82
N TRP RA 305 23.42 -73.79 -55.51
CA TRP RA 305 23.24 -75.11 -54.92
C TRP RA 305 21.77 -75.50 -54.82
N GLY RA 306 20.86 -74.54 -54.86
CA GLY RA 306 19.46 -74.90 -54.84
C GLY RA 306 18.59 -73.73 -55.21
N PHE RA 307 17.32 -74.03 -55.48
CA PHE RA 307 16.41 -72.94 -55.78
C PHE RA 307 14.98 -73.38 -55.50
N ARG RA 308 14.09 -72.39 -55.36
CA ARG RA 308 12.68 -72.68 -55.14
C ARG RA 308 11.87 -71.45 -55.52
N PRO RA 309 10.57 -71.61 -55.81
CA PRO RA 309 9.74 -70.45 -56.11
C PRO RA 309 9.12 -69.80 -54.88
N LYS RA 310 9.13 -68.47 -54.87
CA LYS RA 310 8.60 -67.64 -53.82
C LYS RA 310 7.25 -67.04 -54.17
N ARG RA 311 7.12 -66.37 -55.31
CA ARG RA 311 5.83 -65.75 -55.58
C ARG RA 311 5.63 -65.61 -57.09
N LEU RA 312 4.38 -65.35 -57.48
CA LEU RA 312 4.10 -65.12 -58.90
C LEU RA 312 2.99 -64.11 -59.08
N ASN RA 313 3.06 -63.42 -60.22
CA ASN RA 313 2.05 -62.51 -60.73
C ASN RA 313 1.62 -62.98 -62.10
N PHE RA 314 0.32 -62.94 -62.35
CA PHE RA 314 -0.26 -63.33 -63.62
C PHE RA 314 -1.07 -62.17 -64.14
N LYS RA 315 -0.88 -61.83 -65.40
CA LYS RA 315 -1.64 -60.76 -66.03
C LYS RA 315 -2.12 -61.20 -67.40
N LEU RA 316 -3.32 -60.78 -67.74
CA LEU RA 316 -3.96 -61.07 -69.02
C LEU RA 316 -4.42 -59.75 -69.59
N PHE RA 317 -3.94 -59.39 -70.77
CA PHE RA 317 -4.15 -58.04 -71.26
C PHE RA 317 -4.22 -58.04 -72.78
N ASN RA 318 -4.72 -56.93 -73.32
CA ASN RA 318 -4.83 -56.69 -74.76
C ASN RA 318 -5.72 -57.73 -75.42
N ILE RA 319 -6.94 -57.85 -74.90
CA ILE RA 319 -7.90 -58.82 -75.42
C ILE RA 319 -8.46 -58.33 -76.74
N GLN RA 320 -8.51 -59.21 -77.73
CA GLN RA 320 -9.15 -58.93 -79.01
C GLN RA 320 -10.03 -60.10 -79.37
N VAL RA 321 -11.33 -59.87 -79.46
CA VAL RA 321 -12.26 -60.89 -79.92
C VAL RA 321 -12.48 -60.69 -81.41
N LYS RA 322 -12.36 -61.77 -82.17
CA LYS RA 322 -12.48 -61.74 -83.61
C LYS RA 322 -13.64 -62.63 -84.06
N GLU RA 323 -14.51 -62.07 -84.88
CA GLU RA 323 -15.60 -62.78 -85.52
C GLU RA 323 -15.16 -63.36 -86.86
N VAL RA 324 -15.55 -64.60 -87.13
CA VAL RA 324 -15.15 -65.32 -88.34
C VAL RA 324 -16.39 -65.74 -89.11
N THR RA 325 -16.42 -65.42 -90.41
CA THR RA 325 -17.48 -65.88 -91.30
C THR RA 325 -16.86 -66.52 -92.53
N THR RA 326 -17.24 -67.75 -92.83
CA THR RA 326 -16.77 -68.43 -94.04
C THR RA 326 -17.95 -68.54 -95.01
N ASN RA 327 -17.82 -67.89 -96.16
CA ASN RA 327 -18.82 -67.93 -97.22
C ASN RA 327 -18.15 -68.30 -98.54
N ASP RA 328 -18.73 -69.27 -99.23
CA ASP RA 328 -18.25 -69.72 -100.54
C ASP RA 328 -16.78 -70.11 -100.49
N GLY RA 329 -16.31 -70.53 -99.32
CA GLY RA 329 -14.94 -70.96 -99.15
C GLY RA 329 -13.98 -69.88 -98.71
N VAL RA 330 -14.37 -68.60 -98.76
CA VAL RA 330 -13.50 -67.51 -98.36
C VAL RA 330 -13.89 -67.06 -96.96
N THR RA 331 -12.88 -66.74 -96.16
CA THR RA 331 -13.04 -66.46 -94.74
C THR RA 331 -12.79 -64.99 -94.46
N THR RA 332 -13.73 -64.35 -93.78
CA THR RA 332 -13.64 -62.98 -93.33
C THR RA 332 -13.48 -62.96 -91.82
N ILE RA 333 -12.52 -62.19 -91.34
CA ILE RA 333 -12.31 -61.98 -89.91
C ILE RA 333 -12.50 -60.51 -89.62
N ALA RA 334 -13.31 -60.20 -88.62
CA ALA RA 334 -13.56 -58.83 -88.21
C ALA RA 334 -13.37 -58.73 -86.70
N ASN RA 335 -13.27 -57.50 -86.22
CA ASN RA 335 -13.21 -57.27 -84.79
C ASN RA 335 -14.61 -57.22 -84.20
N ASN RA 336 -14.78 -57.86 -83.06
CA ASN RA 336 -16.03 -57.79 -82.30
C ASN RA 336 -15.72 -57.00 -81.04
N LEU RA 337 -16.04 -55.70 -81.08
CA LEU RA 337 -15.61 -54.80 -80.01
C LEU RA 337 -16.41 -54.98 -78.73
N THR RA 338 -17.57 -55.60 -78.78
CA THR RA 338 -18.44 -55.71 -77.63
C THR RA 338 -18.50 -57.11 -77.04
N SER RA 339 -17.67 -58.03 -77.51
CA SER RA 339 -17.67 -59.39 -76.99
C SER RA 339 -16.71 -59.49 -75.80
N THR RA 340 -16.93 -60.52 -74.98
CA THR RA 340 -16.18 -60.70 -73.75
C THR RA 340 -15.53 -62.07 -73.70
N VAL RA 341 -14.46 -62.14 -72.93
CA VAL RA 341 -13.89 -63.41 -72.47
C VAL RA 341 -14.09 -63.49 -70.96
N GLN RA 342 -14.55 -64.64 -70.49
CA GLN RA 342 -14.67 -64.90 -69.06
C GLN RA 342 -13.39 -65.55 -68.57
N VAL RA 343 -12.83 -65.01 -67.49
CA VAL RA 343 -11.62 -65.52 -66.88
C VAL RA 343 -11.87 -65.69 -65.39
N PHE RA 344 -11.44 -66.81 -64.83
CA PHE RA 344 -11.43 -66.91 -63.38
C PHE RA 344 -10.29 -67.80 -62.94
N SER RA 345 -9.85 -67.58 -61.70
CA SER RA 345 -8.81 -68.37 -61.07
C SER RA 345 -9.45 -69.27 -60.02
N ASP RA 346 -9.11 -70.55 -60.04
CA ASP RA 346 -9.69 -71.51 -59.11
C ASP RA 346 -8.84 -71.53 -57.84
N SER RA 347 -8.96 -70.46 -57.06
CA SER RA 347 -8.09 -70.23 -55.92
C SER RA 347 -8.39 -71.14 -54.74
N GLU RA 348 -9.58 -71.72 -54.68
CA GLU RA 348 -9.95 -72.62 -53.59
C GLU RA 348 -9.83 -74.09 -53.96
N TYR RA 349 -9.29 -74.39 -55.15
CA TYR RA 349 -9.04 -75.76 -55.59
C TYR RA 349 -10.31 -76.60 -55.51
N GLN RA 350 -11.40 -76.04 -56.00
CA GLN RA 350 -12.69 -76.71 -56.03
C GLN RA 350 -12.89 -77.52 -57.30
N LEU RA 351 -12.01 -77.41 -58.25
CA LEU RA 351 -12.05 -78.10 -59.53
C LEU RA 351 -11.00 -79.19 -59.56
N PRO RA 352 -11.18 -80.19 -60.41
CA PRO RA 352 -10.10 -81.15 -60.63
C PRO RA 352 -8.87 -80.46 -61.19
N TYR RA 353 -7.71 -80.76 -60.61
CA TYR RA 353 -6.46 -80.13 -61.00
C TYR RA 353 -5.82 -80.96 -62.10
N VAL RA 354 -5.91 -80.46 -63.34
CA VAL RA 354 -5.32 -81.19 -64.47
C VAL RA 354 -3.92 -80.72 -64.79
N LEU RA 355 -3.47 -79.63 -64.17
CA LEU RA 355 -2.06 -79.27 -64.27
C LEU RA 355 -1.25 -80.28 -63.47
N GLY RA 356 0.05 -80.34 -63.75
CA GLY RA 356 0.88 -81.31 -63.07
C GLY RA 356 0.79 -82.71 -63.63
N SER RA 357 0.20 -82.88 -64.81
CA SER RA 357 0.21 -84.16 -65.51
C SER RA 357 1.08 -84.11 -66.76
N ALA RA 358 1.89 -83.06 -66.91
CA ALA RA 358 2.84 -82.91 -68.02
C ALA RA 358 2.15 -82.86 -69.37
N HIS RA 359 1.17 -81.97 -69.49
CA HIS RA 359 0.41 -81.85 -70.73
C HIS RA 359 0.96 -80.74 -71.61
N GLN RA 360 0.67 -80.86 -72.90
CA GLN RA 360 0.98 -79.80 -73.85
C GLN RA 360 0.07 -78.60 -73.61
N GLY RA 361 0.47 -77.46 -74.16
CA GLY RA 361 -0.33 -76.27 -74.03
C GLY RA 361 0.25 -75.20 -73.12
N CYS RA 362 1.46 -75.42 -72.62
CA CYS RA 362 2.14 -74.41 -71.84
C CYS RA 362 2.55 -73.23 -72.73
N LEU RA 363 3.01 -72.17 -72.09
CA LEU RA 363 3.63 -71.10 -72.85
C LEU RA 363 4.85 -71.64 -73.59
N PRO RA 364 5.04 -71.28 -74.84
CA PRO RA 364 6.18 -71.80 -75.60
C PRO RA 364 7.49 -71.32 -75.03
N PRO RA 365 8.57 -72.08 -75.19
CA PRO RA 365 9.88 -71.62 -74.67
C PRO RA 365 10.36 -70.33 -75.32
N PHE RA 366 10.12 -70.16 -76.60
CA PHE RA 366 10.59 -68.98 -77.32
C PHE RA 366 9.57 -67.86 -77.19
N PRO RA 367 9.97 -66.68 -76.73
CA PRO RA 367 9.00 -65.59 -76.50
C PRO RA 367 8.32 -65.09 -77.76
N ALA RA 368 8.85 -65.38 -78.94
CA ALA RA 368 8.23 -64.93 -80.18
C ALA RA 368 7.10 -65.84 -80.64
N ASP RA 369 6.90 -66.98 -80.00
CA ASP RA 369 5.93 -67.95 -80.47
C ASP RA 369 4.54 -67.64 -79.95
N VAL RA 370 3.54 -67.82 -80.81
CA VAL RA 370 2.15 -67.62 -80.47
C VAL RA 370 1.52 -68.98 -80.23
N PHE RA 371 0.83 -69.13 -79.10
CA PHE RA 371 0.35 -70.44 -78.70
C PHE RA 371 -1.16 -70.48 -78.55
N MET RA 372 -1.72 -71.64 -78.87
CA MET RA 372 -3.14 -71.91 -78.72
C MET RA 372 -3.41 -72.39 -77.30
N ILE RA 373 -4.52 -71.94 -76.74
CA ILE RA 373 -4.85 -72.29 -75.36
C ILE RA 373 -5.52 -73.67 -75.33
N PRO RA 374 -5.04 -74.59 -74.49
CA PRO RA 374 -5.61 -75.94 -74.46
C PRO RA 374 -6.97 -76.00 -73.81
N GLN RA 375 -7.77 -76.98 -74.24
CA GLN RA 375 -9.11 -77.14 -73.72
C GLN RA 375 -9.09 -77.79 -72.35
N TYR RA 376 -10.03 -77.39 -71.49
CA TYR RA 376 -10.15 -77.97 -70.17
C TYR RA 376 -11.08 -79.18 -70.19
N GLY RA 377 -10.66 -80.24 -69.54
CA GLY RA 377 -11.48 -81.41 -69.36
C GLY RA 377 -10.95 -82.16 -68.17
N TYR RA 378 -11.79 -82.99 -67.59
CA TYR RA 378 -11.39 -83.73 -66.41
C TYR RA 378 -11.98 -85.13 -66.48
N LEU RA 379 -11.45 -86.00 -65.64
CA LEU RA 379 -11.94 -87.36 -65.48
C LEU RA 379 -12.52 -87.50 -64.08
N THR RA 380 -13.49 -88.37 -63.93
CA THR RA 380 -14.11 -88.65 -62.65
C THR RA 380 -14.12 -90.16 -62.44
N LEU RA 381 -14.67 -90.59 -61.31
CA LEU RA 381 -14.72 -92.01 -60.99
C LEU RA 381 -15.43 -92.77 -62.09
N ASN RA 382 -14.85 -93.89 -62.50
CA ASN RA 382 -15.43 -94.71 -63.54
C ASN RA 382 -15.38 -96.18 -63.16
N ASN RA 383 -16.38 -96.91 -63.61
CA ASN RA 383 -16.47 -98.36 -63.48
C ASN RA 383 -16.48 -98.92 -64.90
N GLY RA 384 -15.29 -99.10 -65.45
CA GLY RA 384 -15.20 -99.39 -66.87
C GLY RA 384 -15.38 -98.10 -67.64
N SER RA 385 -16.25 -98.13 -68.63
CA SER RA 385 -16.62 -96.91 -69.36
C SER RA 385 -17.82 -96.21 -68.74
N GLN RA 386 -18.33 -96.71 -67.61
CA GLN RA 386 -19.51 -96.15 -66.97
C GLN RA 386 -19.10 -95.28 -65.79
N ALA RA 387 -20.05 -94.54 -65.26
CA ALA RA 387 -19.86 -93.71 -64.09
C ALA RA 387 -20.38 -94.44 -62.86
N VAL RA 388 -20.25 -93.79 -61.71
CA VAL RA 388 -20.79 -94.28 -60.45
C VAL RA 388 -21.59 -93.15 -59.82
N GLY RA 389 -22.15 -93.43 -58.64
CA GLY RA 389 -22.91 -92.41 -57.94
C GLY RA 389 -22.05 -91.26 -57.46
N ARG RA 390 -20.81 -91.55 -57.07
CA ARG RA 390 -19.90 -90.56 -56.54
C ARG RA 390 -19.10 -89.87 -57.63
N SER RA 391 -19.36 -90.18 -58.90
CA SER RA 391 -18.77 -89.44 -59.99
C SER RA 391 -19.28 -88.01 -59.96
N SER RA 392 -18.36 -87.05 -60.05
CA SER RA 392 -18.72 -85.65 -59.94
C SER RA 392 -18.82 -85.00 -61.31
N PHE RA 393 -19.63 -83.97 -61.38
CA PHE RA 393 -19.75 -83.12 -62.54
C PHE RA 393 -19.58 -81.69 -62.08
N TYR RA 394 -18.81 -80.90 -62.82
CA TYR RA 394 -18.52 -79.52 -62.47
C TYR RA 394 -18.92 -78.64 -63.64
N CYS RA 395 -19.88 -77.75 -63.41
CA CYS RA 395 -20.13 -76.65 -64.32
C CYS RA 395 -19.18 -75.53 -63.96
N LEU RA 396 -18.36 -75.10 -64.91
CA LEU RA 396 -17.43 -74.01 -64.64
C LEU RA 396 -18.09 -72.65 -64.75
N GLU RA 397 -19.29 -72.57 -65.31
CA GLU RA 397 -20.09 -71.36 -65.24
C GLU RA 397 -20.70 -71.14 -63.87
N TYR RA 398 -20.62 -72.14 -63.00
CA TYR RA 398 -21.06 -72.03 -61.62
C TYR RA 398 -20.02 -71.37 -60.73
N PHE RA 399 -19.08 -70.66 -61.31
CA PHE RA 399 -18.06 -69.89 -60.61
C PHE RA 399 -18.23 -68.41 -60.94
N PRO RA 400 -17.82 -67.52 -60.04
CA PRO RA 400 -17.71 -66.10 -60.41
C PRO RA 400 -16.56 -65.88 -61.37
N SER RA 401 -16.86 -65.30 -62.52
CA SER RA 401 -15.87 -65.01 -63.54
C SER RA 401 -15.80 -63.50 -63.74
N GLN RA 402 -14.63 -63.03 -64.14
CA GLN RA 402 -14.48 -61.67 -64.60
C GLN RA 402 -14.68 -61.66 -66.11
N MET RA 403 -15.58 -60.80 -66.58
CA MET RA 403 -15.85 -60.63 -68.00
C MET RA 403 -15.01 -59.48 -68.53
N LEU RA 404 -14.23 -59.75 -69.58
CA LEU RA 404 -13.27 -58.81 -70.12
C LEU RA 404 -13.66 -58.46 -71.54
N ARG RA 405 -13.90 -57.18 -71.77
CA ARG RA 405 -14.01 -56.66 -73.13
C ARG RA 405 -12.62 -56.24 -73.59
N THR RA 406 -12.52 -55.61 -74.76
CA THR RA 406 -11.22 -55.37 -75.35
C THR RA 406 -10.39 -54.35 -74.58
N GLY RA 407 -10.98 -53.60 -73.66
CA GLY RA 407 -10.23 -52.62 -72.90
C GLY RA 407 -9.88 -53.06 -71.50
N ASN RA 408 -10.26 -54.27 -71.11
CA ASN RA 408 -10.08 -54.76 -69.76
C ASN RA 408 -8.87 -55.68 -69.67
N ASN RA 409 -8.35 -55.80 -68.46
CA ASN RA 409 -7.29 -56.76 -68.16
C ASN RA 409 -7.62 -57.52 -66.89
N PHE RA 410 -6.82 -58.54 -66.62
CA PHE RA 410 -7.03 -59.45 -65.50
C PHE RA 410 -5.70 -59.64 -64.78
N THR RA 411 -5.70 -59.49 -63.47
CA THR RA 411 -4.48 -59.68 -62.69
C THR RA 411 -4.73 -60.66 -61.56
N PHE RA 412 -3.67 -61.33 -61.12
CA PHE RA 412 -3.81 -62.31 -60.06
C PHE RA 412 -2.44 -62.56 -59.44
N SER RA 413 -2.36 -62.48 -58.11
CA SER RA 413 -1.11 -62.74 -57.40
C SER RA 413 -1.21 -64.01 -56.59
N TYR RA 414 -0.07 -64.67 -56.40
CA TYR RA 414 -0.04 -65.92 -55.66
C TYR RA 414 1.29 -66.03 -54.93
N THR RA 415 1.25 -66.55 -53.72
CA THR RA 415 2.45 -66.80 -52.93
C THR RA 415 2.62 -68.29 -52.73
N PHE RA 416 3.82 -68.79 -53.03
CA PHE RA 416 4.12 -70.19 -52.81
C PHE RA 416 4.29 -70.47 -51.33
N GLU RA 417 3.89 -71.67 -50.91
CA GLU RA 417 4.19 -72.14 -49.58
C GLU RA 417 5.68 -72.42 -49.45
N GLU RA 418 6.13 -72.54 -48.21
CA GLU RA 418 7.54 -72.81 -47.94
C GLU RA 418 7.83 -74.25 -48.34
N VAL RA 419 8.37 -74.42 -49.54
CA VAL RA 419 8.73 -75.72 -50.09
C VAL RA 419 10.24 -75.85 -49.93
N PRO RA 420 10.79 -77.05 -49.79
CA PRO RA 420 12.25 -77.18 -49.75
C PRO RA 420 12.89 -76.79 -51.08
N PHE RA 421 14.13 -76.29 -50.98
CA PHE RA 421 14.91 -76.00 -52.17
C PHE RA 421 15.11 -77.26 -52.99
N HIS RA 422 14.96 -77.14 -54.29
CA HIS RA 422 15.44 -78.19 -55.17
C HIS RA 422 16.96 -78.14 -55.20
N SER RA 423 17.56 -79.33 -55.23
CA SER RA 423 19.00 -79.54 -55.14
C SER RA 423 19.63 -79.44 -56.51
N SER RA 424 20.32 -78.33 -56.79
CA SER RA 424 21.06 -78.16 -58.03
C SER RA 424 22.48 -78.67 -57.91
N TYR RA 425 22.72 -79.67 -57.07
CA TYR RA 425 24.06 -80.18 -56.82
C TYR RA 425 24.06 -81.70 -56.96
N ALA RA 426 25.22 -82.23 -57.26
CA ALA RA 426 25.57 -83.62 -57.06
C ALA RA 426 26.38 -83.76 -55.79
N HIS RA 427 26.58 -85.00 -55.36
CA HIS RA 427 27.39 -85.29 -54.19
C HIS RA 427 28.79 -85.70 -54.62
N SER RA 428 29.79 -85.14 -53.93
CA SER RA 428 31.18 -85.48 -54.18
C SER RA 428 31.60 -86.78 -53.52
N GLN RA 429 30.78 -87.33 -52.64
CA GLN RA 429 31.06 -88.59 -51.98
C GLN RA 429 29.93 -89.56 -52.24
N SER RA 430 30.25 -90.84 -52.18
CA SER RA 430 29.25 -91.90 -52.25
C SER RA 430 28.88 -92.31 -50.82
N LEU RA 431 27.67 -92.86 -50.70
CA LEU RA 431 27.16 -93.18 -49.37
C LEU RA 431 27.93 -94.32 -48.71
N ASP RA 432 28.46 -95.24 -49.50
CA ASP RA 432 29.26 -96.34 -48.98
C ASP RA 432 30.74 -96.00 -48.90
N ARG RA 433 31.09 -94.73 -49.01
CA ARG RA 433 32.48 -94.27 -49.00
C ARG RA 433 32.60 -93.03 -48.13
N LEU RA 434 31.97 -93.03 -46.96
CA LEU RA 434 31.94 -91.88 -46.08
C LEU RA 434 32.97 -91.97 -44.96
N MET RA 435 33.85 -92.95 -45.01
CA MET RA 435 34.79 -93.24 -43.93
C MET RA 435 36.12 -92.54 -44.17
N ASN RA 436 36.91 -92.48 -43.11
CA ASN RA 436 38.32 -92.12 -43.24
C ASN RA 436 39.06 -93.29 -43.86
N PRO RA 437 39.71 -93.12 -45.01
CA PRO RA 437 40.42 -94.22 -45.65
C PRO RA 437 41.78 -94.56 -45.04
N LEU RA 438 42.17 -93.91 -43.94
CA LEU RA 438 43.45 -94.17 -43.31
C LEU RA 438 43.34 -94.86 -41.97
N ILE RA 439 42.23 -94.68 -41.27
CA ILE RA 439 42.08 -95.15 -39.90
C ILE RA 439 41.19 -96.39 -39.90
N ASP RA 440 41.50 -97.34 -39.02
CA ASP RA 440 40.66 -98.49 -38.82
C ASP RA 440 39.45 -98.12 -37.97
N GLN RA 441 38.54 -99.08 -37.83
CA GLN RA 441 37.39 -98.93 -36.96
C GLN RA 441 37.66 -99.60 -35.62
N TYR RA 442 36.84 -99.29 -34.64
CA TYR RA 442 36.84 -100.04 -33.40
C TYR RA 442 35.74 -101.08 -33.35
N LEU RA 443 35.02 -101.27 -34.46
CA LEU RA 443 33.96 -102.25 -34.55
C LEU RA 443 34.45 -103.47 -35.31
N TYR RA 444 34.07 -104.64 -34.83
CA TYR RA 444 34.44 -105.89 -35.45
C TYR RA 444 33.26 -106.49 -36.19
N TYR RA 445 33.57 -107.34 -37.17
CA TYR RA 445 32.57 -108.04 -37.93
C TYR RA 445 33.02 -109.49 -38.10
N LEU RA 446 32.06 -110.37 -38.31
CA LEU RA 446 32.38 -111.76 -38.58
C LEU RA 446 32.96 -111.86 -39.98
N ASN RA 447 34.22 -112.31 -40.07
CA ASN RA 447 34.94 -112.35 -41.34
C ASN RA 447 35.00 -113.74 -41.93
N ARG RA 448 35.26 -114.77 -41.12
CA ARG RA 448 35.34 -116.15 -41.57
C ARG RA 448 34.49 -117.02 -40.67
N THR RA 449 33.77 -117.96 -41.27
CA THR RA 449 33.18 -119.06 -40.53
C THR RA 449 33.86 -120.38 -40.82
N GLN RA 450 35.00 -120.37 -41.50
CA GLN RA 450 35.82 -121.53 -41.72
C GLN RA 450 37.28 -121.18 -41.41
N ASN RA 451 38.10 -122.20 -41.23
CA ASN RA 451 39.50 -121.98 -40.92
C ASN RA 451 40.22 -121.37 -42.12
N GLN RA 452 41.07 -120.38 -41.83
CA GLN RA 452 41.77 -119.67 -42.89
C GLN RA 452 42.90 -120.48 -43.50
N SER RA 453 43.49 -121.41 -42.73
CA SER RA 453 44.67 -122.13 -43.21
C SER RA 453 44.36 -122.96 -44.46
N GLY RA 454 43.24 -123.69 -44.44
CA GLY RA 454 42.82 -124.46 -45.60
C GLY RA 454 43.33 -125.88 -45.63
N SER RA 455 44.33 -126.23 -44.82
CA SER RA 455 44.79 -127.62 -44.77
C SER RA 455 43.67 -128.54 -44.30
N ALA RA 456 42.93 -128.11 -43.29
CA ALA RA 456 41.65 -128.70 -42.92
C ALA RA 456 40.53 -127.75 -43.32
N GLN RA 457 39.31 -128.28 -43.31
CA GLN RA 457 38.12 -127.52 -43.69
C GLN RA 457 37.17 -127.35 -42.51
N ASN RA 458 37.71 -127.01 -41.34
CA ASN RA 458 36.92 -126.90 -40.14
C ASN RA 458 36.23 -125.55 -40.05
N LYS RA 459 35.11 -125.52 -39.34
CA LYS RA 459 34.41 -124.27 -39.12
C LYS RA 459 35.10 -123.46 -38.03
N ASP RA 460 34.72 -122.20 -37.91
CA ASP RA 460 35.29 -121.31 -36.90
C ASP RA 460 34.40 -120.08 -36.79
N LEU RA 461 34.83 -119.16 -35.94
CA LEU RA 461 34.19 -117.85 -35.79
C LEU RA 461 35.33 -116.84 -35.66
N LEU RA 462 35.76 -116.30 -36.79
CA LEU RA 462 36.88 -115.38 -36.85
C LEU RA 462 36.38 -113.98 -37.15
N PHE RA 463 36.80 -113.01 -36.35
CA PHE RA 463 36.31 -111.65 -36.43
C PHE RA 463 37.44 -110.72 -36.84
N SER RA 464 37.14 -109.79 -37.74
CA SER RA 464 38.11 -108.82 -38.20
C SER RA 464 37.66 -107.42 -37.84
N ARG RA 465 38.61 -106.51 -37.79
CA ARG RA 465 38.36 -105.11 -37.53
C ARG RA 465 38.08 -104.38 -38.84
N GLY RA 466 37.14 -103.43 -38.78
CA GLY RA 466 36.85 -102.61 -39.93
C GLY RA 466 38.06 -101.81 -40.38
N SER RA 467 38.55 -102.08 -41.58
CA SER RA 467 39.79 -101.51 -42.07
C SER RA 467 39.58 -100.92 -43.45
N PRO RA 468 40.44 -99.98 -43.86
CA PRO RA 468 40.33 -99.44 -45.23
C PRO RA 468 40.60 -100.46 -46.32
N ALA RA 469 41.22 -101.59 -46.00
CA ALA RA 469 41.40 -102.64 -47.00
C ALA RA 469 40.05 -103.17 -47.49
N GLY RA 470 39.19 -103.56 -46.56
CA GLY RA 470 37.84 -103.95 -46.92
C GLY RA 470 36.82 -102.90 -46.50
N MET RA 471 36.39 -102.08 -47.46
CA MET RA 471 35.43 -101.03 -47.19
C MET RA 471 33.99 -101.50 -47.37
N SER RA 472 33.79 -102.61 -48.09
CA SER RA 472 32.46 -103.13 -48.31
C SER RA 472 31.87 -103.81 -47.08
N VAL RA 473 32.71 -104.26 -46.15
CA VAL RA 473 32.26 -104.99 -44.98
C VAL RA 473 32.30 -104.14 -43.72
N GLN RA 474 32.70 -102.90 -43.82
CA GLN RA 474 32.71 -102.02 -42.66
C GLN RA 474 31.29 -101.72 -42.21
N PRO RA 475 31.02 -101.73 -40.90
CA PRO RA 475 29.74 -101.21 -40.41
C PRO RA 475 29.55 -99.76 -40.84
N LYS RA 476 28.32 -99.43 -41.21
CA LYS RA 476 27.98 -98.10 -41.69
C LYS RA 476 26.71 -97.62 -41.01
N ASN RA 477 26.42 -96.34 -41.18
CA ASN RA 477 25.34 -95.69 -40.44
C ASN RA 477 24.07 -95.50 -41.25
N TRP RA 478 24.14 -95.56 -42.58
CA TRP RA 478 23.01 -95.20 -43.43
C TRP RA 478 22.83 -96.23 -44.52
N LEU RA 479 21.67 -96.16 -45.17
CA LEU RA 479 21.27 -97.07 -46.23
C LEU RA 479 20.88 -96.28 -47.48
N PRO RA 480 21.06 -96.85 -48.67
CA PRO RA 480 20.58 -96.20 -49.88
C PRO RA 480 19.06 -96.17 -49.92
N GLY RA 481 18.54 -95.20 -50.68
CA GLY RA 481 17.11 -94.99 -50.76
C GLY RA 481 16.33 -96.17 -51.27
N PRO RA 482 15.01 -96.04 -51.28
CA PRO RA 482 14.16 -97.15 -51.71
C PRO RA 482 14.26 -97.38 -53.20
N CYS RA 483 13.88 -98.59 -53.62
CA CYS RA 483 13.99 -98.95 -55.02
C CYS RA 483 12.73 -99.70 -55.45
N TYR RA 484 12.45 -99.66 -56.75
CA TYR RA 484 11.41 -100.45 -57.38
C TYR RA 484 11.90 -100.82 -58.78
N ARG RA 485 12.47 -102.01 -58.91
CA ARG RA 485 13.30 -102.33 -60.06
C ARG RA 485 12.55 -102.19 -61.38
N GLN RA 486 13.24 -101.66 -62.38
CA GLN RA 486 12.74 -101.51 -63.74
C GLN RA 486 13.48 -102.47 -64.65
N GLN RA 487 12.95 -102.63 -65.86
CA GLN RA 487 13.58 -103.46 -66.87
C GLN RA 487 14.63 -102.65 -67.62
N ARG RA 488 15.74 -103.32 -67.96
CA ARG RA 488 16.88 -102.65 -68.55
C ARG RA 488 16.79 -102.74 -70.07
N VAL RA 489 16.73 -101.60 -70.72
CA VAL RA 489 16.67 -101.51 -72.18
C VAL RA 489 17.94 -100.85 -72.67
N SER RA 490 18.52 -101.41 -73.72
CA SER RA 490 19.72 -100.86 -74.32
C SER RA 490 19.35 -99.88 -75.42
N LYS RA 491 20.05 -98.74 -75.44
CA LYS RA 491 19.88 -97.78 -76.52
C LYS RA 491 20.34 -98.34 -77.86
N THR RA 492 21.19 -99.36 -77.84
CA THR RA 492 21.55 -100.10 -79.04
C THR RA 492 20.57 -101.27 -79.19
N LYS RA 493 19.71 -101.18 -80.21
CA LYS RA 493 18.56 -102.07 -80.29
C LYS RA 493 18.93 -103.53 -80.49
N THR RA 494 20.13 -103.83 -80.99
CA THR RA 494 20.49 -105.21 -81.25
C THR RA 494 20.69 -106.02 -79.97
N ASP RA 495 20.98 -105.37 -78.84
CA ASP RA 495 21.18 -106.08 -77.58
C ASP RA 495 19.90 -106.31 -76.81
N ASN RA 496 18.77 -105.86 -77.32
CA ASN RA 496 17.50 -106.07 -76.65
C ASN RA 496 16.84 -107.36 -77.12
N ASN RA 497 16.03 -107.93 -76.25
CA ASN RA 497 15.34 -109.18 -76.56
C ASN RA 497 14.38 -108.96 -77.74
N ASN RA 498 14.22 -110.00 -78.55
CA ASN RA 498 13.34 -109.93 -79.72
C ASN RA 498 11.90 -110.23 -79.30
N SER RA 499 11.30 -109.23 -78.66
CA SER RA 499 9.89 -109.27 -78.29
C SER RA 499 9.48 -107.85 -77.96
N ASN RA 500 8.18 -107.66 -77.71
CA ASN RA 500 7.71 -106.31 -77.39
C ASN RA 500 8.02 -105.97 -75.93
N PHE RA 501 7.41 -106.69 -75.00
CA PHE RA 501 7.73 -106.65 -73.57
C PHE RA 501 7.74 -105.22 -72.99
N THR RA 502 7.22 -104.24 -73.72
CA THR RA 502 7.03 -102.92 -73.13
C THR RA 502 5.83 -102.87 -72.21
N TRP RA 503 4.93 -103.80 -72.31
CA TRP RA 503 3.82 -103.90 -71.37
C TRP RA 503 3.88 -105.17 -70.54
N THR RA 504 4.25 -106.30 -71.13
CA THR RA 504 4.30 -107.54 -70.36
C THR RA 504 5.48 -107.60 -69.41
N GLY RA 505 6.58 -106.94 -69.74
CA GLY RA 505 7.77 -107.02 -68.91
C GLY RA 505 8.07 -105.77 -68.13
N ALA RA 506 7.05 -104.95 -67.89
CA ALA RA 506 7.24 -103.64 -67.30
C ALA RA 506 6.73 -103.59 -65.87
N SER RA 507 7.37 -102.73 -65.07
CA SER RA 507 6.93 -102.48 -63.70
C SER RA 507 5.65 -101.66 -63.72
N LYS RA 508 4.59 -102.20 -63.16
CA LYS RA 508 3.31 -101.52 -63.15
C LYS RA 508 2.62 -101.78 -61.83
N TYR RA 509 1.64 -100.94 -61.51
CA TYR RA 509 0.90 -101.08 -60.28
C TYR RA 509 -0.56 -101.35 -60.56
N ASN RA 510 -1.20 -102.01 -59.60
CA ASN RA 510 -2.59 -102.43 -59.70
C ASN RA 510 -3.44 -101.48 -58.86
N LEU RA 511 -4.48 -100.92 -59.47
CA LEU RA 511 -5.38 -100.01 -58.76
C LEU RA 511 -6.80 -100.23 -59.26
N ASN RA 512 -7.66 -100.74 -58.39
CA ASN RA 512 -9.06 -101.00 -58.71
C ASN RA 512 -9.19 -101.94 -59.91
N GLY RA 513 -8.26 -102.88 -60.02
CA GLY RA 513 -8.34 -103.90 -61.04
C GLY RA 513 -7.70 -103.56 -62.37
N ARG RA 514 -7.20 -102.35 -62.55
CA ARG RA 514 -6.55 -101.99 -63.79
C ARG RA 514 -5.13 -101.54 -63.53
N GLU RA 515 -4.23 -101.96 -64.40
CA GLU RA 515 -2.80 -101.78 -64.23
C GLU RA 515 -2.34 -100.48 -64.87
N SER RA 516 -1.33 -99.86 -64.27
CA SER RA 516 -0.77 -98.60 -64.74
C SER RA 516 0.74 -98.69 -64.66
N ILE RA 517 1.42 -98.33 -65.75
CA ILE RA 517 2.87 -98.31 -65.75
C ILE RA 517 3.34 -97.28 -64.73
N ILE RA 518 4.43 -97.61 -64.02
CA ILE RA 518 4.93 -96.71 -62.98
C ILE RA 518 5.37 -95.38 -63.59
N ASN RA 519 6.42 -95.40 -64.41
CA ASN RA 519 6.76 -94.28 -65.29
C ASN RA 519 6.71 -92.90 -64.65
N PRO RA 520 7.76 -92.47 -63.94
CA PRO RA 520 9.06 -93.10 -63.78
C PRO RA 520 9.28 -93.68 -62.38
N GLY RA 521 8.40 -93.34 -61.45
CA GLY RA 521 8.46 -93.95 -60.14
C GLY RA 521 9.62 -93.43 -59.31
N THR RA 522 10.21 -94.35 -58.55
CA THR RA 522 11.25 -94.00 -57.60
C THR RA 522 12.44 -93.35 -58.29
N ALA RA 523 13.03 -92.36 -57.63
CA ALA RA 523 14.19 -91.66 -58.16
C ALA RA 523 15.40 -92.55 -57.99
N MET RA 524 15.84 -93.18 -59.07
CA MET RA 524 16.98 -94.08 -59.06
C MET RA 524 17.92 -93.73 -60.19
N ALA RA 525 19.16 -94.19 -60.05
CA ALA RA 525 20.16 -93.99 -61.10
C ALA RA 525 19.76 -94.74 -62.36
N SER RA 526 19.93 -94.08 -63.51
CA SER RA 526 19.57 -94.69 -64.78
C SER RA 526 20.41 -95.92 -65.08
N HIS RA 527 21.71 -95.87 -64.78
CA HIS RA 527 22.62 -96.96 -65.09
C HIS RA 527 23.78 -96.91 -64.12
N LYS RA 528 24.70 -97.84 -64.27
CA LYS RA 528 25.93 -97.87 -63.48
C LYS RA 528 27.01 -97.08 -64.20
N ASP RA 529 28.24 -97.19 -63.71
CA ASP RA 529 29.39 -96.63 -64.39
C ASP RA 529 29.69 -97.44 -65.65
N ASP RA 530 30.08 -96.74 -66.71
CA ASP RA 530 30.46 -97.37 -67.98
C ASP RA 530 29.32 -98.18 -68.58
N GLU RA 531 28.09 -97.74 -68.36
CA GLU RA 531 26.90 -98.46 -68.83
C GLU RA 531 25.87 -97.48 -69.37
N ASP RA 532 26.33 -96.40 -70.01
CA ASP RA 532 25.43 -95.38 -70.51
C ASP RA 532 24.51 -95.87 -71.61
N LYS RA 533 24.80 -97.03 -72.19
CA LYS RA 533 23.97 -97.60 -73.25
C LYS RA 533 22.65 -98.17 -72.75
N PHE RA 534 22.46 -98.27 -71.44
CA PHE RA 534 21.27 -98.85 -70.85
C PHE RA 534 20.46 -97.77 -70.14
N PHE RA 535 19.14 -97.90 -70.22
CA PHE RA 535 18.23 -97.07 -69.46
C PHE RA 535 17.07 -97.92 -68.96
N PRO RA 536 16.48 -97.56 -67.82
CA PRO RA 536 15.28 -98.27 -67.37
C PRO RA 536 14.13 -98.06 -68.34
N MET RA 537 13.31 -99.10 -68.50
CA MET RA 537 12.32 -99.07 -69.57
C MET RA 537 11.33 -97.94 -69.39
N SER RA 538 10.89 -97.69 -68.17
CA SER RA 538 9.99 -96.58 -67.88
C SER RA 538 10.46 -95.83 -66.64
N GLY RA 539 11.75 -95.59 -66.55
CA GLY RA 539 12.30 -94.96 -65.37
C GLY RA 539 12.93 -93.60 -65.65
N VAL RA 540 12.83 -93.15 -66.90
CA VAL RA 540 13.50 -91.92 -67.32
C VAL RA 540 12.47 -91.01 -67.96
N MET RA 541 12.70 -89.71 -67.83
CA MET RA 541 11.90 -88.71 -68.53
C MET RA 541 12.41 -88.57 -69.95
N ILE RA 542 11.52 -88.77 -70.92
CA ILE RA 542 11.88 -88.73 -72.33
C ILE RA 542 11.17 -87.54 -72.96
N PHE RA 543 11.95 -86.61 -73.48
CA PHE RA 543 11.43 -85.46 -74.19
C PHE RA 543 11.59 -85.69 -75.68
N GLY RA 544 10.57 -85.29 -76.44
CA GLY RA 544 10.62 -85.40 -77.89
C GLY RA 544 11.25 -84.16 -78.50
N LYS RA 545 12.07 -84.37 -79.52
CA LYS RA 545 12.58 -83.26 -80.29
C LYS RA 545 11.49 -82.77 -81.23
N GLU RA 546 11.69 -81.58 -81.79
CA GLU RA 546 10.81 -81.14 -82.85
C GLU RA 546 10.96 -82.06 -84.05
N SER RA 547 9.86 -82.25 -84.77
CA SER RA 547 9.77 -83.29 -85.80
C SER RA 547 9.84 -84.69 -85.19
N ALA RA 548 9.19 -84.88 -84.06
CA ALA RA 548 8.97 -86.20 -83.50
C ALA RA 548 7.48 -86.53 -83.59
N GLY RA 549 7.16 -87.71 -84.09
CA GLY RA 549 5.79 -88.11 -84.25
C GLY RA 549 5.12 -88.35 -82.91
N ALA RA 550 3.80 -88.45 -82.96
CA ALA RA 550 3.03 -88.71 -81.75
C ALA RA 550 3.16 -90.16 -81.30
N SER RA 551 3.26 -91.10 -82.25
CA SER RA 551 3.27 -92.52 -81.94
C SER RA 551 4.40 -93.21 -82.68
N ASN RA 552 5.11 -94.09 -81.98
CA ASN RA 552 6.15 -94.94 -82.55
C ASN RA 552 7.22 -94.12 -83.28
N THR RA 553 7.61 -93.00 -82.69
CA THR RA 553 8.72 -92.24 -83.23
C THR RA 553 10.05 -92.93 -82.89
N ALA RA 554 11.13 -92.34 -83.33
CA ALA RA 554 12.43 -92.99 -83.24
C ALA RA 554 13.27 -92.47 -82.08
N LEU RA 555 14.20 -93.33 -81.66
CA LEU RA 555 15.19 -92.96 -80.65
C LEU RA 555 15.96 -91.72 -81.08
N ASP RA 556 16.12 -91.52 -82.38
CA ASP RA 556 16.76 -90.32 -82.89
C ASP RA 556 15.87 -89.11 -82.68
N ASN RA 557 14.56 -89.31 -82.61
CA ASN RA 557 13.64 -88.19 -82.44
C ASN RA 557 13.31 -87.90 -81.00
N VAL RA 558 13.69 -88.77 -80.06
CA VAL RA 558 13.46 -88.49 -78.65
C VAL RA 558 14.79 -88.21 -77.96
N MET RA 559 14.70 -87.51 -76.82
CA MET RA 559 15.83 -87.23 -75.95
C MET RA 559 15.60 -87.91 -74.61
N ILE RA 560 16.41 -88.89 -74.28
CA ILE RA 560 16.31 -89.63 -73.03
C ILE RA 560 17.18 -88.96 -71.98
N THR RA 561 16.60 -88.67 -70.82
CA THR RA 561 17.36 -88.06 -69.76
C THR RA 561 18.20 -89.10 -69.03
N ASP RA 562 19.11 -88.62 -68.20
CA ASP RA 562 19.99 -89.47 -67.41
C ASP RA 562 19.97 -88.99 -65.97
N GLU RA 563 19.98 -89.93 -65.03
CA GLU RA 563 20.03 -89.63 -63.62
C GLU RA 563 21.34 -90.14 -63.02
N GLU RA 564 22.45 -89.86 -63.70
CA GLU RA 564 23.72 -90.43 -63.33
C GLU RA 564 24.30 -89.77 -62.09
N GLU RA 565 23.80 -88.60 -61.72
CA GLU RA 565 24.41 -87.85 -60.63
C GLU RA 565 23.98 -88.36 -59.26
N ILE RA 566 22.92 -89.15 -59.18
CA ILE RA 566 22.40 -89.60 -57.91
C ILE RA 566 22.79 -91.04 -57.61
N LYS RA 567 23.83 -91.55 -58.28
CA LYS RA 567 24.39 -92.85 -57.94
C LYS RA 567 25.01 -92.85 -56.55
N ALA RA 568 25.33 -91.69 -56.00
CA ALA RA 568 25.99 -91.62 -54.71
C ALA RA 568 25.08 -92.08 -53.58
N THR RA 569 23.77 -91.91 -53.73
CA THR RA 569 22.83 -92.23 -52.66
C THR RA 569 21.67 -93.12 -53.10
N ASN RA 570 21.39 -93.23 -54.39
CA ASN RA 570 20.22 -93.95 -54.86
C ASN RA 570 20.63 -95.24 -55.56
N PRO RA 571 19.83 -96.30 -55.42
CA PRO RA 571 20.12 -97.53 -56.16
C PRO RA 571 19.94 -97.32 -57.65
N VAL RA 572 20.64 -98.15 -58.43
CA VAL RA 572 20.47 -98.12 -59.88
C VAL RA 572 19.11 -98.71 -60.23
N ALA RA 573 18.41 -98.05 -61.16
CA ALA RA 573 17.01 -98.37 -61.42
C ALA RA 573 16.81 -99.78 -61.96
N THR RA 574 17.79 -100.33 -62.65
CA THR RA 574 17.63 -101.61 -63.31
C THR RA 574 18.19 -102.78 -62.52
N GLU RA 575 18.69 -102.55 -61.32
CA GLU RA 575 19.28 -103.61 -60.51
C GLU RA 575 18.61 -103.68 -59.14
N ARG RA 576 18.83 -104.82 -58.49
CA ARG RA 576 18.20 -105.08 -57.21
C ARG RA 576 18.70 -104.11 -56.14
N PHE RA 577 17.88 -103.90 -55.12
CA PHE RA 577 18.34 -103.16 -53.96
C PHE RA 577 19.48 -103.89 -53.27
N GLY RA 578 19.37 -105.21 -53.17
CA GLY RA 578 20.38 -106.00 -52.51
C GLY RA 578 19.87 -107.41 -52.31
N THR RA 579 20.57 -108.13 -51.44
CA THR RA 579 20.19 -109.49 -51.09
C THR RA 579 19.77 -109.55 -49.63
N VAL RA 580 18.99 -110.58 -49.32
CA VAL RA 580 18.47 -110.78 -47.98
C VAL RA 580 18.54 -112.27 -47.67
N ALA RA 581 18.80 -112.59 -46.40
CA ALA RA 581 18.77 -113.98 -45.97
C ALA RA 581 17.35 -114.50 -46.01
N VAL RA 582 17.17 -115.74 -46.43
CA VAL RA 582 15.84 -116.31 -46.60
C VAL RA 582 15.65 -117.63 -45.86
N ASN RA 583 16.64 -118.09 -45.10
CA ASN RA 583 16.51 -119.34 -44.37
C ASN RA 583 17.41 -119.30 -43.15
N PHE RA 584 17.49 -120.42 -42.45
CA PHE RA 584 18.40 -120.61 -41.33
C PHE RA 584 19.50 -121.57 -41.77
N GLN RA 585 20.75 -121.11 -41.72
CA GLN RA 585 21.87 -122.01 -41.98
C GLN RA 585 22.12 -122.89 -40.76
N SER RA 586 22.51 -124.13 -41.02
CA SER RA 586 22.78 -125.07 -39.94
C SER RA 586 23.72 -126.15 -40.46
N SER RA 587 24.33 -126.87 -39.53
CA SER RA 587 25.18 -128.00 -39.85
C SER RA 587 24.40 -129.31 -39.69
N SER RA 588 24.95 -130.36 -40.28
CA SER RA 588 24.33 -131.68 -40.18
C SER RA 588 24.48 -132.21 -38.76
N THR RA 589 23.48 -132.99 -38.33
CA THR RA 589 23.49 -133.58 -36.99
C THR RA 589 23.00 -135.01 -37.03
N VAL RA 592 19.62 -134.29 -36.56
CA VAL RA 592 19.00 -133.78 -37.79
C VAL RA 592 20.02 -133.79 -38.91
N PRO RA 593 20.18 -134.94 -39.57
CA PRO RA 593 21.21 -135.06 -40.60
C PRO RA 593 20.80 -134.45 -41.93
N PHE RA 594 20.22 -133.25 -41.89
CA PHE RA 594 19.83 -132.51 -43.08
C PHE RA 594 20.50 -131.14 -42.99
N LYS RA 595 21.72 -131.05 -43.50
CA LYS RA 595 22.47 -129.80 -43.50
C LYS RA 595 21.76 -128.76 -44.34
N THR RA 596 21.69 -127.53 -43.84
CA THR RA 596 21.03 -126.42 -44.53
C THR RA 596 22.06 -125.37 -44.88
N ASP RA 597 22.34 -125.22 -46.17
CA ASP RA 597 23.21 -124.15 -46.62
C ASP RA 597 22.49 -122.80 -46.48
N PRO RA 598 23.23 -121.74 -46.15
CA PRO RA 598 22.62 -120.41 -46.14
C PRO RA 598 22.15 -120.02 -47.53
N ALA RA 599 21.02 -119.31 -47.58
CA ALA RA 599 20.41 -118.92 -48.83
C ALA RA 599 20.01 -117.45 -48.79
N THR RA 600 20.28 -116.76 -49.89
CA THR RA 600 19.92 -115.36 -50.05
C THR RA 600 19.01 -115.20 -51.25
N GLY RA 601 18.20 -114.16 -51.20
CA GLY RA 601 17.33 -113.81 -52.32
C GLY RA 601 17.49 -112.35 -52.65
N ASP RA 602 17.30 -112.05 -53.93
CA ASP RA 602 17.41 -110.68 -54.40
C ASP RA 602 16.19 -109.86 -53.99
N VAL RA 603 16.43 -108.63 -53.58
CA VAL RA 603 15.38 -107.71 -53.15
C VAL RA 603 15.17 -106.73 -54.29
N HIS RA 604 14.03 -106.84 -54.97
CA HIS RA 604 13.78 -106.06 -56.17
C HIS RA 604 12.99 -104.79 -55.89
N ALA RA 605 12.07 -104.85 -54.93
CA ALA RA 605 11.33 -103.68 -54.48
C ALA RA 605 11.54 -103.53 -52.99
N MET RA 606 12.07 -102.39 -52.57
CA MET RA 606 12.37 -102.12 -51.18
C MET RA 606 11.67 -100.83 -50.77
N GLY RA 607 10.82 -100.92 -49.76
CA GLY RA 607 10.20 -99.74 -49.19
C GLY RA 607 11.13 -99.04 -48.25
N ALA RA 608 10.63 -97.94 -47.67
CA ALA RA 608 11.47 -97.09 -46.82
C ALA RA 608 11.82 -97.82 -45.53
N LEU RA 609 13.12 -97.92 -45.25
CA LEU RA 609 13.68 -98.38 -44.00
C LEU RA 609 14.28 -97.21 -43.24
N PRO RA 610 14.23 -97.21 -41.92
CA PRO RA 610 14.90 -96.15 -41.17
C PRO RA 610 16.41 -96.19 -41.43
N GLY RA 611 17.00 -95.00 -41.53
CA GLY RA 611 18.37 -94.86 -41.94
C GLY RA 611 18.57 -94.66 -43.43
N MET RA 612 17.51 -94.78 -44.22
CA MET RA 612 17.60 -94.58 -45.65
C MET RA 612 17.76 -93.11 -46.00
N VAL RA 613 18.60 -92.82 -46.99
CA VAL RA 613 18.78 -91.47 -47.52
C VAL RA 613 18.75 -91.56 -49.03
N TRP RA 614 18.18 -90.54 -49.67
CA TRP RA 614 18.05 -90.55 -51.12
C TRP RA 614 17.98 -89.12 -51.64
N GLN RA 615 18.18 -89.00 -52.94
CA GLN RA 615 17.93 -87.76 -53.66
C GLN RA 615 16.69 -87.90 -54.52
N ASP RA 616 16.04 -86.77 -54.75
CA ASP RA 616 14.86 -86.74 -55.61
C ASP RA 616 15.27 -86.66 -57.06
N ARG RA 617 14.29 -86.77 -57.96
CA ARG RA 617 14.56 -86.64 -59.38
C ARG RA 617 14.97 -85.22 -59.72
N ASP RA 618 15.80 -85.10 -60.75
CA ASP RA 618 16.23 -83.80 -61.23
C ASP RA 618 15.12 -83.09 -61.98
N VAL RA 619 15.20 -81.77 -62.01
CA VAL RA 619 14.32 -80.96 -62.84
C VAL RA 619 15.09 -80.54 -64.08
N TYR RA 620 14.36 -80.30 -65.16
CA TYR RA 620 14.95 -79.96 -66.44
C TYR RA 620 14.32 -78.67 -66.96
N LEU RA 621 15.03 -78.02 -67.87
CA LEU RA 621 14.51 -76.80 -68.46
C LEU RA 621 13.20 -77.06 -69.21
N GLN RA 622 13.05 -78.25 -69.79
CA GLN RA 622 11.85 -78.63 -70.50
C GLN RA 622 10.83 -79.32 -69.62
N GLY RA 623 11.12 -79.50 -68.33
CA GLY RA 623 10.28 -80.31 -67.47
C GLY RA 623 9.33 -79.51 -66.61
N PRO RA 624 8.48 -80.21 -65.87
CA PRO RA 624 7.50 -79.53 -65.01
C PRO RA 624 8.14 -78.87 -63.80
N ILE RA 625 7.48 -77.86 -63.29
CA ILE RA 625 7.94 -77.13 -62.11
C ILE RA 625 7.32 -77.70 -60.84
N TRP RA 626 6.00 -77.82 -60.79
CA TRP RA 626 5.31 -78.19 -59.58
C TRP RA 626 4.26 -79.25 -59.88
N ALA RA 627 3.66 -79.75 -58.81
CA ALA RA 627 2.52 -80.63 -58.89
C ALA RA 627 1.69 -80.47 -57.62
N LYS RA 628 0.38 -80.56 -57.75
CA LYS RA 628 -0.49 -80.55 -56.59
C LYS RA 628 -0.38 -81.88 -55.85
N ILE RA 629 -0.12 -81.82 -54.56
CA ILE RA 629 -0.13 -83.02 -53.72
C ILE RA 629 -1.58 -83.45 -53.49
N PRO RA 630 -1.92 -84.70 -53.76
CA PRO RA 630 -3.31 -85.12 -53.58
C PRO RA 630 -3.77 -84.94 -52.14
N HIS RA 631 -5.02 -84.51 -51.98
CA HIS RA 631 -5.60 -84.29 -50.66
C HIS RA 631 -6.04 -85.64 -50.11
N THR RA 632 -5.09 -86.32 -49.46
CA THR RA 632 -5.29 -87.63 -48.88
C THR RA 632 -4.95 -87.60 -47.40
N ASP RA 633 -5.32 -88.67 -46.70
CA ASP RA 633 -4.98 -88.78 -45.28
C ASP RA 633 -3.48 -88.90 -45.08
N GLY RA 634 -2.82 -89.70 -45.90
CA GLY RA 634 -1.39 -89.90 -45.76
C GLY RA 634 -0.67 -89.79 -47.08
N HIS RA 635 0.58 -89.37 -46.99
CA HIS RA 635 1.48 -89.36 -48.12
C HIS RA 635 2.90 -89.39 -47.59
N PHE RA 636 3.77 -90.11 -48.27
CA PHE RA 636 5.16 -90.26 -47.85
C PHE RA 636 6.05 -89.49 -48.81
N HIS RA 637 6.75 -88.49 -48.27
CA HIS RA 637 7.69 -87.66 -49.03
C HIS RA 637 7.04 -87.11 -50.28
N PRO RA 638 6.10 -86.18 -50.16
CA PRO RA 638 5.24 -85.79 -51.29
C PRO RA 638 5.96 -84.93 -52.32
N SER RA 639 7.04 -85.48 -52.87
CA SER RA 639 7.75 -84.87 -53.97
C SER RA 639 7.33 -85.56 -55.26
N PRO RA 640 6.90 -84.80 -56.28
CA PRO RA 640 6.37 -85.43 -57.49
C PRO RA 640 7.39 -86.34 -58.15
N LEU RA 641 6.91 -87.44 -58.71
CA LEU RA 641 7.82 -88.43 -59.25
C LEU RA 641 8.39 -88.00 -60.60
N MET RA 642 7.72 -87.09 -61.30
CA MET RA 642 8.31 -86.51 -62.49
C MET RA 642 9.37 -85.46 -62.17
N GLY RA 643 9.47 -85.04 -60.93
CA GLY RA 643 10.40 -84.00 -60.54
C GLY RA 643 9.71 -82.68 -60.32
N GLY RA 644 10.26 -81.89 -59.41
CA GLY RA 644 9.69 -80.59 -59.13
C GLY RA 644 9.28 -80.42 -57.69
N PHE RA 645 8.41 -79.44 -57.45
CA PHE RA 645 7.96 -79.09 -56.12
C PHE RA 645 6.53 -79.60 -55.93
N GLY RA 646 6.31 -80.39 -54.89
CA GLY RA 646 4.97 -80.78 -54.53
C GLY RA 646 4.36 -79.74 -53.63
N LEU RA 647 3.24 -79.16 -54.04
CA LEU RA 647 2.59 -78.10 -53.29
C LEU RA 647 1.19 -78.55 -52.88
N LYS RA 648 0.85 -78.34 -51.61
CA LYS RA 648 -0.52 -78.61 -51.17
C LYS RA 648 -1.49 -77.62 -51.79
N ASN RA 649 -1.13 -76.35 -51.84
CA ASN RA 649 -1.88 -75.32 -52.55
C ASN RA 649 -1.01 -74.83 -53.70
N PRO RA 650 -1.05 -75.48 -54.86
CA PRO RA 650 -0.23 -75.05 -55.98
C PRO RA 650 -0.78 -73.78 -56.60
N PRO RA 651 -0.10 -73.20 -57.58
CA PRO RA 651 -0.69 -72.11 -58.33
C PRO RA 651 -2.01 -72.54 -58.95
N PRO RA 652 -3.08 -71.78 -58.72
CA PRO RA 652 -4.39 -72.21 -59.18
C PRO RA 652 -4.53 -72.14 -60.68
N GLN RA 653 -5.50 -72.89 -61.18
CA GLN RA 653 -5.79 -72.90 -62.60
C GLN RA 653 -6.51 -71.63 -63.00
N ILE RA 654 -6.03 -71.00 -64.07
CA ILE RA 654 -6.70 -69.87 -64.68
C ILE RA 654 -7.48 -70.38 -65.88
N LEU RA 655 -8.78 -70.22 -65.85
CA LEU RA 655 -9.67 -70.75 -66.86
C LEU RA 655 -10.31 -69.61 -67.61
N ILE RA 656 -10.33 -69.73 -68.94
CA ILE RA 656 -10.73 -68.66 -69.83
C ILE RA 656 -11.61 -69.23 -70.92
N LYS RA 657 -12.64 -68.50 -71.31
CA LYS RA 657 -13.42 -68.91 -72.46
C LYS RA 657 -14.05 -67.69 -73.10
N ASN RA 658 -14.44 -67.85 -74.36
CA ASN RA 658 -15.16 -66.78 -75.05
C ASN RA 658 -16.63 -66.85 -74.65
N THR RA 659 -17.21 -65.71 -74.28
CA THR RA 659 -18.62 -65.69 -73.98
C THR RA 659 -19.41 -65.96 -75.26
N PRO RA 660 -20.35 -66.89 -75.26
CA PRO RA 660 -21.10 -67.18 -76.49
C PRO RA 660 -21.92 -65.98 -76.93
N VAL RA 661 -21.91 -65.73 -78.23
CA VAL RA 661 -22.74 -64.70 -78.85
C VAL RA 661 -23.74 -65.38 -79.75
N PRO RA 662 -25.02 -65.41 -79.41
CA PRO RA 662 -26.00 -66.10 -80.24
C PRO RA 662 -26.18 -65.42 -81.59
N ALA RA 663 -26.53 -66.23 -82.59
CA ALA RA 663 -26.88 -65.71 -83.90
C ALA RA 663 -28.32 -65.20 -83.86
N ASN RA 664 -28.88 -64.93 -85.02
CA ASN RA 664 -30.20 -64.32 -85.12
C ASN RA 664 -31.26 -65.27 -84.57
N PRO RA 665 -32.01 -64.87 -83.55
CA PRO RA 665 -33.06 -65.74 -83.01
C PRO RA 665 -34.28 -65.75 -83.90
N PRO RA 666 -35.15 -66.74 -83.76
CA PRO RA 666 -36.39 -66.76 -84.55
C PRO RA 666 -37.34 -65.64 -84.16
N ALA RA 667 -38.26 -65.34 -85.07
CA ALA RA 667 -39.26 -64.31 -84.80
C ALA RA 667 -40.21 -64.72 -83.69
N GLU RA 668 -40.61 -65.99 -83.66
CA GLU RA 668 -41.44 -66.55 -82.61
C GLU RA 668 -40.58 -67.20 -81.53
N PHE RA 669 -41.09 -67.19 -80.31
CA PHE RA 669 -40.35 -67.72 -79.18
C PHE RA 669 -40.23 -69.23 -79.24
N SER RA 670 -39.05 -69.73 -78.89
CA SER RA 670 -38.79 -71.16 -78.80
C SER RA 670 -38.02 -71.42 -77.52
N ALA RA 671 -38.49 -72.36 -76.71
CA ALA RA 671 -37.82 -72.68 -75.46
C ALA RA 671 -36.62 -73.60 -75.66
N THR RA 672 -36.46 -74.18 -76.85
CA THR RA 672 -35.28 -74.97 -77.14
C THR RA 672 -34.04 -74.11 -76.99
N LYS RA 673 -33.03 -74.64 -76.30
CA LYS RA 673 -31.83 -73.86 -76.03
C LYS RA 673 -31.11 -73.52 -77.33
N PHE RA 674 -30.41 -72.39 -77.31
CA PHE RA 674 -29.75 -71.89 -78.49
C PHE RA 674 -28.66 -72.84 -78.94
N ALA RA 675 -28.59 -73.09 -80.25
CA ALA RA 675 -27.54 -73.90 -80.83
C ALA RA 675 -26.80 -73.16 -81.94
N SER RA 676 -27.31 -72.03 -82.40
CA SER RA 676 -26.70 -71.24 -83.45
C SER RA 676 -25.96 -70.07 -82.80
N PHE RA 677 -24.65 -70.04 -82.95
CA PHE RA 677 -23.83 -69.02 -82.34
C PHE RA 677 -22.98 -68.34 -83.40
N ILE RA 678 -22.61 -67.11 -83.11
CA ILE RA 678 -21.67 -66.36 -83.94
C ILE RA 678 -20.28 -66.92 -83.69
N THR RA 679 -19.60 -67.34 -84.75
CA THR RA 679 -18.31 -68.01 -84.62
C THR RA 679 -17.24 -66.98 -84.33
N GLN RA 680 -16.51 -67.16 -83.23
CA GLN RA 680 -15.49 -66.18 -82.89
C GLN RA 680 -14.42 -66.84 -82.04
N TYR RA 681 -13.27 -66.18 -82.01
CA TYR RA 681 -12.15 -66.57 -81.17
C TYR RA 681 -11.61 -65.32 -80.51
N SER RA 682 -10.59 -65.48 -79.67
CA SER RA 682 -9.97 -64.33 -79.04
C SER RA 682 -8.46 -64.50 -79.04
N THR RA 683 -7.76 -63.38 -78.95
CA THR RA 683 -6.32 -63.36 -78.88
C THR RA 683 -5.91 -62.34 -77.83
N GLY RA 684 -4.69 -62.48 -77.35
CA GLY RA 684 -4.24 -61.52 -76.35
C GLY RA 684 -2.83 -61.83 -75.90
N GLN RA 685 -2.43 -61.14 -74.84
CA GLN RA 685 -1.11 -61.29 -74.26
C GLN RA 685 -1.25 -61.75 -72.82
N VAL RA 686 -0.35 -62.63 -72.41
CA VAL RA 686 -0.31 -63.16 -71.05
C VAL RA 686 1.09 -62.95 -70.49
N SER RA 687 1.17 -62.45 -69.26
CA SER RA 687 2.43 -62.24 -68.56
C SER RA 687 2.44 -63.07 -67.29
N VAL RA 688 3.54 -63.77 -67.05
CA VAL RA 688 3.77 -64.48 -65.80
C VAL RA 688 5.11 -64.04 -65.25
N GLU RA 689 5.13 -63.60 -63.99
CA GLU RA 689 6.35 -63.19 -63.32
C GLU RA 689 6.51 -64.06 -62.07
N ILE RA 690 7.61 -64.78 -61.97
CA ILE RA 690 7.91 -65.60 -60.80
C ILE RA 690 9.18 -65.10 -60.15
N GLU RA 691 9.10 -64.84 -58.85
CA GLU RA 691 10.25 -64.64 -58.00
C GLU RA 691 10.68 -65.98 -57.43
N TRP RA 692 11.96 -66.30 -57.59
CA TRP RA 692 12.58 -67.52 -57.08
C TRP RA 692 13.66 -67.16 -56.07
N GLU RA 693 13.69 -67.90 -54.97
CA GLU RA 693 14.75 -67.80 -53.99
C GLU RA 693 15.87 -68.77 -54.35
N LEU RA 694 17.10 -68.27 -54.27
CA LEU RA 694 18.30 -69.02 -54.59
C LEU RA 694 19.02 -69.43 -53.32
N GLN RA 695 19.75 -70.53 -53.42
CA GLN RA 695 20.59 -71.03 -52.34
C GLN RA 695 21.97 -71.17 -52.95
N LYS RA 696 22.85 -70.23 -52.58
CA LYS RA 696 24.16 -70.11 -53.17
C LYS RA 696 25.09 -71.22 -52.71
N GLU RA 697 26.03 -71.59 -53.58
CA GLU RA 697 27.08 -72.51 -53.19
C GLU RA 697 27.99 -71.83 -52.17
N ASN RA 698 28.51 -72.63 -51.23
CA ASN RA 698 29.48 -72.17 -50.25
C ASN RA 698 30.66 -73.12 -50.19
N SER RA 699 31.09 -73.60 -51.36
CA SER RA 699 32.00 -74.74 -51.42
C SER RA 699 33.43 -74.33 -51.13
N LYS RA 700 34.18 -75.25 -50.52
CA LYS RA 700 35.60 -75.10 -50.29
C LYS RA 700 36.41 -76.00 -51.20
N ARG RA 701 35.78 -76.54 -52.23
CA ARG RA 701 36.45 -77.41 -53.19
C ARG RA 701 37.56 -76.65 -53.91
N TRP RA 702 38.69 -77.32 -54.11
CA TRP RA 702 39.85 -76.67 -54.71
C TRP RA 702 39.84 -76.74 -56.22
N ASN RA 703 39.65 -77.93 -56.79
CA ASN RA 703 39.67 -78.10 -58.22
C ASN RA 703 38.41 -77.51 -58.85
N PRO RA 704 38.45 -77.17 -60.13
CA PRO RA 704 37.28 -76.58 -60.78
C PRO RA 704 36.12 -77.56 -60.88
N GLU RA 705 34.91 -77.01 -60.86
CA GLU RA 705 33.68 -77.78 -60.92
C GLU RA 705 33.30 -78.10 -62.36
N VAL RA 706 32.43 -79.08 -62.51
CA VAL RA 706 31.79 -79.36 -63.79
C VAL RA 706 30.68 -78.34 -64.00
N GLN RA 707 30.67 -77.70 -65.17
CA GLN RA 707 29.68 -76.71 -65.51
C GLN RA 707 28.97 -77.11 -66.79
N TYR RA 708 27.73 -76.67 -66.94
CA TYR RA 708 27.08 -76.80 -68.23
C TYR RA 708 27.62 -75.74 -69.17
N THR RA 709 28.07 -76.16 -70.34
CA THR RA 709 28.69 -75.24 -71.27
C THR RA 709 28.18 -75.50 -72.68
N SER RA 710 28.21 -74.45 -73.49
CA SER RA 710 28.06 -74.60 -74.92
C SER RA 710 29.32 -75.22 -75.52
N ASN RA 711 29.14 -76.00 -76.56
CA ASN RA 711 30.28 -76.57 -77.27
C ASN RA 711 30.87 -75.51 -78.19
N TYR RA 712 32.18 -75.32 -78.10
CA TYR RA 712 32.89 -74.42 -79.01
C TYR RA 712 33.34 -75.27 -80.19
N ALA RA 713 32.74 -75.01 -81.35
CA ALA RA 713 33.10 -75.72 -82.57
C ALA RA 713 32.28 -75.13 -83.70
N LYS RA 714 32.84 -75.17 -84.90
CA LYS RA 714 32.06 -74.76 -86.06
C LYS RA 714 30.90 -75.73 -86.24
N SER RA 715 29.68 -75.19 -86.19
CA SER RA 715 28.48 -75.97 -86.35
C SER RA 715 27.55 -75.25 -87.32
N ALA RA 716 26.73 -76.02 -88.01
CA ALA RA 716 25.81 -75.43 -88.97
C ALA RA 716 24.81 -74.51 -88.28
N ASN RA 717 24.45 -74.82 -87.04
CA ASN RA 717 23.50 -74.04 -86.27
C ASN RA 717 24.07 -73.76 -84.89
N VAL RA 718 23.48 -72.81 -84.19
CA VAL RA 718 23.75 -72.56 -82.79
C VAL RA 718 22.69 -73.26 -81.97
N ASP RA 719 23.11 -73.86 -80.85
CA ASP RA 719 22.18 -74.57 -79.99
C ASP RA 719 21.20 -73.61 -79.33
N PHE RA 720 19.96 -74.07 -79.17
CA PHE RA 720 18.90 -73.28 -78.55
C PHE RA 720 18.62 -72.00 -79.33
N THR RA 721 18.54 -72.13 -80.65
CA THR RA 721 18.23 -71.00 -81.51
C THR RA 721 17.20 -71.40 -82.54
N VAL RA 722 16.95 -70.54 -83.51
CA VAL RA 722 16.06 -70.83 -84.62
C VAL RA 722 16.91 -71.29 -85.79
N ASP RA 723 16.30 -72.01 -86.71
CA ASP RA 723 16.96 -72.40 -87.94
C ASP RA 723 16.60 -71.41 -89.05
N ASN RA 724 16.98 -71.71 -90.29
CA ASN RA 724 16.66 -70.83 -91.39
C ASN RA 724 15.16 -70.79 -91.70
N ASN RA 725 14.40 -71.75 -91.20
CA ASN RA 725 12.95 -71.75 -91.37
C ASN RA 725 12.22 -71.05 -90.24
N GLY RA 726 12.93 -70.63 -89.20
CA GLY RA 726 12.31 -69.96 -88.08
C GLY RA 726 11.83 -70.84 -86.96
N LEU RA 727 12.27 -72.10 -86.91
CA LEU RA 727 11.79 -73.06 -85.93
C LEU RA 727 12.76 -73.12 -84.75
N TYR RA 728 12.27 -72.76 -83.58
CA TYR RA 728 13.07 -72.86 -82.36
C TYR RA 728 13.16 -74.30 -81.92
N THR RA 729 14.37 -74.77 -81.63
CA THR RA 729 14.62 -76.13 -81.20
C THR RA 729 15.52 -76.13 -79.97
N GLU RA 730 15.33 -77.14 -79.13
CA GLU RA 730 16.20 -77.36 -77.98
C GLU RA 730 16.97 -78.66 -78.20
N PRO RA 731 18.28 -78.61 -78.42
CA PRO RA 731 19.04 -79.81 -78.80
C PRO RA 731 19.06 -80.92 -77.76
N ARG RA 732 19.05 -80.57 -76.49
CA ARG RA 732 19.23 -81.56 -75.44
C ARG RA 732 18.47 -81.11 -74.20
N PRO RA 733 18.12 -82.03 -73.31
CA PRO RA 733 17.58 -81.64 -72.00
C PRO RA 733 18.70 -81.30 -71.04
N ILE RA 734 18.54 -80.19 -70.32
CA ILE RA 734 19.54 -79.72 -69.37
C ILE RA 734 18.99 -79.92 -67.96
N GLY RA 735 19.74 -80.65 -67.14
CA GLY RA 735 19.40 -80.79 -65.74
C GLY RA 735 19.96 -79.66 -64.90
N THR RA 736 20.06 -79.92 -63.61
CA THR RA 736 20.50 -78.90 -62.66
C THR RA 736 21.77 -79.27 -61.91
N ARG RA 737 22.10 -80.55 -61.82
CA ARG RA 737 23.12 -81.03 -60.89
C ARG RA 737 24.49 -80.95 -61.54
N TYR RA 738 25.16 -79.81 -61.40
CA TYR RA 738 26.50 -79.63 -61.96
C TYR RA 738 27.50 -79.32 -60.84
N LEU RA 739 27.16 -78.38 -59.98
CA LEU RA 739 27.97 -78.14 -58.79
C LEU RA 739 27.90 -79.36 -57.89
N THR RA 740 28.86 -79.48 -56.97
CA THR RA 740 28.90 -80.61 -56.06
C THR RA 740 28.98 -80.12 -54.63
N ARG RA 741 28.64 -81.01 -53.71
CA ARG RA 741 28.82 -80.75 -52.29
C ARG RA 741 29.08 -82.09 -51.59
N PRO RA 742 29.75 -82.08 -50.45
CA PRO RA 742 30.04 -83.34 -49.76
C PRO RA 742 28.77 -83.95 -49.18
N LEU RA 743 28.74 -85.27 -49.16
CA LEU RA 743 27.56 -86.01 -48.73
C LEU RA 743 27.36 -85.95 -47.22
N ASP SA 219 -20.59 -47.17 -70.02
CA ASP SA 219 -19.22 -46.93 -69.60
C ASP SA 219 -18.23 -47.11 -70.75
N GLY SA 220 -18.75 -47.35 -71.95
CA GLY SA 220 -17.95 -47.41 -73.15
C GLY SA 220 -18.17 -48.69 -73.93
N VAL SA 221 -17.70 -48.66 -75.17
CA VAL SA 221 -17.80 -49.82 -76.06
C VAL SA 221 -16.86 -50.93 -75.61
N GLY SA 222 -15.64 -50.59 -75.19
CA GLY SA 222 -14.64 -51.60 -74.91
C GLY SA 222 -14.47 -51.94 -73.44
N ASN SA 223 -15.46 -51.60 -72.63
CA ASN SA 223 -15.43 -51.85 -71.20
C ASN SA 223 -16.67 -52.66 -70.83
N ALA SA 224 -16.45 -53.79 -70.17
CA ALA SA 224 -17.56 -54.64 -69.75
C ALA SA 224 -18.32 -53.98 -68.61
N SER SA 225 -19.65 -54.06 -68.65
CA SER SA 225 -20.48 -53.42 -67.64
C SER SA 225 -20.89 -54.37 -66.53
N GLY SA 226 -20.38 -55.59 -66.51
CA GLY SA 226 -20.66 -56.48 -65.40
C GLY SA 226 -19.84 -57.73 -65.52
N ASN SA 227 -19.85 -58.51 -64.45
CA ASN SA 227 -19.10 -59.75 -64.36
C ASN SA 227 -20.06 -60.92 -64.20
N TRP SA 228 -19.54 -62.12 -64.40
CA TRP SA 228 -20.31 -63.34 -64.24
C TRP SA 228 -20.36 -63.69 -62.76
N HIS SA 229 -21.55 -63.61 -62.18
CA HIS SA 229 -21.76 -63.92 -60.77
C HIS SA 229 -22.73 -65.10 -60.68
N CYS SA 230 -22.18 -66.30 -60.63
CA CYS SA 230 -22.97 -67.51 -60.47
C CYS SA 230 -22.37 -68.31 -59.32
N ASP SA 231 -23.06 -68.36 -58.21
CA ASP SA 231 -22.49 -68.87 -56.97
C ASP SA 231 -23.62 -69.26 -56.03
N SER SA 232 -23.24 -69.79 -54.88
CA SER SA 232 -24.20 -70.07 -53.81
C SER SA 232 -23.44 -70.05 -52.49
N THR SA 233 -23.82 -69.14 -51.60
CA THR SA 233 -23.16 -68.96 -50.32
C THR SA 233 -24.11 -69.39 -49.21
N TRP SA 234 -23.66 -70.27 -48.35
CA TRP SA 234 -24.46 -70.78 -47.26
C TRP SA 234 -23.97 -70.17 -45.96
N LEU SA 235 -24.78 -69.31 -45.36
CA LEU SA 235 -24.50 -68.78 -44.04
C LEU SA 235 -25.24 -69.65 -43.03
N GLY SA 236 -25.30 -69.21 -41.77
CA GLY SA 236 -25.94 -70.03 -40.76
C GLY SA 236 -27.42 -70.25 -41.01
N ASP SA 237 -28.16 -69.18 -41.23
CA ASP SA 237 -29.59 -69.26 -41.45
C ASP SA 237 -30.04 -68.69 -42.77
N ARG SA 238 -29.12 -68.24 -43.62
CA ARG SA 238 -29.43 -67.72 -44.93
C ARG SA 238 -28.69 -68.54 -45.97
N VAL SA 239 -29.22 -68.54 -47.18
CA VAL SA 239 -28.46 -68.97 -48.35
C VAL SA 239 -28.68 -67.95 -49.45
N ILE SA 240 -27.59 -67.51 -50.08
CA ILE SA 240 -27.66 -66.54 -51.16
C ILE SA 240 -27.28 -67.25 -52.44
N THR SA 241 -28.21 -67.29 -53.39
CA THR SA 241 -28.00 -67.93 -54.68
C THR SA 241 -27.90 -66.87 -55.76
N THR SA 242 -26.81 -66.90 -56.53
CA THR SA 242 -26.60 -66.00 -57.66
C THR SA 242 -26.55 -66.81 -58.94
N SER SA 243 -27.19 -66.30 -59.99
CA SER SA 243 -27.24 -66.97 -61.27
C SER SA 243 -27.07 -65.96 -62.39
N THR SA 244 -26.10 -66.20 -63.25
CA THR SA 244 -25.91 -65.42 -64.47
C THR SA 244 -26.20 -66.30 -65.67
N ARG SA 245 -26.91 -65.74 -66.64
CA ARG SA 245 -27.24 -66.42 -67.89
C ARG SA 245 -27.03 -65.49 -69.06
N THR SA 246 -26.88 -66.07 -70.24
CA THR SA 246 -26.78 -65.32 -71.48
C THR SA 246 -28.12 -65.41 -72.21
N TRP SA 247 -28.67 -64.25 -72.55
CA TRP SA 247 -29.97 -64.16 -73.19
C TRP SA 247 -29.84 -63.56 -74.58
N ALA SA 248 -30.77 -63.96 -75.44
CA ALA SA 248 -30.97 -63.37 -76.75
C ALA SA 248 -32.41 -62.89 -76.87
N LEU SA 249 -32.57 -61.63 -77.28
CA LEU SA 249 -33.87 -60.99 -77.43
C LEU SA 249 -34.07 -60.62 -78.89
N PRO SA 250 -35.05 -61.19 -79.57
CA PRO SA 250 -35.32 -60.78 -80.95
C PRO SA 250 -36.27 -59.61 -81.03
N THR SA 251 -36.63 -59.22 -82.24
CA THR SA 251 -37.72 -58.26 -82.45
C THR SA 251 -39.01 -59.04 -82.62
N TYR SA 252 -40.00 -58.70 -81.80
CA TYR SA 252 -41.28 -59.39 -81.79
C TYR SA 252 -42.32 -58.54 -82.50
N ASN SA 253 -43.10 -59.18 -83.39
CA ASN SA 253 -44.25 -58.57 -84.06
C ASN SA 253 -43.87 -57.47 -85.02
N ASN SA 254 -42.59 -57.35 -85.39
CA ASN SA 254 -42.09 -56.20 -86.15
C ASN SA 254 -42.40 -54.89 -85.45
N HIS SA 255 -42.17 -54.87 -84.13
CA HIS SA 255 -42.36 -53.68 -83.29
C HIS SA 255 -43.83 -53.25 -83.21
N LEU SA 256 -44.74 -54.19 -83.41
CA LEU SA 256 -46.16 -53.87 -83.47
C LEU SA 256 -46.89 -54.46 -82.28
N TYR SA 257 -47.94 -53.77 -81.86
CA TYR SA 257 -48.92 -54.31 -80.93
C TYR SA 257 -50.04 -54.94 -81.75
N LYS SA 258 -50.34 -56.20 -81.50
CA LYS SA 258 -51.34 -56.90 -82.27
C LYS SA 258 -52.44 -57.40 -81.36
N GLN SA 259 -53.68 -57.33 -81.83
CA GLN SA 259 -54.82 -57.85 -81.10
C GLN SA 259 -55.02 -59.31 -81.49
N ILE SA 260 -55.06 -60.19 -80.49
CA ILE SA 260 -55.18 -61.61 -80.72
C ILE SA 260 -56.47 -62.11 -80.08
N SER SA 261 -57.10 -63.08 -80.72
CA SER SA 261 -58.30 -63.70 -80.20
C SER SA 261 -58.41 -65.10 -80.77
N SER SA 262 -59.54 -65.76 -80.50
CA SER SA 262 -59.78 -67.12 -80.95
C SER SA 262 -60.71 -67.18 -82.15
N ALA SA 263 -61.05 -66.03 -82.73
CA ALA SA 263 -62.03 -66.01 -83.82
C ALA SA 263 -61.53 -66.78 -85.04
N SER SA 264 -60.27 -66.58 -85.42
CA SER SA 264 -59.73 -67.34 -86.54
C SER SA 264 -59.43 -68.78 -86.13
N THR SA 265 -59.09 -69.00 -84.85
CA THR SA 265 -58.81 -70.36 -84.39
C THR SA 265 -60.05 -71.25 -84.49
N GLY SA 266 -61.22 -70.69 -84.24
CA GLY SA 266 -62.42 -71.51 -84.22
C GLY SA 266 -62.46 -72.51 -83.09
N ALA SA 267 -62.10 -72.08 -81.89
CA ALA SA 267 -62.02 -72.97 -80.74
C ALA SA 267 -63.40 -73.20 -80.14
N SER SA 268 -63.46 -74.06 -79.12
CA SER SA 268 -64.68 -74.28 -78.38
C SER SA 268 -64.96 -73.10 -77.47
N ASN SA 269 -66.18 -73.08 -76.91
CA ASN SA 269 -66.56 -71.98 -76.03
C ASN SA 269 -65.66 -71.89 -74.80
N ASP SA 270 -65.10 -73.01 -74.36
CA ASP SA 270 -64.24 -73.03 -73.20
C ASP SA 270 -62.87 -72.44 -73.48
N ASN SA 271 -62.44 -72.41 -74.74
CA ASN SA 271 -61.10 -71.99 -75.11
C ASN SA 271 -61.08 -70.62 -75.78
N HIS SA 272 -62.19 -69.90 -75.75
CA HIS SA 272 -62.24 -68.57 -76.34
C HIS SA 272 -61.41 -67.59 -75.53
N TYR SA 273 -60.78 -66.64 -76.21
CA TYR SA 273 -59.99 -65.63 -75.52
C TYR SA 273 -59.89 -64.38 -76.39
N PHE SA 274 -59.52 -63.28 -75.73
CA PHE SA 274 -59.25 -62.02 -76.38
C PHE SA 274 -58.11 -61.36 -75.63
N GLY SA 275 -57.14 -60.83 -76.37
CA GLY SA 275 -56.02 -60.21 -75.72
C GLY SA 275 -55.13 -59.48 -76.69
N TYR SA 276 -53.91 -59.21 -76.25
CA TYR SA 276 -52.96 -58.45 -77.03
C TYR SA 276 -51.58 -59.07 -76.95
N SER SA 277 -50.86 -58.97 -78.07
CA SER SA 277 -49.47 -59.39 -78.19
C SER SA 277 -48.62 -58.13 -78.30
N THR SA 278 -47.64 -57.98 -77.42
CA THR SA 278 -46.82 -56.78 -77.49
C THR SA 278 -45.48 -57.10 -78.13
N PRO SA 279 -44.76 -56.10 -78.61
CA PRO SA 279 -43.39 -56.33 -79.12
C PRO SA 279 -42.34 -56.51 -78.03
N TRP SA 280 -42.74 -56.52 -76.77
CA TRP SA 280 -41.82 -56.65 -75.65
C TRP SA 280 -41.60 -58.11 -75.28
N GLY SA 281 -40.43 -58.39 -74.72
CA GLY SA 281 -40.18 -59.63 -74.02
C GLY SA 281 -40.08 -59.35 -72.53
N TYR SA 282 -40.07 -60.41 -71.75
CA TYR SA 282 -39.97 -60.26 -70.31
C TYR SA 282 -38.95 -61.26 -69.76
N PHE SA 283 -38.41 -60.94 -68.60
CA PHE SA 283 -37.46 -61.79 -67.91
C PHE SA 283 -38.18 -62.61 -66.85
N ASP SA 284 -37.95 -63.92 -66.88
CA ASP SA 284 -38.60 -64.85 -65.97
C ASP SA 284 -37.55 -65.68 -65.25
N PHE SA 285 -37.60 -65.67 -63.92
CA PHE SA 285 -36.75 -66.53 -63.12
C PHE SA 285 -37.60 -67.13 -62.00
N ASN SA 286 -38.80 -67.59 -62.35
CA ASN SA 286 -39.76 -68.10 -61.40
C ASN SA 286 -39.78 -69.63 -61.35
N ARG SA 287 -38.60 -70.25 -61.44
CA ARG SA 287 -38.44 -71.67 -61.17
C ARG SA 287 -37.26 -71.85 -60.23
N PHE SA 288 -37.31 -72.91 -59.44
CA PHE SA 288 -36.30 -73.09 -58.40
C PHE SA 288 -34.95 -73.46 -59.00
N HIS SA 289 -34.92 -74.13 -60.14
CA HIS SA 289 -33.65 -74.52 -60.74
C HIS SA 289 -32.97 -73.37 -61.48
N CYS SA 290 -33.63 -72.22 -61.63
CA CYS SA 290 -32.94 -71.03 -62.10
C CYS SA 290 -31.97 -70.51 -61.04
N HIS SA 291 -32.10 -70.96 -59.80
CA HIS SA 291 -31.31 -70.46 -58.70
C HIS SA 291 -30.53 -71.52 -57.95
N PHE SA 292 -31.05 -72.74 -57.86
CA PHE SA 292 -30.40 -73.81 -57.13
C PHE SA 292 -29.86 -74.84 -58.11
N SER SA 293 -28.59 -75.22 -57.93
CA SER SA 293 -28.09 -76.42 -58.55
C SER SA 293 -28.73 -77.62 -57.85
N PRO SA 294 -28.74 -78.79 -58.48
CA PRO SA 294 -29.27 -79.97 -57.79
C PRO SA 294 -28.54 -80.28 -56.49
N ARG SA 295 -27.24 -80.05 -56.43
CA ARG SA 295 -26.50 -80.23 -55.18
C ARG SA 295 -26.97 -79.25 -54.12
N ASP SA 296 -27.18 -77.99 -54.49
CA ASP SA 296 -27.68 -77.00 -53.53
C ASP SA 296 -29.08 -77.33 -53.07
N TRP SA 297 -29.93 -77.80 -53.98
CA TRP SA 297 -31.28 -78.22 -53.62
C TRP SA 297 -31.25 -79.37 -52.63
N GLN SA 298 -30.39 -80.36 -52.88
CA GLN SA 298 -30.25 -81.47 -51.95
C GLN SA 298 -29.75 -81.01 -50.60
N ARG SA 299 -28.78 -80.10 -50.59
CA ARG SA 299 -28.26 -79.55 -49.34
C ARG SA 299 -29.35 -78.82 -48.57
N LEU SA 300 -30.22 -78.10 -49.27
CA LEU SA 300 -31.32 -77.39 -48.62
C LEU SA 300 -32.34 -78.36 -48.04
N ILE SA 301 -32.80 -79.31 -48.85
CA ILE SA 301 -33.93 -80.16 -48.47
C ILE SA 301 -33.53 -81.25 -47.49
N ASN SA 302 -32.27 -81.62 -47.43
CA ASN SA 302 -31.85 -82.65 -46.49
C ASN SA 302 -31.56 -82.10 -45.11
N ASN SA 303 -31.50 -80.78 -44.96
CA ASN SA 303 -31.04 -80.17 -43.73
C ASN SA 303 -31.96 -79.13 -43.14
N ASN SA 304 -32.93 -78.63 -43.90
CA ASN SA 304 -33.76 -77.53 -43.42
C ASN SA 304 -35.20 -77.97 -43.28
N TRP SA 305 -35.85 -77.52 -42.22
CA TRP SA 305 -37.27 -77.73 -42.02
C TRP SA 305 -38.12 -76.77 -42.81
N GLY SA 306 -37.57 -75.64 -43.22
CA GLY SA 306 -38.36 -74.74 -44.04
C GLY SA 306 -37.49 -73.68 -44.68
N PHE SA 307 -38.06 -72.99 -45.64
CA PHE SA 307 -37.30 -71.90 -46.26
C PHE SA 307 -38.24 -70.89 -46.90
N ARG SA 308 -37.73 -69.69 -47.14
CA ARG SA 308 -38.52 -68.66 -47.80
C ARG SA 308 -37.59 -67.62 -48.39
N PRO SA 309 -38.04 -66.85 -49.38
CA PRO SA 309 -37.19 -65.79 -49.94
C PRO SA 309 -37.29 -64.48 -49.20
N LYS SA 310 -36.13 -63.85 -49.00
CA LYS SA 310 -35.98 -62.57 -48.33
C LYS SA 310 -35.76 -61.42 -49.29
N ARG SA 311 -34.80 -61.51 -50.20
CA ARG SA 311 -34.59 -60.36 -51.07
C ARG SA 311 -33.96 -60.80 -52.38
N LEU SA 312 -34.00 -59.92 -53.37
CA LEU SA 312 -33.37 -60.22 -54.65
C LEU SA 312 -32.79 -58.97 -55.29
N ASN SA 313 -31.74 -59.21 -56.07
CA ASN SA 313 -31.09 -58.23 -56.93
C ASN SA 313 -31.13 -58.74 -58.36
N PHE SA 314 -31.42 -57.84 -59.29
CA PHE SA 314 -31.49 -58.15 -60.71
C PHE SA 314 -30.55 -57.21 -61.43
N LYS SA 315 -29.72 -57.75 -62.30
CA LYS SA 315 -28.80 -56.95 -63.09
C LYS SA 315 -28.85 -57.41 -64.55
N LEU SA 316 -28.74 -56.44 -65.45
CA LEU SA 316 -28.73 -56.65 -66.89
C LEU SA 316 -27.52 -55.93 -67.43
N PHE SA 317 -26.61 -56.66 -68.07
CA PHE SA 317 -25.33 -56.06 -68.41
C PHE SA 317 -24.78 -56.68 -69.68
N ASN SA 318 -23.78 -56.02 -70.25
CA ASN SA 318 -23.07 -56.45 -71.45
C ASN SA 318 -24.02 -56.57 -72.63
N ILE SA 319 -24.73 -55.48 -72.92
CA ILE SA 319 -25.69 -55.45 -74.01
C ILE SA 319 -24.96 -55.36 -75.33
N GLN SA 320 -25.36 -56.18 -76.29
CA GLN SA 320 -24.85 -56.13 -77.65
C GLN SA 320 -26.02 -56.18 -78.61
N VAL SA 321 -26.22 -55.12 -79.37
CA VAL SA 321 -27.24 -55.10 -80.42
C VAL SA 321 -26.58 -55.50 -81.73
N LYS SA 322 -27.20 -56.44 -82.42
CA LYS SA 322 -26.68 -56.97 -83.67
C LYS SA 322 -27.67 -56.72 -84.80
N GLU SA 323 -27.16 -56.16 -85.88
CA GLU SA 323 -27.89 -55.95 -87.12
C GLU SA 323 -27.75 -57.15 -88.03
N VAL SA 324 -28.85 -57.57 -88.65
CA VAL SA 324 -28.90 -58.75 -89.51
C VAL SA 324 -29.38 -58.34 -90.89
N THR SA 325 -28.64 -58.75 -91.93
CA THR SA 325 -29.05 -58.55 -93.32
C THR SA 325 -28.94 -59.88 -94.05
N THR SA 326 -30.03 -60.31 -94.68
CA THR SA 326 -30.01 -61.52 -95.49
C THR SA 326 -30.15 -61.12 -96.97
N ASN SA 327 -29.10 -61.41 -97.74
CA ASN SA 327 -29.07 -61.14 -99.18
C ASN SA 327 -28.69 -62.40 -99.93
N ASP SA 328 -29.48 -62.74 -100.95
CA ASP SA 328 -29.21 -63.90 -101.81
C ASP SA 328 -29.09 -65.18 -101.00
N GLY SA 329 -29.74 -65.22 -99.83
CA GLY SA 329 -29.73 -66.38 -98.98
C GLY SA 329 -28.63 -66.41 -97.93
N VAL SA 330 -27.64 -65.52 -98.03
CA VAL SA 330 -26.55 -65.49 -97.06
C VAL SA 330 -26.80 -64.36 -96.07
N THR SA 331 -26.49 -64.62 -94.80
CA THR SA 331 -26.83 -63.73 -93.70
C THR SA 331 -25.57 -63.10 -93.13
N THR SA 332 -25.58 -61.78 -93.02
CA THR SA 332 -24.52 -61.00 -92.40
C THR SA 332 -25.02 -60.44 -91.08
N ILE SA 333 -24.21 -60.59 -90.04
CA ILE SA 333 -24.49 -60.01 -88.74
C ILE SA 333 -23.38 -59.04 -88.40
N ALA SA 334 -23.75 -57.83 -88.01
CA ALA SA 334 -22.80 -56.81 -87.62
C ALA SA 334 -23.20 -56.24 -86.27
N ASN SA 335 -22.29 -55.52 -85.65
CA ASN SA 335 -22.59 -54.82 -84.42
C ASN SA 335 -23.23 -53.47 -84.72
N ASN SA 336 -24.27 -53.13 -83.97
CA ASN SA 336 -24.90 -51.83 -84.05
C ASN SA 336 -24.57 -51.12 -82.74
N LEU SA 337 -23.53 -50.28 -82.77
CA LEU SA 337 -23.01 -49.71 -81.53
C LEU SA 337 -23.90 -48.61 -80.96
N THR SA 338 -24.80 -48.05 -81.75
CA THR SA 338 -25.61 -46.92 -81.32
C THR SA 338 -27.07 -47.28 -81.06
N SER SA 339 -27.42 -48.56 -81.10
CA SER SA 339 -28.78 -48.99 -80.85
C SER SA 339 -29.01 -49.22 -79.36
N THR SA 340 -30.28 -49.19 -78.96
CA THR SA 340 -30.64 -49.30 -77.56
C THR SA 340 -31.64 -50.42 -77.34
N VAL SA 341 -31.64 -50.93 -76.11
CA VAL SA 341 -32.73 -51.76 -75.59
C VAL SA 341 -33.42 -50.98 -74.49
N GLN SA 342 -34.75 -50.97 -74.53
CA GLN SA 342 -35.54 -50.37 -73.47
C GLN SA 342 -35.87 -51.42 -72.43
N VAL SA 343 -35.62 -51.11 -71.16
CA VAL SA 343 -35.90 -52.01 -70.05
C VAL SA 343 -36.67 -51.23 -69.00
N PHE SA 344 -37.71 -51.84 -68.46
CA PHE SA 344 -38.35 -51.25 -67.29
C PHE SA 344 -38.91 -52.35 -66.40
N SER SA 345 -39.03 -52.03 -65.11
CA SER SA 345 -39.61 -52.92 -64.12
C SER SA 345 -40.98 -52.39 -63.76
N ASP SA 346 -41.97 -53.27 -63.75
CA ASP SA 346 -43.36 -52.87 -63.44
C ASP SA 346 -43.57 -52.97 -61.94
N SER SA 347 -42.97 -52.02 -61.22
CA SER SA 347 -42.91 -52.07 -59.77
C SER SA 347 -44.23 -51.75 -59.10
N GLU SA 348 -45.15 -51.09 -59.80
CA GLU SA 348 -46.45 -50.75 -59.25
C GLU SA 348 -47.54 -51.70 -59.68
N TYR SA 349 -47.19 -52.79 -60.38
CA TYR SA 349 -48.14 -53.81 -60.79
C TYR SA 349 -49.32 -53.23 -61.56
N GLN SA 350 -49.00 -52.34 -62.49
CA GLN SA 350 -50.00 -51.71 -63.33
C GLN SA 350 -50.30 -52.50 -64.60
N LEU SA 351 -49.56 -53.53 -64.86
CA LEU SA 351 -49.69 -54.40 -66.01
C LEU SA 351 -50.29 -55.72 -65.61
N PRO SA 352 -50.91 -56.44 -66.54
CA PRO SA 352 -51.30 -57.82 -66.24
C PRO SA 352 -50.08 -58.67 -65.91
N TYR SA 353 -50.19 -59.44 -64.83
CA TYR SA 353 -49.09 -60.27 -64.35
C TYR SA 353 -49.19 -61.63 -65.02
N VAL SA 354 -48.33 -61.88 -66.00
CA VAL SA 354 -48.35 -63.17 -66.69
C VAL SA 354 -47.36 -64.15 -66.09
N LEU SA 355 -46.50 -63.70 -65.19
CA LEU SA 355 -45.69 -64.64 -64.43
C LEU SA 355 -46.60 -65.40 -63.47
N GLY SA 356 -46.12 -66.53 -62.98
CA GLY SA 356 -46.94 -67.32 -62.09
C GLY SA 356 -47.98 -68.16 -62.78
N SER SA 357 -47.89 -68.33 -64.09
CA SER SA 357 -48.72 -69.25 -64.84
C SER SA 357 -47.94 -70.44 -65.36
N ALA SA 358 -46.70 -70.62 -64.88
CA ALA SA 358 -45.85 -71.76 -65.23
C ALA SA 358 -45.54 -71.82 -66.72
N HIS SA 359 -45.03 -70.71 -67.25
CA HIS SA 359 -44.72 -70.62 -68.66
C HIS SA 359 -43.25 -70.90 -68.92
N GLN SA 360 -42.97 -71.30 -70.15
CA GLN SA 360 -41.60 -71.45 -70.60
C GLN SA 360 -40.93 -70.09 -70.76
N GLY SA 361 -39.62 -70.09 -70.83
CA GLY SA 361 -38.89 -68.86 -71.01
C GLY SA 361 -38.11 -68.39 -69.81
N CYS SA 362 -38.08 -69.19 -68.74
CA CYS SA 362 -37.27 -68.88 -67.59
C CYS SA 362 -35.79 -69.03 -67.91
N LEU SA 363 -34.95 -68.59 -66.98
CA LEU SA 363 -33.54 -68.89 -67.10
C LEU SA 363 -33.34 -70.41 -67.10
N PRO SA 364 -32.50 -70.93 -67.97
CA PRO SA 364 -32.29 -72.38 -68.03
C PRO SA 364 -31.65 -72.89 -66.74
N PRO SA 365 -31.90 -74.16 -66.38
CA PRO SA 365 -31.28 -74.70 -65.16
C PRO SA 365 -29.76 -74.73 -65.24
N PHE SA 366 -29.21 -75.04 -66.40
CA PHE SA 366 -27.77 -75.16 -66.55
C PHE SA 366 -27.17 -73.79 -66.87
N PRO SA 367 -26.18 -73.32 -66.10
CA PRO SA 367 -25.64 -71.98 -66.32
C PRO SA 367 -24.96 -71.77 -67.66
N ALA SA 368 -24.61 -72.83 -68.37
CA ALA SA 368 -23.95 -72.70 -69.66
C ALA SA 368 -24.95 -72.48 -70.80
N ASP SA 369 -26.23 -72.59 -70.54
CA ASP SA 369 -27.22 -72.51 -71.61
C ASP SA 369 -27.60 -71.07 -71.92
N VAL SA 370 -27.76 -70.80 -73.21
CA VAL SA 370 -28.17 -69.49 -73.69
C VAL SA 370 -29.65 -69.55 -74.03
N PHE SA 371 -30.42 -68.59 -73.52
CA PHE SA 371 -31.87 -68.69 -73.64
C PHE SA 371 -32.45 -67.49 -74.38
N MET SA 372 -33.52 -67.76 -75.11
CA MET SA 372 -34.28 -66.74 -75.81
C MET SA 372 -35.30 -66.13 -74.88
N ILE SA 373 -35.49 -64.83 -74.98
CA ILE SA 373 -36.41 -64.13 -74.08
C ILE SA 373 -37.84 -64.27 -74.62
N PRO SA 374 -38.79 -64.69 -73.80
CA PRO SA 374 -40.16 -64.90 -74.29
C PRO SA 374 -40.91 -63.59 -74.52
N GLN SA 375 -41.86 -63.64 -75.46
CA GLN SA 375 -42.64 -62.46 -75.81
C GLN SA 375 -43.71 -62.18 -74.77
N TYR SA 376 -43.98 -60.90 -74.54
CA TYR SA 376 -45.02 -60.50 -73.61
C TYR SA 376 -46.36 -60.38 -74.32
N GLY SA 377 -47.38 -60.92 -73.71
CA GLY SA 377 -48.73 -60.76 -74.18
C GLY SA 377 -49.66 -61.00 -73.01
N TYR SA 378 -50.87 -60.50 -73.12
CA TYR SA 378 -51.82 -60.64 -72.03
C TYR SA 378 -53.20 -60.88 -72.61
N LEU SA 379 -54.10 -61.32 -71.75
CA LEU SA 379 -55.49 -61.52 -72.08
C LEU SA 379 -56.32 -60.53 -71.28
N THR SA 380 -57.46 -60.13 -71.84
CA THR SA 380 -58.38 -59.24 -71.17
C THR SA 380 -59.77 -59.85 -71.21
N LEU SA 381 -60.74 -59.13 -70.66
CA LEU SA 381 -62.11 -59.63 -70.62
C LEU SA 381 -62.60 -59.93 -72.02
N ASN SA 382 -63.23 -61.09 -72.18
CA ASN SA 382 -63.75 -61.51 -73.47
C ASN SA 382 -65.15 -62.07 -73.32
N ASN SA 383 -65.95 -61.87 -74.37
CA ASN SA 383 -67.29 -62.43 -74.51
C ASN SA 383 -67.25 -63.31 -75.74
N GLY SA 384 -66.81 -64.54 -75.55
CA GLY SA 384 -66.49 -65.38 -76.70
C GLY SA 384 -65.16 -64.97 -77.25
N SER SA 385 -65.09 -64.76 -78.56
CA SER SA 385 -63.89 -64.23 -79.19
C SER SA 385 -63.90 -62.70 -79.26
N GLN SA 386 -64.91 -62.06 -78.70
CA GLN SA 386 -65.05 -60.62 -78.75
C GLN SA 386 -64.60 -59.99 -77.44
N ALA SA 387 -64.47 -58.67 -77.45
CA ALA SA 387 -64.12 -57.91 -76.27
C ALA SA 387 -65.38 -57.32 -75.65
N VAL SA 388 -65.20 -56.60 -74.54
CA VAL SA 388 -66.27 -55.86 -73.91
C VAL SA 388 -65.79 -54.44 -73.68
N GLY SA 389 -66.65 -53.61 -73.08
CA GLY SA 389 -66.27 -52.24 -72.79
C GLY SA 389 -65.17 -52.14 -71.76
N ARG SA 390 -65.17 -53.05 -70.79
CA ARG SA 390 -64.19 -53.04 -69.71
C ARG SA 390 -62.93 -53.80 -70.05
N SER SA 391 -62.82 -54.32 -71.27
CA SER SA 391 -61.57 -54.89 -71.73
C SER SA 391 -60.51 -53.81 -71.79
N SER SA 392 -59.35 -54.09 -71.22
CA SER SA 392 -58.28 -53.10 -71.13
C SER SA 392 -57.25 -53.33 -72.23
N PHE SA 393 -56.59 -52.25 -72.60
CA PHE SA 393 -55.45 -52.27 -73.50
C PHE SA 393 -54.32 -51.52 -72.82
N TYR SA 394 -53.12 -52.06 -72.89
CA TYR SA 394 -51.95 -51.47 -72.25
C TYR SA 394 -50.89 -51.26 -73.31
N CYS SA 395 -50.51 -50.01 -73.54
CA CYS SA 395 -49.30 -49.70 -74.28
C CYS SA 395 -48.14 -49.72 -73.29
N LEU SA 396 -47.16 -50.56 -73.54
CA LEU SA 396 -46.00 -50.64 -72.66
C LEU SA 396 -45.00 -49.53 -72.93
N GLU SA 397 -45.12 -48.83 -74.05
CA GLU SA 397 -44.34 -47.62 -74.27
C GLU SA 397 -44.87 -46.45 -73.47
N TYR SA 398 -46.03 -46.59 -72.85
CA TYR SA 398 -46.59 -45.59 -71.96
C TYR SA 398 -46.01 -45.67 -70.56
N PHE SA 399 -44.86 -46.31 -70.40
CA PHE SA 399 -44.12 -46.40 -69.17
C PHE SA 399 -42.77 -45.72 -69.32
N PRO SA 400 -42.20 -45.21 -68.22
CA PRO SA 400 -40.79 -44.78 -68.27
C PRO SA 400 -39.87 -45.98 -68.38
N SER SA 401 -39.04 -45.99 -69.41
CA SER SA 401 -38.08 -47.05 -69.65
C SER SA 401 -36.67 -46.48 -69.57
N GLN SA 402 -35.73 -47.32 -69.16
CA GLN SA 402 -34.32 -46.99 -69.28
C GLN SA 402 -33.82 -47.51 -70.61
N MET SA 403 -33.20 -46.63 -71.38
CA MET SA 403 -32.61 -46.97 -72.67
C MET SA 403 -31.14 -47.30 -72.47
N LEU SA 404 -30.74 -48.48 -72.93
CA LEU SA 404 -29.40 -49.00 -72.70
C LEU SA 404 -28.69 -49.16 -74.03
N ARG SA 405 -27.57 -48.47 -74.18
CA ARG SA 405 -26.65 -48.75 -75.27
C ARG SA 405 -25.66 -49.81 -74.81
N THR SA 406 -24.66 -50.10 -75.63
CA THR SA 406 -23.80 -51.24 -75.34
C THR SA 406 -22.93 -51.05 -74.11
N GLY SA 407 -22.81 -49.83 -73.59
CA GLY SA 407 -22.00 -49.61 -72.41
C GLY SA 407 -22.78 -49.45 -71.14
N ASN SA 408 -24.10 -49.56 -71.20
CA ASN SA 408 -24.97 -49.34 -70.06
C ASN SA 408 -25.42 -50.65 -69.43
N ASN SA 409 -25.79 -50.57 -68.17
CA ASN SA 409 -26.39 -51.70 -67.47
C ASN SA 409 -27.63 -51.23 -66.71
N PHE SA 410 -28.36 -52.20 -66.18
CA PHE SA 410 -29.63 -52.00 -65.52
C PHE SA 410 -29.63 -52.76 -64.21
N THR SA 411 -29.99 -52.12 -63.11
CA THR SA 411 -30.04 -52.80 -61.82
C THR SA 411 -31.39 -52.56 -61.17
N PHE SA 412 -31.79 -53.49 -60.31
CA PHE SA 412 -33.08 -53.38 -59.65
C PHE SA 412 -33.09 -54.27 -58.41
N SER SA 413 -33.48 -53.71 -57.28
CA SER SA 413 -33.56 -54.46 -56.03
C SER SA 413 -35.00 -54.63 -55.60
N TYR SA 414 -35.27 -55.73 -54.90
CA TYR SA 414 -36.62 -56.02 -54.45
C TYR SA 414 -36.55 -56.75 -53.11
N THR SA 415 -37.47 -56.43 -52.23
CA THR SA 415 -37.58 -57.11 -50.93
C THR SA 415 -38.90 -57.87 -50.89
N PHE SA 416 -38.82 -59.15 -50.53
CA PHE SA 416 -40.03 -59.94 -50.37
C PHE SA 416 -40.76 -59.55 -49.10
N GLU SA 417 -42.09 -59.62 -49.17
CA GLU SA 417 -42.90 -59.48 -47.96
C GLU SA 417 -42.70 -60.69 -47.05
N GLU SA 418 -43.12 -60.54 -45.80
CA GLU SA 418 -42.99 -61.63 -44.84
C GLU SA 418 -44.00 -62.70 -45.19
N VAL SA 419 -43.54 -63.73 -45.89
CA VAL SA 419 -44.34 -64.86 -46.32
C VAL SA 419 -44.02 -66.00 -45.35
N PRO SA 420 -44.93 -66.93 -45.10
CA PRO SA 420 -44.58 -68.08 -44.26
C PRO SA 420 -43.54 -68.98 -44.93
N PHE SA 421 -42.75 -69.63 -44.08
CA PHE SA 421 -41.79 -70.61 -44.57
C PHE SA 421 -42.52 -71.73 -45.30
N HIS SA 422 -41.98 -72.13 -46.44
CA HIS SA 422 -42.41 -73.40 -47.02
C HIS SA 422 -41.86 -74.53 -46.18
N SER SA 423 -42.68 -75.57 -46.05
CA SER SA 423 -42.43 -76.72 -45.19
C SER SA 423 -41.62 -77.76 -45.94
N SER SA 424 -40.34 -77.88 -45.62
CA SER SA 424 -39.49 -78.92 -46.19
C SER SA 424 -39.50 -80.19 -45.36
N TYR SA 425 -40.60 -80.47 -44.68
CA TYR SA 425 -40.70 -81.62 -43.81
C TYR SA 425 -41.97 -82.40 -44.12
N ALA SA 426 -41.94 -83.68 -43.78
CA ALA SA 426 -43.11 -84.51 -43.62
C ALA SA 426 -43.44 -84.64 -42.14
N HIS SA 427 -44.61 -85.18 -41.86
CA HIS SA 427 -45.03 -85.41 -40.48
C HIS SA 427 -44.77 -86.85 -40.10
N SER SA 428 -44.22 -87.05 -38.90
CA SER SA 428 -43.96 -88.38 -38.37
C SER SA 428 -45.20 -89.02 -37.77
N GLN SA 429 -46.27 -88.27 -37.59
CA GLN SA 429 -47.52 -88.78 -37.07
C GLN SA 429 -48.63 -88.50 -38.05
N SER SA 430 -49.67 -89.33 -38.00
CA SER SA 430 -50.88 -89.10 -38.75
C SER SA 430 -51.89 -88.39 -37.87
N LEU SA 431 -52.82 -87.67 -38.51
CA LEU SA 431 -53.76 -86.84 -37.76
C LEU SA 431 -54.74 -87.68 -36.96
N ASP SA 432 -55.07 -88.88 -37.42
CA ASP SA 432 -55.96 -89.77 -36.69
C ASP SA 432 -55.20 -90.70 -35.75
N ARG SA 433 -53.94 -90.41 -35.47
CA ARG SA 433 -53.10 -91.23 -34.62
C ARG SA 433 -52.30 -90.36 -33.66
N LEU SA 434 -52.95 -89.37 -33.08
CA LEU SA 434 -52.28 -88.40 -32.21
C LEU SA 434 -52.45 -88.73 -30.73
N MET SA 435 -52.99 -89.89 -30.41
CA MET SA 435 -53.32 -90.25 -29.05
C MET SA 435 -52.20 -91.04 -28.39
N ASN SA 436 -52.28 -91.15 -27.08
CA ASN SA 436 -51.46 -92.10 -26.34
C ASN SA 436 -52.00 -93.50 -26.60
N PRO SA 437 -51.21 -94.42 -27.14
CA PRO SA 437 -51.70 -95.77 -27.41
C PRO SA 437 -51.77 -96.68 -26.20
N LEU SA 438 -51.49 -96.19 -25.00
CA LEU SA 438 -51.53 -97.01 -23.80
C LEU SA 438 -52.67 -96.65 -22.86
N ILE SA 439 -53.13 -95.42 -22.89
CA ILE SA 439 -54.11 -94.92 -21.92
C ILE SA 439 -55.47 -94.83 -22.59
N ASP SA 440 -56.52 -95.12 -21.83
CA ASP SA 440 -57.87 -94.95 -22.31
C ASP SA 440 -58.27 -93.48 -22.24
N GLN SA 441 -59.44 -93.18 -22.76
CA GLN SA 441 -60.00 -91.85 -22.68
C GLN SA 441 -61.01 -91.78 -21.53
N TYR SA 442 -61.36 -90.57 -21.15
CA TYR SA 442 -62.48 -90.37 -20.23
C TYR SA 442 -63.76 -90.02 -20.95
N LEU SA 443 -63.75 -90.06 -22.28
CA LEU SA 443 -64.91 -89.75 -23.10
C LEU SA 443 -65.53 -91.04 -23.60
N TYR SA 444 -66.85 -91.09 -23.59
CA TYR SA 444 -67.59 -92.26 -24.06
C TYR SA 444 -68.21 -91.97 -25.41
N TYR SA 445 -68.49 -93.04 -26.14
CA TYR SA 445 -69.15 -92.94 -27.43
C TYR SA 445 -70.18 -94.06 -27.51
N LEU SA 446 -71.20 -93.83 -28.34
CA LEU SA 446 -72.20 -94.87 -28.57
C LEU SA 446 -71.58 -95.98 -29.41
N ASN SA 447 -71.52 -97.18 -28.83
CA ASN SA 447 -70.85 -98.30 -29.46
C ASN SA 447 -71.82 -99.29 -30.11
N ARG SA 448 -72.93 -99.59 -29.43
CA ARG SA 448 -73.93 -100.51 -29.95
C ARG SA 448 -75.30 -99.89 -29.82
N THR SA 449 -76.13 -100.06 -30.83
CA THR SA 449 -77.55 -99.80 -30.71
C THR SA 449 -78.37 -101.08 -30.76
N GLN SA 450 -77.73 -102.24 -30.66
CA GLN SA 450 -78.40 -103.52 -30.54
C GLN SA 450 -77.73 -104.31 -29.42
N ASN SA 451 -78.42 -105.35 -28.95
CA ASN SA 451 -77.88 -106.17 -27.88
C ASN SA 451 -76.68 -106.95 -28.36
N GLN SA 452 -75.64 -107.00 -27.53
CA GLN SA 452 -74.40 -107.66 -27.90
C GLN SA 452 -74.51 -109.18 -27.87
N SER SA 453 -75.40 -109.74 -27.04
CA SER SA 453 -75.47 -111.18 -26.87
C SER SA 453 -75.84 -111.89 -28.17
N GLY SA 454 -76.83 -111.39 -28.89
CA GLY SA 454 -77.21 -111.95 -30.16
C GLY SA 454 -78.27 -113.03 -30.11
N SER SA 455 -78.56 -113.59 -28.93
CA SER SA 455 -79.63 -114.58 -28.82
C SER SA 455 -80.97 -113.95 -29.19
N ALA SA 456 -81.20 -112.73 -28.73
CA ALA SA 456 -82.27 -111.89 -29.23
C ALA SA 456 -81.68 -110.75 -30.05
N GLN SA 457 -82.53 -110.07 -30.80
CA GLN SA 457 -82.12 -108.98 -31.68
C GLN SA 457 -82.72 -107.65 -31.23
N ASN SA 458 -82.67 -107.38 -29.92
CA ASN SA 458 -83.29 -106.20 -29.38
C ASN SA 458 -82.37 -104.99 -29.49
N LYS SA 459 -82.97 -103.81 -29.55
CA LYS SA 459 -82.21 -102.58 -29.59
C LYS SA 459 -81.69 -102.25 -28.19
N ASP SA 460 -80.75 -101.31 -28.14
CA ASP SA 460 -80.18 -100.86 -26.89
C ASP SA 460 -79.43 -99.56 -27.11
N LEU SA 461 -78.81 -99.07 -26.05
CA LEU SA 461 -77.93 -97.89 -26.11
C LEU SA 461 -76.73 -98.22 -25.23
N LEU SA 462 -75.70 -98.78 -25.84
CA LEU SA 462 -74.52 -99.23 -25.12
C LEU SA 462 -73.34 -98.32 -25.46
N PHE SA 463 -72.67 -97.81 -24.44
CA PHE SA 463 -71.61 -96.84 -24.59
C PHE SA 463 -70.29 -97.45 -24.17
N SER SA 464 -69.24 -97.17 -24.94
CA SER SA 464 -67.90 -97.65 -24.64
C SER SA 464 -66.97 -96.48 -24.41
N ARG SA 465 -65.89 -96.76 -23.71
CA ARG SA 465 -64.85 -95.78 -23.45
C ARG SA 465 -63.82 -95.80 -24.56
N GLY SA 466 -63.33 -94.61 -24.92
CA GLY SA 466 -62.28 -94.51 -25.91
C GLY SA 466 -61.03 -95.24 -25.48
N SER SA 467 -60.66 -96.27 -26.22
CA SER SA 467 -59.58 -97.17 -25.86
C SER SA 467 -58.61 -97.34 -27.02
N PRO SA 468 -57.37 -97.73 -26.74
CA PRO SA 468 -56.42 -97.99 -27.84
C PRO SA 468 -56.81 -99.16 -28.72
N ALA SA 469 -57.72 -100.04 -28.27
CA ALA SA 469 -58.19 -101.12 -29.13
C ALA SA 469 -58.91 -100.56 -30.35
N GLY SA 470 -59.88 -99.67 -30.13
CA GLY SA 470 -60.52 -98.99 -31.23
C GLY SA 470 -60.09 -97.54 -31.32
N MET SA 471 -59.18 -97.25 -32.23
CA MET SA 471 -58.68 -95.89 -32.41
C MET SA 471 -59.49 -95.11 -33.42
N SER SA 472 -60.25 -95.79 -34.27
CA SER SA 472 -61.06 -95.13 -35.28
C SER SA 472 -62.29 -94.46 -34.70
N VAL SA 473 -62.76 -94.92 -33.53
CA VAL SA 473 -63.98 -94.40 -32.93
C VAL SA 473 -63.70 -93.46 -31.77
N GLN SA 474 -62.44 -93.22 -31.45
CA GLN SA 474 -62.11 -92.29 -30.38
C GLN SA 474 -62.48 -90.87 -30.77
N PRO SA 475 -63.06 -90.09 -29.86
CA PRO SA 475 -63.21 -88.66 -30.10
C PRO SA 475 -61.86 -88.01 -30.37
N LYS SA 476 -61.83 -87.08 -31.31
CA LYS SA 476 -60.61 -86.40 -31.71
C LYS SA 476 -60.86 -84.91 -31.80
N ASN SA 477 -59.77 -84.15 -31.94
CA ASN SA 477 -59.84 -82.70 -31.85
C ASN SA 477 -59.79 -82.00 -33.20
N TRP SA 478 -59.33 -82.67 -34.25
CA TRP SA 478 -59.07 -82.02 -35.52
C TRP SA 478 -59.62 -82.85 -36.66
N LEU SA 479 -59.69 -82.24 -37.83
CA LEU SA 479 -60.22 -82.83 -39.05
C LEU SA 479 -59.20 -82.72 -40.17
N PRO SA 480 -59.20 -83.65 -41.12
CA PRO SA 480 -58.34 -83.51 -42.30
C PRO SA 480 -58.79 -82.36 -43.18
N GLY SA 481 -57.85 -81.84 -43.95
CA GLY SA 481 -58.08 -80.69 -44.79
C GLY SA 481 -59.18 -80.89 -45.81
N PRO SA 482 -59.50 -79.83 -46.53
CA PRO SA 482 -60.59 -79.90 -47.52
C PRO SA 482 -60.19 -80.74 -48.71
N CYS SA 483 -61.22 -81.22 -49.43
CA CYS SA 483 -60.98 -82.09 -50.57
C CYS SA 483 -61.87 -81.68 -51.73
N TYR SA 484 -61.45 -82.03 -52.94
CA TYR SA 484 -62.25 -81.89 -54.15
C TYR SA 484 -61.88 -83.06 -55.06
N ARG SA 485 -62.68 -84.12 -55.00
CA ARG SA 485 -62.27 -85.41 -55.52
C ARG SA 485 -61.90 -85.36 -57.00
N GLN SA 486 -60.84 -86.07 -57.36
CA GLN SA 486 -60.37 -86.22 -58.72
C GLN SA 486 -60.62 -87.65 -59.19
N GLN SA 487 -60.49 -87.86 -60.49
CA GLN SA 487 -60.63 -89.18 -61.07
C GLN SA 487 -59.31 -89.93 -60.99
N ARG SA 488 -59.39 -91.23 -60.74
CA ARG SA 488 -58.22 -92.06 -60.48
C ARG SA 488 -57.76 -92.70 -61.79
N VAL SA 489 -56.54 -92.40 -62.20
CA VAL SA 489 -55.95 -92.96 -63.41
C VAL SA 489 -54.78 -93.83 -63.00
N SER SA 490 -54.69 -95.00 -63.61
CA SER SA 490 -53.59 -95.92 -63.35
C SER SA 490 -52.45 -95.66 -64.32
N LYS SA 491 -51.22 -95.65 -63.78
CA LYS SA 491 -50.04 -95.55 -64.63
C LYS SA 491 -49.88 -96.76 -65.54
N THR SA 492 -50.50 -97.89 -65.19
CA THR SA 492 -50.59 -99.04 -66.06
C THR SA 492 -51.85 -98.92 -66.89
N LYS SA 493 -51.69 -98.68 -68.20
CA LYS SA 493 -52.80 -98.26 -69.03
C LYS SA 493 -53.88 -99.33 -69.19
N THR SA 494 -53.55 -100.60 -68.96
CA THR SA 494 -54.55 -101.65 -69.15
C THR SA 494 -55.66 -101.61 -68.12
N ASP SA 495 -55.42 -101.02 -66.95
CA ASP SA 495 -56.43 -100.96 -65.91
C ASP SA 495 -57.34 -99.75 -66.02
N ASN SA 496 -57.14 -98.90 -67.02
CA ASN SA 496 -57.98 -97.73 -67.21
C ASN SA 496 -59.14 -98.07 -68.14
N ASN SA 497 -60.23 -97.33 -67.96
CA ASN SA 497 -61.42 -97.53 -68.79
C ASN SA 497 -61.11 -97.23 -70.24
N ASN SA 498 -61.76 -97.96 -71.14
CA ASN SA 498 -61.55 -97.78 -72.58
C ASN SA 498 -62.44 -96.64 -73.09
N SER SA 499 -62.01 -95.42 -72.77
CA SER SA 499 -62.64 -94.21 -73.26
C SER SA 499 -61.66 -93.07 -73.04
N ASN SA 500 -62.01 -91.89 -73.54
CA ASN SA 500 -61.12 -90.74 -73.34
C ASN SA 500 -61.26 -90.18 -71.94
N PHE SA 501 -62.43 -89.64 -71.62
CA PHE SA 501 -62.82 -89.23 -70.26
C PHE SA 501 -61.81 -88.30 -69.59
N THR SA 502 -60.85 -87.77 -70.34
CA THR SA 502 -59.98 -86.73 -69.80
C THR SA 502 -60.66 -85.37 -69.70
N TRP SA 503 -61.74 -85.19 -70.43
CA TRP SA 503 -62.53 -83.97 -70.30
C TRP SA 503 -63.92 -84.25 -69.75
N THR SA 504 -64.57 -85.34 -70.18
CA THR SA 504 -65.91 -85.62 -69.70
C THR SA 504 -65.92 -86.12 -68.27
N GLY SA 505 -64.87 -86.80 -67.82
CA GLY SA 505 -64.87 -87.38 -66.50
C GLY SA 505 -63.96 -86.66 -65.52
N ALA SA 506 -63.68 -85.39 -65.78
CA ALA SA 506 -62.70 -84.65 -65.01
C ALA SA 506 -63.35 -83.59 -64.13
N SER SA 507 -62.69 -83.31 -63.00
CA SER SA 507 -63.13 -82.26 -62.10
C SER SA 507 -62.83 -80.91 -62.73
N LYS SA 508 -63.86 -80.11 -62.93
CA LYS SA 508 -63.68 -78.80 -63.55
C LYS SA 508 -64.62 -77.82 -62.89
N TYR SA 509 -64.33 -76.54 -63.07
CA TYR SA 509 -65.15 -75.49 -62.50
C TYR SA 509 -65.76 -74.63 -63.60
N ASN SA 510 -66.90 -74.04 -63.26
CA ASN SA 510 -67.68 -73.22 -64.17
C ASN SA 510 -67.45 -71.76 -63.84
N LEU SA 511 -67.07 -70.97 -64.84
CA LEU SA 511 -66.83 -69.54 -64.65
C LEU SA 511 -67.30 -68.79 -65.88
N ASN SA 512 -68.36 -67.99 -65.72
CA ASN SA 512 -68.93 -67.19 -66.81
C ASN SA 512 -69.34 -68.07 -67.99
N GLY SA 513 -69.81 -69.28 -67.69
CA GLY SA 513 -70.35 -70.16 -68.70
C GLY SA 513 -69.35 -71.07 -69.37
N ARG SA 514 -68.06 -70.95 -69.09
CA ARG SA 514 -67.07 -71.83 -69.69
C ARG SA 514 -66.31 -72.58 -68.60
N GLU SA 515 -66.06 -73.85 -68.86
CA GLU SA 515 -65.50 -74.78 -67.90
C GLU SA 515 -63.97 -74.78 -67.98
N SER SA 516 -63.34 -75.00 -66.84
CA SER SA 516 -61.89 -75.03 -66.75
C SER SA 516 -61.50 -76.18 -65.85
N ILE SA 517 -60.56 -77.01 -66.29
CA ILE SA 517 -60.07 -78.10 -65.48
C ILE SA 517 -59.41 -77.52 -64.24
N ILE SA 518 -59.59 -78.19 -63.09
CA ILE SA 518 -59.04 -77.67 -61.84
C ILE SA 518 -57.52 -77.65 -61.91
N ASN SA 519 -56.88 -78.82 -61.99
CA ASN SA 519 -55.47 -78.93 -62.37
C ASN SA 519 -54.52 -77.96 -61.68
N PRO SA 520 -54.06 -78.23 -60.46
CA PRO SA 520 -54.26 -79.45 -59.67
C PRO SA 520 -55.19 -79.27 -58.49
N GLY SA 521 -55.54 -78.03 -58.19
CA GLY SA 521 -56.53 -77.79 -57.16
C GLY SA 521 -56.02 -78.05 -55.77
N THR SA 522 -56.89 -78.60 -54.94
CA THR SA 522 -56.61 -78.80 -53.53
C THR SA 522 -55.40 -79.70 -53.34
N ALA SA 523 -54.60 -79.39 -52.33
CA ALA SA 523 -53.41 -80.17 -52.01
C ALA SA 523 -53.84 -81.45 -51.31
N MET SA 524 -53.85 -82.55 -52.04
CA MET SA 524 -54.27 -83.83 -51.51
C MET SA 524 -53.23 -84.89 -51.86
N ALA SA 525 -53.27 -85.99 -51.12
CA ALA SA 525 -52.39 -87.11 -51.38
C ALA SA 525 -52.70 -87.73 -52.73
N SER SA 526 -51.64 -88.06 -53.48
CA SER SA 526 -51.83 -88.64 -54.81
C SER SA 526 -52.50 -90.00 -54.74
N HIS SA 527 -52.15 -90.82 -53.77
CA HIS SA 527 -52.69 -92.16 -53.66
C HIS SA 527 -52.62 -92.59 -52.20
N LYS SA 528 -53.07 -93.80 -51.93
CA LYS SA 528 -52.99 -94.41 -50.61
C LYS SA 528 -51.68 -95.17 -50.47
N ASP SA 529 -51.56 -95.93 -49.39
CA ASP SA 529 -50.44 -96.84 -49.24
C ASP SA 529 -50.59 -98.02 -50.20
N ASP SA 530 -49.46 -98.45 -50.76
CA ASP SA 530 -49.41 -99.61 -51.66
C ASP SA 530 -50.25 -99.39 -52.90
N GLU SA 531 -50.36 -98.14 -53.35
CA GLU SA 531 -51.19 -97.79 -54.50
C GLU SA 531 -50.49 -96.78 -55.38
N ASP SA 532 -49.17 -96.90 -55.50
CA ASP SA 532 -48.37 -95.96 -56.28
C ASP SA 532 -48.69 -95.99 -57.76
N LYS SA 533 -49.40 -97.01 -58.24
CA LYS SA 533 -49.77 -97.12 -59.64
C LYS SA 533 -50.87 -96.17 -60.04
N PHE SA 534 -51.52 -95.49 -59.10
CA PHE SA 534 -52.62 -94.60 -59.37
C PHE SA 534 -52.22 -93.15 -59.10
N PHE SA 535 -52.74 -92.25 -59.93
CA PHE SA 535 -52.59 -90.82 -59.70
C PHE SA 535 -53.89 -90.13 -60.06
N PRO SA 536 -54.21 -89.01 -59.41
CA PRO SA 536 -55.38 -88.23 -59.82
C PRO SA 536 -55.20 -87.68 -61.22
N MET SA 537 -56.31 -87.63 -61.96
CA MET SA 537 -56.22 -87.34 -63.39
C MET SA 537 -55.63 -85.97 -63.65
N SER SA 538 -56.00 -84.97 -62.85
CA SER SA 538 -55.44 -83.63 -62.98
C SER SA 538 -55.10 -83.08 -61.61
N GLY SA 539 -54.50 -83.91 -60.76
CA GLY SA 539 -54.21 -83.50 -59.40
C GLY SA 539 -52.72 -83.46 -59.10
N VAL SA 540 -51.90 -83.73 -60.11
CA VAL SA 540 -50.47 -83.83 -59.92
C VAL SA 540 -49.76 -82.90 -60.89
N MET SA 541 -48.60 -82.40 -60.47
CA MET SA 541 -47.74 -81.64 -61.36
C MET SA 541 -46.93 -82.58 -62.21
N ILE SA 542 -47.02 -82.43 -63.53
CA ILE SA 542 -46.36 -83.32 -64.47
C ILE SA 542 -45.32 -82.50 -65.22
N PHE SA 543 -44.06 -82.87 -65.07
CA PHE SA 543 -42.96 -82.24 -65.79
C PHE SA 543 -42.56 -83.13 -66.95
N GLY SA 544 -42.26 -82.51 -68.09
CA GLY SA 544 -41.81 -83.24 -69.25
C GLY SA 544 -40.30 -83.39 -69.24
N LYS SA 545 -39.84 -84.57 -69.62
CA LYS SA 545 -38.41 -84.77 -69.82
C LYS SA 545 -37.99 -84.13 -71.14
N GLU SA 546 -36.69 -83.97 -71.31
CA GLU SA 546 -36.20 -83.55 -72.61
C GLU SA 546 -36.51 -84.64 -73.62
N SER SA 547 -36.77 -84.22 -74.86
CA SER SA 547 -37.32 -85.09 -75.90
C SER SA 547 -38.73 -85.55 -75.55
N ALA SA 548 -39.53 -84.63 -75.02
CA ALA SA 548 -40.97 -84.85 -74.87
C ALA SA 548 -41.69 -83.92 -75.83
N GLY SA 549 -42.64 -84.46 -76.58
CA GLY SA 549 -43.38 -83.67 -77.53
C GLY SA 549 -44.30 -82.68 -76.85
N ALA SA 550 -44.81 -81.76 -77.65
CA ALA SA 550 -45.74 -80.76 -77.12
C ALA SA 550 -47.12 -81.35 -76.89
N SER SA 551 -47.55 -82.29 -77.73
CA SER SA 551 -48.89 -82.83 -77.66
C SER SA 551 -48.86 -84.35 -77.74
N ASN SA 552 -49.64 -84.99 -76.87
CA ASN SA 552 -49.82 -86.44 -76.88
C ASN SA 552 -48.50 -87.19 -76.76
N THR SA 553 -47.61 -86.70 -75.91
CA THR SA 553 -46.39 -87.42 -75.62
C THR SA 553 -46.68 -88.60 -74.69
N ALA SA 554 -45.65 -89.34 -74.35
CA ALA SA 554 -45.83 -90.60 -73.64
C ALA SA 554 -45.53 -90.47 -72.15
N LEU SA 555 -46.13 -91.41 -71.40
CA LEU SA 555 -45.86 -91.53 -69.98
C LEU SA 555 -44.37 -91.71 -69.72
N ASP SA 556 -43.67 -92.32 -70.67
CA ASP SA 556 -42.22 -92.46 -70.55
C ASP SA 556 -41.53 -91.12 -70.73
N ASN SA 557 -42.16 -90.18 -71.42
CA ASN SA 557 -41.56 -88.87 -71.66
C ASN SA 557 -41.95 -87.84 -70.62
N VAL SA 558 -42.93 -88.14 -69.76
CA VAL SA 558 -43.28 -87.21 -68.70
C VAL SA 558 -42.87 -87.77 -67.35
N MET SA 559 -42.70 -86.86 -66.38
CA MET SA 559 -42.41 -87.20 -65.00
C MET SA 559 -43.57 -86.75 -64.13
N ILE SA 560 -44.29 -87.70 -63.53
CA ILE SA 560 -45.43 -87.41 -62.67
C ILE SA 560 -44.95 -87.29 -61.24
N THR SA 561 -45.32 -86.20 -60.58
CA THR SA 561 -44.93 -86.02 -59.19
C THR SA 561 -45.84 -86.82 -58.27
N ASP SA 562 -45.43 -86.92 -57.01
CA ASP SA 562 -46.17 -87.64 -55.99
C ASP SA 562 -46.29 -86.76 -54.77
N GLU SA 563 -47.46 -86.79 -54.13
CA GLU SA 563 -47.71 -86.06 -52.90
C GLU SA 563 -47.94 -87.03 -51.75
N GLU SA 564 -47.08 -88.04 -51.65
CA GLU SA 564 -47.31 -89.13 -50.71
C GLU SA 564 -47.01 -88.71 -49.27
N GLU SA 565 -46.28 -87.60 -49.09
CA GLU SA 565 -45.84 -87.23 -47.76
C GLU SA 565 -46.93 -86.52 -46.96
N ILE SA 566 -48.00 -86.06 -47.59
CA ILE SA 566 -49.03 -85.32 -46.91
C ILE SA 566 -50.27 -86.18 -46.65
N LYS SA 567 -50.11 -87.50 -46.68
CA LYS SA 567 -51.19 -88.39 -46.26
C LYS SA 567 -51.51 -88.25 -44.79
N ALA SA 568 -50.59 -87.69 -44.00
CA ALA SA 568 -50.79 -87.59 -42.56
C ALA SA 568 -51.90 -86.61 -42.21
N THR SA 569 -52.14 -85.60 -43.05
CA THR SA 569 -53.12 -84.57 -42.76
C THR SA 569 -54.11 -84.30 -43.88
N ASN SA 570 -53.82 -84.71 -45.11
CA ASN SA 570 -54.65 -84.38 -46.25
C ASN SA 570 -55.38 -85.61 -46.76
N PRO SA 571 -56.61 -85.45 -47.25
CA PRO SA 571 -57.31 -86.58 -47.85
C PRO SA 571 -56.64 -87.01 -49.15
N VAL SA 572 -56.84 -88.27 -49.50
CA VAL SA 572 -56.33 -88.77 -50.76
C VAL SA 572 -57.16 -88.19 -51.91
N ALA SA 573 -56.47 -87.74 -52.96
CA ALA SA 573 -57.10 -86.95 -54.01
C ALA SA 573 -58.20 -87.70 -54.74
N THR SA 574 -58.10 -89.03 -54.84
CA THR SA 574 -59.02 -89.81 -55.65
C THR SA 574 -60.14 -90.44 -54.85
N GLU SA 575 -60.23 -90.17 -53.56
CA GLU SA 575 -61.26 -90.76 -52.72
C GLU SA 575 -62.05 -89.69 -51.98
N ARG SA 576 -63.20 -90.10 -51.47
CA ARG SA 576 -64.12 -89.17 -50.82
C ARG SA 576 -63.50 -88.62 -49.54
N PHE SA 577 -63.96 -87.45 -49.15
CA PHE SA 577 -63.60 -86.93 -47.83
C PHE SA 577 -64.13 -87.83 -46.73
N GLY SA 578 -65.33 -88.33 -46.89
CA GLY SA 578 -65.94 -89.19 -45.89
C GLY SA 578 -67.41 -89.39 -46.21
N THR SA 579 -68.13 -89.87 -45.21
CA THR SA 579 -69.56 -90.08 -45.31
C THR SA 579 -70.30 -89.13 -44.38
N VAL SA 580 -71.56 -88.90 -44.69
CA VAL SA 580 -72.40 -87.99 -43.93
C VAL SA 580 -73.79 -88.62 -43.83
N ALA SA 581 -74.45 -88.41 -42.70
CA ALA SA 581 -75.83 -88.86 -42.55
C ALA SA 581 -76.73 -88.03 -43.46
N VAL SA 582 -77.72 -88.68 -44.07
CA VAL SA 582 -78.59 -88.02 -45.03
C VAL SA 582 -80.06 -88.17 -44.72
N ASN SA 583 -80.42 -88.80 -43.60
CA ASN SA 583 -81.82 -88.98 -43.26
C ASN SA 583 -81.95 -89.10 -41.75
N PHE SA 584 -83.17 -89.38 -41.29
CA PHE SA 584 -83.44 -89.68 -39.88
C PHE SA 584 -83.74 -91.16 -39.75
N GLN SA 585 -82.96 -91.87 -38.95
CA GLN SA 585 -83.27 -93.26 -38.66
C GLN SA 585 -84.41 -93.33 -37.65
N SER SA 586 -85.27 -94.33 -37.81
CA SER SA 586 -86.39 -94.50 -36.90
C SER SA 586 -86.83 -95.96 -36.95
N SER SA 587 -87.60 -96.35 -35.95
CA SER SA 587 -88.19 -97.67 -35.87
C SER SA 587 -89.63 -97.64 -36.37
N SER SA 588 -90.16 -98.81 -36.69
CA SER SA 588 -91.54 -98.92 -37.12
C SER SA 588 -92.49 -98.66 -35.96
N THR SA 589 -93.64 -98.08 -36.28
CA THR SA 589 -94.64 -97.78 -35.27
C THR SA 589 -96.05 -98.11 -35.76
N VAL SA 592 -96.70 -94.99 -37.19
CA VAL SA 592 -96.00 -94.81 -38.46
C VAL SA 592 -95.27 -96.09 -38.81
N PRO SA 593 -95.96 -97.06 -39.42
CA PRO SA 593 -95.34 -98.36 -39.70
C PRO SA 593 -94.45 -98.33 -40.92
N PHE SA 594 -93.63 -97.30 -41.05
CA PHE SA 594 -92.66 -97.19 -42.14
C PHE SA 594 -91.28 -97.01 -41.50
N LYS SA 595 -90.63 -98.12 -41.22
CA LYS SA 595 -89.29 -98.10 -40.63
C LYS SA 595 -88.31 -97.43 -41.58
N THR SA 596 -87.44 -96.58 -41.02
CA THR SA 596 -86.44 -95.85 -41.81
C THR SA 596 -85.06 -96.29 -41.37
N ASP SA 597 -84.36 -96.99 -42.25
CA ASP SA 597 -82.97 -97.34 -41.98
C ASP SA 597 -82.10 -96.10 -42.08
N PRO SA 598 -81.05 -96.01 -41.26
CA PRO SA 598 -80.10 -94.91 -41.41
C PRO SA 598 -79.40 -94.98 -42.75
N ALA SA 599 -79.13 -93.81 -43.33
CA ALA SA 599 -78.53 -93.72 -44.65
C ALA SA 599 -77.40 -92.70 -44.64
N THR SA 600 -76.29 -93.06 -45.28
CA THR SA 600 -75.14 -92.19 -45.42
C THR SA 600 -74.86 -91.96 -46.89
N GLY SA 601 -74.24 -90.83 -47.17
CA GLY SA 601 -73.80 -90.50 -48.51
C GLY SA 601 -72.36 -90.07 -48.50
N ASP SA 602 -71.67 -90.36 -49.61
CA ASP SA 602 -70.27 -89.99 -49.74
C ASP SA 602 -70.12 -88.50 -49.98
N VAL SA 603 -69.12 -87.91 -49.34
CA VAL SA 603 -68.82 -86.49 -49.45
C VAL SA 603 -67.62 -86.36 -50.37
N HIS SA 604 -67.84 -85.86 -51.58
CA HIS SA 604 -66.80 -85.83 -52.60
C HIS SA 604 -66.06 -84.50 -52.64
N ALA SA 605 -66.76 -83.39 -52.38
CA ALA SA 605 -66.15 -82.08 -52.27
C ALA SA 605 -66.51 -81.51 -50.91
N MET SA 606 -65.50 -81.18 -50.12
CA MET SA 606 -65.69 -80.67 -48.78
C MET SA 606 -64.95 -79.34 -48.66
N GLY SA 607 -65.67 -78.28 -48.32
CA GLY SA 607 -65.06 -77.01 -48.05
C GLY SA 607 -64.49 -76.95 -46.65
N ALA SA 608 -63.92 -75.81 -46.31
CA ALA SA 608 -63.24 -75.66 -45.04
C ALA SA 608 -64.23 -75.70 -43.89
N LEU SA 609 -63.99 -76.60 -42.95
CA LEU SA 609 -64.67 -76.70 -41.68
C LEU SA 609 -63.73 -76.26 -40.56
N PRO SA 610 -64.25 -75.64 -39.50
CA PRO SA 610 -63.39 -75.32 -38.37
C PRO SA 610 -62.83 -76.58 -37.74
N GLY SA 611 -61.57 -76.52 -37.33
CA GLY SA 611 -60.84 -77.67 -36.87
C GLY SA 611 -60.06 -78.39 -37.95
N MET SA 612 -60.21 -77.99 -39.21
CA MET SA 612 -59.47 -78.61 -40.30
C MET SA 612 -58.01 -78.17 -40.28
N VAL SA 613 -57.12 -79.12 -40.58
CA VAL SA 613 -55.70 -78.85 -40.73
C VAL SA 613 -55.22 -79.54 -41.99
N TRP SA 614 -54.27 -78.90 -42.69
CA TRP SA 614 -53.79 -79.45 -43.94
C TRP SA 614 -52.39 -78.96 -44.21
N GLN SA 615 -51.72 -79.62 -45.15
CA GLN SA 615 -50.46 -79.17 -45.71
C GLN SA 615 -50.67 -78.67 -47.12
N ASP SA 616 -49.82 -77.73 -47.53
CA ASP SA 616 -49.86 -77.20 -48.88
C ASP SA 616 -49.11 -78.13 -49.83
N ARG SA 617 -49.20 -77.83 -51.12
CA ARG SA 617 -48.47 -78.61 -52.11
C ARG SA 617 -46.98 -78.40 -51.97
N ASP SA 618 -46.22 -79.42 -52.33
CA ASP SA 618 -44.77 -79.35 -52.29
C ASP SA 618 -44.23 -78.50 -53.44
N VAL SA 619 -43.06 -77.95 -53.23
CA VAL SA 619 -42.33 -77.26 -54.29
C VAL SA 619 -41.25 -78.19 -54.81
N TYR SA 620 -40.88 -78.00 -56.07
CA TYR SA 620 -39.92 -78.86 -56.73
C TYR SA 620 -38.81 -78.01 -57.34
N LEU SA 621 -37.67 -78.64 -57.59
CA LEU SA 621 -36.57 -77.92 -58.20
C LEU SA 621 -36.94 -77.38 -59.57
N GLN SA 622 -37.80 -78.09 -60.30
CA GLN SA 622 -38.26 -77.66 -61.61
C GLN SA 622 -39.54 -76.83 -61.55
N GLY SA 623 -40.08 -76.57 -60.37
CA GLY SA 623 -41.37 -75.94 -60.25
C GLY SA 623 -41.30 -74.45 -59.97
N PRO SA 624 -42.46 -73.81 -59.95
CA PRO SA 624 -42.51 -72.36 -59.70
C PRO SA 624 -42.18 -72.01 -58.26
N ILE SA 625 -41.70 -70.78 -58.08
CA ILE SA 625 -41.36 -70.27 -56.76
C ILE SA 625 -42.52 -69.51 -56.15
N TRP SA 626 -43.07 -68.54 -56.86
CA TRP SA 626 -44.08 -67.65 -56.32
C TRP SA 626 -45.23 -67.49 -57.30
N ALA SA 627 -46.26 -66.79 -56.83
CA ALA SA 627 -47.38 -66.38 -57.66
C ALA SA 627 -47.98 -65.12 -57.06
N LYS SA 628 -48.43 -64.22 -57.92
CA LYS SA 628 -49.15 -63.04 -57.46
C LYS SA 628 -50.53 -63.43 -56.98
N ILE SA 629 -50.87 -63.02 -55.76
CA ILE SA 629 -52.23 -63.22 -55.26
C ILE SA 629 -53.16 -62.23 -55.94
N PRO SA 630 -54.26 -62.67 -56.53
CA PRO SA 630 -55.15 -61.74 -57.22
C PRO SA 630 -55.68 -60.66 -56.27
N HIS SA 631 -55.78 -59.45 -56.80
CA HIS SA 631 -56.27 -58.32 -56.01
C HIS SA 631 -57.78 -58.37 -55.99
N THR SA 632 -58.30 -59.12 -55.02
CA THR SA 632 -59.72 -59.34 -54.84
C THR SA 632 -60.13 -58.94 -53.43
N ASP SA 633 -61.45 -58.85 -53.22
CA ASP SA 633 -61.96 -58.53 -51.90
C ASP SA 633 -61.65 -59.64 -50.90
N GLY SA 634 -61.82 -60.88 -51.30
CA GLY SA 634 -61.58 -61.99 -50.41
C GLY SA 634 -60.75 -63.07 -51.07
N HIS SA 635 -60.02 -63.79 -50.24
CA HIS SA 635 -59.29 -64.97 -50.66
C HIS SA 635 -59.06 -65.83 -49.43
N PHE SA 636 -59.13 -67.14 -49.59
CA PHE SA 636 -58.98 -68.07 -48.49
C PHE SA 636 -57.66 -68.81 -48.66
N HIS SA 637 -56.75 -68.63 -47.69
CA HIS SA 637 -55.45 -69.28 -47.66
C HIS SA 637 -54.72 -69.08 -48.99
N PRO SA 638 -54.26 -67.87 -49.28
CA PRO SA 638 -53.78 -67.53 -50.63
C PRO SA 638 -52.42 -68.14 -50.96
N SER SA 639 -52.34 -69.45 -50.87
CA SER SA 639 -51.17 -70.20 -51.29
C SER SA 639 -51.43 -70.77 -52.67
N PRO SA 640 -50.53 -70.54 -53.63
CA PRO SA 640 -50.80 -70.96 -55.02
C PRO SA 640 -51.01 -72.47 -55.10
N LEU SA 641 -51.92 -72.88 -55.98
CA LEU SA 641 -52.28 -74.29 -56.05
C LEU SA 641 -51.22 -75.11 -56.77
N MET SA 642 -50.39 -74.47 -57.59
CA MET SA 642 -49.24 -75.18 -58.15
C MET SA 642 -48.11 -75.34 -57.15
N GLY SA 643 -48.16 -74.66 -56.02
CA GLY SA 643 -47.11 -74.71 -55.03
C GLY SA 643 -46.27 -73.46 -55.07
N GLY SA 644 -45.73 -73.10 -53.91
CA GLY SA 644 -44.90 -71.92 -53.82
C GLY SA 644 -45.43 -70.88 -52.86
N PHE SA 645 -44.95 -69.66 -53.01
CA PHE SA 645 -45.28 -68.55 -52.13
C PHE SA 645 -46.26 -67.63 -52.84
N GLY SA 646 -47.40 -67.38 -52.22
CA GLY SA 646 -48.31 -66.38 -52.75
C GLY SA 646 -47.94 -65.02 -52.21
N LEU SA 647 -47.66 -64.08 -53.10
CA LEU SA 647 -47.23 -62.75 -52.71
C LEU SA 647 -48.22 -61.72 -53.22
N LYS SA 648 -48.62 -60.79 -52.34
CA LYS SA 648 -49.46 -59.69 -52.79
C LYS SA 648 -48.70 -58.76 -53.72
N ASN SA 649 -47.46 -58.45 -53.37
CA ASN SA 649 -46.55 -57.71 -54.23
C ASN SA 649 -45.41 -58.64 -54.62
N PRO SA 650 -45.56 -59.43 -55.67
CA PRO SA 650 -44.50 -60.35 -56.06
C PRO SA 650 -43.35 -59.60 -56.70
N PRO SA 651 -42.25 -60.28 -57.04
CA PRO SA 651 -41.22 -59.65 -57.85
C PRO SA 651 -41.79 -59.12 -59.14
N PRO SA 652 -41.57 -57.85 -59.45
CA PRO SA 652 -42.20 -57.25 -60.63
C PRO SA 652 -41.63 -57.79 -61.92
N GLN SA 653 -42.41 -57.63 -62.98
CA GLN SA 653 -42.00 -58.05 -64.29
C GLN SA 653 -40.97 -57.07 -64.86
N ILE SA 654 -39.87 -57.61 -65.37
CA ILE SA 654 -38.87 -56.83 -66.09
C ILE SA 654 -39.13 -57.02 -67.57
N LEU SA 655 -39.43 -55.93 -68.26
CA LEU SA 655 -39.81 -55.97 -69.66
C LEU SA 655 -38.74 -55.27 -70.48
N ILE SA 656 -38.37 -55.89 -71.58
CA ILE SA 656 -37.24 -55.48 -72.38
C ILE SA 656 -37.62 -55.58 -73.85
N LYS SA 657 -37.17 -54.60 -74.64
CA LYS SA 657 -37.36 -54.73 -76.08
C LYS SA 657 -36.27 -53.95 -76.78
N ASN SA 658 -36.06 -54.28 -78.05
CA ASN SA 658 -35.13 -53.53 -78.88
C ASN SA 658 -35.80 -52.27 -79.38
N THR SA 659 -35.14 -51.13 -79.25
CA THR SA 659 -35.70 -49.92 -79.80
C THR SA 659 -35.70 -50.01 -81.32
N PRO SA 660 -36.84 -49.75 -81.98
CA PRO SA 660 -36.87 -49.86 -83.44
C PRO SA 660 -35.94 -48.86 -84.10
N VAL SA 661 -35.23 -49.32 -85.12
CA VAL SA 661 -34.37 -48.48 -85.95
C VAL SA 661 -34.96 -48.45 -87.35
N PRO SA 662 -35.53 -47.33 -87.79
CA PRO SA 662 -36.14 -47.28 -89.12
C PRO SA 662 -35.11 -47.42 -90.22
N ALA SA 663 -35.55 -47.99 -91.33
CA ALA SA 663 -34.74 -48.05 -92.53
C ALA SA 663 -34.77 -46.69 -93.24
N ASN SA 664 -34.28 -46.67 -94.47
CA ASN SA 664 -34.16 -45.42 -95.20
C ASN SA 664 -35.53 -44.82 -95.48
N PRO SA 665 -35.81 -43.59 -95.02
CA PRO SA 665 -37.11 -42.98 -95.28
C PRO SA 665 -37.18 -42.45 -96.70
N PRO SA 666 -38.38 -42.19 -97.21
CA PRO SA 666 -38.50 -41.62 -98.56
C PRO SA 666 -38.00 -40.19 -98.62
N ALA SA 667 -37.69 -39.75 -99.84
CA ALA SA 667 -37.23 -38.39 -100.04
C ALA SA 667 -38.32 -37.36 -99.73
N GLU SA 668 -39.56 -37.65 -100.10
CA GLU SA 668 -40.70 -36.81 -99.78
C GLU SA 668 -41.38 -37.31 -98.51
N PHE SA 669 -42.00 -36.37 -97.80
CA PHE SA 669 -42.63 -36.68 -96.53
C PHE SA 669 -43.89 -37.52 -96.72
N SER SA 670 -44.06 -38.50 -95.85
CA SER SA 670 -45.25 -39.33 -95.82
C SER SA 670 -45.70 -39.47 -94.37
N ALA SA 671 -46.98 -39.20 -94.11
CA ALA SA 671 -47.50 -39.31 -92.75
C ALA SA 671 -47.84 -40.74 -92.37
N THR SA 672 -47.84 -41.66 -93.33
CA THR SA 672 -48.03 -43.08 -93.01
C THR SA 672 -46.93 -43.53 -92.07
N LYS SA 673 -47.32 -44.26 -91.02
CA LYS SA 673 -46.35 -44.68 -90.02
C LYS SA 673 -45.34 -45.64 -90.63
N PHE SA 674 -44.14 -45.63 -90.06
CA PHE SA 674 -43.05 -46.42 -90.58
C PHE SA 674 -43.36 -47.89 -90.47
N ALA SA 675 -43.06 -48.64 -91.53
CA ALA SA 675 -43.20 -50.08 -91.53
C ALA SA 675 -41.91 -50.79 -91.92
N SER SA 676 -40.92 -50.06 -92.41
CA SER SA 676 -39.64 -50.63 -92.82
C SER SA 676 -38.64 -50.33 -91.72
N PHE SA 677 -38.12 -51.38 -91.10
CA PHE SA 677 -37.18 -51.25 -90.01
C PHE SA 677 -35.92 -52.05 -90.29
N ILE SA 678 -34.84 -51.61 -89.67
CA ILE SA 678 -33.58 -52.34 -89.73
C ILE SA 678 -33.70 -53.55 -88.81
N THR SA 679 -33.45 -54.74 -89.37
CA THR SA 679 -33.66 -55.97 -88.63
C THR SA 679 -32.52 -56.18 -87.64
N GLN SA 680 -32.85 -56.31 -86.37
CA GLN SA 680 -31.80 -56.48 -85.37
C GLN SA 680 -32.33 -57.23 -84.17
N TYR SA 681 -31.38 -57.78 -83.40
CA TYR SA 681 -31.67 -58.44 -82.15
C TYR SA 681 -30.65 -57.96 -81.14
N SER SA 682 -30.77 -58.44 -79.90
CA SER SA 682 -29.80 -58.09 -78.88
C SER SA 682 -29.46 -59.31 -78.06
N THR SA 683 -28.29 -59.27 -77.44
CA THR SA 683 -27.83 -60.33 -76.56
C THR SA 683 -27.20 -59.69 -75.34
N GLY SA 684 -27.09 -60.47 -74.28
CA GLY SA 684 -26.49 -59.91 -73.08
C GLY SA 684 -26.47 -60.92 -71.96
N GLN SA 685 -26.12 -60.43 -70.78
CA GLN SA 685 -26.04 -61.26 -69.58
C GLN SA 685 -27.02 -60.73 -68.54
N VAL SA 686 -27.64 -61.64 -67.82
CA VAL SA 686 -28.60 -61.32 -66.77
C VAL SA 686 -28.17 -62.04 -65.50
N SER SA 687 -28.16 -61.32 -64.38
CA SER SA 687 -27.83 -61.86 -63.07
C SER SA 687 -29.01 -61.70 -62.14
N VAL SA 688 -29.35 -62.76 -61.43
CA VAL SA 688 -30.36 -62.72 -60.38
C VAL SA 688 -29.74 -63.29 -59.11
N GLU SA 689 -29.83 -62.54 -58.02
CA GLU SA 689 -29.33 -62.96 -56.72
C GLU SA 689 -30.48 -62.94 -55.74
N ILE SA 690 -30.79 -64.09 -55.14
CA ILE SA 690 -31.83 -64.19 -54.13
C ILE SA 690 -31.22 -64.62 -52.81
N GLU SA 691 -31.51 -63.86 -51.76
CA GLU SA 691 -31.28 -64.27 -50.40
C GLU SA 691 -32.52 -64.97 -49.87
N TRP SA 692 -32.32 -66.17 -49.33
CA TRP SA 692 -33.35 -67.00 -48.73
C TRP SA 692 -33.06 -67.20 -47.25
N GLU SA 693 -34.11 -67.07 -46.44
CA GLU SA 693 -34.04 -67.40 -45.03
C GLU SA 693 -34.37 -68.87 -44.82
N LEU SA 694 -33.56 -69.53 -44.00
CA LEU SA 694 -33.71 -70.94 -43.70
C LEU SA 694 -34.31 -71.12 -42.31
N GLN SA 695 -34.98 -72.24 -42.13
CA GLN SA 695 -35.55 -72.64 -40.85
C GLN SA 695 -34.99 -74.03 -40.58
N LYS SA 696 -34.03 -74.09 -39.66
CA LYS SA 696 -33.26 -75.29 -39.39
C LYS SA 696 -34.11 -76.32 -38.64
N GLU SA 697 -33.79 -77.59 -38.87
CA GLU SA 697 -34.39 -78.65 -38.09
C GLU SA 697 -33.89 -78.58 -36.65
N ASN SA 698 -34.76 -78.92 -35.71
CA ASN SA 698 -34.40 -79.01 -34.30
C ASN SA 698 -34.87 -80.34 -33.71
N SER SA 699 -34.72 -81.41 -34.49
CA SER SA 699 -35.38 -82.66 -34.19
C SER SA 699 -34.66 -83.43 -33.08
N LYS SA 700 -35.45 -84.16 -32.30
CA LYS SA 700 -34.94 -85.07 -31.28
C LYS SA 700 -35.12 -86.52 -31.70
N ARG SA 701 -35.40 -86.76 -32.97
CA ARG SA 701 -35.58 -88.10 -33.49
C ARG SA 701 -34.30 -88.90 -33.36
N TRP SA 702 -34.44 -90.18 -32.97
CA TRP SA 702 -33.27 -91.02 -32.71
C TRP SA 702 -32.77 -91.70 -33.97
N ASN SA 703 -33.66 -92.38 -34.70
CA ASN SA 703 -33.27 -93.10 -35.88
C ASN SA 703 -32.94 -92.15 -37.02
N PRO SA 704 -32.15 -92.59 -38.00
CA PRO SA 704 -31.78 -91.70 -39.10
C PRO SA 704 -32.98 -91.33 -39.97
N GLU SA 705 -32.90 -90.14 -40.56
CA GLU SA 705 -33.94 -89.60 -41.41
C GLU SA 705 -33.82 -90.12 -42.83
N VAL SA 706 -34.90 -89.98 -43.58
CA VAL SA 706 -34.87 -90.19 -45.02
C VAL SA 706 -34.27 -88.95 -45.68
N GLN SA 707 -33.29 -89.17 -46.55
CA GLN SA 707 -32.62 -88.09 -47.25
C GLN SA 707 -32.73 -88.32 -48.75
N TYR SA 708 -32.70 -87.23 -49.51
CA TYR SA 708 -32.55 -87.36 -50.95
C TYR SA 708 -31.09 -87.68 -51.26
N THR SA 709 -30.87 -88.75 -52.02
CA THR SA 709 -29.53 -89.20 -52.31
C THR SA 709 -29.39 -89.56 -53.77
N SER SA 710 -28.17 -89.44 -54.28
CA SER SA 710 -27.82 -90.04 -55.56
C SER SA 710 -27.73 -91.54 -55.41
N ASN SA 711 -28.07 -92.25 -56.48
CA ASN SA 711 -27.93 -93.70 -56.48
C ASN SA 711 -26.48 -94.05 -56.77
N TYR SA 712 -25.92 -94.92 -55.93
CA TYR SA 712 -24.56 -95.43 -56.14
C TYR SA 712 -24.72 -96.70 -56.97
N ALA SA 713 -24.26 -96.64 -58.22
CA ALA SA 713 -24.31 -97.78 -59.11
C ALA SA 713 -23.65 -97.38 -60.41
N LYS SA 714 -23.05 -98.37 -61.08
CA LYS SA 714 -22.52 -98.09 -62.41
C LYS SA 714 -23.67 -97.75 -63.34
N SER SA 715 -23.62 -96.55 -63.91
CA SER SA 715 -24.63 -96.08 -64.82
C SER SA 715 -23.95 -95.46 -66.03
N ALA SA 716 -24.64 -95.51 -67.18
CA ALA SA 716 -24.06 -94.95 -68.39
C ALA SA 716 -23.85 -93.45 -68.27
N ASN SA 717 -24.69 -92.77 -67.50
CA ASN SA 717 -24.60 -91.34 -67.29
C ASN SA 717 -24.69 -91.03 -65.80
N VAL SA 718 -24.32 -89.81 -65.45
CA VAL SA 718 -24.53 -89.28 -64.11
C VAL SA 718 -25.80 -88.44 -64.12
N ASP SA 719 -26.59 -88.56 -63.07
CA ASP SA 719 -27.83 -87.80 -62.99
C ASP SA 719 -27.56 -86.31 -62.87
N PHE SA 720 -28.43 -85.52 -63.49
CA PHE SA 720 -28.33 -84.06 -63.47
C PHE SA 720 -27.02 -83.58 -64.09
N THR SA 721 -26.66 -84.16 -65.23
CA THR SA 721 -25.46 -83.77 -65.95
C THR SA 721 -25.77 -83.65 -67.44
N VAL SA 722 -24.73 -83.47 -68.25
CA VAL SA 722 -24.87 -83.43 -69.69
C VAL SA 722 -24.55 -84.82 -70.23
N ASP SA 723 -25.04 -85.09 -71.43
CA ASP SA 723 -24.70 -86.33 -72.11
C ASP SA 723 -23.55 -86.08 -73.07
N ASN SA 724 -23.23 -87.06 -73.91
CA ASN SA 724 -22.16 -86.89 -74.88
C ASN SA 724 -22.49 -85.88 -75.96
N ASN SA 725 -23.77 -85.52 -76.12
CA ASN SA 725 -24.17 -84.49 -77.07
C ASN SA 725 -24.22 -83.11 -76.46
N GLY SA 726 -24.02 -82.98 -75.15
CA GLY SA 726 -24.05 -81.69 -74.50
C GLY SA 726 -25.40 -81.26 -73.98
N LEU SA 727 -26.36 -82.16 -73.86
CA LEU SA 727 -27.71 -81.82 -73.46
C LEU SA 727 -27.89 -82.07 -71.97
N TYR SA 728 -28.17 -81.01 -71.23
CA TYR SA 728 -28.44 -81.13 -69.81
C TYR SA 728 -29.84 -81.68 -69.59
N THR SA 729 -29.95 -82.69 -68.74
CA THR SA 729 -31.22 -83.33 -68.44
C THR SA 729 -31.37 -83.47 -66.93
N GLU SA 730 -32.62 -83.44 -66.48
CA GLU SA 730 -32.97 -83.70 -65.09
C GLU SA 730 -33.76 -85.00 -65.02
N PRO SA 731 -33.20 -86.07 -64.45
CA PRO SA 731 -33.86 -87.38 -64.51
C PRO SA 731 -35.20 -87.46 -63.79
N ARG SA 732 -35.38 -86.71 -62.71
CA ARG SA 732 -36.57 -86.87 -61.89
C ARG SA 732 -36.88 -85.53 -61.24
N PRO SA 733 -38.13 -85.30 -60.84
CA PRO SA 733 -38.44 -84.12 -60.03
C PRO SA 733 -38.15 -84.38 -58.56
N ILE SA 734 -37.49 -83.43 -57.91
CA ILE SA 734 -37.11 -83.54 -56.51
C ILE SA 734 -37.98 -82.59 -55.70
N GLY SA 735 -38.68 -83.14 -54.71
CA GLY SA 735 -39.44 -82.33 -53.77
C GLY SA 735 -38.59 -81.84 -52.63
N THR SA 736 -39.26 -81.46 -51.54
CA THR SA 736 -38.58 -80.90 -50.39
C THR SA 736 -38.77 -81.71 -49.12
N ARG SA 737 -39.81 -82.53 -49.03
CA ARG SA 737 -40.24 -83.11 -47.76
C ARG SA 737 -39.47 -84.41 -47.51
N TYR SA 738 -38.32 -84.31 -46.86
CA TYR SA 738 -37.52 -85.48 -46.54
C TYR SA 738 -37.34 -85.60 -45.04
N LEU SA 739 -36.94 -84.51 -44.38
CA LEU SA 739 -36.92 -84.50 -42.93
C LEU SA 739 -38.34 -84.63 -42.40
N THR SA 740 -38.47 -84.99 -41.13
CA THR SA 740 -39.78 -85.15 -40.52
C THR SA 740 -39.85 -84.35 -39.23
N ARG SA 741 -41.08 -84.11 -38.80
CA ARG SA 741 -41.33 -83.49 -37.51
C ARG SA 741 -42.66 -84.02 -36.98
N PRO SA 742 -42.85 -84.02 -35.67
CA PRO SA 742 -44.12 -84.52 -35.12
C PRO SA 742 -45.28 -83.60 -35.44
N LEU SA 743 -46.44 -84.20 -35.61
CA LEU SA 743 -47.63 -83.47 -36.03
C LEU SA 743 -48.20 -82.61 -34.91
N ASP TA 219 -80.00 -23.03 -24.92
CA ASP TA 219 -79.48 -21.67 -25.07
C ASP TA 219 -80.61 -20.64 -25.17
N GLY TA 220 -81.84 -21.10 -25.03
CA GLY TA 220 -83.00 -20.22 -24.98
C GLY TA 220 -84.07 -20.61 -25.98
N VAL TA 221 -85.25 -20.04 -25.76
CA VAL TA 221 -86.38 -20.27 -26.64
C VAL TA 221 -86.18 -19.60 -28.00
N GLY TA 222 -85.65 -18.38 -28.01
CA GLY TA 222 -85.57 -17.62 -29.24
C GLY TA 222 -84.23 -17.64 -29.92
N ASN TA 223 -83.40 -18.62 -29.59
CA ASN TA 223 -82.06 -18.76 -30.15
C ASN TA 223 -81.95 -20.15 -30.76
N ALA TA 224 -81.57 -20.21 -32.04
CA ALA TA 224 -81.40 -21.49 -32.71
C ALA TA 224 -80.17 -22.20 -32.19
N SER TA 225 -80.28 -23.52 -31.99
CA SER TA 225 -79.19 -24.30 -31.44
C SER TA 225 -78.34 -24.97 -32.51
N GLY TA 226 -78.60 -24.70 -33.78
CA GLY TA 226 -77.75 -25.24 -34.82
C GLY TA 226 -78.13 -24.66 -36.16
N ASN TA 227 -77.27 -24.91 -37.14
CA ASN TA 227 -77.46 -24.42 -38.49
C ASN TA 227 -77.62 -25.59 -39.45
N TRP TA 228 -78.08 -25.28 -40.66
CA TRP TA 228 -78.24 -26.27 -41.70
C TRP TA 228 -76.89 -26.52 -42.35
N HIS TA 229 -76.35 -27.71 -42.17
CA HIS TA 229 -75.07 -28.11 -42.74
C HIS TA 229 -75.30 -29.27 -43.69
N CYS TA 230 -75.51 -28.97 -44.96
CA CYS TA 230 -75.69 -29.98 -45.99
C CYS TA 230 -74.75 -29.65 -47.13
N ASP TA 231 -73.70 -30.43 -47.29
CA ASP TA 231 -72.60 -30.07 -48.18
C ASP TA 231 -71.82 -31.33 -48.52
N SER TA 232 -70.82 -31.16 -49.38
CA SER TA 232 -69.88 -32.24 -49.69
C SER TA 232 -68.57 -31.61 -50.11
N THR TA 233 -67.50 -31.88 -49.37
CA THR TA 233 -66.20 -31.32 -49.63
C THR TA 233 -65.26 -32.42 -50.09
N TRP TA 234 -64.62 -32.21 -51.23
CA TRP TA 234 -63.70 -33.19 -51.79
C TRP TA 234 -62.28 -32.70 -51.60
N LEU TA 235 -61.54 -33.39 -50.76
CA LEU TA 235 -60.11 -33.14 -50.60
C LEU TA 235 -59.36 -34.09 -51.51
N GLY TA 236 -58.04 -34.18 -51.36
CA GLY TA 236 -57.28 -35.04 -52.25
C GLY TA 236 -57.63 -36.51 -52.10
N ASP TA 237 -57.62 -37.01 -50.87
CA ASP TA 237 -57.89 -38.42 -50.62
C ASP TA 237 -59.07 -38.64 -49.68
N ARG TA 238 -59.75 -37.58 -49.25
CA ARG TA 238 -60.90 -37.67 -48.40
C ARG TA 238 -62.08 -37.01 -49.10
N VAL TA 239 -63.28 -37.42 -48.71
CA VAL TA 239 -64.49 -36.67 -49.01
C VAL TA 239 -65.32 -36.60 -47.73
N ILE TA 240 -65.78 -35.41 -47.40
CA ILE TA 240 -66.60 -35.19 -46.22
C ILE TA 240 -68.00 -34.84 -46.68
N THR TA 241 -68.97 -35.68 -46.32
CA THR TA 241 -70.37 -35.48 -46.68
C THR TA 241 -71.15 -35.08 -45.44
N THR TA 242 -71.87 -33.97 -45.52
CA THR TA 242 -72.73 -33.50 -44.45
C THR TA 242 -74.17 -33.49 -44.94
N SER TA 243 -75.09 -33.93 -44.09
CA SER TA 243 -76.51 -34.00 -44.42
C SER TA 243 -77.33 -33.54 -43.24
N THR TA 244 -78.20 -32.57 -43.48
CA THR TA 244 -79.18 -32.13 -42.50
C THR TA 244 -80.58 -32.48 -43.00
N ARG TA 245 -81.41 -32.98 -42.10
CA ARG TA 245 -82.79 -33.33 -42.41
C ARG TA 245 -83.69 -32.85 -41.29
N THR TA 246 -84.97 -32.71 -41.61
CA THR TA 246 -85.99 -32.37 -40.63
C THR TA 246 -86.77 -33.63 -40.28
N TRP TA 247 -86.85 -33.92 -39.00
CA TRP TA 247 -87.51 -35.11 -38.50
C TRP TA 247 -88.71 -34.76 -37.63
N ALA TA 248 -89.67 -35.68 -37.63
CA ALA TA 248 -90.82 -35.65 -36.74
C ALA TA 248 -90.86 -36.95 -35.95
N LEU TA 249 -90.96 -36.84 -34.63
CA LEU TA 249 -91.01 -37.98 -33.74
C LEU TA 249 -92.34 -37.98 -33.00
N PRO TA 250 -93.18 -38.99 -33.20
CA PRO TA 250 -94.43 -39.06 -32.44
C PRO TA 250 -94.27 -39.76 -31.11
N THR TA 251 -95.36 -39.94 -30.39
CA THR TA 251 -95.38 -40.80 -29.22
C THR TA 251 -95.77 -42.21 -29.66
N TYR TA 252 -94.94 -43.18 -29.32
CA TYR TA 252 -95.14 -44.57 -29.72
C TYR TA 252 -95.67 -45.37 -28.54
N ASN TA 253 -96.71 -46.16 -28.78
CA ASN TA 253 -97.26 -47.12 -27.83
C ASN TA 253 -97.92 -46.45 -26.63
N ASN TA 254 -98.20 -45.16 -26.69
CA ASN TA 254 -98.64 -44.39 -25.52
C ASN TA 254 -97.66 -44.50 -24.38
N HIS TA 255 -96.37 -44.39 -24.70
CA HIS TA 255 -95.27 -44.42 -23.72
C HIS TA 255 -95.17 -45.78 -23.03
N LEU TA 256 -95.61 -46.83 -23.69
CA LEU TA 256 -95.64 -48.16 -23.09
C LEU TA 256 -94.66 -49.10 -23.77
N TYR TA 257 -94.13 -50.03 -23.00
CA TYR TA 257 -93.39 -51.17 -23.53
C TYR TA 257 -94.38 -52.30 -23.71
N LYS TA 258 -94.45 -52.85 -24.91
CA LYS TA 258 -95.41 -53.90 -25.19
C LYS TA 258 -94.68 -55.15 -25.67
N GLN TA 259 -95.17 -56.30 -25.23
CA GLN TA 259 -94.63 -57.59 -25.66
C GLN TA 259 -95.37 -58.02 -26.92
N ILE TA 260 -94.61 -58.30 -27.97
CA ILE TA 260 -95.18 -58.68 -29.26
C ILE TA 260 -94.72 -60.08 -29.62
N SER TA 261 -95.60 -60.82 -30.27
CA SER TA 261 -95.29 -62.17 -30.73
C SER TA 261 -96.19 -62.49 -31.92
N SER TA 262 -96.12 -63.72 -32.38
CA SER TA 262 -96.89 -64.19 -33.53
C SER TA 262 -98.11 -65.00 -33.13
N ALA TA 263 -98.42 -65.07 -31.83
CA ALA TA 263 -99.50 -65.93 -31.37
C ALA TA 263 -100.85 -65.48 -31.92
N SER TA 264 -101.13 -64.18 -31.90
CA SER TA 264 -102.37 -63.71 -32.49
C SER TA 264 -102.30 -63.71 -34.01
N THR TA 265 -101.10 -63.53 -34.58
CA THR TA 265 -100.96 -63.55 -36.03
C THR TA 265 -101.32 -64.92 -36.60
N GLY TA 266 -100.98 -65.98 -35.89
CA GLY TA 266 -101.22 -67.31 -36.44
C GLY TA 266 -100.37 -67.63 -37.64
N ALA TA 267 -99.07 -67.30 -37.57
CA ALA TA 267 -98.17 -67.49 -38.69
C ALA TA 267 -97.70 -68.94 -38.76
N SER TA 268 -96.92 -69.24 -39.79
CA SER TA 268 -96.30 -70.54 -39.94
C SER TA 268 -95.14 -70.67 -38.97
N ASN TA 269 -94.64 -71.90 -38.83
CA ASN TA 269 -93.54 -72.16 -37.90
C ASN TA 269 -92.30 -71.36 -38.27
N ASP TA 270 -92.12 -71.07 -39.56
CA ASP TA 270 -90.96 -70.32 -40.00
C ASP TA 270 -91.04 -68.84 -39.66
N ASN TA 271 -92.23 -68.32 -39.43
CA ASN TA 271 -92.44 -66.88 -39.22
C ASN TA 271 -92.76 -66.55 -37.77
N HIS TA 272 -92.61 -67.51 -36.86
CA HIS TA 272 -92.86 -67.25 -35.45
C HIS TA 272 -91.80 -66.33 -34.87
N TYR TA 273 -92.22 -65.48 -33.94
CA TYR TA 273 -91.28 -64.58 -33.29
C TYR TA 273 -91.81 -64.17 -31.93
N PHE TA 274 -90.90 -63.66 -31.11
CA PHE TA 274 -91.21 -63.11 -29.81
C PHE TA 274 -90.29 -61.92 -29.59
N GLY TA 275 -90.84 -60.82 -29.11
CA GLY TA 275 -90.02 -59.65 -28.89
C GLY TA 275 -90.76 -58.57 -28.15
N TYR TA 276 -90.22 -57.37 -28.25
CA TYR TA 276 -90.75 -56.22 -27.53
C TYR TA 276 -90.78 -55.00 -28.43
N SER TA 277 -91.80 -54.18 -28.22
CA SER TA 277 -91.97 -52.88 -28.87
C SER TA 277 -91.75 -51.80 -27.82
N THR TA 278 -90.82 -50.89 -28.08
CA THR TA 278 -90.56 -49.86 -27.09
C THR TA 278 -91.22 -48.55 -27.51
N PRO TA 279 -91.42 -47.62 -26.59
CA PRO TA 279 -91.89 -46.29 -26.97
C PRO TA 279 -90.84 -45.38 -27.60
N TRP TA 280 -89.64 -45.88 -27.83
CA TRP TA 280 -88.56 -45.09 -28.38
C TRP TA 280 -88.53 -45.19 -29.90
N GLY TA 281 -88.01 -44.15 -30.53
CA GLY TA 281 -87.62 -44.19 -31.92
C GLY TA 281 -86.10 -44.17 -32.01
N TYR TA 282 -85.60 -44.42 -33.21
CA TYR TA 282 -84.16 -44.41 -33.42
C TYR TA 282 -83.83 -43.66 -34.70
N PHE TA 283 -82.60 -43.18 -34.76
CA PHE TA 283 -82.10 -42.46 -35.91
C PHE TA 283 -81.30 -43.40 -36.79
N ASP TA 284 -81.62 -43.43 -38.08
CA ASP TA 284 -80.99 -44.32 -39.04
C ASP TA 284 -80.45 -43.51 -40.21
N PHE TA 285 -79.16 -43.67 -40.49
CA PHE TA 285 -78.55 -43.06 -41.66
C PHE TA 285 -77.65 -44.10 -42.33
N ASN TA 286 -78.14 -45.34 -42.42
CA ASN TA 286 -77.37 -46.45 -42.94
C ASN TA 286 -77.70 -46.74 -44.40
N ARG TA 287 -77.88 -45.72 -45.21
CA ARG TA 287 -77.96 -45.84 -46.65
C ARG TA 287 -77.04 -44.82 -47.28
N PHE TA 288 -76.53 -45.12 -48.47
CA PHE TA 288 -75.54 -44.25 -49.07
C PHE TA 288 -76.14 -42.94 -49.56
N HIS TA 289 -77.41 -42.95 -49.95
CA HIS TA 289 -78.04 -41.73 -50.44
C HIS TA 289 -78.45 -40.79 -49.32
N CYS TA 290 -78.35 -41.20 -48.05
CA CYS TA 290 -78.48 -40.27 -46.95
C CYS TA 290 -77.31 -39.31 -46.89
N HIS TA 291 -76.22 -39.63 -47.57
CA HIS TA 291 -74.99 -38.85 -47.50
C HIS TA 291 -74.50 -38.35 -48.85
N PHE TA 292 -74.72 -39.10 -49.93
CA PHE TA 292 -74.24 -38.72 -51.25
C PHE TA 292 -75.41 -38.30 -52.12
N SER TA 293 -75.27 -37.15 -52.76
CA SER TA 293 -76.15 -36.84 -53.88
C SER TA 293 -75.77 -37.75 -55.04
N PRO TA 294 -76.68 -37.92 -56.01
CA PRO TA 294 -76.31 -38.71 -57.20
C PRO TA 294 -75.09 -38.18 -57.92
N ARG TA 295 -74.93 -36.86 -57.99
CA ARG TA 295 -73.74 -36.27 -58.58
C ARG TA 295 -72.48 -36.65 -57.80
N ASP TA 296 -72.55 -36.58 -56.47
CA ASP TA 296 -71.40 -36.96 -55.65
C ASP TA 296 -71.09 -38.45 -55.78
N TRP TA 297 -72.12 -39.27 -55.86
CA TRP TA 297 -71.92 -40.70 -56.06
C TRP TA 297 -71.24 -40.98 -57.39
N GLN TA 298 -71.67 -40.30 -58.45
CA GLN TA 298 -71.04 -40.46 -59.74
C GLN TA 298 -69.59 -40.00 -59.70
N ARG TA 299 -69.33 -38.87 -59.05
CA ARG TA 299 -67.98 -38.38 -58.90
C ARG TA 299 -67.09 -39.37 -58.16
N LEU TA 300 -67.63 -40.03 -57.14
CA LEU TA 300 -66.87 -41.02 -56.39
C LEU TA 300 -66.58 -42.25 -57.25
N ILE TA 301 -67.62 -42.82 -57.87
CA ILE TA 301 -67.48 -44.10 -58.53
C ILE TA 301 -66.78 -44.01 -59.88
N ASN TA 302 -66.77 -42.84 -60.50
CA ASN TA 302 -66.08 -42.71 -61.78
C ASN TA 302 -64.60 -42.43 -61.63
N ASN TA 303 -64.14 -42.16 -60.42
CA ASN TA 303 -62.78 -41.68 -60.21
C ASN TA 303 -62.00 -42.45 -59.16
N ASN TA 304 -62.65 -43.24 -58.31
CA ASN TA 304 -61.95 -43.87 -57.21
C ASN TA 304 -61.99 -45.39 -57.37
N TRP TA 305 -60.86 -46.02 -57.04
CA TRP TA 305 -60.79 -47.47 -57.01
C TRP TA 305 -61.35 -48.06 -55.73
N GLY TA 306 -61.45 -47.27 -54.67
CA GLY TA 306 -62.07 -47.80 -53.47
C GLY TA 306 -62.40 -46.69 -52.51
N PHE TA 307 -63.20 -47.04 -51.50
CA PHE TA 307 -63.50 -46.05 -50.48
C PHE TA 307 -63.92 -46.73 -49.19
N ARG TA 308 -63.85 -45.98 -48.09
CA ARG TA 308 -64.27 -46.50 -46.80
C ARG TA 308 -64.57 -45.34 -45.87
N PRO TA 309 -65.35 -45.56 -44.82
CA PRO TA 309 -65.62 -44.48 -43.86
C PRO TA 309 -64.58 -44.39 -42.75
N LYS TA 310 -64.20 -43.16 -42.43
CA LYS TA 310 -63.23 -42.82 -41.41
C LYS TA 310 -63.88 -42.32 -40.13
N ARG TA 311 -64.75 -41.32 -40.20
CA ARG TA 311 -65.30 -40.82 -38.95
C ARG TA 311 -66.66 -40.18 -39.21
N LEU TA 312 -67.41 -39.95 -38.12
CA LEU TA 312 -68.70 -39.29 -38.25
C LEU TA 312 -69.01 -38.43 -37.04
N ASN TA 313 -69.78 -37.39 -37.29
CA ASN TA 313 -70.35 -36.50 -36.30
C ASN TA 313 -71.86 -36.51 -36.45
N PHE TA 314 -72.56 -36.55 -35.33
CA PHE TA 314 -74.01 -36.55 -35.28
C PHE TA 314 -74.45 -35.39 -34.41
N LYS TA 315 -75.40 -34.60 -34.91
CA LYS TA 315 -75.93 -33.49 -34.15
C LYS TA 315 -77.45 -33.50 -34.24
N LEU TA 316 -78.09 -33.14 -33.15
CA LEU TA 316 -79.54 -33.04 -33.03
C LEU TA 316 -79.85 -31.67 -32.45
N PHE TA 317 -80.60 -30.86 -33.19
CA PHE TA 317 -80.74 -29.47 -32.80
C PHE TA 317 -82.10 -28.94 -33.23
N ASN TA 318 -82.46 -27.78 -32.66
CA ASN TA 318 -83.70 -27.08 -32.95
C ASN TA 318 -84.93 -27.92 -32.60
N ILE TA 319 -84.96 -28.38 -31.35
CA ILE TA 319 -86.05 -29.22 -30.87
C ILE TA 319 -87.28 -28.38 -30.64
N GLN TA 320 -88.42 -28.86 -31.13
CA GLN TA 320 -89.71 -28.23 -30.87
C GLN TA 320 -90.70 -29.30 -30.46
N VAL TA 321 -91.19 -29.23 -29.24
CA VAL TA 321 -92.24 -30.13 -28.78
C VAL TA 321 -93.59 -29.46 -29.00
N LYS TA 322 -94.51 -30.18 -29.61
CA LYS TA 322 -95.82 -29.67 -29.95
C LYS TA 322 -96.89 -30.48 -29.25
N GLU TA 323 -97.80 -29.79 -28.57
CA GLU TA 323 -98.97 -30.36 -27.94
C GLU TA 323 -100.15 -30.37 -28.91
N VAL TA 324 -100.88 -31.48 -28.95
CA VAL TA 324 -102.00 -31.67 -29.86
C VAL TA 324 -103.26 -31.94 -29.06
N THR TA 325 -104.34 -31.21 -29.37
CA THR TA 325 -105.65 -31.45 -28.78
C THR TA 325 -106.67 -31.54 -29.90
N THR TA 326 -107.44 -32.63 -29.95
CA THR TA 326 -108.51 -32.77 -30.93
C THR TA 326 -109.85 -32.69 -30.18
N ASN TA 327 -110.63 -31.66 -30.50
CA ASN TA 327 -111.96 -31.46 -29.91
C ASN TA 327 -112.98 -31.26 -31.03
N ASP TA 328 -114.08 -32.00 -30.96
CA ASP TA 328 -115.18 -31.89 -31.92
C ASP TA 328 -114.69 -32.08 -33.35
N GLY TA 329 -113.60 -32.82 -33.52
CA GLY TA 329 -113.04 -33.10 -34.82
C GLY TA 329 -111.99 -32.13 -35.30
N VAL TA 330 -111.84 -30.98 -34.64
CA VAL TA 330 -110.84 -30.00 -35.05
C VAL TA 330 -109.62 -30.11 -34.15
N THR TA 331 -108.45 -29.96 -34.74
CA THR TA 331 -107.18 -30.22 -34.08
C THR TA 331 -106.43 -28.92 -33.86
N THR TA 332 -106.00 -28.69 -32.63
CA THR TA 332 -105.18 -27.56 -32.23
C THR TA 332 -103.78 -28.05 -31.90
N ILE TA 333 -102.78 -27.38 -32.44
CA ILE TA 333 -101.38 -27.67 -32.13
C ILE TA 333 -100.78 -26.42 -31.51
N ALA TA 334 -100.13 -26.59 -30.36
CA ALA TA 334 -99.47 -25.50 -29.68
C ALA TA 334 -98.04 -25.90 -29.36
N ASN TA 335 -97.23 -24.92 -28.99
CA ASN TA 335 -95.88 -25.20 -28.55
C ASN TA 335 -95.88 -25.53 -27.06
N ASN TA 336 -95.11 -26.55 -26.71
CA ASN TA 336 -94.89 -26.92 -25.31
C ASN TA 336 -93.44 -26.58 -24.99
N LEU TA 337 -93.22 -25.40 -24.41
CA LEU TA 337 -91.87 -24.90 -24.25
C LEU TA 337 -91.09 -25.60 -23.15
N THR TA 338 -91.76 -26.32 -22.26
CA THR TA 338 -91.10 -26.93 -21.11
C THR TA 338 -90.99 -28.45 -21.23
N SER TA 339 -91.35 -29.02 -22.36
CA SER TA 339 -91.26 -30.46 -22.54
C SER TA 339 -89.88 -30.86 -23.06
N THR TA 340 -89.54 -32.12 -22.86
CA THR TA 340 -88.22 -32.62 -23.20
C THR TA 340 -88.31 -33.83 -24.13
N VAL TA 341 -87.24 -34.03 -24.89
CA VAL TA 341 -86.98 -35.29 -25.57
C VAL TA 341 -85.75 -35.92 -24.95
N GLN TA 342 -85.83 -37.20 -24.65
CA GLN TA 342 -84.69 -37.96 -24.16
C GLN TA 342 -83.95 -38.57 -25.34
N VAL TA 343 -82.64 -38.37 -25.37
CA VAL TA 343 -81.77 -38.91 -26.43
C VAL TA 343 -80.60 -39.62 -25.77
N PHE TA 344 -80.27 -40.80 -26.26
CA PHE TA 344 -79.01 -41.40 -25.84
C PHE TA 344 -78.43 -42.24 -26.97
N SER TA 345 -77.12 -42.40 -26.94
CA SER TA 345 -76.39 -43.22 -27.89
C SER TA 345 -75.96 -44.49 -27.18
N ASP TA 346 -76.20 -45.64 -27.83
CA ASP TA 346 -75.87 -46.93 -27.23
C ASP TA 346 -74.44 -47.29 -27.63
N SER TA 347 -73.49 -46.58 -27.00
CA SER TA 347 -72.09 -46.65 -27.40
C SER TA 347 -71.41 -47.95 -26.97
N GLU TA 348 -71.98 -48.67 -26.00
CA GLU TA 348 -71.41 -49.92 -25.55
C GLU TA 348 -72.10 -51.14 -26.13
N TYR TA 349 -73.02 -50.93 -27.07
CA TYR TA 349 -73.71 -52.02 -27.77
C TYR TA 349 -74.35 -53.00 -26.80
N GLN TA 350 -75.03 -52.45 -25.81
CA GLN TA 350 -75.73 -53.23 -24.81
C GLN TA 350 -77.16 -53.56 -25.22
N LEU TA 351 -77.64 -53.00 -26.30
CA LEU TA 351 -78.97 -53.21 -26.82
C LEU TA 351 -78.92 -54.07 -28.07
N PRO TA 352 -80.01 -54.73 -28.41
CA PRO TA 352 -80.07 -55.40 -29.72
C PRO TA 352 -79.91 -54.40 -30.84
N TYR TA 353 -79.05 -54.74 -31.80
CA TYR TA 353 -78.75 -53.85 -32.92
C TYR TA 353 -79.71 -54.15 -34.05
N VAL TA 354 -80.69 -53.27 -34.24
CA VAL TA 354 -81.68 -53.47 -35.30
C VAL TA 354 -81.29 -52.74 -36.58
N LEU TA 355 -80.27 -51.89 -36.53
CA LEU TA 355 -79.73 -51.34 -37.76
C LEU TA 355 -79.00 -52.45 -38.51
N GLY TA 356 -78.77 -52.24 -39.80
CA GLY TA 356 -78.14 -53.27 -40.58
C GLY TA 356 -79.05 -54.38 -41.03
N SER TA 357 -80.37 -54.21 -40.90
CA SER TA 357 -81.35 -55.15 -41.44
C SER TA 357 -82.10 -54.55 -42.62
N ALA TA 358 -81.64 -53.42 -43.14
CA ALA TA 358 -82.20 -52.77 -44.32
C ALA TA 358 -83.65 -52.35 -44.10
N HIS TA 359 -83.88 -51.60 -43.03
CA HIS TA 359 -85.23 -51.15 -42.69
C HIS TA 359 -85.49 -49.74 -43.20
N GLN TA 360 -86.76 -49.44 -43.36
CA GLN TA 360 -87.18 -48.09 -43.68
C GLN TA 360 -86.99 -47.18 -42.47
N GLY TA 361 -87.00 -45.87 -42.73
CA GLY TA 361 -86.85 -44.92 -41.66
C GLY TA 361 -85.54 -44.17 -41.65
N CYS TA 362 -84.71 -44.38 -42.66
CA CYS TA 362 -83.47 -43.63 -42.79
C CYS TA 362 -83.77 -42.18 -43.15
N LEU TA 363 -82.73 -41.36 -43.12
CA LEU TA 363 -82.87 -40.02 -43.66
C LEU TA 363 -83.21 -40.11 -45.14
N PRO TA 364 -84.15 -39.31 -45.62
CA PRO TA 364 -84.54 -39.37 -47.03
C PRO TA 364 -83.39 -38.95 -47.94
N PRO TA 365 -83.35 -39.48 -49.17
CA PRO TA 365 -82.28 -39.06 -50.09
C PRO TA 365 -82.30 -37.58 -50.41
N PHE TA 366 -83.48 -37.00 -50.56
CA PHE TA 366 -83.60 -35.59 -50.93
C PHE TA 366 -83.57 -34.72 -49.67
N PRO TA 367 -82.67 -33.74 -49.60
CA PRO TA 367 -82.53 -32.93 -48.37
C PRO TA 367 -83.76 -32.13 -48.02
N ALA TA 368 -84.69 -31.91 -48.94
CA ALA TA 368 -85.88 -31.14 -48.65
C ALA TA 368 -86.97 -31.97 -47.98
N ASP TA 369 -86.80 -33.28 -47.88
CA ASP TA 369 -87.85 -34.14 -47.38
C ASP TA 369 -87.83 -34.21 -45.86
N VAL TA 370 -89.02 -34.21 -45.27
CA VAL TA 370 -89.19 -34.32 -43.83
C VAL TA 370 -89.59 -35.74 -43.51
N PHE TA 371 -88.90 -36.36 -42.56
CA PHE TA 371 -89.10 -37.79 -42.32
C PHE TA 371 -89.54 -38.07 -40.89
N MET TA 372 -90.36 -39.11 -40.76
CA MET TA 372 -90.83 -39.60 -39.49
C MET TA 372 -89.81 -40.57 -38.91
N ILE TA 373 -89.61 -40.50 -37.61
CA ILE TA 373 -88.61 -41.35 -36.96
C ILE TA 373 -89.23 -42.72 -36.68
N PRO TA 374 -88.56 -43.81 -37.08
CA PRO TA 374 -89.14 -45.14 -36.88
C PRO TA 374 -89.08 -45.61 -35.44
N GLN TA 375 -90.03 -46.46 -35.09
CA GLN TA 375 -90.13 -46.97 -33.72
C GLN TA 375 -89.09 -48.05 -33.48
N TYR TA 376 -88.58 -48.10 -32.25
CA TYR TA 376 -87.62 -49.12 -31.87
C TYR TA 376 -88.33 -50.35 -31.32
N GLY TA 377 -87.90 -51.51 -31.76
CA GLY TA 377 -88.38 -52.76 -31.24
C GLY TA 377 -87.33 -53.81 -31.55
N TYR TA 378 -87.37 -54.89 -30.79
CA TYR TA 378 -86.38 -55.94 -30.98
C TYR TA 378 -87.06 -57.29 -30.81
N LEU TA 379 -86.36 -58.32 -31.24
CA LEU TA 379 -86.78 -59.70 -31.07
C LEU TA 379 -85.80 -60.40 -30.14
N THR TA 380 -86.30 -61.38 -29.40
CA THR TA 380 -85.47 -62.17 -28.52
C THR TA 380 -85.71 -63.64 -28.81
N LEU TA 381 -85.04 -64.51 -28.05
CA LEU TA 381 -85.17 -65.94 -28.26
C LEU TA 381 -86.62 -66.37 -28.13
N ASN TA 382 -87.07 -67.18 -29.07
CA ASN TA 382 -88.45 -67.65 -29.06
C ASN TA 382 -88.50 -69.14 -29.36
N ASN TA 383 -89.49 -69.79 -28.76
CA ASN TA 383 -89.81 -71.20 -28.99
C ASN TA 383 -91.22 -71.22 -29.56
N GLY TA 384 -91.31 -71.04 -30.88
CA GLY TA 384 -92.61 -70.79 -31.48
C GLY TA 384 -93.00 -69.35 -31.23
N SER TA 385 -94.21 -69.14 -30.74
CA SER TA 385 -94.64 -67.82 -30.34
C SER TA 385 -94.36 -67.54 -28.87
N GLN TA 386 -93.70 -68.45 -28.18
CA GLN TA 386 -93.41 -68.32 -26.76
C GLN TA 386 -91.97 -67.87 -26.56
N ALA TA 387 -91.67 -67.49 -25.33
CA ALA TA 387 -90.32 -67.11 -24.93
C ALA TA 387 -89.62 -68.28 -24.26
N VAL TA 388 -88.38 -68.07 -23.85
CA VAL TA 388 -87.62 -69.02 -23.08
C VAL TA 388 -87.04 -68.31 -21.87
N GLY TA 389 -86.30 -69.05 -21.05
CA GLY TA 389 -85.68 -68.44 -19.89
C GLY TA 389 -84.60 -67.44 -20.24
N ARG TA 390 -83.88 -67.68 -21.33
CA ARG TA 390 -82.79 -66.82 -21.77
C ARG TA 390 -83.26 -65.70 -22.67
N SER TA 391 -84.56 -65.59 -22.90
CA SER TA 391 -85.10 -64.43 -23.60
C SER TA 391 -84.86 -63.18 -22.77
N SER TA 392 -84.32 -62.15 -23.40
CA SER TA 392 -83.97 -60.93 -22.70
C SER TA 392 -85.04 -59.87 -22.88
N PHE TA 393 -85.12 -58.99 -21.89
CA PHE TA 393 -85.94 -57.80 -21.94
C PHE TA 393 -85.07 -56.62 -21.60
N TYR TA 394 -85.22 -55.53 -22.35
CA TYR TA 394 -84.41 -54.34 -22.16
C TYR TA 394 -85.34 -53.16 -21.95
N CYS TA 395 -85.25 -52.54 -20.78
CA CYS TA 395 -85.84 -51.23 -20.57
C CYS TA 395 -84.85 -50.19 -21.03
N LEU TA 396 -85.26 -49.35 -21.99
CA LEU TA 396 -84.37 -48.32 -22.48
C LEU TA 396 -84.34 -47.10 -21.57
N GLU TA 397 -85.27 -47.00 -20.63
CA GLU TA 397 -85.16 -45.99 -19.58
C GLU TA 397 -84.12 -46.36 -18.54
N TYR TA 398 -83.60 -47.57 -18.59
CA TYR TA 398 -82.52 -48.01 -17.72
C TYR TA 398 -81.15 -47.57 -18.23
N PHE TA 399 -81.11 -46.58 -19.11
CA PHE TA 399 -79.91 -45.98 -19.63
C PHE TA 399 -79.84 -44.53 -19.20
N PRO TA 400 -78.64 -43.96 -19.09
CA PRO TA 400 -78.52 -42.50 -18.95
C PRO TA 400 -78.87 -41.82 -20.27
N SER TA 401 -79.84 -40.92 -20.20
CA SER TA 401 -80.29 -40.15 -21.36
C SER TA 401 -80.02 -38.67 -21.12
N GLN TA 402 -79.79 -37.94 -22.20
CA GLN TA 402 -79.77 -36.50 -22.14
C GLN TA 402 -81.18 -35.99 -22.43
N MET TA 403 -81.69 -35.14 -21.54
CA MET TA 403 -83.00 -34.53 -21.70
C MET TA 403 -82.82 -33.17 -22.35
N LEU TA 404 -83.53 -32.96 -23.45
CA LEU TA 404 -83.38 -31.76 -24.28
C LEU TA 404 -84.68 -30.99 -24.27
N ARG TA 405 -84.63 -29.75 -23.81
CA ARG TA 405 -85.71 -28.81 -24.01
C ARG TA 405 -85.47 -28.08 -25.33
N THR TA 406 -86.30 -27.07 -25.63
CA THR TA 406 -86.26 -26.48 -26.96
C THR TA 406 -84.99 -25.69 -27.22
N GLY TA 407 -84.19 -25.39 -26.21
CA GLY TA 407 -82.96 -24.65 -26.42
C GLY TA 407 -81.70 -25.51 -26.40
N ASN TA 408 -81.86 -26.81 -26.22
CA ASN TA 408 -80.73 -27.72 -26.09
C ASN TA 408 -80.45 -28.45 -27.40
N ASN TA 409 -79.22 -28.92 -27.53
CA ASN TA 409 -78.83 -29.77 -28.65
C ASN TA 409 -78.04 -30.96 -28.12
N PHE TA 410 -77.78 -31.90 -29.02
CA PHE TA 410 -77.14 -33.16 -28.71
C PHE TA 410 -76.06 -33.42 -29.75
N THR TA 411 -74.85 -33.74 -29.31
CA THR TA 411 -73.76 -34.03 -30.23
C THR TA 411 -73.13 -35.37 -29.88
N PHE TA 412 -72.53 -36.00 -30.88
CA PHE TA 412 -71.91 -37.30 -30.66
C PHE TA 412 -70.92 -37.57 -31.79
N SER TA 413 -69.70 -37.96 -31.43
CA SER TA 413 -68.67 -38.28 -32.42
C SER TA 413 -68.36 -39.76 -32.38
N TYR TA 414 -67.95 -40.29 -33.53
CA TYR TA 414 -67.64 -41.70 -33.63
C TYR TA 414 -66.52 -41.88 -34.65
N THR TA 415 -65.59 -42.80 -34.36
CA THR TA 415 -64.52 -43.14 -35.28
C THR TA 415 -64.71 -44.58 -35.75
N PHE TA 416 -64.66 -44.78 -37.05
CA PHE TA 416 -64.74 -46.12 -37.61
C PHE TA 416 -63.44 -46.88 -37.37
N GLU TA 417 -63.57 -48.18 -37.16
CA GLU TA 417 -62.41 -49.05 -37.13
C GLU TA 417 -61.82 -49.17 -38.53
N GLU TA 418 -60.58 -49.65 -38.58
CA GLU TA 418 -59.89 -49.81 -39.87
C GLU TA 418 -60.54 -50.98 -40.61
N VAL TA 419 -61.43 -50.65 -41.52
CA VAL TA 419 -62.15 -51.61 -42.34
C VAL TA 419 -61.48 -51.59 -43.71
N PRO TA 420 -61.48 -52.68 -44.48
CA PRO TA 420 -60.93 -52.63 -45.83
C PRO TA 420 -61.75 -51.71 -46.74
N PHE TA 421 -61.06 -51.13 -47.71
CA PHE TA 421 -61.73 -50.34 -48.73
C PHE TA 421 -62.73 -51.20 -49.48
N HIS TA 422 -63.91 -50.65 -49.72
CA HIS TA 422 -64.80 -51.26 -50.71
C HIS TA 422 -64.24 -51.01 -52.10
N SER TA 423 -64.38 -52.02 -52.94
CA SER TA 423 -63.82 -52.06 -54.29
C SER TA 423 -64.76 -51.40 -55.27
N SER TA 424 -64.43 -50.19 -55.71
CA SER TA 424 -65.20 -49.50 -56.74
C SER TA 424 -64.70 -49.82 -58.14
N TYR TA 425 -64.15 -51.01 -58.34
CA TYR TA 425 -63.58 -51.41 -59.61
C TYR TA 425 -64.11 -52.77 -60.02
N ALA TA 426 -64.09 -53.00 -61.32
CA ALA TA 426 -64.18 -54.32 -61.92
C ALA TA 426 -62.78 -54.79 -62.31
N HIS TA 427 -62.68 -56.06 -62.66
CA HIS TA 427 -61.43 -56.64 -63.11
C HIS TA 427 -61.39 -56.69 -64.62
N SER TA 428 -60.24 -56.28 -65.18
CA SER TA 428 -60.03 -56.33 -66.62
C SER TA 428 -59.66 -57.70 -67.12
N GLN TA 429 -59.36 -58.63 -66.23
CA GLN TA 429 -59.01 -59.99 -66.59
C GLN TA 429 -59.94 -60.95 -65.87
N SER TA 430 -60.14 -62.12 -66.46
CA SER TA 430 -60.85 -63.20 -65.82
C SER TA 430 -59.86 -64.14 -65.14
N LEU TA 431 -60.35 -64.84 -64.13
CA LEU TA 431 -59.47 -65.68 -63.32
C LEU TA 431 -58.92 -66.86 -64.11
N ASP TA 432 -59.68 -67.37 -65.07
CA ASP TA 432 -59.21 -68.47 -65.91
C ASP TA 432 -58.49 -67.99 -67.15
N ARG TA 433 -58.10 -66.71 -67.20
CA ARG TA 433 -57.44 -66.12 -68.34
C ARG TA 433 -56.27 -65.26 -67.89
N LEU TA 434 -55.48 -65.76 -66.95
CA LEU TA 434 -54.40 -65.00 -66.36
C LEU TA 434 -53.04 -65.34 -66.97
N MET TA 435 -53.03 -66.12 -68.04
CA MET TA 435 -51.80 -66.63 -68.63
C MET TA 435 -51.32 -65.73 -69.76
N ASN TA 436 -50.07 -65.94 -70.15
CA ASN TA 436 -49.55 -65.39 -71.38
C ASN TA 436 -50.15 -66.16 -72.55
N PRO TA 437 -50.86 -65.50 -73.46
CA PRO TA 437 -51.47 -66.22 -74.58
C PRO TA 437 -50.52 -66.56 -75.72
N LEU TA 438 -49.22 -66.30 -75.57
CA LEU TA 438 -48.26 -66.59 -76.62
C LEU TA 438 -47.30 -67.72 -76.26
N ILE TA 439 -47.05 -67.94 -74.98
CA ILE TA 439 -46.04 -68.88 -74.53
C ILE TA 439 -46.71 -70.14 -74.02
N ASP TA 440 -46.09 -71.28 -74.26
CA ASP TA 440 -46.56 -72.54 -73.70
C ASP TA 440 -46.16 -72.65 -72.24
N GLN TA 441 -46.64 -73.71 -71.61
CA GLN TA 441 -46.27 -74.02 -70.23
C GLN TA 441 -45.18 -75.08 -70.23
N TYR TA 442 -44.53 -75.23 -69.08
CA TYR TA 442 -43.63 -76.36 -68.89
C TYR TA 442 -44.30 -77.49 -68.12
N LEU TA 443 -45.59 -77.38 -67.85
CA LEU TA 443 -46.36 -78.39 -67.14
C LEU TA 443 -47.19 -79.19 -68.13
N TYR TA 444 -47.24 -80.50 -67.92
CA TYR TA 444 -47.99 -81.39 -68.77
C TYR TA 444 -49.26 -81.84 -68.06
N TYR TA 445 -50.24 -82.24 -68.87
CA TYR TA 445 -51.50 -82.76 -68.36
C TYR TA 445 -51.88 -83.98 -69.18
N LEU TA 446 -52.66 -84.86 -68.58
CA LEU TA 446 -53.18 -86.01 -69.31
C LEU TA 446 -54.23 -85.55 -70.31
N ASN TA 447 -53.96 -85.76 -71.60
CA ASN TA 447 -54.81 -85.26 -72.66
C ASN TA 447 -55.71 -86.34 -73.25
N ARG TA 448 -55.18 -87.53 -73.47
CA ARG TA 448 -55.93 -88.65 -74.03
C ARG TA 448 -55.70 -89.88 -73.19
N THR TA 449 -56.77 -90.64 -72.95
CA THR TA 449 -56.65 -91.99 -72.44
C THR TA 449 -57.02 -93.04 -73.48
N GLN TA 450 -57.17 -92.63 -74.74
CA GLN TA 450 -57.39 -93.53 -75.86
C GLN TA 450 -56.47 -93.13 -77.00
N ASN TA 451 -56.29 -94.03 -77.95
CA ASN TA 451 -55.43 -93.75 -79.09
C ASN TA 451 -56.03 -92.67 -79.97
N GLN TA 452 -55.19 -91.74 -80.40
CA GLN TA 452 -55.67 -90.62 -81.21
C GLN TA 452 -56.01 -91.01 -82.65
N SER TA 453 -55.37 -92.06 -83.17
CA SER TA 453 -55.55 -92.42 -84.58
C SER TA 453 -56.99 -92.79 -84.89
N GLY TA 454 -57.61 -93.61 -84.04
CA GLY TA 454 -59.00 -93.99 -84.21
C GLY TA 454 -59.24 -95.23 -85.04
N SER TA 455 -58.24 -95.71 -85.78
CA SER TA 455 -58.41 -96.95 -86.53
C SER TA 455 -58.67 -98.12 -85.58
N ALA TA 456 -57.95 -98.16 -84.47
CA ALA TA 456 -58.27 -99.01 -83.34
C ALA TA 456 -58.77 -98.14 -82.20
N GLN TA 457 -59.37 -98.79 -81.20
CA GLN TA 457 -59.94 -98.10 -80.05
C GLN TA 457 -59.21 -98.47 -78.77
N ASN TA 458 -57.88 -98.49 -78.82
CA ASN TA 458 -57.09 -98.93 -77.67
C ASN TA 458 -56.88 -97.78 -76.69
N LYS TA 459 -56.69 -98.16 -75.43
CA LYS TA 459 -56.39 -97.17 -74.41
C LYS TA 459 -54.95 -96.71 -74.51
N ASP TA 460 -54.64 -95.63 -73.82
CA ASP TA 460 -53.29 -95.09 -73.80
C ASP TA 460 -53.16 -94.09 -72.65
N LEU TA 461 -51.99 -93.48 -72.55
CA LEU TA 461 -51.73 -92.40 -71.59
C LEU TA 461 -50.91 -91.36 -72.34
N LEU TA 462 -51.59 -90.40 -72.96
CA LEU TA 462 -50.97 -89.38 -73.78
C LEU TA 462 -51.03 -88.04 -73.08
N PHE TA 463 -49.89 -87.38 -72.97
CA PHE TA 463 -49.77 -86.15 -72.21
C PHE TA 463 -49.45 -85.00 -73.16
N SER TA 464 -50.09 -83.86 -72.93
CA SER TA 464 -49.86 -82.67 -73.72
C SER TA 464 -49.31 -81.55 -72.85
N ARG TA 465 -48.66 -80.60 -73.48
CA ARG TA 465 -48.14 -79.43 -72.82
C ARG TA 465 -49.18 -78.33 -72.80
N GLY TA 466 -49.22 -77.60 -71.69
CA GLY TA 466 -50.12 -76.47 -71.57
C GLY TA 466 -49.83 -75.42 -72.63
N SER TA 467 -50.78 -75.18 -73.51
CA SER TA 467 -50.60 -74.33 -74.67
C SER TA 467 -51.73 -73.32 -74.77
N PRO TA 468 -51.52 -72.19 -75.45
CA PRO TA 468 -52.60 -71.22 -75.65
C PRO TA 468 -53.75 -71.75 -76.49
N ALA TA 469 -53.56 -72.83 -77.23
CA ALA TA 469 -54.67 -73.42 -77.97
C ALA TA 469 -55.75 -73.93 -77.01
N GLY TA 470 -55.36 -74.72 -76.02
CA GLY TA 470 -56.29 -75.12 -75.00
C GLY TA 470 -56.02 -74.44 -73.69
N MET TA 471 -56.79 -73.40 -73.38
CA MET TA 471 -56.63 -72.64 -72.15
C MET TA 471 -57.45 -73.21 -71.02
N SER TA 472 -58.47 -74.01 -71.32
CA SER TA 472 -59.32 -74.58 -70.30
C SER TA 472 -58.65 -75.72 -69.55
N VAL TA 473 -57.64 -76.35 -70.14
CA VAL TA 473 -56.97 -77.50 -69.54
C VAL TA 473 -55.61 -77.16 -68.97
N GLN TA 474 -55.20 -75.90 -69.06
CA GLN TA 474 -53.93 -75.51 -68.49
C GLN TA 474 -53.99 -75.57 -66.97
N PRO TA 475 -52.94 -76.06 -66.32
CA PRO TA 475 -52.83 -75.92 -64.87
C PRO TA 475 -52.88 -74.45 -64.46
N LYS TA 476 -53.57 -74.17 -63.37
CA LYS TA 476 -53.76 -72.81 -62.88
C LYS TA 476 -53.50 -72.77 -61.38
N ASN TA 477 -53.40 -71.56 -60.85
CA ASN TA 477 -52.97 -71.35 -59.48
C ASN TA 477 -54.11 -71.06 -58.52
N TRP TA 478 -55.28 -70.64 -59.01
CA TRP TA 478 -56.35 -70.16 -58.15
C TRP TA 478 -57.67 -70.76 -58.58
N LEU TA 479 -58.66 -70.61 -57.71
CA LEU TA 479 -60.00 -71.14 -57.90
C LEU TA 479 -61.03 -70.02 -57.74
N PRO TA 480 -62.18 -70.12 -58.40
CA PRO TA 480 -63.25 -69.14 -58.18
C PRO TA 480 -63.84 -69.29 -56.80
N GLY TA 481 -64.43 -68.21 -56.32
CA GLY TA 481 -64.98 -68.16 -54.98
C GLY TA 481 -66.06 -69.18 -54.72
N PRO TA 482 -66.52 -69.24 -53.48
CA PRO TA 482 -67.54 -70.23 -53.11
C PRO TA 482 -68.89 -69.89 -53.72
N CYS TA 483 -69.73 -70.92 -53.80
CA CYS TA 483 -71.04 -70.75 -54.42
C CYS TA 483 -72.09 -71.46 -53.60
N TYR TA 484 -73.34 -71.01 -53.74
CA TYR TA 484 -74.52 -71.65 -53.17
C TYR TA 484 -75.65 -71.45 -54.14
N ARG TA 485 -75.89 -72.43 -55.01
CA ARG TA 485 -76.68 -72.22 -56.21
C ARG TA 485 -78.10 -71.74 -55.90
N GLN TA 486 -78.57 -70.79 -56.71
CA GLN TA 486 -79.91 -70.24 -56.64
C GLN TA 486 -80.72 -70.71 -57.85
N GLN TA 487 -82.02 -70.51 -57.77
CA GLN TA 487 -82.91 -70.85 -58.88
C GLN TA 487 -82.94 -69.71 -59.88
N ARG TA 488 -83.02 -70.06 -61.16
CA ARG TA 488 -82.93 -69.08 -62.23
C ARG TA 488 -84.32 -68.65 -62.64
N VAL TA 489 -84.61 -67.36 -62.51
CA VAL TA 489 -85.89 -66.79 -62.88
C VAL TA 489 -85.66 -65.84 -64.05
N SER TA 490 -86.52 -65.91 -65.05
CA SER TA 490 -86.45 -65.04 -66.20
C SER TA 490 -87.29 -63.79 -65.97
N LYS TA 491 -86.72 -62.63 -66.33
CA LYS TA 491 -87.47 -61.39 -66.28
C LYS TA 491 -88.63 -61.38 -67.26
N THR TA 492 -88.59 -62.23 -68.28
CA THR TA 492 -89.71 -62.45 -69.17
C THR TA 492 -90.54 -63.60 -68.61
N LYS TA 493 -91.74 -63.27 -68.12
CA LYS TA 493 -92.49 -64.22 -67.30
C LYS TA 493 -92.95 -65.45 -68.07
N THR TA 494 -93.02 -65.40 -69.40
CA THR TA 494 -93.49 -66.56 -70.15
C THR TA 494 -92.52 -67.73 -70.13
N ASP TA 495 -91.24 -67.48 -69.88
CA ASP TA 495 -90.25 -68.54 -69.85
C ASP TA 495 -90.10 -69.19 -68.49
N ASN TA 496 -90.87 -68.75 -67.49
CA ASN TA 496 -90.81 -69.34 -66.18
C ASN TA 496 -91.82 -70.46 -66.04
N ASN TA 497 -91.53 -71.41 -65.16
CA ASN TA 497 -92.42 -72.53 -64.93
C ASN TA 497 -93.75 -72.05 -64.36
N ASN TA 498 -94.81 -72.75 -64.73
CA ASN TA 498 -96.16 -72.38 -64.27
C ASN TA 498 -96.42 -73.00 -62.89
N SER TA 499 -95.80 -72.37 -61.90
CA SER TA 499 -96.01 -72.72 -60.50
C SER TA 499 -95.48 -71.57 -59.66
N ASN TA 500 -95.70 -71.65 -58.35
CA ASN TA 500 -95.21 -70.58 -57.49
C ASN TA 500 -93.72 -70.73 -57.24
N PHE TA 501 -93.32 -71.80 -56.56
CA PHE TA 501 -91.92 -72.21 -56.40
C PHE TA 501 -91.01 -71.11 -55.87
N THR TA 502 -91.57 -70.01 -55.38
CA THR TA 502 -90.77 -69.01 -54.70
C THR TA 502 -90.37 -69.43 -53.29
N TRP TA 503 -91.07 -70.39 -52.73
CA TRP TA 503 -90.68 -70.95 -51.45
C TRP TA 503 -90.28 -72.40 -51.55
N THR TA 504 -90.98 -73.21 -52.35
CA THR TA 504 -90.64 -74.61 -52.46
C THR TA 504 -89.36 -74.85 -53.26
N GLY TA 505 -89.06 -73.98 -54.22
CA GLY TA 505 -87.91 -74.19 -55.07
C GLY TA 505 -86.76 -73.25 -54.78
N ALA TA 506 -86.69 -72.72 -53.57
CA ALA TA 506 -85.73 -71.68 -53.24
C ALA TA 506 -84.65 -72.20 -52.31
N SER TA 507 -83.46 -71.60 -52.44
CA SER TA 507 -82.35 -71.92 -51.55
C SER TA 507 -82.63 -71.30 -50.18
N LYS TA 508 -82.67 -72.15 -49.15
CA LYS TA 508 -82.95 -71.67 -47.81
C LYS TA 508 -82.12 -72.47 -46.83
N TYR TA 509 -81.97 -71.93 -45.63
CA TYR TA 509 -81.19 -72.58 -44.60
C TYR TA 509 -82.08 -72.94 -43.41
N ASN TA 510 -81.66 -73.97 -42.68
CA ASN TA 510 -82.38 -74.49 -41.55
C ASN TA 510 -81.70 -74.02 -40.26
N LEU TA 511 -82.46 -73.41 -39.36
CA LEU TA 511 -81.92 -72.93 -38.10
C LEU TA 511 -82.96 -73.15 -37.00
N ASN TA 512 -82.66 -74.05 -36.07
CA ASN TA 512 -83.55 -74.36 -34.95
C ASN TA 512 -84.92 -74.83 -35.43
N GLY TA 513 -84.93 -75.54 -36.55
CA GLY TA 513 -86.14 -76.14 -37.06
C GLY TA 513 -86.98 -75.28 -37.98
N ARG TA 514 -86.63 -74.03 -38.18
CA ARG TA 514 -87.37 -73.17 -39.09
C ARG TA 514 -86.47 -72.65 -40.20
N GLU TA 515 -87.02 -72.62 -41.41
CA GLU TA 515 -86.28 -72.33 -42.62
C GLU TA 515 -86.30 -70.84 -42.92
N SER TA 516 -85.22 -70.35 -43.51
CA SER TA 516 -85.08 -68.94 -43.85
C SER TA 516 -84.46 -68.86 -45.23
N ILE TA 517 -85.06 -68.06 -46.10
CA ILE TA 517 -84.51 -67.84 -47.43
C ILE TA 517 -83.14 -67.19 -47.30
N ILE TA 518 -82.20 -67.60 -48.15
CA ILE TA 518 -80.84 -67.07 -48.06
C ILE TA 518 -80.84 -65.57 -48.32
N ASN TA 519 -81.18 -65.15 -49.55
CA ASN TA 519 -81.52 -63.77 -49.86
C ASN TA 519 -80.58 -62.72 -49.28
N PRO TA 520 -79.44 -62.43 -49.91
CA PRO TA 520 -78.98 -62.91 -51.22
C PRO TA 520 -77.82 -63.90 -51.12
N GLY TA 521 -77.25 -64.03 -49.93
CA GLY TA 521 -76.23 -65.04 -49.73
C GLY TA 521 -74.92 -64.70 -50.40
N THR TA 522 -74.28 -65.74 -50.94
CA THR TA 522 -72.95 -65.61 -51.50
C THR TA 522 -72.94 -64.61 -52.65
N ALA TA 523 -71.85 -63.86 -52.74
CA ALA TA 523 -71.69 -62.86 -53.80
C ALA TA 523 -71.33 -63.60 -55.09
N MET TA 524 -72.30 -63.74 -55.98
CA MET TA 524 -72.11 -64.43 -57.24
C MET TA 524 -72.66 -63.59 -58.37
N ALA TA 525 -72.19 -63.90 -59.59
CA ALA TA 525 -72.68 -63.22 -60.77
C ALA TA 525 -74.16 -63.53 -60.99
N SER TA 526 -74.92 -62.49 -61.34
CA SER TA 526 -76.35 -62.67 -61.56
C SER TA 526 -76.65 -63.59 -62.73
N HIS TA 527 -75.88 -63.48 -63.80
CA HIS TA 527 -76.12 -64.27 -65.00
C HIS TA 527 -74.80 -64.41 -65.75
N LYS TA 528 -74.85 -65.10 -66.88
CA LYS TA 528 -73.71 -65.25 -67.77
C LYS TA 528 -73.70 -64.11 -68.79
N ASP TA 529 -72.84 -64.23 -69.78
CA ASP TA 529 -72.86 -63.32 -70.92
C ASP TA 529 -74.08 -63.61 -71.79
N ASP TA 530 -74.68 -62.53 -72.31
CA ASP TA 530 -75.83 -62.62 -73.21
C ASP TA 530 -77.01 -63.31 -72.55
N GLU TA 531 -77.15 -63.15 -71.24
CA GLU TA 531 -78.21 -63.80 -70.48
C GLU TA 531 -78.81 -62.84 -69.46
N ASP TA 532 -78.91 -61.56 -69.82
CA ASP TA 532 -79.40 -60.54 -68.90
C ASP TA 532 -80.85 -60.73 -68.53
N LYS TA 533 -81.59 -61.57 -69.25
CA LYS TA 533 -83.00 -61.83 -68.96
C LYS TA 533 -83.20 -62.71 -67.74
N PHE TA 534 -82.15 -63.28 -67.18
CA PHE TA 534 -82.24 -64.18 -66.04
C PHE TA 534 -81.61 -63.54 -64.80
N PHE TA 535 -82.22 -63.80 -63.66
CA PHE TA 535 -81.65 -63.41 -62.38
C PHE TA 535 -81.89 -64.53 -61.37
N PRO TA 536 -81.01 -64.67 -60.39
CA PRO TA 536 -81.26 -65.64 -59.31
C PRO TA 536 -82.48 -65.25 -58.51
N MET TA 537 -83.23 -66.26 -58.06
CA MET TA 537 -84.55 -65.99 -57.49
C MET TA 537 -84.45 -65.13 -56.24
N SER TA 538 -83.45 -65.38 -55.40
CA SER TA 538 -83.23 -64.57 -54.21
C SER TA 538 -81.75 -64.25 -54.06
N GLY TA 539 -81.11 -63.90 -55.16
CA GLY TA 539 -79.69 -63.64 -55.15
C GLY TA 539 -79.33 -62.21 -55.47
N VAL TA 540 -80.33 -61.37 -55.66
CA VAL TA 540 -80.11 -60.00 -56.09
C VAL TA 540 -80.81 -59.05 -55.14
N MET TA 541 -80.24 -57.86 -54.99
CA MET TA 541 -80.87 -56.80 -54.23
C MET TA 541 -81.90 -56.11 -55.10
N ILE TA 542 -83.15 -56.07 -54.64
CA ILE TA 542 -84.25 -55.50 -55.40
C ILE TA 542 -84.73 -54.26 -54.66
N PHE TA 543 -84.63 -53.11 -55.30
CA PHE TA 543 -85.14 -51.87 -54.77
C PHE TA 543 -86.47 -51.53 -55.43
N GLY TA 544 -87.41 -51.03 -54.65
CA GLY TA 544 -88.69 -50.62 -55.17
C GLY TA 544 -88.66 -49.17 -55.63
N LYS TA 545 -89.30 -48.91 -56.76
CA LYS TA 545 -89.48 -47.54 -57.18
C LYS TA 545 -90.59 -46.89 -56.36
N GLU TA 546 -90.66 -45.58 -56.43
CA GLU TA 546 -91.81 -44.90 -55.84
C GLU TA 546 -93.06 -45.32 -56.59
N SER TA 547 -94.18 -45.39 -55.85
CA SER TA 547 -95.41 -46.01 -56.34
C SER TA 547 -95.24 -47.51 -56.57
N ALA TA 548 -94.54 -48.17 -55.65
CA ALA TA 548 -94.49 -49.62 -55.61
C ALA TA 548 -95.23 -50.07 -54.35
N GLY TA 549 -96.13 -51.04 -54.51
CA GLY TA 549 -96.89 -51.53 -53.39
C GLY TA 549 -96.03 -52.31 -52.42
N ALA TA 550 -96.60 -52.57 -51.25
CA ALA TA 550 -95.89 -53.33 -50.23
C ALA TA 550 -95.85 -54.81 -50.57
N SER TA 551 -96.92 -55.34 -51.18
CA SER TA 551 -97.03 -56.76 -51.44
C SER TA 551 -97.46 -57.00 -52.88
N ASN TA 552 -96.81 -57.96 -53.54
CA ASN TA 552 -97.17 -58.42 -54.88
C ASN TA 552 -97.19 -57.27 -55.88
N THR TA 553 -96.20 -56.38 -55.79
CA THR TA 553 -96.04 -55.34 -56.78
C THR TA 553 -95.43 -55.93 -58.05
N ALA TA 554 -95.25 -55.08 -59.05
CA ALA TA 554 -94.87 -55.56 -60.37
C ALA TA 554 -93.38 -55.38 -60.65
N LEU TA 555 -92.89 -56.20 -61.59
CA LEU TA 555 -91.54 -56.08 -62.09
C LEU TA 555 -91.28 -54.68 -62.62
N ASP TA 556 -92.31 -54.02 -63.13
CA ASP TA 556 -92.18 -52.65 -63.57
C ASP TA 556 -91.99 -51.70 -62.40
N ASN TA 557 -92.48 -52.09 -61.22
CA ASN TA 557 -92.37 -51.23 -60.05
C ASN TA 557 -91.12 -51.51 -59.22
N VAL TA 558 -90.41 -52.59 -59.49
CA VAL TA 558 -89.16 -52.86 -58.77
C VAL TA 558 -87.97 -52.67 -59.70
N MET TA 559 -86.81 -52.42 -59.10
CA MET TA 559 -85.53 -52.32 -59.79
C MET TA 559 -84.63 -53.45 -59.32
N ILE TA 560 -84.31 -54.37 -60.22
CA ILE TA 560 -83.45 -55.50 -59.91
C ILE TA 560 -82.01 -55.14 -60.20
N THR TA 561 -81.12 -55.35 -59.24
CA THR TA 561 -79.72 -55.06 -59.46
C THR TA 561 -79.06 -56.17 -60.26
N ASP TA 562 -77.84 -55.90 -60.72
CA ASP TA 562 -77.05 -56.85 -61.48
C ASP TA 562 -75.65 -56.91 -60.90
N GLU TA 563 -75.09 -58.10 -60.84
CA GLU TA 563 -73.72 -58.33 -60.37
C GLU TA 563 -72.85 -58.83 -61.50
N GLU TA 564 -72.97 -58.18 -62.67
CA GLU TA 564 -72.32 -58.69 -63.87
C GLU TA 564 -70.81 -58.44 -63.85
N GLU TA 565 -70.35 -57.54 -62.99
CA GLU TA 565 -68.94 -57.15 -63.01
C GLU TA 565 -68.05 -58.15 -62.31
N ILE TA 566 -68.60 -59.06 -61.52
CA ILE TA 566 -67.79 -59.98 -60.75
C ILE TA 566 -67.79 -61.38 -61.37
N LYS TA 567 -68.14 -61.48 -62.66
CA LYS TA 567 -67.98 -62.72 -63.39
C LYS TA 567 -66.52 -63.14 -63.52
N ALA TA 568 -65.59 -62.20 -63.35
CA ALA TA 568 -64.18 -62.51 -63.54
C ALA TA 568 -63.65 -63.44 -62.46
N THR TA 569 -64.23 -63.41 -61.27
CA THR TA 569 -63.74 -64.20 -60.15
C THR TA 569 -64.80 -65.02 -59.44
N ASN TA 570 -66.08 -64.71 -59.60
CA ASN TA 570 -67.13 -65.36 -58.87
C ASN TA 570 -67.96 -66.26 -59.77
N PRO TA 571 -68.44 -67.40 -59.26
CA PRO TA 571 -69.32 -68.25 -60.06
C PRO TA 571 -70.66 -67.56 -60.31
N VAL TA 572 -71.31 -67.96 -61.40
CA VAL TA 572 -72.65 -67.45 -61.70
C VAL TA 572 -73.64 -68.05 -60.71
N ALA TA 573 -74.52 -67.20 -60.19
CA ALA TA 573 -75.38 -67.58 -59.07
C ALA TA 573 -76.32 -68.74 -59.39
N THR TA 574 -76.73 -68.88 -60.65
CA THR TA 574 -77.73 -69.85 -61.02
C THR TA 574 -77.15 -71.15 -61.58
N GLU TA 575 -75.84 -71.29 -61.60
CA GLU TA 575 -75.19 -72.48 -62.15
C GLU TA 575 -74.27 -73.11 -61.13
N ARG TA 576 -73.91 -74.36 -61.40
CA ARG TA 576 -73.10 -75.14 -60.48
C ARG TA 576 -71.69 -74.54 -60.38
N PHE TA 577 -71.04 -74.80 -59.25
CA PHE TA 577 -69.64 -74.46 -59.12
C PHE TA 577 -68.80 -75.24 -60.13
N GLY TA 578 -69.12 -76.51 -60.32
CA GLY TA 578 -68.39 -77.34 -61.24
C GLY TA 578 -68.80 -78.79 -61.06
N THR TA 579 -67.97 -79.68 -61.61
CA THR TA 579 -68.18 -81.11 -61.49
C THR TA 579 -67.07 -81.73 -60.66
N VAL TA 580 -67.38 -82.88 -60.10
CA VAL TA 580 -66.45 -83.61 -59.25
C VAL TA 580 -66.55 -85.10 -59.58
N ALA TA 581 -65.43 -85.80 -59.50
CA ALA TA 581 -65.45 -87.24 -59.68
C ALA TA 581 -66.17 -87.89 -58.51
N VAL TA 582 -66.95 -88.93 -58.79
CA VAL TA 582 -67.77 -89.57 -57.77
C VAL TA 582 -67.55 -91.07 -57.68
N ASN TA 583 -66.63 -91.64 -58.46
CA ASN TA 583 -66.40 -93.07 -58.42
C ASN TA 583 -64.96 -93.34 -58.85
N PHE TA 584 -64.63 -94.62 -58.99
CA PHE TA 584 -63.35 -95.07 -59.53
C PHE TA 584 -63.60 -95.66 -60.91
N GLN TA 585 -62.96 -95.10 -61.93
CA GLN TA 585 -63.01 -95.69 -63.25
C GLN TA 585 -62.08 -96.90 -63.32
N SER TA 586 -62.52 -97.91 -64.06
CA SER TA 586 -61.73 -99.12 -64.21
C SER TA 586 -62.14 -99.82 -65.49
N SER TA 587 -61.28 -100.74 -65.93
CA SER TA 587 -61.56 -101.56 -67.10
C SER TA 587 -62.07 -102.93 -66.65
N SER TA 588 -62.69 -103.64 -67.59
CA SER TA 588 -63.19 -104.97 -67.33
C SER TA 588 -62.03 -105.95 -67.15
N THR TA 589 -62.25 -106.94 -66.29
CA THR TA 589 -61.24 -107.95 -66.02
C THR TA 589 -61.86 -109.35 -65.94
N VAL TA 592 -62.52 -109.28 -62.52
CA VAL TA 592 -63.68 -108.45 -62.21
C VAL TA 592 -64.30 -107.94 -63.49
N PRO TA 593 -65.14 -108.75 -64.13
CA PRO TA 593 -65.70 -108.36 -65.43
C PRO TA 593 -66.86 -107.38 -65.32
N PHE TA 594 -66.70 -106.37 -64.47
CA PHE TA 594 -67.69 -105.31 -64.30
C PHE TA 594 -66.98 -103.99 -64.56
N LYS TA 595 -66.94 -103.58 -65.82
CA LYS TA 595 -66.32 -102.31 -66.20
C LYS TA 595 -67.03 -101.14 -65.55
N THR TA 596 -66.27 -100.19 -65.03
CA THR TA 596 -66.81 -99.01 -64.37
C THR TA 596 -66.44 -97.77 -65.17
N ASP TA 597 -67.43 -97.14 -65.78
CA ASP TA 597 -67.20 -95.87 -66.45
C ASP TA 597 -66.97 -94.78 -65.42
N PRO TA 598 -66.12 -93.80 -65.74
CA PRO TA 598 -65.95 -92.66 -64.84
C PRO TA 598 -67.25 -91.86 -64.75
N ALA TA 599 -67.51 -91.33 -63.56
CA ALA TA 599 -68.75 -90.62 -63.29
C ALA TA 599 -68.45 -89.32 -62.56
N THR TA 600 -69.13 -88.26 -62.98
CA THR TA 600 -69.01 -86.96 -62.36
C THR TA 600 -70.37 -86.51 -61.85
N GLY TA 601 -70.34 -85.66 -60.84
CA GLY TA 601 -71.55 -85.06 -60.31
C GLY TA 601 -71.38 -83.56 -60.19
N ASP TA 602 -72.49 -82.86 -60.36
CA ASP TA 602 -72.48 -81.41 -60.27
C ASP TA 602 -72.35 -80.96 -58.81
N VAL TA 603 -71.54 -79.93 -58.60
CA VAL TA 603 -71.30 -79.36 -57.29
C VAL TA 603 -72.12 -78.08 -57.20
N HIS TA 604 -73.19 -78.09 -56.41
CA HIS TA 604 -74.12 -76.97 -56.35
C HIS TA 604 -73.81 -76.01 -55.22
N ALA TA 605 -73.33 -76.51 -54.10
CA ALA TA 605 -72.88 -75.67 -52.98
C ALA TA 605 -71.45 -76.03 -52.67
N MET TA 606 -70.56 -75.05 -52.75
CA MET TA 606 -69.14 -75.25 -52.52
C MET TA 606 -68.68 -74.29 -51.44
N GLY TA 607 -68.13 -74.82 -50.36
CA GLY TA 607 -67.54 -74.01 -49.33
C GLY TA 607 -66.15 -73.57 -49.71
N ALA TA 608 -65.53 -72.82 -48.81
CA ALA TA 608 -64.23 -72.23 -49.10
C ALA TA 608 -63.16 -73.31 -49.20
N LEU TA 609 -62.45 -73.32 -50.32
CA LEU TA 609 -61.27 -74.12 -50.56
C LEU TA 609 -60.04 -73.22 -50.58
N PRO TA 610 -58.88 -73.69 -50.13
CA PRO TA 610 -57.67 -72.88 -50.25
C PRO TA 610 -57.34 -72.63 -51.71
N GLY TA 611 -56.88 -71.42 -51.99
CA GLY TA 611 -56.69 -70.96 -53.35
C GLY TA 611 -57.88 -70.24 -53.94
N MET TA 612 -59.00 -70.20 -53.24
CA MET TA 612 -60.18 -69.50 -53.74
C MET TA 612 -60.00 -67.99 -53.63
N VAL TA 613 -60.48 -67.27 -54.63
CA VAL TA 613 -60.51 -65.83 -54.63
C VAL TA 613 -61.88 -65.37 -55.10
N TRP TA 614 -62.37 -64.28 -54.52
CA TRP TA 614 -63.70 -63.81 -54.87
C TRP TA 614 -63.79 -62.31 -54.61
N GLN TA 615 -64.84 -61.71 -55.17
CA GLN TA 615 -65.21 -60.33 -54.87
C GLN TA 615 -66.48 -60.32 -54.03
N ASP TA 616 -66.62 -59.27 -53.22
CA ASP TA 616 -67.80 -59.12 -52.40
C ASP TA 616 -68.91 -58.47 -53.22
N ARG TA 617 -70.09 -58.39 -52.63
CA ARG TA 617 -71.21 -57.74 -53.29
C ARG TA 617 -70.97 -56.24 -53.43
N ASP TA 618 -71.53 -55.66 -54.48
CA ASP TA 618 -71.43 -54.24 -54.71
C ASP TA 618 -72.31 -53.46 -53.75
N VAL TA 619 -71.93 -52.21 -53.51
CA VAL TA 619 -72.77 -51.28 -52.75
C VAL TA 619 -73.46 -50.37 -53.75
N TYR TA 620 -74.62 -49.85 -53.36
CA TYR TA 620 -75.43 -49.02 -54.22
C TYR TA 620 -75.76 -47.72 -53.49
N LEU TA 621 -76.12 -46.70 -54.26
CA LEU TA 621 -76.50 -45.43 -53.66
C LEU TA 621 -77.72 -45.59 -52.76
N GLN TA 622 -78.62 -46.50 -53.10
CA GLN TA 622 -79.81 -46.75 -52.31
C GLN TA 622 -79.61 -47.85 -51.27
N GLY TA 623 -78.41 -48.42 -51.18
CA GLY TA 623 -78.20 -49.59 -50.34
C GLY TA 623 -77.57 -49.28 -49.01
N PRO TA 624 -77.44 -50.28 -48.15
CA PRO TA 624 -76.86 -50.08 -46.82
C PRO TA 624 -75.37 -49.82 -46.88
N ILE TA 625 -74.88 -49.13 -45.86
CA ILE TA 625 -73.46 -48.81 -45.73
C ILE TA 625 -72.73 -49.86 -44.91
N TRP TA 626 -73.22 -50.16 -43.72
CA TRP TA 626 -72.51 -51.03 -42.79
C TRP TA 626 -73.47 -52.03 -42.18
N ALA TA 627 -72.88 -52.95 -41.41
CA ALA TA 627 -73.63 -53.90 -40.61
C ALA TA 627 -72.78 -54.30 -39.42
N LYS TA 628 -73.42 -54.49 -38.27
CA LYS TA 628 -72.71 -55.02 -37.12
C LYS TA 628 -72.39 -56.49 -37.31
N ILE TA 629 -71.13 -56.84 -37.13
CA ILE TA 629 -70.74 -58.25 -37.15
C ILE TA 629 -71.20 -58.92 -35.86
N PRO TA 630 -71.93 -60.03 -35.94
CA PRO TA 630 -72.40 -60.67 -34.71
C PRO TA 630 -71.25 -61.06 -33.79
N HIS TA 631 -71.47 -60.89 -32.49
CA HIS TA 631 -70.46 -61.22 -31.49
C HIS TA 631 -70.50 -62.72 -31.25
N THR TA 632 -69.76 -63.45 -32.08
CA THR TA 632 -69.70 -64.90 -32.05
C THR TA 632 -68.25 -65.34 -31.88
N ASP TA 633 -68.08 -66.62 -31.59
CA ASP TA 633 -66.73 -67.19 -31.48
C ASP TA 633 -66.02 -67.18 -32.82
N GLY TA 634 -66.72 -67.53 -33.89
CA GLY TA 634 -66.10 -67.59 -35.19
C GLY TA 634 -66.98 -66.93 -36.24
N HIS TA 635 -66.31 -66.41 -37.26
CA HIS TA 635 -66.97 -65.89 -38.45
C HIS TA 635 -65.97 -65.93 -39.58
N PHE TA 636 -66.44 -66.23 -40.77
CA PHE TA 636 -65.59 -66.34 -41.95
C PHE TA 636 -65.88 -65.18 -42.88
N HIS TA 637 -64.87 -64.34 -43.10
CA HIS TA 637 -64.95 -63.19 -43.99
C HIS TA 637 -66.15 -62.33 -43.65
N PRO TA 638 -66.13 -61.63 -42.53
CA PRO TA 638 -67.34 -60.98 -42.00
C PRO TA 638 -67.74 -59.73 -42.78
N SER TA 639 -67.98 -59.91 -44.07
CA SER TA 639 -68.52 -58.87 -44.92
C SER TA 639 -70.00 -59.11 -45.10
N PRO TA 640 -70.85 -58.11 -44.84
CA PRO TA 640 -72.30 -58.33 -44.89
C PRO TA 640 -72.75 -58.81 -46.25
N LEU TA 641 -73.73 -59.70 -46.26
CA LEU TA 641 -74.15 -60.31 -47.52
C LEU TA 641 -75.00 -59.37 -48.34
N MET TA 642 -75.62 -58.36 -47.72
CA MET TA 642 -76.28 -57.33 -48.50
C MET TA 642 -75.31 -56.34 -49.12
N GLY TA 643 -74.06 -56.36 -48.71
CA GLY TA 643 -73.07 -55.42 -49.19
C GLY TA 643 -72.77 -54.36 -48.15
N GLY TA 644 -71.54 -53.87 -48.19
CA GLY TA 644 -71.14 -52.84 -47.25
C GLY TA 644 -69.97 -53.24 -46.38
N PHE TA 645 -69.81 -52.53 -45.27
CA PHE TA 645 -68.71 -52.73 -44.35
C PHE TA 645 -69.23 -53.45 -43.11
N GLY TA 646 -68.61 -54.57 -42.78
CA GLY TA 646 -68.91 -55.24 -41.53
C GLY TA 646 -68.05 -54.66 -40.43
N LEU TA 647 -68.67 -54.13 -39.39
CA LEU TA 647 -67.96 -53.49 -38.30
C LEU TA 647 -68.25 -54.23 -37.00
N LYS TA 648 -67.20 -54.52 -36.23
CA LYS TA 648 -67.40 -55.11 -34.91
C LYS TA 648 -68.04 -54.10 -33.97
N ASN TA 649 -67.58 -52.86 -34.01
CA ASN TA 649 -68.20 -51.75 -33.29
C ASN TA 649 -68.75 -50.78 -34.32
N PRO TA 650 -69.98 -50.98 -34.80
CA PRO TA 650 -70.53 -50.09 -35.81
C PRO TA 650 -70.94 -48.76 -35.18
N PRO TA 651 -71.39 -47.80 -35.98
CA PRO TA 651 -71.97 -46.59 -35.39
C PRO TA 651 -73.12 -46.94 -34.48
N PRO TA 652 -73.12 -46.46 -33.25
CA PRO TA 652 -74.14 -46.87 -32.28
C PRO TA 652 -75.49 -46.30 -32.62
N GLN TA 653 -76.52 -46.94 -32.07
CA GLN TA 653 -77.88 -46.50 -32.26
C GLN TA 653 -78.15 -45.27 -31.41
N ILE TA 654 -78.74 -44.25 -32.01
CA ILE TA 654 -79.20 -43.07 -31.31
C ILE TA 654 -80.70 -43.23 -31.12
N LEU TA 655 -81.12 -43.27 -29.86
CA LEU TA 655 -82.50 -43.51 -29.50
C LEU TA 655 -83.09 -42.27 -28.87
N ILE TA 656 -84.29 -41.93 -29.28
CA ILE TA 656 -84.93 -40.67 -28.94
C ILE TA 656 -86.38 -40.94 -28.62
N LYS TA 657 -86.91 -40.26 -27.60
CA LYS TA 657 -88.34 -40.34 -27.36
C LYS TA 657 -88.80 -39.06 -26.68
N ASN TA 658 -90.10 -38.81 -26.75
CA ASN TA 658 -90.68 -37.69 -26.04
C ASN TA 658 -90.90 -38.07 -24.59
N THR TA 659 -90.47 -37.22 -23.66
CA THR TA 659 -90.74 -37.50 -22.26
C THR TA 659 -92.24 -37.39 -22.01
N PRO TA 660 -92.86 -38.39 -21.39
CA PRO TA 660 -94.30 -38.32 -21.16
C PRO TA 660 -94.67 -37.16 -20.24
N VAL TA 661 -95.74 -36.47 -20.59
CA VAL TA 661 -96.30 -35.40 -19.77
C VAL TA 661 -97.68 -35.85 -19.31
N PRO TA 662 -97.86 -36.16 -18.04
CA PRO TA 662 -99.16 -36.63 -17.56
C PRO TA 662 -100.23 -35.56 -17.65
N ALA TA 663 -101.47 -36.01 -17.84
CA ALA TA 663 -102.60 -35.11 -17.80
C ALA TA 663 -102.97 -34.83 -16.35
N ASN TA 664 -104.14 -34.25 -16.14
CA ASN TA 664 -104.55 -33.83 -14.81
C ASN TA 664 -104.73 -35.04 -13.89
N PRO TA 665 -104.00 -35.12 -12.78
CA PRO TA 665 -104.16 -36.25 -11.87
C PRO TA 665 -105.40 -36.10 -11.02
N PRO TA 666 -105.89 -37.19 -10.43
CA PRO TA 666 -107.06 -37.08 -9.55
C PRO TA 666 -106.76 -36.31 -8.28
N ALA TA 667 -107.83 -35.83 -7.64
CA ALA TA 667 -107.68 -35.09 -6.38
C ALA TA 667 -107.17 -36.00 -5.26
N GLU TA 668 -107.65 -37.23 -5.20
CA GLU TA 668 -107.18 -38.22 -4.25
C GLU TA 668 -106.10 -39.09 -4.87
N PHE TA 669 -105.21 -39.58 -4.01
CA PHE TA 669 -104.07 -40.37 -4.46
C PHE TA 669 -104.51 -41.73 -4.97
N SER TA 670 -103.91 -42.17 -6.07
CA SER TA 670 -104.11 -43.49 -6.63
C SER TA 670 -102.77 -44.08 -7.00
N ALA TA 671 -102.50 -45.30 -6.53
CA ALA TA 671 -101.23 -45.94 -6.84
C ALA TA 671 -101.21 -46.57 -8.23
N THR TA 672 -102.36 -46.67 -8.89
CA THR TA 672 -102.39 -47.15 -10.26
C THR TA 672 -101.55 -46.24 -11.14
N LYS TA 673 -100.72 -46.85 -11.99
CA LYS TA 673 -99.81 -46.07 -12.81
C LYS TA 673 -100.59 -45.20 -13.79
N PHE TA 674 -99.99 -44.07 -14.14
CA PHE TA 674 -100.65 -43.10 -15.00
C PHE TA 674 -100.90 -43.69 -16.37
N ALA TA 675 -102.09 -43.46 -16.90
CA ALA TA 675 -102.45 -43.86 -18.25
C ALA TA 675 -102.93 -42.70 -19.10
N SER TA 676 -103.22 -41.56 -18.50
CA SER TA 676 -103.69 -40.38 -19.20
C SER TA 676 -102.52 -39.43 -19.37
N PHE TA 677 -102.14 -39.18 -20.62
CA PHE TA 677 -101.01 -38.33 -20.93
C PHE TA 677 -101.43 -37.22 -21.88
N ILE TA 678 -100.69 -36.13 -21.81
CA ILE TA 678 -100.87 -35.02 -22.76
C ILE TA 678 -100.28 -35.45 -24.09
N THR TA 679 -101.07 -35.38 -25.15
CA THR TA 679 -100.67 -35.88 -26.46
C THR TA 679 -99.71 -34.88 -27.10
N GLN TA 680 -98.53 -35.34 -27.46
CA GLN TA 680 -97.56 -34.43 -28.04
C GLN TA 680 -96.59 -35.19 -28.94
N TYR TA 681 -95.94 -34.44 -29.82
CA TYR TA 681 -94.89 -34.95 -30.68
C TYR TA 681 -93.75 -33.95 -30.66
N SER TA 682 -92.68 -34.25 -31.36
CA SER TA 682 -91.57 -33.33 -31.46
C SER TA 682 -91.04 -33.30 -32.88
N THR TA 683 -90.38 -32.20 -33.21
CA THR TA 683 -89.77 -32.02 -34.52
C THR TA 683 -88.41 -31.39 -34.31
N GLY TA 684 -87.56 -31.52 -35.32
CA GLY TA 684 -86.24 -30.94 -35.18
C GLY TA 684 -85.40 -31.19 -36.40
N GLN TA 685 -84.13 -30.86 -36.27
CA GLN TA 685 -83.15 -31.04 -37.34
C GLN TA 685 -82.05 -31.99 -36.88
N VAL TA 686 -81.60 -32.83 -37.79
CA VAL TA 686 -80.54 -33.79 -37.52
C VAL TA 686 -79.46 -33.61 -38.58
N SER TA 687 -78.21 -33.57 -38.15
CA SER TA 687 -77.05 -33.45 -39.03
C SER TA 687 -76.16 -34.67 -38.85
N VAL TA 688 -75.72 -35.26 -39.95
CA VAL TA 688 -74.74 -36.33 -39.95
C VAL TA 688 -73.63 -35.93 -40.90
N GLU TA 689 -72.39 -35.97 -40.42
CA GLU TA 689 -71.22 -35.67 -41.22
C GLU TA 689 -70.29 -36.88 -41.19
N ILE TA 690 -70.00 -37.44 -42.35
CA ILE TA 690 -69.08 -38.58 -42.45
C ILE TA 690 -67.88 -38.17 -43.29
N GLU TA 691 -66.69 -38.40 -42.74
CA GLU TA 691 -65.46 -38.36 -43.50
C GLU TA 691 -65.17 -39.76 -44.04
N TRP TA 692 -64.91 -39.84 -45.34
CA TRP TA 692 -64.57 -41.06 -46.06
C TRP TA 692 -63.18 -40.93 -46.63
N GLU TA 693 -62.41 -41.99 -46.49
CA GLU TA 693 -61.11 -42.12 -47.13
C GLU TA 693 -61.27 -42.73 -48.52
N LEU TA 694 -60.60 -42.14 -49.49
CA LEU TA 694 -60.64 -42.57 -50.88
C LEU TA 694 -59.36 -43.31 -51.24
N GLN TA 695 -59.48 -44.19 -52.21
CA GLN TA 695 -58.36 -44.93 -52.77
C GLN TA 695 -58.41 -44.67 -54.26
N LYS TA 696 -57.49 -43.81 -54.72
CA LYS TA 696 -57.48 -43.31 -56.09
C LYS TA 696 -57.04 -44.40 -57.06
N GLU TA 697 -57.56 -44.31 -58.28
CA GLU TA 697 -57.07 -45.16 -59.35
C GLU TA 697 -55.64 -44.78 -59.70
N ASN TA 698 -54.84 -45.78 -60.08
CA ASN TA 698 -53.48 -45.57 -60.55
C ASN TA 698 -53.26 -46.32 -61.86
N SER TA 699 -54.25 -46.30 -62.74
CA SER TA 699 -54.29 -47.21 -63.86
C SER TA 699 -53.37 -46.75 -64.98
N LYS TA 700 -52.82 -47.73 -65.70
CA LYS TA 700 -52.03 -47.48 -66.90
C LYS TA 700 -52.78 -47.90 -68.16
N ARG TA 701 -54.09 -48.11 -68.03
CA ARG TA 701 -54.91 -48.50 -69.16
C ARG TA 701 -54.93 -47.40 -70.22
N TRP TA 702 -54.87 -47.81 -71.49
CA TRP TA 702 -54.77 -46.85 -72.58
C TRP TA 702 -56.14 -46.37 -73.05
N ASN TA 703 -57.04 -47.31 -73.34
CA ASN TA 703 -58.35 -46.96 -73.86
C ASN TA 703 -59.21 -46.36 -72.74
N PRO TA 704 -60.23 -45.59 -73.11
CA PRO TA 704 -61.08 -44.97 -72.09
C PRO TA 704 -61.88 -45.99 -71.30
N GLU TA 705 -62.15 -45.64 -70.05
CA GLU TA 705 -62.89 -46.49 -69.14
C GLU TA 705 -64.39 -46.34 -69.32
N VAL TA 706 -65.13 -47.31 -68.80
CA VAL TA 706 -66.58 -47.20 -68.69
C VAL TA 706 -66.90 -46.32 -67.48
N GLN TA 707 -67.76 -45.34 -67.69
CA GLN TA 707 -68.15 -44.42 -66.64
C GLN TA 707 -69.66 -44.44 -66.49
N TYR TA 708 -70.14 -44.13 -65.29
CA TYR TA 708 -71.55 -43.88 -65.12
C TYR TA 708 -71.88 -42.50 -65.65
N THR TA 709 -72.87 -42.43 -66.53
CA THR TA 709 -73.20 -41.16 -67.17
C THR TA 709 -74.71 -40.98 -67.21
N SER TA 710 -75.12 -39.72 -67.23
CA SER TA 710 -76.49 -39.38 -67.57
C SER TA 710 -76.71 -39.59 -69.06
N ASN TA 711 -77.91 -39.96 -69.43
CA ASN TA 711 -78.26 -40.09 -70.83
C ASN TA 711 -78.57 -38.71 -71.40
N TYR TA 712 -77.94 -38.39 -72.53
CA TYR TA 712 -78.22 -37.15 -73.25
C TYR TA 712 -79.34 -37.47 -74.24
N ALA TA 713 -80.51 -36.91 -73.98
CA ALA TA 713 -81.65 -37.09 -74.87
C ALA TA 713 -82.80 -36.26 -74.33
N LYS TA 714 -83.65 -35.80 -75.23
CA LYS TA 714 -84.85 -35.12 -74.78
C LYS TA 714 -85.72 -36.10 -74.01
N SER TA 715 -85.97 -35.77 -72.74
CA SER TA 715 -86.80 -36.60 -71.88
C SER TA 715 -87.80 -35.71 -71.16
N ALA TA 716 -88.94 -36.30 -70.80
CA ALA TA 716 -89.97 -35.53 -70.12
C ALA TA 716 -89.48 -35.05 -68.75
N ASN TA 717 -88.61 -35.81 -68.12
CA ASN TA 717 -88.06 -35.47 -66.81
C ASN TA 717 -86.55 -35.63 -66.83
N VAL TA 718 -85.90 -35.06 -65.84
CA VAL TA 718 -84.48 -35.28 -65.58
C VAL TA 718 -84.35 -36.37 -64.53
N ASP TA 719 -83.37 -37.26 -64.71
CA ASP TA 719 -83.16 -38.34 -63.76
C ASP TA 719 -82.68 -37.80 -62.42
N PHE TA 720 -83.13 -38.45 -61.35
CA PHE TA 720 -82.76 -38.08 -59.98
C PHE TA 720 -83.19 -36.65 -59.66
N THR TA 721 -84.42 -36.32 -60.03
CA THR TA 721 -84.98 -35.00 -59.74
C THR TA 721 -86.41 -35.16 -59.22
N VAL TA 722 -87.11 -34.05 -59.07
CA VAL TA 722 -88.51 -34.04 -58.68
C VAL TA 722 -89.35 -33.94 -59.94
N ASP TA 723 -90.60 -34.38 -59.84
CA ASP TA 723 -91.54 -34.22 -60.93
C ASP TA 723 -92.37 -32.96 -60.71
N ASN TA 724 -93.41 -32.77 -61.52
CA ASN TA 724 -94.26 -31.59 -61.35
C ASN TA 724 -95.08 -31.65 -60.07
N ASN TA 725 -95.20 -32.82 -59.44
CA ASN TA 725 -95.89 -32.93 -58.17
C ASN TA 725 -94.98 -32.78 -56.96
N GLY TA 726 -93.67 -32.66 -57.18
CA GLY TA 726 -92.73 -32.52 -56.10
C GLY TA 726 -92.17 -33.79 -55.53
N LEU TA 727 -92.31 -34.91 -56.24
CA LEU TA 727 -91.90 -36.21 -55.72
C LEU TA 727 -90.51 -36.55 -56.26
N TYR TA 728 -89.55 -36.69 -55.35
CA TYR TA 728 -88.21 -37.10 -55.73
C TYR TA 728 -88.19 -38.59 -56.03
N THR TA 729 -87.60 -38.95 -57.16
CA THR TA 729 -87.52 -40.34 -57.59
C THR TA 729 -86.09 -40.65 -58.04
N GLU TA 730 -85.70 -41.91 -57.85
CA GLU TA 730 -84.42 -42.42 -58.34
C GLU TA 730 -84.70 -43.44 -59.43
N PRO TA 731 -84.38 -43.13 -60.69
CA PRO TA 731 -84.77 -44.03 -61.79
C PRO TA 731 -84.15 -45.41 -61.77
N ARG TA 732 -82.93 -45.54 -61.27
CA ARG TA 732 -82.21 -46.80 -61.34
C ARG TA 732 -81.28 -46.91 -60.16
N PRO TA 733 -80.88 -48.13 -59.78
CA PRO TA 733 -79.82 -48.28 -58.78
C PRO TA 733 -78.45 -48.16 -59.42
N ILE TA 734 -77.57 -47.40 -58.78
CA ILE TA 734 -76.22 -47.17 -59.29
C ILE TA 734 -75.24 -47.91 -58.39
N GLY TA 735 -74.44 -48.79 -59.00
CA GLY TA 735 -73.37 -49.46 -58.28
C GLY TA 735 -72.11 -48.63 -58.25
N THR TA 736 -70.99 -49.30 -58.00
CA THR TA 736 -69.71 -48.64 -57.87
C THR TA 736 -68.67 -49.08 -58.88
N ARG TA 737 -68.83 -50.26 -59.48
CA ARG TA 737 -67.75 -50.89 -60.23
C ARG TA 737 -67.79 -50.42 -61.68
N TYR TA 738 -67.09 -49.31 -61.96
CA TYR TA 738 -67.02 -48.78 -63.32
C TYR TA 738 -65.59 -48.76 -63.81
N LEU TA 739 -64.68 -48.22 -63.00
CA LEU TA 739 -63.26 -48.32 -63.31
C LEU TA 739 -62.84 -49.77 -63.27
N THR TA 740 -61.70 -50.07 -63.89
CA THR TA 740 -61.20 -51.44 -63.91
C THR TA 740 -59.76 -51.47 -63.42
N ARG TA 741 -59.32 -52.66 -63.04
CA ARG TA 741 -57.93 -52.90 -62.70
C ARG TA 741 -57.60 -54.35 -63.06
N PRO TA 742 -56.33 -54.65 -63.31
CA PRO TA 742 -55.97 -56.03 -63.65
C PRO TA 742 -56.10 -56.97 -62.47
N LEU TA 743 -56.46 -58.20 -62.76
CA LEU TA 743 -56.75 -59.19 -61.72
C LEU TA 743 -55.47 -59.69 -61.05
N ASP UA 219 -82.80 -21.95 -14.67
CA ASP UA 219 -81.85 -21.70 -15.74
C ASP UA 219 -82.54 -21.33 -17.05
N GLY UA 220 -83.86 -21.20 -17.00
CA GLY UA 220 -84.64 -20.73 -18.14
C GLY UA 220 -85.77 -21.68 -18.48
N VAL UA 221 -86.68 -21.16 -19.30
CA VAL UA 221 -87.81 -21.93 -19.77
C VAL UA 221 -87.38 -23.00 -20.77
N GLY UA 222 -86.46 -22.67 -21.67
CA GLY UA 222 -86.12 -23.57 -22.75
C GLY UA 222 -84.85 -24.38 -22.54
N ASN UA 223 -84.41 -24.48 -21.28
CA ASN UA 223 -83.21 -25.21 -20.92
C ASN UA 223 -83.57 -26.24 -19.87
N ALA UA 224 -83.23 -27.51 -20.14
CA ALA UA 224 -83.52 -28.57 -19.20
C ALA UA 224 -82.60 -28.47 -17.98
N SER UA 225 -83.16 -28.69 -16.80
CA SER UA 225 -82.41 -28.56 -15.56
C SER UA 225 -81.85 -29.89 -15.06
N GLY UA 226 -81.98 -30.96 -15.83
CA GLY UA 226 -81.36 -32.21 -15.45
C GLY UA 226 -81.50 -33.22 -16.55
N ASN UA 227 -80.78 -34.32 -16.39
CA ASN UA 227 -80.76 -35.41 -17.36
C ASN UA 227 -81.31 -36.68 -16.72
N TRP UA 228 -81.63 -37.65 -17.55
CA TRP UA 228 -82.12 -38.94 -17.10
C TRP UA 228 -80.93 -39.78 -16.67
N HIS UA 229 -80.84 -40.07 -15.38
CA HIS UA 229 -79.76 -40.88 -14.82
C HIS UA 229 -80.37 -42.12 -14.20
N CYS UA 230 -80.46 -43.19 -14.98
CA CYS UA 230 -80.96 -44.47 -14.50
C CYS UA 230 -79.95 -45.53 -14.89
N ASP UA 231 -79.24 -46.06 -13.92
CA ASP UA 231 -78.08 -46.89 -14.19
C ASP UA 231 -77.78 -47.72 -12.95
N SER UA 232 -76.77 -48.58 -13.06
CA SER UA 232 -76.26 -49.33 -11.91
C SER UA 232 -74.81 -49.67 -12.19
N THR UA 233 -73.91 -49.18 -11.34
CA THR UA 233 -72.48 -49.39 -11.51
C THR UA 233 -71.98 -50.29 -10.39
N TRP UA 234 -71.29 -51.36 -10.75
CA TRP UA 234 -70.78 -52.32 -9.80
C TRP UA 234 -69.27 -52.14 -9.69
N LEU UA 235 -68.82 -51.66 -8.55
CA LEU UA 235 -67.39 -51.59 -8.25
C LEU UA 235 -67.02 -52.85 -7.48
N GLY UA 236 -65.81 -52.88 -6.92
CA GLY UA 236 -65.38 -54.08 -6.22
C GLY UA 236 -66.22 -54.39 -5.00
N ASP UA 237 -66.40 -53.41 -4.13
CA ASP UA 237 -67.15 -53.60 -2.89
C ASP UA 237 -68.33 -52.66 -2.76
N ARG UA 238 -68.60 -51.83 -3.76
CA ARG UA 238 -69.74 -50.94 -3.75
C ARG UA 238 -70.60 -51.23 -4.96
N VAL UA 239 -71.88 -50.87 -4.86
CA VAL UA 239 -72.75 -50.77 -6.02
C VAL UA 239 -73.50 -49.46 -5.92
N ILE UA 240 -73.53 -48.70 -6.99
CA ILE UA 240 -74.24 -47.43 -7.03
C ILE UA 240 -75.43 -47.58 -7.96
N THR UA 241 -76.63 -47.42 -7.42
CA THR UA 241 -77.86 -47.53 -8.18
C THR UA 241 -78.48 -46.15 -8.35
N THR UA 242 -78.77 -45.78 -9.59
CA THR UA 242 -79.42 -44.52 -9.92
C THR UA 242 -80.77 -44.82 -10.56
N SER UA 243 -81.79 -44.06 -10.18
CA SER UA 243 -83.13 -44.24 -10.70
C SER UA 243 -83.76 -42.89 -10.96
N THR UA 244 -84.24 -42.68 -12.18
CA THR UA 244 -85.02 -41.51 -12.53
C THR UA 244 -86.44 -41.94 -12.88
N ARG UA 245 -87.40 -41.17 -12.39
CA ARG UA 245 -88.81 -41.42 -12.63
C ARG UA 245 -89.51 -40.11 -12.96
N THR UA 246 -90.65 -40.22 -13.62
CA THR UA 246 -91.51 -39.08 -13.92
C THR UA 246 -92.67 -39.07 -12.95
N TRP UA 247 -92.86 -37.95 -12.26
CA TRP UA 247 -93.89 -37.82 -11.24
C TRP UA 247 -94.90 -36.75 -11.65
N ALA UA 248 -96.13 -36.95 -11.16
CA ALA UA 248 -97.21 -35.97 -11.25
C ALA UA 248 -97.70 -35.66 -9.85
N LEU UA 249 -97.77 -34.38 -9.52
CA LEU UA 249 -98.21 -33.90 -8.22
C LEU UA 249 -99.47 -33.08 -8.40
N PRO UA 250 -100.61 -33.48 -7.85
CA PRO UA 250 -101.82 -32.66 -7.94
C PRO UA 250 -101.91 -31.67 -6.80
N THR UA 251 -103.01 -30.93 -6.75
CA THR UA 251 -103.34 -30.11 -5.59
C THR UA 251 -104.18 -30.95 -4.64
N TYR UA 252 -103.74 -31.04 -3.39
CA TYR UA 252 -104.41 -31.85 -2.39
C TYR UA 252 -105.19 -30.95 -1.44
N ASN UA 253 -106.44 -31.33 -1.17
CA ASN UA 253 -107.30 -30.68 -0.18
C ASN UA 253 -107.71 -29.27 -0.56
N ASN UA 254 -107.51 -28.87 -1.81
CA ASN UA 254 -107.68 -27.47 -2.23
C ASN UA 254 -106.80 -26.54 -1.39
N HIS UA 255 -105.54 -26.95 -1.19
CA HIS UA 255 -104.54 -26.17 -0.45
C HIS UA 255 -104.91 -25.98 1.01
N LEU UA 256 -105.69 -26.91 1.56
CA LEU UA 256 -106.19 -26.77 2.92
C LEU UA 256 -105.57 -27.83 3.82
N TYR UA 257 -105.41 -27.48 5.08
CA TYR UA 257 -105.11 -28.43 6.14
C TYR UA 257 -106.42 -28.86 6.76
N LYS UA 258 -106.67 -30.16 6.79
CA LYS UA 258 -107.93 -30.67 7.31
C LYS UA 258 -107.68 -31.60 8.47
N GLN UA 259 -108.54 -31.53 9.48
CA GLN UA 259 -108.47 -32.42 10.63
C GLN UA 259 -109.30 -33.65 10.33
N ILE UA 260 -108.68 -34.82 10.46
CA ILE UA 260 -109.33 -36.09 10.15
C ILE UA 260 -109.39 -36.93 11.41
N SER UA 261 -110.46 -37.69 11.55
CA SER UA 261 -110.63 -38.61 12.67
C SER UA 261 -111.57 -39.72 12.24
N SER UA 262 -111.93 -40.58 13.19
CA SER UA 262 -112.80 -41.71 12.94
C SER UA 262 -114.23 -41.47 13.40
N ALA UA 263 -114.56 -40.25 13.81
CA ALA UA 263 -115.88 -39.97 14.38
C ALA UA 263 -116.97 -40.19 13.35
N SER UA 264 -116.79 -39.71 12.12
CA SER UA 264 -117.79 -39.96 11.09
C SER UA 264 -117.71 -41.40 10.59
N THR UA 265 -116.52 -42.00 10.63
CA THR UA 265 -116.38 -43.39 10.18
C THR UA 265 -117.18 -44.34 11.06
N GLY UA 266 -117.25 -44.07 12.36
CA GLY UA 266 -117.92 -44.98 13.26
C GLY UA 266 -117.21 -46.32 13.40
N ALA UA 267 -115.89 -46.29 13.55
CA ALA UA 267 -115.09 -47.50 13.62
C ALA UA 267 -115.15 -48.10 15.02
N SER UA 268 -114.52 -49.25 15.17
CA SER UA 268 -114.40 -49.88 16.47
C SER UA 268 -113.35 -49.14 17.32
N ASN UA 269 -113.32 -49.48 18.60
CA ASN UA 269 -112.38 -48.82 19.51
C ASN UA 269 -110.93 -49.05 19.09
N ASP UA 270 -110.65 -50.18 18.44
CA ASP UA 270 -109.29 -50.48 18.00
C ASP UA 270 -108.86 -49.66 16.80
N ASN UA 271 -109.81 -49.14 16.02
CA ASN UA 271 -109.51 -48.44 14.78
C ASN UA 271 -109.70 -46.94 14.88
N HIS UA 272 -109.90 -46.42 16.09
CA HIS UA 272 -110.07 -44.99 16.29
C HIS UA 272 -108.77 -44.26 16.02
N TYR UA 273 -108.87 -43.05 15.46
CA TYR UA 273 -107.68 -42.25 15.20
C TYR UA 273 -108.05 -40.78 15.15
N PHE UA 274 -107.03 -39.95 15.28
CA PHE UA 274 -107.14 -38.51 15.15
C PHE UA 274 -105.87 -38.01 14.49
N GLY UA 275 -106.01 -37.13 13.51
CA GLY UA 275 -104.83 -36.64 12.83
C GLY UA 275 -105.16 -35.50 11.90
N TYR UA 276 -104.23 -35.26 10.97
CA TYR UA 276 -104.35 -34.16 10.05
C TYR UA 276 -103.93 -34.58 8.64
N SER UA 277 -104.61 -34.01 7.67
CA SER UA 277 -104.31 -34.16 6.25
C SER UA 277 -103.75 -32.85 5.75
N THR UA 278 -102.56 -32.89 5.16
CA THR UA 278 -101.96 -31.65 4.68
C THR UA 278 -102.13 -31.55 3.17
N PRO UA 279 -102.00 -30.35 2.61
CA PRO UA 279 -101.99 -30.21 1.15
C PRO UA 279 -100.68 -30.63 0.48
N TRP UA 280 -99.72 -31.14 1.23
CA TRP UA 280 -98.43 -31.52 0.70
C TRP UA 280 -98.42 -32.97 0.27
N GLY UA 281 -97.57 -33.29 -0.70
CA GLY UA 281 -97.20 -34.65 -1.02
C GLY UA 281 -95.77 -34.89 -0.58
N TYR UA 282 -95.37 -36.16 -0.61
CA TYR UA 282 -94.02 -36.51 -0.21
C TYR UA 282 -93.44 -37.49 -1.22
N PHE UA 283 -92.12 -37.53 -1.25
CA PHE UA 283 -91.38 -38.44 -2.13
C PHE UA 283 -90.95 -39.66 -1.35
N ASP UA 284 -91.26 -40.83 -1.87
CA ASP UA 284 -90.96 -42.10 -1.23
C ASP UA 284 -90.16 -42.98 -2.17
N PHE UA 285 -89.01 -43.44 -1.72
CA PHE UA 285 -88.21 -44.42 -2.45
C PHE UA 285 -87.72 -45.48 -1.47
N ASN UA 286 -88.60 -45.93 -0.59
CA ASN UA 286 -88.27 -46.87 0.47
C ASN UA 286 -88.67 -48.30 0.11
N ARG UA 287 -88.48 -48.69 -1.14
CA ARG UA 287 -88.58 -50.08 -1.55
C ARG UA 287 -87.35 -50.42 -2.38
N PHE UA 288 -86.97 -51.70 -2.34
CA PHE UA 288 -85.73 -52.09 -3.00
C PHE UA 288 -85.84 -52.05 -4.52
N HIS UA 289 -87.03 -52.27 -5.07
CA HIS UA 289 -87.19 -52.26 -6.51
C HIS UA 289 -87.27 -50.85 -7.09
N CYS UA 290 -87.33 -49.82 -6.24
CA CYS UA 290 -87.14 -48.45 -6.73
C CYS UA 290 -85.70 -48.21 -7.17
N HIS UA 291 -84.78 -49.09 -6.77
CA HIS UA 291 -83.36 -48.90 -7.02
C HIS UA 291 -82.71 -50.05 -7.76
N PHE UA 292 -83.17 -51.28 -7.55
CA PHE UA 292 -82.58 -52.45 -8.18
C PHE UA 292 -83.51 -52.99 -9.24
N SER UA 293 -82.99 -53.23 -10.44
CA SER UA 293 -83.69 -54.07 -11.38
C SER UA 293 -83.65 -55.51 -10.88
N PRO UA 294 -84.54 -56.37 -11.36
CA PRO UA 294 -84.46 -57.78 -10.95
C PRO UA 294 -83.12 -58.43 -11.28
N ARG UA 295 -82.52 -58.07 -12.41
CA ARG UA 295 -81.19 -58.57 -12.74
C ARG UA 295 -80.15 -58.10 -11.73
N ASP UA 296 -80.20 -56.82 -11.34
CA ASP UA 296 -79.27 -56.31 -10.35
C ASP UA 296 -79.49 -56.96 -8.99
N TRP UA 297 -80.74 -57.19 -8.62
CA TRP UA 297 -81.04 -57.88 -7.37
C TRP UA 297 -80.49 -59.29 -7.37
N GLN UA 298 -80.65 -60.01 -8.48
CA GLN UA 298 -80.09 -61.34 -8.59
C GLN UA 298 -78.58 -61.32 -8.51
N ARG UA 299 -77.95 -60.36 -9.19
CA ARG UA 299 -76.51 -60.22 -9.12
C ARG UA 299 -76.03 -59.95 -7.71
N LEU UA 300 -76.77 -59.15 -6.95
CA LEU UA 300 -76.42 -58.87 -5.56
C LEU UA 300 -76.56 -60.10 -4.69
N ILE UA 301 -77.73 -60.76 -4.74
CA ILE UA 301 -78.03 -61.81 -3.79
C ILE UA 301 -77.33 -63.12 -4.12
N ASN UA 302 -76.91 -63.33 -5.36
CA ASN UA 302 -76.21 -64.55 -5.70
C ASN UA 302 -74.72 -64.49 -5.41
N ASN UA 303 -74.20 -63.31 -5.07
CA ASN UA 303 -72.77 -63.11 -4.97
C ASN UA 303 -72.31 -62.48 -3.68
N ASN UA 304 -73.19 -61.87 -2.91
CA ASN UA 304 -72.78 -61.13 -1.73
C ASN UA 304 -73.33 -61.77 -0.47
N TRP UA 305 -72.49 -61.80 0.57
CA TRP UA 305 -72.92 -62.26 1.88
C TRP UA 305 -73.68 -61.20 2.65
N GLY UA 306 -73.51 -59.93 2.31
CA GLY UA 306 -74.28 -58.91 2.98
C GLY UA 306 -74.21 -57.60 2.24
N PHE UA 307 -75.09 -56.68 2.64
CA PHE UA 307 -75.04 -55.36 2.02
C PHE UA 307 -75.69 -54.33 2.93
N ARG UA 308 -75.36 -53.07 2.69
CA ARG UA 308 -75.97 -51.98 3.46
C ARG UA 308 -75.83 -50.69 2.67
N PRO UA 309 -76.67 -49.69 2.96
CA PRO UA 309 -76.55 -48.40 2.26
C PRO UA 309 -75.56 -47.45 2.92
N LYS UA 310 -74.77 -46.79 2.08
CA LYS UA 310 -73.75 -45.82 2.45
C LYS UA 310 -74.21 -44.38 2.24
N ARG UA 311 -74.66 -44.03 1.05
CA ARG UA 311 -75.03 -42.62 0.86
C ARG UA 311 -76.08 -42.50 -0.23
N LEU UA 312 -76.72 -41.33 -0.29
CA LEU UA 312 -77.69 -41.09 -1.33
C LEU UA 312 -77.69 -39.63 -1.78
N ASN UA 313 -78.06 -39.44 -3.03
CA ASN UA 313 -78.30 -38.14 -3.66
C ASN UA 313 -79.72 -38.12 -4.20
N PHE UA 314 -80.40 -37.00 -4.00
CA PHE UA 314 -81.75 -36.81 -4.45
C PHE UA 314 -81.78 -35.56 -5.31
N LYS UA 315 -82.39 -35.64 -6.48
CA LYS UA 315 -82.51 -34.50 -7.37
C LYS UA 315 -83.94 -34.42 -7.90
N LEU UA 316 -84.43 -33.20 -8.05
CA LEU UA 316 -85.75 -32.89 -8.55
C LEU UA 316 -85.58 -31.88 -9.66
N PHE UA 317 -86.01 -32.21 -10.88
CA PHE UA 317 -85.65 -31.37 -12.00
C PHE UA 317 -86.74 -31.44 -13.07
N ASN UA 318 -86.68 -30.49 -14.00
CA ASN UA 318 -87.60 -30.39 -15.13
C ASN UA 318 -89.04 -30.20 -14.66
N ILE UA 319 -89.25 -29.18 -13.83
CA ILE UA 319 -90.56 -28.88 -13.28
C ILE UA 319 -91.43 -28.25 -14.35
N GLN UA 320 -92.66 -28.74 -14.47
CA GLN UA 320 -93.65 -28.14 -15.35
C GLN UA 320 -94.95 -28.01 -14.59
N VAL UA 321 -95.41 -26.78 -14.39
CA VAL UA 321 -96.71 -26.53 -13.78
C VAL UA 321 -97.73 -26.36 -14.89
N LYS UA 322 -98.84 -27.07 -14.78
CA LYS UA 322 -99.89 -27.06 -15.78
C LYS UA 322 -101.19 -26.56 -15.16
N GLU UA 323 -101.80 -25.59 -15.83
CA GLU UA 323 -103.10 -25.06 -15.49
C GLU UA 323 -104.21 -25.84 -16.21
N VAL UA 324 -105.27 -26.15 -15.49
CA VAL UA 324 -106.38 -26.95 -16.00
C VAL UA 324 -107.67 -26.16 -15.89
N THR UA 325 -108.41 -26.08 -17.00
CA THR UA 325 -109.74 -25.45 -17.01
C THR UA 325 -110.72 -26.42 -17.66
N THR UA 326 -111.81 -26.74 -16.97
CA THR UA 326 -112.86 -27.57 -17.54
C THR UA 326 -114.10 -26.70 -17.78
N ASN UA 327 -114.48 -26.58 -19.05
CA ASN UA 327 -115.65 -25.81 -19.46
C ASN UA 327 -116.52 -26.68 -20.36
N ASP UA 328 -117.82 -26.73 -20.04
CA ASP UA 328 -118.80 -27.47 -20.84
C ASP UA 328 -118.40 -28.92 -21.02
N GLY UA 329 -117.63 -29.45 -20.06
CA GLY UA 329 -117.19 -30.83 -20.09
C GLY UA 329 -115.86 -31.07 -20.77
N VAL UA 330 -115.32 -30.10 -21.49
CA VAL UA 330 -114.04 -30.27 -22.18
C VAL UA 330 -112.96 -29.59 -21.37
N THR UA 331 -111.80 -30.23 -21.32
CA THR UA 331 -110.70 -29.85 -20.44
C THR UA 331 -109.54 -29.29 -21.26
N THR UA 332 -109.08 -28.10 -20.90
CA THR UA 332 -107.92 -27.46 -21.48
C THR UA 332 -106.78 -27.47 -20.47
N ILE UA 333 -105.60 -27.86 -20.92
CA ILE UA 333 -104.40 -27.82 -20.11
C ILE UA 333 -103.41 -26.89 -20.79
N ALA UA 334 -102.86 -25.96 -20.03
CA ALA UA 334 -101.87 -25.03 -20.53
C ALA UA 334 -100.68 -25.01 -19.60
N ASN UA 335 -99.58 -24.44 -20.07
CA ASN UA 335 -98.41 -24.27 -19.23
C ASN UA 335 -98.54 -22.99 -18.41
N ASN UA 336 -98.17 -23.08 -17.14
CA ASN UA 336 -98.11 -21.91 -16.27
C ASN UA 336 -96.63 -21.67 -15.97
N LEU UA 337 -96.04 -20.77 -16.73
CA LEU UA 337 -94.59 -20.59 -16.68
C LEU UA 337 -94.11 -19.89 -15.42
N THR UA 338 -94.99 -19.20 -14.69
CA THR UA 338 -94.59 -18.42 -13.53
C THR UA 338 -95.02 -19.03 -12.21
N SER UA 339 -95.55 -20.25 -12.23
CA SER UA 339 -95.95 -20.90 -11.00
C SER UA 339 -94.80 -21.68 -10.38
N THR UA 340 -94.92 -21.95 -9.09
CA THR UA 340 -93.84 -22.58 -8.34
C THR UA 340 -94.33 -23.84 -7.63
N VAL UA 341 -93.40 -24.73 -7.37
CA VAL UA 341 -93.59 -25.82 -6.42
C VAL UA 341 -92.65 -25.58 -5.24
N GLN UA 342 -93.18 -25.72 -4.03
CA GLN UA 342 -92.37 -25.64 -2.83
C GLN UA 342 -91.87 -27.03 -2.45
N VAL UA 343 -90.57 -27.15 -2.22
CA VAL UA 343 -89.94 -28.41 -1.83
C VAL UA 343 -89.09 -28.16 -0.60
N PHE UA 344 -89.18 -29.05 0.38
CA PHE UA 344 -88.22 -29.00 1.47
C PHE UA 344 -87.95 -30.39 1.99
N SER UA 345 -86.78 -30.56 2.58
CA SER UA 345 -86.36 -31.80 3.21
C SER UA 345 -86.41 -31.62 4.71
N ASP UA 346 -87.03 -32.57 5.41
CA ASP UA 346 -87.17 -32.48 6.86
C ASP UA 346 -85.95 -33.13 7.51
N SER UA 347 -84.82 -32.42 7.41
CA SER UA 347 -83.53 -32.96 7.81
C SER UA 347 -83.35 -33.07 9.32
N GLU UA 348 -84.13 -32.34 10.10
CA GLU UA 348 -84.04 -32.38 11.55
C GLU UA 348 -85.10 -33.26 12.18
N TYR UA 349 -85.89 -33.97 11.37
CA TYR UA 349 -86.90 -34.91 11.86
C TYR UA 349 -87.85 -34.24 12.84
N GLN UA 350 -88.31 -33.06 12.47
CA GLN UA 350 -89.25 -32.31 13.28
C GLN UA 350 -90.70 -32.63 12.97
N LEU UA 351 -90.94 -33.41 11.95
CA LEU UA 351 -92.25 -33.82 11.50
C LEU UA 351 -92.50 -35.27 11.84
N PRO UA 352 -93.74 -35.69 11.94
CA PRO UA 352 -94.02 -37.13 12.06
C PRO UA 352 -93.51 -37.88 10.84
N TYR UA 353 -92.81 -38.98 11.09
CA TYR UA 353 -92.20 -39.77 10.02
C TYR UA 353 -93.21 -40.82 9.57
N VAL UA 354 -93.83 -40.59 8.41
CA VAL UA 354 -94.80 -41.54 7.90
C VAL UA 354 -94.19 -42.54 6.93
N LEU UA 355 -92.93 -42.34 6.54
CA LEU UA 355 -92.22 -43.36 5.80
C LEU UA 355 -91.93 -44.52 6.75
N GLY UA 356 -91.63 -45.67 6.19
CA GLY UA 356 -91.37 -46.82 7.03
C GLY UA 356 -92.60 -47.50 7.56
N SER UA 357 -93.78 -47.18 7.02
CA SER UA 357 -95.02 -47.90 7.33
C SER UA 357 -95.51 -48.71 6.15
N ALA UA 358 -94.68 -48.88 5.12
CA ALA UA 358 -94.98 -49.71 3.95
C ALA UA 358 -96.19 -49.20 3.18
N HIS UA 359 -96.16 -47.92 2.83
CA HIS UA 359 -97.26 -47.30 2.11
C HIS UA 359 -97.02 -47.28 0.62
N GLN UA 360 -98.11 -47.19 -0.13
CA GLN UA 360 -98.04 -46.99 -1.56
C GLN UA 360 -97.54 -45.59 -1.88
N GLY UA 361 -97.10 -45.39 -3.11
CA GLY UA 361 -96.64 -44.09 -3.53
C GLY UA 361 -95.16 -43.98 -3.76
N CYS UA 362 -94.44 -45.10 -3.64
CA CYS UA 362 -93.02 -45.11 -3.95
C CYS UA 362 -92.79 -44.93 -5.45
N LEU UA 363 -91.53 -44.74 -5.82
CA LEU UA 363 -91.18 -44.79 -7.23
C LEU UA 363 -91.54 -46.17 -7.78
N PRO UA 364 -92.13 -46.25 -8.96
CA PRO UA 364 -92.51 -47.55 -9.52
C PRO UA 364 -91.28 -48.39 -9.83
N PRO UA 365 -91.41 -49.72 -9.80
CA PRO UA 365 -90.25 -50.57 -10.12
C PRO UA 365 -89.75 -50.39 -11.54
N PHE UA 366 -90.66 -50.20 -12.49
CA PHE UA 366 -90.28 -50.06 -13.89
C PHE UA 366 -89.96 -48.60 -14.20
N PRO UA 367 -88.78 -48.31 -14.76
CA PRO UA 367 -88.38 -46.92 -14.98
C PRO UA 367 -89.25 -46.17 -15.97
N ALA UA 368 -90.04 -46.86 -16.79
CA ALA UA 368 -90.90 -46.19 -17.75
C ALA UA 368 -92.22 -45.72 -17.15
N ASP UA 369 -92.51 -46.08 -15.90
CA ASP UA 369 -93.80 -45.77 -15.32
C ASP UA 369 -93.81 -44.37 -14.72
N VAL UA 370 -94.93 -43.69 -14.90
CA VAL UA 370 -95.15 -42.35 -14.36
C VAL UA 370 -96.02 -42.49 -13.12
N PHE UA 371 -95.60 -41.88 -12.02
CA PHE UA 371 -96.28 -42.10 -10.76
C PHE UA 371 -96.80 -40.81 -10.16
N MET UA 372 -97.93 -40.94 -9.46
CA MET UA 372 -98.56 -39.86 -8.75
C MET UA 372 -97.95 -39.75 -7.36
N ILE UA 373 -97.74 -38.53 -6.90
CA ILE UA 373 -97.11 -38.30 -5.60
C ILE UA 373 -98.16 -38.44 -4.50
N PRO UA 374 -97.91 -39.24 -3.47
CA PRO UA 374 -98.90 -39.43 -2.41
C PRO UA 374 -99.04 -38.24 -1.48
N GLN UA 375 -100.23 -38.09 -0.92
CA GLN UA 375 -100.51 -36.97 -0.03
C GLN UA 375 -99.91 -37.20 1.35
N TYR UA 376 -99.45 -36.14 1.99
CA TYR UA 376 -98.91 -36.22 3.33
C TYR UA 376 -100.01 -36.03 4.36
N GLY UA 377 -100.00 -36.88 5.37
CA GLY UA 377 -100.89 -36.75 6.50
C GLY UA 377 -100.27 -37.50 7.65
N TYR UA 378 -100.68 -37.15 8.85
CA TYR UA 378 -100.12 -37.78 10.03
C TYR UA 378 -101.21 -37.98 11.05
N LEU UA 379 -100.92 -38.82 12.04
CA LEU UA 379 -101.78 -39.06 13.17
C LEU UA 379 -101.12 -38.53 14.43
N THR UA 380 -101.93 -38.12 15.39
CA THR UA 380 -101.43 -37.64 16.66
C THR UA 380 -102.17 -38.38 17.77
N LEU UA 381 -101.85 -38.02 19.01
CA LEU UA 381 -102.46 -38.67 20.15
C LEU UA 381 -103.97 -38.53 20.10
N ASN UA 382 -104.68 -39.63 20.34
CA ASN UA 382 -106.12 -39.63 20.30
C ASN UA 382 -106.68 -40.38 21.50
N ASN UA 383 -107.84 -39.94 21.95
CA ASN UA 383 -108.63 -40.57 23.00
C ASN UA 383 -109.95 -40.97 22.36
N GLY UA 384 -109.97 -42.12 21.71
CA GLY UA 384 -111.09 -42.45 20.85
C GLY UA 384 -110.96 -41.71 19.55
N SER UA 385 -112.03 -41.04 19.14
CA SER UA 385 -111.99 -40.17 17.97
C SER UA 385 -111.63 -38.74 18.34
N GLN UA 386 -111.34 -38.47 19.60
CA GLN UA 386 -111.02 -37.13 20.07
C GLN UA 386 -109.52 -36.95 20.22
N ALA UA 387 -109.12 -35.70 20.42
CA ALA UA 387 -107.73 -35.36 20.66
C ALA UA 387 -107.49 -35.20 22.15
N VAL UA 388 -106.25 -34.89 22.51
CA VAL UA 388 -105.88 -34.57 23.87
C VAL UA 388 -105.10 -33.26 23.85
N GLY UA 389 -104.66 -32.82 25.03
CA GLY UA 389 -103.88 -31.60 25.11
C GLY UA 389 -102.53 -31.73 24.46
N ARG UA 390 -101.92 -32.90 24.53
CA ARG UA 390 -100.59 -33.15 23.98
C ARG UA 390 -100.63 -33.57 22.52
N SER UA 391 -101.82 -33.60 21.92
CA SER UA 391 -101.91 -33.82 20.49
C SER UA 391 -101.27 -32.66 19.75
N SER UA 392 -100.40 -32.97 18.81
CA SER UA 392 -99.65 -31.95 18.09
C SER UA 392 -100.29 -31.63 16.75
N PHE UA 393 -100.07 -30.42 16.29
CA PHE UA 393 -100.44 -29.98 14.96
C PHE UA 393 -99.20 -29.37 14.33
N TYR UA 394 -98.97 -29.69 13.06
CA TYR UA 394 -97.80 -29.21 12.34
C TYR UA 394 -98.27 -28.51 11.07
N CYS UA 395 -97.97 -27.22 10.98
CA CYS UA 395 -98.08 -26.53 9.71
C CYS UA 395 -96.78 -26.74 8.95
N LEU UA 396 -96.87 -27.31 7.75
CA LEU UA 396 -95.67 -27.53 6.96
C LEU UA 396 -95.23 -26.28 6.22
N GLU UA 397 -96.07 -25.26 6.16
CA GLU UA 397 -95.64 -23.95 5.67
C GLU UA 397 -94.80 -23.21 6.69
N TYR UA 398 -94.72 -23.71 7.91
CA TYR UA 398 -93.87 -23.17 8.96
C TYR UA 398 -92.44 -23.66 8.85
N PHE UA 399 -92.04 -24.16 7.68
CA PHE UA 399 -90.70 -24.58 7.37
C PHE UA 399 -90.13 -23.72 6.26
N PRO UA 400 -88.81 -23.56 6.20
CA PRO UA 400 -88.19 -22.95 5.00
C PRO UA 400 -88.28 -23.91 3.82
N SER UA 401 -88.89 -23.45 2.73
CA SER UA 401 -89.02 -24.22 1.52
C SER UA 401 -88.26 -23.55 0.39
N GLN UA 402 -87.79 -24.34 -0.55
CA GLN UA 402 -87.26 -23.81 -1.79
C GLN UA 402 -88.40 -23.77 -2.80
N MET UA 403 -88.60 -22.59 -3.40
CA MET UA 403 -89.62 -22.39 -4.42
C MET UA 403 -88.98 -22.57 -5.80
N LEU UA 404 -89.56 -23.45 -6.59
CA LEU UA 404 -88.99 -23.85 -7.88
C LEU UA 404 -89.95 -23.44 -8.98
N ARG UA 405 -89.47 -22.61 -9.89
CA ARG UA 405 -90.16 -22.36 -11.14
C ARG UA 405 -89.68 -23.38 -12.17
N THR UA 406 -90.10 -23.23 -13.42
CA THR UA 406 -89.85 -24.28 -14.40
C THR UA 406 -88.37 -24.42 -14.76
N GLY UA 407 -87.53 -23.46 -14.40
CA GLY UA 407 -86.12 -23.55 -14.73
C GLY UA 407 -85.24 -23.95 -13.56
N ASN UA 408 -85.84 -24.20 -12.41
CA ASN UA 408 -85.10 -24.51 -11.20
C ASN UA 408 -85.08 -26.00 -10.92
N ASN UA 409 -84.08 -26.43 -10.15
CA ASN UA 409 -83.99 -27.79 -9.66
C ASN UA 409 -83.68 -27.79 -8.18
N PHE UA 410 -83.74 -28.97 -7.58
CA PHE UA 410 -83.59 -29.17 -6.15
C PHE UA 410 -82.65 -30.34 -5.94
N THR UA 411 -81.63 -30.18 -5.10
CA THR UA 411 -80.70 -31.26 -4.82
C THR UA 411 -80.56 -31.44 -3.32
N PHE UA 412 -80.22 -32.65 -2.91
CA PHE UA 412 -80.09 -32.96 -1.49
C PHE UA 412 -79.25 -34.21 -1.32
N SER UA 413 -78.24 -34.14 -0.46
CA SER UA 413 -77.38 -35.28 -0.19
C SER UA 413 -77.59 -35.77 1.23
N TYR UA 414 -77.38 -37.07 1.43
CA TYR UA 414 -77.57 -37.68 2.74
C TYR UA 414 -76.58 -38.81 2.90
N THR UA 415 -76.03 -38.95 4.11
CA THR UA 415 -75.14 -40.04 4.45
C THR UA 415 -75.80 -40.93 5.48
N PHE UA 416 -75.82 -42.23 5.22
CA PHE UA 416 -76.36 -43.18 6.17
C PHE UA 416 -75.39 -43.36 7.35
N GLU UA 417 -75.98 -43.57 8.52
CA GLU UA 417 -75.18 -43.97 9.68
C GLU UA 417 -74.65 -45.39 9.49
N GLU UA 418 -73.66 -45.74 10.29
CA GLU UA 418 -73.06 -47.07 10.21
C GLU UA 418 -74.06 -48.07 10.77
N VAL UA 419 -74.78 -48.72 9.86
CA VAL UA 419 -75.78 -49.73 10.19
C VAL UA 419 -75.12 -51.08 9.92
N PRO UA 420 -75.51 -52.15 10.60
CA PRO UA 420 -74.95 -53.47 10.26
C PRO UA 420 -75.39 -53.92 8.88
N PHE UA 421 -74.54 -54.71 8.25
CA PHE UA 421 -74.89 -55.34 6.98
C PHE UA 421 -76.11 -56.22 7.15
N HIS UA 422 -77.03 -56.13 6.20
CA HIS UA 422 -78.05 -57.14 6.09
C HIS UA 422 -77.44 -58.43 5.57
N SER UA 423 -77.91 -59.55 6.12
CA SER UA 423 -77.38 -60.88 5.87
C SER UA 423 -78.03 -61.48 4.64
N SER UA 424 -77.31 -61.53 3.53
CA SER UA 424 -77.77 -62.18 2.32
C SER UA 424 -77.41 -63.65 2.27
N TYR UA 425 -77.30 -64.29 3.43
CA TYR UA 425 -76.88 -65.68 3.52
C TYR UA 425 -77.85 -66.46 4.39
N ALA UA 426 -77.90 -67.76 4.15
CA ALA UA 426 -78.44 -68.74 5.07
C ALA UA 426 -77.28 -69.42 5.81
N HIS UA 427 -77.63 -70.18 6.83
CA HIS UA 427 -76.65 -70.92 7.60
C HIS UA 427 -76.61 -72.36 7.12
N SER UA 428 -75.40 -72.89 6.95
CA SER UA 428 -75.20 -74.27 6.54
C SER UA 428 -75.32 -75.24 7.70
N GLN UA 429 -75.37 -74.74 8.93
CA GLN UA 429 -75.51 -75.57 10.11
C GLN UA 429 -76.72 -75.10 10.90
N SER UA 430 -77.30 -76.04 11.65
CA SER UA 430 -78.36 -75.71 12.59
C SER UA 430 -77.75 -75.49 13.98
N LEU UA 431 -78.47 -74.71 14.79
CA LEU UA 431 -77.93 -74.33 16.10
C LEU UA 431 -77.82 -75.53 17.04
N ASP UA 432 -78.70 -76.50 16.91
CA ASP UA 432 -78.64 -77.71 17.72
C ASP UA 432 -77.78 -78.80 17.11
N ARG UA 433 -76.98 -78.46 16.10
CA ARG UA 433 -76.14 -79.42 15.40
C ARG UA 433 -74.76 -78.84 15.18
N LEU UA 434 -74.19 -78.22 16.20
CA LEU UA 434 -72.91 -77.53 16.10
C LEU UA 434 -71.76 -78.37 16.63
N MET UA 435 -72.00 -79.64 16.94
CA MET UA 435 -71.03 -80.49 17.60
C MET UA 435 -70.25 -81.30 16.56
N ASN UA 436 -69.15 -81.87 17.03
CA ASN UA 436 -68.46 -82.91 16.28
C ASN UA 436 -69.27 -84.19 16.35
N PRO UA 437 -69.71 -84.75 15.23
CA PRO UA 437 -70.52 -85.97 15.26
C PRO UA 437 -69.73 -87.25 15.48
N LEU UA 438 -68.42 -87.18 15.72
CA LEU UA 438 -67.61 -88.36 15.93
C LEU UA 438 -67.11 -88.51 17.35
N ILE UA 439 -66.96 -87.41 18.08
CA ILE UA 439 -66.34 -87.41 19.40
C ILE UA 439 -67.41 -87.27 20.45
N ASP UA 440 -67.22 -87.95 21.58
CA ASP UA 440 -68.10 -87.79 22.72
C ASP UA 440 -67.78 -86.50 23.46
N GLN UA 441 -68.60 -86.20 24.46
CA GLN UA 441 -68.37 -85.07 25.32
C GLN UA 441 -67.71 -85.53 26.61
N TYR UA 442 -67.17 -84.59 27.36
CA TYR UA 442 -66.72 -84.87 28.71
C TYR UA 442 -67.75 -84.45 29.76
N LEU UA 443 -68.93 -84.02 29.32
CA LEU UA 443 -69.99 -83.59 30.21
C LEU UA 443 -71.05 -84.70 30.30
N TYR UA 444 -71.54 -84.93 31.50
CA TYR UA 444 -72.55 -85.93 31.75
C TYR UA 444 -73.90 -85.28 31.98
N TYR UA 445 -74.95 -86.05 31.73
CA TYR UA 445 -76.32 -85.60 31.95
C TYR UA 445 -77.09 -86.73 32.61
N LEU UA 446 -78.14 -86.37 33.33
CA LEU UA 446 -79.01 -87.37 33.92
C LEU UA 446 -79.83 -88.04 32.81
N ASN UA 447 -79.64 -89.34 32.64
CA ASN UA 447 -80.26 -90.09 31.55
C ASN UA 447 -81.47 -90.90 32.00
N ARG UA 448 -81.37 -91.56 33.14
CA ARG UA 448 -82.46 -92.37 33.68
C ARG UA 448 -82.68 -92.00 35.13
N THR UA 449 -83.95 -91.92 35.54
CA THR UA 449 -84.31 -91.90 36.94
C THR UA 449 -85.00 -93.18 37.37
N GLN UA 450 -85.01 -94.20 36.52
CA GLN UA 450 -85.51 -95.53 36.86
C GLN UA 450 -84.49 -96.56 36.40
N ASN UA 451 -84.62 -97.77 36.93
CA ASN UA 451 -83.71 -98.84 36.57
C ASN UA 451 -83.90 -99.24 35.11
N GLN UA 452 -82.78 -99.45 34.42
CA GLN UA 452 -82.83 -99.78 33.00
C GLN UA 452 -83.27 -101.21 32.73
N SER UA 453 -83.03 -102.12 33.68
CA SER UA 453 -83.32 -103.54 33.44
C SER UA 453 -84.79 -103.78 33.18
N GLY UA 454 -85.66 -103.20 34.00
CA GLY UA 454 -87.09 -103.31 33.82
C GLY UA 454 -87.74 -104.48 34.53
N SER UA 455 -86.97 -105.45 35.02
CA SER UA 455 -87.55 -106.54 35.80
C SER UA 455 -88.20 -106.01 37.07
N ALA UA 456 -87.54 -105.07 37.73
CA ALA UA 456 -88.15 -104.25 38.77
C ALA UA 456 -88.34 -102.84 38.23
N GLN UA 457 -89.13 -102.05 38.95
CA GLN UA 457 -89.44 -100.68 38.57
C GLN UA 457 -88.89 -99.68 39.59
N ASN UA 458 -87.66 -99.88 40.02
CA ASN UA 458 -87.07 -99.05 41.06
C ASN UA 458 -86.50 -97.77 40.46
N LYS UA 459 -86.45 -96.74 41.30
CA LYS UA 459 -85.85 -95.48 40.89
C LYS UA 459 -84.32 -95.59 40.92
N ASP UA 460 -83.67 -94.61 40.31
CA ASP UA 460 -82.21 -94.57 40.29
C ASP UA 460 -81.76 -93.18 39.85
N LEU UA 461 -80.45 -93.01 39.74
CA LEU UA 461 -79.84 -91.79 39.20
C LEU UA 461 -78.71 -92.24 38.29
N LEU UA 462 -79.01 -92.42 37.02
CA LEU UA 462 -78.06 -92.94 36.04
C LEU UA 462 -77.66 -91.81 35.10
N PHE UA 463 -76.36 -91.63 34.92
CA PHE UA 463 -75.83 -90.53 34.14
C PHE UA 463 -75.12 -91.06 32.91
N SER UA 464 -75.34 -90.41 31.77
CA SER UA 464 -74.70 -90.78 30.53
C SER UA 464 -73.81 -89.65 30.03
N ARG UA 465 -72.87 -90.01 29.19
CA ARG UA 465 -71.98 -89.07 28.56
C ARG UA 465 -72.57 -88.55 27.26
N GLY UA 466 -72.37 -87.27 26.99
CA GLY UA 466 -72.83 -86.69 25.74
C GLY UA 466 -72.17 -87.35 24.55
N SER UA 467 -72.98 -88.01 23.72
CA SER UA 467 -72.51 -88.82 22.63
C SER UA 467 -73.22 -88.46 21.34
N PRO UA 468 -72.61 -88.75 20.18
CA PRO UA 468 -73.29 -88.49 18.91
C PRO UA 468 -74.54 -89.32 18.70
N ALA UA 469 -74.73 -90.40 19.46
CA ALA UA 469 -75.97 -91.17 19.35
C ALA UA 469 -77.17 -90.32 19.78
N GLY UA 470 -77.09 -89.69 20.94
CA GLY UA 470 -78.11 -88.77 21.36
C GLY UA 470 -77.63 -87.33 21.30
N MET UA 471 -78.01 -86.62 20.24
CA MET UA 471 -77.60 -85.24 20.06
C MET UA 471 -78.57 -84.26 20.68
N SER UA 472 -79.80 -84.70 20.94
CA SER UA 472 -80.82 -83.84 21.53
C SER UA 472 -80.58 -83.58 23.02
N VAL UA 473 -79.85 -84.46 23.70
CA VAL UA 473 -79.63 -84.36 25.13
C VAL UA 473 -78.24 -83.85 25.46
N GLN UA 474 -77.42 -83.58 24.47
CA GLN UA 474 -76.08 -83.05 24.73
C GLN UA 474 -76.17 -81.64 25.30
N PRO UA 475 -75.37 -81.31 26.31
CA PRO UA 475 -75.23 -79.91 26.72
C PRO UA 475 -74.77 -79.06 25.56
N LYS UA 476 -75.35 -77.85 25.47
CA LYS UA 476 -75.05 -76.93 24.39
C LYS UA 476 -74.80 -75.55 24.96
N ASN UA 477 -74.29 -74.65 24.10
CA ASN UA 477 -73.84 -73.35 24.55
C ASN UA 477 -74.82 -72.22 24.25
N TRP UA 478 -75.75 -72.41 23.33
CA TRP UA 478 -76.60 -71.32 22.86
C TRP UA 478 -78.05 -71.78 22.80
N LEU UA 479 -78.94 -70.79 22.65
CA LEU UA 479 -80.37 -71.00 22.61
C LEU UA 479 -80.95 -70.37 21.34
N PRO UA 480 -82.05 -70.90 20.83
CA PRO UA 480 -82.73 -70.25 19.69
C PRO UA 480 -83.34 -68.93 20.12
N GLY UA 481 -83.53 -68.05 19.14
CA GLY UA 481 -84.04 -66.72 19.38
C GLY UA 481 -85.41 -66.70 20.01
N PRO UA 482 -85.88 -65.49 20.35
CA PRO UA 482 -87.17 -65.37 21.01
C PRO UA 482 -88.32 -65.68 20.07
N CYS UA 483 -89.46 -66.00 20.66
CA CYS UA 483 -90.62 -66.38 19.87
C CYS UA 483 -91.87 -65.71 20.43
N TYR UA 484 -92.88 -65.56 19.58
CA TYR UA 484 -94.22 -65.11 19.97
C TYR UA 484 -95.20 -65.82 19.06
N ARG UA 485 -95.75 -66.93 19.55
CA ARG UA 485 -96.42 -67.89 18.69
C ARG UA 485 -97.57 -67.29 17.90
N GLN UA 486 -97.68 -67.69 16.64
CA GLN UA 486 -98.76 -67.29 15.74
C GLN UA 486 -99.66 -68.48 15.47
N GLN UA 487 -100.82 -68.20 14.89
CA GLN UA 487 -101.75 -69.25 14.52
C GLN UA 487 -101.39 -69.80 13.15
N ARG UA 488 -101.57 -71.11 12.98
CA ARG UA 488 -101.13 -71.80 11.78
C ARG UA 488 -102.29 -71.89 10.80
N VAL UA 489 -102.11 -71.30 9.62
CA VAL UA 489 -103.11 -71.32 8.57
C VAL UA 489 -102.56 -72.12 7.41
N SER UA 490 -103.39 -72.99 6.85
CA SER UA 490 -103.00 -73.78 5.70
C SER UA 490 -103.35 -73.06 4.40
N LYS UA 491 -102.42 -73.08 3.45
CA LYS UA 491 -102.69 -72.53 2.13
C LYS UA 491 -103.77 -73.32 1.40
N THR UA 492 -104.01 -74.56 1.80
CA THR UA 492 -105.14 -75.35 1.32
C THR UA 492 -106.32 -75.10 2.25
N LYS UA 493 -107.33 -74.40 1.75
CA LYS UA 493 -108.37 -73.86 2.62
C LYS UA 493 -109.22 -74.94 3.28
N THR UA 494 -109.26 -76.16 2.75
CA THR UA 494 -110.10 -77.19 3.35
C THR UA 494 -109.59 -77.67 4.70
N ASP UA 495 -108.30 -77.50 4.99
CA ASP UA 495 -107.74 -77.94 6.26
C ASP UA 495 -107.85 -76.89 7.35
N ASN UA 496 -108.42 -75.73 7.07
CA ASN UA 496 -108.57 -74.68 8.06
C ASN UA 496 -109.92 -74.82 8.76
N ASN UA 497 -109.97 -74.35 10.00
CA ASN UA 497 -111.20 -74.40 10.77
C ASN UA 497 -112.29 -73.57 10.10
N ASN UA 498 -113.53 -74.01 10.25
CA ASN UA 498 -114.67 -73.31 9.64
C ASN UA 498 -115.14 -72.19 10.58
N SER UA 499 -114.36 -71.12 10.58
CA SER UA 499 -114.68 -69.90 11.32
C SER UA 499 -113.79 -68.80 10.77
N ASN UA 500 -114.04 -67.57 11.22
CA ASN UA 500 -113.22 -66.46 10.74
C ASN UA 500 -111.87 -66.45 11.44
N PHE UA 501 -111.87 -66.21 12.76
CA PHE UA 501 -110.70 -66.35 13.64
C PHE UA 501 -109.47 -65.61 13.14
N THR UA 502 -109.62 -64.72 12.16
CA THR UA 502 -108.53 -63.83 11.79
C THR UA 502 -108.32 -62.70 12.78
N TRP UA 503 -109.31 -62.40 13.59
CA TRP UA 503 -109.16 -61.43 14.66
C TRP UA 503 -109.28 -62.06 16.03
N THR UA 504 -110.21 -63.00 16.22
CA THR UA 504 -110.37 -63.61 17.54
C THR UA 504 -109.24 -64.57 17.88
N GLY UA 505 -108.64 -65.21 16.88
CA GLY UA 505 -107.64 -66.21 17.15
C GLY UA 505 -106.23 -65.77 16.80
N ALA UA 506 -106.00 -64.47 16.77
CA ALA UA 506 -104.74 -63.92 16.29
C ALA UA 506 -103.91 -63.34 17.43
N SER UA 507 -102.59 -63.39 17.25
CA SER UA 507 -101.67 -62.78 18.20
C SER UA 507 -101.73 -61.27 18.05
N LYS UA 508 -102.07 -60.59 19.14
CA LYS UA 508 -102.19 -59.14 19.09
C LYS UA 508 -101.69 -58.58 20.41
N TYR UA 509 -101.37 -57.29 20.39
CA TYR UA 509 -100.88 -56.62 21.59
C TYR UA 509 -101.84 -55.52 22.02
N ASN UA 510 -101.81 -55.24 23.31
CA ASN UA 510 -102.68 -54.27 23.95
C ASN UA 510 -101.89 -52.99 24.19
N LEU UA 511 -102.41 -51.86 23.72
CA LEU UA 511 -101.74 -50.57 23.92
C LEU UA 511 -102.80 -49.50 24.15
N ASN UA 512 -102.84 -48.96 25.37
CA ASN UA 512 -103.79 -47.91 25.74
C ASN UA 512 -105.23 -48.36 25.53
N GLY UA 513 -105.48 -49.65 25.77
CA GLY UA 513 -106.82 -50.18 25.73
C GLY UA 513 -107.30 -50.67 24.38
N ARG UA 514 -106.53 -50.48 23.32
CA ARG UA 514 -106.93 -50.97 22.01
C ARG UA 514 -105.89 -51.93 21.46
N GLU UA 515 -106.39 -53.00 20.83
CA GLU UA 515 -105.58 -54.11 20.39
C GLU UA 515 -105.09 -53.89 18.97
N SER UA 516 -103.90 -54.41 18.70
CA SER UA 516 -103.28 -54.29 17.38
C SER UA 516 -102.65 -55.63 17.02
N ILE UA 517 -102.93 -56.11 15.82
CA ILE UA 517 -102.33 -57.35 15.35
C ILE UA 517 -100.82 -57.15 15.28
N ILE UA 518 -100.06 -58.19 15.64
CA ILE UA 518 -98.61 -58.09 15.65
C ILE UA 518 -98.09 -57.84 14.24
N ASN UA 519 -98.25 -58.82 13.34
CA ASN UA 519 -98.09 -58.60 11.90
C ASN UA 519 -96.84 -57.83 11.50
N PRO UA 520 -95.67 -58.44 11.39
CA PRO UA 520 -95.40 -59.88 11.50
C PRO UA 520 -94.65 -60.25 12.79
N GLY UA 521 -94.17 -59.25 13.50
CA GLY UA 521 -93.57 -59.50 14.80
C GLY UA 521 -92.21 -60.17 14.69
N THR UA 522 -91.97 -61.09 15.62
CA THR UA 522 -90.67 -61.72 15.75
C THR UA 522 -90.30 -62.47 14.48
N ALA UA 523 -89.02 -62.43 14.14
CA ALA UA 523 -88.51 -63.11 12.95
C ALA UA 523 -88.41 -64.60 13.26
N MET UA 524 -89.37 -65.37 12.76
CA MET UA 524 -89.42 -66.81 12.99
C MET UA 524 -89.63 -67.53 11.68
N ALA UA 525 -89.29 -68.82 11.68
CA ALA UA 525 -89.51 -69.65 10.51
C ALA UA 525 -90.99 -69.78 10.22
N SER UA 526 -91.35 -69.70 8.93
CA SER UA 526 -92.75 -69.80 8.54
C SER UA 526 -93.33 -71.16 8.85
N HIS UA 527 -92.57 -72.22 8.63
CA HIS UA 527 -93.05 -73.58 8.82
C HIS UA 527 -91.85 -74.47 9.11
N LYS UA 528 -92.13 -75.75 9.32
CA LYS UA 528 -91.10 -76.76 9.50
C LYS UA 528 -90.71 -77.35 8.16
N ASP UA 529 -89.91 -78.42 8.20
CA ASP UA 529 -89.61 -79.17 6.99
C ASP UA 529 -90.84 -79.94 6.54
N ASP UA 530 -91.03 -80.00 5.22
CA ASP UA 530 -92.13 -80.75 4.61
C ASP UA 530 -93.50 -80.22 5.05
N GLU UA 531 -93.58 -78.92 5.33
CA GLU UA 531 -94.81 -78.31 5.81
C GLU UA 531 -95.04 -76.97 5.13
N ASP UA 532 -94.68 -76.87 3.85
CA ASP UA 532 -94.80 -75.62 3.11
C ASP UA 532 -96.24 -75.17 2.94
N LYS UA 533 -97.21 -76.04 3.18
CA LYS UA 533 -98.62 -75.71 3.05
C LYS UA 533 -99.13 -74.82 4.18
N PHE UA 534 -98.35 -74.60 5.23
CA PHE UA 534 -98.75 -73.82 6.38
C PHE UA 534 -97.96 -72.53 6.46
N PHE UA 535 -98.62 -71.46 6.88
CA PHE UA 535 -97.97 -70.20 7.18
C PHE UA 535 -98.58 -69.60 8.43
N PRO UA 536 -97.82 -68.83 9.18
CA PRO UA 536 -98.40 -68.11 10.33
C PRO UA 536 -99.42 -67.10 9.86
N MET UA 537 -100.48 -66.93 10.67
CA MET UA 537 -101.63 -66.15 10.20
C MET UA 537 -101.25 -64.71 9.91
N SER UA 538 -100.41 -64.11 10.76
CA SER UA 538 -99.93 -62.76 10.53
C SER UA 538 -98.43 -62.69 10.78
N GLY UA 539 -97.70 -63.67 10.29
CA GLY UA 539 -96.27 -63.72 10.54
C GLY UA 539 -95.44 -63.60 9.30
N VAL UA 540 -96.08 -63.38 8.16
CA VAL UA 540 -95.41 -63.36 6.88
C VAL UA 540 -95.74 -62.08 6.15
N MET UA 541 -94.79 -61.60 5.35
CA MET UA 541 -95.04 -60.47 4.47
C MET UA 541 -95.75 -60.95 3.22
N ILE UA 542 -96.90 -60.36 2.94
CA ILE UA 542 -97.73 -60.76 1.81
C ILE UA 542 -97.78 -59.60 0.82
N PHE UA 543 -97.28 -59.84 -0.38
CA PHE UA 543 -97.32 -58.86 -1.45
C PHE UA 543 -98.44 -59.22 -2.41
N GLY UA 544 -99.16 -58.22 -2.88
CA GLY UA 544 -100.21 -58.43 -3.84
C GLY UA 544 -99.68 -58.38 -5.26
N LYS UA 545 -100.18 -59.29 -6.09
CA LYS UA 545 -99.88 -59.21 -7.51
C LYS UA 545 -100.70 -58.11 -8.15
N GLU UA 546 -100.31 -57.72 -9.36
CA GLU UA 546 -101.15 -56.82 -10.11
C GLU UA 546 -102.48 -57.51 -10.43
N SER UA 547 -103.55 -56.73 -10.46
CA SER UA 547 -104.92 -57.24 -10.50
C SER UA 547 -105.27 -57.98 -9.21
N ALA UA 548 -104.85 -57.41 -8.08
CA ALA UA 548 -105.31 -57.85 -6.76
C ALA UA 548 -106.17 -56.74 -6.18
N GLY UA 549 -107.35 -57.11 -5.67
CA GLY UA 549 -108.24 -56.14 -5.10
C GLY UA 549 -107.71 -55.59 -3.80
N ALA UA 550 -108.36 -54.51 -3.35
CA ALA UA 550 -107.95 -53.89 -2.10
C ALA UA 550 -108.43 -54.69 -0.90
N SER UA 551 -109.60 -55.33 -1.00
CA SER UA 551 -110.20 -56.03 0.12
C SER UA 551 -110.68 -57.41 -0.31
N ASN UA 552 -110.40 -58.41 0.52
CA ASN UA 552 -110.88 -59.78 0.33
C ASN UA 552 -110.49 -60.34 -1.03
N THR UA 553 -109.24 -60.06 -1.45
CA THR UA 553 -108.73 -60.68 -2.67
C THR UA 553 -108.36 -62.13 -2.40
N ALA UA 554 -107.87 -62.81 -3.43
CA ALA UA 554 -107.67 -64.25 -3.34
C ALA UA 554 -106.21 -64.61 -3.12
N LEU UA 555 -106.03 -65.82 -2.56
CA LEU UA 555 -104.71 -66.39 -2.40
C LEU UA 555 -103.98 -66.46 -3.72
N ASP UA 556 -104.71 -66.60 -4.82
CA ASP UA 556 -104.11 -66.59 -6.14
C ASP UA 556 -103.62 -65.20 -6.50
N ASN UA 557 -104.22 -64.16 -5.91
CA ASN UA 557 -103.83 -62.79 -6.21
C ASN UA 557 -102.77 -62.25 -5.28
N VAL UA 558 -102.47 -62.94 -4.19
CA VAL UA 558 -101.41 -62.49 -3.29
C VAL UA 558 -100.21 -63.43 -3.39
N MET UA 559 -99.04 -62.90 -3.02
CA MET UA 559 -97.80 -63.68 -2.93
C MET UA 559 -97.34 -63.71 -1.48
N ILE UA 560 -97.36 -64.89 -0.88
CA ILE UA 560 -96.94 -65.06 0.51
C ILE UA 560 -95.46 -65.39 0.55
N THR UA 561 -94.72 -64.66 1.37
CA THR UA 561 -93.29 -64.93 1.49
C THR UA 561 -93.05 -66.12 2.41
N ASP UA 562 -91.81 -66.59 2.41
CA ASP UA 562 -91.40 -67.71 3.23
C ASP UA 562 -90.11 -67.34 3.94
N GLU UA 563 -89.99 -67.75 5.20
CA GLU UA 563 -88.80 -67.53 6.00
C GLU UA 563 -88.14 -68.87 6.34
N GLU UA 564 -88.02 -69.72 5.32
CA GLU UA 564 -87.57 -71.09 5.56
C GLU UA 564 -86.08 -71.15 5.84
N GLU UA 565 -85.33 -70.11 5.50
CA GLU UA 565 -83.88 -70.17 5.61
C GLU UA 565 -83.39 -69.94 7.03
N ILE UA 566 -84.22 -69.42 7.92
CA ILE UA 566 -83.79 -69.10 9.27
C ILE UA 566 -84.27 -70.16 10.27
N LYS UA 567 -84.62 -71.35 9.80
CA LYS UA 567 -84.90 -72.46 10.69
C LYS UA 567 -83.67 -72.89 11.49
N ALA UA 568 -82.48 -72.53 11.03
CA ALA UA 568 -81.26 -72.96 11.69
C ALA UA 568 -81.09 -72.32 13.06
N THR UA 569 -81.64 -71.13 13.26
CA THR UA 569 -81.46 -70.40 14.51
C THR UA 569 -82.76 -69.89 15.13
N ASN UA 570 -83.84 -69.80 14.38
CA ASN UA 570 -85.06 -69.19 14.87
C ASN UA 570 -86.14 -70.25 15.07
N PRO UA 571 -86.99 -70.09 16.09
CA PRO UA 571 -88.10 -71.02 16.26
C PRO UA 571 -89.12 -70.88 15.13
N VAL UA 572 -89.85 -71.96 14.89
CA VAL UA 572 -90.92 -71.91 13.91
C VAL UA 572 -92.07 -71.08 14.46
N ALA UA 573 -92.62 -70.20 13.60
CA ALA UA 573 -93.56 -69.19 14.05
C ALA UA 573 -94.84 -69.77 14.64
N THR UA 574 -95.26 -70.95 14.19
CA THR UA 574 -96.53 -71.50 14.59
C THR UA 574 -96.43 -72.52 15.72
N GLU UA 575 -95.25 -72.74 16.26
CA GLU UA 575 -95.05 -73.72 17.33
C GLU UA 575 -94.41 -73.07 18.54
N ARG UA 576 -94.51 -73.78 19.66
CA ARG UA 576 -94.01 -73.27 20.93
C ARG UA 576 -92.50 -73.14 20.90
N PHE UA 577 -91.99 -72.24 21.75
CA PHE UA 577 -90.55 -72.17 21.95
C PHE UA 577 -90.03 -73.46 22.55
N GLY UA 578 -90.77 -74.02 23.49
CA GLY UA 578 -90.36 -75.24 24.15
C GLY UA 578 -91.24 -75.51 25.34
N THR UA 579 -90.77 -76.41 26.20
CA THR UA 579 -91.46 -76.74 27.43
C THR UA 579 -90.64 -76.28 28.62
N VAL UA 580 -91.33 -76.11 29.75
CA VAL UA 580 -90.71 -75.66 30.99
C VAL UA 580 -91.34 -76.45 32.13
N ALA UA 581 -90.52 -76.73 33.15
CA ALA UA 581 -91.05 -77.38 34.34
C ALA UA 581 -91.95 -76.42 35.09
N VAL UA 582 -93.04 -76.94 35.64
CA VAL UA 582 -94.03 -76.10 36.30
C VAL UA 582 -94.36 -76.54 37.72
N ASN UA 583 -93.69 -77.56 38.25
CA ASN UA 583 -93.97 -78.03 39.59
C ASN UA 583 -92.70 -78.68 40.16
N PHE UA 584 -92.82 -79.27 41.34
CA PHE UA 584 -91.78 -80.06 41.95
C PHE UA 584 -92.20 -81.52 41.92
N GLN UA 585 -91.40 -82.36 41.27
CA GLN UA 585 -91.64 -83.80 41.31
C GLN UA 585 -91.19 -84.36 42.65
N SER UA 586 -91.94 -85.34 43.14
CA SER UA 586 -91.62 -85.96 44.42
C SER UA 586 -92.23 -87.35 44.44
N SER UA 587 -91.74 -88.17 45.38
CA SER UA 587 -92.28 -89.50 45.61
C SER UA 587 -93.24 -89.49 46.79
N SER UA 588 -94.05 -90.53 46.88
CA SER UA 588 -94.98 -90.66 47.98
C SER UA 588 -94.24 -90.94 49.28
N THR UA 589 -94.80 -90.44 50.38
CA THR UA 589 -94.20 -90.65 51.69
C THR UA 589 -95.26 -90.95 52.74
N VAL UA 592 -95.88 -87.65 53.66
CA VAL UA 592 -96.70 -86.96 52.67
C VAL UA 592 -97.09 -87.93 51.56
N PRO UA 593 -98.15 -88.70 51.78
CA PRO UA 593 -98.53 -89.73 50.80
C PRO UA 593 -99.27 -89.16 49.60
N PHE UA 594 -98.79 -88.06 49.06
CA PHE UA 594 -99.35 -87.44 47.86
C PHE UA 594 -98.22 -87.31 46.85
N LYS UA 595 -98.03 -88.36 46.06
CA LYS UA 595 -97.01 -88.38 45.02
C LYS UA 595 -97.28 -87.30 43.98
N THR UA 596 -96.23 -86.58 43.58
CA THR UA 596 -96.35 -85.50 42.59
C THR UA 596 -95.56 -85.90 41.35
N ASP UA 597 -96.27 -86.15 40.25
CA ASP UA 597 -95.61 -86.38 38.99
C ASP UA 597 -95.02 -85.09 38.46
N PRO UA 598 -93.88 -85.16 37.77
CA PRO UA 598 -93.34 -83.95 37.13
C PRO UA 598 -94.28 -83.45 36.04
N ALA UA 599 -94.35 -82.14 35.91
CA ALA UA 599 -95.27 -81.50 34.97
C ALA UA 599 -94.55 -80.42 34.18
N THR UA 600 -94.81 -80.40 32.88
CA THR UA 600 -94.25 -79.39 31.99
C THR UA 600 -95.38 -78.62 31.34
N GLY UA 601 -95.07 -77.38 30.95
CA GLY UA 601 -96.00 -76.57 30.21
C GLY UA 601 -95.33 -75.97 28.99
N ASP UA 602 -96.12 -75.77 27.95
CA ASP UA 602 -95.61 -75.21 26.71
C ASP UA 602 -95.35 -73.72 26.87
N VAL UA 603 -94.24 -73.26 26.31
CA VAL UA 603 -93.83 -71.87 26.34
C VAL UA 603 -94.15 -71.27 24.98
N HIS UA 604 -95.16 -70.41 24.93
CA HIS UA 604 -95.65 -69.89 23.66
C HIS UA 604 -95.04 -68.55 23.30
N ALA UA 605 -94.77 -67.71 24.30
CA ALA UA 605 -94.08 -66.44 24.09
C ALA UA 605 -92.85 -66.43 24.99
N MET UA 606 -91.68 -66.29 24.39
CA MET UA 606 -90.42 -66.29 25.11
C MET UA 606 -89.67 -65.02 24.79
N GLY UA 607 -89.35 -64.24 25.82
CA GLY UA 607 -88.52 -63.07 25.66
C GLY UA 607 -87.06 -63.44 25.60
N ALA UA 608 -86.22 -62.42 25.45
CA ALA UA 608 -84.80 -62.64 25.26
C ALA UA 608 -84.16 -63.21 26.51
N LEU UA 609 -83.50 -64.34 26.37
CA LEU UA 609 -82.66 -64.96 27.38
C LEU UA 609 -81.19 -64.83 26.98
N PRO UA 610 -80.28 -64.68 27.93
CA PRO UA 610 -78.86 -64.67 27.58
C PRO UA 610 -78.45 -66.00 26.95
N GLY UA 611 -77.60 -65.91 25.94
CA GLY UA 611 -77.25 -67.05 25.12
C GLY UA 611 -78.11 -67.24 23.90
N MET UA 612 -79.16 -66.44 23.74
CA MET UA 612 -80.01 -66.54 22.57
C MET UA 612 -79.33 -65.97 21.34
N VAL UA 613 -79.52 -66.62 20.20
CA VAL UA 613 -79.04 -66.13 18.91
C VAL UA 613 -80.16 -66.26 17.91
N TRP UA 614 -80.25 -65.31 16.98
CA TRP UA 614 -81.34 -65.33 16.02
C TRP UA 614 -80.90 -64.58 14.76
N GLN UA 615 -81.67 -64.79 13.70
CA GLN UA 615 -81.55 -64.01 12.47
C GLN UA 615 -82.74 -63.07 12.35
N ASP UA 616 -82.52 -61.95 11.66
CA ASP UA 616 -83.58 -61.00 11.41
C ASP UA 616 -84.39 -61.43 10.21
N ARG UA 617 -85.48 -60.71 9.95
CA ARG UA 617 -86.30 -60.99 8.78
C ARG UA 617 -85.55 -60.66 7.50
N ASP UA 618 -85.87 -61.38 6.44
CA ASP UA 618 -85.27 -61.14 5.15
C ASP UA 618 -85.84 -59.88 4.51
N VAL UA 619 -85.07 -59.28 3.62
CA VAL UA 619 -85.53 -58.18 2.80
C VAL UA 619 -85.84 -58.72 1.42
N TYR UA 620 -86.77 -58.06 0.73
CA TYR UA 620 -87.23 -58.50 -0.58
C TYR UA 620 -87.10 -57.35 -1.57
N LEU UA 621 -87.08 -57.70 -2.85
CA LEU UA 621 -86.99 -56.68 -3.88
C LEU UA 621 -88.20 -55.74 -3.83
N GLN UA 622 -89.36 -56.27 -3.45
CA GLN UA 622 -90.58 -55.48 -3.32
C GLN UA 622 -90.77 -54.89 -1.94
N GLY UA 623 -89.85 -55.12 -1.01
CA GLY UA 623 -90.06 -54.75 0.37
C GLY UA 623 -89.37 -53.46 0.76
N PRO UA 624 -89.61 -53.02 1.99
CA PRO UA 624 -89.01 -51.77 2.47
C PRO UA 624 -87.51 -51.90 2.71
N ILE UA 625 -86.83 -50.77 2.61
CA ILE UA 625 -85.39 -50.71 2.85
C ILE UA 625 -85.07 -50.36 4.30
N TRP UA 626 -85.65 -49.28 4.82
CA TRP UA 626 -85.29 -48.78 6.13
C TRP UA 626 -86.54 -48.43 6.92
N ALA UA 627 -86.32 -48.09 8.18
CA ALA UA 627 -87.36 -47.56 9.05
C ALA UA 627 -86.70 -46.68 10.09
N LYS UA 628 -87.39 -45.60 10.45
CA LYS UA 628 -86.91 -44.77 11.55
C LYS UA 628 -87.12 -45.47 12.88
N ILE UA 629 -86.06 -45.56 13.67
CA ILE UA 629 -86.18 -46.09 15.02
C ILE UA 629 -86.85 -45.06 15.91
N PRO UA 630 -87.92 -45.41 16.62
CA PRO UA 630 -88.61 -44.42 17.46
C PRO UA 630 -87.67 -43.81 18.49
N HIS UA 631 -87.82 -42.51 18.73
CA HIS UA 631 -86.99 -41.80 19.70
C HIS UA 631 -87.56 -42.07 21.08
N THR UA 632 -87.11 -43.16 21.67
CA THR UA 632 -87.56 -43.61 22.99
C THR UA 632 -86.34 -43.78 23.90
N ASP UA 633 -86.64 -43.95 25.20
CA ASP UA 633 -85.57 -44.18 26.16
C ASP UA 633 -84.88 -45.51 25.92
N GLY UA 634 -85.65 -46.56 25.63
CA GLY UA 634 -85.08 -47.86 25.43
C GLY UA 634 -85.66 -48.53 24.19
N HIS UA 635 -84.85 -49.39 23.60
CA HIS UA 635 -85.27 -50.25 22.52
C HIS UA 635 -84.34 -51.43 22.47
N PHE UA 636 -84.88 -52.60 22.17
CA PHE UA 636 -84.11 -53.84 22.14
C PHE UA 636 -83.97 -54.29 20.69
N HIS UA 637 -82.73 -54.35 20.21
CA HIS UA 637 -82.39 -54.79 18.87
C HIS UA 637 -83.23 -54.04 17.83
N PRO UA 638 -82.97 -52.77 17.62
CA PRO UA 638 -83.90 -51.92 16.83
C PRO UA 638 -83.84 -52.19 15.34
N SER UA 639 -84.10 -53.44 14.97
CA SER UA 639 -84.23 -53.83 13.58
C SER UA 639 -85.71 -53.91 13.23
N PRO UA 640 -86.16 -53.24 12.17
CA PRO UA 640 -87.59 -53.19 11.89
C PRO UA 640 -88.17 -54.57 11.68
N LEU UA 641 -89.41 -54.77 12.14
CA LEU UA 641 -90.00 -56.09 12.10
C LEU UA 641 -90.47 -56.47 10.70
N MET UA 642 -90.70 -55.48 9.83
CA MET UA 642 -90.96 -55.80 8.44
C MET UA 642 -89.69 -56.15 7.67
N GLY UA 643 -88.53 -55.92 8.24
CA GLY UA 643 -87.28 -56.18 7.57
C GLY UA 643 -86.63 -54.89 7.09
N GLY UA 644 -85.31 -54.89 7.07
CA GLY UA 644 -84.59 -53.72 6.62
C GLY UA 644 -83.64 -53.17 7.66
N PHE UA 645 -83.26 -51.92 7.47
CA PHE UA 645 -82.30 -51.24 8.33
C PHE UA 645 -83.04 -50.26 9.22
N GLY UA 646 -82.85 -50.39 10.53
CA GLY UA 646 -83.38 -49.41 11.44
C GLY UA 646 -82.38 -48.28 11.60
N LEU UA 647 -82.80 -47.06 11.30
CA LEU UA 647 -81.91 -45.90 11.36
C LEU UA 647 -82.45 -44.91 12.36
N LYS UA 648 -81.57 -44.40 13.22
CA LYS UA 648 -81.98 -43.33 14.14
C LYS UA 648 -82.24 -42.04 13.37
N ASN UA 649 -81.39 -41.72 12.41
CA ASN UA 649 -81.59 -40.60 11.49
C ASN UA 649 -81.76 -41.19 10.10
N PRO UA 650 -82.97 -41.57 9.70
CA PRO UA 650 -83.18 -42.15 8.39
C PRO UA 650 -83.10 -41.08 7.32
N PRO UA 651 -83.18 -41.45 6.05
CA PRO UA 651 -83.32 -40.45 5.00
C PRO UA 651 -84.54 -39.58 5.25
N PRO UA 652 -84.37 -38.27 5.25
CA PRO UA 652 -85.47 -37.39 5.62
C PRO UA 652 -86.55 -37.36 4.56
N GLN UA 653 -87.74 -36.94 4.98
CA GLN UA 653 -88.86 -36.82 4.08
C GLN UA 653 -88.69 -35.58 3.21
N ILE UA 654 -88.88 -35.76 1.91
CA ILE UA 654 -88.92 -34.65 0.95
C ILE UA 654 -90.38 -34.34 0.68
N LEU UA 655 -90.81 -33.14 1.02
CA LEU UA 655 -92.18 -32.72 0.91
C LEU UA 655 -92.31 -31.65 -0.16
N ILE UA 656 -93.32 -31.79 -1.00
CA ILE UA 656 -93.49 -30.98 -2.19
C ILE UA 656 -94.95 -30.61 -2.32
N LYS UA 657 -95.21 -29.38 -2.73
CA LYS UA 657 -96.58 -29.01 -3.05
C LYS UA 657 -96.58 -27.90 -4.08
N ASN UA 658 -97.72 -27.73 -4.75
CA ASN UA 658 -97.88 -26.64 -5.68
C ASN UA 658 -98.23 -25.38 -4.90
N THR UA 659 -97.54 -24.28 -5.19
CA THR UA 659 -97.90 -23.03 -4.55
C THR UA 659 -99.27 -22.59 -5.05
N PRO UA 660 -100.21 -22.26 -4.16
CA PRO UA 660 -101.55 -21.86 -4.60
C PRO UA 660 -101.49 -20.57 -5.43
N VAL UA 661 -102.25 -20.55 -6.51
CA VAL UA 661 -102.42 -19.38 -7.35
C VAL UA 661 -103.87 -18.94 -7.23
N PRO UA 662 -104.16 -17.82 -6.58
CA PRO UA 662 -105.55 -17.39 -6.42
C PRO UA 662 -106.18 -17.00 -7.74
N ALA UA 663 -107.49 -17.19 -7.82
CA ALA UA 663 -108.25 -16.72 -8.96
C ALA UA 663 -108.52 -15.22 -8.83
N ASN UA 664 -109.40 -14.70 -9.65
CA ASN UA 664 -109.66 -13.27 -9.69
C ASN UA 664 -110.25 -12.79 -8.36
N PRO UA 665 -109.61 -11.86 -7.67
CA PRO UA 665 -110.15 -11.37 -6.41
C PRO UA 665 -111.28 -10.38 -6.65
N PRO UA 666 -112.12 -10.13 -5.64
CA PRO UA 666 -113.19 -9.14 -5.82
C PRO UA 666 -112.66 -7.73 -5.95
N ALA UA 667 -113.49 -6.85 -6.50
CA ALA UA 667 -113.11 -5.45 -6.65
C ALA UA 667 -112.95 -4.75 -5.31
N GLU UA 668 -113.83 -5.05 -4.36
CA GLU UA 668 -113.76 -4.53 -3.00
C GLU UA 668 -113.03 -5.52 -2.10
N PHE UA 669 -112.37 -4.98 -1.08
CA PHE UA 669 -111.57 -5.79 -0.17
C PHE UA 669 -112.45 -6.66 0.71
N SER UA 670 -112.02 -7.91 0.89
CA SER UA 670 -112.67 -8.85 1.80
C SER UA 670 -111.60 -9.54 2.62
N ALA UA 671 -111.79 -9.54 3.94
CA ALA UA 671 -110.81 -10.19 4.82
C ALA UA 671 -111.00 -11.69 4.90
N THR UA 672 -112.10 -12.22 4.37
CA THR UA 672 -112.29 -13.66 4.30
C THR UA 672 -111.18 -14.28 3.47
N LYS UA 673 -110.60 -15.37 3.98
CA LYS UA 673 -109.47 -15.97 3.31
C LYS UA 673 -109.89 -16.52 1.95
N PHE UA 674 -108.93 -16.55 1.03
CA PHE UA 674 -109.21 -16.96 -0.34
C PHE UA 674 -109.64 -18.42 -0.38
N ALA UA 675 -110.67 -18.69 -1.16
CA ALA UA 675 -111.12 -20.06 -1.39
C ALA UA 675 -111.17 -20.41 -2.86
N SER UA 676 -111.05 -19.44 -3.75
CA SER UA 676 -111.07 -19.64 -5.20
C SER UA 676 -109.64 -19.63 -5.70
N PHE UA 677 -109.20 -20.76 -6.23
CA PHE UA 677 -107.84 -20.89 -6.71
C PHE UA 677 -107.85 -21.37 -8.15
N ILE UA 678 -106.77 -21.04 -8.86
CA ILE UA 678 -106.54 -21.53 -10.21
C ILE UA 678 -106.12 -22.99 -10.10
N THR UA 679 -106.84 -23.86 -10.80
CA THR UA 679 -106.62 -25.30 -10.68
C THR UA 679 -105.38 -25.68 -11.47
N GLN UA 680 -104.41 -26.30 -10.80
CA GLN UA 680 -103.20 -26.66 -11.49
C GLN UA 680 -102.53 -27.85 -10.82
N TYR UA 681 -101.66 -28.51 -11.58
CA TYR UA 681 -100.84 -29.60 -11.07
C TYR UA 681 -99.42 -29.38 -11.58
N SER UA 682 -98.51 -30.27 -11.21
CA SER UA 682 -97.15 -30.17 -11.69
C SER UA 682 -96.63 -31.56 -12.04
N THR UA 683 -95.63 -31.58 -12.91
CA THR UA 683 -94.99 -32.81 -13.32
C THR UA 683 -93.50 -32.55 -13.35
N GLY UA 684 -92.73 -33.64 -13.31
CA GLY UA 684 -91.29 -33.47 -13.34
C GLY UA 684 -90.58 -34.79 -13.27
N GLN UA 685 -89.27 -34.70 -13.10
CA GLN UA 685 -88.41 -35.87 -13.00
C GLN UA 685 -87.71 -35.87 -11.65
N VAL UA 686 -87.57 -37.06 -11.07
CA VAL UA 686 -86.92 -37.25 -9.79
C VAL UA 686 -85.83 -38.30 -9.97
N SER UA 687 -84.64 -38.02 -9.44
CA SER UA 687 -83.51 -38.94 -9.47
C SER UA 687 -83.10 -39.27 -8.05
N VAL UA 688 -82.88 -40.55 -7.78
CA VAL UA 688 -82.33 -41.01 -6.52
C VAL UA 688 -81.14 -41.90 -6.83
N GLU UA 689 -80.00 -41.59 -6.22
CA GLU UA 689 -78.78 -42.38 -6.38
C GLU UA 689 -78.33 -42.86 -5.00
N ILE UA 690 -78.24 -44.17 -4.81
CA ILE UA 690 -77.77 -44.74 -3.56
C ILE UA 690 -76.50 -45.53 -3.82
N GLU UA 691 -75.47 -45.22 -3.04
CA GLU UA 691 -74.29 -46.05 -2.92
C GLU UA 691 -74.50 -47.05 -1.80
N TRP UA 692 -74.27 -48.33 -2.10
CA TRP UA 692 -74.36 -49.44 -1.17
C TRP UA 692 -73.01 -50.10 -1.02
N GLU UA 693 -72.65 -50.41 0.22
CA GLU UA 693 -71.47 -51.20 0.52
C GLU UA 693 -71.82 -52.68 0.52
N LEU UA 694 -70.98 -53.47 -0.12
CA LEU UA 694 -71.16 -54.91 -0.24
C LEU UA 694 -70.21 -55.64 0.70
N GLN UA 695 -70.61 -56.83 1.11
CA GLN UA 695 -69.82 -57.72 1.92
C GLN UA 695 -69.76 -59.03 1.16
N LYS UA 696 -68.60 -59.28 0.55
CA LYS UA 696 -68.41 -60.39 -0.36
C LYS UA 696 -68.35 -61.71 0.38
N GLU UA 697 -68.80 -62.77 -0.29
CA GLU UA 697 -68.63 -64.11 0.25
C GLU UA 697 -67.15 -64.47 0.26
N ASN UA 698 -66.74 -65.24 1.26
CA ASN UA 698 -65.39 -65.77 1.36
C ASN UA 698 -65.42 -67.27 1.64
N SER UA 699 -66.34 -67.97 1.00
CA SER UA 699 -66.69 -69.33 1.39
C SER UA 699 -65.65 -70.32 0.89
N LYS UA 700 -65.46 -71.39 1.68
CA LYS UA 700 -64.62 -72.52 1.30
C LYS UA 700 -65.46 -73.74 0.98
N ARG UA 701 -66.76 -73.56 0.78
CA ARG UA 701 -67.67 -74.64 0.46
C ARG UA 701 -67.28 -75.27 -0.88
N TRP UA 702 -67.35 -76.59 -0.94
CA TRP UA 702 -66.93 -77.32 -2.13
C TRP UA 702 -68.04 -77.45 -3.16
N ASN UA 703 -69.21 -77.93 -2.74
CA ASN UA 703 -70.30 -78.15 -3.65
C ASN UA 703 -70.91 -76.81 -4.07
N PRO UA 704 -71.61 -76.78 -5.21
CA PRO UA 704 -72.19 -75.52 -5.68
C PRO UA 704 -73.30 -75.04 -4.76
N GLU UA 705 -73.46 -73.72 -4.73
CA GLU UA 705 -74.45 -73.06 -3.90
C GLU UA 705 -75.81 -73.01 -4.59
N VAL UA 706 -76.84 -72.76 -3.80
CA VAL UA 706 -78.16 -72.45 -4.32
C VAL UA 706 -78.18 -70.99 -4.78
N GLN UA 707 -78.62 -70.77 -6.00
CA GLN UA 707 -78.70 -69.44 -6.57
C GLN UA 707 -80.12 -69.14 -6.99
N TYR UA 708 -80.47 -67.86 -7.00
CA TYR UA 708 -81.72 -67.46 -7.62
C TYR UA 708 -81.54 -67.46 -9.13
N THR UA 709 -82.43 -68.14 -9.83
CA THR UA 709 -82.30 -68.29 -11.27
C THR UA 709 -83.65 -68.10 -11.93
N SER UA 710 -83.60 -67.66 -13.17
CA SER UA 710 -84.77 -67.72 -14.05
C SER UA 710 -85.02 -69.16 -14.46
N ASN UA 711 -86.29 -69.48 -14.65
CA ASN UA 711 -86.65 -70.80 -15.14
C ASN UA 711 -86.45 -70.85 -16.65
N TYR UA 712 -85.73 -71.86 -17.12
CA TYR UA 712 -85.56 -72.09 -18.55
C TYR UA 712 -86.71 -73.00 -18.98
N ALA UA 713 -87.62 -72.44 -19.77
CA ALA UA 713 -88.75 -73.20 -20.29
C ALA UA 713 -89.54 -72.29 -21.21
N LYS UA 714 -90.18 -72.89 -22.21
CA LYS UA 714 -91.07 -72.12 -23.04
C LYS UA 714 -92.23 -71.61 -22.20
N SER UA 715 -92.38 -70.29 -22.13
CA SER UA 715 -93.44 -69.66 -21.37
C SER UA 715 -94.07 -68.59 -22.22
N ALA UA 716 -95.34 -68.32 -21.96
CA ALA UA 716 -96.06 -67.30 -22.73
C ALA UA 716 -95.44 -65.93 -22.52
N ASN UA 717 -94.89 -65.67 -21.34
CA ASN UA 717 -94.27 -64.40 -20.99
C ASN UA 717 -92.90 -64.65 -20.37
N VAL UA 718 -92.12 -63.59 -20.31
CA VAL UA 718 -90.87 -63.59 -19.57
C VAL UA 718 -91.13 -62.98 -18.20
N ASP UA 719 -90.52 -63.56 -17.17
CA ASP UA 719 -90.71 -63.04 -15.82
C ASP UA 719 -90.08 -61.66 -15.67
N PHE UA 720 -90.73 -60.83 -14.87
CA PHE UA 720 -90.27 -59.46 -14.60
C PHE UA 720 -90.19 -58.64 -15.88
N THR UA 721 -91.22 -58.74 -16.71
CA THR UA 721 -91.30 -57.96 -17.94
C THR UA 721 -92.68 -57.36 -18.09
N VAL UA 722 -92.96 -56.78 -19.24
CA VAL UA 722 -94.27 -56.26 -19.56
C VAL UA 722 -95.02 -57.31 -20.37
N ASP UA 723 -96.34 -57.22 -20.36
CA ASP UA 723 -97.16 -58.09 -21.19
C ASP UA 723 -97.51 -57.37 -22.49
N ASN UA 724 -98.41 -57.95 -23.29
CA ASN UA 724 -98.80 -57.31 -24.53
C ASN UA 724 -99.61 -56.03 -24.31
N ASN UA 725 -100.13 -55.81 -23.11
CA ASN UA 725 -100.83 -54.57 -22.78
C ASN UA 725 -99.92 -53.51 -22.20
N GLY UA 726 -98.66 -53.82 -21.95
CA GLY UA 726 -97.74 -52.86 -21.39
C GLY UA 726 -97.66 -52.81 -19.89
N LEU UA 727 -98.16 -53.83 -19.19
CA LEU UA 727 -98.23 -53.83 -17.74
C LEU UA 727 -97.05 -54.59 -17.18
N TYR UA 728 -96.21 -53.90 -16.42
CA TYR UA 728 -95.08 -54.54 -15.75
C TYR UA 728 -95.57 -55.32 -14.55
N THR UA 729 -95.14 -56.57 -14.43
CA THR UA 729 -95.53 -57.43 -13.32
C THR UA 729 -94.30 -58.11 -12.75
N GLU UA 730 -94.37 -58.39 -11.45
CA GLU UA 730 -93.34 -59.16 -10.76
C GLU UA 730 -93.94 -60.50 -10.34
N PRO UA 731 -93.53 -61.62 -10.93
CA PRO UA 731 -94.19 -62.90 -10.67
C PRO UA 731 -94.09 -63.40 -9.23
N ARG UA 732 -93.00 -63.11 -8.55
CA ARG UA 732 -92.75 -63.69 -7.23
C ARG UA 732 -91.93 -62.71 -6.42
N PRO UA 733 -91.99 -62.81 -5.09
CA PRO UA 733 -91.06 -62.04 -4.26
C PRO UA 733 -89.72 -62.76 -4.14
N ILE UA 734 -88.64 -62.01 -4.29
CA ILE UA 734 -87.28 -62.55 -4.23
C ILE UA 734 -86.63 -62.07 -2.94
N GLY UA 735 -86.17 -63.01 -2.12
CA GLY UA 735 -85.41 -62.69 -0.94
C GLY UA 735 -83.94 -62.53 -1.25
N THR UA 736 -83.13 -62.65 -0.20
CA THR UA 736 -81.69 -62.44 -0.31
C THR UA 736 -80.87 -63.66 0.06
N ARG UA 737 -81.41 -64.59 0.84
CA ARG UA 737 -80.62 -65.62 1.48
C ARG UA 737 -80.47 -66.82 0.54
N TYR UA 738 -79.44 -66.80 -0.29
CA TYR UA 738 -79.18 -67.90 -1.20
C TYR UA 738 -77.81 -68.52 -0.94
N LEU UA 739 -76.78 -67.69 -0.82
CA LEU UA 739 -75.48 -68.17 -0.39
C LEU UA 739 -75.59 -68.65 1.05
N THR UA 740 -74.63 -69.46 1.46
CA THR UA 740 -74.63 -69.99 2.82
C THR UA 740 -73.29 -69.71 3.49
N ARG UA 741 -73.31 -69.79 4.82
CA ARG UA 741 -72.08 -69.71 5.60
C ARG UA 741 -72.27 -70.55 6.85
N PRO UA 742 -71.18 -71.04 7.44
CA PRO UA 742 -71.31 -71.86 8.65
C PRO UA 742 -71.77 -71.04 9.85
N LEU UA 743 -72.54 -71.69 10.71
CA LEU UA 743 -73.15 -71.00 11.84
C LEU UA 743 -72.12 -70.69 12.94
N ASP VA 219 -85.14 -11.67 -12.95
CA ASP VA 219 -84.15 -12.69 -13.23
C ASP VA 219 -84.66 -13.72 -14.24
N GLY VA 220 -85.86 -13.48 -14.77
CA GLY VA 220 -86.41 -14.31 -15.82
C GLY VA 220 -87.80 -14.82 -15.49
N VAL VA 221 -88.46 -15.31 -16.54
CA VAL VA 221 -89.80 -15.87 -16.39
C VAL VA 221 -89.75 -17.21 -15.65
N GLY VA 222 -88.77 -18.05 -15.96
CA GLY VA 222 -88.74 -19.40 -15.43
C GLY VA 222 -87.84 -19.60 -14.22
N ASN VA 223 -87.48 -18.51 -13.56
CA ASN VA 223 -86.59 -18.55 -12.40
C ASN VA 223 -87.30 -17.88 -11.24
N ALA VA 224 -87.42 -18.58 -10.12
CA ALA VA 224 -88.06 -18.02 -8.94
C ALA VA 224 -87.18 -16.95 -8.32
N SER VA 225 -87.80 -15.86 -7.89
CA SER VA 225 -87.06 -14.74 -7.32
C SER VA 225 -86.99 -14.77 -5.80
N GLY VA 226 -87.48 -15.82 -5.17
CA GLY VA 226 -87.33 -15.95 -3.74
C GLY VA 226 -87.80 -17.30 -3.28
N ASN VA 227 -87.51 -17.60 -2.02
CA ASN VA 227 -87.87 -18.86 -1.40
C ASN VA 227 -88.82 -18.61 -0.25
N TRP VA 228 -89.45 -19.69 0.21
CA TRP VA 228 -90.35 -19.63 1.34
C TRP VA 228 -89.55 -19.64 2.62
N HIS VA 229 -89.57 -18.54 3.35
CA HIS VA 229 -88.84 -18.41 4.61
C HIS VA 229 -89.86 -18.16 5.73
N CYS VA 230 -90.29 -19.24 6.36
CA CYS VA 230 -91.21 -19.16 7.48
C CYS VA 230 -90.63 -19.99 8.62
N ASP VA 231 -90.15 -19.33 9.65
CA ASP VA 231 -89.35 -20.00 10.67
C ASP VA 231 -89.36 -19.14 11.92
N SER VA 232 -88.71 -19.64 12.96
CA SER VA 232 -88.51 -18.87 14.20
C SER VA 232 -87.26 -19.41 14.87
N THR VA 233 -86.26 -18.55 15.04
CA THR VA 233 -84.98 -18.93 15.63
C THR VA 233 -84.84 -18.24 16.97
N TRP VA 234 -84.56 -19.01 18.00
CA TRP VA 234 -84.41 -18.49 19.36
C TRP VA 234 -82.94 -18.51 19.73
N LEU VA 235 -82.36 -17.33 19.85
CA LEU VA 235 -81.00 -17.19 20.35
C LEU VA 235 -81.10 -16.93 21.86
N GLY VA 236 -79.98 -16.55 22.48
CA GLY VA 236 -80.00 -16.34 23.92
C GLY VA 236 -80.91 -15.20 24.33
N ASP VA 237 -80.73 -14.03 23.72
CA ASP VA 237 -81.52 -12.86 24.08
C ASP VA 237 -82.30 -12.29 22.91
N ARG VA 238 -82.27 -12.92 21.76
CA ARG VA 238 -83.02 -12.50 20.59
C ARG VA 238 -83.92 -13.63 20.14
N VAL VA 239 -84.99 -13.27 19.45
CA VAL VA 239 -85.76 -14.23 18.67
C VAL VA 239 -86.02 -13.61 17.31
N ILE VA 240 -85.78 -14.37 16.25
CA ILE VA 240 -86.00 -13.90 14.89
C ILE VA 240 -87.16 -14.69 14.32
N THR VA 241 -88.23 -13.99 13.97
CA THR VA 241 -89.43 -14.60 13.40
C THR VA 241 -89.52 -14.23 11.93
N THR VA 242 -89.65 -15.24 11.07
CA THR VA 242 -89.83 -15.06 9.64
C THR VA 242 -91.18 -15.61 9.23
N SER VA 243 -91.88 -14.88 8.36
CA SER VA 243 -93.20 -15.27 7.90
C SER VA 243 -93.33 -15.00 6.42
N THR VA 244 -93.69 -16.02 5.66
CA THR VA 244 -94.02 -15.88 4.24
C THR VA 244 -95.49 -16.18 4.05
N ARG VA 245 -96.13 -15.37 3.22
CA ARG VA 245 -97.54 -15.52 2.89
C ARG VA 245 -97.74 -15.31 1.40
N THR VA 246 -98.85 -15.83 0.89
CA THR VA 246 -99.24 -15.65 -0.50
C THR VA 246 -100.35 -14.59 -0.54
N TRP VA 247 -100.15 -13.56 -1.34
CA TRP VA 247 -101.07 -12.46 -1.46
C TRP VA 247 -101.64 -12.37 -2.85
N ALA VA 248 -102.87 -11.84 -2.92
CA ALA VA 248 -103.54 -11.47 -4.15
C ALA VA 248 -103.92 -9.99 -4.09
N LEU VA 249 -103.54 -9.25 -5.13
CA LEU VA 249 -103.81 -7.83 -5.24
C LEU VA 249 -104.70 -7.58 -6.45
N PRO VA 250 -105.91 -7.08 -6.26
CA PRO VA 250 -106.76 -6.76 -7.41
C PRO VA 250 -106.50 -5.35 -7.92
N THR VA 251 -107.28 -4.94 -8.91
CA THR VA 251 -107.32 -3.54 -9.33
C THR VA 251 -108.41 -2.83 -8.55
N TYR VA 252 -108.04 -1.74 -7.88
CA TYR VA 252 -108.96 -0.99 -7.03
C TYR VA 252 -109.38 0.27 -7.75
N ASN VA 253 -110.69 0.55 -7.73
CA ASN VA 253 -111.29 1.79 -8.24
C ASN VA 253 -111.17 1.95 -9.74
N ASN VA 254 -110.83 0.88 -10.47
CA ASN VA 254 -110.50 0.98 -11.89
C ASN VA 254 -109.37 1.96 -12.13
N HIS VA 255 -108.34 1.88 -11.29
CA HIS VA 255 -107.13 2.71 -11.39
C HIS VA 255 -107.43 4.18 -11.17
N LEU VA 256 -108.49 4.48 -10.42
CA LEU VA 256 -108.92 5.86 -10.22
C LEU VA 256 -108.72 6.28 -8.78
N TYR VA 257 -108.45 7.56 -8.59
CA TYR VA 257 -108.51 8.21 -7.28
C TYR VA 257 -109.89 8.79 -7.13
N LYS VA 258 -110.58 8.42 -6.06
CA LYS VA 258 -111.94 8.88 -5.84
C LYS VA 258 -112.04 9.63 -4.53
N GLN VA 259 -112.82 10.70 -4.53
CA GLN VA 259 -113.08 11.47 -3.33
C GLN VA 259 -114.29 10.88 -2.61
N ILE VA 260 -114.11 10.55 -1.34
CA ILE VA 260 -115.15 9.90 -0.55
C ILE VA 260 -115.51 10.81 0.62
N SER VA 261 -116.79 10.81 0.98
CA SER VA 261 -117.27 11.57 2.12
C SER VA 261 -118.53 10.92 2.64
N SER VA 262 -119.18 11.56 3.60
CA SER VA 262 -120.39 11.05 4.23
C SER VA 262 -121.64 11.73 3.71
N ALA VA 263 -121.53 12.56 2.67
CA ALA VA 263 -122.67 13.32 2.19
C ALA VA 263 -123.78 12.41 1.67
N SER VA 264 -123.43 11.39 0.88
CA SER VA 264 -124.44 10.46 0.41
C SER VA 264 -124.86 9.50 1.53
N THR VA 265 -123.96 9.21 2.46
CA THR VA 265 -124.30 8.32 3.55
C THR VA 265 -125.39 8.91 4.44
N GLY VA 266 -125.36 10.23 4.63
CA GLY VA 266 -126.32 10.85 5.53
C GLY VA 266 -126.12 10.46 6.99
N ALA VA 267 -124.88 10.46 7.45
CA ALA VA 267 -124.55 10.04 8.80
C ALA VA 267 -124.82 11.15 9.79
N SER VA 268 -124.62 10.84 11.08
CA SER VA 268 -124.73 11.84 12.12
C SER VA 268 -123.52 12.76 12.11
N ASN VA 269 -123.60 13.85 12.86
CA ASN VA 269 -122.51 14.81 12.91
C ASN VA 269 -121.23 14.18 13.43
N ASP VA 270 -121.35 13.17 14.29
CA ASP VA 270 -120.18 12.51 14.85
C ASP VA 270 -119.47 11.59 13.85
N ASN VA 271 -120.17 11.15 12.80
CA ASN VA 271 -119.64 10.18 11.86
C ASN VA 271 -119.30 10.80 10.50
N HIS VA 272 -119.32 12.13 10.41
CA HIS VA 272 -118.98 12.80 9.16
C HIS VA 272 -117.50 12.64 8.86
N TYR VA 273 -117.18 12.52 7.57
CA TYR VA 273 -115.79 12.41 7.17
C TYR VA 273 -115.62 12.90 5.73
N PHE VA 274 -114.38 13.18 5.38
CA PHE VA 274 -113.98 13.54 4.03
C PHE VA 274 -112.61 12.95 3.79
N GLY VA 275 -112.43 12.33 2.63
CA GLY VA 275 -111.15 11.73 2.35
C GLY VA 275 -111.05 11.26 0.92
N TYR VA 276 -110.09 10.38 0.68
CA TYR VA 276 -109.81 9.89 -0.65
C TYR VA 276 -109.55 8.40 -0.63
N SER VA 277 -109.98 7.74 -1.70
CA SER VA 277 -109.75 6.33 -1.96
C SER VA 277 -108.75 6.22 -3.09
N THR VA 278 -107.65 5.53 -2.88
CA THR VA 278 -106.66 5.42 -3.94
C THR VA 278 -106.76 4.06 -4.61
N PRO VA 279 -106.22 3.91 -5.81
CA PRO VA 279 -106.15 2.58 -6.45
C PRO VA 279 -105.07 1.68 -5.89
N TRP VA 280 -104.34 2.10 -4.87
CA TRP VA 280 -103.26 1.33 -4.29
C TRP VA 280 -103.75 0.44 -3.16
N GLY VA 281 -103.05 -0.66 -2.95
CA GLY VA 281 -103.17 -1.45 -1.75
C GLY VA 281 -101.92 -1.28 -0.91
N TYR VA 282 -101.99 -1.77 0.32
CA TYR VA 282 -100.84 -1.67 1.21
C TYR VA 282 -100.63 -3.00 1.91
N PHE VA 283 -99.40 -3.20 2.37
CA PHE VA 283 -99.02 -4.40 3.10
C PHE VA 283 -99.05 -4.12 4.59
N ASP VA 284 -99.73 -4.97 5.33
CA ASP VA 284 -99.90 -4.82 6.77
C ASP VA 284 -99.44 -6.09 7.48
N PHE VA 285 -98.53 -5.93 8.42
CA PHE VA 285 -98.12 -7.04 9.28
C PHE VA 285 -98.02 -6.52 10.71
N ASN VA 286 -99.01 -5.74 11.12
CA ASN VA 286 -99.04 -5.10 12.43
C ASN VA 286 -99.90 -5.87 13.43
N ARG VA 287 -99.84 -7.18 13.40
CA ARG VA 287 -100.42 -8.02 14.44
C ARG VA 287 -99.38 -9.05 14.86
N PHE VA 288 -99.47 -9.49 16.11
CA PHE VA 288 -98.43 -10.37 16.63
C PHE VA 288 -98.50 -11.76 16.03
N HIS VA 289 -99.69 -12.22 15.64
CA HIS VA 289 -99.82 -13.55 15.08
C HIS VA 289 -99.40 -13.61 13.61
N CYS VA 290 -99.11 -12.48 12.98
CA CYS VA 290 -98.46 -12.50 11.68
C CYS VA 290 -97.02 -12.99 11.78
N HIS VA 291 -96.47 -13.01 12.99
CA HIS VA 291 -95.06 -13.34 13.21
C HIS VA 291 -94.85 -14.49 14.17
N PHE VA 292 -95.71 -14.65 15.17
CA PHE VA 292 -95.54 -15.70 16.17
C PHE VA 292 -96.61 -16.77 15.97
N SER VA 293 -96.19 -18.02 15.94
CA SER VA 293 -97.13 -19.11 16.12
C SER VA 293 -97.59 -19.11 17.56
N PRO VA 294 -98.72 -19.75 17.86
CA PRO VA 294 -99.14 -19.85 19.27
C PRO VA 294 -98.10 -20.52 20.16
N ARG VA 295 -97.40 -21.52 19.65
CA ARG VA 295 -96.32 -22.14 20.41
C ARG VA 295 -95.19 -21.16 20.69
N ASP VA 296 -94.81 -20.37 19.69
CA ASP VA 296 -93.76 -19.37 19.89
C ASP VA 296 -94.20 -18.29 20.86
N TRP VA 297 -95.47 -17.88 20.78
CA TRP VA 297 -95.99 -16.90 21.72
C TRP VA 297 -95.96 -17.43 23.15
N GLN VA 298 -96.35 -18.69 23.34
CA GLN VA 298 -96.30 -19.30 24.66
C GLN VA 298 -94.86 -19.39 25.15
N ARG VA 299 -93.94 -19.77 24.28
CA ARG VA 299 -92.53 -19.82 24.65
C ARG VA 299 -92.00 -18.46 25.07
N LEU VA 300 -92.43 -17.41 24.38
CA LEU VA 300 -92.01 -16.06 24.73
C LEU VA 300 -92.59 -15.63 26.08
N ILE VA 301 -93.90 -15.77 26.26
CA ILE VA 301 -94.57 -15.20 27.41
C ILE VA 301 -94.36 -16.02 28.68
N ASN VA 302 -94.02 -17.29 28.57
CA ASN VA 302 -93.78 -18.10 29.75
C ASN VA 302 -92.37 -17.96 30.28
N ASN VA 303 -91.48 -17.32 29.53
CA ASN VA 303 -90.07 -17.32 29.87
C ASN VA 303 -89.43 -15.95 29.90
N ASN VA 304 -90.06 -14.92 29.36
CA ASN VA 304 -89.42 -13.62 29.25
C ASN VA 304 -90.17 -12.59 30.07
N TRP VA 305 -89.41 -11.72 30.73
CA TRP VA 305 -89.98 -10.60 31.46
C TRP VA 305 -90.32 -9.45 30.54
N GLY VA 306 -89.73 -9.37 29.37
CA GLY VA 306 -90.10 -8.30 28.46
C GLY VA 306 -89.58 -8.57 27.07
N PHE VA 307 -90.10 -7.80 26.12
CA PHE VA 307 -89.59 -7.95 24.76
C PHE VA 307 -89.84 -6.68 23.96
N ARG VA 308 -89.09 -6.54 22.87
CA ARG VA 308 -89.29 -5.38 21.99
C ARG VA 308 -88.72 -5.71 20.62
N PRO VA 309 -89.14 -5.01 19.57
CA PRO VA 309 -88.59 -5.25 18.24
C PRO VA 309 -87.33 -4.43 17.96
N LYS VA 310 -86.35 -5.10 17.33
CA LYS VA 310 -85.08 -4.54 16.95
C LYS VA 310 -85.00 -4.21 15.47
N ARG VA 311 -85.30 -5.16 14.59
CA ARG VA 311 -85.15 -4.83 13.17
C ARG VA 311 -86.09 -5.68 12.34
N LEU VA 312 -86.28 -5.29 11.08
CA LEU VA 312 -87.10 -6.08 10.18
C LEU VA 312 -86.59 -6.01 8.75
N ASN VA 313 -86.85 -7.07 8.02
CA ASN VA 313 -86.63 -7.21 6.59
C ASN VA 313 -87.95 -7.55 5.92
N PHE VA 314 -88.20 -6.92 4.78
CA PHE VA 314 -89.40 -7.12 4.01
C PHE VA 314 -88.98 -7.51 2.60
N LYS VA 315 -89.57 -8.57 2.07
CA LYS VA 315 -89.29 -9.01 0.72
C LYS VA 315 -90.60 -9.32 0.00
N LEU VA 316 -90.63 -8.99 -1.29
CA LEU VA 316 -91.76 -9.22 -2.16
C LEU VA 316 -91.23 -9.94 -3.39
N PHE VA 317 -91.73 -11.14 -3.66
CA PHE VA 317 -91.09 -11.97 -4.67
C PHE VA 317 -92.13 -12.85 -5.34
N ASN VA 318 -91.74 -13.42 -6.48
CA ASN VA 318 -92.56 -14.34 -7.27
C ASN VA 318 -93.85 -13.68 -7.73
N ILE VA 319 -93.70 -12.54 -8.42
CA ILE VA 319 -94.83 -11.78 -8.91
C ILE VA 319 -95.42 -12.47 -10.12
N GLN VA 320 -96.75 -12.61 -10.15
CA GLN VA 320 -97.46 -13.12 -11.30
C GLN VA 320 -98.64 -12.23 -11.57
N VAL VA 321 -98.65 -11.58 -12.73
CA VAL VA 321 -99.78 -10.78 -13.17
C VAL VA 321 -100.67 -11.65 -14.04
N LYS VA 322 -101.96 -11.65 -13.74
CA LYS VA 322 -102.94 -12.47 -14.44
C LYS VA 322 -103.99 -11.58 -15.09
N GLU VA 323 -104.22 -11.81 -16.38
CA GLU VA 323 -105.27 -11.18 -17.15
C GLU VA 323 -106.55 -11.98 -17.08
N VAL VA 324 -107.68 -11.29 -16.90
CA VAL VA 324 -108.98 -11.91 -16.74
C VAL VA 324 -109.92 -11.40 -17.82
N THR VA 325 -110.58 -12.32 -18.53
CA THR VA 325 -111.62 -11.98 -19.50
C THR VA 325 -112.86 -12.80 -19.20
N THR VA 326 -114.00 -12.13 -19.04
CA THR VA 326 -115.27 -12.82 -18.84
C THR VA 326 -116.12 -12.62 -20.11
N ASN VA 327 -116.42 -13.73 -20.79
CA ASN VA 327 -117.26 -13.73 -21.98
C ASN VA 327 -118.36 -14.76 -21.83
N ASP VA 328 -119.60 -14.33 -22.10
CA ASP VA 328 -120.77 -15.21 -22.04
C ASP VA 328 -120.89 -15.91 -20.68
N GLY VA 329 -120.36 -15.27 -19.64
CA GLY VA 329 -120.43 -15.80 -18.30
C GLY VA 329 -119.26 -16.67 -17.89
N VAL VA 330 -118.41 -17.10 -18.83
CA VAL VA 330 -117.27 -17.93 -18.50
C VAL VA 330 -116.01 -17.07 -18.45
N THR VA 331 -115.15 -17.37 -17.49
CA THR VA 331 -114.00 -16.54 -17.17
C THR VA 331 -112.71 -17.25 -17.56
N THR VA 332 -111.88 -16.57 -18.32
CA THR VA 332 -110.55 -17.04 -18.71
C THR VA 332 -109.50 -16.22 -17.98
N ILE VA 333 -108.52 -16.91 -17.41
CA ILE VA 333 -107.39 -16.27 -16.76
C ILE VA 333 -106.13 -16.71 -17.48
N ALA VA 334 -105.30 -15.75 -17.87
CA ALA VA 334 -104.04 -16.02 -18.53
C ALA VA 334 -102.92 -15.28 -17.83
N ASN VA 335 -101.69 -15.65 -18.14
CA ASN VA 335 -100.55 -14.94 -17.61
C ASN VA 335 -100.24 -13.74 -18.48
N ASN VA 336 -99.94 -12.62 -17.85
CA ASN VA 336 -99.48 -11.42 -18.54
C ASN VA 336 -98.02 -11.24 -18.17
N LEU VA 337 -97.12 -11.72 -19.04
CA LEU VA 337 -95.72 -11.77 -18.70
C LEU VA 337 -95.04 -10.41 -18.73
N THR VA 338 -95.63 -9.41 -19.36
CA THR VA 338 -94.99 -8.11 -19.51
C THR VA 338 -95.62 -7.03 -18.64
N SER VA 339 -96.54 -7.37 -17.77
CA SER VA 339 -97.16 -6.39 -16.90
C SER VA 339 -96.34 -6.21 -15.62
N THR VA 340 -96.56 -5.07 -14.97
CA THR VA 340 -95.79 -4.69 -13.79
C THR VA 340 -96.69 -4.39 -12.61
N VAL VA 341 -96.12 -4.55 -11.42
CA VAL VA 341 -96.67 -3.99 -10.19
C VAL VA 341 -95.73 -2.93 -9.70
N GLN VA 342 -96.28 -1.78 -9.31
CA GLN VA 342 -95.51 -0.71 -8.70
C GLN VA 342 -95.53 -0.88 -7.19
N VAL VA 343 -94.35 -0.84 -6.57
CA VAL VA 343 -94.20 -0.96 -5.13
C VAL VA 343 -93.33 0.18 -4.65
N PHE VA 344 -93.72 0.81 -3.54
CA PHE VA 344 -92.81 1.74 -2.90
C PHE VA 344 -93.06 1.74 -1.40
N SER VA 345 -92.02 2.10 -0.67
CA SER VA 345 -92.07 2.23 0.78
C SER VA 345 -92.06 3.70 1.13
N ASP VA 346 -92.97 4.12 2.01
CA ASP VA 346 -93.09 5.53 2.39
C ASP VA 346 -92.17 5.78 3.59
N SER VA 347 -90.87 5.80 3.30
CA SER VA 347 -89.85 5.83 4.34
C SER VA 347 -89.73 7.19 5.02
N GLU VA 348 -90.22 8.26 4.39
CA GLU VA 348 -90.15 9.59 4.97
C GLU VA 348 -91.46 10.01 5.61
N TYR VA 349 -92.44 9.11 5.69
CA TYR VA 349 -93.72 9.36 6.36
C TYR VA 349 -94.39 10.62 5.80
N GLN VA 350 -94.41 10.72 4.48
CA GLN VA 350 -95.03 11.83 3.79
C GLN VA 350 -96.50 11.59 3.49
N LEU VA 351 -96.99 10.41 3.74
CA LEU VA 351 -98.36 10.00 3.52
C LEU VA 351 -99.10 9.86 4.84
N PRO VA 352 -100.41 9.96 4.83
CA PRO VA 352 -101.17 9.63 6.04
C PRO VA 352 -100.94 8.17 6.44
N TYR VA 353 -100.66 7.97 7.73
CA TYR VA 353 -100.36 6.64 8.24
C TYR VA 353 -101.66 5.98 8.68
N VAL VA 354 -102.15 5.04 7.87
CA VAL VA 354 -103.40 4.35 8.21
C VAL VA 354 -103.15 3.05 8.96
N LEU VA 355 -101.90 2.60 9.04
CA LEU VA 355 -101.58 1.50 9.93
C LEU VA 355 -101.71 1.98 11.36
N GLY VA 356 -101.82 1.03 12.28
CA GLY VA 356 -101.99 1.40 13.66
C GLY VA 356 -103.39 1.81 14.05
N SER VA 357 -104.37 1.55 13.19
CA SER VA 357 -105.78 1.74 13.51
C SER VA 357 -106.52 0.43 13.66
N ALA VA 358 -105.79 -0.69 13.72
CA ALA VA 358 -106.35 -2.03 13.94
C ALA VA 358 -107.30 -2.43 12.83
N HIS VA 359 -106.83 -2.35 11.59
CA HIS VA 359 -107.64 -2.69 10.44
C HIS VA 359 -107.39 -4.11 9.98
N GLN VA 360 -108.38 -4.66 9.29
CA GLN VA 360 -108.23 -5.95 8.63
C GLN VA 360 -107.28 -5.84 7.46
N GLY VA 361 -106.78 -6.98 7.00
CA GLY VA 361 -105.90 -6.99 5.86
C GLY VA 361 -104.46 -7.33 6.17
N CYS VA 362 -104.17 -7.68 7.42
CA CYS VA 362 -102.84 -8.12 7.78
C CYS VA 362 -102.55 -9.50 7.19
N LEU VA 363 -101.31 -9.92 7.30
CA LEU VA 363 -100.99 -11.31 6.97
C LEU VA 363 -101.78 -12.24 7.88
N PRO VA 364 -102.37 -13.30 7.33
CA PRO VA 364 -103.15 -14.21 8.16
C PRO VA 364 -102.29 -14.91 9.18
N PRO VA 365 -102.87 -15.30 10.32
CA PRO VA 365 -102.08 -16.02 11.33
C PRO VA 365 -101.54 -17.36 10.84
N PHE VA 366 -102.31 -18.08 10.04
CA PHE VA 366 -101.89 -19.39 9.56
C PHE VA 366 -101.09 -19.24 8.28
N PRO VA 367 -99.87 -19.78 8.21
CA PRO VA 367 -99.02 -19.58 7.04
C PRO VA 367 -99.57 -20.16 5.75
N ALA VA 368 -100.54 -21.07 5.82
CA ALA VA 368 -101.10 -21.65 4.62
C ALA VA 368 -102.18 -20.79 3.98
N ASP VA 369 -102.59 -19.71 4.63
CA ASP VA 369 -103.70 -18.92 4.14
C ASP VA 369 -103.24 -17.89 3.12
N VAL VA 370 -104.05 -17.70 2.09
CA VAL VA 370 -103.80 -16.73 1.04
C VAL VA 370 -104.67 -15.52 1.30
N PHE VA 371 -104.07 -14.33 1.29
CA PHE VA 371 -104.79 -13.14 1.70
C PHE VA 371 -104.85 -12.10 0.60
N MET VA 372 -105.96 -11.37 0.60
CA MET VA 372 -106.18 -10.26 -0.32
C MET VA 372 -105.58 -8.99 0.28
N ILE VA 373 -104.98 -8.18 -0.57
CA ILE VA 373 -104.31 -6.97 -0.09
C ILE VA 373 -105.35 -5.86 0.05
N PRO VA 374 -105.40 -5.19 1.20
CA PRO VA 374 -106.42 -4.15 1.41
C PRO VA 374 -106.13 -2.86 0.65
N GLN VA 375 -107.20 -2.15 0.32
CA GLN VA 375 -107.08 -0.92 -0.44
C GLN VA 375 -106.62 0.23 0.45
N TYR VA 376 -105.83 1.12 -0.13
CA TYR VA 376 -105.36 2.29 0.60
C TYR VA 376 -106.33 3.45 0.43
N GLY VA 377 -106.63 4.11 1.54
CA GLY VA 377 -107.43 5.31 1.53
C GLY VA 377 -107.11 6.07 2.79
N TYR VA 378 -107.39 7.37 2.76
CA TYR VA 378 -107.10 8.20 3.91
C TYR VA 378 -108.21 9.21 4.09
N LEU VA 379 -108.23 9.83 5.26
CA LEU VA 379 -109.13 10.91 5.59
C LEU VA 379 -108.33 12.19 5.78
N THR VA 380 -108.96 13.31 5.49
CA THR VA 380 -108.34 14.60 5.67
C THR VA 380 -109.30 15.48 6.46
N LEU VA 381 -108.88 16.72 6.69
CA LEU VA 381 -109.70 17.66 7.47
C LEU VA 381 -111.06 17.81 6.83
N ASN VA 382 -112.10 17.76 7.65
CA ASN VA 382 -113.47 17.89 7.16
C ASN VA 382 -114.26 18.82 8.05
N ASN VA 383 -115.21 19.52 7.44
CA ASN VA 383 -116.17 20.38 8.11
C ASN VA 383 -117.54 19.80 7.79
N GLY VA 384 -117.95 18.82 8.58
CA GLY VA 384 -119.11 18.03 8.20
C GLY VA 384 -118.72 17.04 7.13
N SER VA 385 -119.49 16.99 6.06
CA SER VA 385 -119.13 16.19 4.91
C SER VA 385 -118.31 16.96 3.89
N GLN VA 386 -117.94 18.20 4.19
CA GLN VA 386 -117.20 19.05 3.28
C GLN VA 386 -115.73 19.08 3.67
N ALA VA 387 -114.92 19.63 2.77
CA ALA VA 387 -113.50 19.81 3.00
C ALA VA 387 -113.23 21.23 3.47
N VAL VA 388 -111.97 21.54 3.72
CA VAL VA 388 -111.53 22.88 4.04
C VAL VA 388 -110.33 23.21 3.14
N GLY VA 389 -109.79 24.41 3.31
CA GLY VA 389 -108.63 24.79 2.52
C GLY VA 389 -107.39 23.99 2.85
N ARG VA 390 -107.24 23.60 4.11
CA ARG VA 390 -106.08 22.85 4.57
C ARG VA 390 -106.25 21.35 4.41
N SER VA 391 -107.36 20.90 3.84
CA SER VA 391 -107.50 19.50 3.49
C SER VA 391 -106.49 19.13 2.43
N SER VA 392 -105.77 18.04 2.66
CA SER VA 392 -104.72 17.62 1.76
C SER VA 392 -105.19 16.54 0.81
N PHE VA 393 -104.56 16.50 -0.36
CA PHE VA 393 -104.74 15.43 -1.32
C PHE VA 393 -103.36 14.90 -1.67
N TYR VA 394 -103.25 13.58 -1.76
CA TYR VA 394 -101.98 12.93 -2.05
C TYR VA 394 -102.16 12.03 -3.25
N CYS VA 395 -101.44 12.33 -4.32
CA CYS VA 395 -101.28 11.39 -5.42
C CYS VA 395 -100.13 10.46 -5.07
N LEU VA 396 -100.40 9.16 -5.01
CA LEU VA 396 -99.35 8.20 -4.71
C LEU VA 396 -98.49 7.88 -5.91
N GLU VA 397 -98.92 8.25 -7.12
CA GLU VA 397 -98.06 8.18 -8.28
C GLU VA 397 -97.03 9.28 -8.30
N TYR VA 398 -97.15 10.26 -7.41
CA TYR VA 398 -96.17 11.32 -7.24
C TYR VA 398 -95.00 10.89 -6.38
N PHE VA 399 -94.78 9.59 -6.23
CA PHE VA 399 -93.67 9.01 -5.52
C PHE VA 399 -92.82 8.19 -6.49
N PRO VA 400 -91.53 8.04 -6.22
CA PRO VA 400 -90.74 7.04 -6.96
C PRO VA 400 -91.14 5.63 -6.56
N SER VA 401 -91.53 4.83 -7.54
CA SER VA 401 -91.93 3.45 -7.33
C SER VA 401 -90.97 2.54 -8.08
N GLN VA 402 -90.79 1.34 -7.55
CA GLN VA 402 -90.10 0.29 -8.28
C GLN VA 402 -91.14 -0.51 -9.04
N MET VA 403 -90.91 -0.66 -10.35
CA MET VA 403 -91.79 -1.44 -11.21
C MET VA 403 -91.23 -2.86 -11.32
N LEU VA 404 -92.08 -3.84 -11.02
CA LEU VA 404 -91.67 -5.23 -10.93
C LEU VA 404 -92.42 -6.02 -11.98
N ARG VA 405 -91.67 -6.66 -12.88
CA ARG VA 405 -92.23 -7.67 -13.77
C ARG VA 405 -92.12 -9.02 -13.07
N THR VA 406 -92.45 -10.09 -13.77
CA THR VA 406 -92.57 -11.39 -13.11
C THR VA 406 -91.22 -11.94 -12.64
N GLY VA 407 -90.11 -11.39 -13.09
CA GLY VA 407 -88.82 -11.87 -12.64
C GLY VA 407 -88.14 -11.02 -11.61
N ASN VA 408 -88.80 -9.95 -11.17
CA ASN VA 408 -88.22 -9.00 -10.24
C ASN VA 408 -88.72 -9.24 -8.82
N ASN VA 409 -87.94 -8.77 -7.86
CA ASN VA 409 -88.34 -8.77 -6.46
C ASN VA 409 -88.05 -7.41 -5.84
N PHE VA 410 -88.53 -7.24 -4.62
CA PHE VA 410 -88.45 -5.98 -3.89
C PHE VA 410 -87.98 -6.28 -2.48
N THR VA 411 -86.98 -5.56 -2.00
CA THR VA 411 -86.48 -5.75 -0.64
C THR VA 411 -86.44 -4.42 0.08
N PHE VA 412 -86.54 -4.48 1.41
CA PHE VA 412 -86.54 -3.27 2.21
C PHE VA 412 -86.17 -3.61 3.64
N SER VA 413 -85.22 -2.90 4.20
CA SER VA 413 -84.80 -3.11 5.59
C SER VA 413 -85.19 -1.93 6.45
N TYR VA 414 -85.44 -2.19 7.73
CA TYR VA 414 -85.84 -1.15 8.65
C TYR VA 414 -85.31 -1.48 10.04
N THR VA 415 -84.85 -0.46 10.75
CA THR VA 415 -84.38 -0.59 12.12
C THR VA 415 -85.33 0.16 13.05
N PHE VA 416 -85.80 -0.53 14.10
CA PHE VA 416 -86.63 0.11 15.08
C PHE VA 416 -85.80 1.05 15.97
N GLU VA 417 -86.43 2.15 16.37
CA GLU VA 417 -85.84 3.01 17.38
C GLU VA 417 -85.83 2.30 18.73
N GLU VA 418 -85.02 2.83 19.65
CA GLU VA 418 -84.93 2.24 20.98
C GLU VA 418 -86.21 2.54 21.73
N VAL VA 419 -87.11 1.57 21.75
CA VAL VA 419 -88.39 1.65 22.43
C VAL VA 419 -88.24 0.87 23.73
N PRO VA 420 -88.98 1.21 24.78
CA PRO VA 420 -88.92 0.39 26.00
C PRO VA 420 -89.48 -1.01 25.78
N PHE VA 421 -88.94 -1.96 26.54
CA PHE VA 421 -89.48 -3.31 26.52
C PHE VA 421 -90.93 -3.31 26.95
N HIS VA 422 -91.75 -4.06 26.24
CA HIS VA 422 -93.06 -4.39 26.76
C HIS VA 422 -92.92 -5.36 27.91
N SER VA 423 -93.76 -5.17 28.92
CA SER VA 423 -93.72 -5.91 30.18
C SER VA 423 -94.53 -7.18 30.06
N SER VA 424 -93.86 -8.32 29.96
CA SER VA 424 -94.51 -9.62 29.96
C SER VA 424 -94.67 -10.19 31.35
N TYR VA 425 -94.80 -9.32 32.35
CA TYR VA 425 -94.89 -9.76 33.73
C TYR VA 425 -96.08 -9.08 34.41
N ALA VA 426 -96.58 -9.73 35.45
CA ALA VA 426 -97.43 -9.13 36.45
C ALA VA 426 -96.58 -8.80 37.69
N HIS VA 427 -97.18 -8.05 38.60
CA HIS VA 427 -96.53 -7.69 39.84
C HIS VA 427 -96.98 -8.61 40.96
N SER VA 428 -96.02 -9.09 41.75
CA SER VA 428 -96.31 -9.95 42.89
C SER VA 428 -96.77 -9.17 44.11
N GLN VA 429 -96.65 -7.85 44.08
CA GLN VA 429 -97.09 -7.00 45.17
C GLN VA 429 -98.07 -5.97 44.65
N SER VA 430 -98.94 -5.50 45.53
CA SER VA 430 -99.83 -4.39 45.24
C SER VA 430 -99.20 -3.10 45.71
N LEU VA 431 -99.61 -1.99 45.09
CA LEU VA 431 -98.99 -0.71 45.39
C LEU VA 431 -99.30 -0.24 46.80
N ASP VA 432 -100.46 -0.58 47.33
CA ASP VA 432 -100.83 -0.22 48.69
C ASP VA 432 -100.40 -1.26 49.71
N ARG VA 433 -99.52 -2.18 49.33
CA ARG VA 433 -99.06 -3.25 50.19
C ARG VA 433 -97.55 -3.42 50.07
N LEU VA 434 -96.82 -2.31 50.05
CA LEU VA 434 -95.38 -2.33 49.83
C LEU VA 434 -94.60 -2.24 51.14
N MET VA 435 -95.26 -2.34 52.27
CA MET VA 435 -94.65 -2.13 53.57
C MET VA 435 -94.19 -3.44 54.18
N ASN VA 436 -93.37 -3.32 55.21
CA ASN VA 436 -93.06 -4.45 56.08
C ASN VA 436 -94.27 -4.71 56.95
N PRO VA 437 -94.87 -5.90 56.91
CA PRO VA 437 -96.05 -6.18 57.74
C PRO VA 437 -95.76 -6.49 59.20
N LEU VA 438 -94.50 -6.38 59.64
CA LEU VA 438 -94.16 -6.66 61.02
C LEU VA 438 -93.74 -5.44 61.81
N ILE VA 439 -93.23 -4.42 61.15
CA ILE VA 439 -92.66 -3.25 61.81
C ILE VA 439 -93.63 -2.09 61.71
N ASP VA 440 -93.70 -1.28 62.76
CA ASP VA 440 -94.48 -0.07 62.74
C ASP VA 440 -93.74 1.02 61.97
N GLN VA 441 -94.41 2.14 61.77
CA GLN VA 441 -93.81 3.31 61.16
C GLN VA 441 -93.37 4.30 62.24
N TYR VA 442 -92.54 5.24 61.84
CA TYR VA 442 -92.23 6.37 62.71
C TYR VA 442 -93.06 7.60 62.38
N LEU VA 443 -94.01 7.47 61.45
CA LEU VA 443 -94.88 8.56 61.04
C LEU VA 443 -96.24 8.40 61.70
N TYR VA 444 -96.79 9.51 62.16
CA TYR VA 444 -98.10 9.52 62.80
C TYR VA 444 -99.14 10.09 61.86
N TYR VA 445 -100.39 9.73 62.10
CA TYR VA 445 -101.51 10.24 61.34
C TYR VA 445 -102.64 10.56 62.31
N LEU VA 446 -103.50 11.47 61.91
CA LEU VA 446 -104.68 11.79 62.71
C LEU VA 446 -105.66 10.64 62.64
N ASN VA 447 -105.93 10.02 63.79
CA ASN VA 447 -106.76 8.82 63.85
C ASN VA 447 -108.18 9.11 64.33
N ARG VA 448 -108.34 9.96 65.34
CA ARG VA 448 -109.64 10.31 65.88
C ARG VA 448 -109.74 11.82 66.00
N THR VA 449 -110.89 12.38 65.65
CA THR VA 449 -111.24 13.74 66.01
C THR VA 449 -112.34 13.79 67.05
N GLN VA 450 -112.68 12.66 67.66
CA GLN VA 450 -113.62 12.59 68.76
C GLN VA 450 -113.02 11.71 69.84
N ASN VA 451 -113.57 11.81 71.05
CA ASN VA 451 -113.07 11.01 72.16
C ASN VA 451 -113.39 9.55 71.95
N GLN VA 452 -112.40 8.70 72.25
CA GLN VA 452 -112.54 7.27 72.03
C GLN VA 452 -113.45 6.60 73.04
N SER VA 453 -113.55 7.14 74.26
CA SER VA 453 -114.30 6.48 75.33
C SER VA 453 -115.78 6.33 74.97
N GLY VA 454 -116.39 7.40 74.45
CA GLY VA 454 -117.77 7.34 74.03
C GLY VA 454 -118.79 7.71 75.08
N SER VA 455 -118.40 7.76 76.36
CA SER VA 455 -119.34 8.19 77.40
C SER VA 455 -119.78 9.62 77.16
N ALA VA 456 -118.84 10.48 76.78
CA ALA VA 456 -119.14 11.79 76.23
C ALA VA 456 -118.81 11.79 74.73
N GLN VA 457 -119.29 12.81 74.03
CA GLN VA 457 -119.11 12.94 72.60
C GLN VA 457 -118.26 14.15 72.25
N ASN VA 458 -117.17 14.35 72.99
CA ASN VA 458 -116.35 15.53 72.82
C ASN VA 458 -115.35 15.34 71.67
N LYS VA 459 -114.96 16.45 71.06
CA LYS VA 459 -113.95 16.41 70.02
C LYS VA 459 -112.57 16.24 70.63
N ASP VA 460 -111.60 15.92 69.77
CA ASP VA 460 -110.23 15.74 70.21
C ASP VA 460 -109.32 15.75 68.97
N LEU VA 461 -108.03 15.55 69.22
CA LEU VA 461 -107.04 15.39 68.16
C LEU VA 461 -106.12 14.25 68.61
N LEU VA 462 -106.46 13.03 68.22
CA LEU VA 462 -105.73 11.84 68.64
C LEU VA 462 -104.96 11.28 67.46
N PHE VA 463 -103.68 11.04 67.65
CA PHE VA 463 -102.79 10.60 66.59
C PHE VA 463 -102.30 9.19 66.86
N SER VA 464 -102.26 8.37 65.82
CA SER VA 464 -101.78 7.01 65.92
C SER VA 464 -100.55 6.83 65.05
N ARG VA 465 -99.78 5.81 65.39
CA ARG VA 465 -98.61 5.42 64.62
C ARG VA 465 -98.98 4.44 63.53
N GLY VA 466 -98.35 4.59 62.37
CA GLY VA 466 -98.56 3.67 61.27
C GLY VA 466 -98.17 2.26 61.66
N SER VA 467 -99.14 1.36 61.68
CA SER VA 467 -98.97 0.01 62.17
C SER VA 467 -99.50 -1.01 61.17
N PRO VA 468 -99.02 -2.24 61.22
CA PRO VA 468 -99.56 -3.28 60.32
C PRO VA 468 -101.02 -3.61 60.56
N ALA VA 469 -101.58 -3.23 61.72
CA ALA VA 469 -103.00 -3.44 61.94
C ALA VA 469 -103.83 -2.63 60.95
N GLY VA 470 -103.55 -1.34 60.84
CA GLY VA 470 -104.20 -0.53 59.83
C GLY VA 470 -103.25 -0.17 58.72
N MET VA 471 -103.35 -0.88 57.59
CA MET VA 471 -102.49 -0.63 56.46
C MET VA 471 -103.07 0.37 55.49
N SER VA 472 -104.37 0.61 55.57
CA SER VA 472 -105.03 1.57 54.68
C SER VA 472 -104.73 3.01 55.05
N VAL VA 473 -104.36 3.28 56.30
CA VAL VA 473 -104.13 4.63 56.78
C VAL VA 473 -102.66 4.95 56.92
N GLN VA 474 -101.77 4.02 56.59
CA GLN VA 474 -100.35 4.28 56.66
C GLN VA 474 -99.95 5.29 55.59
N PRO VA 475 -99.09 6.27 55.92
CA PRO VA 475 -98.49 7.09 54.88
C PRO VA 475 -97.75 6.24 53.86
N LYS VA 476 -97.86 6.62 52.60
CA LYS VA 476 -97.25 5.87 51.51
C LYS VA 476 -96.55 6.84 50.57
N ASN VA 477 -95.75 6.28 49.66
CA ASN VA 477 -94.88 7.08 48.81
C ASN VA 477 -95.41 7.28 47.40
N TRP VA 478 -96.35 6.46 46.94
CA TRP VA 478 -96.76 6.47 45.54
C TRP VA 478 -98.27 6.43 45.44
N LEU VA 479 -98.77 6.72 44.24
CA LEU VA 479 -100.19 6.76 43.93
C LEU VA 479 -100.50 5.86 42.75
N PRO VA 480 -101.71 5.32 42.68
CA PRO VA 480 -102.11 4.55 41.49
C PRO VA 480 -102.23 5.46 40.27
N GLY VA 481 -102.09 4.85 39.10
CA GLY VA 481 -102.11 5.57 37.85
C GLY VA 481 -103.39 6.34 37.60
N PRO VA 482 -103.43 7.10 36.51
CA PRO VA 482 -104.60 7.91 36.20
C PRO VA 482 -105.78 7.05 35.78
N CYS VA 483 -106.97 7.62 35.90
CA CYS VA 483 -108.18 6.89 35.56
C CYS VA 483 -109.12 7.78 34.77
N TYR VA 484 -110.00 7.15 34.00
CA TYR VA 484 -111.10 7.80 33.31
C TYR VA 484 -112.27 6.83 33.29
N ARG VA 485 -113.17 6.98 34.25
CA ARG VA 485 -114.13 5.93 34.59
C ARG VA 485 -114.99 5.53 33.41
N GLN VA 486 -115.23 4.23 33.27
CA GLN VA 486 -116.08 3.64 32.26
C GLN VA 486 -117.34 3.09 32.92
N GLN VA 487 -118.33 2.78 32.08
CA GLN VA 487 -119.56 2.18 32.57
C GLN VA 487 -119.40 0.68 32.70
N ARG VA 488 -120.01 0.11 33.73
CA ARG VA 488 -119.84 -1.29 34.06
C ARG VA 488 -120.95 -2.11 33.42
N VAL VA 489 -120.56 -3.04 32.55
CA VAL VA 489 -121.50 -3.92 31.88
C VAL VA 489 -121.25 -5.35 32.35
N SER VA 490 -122.32 -6.06 32.65
CA SER VA 490 -122.22 -7.45 33.07
C SER VA 490 -122.29 -8.37 31.87
N LYS VA 491 -121.41 -9.38 31.85
CA LYS VA 491 -121.47 -10.41 30.82
C LYS VA 491 -122.74 -11.23 30.91
N THR VA 492 -123.40 -11.23 32.06
CA THR VA 492 -124.72 -11.82 32.21
C THR VA 492 -125.76 -10.74 31.94
N LYS VA 493 -126.47 -10.86 30.81
CA LYS VA 493 -127.26 -9.76 30.31
C LYS VA 493 -128.43 -9.39 31.20
N THR VA 494 -128.88 -10.28 32.08
CA THR VA 494 -130.04 -9.98 32.91
C THR VA 494 -129.74 -8.92 33.98
N ASP VA 495 -128.47 -8.74 34.35
CA ASP VA 495 -128.11 -7.75 35.36
C ASP VA 495 -127.85 -6.37 34.79
N ASN VA 496 -127.98 -6.20 33.48
CA ASN VA 496 -127.78 -4.90 32.86
C ASN VA 496 -129.10 -4.15 32.79
N ASN VA 497 -128.99 -2.82 32.78
CA ASN VA 497 -130.17 -1.97 32.69
C ASN VA 497 -130.90 -2.19 31.37
N ASN VA 498 -132.23 -2.08 31.41
CA ASN VA 498 -133.03 -2.27 30.21
C ASN VA 498 -133.09 -0.97 29.41
N SER VA 499 -132.00 -0.71 28.72
CA SER VA 499 -131.88 0.41 27.80
C SER VA 499 -130.67 0.17 26.93
N ASN VA 500 -130.48 1.03 25.93
CA ASN VA 500 -129.32 0.86 25.06
C ASN VA 500 -128.06 1.37 25.73
N PHE VA 501 -127.98 2.67 25.98
CA PHE VA 501 -126.95 3.32 26.80
C PHE VA 501 -125.52 2.97 26.37
N THR VA 502 -125.36 2.36 25.19
CA THR VA 502 -124.01 2.17 24.65
C THR VA 502 -123.44 3.45 24.07
N TRP VA 503 -124.27 4.42 23.76
CA TRP VA 503 -123.80 5.73 23.34
C TRP VA 503 -124.15 6.82 24.33
N THR VA 504 -125.35 6.80 24.91
CA THR VA 504 -125.72 7.85 25.85
C THR VA 504 -125.01 7.72 27.19
N GLY VA 505 -124.66 6.51 27.60
CA GLY VA 505 -124.05 6.31 28.90
C GLY VA 505 -122.58 5.98 28.85
N ALA VA 506 -121.91 6.35 27.77
CA ALA VA 506 -120.54 5.94 27.54
C ALA VA 506 -119.56 7.11 27.70
N SER VA 507 -118.35 6.77 28.11
CA SER VA 507 -117.28 7.75 28.21
C SER VA 507 -116.81 8.12 26.82
N LYS VA 508 -116.91 9.41 26.48
CA LYS VA 508 -116.51 9.86 25.15
C LYS VA 508 -115.86 11.22 25.28
N TYR VA 509 -115.12 11.60 24.24
CA TYR VA 509 -114.44 12.88 24.25
C TYR VA 509 -114.97 13.76 23.12
N ASN VA 510 -114.84 15.06 23.33
CA ASN VA 510 -115.33 16.07 22.41
C ASN VA 510 -114.15 16.64 21.64
N LEU VA 511 -114.24 16.63 20.31
CA LEU VA 511 -113.18 17.17 19.46
C LEU VA 511 -113.80 17.86 18.26
N ASN VA 512 -113.66 19.18 18.19
CA ASN VA 512 -114.19 19.98 17.09
C ASN VA 512 -115.70 19.80 16.94
N GLY VA 513 -116.38 19.62 18.07
CA GLY VA 513 -117.82 19.56 18.09
C GLY VA 513 -118.42 18.19 17.89
N ARG VA 514 -117.63 17.17 17.61
CA ARG VA 514 -118.15 15.82 17.44
C ARG VA 514 -117.52 14.87 18.44
N GLU VA 515 -118.34 13.99 18.99
CA GLU VA 515 -117.97 13.12 20.09
C GLU VA 515 -117.42 11.80 19.55
N SER VA 516 -116.47 11.24 20.30
CA SER VA 516 -115.84 9.99 19.94
C SER VA 516 -115.71 9.14 21.20
N ILE VA 517 -116.13 7.87 21.10
CA ILE VA 517 -115.99 6.96 22.23
C ILE VA 517 -114.50 6.78 22.53
N ILE VA 518 -114.16 6.69 23.81
CA ILE VA 518 -112.76 6.58 24.20
C ILE VA 518 -112.18 5.28 23.66
N ASN VA 519 -112.66 4.13 24.15
CA ASN VA 519 -112.42 2.83 23.52
C ASN VA 519 -110.98 2.57 23.09
N PRO VA 520 -110.09 2.13 23.99
CA PRO VA 520 -110.33 1.74 25.37
C PRO VA 520 -109.77 2.73 26.39
N GLY VA 521 -108.97 3.68 25.92
CA GLY VA 521 -108.51 4.74 26.79
C GLY VA 521 -107.48 4.27 27.79
N THR VA 522 -107.57 4.81 29.00
CA THR VA 522 -106.56 4.57 30.02
C THR VA 522 -106.47 3.09 30.35
N ALA VA 523 -105.25 2.64 30.62
CA ALA VA 523 -105.00 1.24 30.97
C ALA VA 523 -105.42 1.04 32.41
N MET VA 524 -106.58 0.41 32.61
CA MET VA 524 -107.12 0.17 33.93
C MET VA 524 -107.57 -1.28 34.04
N ALA VA 525 -107.69 -1.74 35.28
CA ALA VA 525 -108.17 -3.09 35.53
C ALA VA 525 -109.62 -3.25 35.07
N SER VA 526 -109.91 -4.37 34.42
CA SER VA 526 -111.25 -4.61 33.91
C SER VA 526 -112.27 -4.71 35.03
N HIS VA 527 -111.92 -5.36 36.13
CA HIS VA 527 -112.84 -5.57 37.23
C HIS VA 527 -112.03 -5.73 38.50
N LYS VA 528 -112.74 -5.93 39.61
CA LYS VA 528 -112.12 -6.21 40.90
C LYS VA 528 -111.93 -7.71 41.08
N ASP VA 529 -111.57 -8.11 42.29
CA ASP VA 529 -111.54 -9.52 42.64
C ASP VA 529 -112.96 -10.06 42.74
N ASP VA 530 -113.14 -11.30 42.28
CA ASP VA 530 -114.43 -11.99 42.36
C ASP VA 530 -115.52 -11.25 41.61
N GLU VA 531 -115.16 -10.57 40.53
CA GLU VA 531 -116.10 -9.76 39.76
C GLU VA 531 -115.84 -9.93 38.27
N ASP VA 532 -115.46 -11.14 37.85
CA ASP VA 532 -115.14 -11.40 36.46
C ASP VA 532 -116.33 -11.25 35.53
N LYS VA 533 -117.54 -11.21 36.06
CA LYS VA 533 -118.75 -11.05 35.27
C LYS VA 533 -118.93 -9.65 34.71
N PHE VA 534 -118.13 -8.68 35.15
CA PHE VA 534 -118.26 -7.30 34.73
C PHE VA 534 -117.07 -6.89 33.88
N PHE VA 535 -117.33 -6.06 32.88
CA PHE VA 535 -116.28 -5.44 32.09
C PHE VA 535 -116.66 -4.00 31.80
N PRO VA 536 -115.67 -3.12 31.62
CA PRO VA 536 -115.99 -1.75 31.22
C PRO VA 536 -116.59 -1.73 29.82
N MET VA 537 -117.53 -0.81 29.61
CA MET VA 537 -118.33 -0.85 28.39
C MET VA 537 -117.47 -0.69 27.15
N SER VA 538 -116.49 0.20 27.19
CA SER VA 538 -115.56 0.39 26.08
C SER VA 538 -114.14 0.48 26.59
N GLY VA 539 -113.79 -0.39 27.53
CA GLY VA 539 -112.47 -0.33 28.13
C GLY VA 539 -111.64 -1.56 27.86
N VAL VA 540 -112.15 -2.48 27.06
CA VAL VA 540 -111.50 -3.75 26.82
C VAL VA 540 -111.36 -3.97 25.32
N MET VA 541 -110.31 -4.67 24.94
CA MET VA 541 -110.13 -5.09 23.56
C MET VA 541 -110.96 -6.34 23.30
N ILE VA 542 -111.83 -6.28 22.31
CA ILE VA 542 -112.73 -7.38 22.00
C ILE VA 542 -112.36 -7.91 20.63
N PHE VA 543 -111.96 -9.17 20.57
CA PHE VA 543 -111.66 -9.85 19.33
C PHE VA 543 -112.83 -10.73 18.95
N GLY VA 544 -113.15 -10.76 17.67
CA GLY VA 544 -114.21 -11.62 17.17
C GLY VA 544 -113.67 -13.00 16.80
N LYS VA 545 -114.44 -14.02 17.15
CA LYS VA 545 -114.12 -15.35 16.68
C LYS VA 545 -114.51 -15.49 15.22
N GLU VA 546 -114.00 -16.54 14.58
CA GLU VA 546 -114.48 -16.86 13.26
C GLU VA 546 -115.95 -17.22 13.32
N SER VA 547 -116.68 -16.88 12.27
CA SER VA 547 -118.14 -16.94 12.26
C SER VA 547 -118.74 -15.93 13.23
N ALA VA 548 -118.17 -14.73 13.27
CA ALA VA 548 -118.76 -13.60 13.96
C ALA VA 548 -119.19 -12.57 12.92
N GLY VA 549 -120.43 -12.10 13.04
CA GLY VA 549 -120.93 -11.14 12.09
C GLY VA 549 -120.25 -9.79 12.23
N ALA VA 550 -120.49 -8.94 11.23
CA ALA VA 550 -119.91 -7.61 11.26
C ALA VA 550 -120.65 -6.70 12.23
N SER VA 551 -121.96 -6.87 12.36
CA SER VA 551 -122.78 -5.99 13.17
C SER VA 551 -123.70 -6.79 14.08
N ASN VA 552 -123.78 -6.38 15.34
CA ASN VA 552 -124.71 -6.95 16.32
C ASN VA 552 -124.52 -8.46 16.46
N THR VA 553 -123.27 -8.91 16.48
CA THR VA 553 -122.98 -10.30 16.76
C THR VA 553 -123.13 -10.57 18.25
N ALA VA 554 -122.91 -11.82 18.65
CA ALA VA 554 -123.22 -12.24 20.00
C ALA VA 554 -121.97 -12.30 20.89
N LEU VA 555 -122.24 -12.21 22.20
CA LEU VA 555 -121.19 -12.39 23.19
C LEU VA 555 -120.52 -13.75 23.03
N ASP VA 556 -121.25 -14.73 22.53
CA ASP VA 556 -120.66 -16.03 22.25
C ASP VA 556 -119.71 -15.96 21.06
N ASN VA 557 -119.92 -15.00 20.17
CA ASN VA 557 -119.08 -14.88 18.99
C ASN VA 557 -117.91 -13.94 19.18
N VAL VA 558 -117.88 -13.18 20.27
CA VAL VA 558 -116.73 -12.31 20.54
C VAL VA 558 -115.94 -12.85 21.72
N MET VA 559 -114.66 -12.46 21.77
CA MET VA 559 -113.76 -12.77 22.88
C MET VA 559 -113.36 -11.47 23.57
N ILE VA 560 -113.78 -11.30 24.81
CA ILE VA 560 -113.48 -10.11 25.58
C ILE VA 560 -112.20 -10.34 26.37
N THR VA 561 -111.25 -9.43 26.25
CA THR VA 561 -110.01 -9.55 27.00
C THR VA 561 -110.20 -9.11 28.44
N ASP VA 562 -109.20 -9.42 29.27
CA ASP VA 562 -109.21 -9.05 30.68
C ASP VA 562 -107.88 -8.41 31.02
N GLU VA 563 -107.92 -7.38 31.85
CA GLU VA 563 -106.73 -6.69 32.34
C GLU VA 563 -106.58 -6.89 33.84
N GLU VA 564 -106.75 -8.15 34.28
CA GLU VA 564 -106.81 -8.42 35.70
C GLU VA 564 -105.43 -8.35 36.35
N GLU VA 565 -104.37 -8.41 35.55
CA GLU VA 565 -103.02 -8.48 36.11
C GLU VA 565 -102.50 -7.14 36.58
N ILE VA 566 -103.12 -6.04 36.17
CA ILE VA 566 -102.61 -4.72 36.50
C ILE VA 566 -103.43 -4.07 37.60
N LYS VA 567 -104.17 -4.87 38.38
CA LYS VA 567 -104.83 -4.37 39.58
C LYS VA 567 -103.83 -3.91 40.62
N ALA VA 568 -102.57 -4.35 40.54
CA ALA VA 568 -101.59 -4.01 41.55
C ALA VA 568 -101.23 -2.53 41.52
N THR VA 569 -101.33 -1.89 40.37
CA THR VA 569 -100.92 -0.49 40.22
C THR VA 569 -101.96 0.40 39.56
N ASN VA 570 -102.94 -0.15 38.87
CA ASN VA 570 -103.89 0.65 38.11
C ASN VA 570 -105.27 0.61 38.75
N PRO VA 571 -106.01 1.71 38.70
CA PRO VA 571 -107.39 1.68 39.21
C PRO VA 571 -108.27 0.79 38.35
N VAL VA 572 -109.33 0.29 38.98
CA VAL VA 572 -110.31 -0.49 38.24
C VAL VA 572 -111.11 0.43 37.32
N ALA VA 573 -111.31 -0.02 36.08
CA ALA VA 573 -111.85 0.84 35.03
C ALA VA 573 -113.25 1.34 35.33
N THR VA 574 -114.05 0.58 36.07
CA THR VA 574 -115.45 0.91 36.29
C THR VA 574 -115.71 1.62 37.60
N GLU VA 575 -114.68 1.93 38.38
CA GLU VA 575 -114.84 2.58 39.67
C GLU VA 575 -114.02 3.86 39.75
N ARG VA 576 -114.38 4.68 40.72
CA ARG VA 576 -113.75 5.99 40.87
C ARG VA 576 -112.28 5.83 41.24
N PHE VA 577 -111.50 6.87 40.92
CA PHE VA 577 -110.13 6.92 41.40
C PHE VA 577 -110.09 6.99 42.91
N GLY VA 578 -110.99 7.77 43.49
CA GLY VA 578 -111.03 7.93 44.93
C GLY VA 578 -111.97 9.07 45.29
N THR VA 579 -111.84 9.52 46.53
CA THR VA 579 -112.62 10.64 47.03
C THR VA 579 -111.71 11.82 47.32
N VAL VA 580 -112.30 13.00 47.33
CA VAL VA 580 -111.58 14.24 47.56
C VAL VA 580 -112.44 15.13 48.46
N ALA VA 581 -111.79 15.89 49.33
CA ALA VA 581 -112.51 16.86 50.14
C ALA VA 581 -113.03 17.98 49.26
N VAL VA 582 -114.24 18.45 49.56
CA VAL VA 582 -114.89 19.46 48.72
C VAL VA 582 -115.35 20.67 49.50
N ASN VA 583 -115.09 20.75 50.80
CA ASN VA 583 -115.52 21.89 51.59
C ASN VA 583 -114.57 22.06 52.77
N PHE VA 584 -114.90 22.99 53.65
CA PHE VA 584 -114.20 23.19 54.92
C PHE VA 584 -115.10 22.72 56.05
N GLN VA 585 -114.63 21.75 56.83
CA GLN VA 585 -115.36 21.34 58.02
C GLN VA 585 -115.14 22.35 59.13
N SER VA 586 -116.19 22.57 59.91
CA SER VA 586 -116.11 23.53 61.01
C SER VA 586 -117.17 23.15 62.04
N SER VA 587 -117.00 23.71 63.24
CA SER VA 587 -117.96 23.54 64.32
C SER VA 587 -118.88 24.77 64.39
N SER VA 588 -120.00 24.59 65.08
CA SER VA 588 -120.93 25.69 65.28
C SER VA 588 -120.34 26.73 66.22
N THR VA 589 -120.70 27.99 65.99
CA THR VA 589 -120.22 29.08 66.82
C THR VA 589 -121.33 30.08 67.11
N VAL VA 592 -120.79 32.11 64.32
CA VAL VA 592 -121.30 31.50 63.10
C VAL VA 592 -121.99 30.19 63.43
N PRO VA 593 -123.26 30.26 63.84
CA PRO VA 593 -123.95 29.04 64.28
C PRO VA 593 -124.45 28.19 63.12
N PHE VA 594 -123.61 27.99 62.12
CA PHE VA 594 -123.91 27.14 60.97
C PHE VA 594 -122.80 26.10 60.88
N LYS VA 595 -122.97 24.99 61.60
CA LYS VA 595 -122.01 23.90 61.57
C LYS VA 595 -121.88 23.31 60.17
N THR VA 596 -120.65 23.06 59.75
CA THR VA 596 -120.37 22.50 58.42
C THR VA 596 -119.76 21.11 58.59
N ASP VA 597 -120.50 20.09 58.19
CA ASP VA 597 -119.95 18.74 58.17
C ASP VA 597 -118.94 18.61 57.04
N PRO VA 598 -117.88 17.82 57.24
CA PRO VA 598 -116.96 17.56 56.13
C PRO VA 598 -117.66 16.81 55.01
N ALA VA 599 -117.27 17.12 53.78
CA ALA VA 599 -117.91 16.56 52.60
C ALA VA 599 -116.86 16.10 51.61
N THR VA 600 -117.07 14.92 51.05
CA THR VA 600 -116.19 14.35 50.04
C THR VA 600 -116.98 14.12 48.75
N GLY VA 601 -116.26 14.13 47.64
CA GLY VA 601 -116.84 13.82 46.36
C GLY VA 601 -115.99 12.80 45.64
N ASP VA 602 -116.66 11.98 44.84
CA ASP VA 602 -115.98 10.94 44.07
C ASP VA 602 -115.21 11.56 42.90
N VAL VA 603 -114.01 11.04 42.68
CA VAL VA 603 -113.14 11.50 41.60
C VAL VA 603 -113.22 10.45 40.49
N HIS VA 604 -113.87 10.80 39.39
CA HIS VA 604 -114.15 9.84 38.33
C HIS VA 604 -113.10 9.88 37.22
N ALA VA 605 -112.57 11.06 36.92
CA ALA VA 605 -111.47 11.21 35.97
C ALA VA 605 -110.33 11.92 36.67
N MET VA 606 -109.17 11.28 36.71
CA MET VA 606 -108.00 11.80 37.39
C MET VA 606 -106.85 11.85 36.40
N GLY VA 607 -106.30 13.03 36.19
CA GLY VA 607 -105.11 13.17 35.38
C GLY VA 607 -103.86 12.82 36.15
N ALA VA 608 -102.73 12.93 35.47
CA ALA VA 608 -101.46 12.52 36.07
C ALA VA 608 -101.08 13.44 37.22
N LEU VA 609 -100.84 12.85 38.38
CA LEU VA 609 -100.28 13.49 39.56
C LEU VA 609 -98.86 13.00 39.78
N PRO VA 610 -97.96 13.84 40.28
CA PRO VA 610 -96.62 13.35 40.61
C PRO VA 610 -96.69 12.28 41.69
N GLY VA 611 -95.85 11.26 41.53
CA GLY VA 611 -95.91 10.08 42.37
C GLY VA 611 -96.77 8.97 41.83
N MET VA 612 -97.48 9.20 40.73
CA MET VA 612 -98.30 8.16 40.12
C MET VA 612 -97.45 7.13 39.41
N VAL VA 613 -97.85 5.87 39.52
CA VAL VA 613 -97.21 4.77 38.80
C VAL VA 613 -98.31 3.90 38.20
N TRP VA 614 -98.05 3.37 37.02
CA TRP VA 614 -99.06 2.58 36.32
C TRP VA 614 -98.39 1.60 35.38
N GLN VA 615 -99.17 0.62 34.94
CA GLN VA 615 -98.78 -0.28 33.87
C GLN VA 615 -99.57 0.05 32.61
N ASP VA 616 -98.96 -0.25 31.47
CA ASP VA 616 -99.63 -0.05 30.19
C ASP VA 616 -100.53 -1.24 29.88
N ARG VA 617 -101.30 -1.11 28.80
CA ARG VA 617 -102.15 -2.20 28.38
C ARG VA 617 -101.32 -3.38 27.89
N ASP VA 618 -101.87 -4.58 28.04
CA ASP VA 618 -101.20 -5.78 27.57
C ASP VA 618 -101.30 -5.90 26.05
N VAL VA 619 -100.35 -6.62 25.48
CA VAL VA 619 -100.41 -6.97 24.07
C VAL VA 619 -100.88 -8.41 23.96
N TYR VA 620 -101.51 -8.73 22.84
CA TYR VA 620 -102.08 -10.05 22.61
C TYR VA 620 -101.56 -10.61 21.31
N LEU VA 621 -101.63 -11.93 21.18
CA LEU VA 621 -101.19 -12.57 19.94
C LEU VA 621 -102.01 -12.08 18.75
N GLN VA 622 -103.28 -11.76 18.95
CA GLN VA 622 -104.14 -11.25 17.90
C GLN VA 622 -104.13 -9.73 17.80
N GLY VA 623 -103.37 -9.04 18.64
CA GLY VA 623 -103.44 -7.60 18.72
C GLY VA 623 -102.36 -6.88 17.96
N PRO VA 624 -102.44 -5.56 17.92
CA PRO VA 624 -101.44 -4.77 17.18
C PRO VA 624 -100.09 -4.75 17.88
N ILE VA 625 -99.05 -4.54 17.08
CA ILE VA 625 -97.68 -4.47 17.57
C ILE VA 625 -97.28 -3.03 17.89
N TRP VA 626 -97.45 -2.12 16.93
CA TRP VA 626 -96.96 -0.77 17.06
C TRP VA 626 -98.02 0.22 16.62
N ALA VA 627 -97.70 1.50 16.84
CA ALA VA 627 -98.51 2.60 16.34
C ALA VA 627 -97.59 3.79 16.14
N LYS VA 628 -97.86 4.58 15.10
CA LYS VA 628 -97.14 5.82 14.90
C LYS VA 628 -97.59 6.86 15.91
N ILE VA 629 -96.64 7.45 16.62
CA ILE VA 629 -96.95 8.55 17.51
C ILE VA 629 -97.22 9.80 16.69
N PRO VA 630 -98.35 10.48 16.90
CA PRO VA 630 -98.65 11.67 16.10
C PRO VA 630 -97.58 12.73 16.24
N HIS VA 631 -97.28 13.39 15.13
CA HIS VA 631 -96.26 14.44 15.11
C HIS VA 631 -96.90 15.72 15.65
N THR VA 632 -96.87 15.86 16.96
CA THR VA 632 -97.45 16.99 17.67
C THR VA 632 -96.38 17.66 18.53
N ASP VA 633 -96.72 18.85 19.03
CA ASP VA 633 -95.81 19.55 19.93
C ASP VA 633 -95.62 18.81 21.23
N GLY VA 634 -96.71 18.28 21.80
CA GLY VA 634 -96.62 17.59 23.07
C GLY VA 634 -97.38 16.28 23.02
N HIS VA 635 -96.91 15.35 23.84
CA HIS VA 635 -97.60 14.10 24.08
C HIS VA 635 -97.13 13.56 25.42
N PHE VA 636 -98.05 12.95 26.16
CA PHE VA 636 -97.75 12.43 27.48
C PHE VA 636 -97.76 10.91 27.42
N HIS VA 637 -96.60 10.29 27.70
CA HIS VA 637 -96.44 8.85 27.73
C HIS VA 637 -96.95 8.23 26.45
N PRO VA 638 -96.27 8.42 25.33
CA PRO VA 638 -96.84 8.07 24.01
C PRO VA 638 -96.85 6.56 23.75
N SER VA 639 -97.52 5.84 24.62
CA SER VA 639 -97.78 4.42 24.44
C SER VA 639 -99.19 4.24 23.90
N PRO VA 640 -99.38 3.52 22.80
CA PRO VA 640 -100.70 3.43 22.19
C PRO VA 640 -101.71 2.84 23.14
N LEU VA 641 -102.95 3.35 23.07
CA LEU VA 641 -103.96 2.94 24.03
C LEU VA 641 -104.51 1.55 23.71
N MET VA 642 -104.39 1.10 22.47
CA MET VA 642 -104.73 -0.29 22.17
C MET VA 642 -103.65 -1.26 22.63
N GLY VA 643 -102.49 -0.79 23.00
CA GLY VA 643 -101.39 -1.63 23.41
C GLY VA 643 -100.34 -1.73 22.33
N GLY VA 644 -99.10 -1.91 22.75
CA GLY VA 644 -98.01 -2.02 21.80
C GLY VA 644 -96.95 -0.98 21.98
N PHE VA 645 -96.14 -0.78 20.95
CA PHE VA 645 -95.02 0.14 20.97
C PHE VA 645 -95.39 1.39 20.17
N GLY VA 646 -95.27 2.54 20.80
CA GLY VA 646 -95.43 3.79 20.09
C GLY VA 646 -94.11 4.19 19.49
N LEU VA 647 -94.06 4.37 18.17
CA LEU VA 647 -92.84 4.70 17.46
C LEU VA 647 -93.01 6.03 16.77
N LYS VA 648 -92.02 6.92 16.91
CA LYS VA 648 -92.03 8.16 16.16
C LYS VA 648 -91.84 7.90 14.67
N ASN VA 649 -90.91 7.01 14.33
CA ASN VA 649 -90.70 6.54 12.97
C ASN VA 649 -91.06 5.07 12.94
N PRO VA 650 -92.32 4.71 12.74
CA PRO VA 650 -92.70 3.30 12.72
C PRO VA 650 -92.25 2.64 11.44
N PRO VA 651 -92.45 1.33 11.29
CA PRO VA 651 -92.22 0.70 10.00
C PRO VA 651 -93.05 1.36 8.93
N PRO VA 652 -92.44 1.79 7.83
CA PRO VA 652 -93.18 2.54 6.82
C PRO VA 652 -94.18 1.67 6.07
N GLN VA 653 -95.15 2.35 5.46
CA GLN VA 653 -96.15 1.67 4.67
C GLN VA 653 -95.56 1.24 3.34
N ILE VA 654 -95.78 -0.01 2.97
CA ILE VA 654 -95.43 -0.53 1.66
C ILE VA 654 -96.69 -0.53 0.82
N LEU VA 655 -96.66 0.24 -0.27
CA LEU VA 655 -97.82 0.42 -1.12
C LEU VA 655 -97.55 -0.21 -2.47
N ILE VA 656 -98.56 -0.92 -2.97
CA ILE VA 656 -98.41 -1.76 -4.15
C ILE VA 656 -99.66 -1.59 -5.01
N LYS VA 657 -99.47 -1.54 -6.32
CA LYS VA 657 -100.62 -1.56 -7.20
C LYS VA 657 -100.23 -2.15 -8.54
N ASN VA 658 -101.22 -2.60 -9.28
CA ASN VA 658 -100.99 -3.09 -10.63
C ASN VA 658 -100.90 -1.91 -11.57
N THR VA 659 -99.87 -1.89 -12.41
CA THR VA 659 -99.78 -0.84 -13.41
C THR VA 659 -100.91 -1.00 -14.41
N PRO VA 660 -101.68 0.05 -14.70
CA PRO VA 660 -102.79 -0.09 -15.64
C PRO VA 660 -102.29 -0.44 -17.04
N VAL VA 661 -102.99 -1.36 -17.69
CA VAL VA 661 -102.73 -1.74 -19.07
C VAL VA 661 -103.94 -1.32 -19.89
N PRO VA 662 -103.83 -0.30 -20.74
CA PRO VA 662 -104.98 0.14 -21.52
C PRO VA 662 -105.43 -0.90 -22.53
N ALA VA 663 -106.72 -0.89 -22.82
CA ALA VA 663 -107.26 -1.72 -23.88
C ALA VA 663 -107.00 -1.06 -25.22
N ASN VA 664 -107.64 -1.56 -26.26
CA ASN VA 664 -107.39 -1.10 -27.62
C ASN VA 664 -107.78 0.37 -27.77
N PRO VA 665 -106.86 1.26 -28.13
CA PRO VA 665 -107.22 2.67 -28.30
C PRO VA 665 -107.94 2.89 -29.62
N PRO VA 666 -108.64 4.01 -29.77
CA PRO VA 666 -109.30 4.29 -31.05
C PRO VA 666 -108.31 4.57 -32.15
N ALA VA 667 -108.79 4.44 -33.40
CA ALA VA 667 -107.94 4.72 -34.56
C ALA VA 667 -107.57 6.19 -34.65
N GLU VA 668 -108.51 7.08 -34.34
CA GLU VA 668 -108.27 8.51 -34.30
C GLU VA 668 -107.93 8.95 -32.87
N PHE VA 669 -107.14 10.02 -32.78
CA PHE VA 669 -106.68 10.50 -31.49
C PHE VA 669 -107.82 11.14 -30.70
N SER VA 670 -107.85 10.86 -29.40
CA SER VA 670 -108.79 11.47 -28.48
C SER VA 670 -108.04 11.90 -27.23
N ALA VA 671 -108.21 13.14 -26.81
CA ALA VA 671 -107.54 13.64 -25.64
C ALA VA 671 -108.23 13.24 -24.34
N THR VA 672 -109.44 12.70 -24.43
CA THR VA 672 -110.11 12.18 -23.25
C THR VA 672 -109.28 11.07 -22.63
N LYS VA 673 -109.12 11.13 -21.31
CA LYS VA 673 -108.26 10.16 -20.64
C LYS VA 673 -108.83 8.75 -20.77
N PHE VA 674 -107.94 7.77 -20.76
CA PHE VA 674 -108.33 6.40 -20.97
C PHE VA 674 -109.23 5.92 -19.84
N ALA VA 675 -110.29 5.21 -20.20
CA ALA VA 675 -111.19 4.60 -19.24
C ALA VA 675 -111.34 3.11 -19.47
N SER VA 676 -110.88 2.58 -20.59
CA SER VA 676 -110.97 1.17 -20.91
C SER VA 676 -109.61 0.54 -20.64
N PHE VA 677 -109.57 -0.39 -19.69
CA PHE VA 677 -108.34 -1.05 -19.29
C PHE VA 677 -108.50 -2.55 -19.38
N ILE VA 678 -107.37 -3.22 -19.56
CA ILE VA 678 -107.32 -4.66 -19.53
C ILE VA 678 -107.43 -5.10 -18.08
N THR VA 679 -108.40 -5.95 -17.78
CA THR VA 679 -108.69 -6.35 -16.41
C THR VA 679 -107.65 -7.35 -15.94
N GLN VA 680 -106.96 -7.04 -14.85
CA GLN VA 680 -105.94 -7.95 -14.37
C GLN VA 680 -105.74 -7.79 -12.87
N TYR VA 681 -105.13 -8.81 -12.28
CA TYR VA 681 -104.74 -8.80 -10.88
C TYR VA 681 -103.34 -9.36 -10.79
N SER VA 682 -102.80 -9.40 -9.58
CA SER VA 682 -101.47 -9.97 -9.38
C SER VA 682 -101.47 -10.82 -8.12
N THR VA 683 -100.53 -11.75 -8.08
CA THR VA 683 -100.35 -12.62 -6.94
C THR VA 683 -98.86 -12.73 -6.67
N GLY VA 684 -98.52 -13.13 -5.46
CA GLY VA 684 -97.11 -13.28 -5.15
C GLY VA 684 -96.90 -13.72 -3.73
N GLN VA 685 -95.64 -13.68 -3.32
CA GLN VA 685 -95.24 -14.07 -1.97
C GLN VA 685 -94.60 -12.88 -1.27
N VAL VA 686 -94.88 -12.76 0.01
CA VAL VA 686 -94.34 -11.69 0.85
C VAL VA 686 -93.68 -12.32 2.06
N SER VA 687 -92.49 -11.88 2.39
CA SER VA 687 -91.74 -12.34 3.55
C SER VA 687 -91.47 -11.16 4.48
N VAL VA 688 -91.72 -11.35 5.77
CA VAL VA 688 -91.37 -10.38 6.80
C VAL VA 688 -90.56 -11.11 7.85
N GLU VA 689 -89.39 -10.56 8.18
CA GLU VA 689 -88.52 -11.11 9.20
C GLU VA 689 -88.28 -10.03 10.24
N ILE VA 690 -88.65 -10.29 11.49
CA ILE VA 690 -88.42 -9.36 12.59
C ILE VA 690 -87.49 -10.00 13.61
N GLU VA 691 -86.43 -9.29 13.95
CA GLU VA 691 -85.61 -9.59 15.11
C GLU VA 691 -86.15 -8.84 16.31
N TRP VA 692 -86.39 -9.57 17.39
CA TRP VA 692 -86.87 -9.05 18.67
C TRP VA 692 -85.82 -9.29 19.75
N GLU VA 693 -85.60 -8.28 20.56
CA GLU VA 693 -84.78 -8.39 21.75
C GLU VA 693 -85.62 -8.82 22.93
N LEU VA 694 -85.10 -9.79 23.69
CA LEU VA 694 -85.76 -10.36 24.84
C LEU VA 694 -85.12 -9.82 26.12
N GLN VA 695 -85.93 -9.80 27.17
CA GLN VA 695 -85.49 -9.41 28.51
C GLN VA 695 -85.88 -10.57 29.41
N LYS VA 696 -84.87 -11.35 29.79
CA LYS VA 696 -85.08 -12.60 30.51
C LYS VA 696 -85.48 -12.34 31.95
N GLU VA 697 -86.26 -13.26 32.50
CA GLU VA 697 -86.58 -13.23 33.92
C GLU VA 697 -85.31 -13.50 34.72
N ASN VA 698 -85.20 -12.86 35.88
CA ASN VA 698 -84.11 -13.09 36.82
C ASN VA 698 -84.67 -13.32 38.22
N SER VA 699 -85.77 -14.06 38.32
CA SER VA 699 -86.56 -14.10 39.53
C SER VA 699 -85.93 -15.01 40.58
N LYS VA 700 -86.13 -14.65 41.84
CA LYS VA 700 -85.74 -15.47 42.97
C LYS VA 700 -86.95 -16.08 43.67
N ARG VA 701 -88.10 -16.05 43.01
CA ARG VA 701 -89.32 -16.62 43.56
C ARG VA 701 -89.17 -18.12 43.76
N TRP VA 702 -89.69 -18.61 44.88
CA TRP VA 702 -89.52 -20.01 45.24
C TRP VA 702 -90.61 -20.90 44.64
N ASN VA 703 -91.87 -20.53 44.83
CA ASN VA 703 -92.96 -21.34 44.34
C ASN VA 703 -93.08 -21.22 42.82
N PRO VA 704 -93.70 -22.19 42.17
CA PRO VA 704 -93.81 -22.15 40.70
C PRO VA 704 -94.70 -21.01 40.23
N GLU VA 705 -94.39 -20.52 39.04
CA GLU VA 705 -95.10 -19.41 38.42
C GLU VA 705 -96.35 -19.89 37.69
N VAL VA 706 -97.23 -18.95 37.41
CA VAL VA 706 -98.36 -19.20 36.53
C VAL VA 706 -97.87 -19.14 35.09
N GLN VA 707 -98.21 -20.16 34.31
CA GLN VA 707 -97.79 -20.25 32.92
C GLN VA 707 -99.03 -20.38 32.05
N TYR VA 708 -98.92 -19.92 30.80
CA TYR VA 708 -99.94 -20.23 29.82
C TYR VA 708 -99.77 -21.67 29.36
N THR VA 709 -100.83 -22.44 29.43
CA THR VA 709 -100.74 -23.86 29.10
C THR VA 709 -101.94 -24.27 28.25
N SER VA 710 -101.73 -25.30 27.44
CA SER VA 710 -102.82 -26.00 26.81
C SER VA 710 -103.56 -26.83 27.85
N ASN VA 711 -104.87 -26.98 27.65
CA ASN VA 711 -105.65 -27.83 28.52
C ASN VA 711 -105.47 -29.28 28.10
N TYR VA 712 -105.14 -30.13 29.06
CA TYR VA 712 -105.05 -31.57 28.82
C TYR VA 712 -106.43 -32.15 29.09
N ALA VA 713 -107.09 -32.60 28.03
CA ALA VA 713 -108.41 -33.21 28.15
C ALA VA 713 -108.82 -33.69 26.76
N LYS VA 714 -109.62 -34.74 26.73
CA LYS VA 714 -110.18 -35.17 25.46
C LYS VA 714 -111.11 -34.08 24.94
N SER VA 715 -110.79 -33.57 23.76
CA SER VA 715 -111.57 -32.52 23.13
C SER VA 715 -111.79 -32.89 21.67
N ALA VA 716 -112.89 -32.41 21.12
CA ALA VA 716 -113.20 -32.72 19.72
C ALA VA 716 -112.15 -32.13 18.79
N ASN VA 717 -111.56 -31.00 19.16
CA ASN VA 717 -110.54 -30.34 18.36
C ASN VA 717 -109.35 -29.99 19.24
N VAL VA 718 -108.24 -29.67 18.60
CA VAL VA 718 -107.07 -29.12 19.26
C VAL VA 718 -107.12 -27.61 19.12
N ASP VA 719 -106.76 -26.90 20.18
CA ASP VA 719 -106.77 -25.43 20.15
C ASP VA 719 -105.70 -24.91 19.20
N PHE VA 720 -106.03 -23.80 18.52
CA PHE VA 720 -105.13 -23.16 17.56
C PHE VA 720 -104.76 -24.10 16.42
N THR VA 721 -105.75 -24.79 15.89
CA THR VA 721 -105.55 -25.68 14.75
C THR VA 721 -106.64 -25.47 13.72
N VAL VA 722 -106.69 -26.32 12.72
CA VAL VA 722 -107.74 -26.30 11.71
C VAL VA 722 -108.79 -27.32 12.11
N ASP VA 723 -110.01 -27.14 11.60
CA ASP VA 723 -111.07 -28.10 11.80
C ASP VA 723 -111.12 -29.05 10.61
N ASN VA 724 -112.16 -29.88 10.54
CA ASN VA 724 -112.30 -30.80 9.41
C ASN VA 724 -112.61 -30.07 8.11
N ASN VA 725 -113.03 -28.81 8.17
CA ASN VA 725 -113.27 -28.02 6.97
C ASN VA 725 -112.06 -27.22 6.53
N GLY VA 726 -110.98 -27.23 7.31
CA GLY VA 726 -109.79 -26.50 6.96
C GLY VA 726 -109.72 -25.08 7.47
N LEU VA 727 -110.54 -24.71 8.43
CA LEU VA 727 -110.62 -23.34 8.92
C LEU VA 727 -109.78 -23.20 10.18
N TYR VA 728 -108.76 -22.37 10.11
CA TYR VA 728 -107.93 -22.07 11.28
C TYR VA 728 -108.68 -21.14 12.21
N THR VA 729 -108.71 -21.49 13.49
CA THR VA 729 -109.38 -20.70 14.51
C THR VA 729 -108.47 -20.52 15.71
N GLU VA 730 -108.63 -19.40 16.39
CA GLU VA 730 -107.95 -19.12 17.65
C GLU VA 730 -108.98 -19.09 18.77
N PRO VA 731 -108.97 -20.07 19.67
CA PRO VA 731 -110.04 -20.17 20.68
C PRO VA 731 -110.13 -19.00 21.65
N ARG VA 732 -109.01 -18.39 21.99
CA ARG VA 732 -109.00 -17.38 23.04
C ARG VA 732 -107.89 -16.39 22.73
N PRO VA 733 -107.99 -15.16 23.26
CA PRO VA 733 -106.86 -14.22 23.19
C PRO VA 733 -105.86 -14.51 24.30
N ILE VA 734 -104.58 -14.53 23.94
CA ILE VA 734 -103.50 -14.80 24.89
C ILE VA 734 -102.73 -13.51 25.12
N GLY VA 735 -102.63 -13.11 26.39
CA GLY VA 735 -101.82 -11.98 26.76
C GLY VA 735 -100.38 -12.37 26.99
N THR VA 736 -99.66 -11.52 27.73
CA THR VA 736 -98.25 -11.72 27.98
C THR VA 736 -97.90 -11.88 29.46
N ARG VA 737 -98.74 -11.39 30.36
CA ARG VA 737 -98.36 -11.22 31.76
C ARG VA 737 -98.62 -12.51 32.52
N TYR VA 738 -97.64 -13.40 32.55
CA TYR VA 738 -97.77 -14.66 33.28
C TYR VA 738 -96.70 -14.76 34.37
N LEU VA 739 -95.46 -14.50 34.01
CA LEU VA 739 -94.41 -14.39 35.02
C LEU VA 739 -94.69 -13.19 35.91
N THR VA 740 -94.06 -13.17 37.08
CA THR VA 740 -94.26 -12.08 38.02
C THR VA 740 -92.92 -11.51 38.44
N ARG VA 741 -92.97 -10.30 38.97
CA ARG VA 741 -91.80 -9.67 39.57
C ARG VA 741 -92.28 -8.76 40.68
N PRO VA 742 -91.43 -8.49 41.67
CA PRO VA 742 -91.85 -7.62 42.78
C PRO VA 742 -92.01 -6.17 42.32
N LEU VA 743 -92.95 -5.49 42.95
CA LEU VA 743 -93.31 -4.13 42.55
C LEU VA 743 -92.25 -3.12 42.97
N ASP WA 219 -83.79 -6.39 -22.15
CA ASP WA 219 -83.22 -7.11 -21.02
C ASP WA 219 -84.04 -8.33 -20.64
N GLY WA 220 -85.08 -8.61 -21.42
CA GLY WA 220 -85.87 -9.82 -21.25
C GLY WA 220 -87.36 -9.51 -21.13
N VAL WA 221 -88.14 -10.58 -21.28
CA VAL WA 221 -89.59 -10.48 -21.17
C VAL WA 221 -90.01 -10.24 -19.72
N GLY WA 222 -89.38 -10.91 -18.77
CA GLY WA 222 -89.82 -10.86 -17.39
C GLY WA 222 -89.05 -9.90 -16.50
N ASN WA 223 -88.34 -8.96 -17.11
CA ASN WA 223 -87.55 -7.99 -16.38
C ASN WA 223 -87.99 -6.60 -16.80
N ALA WA 224 -88.35 -5.77 -15.83
CA ALA WA 224 -88.77 -4.41 -16.12
C ALA WA 224 -87.58 -3.57 -16.55
N SER WA 225 -87.78 -2.73 -17.57
CA SER WA 225 -86.70 -1.91 -18.11
C SER WA 225 -86.67 -0.51 -17.52
N GLY WA 226 -87.49 -0.22 -16.54
CA GLY WA 226 -87.42 1.08 -15.88
C GLY WA 226 -88.34 1.11 -14.69
N ASN WA 227 -88.17 2.15 -13.89
CA ASN WA 227 -88.94 2.36 -12.68
C ASN WA 227 -89.76 3.63 -12.80
N TRP WA 228 -90.73 3.77 -11.91
CA TRP WA 228 -91.57 4.96 -11.86
C TRP WA 228 -90.82 6.07 -11.14
N HIS WA 229 -90.48 7.11 -11.86
CA HIS WA 229 -89.75 8.26 -11.31
C HIS WA 229 -90.64 9.49 -11.45
N CYS WA 230 -91.43 9.78 -10.43
CA CYS WA 230 -92.27 10.97 -10.41
C CYS WA 230 -92.03 11.69 -9.10
N ASP WA 231 -91.36 12.83 -9.16
CA ASP WA 231 -90.83 13.47 -7.95
C ASP WA 231 -90.57 14.93 -8.27
N SER WA 232 -90.14 15.67 -7.26
CA SER WA 232 -89.70 17.05 -7.43
C SER WA 232 -88.71 17.36 -6.32
N THR WA 233 -87.49 17.69 -6.68
CA THR WA 233 -86.42 17.97 -5.73
C THR WA 233 -86.06 19.45 -5.82
N TRP WA 234 -86.07 20.12 -4.69
CA TRP WA 234 -85.77 21.55 -4.63
C TRP WA 234 -84.39 21.72 -4.00
N LEU WA 235 -83.44 22.16 -4.80
CA LEU WA 235 -82.13 22.52 -4.31
C LEU WA 235 -82.13 24.03 -4.05
N GLY WA 236 -80.96 24.62 -3.79
CA GLY WA 236 -80.92 26.03 -3.49
C GLY WA 236 -81.38 26.90 -4.63
N ASP WA 237 -80.82 26.70 -5.81
CA ASP WA 237 -81.15 27.51 -6.98
C ASP WA 237 -81.67 26.69 -8.14
N ARG WA 238 -81.85 25.39 -7.98
CA ARG WA 238 -82.40 24.53 -9.00
C ARG WA 238 -83.63 23.84 -8.46
N VAL WA 239 -84.50 23.42 -9.37
CA VAL WA 239 -85.55 22.47 -9.06
C VAL WA 239 -85.56 21.42 -10.16
N ILE WA 240 -85.59 20.16 -9.79
CA ILE WA 240 -85.63 19.06 -10.73
C ILE WA 240 -86.99 18.39 -10.62
N THR WA 241 -87.75 18.41 -11.71
CA THR WA 241 -89.07 17.82 -11.77
C THR WA 241 -89.02 16.56 -12.63
N THR WA 242 -89.48 15.45 -12.09
CA THR WA 242 -89.57 14.18 -12.82
C THR WA 242 -91.03 13.77 -12.91
N SER WA 243 -91.42 13.29 -14.08
CA SER WA 243 -92.80 12.87 -14.33
C SER WA 243 -92.80 11.58 -15.12
N THR WA 244 -93.50 10.57 -14.61
CA THR WA 244 -93.74 9.33 -15.33
C THR WA 244 -95.22 9.21 -15.63
N ARG WA 245 -95.54 8.78 -16.84
CA ARG WA 245 -96.91 8.58 -17.28
C ARG WA 245 -97.00 7.28 -18.05
N THR WA 246 -98.22 6.74 -18.13
CA THR WA 246 -98.51 5.56 -18.92
C THR WA 246 -99.19 5.99 -20.21
N TRP WA 247 -98.63 5.55 -21.33
CA TRP WA 247 -99.12 5.92 -22.65
C TRP WA 247 -99.62 4.70 -23.41
N ALA WA 248 -100.58 4.95 -24.29
CA ALA WA 248 -101.07 3.99 -25.26
C ALA WA 248 -100.90 4.58 -26.66
N LEU WA 249 -100.29 3.81 -27.55
CA LEU WA 249 -100.05 4.21 -28.92
C LEU WA 249 -100.79 3.26 -29.85
N PRO WA 250 -101.75 3.74 -30.62
CA PRO WA 250 -102.42 2.86 -31.59
C PRO WA 250 -101.70 2.82 -32.92
N THR WA 251 -102.28 2.12 -33.89
CA THR WA 251 -101.82 2.19 -35.27
C THR WA 251 -102.61 3.29 -35.97
N TYR WA 252 -101.89 4.23 -36.58
CA TYR WA 252 -102.50 5.37 -37.24
C TYR WA 252 -102.46 5.16 -38.74
N ASN WA 253 -103.59 5.42 -39.41
CA ASN WA 253 -103.71 5.42 -40.86
C ASN WA 253 -103.53 4.05 -41.49
N ASN WA 254 -103.58 2.98 -40.70
CA ASN WA 254 -103.23 1.64 -41.17
C ASN WA 254 -101.82 1.62 -41.75
N HIS WA 255 -100.89 2.26 -41.05
CA HIS WA 255 -99.47 2.30 -41.41
C HIS WA 255 -99.24 3.03 -42.73
N LEU WA 256 -100.13 3.95 -43.07
CA LEU WA 256 -100.06 4.64 -44.35
C LEU WA 256 -99.74 6.12 -44.16
N TYR WA 257 -99.04 6.68 -45.13
CA TYR WA 257 -98.89 8.13 -45.26
C TYR WA 257 -100.00 8.62 -46.16
N LYS WA 258 -100.77 9.58 -45.70
CA LYS WA 258 -101.90 10.09 -46.46
C LYS WA 258 -101.73 11.58 -46.70
N GLN WA 259 -102.11 12.02 -47.90
CA GLN WA 259 -102.10 13.43 -48.24
C GLN WA 259 -103.43 14.04 -47.86
N ILE WA 260 -103.40 15.10 -47.07
CA ILE WA 260 -104.61 15.75 -46.58
C ILE WA 260 -104.63 17.18 -47.08
N SER WA 261 -105.83 17.66 -47.37
CA SER WA 261 -106.03 19.04 -47.80
C SER WA 261 -107.45 19.46 -47.45
N SER WA 262 -107.83 20.63 -47.90
CA SER WA 262 -109.15 21.19 -47.62
C SER WA 262 -110.10 21.07 -48.80
N ALA WA 263 -109.70 20.35 -49.86
CA ALA WA 263 -110.50 20.29 -51.07
C ALA WA 263 -111.85 19.63 -50.82
N SER WA 264 -111.86 18.51 -50.09
CA SER WA 264 -113.13 17.88 -49.75
C SER WA 264 -113.86 18.65 -48.67
N THR WA 265 -113.13 19.33 -47.78
CA THR WA 265 -113.77 20.10 -46.73
C THR WA 265 -114.59 21.24 -47.31
N GLY WA 266 -114.12 21.86 -48.38
CA GLY WA 266 -114.81 23.02 -48.93
C GLY WA 266 -114.77 24.22 -48.02
N ALA WA 267 -113.60 24.52 -47.45
CA ALA WA 267 -113.45 25.60 -46.50
C ALA WA 267 -113.33 26.95 -47.22
N SER WA 268 -113.28 28.01 -46.44
CA SER WA 268 -113.04 29.33 -46.98
C SER WA 268 -111.57 29.49 -47.39
N ASN WA 269 -111.29 30.57 -48.12
CA ASN WA 269 -109.93 30.80 -48.59
C ASN WA 269 -108.95 30.94 -47.43
N ASP WA 270 -109.42 31.42 -46.28
CA ASP WA 270 -108.56 31.60 -45.12
C ASP WA 270 -108.21 30.28 -44.45
N ASN WA 271 -109.00 29.24 -44.65
CA ASN WA 271 -108.83 27.97 -43.95
C ASN WA 271 -108.28 26.88 -44.85
N HIS WA 272 -107.84 27.22 -46.05
CA HIS WA 272 -107.28 26.24 -46.97
C HIS WA 272 -105.94 25.73 -46.45
N TYR WA 273 -105.67 24.45 -46.70
CA TYR WA 273 -104.40 23.87 -46.29
C TYR WA 273 -104.07 22.67 -47.16
N PHE WA 274 -102.79 22.30 -47.12
CA PHE WA 274 -102.28 21.12 -47.79
C PHE WA 274 -101.20 20.53 -46.90
N GLY WA 275 -101.24 19.22 -46.70
CA GLY WA 275 -100.24 18.61 -45.86
C GLY WA 275 -100.29 17.11 -45.91
N TYR WA 276 -99.70 16.49 -44.90
CA TYR WA 276 -99.59 15.04 -44.84
C TYR WA 276 -99.87 14.54 -43.44
N SER WA 277 -100.49 13.37 -43.38
CA SER WA 277 -100.75 12.63 -42.15
C SER WA 277 -99.85 11.42 -42.13
N THR WA 278 -99.05 11.27 -41.09
CA THR WA 278 -98.16 10.13 -41.04
C THR WA 278 -98.71 9.06 -40.11
N PRO WA 279 -98.24 7.82 -40.22
CA PRO WA 279 -98.63 6.78 -39.26
C PRO WA 279 -97.93 6.89 -37.91
N TRP WA 280 -97.12 7.90 -37.69
CA TRP WA 280 -96.37 8.06 -36.46
C TRP WA 280 -97.16 8.88 -35.45
N GLY WA 281 -96.88 8.64 -34.17
CA GLY WA 281 -97.28 9.51 -33.10
C GLY WA 281 -96.05 10.21 -32.54
N TYR WA 282 -96.29 11.22 -31.71
CA TYR WA 282 -95.19 11.96 -31.11
C TYR WA 282 -95.46 12.15 -29.63
N PHE WA 283 -94.38 12.37 -28.89
CA PHE WA 283 -94.45 12.62 -27.46
C PHE WA 283 -94.38 14.11 -27.20
N ASP WA 284 -95.33 14.60 -26.41
CA ASP WA 284 -95.45 16.01 -26.10
C ASP WA 284 -95.46 16.21 -24.59
N PHE WA 285 -94.56 17.05 -24.09
CA PHE WA 285 -94.57 17.43 -22.69
C PHE WA 285 -94.32 18.94 -22.61
N ASN WA 286 -94.98 19.70 -23.48
CA ASN WA 286 -94.80 21.12 -23.59
C ASN WA 286 -95.87 21.91 -22.85
N ARG WA 287 -96.28 21.45 -21.69
CA ARG WA 287 -97.12 22.20 -20.77
C ARG WA 287 -96.50 22.14 -19.39
N PHE WA 288 -96.75 23.18 -18.59
CA PHE WA 288 -96.09 23.26 -17.30
C PHE WA 288 -96.63 22.25 -16.30
N HIS WA 289 -97.89 21.86 -16.44
CA HIS WA 289 -98.47 20.91 -15.50
C HIS WA 289 -98.09 19.47 -15.82
N CYS WA 290 -97.41 19.22 -16.95
CA CYS WA 290 -96.80 17.91 -17.16
C CYS WA 290 -95.63 17.69 -16.22
N HIS WA 291 -95.12 18.75 -15.61
CA HIS WA 291 -93.92 18.68 -14.79
C HIS WA 291 -94.12 19.18 -13.37
N PHE WA 292 -95.00 20.16 -13.15
CA PHE WA 292 -95.22 20.74 -11.84
C PHE WA 292 -96.58 20.32 -11.32
N SER WA 293 -96.63 19.82 -10.08
CA SER WA 293 -97.88 19.74 -9.38
C SER WA 293 -98.33 21.14 -9.02
N PRO WA 294 -99.61 21.34 -8.73
CA PRO WA 294 -100.04 22.68 -8.29
C PRO WA 294 -99.32 23.17 -7.04
N ARG WA 295 -99.00 22.28 -6.11
CA ARG WA 295 -98.21 22.67 -4.95
C ARG WA 295 -96.81 23.12 -5.34
N ASP WA 296 -96.17 22.41 -6.27
CA ASP WA 296 -94.85 22.80 -6.73
C ASP WA 296 -94.89 24.12 -7.48
N TRP WA 297 -95.93 24.33 -8.28
CA TRP WA 297 -96.10 25.59 -8.98
C TRP WA 297 -96.27 26.74 -8.01
N GLN WA 298 -97.08 26.55 -6.97
CA GLN WA 298 -97.24 27.58 -5.97
C GLN WA 298 -95.93 27.86 -5.24
N ARG WA 299 -95.18 26.81 -4.90
CA ARG WA 299 -93.90 26.98 -4.27
C ARG WA 299 -92.93 27.75 -5.15
N LEU WA 300 -92.96 27.51 -6.45
CA LEU WA 300 -92.10 28.24 -7.37
C LEU WA 300 -92.50 29.71 -7.47
N ILE WA 301 -93.79 29.97 -7.71
CA ILE WA 301 -94.23 31.32 -8.03
C ILE WA 301 -94.32 32.22 -6.81
N ASN WA 302 -94.45 31.66 -5.61
CA ASN WA 302 -94.51 32.47 -4.41
C ASN WA 302 -93.14 32.85 -3.88
N ASN WA 303 -92.08 32.26 -4.42
CA ASN WA 303 -90.76 32.42 -3.84
C ASN WA 303 -89.69 32.83 -4.81
N ASN WA 304 -89.92 32.73 -6.11
CA ASN WA 304 -88.87 32.99 -7.08
C ASN WA 304 -89.22 34.18 -7.95
N TRP WA 305 -88.22 35.01 -8.23
CA TRP WA 305 -88.37 36.12 -9.15
C TRP WA 305 -88.28 35.68 -10.61
N GLY WA 306 -87.69 34.54 -10.88
CA GLY WA 306 -87.67 34.08 -12.26
C GLY WA 306 -87.25 32.63 -12.34
N PHE WA 307 -87.46 32.05 -13.52
CA PHE WA 307 -87.02 30.67 -13.69
C PHE WA 307 -86.81 30.38 -15.16
N ARG WA 308 -86.06 29.31 -15.44
CA ARG WA 308 -85.83 28.90 -16.82
C ARG WA 308 -85.40 27.43 -16.81
N PRO WA 309 -85.54 26.73 -17.94
CA PRO WA 309 -85.09 25.34 -18.01
C PRO WA 309 -83.63 25.20 -18.42
N LYS WA 310 -82.94 24.30 -17.73
CA LYS WA 310 -81.54 23.98 -17.94
C LYS WA 310 -81.34 22.69 -18.72
N ARG WA 311 -81.94 21.58 -18.30
CA ARG WA 311 -81.67 20.35 -19.03
C ARG WA 311 -82.84 19.39 -18.87
N LEU WA 312 -82.87 18.37 -19.73
CA LEU WA 312 -83.91 17.35 -19.61
C LEU WA 312 -83.39 15.99 -20.01
N ASN WA 313 -84.01 14.97 -19.41
CA ASN WA 313 -83.82 13.57 -19.73
C ASN WA 313 -85.17 12.97 -20.09
N PHE WA 314 -85.18 12.14 -21.12
CA PHE WA 314 -86.37 11.48 -21.60
C PHE WA 314 -86.10 9.99 -21.61
N LYS WA 315 -87.02 9.21 -21.07
CA LYS WA 315 -86.89 7.76 -21.06
C LYS WA 315 -88.21 7.14 -21.47
N LEU WA 316 -88.12 6.05 -22.21
CA LEU WA 316 -89.25 5.27 -22.69
C LEU WA 316 -89.00 3.83 -22.31
N PHE WA 317 -89.88 3.23 -21.51
CA PHE WA 317 -89.57 1.94 -20.94
C PHE WA 317 -90.84 1.14 -20.73
N ASN WA 318 -90.66 -0.16 -20.50
CA ASN WA 318 -91.73 -1.12 -20.24
C ASN WA 318 -92.71 -1.19 -21.41
N ILE WA 319 -92.16 -1.47 -22.58
CA ILE WA 319 -92.96 -1.55 -23.80
C ILE WA 319 -93.74 -2.85 -23.81
N GLN WA 320 -95.03 -2.77 -24.13
CA GLN WA 320 -95.87 -3.94 -24.32
C GLN WA 320 -96.66 -3.76 -25.59
N VAL WA 321 -96.44 -4.64 -26.56
CA VAL WA 321 -97.22 -4.65 -27.78
C VAL WA 321 -98.35 -5.65 -27.62
N LYS WA 322 -99.57 -5.22 -27.93
CA LYS WA 322 -100.75 -6.04 -27.78
C LYS WA 322 -101.42 -6.24 -29.14
N GLU WA 323 -101.71 -7.49 -29.45
CA GLU WA 323 -102.46 -7.89 -30.62
C GLU WA 323 -103.95 -7.94 -30.32
N VAL WA 324 -104.77 -7.42 -31.23
CA VAL WA 324 -106.22 -7.33 -31.05
C VAL WA 324 -106.91 -8.07 -32.18
N THR WA 325 -107.84 -8.96 -31.84
CA THR WA 325 -108.68 -9.65 -32.81
C THR WA 325 -110.14 -9.50 -32.40
N THR WA 326 -110.97 -8.99 -33.30
CA THR WA 326 -112.41 -8.90 -33.04
C THR WA 326 -113.12 -9.92 -33.93
N ASN WA 327 -113.78 -10.89 -33.30
CA ASN WA 327 -114.56 -11.91 -33.99
C ASN WA 327 -115.96 -11.97 -33.39
N ASP WA 328 -116.96 -11.95 -34.26
CA ASP WA 328 -118.36 -12.06 -33.86
C ASP WA 328 -118.73 -11.01 -32.82
N GLY WA 329 -118.03 -9.88 -32.83
CA GLY WA 329 -118.29 -8.79 -31.92
C GLY WA 329 -117.49 -8.83 -30.64
N VAL WA 330 -116.83 -9.93 -30.31
CA VAL WA 330 -116.05 -10.04 -29.08
C VAL WA 330 -114.58 -9.84 -29.42
N THR WA 331 -113.88 -9.14 -28.54
CA THR WA 331 -112.51 -8.70 -28.77
C THR WA 331 -111.55 -9.44 -27.86
N THR WA 332 -110.52 -10.02 -28.46
CA THR WA 332 -109.45 -10.69 -27.75
C THR WA 332 -108.18 -9.86 -27.86
N ILE WA 333 -107.51 -9.66 -26.74
CA ILE WA 333 -106.22 -8.96 -26.70
C ILE WA 333 -105.19 -9.94 -26.17
N ALA WA 334 -104.08 -10.07 -26.86
CA ALA WA 334 -102.99 -10.94 -26.45
C ALA WA 334 -101.68 -10.14 -26.49
N ASN WA 335 -100.66 -10.70 -25.86
CA ASN WA 335 -99.34 -10.10 -25.94
C ASN WA 335 -98.63 -10.56 -27.19
N ASN WA 336 -97.96 -9.63 -27.85
CA ASN WA 336 -97.11 -9.93 -29.00
C ASN WA 336 -95.68 -9.69 -28.55
N LEU WA 337 -95.00 -10.76 -28.15
CA LEU WA 337 -93.69 -10.63 -27.52
C LEU WA 337 -92.59 -10.27 -28.50
N THR WA 338 -92.79 -10.46 -29.79
CA THR WA 338 -91.75 -10.25 -30.78
C THR WA 338 -91.96 -9.02 -31.63
N SER WA 339 -92.95 -8.19 -31.31
CA SER WA 339 -93.21 -6.98 -32.09
C SER WA 339 -92.39 -5.82 -31.53
N THR WA 340 -92.20 -4.80 -32.38
CA THR WA 340 -91.36 -3.67 -32.04
C THR WA 340 -92.11 -2.36 -32.19
N VAL WA 341 -91.64 -1.37 -31.45
CA VAL WA 341 -91.99 0.03 -31.69
C VAL WA 341 -90.73 0.75 -32.15
N GLN WA 342 -90.86 1.55 -33.20
CA GLN WA 342 -89.76 2.38 -33.67
C GLN WA 342 -89.86 3.74 -33.01
N VAL WA 343 -88.75 4.21 -32.44
CA VAL WA 343 -88.66 5.49 -31.77
C VAL WA 343 -87.45 6.23 -32.32
N PHE WA 344 -87.62 7.52 -32.62
CA PHE WA 344 -86.45 8.32 -32.91
C PHE WA 344 -86.69 9.76 -32.47
N SER WA 345 -85.59 10.45 -32.19
CA SER WA 345 -85.61 11.85 -31.82
C SER WA 345 -85.09 12.67 -32.99
N ASP WA 346 -85.81 13.72 -33.35
CA ASP WA 346 -85.44 14.56 -34.47
C ASP WA 346 -84.50 15.66 -33.99
N SER WA 347 -83.27 15.26 -33.67
CA SER WA 347 -82.31 16.12 -33.01
C SER WA 347 -81.74 17.19 -33.93
N GLU WA 348 -81.82 17.02 -35.24
CA GLU WA 348 -81.30 17.99 -36.19
C GLU WA 348 -82.39 18.88 -36.77
N TYR WA 349 -83.63 18.77 -36.27
CA TYR WA 349 -84.74 19.61 -36.68
C TYR WA 349 -84.94 19.59 -38.18
N GLN WA 350 -84.90 18.39 -38.74
CA GLN WA 350 -85.10 18.19 -40.17
C GLN WA 350 -86.56 17.99 -40.53
N LEU WA 351 -87.43 17.89 -39.57
CA LEU WA 351 -88.86 17.69 -39.74
C LEU WA 351 -89.59 18.97 -39.40
N PRO WA 352 -90.80 19.15 -39.92
CA PRO WA 352 -91.64 20.26 -39.45
C PRO WA 352 -91.92 20.12 -37.96
N TYR WA 353 -91.75 21.23 -37.24
CA TYR WA 353 -91.94 21.23 -35.79
C TYR WA 353 -93.38 21.57 -35.49
N VAL WA 354 -94.16 20.56 -35.10
CA VAL WA 354 -95.57 20.80 -34.79
C VAL WA 354 -95.79 21.03 -33.31
N LEU WA 355 -94.78 20.82 -32.48
CA LEU WA 355 -94.87 21.25 -31.09
C LEU WA 355 -94.84 22.77 -31.05
N GLY WA 356 -95.28 23.33 -29.93
CA GLY WA 356 -95.32 24.78 -29.84
C GLY WA 356 -96.50 25.42 -30.53
N SER WA 357 -97.51 24.64 -30.91
CA SER WA 357 -98.76 25.17 -31.43
C SER WA 357 -99.91 24.95 -30.46
N ALA WA 358 -99.61 24.56 -29.22
CA ALA WA 358 -100.60 24.39 -28.16
C ALA WA 358 -101.63 23.32 -28.49
N HIS WA 359 -101.14 22.14 -28.85
CA HIS WA 359 -102.01 21.04 -29.22
C HIS WA 359 -102.27 20.11 -28.04
N GLN WA 360 -103.37 19.38 -28.14
CA GLN WA 360 -103.67 18.33 -27.18
C GLN WA 360 -102.73 17.15 -27.38
N GLY WA 361 -102.66 16.29 -26.37
CA GLY WA 361 -101.82 15.12 -26.47
C GLY WA 361 -100.59 15.14 -25.59
N CYS WA 362 -100.45 16.16 -24.76
CA CYS WA 362 -99.36 16.21 -23.80
C CYS WA 362 -99.56 15.16 -22.71
N LEU WA 363 -98.55 14.98 -21.89
CA LEU WA 363 -98.72 14.18 -20.69
C LEU WA 363 -99.79 14.81 -19.82
N PRO WA 364 -100.70 14.02 -19.26
CA PRO WA 364 -101.77 14.58 -18.43
C PRO WA 364 -101.22 15.21 -17.17
N PRO WA 365 -101.90 16.21 -16.62
CA PRO WA 365 -101.41 16.83 -15.37
C PRO WA 365 -101.36 15.87 -14.20
N PHE WA 366 -102.32 14.97 -14.10
CA PHE WA 366 -102.39 14.04 -12.99
C PHE WA 366 -101.56 12.79 -13.30
N PRO WA 367 -100.61 12.42 -12.44
CA PRO WA 367 -99.73 11.28 -12.75
C PRO WA 367 -100.44 9.95 -12.87
N ALA WA 368 -101.66 9.82 -12.36
CA ALA WA 368 -102.39 8.56 -12.46
C ALA WA 368 -103.09 8.38 -13.79
N ASP WA 369 -103.11 9.40 -14.65
CA ASP WA 369 -103.87 9.33 -15.88
C ASP WA 369 -103.06 8.65 -16.99
N VAL WA 370 -103.76 7.84 -17.78
CA VAL WA 370 -103.17 7.15 -18.91
C VAL WA 370 -103.58 7.89 -20.17
N PHE WA 371 -102.60 8.21 -21.02
CA PHE WA 371 -102.87 9.07 -22.16
C PHE WA 371 -102.56 8.40 -23.48
N MET WA 372 -103.35 8.75 -24.48
CA MET WA 372 -103.16 8.28 -25.85
C MET WA 372 -102.17 9.19 -26.56
N ILE WA 373 -101.31 8.60 -27.37
CA ILE WA 373 -100.27 9.37 -28.05
C ILE WA 373 -100.86 10.00 -29.32
N PRO WA 374 -100.69 11.30 -29.53
CA PRO WA 374 -101.28 11.96 -30.69
C PRO WA 374 -100.57 11.63 -31.98
N GLN WA 375 -101.32 11.68 -33.08
CA GLN WA 375 -100.78 11.36 -34.39
C GLN WA 375 -99.95 12.51 -34.94
N TYR WA 376 -98.89 12.18 -35.66
CA TYR WA 376 -98.06 13.20 -36.29
C TYR WA 376 -98.57 13.54 -37.68
N GLY WA 377 -98.63 14.82 -37.97
CA GLY WA 377 -98.96 15.30 -39.29
C GLY WA 377 -98.42 16.69 -39.41
N TYR WA 378 -98.23 17.13 -40.65
CA TYR WA 378 -97.68 18.45 -40.88
C TYR WA 378 -98.37 19.07 -42.08
N LEU WA 379 -98.18 20.38 -42.21
CA LEU WA 379 -98.66 21.14 -43.34
C LEU WA 379 -97.47 21.66 -44.12
N THR WA 380 -97.67 21.83 -45.42
CA THR WA 380 -96.64 22.36 -46.30
C THR WA 380 -97.24 23.50 -47.10
N LEU WA 381 -96.43 24.08 -47.98
CA LEU WA 381 -96.88 25.20 -48.79
C LEU WA 381 -98.10 24.81 -49.61
N ASN WA 382 -99.10 25.67 -49.61
CA ASN WA 382 -100.32 25.42 -50.33
C ASN WA 382 -100.76 26.65 -51.10
N ASN WA 383 -101.39 26.42 -52.25
CA ASN WA 383 -102.01 27.44 -53.08
C ASN WA 383 -103.50 27.10 -53.13
N GLY WA 384 -104.22 27.56 -52.13
CA GLY WA 384 -105.59 27.08 -51.95
C GLY WA 384 -105.54 25.71 -51.33
N SER WA 385 -106.27 24.78 -51.91
CA SER WA 385 -106.21 23.39 -51.49
C SER WA 385 -105.16 22.59 -52.24
N GLN WA 386 -104.40 23.24 -53.12
CA GLN WA 386 -103.39 22.59 -53.93
C GLN WA 386 -102.01 22.79 -53.35
N ALA WA 387 -101.05 22.05 -53.87
CA ALA WA 387 -99.65 22.17 -53.49
C ALA WA 387 -98.92 23.03 -54.50
N VAL WA 388 -97.62 23.24 -54.25
CA VAL WA 388 -96.74 23.92 -55.17
C VAL WA 388 -95.51 23.05 -55.38
N GLY WA 389 -94.58 23.55 -56.20
CA GLY WA 389 -93.36 22.81 -56.43
C GLY WA 389 -92.47 22.71 -55.21
N ARG WA 390 -92.47 23.74 -54.38
CA ARG WA 390 -91.65 23.79 -53.19
C ARG WA 390 -92.32 23.17 -51.98
N SER WA 391 -93.52 22.62 -52.15
CA SER WA 391 -94.14 21.85 -51.09
C SER WA 391 -93.31 20.61 -50.80
N SER WA 392 -93.02 20.38 -49.53
CA SER WA 392 -92.16 19.28 -49.13
C SER WA 392 -92.97 18.08 -48.66
N PHE WA 393 -92.38 16.92 -48.82
CA PHE WA 393 -92.91 15.68 -48.28
C PHE WA 393 -91.80 15.02 -47.49
N TYR WA 394 -92.14 14.49 -46.33
CA TYR WA 394 -91.17 13.86 -45.44
C TYR WA 394 -91.65 12.45 -45.13
N CYS WA 395 -90.86 11.46 -45.54
CA CYS WA 395 -91.03 10.10 -45.03
C CYS WA 395 -90.28 10.00 -43.72
N LEU WA 396 -90.98 9.65 -42.65
CA LEU WA 396 -90.33 9.51 -41.36
C LEU WA 396 -89.62 8.17 -41.22
N GLU WA 397 -89.89 7.21 -42.10
CA GLU WA 397 -89.10 6.00 -42.17
C GLU WA 397 -87.74 6.23 -42.80
N TYR WA 398 -87.53 7.40 -43.39
CA TYR WA 398 -86.25 7.80 -43.94
C TYR WA 398 -85.29 8.33 -42.88
N PHE WA 399 -85.55 8.02 -41.62
CA PHE WA 399 -84.71 8.37 -40.49
C PHE WA 399 -84.20 7.10 -39.83
N PRO WA 400 -83.04 7.14 -39.18
CA PRO WA 400 -82.63 6.04 -38.31
C PRO WA 400 -83.50 5.99 -37.06
N SER WA 401 -84.13 4.85 -36.83
CA SER WA 401 -84.98 4.64 -35.67
C SER WA 401 -84.39 3.53 -34.81
N GLN WA 402 -84.64 3.61 -33.52
CA GLN WA 402 -84.35 2.50 -32.63
C GLN WA 402 -85.60 1.63 -32.53
N MET WA 403 -85.42 0.34 -32.78
CA MET WA 403 -86.50 -0.63 -32.69
C MET WA 403 -86.48 -1.26 -31.30
N LEU WA 404 -87.61 -1.21 -30.61
CA LEU WA 404 -87.72 -1.64 -29.23
C LEU WA 404 -88.67 -2.80 -29.14
N ARG WA 405 -88.19 -3.93 -28.66
CA ARG WA 405 -89.05 -5.03 -28.26
C ARG WA 405 -89.42 -4.84 -26.79
N THR WA 406 -90.10 -5.82 -26.20
CA THR WA 406 -90.66 -5.61 -24.87
C THR WA 406 -89.60 -5.50 -23.78
N GLY WA 407 -88.35 -5.86 -24.06
CA GLY WA 407 -87.31 -5.76 -23.05
C GLY WA 407 -86.40 -4.58 -23.22
N ASN WA 408 -86.64 -3.74 -24.23
CA ASN WA 408 -85.78 -2.62 -24.54
C ASN WA 408 -86.34 -1.32 -24.00
N ASN WA 409 -85.46 -0.34 -23.82
CA ASN WA 409 -85.84 1.01 -23.46
C ASN WA 409 -85.11 2.01 -24.34
N PHE WA 410 -85.52 3.26 -24.23
CA PHE WA 410 -85.01 4.36 -25.05
C PHE WA 410 -84.69 5.53 -24.14
N THR WA 411 -83.50 6.10 -24.28
CA THR WA 411 -83.12 7.24 -23.48
C THR WA 411 -82.62 8.36 -24.39
N PHE WA 412 -82.74 9.60 -23.90
CA PHE WA 412 -82.33 10.75 -24.69
C PHE WA 412 -82.13 11.94 -23.75
N SER WA 413 -80.98 12.60 -23.87
CA SER WA 413 -80.69 13.77 -23.07
C SER WA 413 -80.64 15.02 -23.94
N TYR WA 414 -80.98 16.15 -23.33
CA TYR WA 414 -81.00 17.41 -24.06
C TYR WA 414 -80.63 18.53 -23.11
N THR WA 415 -79.86 19.49 -23.62
CA THR WA 415 -79.48 20.68 -22.87
C THR WA 415 -80.12 21.90 -23.51
N PHE WA 416 -80.80 22.71 -22.69
CA PHE WA 416 -81.38 23.95 -23.18
C PHE WA 416 -80.28 24.98 -23.43
N GLU WA 417 -80.49 25.81 -24.45
CA GLU WA 417 -79.65 26.97 -24.66
C GLU WA 417 -79.90 27.99 -23.56
N GLU WA 418 -78.97 28.94 -23.44
CA GLU WA 418 -79.09 29.98 -22.44
C GLU WA 418 -80.20 30.93 -22.86
N VAL WA 419 -81.38 30.72 -22.29
CA VAL WA 419 -82.56 31.53 -22.55
C VAL WA 419 -82.70 32.47 -21.36
N PRO WA 420 -83.28 33.66 -21.52
CA PRO WA 420 -83.53 34.52 -20.36
C PRO WA 420 -84.53 33.91 -19.40
N PHE WA 421 -84.36 34.25 -18.12
CA PHE WA 421 -85.33 33.85 -17.11
C PHE WA 421 -86.70 34.42 -17.44
N HIS WA 422 -87.72 33.58 -17.29
CA HIS WA 422 -89.08 34.12 -17.26
C HIS WA 422 -89.28 34.86 -15.95
N SER WA 423 -90.01 35.97 -16.05
CA SER WA 423 -90.24 36.89 -14.95
C SER WA 423 -91.44 36.45 -14.13
N SER WA 424 -91.20 35.91 -12.94
CA SER WA 424 -92.26 35.54 -12.02
C SER WA 424 -92.63 36.68 -11.09
N TYR WA 425 -92.46 37.92 -11.54
CA TYR WA 425 -92.70 39.09 -10.71
C TYR WA 425 -93.60 40.07 -11.46
N ALA WA 426 -94.29 40.89 -10.69
CA ALA WA 426 -94.89 42.13 -11.13
C ALA WA 426 -94.00 43.29 -10.73
N HIS WA 427 -94.30 44.46 -11.26
CA HIS WA 427 -93.57 45.67 -10.92
C HIS WA 427 -94.34 46.46 -9.88
N SER WA 428 -93.61 46.94 -8.86
CA SER WA 428 -94.19 47.76 -7.81
C SER WA 428 -94.36 49.21 -8.22
N GLN WA 429 -93.79 49.61 -9.34
CA GLN WA 429 -93.91 50.96 -9.85
C GLN WA 429 -94.48 50.93 -11.26
N SER WA 430 -95.13 52.00 -11.65
CA SER WA 430 -95.58 52.19 -13.01
C SER WA 430 -94.55 53.00 -13.78
N LEU WA 431 -94.55 52.83 -15.10
CA LEU WA 431 -93.52 53.46 -15.92
C LEU WA 431 -93.67 54.97 -15.96
N ASP WA 432 -94.88 55.48 -15.84
CA ASP WA 432 -95.11 56.92 -15.81
C ASP WA 432 -95.08 57.49 -14.39
N ARG WA 433 -94.57 56.73 -13.44
CA ARG WA 433 -94.52 57.13 -12.03
C ARG WA 433 -93.16 56.78 -11.44
N LEU WA 434 -92.09 57.05 -12.18
CA LEU WA 434 -90.74 56.68 -11.77
C LEU WA 434 -89.98 57.84 -11.14
N MET WA 435 -90.66 58.95 -10.88
CA MET WA 435 -90.02 60.17 -10.41
C MET WA 435 -90.06 60.26 -8.89
N ASN WA 436 -89.24 61.16 -8.36
CA ASN WA 436 -89.36 61.57 -6.97
C ASN WA 436 -90.59 62.45 -6.83
N PRO WA 437 -91.56 62.08 -5.99
CA PRO WA 437 -92.78 62.89 -5.84
C PRO WA 437 -92.61 64.12 -4.98
N LEU WA 438 -91.41 64.43 -4.50
CA LEU WA 438 -91.19 65.59 -3.66
C LEU WA 438 -90.40 66.69 -4.32
N ILE WA 439 -89.56 66.35 -5.29
CA ILE WA 439 -88.62 67.29 -5.89
C ILE WA 439 -89.13 67.69 -7.27
N ASP WA 440 -88.92 68.95 -7.63
CA ASP WA 440 -89.23 69.42 -8.96
C ASP WA 440 -88.15 68.97 -9.94
N GLN WA 441 -88.40 69.23 -11.21
CA GLN WA 441 -87.42 68.99 -12.26
C GLN WA 441 -86.68 70.26 -12.60
N TYR WA 442 -85.57 70.12 -13.30
CA TYR WA 442 -84.90 71.27 -13.88
C TYR WA 442 -85.25 71.45 -15.34
N LEU WA 443 -86.17 70.66 -15.86
CA LEU WA 443 -86.61 70.73 -17.24
C LEU WA 443 -87.94 71.44 -17.33
N TYR WA 444 -88.09 72.30 -18.32
CA TYR WA 444 -89.31 73.05 -18.53
C TYR WA 444 -90.08 72.48 -19.71
N TYR WA 445 -91.39 72.73 -19.71
CA TYR WA 445 -92.26 72.31 -20.79
C TYR WA 445 -93.21 73.45 -21.11
N LEU WA 446 -93.70 73.48 -22.34
CA LEU WA 446 -94.70 74.46 -22.72
C LEU WA 446 -96.01 74.13 -22.05
N ASN WA 447 -96.49 75.03 -21.19
CA ASN WA 447 -97.69 74.79 -20.39
C ASN WA 447 -98.92 75.48 -20.94
N ARG WA 448 -98.79 76.73 -21.38
CA ARG WA 448 -99.90 77.50 -21.94
C ARG WA 448 -99.46 78.12 -23.25
N THR WA 449 -100.36 78.10 -24.24
CA THR WA 449 -100.21 78.94 -25.42
C THR WA 449 -101.24 80.05 -25.46
N GLN WA 450 -101.95 80.28 -24.36
CA GLN WA 450 -102.87 81.41 -24.22
C GLN WA 450 -102.62 82.06 -22.87
N ASN WA 451 -103.11 83.29 -22.73
CA ASN WA 451 -102.93 84.01 -21.48
C ASN WA 451 -103.73 83.36 -20.36
N GLN WA 452 -103.09 83.25 -19.19
CA GLN WA 452 -103.73 82.58 -18.06
C GLN WA 452 -104.82 83.41 -17.41
N SER WA 453 -104.73 84.74 -17.51
CA SER WA 453 -105.67 85.61 -16.80
C SER WA 453 -107.10 85.40 -17.27
N GLY WA 454 -107.31 85.33 -18.59
CA GLY WA 454 -108.63 85.07 -19.14
C GLY WA 454 -109.46 86.30 -19.42
N SER WA 455 -109.10 87.46 -18.89
CA SER WA 455 -109.83 88.69 -19.22
C SER WA 455 -109.75 88.99 -20.71
N ALA WA 456 -108.56 88.81 -21.29
CA ALA WA 456 -108.39 88.75 -22.73
C ALA WA 456 -108.07 87.32 -23.13
N GLN WA 457 -108.17 87.06 -24.43
CA GLN WA 457 -107.93 85.73 -24.99
C GLN WA 457 -106.71 85.72 -25.90
N ASN WA 458 -105.63 86.36 -25.47
CA ASN WA 458 -104.44 86.48 -26.29
C ASN WA 458 -103.57 85.24 -26.19
N LYS WA 459 -102.80 85.00 -27.25
CA LYS WA 459 -101.88 83.89 -27.25
C LYS WA 459 -100.63 84.25 -26.44
N ASP WA 460 -99.83 83.22 -26.14
CA ASP WA 460 -98.60 83.41 -25.38
C ASP WA 460 -97.74 82.16 -25.52
N LEU WA 461 -96.60 82.17 -24.84
CA LEU WA 461 -95.72 81.02 -24.74
C LEU WA 461 -95.25 80.97 -23.29
N LEU WA 462 -95.99 80.24 -22.46
CA LEU WA 462 -95.72 80.15 -21.03
C LEU WA 462 -95.18 78.78 -20.70
N PHE WA 463 -94.06 78.73 -20.00
CA PHE WA 463 -93.37 77.49 -19.70
C PHE WA 463 -93.40 77.22 -18.20
N SER WA 464 -93.64 75.97 -17.83
CA SER WA 464 -93.66 75.56 -16.44
C SER WA 464 -92.57 74.55 -16.18
N ARG WA 465 -92.20 74.44 -14.92
CA ARG WA 465 -91.22 73.47 -14.47
C ARG WA 465 -91.91 72.16 -14.12
N GLY WA 466 -91.25 71.05 -14.44
CA GLY WA 466 -91.76 69.75 -14.08
C GLY WA 466 -91.89 69.59 -12.58
N SER WA 467 -93.10 69.42 -12.09
CA SER WA 467 -93.41 69.42 -10.68
C SER WA 467 -94.25 68.20 -10.33
N PRO WA 468 -94.23 67.78 -9.05
CA PRO WA 468 -95.09 66.67 -8.65
C PRO WA 468 -96.57 66.95 -8.74
N ALA WA 469 -96.98 68.22 -8.85
CA ALA WA 469 -98.39 68.52 -9.06
C ALA WA 469 -98.88 67.96 -10.39
N GLY WA 470 -98.17 68.25 -11.47
CA GLY WA 470 -98.49 67.64 -12.75
C GLY WA 470 -97.46 66.61 -13.15
N MET WA 471 -97.79 65.33 -12.94
CA MET WA 471 -96.88 64.25 -13.26
C MET WA 471 -97.07 63.74 -14.68
N SER WA 472 -98.21 64.04 -15.30
CA SER WA 472 -98.49 63.60 -16.66
C SER WA 472 -97.72 64.39 -17.70
N VAL WA 473 -97.29 65.61 -17.37
CA VAL WA 473 -96.61 66.48 -18.32
C VAL WA 473 -95.11 66.55 -18.08
N GLN WA 474 -94.61 65.84 -17.08
CA GLN WA 474 -93.18 65.83 -16.82
C GLN WA 474 -92.45 65.11 -17.96
N PRO WA 475 -91.31 65.65 -18.40
CA PRO WA 475 -90.44 64.87 -19.30
C PRO WA 475 -90.03 63.55 -18.66
N LYS WA 476 -90.00 62.51 -19.47
CA LYS WA 476 -89.68 61.17 -19.00
C LYS WA 476 -88.67 60.53 -19.95
N ASN WA 477 -88.12 59.40 -19.51
CA ASN WA 477 -87.01 58.77 -20.23
C ASN WA 477 -87.42 57.58 -21.07
N TRP WA 478 -88.58 56.98 -20.82
CA TRP WA 478 -88.96 55.72 -21.45
C TRP WA 478 -90.39 55.79 -21.94
N LEU WA 479 -90.74 54.82 -22.77
CA LEU WA 479 -92.05 54.70 -23.39
C LEU WA 479 -92.64 53.33 -23.11
N PRO WA 480 -93.97 53.21 -23.06
CA PRO WA 480 -94.59 51.90 -22.93
C PRO WA 480 -94.39 51.07 -24.19
N GLY WA 481 -94.46 49.76 -24.02
CA GLY WA 481 -94.22 48.83 -25.09
C GLY WA 481 -95.15 48.99 -26.27
N PRO WA 482 -94.91 48.22 -27.33
CA PRO WA 482 -95.73 48.33 -28.53
C PRO WA 482 -97.12 47.78 -28.32
N CYS WA 483 -98.04 48.21 -29.17
CA CYS WA 483 -99.43 47.81 -29.03
C CYS WA 483 -100.00 47.46 -30.40
N TYR WA 484 -101.04 46.63 -30.40
CA TYR WA 484 -101.84 46.32 -31.58
C TYR WA 484 -103.28 46.12 -31.11
N ARG WA 485 -104.08 47.17 -31.21
CA ARG WA 485 -105.33 47.25 -30.48
C ARG WA 485 -106.27 46.10 -30.83
N GLN WA 486 -106.94 45.57 -29.80
CA GLN WA 486 -107.94 44.53 -29.92
C GLN WA 486 -109.31 45.10 -29.62
N GLN WA 487 -110.34 44.33 -29.95
CA GLN WA 487 -111.71 44.73 -29.67
C GLN WA 487 -112.08 44.32 -28.24
N ARG WA 488 -112.87 45.18 -27.59
CA ARG WA 488 -113.19 45.00 -26.19
C ARG WA 488 -114.50 44.25 -26.05
N VAL WA 489 -114.45 43.10 -25.41
CA VAL WA 489 -115.64 42.27 -25.18
C VAL WA 489 -115.89 42.22 -23.69
N SER WA 490 -117.15 42.37 -23.30
CA SER WA 490 -117.54 42.30 -21.91
C SER WA 490 -117.91 40.88 -21.54
N LYS WA 491 -117.44 40.44 -20.37
CA LYS WA 491 -117.84 39.14 -19.84
C LYS WA 491 -119.32 39.09 -19.52
N THR WA 492 -119.95 40.24 -19.31
CA THR WA 492 -121.39 40.34 -19.19
C THR WA 492 -121.99 40.56 -20.58
N LYS WA 493 -122.68 39.54 -21.09
CA LYS WA 493 -123.05 39.52 -22.50
C LYS WA 493 -124.02 40.62 -22.89
N THR WA 494 -124.77 41.20 -21.94
CA THR WA 494 -125.75 42.21 -22.30
C THR WA 494 -125.11 43.52 -22.75
N ASP WA 495 -123.86 43.79 -22.37
CA ASP WA 495 -123.19 45.02 -22.77
C ASP WA 495 -122.47 44.91 -24.10
N ASN WA 496 -122.52 43.76 -24.74
CA ASN WA 496 -121.88 43.58 -26.04
C ASN WA 496 -122.85 43.90 -27.16
N ASN WA 497 -122.29 44.34 -28.29
CA ASN WA 497 -123.10 44.67 -29.45
C ASN WA 497 -123.85 43.43 -29.95
N ASN WA 498 -125.06 43.66 -30.48
CA ASN WA 498 -125.88 42.55 -30.99
C ASN WA 498 -125.47 42.24 -32.43
N SER WA 499 -124.34 41.57 -32.54
CA SER WA 499 -123.85 41.06 -33.81
C SER WA 499 -122.78 40.03 -33.50
N ASN WA 500 -122.29 39.35 -34.55
CA ASN WA 500 -121.26 38.35 -34.32
C ASN WA 500 -119.90 39.00 -34.12
N PHE WA 501 -119.38 39.66 -35.16
CA PHE WA 501 -118.20 40.52 -35.10
C PHE WA 501 -116.98 39.84 -34.48
N THR WA 502 -117.02 38.52 -34.30
CA THR WA 502 -115.82 37.80 -33.89
C THR WA 502 -114.83 37.62 -35.02
N TRP WA 503 -115.27 37.74 -36.25
CA TRP WA 503 -114.38 37.72 -37.39
C TRP WA 503 -114.34 39.05 -38.12
N THR WA 504 -115.47 39.72 -38.28
CA THR WA 504 -115.46 41.00 -39.00
C THR WA 504 -114.86 42.12 -38.19
N GLY WA 505 -114.95 42.07 -36.87
CA GLY WA 505 -114.46 43.16 -36.04
C GLY WA 505 -113.20 42.84 -35.29
N ALA WA 506 -112.43 41.87 -35.77
CA ALA WA 506 -111.28 41.36 -35.05
C ALA WA 506 -109.98 41.79 -35.69
N SER WA 507 -108.94 41.93 -34.86
CA SER WA 507 -107.60 42.22 -35.33
C SER WA 507 -107.02 40.98 -36.00
N LYS WA 508 -106.66 41.10 -37.26
CA LYS WA 508 -106.13 39.97 -38.00
C LYS WA 508 -105.05 40.46 -38.94
N TYR WA 509 -104.21 39.54 -39.39
CA TYR WA 509 -103.13 39.88 -40.29
C TYR WA 509 -103.31 39.18 -41.63
N ASN WA 510 -102.75 39.79 -42.66
CA ASN WA 510 -102.85 39.31 -44.03
C ASN WA 510 -101.53 38.64 -44.41
N LEU WA 511 -101.61 37.41 -44.90
CA LEU WA 511 -100.42 36.67 -45.32
C LEU WA 511 -100.75 35.85 -46.55
N ASN WA 512 -100.16 36.20 -47.68
CA ASN WA 512 -100.37 35.50 -48.94
C ASN WA 512 -101.85 35.47 -49.33
N GLY WA 513 -102.56 36.55 -49.00
CA GLY WA 513 -103.94 36.69 -49.41
C GLY WA 513 -104.98 36.13 -48.48
N ARG WA 514 -104.58 35.44 -47.41
CA ARG WA 514 -105.53 34.90 -46.47
C ARG WA 514 -105.27 35.45 -45.08
N GLU WA 515 -106.36 35.76 -44.39
CA GLU WA 515 -106.32 36.46 -43.11
C GLU WA 515 -106.25 35.47 -41.96
N SER WA 516 -105.57 35.87 -40.90
CA SER WA 516 -105.41 35.05 -39.71
C SER WA 516 -105.59 35.92 -38.49
N ILE WA 517 -106.42 35.48 -37.55
CA ILE WA 517 -106.61 36.21 -36.30
C ILE WA 517 -105.29 36.27 -35.56
N ILE WA 518 -105.01 37.40 -34.93
CA ILE WA 518 -103.74 37.56 -34.22
C ILE WA 518 -103.63 36.57 -33.08
N ASN WA 519 -104.48 36.70 -32.06
CA ASN WA 519 -104.70 35.65 -31.06
C ASN WA 519 -103.43 35.00 -30.51
N PRO WA 520 -102.76 35.60 -29.52
CA PRO WA 520 -103.14 36.80 -28.77
C PRO WA 520 -102.28 38.01 -29.11
N GLY WA 521 -101.20 37.79 -29.84
CA GLY WA 521 -100.41 38.91 -30.32
C GLY WA 521 -99.60 39.57 -29.22
N THR WA 522 -99.51 40.89 -29.30
CA THR WA 522 -98.67 41.66 -28.41
C THR WA 522 -99.09 41.48 -26.96
N ALA WA 523 -98.11 41.43 -26.07
CA ALA WA 523 -98.36 41.27 -24.64
C ALA WA 523 -98.84 42.60 -24.09
N MET WA 524 -100.14 42.71 -23.86
CA MET WA 524 -100.76 43.92 -23.36
C MET WA 524 -101.66 43.60 -22.19
N ALA WA 525 -101.96 44.62 -21.40
CA ALA WA 525 -102.88 44.47 -20.28
C ALA WA 525 -104.28 44.15 -20.78
N SER WA 526 -104.93 43.20 -20.11
CA SER WA 526 -106.27 42.79 -20.52
C SER WA 526 -107.28 43.92 -20.37
N HIS WA 527 -107.18 44.70 -19.30
CA HIS WA 527 -108.13 45.78 -19.04
C HIS WA 527 -107.44 46.83 -18.19
N LYS WA 528 -108.18 47.88 -17.86
CA LYS WA 528 -107.70 48.92 -16.96
C LYS WA 528 -108.05 48.57 -15.53
N ASP WA 529 -107.86 49.52 -14.63
CA ASP WA 529 -108.32 49.38 -13.26
C ASP WA 529 -109.84 49.46 -13.20
N ASP WA 530 -110.44 48.64 -12.34
CA ASP WA 530 -111.88 48.63 -12.12
C ASP WA 530 -112.65 48.30 -13.40
N GLU WA 531 -112.06 47.47 -14.26
CA GLU WA 531 -112.66 47.13 -15.53
C GLU WA 531 -112.47 45.64 -15.83
N ASP WA 532 -112.52 44.81 -14.79
CA ASP WA 532 -112.29 43.38 -14.94
C ASP WA 532 -113.35 42.69 -15.79
N LYS WA 533 -114.48 43.34 -16.03
CA LYS WA 533 -115.56 42.78 -16.84
C LYS WA 533 -115.24 42.75 -18.33
N PHE WA 534 -114.15 43.39 -18.76
CA PHE WA 534 -113.79 43.47 -20.16
C PHE WA 534 -112.52 42.67 -20.42
N PHE WA 535 -112.47 42.03 -21.59
CA PHE WA 535 -111.27 41.38 -22.07
C PHE WA 535 -111.12 41.62 -23.56
N PRO WA 536 -109.89 41.65 -24.07
CA PRO WA 536 -109.71 41.75 -25.53
C PRO WA 536 -110.25 40.52 -26.22
N MET WA 537 -110.81 40.73 -27.41
CA MET WA 537 -111.57 39.67 -28.06
C MET WA 537 -110.69 38.46 -28.35
N SER WA 538 -109.47 38.68 -28.80
CA SER WA 538 -108.53 37.59 -29.05
C SER WA 538 -107.16 37.95 -28.49
N GLY WA 539 -107.14 38.49 -27.29
CA GLY WA 539 -105.89 38.93 -26.70
C GLY WA 539 -105.52 38.18 -25.44
N VAL WA 540 -106.33 37.18 -25.08
CA VAL WA 540 -106.14 36.46 -23.82
C VAL WA 540 -106.07 34.98 -24.12
N MET WA 541 -105.32 34.26 -23.29
CA MET WA 541 -105.29 32.81 -23.34
C MET WA 541 -106.49 32.25 -22.61
N ILE WA 542 -107.29 31.44 -23.29
CA ILE WA 542 -108.51 30.89 -22.73
C ILE WA 542 -108.33 29.38 -22.62
N PHE WA 543 -108.41 28.88 -21.40
CA PHE WA 543 -108.34 27.45 -21.15
C PHE WA 543 -109.74 26.93 -20.88
N GLY WA 544 -110.04 25.75 -21.41
CA GLY WA 544 -111.32 25.12 -21.17
C GLY WA 544 -111.29 24.27 -19.91
N LYS WA 545 -112.38 24.33 -19.16
CA LYS WA 545 -112.52 23.43 -18.04
C LYS WA 545 -112.92 22.05 -18.55
N GLU WA 546 -112.80 21.05 -17.69
CA GLU WA 546 -113.36 19.75 -18.03
C GLU WA 546 -114.86 19.87 -18.16
N SER WA 547 -115.42 19.06 -19.08
CA SER WA 547 -116.81 19.22 -19.51
C SER WA 547 -117.02 20.53 -20.25
N ALA WA 548 -116.07 20.90 -21.09
CA ALA WA 548 -116.25 21.98 -22.04
C ALA WA 548 -116.29 21.39 -23.45
N GLY WA 549 -117.28 21.80 -24.22
CA GLY WA 549 -117.42 21.28 -25.57
C GLY WA 549 -116.32 21.78 -26.48
N ALA WA 550 -116.23 21.15 -27.65
CA ALA WA 550 -115.23 21.55 -28.63
C ALA WA 550 -115.62 22.85 -29.33
N SER WA 551 -116.91 23.06 -29.56
CA SER WA 551 -117.38 24.21 -30.32
C SER WA 551 -118.52 24.90 -29.59
N ASN WA 552 -118.49 26.23 -29.56
CA ASN WA 552 -119.55 27.06 -29.01
C ASN WA 552 -119.90 26.67 -27.57
N THR WA 553 -118.88 26.40 -26.77
CA THR WA 553 -119.09 26.17 -25.35
C THR WA 553 -119.34 27.50 -24.64
N ALA WA 554 -119.58 27.43 -23.34
CA ALA WA 554 -120.01 28.59 -22.59
C ALA WA 554 -118.88 29.26 -21.82
N LEU WA 555 -119.10 30.55 -21.53
CA LEU WA 555 -118.20 31.31 -20.68
C LEU WA 555 -118.02 30.63 -19.33
N ASP WA 556 -119.05 29.91 -18.87
CA ASP WA 556 -118.95 29.15 -17.64
C ASP WA 556 -118.03 27.96 -17.81
N ASN WA 557 -117.88 27.46 -19.03
CA ASN WA 557 -117.04 26.30 -19.28
C ASN WA 557 -115.62 26.66 -19.65
N VAL WA 558 -115.33 27.93 -19.93
CA VAL WA 558 -113.96 28.34 -20.22
C VAL WA 558 -113.41 29.18 -19.07
N MET WA 559 -112.08 29.22 -18.98
CA MET WA 559 -111.35 30.05 -18.02
C MET WA 559 -110.54 31.08 -18.79
N ILE WA 560 -110.88 32.35 -18.65
CA ILE WA 560 -110.19 33.43 -19.32
C ILE WA 560 -109.08 33.94 -18.42
N THR WA 561 -107.87 34.04 -18.96
CA THR WA 561 -106.76 34.55 -18.19
C THR WA 561 -106.80 36.07 -18.13
N ASP WA 562 -105.97 36.62 -17.26
CA ASP WA 562 -105.87 38.06 -17.07
C ASP WA 562 -104.40 38.45 -17.09
N GLU WA 563 -104.09 39.58 -17.71
CA GLU WA 563 -102.74 40.13 -17.76
C GLU WA 563 -102.69 41.44 -17.00
N GLU WA 564 -103.28 41.47 -15.81
CA GLU WA 564 -103.44 42.71 -15.09
C GLU WA 564 -102.14 43.19 -14.47
N GLU WA 565 -101.15 42.30 -14.36
CA GLU WA 565 -99.92 42.65 -13.66
C GLU WA 565 -98.96 43.48 -14.51
N ILE WA 566 -99.16 43.52 -15.82
CA ILE WA 566 -98.24 44.21 -16.70
C ILE WA 566 -98.78 45.55 -17.15
N LYS WA 567 -99.76 46.10 -16.41
CA LYS WA 567 -100.21 47.46 -16.65
C LYS WA 567 -99.13 48.49 -16.36
N ALA WA 568 -98.11 48.13 -15.60
CA ALA WA 568 -97.08 49.07 -15.22
C ALA WA 568 -96.22 49.49 -16.41
N THR WA 569 -96.08 48.63 -17.40
CA THR WA 569 -95.21 48.90 -18.55
C THR WA 569 -95.88 48.70 -19.90
N ASN WA 570 -96.99 47.98 -19.98
CA ASN WA 570 -97.59 47.64 -21.26
C ASN WA 570 -98.90 48.38 -21.45
N PRO WA 571 -99.22 48.78 -22.68
CA PRO WA 571 -100.52 49.40 -22.94
C PRO WA 571 -101.65 48.41 -22.73
N VAL WA 572 -102.83 48.95 -22.43
CA VAL WA 572 -104.02 48.11 -22.31
C VAL WA 572 -104.43 47.64 -23.70
N ALA WA 573 -104.77 46.35 -23.81
CA ALA WA 573 -104.97 45.72 -25.10
C ALA WA 573 -106.11 46.32 -25.90
N THR WA 574 -107.12 46.86 -25.23
CA THR WA 574 -108.32 47.32 -25.91
C THR WA 574 -108.33 48.82 -26.16
N GLU WA 575 -107.27 49.53 -25.82
CA GLU WA 575 -107.21 50.97 -26.00
C GLU WA 575 -106.00 51.37 -26.82
N ARG WA 576 -106.05 52.61 -27.32
CA ARG WA 576 -105.02 53.11 -28.21
C ARG WA 576 -103.70 53.24 -27.46
N PHE WA 577 -102.61 53.18 -28.23
CA PHE WA 577 -101.30 53.49 -27.66
C PHE WA 577 -101.26 54.94 -27.18
N GLY WA 578 -101.84 55.84 -27.96
CA GLY WA 578 -101.83 57.24 -27.61
C GLY WA 578 -102.33 58.07 -28.79
N THR WA 579 -102.05 59.36 -28.72
CA THR WA 579 -102.40 60.28 -29.78
C THR WA 579 -101.14 60.84 -30.41
N VAL WA 580 -101.29 61.31 -31.64
CA VAL WA 580 -100.19 61.86 -32.42
C VAL WA 580 -100.70 63.09 -33.16
N ALA WA 581 -99.83 64.09 -33.31
CA ALA WA 581 -100.18 65.25 -34.11
C ALA WA 581 -100.27 64.86 -35.58
N VAL WA 582 -101.25 65.41 -36.29
CA VAL WA 582 -101.50 65.03 -37.67
C VAL WA 582 -101.53 66.22 -38.62
N ASN WA 583 -101.26 67.43 -38.14
CA ASN WA 583 -101.27 68.60 -39.02
C ASN WA 583 -100.33 69.66 -38.44
N PHE WA 584 -100.34 70.83 -39.05
CA PHE WA 584 -99.62 72.00 -38.56
C PHE WA 584 -100.63 73.01 -38.05
N GLN WA 585 -100.53 73.36 -36.76
CA GLN WA 585 -101.37 74.42 -36.23
C GLN WA 585 -100.83 75.78 -36.67
N SER WA 586 -101.74 76.70 -36.92
CA SER WA 586 -101.35 78.04 -37.35
C SER WA 586 -102.47 79.00 -37.02
N SER WA 587 -102.14 80.29 -37.02
CA SER WA 587 -103.11 81.35 -36.82
C SER WA 587 -103.54 81.93 -38.16
N SER WA 588 -104.66 82.64 -38.14
CA SER WA 588 -105.16 83.29 -39.34
C SER WA 588 -104.26 84.46 -39.73
N THR WA 589 -104.16 84.70 -41.04
CA THR WA 589 -103.33 85.79 -41.55
C THR WA 589 -104.04 86.50 -42.69
N VAL WA 592 -102.80 84.51 -45.26
CA VAL WA 592 -103.48 83.22 -45.32
C VAL WA 592 -104.58 83.18 -44.28
N PRO WA 593 -105.75 83.72 -44.61
CA PRO WA 593 -106.83 83.81 -43.62
C PRO WA 593 -107.58 82.50 -43.44
N PHE WA 594 -106.85 81.40 -43.33
CA PHE WA 594 -107.42 80.08 -43.08
C PHE WA 594 -106.73 79.52 -41.85
N LYS WA 595 -107.29 79.84 -40.68
CA LYS WA 595 -106.76 79.36 -39.41
C LYS WA 595 -106.83 77.84 -39.34
N THR WA 596 -105.76 77.21 -38.87
CA THR WA 596 -105.68 75.76 -38.75
C THR WA 596 -105.58 75.38 -37.28
N ASP WA 597 -106.63 74.76 -36.76
CA ASP WA 597 -106.58 74.24 -35.40
C ASP WA 597 -105.67 73.02 -35.35
N PRO WA 598 -104.95 72.82 -34.25
CA PRO WA 598 -104.17 71.59 -34.09
C PRO WA 598 -105.08 70.37 -34.05
N ALA WA 599 -104.60 69.28 -34.64
CA ALA WA 599 -105.37 68.06 -34.75
C ALA WA 599 -104.53 66.86 -34.35
N THR WA 600 -105.14 65.97 -33.59
CA THR WA 600 -104.50 64.74 -33.15
C THR WA 600 -105.31 63.55 -33.65
N GLY WA 601 -104.61 62.44 -33.82
CA GLY WA 601 -105.26 61.19 -34.18
C GLY WA 601 -104.81 60.08 -33.25
N ASP WA 602 -105.71 59.12 -33.04
CA ASP WA 602 -105.42 58.00 -32.17
C ASP WA 602 -104.49 57.02 -32.87
N VAL WA 603 -103.53 56.49 -32.11
CA VAL WA 603 -102.56 55.54 -32.60
C VAL WA 603 -102.97 54.17 -32.10
N HIS WA 604 -103.45 53.32 -33.00
CA HIS WA 604 -104.03 52.04 -32.61
C HIS WA 604 -103.03 50.90 -32.69
N ALA WA 605 -102.12 50.94 -33.65
CA ALA WA 605 -101.04 49.98 -33.77
C ALA WA 605 -99.72 50.74 -33.76
N MET WA 606 -98.86 50.44 -32.80
CA MET WA 606 -97.58 51.11 -32.66
C MET WA 606 -96.48 50.07 -32.65
N GLY WA 607 -95.55 50.20 -33.59
CA GLY WA 607 -94.38 49.35 -33.61
C GLY WA 607 -93.33 49.82 -32.63
N ALA WA 608 -92.22 49.10 -32.59
CA ALA WA 608 -91.19 49.38 -31.60
C ALA WA 608 -90.52 50.71 -31.88
N LEU WA 609 -90.51 51.59 -30.88
CA LEU WA 609 -89.77 52.83 -30.86
C LEU WA 609 -88.61 52.71 -29.87
N PRO WA 610 -87.48 53.36 -30.14
CA PRO WA 610 -86.40 53.36 -29.15
C PRO WA 610 -86.85 54.03 -27.86
N GLY WA 611 -86.41 53.45 -26.75
CA GLY WA 611 -86.87 53.85 -25.45
C GLY WA 611 -88.06 53.07 -24.93
N MET WA 612 -88.64 52.20 -25.75
CA MET WA 612 -89.76 51.38 -25.33
C MET WA 612 -89.32 50.27 -24.40
N VAL WA 613 -90.12 50.01 -23.37
CA VAL WA 613 -89.91 48.90 -22.45
C VAL WA 613 -91.23 48.17 -22.27
N TRP WA 614 -91.16 46.86 -22.12
CA TRP WA 614 -92.37 46.06 -22.00
C TRP WA 614 -92.07 44.78 -21.25
N GLN WA 615 -93.13 44.13 -20.80
CA GLN WA 615 -93.07 42.78 -20.26
C GLN WA 615 -93.69 41.80 -21.23
N ASP WA 616 -93.21 40.56 -21.18
CA ASP WA 616 -93.76 39.51 -22.02
C ASP WA 616 -95.01 38.93 -21.38
N ARG WA 617 -95.69 38.05 -22.11
CA ARG WA 617 -96.86 37.38 -21.59
C ARG WA 617 -96.47 36.43 -20.46
N ASP WA 618 -97.40 36.25 -19.53
CA ASP WA 618 -97.20 35.34 -18.42
C ASP WA 618 -97.32 33.89 -18.87
N VAL WA 619 -96.67 33.00 -18.14
CA VAL WA 619 -96.83 31.57 -18.33
C VAL WA 619 -97.77 31.05 -17.26
N TYR WA 620 -98.46 29.96 -17.57
CA TYR WA 620 -99.45 29.38 -16.69
C TYR WA 620 -99.14 27.90 -16.48
N LEU WA 621 -99.67 27.36 -15.39
CA LEU WA 621 -99.47 25.94 -15.12
C LEU WA 621 -100.05 25.07 -16.23
N GLN WA 622 -101.14 25.52 -16.86
CA GLN WA 622 -101.76 24.81 -17.95
C GLN WA 622 -101.23 25.21 -19.32
N GLY WA 623 -100.27 26.13 -19.38
CA GLY WA 623 -99.85 26.70 -20.64
C GLY WA 623 -98.57 26.10 -21.18
N PRO WA 624 -98.19 26.51 -22.38
CA PRO WA 624 -96.97 25.97 -23.01
C PRO WA 624 -95.70 26.46 -22.34
N ILE WA 625 -94.66 25.67 -22.47
CA ILE WA 625 -93.35 26.01 -21.91
C ILE WA 625 -92.48 26.72 -22.93
N TRP WA 626 -92.31 26.15 -24.12
CA TRP WA 626 -91.38 26.67 -25.10
C TRP WA 626 -92.03 26.71 -26.47
N ALA WA 627 -91.30 27.29 -27.41
CA ALA WA 627 -91.66 27.27 -28.81
C ALA WA 627 -90.39 27.38 -29.64
N LYS WA 628 -90.36 26.69 -30.77
CA LYS WA 628 -89.25 26.83 -31.70
C LYS WA 628 -89.33 28.18 -32.40
N ILE WA 629 -88.24 28.92 -32.37
CA ILE WA 629 -88.15 30.17 -33.12
C ILE WA 629 -87.97 29.85 -34.60
N PRO WA 630 -88.80 30.39 -35.48
CA PRO WA 630 -88.67 30.07 -36.90
C PRO WA 630 -87.29 30.43 -37.44
N HIS WA 631 -86.77 29.57 -38.30
CA HIS WA 631 -85.45 29.79 -38.91
C HIS WA 631 -85.61 30.78 -40.05
N THR WA 632 -85.54 32.06 -39.71
CA THR WA 632 -85.71 33.16 -40.64
C THR WA 632 -84.48 34.06 -40.58
N ASP WA 633 -84.39 34.97 -41.55
CA ASP WA 633 -83.30 35.94 -41.56
C ASP WA 633 -83.40 36.90 -40.39
N GLY WA 634 -84.60 37.37 -40.09
CA GLY WA 634 -84.77 38.32 -39.00
C GLY WA 634 -85.94 37.94 -38.13
N HIS WA 635 -85.83 38.34 -36.87
CA HIS WA 635 -86.91 38.23 -35.91
C HIS WA 635 -86.67 39.25 -34.82
N PHE WA 636 -87.74 39.85 -34.33
CA PHE WA 636 -87.65 40.88 -33.31
C PHE WA 636 -88.19 40.32 -32.00
N HIS WA 637 -87.32 40.26 -30.99
CA HIS WA 637 -87.67 39.78 -29.65
C HIS WA 637 -88.35 38.43 -29.71
N PRO WA 638 -87.64 37.37 -30.06
CA PRO WA 638 -88.27 36.09 -30.39
C PRO WA 638 -88.80 35.35 -29.18
N SER WA 639 -89.71 36.00 -28.45
CA SER WA 639 -90.42 35.39 -27.35
C SER WA 639 -91.81 34.99 -27.84
N PRO WA 640 -92.22 33.73 -27.65
CA PRO WA 640 -93.48 33.27 -28.22
C PRO WA 640 -94.66 34.10 -27.70
N LEU WA 641 -95.63 34.33 -28.57
CA LEU WA 641 -96.73 35.21 -28.21
C LEU WA 641 -97.73 34.52 -27.29
N MET WA 642 -97.75 33.19 -27.27
CA MET WA 642 -98.54 32.48 -26.27
C MET WA 642 -97.89 32.48 -24.91
N GLY WA 643 -96.63 32.86 -24.82
CA GLY WA 643 -95.90 32.83 -23.57
C GLY WA 643 -94.93 31.66 -23.52
N GLY WA 644 -93.84 31.86 -22.81
CA GLY WA 644 -92.86 30.81 -22.68
C GLY WA 644 -91.48 31.22 -23.19
N PHE WA 645 -90.66 30.21 -23.46
CA PHE WA 645 -89.29 30.41 -23.90
C PHE WA 645 -89.20 30.12 -25.39
N GLY WA 646 -88.69 31.08 -26.15
CA GLY WA 646 -88.40 30.84 -27.54
C GLY WA 646 -87.02 30.26 -27.68
N LEU WA 647 -86.91 29.08 -28.27
CA LEU WA 647 -85.63 28.39 -28.41
C LEU WA 647 -85.32 28.19 -29.89
N LYS WA 648 -84.09 28.51 -30.28
CA LYS WA 648 -83.67 28.21 -31.65
C LYS WA 648 -83.55 26.72 -31.87
N ASN WA 649 -82.98 26.00 -30.90
CA ASN WA 649 -82.95 24.54 -30.90
C ASN WA 649 -83.79 24.06 -29.73
N PRO WA 650 -85.10 23.90 -29.90
CA PRO WA 650 -85.94 23.47 -28.79
C PRO WA 650 -85.73 21.99 -28.52
N PRO WA 651 -86.37 21.44 -27.48
CA PRO WA 651 -86.36 20.00 -27.30
C PRO WA 651 -86.91 19.31 -28.53
N PRO WA 652 -86.18 18.35 -29.09
CA PRO WA 652 -86.60 17.74 -30.34
C PRO WA 652 -87.83 16.86 -30.17
N GLN WA 653 -88.49 16.63 -31.29
CA GLN WA 653 -89.66 15.77 -31.30
C GLN WA 653 -89.24 14.31 -31.20
N ILE WA 654 -89.89 13.58 -30.30
CA ILE WA 654 -89.73 12.14 -30.19
C ILE WA 654 -90.90 11.49 -30.90
N LEU WA 655 -90.61 10.73 -31.93
CA LEU WA 655 -91.61 10.12 -32.78
C LEU WA 655 -91.57 8.62 -32.61
N ILE WA 656 -92.75 8.03 -32.47
CA ILE WA 656 -92.89 6.63 -32.11
C ILE WA 656 -93.99 6.02 -32.97
N LYS WA 657 -93.79 4.79 -33.41
CA LYS WA 657 -94.87 4.09 -34.07
C LYS WA 657 -94.70 2.59 -33.89
N ASN WA 658 -95.79 1.86 -34.08
CA ASN WA 658 -95.72 0.41 -34.04
C ASN WA 658 -95.21 -0.10 -35.38
N THR WA 659 -94.23 -1.00 -35.35
CA THR WA 659 -93.77 -1.59 -36.59
C THR WA 659 -94.89 -2.46 -37.18
N PRO WA 660 -95.24 -2.28 -38.45
CA PRO WA 660 -96.32 -3.10 -39.02
C PRO WA 660 -95.96 -4.58 -39.03
N VAL WA 661 -96.93 -5.41 -38.68
CA VAL WA 661 -96.80 -6.86 -38.75
C VAL WA 661 -97.78 -7.35 -39.80
N PRO WA 662 -97.33 -7.82 -40.95
CA PRO WA 662 -98.25 -8.28 -41.99
C PRO WA 662 -99.02 -9.52 -41.57
N ALA WA 663 -100.23 -9.64 -42.10
CA ALA WA 663 -101.01 -10.84 -41.93
C ALA WA 663 -100.52 -11.93 -42.89
N ASN WA 664 -101.29 -12.99 -43.02
CA ASN WA 664 -100.87 -14.13 -43.82
C ASN WA 664 -100.74 -13.74 -45.29
N PRO WA 665 -99.56 -13.90 -45.90
CA PRO WA 665 -99.41 -13.55 -47.31
C PRO WA 665 -100.00 -14.63 -48.20
N PRO WA 666 -100.27 -14.32 -49.46
CA PRO WA 666 -100.79 -15.34 -50.38
C PRO WA 666 -99.74 -16.41 -50.69
N ALA WA 667 -100.22 -17.56 -51.16
CA ALA WA 667 -99.32 -18.65 -51.53
C ALA WA 667 -98.46 -18.29 -52.73
N GLU WA 668 -99.03 -17.60 -53.72
CA GLU WA 668 -98.31 -17.11 -54.89
C GLU WA 668 -97.86 -15.67 -54.66
N PHE WA 669 -96.76 -15.32 -55.30
CA PHE WA 669 -96.17 -14.00 -55.13
C PHE WA 669 -97.02 -12.93 -55.78
N SER WA 670 -97.15 -11.80 -55.09
CA SER WA 670 -97.83 -10.63 -55.61
C SER WA 670 -96.99 -9.41 -55.31
N ALA WA 671 -96.73 -8.59 -56.31
CA ALA WA 671 -95.94 -7.38 -56.12
C ALA WA 671 -96.74 -6.23 -55.54
N THR WA 672 -98.07 -6.35 -55.50
CA THR WA 672 -98.89 -5.34 -54.85
C THR WA 672 -98.49 -5.22 -53.39
N LYS WA 673 -98.33 -3.99 -52.92
CA LYS WA 673 -97.86 -3.77 -51.56
C LYS WA 673 -98.88 -4.29 -50.56
N PHE WA 674 -98.39 -4.70 -49.40
CA PHE WA 674 -99.22 -5.31 -48.38
C PHE WA 674 -100.24 -4.32 -47.87
N ALA WA 675 -101.48 -4.77 -47.71
CA ALA WA 675 -102.55 -3.97 -47.14
C ALA WA 675 -103.21 -4.65 -45.96
N SER WA 676 -102.94 -5.93 -45.74
CA SER WA 676 -103.51 -6.70 -44.64
C SER WA 676 -102.46 -6.79 -43.54
N PHE WA 677 -102.76 -6.22 -42.39
CA PHE WA 677 -101.83 -6.20 -41.27
C PHE WA 677 -102.49 -6.76 -40.03
N ILE WA 678 -101.67 -7.29 -39.15
CA ILE WA 678 -102.12 -7.74 -37.84
C ILE WA 678 -102.39 -6.51 -36.98
N THR WA 679 -103.59 -6.41 -36.45
CA THR WA 679 -104.01 -5.22 -35.72
C THR WA 679 -103.39 -5.23 -34.34
N GLN WA 680 -102.65 -4.17 -34.00
CA GLN WA 680 -102.00 -4.14 -32.70
C GLN WA 680 -101.77 -2.71 -32.26
N TYR WA 681 -101.57 -2.56 -30.96
CA TYR WA 681 -101.21 -1.29 -30.35
C TYR WA 681 -100.09 -1.54 -29.37
N SER WA 682 -99.60 -0.48 -28.74
CA SER WA 682 -98.57 -0.64 -27.73
C SER WA 682 -98.86 0.26 -26.54
N THR WA 683 -98.30 -0.12 -25.40
CA THR WA 683 -98.44 0.65 -24.18
C THR WA 683 -97.09 0.68 -23.50
N GLY WA 684 -96.92 1.65 -22.62
CA GLY WA 684 -95.65 1.73 -21.92
C GLY WA 684 -95.62 2.90 -20.96
N GLN WA 685 -94.43 3.16 -20.44
CA GLN WA 685 -94.20 4.24 -19.50
C GLN WA 685 -93.20 5.21 -20.09
N VAL WA 686 -93.43 6.49 -19.84
CA VAL WA 686 -92.56 7.57 -20.31
C VAL WA 686 -92.18 8.43 -19.12
N SER WA 687 -90.89 8.74 -19.00
CA SER WA 687 -90.37 9.60 -17.95
C SER WA 687 -89.72 10.82 -18.57
N VAL WA 688 -90.03 11.99 -18.04
CA VAL WA 688 -89.37 13.24 -18.42
C VAL WA 688 -88.87 13.90 -17.15
N GLU WA 689 -87.58 14.25 -17.12
CA GLU WA 689 -86.96 14.94 -16.01
C GLU WA 689 -86.38 16.24 -16.51
N ILE WA 690 -86.83 17.36 -15.96
CA ILE WA 690 -86.30 18.68 -16.32
C ILE WA 690 -85.67 19.31 -15.10
N GLU WA 691 -84.42 19.75 -15.25
CA GLU WA 691 -83.77 20.64 -14.32
C GLU WA 691 -84.04 22.07 -14.73
N TRP WA 692 -84.51 22.88 -13.79
CA TRP WA 692 -84.80 24.29 -13.96
C TRP WA 692 -83.91 25.10 -13.04
N GLU WA 693 -83.36 26.19 -13.57
CA GLU WA 693 -82.63 27.17 -12.79
C GLU WA 693 -83.59 28.23 -12.27
N LEU WA 694 -83.44 28.56 -10.99
CA LEU WA 694 -84.26 29.53 -10.30
C LEU WA 694 -83.50 30.83 -10.11
N GLN WA 695 -84.25 31.91 -10.03
CA GLN WA 695 -83.72 33.24 -9.76
C GLN WA 695 -84.50 33.75 -8.56
N LYS WA 696 -83.83 33.73 -7.40
CA LYS WA 696 -84.45 34.02 -6.13
C LYS WA 696 -84.76 35.50 -5.99
N GLU WA 697 -85.81 35.80 -5.24
CA GLU WA 697 -86.10 37.18 -4.88
C GLU WA 697 -85.02 37.70 -3.94
N ASN WA 698 -84.71 38.98 -4.06
CA ASN WA 698 -83.78 39.66 -3.17
C ASN WA 698 -84.39 40.96 -2.66
N SER WA 699 -85.69 40.93 -2.34
CA SER WA 699 -86.45 42.15 -2.14
C SER WA 699 -86.19 42.75 -0.77
N LYS WA 700 -86.25 44.08 -0.71
CA LYS WA 700 -86.17 44.82 0.53
C LYS WA 700 -87.53 45.40 0.91
N ARG WA 701 -88.59 44.93 0.28
CA ARG WA 701 -89.94 45.39 0.57
C ARG WA 701 -90.32 45.08 2.01
N TRP WA 702 -90.99 46.01 2.67
CA TRP WA 702 -91.32 45.86 4.07
C TRP WA 702 -92.64 45.14 4.29
N ASN WA 703 -93.70 45.57 3.61
CA ASN WA 703 -95.00 44.97 3.79
C ASN WA 703 -95.06 43.60 3.12
N PRO WA 704 -95.97 42.74 3.55
CA PRO WA 704 -96.05 41.40 2.96
C PRO WA 704 -96.47 41.43 1.49
N GLU WA 705 -96.01 40.43 0.76
CA GLU WA 705 -96.28 40.31 -0.67
C GLU WA 705 -97.61 39.61 -0.91
N VAL WA 706 -98.12 39.76 -2.11
CA VAL WA 706 -99.26 38.97 -2.58
C VAL WA 706 -98.75 37.59 -2.97
N GLN WA 707 -99.41 36.56 -2.46
CA GLN WA 707 -99.05 35.18 -2.73
C GLN WA 707 -100.24 34.46 -3.33
N TYR WA 708 -99.96 33.43 -4.12
CA TYR WA 708 -101.04 32.53 -4.53
C TYR WA 708 -101.36 31.60 -3.37
N THR WA 709 -102.63 31.53 -3.01
CA THR WA 709 -103.03 30.74 -1.86
C THR WA 709 -104.29 29.94 -2.19
N SER WA 710 -104.44 28.82 -1.50
CA SER WA 710 -105.70 28.12 -1.46
C SER WA 710 -106.70 28.91 -0.61
N ASN WA 711 -107.96 28.82 -0.98
CA ASN WA 711 -109.01 29.44 -0.19
C ASN WA 711 -109.33 28.55 1.00
N TYR WA 712 -109.34 29.13 2.20
CA TYR WA 712 -109.74 28.42 3.41
C TYR WA 712 -111.24 28.63 3.55
N ALA WA 713 -112.01 27.56 3.37
CA ALA WA 713 -113.45 27.62 3.51
C ALA WA 713 -113.99 26.22 3.31
N LYS WA 714 -115.10 25.92 3.98
CA LYS WA 714 -115.77 24.66 3.72
C LYS WA 714 -116.26 24.64 2.27
N SER WA 715 -115.76 23.66 1.51
CA SER WA 715 -116.13 23.51 0.12
C SER WA 715 -116.46 22.04 -0.13
N ALA WA 716 -117.31 21.80 -1.11
CA ALA WA 716 -117.70 20.43 -1.42
C ALA WA 716 -116.50 19.63 -1.92
N ASN WA 717 -115.56 20.28 -2.59
CA ASN WA 717 -114.37 19.65 -3.12
C ASN WA 717 -113.14 20.45 -2.73
N VAL WA 718 -111.98 19.83 -2.87
CA VAL WA 718 -110.70 20.51 -2.75
C VAL WA 718 -110.22 20.87 -4.14
N ASP WA 719 -109.64 22.06 -4.28
CA ASP WA 719 -109.15 22.51 -5.56
C ASP WA 719 -107.96 21.67 -6.02
N PHE WA 720 -107.89 21.44 -7.33
CA PHE WA 720 -106.81 20.66 -7.93
C PHE WA 720 -106.77 19.24 -7.39
N THR WA 721 -107.94 18.62 -7.30
CA THR WA 721 -108.04 17.23 -6.84
C THR WA 721 -108.98 16.46 -7.75
N VAL WA 722 -109.32 15.25 -7.36
CA VAL WA 722 -110.28 14.43 -8.07
C VAL WA 722 -111.63 14.59 -7.39
N ASP WA 723 -112.69 14.31 -8.12
CA ASP WA 723 -114.03 14.30 -7.54
C ASP WA 723 -114.40 12.87 -7.16
N ASN WA 724 -115.66 12.64 -6.79
CA ASN WA 724 -116.10 11.31 -6.43
C ASN WA 724 -116.13 10.36 -7.62
N ASN WA 725 -116.09 10.88 -8.84
CA ASN WA 725 -116.02 10.05 -10.03
C ASN WA 725 -114.61 9.76 -10.49
N GLY WA 726 -113.60 10.35 -9.86
CA GLY WA 726 -112.23 10.15 -10.22
C GLY WA 726 -111.68 11.08 -11.26
N LEU WA 727 -112.34 12.20 -11.53
CA LEU WA 727 -111.94 13.11 -12.59
C LEU WA 727 -111.11 14.25 -12.00
N TYR WA 728 -109.87 14.35 -12.43
CA TYR WA 728 -109.00 15.44 -12.00
C TYR WA 728 -109.38 16.71 -12.73
N THR WA 729 -109.54 17.80 -11.99
CA THR WA 729 -109.91 19.09 -12.55
C THR WA 729 -109.00 20.17 -11.99
N GLU WA 730 -108.77 21.21 -12.80
CA GLU WA 730 -108.05 22.38 -12.37
C GLU WA 730 -109.01 23.57 -12.34
N PRO WA 731 -109.35 24.09 -11.17
CA PRO WA 731 -110.40 25.12 -11.08
C PRO WA 731 -110.09 26.43 -11.79
N ARG WA 732 -108.83 26.82 -11.84
CA ARG WA 732 -108.48 28.14 -12.37
C ARG WA 732 -107.09 28.06 -12.98
N PRO WA 733 -106.77 28.97 -13.90
CA PRO WA 733 -105.39 29.08 -14.38
C PRO WA 733 -104.55 29.91 -13.42
N ILE WA 734 -103.35 29.42 -13.11
CA ILE WA 734 -102.45 30.10 -12.19
C ILE WA 734 -101.28 30.66 -12.99
N GLY WA 735 -101.07 31.97 -12.87
CA GLY WA 735 -99.91 32.60 -13.46
C GLY WA 735 -98.69 32.53 -12.55
N THR WA 736 -97.75 33.41 -12.81
CA THR WA 736 -96.48 33.43 -12.09
C THR WA 736 -96.22 34.71 -11.33
N ARG WA 737 -96.85 35.81 -11.71
CA ARG WA 737 -96.45 37.14 -11.25
C ARG WA 737 -97.15 37.46 -9.94
N TYR WA 738 -96.54 37.08 -8.82
CA TYR WA 738 -97.09 37.36 -7.51
C TYR WA 738 -96.14 38.23 -6.69
N LEU WA 739 -94.88 37.84 -6.64
CA LEU WA 739 -93.86 38.70 -6.04
C LEU WA 739 -93.72 39.96 -6.86
N THR WA 740 -93.14 41.00 -6.27
CA THR WA 740 -92.95 42.26 -6.96
C THR WA 740 -91.50 42.69 -6.88
N ARG WA 741 -91.14 43.60 -7.78
CA ARG WA 741 -89.83 44.23 -7.73
C ARG WA 741 -89.97 45.64 -8.30
N PRO WA 742 -89.09 46.56 -7.92
CA PRO WA 742 -89.19 47.93 -8.44
C PRO WA 742 -88.84 47.99 -9.92
N LEU WA 743 -89.50 48.91 -10.62
CA LEU WA 743 -89.36 49.03 -12.05
C LEU WA 743 -88.01 49.65 -12.45
N ASP XA 219 -80.62 -13.41 -29.55
CA ASP XA 219 -80.33 -12.66 -28.33
C ASP XA 219 -81.53 -12.61 -27.39
N GLY XA 220 -82.60 -13.32 -27.75
CA GLY XA 220 -83.76 -13.47 -26.90
C GLY XA 220 -85.05 -13.09 -27.61
N VAL XA 221 -86.15 -13.50 -26.99
CA VAL XA 221 -87.48 -13.20 -27.51
C VAL XA 221 -87.80 -11.72 -27.35
N GLY XA 222 -87.44 -11.12 -26.22
CA GLY XA 222 -87.87 -9.76 -25.93
C GLY XA 222 -86.82 -8.70 -26.20
N ASN XA 223 -85.83 -9.03 -27.01
CA ASN XA 223 -84.74 -8.12 -27.35
C ASN XA 223 -84.67 -8.01 -28.87
N ALA XA 224 -84.73 -6.77 -29.37
CA ALA XA 224 -84.66 -6.55 -30.81
C ALA XA 224 -83.24 -6.82 -31.31
N SER XA 225 -83.14 -7.47 -32.46
CA SER XA 225 -81.84 -7.83 -33.02
C SER XA 225 -81.33 -6.82 -34.03
N GLY XA 226 -82.00 -5.70 -34.22
CA GLY XA 226 -81.49 -4.67 -35.10
C GLY XA 226 -82.35 -3.44 -35.01
N ASN XA 227 -81.85 -2.36 -35.60
CA ASN XA 227 -82.51 -1.07 -35.61
C ASN XA 227 -82.84 -0.67 -37.04
N TRP XA 228 -83.70 0.33 -37.16
CA TRP XA 228 -84.09 0.85 -38.46
C TRP XA 228 -83.01 1.81 -38.93
N HIS XA 229 -82.31 1.44 -39.99
CA HIS XA 229 -81.25 2.26 -40.57
C HIS XA 229 -81.64 2.62 -42.00
N CYS XA 230 -82.29 3.76 -42.15
CA CYS XA 230 -82.68 4.28 -43.46
C CYS XA 230 -82.20 5.72 -43.55
N ASP XA 231 -81.18 5.96 -44.36
CA ASP XA 231 -80.48 7.24 -44.33
C ASP XA 231 -79.73 7.39 -45.64
N SER XA 232 -79.07 8.54 -45.79
CA SER XA 232 -78.19 8.78 -46.91
C SER XA 232 -77.16 9.83 -46.48
N THR XA 233 -75.89 9.45 -46.49
CA THR XA 233 -74.81 10.32 -46.06
C THR XA 233 -73.96 10.68 -47.27
N TRP XA 234 -73.75 11.96 -47.48
CA TRP XA 234 -72.97 12.47 -48.60
C TRP XA 234 -71.63 12.95 -48.09
N LEU XA 235 -70.57 12.24 -48.44
CA LEU XA 235 -69.22 12.68 -48.16
C LEU XA 235 -68.70 13.42 -49.39
N GLY XA 236 -67.41 13.71 -49.43
CA GLY XA 236 -66.88 14.47 -50.55
C GLY XA 236 -67.00 13.73 -51.87
N ASP XA 237 -66.53 12.49 -51.92
CA ASP XA 237 -66.56 11.71 -53.14
C ASP XA 237 -67.31 10.41 -53.01
N ARG XA 238 -67.93 10.15 -51.86
CA ARG XA 238 -68.74 8.96 -51.64
C ARG XA 238 -70.14 9.39 -51.25
N VAL XA 239 -71.09 8.50 -51.49
CA VAL XA 239 -72.40 8.59 -50.88
C VAL XA 239 -72.77 7.21 -50.36
N ILE XA 240 -73.24 7.15 -49.11
CA ILE XA 240 -73.64 5.90 -48.50
C ILE XA 240 -75.15 5.93 -48.32
N THR XA 241 -75.84 5.01 -48.97
CA THR XA 241 -77.29 4.91 -48.90
C THR XA 241 -77.67 3.68 -48.09
N THR XA 242 -78.49 3.87 -47.06
CA THR XA 242 -79.01 2.78 -46.24
C THR XA 242 -80.52 2.71 -46.39
N SER XA 243 -81.04 1.50 -46.50
CA SER XA 243 -82.48 1.29 -46.67
C SER XA 243 -82.92 0.12 -45.82
N THR XA 244 -83.92 0.34 -44.98
CA THR XA 244 -84.57 -0.71 -44.22
C THR XA 244 -86.00 -0.86 -44.70
N ARG XA 245 -86.43 -2.11 -44.85
CA ARG XA 245 -87.79 -2.43 -45.28
C ARG XA 245 -88.33 -3.57 -44.43
N THR XA 246 -89.65 -3.68 -44.39
CA THR XA 246 -90.32 -4.78 -43.73
C THR XA 246 -90.80 -5.78 -44.77
N TRP XA 247 -90.42 -7.03 -44.60
CA TRP XA 247 -90.73 -8.09 -45.54
C TRP XA 247 -91.62 -9.14 -44.90
N ALA XA 248 -92.42 -9.78 -45.74
CA ALA XA 248 -93.20 -10.95 -45.40
C ALA XA 248 -92.84 -12.08 -46.35
N LEU XA 249 -92.52 -13.25 -45.78
CA LEU XA 249 -92.14 -14.43 -46.53
C LEU XA 249 -93.15 -15.54 -46.27
N PRO XA 250 -93.88 -15.98 -47.27
CA PRO XA 250 -94.80 -17.11 -47.06
C PRO XA 250 -94.13 -18.45 -47.26
N THR XA 251 -94.91 -19.52 -47.16
CA THR XA 251 -94.44 -20.84 -47.56
C THR XA 251 -94.80 -21.06 -49.02
N TYR XA 252 -93.80 -21.39 -49.82
CA TYR XA 252 -93.96 -21.56 -51.26
C TYR XA 252 -93.98 -23.04 -51.59
N ASN XA 253 -94.95 -23.46 -52.42
CA ASN XA 253 -95.05 -24.80 -52.97
C ASN XA 253 -95.35 -25.86 -51.93
N ASN XA 254 -95.77 -25.48 -50.72
CA ASN XA 254 -95.90 -26.40 -49.60
C ASN XA 254 -94.58 -27.10 -49.31
N HIS XA 255 -93.49 -26.34 -49.32
CA HIS XA 255 -92.14 -26.83 -49.03
C HIS XA 255 -91.65 -27.85 -50.06
N LEU XA 256 -92.18 -27.76 -51.28
CA LEU XA 256 -91.86 -28.75 -52.30
C LEU XA 256 -91.05 -28.10 -53.43
N TYR XA 257 -90.19 -28.91 -54.04
CA TYR XA 257 -89.55 -28.57 -55.29
C TYR XA 257 -90.40 -29.13 -56.42
N LYS XA 258 -90.80 -28.29 -57.35
CA LYS XA 258 -91.68 -28.72 -58.43
C LYS XA 258 -91.01 -28.46 -59.76
N GLN XA 259 -91.20 -29.39 -60.69
CA GLN XA 259 -90.70 -29.25 -62.05
C GLN XA 259 -91.74 -28.54 -62.89
N ILE XA 260 -91.34 -27.45 -63.53
CA ILE XA 260 -92.26 -26.63 -64.32
C ILE XA 260 -91.78 -26.64 -65.76
N SER XA 261 -92.74 -26.61 -66.69
CA SER XA 261 -92.45 -26.54 -68.10
C SER XA 261 -93.64 -25.92 -68.81
N SER XA 262 -93.59 -25.90 -70.14
CA SER XA 262 -94.64 -25.30 -70.96
C SER XA 262 -95.55 -26.35 -71.57
N ALA XA 263 -95.41 -27.61 -71.18
CA ALA XA 263 -96.18 -28.69 -71.81
C ALA XA 263 -97.68 -28.52 -71.58
N SER XA 264 -98.07 -28.20 -70.35
CA SER XA 264 -99.48 -27.95 -70.09
C SER XA 264 -99.93 -26.60 -70.64
N THR XA 265 -99.01 -25.63 -70.68
CA THR XA 265 -99.35 -24.32 -71.20
C THR XA 265 -99.72 -24.39 -72.68
N GLY XA 266 -99.05 -25.24 -73.44
CA GLY XA 266 -99.29 -25.30 -74.86
C GLY XA 266 -98.85 -24.05 -75.59
N ALA XA 267 -97.66 -23.54 -75.28
CA ALA XA 267 -97.15 -22.31 -75.85
C ALA XA 267 -96.57 -22.55 -77.23
N SER XA 268 -96.15 -21.48 -77.89
CA SER XA 268 -95.46 -21.58 -79.16
C SER XA 268 -94.04 -22.07 -78.95
N ASN XA 269 -93.39 -22.43 -80.06
CA ASN XA 269 -92.03 -22.95 -79.98
C ASN XA 269 -91.07 -21.93 -79.38
N ASP XA 270 -91.36 -20.65 -79.56
CA ASP XA 270 -90.50 -19.59 -79.02
C ASP XA 270 -90.63 -19.44 -77.52
N ASN XA 271 -91.73 -19.88 -76.93
CA ASN XA 271 -92.01 -19.67 -75.52
C ASN XA 271 -91.88 -20.94 -74.69
N HIS XA 272 -91.33 -21.99 -75.28
CA HIS XA 272 -91.14 -23.24 -74.54
C HIS XA 272 -90.07 -23.08 -73.48
N TYR XA 273 -90.25 -23.76 -72.36
CA TYR XA 273 -89.26 -23.70 -71.29
C TYR XA 273 -89.35 -24.95 -70.43
N PHE XA 274 -88.29 -25.18 -69.67
CA PHE XA 274 -88.22 -26.26 -68.70
C PHE XA 274 -87.41 -25.74 -67.52
N GLY XA 275 -87.89 -25.99 -66.31
CA GLY XA 275 -87.18 -25.51 -65.15
C GLY XA 275 -87.75 -26.05 -63.87
N TYR XA 276 -87.41 -25.38 -62.78
CA TYR XA 276 -87.81 -25.82 -61.46
C TYR XA 276 -88.26 -24.64 -60.62
N SER XA 277 -89.26 -24.90 -59.77
CA SER XA 277 -89.77 -23.96 -58.78
C SER XA 277 -89.33 -24.44 -57.41
N THR XA 278 -88.65 -23.60 -56.66
CA THR XA 278 -88.21 -24.04 -55.35
C THR XA 278 -89.11 -23.46 -54.26
N PRO XA 279 -89.09 -24.02 -53.06
CA PRO XA 279 -89.83 -23.42 -51.94
C PRO XA 279 -89.15 -22.20 -51.32
N TRP XA 280 -88.03 -21.75 -51.88
CA TRP XA 280 -87.29 -20.63 -51.35
C TRP XA 280 -87.75 -19.32 -51.97
N GLY XA 281 -87.59 -18.24 -51.22
CA GLY XA 281 -87.67 -16.90 -51.75
C GLY XA 281 -86.27 -16.28 -51.77
N TYR XA 282 -86.16 -15.15 -52.43
CA TYR XA 282 -84.89 -14.46 -52.52
C TYR XA 282 -85.08 -12.98 -52.26
N PHE XA 283 -83.99 -12.34 -51.84
CA PHE XA 283 -83.99 -10.90 -51.57
C PHE XA 283 -83.42 -10.18 -52.77
N ASP XA 284 -84.14 -9.16 -53.24
CA ASP XA 284 -83.76 -8.39 -54.41
C ASP XA 284 -83.73 -6.92 -54.06
N PHE XA 285 -82.60 -6.28 -54.32
CA PHE XA 285 -82.48 -4.84 -54.17
C PHE XA 285 -81.72 -4.29 -55.39
N ASN XA 286 -82.07 -4.78 -56.57
CA ASN XA 286 -81.41 -4.43 -57.81
C ASN XA 286 -82.15 -3.36 -58.60
N ARG XA 287 -82.71 -2.37 -57.90
CA ARG XA 287 -83.24 -1.17 -58.53
C ARG XA 287 -82.70 0.04 -57.79
N PHE XA 288 -82.57 1.15 -58.50
CA PHE XA 288 -81.93 2.32 -57.91
C PHE XA 288 -82.81 2.97 -56.85
N HIS XA 289 -84.13 2.87 -56.97
CA HIS XA 289 -85.01 3.48 -56.00
C HIS XA 289 -85.15 2.67 -54.71
N CYS XA 290 -84.59 1.46 -54.67
CA CYS XA 290 -84.47 0.76 -53.40
C CYS XA 290 -83.44 1.43 -52.49
N HIS XA 291 -82.60 2.29 -53.04
CA HIS XA 291 -81.52 2.92 -52.30
C HIS XA 291 -81.55 4.43 -52.31
N PHE XA 292 -82.03 5.06 -53.38
CA PHE XA 292 -82.05 6.51 -53.50
C PHE XA 292 -83.48 7.00 -53.39
N SER XA 293 -83.70 8.00 -52.54
CA SER XA 293 -84.91 8.77 -52.63
C SER XA 293 -84.84 9.63 -53.89
N PRO XA 294 -85.99 10.11 -54.38
CA PRO XA 294 -85.94 11.01 -55.54
C PRO XA 294 -85.10 12.25 -55.30
N ARG XA 295 -85.12 12.80 -54.10
CA ARG XA 295 -84.26 13.93 -53.77
C ARG XA 295 -82.78 13.55 -53.85
N ASP XA 296 -82.42 12.38 -53.33
CA ASP XA 296 -81.03 11.93 -53.41
C ASP XA 296 -80.61 11.67 -54.84
N TRP XA 297 -81.51 11.11 -55.65
CA TRP XA 297 -81.22 10.87 -57.06
C TRP XA 297 -80.99 12.19 -57.78
N GLN XA 298 -81.83 13.19 -57.51
CA GLN XA 298 -81.63 14.50 -58.12
C GLN XA 298 -80.32 15.12 -57.68
N ARG XA 299 -79.99 15.00 -56.40
CA ARG XA 299 -78.72 15.52 -55.90
C ARG XA 299 -77.54 14.84 -56.58
N LEU XA 300 -77.64 13.53 -56.83
CA LEU XA 300 -76.57 12.81 -57.51
C LEU XA 300 -76.43 13.25 -58.97
N ILE XA 301 -77.55 13.26 -59.70
CA ILE XA 301 -77.49 13.45 -61.15
C ILE XA 301 -77.29 14.91 -61.53
N ASN XA 302 -77.61 15.86 -60.67
CA ASN XA 302 -77.40 17.25 -60.98
C ASN XA 302 -75.98 17.72 -60.69
N ASN XA 303 -75.19 16.92 -60.00
CA ASN XA 303 -73.90 17.36 -59.50
C ASN XA 303 -72.74 16.46 -59.85
N ASN XA 304 -72.98 15.23 -60.30
CA ASN XA 304 -71.90 14.29 -60.52
C ASN XA 304 -71.80 13.91 -61.99
N TRP XA 305 -70.58 13.81 -62.48
CA TRP XA 305 -70.32 13.33 -63.83
C TRP XA 305 -70.38 11.82 -63.92
N GLY XA 306 -70.22 11.12 -62.82
CA GLY XA 306 -70.34 9.67 -62.89
C GLY XA 306 -70.46 9.07 -61.51
N PHE XA 307 -70.84 7.80 -61.48
CA PHE XA 307 -70.90 7.12 -60.20
C PHE XA 307 -70.80 5.63 -60.37
N ARG XA 308 -70.45 4.93 -59.29
CA ARG XA 308 -70.37 3.48 -59.32
C ARG XA 308 -70.47 2.94 -57.91
N PRO XA 309 -70.84 1.68 -57.74
CA PRO XA 309 -70.89 1.10 -56.39
C PRO XA 309 -69.57 0.51 -55.93
N LYS XA 310 -69.25 0.77 -54.66
CA LYS XA 310 -68.04 0.31 -54.00
C LYS XA 310 -68.29 -0.87 -53.07
N ARG XA 311 -69.25 -0.76 -52.15
CA ARG XA 311 -69.41 -1.89 -51.25
C ARG XA 311 -70.84 -1.93 -50.72
N LEU XA 312 -71.21 -3.06 -50.13
CA LEU XA 312 -72.54 -3.17 -49.55
C LEU XA 312 -72.52 -4.07 -48.31
N ASN XA 313 -73.45 -3.76 -47.41
CA ASN XA 313 -73.77 -4.54 -46.22
C ASN XA 313 -75.23 -4.93 -46.27
N PHE XA 314 -75.51 -6.17 -45.91
CA PHE XA 314 -76.86 -6.71 -45.89
C PHE XA 314 -77.12 -7.24 -44.50
N LYS XA 315 -78.25 -6.89 -43.92
CA LYS XA 315 -78.64 -7.36 -42.60
C LYS XA 315 -80.10 -7.81 -42.63
N LEU XA 316 -80.38 -8.88 -41.90
CA LEU XA 316 -81.71 -9.46 -41.76
C LEU XA 316 -81.97 -9.60 -40.27
N PHE XA 317 -83.01 -8.96 -39.76
CA PHE XA 317 -83.16 -8.87 -38.32
C PHE XA 317 -84.64 -8.80 -37.97
N ASN XA 318 -84.92 -9.05 -36.69
CA ASN XA 318 -86.26 -8.99 -36.10
C ASN XA 318 -87.18 -9.99 -36.77
N ILE XA 319 -86.77 -11.26 -36.76
CA ILE XA 319 -87.53 -12.33 -37.38
C ILE XA 319 -88.71 -12.68 -36.49
N GLN XA 320 -89.89 -12.80 -37.10
CA GLN XA 320 -91.08 -13.27 -36.40
C GLN XA 320 -91.75 -14.33 -37.26
N VAL XA 321 -91.83 -15.54 -36.76
CA VAL XA 321 -92.57 -16.61 -37.44
C VAL XA 321 -93.97 -16.66 -36.86
N LYS XA 322 -94.95 -16.68 -37.74
CA LYS XA 322 -96.35 -16.66 -37.37
C LYS XA 322 -97.04 -17.93 -37.88
N GLU XA 323 -97.74 -18.60 -36.99
CA GLU XA 323 -98.58 -19.75 -37.29
C GLU XA 323 -99.99 -19.31 -37.63
N VAL XA 324 -100.56 -19.90 -38.67
CA VAL XA 324 -101.89 -19.55 -39.16
C VAL XA 324 -102.78 -20.78 -39.14
N THR XA 325 -103.98 -20.64 -38.54
CA THR XA 325 -105.00 -21.69 -38.55
C THR XA 325 -106.31 -21.08 -39.01
N THR XA 326 -106.91 -21.66 -40.04
CA THR XA 326 -108.23 -21.23 -40.50
C THR XA 326 -109.25 -22.32 -40.17
N ASN XA 327 -110.20 -21.98 -39.30
CA ASN XA 327 -111.28 -22.87 -38.90
C ASN XA 327 -112.62 -22.18 -39.09
N ASP XA 328 -113.55 -22.88 -39.75
CA ASP XA 328 -114.91 -22.37 -39.97
C ASP XA 328 -114.90 -21.01 -40.65
N GLY XA 329 -113.85 -20.73 -41.41
CA GLY XA 329 -113.72 -19.48 -42.13
C GLY XA 329 -113.00 -18.37 -41.39
N VAL XA 330 -112.77 -18.52 -40.09
CA VAL XA 330 -112.07 -17.49 -39.32
C VAL XA 330 -110.63 -17.91 -39.12
N THR XA 331 -109.73 -16.93 -39.20
CA THR XA 331 -108.29 -17.15 -39.23
C THR XA 331 -107.66 -16.65 -37.94
N THR XA 332 -106.89 -17.52 -37.30
CA THR XA 332 -106.12 -17.20 -36.11
C THR XA 332 -104.64 -17.18 -36.48
N ILE XA 333 -103.95 -16.13 -36.03
CA ILE XA 333 -102.51 -16.01 -36.20
C ILE XA 333 -101.88 -15.94 -34.83
N ALA XA 334 -100.88 -16.77 -34.60
CA ALA XA 334 -100.15 -16.79 -33.34
C ALA XA 334 -98.66 -16.71 -33.62
N ASN XA 335 -97.90 -16.42 -32.58
CA ASN XA 335 -96.45 -16.44 -32.69
C ASN XA 335 -95.92 -17.85 -32.50
N ASN XA 336 -94.97 -18.24 -33.33
CA ASN XA 336 -94.28 -19.51 -33.19
C ASN XA 336 -92.85 -19.17 -32.77
N LEU XA 337 -92.59 -19.23 -31.47
CA LEU XA 337 -91.33 -18.73 -30.94
C LEU XA 337 -90.15 -19.66 -31.23
N THR XA 338 -90.40 -20.91 -31.58
CA THR XA 338 -89.33 -21.89 -31.77
C THR XA 338 -89.11 -22.26 -33.22
N SER XA 339 -89.75 -21.57 -34.16
CA SER XA 339 -89.56 -21.86 -35.57
C SER XA 339 -88.40 -21.06 -36.13
N THR XA 340 -87.86 -21.53 -37.26
CA THR XA 340 -86.68 -20.93 -37.86
C THR XA 340 -86.93 -20.56 -39.31
N VAL XA 341 -86.15 -19.58 -39.78
CA VAL XA 341 -85.99 -19.31 -41.19
C VAL XA 341 -84.56 -19.64 -41.57
N GLN XA 342 -84.40 -20.36 -42.68
CA GLN XA 342 -83.08 -20.64 -43.23
C GLN XA 342 -82.70 -19.55 -44.21
N VAL XA 343 -81.51 -19.00 -44.06
CA VAL XA 343 -80.98 -17.96 -44.93
C VAL XA 343 -79.59 -18.36 -45.37
N PHE XA 344 -79.30 -18.20 -46.65
CA PHE XA 344 -77.92 -18.34 -47.09
C PHE XA 344 -77.66 -17.42 -48.27
N SER XA 345 -76.38 -17.05 -48.42
CA SER XA 345 -75.92 -16.23 -49.53
C SER XA 345 -75.14 -17.13 -50.49
N ASP XA 346 -75.45 -17.03 -51.78
CA ASP XA 346 -74.80 -17.86 -52.79
C ASP XA 346 -73.55 -17.13 -53.27
N SER XA 347 -72.54 -17.12 -52.40
CA SER XA 347 -71.35 -16.32 -52.63
C SER XA 347 -70.42 -16.88 -53.69
N GLU XA 348 -70.55 -18.17 -54.02
CA GLU XA 348 -69.72 -18.79 -55.04
C GLU XA 348 -70.43 -18.91 -56.38
N TYR XA 349 -71.63 -18.34 -56.51
CA TYR XA 349 -72.37 -18.32 -57.76
C TYR XA 349 -72.56 -19.72 -58.33
N GLN XA 350 -72.94 -20.65 -57.46
CA GLN XA 350 -73.18 -22.02 -57.84
C GLN XA 350 -74.61 -22.27 -58.28
N LEU XA 351 -75.47 -21.31 -58.13
CA LEU XA 351 -76.87 -21.36 -58.49
C LEU XA 351 -77.12 -20.54 -59.74
N PRO XA 352 -78.19 -20.84 -60.47
CA PRO XA 352 -78.61 -19.93 -61.54
C PRO XA 352 -78.93 -18.55 -61.01
N TYR XA 353 -78.40 -17.53 -61.67
CA TYR XA 353 -78.57 -16.15 -61.23
C TYR XA 353 -79.82 -15.60 -61.89
N VAL XA 354 -80.91 -15.47 -61.13
CA VAL XA 354 -82.14 -14.94 -61.68
C VAL XA 354 -82.28 -13.45 -61.44
N LEU XA 355 -81.41 -12.85 -60.64
CA LEU XA 355 -81.36 -11.41 -60.56
C LEU XA 355 -80.81 -10.87 -61.87
N GLY XA 356 -81.04 -9.59 -62.12
CA GLY XA 356 -80.59 -9.02 -63.36
C GLY XA 356 -81.46 -9.31 -64.56
N SER XA 357 -82.66 -9.83 -64.35
CA SER XA 357 -83.66 -9.99 -65.39
C SER XA 357 -84.82 -9.02 -65.24
N ALA XA 358 -84.68 -8.03 -64.36
CA ALA XA 358 -85.68 -6.97 -64.17
C ALA XA 358 -87.01 -7.53 -63.68
N HIS XA 359 -86.97 -8.30 -62.60
CA HIS XA 359 -88.15 -8.93 -62.05
C HIS XA 359 -88.73 -8.09 -60.91
N GLN XA 360 -90.01 -8.29 -60.67
CA GLN XA 360 -90.66 -7.72 -59.51
C GLN XA 360 -90.20 -8.40 -58.23
N GLY XA 361 -90.43 -7.75 -57.11
CA GLY XA 361 -90.06 -8.33 -55.83
C GLY XA 361 -88.90 -7.64 -55.15
N CYS XA 362 -88.42 -6.53 -55.71
CA CYS XA 362 -87.39 -5.74 -55.06
C CYS XA 362 -87.95 -5.04 -53.82
N LEU XA 363 -87.06 -4.44 -53.05
CA LEU XA 363 -87.51 -3.57 -51.98
C LEU XA 363 -88.32 -2.41 -52.58
N PRO XA 364 -89.44 -2.06 -51.99
CA PRO XA 364 -90.27 -0.98 -52.54
C PRO XA 364 -89.54 0.35 -52.47
N PRO XA 365 -89.84 1.28 -53.39
CA PRO XA 365 -89.17 2.59 -53.33
C PRO XA 365 -89.48 3.36 -52.06
N PHE XA 366 -90.69 3.28 -51.56
CA PHE XA 366 -91.08 4.02 -50.37
C PHE XA 366 -90.73 3.21 -49.11
N PRO XA 367 -89.98 3.79 -48.17
CA PRO XA 367 -89.55 3.02 -46.99
C PRO XA 367 -90.67 2.55 -46.10
N ALA XA 368 -91.87 3.12 -46.22
CA ALA XA 368 -92.98 2.70 -45.37
C ALA XA 368 -93.68 1.46 -45.90
N ASP XA 369 -93.35 1.01 -47.10
CA ASP XA 369 -94.08 -0.09 -47.72
C ASP XA 369 -93.55 -1.43 -47.26
N VAL XA 370 -94.47 -2.37 -47.04
CA VAL XA 370 -94.15 -3.73 -46.64
C VAL XA 370 -94.26 -4.61 -47.87
N PHE XA 371 -93.22 -5.41 -48.12
CA PHE XA 371 -93.17 -6.16 -49.37
C PHE XA 371 -93.10 -7.67 -49.13
N MET XA 372 -93.70 -8.40 -50.05
CA MET XA 372 -93.67 -9.85 -50.06
C MET XA 372 -92.42 -10.33 -50.77
N ILE XA 373 -91.81 -11.38 -50.25
CA ILE XA 373 -90.56 -11.88 -50.83
C ILE XA 373 -90.89 -12.79 -52.02
N PRO XA 374 -90.28 -12.57 -53.18
CA PRO XA 374 -90.60 -13.38 -54.36
C PRO XA 374 -90.03 -14.79 -54.29
N GLN XA 375 -90.71 -15.72 -54.96
CA GLN XA 375 -90.30 -17.11 -54.96
C GLN XA 375 -89.12 -17.33 -55.90
N TYR XA 376 -88.23 -18.24 -55.52
CA TYR XA 376 -87.10 -18.57 -56.35
C TYR XA 376 -87.44 -19.71 -57.30
N GLY XA 377 -87.06 -19.55 -58.55
CA GLY XA 377 -87.19 -20.60 -59.53
C GLY XA 377 -86.19 -20.31 -60.63
N TYR XA 378 -85.85 -21.34 -61.38
CA TYR XA 378 -84.87 -21.19 -62.44
C TYR XA 378 -85.29 -22.02 -63.63
N LEU XA 379 -84.67 -21.74 -64.77
CA LEU XA 379 -84.85 -22.49 -65.98
C LEU XA 379 -83.55 -23.20 -66.32
N THR XA 380 -83.66 -24.33 -66.99
CA THR XA 380 -82.51 -25.09 -67.43
C THR XA 380 -82.66 -25.39 -68.91
N LEU XA 381 -81.69 -26.12 -69.45
CA LEU XA 381 -81.72 -26.47 -70.87
C LEU XA 381 -82.99 -27.22 -71.21
N ASN XA 382 -83.63 -26.81 -72.29
CA ASN XA 382 -84.87 -27.45 -72.73
C ASN XA 382 -84.84 -27.71 -74.23
N ASN XA 383 -85.50 -28.79 -74.62
CA ASN XA 383 -85.72 -29.16 -76.01
C ASN XA 383 -87.22 -29.15 -76.23
N GLY XA 384 -87.76 -27.98 -76.51
CA GLY XA 384 -89.20 -27.82 -76.47
C GLY XA 384 -89.65 -27.69 -75.04
N SER XA 385 -90.66 -28.47 -74.66
CA SER XA 385 -91.08 -28.54 -73.27
C SER XA 385 -90.37 -29.62 -72.50
N GLN XA 386 -89.41 -30.31 -73.11
CA GLN XA 386 -88.69 -31.41 -72.50
C GLN XA 386 -87.32 -30.94 -72.02
N ALA XA 387 -86.67 -31.79 -71.24
CA ALA XA 387 -85.33 -31.55 -70.75
C ALA XA 387 -84.33 -32.29 -71.62
N VAL XA 388 -83.05 -32.14 -71.30
CA VAL XA 388 -81.97 -32.88 -71.93
C VAL XA 388 -81.12 -33.50 -70.84
N GLY XA 389 -80.06 -34.21 -71.25
CA GLY XA 389 -79.17 -34.81 -70.29
C GLY XA 389 -78.39 -33.79 -69.48
N ARG XA 390 -78.04 -32.68 -70.10
CA ARG XA 390 -77.26 -31.63 -69.45
C ARG XA 390 -78.12 -30.63 -68.71
N SER XA 391 -79.43 -30.84 -68.67
CA SER XA 391 -80.29 -30.03 -67.83
C SER XA 391 -79.94 -30.26 -66.37
N SER XA 392 -79.76 -29.18 -65.63
CA SER XA 392 -79.33 -29.26 -64.25
C SER XA 392 -80.52 -29.13 -63.30
N PHE XA 393 -80.37 -29.73 -62.13
CA PHE XA 393 -81.30 -29.58 -61.03
C PHE XA 393 -80.50 -29.18 -59.81
N TYR XA 394 -81.00 -28.23 -59.05
CA TYR XA 394 -80.33 -27.72 -57.88
C TYR XA 394 -81.26 -27.84 -56.69
N CYS XA 395 -80.86 -28.63 -55.70
CA CYS XA 395 -81.50 -28.59 -54.39
C CYS XA 395 -80.83 -27.47 -53.59
N LEU XA 396 -81.62 -26.52 -53.14
CA LEU XA 396 -81.07 -25.43 -52.35
C LEU XA 396 -80.87 -25.81 -50.89
N GLU XA 397 -81.44 -26.92 -50.45
CA GLU XA 397 -81.12 -27.48 -49.15
C GLU XA 397 -79.76 -28.15 -49.13
N TYR XA 398 -79.15 -28.34 -50.30
CA TYR XA 398 -77.80 -28.87 -50.41
C TYR XA 398 -76.74 -27.81 -50.20
N PHE XA 399 -77.10 -26.69 -49.57
CA PHE XA 399 -76.20 -25.61 -49.20
C PHE XA 399 -76.17 -25.48 -47.69
N PRO XA 400 -75.06 -24.98 -47.13
CA PRO XA 400 -75.08 -24.58 -45.71
C PRO XA 400 -75.91 -23.33 -45.53
N SER XA 401 -76.91 -23.42 -44.65
CA SER XA 401 -77.79 -22.31 -44.34
C SER XA 401 -77.62 -21.94 -42.88
N GLN XA 402 -77.85 -20.67 -42.57
CA GLN XA 402 -77.96 -20.23 -41.19
C GLN XA 402 -79.44 -20.29 -40.81
N MET XA 403 -79.72 -20.97 -39.70
CA MET XA 403 -81.07 -21.08 -39.16
C MET XA 403 -81.28 -19.99 -38.12
N LEU XA 404 -82.33 -19.20 -38.30
CA LEU XA 404 -82.59 -18.04 -37.47
C LEU XA 404 -83.90 -18.24 -36.73
N ARG XA 405 -83.83 -18.21 -35.41
CA ARG XA 405 -85.02 -18.10 -34.59
C ARG XA 405 -85.32 -16.61 -34.37
N THR XA 406 -86.30 -16.32 -33.52
CA THR XA 406 -86.76 -14.94 -33.43
C THR XA 406 -85.74 -14.00 -32.80
N GLY XA 407 -84.69 -14.52 -32.17
CA GLY XA 407 -83.70 -13.66 -31.56
C GLY XA 407 -82.43 -13.53 -32.36
N ASN XA 408 -82.35 -14.16 -33.52
CA ASN XA 408 -81.15 -14.19 -34.34
C ASN XA 408 -81.24 -13.19 -35.49
N ASN XA 409 -80.07 -12.80 -35.98
CA ASN XA 409 -79.97 -11.97 -37.17
C ASN XA 409 -78.93 -12.55 -38.11
N PHE XA 410 -78.87 -11.98 -39.31
CA PHE XA 410 -78.03 -12.45 -40.39
C PHE XA 410 -77.32 -11.24 -41.00
N THR XA 411 -76.00 -11.32 -41.16
CA THR XA 411 -75.25 -10.23 -41.76
C THR XA 411 -74.39 -10.76 -42.89
N PHE XA 412 -74.08 -9.89 -43.85
CA PHE XA 412 -73.29 -10.30 -45.00
C PHE XA 412 -72.70 -9.06 -45.65
N SER XA 413 -71.40 -9.07 -45.90
CA SER XA 413 -70.72 -7.96 -46.55
C SER XA 413 -70.24 -8.37 -47.94
N TYR XA 414 -70.17 -7.39 -48.83
CA TYR XA 414 -69.76 -7.66 -50.20
C TYR XA 414 -69.01 -6.44 -50.73
N THR XA 415 -67.96 -6.68 -51.50
CA THR XA 415 -67.21 -5.62 -52.15
C THR XA 415 -67.37 -5.74 -53.66
N PHE XA 416 -67.74 -4.64 -54.30
CA PHE XA 416 -67.84 -4.64 -55.75
C PHE XA 416 -66.46 -4.64 -56.39
N GLU XA 417 -66.37 -5.30 -57.54
CA GLU XA 417 -65.17 -5.21 -58.35
C GLU XA 417 -65.06 -3.81 -58.96
N GLU XA 418 -63.86 -3.49 -59.44
CA GLU XA 418 -63.62 -2.19 -60.04
C GLU XA 418 -64.33 -2.14 -61.38
N VAL XA 419 -65.51 -1.55 -61.39
CA VAL XA 419 -66.35 -1.40 -62.57
C VAL XA 419 -66.16 0.05 -63.04
N PRO XA 420 -66.30 0.35 -64.32
CA PRO XA 420 -66.23 1.76 -64.75
C PRO XA 420 -67.40 2.57 -64.21
N PHE XA 421 -67.13 3.85 -64.01
CA PHE XA 421 -68.18 4.79 -63.62
C PHE XA 421 -69.27 4.81 -64.68
N HIS XA 422 -70.52 4.80 -64.24
CA HIS XA 422 -71.60 5.15 -65.14
C HIS XA 422 -71.56 6.64 -65.39
N SER XA 423 -71.86 7.01 -66.64
CA SER XA 423 -71.76 8.36 -67.15
C SER XA 423 -73.04 9.12 -66.87
N SER XA 424 -73.02 10.03 -65.89
CA SER XA 424 -74.15 10.89 -65.61
C SER XA 424 -74.10 12.19 -66.39
N TYR XA 425 -73.51 12.16 -67.58
CA TYR XA 425 -73.36 13.35 -68.40
C TYR XA 425 -73.85 13.07 -69.81
N ALA XA 426 -74.22 14.14 -70.49
CA ALA XA 426 -74.35 14.20 -71.93
C ALA XA 426 -73.11 14.87 -72.52
N HIS XA 427 -72.99 14.79 -73.83
CA HIS XA 427 -71.89 15.42 -74.54
C HIS XA 427 -72.35 16.76 -75.11
N SER XA 428 -71.51 17.77 -74.94
CA SER XA 428 -71.78 19.10 -75.49
C SER XA 428 -71.43 19.21 -76.96
N GLN XA 429 -70.75 18.23 -77.51
CA GLN XA 429 -70.39 18.22 -78.92
C GLN XA 429 -70.92 16.94 -79.56
N SER XA 430 -71.16 17.01 -80.86
CA SER XA 430 -71.50 15.85 -81.65
C SER XA 430 -70.25 15.27 -82.29
N LEU XA 431 -70.29 13.98 -82.60
CA LEU XA 431 -69.10 13.31 -83.10
C LEU XA 431 -68.71 13.79 -84.49
N ASP XA 432 -69.68 14.21 -85.30
CA ASP XA 432 -69.40 14.75 -86.62
C ASP XA 432 -69.18 16.24 -86.61
N ARG XA 433 -68.98 16.83 -85.44
CA ARG XA 433 -68.79 18.27 -85.29
C ARG XA 433 -67.65 18.56 -84.34
N LEU XA 434 -66.55 17.83 -84.48
CA LEU XA 434 -65.41 17.95 -83.57
C LEU XA 434 -64.31 18.84 -84.13
N MET XA 435 -64.56 19.53 -85.23
CA MET XA 435 -63.55 20.30 -85.92
C MET XA 435 -63.56 21.75 -85.48
N ASN XA 436 -62.50 22.46 -85.82
CA ASN XA 436 -62.47 23.91 -85.74
C ASN XA 436 -63.33 24.46 -86.86
N PRO XA 437 -64.37 25.24 -86.57
CA PRO XA 437 -65.23 25.78 -87.62
C PRO XA 437 -64.66 26.99 -88.35
N LEU XA 438 -63.44 27.40 -88.06
CA LEU XA 438 -62.84 28.56 -88.71
C LEU XA 438 -61.70 28.19 -89.64
N ILE XA 439 -61.02 27.09 -89.41
CA ILE XA 439 -59.81 26.72 -90.14
C ILE XA 439 -60.14 25.63 -91.14
N ASP XA 440 -59.51 25.69 -92.30
CA ASP XA 440 -59.63 24.62 -93.28
C ASP XA 440 -58.76 23.43 -92.88
N GLN XA 441 -58.88 22.36 -93.64
CA GLN XA 441 -58.04 21.18 -93.45
C GLN XA 441 -56.89 21.20 -94.46
N TYR XA 442 -55.90 20.38 -94.21
CA TYR XA 442 -54.87 20.13 -95.20
C TYR XA 442 -55.11 18.86 -95.99
N LEU XA 443 -56.26 18.22 -95.78
CA LEU XA 443 -56.63 17.00 -96.47
C LEU XA 443 -57.63 17.31 -97.56
N TYR XA 444 -57.46 16.68 -98.71
CA TYR XA 444 -58.36 16.87 -99.84
C TYR XA 444 -59.26 15.66 -100.00
N TYR XA 445 -60.39 15.89 -100.65
CA TYR XA 445 -61.34 14.83 -100.94
C TYR XA 445 -61.84 15.03 -102.37
N LEU XA 446 -62.28 13.94 -102.98
CA LEU XA 446 -62.87 14.01 -104.31
C LEU XA 446 -64.24 14.68 -104.20
N ASN XA 447 -64.38 15.83 -104.86
CA ASN XA 447 -65.59 16.64 -104.76
C ASN XA 447 -66.50 16.49 -105.96
N ARG XA 448 -65.94 16.48 -107.16
CA ARG XA 448 -66.71 16.34 -108.39
C ARG XA 448 -66.07 15.26 -109.26
N THR XA 449 -66.91 14.44 -109.88
CA THR XA 449 -66.47 13.59 -110.97
C THR XA 449 -67.05 14.03 -112.31
N GLN XA 450 -67.66 15.21 -112.37
CA GLN XA 450 -68.12 15.82 -113.60
C GLN XA 450 -67.68 17.28 -113.62
N ASN XA 451 -67.71 17.87 -114.81
CA ASN XA 451 -67.31 19.27 -114.95
C ASN XA 451 -68.30 20.18 -114.24
N GLN XA 452 -67.75 21.17 -113.54
CA GLN XA 452 -68.58 22.08 -112.76
C GLN XA 452 -69.32 23.09 -113.63
N SER XA 453 -68.78 23.43 -114.80
CA SER XA 453 -69.37 24.48 -115.62
C SER XA 453 -70.79 24.12 -116.07
N GLY XA 454 -71.00 22.90 -116.53
CA GLY XA 454 -72.30 22.44 -116.93
C GLY XA 454 -72.67 22.68 -118.37
N SER XA 455 -71.92 23.52 -119.10
CA SER XA 455 -72.18 23.71 -120.52
C SER XA 455 -71.99 22.40 -121.28
N ALA XA 456 -70.94 21.66 -120.94
CA ALA XA 456 -70.77 20.28 -121.34
C ALA XA 456 -70.97 19.39 -120.11
N GLN XA 457 -71.13 18.09 -120.37
CA GLN XA 457 -71.37 17.11 -119.33
C GLN XA 457 -70.22 16.10 -119.23
N ASN XA 458 -68.99 16.60 -119.27
CA ASN XA 458 -67.83 15.75 -119.29
C ASN XA 458 -67.44 15.32 -117.88
N LYS XA 459 -66.79 14.17 -117.79
CA LYS XA 459 -66.30 13.69 -116.51
C LYS XA 459 -65.02 14.43 -116.14
N ASP XA 460 -64.63 14.29 -114.87
CA ASP XA 460 -63.41 14.92 -114.38
C ASP XA 460 -63.04 14.28 -113.04
N LEU XA 461 -61.98 14.80 -112.45
CA LEU XA 461 -61.54 14.40 -111.10
C LEU XA 461 -61.13 15.69 -110.39
N LEU XA 462 -62.08 16.31 -109.71
CA LEU XA 462 -61.88 17.59 -109.05
C LEU XA 462 -61.86 17.39 -107.54
N PHE XA 463 -60.83 17.91 -106.89
CA PHE XA 463 -60.60 17.70 -105.47
C PHE XA 463 -60.74 19.01 -104.73
N SER XA 464 -61.41 18.97 -103.58
CA SER XA 464 -61.58 20.15 -102.74
C SER XA 464 -60.91 19.93 -101.40
N ARG XA 465 -60.62 21.03 -100.74
CA ARG XA 465 -60.04 21.03 -99.42
C ARG XA 465 -61.13 21.00 -98.37
N GLY XA 466 -60.90 20.25 -97.28
CA GLY XA 466 -61.83 20.22 -96.18
C GLY XA 466 -62.02 21.59 -95.57
N SER XA 467 -63.22 22.11 -95.65
CA SER XA 467 -63.53 23.47 -95.25
C SER XA 467 -64.74 23.51 -94.32
N PRO XA 468 -64.88 24.56 -93.52
CA PRO XA 468 -66.07 24.67 -92.67
C PRO XA 468 -67.36 24.84 -93.44
N ALA XA 469 -67.31 25.20 -94.72
CA ALA XA 469 -68.53 25.27 -95.53
C ALA XA 469 -69.17 23.89 -95.65
N GLY XA 470 -68.39 22.89 -96.05
CA GLY XA 470 -68.88 21.53 -96.07
C GLY XA 470 -68.27 20.70 -94.96
N MET XA 471 -69.02 20.51 -93.88
CA MET XA 471 -68.55 19.74 -92.75
C MET XA 471 -68.88 18.27 -92.86
N SER XA 472 -69.84 17.92 -93.72
CA SER XA 472 -70.25 16.53 -93.89
C SER XA 472 -69.24 15.73 -94.69
N VAL XA 473 -68.42 16.39 -95.51
CA VAL XA 473 -67.47 15.71 -96.38
C VAL XA 473 -66.04 15.80 -95.87
N GLN XA 474 -65.82 16.44 -94.73
CA GLN XA 474 -64.49 16.52 -94.17
C GLN XA 474 -64.03 15.14 -93.69
N PRO XA 475 -62.79 14.76 -93.94
CA PRO XA 475 -62.23 13.57 -93.30
C PRO XA 475 -62.31 13.69 -91.79
N LYS XA 476 -62.63 12.58 -91.13
CA LYS XA 476 -62.80 12.53 -89.69
C LYS XA 476 -62.07 11.33 -89.13
N ASN XA 477 -61.94 11.30 -87.81
CA ASN XA 477 -61.12 10.30 -87.14
C ASN XA 477 -61.90 9.15 -86.52
N TRP XA 478 -63.20 9.32 -86.29
CA TRP XA 478 -63.97 8.36 -85.53
C TRP XA 478 -65.30 8.08 -86.23
N LEU XA 479 -65.96 7.02 -85.78
CA LEU XA 479 -67.22 6.55 -86.32
C LEU XA 479 -68.25 6.43 -85.21
N PRO XA 480 -69.53 6.59 -85.53
CA PRO XA 480 -70.58 6.34 -84.53
C PRO XA 480 -70.67 4.86 -84.18
N GLY XA 481 -71.19 4.60 -82.99
CA GLY XA 481 -71.27 3.26 -82.46
C GLY XA 481 -72.08 2.31 -83.33
N PRO XA 482 -72.10 1.05 -82.94
CA PRO XA 482 -72.82 0.04 -83.73
C PRO XA 482 -74.33 0.22 -83.62
N CYS XA 483 -75.03 -0.33 -84.61
CA CYS XA 483 -76.48 -0.19 -84.65
C CYS XA 483 -77.12 -1.51 -85.01
N TYR XA 484 -78.38 -1.67 -84.62
CA TYR XA 484 -79.22 -2.79 -85.02
C TYR XA 484 -80.65 -2.26 -85.15
N ARG XA 485 -81.03 -1.91 -86.37
CA ARG XA 485 -82.19 -1.06 -86.59
C ARG XA 485 -83.47 -1.66 -86.01
N GLN XA 486 -84.29 -0.79 -85.41
CA GLN XA 486 -85.59 -1.13 -84.86
C GLN XA 486 -86.69 -0.51 -85.71
N GLN XA 487 -87.90 -0.97 -85.49
CA GLN XA 487 -89.06 -0.42 -86.18
C GLN XA 487 -89.56 0.83 -85.46
N ARG XA 488 -90.01 1.80 -86.23
CA ARG XA 488 -90.38 3.11 -85.70
C ARG XA 488 -91.88 3.13 -85.42
N VAL XA 489 -92.24 3.34 -84.17
CA VAL XA 489 -93.63 3.42 -83.75
C VAL XA 489 -93.90 4.83 -83.26
N SER XA 490 -95.03 5.39 -83.68
CA SER XA 490 -95.44 6.71 -83.26
C SER XA 490 -96.28 6.63 -82.00
N LYS XA 491 -96.00 7.52 -81.05
CA LYS XA 491 -96.83 7.64 -79.85
C LYS XA 491 -98.25 8.09 -80.18
N THR XA 492 -98.44 8.73 -81.34
CA THR XA 492 -99.76 9.05 -81.85
C THR XA 492 -100.22 7.89 -82.71
N LYS XA 493 -101.23 7.15 -82.23
CA LYS XA 493 -101.56 5.86 -82.82
C LYS XA 493 -102.09 5.96 -84.25
N THR XA 494 -102.60 7.12 -84.65
CA THR XA 494 -103.16 7.24 -86.00
C THR XA 494 -102.12 7.17 -87.09
N ASP XA 495 -100.85 7.48 -86.79
CA ASP XA 495 -99.80 7.44 -87.79
C ASP XA 495 -99.14 6.08 -87.92
N ASN XA 496 -99.58 5.09 -87.16
CA ASN XA 496 -99.03 3.76 -87.24
C ASN XA 496 -99.82 2.92 -88.24
N ASN XA 497 -99.13 1.94 -88.82
CA ASN XA 497 -99.77 1.05 -89.78
C ASN XA 497 -100.90 0.26 -89.12
N ASN XA 498 -101.94 -0.02 -89.90
CA ASN XA 498 -103.08 -0.76 -89.38
C ASN XA 498 -102.81 -2.27 -89.47
N SER XA 499 -101.98 -2.73 -88.55
CA SER XA 499 -101.67 -4.14 -88.39
C SER XA 499 -101.04 -4.32 -87.02
N ASN XA 500 -100.81 -5.57 -86.63
CA ASN XA 500 -100.18 -5.80 -85.33
C ASN XA 500 -98.68 -5.55 -85.39
N PHE XA 501 -97.96 -6.37 -86.16
CA PHE XA 501 -96.55 -6.17 -86.52
C PHE XA 501 -95.65 -5.95 -85.30
N THR XA 502 -96.14 -6.21 -84.10
CA THR XA 502 -95.28 -6.20 -82.92
C THR XA 502 -94.40 -7.43 -82.83
N TRP XA 503 -94.76 -8.49 -83.53
CA TRP XA 503 -93.92 -9.66 -83.61
C TRP XA 503 -93.40 -9.92 -85.02
N THR XA 504 -94.24 -9.72 -86.04
CA THR XA 504 -93.78 -9.97 -87.40
C THR XA 504 -92.83 -8.90 -87.91
N GLY XA 505 -92.95 -7.67 -87.43
CA GLY XA 505 -92.13 -6.60 -87.94
C GLY XA 505 -91.06 -6.13 -86.97
N ALA XA 506 -90.67 -7.00 -86.05
CA ALA XA 506 -89.77 -6.62 -84.98
C ALA XA 506 -88.39 -7.23 -85.14
N SER XA 507 -87.39 -6.52 -84.64
CA SER XA 507 -86.02 -7.02 -84.62
C SER XA 507 -85.89 -8.11 -83.58
N LYS XA 508 -85.50 -9.30 -84.01
CA LYS XA 508 -85.38 -10.42 -83.09
C LYS XA 508 -84.19 -11.26 -83.50
N TYR XA 509 -83.72 -12.08 -82.58
CA TYR XA 509 -82.58 -12.94 -82.84
C TYR XA 509 -82.98 -14.41 -82.73
N ASN XA 510 -82.24 -15.23 -83.45
CA ASN XA 510 -82.48 -16.66 -83.55
C ASN XA 510 -81.48 -17.39 -82.67
N LEU XA 511 -81.97 -18.25 -81.77
CA LEU XA 511 -81.10 -19.02 -80.88
C LEU XA 511 -81.69 -20.40 -80.70
N ASN XA 512 -81.00 -21.42 -81.21
CA ASN XA 512 -81.43 -22.80 -81.11
C ASN XA 512 -82.82 -23.01 -81.71
N GLY XA 513 -83.13 -22.27 -82.77
CA GLY XA 513 -84.35 -22.44 -83.49
C GLY XA 513 -85.54 -21.64 -83.00
N ARG XA 514 -85.42 -20.92 -81.89
CA ARG XA 514 -86.51 -20.10 -81.40
C ARG XA 514 -86.08 -18.65 -81.32
N GLU XA 515 -87.00 -17.77 -81.70
CA GLU XA 515 -86.74 -16.35 -81.86
C GLU XA 515 -87.03 -15.60 -80.56
N SER XA 516 -86.26 -14.55 -80.33
CA SER XA 516 -86.40 -13.73 -79.13
C SER XA 516 -86.28 -12.27 -79.55
N ILE XA 517 -87.22 -11.45 -79.08
CA ILE XA 517 -87.16 -10.02 -79.36
C ILE XA 517 -85.90 -9.46 -78.72
N ILE XA 518 -85.25 -8.51 -79.40
CA ILE XA 518 -84.00 -7.95 -78.88
C ILE XA 518 -84.27 -7.22 -77.57
N ASN XA 519 -85.02 -6.12 -77.61
CA ASN XA 519 -85.61 -5.51 -76.41
C ASN XA 519 -84.65 -5.35 -75.23
N PRO XA 520 -83.82 -4.30 -75.19
CA PRO XA 520 -83.76 -3.16 -76.10
C PRO XA 520 -82.54 -3.17 -77.00
N GLY XA 521 -81.60 -4.05 -76.72
CA GLY XA 521 -80.46 -4.22 -77.61
C GLY XA 521 -79.49 -3.06 -77.54
N THR XA 522 -78.95 -2.71 -78.70
CA THR XA 522 -77.90 -1.72 -78.79
C THR XA 522 -78.37 -0.37 -78.26
N ALA XA 523 -77.47 0.33 -77.59
CA ALA XA 523 -77.77 1.65 -77.03
C ALA XA 523 -77.78 2.66 -78.17
N MET XA 524 -78.96 3.06 -78.60
CA MET XA 524 -79.11 4.00 -79.70
C MET XA 524 -80.10 5.09 -79.30
N ALA XA 525 -80.03 6.21 -80.02
CA ALA XA 525 -80.95 7.30 -79.79
C ALA XA 525 -82.37 6.88 -80.14
N SER XA 526 -83.32 7.27 -79.29
CA SER XA 526 -84.71 6.91 -79.51
C SER XA 526 -85.27 7.53 -80.79
N HIS XA 527 -84.91 8.78 -81.07
CA HIS XA 527 -85.43 9.49 -82.23
C HIS XA 527 -84.43 10.56 -82.63
N LYS XA 528 -84.76 11.30 -83.67
CA LYS XA 528 -83.97 12.42 -84.12
C LYS XA 528 -84.43 13.70 -83.42
N ASP XA 529 -83.92 14.83 -83.89
CA ASP XA 529 -84.42 16.12 -83.43
C ASP XA 529 -85.82 16.37 -83.98
N ASP XA 530 -86.67 16.97 -83.16
CA ASP XA 530 -88.04 17.33 -83.55
C ASP XA 530 -88.85 16.12 -83.95
N GLU XA 531 -88.58 14.97 -83.33
CA GLU XA 531 -89.25 13.72 -83.67
C GLU XA 531 -89.58 12.95 -82.41
N ASP XA 532 -89.93 13.65 -81.33
CA ASP XA 532 -90.21 13.00 -80.05
C ASP XA 532 -91.44 12.11 -80.09
N LYS XA 533 -92.26 12.22 -81.12
CA LYS XA 533 -93.45 11.39 -81.26
C LYS XA 533 -93.15 9.95 -81.64
N PHE XA 534 -91.92 9.63 -82.00
CA PHE XA 534 -91.53 8.31 -82.44
C PHE XA 534 -90.61 7.66 -81.42
N PHE XA 535 -90.78 6.34 -81.25
CA PHE XA 535 -89.87 5.55 -80.44
C PHE XA 535 -89.63 4.22 -81.14
N PRO XA 536 -88.47 3.61 -80.94
CA PRO XA 536 -88.24 2.26 -81.47
C PRO XA 536 -89.17 1.26 -80.81
N MET XA 537 -89.61 0.28 -81.60
CA MET XA 537 -90.69 -0.60 -81.13
C MET XA 537 -90.29 -1.37 -79.89
N SER XA 538 -89.04 -1.86 -79.84
CA SER XA 538 -88.54 -2.56 -78.66
C SER XA 538 -87.14 -2.06 -78.33
N GLY XA 539 -86.95 -0.75 -78.38
CA GLY XA 539 -85.63 -0.19 -78.15
C GLY XA 539 -85.56 0.68 -76.93
N VAL XA 540 -86.66 0.79 -76.20
CA VAL XA 540 -86.75 1.70 -75.07
C VAL XA 540 -87.19 0.92 -73.85
N MET XA 541 -86.74 1.39 -72.68
CA MET XA 541 -87.22 0.85 -71.41
C MET XA 541 -88.55 1.49 -71.06
N ILE XA 542 -89.57 0.67 -70.84
CA ILE XA 542 -90.92 1.15 -70.57
C ILE XA 542 -91.27 0.73 -69.15
N PHE XA 543 -91.51 1.72 -68.29
CA PHE XA 543 -91.95 1.48 -66.93
C PHE XA 543 -93.45 1.72 -66.84
N GLY XA 544 -94.13 0.86 -66.09
CA GLY XA 544 -95.55 1.02 -65.89
C GLY XA 544 -95.84 1.91 -64.68
N LYS XA 545 -96.83 2.77 -64.83
CA LYS XA 545 -97.30 3.53 -63.69
C LYS XA 545 -98.15 2.64 -62.79
N GLU XA 546 -98.39 3.11 -61.58
CA GLU XA 546 -99.34 2.42 -60.73
C GLU XA 546 -100.73 2.50 -61.38
N SER XA 547 -101.52 1.44 -61.17
CA SER XA 547 -102.76 1.24 -61.90
C SER XA 547 -102.51 1.01 -63.39
N ALA XA 548 -101.48 0.23 -63.69
CA ALA XA 548 -101.25 -0.28 -65.04
C ALA XA 548 -101.48 -1.79 -65.02
N GLY XA 549 -102.27 -2.27 -65.97
CA GLY XA 549 -102.56 -3.69 -66.04
C GLY XA 549 -101.35 -4.49 -66.44
N ALA XA 550 -101.48 -5.81 -66.26
CA ALA XA 550 -100.39 -6.71 -66.62
C ALA XA 550 -100.30 -6.89 -68.14
N SER XA 551 -101.43 -6.89 -68.83
CA SER XA 551 -101.47 -7.17 -70.25
C SER XA 551 -102.32 -6.14 -70.98
N ASN XA 552 -101.81 -5.66 -72.11
CA ASN XA 552 -102.53 -4.75 -73.00
C ASN XA 552 -103.00 -3.50 -72.28
N THR XA 553 -102.15 -2.95 -71.43
CA THR XA 553 -102.44 -1.67 -70.80
C THR XA 553 -102.23 -0.54 -71.80
N ALA XA 554 -102.48 0.69 -71.36
CA ALA XA 554 -102.50 1.82 -72.27
C ALA XA 554 -101.21 2.63 -72.21
N LEU XA 555 -100.98 3.35 -73.31
CA LEU XA 555 -99.87 4.30 -73.38
C LEU XA 555 -99.95 5.32 -72.26
N ASP XA 556 -101.17 5.62 -71.82
CA ASP XA 556 -101.35 6.53 -70.68
C ASP XA 556 -100.90 5.87 -69.39
N ASN XA 557 -100.92 4.54 -69.33
CA ASN XA 557 -100.53 3.83 -68.12
C ASN XA 557 -99.06 3.44 -68.10
N VAL XA 558 -98.36 3.57 -69.22
CA VAL XA 558 -96.92 3.28 -69.23
C VAL XA 558 -96.12 4.57 -69.39
N MET XA 559 -94.87 4.51 -68.96
CA MET XA 559 -93.91 5.61 -69.12
C MET XA 559 -92.78 5.13 -70.01
N ILE XA 560 -92.67 5.73 -71.20
CA ILE XA 560 -91.63 5.37 -72.16
C ILE XA 560 -90.43 6.26 -71.93
N THR XA 561 -89.25 5.65 -71.80
CA THR XA 561 -88.04 6.42 -71.62
C THR XA 561 -87.55 6.98 -72.95
N ASP XA 562 -86.59 7.89 -72.87
CA ASP XA 562 -86.00 8.53 -74.03
C ASP XA 562 -84.49 8.47 -73.89
N GLU XA 563 -83.81 8.22 -75.00
CA GLU XA 563 -82.35 8.22 -75.05
C GLU XA 563 -81.84 9.35 -75.93
N GLU XA 564 -82.41 10.54 -75.73
CA GLU XA 564 -82.14 11.65 -76.63
C GLU XA 564 -80.74 12.24 -76.40
N GLU XA 565 -80.12 11.94 -75.26
CA GLU XA 565 -78.86 12.58 -74.92
C GLU XA 565 -77.67 11.94 -75.62
N ILE XA 566 -77.82 10.75 -76.19
CA ILE XA 566 -76.71 10.04 -76.80
C ILE XA 566 -76.76 10.14 -78.32
N LYS XA 567 -77.49 11.11 -78.85
CA LYS XA 567 -77.44 11.39 -80.28
C LYS XA 567 -76.08 11.88 -80.74
N ALA XA 568 -75.26 12.36 -79.80
CA ALA XA 568 -73.95 12.91 -80.17
C ALA XA 568 -73.00 11.84 -80.67
N THR XA 569 -73.16 10.61 -80.22
CA THR XA 569 -72.24 9.53 -80.57
C THR XA 569 -72.92 8.27 -81.09
N ASN XA 570 -74.21 8.07 -80.84
CA ASN XA 570 -74.88 6.84 -81.18
C ASN XA 570 -75.85 7.05 -82.33
N PRO XA 571 -76.01 6.07 -83.22
CA PRO XA 571 -77.00 6.18 -84.28
C PRO XA 571 -78.41 6.17 -83.71
N VAL XA 572 -79.33 6.76 -84.46
CA VAL XA 572 -80.73 6.73 -84.07
C VAL XA 572 -81.28 5.32 -84.28
N ALA XA 573 -82.04 4.83 -83.30
CA ALA XA 573 -82.43 3.44 -83.26
C ALA XA 573 -83.28 3.02 -84.44
N THR XA 574 -84.07 3.93 -85.01
CA THR XA 574 -85.02 3.59 -86.05
C THR XA 574 -84.51 3.85 -87.45
N GLU XA 575 -83.27 4.27 -87.61
CA GLU XA 575 -82.72 4.59 -88.92
C GLU XA 575 -81.43 3.81 -89.17
N ARG XA 576 -81.05 3.75 -90.43
CA ARG XA 576 -79.89 2.97 -90.85
C ARG XA 576 -78.61 3.57 -90.27
N PHE XA 577 -77.61 2.70 -90.13
CA PHE XA 577 -76.28 3.20 -89.78
C PHE XA 577 -75.74 4.11 -90.87
N GLY XA 578 -75.96 3.75 -92.11
CA GLY XA 578 -75.48 4.54 -93.22
C GLY XA 578 -75.65 3.76 -94.52
N THR XA 579 -74.95 4.23 -95.55
CA THR XA 579 -74.94 3.59 -96.83
C THR XA 579 -73.56 3.02 -97.14
N VAL XA 580 -73.53 2.05 -98.04
CA VAL XA 580 -72.30 1.39 -98.42
C VAL XA 580 -72.34 1.15 -99.92
N ALA XA 581 -71.18 1.24 -100.56
CA ALA XA 581 -71.10 0.91 -101.98
C ALA XA 581 -71.31 -0.58 -102.18
N VAL XA 582 -72.03 -0.95 -103.24
CA VAL XA 582 -72.38 -2.35 -103.47
C VAL XA 582 -71.99 -2.84 -104.86
N ASN XA 583 -71.31 -2.02 -105.67
CA ASN XA 583 -70.92 -2.45 -107.00
C ASN XA 583 -69.68 -1.67 -107.42
N PHE XA 584 -69.27 -1.85 -108.67
CA PHE XA 584 -68.19 -1.09 -109.29
C PHE XA 584 -68.81 -0.15 -110.32
N GLN XA 585 -68.60 1.14 -110.15
CA GLN XA 585 -69.03 2.09 -111.17
C GLN XA 585 -68.04 2.07 -112.33
N SER XA 586 -68.58 2.24 -113.54
CA SER XA 586 -67.74 2.25 -114.73
C SER XA 586 -68.47 3.00 -115.83
N SER XA 587 -67.71 3.37 -116.85
CA SER XA 587 -68.26 4.02 -118.03
C SER XA 587 -68.45 3.01 -119.15
N SER XA 588 -69.25 3.39 -120.13
CA SER XA 588 -69.49 2.53 -121.29
C SER XA 588 -68.23 2.46 -122.15
N THR XA 589 -68.04 1.31 -122.78
CA THR XA 589 -66.89 1.09 -123.64
C THR XA 589 -67.29 0.34 -124.92
N VAL XA 592 -66.79 -2.88 -123.65
CA VAL XA 592 -67.88 -3.27 -122.76
C VAL XA 592 -68.94 -2.18 -122.72
N PRO XA 593 -69.84 -2.19 -123.70
CA PRO XA 593 -70.83 -1.11 -123.78
C PRO XA 593 -71.98 -1.28 -122.81
N PHE XA 594 -71.68 -1.65 -121.57
CA PHE XA 594 -72.67 -1.78 -120.51
C PHE XA 594 -72.23 -0.87 -119.36
N LYS XA 595 -72.66 0.38 -119.42
CA LYS XA 595 -72.34 1.35 -118.38
C LYS XA 595 -72.94 0.92 -117.05
N THR XA 596 -72.15 1.04 -115.98
CA THR XA 596 -72.58 0.66 -114.63
C THR XA 596 -72.63 1.90 -113.75
N ASP XA 597 -73.83 2.30 -113.37
CA ASP XA 597 -73.98 3.39 -112.42
C ASP XA 597 -73.55 2.94 -111.04
N PRO XA 598 -72.95 3.83 -110.24
CA PRO XA 598 -72.65 3.48 -108.85
C PRO XA 598 -73.92 3.21 -108.06
N ALA XA 599 -73.84 2.25 -107.16
CA ALA XA 599 -74.99 1.82 -106.38
C ALA XA 599 -74.61 1.71 -104.91
N THR XA 600 -75.51 2.20 -104.06
CA THR XA 600 -75.34 2.13 -102.62
C THR XA 600 -76.50 1.35 -102.01
N GLY XA 601 -76.24 0.75 -100.86
CA GLY XA 601 -77.26 0.08 -100.10
C GLY XA 601 -77.24 0.52 -98.66
N ASP XA 602 -78.42 0.52 -98.04
CA ASP XA 602 -78.54 0.91 -96.65
C ASP XA 602 -78.00 -0.16 -95.73
N VAL XA 603 -77.29 0.27 -94.70
CA VAL XA 603 -76.70 -0.62 -93.70
C VAL XA 603 -77.58 -0.54 -92.47
N HIS XA 604 -78.31 -1.62 -92.19
CA HIS XA 604 -79.30 -1.63 -91.12
C HIS XA 604 -78.75 -2.19 -89.82
N ALA XA 605 -77.87 -3.17 -89.90
CA ALA XA 605 -77.18 -3.71 -88.73
C ALA XA 605 -75.69 -3.61 -88.98
N MET XA 606 -75.00 -2.91 -88.10
CA MET XA 606 -73.57 -2.69 -88.21
C MET XA 606 -72.89 -3.16 -86.94
N GLY XA 607 -71.96 -4.11 -87.08
CA GLY XA 607 -71.16 -4.53 -85.95
C GLY XA 607 -70.03 -3.57 -85.69
N ALA XA 608 -69.23 -3.90 -84.68
CA ALA XA 608 -68.17 -3.00 -84.23
C ALA XA 608 -67.08 -2.89 -85.29
N LEU XA 609 -66.78 -1.67 -85.70
CA LEU XA 609 -65.66 -1.32 -86.54
C LEU XA 609 -64.62 -0.57 -85.71
N PRO XA 610 -63.33 -0.73 -86.01
CA PRO XA 610 -62.33 0.06 -85.31
C PRO XA 610 -62.53 1.54 -85.59
N GLY XA 611 -62.33 2.35 -84.55
CA GLY XA 611 -62.64 3.76 -84.60
C GLY XA 611 -64.03 4.11 -84.12
N MET XA 612 -64.87 3.12 -83.83
CA MET XA 612 -66.20 3.38 -83.34
C MET XA 612 -66.18 3.84 -81.88
N VAL XA 613 -67.03 4.80 -81.56
CA VAL XA 613 -67.22 5.27 -80.20
C VAL XA 613 -68.72 5.35 -79.93
N TRP XA 614 -69.10 5.04 -78.70
CA TRP XA 614 -70.52 5.04 -78.35
C TRP XA 614 -70.69 5.28 -76.87
N GLN XA 615 -71.92 5.61 -76.48
CA GLN XA 615 -72.33 5.66 -75.09
C GLN XA 615 -73.24 4.49 -74.78
N ASP XA 616 -73.22 4.08 -73.52
CA ASP XA 616 -74.09 3.01 -73.06
C ASP XA 616 -75.47 3.55 -72.74
N ARG XA 617 -76.40 2.65 -72.44
CA ARG XA 617 -77.74 3.06 -72.05
C ARG XA 617 -77.72 3.76 -70.70
N ASP XA 618 -78.66 4.68 -70.53
CA ASP XA 618 -78.80 5.39 -69.27
C ASP XA 618 -79.40 4.50 -68.19
N VAL XA 619 -79.11 4.82 -66.95
CA VAL XA 619 -79.75 4.18 -65.81
C VAL XA 619 -80.82 5.12 -65.28
N TYR XA 620 -81.84 4.54 -64.65
CA TYR XA 620 -82.98 5.30 -64.17
C TYR XA 620 -83.21 4.97 -62.70
N LEU XA 621 -83.91 5.87 -62.01
CA LEU XA 621 -84.21 5.63 -60.61
C LEU XA 621 -85.04 4.36 -60.42
N GLN XA 622 -85.90 4.04 -61.39
CA GLN XA 622 -86.72 2.86 -61.35
C GLN XA 622 -86.07 1.65 -62.01
N GLY XA 623 -84.85 1.78 -62.53
CA GLY XA 623 -84.25 0.75 -63.33
C GLY XA 623 -83.25 -0.10 -62.57
N PRO XA 624 -82.74 -1.14 -63.22
CA PRO XA 624 -81.78 -2.04 -62.57
C PRO XA 624 -80.43 -1.39 -62.35
N ILE XA 625 -79.71 -1.89 -61.36
CA ILE XA 625 -78.38 -1.40 -61.03
C ILE XA 625 -77.31 -2.22 -61.73
N TRP XA 626 -77.33 -3.54 -61.59
CA TRP XA 626 -76.28 -4.39 -62.08
C TRP XA 626 -76.86 -5.59 -62.80
N ALA XA 627 -75.96 -6.37 -63.40
CA ALA XA 627 -76.30 -7.65 -64.00
C ALA XA 627 -75.06 -8.52 -63.97
N LYS XA 628 -75.25 -9.82 -63.75
CA LYS XA 628 -74.16 -10.77 -63.84
C LYS XA 628 -73.76 -10.97 -65.29
N ILE XA 629 -72.47 -10.81 -65.58
CA ILE XA 629 -71.96 -11.12 -66.91
C ILE XA 629 -71.89 -12.63 -67.08
N PRO XA 630 -72.47 -13.19 -68.13
CA PRO XA 630 -72.44 -14.64 -68.30
C PRO XA 630 -71.03 -15.18 -68.36
N HIS XA 631 -70.82 -16.33 -67.74
CA HIS XA 631 -69.50 -16.97 -67.72
C HIS XA 631 -69.30 -17.69 -69.03
N THR XA 632 -68.80 -16.96 -70.01
CA THR XA 632 -68.56 -17.44 -71.35
C THR XA 632 -67.10 -17.22 -71.72
N ASP XA 633 -66.69 -17.86 -72.84
CA ASP XA 633 -65.34 -17.66 -73.33
C ASP XA 633 -65.11 -16.24 -73.79
N GLY XA 634 -66.07 -15.67 -74.50
CA GLY XA 634 -65.91 -14.32 -75.01
C GLY XA 634 -67.14 -13.48 -74.75
N HIS XA 635 -66.91 -12.19 -74.63
CA HIS XA 635 -67.98 -11.21 -74.55
C HIS XA 635 -67.41 -9.87 -74.99
N PHE XA 636 -68.21 -9.09 -75.68
CA PHE XA 636 -67.78 -7.81 -76.21
C PHE XA 636 -68.49 -6.70 -75.44
N HIS XA 637 -67.71 -5.87 -74.74
CA HIS XA 637 -68.20 -4.74 -73.98
C HIS XA 637 -69.32 -5.17 -73.03
N PRO XA 638 -69.01 -5.92 -71.98
CA PRO XA 638 -70.05 -6.58 -71.18
C PRO XA 638 -70.82 -5.63 -70.28
N SER XA 639 -71.44 -4.64 -70.90
CA SER XA 639 -72.34 -3.73 -70.22
C SER XA 639 -73.77 -4.17 -70.49
N PRO XA 640 -74.59 -4.36 -69.45
CA PRO XA 640 -75.94 -4.89 -69.67
C PRO XA 640 -76.75 -4.01 -70.59
N LEU XA 641 -77.58 -4.64 -71.41
CA LEU XA 641 -78.32 -3.89 -72.42
C LEU XA 641 -79.50 -3.13 -71.82
N MET XA 642 -79.97 -3.57 -70.66
CA MET XA 642 -80.98 -2.76 -69.95
C MET XA 642 -80.37 -1.56 -69.25
N GLY XA 643 -79.06 -1.49 -69.14
CA GLY XA 643 -78.40 -0.42 -68.44
C GLY XA 643 -77.90 -0.87 -67.08
N GLY XA 644 -76.81 -0.26 -66.64
CA GLY XA 644 -76.24 -0.60 -65.36
C GLY XA 644 -74.82 -1.09 -65.45
N PHE XA 645 -74.39 -1.77 -64.39
CA PHE XA 645 -73.03 -2.27 -64.26
C PHE XA 645 -73.02 -3.77 -64.50
N GLY XA 646 -72.21 -4.22 -65.44
CA GLY XA 646 -72.01 -5.63 -65.62
C GLY XA 646 -70.91 -6.12 -64.71
N LEU XA 647 -71.21 -7.08 -63.84
CA LEU XA 647 -70.26 -7.58 -62.87
C LEU XA 647 -70.02 -9.06 -63.11
N LYS XA 648 -68.74 -9.46 -63.12
CA LYS XA 648 -68.44 -10.88 -63.20
C LYS XA 648 -68.85 -11.60 -61.93
N ASN XA 649 -68.57 -11.00 -60.78
CA ASN XA 649 -69.05 -11.48 -59.49
C ASN XA 649 -70.01 -10.45 -58.93
N PRO XA 650 -71.29 -10.51 -59.28
CA PRO XA 650 -72.24 -9.53 -58.78
C PRO XA 650 -72.56 -9.78 -57.32
N PRO XA 651 -73.35 -8.92 -56.69
CA PRO XA 651 -73.85 -9.23 -55.35
C PRO XA 651 -74.59 -10.55 -55.36
N PRO XA 652 -74.24 -11.47 -54.47
CA PRO XA 652 -74.83 -12.80 -54.51
C PRO XA 652 -76.29 -12.79 -54.08
N GLN XA 653 -76.99 -13.84 -54.48
CA GLN XA 653 -78.37 -14.00 -54.12
C GLN XA 653 -78.49 -14.44 -52.66
N ILE XA 654 -79.36 -13.76 -51.92
CA ILE XA 654 -79.70 -14.15 -50.56
C ILE XA 654 -81.02 -14.90 -50.62
N LEU XA 655 -81.00 -16.15 -50.22
CA LEU XA 655 -82.14 -17.04 -50.32
C LEU XA 655 -82.63 -17.38 -48.92
N ILE XA 656 -83.94 -17.32 -48.74
CA ILE XA 656 -84.57 -17.43 -47.43
C ILE XA 656 -85.79 -18.30 -47.56
N LYS XA 657 -86.03 -19.14 -46.56
CA LYS XA 657 -87.29 -19.88 -46.54
C LYS XA 657 -87.63 -20.22 -45.10
N ASN XA 658 -88.90 -20.52 -44.87
CA ASN XA 658 -89.35 -20.98 -43.57
C ASN XA 658 -89.03 -22.45 -43.42
N THR XA 659 -88.42 -22.83 -42.31
CA THR XA 659 -88.19 -24.24 -42.07
C THR XA 659 -89.52 -24.96 -41.87
N PRO XA 660 -89.79 -26.05 -42.58
CA PRO XA 660 -91.08 -26.72 -42.42
C PRO XA 660 -91.25 -27.27 -41.02
N VAL XA 661 -92.45 -27.11 -40.47
CA VAL XA 661 -92.83 -27.66 -39.19
C VAL XA 661 -93.92 -28.70 -39.44
N PRO XA 662 -93.64 -29.99 -39.28
CA PRO XA 662 -94.65 -31.00 -39.55
C PRO XA 662 -95.80 -30.94 -38.56
N ALA XA 663 -96.97 -31.34 -39.04
CA ALA XA 663 -98.13 -31.48 -38.18
C ALA XA 663 -98.03 -32.80 -37.40
N ASN XA 664 -99.12 -33.19 -36.76
CA ASN XA 664 -99.12 -34.36 -35.90
C ASN XA 664 -98.84 -35.62 -36.71
N PRO XA 665 -97.79 -36.37 -36.41
CA PRO XA 665 -97.51 -37.60 -37.15
C PRO XA 665 -98.43 -38.72 -36.70
N PRO XA 666 -98.56 -39.78 -37.51
CA PRO XA 666 -99.39 -40.92 -37.09
C PRO XA 666 -98.78 -41.67 -35.93
N ALA XA 667 -99.62 -42.44 -35.24
CA ALA XA 667 -99.15 -43.25 -34.13
C ALA XA 667 -98.21 -44.36 -34.58
N GLU XA 668 -98.50 -44.99 -35.72
CA GLU XA 668 -97.64 -46.00 -36.31
C GLU XA 668 -96.73 -45.36 -37.35
N PHE XA 669 -95.55 -45.97 -37.51
CA PHE XA 669 -94.55 -45.44 -38.42
C PHE XA 669 -94.97 -45.60 -39.88
N SER XA 670 -94.72 -44.57 -40.67
CA SER XA 670 -94.94 -44.58 -42.11
C SER XA 670 -93.73 -43.99 -42.80
N ALA XA 671 -93.20 -44.70 -43.78
CA ALA XA 671 -92.04 -44.21 -44.51
C ALA XA 671 -92.40 -43.20 -45.58
N THR XA 672 -93.68 -43.05 -45.89
CA THR XA 672 -94.11 -42.01 -46.82
C THR XA 672 -93.71 -40.64 -46.29
N LYS XA 673 -93.14 -39.82 -47.15
CA LYS XA 673 -92.64 -38.52 -46.71
C LYS XA 673 -93.80 -37.64 -46.24
N PHE XA 674 -93.47 -36.75 -45.32
CA PHE XA 674 -94.47 -35.90 -44.70
C PHE XA 674 -95.10 -34.98 -45.74
N ALA XA 675 -96.42 -34.85 -45.68
CA ALA XA 675 -97.14 -33.92 -46.53
C ALA XA 675 -98.01 -32.96 -45.74
N SER XA 676 -98.20 -33.22 -44.45
CA SER XA 676 -99.01 -32.37 -43.58
C SER XA 676 -98.07 -31.50 -42.76
N PHE XA 677 -98.16 -30.19 -42.96
CA PHE XA 677 -97.30 -29.24 -42.29
C PHE XA 677 -98.12 -28.19 -41.58
N ILE XA 678 -97.53 -27.62 -40.54
CA ILE XA 678 -98.13 -26.50 -39.84
C ILE XA 678 -97.96 -25.26 -40.71
N THR XA 679 -99.07 -24.59 -41.00
CA THR XA 679 -99.05 -23.46 -41.93
C THR XA 679 -98.49 -22.24 -41.23
N GLN XA 680 -97.43 -21.67 -41.80
CA GLN XA 680 -96.83 -20.52 -41.16
C GLN XA 680 -96.12 -19.66 -42.19
N TYR XA 681 -95.88 -18.40 -41.80
CA TYR XA 681 -95.12 -17.46 -42.59
C TYR XA 681 -94.16 -16.75 -41.65
N SER XA 682 -93.35 -15.86 -42.20
CA SER XA 682 -92.44 -15.08 -41.37
C SER XA 682 -92.42 -13.64 -41.85
N THR XA 683 -92.03 -12.76 -40.94
CA THR XA 683 -91.91 -11.35 -41.23
C THR XA 683 -90.64 -10.85 -40.58
N GLY XA 684 -90.15 -9.72 -41.07
CA GLY XA 684 -88.93 -9.18 -40.48
C GLY XA 684 -88.51 -7.91 -41.15
N GLN XA 685 -87.31 -7.46 -40.81
CA GLN XA 685 -86.73 -6.25 -41.36
C GLN XA 685 -85.44 -6.59 -42.09
N VAL XA 686 -85.22 -5.90 -43.21
CA VAL XA 686 -84.03 -6.10 -44.03
C VAL XA 686 -83.38 -4.74 -44.25
N SER XA 687 -82.07 -4.67 -44.06
CA SER XA 687 -81.29 -3.45 -44.27
C SER XA 687 -80.25 -3.71 -45.34
N VAL XA 688 -80.15 -2.78 -46.29
CA VAL XA 688 -79.10 -2.80 -47.30
C VAL XA 688 -78.41 -1.44 -47.27
N GLU XA 689 -77.09 -1.46 -47.15
CA GLU XA 689 -76.27 -0.25 -47.16
C GLU XA 689 -75.27 -0.36 -48.29
N ILE XA 690 -75.31 0.58 -49.24
CA ILE XA 690 -74.36 0.62 -50.34
C ILE XA 690 -73.55 1.90 -50.26
N GLU XA 691 -72.23 1.76 -50.29
CA GLU XA 691 -71.32 2.85 -50.54
C GLU XA 691 -71.07 2.96 -52.03
N TRP XA 692 -71.25 4.17 -52.56
CA TRP XA 692 -71.03 4.52 -53.95
C TRP XA 692 -69.92 5.56 -54.06
N GLU XA 693 -69.02 5.34 -55.01
CA GLU XA 693 -68.00 6.31 -55.36
C GLU XA 693 -68.54 7.27 -56.42
N LEU XA 694 -68.29 8.55 -56.21
CA LEU XA 694 -68.75 9.61 -57.10
C LEU XA 694 -67.58 10.13 -57.93
N GLN XA 695 -67.91 10.66 -59.09
CA GLN XA 695 -66.95 11.28 -59.99
C GLN XA 695 -67.52 12.67 -60.27
N LYS XA 696 -66.91 13.67 -59.63
CA LYS XA 696 -67.40 15.03 -59.65
C LYS XA 696 -67.18 15.69 -61.00
N GLU XA 697 -68.07 16.61 -61.34
CA GLU XA 697 -67.88 17.43 -62.52
C GLU XA 697 -66.69 18.37 -62.30
N ASN XA 698 -65.95 18.64 -63.37
CA ASN XA 698 -64.85 19.59 -63.34
C ASN XA 698 -64.97 20.57 -64.51
N SER XA 699 -66.20 21.00 -64.80
CA SER XA 699 -66.51 21.68 -66.05
C SER XA 699 -66.06 23.14 -66.01
N LYS XA 700 -65.67 23.63 -67.17
CA LYS XA 700 -65.35 25.04 -67.38
C LYS XA 700 -66.42 25.74 -68.19
N ARG XA 701 -67.58 25.11 -68.34
CA ARG XA 701 -68.68 25.69 -69.08
C ARG XA 701 -69.16 26.98 -68.43
N TRP XA 702 -69.47 27.97 -69.25
CA TRP XA 702 -69.85 29.29 -68.73
C TRP XA 702 -71.34 29.39 -68.45
N ASN XA 703 -72.18 29.02 -69.41
CA ASN XA 703 -73.61 29.13 -69.26
C ASN XA 703 -74.12 28.06 -68.30
N PRO XA 704 -75.29 28.28 -67.69
CA PRO XA 704 -75.82 27.30 -66.74
C PRO XA 704 -76.19 25.98 -67.43
N GLU XA 705 -76.09 24.91 -66.66
CA GLU XA 705 -76.38 23.57 -67.13
C GLU XA 705 -77.87 23.26 -67.04
N VAL XA 706 -78.28 22.23 -67.76
CA VAL XA 706 -79.61 21.66 -67.60
C VAL XA 706 -79.62 20.78 -66.35
N GLN XA 707 -80.60 21.00 -65.49
CA GLN XA 707 -80.73 20.24 -64.26
C GLN XA 707 -82.10 19.58 -64.22
N TYR XA 708 -82.19 18.46 -63.51
CA TYR XA 708 -83.49 17.90 -63.20
C TYR XA 708 -84.13 18.72 -62.09
N THR XA 709 -85.35 19.18 -62.31
CA THR XA 709 -86.01 20.03 -61.36
C THR XA 709 -87.46 19.61 -61.18
N SER XA 710 -88.00 19.91 -60.01
CA SER XA 710 -89.44 19.85 -59.80
C SER XA 710 -90.09 21.02 -60.51
N ASN XA 711 -91.31 20.79 -60.97
CA ASN XA 711 -92.08 21.86 -61.58
C ASN XA 711 -92.71 22.71 -60.49
N TYR XA 712 -92.52 24.02 -60.58
CA TYR XA 712 -93.16 24.96 -59.67
C TYR XA 712 -94.50 25.34 -60.30
N ALA XA 713 -95.58 24.90 -59.68
CA ALA XA 713 -96.91 25.22 -60.15
C ALA XA 713 -97.90 24.63 -59.17
N LYS XA 714 -99.06 25.27 -59.04
CA LYS XA 714 -100.12 24.69 -58.24
C LYS XA 714 -100.57 23.38 -58.88
N SER XA 715 -100.44 22.29 -58.13
CA SER XA 715 -100.83 20.98 -58.59
C SER XA 715 -101.63 20.30 -57.50
N ALA XA 716 -102.52 19.39 -57.91
CA ALA XA 716 -103.35 18.69 -56.95
C ALA XA 716 -102.50 17.82 -56.03
N ASN XA 717 -101.38 17.31 -56.53
CA ASN XA 717 -100.48 16.47 -55.76
C ASN XA 717 -99.05 16.96 -55.93
N VAL XA 718 -98.17 16.48 -55.05
CA VAL XA 718 -96.74 16.69 -55.18
C VAL XA 718 -96.14 15.45 -55.84
N ASP XA 719 -95.20 15.66 -56.74
CA ASP XA 719 -94.57 14.54 -57.43
C ASP XA 719 -93.74 13.70 -56.46
N PHE XA 720 -93.73 12.39 -56.69
CA PHE XA 720 -92.98 11.44 -55.87
C PHE XA 720 -93.44 11.47 -54.41
N THR XA 721 -94.76 11.49 -54.22
CA THR XA 721 -95.33 11.47 -52.87
C THR XA 721 -96.48 10.47 -52.82
N VAL XA 722 -97.22 10.47 -51.73
CA VAL XA 722 -98.40 9.64 -51.58
C VAL XA 722 -99.61 10.49 -51.91
N ASP XA 723 -100.71 9.82 -52.27
CA ASP XA 723 -101.96 10.51 -52.50
C ASP XA 723 -102.81 10.44 -51.23
N ASN XA 724 -104.07 10.87 -51.33
CA ASN XA 724 -104.95 10.81 -50.16
C ASN XA 724 -105.30 9.38 -49.75
N ASN XA 725 -105.07 8.40 -50.63
CA ASN XA 725 -105.29 7.00 -50.28
C ASN XA 725 -104.05 6.32 -49.73
N GLY XA 726 -102.91 7.00 -49.71
CA GLY XA 726 -101.69 6.42 -49.20
C GLY XA 726 -100.83 5.70 -50.20
N LEU XA 727 -101.07 5.90 -51.50
CA LEU XA 727 -100.36 5.16 -52.54
C LEU XA 727 -99.21 5.99 -53.06
N TYR XA 728 -98.00 5.49 -52.88
CA TYR XA 728 -96.82 6.15 -53.41
C TYR XA 728 -96.72 5.92 -54.91
N THR XA 729 -96.50 7.00 -55.66
CA THR XA 729 -96.39 6.95 -57.11
C THR XA 729 -95.17 7.72 -57.56
N GLU XA 730 -94.61 7.28 -58.68
CA GLU XA 730 -93.51 7.99 -59.34
C GLU XA 730 -94.01 8.52 -60.67
N PRO XA 731 -94.16 9.83 -60.84
CA PRO XA 731 -94.79 10.37 -62.05
C PRO XA 731 -94.03 10.11 -63.35
N ARG XA 732 -92.71 10.04 -63.30
CA ARG XA 732 -91.93 9.95 -64.52
C ARG XA 732 -90.65 9.19 -64.21
N PRO XA 733 -90.02 8.59 -65.23
CA PRO XA 733 -88.68 8.03 -65.03
C PRO XA 733 -87.61 9.10 -65.16
N ILE XA 734 -86.67 9.11 -64.23
CA ILE XA 734 -85.59 10.09 -64.20
C ILE XA 734 -84.29 9.39 -64.60
N GLY XA 735 -83.64 9.91 -65.63
CA GLY XA 735 -82.33 9.44 -66.02
C GLY XA 735 -81.23 10.12 -65.24
N THR XA 736 -80.02 10.06 -65.80
CA THR XA 736 -78.85 10.60 -65.14
C THR XA 736 -78.16 11.72 -65.92
N ARG XA 737 -78.37 11.79 -67.23
CA ARG XA 737 -77.53 12.62 -68.10
C ARG XA 737 -78.10 14.03 -68.15
N TYR XA 738 -77.66 14.89 -67.23
CA TYR XA 738 -78.10 16.27 -67.20
C TYR XA 738 -76.92 17.22 -67.36
N LEU XA 739 -75.86 16.99 -66.58
CA LEU XA 739 -74.63 17.73 -66.80
C LEU XA 739 -74.05 17.35 -68.15
N THR XA 740 -73.14 18.19 -68.66
CA THR XA 740 -72.52 17.93 -69.96
C THR XA 740 -71.01 17.99 -69.83
N ARG XA 741 -70.35 17.41 -70.82
CA ARG XA 741 -68.90 17.51 -70.93
C ARG XA 741 -68.54 17.46 -72.41
N PRO XA 742 -67.41 18.02 -72.80
CA PRO XA 742 -67.02 18.00 -74.21
C PRO XA 742 -66.66 16.60 -74.68
N LEU XA 743 -66.95 16.33 -75.94
CA LEU XA 743 -66.76 14.99 -76.50
C LEU XA 743 -65.29 14.68 -76.73
N ASP YA 219 80.36 14.64 29.66
CA ASP YA 219 79.75 15.43 28.60
C ASP YA 219 80.80 16.11 27.74
N GLY YA 220 82.07 15.83 28.00
CA GLY YA 220 83.16 16.33 27.19
C GLY YA 220 84.22 17.04 28.00
N VAL YA 221 85.37 17.24 27.35
CA VAL YA 221 86.48 17.93 27.96
C VAL YA 221 86.19 19.43 28.10
N GLY YA 222 85.58 20.02 27.08
CA GLY YA 222 85.41 21.47 27.06
C GLY YA 222 84.04 21.96 27.48
N ASN YA 223 83.30 21.11 28.18
CA ASN YA 223 81.95 21.44 28.64
C ASN YA 223 81.90 21.24 30.14
N ALA YA 224 81.48 22.28 30.87
CA ALA YA 224 81.38 22.19 32.32
C ALA YA 224 80.21 21.30 32.70
N SER YA 225 80.41 20.45 33.72
CA SER YA 225 79.39 19.52 34.15
C SER YA 225 78.55 20.03 35.31
N GLY YA 226 78.74 21.26 35.72
CA GLY YA 226 77.89 21.83 36.75
C GLY YA 226 78.19 23.30 36.93
N ASN YA 227 77.32 23.95 37.68
CA ASN YA 227 77.42 25.37 37.95
C ASN YA 227 77.62 25.60 39.44
N TRP YA 228 78.00 26.82 39.78
CA TRP YA 228 78.20 27.21 41.17
C TRP YA 228 76.85 27.55 41.76
N HIS YA 229 76.39 26.76 42.71
CA HIS YA 229 75.12 26.96 43.39
C HIS YA 229 75.39 27.19 44.87
N CYS YA 230 75.53 28.44 45.26
CA CYS YA 230 75.74 28.82 46.65
C CYS YA 230 74.73 29.91 46.98
N ASP YA 231 73.73 29.57 47.78
CA ASP YA 231 72.58 30.44 47.95
C ASP YA 231 71.87 30.04 49.24
N SER YA 232 70.82 30.79 49.58
CA SER YA 232 69.96 30.45 50.70
C SER YA 232 68.59 31.05 50.43
N THR YA 233 67.58 30.21 50.32
CA THR YA 233 66.22 30.64 50.01
C THR YA 233 65.35 30.40 51.23
N TRP YA 234 64.64 31.43 51.66
CA TRP YA 234 63.78 31.36 52.82
C TRP YA 234 62.33 31.36 52.36
N LEU YA 235 61.67 30.24 52.54
CA LEU YA 235 60.23 30.14 52.29
C LEU YA 235 59.52 30.38 53.61
N GLY YA 236 58.21 30.13 53.66
CA GLY YA 236 57.47 30.39 54.88
C GLY YA 236 57.93 29.53 56.04
N ASP YA 237 58.00 28.22 55.84
CA ASP YA 237 58.37 27.30 56.91
C ASP YA 237 59.58 26.46 56.56
N ARG YA 238 60.21 26.68 55.41
CA ARG YA 238 61.41 25.97 55.01
C ARG YA 238 62.50 26.99 54.75
N VAL YA 239 63.75 26.53 54.87
CA VAL YA 239 64.89 27.24 54.34
C VAL YA 239 65.76 26.25 53.59
N ILE YA 240 66.15 26.60 52.38
CA ILE YA 240 67.00 25.75 51.55
C ILE YA 240 68.36 26.42 51.44
N THR YA 241 69.39 25.74 51.93
CA THR YA 241 70.76 26.24 51.90
C THR YA 241 71.56 25.43 50.90
N THR YA 242 72.20 26.12 49.96
CA THR YA 242 73.07 25.50 48.97
C THR YA 242 74.49 26.02 49.15
N SER YA 243 75.47 25.12 49.07
CA SER YA 243 76.87 25.47 49.24
C SER YA 243 77.70 24.74 48.22
N THR YA 244 78.50 25.50 47.47
CA THR YA 244 79.49 24.94 46.56
C THR YA 244 80.88 25.29 47.06
N ARG YA 245 81.78 24.32 47.00
CA ARG YA 245 83.16 24.49 47.41
C ARG YA 245 84.08 23.83 46.39
N THR YA 246 85.33 24.27 46.38
CA THR YA 246 86.36 23.67 45.55
C THR YA 246 87.23 22.77 46.41
N TRP YA 247 87.37 21.52 46.00
CA TRP YA 247 88.13 20.52 46.75
C TRP YA 247 89.34 20.05 45.95
N ALA YA 248 90.35 19.64 46.70
CA ALA YA 248 91.53 18.97 46.17
C ALA YA 248 91.68 17.62 46.88
N LEU YA 249 91.82 16.56 46.10
CA LEU YA 249 91.98 15.21 46.61
C LEU YA 249 93.33 14.67 46.18
N PRO YA 250 94.22 14.36 47.12
CA PRO YA 250 95.51 13.76 46.74
C PRO YA 250 95.43 12.26 46.66
N THR YA 251 96.57 11.62 46.41
CA THR YA 251 96.68 10.17 46.53
C THR YA 251 97.14 9.85 47.95
N TYR YA 252 96.39 9.01 48.64
CA TYR YA 252 96.67 8.66 50.02
C TYR YA 252 97.29 7.27 50.08
N ASN YA 253 98.36 7.14 50.84
CA ASN YA 253 99.01 5.86 51.15
C ASN YA 253 99.68 5.22 49.94
N ASN YA 254 99.86 5.96 48.85
CA ASN YA 254 100.31 5.38 47.58
C ASN YA 254 99.36 4.27 47.12
N HIS YA 255 98.06 4.53 47.23
CA HIS YA 255 97.00 3.60 46.79
C HIS YA 255 97.01 2.31 47.60
N LEU YA 256 97.50 2.36 48.83
CA LEU YA 256 97.63 1.17 49.65
C LEU YA 256 96.69 1.21 50.84
N TYR YA 257 96.25 0.04 51.26
CA TYR YA 257 95.57 -0.14 52.53
C TYR YA 257 96.62 -0.51 53.56
N LYS YA 258 96.69 0.24 54.65
CA LYS YA 258 97.70 0.00 55.66
C LYS YA 258 97.03 -0.28 57.00
N GLN YA 259 97.61 -1.20 57.74
CA GLN YA 259 97.14 -1.53 59.08
C GLN YA 259 97.86 -0.63 60.08
N ILE YA 260 97.09 0.07 60.89
CA ILE YA 260 97.63 1.02 61.86
C ILE YA 260 97.25 0.58 63.26
N SER YA 261 98.15 0.81 64.19
CA SER YA 261 97.91 0.49 65.60
C SER YA 261 98.78 1.40 66.45
N SER YA 262 98.77 1.16 67.76
CA SER YA 262 99.53 1.95 68.71
C SER YA 262 100.82 1.27 69.16
N ALA YA 263 101.17 0.14 68.54
CA ALA YA 263 102.33 -0.62 68.99
C ALA YA 263 103.61 0.16 68.85
N SER YA 264 103.82 0.83 67.71
CA SER YA 264 105.00 1.66 67.57
C SER YA 264 104.88 2.96 68.36
N THR YA 265 103.66 3.46 68.54
CA THR YA 265 103.46 4.68 69.31
C THR YA 265 103.89 4.49 70.76
N GLY YA 266 103.64 3.32 71.32
CA GLY YA 266 103.95 3.11 72.73
C GLY YA 266 103.07 3.92 73.66
N ALA YA 267 101.77 3.96 73.39
CA ALA YA 267 100.83 4.75 74.16
C ALA YA 267 100.45 4.05 75.46
N SER YA 268 99.65 4.73 76.27
CA SER YA 268 99.12 4.13 77.48
C SER YA 268 98.00 3.16 77.14
N ASN YA 269 97.59 2.38 78.13
CA ASN YA 269 96.55 1.38 77.91
C ASN YA 269 95.24 2.03 77.47
N ASP YA 270 95.00 3.27 77.89
CA ASP YA 270 93.77 3.96 77.52
C ASP YA 270 93.77 4.43 76.07
N ASN YA 271 94.94 4.58 75.46
CA ASN YA 271 95.06 5.14 74.12
C ASN YA 271 95.41 4.10 73.07
N HIS YA 272 95.35 2.82 73.43
CA HIS YA 272 95.64 1.77 72.47
C HIS YA 272 94.55 1.68 71.42
N TYR YA 273 94.94 1.35 70.20
CA TYR YA 273 93.98 1.20 69.13
C TYR YA 273 94.53 0.27 68.06
N PHE YA 274 93.62 -0.23 67.22
CA PHE YA 274 93.94 -1.04 66.07
C PHE YA 274 92.95 -0.69 64.98
N GLY YA 275 93.44 -0.49 63.76
CA GLY YA 275 92.56 -0.14 62.69
C GLY YA 275 93.25 -0.16 61.35
N TYR YA 276 92.63 0.51 60.39
CA TYR YA 276 93.12 0.51 59.02
C TYR YA 276 93.03 1.91 58.43
N SER YA 277 94.00 2.23 57.60
CA SER YA 277 94.07 3.45 56.81
C SER YA 277 93.81 3.10 55.35
N THR YA 278 92.82 3.72 54.74
CA THR YA 278 92.53 3.39 53.36
C THR YA 278 93.09 4.47 52.43
N PRO YA 279 93.26 4.17 51.15
CA PRO YA 279 93.64 5.21 50.20
C PRO YA 279 92.51 6.15 49.78
N TRP YA 280 91.33 6.01 50.37
CA TRP YA 280 90.18 6.82 50.02
C TRP YA 280 90.11 8.06 50.89
N GLY YA 281 89.50 9.11 50.34
CA GLY YA 281 89.06 10.25 51.11
C GLY YA 281 87.54 10.24 51.19
N TYR YA 282 87.01 11.11 52.05
CA TYR YA 282 85.57 11.19 52.20
C TYR YA 282 85.15 12.65 52.23
N PHE YA 283 83.89 12.87 51.89
CA PHE YA 283 83.30 14.20 51.89
C PHE YA 283 82.53 14.41 53.18
N ASP YA 284 82.80 15.52 53.85
CA ASP YA 284 82.20 15.85 55.13
C ASP YA 284 81.57 17.23 55.06
N PHE YA 285 80.28 17.31 55.39
CA PHE YA 285 79.59 18.58 55.50
C PHE YA 285 78.72 18.56 56.76
N ASN YA 286 79.30 18.04 57.85
CA ASN YA 286 78.58 17.85 59.11
C ASN YA 286 78.88 18.98 60.10
N ARG YA 287 78.97 20.21 59.63
CA ARG YA 287 79.00 21.38 60.48
C ARG YA 287 78.00 22.39 59.95
N PHE YA 288 77.46 23.21 60.86
CA PHE YA 288 76.39 24.12 60.45
C PHE YA 288 76.90 25.25 59.57
N HIS YA 289 78.15 25.66 59.72
CA HIS YA 289 78.68 26.75 58.91
C HIS YA 289 79.07 26.29 57.51
N CYS YA 290 79.04 24.99 57.22
CA CYS YA 290 79.15 24.54 55.84
C CYS YA 290 77.92 24.90 55.03
N HIS YA 291 76.83 25.25 55.70
CA HIS YA 291 75.56 25.51 55.04
C HIS YA 291 74.98 26.88 55.32
N PHE YA 292 75.21 27.44 56.51
CA PHE YA 292 74.66 28.73 56.90
C PHE YA 292 75.77 29.76 56.94
N SER YA 293 75.54 30.91 56.30
CA SER YA 293 76.35 32.08 56.57
C SER YA 293 75.99 32.58 57.96
N PRO YA 294 76.87 33.38 58.58
CA PRO YA 294 76.50 33.95 59.88
C PRO YA 294 75.23 34.78 59.84
N ARG YA 295 74.98 35.50 58.76
CA ARG YA 295 73.74 36.24 58.60
C ARG YA 295 72.54 35.29 58.57
N ASP YA 296 72.65 34.19 57.82
CA ASP YA 296 71.55 33.22 57.76
C ASP YA 296 71.34 32.55 59.11
N TRP YA 297 72.42 32.25 59.83
CA TRP YA 297 72.30 31.69 61.16
C TRP YA 297 71.59 32.63 62.11
N GLN YA 298 71.94 33.92 62.06
CA GLN YA 298 71.27 34.91 62.88
C GLN YA 298 69.81 35.02 62.52
N ARG YA 299 69.49 35.02 61.22
CA ARG YA 299 68.11 35.06 60.78
C ARG YA 299 67.32 33.85 61.27
N LEU YA 300 67.94 32.68 61.28
CA LEU YA 300 67.28 31.48 61.78
C LEU YA 300 67.03 31.57 63.29
N ILE YA 301 68.08 31.87 64.05
CA ILE YA 301 68.01 31.77 65.50
C ILE YA 301 67.25 32.92 66.14
N ASN YA 302 67.14 34.06 65.47
CA ASN YA 302 66.40 35.17 66.04
C ASN YA 302 64.91 35.09 65.78
N ASN YA 303 64.47 34.17 64.93
CA ASN YA 303 63.09 34.14 64.46
C ASN YA 303 62.41 32.81 64.61
N ASN YA 304 63.13 31.71 64.82
CA ASN YA 304 62.53 30.40 64.82
C ASN YA 304 62.64 29.76 66.19
N TRP YA 305 61.58 29.09 66.61
CA TRP YA 305 61.60 28.31 67.84
C TRP YA 305 62.25 26.95 67.67
N GLY YA 306 62.34 26.46 66.44
CA GLY YA 306 63.03 25.20 66.25
C GLY YA 306 63.33 24.96 64.79
N PHE YA 307 64.18 23.96 64.55
CA PHE YA 307 64.45 23.62 63.16
C PHE YA 307 64.96 22.20 63.06
N ARG YA 308 64.88 21.64 61.85
CA ARG YA 308 65.38 20.29 61.62
C ARG YA 308 65.63 20.11 60.13
N PRO YA 309 66.48 19.15 59.75
CA PRO YA 309 66.70 18.90 58.32
C PRO YA 309 65.70 17.93 57.71
N LYS YA 310 65.26 18.26 56.50
CA LYS YA 310 64.30 17.49 55.72
C LYS YA 310 64.97 16.71 54.61
N ARG YA 311 65.77 17.34 53.75
CA ARG YA 311 66.33 16.56 52.66
C ARG YA 311 67.64 17.19 52.19
N LEU YA 312 68.41 16.43 51.42
CA LEU YA 312 69.65 16.97 50.87
C LEU YA 312 69.94 16.39 49.50
N ASN YA 313 70.64 17.19 48.71
CA ASN YA 313 71.19 16.84 47.42
C ASN YA 313 72.69 17.06 47.45
N PHE YA 314 73.43 16.12 46.88
CA PHE YA 314 74.87 16.18 46.80
C PHE YA 314 75.27 16.06 45.34
N LYS YA 315 76.15 16.94 44.89
CA LYS YA 315 76.64 16.90 43.53
C LYS YA 315 78.15 17.07 43.53
N LEU YA 316 78.80 16.36 42.62
CA LEU YA 316 80.24 16.40 42.43
C LEU YA 316 80.49 16.64 40.95
N PHE YA 317 81.16 17.73 40.61
CA PHE YA 317 81.22 18.12 39.22
C PHE YA 317 82.53 18.84 38.94
N ASN YA 318 82.84 18.97 37.64
CA ASN YA 318 84.02 19.66 37.14
C ASN YA 318 85.30 19.00 37.63
N ILE YA 319 85.41 17.70 37.38
CA ILE YA 319 86.57 16.93 37.82
C ILE YA 319 87.76 17.25 36.93
N GLN YA 320 88.91 17.50 37.55
CA GLN YA 320 90.16 17.68 36.83
C GLN YA 320 91.23 16.85 37.51
N VAL YA 321 91.76 15.87 36.80
CA VAL YA 321 92.88 15.08 37.29
C VAL YA 321 94.17 15.70 36.78
N LYS YA 322 95.11 15.91 37.68
CA LYS YA 322 96.38 16.55 37.36
C LYS YA 322 97.52 15.60 37.66
N GLU YA 323 98.41 15.43 36.68
CA GLU YA 323 99.64 14.67 36.81
C GLU YA 323 100.78 15.58 37.27
N VAL YA 324 101.58 15.09 38.21
CA VAL YA 324 102.67 15.84 38.81
C VAL YA 324 103.98 15.09 38.59
N THR YA 325 104.99 15.80 38.08
CA THR YA 325 106.34 15.27 37.93
C THR YA 325 107.32 16.25 38.55
N THR YA 326 108.15 15.77 39.48
CA THR YA 326 109.20 16.61 40.06
C THR YA 326 110.55 16.09 39.56
N ASN YA 327 111.26 16.94 38.82
CA ASN YA 327 112.59 16.63 38.31
C ASN YA 327 113.55 17.76 38.67
N ASP YA 328 114.70 17.39 39.22
CA ASP YA 328 115.75 18.34 39.58
C ASP YA 328 115.23 19.43 40.50
N GLY YA 329 114.18 19.13 41.26
CA GLY YA 329 113.60 20.06 42.19
C GLY YA 329 112.47 20.90 41.64
N VAL YA 330 112.26 20.92 40.33
CA VAL YA 330 111.19 21.71 39.74
C VAL YA 330 110.02 20.80 39.41
N THR YA 331 108.81 21.31 39.63
CA THR YA 331 107.59 20.53 39.56
C THR YA 331 106.76 20.96 38.36
N THR YA 332 106.37 19.99 37.54
CA THR YA 332 105.49 20.18 36.40
C THR YA 332 104.15 19.56 36.71
N ILE YA 333 103.08 20.30 36.44
CA ILE YA 333 101.72 19.80 36.58
C ILE YA 333 101.06 19.86 35.21
N ALA YA 334 100.46 18.76 34.79
CA ALA YA 334 99.76 18.69 33.53
C ALA YA 334 98.37 18.11 33.76
N ASN YA 335 97.51 18.26 32.75
CA ASN YA 335 96.20 17.65 32.82
C ASN YA 335 96.27 16.21 32.33
N ASN YA 336 95.59 15.33 33.05
CA ASN YA 336 95.44 13.94 32.65
C ASN YA 336 93.98 13.74 32.25
N LEU YA 337 93.71 13.83 30.95
CA LEU YA 337 92.34 13.87 30.48
C LEU YA 337 91.64 12.51 30.54
N THR YA 338 92.38 11.42 30.67
CA THR YA 338 91.81 10.09 30.63
C THR YA 338 91.80 9.40 32.00
N SER YA 339 92.16 10.10 33.06
CA SER YA 339 92.15 9.50 34.38
C SER YA 339 90.79 9.67 35.05
N THR YA 340 90.53 8.82 36.03
CA THR YA 340 89.24 8.77 36.69
C THR YA 340 89.36 8.95 38.19
N VAL YA 341 88.29 9.43 38.79
CA VAL YA 341 88.08 9.35 40.24
C VAL YA 341 86.92 8.41 40.49
N GLN YA 342 87.09 7.50 41.44
CA GLN YA 342 86.02 6.62 41.88
C GLN YA 342 85.28 7.27 43.04
N VAL YA 343 83.96 7.32 42.93
CA VAL YA 343 83.09 7.88 43.96
C VAL YA 343 82.00 6.89 44.27
N PHE YA 344 81.72 6.68 45.55
CA PHE YA 344 80.52 5.92 45.89
C PHE YA 344 79.95 6.43 47.21
N SER YA 345 78.66 6.23 47.38
CA SER YA 345 77.95 6.58 48.60
C SER YA 345 77.63 5.29 49.35
N ASP YA 346 77.92 5.27 50.64
CA ASP YA 346 77.69 4.08 51.46
C ASP YA 346 76.28 4.14 52.02
N SER YA 347 75.31 3.91 51.13
CA SER YA 347 73.90 4.11 51.46
C SER YA 347 73.32 3.04 52.36
N GLU YA 348 73.97 1.88 52.45
CA GLU YA 348 73.49 0.81 53.31
C GLU YA 348 74.24 0.72 54.63
N TYR YA 349 75.12 1.69 54.91
CA TYR YA 349 75.84 1.78 56.17
C TYR YA 349 76.58 0.49 56.48
N GLN YA 350 77.26 -0.03 55.47
CA GLN YA 350 78.05 -1.24 55.60
C GLN YA 350 79.48 -0.98 56.05
N LEU YA 351 79.88 0.26 56.11
CA LEU YA 351 81.20 0.70 56.50
C LEU YA 351 81.16 1.32 57.89
N PRO YA 352 82.28 1.35 58.59
CA PRO YA 352 82.33 2.12 59.83
C PRO YA 352 82.07 3.59 59.56
N TYR YA 353 81.19 4.18 60.38
CA TYR YA 353 80.79 5.57 60.22
C TYR YA 353 81.74 6.45 61.02
N VAL YA 354 82.65 7.13 60.32
CA VAL YA 354 83.61 7.99 61.01
C VAL YA 354 83.13 9.44 61.06
N LEU YA 355 82.06 9.77 60.34
CA LEU YA 355 81.44 11.06 60.53
C LEU YA 355 80.76 11.09 61.90
N GLY YA 356 80.47 12.28 62.38
CA GLY YA 356 79.88 12.39 63.69
C GLY YA 356 80.84 12.25 64.85
N SER YA 357 82.15 12.32 64.58
CA SER YA 357 83.16 12.36 65.63
C SER YA 357 83.84 13.72 65.70
N ALA YA 358 83.28 14.73 65.02
CA ALA YA 358 83.76 16.11 65.05
C ALA YA 358 85.19 16.23 64.52
N HIS YA 359 85.41 15.71 63.32
CA HIS YA 359 86.73 15.73 62.71
C HIS YA 359 86.88 16.91 61.76
N GLN YA 360 88.13 17.29 61.53
CA GLN YA 360 88.45 18.27 60.53
C GLN YA 360 88.24 17.71 59.14
N GLY YA 361 88.16 18.59 58.15
CA GLY YA 361 87.99 18.16 56.79
C GLY YA 361 86.64 18.45 56.19
N CYS YA 362 85.78 19.15 56.93
CA CYS YA 362 84.49 19.57 56.39
C CYS YA 362 84.68 20.64 55.32
N LEU YA 363 83.60 20.97 54.65
CA LEU YA 363 83.63 22.13 53.77
C LEU YA 363 83.92 23.37 54.60
N PRO YA 364 84.79 24.26 54.13
CA PRO YA 364 85.13 25.45 54.90
C PRO YA 364 83.93 26.37 55.05
N PRO YA 365 83.88 27.15 56.13
CA PRO YA 365 82.74 28.08 56.29
C PRO YA 365 82.66 29.13 55.19
N PHE YA 366 83.79 29.63 54.73
CA PHE YA 366 83.81 30.66 53.71
C PHE YA 366 83.77 30.04 52.32
N PRO YA 367 82.81 30.43 51.47
CA PRO YA 367 82.66 29.78 50.15
C PRO YA 367 83.85 29.97 49.23
N ALA YA 368 84.73 30.93 49.49
CA ALA YA 368 85.88 31.15 48.65
C ALA YA 368 87.05 30.23 48.96
N ASP YA 369 86.96 29.46 50.05
CA ASP YA 369 88.09 28.65 50.48
C ASP YA 369 88.12 27.32 49.75
N VAL YA 370 89.33 26.88 49.41
CA VAL YA 370 89.56 25.60 48.75
C VAL YA 370 90.06 24.62 49.80
N PHE YA 371 89.45 23.45 49.86
CA PHE YA 371 89.74 22.53 50.94
C PHE YA 371 90.26 21.19 50.43
N MET YA 372 91.14 20.60 51.23
CA MET YA 372 91.70 19.29 50.97
C MET YA 372 90.76 18.23 51.54
N ILE YA 373 90.60 17.14 50.82
CA ILE YA 373 89.68 16.09 51.24
C ILE YA 373 90.40 15.18 52.25
N PRO YA 374 89.79 14.92 53.41
CA PRO YA 374 90.45 14.10 54.43
C PRO YA 374 90.48 12.63 54.09
N GLN YA 375 91.50 11.95 54.60
CA GLN YA 375 91.68 10.52 54.33
C GLN YA 375 90.72 9.68 55.17
N TYR YA 376 90.25 8.59 54.59
CA TYR YA 376 89.38 7.68 55.31
C TYR YA 376 90.19 6.61 56.04
N GLY YA 377 89.82 6.38 57.28
CA GLY YA 377 90.40 5.31 58.07
C GLY YA 377 89.41 4.97 59.16
N TYR YA 378 89.54 3.77 59.69
CA TYR YA 378 88.62 3.33 60.72
C TYR YA 378 89.39 2.54 61.76
N LEU YA 379 88.74 2.32 62.89
CA LEU YA 379 89.26 1.50 63.97
C LEU YA 379 88.35 0.29 64.12
N THR YA 380 88.94 -0.82 64.57
CA THR YA 380 88.19 -2.04 64.81
C THR YA 380 88.52 -2.52 66.22
N LEU YA 381 87.93 -3.66 66.59
CA LEU YA 381 88.15 -4.21 67.92
C LEU YA 381 89.63 -4.44 68.16
N ASN YA 382 90.10 -4.03 69.33
CA ASN YA 382 91.50 -4.19 69.68
C ASN YA 382 91.63 -4.70 71.10
N ASN YA 383 92.68 -5.48 71.32
CA ASN YA 383 93.09 -5.98 72.62
C ASN YA 383 94.47 -5.42 72.89
N GLY YA 384 94.51 -4.20 73.41
CA GLY YA 384 95.76 -3.47 73.46
C GLY YA 384 96.07 -2.92 72.08
N SER YA 385 97.29 -3.14 71.62
CA SER YA 385 97.65 -2.78 70.26
C SER YA 385 97.39 -3.91 69.27
N GLN YA 386 96.82 -5.02 69.72
CA GLN YA 386 96.57 -6.18 68.88
C GLN YA 386 95.12 -6.22 68.44
N ALA YA 387 94.83 -7.10 67.49
CA ALA YA 387 93.48 -7.32 67.01
C ALA YA 387 92.89 -8.55 67.69
N VAL YA 388 91.65 -8.87 67.35
CA VAL YA 388 90.98 -10.08 67.80
C VAL YA 388 90.40 -10.77 66.58
N GLY YA 389 89.74 -11.91 66.81
CA GLY YA 389 89.12 -12.62 65.72
C GLY YA 389 87.97 -11.88 65.09
N ARG YA 390 87.23 -11.12 65.88
CA ARG YA 390 86.07 -10.37 65.41
C ARG YA 390 86.43 -8.99 64.90
N SER YA 391 87.71 -8.65 64.87
CA SER YA 391 88.15 -7.42 64.22
C SER YA 391 87.86 -7.51 62.74
N SER YA 392 87.23 -6.48 62.20
CA SER YA 392 86.83 -6.47 60.80
C SER YA 392 87.82 -5.71 59.95
N PHE YA 393 87.88 -6.10 58.68
CA PHE YA 393 88.63 -5.39 57.66
C PHE YA 393 87.69 -5.13 56.51
N TYR YA 394 87.74 -3.92 55.96
CA TYR YA 394 86.87 -3.51 54.87
C TYR YA 394 87.73 -3.04 53.72
N CYS YA 395 87.64 -3.73 52.59
CA CYS YA 395 88.16 -3.20 51.34
C CYS YA 395 87.08 -2.32 50.72
N LEU YA 396 87.40 -1.06 50.49
CA LEU YA 396 86.43 -0.15 49.89
C LEU YA 396 86.35 -0.31 48.38
N GLU YA 397 87.30 -1.00 47.77
CA GLU YA 397 87.18 -1.40 46.37
C GLU YA 397 86.20 -2.53 46.18
N TYR YA 398 85.75 -3.15 47.26
CA TYR YA 398 84.74 -4.19 47.23
C TYR YA 398 83.33 -3.62 47.17
N PHE YA 399 83.19 -2.36 46.78
CA PHE YA 399 81.93 -1.69 46.58
C PHE YA 399 81.78 -1.30 45.11
N PRO YA 400 80.56 -1.19 44.62
CA PRO YA 400 80.35 -0.57 43.30
C PRO YA 400 80.61 0.93 43.38
N SER YA 401 81.52 1.40 42.54
CA SER YA 401 81.88 2.81 42.46
C SER YA 401 81.52 3.35 41.08
N GLN YA 402 81.21 4.63 41.03
CA GLN YA 402 81.10 5.32 39.76
C GLN YA 402 82.45 5.93 39.43
N MET YA 403 82.94 5.64 38.22
CA MET YA 403 84.20 6.17 37.73
C MET YA 403 83.91 7.42 36.91
N LEU YA 404 84.56 8.51 37.27
CA LEU YA 404 84.31 9.83 36.69
C LEU YA 404 85.56 10.29 35.97
N ARG YA 405 85.44 10.54 34.67
CA ARG YA 405 86.45 11.26 33.93
C ARG YA 405 86.12 12.75 33.99
N THR YA 406 86.87 13.56 33.26
CA THR YA 406 86.75 15.01 33.44
C THR YA 406 85.42 15.56 32.95
N GLY YA 407 84.64 14.80 32.20
CA GLY YA 407 83.36 15.27 31.72
C GLY YA 407 82.16 14.74 32.49
N ASN YA 408 82.41 13.92 33.51
CA ASN YA 408 81.35 13.28 34.25
C ASN YA 408 81.07 14.00 35.56
N ASN YA 409 79.86 13.80 36.08
CA ASN YA 409 79.48 14.29 37.40
C ASN YA 409 78.80 13.17 38.18
N PHE YA 410 78.57 13.44 39.45
CA PHE YA 410 78.02 12.48 40.40
C PHE YA 410 76.92 13.18 41.19
N THR YA 411 75.75 12.56 41.28
CA THR YA 411 74.64 13.13 42.04
C THR YA 411 74.11 12.10 43.03
N PHE YA 412 73.52 12.59 44.11
CA PHE YA 412 73.00 11.71 45.13
C PHE YA 412 71.99 12.46 45.99
N SER YA 413 70.81 11.88 46.17
CA SER YA 413 69.76 12.48 46.99
C SER YA 413 69.55 11.68 48.25
N TYR YA 414 69.13 12.36 49.31
CA TYR YA 414 68.90 11.71 50.59
C TYR YA 414 67.77 12.41 51.31
N THR YA 415 66.92 11.64 51.98
CA THR YA 415 65.83 12.17 52.79
C THR YA 415 66.09 11.85 54.24
N PHE YA 416 66.02 12.87 55.09
CA PHE YA 416 66.16 12.65 56.53
C PHE YA 416 64.93 11.98 57.10
N GLU YA 417 65.14 11.14 58.10
CA GLU YA 417 64.04 10.59 58.87
C GLU YA 417 63.40 11.69 59.71
N GLU YA 418 62.20 11.41 60.20
CA GLU YA 418 61.48 12.38 61.03
C GLU YA 418 62.17 12.46 62.38
N VAL YA 419 63.01 13.47 62.54
CA VAL YA 419 63.76 13.72 63.77
C VAL YA 419 63.04 14.85 64.48
N PRO YA 420 63.09 14.95 65.80
CA PRO YA 420 62.48 16.11 66.48
C PRO YA 420 63.21 17.39 66.14
N PHE YA 421 62.45 18.49 66.15
CA PHE YA 421 63.02 19.81 65.99
C PHE YA 421 64.05 20.07 67.07
N HIS YA 422 65.19 20.64 66.69
CA HIS YA 422 66.07 21.22 67.67
C HIS YA 422 65.45 22.51 68.21
N SER YA 423 65.62 22.72 69.51
CA SER YA 423 65.01 23.81 70.24
C SER YA 423 65.88 25.06 70.17
N SER YA 424 65.45 26.04 69.37
CA SER YA 424 66.14 27.32 69.28
C SER YA 424 65.62 28.32 70.30
N TYR YA 425 65.12 27.84 71.43
CA TYR YA 425 64.54 28.69 72.45
C TYR YA 425 65.14 28.38 73.81
N ALA YA 426 65.10 29.37 74.68
CA ALA YA 426 65.24 29.20 76.12
C ALA YA 426 63.87 29.21 76.77
N HIS YA 427 63.84 28.85 78.04
CA HIS YA 427 62.60 28.85 78.81
C HIS YA 427 62.51 30.12 79.63
N SER YA 428 61.33 30.74 79.62
CA SER YA 428 61.07 31.93 80.41
C SER YA 428 60.77 31.63 81.86
N GLN YA 429 60.55 30.37 82.20
CA GLN YA 429 60.29 29.96 83.57
C GLN YA 429 61.30 28.91 83.98
N SER YA 430 61.55 28.83 85.28
CA SER YA 430 62.36 27.78 85.85
C SER YA 430 61.45 26.65 86.34
N LEU YA 431 62.02 25.44 86.40
CA LEU YA 431 61.23 24.27 86.73
C LEU YA 431 60.72 24.30 88.16
N ASP YA 432 61.47 24.91 89.06
CA ASP YA 432 61.05 25.04 90.45
C ASP YA 432 60.26 26.30 90.72
N ARG YA 433 59.79 26.97 89.66
CA ARG YA 433 59.05 28.21 89.77
C ARG YA 433 57.85 28.20 88.84
N LEU YA 434 57.13 27.08 88.81
CA LEU YA 434 56.01 26.90 87.90
C LEU YA 434 54.66 27.15 88.56
N MET YA 435 54.66 27.67 89.78
CA MET YA 435 53.45 27.83 90.56
C MET YA 435 52.87 29.22 90.40
N ASN YA 436 51.62 29.36 90.82
CA ASN YA 436 51.02 30.68 91.00
C ASN YA 436 51.63 31.32 92.24
N PRO YA 437 52.26 32.48 92.13
CA PRO YA 437 52.87 33.11 93.29
C PRO YA 437 51.90 33.84 94.21
N LEU YA 438 50.60 33.78 93.96
CA LEU YA 438 49.61 34.46 94.78
C LEU YA 438 48.76 33.51 95.59
N ILE YA 439 48.57 32.29 95.13
CA ILE YA 439 47.63 31.35 95.74
C ILE YA 439 48.40 30.31 96.53
N ASP YA 440 47.85 29.89 97.66
CA ASP YA 440 48.42 28.80 98.43
C ASP YA 440 48.08 27.47 97.79
N GLN YA 441 48.64 26.41 98.34
CA GLN YA 441 48.35 25.06 97.91
C GLN YA 441 47.32 24.43 98.86
N TYR YA 442 46.72 23.34 98.42
CA TYR YA 442 45.92 22.53 99.32
C TYR YA 442 46.69 21.33 99.86
N LEU YA 443 47.98 21.25 99.58
CA LEU YA 443 48.83 20.17 100.05
C LEU YA 443 49.68 20.66 101.22
N TYR YA 444 49.81 19.81 102.22
CA TYR YA 444 50.59 20.13 103.41
C TYR YA 444 51.91 19.38 103.37
N TYR YA 445 52.89 19.92 104.10
CA TYR YA 445 54.19 19.29 104.23
C TYR YA 445 54.61 19.40 105.69
N LEU YA 446 55.48 18.48 106.10
CA LEU YA 446 56.04 18.55 107.44
C LEU YA 446 57.03 19.71 107.52
N ASN YA 447 56.72 20.68 108.37
CA ASN YA 447 57.51 21.91 108.47
C ASN YA 447 58.45 21.91 109.67
N ARG YA 448 57.98 21.45 110.82
CA ARG YA 448 58.78 21.41 112.03
C ARG YA 448 58.66 20.04 112.66
N THR YA 449 59.79 19.52 113.15
CA THR YA 449 59.77 18.38 114.05
C THR YA 449 60.18 18.76 115.47
N GLN YA 450 60.25 20.06 115.77
CA GLN YA 450 60.49 20.56 117.11
C GLN YA 450 59.50 21.69 117.38
N ASN YA 451 59.35 22.02 118.66
CA ASN YA 451 58.42 23.09 119.04
C ASN YA 451 58.93 24.43 118.54
N GLN YA 452 58.02 25.23 118.01
CA GLN YA 452 58.39 26.53 117.45
C GLN YA 452 58.70 27.58 118.51
N SER YA 453 58.10 27.45 119.70
CA SER YA 453 58.26 28.48 120.73
C SER YA 453 59.72 28.64 121.15
N GLY YA 454 60.42 27.53 121.39
CA GLY YA 454 61.81 27.57 121.75
C GLY YA 454 62.11 27.67 123.23
N SER YA 455 61.12 27.99 124.06
CA SER YA 455 61.34 28.00 125.50
C SER YA 455 61.71 26.61 126.01
N ALA YA 456 61.02 25.59 125.49
CA ALA YA 456 61.44 24.21 125.62
C ALA YA 456 61.93 23.71 124.27
N GLN YA 457 62.61 22.56 124.29
CA GLN YA 457 63.18 21.97 123.09
C GLN YA 457 62.51 20.63 122.77
N ASN YA 458 61.19 20.58 122.86
CA ASN YA 458 60.47 19.33 122.67
C ASN YA 458 60.22 19.06 121.20
N LYS YA 459 60.10 17.77 120.87
CA LYS YA 459 59.78 17.39 119.51
C LYS YA 459 58.30 17.62 119.22
N ASP YA 460 57.94 17.56 117.94
CA ASP YA 460 56.56 17.73 117.52
C ASP YA 460 56.43 17.26 116.09
N LEU YA 461 55.22 17.41 115.55
CA LEU YA 461 54.93 17.13 114.14
C LEU YA 461 54.02 18.25 113.67
N LEU YA 462 54.61 19.31 113.15
CA LEU YA 462 53.89 20.50 112.72
C LEU YA 462 53.89 20.59 111.20
N PHE YA 463 52.72 20.76 110.63
CA PHE YA 463 52.54 20.75 109.18
C PHE YA 463 52.11 22.12 108.70
N SER YA 464 52.69 22.55 107.58
CA SER YA 464 52.36 23.83 106.98
C SER YA 464 51.78 23.62 105.60
N ARG YA 465 51.03 24.61 105.14
CA ARG YA 465 50.47 24.61 103.81
C ARG YA 465 51.44 25.23 102.82
N GLY YA 466 51.47 24.65 101.62
CA GLY YA 466 52.30 25.19 100.56
C GLY YA 466 51.90 26.61 100.22
N SER YA 467 52.80 27.56 100.43
CA SER YA 467 52.52 28.97 100.31
C SER YA 467 53.59 29.65 99.45
N PRO YA 468 53.27 30.80 98.85
CA PRO YA 468 54.29 31.53 98.08
C PRO YA 468 55.43 32.06 98.92
N ALA YA 469 55.29 32.12 100.25
CA ALA YA 469 56.40 32.52 101.09
C ALA YA 469 57.54 31.51 101.00
N GLY YA 470 57.25 30.23 101.17
CA GLY YA 470 58.24 29.21 100.96
C GLY YA 470 57.97 28.42 99.70
N MET YA 471 58.69 28.74 98.63
CA MET YA 471 58.51 28.07 97.36
C MET YA 471 59.42 26.86 97.21
N SER YA 472 60.48 26.77 98.02
CA SER YA 472 61.40 25.66 97.95
C SER YA 472 60.82 24.39 98.56
N VAL YA 473 59.84 24.50 99.46
CA VAL YA 473 59.27 23.36 100.15
C VAL YA 473 57.91 22.96 99.60
N GLN YA 474 57.41 23.65 98.59
CA GLN YA 474 56.14 23.29 98.00
C GLN YA 474 56.26 21.96 97.27
N PRO YA 475 55.27 21.09 97.40
CA PRO YA 475 55.20 19.91 96.52
C PRO YA 475 55.18 20.32 95.06
N LYS YA 476 55.89 19.57 94.23
CA LYS YA 476 56.00 19.86 92.81
C LYS YA 476 55.80 18.59 92.01
N ASN YA 477 55.64 18.75 90.70
CA ASN YA 477 55.25 17.65 89.84
C ASN YA 477 56.40 17.05 89.05
N TRP YA 478 57.52 17.77 88.90
CA TRP YA 478 58.59 17.34 88.01
C TRP YA 478 59.93 17.49 88.69
N LEU YA 479 60.94 16.88 88.09
CA LEU YA 479 62.30 16.87 88.57
C LEU YA 479 63.26 17.37 87.51
N PRO YA 480 64.38 17.96 87.90
CA PRO YA 480 65.40 18.34 86.91
C PRO YA 480 66.05 17.12 86.30
N GLY YA 481 66.59 17.30 85.10
CA GLY YA 481 67.18 16.22 84.34
C GLY YA 481 68.33 15.54 85.05
N PRO YA 482 68.84 14.47 84.44
CA PRO YA 482 69.94 13.72 85.05
C PRO YA 482 71.24 14.50 85.04
N CYS YA 483 72.14 14.10 85.93
CA CYS YA 483 73.41 14.80 86.06
C CYS YA 483 74.54 13.80 86.20
N TYR YA 484 75.75 14.23 85.84
CA TYR YA 484 76.99 13.48 86.06
C TYR YA 484 78.07 14.50 86.34
N ARG YA 485 78.34 14.75 87.62
CA ARG YA 485 79.08 15.93 88.03
C ARG YA 485 80.47 16.01 87.40
N GLN YA 486 80.84 17.22 87.00
CA GLN YA 486 82.15 17.53 86.44
C GLN YA 486 82.94 18.37 87.44
N GLN YA 487 84.23 18.49 87.18
CA GLN YA 487 85.10 19.32 88.01
C GLN YA 487 85.02 20.77 87.55
N ARG YA 488 85.08 21.69 88.50
CA ARG YA 488 84.88 23.10 88.23
C ARG YA 488 86.23 23.76 88.02
N VAL YA 489 86.43 24.33 86.83
CA VAL YA 489 87.66 25.03 86.50
C VAL YA 489 87.33 26.50 86.29
N SER YA 490 88.16 27.37 86.84
CA SER YA 490 87.99 28.80 86.69
C SER YA 490 88.75 29.30 85.47
N LYS YA 491 88.10 30.17 84.69
CA LYS YA 491 88.77 30.80 83.57
C LYS YA 491 89.88 31.73 84.02
N THR YA 492 89.87 32.16 85.28
CA THR YA 492 90.97 32.89 85.88
C THR YA 492 91.89 31.86 86.55
N LYS YA 493 93.08 31.69 85.97
CA LYS YA 493 93.92 30.55 86.33
C LYS YA 493 94.42 30.61 87.78
N THR YA 494 94.45 31.77 88.41
CA THR YA 494 94.96 31.85 89.77
C THR YA 494 94.07 31.17 90.80
N ASP YA 495 92.78 31.01 90.50
CA ASP YA 495 91.86 30.37 91.43
C ASP YA 495 91.82 28.86 91.29
N ASN YA 496 92.58 28.29 90.38
CA ASN YA 496 92.61 26.85 90.19
C ASN YA 496 93.70 26.23 91.05
N ASN YA 497 93.49 24.97 91.42
CA ASN YA 497 94.47 24.25 92.22
C ASN YA 497 95.78 24.10 91.47
N ASN YA 498 96.88 24.12 92.22
CA ASN YA 498 98.21 24.00 91.62
C ASN YA 498 98.57 22.52 91.43
N SER YA 499 97.94 21.95 90.40
CA SER YA 499 98.22 20.60 89.97
C SER YA 499 97.66 20.43 88.57
N ASN YA 500 97.93 19.28 87.96
CA ASN YA 500 97.40 19.06 86.61
C ASN YA 500 95.93 18.67 86.66
N PHE YA 501 95.62 17.52 87.25
CA PHE YA 501 94.26 17.08 87.57
C PHE YA 501 93.30 17.14 86.38
N THR YA 502 93.81 17.31 85.17
CA THR YA 502 92.97 17.20 83.99
C THR YA 502 92.65 15.75 83.64
N TRP YA 503 93.43 14.82 84.14
CA TRP YA 503 93.13 13.41 83.97
C TRP YA 503 92.81 12.73 85.29
N THR YA 504 93.53 13.04 86.36
CA THR YA 504 93.28 12.39 87.63
C THR YA 504 91.99 12.87 88.29
N GLY YA 505 91.59 14.12 88.05
CA GLY YA 505 90.44 14.67 88.72
C GLY YA 505 89.23 14.83 87.82
N ALA YA 506 89.18 14.07 86.74
CA ALA YA 506 88.17 14.25 85.71
C ALA YA 506 87.15 13.12 85.72
N SER YA 507 85.93 13.46 85.31
CA SER YA 507 84.88 12.47 85.15
C SER YA 507 85.15 11.63 83.92
N LYS YA 508 85.30 10.32 84.11
CA LYS YA 508 85.60 9.44 83.00
C LYS YA 508 84.85 8.13 83.20
N TYR YA 509 84.71 7.37 82.13
CA TYR YA 509 84.02 6.09 82.19
C TYR YA 509 84.96 4.96 81.83
N ASN YA 510 84.64 3.78 82.36
CA ASN YA 510 85.43 2.59 82.20
C ASN YA 510 84.77 1.69 81.15
N LEU YA 511 85.52 1.28 80.14
CA LEU YA 511 85.00 0.41 79.09
C LEU YA 511 86.09 -0.57 78.67
N ASN YA 512 85.89 -1.85 78.98
CA ASN YA 512 86.83 -2.91 78.63
C ASN YA 512 88.21 -2.65 79.23
N GLY YA 513 88.22 -2.06 80.42
CA GLY YA 513 89.45 -1.86 81.15
C GLY YA 513 90.20 -0.58 80.86
N ARG YA 514 89.75 0.22 79.91
CA ARG YA 514 90.41 1.49 79.62
C ARG YA 514 89.44 2.64 79.78
N GLU YA 515 89.95 3.73 80.36
CA GLU YA 515 89.14 4.86 80.76
C GLU YA 515 89.06 5.89 79.63
N SER YA 516 87.93 6.57 79.56
CA SER YA 516 87.68 7.58 78.54
C SER YA 516 87.02 8.77 79.20
N ILE YA 517 87.53 9.96 78.94
CA ILE YA 517 86.91 11.17 79.47
C ILE YA 517 85.51 11.31 78.89
N ILE YA 518 84.57 11.77 79.71
CA ILE YA 518 83.19 11.87 79.27
C ILE YA 518 83.08 12.87 78.12
N ASN YA 519 83.34 14.16 78.38
CA ASN YA 519 83.58 15.16 77.34
C ASN YA 519 82.60 15.14 76.19
N PRO YA 520 81.42 15.75 76.30
CA PRO YA 520 80.95 16.59 77.40
C PRO YA 520 79.86 15.93 78.24
N GLY YA 521 79.34 14.81 77.76
CA GLY YA 521 78.40 14.05 78.56
C GLY YA 521 77.05 14.72 78.66
N THR YA 522 76.45 14.60 79.85
CA THR YA 522 75.10 15.06 80.07
C THR YA 522 74.98 16.55 79.81
N ALA YA 523 73.84 16.95 79.26
CA ALA YA 523 73.58 18.36 78.96
C ALA YA 523 73.22 19.06 80.27
N MET YA 524 74.16 19.81 80.81
CA MET YA 524 73.97 20.52 82.06
C MET YA 524 74.42 21.96 81.91
N ALA YA 525 73.94 22.81 82.82
CA ALA YA 525 74.34 24.20 82.83
C ALA YA 525 75.82 24.33 83.15
N SER YA 526 76.51 25.21 82.42
CA SER YA 526 77.93 25.40 82.63
C SER YA 526 78.24 25.94 84.01
N HIS YA 527 77.43 26.87 84.50
CA HIS YA 527 77.68 27.51 85.79
C HIS YA 527 76.34 27.99 86.33
N LYS YA 528 76.40 28.60 87.52
CA LYS YA 528 75.24 29.21 88.14
C LYS YA 528 75.12 30.67 87.70
N ASP YA 529 74.22 31.41 88.35
CA ASP YA 529 74.15 32.84 88.15
C ASP YA 529 75.35 33.52 88.80
N ASP YA 530 75.87 34.56 88.13
CA ASP YA 530 76.98 35.36 88.63
C ASP YA 530 78.24 34.51 88.83
N GLU YA 531 78.41 33.48 88.01
CA GLU YA 531 79.54 32.57 88.13
C GLU YA 531 80.11 32.23 86.76
N ASP YA 532 80.11 33.20 85.85
CA ASP YA 532 80.56 32.96 84.48
C ASP YA 532 82.05 32.65 84.40
N LYS YA 533 82.80 32.88 85.46
CA LYS YA 533 84.23 32.59 85.50
C LYS YA 533 84.54 31.10 85.60
N PHE YA 534 83.55 30.26 85.85
CA PHE YA 534 83.74 28.83 86.02
C PHE YA 534 83.12 28.06 84.86
N PHE YA 535 83.78 26.99 84.47
CA PHE YA 535 83.24 26.06 83.49
C PHE YA 535 83.58 24.63 83.92
N PRO YA 536 82.75 23.66 83.57
CA PRO YA 536 83.10 22.27 83.84
C PRO YA 536 84.32 21.86 83.04
N MET YA 537 85.15 21.00 83.65
CA MET YA 537 86.46 20.74 83.08
C MET YA 537 86.36 20.10 81.70
N SER YA 538 85.41 19.19 81.51
CA SER YA 538 85.18 18.57 80.21
C SER YA 538 83.69 18.51 79.92
N GLY YA 539 82.99 19.60 80.21
CA GLY YA 539 81.56 19.62 80.03
C GLY YA 539 81.09 20.61 78.99
N VAL YA 540 82.03 21.27 78.33
CA VAL YA 540 81.71 22.33 77.39
C VAL YA 540 82.38 22.04 76.05
N MET YA 541 81.74 22.49 74.98
CA MET YA 541 82.33 22.43 73.66
C MET YA 541 83.29 23.60 73.49
N ILE YA 542 84.53 23.30 73.16
CA ILE YA 542 85.58 24.32 73.03
C ILE YA 542 86.01 24.35 71.57
N PHE YA 543 85.81 25.48 70.92
CA PHE YA 543 86.26 25.70 69.56
C PHE YA 543 87.52 26.53 69.57
N GLY YA 544 88.46 26.16 68.69
CA GLY YA 544 89.69 26.91 68.57
C GLY YA 544 89.55 28.05 67.57
N LYS YA 545 90.13 29.18 67.91
CA LYS YA 545 90.21 30.26 66.95
C LYS YA 545 91.31 29.97 65.93
N GLU YA 546 91.30 30.70 64.84
CA GLU YA 546 92.42 30.62 63.91
C GLU YA 546 93.67 31.13 64.62
N SER YA 547 94.81 30.53 64.25
CA SER YA 547 96.06 30.72 64.99
C SER YA 547 95.98 30.13 66.40
N ALA YA 548 95.35 28.96 66.51
CA ALA YA 548 95.41 28.17 67.73
C ALA YA 548 96.21 26.91 67.45
N GLY YA 549 97.16 26.61 68.32
CA GLY YA 549 97.99 25.45 68.14
C GLY YA 549 97.23 24.16 68.34
N ALA YA 550 97.86 23.06 67.93
CA ALA YA 550 97.24 21.76 68.09
C ALA YA 550 97.28 21.28 69.53
N SER YA 551 98.35 21.60 70.25
CA SER YA 551 98.54 21.10 71.61
C SER YA 551 98.94 22.24 72.53
N ASN YA 552 98.33 22.26 73.72
CA ASN YA 552 98.67 23.20 74.79
C ASN YA 552 98.57 24.65 74.32
N THR YA 553 97.53 24.96 73.55
CA THR YA 553 97.27 26.34 73.18
C THR YA 553 96.66 27.08 74.36
N ALA YA 554 96.38 28.36 74.16
CA ALA YA 554 95.99 29.22 75.26
C ALA YA 554 94.48 29.46 75.30
N LEU YA 555 94.01 29.81 76.51
CA LEU YA 555 92.63 30.21 76.71
C LEU YA 555 92.27 31.37 75.80
N ASP YA 556 93.24 32.21 75.46
CA ASP YA 556 93.00 33.28 74.52
C ASP YA 556 92.80 32.75 73.11
N ASN YA 557 93.34 31.57 72.81
CA ASN YA 557 93.22 31.01 71.48
C ASN YA 557 92.03 30.07 71.34
N VAL YA 558 91.38 29.71 72.43
CA VAL YA 558 90.18 28.87 72.34
C VAL YA 558 88.94 29.69 72.70
N MET YA 559 87.79 29.22 72.20
CA MET YA 559 86.49 29.79 72.53
C MET YA 559 85.67 28.74 73.28
N ILE YA 560 85.38 29.02 74.54
CA ILE YA 560 84.61 28.12 75.39
C ILE YA 560 83.13 28.47 75.28
N THR YA 561 82.30 27.48 74.99
CA THR YA 561 80.88 27.72 74.91
C THR YA 561 80.26 27.79 76.30
N ASP YA 562 79.02 28.25 76.35
CA ASP YA 562 78.26 28.37 77.58
C ASP YA 562 76.89 27.75 77.38
N GLU YA 563 76.41 27.05 78.40
CA GLU YA 563 75.08 26.44 78.40
C GLU YA 563 74.20 27.10 79.45
N GLU YA 564 74.23 28.43 79.49
CA GLU YA 564 73.58 29.16 80.56
C GLU YA 564 72.06 29.17 80.39
N GLU YA 565 71.56 28.86 79.19
CA GLU YA 565 70.14 29.00 78.93
C GLU YA 565 69.33 27.83 79.46
N ILE YA 566 69.97 26.71 79.79
CA ILE YA 566 69.25 25.53 80.22
C ILE YA 566 69.32 25.35 81.74
N LYS YA 567 69.62 26.42 82.47
CA LYS YA 567 69.52 26.38 83.93
C LYS YA 567 68.09 26.20 84.40
N ALA YA 568 67.11 26.47 83.55
CA ALA YA 568 65.71 26.39 83.96
C ALA YA 568 65.28 24.96 84.22
N THR YA 569 65.90 23.98 83.55
CA THR YA 569 65.51 22.59 83.67
C THR YA 569 66.65 21.63 83.97
N ASN YA 570 67.89 22.02 83.75
CA ASN YA 570 69.01 21.11 83.88
C ASN YA 570 69.87 21.48 85.08
N PRO YA 571 70.43 20.49 85.78
CA PRO YA 571 71.34 20.80 86.88
C PRO YA 571 72.62 21.45 86.37
N VAL YA 572 73.25 22.22 87.26
CA VAL YA 572 74.54 22.82 86.92
C VAL YA 572 75.60 21.73 86.89
N ALA YA 573 76.45 21.78 85.87
CA ALA YA 573 77.37 20.68 85.58
C ALA YA 573 78.37 20.42 86.70
N THR YA 574 78.73 21.45 87.45
CA THR YA 574 79.79 21.34 88.44
C THR YA 574 79.27 21.11 89.86
N GLU YA 575 77.97 20.97 90.05
CA GLU YA 575 77.39 20.79 91.37
C GLU YA 575 76.54 19.53 91.41
N ARG YA 576 76.26 19.10 92.64
CA ARG YA 576 75.53 17.86 92.86
C ARG YA 576 74.09 17.99 92.35
N PHE YA 577 73.50 16.85 92.02
CA PHE YA 577 72.08 16.83 91.71
C PHE YA 577 71.27 17.23 92.92
N GLY YA 578 71.66 16.76 94.10
CA GLY YA 578 70.95 17.08 95.31
C GLY YA 578 71.45 16.21 96.45
N THR YA 579 70.66 16.17 97.51
CA THR YA 579 70.97 15.34 98.67
C THR YA 579 69.94 14.24 98.81
N VAL YA 580 70.34 13.19 99.50
CA VAL YA 580 69.48 12.02 99.72
C VAL YA 580 69.67 11.55 101.15
N ALA YA 581 68.60 11.05 101.75
CA ALA YA 581 68.71 10.47 103.08
C ALA YA 581 69.51 9.18 103.01
N VAL YA 582 70.35 8.93 104.01
CA VAL YA 582 71.23 7.78 104.00
C VAL YA 582 71.12 6.93 105.25
N ASN YA 583 70.22 7.24 106.18
CA ASN YA 583 70.08 6.46 107.39
C ASN YA 583 68.64 6.60 107.90
N PHE YA 584 68.39 6.03 109.07
CA PHE YA 584 67.13 6.18 109.78
C PHE YA 584 67.36 7.07 110.99
N GLN YA 585 66.64 8.19 111.05
CA GLN YA 585 66.69 9.03 112.24
C GLN YA 585 65.84 8.41 113.34
N SER YA 586 66.31 8.55 114.58
CA SER YA 586 65.60 8.00 115.72
C SER YA 586 66.00 8.77 116.97
N SER YA 587 65.20 8.62 118.01
CA SER YA 587 65.48 9.21 119.30
C SER YA 587 66.10 8.16 120.23
N SER YA 588 66.72 8.64 121.30
CA SER YA 588 67.32 7.76 122.28
C SER YA 588 66.24 7.03 123.07
N THR YA 589 66.55 5.80 123.47
CA THR YA 589 65.61 4.99 124.24
C THR YA 589 66.32 4.24 125.36
N VAL YA 592 67.10 1.39 123.50
CA VAL YA 592 68.22 1.63 122.60
C VAL YA 592 68.76 3.03 122.80
N PRO YA 593 69.62 3.21 123.80
CA PRO YA 593 70.10 4.56 124.12
C PRO YA 593 71.20 5.04 123.17
N PHE YA 594 71.02 4.83 121.88
CA PHE YA 594 71.94 5.29 120.85
C PHE YA 594 71.12 6.14 119.87
N LYS YA 595 71.02 7.43 120.18
CA LYS YA 595 70.30 8.36 119.32
C LYS YA 595 70.97 8.46 117.95
N THR YA 596 70.16 8.45 116.89
CA THR YA 596 70.66 8.52 115.53
C THR YA 596 70.17 9.82 114.89
N ASP YA 597 71.10 10.74 114.63
CA ASP YA 597 70.76 11.94 113.90
C ASP YA 597 70.49 11.61 112.44
N PRO YA 598 69.56 12.32 111.80
CA PRO YA 598 69.37 12.14 110.36
C PRO YA 598 70.61 12.54 109.59
N ALA YA 599 70.89 11.82 108.51
CA ALA YA 599 72.08 12.03 107.72
C ALA YA 599 71.73 12.05 106.24
N THR YA 600 72.32 13.01 105.52
CA THR YA 600 72.14 13.13 104.09
C THR YA 600 73.49 13.01 103.39
N GLY YA 601 73.44 12.59 102.15
CA GLY YA 601 74.63 12.52 101.32
C GLY YA 601 74.37 13.18 99.98
N ASP YA 602 75.42 13.75 99.42
CA ASP YA 602 75.32 14.42 98.13
C ASP YA 602 75.22 13.40 97.01
N VAL YA 603 74.36 13.69 96.05
CA VAL YA 603 74.13 12.84 94.89
C VAL YA 603 74.86 13.48 93.71
N HIS YA 604 75.95 12.85 93.28
CA HIS YA 604 76.82 13.44 92.27
C HIS YA 604 76.49 12.96 90.87
N ALA YA 605 76.08 11.71 90.73
CA ALA YA 605 75.62 11.16 89.45
C ALA YA 605 74.22 10.61 89.65
N MET YA 606 73.27 11.13 88.88
CA MET YA 606 71.88 10.74 88.99
C MET YA 606 71.40 10.27 87.63
N GLY YA 607 70.92 9.04 87.55
CA GLY YA 607 70.32 8.54 86.34
C GLY YA 607 68.89 9.00 86.21
N ALA YA 608 68.25 8.57 85.13
CA ALA YA 608 66.91 9.04 84.82
C ALA YA 608 65.90 8.51 85.83
N LEU YA 609 65.16 9.41 86.45
CA LEU YA 609 64.03 9.13 87.29
C LEU YA 609 62.75 9.54 86.58
N PRO YA 610 61.63 8.83 86.79
CA PRO YA 610 60.37 9.28 86.21
C PRO YA 610 59.98 10.63 86.76
N GLY YA 611 59.43 11.46 85.88
CA GLY YA 611 59.16 12.85 86.20
C GLY YA 611 60.27 13.80 85.85
N MET YA 612 61.42 13.29 85.41
CA MET YA 612 62.53 14.16 85.03
C MET YA 612 62.26 14.82 83.69
N VAL YA 613 62.66 16.09 83.57
CA VAL YA 613 62.59 16.83 82.33
C VAL YA 613 63.91 17.55 82.13
N TRP YA 614 64.35 17.65 80.88
CA TRP YA 614 65.63 18.27 80.61
C TRP YA 614 65.64 18.83 79.19
N GLN YA 615 66.62 19.68 78.92
CA GLN YA 615 66.92 20.16 77.58
C GLN YA 615 68.21 19.52 77.09
N ASP YA 616 68.31 19.37 75.78
CA ASP YA 616 69.51 18.83 75.17
C ASP YA 616 70.55 19.94 75.00
N ARG YA 617 71.74 19.55 74.58
CA ARG YA 617 72.79 20.53 74.33
C ARG YA 617 72.45 21.40 73.13
N ASP YA 618 72.94 22.63 73.16
CA ASP YA 618 72.72 23.54 72.05
C ASP YA 618 73.59 23.18 70.86
N VAL YA 619 73.15 23.58 69.69
CA VAL YA 619 73.95 23.47 68.48
C VAL YA 619 74.53 24.84 68.17
N TYR YA 620 75.68 24.84 67.49
CA TYR YA 620 76.41 26.07 67.19
C TYR YA 620 76.68 26.13 65.70
N LEU YA 621 76.94 27.34 65.21
CA LEU YA 621 77.26 27.50 63.80
C LEU YA 621 78.52 26.73 63.42
N GLN YA 622 79.47 26.61 64.34
CA GLN YA 622 80.70 25.87 64.12
C GLN YA 622 80.61 24.41 64.52
N GLY YA 623 79.45 23.95 65.01
CA GLY YA 623 79.34 22.63 65.57
C GLY YA 623 78.74 21.61 64.65
N PRO YA 624 78.71 20.36 65.07
CA PRO YA 624 78.16 19.28 64.23
C PRO YA 624 76.65 19.37 64.09
N ILE YA 625 76.16 18.82 62.98
CA ILE YA 625 74.73 18.78 62.71
C ILE YA 625 74.10 17.49 63.21
N TRP YA 626 74.65 16.35 62.83
CA TRP YA 626 74.04 15.07 63.12
C TRP YA 626 75.08 14.09 63.63
N ALA YA 627 74.58 12.92 64.04
CA ALA YA 627 75.42 11.80 64.41
C ALA YA 627 74.63 10.52 64.17
N LYS YA 628 75.32 9.48 63.72
CA LYS YA 628 74.70 8.18 63.59
C LYS YA 628 74.47 7.56 64.96
N ILE YA 629 73.24 7.14 65.23
CA ILE YA 629 72.94 6.42 66.46
C ILE YA 629 73.49 5.00 66.34
N PRO YA 630 74.28 4.53 67.31
CA PRO YA 630 74.84 3.19 67.20
C PRO YA 630 73.75 2.14 67.11
N HIS YA 631 74.00 1.12 66.27
CA HIS YA 631 73.05 0.03 66.09
C HIS YA 631 73.21 -0.94 67.24
N THR YA 632 72.49 -0.65 68.32
CA THR YA 632 72.52 -1.44 69.54
C THR YA 632 71.11 -1.89 69.89
N ASP YA 633 71.03 -2.81 70.84
CA ASP YA 633 69.73 -3.28 71.32
C ASP YA 633 68.96 -2.17 72.02
N GLY YA 634 69.64 -1.40 72.86
CA GLY YA 634 68.99 -0.35 73.60
C GLY YA 634 69.78 0.94 73.54
N HIS YA 635 69.04 2.04 73.66
CA HIS YA 635 69.62 3.36 73.80
C HIS YA 635 68.59 4.25 74.45
N PHE YA 636 69.04 5.15 75.31
CA PHE YA 636 68.15 6.03 76.04
C PHE YA 636 68.33 7.45 75.51
N HIS YA 637 67.27 8.01 74.95
CA HIS YA 637 67.23 9.36 74.42
C HIS YA 637 68.39 9.59 73.46
N PRO YA 638 68.36 8.99 72.29
CA PRO YA 638 69.55 8.95 71.42
C PRO YA 638 69.84 10.28 70.73
N SER YA 639 70.04 11.31 71.54
CA SER YA 639 70.48 12.60 71.07
C SER YA 639 71.97 12.74 71.32
N PRO YA 640 72.76 13.08 70.29
CA PRO YA 640 74.22 13.09 70.46
C PRO YA 640 74.65 14.04 71.55
N LEU YA 641 75.68 13.66 72.28
CA LEU YA 641 76.10 14.45 73.44
C LEU YA 641 76.85 15.70 73.04
N MET YA 642 77.43 15.72 71.83
CA MET YA 642 78.00 16.96 71.32
C MET YA 642 76.94 17.93 70.83
N GLY YA 643 75.70 17.49 70.68
CA GLY YA 643 74.64 18.33 70.16
C GLY YA 643 74.32 17.96 68.73
N GLY YA 644 73.06 18.16 68.38
CA GLY YA 644 72.62 17.86 67.03
C GLY YA 644 71.52 16.84 66.96
N PHE YA 645 71.35 16.24 65.79
CA PHE YA 645 70.30 15.29 65.52
C PHE YA 645 70.91 13.89 65.48
N GLY YA 646 70.37 12.99 66.29
CA GLY YA 646 70.76 11.60 66.19
C GLY YA 646 69.91 10.90 65.17
N LEU YA 647 70.53 10.32 64.16
CA LEU YA 647 69.83 9.67 63.07
C LEU YA 647 70.20 8.20 63.03
N LYS YA 648 69.20 7.32 62.92
CA LYS YA 648 69.49 5.90 62.73
C LYS YA 648 70.10 5.66 61.36
N ASN YA 649 69.56 6.30 60.33
CA ASN YA 649 70.13 6.29 58.99
C ASN YA 649 70.58 7.71 58.67
N PRO YA 650 71.80 8.10 59.05
CA PRO YA 650 72.26 9.45 58.78
C PRO YA 650 72.60 9.62 57.31
N PRO YA 651 72.96 10.82 56.88
CA PRO YA 651 73.48 10.98 55.52
C PRO YA 651 74.69 10.09 55.31
N PRO YA 652 74.69 9.28 54.26
CA PRO YA 652 75.77 8.32 54.08
C PRO YA 652 77.08 8.98 53.71
N GLN YA 653 78.16 8.24 53.95
CA GLN YA 653 79.48 8.73 53.61
C GLN YA 653 79.70 8.64 52.11
N ILE YA 654 80.20 9.73 51.53
CA ILE YA 654 80.61 9.77 50.14
C ILE YA 654 82.13 9.61 50.12
N LEU YA 655 82.59 8.54 49.49
CA LEU YA 655 84.00 8.20 49.46
C LEU YA 655 84.52 8.33 48.05
N ILE YA 656 85.70 8.94 47.94
CA ILE YA 656 86.26 9.33 46.65
C ILE YA 656 87.75 9.01 46.66
N LYS YA 657 88.25 8.53 45.54
CA LYS YA 657 89.69 8.37 45.43
C LYS YA 657 90.10 8.47 43.97
N ASN YA 658 91.37 8.75 43.74
CA ASN YA 658 91.91 8.76 42.40
C ASN YA 658 92.20 7.32 41.97
N THR YA 659 91.75 6.95 40.78
CA THR YA 659 92.09 5.62 40.28
C THR YA 659 93.59 5.56 40.01
N PRO YA 660 94.29 4.55 40.52
CA PRO YA 660 95.74 4.48 40.29
C PRO YA 660 96.06 4.31 38.81
N VAL YA 661 97.08 5.05 38.35
CA VAL YA 661 97.60 4.93 37.00
C VAL YA 661 99.02 4.39 37.11
N PRO YA 662 99.26 3.15 36.70
CA PRO YA 662 100.61 2.58 36.81
C PRO YA 662 101.60 3.29 35.90
N ALA YA 663 102.85 3.30 36.34
CA ALA YA 663 103.93 3.80 35.51
C ALA YA 663 104.33 2.72 34.50
N ASN YA 664 105.47 2.91 33.85
CA ASN YA 664 105.90 2.02 32.79
C ASN YA 664 106.19 0.62 33.35
N PRO YA 665 105.51 -0.42 32.87
CA PRO YA 665 105.77 -1.76 33.36
C PRO YA 665 107.04 -2.33 32.76
N PRO YA 666 107.61 -3.37 33.36
CA PRO YA 666 108.81 -3.99 32.78
C PRO YA 666 108.50 -4.70 31.46
N ALA YA 667 109.56 -4.93 30.68
CA ALA YA 667 109.41 -5.64 29.41
C ALA YA 667 109.00 -7.10 29.63
N GLU YA 668 109.56 -7.74 30.64
CA GLU YA 668 109.21 -9.10 31.00
C GLU YA 668 108.15 -9.10 32.11
N PHE YA 669 107.32 -10.14 32.11
CA PHE YA 669 106.22 -10.22 33.06
C PHE YA 669 106.73 -10.47 34.48
N SER YA 670 106.11 -9.79 35.43
CA SER YA 670 106.39 -9.98 36.85
C SER YA 670 105.07 -10.05 37.60
N ALA YA 671 104.89 -11.09 38.41
CA ALA YA 671 103.67 -11.23 39.17
C ALA YA 671 103.63 -10.38 40.42
N THR YA 672 104.76 -9.78 40.81
CA THR YA 672 104.77 -8.86 41.92
C THR YA 672 103.84 -7.69 41.63
N LYS YA 673 103.02 -7.33 42.61
CA LYS YA 673 102.03 -6.28 42.41
C LYS YA 673 102.72 -4.95 42.14
N PHE YA 674 102.03 -4.10 41.38
CA PHE YA 674 102.60 -2.83 40.97
C PHE YA 674 102.84 -1.94 42.17
N ALA YA 675 104.00 -1.29 42.20
CA ALA YA 675 104.33 -0.33 43.23
C ALA YA 675 104.70 1.03 42.66
N SER YA 676 104.93 1.12 41.36
CA SER YA 676 105.31 2.36 40.69
C SER YA 676 104.07 2.91 40.01
N PHE YA 677 103.63 4.09 40.46
CA PHE YA 677 102.44 4.71 39.93
C PHE YA 677 102.75 6.13 39.46
N ILE YA 678 101.95 6.58 38.51
CA ILE YA 678 102.02 7.97 38.05
C ILE YA 678 101.41 8.85 39.12
N THR YA 679 102.16 9.84 39.59
CA THR YA 679 101.74 10.68 40.70
C THR YA 679 100.70 11.68 40.22
N GLN YA 680 99.53 11.67 40.84
CA GLN YA 680 98.49 12.58 40.40
C GLN YA 680 97.54 12.89 41.54
N TYR YA 681 96.81 14.00 41.38
CA TYR YA 681 95.76 14.39 42.30
C TYR YA 681 94.56 14.83 41.47
N SER YA 682 93.49 15.19 42.14
CA SER YA 682 92.31 15.68 41.44
C SER YA 682 91.74 16.89 42.16
N THR YA 683 91.00 17.69 41.41
CA THR YA 683 90.33 18.86 41.95
C THR YA 683 88.94 18.92 41.36
N GLY YA 684 88.06 19.65 42.03
CA GLY YA 684 86.72 19.75 41.50
C GLY YA 684 85.85 20.62 42.38
N GLN YA 685 84.56 20.60 42.08
CA GLN YA 685 83.57 21.34 42.82
C GLN YA 685 82.55 20.40 43.43
N VAL YA 686 82.11 20.71 44.64
CA VAL YA 686 81.13 19.93 45.36
C VAL YA 686 80.00 20.85 45.80
N SER YA 687 78.76 20.42 45.58
CA SER YA 687 77.58 21.16 45.98
C SER YA 687 76.77 20.33 46.95
N VAL YA 688 76.33 20.94 48.05
CA VAL YA 688 75.42 20.33 49.00
C VAL YA 688 74.25 21.27 49.19
N GLU YA 689 73.03 20.76 49.01
CA GLU YA 689 71.81 21.52 49.21
C GLU YA 689 70.98 20.82 50.26
N ILE YA 690 70.68 21.50 51.36
CA ILE YA 690 69.83 20.95 52.42
C ILE YA 690 68.58 21.80 52.54
N GLU YA 691 67.43 21.14 52.50
CA GLU YA 691 66.17 21.72 52.90
C GLU YA 691 65.94 21.45 54.38
N TRP YA 692 65.65 22.51 55.13
CA TRP YA 692 65.37 22.47 56.55
C TRP YA 692 63.95 22.94 56.80
N GLU YA 693 63.24 22.22 57.67
CA GLU YA 693 61.94 22.63 58.15
C GLU YA 693 62.09 23.51 59.39
N LEU YA 694 61.35 24.60 59.41
CA LEU YA 694 61.36 25.57 60.49
C LEU YA 694 60.13 25.42 61.35
N GLN YA 695 60.26 25.80 62.61
CA GLN YA 695 59.17 25.83 63.57
C GLN YA 695 59.15 27.24 64.12
N LYS YA 696 58.17 28.02 63.65
CA LYS YA 696 58.07 29.44 63.94
C LYS YA 696 57.66 29.69 65.38
N GLU YA 697 58.13 30.81 65.91
CA GLU YA 697 57.66 31.26 67.21
C GLU YA 697 56.20 31.66 67.12
N ASN YA 698 55.45 31.42 68.19
CA ASN YA 698 54.07 31.84 68.31
C ASN YA 698 53.83 32.56 69.63
N SER YA 699 54.80 33.39 70.04
CA SER YA 699 54.86 33.89 71.40
C SER YA 699 53.87 35.02 71.61
N LYS YA 700 53.35 35.09 72.83
CA LYS YA 700 52.51 36.20 73.27
C LYS YA 700 53.24 37.11 74.25
N ARG YA 701 54.55 36.98 74.32
CA ARG YA 701 55.37 37.80 75.21
C ARG YA 701 55.27 39.27 74.81
N TRP YA 702 55.19 40.13 75.82
CA TRP YA 702 54.99 41.56 75.57
C TRP YA 702 56.31 42.30 75.36
N ASN YA 703 57.26 42.12 76.27
CA ASN YA 703 58.52 42.83 76.19
C ASN YA 703 59.38 42.24 75.08
N PRO YA 704 60.34 43.01 74.56
CA PRO YA 704 61.18 42.50 73.48
C PRO YA 704 62.07 41.37 73.92
N GLU YA 705 62.37 40.49 72.96
CA GLU YA 705 63.19 39.31 73.19
C GLU YA 705 64.68 39.66 73.10
N VAL YA 706 65.49 38.75 73.63
CA VAL YA 706 66.93 38.80 73.43
C VAL YA 706 67.24 38.25 72.04
N GLN YA 707 68.02 38.98 71.27
CA GLN YA 707 68.39 38.58 69.92
C GLN YA 707 69.91 38.54 69.82
N TYR YA 708 70.41 37.70 68.92
CA TYR YA 708 71.81 37.78 68.57
C TYR YA 708 72.03 38.96 67.65
N THR YA 709 72.98 39.82 68.00
CA THR YA 709 73.20 41.04 67.24
C THR YA 709 74.69 41.26 67.05
N SER YA 710 75.03 41.95 65.97
CA SER YA 710 76.35 42.51 65.80
C SER YA 710 76.53 43.69 66.74
N ASN YA 711 77.75 43.88 67.21
CA ASN YA 711 78.05 45.05 68.03
C ASN YA 711 78.25 46.25 67.13
N TYR YA 712 77.56 47.35 67.46
CA TYR YA 712 77.73 48.62 66.76
C TYR YA 712 78.82 49.37 67.50
N ALA YA 713 79.97 49.52 66.85
CA ALA YA 713 81.09 50.26 67.42
C ALA YA 713 82.19 50.29 66.38
N LYS YA 714 82.99 51.36 66.43
CA LYS YA 714 84.15 51.40 65.57
C LYS YA 714 85.11 50.29 65.98
N SER YA 715 85.40 49.40 65.04
CA SER YA 715 86.30 48.29 65.27
C SER YA 715 87.27 48.19 64.10
N ALA YA 716 88.46 47.66 64.38
CA ALA YA 716 89.46 47.53 63.33
C ALA YA 716 88.99 46.58 62.23
N ASN YA 717 88.19 45.58 62.59
CA ASN YA 717 87.66 44.61 61.65
C ASN YA 717 86.17 44.45 61.85
N VAL YA 718 85.52 43.84 60.87
CA VAL YA 718 84.13 43.43 60.98
C VAL YA 718 84.11 41.95 61.37
N ASP YA 719 83.19 41.59 62.26
CA ASP YA 719 83.08 40.22 62.70
C ASP YA 719 82.61 39.31 61.57
N PHE YA 720 83.15 38.09 61.55
CA PHE YA 720 82.80 37.09 60.54
C PHE YA 720 83.15 37.57 59.14
N THR YA 721 84.35 38.14 59.00
CA THR YA 721 84.83 38.60 57.70
C THR YA 721 86.28 38.17 57.52
N VAL YA 722 86.92 38.66 56.46
CA VAL YA 722 88.32 38.41 56.21
C VAL YA 722 89.11 39.60 56.74
N ASP YA 723 90.39 39.37 57.01
CA ASP YA 723 91.27 40.45 57.41
C ASP YA 723 92.03 40.96 56.19
N ASN YA 724 93.03 41.81 56.40
CA ASN YA 724 93.81 42.33 55.28
C ASN YA 724 94.67 41.25 54.64
N ASN YA 725 94.89 40.12 55.31
CA ASN YA 725 95.63 39.02 54.73
C ASN YA 725 94.75 38.02 54.01
N GLY YA 726 93.43 38.18 54.07
CA GLY YA 726 92.53 37.27 53.42
C GLY YA 726 92.08 36.09 54.24
N LEU YA 727 92.26 36.13 55.55
CA LEU YA 727 91.94 34.99 56.41
C LEU YA 727 90.57 35.18 57.03
N TYR YA 728 89.65 34.27 56.72
CA TYR YA 728 88.33 34.30 57.31
C TYR YA 728 88.39 33.79 58.74
N THR YA 729 87.79 34.54 59.66
CA THR YA 729 87.78 34.18 61.07
C THR YA 729 86.36 34.31 61.62
N GLU YA 730 86.06 33.48 62.61
CA GLU YA 730 84.80 33.56 63.34
C GLU YA 730 85.09 33.99 64.77
N PRO YA 731 84.72 35.20 65.17
CA PRO YA 731 85.12 35.71 66.49
C PRO YA 731 84.59 34.94 67.69
N ARG YA 732 83.40 34.36 67.58
CA ARG YA 732 82.76 33.74 68.73
C ARG YA 732 81.89 32.61 68.25
N PRO YA 733 81.58 31.63 69.10
CA PRO YA 733 80.57 30.63 68.76
C PRO YA 733 79.17 31.15 69.04
N ILE YA 734 78.27 30.94 68.09
CA ILE YA 734 76.89 31.40 68.20
C ILE YA 734 75.99 30.19 68.41
N GLY YA 735 75.23 30.21 69.50
CA GLY YA 735 74.23 29.19 69.74
C GLY YA 735 72.91 29.50 69.06
N THR YA 736 71.86 28.87 69.55
CA THR YA 736 70.53 29.01 68.95
C THR YA 736 69.50 29.59 69.90
N ARG YA 737 69.70 29.50 71.21
CA ARG YA 737 68.65 29.75 72.18
C ARG YA 737 68.60 31.24 72.52
N TYR YA 738 67.83 32.00 71.75
CA TYR YA 738 67.67 33.43 71.99
C TYR YA 738 66.22 33.78 72.28
N LEU YA 739 65.31 33.30 71.44
CA LEU YA 739 63.89 33.42 71.73
C LEU YA 739 63.56 32.61 72.96
N THR YA 740 62.43 32.92 73.59
CA THR YA 740 62.01 32.20 74.78
C THR YA 740 60.60 31.67 74.61
N ARG YA 741 60.26 30.70 75.46
CA ARG YA 741 58.90 30.20 75.53
C ARG YA 741 58.65 29.75 76.96
N PRO YA 742 57.39 29.72 77.40
CA PRO YA 742 57.11 29.29 78.77
C PRO YA 742 57.34 27.80 78.96
N LEU YA 743 57.77 27.43 80.16
CA LEU YA 743 58.15 26.07 80.45
C LEU YA 743 56.93 25.15 80.57
N ASP ZA 219 83.46 6.60 23.35
CA ASP ZA 219 82.45 7.59 23.71
C ASP ZA 219 83.07 8.94 24.05
N GLY ZA 220 84.38 9.05 23.87
CA GLY ZA 220 85.08 10.31 24.03
C GLY ZA 220 86.26 10.20 24.98
N VAL ZA 221 87.10 11.22 24.92
CA VAL ZA 221 88.27 11.30 25.78
C VAL ZA 221 87.87 11.57 27.23
N GLY ZA 222 86.90 12.46 27.45
CA GLY ZA 222 86.57 12.89 28.79
C GLY ZA 222 85.37 12.22 29.41
N ASN ZA 223 84.98 11.06 28.86
CA ASN ZA 223 83.85 10.30 29.35
C ASN ZA 223 84.30 8.90 29.68
N ALA ZA 224 84.04 8.46 30.91
CA ALA ZA 224 84.43 7.12 31.33
C ALA ZA 224 83.55 6.08 30.64
N SER ZA 225 84.17 4.98 30.21
CA SER ZA 225 83.46 3.94 29.48
C SER ZA 225 83.00 2.80 30.38
N GLY ZA 226 83.17 2.91 31.68
CA GLY ZA 226 82.64 1.90 32.58
C GLY ZA 226 82.81 2.34 34.01
N ASN ZA 227 82.17 1.59 34.90
CA ASN ZA 227 82.19 1.86 36.32
C ASN ZA 227 82.84 0.70 37.06
N TRP ZA 228 83.19 0.93 38.31
CA TRP ZA 228 83.77 -0.09 39.16
C TRP ZA 228 82.67 -0.97 39.70
N HIS ZA 229 82.63 -2.22 39.29
CA HIS ZA 229 81.64 -3.19 39.73
C HIS ZA 229 82.35 -4.32 40.45
N CYS ZA 230 82.47 -4.19 41.76
CA CYS ZA 230 83.07 -5.22 42.60
C CYS ZA 230 82.12 -5.50 43.74
N ASP ZA 231 81.48 -6.65 43.72
CA ASP ZA 231 80.36 -6.92 44.61
C ASP ZA 231 80.16 -8.44 44.69
N SER ZA 232 79.20 -8.84 45.51
CA SER ZA 232 78.79 -10.24 45.59
C SER ZA 232 77.35 -10.27 46.08
N THR ZA 233 76.46 -10.81 45.25
CA THR ZA 233 75.05 -10.86 45.56
C THR ZA 233 74.64 -12.32 45.77
N TRP ZA 234 74.01 -12.60 46.91
CA TRP ZA 234 73.59 -13.94 47.25
C TRP ZA 234 72.08 -14.03 47.10
N LEU ZA 235 71.64 -14.79 46.11
CA LEU ZA 235 70.23 -15.10 45.95
C LEU ZA 235 69.96 -16.43 46.65
N GLY ZA 236 68.78 -17.01 46.43
CA GLY ZA 236 68.46 -18.25 47.11
C GLY ZA 236 69.36 -19.40 46.71
N ASP ZA 237 69.50 -19.63 45.42
CA ASP ZA 237 70.30 -20.74 44.92
C ASP ZA 237 71.43 -20.29 44.00
N ARG ZA 238 71.61 -18.99 43.80
CA ARG ZA 238 72.69 -18.47 42.99
C ARG ZA 238 73.52 -17.53 43.83
N VAL ZA 239 74.77 -17.35 43.43
CA VAL ZA 239 75.59 -16.24 43.91
C VAL ZA 239 76.26 -15.61 42.70
N ILE ZA 240 76.21 -14.30 42.61
CA ILE ZA 240 76.83 -13.57 41.52
C ILE ZA 240 77.99 -12.77 42.09
N THR ZA 241 79.20 -13.08 41.62
CA THR ZA 241 80.40 -12.41 42.06
C THR ZA 241 80.92 -11.51 40.94
N THR ZA 242 81.15 -10.24 41.26
CA THR ZA 242 81.70 -9.28 40.33
C THR ZA 242 83.04 -8.79 40.87
N SER ZA 243 84.02 -8.66 39.98
CA SER ZA 243 85.36 -8.22 40.36
C SER ZA 243 85.89 -7.27 39.31
N THR ZA 244 86.31 -6.09 39.75
CA THR ZA 244 87.00 -5.13 38.90
C THR ZA 244 88.43 -4.97 39.39
N ARG ZA 245 89.36 -4.92 38.45
CA ARG ZA 245 90.78 -4.75 38.74
C ARG ZA 245 91.38 -3.76 37.75
N THR ZA 246 92.50 -3.17 38.15
CA THR ZA 246 93.26 -2.28 37.29
C THR ZA 246 94.46 -3.03 36.75
N TRP ZA 247 94.60 -3.04 35.43
CA TRP ZA 247 95.66 -3.76 34.75
C TRP ZA 247 96.58 -2.81 34.01
N ALA ZA 248 97.83 -3.24 33.88
CA ALA ZA 248 98.85 -2.60 33.05
C ALA ZA 248 99.37 -3.61 32.05
N LEU ZA 249 99.37 -3.23 30.78
CA LEU ZA 249 99.83 -4.07 29.68
C LEU ZA 249 101.02 -3.41 29.02
N PRO ZA 250 102.20 -4.01 29.05
CA PRO ZA 250 103.35 -3.44 28.35
C PRO ZA 250 103.42 -3.89 26.91
N THR ZA 251 104.47 -3.49 26.20
CA THR ZA 251 104.79 -4.04 24.90
C THR ZA 251 105.72 -5.23 25.09
N TYR ZA 252 105.33 -6.37 24.54
CA TYR ZA 252 106.08 -7.61 24.69
C TYR ZA 252 106.84 -7.90 23.41
N ASN ZA 253 108.12 -8.25 23.54
CA ASN ZA 253 108.97 -8.71 22.45
C ASN ZA 253 109.28 -7.63 21.42
N ASN ZA 254 109.01 -6.37 21.73
CA ASN ZA 254 109.07 -5.28 20.74
C ASN ZA 254 108.16 -5.57 19.55
N HIS ZA 255 106.95 -6.04 19.84
CA HIS ZA 255 105.92 -6.33 18.83
C HIS ZA 255 106.33 -7.46 17.89
N LEU ZA 256 107.18 -8.36 18.38
CA LEU ZA 256 107.72 -9.42 17.54
C LEU ZA 256 107.21 -10.78 18.00
N TYR ZA 257 107.07 -11.69 17.06
CA TYR ZA 257 106.87 -13.10 17.33
C TYR ZA 257 108.23 -13.76 17.34
N LYS ZA 258 108.57 -14.45 18.43
CA LYS ZA 258 109.87 -15.07 18.55
C LYS ZA 258 109.72 -16.56 18.75
N GLN ZA 259 110.61 -17.32 18.14
CA GLN ZA 259 110.65 -18.77 18.31
C GLN ZA 259 111.54 -19.10 19.49
N ILE ZA 260 111.00 -19.85 20.45
CA ILE ZA 260 111.72 -20.19 21.67
C ILE ZA 260 111.87 -21.70 21.73
N SER ZA 261 113.00 -22.14 22.28
CA SER ZA 261 113.26 -23.56 22.47
C SER ZA 261 114.27 -23.70 23.61
N SER ZA 262 114.71 -24.93 23.84
CA SER ZA 262 115.65 -25.24 24.91
C SER ZA 262 117.07 -25.42 24.42
N ALA ZA 263 117.33 -25.12 23.14
CA ALA ZA 263 118.65 -25.38 22.57
C ALA ZA 263 119.72 -24.55 23.25
N SER ZA 264 119.46 -23.26 23.47
CA SER ZA 264 120.44 -22.43 24.18
C SER ZA 264 120.44 -22.75 25.68
N THR ZA 265 119.29 -23.17 26.22
CA THR ZA 265 119.23 -23.51 27.64
C THR ZA 265 120.11 -24.70 27.97
N GLY ZA 266 120.21 -25.67 27.06
CA GLY ZA 266 120.97 -26.86 27.36
C GLY ZA 266 120.36 -27.71 28.45
N ALA ZA 267 119.05 -27.92 28.40
CA ALA ZA 267 118.33 -28.65 29.43
C ALA ZA 267 118.48 -30.15 29.23
N SER ZA 268 117.92 -30.92 30.15
CA SER ZA 268 117.88 -32.36 30.01
C SER ZA 268 116.83 -32.77 28.99
N ASN ZA 269 116.86 -34.05 28.62
CA ASN ZA 269 115.92 -34.54 27.62
C ASN ZA 269 114.48 -34.40 28.08
N ASP ZA 270 114.25 -34.43 29.39
CA ASP ZA 270 112.89 -34.30 29.92
C ASP ZA 270 112.36 -32.88 29.86
N ASN ZA 271 113.25 -31.89 29.78
CA ASN ZA 271 112.86 -30.48 29.83
C ASN ZA 271 112.97 -29.79 28.48
N HIS ZA 272 113.17 -30.55 27.42
CA HIS ZA 272 113.25 -29.97 26.08
C HIS ZA 272 111.90 -29.45 25.64
N TYR ZA 273 111.90 -28.34 24.90
CA TYR ZA 273 110.65 -27.78 24.39
C TYR ZA 273 110.93 -26.96 23.14
N PHE ZA 274 109.86 -26.71 22.40
CA PHE ZA 274 109.87 -25.85 21.23
C PHE ZA 274 108.55 -25.11 21.20
N GLY ZA 275 108.60 -23.81 20.95
CA GLY ZA 275 107.37 -23.06 20.92
C GLY ZA 275 107.59 -21.66 20.42
N TYR ZA 276 106.61 -20.80 20.72
CA TYR ZA 276 106.62 -19.43 20.24
C TYR ZA 276 106.18 -18.47 21.34
N SER ZA 277 106.79 -17.30 21.34
CA SER ZA 277 106.45 -16.19 22.21
C SER ZA 277 105.78 -15.11 21.38
N THR ZA 278 104.58 -14.72 21.75
CA THR ZA 278 103.89 -13.71 20.96
C THR ZA 278 103.99 -12.35 21.65
N PRO ZA 279 103.76 -11.26 20.92
CA PRO ZA 279 103.69 -9.94 21.56
C PRO ZA 279 102.39 -9.66 22.30
N TRP ZA 280 101.49 -10.63 22.39
CA TRP ZA 280 100.20 -10.46 23.03
C TRP ZA 280 100.28 -10.84 24.50
N GLY ZA 281 99.42 -10.22 25.30
CA GLY ZA 281 99.13 -10.67 26.64
C GLY ZA 281 97.73 -11.27 26.67
N TYR ZA 282 97.42 -11.91 27.79
CA TYR ZA 282 96.10 -12.52 27.93
C TYR ZA 282 95.55 -12.21 29.31
N PHE ZA 283 94.24 -12.28 29.41
CA PHE ZA 283 93.53 -12.04 30.67
C PHE ZA 283 93.20 -13.37 31.33
N ASP ZA 284 93.56 -13.50 32.59
CA ASP ZA 284 93.38 -14.72 33.35
C ASP ZA 284 92.60 -14.42 34.62
N PHE ZA 285 91.49 -15.12 34.82
CA PHE ZA 285 90.74 -15.05 36.06
C PHE ZA 285 90.35 -16.46 36.48
N ASN ZA 286 91.29 -17.39 36.38
CA ASN ZA 286 91.06 -18.80 36.65
C ASN ZA 286 91.53 -19.20 38.05
N ARG ZA 287 91.32 -18.35 39.03
CA ARG ZA 287 91.50 -18.70 40.43
C ARG ZA 287 90.27 -18.26 41.20
N PHE ZA 288 89.97 -18.95 42.29
CA PHE ZA 288 88.73 -18.67 43.00
C PHE ZA 288 88.79 -17.35 43.75
N HIS ZA 289 89.97 -16.91 44.18
CA HIS ZA 289 90.08 -15.66 44.91
C HIS ZA 289 90.04 -14.43 44.00
N CYS ZA 290 90.07 -14.63 42.68
CA CYS ZA 290 89.77 -13.53 41.77
C CYS ZA 290 88.31 -13.12 41.84
N HIS ZA 291 87.46 -13.97 42.41
CA HIS ZA 291 86.02 -13.75 42.44
C HIS ZA 291 85.42 -13.75 43.83
N PHE ZA 292 85.96 -14.52 44.75
CA PHE ZA 292 85.42 -14.62 46.11
C PHE ZA 292 86.36 -13.94 47.08
N SER ZA 293 85.80 -13.07 47.92
CA SER ZA 293 86.53 -12.65 49.10
C SER ZA 293 86.59 -13.82 50.08
N PRO ZA 294 87.52 -13.80 51.02
CA PRO ZA 294 87.54 -14.87 52.03
C PRO ZA 294 86.24 -15.01 52.80
N ARG ZA 295 85.57 -13.90 53.10
CA ARG ZA 295 84.27 -13.96 53.74
C ARG ZA 295 83.24 -14.65 52.86
N ASP ZA 296 83.22 -14.33 51.56
CA ASP ZA 296 82.29 -14.97 50.65
C ASP ZA 296 82.61 -16.45 50.49
N TRP ZA 297 83.89 -16.80 50.45
CA TRP ZA 297 84.27 -18.21 50.38
C TRP ZA 297 83.81 -18.97 51.61
N GLN ZA 298 83.98 -18.38 52.79
CA GLN ZA 298 83.51 -19.01 54.01
C GLN ZA 298 82.00 -19.16 54.01
N ARG ZA 299 81.28 -18.13 53.55
CA ARG ZA 299 79.84 -18.21 53.46
C ARG ZA 299 79.40 -19.31 52.51
N LEU ZA 300 80.11 -19.50 51.40
CA LEU ZA 300 79.79 -20.56 50.46
C LEU ZA 300 80.05 -21.93 51.06
N ILE ZA 301 81.25 -22.15 51.61
CA ILE ZA 301 81.66 -23.48 52.02
C ILE ZA 301 81.03 -23.92 53.33
N ASN ZA 302 80.57 -23.00 54.16
CA ASN ZA 302 79.94 -23.38 55.41
C ASN ZA 302 78.46 -23.69 55.25
N ASN ZA 303 77.88 -23.40 54.10
CA ASN ZA 303 76.44 -23.48 53.93
C ASN ZA 303 76.00 -24.29 52.73
N ASN ZA 304 76.86 -24.58 51.78
CA ASN ZA 304 76.45 -25.24 50.56
C ASN ZA 304 77.08 -26.60 50.43
N TRP ZA 305 76.29 -27.56 49.95
CA TRP ZA 305 76.79 -28.89 49.65
C TRP ZA 305 77.51 -28.96 48.32
N GLY ZA 306 77.24 -28.02 47.41
CA GLY ZA 306 77.97 -28.03 46.17
C GLY ZA 306 77.80 -26.73 45.43
N PHE ZA 307 78.63 -26.55 44.41
CA PHE ZA 307 78.47 -25.33 43.60
C PHE ZA 307 79.08 -25.55 42.22
N ARG ZA 308 78.67 -24.71 41.28
CA ARG ZA 308 79.23 -24.77 39.93
C ARG ZA 308 78.98 -23.44 39.24
N PRO ZA 309 79.76 -23.12 38.20
CA PRO ZA 309 79.53 -21.88 37.46
C PRO ZA 309 78.51 -22.01 36.34
N LYS ZA 310 77.65 -21.00 36.24
CA LYS ZA 310 76.58 -20.89 35.26
C LYS ZA 310 76.94 -19.94 34.12
N ARG ZA 311 77.33 -18.71 34.42
CA ARG ZA 311 77.60 -17.80 33.30
C ARG ZA 311 78.59 -16.74 33.72
N LEU ZA 312 79.16 -16.05 32.72
CA LEU ZA 312 80.08 -14.96 33.03
C LEU ZA 312 79.96 -13.84 32.00
N ASN ZA 313 80.28 -12.64 32.47
CA ASN ZA 313 80.41 -11.43 31.68
C ASN ZA 313 81.80 -10.86 31.89
N PHE ZA 314 82.41 -10.41 30.81
CA PHE ZA 314 83.75 -9.84 30.82
C PHE ZA 314 83.65 -8.46 30.19
N LYS ZA 315 84.22 -7.46 30.85
CA LYS ZA 315 84.24 -6.11 30.33
C LYS ZA 315 85.63 -5.52 30.48
N LEU ZA 316 86.04 -4.74 29.50
CA LEU ZA 316 87.32 -4.06 29.45
C LEU ZA 316 87.04 -2.61 29.15
N PHE ZA 317 87.44 -1.71 30.04
CA PHE ZA 317 86.99 -0.33 29.93
C PHE ZA 317 88.05 0.61 30.50
N ASN ZA 318 87.90 1.89 30.17
CA ASN ZA 318 88.76 2.97 30.63
C ASN ZA 318 90.21 2.76 30.17
N ILE ZA 319 90.37 2.59 28.86
CA ILE ZA 319 91.69 2.35 28.28
C ILE ZA 319 92.47 3.65 28.26
N GLN ZA 320 93.73 3.58 28.70
CA GLN ZA 320 94.64 4.70 28.60
C GLN ZA 320 95.96 4.20 28.05
N VAL ZA 321 96.35 4.69 26.88
CA VAL ZA 321 97.65 4.38 26.30
C VAL ZA 321 98.62 5.48 26.69
N LYS ZA 322 99.77 5.10 27.20
CA LYS ZA 322 100.79 6.03 27.68
C LYS ZA 322 102.07 5.84 26.88
N GLU ZA 323 102.59 6.94 26.37
CA GLU ZA 323 103.87 7.02 25.69
C GLU ZA 323 104.99 7.29 26.69
N VAL ZA 324 106.10 6.59 26.55
CA VAL ZA 324 107.24 6.68 27.46
C VAL ZA 324 108.48 7.09 26.67
N THR ZA 325 109.17 8.12 27.15
CA THR ZA 325 110.46 8.54 26.57
C THR ZA 325 111.48 8.66 27.70
N THR ZA 326 112.61 7.97 27.58
CA THR ZA 326 113.69 8.10 28.55
C THR ZA 326 114.86 8.84 27.88
N ASN ZA 327 115.18 10.01 28.42
CA ASN ZA 327 116.29 10.83 27.93
C ASN ZA 327 117.18 11.21 29.11
N ASP ZA 328 118.49 11.00 28.93
CA ASP ZA 328 119.49 11.36 29.95
C ASP ZA 328 119.17 10.74 31.30
N GLY ZA 329 118.47 9.60 31.29
CA GLY ZA 329 118.12 8.89 32.50
C GLY ZA 329 116.79 9.26 33.10
N VAL ZA 330 116.16 10.35 32.66
CA VAL ZA 330 114.88 10.76 33.20
C VAL ZA 330 113.77 10.35 32.25
N THR ZA 331 112.65 9.90 32.81
CA THR ZA 331 111.58 9.28 32.06
C THR ZA 331 110.35 10.19 32.06
N THR ZA 332 109.83 10.46 30.87
CA THR ZA 332 108.61 11.21 30.67
C THR ZA 332 107.51 10.28 30.19
N ILE ZA 333 106.34 10.38 30.81
CA ILE ZA 333 105.17 9.63 30.40
C ILE ZA 333 104.10 10.63 29.99
N ALA ZA 334 103.52 10.42 28.81
CA ALA ZA 334 102.45 11.26 28.31
C ALA ZA 334 101.30 10.40 27.86
N ASN ZA 335 100.15 11.02 27.65
CA ASN ZA 335 99.00 10.31 27.12
C ASN ZA 335 99.08 10.28 25.60
N ASN ZA 336 98.76 9.12 25.03
CA ASN ZA 336 98.66 8.96 23.59
C ASN ZA 336 97.18 8.75 23.28
N LEU ZA 337 96.50 9.82 22.91
CA LEU ZA 337 95.05 9.78 22.79
C LEU ZA 337 94.57 9.03 21.56
N THR ZA 338 95.44 8.82 20.57
CA THR ZA 338 95.03 8.20 19.31
C THR ZA 338 95.54 6.78 19.14
N SER ZA 339 96.14 6.21 20.16
CA SER ZA 339 96.64 4.84 20.07
C SER ZA 339 95.56 3.84 20.46
N THR ZA 340 95.74 2.60 20.02
CA THR ZA 340 94.73 1.57 20.22
C THR ZA 340 95.34 0.35 20.90
N VAL ZA 341 94.47 -0.39 21.57
CA VAL ZA 341 94.76 -1.75 22.01
C VAL ZA 341 93.85 -2.69 21.22
N GLN ZA 342 94.43 -3.77 20.70
CA GLN ZA 342 93.66 -4.81 20.04
C GLN ZA 342 93.27 -5.87 21.05
N VAL ZA 343 91.99 -6.22 21.08
CA VAL ZA 343 91.46 -7.24 21.98
C VAL ZA 343 90.64 -8.22 21.16
N PHE ZA 344 90.82 -9.51 21.42
CA PHE ZA 344 89.89 -10.48 20.84
C PHE ZA 344 89.75 -11.66 21.78
N SER ZA 345 88.60 -12.33 21.66
CA SER ZA 345 88.29 -13.52 22.42
C SER ZA 345 88.38 -14.71 21.48
N ASP ZA 346 89.08 -15.76 21.91
CA ASP ZA 346 89.26 -16.95 21.08
C ASP ZA 346 88.12 -17.92 21.34
N SER ZA 347 86.95 -17.54 20.82
CA SER ZA 347 85.71 -18.24 21.14
C SER ZA 347 85.59 -19.60 20.46
N GLU ZA 348 86.34 -19.84 19.40
CA GLU ZA 348 86.30 -21.11 18.70
C GLU ZA 348 87.45 -22.03 19.07
N TYR ZA 349 88.25 -21.66 20.07
CA TYR ZA 349 89.33 -22.49 20.59
C TYR ZA 349 90.28 -22.93 19.48
N GLN ZA 350 90.64 -21.97 18.64
CA GLN ZA 350 91.57 -22.22 17.54
C GLN ZA 350 93.02 -22.02 17.93
N LEU ZA 351 93.28 -21.54 19.11
CA LEU ZA 351 94.59 -21.28 19.65
C LEU ZA 351 94.94 -22.30 20.70
N PRO ZA 352 96.21 -22.52 20.97
CA PRO ZA 352 96.59 -23.35 22.13
C PRO ZA 352 96.09 -22.72 23.42
N TYR ZA 353 95.47 -23.54 24.25
CA TYR ZA 353 94.87 -23.07 25.50
C TYR ZA 353 95.92 -23.16 26.60
N VAL ZA 354 96.49 -22.01 26.98
CA VAL ZA 354 97.49 -22.00 28.03
C VAL ZA 354 96.91 -21.73 29.39
N LEU ZA 355 95.63 -21.36 29.47
CA LEU ZA 355 94.96 -21.31 30.76
C LEU ZA 355 94.78 -22.73 31.26
N GLY ZA 356 94.54 -22.86 32.55
CA GLY ZA 356 94.38 -24.18 33.11
C GLY ZA 356 95.68 -24.91 33.38
N SER ZA 357 96.81 -24.21 33.34
CA SER ZA 357 98.10 -24.76 33.74
C SER ZA 357 98.61 -24.14 35.04
N ALA ZA 358 97.75 -23.40 35.74
CA ALA ZA 358 98.06 -22.80 37.05
C ALA ZA 358 99.20 -21.81 36.95
N HIS ZA 359 99.08 -20.85 36.05
CA HIS ZA 359 100.11 -19.85 35.85
C HIS ZA 359 99.82 -18.57 36.61
N GLN ZA 360 100.87 -17.82 36.88
CA GLN ZA 360 100.73 -16.50 37.45
C GLN ZA 360 100.14 -15.53 36.43
N GLY ZA 361 99.64 -14.41 36.92
CA GLY ZA 361 99.09 -13.41 36.04
C GLY ZA 361 97.59 -13.26 36.12
N CYS ZA 362 96.95 -13.97 37.04
CA CYS ZA 362 95.52 -13.81 37.25
C CYS ZA 362 95.23 -12.45 37.89
N LEU ZA 363 93.94 -12.11 37.96
CA LEU ZA 363 93.55 -10.96 38.75
C LEU ZA 363 93.96 -11.17 40.19
N PRO ZA 364 94.53 -10.17 40.85
CA PRO ZA 364 94.97 -10.33 42.24
C PRO ZA 364 93.78 -10.57 43.16
N PRO ZA 365 94.00 -11.28 44.27
CA PRO ZA 365 92.89 -11.51 45.21
C PRO ZA 365 92.33 -10.23 45.81
N PHE ZA 366 93.18 -9.27 46.11
CA PHE ZA 366 92.75 -8.02 46.72
C PHE ZA 366 92.32 -7.02 45.65
N PRO ZA 367 91.10 -6.48 45.73
CA PRO ZA 367 90.61 -5.59 44.67
C PRO ZA 367 91.39 -4.31 44.50
N ALA ZA 368 92.20 -3.91 45.49
CA ALA ZA 368 92.98 -2.70 45.38
C ALA ZA 368 94.28 -2.88 44.62
N ASP ZA 369 94.64 -4.11 44.28
CA ASP ZA 369 95.93 -4.37 43.67
C ASP ZA 369 95.88 -4.17 42.16
N VAL ZA 370 96.94 -3.58 41.62
CA VAL ZA 370 97.09 -3.35 40.20
C VAL ZA 370 98.01 -4.42 39.64
N PHE ZA 371 97.59 -5.08 38.56
CA PHE ZA 371 98.33 -6.23 38.08
C PHE ZA 371 98.80 -6.05 36.64
N MET ZA 372 99.95 -6.63 36.36
CA MET ZA 372 100.53 -6.65 35.03
C MET ZA 372 99.97 -7.82 34.25
N ILE ZA 373 99.70 -7.60 32.98
CA ILE ZA 373 99.10 -8.64 32.14
C ILE ZA 373 100.19 -9.58 31.65
N PRO ZA 374 100.03 -10.89 31.80
CA PRO ZA 374 101.09 -11.82 31.40
C PRO ZA 374 101.17 -12.01 29.89
N GLN ZA 375 102.37 -12.33 29.43
CA GLN ZA 375 102.61 -12.50 27.99
C GLN ZA 375 102.08 -13.84 27.50
N TYR ZA 376 101.57 -13.87 26.28
CA TYR ZA 376 101.09 -15.09 25.68
C TYR ZA 376 102.21 -15.80 24.94
N GLY ZA 377 102.29 -17.11 25.15
CA GLY ZA 377 103.21 -17.95 24.42
C GLY ZA 377 102.68 -19.36 24.50
N TYR ZA 378 103.11 -20.18 23.56
CA TYR ZA 378 102.64 -21.55 23.51
C TYR ZA 378 103.78 -22.46 23.12
N LEU ZA 379 103.58 -23.75 23.33
CA LEU ZA 379 104.50 -24.79 22.92
C LEU ZA 379 103.85 -25.63 21.85
N THR ZA 380 104.66 -26.19 20.97
CA THR ZA 380 104.18 -27.07 19.92
C THR ZA 380 105.00 -28.35 19.95
N LEU ZA 381 104.70 -29.24 19.02
CA LEU ZA 381 105.40 -30.52 18.96
C LEU ZA 381 106.90 -30.30 18.81
N ASN ZA 382 107.68 -31.02 19.61
CA ASN ZA 382 109.12 -30.90 19.57
C ASN ZA 382 109.77 -32.28 19.57
N ASN ZA 383 110.91 -32.35 18.92
CA ASN ZA 383 111.78 -33.53 18.89
C ASN ZA 383 113.10 -33.10 19.51
N GLY ZA 384 113.17 -33.15 20.83
CA GLY ZA 384 114.28 -32.50 21.52
C GLY ZA 384 114.05 -31.02 21.56
N SER ZA 385 115.06 -30.26 21.16
CA SER ZA 385 114.92 -28.81 21.02
C SER ZA 385 114.48 -28.41 19.63
N GLN ZA 386 114.21 -29.37 18.75
CA GLN ZA 386 113.84 -29.11 17.37
C GLN ZA 386 112.33 -29.24 17.19
N ALA ZA 387 111.86 -28.79 16.04
CA ALA ZA 387 110.45 -28.91 15.68
C ALA ZA 387 110.27 -30.12 14.78
N VAL ZA 388 109.03 -30.35 14.37
CA VAL ZA 388 108.68 -31.37 13.40
C VAL ZA 388 107.82 -30.73 12.32
N GLY ZA 389 107.40 -31.54 11.35
CA GLY ZA 389 106.54 -31.03 10.30
C GLY ZA 389 105.17 -30.63 10.79
N ARG ZA 390 104.65 -31.33 11.79
CA ARG ZA 390 103.32 -31.08 12.33
C ARG ZA 390 103.33 -30.04 13.44
N SER ZA 391 104.50 -29.47 13.74
CA SER ZA 391 104.55 -28.35 14.66
C SER ZA 391 103.81 -27.16 14.07
N SER ZA 392 102.93 -26.57 14.85
CA SER ZA 392 102.09 -25.48 14.38
C SER ZA 392 102.66 -24.13 14.78
N PHE ZA 393 102.34 -23.13 13.98
CA PHE ZA 393 102.63 -21.74 14.28
C PHE ZA 393 101.34 -20.96 14.13
N TYR ZA 394 101.08 -20.07 15.07
CA TYR ZA 394 99.86 -19.28 15.07
C TYR ZA 394 100.23 -17.81 15.10
N CYS ZA 395 99.86 -17.08 14.06
CA CYS ZA 395 99.87 -15.63 14.13
C CYS ZA 395 98.56 -15.17 14.75
N LEU ZA 396 98.64 -14.43 15.84
CA LEU ZA 396 97.44 -13.94 16.49
C LEU ZA 396 96.88 -12.69 15.82
N GLU ZA 397 97.65 -12.06 14.94
CA GLU ZA 397 97.12 -11.00 14.09
C GLU ZA 397 96.27 -11.55 12.96
N TYR ZA 398 96.27 -12.86 12.76
CA TYR ZA 398 95.43 -13.52 11.79
C TYR ZA 398 94.03 -13.78 12.32
N PHE ZA 399 93.62 -13.06 13.36
CA PHE ZA 399 92.30 -13.10 13.93
C PHE ZA 399 91.64 -11.74 13.79
N PRO ZA 400 90.31 -11.69 13.73
CA PRO ZA 400 89.61 -10.40 13.85
C PRO ZA 400 89.72 -9.87 15.28
N SER ZA 401 90.25 -8.67 15.42
CA SER ZA 401 90.39 -8.02 16.71
C SER ZA 401 89.56 -6.75 16.75
N GLN ZA 402 89.09 -6.38 17.92
CA GLN ZA 402 88.49 -5.09 18.13
C GLN ZA 402 89.59 -4.12 18.57
N MET ZA 403 89.68 -3.00 17.87
CA MET ZA 403 90.65 -1.95 18.18
C MET ZA 403 89.98 -0.91 19.08
N LEU ZA 404 90.58 -0.64 20.22
CA LEU ZA 404 89.99 0.21 21.24
C LEU ZA 404 90.88 1.43 21.42
N ARG ZA 405 90.32 2.60 21.20
CA ARG ZA 405 90.95 3.85 21.61
C ARG ZA 405 90.49 4.17 23.03
N THR ZA 406 90.86 5.35 23.53
CA THR ZA 406 90.64 5.62 24.94
C THR ZA 406 89.17 5.77 25.30
N GLY ZA 407 88.28 5.90 24.33
CA GLY ZA 407 86.86 6.05 24.62
C GLY ZA 407 86.06 4.78 24.40
N ASN ZA 408 86.71 3.70 23.99
CA ASN ZA 408 86.04 2.46 23.66
C ASN ZA 408 86.12 1.45 24.79
N ASN ZA 409 85.18 0.52 24.80
CA ASN ZA 409 85.20 -0.60 25.71
C ASN ZA 409 84.93 -1.90 24.96
N PHE ZA 410 85.10 -3.01 25.66
CA PHE ZA 410 85.00 -4.34 25.10
C PHE ZA 410 84.15 -5.19 26.03
N THR ZA 411 83.16 -5.89 25.49
CA THR ZA 411 82.31 -6.74 26.30
C THR ZA 411 82.24 -8.13 25.68
N PHE ZA 412 82.00 -9.12 26.52
CA PHE ZA 412 81.94 -10.50 26.06
C PHE ZA 412 81.19 -11.34 27.07
N SER ZA 413 80.21 -12.11 26.61
CA SER ZA 413 79.43 -12.99 27.47
C SER ZA 413 79.72 -14.44 27.16
N TYR ZA 414 79.60 -15.29 28.17
CA TYR ZA 414 79.88 -16.71 28.01
C TYR ZA 414 78.97 -17.49 28.93
N THR ZA 415 78.48 -18.63 28.44
CA THR ZA 415 77.67 -19.54 29.23
C THR ZA 415 78.43 -20.84 29.44
N PHE ZA 416 78.52 -21.28 30.68
CA PHE ZA 416 79.15 -22.55 30.98
C PHE ZA 416 78.24 -23.71 30.56
N GLU ZA 417 78.87 -24.78 30.13
CA GLU ZA 417 78.16 -26.03 29.89
C GLU ZA 417 77.71 -26.63 31.22
N GLU ZA 418 76.77 -27.56 31.15
CA GLU ZA 418 76.25 -28.21 32.35
C GLU ZA 418 77.34 -29.14 32.88
N VAL ZA 419 78.07 -28.65 33.87
CA VAL ZA 419 79.14 -29.39 34.53
C VAL ZA 419 78.56 -29.89 35.86
N PRO ZA 420 79.04 -31.00 36.41
CA PRO ZA 420 78.56 -31.42 37.73
C PRO ZA 420 78.98 -30.44 38.81
N PHE ZA 421 78.16 -30.37 39.85
CA PHE ZA 421 78.49 -29.58 41.03
C PHE ZA 421 79.78 -30.09 41.65
N HIS ZA 422 80.66 -29.18 42.03
CA HIS ZA 422 81.74 -29.54 42.91
C HIS ZA 422 81.18 -29.80 44.30
N SER ZA 423 81.75 -30.80 44.96
CA SER ZA 423 81.29 -31.32 46.25
C SER ZA 423 81.94 -30.52 47.38
N SER ZA 424 81.18 -29.65 48.02
CA SER ZA 424 81.64 -28.92 49.18
C SER ZA 424 81.37 -29.66 50.47
N TYR ZA 425 81.34 -30.98 50.43
CA TYR ZA 425 81.02 -31.80 51.59
C TYR ZA 425 82.08 -32.89 51.77
N ALA ZA 426 82.20 -33.34 53.01
CA ALA ZA 426 82.83 -34.59 53.35
C ALA ZA 426 81.74 -35.65 53.59
N HIS ZA 427 82.17 -36.90 53.70
CA HIS ZA 427 81.27 -38.00 53.97
C HIS ZA 427 81.31 -38.33 55.46
N SER ZA 428 80.13 -38.53 56.04
CA SER ZA 428 80.01 -38.91 57.44
C SER ZA 428 80.23 -40.39 57.67
N GLN ZA 429 80.29 -41.18 56.60
CA GLN ZA 429 80.53 -42.60 56.70
C GLN ZA 429 81.73 -42.96 55.85
N SER ZA 430 82.40 -44.05 56.23
CA SER ZA 430 83.47 -44.62 55.43
C SER ZA 430 82.90 -45.73 54.55
N LEU ZA 431 83.60 -45.98 53.44
CA LEU ZA 431 83.08 -46.94 52.46
C LEU ZA 431 83.08 -48.37 53.00
N ASP ZA 432 84.01 -48.70 53.87
CA ASP ZA 432 84.06 -50.01 54.49
C ASP ZA 432 83.25 -50.11 55.77
N ARG ZA 433 82.40 -49.12 56.02
CA ARG ZA 433 81.60 -49.07 57.24
C ARG ZA 433 80.17 -48.68 56.90
N LEU ZA 434 79.60 -49.26 55.86
CA LEU ZA 434 78.28 -48.91 55.38
C LEU ZA 434 77.20 -49.86 55.86
N MET ZA 435 77.54 -50.77 56.77
CA MET ZA 435 76.65 -51.83 57.20
C MET ZA 435 75.88 -51.42 58.46
N ASN ZA 436 74.84 -52.17 58.75
CA ASN ZA 436 74.19 -52.10 60.05
C ASN ZA 436 75.09 -52.77 61.08
N PRO ZA 437 75.52 -52.07 62.12
CA PRO ZA 437 76.41 -52.67 63.12
C PRO ZA 437 75.71 -53.57 64.13
N LEU ZA 438 74.41 -53.82 63.99
CA LEU ZA 438 73.69 -54.66 64.92
C LEU ZA 438 73.25 -55.99 64.33
N ILE ZA 439 73.05 -56.06 63.03
CA ILE ZA 439 72.48 -57.22 62.37
C ILE ZA 439 73.58 -57.99 61.66
N ASP ZA 440 73.48 -59.31 61.67
CA ASP ZA 440 74.38 -60.15 60.91
C ASP ZA 440 74.01 -60.14 59.43
N GLN ZA 441 74.85 -60.78 58.64
CA GLN ZA 441 74.57 -60.96 57.23
C GLN ZA 441 73.99 -62.34 56.98
N TYR ZA 442 73.42 -62.54 55.81
CA TYR ZA 442 73.04 -63.87 55.36
C TYR ZA 442 74.07 -64.48 54.43
N LEU ZA 443 75.20 -63.81 54.24
CA LEU ZA 443 76.27 -64.28 53.39
C LEU ZA 443 77.40 -64.86 54.24
N TYR ZA 444 77.95 -65.97 53.80
CA TYR ZA 444 79.03 -66.63 54.50
C TYR ZA 444 80.35 -66.40 53.78
N TYR ZA 445 81.43 -66.52 54.52
CA TYR ZA 445 82.77 -66.40 53.97
C TYR ZA 445 83.64 -67.49 54.58
N LEU ZA 446 84.69 -67.85 53.86
CA LEU ZA 446 85.64 -68.81 54.38
C LEU ZA 446 86.46 -68.16 55.49
N ASN ZA 447 86.35 -68.69 56.70
CA ASN ZA 447 86.98 -68.10 57.87
C ASN ZA 447 88.25 -68.82 58.29
N ARG ZA 448 88.24 -70.15 58.27
CA ARG ZA 448 89.40 -70.95 58.65
C ARG ZA 448 89.65 -72.00 57.58
N THR ZA 449 90.92 -72.22 57.25
CA THR ZA 449 91.33 -73.39 56.49
C THR ZA 449 92.12 -74.37 57.34
N GLN ZA 450 92.16 -74.17 58.66
CA GLN ZA 450 92.75 -75.10 59.60
C GLN ZA 450 91.79 -75.30 60.76
N ASN ZA 451 92.02 -76.37 61.52
CA ASN ZA 451 91.16 -76.67 62.65
C ASN ZA 451 91.33 -75.61 63.74
N GLN ZA 452 90.20 -75.20 64.32
CA GLN ZA 452 90.21 -74.16 65.32
C GLN ZA 452 90.74 -74.63 66.68
N SER ZA 453 90.59 -75.92 66.97
CA SER ZA 453 90.96 -76.43 68.30
C SER ZA 453 92.45 -76.24 68.59
N GLY ZA 454 93.30 -76.59 67.63
CA GLY ZA 454 94.73 -76.40 67.77
C GLY ZA 454 95.47 -77.56 68.38
N SER ZA 455 94.78 -78.53 68.98
CA SER ZA 455 95.46 -79.71 69.49
C SER ZA 455 96.12 -80.49 68.36
N ALA ZA 456 95.43 -80.61 67.24
CA ALA ZA 456 96.02 -81.04 65.98
C ALA ZA 456 96.10 -79.85 65.04
N GLN ZA 457 96.87 -80.01 63.97
CA GLN ZA 457 97.07 -78.96 62.98
C GLN ZA 457 96.50 -79.35 61.62
N ASN ZA 458 95.29 -79.90 61.61
CA ASN ZA 458 94.69 -80.40 60.39
C ASN ZA 458 94.01 -79.28 59.62
N LYS ZA 459 93.93 -79.46 58.31
CA LYS ZA 459 93.23 -78.50 57.47
C LYS ZA 459 91.72 -78.69 57.60
N ASP ZA 460 90.98 -77.70 57.10
CA ASP ZA 460 89.53 -77.76 57.13
C ASP ZA 460 88.98 -76.70 56.19
N LEU ZA 461 87.65 -76.60 56.14
CA LEU ZA 461 86.95 -75.55 55.40
C LEU ZA 461 85.81 -75.08 56.30
N LEU ZA 462 86.08 -74.06 57.10
CA LEU ZA 462 85.13 -73.55 58.07
C LEU ZA 462 84.63 -72.19 57.62
N PHE ZA 463 83.31 -72.02 57.60
CA PHE ZA 463 82.68 -70.83 57.08
C PHE ZA 463 81.97 -70.10 58.20
N SER ZA 464 82.10 -68.77 58.22
CA SER ZA 464 81.44 -67.94 59.20
C SER ZA 464 80.46 -66.99 58.52
N ARG ZA 465 79.52 -66.52 59.30
CA ARG ZA 465 78.54 -65.56 58.84
C ARG ZA 465 79.06 -64.14 59.06
N GLY ZA 466 78.76 -63.26 58.11
CA GLY ZA 466 79.13 -61.86 58.24
C GLY ZA 466 78.48 -61.24 59.45
N SER ZA 467 79.30 -60.80 60.40
CA SER ZA 467 78.84 -60.32 61.69
C SER ZA 467 79.48 -58.98 62.01
N PRO ZA 468 78.85 -58.18 62.88
CA PRO ZA 468 79.47 -56.91 63.29
C PRO ZA 468 80.76 -57.08 64.06
N ALA ZA 469 81.04 -58.27 64.59
CA ALA ZA 469 82.33 -58.50 65.25
C ALA ZA 469 83.48 -58.35 64.27
N GLY ZA 470 83.40 -59.03 63.13
CA GLY ZA 470 84.39 -58.84 62.08
C GLY ZA 470 83.81 -58.08 60.91
N MET ZA 471 84.10 -56.79 60.83
CA MET ZA 471 83.59 -55.95 59.75
C MET ZA 471 84.53 -55.92 58.56
N SER ZA 472 85.79 -56.28 58.76
CA SER ZA 472 86.77 -56.29 57.68
C SER ZA 472 86.57 -57.44 56.70
N VAL ZA 473 85.92 -58.52 57.13
CA VAL ZA 473 85.75 -59.71 56.31
C VAL ZA 473 84.34 -59.83 55.75
N GLN ZA 474 83.46 -58.89 56.06
CA GLN ZA 474 82.11 -58.92 55.53
C GLN ZA 474 82.13 -58.68 54.03
N PRO ZA 475 81.35 -59.43 53.25
CA PRO ZA 475 81.14 -59.07 51.85
C PRO ZA 475 80.59 -57.66 51.73
N LYS ZA 476 81.07 -56.93 50.73
CA LYS ZA 476 80.68 -55.55 50.50
C LYS ZA 476 80.36 -55.34 49.04
N ASN ZA 477 79.77 -54.19 48.72
CA ASN ZA 477 79.25 -53.92 47.40
C ASN ZA 477 80.14 -53.03 46.56
N TRP ZA 478 81.05 -52.28 47.16
CA TRP ZA 478 81.81 -51.27 46.44
C TRP ZA 478 83.28 -51.35 46.81
N LEU ZA 479 84.10 -50.67 46.01
CA LEU ZA 479 85.53 -50.64 46.16
C LEU ZA 479 86.03 -49.20 46.25
N PRO ZA 480 87.14 -48.96 46.93
CA PRO ZA 480 87.73 -47.61 46.93
C PRO ZA 480 88.28 -47.26 45.56
N GLY ZA 481 88.37 -45.96 45.31
CA GLY ZA 481 88.80 -45.44 44.04
C GLY ZA 481 90.19 -45.89 43.63
N PRO ZA 482 90.60 -45.53 42.41
CA PRO ZA 482 91.90 -45.95 41.92
C PRO ZA 482 93.03 -45.22 42.62
N CYS ZA 483 94.21 -45.82 42.56
CA CYS ZA 483 95.37 -45.27 43.24
C CYS ZA 483 96.59 -45.32 42.34
N TYR ZA 484 97.55 -44.45 42.61
CA TYR ZA 484 98.86 -44.46 41.98
C TYR ZA 484 99.87 -44.00 43.02
N ARG ZA 485 100.50 -44.94 43.69
CA ARG ZA 485 101.20 -44.66 44.94
C ARG ZA 485 102.29 -43.61 44.78
N GLN ZA 486 102.37 -42.72 45.77
CA GLN ZA 486 103.39 -41.68 45.86
C GLN ZA 486 104.35 -42.00 46.98
N GLN ZA 487 105.47 -41.29 47.00
CA GLN ZA 487 106.45 -41.44 48.06
C GLN ZA 487 106.08 -40.58 49.25
N ARG ZA 488 106.34 -41.10 50.45
CA ARG ZA 488 105.90 -40.46 51.68
C ARG ZA 488 107.03 -39.59 52.21
N VAL ZA 489 106.76 -38.29 52.33
CA VAL ZA 489 107.72 -37.33 52.86
C VAL ZA 489 107.18 -36.78 54.15
N SER ZA 490 108.05 -36.69 55.16
CA SER ZA 490 107.67 -36.14 56.44
C SER ZA 490 107.93 -34.64 56.48
N LYS ZA 491 106.97 -33.90 57.02
CA LYS ZA 491 107.15 -32.47 57.23
C LYS ZA 491 108.25 -32.18 58.24
N THR ZA 492 108.59 -33.15 59.09
CA THR ZA 492 109.74 -33.06 59.97
C THR ZA 492 110.94 -33.66 59.24
N LYS ZA 493 111.89 -32.81 58.86
CA LYS ZA 493 112.92 -33.21 57.91
C LYS ZA 493 113.86 -34.27 58.46
N THR ZA 494 113.96 -34.44 59.78
CA THR ZA 494 114.89 -35.43 60.32
C THR ZA 494 114.45 -36.86 60.05
N ASP ZA 495 113.17 -37.11 59.80
CA ASP ZA 495 112.69 -38.46 59.54
C ASP ZA 495 112.76 -38.85 58.07
N ASN ZA 496 113.24 -37.97 57.21
CA ASN ZA 496 113.37 -38.27 55.80
C ASN ZA 496 114.75 -38.86 55.50
N ASN ZA 497 114.82 -39.67 54.46
CA ASN ZA 497 116.07 -40.28 54.05
C ASN ZA 497 117.08 -39.21 53.65
N ASN ZA 498 118.35 -39.48 53.91
CA ASN ZA 498 119.42 -38.53 53.59
C ASN ZA 498 119.85 -38.73 52.12
N SER ZA 499 119.00 -38.23 51.24
CA SER ZA 499 119.27 -38.21 49.81
C SER ZA 499 118.30 -37.23 49.17
N ASN ZA 500 118.48 -36.97 47.88
CA ASN ZA 500 117.57 -36.05 47.21
C ASN ZA 500 116.25 -36.73 46.87
N PHE ZA 501 116.29 -37.73 46.00
CA PHE ZA 501 115.16 -38.63 45.71
C PHE ZA 501 113.87 -37.90 45.37
N THR ZA 502 113.92 -36.60 45.11
CA THR ZA 502 112.77 -35.89 44.59
C THR ZA 502 112.52 -36.17 43.12
N TRP ZA 503 113.52 -36.65 42.41
CA TRP ZA 503 113.34 -37.08 41.03
C TRP ZA 503 113.56 -38.56 40.85
N THR ZA 504 114.54 -39.15 41.53
CA THR ZA 504 114.80 -40.58 41.36
C THR ZA 504 113.75 -41.44 42.05
N GLY ZA 505 113.16 -40.95 43.14
CA GLY ZA 505 112.22 -41.76 43.89
C GLY ZA 505 110.78 -41.32 43.74
N ALA ZA 506 110.47 -40.65 42.65
CA ALA ZA 506 109.17 -40.04 42.47
C ALA ZA 506 108.33 -40.76 41.42
N SER ZA 507 107.01 -40.72 41.61
CA SER ZA 507 106.09 -41.28 40.63
C SER ZA 507 106.04 -40.37 39.41
N LYS ZA 508 106.38 -40.93 38.26
CA LYS ZA 508 106.40 -40.14 37.03
C LYS ZA 508 105.92 -41.01 35.89
N TYR ZA 509 105.52 -40.35 34.81
CA TYR ZA 509 105.03 -41.07 33.63
C TYR ZA 509 105.93 -40.81 32.44
N ASN ZA 510 105.93 -41.77 31.53
CA ASN ZA 510 106.76 -41.76 30.34
C ASN ZA 510 105.90 -41.36 29.14
N LEU ZA 511 106.33 -40.35 28.41
CA LEU ZA 511 105.59 -39.90 27.22
C LEU ZA 511 106.58 -39.48 26.15
N ASN ZA 512 106.62 -40.24 25.06
CA ASN ZA 512 107.52 -39.96 23.93
C ASN ZA 512 108.98 -39.93 24.38
N GLY ZA 513 109.32 -40.77 25.35
CA GLY ZA 513 110.69 -40.92 25.77
C GLY ZA 513 111.15 -39.98 26.87
N ARG ZA 514 110.34 -39.03 27.29
CA ARG ZA 514 110.71 -38.13 28.36
C ARG ZA 514 109.72 -38.23 29.51
N GLU ZA 515 110.26 -38.20 30.73
CA GLU ZA 515 109.51 -38.45 31.93
C GLU ZA 515 108.95 -37.15 32.50
N SER ZA 516 107.79 -37.26 33.13
CA SER ZA 516 107.12 -36.12 33.72
C SER ZA 516 106.57 -36.53 35.08
N ILE ZA 517 106.83 -35.73 36.11
CA ILE ZA 517 106.29 -36.01 37.43
C ILE ZA 517 104.77 -35.95 37.35
N ILE ZA 518 104.10 -36.84 38.08
CA ILE ZA 518 102.64 -36.89 38.04
C ILE ZA 518 102.06 -35.59 38.58
N ASN ZA 519 102.25 -35.31 39.87
CA ASN ZA 519 102.02 -33.98 40.44
C ASN ZA 519 100.72 -33.31 40.02
N PRO ZA 520 99.57 -33.61 40.66
CA PRO ZA 520 99.40 -34.46 41.83
C PRO ZA 520 98.73 -35.80 41.51
N GLY ZA 521 98.21 -35.92 40.30
CA GLY ZA 521 97.68 -37.20 39.87
C GLY ZA 521 96.36 -37.54 40.54
N THR ZA 522 96.21 -38.83 40.86
CA THR ZA 522 94.96 -39.35 41.38
C THR ZA 522 94.60 -38.67 42.70
N ALA ZA 523 93.30 -38.43 42.88
CA ALA ZA 523 92.80 -37.80 44.10
C ALA ZA 523 92.80 -38.84 45.21
N MET ZA 524 93.79 -38.75 46.09
CA MET ZA 524 93.94 -39.67 47.21
C MET ZA 524 94.15 -38.91 48.49
N ALA ZA 525 93.90 -39.60 49.60
CA ALA ZA 525 94.13 -39.00 50.92
C ALA ZA 525 95.60 -38.73 51.13
N SER ZA 526 95.91 -37.57 51.70
CA SER ZA 526 97.29 -37.19 51.94
C SER ZA 526 97.97 -38.12 52.93
N HIS ZA 527 97.27 -38.52 53.97
CA HIS ZA 527 97.85 -39.35 55.02
C HIS ZA 527 96.72 -40.13 55.68
N LYS ZA 528 97.09 -40.96 56.66
CA LYS ZA 528 96.13 -41.69 57.46
C LYS ZA 528 95.73 -40.87 58.67
N ASP ZA 529 95.01 -41.51 59.59
CA ASP ZA 529 94.71 -40.88 60.87
C ASP ZA 529 95.97 -40.81 61.72
N ASP ZA 530 96.12 -39.70 62.45
CA ASP ZA 530 97.24 -39.49 63.37
C ASP ZA 530 98.58 -39.51 62.64
N GLU ZA 531 98.59 -39.07 61.38
CA GLU ZA 531 99.79 -39.09 60.56
C GLU ZA 531 99.92 -37.81 59.76
N ASP ZA 532 99.51 -36.69 60.35
CA ASP ZA 532 99.51 -35.41 59.64
C ASP ZA 532 100.92 -34.93 59.30
N LYS ZA 533 101.94 -35.52 59.89
CA LYS ZA 533 103.33 -35.15 59.62
C LYS ZA 533 103.82 -35.63 58.26
N PHE ZA 534 103.06 -36.47 57.56
CA PHE ZA 534 103.46 -37.02 56.28
C PHE ZA 534 102.59 -36.47 55.17
N PHE ZA 535 103.19 -36.25 54.01
CA PHE ZA 535 102.48 -35.90 52.80
C PHE ZA 535 103.09 -36.62 51.62
N PRO ZA 536 102.31 -36.92 50.60
CA PRO ZA 536 102.89 -37.49 49.37
C PRO ZA 536 103.82 -36.51 48.71
N MET ZA 537 104.90 -37.04 48.11
CA MET ZA 537 105.97 -36.17 47.65
C MET ZA 537 105.49 -35.21 46.57
N SER ZA 538 104.65 -35.67 45.65
CA SER ZA 538 104.07 -34.82 44.63
C SER ZA 538 102.58 -35.10 44.49
N GLY ZA 539 101.90 -35.23 45.61
CA GLY ZA 539 100.49 -35.56 45.58
C GLY ZA 539 99.60 -34.48 46.15
N VAL ZA 540 100.19 -33.37 46.53
CA VAL ZA 540 99.47 -32.29 47.20
C VAL ZA 540 99.69 -30.99 46.46
N MET ZA 541 98.69 -30.12 46.50
CA MET ZA 541 98.83 -28.77 45.97
C MET ZA 541 99.53 -27.90 47.01
N ILE ZA 542 100.62 -27.28 46.61
CA ILE ZA 542 101.44 -26.47 47.50
C ILE ZA 542 101.36 -25.03 47.01
N PHE ZA 543 100.84 -24.16 47.86
CA PHE ZA 543 100.79 -22.73 47.58
C PHE ZA 543 101.89 -22.03 48.34
N GLY ZA 544 102.52 -21.06 47.70
CA GLY ZA 544 103.56 -20.28 48.34
C GLY ZA 544 102.97 -19.08 49.05
N LYS ZA 545 103.49 -18.80 50.23
CA LYS ZA 545 103.14 -17.57 50.91
C LYS ZA 545 103.86 -16.39 50.27
N GLU ZA 546 103.41 -15.19 50.58
CA GLU ZA 546 104.16 -14.02 50.17
C GLU ZA 546 105.52 -14.03 50.87
N SER ZA 547 106.53 -13.52 50.18
CA SER ZA 547 107.93 -13.67 50.59
C SER ZA 547 108.37 -15.13 50.53
N ALA ZA 548 107.96 -15.83 49.49
CA ALA ZA 548 108.50 -17.15 49.17
C ALA ZA 548 109.31 -17.04 47.89
N GLY ZA 549 110.52 -17.58 47.90
CA GLY ZA 549 111.37 -17.51 46.74
C GLY ZA 549 110.85 -18.37 45.61
N ALA ZA 550 111.44 -18.16 44.44
CA ALA ZA 550 111.05 -18.94 43.27
C ALA ZA 550 111.61 -20.35 43.32
N SER ZA 551 112.82 -20.51 43.87
CA SER ZA 551 113.51 -21.79 43.87
C SER ZA 551 114.05 -22.10 45.26
N ASN ZA 552 113.87 -23.35 45.69
CA ASN ZA 552 114.43 -23.86 46.95
C ASN ZA 552 114.03 -23.00 48.15
N THR ZA 553 112.75 -22.58 48.17
CA THR ZA 553 112.23 -21.90 49.34
C THR ZA 553 111.97 -22.89 50.46
N ALA ZA 554 111.49 -22.39 51.59
CA ALA ZA 554 111.39 -23.21 52.79
C ALA ZA 554 109.96 -23.69 53.03
N LEU ZA 555 109.88 -24.79 53.79
CA LEU ZA 555 108.61 -25.32 54.24
C LEU ZA 555 107.83 -24.26 55.01
N ASP ZA 556 108.54 -23.35 55.67
CA ASP ZA 556 107.89 -22.25 56.36
C ASP ZA 556 107.29 -21.26 55.38
N ASN ZA 557 107.84 -21.20 54.16
CA ASN ZA 557 107.35 -20.25 53.16
C ASN ZA 557 106.30 -20.85 52.25
N VAL ZA 558 106.08 -22.15 52.29
CA VAL ZA 558 105.03 -22.76 51.48
C VAL ZA 558 103.89 -23.24 52.39
N MET ZA 559 102.70 -23.36 51.78
CA MET ZA 559 101.52 -23.91 52.44
C MET ZA 559 101.12 -25.20 51.74
N ILE ZA 560 101.23 -26.31 52.44
CA ILE ZA 560 100.88 -27.63 51.89
C ILE ZA 560 99.42 -27.92 52.20
N THR ZA 561 98.66 -28.29 51.18
CA THR ZA 561 97.27 -28.62 51.39
C THR ZA 561 97.14 -30.04 51.95
N ASP ZA 562 95.93 -30.36 52.40
CA ASP ZA 562 95.62 -31.67 52.95
C ASP ZA 562 94.33 -32.16 52.31
N GLU ZA 563 94.29 -33.46 52.01
CA GLU ZA 563 93.11 -34.11 51.45
C GLU ZA 563 92.55 -35.12 52.45
N GLU ZA 564 92.45 -34.70 53.71
CA GLU ZA 564 92.10 -35.64 54.77
C GLU ZA 564 90.63 -36.00 54.74
N GLU ZA 565 89.80 -35.22 54.05
CA GLU ZA 565 88.36 -35.45 54.08
C GLU ZA 565 87.91 -36.57 53.18
N ILE ZA 566 88.74 -37.02 52.25
CA ILE ZA 566 88.34 -38.04 51.29
C ILE ZA 566 88.92 -39.40 51.66
N LYS ZA 567 89.33 -39.59 52.91
CA LYS ZA 567 89.71 -40.91 53.40
C LYS ZA 567 88.55 -41.89 53.39
N ALA ZA 568 87.31 -41.38 53.37
CA ALA ZA 568 86.15 -42.25 53.44
C ALA ZA 568 86.00 -43.10 52.19
N THR ZA 569 86.47 -42.63 51.05
CA THR ZA 569 86.29 -43.34 49.78
C THR ZA 569 87.57 -43.52 48.98
N ASN ZA 570 88.62 -42.76 49.25
CA ASN ZA 570 89.82 -42.79 48.44
C ASN ZA 570 90.97 -43.43 49.20
N PRO ZA 571 91.84 -44.17 48.51
CA PRO ZA 571 93.01 -44.72 49.17
C PRO ZA 571 93.97 -43.62 49.59
N VAL ZA 572 94.77 -43.92 50.62
CA VAL ZA 572 95.80 -42.99 51.05
C VAL ZA 572 96.91 -42.95 50.01
N ALA ZA 573 97.38 -41.74 49.68
CA ALA ZA 573 98.27 -41.54 48.54
C ALA ZA 573 99.59 -42.26 48.69
N THR ZA 574 100.07 -42.46 49.92
CA THR ZA 574 101.40 -43.00 50.14
C THR ZA 574 101.40 -44.49 50.43
N GLU ZA 575 100.25 -45.15 50.38
CA GLU ZA 575 100.16 -46.57 50.68
C GLU ZA 575 99.52 -47.32 49.52
N ARG ZA 576 99.71 -48.64 49.54
CA ARG ZA 576 99.23 -49.49 48.47
C ARG ZA 576 97.70 -49.50 48.43
N PHE ZA 577 97.17 -49.79 47.24
CA PHE ZA 577 95.74 -50.02 47.13
C PHE ZA 577 95.33 -51.23 47.94
N GLY ZA 578 96.13 -52.28 47.90
CA GLY ZA 578 95.83 -53.49 48.63
C GLY ZA 578 96.76 -54.60 48.21
N THR ZA 579 96.38 -55.82 48.55
CA THR ZA 579 97.14 -57.00 48.18
C THR ZA 579 96.34 -57.84 47.20
N VAL ZA 580 97.06 -58.67 46.45
CA VAL ZA 580 96.46 -59.54 45.45
C VAL ZA 580 97.16 -60.88 45.50
N ALA ZA 581 96.41 -61.95 45.25
CA ALA ZA 581 97.02 -63.27 45.17
C ALA ZA 581 97.88 -63.36 43.92
N VAL ZA 582 99.03 -64.03 44.05
CA VAL ZA 582 99.99 -64.10 42.96
C VAL ZA 582 100.39 -65.52 42.59
N ASN ZA 583 99.81 -66.53 43.21
CA ASN ZA 583 100.17 -67.91 42.91
C ASN ZA 583 98.96 -68.81 43.22
N PHE ZA 584 99.17 -70.11 43.11
CA PHE ZA 584 98.20 -71.12 43.51
C PHE ZA 584 98.71 -71.81 44.76
N GLN ZA 585 97.94 -71.74 45.84
CA GLN ZA 585 98.28 -72.49 47.04
C GLN ZA 585 97.92 -73.95 46.84
N SER ZA 586 98.74 -74.83 47.41
CA SER ZA 586 98.51 -76.26 47.29
C SER ZA 586 99.21 -76.96 48.45
N SER ZA 587 98.81 -78.21 48.68
CA SER ZA 587 99.43 -79.06 49.68
C SER ZA 587 100.44 -79.99 49.02
N SER ZA 588 101.31 -80.55 49.84
CA SER ZA 588 102.30 -81.52 49.34
C SER ZA 588 101.62 -82.82 48.95
N THR ZA 589 102.18 -83.47 47.93
CA THR ZA 589 101.64 -84.73 47.45
C THR ZA 589 102.77 -85.71 47.13
N VAL ZA 592 103.21 -84.77 43.81
CA VAL ZA 592 103.94 -83.51 43.70
C VAL ZA 592 104.35 -83.03 45.08
N PRO ZA 593 105.47 -83.55 45.59
CA PRO ZA 593 105.87 -83.21 46.97
C PRO ZA 593 106.53 -81.85 47.07
N PHE ZA 594 105.96 -80.85 46.43
CA PHE ZA 594 106.44 -79.47 46.49
C PHE ZA 594 105.27 -78.62 46.95
N LYS ZA 595 105.12 -78.49 48.27
CA LYS ZA 595 104.06 -77.68 48.85
C LYS ZA 595 104.23 -76.21 48.45
N THR ZA 596 103.12 -75.57 48.09
CA THR ZA 596 103.13 -74.16 47.67
C THR ZA 596 102.32 -73.35 48.68
N ASP ZA 597 103.00 -72.50 49.42
CA ASP ZA 597 102.31 -71.58 50.31
C ASP ZA 597 101.62 -70.49 49.50
N PRO ZA 598 100.46 -70.02 49.94
CA PRO ZA 598 99.83 -68.88 49.27
C PRO ZA 598 100.69 -67.64 49.37
N ALA ZA 599 100.68 -66.84 48.31
CA ALA ZA 599 101.52 -65.65 48.22
C ALA ZA 599 100.70 -64.47 47.73
N THR ZA 600 100.91 -63.33 48.37
CA THR ZA 600 100.26 -62.09 47.99
C THR ZA 600 101.31 -61.06 47.62
N GLY ZA 601 100.91 -60.12 46.78
CA GLY ZA 601 101.76 -59.00 46.43
C GLY ZA 601 101.00 -57.70 46.57
N ASP ZA 602 101.74 -56.65 46.91
CA ASP ZA 602 101.16 -55.33 47.09
C ASP ZA 602 100.81 -54.72 45.74
N VAL ZA 603 99.65 -54.08 45.68
CA VAL ZA 603 99.15 -53.42 44.48
C VAL ZA 603 99.38 -51.93 44.66
N HIS ZA 604 100.33 -51.38 43.92
CA HIS ZA 604 100.74 -49.99 44.11
C HIS ZA 604 100.03 -49.03 43.17
N ALA ZA 605 99.74 -49.47 41.95
CA ALA ZA 605 98.97 -48.69 40.99
C ALA ZA 605 97.77 -49.53 40.56
N MET ZA 606 96.57 -49.02 40.79
CA MET ZA 606 95.35 -49.72 40.47
C MET ZA 606 94.51 -48.84 39.57
N GLY ZA 607 94.17 -49.34 38.39
CA GLY ZA 607 93.26 -48.66 37.50
C GLY ZA 607 91.83 -48.89 37.90
N ALA ZA 608 90.92 -48.29 37.13
CA ALA ZA 608 89.51 -48.33 37.47
C ALA ZA 608 88.96 -49.74 37.34
N LEU ZA 609 88.36 -50.24 38.40
CA LEU ZA 609 87.60 -51.47 38.44
C LEU ZA 609 86.12 -51.16 38.60
N PRO ZA 610 85.24 -51.96 38.00
CA PRO ZA 610 83.80 -51.74 38.23
C PRO ZA 610 83.46 -51.91 39.71
N GLY ZA 611 82.57 -51.06 40.19
CA GLY ZA 611 82.26 -50.97 41.59
C GLY ZA 611 83.08 -49.96 42.36
N MET ZA 612 84.08 -49.34 41.72
CA MET ZA 612 84.89 -48.34 42.38
C MET ZA 612 84.13 -47.04 42.54
N VAL ZA 613 84.32 -46.38 43.69
CA VAL ZA 613 83.76 -45.06 43.95
C VAL ZA 613 84.86 -44.20 44.54
N TRP ZA 614 84.85 -42.91 44.20
CA TRP ZA 614 85.90 -42.02 44.67
C TRP ZA 614 85.37 -40.60 44.70
N GLN ZA 615 86.11 -39.75 45.39
CA GLN ZA 615 85.90 -38.31 45.37
C GLN ZA 615 87.01 -37.63 44.59
N ASP ZA 616 86.70 -36.49 43.99
CA ASP ZA 616 87.69 -35.72 43.26
C ASP ZA 616 88.48 -34.86 44.22
N ARG ZA 617 89.51 -34.20 43.71
CA ARG ZA 617 90.31 -33.29 44.52
C ARG ZA 617 89.49 -32.07 44.92
N ASP ZA 618 89.82 -31.51 46.07
CA ASP ZA 618 89.16 -30.32 46.56
C ASP ZA 618 89.62 -29.09 45.79
N VAL ZA 619 88.77 -28.08 45.76
CA VAL ZA 619 89.13 -26.77 45.23
C VAL ZA 619 89.44 -25.85 46.40
N TYR ZA 620 90.29 -24.86 46.15
CA TYR ZA 620 90.74 -23.94 47.18
C TYR ZA 620 90.49 -22.51 46.72
N LEU ZA 621 90.44 -21.60 47.69
CA LEU ZA 621 90.26 -20.19 47.34
C LEU ZA 621 91.40 -19.68 46.47
N GLN ZA 622 92.62 -20.20 46.67
CA GLN ZA 622 93.78 -19.82 45.89
C GLN ZA 622 93.98 -20.69 44.67
N GLY ZA 623 93.11 -21.66 44.42
CA GLY ZA 623 93.34 -22.64 43.38
C GLY ZA 623 92.59 -22.36 42.10
N PRO ZA 624 92.85 -23.17 41.08
CA PRO ZA 624 92.19 -22.98 39.79
C PRO ZA 624 90.70 -23.35 39.83
N ILE ZA 625 89.94 -22.73 38.93
CA ILE ZA 625 88.52 -22.99 38.81
C ILE ZA 625 88.23 -24.07 37.78
N TRP ZA 626 88.75 -23.93 36.57
CA TRP ZA 626 88.41 -24.82 35.47
C TRP ZA 626 89.67 -25.23 34.72
N ALA ZA 627 89.47 -26.15 33.79
CA ALA ZA 627 90.51 -26.55 32.85
C ALA ZA 627 89.83 -27.04 31.58
N LYS ZA 628 90.46 -26.75 30.44
CA LYS ZA 628 89.97 -27.28 29.18
C LYS ZA 628 90.28 -28.77 29.09
N ILE ZA 629 89.25 -29.56 28.80
CA ILE ZA 629 89.45 -30.98 28.55
C ILE ZA 629 90.09 -31.17 27.18
N PRO ZA 630 91.21 -31.89 27.08
CA PRO ZA 630 91.85 -32.06 25.76
C PRO ZA 630 90.92 -32.69 24.75
N HIS ZA 631 91.00 -32.21 23.52
CA HIS ZA 631 90.16 -32.73 22.44
C HIS ZA 631 90.80 -34.02 21.92
N THR ZA 632 90.44 -35.11 22.58
CA THR ZA 632 90.96 -36.44 22.27
C THR ZA 632 89.79 -37.38 21.98
N ASP ZA 633 90.14 -38.56 21.44
CA ASP ZA 633 89.13 -39.58 21.19
C ASP ZA 633 88.52 -40.09 22.48
N GLY ZA 634 89.34 -40.33 23.49
CA GLY ZA 634 88.85 -40.87 24.74
C GLY ZA 634 89.43 -40.12 25.92
N HIS ZA 635 88.65 -40.10 27.00
CA HIS ZA 635 89.09 -39.59 28.28
C HIS ZA 635 88.23 -40.22 29.34
N PHE ZA 636 88.84 -40.53 30.48
CA PHE ZA 636 88.14 -41.19 31.58
C PHE ZA 636 87.98 -40.19 32.71
N HIS ZA 637 86.73 -39.89 33.06
CA HIS ZA 637 86.38 -38.99 34.15
C HIS ZA 637 87.13 -37.66 34.01
N PRO ZA 638 86.78 -36.84 33.04
CA PRO ZA 638 87.62 -35.68 32.69
C PRO ZA 638 87.52 -34.54 33.69
N SER ZA 639 87.85 -34.84 34.94
CA SER ZA 639 87.96 -33.85 35.98
C SER ZA 639 89.42 -33.50 36.18
N PRO ZA 640 89.79 -32.22 36.14
CA PRO ZA 640 91.21 -31.86 36.19
C PRO ZA 640 91.87 -32.35 37.46
N LEU ZA 641 93.13 -32.76 37.35
CA LEU ZA 641 93.80 -33.38 38.48
C LEU ZA 641 94.24 -32.34 39.51
N MET ZA 642 94.37 -31.08 39.10
CA MET ZA 642 94.61 -30.03 40.08
C MET ZA 642 93.34 -29.64 40.83
N GLY ZA 643 92.18 -30.08 40.38
CA GLY ZA 643 90.92 -29.72 40.99
C GLY ZA 643 90.18 -28.69 40.16
N GLY ZA 644 88.86 -28.76 40.22
CA GLY ZA 644 88.05 -27.81 39.47
C GLY ZA 644 87.11 -28.48 38.50
N PHE ZA 645 86.63 -27.70 37.54
CA PHE ZA 645 85.67 -28.15 36.56
C PHE ZA 645 86.38 -28.36 35.23
N GLY ZA 646 86.25 -29.56 34.67
CA GLY ZA 646 86.74 -29.81 33.34
C GLY ZA 646 85.68 -29.43 32.32
N LEU ZA 647 86.01 -28.52 31.42
CA LEU ZA 647 85.05 -28.02 30.44
C LEU ZA 647 85.56 -28.34 29.04
N LYS ZA 648 84.69 -28.87 28.19
CA LYS ZA 648 85.05 -29.08 26.80
C LYS ZA 648 85.21 -27.75 26.08
N ASN ZA 649 84.30 -26.81 26.33
CA ASN ZA 649 84.40 -25.44 25.84
C ASN ZA 649 84.55 -24.54 27.06
N PRO ZA 650 85.77 -24.32 27.55
CA PRO ZA 650 85.97 -23.48 28.71
C PRO ZA 650 85.78 -22.02 28.36
N PRO ZA 651 85.84 -21.11 29.32
CA PRO ZA 651 85.87 -19.70 29.00
C PRO ZA 651 87.04 -19.38 28.09
N PRO ZA 652 86.79 -18.73 26.97
CA PRO ZA 652 87.85 -18.51 25.98
C PRO ZA 652 88.88 -17.52 26.47
N GLN ZA 653 90.05 -17.59 25.84
CA GLN ZA 653 91.13 -16.68 26.17
C GLN ZA 653 90.86 -15.31 25.56
N ILE ZA 654 91.01 -14.28 26.38
CA ILE ZA 654 90.94 -12.90 25.93
C ILE ZA 654 92.36 -12.41 25.75
N LEU ZA 655 92.73 -12.05 24.53
CA LEU ZA 655 94.07 -11.66 24.18
C LEU ZA 655 94.09 -10.19 23.81
N ILE ZA 656 95.07 -9.48 24.33
CA ILE ZA 656 95.14 -8.03 24.24
C ILE ZA 656 96.58 -7.63 23.94
N LYS ZA 657 96.74 -6.63 23.09
CA LYS ZA 657 98.07 -6.08 22.89
C LYS ZA 657 97.97 -4.63 22.47
N ASN ZA 658 99.06 -3.90 22.63
CA ASN ZA 658 99.12 -2.52 22.17
C ASN ZA 658 99.41 -2.53 20.68
N THR ZA 659 98.64 -1.75 19.91
CA THR ZA 659 98.94 -1.64 18.50
C THR ZA 659 100.27 -0.90 18.32
N PRO ZA 660 101.21 -1.44 17.55
CA PRO ZA 660 102.51 -0.76 17.39
C PRO ZA 660 102.34 0.60 16.72
N VAL ZA 661 103.06 1.59 17.23
CA VAL ZA 661 103.12 2.92 16.65
C VAL ZA 661 104.54 3.14 16.16
N PRO ZA 662 104.78 3.17 14.86
CA PRO ZA 662 106.14 3.35 14.36
C PRO ZA 662 106.70 4.72 14.69
N ALA ZA 663 108.01 4.77 14.84
CA ALA ZA 663 108.70 6.04 15.00
C ALA ZA 663 108.88 6.71 13.64
N ASN ZA 664 109.70 7.74 13.59
CA ASN ZA 664 109.86 8.52 12.37
C ASN ZA 664 110.46 7.67 11.26
N PRO ZA 665 109.79 7.51 10.12
CA PRO ZA 665 110.35 6.72 9.03
C PRO ZA 665 111.40 7.51 8.28
N PRO ZA 666 112.25 6.84 7.51
CA PRO ZA 666 113.26 7.56 6.71
C PRO ZA 666 112.62 8.37 5.60
N ALA ZA 667 113.38 9.34 5.09
CA ALA ZA 667 112.91 10.16 3.99
C ALA ZA 667 112.76 9.36 2.70
N GLU ZA 668 113.70 8.46 2.44
CA GLU ZA 668 113.63 7.56 1.29
C GLU ZA 668 113.00 6.23 1.70
N PHE ZA 669 112.34 5.59 0.74
CA PHE ZA 669 111.63 4.35 0.99
C PHE ZA 669 112.60 3.20 1.25
N SER ZA 670 112.25 2.37 2.23
CA SER ZA 670 113.00 1.16 2.55
C SER ZA 670 112.01 0.03 2.76
N ALA ZA 671 112.24 -1.09 2.07
CA ALA ZA 671 111.34 -2.23 2.21
C ALA ZA 671 111.62 -3.06 3.44
N THR ZA 672 112.74 -2.81 4.13
CA THR ZA 672 113.02 -3.48 5.38
C THR ZA 672 111.92 -3.16 6.38
N LYS ZA 673 111.43 -4.19 7.07
CA LYS ZA 673 110.32 -4.00 7.98
C LYS ZA 673 110.72 -3.09 9.14
N PHE ZA 674 109.73 -2.38 9.67
CA PHE ZA 674 109.99 -1.40 10.71
C PHE ZA 674 110.51 -2.09 11.97
N ALA ZA 675 111.53 -1.49 12.57
CA ALA ZA 675 112.06 -1.97 13.84
C ALA ZA 675 112.08 -0.89 14.90
N SER ZA 676 111.86 0.37 14.53
CA SER ZA 676 111.85 1.49 15.45
C SER ZA 676 110.40 1.85 15.75
N PHE ZA 677 110.01 1.69 17.01
CA PHE ZA 677 108.65 1.95 17.43
C PHE ZA 677 108.63 2.93 18.58
N ILE ZA 678 107.51 3.64 18.69
CA ILE ZA 678 107.26 4.53 19.82
C ILE ZA 678 106.94 3.66 21.03
N THR ZA 679 107.69 3.86 22.11
CA THR ZA 679 107.57 3.00 23.29
C THR ZA 679 106.32 3.40 24.07
N GLN ZA 680 105.43 2.45 24.29
CA GLN ZA 680 104.21 2.77 25.00
C GLN ZA 680 103.65 1.55 25.69
N TYR ZA 681 102.79 1.80 26.67
CA TYR ZA 681 102.07 0.76 27.38
C TYR ZA 681 100.62 1.21 27.51
N SER ZA 682 99.78 0.38 28.10
CA SER ZA 682 98.40 0.75 28.32
C SER ZA 682 97.96 0.31 29.70
N THR ZA 683 96.94 0.98 30.21
CA THR ZA 683 96.36 0.65 31.50
C THR ZA 683 94.84 0.72 31.35
N GLY ZA 684 94.16 0.08 32.29
CA GLY ZA 684 92.71 0.10 32.21
C GLY ZA 684 92.09 -0.69 33.33
N GLN ZA 685 90.78 -0.88 33.21
CA GLN ZA 685 90.00 -1.62 34.19
C GLN ZA 685 89.36 -2.82 33.51
N VAL ZA 686 89.31 -3.93 34.24
CA VAL ZA 686 88.72 -5.17 33.77
C VAL ZA 686 87.70 -5.63 34.80
N SER ZA 687 86.51 -6.01 34.34
CA SER ZA 687 85.44 -6.52 35.17
C SER ZA 687 85.10 -7.93 34.74
N VAL ZA 688 84.99 -8.84 35.70
CA VAL ZA 688 84.50 -10.19 35.46
C VAL ZA 688 83.36 -10.45 36.43
N GLU ZA 689 82.22 -10.89 35.90
CA GLU ZA 689 81.05 -11.24 36.69
C GLU ZA 689 80.69 -12.69 36.41
N ILE ZA 690 80.69 -13.54 37.44
CA ILE ZA 690 80.31 -14.93 37.29
C ILE ZA 690 79.08 -15.19 38.15
N GLU ZA 691 78.06 -15.78 37.52
CA GLU ZA 691 76.94 -16.37 38.22
C GLU ZA 691 77.25 -17.83 38.48
N TRP ZA 692 77.10 -18.25 39.74
CA TRP ZA 692 77.30 -19.61 40.21
C TRP ZA 692 75.99 -20.17 40.74
N GLU ZA 693 75.70 -21.41 40.38
CA GLU ZA 693 74.58 -22.14 40.94
C GLU ZA 693 75.04 -22.89 42.19
N LEU ZA 694 74.22 -22.80 43.24
CA LEU ZA 694 74.49 -23.42 44.52
C LEU ZA 694 73.62 -24.66 44.69
N GLN ZA 695 74.11 -25.59 45.49
CA GLN ZA 695 73.41 -26.80 45.86
C GLN ZA 695 73.41 -26.83 47.38
N LYS ZA 696 72.24 -26.50 47.94
CA LYS ZA 696 72.09 -26.31 49.38
C LYS ZA 696 72.14 -27.63 50.12
N GLU ZA 697 72.63 -27.57 51.36
CA GLU ZA 697 72.57 -28.73 52.23
C GLU ZA 697 71.12 -29.02 52.59
N ASN ZA 698 70.80 -30.30 52.74
CA ASN ZA 698 69.49 -30.74 53.20
C ASN ZA 698 69.62 -31.75 54.33
N SER ZA 699 70.57 -31.50 55.23
CA SER ZA 699 71.01 -32.51 56.18
C SER ZA 699 70.02 -32.66 57.33
N LYS ZA 700 69.93 -33.89 57.83
CA LYS ZA 700 69.16 -34.21 59.02
C LYS ZA 700 70.06 -34.50 60.21
N ARG ZA 701 71.34 -34.16 60.10
CA ARG ZA 701 72.30 -34.38 61.17
C ARG ZA 701 71.90 -33.58 62.41
N TRP ZA 702 72.06 -34.20 63.58
CA TRP ZA 702 71.64 -33.58 64.82
C TRP ZA 702 72.72 -32.70 65.43
N ASN ZA 703 73.93 -33.23 65.58
CA ASN ZA 703 75.00 -32.49 66.19
C ASN ZA 703 75.51 -31.41 65.25
N PRO ZA 704 76.16 -30.37 65.79
CA PRO ZA 704 76.65 -29.29 64.92
C PRO ZA 704 77.75 -29.75 64.00
N GLU ZA 705 77.83 -29.09 62.84
CA GLU ZA 705 78.81 -29.40 61.82
C GLU ZA 705 80.13 -28.69 62.08
N VAL ZA 706 81.17 -29.18 61.43
CA VAL ZA 706 82.45 -28.48 61.38
C VAL ZA 706 82.35 -27.34 60.38
N GLN ZA 707 82.74 -26.16 60.80
CA GLN ZA 707 82.70 -24.98 59.95
C GLN ZA 707 84.10 -24.38 59.86
N TYR ZA 708 84.36 -23.69 58.75
CA TYR ZA 708 85.56 -22.88 58.68
C TYR ZA 708 85.32 -21.59 59.47
N THR ZA 709 86.24 -21.28 60.39
CA THR ZA 709 86.05 -20.14 61.26
C THR ZA 709 87.37 -19.39 61.39
N SER ZA 710 87.25 -18.10 61.65
CA SER ZA 710 88.37 -17.31 62.11
C SER ZA 710 88.71 -17.68 63.55
N ASN ZA 711 89.99 -17.60 63.88
CA ASN ZA 711 90.42 -17.83 65.25
C ASN ZA 711 90.16 -16.58 66.08
N TYR ZA 712 89.50 -16.75 67.21
CA TYR ZA 712 89.28 -15.65 68.16
C TYR ZA 712 90.48 -15.68 69.11
N ALA ZA 713 91.32 -14.65 69.01
CA ALA ZA 713 92.47 -14.52 69.89
C ALA ZA 713 93.17 -13.22 69.55
N LYS ZA 714 93.81 -12.64 70.56
CA LYS ZA 714 94.62 -11.47 70.29
C LYS ZA 714 95.78 -11.85 69.38
N SER ZA 715 95.84 -11.22 68.21
CA SER ZA 715 96.88 -11.48 67.25
C SER ZA 715 97.41 -10.16 66.74
N ALA ZA 716 98.68 -10.17 66.33
CA ALA ZA 716 99.30 -8.94 65.83
C ALA ZA 716 98.60 -8.45 64.57
N ASN ZA 717 98.08 -9.37 63.76
CA ASN ZA 717 97.40 -9.05 62.53
C ASN ZA 717 96.07 -9.80 62.46
N VAL ZA 718 95.22 -9.36 61.55
CA VAL ZA 718 93.99 -10.07 61.21
C VAL ZA 718 94.27 -10.91 59.97
N ASP ZA 719 93.73 -12.13 59.96
CA ASP ZA 719 93.93 -13.01 58.82
C ASP ZA 719 93.22 -12.47 57.58
N PHE ZA 720 93.85 -12.68 56.42
CA PHE ZA 720 93.31 -12.24 55.13
C PHE ZA 720 93.14 -10.73 55.09
N THR ZA 721 94.14 -10.01 55.57
CA THR ZA 721 94.12 -8.55 55.54
C THR ZA 721 95.46 -8.02 55.05
N VAL ZA 722 95.65 -6.72 55.15
CA VAL ZA 722 96.92 -6.10 54.81
C VAL ZA 722 97.71 -5.89 56.11
N ASP ZA 723 99.02 -5.77 55.97
CA ASP ZA 723 99.86 -5.45 57.11
C ASP ZA 723 100.12 -3.95 57.16
N ASN ZA 724 101.02 -3.51 58.03
CA ASN ZA 724 101.33 -2.09 58.11
C ASN ZA 724 102.05 -1.58 56.87
N ASN ZA 725 102.60 -2.46 56.05
CA ASN ZA 725 103.23 -2.06 54.79
C ASN ZA 725 102.28 -2.06 53.61
N GLY ZA 726 101.04 -2.52 53.79
CA GLY ZA 726 100.09 -2.56 52.72
C GLY ZA 726 100.06 -3.83 51.91
N LEU ZA 727 100.66 -4.91 52.40
CA LEU ZA 727 100.77 -6.15 51.64
C LEU ZA 727 99.67 -7.10 52.05
N TYR ZA 728 98.81 -7.44 51.11
CA TYR ZA 728 97.75 -8.42 51.35
C TYR ZA 728 98.34 -9.82 51.37
N THR ZA 729 97.99 -10.59 52.39
CA THR ZA 729 98.48 -11.95 52.55
C THR ZA 729 97.32 -12.88 52.87
N GLU ZA 730 97.45 -14.12 52.45
CA GLU ZA 730 96.50 -15.18 52.79
C GLU ZA 730 97.20 -16.19 53.69
N PRO ZA 731 96.84 -16.28 54.97
CA PRO ZA 731 97.58 -17.12 55.90
C PRO ZA 731 97.58 -18.62 55.59
N ARG ZA 732 96.49 -19.12 55.03
CA ARG ZA 732 96.33 -20.56 54.86
C ARG ZA 732 95.48 -20.80 53.63
N PRO ZA 733 95.59 -21.99 53.03
CA PRO ZA 733 94.65 -22.36 51.97
C PRO ZA 733 93.36 -22.93 52.58
N ILE ZA 734 92.23 -22.48 52.05
CA ILE ZA 734 90.91 -22.89 52.54
C ILE ZA 734 90.28 -23.79 51.48
N GLY ZA 735 89.91 -25.01 51.88
CA GLY ZA 735 89.17 -25.90 51.02
C GLY ZA 735 87.68 -25.65 51.09
N THR ZA 736 86.92 -26.66 50.68
CA THR ZA 736 85.47 -26.55 50.62
C THR ZA 736 84.74 -27.54 51.50
N ARG ZA 737 85.37 -28.65 51.87
CA ARG ZA 737 84.67 -29.79 52.46
C ARG ZA 737 84.57 -29.60 53.97
N TYR ZA 738 83.50 -28.95 54.42
CA TYR ZA 738 83.28 -28.75 55.84
C TYR ZA 738 81.97 -29.38 56.29
N LEU ZA 739 80.89 -29.12 55.55
CA LEU ZA 739 79.65 -29.82 55.78
C LEU ZA 739 79.84 -31.29 55.45
N THR ZA 740 78.95 -32.13 55.96
CA THR ZA 740 79.02 -33.56 55.72
C THR ZA 740 77.70 -34.08 55.18
N ARG ZA 741 77.77 -35.25 54.56
CA ARG ZA 741 76.57 -35.96 54.13
C ARG ZA 741 76.85 -37.45 54.20
N PRO ZA 742 75.82 -38.28 54.35
CA PRO ZA 742 76.05 -39.72 54.43
C PRO ZA 742 76.50 -40.29 53.09
N LEU ZA 743 77.33 -41.32 53.17
CA LEU ZA 743 77.94 -41.90 51.98
C LEU ZA 743 76.94 -42.73 51.18
N ASP AB 219 85.19 10.56 13.58
CA ASP AB 219 84.25 10.22 14.63
C ASP AB 219 84.79 10.58 16.01
N GLY AB 220 85.96 11.23 16.03
CA GLY AB 220 86.52 11.75 17.27
C GLY AB 220 87.95 11.28 17.48
N VAL AB 221 88.61 11.97 18.42
CA VAL AB 221 89.97 11.65 18.78
C VAL AB 221 90.04 10.32 19.55
N GLY AB 222 89.11 10.09 20.46
CA GLY AB 222 89.19 8.94 21.34
C GLY AB 222 88.34 7.75 20.92
N ASN AB 223 87.94 7.72 19.66
CA ASN AB 223 87.10 6.65 19.13
C ASN AB 223 87.81 6.05 17.93
N ALA AB 224 88.01 4.73 17.95
CA ALA AB 224 88.65 4.06 16.83
C ALA AB 224 87.73 4.02 15.63
N SER AB 225 88.29 4.25 14.45
CA SER AB 225 87.50 4.30 13.23
C SER AB 225 87.49 2.97 12.47
N GLY AB 226 88.07 1.92 13.03
CA GLY AB 226 87.98 0.62 12.40
C GLY AB 226 88.56 -0.43 13.31
N ASN AB 227 88.33 -1.68 12.92
CA ASN AB 227 88.79 -2.84 13.67
C ASN AB 227 89.76 -3.64 12.83
N TRP AB 228 90.48 -4.54 13.49
CA TRP AB 228 91.42 -5.43 12.82
C TRP AB 228 90.66 -6.58 12.20
N HIS AB 229 90.64 -6.63 10.88
CA HIS AB 229 89.95 -7.69 10.14
C HIS AB 229 90.99 -8.45 9.32
N CYS AB 230 91.51 -9.52 9.90
CA CYS AB 230 92.47 -10.38 9.22
C CYS AB 230 91.98 -11.81 9.36
N ASP AB 231 91.50 -12.39 8.28
CA ASP AB 231 90.78 -13.65 8.35
C ASP AB 231 90.78 -14.29 6.97
N SER AB 232 90.20 -15.47 6.88
CA SER AB 232 89.99 -16.15 5.60
C SER AB 232 88.81 -17.09 5.76
N THR AB 233 87.77 -16.85 4.98
CA THR AB 233 86.54 -17.64 5.04
C THR AB 233 86.40 -18.44 3.76
N TRP AB 234 86.20 -19.73 3.90
CA TRP AB 234 86.08 -20.64 2.76
C TRP AB 234 84.62 -21.06 2.64
N LEU AB 235 83.97 -20.60 1.59
CA LEU AB 235 82.63 -21.04 1.26
C LEU AB 235 82.75 -22.19 0.25
N GLY AB 236 81.64 -22.59 -0.35
CA GLY AB 236 81.70 -23.71 -1.27
C GLY AB 236 82.55 -23.43 -2.50
N ASP AB 237 82.28 -22.31 -3.18
CA ASP AB 237 83.00 -21.97 -4.39
C ASP AB 237 83.70 -20.63 -4.30
N ARG AB 238 83.67 -19.96 -3.17
CA ARG AB 238 84.35 -18.70 -2.95
C ARG AB 238 85.30 -18.84 -1.79
N VAL AB 239 86.32 -17.99 -1.78
CA VAL AB 239 87.12 -17.77 -0.59
C VAL AB 239 87.29 -16.27 -0.42
N ILE AB 240 87.06 -15.77 0.79
CA ILE AB 240 87.20 -14.35 1.09
C ILE AB 240 88.39 -14.19 2.01
N THR AB 241 89.40 -13.47 1.55
CA THR AB 241 90.61 -13.22 2.32
C THR AB 241 90.63 -11.76 2.77
N THR AB 242 90.78 -11.54 4.07
CA THR AB 242 90.91 -10.21 4.64
C THR AB 242 92.27 -10.05 5.28
N SER AB 243 92.89 -8.89 5.07
CA SER AB 243 94.22 -8.61 5.60
C SER AB 243 94.27 -7.20 6.13
N THR AB 244 94.67 -7.05 7.38
CA THR AB 244 94.93 -5.74 7.98
C THR AB 244 96.42 -5.64 8.28
N ARG AB 245 96.98 -4.47 8.00
CA ARG AB 245 98.38 -4.18 8.24
C ARG AB 245 98.51 -2.78 8.82
N THR AB 246 99.62 -2.54 9.50
CA THR AB 246 99.96 -1.23 10.04
C THR AB 246 100.99 -0.58 9.12
N TRP AB 247 100.70 0.62 8.66
CA TRP AB 247 101.54 1.34 7.74
C TRP AB 247 102.06 2.62 8.36
N ALA AB 248 103.23 3.03 7.90
CA ALA AB 248 103.84 4.32 8.20
C ALA AB 248 104.12 5.05 6.89
N LEU AB 249 103.67 6.29 6.80
CA LEU AB 249 103.84 7.14 5.64
C LEU AB 249 104.66 8.35 6.01
N PRO AB 250 105.85 8.53 5.45
CA PRO AB 250 106.63 9.73 5.73
C PRO AB 250 106.27 10.88 4.79
N THR AB 251 106.98 11.99 4.93
CA THR AB 251 106.91 13.06 3.95
C THR AB 251 107.98 12.83 2.89
N TYR AB 252 107.58 12.79 1.64
CA TYR AB 252 108.47 12.51 0.52
C TYR AB 252 108.79 13.81 -0.20
N ASN AB 253 110.07 14.01 -0.50
CA ASN AB 253 110.57 15.12 -1.32
C ASN AB 253 110.39 16.48 -0.67
N ASN AB 254 110.09 16.54 0.63
CA ASN AB 254 109.71 17.78 1.30
C ASN AB 254 108.50 18.41 0.61
N HIS AB 255 107.51 17.59 0.28
CA HIS AB 255 106.25 18.03 -0.33
C HIS AB 255 106.46 18.61 -1.71
N LEU AB 256 107.52 18.19 -2.40
CA LEU AB 256 107.87 18.76 -3.69
C LEU AB 256 107.70 17.73 -4.79
N TYR AB 257 107.36 18.21 -5.98
CA TYR AB 257 107.41 17.42 -7.20
C TYR AB 257 108.77 17.68 -7.83
N LYS AB 258 109.52 16.61 -8.10
CA LYS AB 258 110.85 16.75 -8.65
C LYS AB 258 110.95 16.02 -9.97
N GLN AB 259 111.66 16.62 -10.91
CA GLN AB 259 111.92 16.00 -12.20
C GLN AB 259 113.18 15.17 -12.11
N ILE AB 260 113.07 13.90 -12.48
CA ILE AB 260 114.18 12.96 -12.38
C ILE AB 260 114.52 12.45 -13.77
N SER AB 261 115.81 12.22 -14.00
CA SER AB 261 116.28 11.67 -15.26
C SER AB 261 117.60 10.97 -15.01
N SER AB 262 118.24 10.52 -16.09
CA SER AB 262 119.50 9.80 -16.01
C SER AB 262 120.69 10.66 -16.37
N ALA AB 263 120.48 11.98 -16.54
CA ALA AB 263 121.56 12.85 -16.99
C ALA AB 263 122.70 12.90 -15.98
N SER AB 264 122.39 13.03 -14.69
CA SER AB 264 123.44 13.02 -13.68
C SER AB 264 123.96 11.60 -13.46
N THR AB 265 123.12 10.59 -13.65
CA THR AB 265 123.55 9.21 -13.46
C THR AB 265 124.63 8.84 -14.48
N GLY AB 266 124.53 9.34 -15.70
CA GLY AB 266 125.48 8.95 -16.73
C GLY AB 266 125.36 7.50 -17.13
N ALA AB 267 124.13 7.03 -17.33
CA ALA AB 267 123.88 5.64 -17.66
C ALA AB 267 124.12 5.38 -19.13
N SER AB 268 123.99 4.11 -19.52
CA SER AB 268 124.07 3.73 -20.92
C SER AB 268 122.79 4.14 -21.65
N ASN AB 269 122.84 4.05 -22.98
CA ASN AB 269 121.69 4.44 -23.78
C ASN AB 269 120.47 3.59 -23.47
N ASP AB 270 120.69 2.34 -23.05
CA ASP AB 270 119.58 1.45 -22.72
C ASP AB 270 118.90 1.78 -21.41
N ASN AB 271 119.60 2.50 -20.52
CA ASN AB 271 119.09 2.78 -19.18
C ASN AB 271 118.66 4.23 -19.01
N HIS AB 272 118.60 4.99 -20.09
CA HIS AB 272 118.17 6.38 -20.00
C HIS AB 272 116.69 6.46 -19.66
N TYR AB 273 116.33 7.48 -18.89
CA TYR AB 273 114.93 7.68 -18.53
C TYR AB 273 114.69 9.15 -18.20
N PHE AB 274 113.41 9.51 -18.21
CA PHE AB 274 112.95 10.83 -17.82
C PHE AB 274 111.61 10.64 -17.13
N GLY AB 275 111.43 11.31 -16.00
CA GLY AB 275 110.18 11.16 -15.29
C GLY AB 275 110.06 12.14 -14.15
N TYR AB 276 109.15 11.82 -13.23
CA TYR AB 276 108.85 12.70 -12.11
C TYR AB 276 108.69 11.89 -10.84
N SER AB 277 109.12 12.50 -9.74
CA SER AB 277 108.97 11.98 -8.39
C SER AB 277 107.95 12.84 -7.67
N THR AB 278 106.89 12.22 -7.16
CA THR AB 278 105.88 13.01 -6.48
C THR AB 278 106.04 12.89 -4.97
N PRO AB 279 105.47 13.81 -4.19
CA PRO AB 279 105.46 13.67 -2.74
C PRO AB 279 104.46 12.66 -2.21
N TRP AB 280 103.75 11.95 -3.08
CA TRP AB 280 102.74 10.99 -2.67
C TRP AB 280 103.33 9.60 -2.52
N GLY AB 281 102.70 8.81 -1.65
CA GLY AB 281 102.92 7.38 -1.61
C GLY AB 281 101.69 6.67 -2.14
N TYR AB 282 101.83 5.37 -2.35
CA TYR AB 282 100.72 4.59 -2.87
C TYR AB 282 100.61 3.29 -2.08
N PHE AB 283 99.42 2.72 -2.10
CA PHE AB 283 99.14 1.46 -1.43
C PHE AB 283 99.21 0.33 -2.44
N ASP AB 284 99.97 -0.70 -2.12
CA ASP AB 284 100.18 -1.85 -3.01
C ASP AB 284 99.84 -3.13 -2.26
N PHE AB 285 98.94 -3.91 -2.85
CA PHE AB 285 98.63 -5.25 -2.34
C PHE AB 285 98.56 -6.21 -3.51
N ASN AB 286 99.52 -6.10 -4.43
CA ASN AB 286 99.56 -6.89 -5.65
C ASN AB 286 100.49 -8.08 -5.54
N ARG AB 287 100.52 -8.74 -4.40
CA ARG AB 287 101.19 -10.02 -4.24
C ARG AB 287 100.24 -10.98 -3.54
N PHE AB 288 100.39 -12.26 -3.81
CA PHE AB 288 99.43 -13.23 -3.29
C PHE AB 288 99.57 -13.43 -1.79
N HIS AB 289 100.78 -13.25 -1.25
CA HIS AB 289 100.96 -13.44 0.18
C HIS AB 289 100.50 -12.24 1.01
N CYS AB 290 100.12 -11.15 0.38
CA CYS AB 290 99.42 -10.08 1.09
C CYS AB 290 98.02 -10.52 1.50
N HIS AB 291 97.51 -11.59 0.92
CA HIS AB 291 96.14 -12.04 1.15
C HIS AB 291 96.04 -13.47 1.64
N PHE AB 292 96.94 -14.35 1.23
CA PHE AB 292 96.88 -15.75 1.62
C PHE AB 292 98.01 -16.06 2.59
N SER AB 293 97.66 -16.71 3.69
CA SER AB 293 98.68 -17.36 4.50
C SER AB 293 99.19 -18.57 3.74
N PRO AB 294 100.37 -19.08 4.09
CA PRO AB 294 100.84 -20.31 3.42
C PRO AB 294 99.88 -21.48 3.59
N ARG AB 295 99.23 -21.61 4.73
CA ARG AB 295 98.23 -22.64 4.90
C ARG AB 295 97.05 -22.45 3.97
N ASP AB 296 96.57 -21.22 3.81
CA ASP AB 296 95.47 -20.94 2.90
C ASP AB 296 95.88 -21.19 1.46
N TRP AB 297 97.10 -20.83 1.10
CA TRP AB 297 97.61 -21.10 -0.24
C TRP AB 297 97.66 -22.59 -0.52
N GLN AB 298 98.14 -23.38 0.45
CA GLN AB 298 98.17 -24.82 0.29
C GLN AB 298 96.76 -25.38 0.15
N ARG AB 299 95.83 -24.89 0.97
CA ARG AB 299 94.45 -25.33 0.87
C ARG AB 299 93.85 -25.02 -0.49
N LEU AB 300 94.18 -23.86 -1.05
CA LEU AB 300 93.69 -23.49 -2.37
C LEU AB 300 94.29 -24.39 -3.46
N ILE AB 301 95.61 -24.53 -3.48
CA ILE AB 301 96.28 -25.18 -4.58
C ILE AB 301 96.17 -26.70 -4.53
N ASN AB 302 95.92 -27.28 -3.37
CA ASN AB 302 95.77 -28.72 -3.28
C ASN AB 302 94.37 -29.19 -3.63
N ASN AB 303 93.42 -28.28 -3.75
CA ASN AB 303 92.02 -28.66 -3.87
C ASN AB 303 91.30 -28.03 -5.04
N ASN AB 304 91.84 -26.99 -5.66
CA ASN AB 304 91.11 -26.27 -6.69
C ASN AB 304 91.82 -26.40 -8.02
N TRP AB 305 91.03 -26.57 -9.08
CA TRP AB 305 91.56 -26.58 -10.44
C TRP AB 305 91.79 -25.18 -10.97
N GLY AB 306 91.15 -24.18 -10.41
CA GLY AB 306 91.42 -22.82 -10.86
C GLY AB 306 90.87 -21.81 -9.90
N PHE AB 307 91.29 -20.56 -10.09
CA PHE AB 307 90.75 -19.50 -9.23
C PHE AB 307 90.88 -18.16 -9.91
N ARG AB 308 90.10 -17.20 -9.45
CA ARG AB 308 90.19 -15.84 -9.99
C ARG AB 308 89.59 -14.87 -8.98
N PRO AB 309 89.93 -13.59 -9.06
CA PRO AB 309 89.35 -12.61 -8.15
C PRO AB 309 88.03 -12.03 -8.65
N LYS AB 310 87.08 -11.90 -7.73
CA LYS AB 310 85.75 -11.37 -7.96
C LYS AB 310 85.60 -9.93 -7.47
N ARG AB 311 85.93 -9.65 -6.22
CA ARG AB 311 85.71 -8.28 -5.77
C ARG AB 311 86.67 -7.94 -4.63
N LEU AB 312 86.79 -6.65 -4.33
CA LEU AB 312 87.63 -6.24 -3.22
C LEU AB 312 87.06 -5.01 -2.53
N ASN AB 313 87.36 -4.91 -1.25
CA ASN AB 313 87.09 -3.77 -0.38
C ASN AB 313 88.41 -3.29 0.21
N PHE AB 314 88.58 -1.98 0.24
CA PHE AB 314 89.76 -1.34 0.77
C PHE AB 314 89.31 -0.36 1.85
N LYS AB 315 89.95 -0.41 3.01
CA LYS AB 315 89.66 0.50 4.09
C LYS AB 315 90.95 1.04 4.68
N LEU AB 316 90.91 2.31 5.06
CA LEU AB 316 92.02 3.01 5.67
C LEU AB 316 91.50 3.66 6.94
N PHE AB 317 92.06 3.31 8.09
CA PHE AB 317 91.44 3.71 9.34
C PHE AB 317 92.52 3.89 10.41
N ASN AB 318 92.12 4.55 11.49
CA ASN AB 318 92.97 4.81 12.66
C ASN AB 318 94.18 5.63 12.29
N ILE AB 319 93.94 6.79 11.68
CA ILE AB 319 95.01 7.67 11.23
C ILE AB 319 95.60 8.40 12.43
N GLN AB 320 96.93 8.42 12.52
CA GLN AB 320 97.62 9.20 13.53
C GLN AB 320 98.74 9.96 12.85
N VAL AB 321 98.66 11.29 12.90
CA VAL AB 321 99.73 12.14 12.40
C VAL AB 321 100.64 12.50 13.56
N LYS AB 322 101.94 12.33 13.36
CA LYS AB 322 102.93 12.57 14.38
C LYS AB 322 103.90 13.65 13.92
N GLU AB 323 104.10 14.65 14.77
CA GLU AB 323 105.07 15.70 14.60
C GLU AB 323 106.41 15.31 15.20
N VAL AB 324 107.49 15.58 14.47
CA VAL AB 324 108.84 15.21 14.87
C VAL AB 324 109.71 16.46 14.96
N THR AB 325 110.40 16.63 16.09
CA THR AB 325 111.37 17.70 16.26
C THR AB 325 112.68 17.11 16.76
N THR AB 326 113.77 17.39 16.07
CA THR AB 326 115.10 16.95 16.51
C THR AB 326 115.88 18.19 16.96
N ASN AB 327 116.23 18.22 18.25
CA ASN AB 327 117.03 19.29 18.83
C ASN AB 327 118.20 18.71 19.60
N ASP AB 328 119.39 19.23 19.32
CA ASP AB 328 120.61 18.81 20.01
C ASP AB 328 120.83 17.30 19.90
N GLY AB 329 120.30 16.70 18.83
CA GLY AB 329 120.45 15.28 18.59
C GLY AB 329 119.36 14.41 19.17
N VAL AB 330 118.51 14.94 20.04
CA VAL AB 330 117.43 14.16 20.63
C VAL AB 330 116.12 14.48 19.92
N THR AB 331 115.31 13.45 19.70
CA THR AB 331 114.13 13.53 18.87
C THR AB 331 112.88 13.41 19.73
N THR AB 332 111.96 14.36 19.57
CA THR AB 332 110.66 14.36 20.22
C THR AB 332 109.59 14.10 19.18
N ILE AB 333 108.68 13.19 19.51
CA ILE AB 333 107.52 12.88 18.67
C ILE AB 333 106.28 13.20 19.47
N ALA AB 334 105.38 13.97 18.87
CA ALA AB 334 104.12 14.32 19.50
C ALA AB 334 102.98 14.02 18.54
N ASN AB 335 101.76 14.02 19.06
CA ASN AB 335 100.60 13.86 18.22
C ASN AB 335 100.18 15.20 17.66
N ASN AB 336 99.83 15.21 16.38
CA ASN AB 336 99.27 16.40 15.73
C ASN AB 336 97.82 16.08 15.43
N LEU AB 337 96.92 16.52 16.32
CA LEU AB 337 95.53 16.11 16.25
C LEU AB 337 94.75 16.78 15.12
N THR AB 338 95.27 17.88 14.57
CA THR AB 338 94.54 18.64 13.56
C THR AB 338 95.14 18.49 12.16
N SER AB 339 96.10 17.62 11.97
CA SER AB 339 96.69 17.42 10.66
C SER AB 339 95.91 16.37 9.87
N THR AB 340 96.07 16.41 8.55
CA THR AB 340 95.32 15.55 7.66
C THR AB 340 96.25 14.75 6.75
N VAL AB 341 95.73 13.61 6.29
CA VAL AB 341 96.30 12.89 5.17
C VAL AB 341 95.30 12.94 4.02
N GLN AB 342 95.79 13.24 2.83
CA GLN AB 342 94.98 13.22 1.62
C GLN AB 342 95.06 11.84 1.00
N VAL AB 343 93.91 11.26 0.68
CA VAL AB 343 93.82 9.95 0.05
C VAL AB 343 92.89 10.07 -1.15
N PHE AB 344 93.29 9.47 -2.27
CA PHE AB 344 92.34 9.34 -3.37
C PHE AB 344 92.64 8.07 -4.14
N SER AB 345 91.61 7.56 -4.79
CA SER AB 345 91.70 6.40 -5.65
C SER AB 345 91.61 6.86 -7.10
N ASP AB 346 92.53 6.37 -7.94
CA ASP AB 346 92.56 6.77 -9.35
C ASP AB 346 91.67 5.83 -10.15
N SER AB 347 90.37 6.00 -9.97
CA SER AB 347 89.39 5.06 -10.49
C SER AB 347 89.21 5.17 -12.00
N GLU AB 348 89.60 6.29 -12.61
CA GLU AB 348 89.47 6.47 -14.05
C GLU AB 348 90.77 6.22 -14.79
N TYR AB 349 91.81 5.75 -14.09
CA TYR AB 349 93.09 5.39 -14.70
C TYR AB 349 93.66 6.56 -15.51
N GLN AB 350 93.62 7.74 -14.92
CA GLN AB 350 94.15 8.94 -15.54
C GLN AB 350 95.62 9.17 -15.23
N LEU AB 351 96.19 8.38 -14.37
CA LEU AB 351 97.58 8.45 -13.94
C LEU AB 351 98.36 7.29 -14.55
N PRO AB 352 99.68 7.44 -14.67
CA PRO AB 352 100.50 6.28 -15.03
C PRO AB 352 100.37 5.17 -13.99
N TYR AB 353 100.16 3.96 -14.46
CA TYR AB 353 99.96 2.81 -13.58
C TYR AB 353 101.31 2.18 -13.29
N VAL AB 354 101.84 2.42 -12.09
CA VAL AB 354 103.13 1.86 -11.72
C VAL AB 354 102.99 0.53 -10.98
N LEU AB 355 101.78 0.15 -10.60
CA LEU AB 355 101.57 -1.20 -10.10
C LEU AB 355 101.72 -2.17 -11.26
N GLY AB 356 101.92 -3.44 -10.93
CA GLY AB 356 102.12 -4.41 -11.96
C GLY AB 356 103.50 -4.44 -12.56
N SER AB 357 104.47 -3.78 -11.93
CA SER AB 357 105.87 -3.87 -12.31
C SER AB 357 106.70 -4.62 -11.29
N ALA AB 358 106.04 -5.30 -10.34
CA ALA AB 358 106.69 -6.13 -9.33
C ALA AB 358 107.63 -5.33 -8.45
N HIS AB 359 107.11 -4.26 -7.85
CA HIS AB 359 107.90 -3.40 -7.00
C HIS AB 359 107.73 -3.75 -5.54
N GLN AB 360 108.72 -3.37 -4.74
CA GLN AB 360 108.62 -3.49 -3.31
C GLN AB 360 107.62 -2.48 -2.75
N GLY AB 361 107.20 -2.71 -1.52
CA GLY AB 361 106.27 -1.79 -0.89
C GLY AB 361 104.87 -2.33 -0.71
N CYS AB 362 104.65 -3.60 -1.05
CA CYS AB 362 103.36 -4.21 -0.80
C CYS AB 362 103.15 -4.44 0.69
N LEU AB 363 101.93 -4.83 1.04
CA LEU AB 363 101.69 -5.28 2.40
C LEU AB 363 102.58 -6.48 2.71
N PRO AB 364 103.21 -6.52 3.87
CA PRO AB 364 104.08 -7.64 4.20
C PRO AB 364 103.30 -8.94 4.30
N PRO AB 365 103.95 -10.08 4.03
CA PRO AB 365 103.24 -11.36 4.15
C PRO AB 365 102.77 -11.66 5.57
N PHE AB 366 103.56 -11.30 6.57
CA PHE AB 366 103.20 -11.58 7.95
C PHE AB 366 102.35 -10.46 8.51
N PRO AB 367 101.17 -10.77 9.06
CA PRO AB 367 100.26 -9.71 9.53
C PRO AB 367 100.80 -8.87 10.67
N ALA AB 368 101.83 -9.34 11.38
CA ALA AB 368 102.39 -8.57 12.47
C ALA AB 368 103.38 -7.52 12.02
N ASP AB 369 103.74 -7.49 10.74
CA ASP AB 369 104.79 -6.59 10.28
C ASP AB 369 104.22 -5.22 9.94
N VAL AB 370 104.97 -4.19 10.29
CA VAL AB 370 104.62 -2.81 10.01
C VAL AB 370 105.43 -2.35 8.80
N PHE AB 371 104.76 -1.78 7.82
CA PHE AB 371 105.41 -1.47 6.56
C PHE AB 371 105.36 0.01 6.23
N MET AB 372 106.42 0.46 5.57
CA MET AB 372 106.53 1.83 5.09
C MET AB 372 105.88 1.93 3.72
N ILE AB 373 105.20 3.03 3.48
CA ILE AB 373 104.46 3.21 2.23
C ILE AB 373 105.44 3.72 1.16
N PRO AB 374 105.49 3.08 -0.01
CA PRO AB 374 106.44 3.50 -1.05
C PRO AB 374 106.05 4.80 -1.74
N GLN AB 375 107.06 5.51 -2.22
CA GLN AB 375 106.83 6.79 -2.87
C GLN AB 375 106.33 6.59 -4.30
N TYR AB 376 105.46 7.49 -4.74
CA TYR AB 376 104.95 7.44 -6.09
C TYR AB 376 105.84 8.24 -7.04
N GLY AB 377 106.13 7.65 -8.19
CA GLY AB 377 106.85 8.33 -9.24
C GLY AB 377 106.53 7.62 -10.53
N TYR AB 378 106.72 8.33 -11.63
CA TYR AB 378 106.42 7.75 -12.93
C TYR AB 378 107.47 8.19 -13.92
N LEU AB 379 107.49 7.50 -15.06
CA LEU AB 379 108.34 7.83 -16.18
C LEU AB 379 107.46 8.28 -17.34
N THR AB 380 108.00 9.14 -18.17
CA THR AB 380 107.32 9.61 -19.36
C THR AB 380 108.23 9.45 -20.56
N LEU AB 381 107.75 9.86 -21.72
CA LEU AB 381 108.54 9.73 -22.95
C LEU AB 381 109.87 10.45 -22.80
N ASN AB 382 110.94 9.78 -23.22
CA ASN AB 382 112.26 10.36 -23.12
C ASN AB 382 113.03 10.12 -24.41
N ASN AB 383 113.91 11.07 -24.73
CA ASN AB 383 114.84 10.99 -25.85
C ASN AB 383 116.23 11.06 -25.24
N GLY AB 384 116.73 9.91 -24.82
CA GLY AB 384 117.93 9.90 -23.99
C GLY AB 384 117.56 10.28 -22.58
N SER AB 385 118.29 11.23 -22.01
CA SER AB 385 117.95 11.77 -20.72
C SER AB 385 117.04 12.99 -20.82
N GLN AB 386 116.60 13.35 -22.02
CA GLN AB 386 115.77 14.51 -22.25
C GLN AB 386 114.32 14.10 -22.42
N ALA AB 387 113.45 15.10 -22.40
CA ALA AB 387 112.02 14.90 -22.63
C ALA AB 387 111.69 15.22 -24.07
N VAL AB 388 110.41 15.07 -24.42
CA VAL AB 388 109.90 15.47 -25.71
C VAL AB 388 108.65 16.32 -25.48
N GLY AB 389 108.03 16.76 -26.58
CA GLY AB 389 106.83 17.56 -26.46
C GLY AB 389 105.66 16.79 -25.90
N ARG AB 390 105.58 15.50 -26.21
CA ARG AB 390 104.48 14.65 -25.76
C ARG AB 390 104.75 14.02 -24.41
N SER AB 391 105.86 14.35 -23.77
CA SER AB 391 106.09 13.93 -22.40
C SER AB 391 105.06 14.59 -21.49
N SER AB 392 104.42 13.79 -20.65
CA SER AB 392 103.36 14.27 -19.79
C SER AB 392 103.87 14.57 -18.39
N PHE AB 393 103.20 15.50 -17.73
CA PHE AB 393 103.42 15.78 -16.33
C PHE AB 393 102.07 15.73 -15.63
N TYR AB 394 102.03 15.11 -14.46
CA TYR AB 394 100.79 14.95 -13.71
C TYR AB 394 100.99 15.53 -12.33
N CYS AB 395 100.21 16.55 -12.00
CA CYS AB 395 100.09 16.99 -10.63
C CYS AB 395 99.00 16.15 -9.97
N LEU AB 396 99.36 15.45 -8.90
CA LEU AB 396 98.38 14.63 -8.20
C LEU AB 396 97.50 15.44 -7.27
N GLU AB 397 97.86 16.68 -6.98
CA GLU AB 397 96.97 17.59 -6.28
C GLU AB 397 95.87 18.11 -7.18
N TYR AB 398 95.95 17.86 -8.48
CA TYR AB 398 94.92 18.19 -9.44
C TYR AB 398 93.80 17.16 -9.47
N PHE AB 399 93.68 16.35 -8.44
CA PHE AB 399 92.63 15.37 -8.26
C PHE AB 399 91.80 15.72 -7.03
N PRO AB 400 90.54 15.33 -6.99
CA PRO AB 400 89.78 15.40 -5.73
C PRO AB 400 90.29 14.36 -4.74
N SER AB 401 90.70 14.81 -3.57
CA SER AB 401 91.18 13.95 -2.51
C SER AB 401 90.27 14.06 -1.31
N GLN AB 402 90.18 12.98 -0.55
CA GLN AB 402 89.53 13.02 0.75
C GLN AB 402 90.59 13.33 1.79
N MET AB 403 90.33 14.36 2.60
CA MET AB 403 91.22 14.75 3.69
C MET AB 403 90.76 14.08 4.97
N LEU AB 404 91.67 13.37 5.62
CA LEU AB 404 91.36 12.56 6.79
C LEU AB 404 92.12 13.10 7.98
N ARG AB 405 91.38 13.50 9.02
CA ARG AB 405 91.97 13.77 10.32
C ARG AB 405 91.97 12.47 11.12
N THR AB 406 92.34 12.54 12.39
CA THR AB 406 92.57 11.32 13.15
C THR AB 406 91.28 10.55 13.42
N GLY AB 407 90.12 11.14 13.22
CA GLY AB 407 88.87 10.43 13.47
C GLY AB 407 88.18 9.94 12.22
N ASN AB 408 88.79 10.16 11.05
CA ASN AB 408 88.18 9.81 9.77
C ASN AB 408 88.75 8.51 9.24
N ASN AB 409 87.97 7.87 8.36
CA ASN AB 409 88.42 6.70 7.63
C ASN AB 409 88.07 6.85 6.16
N PHE AB 410 88.59 5.93 5.36
CA PHE AB 410 88.45 5.94 3.91
C PHE AB 410 88.06 4.55 3.45
N THR AB 411 87.02 4.45 2.63
CA THR AB 411 86.60 3.16 2.11
C THR AB 411 86.50 3.22 0.60
N PHE AB 412 86.64 2.06 -0.04
CA PHE AB 412 86.59 2.00 -1.49
C PHE AB 412 86.30 0.57 -1.92
N SER AB 413 85.32 0.39 -2.79
CA SER AB 413 84.97 -0.93 -3.30
C SER AB 413 85.31 -1.03 -4.78
N TYR AB 414 85.63 -2.24 -5.22
CA TYR AB 414 85.99 -2.47 -6.61
C TYR AB 414 85.53 -3.86 -7.02
N THR AB 415 85.04 -3.98 -8.24
CA THR AB 415 84.64 -5.25 -8.81
C THR AB 415 85.56 -5.60 -9.97
N PHE AB 416 86.10 -6.81 -9.94
CA PHE AB 416 86.94 -7.28 -11.03
C PHE AB 416 86.08 -7.61 -12.26
N GLU AB 417 86.65 -7.35 -13.43
CA GLU AB 417 86.04 -7.81 -14.67
C GLU AB 417 86.13 -9.33 -14.76
N GLU AB 418 85.32 -9.90 -15.66
CA GLU AB 418 85.31 -11.35 -15.85
C GLU AB 418 86.60 -11.75 -16.53
N VAL AB 419 87.56 -12.20 -15.74
CA VAL AB 419 88.86 -12.66 -16.20
C VAL AB 419 88.81 -14.18 -16.21
N PRO AB 420 89.56 -14.87 -17.06
CA PRO AB 420 89.60 -16.33 -16.99
C PRO AB 420 90.24 -16.82 -15.70
N PHE AB 421 89.79 -18.00 -15.25
CA PHE AB 421 90.41 -18.64 -14.11
C PHE AB 421 91.88 -18.91 -14.39
N HIS AB 422 92.71 -18.64 -13.40
CA HIS AB 422 94.06 -19.17 -13.44
C HIS AB 422 94.03 -20.66 -13.20
N SER AB 423 94.89 -21.38 -13.91
CA SER AB 423 94.94 -22.84 -13.94
C SER AB 423 95.83 -23.33 -12.81
N SER AB 424 95.22 -23.88 -11.76
CA SER AB 424 95.96 -24.50 -10.67
C SER AB 424 96.21 -25.97 -10.91
N TYR AB 425 96.32 -26.38 -12.17
CA TYR AB 425 96.49 -27.77 -12.52
C TYR AB 425 97.65 -27.93 -13.48
N ALA AB 426 98.23 -29.12 -13.48
CA ALA AB 426 99.07 -29.62 -14.55
C ALA AB 426 98.25 -30.56 -15.44
N HIS AB 427 98.83 -30.91 -16.57
CA HIS AB 427 98.20 -31.84 -17.50
C HIS AB 427 98.75 -33.23 -17.30
N SER AB 428 97.86 -34.22 -17.27
CA SER AB 428 98.25 -35.62 -17.13
C SER AB 428 98.70 -36.23 -18.44
N GLN AB 429 98.50 -35.54 -19.55
CA GLN AB 429 98.92 -36.01 -20.86
C GLN AB 429 99.81 -34.97 -21.50
N SER AB 430 100.67 -35.42 -22.40
CA SER AB 430 101.48 -34.54 -23.22
C SER AB 430 100.79 -34.33 -24.56
N LEU AB 431 101.11 -33.20 -25.19
CA LEU AB 431 100.42 -32.84 -26.42
C LEU AB 431 100.74 -33.78 -27.57
N ASP AB 432 101.94 -34.34 -27.59
CA ASP AB 432 102.33 -35.29 -28.61
C ASP AB 432 102.01 -36.72 -28.23
N ARG AB 433 101.18 -36.93 -27.22
CA ARG AB 433 100.82 -38.25 -26.73
C ARG AB 433 99.32 -38.32 -26.47
N LEU AB 434 98.53 -37.79 -27.38
CA LEU AB 434 97.09 -37.71 -27.21
C LEU AB 434 96.34 -38.82 -27.92
N MET AB 435 97.05 -39.80 -28.45
CA MET AB 435 96.48 -40.84 -29.28
C MET AB 435 96.13 -42.07 -28.45
N ASN AB 436 95.33 -42.94 -29.06
CA ASN AB 436 95.13 -44.29 -28.53
C ASN AB 436 96.38 -45.09 -28.80
N PRO AB 437 97.05 -45.63 -27.79
CA PRO AB 437 98.28 -46.40 -28.01
C PRO AB 437 98.06 -47.83 -28.49
N LEU AB 438 96.83 -48.23 -28.77
CA LEU AB 438 96.54 -49.58 -29.22
C LEU AB 438 96.08 -49.66 -30.66
N ILE AB 439 95.49 -48.60 -31.18
CA ILE AB 439 94.86 -48.60 -32.50
C ILE AB 439 95.75 -47.86 -33.47
N ASP AB 440 95.81 -48.34 -34.71
CA ASP AB 440 96.51 -47.64 -35.77
C ASP AB 440 95.67 -46.47 -36.27
N GLN AB 441 96.26 -45.69 -37.15
CA GLN AB 441 95.57 -44.60 -37.82
C GLN AB 441 95.09 -45.04 -39.20
N TYR AB 442 94.19 -44.27 -39.78
CA TYR AB 442 93.85 -44.46 -41.18
C TYR AB 442 94.58 -43.49 -42.09
N LEU AB 443 95.51 -42.70 -41.53
CA LEU AB 443 96.29 -41.74 -42.28
C LEU AB 443 97.68 -42.29 -42.54
N TYR AB 444 98.18 -42.08 -43.75
CA TYR AB 444 99.50 -42.54 -44.13
C TYR AB 444 100.47 -41.37 -44.18
N TYR AB 445 101.75 -41.69 -44.04
CA TYR AB 445 102.81 -40.71 -44.13
C TYR AB 445 103.95 -41.29 -44.94
N LEU AB 446 104.74 -40.43 -45.55
CA LEU AB 446 105.91 -40.87 -46.27
C LEU AB 446 106.97 -41.34 -45.28
N ASN AB 447 107.32 -42.62 -45.36
CA ASN AB 447 108.23 -43.24 -44.40
C ASN AB 447 109.64 -43.41 -44.94
N ARG AB 448 109.77 -43.83 -46.19
CA ARG AB 448 111.07 -44.03 -46.81
C ARG AB 448 111.08 -43.35 -48.18
N THR AB 449 112.18 -42.68 -48.51
CA THR AB 449 112.45 -42.27 -49.88
C THR AB 449 113.59 -43.07 -50.50
N GLN AB 450 114.02 -44.15 -49.85
CA GLN AB 450 114.99 -45.07 -50.40
C GLN AB 450 114.50 -46.48 -50.18
N ASN AB 451 115.08 -47.43 -50.92
CA ASN AB 451 114.68 -48.82 -50.79
C ASN AB 451 115.08 -49.37 -49.43
N GLN AB 452 114.16 -50.13 -48.83
CA GLN AB 452 114.38 -50.66 -47.50
C GLN AB 452 115.37 -51.82 -47.48
N SER AB 453 115.48 -52.57 -48.58
CA SER AB 453 116.31 -53.77 -48.59
C SER AB 453 117.78 -53.45 -48.33
N GLY AB 454 118.30 -52.42 -49.00
CA GLY AB 454 119.67 -52.00 -48.78
C GLY AB 454 120.70 -52.65 -49.67
N SER AB 455 120.36 -53.74 -50.36
CA SER AB 455 121.30 -54.35 -51.30
C SER AB 455 121.63 -53.38 -52.42
N ALA AB 456 120.63 -52.67 -52.93
CA ALA AB 456 120.82 -51.51 -53.77
C ALA AB 456 120.44 -50.25 -52.99
N GLN AB 457 120.84 -49.10 -53.51
CA GLN AB 457 120.59 -47.82 -52.88
C GLN AB 457 119.65 -46.95 -53.71
N ASN AB 458 118.58 -47.55 -54.22
CA ASN AB 458 117.67 -46.85 -55.11
C ASN AB 458 116.66 -46.03 -54.32
N LYS AB 459 116.17 -44.97 -54.94
CA LYS AB 459 115.13 -44.16 -54.33
C LYS AB 459 113.78 -44.86 -54.45
N ASP AB 460 112.81 -44.35 -53.70
CA ASP AB 460 111.46 -44.90 -53.72
C ASP AB 460 110.52 -43.90 -53.06
N LEU AB 461 109.25 -44.30 -52.97
CA LEU AB 461 108.23 -43.54 -52.24
C LEU AB 461 107.40 -44.56 -51.47
N LEU AB 462 107.81 -44.84 -50.24
CA LEU AB 462 107.17 -45.86 -49.41
C LEU AB 462 106.40 -45.18 -48.30
N PHE AB 463 105.14 -45.55 -48.14
CA PHE AB 463 104.24 -44.93 -47.19
C PHE AB 463 103.86 -45.92 -46.10
N SER AB 464 103.84 -45.45 -44.86
CA SER AB 464 103.45 -46.26 -43.74
C SER AB 464 102.20 -45.69 -43.08
N ARG AB 465 101.51 -46.55 -42.35
CA ARG AB 465 100.34 -46.17 -41.59
C ARG AB 465 100.74 -45.71 -40.19
N GLY AB 466 100.05 -44.68 -39.71
CA GLY AB 466 100.28 -44.21 -38.36
C GLY AB 466 100.00 -45.29 -37.33
N SER AB 467 101.03 -45.71 -36.61
CA SER AB 467 100.96 -46.83 -35.70
C SER AB 467 101.51 -46.46 -34.33
N PRO AB 468 101.12 -47.17 -33.28
CA PRO AB 468 101.69 -46.90 -31.95
C PRO AB 468 103.18 -47.18 -31.85
N ALA AB 469 103.76 -47.94 -32.79
CA ALA AB 469 105.19 -48.15 -32.78
C ALA AB 469 105.94 -46.83 -32.99
N GLY AB 470 105.57 -46.09 -34.03
CA GLY AB 470 106.13 -44.77 -34.22
C GLY AB 470 105.11 -43.69 -33.92
N MET AB 471 105.21 -43.09 -32.74
CA MET AB 471 104.30 -42.04 -32.33
C MET AB 471 104.78 -40.66 -32.72
N SER AB 472 106.07 -40.52 -33.01
CA SER AB 472 106.63 -39.23 -33.39
C SER AB 472 106.25 -38.83 -34.80
N VAL AB 473 105.91 -39.78 -35.67
CA VAL AB 473 105.61 -39.51 -37.06
C VAL AB 473 104.13 -39.56 -37.36
N GLN AB 474 103.29 -39.81 -36.36
CA GLN AB 474 101.86 -39.83 -36.57
C GLN AB 474 101.36 -38.42 -36.86
N PRO AB 475 100.45 -38.26 -37.84
CA PRO AB 475 99.75 -36.98 -37.98
C PRO AB 475 99.04 -36.60 -36.70
N LYS AB 476 99.08 -35.31 -36.38
CA LYS AB 476 98.48 -34.80 -35.15
C LYS AB 476 97.68 -33.55 -35.47
N ASN AB 477 96.89 -33.11 -34.49
CA ASN AB 477 95.94 -32.03 -34.70
C ASN AB 477 96.41 -30.68 -34.17
N TRP AB 478 97.37 -30.65 -33.26
CA TRP AB 478 97.74 -29.42 -32.57
C TRP AB 478 99.24 -29.26 -32.54
N LEU AB 479 99.67 -28.06 -32.19
CA LEU AB 479 101.08 -27.68 -32.11
C LEU AB 479 101.40 -27.10 -30.74
N PRO AB 480 102.64 -27.24 -30.28
CA PRO AB 480 103.04 -26.59 -29.02
C PRO AB 480 103.06 -25.08 -29.18
N GLY AB 481 102.93 -24.40 -28.04
CA GLY AB 481 102.85 -22.97 -28.02
C GLY AB 481 104.07 -22.27 -28.59
N PRO AB 482 104.01 -20.95 -28.68
CA PRO AB 482 105.12 -20.19 -29.26
C PRO AB 482 106.33 -20.19 -28.35
N CYS AB 483 107.49 -19.92 -28.94
CA CYS AB 483 108.73 -19.94 -28.18
C CYS AB 483 109.59 -18.74 -28.57
N TYR AB 484 110.48 -18.35 -27.67
CA TYR AB 484 111.51 -17.35 -27.91
C TYR AB 484 112.74 -17.76 -27.11
N ARG AB 485 113.66 -18.45 -27.77
CA ARG AB 485 114.69 -19.22 -27.08
C ARG AB 485 115.54 -18.35 -26.16
N GLN AB 486 115.85 -18.89 -24.98
CA GLN AB 486 116.70 -18.27 -23.99
C GLN AB 486 118.02 -19.04 -23.90
N GLN AB 487 118.99 -18.42 -23.24
CA GLN AB 487 120.28 -19.06 -23.03
C GLN AB 487 120.22 -19.95 -21.80
N ARG AB 488 120.91 -21.09 -21.87
CA ARG AB 488 120.83 -22.11 -20.83
C ARG AB 488 121.97 -21.90 -19.85
N VAL AB 489 121.61 -21.66 -18.58
CA VAL AB 489 122.58 -21.48 -17.52
C VAL AB 489 122.43 -22.63 -16.53
N SER AB 490 123.56 -23.19 -16.11
CA SER AB 490 123.57 -24.27 -15.14
C SER AB 490 123.65 -23.71 -13.73
N LYS AB 491 122.84 -24.27 -12.83
CA LYS AB 491 122.92 -23.91 -11.42
C LYS AB 491 124.25 -24.33 -10.81
N THR AB 492 124.95 -25.27 -11.43
CA THR AB 492 126.31 -25.62 -11.05
C THR AB 492 127.26 -24.76 -11.87
N LYS AB 493 127.94 -23.81 -11.21
CA LYS AB 493 128.64 -22.76 -11.92
C LYS AB 493 129.83 -23.27 -12.75
N THR AB 494 130.36 -24.44 -12.45
CA THR AB 494 131.52 -24.93 -13.18
C THR AB 494 131.19 -25.32 -14.62
N ASP AB 495 129.93 -25.62 -14.93
CA ASP AB 495 129.55 -26.00 -16.27
C ASP AB 495 129.17 -24.82 -17.15
N ASN AB 496 129.25 -23.61 -16.63
CA ASN AB 496 128.94 -22.42 -17.42
C ASN AB 496 130.21 -21.88 -18.07
N ASN AB 497 130.01 -21.21 -19.20
CA ASN AB 497 131.13 -20.62 -19.93
C ASN AB 497 131.82 -19.56 -19.08
N ASN AB 498 133.13 -19.44 -19.24
CA ASN AB 498 133.92 -18.47 -18.49
C ASN AB 498 133.87 -17.10 -19.18
N SER AB 499 132.73 -16.45 -19.02
CA SER AB 499 132.51 -15.10 -19.50
C SER AB 499 131.28 -14.56 -18.79
N ASN AB 500 131.00 -13.27 -19.00
CA ASN AB 500 129.82 -12.69 -18.37
C ASN AB 500 128.55 -13.08 -19.11
N PHE AB 501 128.41 -12.63 -20.35
CA PHE AB 501 127.36 -13.06 -21.29
C PHE AB 501 125.95 -12.97 -20.71
N THR AB 502 125.77 -12.28 -19.58
CA THR AB 502 124.43 -12.00 -19.09
C THR AB 502 123.76 -10.88 -19.87
N TRP AB 503 124.51 -10.07 -20.57
CA TRP AB 503 123.94 -9.07 -21.45
C TRP AB 503 124.25 -9.33 -22.91
N THR AB 504 125.47 -9.77 -23.23
CA THR AB 504 125.81 -10.00 -24.63
C THR AB 504 125.16 -11.26 -25.18
N GLY AB 505 124.90 -12.26 -24.34
CA GLY AB 505 124.36 -13.51 -24.83
C GLY AB 505 122.91 -13.73 -24.46
N ALA AB 506 122.18 -12.67 -24.20
CA ALA AB 506 120.83 -12.76 -23.69
C ALA AB 506 119.79 -12.36 -24.72
N SER AB 507 118.61 -12.96 -24.60
CA SER AB 507 117.49 -12.62 -25.46
C SER AB 507 116.94 -11.27 -25.04
N LYS AB 508 116.94 -10.31 -25.97
CA LYS AB 508 116.47 -8.97 -25.65
C LYS AB 508 115.74 -8.42 -26.86
N TYR AB 509 114.94 -7.39 -26.62
CA TYR AB 509 114.18 -6.77 -27.70
C TYR AB 509 114.61 -5.32 -27.89
N ASN AB 510 114.42 -4.85 -29.11
CA ASN AB 510 114.80 -3.51 -29.51
C ASN AB 510 113.56 -2.63 -29.55
N LEU AB 511 113.60 -1.49 -28.87
CA LEU AB 511 112.47 -0.55 -28.85
C LEU AB 511 113.00 0.86 -28.84
N ASN AB 512 112.77 1.59 -29.93
CA ASN AB 512 113.22 2.98 -30.07
C ASN AB 512 114.73 3.11 -29.90
N GLY AB 513 115.46 2.09 -30.35
CA GLY AB 513 116.90 2.14 -30.35
C GLY AB 513 117.58 1.65 -29.10
N ARG AB 514 116.84 1.31 -28.05
CA ARG AB 514 117.45 0.80 -26.84
C ARG AB 514 116.91 -0.59 -26.52
N GLU AB 515 117.81 -1.46 -26.08
CA GLU AB 515 117.54 -2.87 -25.88
C GLU AB 515 117.05 -3.12 -24.46
N SER AB 516 116.17 -4.11 -24.34
CA SER AB 516 115.60 -4.49 -23.05
C SER AB 516 115.59 -6.00 -22.96
N ILE AB 517 116.07 -6.55 -21.85
CA ILE AB 517 116.03 -7.99 -21.65
C ILE AB 517 114.57 -8.43 -21.59
N ILE AB 518 114.29 -9.60 -22.17
CA ILE AB 518 112.91 -10.08 -22.23
C ILE AB 518 112.39 -10.32 -20.81
N ASN AB 519 112.96 -11.30 -20.10
CA ASN AB 519 112.78 -11.44 -18.65
C ASN AB 519 111.35 -11.31 -18.16
N PRO AB 520 110.52 -12.36 -18.21
CA PRO AB 520 110.83 -13.73 -18.60
C PRO AB 520 110.25 -14.12 -19.95
N GLY AB 521 109.38 -13.28 -20.49
CA GLY AB 521 108.89 -13.51 -21.83
C GLY AB 521 107.92 -14.67 -21.91
N THR AB 522 108.02 -15.42 -23.00
CA THR AB 522 107.07 -16.49 -23.29
C THR AB 522 107.08 -17.54 -22.19
N ALA AB 523 105.90 -18.08 -21.90
CA ALA AB 523 105.76 -19.11 -20.87
C ALA AB 523 106.25 -20.42 -21.45
N MET AB 524 107.45 -20.84 -21.06
CA MET AB 524 108.05 -22.06 -21.55
C MET AB 524 108.60 -22.87 -20.39
N ALA AB 525 108.79 -24.15 -20.64
CA ALA AB 525 109.36 -25.03 -19.63
C ALA AB 525 110.80 -24.62 -19.30
N SER AB 526 111.14 -24.63 -18.02
CA SER AB 526 112.47 -24.23 -17.60
C SER AB 526 113.54 -25.18 -18.13
N HIS AB 527 113.27 -26.48 -18.13
CA HIS AB 527 114.24 -27.47 -18.55
C HIS AB 527 113.50 -28.69 -19.05
N LYS AB 528 114.25 -29.69 -19.47
CA LYS AB 528 113.70 -30.97 -19.88
C LYS AB 528 113.62 -31.91 -18.68
N ASP AB 529 113.32 -33.18 -18.95
CA ASP AB 529 113.40 -34.20 -17.92
C ASP AB 529 114.85 -34.48 -17.56
N ASP AB 530 115.10 -34.70 -16.27
CA ASP AB 530 116.43 -35.05 -15.77
C ASP AB 530 117.44 -33.95 -16.06
N GLU AB 531 117.00 -32.70 -16.07
CA GLU AB 531 117.85 -31.57 -16.39
C GLU AB 531 117.56 -30.40 -15.47
N ASP AB 532 117.24 -30.69 -14.21
CA ASP AB 532 116.88 -29.65 -13.25
C ASP AB 532 118.02 -28.70 -12.95
N LYS AB 533 119.25 -29.05 -13.30
CA LYS AB 533 120.42 -28.22 -13.07
C LYS AB 533 120.49 -27.01 -13.98
N PHE AB 534 119.64 -26.94 -15.01
CA PHE AB 534 119.67 -25.86 -15.99
C PHE AB 534 118.41 -25.00 -15.85
N PHE AB 535 118.59 -23.70 -16.05
CA PHE AB 535 117.48 -22.78 -16.13
C PHE AB 535 117.75 -21.76 -17.23
N PRO AB 536 116.71 -21.22 -17.86
CA PRO AB 536 116.92 -20.16 -18.84
C PRO AB 536 117.47 -18.91 -18.15
N MET AB 537 118.34 -18.19 -18.87
CA MET AB 537 119.10 -17.12 -18.23
C MET AB 537 118.18 -16.03 -17.70
N SER AB 538 117.14 -15.67 -18.44
CA SER AB 538 116.18 -14.68 -17.99
C SER AB 538 114.76 -15.16 -18.29
N GLY AB 539 114.51 -16.44 -18.01
CA GLY AB 539 113.21 -17.01 -18.32
C GLY AB 539 112.44 -17.46 -17.10
N VAL AB 540 113.00 -17.22 -15.92
CA VAL AB 540 112.41 -17.70 -14.69
C VAL AB 540 112.23 -16.55 -13.73
N MET AB 541 111.20 -16.64 -12.89
CA MET AB 541 111.01 -15.69 -11.81
C MET AB 541 111.91 -16.06 -10.64
N ILE AB 542 112.74 -15.12 -10.21
CA ILE AB 542 113.70 -15.36 -9.14
C ILE AB 542 113.31 -14.49 -7.97
N PHE AB 543 112.99 -15.12 -6.84
CA PHE AB 543 112.69 -14.42 -5.61
C PHE AB 543 113.90 -14.47 -4.69
N GLY AB 544 114.18 -13.37 -4.02
CA GLY AB 544 115.27 -13.31 -3.07
C GLY AB 544 114.80 -13.75 -1.69
N LYS AB 545 115.66 -14.51 -1.02
CA LYS AB 545 115.40 -14.82 0.37
C LYS AB 545 115.74 -13.62 1.23
N GLU AB 546 115.28 -13.65 2.48
CA GLU AB 546 115.73 -12.64 3.43
C GLU AB 546 117.22 -12.79 3.64
N SER AB 547 117.90 -11.67 3.87
CA SER AB 547 119.35 -11.60 3.87
C SER AB 547 119.92 -11.87 2.48
N ALA AB 548 119.28 -11.33 1.46
CA ALA AB 548 119.82 -11.30 0.11
C ALA AB 548 120.14 -9.85 -0.24
N GLY AB 549 121.34 -9.63 -0.75
CA GLY AB 549 121.76 -8.29 -1.10
C GLY AB 549 121.01 -7.76 -2.30
N ALA AB 550 121.14 -6.45 -2.52
CA ALA AB 550 120.48 -5.83 -3.65
C ALA AB 550 121.20 -6.14 -4.97
N SER AB 551 122.52 -6.26 -4.93
CA SER AB 551 123.30 -6.46 -6.14
C SER AB 551 124.31 -7.59 -5.95
N ASN AB 552 124.41 -8.45 -6.96
CA ASN AB 552 125.40 -9.52 -7.00
C ASN AB 552 125.33 -10.43 -5.78
N THR AB 553 124.10 -10.75 -5.37
CA THR AB 553 123.92 -11.72 -4.31
C THR AB 553 124.14 -13.13 -4.86
N ALA AB 554 124.01 -14.12 -3.98
CA ALA AB 554 124.40 -15.48 -4.34
C ALA AB 554 123.19 -16.35 -4.69
N LEU AB 555 123.49 -17.40 -5.46
CA LEU AB 555 122.50 -18.42 -5.77
C LEU AB 555 121.91 -19.02 -4.51
N ASP AB 556 122.68 -19.04 -3.43
CA ASP AB 556 122.17 -19.51 -2.15
C ASP AB 556 121.17 -18.52 -1.57
N ASN AB 557 121.29 -17.25 -1.93
CA ASN AB 557 120.40 -16.23 -1.40
C ASN AB 557 119.18 -15.99 -2.26
N VAL AB 558 119.14 -16.54 -3.47
CA VAL AB 558 117.95 -16.40 -4.31
C VAL AB 558 117.24 -17.73 -4.43
N MET AB 559 115.94 -17.65 -4.74
CA MET AB 559 115.10 -18.83 -5.02
C MET AB 559 114.65 -18.77 -6.47
N ILE AB 560 115.11 -19.72 -7.27
CA ILE AB 560 114.75 -19.78 -8.68
C ILE AB 560 113.51 -20.66 -8.85
N THR AB 561 112.50 -20.16 -9.54
CA THR AB 561 111.30 -20.93 -9.77
C THR AB 561 111.52 -21.93 -10.89
N ASP AB 562 110.57 -22.86 -11.02
CA ASP AB 562 110.61 -23.87 -12.05
C ASP AB 562 109.26 -23.93 -12.74
N GLU AB 563 109.26 -24.10 -14.04
CA GLU AB 563 108.05 -24.24 -14.85
C GLU AB 563 107.95 -25.64 -15.44
N GLU AB 564 108.23 -26.65 -14.61
CA GLU AB 564 108.36 -28.01 -15.11
C GLU AB 564 107.00 -28.62 -15.45
N GLU AB 565 105.91 -28.03 -14.95
CA GLU AB 565 104.59 -28.63 -15.13
C GLU AB 565 104.00 -28.37 -16.50
N ILE AB 566 104.54 -27.42 -17.26
CA ILE AB 566 103.96 -27.05 -18.54
C ILE AB 566 104.78 -27.61 -19.69
N LYS AB 567 105.59 -28.64 -19.43
CA LYS AB 567 106.26 -29.37 -20.51
C LYS AB 567 105.28 -30.09 -21.41
N ALA AB 568 104.05 -30.33 -20.94
CA ALA AB 568 103.08 -31.08 -21.72
C ALA AB 568 102.62 -30.32 -22.95
N THR AB 569 102.64 -29.00 -22.91
CA THR AB 569 102.14 -28.18 -24.01
C THR AB 569 103.09 -27.09 -24.47
N ASN AB 570 104.08 -26.72 -23.68
CA ASN AB 570 104.95 -25.60 -24.01
C ASN AB 570 106.35 -26.08 -24.35
N PRO AB 571 107.02 -25.42 -25.29
CA PRO AB 571 108.41 -25.78 -25.59
C PRO AB 571 109.32 -25.45 -24.42
N VAL AB 572 110.43 -26.18 -24.35
CA VAL AB 572 111.43 -25.88 -23.33
C VAL AB 572 112.14 -24.57 -23.67
N ALA AB 573 112.32 -23.73 -22.65
CA ALA AB 573 112.76 -22.36 -22.87
C ALA AB 573 114.14 -22.27 -23.50
N THR AB 574 115.01 -23.24 -23.27
CA THR AB 574 116.39 -23.16 -23.71
C THR AB 574 116.65 -23.91 -25.01
N GLU AB 575 115.64 -24.48 -25.63
CA GLU AB 575 115.81 -25.23 -26.86
C GLU AB 575 114.91 -24.70 -27.97
N ARG AB 576 115.24 -25.09 -29.18
CA ARG AB 576 114.54 -24.59 -30.36
C ARG AB 576 113.10 -25.07 -30.36
N PHE AB 577 112.24 -24.32 -31.05
CA PHE AB 577 110.89 -24.79 -31.30
C PHE AB 577 110.90 -26.05 -32.13
N GLY AB 578 111.77 -26.09 -33.14
CA GLY AB 578 111.85 -27.23 -34.02
C GLY AB 578 112.73 -26.90 -35.21
N THR AB 579 112.61 -27.74 -36.23
CA THR AB 579 113.33 -27.53 -37.48
C THR AB 579 112.36 -27.24 -38.61
N VAL AB 580 112.88 -26.61 -39.64
CA VAL AB 580 112.09 -26.21 -40.80
C VAL AB 580 112.92 -26.47 -42.04
N ALA AB 581 112.25 -26.87 -43.13
CA ALA AB 581 112.94 -27.02 -44.40
C ALA AB 581 113.36 -25.65 -44.93
N VAL AB 582 114.55 -25.58 -45.52
CA VAL AB 582 115.10 -24.31 -45.98
C VAL AB 582 115.52 -24.32 -47.43
N ASN AB 583 115.29 -25.41 -48.16
CA ASN AB 583 115.68 -25.47 -49.56
C ASN AB 583 114.76 -26.46 -50.28
N PHE AB 584 115.06 -26.71 -51.55
CA PHE AB 584 114.39 -27.75 -52.35
C PHE AB 584 115.36 -28.89 -52.56
N GLN AB 585 114.98 -30.08 -52.11
CA GLN AB 585 115.78 -31.27 -52.40
C GLN AB 585 115.54 -31.71 -53.83
N SER AB 586 116.59 -32.21 -54.47
CA SER AB 586 116.49 -32.66 -55.85
C SER AB 586 117.61 -33.66 -56.10
N SER AB 587 117.45 -34.41 -57.19
CA SER AB 587 118.47 -35.36 -57.64
C SER AB 587 119.29 -34.73 -58.75
N SER AB 588 120.45 -35.34 -59.00
CA SER AB 588 121.32 -34.89 -60.08
C SER AB 588 120.70 -35.20 -61.43
N THR AB 589 120.97 -34.33 -62.41
CA THR AB 589 120.45 -34.51 -63.75
C THR AB 589 121.51 -34.17 -64.80
N VAL AB 592 120.73 -30.78 -65.07
CA VAL AB 592 121.24 -30.02 -63.94
C VAL AB 592 122.02 -30.93 -63.01
N PRO AB 593 123.29 -31.16 -63.33
CA PRO AB 593 124.08 -32.12 -62.54
C PRO AB 593 124.59 -31.53 -61.23
N PHE AB 594 123.73 -30.83 -60.52
CA PHE AB 594 124.04 -30.27 -59.20
C PHE AB 594 123.00 -30.80 -58.23
N LYS AB 595 123.28 -31.96 -57.65
CA LYS AB 595 122.37 -32.57 -56.67
C LYS AB 595 122.23 -31.68 -55.44
N THR AB 596 121.01 -31.53 -54.96
CA THR AB 596 120.72 -30.70 -53.79
C THR AB 596 120.21 -31.59 -52.67
N ASP AB 597 121.00 -31.73 -51.61
CA ASP AB 597 120.53 -32.44 -50.43
C ASP AB 597 119.49 -31.61 -49.70
N PRO AB 598 118.50 -32.24 -49.08
CA PRO AB 598 117.55 -31.49 -48.25
C PRO AB 598 118.26 -30.87 -47.06
N ALA AB 599 117.81 -29.69 -46.68
CA ALA AB 599 118.43 -28.93 -45.61
C ALA AB 599 117.38 -28.38 -44.67
N THR AB 600 117.65 -28.49 -43.37
CA THR AB 600 116.78 -27.97 -42.34
C THR AB 600 117.52 -26.94 -41.50
N GLY AB 601 116.76 -26.03 -40.91
CA GLY AB 601 117.31 -25.06 -40.00
C GLY AB 601 116.51 -25.03 -38.73
N ASP AB 602 117.20 -24.71 -37.64
CA ASP AB 602 116.56 -24.64 -36.33
C ASP AB 602 115.71 -23.37 -36.23
N VAL AB 603 114.54 -23.52 -35.63
CA VAL AB 603 113.61 -22.41 -35.43
C VAL AB 603 113.72 -22.01 -33.97
N HIS AB 604 114.30 -20.84 -33.71
CA HIS AB 604 114.60 -20.40 -32.36
C HIS AB 604 113.51 -19.50 -31.79
N ALA AB 605 112.89 -18.68 -32.62
CA ALA AB 605 111.75 -17.85 -32.21
C ALA AB 605 110.59 -18.16 -33.14
N MET AB 606 109.49 -18.60 -32.57
CA MET AB 606 108.31 -18.99 -33.32
C MET AB 606 107.12 -18.20 -32.81
N GLY AB 607 106.48 -17.44 -33.69
CA GLY AB 607 105.26 -16.75 -33.35
C GLY AB 607 104.07 -17.67 -33.41
N ALA AB 608 102.90 -17.11 -33.11
CA ALA AB 608 101.69 -17.91 -33.02
C ALA AB 608 101.29 -18.45 -34.39
N LEU AB 609 101.13 -19.76 -34.47
CA LEU AB 609 100.58 -20.47 -35.61
C LEU AB 609 99.20 -21.00 -35.25
N PRO AB 610 98.27 -21.06 -36.20
CA PRO AB 610 96.97 -21.68 -35.90
C PRO AB 610 97.15 -23.15 -35.54
N GLY AB 611 96.38 -23.59 -34.56
CA GLY AB 611 96.54 -24.91 -33.99
C GLY AB 611 97.45 -24.96 -32.79
N MET AB 612 98.10 -23.86 -32.44
CA MET AB 612 98.97 -23.82 -31.27
C MET AB 612 98.16 -23.79 -29.99
N VAL AB 613 98.64 -24.52 -28.98
CA VAL AB 613 98.05 -24.50 -27.65
C VAL AB 613 99.18 -24.36 -26.63
N TRP AB 614 98.91 -23.64 -25.56
CA TRP AB 614 99.94 -23.39 -24.56
C TRP AB 614 99.30 -23.12 -23.21
N GLN AB 615 100.13 -23.20 -22.18
CA GLN AB 615 99.76 -22.77 -20.84
C GLN AB 615 100.48 -21.48 -20.50
N ASP AB 616 99.85 -20.69 -19.62
CA ASP AB 616 100.46 -19.45 -19.17
C ASP AB 616 101.42 -19.74 -18.02
N ARG AB 617 102.14 -18.70 -17.60
CA ARG AB 617 103.05 -18.85 -16.48
C ARG AB 617 102.27 -19.08 -15.19
N ASP AB 618 102.90 -19.80 -14.26
CA ASP AB 618 102.30 -20.06 -12.97
C ASP AB 618 102.35 -18.81 -12.09
N VAL AB 619 101.43 -18.75 -11.14
CA VAL AB 619 101.45 -17.72 -10.11
C VAL AB 619 102.02 -18.33 -8.84
N TYR AB 620 102.62 -17.50 -8.01
CA TYR AB 620 103.27 -17.95 -6.79
C TYR AB 620 102.74 -17.15 -5.61
N LEU AB 621 102.88 -17.71 -4.41
CA LEU AB 621 102.45 -17.01 -3.22
C LEU AB 621 103.18 -15.69 -3.05
N GLN AB 622 104.44 -15.62 -3.48
CA GLN AB 622 105.23 -14.40 -3.40
C GLN AB 622 105.12 -13.54 -4.65
N GLY AB 623 104.34 -13.94 -5.64
CA GLY AB 623 104.33 -13.28 -6.92
C GLY AB 623 103.17 -12.32 -7.10
N PRO AB 624 103.16 -11.60 -8.22
CA PRO AB 624 102.10 -10.63 -8.48
C PRO AB 624 100.77 -11.31 -8.80
N ILE AB 625 99.69 -10.58 -8.53
CA ILE AB 625 98.34 -11.05 -8.80
C ILE AB 625 97.86 -10.61 -10.17
N TRP AB 626 97.94 -9.31 -10.47
CA TRP AB 626 97.36 -8.76 -11.67
C TRP AB 626 98.34 -7.81 -12.33
N ALA AB 627 97.96 -7.36 -13.52
CA ALA AB 627 98.66 -6.31 -14.24
C ALA AB 627 97.67 -5.59 -15.12
N LYS AB 628 97.85 -4.28 -15.27
CA LYS AB 628 97.04 -3.51 -16.20
C LYS AB 628 97.46 -3.82 -17.63
N ILE AB 629 96.50 -4.18 -18.46
CA ILE AB 629 96.77 -4.36 -19.89
C ILE AB 629 96.93 -3.00 -20.54
N PRO AB 630 98.03 -2.76 -21.27
CA PRO AB 630 98.22 -1.44 -21.88
C PRO AB 630 97.09 -1.09 -22.82
N HIS AB 631 96.70 0.18 -22.80
CA HIS AB 631 95.62 0.67 -23.66
C HIS AB 631 96.20 0.91 -25.06
N THR AB 632 96.20 -0.14 -25.85
CA THR AB 632 96.73 -0.13 -27.20
C THR AB 632 95.66 -0.59 -28.18
N ASP AB 633 95.93 -0.39 -29.47
CA ASP AB 633 95.02 -0.85 -30.50
C ASP AB 633 94.93 -2.36 -30.53
N GLY AB 634 96.06 -3.05 -30.41
CA GLY AB 634 96.06 -4.49 -30.47
C GLY AB 634 96.91 -5.08 -29.36
N HIS AB 635 96.52 -6.28 -28.96
CA HIS AB 635 97.30 -7.09 -28.04
C HIS AB 635 96.91 -8.54 -28.25
N PHE AB 636 97.90 -9.43 -28.15
CA PHE AB 636 97.68 -10.84 -28.37
C PHE AB 636 97.79 -11.57 -27.05
N HIS AB 637 96.68 -12.21 -26.62
CA HIS AB 637 96.61 -12.98 -25.40
C HIS AB 637 97.12 -12.17 -24.22
N PRO AB 638 96.39 -11.16 -23.78
CA PRO AB 638 96.93 -10.17 -22.82
C PRO AB 638 97.03 -10.72 -21.40
N SER AB 639 97.78 -11.79 -21.25
CA SER AB 639 98.12 -12.36 -19.96
C SER AB 639 99.51 -11.90 -19.58
N PRO AB 640 99.71 -11.31 -18.39
CA PRO AB 640 101.01 -10.75 -18.05
C PRO AB 640 102.09 -11.80 -18.07
N LEU AB 641 103.29 -11.40 -18.51
CA LEU AB 641 104.36 -12.37 -18.70
C LEU AB 641 104.99 -12.77 -17.37
N MET AB 642 104.85 -11.95 -16.33
CA MET AB 642 105.26 -12.39 -15.00
C MET AB 642 104.27 -13.35 -14.37
N GLY AB 643 103.09 -13.50 -14.93
CA GLY AB 643 102.07 -14.35 -14.37
C GLY AB 643 100.99 -13.54 -13.69
N GLY AB 644 99.78 -14.07 -13.71
CA GLY AB 644 98.67 -13.39 -13.08
C GLY AB 644 97.55 -13.08 -14.04
N PHE AB 645 96.69 -12.15 -13.64
CA PHE AB 645 95.51 -11.76 -14.40
C PHE AB 645 95.77 -10.42 -15.07
N GLY AB 646 95.60 -10.37 -16.38
CA GLY AB 646 95.65 -9.11 -17.08
C GLY AB 646 94.29 -8.47 -17.07
N LEU AB 647 94.19 -7.26 -16.54
CA LEU AB 647 92.92 -6.56 -16.42
C LEU AB 647 92.98 -5.27 -17.20
N LYS AB 648 91.94 -5.00 -17.99
CA LYS AB 648 91.84 -3.72 -18.66
C LYS AB 648 91.61 -2.59 -17.67
N ASN AB 649 90.72 -2.82 -16.71
CA ASN AB 649 90.51 -1.91 -15.59
C ASN AB 649 90.95 -2.61 -14.32
N PRO AB 650 92.22 -2.55 -13.96
CA PRO AB 650 92.70 -3.23 -12.76
C PRO AB 650 92.24 -2.50 -11.52
N PRO AB 651 92.52 -3.04 -10.33
CA PRO AB 651 92.28 -2.27 -9.11
C PRO AB 651 93.03 -0.96 -9.15
N PRO AB 652 92.35 0.16 -8.93
CA PRO AB 652 93.01 1.46 -9.08
C PRO AB 652 94.03 1.72 -7.98
N GLN AB 653 94.93 2.65 -8.29
CA GLN AB 653 95.95 3.05 -7.33
C GLN AB 653 95.34 3.93 -6.25
N ILE AB 654 95.63 3.61 -5.01
CA ILE AB 654 95.26 4.44 -3.87
C ILE AB 654 96.49 5.24 -3.48
N LEU AB 655 96.37 6.57 -3.58
CA LEU AB 655 97.49 7.46 -3.33
C LEU AB 655 97.22 8.28 -2.10
N ILE AB 656 98.24 8.40 -1.26
CA ILE AB 656 98.10 8.98 0.07
C ILE AB 656 99.31 9.88 0.33
N LYS AB 657 99.07 11.01 0.97
CA LYS AB 657 100.19 11.82 1.39
C LYS AB 657 99.78 12.64 2.61
N ASN AB 658 100.78 13.11 3.34
CA ASN AB 658 100.53 14.00 4.47
C ASN AB 658 100.32 15.41 3.94
N THR AB 659 99.27 16.07 4.40
CA THR AB 659 99.07 17.46 4.02
C THR AB 659 100.17 18.31 4.63
N PRO AB 660 100.87 19.13 3.85
CA PRO AB 660 101.94 19.94 4.42
C PRO AB 660 101.42 20.93 5.46
N VAL AB 661 102.15 21.06 6.56
CA VAL AB 661 101.87 22.03 7.60
C VAL AB 661 103.01 23.02 7.63
N PRO AB 662 102.81 24.26 7.19
CA PRO AB 662 103.91 25.23 7.18
C PRO AB 662 104.38 25.59 8.57
N ALA AB 663 105.66 25.93 8.66
CA ALA AB 663 106.21 26.44 9.91
C ALA AB 663 105.86 27.91 10.04
N ASN AB 664 106.49 28.59 10.99
CA ASN AB 664 106.15 29.97 11.30
C ASN AB 664 106.46 30.88 10.11
N PRO AB 665 105.47 31.59 9.56
CA PRO AB 665 105.73 32.48 8.44
C PRO AB 665 106.39 33.77 8.90
N PRO AB 666 107.00 34.51 7.99
CA PRO AB 666 107.60 35.80 8.39
C PRO AB 666 106.55 36.82 8.75
N ALA AB 667 106.99 37.85 9.49
CA ALA AB 667 106.09 38.93 9.88
C ALA AB 667 105.62 39.74 8.68
N GLU AB 668 106.51 40.00 7.73
CA GLU AB 668 106.18 40.68 6.49
C GLU AB 668 105.87 39.66 5.39
N PHE AB 669 105.01 40.08 4.46
CA PHE AB 669 104.57 39.19 3.40
C PHE AB 669 105.69 38.92 2.40
N SER AB 670 105.78 37.66 1.97
CA SER AB 670 106.72 37.25 0.94
C SER AB 670 105.99 36.35 -0.05
N ALA AB 671 106.10 36.65 -1.34
CA ALA AB 671 105.44 35.85 -2.35
C ALA AB 671 106.20 34.59 -2.70
N THR AB 672 107.44 34.46 -2.23
CA THR AB 672 108.18 33.23 -2.42
C THR AB 672 107.44 32.08 -1.76
N LYS AB 673 107.34 30.96 -2.48
CA LYS AB 673 106.57 29.84 -1.97
C LYS AB 673 107.22 29.26 -0.72
N PHE AB 674 106.39 28.69 0.14
CA PHE AB 674 106.86 28.19 1.41
C PHE AB 674 107.83 27.03 1.21
N ALA AB 675 108.92 27.05 1.97
CA ALA AB 675 109.89 25.97 1.96
C ALA AB 675 110.13 25.41 3.35
N SER AB 676 109.66 26.07 4.38
CA SER AB 676 109.83 25.63 5.77
C SER AB 676 108.53 24.98 6.21
N PHE AB 677 108.58 23.69 6.52
CA PHE AB 677 107.41 22.93 6.92
C PHE AB 677 107.66 22.25 8.24
N ILE AB 678 106.57 21.99 8.95
CA ILE AB 678 106.62 21.21 10.17
C ILE AB 678 106.81 19.75 9.79
N THR AB 679 107.84 19.12 10.34
CA THR AB 679 108.20 17.77 9.96
C THR AB 679 107.25 16.78 10.61
N GLN AB 680 106.58 15.96 9.80
CA GLN AB 680 105.63 15.02 10.36
C GLN AB 680 105.49 13.81 9.47
N TYR AB 681 104.96 12.74 10.06
CA TYR AB 681 104.63 11.53 9.34
C TYR AB 681 103.27 11.07 9.82
N SER AB 682 102.78 9.97 9.25
CA SER AB 682 101.50 9.43 9.68
C SER AB 682 101.59 7.92 9.77
N THR AB 683 100.72 7.35 10.57
CA THR AB 683 100.63 5.90 10.73
C THR AB 683 99.17 5.53 10.74
N GLY AB 684 98.89 4.26 10.48
CA GLY AB 684 97.52 3.83 10.49
C GLY AB 684 97.39 2.38 10.14
N GLN AB 685 96.14 1.96 9.95
CA GLN AB 685 95.81 0.58 9.59
C GLN AB 685 95.12 0.56 8.24
N VAL AB 686 95.44 -0.47 7.46
CA VAL AB 686 94.87 -0.66 6.14
C VAL AB 686 94.30 -2.07 6.07
N SER AB 687 93.08 -2.20 5.57
CA SER AB 687 92.41 -3.48 5.39
C SER AB 687 92.10 -3.68 3.91
N VAL AB 688 92.40 -4.87 3.40
CA VAL AB 688 92.03 -5.27 2.06
C VAL AB 688 91.30 -6.61 2.15
N GLU AB 689 90.12 -6.68 1.57
CA GLU AB 689 89.32 -7.89 1.54
C GLU AB 689 89.05 -8.24 0.08
N ILE AB 690 89.48 -9.42 -0.35
CA ILE AB 690 89.24 -9.90 -1.70
C ILE AB 690 88.38 -11.16 -1.65
N GLU AB 691 87.30 -11.15 -2.39
CA GLU AB 691 86.54 -12.35 -2.70
C GLU AB 691 87.08 -12.96 -3.98
N TRP AB 692 87.40 -14.24 -3.93
CA TRP AB 692 87.89 -15.04 -5.04
C TRP AB 692 86.90 -16.15 -5.37
N GLU AB 693 86.65 -16.35 -6.65
CA GLU AB 693 85.88 -17.47 -7.13
C GLU AB 693 86.79 -18.65 -7.40
N LEU AB 694 86.35 -19.82 -6.94
CA LEU AB 694 87.09 -21.06 -7.08
C LEU AB 694 86.47 -21.92 -8.18
N GLN AB 695 87.31 -22.76 -8.77
CA GLN AB 695 86.89 -23.73 -9.77
C GLN AB 695 87.39 -25.07 -9.26
N LYS AB 696 86.45 -25.86 -8.75
CA LYS AB 696 86.76 -27.11 -8.07
C LYS AB 696 87.20 -28.18 -9.05
N GLU AB 697 88.06 -29.07 -8.57
CA GLU AB 697 88.42 -30.25 -9.34
C GLU AB 697 87.21 -31.16 -9.48
N ASN AB 698 87.10 -31.83 -10.61
CA ASN AB 698 86.06 -32.82 -10.86
C ASN AB 698 86.68 -34.10 -11.41
N SER AB 699 87.83 -34.49 -10.86
CA SER AB 699 88.67 -35.50 -11.49
C SER AB 699 88.14 -36.91 -11.23
N LYS AB 700 88.35 -37.79 -12.20
CA LYS AB 700 88.06 -39.20 -12.06
C LYS AB 700 89.33 -40.03 -11.95
N ARG AB 701 90.45 -39.38 -11.67
CA ARG AB 701 91.72 -40.06 -11.51
C ARG AB 701 91.68 -41.02 -10.33
N TRP AB 702 92.27 -42.20 -10.51
CA TRP AB 702 92.21 -43.23 -9.49
C TRP AB 702 93.33 -43.11 -8.45
N ASN AB 703 94.57 -42.99 -8.92
CA ASN AB 703 95.69 -42.92 -8.01
C ASN AB 703 95.74 -41.55 -7.33
N PRO AB 704 96.40 -41.45 -6.19
CA PRO AB 704 96.46 -40.17 -5.47
C PRO AB 704 97.25 -39.12 -6.24
N GLU AB 705 96.87 -37.87 -6.03
CA GLU AB 705 97.48 -36.73 -6.68
C GLU AB 705 98.73 -36.27 -5.94
N VAL AB 706 99.55 -35.49 -6.63
CA VAL AB 706 100.66 -34.79 -6.00
C VAL AB 706 100.10 -33.56 -5.29
N GLN AB 707 100.47 -33.39 -4.03
CA GLN AB 707 100.02 -32.28 -3.23
C GLN AB 707 101.23 -31.52 -2.71
N TYR AB 708 101.04 -30.22 -2.45
CA TYR AB 708 102.05 -29.48 -1.72
C TYR AB 708 101.95 -29.84 -0.25
N THR AB 709 103.07 -30.22 0.35
CA THR AB 709 103.06 -30.67 1.73
C THR AB 709 104.24 -30.08 2.48
N SER AB 710 104.07 -29.93 3.78
CA SER AB 710 105.19 -29.68 4.67
C SER AB 710 106.02 -30.95 4.81
N ASN AB 711 107.32 -30.77 4.99
CA ASN AB 711 108.19 -31.90 5.25
C ASN AB 711 108.08 -32.30 6.71
N TYR AB 712 107.85 -33.58 6.96
CA TYR AB 712 107.84 -34.12 8.32
C TYR AB 712 109.27 -34.56 8.62
N ALA AB 713 109.92 -33.85 9.53
CA ALA AB 713 111.27 -34.17 9.95
C ALA AB 713 111.66 -33.21 11.05
N LYS AB 714 112.53 -33.67 11.94
CA LYS AB 714 113.06 -32.77 12.94
C LYS AB 714 113.90 -31.70 12.25
N SER AB 715 113.50 -30.44 12.43
CA SER AB 715 114.19 -29.31 11.83
C SER AB 715 114.38 -28.25 12.89
N ALA AB 716 115.44 -27.45 12.73
CA ALA AB 716 115.71 -26.40 13.70
C ALA AB 716 114.59 -25.37 13.72
N ASN AB 717 113.95 -25.14 12.58
CA ASN AB 717 112.85 -24.19 12.46
C ASN AB 717 111.68 -24.83 11.76
N VAL AB 718 110.52 -24.19 11.86
CA VAL AB 718 109.35 -24.56 11.07
C VAL AB 718 109.30 -23.65 9.86
N ASP AB 719 108.92 -24.22 8.71
CA ASP AB 719 108.84 -23.44 7.48
C ASP AB 719 107.71 -22.43 7.57
N PHE AB 720 107.95 -21.27 6.96
CA PHE AB 720 106.97 -20.16 6.93
C PHE AB 720 106.62 -19.69 8.33
N THR AB 721 107.63 -19.53 9.17
CA THR AB 721 107.45 -19.02 10.52
C THR AB 721 108.49 -17.96 10.83
N VAL AB 722 108.55 -17.54 12.08
CA VAL AB 722 109.56 -16.60 12.54
C VAL AB 722 110.69 -17.40 13.17
N ASP AB 723 111.87 -16.79 13.24
CA ASP AB 723 113.00 -17.39 13.92
C ASP AB 723 113.07 -16.85 15.34
N ASN AB 724 114.16 -17.15 16.05
CA ASN AB 724 114.32 -16.65 17.41
C ASN AB 724 114.53 -15.15 17.45
N ASN AB 725 114.87 -14.52 16.32
CA ASN AB 725 115.01 -13.07 16.26
C ASN AB 725 113.74 -12.36 15.84
N GLY AB 726 112.69 -13.10 15.49
CA GLY AB 726 111.44 -12.51 15.10
C GLY AB 726 111.30 -12.22 13.62
N LEU AB 727 112.14 -12.80 12.78
CA LEU AB 727 112.14 -12.51 11.36
C LEU AB 727 111.35 -13.57 10.60
N TYR AB 728 110.27 -13.15 9.96
CA TYR AB 728 109.47 -14.05 9.14
C TYR AB 728 110.19 -14.32 7.83
N THR AB 729 110.27 -15.60 7.47
CA THR AB 729 110.93 -16.01 6.24
C THR AB 729 110.06 -17.01 5.51
N GLU AB 730 110.18 -17.00 4.19
CA GLU AB 730 109.52 -17.98 3.32
C GLU AB 730 110.59 -18.87 2.69
N PRO AB 731 110.68 -20.13 3.06
CA PRO AB 731 111.79 -20.98 2.58
C PRO AB 731 111.83 -21.21 1.08
N ARG AB 732 110.69 -21.26 0.42
CA ARG AB 732 110.65 -21.63 -0.98
C ARG AB 732 109.48 -20.93 -1.64
N PRO AB 733 109.52 -20.75 -2.96
CA PRO AB 733 108.32 -20.28 -3.68
C PRO AB 733 107.38 -21.44 -3.98
N ILE AB 734 106.10 -21.22 -3.73
CA ILE AB 734 105.07 -22.24 -3.95
C ILE AB 734 104.23 -21.83 -5.14
N GLY AB 735 104.16 -22.71 -6.14
CA GLY AB 735 103.28 -22.50 -7.27
C GLY AB 735 101.88 -23.00 -7.00
N THR AB 736 101.14 -23.24 -8.08
CA THR AB 736 99.75 -23.65 -7.99
C THR AB 736 99.46 -25.01 -8.60
N ARG AB 737 100.31 -25.48 -9.52
CA ARG AB 737 99.96 -26.61 -10.37
C ARG AB 737 100.34 -27.91 -9.67
N TYR AB 738 99.42 -28.46 -8.88
CA TYR AB 738 99.65 -29.72 -8.19
C TYR AB 738 98.64 -30.77 -8.63
N LEU AB 739 97.36 -30.41 -8.62
CA LEU AB 739 96.35 -31.28 -9.20
C LEU AB 739 96.58 -31.42 -10.69
N THR AB 740 96.00 -32.44 -11.29
CA THR AB 740 96.16 -32.67 -12.72
C THR AB 740 94.80 -32.82 -13.37
N ARG AB 741 94.79 -32.66 -14.69
CA ARG AB 741 93.61 -32.92 -15.50
C ARG AB 741 94.07 -33.38 -16.86
N PRO AB 742 93.24 -34.14 -17.57
CA PRO AB 742 93.64 -34.61 -18.90
C PRO AB 742 93.69 -33.47 -19.92
N LEU AB 743 94.61 -33.59 -20.85
CA LEU AB 743 94.87 -32.53 -21.82
C LEU AB 743 93.76 -32.44 -22.87
N ASP BB 219 83.17 21.05 13.85
CA ASP BB 219 82.68 19.69 13.91
C ASP BB 219 83.60 18.79 14.73
N GLY BB 220 84.63 19.37 15.33
CA GLY BB 220 85.49 18.66 16.25
C GLY BB 220 86.96 18.82 15.87
N VAL BB 221 87.80 18.44 16.84
CA VAL BB 221 89.25 18.50 16.64
C VAL BB 221 89.71 17.41 15.67
N GLY BB 222 89.15 16.20 15.78
CA GLY BB 222 89.64 15.08 15.02
C GLY BB 222 88.85 14.76 13.76
N ASN BB 223 88.06 15.72 13.29
CA ASN BB 223 87.23 15.54 12.11
C ASN BB 223 87.56 16.64 11.12
N ALA BB 224 87.90 16.26 9.89
CA ALA BB 224 88.22 17.23 8.87
C ALA BB 224 86.97 17.96 8.42
N SER BB 225 87.08 19.27 8.22
CA SER BB 225 85.93 20.09 7.83
C SER BB 225 85.82 20.31 6.34
N GLY BB 226 86.67 19.66 5.54
CA GLY BB 226 86.53 19.77 4.11
C GLY BB 226 87.49 18.81 3.43
N ASN BB 227 87.28 18.66 2.12
CA ASN BB 227 88.09 17.78 1.29
C ASN BB 227 88.82 18.59 0.24
N TRP BB 228 89.80 17.96 -0.37
CA TRP BB 228 90.57 18.58 -1.44
C TRP BB 228 89.78 18.48 -2.74
N HIS BB 229 89.34 19.61 -3.25
CA HIS BB 229 88.57 19.68 -4.49
C HIS BB 229 89.36 20.50 -5.50
N CYS BB 230 90.17 19.83 -6.30
CA CYS BB 230 90.93 20.47 -7.36
C CYS BB 230 90.69 19.70 -8.65
N ASP BB 231 89.95 20.30 -9.57
CA ASP BB 231 89.43 19.56 -10.72
C ASP BB 231 89.06 20.57 -11.79
N SER BB 232 88.62 20.05 -12.94
CA SER BB 232 88.08 20.88 -14.01
C SER BB 232 87.13 20.03 -14.82
N THR BB 233 85.87 20.43 -14.87
CA THR BB 233 84.83 19.68 -15.56
C THR BB 233 84.36 20.50 -16.76
N TRP BB 234 84.37 19.88 -17.93
CA TRP BB 234 83.98 20.54 -19.17
C TRP BB 234 82.62 20.00 -19.59
N LEU BB 235 81.62 20.85 -19.52
CA LEU BB 235 80.30 20.54 -20.03
C LEU BB 235 80.22 21.08 -21.46
N GLY BB 236 79.02 21.09 -22.05
CA GLY BB 236 78.90 21.55 -23.41
C GLY BB 236 79.26 23.01 -23.59
N ASP BB 237 78.67 23.88 -22.78
CA ASP BB 237 78.90 25.31 -22.88
C ASP BB 237 79.44 25.93 -21.60
N ARG BB 238 79.70 25.13 -20.58
CA ARG BB 238 80.27 25.60 -19.33
C ARG BB 238 81.57 24.86 -19.07
N VAL BB 239 82.43 25.48 -18.27
CA VAL BB 239 83.55 24.79 -17.66
C VAL BB 239 83.58 25.19 -16.19
N ILE BB 240 83.70 24.23 -15.30
CA ILE BB 240 83.78 24.48 -13.88
C ILE BB 240 85.18 24.13 -13.41
N THR BB 241 85.90 25.12 -12.90
CA THR BB 241 87.26 24.95 -12.41
C THR BB 241 87.25 25.04 -10.89
N THR BB 242 87.80 24.03 -10.23
CA THR BB 242 87.95 24.01 -8.77
C THR BB 242 89.43 23.97 -8.42
N SER BB 243 89.82 24.75 -7.42
CA SER BB 243 91.20 24.83 -6.99
C SER BB 243 91.26 24.85 -5.47
N THR BB 244 92.03 23.95 -4.90
CA THR BB 244 92.33 23.94 -3.47
C THR BB 244 93.80 24.23 -3.27
N ARG BB 245 94.10 25.06 -2.29
CA ARG BB 245 95.46 25.42 -1.93
C ARG BB 245 95.62 25.42 -0.43
N THR BB 246 96.86 25.29 0.02
CA THR BB 246 97.20 25.37 1.43
C THR BB 246 97.80 26.74 1.71
N TRP BB 247 97.23 27.44 2.68
CA TRP BB 247 97.64 28.79 3.02
C TRP BB 247 98.19 28.84 4.44
N ALA BB 248 99.10 29.79 4.65
CA ALA BB 248 99.62 30.16 5.96
C ALA BB 248 99.37 31.64 6.18
N LEU BB 249 98.77 31.98 7.32
CA LEU BB 249 98.45 33.34 7.70
C LEU BB 249 99.22 33.70 8.96
N PRO BB 250 100.12 34.66 8.91
CA PRO BB 250 100.81 35.08 10.14
C PRO BB 250 100.04 36.15 10.89
N THR BB 251 100.63 36.66 11.97
CA THR BB 251 100.13 37.84 12.63
C THR BB 251 100.81 39.06 12.03
N TYR BB 252 100.01 40.02 11.56
CA TYR BB 252 100.52 41.21 10.91
C TYR BB 252 100.44 42.39 11.86
N ASN BB 253 101.52 43.16 11.94
CA ASN BB 253 101.59 44.41 12.69
C ASN BB 253 101.48 44.24 14.20
N ASN BB 254 101.63 43.01 14.70
CA ASN BB 254 101.35 42.71 16.10
C ASN BB 254 99.92 43.10 16.47
N HIS BB 255 98.98 42.77 15.59
CA HIS BB 255 97.55 43.01 15.80
C HIS BB 255 97.22 44.50 15.86
N LEU BB 256 98.04 45.32 15.22
CA LEU BB 256 97.87 46.76 15.29
C LEU BB 256 97.47 47.33 13.94
N TYR BB 257 96.70 48.42 13.98
CA TYR BB 257 96.45 49.25 12.82
C TYR BB 257 97.50 50.35 12.83
N LYS BB 258 98.22 50.50 11.73
CA LYS BB 258 99.28 51.49 11.65
C LYS BB 258 99.01 52.45 10.51
N GLN BB 259 99.32 53.72 10.74
CA GLN BB 259 99.20 54.74 9.71
C GLN BB 259 100.51 54.81 8.94
N ILE BB 260 100.43 54.67 7.63
CA ILE BB 260 101.62 54.66 6.77
C ILE BB 260 101.53 55.83 5.81
N SER BB 261 102.68 56.40 5.50
CA SER BB 261 102.78 57.50 4.53
C SER BB 261 104.19 57.50 3.95
N SER BB 262 104.47 58.51 3.15
CA SER BB 262 105.76 58.65 2.49
C SER BB 262 106.67 59.66 3.17
N ALA BB 263 106.28 60.17 4.34
CA ALA BB 263 107.04 61.22 4.99
C ALA BB 263 108.44 60.75 5.38
N SER BB 264 108.55 59.56 5.96
CA SER BB 264 109.86 59.03 6.28
C SER BB 264 110.58 58.55 5.03
N THR BB 265 109.85 58.08 4.03
CA THR BB 265 110.47 57.62 2.79
C THR BB 265 111.19 58.76 2.08
N GLY BB 266 110.64 59.96 2.13
CA GLY BB 266 111.24 61.07 1.39
C GLY BB 266 111.15 60.90 -0.11
N ALA BB 267 109.99 60.49 -0.61
CA ALA BB 267 109.81 60.23 -2.02
C ALA BB 267 109.58 61.53 -2.80
N SER BB 268 109.48 61.40 -4.11
CA SER BB 268 109.14 62.53 -4.95
C SER BB 268 107.65 62.86 -4.82
N ASN BB 269 107.27 64.03 -5.36
CA ASN BB 269 105.88 64.46 -5.26
C ASN BB 269 104.94 63.48 -5.94
N ASP BB 270 105.42 62.77 -6.97
CA ASP BB 270 104.59 61.82 -7.69
C ASP BB 270 104.35 60.54 -6.90
N ASN BB 271 105.20 60.22 -5.92
CA ASN BB 271 105.14 58.96 -5.19
C ASN BB 271 104.63 59.15 -3.77
N HIS BB 272 104.13 60.32 -3.43
CA HIS BB 272 103.60 60.56 -2.10
C HIS BB 272 102.32 59.77 -1.87
N TYR BB 273 102.11 59.31 -0.65
CA TYR BB 273 100.90 58.58 -0.32
C TYR BB 273 100.61 58.68 1.16
N PHE BB 274 99.37 58.38 1.51
CA PHE BB 274 98.92 58.30 2.89
C PHE BB 274 97.90 57.18 2.97
N GLY BB 275 98.02 56.34 3.98
CA GLY BB 275 97.10 55.23 4.11
C GLY BB 275 97.25 54.52 5.42
N TYR BB 276 96.74 53.30 5.45
CA TYR BB 276 96.72 52.50 6.66
C TYR BB 276 97.09 51.06 6.36
N SER BB 277 97.78 50.44 7.31
CA SER BB 277 98.13 49.03 7.29
C SER BB 277 97.31 48.33 8.35
N THR BB 278 96.56 47.31 7.97
CA THR BB 278 95.75 46.63 8.96
C THR BB 278 96.41 45.31 9.37
N PRO BB 279 96.01 44.74 10.51
CA PRO BB 279 96.50 43.41 10.88
C PRO BB 279 95.85 42.27 10.12
N TRP BB 280 94.98 42.55 9.17
CA TRP BB 280 94.26 41.53 8.43
C TRP BB 280 95.03 41.14 7.17
N GLY BB 281 94.81 39.90 6.73
CA GLY BB 281 95.20 39.46 5.42
C GLY BB 281 93.95 39.27 4.57
N TYR BB 282 94.16 39.08 3.28
CA TYR BB 282 93.03 38.88 2.37
C TYR BB 282 93.34 37.73 1.43
N PHE BB 283 92.27 37.13 0.90
CA PHE BB 283 92.38 36.05 -0.05
C PHE BB 283 92.23 36.59 -1.46
N ASP BB 284 93.18 36.22 -2.32
CA ASP BB 284 93.21 36.69 -3.70
C ASP BB 284 93.27 35.50 -4.64
N PHE BB 285 92.33 35.45 -5.58
CA PHE BB 285 92.36 34.45 -6.64
C PHE BB 285 92.02 35.13 -7.96
N ASN BB 286 92.60 36.31 -8.18
CA ASN BB 286 92.32 37.13 -9.34
C ASN BB 286 93.37 36.97 -10.43
N ARG BB 287 93.85 35.76 -10.65
CA ARG BB 287 94.67 35.42 -11.80
C ARG BB 287 94.11 34.16 -12.44
N PHE BB 288 94.32 34.03 -13.75
CA PHE BB 288 93.69 32.93 -14.46
C PHE BB 288 94.34 31.58 -14.13
N HIS BB 289 95.63 31.59 -13.78
CA HIS BB 289 96.30 30.33 -13.46
C HIS BB 289 95.99 29.84 -12.05
N CYS BB 290 95.30 30.63 -11.23
CA CYS BB 290 94.76 30.11 -9.98
C CYS BB 290 93.64 29.11 -10.24
N HIS BB 291 93.09 29.10 -11.44
CA HIS BB 291 91.93 28.28 -11.76
C HIS BB 291 92.15 27.34 -12.93
N PHE BB 292 92.97 27.72 -13.91
CA PHE BB 292 93.20 26.90 -15.09
C PHE BB 292 94.60 26.33 -15.05
N SER BB 293 94.72 25.02 -15.26
CA SER BB 293 96.00 24.46 -15.60
C SER BB 293 96.37 24.90 -17.01
N PRO BB 294 97.65 24.83 -17.37
CA PRO BB 294 98.01 25.17 -18.76
C PRO BB 294 97.30 24.31 -19.80
N ARG BB 295 97.08 23.04 -19.51
CA ARG BB 295 96.31 22.19 -20.41
C ARG BB 295 94.87 22.67 -20.54
N ASP BB 296 94.24 23.05 -19.43
CA ASP BB 296 92.88 23.57 -19.48
C ASP BB 296 92.81 24.89 -20.22
N TRP BB 297 93.81 25.74 -20.03
CA TRP BB 297 93.87 27.01 -20.75
C TRP BB 297 93.99 26.78 -22.25
N GLN BB 298 94.85 25.84 -22.65
CA GLN BB 298 94.98 25.52 -24.05
C GLN BB 298 93.68 24.96 -24.62
N ARG BB 299 93.03 24.08 -23.87
CA ARG BB 299 91.74 23.54 -24.30
C ARG BB 299 90.71 24.63 -24.47
N LEU BB 300 90.70 25.62 -23.59
CA LEU BB 300 89.77 26.74 -23.71
C LEU BB 300 90.07 27.60 -24.93
N ILE BB 301 91.32 28.02 -25.08
CA ILE BB 301 91.67 29.02 -26.08
C ILE BB 301 91.74 28.43 -27.48
N ASN BB 302 91.95 27.13 -27.62
CA ASN BB 302 92.01 26.53 -28.94
C ASN BB 302 90.63 26.18 -29.49
N ASN BB 303 89.60 26.26 -28.68
CA ASN BB 303 88.29 25.77 -29.05
C ASN BB 303 87.16 26.74 -28.87
N ASN BB 304 87.35 27.82 -28.11
CA ASN BB 304 86.24 28.71 -27.79
C ASN BB 304 86.49 30.09 -28.38
N TRP BB 305 85.43 30.69 -28.91
CA TRP BB 305 85.48 32.06 -29.39
C TRP BB 305 85.36 33.08 -28.26
N GLY BB 306 84.83 32.68 -27.13
CA GLY BB 306 84.79 33.62 -26.02
C GLY BB 306 84.47 32.93 -24.72
N PHE BB 307 84.67 33.65 -23.62
CA PHE BB 307 84.32 33.06 -22.34
C PHE BB 307 84.07 34.16 -21.32
N ARG BB 308 83.38 33.80 -20.23
CA ARG BB 308 83.12 34.75 -19.16
C ARG BB 308 82.79 33.97 -17.90
N PRO BB 309 82.94 34.58 -16.72
CA PRO BB 309 82.57 33.90 -15.48
C PRO BB 309 81.11 34.08 -15.09
N LYS BB 310 80.50 32.98 -14.65
CA LYS BB 310 79.12 32.90 -14.22
C LYS BB 310 78.98 32.90 -12.71
N ARG BB 311 79.67 32.01 -12.00
CA ARG BB 311 79.45 31.99 -10.55
C ARG BB 311 80.68 31.43 -9.85
N LEU BB 312 80.74 31.64 -8.54
CA LEU BB 312 81.85 31.09 -7.77
C LEU BB 312 81.41 30.69 -6.38
N ASN BB 313 82.11 29.69 -5.84
CA ASN BB 313 82.01 29.23 -4.47
C ASN BB 313 83.37 29.33 -3.82
N PHE BB 314 83.40 29.79 -2.58
CA PHE BB 314 84.62 29.93 -1.80
C PHE BB 314 84.43 29.16 -0.52
N LYS BB 315 85.42 28.35 -0.17
CA LYS BB 315 85.39 27.59 1.07
C LYS BB 315 86.73 27.71 1.77
N LEU BB 316 86.68 27.77 3.09
CA LEU BB 316 87.85 27.86 3.96
C LEU BB 316 87.70 26.78 5.01
N PHE BB 317 88.64 25.84 5.08
CA PHE BB 317 88.44 24.67 5.90
C PHE BB 317 89.77 24.16 6.43
N ASN BB 318 89.68 23.29 7.43
CA ASN BB 318 90.82 22.64 8.07
C ASN BB 318 91.75 23.67 8.70
N ILE BB 319 91.18 24.49 9.57
CA ILE BB 319 91.94 25.54 10.24
C ILE BB 319 92.81 24.93 11.32
N GLN BB 320 94.08 25.33 11.37
CA GLN BB 320 94.98 24.94 12.44
C GLN BB 320 95.71 26.17 12.92
N VAL BB 321 95.51 26.54 14.17
CA VAL BB 321 96.24 27.63 14.79
C VAL BB 321 97.44 27.05 15.52
N LYS BB 322 98.62 27.62 15.27
CA LYS BB 322 99.86 27.14 15.85
C LYS BB 322 100.49 28.24 16.70
N GLU BB 323 100.84 27.88 17.92
CA GLU BB 323 101.57 28.74 18.84
C GLU BB 323 103.08 28.54 18.67
N VAL BB 324 103.83 29.64 18.67
CA VAL BB 324 105.27 29.63 18.44
C VAL BB 324 105.96 30.27 19.63
N THR BB 325 106.96 29.57 20.18
CA THR BB 325 107.81 30.11 21.24
C THR BB 325 109.27 29.93 20.85
N THR BB 326 110.04 31.00 20.85
CA THR BB 326 111.48 30.93 20.59
C THR BB 326 112.22 31.21 21.89
N ASN BB 327 112.96 30.21 22.37
CA ASN BB 327 113.77 30.33 23.58
C ASN BB 327 115.20 29.87 23.28
N ASP BB 328 116.17 30.69 23.67
CA ASP BB 328 117.59 30.38 23.50
C ASP BB 328 117.93 30.06 22.05
N GLY BB 329 117.15 30.60 21.11
CA GLY BB 329 117.37 30.40 19.71
C GLY BB 329 116.63 29.23 19.09
N VAL BB 330 116.05 28.35 19.91
CA VAL BB 330 115.32 27.19 19.39
C VAL BB 330 113.83 27.49 19.45
N THR BB 331 113.12 27.04 18.42
CA THR BB 331 111.71 27.38 18.21
C THR BB 331 110.84 26.16 18.41
N THR BB 332 109.83 26.30 19.26
CA THR BB 332 108.82 25.29 19.50
C THR BB 332 107.50 25.73 18.89
N ILE BB 333 106.86 24.83 18.17
CA ILE BB 333 105.54 25.07 17.60
C ILE BB 333 104.60 24.04 18.19
N ALA BB 334 103.46 24.51 18.70
CA ALA BB 334 102.45 23.64 19.27
C ALA BB 334 101.10 23.99 18.66
N ASN BB 335 100.13 23.10 18.85
CA ASN BB 335 98.77 23.39 18.42
C ASN BB 335 98.05 24.18 19.49
N ASN BB 336 97.30 25.18 19.06
CA ASN BB 336 96.43 25.96 19.94
C ASN BB 336 95.00 25.61 19.55
N LEU BB 337 94.41 24.67 20.29
CA LEU BB 337 93.12 24.11 19.89
C LEU BB 337 91.96 25.06 20.14
N THR BB 338 92.13 26.08 20.96
CA THR BB 338 91.04 26.97 21.32
C THR BB 338 91.14 28.35 20.70
N SER BB 339 92.10 28.57 19.80
CA SER BB 339 92.24 29.86 19.15
C SER BB 339 91.37 29.93 17.90
N THR BB 340 91.08 31.16 17.47
CA THR BB 340 90.18 31.40 16.36
C THR BB 340 90.84 32.25 15.29
N VAL BB 341 90.34 32.10 14.08
CA VAL BB 341 90.58 33.04 12.99
C VAL BB 341 89.26 33.72 12.66
N GLN BB 342 89.30 35.04 12.52
CA GLN BB 342 88.14 35.81 12.08
C GLN BB 342 88.18 35.94 10.57
N VAL BB 343 87.05 35.62 9.92
CA VAL BB 343 86.91 35.71 8.48
C VAL BB 343 85.64 36.47 8.18
N PHE BB 344 85.71 37.40 7.23
CA PHE BB 344 84.48 37.99 6.73
C PHE BB 344 84.64 38.36 5.27
N SER BB 345 83.51 38.41 4.57
CA SER BB 345 83.46 38.81 3.17
C SER BB 345 82.85 40.20 3.10
N ASP BB 346 83.49 41.10 2.35
CA ASP BB 346 83.02 42.47 2.23
C ASP BB 346 82.03 42.56 1.08
N SER BB 347 80.84 42.00 1.30
CA SER BB 347 79.85 41.82 0.26
C SER BB 347 79.18 43.11 -0.16
N GLU BB 348 79.22 44.16 0.66
CA GLU BB 348 78.61 45.43 0.34
C GLU BB 348 79.62 46.45 -0.17
N TYR BB 349 80.88 46.04 -0.37
CA TYR BB 349 81.91 46.90 -0.93
C TYR BB 349 82.06 48.19 -0.14
N GLN BB 350 82.08 48.05 1.18
CA GLN BB 350 82.24 49.17 2.09
C GLN BB 350 83.69 49.49 2.39
N LEU BB 351 84.60 48.66 1.95
CA LEU BB 351 86.03 48.80 2.15
C LEU BB 351 86.70 49.21 0.85
N PRO BB 352 87.88 49.82 0.93
CA PRO BB 352 88.65 50.05 -0.29
C PRO BB 352 89.00 48.72 -0.96
N TYR BB 353 88.78 48.66 -2.26
CA TYR BB 353 89.02 47.44 -3.03
C TYR BB 353 90.45 47.45 -3.53
N VAL BB 354 91.31 46.65 -2.89
CA VAL BB 354 92.71 46.59 -3.31
C VAL BB 354 92.97 45.45 -4.28
N LEU BB 355 92.00 44.58 -4.49
CA LEU BB 355 92.12 43.61 -5.58
C LEU BB 355 91.98 44.35 -6.90
N GLY BB 356 92.43 43.72 -7.97
CA GLY BB 356 92.38 44.38 -9.26
C GLY BB 356 93.50 45.38 -9.49
N SER BB 357 94.53 45.37 -8.67
CA SER BB 357 95.73 46.17 -8.90
C SER BB 357 96.93 45.31 -9.25
N ALA BB 358 96.69 44.02 -9.55
CA ALA BB 358 97.73 43.08 -9.99
C ALA BB 358 98.82 42.89 -8.93
N HIS BB 359 98.39 42.55 -7.72
CA HIS BB 359 99.31 42.36 -6.62
C HIS BB 359 99.67 40.90 -6.44
N GLN BB 360 100.82 40.68 -5.82
CA GLN BB 360 101.22 39.33 -5.42
C GLN BB 360 100.35 38.84 -4.28
N GLY BB 361 100.38 37.53 -4.05
CA GLY BB 361 99.61 36.96 -2.97
C GLY BB 361 98.41 36.14 -3.39
N CYS BB 362 98.24 35.94 -4.70
CA CYS BB 362 97.18 35.08 -5.19
C CYS BB 362 97.49 33.62 -4.87
N LEU BB 363 96.52 32.76 -5.10
CA LEU BB 363 96.79 31.33 -5.04
C LEU BB 363 97.85 30.98 -6.07
N PRO BB 364 98.82 30.16 -5.71
CA PRO BB 364 99.88 29.80 -6.66
C PRO BB 364 99.34 29.01 -7.83
N PRO BB 365 99.98 29.09 -8.99
CA PRO BB 365 99.49 28.32 -10.15
C PRO BB 365 99.55 26.81 -9.93
N PHE BB 366 100.57 26.33 -9.25
CA PHE BB 366 100.73 24.90 -9.03
C PHE BB 366 99.98 24.48 -7.77
N PRO BB 367 99.09 23.49 -7.86
CA PRO BB 367 98.27 23.12 -6.69
C PRO BB 367 99.06 22.57 -5.52
N ALA BB 368 100.31 22.16 -5.71
CA ALA BB 368 101.11 21.64 -4.62
C ALA BB 368 101.77 22.73 -3.80
N ASP BB 369 101.70 23.99 -4.22
CA ASP BB 369 102.40 25.06 -3.55
C ASP BB 369 101.61 25.61 -2.38
N VAL BB 370 102.32 25.90 -1.30
CA VAL BB 370 101.74 26.48 -0.10
C VAL BB 370 102.06 27.97 -0.10
N PHE BB 371 101.03 28.80 0.10
CA PHE BB 371 101.20 30.23 -0.06
C PHE BB 371 100.88 30.99 1.21
N MET BB 372 101.60 32.09 1.41
CA MET BB 372 101.40 33.00 2.51
C MET BB 372 100.33 34.01 2.13
N ILE BB 373 99.48 34.34 3.09
CA ILE BB 373 98.37 35.26 2.83
C ILE BB 373 98.88 36.70 2.92
N PRO BB 374 98.62 37.54 1.92
CA PRO BB 374 99.12 38.91 1.94
C PRO BB 374 98.38 39.81 2.92
N GLN BB 375 99.09 40.82 3.41
CA GLN BB 375 98.52 41.74 4.37
C GLN BB 375 97.61 42.74 3.69
N TYR BB 376 96.54 43.13 4.39
CA TYR BB 376 95.62 44.13 3.87
C TYR BB 376 96.06 45.53 4.29
N GLY BB 377 96.03 46.44 3.34
CA GLY BB 377 96.28 47.84 3.59
C GLY BB 377 95.64 48.62 2.49
N TYR BB 378 95.38 49.89 2.76
CA TYR BB 378 94.74 50.73 1.77
C TYR BB 378 95.34 52.12 1.83
N LEU BB 379 95.07 52.89 0.79
CA LEU BB 379 95.46 54.28 0.70
C LEU BB 379 94.22 55.14 0.71
N THR BB 380 94.35 56.36 1.22
CA THR BB 380 93.26 57.31 1.26
C THR BB 380 93.75 58.62 0.68
N LEU BB 381 92.87 59.62 0.66
CA LEU BB 381 93.22 60.92 0.10
C LEU BB 381 94.44 61.49 0.82
N ASN BB 382 95.38 62.00 0.04
CA ASN BB 382 96.59 62.57 0.59
C ASN BB 382 96.92 63.89 -0.08
N ASN BB 383 97.51 64.79 0.69
CA ASN BB 383 98.04 66.06 0.22
C ASN BB 383 99.54 66.03 0.48
N GLY BB 384 100.27 65.45 -0.46
CA GLY BB 384 101.66 65.14 -0.20
C GLY BB 384 101.74 63.91 0.67
N SER BB 385 102.51 63.97 1.73
CA SER BB 385 102.55 62.88 2.71
C SER BB 385 101.52 63.07 3.83
N GLN BB 386 100.69 64.10 3.74
CA GLN BB 386 99.69 64.39 4.76
C GLN BB 386 98.32 63.90 4.33
N ALA BB 387 97.40 63.92 5.28
CA ALA BB 387 96.01 63.56 5.03
C ALA BB 387 95.18 64.81 4.83
N VAL BB 388 93.90 64.63 4.59
CA VAL BB 388 92.94 65.72 4.51
C VAL BB 388 91.76 65.37 5.40
N GLY BB 389 90.77 66.26 5.43
CA GLY BB 389 89.59 66.01 6.22
C GLY BB 389 88.76 64.85 5.72
N ARG BB 390 88.72 64.66 4.40
CA ARG BB 390 87.93 63.62 3.77
C ARG BB 390 88.69 62.31 3.66
N SER BB 391 89.92 62.24 4.18
CA SER BB 391 90.62 60.98 4.26
C SER BB 391 89.88 60.05 5.20
N SER BB 392 89.66 58.82 4.75
CA SER BB 392 88.88 57.87 5.52
C SER BB 392 89.79 56.90 6.27
N PHE BB 393 89.27 56.40 7.37
CA PHE BB 393 89.90 55.34 8.14
C PHE BB 393 88.87 54.25 8.34
N TYR BB 394 89.28 53.00 8.17
CA TYR BB 394 88.38 51.86 8.29
C TYR BB 394 88.96 50.90 9.32
N CYS BB 395 88.22 50.69 10.40
CA CYS BB 395 88.50 49.57 11.30
C CYS BB 395 87.80 48.35 10.73
N LEU BB 396 88.57 47.30 10.46
CA LEU BB 396 87.96 46.08 9.94
C LEU BB 396 87.35 45.22 11.03
N GLU BB 397 87.65 45.50 12.30
CA GLU BB 397 86.93 44.89 13.40
C GLU BB 397 85.54 45.46 13.58
N TYR BB 398 85.24 46.55 12.89
CA TYR BB 398 83.91 47.15 12.88
C TYR BB 398 82.96 46.44 11.91
N PHE BB 399 83.29 45.23 11.51
CA PHE BB 399 82.47 44.38 10.66
C PHE BB 399 82.06 43.13 11.43
N PRO BB 400 80.93 42.53 11.10
CA PRO BB 400 80.62 41.19 11.61
C PRO BB 400 81.54 40.15 10.98
N SER BB 401 82.25 39.41 11.81
CA SER BB 401 83.16 38.37 11.36
C SER BB 401 82.66 37.03 11.89
N GLN BB 402 82.96 35.97 11.14
CA GLN BB 402 82.78 34.62 11.64
C GLN BB 402 84.08 34.18 12.29
N MET BB 403 83.98 33.71 13.53
CA MET BB 403 85.12 33.20 14.27
C MET BB 403 85.19 31.69 14.10
N LEU BB 404 86.34 31.20 13.65
CA LEU BB 404 86.52 29.81 13.30
C LEU BB 404 87.56 29.19 14.22
N ARG BB 405 87.16 28.17 14.96
CA ARG BB 405 88.11 27.32 15.66
C ARG BB 405 88.51 26.19 14.72
N THR BB 406 89.28 25.22 15.23
CA THR BB 406 89.87 24.23 14.35
C THR BB 406 88.85 23.28 13.73
N GLY BB 407 87.62 23.26 14.22
CA GLY BB 407 86.61 22.38 13.66
C GLY BB 407 85.61 23.07 12.76
N ASN BB 408 85.77 24.37 12.55
CA ASN BB 408 84.82 25.17 11.80
C ASN BB 408 85.32 25.41 10.38
N ASN BB 409 84.38 25.70 9.48
CA ASN BB 409 84.69 26.11 8.13
C ASN BB 409 83.87 27.33 7.76
N PHE BB 410 84.20 27.90 6.61
CA PHE BB 410 83.59 29.14 6.12
C PHE BB 410 83.23 28.94 4.66
N THR BB 411 82.00 29.28 4.29
CA THR BB 411 81.57 29.15 2.91
C THR BB 411 80.97 30.47 2.43
N PHE BB 412 81.03 30.70 1.12
CA PHE BB 412 80.52 31.93 0.56
C PHE BB 412 80.28 31.74 -0.93
N SER BB 413 79.08 32.10 -1.40
CA SER BB 413 78.74 32.00 -2.81
C SER BB 413 78.59 33.38 -3.42
N TYR BB 414 78.88 33.47 -4.72
CA TYR BB 414 78.79 34.74 -5.41
C TYR BB 414 78.38 34.48 -6.86
N THR BB 415 77.53 35.35 -7.38
CA THR BB 415 77.11 35.29 -8.78
C THR BB 415 77.64 36.51 -9.51
N PHE BB 416 78.29 36.27 -10.65
CA PHE BB 416 78.77 37.37 -11.48
C PHE BB 416 77.61 38.04 -12.19
N GLU BB 417 77.73 39.35 -12.38
CA GLU BB 417 76.81 40.07 -13.24
C GLU BB 417 77.02 39.67 -14.69
N GLU BB 418 76.04 40.00 -15.52
CA GLU BB 418 76.13 39.68 -16.94
C GLU BB 418 77.16 40.60 -17.58
N VAL BB 419 78.38 40.08 -17.73
CA VAL BB 419 79.49 40.79 -18.34
C VAL BB 419 79.61 40.27 -19.76
N PRO BB 420 80.11 41.05 -20.71
CA PRO BB 420 80.34 40.52 -22.06
C PRO BB 420 81.42 39.45 -22.07
N PHE BB 421 81.27 38.51 -23.01
CA PHE BB 421 82.30 37.51 -23.23
C PHE BB 421 83.61 38.17 -23.58
N HIS BB 422 84.70 37.68 -23.00
CA HIS BB 422 86.01 38.02 -23.51
C HIS BB 422 86.22 37.28 -24.83
N SER BB 423 86.87 37.99 -25.77
CA SER BB 423 87.08 37.54 -27.13
C SER BB 423 88.33 36.69 -27.22
N SER BB 424 88.17 35.38 -27.36
CA SER BB 424 89.29 34.47 -27.56
C SER BB 424 89.61 34.29 -29.03
N TYR BB 425 89.35 35.29 -29.85
CA TYR BB 425 89.55 35.20 -31.29
C TYR BB 425 90.35 36.40 -31.77
N ALA BB 426 91.02 36.20 -32.90
CA ALA BB 426 91.52 37.26 -33.74
C ALA BB 426 90.57 37.46 -34.92
N HIS BB 427 90.78 38.53 -35.66
CA HIS BB 427 89.98 38.81 -36.84
C HIS BB 427 90.74 38.37 -38.09
N SER BB 428 90.02 37.71 -38.99
CA SER BB 428 90.58 37.27 -40.26
C SER BB 428 90.64 38.37 -41.29
N GLN BB 429 90.00 39.50 -41.03
CA GLN BB 429 90.02 40.64 -41.93
C GLN BB 429 90.54 41.86 -41.19
N SER BB 430 91.11 42.79 -41.94
CA SER BB 430 91.50 44.08 -41.41
C SER BB 430 90.38 45.09 -41.67
N LEU BB 431 90.35 46.13 -40.84
CA LEU BB 431 89.25 47.09 -40.92
C LEU BB 431 89.30 47.91 -42.20
N ASP BB 432 90.48 48.14 -42.75
CA ASP BB 432 90.62 48.87 -43.99
C ASP BB 432 90.60 47.95 -45.21
N ARG BB 433 90.18 46.71 -45.04
CA ARG BB 433 90.15 45.71 -46.11
C ARG BB 433 88.84 44.94 -46.06
N LEU BB 434 87.72 45.64 -45.87
CA LEU BB 434 86.43 45.01 -45.72
C LEU BB 434 85.61 45.02 -47.01
N MET BB 435 86.22 45.41 -48.12
CA MET BB 435 85.53 45.59 -49.38
C MET BB 435 85.61 44.34 -50.24
N ASN BB 436 84.76 44.30 -51.25
CA ASN BB 436 84.90 43.33 -52.33
C ASN BB 436 86.08 43.74 -53.20
N PRO BB 437 87.10 42.90 -53.35
CA PRO BB 437 88.26 43.26 -54.16
C PRO BB 437 88.06 43.14 -55.66
N LEU BB 438 86.86 42.81 -56.13
CA LEU BB 438 86.60 42.68 -57.55
C LEU BB 438 85.70 43.76 -58.12
N ILE BB 439 84.86 44.36 -57.30
CA ILE BB 439 83.83 45.29 -57.76
C ILE BB 439 84.27 46.71 -57.40
N ASP BB 440 83.97 47.65 -58.29
CA ASP BB 440 84.20 49.05 -58.01
C ASP BB 440 83.12 49.60 -57.09
N GLN BB 441 83.30 50.83 -56.66
CA GLN BB 441 82.30 51.54 -55.88
C GLN BB 441 81.47 52.43 -56.76
N TYR BB 442 80.34 52.89 -56.24
CA TYR BB 442 79.58 53.93 -56.90
C TYR BB 442 79.87 55.30 -56.31
N LEU BB 443 80.83 55.40 -55.39
CA LEU BB 443 81.20 56.65 -54.76
C LEU BB 443 82.48 57.17 -55.38
N TYR BB 444 82.54 58.47 -55.61
CA TYR BB 444 83.70 59.11 -56.18
C TYR BB 444 84.46 59.87 -55.11
N TYR BB 445 85.75 60.09 -55.37
CA TYR BB 445 86.60 60.86 -54.49
C TYR BB 445 87.46 61.77 -55.34
N LEU BB 446 87.91 62.88 -54.74
CA LEU BB 446 88.82 63.77 -55.42
C LEU BB 446 90.19 63.11 -55.54
N ASN BB 447 90.64 62.87 -56.76
CA ASN BB 447 91.87 62.14 -57.02
C ASN BB 447 93.04 63.05 -57.36
N ARG BB 448 92.81 64.06 -58.21
CA ARG BB 448 93.85 64.99 -58.62
C ARG BB 448 93.33 66.41 -58.46
N THR BB 449 94.18 67.30 -57.96
CA THR BB 449 93.94 68.73 -58.06
C THR BB 449 94.89 69.40 -59.03
N GLN BB 450 95.63 68.63 -59.81
CA GLN BB 450 96.47 69.15 -60.88
C GLN BB 450 96.24 68.31 -62.14
N ASN BB 451 96.65 68.86 -63.28
CA ASN BB 451 96.47 68.14 -64.54
C ASN BB 451 97.34 66.90 -64.57
N GLN BB 452 96.77 65.81 -65.06
CA GLN BB 452 97.48 64.53 -65.10
C GLN BB 452 98.54 64.48 -66.19
N SER BB 453 98.36 65.23 -67.28
CA SER BB 453 99.27 65.13 -68.42
C SER BB 453 100.69 65.52 -68.04
N GLY BB 454 100.87 66.63 -67.31
CA GLY BB 454 102.17 67.05 -66.86
C GLY BB 454 102.92 67.98 -67.78
N SER BB 455 102.49 68.10 -69.05
CA SER BB 455 103.13 69.05 -69.95
C SER BB 455 102.98 70.47 -69.44
N ALA BB 456 101.79 70.80 -68.95
CA ALA BB 456 101.56 71.99 -68.15
C ALA BB 456 101.33 71.58 -66.70
N GLN BB 457 101.39 72.57 -65.81
CA GLN BB 457 101.22 72.35 -64.38
C GLN BB 457 99.97 73.04 -63.85
N ASN BB 458 98.86 72.93 -64.58
CA ASN BB 458 97.64 73.62 -64.22
C ASN BB 458 96.86 72.85 -63.17
N LYS BB 459 96.07 73.58 -62.39
CA LYS BB 459 95.21 72.95 -61.40
C LYS BB 459 93.98 72.36 -62.09
N ASP BB 460 93.26 71.52 -61.34
CA ASP BB 460 92.04 70.89 -61.85
C ASP BB 460 91.27 70.32 -60.68
N LEU BB 461 90.16 69.66 -61.00
CA LEU BB 461 89.35 68.93 -60.03
C LEU BB 461 88.94 67.63 -60.72
N LEU BB 462 89.75 66.60 -60.55
CA LEU BB 462 89.54 65.32 -61.20
C LEU BB 462 89.11 64.29 -60.18
N PHE BB 463 88.02 63.59 -60.46
CA PHE BB 463 87.41 62.65 -59.53
C PHE BB 463 87.52 61.24 -60.07
N SER BB 464 87.85 60.29 -59.20
CA SER BB 464 87.95 58.90 -59.57
C SER BB 464 86.94 58.09 -58.79
N ARG BB 465 86.62 56.92 -59.34
CA ARG BB 465 85.72 55.98 -58.71
C ARG BB 465 86.51 55.05 -57.79
N GLY BB 466 85.91 54.71 -56.65
CA GLY BB 466 86.51 53.77 -55.74
C GLY BB 466 86.71 52.41 -56.39
N SER BB 467 87.95 51.99 -56.53
CA SER BB 467 88.31 50.79 -57.28
C SER BB 467 89.23 49.92 -56.45
N PRO BB 468 89.29 48.61 -56.75
CA PRO BB 468 90.23 47.75 -56.03
C PRO BB 468 91.69 48.07 -56.28
N ALA BB 469 92.01 48.84 -57.32
CA ALA BB 469 93.38 49.27 -57.53
C ALA BB 469 93.87 50.14 -56.38
N GLY BB 470 93.10 51.17 -56.04
CA GLY BB 470 93.41 51.97 -54.88
C GLY BB 470 92.44 51.72 -53.75
N MET BB 471 92.85 50.91 -52.78
CA MET BB 471 92.00 50.57 -51.64
C MET BB 471 92.17 51.54 -50.49
N SER BB 472 93.28 52.29 -50.47
CA SER BB 472 93.53 53.25 -49.40
C SER BB 472 92.67 54.49 -49.51
N VAL BB 473 92.17 54.81 -50.70
CA VAL BB 473 91.40 56.03 -50.93
C VAL BB 473 89.92 55.76 -51.07
N GLN BB 474 89.50 54.51 -50.95
CA GLN BB 474 88.08 54.19 -51.03
C GLN BB 474 87.36 54.75 -49.80
N PRO BB 475 86.17 55.33 -49.99
CA PRO BB 475 85.33 55.65 -48.83
C PRO BB 475 85.03 54.40 -48.01
N LYS BB 476 85.03 54.55 -46.70
CA LYS BB 476 84.81 53.44 -45.78
C LYS BB 476 83.82 53.85 -44.71
N ASN BB 477 83.34 52.87 -43.95
CA ASN BB 477 82.26 53.08 -43.01
C ASN BB 477 82.72 53.22 -41.57
N TRP BB 478 83.92 52.77 -41.23
CA TRP BB 478 84.35 52.69 -39.84
C TRP BB 478 85.76 53.23 -39.69
N LEU BB 479 86.14 53.47 -38.44
CA LEU BB 479 87.43 54.02 -38.07
C LEU BB 479 88.12 53.12 -37.06
N PRO BB 480 89.45 53.10 -37.04
CA PRO BB 480 90.16 52.34 -36.00
C PRO BB 480 89.98 52.99 -34.64
N GLY BB 481 90.13 52.18 -33.61
CA GLY BB 481 89.91 52.61 -32.25
C GLY BB 481 90.79 53.75 -31.81
N PRO BB 482 90.56 54.24 -30.60
CA PRO BB 482 91.33 55.38 -30.10
C PRO BB 482 92.76 55.01 -29.79
N CYS BB 483 93.62 56.02 -29.75
CA CYS BB 483 95.03 55.79 -29.53
C CYS BB 483 95.58 56.81 -28.55
N TYR BB 484 96.66 56.46 -27.87
CA TYR BB 484 97.43 57.36 -27.03
C TYR BB 484 98.89 56.95 -27.15
N ARG BB 485 99.63 57.62 -28.03
CA ARG BB 485 100.90 57.11 -28.52
C ARG BB 485 101.90 56.88 -27.39
N GLN BB 486 102.63 55.78 -27.49
CA GLN BB 486 103.70 55.41 -26.57
C GLN BB 486 105.04 55.53 -27.27
N GLN BB 487 106.10 55.49 -26.47
CA GLN BB 487 107.45 55.54 -27.01
C GLN BB 487 107.90 54.14 -27.42
N ARG BB 488 108.65 54.07 -28.51
CA ARG BB 488 109.03 52.79 -29.10
C ARG BB 488 110.40 52.38 -28.58
N VAL BB 489 110.45 51.24 -27.92
CA VAL BB 489 111.69 50.69 -27.37
C VAL BB 489 112.00 49.40 -28.10
N SER BB 490 113.26 49.23 -28.48
CA SER BB 490 113.71 48.03 -29.15
C SER BB 490 114.18 47.00 -28.14
N LYS BB 491 113.78 45.75 -28.36
CA LYS BB 491 114.28 44.65 -27.53
C LYS BB 491 115.78 44.44 -27.71
N THR BB 492 116.34 44.91 -28.82
CA THR BB 492 117.77 44.94 -29.02
C THR BB 492 118.30 46.28 -28.51
N LYS BB 493 119.04 46.24 -27.40
CA LYS BB 493 119.36 47.46 -26.67
C LYS BB 493 120.24 48.42 -27.45
N THR BB 494 120.98 47.95 -28.46
CA THR BB 494 121.88 48.84 -29.17
C THR BB 494 121.15 49.86 -30.03
N ASP BB 495 119.90 49.59 -30.41
CA ASP BB 495 119.14 50.52 -31.23
C ASP BB 495 118.38 51.55 -30.43
N ASN BB 496 118.47 51.52 -29.12
CA ASN BB 496 117.80 52.49 -28.28
C ASN BB 496 118.71 53.69 -28.01
N ASN BB 497 118.09 54.83 -27.76
CA ASN BB 497 118.83 56.05 -27.49
C ASN BB 497 119.63 55.90 -26.20
N ASN BB 498 120.79 56.54 -26.17
CA ASN BB 498 121.67 56.46 -24.99
C ASN BB 498 121.24 57.51 -23.96
N SER BB 499 120.15 57.19 -23.29
CA SER BB 499 119.64 57.98 -22.17
C SER BB 499 118.65 57.11 -21.41
N ASN BB 500 118.17 57.63 -20.28
CA ASN BB 500 117.21 56.86 -19.50
C ASN BB 500 115.82 56.93 -20.12
N PHE BB 501 115.23 58.12 -20.12
CA PHE BB 501 114.00 58.44 -20.84
C PHE BB 501 112.84 57.47 -20.54
N THR BB 502 112.98 56.65 -19.50
CA THR BB 502 111.84 55.85 -19.06
C THR BB 502 110.84 56.67 -18.27
N TRP BB 503 111.21 57.81 -17.77
CA TRP BB 503 110.28 58.72 -17.13
C TRP BB 503 110.13 60.02 -17.88
N THR BB 504 111.21 60.58 -18.42
CA THR BB 504 111.10 61.85 -19.14
C THR BB 504 110.45 61.69 -20.50
N GLY BB 505 110.59 60.54 -21.14
CA GLY BB 505 110.07 60.36 -22.48
C GLY BB 505 108.85 59.47 -22.55
N ALA BB 506 108.13 59.34 -21.44
CA ALA BB 506 107.04 58.39 -21.34
C ALA BB 506 105.69 59.07 -21.32
N SER BB 507 104.68 58.36 -21.84
CA SER BB 507 103.31 58.83 -21.79
C SER BB 507 102.78 58.73 -20.37
N LYS BB 508 102.38 59.85 -19.81
CA LYS BB 508 101.89 59.86 -18.44
C LYS BB 508 100.74 60.85 -18.34
N TYR BB 509 99.96 60.71 -17.28
CA TYR BB 509 98.83 61.59 -17.07
C TYR BB 509 98.99 62.38 -15.78
N ASN BB 510 98.36 63.54 -15.76
CA ASN BB 510 98.44 64.47 -14.64
C ASN BB 510 97.16 64.38 -13.82
N LEU BB 511 97.30 64.16 -12.52
CA LEU BB 511 96.14 64.07 -11.63
C LEU BB 511 96.48 64.72 -10.30
N ASN BB 512 95.83 65.83 -10.00
CA ASN BB 512 96.04 66.56 -8.75
C ASN BB 512 97.50 66.97 -8.58
N GLY BB 513 98.15 67.29 -9.70
CA GLY BB 513 99.50 67.80 -9.66
C GLY BB 513 100.61 66.78 -9.69
N ARG BB 514 100.30 65.49 -9.64
CA ARG BB 514 101.31 64.47 -9.70
C ARG BB 514 101.07 63.55 -10.88
N GLU BB 515 102.16 63.18 -11.55
CA GLU BB 515 102.12 62.45 -12.80
C GLU BB 515 102.16 60.94 -12.54
N SER BB 516 101.49 60.20 -13.42
CA SER BB 516 101.42 58.75 -13.31
C SER BB 516 101.60 58.17 -14.71
N ILE BB 517 102.48 57.19 -14.84
CA ILE BB 517 102.68 56.51 -16.11
C ILE BB 517 101.38 55.82 -16.50
N ILE BB 518 101.05 55.84 -17.78
CA ILE BB 518 99.79 55.24 -18.24
C ILE BB 518 99.79 53.75 -17.98
N ASN BB 519 100.67 52.99 -18.64
CA ASN BB 519 100.99 51.62 -18.28
C ASN BB 519 99.79 50.73 -17.95
N PRO BB 520 99.12 50.15 -18.95
CA PRO BB 520 99.45 50.14 -20.37
C PRO BB 520 98.50 51.00 -21.21
N GLY BB 521 97.41 51.45 -20.61
CA GLY BB 521 96.53 52.38 -21.29
C GLY BB 521 95.73 51.73 -22.39
N THR BB 522 95.55 52.47 -23.48
CA THR BB 522 94.69 52.05 -24.57
C THR BB 522 95.17 50.74 -25.17
N ALA BB 523 94.23 49.89 -25.56
CA ALA BB 523 94.55 48.61 -26.17
C ALA BB 523 94.96 48.85 -27.60
N MET BB 524 96.26 48.79 -27.86
CA MET BB 524 96.81 49.02 -29.19
C MET BB 524 97.78 47.92 -29.54
N ALA BB 525 98.03 47.78 -30.84
CA ALA BB 525 99.00 46.80 -31.32
C ALA BB 525 100.40 47.15 -30.83
N SER BB 526 101.14 46.14 -30.39
CA SER BB 526 102.49 46.36 -29.88
C SER BB 526 103.42 46.88 -30.96
N HIS BB 527 103.31 46.36 -32.18
CA HIS BB 527 104.20 46.75 -33.27
C HIS BB 527 103.48 46.52 -34.58
N LYS BB 528 104.16 46.82 -35.67
CA LYS BB 528 103.65 46.56 -37.01
C LYS BB 528 104.07 45.17 -37.47
N ASP BB 529 103.86 44.88 -38.74
CA ASP BB 529 104.37 43.67 -39.35
C ASP BB 529 105.88 43.76 -39.50
N ASP BB 530 106.56 42.64 -39.26
CA ASP BB 530 108.01 42.54 -39.42
C ASP BB 530 108.75 43.51 -38.50
N GLU BB 531 108.18 43.79 -37.33
CA GLU BB 531 108.77 44.74 -36.39
C GLU BB 531 108.65 44.21 -34.97
N ASP BB 532 108.80 42.90 -34.79
CA ASP BB 532 108.66 42.29 -33.49
C ASP BB 532 109.73 42.72 -32.50
N LYS BB 533 110.80 43.34 -32.97
CA LYS BB 533 111.88 43.81 -32.11
C LYS BB 533 111.51 45.04 -31.30
N PHE BB 534 110.37 45.68 -31.59
CA PHE BB 534 109.95 46.89 -30.92
C PHE BB 534 108.72 46.62 -30.05
N PHE BB 535 108.67 47.29 -28.91
CA PHE BB 535 107.49 47.29 -28.05
C PHE BB 535 107.29 48.68 -27.49
N PRO BB 536 106.04 49.05 -27.20
CA PRO BB 536 105.79 50.34 -26.53
C PRO BB 536 106.39 50.33 -25.14
N MET BB 537 106.90 51.50 -24.73
CA MET BB 537 107.69 51.55 -23.51
C MET BB 537 106.89 51.13 -22.29
N SER BB 538 105.64 51.55 -22.21
CA SER BB 538 104.76 51.14 -21.11
C SER BB 538 103.39 50.75 -21.66
N GLY BB 539 103.38 50.00 -22.74
CA GLY BB 539 102.13 49.64 -23.38
C GLY BB 539 101.85 48.15 -23.37
N VAL BB 540 102.74 47.39 -22.73
CA VAL BB 540 102.64 45.94 -22.76
C VAL BB 540 102.66 45.42 -21.33
N MET BB 541 101.99 44.29 -21.12
CA MET BB 541 102.05 43.59 -19.84
C MET BB 541 103.31 42.75 -19.79
N ILE BB 542 104.13 42.97 -18.78
CA ILE BB 542 105.40 42.29 -18.63
C ILE BB 542 105.33 41.41 -17.40
N PHE BB 543 105.47 40.11 -17.59
CA PHE BB 543 105.51 39.15 -16.51
C PHE BB 543 106.95 38.75 -16.25
N GLY BB 544 107.30 38.61 -14.98
CA GLY BB 544 108.63 38.18 -14.61
C GLY BB 544 108.70 36.66 -14.53
N LYS BB 545 109.81 36.11 -15.01
CA LYS BB 545 110.06 34.70 -14.82
C LYS BB 545 110.52 34.46 -13.39
N GLU BB 546 110.50 33.20 -12.98
CA GLU BB 546 111.12 32.86 -11.71
C GLU BB 546 112.61 33.13 -11.80
N SER BB 547 113.19 33.53 -10.66
CA SER BB 547 114.55 34.06 -10.61
C SER BB 547 114.65 35.39 -11.36
N ALA BB 548 113.65 36.24 -11.21
CA ALA BB 548 113.72 37.62 -11.65
C ALA BB 548 113.75 38.53 -10.42
N GLY BB 549 114.68 39.46 -10.40
CA GLY BB 549 114.80 40.36 -9.28
C GLY BB 549 113.64 41.32 -9.19
N ALA BB 550 113.56 41.99 -8.04
CA ALA BB 550 112.49 42.97 -7.84
C ALA BB 550 112.77 44.26 -8.61
N SER BB 551 114.04 44.65 -8.72
CA SER BB 551 114.41 45.92 -9.33
C SER BB 551 115.53 45.73 -10.33
N ASN BB 552 115.40 46.36 -11.49
CA ASN BB 552 116.43 46.40 -12.52
C ASN BB 552 116.86 44.99 -12.94
N THR BB 553 115.89 44.10 -13.09
CA THR BB 553 116.17 42.79 -13.63
C THR BB 553 116.35 42.88 -15.14
N ALA BB 554 116.63 41.75 -15.76
CA ALA BB 554 117.03 41.73 -17.16
C ALA BB 554 115.88 41.33 -18.09
N LEU BB 555 116.02 41.77 -19.34
CA LEU BB 555 115.11 41.37 -20.40
C LEU BB 555 115.03 39.85 -20.52
N ASP BB 556 116.12 39.17 -20.17
CA ASP BB 556 116.11 37.71 -20.16
C ASP BB 556 115.26 37.18 -19.02
N ASN BB 557 115.10 37.96 -17.95
CA ASN BB 557 114.33 37.52 -16.80
C ASN BB 557 112.87 37.94 -16.87
N VAL BB 558 112.50 38.81 -17.80
CA VAL BB 558 111.09 39.18 -17.95
C VAL BB 558 110.54 38.59 -19.24
N MET BB 559 109.21 38.45 -19.28
CA MET BB 559 108.46 38.01 -20.46
C MET BB 559 107.56 39.14 -20.91
N ILE BB 560 107.82 39.69 -22.07
CA ILE BB 560 107.04 40.79 -22.64
C ILE BB 560 105.93 40.21 -23.50
N THR BB 561 104.69 40.64 -23.25
CA THR BB 561 103.59 40.16 -24.05
C THR BB 561 103.53 40.90 -25.39
N ASP BB 562 102.70 40.39 -26.28
CA ASP BB 562 102.51 40.96 -27.60
C ASP BB 562 101.02 41.08 -27.87
N GLU BB 563 100.62 42.17 -28.51
CA GLU BB 563 99.24 42.41 -28.90
C GLU BB 563 99.12 42.43 -30.41
N GLU BB 564 99.75 41.47 -31.07
CA GLU BB 564 99.86 41.50 -32.52
C GLU BB 564 98.55 41.13 -33.19
N GLU BB 565 97.63 40.52 -32.46
CA GLU BB 565 96.41 40.01 -33.07
C GLU BB 565 95.37 41.10 -33.31
N ILE BB 566 95.51 42.26 -32.67
CA ILE BB 566 94.51 43.31 -32.77
C ILE BB 566 94.96 44.42 -33.71
N LYS BB 567 95.93 44.13 -34.59
CA LYS BB 567 96.29 45.06 -35.66
C LYS BB 567 95.15 45.27 -36.64
N ALA BB 568 94.18 44.37 -36.69
CA ALA BB 568 93.10 44.47 -37.66
C ALA BB 568 92.18 45.64 -37.37
N THR BB 569 92.06 46.04 -36.11
CA THR BB 569 91.14 47.10 -35.73
C THR BB 569 91.77 48.21 -34.88
N ASN BB 570 92.91 47.97 -34.26
CA ASN BB 570 93.49 48.93 -33.33
C ASN BB 570 94.74 49.55 -33.92
N PRO BB 571 94.99 50.83 -33.63
CA PRO BB 571 96.23 51.46 -34.08
C PRO BB 571 97.43 50.85 -33.38
N VAL BB 572 98.59 50.94 -34.04
CA VAL BB 572 99.83 50.49 -33.43
C VAL BB 572 100.22 51.46 -32.32
N ALA BB 573 100.64 50.91 -31.18
CA ALA BB 573 100.83 51.71 -29.98
C ALA BB 573 101.90 52.77 -30.11
N THR BB 574 102.91 52.54 -30.95
CA THR BB 574 104.04 53.43 -31.05
C THR BB 574 103.96 54.42 -32.20
N GLU BB 575 102.85 54.43 -32.94
CA GLU BB 575 102.70 55.31 -34.09
C GLU BB 575 101.43 56.15 -33.96
N ARG BB 576 101.39 57.21 -34.76
CA ARG BB 576 100.29 58.16 -34.69
C ARG BB 576 98.99 57.51 -35.14
N PHE BB 577 97.88 58.06 -34.66
CA PHE BB 577 96.58 57.65 -35.17
C PHE BB 577 96.46 57.98 -36.65
N GLY BB 578 96.95 59.15 -37.04
CA GLY BB 578 96.87 59.57 -38.43
C GLY BB 578 97.26 61.03 -38.53
N THR BB 579 96.91 61.62 -39.67
CA THR BB 579 97.17 63.02 -39.93
C THR BB 579 95.84 63.77 -40.03
N VAL BB 580 95.92 65.07 -39.80
CA VAL BB 580 94.76 65.95 -39.84
C VAL BB 580 95.16 67.24 -40.52
N ALA BB 581 94.23 67.83 -41.26
CA ALA BB 581 94.47 69.14 -41.86
C ALA BB 581 94.54 70.19 -40.77
N VAL BB 582 95.45 71.15 -40.92
CA VAL BB 582 95.67 72.15 -39.89
C VAL BB 582 95.59 73.58 -40.41
N ASN BB 583 95.26 73.78 -41.68
CA ASN BB 583 95.17 75.13 -42.24
C ASN BB 583 94.18 75.12 -43.40
N PHE BB 584 94.09 76.24 -44.09
CA PHE BB 584 93.31 76.38 -45.32
C PHE BB 584 94.28 76.52 -46.48
N GLN BB 585 94.21 75.59 -47.44
CA GLN BB 585 95.00 75.73 -48.65
C GLN BB 585 94.35 76.77 -49.57
N SER BB 586 95.19 77.52 -50.26
CA SER BB 586 94.70 78.55 -51.17
C SER BB 586 95.77 78.84 -52.21
N SER BB 587 95.36 79.47 -53.29
CA SER BB 587 96.27 79.91 -54.35
C SER BB 587 96.61 81.39 -54.16
N SER BB 588 97.68 81.81 -54.82
CA SER BB 588 98.09 83.20 -54.78
C SER BB 588 97.10 84.07 -55.54
N THR BB 589 96.94 85.31 -55.07
CA THR BB 589 96.03 86.25 -55.70
C THR BB 589 96.64 87.64 -55.75
N VAL BB 592 95.44 88.74 -52.67
CA VAL BB 592 96.20 88.17 -51.57
C VAL BB 592 97.34 87.33 -52.11
N PRO BB 593 98.46 87.97 -52.45
CA PRO BB 593 99.57 87.24 -53.07
C PRO BB 593 100.41 86.46 -52.07
N PHE BB 594 99.74 85.75 -51.15
CA PHE BB 594 100.41 84.90 -50.18
C PHE BB 594 99.81 83.50 -50.31
N LYS BB 595 100.39 82.71 -51.21
CA LYS BB 595 99.93 81.34 -51.43
C LYS BB 595 100.11 80.50 -50.17
N THR BB 596 99.09 79.71 -49.84
CA THR BB 596 99.12 78.86 -48.66
C THR BB 596 99.10 77.40 -49.09
N ASP BB 597 100.20 76.70 -48.86
CA ASP BB 597 100.22 75.27 -49.11
C ASP BB 597 99.41 74.53 -48.06
N PRO BB 598 98.74 73.45 -48.45
CA PRO BB 598 98.05 72.63 -47.44
C PRO BB 598 99.03 72.03 -46.45
N ALA BB 599 98.60 71.94 -45.20
CA ALA BB 599 99.44 71.46 -44.12
C ALA BB 599 98.69 70.45 -43.27
N THR BB 600 99.39 69.38 -42.92
CA THR BB 600 98.85 68.33 -42.07
C THR BB 600 99.71 68.20 -40.83
N GLY BB 601 99.09 67.72 -39.77
CA GLY BB 601 99.80 67.44 -38.53
C GLY BB 601 99.45 66.05 -38.04
N ASP BB 602 100.42 65.43 -37.37
CA ASP BB 602 100.23 64.09 -36.84
C ASP BB 602 99.34 64.13 -35.62
N VAL BB 603 98.45 63.14 -35.52
CA VAL BB 603 97.51 63.01 -34.42
C VAL BB 603 98.04 61.90 -33.52
N HIS BB 604 98.54 62.27 -32.35
CA HIS BB 604 99.22 61.31 -31.47
C HIS BB 604 98.29 60.73 -30.42
N ALA BB 605 97.34 61.52 -29.92
CA ALA BB 605 96.32 61.06 -29.00
C ALA BB 605 94.96 61.36 -29.61
N MET BB 606 94.16 60.33 -29.81
CA MET BB 606 92.84 60.46 -30.42
C MET BB 606 91.81 59.86 -29.49
N GLY BB 607 90.84 60.66 -29.08
CA GLY BB 607 89.72 60.17 -28.30
C GLY BB 607 88.69 59.51 -29.18
N ALA BB 608 87.63 59.03 -28.54
CA ALA BB 608 86.61 58.26 -29.25
C ALA BB 608 85.85 59.14 -30.22
N LEU BB 609 85.83 58.74 -31.48
CA LEU BB 609 85.01 59.30 -32.53
C LEU BB 609 83.89 58.33 -32.90
N PRO BB 610 82.72 58.82 -33.28
CA PRO BB 610 81.67 57.91 -33.74
C PRO BB 610 82.12 57.18 -34.98
N GLY BB 611 81.76 55.90 -35.07
CA GLY BB 611 82.25 55.01 -36.09
C GLY BB 611 83.50 54.25 -35.73
N MET BB 612 84.11 54.54 -34.58
CA MET BB 612 85.30 53.83 -34.14
C MET BB 612 84.96 52.43 -33.66
N VAL BB 613 85.81 51.48 -34.00
CA VAL BB 613 85.70 50.10 -33.51
C VAL BB 613 87.07 49.66 -33.04
N TRP BB 614 87.09 48.85 -31.98
CA TRP BB 614 88.36 48.42 -31.41
C TRP BB 614 88.17 47.10 -30.69
N GLN BB 615 89.29 46.45 -30.41
CA GLN BB 615 89.33 45.29 -29.53
C GLN BB 615 89.98 45.66 -28.21
N ASP BB 616 89.58 44.95 -27.16
CA ASP BB 616 90.16 45.15 -25.85
C ASP BB 616 91.47 44.39 -25.72
N ARG BB 617 92.18 44.61 -24.62
CA ARG BB 617 93.41 43.89 -24.36
C ARG BB 617 93.12 42.42 -24.12
N ASP BB 618 94.10 41.59 -24.48
CA ASP BB 618 93.99 40.16 -24.26
C ASP BB 618 94.19 39.81 -22.79
N VAL BB 619 93.63 38.68 -22.39
CA VAL BB 619 93.87 38.12 -21.07
C VAL BB 619 94.88 37.00 -21.21
N TYR BB 620 95.62 36.75 -20.14
CA TYR BB 620 96.68 35.76 -20.14
C TYR BB 620 96.48 34.80 -18.97
N LEU BB 621 97.08 33.63 -19.08
CA LEU BB 621 96.98 32.65 -18.01
C LEU BB 621 97.58 33.19 -16.71
N GLN BB 622 98.60 34.03 -16.81
CA GLN BB 622 99.24 34.65 -15.65
C GLN BB 622 98.63 35.98 -15.27
N GLY BB 623 97.62 36.45 -16.00
CA GLY BB 623 97.11 37.78 -15.82
C GLY BB 623 95.85 37.86 -14.97
N PRO BB 624 95.40 39.08 -14.70
CA PRO BB 624 94.20 39.26 -13.87
C PRO BB 624 92.93 38.85 -14.59
N ILE BB 625 91.93 38.49 -13.81
CA ILE BB 625 90.63 38.10 -14.33
C ILE BB 625 89.68 39.29 -14.39
N TRP BB 626 89.50 40.00 -13.28
CA TRP BB 626 88.51 41.05 -13.18
C TRP BB 626 89.10 42.28 -12.53
N ALA BB 627 88.30 43.33 -12.52
CA ALA BB 627 88.61 44.55 -11.79
C ALA BB 627 87.31 45.23 -11.41
N LYS BB 628 87.28 45.84 -10.24
CA LYS BB 628 86.13 46.64 -9.83
C LYS BB 628 86.10 47.94 -10.63
N ILE BB 629 84.96 48.22 -11.24
CA ILE BB 629 84.77 49.50 -11.92
C ILE BB 629 84.55 50.59 -10.87
N PRO BB 630 85.32 51.68 -10.91
CA PRO BB 630 85.15 52.72 -9.89
C PRO BB 630 83.74 53.27 -9.88
N HIS BB 631 83.24 53.54 -8.67
CA HIS BB 631 81.89 54.09 -8.51
C HIS BB 631 81.95 55.58 -8.77
N THR BB 632 81.81 55.94 -10.04
CA THR BB 632 81.86 57.31 -10.51
C THR BB 632 80.59 57.65 -11.26
N ASP BB 633 80.40 58.94 -11.53
CA ASP BB 633 79.25 59.37 -12.32
C ASP BB 633 79.33 58.87 -13.75
N GLY BB 634 80.51 58.93 -14.35
CA GLY BB 634 80.66 58.50 -15.73
C GLY BB 634 81.88 57.63 -15.90
N HIS BB 635 81.79 56.76 -16.89
CA HIS BB 635 82.90 55.95 -17.33
C HIS BB 635 82.65 55.52 -18.76
N PHE BB 636 83.69 55.48 -19.56
CA PHE BB 636 83.58 55.13 -20.97
C PHE BB 636 84.19 53.76 -21.18
N HIS BB 637 83.37 52.80 -21.62
CA HIS BB 637 83.79 51.44 -21.92
C HIS BB 637 84.56 50.84 -20.76
N PRO BB 638 83.90 50.54 -19.64
CA PRO BB 638 84.61 50.21 -18.39
C PRO BB 638 85.23 48.83 -18.41
N SER BB 639 86.11 48.59 -19.38
CA SER BB 639 86.91 47.39 -19.45
C SER BB 639 88.30 47.69 -18.90
N PRO BB 640 88.80 46.91 -17.94
CA PRO BB 640 90.07 47.24 -17.30
C PRO BB 640 91.20 47.29 -18.31
N LEU BB 641 92.13 48.23 -18.10
CA LEU BB 641 93.18 48.44 -19.08
C LEU BB 641 94.25 47.36 -19.00
N MET BB 642 94.36 46.67 -17.87
CA MET BB 642 95.23 45.50 -17.81
C MET BB 642 94.63 44.28 -18.49
N GLY BB 643 93.35 44.32 -18.81
CA GLY BB 643 92.67 43.19 -19.40
C GLY BB 643 91.79 42.49 -18.39
N GLY BB 644 90.71 41.91 -18.89
CA GLY BB 644 89.80 41.20 -18.03
C GLY BB 644 88.39 41.75 -18.06
N PHE BB 645 87.62 41.42 -17.03
CA PHE BB 645 86.22 41.80 -16.93
C PHE BB 645 86.09 42.92 -15.90
N GLY BB 646 85.50 44.03 -16.31
CA GLY BB 646 85.17 45.09 -15.38
C GLY BB 646 83.82 44.82 -14.76
N LEU BB 647 83.78 44.71 -13.44
CA LEU BB 647 82.54 44.39 -12.73
C LEU BB 647 82.19 45.53 -11.79
N LYS BB 648 80.93 45.95 -11.81
CA LYS BB 648 80.48 46.95 -10.84
C LYS BB 648 80.45 46.36 -9.44
N ASN BB 649 79.96 45.13 -9.31
CA ASN BB 649 80.02 44.38 -8.06
C ASN BB 649 80.94 43.18 -8.29
N PRO BB 650 82.25 43.33 -8.11
CA PRO BB 650 83.15 42.21 -8.34
C PRO BB 650 83.05 41.21 -7.20
N PRO BB 651 83.75 40.08 -7.30
CA PRO BB 651 83.84 39.19 -6.16
C PRO BB 651 84.39 39.92 -4.95
N PRO BB 652 83.71 39.85 -3.81
CA PRO BB 652 84.12 40.64 -2.66
C PRO BB 652 85.41 40.12 -2.04
N GLN BB 653 86.05 41.00 -1.29
CA GLN BB 653 87.27 40.64 -0.59
C GLN BB 653 86.95 39.78 0.62
N ILE BB 654 87.67 38.68 0.75
CA ILE BB 654 87.60 37.83 1.93
C ILE BB 654 88.79 38.18 2.82
N LEU BB 655 88.51 38.65 4.01
CA LEU BB 655 89.52 39.13 4.93
C LEU BB 655 89.58 38.22 6.13
N ILE BB 656 90.80 37.87 6.53
CA ILE BB 656 91.05 36.85 7.53
C ILE BB 656 92.15 37.34 8.45
N LYS BB 657 92.02 37.07 9.74
CA LYS BB 657 93.11 37.35 10.65
C LYS BB 657 93.04 36.41 11.83
N ASN BB 658 94.16 36.28 12.53
CA ASN BB 658 94.20 35.49 13.75
C ASN BB 658 93.67 36.34 14.89
N THR BB 659 92.76 35.79 15.68
CA THR BB 659 92.29 36.52 16.84
C THR BB 659 93.44 36.65 17.85
N PRO BB 660 93.72 37.85 18.34
CA PRO BB 660 94.84 37.99 19.30
C PRO BB 660 94.57 37.22 20.58
N VAL BB 661 95.61 36.55 21.08
CA VAL BB 661 95.57 35.86 22.36
C VAL BB 661 96.54 36.56 23.28
N PRO BB 662 96.08 37.28 24.30
CA PRO BB 662 96.98 37.99 25.19
C PRO BB 662 97.85 37.04 26.01
N ALA BB 663 99.04 37.52 26.35
CA ALA BB 663 99.91 36.79 27.26
C ALA BB 663 99.45 37.03 28.69
N ASN BB 664 100.28 36.65 29.65
CA ASN BB 664 99.91 36.72 31.05
C ASN BB 664 99.70 38.17 31.48
N PRO BB 665 98.52 38.53 31.97
CA PRO BB 665 98.29 39.91 32.41
C PRO BB 665 98.91 40.16 33.77
N PRO BB 666 99.12 41.41 34.15
CA PRO BB 666 99.65 41.70 35.48
C PRO BB 666 98.68 41.35 36.59
N ALA BB 667 99.21 41.20 37.80
CA ALA BB 667 98.37 40.90 38.95
C ALA BB 667 97.45 42.06 39.30
N GLU BB 668 97.94 43.29 39.20
CA GLU BB 668 97.16 44.48 39.40
C GLU BB 668 96.61 45.01 38.07
N PHE BB 669 95.47 45.66 38.14
CA PHE BB 669 94.80 46.15 36.94
C PHE BB 669 95.55 47.32 36.33
N SER BB 670 95.65 47.33 35.01
CA SER BB 670 96.23 48.42 34.25
C SER BB 670 95.32 48.73 33.08
N ALA BB 671 94.98 49.99 32.91
CA ALA BB 671 94.11 50.39 31.81
C ALA BB 671 94.86 50.54 30.49
N THR BB 672 96.19 50.53 30.52
CA THR BB 672 96.96 50.55 29.30
C THR BB 672 96.62 49.33 28.45
N LYS BB 673 96.39 49.55 27.16
CA LYS BB 673 95.96 48.47 26.29
C LYS BB 673 97.05 47.41 26.18
N PHE BB 674 96.63 46.17 25.96
CA PHE BB 674 97.53 45.05 25.92
C PHE BB 674 98.51 45.19 24.77
N ALA BB 675 99.78 44.90 25.03
CA ALA BB 675 100.80 44.88 24.02
C ALA BB 675 101.55 43.56 23.96
N SER BB 676 101.38 42.70 24.95
CA SER BB 676 102.03 41.41 25.02
C SER BB 676 101.03 40.35 24.57
N PHE BB 677 101.34 39.68 23.48
CA PHE BB 677 100.45 38.68 22.91
C PHE BB 677 101.19 37.37 22.73
N ILE BB 678 100.44 36.29 22.75
CA ILE BB 678 100.96 34.97 22.45
C ILE BB 678 101.18 34.88 20.94
N THR BB 679 102.40 34.56 20.54
CA THR BB 679 102.76 34.57 19.12
C THR BB 679 102.20 33.34 18.44
N GLN BB 680 101.39 33.55 17.40
CA GLN BB 680 100.80 32.41 16.72
C GLN BB 680 100.49 32.75 15.28
N TYR BB 681 100.33 31.71 14.49
CA TYR BB 681 99.92 31.81 13.10
C TYR BB 681 98.85 30.77 12.85
N SER BB 682 98.31 30.74 11.63
CA SER BB 682 97.33 29.74 11.29
C SER BB 682 97.61 29.20 9.89
N THR BB 683 97.13 27.99 9.64
CA THR BB 683 97.25 27.35 8.35
C THR BB 683 95.93 26.70 8.02
N GLY BB 684 95.73 26.43 6.74
CA GLY BB 684 94.48 25.79 6.36
C GLY BB 684 94.41 25.57 4.87
N GLN BB 685 93.23 25.18 4.42
CA GLN BB 685 92.96 24.92 3.02
C GLN BB 685 91.88 25.86 2.52
N VAL BB 686 92.03 26.32 1.29
CA VAL BB 686 91.08 27.21 0.65
C VAL BB 686 90.69 26.61 -0.69
N SER BB 687 89.39 26.59 -0.97
CA SER BB 687 88.85 26.10 -2.23
C SER BB 687 88.11 27.21 -2.93
N VAL BB 688 88.36 27.38 -4.23
CA VAL BB 688 87.61 28.31 -5.07
C VAL BB 688 87.11 27.52 -6.27
N GLU BB 689 85.81 27.60 -6.53
CA GLU BB 689 85.19 26.95 -7.68
C GLU BB 689 84.50 28.02 -8.52
N ILE BB 690 84.89 28.15 -9.77
CA ILE BB 690 84.27 29.10 -10.69
C ILE BB 690 83.64 28.34 -11.84
N GLU BB 691 82.37 28.62 -12.09
CA GLU BB 691 81.69 28.24 -13.31
C GLU BB 691 81.85 29.34 -14.33
N TRP BB 692 82.31 28.99 -15.53
CA TRP BB 692 82.50 29.87 -16.66
C TRP BB 692 81.59 29.44 -17.80
N GLU BB 693 80.96 30.42 -18.43
CA GLU BB 693 80.19 30.21 -19.65
C GLU BB 693 81.10 30.37 -20.86
N LEU BB 694 80.97 29.43 -21.78
CA LEU BB 694 81.76 29.40 -23.01
C LEU BB 694 80.92 29.86 -24.19
N GLN BB 695 81.61 30.39 -25.19
CA GLN BB 695 81.00 30.80 -26.44
C GLN BB 695 81.78 30.09 -27.52
N LYS BB 696 81.16 29.05 -28.08
CA LYS BB 696 81.81 28.14 -29.01
C LYS BB 696 82.03 28.80 -30.37
N GLU BB 697 83.08 28.38 -31.05
CA GLU BB 697 83.30 28.80 -32.42
C GLU BB 697 82.22 28.19 -33.31
N ASN BB 698 81.83 28.94 -34.34
CA ASN BB 698 80.89 28.47 -35.34
C ASN BB 698 81.43 28.74 -36.74
N SER BB 699 82.73 28.53 -36.92
CA SER BB 699 83.43 29.03 -38.10
C SER BB 699 83.17 28.15 -39.31
N LYS BB 700 83.15 28.79 -40.48
CA LYS BB 700 83.08 28.11 -41.76
C LYS BB 700 84.40 28.16 -42.50
N ARG BB 701 85.47 28.53 -41.81
CA ARG BB 701 86.80 28.60 -42.40
C ARG BB 701 87.25 27.23 -42.89
N TRP BB 702 87.88 27.20 -44.06
CA TRP BB 702 88.27 25.94 -44.67
C TRP BB 702 89.64 25.47 -44.20
N ASN BB 703 90.65 26.33 -44.27
CA ASN BB 703 91.99 25.96 -43.89
C ASN BB 703 92.11 25.83 -42.37
N PRO BB 704 93.09 25.08 -41.89
CA PRO BB 704 93.23 24.91 -40.44
C PRO BB 704 93.61 26.20 -39.73
N GLU BB 705 93.17 26.29 -38.48
CA GLU BB 705 93.41 27.46 -37.64
C GLU BB 705 94.77 27.39 -36.97
N VAL BB 706 95.22 28.53 -36.49
CA VAL BB 706 96.39 28.60 -35.62
C VAL BB 706 95.96 28.19 -34.22
N GLN BB 707 96.70 27.27 -33.63
CA GLN BB 707 96.42 26.77 -32.29
C GLN BB 707 97.63 26.99 -31.41
N TYR BB 708 97.39 27.12 -30.11
CA TYR BB 708 98.50 27.08 -29.17
C TYR BB 708 98.93 25.63 -28.98
N THR BB 709 100.21 25.37 -29.15
CA THR BB 709 100.71 24.00 -29.08
C THR BB 709 101.99 23.95 -28.29
N SER BB 710 102.24 22.80 -27.68
CA SER BB 710 103.55 22.49 -27.15
C SER BB 710 104.53 22.23 -28.29
N ASN BB 711 105.78 22.58 -28.07
CA ASN BB 711 106.81 22.29 -29.05
C ASN BB 711 107.23 20.83 -28.92
N TYR BB 712 107.25 20.11 -30.03
CA TYR BB 712 107.74 18.73 -30.06
C TYR BB 712 109.23 18.82 -30.37
N ALA BB 713 110.05 18.47 -29.39
CA ALA BB 713 111.49 18.47 -29.57
C ALA BB 713 112.11 17.96 -28.29
N LYS BB 714 113.27 17.31 -28.42
CA LYS BB 714 114.00 16.93 -27.22
C LYS BB 714 114.44 18.18 -26.48
N SER BB 715 113.98 18.30 -25.23
CA SER BB 715 114.31 19.43 -24.40
C SER BB 715 114.71 18.92 -23.02
N ALA BB 716 115.55 19.69 -22.34
CA ALA BB 716 116.01 19.27 -21.02
C ALA BB 716 114.86 19.21 -20.03
N ASN BB 717 113.85 20.06 -20.22
CA ASN BB 717 112.68 20.11 -19.35
C ASN BB 717 111.42 20.11 -20.19
N VAL BB 718 110.30 19.84 -19.55
CA VAL BB 718 108.98 20.00 -20.15
C VAL BB 718 108.43 21.34 -19.72
N ASP BB 719 107.77 22.03 -20.65
CA ASP BB 719 107.20 23.34 -20.35
C ASP BB 719 106.05 23.22 -19.36
N PHE BB 720 105.95 24.21 -18.48
CA PHE BB 720 104.90 24.26 -17.46
C PHE BB 720 104.97 23.07 -16.53
N THR BB 721 106.18 22.74 -16.08
CA THR BB 721 106.39 21.65 -15.14
C THR BB 721 107.34 22.09 -14.05
N VAL BB 722 107.77 21.15 -13.22
CA VAL BB 722 108.76 21.41 -12.19
C VAL BB 722 110.12 20.99 -12.73
N ASP BB 723 111.17 21.54 -12.14
CA ASP BB 723 112.52 21.13 -12.48
C ASP BB 723 113.00 20.09 -11.47
N ASN BB 724 114.28 19.74 -11.52
CA ASN BB 724 114.82 18.77 -10.58
C ASN BB 724 114.86 19.31 -9.15
N ASN BB 725 114.76 20.61 -8.96
CA ASN BB 725 114.70 21.20 -7.63
C ASN BB 725 113.29 21.35 -7.10
N GLY BB 726 112.28 21.05 -7.90
CA GLY BB 726 110.90 21.17 -7.48
C GLY BB 726 110.25 22.50 -7.72
N LEU BB 727 110.83 23.35 -8.56
CA LEU BB 727 110.33 24.70 -8.79
C LEU BB 727 109.46 24.73 -10.03
N TYR BB 728 108.19 25.06 -9.85
CA TYR BB 728 107.27 25.21 -10.97
C TYR BB 728 107.54 26.51 -11.70
N THR BB 729 107.66 26.44 -13.02
CA THR BB 729 107.93 27.61 -13.85
C THR BB 729 106.97 27.63 -15.03
N GLU BB 730 106.66 28.84 -15.49
CA GLU BB 730 105.86 29.03 -16.69
C GLU BB 730 106.75 29.67 -17.75
N PRO BB 731 107.10 28.96 -18.82
CA PRO BB 731 108.08 29.48 -19.79
C PRO BB 731 107.67 30.74 -20.53
N ARG BB 732 106.38 30.90 -20.79
CA ARG BB 732 105.93 32.01 -21.64
C ARG BB 732 104.53 32.40 -21.20
N PRO BB 733 104.11 33.63 -21.49
CA PRO BB 733 102.71 34.01 -21.29
C PRO BB 733 101.86 33.56 -22.46
N ILE BB 734 100.70 32.97 -22.16
CA ILE BB 734 99.79 32.47 -23.18
C ILE BB 734 98.56 33.37 -23.21
N GLY BB 735 98.26 33.92 -24.39
CA GLY BB 735 97.05 34.68 -24.58
C GLY BB 735 95.88 33.79 -24.94
N THR BB 736 94.87 34.41 -25.53
CA THR BB 736 93.63 33.71 -25.86
C THR BB 736 93.31 33.70 -27.35
N ARG BB 737 93.86 34.64 -28.11
CA ARG BB 737 93.39 34.89 -29.47
C ARG BB 737 94.12 33.98 -30.45
N TYR BB 738 93.57 32.79 -30.68
CA TYR BB 738 94.16 31.85 -31.63
C TYR BB 738 93.18 31.54 -32.75
N LEU BB 739 91.95 31.21 -32.40
CA LEU BB 739 90.90 31.07 -33.40
C LEU BB 739 90.65 32.42 -34.06
N THR BB 740 90.02 32.41 -35.23
CA THR BB 740 89.73 33.63 -35.94
C THR BB 740 88.26 33.69 -36.30
N ARG BB 741 87.80 34.90 -36.60
CA ARG BB 741 86.46 35.11 -37.12
C ARG BB 741 86.48 36.33 -38.03
N PRO BB 742 85.57 36.41 -38.99
CA PRO BB 742 85.56 37.57 -39.90
C PRO BB 742 85.15 38.84 -39.17
N LEU BB 743 85.72 39.96 -39.62
CA LEU BB 743 85.52 41.24 -38.97
C LEU BB 743 84.13 41.80 -39.25
N ASP CB 219 80.19 23.57 23.80
CA ASP CB 219 79.89 22.90 22.54
C ASP CB 219 81.13 22.20 21.97
N GLY CB 220 82.22 22.21 22.73
CA GLY CB 220 83.42 21.49 22.37
C GLY CB 220 84.65 22.37 22.37
N VAL CB 221 85.80 21.70 22.35
CA VAL CB 221 87.09 22.38 22.32
C VAL CB 221 87.32 23.03 20.96
N GLY CB 222 86.97 22.35 19.88
CA GLY CB 222 87.31 22.83 18.55
C GLY CB 222 86.19 23.54 17.82
N ASN CB 223 85.19 23.99 18.55
CA ASN CB 223 84.04 24.68 17.98
C ASN CB 223 83.91 26.03 18.68
N ALA CB 224 83.87 27.10 17.88
CA ALA CB 224 83.73 28.44 18.43
C ALA CB 224 82.32 28.64 18.97
N SER CB 225 82.21 29.29 20.13
CA SER CB 225 80.92 29.49 20.77
C SER CB 225 80.31 30.85 20.45
N GLY CB 226 80.91 31.62 19.56
CA GLY CB 226 80.30 32.87 19.15
C GLY CB 226 81.08 33.49 18.03
N ASN CB 227 80.48 34.50 17.43
CA ASN CB 227 81.06 35.21 16.31
C ASN CB 227 81.31 36.66 16.69
N TRP CB 228 82.10 37.34 15.87
CA TRP CB 228 82.41 38.75 16.08
C TRP CB 228 81.25 39.58 15.54
N HIS CB 229 80.54 40.25 16.43
CA HIS CB 229 79.41 41.10 16.06
C HIS CB 229 79.73 42.53 16.47
N CYS CB 230 80.30 43.29 15.55
CA CYS CB 230 80.60 44.69 15.78
C CYS CB 230 80.03 45.49 14.61
N ASP CB 231 78.97 46.23 14.85
CA ASP CB 231 78.19 46.82 13.77
C ASP CB 231 77.38 47.97 14.34
N SER CB 232 76.65 48.65 13.45
CA SER CB 232 75.71 49.68 13.86
C SER CB 232 74.63 49.78 12.79
N THR CB 233 73.39 49.51 13.16
CA THR CB 233 72.27 49.52 12.23
C THR CB 233 71.35 50.68 12.58
N TRP CB 234 71.05 51.51 11.59
CA TRP CB 234 70.21 52.67 11.77
C TRP CB 234 68.85 52.40 11.14
N LEU CB 235 67.83 52.26 11.98
CA LEU CB 235 66.46 52.17 11.50
C LEU CB 235 65.86 53.57 11.52
N GLY CB 236 64.55 53.67 11.34
CA GLY CB 236 63.93 54.99 11.29
C GLY CB 236 64.05 55.74 12.60
N ASP CB 237 63.66 55.12 13.70
CA ASP CB 237 63.69 55.76 15.00
C ASP CB 237 64.53 55.03 16.01
N ARG CB 238 65.21 53.95 15.62
CA ARG CB 238 66.10 53.20 16.50
C ARG CB 238 67.48 53.18 15.88
N VAL CB 239 68.48 52.99 16.73
CA VAL CB 239 69.81 52.60 16.29
C VAL CB 239 70.28 51.47 17.19
N ILE CB 240 70.79 50.40 16.58
CA ILE CB 240 71.30 49.26 17.32
C ILE CB 240 72.80 49.22 17.14
N THR CB 241 73.54 49.35 18.24
CA THR CB 241 74.98 49.33 18.24
C THR CB 241 75.47 48.03 18.86
N THR CB 242 76.31 47.30 18.14
CA THR CB 242 76.94 46.07 18.62
C THR CB 242 78.44 46.26 18.70
N SER CB 243 79.04 45.77 19.78
CA SER CB 243 80.47 45.89 19.99
C SER CB 243 81.02 44.60 20.54
N THR CB 244 82.03 44.06 19.88
CA THR CB 244 82.78 42.90 20.37
C THR CB 244 84.19 43.33 20.69
N ARG CB 245 84.70 42.85 21.82
CA ARG CB 245 86.06 43.13 22.27
C ARG CB 245 86.70 41.86 22.78
N THR CB 246 88.03 41.86 22.82
CA THR CB 246 88.79 40.76 23.39
C THR CB 246 89.29 41.18 24.76
N TRP CB 247 89.00 40.36 25.76
CA TRP CB 247 89.35 40.64 27.14
C TRP CB 247 90.32 39.61 27.68
N ALA CB 248 91.13 40.06 28.63
CA ALA CB 248 92.00 39.21 29.43
C ALA CB 248 91.68 39.41 30.90
N LEU CB 249 91.45 38.32 31.61
CA LEU CB 249 91.12 38.32 33.03
C LEU CB 249 92.22 37.60 33.80
N PRO CB 250 92.94 38.26 34.68
CA PRO CB 250 93.93 37.57 35.49
C PRO CB 250 93.34 37.01 36.76
N THR CB 251 94.19 36.43 37.60
CA THR CB 251 93.79 36.06 38.96
C THR CB 251 94.11 37.22 39.88
N TYR CB 252 93.11 37.67 40.61
CA TYR CB 252 93.23 38.82 41.50
C TYR CB 252 93.33 38.34 42.94
N ASN CB 253 94.29 38.91 43.68
CA ASN CB 253 94.46 38.69 45.12
C ASN CB 253 94.86 37.28 45.47
N ASN CB 254 95.30 36.47 44.51
CA ASN CB 254 95.53 35.04 44.71
C ASN CB 254 94.27 34.35 45.22
N HIS CB 255 93.13 34.69 44.60
CA HIS CB 255 91.83 34.09 44.92
C HIS CB 255 91.37 34.42 46.34
N LEU CB 256 91.85 35.54 46.88
CA LEU CB 256 91.56 35.90 48.26
C LEU CB 256 90.66 37.13 48.32
N TYR CB 257 89.84 37.18 49.36
CA TYR CB 257 89.13 38.39 49.74
C TYR CB 257 89.98 39.12 50.77
N LYS CB 258 90.29 40.38 50.51
CA LYS CB 258 91.15 41.14 51.40
C LYS CB 258 90.42 42.37 51.90
N GLN CB 259 90.63 42.70 53.17
CA GLN CB 259 90.07 43.90 53.76
C GLN CB 259 91.04 45.05 53.56
N ILE CB 260 90.55 46.13 52.97
CA ILE CB 260 91.38 47.28 52.65
C ILE CB 260 90.85 48.49 53.41
N SER CB 261 91.77 49.35 53.83
CA SER CB 261 91.43 50.59 54.51
C SER CB 261 92.55 51.58 54.30
N SER CB 262 92.45 52.73 54.97
CA SER CB 262 93.43 53.79 54.85
C SER CB 262 94.39 53.85 56.03
N ALA CB 263 94.34 52.85 56.92
CA ALA CB 263 95.15 52.89 58.13
C ALA CB 263 96.64 52.88 57.80
N SER CB 264 97.06 52.01 56.89
CA SER CB 264 98.46 52.01 56.50
C SER CB 264 98.80 53.19 55.60
N THR CB 265 97.81 53.67 54.83
CA THR CB 265 98.06 54.82 53.96
C THR CB 265 98.37 56.07 54.77
N GLY CB 266 97.74 56.23 55.92
CA GLY CB 266 97.93 57.45 56.69
C GLY CB 266 97.38 58.69 56.01
N ALA CB 267 96.17 58.59 55.47
CA ALA CB 267 95.56 59.68 54.72
C ALA CB 267 94.95 60.70 55.67
N SER CB 268 94.43 61.79 55.09
CA SER CB 268 93.71 62.78 55.86
C SER CB 268 92.33 62.26 56.23
N ASN CB 269 91.67 62.99 57.14
CA ASN CB 269 90.35 62.57 57.59
C ASN CB 269 89.34 62.52 56.44
N ASP CB 270 89.54 63.34 55.41
CA ASP CB 270 88.64 63.37 54.28
C ASP CB 270 88.81 62.17 53.36
N ASN CB 271 89.97 61.51 53.39
CA ASN CB 271 90.28 60.43 52.47
C ASN CB 271 90.26 59.06 53.14
N HIS CB 272 89.76 58.98 54.37
CA HIS CB 272 89.67 57.71 55.06
C HIS CB 272 88.63 56.81 54.41
N TYR CB 273 88.90 55.51 54.41
CA TYR CB 273 87.94 54.57 53.85
C TYR CB 273 88.15 53.19 54.47
N PHE CB 274 87.13 52.35 54.31
CA PHE CB 274 87.17 50.96 54.73
C PHE CB 274 86.37 50.17 53.71
N GLY CB 275 86.91 49.04 53.28
CA GLY CB 275 86.21 48.25 52.30
C GLY CB 275 86.87 46.91 52.08
N TYR CB 276 86.52 46.30 50.96
CA TYR CB 276 87.00 44.97 50.63
C TYR CB 276 87.40 44.89 49.17
N SER CB 277 88.44 44.09 48.91
CA SER CB 277 88.93 43.76 47.59
C SER CB 277 88.57 42.31 47.31
N THR CB 278 87.87 42.05 46.22
CA THR CB 278 87.49 40.67 45.94
C THR CB 278 88.39 40.11 44.85
N PRO CB 279 88.47 38.78 44.72
CA PRO CB 279 89.20 38.19 43.59
C PRO CB 279 88.47 38.24 42.26
N TRP CB 280 87.31 38.87 42.20
CA TRP CB 280 86.51 38.95 40.99
C TRP CB 280 86.86 40.18 40.18
N GLY CB 281 86.66 40.09 38.86
CA GLY CB 281 86.63 41.24 37.99
C GLY CB 281 85.20 41.48 37.53
N TYR CB 282 85.00 42.62 36.90
CA TYR CB 282 83.67 42.96 36.40
C TYR CB 282 83.78 43.51 34.99
N PHE CB 283 82.68 43.41 34.26
CA PHE CB 283 82.58 43.92 32.91
C PHE CB 283 81.93 45.29 32.93
N ASP CB 284 82.57 46.25 32.28
CA ASP CB 284 82.10 47.63 32.23
C ASP CB 284 81.98 48.08 30.78
N PHE CB 285 80.80 48.56 30.42
CA PHE CB 285 80.60 49.17 29.11
C PHE CB 285 79.76 50.44 29.30
N ASN CB 286 80.10 51.23 30.31
CA ASN CB 286 79.37 52.42 30.68
C ASN CB 286 80.02 53.69 30.14
N ARG CB 287 80.53 53.64 28.92
CA ARG CB 287 80.96 54.83 28.20
C ARG CB 287 80.37 54.78 26.79
N PHE CB 288 80.15 55.95 26.22
CA PHE CB 288 79.45 55.99 24.94
C PHE CB 288 80.33 55.49 23.80
N HIS CB 289 81.64 55.63 23.90
CA HIS CB 289 82.52 55.17 22.84
C HIS CB 289 82.75 53.66 22.87
N CYS CB 290 82.27 52.96 23.90
CA CYS CB 290 82.25 51.51 23.86
C CYS CB 290 81.21 51.01 22.85
N HIS CB 291 80.30 51.87 22.42
CA HIS CB 291 79.21 51.49 21.54
C HIS CB 291 79.14 52.27 20.25
N PHE CB 292 79.54 53.54 20.25
CA PHE CB 292 79.46 54.38 19.08
C PHE CB 292 80.87 54.65 18.54
N SER CB 293 81.05 54.44 17.24
CA SER CB 293 82.20 55.00 16.58
C SER CB 293 82.05 56.51 16.50
N PRO CB 294 83.13 57.25 16.30
CA PRO CB 294 82.98 58.70 16.13
C PRO CB 294 82.07 59.08 14.98
N ARG CB 295 82.10 58.33 13.89
CA ARG CB 295 81.18 58.58 12.78
C ARG CB 295 79.73 58.36 13.20
N ASP CB 296 79.46 57.29 13.95
CA ASP CB 296 78.10 57.04 14.42
C ASP CB 296 77.65 58.10 15.40
N TRP CB 297 78.55 58.55 16.27
CA TRP CB 297 78.23 59.63 17.20
C TRP CB 297 77.88 60.91 16.46
N GLN CB 298 78.67 61.24 15.43
CA GLN CB 298 78.37 62.42 14.63
C GLN CB 298 77.03 62.28 13.92
N ARG CB 299 76.75 61.10 13.38
CA ARG CB 299 75.47 60.85 12.73
C ARG CB 299 74.31 61.02 13.70
N LEU CB 300 74.49 60.57 14.94
CA LEU CB 300 73.44 60.71 15.95
C LEU CB 300 73.23 62.17 16.33
N ILE CB 301 74.31 62.88 16.66
CA ILE CB 301 74.18 64.21 17.24
C ILE CB 301 73.88 65.28 16.20
N ASN CB 302 74.17 65.03 14.93
CA ASN CB 302 73.86 66.02 13.91
C ASN CB 302 72.43 65.91 13.41
N ASN CB 303 71.71 64.86 13.77
CA ASN CB 303 70.42 64.57 13.18
C ASN CB 303 69.31 64.34 14.18
N ASN CB 304 69.61 64.10 15.44
CA ASN CB 304 68.58 63.74 16.41
C ASN CB 304 68.46 64.80 17.49
N TRP CB 305 67.23 65.09 17.87
CA TRP CB 305 66.96 65.98 19.00
C TRP CB 305 67.11 65.29 20.34
N GLY CB 306 67.03 63.98 20.37
CA GLY CB 306 67.24 63.30 21.64
C GLY CB 306 67.45 61.82 21.44
N PHE CB 307 67.91 61.17 22.49
CA PHE CB 307 68.06 59.72 22.41
C PHE CB 307 68.05 59.09 23.79
N ARG CB 308 67.79 57.79 23.83
CA ARG CB 308 67.80 57.07 25.10
C ARG CB 308 67.98 55.59 24.82
N PRO CB 309 68.44 54.82 25.80
CA PRO CB 309 68.58 53.37 25.60
C PRO CB 309 67.32 52.59 25.91
N LYS CB 310 67.02 51.62 25.05
CA LYS CB 310 65.87 50.74 25.14
C LYS CB 310 66.23 49.36 25.66
N ARG CB 311 67.20 48.68 25.07
CA ARG CB 311 67.48 47.34 25.55
C ARG CB 311 68.93 46.96 25.26
N LEU CB 312 69.39 45.90 25.91
CA LEU CB 312 70.74 45.42 25.66
C LEU CB 312 70.83 43.91 25.79
N ASN CB 313 71.77 43.36 25.03
CA ASN CB 313 72.18 41.96 25.06
C ASN CB 313 73.66 41.90 25.37
N PHE CB 314 74.04 40.97 26.24
CA PHE CB 314 75.42 40.76 26.64
C PHE CB 314 75.75 39.31 26.36
N LYS CB 315 76.89 39.07 25.72
CA LYS CB 315 77.35 37.72 25.44
C LYS CB 315 78.83 37.61 25.78
N LEU CB 316 79.21 36.46 26.31
CA LEU CB 316 80.57 36.12 26.68
C LEU CB 316 80.90 34.80 26.03
N PHE CB 317 81.91 34.76 25.18
CA PHE CB 317 82.11 33.57 24.36
C PHE CB 317 83.59 33.40 24.07
N ASN CB 318 83.93 32.20 23.59
CA ASN CB 318 85.29 31.82 23.20
C ASN CB 318 86.26 31.94 24.37
N ILE CB 319 85.91 31.25 25.45
CA ILE CB 319 86.73 31.28 26.66
C ILE CB 319 87.96 30.41 26.47
N GLN CB 320 89.12 30.94 26.84
CA GLN CB 320 90.37 30.18 26.84
C GLN CB 320 91.07 30.42 28.17
N VAL CB 321 91.24 29.37 28.94
CA VAL CB 321 92.01 29.45 30.17
C VAL CB 321 93.44 29.03 29.87
N LYS CB 322 94.39 29.83 30.31
CA LYS CB 322 95.80 29.60 30.06
C LYS CB 322 96.55 29.45 31.37
N GLU CB 323 97.32 28.38 31.46
CA GLU CB 323 98.22 28.10 32.57
C GLU CB 323 99.59 28.71 32.32
N VAL CB 324 100.16 29.33 33.34
CA VAL CB 324 101.45 30.02 33.24
C VAL CB 324 102.42 29.42 34.25
N THR CB 325 103.62 29.06 33.78
CA THR CB 325 104.70 28.59 34.64
C THR CB 325 105.96 29.38 34.32
N THR CB 326 106.56 30.00 35.33
CA THR CB 326 107.83 30.71 35.14
C THR CB 326 108.93 29.93 35.87
N ASN CB 327 109.89 29.42 35.09
CA ASN CB 327 111.03 28.69 35.61
C ASN CB 327 112.32 29.29 35.07
N ASP CB 328 113.26 29.56 35.97
CA ASP CB 328 114.58 30.09 35.60
C ASP CB 328 114.46 31.38 34.79
N GLY CB 329 113.36 32.11 34.98
CA GLY CB 329 113.13 33.35 34.29
C GLY CB 329 112.37 33.25 32.98
N VAL CB 330 112.19 32.04 32.45
CA VAL CB 330 111.46 31.86 31.19
C VAL CB 330 110.06 31.39 31.50
N THR CB 331 109.10 31.91 30.74
CA THR CB 331 107.67 31.72 31.00
C THR CB 331 107.06 30.83 29.92
N THR CB 332 106.37 29.79 30.37
CA THR CB 332 105.62 28.89 29.50
C THR CB 332 104.13 29.11 29.73
N ILE CB 333 103.39 29.23 28.63
CA ILE CB 333 101.94 29.34 28.67
C ILE CB 333 101.36 28.16 27.92
N ALA CB 334 100.42 27.47 28.55
CA ALA CB 334 99.75 26.34 27.94
C ALA CB 334 98.24 26.52 28.07
N ASN CB 335 97.50 25.73 27.32
CA ASN CB 335 96.06 25.73 27.44
C ASN CB 335 95.63 24.80 28.57
N ASN CB 336 94.67 25.26 29.37
CA ASN CB 336 94.07 24.44 30.40
C ASN CB 336 92.64 24.16 29.95
N LEU CB 337 92.43 23.00 29.33
CA LEU CB 337 91.16 22.73 28.68
C LEU CB 337 90.03 22.42 29.67
N THR CB 338 90.35 22.09 30.91
CA THR CB 338 89.34 21.68 31.89
C THR CB 338 89.09 22.73 32.96
N SER CB 339 89.65 23.92 32.84
CA SER CB 339 89.43 24.97 33.81
C SER CB 339 88.19 25.79 33.46
N THR CB 340 87.65 26.47 34.46
CA THR CB 340 86.42 27.21 34.31
C THR CB 340 86.59 28.66 34.72
N VAL CB 341 85.73 29.51 34.16
CA VAL CB 341 85.50 30.86 34.66
C VAL CB 341 84.08 30.92 35.20
N GLN CB 342 83.92 31.49 36.38
CA GLN CB 342 82.61 31.72 36.95
C GLN CB 342 82.13 33.11 36.55
N VAL CB 343 80.90 33.18 36.04
CA VAL CB 343 80.28 34.43 35.62
C VAL CB 343 78.91 34.51 36.25
N PHE CB 344 78.56 35.67 36.78
CA PHE CB 344 77.17 35.88 37.17
C PHE CB 344 76.81 37.34 37.01
N SER CB 345 75.51 37.58 36.82
CA SER CB 345 74.96 38.92 36.70
C SER CB 345 74.20 39.23 38.00
N ASP CB 346 74.46 40.41 38.56
CA ASP CB 346 73.82 40.81 39.81
C ASP CB 346 72.51 41.51 39.49
N SER CB 347 71.53 40.71 39.07
CA SER CB 347 70.28 41.23 38.54
C SER CB 347 69.36 41.80 39.61
N GLU CB 348 69.56 41.43 40.87
CA GLU CB 348 68.74 41.93 41.96
C GLU CB 348 69.40 43.05 42.73
N TYR CB 349 70.55 43.54 42.27
CA TYR CB 349 71.25 44.67 42.87
C TYR CB 349 71.50 44.45 44.36
N GLN CB 350 71.97 43.25 44.68
CA GLN CB 350 72.28 42.89 46.05
C GLN CB 350 73.71 43.22 46.44
N LEU CB 351 74.52 43.65 45.50
CA LEU CB 351 75.90 44.02 45.68
C LEU CB 351 76.06 45.51 45.62
N PRO CB 352 77.12 46.06 46.21
CA PRO CB 352 77.43 47.48 45.98
C PRO CB 352 77.69 47.75 44.50
N TYR CB 353 77.07 48.80 43.99
CA TYR CB 353 77.17 49.15 42.57
C TYR CB 353 78.36 50.08 42.40
N VAL CB 354 79.46 49.56 41.86
CA VAL CB 354 80.64 50.38 41.65
C VAL CB 354 80.70 50.95 40.25
N LEU CB 355 79.81 50.51 39.35
CA LEU CB 355 79.67 51.19 38.08
C LEU CB 355 79.04 52.55 38.31
N GLY CB 356 79.18 53.44 37.33
CA GLY CB 356 78.64 54.76 37.50
C GLY CB 356 79.49 55.69 38.35
N SER CB 357 80.73 55.32 38.62
CA SER CB 357 81.69 56.20 39.27
C SER CB 357 82.80 56.64 38.33
N ALA CB 358 82.63 56.39 37.02
CA ALA CB 358 83.56 56.83 35.98
C ALA CB 358 84.94 56.21 36.16
N HIS CB 359 84.99 54.89 36.26
CA HIS CB 359 86.23 54.18 36.47
C HIS CB 359 86.79 53.66 35.15
N GLN CB 360 88.10 53.43 35.15
CA GLN CB 360 88.75 52.78 34.04
C GLN CB 360 88.37 51.31 33.98
N GLY CB 361 88.61 50.69 32.83
CA GLY CB 361 88.32 49.29 32.68
C GLY CB 361 87.14 48.97 31.77
N CYS CB 362 86.58 49.99 31.14
CA CYS CB 362 85.52 49.78 30.16
C CYS CB 362 86.08 49.11 28.91
N LEU CB 363 85.18 48.70 28.02
CA LEU CB 363 85.62 48.27 26.71
C LEU CB 363 86.32 49.42 26.01
N PRO CB 364 87.44 49.18 25.36
CA PRO CB 364 88.17 50.25 24.69
C PRO CB 364 87.36 50.83 23.53
N PRO CB 365 87.57 52.11 23.20
CA PRO CB 365 86.82 52.70 22.07
C PRO CB 365 87.12 52.02 20.75
N PHE CB 366 88.36 51.62 20.52
CA PHE CB 366 88.74 51.01 19.26
C PHE CB 366 88.50 49.51 19.31
N PRO CB 367 87.74 48.94 18.35
CA PRO CB 367 87.40 47.52 18.42
C PRO CB 367 88.58 46.58 18.32
N ALA CB 368 89.74 47.05 17.86
CA ALA CB 368 90.90 46.19 17.73
C ALA CB 368 91.67 46.05 19.04
N ASP CB 369 91.32 46.82 20.07
CA ASP CB 369 92.09 46.83 21.30
C ASP CB 369 91.67 45.70 22.23
N VAL CB 370 92.65 45.10 22.88
CA VAL CB 370 92.44 44.04 23.85
C VAL CB 370 92.56 44.64 25.24
N PHE CB 371 91.57 44.38 26.10
CA PHE CB 371 91.52 45.06 27.37
C PHE CB 371 91.56 44.08 28.54
N MET CB 372 92.16 44.53 29.62
CA MET CB 372 92.23 43.79 30.87
C MET CB 372 90.99 44.08 31.69
N ILE CB 373 90.47 43.06 32.34
CA ILE CB 373 89.23 43.21 33.12
C ILE CB 373 89.58 43.78 34.50
N PRO CB 374 88.91 44.85 34.93
CA PRO CB 374 89.24 45.46 36.22
C PRO CB 374 88.76 44.64 37.41
N GLN CB 375 89.47 44.79 38.52
CA GLN CB 375 89.15 44.04 39.73
C GLN CB 375 87.96 44.66 40.45
N TYR CB 376 87.15 43.81 41.06
CA TYR CB 376 86.00 44.27 41.82
C TYR CB 376 86.39 44.53 43.28
N GLY CB 377 85.94 45.65 43.79
CA GLY CB 377 86.11 45.97 45.19
C GLY CB 377 85.05 46.99 45.55
N TYR CB 378 84.76 47.08 46.83
CA TYR CB 378 83.74 48.00 47.28
C TYR CB 378 84.16 48.62 48.59
N LEU CB 379 83.48 49.70 48.96
CA LEU CB 379 83.67 50.36 50.23
C LEU CB 379 82.40 50.20 51.05
N THR CB 380 82.56 50.19 52.37
CA THR CB 380 81.44 50.11 53.28
C THR CB 380 81.56 51.22 54.31
N LEU CB 381 80.62 51.26 55.24
CA LEU CB 381 80.62 52.30 56.27
C LEU CB 381 81.92 52.28 57.03
N ASN CB 382 82.49 53.46 57.24
CA ASN CB 382 83.75 53.58 57.95
C ASN CB 382 83.68 54.73 58.94
N ASN CB 383 84.41 54.56 60.05
CA ASN CB 383 84.60 55.56 61.09
C ASN CB 383 86.08 55.85 61.12
N GLY CB 384 86.54 56.73 60.25
CA GLY CB 384 87.97 56.88 60.04
C GLY CB 384 88.46 55.74 59.18
N SER CB 385 89.53 55.09 59.61
CA SER CB 385 90.00 53.89 58.94
C SER CB 385 89.38 52.62 59.50
N GLN CB 386 88.46 52.74 60.44
CA GLN CB 386 87.83 51.60 61.09
C GLN CB 386 86.45 51.34 60.49
N ALA CB 387 85.89 50.19 60.84
CA ALA CB 387 84.56 49.82 60.42
C ALA CB 387 83.57 50.12 61.54
N VAL CB 388 82.30 49.84 61.30
CA VAL CB 388 81.25 49.93 62.29
C VAL CB 388 80.48 48.62 62.29
N GLY CB 389 79.45 48.54 63.15
CA GLY CB 389 78.64 47.35 63.20
C GLY CB 389 77.83 47.13 61.94
N ARG CB 390 77.38 48.21 61.31
CA ARG CB 390 76.55 48.15 60.12
C ARG CB 390 77.38 48.08 58.84
N SER CB 391 78.70 48.03 58.95
CA SER CB 391 79.54 47.78 57.80
C SER CB 391 79.25 46.39 57.25
N SER CB 392 79.03 46.30 55.95
CA SER CB 392 78.66 45.04 55.33
C SER CB 392 79.87 44.38 54.68
N PHE CB 393 79.80 43.06 54.60
CA PHE CB 393 80.76 42.25 53.87
C PHE CB 393 79.98 41.36 52.92
N TYR CB 394 80.45 41.24 51.70
CA TYR CB 394 79.78 40.45 50.67
C TYR CB 394 80.77 39.43 50.14
N CYS CB 395 80.45 38.15 50.32
CA CYS CB 395 81.13 37.10 49.59
C CYS CB 395 80.43 36.93 48.24
N LEU CB 396 81.17 37.10 47.16
CA LEU CB 396 80.58 36.94 45.84
C LEU CB 396 80.46 35.49 45.42
N GLU CB 397 81.12 34.57 46.13
CA GLU CB 397 80.87 33.15 45.94
C GLU CB 397 79.57 32.71 46.56
N TYR CB 398 78.92 33.56 47.34
CA TYR CB 398 77.62 33.31 47.90
C TYR CB 398 76.50 33.60 46.92
N PHE CB 399 76.80 33.66 45.63
CA PHE CB 399 75.85 33.83 44.55
C PHE CB 399 75.86 32.61 43.65
N PRO CB 400 74.75 32.32 42.98
CA PRO CB 400 74.79 31.32 41.91
C PRO CB 400 75.56 31.85 40.71
N SER CB 401 76.58 31.12 40.30
CA SER CB 401 77.40 31.48 39.15
C SER CB 401 77.26 30.41 38.09
N GLN CB 402 77.42 30.81 36.83
CA GLN CB 402 77.55 29.87 35.75
C GLN CB 402 79.04 29.60 35.54
N MET CB 403 79.41 28.33 35.54
CA MET CB 403 80.78 27.90 35.31
C MET CB 403 80.96 27.58 33.83
N LEU CB 404 81.94 28.20 33.21
CA LEU CB 404 82.16 28.11 31.78
C LEU CB 404 83.51 27.46 31.52
N ARG CB 405 83.48 26.33 30.82
CA ARG CB 405 84.69 25.77 30.25
C ARG CB 405 84.91 26.36 28.86
N THR CB 406 85.89 25.85 28.13
CA THR CB 406 86.27 26.51 26.88
C THR CB 406 85.22 26.39 25.80
N GLY CB 407 84.23 25.51 25.95
CA GLY CB 407 83.20 25.37 24.94
C GLY CB 407 81.89 26.04 25.29
N ASN CB 408 81.82 26.70 26.44
CA ASN CB 408 80.60 27.31 26.92
C ASN CB 408 80.57 28.81 26.65
N ASN CB 409 79.37 29.36 26.62
CA ASN CB 409 79.18 30.80 26.53
C ASN CB 409 78.13 31.24 27.55
N PHE CB 410 78.00 32.55 27.68
CA PHE CB 410 77.14 33.18 28.66
C PHE CB 410 76.34 34.27 27.98
N THR CB 411 75.03 34.29 28.18
CA THR CB 411 74.18 35.32 27.58
C THR CB 411 73.32 35.96 28.65
N PHE CB 412 72.92 37.20 28.41
CA PHE CB 412 72.12 37.92 29.38
C PHE CB 412 71.43 39.09 28.68
N SER CB 413 70.12 39.20 28.86
CA SER CB 413 69.35 40.29 28.27
C SER CB 413 68.85 41.23 29.35
N TYR CB 414 68.68 42.49 28.99
CA TYR CB 414 68.23 43.50 29.93
C TYR CB 414 67.39 44.54 29.19
N THR CB 415 66.34 45.00 29.84
CA THR CB 415 65.49 46.06 29.29
C THR CB 415 65.61 47.29 30.17
N PHE CB 416 65.88 48.43 29.54
CA PHE CB 416 65.93 49.68 30.28
C PHE CB 416 64.53 50.14 30.67
N GLU CB 417 64.43 50.77 31.84
CA GLU CB 417 63.20 51.44 32.22
C GLU CB 417 62.97 52.66 31.33
N GLU CB 418 61.75 53.17 31.36
CA GLU CB 418 61.41 54.33 30.56
C GLU CB 418 62.06 55.56 31.19
N VAL CB 419 63.20 55.94 30.64
CA VAL CB 419 63.98 57.08 31.08
C VAL CB 419 63.69 58.22 30.10
N PRO CB 420 63.76 59.48 30.50
CA PRO CB 420 63.58 60.56 29.52
C PRO CB 420 64.72 60.59 28.50
N PHE CB 421 64.37 61.06 27.31
CA PHE CB 421 65.38 61.27 26.28
C PHE CB 421 66.42 62.26 26.76
N HIS CB 422 67.68 61.95 26.50
CA HIS CB 422 68.71 62.98 26.62
C HIS CB 422 68.56 63.96 25.48
N SER CB 423 68.79 65.23 25.80
CA SER CB 423 68.59 66.36 24.90
C SER CB 423 69.83 66.60 24.07
N SER CB 424 69.78 66.23 22.78
CA SER CB 424 70.86 66.50 21.86
C SER CB 424 70.70 67.83 21.16
N TYR CB 425 70.07 68.80 21.82
CA TYR CB 425 69.81 70.10 21.23
C TYR CB 425 70.27 71.19 22.18
N ALA CB 426 70.55 72.35 21.59
CA ALA CB 426 70.61 73.62 22.29
C ALA CB 426 69.32 74.39 22.06
N HIS CB 427 69.16 75.46 22.81
CA HIS CB 427 67.99 76.32 22.68
C HIS CB 427 68.34 77.53 21.81
N SER CB 428 67.45 77.85 20.89
CA SER CB 428 67.61 79.01 20.03
C SER CB 428 67.21 80.31 20.70
N GLN CB 429 66.56 80.23 21.86
CA GLN CB 429 66.16 81.40 22.61
C GLN CB 429 66.75 81.33 24.01
N SER CB 430 66.94 82.50 24.61
CA SER CB 430 67.32 82.59 26.00
C SER CB 430 66.08 82.77 26.86
N LEU CB 431 66.20 82.37 28.13
CA LEU CB 431 65.04 82.38 29.01
C LEU CB 431 64.57 83.79 29.33
N ASP CB 432 65.48 84.76 29.35
CA ASP CB 432 65.11 86.14 29.59
C ASP CB 432 64.80 86.90 28.31
N ARG CB 433 64.60 86.19 27.20
CA ARG CB 433 64.33 86.78 25.90
C ARG CB 433 63.21 86.04 25.20
N LEU CB 434 62.15 85.72 25.94
CA LEU CB 434 61.05 84.93 25.42
C LEU CB 434 59.87 85.80 24.98
N MET CB 435 60.03 87.10 24.95
CA MET CB 435 58.95 88.03 24.68
C MET CB 435 58.88 88.40 23.21
N ASN CB 436 57.76 88.99 22.83
CA ASN CB 436 57.65 89.66 21.54
C ASN CB 436 58.43 90.96 21.61
N PRO CB 437 59.43 91.16 20.76
CA PRO CB 437 60.21 92.41 20.81
C PRO CB 437 59.54 93.61 20.17
N LEU CB 438 58.30 93.49 19.72
CA LEU CB 438 57.60 94.60 19.09
C LEU CB 438 56.46 95.15 19.92
N ILE CB 439 55.86 94.34 20.77
CA ILE CB 439 54.65 94.70 21.50
C ILE CB 439 55.02 95.01 22.94
N ASP CB 440 54.33 95.99 23.52
CA ASP CB 440 54.48 96.30 24.93
C ASP CB 440 53.71 95.28 25.77
N GLN CB 441 53.88 95.38 27.08
CA GLN CB 441 53.13 94.57 28.01
C GLN CB 441 51.94 95.37 28.56
N TYR CB 442 51.01 94.67 29.18
CA TYR CB 442 49.96 95.33 29.94
C TYR CB 442 50.26 95.36 31.42
N LEU CB 443 51.45 94.92 31.81
CA LEU CB 443 51.88 94.91 33.20
C LEU CB 443 52.82 96.06 33.47
N TYR CB 444 52.65 96.71 34.61
CA TYR CB 444 53.48 97.84 35.00
C TYR CB 444 54.46 97.41 36.08
N TYR CB 445 55.55 98.16 36.17
CA TYR CB 445 56.55 97.93 37.20
C TYR CB 445 56.98 99.29 37.75
N LEU CB 446 57.47 99.27 38.98
CA LEU CB 446 58.01 100.49 39.58
C LEU CB 446 59.33 100.83 38.90
N ASN CB 447 59.37 101.99 38.25
CA ASN CB 447 60.53 102.39 37.47
C ASN CB 447 61.41 103.41 38.18
N ARG CB 448 60.80 104.40 38.84
CA ARG CB 448 61.53 105.43 39.56
C ARG CB 448 60.94 105.57 40.95
N THR CB 449 61.80 105.74 41.95
CA THR CB 449 61.38 106.20 43.25
C THR CB 449 61.88 107.61 43.55
N GLN CB 450 62.41 108.31 42.54
CA GLN CB 450 62.79 109.70 42.64
C GLN CB 450 62.26 110.44 41.43
N ASN CB 451 62.21 111.77 41.53
CA ASN CB 451 61.71 112.57 40.42
C ASN CB 451 62.65 112.51 39.24
N GLN CB 452 62.08 112.37 38.04
CA GLN CB 452 62.87 112.22 36.83
C GLN CB 452 63.52 113.53 36.39
N SER CB 453 62.91 114.68 36.72
CA SER CB 453 63.40 115.96 36.22
C SER CB 453 64.82 116.25 36.71
N GLY CB 454 65.10 116.03 37.99
CA GLY CB 454 66.42 116.22 38.54
C GLY CB 454 66.71 117.61 39.07
N SER CB 455 65.89 118.60 38.76
CA SER CB 455 66.08 119.94 39.32
C SER CB 455 65.94 119.90 40.84
N ALA CB 456 64.96 119.16 41.33
CA ALA CB 456 64.87 118.78 42.73
C ALA CB 456 65.16 117.29 42.85
N GLN CB 457 65.40 116.86 44.08
CA GLN CB 457 65.74 115.46 44.38
C GLN CB 457 64.66 114.80 45.23
N ASN CB 458 63.40 115.02 44.87
CA ASN CB 458 62.29 114.51 45.66
C ASN CB 458 61.98 113.07 45.31
N LYS CB 459 61.42 112.35 46.27
CA LYS CB 459 61.00 110.98 46.04
C LYS CB 459 59.70 110.96 45.25
N ASP CB 460 59.36 109.78 44.73
CA ASP CB 460 58.13 109.60 43.98
C ASP CB 460 57.84 108.10 43.85
N LEU CB 461 56.77 107.79 43.14
CA LEU CB 461 56.41 106.41 42.80
C LEU CB 461 55.95 106.45 41.35
N LEU CB 462 56.88 106.24 40.43
CA LEU CB 462 56.61 106.32 39.01
C LEU CB 462 56.66 104.92 38.40
N PHE CB 463 55.63 104.56 37.66
CA PHE CB 463 55.47 103.23 37.10
C PHE CB 463 55.55 103.28 35.60
N SER CB 464 56.26 102.32 35.02
CA SER CB 464 56.39 102.21 33.58
C SER CB 464 55.78 100.91 33.09
N ARG CB 465 55.44 100.90 31.81
CA ARG CB 465 54.91 99.71 31.16
C ARG CB 465 56.04 98.88 30.60
N GLY CB 466 55.89 97.56 30.69
CA GLY CB 466 56.86 96.65 30.11
C GLY CB 466 56.99 96.84 28.61
N SER CB 467 58.15 97.26 28.16
CA SER CB 467 58.39 97.64 26.78
C SER CB 467 59.62 96.94 26.23
N PRO CB 468 59.72 96.80 24.91
CA PRO CB 468 60.93 96.20 24.34
C PRO CB 468 62.19 97.03 24.54
N ALA CB 469 62.06 98.32 24.90
CA ALA CB 469 63.24 99.12 25.21
C ALA CB 469 63.97 98.56 26.43
N GLY CB 470 63.24 98.34 27.52
CA GLY CB 470 63.82 97.68 28.67
C GLY CB 470 63.31 96.27 28.83
N MET CB 471 64.10 95.30 28.42
CA MET CB 471 63.72 93.90 28.51
C MET CB 471 64.15 93.26 29.81
N SER CB 472 65.10 93.87 30.52
CA SER CB 472 65.58 93.34 31.77
C SER CB 472 64.60 93.55 32.91
N VAL CB 473 63.71 94.54 32.80
CA VAL CB 473 62.77 94.87 33.87
C VAL CB 473 61.36 94.39 33.58
N GLN CB 474 61.14 93.73 32.45
CA GLN CB 474 59.83 93.19 32.15
C GLN CB 474 59.48 92.06 33.10
N PRO CB 475 58.25 92.00 33.59
CA PRO CB 475 57.80 90.80 34.30
C PRO CB 475 57.92 89.57 33.42
N LYS CB 476 58.34 88.46 34.01
CA LYS CB 476 58.56 87.22 33.30
C LYS CB 476 57.93 86.07 34.07
N ASN CB 477 57.86 84.91 33.42
CA ASN CB 477 57.12 83.78 33.96
C ASN CB 477 58.00 82.71 34.59
N TRP CB 478 59.30 82.68 34.28
CA TRP CB 478 60.15 81.59 34.68
C TRP CB 478 61.46 82.12 35.24
N LEU CB 479 62.21 81.23 35.89
CA LEU CB 479 63.48 81.54 36.52
C LEU CB 479 64.55 80.60 36.01
N PRO CB 480 65.81 81.03 35.99
CA PRO CB 480 66.91 80.12 35.65
C PRO CB 480 67.10 79.07 36.73
N GLY CB 481 67.68 77.94 36.33
CA GLY CB 481 67.87 76.81 37.20
C GLY CB 481 68.70 77.12 38.43
N PRO CB 482 68.82 76.13 39.30
CA PRO CB 482 69.58 76.34 40.55
C PRO CB 482 71.07 76.44 40.28
N CYS CB 483 71.77 77.04 41.25
CA CYS CB 483 73.21 77.25 41.09
C CYS CB 483 73.92 76.91 42.38
N TYR CB 484 75.19 76.59 42.27
CA TYR CB 484 76.09 76.41 43.41
C TYR CB 484 77.48 76.88 42.97
N ARG CB 485 77.79 78.13 43.28
CA ARG CB 485 78.89 78.83 42.63
C ARG CB 485 80.22 78.11 42.80
N GLN CB 486 81.01 78.09 41.72
CA GLN CB 486 82.35 77.53 41.69
C GLN CB 486 83.36 78.65 41.55
N GLN CB 487 84.62 78.30 41.77
CA GLN CB 487 85.71 79.25 41.62
C GLN CB 487 86.15 79.30 40.16
N ARG CB 488 86.51 80.49 39.71
CA ARG CB 488 86.82 80.74 38.30
C ARG CB 488 88.32 80.61 38.08
N VAL CB 489 88.72 79.66 37.25
CA VAL CB 489 90.11 79.43 36.91
C VAL CB 489 90.31 79.76 35.44
N SER CB 490 91.39 80.47 35.15
CA SER CB 490 91.72 80.82 33.78
C SER CB 490 92.61 79.76 33.17
N LYS CB 491 92.31 79.38 31.92
CA LYS CB 491 93.17 78.48 31.19
C LYS CB 491 94.54 79.08 30.90
N THR CB 492 94.65 80.40 30.95
CA THR CB 492 95.93 81.08 30.89
C THR CB 492 96.44 81.26 32.31
N LYS CB 493 97.51 80.53 32.67
CA LYS CB 493 97.89 80.41 34.06
C LYS CB 493 98.37 81.71 34.68
N THR CB 494 98.79 82.69 33.88
CA THR CB 494 99.29 83.93 34.46
C THR CB 494 98.21 84.77 35.12
N ASP CB 495 96.94 84.58 34.74
CA ASP CB 495 95.86 85.35 35.33
C ASP CB 495 95.29 84.72 36.59
N ASN CB 496 95.81 83.59 37.02
CA ASN CB 496 95.34 82.94 38.24
C ASN CB 496 96.15 83.42 39.43
N ASN CB 497 95.51 83.36 40.60
CA ASN CB 497 96.17 83.77 41.84
C ASN CB 497 97.36 82.88 42.13
N ASN CB 498 98.39 83.45 42.73
CA ASN CB 498 99.61 82.71 43.07
C ASN CB 498 99.42 82.00 44.40
N SER CB 499 98.65 80.91 44.36
CA SER CB 499 98.45 80.03 45.49
C SER CB 499 97.88 78.73 44.95
N ASN CB 500 97.74 77.74 45.83
CA ASN CB 500 97.18 76.47 45.39
C ASN CB 500 95.66 76.56 45.26
N PHE CB 501 94.98 76.75 46.38
CA PHE CB 501 93.54 77.07 46.43
C PHE CB 501 92.67 76.08 45.66
N THR CB 502 93.21 74.95 45.23
CA THR CB 502 92.39 73.90 44.66
C THR CB 502 91.61 73.12 45.70
N TRP CB 503 92.01 73.20 46.95
CA TRP CB 503 91.24 72.60 48.03
C TRP CB 503 90.69 73.65 48.99
N THR CB 504 91.47 74.68 49.31
CA THR CB 504 90.99 75.69 50.25
C THR CB 504 89.95 76.61 49.63
N GLY CB 505 90.01 76.85 48.32
CA GLY CB 505 89.10 77.77 47.70
C GLY CB 505 88.04 77.12 46.84
N ALA CB 506 87.74 75.86 47.12
CA ALA CB 506 86.86 75.08 46.27
C ALA CB 506 85.52 74.82 46.93
N SER CB 507 84.49 74.69 46.10
CA SER CB 507 83.16 74.33 46.57
C SER CB 507 83.14 72.87 46.97
N LYS CB 508 82.82 72.60 48.22
CA LYS CB 508 82.80 71.23 48.71
C LYS CB 508 81.65 71.08 49.69
N TYR CB 509 81.27 69.83 49.93
CA TYR CB 509 80.18 69.54 50.84
C TYR CB 509 80.68 68.73 52.03
N ASN CB 510 79.96 68.87 53.13
CA ASN CB 510 80.29 68.23 54.39
C ASN CB 510 79.37 67.04 54.60
N LEU CB 511 79.95 65.87 54.85
CA LEU CB 511 79.17 64.65 55.08
C LEU CB 511 79.85 63.82 56.15
N ASN CB 512 79.21 63.70 57.31
CA ASN CB 512 79.73 62.92 58.43
C ASN CB 512 81.11 63.41 58.87
N GLY CB 513 81.32 64.72 58.76
CA GLY CB 513 82.53 65.33 59.24
C GLY CB 513 83.68 65.40 58.26
N ARG CB 514 83.55 64.82 57.08
CA ARG CB 514 84.60 64.89 56.09
C ARG CB 514 84.09 65.53 54.81
N GLU CB 515 84.93 66.38 54.23
CA GLU CB 515 84.58 67.22 53.10
C GLU CB 515 84.86 66.51 51.78
N SER CB 516 84.04 66.80 50.79
CA SER CB 516 84.17 66.21 49.47
C SER CB 516 83.95 67.30 48.44
N ILE CB 517 84.84 67.39 47.46
CA ILE CB 517 84.68 68.35 46.39
C ILE CB 517 83.42 68.01 45.61
N ILE CB 518 82.68 69.04 45.18
CA ILE CB 518 81.42 68.81 44.48
C ILE CB 518 81.68 68.08 43.17
N ASN CB 519 82.37 68.72 42.22
CA ASN CB 519 82.95 68.05 41.06
C ASN CB 519 82.03 67.06 40.34
N PRO CB 520 81.14 67.51 39.46
CA PRO CB 520 80.97 68.88 38.95
C PRO CB 520 79.72 69.56 39.47
N GLY CB 521 78.85 68.80 40.12
CA GLY CB 521 77.69 69.41 40.76
C GLY CB 521 76.65 69.88 39.76
N THR CB 522 76.05 71.02 40.08
CA THR CB 522 74.93 71.54 39.32
C THR CB 522 75.34 71.80 37.88
N ALA CB 523 74.42 71.54 36.96
CA ALA CB 523 74.65 71.76 35.54
C ALA CB 523 74.55 73.25 35.25
N MET CB 524 75.69 73.90 35.10
CA MET CB 524 75.74 75.33 34.86
C MET CB 524 76.67 75.61 33.68
N ALA CB 525 76.50 76.79 33.10
CA ALA CB 525 77.36 77.22 32.01
C ALA CB 525 78.79 77.40 32.50
N SER CB 526 79.74 76.94 31.69
CA SER CB 526 81.15 77.03 32.07
C SER CB 526 81.61 78.47 32.17
N HIS CB 527 81.17 79.33 31.26
CA HIS CB 527 81.60 80.71 31.23
C HIS CB 527 80.52 81.54 30.56
N LYS CB 528 80.77 82.84 30.46
CA LYS CB 528 79.88 83.76 29.75
C LYS CB 528 80.29 83.84 28.28
N ASP CB 529 79.69 84.79 27.58
CA ASP CB 529 80.12 85.09 26.22
C ASP CB 529 81.48 85.78 26.24
N ASP CB 530 82.32 85.44 25.27
CA ASP CB 530 83.64 86.05 25.11
C ASP CB 530 84.52 85.82 26.32
N GLU CB 531 84.34 84.69 26.99
CA GLU CB 531 85.09 84.37 28.21
C GLU CB 531 85.51 82.91 28.22
N ASP CB 532 85.85 82.38 27.05
CA ASP CB 532 86.22 80.97 26.93
C ASP CB 532 87.49 80.62 27.66
N LYS CB 533 88.28 81.62 28.08
CA LYS CB 533 89.51 81.38 28.81
C LYS CB 533 89.29 80.95 30.25
N PHE CB 534 88.07 81.02 30.76
CA PHE CB 534 87.75 80.69 32.13
C PHE CB 534 86.92 79.42 32.20
N PHE CB 535 87.16 78.62 33.23
CA PHE CB 535 86.35 77.46 33.52
C PHE CB 535 86.17 77.35 35.03
N PRO CB 536 85.05 76.80 35.49
CA PRO CB 536 84.89 76.54 36.92
C PRO CB 536 85.91 75.52 37.41
N MET CB 537 86.39 75.72 38.63
CA MET CB 537 87.53 74.94 39.10
C MET CB 537 87.23 73.46 39.14
N SER CB 538 86.03 73.09 39.58
CA SER CB 538 85.61 71.69 39.59
C SER CB 538 84.19 71.56 39.04
N GLY CB 539 83.91 72.27 37.97
CA GLY CB 539 82.57 72.27 37.42
C GLY CB 539 82.48 71.68 36.02
N VAL CB 540 83.60 71.17 35.52
CA VAL CB 540 83.68 70.68 34.16
C VAL CB 540 84.21 69.26 34.17
N MET CB 541 83.78 68.47 33.19
CA MET CB 541 84.33 67.15 32.98
C MET CB 541 85.63 67.26 32.20
N ILE CB 542 86.71 66.72 32.75
CA ILE CB 542 88.03 66.81 32.15
C ILE CB 542 88.46 65.41 31.76
N PHE CB 543 88.68 65.20 30.47
CA PHE CB 543 89.18 63.94 29.95
C PHE CB 543 90.65 64.08 29.64
N GLY CB 544 91.42 63.04 29.96
CA GLY CB 544 92.83 63.04 29.67
C GLY CB 544 93.10 62.49 28.28
N LYS CB 545 94.03 63.11 27.59
CA LYS CB 545 94.49 62.56 26.33
C LYS CB 545 95.43 61.39 26.60
N GLU CB 546 95.68 60.61 25.56
CA GLU CB 546 96.71 59.59 25.68
C GLU CB 546 98.05 60.28 25.89
N SER CB 547 98.92 59.61 26.66
CA SER CB 547 100.15 60.21 27.16
C SER CB 547 99.86 61.35 28.14
N ALA CB 548 98.87 61.14 29.00
CA ALA CB 548 98.63 62.01 30.14
C ALA CB 548 98.96 61.24 31.41
N GLY CB 549 99.74 61.85 32.29
CA GLY CB 549 100.12 61.21 33.52
C GLY CB 549 98.95 61.05 34.47
N ALA CB 550 99.17 60.24 35.50
CA ALA CB 550 98.12 60.02 36.49
C ALA CB 550 97.99 61.21 37.43
N SER CB 551 99.10 61.87 37.75
CA SER CB 551 99.10 62.95 38.72
C SER CB 551 99.85 64.15 38.19
N ASN CB 552 99.28 65.34 38.38
CA ASN CB 552 99.91 66.61 38.03
C ASN CB 552 100.32 66.67 36.57
N THR CB 553 99.47 66.16 35.69
CA THR CB 553 99.71 66.31 34.26
C THR CB 553 99.38 67.73 33.82
N ALA CB 554 99.55 67.99 32.54
CA ALA CB 554 99.48 69.36 32.03
C ALA CB 554 98.14 69.64 31.35
N LEU CB 555 97.82 70.94 31.31
CA LEU CB 555 96.66 71.42 30.58
C LEU CB 555 96.71 70.99 29.13
N ASP CB 556 97.92 70.84 28.59
CA ASP CB 556 98.08 70.34 27.23
C ASP CB 556 97.73 68.87 27.14
N ASN CB 557 97.83 68.14 28.25
CA ASN CB 557 97.53 66.71 28.25
C ASN CB 557 96.10 66.40 28.62
N VAL CB 558 95.34 67.39 29.11
CA VAL CB 558 93.94 67.16 29.42
C VAL CB 558 93.05 67.90 28.43
N MET CB 559 91.81 67.42 28.29
CA MET CB 559 90.79 68.05 27.48
C MET CB 559 89.65 68.50 28.39
N ILE CB 560 89.46 69.81 28.50
CA ILE CB 560 88.42 70.39 29.34
C ILE CB 560 87.16 70.57 28.50
N THR CB 561 86.04 70.07 29.00
CA THR CB 561 84.78 70.24 28.28
C THR CB 561 84.21 71.63 28.51
N ASP CB 562 83.20 71.97 27.72
CA ASP CB 562 82.52 73.25 27.80
C ASP CB 562 81.03 73.00 27.83
N GLU CB 563 80.32 73.78 28.64
CA GLU CB 563 78.87 73.72 28.73
C GLU CB 563 78.26 75.03 28.23
N GLU CB 564 78.75 75.50 27.09
CA GLU CB 564 78.37 76.82 26.61
C GLU CB 564 76.96 76.85 26.04
N GLU CB 565 76.40 75.67 25.73
CA GLU CB 565 75.11 75.63 25.05
C GLU CB 565 73.95 75.83 26.01
N ILE CB 566 74.15 75.71 27.31
CA ILE CB 566 73.06 75.80 28.27
C ILE CB 566 73.06 77.15 28.97
N LYS CB 567 73.70 78.16 28.39
CA LYS CB 567 73.58 79.52 28.89
C LYS CB 567 72.18 80.07 28.76
N ALA CB 568 71.36 79.47 27.89
CA ALA CB 568 70.02 79.98 27.66
C ALA CB 568 69.11 79.80 28.86
N THR CB 569 69.36 78.78 29.69
CA THR CB 569 68.51 78.48 30.82
C THR CB 569 69.24 78.31 32.15
N ASN CB 570 70.55 78.09 32.13
CA ASN CB 570 71.29 77.79 33.34
C ASN CB 570 72.20 78.95 33.72
N PRO CB 571 72.39 79.20 35.01
CA PRO CB 571 73.33 80.24 35.42
C PRO CB 571 74.76 79.84 35.10
N VAL CB 572 75.61 80.84 34.94
CA VAL CB 572 77.02 80.58 34.71
C VAL CB 572 77.65 80.07 36.01
N ALA CB 573 78.47 79.03 35.89
CA ALA CB 573 78.96 78.29 37.06
C ALA CB 573 79.80 79.15 37.99
N THR CB 574 80.49 80.15 37.47
CA THR CB 574 81.43 80.93 38.27
C THR CB 574 80.85 82.24 38.79
N GLU CB 575 79.58 82.51 38.55
CA GLU CB 575 78.96 83.75 38.98
C GLU CB 575 77.72 83.48 39.82
N ARG CB 576 77.30 84.51 40.53
CA ARG CB 576 76.18 84.39 41.46
C ARG CB 576 74.89 84.12 40.70
N PHE CB 577 73.94 83.50 41.41
CA PHE CB 577 72.60 83.36 40.85
C PHE CB 577 71.97 84.73 40.65
N GLY CB 578 72.17 85.63 41.59
CA GLY CB 578 71.59 86.95 41.51
C GLY CB 578 71.76 87.67 42.84
N THR CB 579 70.99 88.74 42.98
CA THR CB 579 70.99 89.52 44.21
C THR CB 579 69.63 89.40 44.89
N VAL CB 580 69.63 89.66 46.19
CA VAL CB 580 68.43 89.56 47.00
C VAL CB 580 68.43 90.74 47.98
N ALA CB 581 67.25 91.26 48.28
CA ALA CB 581 67.14 92.30 49.29
C ALA CB 581 67.44 91.71 50.66
N VAL CB 582 68.14 92.47 51.50
CA VAL CB 582 68.57 91.98 52.80
C VAL CB 582 68.16 92.88 53.95
N ASN CB 583 67.41 93.96 53.70
CA ASN CB 583 67.00 94.85 54.76
C ASN CB 583 65.69 95.54 54.36
N PHE CB 584 65.25 96.48 55.18
CA PHE CB 584 64.10 97.34 54.88
C PHE CB 584 64.62 98.73 54.59
N GLN CB 585 64.34 99.25 53.40
CA GLN CB 585 64.66 100.63 53.09
C GLN CB 585 63.64 101.56 53.75
N SER CB 586 64.12 102.71 54.21
CA SER CB 586 63.24 103.67 54.86
C SER CB 586 63.88 105.05 54.75
N SER CB 587 63.07 106.07 54.99
CA SER CB 587 63.52 107.45 55.02
C SER CB 587 63.74 107.89 56.45
N SER CB 588 64.47 108.98 56.61
CA SER CB 588 64.71 109.55 57.93
C SER CB 588 63.44 110.17 58.49
N THR CB 589 63.31 110.09 59.80
CA THR CB 589 62.14 110.65 60.48
C THR CB 589 62.54 111.37 61.77
N VAL CB 592 62.30 108.61 63.87
CA VAL CB 592 63.44 107.71 63.72
C VAL CB 592 64.42 108.31 62.73
N PRO CB 593 65.30 109.20 63.20
CA PRO CB 593 66.21 109.89 62.28
C PRO CB 593 67.41 109.04 61.90
N PHE CB 594 67.17 107.78 61.57
CA PHE CB 594 68.21 106.87 61.10
C PHE CB 594 67.76 106.32 59.76
N LYS CB 595 68.10 107.04 58.69
CA LYS CB 595 67.76 106.63 57.34
C LYS CB 595 68.43 105.31 57.00
N THR CB 596 67.67 104.41 56.36
CA THR CB 596 68.18 103.09 55.98
C THR CB 596 68.18 102.98 54.46
N ASP CB 597 69.36 102.93 53.88
CA ASP CB 597 69.48 102.69 52.45
C ASP CB 597 69.12 101.24 52.14
N PRO CB 598 68.50 100.98 50.99
CA PRO CB 598 68.27 99.59 50.58
C PRO CB 598 69.58 98.86 50.37
N ALA CB 599 69.60 97.59 50.72
CA ALA CB 599 70.80 96.78 50.64
C ALA CB 599 70.49 95.43 49.99
N THR CB 600 71.38 95.01 49.10
CA THR CB 600 71.26 93.73 48.43
C THR CB 600 72.50 92.90 48.73
N GLY CB 601 72.32 91.58 48.66
CA GLY CB 601 73.41 90.66 48.81
C GLY CB 601 73.41 89.65 47.69
N ASP CB 602 74.60 89.19 47.33
CA ASP CB 602 74.75 88.22 46.27
C ASP CB 602 74.31 86.84 46.73
N VAL CB 603 73.62 86.13 45.85
CA VAL CB 603 73.12 84.79 46.12
C VAL CB 603 74.03 83.82 45.39
N HIS CB 604 74.85 83.08 46.14
CA HIS CB 604 75.87 82.23 45.55
C HIS CB 604 75.41 80.79 45.38
N ALA CB 605 74.59 80.29 46.31
CA ALA CB 605 74.00 78.97 46.20
C ALA CB 605 72.48 79.14 46.28
N MET CB 606 71.78 78.69 45.26
CA MET CB 606 70.33 78.83 45.17
C MET CB 606 69.73 77.45 44.95
N GLY CB 607 68.86 77.02 45.85
CA GLY CB 607 68.14 75.79 45.67
C GLY CB 607 66.95 75.98 44.74
N ALA CB 608 66.22 74.90 44.54
CA ALA CB 608 65.12 74.91 43.58
C ALA CB 608 63.98 75.80 44.07
N LEU CB 609 63.59 76.76 43.25
CA LEU CB 609 62.42 77.59 43.42
C LEU CB 609 61.37 77.20 42.39
N PRO CB 610 60.08 77.29 42.73
CA PRO CB 610 59.06 77.03 41.73
C PRO CB 610 59.15 78.04 40.60
N GLY CB 611 58.93 77.56 39.38
CA GLY CB 611 59.15 78.34 38.18
C GLY CB 611 60.53 78.20 37.59
N MET CB 612 61.44 77.50 38.25
CA MET CB 612 62.78 77.30 37.73
C MET CB 612 62.77 76.29 36.59
N VAL CB 613 63.58 76.56 35.57
CA VAL CB 613 63.79 75.65 34.46
C VAL CB 613 65.28 75.55 34.19
N TRP CB 614 65.74 74.36 33.80
CA TRP CB 614 67.16 74.16 33.58
C TRP CB 614 67.37 73.03 32.60
N GLN CB 615 68.59 72.95 32.08
CA GLN CB 615 69.04 71.81 31.29
C GLN CB 615 70.04 71.00 32.11
N ASP CB 616 70.09 69.71 31.80
CA ASP CB 616 71.04 68.82 32.45
C ASP CB 616 72.40 68.91 31.77
N ARG CB 617 73.39 68.25 32.36
CA ARG CB 617 74.71 68.23 31.76
C ARG CB 617 74.70 67.42 30.47
N ASP CB 618 75.58 67.80 29.55
CA ASP CB 618 75.72 67.10 28.29
C ASP CB 618 76.41 65.76 28.48
N VAL CB 619 76.15 64.84 27.57
CA VAL CB 619 76.87 63.58 27.50
C VAL CB 619 77.90 63.68 26.39
N TYR CB 620 78.98 62.91 26.52
CA TYR CB 620 80.08 62.96 25.58
C TYR CB 620 80.38 61.55 25.10
N LEU CB 621 81.05 61.47 23.95
CA LEU CB 621 81.40 60.16 23.42
C LEU CB 621 82.33 59.41 24.38
N GLN CB 622 83.17 60.12 25.11
CA GLN CB 622 84.07 59.53 26.08
C GLN CB 622 83.47 59.44 27.48
N GLY CB 623 82.23 59.87 27.67
CA GLY CB 623 81.67 59.99 28.99
C GLY CB 623 80.76 58.83 29.37
N PRO CB 624 80.29 58.83 30.61
CA PRO CB 624 79.42 57.75 31.08
C PRO CB 624 78.03 57.81 30.46
N ILE CB 625 77.38 56.65 30.40
CA ILE CB 625 76.04 56.54 29.87
C ILE CB 625 75.00 56.65 30.97
N TRP CB 626 75.11 55.85 32.01
CA TRP CB 626 74.09 55.77 33.04
C TRP CB 626 74.73 55.81 34.42
N ALA CB 627 73.86 55.86 35.42
CA ALA CB 627 74.25 55.74 36.82
C ALA CB 627 73.07 55.19 37.59
N LYS CB 628 73.36 54.34 38.59
CA LYS CB 628 72.33 53.86 39.48
C LYS CB 628 71.89 54.97 40.42
N ILE CB 629 70.59 55.22 40.48
CA ILE CB 629 70.04 56.16 41.44
C ILE CB 629 70.07 55.53 42.82
N PRO CB 630 70.64 56.18 43.83
CA PRO CB 630 70.70 55.58 45.16
C PRO CB 630 69.32 55.27 45.70
N HIS CB 631 69.22 54.12 46.38
CA HIS CB 631 67.94 53.70 46.96
C HIS CB 631 67.74 54.43 48.27
N THR CB 632 67.15 55.62 48.15
CA THR CB 632 66.90 56.50 49.27
C THR CB 632 65.41 56.84 49.33
N ASP CB 633 65.01 57.44 50.46
CA ASP CB 633 63.63 57.87 50.60
C ASP CB 633 63.29 58.99 49.63
N GLY CB 634 64.18 59.95 49.47
CA GLY CB 634 63.93 61.06 48.59
C GLY CB 634 65.11 61.35 47.69
N HIS CB 635 64.80 61.90 46.53
CA HIS CB 635 65.81 62.40 45.61
C HIS CB 635 65.14 63.42 44.71
N PHE CB 636 65.86 64.47 44.38
CA PHE CB 636 65.33 65.55 43.56
C PHE CB 636 66.00 65.51 42.19
N HIS CB 637 65.18 65.29 41.15
CA HIS CB 637 65.63 65.25 39.77
C HIS CB 637 66.81 64.29 39.62
N PRO CB 638 66.58 62.99 39.72
CA PRO CB 638 67.69 62.03 39.85
C PRO CB 638 68.44 61.80 38.53
N SER CB 639 68.96 62.87 37.98
CA SER CB 639 69.83 62.82 36.82
C SER CB 639 71.27 62.91 37.28
N PRO CB 640 72.14 61.98 36.87
CA PRO CB 640 73.52 61.97 37.40
C PRO CB 640 74.24 63.27 37.09
N LEU CB 641 75.07 63.71 38.02
CA LEU CB 641 75.72 65.01 37.87
C LEU CB 641 76.87 64.95 36.87
N MET CB 642 77.42 63.77 36.62
CA MET CB 642 78.39 63.63 35.54
C MET CB 642 77.73 63.61 34.17
N GLY CB 643 76.43 63.48 34.10
CA GLY CB 643 75.72 63.38 32.84
C GLY CB 643 75.31 61.96 32.55
N GLY CB 644 74.20 61.83 31.84
CA GLY CB 644 73.70 60.52 31.48
C GLY CB 644 72.31 60.24 32.01
N PHE CB 645 71.96 58.96 32.06
CA PHE CB 645 70.64 58.52 32.46
C PHE CB 645 70.72 57.95 33.87
N GLY CB 646 69.90 58.47 34.77
CA GLY CB 646 69.79 57.87 36.09
C GLY CB 646 68.75 56.78 36.07
N LEU CB 647 69.15 55.57 36.43
CA LEU CB 647 68.27 54.42 36.39
C LEU CB 647 68.12 53.84 37.79
N LYS CB 648 66.87 53.57 38.19
CA LYS CB 648 66.66 52.88 39.45
C LYS CB 648 67.16 51.45 39.40
N ASN CB 649 66.88 50.76 38.30
CA ASN CB 649 67.44 49.44 38.03
C ASN CB 649 68.35 49.56 36.82
N PRO CB 650 69.61 49.90 37.01
CA PRO CB 650 70.52 50.05 35.88
C PRO CB 650 70.91 48.69 35.33
N PRO CB 651 71.67 48.64 34.23
CA PRO CB 651 72.23 47.37 33.80
C PRO CB 651 73.05 46.74 34.90
N PRO CB 652 72.79 45.49 35.24
CA PRO CB 652 73.47 44.87 36.38
C PRO CB 652 74.93 44.60 36.10
N GLN CB 653 75.69 44.46 37.17
CA GLN CB 653 77.09 44.15 37.07
C GLN CB 653 77.29 42.69 36.69
N ILE CB 654 78.14 42.45 35.70
CA ILE CB 654 78.55 41.12 35.31
C ILE CB 654 79.91 40.87 35.94
N LEU CB 655 79.99 39.87 36.81
CA LEU CB 655 81.18 39.58 37.57
C LEU CB 655 81.74 38.24 37.12
N ILE CB 656 83.05 38.20 36.93
CA ILE CB 656 83.72 37.07 36.33
C ILE CB 656 85.01 36.81 37.09
N LYS CB 657 85.33 35.53 37.29
CA LYS CB 657 86.63 35.21 37.87
C LYS CB 657 87.05 33.84 37.40
N ASN CB 658 88.35 33.57 37.50
CA ASN CB 658 88.87 32.25 37.20
C ASN CB 658 88.66 31.35 38.40
N THR CB 659 88.11 30.16 38.17
CA THR CB 659 87.97 29.22 39.26
C THR CB 659 89.36 28.77 39.72
N PRO CB 660 89.67 28.83 41.01
CA PRO CB 660 91.00 28.43 41.46
C PRO CB 660 91.26 26.96 41.20
N VAL CB 661 92.47 26.65 40.73
CA VAL CB 661 92.93 25.29 40.52
C VAL CB 661 94.07 25.04 41.50
N PRO CB 662 93.88 24.23 42.53
CA PRO CB 662 94.95 24.00 43.51
C PRO CB 662 96.12 23.27 42.90
N ALA CB 663 97.30 23.53 43.45
CA ALA CB 663 98.49 22.80 43.08
C ALA CB 663 98.51 21.46 43.81
N ASN CB 664 99.65 20.78 43.77
CA ASN CB 664 99.75 19.45 44.33
C ASN CB 664 99.53 19.47 45.84
N PRO CB 665 98.54 18.76 46.37
CA PRO CB 665 98.31 18.74 47.81
C PRO CB 665 99.32 17.84 48.51
N PRO CB 666 99.48 18.00 49.82
CA PRO CB 666 100.40 17.11 50.55
C PRO CB 666 99.88 15.69 50.62
N ALA CB 667 100.80 14.76 50.89
CA ALA CB 667 100.42 13.36 51.02
C ALA CB 667 99.53 13.11 52.24
N GLU CB 668 99.83 13.78 53.36
CA GLU CB 668 99.01 13.73 54.56
C GLU CB 668 98.02 14.88 54.59
N PHE CB 669 96.88 14.63 55.23
CA PHE CB 669 95.81 15.62 55.28
C PHE CB 669 96.19 16.81 56.16
N SER CB 670 95.84 18.00 55.69
CA SER CB 670 96.02 19.23 56.44
C SER CB 670 94.75 20.05 56.33
N ALA CB 671 94.22 20.49 57.47
CA ALA CB 671 93.00 21.29 57.46
C ALA CB 671 93.27 22.76 57.14
N THR CB 672 94.52 23.18 57.12
CA THR CB 672 94.85 24.54 56.70
C THR CB 672 94.38 24.75 55.27
N LYS CB 673 93.73 25.88 55.03
CA LYS CB 673 93.17 26.15 53.71
C LYS CB 673 94.28 26.26 52.67
N PHE CB 674 93.93 25.91 51.44
CA PHE CB 674 94.90 25.88 50.37
C PHE CB 674 95.42 27.28 50.09
N ALA CB 675 96.74 27.39 49.90
CA ALA CB 675 97.36 28.64 49.52
C ALA CB 675 98.20 28.50 48.26
N SER CB 676 98.45 27.28 47.80
CA SER CB 676 99.23 27.03 46.60
C SER CB 676 98.27 26.72 45.47
N PHE CB 677 98.27 27.56 44.45
CA PHE CB 677 97.38 27.42 43.32
C PHE CB 677 98.16 27.41 42.02
N ILE CB 678 97.57 26.77 41.02
CA ILE CB 678 98.12 26.78 39.68
C ILE CB 678 97.83 28.15 39.07
N THR CB 679 98.89 28.82 38.61
CA THR CB 679 98.77 30.19 38.13
C THR CB 679 98.15 30.19 36.74
N GLN CB 680 97.03 30.89 36.58
CA GLN CB 680 96.38 30.90 35.28
C GLN CB 680 95.59 32.18 35.11
N TYR CB 681 95.29 32.48 33.84
CA TYR CB 681 94.43 33.59 33.47
C TYR CB 681 93.47 33.09 32.41
N SER CB 682 92.58 33.97 31.96
CA SER CB 682 91.66 33.60 30.91
C SER CB 682 91.52 34.74 29.91
N THR CB 683 91.12 34.39 28.71
CA THR CB 683 90.89 35.36 27.66
C THR CB 683 89.61 34.98 26.94
N GLY CB 684 89.04 35.94 26.24
CA GLY CB 684 87.81 35.63 25.52
C GLY CB 684 87.28 36.84 24.79
N GLN CB 685 86.07 36.69 24.28
CA GLN CB 685 85.39 37.76 23.55
C GLN CB 685 84.11 38.12 24.27
N VAL CB 686 83.79 39.41 24.27
CA VAL CB 686 82.60 39.94 24.90
C VAL CB 686 81.86 40.78 23.86
N SER CB 687 80.54 40.58 23.76
CA SER CB 687 79.68 41.33 22.86
C SER CB 687 78.62 42.05 23.67
N VAL CB 688 78.43 43.33 23.37
CA VAL CB 688 77.34 44.12 23.94
C VAL CB 688 76.57 44.75 22.79
N GLU CB 689 75.26 44.55 22.79
CA GLU CB 689 74.37 45.13 21.80
C GLU CB 689 73.33 45.98 22.50
N ILE CB 690 73.28 47.27 22.19
CA ILE CB 690 72.29 48.17 22.76
C ILE CB 690 71.40 48.71 21.65
N GLU CB 691 70.09 48.58 21.84
CA GLU CB 691 69.11 49.29 21.06
C GLU CB 691 68.79 50.61 21.74
N TRP CB 692 68.88 51.69 20.97
CA TRP CB 692 68.59 53.05 21.41
C TRP CB 692 67.41 53.60 20.61
N GLU CB 693 66.49 54.25 21.32
CA GLU CB 693 65.40 54.98 20.71
C GLU CB 693 65.84 56.41 20.42
N LEU CB 694 65.52 56.88 19.22
CA LEU CB 694 65.87 58.21 18.76
C LEU CB 694 64.64 59.11 18.78
N GLN CB 695 64.89 60.39 18.93
CA GLN CB 695 63.87 61.43 18.89
C GLN CB 695 64.33 62.41 17.82
N LYS CB 696 63.68 62.35 16.66
CA LYS CB 696 64.09 63.09 15.48
C LYS CB 696 63.77 64.57 15.63
N GLU CB 697 64.59 65.39 14.98
CA GLU CB 697 64.30 66.81 14.89
C GLU CB 697 63.06 67.02 14.02
N ASN CB 698 62.27 68.03 14.37
CA ASN CB 698 61.11 68.43 13.58
C ASN CB 698 61.13 69.94 13.35
N SER CB 699 62.32 70.48 13.08
CA SER CB 699 62.53 71.91 13.14
C SER CB 699 61.99 72.61 11.88
N LYS CB 700 61.53 73.84 12.07
CA LYS CB 700 61.11 74.71 10.99
C LYS CB 700 62.10 75.83 10.77
N ARG CB 701 63.29 75.71 11.34
CA ARG CB 701 64.33 76.72 11.19
C ARG CB 701 64.75 76.85 9.74
N TRP CB 702 64.97 78.09 9.29
CA TRP CB 702 65.28 78.34 7.89
C TRP CB 702 66.77 78.24 7.60
N ASN CB 703 67.59 78.94 8.39
CA ASN CB 703 69.02 78.95 8.16
C ASN CB 703 69.63 77.62 8.56
N PRO CB 704 70.81 77.28 8.02
CA PRO CB 704 71.42 76.00 8.36
C PRO CB 704 71.86 75.94 9.81
N GLU CB 705 71.86 74.72 10.34
CA GLU CB 705 72.22 74.44 11.72
C GLU CB 705 73.73 74.31 11.88
N VAL CB 706 74.18 74.42 13.12
CA VAL CB 706 75.55 74.08 13.47
C VAL CB 706 75.66 72.57 13.59
N GLN CB 707 76.65 72.00 12.92
CA GLN CB 707 76.87 70.57 12.93
C GLN CB 707 78.28 70.28 13.42
N TYR CB 708 78.47 69.10 14.00
CA TYR CB 708 79.82 68.64 14.29
C TYR CB 708 80.44 68.14 12.98
N THR CB 709 81.62 68.64 12.67
CA THR CB 709 82.26 68.32 11.41
C THR CB 709 83.74 68.04 11.63
N SER CB 710 84.30 67.22 10.75
CA SER CB 710 85.74 67.10 10.65
C SER CB 710 86.30 68.35 9.99
N ASN CB 711 87.51 68.71 10.37
CA ASN CB 711 88.19 69.84 9.75
C ASN CB 711 88.80 69.37 8.43
N TYR CB 712 88.53 70.12 7.37
CA TYR CB 712 89.13 69.86 6.06
C TYR CB 712 90.42 70.68 6.02
N ALA CB 713 91.55 69.99 6.03
CA ALA CB 713 92.84 70.65 5.95
C ALA CB 713 93.90 69.56 5.92
N LYS CB 714 95.02 69.87 5.26
CA LYS CB 714 96.14 68.95 5.31
C LYS CB 714 96.65 68.85 6.74
N SER CB 715 96.62 67.64 7.29
CA SER CB 715 97.07 67.39 8.64
C SER CB 715 97.96 66.16 8.63
N ALA CB 716 98.88 66.10 9.58
CA ALA CB 716 99.79 64.97 9.66
C ALA CB 716 99.04 63.68 9.96
N ASN CB 717 97.94 63.77 10.69
CA ASN CB 717 97.12 62.62 11.04
C ASN CB 717 95.66 62.93 10.76
N VAL CB 718 94.85 61.88 10.75
CA VAL CB 718 93.40 62.01 10.70
C VAL CB 718 92.86 61.89 12.12
N ASP CB 719 91.87 62.71 12.44
CA ASP CB 719 91.29 62.68 13.77
C ASP CB 719 90.55 61.37 14.02
N PHE CB 720 90.62 60.89 15.26
CA PHE CB 720 89.96 59.65 15.68
C PHE CB 720 90.47 58.45 14.88
N THR CB 721 91.79 58.37 14.72
CA THR CB 721 92.41 57.26 14.02
C THR CB 721 93.62 56.78 14.81
N VAL CB 722 94.40 55.89 14.21
CA VAL CB 722 95.64 55.41 14.80
C VAL CB 722 96.78 56.22 14.21
N ASP CB 723 97.90 56.24 14.92
CA ASP CB 723 99.10 56.87 14.40
C ASP CB 723 100.00 55.81 13.78
N ASN CB 724 101.23 56.18 13.43
CA ASN CB 724 102.14 55.22 12.84
C ASN CB 724 102.60 54.16 13.83
N ASN CB 725 102.40 54.38 15.14
CA ASN CB 725 102.72 53.39 16.15
C ASN CB 725 101.55 52.49 16.49
N GLY CB 726 100.37 52.75 15.94
CA GLY CB 726 99.21 51.93 16.21
C GLY CB 726 98.37 52.36 17.38
N LEU CB 727 98.54 53.58 17.87
CA LEU CB 727 97.85 54.05 19.07
C LEU CB 727 96.62 54.85 18.66
N TYR CB 728 95.45 54.37 19.05
CA TYR CB 728 94.22 55.08 18.80
C TYR CB 728 94.08 56.24 19.77
N THR CB 729 93.77 57.42 19.25
CA THR CB 729 93.61 58.62 20.04
C THR CB 729 92.32 59.33 19.66
N GLU CB 730 91.75 60.03 20.62
CA GLU CB 730 90.59 60.89 20.40
C GLU CB 730 91.00 62.33 20.62
N PRO CB 731 91.06 63.16 19.58
CA PRO CB 731 91.60 64.51 19.72
C PRO CB 731 90.83 65.43 20.65
N ARG CB 732 89.51 65.28 20.72
CA ARG CB 732 88.69 66.23 21.46
C ARG CB 732 87.48 65.49 22.00
N PRO CB 733 86.85 66.01 23.05
CA PRO CB 733 85.56 65.46 23.48
C PRO CB 733 84.42 66.06 22.67
N ILE CB 734 83.51 65.20 22.22
CA ILE CB 734 82.38 65.61 21.40
C ILE CB 734 81.12 65.51 22.25
N GLY CB 735 80.39 66.62 22.36
CA GLY CB 735 79.10 66.63 23.02
C GLY CB 735 77.99 66.24 22.07
N THR CB 736 76.77 66.61 22.45
CA THR CB 736 75.58 66.25 21.70
C THR CB 736 74.80 67.44 21.17
N ARG CB 737 74.95 68.61 21.78
CA ARG CB 737 74.04 69.73 21.55
C ARG CB 737 74.51 70.54 20.34
N TYR CB 738 74.05 70.16 19.15
CA TYR CB 738 74.40 70.88 17.94
C TYR CB 738 73.16 71.42 17.26
N LEU CB 739 72.14 70.58 17.09
CA LEU CB 739 70.85 71.06 16.61
C LEU CB 739 70.25 71.99 17.65
N THR CB 740 69.28 72.79 17.23
CA THR CB 740 68.63 73.73 18.14
C THR CB 740 67.12 73.55 18.08
N ARG CB 741 66.46 74.06 19.11
CA ARG CB 741 65.01 74.11 19.14
C ARG CB 741 64.60 75.33 19.96
N PRO CB 742 63.42 75.88 19.71
CA PRO CB 742 62.98 77.05 20.48
C PRO CB 742 62.70 76.70 21.93
N LEU CB 743 62.96 77.66 22.80
CA LEU CB 743 62.83 77.45 24.24
C LEU CB 743 61.38 77.39 24.68
N ASP DB 219 21.36 46.25 70.40
CA ASP DB 219 20.95 44.85 70.47
C ASP DB 219 20.43 44.47 71.85
N GLY DB 220 20.34 45.45 72.74
CA GLY DB 220 19.74 45.27 74.04
C GLY DB 220 20.65 45.73 75.17
N VAL DB 221 20.03 45.86 76.35
CA VAL DB 221 20.76 46.26 77.54
C VAL DB 221 21.68 45.14 78.02
N GLY DB 222 21.22 43.89 77.98
CA GLY DB 222 21.97 42.81 78.57
C GLY DB 222 22.76 41.98 77.59
N ASN DB 223 23.03 42.52 76.42
CA ASN DB 223 23.77 41.84 75.37
C ASN DB 223 24.95 42.72 74.97
N ALA DB 224 26.15 42.15 75.02
CA ALA DB 224 27.35 42.90 74.64
C ALA DB 224 27.38 43.10 73.13
N SER DB 225 27.78 44.31 72.71
CA SER DB 225 27.80 44.65 71.30
C SER DB 225 29.16 44.45 70.66
N GLY DB 226 30.12 43.90 71.38
CA GLY DB 226 31.40 43.60 70.77
C GLY DB 226 32.27 42.82 71.73
N ASN DB 227 33.37 42.30 71.20
CA ASN DB 227 34.31 41.50 71.96
C ASN DB 227 35.66 42.20 71.99
N TRP DB 228 36.52 41.73 72.88
CA TRP DB 228 37.87 42.26 73.01
C TRP DB 228 38.73 41.64 71.94
N HIS DB 229 39.19 42.43 70.99
CA HIS DB 229 40.05 41.98 69.90
C HIS DB 229 41.38 42.71 70.00
N CYS DB 230 42.33 42.11 70.69
CA CYS DB 230 43.67 42.66 70.82
C CYS DB 230 44.66 41.56 70.47
N ASP DB 231 45.30 41.68 69.32
CA ASP DB 231 46.07 40.57 68.76
C ASP DB 231 47.04 41.14 67.74
N SER DB 232 47.86 40.25 67.18
CA SER DB 232 48.75 40.61 66.07
C SER DB 232 49.02 39.35 65.27
N THR DB 233 48.64 39.35 64.01
CA THR DB 233 48.79 38.21 63.13
C THR DB 233 49.82 38.54 62.06
N TRP DB 234 50.82 37.67 61.93
CA TRP DB 234 51.88 37.87 60.96
C TRP DB 234 51.69 36.88 59.82
N LEU DB 235 51.36 37.42 58.65
CA LEU DB 235 51.30 36.63 57.44
C LEU DB 235 52.64 36.75 56.73
N GLY DB 236 52.73 36.28 55.48
CA GLY DB 236 54.00 36.34 54.79
C GLY DB 236 54.48 37.76 54.54
N ASP DB 237 53.63 38.59 53.97
CA ASP DB 237 54.01 39.97 53.64
C ASP DB 237 53.11 41.00 54.30
N ARG DB 238 52.17 40.58 55.14
CA ARG DB 238 51.30 41.48 55.86
C ARG DB 238 51.45 41.22 57.34
N VAL DB 239 51.13 42.23 58.14
CA VAL DB 239 50.89 42.06 59.56
C VAL DB 239 49.62 42.82 59.91
N ILE DB 240 48.72 42.16 60.63
CA ILE DB 240 47.46 42.76 61.06
C ILE DB 240 47.52 42.95 62.56
N THR DB 241 47.45 44.20 63.01
CA THR DB 241 47.49 44.54 64.42
C THR DB 241 46.11 44.99 64.86
N THR DB 242 45.58 44.38 65.91
CA THR DB 242 44.30 44.76 66.50
C THR DB 242 44.53 45.22 67.93
N SER DB 243 43.85 46.31 68.31
CA SER DB 243 43.99 46.87 69.65
C SER DB 243 42.63 47.28 70.16
N THR DB 244 42.27 46.79 71.34
CA THR DB 244 41.08 47.22 72.05
C THR DB 244 41.48 47.96 73.32
N ARG DB 245 40.81 49.06 73.59
CA ARG DB 245 41.04 49.86 74.79
C ARG DB 245 39.71 50.27 75.39
N THR DB 246 39.76 50.61 76.68
CA THR DB 246 38.60 51.13 77.38
C THR DB 246 38.75 52.63 77.53
N TRP DB 247 37.73 53.37 77.07
CA TRP DB 247 37.75 54.82 77.09
C TRP DB 247 36.66 55.38 78.00
N ALA DB 248 36.94 56.56 78.53
CA ALA DB 248 35.98 57.37 79.27
C ALA DB 248 35.87 58.73 78.60
N LEU DB 249 34.64 59.15 78.31
CA LEU DB 249 34.36 60.42 77.67
C LEU DB 249 33.53 61.27 78.61
N PRO DB 250 34.04 62.41 79.06
CA PRO DB 250 33.23 63.30 79.91
C PRO DB 250 32.40 64.26 79.09
N THR DB 251 31.70 65.16 79.77
CA THR DB 251 31.03 66.27 79.11
C THR DB 251 32.01 67.46 79.10
N TYR DB 252 32.27 68.00 77.93
CA TYR DB 252 33.21 69.09 77.75
C TYR DB 252 32.46 70.40 77.56
N ASN DB 253 32.89 71.43 78.28
CA ASN DB 253 32.40 72.80 78.13
C ASN DB 253 30.96 72.98 78.57
N ASN DB 254 30.38 72.01 79.28
CA ASN DB 254 28.95 71.99 79.57
C ASN DB 254 28.12 72.04 78.30
N HIS DB 255 28.54 71.25 77.31
CA HIS DB 255 27.84 71.12 76.02
C HIS DB 255 27.85 72.43 75.23
N LEU DB 256 28.85 73.27 75.46
CA LEU DB 256 28.91 74.58 74.84
C LEU DB 256 30.08 74.66 73.87
N TYR DB 257 29.89 75.46 72.83
CA TYR DB 257 30.96 75.89 71.94
C TYR DB 257 31.50 77.20 72.48
N LYS DB 258 32.79 77.27 72.73
CA LYS DB 258 33.39 78.46 73.29
C LYS DB 258 34.47 79.00 72.36
N GLN DB 259 34.53 80.31 72.26
CA GLN DB 259 35.57 80.97 71.47
C GLN DB 259 36.77 81.22 72.37
N ILE DB 260 37.93 80.75 71.93
CA ILE DB 260 39.16 80.86 72.71
C ILE DB 260 40.17 81.68 71.93
N SER DB 261 40.96 82.46 72.65
CA SER DB 261 42.01 83.26 72.05
C SER DB 261 43.08 83.52 73.11
N SER DB 262 44.05 84.34 72.76
CA SER DB 262 45.17 84.67 73.64
C SER DB 262 45.02 86.03 74.31
N ALA DB 263 43.86 86.68 74.14
CA ALA DB 263 43.69 88.02 74.65
C ALA DB 263 43.79 88.07 76.17
N SER DB 264 43.15 87.14 76.86
CA SER DB 264 43.29 87.10 78.31
C SER DB 264 44.64 86.55 78.73
N THR DB 265 45.22 85.66 77.92
CA THR DB 265 46.53 85.11 78.24
C THR DB 265 47.60 86.19 78.27
N GLY DB 266 47.50 87.16 77.37
CA GLY DB 266 48.55 88.17 77.29
C GLY DB 266 49.87 87.63 76.80
N ALA DB 267 49.85 86.80 75.76
CA ALA DB 267 51.03 86.16 75.24
C ALA DB 267 51.82 87.11 74.35
N SER DB 268 52.97 86.64 73.88
CA SER DB 268 53.77 87.39 72.93
C SER DB 268 53.13 87.30 71.55
N ASN DB 269 53.63 88.14 70.63
CA ASN DB 269 53.08 88.18 69.28
C ASN DB 269 53.22 86.84 68.58
N ASP DB 270 54.25 86.07 68.93
CA ASP DB 270 54.46 84.77 68.31
C ASP DB 270 53.48 83.70 68.79
N ASN DB 271 52.87 83.90 69.96
CA ASN DB 271 52.02 82.89 70.57
C ASN DB 271 50.54 83.26 70.51
N HIS DB 272 50.19 84.30 69.75
CA HIS DB 272 48.80 84.70 69.62
C HIS DB 272 48.02 83.67 68.83
N TYR DB 273 46.76 83.48 69.20
CA TYR DB 273 45.91 82.54 68.48
C TYR DB 273 44.45 82.93 68.66
N PHE DB 274 43.62 82.38 67.78
CA PHE DB 274 42.17 82.53 67.84
C PHE DB 274 41.58 81.21 67.37
N GLY DB 275 40.58 80.72 68.08
CA GLY DB 275 39.98 79.47 67.70
C GLY DB 275 38.74 79.17 68.49
N TYR DB 276 38.36 77.89 68.47
CA TYR DB 276 37.14 77.45 69.12
C TYR DB 276 37.37 76.14 69.85
N SER DB 277 36.68 76.01 70.98
CA SER DB 277 36.65 74.79 71.78
C SER DB 277 35.26 74.17 71.63
N THR DB 278 35.21 72.91 71.21
CA THR DB 278 33.91 72.30 71.03
C THR DB 278 33.60 71.37 72.20
N PRO DB 279 32.34 71.01 72.41
CA PRO DB 279 32.02 69.99 73.42
C PRO DB 279 32.31 68.56 73.00
N TRP DB 280 32.89 68.35 71.83
CA TRP DB 280 33.17 67.03 71.33
C TRP DB 280 34.56 66.56 71.75
N GLY DB 281 34.72 65.25 71.86
CA GLY DB 281 36.02 64.62 71.94
C GLY DB 281 36.30 63.89 70.64
N TYR DB 282 37.54 63.45 70.48
CA TYR DB 282 37.92 62.73 69.28
C TYR DB 282 38.75 61.51 69.66
N PHE DB 283 38.76 60.54 68.76
CA PHE DB 283 39.52 59.32 68.94
C PHE DB 283 40.83 59.43 68.18
N ASP DB 284 41.93 59.14 68.85
CA ASP DB 284 43.27 59.25 68.30
C ASP DB 284 44.01 57.94 68.47
N PHE DB 285 44.50 57.39 67.37
CA PHE DB 285 45.35 56.21 67.41
C PHE DB 285 46.53 56.42 66.46
N ASN DB 286 47.10 57.63 66.49
CA ASN DB 286 48.17 58.02 65.59
C ASN DB 286 49.54 57.90 66.24
N ARG DB 287 49.77 56.85 67.01
CA ARG DB 287 51.08 56.49 67.49
C ARG DB 287 51.31 55.01 67.24
N PHE DB 288 52.56 54.61 67.06
CA PHE DB 288 52.84 53.24 66.68
C PHE DB 288 52.60 52.27 67.82
N HIS DB 289 52.77 52.71 69.06
CA HIS DB 289 52.56 51.81 70.20
C HIS DB 289 51.09 51.62 70.54
N CYS DB 290 50.18 52.36 69.90
CA CYS DB 290 48.77 52.03 70.00
C CYS DB 290 48.44 50.74 69.28
N HIS DB 291 49.34 50.27 68.42
CA HIS DB 291 49.10 49.11 67.59
C HIS DB 291 50.13 48.01 67.75
N PHE DB 292 51.38 48.34 68.02
CA PHE DB 292 52.44 47.35 68.15
C PHE DB 292 52.86 47.23 69.60
N SER DB 293 52.93 46.00 70.09
CA SER DB 293 53.66 45.75 71.32
C SER DB 293 55.15 45.92 71.05
N PRO DB 294 55.95 46.13 72.09
CA PRO DB 294 57.41 46.20 71.86
C PRO DB 294 57.97 44.95 71.20
N ARG DB 295 57.46 43.78 71.54
CA ARG DB 295 57.88 42.55 70.88
C ARG DB 295 57.53 42.57 69.39
N ASP DB 296 56.32 43.01 69.05
CA ASP DB 296 55.93 43.09 67.65
C ASP DB 296 56.75 44.13 66.90
N TRP DB 297 57.05 45.24 67.54
CA TRP DB 297 57.90 46.25 66.93
C TRP DB 297 59.29 45.71 66.66
N GLN DB 298 59.86 44.98 67.61
CA GLN DB 298 61.16 44.37 67.40
C GLN DB 298 61.12 43.35 66.28
N ARG DB 299 60.07 42.53 66.23
CA ARG DB 299 59.91 41.58 65.16
C ARG DB 299 59.82 42.25 63.80
N LEU DB 300 59.13 43.39 63.73
CA LEU DB 300 59.03 44.12 62.47
C LEU DB 300 60.37 44.71 62.06
N ILE DB 301 61.04 45.42 62.97
CA ILE DB 301 62.22 46.19 62.61
C ILE DB 301 63.46 45.32 62.45
N ASN DB 302 63.50 44.14 63.04
CA ASN DB 302 64.65 43.28 62.89
C ASN DB 302 64.60 42.43 61.63
N ASN DB 303 63.47 42.42 60.93
CA ASN DB 303 63.26 41.49 59.84
C ASN DB 303 62.78 42.13 58.55
N ASN DB 304 62.30 43.37 58.58
CA ASN DB 304 61.72 43.97 57.40
C ASN DB 304 62.53 45.17 56.95
N TRP DB 305 62.68 45.30 55.63
CA TRP DB 305 63.32 46.46 55.05
C TRP DB 305 62.38 47.65 54.94
N GLY DB 306 61.08 47.42 54.97
CA GLY DB 306 60.17 48.55 54.95
C GLY DB 306 58.77 48.13 55.32
N PHE DB 307 57.93 49.13 55.58
CA PHE DB 307 56.55 48.80 55.87
C PHE DB 307 55.66 50.00 55.60
N ARG DB 308 54.36 49.74 55.45
CA ARG DB 308 53.40 50.81 55.23
C ARG DB 308 52.02 50.31 55.61
N PRO DB 309 51.07 51.22 55.89
CA PRO DB 309 49.70 50.78 56.20
C PRO DB 309 48.83 50.63 54.96
N LYS DB 310 48.04 49.56 54.96
CA LYS DB 310 47.12 49.20 53.90
C LYS DB 310 45.68 49.53 54.25
N ARG DB 311 45.17 49.07 55.38
CA ARG DB 311 43.77 49.34 55.65
C ARG DB 311 43.52 49.34 57.15
N LEU DB 312 42.36 49.87 57.55
CA LEU DB 312 42.00 49.86 58.96
C LEU DB 312 40.50 49.72 59.15
N ASN DB 313 40.14 49.13 60.27
CA ASN DB 313 38.80 49.00 60.78
C ASN DB 313 38.72 49.62 62.16
N PHE DB 314 37.66 50.37 62.40
CA PHE DB 314 37.42 51.04 63.67
C PHE DB 314 36.06 50.59 64.18
N LYS DB 315 36.01 50.20 65.45
CA LYS DB 315 34.77 49.79 66.08
C LYS DB 315 34.65 50.45 67.44
N LEU DB 316 33.43 50.82 67.78
CA LEU DB 316 33.08 51.43 69.06
C LEU DB 316 31.92 50.65 69.63
N PHE DB 317 32.10 50.07 70.81
CA PHE DB 317 31.11 49.12 71.29
C PHE DB 317 31.06 49.15 72.81
N ASN DB 318 29.99 48.56 73.36
CA ASN DB 318 29.75 48.44 74.79
C ASN DB 318 29.66 49.80 75.45
N ILE DB 319 28.76 50.63 74.93
CA ILE DB 319 28.57 51.99 75.45
C ILE DB 319 27.81 51.93 76.76
N GLN DB 320 28.30 52.66 77.75
CA GLN DB 320 27.61 52.82 79.03
C GLN DB 320 27.61 54.29 79.40
N VAL DB 321 26.43 54.88 79.47
CA VAL DB 321 26.28 56.25 79.94
C VAL DB 321 25.99 56.23 81.43
N LYS DB 322 26.72 57.02 82.18
CA LYS DB 322 26.61 57.07 83.63
C LYS DB 322 26.21 58.47 84.07
N GLU DB 323 25.17 58.54 84.89
CA GLU DB 323 24.72 59.76 85.53
C GLU DB 323 25.41 59.96 86.87
N VAL DB 324 25.85 61.19 87.14
CA VAL DB 324 26.59 61.53 88.35
C VAL DB 324 25.83 62.61 89.11
N THR DB 325 25.62 62.38 90.42
CA THR DB 325 25.03 63.37 91.31
C THR DB 325 25.92 63.52 92.53
N THR DB 326 26.35 64.74 92.84
CA THR DB 326 27.13 65.00 94.05
C THR DB 326 26.25 65.80 95.02
N ASN DB 327 25.96 65.19 96.17
CA ASN DB 327 25.17 65.83 97.22
C ASN DB 327 25.92 65.73 98.55
N ASP DB 328 26.04 66.86 99.23
CA ASP DB 328 26.69 66.93 100.55
C ASP DB 328 28.10 66.37 100.50
N GLY DB 329 28.74 66.42 99.34
CA GLY DB 329 30.09 65.94 99.16
C GLY DB 329 30.22 64.51 98.73
N VAL DB 330 29.14 63.72 98.78
CA VAL DB 330 29.20 62.32 98.37
C VAL DB 330 28.62 62.19 96.97
N THR DB 331 29.23 61.32 96.18
CA THR DB 331 28.95 61.20 94.76
C THR DB 331 28.27 59.86 94.48
N THR DB 332 27.13 59.93 93.80
CA THR DB 332 26.39 58.76 93.34
C THR DB 332 26.51 58.65 91.83
N ILE DB 333 26.82 57.46 91.35
CA ILE DB 333 26.87 57.17 89.92
C ILE DB 333 25.84 56.09 89.63
N ALA DB 334 25.00 56.34 88.63
CA ALA DB 334 23.99 55.38 88.22
C ALA DB 334 24.09 55.18 86.71
N ASN DB 335 23.43 54.13 86.23
CA ASN DB 335 23.35 53.91 84.79
C ASN DB 335 22.20 54.71 84.21
N ASN DB 336 22.44 55.33 83.07
CA ASN DB 336 21.41 56.01 82.30
C ASN DB 336 21.18 55.20 81.04
N LEU DB 337 20.16 54.33 81.08
CA LEU DB 337 19.97 53.37 80.01
C LEU DB 337 19.43 53.97 78.72
N THR DB 338 18.87 55.17 78.78
CA THR DB 338 18.23 55.78 77.63
C THR DB 338 19.03 56.94 77.03
N SER DB 339 20.24 57.18 77.51
CA SER DB 339 21.05 58.26 76.99
C SER DB 339 21.90 57.78 75.80
N THR DB 340 22.33 58.73 74.99
CA THR DB 340 23.04 58.44 73.76
C THR DB 340 24.38 59.14 73.70
N VAL DB 341 25.29 58.56 72.93
CA VAL DB 341 26.50 59.24 72.48
C VAL DB 341 26.39 59.42 70.98
N GLN DB 342 26.71 60.62 70.51
CA GLN DB 342 26.77 60.89 69.08
C GLN DB 342 28.19 60.65 68.59
N VAL DB 343 28.31 59.89 67.51
CA VAL DB 343 29.60 59.57 66.89
C VAL DB 343 29.49 59.85 65.41
N PHE DB 344 30.51 60.50 64.85
CA PHE DB 344 30.58 60.58 63.40
C PHE DB 344 32.04 60.61 62.95
N SER DB 345 32.25 60.17 61.73
CA SER DB 345 33.57 60.18 61.10
C SER DB 345 33.58 61.28 60.06
N ASP DB 346 34.64 62.10 60.07
CA ASP DB 346 34.74 63.22 59.13
C ASP DB 346 35.44 62.73 57.88
N SER DB 347 34.70 61.95 57.09
CA SER DB 347 35.28 61.24 55.96
C SER DB 347 35.58 62.14 54.77
N GLU DB 348 34.97 63.32 54.71
CA GLU DB 348 35.21 64.26 53.62
C GLU DB 348 36.17 65.36 54.00
N TYR DB 349 36.78 65.29 55.18
CA TYR DB 349 37.80 66.24 55.63
C TYR DB 349 37.29 67.68 55.54
N GLN DB 350 36.08 67.87 56.02
CA GLN DB 350 35.45 69.18 56.05
C GLN DB 350 35.75 69.96 57.33
N LEU DB 351 36.40 69.34 58.27
CA LEU DB 351 36.77 69.92 59.55
C LEU DB 351 38.27 70.17 59.59
N PRO DB 352 38.72 71.08 60.44
CA PRO DB 352 40.16 71.20 60.67
C PRO DB 352 40.73 69.91 61.23
N TYR DB 353 41.84 69.47 60.65
CA TYR DB 353 42.47 68.22 61.05
C TYR DB 353 43.47 68.50 62.16
N VAL DB 354 43.11 68.15 63.39
CA VAL DB 354 44.00 68.39 64.52
C VAL DB 354 44.85 67.17 64.84
N LEU DB 355 44.57 66.03 64.22
CA LEU DB 355 45.47 64.91 64.32
C LEU DB 355 46.74 65.23 63.54
N GLY DB 356 47.81 64.50 63.81
CA GLY DB 356 49.05 64.79 63.14
C GLY DB 356 49.82 65.96 63.70
N SER DB 357 49.45 66.46 64.88
CA SER DB 357 50.21 67.48 65.58
C SER DB 357 50.88 66.91 66.83
N ALA DB 358 50.90 65.59 66.98
CA ALA DB 358 51.57 64.90 68.08
C ALA DB 358 50.98 65.28 69.44
N HIS DB 359 49.67 65.15 69.56
CA HIS DB 359 48.98 65.51 70.80
C HIS DB 359 48.76 64.29 71.68
N GLN DB 360 48.59 64.56 72.96
CA GLN DB 360 48.21 63.52 73.91
C GLN DB 360 46.76 63.11 73.67
N GLY DB 361 46.40 61.95 74.22
CA GLY DB 361 45.05 61.48 74.09
C GLY DB 361 44.88 60.27 73.19
N CYS DB 362 45.98 59.72 72.70
CA CYS DB 362 45.93 58.50 71.90
C CYS DB 362 45.55 57.31 72.79
N LEU DB 363 45.30 56.18 72.15
CA LEU DB 363 45.15 54.95 72.91
C LEU DB 363 46.45 54.67 73.65
N PRO DB 364 46.38 54.26 74.91
CA PRO DB 364 47.60 54.00 75.68
C PRO DB 364 48.37 52.82 75.10
N PRO DB 365 49.69 52.80 75.27
CA PRO DB 365 50.47 51.66 74.76
C PRO DB 365 50.09 50.34 75.40
N PHE DB 366 49.80 50.34 76.68
CA PHE DB 366 49.47 49.11 77.40
C PHE DB 366 47.97 48.82 77.28
N PRO DB 367 47.59 47.63 76.81
CA PRO DB 367 46.16 47.33 76.58
C PRO DB 367 45.31 47.35 77.83
N ALA DB 368 45.91 47.26 79.02
CA ALA DB 368 45.14 47.27 80.25
C ALA DB 368 44.77 48.68 80.71
N ASP DB 369 45.30 49.72 80.07
CA ASP DB 369 45.09 51.07 80.54
C ASP DB 369 43.79 51.64 80.01
N VAL DB 370 43.10 52.39 80.87
CA VAL DB 370 41.86 53.06 80.53
C VAL DB 370 42.17 54.52 80.28
N PHE DB 371 41.70 55.05 79.16
CA PHE DB 371 42.11 56.40 78.76
C PHE DB 371 40.92 57.33 78.61
N MET DB 372 41.16 58.59 78.93
CA MET DB 372 40.19 59.65 78.77
C MET DB 372 40.25 60.20 77.35
N ILE DB 373 39.10 60.50 76.78
CA ILE DB 373 39.04 60.98 75.41
C ILE DB 373 39.33 62.48 75.37
N PRO DB 374 40.27 62.93 74.54
CA PRO DB 374 40.61 64.36 74.51
C PRO DB 374 39.56 65.22 73.84
N GLN DB 375 39.50 66.47 74.27
CA GLN DB 375 38.51 67.41 73.75
C GLN DB 375 38.93 67.92 72.38
N TYR DB 376 37.94 68.15 71.52
CA TYR DB 376 38.20 68.69 70.21
C TYR DB 376 38.17 70.21 70.23
N GLY DB 377 39.14 70.82 69.58
CA GLY DB 377 39.18 72.25 69.40
C GLY DB 377 40.06 72.53 68.21
N TYR DB 378 39.87 73.70 67.63
CA TYR DB 378 40.65 74.05 66.45
C TYR DB 378 41.01 75.52 66.52
N LEU DB 379 41.95 75.90 65.68
CA LEU DB 379 42.36 77.29 65.52
C LEU DB 379 42.00 77.74 64.11
N THR DB 380 41.73 79.03 63.97
CA THR DB 380 41.41 79.61 62.68
C THR DB 380 42.30 80.83 62.48
N LEU DB 381 42.11 81.50 61.35
CA LEU DB 381 42.92 82.67 61.02
C LEU DB 381 42.80 83.72 62.12
N ASN DB 382 43.94 84.26 62.53
CA ASN DB 382 43.95 85.27 63.57
C ASN DB 382 44.88 86.41 63.19
N ASN DB 383 44.50 87.60 63.65
CA ASN DB 383 45.30 88.82 63.51
C ASN DB 383 45.62 89.28 64.93
N GLY DB 384 46.68 88.71 65.49
CA GLY DB 384 46.92 88.88 66.91
C GLY DB 384 46.00 87.96 67.68
N SER DB 385 45.32 88.51 68.67
CA SER DB 385 44.30 87.76 69.39
C SER DB 385 42.92 87.91 68.77
N GLN DB 386 42.81 88.60 67.65
CA GLN DB 386 41.54 88.86 66.99
C GLN DB 386 41.35 87.91 65.82
N ALA DB 387 40.14 87.89 65.29
CA ALA DB 387 39.81 87.11 64.11
C ALA DB 387 39.83 88.00 62.87
N VAL DB 388 39.55 87.40 61.72
CA VAL DB 388 39.40 88.12 60.48
C VAL DB 388 38.10 87.69 59.83
N GLY DB 389 37.81 88.25 58.66
CA GLY DB 389 36.60 87.87 57.96
C GLY DB 389 36.61 86.45 57.47
N ARG DB 390 37.77 85.94 57.09
CA ARG DB 390 37.92 84.59 56.57
C ARG DB 390 38.15 83.56 57.66
N SER DB 391 38.12 83.98 58.92
CA SER DB 391 38.15 83.02 60.02
C SER DB 391 36.88 82.18 59.98
N SER DB 392 37.05 80.86 60.06
CA SER DB 392 35.93 79.95 59.96
C SER DB 392 35.46 79.50 61.33
N PHE DB 393 34.18 79.16 61.39
CA PHE DB 393 33.58 78.54 62.55
C PHE DB 393 32.86 77.28 62.09
N TYR DB 394 33.02 76.20 62.84
CA TYR DB 394 32.42 74.92 62.49
C TYR DB 394 31.57 74.45 63.65
N CYS DB 395 30.27 74.31 63.41
CA CYS DB 395 29.42 73.57 64.33
C CYS DB 395 29.50 72.11 63.97
N LEU DB 396 29.91 71.27 64.92
CA LEU DB 396 30.00 69.85 64.66
C LEU DB 396 28.65 69.15 64.76
N GLU DB 397 27.64 69.81 65.31
CA GLU DB 397 26.28 69.30 65.25
C GLU DB 397 25.67 69.50 63.87
N TYR DB 398 26.33 70.24 63.00
CA TYR DB 398 25.91 70.42 61.62
C TYR DB 398 26.36 69.27 60.73
N PHE DB 399 26.69 68.13 61.31
CA PHE DB 399 27.04 66.92 60.63
C PHE DB 399 26.02 65.84 60.94
N PRO DB 400 25.83 64.87 60.05
CA PRO DB 400 25.07 63.67 60.41
C PRO DB 400 25.87 62.81 61.37
N SER DB 401 25.27 62.52 62.52
CA SER DB 401 25.89 61.69 63.55
C SER DB 401 25.05 60.44 63.76
N GLN DB 402 25.71 59.36 64.15
CA GLN DB 402 25.01 58.19 64.61
C GLN DB 402 24.84 58.30 66.12
N MET DB 403 23.60 58.14 66.59
CA MET DB 403 23.29 58.17 68.01
C MET DB 403 23.27 56.75 68.54
N LEU DB 404 24.05 56.50 69.58
CA LEU DB 404 24.27 55.17 70.13
C LEU DB 404 23.73 55.12 71.54
N ARG DB 405 22.77 54.24 71.78
CA ARG DB 405 22.38 53.88 73.13
C ARG DB 405 23.24 52.72 73.59
N THR DB 406 22.94 52.16 74.77
CA THR DB 406 23.85 51.19 75.36
C THR DB 406 23.91 49.88 74.60
N GLY DB 407 22.98 49.63 73.68
CA GLY DB 407 23.01 48.39 72.92
C GLY DB 407 23.55 48.54 71.50
N ASN DB 408 23.96 49.74 71.13
CA ASN DB 408 24.40 50.02 69.78
C ASN DB 408 25.93 50.04 69.69
N ASN DB 409 26.43 49.82 68.48
CA ASN DB 409 27.84 49.96 68.18
C ASN DB 409 28.03 50.76 66.91
N PHE DB 410 29.28 51.11 66.64
CA PHE DB 410 29.66 51.96 65.53
C PHE DB 410 30.84 51.32 64.82
N THR DB 411 30.76 51.19 63.50
CA THR DB 411 31.86 50.62 62.73
C THR DB 411 32.24 51.56 61.59
N PHE DB 412 33.48 51.46 61.16
CA PHE DB 412 33.97 52.33 60.10
C PHE DB 412 35.22 51.71 59.48
N SER DB 413 35.24 51.60 58.16
CA SER DB 413 36.39 51.05 57.44
C SER DB 413 37.08 52.15 56.64
N TYR DB 414 38.38 52.00 56.46
CA TYR DB 414 39.15 52.98 55.71
C TYR DB 414 40.29 52.27 54.99
N THR DB 415 40.57 52.71 53.77
CA THR DB 415 41.68 52.19 52.99
C THR DB 415 42.71 53.28 52.79
N PHE DB 416 43.97 52.97 53.10
CA PHE DB 416 45.06 53.91 52.88
C PHE DB 416 45.36 54.04 51.39
N GLU DB 417 45.74 55.24 50.99
CA GLU DB 417 46.27 55.44 49.65
C GLU DB 417 47.63 54.78 49.52
N GLU DB 418 48.07 54.60 48.28
CA GLU DB 418 49.37 53.97 48.02
C GLU DB 418 50.46 54.97 48.42
N VAL DB 419 51.00 54.78 49.62
CA VAL DB 419 52.06 55.61 50.17
C VAL DB 419 53.35 54.81 50.02
N PRO DB 420 54.51 55.45 49.89
CA PRO DB 420 55.76 54.67 49.84
C PRO DB 420 56.03 53.98 51.17
N PHE DB 421 56.73 52.85 51.07
CA PHE DB 421 57.17 52.14 52.26
C PHE DB 421 58.09 53.04 53.08
N HIS DB 422 57.90 53.04 54.39
CA HIS DB 422 58.91 53.59 55.27
C HIS DB 422 60.10 52.64 55.30
N SER DB 423 61.29 53.25 55.34
CA SER DB 423 62.56 52.55 55.26
C SER DB 423 63.01 52.09 56.63
N SER DB 424 62.90 50.80 56.90
CA SER DB 424 63.39 50.22 58.15
C SER DB 424 64.84 49.77 58.04
N TYR DB 425 65.62 50.43 57.19
CA TYR DB 425 67.00 50.05 56.95
C TYR DB 425 67.91 51.26 57.08
N ALA DB 426 69.16 50.99 57.39
CA ALA DB 426 70.27 51.92 57.19
C ALA DB 426 71.02 51.53 55.92
N HIS DB 427 71.91 52.41 55.50
CA HIS DB 427 72.74 52.16 54.33
C HIS DB 427 74.10 51.65 54.76
N SER DB 428 74.58 50.61 54.07
CA SER DB 428 75.89 50.05 54.34
C SER DB 428 77.00 50.83 53.67
N GLN DB 429 76.67 51.77 52.80
CA GLN DB 429 77.65 52.61 52.13
C GLN DB 429 77.32 54.07 52.39
N SER DB 430 78.34 54.91 52.34
CA SER DB 430 78.17 56.34 52.39
C SER DB 430 78.13 56.90 50.98
N LEU DB 431 77.48 58.06 50.84
CA LEU DB 431 77.27 58.63 49.51
C LEU DB 431 78.57 59.08 48.86
N ASP DB 432 79.54 59.50 49.66
CA ASP DB 432 80.84 59.90 49.14
C ASP DB 432 81.82 58.75 49.06
N ARG DB 433 81.35 57.51 49.18
CA ARG DB 433 82.18 56.33 49.16
C ARG DB 433 81.55 55.25 48.29
N LEU DB 434 81.05 55.63 47.12
CA LEU DB 434 80.34 54.73 46.24
C LEU DB 434 81.22 54.19 45.12
N MET DB 435 82.52 54.45 45.17
CA MET DB 435 83.43 54.11 44.09
C MET DB 435 84.09 52.75 44.34
N ASN DB 436 84.70 52.23 43.29
CA ASN DB 436 85.61 51.11 43.41
C ASN DB 436 86.90 51.60 44.04
N PRO DB 437 87.32 51.07 45.18
CA PRO DB 437 88.55 51.54 45.83
C PRO DB 437 89.84 50.99 45.23
N LEU DB 438 89.76 50.24 44.13
CA LEU DB 438 90.95 49.69 43.51
C LEU DB 438 91.27 50.31 42.16
N ILE DB 439 90.28 50.82 41.45
CA ILE DB 439 90.44 51.30 40.09
C ILE DB 439 90.47 52.81 40.08
N ASP DB 440 91.28 53.39 39.21
CA ASP DB 440 91.29 54.83 39.01
C ASP DB 440 90.11 55.25 38.16
N GLN DB 441 89.96 56.55 38.01
CA GLN DB 441 88.94 57.12 37.14
C GLN DB 441 89.56 57.51 35.80
N TYR DB 442 88.70 57.74 34.82
CA TYR DB 442 89.17 58.33 33.57
C TYR DB 442 88.90 59.83 33.53
N LEU DB 443 88.45 60.41 34.63
CA LEU DB 443 88.17 61.83 34.72
C LEU DB 443 89.29 62.52 35.48
N TYR DB 444 89.68 63.69 35.00
CA TYR DB 444 90.73 64.47 35.62
C TYR DB 444 90.13 65.65 36.36
N TYR DB 445 90.89 66.15 37.34
CA TYR DB 445 90.50 67.32 38.11
C TYR DB 445 91.73 68.20 38.28
N LEU DB 446 91.48 69.49 38.47
CA LEU DB 446 92.57 70.41 38.76
C LEU DB 446 93.10 70.15 40.16
N ASN DB 447 94.36 69.75 40.25
CA ASN DB 447 94.97 69.36 41.52
C ASN DB 447 95.85 70.45 42.12
N ARG DB 448 96.66 71.11 41.31
CA ARG DB 448 97.55 72.17 41.76
C ARG DB 448 97.39 73.38 40.86
N THR DB 449 97.37 74.56 41.46
CA THR DB 449 97.55 75.79 40.71
C THR DB 449 98.89 76.46 41.01
N GLN DB 450 99.80 75.75 41.68
CA GLN DB 450 101.16 76.20 41.91
C GLN DB 450 102.11 75.05 41.60
N ASN DB 451 103.38 75.39 41.42
CA ASN DB 451 104.37 74.36 41.13
C ASN DB 451 104.59 73.45 42.32
N GLN DB 452 104.67 72.15 42.04
CA GLN DB 452 104.81 71.16 43.10
C GLN DB 452 106.20 71.13 43.72
N SER DB 453 107.23 71.53 42.96
CA SER DB 453 108.60 71.41 43.43
C SER DB 453 108.85 72.26 44.67
N GLY DB 454 108.38 73.51 44.66
CA GLY DB 454 108.51 74.38 45.81
C GLY DB 454 109.76 75.22 45.86
N SER DB 455 110.77 74.90 45.04
CA SER DB 455 111.97 75.74 44.99
C SER DB 455 111.63 77.15 44.51
N ALA DB 456 110.77 77.25 43.51
CA ALA DB 456 110.11 78.48 43.14
C ALA DB 456 108.63 78.39 43.52
N GLN DB 457 107.97 79.54 43.51
CA GLN DB 457 106.56 79.64 43.89
C GLN DB 457 105.70 80.07 42.71
N ASN DB 458 105.94 79.46 41.55
CA ASN DB 458 105.23 79.86 40.34
C ASN DB 458 103.88 79.18 40.24
N LYS DB 459 102.96 79.83 39.54
CA LYS DB 459 101.66 79.24 39.31
C LYS DB 459 101.74 78.19 38.22
N ASP DB 460 100.68 77.40 38.10
CA ASP DB 460 100.60 76.35 37.09
C ASP DB 460 99.16 75.88 36.98
N LEU DB 461 98.96 74.88 36.12
CA LEU DB 461 97.66 74.21 35.97
C LEU DB 461 97.97 72.73 35.84
N LEU DB 462 97.99 72.03 36.98
CA LEU DB 462 98.34 70.62 37.04
C LEU DB 462 97.10 69.80 37.34
N PHE DB 463 96.87 68.78 36.53
CA PHE DB 463 95.66 67.97 36.62
C PHE DB 463 96.02 66.55 37.03
N SER DB 464 95.22 65.99 37.93
CA SER DB 464 95.41 64.63 38.39
C SER DB 464 94.22 63.77 38.02
N ARG DB 465 94.45 62.48 37.99
CA ARG DB 465 93.40 61.51 37.72
C ARG DB 465 92.74 61.08 39.02
N GLY DB 466 91.43 60.89 38.96
CA GLY DB 466 90.69 60.40 40.11
C GLY DB 466 91.19 59.04 40.55
N SER DB 467 91.73 58.96 41.75
CA SER DB 467 92.39 57.78 42.25
C SER DB 467 91.87 57.42 43.64
N PRO DB 468 92.00 56.16 44.06
CA PRO DB 468 91.58 55.79 45.42
C PRO DB 468 92.41 56.45 46.51
N ALA DB 469 93.57 56.99 46.20
CA ALA DB 469 94.33 57.71 47.20
C ALA DB 469 93.58 58.95 47.68
N GLY DB 470 93.11 59.77 46.74
CA GLY DB 470 92.26 60.88 47.10
C GLY DB 470 90.83 60.66 46.69
N MET DB 471 90.00 60.26 47.64
CA MET DB 471 88.59 59.99 47.36
C MET DB 471 87.72 61.22 47.54
N SER DB 472 88.22 62.23 48.25
CA SER DB 472 87.45 63.44 48.48
C SER DB 472 87.39 64.33 47.25
N VAL DB 473 88.34 64.20 46.32
CA VAL DB 473 88.42 65.05 45.15
C VAL DB 473 87.95 64.35 43.89
N GLN DB 474 87.52 63.11 43.99
CA GLN DB 474 87.02 62.40 42.83
C GLN DB 474 85.69 63.01 42.38
N PRO DB 475 85.49 63.18 41.07
CA PRO DB 475 84.16 63.51 40.57
C PRO DB 475 83.13 62.47 41.00
N LYS DB 476 81.94 62.94 41.36
CA LYS DB 476 80.88 62.07 41.85
C LYS DB 476 79.57 62.44 41.16
N ASN DB 477 78.57 61.59 41.33
CA ASN DB 477 77.32 61.71 40.59
C ASN DB 477 76.20 62.32 41.40
N TRP DB 478 76.27 62.33 42.72
CA TRP DB 478 75.15 62.72 43.56
C TRP DB 478 75.62 63.66 44.66
N LEU DB 479 74.65 64.28 45.31
CA LEU DB 479 74.87 65.25 46.38
C LEU DB 479 74.09 64.85 47.61
N PRO DB 480 74.56 65.22 48.80
CA PRO DB 480 73.78 64.98 50.02
C PRO DB 480 72.54 65.85 50.05
N GLY DB 481 71.55 65.39 50.80
CA GLY DB 481 70.27 66.06 50.88
C GLY DB 481 70.35 67.48 51.39
N PRO DB 482 69.22 68.17 51.39
CA PRO DB 482 69.20 69.57 51.82
C PRO DB 482 69.41 69.70 53.33
N CYS DB 483 69.82 70.88 53.73
CA CYS DB 483 70.12 71.12 55.14
C CYS DB 483 69.56 72.46 55.57
N TYR DB 484 69.31 72.61 56.86
CA TYR DB 484 68.94 73.87 57.50
C TYR DB 484 69.55 73.86 58.88
N ARG DB 485 70.72 74.48 59.02
CA ARG DB 485 71.57 74.24 60.17
C ARG DB 485 70.89 74.58 61.50
N GLN DB 486 71.12 73.74 62.49
CA GLN DB 486 70.63 73.93 63.85
C GLN DB 486 71.79 74.24 64.78
N GLN DB 487 71.45 74.70 65.97
CA GLN DB 487 72.46 74.99 66.99
C GLN DB 487 72.82 73.72 67.74
N ARG DB 488 74.09 73.59 68.08
CA ARG DB 488 74.62 72.38 68.68
C ARG DB 488 74.59 72.50 70.19
N VAL DB 489 73.86 71.62 70.86
CA VAL DB 489 73.75 71.59 72.30
C VAL DB 489 74.38 70.30 72.80
N SER DB 490 75.18 70.40 73.85
CA SER DB 490 75.81 69.25 74.46
C SER DB 490 74.93 68.68 75.55
N LYS DB 491 74.81 67.35 75.57
CA LYS DB 491 74.10 66.69 76.65
C LYS DB 491 74.80 66.85 77.99
N THR DB 492 76.09 67.18 77.98
CA THR DB 492 76.82 67.55 79.18
C THR DB 492 76.72 69.07 79.33
N LYS DB 493 75.98 69.51 80.34
CA LYS DB 493 75.58 70.91 80.42
C LYS DB 493 76.75 71.87 80.63
N THR DB 494 77.89 71.39 81.13
CA THR DB 494 79.01 72.29 81.38
C THR DB 494 79.65 72.82 80.11
N ASP DB 495 79.49 72.12 78.99
CA ASP DB 495 80.08 72.57 77.73
C ASP DB 495 79.20 73.52 76.94
N ASN DB 496 78.02 73.84 77.46
CA ASN DB 496 77.12 74.76 76.79
C ASN DB 496 77.38 76.18 77.25
N ASN DB 497 77.07 77.13 76.38
CA ASN DB 497 77.24 78.54 76.70
C ASN DB 497 76.34 78.94 77.86
N ASN DB 498 76.83 79.87 78.67
CA ASN DB 498 76.08 80.33 79.84
C ASN DB 498 75.11 81.44 79.42
N SER DB 499 74.03 80.99 78.78
CA SER DB 499 72.93 81.86 78.40
C SER DB 499 71.74 80.97 78.08
N ASN DB 500 70.59 81.60 77.83
CA ASN DB 500 69.42 80.79 77.49
C ASN DB 500 69.47 80.33 76.05
N PHE DB 501 69.40 81.27 75.11
CA PHE DB 501 69.64 81.04 73.67
C PHE DB 501 68.81 79.90 73.09
N THR DB 502 67.80 79.43 73.81
CA THR DB 502 66.86 78.48 73.24
C THR DB 502 65.86 79.13 72.30
N TRP DB 503 65.70 80.44 72.40
CA TRP DB 503 64.87 81.17 71.47
C TRP DB 503 65.68 82.15 70.63
N THR DB 504 66.65 82.83 71.22
CA THR DB 504 67.43 83.80 70.46
C THR DB 504 68.41 83.14 69.51
N GLY DB 505 68.91 81.96 69.85
CA GLY DB 505 69.91 81.32 69.03
C GLY DB 505 69.40 80.13 68.25
N ALA DB 506 68.10 80.08 68.00
CA ALA DB 506 67.47 78.92 67.41
C ALA DB 506 67.03 79.18 65.97
N SER DB 507 67.04 78.11 65.18
CA SER DB 507 66.54 78.18 63.81
C SER DB 507 65.03 78.28 63.83
N LYS DB 508 64.50 79.35 63.25
CA LYS DB 508 63.06 79.55 63.24
C LYS DB 508 62.66 80.17 61.92
N TYR DB 509 61.38 80.09 61.60
CA TYR DB 509 60.88 80.63 60.36
C TYR DB 509 59.86 81.73 60.64
N ASN DB 510 59.74 82.64 59.68
CA ASN DB 510 58.88 83.80 59.77
C ASN DB 510 57.63 83.55 58.93
N LEU DB 511 56.46 83.71 59.53
CA LEU DB 511 55.19 83.51 58.83
C LEU DB 511 54.18 84.54 59.32
N ASN DB 512 53.81 85.47 58.45
CA ASN DB 512 52.84 86.52 58.77
C ASN DB 512 53.29 87.35 59.96
N GLY DB 513 54.60 87.55 60.08
CA GLY DB 513 55.15 88.42 61.10
C GLY DB 513 55.45 87.76 62.42
N ARG DB 514 55.12 86.50 62.62
CA ARG DB 514 55.43 85.82 63.87
C ARG DB 514 56.30 84.60 63.60
N GLU DB 515 57.28 84.40 64.48
CA GLU DB 515 58.32 83.40 64.31
C GLU DB 515 57.90 82.08 64.94
N SER DB 516 58.35 80.99 64.34
CA SER DB 516 58.04 79.65 64.82
C SER DB 516 59.30 78.82 64.74
N ILE DB 517 59.63 78.13 65.82
CA ILE DB 517 60.78 77.24 65.83
C ILE DB 517 60.56 76.13 64.81
N ILE DB 518 61.62 75.74 64.10
CA ILE DB 518 61.49 74.73 63.07
C ILE DB 518 61.05 73.41 63.67
N ASN DB 519 61.90 72.79 64.50
CA ASN DB 519 61.50 71.69 65.39
C ASN DB 519 60.65 70.62 64.74
N PRO DB 520 61.23 69.64 64.03
CA PRO DB 520 62.66 69.37 63.87
C PRO DB 520 63.18 69.70 62.48
N GLY DB 521 62.27 69.96 61.55
CA GLY DB 521 62.69 70.41 60.24
C GLY DB 521 63.31 69.30 59.41
N THR DB 522 64.34 69.68 58.66
CA THR DB 522 64.96 68.77 57.70
C THR DB 522 65.52 67.55 58.40
N ALA DB 523 65.41 66.40 57.74
CA ALA DB 523 65.92 65.15 58.27
C ALA DB 523 67.44 65.14 58.10
N MET DB 524 68.15 65.38 59.19
CA MET DB 524 69.61 65.43 59.18
C MET DB 524 70.15 64.58 60.32
N ALA DB 525 71.42 64.22 60.18
CA ALA DB 525 72.10 63.46 61.23
C ALA DB 525 72.23 64.29 62.49
N SER DB 526 71.97 63.67 63.64
CA SER DB 526 72.04 64.38 64.91
C SER DB 526 73.45 64.86 65.21
N HIS DB 527 74.45 64.04 64.91
CA HIS DB 527 75.83 64.38 65.23
C HIS DB 527 76.74 63.64 64.26
N LYS DB 528 78.03 63.84 64.41
CA LYS DB 528 79.04 63.14 63.64
C LYS DB 528 79.44 61.85 64.35
N ASP DB 529 80.48 61.21 63.85
CA ASP DB 529 81.07 60.08 64.55
C ASP DB 529 81.80 60.55 65.80
N ASP DB 530 81.69 59.76 66.87
CA ASP DB 530 82.36 60.03 68.14
C ASP DB 530 81.93 61.36 68.74
N GLU DB 531 80.67 61.75 68.51
CA GLU DB 531 80.16 63.03 68.97
C GLU DB 531 78.75 62.86 69.51
N ASP DB 532 78.47 61.73 70.16
CA ASP DB 532 77.13 61.44 70.65
C ASP DB 532 76.69 62.38 71.76
N LYS DB 533 77.61 63.15 72.34
CA LYS DB 533 77.28 64.10 73.40
C LYS DB 533 76.56 65.34 72.88
N PHE DB 534 76.47 65.53 71.58
CA PHE DB 534 75.86 66.71 70.99
C PHE DB 534 74.57 66.33 70.27
N PHE DB 535 73.59 67.22 70.35
CA PHE DB 535 72.36 67.09 69.58
C PHE DB 535 71.95 68.46 69.08
N PRO DB 536 71.27 68.53 67.94
CA PRO DB 536 70.72 69.81 67.49
C PRO DB 536 69.66 70.32 68.45
N MET DB 537 69.63 71.65 68.62
CA MET DB 537 68.82 72.22 69.69
C MET DB 537 67.34 71.90 69.51
N SER DB 538 66.85 71.96 68.28
CA SER DB 538 65.46 71.61 67.99
C SER DB 538 65.40 70.73 66.74
N GLY DB 539 66.30 69.76 66.65
CA GLY DB 539 66.36 68.92 65.49
C GLY DB 539 66.05 67.47 65.77
N VAL DB 540 65.70 67.17 67.01
CA VAL DB 540 65.50 65.79 67.43
C VAL DB 540 64.13 65.66 68.08
N MET DB 541 63.54 64.48 67.94
CA MET DB 541 62.31 64.16 68.63
C MET DB 541 62.63 63.75 70.05
N ILE DB 542 62.02 64.43 71.02
CA ILE DB 542 62.29 64.19 72.44
C ILE DB 542 61.01 63.65 73.06
N PHE DB 543 61.08 62.44 73.57
CA PHE DB 543 59.97 61.83 74.29
C PHE DB 543 60.22 61.92 75.78
N GLY DB 544 59.18 62.21 76.54
CA GLY DB 544 59.28 62.27 77.98
C GLY DB 544 59.03 60.90 78.60
N LYS DB 545 59.83 60.58 79.62
CA LYS DB 545 59.56 59.39 80.39
C LYS DB 545 58.39 59.65 81.34
N GLU DB 546 57.84 58.57 81.88
CA GLU DB 546 56.87 58.74 82.94
C GLU DB 546 57.54 59.39 84.14
N SER DB 547 56.77 60.20 84.86
CA SER DB 547 57.31 61.10 85.89
C SER DB 547 58.21 62.17 85.29
N ALA DB 548 57.80 62.72 84.15
CA ALA DB 548 58.41 63.91 83.59
C ALA DB 548 57.41 65.06 83.68
N GLY DB 549 57.86 66.19 84.19
CA GLY DB 549 56.99 67.33 84.33
C GLY DB 549 56.61 67.92 83.00
N ALA DB 550 55.61 68.80 83.04
CA ALA DB 550 55.16 69.47 81.83
C ALA DB 550 56.12 70.55 81.39
N SER DB 551 56.75 71.24 82.33
CA SER DB 551 57.61 72.37 82.02
C SER DB 551 58.92 72.26 82.77
N ASN DB 552 60.03 72.53 82.07
CA ASN DB 552 61.37 72.60 82.65
C ASN DB 552 61.73 71.31 83.38
N THR DB 553 61.39 70.17 82.79
CA THR DB 553 61.82 68.89 83.33
C THR DB 553 63.29 68.66 82.98
N ALA DB 554 63.81 67.53 83.43
CA ALA DB 554 65.24 67.29 83.35
C ALA DB 554 65.61 66.37 82.18
N LEU DB 555 66.88 66.50 81.77
CA LEU DB 555 67.44 65.62 80.77
C LEU DB 555 67.32 64.16 81.20
N ASP DB 556 67.34 63.91 82.50
CA ASP DB 556 67.13 62.57 83.00
C ASP DB 556 65.69 62.12 82.80
N ASN DB 557 64.76 63.07 82.72
CA ASN DB 557 63.35 62.72 82.55
C ASN DB 557 62.92 62.68 81.09
N VAL DB 558 63.74 63.15 80.17
CA VAL DB 558 63.40 63.06 78.75
C VAL DB 558 64.29 62.05 78.06
N MET DB 559 63.81 61.53 76.93
CA MET DB 559 64.55 60.63 76.06
C MET DB 559 64.77 61.32 74.72
N ILE DB 560 66.03 61.61 74.40
CA ILE DB 560 66.38 62.26 73.15
C ILE DB 560 66.67 61.20 72.10
N THR DB 561 66.04 61.32 70.93
CA THR DB 561 66.29 60.37 69.87
C THR DB 561 67.59 60.71 69.15
N ASP DB 562 68.04 59.78 68.32
CA ASP DB 562 69.25 59.94 67.54
C ASP DB 562 68.96 59.56 66.09
N GLU DB 563 69.52 60.31 65.16
CA GLU DB 563 69.39 60.04 63.73
C GLU DB 563 70.74 59.67 63.14
N GLU DB 564 71.46 58.78 63.84
CA GLU DB 564 72.84 58.48 63.47
C GLU DB 564 72.91 57.61 62.22
N GLU DB 565 71.81 56.96 61.85
CA GLU DB 565 71.85 56.00 60.76
C GLU DB 565 71.80 56.66 59.40
N ILE DB 566 71.44 57.94 59.32
CA ILE DB 566 71.29 58.59 58.03
C ILE DB 566 72.46 59.53 57.74
N LYS DB 567 73.60 59.32 58.42
CA LYS DB 567 74.83 60.01 58.08
C LYS DB 567 75.33 59.65 56.69
N ALA DB 568 74.88 58.52 56.14
CA ALA DB 568 75.39 58.07 54.85
C ALA DB 568 74.93 58.98 53.72
N THR DB 569 73.78 59.63 53.86
CA THR DB 569 73.22 60.45 52.80
C THR DB 569 72.81 61.85 53.23
N ASN DB 570 72.64 62.11 54.51
CA ASN DB 570 72.14 63.39 54.98
C ASN DB 570 73.23 64.18 55.68
N PRO DB 571 73.22 65.50 55.55
CA PRO DB 571 74.19 66.32 56.28
C PRO DB 571 73.92 66.27 57.79
N VAL DB 572 74.96 66.51 58.56
CA VAL DB 572 74.82 66.59 60.01
C VAL DB 572 74.08 67.87 60.37
N ALA DB 573 73.11 67.76 61.28
CA ALA DB 573 72.18 68.85 61.55
C ALA DB 573 72.86 70.09 62.07
N THR DB 574 73.98 69.97 62.78
CA THR DB 574 74.61 71.08 63.44
C THR DB 574 75.76 71.70 62.65
N GLU DB 575 76.03 71.21 61.45
CA GLU DB 575 77.14 71.71 60.64
C GLU DB 575 76.65 72.16 59.28
N ARG DB 576 77.50 72.94 58.62
CA ARG DB 576 77.15 73.53 57.34
C ARG DB 576 76.99 72.44 56.28
N PHE DB 577 76.20 72.76 55.25
CA PHE DB 577 76.12 71.90 54.09
C PHE DB 577 77.48 71.81 53.41
N GLY DB 578 78.17 72.93 53.30
CA GLY DB 578 79.46 72.96 52.65
C GLY DB 578 79.90 74.39 52.45
N THR DB 579 80.90 74.56 51.59
CA THR DB 579 81.41 75.86 51.24
C THR DB 579 81.10 76.17 49.78
N VAL DB 580 81.09 77.46 49.46
CA VAL DB 580 80.79 77.93 48.12
C VAL DB 580 81.74 79.07 47.80
N ALA DB 581 82.14 79.18 46.54
CA ALA DB 581 82.95 80.31 46.11
C ALA DB 581 82.11 81.58 46.15
N VAL DB 582 82.71 82.69 46.56
CA VAL DB 582 81.98 83.94 46.73
C VAL DB 582 82.62 85.10 46.00
N ASN DB 583 83.69 84.89 45.23
CA ASN DB 583 84.33 85.97 44.52
C ASN DB 583 85.03 85.40 43.29
N PHE DB 584 85.77 86.25 42.59
CA PHE DB 584 86.63 85.86 41.48
C PHE DB 584 88.08 85.97 41.92
N GLN DB 585 88.81 84.86 41.88
CA GLN DB 585 90.24 84.91 42.14
C GLN DB 585 90.97 85.46 40.92
N SER DB 586 92.02 86.23 41.18
CA SER DB 586 92.80 86.82 40.11
C SER DB 586 94.19 87.12 40.63
N SER DB 587 95.11 87.35 39.70
CA SER DB 587 96.47 87.74 40.02
C SER DB 587 96.63 89.25 39.85
N SER DB 588 97.69 89.78 40.45
CA SER DB 588 97.99 91.19 40.34
C SER DB 588 98.43 91.53 38.92
N THR DB 589 98.09 92.75 38.50
CA THR DB 589 98.45 93.22 37.17
C THR DB 589 98.92 94.67 37.20
N VAL DB 592 95.77 96.11 36.72
CA VAL DB 592 94.97 96.07 37.95
C VAL DB 592 95.79 95.47 39.07
N PRO DB 593 96.60 96.29 39.73
CA PRO DB 593 97.49 95.77 40.77
C PRO DB 593 96.79 95.52 42.10
N PHE DB 594 95.62 94.92 42.05
CA PHE DB 594 94.85 94.55 43.23
C PHE DB 594 94.58 93.06 43.15
N LYS DB 595 95.52 92.26 43.66
CA LYS DB 595 95.37 90.81 43.67
C LYS DB 595 94.17 90.39 44.51
N THR DB 596 93.39 89.44 44.00
CA THR DB 596 92.20 88.96 44.68
C THR DB 596 92.39 87.49 45.04
N ASP DB 597 92.51 87.21 46.34
CA ASP DB 597 92.57 85.83 46.78
C ASP DB 597 91.20 85.18 46.64
N PRO DB 598 91.15 83.89 46.32
CA PRO DB 598 89.88 83.19 46.29
C PRO DB 598 89.25 83.15 47.68
N ALA DB 599 87.93 83.25 47.72
CA ALA DB 599 87.20 83.32 48.98
C ALA DB 599 86.01 82.37 48.94
N THR DB 600 85.81 81.65 50.04
CA THR DB 600 84.69 80.75 50.19
C THR DB 600 83.86 81.17 51.39
N GLY DB 601 82.58 80.81 51.34
CA GLY DB 601 81.68 81.05 52.45
C GLY DB 601 80.92 79.78 52.79
N ASP DB 602 80.60 79.65 54.06
CA ASP DB 602 79.86 78.48 54.54
C ASP DB 602 78.40 78.56 54.12
N VAL DB 603 77.86 77.43 53.70
CA VAL DB 603 76.48 77.31 53.27
C VAL DB 603 75.71 76.66 54.42
N HIS DB 604 74.87 77.42 55.09
CA HIS DB 604 74.20 76.95 56.30
C HIS DB 604 72.80 76.41 56.00
N ALA DB 605 72.10 76.99 55.05
CA ALA DB 605 70.80 76.49 54.59
C ALA DB 605 70.89 76.25 53.10
N MET DB 606 70.63 75.02 52.69
CA MET DB 606 70.72 74.62 51.29
C MET DB 606 69.40 74.00 50.88
N GLY DB 607 68.76 74.57 49.87
CA GLY DB 607 67.57 74.00 49.31
C GLY DB 607 67.90 72.88 48.35
N ALA DB 608 66.85 72.29 47.78
CA ALA DB 608 67.02 71.13 46.93
C ALA DB 608 67.74 71.49 45.65
N LEU DB 609 68.83 70.79 45.37
CA LEU DB 609 69.56 70.83 44.12
C LEU DB 609 69.35 69.53 43.36
N PRO DB 610 69.32 69.56 42.03
CA PRO DB 610 69.23 68.30 41.28
C PRO DB 610 70.45 67.44 41.55
N GLY DB 611 70.22 66.14 41.66
CA GLY DB 611 71.23 65.20 42.07
C GLY DB 611 71.27 64.94 43.55
N MET DB 612 70.48 65.66 44.34
CA MET DB 612 70.44 65.44 45.78
C MET DB 612 69.69 64.16 46.12
N VAL DB 613 70.19 63.44 47.12
CA VAL DB 613 69.53 62.25 47.64
C VAL DB 613 69.54 62.33 49.16
N TRP DB 614 68.48 61.86 49.79
CA TRP DB 614 68.38 61.95 51.24
C TRP DB 614 67.47 60.85 51.76
N GLN DB 615 67.55 60.63 53.07
CA GLN DB 615 66.62 59.78 53.78
C GLN DB 615 65.69 60.63 54.63
N ASP DB 616 64.49 60.12 54.86
CA ASP DB 616 63.53 60.80 55.71
C ASP DB 616 63.81 60.49 57.17
N ARG DB 617 63.08 61.16 58.06
CA ARG DB 617 63.23 60.90 59.48
C ARG DB 617 62.72 59.51 59.83
N ASP DB 618 63.30 58.93 60.87
CA ASP DB 618 62.87 57.62 61.34
C ASP DB 618 61.55 57.72 62.09
N VAL DB 619 60.83 56.61 62.12
CA VAL DB 619 59.63 56.49 62.94
C VAL DB 619 60.00 55.69 64.18
N TYR DB 620 59.27 55.94 65.26
CA TYR DB 620 59.54 55.31 66.55
C TYR DB 620 58.27 54.65 67.06
N LEU DB 621 58.44 53.70 67.97
CA LEU DB 621 57.28 53.04 68.56
C LEU DB 621 56.39 54.03 69.30
N GLN DB 622 56.98 55.07 69.89
CA GLN DB 622 56.23 56.09 70.59
C GLN DB 622 55.84 57.26 69.71
N GLY DB 623 56.18 57.24 68.42
CA GLY DB 623 56.00 58.38 67.56
C GLY DB 623 54.76 58.31 66.69
N PRO DB 624 54.48 59.37 65.96
CA PRO DB 624 53.30 59.41 65.10
C PRO DB 624 53.43 58.50 63.88
N ILE DB 625 52.28 58.07 63.37
CA ILE DB 625 52.23 57.22 62.19
C ILE DB 625 52.08 58.03 60.92
N TRP DB 626 51.09 58.92 60.88
CA TRP DB 626 50.76 59.64 59.66
C TRP DB 626 50.54 61.11 59.96
N ALA DB 627 50.36 61.86 58.88
CA ALA DB 627 49.98 63.27 58.95
C ALA DB 627 49.23 63.62 57.68
N LYS DB 628 48.21 64.47 57.82
CA LYS DB 628 47.53 64.99 56.65
C LYS DB 628 48.41 65.99 55.91
N ILE DB 629 48.58 65.77 54.62
CA ILE DB 629 49.29 66.75 53.79
C ILE DB 629 48.39 67.95 53.55
N PRO DB 630 48.85 69.17 53.83
CA PRO DB 630 47.99 70.34 53.63
C PRO DB 630 47.52 70.46 52.19
N HIS DB 631 46.26 70.87 52.04
CA HIS DB 631 45.67 71.04 50.71
C HIS DB 631 46.13 72.37 50.15
N THR DB 632 47.29 72.35 49.51
CA THR DB 632 47.91 73.52 48.94
C THR DB 632 48.17 73.29 47.45
N ASP DB 633 48.52 74.37 46.76
CA ASP DB 633 48.86 74.26 45.34
C ASP DB 633 50.13 73.47 45.14
N GLY DB 634 51.14 73.70 45.97
CA GLY DB 634 52.41 73.01 45.82
C GLY DB 634 52.91 72.50 47.15
N HIS DB 635 53.67 71.42 47.07
CA HIS DB 635 54.39 70.87 48.20
C HIS DB 635 55.55 70.06 47.67
N PHE DB 636 56.67 70.10 48.35
CA PHE DB 636 57.87 69.40 47.94
C PHE DB 636 58.13 68.25 48.89
N HIS DB 637 58.09 67.03 48.37
CA HIS DB 637 58.34 65.81 49.11
C HIS DB 637 57.49 65.76 50.37
N PRO DB 638 56.19 65.56 50.24
CA PRO DB 638 55.26 65.77 51.37
C PRO DB 638 55.33 64.64 52.40
N SER DB 639 56.52 64.45 52.96
CA SER DB 639 56.72 63.54 54.06
C SER DB 639 56.79 64.34 55.35
N PRO DB 640 55.99 63.99 56.36
CA PRO DB 640 55.93 64.81 57.58
C PRO DB 640 57.29 64.93 58.24
N LEU DB 641 57.56 66.10 58.80
CA LEU DB 641 58.89 66.36 59.35
C LEU DB 641 59.08 65.67 60.70
N MET DB 642 57.99 65.35 61.39
CA MET DB 642 58.12 64.52 62.59
C MET DB 642 58.35 63.05 62.27
N GLY DB 643 58.18 62.65 61.03
CA GLY DB 643 58.32 61.26 60.63
C GLY DB 643 56.96 60.62 60.41
N GLY DB 644 56.94 59.65 59.51
CA GLY DB 644 55.71 58.95 59.22
C GLY DB 644 55.28 59.06 57.78
N PHE DB 645 54.00 58.79 57.53
CA PHE DB 645 53.43 58.78 56.20
C PHE DB 645 52.59 60.03 56.02
N GLY DB 646 52.89 60.80 54.97
CA GLY DB 646 52.05 61.91 54.61
C GLY DB 646 50.93 61.44 53.71
N LEU DB 647 49.69 61.64 54.11
CA LEU DB 647 48.54 61.19 53.36
C LEU DB 647 47.69 62.37 52.95
N LYS DB 648 47.29 62.41 51.68
CA LYS DB 648 46.36 63.44 51.23
C LYS DB 648 44.98 63.23 51.86
N ASN DB 649 44.52 61.99 51.89
CA ASN DB 649 43.30 61.61 52.60
C ASN DB 649 43.70 60.70 53.75
N PRO DB 650 44.05 61.25 54.91
CA PRO DB 650 44.45 60.42 56.03
C PRO DB 650 43.24 59.73 56.65
N PRO DB 651 43.45 58.86 57.64
CA PRO DB 651 42.31 58.34 58.39
C PRO DB 651 41.51 59.46 59.00
N PRO DB 652 40.21 59.49 58.77
CA PRO DB 652 39.40 60.63 59.22
C PRO DB 652 39.25 60.65 60.73
N GLN DB 653 38.92 61.83 61.23
CA GLN DB 653 38.69 62.02 62.65
C GLN DB 653 37.35 61.42 63.04
N ILE DB 654 37.35 60.64 64.11
CA ILE DB 654 36.14 60.12 64.71
C ILE DB 654 35.83 61.00 65.92
N LEU DB 655 34.68 61.66 65.88
CA LEU DB 655 34.28 62.61 66.90
C LEU DB 655 33.09 62.07 67.65
N ILE DB 656 33.14 62.19 68.97
CA ILE DB 656 32.17 61.56 69.85
C ILE DB 656 31.81 62.55 70.94
N LYS DB 657 30.54 62.57 71.32
CA LYS DB 657 30.16 63.37 72.48
C LYS DB 657 28.92 62.77 73.12
N ASN DB 658 28.69 63.13 74.37
CA ASN DB 658 27.49 62.72 75.06
C ASN DB 658 26.34 63.63 74.65
N THR DB 659 25.20 63.06 74.28
CA THR DB 659 24.06 63.90 73.98
C THR DB 659 23.58 64.57 75.26
N PRO DB 660 23.40 65.90 75.26
CA PRO DB 660 22.96 66.57 76.49
C PRO DB 660 21.58 66.11 76.92
N VAL DB 661 21.43 65.89 78.23
CA VAL DB 661 20.15 65.55 78.84
C VAL DB 661 19.76 66.70 79.74
N PRO DB 662 18.75 67.49 79.39
CA PRO DB 662 18.36 68.63 80.22
C PRO DB 662 17.81 68.19 81.57
N ALA DB 663 18.01 69.05 82.57
CA ALA DB 663 17.42 68.85 83.87
C ALA DB 663 15.96 69.29 83.83
N ASN DB 664 15.35 69.41 85.00
CA ASN DB 664 13.93 69.71 85.09
C ASN DB 664 13.64 71.11 84.54
N PRO DB 665 12.79 71.23 83.51
CA PRO DB 665 12.48 72.55 82.97
C PRO DB 665 11.50 73.29 83.85
N PRO DB 666 11.39 74.60 83.72
CA PRO DB 666 10.41 75.35 84.51
C PRO DB 666 8.98 75.03 84.11
N ALA DB 667 8.06 75.34 85.02
CA ALA DB 667 6.64 75.10 84.75
C ALA DB 667 6.13 76.00 83.63
N GLU DB 668 6.56 77.26 83.60
CA GLU DB 668 6.23 78.20 82.54
C GLU DB 668 7.32 78.20 81.48
N PHE DB 669 6.90 78.50 80.25
CA PHE DB 669 7.81 78.49 79.12
C PHE DB 669 8.81 79.63 79.19
N SER DB 670 10.06 79.33 78.85
CA SER DB 670 11.12 80.32 78.75
C SER DB 670 11.91 80.06 77.47
N ALA DB 671 12.08 81.11 76.66
CA ALA DB 671 12.82 80.95 75.42
C ALA DB 671 14.32 80.98 75.62
N THR DB 672 14.79 81.35 76.81
CA THR DB 672 16.21 81.28 77.10
C THR DB 672 16.70 79.85 76.95
N LYS DB 673 17.83 79.67 76.28
CA LYS DB 673 18.33 78.34 76.01
C LYS DB 673 18.69 77.63 77.31
N PHE DB 674 18.58 76.31 77.28
CA PHE DB 674 18.81 75.51 78.48
C PHE DB 674 20.26 75.63 78.92
N ALA DB 675 20.45 75.79 80.22
CA ALA DB 675 21.77 75.81 80.82
C ALA DB 675 21.94 74.77 81.92
N SER DB 676 20.85 74.17 82.38
CA SER DB 676 20.87 73.17 83.43
C SER DB 676 20.76 71.80 82.79
N PHE DB 677 21.80 71.00 82.93
CA PHE DB 677 21.84 69.68 82.33
C PHE DB 677 22.13 68.62 83.39
N ILE DB 678 21.67 67.42 83.10
CA ILE DB 678 21.98 66.26 83.94
C ILE DB 678 23.43 65.88 83.69
N THR DB 679 24.23 65.81 84.75
CA THR DB 679 25.66 65.58 84.63
C THR DB 679 25.91 64.10 84.34
N GLN DB 680 26.60 63.82 83.24
CA GLN DB 680 26.84 62.44 82.89
C GLN DB 680 28.10 62.31 82.06
N TYR DB 681 28.63 61.09 82.03
CA TYR DB 681 29.76 60.74 81.19
C TYR DB 681 29.45 59.41 80.53
N SER DB 682 30.36 58.93 79.70
CA SER DB 682 30.18 57.64 79.07
C SER DB 682 31.49 56.88 79.07
N THR DB 683 31.38 55.56 78.97
CA THR DB 683 32.53 54.68 78.91
C THR DB 683 32.26 53.63 77.86
N GLY DB 684 33.32 53.00 77.38
CA GLY DB 684 33.12 51.98 76.38
C GLY DB 684 34.42 51.38 75.94
N GLN DB 685 34.34 50.58 74.89
CA GLN DB 685 35.49 49.92 74.30
C GLN DB 685 35.66 50.36 72.86
N VAL DB 686 36.91 50.52 72.45
CA VAL DB 686 37.25 50.93 71.09
C VAL DB 686 38.25 49.93 70.54
N SER DB 687 38.02 49.48 69.31
CA SER DB 687 38.91 48.56 68.62
C SER DB 687 39.42 49.22 67.34
N VAL DB 688 40.72 49.12 67.10
CA VAL DB 688 41.33 49.56 65.86
C VAL DB 688 42.15 48.39 65.32
N GLU DB 689 41.91 48.04 64.06
CA GLU DB 689 42.63 46.98 63.38
C GLU DB 689 43.28 47.58 62.14
N ILE DB 690 44.60 47.50 62.05
CA ILE DB 690 45.33 47.98 60.88
C ILE DB 690 46.04 46.82 60.22
N GLU DB 691 45.83 46.66 58.92
CA GLU DB 691 46.65 45.81 58.08
C GLU DB 691 47.80 46.64 57.51
N TRP DB 692 49.02 46.13 57.67
CA TRP DB 692 50.24 46.73 57.17
C TRP DB 692 50.89 45.80 56.17
N GLU DB 693 51.35 46.37 55.07
CA GLU DB 693 52.15 45.66 54.08
C GLU DB 693 53.62 45.76 54.45
N LEU DB 694 54.31 44.63 54.37
CA LEU DB 694 55.73 44.52 54.70
C LEU DB 694 56.55 44.42 53.43
N GLN DB 695 57.79 44.86 53.52
CA GLN DB 695 58.77 44.77 52.46
C GLN DB 695 59.96 44.06 53.06
N LYS DB 696 60.11 42.78 52.70
CA LYS DB 696 61.09 41.89 53.29
C LYS DB 696 62.50 42.23 52.83
N GLU DB 697 63.46 41.97 53.70
CA GLU DB 697 64.86 42.08 53.32
C GLU DB 697 65.19 41.00 52.30
N ASN DB 698 66.08 41.33 51.37
CA ASN DB 698 66.59 40.38 50.39
C ASN DB 698 68.11 40.44 50.34
N SER DB 699 68.74 40.56 51.50
CA SER DB 699 70.14 40.94 51.57
C SER DB 699 71.05 39.75 51.27
N LYS DB 700 72.20 40.06 50.67
CA LYS DB 700 73.25 39.08 50.44
C LYS DB 700 74.44 39.32 51.36
N ARG DB 701 74.25 40.13 52.39
CA ARG DB 701 75.31 40.42 53.34
C ARG DB 701 75.74 39.16 54.08
N TRP DB 702 77.06 39.03 54.28
CA TRP DB 702 77.59 37.81 54.87
C TRP DB 702 77.62 37.87 56.40
N ASN DB 703 78.17 38.94 56.95
CA ASN DB 703 78.28 39.06 58.39
C ASN DB 703 76.92 39.35 59.01
N PRO DB 704 76.75 39.05 60.30
CA PRO DB 704 75.45 39.27 60.94
C PRO DB 704 75.11 40.75 61.04
N GLU DB 705 73.81 41.03 61.01
CA GLU DB 705 73.29 42.39 61.07
C GLU DB 705 73.17 42.86 62.51
N VAL DB 706 73.05 44.18 62.66
CA VAL DB 706 72.70 44.77 63.94
C VAL DB 706 71.20 44.62 64.15
N GLN DB 707 70.81 44.12 65.31
CA GLN DB 707 69.42 43.91 65.65
C GLN DB 707 69.10 44.66 66.92
N TYR DB 708 67.83 45.04 67.08
CA TYR DB 708 67.37 45.54 68.36
C TYR DB 708 67.18 44.36 69.30
N THR DB 709 67.78 44.44 70.47
CA THR DB 709 67.74 43.33 71.41
C THR DB 709 67.48 43.84 72.81
N SER DB 710 66.87 42.99 73.63
CA SER DB 710 66.84 43.20 75.06
C SER DB 710 68.21 42.95 75.65
N ASN DB 711 68.54 43.68 76.71
CA ASN DB 711 69.79 43.45 77.41
C ASN DB 711 69.62 42.25 78.33
N TYR DB 712 70.56 41.31 78.25
CA TYR DB 712 70.60 40.17 79.15
C TYR DB 712 71.46 40.59 80.34
N ALA DB 713 70.82 40.74 81.49
CA ALA DB 713 71.53 41.10 82.71
C ALA DB 713 70.51 41.12 83.84
N LYS DB 714 70.99 40.81 85.04
CA LYS DB 714 70.12 40.95 86.20
C LYS DB 714 69.76 42.41 86.38
N SER DB 715 68.46 42.71 86.32
CA SER DB 715 67.96 44.06 86.49
C SER DB 715 66.79 44.03 87.45
N ALA DB 716 66.59 45.15 88.14
CA ALA DB 716 65.49 45.22 89.10
C ALA DB 716 64.14 45.08 88.41
N ASN DB 717 64.04 45.54 87.17
CA ASN DB 717 62.81 45.47 86.39
C ASN DB 717 63.11 44.91 85.01
N VAL DB 718 62.07 44.50 84.32
CA VAL DB 718 62.14 44.13 82.91
C VAL DB 718 61.71 45.33 82.08
N ASP DB 719 62.41 45.56 80.97
CA ASP DB 719 62.09 46.68 80.11
C ASP DB 719 60.73 46.49 79.44
N PHE DB 720 60.01 47.60 79.28
CA PHE DB 720 58.69 47.61 78.65
C PHE DB 720 57.70 46.74 79.43
N THR DB 721 57.71 46.89 80.75
CA THR DB 721 56.78 46.17 81.61
C THR DB 721 56.20 47.12 82.65
N VAL DB 722 55.47 46.58 83.61
CA VAL DB 722 54.93 47.34 84.72
C VAL DB 722 55.88 47.20 85.90
N ASP DB 723 55.82 48.15 86.81
CA ASP DB 723 56.58 48.06 88.05
C ASP DB 723 55.70 47.48 89.15
N ASN DB 724 56.19 47.51 90.39
CA ASN DB 724 55.40 46.99 91.50
C ASN DB 724 54.18 47.85 91.79
N ASN DB 725 54.13 49.07 91.30
CA ASN DB 725 52.97 49.93 91.46
C ASN DB 725 51.96 49.81 90.33
N GLY DB 726 52.28 49.05 89.28
CA GLY DB 726 51.39 48.89 88.17
C GLY DB 726 51.54 49.88 87.05
N LEU DB 727 52.64 50.61 87.00
CA LEU DB 727 52.83 51.67 86.01
C LEU DB 727 53.65 51.15 84.85
N TYR DB 728 53.05 51.15 83.66
CA TYR DB 728 53.75 50.75 82.46
C TYR DB 728 54.69 51.86 82.01
N THR DB 729 55.93 51.50 81.73
CA THR DB 729 56.94 52.45 81.30
C THR DB 729 57.68 51.90 80.08
N GLU DB 730 58.13 52.82 79.23
CA GLU DB 730 58.96 52.50 78.08
C GLU DB 730 60.35 53.08 78.32
N PRO DB 731 61.37 52.25 78.54
CA PRO DB 731 62.69 52.77 78.92
C PRO DB 731 63.38 53.64 77.88
N ARG DB 732 63.15 53.36 76.60
CA ARG DB 732 63.90 54.05 75.55
C ARG DB 732 63.03 54.14 74.32
N PRO DB 733 63.30 55.09 73.42
CA PRO DB 733 62.63 55.09 72.11
C PRO DB 733 63.33 54.15 71.15
N ILE DB 734 62.55 53.35 70.44
CA ILE DB 734 63.07 52.38 69.49
C ILE DB 734 62.76 52.87 68.08
N GLY DB 735 63.79 53.01 67.26
CA GLY DB 735 63.61 53.32 65.85
C GLY DB 735 63.38 52.08 65.02
N THR DB 736 63.62 52.22 63.72
CA THR DB 736 63.37 51.15 62.78
C THR DB 736 64.61 50.69 62.03
N ARG DB 737 65.65 51.52 61.95
CA ARG DB 737 66.74 51.29 61.01
C ARG DB 737 67.80 50.41 61.67
N TYR DB 738 67.65 49.09 61.53
CA TYR DB 738 68.62 48.15 62.08
C TYR DB 738 69.24 47.31 60.98
N LEU DB 739 68.40 46.75 60.11
CA LEU DB 739 68.92 46.08 58.92
C LEU DB 739 69.60 47.10 58.03
N THR DB 740 70.43 46.62 57.12
CA THR DB 740 71.14 47.51 56.20
C THR DB 740 70.92 47.05 54.76
N ARG DB 741 71.18 47.98 53.84
CA ARG DB 741 71.18 47.67 52.43
C ARG DB 741 72.19 48.57 51.74
N PRO DB 742 72.72 48.16 50.59
CA PRO DB 742 73.70 49.01 49.91
C PRO DB 742 73.06 50.25 49.32
N LEU DB 743 73.82 51.33 49.30
CA LEU DB 743 73.31 52.63 48.88
C LEU DB 743 73.12 52.70 47.37
N ASP EB 219 11.45 50.20 70.01
CA ASP EB 219 12.40 49.19 69.59
C ASP EB 219 13.30 48.75 70.75
N GLY EB 220 13.02 49.25 71.95
CA GLY EB 220 13.70 48.82 73.15
C GLY EB 220 14.28 49.99 73.93
N VAL EB 221 14.65 49.67 75.18
CA VAL EB 221 15.25 50.66 76.05
C VAL EB 221 16.67 51.00 75.61
N GLY EB 222 17.45 50.00 75.20
CA GLY EB 222 18.85 50.21 74.92
C GLY EB 222 19.20 50.38 73.46
N ASN EB 223 18.20 50.70 72.64
CA ASN EB 223 18.37 50.89 71.21
C ASN EB 223 17.86 52.26 70.83
N ALA EB 224 18.72 53.05 70.17
CA ALA EB 224 18.33 54.39 69.76
C ALA EB 224 17.33 54.31 68.60
N SER EB 225 16.32 55.17 68.65
CA SER EB 225 15.26 55.15 67.64
C SER EB 225 15.50 56.16 66.52
N GLY EB 226 16.64 56.83 66.50
CA GLY EB 226 16.95 57.71 65.40
C GLY EB 226 18.36 58.22 65.52
N ASN EB 227 18.82 58.86 64.45
CA ASN EB 227 20.16 59.40 64.36
C ASN EB 227 20.09 60.92 64.20
N TRP EB 228 21.22 61.57 64.40
CA TRP EB 228 21.33 63.00 64.24
C TRP EB 228 21.50 63.31 62.76
N HIS EB 229 20.50 63.96 62.17
CA HIS EB 229 20.52 64.34 60.76
C HIS EB 229 20.45 65.85 60.67
N CYS EB 230 21.61 66.49 60.63
CA CYS EB 230 21.70 67.93 60.47
C CYS EB 230 22.65 68.22 59.33
N ASP EB 231 22.13 68.68 58.21
CA ASP EB 231 22.91 68.74 56.98
C ASP EB 231 22.22 69.71 56.03
N SER EB 232 22.84 69.93 54.88
CA SER EB 232 22.25 70.72 53.80
C SER EB 232 22.85 70.25 52.49
N THR EB 233 22.00 69.74 51.60
CA THR EB 233 22.43 69.21 50.32
C THR EB 233 21.91 70.11 49.22
N TRP EB 234 22.82 70.56 48.35
CA TRP EB 234 22.48 71.44 47.26
C TRP EB 234 22.51 70.65 45.95
N LEU EB 235 21.35 70.45 45.36
CA LEU EB 235 21.25 69.86 44.04
C LEU EB 235 21.19 70.99 43.02
N GLY EB 236 20.88 70.68 41.77
CA GLY EB 236 20.86 71.71 40.75
C GLY EB 236 19.81 72.77 41.01
N ASP EB 237 18.57 72.35 41.22
CA ASP EB 237 17.46 73.28 41.42
C ASP EB 237 16.76 73.08 42.75
N ARG EB 238 17.23 72.18 43.60
CA ARG EB 238 16.67 71.95 44.92
C ARG EB 238 17.75 72.16 45.95
N VAL EB 239 17.32 72.48 47.17
CA VAL EB 239 18.18 72.38 48.34
C VAL EB 239 17.39 71.68 49.43
N ILE EB 240 18.00 70.69 50.07
CA ILE EB 240 17.36 69.95 51.15
C ILE EB 240 18.09 70.29 52.44
N THR EB 241 17.37 70.88 53.38
CA THR EB 241 17.92 71.27 54.66
C THR EB 241 17.36 70.35 55.75
N THR EB 242 18.25 69.74 56.52
CA THR EB 242 17.88 68.89 57.64
C THR EB 242 18.40 69.51 58.93
N SER EB 243 17.58 69.48 59.97
CA SER EB 243 17.94 70.06 61.25
C SER EB 243 17.47 69.14 62.37
N THR EB 244 18.39 68.76 63.25
CA THR EB 244 18.07 68.02 64.46
C THR EB 244 18.37 68.89 65.67
N ARG EB 245 17.46 68.86 66.64
CA ARG EB 245 17.59 69.62 67.87
C ARG EB 245 17.19 68.74 69.05
N THR EB 246 17.67 69.12 70.23
CA THR EB 246 17.30 68.46 71.47
C THR EB 246 16.28 69.32 72.20
N TRP EB 247 15.14 68.73 72.53
CA TRP EB 247 14.05 69.44 73.17
C TRP EB 247 13.78 68.87 74.56
N ALA EB 248 13.28 69.75 75.42
CA ALA EB 248 12.76 69.41 76.74
C ALA EB 248 11.32 69.87 76.84
N LEU EB 249 10.44 68.96 77.25
CA LEU EB 249 9.01 69.22 77.40
C LEU EB 249 8.63 69.05 78.85
N PRO EB 250 8.18 70.08 79.54
CA PRO EB 250 7.72 69.93 80.92
C PRO EB 250 6.26 69.55 80.99
N THR EB 251 5.72 69.45 82.20
CA THR EB 251 4.29 69.33 82.41
C THR EB 251 3.71 70.73 82.56
N TYR EB 252 2.71 71.04 81.75
CA TYR EB 252 2.10 72.37 81.73
C TYR EB 252 0.76 72.31 82.44
N ASN EB 253 0.51 73.28 83.32
CA ASN EB 253 -0.77 73.48 83.99
C ASN EB 253 -1.13 72.37 84.97
N ASN EB 254 -0.18 71.51 85.33
CA ASN EB 254 -0.46 70.29 86.10
C ASN EB 254 -1.50 69.42 85.38
N HIS EB 255 -1.32 69.27 84.07
CA HIS EB 255 -2.18 68.42 83.23
C HIS EB 255 -3.61 68.95 83.16
N LEU EB 256 -3.78 70.26 83.34
CA LEU EB 256 -5.11 70.84 83.40
C LEU EB 256 -5.35 71.75 82.21
N TYR EB 257 -6.60 71.83 81.79
CA TYR EB 257 -7.06 72.85 80.85
C TYR EB 257 -7.59 74.01 81.67
N LYS EB 258 -7.07 75.20 81.42
CA LYS EB 258 -7.47 76.37 82.19
C LYS EB 258 -8.04 77.42 81.27
N GLN EB 259 -9.08 78.10 81.74
CA GLN EB 259 -9.69 79.20 81.01
C GLN EB 259 -8.98 80.49 81.40
N ILE EB 260 -8.48 81.21 80.41
CA ILE EB 260 -7.73 82.44 80.63
C ILE EB 260 -8.47 83.60 79.99
N SER EB 261 -8.39 84.76 80.63
CA SER EB 261 -9.00 85.97 80.10
C SER EB 261 -8.24 87.16 80.69
N SER EB 262 -8.74 88.36 80.41
CA SER EB 262 -8.13 89.60 80.86
C SER EB 262 -8.85 90.21 82.05
N ALA EB 263 -9.80 89.49 82.64
CA ALA EB 263 -10.61 90.05 83.73
C ALA EB 263 -9.75 90.37 84.93
N SER EB 264 -8.87 89.46 85.33
CA SER EB 264 -7.97 89.75 86.45
C SER EB 264 -6.87 90.73 86.04
N THR EB 265 -6.48 90.71 84.77
CA THR EB 265 -5.44 91.62 84.30
C THR EB 265 -5.89 93.06 84.40
N GLY EB 266 -7.17 93.33 84.14
CA GLY EB 266 -7.64 94.70 84.13
C GLY EB 266 -7.07 95.52 83.00
N ALA EB 267 -7.04 94.97 81.80
CA ALA EB 267 -6.44 95.63 80.64
C ALA EB 267 -7.41 96.64 80.04
N SER EB 268 -6.94 97.35 79.03
CA SER EB 268 -7.80 98.26 78.28
C SER EB 268 -8.72 97.49 77.37
N ASN EB 269 -9.70 98.19 76.80
CA ASN EB 269 -10.67 97.54 75.92
C ASN EB 269 -10.00 96.93 74.70
N ASP EB 270 -8.88 97.51 74.26
CA ASP EB 270 -8.17 96.99 73.10
C ASP EB 270 -7.42 95.70 73.38
N ASN EB 271 -7.10 95.43 74.65
CA ASN EB 271 -6.28 94.29 75.02
C ASN EB 271 -7.07 93.18 75.68
N HIS EB 272 -8.39 93.26 75.66
CA HIS EB 272 -9.24 92.23 76.24
C HIS EB 272 -9.15 90.95 75.43
N TYR EB 273 -9.21 89.81 76.12
CA TYR EB 273 -9.18 88.52 75.43
C TYR EB 273 -9.85 87.46 76.29
N PHE EB 274 -10.20 86.36 75.64
CA PHE EB 274 -10.75 85.19 76.28
C PHE EB 274 -10.21 83.98 75.54
N GLY EB 275 -9.76 82.98 76.28
CA GLY EB 275 -9.23 81.80 75.63
C GLY EB 275 -8.96 80.69 76.61
N TYR EB 276 -8.13 79.75 76.16
CA TYR EB 276 -7.82 78.56 76.95
C TYR EB 276 -6.34 78.24 76.88
N SER EB 277 -5.83 77.74 77.98
CA SER EB 277 -4.47 77.24 78.11
C SER EB 277 -4.53 75.73 78.23
N THR EB 278 -3.84 75.02 77.35
CA THR EB 278 -3.89 73.57 77.42
C THR EB 278 -2.62 73.03 78.07
N PRO EB 279 -2.65 71.79 78.55
CA PRO EB 279 -1.42 71.16 79.05
C PRO EB 279 -0.46 70.68 77.97
N TRP EB 280 -0.77 70.93 76.70
CA TRP EB 280 0.05 70.47 75.59
C TRP EB 280 1.09 71.51 75.22
N GLY EB 281 2.20 71.05 74.67
CA GLY EB 281 3.15 71.89 73.97
C GLY EB 281 3.06 71.60 72.48
N TYR EB 282 3.72 72.45 71.70
CA TYR EB 282 3.70 72.27 70.26
C TYR EB 282 5.11 72.46 69.72
N PHE EB 283 5.35 71.89 68.55
CA PHE EB 283 6.63 71.99 67.86
C PHE EB 283 6.55 73.08 66.81
N ASP EB 284 7.50 74.00 66.83
CA ASP EB 284 7.55 75.13 65.92
C ASP EB 284 8.88 75.17 65.21
N PHE EB 285 8.84 75.18 63.88
CA PHE EB 285 10.04 75.37 63.08
C PHE EB 285 9.72 76.36 61.96
N ASN EB 286 9.02 77.44 62.31
CA ASN EB 286 8.56 78.43 61.35
C ASN EB 286 9.47 79.65 61.32
N ARG EB 287 10.77 79.46 61.40
CA ARG EB 287 11.74 80.50 61.14
C ARG EB 287 12.80 79.95 60.20
N PHE EB 288 13.40 80.83 59.41
CA PHE EB 288 14.33 80.36 58.38
C PHE EB 288 15.63 79.86 58.97
N HIS EB 289 16.05 80.37 60.12
CA HIS EB 289 17.30 79.93 60.72
C HIS EB 289 17.16 78.61 61.46
N CYS EB 290 15.94 78.08 61.61
CA CYS EB 290 15.78 76.71 62.07
C CYS EB 290 16.26 75.71 61.03
N HIS EB 291 16.43 76.15 59.78
CA HIS EB 291 16.76 75.28 58.68
C HIS EB 291 18.02 75.67 57.93
N PHE EB 292 18.33 76.95 57.84
CA PHE EB 292 19.49 77.43 57.12
C PHE EB 292 20.54 77.92 58.09
N SER EB 293 21.78 77.47 57.91
CA SER EB 293 22.89 78.15 58.54
C SER EB 293 23.10 79.48 57.84
N PRO EB 294 23.79 80.43 58.47
CA PRO EB 294 24.08 81.69 57.78
C PRO EB 294 24.84 81.51 56.48
N ARG EB 295 25.76 80.55 56.43
CA ARG EB 295 26.46 80.25 55.19
C ARG EB 295 25.50 79.74 54.11
N ASP EB 296 24.57 78.85 54.48
CA ASP EB 296 23.59 78.36 53.53
C ASP EB 296 22.66 79.46 53.07
N TRP EB 297 22.27 80.35 53.97
CA TRP EB 297 21.43 81.48 53.60
C TRP EB 297 22.15 82.39 52.62
N GLN EB 298 23.42 82.66 52.86
CA GLN EB 298 24.20 83.48 51.94
C GLN EB 298 24.33 82.81 50.59
N ARG EB 299 24.57 81.49 50.58
CA ARG EB 299 24.65 80.76 49.33
C ARG EB 299 23.35 80.81 48.57
N LEU EB 300 22.21 80.75 49.26
CA LEU EB 300 20.92 80.84 48.61
C LEU EB 300 20.68 82.23 48.03
N ILE EB 301 20.87 83.26 48.85
CA ILE EB 301 20.47 84.61 48.45
C ILE EB 301 21.44 85.26 47.47
N ASN EB 302 22.68 84.81 47.41
CA ASN EB 302 23.63 85.37 46.48
C ASN EB 302 23.54 84.75 45.09
N ASN EB 303 22.79 83.67 44.94
CA ASN EB 303 22.81 82.89 43.72
C ASN EB 303 21.45 82.62 43.13
N ASN EB 304 20.37 82.79 43.87
CA ASN EB 304 19.06 82.41 43.40
C ASN EB 304 18.16 83.61 43.27
N TRP EB 305 17.37 83.63 42.19
CA TRP EB 305 16.36 84.66 41.99
C TRP EB 305 15.10 84.40 42.78
N GLY EB 306 14.85 83.15 43.19
CA GLY EB 306 13.69 82.90 44.01
C GLY EB 306 13.76 81.54 44.64
N PHE EB 307 12.88 81.31 45.61
CA PHE EB 307 12.84 79.99 46.22
C PHE EB 307 11.48 79.76 46.87
N ARG EB 308 11.17 78.48 47.10
CA ARG EB 308 9.92 78.13 47.77
C ARG EB 308 10.06 76.74 48.35
N PRO EB 309 9.23 76.39 49.34
CA PRO EB 309 9.28 75.03 49.90
C PRO EB 309 8.41 74.04 49.16
N LYS EB 310 8.96 72.85 48.96
CA LYS EB 310 8.34 71.72 48.28
C LYS EB 310 7.81 70.67 49.25
N ARG EB 311 8.64 70.17 50.15
CA ARG EB 311 8.12 69.12 51.03
C ARG EB 311 8.88 69.11 52.34
N LEU EB 312 8.32 68.42 53.33
CA LEU EB 312 9.01 68.29 54.61
C LEU EB 312 8.74 66.93 55.26
N ASN EB 313 9.71 66.50 56.05
CA ASN EB 313 9.64 65.33 56.91
C ASN EB 313 9.92 65.76 58.34
N PHE EB 314 9.15 65.22 59.26
CA PHE EB 314 9.27 65.51 60.68
C PHE EB 314 9.46 64.19 61.40
N LYS EB 315 10.45 64.13 62.28
CA LYS EB 315 10.70 62.94 63.07
C LYS EB 315 10.94 63.33 64.52
N LEU EB 316 10.45 62.50 65.42
CA LEU EB 316 10.57 62.66 66.86
C LEU EB 316 11.11 61.36 67.41
N PHE EB 317 12.27 61.40 68.05
CA PHE EB 317 12.95 60.16 68.39
C PHE EB 317 13.77 60.34 69.66
N ASN EB 318 14.16 59.21 70.24
CA ASN EB 318 14.99 59.14 71.44
C ASN EB 318 14.30 59.79 72.63
N ILE EB 319 13.08 59.34 72.91
CA ILE EB 319 12.28 59.88 73.99
C ILE EB 319 12.82 59.38 75.32
N GLN EB 320 12.98 60.29 76.27
CA GLN EB 320 13.35 59.94 77.63
C GLN EB 320 12.43 60.68 78.59
N VAL EB 321 11.64 59.95 79.36
CA VAL EB 321 10.81 60.54 80.40
C VAL EB 321 11.58 60.48 81.71
N LYS EB 322 11.64 61.60 82.40
CA LYS EB 322 12.38 61.72 83.65
C LYS EB 322 11.43 62.10 84.78
N GLU EB 323 11.50 61.35 85.86
CA GLU EB 323 10.78 61.61 87.10
C GLU EB 323 11.61 62.51 88.02
N VAL EB 324 10.97 63.49 88.63
CA VAL EB 324 11.63 64.46 89.49
C VAL EB 324 11.00 64.43 90.86
N THR EB 325 11.84 64.32 91.90
CA THR EB 325 11.39 64.40 93.30
C THR EB 325 12.26 65.41 94.02
N THR EB 326 11.64 66.41 94.65
CA THR EB 326 12.38 67.36 95.47
C THR EB 326 12.03 67.12 96.94
N ASN EB 327 13.04 66.74 97.72
CA ASN EB 327 12.89 66.50 99.16
C ASN EB 327 13.96 67.29 99.91
N ASP EB 328 13.52 68.03 100.93
CA ASP EB 328 14.43 68.79 101.79
C ASP EB 328 15.29 69.75 100.98
N GLY EB 329 14.80 70.17 99.82
CA GLY EB 329 15.50 71.10 98.96
C GLY EB 329 16.39 70.46 97.92
N VAL EB 330 16.67 69.16 98.01
CA VAL EB 330 17.53 68.49 97.04
C VAL EB 330 16.65 67.72 96.06
N THR EB 331 17.05 67.74 94.79
CA THR EB 331 16.26 67.24 93.68
C THR EB 331 16.89 65.98 93.12
N THR EB 332 16.10 64.92 93.01
CA THR EB 332 16.48 63.67 92.39
C THR EB 332 15.76 63.51 91.07
N ILE EB 333 16.49 63.14 90.04
CA ILE EB 333 15.92 62.86 88.73
C ILE EB 333 16.24 61.41 88.40
N ALA EB 334 15.22 60.66 88.00
CA ALA EB 334 15.38 59.27 87.61
C ALA EB 334 14.71 59.05 86.26
N ASN EB 335 15.03 57.92 85.65
CA ASN EB 335 14.37 57.55 84.41
C ASN EB 335 13.05 56.85 84.71
N ASN EB 336 12.02 57.19 83.96
CA ASN EB 336 10.73 56.51 84.03
C ASN EB 336 10.57 55.75 82.72
N LEU EB 337 10.90 54.47 82.74
CA LEU EB 337 10.99 53.69 81.52
C LEU EB 337 9.63 53.33 80.95
N THR EB 338 8.55 53.43 81.73
CA THR EB 338 7.23 53.01 81.29
C THR EB 338 6.29 54.17 81.03
N SER EB 339 6.77 55.40 81.08
CA SER EB 339 5.92 56.55 80.82
C SER EB 339 5.89 56.88 79.34
N THR EB 340 4.86 57.61 78.93
CA THR EB 340 4.63 57.91 77.53
C THR EB 340 4.50 59.41 77.30
N VAL EB 341 4.80 59.81 76.08
CA VAL EB 341 4.43 61.13 75.57
C VAL EB 341 3.41 60.92 74.46
N GLN EB 342 2.33 61.69 74.49
CA GLN EB 342 1.34 61.68 73.42
C GLN EB 342 1.71 62.73 72.38
N VAL EB 343 1.73 62.33 71.12
CA VAL EB 343 2.04 63.21 70.00
C VAL EB 343 0.96 63.05 68.95
N PHE EB 344 0.49 64.17 68.41
CA PHE EB 344 -0.37 64.07 67.23
C PHE EB 344 -0.15 65.29 66.35
N SER EB 345 -0.44 65.10 65.07
CA SER EB 345 -0.38 66.15 64.07
C SER EB 345 -1.79 66.55 63.70
N ASP EB 346 -2.07 67.85 63.68
CA ASP EB 346 -3.41 68.34 63.38
C ASP EB 346 -3.52 68.56 61.88
N SER EB 347 -3.59 67.43 61.16
CA SER EB 347 -3.53 67.44 59.71
C SER EB 347 -4.78 67.97 59.03
N GLU EB 348 -5.90 67.99 59.73
CA GLU EB 348 -7.15 68.49 59.18
C GLU EB 348 -7.46 69.91 59.61
N TYR EB 349 -6.54 70.57 60.31
CA TYR EB 349 -6.68 71.96 60.72
C TYR EB 349 -7.98 72.19 61.49
N GLN EB 350 -8.25 71.29 62.42
CA GLN EB 350 -9.44 71.38 63.25
C GLN EB 350 -9.21 72.19 64.52
N LEU EB 351 -8.00 72.59 64.78
CA LEU EB 351 -7.60 73.36 65.94
C LEU EB 351 -7.28 74.79 65.53
N PRO EB 352 -7.35 75.72 66.46
CA PRO EB 352 -6.84 77.07 66.16
C PRO EB 352 -5.35 77.03 65.84
N TYR EB 353 -4.98 77.70 64.76
CA TYR EB 353 -3.60 77.71 64.28
C TYR EB 353 -2.87 78.86 64.95
N VAL EB 354 -2.03 78.55 65.94
CA VAL EB 354 -1.29 79.59 66.63
C VAL EB 354 0.09 79.80 66.03
N LEU EB 355 0.53 78.92 65.13
CA LEU EB 355 1.74 79.19 64.37
C LEU EB 355 1.46 80.34 63.41
N GLY EB 356 2.52 80.96 62.92
CA GLY EB 356 2.33 82.08 62.03
C GLY EB 356 2.00 83.38 62.71
N SER EB 357 2.17 83.46 64.03
CA SER EB 357 2.05 84.70 64.78
C SER EB 357 3.39 85.19 65.30
N ALA EB 358 4.48 84.59 64.83
CA ALA EB 358 5.85 85.00 65.17
C ALA EB 358 6.13 84.86 66.66
N HIS EB 359 5.87 83.67 67.19
CA HIS EB 359 6.07 83.41 68.61
C HIS EB 359 7.41 82.76 68.88
N GLN EB 360 7.88 82.92 70.10
CA GLN EB 360 9.06 82.22 70.56
C GLN EB 360 8.78 80.73 70.72
N GLY EB 361 9.85 79.95 70.79
CA GLY EB 361 9.69 78.52 70.97
C GLY EB 361 10.05 77.69 69.77
N CYS EB 362 10.55 78.32 68.71
CA CYS EB 362 11.01 77.58 67.55
C CYS EB 362 12.29 76.81 67.88
N LEU EB 363 12.71 75.96 66.95
CA LEU EB 363 14.02 75.35 67.08
C LEU EB 363 15.07 76.45 67.07
N PRO EB 364 16.07 76.37 67.95
CA PRO EB 364 17.10 77.42 68.01
C PRO EB 364 17.92 77.44 66.73
N PRO EB 365 18.46 78.60 66.36
CA PRO EB 365 19.30 78.66 65.15
C PRO EB 365 20.54 77.79 65.22
N PHE EB 366 21.17 77.72 66.38
CA PHE EB 366 22.39 76.94 66.54
C PHE EB 366 22.06 75.49 66.87
N PRO EB 367 22.58 74.53 66.10
CA PRO EB 367 22.20 73.11 66.32
C PRO EB 367 22.61 72.55 67.65
N ALA EB 368 23.54 73.19 68.37
CA ALA EB 368 23.97 72.70 69.66
C ALA EB 368 23.05 73.11 70.80
N ASP EB 369 22.07 73.97 70.53
CA ASP EB 369 21.24 74.51 71.60
C ASP EB 369 20.07 73.57 71.91
N VAL EB 370 19.77 73.45 73.19
CA VAL EB 370 18.66 72.64 73.68
C VAL EB 370 17.52 73.57 74.01
N PHE EB 371 16.32 73.27 73.50
CA PHE EB 371 15.22 74.20 73.62
C PHE EB 371 14.03 73.59 74.35
N MET EB 372 13.33 74.44 75.08
CA MET EB 372 12.12 74.07 75.79
C MET EB 372 10.93 74.20 74.85
N ILE EB 373 10.01 73.27 74.95
CA ILE EB 373 8.85 73.26 74.06
C ILE EB 373 7.79 74.22 74.58
N PRO EB 374 7.27 75.12 73.76
CA PRO EB 374 6.30 76.10 74.24
C PRO EB 374 4.92 75.51 74.48
N GLN EB 375 4.19 76.12 75.40
CA GLN EB 375 2.86 75.63 75.76
C GLN EB 375 1.83 76.04 74.72
N TYR EB 376 0.85 75.18 74.48
CA TYR EB 376 -0.22 75.47 73.55
C TYR EB 376 -1.37 76.17 74.26
N GLY EB 377 -1.87 77.22 73.64
CA GLY EB 377 -3.05 77.91 74.11
C GLY EB 377 -3.64 78.65 72.94
N TYR EB 378 -4.92 78.96 73.04
CA TYR EB 378 -5.60 79.64 71.96
C TYR EB 378 -6.56 80.66 72.53
N LEU EB 379 -7.01 81.55 71.67
CA LEU EB 379 -8.02 82.54 71.99
C LEU EB 379 -9.27 82.25 71.19
N THR EB 380 -10.42 82.60 71.75
CA THR EB 380 -11.69 82.43 71.07
C THR EB 380 -12.43 83.76 71.11
N LEU EB 381 -13.64 83.75 70.56
CA LEU EB 381 -14.45 84.97 70.52
C LEU EB 381 -14.67 85.52 71.91
N ASN EB 382 -14.48 86.81 72.08
CA ASN EB 382 -14.65 87.45 73.36
C ASN EB 382 -15.44 88.74 73.22
N ASN EB 383 -16.20 89.05 74.26
CA ASN EB 383 -16.95 90.30 74.40
C ASN EB 383 -16.38 90.99 75.63
N GLY EB 384 -15.30 91.72 75.44
CA GLY EB 384 -14.55 92.20 76.59
C GLY EB 384 -13.72 91.08 77.14
N SER EB 385 -13.80 90.87 78.45
CA SER EB 385 -13.16 89.73 79.08
C SER EB 385 -14.07 88.52 79.15
N GLN EB 386 -15.27 88.60 78.59
CA GLN EB 386 -16.25 87.52 78.63
C GLN EB 386 -16.25 86.75 77.33
N ALA EB 387 -16.93 85.62 77.34
CA ALA EB 387 -17.11 84.79 76.16
C ALA EB 387 -18.46 85.07 75.54
N VAL EB 388 -18.75 84.39 74.44
CA VAL EB 388 -20.05 84.43 73.79
C VAL EB 388 -20.51 83.00 73.57
N GLY EB 389 -21.69 82.85 72.96
CA GLY EB 389 -22.20 81.52 72.67
C GLY EB 389 -21.38 80.79 71.64
N ARG EB 390 -20.83 81.51 70.67
CA ARG EB 390 -20.05 80.93 69.59
C ARG EB 390 -18.58 80.77 69.94
N SER EB 391 -18.20 81.13 71.16
CA SER EB 391 -16.85 80.85 71.62
C SER EB 391 -16.63 79.34 71.69
N SER EB 392 -15.54 78.87 71.12
CA SER EB 392 -15.27 77.45 71.04
C SER EB 392 -14.31 77.01 72.13
N PHE EB 393 -14.43 75.76 72.50
CA PHE EB 393 -13.50 75.10 73.40
C PHE EB 393 -13.05 73.82 72.73
N TYR EB 394 -11.75 73.54 72.81
CA TYR EB 394 -11.17 72.36 72.17
C TYR EB 394 -10.44 71.55 73.23
N CYS EB 395 -10.89 70.33 73.45
CA CYS EB 395 -10.09 69.37 74.19
C CYS EB 395 -9.15 68.68 73.21
N LEU EB 396 -7.85 68.77 73.47
CA LEU EB 396 -6.89 68.14 72.59
C LEU EB 396 -6.74 66.66 72.87
N GLU EB 397 -7.26 66.17 73.98
CA GLU EB 397 -7.36 64.74 74.21
C GLU EB 397 -8.48 64.10 73.41
N TYR EB 398 -9.32 64.91 72.78
CA TYR EB 398 -10.36 64.45 71.89
C TYR EB 398 -9.85 64.17 70.49
N PHE EB 399 -8.54 63.99 70.34
CA PHE EB 399 -7.90 63.62 69.10
C PHE EB 399 -7.23 62.27 69.25
N PRO EB 400 -7.07 61.52 68.16
CA PRO EB 400 -6.20 60.33 68.21
C PRO EB 400 -4.73 60.75 68.32
N SER EB 401 -4.07 60.26 69.36
CA SER EB 401 -2.66 60.53 69.59
C SER EB 401 -1.87 59.25 69.52
N GLN EB 402 -0.61 59.35 69.11
CA GLN EB 402 0.31 58.24 69.23
C GLN EB 402 1.03 58.36 70.57
N MET EB 403 1.00 57.28 71.34
CA MET EB 403 1.67 57.21 72.63
C MET EB 403 3.05 56.60 72.44
N LEU EB 404 4.07 57.30 72.90
CA LEU EB 404 5.46 56.93 72.66
C LEU EB 404 6.12 56.63 74.00
N ARG EB 405 6.61 55.42 74.16
CA ARG EB 405 7.51 55.09 75.25
C ARG EB 405 8.94 55.35 74.79
N THR EB 406 9.92 54.98 75.61
CA THR EB 406 11.28 55.38 75.33
C THR EB 406 11.87 54.71 74.09
N GLY EB 407 11.24 53.67 73.57
CA GLY EB 407 11.76 52.99 72.40
C GLY EB 407 11.04 53.34 71.11
N ASN EB 408 10.04 54.21 71.19
CA ASN EB 408 9.22 54.56 70.05
C ASN EB 408 9.65 55.87 69.42
N ASN EB 409 9.30 56.04 68.15
CA ASN EB 409 9.50 57.29 67.44
C ASN EB 409 8.23 57.66 66.69
N PHE EB 410 8.23 58.87 66.15
CA PHE EB 410 7.07 59.46 65.49
C PHE EB 410 7.55 60.08 64.19
N THR EB 411 6.88 59.78 63.08
CA THR EB 411 7.23 60.35 61.80
C THR EB 411 6.01 60.96 61.14
N PHE EB 412 6.24 61.94 60.28
CA PHE EB 412 5.15 62.63 59.61
C PHE EB 412 5.68 63.34 58.38
N SER EB 413 5.03 63.13 57.25
CA SER EB 413 5.42 63.77 56.00
C SER EB 413 4.36 64.77 55.56
N TYR EB 414 4.80 65.82 54.86
CA TYR EB 414 3.89 66.85 54.40
C TYR EB 414 4.39 67.39 53.08
N THR EB 415 3.47 67.68 52.17
CA THR EB 415 3.78 68.29 50.89
C THR EB 415 3.18 69.69 50.84
N PHE EB 416 3.99 70.67 50.49
CA PHE EB 416 3.51 72.03 50.33
C PHE EB 416 2.68 72.15 49.04
N GLU EB 417 1.66 73.00 49.11
CA GLU EB 417 0.93 73.37 47.91
C GLU EB 417 1.81 74.23 47.00
N GLU EB 418 1.40 74.35 45.75
CA GLU EB 418 2.15 75.15 44.78
C GLU EB 418 1.98 76.62 45.14
N VAL EB 419 2.97 77.16 45.83
CA VAL EB 419 2.99 78.55 46.26
C VAL EB 419 3.93 79.27 45.30
N PRO EB 420 3.76 80.56 45.05
CA PRO EB 420 4.73 81.27 44.20
C PRO EB 420 6.09 81.37 44.87
N PHE EB 421 7.12 81.41 44.04
CA PHE EB 421 8.48 81.64 44.53
C PHE EB 421 8.56 82.97 45.25
N HIS EB 422 9.22 82.98 46.39
CA HIS EB 422 9.64 84.23 46.97
C HIS EB 422 10.76 84.83 46.14
N SER EB 423 10.72 86.15 46.00
CA SER EB 423 11.60 86.92 45.14
C SER EB 423 12.88 87.28 45.90
N SER EB 424 13.97 86.61 45.59
CA SER EB 424 15.27 86.93 46.15
C SER EB 424 16.02 87.96 45.34
N TYR EB 425 15.30 88.84 44.65
CA TYR EB 425 15.91 89.83 43.77
C TYR EB 425 15.36 91.21 44.08
N ALA EB 426 16.15 92.21 43.75
CA ALA EB 426 15.71 93.58 43.59
C ALA EB 426 15.52 93.87 42.09
N HIS EB 427 14.92 95.01 41.81
CA HIS EB 427 14.70 95.45 40.44
C HIS EB 427 15.78 96.45 40.06
N SER EB 428 16.33 96.27 38.86
CA SER EB 428 17.34 97.18 38.33
C SER EB 428 16.74 98.44 37.73
N GLN EB 429 15.43 98.48 37.56
CA GLN EB 429 14.74 99.63 37.02
C GLN EB 429 13.67 100.08 38.00
N SER EB 430 13.34 101.35 37.96
CA SER EB 430 12.22 101.90 38.70
C SER EB 430 10.98 101.93 37.81
N LEU EB 431 9.81 101.91 38.45
CA LEU EB 431 8.57 101.80 37.70
C LEU EB 431 8.28 103.05 36.89
N ASP EB 432 8.73 104.21 37.36
CA ASP EB 432 8.56 105.46 36.63
C ASP EB 432 9.71 105.75 35.69
N ARG EB 433 10.55 104.76 35.41
CA ARG EB 433 11.72 104.93 34.56
C ARG EB 433 11.84 103.75 33.61
N LEU EB 434 10.74 103.33 33.01
CA LEU EB 434 10.69 102.17 32.15
C LEU EB 434 10.76 102.52 30.68
N MET EB 435 11.02 103.78 30.35
CA MET EB 435 10.97 104.26 28.99
C MET EB 435 12.35 104.23 28.34
N ASN EB 436 12.35 104.36 27.03
CA ASN EB 436 13.57 104.64 26.29
C ASN EB 436 13.98 106.09 26.54
N PRO EB 437 15.16 106.35 27.08
CA PRO EB 437 15.57 107.73 27.36
C PRO EB 437 16.06 108.50 26.14
N LEU EB 438 15.99 107.94 24.94
CA LEU EB 438 16.45 108.62 23.75
C LEU EB 438 15.33 109.01 22.81
N ILE EB 439 14.22 108.30 22.83
CA ILE EB 439 13.14 108.48 21.86
C ILE EB 439 12.00 109.22 22.52
N ASP EB 440 11.34 110.08 21.77
CA ASP EB 440 10.14 110.75 22.24
C ASP EB 440 8.95 109.80 22.17
N GLN EB 441 7.82 110.27 22.69
CA GLN EB 441 6.58 109.54 22.60
C GLN EB 441 5.74 110.07 21.45
N TYR EB 442 4.73 109.31 21.07
CA TYR EB 442 3.72 109.82 20.14
C TYR EB 442 2.47 110.30 20.87
N LEU EB 443 2.50 110.32 22.20
CA LEU EB 443 1.38 110.77 23.00
C LEU EB 443 1.65 112.18 23.52
N TYR EB 444 0.62 113.01 23.50
CA TYR EB 444 0.73 114.38 23.96
C TYR EB 444 0.05 114.53 25.31
N TYR EB 445 0.46 115.54 26.04
CA TYR EB 445 -0.12 115.87 27.34
C TYR EB 445 -0.30 117.38 27.42
N LEU EB 446 -1.24 117.81 28.24
CA LEU EB 446 -1.43 119.22 28.47
C LEU EB 446 -0.26 119.76 29.30
N ASN EB 447 0.50 120.68 28.74
CA ASN EB 447 1.71 121.19 29.37
C ASN EB 447 1.51 122.56 30.01
N ARG EB 448 0.81 123.45 29.34
CA ARG EB 448 0.56 124.80 29.84
C ARG EB 448 -0.92 125.11 29.71
N THR EB 449 -1.49 125.75 30.73
CA THR EB 449 -2.79 126.39 30.61
C THR EB 449 -2.69 127.90 30.64
N GLN EB 450 -1.48 128.45 30.55
CA GLN EB 450 -1.25 129.88 30.42
C GLN EB 450 -0.23 130.11 29.31
N ASN EB 451 -0.17 131.35 28.84
CA ASN EB 451 0.75 131.69 27.77
C ASN EB 451 2.20 131.60 28.26
N GLN EB 452 3.05 131.02 27.42
CA GLN EB 452 4.45 130.81 27.80
C GLN EB 452 5.26 132.09 27.77
N SER EB 453 4.87 133.07 26.94
CA SER EB 453 5.69 134.28 26.77
C SER EB 453 5.82 135.06 28.07
N GLY EB 454 4.71 135.25 28.79
CA GLY EB 454 4.73 135.93 30.06
C GLY EB 454 4.53 137.43 30.00
N SER EB 455 4.65 138.04 28.83
CA SER EB 455 4.37 139.48 28.72
C SER EB 455 2.92 139.78 29.07
N ALA EB 456 2.00 138.94 28.62
CA ALA EB 456 0.64 138.90 29.10
C ALA EB 456 0.44 137.64 29.94
N GLN EB 457 -0.65 137.60 30.68
CA GLN EB 457 -0.98 136.48 31.55
C GLN EB 457 -2.25 135.77 31.10
N ASN EB 458 -2.37 135.53 29.80
CA ASN EB 458 -3.58 134.94 29.24
C ASN EB 458 -3.55 133.43 29.37
N LYS EB 459 -4.74 132.85 29.43
CA LYS EB 459 -4.86 131.40 29.46
C LYS EB 459 -4.64 130.82 28.07
N ASP EB 460 -4.45 129.50 28.03
CA ASP EB 460 -4.25 128.80 26.76
C ASP EB 460 -4.42 127.31 26.99
N LEU EB 461 -4.22 126.54 25.94
CA LEU EB 461 -4.22 125.08 26.00
C LEU EB 461 -3.06 124.62 25.12
N LEU EB 462 -1.89 124.46 25.72
CA LEU EB 462 -0.67 124.11 25.02
C LEU EB 462 -0.28 122.68 25.36
N PHE EB 463 -0.03 121.88 24.33
CA PHE EB 463 0.23 120.46 24.49
C PHE EB 463 1.66 120.15 24.07
N SER EB 464 2.34 119.32 24.85
CA SER EB 464 3.69 118.89 24.55
C SER EB 464 3.74 117.40 24.32
N ARG EB 465 4.77 116.98 23.62
CA ARG EB 465 5.02 115.58 23.36
C ARG EB 465 5.86 114.97 24.48
N GLY EB 466 5.55 113.73 24.84
CA GLY EB 466 6.33 113.02 25.83
C GLY EB 466 7.76 112.86 25.40
N SER EB 467 8.68 113.47 26.15
CA SER EB 467 10.08 113.55 25.79
C SER EB 467 10.95 113.11 26.95
N PRO EB 468 12.19 112.68 26.68
CA PRO EB 468 13.10 112.32 27.78
C PRO EB 468 13.49 113.50 28.65
N ALA EB 469 13.29 114.74 28.21
CA ALA EB 469 13.54 115.89 29.06
C ALA EB 469 12.63 115.88 30.28
N GLY EB 470 11.33 115.73 30.06
CA GLY EB 470 10.40 115.57 31.17
C GLY EB 470 9.88 114.16 31.25
N MET EB 471 10.44 113.38 32.16
CA MET EB 471 10.02 111.99 32.34
C MET EB 471 8.91 111.85 33.35
N SER EB 472 8.70 112.85 34.20
CA SER EB 472 7.66 112.80 35.22
C SER EB 472 6.26 113.01 34.62
N VAL EB 473 6.16 113.64 33.46
CA VAL EB 473 4.88 113.95 32.84
C VAL EB 473 4.55 113.04 31.69
N GLN EB 474 5.41 112.09 31.37
CA GLN EB 474 5.13 111.15 30.30
C GLN EB 474 3.99 110.23 30.69
N PRO EB 475 3.05 109.95 29.78
CA PRO EB 475 2.08 108.88 30.02
C PRO EB 475 2.78 107.57 30.28
N LYS EB 476 2.24 106.80 31.23
CA LYS EB 476 2.82 105.53 31.63
C LYS EB 476 1.73 104.47 31.72
N ASN EB 477 2.14 103.22 31.85
CA ASN EB 477 1.23 102.10 31.77
C ASN EB 477 0.85 101.51 33.12
N TRP EB 478 1.62 101.77 34.16
CA TRP EB 478 1.43 101.09 35.44
C TRP EB 478 1.48 102.10 36.59
N LEU EB 479 1.05 101.63 37.75
CA LEU EB 479 0.99 102.43 38.96
C LEU EB 479 1.74 101.73 40.09
N PRO EB 480 2.28 102.49 41.04
CA PRO EB 480 2.89 101.86 42.22
C PRO EB 480 1.84 101.20 43.09
N GLY EB 481 2.28 100.23 43.87
CA GLY EB 481 1.40 99.45 44.71
C GLY EB 481 0.64 100.26 45.72
N PRO EB 482 -0.26 99.60 46.46
CA PRO EB 482 -1.08 100.31 47.43
C PRO EB 482 -0.26 100.75 48.63
N CYS EB 483 -0.79 101.74 49.34
CA CYS EB 483 -0.09 102.30 50.49
C CYS EB 483 -1.05 102.51 51.64
N TYR EB 484 -0.51 102.54 52.85
CA TYR EB 484 -1.24 102.91 54.07
C TYR EB 484 -0.26 103.62 54.97
N ARG EB 485 -0.26 104.95 54.92
CA ARG EB 485 0.84 105.74 55.44
C ARG EB 485 1.10 105.50 56.92
N GLN EB 486 2.38 105.43 57.27
CA GLN EB 486 2.85 105.27 58.65
C GLN EB 486 3.50 106.56 59.12
N GLN EB 487 3.71 106.65 60.41
CA GLN EB 487 4.39 107.80 60.99
C GLN EB 487 5.90 107.61 60.91
N ARG EB 488 6.61 108.71 60.66
CA ARG EB 488 8.04 108.66 60.42
C ARG EB 488 8.79 108.91 61.72
N VAL EB 489 9.59 107.94 62.13
CA VAL EB 489 10.38 108.04 63.34
C VAL EB 489 11.85 108.03 62.94
N SER EB 490 12.62 108.93 63.55
CA SER EB 490 14.05 109.01 63.29
C SER EB 490 14.82 108.11 64.27
N LYS EB 491 15.80 107.38 63.73
CA LYS EB 491 16.68 106.59 64.59
C LYS EB 491 17.52 107.47 65.49
N THR EB 492 17.69 108.74 65.14
CA THR EB 492 18.32 109.72 66.02
C THR EB 492 17.23 110.38 66.85
N LYS EB 493 17.21 110.09 68.15
CA LYS EB 493 16.06 110.42 68.97
C LYS EB 493 15.84 111.91 69.14
N THR EB 494 16.86 112.75 68.91
CA THR EB 494 16.68 114.19 69.11
C THR EB 494 15.78 114.82 68.06
N ASP EB 495 15.62 114.20 66.89
CA ASP EB 495 14.77 114.76 65.85
C ASP EB 495 13.32 114.32 65.95
N ASN EB 496 12.97 113.52 66.96
CA ASN EB 496 11.61 113.08 67.15
C ASN EB 496 10.86 114.05 68.07
N ASN EB 497 9.55 114.11 67.89
CA ASN EB 497 8.71 114.98 68.71
C ASN EB 497 8.79 114.55 70.17
N ASN EB 498 8.69 115.53 71.07
CA ASN EB 498 8.75 115.25 72.50
C ASN EB 498 7.35 114.87 73.01
N SER EB 499 6.98 113.64 72.70
CA SER EB 499 5.74 113.04 73.18
C SER EB 499 5.85 111.54 72.96
N ASN EB 500 4.86 110.81 73.46
CA ASN EB 500 4.89 109.36 73.27
C ASN EB 500 4.45 108.98 71.87
N PHE EB 501 3.19 109.25 71.54
CA PHE EB 501 2.64 109.14 70.18
C PHE EB 501 2.91 107.80 69.51
N THR EB 502 3.34 106.80 70.26
CA THR EB 502 3.43 105.45 69.72
C THR EB 502 2.08 104.76 69.62
N TRP EB 503 1.09 105.25 70.34
CA TRP EB 503 -0.27 104.76 70.21
C TRP EB 503 -1.21 105.81 69.67
N THR EB 504 -1.09 107.07 70.09
CA THR EB 504 -1.99 108.10 69.61
C THR EB 504 -1.70 108.51 68.18
N GLY EB 505 -0.45 108.42 67.74
CA GLY EB 505 -0.10 108.88 66.41
C GLY EB 505 0.20 107.75 65.44
N ALA EB 506 -0.33 106.57 65.70
CA ALA EB 506 0.02 105.39 64.93
C ALA EB 506 -1.13 104.93 64.04
N SER EB 507 -0.77 104.32 62.91
CA SER EB 507 -1.75 103.74 62.02
C SER EB 507 -2.32 102.47 62.64
N LYS EB 508 -3.62 102.43 62.84
CA LYS EB 508 -4.25 101.29 63.46
C LYS EB 508 -5.60 101.06 62.80
N TYR EB 509 -6.12 99.85 62.98
CA TYR EB 509 -7.41 99.50 62.40
C TYR EB 509 -8.42 99.18 63.49
N ASN EB 510 -9.68 99.39 63.16
CA ASN EB 510 -10.80 99.20 64.07
C ASN EB 510 -11.48 97.88 63.74
N LEU EB 511 -11.65 97.03 64.74
CA LEU EB 511 -12.31 95.74 64.54
C LEU EB 511 -13.14 95.41 65.77
N ASN EB 512 -14.46 95.41 65.60
CA ASN EB 512 -15.40 95.10 66.70
C ASN EB 512 -15.21 96.06 67.87
N GLY EB 513 -14.86 97.31 67.57
CA GLY EB 513 -14.78 98.33 68.58
C GLY EB 513 -13.43 98.48 69.27
N ARG EB 514 -12.47 97.61 68.98
CA ARG EB 514 -11.16 97.73 69.58
C ARG EB 514 -10.10 97.86 68.50
N GLU EB 515 -9.13 98.74 68.76
CA GLU EB 515 -8.13 99.14 67.80
C GLU EB 515 -6.90 98.24 67.89
N SER EB 516 -6.27 98.03 66.75
CA SER EB 516 -5.08 97.19 66.65
C SER EB 516 -4.07 97.89 65.75
N ILE EB 517 -2.83 97.99 66.21
CA ILE EB 517 -1.78 98.57 65.39
C ILE EB 517 -1.59 97.71 64.15
N ILE EB 518 -1.34 98.35 63.00
CA ILE EB 518 -1.20 97.61 61.75
C ILE EB 518 0.01 96.68 61.83
N ASN EB 519 1.22 97.24 61.91
CA ASN EB 519 2.42 96.49 62.30
C ASN EB 519 2.59 95.15 61.60
N PRO EB 520 3.12 95.09 60.39
CA PRO EB 520 3.71 96.18 59.61
C PRO EB 520 2.84 96.60 58.42
N GLY EB 521 1.83 95.81 58.11
CA GLY EB 521 0.88 96.20 57.09
C GLY EB 521 1.46 96.10 55.69
N THR EB 522 1.09 97.07 54.86
CA THR EB 522 1.44 97.05 53.45
C THR EB 522 2.96 97.06 53.27
N ALA EB 523 3.41 96.33 52.26
CA ALA EB 523 4.83 96.24 51.95
C ALA EB 523 5.24 97.53 51.24
N MET EB 524 5.90 98.42 51.97
CA MET EB 524 6.34 99.70 51.44
C MET EB 524 7.79 99.94 51.79
N ALA EB 525 8.42 100.84 51.04
CA ALA EB 525 9.80 101.21 51.32
C ALA EB 525 9.91 101.89 52.67
N SER EB 526 10.96 101.53 53.42
CA SER EB 526 11.15 102.11 54.75
C SER EB 526 11.42 103.60 54.68
N HIS EB 527 12.19 104.05 53.71
CA HIS EB 527 12.57 105.45 53.60
C HIS EB 527 12.88 105.74 52.14
N LYS EB 528 13.23 107.00 51.87
CA LYS EB 528 13.67 107.42 50.55
C LYS EB 528 15.17 107.26 50.42
N ASP EB 529 15.72 107.80 49.34
CA ASP EB 529 17.17 107.86 49.19
C ASP EB 529 17.75 108.88 50.15
N ASP EB 530 18.92 108.56 50.71
CA ASP EB 530 19.64 109.46 51.61
C ASP EB 530 18.82 109.79 52.86
N GLU EB 531 17.99 108.86 53.30
CA GLU EB 531 17.11 109.08 54.45
C GLU EB 531 17.08 107.84 55.34
N ASP EB 532 18.21 107.15 55.46
CA ASP EB 532 18.27 105.92 56.23
C ASP EB 532 18.04 106.14 57.72
N LYS EB 533 18.08 107.37 58.19
CA LYS EB 533 17.85 107.69 59.59
C LYS EB 533 16.39 107.58 60.00
N PHE EB 534 15.47 107.42 59.05
CA PHE EB 534 14.05 107.36 59.32
C PHE EB 534 13.51 105.97 59.04
N PHE EB 535 12.56 105.54 59.86
CA PHE EB 535 11.82 104.31 59.64
C PHE EB 535 10.36 104.53 59.99
N PRO EB 536 9.45 103.82 59.35
CA PRO EB 536 8.04 103.90 59.75
C PRO EB 536 7.85 103.36 61.15
N MET EB 537 6.92 103.98 61.89
CA MET EB 537 6.83 103.69 63.32
C MET EB 537 6.48 102.24 63.58
N SER EB 538 5.58 101.66 62.79
CA SER EB 538 5.24 100.25 62.91
C SER EB 538 5.19 99.60 61.54
N GLY EB 539 6.17 99.92 60.70
CA GLY EB 539 6.16 99.41 59.33
C GLY EB 539 7.32 98.49 59.04
N VAL EB 540 8.14 98.20 60.05
CA VAL EB 540 9.36 97.44 59.86
C VAL EB 540 9.37 96.27 60.83
N MET EB 541 10.00 95.18 60.42
CA MET EB 541 10.23 94.05 61.30
C MET EB 541 11.45 94.33 62.16
N ILE EB 542 11.28 94.26 63.47
CA ILE EB 542 12.33 94.58 64.42
C ILE EB 542 12.67 93.29 65.17
N PHE EB 543 13.91 92.85 65.03
CA PHE EB 543 14.41 91.69 65.75
C PHE EB 543 15.27 92.16 66.91
N GLY EB 544 15.13 91.49 68.04
CA GLY EB 544 15.93 91.81 69.21
C GLY EB 544 17.23 91.03 69.20
N LYS EB 545 18.31 91.71 69.59
CA LYS EB 545 19.56 91.02 69.80
C LYS EB 545 19.52 90.25 71.11
N GLU EB 546 20.46 89.34 71.28
CA GLU EB 546 20.61 88.72 72.58
C GLU EB 546 21.02 89.77 73.61
N SER EB 547 20.55 89.60 74.84
CA SER EB 547 20.62 90.62 75.88
C SER EB 547 19.77 91.84 75.52
N ALA EB 548 18.58 91.58 75.00
CA ALA EB 548 17.55 92.61 74.83
C ALA EB 548 16.41 92.29 75.79
N GLY EB 549 15.97 93.30 76.54
CA GLY EB 549 14.91 93.10 77.49
C GLY EB 549 13.58 92.86 76.80
N ALA EB 550 12.61 92.41 77.61
CA ALA EB 550 11.29 92.17 77.07
C ALA EB 550 10.52 93.46 76.84
N SER EB 551 10.73 94.48 77.68
CA SER EB 551 9.98 95.72 77.61
C SER EB 551 10.92 96.91 77.68
N ASN EB 552 10.67 97.90 76.82
CA ASN EB 552 11.39 99.17 76.83
C ASN EB 552 12.90 98.98 76.72
N THR EB 553 13.32 98.05 75.85
CA THR EB 553 14.73 97.89 75.57
C THR EB 553 15.21 99.02 74.64
N ALA EB 554 16.48 99.00 74.31
CA ALA EB 554 17.09 100.12 73.60
C ALA EB 554 17.25 99.84 72.11
N LEU EB 555 17.33 100.94 71.36
CA LEU EB 555 17.62 100.88 69.94
C LEU EB 555 18.92 100.14 69.69
N ASP EB 556 19.85 100.21 70.64
CA ASP EB 556 21.10 99.46 70.53
C ASP EB 556 20.86 97.97 70.69
N ASN EB 557 19.78 97.59 71.39
CA ASN EB 557 19.49 96.19 71.63
C ASN EB 557 18.56 95.59 70.59
N VAL EB 558 17.96 96.41 69.73
CA VAL EB 558 17.11 95.87 68.67
C VAL EB 558 17.79 96.08 67.31
N MET EB 559 17.38 95.24 66.35
CA MET EB 559 17.82 95.35 64.96
C MET EB 559 16.62 95.67 64.08
N ILE EB 560 16.62 96.86 63.50
CA ILE EB 560 15.53 97.30 62.63
C ILE EB 560 15.85 96.92 61.19
N THR EB 561 14.90 96.26 60.54
CA THR EB 561 15.10 95.89 59.15
C THR EB 561 14.86 97.08 58.23
N ASP EB 562 15.25 96.91 56.97
CA ASP EB 562 15.08 97.93 55.96
C ASP EB 562 14.47 97.29 54.72
N GLU EB 563 13.55 98.02 54.08
CA GLU EB 563 12.91 97.58 52.85
C GLU EB 563 13.31 98.50 51.69
N GLU EB 564 14.61 98.79 51.61
CA GLU EB 564 15.08 99.79 50.66
C GLU EB 564 15.07 99.27 49.24
N GLU EB 565 15.00 97.96 49.05
CA GLU EB 565 15.12 97.39 47.71
C GLU EB 565 13.84 97.48 46.91
N ILE EB 566 12.70 97.75 47.55
CA ILE EB 566 11.42 97.76 46.85
C ILE EB 566 10.95 99.18 46.59
N LYS EB 567 11.86 100.16 46.63
CA LYS EB 567 11.54 101.51 46.21
C LYS EB 567 11.20 101.59 44.72
N ALA EB 568 11.60 100.59 43.94
CA ALA EB 568 11.38 100.63 42.50
C ALA EB 568 9.90 100.51 42.15
N THR EB 569 9.12 99.84 42.98
CA THR EB 569 7.71 99.60 42.69
C THR EB 569 6.75 99.98 43.81
N ASN EB 570 7.23 100.13 45.04
CA ASN EB 570 6.36 100.36 46.17
C ASN EB 570 6.50 101.78 46.69
N PRO EB 571 5.42 102.39 47.18
CA PRO EB 571 5.53 103.71 47.78
C PRO EB 571 6.32 103.66 49.07
N VAL EB 572 6.92 104.79 49.43
CA VAL EB 572 7.62 104.90 50.70
C VAL EB 572 6.60 104.92 51.83
N ALA EB 573 6.89 104.15 52.89
CA ALA EB 573 5.91 103.89 53.93
C ALA EB 573 5.47 105.15 54.67
N THR EB 574 6.34 106.16 54.77
CA THR EB 574 6.07 107.33 55.58
C THR EB 574 5.54 108.51 54.77
N GLU EB 575 5.32 108.35 53.48
CA GLU EB 575 4.85 109.43 52.63
C GLU EB 575 3.58 109.04 51.90
N ARG EB 576 2.89 110.05 51.39
CA ARG EB 576 1.62 109.86 50.73
C ARG EB 576 1.79 109.06 49.45
N PHE EB 577 0.71 108.38 49.05
CA PHE EB 577 0.70 107.75 47.74
C PHE EB 577 0.82 108.79 46.64
N GLY EB 578 0.13 109.90 46.80
CA GLY EB 578 0.16 110.95 45.80
C GLY EB 578 -0.88 111.99 46.11
N THR EB 579 -1.18 112.81 45.11
CA THR EB 579 -2.20 113.83 45.22
C THR EB 579 -3.35 113.50 44.28
N VAL EB 580 -4.52 114.07 44.59
CA VAL EB 580 -5.72 113.85 43.81
C VAL EB 580 -6.47 115.18 43.71
N ALA EB 581 -7.12 115.40 42.58
CA ALA EB 581 -7.96 116.58 42.45
C ALA EB 581 -9.18 116.46 43.34
N VAL EB 582 -9.58 117.57 43.95
CA VAL EB 582 -10.67 117.56 44.91
C VAL EB 582 -11.77 118.57 44.59
N ASN EB 583 -11.68 119.28 43.48
CA ASN EB 583 -12.70 120.27 43.14
C ASN EB 583 -12.73 120.42 41.62
N PHE EB 584 -13.53 121.38 41.15
CA PHE EB 584 -13.57 121.78 39.75
C PHE EB 584 -12.94 123.16 39.62
N GLN EB 585 -11.88 123.26 38.82
CA GLN EB 585 -11.31 124.56 38.53
C GLN EB 585 -12.17 125.28 37.51
N SER EB 586 -12.26 126.60 37.67
CA SER EB 586 -13.06 127.41 36.77
C SER EB 586 -12.54 128.84 36.81
N SER EB 587 -12.93 129.62 35.80
CA SER EB 587 -12.61 131.03 35.74
C SER EB 587 -13.79 131.87 36.22
N SER EB 588 -13.51 133.12 36.54
CA SER EB 588 -14.55 134.04 36.97
C SER EB 588 -15.47 134.39 35.81
N THR EB 589 -16.74 134.61 36.13
CA THR EB 589 -17.72 134.97 35.11
C THR EB 589 -18.66 136.06 35.61
N VAL EB 592 -21.04 133.94 37.03
CA VAL EB 592 -20.59 133.40 38.29
C VAL EB 592 -19.23 133.99 38.65
N PRO EB 593 -19.22 135.18 39.25
CA PRO EB 593 -17.94 135.85 39.53
C PRO EB 593 -17.24 135.30 40.76
N PHE EB 594 -17.20 133.98 40.90
CA PHE EB 594 -16.50 133.31 41.99
C PHE EB 594 -15.50 132.35 41.35
N LYS EB 595 -14.31 132.85 41.07
CA LYS EB 595 -13.25 132.04 40.49
C LYS EB 595 -12.85 130.91 41.44
N THR EB 596 -12.68 129.71 40.89
CA THR EB 596 -12.31 128.53 41.68
C THR EB 596 -10.92 128.06 41.24
N ASP EB 597 -9.94 128.20 42.12
CA ASP EB 597 -8.63 127.66 41.85
C ASP EB 597 -8.66 126.13 41.96
N PRO EB 598 -7.88 125.44 41.13
CA PRO EB 598 -7.77 123.99 41.29
C PRO EB 598 -7.17 123.62 42.64
N ALA EB 599 -7.65 122.53 43.20
CA ALA EB 599 -7.23 122.09 44.53
C ALA EB 599 -6.93 120.61 44.52
N THR EB 600 -5.83 120.25 45.17
CA THR EB 600 -5.42 118.86 45.31
C THR EB 600 -5.35 118.50 46.78
N GLY EB 601 -5.52 117.22 47.06
CA GLY EB 601 -5.36 116.70 48.40
C GLY EB 601 -4.46 115.49 48.40
N ASP EB 602 -3.75 115.31 49.50
CA ASP EB 602 -2.83 114.19 49.64
C ASP EB 602 -3.61 112.90 49.88
N VAL EB 603 -3.16 111.83 49.24
CA VAL EB 603 -3.77 110.52 49.35
C VAL EB 603 -2.88 109.69 50.27
N HIS EB 604 -3.36 109.43 51.48
CA HIS EB 604 -2.54 108.77 52.50
C HIS EB 604 -2.74 107.27 52.54
N ALA EB 605 -3.96 106.80 52.28
CA ALA EB 605 -4.26 105.38 52.18
C ALA EB 605 -4.88 105.14 50.82
N MET EB 606 -4.26 104.27 50.03
CA MET EB 606 -4.72 103.97 48.68
C MET EB 606 -4.91 102.47 48.56
N GLY EB 607 -6.13 102.04 48.23
CA GLY EB 607 -6.40 100.65 47.96
C GLY EB 607 -5.97 100.28 46.56
N ALA EB 608 -6.19 99.01 46.22
CA ALA EB 608 -5.73 98.48 44.95
C ALA EB 608 -6.49 99.11 43.79
N LEU EB 609 -5.76 99.69 42.85
CA LEU EB 609 -6.26 100.17 41.57
C LEU EB 609 -5.76 99.26 40.46
N PRO EB 610 -6.54 99.06 39.40
CA PRO EB 610 -6.04 98.29 38.27
C PRO EB 610 -4.83 98.97 37.65
N GLY EB 611 -3.86 98.16 37.25
CA GLY EB 611 -2.58 98.66 36.79
C GLY EB 611 -1.53 98.77 37.87
N MET EB 612 -1.90 98.54 39.13
CA MET EB 612 -0.94 98.60 40.21
C MET EB 612 -0.02 97.39 40.20
N VAL EB 613 1.26 97.61 40.50
CA VAL EB 613 2.24 96.54 40.65
C VAL EB 613 3.03 96.81 41.92
N TRP EB 614 3.41 95.74 42.62
CA TRP EB 614 4.11 95.90 43.88
C TRP EB 614 4.94 94.66 44.15
N GLN EB 615 5.87 94.80 45.09
CA GLN EB 615 6.62 93.69 45.64
C GLN EB 615 6.14 93.40 47.06
N ASP EB 616 6.27 92.14 47.47
CA ASP EB 616 5.92 91.75 48.82
C ASP EB 616 7.07 92.05 49.77
N ARG EB 617 6.82 91.86 51.06
CA ARG EB 617 7.86 92.05 52.06
C ARG EB 617 8.94 90.99 51.91
N ASP EB 618 10.16 91.36 52.28
CA ASP EB 618 11.28 90.44 52.24
C ASP EB 618 11.20 89.44 53.39
N VAL EB 619 11.81 88.29 53.19
CA VAL EB 619 11.98 87.30 54.24
C VAL EB 619 13.40 87.41 54.77
N TYR EB 620 13.58 87.04 56.03
CA TYR EB 620 14.87 87.15 56.71
C TYR EB 620 15.24 85.80 57.30
N LEU EB 621 16.53 85.64 57.56
CA LEU EB 621 17.00 84.39 58.17
C LEU EB 621 16.36 84.19 59.55
N GLN EB 622 16.10 85.28 60.27
CA GLN EB 622 15.47 85.21 61.58
C GLN EB 622 13.96 85.30 61.52
N GLY EB 623 13.37 85.40 60.33
CA GLY EB 623 11.96 85.67 60.21
C GLY EB 623 11.12 84.45 59.93
N PRO EB 624 9.81 84.62 59.90
CA PRO EB 624 8.91 83.49 59.66
C PRO EB 624 8.96 83.01 58.21
N ILE EB 625 8.62 81.73 58.03
CA ILE EB 625 8.59 81.12 56.71
C ILE EB 625 7.20 81.19 56.10
N TRP EB 626 6.17 80.75 56.82
CA TRP EB 626 4.84 80.64 56.26
C TRP EB 626 3.81 81.19 57.24
N ALA EB 627 2.58 81.25 56.77
CA ALA EB 627 1.43 81.59 57.59
C ALA EB 627 0.20 80.93 56.99
N LYS EB 628 -0.70 80.48 57.86
CA LYS EB 628 -1.97 79.96 57.39
C LYS EB 628 -2.86 81.10 56.91
N ILE EB 629 -3.37 80.96 55.69
CA ILE EB 629 -4.34 81.94 55.19
C ILE EB 629 -5.68 81.70 55.86
N PRO EB 630 -6.30 82.72 56.45
CA PRO EB 630 -7.58 82.50 57.13
C PRO EB 630 -8.63 81.95 56.20
N HIS EB 631 -9.45 81.03 56.71
CA HIS EB 631 -10.50 80.41 55.92
C HIS EB 631 -11.69 81.37 55.89
N THR EB 632 -11.65 82.27 54.93
CA THR EB 632 -12.67 83.30 54.75
C THR EB 632 -13.23 83.21 53.33
N ASP EB 633 -14.34 83.93 53.12
CA ASP EB 633 -14.94 83.98 51.79
C ASP EB 633 -14.03 84.68 50.80
N GLY EB 634 -13.41 85.78 51.20
CA GLY EB 634 -12.57 86.53 50.31
C GLY EB 634 -11.26 86.91 50.98
N HIS EB 635 -10.23 87.05 50.15
CA HIS EB 635 -8.94 87.57 50.57
C HIS EB 635 -8.25 88.10 49.34
N PHE EB 636 -7.53 89.20 49.50
CA PHE EB 636 -6.84 89.86 48.40
C PHE EB 636 -5.35 89.66 48.57
N HIS EB 637 -4.73 88.97 47.61
CA HIS EB 637 -3.29 88.72 47.59
C HIS EB 637 -2.83 88.12 48.91
N PRO EB 638 -3.18 86.88 49.20
CA PRO EB 638 -3.00 86.33 50.56
C PRO EB 638 -1.55 86.00 50.88
N SER EB 639 -0.70 87.00 50.80
CA SER EB 639 0.68 86.91 51.23
C SER EB 639 0.82 87.51 52.61
N PRO EB 640 1.40 86.81 53.57
CA PRO EB 640 1.43 87.31 54.94
C PRO EB 640 2.16 88.63 55.03
N LEU EB 641 1.67 89.51 55.91
CA LEU EB 641 2.22 90.86 55.98
C LEU EB 641 3.56 90.89 56.70
N MET EB 642 3.85 89.87 57.52
CA MET EB 642 5.19 89.76 58.09
C MET EB 642 6.19 89.22 57.09
N GLY EB 643 5.74 88.70 55.97
CA GLY EB 643 6.63 88.11 54.98
C GLY EB 643 6.56 86.60 55.01
N GLY EB 644 6.77 85.99 53.86
CA GLY EB 644 6.73 84.55 53.77
C GLY EB 644 5.69 84.03 52.80
N PHE EB 645 5.35 82.76 52.95
CA PHE EB 645 4.42 82.08 52.07
C PHE EB 645 3.09 81.92 52.79
N GLY EB 646 2.02 82.39 52.16
CA GLY EB 646 0.70 82.14 52.69
C GLY EB 646 0.19 80.82 52.14
N LEU EB 647 -0.16 79.91 53.04
CA LEU EB 647 -0.60 78.58 52.64
C LEU EB 647 -2.01 78.35 53.14
N LYS EB 648 -2.88 77.84 52.28
CA LYS EB 648 -4.22 77.47 52.72
C LYS EB 648 -4.17 76.26 53.64
N ASN EB 649 -3.35 75.27 53.30
CA ASN EB 649 -3.07 74.13 54.17
C ASN EB 649 -1.60 74.20 54.55
N PRO EB 650 -1.24 74.92 55.61
CA PRO EB 650 0.15 75.03 56.01
C PRO EB 650 0.63 73.74 56.65
N PRO EB 651 1.90 73.64 56.99
CA PRO EB 651 2.35 72.51 57.79
C PRO EB 651 1.58 72.43 59.09
N PRO EB 652 1.01 71.28 59.40
CA PRO EB 652 0.13 71.18 60.57
C PRO EB 652 0.91 71.27 61.86
N GLN EB 653 0.18 71.61 62.92
CA GLN EB 653 0.76 71.70 64.24
C GLN EB 653 1.00 70.30 64.80
N ILE EB 654 2.20 70.08 65.32
CA ILE EB 654 2.54 68.86 66.04
C ILE EB 654 2.45 69.17 67.53
N LEU EB 655 1.55 68.48 68.21
CA LEU EB 655 1.27 68.73 69.60
C LEU EB 655 1.71 67.53 70.43
N ILE EB 656 2.37 67.81 71.54
CA ILE EB 656 3.04 66.80 72.34
C ILE EB 656 2.78 67.11 73.81
N LYS EB 657 2.56 66.06 74.60
CA LYS EB 657 2.48 66.27 76.03
C LYS EB 657 2.89 65.00 76.75
N ASN EB 658 3.25 65.14 78.02
CA ASN EB 658 3.56 63.99 78.84
C ASN EB 658 2.26 63.38 79.34
N THR EB 659 2.11 62.06 79.21
CA THR EB 659 0.93 61.43 79.75
C THR EB 659 0.98 61.51 81.28
N PRO EB 660 -0.08 61.97 81.94
CA PRO EB 660 -0.05 62.09 83.40
C PRO EB 660 0.10 60.72 84.06
N VAL EB 661 0.94 60.68 85.08
CA VAL EB 661 1.13 59.49 85.91
C VAL EB 661 0.63 59.82 87.30
N PRO EB 662 -0.49 59.26 87.74
CA PRO EB 662 -1.01 59.58 89.06
C PRO EB 662 -0.11 59.09 90.18
N ALA EB 663 -0.13 59.81 91.29
CA ALA EB 663 0.56 59.36 92.48
C ALA EB 663 -0.27 58.30 93.20
N ASN EB 664 0.10 57.98 94.43
CA ASN EB 664 -0.55 56.91 95.16
C ASN EB 664 -2.02 57.24 95.43
N PRO EB 665 -2.96 56.43 94.96
CA PRO EB 665 -4.37 56.72 95.23
C PRO EB 665 -4.75 56.33 96.64
N PRO EB 666 -5.87 56.85 97.16
CA PRO EB 666 -6.31 56.46 98.50
C PRO EB 666 -6.75 55.01 98.57
N ALA EB 667 -6.78 54.47 99.78
CA ALA EB 667 -7.22 53.10 99.98
C ALA EB 667 -8.70 52.93 99.66
N GLU EB 668 -9.52 53.90 100.04
CA GLU EB 668 -10.95 53.91 99.72
C GLU EB 668 -11.20 54.71 98.45
N PHE EB 669 -12.25 54.33 97.73
CA PHE EB 669 -12.57 54.95 96.46
C PHE EB 669 -13.08 56.37 96.65
N SER EB 670 -12.63 57.26 95.77
CA SER EB 670 -13.09 58.65 95.74
C SER EB 670 -13.36 59.03 94.29
N ALA EB 671 -14.54 59.57 94.04
CA ALA EB 671 -14.89 59.97 92.67
C ALA EB 671 -14.31 61.31 92.29
N THR EB 672 -13.77 62.06 93.25
CA THR EB 672 -13.08 63.30 92.93
C THR EB 672 -11.91 63.02 91.99
N LYS EB 673 -11.80 63.83 90.94
CA LYS EB 673 -10.77 63.59 89.95
C LYS EB 673 -9.38 63.75 90.56
N PHE EB 674 -8.43 63.02 89.99
CA PHE EB 674 -7.08 63.00 90.52
C PHE EB 674 -6.44 64.39 90.40
N ALA EB 675 -5.77 64.80 91.47
CA ALA EB 675 -5.01 66.05 91.46
C ALA EB 675 -3.56 65.84 91.85
N SER EB 676 -3.20 64.68 92.36
CA SER EB 676 -1.84 64.35 92.77
C SER EB 676 -1.20 63.52 91.67
N PHE EB 677 -0.17 64.05 91.05
CA PHE EB 677 0.51 63.39 89.96
C PHE EB 677 2.00 63.29 90.25
N ILE EB 678 2.61 62.28 89.64
CA ILE EB 678 4.06 62.11 89.69
C ILE EB 678 4.68 63.16 88.78
N THR EB 679 5.59 63.96 89.33
CA THR EB 679 6.17 65.08 88.59
C THR EB 679 7.20 64.56 87.61
N GLN EB 680 7.02 64.86 86.33
CA GLN EB 680 7.96 64.37 85.35
C GLN EB 680 8.00 65.29 84.14
N TYR EB 681 9.08 65.17 83.38
CA TYR EB 681 9.24 65.86 82.12
C TYR EB 681 9.78 64.87 81.10
N SER EB 682 9.98 65.33 79.87
CA SER EB 682 10.55 64.47 78.86
C SER EB 682 11.55 65.25 78.03
N THR EB 683 12.47 64.51 77.41
CA THR EB 683 13.47 65.09 76.55
C THR EB 683 13.59 64.20 75.32
N GLY EB 684 14.14 64.76 74.26
CA GLY EB 684 14.30 63.96 73.06
C GLY EB 684 14.93 64.75 71.95
N GLN EB 685 14.91 64.15 70.77
CA GLN EB 685 15.47 64.76 69.57
C GLN EB 685 14.37 64.91 68.53
N VAL EB 686 14.42 66.02 67.80
CA VAL EB 686 13.46 66.33 66.75
C VAL EB 686 14.25 66.65 65.49
N SER EB 687 13.82 66.07 64.37
CA SER EB 687 14.42 66.30 63.06
C SER EB 687 13.37 66.88 62.13
N VAL EB 688 13.74 67.93 61.41
CA VAL EB 688 12.90 68.50 60.36
C VAL EB 688 13.75 68.59 59.09
N GLU EB 689 13.23 68.03 58.01
CA GLU EB 689 13.89 68.07 56.70
C GLU EB 689 12.95 68.75 55.71
N ILE EB 690 13.38 69.84 55.12
CA ILE EB 690 12.60 70.55 54.10
C ILE EB 690 13.36 70.53 52.79
N GLU EB 691 12.68 70.09 51.74
CA GLU EB 691 13.11 70.28 50.37
C GLU EB 691 12.54 71.58 49.85
N TRP EB 692 13.41 72.43 49.30
CA TRP EB 692 13.07 73.71 48.71
C TRP EB 692 13.43 73.70 47.22
N GLU EB 693 12.53 74.21 46.41
CA GLU EB 693 12.78 74.43 45.00
C GLU EB 693 13.38 75.82 44.80
N LEU EB 694 14.43 75.87 43.97
CA LEU EB 694 15.16 77.08 43.67
C LEU EB 694 14.79 77.58 42.28
N GLN EB 695 14.91 78.88 42.09
CA GLN EB 695 14.70 79.54 40.82
C GLN EB 695 15.97 80.33 40.55
N LYS EB 696 16.79 79.79 39.64
CA LYS EB 696 18.12 80.30 39.37
C LYS EB 696 18.06 81.63 38.62
N GLU EB 697 19.07 82.46 38.86
CA GLU EB 697 19.22 83.68 38.07
C GLU EB 697 19.58 83.30 36.63
N ASN EB 698 19.09 84.11 35.69
CA ASN EB 698 19.43 83.97 34.28
C ASN EB 698 19.86 85.31 33.70
N SER EB 699 20.61 86.08 34.47
CA SER EB 699 20.83 87.49 34.17
C SER EB 699 21.86 87.66 33.07
N LYS EB 700 21.67 88.72 32.28
CA LYS EB 700 22.63 89.15 31.26
C LYS EB 700 23.35 90.41 31.68
N ARG EB 701 23.26 90.78 32.95
CA ARG EB 701 23.91 91.97 33.48
C ARG EB 701 25.43 91.84 33.34
N TRP EB 702 26.07 92.94 32.96
CA TRP EB 702 27.50 92.93 32.71
C TRP EB 702 28.32 93.18 33.96
N ASN EB 703 28.00 94.25 34.70
CA ASN EB 703 28.75 94.60 35.87
C ASN EB 703 28.44 93.63 37.01
N PRO EB 704 29.33 93.53 38.00
CA PRO EB 704 29.09 92.59 39.11
C PRO EB 704 27.92 93.01 39.95
N GLU EB 705 27.28 92.01 40.55
CA GLU EB 705 26.11 92.20 41.39
C GLU EB 705 26.51 92.53 42.83
N VAL EB 706 25.56 93.07 43.57
CA VAL EB 706 25.70 93.22 45.01
C VAL EB 706 25.45 91.87 45.68
N GLN EB 707 26.36 91.47 46.53
CA GLN EB 707 26.25 90.20 47.25
C GLN EB 707 26.29 90.46 48.74
N TYR EB 708 25.68 89.56 49.49
CA TYR EB 708 25.87 89.57 50.94
C TYR EB 708 27.23 88.97 51.25
N THR EB 709 28.03 89.69 52.03
CA THR EB 709 29.39 89.24 52.30
C THR EB 709 29.70 89.46 53.78
N SER EB 710 30.60 88.65 54.28
CA SER EB 710 31.24 88.91 55.56
C SER EB 710 32.22 90.07 55.42
N ASN EB 711 32.36 90.84 56.48
CA ASN EB 711 33.33 91.91 56.49
C ASN EB 711 34.72 91.33 56.77
N TYR EB 712 35.69 91.68 55.93
CA TYR EB 712 37.08 91.29 56.15
C TYR EB 712 37.71 92.41 56.99
N ALA EB 713 38.03 92.08 58.24
CA ALA EB 713 38.67 93.03 59.13
C ALA EB 713 38.96 92.32 60.43
N LYS EB 714 40.03 92.75 61.10
CA LYS EB 714 40.29 92.22 62.43
C LYS EB 714 39.17 92.62 63.36
N SER EB 715 38.48 91.63 63.93
CA SER EB 715 37.39 91.86 64.84
C SER EB 715 37.57 90.96 66.04
N ALA EB 716 37.04 91.41 67.19
CA ALA EB 716 37.16 90.62 68.41
C ALA EB 716 36.44 89.29 68.28
N ASN EB 717 35.36 89.25 67.51
CA ASN EB 717 34.58 88.05 67.30
C ASN EB 717 34.32 87.85 65.81
N VAL EB 718 33.90 86.65 65.46
CA VAL EB 718 33.42 86.34 64.13
C VAL EB 718 31.90 86.43 64.14
N ASP EB 719 31.33 86.99 63.07
CA ASP EB 719 29.88 87.13 63.00
C ASP EB 719 29.22 85.76 62.87
N PHE EB 720 28.04 85.65 63.48
CA PHE EB 720 27.25 84.41 63.47
C PHE EB 720 28.02 83.26 64.09
N THR EB 721 28.66 83.51 65.23
CA THR EB 721 29.38 82.48 65.96
C THR EB 721 29.05 82.56 67.44
N VAL EB 722 29.78 81.80 68.25
CA VAL EB 722 29.64 81.85 69.69
C VAL EB 722 30.73 82.77 70.24
N ASP EB 723 30.49 83.29 71.44
CA ASP EB 723 31.50 84.08 72.11
C ASP EB 723 32.28 83.20 73.09
N ASN EB 724 33.12 83.80 73.93
CA ASN EB 724 33.87 83.02 74.89
C ASN EB 724 32.99 82.41 75.98
N ASN EB 725 31.76 82.88 76.13
CA ASN EB 725 30.81 82.30 77.08
C ASN EB 725 29.95 81.21 76.46
N GLY EB 726 30.04 80.99 75.16
CA GLY EB 726 29.25 79.98 74.51
C GLY EB 726 27.91 80.43 73.99
N LEU EB 727 27.68 81.74 73.86
CA LEU EB 727 26.39 82.27 73.45
C LEU EB 727 26.40 82.57 71.97
N TYR EB 728 25.54 81.88 71.23
CA TYR EB 728 25.40 82.14 69.80
C TYR EB 728 24.61 83.42 69.58
N THR EB 729 25.13 84.29 68.73
CA THR EB 729 24.49 85.56 68.42
C THR EB 729 24.45 85.77 66.92
N GLU EB 730 23.43 86.48 66.47
CA GLU EB 730 23.32 86.90 65.08
C GLU EB 730 23.46 88.41 65.00
N PRO EB 731 24.54 88.93 64.44
CA PRO EB 731 24.79 90.37 64.49
C PRO EB 731 23.76 91.25 63.77
N ARG EB 732 23.18 90.75 62.70
CA ARG EB 732 22.32 91.58 61.86
C ARG EB 732 21.27 90.69 61.22
N PRO EB 733 20.14 91.26 60.82
CA PRO EB 733 19.18 90.50 60.01
C PRO EB 733 19.58 90.54 58.54
N ILE EB 734 19.53 89.37 57.89
CA ILE EB 734 19.91 89.23 56.49
C ILE EB 734 18.64 88.99 55.67
N GLY EB 735 18.41 89.85 54.68
CA GLY EB 735 17.32 89.65 53.74
C GLY EB 735 17.72 88.75 52.60
N THR EB 736 16.96 88.85 51.51
CA THR EB 736 17.17 87.99 50.35
C THR EB 736 17.50 88.75 49.08
N ARG EB 737 17.16 90.03 49.00
CA ARG EB 737 17.17 90.75 47.73
C ARG EB 737 18.56 91.34 47.48
N TYR EB 738 19.42 90.56 46.84
CA TYR EB 738 20.76 91.03 46.51
C TYR EB 738 21.00 91.02 45.01
N LEU EB 739 20.66 89.91 44.35
CA LEU EB 739 20.67 89.87 42.91
C LEU EB 739 19.60 90.82 42.37
N THR EB 740 19.73 91.20 41.11
CA THR EB 740 18.78 92.10 40.50
C THR EB 740 18.24 91.51 39.20
N ARG EB 741 17.11 92.04 38.77
CA ARG EB 741 16.55 91.70 37.47
C ARG EB 741 15.80 92.91 36.94
N PRO EB 742 15.64 93.03 35.63
CA PRO EB 742 14.93 94.18 35.08
C PRO EB 742 13.45 94.14 35.39
N LEU EB 743 12.86 95.31 35.56
CA LEU EB 743 11.48 95.42 35.99
C LEU EB 743 10.51 95.08 34.85
N ASP FB 219 4.98 43.41 75.13
CA ASP FB 219 5.82 43.70 73.98
C ASP FB 219 7.11 44.43 74.39
N GLY FB 220 7.29 44.59 75.70
CA GLY FB 220 8.53 45.15 76.23
C GLY FB 220 8.27 46.30 77.17
N VAL FB 221 9.32 46.65 77.91
CA VAL FB 221 9.27 47.76 78.85
C VAL FB 221 9.22 49.10 78.11
N GLY FB 222 10.01 49.23 77.05
CA GLY FB 222 10.15 50.52 76.38
C GLY FB 222 9.30 50.70 75.13
N ASN FB 223 8.28 49.87 74.99
CA ASN FB 223 7.40 49.91 73.83
C ASN FB 223 5.97 50.08 74.32
N ALA FB 224 5.28 51.11 73.83
CA ALA FB 224 3.90 51.34 74.22
C ALA FB 224 2.99 50.28 73.62
N SER FB 225 2.04 49.82 74.41
CA SER FB 225 1.13 48.76 73.97
C SER FB 225 -0.19 49.29 73.42
N GLY FB 226 -0.34 50.59 73.27
CA GLY FB 226 -1.52 51.13 72.65
C GLY FB 226 -1.38 52.61 72.45
N ASN FB 227 -2.32 53.17 71.69
CA ASN FB 227 -2.34 54.58 71.37
C ASN FB 227 -3.61 55.21 71.93
N TRP FB 228 -3.61 56.54 71.96
CA TRP FB 228 -4.76 57.29 72.42
C TRP FB 228 -5.78 57.39 71.31
N HIS FB 229 -6.92 56.75 71.48
CA HIS FB 229 -7.99 56.74 70.49
C HIS FB 229 -9.22 57.39 71.11
N CYS FB 230 -9.36 58.70 70.92
CA CYS FB 230 -10.51 59.44 71.41
C CYS FB 230 -11.06 60.26 70.25
N ASP FB 231 -12.20 59.86 69.73
CA ASP FB 231 -12.69 60.40 68.47
C ASP FB 231 -14.18 60.14 68.38
N SER FB 232 -14.79 60.62 67.31
CA SER FB 232 -16.19 60.33 67.01
C SER FB 232 -16.37 60.45 65.50
N THR FB 233 -16.77 59.35 64.87
CA THR FB 233 -16.94 59.30 63.42
C THR FB 233 -18.42 59.13 63.11
N TRP FB 234 -18.94 60.00 62.27
CA TRP FB 234 -20.35 59.98 61.89
C TRP FB 234 -20.47 59.46 60.47
N LEU FB 235 -21.03 58.27 60.33
CA LEU FB 235 -21.35 57.72 59.03
C LEU FB 235 -22.81 58.07 58.72
N GLY FB 236 -23.37 57.48 57.68
CA GLY FB 236 -24.74 57.81 57.31
C GLY FB 236 -25.74 57.43 58.38
N ASP FB 237 -25.71 56.18 58.83
CA ASP FB 237 -26.65 55.70 59.82
C ASP FB 237 -25.99 55.17 61.08
N ARG FB 238 -24.68 55.27 61.19
CA ARG FB 238 -23.95 54.85 62.37
C ARG FB 238 -23.17 56.03 62.91
N VAL FB 239 -22.86 55.98 64.20
CA VAL FB 239 -21.85 56.84 64.79
C VAL FB 239 -20.96 55.97 65.67
N ILE FB 240 -19.65 56.11 65.52
CA ILE FB 240 -18.69 55.36 66.31
C ILE FB 240 -18.00 56.33 67.24
N THR FB 241 -18.15 56.11 68.54
CA THR FB 241 -17.54 56.95 69.56
C THR FB 241 -16.42 56.18 70.24
N THR FB 242 -15.22 56.77 70.26
CA THR FB 242 -14.07 56.20 70.94
C THR FB 242 -13.64 57.12 72.07
N SER FB 243 -13.31 56.53 73.22
CA SER FB 243 -12.90 57.29 74.39
C SER FB 243 -11.74 56.61 75.07
N THR FB 244 -10.65 57.34 75.27
CA THR FB 244 -9.51 56.89 76.05
C THR FB 244 -9.41 57.72 77.31
N ARG FB 245 -9.13 57.05 78.42
CA ARG FB 245 -8.97 57.70 79.72
C ARG FB 245 -7.78 57.09 80.43
N THR FB 246 -7.24 57.84 81.38
CA THR FB 246 -6.16 57.38 82.24
C THR FB 246 -6.74 57.00 83.60
N TRP FB 247 -6.47 55.78 84.03
CA TRP FB 247 -7.00 55.25 85.27
C TRP FB 247 -5.88 54.95 86.25
N ALA FB 248 -6.23 55.03 87.53
CA ALA FB 248 -5.40 54.61 88.65
C ALA FB 248 -6.16 53.58 89.47
N LEU FB 249 -5.54 52.44 89.73
CA LEU FB 249 -6.12 51.36 90.50
C LEU FB 249 -5.29 51.14 91.75
N PRO FB 250 -5.84 51.33 92.93
CA PRO FB 250 -5.10 51.05 94.16
C PRO FB 250 -5.24 49.60 94.59
N THR FB 251 -4.66 49.27 95.73
CA THR FB 251 -4.93 47.99 96.38
C THR FB 251 -6.09 48.16 97.34
N TYR FB 252 -7.11 47.34 97.19
CA TYR FB 252 -8.32 47.44 98.00
C TYR FB 252 -8.32 46.34 99.04
N ASN FB 253 -8.64 46.70 100.29
CA ASN FB 253 -8.83 45.78 101.40
C ASN FB 253 -7.56 45.07 101.83
N ASN FB 254 -6.39 45.54 101.39
CA ASN FB 254 -5.13 44.82 101.59
C ASN FB 254 -5.22 43.40 101.00
N HIS FB 255 -5.78 43.31 99.80
CA HIS FB 255 -5.90 42.05 99.06
C HIS FB 255 -6.80 41.05 99.76
N LEU FB 256 -7.74 41.54 100.56
CA LEU FB 256 -8.60 40.67 101.36
C LEU FB 256 -10.03 40.74 100.88
N TYR FB 257 -10.74 39.63 101.03
CA TYR FB 257 -12.19 39.58 100.89
C TYR FB 257 -12.78 39.79 102.26
N LYS FB 258 -13.65 40.77 102.40
CA LYS FB 258 -14.23 41.08 103.70
C LYS FB 258 -15.74 40.97 103.63
N GLN FB 259 -16.33 40.45 104.70
CA GLN FB 259 -17.77 40.34 104.82
C GLN FB 259 -18.31 41.63 105.45
N ILE FB 260 -19.26 42.26 104.77
CA ILE FB 260 -19.81 43.54 105.22
C ILE FB 260 -21.29 43.36 105.48
N SER FB 261 -21.79 44.06 106.50
CA SER FB 261 -23.20 44.05 106.82
C SER FB 261 -23.54 45.34 107.54
N SER FB 262 -24.78 45.43 108.03
CA SER FB 262 -25.25 46.62 108.73
C SER FB 262 -25.28 46.45 110.24
N ALA FB 263 -24.72 45.35 110.75
CA ALA FB 263 -24.79 45.07 112.18
C ALA FB 263 -24.08 46.14 113.00
N SER FB 264 -22.87 46.54 112.59
CA SER FB 264 -22.18 47.60 113.30
C SER FB 264 -22.79 48.95 112.99
N THR FB 265 -23.35 49.13 111.80
CA THR FB 265 -23.97 50.39 111.43
C THR FB 265 -25.17 50.71 112.32
N GLY FB 266 -25.92 49.68 112.70
CA GLY FB 266 -27.13 49.92 113.48
C GLY FB 266 -28.21 50.65 112.70
N ALA FB 267 -28.45 50.25 111.47
CA ALA FB 267 -29.40 50.92 110.60
C ALA FB 267 -30.82 50.48 110.92
N SER FB 268 -31.78 51.09 110.24
CA SER FB 268 -33.17 50.68 110.35
C SER FB 268 -33.40 49.38 109.60
N ASN FB 269 -34.57 48.78 109.81
CA ASN FB 269 -34.89 47.52 109.17
C ASN FB 269 -34.89 47.64 107.66
N ASP FB 270 -35.21 48.83 107.14
CA ASP FB 270 -35.24 49.03 105.69
C ASP FB 270 -33.86 49.12 105.07
N ASN FB 271 -32.83 49.43 105.87
CA ASN FB 271 -31.49 49.66 105.36
C ASN FB 271 -30.54 48.52 105.70
N HIS FB 272 -31.04 47.41 106.21
CA HIS FB 272 -30.20 46.28 106.54
C HIS FB 272 -29.66 45.63 105.28
N TYR FB 273 -28.43 45.13 105.36
CA TYR FB 273 -27.83 44.46 104.22
C TYR FB 273 -26.76 43.48 104.69
N PHE FB 274 -26.41 42.57 103.80
CA PHE FB 274 -25.32 41.62 104.01
C PHE FB 274 -24.66 41.41 102.67
N GLY FB 275 -23.33 41.42 102.66
CA GLY FB 275 -22.63 41.24 101.41
C GLY FB 275 -21.15 41.08 101.61
N TYR FB 276 -20.41 41.30 100.53
CA TYR FB 276 -18.97 41.11 100.53
C TYR FB 276 -18.29 42.23 99.78
N SER FB 277 -17.11 42.59 100.26
CA SER FB 277 -16.21 43.55 99.65
C SER FB 277 -15.02 42.79 99.09
N THR FB 278 -14.75 42.94 97.80
CA THR FB 278 -13.62 42.21 97.23
C THR FB 278 -12.44 43.14 97.06
N PRO FB 279 -11.23 42.61 96.91
CA PRO FB 279 -10.07 43.43 96.58
C PRO FB 279 -10.00 43.88 95.13
N TRP FB 280 -10.99 43.57 94.32
CA TRP FB 280 -11.01 43.92 92.91
C TRP FB 280 -11.68 45.26 92.68
N GLY FB 281 -11.26 45.93 91.61
CA GLY FB 281 -11.99 47.05 91.06
C GLY FB 281 -12.64 46.64 89.75
N TYR FB 282 -13.50 47.50 89.25
CA TYR FB 282 -14.18 47.21 87.99
C TYR FB 282 -14.17 48.45 87.12
N PHE FB 283 -14.31 48.23 85.82
CA PHE FB 283 -14.36 49.29 84.84
C PHE FB 283 -15.81 49.59 84.49
N ASP FB 284 -16.17 50.86 84.56
CA ASP FB 284 -17.54 51.32 84.31
C ASP FB 284 -17.52 52.40 83.24
N PHE FB 285 -18.30 52.19 82.19
CA PHE FB 285 -18.51 53.21 81.16
C PHE FB 285 -19.99 53.25 80.81
N ASN FB 286 -20.84 53.20 81.83
CA ASN FB 286 -22.28 53.14 81.67
C ASN FB 286 -22.94 54.51 81.84
N ARG FB 287 -22.31 55.55 81.34
CA ARG FB 287 -22.93 56.87 81.23
C ARG FB 287 -22.70 57.39 79.82
N PHE FB 288 -23.61 58.22 79.35
CA PHE FB 288 -23.53 58.66 77.96
C PHE FB 288 -22.39 59.63 77.72
N HIS FB 289 -22.00 60.41 78.74
CA HIS FB 289 -20.92 61.35 78.56
C HIS FB 289 -19.54 60.71 78.64
N CYS FB 290 -19.45 59.42 78.98
CA CYS FB 290 -18.21 58.70 78.80
C CYS FB 290 -17.88 58.49 77.33
N HIS FB 291 -18.86 58.67 76.46
CA HIS FB 291 -18.71 58.39 75.03
C HIS FB 291 -19.01 59.58 74.14
N PHE FB 292 -19.93 60.44 74.52
CA PHE FB 292 -20.32 61.58 73.70
C PHE FB 292 -19.81 62.87 74.33
N SER FB 293 -19.17 63.70 73.53
CA SER FB 293 -18.96 65.08 73.92
C SER FB 293 -20.30 65.79 73.87
N PRO FB 294 -20.43 66.93 74.55
CA PRO FB 294 -21.70 67.69 74.43
C PRO FB 294 -22.02 68.08 73.00
N ARG FB 295 -21.03 68.42 72.20
CA ARG FB 295 -21.28 68.71 70.80
C ARG FB 295 -21.80 67.49 70.05
N ASP FB 296 -21.23 66.31 70.30
CA ASP FB 296 -21.70 65.09 69.66
C ASP FB 296 -23.11 64.74 70.13
N TRP FB 297 -23.41 64.95 71.40
CA TRP FB 297 -24.75 64.71 71.92
C TRP FB 297 -25.76 65.63 71.26
N GLN FB 298 -25.41 66.90 71.10
CA GLN FB 298 -26.30 67.85 70.42
C GLN FB 298 -26.50 67.44 68.97
N ARG FB 299 -25.43 67.04 68.30
CA ARG FB 299 -25.54 66.58 66.92
C ARG FB 299 -26.44 65.36 66.80
N LEU FB 300 -26.38 64.45 67.76
CA LEU FB 300 -27.23 63.27 67.75
C LEU FB 300 -28.69 63.65 67.98
N ILE FB 301 -28.97 64.42 69.04
CA ILE FB 301 -30.33 64.66 69.46
C ILE FB 301 -31.05 65.68 68.59
N ASN FB 302 -30.34 66.54 67.88
CA ASN FB 302 -30.99 67.50 67.01
C ASN FB 302 -31.32 66.94 65.65
N ASN FB 303 -30.83 65.75 65.33
CA ASN FB 303 -30.93 65.23 63.97
C ASN FB 303 -31.49 63.83 63.88
N ASN FB 304 -31.56 63.08 64.96
CA ASN FB 304 -31.96 61.68 64.89
C ASN FB 304 -33.25 61.46 65.65
N TRP FB 305 -34.12 60.64 65.07
CA TRP FB 305 -35.34 60.23 65.74
C TRP FB 305 -35.10 59.11 66.74
N GLY FB 306 -34.03 58.37 66.61
CA GLY FB 306 -33.75 57.34 67.60
C GLY FB 306 -32.33 56.85 67.48
N PHE FB 307 -31.92 56.11 68.50
CA PHE FB 307 -30.58 55.53 68.44
C PHE FB 307 -30.48 54.33 69.35
N ARG FB 308 -29.48 53.49 69.09
CA ARG FB 308 -29.25 52.32 69.94
C ARG FB 308 -27.81 51.85 69.76
N PRO FB 309 -27.26 51.10 70.71
CA PRO FB 309 -25.90 50.58 70.56
C PRO FB 309 -25.85 49.25 69.82
N LYS FB 310 -24.87 49.14 68.92
CA LYS FB 310 -24.60 47.97 68.12
C LYS FB 310 -23.43 47.15 68.63
N ARG FB 311 -22.27 47.75 68.84
CA ARG FB 311 -21.15 46.92 69.27
C ARG FB 311 -20.16 47.75 70.06
N LEU FB 312 -19.25 47.08 70.77
CA LEU FB 312 -18.22 47.79 71.50
C LEU FB 312 -16.92 46.99 71.54
N ASN FB 313 -15.83 47.73 71.62
CA ASN FB 313 -14.47 47.24 71.82
C ASN FB 313 -13.91 47.88 73.08
N PHE FB 314 -13.23 47.08 73.88
CA PHE FB 314 -12.62 47.52 75.12
C PHE FB 314 -11.14 47.15 75.05
N LYS FB 315 -10.28 48.11 75.37
CA LYS FB 315 -8.85 47.87 75.40
C LYS FB 315 -8.26 48.46 76.67
N LEU FB 316 -7.27 47.76 77.22
CA LEU FB 316 -6.55 48.15 78.41
C LEU FB 316 -5.07 48.08 78.08
N PHE FB 317 -4.36 49.19 78.19
CA PHE FB 317 -3.01 49.23 77.66
C PHE FB 317 -2.16 50.19 78.48
N ASN FB 318 -0.85 50.09 78.29
CA ASN FB 318 0.15 50.93 78.94
C ASN FB 318 0.09 50.81 80.45
N ILE FB 319 0.20 49.57 80.94
CA ILE FB 319 0.13 49.28 82.36
C ILE FB 319 1.43 49.70 83.03
N GLN FB 320 1.33 50.40 84.15
CA GLN FB 320 2.48 50.73 84.96
C GLN FB 320 2.16 50.42 86.41
N VAL FB 321 2.89 49.50 87.00
CA VAL FB 321 2.76 49.20 88.42
C VAL FB 321 3.80 50.01 89.18
N LYS FB 322 3.35 50.70 90.22
CA LYS FB 322 4.20 51.56 91.01
C LYS FB 322 4.23 51.08 92.46
N GLU FB 323 5.44 50.93 92.98
CA GLU FB 323 5.69 50.60 94.37
C GLU FB 323 5.81 51.87 95.20
N VAL FB 324 5.19 51.87 96.38
CA VAL FB 324 5.15 53.02 97.27
C VAL FB 324 5.74 52.65 98.62
N THR FB 325 6.69 53.46 99.10
CA THR FB 325 7.26 53.30 100.43
C THR FB 325 7.19 54.64 101.16
N THR FB 326 6.59 54.66 102.34
CA THR FB 326 6.56 55.87 103.16
C THR FB 326 7.46 55.65 104.38
N ASN FB 327 8.52 56.46 104.47
CA ASN FB 327 9.45 56.42 105.59
C ASN FB 327 9.63 57.81 106.16
N ASP FB 328 9.51 57.92 107.48
CA ASP FB 328 9.70 59.19 108.18
C ASP FB 328 8.80 60.29 107.62
N GLY FB 329 7.66 59.90 107.05
CA GLY FB 329 6.71 60.84 106.50
C GLY FB 329 6.90 61.17 105.04
N VAL FB 330 8.03 60.79 104.44
CA VAL FB 330 8.28 61.09 103.03
C VAL FB 330 8.02 59.83 102.21
N THR FB 331 7.42 60.02 101.03
CA THR FB 331 6.92 58.93 100.21
C THR FB 331 7.77 58.81 98.95
N THR FB 332 8.25 57.60 98.69
CA THR FB 332 8.98 57.26 97.48
C THR FB 332 8.11 56.36 96.61
N ILE FB 333 8.06 56.69 95.33
CA ILE FB 333 7.34 55.89 94.34
C ILE FB 333 8.36 55.43 93.31
N ALA FB 334 8.38 54.12 93.04
CA ALA FB 334 9.26 53.55 92.04
C ALA FB 334 8.46 52.68 91.09
N ASN FB 335 9.07 52.33 89.97
CA ASN FB 335 8.45 51.41 89.04
C ASN FB 335 8.72 49.98 89.47
N ASN FB 336 7.69 49.15 89.39
CA ASN FB 336 7.83 47.71 89.63
C ASN FB 336 7.62 47.03 88.28
N LEU FB 337 8.72 46.71 87.61
CA LEU FB 337 8.64 46.25 86.23
C LEU FB 337 8.14 44.82 86.11
N THR FB 338 8.17 44.04 87.19
CA THR FB 338 7.81 42.63 87.13
C THR FB 338 6.47 42.33 87.79
N SER FB 339 5.72 43.33 88.20
CA SER FB 339 4.43 43.11 88.81
C SER FB 339 3.33 43.04 87.76
N THR FB 340 2.21 42.42 88.14
CA THR FB 340 1.11 42.18 87.22
C THR FB 340 -0.19 42.75 87.74
N VAL FB 341 -1.09 43.04 86.81
CA VAL FB 341 -2.50 43.26 87.11
C VAL FB 341 -3.29 42.13 86.49
N GLN FB 342 -4.22 41.57 87.25
CA GLN FB 342 -5.14 40.56 86.76
C GLN FB 342 -6.39 41.24 86.24
N VAL FB 343 -6.80 40.89 85.02
CA VAL FB 343 -7.99 41.42 84.39
C VAL FB 343 -8.81 40.26 83.86
N PHE FB 344 -10.12 40.31 84.08
CA PHE FB 344 -10.99 39.36 83.40
C PHE FB 344 -12.34 40.00 83.15
N SER FB 345 -13.00 39.49 82.12
CA SER FB 345 -14.34 39.91 81.75
C SER FB 345 -15.32 38.81 82.15
N ASP FB 346 -16.41 39.19 82.83
CA ASP FB 346 -17.40 38.22 83.29
C ASP FB 346 -18.44 38.02 82.19
N SER FB 347 -18.01 37.32 81.15
CA SER FB 347 -18.81 37.19 79.93
C SER FB 347 -19.99 36.26 80.09
N GLU FB 348 -19.99 35.38 81.09
CA GLU FB 348 -21.10 34.46 81.31
C GLU FB 348 -22.03 34.93 82.41
N TYR FB 349 -21.82 36.13 82.94
CA TYR FB 349 -22.71 36.73 83.94
C TYR FB 349 -22.88 35.82 85.15
N GLN FB 350 -21.76 35.28 85.61
CA GLN FB 350 -21.74 34.41 86.77
C GLN FB 350 -21.57 35.16 88.08
N LEU FB 351 -21.32 36.44 88.01
CA LEU FB 351 -21.13 37.32 89.15
C LEU FB 351 -22.34 38.21 89.34
N PRO FB 352 -22.56 38.73 90.54
CA PRO FB 352 -23.58 39.77 90.71
C PRO FB 352 -23.24 40.99 89.87
N TYR FB 353 -24.24 41.49 89.14
CA TYR FB 353 -24.06 42.63 88.25
C TYR FB 353 -24.33 43.91 89.03
N VAL FB 354 -23.26 44.62 89.39
CA VAL FB 354 -23.42 45.86 90.14
C VAL FB 354 -23.45 47.08 89.22
N LEU FB 355 -23.15 46.92 87.95
CA LEU FB 355 -23.40 47.98 87.00
C LEU FB 355 -24.90 48.15 86.83
N GLY FB 356 -25.30 49.30 86.30
CA GLY FB 356 -26.71 49.56 86.15
C GLY FB 356 -27.42 49.99 87.41
N SER FB 357 -26.68 50.34 88.45
CA SER FB 357 -27.25 50.93 89.66
C SER FB 357 -26.88 52.40 89.81
N ALA FB 358 -26.34 53.01 88.75
CA ALA FB 358 -26.01 54.43 88.71
C ALA FB 358 -24.98 54.81 89.76
N HIS FB 359 -23.85 54.10 89.76
CA HIS FB 359 -22.79 54.33 90.73
C HIS FB 359 -21.72 55.24 90.15
N GLN FB 360 -20.99 55.88 91.05
CA GLN FB 360 -19.82 56.64 90.67
C GLN FB 360 -18.69 55.72 90.24
N GLY FB 361 -17.71 56.28 89.55
CA GLY FB 361 -16.57 55.49 89.13
C GLY FB 361 -16.50 55.23 87.65
N CYS FB 362 -17.41 55.82 86.87
CA CYS FB 362 -17.34 55.72 85.43
C CYS FB 362 -16.16 56.50 84.89
N LEU FB 363 -15.90 56.33 83.60
CA LEU FB 363 -14.94 57.20 82.94
C LEU FB 363 -15.43 58.64 83.03
N PRO FB 364 -14.55 59.59 83.35
CA PRO FB 364 -14.98 60.98 83.46
C PRO FB 364 -15.44 61.53 82.13
N PRO FB 365 -16.35 62.52 82.15
CA PRO FB 365 -16.81 63.10 80.87
C PRO FB 365 -15.70 63.77 80.09
N PHE FB 366 -14.78 64.45 80.77
CA PHE FB 366 -13.71 65.16 80.09
C PHE FB 366 -12.53 64.23 79.84
N PRO FB 367 -12.06 64.11 78.60
CA PRO FB 367 -11.00 63.14 78.29
C PRO FB 367 -9.68 63.42 78.98
N ALA FB 368 -9.46 64.63 79.49
CA ALA FB 368 -8.21 64.94 80.18
C ALA FB 368 -8.19 64.49 81.63
N ASP FB 369 -9.31 64.01 82.15
CA ASP FB 369 -9.39 63.70 83.57
C ASP FB 369 -8.89 62.29 83.84
N VAL FB 370 -8.17 62.13 84.94
CA VAL FB 370 -7.64 60.86 85.39
C VAL FB 370 -8.54 60.35 86.51
N PHE FB 371 -8.99 59.10 86.40
CA PHE FB 371 -9.99 58.59 87.32
C PHE FB 371 -9.50 57.38 88.07
N MET FB 372 -9.97 57.27 89.32
CA MET FB 372 -9.69 56.14 90.18
C MET FB 372 -10.71 55.04 89.91
N ILE FB 373 -10.24 53.81 89.93
CA ILE FB 373 -11.11 52.67 89.61
C ILE FB 373 -11.89 52.28 90.87
N PRO FB 374 -13.21 52.15 90.80
CA PRO FB 374 -14.01 51.83 91.98
C PRO FB 374 -13.87 50.38 92.42
N GLN FB 375 -14.05 50.17 93.72
CA GLN FB 375 -13.91 48.84 94.28
C GLN FB 375 -15.16 47.99 94.00
N TYR FB 376 -14.94 46.70 93.79
CA TYR FB 376 -16.04 45.78 93.56
C TYR FB 376 -16.55 45.21 94.88
N GLY FB 377 -17.86 45.19 95.02
CA GLY FB 377 -18.51 44.56 96.15
C GLY FB 377 -19.92 44.23 95.73
N TYR FB 378 -20.51 43.28 96.44
CA TYR FB 378 -21.86 42.86 96.11
C TYR FB 378 -22.63 42.60 97.39
N LEU FB 379 -23.94 42.51 97.25
CA LEU FB 379 -24.85 42.15 98.32
C LEU FB 379 -25.48 40.80 98.00
N THR FB 380 -25.82 40.06 99.04
CA THR FB 380 -26.47 38.78 98.89
C THR FB 380 -27.70 38.76 99.78
N LEU FB 381 -28.40 37.64 99.78
CA LEU FB 381 -29.62 37.51 100.58
C LEU FB 381 -29.32 37.77 102.04
N ASN FB 382 -30.16 38.57 102.69
CA ASN FB 382 -29.97 38.91 104.09
C ASN FB 382 -31.29 38.82 104.83
N ASN FB 383 -31.19 38.45 106.10
CA ASN FB 383 -32.30 38.41 107.05
C ASN FB 383 -31.95 39.39 108.15
N GLY FB 384 -32.26 40.66 107.92
CA GLY FB 384 -31.73 41.70 108.79
C GLY FB 384 -30.29 41.95 108.43
N SER FB 385 -29.42 41.97 109.44
CA SER FB 385 -28.00 42.07 109.20
C SER FB 385 -27.33 40.71 109.07
N GLN FB 386 -28.10 39.63 109.08
CA GLN FB 386 -27.58 38.28 109.01
C GLN FB 386 -27.74 37.73 107.60
N ALA FB 387 -27.08 36.60 107.36
CA ALA FB 387 -27.18 35.89 106.10
C ALA FB 387 -28.19 34.75 106.22
N VAL FB 388 -28.38 34.04 105.12
CA VAL FB 388 -29.20 32.84 105.10
C VAL FB 388 -28.39 31.72 104.45
N GLY FB 389 -29.00 30.55 104.33
CA GLY FB 389 -28.32 29.44 103.70
C GLY FB 389 -28.08 29.66 102.22
N ARG FB 390 -28.99 30.35 101.55
CA ARG FB 390 -28.90 30.59 100.12
C ARG FB 390 -28.11 31.85 99.79
N SER FB 391 -27.56 32.52 100.80
CA SER FB 391 -26.64 33.62 100.55
C SER FB 391 -25.39 33.10 99.86
N SER FB 392 -25.01 33.74 98.78
CA SER FB 392 -23.88 33.29 97.98
C SER FB 392 -22.62 34.07 98.32
N PHE FB 393 -21.49 33.41 98.11
CA PHE FB 393 -20.19 34.04 98.21
C PHE FB 393 -19.44 33.73 96.91
N TYR FB 394 -18.76 34.73 96.38
CA TYR FB 394 -18.04 34.59 95.13
C TYR FB 394 -16.59 34.99 95.35
N CYS FB 395 -15.68 34.05 95.16
CA CYS FB 395 -14.26 34.37 95.04
C CYS FB 395 -14.00 34.74 93.59
N LEU FB 396 -13.50 35.95 93.35
CA LEU FB 396 -13.20 36.37 92.00
C LEU FB 396 -11.87 35.82 91.51
N GLU FB 397 -11.04 35.29 92.39
CA GLU FB 397 -9.86 34.56 91.98
C GLU FB 397 -10.20 33.18 91.46
N TYR FB 398 -11.44 32.74 91.63
CA TYR FB 398 -11.93 31.49 91.08
C TYR FB 398 -12.33 31.61 89.62
N PHE FB 399 -11.85 32.63 88.93
CA PHE FB 399 -12.06 32.86 87.52
C PHE FB 399 -10.72 32.81 86.79
N PRO FB 400 -10.72 32.45 85.52
CA PRO FB 400 -9.50 32.65 84.70
C PRO FB 400 -9.28 34.13 84.44
N SER FB 401 -8.11 34.62 84.81
CA SER FB 401 -7.73 36.01 84.61
C SER FB 401 -6.53 36.06 83.68
N GLN FB 402 -6.42 37.15 82.94
CA GLN FB 402 -5.21 37.45 82.20
C GLN FB 402 -4.32 38.31 83.08
N MET FB 403 -3.07 37.88 83.23
CA MET FB 403 -2.07 38.61 84.01
C MET FB 403 -1.27 39.49 83.06
N LEU FB 404 -1.21 40.78 83.36
CA LEU FB 404 -0.60 41.77 82.50
C LEU FB 404 0.58 42.39 83.21
N ARG FB 405 1.76 42.26 82.61
CA ARG FB 405 2.92 43.03 83.03
C ARG FB 405 2.93 44.34 82.24
N THR FB 406 3.99 45.12 82.38
CA THR FB 406 3.97 46.47 81.82
C THR FB 406 3.99 46.48 80.30
N GLY FB 407 4.29 45.37 79.65
CA GLY FB 407 4.29 45.34 78.20
C GLY FB 407 3.09 44.70 77.57
N ASN FB 408 2.13 44.27 78.39
CA ASN FB 408 0.96 43.54 77.91
C ASN FB 408 -0.25 44.47 77.83
N ASN FB 409 -1.21 44.06 76.99
CA ASN FB 409 -2.50 44.73 76.90
C ASN FB 409 -3.61 43.71 76.93
N PHE FB 410 -4.83 44.21 77.03
CA PHE FB 410 -6.03 43.39 77.17
C PHE FB 410 -7.08 43.92 76.21
N THR FB 411 -7.69 43.05 75.42
CA THR FB 411 -8.73 43.45 74.49
C THR FB 411 -9.97 42.59 74.69
N PHE FB 412 -11.12 43.15 74.33
CA PHE FB 412 -12.37 42.43 74.51
C PHE FB 412 -13.43 43.05 73.61
N SER FB 413 -14.12 42.23 72.83
CA SER FB 413 -15.18 42.70 71.96
C SER FB 413 -16.53 42.20 72.44
N TYR FB 414 -17.57 42.98 72.17
CA TYR FB 414 -18.91 42.62 72.59
C TYR FB 414 -19.91 43.14 71.57
N THR FB 415 -20.94 42.34 71.30
CA THR FB 415 -22.02 42.73 70.41
C THR FB 415 -23.31 42.86 71.21
N PHE FB 416 -23.99 44.00 71.05
CA PHE FB 416 -25.27 44.20 71.70
C PHE FB 416 -26.35 43.36 71.02
N GLU FB 417 -27.29 42.89 71.83
CA GLU FB 417 -28.49 42.26 71.29
C GLU FB 417 -29.36 43.31 70.60
N GLU FB 418 -30.30 42.83 69.79
CA GLU FB 418 -31.20 43.73 69.07
C GLU FB 418 -32.17 44.33 70.08
N VAL FB 419 -31.87 45.54 70.53
CA VAL FB 419 -32.67 46.30 71.48
C VAL FB 419 -33.46 47.32 70.66
N PRO FB 420 -34.64 47.74 71.09
CA PRO FB 420 -35.33 48.81 70.37
C PRO FB 420 -34.59 50.14 70.45
N PHE FB 421 -34.75 50.94 69.40
CA PHE FB 421 -34.20 52.29 69.40
C PHE FB 421 -34.78 53.09 70.55
N HIS FB 422 -33.93 53.83 71.24
CA HIS FB 422 -34.42 54.87 72.11
C HIS FB 422 -34.98 56.01 71.29
N SER FB 423 -36.07 56.58 71.77
CA SER FB 423 -36.85 57.60 71.09
C SER FB 423 -36.28 58.98 71.39
N SER FB 424 -35.58 59.58 70.43
CA SER FB 424 -35.08 60.94 70.55
C SER FB 424 -36.08 61.96 70.06
N TYR FB 425 -37.37 61.66 70.16
CA TYR FB 425 -38.41 62.54 69.65
C TYR FB 425 -39.47 62.76 70.72
N ALA FB 426 -40.16 63.88 70.61
CA ALA FB 426 -41.44 64.12 71.25
C ALA FB 426 -42.56 63.89 70.23
N HIS FB 427 -43.78 63.86 70.73
CA HIS FB 427 -44.95 63.71 69.88
C HIS FB 427 -45.58 65.06 69.61
N SER FB 428 -45.93 65.30 68.35
CA SER FB 428 -46.60 66.54 67.95
C SER FB 428 -48.08 66.53 68.24
N GLN FB 429 -48.64 65.38 68.60
CA GLN FB 429 -50.04 65.26 68.94
C GLN FB 429 -50.18 64.68 70.33
N SER FB 430 -51.29 64.98 70.98
CA SER FB 430 -51.65 64.37 72.25
C SER FB 430 -52.57 63.19 71.99
N LEU FB 431 -52.57 62.26 72.94
CA LEU FB 431 -53.33 61.02 72.75
C LEU FB 431 -54.83 61.26 72.74
N ASP FB 432 -55.30 62.26 73.47
CA ASP FB 432 -56.71 62.60 73.49
C ASP FB 432 -57.08 63.62 72.43
N ARG FB 433 -56.21 63.85 71.45
CA ARG FB 433 -56.43 64.82 70.40
C ARG FB 433 -56.04 64.23 69.05
N LEU FB 434 -56.42 62.99 68.80
CA LEU FB 434 -56.02 62.28 67.59
C LEU FB 434 -57.11 62.31 66.52
N MET FB 435 -58.16 63.09 66.72
CA MET FB 435 -59.31 63.08 65.84
C MET FB 435 -59.20 64.18 64.78
N ASN FB 436 -60.04 64.07 63.77
CA ASN FB 436 -60.26 65.16 62.83
C ASN FB 436 -61.08 66.23 63.53
N PRO FB 437 -60.60 67.46 63.65
CA PRO FB 437 -61.35 68.51 64.34
C PRO FB 437 -62.46 69.14 63.51
N LEU FB 438 -62.72 68.64 62.30
CA LEU FB 438 -63.78 69.20 61.46
C LEU FB 438 -64.96 68.29 61.27
N ILE FB 439 -64.77 66.98 61.39
CA ILE FB 439 -65.80 65.99 61.09
C ILE FB 439 -66.37 65.44 62.39
N ASP FB 440 -67.67 65.18 62.39
CA ASP FB 440 -68.30 64.53 63.52
C ASP FB 440 -68.00 63.03 63.49
N GLN FB 441 -68.44 62.35 64.53
CA GLN FB 441 -68.34 60.90 64.60
C GLN FB 441 -69.67 60.27 64.22
N TYR FB 442 -69.63 58.97 63.94
CA TYR FB 442 -70.87 58.21 63.79
C TYR FB 442 -71.24 57.46 65.05
N LEU FB 443 -70.50 57.67 66.14
CA LEU FB 443 -70.74 57.03 67.41
C LEU FB 443 -71.44 58.00 68.35
N TYR FB 444 -72.42 57.50 69.08
CA TYR FB 444 -73.17 58.30 70.03
C TYR FB 444 -72.75 57.97 71.45
N TYR FB 445 -72.97 58.92 72.35
CA TYR FB 445 -72.68 58.74 73.75
C TYR FB 445 -73.83 59.31 74.56
N LEU FB 446 -74.01 58.82 75.77
CA LEU FB 446 -75.02 59.36 76.66
C LEU FB 446 -74.58 60.73 77.15
N ASN FB 447 -75.35 61.76 76.81
CA ASN FB 447 -74.98 63.14 77.10
C ASN FB 447 -75.72 63.71 78.30
N ARG FB 448 -77.02 63.44 78.41
CA ARG FB 448 -77.83 63.92 79.52
C ARG FB 448 -78.63 62.77 80.09
N THR FB 449 -78.73 62.71 81.42
CA THR FB 449 -79.71 61.87 82.09
C THR FB 449 -80.80 62.68 82.75
N GLN FB 450 -80.88 63.99 82.46
CA GLN FB 450 -81.95 64.85 82.91
C GLN FB 450 -82.42 65.69 81.74
N ASN FB 451 -83.61 66.27 81.88
CA ASN FB 451 -84.16 67.09 80.81
C ASN FB 451 -83.36 68.36 80.64
N GLN FB 452 -83.11 68.71 79.38
CA GLN FB 452 -82.28 69.88 79.08
C GLN FB 452 -83.01 71.19 79.32
N SER FB 453 -84.34 71.21 79.22
CA SER FB 453 -85.08 72.46 79.31
C SER FB 453 -84.90 73.13 80.67
N GLY FB 454 -85.01 72.35 81.75
CA GLY FB 454 -84.80 72.88 83.08
C GLY FB 454 -86.03 73.40 83.78
N SER FB 455 -87.13 73.63 83.05
CA SER FB 455 -88.37 74.06 83.69
C SER FB 455 -88.86 73.00 84.66
N ALA FB 456 -88.79 71.73 84.25
CA ALA FB 456 -88.93 70.60 85.15
C ALA FB 456 -87.57 69.93 85.33
N GLN FB 457 -87.48 69.07 86.33
CA GLN FB 457 -86.24 68.37 86.67
C GLN FB 457 -86.37 66.87 86.45
N ASN FB 458 -86.96 66.48 85.33
CA ASN FB 458 -87.23 65.08 85.07
C ASN FB 458 -85.99 64.38 84.48
N LYS FB 459 -85.90 63.08 84.72
CA LYS FB 459 -84.82 62.30 84.15
C LYS FB 459 -85.09 62.03 82.67
N ASP FB 460 -84.07 61.56 81.98
CA ASP FB 460 -84.18 61.24 80.57
C ASP FB 460 -82.97 60.39 80.16
N LEU FB 461 -82.92 60.06 78.87
CA LEU FB 461 -81.77 59.38 78.28
C LEU FB 461 -81.53 60.05 76.93
N LEU FB 462 -80.69 61.07 76.92
CA LEU FB 462 -80.42 61.87 75.73
C LEU FB 462 -79.02 61.57 75.23
N PHE FB 463 -78.90 61.26 73.95
CA PHE FB 463 -77.65 60.85 73.35
C PHE FB 463 -77.19 61.88 72.34
N SER FB 464 -75.89 62.17 72.35
CA SER FB 464 -75.31 63.11 71.42
C SER FB 464 -74.29 62.41 70.55
N ARG FB 465 -74.02 63.01 69.41
CA ARG FB 465 -73.01 62.53 68.47
C ARG FB 465 -71.65 63.12 68.81
N GLY FB 466 -70.61 62.31 68.67
CA GLY FB 466 -69.25 62.78 68.88
C GLY FB 466 -68.90 63.90 67.92
N SER FB 467 -68.65 65.09 68.46
CA SER FB 467 -68.45 66.29 67.68
C SER FB 467 -67.18 67.00 68.11
N PRO FB 468 -66.60 67.83 67.24
CA PRO FB 468 -65.42 68.61 67.63
C PRO FB 468 -65.69 69.62 68.73
N ALA FB 469 -66.95 69.97 69.00
CA ALA FB 469 -67.25 70.86 70.10
C ALA FB 469 -66.86 70.22 71.43
N GLY FB 470 -67.30 68.99 71.67
CA GLY FB 470 -66.87 68.27 72.84
C GLY FB 470 -65.92 67.16 72.48
N MET FB 471 -64.62 67.39 72.68
CA MET FB 471 -63.61 66.40 72.36
C MET FB 471 -63.29 65.50 73.53
N SER FB 472 -63.65 65.92 74.74
CA SER FB 472 -63.38 65.12 75.93
C SER FB 472 -64.32 63.93 76.06
N VAL FB 473 -65.49 63.98 75.43
CA VAL FB 473 -66.49 62.93 75.54
C VAL FB 473 -66.56 62.05 74.32
N GLN FB 474 -65.72 62.30 73.32
CA GLN FB 474 -65.71 61.47 72.13
C GLN FB 474 -65.16 60.09 72.47
N PRO FB 475 -65.78 59.02 71.94
CA PRO FB 475 -65.15 57.70 72.03
C PRO FB 475 -63.76 57.71 71.40
N LYS FB 476 -62.83 57.01 72.03
CA LYS FB 476 -61.45 56.97 71.58
C LYS FB 476 -60.96 55.53 71.59
N ASN FB 477 -59.80 55.31 70.98
CA ASN FB 477 -59.28 53.97 70.76
C ASN FB 477 -58.21 53.55 71.75
N TRP FB 478 -57.56 54.48 72.43
CA TRP FB 478 -56.39 54.17 73.24
C TRP FB 478 -56.49 54.85 74.59
N LEU FB 479 -55.64 54.41 75.51
CA LEU FB 479 -55.58 54.91 76.87
C LEU FB 479 -54.16 55.38 77.20
N PRO FB 480 -54.02 56.34 78.10
CA PRO FB 480 -52.68 56.74 78.56
C PRO FB 480 -52.04 55.63 79.37
N GLY FB 481 -50.71 55.66 79.41
CA GLY FB 481 -49.94 54.64 80.07
C GLY FB 481 -50.24 54.50 81.55
N PRO FB 482 -49.62 53.51 82.19
CA PRO FB 482 -49.88 53.26 83.61
C PRO FB 482 -49.28 54.34 84.48
N CYS FB 483 -49.80 54.45 85.69
CA CYS FB 483 -49.34 55.49 86.61
C CYS FB 483 -49.17 54.90 88.00
N TYR FB 484 -48.34 55.55 88.80
CA TYR FB 484 -48.17 55.27 90.22
C TYR FB 484 -47.88 56.58 90.92
N ARG FB 485 -48.92 57.20 91.46
CA ARG FB 485 -48.87 58.61 91.83
C ARG FB 485 -47.77 58.92 92.83
N GLN FB 486 -47.10 60.05 92.62
CA GLN FB 486 -46.06 60.56 93.49
C GLN FB 486 -46.56 61.81 94.20
N GLN FB 487 -45.82 62.22 95.22
CA GLN FB 487 -46.15 63.44 95.95
C GLN FB 487 -45.56 64.64 95.24
N ARG FB 488 -46.30 65.75 95.26
CA ARG FB 488 -45.94 66.94 94.51
C ARG FB 488 -45.16 67.88 95.41
N VAL FB 489 -43.92 68.17 95.01
CA VAL FB 489 -43.06 69.08 95.75
C VAL FB 489 -42.80 70.30 94.88
N SER FB 490 -42.89 71.48 95.48
CA SER FB 490 -42.62 72.72 94.77
C SER FB 490 -41.15 73.09 94.89
N LYS FB 491 -40.56 73.52 93.77
CA LYS FB 491 -39.20 74.03 93.78
C LYS FB 491 -39.08 75.31 94.59
N THR FB 492 -40.19 76.01 94.81
CA THR FB 492 -40.24 77.14 95.73
C THR FB 492 -40.62 76.62 97.10
N LYS FB 493 -39.67 76.65 98.04
CA LYS FB 493 -39.83 75.92 99.28
C LYS FB 493 -40.95 76.46 100.17
N THR FB 494 -41.38 77.71 99.98
CA THR FB 494 -42.42 78.26 100.84
C THR FB 494 -43.79 77.64 100.60
N ASP FB 495 -44.02 77.04 99.43
CA ASP FB 495 -45.31 76.43 99.15
C ASP FB 495 -45.39 74.97 99.57
N ASN FB 496 -44.34 74.43 100.16
CA ASN FB 496 -44.35 73.06 100.64
C ASN FB 496 -44.80 73.00 102.10
N ASN FB 497 -45.38 71.87 102.46
CA ASN FB 497 -45.85 71.66 103.82
C ASN FB 497 -44.68 71.72 104.80
N ASN FB 498 -44.95 72.23 106.00
CA ASN FB 498 -43.92 72.34 107.02
C ASN FB 498 -43.79 71.02 107.79
N SER FB 499 -43.16 70.06 107.13
CA SER FB 499 -42.84 68.77 107.71
C SER FB 499 -41.79 68.12 106.83
N ASN FB 500 -41.27 66.99 107.28
CA ASN FB 500 -40.27 66.30 106.47
C ASN FB 500 -40.92 65.54 105.32
N PHE FB 501 -41.71 64.52 105.64
CA PHE FB 501 -42.58 63.81 104.69
C PHE FB 501 -41.85 63.31 103.44
N THR FB 502 -40.52 63.31 103.45
CA THR FB 502 -39.77 62.68 102.38
C THR FB 502 -39.75 61.17 102.51
N TRP FB 503 -40.04 60.64 103.67
CA TRP FB 503 -40.18 59.20 103.84
C TRP FB 503 -41.60 58.81 104.22
N THR FB 504 -42.27 59.58 105.08
CA THR FB 504 -43.62 59.21 105.49
C THR FB 504 -44.64 59.46 104.39
N GLY FB 505 -44.42 60.45 103.53
CA GLY FB 505 -45.39 60.78 102.51
C GLY FB 505 -44.99 60.38 101.12
N ALA FB 506 -44.12 59.39 101.00
CA ALA FB 506 -43.54 59.03 99.72
C ALA FB 506 -44.06 57.69 99.22
N SER FB 507 -44.12 57.56 97.90
CA SER FB 507 -44.50 56.31 97.26
C SER FB 507 -43.37 55.30 97.42
N LYS FB 508 -43.67 54.18 98.06
CA LYS FB 508 -42.64 53.16 98.28
C LYS FB 508 -43.28 51.80 98.15
N TYR FB 509 -42.44 50.79 97.95
CA TYR FB 509 -42.92 49.43 97.80
C TYR FB 509 -42.39 48.55 98.93
N ASN FB 510 -43.15 47.50 99.20
CA ASN FB 510 -42.86 46.56 100.28
C ASN FB 510 -42.27 45.30 99.68
N LEU FB 511 -41.11 44.88 100.18
CA LEU FB 511 -40.45 43.67 99.70
C LEU FB 511 -39.79 42.96 100.86
N ASN FB 512 -40.31 41.79 101.22
CA ASN FB 512 -39.77 40.98 102.32
C ASN FB 512 -39.77 41.76 103.64
N GLY FB 513 -40.78 42.61 103.82
CA GLY FB 513 -40.96 43.32 105.06
C GLY FB 513 -40.25 44.64 105.17
N ARG FB 514 -39.43 45.03 104.20
CA ARG FB 514 -38.75 46.31 104.25
C ARG FB 514 -39.12 47.15 103.04
N GLU FB 515 -39.32 48.43 103.29
CA GLU FB 515 -39.85 49.37 102.30
C GLU FB 515 -38.71 50.02 101.53
N SER FB 516 -38.98 50.31 100.27
CA SER FB 516 -38.01 50.93 99.38
C SER FB 516 -38.72 52.01 98.58
N ILE FB 517 -38.12 53.21 98.53
CA ILE FB 517 -38.69 54.29 97.73
C ILE FB 517 -38.67 53.87 96.26
N ILE FB 518 -39.71 54.24 95.53
CA ILE FB 518 -39.82 53.83 94.13
C ILE FB 518 -38.67 54.45 93.33
N ASN FB 519 -38.66 55.78 93.20
CA ASN FB 519 -37.47 56.52 92.74
C ASN FB 519 -36.79 55.94 91.51
N PRO FB 520 -37.26 56.22 90.28
CA PRO FB 520 -38.33 57.13 89.92
C PRO FB 520 -39.60 56.42 89.45
N GLY FB 521 -39.50 55.11 89.24
CA GLY FB 521 -40.68 54.34 88.93
C GLY FB 521 -41.21 54.61 87.53
N THR FB 522 -42.53 54.63 87.42
CA THR FB 522 -43.19 54.73 86.12
C THR FB 522 -42.81 56.01 85.42
N ALA FB 523 -42.67 55.93 84.10
CA ALA FB 523 -42.31 57.09 83.28
C ALA FB 523 -43.55 57.95 83.13
N MET FB 524 -43.60 59.05 83.87
CA MET FB 524 -44.73 59.96 83.85
C MET FB 524 -44.24 61.39 83.70
N ALA FB 525 -45.14 62.26 83.26
CA ALA FB 525 -44.82 63.67 83.13
C ALA FB 525 -44.54 64.28 84.50
N SER FB 526 -43.50 65.12 84.56
CA SER FB 526 -43.13 65.74 85.82
C SER FB 526 -44.21 66.68 86.34
N HIS FB 527 -44.84 67.43 85.45
CA HIS FB 527 -45.84 68.40 85.85
C HIS FB 527 -46.79 68.62 84.67
N LYS FB 528 -47.77 69.49 84.88
CA LYS FB 528 -48.69 69.88 83.83
C LYS FB 528 -48.15 71.10 83.08
N ASP FB 529 -48.99 71.69 82.24
CA ASP FB 529 -48.66 72.95 81.61
C ASP FB 529 -48.70 74.07 82.63
N ASP FB 530 -47.76 75.01 82.52
CA ASP FB 530 -47.70 76.19 83.38
C ASP FB 530 -47.52 75.81 84.84
N GLU FB 531 -46.83 74.70 85.11
CA GLU FB 531 -46.63 74.20 86.45
C GLU FB 531 -45.21 73.71 86.64
N ASP FB 532 -44.25 74.38 86.01
CA ASP FB 532 -42.86 73.96 86.08
C ASP FB 532 -42.27 74.05 87.47
N LYS FB 533 -42.92 74.75 88.39
CA LYS FB 533 -42.46 74.88 89.76
C LYS FB 533 -42.62 73.62 90.59
N PHE FB 534 -43.33 72.61 90.08
CA PHE FB 534 -43.61 71.39 90.81
C PHE FB 534 -42.88 70.22 90.16
N PHE FB 535 -42.40 69.30 91.01
CA PHE FB 535 -41.84 68.05 90.54
C PHE FB 535 -42.28 66.94 91.47
N PRO FB 536 -42.39 65.71 90.97
CA PRO FB 536 -42.70 64.59 91.85
C PRO FB 536 -41.55 64.35 92.83
N MET FB 537 -41.91 63.94 94.05
CA MET FB 537 -40.93 63.91 95.13
C MET FB 537 -39.79 62.96 94.81
N SER FB 538 -40.09 61.80 94.25
CA SER FB 538 -39.06 60.85 93.85
C SER FB 538 -39.36 60.30 92.46
N GLY FB 539 -39.75 61.19 91.56
CA GLY FB 539 -40.12 60.76 90.22
C GLY FB 539 -39.21 61.29 89.14
N VAL FB 540 -38.17 62.01 89.53
CA VAL FB 540 -37.29 62.67 88.58
C VAL FB 540 -35.86 62.26 88.86
N MET FB 541 -35.05 62.23 87.80
CA MET FB 541 -33.63 62.01 87.94
C MET FB 541 -32.95 63.33 88.31
N ILE FB 542 -32.22 63.32 89.42
CA ILE FB 542 -31.58 64.52 89.93
C ILE FB 542 -30.08 64.31 89.85
N PHE FB 543 -29.41 65.15 89.07
CA PHE FB 543 -27.96 65.14 88.96
C PHE FB 543 -27.39 66.26 89.80
N GLY FB 544 -26.29 65.98 90.48
CA GLY FB 544 -25.61 66.98 91.27
C GLY FB 544 -24.60 67.74 90.43
N LYS FB 545 -24.54 69.05 90.65
CA LYS FB 545 -23.49 69.84 90.05
C LYS FB 545 -22.19 69.62 90.80
N GLU FB 546 -21.08 70.03 90.18
CA GLU FB 546 -19.83 70.04 90.92
C GLU FB 546 -19.93 71.03 92.06
N SER FB 547 -19.26 70.71 93.16
CA SER FB 547 -19.43 71.41 94.43
C SER FB 547 -20.82 71.19 95.01
N ALA FB 548 -21.32 69.97 94.91
CA ALA FB 548 -22.52 69.54 95.61
C ALA FB 548 -22.12 68.53 96.67
N GLY FB 549 -22.60 68.74 97.89
CA GLY FB 549 -22.26 67.85 98.97
C GLY FB 549 -22.90 66.48 98.81
N ALA FB 550 -22.44 65.54 99.62
CA ALA FB 550 -22.98 64.20 99.57
C ALA FB 550 -24.35 64.11 100.24
N SER FB 551 -24.57 64.89 101.29
CA SER FB 551 -25.81 64.82 102.06
C SER FB 551 -26.36 66.21 102.31
N ASN FB 552 -27.68 66.35 102.13
CA ASN FB 552 -28.40 67.58 102.43
C ASN FB 552 -27.83 68.79 101.70
N THR FB 553 -27.47 68.59 100.43
CA THR FB 553 -27.05 69.71 99.60
C THR FB 553 -28.27 70.52 99.17
N ALA FB 554 -28.02 71.58 98.41
CA ALA FB 554 -29.07 72.54 98.11
C ALA FB 554 -29.65 72.34 96.71
N LEU FB 555 -30.89 72.83 96.56
CA LEU FB 555 -31.53 72.87 95.26
C LEU FB 555 -30.69 73.61 94.25
N ASP FB 556 -29.91 74.58 94.71
CA ASP FB 556 -28.99 75.29 93.82
C ASP FB 556 -27.85 74.39 93.38
N ASN FB 557 -27.52 73.39 94.18
CA ASN FB 557 -26.41 72.49 93.85
C ASN FB 557 -26.85 71.26 93.09
N VAL FB 558 -28.15 71.01 92.99
CA VAL FB 558 -28.62 69.87 92.19
C VAL FB 558 -29.31 70.37 90.93
N MET FB 559 -29.35 69.49 89.92
CA MET FB 559 -30.07 69.72 88.67
C MET FB 559 -31.21 68.72 88.56
N ILE FB 560 -32.43 69.20 88.59
CA ILE FB 560 -33.61 68.35 88.50
C ILE FB 560 -34.03 68.24 87.04
N THR FB 561 -34.21 67.02 86.55
CA THR FB 561 -34.64 66.82 85.18
C THR FB 561 -36.13 67.06 85.05
N ASP FB 562 -36.59 67.14 83.81
CA ASP FB 562 -38.00 67.35 83.49
C ASP FB 562 -38.40 66.34 82.44
N GLU FB 563 -39.61 65.80 82.56
CA GLU FB 563 -40.19 64.87 81.61
C GLU FB 563 -41.40 65.49 80.93
N GLU FB 564 -41.24 66.74 80.51
CA GLU FB 564 -42.39 67.50 80.01
C GLU FB 564 -42.80 67.05 78.61
N GLU FB 565 -41.92 66.33 77.91
CA GLU FB 565 -42.20 65.98 76.51
C GLU FB 565 -43.14 64.81 76.38
N ILE FB 566 -43.37 64.04 77.44
CA ILE FB 566 -44.18 62.84 77.35
C ILE FB 566 -45.56 63.06 77.95
N LYS FB 567 -45.98 64.33 78.08
CA LYS FB 567 -47.36 64.63 78.45
C LYS FB 567 -48.35 64.17 77.41
N ALA FB 568 -47.91 63.93 76.17
CA ALA FB 568 -48.82 63.57 75.10
C ALA FB 568 -49.41 62.17 75.30
N THR FB 569 -48.69 61.29 75.98
CA THR FB 569 -49.14 59.91 76.16
C THR FB 569 -49.09 59.42 77.59
N ASN FB 570 -48.37 60.06 78.48
CA ASN FB 570 -48.19 59.57 79.84
C ASN FB 570 -48.93 60.45 80.83
N PRO FB 571 -49.48 59.86 81.90
CA PRO FB 571 -50.11 60.68 82.94
C PRO FB 571 -49.07 61.51 83.68
N VAL FB 572 -49.55 62.62 84.24
CA VAL FB 572 -48.67 63.45 85.07
C VAL FB 572 -48.39 62.73 86.38
N ALA FB 573 -47.12 62.76 86.79
CA ALA FB 573 -46.66 61.93 87.90
C ALA FB 573 -47.34 62.25 89.21
N THR FB 574 -47.76 63.49 89.42
CA THR FB 574 -48.29 63.93 90.70
C THR FB 574 -49.81 63.92 90.76
N GLU FB 575 -50.49 63.48 89.72
CA GLU FB 575 -51.94 63.46 89.69
C GLU FB 575 -52.48 62.07 89.38
N ARG FB 576 -53.75 61.90 89.67
CA ARG FB 576 -54.39 60.59 89.53
C ARG FB 576 -54.44 60.19 88.07
N PHE FB 577 -54.52 58.87 87.84
CA PHE FB 577 -54.77 58.38 86.50
C PHE FB 577 -56.14 58.83 86.01
N GLY FB 578 -57.12 58.80 86.89
CA GLY FB 578 -58.47 59.18 86.53
C GLY FB 578 -59.43 58.80 87.64
N THR FB 579 -60.71 58.81 87.29
CA THR FB 579 -61.76 58.41 88.21
C THR FB 579 -62.42 57.13 87.73
N VAL FB 580 -63.05 56.44 88.66
CA VAL FB 580 -63.71 55.17 88.39
C VAL FB 580 -65.02 55.15 89.17
N ALA FB 581 -66.04 54.53 88.59
CA ALA FB 581 -67.29 54.34 89.31
C ALA FB 581 -67.09 53.34 90.44
N VAL FB 582 -67.73 53.61 91.58
CA VAL FB 582 -67.54 52.78 92.77
C VAL FB 582 -68.83 52.27 93.36
N ASN FB 583 -69.98 52.53 92.73
CA ASN FB 583 -71.25 52.07 93.27
C ASN FB 583 -72.23 51.91 92.11
N PHE FB 584 -73.48 51.61 92.45
CA PHE FB 584 -74.59 51.57 91.50
C PHE FB 584 -75.50 52.76 91.78
N GLN FB 585 -75.68 53.61 90.78
CA GLN FB 585 -76.65 54.68 90.90
C GLN FB 585 -78.06 54.15 90.71
N SER FB 586 -78.99 54.71 91.45
CA SER FB 586 -80.38 54.28 91.38
C SER FB 586 -81.26 55.42 91.86
N SER FB 587 -82.55 55.31 91.53
CA SER FB 587 -83.56 56.25 91.98
C SER FB 587 -84.30 55.69 93.19
N SER FB 588 -84.98 56.57 93.90
CA SER FB 588 -85.78 56.16 95.04
C SER FB 588 -87.00 55.37 94.59
N THR FB 589 -87.41 54.41 95.42
CA THR FB 589 -88.57 53.59 95.11
C THR FB 589 -89.43 53.37 96.35
N VAL FB 592 -87.81 50.49 97.46
CA VAL FB 592 -86.53 50.80 98.08
C VAL FB 592 -86.32 52.30 98.13
N PRO FB 593 -86.89 52.95 99.14
CA PRO FB 593 -86.83 54.42 99.19
C PRO FB 593 -85.49 54.94 99.70
N PHE FB 594 -84.40 54.37 99.20
CA PHE FB 594 -83.05 54.81 99.53
C PHE FB 594 -82.34 55.13 98.22
N LYS FB 595 -82.49 56.38 97.77
CA LYS FB 595 -81.85 56.82 96.54
C LYS FB 595 -80.34 56.76 96.66
N THR FB 596 -79.68 56.27 95.62
CA THR FB 596 -78.22 56.14 95.60
C THR FB 596 -77.66 57.06 94.53
N ASP FB 597 -76.95 58.10 94.94
CA ASP FB 597 -76.25 58.95 93.99
C ASP FB 597 -75.05 58.21 93.41
N PRO FB 598 -74.72 58.45 92.14
CA PRO FB 598 -73.50 57.86 91.59
C PRO FB 598 -72.27 58.40 92.30
N ALA FB 599 -71.28 57.54 92.45
CA ALA FB 599 -70.07 57.88 93.19
C ALA FB 599 -68.84 57.44 92.41
N THR FB 600 -67.84 58.30 92.37
CA THR FB 600 -66.58 58.02 91.71
C THR FB 600 -65.45 58.12 92.73
N GLY FB 601 -64.37 57.39 92.45
CA GLY FB 601 -63.19 57.47 93.26
C GLY FB 601 -61.97 57.67 92.38
N ASP FB 602 -60.98 58.37 92.94
CA ASP FB 602 -59.75 58.64 92.22
C ASP FB 602 -58.89 57.38 92.12
N VAL FB 603 -58.30 57.19 90.96
CA VAL FB 603 -57.43 56.04 90.69
C VAL FB 603 -56.00 56.55 90.74
N HIS FB 604 -55.26 56.17 91.80
CA HIS FB 604 -53.93 56.72 92.03
C HIS FB 604 -52.84 55.83 91.48
N ALA FB 605 -53.03 54.51 91.51
CA ALA FB 605 -52.10 53.56 90.89
C ALA FB 605 -52.88 52.71 89.91
N MET FB 606 -52.47 52.73 88.66
CA MET FB 606 -53.14 52.01 87.59
C MET FB 606 -52.14 51.11 86.90
N GLY FB 607 -52.40 49.81 86.90
CA GLY FB 607 -51.59 48.88 86.15
C GLY FB 607 -51.94 48.88 84.69
N ALA FB 608 -51.24 48.04 83.94
CA ALA FB 608 -51.40 48.01 82.49
C ALA FB 608 -52.78 47.49 82.11
N LEU FB 609 -53.50 48.27 81.33
CA LEU FB 609 -54.76 47.90 80.69
C LEU FB 609 -54.53 47.74 79.19
N PRO FB 610 -55.23 46.82 78.54
CA PRO FB 610 -55.11 46.74 77.07
C PRO FB 610 -55.60 48.03 76.42
N GLY FB 611 -54.89 48.43 75.38
CA GLY FB 611 -55.10 49.71 74.75
C GLY FB 611 -54.24 50.83 75.29
N MET FB 612 -53.47 50.58 76.34
CA MET FB 612 -52.59 51.58 76.91
C MET FB 612 -51.37 51.79 76.02
N VAL FB 613 -50.96 53.06 75.89
CA VAL FB 613 -49.74 53.42 75.17
C VAL FB 613 -48.98 54.41 76.03
N TRP FB 614 -47.65 54.32 75.98
CA TRP FB 614 -46.82 55.19 76.82
C TRP FB 614 -45.46 55.36 76.18
N GLN FB 615 -44.74 56.36 76.67
CA GLN FB 615 -43.33 56.55 76.35
C GLN FB 615 -42.48 56.20 77.56
N ASP FB 616 -41.25 55.77 77.28
CA ASP FB 616 -40.31 55.46 78.34
C ASP FB 616 -39.62 56.73 78.82
N ARG FB 617 -38.84 56.60 79.88
CA ARG FB 617 -38.09 57.74 80.39
C ARG FB 617 -37.01 58.15 79.39
N ASP FB 618 -36.68 59.44 79.41
CA ASP FB 618 -35.63 59.96 78.55
C ASP FB 618 -34.25 59.57 79.08
N VAL FB 619 -33.29 59.54 78.17
CA VAL FB 619 -31.90 59.36 78.54
C VAL FB 619 -31.22 60.72 78.49
N TYR FB 620 -30.17 60.87 79.28
CA TYR FB 620 -29.46 62.13 79.40
C TYR FB 620 -27.98 61.91 79.15
N LEU FB 621 -27.28 62.98 78.80
CA LEU FB 621 -25.84 62.87 78.58
C LEU FB 621 -25.12 62.42 79.85
N GLN FB 622 -25.62 62.79 81.01
CA GLN FB 622 -25.04 62.40 82.29
C GLN FB 622 -25.64 61.11 82.84
N GLY FB 623 -26.58 60.50 82.15
CA GLY FB 623 -27.31 59.38 82.68
C GLY FB 623 -26.81 58.03 82.22
N PRO FB 624 -27.39 56.96 82.76
CA PRO FB 624 -26.96 55.61 82.40
C PRO FB 624 -27.39 55.23 80.99
N ILE FB 625 -26.64 54.31 80.40
CA ILE FB 625 -26.91 53.81 79.07
C ILE FB 625 -27.78 52.56 79.11
N TRP FB 626 -27.37 51.55 79.88
CA TRP FB 626 -28.03 50.26 79.88
C TRP FB 626 -28.24 49.77 81.30
N ALA FB 627 -28.96 48.66 81.40
CA ALA FB 627 -29.12 47.94 82.65
C ALA FB 627 -29.36 46.48 82.32
N LYS FB 628 -28.83 45.59 83.16
CA LYS FB 628 -29.12 44.17 83.03
C LYS FB 628 -30.54 43.87 83.46
N ILE FB 629 -31.30 43.21 82.61
CA ILE FB 629 -32.64 42.75 82.97
C ILE FB 629 -32.51 41.57 83.92
N PRO FB 630 -33.15 41.59 85.09
CA PRO FB 630 -33.02 40.48 86.02
C PRO FB 630 -33.47 39.17 85.40
N HIS FB 631 -32.75 38.10 85.72
CA HIS FB 631 -33.07 36.77 85.20
C HIS FB 631 -34.20 36.19 86.03
N THR FB 632 -35.42 36.53 85.64
CA THR FB 632 -36.64 36.11 86.32
C THR FB 632 -37.55 35.37 85.34
N ASP FB 633 -38.58 34.72 85.90
CA ASP FB 633 -39.56 34.05 85.06
C ASP FB 633 -40.35 35.04 84.22
N GLY FB 634 -40.76 36.16 84.81
CA GLY FB 634 -41.55 37.12 84.10
C GLY FB 634 -41.03 38.53 84.33
N HIS FB 635 -41.26 39.36 83.33
CA HIS FB 635 -41.01 40.79 83.42
C HIS FB 635 -41.88 41.49 82.40
N PHE FB 636 -42.39 42.66 82.76
CA PHE FB 636 -43.27 43.41 81.90
C PHE FB 636 -42.54 44.64 81.39
N HIS FB 637 -42.36 44.73 80.07
CA HIS FB 637 -41.71 45.85 79.41
C HIS FB 637 -40.36 46.15 80.05
N PRO FB 638 -39.37 45.29 79.87
CA PRO FB 638 -38.13 45.37 80.66
C PRO FB 638 -37.22 46.52 80.23
N SER FB 639 -37.76 47.72 80.30
CA SER FB 639 -37.00 48.94 80.09
C SER FB 639 -36.63 49.54 81.43
N PRO FB 640 -35.36 49.83 81.70
CA PRO FB 640 -34.96 50.28 83.03
C PRO FB 640 -35.68 51.57 83.41
N LEU FB 641 -36.01 51.68 84.70
CA LEU FB 641 -36.81 52.80 85.15
C LEU FB 641 -35.98 54.08 85.25
N MET FB 642 -34.66 53.96 85.37
CA MET FB 642 -33.82 55.15 85.29
C MET FB 642 -33.65 55.63 83.85
N GLY FB 643 -34.03 54.84 82.87
CA GLY FB 643 -33.86 55.19 81.48
C GLY FB 643 -32.71 54.42 80.86
N GLY FB 644 -32.83 54.16 79.58
CA GLY FB 644 -31.79 53.42 78.87
C GLY FB 644 -32.28 52.15 78.24
N PHE FB 645 -31.34 51.26 77.92
CA PHE FB 645 -31.62 50.01 77.25
C PHE FB 645 -31.53 48.87 78.27
N GLY FB 646 -32.59 48.09 78.36
CA GLY FB 646 -32.55 46.89 79.16
C GLY FB 646 -32.01 45.74 78.34
N LEU FB 647 -30.93 45.12 78.77
CA LEU FB 647 -30.29 44.05 78.02
C LEU FB 647 -30.29 42.79 78.86
N LYS FB 648 -30.68 41.67 78.25
CA LYS FB 648 -30.58 40.39 78.94
C LYS FB 648 -29.13 40.00 79.14
N ASN FB 649 -28.30 40.19 78.11
CA ASN FB 649 -26.85 40.00 78.21
C ASN FB 649 -26.21 41.38 78.01
N PRO FB 650 -26.05 42.16 79.06
CA PRO FB 650 -25.45 43.49 78.92
C PRO FB 650 -23.96 43.38 78.69
N PRO FB 651 -23.27 44.49 78.45
CA PRO FB 651 -21.81 44.45 78.44
C PRO FB 651 -21.28 43.90 79.75
N PRO FB 652 -20.42 42.90 79.70
CA PRO FB 652 -19.97 42.26 80.94
C PRO FB 652 -19.06 43.16 81.74
N GLN FB 653 -18.96 42.83 83.03
CA GLN FB 653 -18.08 43.57 83.93
C GLN FB 653 -16.64 43.19 83.68
N ILE FB 654 -15.78 44.19 83.56
CA ILE FB 654 -14.34 44.00 83.48
C ILE FB 654 -13.77 44.27 84.86
N LEU FB 655 -13.16 43.25 85.44
CA LEU FB 655 -12.65 43.31 86.80
C LEU FB 655 -11.13 43.24 86.77
N ILE FB 656 -10.51 44.11 87.56
CA ILE FB 656 -9.07 44.32 87.51
C ILE FB 656 -8.56 44.45 88.94
N LYS FB 657 -7.41 43.86 89.21
CA LYS FB 657 -6.78 44.09 90.50
C LYS FB 657 -5.28 43.93 90.37
N ASN FB 658 -4.55 44.49 91.32
CA ASN FB 658 -3.11 44.31 91.37
C ASN FB 658 -2.80 42.97 92.00
N THR FB 659 -1.93 42.20 91.36
CA THR FB 659 -1.51 40.95 91.96
C THR FB 659 -0.71 41.23 93.22
N PRO FB 660 -1.03 40.62 94.36
CA PRO FB 660 -0.29 40.91 95.58
C PRO FB 660 1.17 40.48 95.46
N VAL FB 661 2.06 41.33 95.97
CA VAL FB 661 3.49 41.04 96.04
C VAL FB 661 3.85 40.96 97.51
N PRO FB 662 4.16 39.77 98.04
CA PRO FB 662 4.49 39.66 99.46
C PRO FB 662 5.79 40.36 99.80
N ALA FB 663 5.86 40.83 101.04
CA ALA FB 663 7.10 41.38 101.57
C ALA FB 663 8.02 40.26 101.98
N ASN FB 664 9.08 40.59 102.71
CA ASN FB 664 10.10 39.62 103.07
C ASN FB 664 9.52 38.54 103.98
N PRO FB 665 9.56 37.27 103.60
CA PRO FB 665 9.03 36.21 104.46
C PRO FB 665 10.00 35.90 105.59
N PRO FB 666 9.53 35.24 106.64
CA PRO FB 666 10.43 34.86 107.73
C PRO FB 666 11.42 33.80 107.30
N ALA FB 667 12.51 33.68 108.07
CA ALA FB 667 13.52 32.67 107.79
C ALA FB 667 12.99 31.26 108.00
N GLU FB 668 12.19 31.06 109.05
CA GLU FB 668 11.53 29.79 109.31
C GLU FB 668 10.13 29.78 108.72
N PHE FB 669 9.68 28.58 108.37
CA PHE FB 669 8.39 28.42 107.72
C PHE FB 669 7.24 28.69 108.70
N SER FB 670 6.22 29.38 108.22
CA SER FB 670 5.01 29.63 108.97
C SER FB 670 3.81 29.37 108.06
N ALA FB 671 2.86 28.57 108.52
CA ALA FB 671 1.69 28.27 107.73
C ALA FB 671 0.63 29.37 107.79
N THR FB 672 0.79 30.32 108.70
CA THR FB 672 -0.11 31.46 108.74
C THR FB 672 -0.04 32.21 107.42
N LYS FB 673 -1.21 32.56 106.88
CA LYS FB 673 -1.25 33.20 105.58
C LYS FB 673 -0.58 34.57 105.63
N PHE FB 674 -0.03 34.97 104.49
CA PHE FB 674 0.73 36.21 104.42
C PHE FB 674 -0.18 37.40 104.69
N ALA FB 675 0.32 38.34 105.49
CA ALA FB 675 -0.38 39.58 105.77
C ALA FB 675 0.47 40.80 105.46
N SER FB 676 1.75 40.62 105.22
CA SER FB 676 2.67 41.72 104.90
C SER FB 676 2.90 41.72 103.40
N PHE FB 677 2.49 42.80 102.75
CA PHE FB 677 2.60 42.92 101.30
C PHE FB 677 3.33 44.20 100.95
N ILE FB 678 3.95 44.17 99.77
CA ILE FB 678 4.57 45.35 99.21
C ILE FB 678 3.48 46.26 98.70
N THR FB 679 3.47 47.50 99.16
CA THR FB 679 2.40 48.44 98.84
C THR FB 679 2.58 48.96 97.43
N GLN FB 680 1.56 48.77 96.59
CA GLN FB 680 1.69 49.22 95.21
C GLN FB 680 0.33 49.52 94.63
N TYR FB 681 0.35 50.30 93.55
CA TYR FB 681 -0.84 50.60 92.77
C TYR FB 681 -0.47 50.46 91.31
N SER FB 682 -1.45 50.68 90.43
CA SER FB 682 -1.18 50.62 89.00
C SER FB 682 -1.91 51.76 88.30
N THR FB 683 -1.40 52.11 87.14
CA THR FB 683 -1.99 53.14 86.30
C THR FB 683 -1.97 52.66 84.87
N GLY FB 684 -2.81 53.26 84.05
CA GLY FB 684 -2.82 52.85 82.66
C GLY FB 684 -3.85 53.62 81.87
N GLN FB 685 -4.06 53.16 80.64
CA GLN FB 685 -5.02 53.77 79.73
C GLN FB 685 -6.08 52.74 79.36
N VAL FB 686 -7.31 53.22 79.23
CA VAL FB 686 -8.45 52.39 78.88
C VAL FB 686 -9.15 53.04 77.69
N SER FB 687 -9.47 52.25 76.69
CA SER FB 687 -10.19 52.70 75.50
C SER FB 687 -11.50 51.93 75.38
N VAL FB 688 -12.58 52.65 75.12
CA VAL FB 688 -13.88 52.06 74.83
C VAL FB 688 -14.38 52.65 73.52
N GLU FB 689 -14.74 51.80 72.58
CA GLU FB 689 -15.28 52.21 71.30
C GLU FB 689 -16.66 51.57 71.13
N ILE FB 690 -17.69 52.40 70.98
CA ILE FB 690 -19.04 51.92 70.76
C ILE FB 690 -19.53 52.38 69.39
N GLU FB 691 -20.00 51.43 68.59
CA GLU FB 691 -20.77 51.71 67.40
C GLU FB 691 -22.25 51.77 67.76
N TRP FB 692 -22.90 52.85 67.37
CA TRP FB 692 -24.33 53.09 67.58
C TRP FB 692 -25.03 53.18 66.23
N GLU FB 693 -26.18 52.54 66.13
CA GLU FB 693 -27.06 52.67 64.99
C GLU FB 693 -28.03 53.82 65.21
N LEU FB 694 -28.19 54.64 64.18
CA LEU FB 694 -29.04 55.81 64.19
C LEU FB 694 -30.32 55.53 63.42
N GLN FB 695 -31.37 56.23 63.81
CA GLN FB 695 -32.66 56.19 63.13
C GLN FB 695 -32.99 57.63 62.79
N LYS FB 696 -32.83 57.96 61.50
CA LYS FB 696 -32.94 59.32 61.01
C LYS FB 696 -34.38 59.80 61.01
N GLU FB 697 -34.55 61.10 61.20
CA GLU FB 697 -35.87 61.71 61.04
C GLU FB 697 -36.27 61.65 59.58
N ASN FB 698 -37.57 61.48 59.34
CA ASN FB 698 -38.15 61.51 58.00
C ASN FB 698 -39.36 62.43 57.97
N SER FB 699 -39.26 63.57 58.65
CA SER FB 699 -40.42 64.38 58.95
C SER FB 699 -40.85 65.21 57.75
N LYS FB 700 -42.15 65.44 57.65
CA LYS FB 700 -42.72 66.34 56.66
C LYS FB 700 -43.23 67.62 57.29
N ARG FB 701 -42.82 67.89 58.53
CA ARG FB 701 -43.22 69.10 59.23
C ARG FB 701 -42.70 70.34 58.51
N TRP FB 702 -43.54 71.37 58.44
CA TRP FB 702 -43.20 72.57 57.70
C TRP FB 702 -42.42 73.57 58.54
N ASN FB 703 -42.93 73.91 59.72
CA ASN FB 703 -42.28 74.89 60.56
C ASN FB 703 -41.01 74.32 61.18
N PRO FB 704 -40.08 75.17 61.59
CA PRO FB 704 -38.83 74.67 62.17
C PRO FB 704 -39.05 73.96 63.49
N GLU FB 705 -38.17 73.01 63.77
CA GLU FB 705 -38.22 72.20 64.98
C GLU FB 705 -37.53 72.90 66.14
N VAL FB 706 -37.83 72.43 67.34
CA VAL FB 706 -37.10 72.84 68.53
C VAL FB 706 -35.78 72.06 68.57
N GLN FB 707 -34.69 72.78 68.76
CA GLN FB 707 -33.37 72.18 68.80
C GLN FB 707 -32.70 72.53 70.13
N TYR FB 708 -31.79 71.68 70.58
CA TYR FB 708 -30.94 72.05 71.68
C TYR FB 708 -29.86 72.99 71.17
N THR FB 709 -29.71 74.13 71.82
CA THR FB 709 -28.77 75.14 71.35
C THR FB 709 -28.00 75.72 72.53
N SER FB 710 -26.79 76.19 72.24
CA SER FB 710 -26.07 77.04 73.16
C SER FB 710 -26.72 78.42 73.19
N ASN FB 711 -26.66 79.05 74.36
CA ASN FB 711 -27.15 80.41 74.48
C ASN FB 711 -26.10 81.37 73.94
N TYR FB 712 -26.52 82.27 73.05
CA TYR FB 712 -25.64 83.33 72.54
C TYR FB 712 -25.81 84.51 73.48
N ALA FB 713 -24.77 84.81 74.23
CA ALA FB 713 -24.77 85.95 75.14
C ALA FB 713 -23.40 86.04 75.78
N LYS FB 714 -23.00 87.26 76.13
CA LYS FB 714 -21.77 87.42 76.87
C LYS FB 714 -21.92 86.76 78.23
N SER FB 715 -21.07 85.78 78.51
CA SER FB 715 -21.09 85.05 79.76
C SER FB 715 -19.68 84.94 80.28
N ALA FB 716 -19.54 84.86 81.61
CA ALA FB 716 -18.22 84.76 82.20
C ALA FB 716 -17.52 83.48 81.78
N ASN FB 717 -18.27 82.41 81.54
CA ASN FB 717 -17.73 81.13 81.12
C ASN FB 717 -18.49 80.61 79.91
N VAL FB 718 -17.92 79.63 79.25
CA VAL FB 718 -18.60 78.88 78.20
C VAL FB 718 -19.15 77.61 78.82
N ASP FB 719 -20.37 77.23 78.40
CA ASP FB 719 -21.00 76.03 78.94
C ASP FB 719 -20.24 74.78 78.48
N PHE FB 720 -20.19 73.80 79.37
CA PHE FB 720 -19.52 72.51 79.11
C PHE FB 720 -18.03 72.72 78.81
N THR FB 721 -17.39 73.55 79.61
CA THR FB 721 -15.96 73.79 79.49
C THR FB 721 -15.29 73.75 80.85
N VAL FB 722 -14.03 74.12 80.91
CA VAL FB 722 -13.30 74.23 82.16
C VAL FB 722 -13.34 75.67 82.61
N ASP FB 723 -13.13 75.90 83.90
CA ASP FB 723 -13.02 77.24 84.43
C ASP FB 723 -11.55 77.62 84.53
N ASN FB 724 -11.26 78.75 85.18
CA ASN FB 724 -9.87 79.17 85.34
C ASN FB 724 -9.09 78.27 86.28
N ASN FB 725 -9.77 77.43 87.07
CA ASN FB 725 -9.10 76.47 87.94
C ASN FB 725 -8.91 75.12 87.28
N GLY FB 726 -9.44 74.91 86.09
CA GLY FB 726 -9.29 73.65 85.40
C GLY FB 726 -10.37 72.64 85.67
N LEU FB 727 -11.50 73.04 86.23
CA LEU FB 727 -12.56 72.11 86.62
C LEU FB 727 -13.62 72.06 85.53
N TYR FB 728 -13.79 70.89 84.94
CA TYR FB 728 -14.84 70.69 83.95
C TYR FB 728 -16.19 70.59 84.64
N THR FB 729 -17.17 71.33 84.12
CA THR FB 729 -18.51 71.34 84.68
C THR FB 729 -19.53 71.20 83.56
N GLU FB 730 -20.66 70.59 83.88
CA GLU FB 730 -21.79 70.49 82.98
C GLU FB 730 -22.94 71.33 83.54
N PRO FB 731 -23.29 72.45 82.91
CA PRO FB 731 -24.28 73.36 83.50
C PRO FB 731 -25.68 72.78 83.68
N ARG FB 732 -26.11 71.89 82.79
CA ARG FB 732 -27.47 71.42 82.81
C ARG FB 732 -27.51 70.00 82.28
N PRO FB 733 -28.54 69.22 82.62
CA PRO FB 733 -28.74 67.92 81.98
C PRO FB 733 -29.45 68.09 80.64
N ILE FB 734 -28.95 67.40 79.62
CA ILE FB 734 -29.51 67.47 78.28
C ILE FB 734 -30.19 66.15 77.97
N GLY FB 735 -31.48 66.22 77.63
CA GLY FB 735 -32.21 65.05 77.18
C GLY FB 735 -32.04 64.81 75.70
N THR FB 736 -32.98 64.04 75.14
CA THR FB 736 -32.91 63.66 73.74
C THR FB 736 -34.09 64.14 72.91
N ARG FB 737 -35.22 64.44 73.54
CA ARG FB 737 -36.48 64.61 72.82
C ARG FB 737 -36.61 66.06 72.37
N TYR FB 738 -36.10 66.36 71.18
CA TYR FB 738 -36.20 67.71 70.62
C TYR FB 738 -36.96 67.69 69.30
N LEU FB 739 -36.59 66.79 68.40
CA LEU FB 739 -37.39 66.58 67.20
C LEU FB 739 -38.75 66.03 67.58
N THR FB 740 -39.71 66.14 66.67
CA THR FB 740 -41.05 65.66 66.93
C THR FB 740 -41.50 64.73 65.81
N ARG FB 741 -42.52 63.95 66.11
CA ARG FB 741 -43.18 63.11 65.11
C ARG FB 741 -44.63 62.97 65.50
N PRO FB 742 -45.51 62.71 64.53
CA PRO FB 742 -46.93 62.56 64.86
C PRO FB 742 -47.21 61.29 65.65
N LEU FB 743 -48.19 61.38 66.52
CA LEU FB 743 -48.50 60.28 67.44
C LEU FB 743 -49.18 59.12 66.72
N ASP GB 219 10.90 35.25 78.68
CA ASP GB 219 10.31 35.98 77.57
C ASP GB 219 10.41 37.49 77.75
N GLY GB 220 11.08 37.92 78.81
CA GLY GB 220 11.36 39.32 79.03
C GLY GB 220 10.92 39.78 80.42
N VAL GB 221 11.43 40.96 80.78
CA VAL GB 221 11.08 41.56 82.06
C VAL GB 221 9.64 42.06 82.06
N GLY GB 222 9.18 42.67 80.96
CA GLY GB 222 7.89 43.31 80.93
C GLY GB 222 6.78 42.49 80.32
N ASN GB 223 6.99 41.18 80.21
CA ASN GB 223 6.01 40.27 79.61
C ASN GB 223 5.70 39.19 80.62
N ALA GB 224 4.41 39.00 80.92
CA ALA GB 224 4.00 37.97 81.86
C ALA GB 224 4.17 36.60 81.24
N SER GB 225 4.66 35.64 82.04
CA SER GB 225 4.92 34.29 81.54
C SER GB 225 3.78 33.33 81.82
N GLY GB 226 2.66 33.80 82.33
CA GLY GB 226 1.51 32.94 82.51
C GLY GB 226 0.32 33.75 82.96
N ASN GB 227 -0.84 33.09 82.92
CA ASN GB 227 -2.10 33.69 83.29
C ASN GB 227 -2.68 32.98 84.50
N TRP GB 228 -3.67 33.61 85.12
CA TRP GB 228 -4.35 33.03 86.26
C TRP GB 228 -5.39 32.03 85.76
N HIS GB 229 -5.19 30.76 86.04
CA HIS GB 229 -6.08 29.69 85.63
C HIS GB 229 -6.63 29.02 86.89
N CYS GB 230 -7.77 29.50 87.37
CA CYS GB 230 -8.44 28.91 88.52
C CYS GB 230 -9.89 28.67 88.14
N ASP GB 231 -10.26 27.41 87.97
CA ASP GB 231 -11.54 27.07 87.34
C ASP GB 231 -11.87 25.64 87.72
N SER GB 232 -13.05 25.19 87.28
CA SER GB 232 -13.46 23.79 87.43
C SER GB 232 -14.44 23.48 86.32
N THR GB 233 -14.10 22.53 85.47
CA THR GB 233 -14.92 22.16 84.33
C THR GB 233 -15.45 20.75 84.55
N TRP GB 234 -16.76 20.60 84.44
CA TRP GB 234 -17.42 19.31 84.65
C TRP GB 234 -17.85 18.77 83.30
N LEU GB 235 -17.22 17.70 82.87
CA LEU GB 235 -17.64 16.97 81.68
C LEU GB 235 -18.54 15.83 82.13
N GLY GB 236 -18.87 14.92 81.22
CA GLY GB 236 -19.77 13.84 81.58
C GLY GB 236 -19.22 12.93 82.66
N ASP GB 237 -18.01 12.43 82.46
CA ASP GB 237 -17.39 11.51 83.40
C ASP GB 237 -16.06 12.01 83.95
N ARG GB 238 -15.65 13.21 83.60
CA ARG GB 238 -14.43 13.82 84.10
C ARG GB 238 -14.77 15.13 84.78
N VAL GB 239 -13.90 15.54 85.69
CA VAL GB 239 -13.89 16.91 86.18
C VAL GB 239 -12.44 17.38 86.18
N ILE GB 240 -12.21 18.57 85.64
CA ILE GB 240 -10.88 19.16 85.59
C ILE GB 240 -10.87 20.36 86.52
N THR GB 241 -10.02 20.30 87.54
CA THR GB 241 -9.89 21.37 88.52
C THR GB 241 -8.56 22.07 88.30
N THR GB 242 -8.59 23.38 88.15
CA THR GB 242 -7.39 24.21 88.02
C THR GB 242 -7.32 25.18 89.19
N SER GB 243 -6.13 25.35 89.75
CA SER GB 243 -5.92 26.22 90.88
C SER GB 243 -4.63 27.00 90.69
N THR GB 244 -4.72 28.32 90.79
CA THR GB 244 -3.56 29.20 90.80
C THR GB 244 -3.45 29.86 92.16
N ARG GB 245 -2.23 29.93 92.67
CA ARG GB 245 -1.94 30.57 93.95
C ARG GB 245 -0.69 31.41 93.82
N THR GB 246 -0.54 32.37 94.73
CA THR GB 246 0.64 33.19 94.82
C THR GB 246 1.50 32.70 95.97
N TRP GB 247 2.76 32.41 95.68
CA TRP GB 247 3.69 31.87 96.66
C TRP GB 247 4.84 32.83 96.92
N ALA GB 248 5.37 32.75 98.13
CA ALA GB 248 6.60 33.42 98.54
C ALA GB 248 7.59 32.37 99.03
N LEU GB 249 8.80 32.42 98.51
CA LEU GB 249 9.87 31.50 98.86
C LEU GB 249 11.01 32.29 99.48
N PRO GB 250 11.34 32.06 100.74
CA PRO GB 250 12.50 32.75 101.33
C PRO GB 250 13.80 31.99 101.10
N THR GB 251 14.88 32.49 101.68
CA THR GB 251 16.13 31.74 101.72
C THR GB 251 16.15 30.95 103.03
N TYR GB 252 16.36 29.64 102.91
CA TYR GB 252 16.35 28.75 104.06
C TYR GB 252 17.77 28.37 104.42
N ASN GB 253 18.08 28.44 105.72
CA ASN GB 253 19.35 27.99 106.29
C ASN GB 253 20.55 28.81 105.85
N ASN GB 254 20.33 29.99 105.27
CA ASN GB 254 21.39 30.77 104.65
C ASN GB 254 22.10 29.95 103.57
N HIS GB 255 21.33 29.25 102.75
CA HIS GB 255 21.82 28.45 101.63
C HIS GB 255 22.68 27.27 102.09
N LEU GB 256 22.45 26.80 103.31
CA LEU GB 256 23.28 25.76 103.90
C LEU GB 256 22.49 24.48 104.07
N TYR GB 257 23.19 23.35 103.96
CA TYR GB 257 22.67 22.05 104.37
C TYR GB 257 23.09 21.83 105.81
N LYS GB 258 22.15 21.55 106.68
CA LYS GB 258 22.44 21.38 108.09
C LYS GB 258 22.00 19.99 108.54
N GLN GB 259 22.81 19.39 109.40
CA GLN GB 259 22.48 18.10 110.00
C GLN GB 259 21.68 18.33 111.26
N ILE GB 260 20.51 17.73 111.36
CA ILE GB 260 19.62 17.91 112.49
C ILE GB 260 19.41 16.57 113.17
N SER GB 261 19.28 16.61 114.49
CA SER GB 261 19.02 15.41 115.29
C SER GB 261 18.33 15.84 116.58
N SER GB 262 18.13 14.89 117.47
CA SER GB 262 17.46 15.11 118.74
C SER GB 262 18.43 15.23 119.90
N ALA GB 263 19.74 15.26 119.62
CA ALA GB 263 20.73 15.26 120.70
C ALA GB 263 20.61 16.50 121.58
N SER GB 264 20.48 17.68 120.97
CA SER GB 264 20.29 18.88 121.76
C SER GB 264 18.89 18.96 122.33
N THR GB 265 17.90 18.38 121.64
CA THR GB 265 16.53 18.40 122.15
C THR GB 265 16.42 17.63 123.45
N GLY GB 266 17.15 16.53 123.59
CA GLY GB 266 17.01 15.70 124.78
C GLY GB 266 15.67 15.01 124.87
N ALA GB 267 15.20 14.45 123.77
CA ALA GB 267 13.89 13.82 123.71
C ALA GB 267 13.94 12.41 124.31
N SER GB 268 12.78 11.78 124.38
CA SER GB 268 12.70 10.40 124.81
C SER GB 268 13.19 9.47 123.69
N ASN GB 269 13.39 8.20 124.05
CA ASN GB 269 13.88 7.23 123.08
C ASN GB 269 12.93 7.08 121.90
N ASP GB 270 11.63 7.29 122.12
CA ASP GB 270 10.65 7.18 121.05
C ASP GB 270 10.70 8.33 120.07
N ASN GB 271 11.23 9.47 120.47
CA ASN GB 271 11.22 10.68 119.66
C ASN GB 271 12.59 11.02 119.08
N HIS GB 272 13.54 10.12 119.19
CA HIS GB 272 14.87 10.35 118.64
C HIS GB 272 14.83 10.35 117.12
N TYR GB 273 15.66 11.19 116.51
CA TYR GB 273 15.73 11.24 115.06
C TYR GB 273 17.08 11.77 114.62
N PHE GB 274 17.39 11.52 113.35
CA PHE GB 274 18.59 12.02 112.70
C PHE GB 274 18.22 12.33 111.26
N GLY GB 275 18.62 13.49 110.77
CA GLY GB 275 18.29 13.84 109.41
C GLY GB 275 19.01 15.08 108.95
N TYR GB 276 18.48 15.67 107.89
CA TYR GB 276 19.09 16.83 107.27
C TYR GB 276 18.05 17.86 106.90
N SER GB 277 18.44 19.12 107.02
CA SER GB 277 17.65 20.28 106.61
C SER GB 277 18.30 20.87 105.38
N THR GB 278 17.55 21.00 104.29
CA THR GB 278 18.14 21.55 103.09
C THR GB 278 17.73 23.01 102.91
N PRO GB 279 18.46 23.78 102.10
CA PRO GB 279 18.02 25.14 101.78
C PRO GB 279 16.88 25.21 100.77
N TRP GB 280 16.34 24.08 100.34
CA TRP GB 280 15.29 24.04 99.35
C TRP GB 280 13.91 24.08 100.01
N GLY GB 281 12.93 24.60 99.28
CA GLY GB 281 11.55 24.43 99.59
C GLY GB 281 10.91 23.50 98.58
N TYR GB 282 9.69 23.08 98.88
CA TYR GB 282 8.98 22.18 97.98
C TYR GB 282 7.54 22.66 97.81
N PHE GB 283 6.94 22.25 96.70
CA PHE GB 283 5.56 22.58 96.40
C PHE GB 283 4.67 21.41 96.78
N ASP GB 284 3.62 21.72 97.54
CA ASP GB 284 2.69 20.72 98.04
C ASP GB 284 1.27 21.09 97.64
N PHE GB 285 0.58 20.17 96.98
CA PHE GB 285 -0.83 20.34 96.68
C PHE GB 285 -1.55 19.02 96.96
N ASN GB 286 -1.22 18.40 98.09
CA ASN GB 286 -1.73 17.09 98.46
C ASN GB 286 -2.89 17.20 99.45
N ARG GB 287 -3.76 18.17 99.28
CA ARG GB 287 -5.02 18.24 99.99
C ARG GB 287 -6.13 18.50 98.99
N PHE GB 288 -7.34 18.04 99.32
CA PHE GB 288 -8.42 18.12 98.35
C PHE GB 288 -8.92 19.55 98.16
N HIS GB 289 -8.80 20.39 99.19
CA HIS GB 289 -9.28 21.76 99.07
C HIS GB 289 -8.29 22.66 98.33
N CYS GB 290 -7.10 22.17 98.00
CA CYS GB 290 -6.23 22.89 97.07
C CYS GB 290 -6.80 22.87 95.66
N HIS GB 291 -7.75 21.99 95.39
CA HIS GB 291 -8.28 21.79 94.05
C HIS GB 291 -9.78 21.96 93.96
N PHE GB 292 -10.53 21.63 95.00
CA PHE GB 292 -11.99 21.71 94.99
C PHE GB 292 -12.44 22.85 95.87
N SER GB 293 -13.31 23.71 95.35
CA SER GB 293 -14.07 24.59 96.20
C SER GB 293 -15.08 23.77 96.98
N PRO GB 294 -15.60 24.28 98.09
CA PRO GB 294 -16.65 23.53 98.79
C PRO GB 294 -17.87 23.24 97.94
N ARG GB 295 -18.25 24.15 97.05
CA ARG GB 295 -19.34 23.88 96.12
C ARG GB 295 -19.01 22.73 95.18
N ASP GB 296 -17.78 22.71 94.64
CA ASP GB 296 -17.37 21.63 93.76
C ASP GB 296 -17.31 20.31 94.50
N TRP GB 297 -16.84 20.33 95.74
CA TRP GB 297 -16.81 19.12 96.55
C TRP GB 297 -18.21 18.59 96.80
N GLN GB 298 -19.16 19.47 97.11
CA GLN GB 298 -20.53 19.05 97.30
C GLN GB 298 -21.11 18.48 96.01
N ARG GB 299 -20.83 19.13 94.88
CA ARG GB 299 -21.30 18.63 93.60
C ARG GB 299 -20.73 17.25 93.30
N LEU GB 300 -19.48 17.01 93.65
CA LEU GB 300 -18.88 15.70 93.45
C LEU GB 300 -19.50 14.64 94.34
N ILE GB 301 -19.59 14.92 95.64
CA ILE GB 301 -19.98 13.90 96.60
C ILE GB 301 -21.47 13.63 96.61
N ASN GB 302 -22.29 14.57 96.15
CA ASN GB 302 -23.72 14.35 96.11
C ASN GB 302 -24.17 13.60 94.87
N ASN GB 303 -23.29 13.42 93.89
CA ASN GB 303 -23.69 12.90 92.60
C ASN GB 303 -22.88 11.74 92.11
N ASN GB 304 -21.71 11.48 92.69
CA ASN GB 304 -20.83 10.45 92.16
C ASN GB 304 -20.65 9.32 93.16
N TRP GB 305 -20.63 8.10 92.65
CA TRP GB 305 -20.34 6.93 93.47
C TRP GB 305 -18.85 6.74 93.70
N GLY GB 306 -18.02 7.31 92.86
CA GLY GB 306 -16.59 7.20 93.11
C GLY GB 306 -15.81 8.18 92.27
N PHE GB 307 -14.53 8.33 92.62
CA PHE GB 307 -13.70 9.21 91.81
C PHE GB 307 -12.24 8.85 91.98
N ARG GB 308 -11.41 9.28 91.03
CA ARG GB 308 -9.98 9.04 91.12
C ARG GB 308 -9.26 10.04 90.23
N PRO GB 309 -7.97 10.30 90.47
CA PRO GB 309 -7.22 11.21 89.60
C PRO GB 309 -6.60 10.53 88.39
N LYS GB 310 -6.70 11.20 87.25
CA LYS GB 310 -6.18 10.76 85.97
C LYS GB 310 -4.89 11.45 85.59
N ARG GB 311 -4.84 12.78 85.61
CA ARG GB 311 -3.60 13.42 85.17
C ARG GB 311 -3.47 14.79 85.82
N LEU GB 312 -2.26 15.34 85.75
CA LEU GB 312 -2.05 16.69 86.28
C LEU GB 312 -1.01 17.43 85.47
N ASN GB 313 -1.17 18.76 85.46
CA ASN GB 313 -0.23 19.72 84.92
C ASN GB 313 0.18 20.68 86.01
N PHE GB 314 1.46 21.01 86.06
CA PHE GB 314 2.01 21.93 87.03
C PHE GB 314 2.73 23.02 86.27
N LYS GB 315 2.48 24.26 86.64
CA LYS GB 315 3.14 25.40 86.02
C LYS GB 315 3.60 26.36 87.09
N LEU GB 316 4.76 26.96 86.86
CA LEU GB 316 5.38 27.94 87.74
C LEU GB 316 5.72 29.15 86.89
N PHE GB 317 5.17 30.31 87.21
CA PHE GB 317 5.28 31.43 86.30
C PHE GB 317 5.29 32.74 87.08
N ASN GB 318 5.70 33.81 86.39
CA ASN GB 318 5.75 35.17 86.93
C ASN GB 318 6.68 35.25 88.13
N ILE GB 319 7.91 34.83 87.92
CA ILE GB 319 8.92 34.83 88.98
C ILE GB 319 9.40 36.25 89.22
N GLN GB 320 9.47 36.65 90.49
CA GLN GB 320 10.05 37.93 90.88
C GLN GB 320 10.98 37.69 92.04
N VAL GB 321 12.26 37.97 91.84
CA VAL GB 321 13.24 37.90 92.92
C VAL GB 321 13.39 39.29 93.51
N LYS GB 322 13.31 39.38 94.83
CA LYS GB 322 13.38 40.64 95.55
C LYS GB 322 14.57 40.63 96.49
N GLU GB 323 15.37 41.68 96.40
CA GLU GB 323 16.49 41.94 97.30
C GLU GB 323 16.03 42.76 98.50
N VAL GB 324 16.49 42.38 99.69
CA VAL GB 324 16.10 43.01 100.95
C VAL GB 324 17.33 43.54 101.66
N THR GB 325 17.30 44.82 102.06
CA THR GB 325 18.35 45.42 102.87
C THR GB 325 17.72 46.09 104.07
N THR GB 326 18.17 45.74 105.27
CA THR GB 326 17.71 46.40 106.49
C THR GB 326 18.85 47.24 107.04
N ASN GB 327 18.64 48.56 107.09
CA ASN GB 327 19.60 49.51 107.64
C ASN GB 327 18.91 50.40 108.66
N ASP GB 328 19.53 50.53 109.83
CA ASP GB 328 19.03 51.40 110.90
C ASP GB 328 17.59 51.06 111.26
N GLY GB 329 17.19 49.81 111.04
CA GLY GB 329 15.86 49.35 111.36
C GLY GB 329 14.84 49.47 110.25
N VAL GB 330 15.16 50.20 109.17
CA VAL GB 330 14.23 50.36 108.06
C VAL GB 330 14.64 49.42 106.93
N THR GB 331 13.64 48.83 106.28
CA THR GB 331 13.84 47.77 105.30
C THR GB 331 13.50 48.27 103.91
N THR GB 332 14.43 48.07 102.99
CA THR GB 332 14.25 48.38 101.57
C THR GB 332 14.15 47.09 100.79
N ILE GB 333 13.16 47.02 99.91
CA ILE GB 333 12.99 45.88 99.01
C ILE GB 333 13.10 46.40 97.59
N ALA GB 334 13.93 45.76 96.78
CA ALA GB 334 14.10 46.13 95.39
C ALA GB 334 13.96 44.88 94.53
N ASN GB 335 13.80 45.09 93.23
CA ASN GB 335 13.77 43.98 92.29
C ASN GB 335 15.19 43.60 91.90
N ASN GB 336 15.44 42.30 91.85
CA ASN GB 336 16.71 41.77 91.36
C ASN GB 336 16.40 41.08 90.04
N LEU GB 337 16.63 41.80 88.93
CA LEU GB 337 16.18 41.32 87.63
C LEU GB 337 17.04 40.19 87.09
N THR GB 338 18.24 39.98 87.61
CA THR GB 338 19.15 38.99 87.08
C THR GB 338 19.32 37.78 87.97
N SER GB 339 18.54 37.66 89.03
CA SER GB 339 18.64 36.51 89.92
C SER GB 339 17.73 35.38 89.43
N THR GB 340 18.05 34.16 89.88
CA THR GB 340 17.36 32.97 89.43
C THR GB 340 16.80 32.18 90.60
N VAL GB 341 15.76 31.42 90.30
CA VAL GB 341 15.29 30.34 91.17
C VAL GB 341 15.55 29.02 90.45
N GLN GB 342 16.10 28.05 91.18
CA GLN GB 342 16.29 26.71 90.65
C GLN GB 342 15.08 25.87 91.01
N VAL GB 343 14.52 25.18 90.00
CA VAL GB 343 13.37 24.32 90.17
C VAL GB 343 13.68 22.98 89.53
N PHE GB 344 13.35 21.90 90.22
CA PHE GB 344 13.40 20.60 89.56
C PHE GB 344 12.33 19.69 90.13
N SER GB 345 11.93 18.72 89.32
CA SER GB 345 10.96 17.71 89.71
C SER GB 345 11.70 16.39 89.91
N ASP GB 346 11.44 15.73 91.03
CA ASP GB 346 12.11 14.47 91.35
C ASP GB 346 11.32 13.32 90.75
N SER GB 347 11.39 13.22 89.42
CA SER GB 347 10.55 12.30 88.67
C SER GB 347 10.95 10.84 88.83
N GLU GB 348 12.18 10.57 89.25
CA GLU GB 348 12.65 9.20 89.44
C GLU GB 348 12.61 8.75 90.89
N TYR GB 349 12.05 9.58 91.78
CA TYR GB 349 11.87 9.24 93.19
C TYR GB 349 13.19 8.82 93.83
N GLN GB 350 14.22 9.59 93.56
CA GLN GB 350 15.55 9.35 94.11
C GLN GB 350 15.76 10.05 95.44
N LEU GB 351 14.84 10.86 95.87
CA LEU GB 351 14.88 11.60 97.12
C LEU GB 351 13.89 11.00 98.11
N PRO GB 352 14.11 11.22 99.40
CA PRO GB 352 13.08 10.85 100.37
C PRO GB 352 11.79 11.61 100.11
N TYR GB 353 10.68 10.88 100.12
CA TYR GB 353 9.37 11.46 99.82
C TYR GB 353 8.75 11.94 101.12
N VAL GB 354 8.77 13.26 101.34
CA VAL GB 354 8.18 13.81 102.56
C VAL GB 354 6.74 14.24 102.37
N LEU GB 355 6.24 14.23 101.14
CA LEU GB 355 4.81 14.41 100.94
C LEU GB 355 4.10 13.16 101.42
N GLY GB 356 2.80 13.28 101.65
CA GLY GB 356 2.06 12.15 102.17
C GLY GB 356 2.22 11.92 103.65
N SER GB 357 2.77 12.87 104.39
CA SER GB 357 2.82 12.82 105.84
C SER GB 357 1.90 13.85 106.47
N ALA GB 358 1.03 14.47 105.68
CA ALA GB 358 0.03 15.44 106.16
C ALA GB 358 0.66 16.66 106.80
N HIS GB 359 1.57 17.29 106.06
CA HIS GB 359 2.28 18.45 106.56
C HIS GB 359 1.62 19.75 106.10
N GLN GB 360 1.88 20.80 106.85
CA GLN GB 360 1.47 22.14 106.44
C GLN GB 360 2.30 22.61 105.26
N GLY GB 361 1.82 23.65 104.58
CA GLY GB 361 2.55 24.19 103.46
C GLY GB 361 1.93 23.93 102.11
N CYS GB 362 0.75 23.31 102.08
CA CYS GB 362 0.04 23.12 100.83
C CYS GB 362 -0.48 24.45 100.30
N LEU GB 363 -0.99 24.43 99.08
CA LEU GB 363 -1.71 25.58 98.57
C LEU GB 363 -2.91 25.85 99.47
N PRO GB 364 -3.16 27.11 99.82
CA PRO GB 364 -4.30 27.42 100.69
C PRO GB 364 -5.62 27.09 100.03
N PRO GB 365 -6.65 26.77 100.81
CA PRO GB 365 -7.96 26.47 100.19
C PRO GB 365 -8.55 27.66 99.44
N PHE GB 366 -8.37 28.86 99.95
CA PHE GB 366 -8.94 30.05 99.33
C PHE GB 366 -7.99 30.59 98.26
N PRO GB 367 -8.45 30.77 97.03
CA PRO GB 367 -7.54 31.20 95.95
C PRO GB 367 -6.94 32.56 96.15
N ALA GB 368 -7.49 33.40 97.02
CA ALA GB 368 -6.94 34.73 97.25
C ALA GB 368 -5.78 34.73 98.23
N ASP GB 369 -5.48 33.60 98.87
CA ASP GB 369 -4.47 33.57 99.91
C ASP GB 369 -3.07 33.38 99.31
N VAL GB 370 -2.11 34.08 99.89
CA VAL GB 370 -0.72 33.99 99.49
C VAL GB 370 0.01 33.12 100.50
N PHE GB 371 0.75 32.12 100.02
CA PHE GB 371 1.32 31.14 100.92
C PHE GB 371 2.83 31.09 100.82
N MET GB 372 3.45 30.81 101.96
CA MET GB 372 4.89 30.63 102.06
C MET GB 372 5.24 29.19 101.73
N ILE GB 373 6.34 29.00 101.02
CA ILE GB 373 6.74 27.67 100.59
C ILE GB 373 7.50 26.97 101.73
N PRO GB 374 7.12 25.75 102.10
CA PRO GB 374 7.77 25.07 103.22
C PRO GB 374 9.16 24.57 102.89
N GLN GB 375 10.00 24.49 103.91
CA GLN GB 375 11.37 24.04 103.73
C GLN GB 375 11.44 22.54 103.59
N TYR GB 376 12.38 22.07 102.76
CA TYR GB 376 12.58 20.64 102.57
C TYR GB 376 13.59 20.11 103.59
N GLY GB 377 13.26 18.98 104.18
CA GLY GB 377 14.16 18.27 105.05
C GLY GB 377 13.73 16.84 105.10
N TYR GB 378 14.64 15.97 105.48
CA TYR GB 378 14.33 14.56 105.52
C TYR GB 378 15.01 13.93 106.73
N LEU GB 379 14.56 12.73 107.06
CA LEU GB 379 15.14 11.93 108.11
C LEU GB 379 15.77 10.70 107.49
N THR GB 380 16.81 10.19 108.14
CA THR GB 380 17.49 8.98 107.69
C THR GB 380 17.60 8.04 108.87
N LEU GB 381 18.22 6.88 108.63
CA LEU GB 381 18.37 5.88 109.68
C LEU GB 381 19.11 6.46 110.87
N ASN GB 382 18.58 6.21 112.06
CA ASN GB 382 19.16 6.72 113.28
C ASN GB 382 19.23 5.63 114.34
N ASN GB 383 20.26 5.71 115.17
CA ASN GB 383 20.44 4.86 116.34
C ASN GB 383 20.43 5.79 117.55
N GLY GB 384 19.24 6.09 118.03
CA GLY GB 384 19.11 7.15 119.01
C GLY GB 384 19.19 8.48 118.31
N SER GB 385 20.03 9.37 118.80
CA SER GB 385 20.29 10.64 118.13
C SER GB 385 21.46 10.55 117.16
N GLN GB 386 22.04 9.37 116.99
CA GLN GB 386 23.19 9.17 116.13
C GLN GB 386 22.77 8.58 114.79
N ALA GB 387 23.70 8.58 113.86
CA ALA GB 387 23.50 7.99 112.55
C ALA GB 387 24.10 6.59 112.51
N VAL GB 388 23.98 5.93 111.38
CA VAL GB 388 24.61 4.65 111.13
C VAL GB 388 25.35 4.73 109.80
N GLY GB 389 25.97 3.62 109.41
CA GLY GB 389 26.68 3.59 108.15
C GLY GB 389 25.76 3.71 106.95
N ARG GB 390 24.57 3.15 107.04
CA ARG GB 390 23.61 3.15 105.96
C ARG GB 390 22.73 4.39 105.96
N SER GB 391 22.96 5.32 106.87
CA SER GB 391 22.29 6.60 106.81
C SER GB 391 22.71 7.35 105.56
N SER GB 392 21.73 7.85 104.82
CA SER GB 392 21.99 8.50 103.55
C SER GB 392 22.01 10.02 103.70
N PHE GB 393 22.75 10.65 102.83
CA PHE GB 393 22.76 12.10 102.69
C PHE GB 393 22.51 12.42 101.23
N TYR GB 394 21.68 13.42 100.98
CA TYR GB 394 21.31 13.81 99.62
C TYR GB 394 21.61 15.29 99.46
N CYS GB 395 22.52 15.60 98.54
CA CYS GB 395 22.66 16.97 98.06
C CYS GB 395 21.65 17.17 96.95
N LEU GB 396 20.77 18.15 97.10
CA LEU GB 396 19.79 18.42 96.07
C LEU GB 396 20.36 19.25 94.93
N GLU GB 397 21.53 19.85 95.11
CA GLU GB 397 22.25 20.47 94.01
C GLU GB 397 22.89 19.45 93.09
N TYR GB 398 22.91 18.18 93.50
CA TYR GB 398 23.40 17.09 92.68
C TYR GB 398 22.35 16.59 91.70
N PHE GB 399 21.34 17.40 91.42
CA PHE GB 399 20.30 17.13 90.44
C PHE GB 399 20.37 18.18 89.33
N PRO GB 400 19.93 17.84 88.12
CA PRO GB 400 19.72 18.87 87.10
C PRO GB 400 18.52 19.74 87.45
N SER GB 401 18.74 21.04 87.54
CA SER GB 401 17.70 22.00 87.86
C SER GB 401 17.52 22.95 86.67
N GLN GB 402 16.31 23.45 86.51
CA GLN GB 402 16.06 24.54 85.59
C GLN GB 402 16.20 25.85 86.36
N MET GB 403 17.02 26.75 85.83
CA MET GB 403 17.23 28.06 86.41
C MET GB 403 16.30 29.05 85.73
N LEU GB 404 15.50 29.76 86.53
CA LEU GB 404 14.46 30.64 86.04
C LEU GB 404 14.78 32.06 86.45
N ARG GB 405 14.93 32.94 85.47
CA ARG GB 405 14.95 34.37 85.73
C ARG GB 405 13.52 34.89 85.65
N THR GB 406 13.35 36.21 85.73
CA THR GB 406 12.01 36.76 85.88
C THR GB 406 11.14 36.57 84.63
N GLY GB 407 11.72 36.20 83.50
CA GLY GB 407 10.93 36.01 82.29
C GLY GB 407 10.67 34.56 81.95
N ASN GB 408 11.15 33.63 82.77
CA ASN GB 408 11.04 32.21 82.51
C ASN GB 408 9.90 31.58 83.29
N ASN GB 409 9.42 30.44 82.79
CA ASN GB 409 8.44 29.64 83.49
C ASN GB 409 8.87 28.18 83.47
N PHE GB 410 8.15 27.38 84.23
CA PHE GB 410 8.45 25.96 84.43
C PHE GB 410 7.16 25.17 84.27
N THR GB 411 7.20 24.12 83.46
CA THR GB 411 6.03 23.28 83.27
C THR GB 411 6.39 21.82 83.51
N PHE GB 412 5.38 21.03 83.90
CA PHE GB 412 5.62 19.63 84.18
C PHE GB 412 4.29 18.89 84.13
N SER GB 413 4.25 17.78 83.38
CA SER GB 413 3.06 16.97 83.28
C SER GB 413 3.27 15.62 83.95
N TYR GB 414 2.18 15.05 84.45
CA TYR GB 414 2.25 13.77 85.14
C TYR GB 414 0.96 13.01 84.90
N THR GB 415 1.08 11.71 84.72
CA THR GB 415 -0.06 10.82 84.56
C THR GB 415 -0.14 9.88 85.75
N PHE GB 416 -1.31 9.81 86.38
CA PHE GB 416 -1.52 8.88 87.47
C PHE GB 416 -1.62 7.45 86.95
N GLU GB 417 -1.12 6.51 87.75
CA GLU GB 417 -1.34 5.11 87.48
C GLU GB 417 -2.80 4.76 87.70
N GLU GB 418 -3.21 3.60 87.17
CA GLU GB 418 -4.58 3.15 87.33
C GLU GB 418 -4.79 2.73 88.77
N VAL GB 419 -5.36 3.63 89.56
CA VAL GB 419 -5.66 3.40 90.97
C VAL GB 419 -7.15 3.11 91.05
N PRO GB 420 -7.62 2.34 92.03
CA PRO GB 420 -9.07 2.14 92.17
C PRO GB 420 -9.78 3.44 92.54
N PHE GB 421 -11.04 3.53 92.11
CA PHE GB 421 -11.88 4.65 92.50
C PHE GB 421 -12.03 4.68 94.02
N HIS GB 422 -11.93 5.88 94.58
CA HIS GB 422 -12.39 6.06 95.95
C HIS GB 422 -13.90 6.00 95.98
N SER GB 423 -14.42 5.38 97.04
CA SER GB 423 -15.84 5.11 97.22
C SER GB 423 -16.52 6.30 97.86
N SER GB 424 -17.29 7.05 97.08
CA SER GB 424 -18.08 8.15 97.60
C SER GB 424 -19.47 7.70 98.03
N TYR GB 425 -19.61 6.45 98.45
CA TYR GB 425 -20.90 5.89 98.82
C TYR GB 425 -20.81 5.23 100.18
N ALA GB 426 -21.95 5.14 100.84
CA ALA GB 426 -22.20 4.23 101.94
C ALA GB 426 -22.95 3.02 101.43
N HIS GB 427 -23.06 2.01 102.28
CA HIS GB 427 -23.80 0.80 101.95
C HIS GB 427 -25.19 0.86 102.56
N SER GB 428 -26.19 0.50 101.78
CA SER GB 428 -27.57 0.45 102.24
C SER GB 428 -27.88 -0.80 103.03
N GLN GB 429 -26.99 -1.79 103.02
CA GLN GB 429 -27.17 -3.02 103.76
C GLN GB 429 -25.99 -3.22 104.69
N SER GB 430 -26.22 -3.95 105.77
CA SER GB 430 -25.17 -4.37 106.66
C SER GB 430 -24.71 -5.78 106.28
N LEU GB 431 -23.47 -6.09 106.63
CA LEU GB 431 -22.89 -7.36 106.21
C LEU GB 431 -23.56 -8.55 106.87
N ASP GB 432 -24.06 -8.38 108.09
CA ASP GB 432 -24.76 -9.45 108.78
C ASP GB 432 -26.26 -9.44 108.50
N ARG GB 433 -26.70 -8.71 107.49
CA ARG GB 433 -28.11 -8.58 107.14
C ARG GB 433 -28.28 -8.69 105.63
N LEU GB 434 -27.61 -9.65 105.01
CA LEU GB 434 -27.63 -9.81 103.57
C LEU GB 434 -28.60 -10.89 103.10
N MET GB 435 -29.42 -11.40 104.00
CA MET GB 435 -30.29 -12.53 103.72
C MET GB 435 -31.68 -12.06 103.30
N ASN GB 436 -32.44 -12.98 102.73
CA ASN GB 436 -33.87 -12.78 102.54
C ASN GB 436 -34.55 -12.89 103.88
N PRO GB 437 -35.26 -11.87 104.35
CA PRO GB 437 -35.92 -11.93 105.66
C PRO GB 437 -37.22 -12.71 105.67
N LEU GB 438 -37.62 -13.34 104.57
CA LEU GB 438 -38.85 -14.10 104.52
C LEU GB 438 -38.65 -15.59 104.41
N ILE GB 439 -37.53 -16.03 103.85
CA ILE GB 439 -37.30 -17.44 103.54
C ILE GB 439 -36.33 -18.01 104.57
N ASP GB 440 -36.55 -19.27 104.94
CA ASP GB 440 -35.63 -19.98 105.79
C ASP GB 440 -34.41 -20.44 105.00
N GLN GB 441 -33.44 -21.00 105.71
CA GLN GB 441 -32.28 -21.59 105.09
C GLN GB 441 -32.45 -23.09 104.99
N TYR GB 442 -31.61 -23.72 104.18
CA TYR GB 442 -31.52 -25.17 104.18
C TYR GB 442 -30.36 -25.67 105.01
N LEU GB 443 -29.68 -24.78 105.71
CA LEU GB 443 -28.55 -25.13 106.56
C LEU GB 443 -28.98 -25.14 108.01
N TYR GB 444 -28.51 -26.14 108.76
CA TYR GB 444 -28.83 -26.27 110.16
C TYR GB 444 -27.64 -25.86 111.01
N TYR GB 445 -27.93 -25.48 112.25
CA TYR GB 445 -26.91 -25.12 113.21
C TYR GB 445 -27.27 -25.75 114.55
N LEU GB 446 -26.27 -25.97 115.39
CA LEU GB 446 -26.51 -26.47 116.73
C LEU GB 446 -27.14 -25.37 117.56
N ASN GB 447 -28.36 -25.59 118.03
CA ASN GB 447 -29.13 -24.58 118.75
C ASN GB 447 -29.11 -24.78 120.25
N ARG GB 448 -29.28 -26.02 120.71
CA ARG GB 448 -29.29 -26.35 122.13
C ARG GB 448 -28.35 -27.51 122.38
N THR GB 449 -27.59 -27.44 123.47
CA THR GB 449 -26.91 -28.60 124.01
C THR GB 449 -27.51 -29.07 125.31
N GLN GB 450 -28.67 -28.56 125.69
CA GLN GB 450 -29.44 -29.02 126.83
C GLN GB 450 -30.89 -29.20 126.42
N ASN GB 451 -31.64 -29.94 127.24
CA ASN GB 451 -33.04 -30.17 126.93
C ASN GB 451 -33.84 -28.88 127.06
N GLN GB 452 -34.73 -28.67 126.09
CA GLN GB 452 -35.52 -27.44 126.05
C GLN GB 452 -36.61 -27.41 127.10
N SER GB 453 -37.12 -28.58 127.53
CA SER GB 453 -38.26 -28.61 128.43
C SER GB 453 -37.95 -27.96 129.77
N GLY GB 454 -36.79 -28.27 130.35
CA GLY GB 454 -36.36 -27.66 131.59
C GLY GB 454 -36.78 -28.39 132.85
N SER GB 455 -37.72 -29.33 132.76
CA SER GB 455 -38.09 -30.11 133.94
C SER GB 455 -36.90 -30.92 134.44
N ALA GB 456 -36.14 -31.51 133.52
CA ALA GB 456 -34.82 -32.05 133.80
C ALA GB 456 -33.78 -31.15 133.15
N GLN GB 457 -32.53 -31.35 133.55
CA GLN GB 457 -31.40 -30.56 133.06
C GLN GB 457 -30.42 -31.42 132.26
N ASN GB 458 -30.95 -32.28 131.39
CA ASN GB 458 -30.12 -33.20 130.64
C ASN GB 458 -29.52 -32.54 129.42
N LYS GB 459 -28.37 -33.05 128.99
CA LYS GB 459 -27.75 -32.56 127.78
C LYS GB 459 -28.45 -33.13 126.55
N ASP GB 460 -28.15 -32.55 125.39
CA ASP GB 460 -28.73 -33.00 124.13
C ASP GB 460 -27.93 -32.40 122.99
N LEU GB 461 -28.38 -32.69 121.77
CA LEU GB 461 -27.82 -32.10 120.55
C LEU GB 461 -29.02 -31.76 119.66
N LEU GB 462 -29.52 -30.55 119.80
CA LEU GB 462 -30.70 -30.09 119.09
C LEU GB 462 -30.31 -29.09 118.03
N PHE GB 463 -30.75 -29.31 116.80
CA PHE GB 463 -30.36 -28.50 115.66
C PHE GB 463 -31.56 -27.74 115.12
N SER GB 464 -31.36 -26.48 114.77
CA SER GB 464 -32.40 -25.65 114.22
C SER GB 464 -32.02 -25.21 112.82
N ARG GB 465 -33.04 -24.85 112.05
CA ARG GB 465 -32.86 -24.33 110.71
C ARG GB 465 -32.68 -22.82 110.74
N GLY GB 466 -31.80 -22.32 109.88
CA GLY GB 466 -31.61 -20.90 109.76
C GLY GB 466 -32.88 -20.19 109.34
N SER GB 467 -33.40 -19.33 110.20
CA SER GB 467 -34.69 -18.69 110.03
C SER GB 467 -34.56 -17.19 110.23
N PRO GB 468 -35.50 -16.41 109.67
CA PRO GB 468 -35.47 -14.97 109.90
C PRO GB 468 -35.71 -14.56 111.35
N ALA GB 469 -36.25 -15.46 112.18
CA ALA GB 469 -36.39 -15.15 113.59
C ALA GB 469 -35.04 -14.93 114.25
N GLY GB 470 -34.12 -15.87 114.07
CA GLY GB 470 -32.76 -15.67 114.54
C GLY GB 470 -31.80 -15.42 113.40
N MET GB 471 -31.46 -14.16 113.18
CA MET GB 471 -30.55 -13.78 112.10
C MET GB 471 -29.10 -13.78 112.54
N SER GB 472 -28.85 -13.72 113.84
CA SER GB 472 -27.49 -13.72 114.37
C SER GB 472 -26.82 -15.08 114.28
N VAL GB 473 -27.60 -16.16 114.23
CA VAL GB 473 -27.06 -17.51 114.23
C VAL GB 473 -27.10 -18.16 112.86
N GLN GB 474 -27.60 -17.45 111.85
CA GLN GB 474 -27.62 -17.99 110.51
C GLN GB 474 -26.19 -18.13 109.97
N PRO GB 475 -25.89 -19.24 109.29
CA PRO GB 475 -24.62 -19.31 108.55
C PRO GB 475 -24.54 -18.19 107.51
N LYS GB 476 -23.35 -17.63 107.38
CA LYS GB 476 -23.11 -16.50 106.48
C LYS GB 476 -21.85 -16.76 105.67
N ASN GB 477 -21.65 -15.94 104.65
CA ASN GB 477 -20.59 -16.17 103.68
C ASN GB 477 -19.36 -15.29 103.89
N TRP GB 478 -19.48 -14.20 104.62
CA TRP GB 478 -18.40 -13.21 104.71
C TRP GB 478 -18.20 -12.79 106.15
N LEU GB 479 -17.07 -12.13 106.39
CA LEU GB 479 -16.66 -11.66 107.70
C LEU GB 479 -16.36 -10.16 107.65
N PRO GB 480 -16.54 -9.45 108.77
CA PRO GB 480 -16.15 -8.05 108.82
C PRO GB 480 -14.64 -7.89 108.75
N GLY GB 481 -14.21 -6.73 108.30
CA GLY GB 481 -12.81 -6.45 108.10
C GLY GB 481 -11.96 -6.57 109.35
N PRO GB 482 -10.66 -6.42 109.20
CA PRO GB 482 -9.76 -6.56 110.34
C PRO GB 482 -9.89 -5.41 111.31
N CYS GB 483 -9.45 -5.65 112.55
CA CYS GB 483 -9.59 -4.64 113.59
C CYS GB 483 -8.31 -4.57 114.40
N TYR GB 484 -8.07 -3.42 115.03
CA TYR GB 484 -7.00 -3.22 115.99
C TYR GB 484 -7.52 -2.25 117.04
N ARG GB 485 -8.02 -2.79 118.14
CA ARG GB 485 -8.87 -2.02 119.05
C ARG GB 485 -8.18 -0.78 119.59
N GLN GB 486 -8.94 0.31 119.67
CA GLN GB 486 -8.50 1.58 120.23
C GLN GB 486 -9.21 1.83 121.54
N GLN GB 487 -8.71 2.81 122.28
CA GLN GB 487 -9.33 3.21 123.54
C GLN GB 487 -10.45 4.20 123.28
N ARG GB 488 -11.52 4.08 124.06
CA ARG GB 488 -12.73 4.85 123.84
C ARG GB 488 -12.69 6.11 124.70
N VAL GB 489 -12.73 7.26 124.05
CA VAL GB 489 -12.72 8.55 124.73
C VAL GB 489 -14.05 9.23 124.46
N SER GB 490 -14.63 9.81 125.51
CA SER GB 490 -15.88 10.53 125.39
C SER GB 490 -15.62 12.00 125.10
N LYS GB 491 -16.39 12.55 124.17
CA LYS GB 491 -16.32 13.99 123.89
C LYS GB 491 -16.79 14.81 125.08
N THR GB 492 -17.58 14.21 125.97
CA THR GB 492 -17.93 14.82 127.25
C THR GB 492 -16.88 14.43 128.28
N LYS GB 493 -16.07 15.40 128.70
CA LYS GB 493 -14.87 15.09 129.46
C LYS GB 493 -15.15 14.48 130.83
N THR GB 494 -16.35 14.68 131.39
CA THR GB 494 -16.62 14.17 132.72
C THR GB 494 -16.73 12.65 132.76
N ASP GB 495 -17.01 12.00 131.63
CA ASP GB 495 -17.12 10.54 131.59
C ASP GB 495 -15.80 9.85 131.34
N ASN GB 496 -14.72 10.58 131.19
CA ASN GB 496 -13.41 9.99 130.96
C ASN GB 496 -12.70 9.77 132.29
N ASN GB 497 -11.82 8.78 132.30
CA ASN GB 497 -11.06 8.46 133.50
C ASN GB 497 -10.16 9.63 133.89
N ASN GB 498 -9.97 9.80 135.19
CA ASN GB 498 -9.14 10.89 135.70
C ASN GB 498 -7.66 10.48 135.69
N SER GB 499 -7.11 10.48 134.49
CA SER GB 499 -5.68 10.24 134.28
C SER GB 499 -5.35 10.71 132.87
N ASN GB 500 -4.06 10.68 132.54
CA ASN GB 500 -3.67 11.12 131.21
C ASN GB 500 -3.95 10.03 130.17
N PHE GB 501 -3.25 8.91 130.27
CA PHE GB 501 -3.53 7.68 129.52
C PHE GB 501 -3.61 7.91 128.00
N THR GB 502 -3.18 9.07 127.52
CA THR GB 502 -3.05 9.27 126.08
C THR GB 502 -1.83 8.58 125.51
N TRP GB 503 -0.86 8.24 126.32
CA TRP GB 503 0.28 7.46 125.89
C TRP GB 503 0.33 6.10 126.54
N THR GB 504 0.01 5.99 127.83
CA THR GB 504 0.07 4.70 128.50
C THR GB 504 -1.07 3.78 128.10
N GLY GB 505 -2.23 4.33 127.75
CA GLY GB 505 -3.38 3.50 127.44
C GLY GB 505 -3.72 3.46 125.97
N ALA GB 506 -2.75 3.74 125.11
CA ALA GB 506 -3.00 3.89 123.69
C ALA GB 506 -2.45 2.73 122.89
N SER GB 507 -3.11 2.44 121.76
CA SER GB 507 -2.64 1.43 120.83
C SER GB 507 -1.41 1.95 120.09
N LYS GB 508 -0.30 1.26 120.22
CA LYS GB 508 0.93 1.69 119.59
C LYS GB 508 1.68 0.47 119.10
N TYR GB 509 2.62 0.69 118.19
CA TYR GB 509 3.41 -0.39 117.64
C TYR GB 509 4.88 -0.20 117.97
N ASN GB 510 5.59 -1.32 118.02
CA ASN GB 510 7.00 -1.35 118.37
C ASN GB 510 7.83 -1.53 117.10
N LEU GB 511 8.79 -0.66 116.89
CA LEU GB 511 9.65 -0.73 115.71
C LEU GB 511 11.07 -0.33 116.11
N ASN GB 512 11.99 -1.29 116.06
CA ASN GB 512 13.39 -1.06 116.41
C ASN GB 512 13.54 -0.50 117.82
N GLY GB 513 12.67 -0.95 118.72
CA GLY GB 513 12.78 -0.59 120.11
C GLY GB 513 12.07 0.66 120.54
N ARG GB 514 11.49 1.43 119.62
CA ARG GB 514 10.77 2.63 119.96
C ARG GB 514 9.33 2.54 119.49
N GLU GB 515 8.43 3.01 120.34
CA GLU GB 515 7.00 2.87 120.15
C GLU GB 515 6.43 4.05 119.38
N SER GB 516 5.41 3.79 118.58
CA SER GB 516 4.76 4.81 117.77
C SER GB 516 3.26 4.60 117.86
N ILE GB 517 2.51 5.67 118.13
CA ILE GB 517 1.06 5.58 118.16
C ILE GB 517 0.57 5.20 116.78
N ILE GB 518 -0.47 4.37 116.73
CA ILE GB 518 -0.98 3.90 115.44
C ILE GB 518 -1.53 5.07 114.64
N ASN GB 519 -2.61 5.71 115.11
CA ASN GB 519 -3.05 7.01 114.63
C ASN GB 519 -3.07 7.17 113.11
N PRO GB 520 -4.11 6.73 112.41
CA PRO GB 520 -5.37 6.17 112.93
C PRO GB 520 -5.50 4.67 112.70
N GLY GB 521 -4.61 4.10 111.91
CA GLY GB 521 -4.58 2.66 111.75
C GLY GB 521 -5.74 2.14 110.91
N THR GB 522 -6.25 0.99 111.33
CA THR GB 522 -7.27 0.28 110.57
C THR GB 522 -8.52 1.14 110.42
N ALA GB 523 -9.15 1.04 109.25
CA ALA GB 523 -10.37 1.78 108.97
C ALA GB 523 -11.52 1.10 109.69
N MET GB 524 -11.95 1.68 110.80
CA MET GB 524 -13.03 1.13 111.61
C MET GB 524 -14.04 2.21 111.93
N ALA GB 525 -15.24 1.78 112.29
CA ALA GB 525 -16.28 2.71 112.69
C ALA GB 525 -15.89 3.43 113.98
N SER GB 526 -16.14 4.74 114.01
CA SER GB 526 -15.78 5.54 115.18
C SER GB 526 -16.56 5.12 116.42
N HIS GB 527 -17.84 4.80 116.26
CA HIS GB 527 -18.69 4.44 117.39
C HIS GB 527 -19.81 3.56 116.88
N LYS GB 528 -20.68 3.16 117.79
CA LYS GB 528 -21.87 2.39 117.46
C LYS GB 528 -23.03 3.34 117.19
N ASP GB 529 -24.24 2.78 117.07
CA ASP GB 529 -25.44 3.58 116.99
C ASP GB 529 -25.73 4.22 118.34
N ASP GB 530 -26.20 5.47 118.31
CA ASP GB 530 -26.59 6.20 119.52
C ASP GB 530 -25.42 6.37 120.48
N GLU GB 531 -24.21 6.49 119.95
CA GLU GB 531 -23.01 6.59 120.76
C GLU GB 531 -22.05 7.63 120.16
N ASP GB 532 -22.60 8.70 119.59
CA ASP GB 532 -21.79 9.71 118.94
C ASP GB 532 -20.88 10.46 119.90
N LYS GB 533 -21.12 10.35 121.20
CA LYS GB 533 -20.29 11.01 122.21
C LYS GB 533 -18.93 10.38 122.38
N PHE GB 534 -18.68 9.21 121.79
CA PHE GB 534 -17.43 8.49 121.93
C PHE GB 534 -16.67 8.48 120.61
N PHE GB 535 -15.34 8.58 120.72
CA PHE GB 535 -14.46 8.41 119.58
C PHE GB 535 -13.24 7.62 120.01
N PRO GB 536 -12.63 6.86 119.09
CA PRO GB 536 -11.36 6.19 119.43
C PRO GB 536 -10.27 7.20 119.70
N MET GB 537 -9.40 6.87 120.64
CA MET GB 537 -8.45 7.85 121.14
C MET GB 537 -7.53 8.35 120.04
N SER GB 538 -7.06 7.46 119.18
CA SER GB 538 -6.22 7.84 118.05
C SER GB 538 -6.69 7.13 116.78
N GLY GB 539 -7.99 7.10 116.58
CA GLY GB 539 -8.54 6.38 115.45
C GLY GB 539 -9.26 7.27 114.46
N VAL GB 540 -9.24 8.58 114.71
CA VAL GB 540 -10.00 9.52 113.90
C VAL GB 540 -9.05 10.61 113.41
N MET GB 541 -9.37 11.15 112.24
CA MET GB 541 -8.66 12.32 111.72
C MET GB 541 -9.22 13.57 112.35
N ILE GB 542 -8.36 14.35 112.99
CA ILE GB 542 -8.77 15.55 113.70
C ILE GB 542 -8.17 16.75 112.98
N PHE GB 543 -9.03 17.63 112.48
CA PHE GB 543 -8.60 18.86 111.84
C PHE GB 543 -8.80 20.01 112.81
N GLY GB 544 -7.84 20.93 112.83
CA GLY GB 544 -7.94 22.10 113.67
C GLY GB 544 -8.66 23.23 112.95
N LYS GB 545 -9.51 23.93 113.69
CA LYS GB 545 -10.10 25.13 113.15
C LYS GB 545 -9.09 26.26 113.18
N GLU GB 546 -9.38 27.33 112.45
CA GLU GB 546 -8.57 28.53 112.59
C GLU GB 546 -8.71 29.06 114.00
N SER GB 547 -7.62 29.66 114.51
CA SER GB 547 -7.50 30.01 115.92
C SER GB 547 -7.47 28.77 116.80
N ALA GB 548 -6.76 27.74 116.36
CA ALA GB 548 -6.44 26.60 117.19
C ALA GB 548 -4.93 26.61 117.47
N GLY GB 549 -4.57 26.45 118.73
CA GLY GB 549 -3.17 26.47 119.10
C GLY GB 549 -2.44 25.24 118.59
N ALA GB 550 -1.11 25.32 118.66
CA ALA GB 550 -0.29 24.20 118.22
C ALA GB 550 -0.31 23.06 119.24
N SER GB 551 -0.38 23.38 120.53
CA SER GB 551 -0.29 22.39 121.59
C SER GB 551 -1.40 22.59 122.60
N ASN GB 552 -2.03 21.49 123.02
CA ASN GB 552 -3.03 21.48 124.08
C ASN GB 552 -4.17 22.46 123.80
N THR GB 553 -4.62 22.50 122.55
CA THR GB 553 -5.79 23.29 122.21
C THR GB 553 -7.05 22.55 122.67
N ALA GB 554 -8.20 23.17 122.44
CA ALA GB 554 -9.44 22.67 123.00
C ALA GB 554 -10.28 21.88 121.98
N LEU GB 555 -11.14 21.03 122.54
CA LEU GB 555 -12.10 20.29 121.74
C LEU GB 555 -12.97 21.24 120.92
N ASP GB 556 -13.18 22.45 121.44
CA ASP GB 556 -13.92 23.46 120.69
C ASP GB 556 -13.10 23.97 119.51
N ASN GB 557 -11.78 23.89 119.60
CA ASN GB 557 -10.93 24.37 118.52
C ASN GB 557 -10.57 23.30 117.51
N VAL GB 558 -10.85 22.03 117.79
CA VAL GB 558 -10.59 20.98 116.82
C VAL GB 558 -11.91 20.45 116.27
N MET GB 559 -11.83 19.85 115.07
CA MET GB 559 -12.94 19.17 114.42
C MET GB 559 -12.61 17.69 114.30
N ILE GB 560 -13.35 16.86 115.00
CA ILE GB 560 -13.16 15.41 114.99
C ILE GB 560 -14.03 14.80 113.90
N THR GB 561 -13.43 13.99 113.04
CA THR GB 561 -14.19 13.35 111.99
C THR GB 561 -14.93 12.13 112.54
N ASP GB 562 -15.84 11.61 111.73
CA ASP GB 562 -16.63 10.45 112.08
C ASP GB 562 -16.60 9.46 110.93
N GLU GB 563 -16.51 8.17 111.25
CA GLU GB 563 -16.53 7.10 110.26
C GLU GB 563 -17.78 6.26 110.43
N GLU GB 564 -18.92 6.92 110.59
CA GLU GB 564 -20.15 6.22 110.94
C GLU GB 564 -20.73 5.46 109.76
N GLU GB 565 -20.29 5.78 108.54
CA GLU GB 565 -20.90 5.19 107.35
C GLU GB 565 -20.39 3.78 107.07
N ILE GB 566 -19.27 3.38 107.67
CA ILE GB 566 -18.69 2.09 107.37
C ILE GB 566 -18.97 1.07 108.47
N LYS GB 567 -20.00 1.32 109.29
CA LYS GB 567 -20.46 0.32 110.25
C LYS GB 567 -21.03 -0.91 109.56
N ALA GB 568 -21.40 -0.80 108.29
CA ALA GB 568 -22.02 -1.91 107.59
C ALA GB 568 -21.04 -3.06 107.36
N THR GB 569 -19.75 -2.76 107.24
CA THR GB 569 -18.75 -3.77 106.94
C THR GB 569 -17.56 -3.79 107.88
N ASN GB 570 -17.31 -2.72 108.63
CA ASN GB 570 -16.12 -2.61 109.45
C ASN GB 570 -16.47 -2.70 110.92
N PRO GB 571 -15.60 -3.31 111.73
CA PRO GB 571 -15.83 -3.33 113.17
C PRO GB 571 -15.72 -1.94 113.76
N VAL GB 572 -16.40 -1.74 114.90
CA VAL GB 572 -16.28 -0.48 115.61
C VAL GB 572 -14.91 -0.39 116.25
N ALA GB 573 -14.28 0.78 116.14
CA ALA GB 573 -12.88 0.94 116.50
C ALA GB 573 -12.60 0.68 117.97
N THR GB 574 -13.57 0.93 118.84
CA THR GB 574 -13.35 0.86 120.27
C THR GB 574 -13.81 -0.46 120.89
N GLU GB 575 -14.27 -1.40 120.09
CA GLU GB 575 -14.76 -2.67 120.60
C GLU GB 575 -14.04 -3.84 119.93
N ARG GB 576 -14.17 -5.00 120.56
CA ARG GB 576 -13.47 -6.19 120.11
C ARG GB 576 -14.01 -6.63 118.75
N PHE GB 577 -13.15 -7.35 118.01
CA PHE GB 577 -13.63 -7.99 116.79
C PHE GB 577 -14.69 -9.03 117.10
N GLY GB 578 -14.48 -9.78 118.17
CA GLY GB 578 -15.42 -10.82 118.55
C GLY GB 578 -14.82 -11.68 119.64
N THR GB 579 -15.43 -12.84 119.83
CA THR GB 579 -14.96 -13.81 120.80
C THR GB 579 -14.47 -15.06 120.08
N VAL GB 580 -13.62 -15.81 120.77
CA VAL GB 580 -13.04 -17.03 120.23
C VAL GB 580 -13.01 -18.06 121.35
N ALA GB 581 -13.20 -19.33 120.97
CA ALA GB 581 -13.06 -20.41 121.94
C ALA GB 581 -11.61 -20.55 122.35
N VAL GB 582 -11.37 -20.82 123.63
CA VAL GB 582 -10.01 -20.89 124.16
C VAL GB 582 -9.71 -22.17 124.89
N ASN GB 583 -10.64 -23.12 124.93
CA ASN GB 583 -10.40 -24.38 125.63
C ASN GB 583 -11.25 -25.47 124.98
N PHE GB 584 -11.24 -26.65 125.59
CA PHE GB 584 -12.10 -27.76 125.21
C PHE GB 584 -13.15 -27.95 126.30
N GLN GB 585 -14.43 -27.84 125.93
CA GLN GB 585 -15.49 -28.14 126.87
C GLN GB 585 -15.64 -29.66 127.00
N SER GB 586 -15.96 -30.09 128.21
CA SER GB 586 -16.13 -31.52 128.46
C SER GB 586 -17.01 -31.69 129.69
N SER GB 587 -17.54 -32.90 129.85
CA SER GB 587 -18.33 -33.26 131.01
C SER GB 587 -17.47 -34.02 132.02
N SER GB 588 -17.96 -34.09 133.25
CA SER GB 588 -17.26 -34.81 134.29
C SER GB 588 -17.32 -36.31 134.03
N THR GB 589 -16.26 -37.01 134.43
CA THR GB 589 -16.19 -38.46 134.24
C THR GB 589 -15.60 -39.14 135.48
N VAL GB 592 -12.27 -38.94 134.50
CA VAL GB 592 -11.72 -37.60 134.67
C VAL GB 592 -12.78 -36.70 135.29
N PRO GB 593 -12.89 -36.75 136.62
CA PRO GB 593 -13.95 -35.98 137.30
C PRO GB 593 -13.62 -34.51 137.45
N PHE GB 594 -13.12 -33.89 136.38
CA PHE GB 594 -12.82 -32.47 136.34
C PHE GB 594 -13.57 -31.88 135.15
N LYS GB 595 -14.82 -31.49 135.39
CA LYS GB 595 -15.65 -30.89 134.35
C LYS GB 595 -15.04 -29.58 133.86
N THR GB 596 -15.02 -29.38 132.54
CA THR GB 596 -14.47 -28.18 131.93
C THR GB 596 -15.58 -27.40 131.25
N ASP GB 597 -15.90 -26.24 131.79
CA ASP GB 597 -16.86 -25.36 131.14
C ASP GB 597 -16.23 -24.74 129.89
N PRO GB 598 -17.01 -24.53 128.84
CA PRO GB 598 -16.49 -23.81 127.67
C PRO GB 598 -16.10 -22.39 128.03
N ALA GB 599 -15.03 -21.92 127.41
CA ALA GB 599 -14.48 -20.60 127.70
C ALA GB 599 -14.18 -19.85 126.42
N THR GB 600 -14.53 -18.58 126.40
CA THR GB 600 -14.27 -17.70 125.28
C THR GB 600 -13.41 -16.54 125.72
N GLY GB 601 -12.67 -15.99 124.78
CA GLY GB 601 -11.87 -14.80 125.02
C GLY GB 601 -12.13 -13.77 123.95
N ASP GB 602 -12.02 -12.51 124.34
CA ASP GB 602 -12.23 -11.41 123.42
C ASP GB 602 -11.05 -11.27 122.47
N VAL GB 603 -11.35 -11.01 121.21
CA VAL GB 603 -10.35 -10.83 120.17
C VAL GB 603 -10.24 -9.34 119.90
N HIS GB 604 -9.12 -8.75 120.31
CA HIS GB 604 -8.97 -7.29 120.25
C HIS GB 604 -8.25 -6.83 118.99
N ALA GB 605 -7.29 -7.62 118.51
CA ALA GB 605 -6.61 -7.36 117.26
C ALA GB 605 -6.78 -8.57 116.36
N MET GB 606 -7.37 -8.37 115.19
CA MET GB 606 -7.63 -9.46 114.25
C MET GB 606 -7.00 -9.09 112.91
N GLY GB 607 -6.11 -9.95 112.43
CA GLY GB 607 -5.55 -9.78 111.11
C GLY GB 607 -6.48 -10.30 110.05
N ALA GB 608 -6.04 -10.19 108.80
CA ALA GB 608 -6.90 -10.54 107.67
C ALA GB 608 -7.16 -12.04 107.64
N LEU GB 609 -8.43 -12.41 107.62
CA LEU GB 609 -8.91 -13.75 107.40
C LEU GB 609 -9.57 -13.84 106.02
N PRO GB 610 -9.47 -14.97 105.34
CA PRO GB 610 -10.19 -15.11 104.07
C PRO GB 610 -11.69 -15.01 104.28
N GLY GB 611 -12.35 -14.35 103.35
CA GLY GB 611 -13.74 -14.01 103.48
C GLY GB 611 -14.00 -12.65 104.10
N MET GB 612 -12.98 -11.96 104.56
CA MET GB 612 -13.13 -10.64 105.14
C MET GB 612 -13.40 -9.60 104.06
N VAL GB 613 -14.29 -8.66 104.36
CA VAL GB 613 -14.57 -7.53 103.48
C VAL GB 613 -14.59 -6.27 104.34
N TRP GB 614 -14.12 -5.17 103.77
CA TRP GB 614 -14.03 -3.92 104.53
C TRP GB 614 -14.08 -2.75 103.58
N GLN GB 615 -14.33 -1.58 104.15
CA GLN GB 615 -14.19 -0.31 103.45
C GLN GB 615 -12.97 0.43 103.96
N ASP GB 616 -12.40 1.25 103.09
CA ASP GB 616 -11.26 2.08 103.47
C ASP GB 616 -11.73 3.34 104.17
N ARG GB 617 -10.78 4.11 104.69
CA ARG GB 617 -11.11 5.37 105.32
C ARG GB 617 -11.62 6.37 104.29
N ASP GB 618 -12.49 7.26 104.76
CA ASP GB 618 -13.03 8.31 103.91
C ASP GB 618 -11.99 9.39 103.65
N VAL GB 619 -12.15 10.09 102.54
CA VAL GB 619 -11.36 11.27 102.24
C VAL GB 619 -12.20 12.50 102.55
N TYR GB 620 -11.53 13.59 102.87
CA TYR GB 620 -12.18 14.82 103.27
C TYR GB 620 -11.66 15.97 102.41
N LEU GB 621 -12.44 17.04 102.34
CA LEU GB 621 -12.02 18.20 101.59
C LEU GB 621 -10.73 18.79 102.15
N GLN GB 622 -10.53 18.69 103.45
CA GLN GB 622 -9.32 19.18 104.11
C GLN GB 622 -8.23 18.13 104.21
N GLY GB 623 -8.46 16.92 103.71
CA GLY GB 623 -7.54 15.83 103.92
C GLY GB 623 -6.62 15.56 102.76
N PRO GB 624 -5.69 14.62 102.95
CA PRO GB 624 -4.73 14.30 101.89
C PRO GB 624 -5.37 13.56 100.72
N ILE GB 625 -4.75 13.69 99.57
CA ILE GB 625 -5.22 13.02 98.36
C ILE GB 625 -4.52 11.69 98.16
N TRP GB 626 -3.19 11.67 98.19
CA TRP GB 626 -2.43 10.48 97.86
C TRP GB 626 -1.33 10.26 98.88
N ALA GB 627 -0.66 9.13 98.73
CA ALA GB 627 0.53 8.80 99.49
C ALA GB 627 1.39 7.87 98.67
N LYS GB 628 2.70 8.02 98.76
CA LYS GB 628 3.61 7.08 98.12
C LYS GB 628 3.61 5.76 98.88
N ILE GB 629 3.40 4.67 98.17
CA ILE GB 629 3.51 3.34 98.77
C ILE GB 629 4.98 3.01 98.96
N PRO GB 630 5.41 2.63 100.17
CA PRO GB 630 6.83 2.34 100.38
C PRO GB 630 7.32 1.23 99.46
N HIS GB 631 8.55 1.40 98.98
CA HIS GB 631 9.16 0.42 98.08
C HIS GB 631 9.70 -0.72 98.93
N THR GB 632 8.83 -1.68 99.21
CA THR GB 632 9.13 -2.84 100.03
C THR GB 632 8.84 -4.11 99.24
N ASP GB 633 9.31 -5.23 99.78
CA ASP GB 633 9.03 -6.53 99.16
C ASP GB 633 7.55 -6.86 99.21
N GLY GB 634 6.91 -6.61 100.35
CA GLY GB 634 5.50 -6.93 100.49
C GLY GB 634 4.73 -5.78 101.11
N HIS GB 635 3.46 -5.73 100.75
CA HIS GB 635 2.51 -4.81 101.37
C HIS GB 635 1.12 -5.38 101.17
N PHE GB 636 0.27 -5.22 102.16
CA PHE GB 636 -1.08 -5.74 102.12
C PHE GB 636 -2.05 -4.59 101.99
N HIS GB 637 -2.80 -4.58 100.88
CA HIS GB 637 -3.81 -3.56 100.60
C HIS GB 637 -3.24 -2.16 100.75
N PRO GB 638 -2.37 -1.74 99.85
CA PRO GB 638 -1.57 -0.51 100.08
C PRO GB 638 -2.39 0.77 99.90
N SER GB 639 -3.45 0.89 100.69
CA SER GB 639 -4.24 2.09 100.77
C SER GB 639 -3.82 2.88 102.00
N PRO GB 640 -3.48 4.16 101.87
CA PRO GB 640 -2.94 4.91 103.01
C PRO GB 640 -3.93 4.95 104.17
N LEU GB 641 -3.40 4.88 105.38
CA LEU GB 641 -4.27 4.78 106.54
C LEU GB 641 -4.91 6.12 106.89
N MET GB 642 -4.33 7.23 106.45
CA MET GB 642 -5.00 8.51 106.58
C MET GB 642 -6.11 8.70 105.56
N GLY GB 643 -6.19 7.86 104.56
CA GLY GB 643 -7.17 7.99 103.51
C GLY GB 643 -6.56 8.53 102.24
N GLY GB 644 -7.12 8.12 101.12
CA GLY GB 644 -6.63 8.58 99.84
C GLY GB 644 -6.18 7.46 98.93
N PHE GB 645 -5.37 7.81 97.94
CA PHE GB 645 -4.89 6.88 96.94
C PHE GB 645 -3.43 6.56 97.23
N GLY GB 646 -3.12 5.28 97.35
CA GLY GB 646 -1.75 4.85 97.46
C GLY GB 646 -1.17 4.66 96.07
N LEU GB 647 -0.10 5.38 95.76
CA LEU GB 647 0.51 5.32 94.43
C LEU GB 647 1.94 4.83 94.55
N LYS GB 648 2.31 3.87 93.71
CA LYS GB 648 3.71 3.45 93.66
C LYS GB 648 4.59 4.55 93.10
N ASN GB 649 4.15 5.22 92.05
CA ASN GB 649 4.81 6.40 91.51
C ASN GB 649 3.87 7.58 91.71
N PRO GB 650 3.91 8.25 92.87
CA PRO GB 650 3.02 9.37 93.11
C PRO GB 650 3.47 10.59 92.32
N PRO GB 651 2.72 11.68 92.36
CA PRO GB 651 3.20 12.92 91.79
C PRO GB 651 4.53 13.31 92.43
N PRO GB 652 5.55 13.58 91.62
CA PRO GB 652 6.87 13.82 92.18
C PRO GB 652 6.95 15.16 92.90
N GLN GB 653 7.95 15.27 93.76
CA GLN GB 653 8.19 16.50 94.49
C GLN GB 653 8.81 17.54 93.58
N ILE GB 654 8.26 18.74 93.61
CA ILE GB 654 8.82 19.89 92.93
C ILE GB 654 9.59 20.71 93.96
N LEU GB 655 10.88 20.84 93.76
CA LEU GB 655 11.77 21.50 94.71
C LEU GB 655 12.30 22.77 94.09
N ILE GB 656 12.28 23.84 94.88
CA ILE GB 656 12.58 25.18 94.40
C ILE GB 656 13.45 25.87 95.43
N LYS GB 657 14.43 26.64 94.97
CA LYS GB 657 15.18 27.47 95.89
C LYS GB 657 15.71 28.68 95.15
N ASN GB 658 16.06 29.71 95.92
CA ASN GB 658 16.69 30.89 95.34
C ASN GB 658 18.17 30.61 95.13
N THR GB 659 18.68 30.91 93.95
CA THR GB 659 20.11 30.76 93.73
C THR GB 659 20.85 31.77 94.58
N PRO GB 660 21.86 31.35 95.35
CA PRO GB 660 22.58 32.30 96.21
C PRO GB 660 23.30 33.35 95.38
N VAL GB 661 23.24 34.59 95.84
CA VAL GB 661 23.96 35.69 95.24
C VAL GB 661 24.98 36.18 96.26
N PRO GB 662 26.27 35.96 96.06
CA PRO GB 662 27.27 36.38 97.04
C PRO GB 662 27.35 37.89 97.16
N ALA GB 663 27.71 38.36 98.35
CA ALA GB 663 27.98 39.76 98.57
C ALA GB 663 29.39 40.09 98.05
N ASN GB 664 29.88 41.26 98.40
CA ASN GB 664 31.16 41.74 97.89
C ASN GB 664 32.30 40.85 98.37
N PRO GB 665 33.06 40.23 97.47
CA PRO GB 665 34.17 39.38 97.90
C PRO GB 665 35.37 40.22 98.33
N PRO GB 666 36.30 39.65 99.07
CA PRO GB 666 37.49 40.40 99.46
C PRO GB 666 38.40 40.70 98.26
N ALA GB 667 39.27 41.69 98.43
CA ALA GB 667 40.21 42.05 97.38
C ALA GB 667 41.22 40.95 97.13
N GLU GB 668 41.70 40.31 98.18
CA GLU GB 668 42.61 39.17 98.09
C GLU GB 668 41.83 37.86 98.11
N PHE GB 669 42.38 36.85 97.47
CA PHE GB 669 41.71 35.56 97.35
C PHE GB 669 41.69 34.83 98.68
N SER GB 670 40.56 34.20 98.98
CA SER GB 670 40.40 33.37 100.16
C SER GB 670 39.69 32.09 99.74
N ALA GB 671 40.25 30.95 100.12
CA ALA GB 671 39.65 29.67 99.78
C ALA GB 671 38.51 29.29 100.71
N THR GB 672 38.34 30.00 101.82
CA THR GB 672 37.20 29.77 102.69
C THR GB 672 35.91 30.00 101.92
N LYS GB 673 34.96 29.08 102.06
CA LYS GB 673 33.73 29.17 101.30
C LYS GB 673 32.94 30.41 101.70
N PHE GB 674 32.17 30.92 100.75
CA PHE GB 674 31.44 32.15 100.95
C PHE GB 674 30.40 31.98 102.04
N ALA GB 675 30.29 32.97 102.93
CA ALA GB 675 29.28 32.98 103.97
C ALA GB 675 28.45 34.25 103.94
N SER GB 676 28.87 35.26 103.19
CA SER GB 676 28.17 36.53 103.07
C SER GB 676 27.39 36.52 101.76
N PHE GB 677 26.08 36.59 101.86
CA PHE GB 677 25.21 36.54 100.70
C PHE GB 677 24.27 37.74 100.70
N ILE GB 678 23.84 38.10 99.51
CA ILE GB 678 22.83 39.13 99.33
C ILE GB 678 21.48 38.54 99.73
N THR GB 679 20.80 39.19 100.67
CA THR GB 679 19.56 38.66 101.21
C THR GB 679 18.43 38.87 100.23
N GLN GB 680 17.76 37.79 99.83
CA GLN GB 680 16.69 37.92 98.87
C GLN GB 680 15.69 36.79 99.02
N TYR GB 681 14.50 37.04 98.49
CA TYR GB 681 13.45 36.05 98.42
C TYR GB 681 12.84 36.09 97.03
N SER GB 682 11.87 35.22 96.78
CA SER GB 682 11.21 35.24 95.49
C SER GB 682 9.71 35.04 95.69
N THR GB 683 8.95 35.50 94.70
CA THR GB 683 7.51 35.36 94.71
C THR GB 683 7.08 34.96 93.31
N GLY GB 684 5.88 34.40 93.22
CA GLY GB 684 5.41 34.00 91.91
C GLY GB 684 4.04 33.37 91.99
N GLN GB 685 3.63 32.79 90.86
CA GLN GB 685 2.35 32.13 90.74
C GLN GB 685 2.57 30.67 90.38
N VAL GB 686 1.74 29.81 90.96
CA VAL GB 686 1.79 28.38 90.71
C VAL GB 686 0.40 27.91 90.30
N SER GB 687 0.33 27.11 89.24
CA SER GB 687 -0.91 26.54 88.74
C SER GB 687 -0.82 25.03 88.79
N VAL GB 688 -1.87 24.39 89.31
CA VAL GB 688 -2.00 22.95 89.28
C VAL GB 688 -3.35 22.61 88.67
N GLU GB 689 -3.35 21.76 87.65
CA GLU GB 689 -4.56 21.30 86.99
C GLU GB 689 -4.63 19.79 87.09
N ILE GB 690 -5.68 19.27 87.70
CA ILE GB 690 -5.88 17.83 87.81
C ILE GB 690 -7.15 17.44 87.09
N GLU GB 691 -7.04 16.47 86.19
CA GLU GB 691 -8.18 15.77 85.63
C GLU GB 691 -8.50 14.57 86.50
N TRP GB 692 -9.75 14.45 86.90
CA TRP GB 692 -10.28 13.36 87.70
C TRP GB 692 -11.34 12.61 86.91
N GLU GB 693 -11.28 11.28 86.97
CA GLU GB 693 -12.32 10.42 86.42
C GLU GB 693 -13.38 10.17 87.47
N LEU GB 694 -14.63 10.28 87.05
CA LEU GB 694 -15.80 10.09 87.90
C LEU GB 694 -16.44 8.74 87.62
N GLN GB 695 -17.10 8.22 88.64
CA GLN GB 695 -17.87 6.98 88.55
C GLN GB 695 -19.26 7.34 89.03
N LYS GB 696 -20.18 7.46 88.07
CA LYS GB 696 -21.52 7.94 88.32
C LYS GB 696 -22.36 6.91 89.06
N GLU GB 697 -23.30 7.40 89.86
CA GLU GB 697 -24.28 6.53 90.48
C GLU GB 697 -25.19 5.95 89.41
N ASN GB 698 -25.62 4.70 89.63
CA ASN GB 698 -26.58 4.04 88.77
C ASN GB 698 -27.70 3.42 89.60
N SER GB 699 -28.14 4.15 90.63
CA SER GB 699 -28.98 3.56 91.66
C SER GB 699 -30.42 3.43 91.21
N LYS GB 700 -31.08 2.38 91.71
CA LYS GB 700 -32.50 2.17 91.51
C LYS GB 700 -33.29 2.43 92.79
N ARG GB 701 -32.66 3.08 93.76
CA ARG GB 701 -33.31 3.41 95.02
C ARG GB 701 -34.49 4.35 94.79
N TRP GB 702 -35.58 4.10 95.51
CA TRP GB 702 -36.80 4.87 95.30
C TRP GB 702 -36.85 6.14 96.14
N ASN GB 703 -36.59 6.02 97.44
CA ASN GB 703 -36.65 7.16 98.33
C ASN GB 703 -35.46 8.08 98.10
N PRO GB 704 -35.57 9.35 98.47
CA PRO GB 704 -34.46 10.28 98.26
C PRO GB 704 -33.25 9.93 99.10
N GLU GB 705 -32.08 10.28 98.58
CA GLU GB 705 -30.80 10.02 99.23
C GLU GB 705 -30.46 11.10 100.23
N VAL GB 706 -29.53 10.79 101.11
CA VAL GB 706 -28.92 11.78 101.99
C VAL GB 706 -27.88 12.55 101.18
N GLN GB 707 -27.96 13.88 101.24
CA GLN GB 707 -27.05 14.75 100.54
C GLN GB 707 -26.36 15.67 101.52
N TYR GB 708 -25.16 16.12 101.16
CA TYR GB 708 -24.54 17.20 101.93
C TYR GB 708 -25.19 18.51 101.52
N THR GB 709 -25.65 19.27 102.50
CA THR GB 709 -26.37 20.50 102.22
C THR GB 709 -25.90 21.60 103.15
N SER GB 710 -26.02 22.83 102.67
CA SER GB 710 -25.91 23.99 103.54
C SER GB 710 -27.15 24.09 104.42
N ASN GB 711 -26.95 24.61 105.62
CA ASN GB 711 -28.08 24.84 106.51
C ASN GB 711 -28.77 26.14 106.10
N TYR GB 712 -30.09 26.08 105.94
CA TYR GB 712 -30.89 27.27 105.66
C TYR GB 712 -31.32 27.82 107.02
N ALA GB 713 -30.78 28.98 107.38
CA ALA GB 713 -31.13 29.63 108.62
C ALA GB 713 -30.40 30.96 108.67
N LYS GB 714 -31.01 31.93 109.34
CA LYS GB 714 -30.30 33.18 109.57
C LYS GB 714 -29.09 32.91 110.44
N SER GB 715 -27.90 33.22 109.91
CA SER GB 715 -26.66 33.03 110.62
C SER GB 715 -25.82 34.30 110.48
N ALA GB 716 -24.96 34.54 111.45
CA ALA GB 716 -24.13 35.73 111.42
C ALA GB 716 -23.16 35.68 110.24
N ASN GB 717 -22.73 34.48 109.85
CA ASN GB 717 -21.82 34.28 108.74
C ASN GB 717 -22.35 33.20 107.81
N VAL GB 718 -21.78 33.14 106.63
CA VAL GB 718 -22.03 32.05 105.69
C VAL GB 718 -20.89 31.05 105.83
N ASP GB 719 -21.23 29.77 105.78
CA ASP GB 719 -20.23 28.72 105.91
C ASP GB 719 -19.29 28.72 104.71
N PHE GB 720 -18.03 28.41 104.97
CA PHE GB 720 -16.99 28.36 103.95
C PHE GB 720 -16.82 29.70 103.24
N THR GB 721 -16.78 30.77 104.03
CA THR GB 721 -16.57 32.11 103.49
C THR GB 721 -15.56 32.85 104.34
N VAL GB 722 -15.40 34.14 104.09
CA VAL GB 722 -14.54 34.99 104.88
C VAL GB 722 -15.40 35.71 105.91
N ASP GB 723 -14.77 36.17 106.98
CA ASP GB 723 -15.46 36.98 107.97
C ASP GB 723 -15.20 38.46 107.68
N ASN GB 724 -15.61 39.33 108.59
CA ASN GB 724 -15.38 40.75 108.40
C ASN GB 724 -13.91 41.13 108.47
N ASN GB 725 -13.06 40.26 109.01
CA ASN GB 725 -11.62 40.50 109.03
C ASN GB 725 -10.90 39.94 107.82
N GLY GB 726 -11.58 39.22 106.95
CA GLY GB 726 -10.98 38.64 105.78
C GLY GB 726 -10.40 37.26 105.94
N LEU GB 727 -10.76 36.55 107.01
CA LEU GB 727 -10.19 35.25 107.31
C LEU GB 727 -11.10 34.15 106.79
N TYR GB 728 -10.60 33.36 105.86
CA TYR GB 728 -11.35 32.22 105.34
C TYR GB 728 -11.33 31.09 106.35
N THR GB 729 -12.50 30.52 106.64
CA THR GB 729 -12.63 29.44 107.60
C THR GB 729 -13.49 28.33 106.99
N GLU GB 730 -13.22 27.10 107.41
CA GLU GB 730 -14.02 25.95 107.04
C GLU GB 730 -14.71 25.42 108.30
N PRO GB 731 -16.03 25.56 108.41
CA PRO GB 731 -16.72 25.21 109.67
C PRO GB 731 -16.63 23.75 110.08
N ARG GB 732 -16.59 22.84 109.12
CA ARG GB 732 -16.68 21.43 109.43
C ARG GB 732 -15.91 20.65 108.38
N PRO GB 733 -15.46 19.43 108.70
CA PRO GB 733 -14.90 18.55 107.67
C PRO GB 733 -16.00 17.83 106.92
N ILE GB 734 -15.90 17.80 105.59
CA ILE GB 734 -16.89 17.16 104.74
C ILE GB 734 -16.27 15.89 104.16
N GLY GB 735 -16.95 14.76 104.38
CA GLY GB 735 -16.55 13.51 103.77
C GLY GB 735 -17.14 13.34 102.39
N THR GB 736 -17.18 12.10 101.95
CA THR GB 736 -17.65 11.77 100.61
C THR GB 736 -18.87 10.86 100.58
N ARG GB 737 -19.11 10.11 101.64
CA ARG GB 737 -20.06 9.00 101.61
C ARG GB 737 -21.46 9.51 101.93
N TYR GB 738 -22.19 9.93 100.90
CA TYR GB 738 -23.55 10.40 101.08
C TYR GB 738 -24.53 9.56 100.28
N LEU GB 739 -24.24 9.32 99.01
CA LEU GB 739 -25.00 8.37 98.23
C LEU GB 739 -24.83 6.98 98.80
N THR GB 740 -25.74 6.07 98.47
CA THR GB 740 -25.67 4.71 98.96
C THR GB 740 -25.73 3.74 97.81
N ARG GB 741 -25.30 2.51 98.08
CA ARG GB 741 -25.45 1.42 97.14
C ARG GB 741 -25.60 0.12 97.93
N PRO GB 742 -26.23 -0.89 97.36
CA PRO GB 742 -26.40 -2.16 98.09
C PRO GB 742 -25.08 -2.88 98.27
N LEU GB 743 -24.97 -3.59 99.39
CA LEU GB 743 -23.73 -4.25 99.76
C LEU GB 743 -23.48 -5.50 98.92
N ASP HB 219 21.02 37.01 75.76
CA ASP HB 219 19.65 36.68 75.39
C ASP HB 219 18.64 37.52 76.17
N GLY HB 220 19.13 38.46 76.98
CA GLY HB 220 18.29 39.39 77.68
C GLY HB 220 18.56 39.42 79.17
N VAL HB 221 18.05 40.47 79.80
CA VAL HB 221 18.19 40.63 81.25
C VAL HB 221 17.34 39.62 82.00
N GLY HB 222 16.12 39.37 81.54
CA GLY HB 222 15.20 38.54 82.29
C GLY HB 222 15.11 37.10 81.83
N ASN HB 223 16.10 36.64 81.09
CA ASN HB 223 16.13 35.28 80.56
C ASN HB 223 17.43 34.63 81.02
N ALA HB 224 17.31 33.47 81.66
CA ALA HB 224 18.49 32.75 82.13
C ALA HB 224 19.25 32.16 80.94
N SER HB 225 20.57 32.24 80.98
CA SER HB 225 21.40 31.76 79.89
C SER HB 225 21.91 30.34 80.11
N GLY HB 226 21.49 29.66 81.16
CA GLY HB 226 21.86 28.28 81.34
C GLY HB 226 21.12 27.69 82.51
N ASN HB 227 21.21 26.37 82.62
CA ASN HB 227 20.55 25.61 83.66
C ASN HB 227 21.59 24.94 84.54
N TRP HB 228 21.13 24.45 85.69
CA TRP HB 228 21.99 23.74 86.62
C TRP HB 228 22.12 22.30 86.16
N HIS HB 229 23.32 21.92 85.74
CA HIS HB 229 23.60 20.56 85.28
C HIS HB 229 24.64 19.95 86.20
N CYS HB 230 24.18 19.25 87.22
CA CYS HB 230 25.05 18.54 88.16
C CYS HB 230 24.54 17.11 88.27
N ASP HB 231 25.29 16.17 87.71
CA ASP HB 231 24.78 14.82 87.53
C ASP HB 231 25.97 13.89 87.33
N SER HB 232 25.68 12.60 87.20
CA SER HB 232 26.68 11.61 86.85
C SER HB 232 25.97 10.44 86.19
N THR HB 233 26.33 10.18 84.93
CA THR HB 233 25.70 9.13 84.15
C THR HB 233 26.72 8.02 83.91
N TRP HB 234 26.36 6.80 84.23
CA TRP HB 234 27.23 5.65 84.08
C TRP HB 234 26.74 4.82 82.90
N LEU HB 235 27.52 4.80 81.83
CA LEU HB 235 27.27 3.93 80.69
C LEU HB 235 28.09 2.67 80.89
N GLY HB 236 28.16 1.83 79.87
CA GLY HB 236 28.89 0.57 80.02
C GLY HB 236 30.37 0.78 80.29
N ASP HB 237 31.03 1.57 79.46
CA ASP HB 237 32.46 1.79 79.59
C ASP HB 237 32.82 3.25 79.76
N ARG HB 238 31.84 4.15 79.85
CA ARG HB 238 32.08 5.56 80.07
C ARG HB 238 31.34 5.98 81.34
N VAL HB 239 31.83 7.05 81.94
CA VAL HB 239 31.06 7.78 82.94
C VAL HB 239 31.18 9.26 82.62
N ILE HB 240 30.04 9.95 82.62
CA ILE HB 240 30.00 11.38 82.34
C ILE HB 240 29.63 12.09 83.62
N THR HB 241 30.52 12.94 84.12
CA THR HB 241 30.30 13.70 85.34
C THR HB 241 30.09 15.16 84.99
N THR HB 242 28.99 15.73 85.45
CA THR HB 242 28.68 17.15 85.28
C THR HB 242 28.63 17.83 86.63
N SER HB 243 29.20 19.02 86.70
CA SER HB 243 29.25 19.79 87.95
C SER HB 243 28.97 21.25 87.66
N THR HB 244 27.99 21.80 88.36
CA THR HB 244 27.71 23.23 88.32
C THR HB 244 28.00 23.83 89.68
N ARG HB 245 28.64 24.99 89.68
CA ARG HB 245 28.97 25.72 90.90
C ARG HB 245 28.66 27.19 90.70
N THR HB 246 28.50 27.90 91.82
CA THR HB 246 28.31 29.34 91.82
C THR HB 246 29.62 30.00 92.22
N TRP HB 247 30.08 30.92 91.39
CA TRP HB 247 31.35 31.60 91.60
C TRP HB 247 31.13 33.09 91.81
N ALA HB 248 32.06 33.68 92.56
CA ALA HB 248 32.18 35.12 92.73
C ALA HB 248 33.57 35.56 92.32
N LEU HB 249 33.64 36.56 91.45
CA LEU HB 249 34.88 37.11 90.93
C LEU HB 249 35.01 38.56 91.36
N PRO HB 250 36.00 38.91 92.17
CA PRO HB 250 36.19 40.31 92.52
C PRO HB 250 37.06 41.05 91.52
N THR HB 251 37.35 42.31 91.80
CA THR HB 251 38.36 43.05 91.05
C THR HB 251 39.70 42.88 91.75
N TYR HB 252 40.69 42.42 91.01
CA TYR HB 252 42.01 42.13 91.54
C TYR HB 252 42.97 43.24 91.15
N ASN HB 253 43.76 43.73 92.12
CA ASN HB 253 44.84 44.68 91.91
C ASN HB 253 44.35 46.06 91.48
N ASN HB 254 43.06 46.35 91.61
CA ASN HB 254 42.46 47.56 91.04
C ASN HB 254 42.71 47.64 89.54
N HIS HB 255 42.52 46.52 88.85
CA HIS HB 255 42.67 46.42 87.40
C HIS HB 255 44.11 46.67 86.93
N LEU HB 256 45.07 46.42 87.81
CA LEU HB 256 46.46 46.72 87.51
C LEU HB 256 47.28 45.44 87.38
N TYR HB 257 48.29 45.50 86.54
CA TYR HB 257 49.34 44.49 86.48
C TYR HB 257 50.46 44.95 87.39
N LYS HB 258 50.85 44.11 88.33
CA LYS HB 258 51.87 44.47 89.29
C LYS HB 258 53.03 43.50 89.22
N GLN HB 259 54.24 44.02 89.35
CA GLN HB 259 55.44 43.20 89.38
C GLN HB 259 55.72 42.80 90.82
N ILE HB 260 55.85 41.50 91.05
CA ILE HB 260 56.06 40.97 92.39
C ILE HB 260 57.39 40.25 92.43
N SER HB 261 58.06 40.34 93.57
CA SER HB 261 59.33 39.66 93.79
C SER HB 261 59.50 39.44 95.28
N SER HB 262 60.68 38.93 95.66
CA SER HB 262 60.99 38.63 97.06
C SER HB 262 61.87 39.68 97.70
N ALA HB 263 62.12 40.80 97.00
CA ALA HB 263 63.05 41.81 97.50
C ALA HB 263 62.56 42.42 98.81
N SER HB 264 61.28 42.78 98.88
CA SER HB 264 60.75 43.29 100.13
C SER HB 264 60.56 42.19 101.17
N THR HB 265 60.29 40.96 100.71
CA THR HB 265 60.11 39.86 101.64
C THR HB 265 61.38 39.57 102.41
N GLY HB 266 62.54 39.71 101.75
CA GLY HB 266 63.79 39.35 102.40
C GLY HB 266 63.93 37.87 102.68
N ALA HB 267 63.59 37.03 101.70
CA ALA HB 267 63.61 35.60 101.86
C ALA HB 267 65.02 35.05 101.71
N SER HB 268 65.16 33.74 101.91
CA SER HB 268 66.43 33.08 101.67
C SER HB 268 66.67 32.91 100.18
N ASN HB 269 67.90 32.53 99.83
CA ASN HB 269 68.25 32.37 98.43
C ASN HB 269 67.39 31.30 97.75
N ASP HB 270 66.92 30.31 98.51
CA ASP HB 270 66.10 29.26 97.95
C ASP HB 270 64.68 29.71 97.64
N ASN HB 271 64.21 30.78 98.28
CA ASN HB 271 62.83 31.22 98.15
C ASN HB 271 62.69 32.50 97.33
N HIS HB 272 63.76 32.91 96.66
CA HIS HB 272 63.70 34.10 95.82
C HIS HB 272 62.84 33.86 94.60
N TYR HB 273 62.13 34.89 94.16
CA TYR HB 273 61.30 34.77 92.98
C TYR HB 273 61.09 36.15 92.35
N PHE HB 274 60.67 36.12 91.09
CA PHE HB 274 60.30 37.31 90.35
C PHE HB 274 59.15 36.94 89.44
N GLY HB 275 58.12 37.78 89.40
CA GLY HB 275 56.98 37.47 88.57
C GLY HB 275 56.02 38.62 88.48
N TYR HB 276 54.80 38.29 88.08
CA TYR HB 276 53.77 39.30 87.86
C TYR HB 276 52.44 38.82 88.40
N SER HB 277 51.67 39.78 88.91
CA SER HB 277 50.31 39.59 89.39
C SER HB 277 49.38 40.27 88.40
N THR HB 278 48.42 39.53 87.85
CA THR HB 278 47.52 40.14 86.89
C THR HB 278 46.18 40.45 87.55
N PRO HB 279 45.38 41.33 86.96
CA PRO HB 279 44.02 41.56 87.47
C PRO HB 279 43.02 40.47 87.10
N TRP HB 280 43.46 39.39 86.45
CA TRP HB 280 42.59 38.33 86.01
C TRP HB 280 42.49 37.25 87.07
N GLY HB 281 41.36 36.54 87.07
CA GLY HB 281 41.21 35.29 87.78
C GLY HB 281 41.15 34.15 86.77
N TYR HB 282 41.23 32.94 87.28
CA TYR HB 282 41.17 31.77 86.41
C TYR HB 282 40.25 30.73 87.02
N PHE HB 283 39.73 29.87 86.16
CA PHE HB 283 38.86 28.78 86.56
C PHE HB 283 39.68 27.50 86.70
N ASP HB 284 39.53 26.84 87.84
CA ASP HB 284 40.26 25.62 88.14
C ASP HB 284 39.29 24.51 88.52
N PHE HB 285 39.40 23.39 87.82
CA PHE HB 285 38.63 22.19 88.18
C PHE HB 285 39.56 20.98 88.08
N ASN HB 286 40.78 21.13 88.60
CA ASN HB 286 41.80 20.11 88.52
C ASN HB 286 41.91 19.29 89.80
N ARG HB 287 40.78 18.97 90.42
CA ARG HB 287 40.72 18.01 91.51
C ARG HB 287 39.59 17.03 91.22
N PHE HB 288 39.74 15.81 91.72
CA PHE HB 288 38.78 14.77 91.37
C PHE HB 288 37.43 15.00 92.05
N HIS HB 289 37.40 15.63 93.21
CA HIS HB 289 36.14 15.87 93.90
C HIS HB 289 35.36 17.04 93.33
N CYS HB 290 35.94 17.80 92.39
CA CYS HB 290 35.15 18.76 91.64
C CYS HB 290 34.20 18.07 90.69
N HIS HB 291 34.40 16.79 90.42
CA HIS HB 291 33.62 16.05 89.45
C HIS HB 291 32.94 14.82 90.01
N PHE HB 292 33.54 14.15 90.99
CA PHE HB 292 32.98 12.92 91.55
C PHE HB 292 32.47 13.20 92.95
N SER HB 293 31.24 12.77 93.23
CA SER HB 293 30.81 12.65 94.59
C SER HB 293 31.55 11.48 95.23
N PRO HB 294 31.60 11.42 96.57
CA PRO HB 294 32.23 10.26 97.20
C PRO HB 294 31.57 8.94 96.82
N ARG HB 295 30.25 8.91 96.64
CA ARG HB 295 29.58 7.72 96.18
C ARG HB 295 30.02 7.34 94.77
N ASP HB 296 30.14 8.32 93.87
CA ASP HB 296 30.60 8.03 92.51
C ASP HB 296 32.05 7.56 92.51
N TRP HB 297 32.88 8.15 93.36
CA TRP HB 297 34.27 7.72 93.47
C TRP HB 297 34.35 6.28 93.95
N GLN HB 298 33.55 5.93 94.96
CA GLN HB 298 33.52 4.55 95.43
C GLN HB 298 33.03 3.60 94.35
N ARG HB 299 32.01 4.00 93.61
CA ARG HB 299 31.51 3.18 92.52
C ARG HB 299 32.57 2.96 91.45
N LEU HB 300 33.37 4.00 91.16
CA LEU HB 300 34.44 3.87 90.18
C LEU HB 300 35.54 2.94 90.68
N ILE HB 301 36.04 3.18 91.90
CA ILE HB 301 37.23 2.48 92.36
C ILE HB 301 36.94 1.06 92.82
N ASN HB 302 35.71 0.73 93.16
CA ASN HB 302 35.39 -0.62 93.56
C ASN HB 302 35.11 -1.54 92.39
N ASN HB 303 34.98 -0.99 91.19
CA ASN HB 303 34.52 -1.76 90.04
C ASN HB 303 35.39 -1.67 88.82
N ASN HB 304 36.30 -0.71 88.74
CA ASN HB 304 37.07 -0.50 87.53
C ASN HB 304 38.55 -0.74 87.78
N TRP HB 305 39.19 -1.39 86.82
CA TRP HB 305 40.64 -1.58 86.85
C TRP HB 305 41.40 -0.34 86.41
N GLY HB 306 40.76 0.55 85.67
CA GLY HB 306 41.46 1.77 85.29
C GLY HB 306 40.50 2.80 84.76
N PHE HB 307 40.99 4.02 84.63
CA PHE HB 307 40.15 5.05 84.05
C PHE HB 307 40.99 6.17 83.49
N ARG HB 308 40.39 6.97 82.60
CA ARG HB 308 41.09 8.11 82.03
C ARG HB 308 40.07 9.09 81.48
N PRO HB 309 40.44 10.36 81.31
CA PRO HB 309 39.51 11.33 80.74
C PRO HB 309 39.55 11.38 79.21
N LYS HB 310 38.36 11.46 78.62
CA LYS HB 310 38.14 11.53 77.18
C LYS HB 310 37.82 12.93 76.70
N ARG HB 311 36.84 13.60 77.28
CA ARG HB 311 36.52 14.92 76.76
C ARG HB 311 35.88 15.78 77.84
N LEU HB 312 35.81 17.08 77.58
CA LEU HB 312 35.17 17.97 78.54
C LEU HB 312 34.48 19.13 77.81
N ASN HB 313 33.42 19.61 78.46
CA ASN HB 313 32.68 20.81 78.09
C ASN HB 313 32.70 21.77 79.26
N PHE HB 314 32.90 23.04 78.96
CA PHE HB 314 32.94 24.10 79.95
C PHE HB 314 31.91 25.14 79.55
N LYS HB 315 31.09 25.56 80.50
CA LYS HB 315 30.09 26.59 80.26
C LYS HB 315 30.11 27.60 81.40
N LEU HB 316 29.91 28.86 81.04
CA LEU HB 316 29.86 29.98 81.96
C LEU HB 316 28.59 30.74 81.67
N PHE HB 317 27.70 30.86 82.66
CA PHE HB 317 26.38 31.36 82.37
C PHE HB 317 25.83 32.09 83.58
N ASN HB 318 24.77 32.86 83.34
CA ASN HB 318 24.04 33.63 84.35
C ASN HB 318 24.96 34.64 85.04
N ILE HB 319 25.57 35.48 84.21
CA ILE HB 319 26.49 36.50 84.72
C ILE HB 319 25.71 37.63 85.35
N GLN HB 320 26.13 38.05 86.54
CA GLN HB 320 25.57 39.21 87.21
C GLN HB 320 26.72 40.08 87.71
N VAL HB 321 26.81 41.29 87.19
CA VAL HB 321 27.78 42.26 87.67
C VAL HB 321 27.11 43.13 88.72
N LYS HB 322 27.76 43.29 89.86
CA LYS HB 322 27.23 44.05 90.98
C LYS HB 322 28.16 45.20 91.31
N GLU HB 323 27.57 46.38 91.40
CA GLU HB 323 28.24 47.60 91.84
C GLU HB 323 28.15 47.76 93.35
N VAL HB 324 29.25 48.14 93.98
CA VAL HB 324 29.35 48.27 95.43
C VAL HB 324 29.75 49.69 95.78
N THR HB 325 29.00 50.33 96.69
CA THR HB 325 29.34 51.65 97.22
C THR HB 325 29.30 51.58 98.74
N THR HB 326 30.38 51.96 99.40
CA THR HB 326 30.42 52.04 100.85
C THR HB 326 30.46 53.51 101.26
N ASN HB 327 29.42 53.96 101.95
CA ASN HB 327 29.32 55.33 102.46
C ASN HB 327 28.99 55.29 103.95
N ASP HB 328 29.76 56.05 104.72
CA ASP HB 328 29.54 56.17 106.18
C ASP HB 328 29.53 54.81 106.86
N GLY HB 329 30.21 53.84 106.27
CA GLY HB 329 30.31 52.51 106.82
C GLY HB 329 29.26 51.53 106.34
N VAL HB 330 28.21 52.00 105.67
CA VAL HB 330 27.16 51.12 105.18
C VAL HB 330 27.37 50.87 103.70
N THR HB 331 27.13 49.64 103.27
CA THR HB 331 27.45 49.17 101.93
C THR HB 331 26.17 48.92 101.14
N THR HB 332 26.10 49.51 99.95
CA THR HB 332 25.02 49.31 99.01
C THR HB 332 25.53 48.50 97.83
N ILE HB 333 24.76 47.48 97.45
CA ILE HB 333 25.06 46.68 96.27
C ILE HB 333 23.90 46.82 95.30
N ALA HB 334 24.21 47.13 94.06
CA ALA HB 334 23.20 47.26 93.02
C ALA HB 334 23.62 46.42 91.81
N ASN HB 335 22.67 46.21 90.91
CA ASN HB 335 22.99 45.53 89.67
C ASN HB 335 23.52 46.52 88.65
N ASN HB 336 24.57 46.12 87.94
CA ASN HB 336 25.11 46.90 86.83
C ASN HB 336 24.78 46.12 85.56
N LEU HB 337 23.69 46.51 84.90
CA LEU HB 337 23.18 45.71 83.80
C LEU HB 337 24.01 45.85 82.53
N THR HB 338 24.85 46.87 82.42
CA THR HB 338 25.61 47.13 81.19
C THR HB 338 27.09 46.81 81.33
N SER HB 339 27.52 46.22 82.43
CA SER HB 339 28.92 45.87 82.61
C SER HB 339 29.21 44.49 82.04
N THR HB 340 30.49 44.25 81.76
CA THR HB 340 30.91 43.02 81.11
C THR HB 340 31.98 42.31 81.92
N VAL HB 341 32.07 41.00 81.72
CA VAL HB 341 33.22 40.20 82.12
C VAL HB 341 33.90 39.71 80.87
N GLN HB 342 35.22 39.83 80.83
CA GLN HB 342 36.00 39.28 79.73
C GLN HB 342 36.44 37.87 80.09
N VAL HB 343 36.22 36.93 79.17
CA VAL HB 343 36.60 35.53 79.36
C VAL HB 343 37.36 35.09 78.13
N PHE HB 344 38.45 34.37 78.33
CA PHE HB 344 39.09 33.72 77.20
C PHE HB 344 39.75 32.43 77.66
N SER HB 345 39.90 31.50 76.72
CA SER HB 345 40.57 30.23 76.95
C SER HB 345 41.93 30.28 76.25
N ASP HB 346 42.98 29.88 76.96
CA ASP HB 346 44.33 29.92 76.42
C ASP HB 346 44.60 28.60 75.72
N SER HB 347 43.97 28.43 74.56
CA SER HB 347 43.97 27.16 73.86
C SER HB 347 45.29 26.83 73.18
N GLU HB 348 46.14 27.83 72.95
CA GLU HB 348 47.43 27.61 72.33
C GLU HB 348 48.57 27.57 73.32
N TYR HB 349 48.26 27.59 74.63
CA TYR HB 349 49.26 27.47 75.68
C TYR HB 349 50.37 28.51 75.54
N GLN HB 350 49.97 29.74 75.28
CA GLN HB 350 50.88 30.85 75.13
C GLN HB 350 51.19 31.55 76.44
N LEU HB 351 50.51 31.19 77.49
CA LEU HB 351 50.65 31.74 78.82
C LEU HB 351 51.35 30.75 79.73
N PRO HB 352 51.98 31.22 80.80
CA PRO HB 352 52.47 30.28 81.82
C PRO HB 352 51.32 29.48 82.41
N TYR HB 353 51.52 28.18 82.51
CA TYR HB 353 50.49 27.27 83.01
C TYR HB 353 50.65 27.15 84.52
N VAL HB 354 49.77 27.80 85.27
CA VAL HB 354 49.85 27.73 86.73
C VAL HB 354 48.96 26.66 87.30
N LEU HB 355 48.10 26.05 86.48
CA LEU HB 355 47.38 24.87 86.92
C LEU HB 355 48.37 23.71 87.03
N GLY HB 356 47.98 22.68 87.76
CA GLY HB 356 48.88 21.58 87.95
C GLY HB 356 49.95 21.80 88.99
N SER HB 357 49.83 22.83 89.81
CA SER HB 357 50.69 23.04 90.96
C SER HB 357 49.96 22.83 92.28
N ALA HB 358 48.76 22.25 92.23
CA ALA HB 358 47.97 21.90 93.41
C ALA HB 358 47.61 23.13 94.24
N HIS HB 359 47.01 24.12 93.59
CA HIS HB 359 46.65 25.36 94.25
C HIS HB 359 45.18 25.34 94.68
N GLN HB 360 44.89 26.16 95.67
CA GLN HB 360 43.51 26.39 96.08
C GLN HB 360 42.76 27.19 95.02
N GLY HB 361 41.44 27.15 95.10
CA GLY HB 361 40.63 27.90 94.17
C GLY HB 361 39.86 27.05 93.17
N CYS HB 362 39.93 25.73 93.31
CA CYS HB 362 39.14 24.85 92.48
C CYS HB 362 37.66 24.96 92.82
N LEU HB 363 36.83 24.33 92.00
CA LEU HB 363 35.43 24.19 92.37
C LEU HB 363 35.33 23.40 93.67
N PRO HB 364 34.50 23.82 94.61
CA PRO HB 364 34.38 23.11 95.88
C PRO HB 364 33.82 21.71 95.68
N PRO HB 365 34.17 20.76 96.56
CA PRO HB 365 33.62 19.40 96.42
C PRO HB 365 32.12 19.36 96.55
N PHE HB 366 31.54 20.14 97.43
CA PHE HB 366 30.10 20.13 97.66
C PHE HB 366 29.41 21.07 96.68
N PRO HB 367 28.42 20.59 95.92
CA PRO HB 367 27.79 21.43 94.90
C PRO HB 367 27.05 22.64 95.44
N ALA HB 368 26.73 22.67 96.72
CA ALA HB 368 26.03 23.81 97.30
C ALA HB 368 26.96 24.96 97.65
N ASP HB 369 28.27 24.76 97.58
CA ASP HB 369 29.21 25.77 98.03
C ASP HB 369 29.48 26.80 96.95
N VAL HB 370 29.58 28.06 97.36
CA VAL HB 370 29.88 29.18 96.48
C VAL HB 370 31.35 29.52 96.66
N PHE HB 371 32.08 29.63 95.55
CA PHE HB 371 33.52 29.78 95.63
C PHE HB 371 33.99 31.07 94.97
N MET HB 372 35.05 31.62 95.53
CA MET HB 372 35.72 32.80 95.00
C MET HB 372 36.74 32.38 93.96
N ILE HB 373 36.84 33.15 92.89
CA ILE HB 373 37.74 32.79 91.80
C ILE HB 373 39.16 33.28 92.14
N PRO HB 374 40.16 32.42 92.05
CA PRO HB 374 41.53 32.81 92.42
C PRO HB 374 42.17 33.74 91.40
N GLN HB 375 43.09 34.57 91.89
CA GLN HB 375 43.78 35.52 91.04
C GLN HB 375 44.87 34.85 90.22
N TYR HB 376 45.06 35.33 89.00
CA TYR HB 376 46.10 34.81 88.14
C TYR HB 376 47.41 35.57 88.35
N GLY HB 377 48.49 34.82 88.46
CA GLY HB 377 49.81 35.40 88.52
C GLY HB 377 50.79 34.33 88.08
N TYR HB 378 51.96 34.76 87.67
CA TYR HB 378 52.96 33.83 87.19
C TYR HB 378 54.33 34.28 87.65
N LEU HB 379 55.29 33.37 87.55
CA LEU HB 379 56.67 33.65 87.83
C LEU HB 379 57.47 33.52 86.54
N THR HB 380 58.56 34.27 86.46
CA THR HB 380 59.45 34.23 85.32
C THR HB 380 60.86 34.03 85.81
N LEU HB 381 61.81 33.99 84.87
CA LEU HB 381 63.21 33.79 85.23
C LEU HB 381 63.67 34.87 86.20
N ASN HB 382 64.36 34.44 87.24
CA ASN HB 382 64.85 35.38 88.25
C ASN HB 382 66.29 35.05 88.60
N ASN HB 383 67.04 36.10 88.94
CA ASN HB 383 68.41 36.02 89.44
C ASN HB 383 68.39 36.61 90.84
N GLY HB 384 68.03 35.79 91.81
CA GLY HB 384 67.73 36.32 93.13
C GLY HB 384 66.35 36.91 93.11
N SER HB 385 66.22 38.14 93.61
CA SER HB 385 64.97 38.88 93.52
C SER HB 385 64.88 39.72 92.27
N GLN HB 386 65.86 39.64 91.38
CA GLN HB 386 65.91 40.42 90.16
C GLN HB 386 65.47 39.59 88.97
N ALA HB 387 65.25 40.27 87.85
CA ALA HB 387 64.90 39.64 86.60
C ALA HB 387 66.14 39.49 85.73
N VAL HB 388 65.96 38.91 84.55
CA VAL HB 388 67.00 38.81 83.55
C VAL HB 388 66.43 39.32 82.23
N GLY HB 389 67.27 39.28 81.19
CA GLY HB 389 66.80 39.71 79.88
C GLY HB 389 65.74 38.80 79.30
N ARG HB 390 65.83 37.51 79.57
CA ARG HB 390 64.89 36.53 79.04
C ARG HB 390 63.67 36.35 79.91
N SER HB 391 63.55 37.13 80.99
CA SER HB 391 62.33 37.13 81.77
C SER HB 391 61.19 37.68 80.91
N SER HB 392 60.08 36.97 80.90
CA SER HB 392 58.95 37.33 80.05
C SER HB 392 57.90 38.09 80.85
N PHE HB 393 57.16 38.92 80.13
CA PHE HB 393 55.99 39.61 80.66
C PHE HB 393 54.84 39.34 79.71
N TYR HB 394 53.67 39.05 80.25
CA TYR HB 394 52.50 38.74 79.46
C TYR HB 394 51.38 39.67 79.86
N CYS HB 395 50.92 40.49 78.92
CA CYS HB 395 49.66 41.20 79.09
C CYS HB 395 48.54 40.26 78.64
N LEU HB 396 47.61 39.99 79.52
CA LEU HB 396 46.49 39.12 79.17
C LEU HB 396 45.41 39.85 78.39
N GLU HB 397 45.44 41.18 78.38
CA GLU HB 397 44.59 41.95 77.48
C GLU HB 397 45.06 41.89 76.05
N TYR HB 398 46.25 41.36 75.80
CA TYR HB 398 46.78 41.16 74.47
C TYR HB 398 46.26 39.88 73.84
N PHE HB 399 45.15 39.34 74.35
CA PHE HB 399 44.47 38.18 73.82
C PHE HB 399 43.08 38.58 73.35
N PRO HB 400 42.51 37.87 72.37
CA PRO HB 400 41.08 38.04 72.08
C PRO HB 400 40.24 37.46 73.20
N SER HB 401 39.37 38.28 73.77
CA SER HB 401 38.47 37.88 74.83
C SER HB 401 37.03 38.01 74.35
N GLN HB 402 36.16 37.18 74.90
CA GLN HB 402 34.74 37.35 74.72
C GLN HB 402 34.22 38.20 75.88
N MET HB 403 33.51 39.27 75.54
CA MET HB 403 32.90 40.15 76.53
C MET HB 403 31.46 39.72 76.76
N LEU HB 404 31.12 39.48 78.01
CA LEU HB 404 29.83 38.93 78.39
C LEU HB 404 29.09 39.94 79.24
N ARG HB 405 27.92 40.34 78.78
CA ARG HB 405 26.98 41.08 79.61
C ARG HB 405 26.07 40.07 80.32
N THR HB 406 25.06 40.57 81.02
CA THR HB 406 24.29 39.67 81.88
C THR HB 406 23.45 38.66 81.11
N GLY HB 407 23.28 38.84 79.80
CA GLY HB 407 22.49 37.90 79.03
C GLY HB 407 23.31 36.93 78.20
N ASN HB 408 24.63 37.02 78.29
CA ASN HB 408 25.53 36.22 77.48
C ASN HB 408 26.08 35.03 78.27
N ASN HB 409 26.50 34.01 77.53
CA ASN HB 409 27.19 32.86 78.11
C ASN HB 409 28.43 32.55 77.28
N PHE HB 410 29.23 31.64 77.80
CA PHE HB 410 30.51 31.26 77.24
C PHE HB 410 30.60 29.74 77.23
N THR HB 411 30.97 29.16 76.09
CA THR HB 411 31.10 27.71 76.00
C THR HB 411 32.46 27.37 75.41
N PHE HB 412 32.95 26.17 75.75
CA PHE HB 412 34.26 25.75 75.27
C PHE HB 412 34.36 24.24 75.39
N SER HB 413 34.76 23.58 74.31
CA SER HB 413 34.93 22.13 74.31
C SER HB 413 36.41 21.77 74.18
N TYR HB 414 36.76 20.62 74.75
CA TYR HB 414 38.14 20.18 74.71
C TYR HB 414 38.17 18.65 74.66
N THR HB 415 39.10 18.11 73.89
CA THR HB 415 39.30 16.67 73.79
C THR HB 415 40.66 16.32 74.37
N PHE HB 416 40.68 15.35 75.29
CA PHE HB 416 41.94 14.89 75.83
C PHE HB 416 42.70 14.05 74.82
N GLU HB 417 44.03 14.15 74.87
CA GLU HB 417 44.86 13.25 74.10
C GLU HB 417 44.79 11.84 74.68
N GLU HB 418 45.23 10.87 73.88
CA GLU HB 418 45.21 9.48 74.32
C GLU HB 418 46.27 9.29 75.38
N VAL HB 419 45.85 9.34 76.64
CA VAL HB 419 46.71 9.17 77.80
C VAL HB 419 46.49 7.74 78.29
N PRO HB 420 47.47 7.10 78.92
CA PRO HB 420 47.23 5.77 79.49
C PRO HB 420 46.22 5.82 80.63
N PHE HB 421 45.50 4.71 80.78
CA PHE HB 421 44.59 4.55 81.91
C PHE HB 421 45.37 4.66 83.22
N HIS HB 422 44.82 5.38 84.17
CA HIS HB 422 45.30 5.26 85.54
C HIS HB 422 44.86 3.93 86.10
N SER HB 423 45.75 3.33 86.89
CA SER HB 423 45.61 1.99 87.43
C SER HB 423 44.84 2.04 88.74
N SER HB 424 43.57 1.63 88.73
CA SER HB 424 42.78 1.53 89.94
C SER HB 424 42.90 0.17 90.60
N TYR HB 425 44.04 -0.49 90.44
CA TYR HB 425 44.25 -1.82 90.98
C TYR HB 425 45.55 -1.86 91.76
N ALA HB 426 45.61 -2.81 92.68
CA ALA HB 426 46.84 -3.30 93.26
C ALA HB 426 47.23 -4.62 92.59
N HIS HB 427 48.44 -5.06 92.88
CA HIS HB 427 48.93 -6.33 92.34
C HIS HB 427 48.77 -7.42 93.40
N SER HB 428 48.28 -8.58 92.96
CA SER HB 428 48.13 -9.73 93.83
C SER HB 428 49.43 -10.50 94.03
N GLN HB 429 50.45 -10.19 93.26
CA GLN HB 429 51.75 -10.83 93.38
C GLN HB 429 52.81 -9.76 93.61
N SER HB 430 53.89 -10.17 94.25
CA SER HB 430 55.06 -9.33 94.40
C SER HB 430 56.05 -9.65 93.29
N LEU HB 431 56.91 -8.68 92.98
CA LEU HB 431 57.82 -8.83 91.85
C LEU HB 431 58.88 -9.90 92.12
N ASP HB 432 59.27 -10.08 93.37
CA ASP HB 432 60.23 -11.11 93.73
C ASP HB 432 59.58 -12.44 94.06
N ARG HB 433 58.31 -12.61 93.71
CA ARG HB 433 57.56 -13.82 94.01
C ARG HB 433 56.74 -14.24 92.79
N LEU HB 434 57.35 -14.19 91.62
CA LEU HB 434 56.66 -14.47 90.37
C LEU HB 434 56.89 -15.90 89.89
N MET HB 435 57.52 -16.74 90.69
CA MET HB 435 57.92 -18.07 90.28
C MET HB 435 56.87 -19.11 90.66
N ASN HB 436 57.01 -20.28 90.08
CA ASN HB 436 56.28 -21.46 90.54
C ASN HB 436 56.90 -21.92 91.85
N PRO HB 437 56.15 -21.98 92.94
CA PRO HB 437 56.72 -22.41 94.22
C PRO HB 437 56.89 -23.91 94.37
N LEU HB 438 56.62 -24.70 93.35
CA LEU HB 438 56.76 -26.15 93.42
C LEU HB 438 57.90 -26.69 92.59
N ILE HB 439 58.29 -26.01 91.53
CA ILE HB 439 59.27 -26.51 90.57
C ILE HB 439 60.59 -25.81 90.79
N ASP HB 440 61.68 -26.55 90.62
CA ASP HB 440 63.01 -25.96 90.66
C ASP HB 440 63.31 -25.23 89.35
N GLN HB 441 64.44 -24.56 89.33
CA GLN HB 441 64.92 -23.92 88.12
C GLN HB 441 65.96 -24.79 87.43
N TYR HB 442 66.25 -24.47 86.18
CA TYR HB 442 67.37 -25.08 85.50
C TYR HB 442 68.61 -24.20 85.52
N LEU HB 443 68.56 -23.08 86.25
CA LEU HB 443 69.66 -22.16 86.36
C LEU HB 443 70.35 -22.34 87.71
N TYR HB 444 71.67 -22.31 87.69
CA TYR HB 444 72.46 -22.45 88.90
C TYR HB 444 73.02 -21.11 89.33
N TYR HB 445 73.33 -21.01 90.61
CA TYR HB 445 73.94 -19.82 91.17
C TYR HB 445 75.04 -20.25 92.13
N LEU HB 446 76.01 -19.37 92.33
CA LEU HB 446 77.06 -19.63 93.30
C LEU HB 446 76.48 -19.53 94.70
N ASN HB 447 76.52 -20.64 95.44
CA ASN HB 447 75.90 -20.73 96.76
C ASN HB 447 76.91 -20.61 97.89
N ARG HB 448 78.05 -21.27 97.77
CA ARG HB 448 79.09 -21.25 98.79
C ARG HB 448 80.43 -20.95 98.13
N THR HB 449 81.24 -20.11 98.77
CA THR HB 449 82.64 -19.99 98.43
C THR HB 449 83.54 -20.55 99.52
N GLN HB 450 82.98 -21.28 100.48
CA GLN HB 450 83.73 -22.00 101.50
C GLN HB 450 83.16 -23.40 101.63
N ASN HB 451 83.93 -24.29 102.24
CA ASN HB 451 83.48 -25.67 102.41
C ASN HB 451 82.31 -25.73 103.38
N GLN HB 452 81.31 -26.54 103.01
CA GLN HB 452 80.10 -26.65 103.82
C GLN HB 452 80.31 -27.44 105.11
N SER HB 453 81.27 -28.37 105.11
CA SER HB 453 81.43 -29.26 106.26
C SER HB 453 81.80 -28.48 107.53
N GLY HB 454 82.73 -27.54 107.43
CA GLY HB 454 83.10 -26.72 108.55
C GLY HB 454 84.22 -27.25 109.41
N SER HB 455 84.59 -28.54 109.28
CA SER HB 455 85.72 -29.07 110.02
C SER HB 455 87.01 -28.35 109.63
N ALA HB 456 87.18 -28.09 108.34
CA ALA HB 456 88.18 -27.16 107.83
C ALA HB 456 87.47 -25.92 107.32
N GLN HB 457 88.26 -24.87 107.08
CA GLN HB 457 87.75 -23.59 106.62
C GLN HB 457 88.28 -23.25 105.23
N ASN HB 458 88.26 -24.24 104.33
CA ASN HB 458 88.82 -24.06 103.01
C ASN HB 458 87.82 -23.39 102.07
N LYS HB 459 88.35 -22.70 101.07
CA LYS HB 459 87.51 -22.09 100.07
C LYS HB 459 87.01 -23.14 99.08
N ASP HB 460 86.02 -22.76 98.28
CA ASP HB 460 85.47 -23.65 97.28
C ASP HB 460 84.63 -22.82 96.30
N LEU HB 461 84.01 -23.52 95.35
CA LEU HB 461 83.06 -22.92 94.41
C LEU HB 461 81.92 -23.92 94.27
N LEU HB 462 80.91 -23.77 95.11
CA LEU HB 462 79.77 -24.68 95.18
C LEU HB 462 78.54 -23.99 94.61
N PHE HB 463 77.87 -24.66 93.68
CA PHE HB 463 76.74 -24.09 92.96
C PHE HB 463 75.48 -24.85 93.30
N SER HB 464 74.39 -24.11 93.51
CA SER HB 464 73.11 -24.71 93.81
C SER HB 464 72.10 -24.36 92.72
N ARG HB 465 71.07 -25.17 92.64
CA ARG HB 465 69.98 -24.96 91.71
C ARG HB 465 68.92 -24.08 92.33
N GLY HB 466 68.33 -23.19 91.52
CA GLY HB 466 67.24 -22.36 91.98
C GLY HB 466 66.06 -23.19 92.43
N SER HB 467 65.73 -23.10 93.71
CA SER HB 467 64.72 -23.95 94.33
C SER HB 467 63.73 -23.11 95.11
N PRO HB 468 62.52 -23.62 95.34
CA PRO HB 468 61.56 -22.88 96.16
C PRO HB 468 61.98 -22.71 97.61
N ALA HB 469 62.96 -23.48 98.09
CA ALA HB 469 63.47 -23.26 99.45
C ALA HB 469 64.11 -21.89 99.57
N GLY HB 470 65.02 -21.56 98.66
CA GLY HB 470 65.58 -20.22 98.63
C GLY HB 470 65.06 -19.43 97.45
N MET HB 471 64.09 -18.56 97.70
CA MET HB 471 63.51 -17.75 96.66
C MET HB 471 64.22 -16.42 96.47
N SER HB 472 65.00 -16.00 97.47
CA SER HB 472 65.72 -14.74 97.40
C SER HB 472 66.93 -14.82 96.48
N VAL HB 473 67.47 -16.02 96.25
CA VAL HB 473 68.68 -16.19 95.45
C VAL HB 473 68.38 -16.72 94.06
N GLN HB 474 67.12 -16.95 93.73
CA GLN HB 474 66.77 -17.42 92.40
C GLN HB 474 67.04 -16.32 91.37
N PRO HB 475 67.60 -16.66 90.21
CA PRO HB 475 67.65 -15.71 89.10
C PRO HB 475 66.25 -15.25 88.74
N LYS HB 476 66.12 -13.96 88.43
CA LYS HB 476 64.85 -13.34 88.10
C LYS HB 476 64.99 -12.49 86.86
N ASN HB 477 63.86 -12.06 86.32
CA ASN HB 477 63.83 -11.37 85.03
C ASN HB 477 63.69 -9.86 85.13
N TRP HB 478 63.23 -9.33 86.26
CA TRP HB 478 62.89 -7.93 86.37
C TRP HB 478 63.46 -7.35 87.66
N LEU HB 479 63.44 -6.02 87.73
CA LEU HB 479 63.96 -5.26 88.85
C LEU HB 479 62.90 -4.31 89.36
N PRO HB 480 62.92 -3.97 90.65
CA PRO HB 480 62.01 -2.95 91.17
C PRO HB 480 62.35 -1.57 90.62
N GLY HB 481 61.35 -0.70 90.61
CA GLY HB 481 61.48 0.62 90.05
C GLY HB 481 62.56 1.46 90.71
N PRO HB 482 62.78 2.65 90.16
CA PRO HB 482 63.84 3.52 90.70
C PRO HB 482 63.46 4.09 92.06
N CYS HB 483 64.47 4.52 92.80
CA CYS HB 483 64.25 5.03 94.14
C CYS HB 483 65.07 6.28 94.35
N TYR HB 484 64.63 7.12 95.29
CA TYR HB 484 65.38 8.28 95.77
C TYR HB 484 65.05 8.44 97.25
N ARG HB 485 65.92 7.89 98.09
CA ARG HB 485 65.56 7.64 99.49
C ARG HB 485 65.15 8.91 100.22
N GLN HB 486 64.12 8.78 101.05
CA GLN HB 486 63.62 9.84 101.91
C GLN HB 486 63.93 9.53 103.37
N GLN HB 487 63.76 10.53 104.21
CA GLN HB 487 63.98 10.35 105.64
C GLN HB 487 62.71 9.80 106.29
N ARG HB 488 62.89 8.94 107.26
CA ARG HB 488 61.78 8.22 107.88
C ARG HB 488 61.32 8.97 109.12
N VAL HB 489 60.07 9.40 109.12
CA VAL HB 489 59.47 10.11 110.24
C VAL HB 489 58.37 9.24 110.82
N SER HB 490 58.33 9.14 112.14
CA SER HB 490 57.31 8.39 112.83
C SER HB 490 56.12 9.28 113.15
N LYS HB 491 54.92 8.74 112.92
CA LYS HB 491 53.70 9.45 113.31
C LYS HB 491 53.58 9.58 114.82
N THR HB 492 54.29 8.75 115.58
CA THR HB 492 54.42 8.90 117.01
C THR HB 492 55.64 9.77 117.29
N LYS HB 493 55.40 10.99 117.76
CA LYS HB 493 56.46 12.00 117.80
C LYS HB 493 57.60 11.66 118.75
N THR HB 494 57.37 10.79 119.74
CA THR HB 494 58.43 10.48 120.69
C THR HB 494 59.57 9.68 120.09
N ASP HB 495 59.33 8.97 118.99
CA ASP HB 495 60.37 8.17 118.36
C ASP HB 495 61.20 8.95 117.35
N ASN HB 496 60.91 10.22 117.15
CA ASN HB 496 61.66 11.04 116.23
C ASN HB 496 62.81 11.74 116.94
N ASN HB 497 63.86 12.03 116.18
CA ASN HB 497 65.01 12.71 116.73
C ASN HB 497 64.64 14.10 117.24
N ASN HB 498 65.30 14.53 118.31
CA ASN HB 498 65.03 15.84 118.89
C ASN HB 498 65.82 16.92 118.15
N SER HB 499 65.33 17.24 116.97
CA SER HB 499 65.86 18.32 116.16
C SER HB 499 64.82 18.66 115.10
N ASN HB 500 65.08 19.72 114.34
CA ASN HB 500 64.12 20.08 113.30
C ASN HB 500 64.27 19.18 112.08
N PHE HB 501 65.42 19.26 111.41
CA PHE HB 501 65.83 18.33 110.34
C PHE HB 501 64.77 18.17 109.24
N THR HB 502 63.77 19.02 109.20
CA THR HB 502 62.85 19.04 108.07
C THR HB 502 63.45 19.69 106.84
N TRP HB 503 64.49 20.48 107.00
CA TRP HB 503 65.20 21.04 105.88
C TRP HB 503 66.63 20.52 105.78
N THR HB 504 67.32 20.37 106.90
CA THR HB 504 68.70 19.91 106.85
C THR HB 504 68.80 18.41 106.54
N GLY HB 505 67.81 17.63 106.93
CA GLY HB 505 67.88 16.19 106.73
C GLY HB 505 66.97 15.67 105.65
N ALA HB 506 66.60 16.53 104.72
CA ALA HB 506 65.61 16.19 103.72
C ALA HB 506 66.22 16.01 102.34
N SER HB 507 65.58 15.15 101.55
CA SER HB 507 65.99 14.95 100.16
C SER HB 507 65.58 16.16 99.33
N LYS HB 508 66.55 16.81 98.71
CA LYS HB 508 66.26 18.00 97.92
C LYS HB 508 67.16 18.00 96.71
N TYR HB 509 66.78 18.80 95.72
CA TYR HB 509 67.56 18.89 94.49
C TYR HB 509 68.07 20.31 94.30
N ASN HB 510 69.18 20.40 93.58
CA ASN HB 510 69.87 21.66 93.33
C ASN HB 510 69.56 22.11 91.91
N LEU HB 511 69.09 23.35 91.76
CA LEU HB 511 68.77 23.89 90.45
C LEU HB 511 69.15 25.37 90.43
N ASN HB 512 70.16 25.71 89.62
CA ASN HB 512 70.63 27.08 89.49
C ASN HB 512 71.06 27.67 90.83
N GLY HB 513 71.62 26.83 91.69
CA GLY HB 513 72.17 27.27 92.94
C GLY HB 513 71.21 27.32 94.11
N ARG HB 514 69.93 27.06 93.91
CA ARG HB 514 68.97 27.05 95.01
C ARG HB 514 68.30 25.69 95.11
N GLU HB 515 68.12 25.24 96.35
CA GLU HB 515 67.66 23.90 96.66
C GLU HB 515 66.14 23.88 96.76
N SER HB 516 65.56 22.75 96.38
CA SER HB 516 64.12 22.56 96.41
C SER HB 516 63.84 21.17 96.95
N ILE HB 517 62.93 21.07 97.91
CA ILE HB 517 62.54 19.77 98.45
C ILE HB 517 61.89 18.97 97.33
N ILE HB 518 62.16 17.66 97.31
CA ILE HB 518 61.62 16.81 96.24
C ILE HB 518 60.09 16.79 96.32
N ASN HB 519 59.53 16.22 97.38
CA ASN HB 519 58.13 16.39 97.73
C ASN HB 519 57.14 16.25 96.57
N PRO HB 520 56.75 15.03 96.19
CA PRO HB 520 57.05 13.74 96.82
C PRO HB 520 58.01 12.88 96.02
N GLY HB 521 58.29 13.28 94.80
CA GLY HB 521 59.30 12.60 94.02
C GLY HB 521 58.85 11.24 93.54
N THR HB 522 59.79 10.30 93.55
CA THR HB 522 59.57 8.98 93.00
C THR HB 522 58.43 8.27 93.72
N ALA HB 523 57.65 7.51 92.96
CA ALA HB 523 56.52 6.77 93.51
C ALA HB 523 57.07 5.54 94.23
N MET HB 524 57.11 5.60 95.55
CA MET HB 524 57.63 4.50 96.36
C MET HB 524 56.66 4.19 97.48
N ALA HB 525 56.80 2.99 98.04
CA ALA HB 525 55.98 2.59 99.16
C ALA HB 525 56.28 3.45 100.38
N SER HB 526 55.22 3.85 101.08
CA SER HB 526 55.39 4.71 102.25
C SER HB 526 56.16 4.00 103.36
N HIS HB 527 55.89 2.71 103.57
CA HIS HB 527 56.52 1.96 104.65
C HIS HB 527 56.53 0.50 104.26
N LYS HB 528 57.07 -0.34 105.15
CA LYS HB 528 57.07 -1.77 104.98
C LYS HB 528 55.82 -2.37 105.61
N ASP HB 529 55.79 -3.69 105.71
CA ASP HB 529 54.74 -4.36 106.45
C ASP HB 529 54.91 -4.13 107.95
N ASP HB 530 53.81 -3.95 108.65
CA ASP HB 530 53.80 -3.78 110.10
C ASP HB 530 54.58 -2.55 110.53
N GLU HB 531 54.59 -1.52 109.69
CA GLU HB 531 55.36 -0.30 109.95
C GLU HB 531 54.56 0.92 109.57
N ASP HB 532 53.24 0.89 109.79
CA ASP HB 532 52.37 1.99 109.40
C ASP HB 532 52.62 3.25 110.18
N LYS HB 533 53.38 3.18 111.28
CA LYS HB 533 53.71 4.34 112.09
C LYS HB 533 54.74 5.26 111.44
N PHE HB 534 55.37 4.83 110.35
CA PHE HB 534 56.40 5.60 109.68
C PHE HB 534 55.92 6.08 108.32
N PHE HB 535 56.34 7.29 107.96
CA PHE HB 535 56.11 7.81 106.62
C PHE HB 535 57.36 8.57 106.17
N PRO HB 536 57.61 8.61 104.87
CA PRO HB 536 58.72 9.43 104.36
C PRO HB 536 58.47 10.90 104.63
N MET HB 537 59.54 11.63 104.92
CA MET HB 537 59.38 13.00 105.42
C MET HB 537 58.69 13.89 104.40
N SER HB 538 59.03 13.74 103.12
CA SER HB 538 58.38 14.51 102.06
C SER HB 538 58.05 13.58 100.89
N GLY HB 539 57.53 12.39 101.19
CA GLY HB 539 57.26 11.43 100.15
C GLY HB 539 55.80 11.10 100.01
N VAL HB 540 54.95 11.77 100.79
CA VAL HB 540 53.54 11.46 100.83
C VAL HB 540 52.74 12.72 100.56
N MET HB 541 51.57 12.54 99.96
CA MET HB 541 50.63 13.64 99.79
C MET HB 541 49.85 13.83 101.08
N ILE HB 542 49.88 15.05 101.62
CA ILE HB 542 49.24 15.36 102.89
C ILE HB 542 48.13 16.35 102.61
N PHE HB 543 46.90 15.95 102.90
CA PHE HB 543 45.74 16.82 102.77
C PHE HB 543 45.35 17.33 104.15
N GLY HB 544 44.98 18.60 104.21
CA GLY HB 544 44.53 19.18 105.46
C GLY HB 544 43.03 19.00 105.64
N LYS HB 545 42.64 18.69 106.86
CA LYS HB 545 41.22 18.67 107.18
C LYS HB 545 40.71 20.11 107.34
N GLU HB 546 39.40 20.25 107.33
CA GLU HB 546 38.83 21.54 107.66
C GLU HB 546 39.17 21.87 109.11
N SER HB 547 39.36 23.17 109.38
CA SER HB 547 39.93 23.64 110.64
C SER HB 547 41.37 23.20 110.80
N ALA HB 548 42.14 23.27 109.71
CA ALA HB 548 43.59 23.12 109.76
C ALA HB 548 44.21 24.46 109.44
N GLY HB 549 45.17 24.88 110.26
CA GLY HB 549 45.82 26.15 110.05
C GLY HB 549 46.70 26.14 108.82
N ALA HB 550 47.12 27.34 108.42
CA ALA HB 550 47.99 27.45 107.26
C ALA HB 550 49.43 27.04 107.59
N SER HB 551 49.88 27.31 108.81
CA SER HB 551 51.26 27.05 109.20
C SER HB 551 51.32 26.33 110.53
N ASN HB 552 52.17 25.32 110.61
CA ASN HB 552 52.44 24.58 111.85
C ASN HB 552 51.18 24.02 112.47
N THR HB 553 50.30 23.48 111.65
CA THR HB 553 49.13 22.79 112.16
C THR HB 553 49.53 21.40 112.67
N ALA HB 554 48.56 20.66 113.18
CA ALA HB 554 48.85 19.43 113.88
C ALA HB 554 48.60 18.19 113.01
N LEU HB 555 49.29 17.12 113.40
CA LEU HB 555 49.07 15.82 112.78
C LEU HB 555 47.62 15.40 112.86
N ASP HB 556 46.92 15.86 113.89
CA ASP HB 556 45.48 15.60 114.01
C ASP HB 556 44.70 16.38 112.98
N ASN HB 557 45.25 17.51 112.51
CA ASN HB 557 44.55 18.33 111.53
C ASN HB 557 44.91 18.01 110.10
N VAL HB 558 45.94 17.19 109.87
CA VAL HB 558 46.28 16.78 108.51
C VAL HB 558 45.95 15.31 108.31
N MET HB 559 45.76 14.94 107.04
CA MET HB 559 45.54 13.55 106.64
C MET HB 559 46.70 13.12 105.75
N ILE HB 560 47.50 12.16 106.24
CA ILE HB 560 48.65 11.66 105.50
C ILE HB 560 48.21 10.46 104.67
N THR HB 561 48.53 10.48 103.39
CA THR HB 561 48.19 9.36 102.53
C THR HB 561 49.18 8.22 102.71
N ASP HB 562 48.83 7.06 102.16
CA ASP HB 562 49.65 5.87 102.22
C ASP HB 562 49.75 5.28 100.83
N GLU HB 563 50.93 4.79 100.48
CA GLU HB 563 51.19 4.13 99.21
C GLU HB 563 51.53 2.66 99.45
N GLU HB 564 50.73 2.01 100.29
CA GLU HB 564 51.06 0.65 100.72
C GLU HB 564 50.79 -0.37 99.63
N GLU HB 565 50.00 -0.01 98.62
CA GLU HB 565 49.58 -0.99 97.62
C GLU HB 565 50.66 -1.25 96.58
N ILE HB 566 51.67 -0.40 96.47
CA ILE HB 566 52.68 -0.53 95.43
C ILE HB 566 53.97 -1.11 95.99
N LYS HB 567 53.90 -1.77 97.15
CA LYS HB 567 55.05 -2.52 97.65
C LYS HB 567 55.42 -3.70 96.76
N ALA HB 568 54.49 -4.14 95.91
CA ALA HB 568 54.74 -5.30 95.07
C ALA HB 568 55.79 -5.03 94.01
N THR HB 569 55.94 -3.78 93.57
CA THR HB 569 56.86 -3.43 92.50
C THR HB 569 57.79 -2.28 92.83
N ASN HB 570 57.48 -1.45 93.81
CA ASN HB 570 58.25 -0.25 94.09
C ASN HB 570 59.03 -0.39 95.38
N PRO HB 571 60.23 0.18 95.45
CA PRO HB 571 60.98 0.16 96.70
C PRO HB 571 60.30 1.01 97.76
N VAL HB 572 60.56 0.67 99.02
CA VAL HB 572 60.04 1.47 100.12
C VAL HB 572 60.78 2.80 100.18
N ALA HB 573 60.03 3.88 100.36
CA ALA HB 573 60.57 5.22 100.21
C ALA HB 573 61.69 5.53 101.19
N THR HB 574 61.66 4.94 102.37
CA THR HB 574 62.61 5.29 103.43
C THR HB 574 63.80 4.35 103.52
N GLU HB 575 63.92 3.39 102.62
CA GLU HB 575 65.01 2.42 102.66
C GLU HB 575 65.75 2.40 101.33
N ARG HB 576 66.95 1.83 101.37
CA ARG HB 576 67.83 1.80 100.21
C ARG HB 576 67.22 0.94 99.10
N PHE HB 577 67.62 1.25 97.87
CA PHE HB 577 67.28 0.37 96.76
C PHE HB 577 67.90 -1.00 96.95
N GLY HB 578 69.14 -1.04 97.42
CA GLY HB 578 69.82 -2.30 97.61
C GLY HB 578 71.29 -2.04 97.90
N THR HB 579 72.08 -3.10 97.76
CA THR HB 579 73.52 -3.01 97.95
C THR HB 579 74.22 -3.29 96.62
N VAL HB 580 75.45 -2.81 96.54
CA VAL HB 580 76.26 -2.96 95.34
C VAL HB 580 77.69 -3.27 95.77
N ALA HB 581 78.37 -4.08 94.98
CA ALA HB 581 79.78 -4.35 95.24
C ALA HB 581 80.60 -3.10 94.97
N VAL HB 582 81.60 -2.85 95.81
CA VAL HB 582 82.39 -1.62 95.71
C VAL HB 582 83.89 -1.87 95.63
N ASN HB 583 84.33 -3.13 95.57
CA ASN HB 583 85.75 -3.42 95.50
C ASN HB 583 85.94 -4.77 94.81
N PHE HB 584 87.18 -5.24 94.78
CA PHE HB 584 87.52 -6.57 94.30
C PHE HB 584 87.94 -7.41 95.49
N GLN HB 585 87.23 -8.52 95.70
CA GLN HB 585 87.64 -9.46 96.73
C GLN HB 585 88.81 -10.29 96.23
N SER HB 586 89.73 -10.61 97.14
CA SER HB 586 90.89 -11.40 96.77
C SER HB 586 91.42 -12.09 98.03
N SER HB 587 92.26 -13.09 97.82
CA SER HB 587 92.93 -13.79 98.90
C SER HB 587 94.34 -13.26 99.06
N SER HB 588 94.94 -13.56 100.22
CA SER HB 588 96.31 -13.15 100.49
C SER HB 588 97.28 -13.96 99.62
N THR HB 589 98.37 -13.32 99.25
CA THR HB 589 99.39 -13.96 98.44
C THR HB 589 100.79 -13.60 98.93
N VAL HB 592 101.20 -10.74 96.97
CA VAL HB 592 100.44 -9.62 97.50
C VAL HB 592 99.76 -10.02 98.80
N PRO HB 593 100.51 -9.95 99.92
CA PRO HB 593 99.96 -10.42 101.19
C PRO HB 593 99.03 -9.42 101.84
N PHE HB 594 98.14 -8.83 101.05
CA PHE HB 594 97.12 -7.90 101.55
C PHE HB 594 95.77 -8.44 101.12
N LYS HB 595 95.19 -9.31 101.95
CA LYS HB 595 93.88 -9.87 101.67
C LYS HB 595 92.82 -8.78 101.63
N THR HB 596 91.92 -8.88 100.64
CA THR HB 596 90.85 -7.89 100.46
C THR HB 596 89.51 -8.59 100.67
N ASP HB 597 88.82 -8.24 101.74
CA ASP HB 597 87.48 -8.74 101.95
C ASP HB 597 86.52 -8.08 100.98
N PRO HB 598 85.50 -8.80 100.51
CA PRO HB 598 84.47 -8.16 99.68
C PRO HB 598 83.72 -7.09 100.46
N ALA HB 599 83.37 -6.02 99.76
CA ALA HB 599 82.71 -4.88 100.39
C ALA HB 599 81.52 -4.45 99.55
N THR HB 600 80.42 -4.14 100.24
CA THR HB 600 79.21 -3.66 99.61
C THR HB 600 78.87 -2.29 100.18
N GLY HB 601 78.16 -1.51 99.37
CA GLY HB 601 77.66 -0.23 99.80
C GLY HB 601 76.19 -0.10 99.48
N ASP HB 602 75.48 0.65 100.32
CA ASP HB 602 74.05 0.86 100.13
C ASP HB 602 73.80 1.82 98.98
N VAL HB 603 72.79 1.51 98.18
CA VAL HB 603 72.40 2.32 97.04
C VAL HB 603 71.15 3.09 97.44
N HIS HB 604 71.30 4.40 97.63
CA HIS HB 604 70.21 5.22 98.16
C HIS HB 604 69.40 5.89 97.07
N ALA HB 605 70.03 6.28 95.98
CA ALA HB 605 69.35 6.82 94.82
C ALA HB 605 69.72 5.98 93.61
N MET HB 606 68.72 5.40 92.96
CA MET HB 606 68.92 4.53 91.82
C MET HB 606 68.10 5.05 90.65
N GLY HB 607 68.77 5.36 89.54
CA GLY HB 607 68.09 5.75 88.34
C GLY HB 607 67.57 4.55 87.59
N ALA HB 608 66.94 4.81 86.45
CA ALA HB 608 66.29 3.75 85.69
C ALA HB 608 67.32 2.80 85.10
N LEU HB 609 67.17 1.51 85.39
CA LEU HB 609 67.91 0.43 84.80
C LEU HB 609 66.99 -0.37 83.88
N PRO HB 610 67.50 -0.92 82.78
CA PRO HB 610 66.66 -1.78 81.95
C PRO HB 610 66.21 -3.00 82.73
N GLY HB 611 64.96 -3.39 82.51
CA GLY HB 611 64.33 -4.43 83.29
C GLY HB 611 63.56 -3.92 84.49
N MET HB 612 63.63 -2.63 84.79
CA MET HB 612 62.89 -2.07 85.91
C MET HB 612 61.41 -1.95 85.58
N VAL HB 613 60.58 -2.24 86.57
CA VAL HB 613 59.14 -2.07 86.47
C VAL HB 613 58.66 -1.37 87.73
N TRP HB 614 57.65 -0.51 87.57
CA TRP HB 614 57.16 0.25 88.72
C TRP HB 614 55.72 0.65 88.48
N GLN HB 615 55.06 1.07 89.56
CA GLN HB 615 53.75 1.69 89.50
C GLN HB 615 53.88 3.18 89.80
N ASP HB 616 52.95 3.95 89.24
CA ASP HB 616 52.91 5.38 89.48
C ASP HB 616 52.20 5.67 90.79
N ARG HB 617 52.21 6.93 91.20
CA ARG HB 617 51.50 7.33 92.41
C ARG HB 617 50.00 7.22 92.20
N ASP HB 618 49.30 6.95 93.30
CA ASP HB 618 47.85 6.86 93.27
C ASP HB 618 47.22 8.25 93.15
N VAL HB 619 46.02 8.28 92.61
CA VAL HB 619 45.21 9.49 92.59
C VAL HB 619 44.17 9.39 93.71
N TYR HB 620 43.74 10.54 94.20
CA TYR HB 620 42.82 10.61 95.32
C TYR HB 620 41.64 11.49 94.94
N LEU HB 621 40.53 11.31 95.65
CA LEU HB 621 39.35 12.13 95.39
C LEU HB 621 39.65 13.61 95.62
N GLN HB 622 40.53 13.92 96.58
CA GLN HB 622 40.91 15.28 96.88
C GLN HB 622 42.13 15.75 96.08
N GLY HB 623 42.68 14.91 95.23
CA GLY HB 623 43.95 15.21 94.58
C GLY HB 623 43.79 15.72 93.17
N PRO HB 624 44.91 16.12 92.56
CA PRO HB 624 44.87 16.65 91.19
C PRO HB 624 44.58 15.58 90.16
N ILE HB 625 44.02 16.02 89.04
CA ILE HB 625 43.70 15.14 87.93
C ILE HB 625 44.83 15.08 86.92
N TRP HB 626 45.30 16.22 86.44
CA TRP HB 626 46.26 16.28 85.36
C TRP HB 626 47.36 17.28 85.68
N ALA HB 627 48.36 17.29 84.82
CA ALA HB 627 49.42 18.29 84.85
C ALA HB 627 49.96 18.46 83.44
N LYS HB 628 50.32 19.69 83.09
CA LYS HB 628 50.98 19.95 81.82
C LYS HB 628 52.40 19.43 81.85
N ILE HB 629 52.76 18.62 80.87
CA ILE HB 629 54.14 18.17 80.72
C ILE HB 629 54.98 19.32 80.19
N PRO HB 630 56.09 19.68 80.84
CA PRO HB 630 56.89 20.80 80.36
C PRO HB 630 57.38 20.58 78.95
N HIS HB 631 57.38 21.66 78.16
CA HIS HB 631 57.83 21.59 76.77
C HIS HB 631 59.34 21.63 76.76
N THR HB 632 59.94 20.46 76.88
CA THR HB 632 61.38 20.28 76.92
C THR HB 632 61.81 19.32 75.83
N ASP HB 633 63.13 19.26 75.59
CA ASP HB 633 63.66 18.33 74.63
C ASP HB 633 63.46 16.89 75.07
N GLY HB 634 63.70 16.60 76.34
CA GLY HB 634 63.56 15.25 76.84
C GLY HB 634 62.78 15.21 78.13
N HIS HB 635 62.13 14.08 78.34
CA HIS HB 635 61.47 13.79 79.60
C HIS HB 635 61.33 12.28 79.70
N PHE HB 636 61.49 11.76 80.91
CA PHE HB 636 61.43 10.32 81.13
C PHE HB 636 60.15 10.00 81.91
N HIS HB 637 59.28 9.21 81.28
CA HIS HB 637 58.02 8.77 81.87
C HIS HB 637 57.23 9.96 82.41
N PRO HB 638 56.68 10.80 81.54
CA PRO HB 638 56.13 12.09 81.98
C PRO HB 638 54.80 11.98 82.71
N SER HB 639 54.81 11.22 83.79
CA SER HB 639 53.68 11.12 84.69
C SER HB 639 53.91 12.03 85.89
N PRO HB 640 52.97 12.91 86.21
CA PRO HB 640 53.23 13.89 87.28
C PRO HB 640 53.53 13.21 88.60
N LEU HB 641 54.43 13.81 89.37
CA LEU HB 641 54.88 13.17 90.60
C LEU HB 641 53.84 13.29 91.72
N MET HB 642 52.94 14.27 91.62
CA MET HB 642 51.82 14.31 92.56
C MET HB 642 50.74 13.29 92.22
N GLY HB 643 50.80 12.68 91.06
CA GLY HB 643 49.79 11.75 90.63
C GLY HB 643 48.87 12.37 89.60
N GLY HB 644 48.35 11.53 88.72
CA GLY HB 644 47.45 12.00 87.69
C GLY HB 644 47.94 11.73 86.29
N PHE HB 645 47.37 12.47 85.34
CA PHE HB 645 47.67 12.31 83.93
C PHE HB 645 48.56 13.45 83.47
N GLY HB 646 49.70 13.13 82.89
CA GLY HB 646 50.53 14.14 82.28
C GLY HB 646 50.09 14.36 80.85
N LEU HB 647 49.72 15.59 80.51
CA LEU HB 647 49.22 15.91 79.19
C LEU HB 647 50.13 16.94 78.53
N LYS HB 648 50.49 16.69 77.27
CA LYS HB 648 51.25 17.69 76.53
C LYS HB 648 50.39 18.92 76.24
N ASN HB 649 49.14 18.70 75.84
CA ASN HB 649 48.16 19.76 75.68
C ASN HB 649 47.07 19.53 76.72
N PRO HB 650 47.23 20.04 77.93
CA PRO HB 650 46.22 19.83 78.96
C PRO HB 650 45.00 20.70 78.70
N PRO HB 651 43.94 20.56 79.50
CA PRO HB 651 42.84 21.51 79.41
C PRO HB 651 43.34 22.93 79.60
N PRO HB 652 43.01 23.83 78.68
CA PRO HB 652 43.57 25.19 78.76
C PRO HB 652 42.98 25.97 79.91
N GLN HB 653 43.71 27.01 80.29
CA GLN HB 653 43.28 27.90 81.34
C GLN HB 653 42.17 28.82 80.83
N ILE HB 654 41.09 28.92 81.59
CA ILE HB 654 40.02 29.86 81.33
C ILE HB 654 40.23 31.05 82.25
N LEU HB 655 40.44 32.21 81.67
CA LEU HB 655 40.77 33.42 82.40
C LEU HB 655 39.62 34.41 82.27
N ILE HB 656 39.26 35.01 83.39
CA ILE HB 656 38.07 35.84 83.49
C ILE HB 656 38.40 37.06 84.31
N LYS HB 657 37.87 38.21 83.91
CA LYS HB 657 38.01 39.40 84.75
C LYS HB 657 36.85 40.33 84.49
N ASN HB 658 36.61 41.23 85.43
CA ASN HB 658 35.61 42.26 85.25
C ASN HB 658 36.18 43.38 84.41
N THR HB 659 35.45 43.81 83.39
CA THR HB 659 35.91 44.94 82.61
C THR HB 659 35.87 46.20 83.48
N PRO HB 660 36.95 46.97 83.56
CA PRO HB 660 36.94 48.16 84.41
C PRO HB 660 35.93 49.18 83.93
N VAL HB 661 35.21 49.77 84.87
CA VAL HB 661 34.27 50.85 84.61
C VAL HB 661 34.81 52.10 85.28
N PRO HB 662 35.28 53.09 84.54
CA PRO HB 662 35.84 54.30 85.16
C PRO HB 662 34.79 55.10 85.88
N ALA HB 663 35.22 55.79 86.93
CA ALA HB 663 34.37 56.73 87.62
C ALA HB 663 34.29 58.04 86.83
N ASN HB 664 33.75 59.07 87.46
CA ASN HB 664 33.52 60.33 86.78
C ASN HB 664 34.85 60.96 86.35
N PRO HB 665 35.06 61.21 85.06
CA PRO HB 665 36.31 61.84 84.62
C PRO HB 665 36.29 63.33 84.90
N PRO HB 666 37.46 63.98 84.90
CA PRO HB 666 37.49 65.43 85.10
C PRO HB 666 36.89 66.18 83.93
N ALA HB 667 36.51 67.43 84.19
CA ALA HB 667 35.96 68.28 83.14
C ALA HB 667 36.98 68.60 82.05
N GLU HB 668 38.23 68.86 82.46
CA GLU HB 668 39.33 69.09 81.54
C GLU HB 668 40.09 67.79 81.28
N PHE HB 669 40.66 67.70 80.08
CA PHE HB 669 41.37 66.50 79.67
C PHE HB 669 42.66 66.31 80.45
N SER HB 670 42.94 65.07 80.83
CA SER HB 670 44.18 64.69 81.48
C SER HB 670 44.68 63.41 80.84
N ALA HB 671 45.94 63.41 80.43
CA ALA HB 671 46.52 62.23 79.81
C ALA HB 671 46.97 61.19 80.82
N THR HB 672 47.00 61.53 82.10
CA THR HB 672 47.29 60.54 83.13
C THR HB 672 46.26 59.43 83.09
N LYS HB 673 46.73 58.20 83.15
CA LYS HB 673 45.82 57.05 83.02
C LYS HB 673 44.85 57.02 84.20
N PHE HB 674 43.68 56.46 83.93
CA PHE HB 674 42.62 56.44 84.92
C PHE HB 674 43.03 55.59 86.12
N ALA HB 675 42.74 56.10 87.31
CA ALA HB 675 42.98 55.37 88.54
C ALA HB 675 41.72 55.25 89.39
N SER HB 676 40.67 55.99 89.06
CA SER HB 676 39.41 55.97 89.80
C SER HB 676 38.43 55.12 89.02
N PHE HB 677 38.01 54.01 89.61
CA PHE HB 677 37.10 53.08 88.97
C PHE HB 677 35.89 52.83 89.85
N ILE HB 678 34.80 52.46 89.19
CA ILE HB 678 33.59 52.06 89.89
C ILE HB 678 33.82 50.66 90.45
N THR HB 679 33.63 50.51 91.76
CA THR HB 679 33.94 49.24 92.43
C THR HB 679 32.85 48.23 92.14
N GLN HB 680 33.23 47.09 91.58
CA GLN HB 680 32.24 46.09 91.24
C GLN HB 680 32.86 44.70 91.25
N TYR HB 681 31.98 43.71 91.36
CA TYR HB 681 32.36 42.31 91.26
C TYR HB 681 31.34 41.63 90.37
N SER HB 682 31.54 40.33 90.14
CA SER HB 682 30.59 39.58 89.35
C SER HB 682 30.35 38.21 89.98
N THR HB 683 29.21 37.64 89.66
CA THR HB 683 28.85 36.32 90.14
C THR HB 683 28.22 35.56 88.99
N GLY HB 684 28.21 34.24 89.09
CA GLY HB 684 27.62 33.45 88.03
C GLY HB 684 27.70 31.99 88.32
N GLN HB 685 27.36 31.21 87.31
CA GLN HB 685 27.38 29.75 87.39
C GLN HB 685 28.36 29.20 86.37
N VAL HB 686 29.06 28.15 86.75
CA VAL HB 686 30.04 27.48 85.90
C VAL HB 686 29.70 25.99 85.88
N SER HB 687 29.69 25.41 84.68
CA SER HB 687 29.44 23.99 84.49
C SER HB 687 30.64 23.35 83.82
N VAL HB 688 31.07 22.21 84.35
CA VAL HB 688 32.12 21.40 83.74
C VAL HB 688 31.58 19.99 83.60
N GLU HB 689 31.66 19.45 82.39
CA GLU HB 689 31.24 18.08 82.10
C GLU HB 689 32.42 17.32 81.53
N ILE HB 690 32.82 16.25 82.19
CA ILE HB 690 33.91 15.40 81.71
C ILE HB 690 33.37 14.01 81.42
N GLU HB 691 33.65 13.52 80.22
CA GLU HB 691 33.49 12.13 79.87
C GLU HB 691 34.79 11.40 80.16
N TRP HB 692 34.69 10.30 80.91
CA TRP HB 692 35.80 9.43 81.28
C TRP HB 692 35.57 8.04 80.69
N GLU HB 693 36.64 7.48 80.13
CA GLU HB 693 36.65 6.10 79.69
C GLU HB 693 37.08 5.19 80.82
N LEU HB 694 36.35 4.10 80.99
CA LEU HB 694 36.59 3.12 82.03
C LEU HB 694 37.25 1.88 81.45
N GLN HB 695 38.00 1.19 82.29
CA GLN HB 695 38.64 -0.07 81.95
C GLN HB 695 38.18 -1.05 83.02
N LYS HB 696 37.25 -1.93 82.63
CA LYS HB 696 36.59 -2.83 83.55
C LYS HB 696 37.51 -3.94 84.01
N GLU HB 697 37.27 -4.41 85.23
CA GLU HB 697 37.97 -5.59 85.72
C GLU HB 697 37.52 -6.82 84.92
N ASN HB 698 38.44 -7.74 84.70
CA ASN HB 698 38.14 -9.01 84.06
C ASN HB 698 38.72 -10.17 84.88
N SER HB 699 38.60 -10.07 86.20
CA SER HB 699 39.36 -10.92 87.10
C SER HB 699 38.73 -12.31 87.21
N LYS HB 700 39.59 -13.31 87.40
CA LYS HB 700 39.18 -14.67 87.67
C LYS HB 700 39.43 -15.05 89.12
N ARG HB 701 39.69 -14.07 89.97
CA ARG HB 701 39.93 -14.31 91.38
C ARG HB 701 38.71 -14.92 92.05
N TRP HB 702 38.94 -15.89 92.93
CA TRP HB 702 37.84 -16.61 93.56
C TRP HB 702 37.34 -15.92 94.81
N ASN HB 703 38.24 -15.58 95.73
CA ASN HB 703 37.86 -14.98 96.98
C ASN HB 703 37.43 -13.53 96.76
N PRO HB 704 36.63 -12.97 97.67
CA PRO HB 704 36.17 -11.59 97.50
C PRO HB 704 37.31 -10.59 97.59
N GLU HB 705 37.13 -9.48 96.87
CA GLU HB 705 38.10 -8.40 96.81
C GLU HB 705 37.96 -7.46 97.99
N VAL HB 706 39.01 -6.67 98.22
CA VAL HB 706 38.93 -5.55 99.15
C VAL HB 706 38.23 -4.39 98.45
N GLN HB 707 37.24 -3.82 99.12
CA GLN HB 707 36.48 -2.71 98.58
C GLN HB 707 36.55 -1.54 99.55
N TYR HB 708 36.41 -0.34 99.01
CA TYR HB 708 36.22 0.82 99.86
C TYR HB 708 34.78 0.82 100.36
N THR HB 709 34.60 0.92 101.67
CA THR HB 709 33.28 0.85 102.25
C THR HB 709 33.12 1.91 103.33
N SER HB 710 31.87 2.32 103.53
CA SER HB 710 31.51 3.08 104.71
C SER HB 710 31.53 2.18 105.92
N ASN HB 711 31.87 2.75 107.07
CA ASN HB 711 31.83 2.00 108.32
C ASN HB 711 30.39 1.98 108.82
N TYR HB 712 29.91 0.77 109.14
CA TYR HB 712 28.59 0.61 109.74
C TYR HB 712 28.80 0.68 111.26
N ALA HB 713 28.29 1.74 111.86
CA ALA HB 713 28.38 1.92 113.30
C ALA HB 713 27.65 3.19 113.66
N LYS HB 714 27.08 3.23 114.86
CA LYS HB 714 26.50 4.46 115.34
C LYS HB 714 27.58 5.52 115.48
N SER HB 715 27.43 6.61 114.74
CA SER HB 715 28.38 7.71 114.78
C SER HB 715 27.62 9.01 114.90
N ALA HB 716 28.26 10.01 115.50
CA ALA HB 716 27.62 11.30 115.68
C ALA HB 716 27.31 11.95 114.34
N ASN HB 717 28.14 11.70 113.33
CA ASN HB 717 27.96 12.25 112.00
C ASN HB 717 28.08 11.14 110.97
N VAL HB 718 27.65 11.44 109.76
CA VAL HB 718 27.87 10.58 108.59
C VAL HB 718 29.08 11.11 107.84
N ASP HB 719 29.92 10.19 107.37
CA ASP HB 719 31.11 10.59 106.64
C ASP HB 719 30.75 11.24 105.31
N PHE HB 720 31.54 12.23 104.91
CA PHE HB 720 31.35 12.97 103.66
C PHE HB 720 29.99 13.65 103.62
N THR HB 721 29.62 14.30 104.72
CA THR HB 721 28.38 15.05 104.80
C THR HB 721 28.62 16.40 105.45
N VAL HB 722 27.55 17.12 105.76
CA VAL HB 722 27.63 18.38 106.46
C VAL HB 722 27.38 18.11 107.94
N ASP HB 723 27.84 19.03 108.78
CA ASP HB 723 27.56 18.95 110.20
C ASP HB 723 26.35 19.83 110.52
N ASN HB 724 26.08 20.02 111.82
CA ASN HB 724 24.95 20.86 112.20
C ASN HB 724 25.19 22.34 111.88
N ASN HB 725 26.43 22.74 111.62
CA ASN HB 725 26.73 24.10 111.21
C ASN HB 725 26.72 24.30 109.71
N GLY HB 726 26.56 23.23 108.93
CA GLY HB 726 26.53 23.34 107.49
C GLY HB 726 27.86 23.20 106.80
N LEU HB 727 28.88 22.70 107.48
CA LEU HB 727 30.23 22.62 106.93
C LEU HB 727 30.47 21.23 106.37
N TYR HB 728 30.71 21.16 105.07
CA TYR HB 728 31.04 19.90 104.43
C TYR HB 728 32.48 19.51 104.73
N THR HB 729 32.69 18.27 105.16
CA THR HB 729 34.00 17.77 105.49
C THR HB 729 34.22 16.42 104.83
N GLU HB 730 35.48 16.13 104.53
CA GLU HB 730 35.89 14.82 104.02
C GLU HB 730 36.77 14.15 105.07
N PRO HB 731 36.30 13.08 105.71
CA PRO HB 731 37.04 12.50 106.84
C PRO HB 731 38.41 11.93 106.49
N ARG HB 732 38.58 11.40 105.29
CA ARG HB 732 39.80 10.69 104.95
C ARG HB 732 40.05 10.85 103.46
N PRO HB 733 41.30 10.70 103.01
CA PRO HB 733 41.56 10.63 101.57
C PRO HB 733 41.34 9.22 101.05
N ILE HB 734 40.65 9.12 99.92
CA ILE HB 734 40.33 7.84 99.30
C ILE HB 734 41.17 7.69 98.04
N GLY HB 735 41.93 6.60 97.97
CA GLY HB 735 42.67 6.26 96.77
C GLY HB 735 41.83 5.48 95.80
N THR HB 736 42.51 4.79 94.89
CA THR HB 736 41.85 4.05 93.83
C THR HB 736 42.13 2.55 93.87
N ARG HB 737 43.23 2.13 94.48
CA ARG HB 737 43.73 0.77 94.31
C ARG HB 737 43.06 -0.16 95.33
N TYR HB 738 41.93 -0.74 94.94
CA TYR HB 738 41.22 -1.67 95.81
C TYR HB 738 41.09 -3.04 95.14
N LEU HB 739 40.66 -3.05 93.89
CA LEU HB 739 40.69 -4.29 93.12
C LEU HB 739 42.13 -4.72 92.91
N THR HB 740 42.33 -5.98 92.56
CA THR HB 740 43.67 -6.50 92.34
C THR HB 740 43.74 -7.19 90.98
N ARG HB 741 44.96 -7.36 90.50
CA ARG HB 741 45.22 -8.14 89.31
C ARG HB 741 46.60 -8.77 89.43
N PRO HB 742 46.84 -9.88 88.75
CA PRO HB 742 48.15 -10.53 88.85
C PRO HB 742 49.24 -9.70 88.19
N LEU HB 743 50.43 -9.79 88.75
CA LEU HB 743 51.56 -8.97 88.29
C LEU HB 743 52.11 -9.46 86.96
#